data_9H4P
#
_entry.id   9H4P
#
_cell.length_a   1.00
_cell.length_b   1.00
_cell.length_c   1.00
_cell.angle_alpha   90.00
_cell.angle_beta   90.00
_cell.angle_gamma   90.00
#
_symmetry.space_group_name_H-M   'P 1'
#
loop_
_entity.id
_entity.type
_entity.pdbx_description
1 polymer 'Baseplate hub'
2 polymer 'Phate tail tape measure protein'
3 polymer 'Baseplate to tube adapter protein gp41'
4 polymer 'Tail tube protein'
5 polymer 'SPP1 gp17-like tail completion protein'
6 polymer 'HK97 gp6-like/SPP1 gp15-like head-tail connector'
7 polymer 'Portal protein'
8 non-polymer 'MAGNESIUM ION'
#
loop_
_entity_poly.entity_id
_entity_poly.type
_entity_poly.pdbx_seq_one_letter_code
_entity_poly.pdbx_strand_id
1 'polypeptide(L)'
;MPQLGDSKLGESQLGSPGTLKQGVEWTVVVDGEEQNNVWDVQVVDTANPFGDYAVFKMDDRGGQAFEAYPRGTRVEAYVS
EGTEPLDNRFTGYVVERRENEQQGADVLEVEAYSFDQFLRRNTVTNDQTGNTISQALADIIQTDTPVRFNAANITVGDDQ
ELTRSYQGDPVENALRDFAFKSTNEDFGVGDDLEFFFQPRETVHIDRGVDNTQWFRYDIPELGKEAINEVEVWFDDGEES
VIVDDGTDKLDLQDSLGLPSPGTQRKELQRPLVTDISDAEDIGRKYLAFRNSTLSGTVTTYGLYDAEPGDTIDITIDPRG
IDEEFVIAAIEYRWGVDETILTVVEKRGDVDDILSELSESVQRIEMQGANRDAPKNRITTTNAAAIVSVDVDAGGTSADA
DRFVNDGRNAVRDAWTGAGNPDIANIVVGDDNSGLSRTNTTLGNQTDSVSVTESLPSAKVVEYSATLTQSGVEEIGLETS
TGTLLTRATFETPVDLSSDTVTVTLTVSNDDSVSRGVMTNDGQTAVRDVLADNSPTLPTDYGYGDDSTAVAETDTTLGNE
LANTSLEEILIQSASSVSAWNTILGTLASTYPLVVSSSGIRPAQTAWTTESDNLAQSGTALVTVGDYSNGEAEGLDSPGD
TLELSFTPEHDIPGEEFALWCRIETDLGGTDPGPEITVTLDIDGDTYSWVPIGTNTALGLNWYDLANNTFGGSSTYPDTD
IPEGSTVTLSIEATSSSVSGQGHAVDVMAPLDALTRVTGGSDATSAYTFDNNNGGSGGYLDGPELYPDQLILSLETATTR
RNVSEARFTLTANDTSGNFYVELANDGSTFNRVNNATSGSVTFASPDTNVDTNISLNRYGSRSTATPQTGFNAQEIDNWE
LYADIDAVLPDDIGVTLSRAIIPPNTSGIVGQTVREAGLKSGSTLLTRHILAEFLLDTDQRLASSESTRFTSDN
;
BD,BE,BF
2 'polypeptide(L)'
;MVAIRSEGVSETQQNLEGVENAMEDTADSAGDSAAELETFSKRFKGAMGAAVSALAIGTAGLLSQVPVVGEAMGGLGAII
DALTMKIDEDARPAVGSFTDDLYEVAEATYEADSSLEAFQTALDGVNTAIDDVAVSTLQTEIEELTGITIPKNWLDFGWD
IMTLDARQTMDNIETIINEFPEDFGTMLKSIDPRAKKGWDILTKSADMFINDLTSRIDSGVNDVRGFFTGLASDLNEWGG
NVASDAREWGTNLIDKFTGGIRSKISGLRNWLSELRNIGAEVGIDVPTIGGGGDGGGGGGNSSRQPFAGGFFGGGNATID
GRQISESTGRYRSDPSRRRGI
;
QG,QH,QI,QJ,QE,QF
3 'polypeptide(L)'
;MVDATLSRGGTSVDIPLVEEGGEILLSSTFGKPEVNVRKSGGSLNPRVIDSWSGLQTFQLVGKLYDYSTSHQLADLVKTA
STTPLELQIPQDAYPDTVTVAPAAGQASALTLEYPAGRKDLVDVSLSLTRVDPNSVRGVGDQQATTPTTTGTGPVEVTAG
GTTVQLPSSGLSVERTVGRPNDAVRRVPRQADPRYEVKAKVTNDVFTFSFETLDNIPATLNALTDNVFREQLGRDGVTLD
FNGLLGLGSVKAIPVGSSPFRQVHQAGRGWVTVPTLEFRRIYSNE
;
BA,BB,BC
4 'polypeptide(L)'
;MATSPEGIWSNSGALTFEDPADDSEILFAGVRDVTITPAYEHAELYTIDSTFRDEVKRYEHNVNVEITYAKFSLEFAQEW
LGGPGATATASQDDSDPMKFNLENVTPSASGGFERTTAVENVVFPELPLDSATYGEYEEYSLTGSGRSVTNLADTSGV
;
SG,SH,SI,SJ,SK,SL,SS,ST,SU,SV,SW,SX,SM,SN,SO,SP,SQ,SR,SB,SA,SC,SD,SE,SF,Sk,Sl,Sm,Sn,So,Sp,Se,Sf,Sg,Sh,Si,Sj,SY,SZ,Sa,Sb,Sc,Sd,B1,B2,B3,B4,B5,B6,Sw,Sx,Sy,Sz,S1,S2,Sq,Sr,Ss,St,Su,Sv,P1,P2,P3,P4,P5,P6
5 'polypeptide(L)'
;MATTSASHHVQAIIDLLEAAPDADWTPTQTPTVKRYWDDAQSERGPGADMPAILYVWSPTTSSLDRFSMDGDVFDQNDSI
EVQAWSFDETEVEQLQGDIVQILSEYLDDNEVQTPYSDVAPTGTNDFREQTPARTTGHYIMSVEVETRGLSETAKNA
;
Pa,Pb,Pc,Pd,Pe,Pf
6 'polypeptide(L)'
;MPDPSIDEVSKSDWDALTTQEQDDIISQVENLSSTGWVNTSRERKAEAIRSAIAERDTLYSGNMSRLPTLDGDAEYFTLY
LSAHKIQLFEGGEAQSESGEGGSVSYSTGGGGEKDLQKTRYGRMALEYVWEDNSIAALRTY
;
PT,PM,PN,PO,PP,PQ,PR,PS,PU,PV,PW,PX
7 'polypeptide(L)'
;MPKYNLRIGNRRVPIASTDTPLSEAIGKRLASSTPQTNVDSMGGGHSYQFNGQDLTFEDLRDIKDVRDSGGQVAQLMDYK
ALLNFGEGCEIHVEGDDETKQLVDGEPMTLSEWLEDAFPHLDLLVLDLGGDALWYPYAVGEIQETITGEFKEALPAEPWT
LMPESDAQGKVQAWHQRTKTHGGYQTQTLPADDLW(HIP)IVINKASARDEVGISEVLRNKDEIQAFKQNEAAINQAIEL
HGFPQR(HIP)VKVGKEDGAPVRDNDLRRVRTIFDPRTTDANTAYFTGQDVDVETLEA(HIP)NFDYSAIHEMDMRNLTT
ALGLPLEAGNVGADGLGSGKPAELRFALLKLAIKANQRSFSVQFVERVMRPVVRDYSPFDHEADIRLEINDPLEDIGEVA
DLIQQVGDYMTNEQVAEKLDLPAPEDDEVADSYRSPADMEKDEAGVQDEPFGGMFAGRDMGNRCLGEGITDDELQHAPEW
DRPLLEMYQGVTNPESDTSRTLVSFSSSGTPEFVLERIRESIMDGALFSEFDNIPSSRLMELRQTFADELGTDNFTLDSI
TDALMDFEADLTRDAAERIARTESSAVLNHAREISYEERGEGNELFYWTGADLGDSRQTEACAWLIRQTNPFSGGTPVPM
NELRDMVDEAPSHDDSMDNNLARPDSWVVHPNERSSFVKAPPNWEQL
;
PA,PB,PC,PD,PE,PF,PG,PH,PI,PJ,PK,PL
#
# COMPACT_ATOMS: atom_id res chain seq x y z
N PRO A 2 -95.37 -154.37 -240.20
CA PRO A 2 -96.51 -154.97 -239.48
C PRO A 2 -97.54 -155.59 -240.43
N GLN A 3 -98.51 -156.33 -239.89
CA GLN A 3 -99.68 -156.76 -240.66
C GLN A 3 -100.54 -155.55 -241.07
N LEU A 4 -101.33 -155.70 -242.14
CA LEU A 4 -102.18 -154.61 -242.65
C LEU A 4 -103.23 -154.19 -241.61
N GLY A 5 -103.39 -152.88 -241.43
CA GLY A 5 -104.30 -152.26 -240.47
C GLY A 5 -103.75 -152.12 -239.05
N ASP A 6 -102.78 -152.94 -238.62
CA ASP A 6 -102.18 -152.82 -237.28
C ASP A 6 -101.27 -151.59 -237.13
N SER A 7 -100.70 -151.11 -238.23
CA SER A 7 -99.89 -149.87 -238.27
C SER A 7 -100.71 -148.73 -238.85
N LYS A 8 -100.74 -147.58 -238.17
CA LYS A 8 -101.19 -146.33 -238.79
C LYS A 8 -100.15 -145.86 -239.82
N LEU A 9 -100.58 -145.10 -240.82
CA LEU A 9 -99.74 -144.79 -241.98
C LEU A 9 -98.48 -144.00 -241.58
N GLY A 10 -97.31 -144.48 -241.99
CA GLY A 10 -96.01 -143.88 -241.66
C GLY A 10 -95.53 -144.10 -240.21
N GLU A 11 -96.31 -144.78 -239.37
CA GLU A 11 -95.99 -144.98 -237.95
C GLU A 11 -94.94 -146.08 -237.70
N SER A 12 -94.70 -146.96 -238.68
CA SER A 12 -93.77 -148.10 -238.56
C SER A 12 -93.17 -148.48 -239.91
N GLN A 13 -91.93 -149.01 -239.92
CA GLN A 13 -91.26 -149.45 -241.15
C GLN A 13 -91.85 -150.75 -241.71
N LEU A 14 -91.55 -151.07 -242.98
CA LEU A 14 -92.29 -152.09 -243.75
C LEU A 14 -92.12 -153.53 -243.25
N GLY A 15 -90.95 -153.89 -242.72
CA GLY A 15 -90.70 -155.18 -242.07
C GLY A 15 -90.64 -155.05 -240.55
N SER A 16 -91.15 -156.04 -239.82
CA SER A 16 -91.28 -155.97 -238.35
C SER A 16 -91.08 -157.33 -237.66
N PRO A 17 -89.86 -157.90 -237.68
CA PRO A 17 -88.64 -157.36 -238.30
C PRO A 17 -88.51 -157.71 -239.79
N GLY A 18 -87.74 -156.91 -240.53
CA GLY A 18 -87.45 -157.07 -241.96
C GLY A 18 -86.45 -158.17 -242.28
N THR A 19 -86.71 -159.40 -241.82
CA THR A 19 -85.78 -160.54 -241.81
C THR A 19 -86.06 -161.59 -242.89
N LEU A 20 -85.02 -162.04 -243.60
CA LEU A 20 -85.12 -163.07 -244.64
C LEU A 20 -85.17 -164.47 -244.03
N LYS A 21 -85.77 -165.45 -244.71
CA LYS A 21 -85.74 -166.84 -244.25
C LYS A 21 -84.31 -167.38 -244.31
N GLN A 22 -83.90 -168.08 -243.27
CA GLN A 22 -82.62 -168.77 -243.17
C GLN A 22 -82.83 -170.15 -242.56
N GLY A 23 -81.89 -171.06 -242.80
CA GLY A 23 -82.05 -172.46 -242.42
C GLY A 23 -82.79 -173.28 -243.47
N VAL A 24 -83.00 -174.56 -243.16
CA VAL A 24 -83.63 -175.54 -244.05
C VAL A 24 -85.01 -175.88 -243.51
N GLU A 25 -86.03 -175.76 -244.34
CA GLU A 25 -87.37 -176.21 -244.01
C GLU A 25 -87.83 -177.28 -244.99
N TRP A 26 -88.31 -178.40 -244.47
CA TRP A 26 -89.05 -179.40 -245.24
C TRP A 26 -90.53 -179.25 -244.95
N THR A 27 -91.37 -179.17 -245.97
CA THR A 27 -92.83 -179.20 -245.80
C THR A 27 -93.40 -180.46 -246.42
N VAL A 28 -94.15 -181.22 -245.64
CA VAL A 28 -94.82 -182.44 -246.08
C VAL A 28 -96.25 -182.10 -246.49
N VAL A 29 -96.67 -182.55 -247.66
CA VAL A 29 -98.01 -182.34 -248.20
C VAL A 29 -98.70 -183.68 -248.35
N VAL A 30 -99.85 -183.86 -247.72
CA VAL A 30 -100.64 -185.09 -247.71
C VAL A 30 -101.88 -184.86 -248.56
N ASP A 31 -102.04 -185.61 -249.64
CA ASP A 31 -103.23 -185.49 -250.51
C ASP A 31 -103.62 -184.02 -250.84
N GLY A 32 -102.62 -183.16 -251.07
CA GLY A 32 -102.80 -181.75 -251.38
C GLY A 32 -102.90 -180.77 -250.20
N GLU A 33 -102.81 -181.20 -248.94
CA GLU A 33 -102.79 -180.34 -247.75
C GLU A 33 -101.45 -180.37 -247.00
N GLU A 34 -100.93 -179.22 -246.56
CA GLU A 34 -99.72 -179.20 -245.71
C GLU A 34 -99.97 -179.85 -244.35
N GLN A 35 -98.99 -180.58 -243.84
CA GLN A 35 -99.01 -181.15 -242.49
C GLN A 35 -98.27 -180.21 -241.52
N ASN A 36 -98.92 -179.79 -240.43
CA ASN A 36 -98.35 -178.75 -239.58
C ASN A 36 -97.26 -179.25 -238.61
N ASN A 37 -97.50 -180.34 -237.91
CA ASN A 37 -96.71 -180.69 -236.71
C ASN A 37 -95.52 -181.61 -237.00
N VAL A 38 -94.95 -181.55 -238.21
CA VAL A 38 -93.77 -182.33 -238.59
C VAL A 38 -92.55 -181.84 -237.85
N TRP A 39 -91.73 -182.74 -237.32
CA TRP A 39 -90.49 -182.39 -236.62
C TRP A 39 -89.27 -183.18 -237.07
N ASP A 40 -89.43 -184.17 -237.94
CA ASP A 40 -88.32 -184.76 -238.67
C ASP A 40 -88.76 -185.31 -240.03
N VAL A 41 -87.86 -185.31 -240.99
CA VAL A 41 -88.04 -185.89 -242.33
C VAL A 41 -86.76 -186.60 -242.72
N GLN A 42 -86.89 -187.84 -243.18
CA GLN A 42 -85.82 -188.57 -243.85
C GLN A 42 -86.30 -188.94 -245.25
N VAL A 43 -85.55 -188.60 -246.27
CA VAL A 43 -85.84 -188.98 -247.66
C VAL A 43 -84.66 -189.74 -248.21
N VAL A 44 -84.88 -190.91 -248.81
CA VAL A 44 -83.83 -191.71 -249.46
C VAL A 44 -84.13 -191.89 -250.93
N ASP A 45 -83.25 -191.42 -251.79
CA ASP A 45 -83.33 -191.53 -253.25
C ASP A 45 -82.18 -192.41 -253.75
N THR A 46 -82.45 -193.46 -254.50
CA THR A 46 -81.50 -194.57 -254.65
C THR A 46 -81.61 -195.27 -255.99
N ALA A 47 -80.51 -195.89 -256.42
CA ALA A 47 -80.42 -196.59 -257.69
C ALA A 47 -81.40 -197.77 -257.79
N ASN A 48 -81.68 -198.16 -259.03
CA ASN A 48 -82.77 -199.05 -259.43
C ASN A 48 -82.93 -200.38 -258.65
N PRO A 49 -81.93 -201.11 -258.12
CA PRO A 49 -82.21 -202.34 -257.36
C PRO A 49 -82.75 -202.10 -255.95
N PHE A 50 -82.70 -200.88 -255.42
CA PHE A 50 -83.09 -200.53 -254.05
C PHE A 50 -84.35 -199.68 -254.00
N GLY A 51 -85.05 -199.74 -252.87
CA GLY A 51 -86.30 -199.00 -252.67
C GLY A 51 -86.07 -197.54 -252.34
N ASP A 52 -86.57 -196.64 -253.17
CA ASP A 52 -86.69 -195.22 -252.90
C ASP A 52 -87.86 -194.98 -251.91
N TYR A 53 -87.60 -194.32 -250.78
CA TYR A 53 -88.56 -194.22 -249.68
C TYR A 53 -88.36 -192.97 -248.82
N ALA A 54 -89.36 -192.60 -248.03
CA ALA A 54 -89.28 -191.51 -247.08
C ALA A 54 -89.96 -191.86 -245.76
N VAL A 55 -89.53 -191.23 -244.68
CA VAL A 55 -90.12 -191.30 -243.35
C VAL A 55 -90.36 -189.89 -242.82
N PHE A 56 -91.55 -189.63 -242.30
CA PHE A 56 -91.89 -188.37 -241.65
C PHE A 56 -92.23 -188.62 -240.19
N LYS A 57 -91.71 -187.84 -239.26
CA LYS A 57 -92.12 -187.88 -237.85
C LYS A 57 -92.91 -186.64 -237.49
N MET A 58 -94.05 -186.84 -236.84
CA MET A 58 -94.97 -185.78 -236.41
C MET A 58 -95.38 -185.96 -234.97
N ASP A 59 -95.81 -184.89 -234.33
CA ASP A 59 -96.71 -184.99 -233.20
C ASP A 59 -98.15 -185.18 -233.65
N ASP A 60 -98.94 -185.87 -232.84
CA ASP A 60 -100.38 -185.95 -232.99
C ASP A 60 -101.08 -185.81 -231.63
N ARG A 61 -102.39 -185.54 -231.66
CA ARG A 61 -103.27 -185.48 -230.50
C ARG A 61 -104.65 -186.00 -230.88
N GLY A 62 -105.29 -186.76 -230.01
CA GLY A 62 -106.60 -187.36 -230.28
C GLY A 62 -106.59 -188.35 -231.45
N GLY A 63 -105.42 -188.85 -231.85
CA GLY A 63 -105.21 -189.66 -233.05
C GLY A 63 -105.59 -188.97 -234.36
N GLN A 64 -105.72 -187.64 -234.37
CA GLN A 64 -106.39 -186.94 -235.46
C GLN A 64 -105.57 -186.85 -236.74
N ALA A 65 -104.24 -186.75 -236.67
CA ALA A 65 -103.39 -186.80 -237.85
C ALA A 65 -103.21 -188.23 -238.38
N PHE A 66 -103.25 -189.26 -237.54
CA PHE A 66 -103.17 -190.65 -237.99
C PHE A 66 -104.25 -190.99 -239.02
N GLU A 67 -105.46 -190.43 -238.88
CA GLU A 67 -106.56 -190.59 -239.82
C GLU A 67 -106.28 -190.03 -241.23
N ALA A 68 -105.31 -189.14 -241.39
CA ALA A 68 -105.01 -188.50 -242.67
C ALA A 68 -104.18 -189.36 -243.62
N TYR A 69 -103.58 -190.46 -243.14
CA TYR A 69 -102.62 -191.27 -243.90
C TYR A 69 -103.06 -192.73 -244.18
N PRO A 70 -104.27 -193.03 -244.68
CA PRO A 70 -104.58 -194.38 -245.15
C PRO A 70 -103.52 -194.90 -246.14
N ARG A 71 -103.27 -196.21 -246.16
CA ARG A 71 -102.32 -196.81 -247.09
C ARG A 71 -102.66 -196.43 -248.53
N GLY A 72 -101.65 -196.08 -249.31
CA GLY A 72 -101.84 -195.65 -250.69
C GLY A 72 -102.11 -194.17 -250.86
N THR A 73 -102.37 -193.39 -249.80
CA THR A 73 -102.54 -191.92 -249.95
C THR A 73 -101.23 -191.23 -250.32
N ARG A 74 -101.33 -190.17 -251.13
CA ARG A 74 -100.21 -189.43 -251.71
C ARG A 74 -99.49 -188.61 -250.65
N VAL A 75 -98.16 -188.67 -250.67
CA VAL A 75 -97.33 -187.74 -249.91
C VAL A 75 -96.28 -187.13 -250.81
N GLU A 76 -96.03 -185.86 -250.60
CA GLU A 76 -94.97 -185.10 -251.26
C GLU A 76 -94.14 -184.42 -250.18
N ALA A 77 -92.82 -184.40 -250.34
CA ALA A 77 -91.93 -183.66 -249.46
C ALA A 77 -91.20 -182.59 -250.25
N TYR A 78 -91.44 -181.33 -249.92
CA TYR A 78 -90.78 -180.18 -250.52
C TYR A 78 -89.70 -179.67 -249.60
N VAL A 79 -88.56 -179.25 -250.13
CA VAL A 79 -87.47 -178.67 -249.36
C VAL A 79 -87.13 -177.26 -249.84
N SER A 80 -86.73 -176.39 -248.93
CA SER A 80 -86.26 -175.05 -249.23
C SER A 80 -85.21 -174.64 -248.20
N GLU A 81 -84.01 -174.32 -248.66
CA GLU A 81 -82.94 -173.75 -247.86
C GLU A 81 -82.78 -172.26 -248.10
N GLY A 82 -82.71 -171.45 -247.05
CA GLY A 82 -82.64 -169.99 -247.20
C GLY A 82 -83.92 -169.46 -247.83
N THR A 83 -83.82 -168.49 -248.73
CA THR A 83 -84.96 -167.95 -249.49
C THR A 83 -85.18 -168.63 -250.84
N GLU A 84 -84.52 -169.75 -251.14
CA GLU A 84 -84.74 -170.47 -252.40
C GLU A 84 -86.16 -171.06 -252.48
N PRO A 85 -86.75 -171.21 -253.67
CA PRO A 85 -88.13 -171.68 -253.83
C PRO A 85 -88.29 -173.14 -253.41
N LEU A 86 -89.49 -173.55 -253.01
CA LEU A 86 -89.77 -174.93 -252.63
C LEU A 86 -89.58 -175.88 -253.82
N ASP A 87 -88.72 -176.88 -253.66
CA ASP A 87 -88.52 -177.96 -254.63
C ASP A 87 -89.12 -179.26 -254.12
N ASN A 88 -89.99 -179.90 -254.91
CA ASN A 88 -90.57 -181.21 -254.62
C ASN A 88 -89.48 -182.27 -254.75
N ARG A 89 -88.93 -182.75 -253.63
CA ARG A 89 -87.80 -183.68 -253.62
C ARG A 89 -88.20 -185.14 -253.49
N PHE A 90 -89.35 -185.44 -252.90
CA PHE A 90 -89.89 -186.80 -252.84
C PHE A 90 -91.37 -186.80 -253.14
N THR A 91 -91.83 -187.78 -253.90
CA THR A 91 -93.25 -188.09 -254.05
C THR A 91 -93.45 -189.59 -253.95
N GLY A 92 -94.49 -190.00 -253.25
CA GLY A 92 -94.79 -191.42 -253.07
C GLY A 92 -96.14 -191.62 -252.41
N TYR A 93 -96.35 -192.81 -251.87
CA TYR A 93 -97.60 -193.19 -251.22
C TYR A 93 -97.33 -193.87 -249.90
N VAL A 94 -98.20 -193.66 -248.92
CA VAL A 94 -98.07 -194.25 -247.60
C VAL A 94 -98.11 -195.76 -247.67
N VAL A 95 -97.19 -196.44 -246.99
CA VAL A 95 -97.21 -197.90 -246.82
C VAL A 95 -97.30 -198.31 -245.36
N GLU A 96 -96.87 -197.48 -244.43
CA GLU A 96 -97.12 -197.69 -243.01
C GLU A 96 -97.42 -196.36 -242.34
N ARG A 97 -98.41 -196.33 -241.46
CA ARG A 97 -98.60 -195.26 -240.47
C ARG A 97 -98.52 -195.88 -239.10
N ARG A 98 -97.71 -195.36 -238.21
CA ARG A 98 -97.53 -195.87 -236.85
C ARG A 98 -97.62 -194.75 -235.86
N GLU A 99 -98.41 -194.91 -234.81
CA GLU A 99 -98.40 -193.95 -233.72
C GLU A 99 -98.17 -194.64 -232.39
N ASN A 100 -97.25 -194.11 -231.59
CA ASN A 100 -96.88 -194.74 -230.33
C ASN A 100 -96.51 -193.76 -229.22
N GLU A 101 -96.57 -194.25 -228.00
CA GLU A 101 -96.21 -193.53 -226.79
C GLU A 101 -94.68 -193.43 -226.69
N GLN A 102 -94.11 -192.26 -226.91
CA GLN A 102 -92.69 -191.99 -226.66
C GLN A 102 -92.53 -191.04 -225.49
N GLN A 103 -92.40 -191.58 -224.27
CA GLN A 103 -92.13 -190.82 -223.05
C GLN A 103 -93.12 -189.64 -222.87
N GLY A 104 -94.41 -189.90 -223.03
CA GLY A 104 -95.47 -188.91 -222.96
C GLY A 104 -95.85 -188.29 -224.32
N ALA A 105 -94.95 -188.21 -225.29
CA ALA A 105 -95.32 -187.77 -226.63
C ALA A 105 -96.13 -188.85 -227.36
N ASP A 106 -97.09 -188.45 -228.19
CA ASP A 106 -97.79 -189.33 -229.13
C ASP A 106 -97.18 -189.13 -230.51
N VAL A 107 -96.15 -189.89 -230.83
CA VAL A 107 -95.38 -189.70 -232.06
C VAL A 107 -96.01 -190.48 -233.19
N LEU A 108 -96.31 -189.81 -234.30
CA LEU A 108 -96.77 -190.42 -235.53
C LEU A 108 -95.59 -190.53 -236.50
N GLU A 109 -95.25 -191.74 -236.92
CA GLU A 109 -94.39 -191.99 -238.06
C GLU A 109 -95.22 -192.37 -239.27
N VAL A 110 -94.93 -191.76 -240.40
CA VAL A 110 -95.47 -192.18 -241.69
C VAL A 110 -94.31 -192.59 -242.56
N GLU A 111 -94.40 -193.77 -243.17
CA GLU A 111 -93.43 -194.26 -244.13
C GLU A 111 -94.06 -194.45 -245.49
N ALA A 112 -93.38 -193.99 -246.53
CA ALA A 112 -93.90 -193.94 -247.88
C ALA A 112 -92.89 -194.46 -248.90
N TYR A 113 -93.38 -195.13 -249.93
CA TYR A 113 -92.58 -195.68 -251.02
C TYR A 113 -92.89 -194.92 -252.31
N SER A 114 -91.95 -194.88 -253.25
CA SER A 114 -92.11 -194.15 -254.50
C SER A 114 -92.45 -195.04 -255.70
N PHE A 115 -92.37 -194.51 -256.91
CA PHE A 115 -92.82 -195.13 -258.15
C PHE A 115 -92.01 -196.35 -258.58
N ASP A 116 -90.78 -196.50 -258.11
CA ASP A 116 -89.93 -197.65 -258.43
C ASP A 116 -90.56 -198.99 -258.03
N GLN A 117 -91.44 -199.01 -257.02
CA GLN A 117 -92.19 -200.20 -256.64
C GLN A 117 -93.00 -200.79 -257.78
N PHE A 118 -93.46 -200.00 -258.75
CA PHE A 118 -94.24 -200.52 -259.87
C PHE A 118 -93.40 -201.24 -260.91
N LEU A 119 -92.12 -200.89 -261.09
CA LEU A 119 -91.20 -201.70 -261.90
C LEU A 119 -90.76 -202.97 -261.17
N ARG A 120 -90.81 -202.96 -259.84
CA ARG A 120 -90.34 -204.05 -258.99
C ARG A 120 -91.38 -205.15 -258.77
N ARG A 121 -92.64 -204.76 -258.56
CA ARG A 121 -93.78 -205.65 -258.28
C ARG A 121 -94.63 -205.92 -259.52
N ASN A 122 -93.99 -206.05 -260.67
CA ASN A 122 -94.63 -206.43 -261.94
C ASN A 122 -93.70 -207.35 -262.73
N THR A 123 -94.26 -208.17 -263.60
CA THR A 123 -93.54 -209.16 -264.39
C THR A 123 -93.79 -208.99 -265.87
N VAL A 124 -92.80 -209.34 -266.69
CA VAL A 124 -92.89 -209.31 -268.14
C VAL A 124 -93.87 -210.37 -268.63
N THR A 125 -94.99 -210.01 -269.27
CA THR A 125 -96.09 -210.96 -269.55
C THR A 125 -96.01 -211.64 -270.90
N ASN A 126 -95.63 -210.93 -271.96
CA ASN A 126 -95.40 -211.46 -273.31
C ASN A 126 -93.90 -211.60 -273.58
N ASP A 127 -93.48 -212.26 -274.65
CA ASP A 127 -92.07 -212.60 -274.89
C ASP A 127 -91.39 -211.71 -275.94
N GLN A 128 -90.26 -211.12 -275.56
CA GLN A 128 -89.48 -210.22 -276.41
C GLN A 128 -88.36 -210.94 -277.18
N THR A 129 -88.40 -212.26 -277.28
CA THR A 129 -87.48 -213.01 -278.13
C THR A 129 -87.66 -212.56 -279.59
N GLY A 130 -86.58 -212.12 -280.25
CA GLY A 130 -86.64 -211.55 -281.59
C GLY A 130 -87.06 -210.06 -281.64
N ASN A 131 -86.84 -209.30 -280.57
CA ASN A 131 -87.02 -207.85 -280.54
C ASN A 131 -85.70 -207.15 -280.27
N THR A 132 -85.51 -205.93 -280.76
CA THR A 132 -84.41 -205.08 -280.28
C THR A 132 -84.65 -204.66 -278.83
N ILE A 133 -83.62 -204.23 -278.11
CA ILE A 133 -83.83 -203.72 -276.74
C ILE A 133 -84.74 -202.47 -276.75
N SER A 134 -84.69 -201.61 -277.77
CA SER A 134 -85.67 -200.52 -277.90
C SER A 134 -87.10 -201.02 -278.00
N GLN A 135 -87.36 -202.03 -278.83
CA GLN A 135 -88.70 -202.61 -278.96
C GLN A 135 -89.13 -203.31 -277.67
N ALA A 136 -88.22 -204.01 -277.01
CA ALA A 136 -88.51 -204.69 -275.76
C ALA A 136 -88.90 -203.70 -274.65
N LEU A 137 -88.18 -202.59 -274.51
CA LEU A 137 -88.56 -201.54 -273.57
C LEU A 137 -89.91 -200.93 -273.91
N ALA A 138 -90.19 -200.63 -275.17
CA ALA A 138 -91.48 -200.10 -275.57
C ALA A 138 -92.63 -201.08 -275.28
N ASP A 139 -92.45 -202.37 -275.53
CA ASP A 139 -93.46 -203.40 -275.24
C ASP A 139 -93.72 -203.53 -273.72
N ILE A 140 -92.66 -203.77 -272.95
CA ILE A 140 -92.74 -204.03 -271.53
C ILE A 140 -93.35 -202.86 -270.80
N ILE A 141 -92.85 -201.64 -270.99
CA ILE A 141 -93.33 -200.50 -270.21
C ILE A 141 -94.77 -200.13 -270.59
N GLN A 142 -95.19 -200.28 -271.84
CA GLN A 142 -96.56 -199.97 -272.22
C GLN A 142 -97.57 -201.02 -271.77
N THR A 143 -97.18 -202.27 -271.56
CA THR A 143 -98.13 -203.35 -271.24
C THR A 143 -98.06 -203.83 -269.80
N ASP A 144 -96.89 -203.82 -269.17
CA ASP A 144 -96.64 -204.46 -267.88
C ASP A 144 -96.32 -203.47 -266.76
N THR A 145 -96.52 -202.17 -266.95
CA THR A 145 -96.24 -201.18 -265.90
C THR A 145 -97.21 -199.99 -266.00
N PRO A 146 -97.72 -199.46 -264.87
CA PRO A 146 -98.58 -198.28 -264.85
C PRO A 146 -97.78 -196.98 -264.87
N VAL A 147 -96.89 -196.82 -265.84
CA VAL A 147 -95.94 -195.70 -265.96
C VAL A 147 -96.04 -195.10 -267.36
N ARG A 148 -95.86 -193.79 -267.51
CA ARG A 148 -95.94 -193.13 -268.82
C ARG A 148 -94.75 -193.54 -269.68
N PHE A 149 -95.01 -194.05 -270.87
CA PHE A 149 -93.98 -194.36 -271.85
C PHE A 149 -93.78 -193.18 -272.80
N ASN A 150 -92.53 -192.93 -273.17
CA ASN A 150 -92.17 -191.90 -274.14
C ASN A 150 -90.87 -192.32 -274.83
N ALA A 151 -90.93 -192.63 -276.12
CA ALA A 151 -89.77 -193.13 -276.85
C ALA A 151 -88.58 -192.14 -276.85
N ALA A 152 -88.83 -190.85 -276.68
CA ALA A 152 -87.79 -189.84 -276.58
C ALA A 152 -86.87 -190.00 -275.36
N ASN A 153 -87.32 -190.69 -274.31
CA ASN A 153 -86.54 -190.93 -273.09
C ASN A 153 -85.75 -192.24 -273.11
N ILE A 154 -85.84 -193.04 -274.18
CA ILE A 154 -85.03 -194.26 -274.33
C ILE A 154 -83.98 -194.06 -275.42
N THR A 155 -82.71 -194.26 -275.08
CA THR A 155 -81.58 -194.01 -275.98
C THR A 155 -80.53 -195.13 -275.87
N VAL A 156 -80.99 -196.36 -276.10
CA VAL A 156 -80.20 -197.61 -276.01
C VAL A 156 -78.87 -197.48 -276.75
N GLY A 157 -77.76 -197.67 -276.06
CA GLY A 157 -76.42 -197.40 -276.59
C GLY A 157 -75.81 -198.54 -277.41
N ASP A 158 -76.37 -199.74 -277.33
CA ASP A 158 -76.03 -200.89 -278.16
C ASP A 158 -77.30 -201.72 -278.47
N ASP A 159 -78.10 -201.26 -279.44
CA ASP A 159 -79.47 -201.76 -279.65
C ASP A 159 -79.53 -203.10 -280.42
N GLN A 160 -78.93 -204.13 -279.85
CA GLN A 160 -78.95 -205.51 -280.31
C GLN A 160 -80.35 -206.15 -280.24
N GLU A 161 -80.58 -207.21 -281.00
CA GLU A 161 -81.71 -208.10 -280.78
C GLU A 161 -81.53 -208.97 -279.53
N LEU A 162 -82.66 -209.41 -279.01
CA LEU A 162 -82.82 -210.08 -277.74
C LEU A 162 -83.21 -211.54 -277.99
N THR A 163 -82.42 -212.50 -277.51
CA THR A 163 -82.61 -213.92 -277.89
C THR A 163 -83.48 -214.67 -276.88
N ARG A 164 -83.04 -214.77 -275.64
CA ARG A 164 -83.82 -215.24 -274.49
C ARG A 164 -85.17 -214.52 -274.38
N SER A 165 -86.23 -215.28 -274.18
CA SER A 165 -87.52 -214.74 -273.74
C SER A 165 -87.43 -214.30 -272.29
N TYR A 166 -87.89 -213.10 -271.98
CA TYR A 166 -87.91 -212.57 -270.61
C TYR A 166 -89.21 -212.83 -269.88
N GLN A 167 -90.10 -213.61 -270.48
CA GLN A 167 -91.46 -213.84 -270.01
C GLN A 167 -91.45 -214.43 -268.60
N GLY A 168 -92.10 -213.74 -267.67
CA GLY A 168 -92.17 -214.07 -266.25
C GLY A 168 -91.13 -213.39 -265.36
N ASP A 169 -90.06 -212.80 -265.90
CA ASP A 169 -89.10 -212.08 -265.06
C ASP A 169 -89.70 -210.78 -264.52
N PRO A 170 -89.36 -210.36 -263.30
CA PRO A 170 -89.69 -209.03 -262.80
C PRO A 170 -89.20 -207.95 -263.75
N VAL A 171 -89.98 -206.90 -263.97
CA VAL A 171 -89.63 -205.86 -264.95
C VAL A 171 -88.28 -205.21 -264.61
N GLU A 172 -88.00 -204.92 -263.34
CA GLU A 172 -86.70 -204.41 -262.93
C GLU A 172 -85.53 -205.38 -263.21
N ASN A 173 -85.74 -206.69 -263.04
CA ASN A 173 -84.71 -207.68 -263.36
C ASN A 173 -84.48 -207.76 -264.87
N ALA A 174 -85.53 -207.73 -265.68
CA ALA A 174 -85.40 -207.67 -267.13
C ALA A 174 -84.63 -206.42 -267.57
N LEU A 175 -84.96 -205.25 -267.03
CA LEU A 175 -84.25 -204.02 -267.36
C LEU A 175 -82.79 -204.03 -266.91
N ARG A 176 -82.43 -204.56 -265.72
CA ARG A 176 -81.02 -204.74 -265.36
C ARG A 176 -80.29 -205.68 -266.31
N ASP A 177 -80.96 -206.71 -266.79
CA ASP A 177 -80.40 -207.61 -267.80
C ASP A 177 -80.17 -206.88 -269.13
N PHE A 178 -81.11 -206.05 -269.59
CA PHE A 178 -80.94 -205.24 -270.79
C PHE A 178 -79.82 -204.23 -270.63
N ALA A 179 -79.71 -203.55 -269.49
CA ALA A 179 -78.63 -202.63 -269.22
C ALA A 179 -77.28 -203.35 -269.20
N PHE A 180 -77.19 -204.55 -268.64
CA PHE A 180 -75.96 -205.32 -268.65
C PHE A 180 -75.55 -205.71 -270.08
N LYS A 181 -76.51 -205.94 -270.98
CA LYS A 181 -76.27 -206.16 -272.41
C LYS A 181 -75.89 -204.89 -273.16
N SER A 182 -76.63 -203.80 -272.98
CA SER A 182 -76.40 -202.52 -273.64
C SER A 182 -75.72 -201.51 -272.72
N THR A 183 -74.40 -201.42 -272.78
CA THR A 183 -73.61 -200.29 -272.29
C THR A 183 -73.89 -199.77 -270.86
N ASN A 184 -74.40 -200.61 -269.95
CA ASN A 184 -74.54 -200.33 -268.52
C ASN A 184 -75.41 -199.09 -268.20
N GLU A 185 -76.55 -198.98 -268.88
CA GLU A 185 -77.45 -197.83 -268.84
C GLU A 185 -78.22 -197.65 -267.52
N ASP A 186 -78.55 -196.41 -267.19
CA ASP A 186 -79.44 -196.07 -266.09
C ASP A 186 -80.88 -196.06 -266.57
N PHE A 187 -81.79 -196.53 -265.73
CA PHE A 187 -83.23 -196.52 -266.01
C PHE A 187 -84.04 -196.25 -264.75
N GLY A 188 -85.29 -195.87 -264.93
CA GLY A 188 -86.22 -195.65 -263.83
C GLY A 188 -87.45 -194.88 -264.24
N VAL A 189 -88.23 -194.46 -263.25
CA VAL A 189 -89.35 -193.54 -263.44
C VAL A 189 -88.87 -192.16 -263.00
N GLY A 190 -88.90 -191.18 -263.88
CA GLY A 190 -88.51 -189.81 -263.55
C GLY A 190 -89.58 -189.07 -262.76
N ASP A 191 -89.35 -187.78 -262.54
CA ASP A 191 -90.45 -186.85 -262.26
C ASP A 191 -91.42 -186.78 -263.45
N ASP A 192 -92.65 -186.39 -263.20
CA ASP A 192 -93.74 -186.46 -264.18
C ASP A 192 -94.05 -187.89 -264.66
N LEU A 193 -93.79 -188.90 -263.81
CA LEU A 193 -94.24 -190.30 -263.93
C LEU A 193 -93.76 -191.03 -265.19
N GLU A 194 -92.69 -190.56 -265.82
CA GLU A 194 -92.31 -191.00 -267.15
C GLU A 194 -91.04 -191.85 -267.15
N PHE A 195 -91.07 -192.98 -267.83
CA PHE A 195 -89.95 -193.91 -267.89
C PHE A 195 -88.76 -193.32 -268.67
N PHE A 196 -87.55 -193.67 -268.28
CA PHE A 196 -86.33 -193.37 -269.03
C PHE A 196 -85.37 -194.56 -269.02
N PHE A 197 -84.53 -194.68 -270.05
CA PHE A 197 -83.48 -195.69 -270.18
C PHE A 197 -82.35 -195.09 -271.01
N GLN A 198 -81.24 -194.73 -270.37
CA GLN A 198 -80.28 -193.78 -270.94
C GLN A 198 -78.83 -194.12 -270.60
N PRO A 199 -77.85 -193.68 -271.40
CA PRO A 199 -76.42 -193.72 -271.08
C PRO A 199 -76.10 -193.20 -269.67
N ARG A 200 -75.11 -193.84 -269.06
CA ARG A 200 -74.86 -193.83 -267.61
C ARG A 200 -74.59 -192.46 -267.00
N GLU A 201 -73.50 -191.78 -267.35
CA GLU A 201 -73.11 -190.49 -266.75
C GLU A 201 -73.43 -189.33 -267.69
N THR A 202 -74.30 -188.41 -267.28
CA THR A 202 -74.71 -187.26 -268.12
C THR A 202 -74.90 -185.94 -267.36
N VAL A 203 -74.95 -185.98 -266.03
CA VAL A 203 -75.12 -184.80 -265.16
C VAL A 203 -73.98 -184.70 -264.17
N HIS A 204 -73.54 -183.48 -263.91
CA HIS A 204 -72.56 -183.16 -262.87
C HIS A 204 -73.14 -182.11 -261.95
N ILE A 205 -72.96 -182.27 -260.63
CA ILE A 205 -73.63 -181.42 -259.66
C ILE A 205 -72.95 -180.07 -259.40
N ASP A 206 -71.71 -179.87 -259.87
CA ASP A 206 -70.95 -178.61 -259.85
C ASP A 206 -70.49 -178.12 -258.47
N ARG A 207 -71.37 -178.11 -257.46
CA ARG A 207 -71.09 -177.67 -256.10
C ARG A 207 -69.98 -178.49 -255.41
N GLY A 208 -69.93 -179.81 -255.64
CA GLY A 208 -68.89 -180.69 -255.11
C GLY A 208 -68.96 -180.95 -253.60
N VAL A 209 -67.98 -181.69 -253.08
CA VAL A 209 -67.71 -181.84 -251.65
C VAL A 209 -66.23 -181.53 -251.43
N ASP A 210 -65.93 -180.25 -251.18
CA ASP A 210 -64.61 -179.79 -250.79
C ASP A 210 -64.16 -180.40 -249.46
N ASN A 211 -62.86 -180.35 -249.14
CA ASN A 211 -62.36 -180.86 -247.87
C ASN A 211 -62.97 -180.17 -246.65
N THR A 212 -63.54 -178.97 -246.77
CA THR A 212 -64.24 -178.33 -245.67
C THR A 212 -65.73 -178.69 -245.58
N GLN A 213 -66.27 -179.51 -246.49
CA GLN A 213 -67.71 -179.76 -246.66
C GLN A 213 -68.19 -181.18 -246.36
N TRP A 214 -67.29 -182.16 -246.24
CA TRP A 214 -67.62 -183.44 -245.62
C TRP A 214 -67.52 -183.30 -244.10
N PHE A 215 -68.22 -184.12 -243.33
CA PHE A 215 -68.00 -184.18 -241.88
C PHE A 215 -68.18 -185.55 -241.24
N ARG A 216 -68.48 -186.57 -242.04
CA ARG A 216 -68.30 -187.99 -241.70
C ARG A 216 -68.07 -188.74 -243.00
N TYR A 217 -67.34 -189.84 -242.99
CA TYR A 217 -67.21 -190.73 -244.13
C TYR A 217 -67.01 -192.18 -243.68
N ASP A 218 -67.33 -193.13 -244.54
CA ASP A 218 -67.24 -194.57 -244.27
C ASP A 218 -67.12 -195.28 -245.62
N ILE A 219 -65.88 -195.54 -246.07
CA ILE A 219 -65.57 -195.92 -247.45
C ILE A 219 -64.83 -197.26 -247.47
N PRO A 220 -65.54 -198.37 -247.73
CA PRO A 220 -64.95 -199.68 -247.92
C PRO A 220 -64.69 -200.03 -249.38
N GLU A 221 -63.89 -201.08 -249.58
CA GLU A 221 -63.99 -201.94 -250.76
C GLU A 221 -64.70 -203.22 -250.32
N LEU A 222 -65.82 -203.56 -250.96
CA LEU A 222 -66.64 -204.70 -250.59
C LEU A 222 -66.27 -205.91 -251.41
N GLY A 223 -65.75 -206.97 -250.79
CA GLY A 223 -65.23 -208.13 -251.51
C GLY A 223 -65.57 -209.51 -250.92
N LYS A 224 -66.46 -209.58 -249.92
CA LYS A 224 -66.78 -210.84 -249.21
C LYS A 224 -67.69 -211.76 -250.02
N GLU A 225 -68.42 -211.21 -250.98
CA GLU A 225 -69.31 -211.95 -251.88
C GLU A 225 -68.61 -212.48 -253.12
N ALA A 226 -67.47 -211.91 -253.50
CA ALA A 226 -66.86 -212.12 -254.81
C ALA A 226 -66.37 -213.55 -254.99
N ILE A 227 -66.57 -214.08 -256.20
CA ILE A 227 -66.15 -215.40 -256.66
C ILE A 227 -65.57 -215.25 -258.06
N ASN A 228 -64.94 -216.30 -258.59
CA ASN A 228 -64.14 -216.19 -259.80
C ASN A 228 -64.43 -217.27 -260.85
N GLU A 229 -65.38 -218.14 -260.61
CA GLU A 229 -65.87 -219.07 -261.61
C GLU A 229 -67.38 -219.27 -261.46
N VAL A 230 -68.11 -219.27 -262.56
CA VAL A 230 -69.53 -219.63 -262.57
C VAL A 230 -69.72 -220.68 -263.63
N GLU A 231 -70.45 -221.74 -263.35
CA GLU A 231 -70.87 -222.68 -264.38
C GLU A 231 -72.38 -222.67 -264.53
N VAL A 232 -72.87 -222.38 -265.73
CA VAL A 232 -74.29 -222.24 -266.01
C VAL A 232 -74.75 -223.40 -266.86
N TRP A 233 -75.62 -224.24 -266.33
CA TRP A 233 -76.36 -225.23 -267.11
C TRP A 233 -77.55 -224.57 -267.78
N PHE A 234 -77.77 -224.89 -269.05
CA PHE A 234 -78.87 -224.36 -269.84
C PHE A 234 -79.40 -225.46 -270.77
N ASP A 235 -80.29 -225.14 -271.71
CA ASP A 235 -80.85 -226.09 -272.68
C ASP A 235 -81.46 -227.34 -272.03
N ASP A 236 -82.47 -227.13 -271.18
CA ASP A 236 -83.09 -228.16 -270.31
C ASP A 236 -82.10 -228.90 -269.41
N GLY A 237 -80.96 -228.26 -269.10
CA GLY A 237 -79.88 -228.83 -268.31
C GLY A 237 -78.96 -229.75 -269.10
N GLU A 238 -79.05 -229.80 -270.42
CA GLU A 238 -78.31 -230.74 -271.26
C GLU A 238 -77.07 -230.14 -271.92
N GLU A 239 -76.77 -228.86 -271.69
CA GLU A 239 -75.48 -228.25 -272.03
C GLU A 239 -75.02 -227.29 -270.92
N SER A 240 -73.71 -227.06 -270.80
CA SER A 240 -73.12 -226.20 -269.78
C SER A 240 -72.12 -225.20 -270.37
N VAL A 241 -71.92 -224.08 -269.69
CA VAL A 241 -70.82 -223.15 -269.96
C VAL A 241 -70.17 -222.68 -268.67
N ILE A 242 -68.85 -222.65 -268.63
CA ILE A 242 -68.05 -222.13 -267.52
C ILE A 242 -67.60 -220.72 -267.88
N VAL A 243 -67.89 -219.75 -267.02
CA VAL A 243 -67.40 -218.37 -267.12
C VAL A 243 -66.30 -218.20 -266.10
N ASP A 244 -65.13 -217.81 -266.58
CA ASP A 244 -63.87 -218.10 -265.92
C ASP A 244 -63.02 -216.82 -265.75
N ASP A 245 -62.89 -216.33 -264.52
CA ASP A 245 -62.09 -215.14 -264.20
C ASP A 245 -60.66 -215.53 -263.76
N GLY A 246 -59.76 -215.65 -264.73
CA GLY A 246 -58.39 -216.10 -264.49
C GLY A 246 -57.60 -215.20 -263.55
N THR A 247 -57.83 -213.90 -263.54
CA THR A 247 -57.07 -212.94 -262.73
C THR A 247 -57.24 -213.21 -261.25
N ASP A 248 -58.47 -213.27 -260.73
CA ASP A 248 -58.66 -213.51 -259.30
C ASP A 248 -58.21 -214.91 -258.88
N LYS A 249 -58.38 -215.92 -259.76
CA LYS A 249 -57.89 -217.29 -259.52
C LYS A 249 -56.36 -217.33 -259.38
N LEU A 250 -55.65 -216.62 -260.24
CA LEU A 250 -54.18 -216.54 -260.17
C LEU A 250 -53.71 -215.69 -259.00
N ASP A 251 -54.35 -214.56 -258.72
CA ASP A 251 -53.95 -213.72 -257.60
C ASP A 251 -54.18 -214.38 -256.26
N LEU A 252 -55.27 -215.13 -256.03
CA LEU A 252 -55.40 -215.95 -254.83
C LEU A 252 -54.35 -217.04 -254.73
N GLN A 253 -54.01 -217.71 -255.84
CA GLN A 253 -52.93 -218.70 -255.83
C GLN A 253 -51.60 -218.07 -255.43
N ASP A 254 -51.19 -217.02 -256.12
CA ASP A 254 -49.88 -216.39 -255.93
C ASP A 254 -49.78 -215.76 -254.53
N SER A 255 -50.88 -215.22 -254.03
CA SER A 255 -50.99 -214.63 -252.70
C SER A 255 -50.86 -215.67 -251.59
N LEU A 256 -51.66 -216.71 -251.61
CA LEU A 256 -51.69 -217.74 -250.57
C LEU A 256 -50.66 -218.85 -250.74
N GLY A 257 -50.02 -218.97 -251.90
CA GLY A 257 -49.09 -220.05 -252.20
C GLY A 257 -49.79 -221.38 -252.50
N LEU A 258 -50.97 -221.35 -253.12
CA LEU A 258 -51.72 -222.56 -253.46
C LEU A 258 -50.97 -223.42 -254.49
N PRO A 259 -51.18 -224.75 -254.53
CA PRO A 259 -50.62 -225.63 -255.56
C PRO A 259 -51.09 -225.33 -256.98
N SER A 260 -52.29 -224.75 -257.11
CA SER A 260 -53.01 -224.55 -258.36
C SER A 260 -53.97 -223.35 -258.25
N PRO A 261 -54.51 -222.82 -259.35
CA PRO A 261 -55.34 -221.61 -259.34
C PRO A 261 -56.51 -221.67 -258.35
N GLY A 262 -56.75 -220.59 -257.61
CA GLY A 262 -57.68 -220.53 -256.49
C GLY A 262 -59.15 -220.45 -256.88
N THR A 263 -59.75 -221.51 -257.40
CA THR A 263 -61.17 -221.54 -257.80
C THR A 263 -62.11 -221.28 -256.63
N GLN A 264 -63.08 -220.39 -256.85
CA GLN A 264 -64.27 -220.24 -256.03
C GLN A 264 -65.48 -220.18 -256.96
N ARG A 265 -66.39 -221.16 -256.86
CA ARG A 265 -67.44 -221.47 -257.84
C ARG A 265 -68.86 -221.14 -257.37
N LYS A 266 -69.72 -220.78 -258.31
CA LYS A 266 -71.17 -221.01 -258.23
C LYS A 266 -71.61 -221.86 -259.39
N GLU A 267 -72.57 -222.72 -259.15
CA GLU A 267 -73.29 -223.45 -260.19
C GLU A 267 -74.70 -222.89 -260.30
N LEU A 268 -75.13 -222.57 -261.51
CA LEU A 268 -76.45 -222.07 -261.83
C LEU A 268 -77.12 -223.02 -262.83
N GLN A 269 -78.44 -223.10 -262.81
CA GLN A 269 -79.17 -223.68 -263.92
C GLN A 269 -80.26 -222.73 -264.38
N ARG A 270 -80.38 -222.53 -265.69
CA ARG A 270 -81.38 -221.67 -266.32
C ARG A 270 -82.02 -222.47 -267.45
N PRO A 271 -82.92 -223.41 -267.15
CA PRO A 271 -83.22 -224.50 -268.07
C PRO A 271 -83.90 -224.06 -269.35
N LEU A 272 -84.63 -222.94 -269.36
CA LEU A 272 -85.29 -222.45 -270.58
C LEU A 272 -84.40 -221.59 -271.49
N VAL A 273 -83.17 -221.24 -271.07
CA VAL A 273 -82.19 -220.56 -271.93
C VAL A 273 -81.64 -221.54 -272.95
N THR A 274 -81.60 -221.17 -274.24
CA THR A 274 -81.17 -222.09 -275.31
C THR A 274 -79.89 -221.64 -276.01
N ASP A 275 -79.72 -220.34 -276.26
CA ASP A 275 -78.51 -219.80 -276.88
C ASP A 275 -77.37 -219.74 -275.87
N ILE A 276 -76.21 -220.34 -276.19
CA ILE A 276 -75.06 -220.36 -275.29
C ILE A 276 -74.57 -218.96 -274.91
N SER A 277 -74.72 -217.96 -275.78
CA SER A 277 -74.31 -216.60 -275.46
C SER A 277 -75.22 -215.95 -274.40
N ASP A 278 -76.46 -216.39 -274.27
CA ASP A 278 -77.30 -215.93 -273.16
C ASP A 278 -76.89 -216.60 -271.84
N ALA A 279 -76.54 -217.89 -271.85
CA ALA A 279 -76.00 -218.55 -270.67
C ALA A 279 -74.64 -217.95 -270.25
N GLU A 280 -73.85 -217.55 -271.24
CA GLU A 280 -72.59 -216.85 -270.90
C GLU A 280 -72.94 -215.51 -270.24
N ASP A 281 -73.80 -214.70 -270.90
CA ASP A 281 -74.09 -213.38 -270.33
C ASP A 281 -74.72 -213.47 -268.94
N ILE A 282 -75.46 -214.53 -268.63
CA ILE A 282 -75.94 -214.80 -267.26
C ILE A 282 -74.77 -215.06 -266.32
N GLY A 283 -73.81 -215.89 -266.72
CA GLY A 283 -72.62 -216.14 -265.91
C GLY A 283 -71.80 -214.87 -265.70
N ARG A 284 -71.61 -214.05 -266.74
CA ARG A 284 -70.89 -212.78 -266.60
C ARG A 284 -71.63 -211.79 -265.72
N LYS A 285 -72.96 -211.68 -265.82
CA LYS A 285 -73.73 -210.83 -264.91
C LYS A 285 -73.62 -211.32 -263.48
N TYR A 286 -73.65 -212.63 -263.24
CA TYR A 286 -73.50 -213.19 -261.91
C TYR A 286 -72.16 -212.80 -261.28
N LEU A 287 -71.05 -212.91 -262.03
CA LEU A 287 -69.74 -212.42 -261.57
C LEU A 287 -69.74 -210.90 -261.39
N ALA A 288 -70.17 -210.12 -262.37
CA ALA A 288 -70.06 -208.67 -262.34
C ALA A 288 -70.78 -208.05 -261.14
N PHE A 289 -72.00 -208.49 -260.83
CA PHE A 289 -72.78 -207.92 -259.74
C PHE A 289 -72.31 -208.36 -258.35
N ARG A 290 -71.43 -209.36 -258.25
CA ARG A 290 -70.77 -209.77 -257.01
C ARG A 290 -69.30 -209.35 -256.93
N ASN A 291 -68.76 -208.74 -257.98
CA ASN A 291 -67.35 -208.35 -258.08
C ASN A 291 -66.95 -207.28 -257.03
N SER A 292 -65.67 -207.23 -256.71
CA SER A 292 -65.11 -206.34 -255.69
C SER A 292 -65.10 -204.88 -256.12
N THR A 293 -65.70 -203.97 -255.36
CA THR A 293 -65.79 -202.54 -255.71
C THR A 293 -65.69 -201.63 -254.50
N LEU A 294 -65.20 -200.40 -254.70
CA LEU A 294 -65.38 -199.32 -253.73
C LEU A 294 -66.86 -199.00 -253.56
N SER A 295 -67.25 -198.56 -252.39
CA SER A 295 -68.64 -198.26 -252.05
C SER A 295 -68.67 -197.23 -250.90
N GLY A 296 -69.72 -197.23 -250.10
CA GLY A 296 -69.79 -196.45 -248.87
C GLY A 296 -70.11 -194.98 -249.07
N THR A 297 -70.08 -194.26 -247.95
CA THR A 297 -70.80 -193.01 -247.79
C THR A 297 -69.92 -191.84 -247.42
N VAL A 298 -70.25 -190.67 -247.94
CA VAL A 298 -69.73 -189.37 -247.50
C VAL A 298 -70.90 -188.56 -246.95
N THR A 299 -70.74 -187.94 -245.79
CA THR A 299 -71.78 -187.10 -245.20
C THR A 299 -71.44 -185.63 -245.39
N THR A 300 -72.36 -184.87 -245.95
CA THR A 300 -72.27 -183.45 -246.24
C THR A 300 -73.62 -182.78 -245.93
N TYR A 301 -73.95 -181.61 -246.48
CA TYR A 301 -75.11 -180.82 -246.01
C TYR A 301 -76.13 -180.37 -247.05
N GLY A 302 -75.78 -180.12 -248.30
CA GLY A 302 -76.70 -179.50 -249.27
C GLY A 302 -77.27 -180.50 -250.26
N LEU A 303 -77.18 -180.16 -251.54
CA LEU A 303 -77.38 -181.07 -252.67
C LEU A 303 -78.81 -181.56 -252.87
N TYR A 304 -79.82 -180.72 -252.64
CA TYR A 304 -81.20 -181.08 -252.97
C TYR A 304 -81.42 -181.27 -254.47
N ASP A 305 -80.58 -180.68 -255.33
CA ASP A 305 -80.62 -180.88 -256.78
C ASP A 305 -80.08 -182.24 -257.23
N ALA A 306 -79.28 -182.91 -256.39
CA ALA A 306 -78.56 -184.12 -256.80
C ALA A 306 -79.45 -185.37 -256.80
N GLU A 307 -79.14 -186.33 -257.66
CA GLU A 307 -79.85 -187.61 -257.79
C GLU A 307 -78.87 -188.77 -257.94
N PRO A 308 -79.25 -190.02 -257.65
CA PRO A 308 -78.47 -191.17 -258.05
C PRO A 308 -78.24 -191.18 -259.56
N GLY A 309 -77.04 -191.49 -260.00
CA GLY A 309 -76.58 -191.39 -261.37
C GLY A 309 -75.85 -190.08 -261.70
N ASP A 310 -75.99 -189.04 -260.88
CA ASP A 310 -75.24 -187.80 -261.06
C ASP A 310 -73.78 -187.95 -260.64
N THR A 311 -72.91 -187.10 -261.18
CA THR A 311 -71.47 -187.09 -260.91
C THR A 311 -71.11 -185.97 -259.95
N ILE A 312 -70.16 -186.19 -259.04
CA ILE A 312 -69.73 -185.19 -258.07
C ILE A 312 -68.23 -185.27 -257.80
N ASP A 313 -67.56 -184.12 -257.70
CA ASP A 313 -66.19 -184.05 -257.17
C ASP A 313 -66.21 -184.18 -255.66
N ILE A 314 -65.43 -185.12 -255.10
CA ILE A 314 -65.29 -185.25 -253.65
C ILE A 314 -63.81 -185.23 -253.29
N THR A 315 -63.46 -184.42 -252.29
CA THR A 315 -62.11 -184.34 -251.74
C THR A 315 -62.15 -184.57 -250.24
N ILE A 316 -61.38 -185.53 -249.73
CA ILE A 316 -61.29 -185.83 -248.29
C ILE A 316 -59.82 -186.05 -247.97
N ASP A 317 -59.11 -184.98 -247.62
CA ASP A 317 -57.67 -185.00 -247.41
C ASP A 317 -57.22 -185.98 -246.31
N PRO A 318 -57.91 -186.10 -245.16
CA PRO A 318 -57.59 -187.13 -244.17
C PRO A 318 -57.59 -188.55 -244.72
N ARG A 319 -58.34 -188.82 -245.80
CA ARG A 319 -58.55 -190.15 -246.35
C ARG A 319 -57.99 -190.34 -247.77
N GLY A 320 -57.27 -189.35 -248.29
CA GLY A 320 -56.58 -189.45 -249.57
C GLY A 320 -57.48 -189.50 -250.80
N ILE A 321 -58.75 -189.10 -250.68
CA ILE A 321 -59.71 -189.08 -251.77
C ILE A 321 -59.70 -187.70 -252.43
N ASP A 322 -59.64 -187.67 -253.76
CA ASP A 322 -59.80 -186.45 -254.56
C ASP A 322 -60.25 -186.83 -255.99
N GLU A 323 -61.52 -187.11 -256.20
CA GLU A 323 -62.03 -187.78 -257.40
C GLU A 323 -63.42 -187.29 -257.83
N GLU A 324 -63.79 -187.47 -259.10
CA GLU A 324 -65.20 -187.55 -259.50
C GLU A 324 -65.77 -188.94 -259.27
N PHE A 325 -66.84 -189.04 -258.48
CA PHE A 325 -67.60 -190.25 -258.29
C PHE A 325 -69.01 -190.13 -258.87
N VAL A 326 -69.58 -191.25 -259.28
CA VAL A 326 -71.03 -191.36 -259.45
C VAL A 326 -71.70 -191.47 -258.09
N ILE A 327 -72.80 -190.76 -257.89
CA ILE A 327 -73.68 -190.91 -256.75
C ILE A 327 -74.53 -192.16 -256.95
N ALA A 328 -74.45 -193.14 -256.08
CA ALA A 328 -75.30 -194.33 -256.12
C ALA A 328 -76.63 -194.16 -255.38
N ALA A 329 -76.65 -193.36 -254.32
CA ALA A 329 -77.85 -193.02 -253.56
C ALA A 329 -77.62 -191.75 -252.76
N ILE A 330 -78.68 -191.08 -252.35
CA ILE A 330 -78.65 -189.95 -251.45
C ILE A 330 -79.68 -190.15 -250.36
N GLU A 331 -79.30 -189.96 -249.11
CA GLU A 331 -80.24 -189.78 -248.02
C GLU A 331 -80.19 -188.33 -247.55
N TYR A 332 -81.33 -187.69 -247.40
CA TYR A 332 -81.45 -186.41 -246.72
C TYR A 332 -82.09 -186.64 -245.37
N ARG A 333 -81.45 -186.18 -244.30
CA ARG A 333 -82.02 -186.14 -242.97
C ARG A 333 -82.20 -184.69 -242.56
N TRP A 334 -83.42 -184.28 -242.32
CA TRP A 334 -83.66 -183.05 -241.57
C TRP A 334 -83.27 -183.26 -240.10
N GLY A 335 -83.43 -182.26 -239.24
CA GLY A 335 -83.10 -182.41 -237.81
C GLY A 335 -81.60 -182.35 -237.55
N VAL A 336 -80.83 -183.34 -238.02
CA VAL A 336 -79.35 -183.33 -238.02
C VAL A 336 -78.73 -182.55 -239.18
N ASP A 337 -79.53 -182.16 -240.17
CA ASP A 337 -79.08 -181.57 -241.43
C ASP A 337 -77.92 -182.36 -242.05
N GLU A 338 -78.17 -183.60 -242.44
CA GLU A 338 -77.17 -184.44 -243.09
C GLU A 338 -77.68 -184.85 -244.47
N THR A 339 -76.85 -184.64 -245.49
CA THR A 339 -77.02 -185.29 -246.79
C THR A 339 -75.94 -186.34 -246.90
N ILE A 340 -76.33 -187.59 -247.03
CA ILE A 340 -75.40 -188.71 -247.06
C ILE A 340 -75.38 -189.25 -248.47
N LEU A 341 -74.26 -189.12 -249.15
CA LEU A 341 -74.04 -189.63 -250.50
C LEU A 341 -73.45 -191.03 -250.40
N THR A 342 -74.11 -192.05 -250.94
CA THR A 342 -73.40 -193.31 -251.24
C THR A 342 -72.73 -193.14 -252.59
N VAL A 343 -71.47 -193.54 -252.75
CA VAL A 343 -70.70 -193.31 -253.98
C VAL A 343 -70.28 -194.60 -254.65
N VAL A 344 -70.06 -194.55 -255.95
CA VAL A 344 -69.65 -195.66 -256.83
C VAL A 344 -70.74 -196.70 -257.04
N GLU A 345 -71.19 -197.37 -255.98
CA GLU A 345 -72.15 -198.46 -256.04
C GLU A 345 -72.73 -198.72 -254.66
N LYS A 346 -74.05 -198.76 -254.51
CA LYS A 346 -74.70 -199.24 -253.28
C LYS A 346 -74.82 -200.75 -253.30
N ARG A 347 -74.63 -201.41 -252.17
CA ARG A 347 -74.78 -202.85 -251.99
C ARG A 347 -75.45 -203.15 -250.64
N GLY A 348 -76.24 -204.21 -250.54
CA GLY A 348 -77.06 -204.52 -249.37
C GLY A 348 -76.35 -205.32 -248.28
N ASP A 349 -77.09 -205.72 -247.25
CA ASP A 349 -76.64 -206.60 -246.18
C ASP A 349 -77.45 -207.91 -246.17
N VAL A 350 -78.17 -208.24 -245.10
CA VAL A 350 -79.04 -209.42 -245.07
C VAL A 350 -80.14 -209.35 -246.13
N ASP A 351 -80.54 -208.17 -246.57
CA ASP A 351 -81.50 -208.02 -247.65
C ASP A 351 -80.95 -208.43 -249.01
N ASP A 352 -79.63 -208.39 -249.25
CA ASP A 352 -79.07 -208.96 -250.47
C ASP A 352 -79.07 -210.50 -250.43
N ILE A 353 -78.87 -211.10 -249.26
CA ILE A 353 -78.98 -212.55 -249.09
C ILE A 353 -80.43 -212.96 -249.33
N LEU A 354 -81.37 -212.35 -248.61
CA LEU A 354 -82.79 -212.67 -248.73
C LEU A 354 -83.33 -212.39 -250.13
N SER A 355 -82.88 -211.32 -250.79
CA SER A 355 -83.27 -211.05 -252.17
C SER A 355 -82.74 -212.11 -253.14
N GLU A 356 -81.48 -212.52 -253.04
CA GLU A 356 -80.96 -213.58 -253.91
C GLU A 356 -81.69 -214.91 -253.68
N LEU A 357 -81.99 -215.28 -252.44
CA LEU A 357 -82.79 -216.47 -252.14
C LEU A 357 -84.20 -216.34 -252.69
N SER A 358 -84.89 -215.24 -252.40
CA SER A 358 -86.26 -214.98 -252.82
C SER A 358 -86.42 -214.98 -254.33
N GLU A 359 -85.48 -214.35 -255.05
CA GLU A 359 -85.39 -214.39 -256.51
C GLU A 359 -85.20 -215.82 -257.03
N SER A 360 -84.29 -216.57 -256.42
CA SER A 360 -84.03 -217.97 -256.81
C SER A 360 -85.25 -218.84 -256.58
N VAL A 361 -85.90 -218.75 -255.42
CA VAL A 361 -87.10 -219.54 -255.12
C VAL A 361 -88.22 -219.19 -256.08
N GLN A 362 -88.46 -217.91 -256.37
CA GLN A 362 -89.47 -217.50 -257.33
C GLN A 362 -89.19 -218.03 -258.73
N ARG A 363 -87.92 -218.03 -259.18
CA ARG A 363 -87.53 -218.59 -260.49
C ARG A 363 -87.86 -220.06 -260.59
N ILE A 364 -87.63 -220.83 -259.53
CA ILE A 364 -87.92 -222.26 -259.50
C ILE A 364 -89.42 -222.54 -259.31
N GLU A 365 -90.11 -221.79 -258.45
CA GLU A 365 -91.56 -221.88 -258.22
C GLU A 365 -92.34 -221.89 -259.54
N MET A 366 -91.99 -221.00 -260.46
CA MET A 366 -92.68 -220.79 -261.73
C MET A 366 -92.14 -221.64 -262.89
N GLN A 367 -91.22 -222.56 -262.65
CA GLN A 367 -90.41 -223.15 -263.72
C GLN A 367 -91.20 -223.92 -264.76
N GLY A 368 -92.26 -224.63 -264.36
CA GLY A 368 -93.08 -225.42 -265.29
C GLY A 368 -94.24 -224.67 -265.95
N ALA A 369 -94.57 -223.45 -265.50
CA ALA A 369 -95.79 -222.77 -265.88
C ALA A 369 -95.87 -222.48 -267.38
N ASN A 370 -96.94 -222.93 -268.05
CA ASN A 370 -97.19 -222.55 -269.42
C ASN A 370 -97.65 -221.10 -269.46
N ARG A 371 -96.86 -220.21 -270.08
CA ARG A 371 -97.15 -218.77 -270.09
C ARG A 371 -98.15 -218.34 -271.14
N ASP A 372 -98.46 -219.21 -272.10
CA ASP A 372 -99.58 -219.07 -273.02
C ASP A 372 -100.83 -219.85 -272.57
N ALA A 373 -100.86 -220.33 -271.33
CA ALA A 373 -102.01 -221.06 -270.79
C ALA A 373 -103.33 -220.27 -270.89
N PRO A 374 -104.48 -220.96 -271.04
CA PRO A 374 -105.79 -220.35 -270.84
C PRO A 374 -105.84 -219.62 -269.51
N LYS A 375 -106.51 -218.47 -269.48
CA LYS A 375 -106.44 -217.52 -268.38
C LYS A 375 -107.83 -217.12 -267.93
N ASN A 376 -108.01 -216.91 -266.63
CA ASN A 376 -109.31 -216.66 -266.01
C ASN A 376 -109.19 -215.51 -265.02
N ARG A 377 -110.29 -214.87 -264.62
CA ARG A 377 -110.22 -213.70 -263.72
C ARG A 377 -111.27 -213.74 -262.63
N ILE A 378 -110.88 -213.40 -261.40
CA ILE A 378 -111.76 -213.24 -260.25
C ILE A 378 -111.70 -211.81 -259.76
N THR A 379 -112.82 -211.10 -259.69
CA THR A 379 -112.83 -209.72 -259.19
C THR A 379 -113.14 -209.71 -257.71
N THR A 380 -112.24 -209.14 -256.90
CA THR A 380 -112.44 -208.96 -255.47
C THR A 380 -113.14 -207.63 -255.23
N THR A 381 -114.32 -207.65 -254.60
CA THR A 381 -115.17 -206.48 -254.36
C THR A 381 -115.75 -206.52 -252.95
N ASN A 382 -116.11 -205.37 -252.39
CA ASN A 382 -116.37 -205.23 -250.97
C ASN A 382 -117.34 -204.08 -250.70
N ALA A 383 -118.45 -204.34 -250.01
CA ALA A 383 -119.36 -203.32 -249.50
C ALA A 383 -119.88 -203.69 -248.12
N ALA A 384 -120.35 -202.71 -247.36
CA ALA A 384 -120.89 -202.96 -246.04
C ALA A 384 -122.10 -202.09 -245.72
N ALA A 385 -123.07 -202.67 -245.03
CA ALA A 385 -124.14 -201.94 -244.38
C ALA A 385 -123.79 -201.71 -242.92
N ILE A 386 -123.76 -200.44 -242.52
CA ILE A 386 -123.88 -200.05 -241.11
C ILE A 386 -125.32 -200.25 -240.71
N VAL A 387 -125.59 -200.86 -239.57
CA VAL A 387 -126.87 -200.77 -238.88
C VAL A 387 -126.68 -200.11 -237.52
N SER A 388 -127.24 -198.91 -237.38
CA SER A 388 -127.20 -198.09 -236.18
C SER A 388 -128.39 -198.44 -235.28
N VAL A 389 -128.10 -199.05 -234.14
CA VAL A 389 -129.07 -199.20 -233.05
C VAL A 389 -129.17 -197.88 -232.31
N ASP A 390 -130.37 -197.46 -231.91
CA ASP A 390 -130.56 -196.60 -230.73
C ASP A 390 -131.80 -197.04 -229.94
N VAL A 391 -131.66 -197.07 -228.61
CA VAL A 391 -132.71 -197.49 -227.68
C VAL A 391 -133.17 -196.31 -226.83
N ASP A 392 -134.47 -196.11 -226.77
CA ASP A 392 -135.14 -195.12 -225.91
C ASP A 392 -136.09 -195.85 -224.97
N ALA A 393 -135.90 -195.71 -223.66
CA ALA A 393 -136.80 -196.27 -222.66
C ALA A 393 -137.44 -195.15 -221.84
N GLY A 394 -138.76 -194.98 -221.94
CA GLY A 394 -139.48 -193.96 -221.18
C GLY A 394 -139.01 -192.52 -221.42
N GLY A 395 -138.41 -192.22 -222.56
CA GLY A 395 -137.80 -190.92 -222.86
C GLY A 395 -136.35 -190.77 -222.39
N THR A 396 -135.72 -191.84 -221.89
CA THR A 396 -134.27 -191.87 -221.58
C THR A 396 -133.54 -192.70 -222.63
N SER A 397 -132.57 -192.11 -223.33
CA SER A 397 -131.73 -192.85 -224.27
C SER A 397 -130.74 -193.76 -223.52
N ALA A 398 -130.48 -194.95 -224.04
CA ALA A 398 -129.41 -195.80 -223.53
C ALA A 398 -128.03 -195.14 -223.69
N ASP A 399 -127.13 -195.38 -222.75
CA ASP A 399 -125.80 -194.78 -222.69
C ASP A 399 -124.74 -195.55 -223.49
N ALA A 400 -124.96 -196.83 -223.74
CA ALA A 400 -124.14 -197.68 -224.60
C ALA A 400 -125.02 -198.75 -225.26
N ASP A 401 -124.64 -199.22 -226.45
CA ASP A 401 -125.36 -200.23 -227.22
C ASP A 401 -124.41 -201.15 -228.00
N ARG A 402 -124.93 -202.30 -228.44
CA ARG A 402 -124.29 -203.26 -229.33
C ARG A 402 -125.33 -203.85 -230.27
N PHE A 403 -124.96 -204.07 -231.53
CA PHE A 403 -125.60 -205.01 -232.45
C PHE A 403 -124.77 -206.29 -232.44
N VAL A 404 -125.21 -207.31 -231.70
CA VAL A 404 -124.32 -208.40 -231.27
C VAL A 404 -123.97 -209.35 -232.41
N ASN A 405 -122.98 -210.21 -232.22
CA ASN A 405 -122.54 -211.16 -233.23
C ASN A 405 -123.64 -212.12 -233.66
N ASP A 406 -124.57 -212.49 -232.78
CA ASP A 406 -125.75 -213.25 -233.19
C ASP A 406 -126.69 -212.44 -234.10
N GLY A 407 -126.82 -211.14 -233.89
CA GLY A 407 -127.55 -210.25 -234.80
C GLY A 407 -126.85 -210.09 -236.14
N ARG A 408 -125.54 -209.84 -236.14
CA ARG A 408 -124.72 -209.78 -237.35
C ARG A 408 -124.82 -211.09 -238.13
N ASN A 409 -124.74 -212.24 -237.46
CA ASN A 409 -124.90 -213.54 -238.10
C ASN A 409 -126.34 -213.83 -238.52
N ALA A 410 -127.36 -213.37 -237.82
CA ALA A 410 -128.74 -213.51 -238.28
C ALA A 410 -128.97 -212.78 -239.60
N VAL A 411 -128.43 -211.57 -239.76
CA VAL A 411 -128.49 -210.84 -241.04
C VAL A 411 -127.64 -211.51 -242.10
N ARG A 412 -126.42 -211.96 -241.78
CA ARG A 412 -125.57 -212.72 -242.69
C ARG A 412 -126.29 -213.94 -243.24
N ASP A 413 -126.81 -214.77 -242.36
CA ASP A 413 -127.48 -216.02 -242.73
C ASP A 413 -128.75 -215.74 -243.55
N ALA A 414 -129.54 -214.72 -243.20
CA ALA A 414 -130.67 -214.31 -244.01
C ALA A 414 -130.26 -213.81 -245.41
N TRP A 415 -129.14 -213.10 -245.54
CA TRP A 415 -128.63 -212.63 -246.83
C TRP A 415 -128.21 -213.79 -247.74
N THR A 416 -127.78 -214.92 -247.19
CA THR A 416 -127.56 -216.16 -247.96
C THR A 416 -128.85 -216.85 -248.41
N GLY A 417 -130.02 -216.41 -247.96
CA GLY A 417 -131.31 -217.04 -248.24
C GLY A 417 -131.80 -218.03 -247.19
N ALA A 418 -131.15 -218.14 -246.03
CA ALA A 418 -131.54 -219.06 -244.97
C ALA A 418 -132.77 -218.65 -244.13
N GLY A 419 -133.53 -217.64 -244.57
CA GLY A 419 -134.70 -217.11 -243.88
C GLY A 419 -134.38 -215.99 -242.88
N ASN A 420 -135.35 -215.12 -242.62
CA ASN A 420 -135.19 -213.91 -241.83
C ASN A 420 -135.10 -214.15 -240.31
N PRO A 421 -134.50 -213.24 -239.53
CA PRO A 421 -134.73 -213.15 -238.10
C PRO A 421 -136.19 -212.79 -237.81
N ASP A 422 -136.84 -213.54 -236.93
CA ASP A 422 -138.23 -213.29 -236.52
C ASP A 422 -138.26 -212.48 -235.21
N ILE A 423 -138.05 -211.17 -235.27
CA ILE A 423 -137.98 -210.29 -234.10
C ILE A 423 -139.34 -210.26 -233.40
N ALA A 424 -139.36 -210.50 -232.09
CA ALA A 424 -140.59 -210.81 -231.37
C ALA A 424 -140.72 -210.15 -230.00
N ASN A 425 -139.64 -210.02 -229.24
CA ASN A 425 -139.68 -209.50 -227.87
C ASN A 425 -138.73 -208.32 -227.69
N ILE A 426 -139.13 -207.37 -226.85
CA ILE A 426 -138.19 -206.52 -226.13
C ILE A 426 -138.02 -207.15 -224.76
N VAL A 427 -136.78 -207.42 -224.37
CA VAL A 427 -136.43 -208.03 -223.10
C VAL A 427 -135.63 -207.03 -222.29
N VAL A 428 -135.85 -207.00 -220.98
CA VAL A 428 -135.19 -206.07 -220.08
C VAL A 428 -134.61 -206.79 -218.88
N GLY A 429 -133.54 -206.24 -218.33
CA GLY A 429 -132.80 -206.88 -217.25
C GLY A 429 -132.17 -205.89 -216.28
N ASP A 430 -131.52 -206.46 -215.27
CA ASP A 430 -131.06 -205.78 -214.06
C ASP A 430 -129.55 -205.98 -213.87
N ASP A 431 -128.78 -205.86 -214.96
CA ASP A 431 -127.32 -205.95 -214.99
C ASP A 431 -126.74 -205.19 -216.18
N ASN A 432 -126.12 -204.03 -215.98
CA ASN A 432 -125.48 -203.28 -217.07
C ASN A 432 -124.06 -203.74 -217.42
N SER A 433 -123.52 -204.79 -216.79
CA SER A 433 -122.11 -205.15 -216.97
C SER A 433 -121.83 -205.88 -218.30
N GLY A 434 -120.59 -205.81 -218.75
CA GLY A 434 -120.07 -206.68 -219.80
C GLY A 434 -120.73 -206.55 -221.17
N LEU A 435 -121.03 -205.35 -221.67
CA LEU A 435 -121.45 -205.19 -223.07
C LEU A 435 -120.35 -205.68 -224.00
N SER A 436 -120.74 -206.43 -225.03
CA SER A 436 -119.82 -206.79 -226.09
C SER A 436 -120.59 -207.19 -227.34
N ARG A 437 -119.89 -207.26 -228.46
CA ARG A 437 -120.37 -208.02 -229.61
C ARG A 437 -120.70 -209.46 -229.24
N THR A 438 -120.06 -210.04 -228.24
CA THR A 438 -120.19 -211.46 -227.91
C THR A 438 -121.42 -211.78 -227.06
N ASN A 439 -122.19 -210.81 -226.59
CA ASN A 439 -123.36 -211.07 -225.75
C ASN A 439 -124.41 -211.87 -226.53
N THR A 440 -124.73 -213.08 -226.07
CA THR A 440 -125.79 -213.93 -226.65
C THR A 440 -127.11 -213.84 -225.86
N THR A 441 -127.12 -213.10 -224.75
CA THR A 441 -128.20 -213.02 -223.77
C THR A 441 -128.08 -211.72 -222.99
N LEU A 442 -129.14 -211.26 -222.33
CA LEU A 442 -129.02 -210.26 -221.26
C LEU A 442 -128.20 -210.82 -220.08
N GLY A 443 -127.61 -209.93 -219.28
CA GLY A 443 -126.86 -210.31 -218.08
C GLY A 443 -127.76 -210.90 -217.00
N ASN A 444 -128.94 -210.31 -216.79
CA ASN A 444 -129.94 -210.77 -215.83
C ASN A 444 -131.35 -210.37 -216.28
N GLN A 445 -131.92 -211.12 -217.23
CA GLN A 445 -133.27 -210.86 -217.74
C GLN A 445 -134.29 -210.91 -216.61
N THR A 446 -135.21 -209.95 -216.64
CA THR A 446 -136.16 -209.66 -215.57
C THR A 446 -137.60 -209.58 -216.10
N ASP A 447 -137.82 -209.09 -217.33
CA ASP A 447 -139.13 -209.12 -217.98
C ASP A 447 -139.02 -209.15 -219.52
N SER A 448 -140.07 -209.56 -220.20
CA SER A 448 -140.19 -209.61 -221.67
C SER A 448 -141.58 -209.14 -222.12
N VAL A 449 -141.67 -208.40 -223.22
CA VAL A 449 -142.95 -208.02 -223.84
C VAL A 449 -142.89 -208.14 -225.36
N SER A 450 -144.01 -208.52 -225.97
CA SER A 450 -144.11 -208.65 -227.43
C SER A 450 -144.02 -207.29 -228.11
N VAL A 451 -143.23 -207.19 -229.18
CA VAL A 451 -143.04 -205.93 -229.91
C VAL A 451 -144.22 -205.58 -230.79
N THR A 452 -144.41 -204.28 -231.02
CA THR A 452 -145.11 -203.75 -232.19
C THR A 452 -144.06 -203.22 -233.17
N GLU A 453 -144.26 -203.44 -234.45
CA GLU A 453 -143.33 -203.06 -235.50
C GLU A 453 -143.85 -201.86 -236.29
N SER A 454 -142.98 -200.89 -236.56
CA SER A 454 -143.26 -199.73 -237.38
C SER A 454 -142.11 -199.46 -238.35
N LEU A 455 -142.40 -198.93 -239.54
CA LEU A 455 -141.41 -198.67 -240.58
C LEU A 455 -141.51 -197.21 -241.02
N PRO A 456 -140.92 -196.26 -240.29
CA PRO A 456 -141.14 -194.82 -240.49
C PRO A 456 -140.79 -194.30 -241.89
N SER A 457 -139.84 -194.96 -242.54
CA SER A 457 -139.22 -194.58 -243.81
C SER A 457 -138.54 -195.82 -244.38
N ALA A 458 -138.17 -195.83 -245.66
CA ALA A 458 -137.11 -196.70 -246.13
C ALA A 458 -135.85 -196.52 -245.25
N LYS A 459 -134.98 -197.54 -245.20
CA LYS A 459 -133.74 -197.55 -244.40
C LYS A 459 -133.93 -197.53 -242.87
N VAL A 460 -135.13 -197.63 -242.30
CA VAL A 460 -135.34 -197.72 -240.84
C VAL A 460 -136.49 -198.65 -240.40
N VAL A 461 -136.35 -199.27 -239.22
CA VAL A 461 -137.39 -199.98 -238.46
C VAL A 461 -137.46 -199.43 -237.04
N GLU A 462 -138.65 -199.32 -236.47
CA GLU A 462 -138.85 -199.17 -235.03
C GLU A 462 -139.60 -200.37 -234.45
N TYR A 463 -139.06 -200.97 -233.41
CA TYR A 463 -139.76 -201.93 -232.56
C TYR A 463 -140.08 -201.29 -231.23
N SER A 464 -141.32 -201.35 -230.77
CA SER A 464 -141.66 -200.74 -229.47
C SER A 464 -142.77 -201.49 -228.73
N ALA A 465 -142.76 -201.37 -227.41
CA ALA A 465 -143.70 -202.01 -226.51
C ALA A 465 -143.90 -201.16 -225.25
N THR A 466 -145.06 -201.28 -224.60
CA THR A 466 -145.33 -200.65 -223.30
C THR A 466 -144.97 -201.61 -222.17
N LEU A 467 -144.28 -201.13 -221.14
CA LEU A 467 -143.64 -201.99 -220.15
C LEU A 467 -143.71 -201.39 -218.73
N THR A 468 -143.71 -202.25 -217.72
CA THR A 468 -143.68 -201.88 -216.29
C THR A 468 -142.69 -202.74 -215.55
N GLN A 469 -141.56 -202.16 -215.14
CA GLN A 469 -140.49 -202.85 -214.43
C GLN A 469 -139.59 -201.82 -213.75
N SER A 470 -139.35 -201.98 -212.45
CA SER A 470 -138.40 -201.15 -211.71
C SER A 470 -136.96 -201.59 -211.96
N GLY A 471 -136.02 -200.65 -211.89
CA GLY A 471 -134.59 -200.95 -211.87
C GLY A 471 -134.04 -201.56 -213.16
N VAL A 472 -134.56 -201.17 -214.33
CA VAL A 472 -134.02 -201.63 -215.62
C VAL A 472 -132.64 -201.04 -215.84
N GLU A 473 -131.66 -201.91 -216.03
CA GLU A 473 -130.27 -201.58 -216.30
C GLU A 473 -129.89 -201.81 -217.76
N GLU A 474 -130.55 -202.76 -218.41
CA GLU A 474 -130.22 -203.27 -219.73
C GLU A 474 -131.48 -203.65 -220.51
N ILE A 475 -131.43 -203.55 -221.84
CA ILE A 475 -132.54 -203.82 -222.77
C ILE A 475 -132.00 -204.49 -224.01
N GLY A 476 -132.74 -205.39 -224.64
CA GLY A 476 -132.37 -205.96 -225.93
C GLY A 476 -133.56 -206.37 -226.79
N LEU A 477 -133.39 -206.42 -228.11
CA LEU A 477 -134.31 -207.12 -229.00
C LEU A 477 -134.00 -208.60 -229.05
N GLU A 478 -135.04 -209.42 -229.00
CA GLU A 478 -134.95 -210.87 -229.07
C GLU A 478 -135.95 -211.43 -230.09
N THR A 479 -135.54 -212.44 -230.83
CA THR A 479 -136.36 -213.17 -231.80
C THR A 479 -137.18 -214.28 -231.14
N SER A 480 -138.19 -214.79 -231.84
CA SER A 480 -138.99 -215.94 -231.39
C SER A 480 -138.14 -217.17 -231.05
N THR A 481 -137.03 -217.38 -231.77
CA THR A 481 -136.09 -218.48 -231.54
C THR A 481 -135.08 -218.21 -230.42
N GLY A 482 -135.21 -217.08 -229.71
CA GLY A 482 -134.38 -216.72 -228.56
C GLY A 482 -133.05 -216.03 -228.92
N THR A 483 -132.73 -215.85 -230.19
CA THR A 483 -131.54 -215.10 -230.61
C THR A 483 -131.70 -213.61 -230.31
N LEU A 484 -130.70 -213.03 -229.65
CA LEU A 484 -130.63 -211.62 -229.28
C LEU A 484 -130.00 -210.79 -230.42
N LEU A 485 -130.66 -209.75 -230.92
CA LEU A 485 -130.08 -208.86 -231.93
C LEU A 485 -129.25 -207.74 -231.33
N THR A 486 -129.70 -207.17 -230.22
CA THR A 486 -129.07 -206.00 -229.62
C THR A 486 -129.02 -206.11 -228.11
N ARG A 487 -128.09 -205.41 -227.49
CA ARG A 487 -128.11 -205.12 -226.07
C ARG A 487 -127.75 -203.66 -225.89
N ALA A 488 -128.40 -202.97 -224.99
CA ALA A 488 -128.13 -201.58 -224.65
C ALA A 488 -128.29 -201.38 -223.14
N THR A 489 -127.64 -200.39 -222.56
CA THR A 489 -127.59 -200.23 -221.11
C THR A 489 -127.61 -198.78 -220.66
N PHE A 490 -127.88 -198.57 -219.38
CA PHE A 490 -127.91 -197.25 -218.74
C PHE A 490 -126.84 -197.13 -217.67
N GLU A 491 -126.30 -195.92 -217.47
CA GLU A 491 -125.38 -195.61 -216.36
C GLU A 491 -126.08 -195.65 -215.00
N THR A 492 -127.40 -195.42 -214.96
CA THR A 492 -128.23 -195.48 -213.76
C THR A 492 -129.52 -196.26 -214.03
N PRO A 493 -130.00 -197.11 -213.12
CA PRO A 493 -131.25 -197.85 -213.30
C PRO A 493 -132.43 -196.94 -213.67
N VAL A 494 -133.26 -197.39 -214.60
CA VAL A 494 -134.49 -196.71 -215.04
C VAL A 494 -135.69 -197.44 -214.46
N ASP A 495 -136.65 -196.72 -213.88
CA ASP A 495 -137.94 -197.29 -213.49
C ASP A 495 -138.98 -197.03 -214.58
N LEU A 496 -139.53 -198.10 -215.16
CA LEU A 496 -140.57 -198.03 -216.17
C LEU A 496 -141.92 -198.33 -215.54
N SER A 497 -142.94 -197.52 -215.79
CA SER A 497 -144.29 -197.77 -215.33
C SER A 497 -145.30 -197.32 -216.37
N SER A 498 -145.84 -198.29 -217.13
CA SER A 498 -146.60 -198.06 -218.38
C SER A 498 -145.85 -197.19 -219.40
N ASP A 499 -144.51 -197.21 -219.34
CA ASP A 499 -143.64 -196.46 -220.24
C ASP A 499 -143.34 -197.22 -221.52
N THR A 500 -143.21 -196.51 -222.63
CA THR A 500 -142.82 -197.12 -223.91
C THR A 500 -141.32 -197.35 -223.94
N VAL A 501 -140.90 -198.54 -224.34
CA VAL A 501 -139.53 -198.81 -224.79
C VAL A 501 -139.54 -198.89 -226.32
N THR A 502 -138.62 -198.20 -226.98
CA THR A 502 -138.44 -198.24 -228.43
C THR A 502 -137.01 -198.61 -228.79
N VAL A 503 -136.84 -199.58 -229.67
CA VAL A 503 -135.56 -199.90 -230.30
C VAL A 503 -135.64 -199.53 -231.77
N THR A 504 -134.79 -198.62 -232.22
CA THR A 504 -134.74 -198.15 -233.60
C THR A 504 -133.53 -198.77 -234.28
N LEU A 505 -133.72 -199.39 -235.44
CA LEU A 505 -132.64 -199.92 -236.26
C LEU A 505 -132.60 -199.15 -237.57
N THR A 506 -131.55 -198.38 -237.81
CA THR A 506 -131.35 -197.58 -239.03
C THR A 506 -130.24 -198.17 -239.86
N VAL A 507 -130.44 -198.35 -241.16
CA VAL A 507 -129.44 -198.92 -242.07
C VAL A 507 -128.80 -197.82 -242.92
N SER A 508 -127.48 -197.89 -243.10
CA SER A 508 -126.70 -196.90 -243.87
C SER A 508 -125.59 -197.58 -244.65
N ASN A 509 -125.15 -197.01 -245.77
CA ASN A 509 -123.89 -197.41 -246.39
C ASN A 509 -122.72 -197.12 -245.44
N ASP A 510 -121.70 -197.97 -245.43
CA ASP A 510 -120.43 -197.66 -244.79
C ASP A 510 -119.54 -196.84 -245.73
N ASP A 511 -119.54 -195.52 -245.57
CA ASP A 511 -118.79 -194.62 -246.44
C ASP A 511 -117.26 -194.75 -246.32
N SER A 512 -116.75 -195.57 -245.40
CA SER A 512 -115.31 -195.85 -245.32
C SER A 512 -114.83 -196.81 -246.40
N VAL A 513 -115.71 -197.61 -247.01
CA VAL A 513 -115.30 -198.48 -248.12
C VAL A 513 -115.07 -197.64 -249.38
N SER A 514 -114.00 -197.94 -250.11
CA SER A 514 -113.59 -197.18 -251.30
C SER A 514 -114.14 -197.84 -252.56
N ARG A 515 -114.73 -197.05 -253.46
CA ARG A 515 -115.18 -197.45 -254.82
C ARG A 515 -116.20 -198.58 -254.90
N GLY A 516 -116.83 -198.90 -253.78
CA GLY A 516 -118.01 -199.76 -253.68
C GLY A 516 -119.08 -199.08 -252.85
N VAL A 517 -120.35 -199.44 -253.05
CA VAL A 517 -121.46 -198.87 -252.28
C VAL A 517 -122.60 -199.86 -252.15
N MET A 518 -123.29 -199.93 -251.00
CA MET A 518 -124.64 -200.47 -250.96
C MET A 518 -125.63 -199.41 -251.42
N THR A 519 -126.43 -199.71 -252.43
CA THR A 519 -127.42 -198.79 -252.99
C THR A 519 -128.56 -198.54 -252.00
N ASN A 520 -129.41 -197.54 -252.23
CA ASN A 520 -130.60 -197.33 -251.40
C ASN A 520 -131.51 -198.57 -251.40
N ASP A 521 -131.62 -199.26 -252.52
CA ASP A 521 -132.37 -200.51 -252.61
C ASP A 521 -131.68 -201.63 -251.82
N GLY A 522 -130.36 -201.74 -251.88
CA GLY A 522 -129.62 -202.69 -251.07
C GLY A 522 -129.75 -202.44 -249.57
N GLN A 523 -129.68 -201.19 -249.14
CA GLN A 523 -129.91 -200.83 -247.75
C GLN A 523 -131.37 -201.07 -247.34
N THR A 524 -132.32 -200.84 -248.23
CA THR A 524 -133.72 -201.21 -247.99
C THR A 524 -133.89 -202.73 -247.88
N ALA A 525 -133.18 -203.52 -248.69
CA ALA A 525 -133.22 -204.97 -248.57
C ALA A 525 -132.65 -205.44 -247.22
N VAL A 526 -131.57 -204.84 -246.72
CA VAL A 526 -131.05 -205.13 -245.37
C VAL A 526 -132.06 -204.74 -244.29
N ARG A 527 -132.75 -203.61 -244.43
CA ARG A 527 -133.85 -203.23 -243.54
C ARG A 527 -134.97 -204.27 -243.56
N ASP A 528 -135.37 -204.71 -244.75
CA ASP A 528 -136.37 -205.76 -244.95
C ASP A 528 -135.89 -207.16 -244.53
N VAL A 529 -134.62 -207.34 -244.15
CA VAL A 529 -134.17 -208.55 -243.46
C VAL A 529 -134.58 -208.49 -241.99
N LEU A 530 -134.37 -207.34 -241.32
CA LEU A 530 -134.71 -207.12 -239.91
C LEU A 530 -136.22 -207.20 -239.69
N ALA A 531 -136.98 -206.32 -240.34
CA ALA A 531 -138.43 -206.44 -240.42
C ALA A 531 -138.75 -207.27 -241.66
N ASP A 532 -139.35 -208.44 -241.53
CA ASP A 532 -139.39 -209.44 -242.62
C ASP A 532 -140.38 -209.16 -243.77
N ASN A 533 -140.39 -207.94 -244.29
CA ASN A 533 -141.20 -207.47 -245.41
C ASN A 533 -140.67 -207.94 -246.79
N SER A 534 -140.48 -209.25 -246.95
CA SER A 534 -140.10 -209.90 -248.22
C SER A 534 -138.92 -209.21 -248.91
N PRO A 535 -137.71 -209.25 -248.32
CA PRO A 535 -136.56 -208.56 -248.84
C PRO A 535 -136.17 -209.07 -250.23
N THR A 536 -135.68 -208.18 -251.08
CA THR A 536 -135.14 -208.52 -252.40
C THR A 536 -133.71 -209.06 -252.26
N LEU A 537 -133.55 -210.19 -251.58
CA LEU A 537 -132.25 -210.83 -251.30
C LEU A 537 -131.43 -211.05 -252.57
N PRO A 538 -130.09 -211.11 -252.51
CA PRO A 538 -129.27 -211.38 -253.69
C PRO A 538 -129.69 -212.62 -254.47
N THR A 539 -129.89 -212.49 -255.78
CA THR A 539 -130.18 -213.61 -256.68
C THR A 539 -129.38 -213.56 -257.97
N ASP A 540 -128.73 -212.45 -258.27
CA ASP A 540 -128.04 -212.21 -259.54
C ASP A 540 -126.78 -211.38 -259.32
N TYR A 541 -125.89 -211.43 -260.30
CA TYR A 541 -124.71 -210.58 -260.36
C TYR A 541 -124.58 -210.01 -261.76
N GLY A 542 -124.18 -208.76 -261.89
CA GLY A 542 -124.01 -208.09 -263.18
C GLY A 542 -122.63 -207.48 -263.34
N TYR A 543 -122.17 -207.39 -264.58
CA TYR A 543 -120.99 -206.63 -264.98
C TYR A 543 -121.36 -205.59 -266.04
N GLY A 544 -120.74 -204.42 -266.01
CA GLY A 544 -120.97 -203.32 -266.95
C GLY A 544 -119.68 -202.60 -267.33
N ASP A 545 -119.78 -201.50 -268.06
CA ASP A 545 -118.59 -200.75 -268.49
C ASP A 545 -118.60 -199.24 -268.26
N ASP A 546 -119.64 -198.64 -267.66
CA ASP A 546 -119.60 -197.24 -267.24
C ASP A 546 -118.72 -197.06 -265.99
N SER A 547 -117.69 -196.21 -266.08
CA SER A 547 -116.74 -195.96 -264.99
C SER A 547 -117.17 -194.86 -264.01
N THR A 548 -118.30 -194.17 -264.23
CA THR A 548 -118.74 -193.05 -263.38
C THR A 548 -118.94 -193.49 -261.93
N ALA A 549 -118.45 -192.68 -261.00
CA ALA A 549 -118.29 -193.06 -259.60
C ALA A 549 -119.58 -193.53 -258.93
N VAL A 550 -119.45 -194.42 -257.97
CA VAL A 550 -120.56 -195.03 -257.23
C VAL A 550 -121.27 -194.04 -256.31
N ALA A 551 -122.57 -194.20 -256.13
CA ALA A 551 -123.38 -193.45 -255.17
C ALA A 551 -124.54 -194.32 -254.66
N GLU A 552 -125.09 -194.00 -253.48
CA GLU A 552 -126.24 -194.72 -252.93
C GLU A 552 -127.43 -194.74 -253.90
N THR A 553 -127.61 -193.67 -254.67
CA THR A 553 -128.75 -193.48 -255.59
C THR A 553 -128.62 -194.25 -256.90
N ASP A 554 -127.56 -195.04 -257.12
CA ASP A 554 -127.42 -195.86 -258.32
C ASP A 554 -128.51 -196.94 -258.39
N THR A 555 -129.39 -196.83 -259.38
CA THR A 555 -130.54 -197.73 -259.58
C THR A 555 -130.18 -198.99 -260.35
N THR A 556 -129.20 -198.91 -261.24
CA THR A 556 -128.78 -199.99 -262.14
C THR A 556 -127.33 -199.78 -262.61
N LEU A 557 -126.70 -200.83 -263.13
CA LEU A 557 -125.38 -200.74 -263.75
C LEU A 557 -125.46 -199.84 -264.99
N GLY A 558 -124.48 -198.96 -265.18
CA GLY A 558 -124.42 -198.08 -266.34
C GLY A 558 -123.93 -198.85 -267.56
N ASN A 559 -124.83 -199.18 -268.48
CA ASN A 559 -124.57 -200.12 -269.57
C ASN A 559 -124.07 -201.48 -269.05
N GLU A 560 -125.00 -202.32 -268.57
CA GLU A 560 -124.69 -203.69 -268.19
C GLU A 560 -124.36 -204.55 -269.42
N LEU A 561 -123.22 -205.25 -269.37
CA LEU A 561 -122.74 -206.12 -270.43
C LEU A 561 -123.30 -207.54 -270.30
N ALA A 562 -123.28 -208.10 -269.10
CA ALA A 562 -123.74 -209.46 -268.82
C ALA A 562 -124.26 -209.61 -267.40
N ASN A 563 -125.14 -210.58 -267.22
CA ASN A 563 -125.84 -210.88 -265.99
C ASN A 563 -125.88 -212.40 -265.80
N THR A 564 -125.61 -212.91 -264.60
CA THR A 564 -125.82 -214.33 -264.29
C THR A 564 -126.42 -214.54 -262.91
N SER A 565 -127.14 -215.63 -262.76
CA SER A 565 -127.76 -216.03 -261.49
C SER A 565 -126.70 -216.40 -260.47
N LEU A 566 -127.06 -216.28 -259.19
CA LEU A 566 -126.39 -216.97 -258.09
C LEU A 566 -127.38 -217.75 -257.21
N GLU A 567 -128.55 -218.07 -257.77
CA GLU A 567 -129.44 -219.15 -257.31
C GLU A 567 -129.08 -220.50 -257.97
N GLU A 568 -128.73 -220.48 -259.26
CA GLU A 568 -128.25 -221.62 -260.03
C GLU A 568 -126.82 -221.36 -260.52
N ILE A 569 -125.96 -222.37 -260.55
CA ILE A 569 -124.68 -222.28 -261.27
C ILE A 569 -124.56 -223.40 -262.30
N LEU A 570 -123.98 -223.04 -263.45
CA LEU A 570 -123.70 -223.94 -264.57
C LEU A 570 -122.53 -224.85 -264.21
N ILE A 571 -122.82 -226.07 -263.75
CA ILE A 571 -121.79 -227.04 -263.31
C ILE A 571 -121.17 -227.82 -264.47
N GLN A 572 -121.84 -227.92 -265.62
CA GLN A 572 -121.25 -228.50 -266.83
C GLN A 572 -121.85 -227.89 -268.10
N SER A 573 -121.06 -227.82 -269.16
CA SER A 573 -121.55 -227.48 -270.50
C SER A 573 -120.63 -227.98 -271.60
N ALA A 574 -121.15 -228.08 -272.83
CA ALA A 574 -120.35 -228.26 -274.03
C ALA A 574 -121.05 -227.64 -275.24
N SER A 575 -120.26 -227.11 -276.17
CA SER A 575 -120.77 -226.44 -277.38
C SER A 575 -119.76 -226.45 -278.54
N SER A 576 -118.70 -227.25 -278.41
CA SER A 576 -117.53 -227.27 -279.30
C SER A 576 -116.80 -228.60 -279.15
N VAL A 577 -115.97 -228.94 -280.13
CA VAL A 577 -115.32 -230.26 -280.20
C VAL A 577 -114.47 -230.56 -278.97
N SER A 578 -113.64 -229.62 -278.53
CA SER A 578 -112.77 -229.80 -277.35
C SER A 578 -113.55 -229.93 -276.05
N ALA A 579 -114.68 -229.23 -275.90
CA ALA A 579 -115.53 -229.36 -274.72
C ALA A 579 -116.24 -230.71 -274.70
N TRP A 580 -116.83 -231.15 -275.82
CA TRP A 580 -117.44 -232.47 -275.92
C TRP A 580 -116.43 -233.58 -275.67
N ASN A 581 -115.24 -233.53 -276.26
CA ASN A 581 -114.17 -234.50 -275.99
C ASN A 581 -113.75 -234.53 -274.52
N THR A 582 -113.95 -233.44 -273.78
CA THR A 582 -113.66 -233.38 -272.34
C THR A 582 -114.75 -234.05 -271.53
N ILE A 583 -116.02 -233.73 -271.76
CA ILE A 583 -117.13 -234.25 -270.94
C ILE A 583 -117.62 -235.65 -271.34
N LEU A 584 -117.30 -236.14 -272.54
CA LEU A 584 -117.53 -237.54 -272.91
C LEU A 584 -116.54 -238.52 -272.26
N GLY A 585 -115.43 -238.01 -271.72
CA GLY A 585 -114.33 -238.84 -271.24
C GLY A 585 -113.60 -239.58 -272.37
N THR A 586 -112.83 -240.61 -272.03
CA THR A 586 -112.04 -241.40 -272.98
C THR A 586 -112.87 -242.45 -273.70
N LEU A 587 -113.70 -242.01 -274.65
CA LEU A 587 -114.30 -242.91 -275.65
C LEU A 587 -113.20 -243.54 -276.51
N ALA A 588 -113.31 -244.84 -276.78
CA ALA A 588 -112.39 -245.54 -277.66
C ALA A 588 -112.53 -245.06 -279.12
N SER A 589 -111.44 -245.13 -279.89
CA SER A 589 -111.40 -244.70 -281.29
C SER A 589 -112.38 -245.47 -282.20
N THR A 590 -112.79 -246.66 -281.77
CA THR A 590 -113.77 -247.54 -282.42
C THR A 590 -115.22 -247.28 -282.01
N TYR A 591 -115.49 -246.42 -281.02
CA TYR A 591 -116.86 -246.19 -280.57
C TYR A 591 -117.67 -245.41 -281.62
N PRO A 592 -118.91 -245.81 -281.97
CA PRO A 592 -119.65 -245.24 -283.10
C PRO A 592 -120.32 -243.90 -282.77
N LEU A 593 -119.56 -242.92 -282.30
CA LEU A 593 -120.01 -241.58 -281.91
C LEU A 593 -119.14 -240.54 -282.61
N VAL A 594 -119.76 -239.54 -283.22
CA VAL A 594 -119.10 -238.46 -283.95
C VAL A 594 -119.19 -237.17 -283.14
N VAL A 595 -118.06 -236.54 -282.89
CA VAL A 595 -117.96 -235.21 -282.28
C VAL A 595 -117.59 -234.20 -283.35
N SER A 596 -118.32 -233.09 -283.44
CA SER A 596 -118.24 -232.15 -284.57
C SER A 596 -118.58 -230.73 -284.15
N SER A 597 -118.26 -229.75 -284.99
CA SER A 597 -118.65 -228.35 -284.76
C SER A 597 -120.16 -228.17 -284.69
N SER A 598 -120.96 -229.02 -285.32
CA SER A 598 -122.43 -228.98 -285.22
C SER A 598 -122.97 -229.65 -283.97
N GLY A 599 -122.29 -230.64 -283.40
CA GLY A 599 -122.75 -231.37 -282.22
C GLY A 599 -122.13 -232.75 -282.04
N ILE A 600 -122.73 -233.56 -281.18
CA ILE A 600 -122.44 -234.98 -281.04
C ILE A 600 -123.59 -235.84 -281.57
N ARG A 601 -123.26 -236.86 -282.35
CA ARG A 601 -124.22 -237.67 -283.13
C ARG A 601 -123.71 -239.10 -283.25
N PRO A 602 -124.55 -240.15 -283.22
CA PRO A 602 -124.13 -241.49 -283.59
C PRO A 602 -123.52 -241.53 -284.99
N ALA A 603 -122.45 -242.29 -285.16
CA ALA A 603 -121.78 -242.46 -286.45
C ALA A 603 -122.67 -243.23 -287.43
N GLN A 604 -122.63 -242.90 -288.71
CA GLN A 604 -123.14 -243.82 -289.73
C GLN A 604 -122.31 -245.11 -289.64
N THR A 605 -122.99 -246.24 -289.55
CA THR A 605 -122.39 -247.51 -289.10
C THR A 605 -122.78 -248.68 -289.98
N ALA A 606 -123.90 -248.55 -290.70
CA ALA A 606 -124.15 -249.29 -291.92
C ALA A 606 -124.30 -248.31 -293.09
N TRP A 607 -123.68 -248.64 -294.21
CA TRP A 607 -124.05 -248.11 -295.50
C TRP A 607 -125.07 -249.06 -296.10
N THR A 608 -125.97 -248.59 -296.94
CA THR A 608 -127.06 -249.40 -297.49
C THR A 608 -127.53 -248.73 -298.78
N THR A 609 -127.13 -249.29 -299.91
CA THR A 609 -127.33 -248.69 -301.23
C THR A 609 -128.32 -249.51 -302.04
N GLU A 610 -129.39 -248.86 -302.48
CA GLU A 610 -130.35 -249.39 -303.44
C GLU A 610 -129.60 -249.84 -304.70
N SER A 611 -129.80 -251.06 -305.20
CA SER A 611 -128.90 -251.62 -306.22
C SER A 611 -128.83 -250.79 -307.51
N ASP A 612 -129.93 -250.13 -307.90
CA ASP A 612 -129.93 -249.22 -309.05
C ASP A 612 -129.05 -247.96 -308.86
N ASN A 613 -128.61 -247.67 -307.63
CA ASN A 613 -127.73 -246.55 -307.29
C ASN A 613 -126.25 -246.95 -307.11
N LEU A 614 -125.91 -248.23 -307.32
CA LEU A 614 -124.51 -248.68 -307.38
C LEU A 614 -123.79 -248.15 -308.64
N ALA A 615 -122.46 -248.10 -308.63
CA ALA A 615 -121.67 -247.84 -309.83
C ALA A 615 -121.64 -249.08 -310.76
N GLN A 616 -121.87 -248.84 -312.05
CA GLN A 616 -122.21 -249.82 -313.07
C GLN A 616 -121.02 -250.19 -313.98
N SER A 617 -120.93 -251.46 -314.37
CA SER A 617 -120.05 -251.93 -315.45
C SER A 617 -120.79 -252.89 -316.41
N GLY A 618 -121.97 -252.49 -316.88
CA GLY A 618 -122.69 -253.19 -317.96
C GLY A 618 -123.32 -254.53 -317.55
N THR A 619 -123.53 -254.76 -316.26
CA THR A 619 -124.24 -255.95 -315.76
C THR A 619 -125.74 -255.92 -316.10
N ALA A 620 -126.46 -257.03 -315.95
CA ALA A 620 -127.83 -257.17 -316.47
C ALA A 620 -128.89 -256.60 -315.53
N LEU A 621 -129.74 -255.69 -316.00
CA LEU A 621 -130.86 -255.14 -315.23
C LEU A 621 -131.95 -256.20 -315.00
N VAL A 622 -132.42 -256.36 -313.76
CA VAL A 622 -133.45 -257.34 -313.38
C VAL A 622 -134.62 -256.65 -312.68
N THR A 623 -135.85 -256.85 -313.15
CA THR A 623 -137.06 -256.20 -312.60
C THR A 623 -138.03 -257.23 -312.02
N VAL A 624 -138.33 -257.16 -310.72
CA VAL A 624 -139.26 -258.05 -310.01
C VAL A 624 -139.90 -257.33 -308.82
N GLY A 625 -141.17 -257.56 -308.52
CA GLY A 625 -141.89 -256.81 -307.48
C GLY A 625 -141.36 -257.00 -306.06
N ASP A 626 -140.82 -258.17 -305.71
CA ASP A 626 -140.22 -258.41 -304.39
C ASP A 626 -138.75 -257.99 -304.28
N TYR A 627 -138.17 -257.39 -305.33
CA TYR A 627 -136.94 -256.62 -305.23
C TYR A 627 -137.25 -255.18 -304.79
N SER A 628 -136.38 -254.63 -303.96
CA SER A 628 -136.47 -253.27 -303.44
C SER A 628 -136.39 -252.25 -304.57
N ASN A 629 -137.20 -251.18 -304.51
CA ASN A 629 -137.41 -250.25 -305.63
C ASN A 629 -137.92 -250.93 -306.92
N GLY A 630 -138.31 -252.21 -306.87
CA GLY A 630 -138.73 -253.03 -308.00
C GLY A 630 -137.62 -253.59 -308.89
N GLU A 631 -136.36 -253.25 -308.64
CA GLU A 631 -135.27 -253.61 -309.56
C GLU A 631 -133.91 -253.81 -308.89
N ALA A 632 -133.14 -254.74 -309.45
CA ALA A 632 -131.87 -255.24 -308.95
C ALA A 632 -130.87 -255.37 -310.11
N GLU A 633 -129.59 -255.50 -309.80
CA GLU A 633 -128.53 -255.70 -310.80
C GLU A 633 -128.04 -257.15 -310.76
N GLY A 634 -128.00 -257.79 -311.92
CA GLY A 634 -127.75 -259.22 -312.09
C GLY A 634 -126.36 -259.51 -312.66
N LEU A 635 -125.42 -259.89 -311.78
CA LEU A 635 -124.05 -260.27 -312.15
C LEU A 635 -124.05 -261.45 -313.13
N ASP A 636 -123.47 -261.27 -314.31
CA ASP A 636 -123.77 -262.07 -315.49
C ASP A 636 -122.56 -262.29 -316.41
N SER A 637 -121.92 -261.20 -316.86
CA SER A 637 -120.85 -261.24 -317.88
C SER A 637 -119.49 -260.98 -317.25
N PRO A 638 -118.50 -261.88 -317.35
CA PRO A 638 -117.23 -261.78 -316.62
C PRO A 638 -116.59 -260.38 -316.66
N GLY A 639 -116.31 -259.83 -315.48
CA GLY A 639 -115.80 -258.46 -315.30
C GLY A 639 -116.86 -257.35 -315.17
N ASP A 640 -118.15 -257.68 -315.08
CA ASP A 640 -119.24 -256.70 -314.95
C ASP A 640 -119.40 -256.14 -313.52
N THR A 641 -118.36 -255.51 -312.98
CA THR A 641 -118.34 -255.01 -311.60
C THR A 641 -119.56 -254.19 -311.19
N LEU A 642 -120.03 -254.42 -309.95
CA LEU A 642 -120.84 -253.49 -309.17
C LEU A 642 -119.97 -252.89 -308.07
N GLU A 643 -119.98 -251.57 -307.93
CA GLU A 643 -119.04 -250.87 -307.06
C GLU A 643 -119.73 -249.88 -306.13
N LEU A 644 -119.20 -249.77 -304.92
CA LEU A 644 -119.74 -248.98 -303.83
C LEU A 644 -118.61 -248.28 -303.08
N SER A 645 -118.78 -247.00 -302.73
CA SER A 645 -117.77 -246.22 -302.00
C SER A 645 -118.36 -245.60 -300.74
N PHE A 646 -117.60 -245.61 -299.64
CA PHE A 646 -117.99 -244.94 -298.39
C PHE A 646 -116.77 -244.45 -297.59
N THR A 647 -116.99 -243.52 -296.66
CA THR A 647 -116.00 -243.10 -295.65
C THR A 647 -116.56 -243.37 -294.25
N PRO A 648 -115.95 -244.21 -293.41
CA PRO A 648 -116.43 -244.47 -292.07
C PRO A 648 -116.05 -243.34 -291.12
N GLU A 649 -117.01 -242.90 -290.30
CA GLU A 649 -116.83 -241.80 -289.35
C GLU A 649 -116.12 -242.22 -288.05
N HIS A 650 -115.67 -243.47 -287.95
CA HIS A 650 -115.03 -244.09 -286.79
C HIS A 650 -114.19 -245.30 -287.23
N ASP A 651 -113.28 -245.81 -286.39
CA ASP A 651 -112.58 -247.06 -286.70
C ASP A 651 -113.55 -248.25 -286.63
N ILE A 652 -113.61 -249.09 -287.67
CA ILE A 652 -114.38 -250.33 -287.64
C ILE A 652 -113.45 -251.50 -287.33
N PRO A 653 -113.60 -252.20 -286.19
CA PRO A 653 -112.82 -253.38 -285.86
C PRO A 653 -113.07 -254.49 -286.89
N GLY A 654 -112.01 -255.09 -287.40
CA GLY A 654 -112.10 -256.01 -288.53
C GLY A 654 -112.86 -257.30 -288.25
N GLU A 655 -112.75 -257.82 -287.02
CA GLU A 655 -113.46 -259.02 -286.58
C GLU A 655 -114.99 -258.85 -286.51
N GLU A 656 -115.51 -257.66 -286.78
CA GLU A 656 -116.95 -257.39 -286.84
C GLU A 656 -117.34 -256.41 -287.96
N PHE A 657 -116.46 -256.19 -288.95
CA PHE A 657 -116.91 -255.76 -290.26
C PHE A 657 -117.76 -256.87 -290.89
N ALA A 658 -118.78 -256.49 -291.64
CA ALA A 658 -119.60 -257.42 -292.41
C ALA A 658 -120.11 -256.77 -293.70
N LEU A 659 -120.46 -257.61 -294.67
CA LEU A 659 -120.96 -257.20 -295.98
C LEU A 659 -122.27 -257.93 -296.26
N TRP A 660 -123.34 -257.50 -295.61
CA TRP A 660 -124.65 -258.03 -295.92
C TRP A 660 -125.11 -257.56 -297.28
N CYS A 661 -125.51 -258.50 -298.14
CA CYS A 661 -126.20 -258.23 -299.38
C CYS A 661 -127.49 -259.03 -299.42
N ARG A 662 -128.56 -258.44 -299.98
CA ARG A 662 -129.78 -259.18 -300.30
C ARG A 662 -129.70 -259.61 -301.75
N ILE A 663 -129.66 -260.92 -301.98
CA ILE A 663 -129.25 -261.49 -303.27
C ILE A 663 -130.02 -262.77 -303.60
N GLU A 664 -130.18 -263.04 -304.89
CA GLU A 664 -130.84 -264.21 -305.46
C GLU A 664 -130.10 -264.72 -306.71
N THR A 665 -130.38 -265.94 -307.14
CA THR A 665 -129.95 -266.49 -308.45
C THR A 665 -131.14 -266.62 -309.40
N ASP A 666 -131.03 -266.11 -310.63
CA ASP A 666 -131.91 -266.49 -311.76
C ASP A 666 -133.42 -266.42 -311.45
N LEU A 667 -133.90 -265.28 -310.93
CA LEU A 667 -135.31 -265.06 -310.57
C LEU A 667 -135.89 -266.10 -309.59
N GLY A 668 -135.05 -266.77 -308.79
CA GLY A 668 -135.42 -267.85 -307.88
C GLY A 668 -135.30 -269.25 -308.48
N GLY A 669 -134.69 -269.38 -309.66
CA GLY A 669 -134.42 -270.66 -310.32
C GLY A 669 -133.37 -271.53 -309.59
N THR A 670 -133.24 -272.78 -310.03
CA THR A 670 -132.37 -273.79 -309.40
C THR A 670 -130.91 -273.76 -309.84
N ASP A 671 -130.59 -273.13 -310.97
CA ASP A 671 -129.36 -273.43 -311.71
C ASP A 671 -128.26 -272.36 -311.47
N PRO A 672 -127.03 -272.74 -311.10
CA PRO A 672 -126.00 -271.85 -310.56
C PRO A 672 -125.74 -270.54 -311.30
N GLY A 673 -125.49 -269.47 -310.54
CA GLY A 673 -124.93 -268.22 -311.07
C GLY A 673 -123.42 -268.32 -311.30
N PRO A 674 -122.76 -267.20 -311.64
CA PRO A 674 -121.30 -267.14 -311.76
C PRO A 674 -120.61 -267.25 -310.39
N GLU A 675 -119.34 -267.66 -310.37
CA GLU A 675 -118.48 -267.43 -309.19
C GLU A 675 -118.16 -265.94 -309.04
N ILE A 676 -118.28 -265.40 -307.83
CA ILE A 676 -118.17 -263.96 -307.54
C ILE A 676 -117.00 -263.66 -306.60
N THR A 677 -116.17 -262.70 -306.99
CA THR A 677 -115.03 -262.19 -306.24
C THR A 677 -115.34 -260.80 -305.66
N VAL A 678 -114.99 -260.57 -304.40
CA VAL A 678 -115.08 -259.26 -303.75
C VAL A 678 -113.68 -258.71 -303.54
N THR A 679 -113.45 -257.47 -303.96
CA THR A 679 -112.23 -256.71 -303.64
C THR A 679 -112.61 -255.47 -302.82
N LEU A 680 -112.04 -255.34 -301.64
CA LEU A 680 -112.16 -254.17 -300.77
C LEU A 680 -110.85 -253.38 -300.78
N ASP A 681 -110.93 -252.10 -301.08
CA ASP A 681 -109.81 -251.17 -301.24
C ASP A 681 -109.89 -250.06 -300.18
N ILE A 682 -108.84 -249.90 -299.38
CA ILE A 682 -108.72 -248.88 -298.32
C ILE A 682 -107.59 -247.91 -298.68
N ASP A 683 -107.91 -246.79 -299.33
CA ASP A 683 -106.93 -245.79 -299.80
C ASP A 683 -105.73 -246.40 -300.57
N GLY A 684 -105.93 -247.50 -301.29
CA GLY A 684 -104.91 -248.20 -302.06
C GLY A 684 -104.48 -249.57 -301.50
N ASP A 685 -104.75 -249.86 -300.22
CA ASP A 685 -104.56 -251.20 -299.65
C ASP A 685 -105.70 -252.13 -300.09
N THR A 686 -105.43 -253.13 -300.94
CA THR A 686 -106.46 -254.01 -301.51
C THR A 686 -106.48 -255.39 -300.87
N TYR A 687 -107.67 -255.78 -300.41
CA TYR A 687 -107.99 -257.05 -299.78
C TYR A 687 -109.02 -257.76 -300.65
N SER A 688 -108.75 -258.98 -301.14
CA SER A 688 -109.66 -259.68 -302.07
C SER A 688 -109.99 -261.10 -301.63
N TRP A 689 -111.24 -261.53 -301.80
CA TRP A 689 -111.70 -262.88 -301.43
C TRP A 689 -112.85 -263.36 -302.32
N VAL A 690 -113.10 -264.67 -302.32
CA VAL A 690 -114.08 -265.33 -303.21
C VAL A 690 -115.16 -266.02 -302.37
N PRO A 691 -116.25 -265.33 -302.00
CA PRO A 691 -117.28 -265.88 -301.15
C PRO A 691 -118.28 -266.79 -301.88
N ILE A 692 -118.48 -266.63 -303.19
CA ILE A 692 -119.45 -267.42 -303.98
C ILE A 692 -118.72 -268.33 -304.98
N GLY A 693 -118.96 -269.64 -304.90
CA GLY A 693 -118.34 -270.64 -305.79
C GLY A 693 -119.00 -270.75 -307.17
N THR A 694 -118.46 -271.62 -308.01
CA THR A 694 -118.98 -271.89 -309.37
C THR A 694 -120.29 -272.69 -309.39
N ASN A 695 -120.63 -273.38 -308.30
CA ASN A 695 -121.77 -274.29 -308.21
C ASN A 695 -122.58 -274.00 -306.94
N THR A 696 -123.32 -272.90 -306.94
CA THR A 696 -124.30 -272.54 -305.92
C THR A 696 -125.39 -271.65 -306.53
N ALA A 697 -126.62 -271.75 -306.02
CA ALA A 697 -127.73 -270.85 -306.30
C ALA A 697 -128.40 -270.44 -304.98
N LEU A 698 -128.77 -269.17 -304.85
CA LEU A 698 -129.32 -268.59 -303.62
C LEU A 698 -130.78 -268.15 -303.83
N GLY A 699 -131.67 -268.52 -302.91
CA GLY A 699 -133.01 -267.93 -302.82
C GLY A 699 -132.95 -266.54 -302.20
N LEU A 700 -133.89 -265.65 -302.53
CA LEU A 700 -133.86 -264.24 -302.13
C LEU A 700 -133.84 -264.07 -300.61
N ASN A 701 -132.69 -263.68 -300.08
CA ASN A 701 -132.47 -263.50 -298.65
C ASN A 701 -131.26 -262.61 -298.41
N TRP A 702 -131.10 -262.14 -297.18
CA TRP A 702 -129.91 -261.47 -296.68
C TRP A 702 -128.80 -262.47 -296.35
N TYR A 703 -127.63 -262.29 -296.95
CA TYR A 703 -126.42 -263.09 -296.71
C TYR A 703 -125.23 -262.18 -296.44
N ASP A 704 -124.39 -262.51 -295.46
CA ASP A 704 -123.11 -261.83 -295.27
C ASP A 704 -122.03 -262.43 -296.17
N LEU A 705 -121.54 -261.66 -297.15
CA LEU A 705 -120.45 -262.07 -298.02
C LEU A 705 -119.05 -261.94 -297.39
N ALA A 706 -118.92 -261.31 -296.21
CA ALA A 706 -117.63 -261.14 -295.55
C ALA A 706 -117.28 -262.34 -294.65
N ASN A 707 -118.10 -262.65 -293.63
CA ASN A 707 -117.77 -263.67 -292.63
C ASN A 707 -118.28 -265.08 -292.98
N ASN A 708 -118.97 -265.25 -294.11
CA ASN A 708 -119.46 -266.55 -294.58
C ASN A 708 -119.20 -266.75 -296.08
N THR A 709 -119.14 -268.01 -296.51
CA THR A 709 -118.97 -268.41 -297.91
C THR A 709 -120.05 -269.41 -298.33
N PHE A 710 -120.38 -269.39 -299.63
CA PHE A 710 -121.42 -270.20 -300.24
C PHE A 710 -120.81 -270.90 -301.47
N GLY A 711 -120.13 -272.01 -301.22
CA GLY A 711 -119.27 -272.68 -302.19
C GLY A 711 -117.95 -271.97 -302.50
N GLY A 712 -117.74 -270.77 -301.97
CA GLY A 712 -116.50 -269.99 -302.12
C GLY A 712 -115.31 -270.55 -301.35
N SER A 713 -114.12 -270.03 -301.63
CA SER A 713 -112.84 -270.54 -301.12
C SER A 713 -112.28 -269.77 -299.92
N SER A 714 -112.63 -268.49 -299.72
CA SER A 714 -112.07 -267.66 -298.64
C SER A 714 -112.98 -266.49 -298.24
N THR A 715 -112.85 -266.01 -297.00
CA THR A 715 -113.62 -264.92 -296.38
C THR A 715 -112.92 -263.55 -296.48
N TYR A 716 -113.57 -262.49 -296.00
CA TYR A 716 -112.88 -261.25 -295.64
C TYR A 716 -111.72 -261.55 -294.66
N PRO A 717 -110.54 -260.90 -294.80
CA PRO A 717 -109.35 -261.18 -293.99
C PRO A 717 -109.31 -260.45 -292.62
N ASP A 718 -110.46 -260.06 -292.07
CA ASP A 718 -110.59 -259.46 -290.73
C ASP A 718 -109.70 -258.23 -290.43
N THR A 719 -109.31 -257.44 -291.44
CA THR A 719 -108.57 -256.18 -291.19
C THR A 719 -109.46 -255.11 -290.57
N ASP A 720 -108.93 -254.34 -289.62
CA ASP A 720 -109.57 -253.10 -289.18
C ASP A 720 -109.62 -252.07 -290.33
N ILE A 721 -110.63 -251.20 -290.29
CA ILE A 721 -110.79 -250.09 -291.24
C ILE A 721 -110.72 -248.77 -290.46
N PRO A 722 -109.70 -247.91 -290.65
CA PRO A 722 -109.56 -246.67 -289.90
C PRO A 722 -110.62 -245.61 -290.21
N GLU A 723 -110.94 -244.76 -289.24
CA GLU A 723 -111.72 -243.53 -289.41
C GLU A 723 -111.22 -242.70 -290.60
N GLY A 724 -112.14 -242.18 -291.40
CA GLY A 724 -111.81 -241.26 -292.50
C GLY A 724 -111.14 -241.92 -293.70
N SER A 725 -110.90 -243.24 -293.68
CA SER A 725 -110.34 -243.96 -294.83
C SER A 725 -111.30 -243.91 -296.02
N THR A 726 -110.83 -243.69 -297.24
CA THR A 726 -111.69 -243.85 -298.42
C THR A 726 -111.82 -245.34 -298.71
N VAL A 727 -112.98 -245.93 -298.50
CA VAL A 727 -113.21 -247.37 -298.68
C VAL A 727 -114.02 -247.60 -299.94
N THR A 728 -113.54 -248.50 -300.80
CA THR A 728 -114.24 -248.90 -302.03
C THR A 728 -114.40 -250.41 -302.08
N LEU A 729 -115.59 -250.90 -302.37
CA LEU A 729 -115.86 -252.30 -302.70
C LEU A 729 -116.11 -252.42 -304.20
N SER A 730 -115.53 -253.43 -304.83
CA SER A 730 -115.98 -253.92 -306.13
C SER A 730 -116.36 -255.40 -306.00
N ILE A 731 -117.52 -255.75 -306.54
CA ILE A 731 -118.04 -257.12 -306.57
C ILE A 731 -118.15 -257.53 -308.02
N GLU A 732 -117.50 -258.63 -308.39
CA GLU A 732 -117.21 -259.00 -309.77
C GLU A 732 -117.49 -260.48 -310.03
N ALA A 733 -118.22 -260.81 -311.10
CA ALA A 733 -118.27 -262.18 -311.61
C ALA A 733 -116.93 -262.49 -312.31
N THR A 734 -116.17 -263.45 -311.78
CA THR A 734 -114.82 -263.77 -312.30
C THR A 734 -114.83 -264.86 -313.38
N SER A 735 -115.92 -265.63 -313.49
CA SER A 735 -116.16 -266.60 -314.57
C SER A 735 -117.64 -266.72 -314.90
N SER A 736 -117.99 -267.18 -316.10
CA SER A 736 -119.34 -267.08 -316.66
C SER A 736 -120.39 -267.95 -315.97
N SER A 737 -121.64 -267.48 -316.03
CA SER A 737 -122.85 -268.14 -315.51
C SER A 737 -123.32 -269.32 -316.39
N VAL A 738 -124.22 -270.15 -315.87
CA VAL A 738 -124.71 -271.37 -316.57
C VAL A 738 -125.53 -271.01 -317.83
N SER A 739 -126.25 -269.90 -317.78
CA SER A 739 -126.92 -269.22 -318.91
C SER A 739 -126.95 -267.71 -318.62
N GLY A 740 -127.54 -266.88 -319.48
CA GLY A 740 -127.64 -265.40 -319.33
C GLY A 740 -128.58 -264.92 -318.22
N GLN A 741 -128.45 -265.49 -317.02
CA GLN A 741 -129.44 -265.46 -315.93
C GLN A 741 -129.34 -264.21 -315.05
N GLY A 742 -128.11 -263.84 -314.66
CA GLY A 742 -127.82 -262.87 -313.61
C GLY A 742 -127.92 -263.43 -312.18
N HIS A 743 -126.90 -263.18 -311.36
CA HIS A 743 -126.97 -263.25 -309.89
C HIS A 743 -127.49 -261.90 -309.39
N ALA A 744 -128.78 -261.79 -309.07
CA ALA A 744 -129.43 -260.52 -308.80
C ALA A 744 -129.18 -260.03 -307.37
N VAL A 745 -128.47 -258.91 -307.22
CA VAL A 745 -128.29 -258.24 -305.92
C VAL A 745 -129.22 -257.04 -305.84
N ASP A 746 -130.06 -257.04 -304.81
CA ASP A 746 -131.14 -256.08 -304.58
C ASP A 746 -130.66 -254.83 -303.83
N VAL A 747 -129.76 -255.03 -302.86
CA VAL A 747 -129.22 -253.99 -301.99
C VAL A 747 -127.93 -254.49 -301.35
N MET A 748 -126.91 -253.64 -301.32
CA MET A 748 -125.63 -253.88 -300.66
C MET A 748 -125.53 -253.08 -299.37
N ALA A 749 -125.09 -253.71 -298.29
CA ALA A 749 -124.97 -253.09 -296.97
C ALA A 749 -123.68 -253.48 -296.23
N PRO A 750 -122.52 -252.87 -296.58
CA PRO A 750 -121.34 -252.91 -295.73
C PRO A 750 -121.64 -252.27 -294.38
N LEU A 751 -121.25 -252.91 -293.28
CA LEU A 751 -121.57 -252.42 -291.94
C LEU A 751 -120.59 -252.90 -290.87
N ASP A 752 -120.59 -252.21 -289.73
CA ASP A 752 -120.09 -252.73 -288.46
C ASP A 752 -121.23 -253.49 -287.77
N ALA A 753 -121.00 -254.76 -287.46
CA ALA A 753 -121.99 -255.65 -286.85
C ALA A 753 -122.33 -255.31 -285.39
N LEU A 754 -121.59 -254.40 -284.75
CA LEU A 754 -121.86 -253.89 -283.40
C LEU A 754 -121.89 -254.94 -282.28
N THR A 755 -121.26 -256.10 -282.44
CA THR A 755 -121.15 -257.08 -281.34
C THR A 755 -120.29 -256.56 -280.16
N ARG A 756 -119.47 -255.53 -280.41
CA ARG A 756 -118.82 -254.69 -279.40
C ARG A 756 -119.79 -253.91 -278.50
N VAL A 757 -120.91 -253.45 -279.06
CA VAL A 757 -121.89 -252.57 -278.40
C VAL A 757 -123.10 -253.37 -277.87
N THR A 758 -123.57 -254.34 -278.65
CA THR A 758 -124.70 -255.21 -278.34
C THR A 758 -124.21 -256.62 -277.99
N GLY A 759 -124.72 -257.23 -276.92
CA GLY A 759 -124.20 -258.50 -276.40
C GLY A 759 -124.38 -259.74 -277.28
N GLY A 760 -125.11 -259.65 -278.39
CA GLY A 760 -125.27 -260.73 -279.37
C GLY A 760 -124.04 -260.94 -280.25
N SER A 761 -123.85 -262.16 -280.75
CA SER A 761 -122.68 -262.54 -281.58
C SER A 761 -122.81 -262.18 -283.07
N ASP A 762 -123.92 -261.54 -283.48
CA ASP A 762 -124.27 -261.33 -284.88
C ASP A 762 -125.03 -260.01 -285.10
N ALA A 763 -124.89 -259.40 -286.27
CA ALA A 763 -125.52 -258.12 -286.62
C ALA A 763 -127.06 -258.13 -286.50
N THR A 764 -127.72 -259.30 -286.58
CA THR A 764 -129.17 -259.42 -286.42
C THR A 764 -129.65 -258.91 -285.06
N SER A 765 -128.78 -258.91 -284.05
CA SER A 765 -129.05 -258.32 -282.74
C SER A 765 -129.10 -256.77 -282.74
N ALA A 766 -128.63 -256.11 -283.80
CA ALA A 766 -128.50 -254.64 -283.89
C ALA A 766 -129.21 -253.99 -285.10
N TYR A 767 -129.51 -254.74 -286.16
CA TYR A 767 -130.16 -254.25 -287.38
C TYR A 767 -131.37 -255.07 -287.80
N THR A 768 -132.32 -254.45 -288.49
CA THR A 768 -133.44 -255.12 -289.16
C THR A 768 -133.01 -255.66 -290.52
N PHE A 769 -132.89 -256.98 -290.64
CA PHE A 769 -132.72 -257.68 -291.93
C PHE A 769 -134.06 -258.23 -292.44
N ASP A 770 -135.06 -257.36 -292.63
CA ASP A 770 -136.36 -257.80 -293.12
C ASP A 770 -136.28 -258.24 -294.59
N ASN A 771 -137.10 -259.22 -294.97
CA ASN A 771 -137.00 -259.89 -296.27
C ASN A 771 -138.33 -259.90 -297.05
N ASN A 772 -139.20 -258.91 -296.82
CA ASN A 772 -140.46 -258.76 -297.52
C ASN A 772 -140.86 -257.28 -297.65
N ASN A 773 -140.76 -256.73 -298.86
CA ASN A 773 -141.15 -255.35 -299.18
C ASN A 773 -142.64 -255.19 -299.56
N GLY A 774 -143.45 -256.24 -299.44
CA GLY A 774 -144.85 -256.26 -299.91
C GLY A 774 -145.01 -256.65 -301.39
N GLY A 775 -143.95 -257.12 -302.06
CA GLY A 775 -144.00 -257.72 -303.40
C GLY A 775 -144.44 -256.79 -304.54
N SER A 776 -144.45 -255.48 -304.31
CA SER A 776 -145.10 -254.49 -305.19
C SER A 776 -144.15 -253.37 -305.64
N GLY A 777 -142.85 -253.62 -305.65
CA GLY A 777 -141.79 -252.64 -305.98
C GLY A 777 -141.46 -251.64 -304.86
N GLY A 778 -141.94 -251.91 -303.64
CA GLY A 778 -141.67 -251.11 -302.45
C GLY A 778 -140.28 -251.35 -301.85
N TYR A 779 -140.09 -250.97 -300.59
CA TYR A 779 -138.78 -250.90 -299.93
C TYR A 779 -138.75 -251.67 -298.60
N LEU A 780 -137.57 -252.11 -298.18
CA LEU A 780 -137.33 -252.79 -296.90
C LEU A 780 -137.09 -251.80 -295.74
N ASP A 781 -137.39 -252.23 -294.52
CA ASP A 781 -137.25 -251.41 -293.32
C ASP A 781 -135.80 -251.19 -292.88
N GLY A 782 -134.91 -252.18 -293.04
CA GLY A 782 -133.48 -252.05 -292.74
C GLY A 782 -132.58 -252.71 -293.78
N PRO A 783 -131.29 -252.94 -293.45
CA PRO A 783 -130.60 -252.46 -292.26
C PRO A 783 -130.63 -250.94 -292.13
N GLU A 784 -130.93 -250.46 -290.93
CA GLU A 784 -130.91 -249.04 -290.59
C GLU A 784 -129.48 -248.50 -290.58
N LEU A 785 -129.25 -247.23 -290.95
CA LEU A 785 -127.89 -246.72 -291.19
C LEU A 785 -127.06 -246.50 -289.91
N TYR A 786 -127.72 -246.45 -288.76
CA TYR A 786 -127.15 -246.05 -287.48
C TYR A 786 -127.42 -247.09 -286.37
N PRO A 787 -126.60 -247.13 -285.31
CA PRO A 787 -126.82 -247.99 -284.14
C PRO A 787 -128.13 -247.63 -283.42
N ASP A 788 -128.78 -248.62 -282.80
CA ASP A 788 -130.11 -248.44 -282.19
C ASP A 788 -130.14 -247.40 -281.07
N GLN A 789 -129.15 -247.49 -280.19
CA GLN A 789 -129.06 -246.71 -278.96
C GLN A 789 -127.60 -246.59 -278.52
N LEU A 790 -127.10 -245.36 -278.42
CA LEU A 790 -125.93 -245.06 -277.62
C LEU A 790 -126.41 -244.47 -276.30
N ILE A 791 -126.19 -245.20 -275.21
CA ILE A 791 -126.35 -244.68 -273.86
C ILE A 791 -125.00 -244.09 -273.41
N LEU A 792 -124.80 -242.82 -273.71
CA LEU A 792 -123.59 -242.08 -273.35
C LEU A 792 -123.57 -241.79 -271.85
N SER A 793 -122.44 -242.03 -271.18
CA SER A 793 -122.24 -241.64 -269.80
C SER A 793 -121.25 -240.49 -269.78
N LEU A 794 -121.69 -239.32 -269.29
CA LEU A 794 -120.88 -238.10 -269.28
C LEU A 794 -120.06 -238.05 -267.98
N GLU A 795 -118.89 -237.41 -268.04
CA GLU A 795 -118.04 -237.16 -266.88
C GLU A 795 -118.79 -236.45 -265.75
N THR A 796 -118.47 -236.81 -264.51
CA THR A 796 -119.13 -236.28 -263.31
C THR A 796 -119.03 -234.76 -263.22
N ALA A 797 -120.15 -234.08 -263.03
CA ALA A 797 -120.15 -232.65 -262.69
C ALA A 797 -119.89 -232.50 -261.18
N THR A 798 -118.69 -232.06 -260.82
CA THR A 798 -118.21 -232.02 -259.44
C THR A 798 -118.60 -230.72 -258.73
N THR A 799 -118.85 -230.77 -257.42
CA THR A 799 -119.18 -229.58 -256.62
C THR A 799 -118.60 -229.62 -255.20
N ARG A 800 -118.20 -228.47 -254.64
CA ARG A 800 -117.86 -228.33 -253.21
C ARG A 800 -119.06 -228.41 -252.27
N ARG A 801 -120.27 -228.23 -252.80
CA ARG A 801 -121.54 -227.99 -252.07
C ARG A 801 -122.56 -229.08 -252.40
N ASN A 802 -123.54 -229.33 -251.54
CA ASN A 802 -124.65 -230.23 -251.88
C ASN A 802 -125.50 -229.68 -253.02
N VAL A 803 -125.99 -230.57 -253.88
CA VAL A 803 -126.98 -230.29 -254.92
C VAL A 803 -128.32 -230.89 -254.51
N SER A 804 -129.36 -230.08 -254.39
CA SER A 804 -130.71 -230.54 -254.02
C SER A 804 -131.56 -230.87 -255.25
N GLU A 805 -131.41 -230.08 -256.32
CA GLU A 805 -132.07 -230.27 -257.61
C GLU A 805 -131.18 -229.76 -258.74
N ALA A 806 -131.39 -230.28 -259.95
CA ALA A 806 -130.63 -229.92 -261.12
C ALA A 806 -131.53 -229.77 -262.34
N ARG A 807 -131.10 -228.93 -263.28
CA ARG A 807 -131.82 -228.56 -264.50
C ARG A 807 -130.88 -228.66 -265.67
N PHE A 808 -131.31 -229.25 -266.77
CA PHE A 808 -130.52 -229.31 -267.98
C PHE A 808 -131.19 -228.55 -269.13
N THR A 809 -130.40 -228.19 -270.13
CA THR A 809 -130.90 -227.67 -271.40
C THR A 809 -129.96 -228.09 -272.51
N LEU A 810 -130.51 -228.41 -273.68
CA LEU A 810 -129.72 -228.81 -274.84
C LEU A 810 -130.41 -228.42 -276.15
N THR A 811 -129.64 -228.40 -277.22
CA THR A 811 -130.13 -228.19 -278.59
C THR A 811 -130.08 -229.52 -279.33
N ALA A 812 -131.14 -229.93 -280.02
CA ALA A 812 -131.17 -231.21 -280.74
C ALA A 812 -131.94 -231.14 -282.07
N ASN A 813 -131.59 -231.99 -283.04
CA ASN A 813 -132.29 -232.10 -284.32
C ASN A 813 -133.64 -232.86 -284.20
N ASP A 814 -133.75 -233.77 -283.24
CA ASP A 814 -134.93 -234.55 -282.91
C ASP A 814 -134.87 -235.00 -281.44
N THR A 815 -136.02 -235.36 -280.85
CA THR A 815 -136.11 -235.88 -279.47
C THR A 815 -137.14 -237.02 -279.34
N SER A 816 -137.47 -237.67 -280.45
CA SER A 816 -138.46 -238.76 -280.52
C SER A 816 -137.94 -240.09 -279.93
N GLY A 817 -138.78 -241.12 -279.92
CA GLY A 817 -138.38 -242.49 -279.59
C GLY A 817 -137.82 -242.63 -278.19
N ASN A 818 -136.71 -243.36 -278.04
CA ASN A 818 -136.07 -243.63 -276.75
C ASN A 818 -135.11 -242.51 -276.28
N PHE A 819 -135.20 -241.29 -276.81
CA PHE A 819 -134.34 -240.19 -276.35
C PHE A 819 -134.63 -239.81 -274.91
N TYR A 820 -133.60 -239.71 -274.07
CA TYR A 820 -133.74 -239.25 -272.69
C TYR A 820 -132.44 -238.68 -272.12
N VAL A 821 -132.57 -237.93 -271.03
CA VAL A 821 -131.47 -237.53 -270.15
C VAL A 821 -131.73 -238.08 -268.75
N GLU A 822 -130.74 -238.65 -268.12
CA GLU A 822 -130.79 -239.22 -266.78
C GLU A 822 -129.78 -238.53 -265.86
N LEU A 823 -130.19 -238.14 -264.65
CA LEU A 823 -129.35 -237.43 -263.68
C LEU A 823 -129.37 -238.13 -262.31
N ALA A 824 -128.23 -238.20 -261.62
CA ALA A 824 -128.12 -238.81 -260.29
C ALA A 824 -127.21 -238.01 -259.35
N ASN A 825 -127.57 -237.96 -258.05
CA ASN A 825 -126.76 -237.36 -256.99
C ASN A 825 -125.69 -238.29 -256.39
N ASP A 826 -125.77 -239.59 -256.67
CA ASP A 826 -125.03 -240.65 -255.97
C ASP A 826 -124.36 -241.65 -256.93
N GLY A 827 -124.46 -241.43 -258.24
CA GLY A 827 -123.93 -242.31 -259.27
C GLY A 827 -124.71 -243.61 -259.51
N SER A 828 -125.91 -243.79 -258.94
CA SER A 828 -126.74 -244.98 -259.22
C SER A 828 -128.25 -244.73 -259.27
N THR A 829 -128.78 -243.79 -258.49
CA THR A 829 -130.21 -243.46 -258.47
C THR A 829 -130.55 -242.45 -259.56
N PHE A 830 -130.46 -242.85 -260.84
CA PHE A 830 -130.75 -241.96 -261.96
C PHE A 830 -132.25 -241.66 -262.10
N ASN A 831 -132.58 -240.38 -262.22
CA ASN A 831 -133.90 -239.85 -262.51
C ASN A 831 -133.96 -239.45 -263.99
N ARG A 832 -134.97 -239.89 -264.73
CA ARG A 832 -135.05 -239.74 -266.19
C ARG A 832 -136.04 -238.67 -266.62
N VAL A 833 -135.63 -237.83 -267.57
CA VAL A 833 -136.52 -236.97 -268.36
C VAL A 833 -136.53 -237.48 -269.79
N ASN A 834 -137.71 -237.85 -270.29
CA ASN A 834 -137.89 -238.45 -271.62
C ASN A 834 -138.30 -237.39 -272.64
N ASN A 835 -137.81 -237.51 -273.88
CA ASN A 835 -138.33 -236.78 -275.05
C ASN A 835 -138.45 -235.26 -274.90
N ALA A 836 -137.47 -234.61 -274.28
CA ALA A 836 -137.46 -233.16 -274.12
C ALA A 836 -136.04 -232.57 -274.19
N THR A 837 -135.91 -231.37 -274.73
CA THR A 837 -134.67 -230.59 -274.82
C THR A 837 -134.32 -229.81 -273.56
N SER A 838 -135.25 -229.72 -272.60
CA SER A 838 -135.05 -229.09 -271.30
C SER A 838 -135.78 -229.89 -270.24
N GLY A 839 -135.24 -229.92 -269.02
CA GLY A 839 -135.88 -230.64 -267.92
C GLY A 839 -135.25 -230.36 -266.57
N SER A 840 -135.96 -230.70 -265.51
CA SER A 840 -135.58 -230.47 -264.12
C SER A 840 -135.79 -231.74 -263.28
N VAL A 841 -134.88 -232.01 -262.35
CA VAL A 841 -134.84 -233.19 -261.50
C VAL A 841 -134.65 -232.75 -260.05
N THR A 842 -135.45 -233.29 -259.14
CA THR A 842 -135.24 -233.15 -257.69
C THR A 842 -134.71 -234.47 -257.15
N PHE A 843 -133.58 -234.44 -256.44
CA PHE A 843 -132.98 -235.66 -255.89
C PHE A 843 -133.59 -236.06 -254.56
N ALA A 844 -133.50 -237.34 -254.20
CA ALA A 844 -134.09 -237.87 -252.97
C ALA A 844 -133.52 -237.21 -251.71
N SER A 845 -132.23 -236.90 -251.70
CA SER A 845 -131.58 -236.09 -250.68
C SER A 845 -130.38 -235.31 -251.26
N PRO A 846 -130.01 -234.15 -250.70
CA PRO A 846 -128.88 -233.37 -251.19
C PRO A 846 -127.54 -234.10 -251.02
N ASP A 847 -126.73 -234.11 -252.09
CA ASP A 847 -125.39 -234.71 -252.16
C ASP A 847 -124.58 -234.00 -253.25
N THR A 848 -123.26 -234.13 -253.30
CA THR A 848 -122.39 -233.09 -253.89
C THR A 848 -122.09 -233.20 -255.38
N ASN A 849 -122.07 -234.39 -255.99
CA ASN A 849 -121.67 -234.53 -257.40
C ASN A 849 -122.83 -235.03 -258.26
N VAL A 850 -122.99 -234.51 -259.48
CA VAL A 850 -124.05 -234.97 -260.41
C VAL A 850 -123.45 -235.81 -261.52
N ASP A 851 -123.90 -237.05 -261.65
CA ASP A 851 -123.64 -237.89 -262.83
C ASP A 851 -124.77 -237.79 -263.84
N THR A 852 -124.46 -237.95 -265.12
CA THR A 852 -125.42 -237.83 -266.23
C THR A 852 -125.30 -238.97 -267.22
N ASN A 853 -126.41 -239.50 -267.70
CA ASN A 853 -126.48 -240.38 -268.86
C ASN A 853 -127.40 -239.78 -269.91
N ILE A 854 -127.10 -240.00 -271.19
CA ILE A 854 -127.87 -239.51 -272.33
C ILE A 854 -128.13 -240.68 -273.28
N SER A 855 -129.33 -240.78 -273.84
CA SER A 855 -129.65 -241.77 -274.86
C SER A 855 -129.81 -241.10 -276.23
N LEU A 856 -128.97 -241.45 -277.20
CA LEU A 856 -129.10 -241.04 -278.61
C LEU A 856 -129.50 -242.23 -279.48
N ASN A 857 -130.47 -242.04 -280.38
CA ASN A 857 -131.11 -243.14 -281.10
C ASN A 857 -131.26 -242.88 -282.61
N ARG A 858 -131.58 -243.95 -283.35
CA ARG A 858 -132.17 -243.90 -284.69
C ARG A 858 -133.49 -243.13 -284.66
N TYR A 859 -133.80 -242.39 -285.73
CA TYR A 859 -135.14 -241.84 -285.95
C TYR A 859 -135.49 -241.78 -287.44
N GLY A 860 -136.77 -241.56 -287.72
CA GLY A 860 -137.31 -241.43 -289.06
C GLY A 860 -137.99 -242.71 -289.57
N SER A 861 -139.11 -242.53 -290.25
CA SER A 861 -139.83 -243.54 -291.02
C SER A 861 -140.24 -242.96 -292.39
N ARG A 862 -140.23 -243.79 -293.44
CA ARG A 862 -140.21 -243.36 -294.85
C ARG A 862 -140.82 -244.42 -295.78
N SER A 863 -141.18 -244.04 -297.00
CA SER A 863 -141.88 -244.89 -297.98
C SER A 863 -141.37 -244.74 -299.43
N THR A 864 -140.13 -244.29 -299.62
CA THR A 864 -139.58 -243.90 -300.94
C THR A 864 -138.12 -244.31 -301.20
N ALA A 865 -137.43 -244.92 -300.22
CA ALA A 865 -136.10 -245.51 -300.39
C ALA A 865 -135.78 -246.48 -299.24
N THR A 866 -134.90 -247.46 -299.45
CA THR A 866 -134.31 -248.22 -298.35
C THR A 866 -133.20 -247.43 -297.64
N PRO A 867 -132.98 -247.66 -296.34
CA PRO A 867 -133.90 -248.33 -295.42
C PRO A 867 -135.11 -247.42 -295.13
N GLN A 868 -136.30 -248.00 -294.95
CA GLN A 868 -137.49 -247.21 -294.58
C GLN A 868 -137.44 -246.70 -293.13
N THR A 869 -136.62 -247.29 -292.25
CA THR A 869 -136.48 -246.91 -290.83
C THR A 869 -135.04 -246.51 -290.51
N GLY A 870 -134.85 -245.55 -289.60
CA GLY A 870 -133.53 -245.31 -289.00
C GLY A 870 -132.46 -244.82 -289.98
N PHE A 871 -132.86 -244.01 -290.95
CA PHE A 871 -131.98 -243.32 -291.89
C PHE A 871 -131.48 -241.96 -291.36
N ASN A 872 -131.93 -241.54 -290.17
CA ASN A 872 -131.43 -240.37 -289.45
C ASN A 872 -131.04 -240.76 -288.01
N ALA A 873 -130.16 -239.97 -287.40
CA ALA A 873 -129.71 -240.15 -286.02
C ALA A 873 -129.79 -238.85 -285.22
N GLN A 874 -130.14 -238.97 -283.95
CA GLN A 874 -130.27 -237.83 -283.06
C GLN A 874 -128.91 -237.19 -282.75
N GLU A 875 -128.82 -235.88 -282.92
CA GLU A 875 -127.62 -235.07 -282.67
C GLU A 875 -127.92 -234.05 -281.58
N ILE A 876 -126.96 -233.80 -280.69
CA ILE A 876 -127.03 -232.72 -279.70
C ILE A 876 -125.97 -231.67 -280.02
N ASP A 877 -126.35 -230.41 -280.21
CA ASP A 877 -125.42 -229.34 -280.62
C ASP A 877 -124.71 -228.70 -279.41
N ASN A 878 -125.50 -228.33 -278.40
CA ASN A 878 -125.03 -227.70 -277.17
C ASN A 878 -125.66 -228.39 -275.97
N TRP A 879 -124.98 -228.40 -274.83
CA TRP A 879 -125.41 -229.00 -273.58
C TRP A 879 -125.11 -228.05 -272.42
N GLU A 880 -126.03 -227.93 -271.48
CA GLU A 880 -125.88 -227.16 -270.25
C GLU A 880 -126.52 -227.91 -269.07
N LEU A 881 -125.82 -228.00 -267.95
CA LEU A 881 -126.33 -228.55 -266.70
C LEU A 881 -126.15 -227.54 -265.57
N TYR A 882 -127.24 -227.22 -264.89
CA TYR A 882 -127.32 -226.26 -263.79
C TYR A 882 -127.76 -226.96 -262.52
N ALA A 883 -127.31 -226.46 -261.38
CA ALA A 883 -127.69 -227.01 -260.08
C ALA A 883 -128.03 -225.92 -259.05
N ASP A 884 -129.03 -226.21 -258.21
CA ASP A 884 -129.39 -225.40 -257.05
C ASP A 884 -128.30 -225.52 -255.98
N ILE A 885 -127.37 -224.58 -255.98
CA ILE A 885 -126.16 -224.56 -255.16
C ILE A 885 -126.03 -223.21 -254.47
N ASP A 886 -125.66 -223.19 -253.20
CA ASP A 886 -125.32 -221.94 -252.51
C ASP A 886 -124.14 -221.24 -253.20
N ALA A 887 -124.39 -220.08 -253.82
CA ALA A 887 -123.34 -219.19 -254.32
C ALA A 887 -123.27 -217.86 -253.55
N VAL A 888 -124.09 -217.67 -252.51
CA VAL A 888 -123.88 -216.68 -251.45
C VAL A 888 -123.60 -217.43 -250.16
N LEU A 889 -122.46 -217.20 -249.55
CA LEU A 889 -121.88 -218.08 -248.54
C LEU A 889 -121.48 -217.30 -247.28
N PRO A 890 -121.60 -217.86 -246.07
CA PRO A 890 -120.95 -217.29 -244.89
C PRO A 890 -119.42 -217.20 -245.08
N ASP A 891 -118.79 -216.13 -244.63
CA ASP A 891 -117.34 -215.90 -244.83
C ASP A 891 -116.60 -215.45 -243.57
N ASP A 892 -117.29 -214.82 -242.62
CA ASP A 892 -116.79 -214.42 -241.30
C ASP A 892 -118.02 -214.10 -240.41
N ILE A 893 -117.81 -213.63 -239.19
CA ILE A 893 -118.86 -213.08 -238.33
C ILE A 893 -119.49 -211.87 -239.02
N GLY A 894 -120.77 -211.95 -239.37
CA GLY A 894 -121.46 -210.88 -240.10
C GLY A 894 -121.03 -210.64 -241.54
N VAL A 895 -120.26 -211.53 -242.19
CA VAL A 895 -119.80 -211.33 -243.57
C VAL A 895 -120.25 -212.46 -244.48
N THR A 896 -120.75 -212.14 -245.67
CA THR A 896 -121.03 -213.10 -246.74
C THR A 896 -120.11 -212.88 -247.93
N LEU A 897 -119.78 -213.94 -248.65
CA LEU A 897 -119.07 -213.91 -249.92
C LEU A 897 -119.98 -214.41 -251.03
N SER A 898 -120.17 -213.64 -252.10
CA SER A 898 -120.97 -214.04 -253.26
C SER A 898 -120.07 -214.38 -254.45
N ARG A 899 -120.28 -215.53 -255.08
CA ARG A 899 -119.37 -216.12 -256.08
C ARG A 899 -120.11 -216.49 -257.36
N ALA A 900 -120.71 -215.50 -258.02
CA ALA A 900 -121.27 -215.67 -259.36
C ALA A 900 -120.18 -215.92 -260.41
N ILE A 901 -120.54 -216.59 -261.50
CA ILE A 901 -119.65 -216.95 -262.62
C ILE A 901 -120.26 -216.49 -263.94
N ILE A 902 -119.44 -216.00 -264.86
CA ILE A 902 -119.79 -215.74 -266.26
C ILE A 902 -119.15 -216.85 -267.11
N PRO A 903 -119.92 -217.68 -267.83
CA PRO A 903 -119.39 -218.72 -268.69
C PRO A 903 -118.39 -218.19 -269.73
N PRO A 904 -117.32 -218.93 -270.06
CA PRO A 904 -116.19 -218.42 -270.84
C PRO A 904 -116.47 -217.74 -272.17
N ASN A 905 -117.55 -218.05 -272.88
CA ASN A 905 -117.86 -217.48 -274.20
C ASN A 905 -119.19 -216.71 -274.23
N THR A 906 -119.52 -216.02 -273.14
CA THR A 906 -120.78 -215.27 -273.02
C THR A 906 -120.84 -214.08 -273.97
N SER A 907 -121.75 -214.09 -274.93
CA SER A 907 -121.92 -212.98 -275.87
C SER A 907 -122.41 -211.72 -275.17
N GLY A 908 -121.98 -210.57 -275.67
CA GLY A 908 -122.22 -209.26 -275.05
C GLY A 908 -121.15 -208.83 -274.05
N ILE A 909 -120.28 -209.73 -273.59
CA ILE A 909 -119.14 -209.41 -272.71
C ILE A 909 -117.80 -209.97 -273.20
N VAL A 910 -117.77 -211.04 -273.99
CA VAL A 910 -116.54 -211.48 -274.67
C VAL A 910 -116.02 -210.38 -275.60
N GLY A 911 -114.71 -210.13 -275.55
CA GLY A 911 -114.05 -209.10 -276.35
C GLY A 911 -114.34 -207.68 -275.88
N GLN A 912 -114.96 -207.51 -274.72
CA GLN A 912 -115.41 -206.23 -274.19
C GLN A 912 -114.56 -205.80 -272.99
N THR A 913 -114.33 -204.50 -272.83
CA THR A 913 -113.72 -203.97 -271.61
C THR A 913 -114.76 -203.86 -270.50
N VAL A 914 -114.49 -204.45 -269.34
CA VAL A 914 -115.37 -204.46 -268.17
C VAL A 914 -114.85 -203.45 -267.15
N ARG A 915 -115.74 -202.61 -266.58
CA ARG A 915 -115.33 -201.52 -265.66
C ARG A 915 -116.13 -201.44 -264.37
N GLU A 916 -117.23 -202.15 -264.25
CA GLU A 916 -118.05 -202.12 -263.05
C GLU A 916 -118.78 -203.43 -262.83
N ALA A 917 -119.22 -203.65 -261.59
CA ALA A 917 -119.94 -204.83 -261.19
C ALA A 917 -120.94 -204.52 -260.10
N GLY A 918 -121.94 -205.38 -259.91
CA GLY A 918 -122.92 -205.17 -258.86
C GLY A 918 -123.68 -206.43 -258.49
N LEU A 919 -123.90 -206.59 -257.18
CA LEU A 919 -124.78 -207.59 -256.62
C LEU A 919 -126.23 -207.14 -256.84
N LYS A 920 -127.11 -208.04 -257.23
CA LYS A 920 -128.39 -207.70 -257.83
C LYS A 920 -129.45 -208.72 -257.44
N SER A 921 -130.72 -208.37 -257.60
CA SER A 921 -131.79 -209.36 -257.49
C SER A 921 -132.94 -209.06 -258.42
N GLY A 922 -133.07 -209.84 -259.48
CA GLY A 922 -133.91 -209.46 -260.61
C GLY A 922 -133.45 -208.15 -261.22
N SER A 923 -134.33 -207.15 -261.24
CA SER A 923 -134.00 -205.80 -261.72
C SER A 923 -133.25 -204.95 -260.70
N THR A 924 -133.52 -205.06 -259.39
CA THR A 924 -133.02 -204.11 -258.39
C THR A 924 -131.54 -204.35 -258.07
N LEU A 925 -130.70 -203.33 -258.26
CA LEU A 925 -129.29 -203.35 -257.88
C LEU A 925 -129.12 -203.16 -256.38
N LEU A 926 -128.46 -204.10 -255.70
CA LEU A 926 -128.22 -204.04 -254.25
C LEU A 926 -126.88 -203.41 -253.91
N THR A 927 -125.91 -203.47 -254.82
CA THR A 927 -124.55 -202.99 -254.57
C THR A 927 -123.92 -202.61 -255.90
N ARG A 928 -122.98 -201.66 -255.92
CA ARG A 928 -122.23 -201.31 -257.13
C ARG A 928 -120.77 -201.08 -256.82
N HIS A 929 -119.87 -201.43 -257.73
CA HIS A 929 -118.42 -201.28 -257.62
C HIS A 929 -117.81 -200.80 -258.91
N ILE A 930 -116.79 -199.96 -258.82
CA ILE A 930 -115.89 -199.71 -259.94
C ILE A 930 -114.77 -200.75 -259.91
N LEU A 931 -114.35 -201.22 -261.07
CA LEU A 931 -113.28 -202.19 -261.25
C LEU A 931 -112.14 -201.54 -262.02
N ALA A 932 -110.91 -201.93 -261.74
CA ALA A 932 -109.80 -201.62 -262.64
C ALA A 932 -110.12 -202.22 -264.02
N GLU A 933 -109.93 -201.49 -265.10
CA GLU A 933 -110.29 -201.98 -266.44
C GLU A 933 -109.63 -203.32 -266.76
N PHE A 934 -110.39 -204.24 -267.35
CA PHE A 934 -109.81 -205.41 -268.02
C PHE A 934 -110.63 -205.80 -269.25
N LEU A 935 -109.97 -206.41 -270.22
CA LEU A 935 -110.60 -206.98 -271.41
C LEU A 935 -110.95 -208.44 -271.14
N LEU A 936 -112.21 -208.83 -271.25
CA LEU A 936 -112.56 -210.24 -271.13
C LEU A 936 -112.32 -210.97 -272.45
N ASP A 937 -111.15 -211.56 -272.59
CA ASP A 937 -110.67 -212.16 -273.85
C ASP A 937 -111.39 -213.48 -274.22
N THR A 938 -111.13 -214.01 -275.41
CA THR A 938 -111.96 -215.01 -276.13
C THR A 938 -112.24 -216.36 -275.47
N ASP A 939 -111.65 -216.70 -274.31
CA ASP A 939 -111.85 -218.02 -273.68
C ASP A 939 -111.85 -217.96 -272.15
N GLN A 940 -112.08 -216.79 -271.56
CA GLN A 940 -111.78 -216.55 -270.15
C GLN A 940 -113.04 -216.63 -269.28
N ARG A 941 -113.05 -217.48 -268.25
CA ARG A 941 -114.06 -217.46 -267.19
C ARG A 941 -113.85 -216.23 -266.33
N LEU A 942 -114.90 -215.45 -266.12
CA LEU A 942 -114.91 -214.33 -265.19
C LEU A 942 -115.77 -214.71 -263.99
N ALA A 943 -115.32 -214.47 -262.76
CA ALA A 943 -116.12 -214.74 -261.57
C ALA A 943 -115.99 -213.65 -260.50
N SER A 944 -116.99 -213.55 -259.65
CA SER A 944 -117.03 -212.61 -258.55
C SER A 944 -116.38 -213.19 -257.28
N SER A 945 -115.94 -212.32 -256.39
CA SER A 945 -115.68 -212.58 -254.98
C SER A 945 -116.12 -211.36 -254.19
N GLU A 946 -117.43 -211.17 -254.15
CA GLU A 946 -118.11 -210.03 -253.56
C GLU A 946 -118.35 -210.23 -252.07
N SER A 947 -117.61 -209.53 -251.23
CA SER A 947 -117.88 -209.48 -249.79
C SER A 947 -119.02 -208.51 -249.49
N THR A 948 -120.04 -208.94 -248.75
CA THR A 948 -120.99 -208.03 -248.09
C THR A 948 -120.89 -208.19 -246.58
N ARG A 949 -120.62 -207.10 -245.86
CA ARG A 949 -120.44 -207.07 -244.41
C ARG A 949 -121.58 -206.33 -243.72
N PHE A 950 -122.08 -206.86 -242.61
CA PHE A 950 -123.05 -206.22 -241.74
C PHE A 950 -122.37 -205.84 -240.43
N THR A 951 -122.48 -204.58 -240.02
CA THR A 951 -121.71 -204.06 -238.90
C THR A 951 -122.42 -202.88 -238.22
N SER A 952 -122.05 -202.54 -237.00
CA SER A 952 -122.54 -201.35 -236.29
C SER A 952 -121.62 -200.15 -236.48
N ASP A 953 -122.11 -198.97 -236.13
CA ASP A 953 -121.29 -197.77 -235.97
C ASP A 953 -120.55 -197.78 -234.62
N ASN A 954 -121.25 -198.10 -233.55
CA ASN A 954 -120.76 -198.25 -232.17
C ASN A 954 -120.32 -199.69 -231.88
N PRO B 2 -26.23 -199.59 -223.86
CA PRO B 2 -27.09 -198.74 -224.71
C PRO B 2 -26.98 -199.11 -226.19
N GLN B 3 -27.43 -198.25 -227.10
CA GLN B 3 -27.11 -198.41 -228.52
C GLN B 3 -25.60 -198.26 -228.75
N LEU B 4 -25.08 -198.93 -229.78
CA LEU B 4 -23.64 -198.92 -230.11
C LEU B 4 -23.17 -197.50 -230.48
N GLY B 5 -21.93 -197.17 -230.12
CA GLY B 5 -21.31 -195.87 -230.35
C GLY B 5 -21.75 -194.75 -229.39
N ASP B 6 -22.98 -194.79 -228.88
CA ASP B 6 -23.45 -193.83 -227.88
C ASP B 6 -22.82 -194.06 -226.51
N SER B 7 -22.68 -195.34 -226.11
CA SER B 7 -21.87 -195.74 -224.95
C SER B 7 -20.37 -195.58 -225.25
N LYS B 8 -19.60 -195.11 -224.26
CA LYS B 8 -18.13 -195.16 -224.27
C LYS B 8 -17.66 -196.20 -223.25
N LEU B 9 -16.64 -196.99 -223.61
CA LEU B 9 -16.37 -198.28 -222.96
C LEU B 9 -16.25 -198.19 -221.43
N GLY B 10 -17.06 -198.96 -220.72
CA GLY B 10 -17.12 -198.99 -219.26
C GLY B 10 -17.99 -197.90 -218.60
N GLU B 11 -18.47 -196.90 -219.35
CA GLU B 11 -19.29 -195.80 -218.81
C GLU B 11 -20.72 -196.22 -218.45
N SER B 12 -21.21 -197.33 -219.01
CA SER B 12 -22.55 -197.89 -218.74
C SER B 12 -22.57 -199.42 -218.84
N GLN B 13 -23.44 -200.05 -218.06
CA GLN B 13 -23.83 -201.46 -218.24
C GLN B 13 -24.66 -201.66 -219.51
N LEU B 14 -24.85 -202.91 -219.91
CA LEU B 14 -25.16 -203.30 -221.30
C LEU B 14 -26.54 -202.86 -221.80
N GLY B 15 -27.61 -203.13 -221.04
CA GLY B 15 -28.95 -202.63 -221.34
C GLY B 15 -29.23 -201.23 -220.77
N SER B 16 -30.20 -200.52 -221.34
CA SER B 16 -30.61 -199.19 -220.87
C SER B 16 -32.09 -198.89 -221.17
N PRO B 17 -33.01 -199.42 -220.36
CA PRO B 17 -32.81 -200.32 -219.23
C PRO B 17 -32.54 -201.77 -219.65
N GLY B 18 -32.00 -202.57 -218.72
CA GLY B 18 -31.75 -204.02 -218.87
C GLY B 18 -33.02 -204.88 -218.86
N THR B 19 -34.08 -204.40 -219.53
CA THR B 19 -35.46 -204.91 -219.43
C THR B 19 -35.76 -206.09 -220.37
N LEU B 20 -36.86 -206.80 -220.09
CA LEU B 20 -37.21 -208.09 -220.67
C LEU B 20 -38.69 -208.08 -221.08
N LYS B 21 -39.07 -208.61 -222.25
CA LYS B 21 -40.43 -208.45 -222.77
C LYS B 21 -41.47 -209.14 -221.91
N GLN B 22 -42.57 -208.44 -221.65
CA GLN B 22 -43.75 -208.91 -220.94
C GLN B 22 -45.02 -208.44 -221.65
N GLY B 23 -46.14 -209.11 -221.41
CA GLY B 23 -47.38 -208.84 -222.14
C GLY B 23 -47.48 -209.59 -223.47
N VAL B 24 -48.57 -209.35 -224.19
CA VAL B 24 -48.94 -210.02 -225.44
C VAL B 24 -48.84 -209.06 -226.60
N GLU B 25 -48.09 -209.43 -227.64
CA GLU B 25 -48.02 -208.66 -228.87
C GLU B 25 -48.49 -209.47 -230.07
N TRP B 26 -49.42 -208.92 -230.83
CA TRP B 26 -49.81 -209.46 -232.13
C TRP B 26 -49.12 -208.64 -233.22
N THR B 27 -48.45 -209.30 -234.14
CA THR B 27 -47.84 -208.65 -235.31
C THR B 27 -48.59 -209.05 -236.56
N VAL B 28 -49.12 -208.09 -237.30
CA VAL B 28 -49.81 -208.32 -238.56
C VAL B 28 -48.84 -208.10 -239.71
N VAL B 29 -48.76 -209.05 -240.62
CA VAL B 29 -47.86 -209.02 -241.78
C VAL B 29 -48.68 -209.02 -243.06
N VAL B 30 -48.48 -208.02 -243.92
CA VAL B 30 -49.26 -207.79 -245.14
C VAL B 30 -48.38 -208.02 -246.35
N ASP B 31 -48.69 -209.00 -247.18
CA ASP B 31 -47.89 -209.34 -248.36
C ASP B 31 -46.36 -209.41 -248.08
N GLY B 32 -45.99 -209.91 -246.89
CA GLY B 32 -44.60 -210.06 -246.46
C GLY B 32 -43.97 -208.91 -245.66
N GLU B 33 -44.69 -207.84 -245.29
CA GLU B 33 -44.13 -206.77 -244.44
C GLU B 33 -45.02 -206.41 -243.24
N GLU B 34 -44.43 -206.07 -242.10
CA GLU B 34 -45.17 -205.74 -240.88
C GLU B 34 -45.99 -204.46 -241.03
N GLN B 35 -47.20 -204.44 -240.50
CA GLN B 35 -48.01 -203.23 -240.37
C GLN B 35 -47.73 -202.53 -239.03
N ASN B 36 -47.48 -201.22 -239.03
CA ASN B 36 -47.00 -200.52 -237.83
C ASN B 36 -48.11 -200.09 -236.87
N ASN B 37 -49.24 -199.61 -237.37
CA ASN B 37 -50.19 -198.84 -236.57
C ASN B 37 -51.37 -199.67 -236.03
N VAL B 38 -51.22 -200.99 -235.93
CA VAL B 38 -52.27 -201.90 -235.46
C VAL B 38 -52.53 -201.68 -233.98
N TRP B 39 -53.79 -201.56 -233.58
CA TRP B 39 -54.17 -201.35 -232.19
C TRP B 39 -55.22 -202.33 -231.68
N ASP B 40 -55.78 -203.19 -232.54
CA ASP B 40 -56.61 -204.31 -232.13
C ASP B 40 -56.53 -205.43 -233.16
N VAL B 41 -56.66 -206.67 -232.70
CA VAL B 41 -56.67 -207.89 -233.51
C VAL B 41 -57.69 -208.85 -232.92
N GLN B 42 -58.56 -209.38 -233.77
CA GLN B 42 -59.45 -210.49 -233.45
C GLN B 42 -59.17 -211.64 -234.41
N VAL B 43 -58.90 -212.85 -233.93
CA VAL B 43 -58.69 -214.04 -234.76
C VAL B 43 -59.68 -215.11 -234.33
N VAL B 44 -60.44 -215.69 -235.26
CA VAL B 44 -61.37 -216.78 -234.99
C VAL B 44 -60.97 -218.01 -235.78
N ASP B 45 -60.79 -219.12 -235.08
CA ASP B 45 -60.44 -220.42 -235.63
C ASP B 45 -61.50 -221.45 -235.22
N THR B 46 -62.16 -222.11 -236.17
CA THR B 46 -63.41 -222.83 -235.90
C THR B 46 -63.65 -224.05 -236.81
N ALA B 47 -64.50 -224.98 -236.36
CA ALA B 47 -64.81 -226.22 -237.06
C ALA B 47 -65.57 -226.03 -238.39
N ASN B 48 -65.66 -227.08 -239.19
CA ASN B 48 -65.93 -226.98 -240.64
C ASN B 48 -67.22 -226.31 -241.13
N PRO B 49 -68.37 -226.32 -240.45
CA PRO B 49 -69.52 -225.58 -240.92
C PRO B 49 -69.29 -224.07 -240.99
N PHE B 50 -68.30 -223.54 -240.26
CA PHE B 50 -68.09 -222.12 -239.99
C PHE B 50 -66.77 -221.64 -240.57
N GLY B 51 -66.71 -220.38 -240.98
CA GLY B 51 -65.50 -219.80 -241.58
C GLY B 51 -64.49 -219.32 -240.54
N ASP B 52 -63.21 -219.65 -240.71
CA ASP B 52 -62.15 -218.95 -239.98
C ASP B 52 -62.02 -217.54 -240.52
N TYR B 53 -61.78 -216.57 -239.65
CA TYR B 53 -61.57 -215.19 -240.08
C TYR B 53 -60.73 -214.41 -239.09
N ALA B 54 -60.18 -213.30 -239.53
CA ALA B 54 -59.51 -212.35 -238.67
C ALA B 54 -59.93 -210.92 -239.00
N VAL B 55 -59.86 -210.05 -238.00
CA VAL B 55 -60.13 -208.63 -238.13
C VAL B 55 -58.98 -207.87 -237.51
N PHE B 56 -58.41 -206.93 -238.24
CA PHE B 56 -57.33 -206.05 -237.78
C PHE B 56 -57.84 -204.62 -237.77
N LYS B 57 -57.62 -203.87 -236.69
CA LYS B 57 -57.93 -202.45 -236.63
C LYS B 57 -56.64 -201.64 -236.54
N MET B 58 -56.51 -200.66 -237.40
CA MET B 58 -55.35 -199.78 -237.51
C MET B 58 -55.76 -198.33 -237.51
N ASP B 59 -54.85 -197.43 -237.14
CA ASP B 59 -54.92 -196.05 -237.59
C ASP B 59 -54.37 -195.90 -238.99
N ASP B 60 -54.90 -194.94 -239.73
CA ASP B 60 -54.37 -194.56 -241.04
C ASP B 60 -54.20 -193.04 -241.18
N ARG B 61 -53.32 -192.61 -242.08
CA ARG B 61 -53.02 -191.22 -242.42
C ARG B 61 -53.19 -191.07 -243.92
N GLY B 62 -54.03 -190.16 -244.39
CA GLY B 62 -54.17 -189.87 -245.83
C GLY B 62 -54.56 -191.07 -246.68
N GLY B 63 -55.18 -192.10 -246.09
CA GLY B 63 -55.51 -193.36 -246.77
C GLY B 63 -54.31 -194.22 -247.19
N GLN B 64 -53.11 -193.98 -246.66
CA GLN B 64 -51.89 -194.66 -247.12
C GLN B 64 -51.86 -196.14 -246.76
N ALA B 65 -52.33 -196.56 -245.59
CA ALA B 65 -52.41 -197.97 -245.25
C ALA B 65 -53.55 -198.68 -245.98
N PHE B 66 -54.67 -198.03 -246.26
CA PHE B 66 -55.78 -198.64 -247.01
C PHE B 66 -55.35 -199.15 -248.40
N GLU B 67 -54.33 -198.57 -249.02
CA GLU B 67 -53.80 -199.03 -250.31
C GLU B 67 -52.99 -200.34 -250.22
N ALA B 68 -52.58 -200.78 -249.02
CA ALA B 68 -51.78 -201.98 -248.84
C ALA B 68 -52.58 -203.28 -248.89
N TYR B 69 -53.92 -203.21 -248.84
CA TYR B 69 -54.80 -204.36 -248.64
C TYR B 69 -55.78 -204.69 -249.79
N PRO B 70 -55.44 -204.62 -251.10
CA PRO B 70 -56.34 -205.07 -252.15
C PRO B 70 -56.96 -206.45 -251.86
N ARG B 71 -58.22 -206.67 -252.23
CA ARG B 71 -58.90 -207.96 -252.01
C ARG B 71 -58.05 -209.11 -252.54
N GLY B 72 -57.88 -210.16 -251.74
CA GLY B 72 -57.06 -211.31 -252.08
C GLY B 72 -55.59 -211.20 -251.65
N THR B 73 -55.10 -210.07 -251.17
CA THR B 73 -53.73 -209.98 -250.63
C THR B 73 -53.58 -210.78 -249.34
N ARG B 74 -52.42 -211.41 -249.15
CA ARG B 74 -52.12 -212.27 -248.01
C ARG B 74 -51.92 -211.45 -246.76
N VAL B 75 -52.52 -211.89 -245.67
CA VAL B 75 -52.28 -211.37 -244.32
C VAL B 75 -51.98 -212.52 -243.38
N GLU B 76 -51.04 -212.30 -242.49
CA GLU B 76 -50.63 -213.24 -241.46
C GLU B 76 -50.65 -212.53 -240.11
N ALA B 77 -51.15 -213.17 -239.07
CA ALA B 77 -51.07 -212.65 -237.72
C ALA B 77 -50.21 -213.57 -236.87
N TYR B 78 -49.10 -213.04 -236.39
CA TYR B 78 -48.22 -213.70 -235.46
C TYR B 78 -48.54 -213.25 -234.04
N VAL B 79 -48.41 -214.13 -233.06
CA VAL B 79 -48.57 -213.79 -231.64
C VAL B 79 -47.35 -214.19 -230.84
N SER B 80 -46.99 -213.39 -229.84
CA SER B 80 -46.08 -213.83 -228.77
C SER B 80 -46.47 -213.25 -227.42
N GLU B 81 -46.40 -214.07 -226.37
CA GLU B 81 -46.51 -213.62 -224.99
C GLU B 81 -45.14 -213.66 -224.29
N GLY B 82 -44.78 -212.62 -223.57
CA GLY B 82 -43.49 -212.58 -222.89
C GLY B 82 -42.34 -212.63 -223.89
N THR B 83 -41.29 -213.36 -223.55
CA THR B 83 -40.11 -213.59 -224.41
C THR B 83 -40.26 -214.79 -225.33
N GLU B 84 -41.42 -215.44 -225.40
CA GLU B 84 -41.63 -216.62 -226.24
C GLU B 84 -41.54 -216.25 -227.73
N PRO B 85 -41.11 -217.17 -228.61
CA PRO B 85 -40.96 -216.89 -230.03
C PRO B 85 -42.33 -216.67 -230.68
N LEU B 86 -42.36 -215.95 -231.81
CA LEU B 86 -43.59 -215.69 -232.56
C LEU B 86 -44.15 -216.98 -233.16
N ASP B 87 -45.44 -217.24 -232.93
CA ASP B 87 -46.19 -218.27 -233.65
C ASP B 87 -47.12 -217.62 -234.66
N ASN B 88 -47.09 -218.07 -235.92
CA ASN B 88 -48.03 -217.66 -236.94
C ASN B 88 -49.41 -218.28 -236.65
N ARG B 89 -50.29 -217.53 -235.98
CA ARG B 89 -51.57 -218.08 -235.52
C ARG B 89 -52.69 -218.00 -236.55
N PHE B 90 -52.63 -217.07 -237.50
CA PHE B 90 -53.59 -216.95 -238.58
C PHE B 90 -52.89 -216.68 -239.90
N THR B 91 -53.33 -217.31 -240.98
CA THR B 91 -52.97 -216.92 -242.34
C THR B 91 -54.21 -216.93 -243.22
N GLY B 92 -54.35 -215.94 -244.07
CA GLY B 92 -55.55 -215.76 -244.88
C GLY B 92 -55.39 -214.64 -245.88
N TYR B 93 -56.48 -214.24 -246.51
CA TYR B 93 -56.51 -213.22 -247.54
C TYR B 93 -57.59 -212.18 -247.25
N VAL B 94 -57.31 -210.92 -247.59
CA VAL B 94 -58.24 -209.82 -247.36
C VAL B 94 -59.51 -210.01 -248.18
N VAL B 95 -60.67 -209.82 -247.56
CA VAL B 95 -61.96 -209.83 -248.24
C VAL B 95 -62.73 -208.54 -248.09
N GLU B 96 -62.47 -207.74 -247.05
CA GLU B 96 -62.99 -206.38 -246.95
C GLU B 96 -61.92 -205.49 -246.33
N ARG B 97 -61.77 -204.29 -246.88
CA ARG B 97 -61.00 -203.20 -246.29
C ARG B 97 -61.94 -202.03 -246.13
N ARG B 98 -62.06 -201.49 -244.93
CA ARG B 98 -62.98 -200.39 -244.62
C ARG B 98 -62.25 -199.31 -243.88
N GLU B 99 -62.45 -198.06 -244.24
CA GLU B 99 -61.88 -196.95 -243.49
C GLU B 99 -62.96 -195.97 -243.07
N ASN B 100 -62.96 -195.54 -241.80
CA ASN B 100 -64.02 -194.78 -241.18
C ASN B 100 -63.51 -193.55 -240.44
N GLU B 101 -64.29 -192.48 -240.50
CA GLU B 101 -64.28 -191.45 -239.49
C GLU B 101 -64.87 -192.02 -238.19
N GLN B 102 -64.05 -192.18 -237.14
CA GLN B 102 -64.53 -192.51 -235.80
C GLN B 102 -64.13 -191.39 -234.83
N GLN B 103 -65.01 -190.42 -234.62
CA GLN B 103 -64.79 -189.33 -233.64
C GLN B 103 -63.43 -188.63 -233.82
N GLY B 104 -63.04 -188.34 -235.06
CA GLY B 104 -61.74 -187.77 -235.41
C GLY B 104 -60.70 -188.77 -235.87
N ALA B 105 -60.67 -189.99 -235.35
CA ALA B 105 -59.75 -191.01 -235.83
C ALA B 105 -60.13 -191.48 -237.24
N ASP B 106 -59.15 -191.83 -238.06
CA ASP B 106 -59.35 -192.50 -239.34
C ASP B 106 -59.00 -193.97 -239.17
N VAL B 107 -60.00 -194.80 -238.90
CA VAL B 107 -59.78 -196.18 -238.50
C VAL B 107 -59.87 -197.07 -239.72
N LEU B 108 -58.84 -197.85 -239.99
CA LEU B 108 -58.83 -198.86 -241.03
C LEU B 108 -59.13 -200.21 -240.38
N GLU B 109 -60.22 -200.85 -240.80
CA GLU B 109 -60.59 -202.18 -240.37
C GLU B 109 -60.47 -203.12 -241.57
N VAL B 110 -59.60 -204.12 -241.45
CA VAL B 110 -59.35 -205.11 -242.49
C VAL B 110 -59.88 -206.44 -242.02
N GLU B 111 -60.69 -207.11 -242.84
CA GLU B 111 -61.25 -208.41 -242.54
C GLU B 111 -60.76 -209.43 -243.56
N ALA B 112 -60.33 -210.59 -243.08
CA ALA B 112 -59.69 -211.60 -243.88
C ALA B 112 -60.27 -212.99 -243.60
N TYR B 113 -60.51 -213.77 -244.65
CA TYR B 113 -60.91 -215.16 -244.54
C TYR B 113 -59.70 -216.07 -244.77
N SER B 114 -59.81 -217.36 -244.46
CA SER B 114 -58.69 -218.31 -244.55
C SER B 114 -58.96 -219.43 -245.56
N PHE B 115 -58.14 -220.48 -245.56
CA PHE B 115 -58.14 -221.56 -246.55
C PHE B 115 -59.43 -222.39 -246.59
N ASP B 116 -60.19 -222.46 -245.51
CA ASP B 116 -61.41 -223.28 -245.48
C ASP B 116 -62.45 -222.81 -246.49
N GLN B 117 -62.36 -221.59 -246.98
CA GLN B 117 -63.20 -221.09 -248.08
C GLN B 117 -63.03 -221.91 -249.36
N PHE B 118 -61.86 -222.50 -249.61
CA PHE B 118 -61.66 -223.33 -250.79
C PHE B 118 -62.28 -224.73 -250.68
N LEU B 119 -62.73 -225.17 -249.51
CA LEU B 119 -63.62 -226.33 -249.37
C LEU B 119 -65.10 -225.91 -249.41
N ARG B 120 -65.42 -224.73 -248.89
CA ARG B 120 -66.76 -224.14 -248.85
C ARG B 120 -67.33 -223.83 -250.25
N ARG B 121 -66.48 -223.31 -251.14
CA ARG B 121 -66.84 -222.66 -252.41
C ARG B 121 -66.38 -223.45 -253.63
N ASN B 122 -66.39 -224.78 -253.56
CA ASN B 122 -66.12 -225.67 -254.70
C ASN B 122 -67.09 -226.85 -254.65
N THR B 123 -67.31 -227.51 -255.78
CA THR B 123 -68.26 -228.61 -255.90
C THR B 123 -67.59 -229.87 -256.45
N VAL B 124 -68.08 -231.04 -256.04
CA VAL B 124 -67.59 -232.34 -256.48
C VAL B 124 -67.90 -232.55 -257.96
N THR B 125 -66.90 -232.79 -258.80
CA THR B 125 -67.06 -232.87 -260.26
C THR B 125 -67.16 -234.28 -260.81
N ASN B 126 -66.43 -235.24 -260.26
CA ASN B 126 -66.49 -236.65 -260.64
C ASN B 126 -67.60 -237.40 -259.90
N ASP B 127 -67.85 -238.65 -260.26
CA ASP B 127 -68.81 -239.52 -259.60
C ASP B 127 -68.10 -240.60 -258.76
N GLN B 128 -68.35 -240.61 -257.45
CA GLN B 128 -67.65 -241.50 -256.51
C GLN B 128 -68.38 -242.81 -256.21
N THR B 129 -69.51 -243.13 -256.86
CA THR B 129 -70.17 -244.42 -256.63
C THR B 129 -69.19 -245.58 -256.83
N GLY B 130 -69.07 -246.44 -255.84
CA GLY B 130 -68.16 -247.58 -255.84
C GLY B 130 -66.71 -247.27 -255.45
N ASN B 131 -66.36 -246.02 -255.18
CA ASN B 131 -65.08 -245.70 -254.52
C ASN B 131 -65.19 -245.97 -253.02
N THR B 132 -64.10 -246.39 -252.39
CA THR B 132 -64.02 -246.35 -250.93
C THR B 132 -63.79 -244.92 -250.43
N ILE B 133 -64.08 -244.59 -249.17
CA ILE B 133 -63.97 -243.20 -248.71
C ILE B 133 -62.55 -242.67 -248.86
N SER B 134 -61.51 -243.45 -248.58
CA SER B 134 -60.13 -243.00 -248.80
C SER B 134 -59.82 -242.72 -250.28
N GLN B 135 -60.44 -243.44 -251.23
CA GLN B 135 -60.33 -243.13 -252.65
C GLN B 135 -61.11 -241.86 -253.03
N ALA B 136 -62.30 -241.67 -252.48
CA ALA B 136 -63.09 -240.47 -252.72
C ALA B 136 -62.40 -239.20 -252.19
N LEU B 137 -61.74 -239.27 -251.04
CA LEU B 137 -60.93 -238.16 -250.53
C LEU B 137 -59.80 -237.80 -251.50
N ALA B 138 -59.06 -238.80 -251.99
CA ALA B 138 -58.01 -238.56 -252.97
C ALA B 138 -58.57 -237.97 -254.28
N ASP B 139 -59.67 -238.51 -254.79
CA ASP B 139 -60.34 -237.99 -255.98
C ASP B 139 -60.76 -236.53 -255.82
N ILE B 140 -61.56 -236.24 -254.80
CA ILE B 140 -62.14 -234.91 -254.61
C ILE B 140 -61.06 -233.86 -254.33
N ILE B 141 -60.18 -234.09 -253.37
CA ILE B 141 -59.18 -233.07 -253.03
C ILE B 141 -58.15 -232.90 -254.14
N GLN B 142 -57.77 -233.94 -254.87
CA GLN B 142 -56.74 -233.80 -255.89
C GLN B 142 -57.24 -233.16 -257.20
N THR B 143 -58.54 -232.93 -257.40
CA THR B 143 -59.05 -232.27 -258.62
C THR B 143 -60.01 -231.11 -258.37
N ASP B 144 -60.83 -231.14 -257.32
CA ASP B 144 -61.96 -230.23 -257.19
C ASP B 144 -61.71 -229.08 -256.20
N THR B 145 -60.55 -229.01 -255.56
CA THR B 145 -60.19 -227.90 -254.67
C THR B 145 -58.69 -227.61 -254.73
N PRO B 146 -58.24 -226.35 -254.65
CA PRO B 146 -56.85 -225.95 -254.82
C PRO B 146 -56.01 -226.13 -253.54
N VAL B 147 -56.08 -227.31 -252.93
CA VAL B 147 -55.47 -227.64 -251.64
C VAL B 147 -54.48 -228.77 -251.84
N ARG B 148 -53.38 -228.80 -251.09
CA ARG B 148 -52.33 -229.80 -251.31
C ARG B 148 -52.76 -231.16 -250.76
N PHE B 149 -52.76 -232.20 -251.58
CA PHE B 149 -53.10 -233.55 -251.11
C PHE B 149 -51.87 -234.31 -250.61
N ASN B 150 -52.04 -235.10 -249.56
CA ASN B 150 -51.02 -235.99 -249.03
C ASN B 150 -51.68 -237.18 -248.35
N ALA B 151 -51.50 -238.39 -248.88
CA ALA B 151 -52.19 -239.58 -248.37
C ALA B 151 -51.82 -239.94 -246.93
N ALA B 152 -50.70 -239.48 -246.40
CA ALA B 152 -50.35 -239.66 -245.00
C ALA B 152 -51.30 -238.93 -244.02
N ASN B 153 -51.99 -237.87 -244.47
CA ASN B 153 -52.88 -237.09 -243.62
C ASN B 153 -54.32 -237.60 -243.60
N ILE B 154 -54.68 -238.58 -244.43
CA ILE B 154 -56.02 -239.14 -244.47
C ILE B 154 -55.99 -240.57 -243.92
N THR B 155 -56.77 -240.83 -242.88
CA THR B 155 -56.82 -242.12 -242.18
C THR B 155 -58.25 -242.40 -241.75
N VAL B 156 -59.03 -243.00 -242.64
CA VAL B 156 -60.46 -243.22 -242.42
C VAL B 156 -60.68 -244.30 -241.36
N GLY B 157 -61.52 -244.04 -240.35
CA GLY B 157 -61.73 -244.97 -239.24
C GLY B 157 -62.62 -246.18 -239.56
N ASP B 158 -63.44 -246.08 -240.60
CA ASP B 158 -64.28 -247.15 -241.14
C ASP B 158 -64.48 -246.91 -242.66
N ASP B 159 -63.60 -247.49 -243.48
CA ASP B 159 -63.47 -247.15 -244.90
C ASP B 159 -64.52 -247.86 -245.77
N GLN B 160 -65.77 -247.42 -245.67
CA GLN B 160 -66.92 -247.89 -246.46
C GLN B 160 -66.73 -247.63 -247.96
N GLU B 161 -67.60 -248.16 -248.81
CA GLU B 161 -67.75 -247.73 -250.21
C GLU B 161 -68.98 -246.87 -250.41
N LEU B 162 -68.82 -245.73 -251.08
CA LEU B 162 -69.90 -244.79 -251.34
C LEU B 162 -70.90 -245.40 -252.32
N THR B 163 -72.19 -245.36 -251.98
CA THR B 163 -73.25 -245.79 -252.91
C THR B 163 -73.85 -244.59 -253.63
N ARG B 164 -74.19 -243.51 -252.92
CA ARG B 164 -74.49 -242.20 -253.51
C ARG B 164 -73.43 -241.74 -254.48
N SER B 165 -73.87 -241.16 -255.59
CA SER B 165 -73.05 -240.18 -256.29
C SER B 165 -73.05 -238.87 -255.51
N TYR B 166 -71.88 -238.33 -255.19
CA TYR B 166 -71.77 -237.02 -254.56
C TYR B 166 -71.64 -235.88 -255.57
N GLN B 167 -71.72 -236.21 -256.86
CA GLN B 167 -71.46 -235.29 -257.95
C GLN B 167 -72.38 -234.06 -257.88
N GLY B 168 -71.79 -232.87 -257.83
CA GLY B 168 -72.48 -231.60 -257.68
C GLY B 168 -72.64 -231.09 -256.26
N ASP B 169 -72.43 -231.90 -255.22
CA ASP B 169 -72.47 -231.41 -253.84
C ASP B 169 -71.26 -230.49 -253.54
N PRO B 170 -71.39 -229.48 -252.66
CA PRO B 170 -70.25 -228.69 -252.20
C PRO B 170 -69.23 -229.59 -251.52
N VAL B 171 -67.94 -229.32 -251.70
CA VAL B 171 -66.88 -230.20 -251.17
C VAL B 171 -66.95 -230.34 -249.65
N GLU B 172 -67.05 -229.25 -248.89
CA GLU B 172 -67.17 -229.34 -247.43
C GLU B 172 -68.41 -230.12 -246.99
N ASN B 173 -69.52 -229.98 -247.72
CA ASN B 173 -70.77 -230.67 -247.45
C ASN B 173 -70.65 -232.18 -247.72
N ALA B 174 -69.94 -232.58 -248.78
CA ALA B 174 -69.63 -233.97 -249.08
C ALA B 174 -68.66 -234.59 -248.07
N LEU B 175 -67.59 -233.89 -247.69
CA LEU B 175 -66.65 -234.35 -246.67
C LEU B 175 -67.34 -234.54 -245.31
N ARG B 176 -68.26 -233.66 -244.94
CA ARG B 176 -69.04 -233.80 -243.71
C ARG B 176 -70.01 -234.97 -243.76
N ASP B 177 -70.45 -235.39 -244.94
CA ASP B 177 -71.17 -236.65 -245.12
C ASP B 177 -70.27 -237.88 -244.98
N PHE B 178 -69.06 -237.85 -245.55
CA PHE B 178 -68.08 -238.94 -245.38
C PHE B 178 -67.66 -239.09 -243.92
N ALA B 179 -67.61 -238.00 -243.18
CA ALA B 179 -67.34 -237.99 -241.75
C ALA B 179 -68.54 -238.39 -240.90
N PHE B 180 -69.77 -238.31 -241.41
CA PHE B 180 -70.96 -238.83 -240.71
C PHE B 180 -71.08 -240.34 -240.89
N LYS B 181 -70.81 -240.85 -242.09
CA LYS B 181 -70.29 -242.21 -242.28
C LYS B 181 -68.89 -242.27 -241.66
N SER B 182 -68.16 -243.37 -241.75
CA SER B 182 -66.87 -243.47 -241.07
C SER B 182 -67.03 -243.22 -239.55
N THR B 183 -66.16 -242.47 -238.88
CA THR B 183 -66.14 -242.35 -237.42
C THR B 183 -66.19 -240.91 -236.87
N ASN B 184 -67.07 -240.05 -237.39
CA ASN B 184 -67.30 -238.68 -236.89
C ASN B 184 -66.01 -237.83 -236.89
N GLU B 185 -65.33 -237.82 -238.03
CA GLU B 185 -63.91 -237.51 -238.16
C GLU B 185 -63.61 -236.02 -238.37
N ASP B 186 -62.44 -235.54 -237.97
CA ASP B 186 -62.02 -234.16 -238.23
C ASP B 186 -61.36 -234.05 -239.61
N PHE B 187 -61.66 -232.97 -240.33
CA PHE B 187 -61.07 -232.68 -241.63
C PHE B 187 -60.83 -231.19 -241.80
N GLY B 188 -60.01 -230.80 -242.77
CA GLY B 188 -59.72 -229.40 -243.05
C GLY B 188 -58.41 -229.20 -243.77
N VAL B 189 -57.93 -227.96 -243.81
CA VAL B 189 -56.62 -227.60 -244.35
C VAL B 189 -55.69 -227.25 -243.19
N GLY B 190 -54.58 -227.95 -243.07
CA GLY B 190 -53.74 -227.95 -241.86
C GLY B 190 -52.50 -227.06 -241.96
N ASP B 191 -51.42 -227.53 -241.35
CA ASP B 191 -50.07 -226.94 -241.47
C ASP B 191 -49.54 -227.01 -242.92
N ASP B 192 -48.67 -226.08 -243.30
CA ASP B 192 -48.50 -225.67 -244.70
C ASP B 192 -49.87 -225.41 -245.35
N LEU B 193 -50.26 -226.19 -246.36
CA LEU B 193 -51.55 -226.13 -247.04
C LEU B 193 -52.13 -227.52 -247.29
N GLU B 194 -51.70 -228.52 -246.53
CA GLU B 194 -52.15 -229.89 -246.78
C GLU B 194 -53.55 -230.16 -246.23
N PHE B 195 -54.36 -230.88 -246.98
CA PHE B 195 -55.60 -231.44 -246.49
C PHE B 195 -55.33 -232.53 -245.44
N PHE B 196 -56.26 -232.72 -244.49
CA PHE B 196 -56.27 -233.85 -243.57
C PHE B 196 -57.69 -234.35 -243.32
N PHE B 197 -57.81 -235.63 -242.95
CA PHE B 197 -59.07 -236.29 -242.60
C PHE B 197 -58.76 -237.44 -241.65
N GLN B 198 -58.99 -237.28 -240.35
CA GLN B 198 -58.45 -238.20 -239.34
C GLN B 198 -59.31 -238.30 -238.07
N PRO B 199 -59.18 -239.37 -237.26
CA PRO B 199 -59.96 -239.57 -236.06
C PRO B 199 -59.90 -238.38 -235.09
N ARG B 200 -61.06 -238.09 -234.51
CA ARG B 200 -61.32 -237.00 -233.57
C ARG B 200 -60.52 -237.17 -232.26
N GLU B 201 -60.39 -236.11 -231.45
CA GLU B 201 -59.71 -236.11 -230.14
C GLU B 201 -58.28 -236.65 -230.16
N THR B 202 -57.42 -236.15 -231.05
CA THR B 202 -56.03 -236.62 -231.17
C THR B 202 -55.02 -235.89 -230.27
N VAL B 203 -55.32 -234.68 -229.74
CA VAL B 203 -54.38 -233.92 -228.89
C VAL B 203 -55.04 -233.27 -227.67
N HIS B 204 -54.23 -232.97 -226.66
CA HIS B 204 -54.64 -232.35 -225.40
C HIS B 204 -53.86 -231.05 -225.17
N ILE B 205 -54.53 -230.04 -224.64
CA ILE B 205 -53.89 -228.78 -224.23
C ILE B 205 -53.62 -228.88 -222.73
N ASP B 206 -52.40 -229.26 -222.36
CA ASP B 206 -52.04 -229.63 -220.99
C ASP B 206 -52.28 -228.51 -219.95
N ARG B 207 -52.24 -227.27 -220.39
CA ARG B 207 -52.41 -226.07 -219.56
C ARG B 207 -53.79 -226.01 -218.88
N GLY B 208 -54.84 -226.49 -219.53
CA GLY B 208 -56.20 -226.52 -218.96
C GLY B 208 -56.82 -225.16 -218.67
N VAL B 209 -58.00 -225.15 -218.07
CA VAL B 209 -58.67 -223.95 -217.52
C VAL B 209 -59.17 -224.28 -216.12
N ASP B 210 -58.34 -224.07 -215.11
CA ASP B 210 -58.77 -224.29 -213.72
C ASP B 210 -59.67 -223.16 -213.21
N ASN B 211 -60.23 -223.31 -212.02
CA ASN B 211 -61.23 -222.39 -211.49
C ASN B 211 -60.74 -220.93 -211.33
N THR B 212 -59.43 -220.68 -211.29
CA THR B 212 -58.86 -219.33 -211.25
C THR B 212 -58.61 -218.73 -212.64
N GLN B 213 -58.79 -219.49 -213.72
CA GLN B 213 -58.35 -219.11 -215.08
C GLN B 213 -59.48 -218.81 -216.07
N TRP B 214 -60.74 -219.03 -215.71
CA TRP B 214 -61.89 -218.57 -216.47
C TRP B 214 -62.32 -217.18 -215.98
N PHE B 215 -62.91 -216.34 -216.83
CA PHE B 215 -63.40 -215.00 -216.44
C PHE B 215 -64.88 -214.77 -216.73
N ARG B 216 -65.41 -215.41 -217.76
CA ARG B 216 -66.83 -215.43 -218.12
C ARG B 216 -67.14 -216.82 -218.66
N TYR B 217 -68.40 -217.20 -218.62
CA TYR B 217 -68.87 -218.41 -219.26
C TYR B 217 -70.34 -218.25 -219.66
N ASP B 218 -70.78 -219.02 -220.64
CA ASP B 218 -72.17 -219.15 -221.06
C ASP B 218 -72.36 -220.55 -221.65
N ILE B 219 -72.96 -221.46 -220.90
CA ILE B 219 -73.20 -222.84 -221.35
C ILE B 219 -74.72 -223.01 -221.49
N PRO B 220 -75.25 -223.07 -222.73
CA PRO B 220 -76.57 -223.58 -223.01
C PRO B 220 -76.56 -225.05 -223.32
N GLU B 221 -77.73 -225.68 -223.22
CA GLU B 221 -78.06 -226.85 -224.01
C GLU B 221 -79.01 -226.37 -225.12
N LEU B 222 -78.62 -226.52 -226.39
CA LEU B 222 -79.39 -226.03 -227.52
C LEU B 222 -80.33 -227.09 -228.07
N GLY B 223 -81.59 -227.05 -227.65
CA GLY B 223 -82.63 -227.98 -228.07
C GLY B 223 -83.73 -227.39 -228.94
N LYS B 224 -83.66 -226.13 -229.38
CA LYS B 224 -84.80 -225.46 -230.05
C LYS B 224 -85.07 -225.97 -231.46
N GLU B 225 -84.05 -226.46 -232.15
CA GLU B 225 -84.16 -227.00 -233.51
C GLU B 225 -84.49 -228.51 -233.53
N ALA B 226 -84.36 -229.23 -232.42
CA ALA B 226 -84.46 -230.68 -232.38
C ALA B 226 -85.85 -231.21 -232.75
N ILE B 227 -85.88 -232.35 -233.44
CA ILE B 227 -87.07 -233.10 -233.89
C ILE B 227 -86.80 -234.60 -233.72
N ASN B 228 -87.81 -235.45 -233.87
CA ASN B 228 -87.69 -236.88 -233.58
C ASN B 228 -88.17 -237.80 -234.71
N GLU B 229 -88.43 -237.26 -235.89
CA GLU B 229 -88.77 -238.03 -237.05
C GLU B 229 -88.33 -237.32 -238.33
N VAL B 230 -87.74 -238.06 -239.25
CA VAL B 230 -87.51 -237.56 -240.61
C VAL B 230 -88.07 -238.59 -241.56
N GLU B 231 -88.82 -238.18 -242.56
CA GLU B 231 -89.16 -239.06 -243.66
C GLU B 231 -88.47 -238.60 -244.92
N VAL B 232 -87.71 -239.50 -245.52
CA VAL B 232 -86.92 -239.22 -246.72
C VAL B 232 -87.58 -239.92 -247.89
N TRP B 233 -87.96 -239.18 -248.92
CA TRP B 233 -88.31 -239.74 -250.22
C TRP B 233 -87.07 -239.80 -251.11
N PHE B 234 -86.92 -240.86 -251.88
CA PHE B 234 -85.77 -241.12 -252.72
C PHE B 234 -86.19 -241.96 -253.94
N ASP B 235 -85.25 -242.36 -254.78
CA ASP B 235 -85.49 -243.10 -256.02
C ASP B 235 -86.52 -242.40 -256.93
N ASP B 236 -86.18 -241.20 -257.39
CA ASP B 236 -87.05 -240.29 -258.14
C ASP B 236 -88.36 -239.95 -257.41
N GLY B 237 -88.36 -240.02 -256.08
CA GLY B 237 -89.54 -239.79 -255.25
C GLY B 237 -90.49 -240.99 -255.18
N GLU B 238 -90.10 -242.15 -255.69
CA GLU B 238 -90.97 -243.32 -255.83
C GLU B 238 -90.92 -244.27 -254.62
N GLU B 239 -90.05 -244.03 -253.64
CA GLU B 239 -89.97 -244.77 -252.38
C GLU B 239 -89.63 -243.84 -251.20
N SER B 240 -90.01 -244.20 -249.97
CA SER B 240 -89.62 -243.45 -248.78
C SER B 240 -89.10 -244.31 -247.66
N VAL B 241 -88.39 -243.70 -246.71
CA VAL B 241 -88.02 -244.31 -245.44
C VAL B 241 -88.23 -243.33 -244.31
N ILE B 242 -88.81 -243.80 -243.21
CA ILE B 242 -89.00 -243.03 -241.98
C ILE B 242 -87.86 -243.35 -241.04
N VAL B 243 -87.14 -242.32 -240.61
CA VAL B 243 -86.09 -242.41 -239.59
C VAL B 243 -86.67 -241.95 -238.27
N ASP B 244 -86.72 -242.86 -237.31
CA ASP B 244 -87.63 -242.74 -236.18
C ASP B 244 -86.89 -242.76 -234.83
N ASP B 245 -86.92 -241.67 -234.08
CA ASP B 245 -86.33 -241.55 -232.74
C ASP B 245 -87.38 -241.75 -231.65
N GLY B 246 -87.56 -243.01 -231.21
CA GLY B 246 -88.59 -243.35 -230.24
C GLY B 246 -88.43 -242.68 -228.87
N THR B 247 -87.20 -242.48 -228.41
CA THR B 247 -86.93 -241.95 -227.08
C THR B 247 -87.46 -240.55 -226.90
N ASP B 248 -87.14 -239.61 -227.80
CA ASP B 248 -87.63 -238.23 -227.66
C ASP B 248 -89.16 -238.15 -227.82
N LYS B 249 -89.76 -239.01 -228.64
CA LYS B 249 -91.24 -239.10 -228.73
C LYS B 249 -91.86 -239.50 -227.41
N LEU B 250 -91.32 -240.52 -226.75
CA LEU B 250 -91.85 -241.03 -225.49
C LEU B 250 -91.57 -240.07 -224.33
N ASP B 251 -90.38 -239.49 -224.27
CA ASP B 251 -90.06 -238.47 -223.27
C ASP B 251 -91.01 -237.26 -223.37
N LEU B 252 -91.28 -236.75 -224.58
CA LEU B 252 -92.28 -235.71 -224.75
C LEU B 252 -93.69 -236.18 -224.39
N GLN B 253 -94.06 -237.43 -224.66
CA GLN B 253 -95.37 -237.94 -224.29
C GLN B 253 -95.54 -237.95 -222.76
N ASP B 254 -94.62 -238.55 -222.03
CA ASP B 254 -94.69 -238.64 -220.56
C ASP B 254 -94.66 -237.26 -219.92
N SER B 255 -93.82 -236.36 -220.44
CA SER B 255 -93.68 -235.00 -219.95
C SER B 255 -94.99 -234.22 -220.09
N LEU B 256 -95.55 -234.16 -221.30
CA LEU B 256 -96.73 -233.37 -221.57
C LEU B 256 -98.04 -234.08 -221.22
N GLY B 257 -98.02 -235.40 -221.06
CA GLY B 257 -99.21 -236.21 -220.82
C GLY B 257 -100.01 -236.47 -222.09
N LEU B 258 -99.36 -236.49 -223.26
CA LEU B 258 -100.01 -236.63 -224.55
C LEU B 258 -100.69 -238.01 -224.72
N PRO B 259 -101.83 -238.09 -225.43
CA PRO B 259 -102.52 -239.33 -225.76
C PRO B 259 -101.68 -240.39 -226.47
N SER B 260 -100.70 -239.98 -227.24
CA SER B 260 -99.86 -240.83 -228.08
C SER B 260 -98.46 -240.21 -228.26
N PRO B 261 -97.45 -240.97 -228.74
CA PRO B 261 -96.07 -240.50 -228.82
C PRO B 261 -95.91 -239.15 -229.51
N GLY B 262 -95.12 -238.24 -228.93
CA GLY B 262 -95.04 -236.83 -229.33
C GLY B 262 -94.22 -236.60 -230.60
N THR B 263 -94.75 -236.96 -231.76
CA THR B 263 -94.03 -236.86 -233.03
C THR B 263 -93.77 -235.42 -233.44
N GLN B 264 -92.57 -235.14 -233.95
CA GLN B 264 -92.21 -233.89 -234.60
C GLN B 264 -91.38 -234.24 -235.83
N ARG B 265 -91.99 -234.06 -237.01
CA ARG B 265 -91.50 -234.54 -238.31
C ARG B 265 -90.79 -233.46 -239.11
N LYS B 266 -89.90 -233.93 -239.99
CA LYS B 266 -89.57 -233.22 -241.22
C LYS B 266 -89.68 -234.19 -242.37
N GLU B 267 -90.21 -233.74 -243.48
CA GLU B 267 -90.17 -234.47 -244.74
C GLU B 267 -89.09 -233.86 -245.62
N LEU B 268 -88.28 -234.67 -246.27
CA LEU B 268 -87.32 -234.20 -247.25
C LEU B 268 -87.21 -235.18 -248.41
N GLN B 269 -86.84 -234.69 -249.59
CA GLN B 269 -86.76 -235.51 -250.79
C GLN B 269 -85.39 -235.39 -251.42
N ARG B 270 -84.83 -236.52 -251.84
CA ARG B 270 -83.48 -236.63 -252.41
C ARG B 270 -83.57 -237.52 -253.64
N PRO B 271 -84.11 -237.03 -254.76
CA PRO B 271 -84.60 -237.90 -255.82
C PRO B 271 -83.50 -238.68 -256.54
N LEU B 272 -82.25 -238.22 -256.51
CA LEU B 272 -81.13 -238.93 -257.11
C LEU B 272 -80.58 -240.08 -256.24
N VAL B 273 -80.93 -240.14 -254.96
CA VAL B 273 -80.48 -241.22 -254.06
C VAL B 273 -81.21 -242.51 -254.43
N THR B 274 -80.48 -243.56 -254.81
CA THR B 274 -81.09 -244.82 -255.27
C THR B 274 -81.10 -245.92 -254.21
N ASP B 275 -80.20 -245.90 -253.23
CA ASP B 275 -80.08 -246.95 -252.22
C ASP B 275 -80.64 -246.50 -250.86
N ILE B 276 -81.52 -247.32 -250.29
CA ILE B 276 -82.21 -247.01 -249.05
C ILE B 276 -81.25 -246.76 -247.88
N SER B 277 -80.08 -247.39 -247.81
CA SER B 277 -79.15 -247.15 -246.71
C SER B 277 -78.54 -245.75 -246.74
N ASP B 278 -78.40 -245.12 -247.90
CA ASP B 278 -78.01 -243.72 -247.98
C ASP B 278 -79.19 -242.78 -247.70
N ALA B 279 -80.42 -243.15 -248.05
CA ALA B 279 -81.59 -242.39 -247.61
C ALA B 279 -81.77 -242.42 -246.09
N GLU B 280 -81.59 -243.57 -245.46
CA GLU B 280 -81.51 -243.68 -244.00
C GLU B 280 -80.40 -242.81 -243.44
N ASP B 281 -79.19 -242.90 -244.02
CA ASP B 281 -78.08 -242.04 -243.56
C ASP B 281 -78.54 -240.58 -243.55
N ILE B 282 -79.03 -240.08 -244.69
CA ILE B 282 -79.45 -238.68 -244.81
C ILE B 282 -80.43 -238.29 -243.71
N GLY B 283 -81.46 -239.09 -243.47
CA GLY B 283 -82.42 -238.78 -242.41
C GLY B 283 -81.78 -238.84 -241.02
N ARG B 284 -80.90 -239.81 -240.79
CA ARG B 284 -80.18 -239.99 -239.52
C ARG B 284 -79.20 -238.83 -239.28
N LYS B 285 -78.50 -238.37 -240.31
CA LYS B 285 -77.68 -237.15 -240.32
C LYS B 285 -78.52 -235.91 -240.04
N TYR B 286 -79.69 -235.79 -240.66
CA TYR B 286 -80.58 -234.67 -240.48
C TYR B 286 -81.10 -234.56 -239.06
N LEU B 287 -81.38 -235.68 -238.38
CA LEU B 287 -81.64 -235.69 -236.94
C LEU B 287 -80.39 -235.30 -236.15
N ALA B 288 -79.27 -235.99 -236.37
CA ALA B 288 -78.06 -235.84 -235.56
C ALA B 288 -77.55 -234.40 -235.50
N PHE B 289 -77.46 -233.72 -236.64
CA PHE B 289 -76.90 -232.36 -236.74
C PHE B 289 -77.75 -231.28 -236.07
N ARG B 290 -78.91 -231.63 -235.50
CA ARG B 290 -79.76 -230.74 -234.70
C ARG B 290 -80.33 -231.39 -233.44
N ASN B 291 -79.84 -232.58 -233.07
CA ASN B 291 -80.15 -233.19 -231.80
C ASN B 291 -79.61 -232.33 -230.64
N SER B 292 -80.21 -232.41 -229.47
CA SER B 292 -79.88 -231.53 -228.34
C SER B 292 -78.45 -231.74 -227.82
N THR B 293 -77.69 -230.68 -227.61
CA THR B 293 -76.28 -230.74 -227.16
C THR B 293 -75.92 -229.56 -226.28
N LEU B 294 -74.92 -229.71 -225.43
CA LEU B 294 -74.21 -228.56 -224.87
C LEU B 294 -73.39 -227.87 -225.96
N SER B 295 -73.23 -226.55 -225.90
CA SER B 295 -72.47 -225.79 -226.90
C SER B 295 -71.90 -224.51 -226.31
N GLY B 296 -71.47 -224.58 -225.06
CA GLY B 296 -71.09 -223.40 -224.31
C GLY B 296 -69.82 -222.71 -224.75
N THR B 297 -69.57 -221.58 -224.14
CA THR B 297 -68.35 -220.82 -224.29
C THR B 297 -67.77 -220.42 -222.94
N VAL B 298 -66.45 -220.42 -222.84
CA VAL B 298 -65.68 -220.11 -221.63
C VAL B 298 -64.60 -219.14 -222.02
N THR B 299 -64.40 -218.06 -221.27
CA THR B 299 -63.33 -217.10 -221.59
C THR B 299 -62.19 -217.21 -220.61
N THR B 300 -60.98 -217.22 -221.14
CA THR B 300 -59.72 -217.41 -220.44
C THR B 300 -58.68 -216.52 -221.14
N TYR B 301 -57.37 -216.75 -221.01
CA TYR B 301 -56.38 -215.74 -221.38
C TYR B 301 -55.31 -216.14 -222.41
N GLY B 302 -54.82 -217.38 -222.40
CA GLY B 302 -53.67 -217.77 -223.22
C GLY B 302 -54.09 -218.66 -224.37
N LEU B 303 -53.51 -219.86 -224.41
CA LEU B 303 -53.92 -220.95 -225.31
C LEU B 303 -53.67 -220.65 -226.78
N TYR B 304 -52.58 -219.97 -227.13
CA TYR B 304 -52.21 -219.75 -228.53
C TYR B 304 -51.88 -221.06 -229.27
N ASP B 305 -51.52 -222.12 -228.55
CA ASP B 305 -51.35 -223.46 -229.10
C ASP B 305 -52.66 -224.16 -229.48
N ALA B 306 -53.78 -223.80 -228.87
CA ALA B 306 -55.02 -224.54 -229.00
C ALA B 306 -55.65 -224.40 -230.39
N GLU B 307 -56.20 -225.47 -230.92
CA GLU B 307 -56.96 -225.51 -232.17
C GLU B 307 -58.31 -226.20 -231.96
N PRO B 308 -59.32 -225.92 -232.80
CA PRO B 308 -60.54 -226.70 -232.78
C PRO B 308 -60.26 -228.18 -233.07
N GLY B 309 -60.94 -229.06 -232.35
CA GLY B 309 -60.69 -230.50 -232.32
C GLY B 309 -59.81 -230.96 -231.15
N ASP B 310 -59.08 -230.06 -230.49
CA ASP B 310 -58.26 -230.38 -229.33
C ASP B 310 -59.12 -230.58 -228.07
N THR B 311 -58.63 -231.40 -227.15
CA THR B 311 -59.25 -231.57 -225.83
C THR B 311 -58.60 -230.66 -224.78
N ILE B 312 -59.36 -230.25 -223.77
CA ILE B 312 -58.86 -229.44 -222.66
C ILE B 312 -59.67 -229.71 -221.39
N ASP B 313 -59.03 -229.77 -220.23
CA ASP B 313 -59.73 -229.81 -218.94
C ASP B 313 -60.26 -228.42 -218.58
N ILE B 314 -61.55 -228.30 -218.28
CA ILE B 314 -62.15 -227.06 -217.78
C ILE B 314 -62.82 -227.31 -216.45
N THR B 315 -62.48 -226.51 -215.44
CA THR B 315 -63.13 -226.49 -214.13
C THR B 315 -63.73 -225.12 -213.87
N ILE B 316 -65.03 -225.04 -213.66
CA ILE B 316 -65.74 -223.81 -213.27
C ILE B 316 -66.63 -224.14 -212.09
N ASP B 317 -66.15 -223.92 -210.86
CA ASP B 317 -66.88 -224.33 -209.66
C ASP B 317 -68.24 -223.63 -209.49
N PRO B 318 -68.39 -222.32 -209.76
CA PRO B 318 -69.69 -221.67 -209.68
C PRO B 318 -70.73 -222.25 -210.65
N ARG B 319 -70.28 -222.76 -211.79
CA ARG B 319 -71.10 -223.41 -212.82
C ARG B 319 -71.23 -224.92 -212.61
N GLY B 320 -70.45 -225.51 -211.72
CA GLY B 320 -70.51 -226.94 -211.38
C GLY B 320 -69.92 -227.88 -212.42
N ILE B 321 -69.14 -227.39 -213.38
CA ILE B 321 -68.53 -228.22 -214.42
C ILE B 321 -67.06 -228.45 -214.16
N ASP B 322 -66.60 -229.67 -214.38
CA ASP B 322 -65.24 -230.12 -214.11
C ASP B 322 -64.90 -231.30 -215.03
N GLU B 323 -64.72 -231.02 -216.31
CA GLU B 323 -64.68 -232.04 -217.37
C GLU B 323 -63.61 -231.76 -218.41
N GLU B 324 -63.19 -232.80 -219.13
CA GLU B 324 -62.36 -232.70 -220.31
C GLU B 324 -63.24 -232.49 -221.56
N PHE B 325 -63.33 -231.26 -222.05
CA PHE B 325 -64.13 -230.92 -223.22
C PHE B 325 -63.32 -230.98 -224.51
N VAL B 326 -64.01 -231.11 -225.64
CA VAL B 326 -63.47 -230.84 -226.98
C VAL B 326 -63.73 -229.39 -227.35
N ILE B 327 -62.74 -228.72 -227.92
CA ILE B 327 -62.89 -227.35 -228.42
C ILE B 327 -63.49 -227.34 -229.83
N ALA B 328 -64.61 -226.65 -230.04
CA ALA B 328 -65.22 -226.46 -231.34
C ALA B 328 -64.78 -225.16 -232.04
N ALA B 329 -64.35 -224.15 -231.29
CA ALA B 329 -63.76 -222.92 -231.82
C ALA B 329 -62.90 -222.22 -230.77
N ILE B 330 -61.92 -221.43 -231.20
CA ILE B 330 -61.22 -220.46 -230.36
C ILE B 330 -61.32 -219.10 -231.02
N GLU B 331 -61.69 -218.10 -230.26
CA GLU B 331 -61.51 -216.71 -230.64
C GLU B 331 -60.48 -216.05 -229.75
N TYR B 332 -59.50 -215.37 -230.32
CA TYR B 332 -58.56 -214.53 -229.61
C TYR B 332 -58.90 -213.07 -229.83
N ARG B 333 -58.99 -212.28 -228.77
CA ARG B 333 -59.21 -210.84 -228.83
C ARG B 333 -58.09 -210.13 -228.11
N TRP B 334 -57.24 -209.42 -228.83
CA TRP B 334 -56.25 -208.54 -228.22
C TRP B 334 -56.95 -207.35 -227.55
N GLY B 335 -56.26 -206.57 -226.72
CA GLY B 335 -56.80 -205.32 -226.19
C GLY B 335 -57.76 -205.50 -225.02
N VAL B 336 -58.74 -206.40 -225.12
CA VAL B 336 -59.41 -207.00 -223.95
C VAL B 336 -58.65 -208.22 -223.43
N ASP B 337 -57.71 -208.73 -224.23
CA ASP B 337 -56.82 -209.84 -223.92
C ASP B 337 -57.58 -211.09 -223.46
N GLU B 338 -58.64 -211.44 -224.17
CA GLU B 338 -59.50 -212.60 -223.92
C GLU B 338 -59.27 -213.69 -224.96
N THR B 339 -59.20 -214.94 -224.53
CA THR B 339 -59.33 -216.11 -225.39
C THR B 339 -60.65 -216.76 -225.07
N ILE B 340 -61.50 -216.96 -226.06
CA ILE B 340 -62.87 -217.43 -225.91
C ILE B 340 -62.95 -218.83 -226.51
N LEU B 341 -63.00 -219.86 -225.67
CA LEU B 341 -63.22 -221.23 -226.10
C LEU B 341 -64.70 -221.44 -226.36
N THR B 342 -65.06 -222.13 -227.44
CA THR B 342 -66.38 -222.74 -227.61
C THR B 342 -66.20 -224.24 -227.48
N VAL B 343 -67.02 -224.92 -226.71
CA VAL B 343 -66.84 -226.33 -226.37
C VAL B 343 -67.99 -227.21 -226.85
N VAL B 344 -67.68 -228.47 -227.14
CA VAL B 344 -68.59 -229.51 -227.66
C VAL B 344 -69.10 -229.26 -229.09
N GLU B 345 -69.82 -228.16 -229.34
CA GLU B 345 -70.40 -227.79 -230.65
C GLU B 345 -70.51 -226.27 -230.79
N LYS B 346 -70.60 -225.74 -232.01
CA LYS B 346 -70.66 -224.29 -232.26
C LYS B 346 -71.94 -223.79 -232.93
N ARG B 347 -72.86 -224.67 -233.34
CA ARG B 347 -74.07 -224.30 -234.11
C ARG B 347 -74.92 -223.20 -233.47
N GLY B 348 -75.50 -222.33 -234.27
CA GLY B 348 -76.43 -221.28 -233.82
C GLY B 348 -76.61 -220.12 -234.80
N ASP B 349 -77.39 -219.12 -234.36
CA ASP B 349 -77.70 -217.85 -235.03
C ASP B 349 -78.62 -217.97 -236.28
N VAL B 350 -79.17 -216.86 -236.78
CA VAL B 350 -80.03 -216.82 -237.99
C VAL B 350 -79.28 -217.27 -239.23
N ASP B 351 -77.97 -217.22 -239.16
CA ASP B 351 -77.02 -217.80 -240.09
C ASP B 351 -77.24 -219.30 -240.39
N ASP B 352 -77.59 -220.11 -239.39
CA ASP B 352 -77.96 -221.50 -239.64
C ASP B 352 -79.27 -221.60 -240.43
N ILE B 353 -80.24 -220.74 -240.17
CA ILE B 353 -81.48 -220.73 -240.95
C ILE B 353 -81.18 -220.33 -242.40
N LEU B 354 -80.43 -219.25 -242.61
CA LEU B 354 -80.07 -218.80 -243.96
C LEU B 354 -79.26 -219.85 -244.71
N SER B 355 -78.29 -220.51 -244.08
CA SER B 355 -77.50 -221.53 -244.75
C SER B 355 -78.29 -222.82 -245.03
N GLU B 356 -79.25 -223.24 -244.20
CA GLU B 356 -80.12 -224.36 -244.53
C GLU B 356 -81.09 -224.03 -245.67
N LEU B 357 -81.63 -222.81 -245.72
CA LEU B 357 -82.43 -222.32 -246.85
C LEU B 357 -81.58 -222.30 -248.13
N SER B 358 -80.38 -221.73 -248.06
CA SER B 358 -79.44 -221.59 -249.16
C SER B 358 -79.03 -222.94 -249.75
N GLU B 359 -78.64 -223.90 -248.91
CA GLU B 359 -78.35 -225.26 -249.36
C GLU B 359 -79.58 -225.92 -250.00
N SER B 360 -80.77 -225.76 -249.41
CA SER B 360 -82.00 -226.35 -249.93
C SER B 360 -82.36 -225.79 -251.30
N VAL B 361 -82.35 -224.47 -251.50
CA VAL B 361 -82.67 -223.92 -252.83
C VAL B 361 -81.60 -224.27 -253.85
N GLN B 362 -80.31 -224.26 -253.50
CA GLN B 362 -79.24 -224.66 -254.41
C GLN B 362 -79.42 -226.10 -254.90
N ARG B 363 -79.77 -227.03 -254.01
CA ARG B 363 -80.04 -228.43 -254.36
C ARG B 363 -81.16 -228.55 -255.38
N ILE B 364 -82.20 -227.76 -255.25
CA ILE B 364 -83.34 -227.75 -256.17
C ILE B 364 -83.01 -227.04 -257.49
N GLU B 365 -82.22 -225.95 -257.49
CA GLU B 365 -81.78 -225.31 -258.75
C GLU B 365 -81.10 -226.31 -259.67
N MET B 366 -80.18 -227.14 -259.14
CA MET B 366 -79.41 -228.10 -259.92
C MET B 366 -80.14 -229.42 -260.19
N GLN B 367 -81.39 -229.57 -259.75
CA GLN B 367 -82.13 -230.80 -259.94
C GLN B 367 -82.40 -231.05 -261.43
N GLY B 368 -81.81 -232.10 -261.98
CA GLY B 368 -81.93 -232.44 -263.40
C GLY B 368 -80.89 -231.81 -264.33
N ALA B 369 -79.92 -231.05 -263.81
CA ALA B 369 -78.73 -230.72 -264.59
C ALA B 369 -77.98 -232.01 -264.95
N ASN B 370 -77.75 -232.26 -266.24
CA ASN B 370 -76.94 -233.40 -266.65
C ASN B 370 -75.47 -233.08 -266.36
N ARG B 371 -74.85 -233.81 -265.45
CA ARG B 371 -73.47 -233.51 -265.03
C ARG B 371 -72.40 -234.05 -265.97
N ASP B 372 -72.79 -234.91 -266.90
CA ASP B 372 -71.98 -235.35 -268.04
C ASP B 372 -72.27 -234.54 -269.32
N ALA B 373 -73.00 -233.42 -269.24
CA ALA B 373 -73.26 -232.56 -270.38
C ALA B 373 -71.98 -232.03 -271.04
N PRO B 374 -72.00 -231.68 -272.35
CA PRO B 374 -70.93 -230.90 -272.95
C PRO B 374 -70.66 -229.61 -272.18
N LYS B 375 -69.42 -229.38 -271.81
CA LYS B 375 -68.95 -228.13 -271.20
C LYS B 375 -68.37 -227.24 -272.29
N ASN B 376 -68.36 -225.94 -272.03
CA ASN B 376 -67.82 -224.90 -272.88
C ASN B 376 -67.17 -223.85 -271.98
N ARG B 377 -66.28 -223.00 -272.47
CA ARG B 377 -65.58 -222.02 -271.63
C ARG B 377 -65.59 -220.61 -272.20
N ILE B 378 -65.85 -219.63 -271.35
CA ILE B 378 -65.66 -218.21 -271.61
C ILE B 378 -64.55 -217.71 -270.70
N THR B 379 -63.48 -217.15 -271.24
CA THR B 379 -62.44 -216.54 -270.42
C THR B 379 -62.70 -215.05 -270.27
N THR B 380 -62.63 -214.53 -269.04
CA THR B 380 -62.84 -213.10 -268.76
C THR B 380 -61.49 -212.43 -268.56
N THR B 381 -61.21 -211.37 -269.30
CA THR B 381 -59.91 -210.68 -269.32
C THR B 381 -60.09 -209.18 -269.36
N ASN B 382 -59.18 -208.41 -268.75
CA ASN B 382 -59.25 -206.96 -268.67
C ASN B 382 -57.92 -206.33 -269.07
N ALA B 383 -57.95 -205.33 -269.92
CA ALA B 383 -56.82 -204.42 -270.14
C ALA B 383 -57.34 -202.99 -270.22
N ALA B 384 -56.50 -202.02 -269.92
CA ALA B 384 -56.90 -200.63 -269.96
C ALA B 384 -55.78 -199.72 -270.43
N ALA B 385 -56.13 -198.72 -271.24
CA ALA B 385 -55.24 -197.65 -271.64
C ALA B 385 -55.61 -196.37 -270.93
N ILE B 386 -54.66 -195.80 -270.21
CA ILE B 386 -54.73 -194.42 -269.75
C ILE B 386 -54.40 -193.55 -270.94
N VAL B 387 -55.22 -192.55 -271.26
CA VAL B 387 -54.79 -191.42 -272.08
C VAL B 387 -54.68 -190.19 -271.19
N SER B 388 -53.46 -189.89 -270.78
CA SER B 388 -53.13 -188.74 -269.95
C SER B 388 -53.17 -187.48 -270.79
N VAL B 389 -53.82 -186.44 -270.29
CA VAL B 389 -53.89 -185.12 -270.93
C VAL B 389 -53.02 -184.12 -270.19
N ASP B 390 -52.22 -183.38 -270.95
CA ASP B 390 -51.50 -182.17 -270.52
C ASP B 390 -51.80 -181.01 -271.48
N VAL B 391 -52.00 -179.80 -270.97
CA VAL B 391 -52.35 -178.61 -271.76
C VAL B 391 -51.47 -177.43 -271.38
N ASP B 392 -50.88 -176.78 -272.38
CA ASP B 392 -50.00 -175.61 -272.23
C ASP B 392 -50.55 -174.47 -273.09
N ALA B 393 -50.84 -173.33 -272.49
CA ALA B 393 -51.26 -172.12 -273.19
C ALA B 393 -50.26 -170.99 -272.93
N GLY B 394 -49.50 -170.60 -273.97
CA GLY B 394 -48.51 -169.51 -273.85
C GLY B 394 -47.43 -169.73 -272.79
N GLY B 395 -47.09 -170.98 -272.46
CA GLY B 395 -46.16 -171.34 -271.40
C GLY B 395 -46.82 -171.51 -270.01
N THR B 396 -48.15 -171.37 -269.91
CA THR B 396 -48.90 -171.61 -268.67
C THR B 396 -49.64 -172.95 -268.75
N SER B 397 -49.35 -173.87 -267.84
CA SER B 397 -50.04 -175.16 -267.78
C SER B 397 -51.46 -175.02 -267.24
N ALA B 398 -52.39 -175.84 -267.71
CA ALA B 398 -53.73 -175.92 -267.11
C ALA B 398 -53.67 -176.46 -265.68
N ASP B 399 -54.53 -175.96 -264.81
CA ASP B 399 -54.58 -176.34 -263.40
C ASP B 399 -55.45 -177.57 -263.13
N ALA B 400 -56.39 -177.89 -264.03
CA ALA B 400 -57.17 -179.12 -264.03
C ALA B 400 -57.53 -179.52 -265.46
N ASP B 401 -57.68 -180.83 -265.72
CA ASP B 401 -58.04 -181.35 -267.04
C ASP B 401 -58.93 -182.59 -266.94
N ARG B 402 -59.68 -182.88 -268.01
CA ARG B 402 -60.49 -184.09 -268.19
C ARG B 402 -60.38 -184.62 -269.61
N PHE B 403 -60.24 -185.93 -269.75
CA PHE B 403 -60.60 -186.65 -270.97
C PHE B 403 -62.07 -187.06 -270.86
N VAL B 404 -62.97 -186.31 -271.48
CA VAL B 404 -64.40 -186.37 -271.18
C VAL B 404 -65.06 -187.65 -271.70
N ASN B 405 -66.26 -187.98 -271.23
CA ASN B 405 -66.97 -189.20 -271.60
C ASN B 405 -67.26 -189.28 -273.10
N ASP B 406 -67.48 -188.17 -273.79
CA ASP B 406 -67.60 -188.17 -275.24
C ASP B 406 -66.29 -188.53 -275.95
N GLY B 407 -65.13 -188.17 -275.38
CA GLY B 407 -63.83 -188.60 -275.90
C GLY B 407 -63.57 -190.08 -275.62
N ARG B 408 -63.90 -190.55 -274.42
CA ARG B 408 -63.85 -191.97 -274.05
C ARG B 408 -64.74 -192.79 -274.99
N ASN B 409 -65.98 -192.35 -275.23
CA ASN B 409 -66.88 -192.94 -276.22
C ASN B 409 -66.29 -192.90 -277.63
N ALA B 410 -65.66 -191.80 -278.06
CA ALA B 410 -65.07 -191.75 -279.40
C ALA B 410 -63.98 -192.80 -279.60
N VAL B 411 -63.07 -192.95 -278.62
CA VAL B 411 -62.02 -193.98 -278.68
C VAL B 411 -62.62 -195.38 -278.57
N ARG B 412 -63.61 -195.59 -277.71
CA ARG B 412 -64.37 -196.84 -277.63
C ARG B 412 -64.96 -197.22 -278.98
N ASP B 413 -65.72 -196.32 -279.58
CA ASP B 413 -66.42 -196.60 -280.83
C ASP B 413 -65.42 -196.81 -281.98
N ALA B 414 -64.33 -196.05 -282.02
CA ALA B 414 -63.26 -196.28 -282.99
C ALA B 414 -62.61 -197.65 -282.84
N TRP B 415 -62.40 -198.12 -281.61
CA TRP B 415 -61.87 -199.46 -281.33
C TRP B 415 -62.80 -200.58 -281.80
N THR B 416 -64.13 -200.35 -281.86
CA THR B 416 -65.08 -201.26 -282.50
C THR B 416 -65.04 -201.22 -284.02
N GLY B 417 -64.20 -200.40 -284.63
CA GLY B 417 -64.13 -200.23 -286.09
C GLY B 417 -65.15 -199.24 -286.66
N ALA B 418 -65.87 -198.49 -285.82
CA ALA B 418 -66.88 -197.52 -286.27
C ALA B 418 -66.30 -196.18 -286.80
N GLY B 419 -65.01 -196.11 -287.12
CA GLY B 419 -64.32 -194.93 -287.62
C GLY B 419 -63.70 -194.06 -286.52
N ASN B 420 -62.58 -193.41 -286.83
CA ASN B 420 -61.80 -192.61 -285.89
C ASN B 420 -62.34 -191.17 -285.77
N PRO B 421 -62.14 -190.49 -284.63
CA PRO B 421 -62.43 -189.07 -284.52
C PRO B 421 -61.38 -188.24 -285.24
N ASP B 422 -61.78 -187.35 -286.16
CA ASP B 422 -60.86 -186.35 -286.72
C ASP B 422 -60.84 -185.09 -285.84
N ILE B 423 -59.79 -184.94 -285.04
CA ILE B 423 -59.57 -183.76 -284.22
C ILE B 423 -59.30 -182.56 -285.13
N ALA B 424 -60.10 -181.50 -284.98
CA ALA B 424 -60.14 -180.42 -285.94
C ALA B 424 -59.84 -179.06 -285.30
N ASN B 425 -60.33 -178.78 -284.10
CA ASN B 425 -60.24 -177.46 -283.49
C ASN B 425 -59.72 -177.51 -282.06
N ILE B 426 -58.84 -176.58 -281.71
CA ILE B 426 -58.69 -176.10 -280.34
C ILE B 426 -59.75 -175.02 -280.13
N VAL B 427 -60.40 -175.05 -278.99
CA VAL B 427 -61.49 -174.15 -278.62
C VAL B 427 -61.16 -173.52 -277.28
N VAL B 428 -61.45 -172.25 -277.08
CA VAL B 428 -61.19 -171.55 -275.82
C VAL B 428 -62.40 -170.79 -275.32
N GLY B 429 -62.52 -170.67 -274.00
CA GLY B 429 -63.72 -170.15 -273.37
C GLY B 429 -63.48 -169.37 -272.09
N ASP B 430 -64.58 -168.81 -271.62
CA ASP B 430 -64.67 -167.77 -270.59
C ASP B 430 -64.93 -168.30 -269.18
N ASP B 431 -65.11 -169.61 -268.99
CA ASP B 431 -65.72 -170.17 -267.78
C ASP B 431 -64.97 -171.37 -267.19
N ASN B 432 -64.33 -171.19 -266.03
CA ASN B 432 -63.64 -172.24 -265.28
C ASN B 432 -64.59 -173.29 -264.66
N SER B 433 -65.88 -173.01 -264.51
CA SER B 433 -66.79 -173.84 -263.69
C SER B 433 -67.24 -175.16 -264.33
N GLY B 434 -67.70 -176.10 -263.50
CA GLY B 434 -68.35 -177.34 -263.93
C GLY B 434 -67.44 -178.39 -264.57
N LEU B 435 -66.13 -178.26 -264.43
CA LEU B 435 -65.14 -179.14 -265.05
C LEU B 435 -65.32 -180.58 -264.56
N SER B 436 -65.69 -181.48 -265.47
CA SER B 436 -66.14 -182.84 -265.13
C SER B 436 -66.07 -183.80 -266.32
N ARG B 437 -66.11 -185.12 -266.07
CA ARG B 437 -66.17 -186.13 -267.12
C ARG B 437 -67.34 -185.93 -268.07
N THR B 438 -68.46 -185.41 -267.59
CA THR B 438 -69.71 -185.30 -268.34
C THR B 438 -69.79 -184.05 -269.21
N ASN B 439 -68.77 -183.21 -269.28
CA ASN B 439 -68.79 -182.03 -270.14
C ASN B 439 -68.85 -182.42 -271.61
N THR B 440 -69.91 -182.02 -272.31
CA THR B 440 -70.07 -182.20 -273.77
C THR B 440 -69.56 -181.00 -274.58
N THR B 441 -69.33 -179.86 -273.94
CA THR B 441 -68.90 -178.60 -274.57
C THR B 441 -68.23 -177.69 -273.54
N LEU B 442 -67.51 -176.64 -273.95
CA LEU B 442 -67.00 -175.62 -273.03
C LEU B 442 -68.14 -174.88 -272.30
N GLY B 443 -67.84 -174.29 -271.15
CA GLY B 443 -68.82 -173.52 -270.38
C GLY B 443 -69.34 -172.31 -271.14
N ASN B 444 -68.45 -171.57 -271.79
CA ASN B 444 -68.80 -170.48 -272.71
C ASN B 444 -67.70 -170.27 -273.75
N GLN B 445 -67.87 -170.76 -274.98
CA GLN B 445 -66.89 -170.54 -276.05
C GLN B 445 -66.72 -169.05 -276.35
N THR B 446 -65.47 -168.67 -276.62
CA THR B 446 -65.10 -167.32 -277.07
C THR B 446 -64.36 -167.35 -278.40
N ASP B 447 -63.60 -168.41 -278.70
CA ASP B 447 -62.89 -168.55 -279.97
C ASP B 447 -62.52 -170.01 -280.25
N SER B 448 -62.18 -170.32 -281.51
CA SER B 448 -61.59 -171.60 -281.90
C SER B 448 -60.74 -171.48 -283.16
N VAL B 449 -59.77 -172.37 -283.31
CA VAL B 449 -58.79 -172.36 -284.40
C VAL B 449 -58.43 -173.78 -284.84
N SER B 450 -58.10 -173.95 -286.11
CA SER B 450 -57.73 -175.25 -286.67
C SER B 450 -56.43 -175.77 -286.06
N VAL B 451 -56.40 -177.06 -285.70
CA VAL B 451 -55.19 -177.69 -285.12
C VAL B 451 -54.17 -178.08 -286.18
N THR B 452 -52.93 -178.25 -285.76
CA THR B 452 -51.89 -178.99 -286.49
C THR B 452 -51.49 -180.24 -285.69
N GLU B 453 -51.52 -181.43 -286.31
CA GLU B 453 -51.02 -182.67 -285.70
C GLU B 453 -49.50 -182.67 -285.59
N SER B 454 -48.98 -183.20 -284.48
CA SER B 454 -47.59 -183.63 -284.36
C SER B 454 -47.52 -184.96 -283.64
N LEU B 455 -46.62 -185.84 -284.07
CA LEU B 455 -46.45 -187.19 -283.53
C LEU B 455 -45.01 -187.36 -283.05
N PRO B 456 -44.65 -186.80 -281.88
CA PRO B 456 -43.25 -186.70 -281.45
C PRO B 456 -42.68 -188.03 -280.92
N SER B 457 -43.51 -189.04 -280.66
CA SER B 457 -43.12 -190.32 -280.06
C SER B 457 -44.17 -191.39 -280.37
N ALA B 458 -43.81 -192.66 -280.18
CA ALA B 458 -44.67 -193.79 -280.52
C ALA B 458 -46.02 -193.79 -279.78
N LYS B 459 -46.13 -193.08 -278.65
CA LYS B 459 -47.32 -193.12 -277.77
C LYS B 459 -47.89 -191.73 -277.44
N VAL B 460 -47.56 -190.70 -278.21
CA VAL B 460 -47.96 -189.30 -277.97
C VAL B 460 -48.56 -188.63 -279.20
N VAL B 461 -49.63 -187.87 -279.04
CA VAL B 461 -50.12 -186.91 -280.05
C VAL B 461 -50.08 -185.51 -279.46
N GLU B 462 -49.57 -184.53 -280.19
CA GLU B 462 -49.69 -183.13 -279.82
C GLU B 462 -50.50 -182.37 -280.86
N TYR B 463 -51.49 -181.62 -280.40
CA TYR B 463 -52.26 -180.71 -281.22
C TYR B 463 -51.93 -179.28 -280.86
N SER B 464 -51.49 -178.49 -281.83
CA SER B 464 -51.03 -177.12 -281.62
C SER B 464 -51.78 -176.13 -282.50
N ALA B 465 -52.05 -174.94 -281.99
CA ALA B 465 -52.56 -173.81 -282.75
C ALA B 465 -52.08 -172.47 -282.17
N THR B 466 -52.03 -171.41 -282.97
CA THR B 466 -51.63 -170.06 -282.53
C THR B 466 -52.86 -169.16 -282.42
N LEU B 467 -53.02 -168.47 -281.29
CA LEU B 467 -54.30 -167.91 -280.87
C LEU B 467 -54.19 -166.55 -280.15
N THR B 468 -55.24 -165.73 -280.25
CA THR B 468 -55.37 -164.42 -279.59
C THR B 468 -56.74 -164.28 -278.93
N GLN B 469 -56.78 -164.25 -277.60
CA GLN B 469 -57.97 -164.02 -276.77
C GLN B 469 -57.54 -163.52 -275.40
N SER B 470 -58.17 -162.48 -274.88
CA SER B 470 -58.03 -162.10 -273.48
C SER B 470 -58.96 -162.93 -272.59
N GLY B 471 -58.55 -163.19 -271.35
CA GLY B 471 -59.43 -163.75 -270.32
C GLY B 471 -59.83 -165.20 -270.52
N VAL B 472 -58.99 -166.03 -271.14
CA VAL B 472 -59.25 -167.47 -271.31
C VAL B 472 -59.22 -168.17 -269.96
N GLU B 473 -60.30 -168.85 -269.58
CA GLU B 473 -60.37 -169.68 -268.38
C GLU B 473 -60.37 -171.17 -268.68
N GLU B 474 -60.72 -171.55 -269.91
CA GLU B 474 -60.87 -172.94 -270.33
C GLU B 474 -60.39 -173.16 -271.78
N ILE B 475 -59.83 -174.34 -272.03
CA ILE B 475 -59.37 -174.86 -273.33
C ILE B 475 -60.09 -176.18 -273.59
N GLY B 476 -60.34 -176.53 -274.85
CA GLY B 476 -60.75 -177.88 -275.21
C GLY B 476 -60.34 -178.31 -276.61
N LEU B 477 -60.35 -179.62 -276.87
CA LEU B 477 -60.20 -180.21 -278.21
C LEU B 477 -61.55 -180.66 -278.74
N GLU B 478 -61.82 -180.34 -279.99
CA GLU B 478 -63.07 -180.63 -280.66
C GLU B 478 -62.83 -181.39 -281.96
N THR B 479 -63.60 -182.46 -282.16
CA THR B 479 -63.69 -183.24 -283.40
C THR B 479 -64.45 -182.43 -284.44
N SER B 480 -64.24 -182.63 -285.75
CA SER B 480 -64.94 -181.87 -286.79
C SER B 480 -66.48 -181.90 -286.67
N THR B 481 -67.05 -183.02 -286.19
CA THR B 481 -68.49 -183.19 -285.92
C THR B 481 -68.97 -182.55 -284.60
N GLY B 482 -68.13 -181.76 -283.94
CA GLY B 482 -68.45 -181.03 -282.69
C GLY B 482 -68.19 -181.80 -281.40
N THR B 483 -67.88 -183.09 -281.45
CA THR B 483 -67.59 -183.92 -280.27
C THR B 483 -66.33 -183.46 -279.54
N LEU B 484 -66.48 -183.01 -278.30
CA LEU B 484 -65.38 -182.61 -277.44
C LEU B 484 -64.62 -183.82 -276.91
N LEU B 485 -63.28 -183.81 -276.96
CA LEU B 485 -62.45 -184.83 -276.33
C LEU B 485 -61.92 -184.42 -274.97
N THR B 486 -61.59 -183.15 -274.82
CA THR B 486 -60.83 -182.64 -273.69
C THR B 486 -61.42 -181.33 -273.22
N ARG B 487 -61.46 -181.12 -271.91
CA ARG B 487 -61.61 -179.79 -271.32
C ARG B 487 -60.52 -179.61 -270.28
N ALA B 488 -59.94 -178.44 -270.21
CA ALA B 488 -58.94 -178.10 -269.21
C ALA B 488 -59.10 -176.63 -268.83
N THR B 489 -58.75 -176.27 -267.60
CA THR B 489 -59.07 -174.94 -267.07
C THR B 489 -57.92 -174.36 -266.23
N PHE B 490 -57.99 -173.05 -265.99
CA PHE B 490 -57.01 -172.30 -265.22
C PHE B 490 -57.63 -171.65 -264.00
N GLU B 491 -56.91 -171.60 -262.89
CA GLU B 491 -57.35 -170.92 -261.66
C GLU B 491 -57.50 -169.41 -261.84
N THR B 492 -56.69 -168.81 -262.71
CA THR B 492 -56.70 -167.39 -263.07
C THR B 492 -56.77 -167.23 -264.59
N PRO B 493 -57.58 -166.31 -265.13
CA PRO B 493 -57.69 -166.10 -266.56
C PRO B 493 -56.34 -165.82 -267.22
N VAL B 494 -56.11 -166.40 -268.39
CA VAL B 494 -54.90 -166.25 -269.20
C VAL B 494 -55.19 -165.33 -270.38
N ASP B 495 -54.35 -164.32 -270.61
CA ASP B 495 -54.40 -163.53 -271.84
C ASP B 495 -53.44 -164.12 -272.87
N LEU B 496 -53.97 -164.49 -274.03
CA LEU B 496 -53.23 -165.02 -275.18
C LEU B 496 -53.19 -163.96 -276.28
N SER B 497 -52.03 -163.72 -276.86
CA SER B 497 -51.89 -162.86 -278.03
C SER B 497 -50.77 -163.36 -278.94
N SER B 498 -51.13 -163.95 -280.08
CA SER B 498 -50.25 -164.73 -280.97
C SER B 498 -49.48 -165.82 -280.22
N ASP B 499 -50.06 -166.36 -279.15
CA ASP B 499 -49.48 -167.43 -278.33
C ASP B 499 -49.87 -168.81 -278.83
N THR B 500 -48.98 -169.78 -278.65
CA THR B 500 -49.28 -171.18 -278.96
C THR B 500 -50.08 -171.81 -277.83
N VAL B 501 -51.17 -172.50 -278.18
CA VAL B 501 -51.86 -173.45 -277.31
C VAL B 501 -51.52 -174.85 -277.78
N THR B 502 -51.01 -175.70 -276.88
CA THR B 502 -50.70 -177.09 -277.15
C THR B 502 -51.54 -177.99 -276.26
N VAL B 503 -52.21 -178.98 -276.84
CA VAL B 503 -52.81 -180.09 -276.10
C VAL B 503 -52.02 -181.35 -276.42
N THR B 504 -51.50 -182.02 -275.40
CA THR B 504 -50.69 -183.24 -275.55
C THR B 504 -51.44 -184.41 -274.95
N LEU B 505 -51.70 -185.45 -275.74
CA LEU B 505 -52.30 -186.70 -275.29
C LEU B 505 -51.23 -187.79 -275.28
N THR B 506 -51.06 -188.47 -274.16
CA THR B 506 -50.06 -189.54 -273.98
C THR B 506 -50.75 -190.82 -273.58
N VAL B 507 -50.44 -191.94 -274.23
CA VAL B 507 -51.08 -193.23 -273.96
C VAL B 507 -50.16 -194.13 -273.12
N SER B 508 -50.70 -194.77 -272.09
CA SER B 508 -49.99 -195.69 -271.19
C SER B 508 -50.84 -196.91 -270.87
N ASN B 509 -50.23 -198.03 -270.49
CA ASN B 509 -50.94 -199.13 -269.85
C ASN B 509 -51.44 -198.68 -268.46
N ASP B 510 -52.63 -199.09 -268.05
CA ASP B 510 -53.05 -198.97 -266.65
C ASP B 510 -52.39 -200.06 -265.80
N ASP B 511 -51.28 -199.74 -265.13
CA ASP B 511 -50.57 -200.69 -264.27
C ASP B 511 -51.36 -201.09 -263.01
N SER B 512 -52.57 -200.56 -262.80
CA SER B 512 -53.48 -201.02 -261.77
C SER B 512 -54.05 -202.42 -262.06
N VAL B 513 -54.19 -202.81 -263.33
CA VAL B 513 -54.80 -204.10 -263.68
C VAL B 513 -53.81 -205.24 -263.48
N SER B 514 -54.29 -206.40 -263.06
CA SER B 514 -53.45 -207.54 -262.69
C SER B 514 -53.42 -208.60 -263.79
N ARG B 515 -52.23 -209.02 -264.21
CA ARG B 515 -51.98 -210.11 -265.17
C ARG B 515 -52.59 -209.92 -266.56
N GLY B 516 -52.97 -208.70 -266.92
CA GLY B 516 -53.33 -208.27 -268.26
C GLY B 516 -52.58 -206.99 -268.63
N VAL B 517 -52.31 -206.76 -269.90
CA VAL B 517 -51.55 -205.57 -270.35
C VAL B 517 -52.01 -205.10 -271.72
N MET B 518 -52.04 -203.78 -271.95
CA MET B 518 -51.95 -203.19 -273.29
C MET B 518 -50.49 -203.16 -273.71
N THR B 519 -50.11 -203.87 -274.77
CA THR B 519 -48.73 -203.87 -275.25
C THR B 519 -48.34 -202.50 -275.80
N ASN B 520 -47.06 -202.27 -276.09
CA ASN B 520 -46.63 -201.05 -276.77
C ASN B 520 -47.34 -200.85 -278.11
N ASP B 521 -47.57 -201.92 -278.87
CA ASP B 521 -48.35 -201.85 -280.11
C ASP B 521 -49.82 -201.53 -279.85
N GLY B 522 -50.43 -202.08 -278.80
CA GLY B 522 -51.78 -201.70 -278.39
C GLY B 522 -51.89 -200.23 -278.00
N GLN B 523 -50.94 -199.72 -277.23
CA GLN B 523 -50.91 -198.31 -276.87
C GLN B 523 -50.65 -197.41 -278.08
N THR B 524 -49.82 -197.85 -279.02
CA THR B 524 -49.63 -197.15 -280.30
C THR B 524 -50.89 -197.15 -281.13
N ALA B 525 -51.65 -198.25 -281.18
CA ALA B 525 -52.92 -198.29 -281.88
C ALA B 525 -53.93 -197.30 -281.30
N VAL B 526 -53.95 -197.10 -279.99
CA VAL B 526 -54.79 -196.06 -279.37
C VAL B 526 -54.30 -194.66 -279.72
N ARG B 527 -52.99 -194.37 -279.73
CA ARG B 527 -52.47 -193.10 -280.27
C ARG B 527 -52.99 -192.88 -281.69
N ASP B 528 -52.88 -193.89 -282.52
CA ASP B 528 -53.29 -193.82 -283.91
C ASP B 528 -54.80 -193.66 -284.09
N VAL B 529 -55.63 -194.05 -283.11
CA VAL B 529 -57.04 -193.65 -283.06
C VAL B 529 -57.19 -192.17 -282.76
N LEU B 530 -56.53 -191.64 -281.72
CA LEU B 530 -56.59 -190.21 -281.39
C LEU B 530 -56.05 -189.31 -282.52
N ALA B 531 -55.13 -189.83 -283.32
CA ALA B 531 -54.55 -189.13 -284.46
C ALA B 531 -55.31 -189.34 -285.78
N ASP B 532 -56.23 -190.30 -285.86
CA ASP B 532 -56.77 -190.81 -287.13
C ASP B 532 -55.66 -191.20 -288.13
N ASN B 533 -54.67 -191.97 -287.65
CA ASN B 533 -53.43 -192.30 -288.35
C ASN B 533 -53.37 -193.78 -288.71
N SER B 534 -54.42 -194.29 -289.38
CA SER B 534 -54.57 -195.69 -289.81
C SER B 534 -54.21 -196.73 -288.73
N PRO B 535 -54.92 -196.73 -287.59
CA PRO B 535 -54.62 -197.59 -286.45
C PRO B 535 -54.78 -199.08 -286.78
N THR B 536 -53.93 -199.91 -286.20
CA THR B 536 -54.07 -201.38 -286.19
C THR B 536 -55.16 -201.80 -285.21
N LEU B 537 -56.41 -201.56 -285.56
CA LEU B 537 -57.58 -201.92 -284.76
C LEU B 537 -57.67 -203.44 -284.55
N PRO B 538 -58.36 -203.91 -283.49
CA PRO B 538 -58.48 -205.34 -283.24
C PRO B 538 -59.29 -206.05 -284.33
N THR B 539 -58.72 -207.12 -284.88
CA THR B 539 -59.30 -207.93 -285.95
C THR B 539 -59.19 -209.42 -285.70
N ASP B 540 -58.40 -209.84 -284.71
CA ASP B 540 -58.11 -211.23 -284.41
C ASP B 540 -57.95 -211.44 -282.90
N TYR B 541 -58.07 -212.68 -282.45
CA TYR B 541 -57.76 -213.10 -281.09
C TYR B 541 -56.85 -214.32 -281.12
N GLY B 542 -55.91 -214.38 -280.20
CA GLY B 542 -54.99 -215.52 -280.06
C GLY B 542 -55.07 -216.15 -278.67
N TYR B 543 -54.91 -217.46 -278.60
CA TYR B 543 -54.69 -218.21 -277.35
C TYR B 543 -53.37 -218.94 -277.43
N GLY B 544 -52.66 -219.06 -276.32
CA GLY B 544 -51.37 -219.73 -276.22
C GLY B 544 -51.16 -220.42 -274.88
N ASP B 545 -49.96 -220.92 -274.61
CA ASP B 545 -49.69 -221.65 -273.38
C ASP B 545 -48.40 -221.29 -272.63
N ASP B 546 -47.66 -220.25 -273.06
CA ASP B 546 -46.54 -219.74 -272.27
C ASP B 546 -47.07 -218.85 -271.13
N SER B 547 -46.80 -219.26 -269.89
CA SER B 547 -47.27 -218.56 -268.69
C SER B 547 -46.39 -217.39 -268.23
N THR B 548 -45.27 -217.08 -268.91
CA THR B 548 -44.37 -216.00 -268.48
C THR B 548 -45.08 -214.66 -268.40
N ALA B 549 -44.84 -213.93 -267.32
CA ALA B 549 -45.66 -212.78 -266.93
C ALA B 549 -45.70 -211.67 -267.99
N VAL B 550 -46.81 -210.93 -268.02
CA VAL B 550 -47.07 -209.88 -268.99
C VAL B 550 -46.15 -208.68 -268.83
N ALA B 551 -45.73 -208.08 -269.94
CA ALA B 551 -45.05 -206.81 -270.00
C ALA B 551 -45.46 -206.02 -271.24
N GLU B 552 -45.35 -204.69 -271.22
CA GLU B 552 -45.67 -203.86 -272.39
C GLU B 552 -44.86 -204.24 -273.63
N THR B 553 -43.65 -204.75 -273.43
CA THR B 553 -42.71 -205.12 -274.49
C THR B 553 -43.05 -206.44 -275.21
N ASP B 554 -44.08 -207.17 -274.77
CA ASP B 554 -44.55 -208.39 -275.43
C ASP B 554 -45.11 -208.10 -276.83
N THR B 555 -44.42 -208.53 -277.89
CA THR B 555 -44.84 -208.35 -279.29
C THR B 555 -45.68 -209.49 -279.85
N THR B 556 -45.66 -210.65 -279.18
CA THR B 556 -46.33 -211.90 -279.56
C THR B 556 -46.72 -212.68 -278.32
N LEU B 557 -47.75 -213.53 -278.40
CA LEU B 557 -47.94 -214.57 -277.39
C LEU B 557 -46.68 -215.44 -277.32
N GLY B 558 -46.33 -215.91 -276.13
CA GLY B 558 -45.06 -216.62 -275.92
C GLY B 558 -45.03 -217.98 -276.62
N ASN B 559 -46.17 -218.67 -276.70
CA ASN B 559 -46.38 -219.80 -277.60
C ASN B 559 -47.85 -219.90 -277.98
N GLU B 560 -48.22 -219.35 -279.13
CA GLU B 560 -49.60 -219.35 -279.62
C GLU B 560 -50.04 -220.73 -280.13
N LEU B 561 -51.21 -221.18 -279.69
CA LEU B 561 -51.85 -222.42 -280.09
C LEU B 561 -52.91 -222.23 -281.18
N ALA B 562 -53.67 -221.14 -281.16
CA ALA B 562 -54.72 -220.88 -282.15
C ALA B 562 -55.00 -219.40 -282.39
N ASN B 563 -55.49 -219.10 -283.59
CA ASN B 563 -55.93 -217.79 -284.06
C ASN B 563 -57.38 -217.87 -284.53
N THR B 564 -58.16 -216.82 -284.32
CA THR B 564 -59.44 -216.61 -285.01
C THR B 564 -59.70 -215.15 -285.29
N SER B 565 -60.39 -214.86 -286.39
CA SER B 565 -60.86 -213.53 -286.72
C SER B 565 -61.92 -213.03 -285.73
N LEU B 566 -62.02 -211.71 -285.60
CA LEU B 566 -63.12 -210.95 -285.00
C LEU B 566 -63.97 -210.25 -286.07
N GLU B 567 -63.61 -210.35 -287.34
CA GLU B 567 -64.39 -209.87 -288.49
C GLU B 567 -65.46 -210.89 -288.91
N GLU B 568 -65.17 -212.17 -288.70
CA GLU B 568 -65.98 -213.34 -289.03
C GLU B 568 -66.00 -214.27 -287.81
N ILE B 569 -67.18 -214.69 -287.34
CA ILE B 569 -67.28 -215.58 -286.17
C ILE B 569 -68.22 -216.76 -286.42
N LEU B 570 -67.95 -217.87 -285.72
CA LEU B 570 -68.73 -219.09 -285.77
C LEU B 570 -70.08 -218.92 -285.06
N ILE B 571 -71.19 -218.99 -285.79
CA ILE B 571 -72.54 -218.85 -285.23
C ILE B 571 -73.25 -220.18 -284.94
N GLN B 572 -72.83 -221.28 -285.56
CA GLN B 572 -73.34 -222.62 -285.29
C GLN B 572 -72.32 -223.69 -285.68
N SER B 573 -72.32 -224.84 -285.03
CA SER B 573 -71.52 -226.00 -285.45
C SER B 573 -72.01 -227.31 -284.86
N ALA B 574 -71.58 -228.44 -285.44
CA ALA B 574 -71.67 -229.74 -284.82
C ALA B 574 -70.54 -230.67 -285.27
N SER B 575 -70.09 -231.53 -284.38
CA SER B 575 -68.93 -232.43 -284.54
C SER B 575 -69.12 -233.77 -283.84
N SER B 576 -70.28 -233.98 -283.22
CA SER B 576 -70.49 -234.95 -282.15
C SER B 576 -71.97 -235.25 -281.98
N VAL B 577 -72.33 -236.38 -281.38
CA VAL B 577 -73.74 -236.82 -281.26
C VAL B 577 -74.58 -235.79 -280.52
N SER B 578 -74.10 -235.31 -279.37
CA SER B 578 -74.85 -234.34 -278.57
C SER B 578 -75.05 -233.01 -279.30
N ALA B 579 -73.99 -232.49 -279.94
CA ALA B 579 -74.08 -231.27 -280.72
C ALA B 579 -75.06 -231.40 -281.90
N TRP B 580 -74.98 -232.48 -282.68
CA TRP B 580 -75.94 -232.73 -283.76
C TRP B 580 -77.37 -232.83 -283.25
N ASN B 581 -77.62 -233.50 -282.14
CA ASN B 581 -78.96 -233.54 -281.56
C ASN B 581 -79.47 -232.15 -281.21
N THR B 582 -78.65 -231.23 -280.69
CA THR B 582 -79.11 -229.87 -280.43
C THR B 582 -79.46 -229.12 -281.71
N ILE B 583 -78.59 -229.12 -282.73
CA ILE B 583 -78.86 -228.33 -283.95
C ILE B 583 -79.90 -228.96 -284.88
N LEU B 584 -80.19 -230.25 -284.77
CA LEU B 584 -81.30 -230.88 -285.49
C LEU B 584 -82.66 -230.60 -284.83
N GLY B 585 -82.69 -230.15 -283.57
CA GLY B 585 -83.93 -229.91 -282.83
C GLY B 585 -84.69 -231.20 -282.52
N THR B 586 -85.99 -231.08 -282.27
CA THR B 586 -86.86 -232.22 -281.92
C THR B 586 -87.24 -233.07 -283.13
N LEU B 587 -86.30 -233.87 -283.63
CA LEU B 587 -86.61 -234.96 -284.56
C LEU B 587 -87.46 -236.03 -283.87
N ALA B 588 -88.51 -236.49 -284.54
CA ALA B 588 -89.32 -237.60 -284.07
C ALA B 588 -88.51 -238.91 -284.04
N SER B 589 -88.81 -239.82 -283.12
CA SER B 589 -88.13 -241.12 -283.02
C SER B 589 -88.34 -242.01 -284.26
N THR B 590 -89.40 -241.74 -285.02
CA THR B 590 -89.72 -242.39 -286.29
C THR B 590 -89.05 -241.75 -287.51
N TYR B 591 -88.29 -240.66 -287.36
CA TYR B 591 -87.66 -239.99 -288.50
C TYR B 591 -86.48 -240.81 -289.05
N PRO B 592 -86.37 -241.02 -290.37
CA PRO B 592 -85.39 -241.92 -290.97
C PRO B 592 -83.99 -241.30 -291.07
N LEU B 593 -83.42 -240.84 -289.95
CA LEU B 593 -82.08 -240.26 -289.86
C LEU B 593 -81.31 -240.88 -288.70
N VAL B 594 -80.03 -241.18 -288.90
CA VAL B 594 -79.12 -241.69 -287.87
C VAL B 594 -78.14 -240.61 -287.47
N VAL B 595 -77.95 -240.40 -286.17
CA VAL B 595 -76.94 -239.50 -285.59
C VAL B 595 -75.91 -240.34 -284.83
N SER B 596 -74.63 -240.12 -285.09
CA SER B 596 -73.55 -241.00 -284.64
C SER B 596 -72.20 -240.27 -284.57
N SER B 597 -71.18 -240.88 -283.97
CA SER B 597 -69.81 -240.35 -284.02
C SER B 597 -69.26 -240.31 -285.46
N SER B 598 -69.80 -241.13 -286.35
CA SER B 598 -69.53 -241.09 -287.80
C SER B 598 -70.19 -239.90 -288.50
N GLY B 599 -71.03 -239.13 -287.81
CA GLY B 599 -71.84 -238.05 -288.37
C GLY B 599 -73.33 -238.37 -288.45
N ILE B 600 -74.04 -237.60 -289.29
CA ILE B 600 -75.46 -237.75 -289.59
C ILE B 600 -75.67 -238.24 -291.02
N ARG B 601 -76.63 -239.14 -291.22
CA ARG B 601 -77.01 -239.69 -292.53
C ARG B 601 -78.45 -240.20 -292.55
N PRO B 602 -79.09 -240.35 -293.72
CA PRO B 602 -80.32 -241.12 -293.85
C PRO B 602 -80.19 -242.52 -293.26
N ALA B 603 -81.24 -243.00 -292.62
CA ALA B 603 -81.31 -244.37 -292.12
C ALA B 603 -81.57 -245.37 -293.25
N GLN B 604 -81.05 -246.59 -293.12
CA GLN B 604 -81.52 -247.67 -293.99
C GLN B 604 -83.00 -247.91 -293.69
N THR B 605 -83.81 -247.93 -294.75
CA THR B 605 -85.27 -248.00 -294.69
C THR B 605 -85.85 -249.16 -295.48
N ALA B 606 -85.05 -249.84 -296.31
CA ALA B 606 -85.41 -251.11 -296.92
C ALA B 606 -84.29 -252.15 -296.77
N TRP B 607 -84.65 -253.41 -296.61
CA TRP B 607 -83.71 -254.53 -296.52
C TRP B 607 -83.84 -255.47 -297.72
N THR B 608 -83.91 -254.88 -298.91
CA THR B 608 -84.00 -255.54 -300.22
C THR B 608 -82.93 -256.61 -300.38
N THR B 609 -83.34 -257.86 -300.55
CA THR B 609 -82.45 -259.03 -300.49
C THR B 609 -82.74 -260.00 -301.65
N GLU B 610 -81.67 -260.47 -302.30
CA GLU B 610 -81.75 -261.47 -303.37
C GLU B 610 -82.24 -262.82 -302.84
N SER B 611 -82.97 -263.57 -303.66
CA SER B 611 -83.24 -265.00 -303.50
C SER B 611 -82.02 -265.78 -302.97
N ASP B 612 -80.85 -265.55 -303.56
CA ASP B 612 -79.55 -266.14 -303.21
C ASP B 612 -79.18 -265.94 -301.72
N ASN B 613 -79.45 -264.76 -301.15
CA ASN B 613 -78.98 -264.36 -299.82
C ASN B 613 -79.95 -264.70 -298.68
N LEU B 614 -81.19 -265.05 -298.96
CA LEU B 614 -82.17 -265.46 -297.93
C LEU B 614 -81.73 -266.75 -297.24
N ALA B 615 -82.04 -266.92 -295.96
CA ALA B 615 -81.84 -268.20 -295.29
C ALA B 615 -82.84 -269.22 -295.83
N GLN B 616 -82.32 -270.29 -296.44
CA GLN B 616 -83.08 -271.23 -297.26
C GLN B 616 -83.40 -272.52 -296.48
N SER B 617 -84.65 -272.97 -296.50
CA SER B 617 -85.06 -274.29 -296.02
C SER B 617 -85.52 -275.18 -297.20
N GLY B 618 -86.63 -275.92 -297.09
CA GLY B 618 -87.08 -276.93 -298.06
C GLY B 618 -87.47 -276.44 -299.47
N THR B 619 -87.40 -275.14 -299.76
CA THR B 619 -87.61 -274.56 -301.10
C THR B 619 -86.60 -275.10 -302.13
N ALA B 620 -86.97 -275.08 -303.42
CA ALA B 620 -86.14 -275.56 -304.53
C ALA B 620 -85.72 -274.43 -305.48
N LEU B 621 -84.54 -274.55 -306.08
CA LEU B 621 -84.01 -273.57 -307.03
C LEU B 621 -84.88 -273.49 -308.30
N VAL B 622 -85.28 -272.28 -308.67
CA VAL B 622 -85.90 -271.94 -309.95
C VAL B 622 -84.99 -271.00 -310.73
N THR B 623 -84.62 -271.36 -311.96
CA THR B 623 -83.73 -270.54 -312.82
C THR B 623 -84.49 -269.96 -314.01
N VAL B 624 -84.53 -268.63 -314.15
CA VAL B 624 -85.24 -267.92 -315.23
C VAL B 624 -84.54 -266.60 -315.55
N GLY B 625 -84.49 -266.22 -316.83
CA GLY B 625 -83.78 -265.01 -317.27
C GLY B 625 -84.35 -263.67 -316.79
N ASP B 626 -85.62 -263.64 -316.35
CA ASP B 626 -86.27 -262.42 -315.84
C ASP B 626 -86.08 -262.19 -314.32
N TYR B 627 -85.50 -263.16 -313.61
CA TYR B 627 -85.28 -263.07 -312.16
C TYR B 627 -83.97 -262.34 -311.84
N SER B 628 -83.89 -261.71 -310.68
CA SER B 628 -82.66 -261.08 -310.19
C SER B 628 -81.58 -262.12 -309.98
N ASN B 629 -80.38 -261.89 -310.51
CA ASN B 629 -79.32 -262.89 -310.62
C ASN B 629 -79.74 -264.17 -311.39
N GLY B 630 -80.85 -264.13 -312.15
CA GLY B 630 -81.42 -265.26 -312.87
C GLY B 630 -82.03 -266.34 -311.97
N GLU B 631 -82.21 -266.08 -310.68
CA GLU B 631 -82.43 -267.10 -309.65
C GLU B 631 -83.58 -266.73 -308.71
N ALA B 632 -84.45 -267.68 -308.39
CA ALA B 632 -85.53 -267.53 -307.41
C ALA B 632 -85.74 -268.83 -306.64
N GLU B 633 -86.42 -268.73 -305.51
CA GLU B 633 -86.69 -269.84 -304.61
C GLU B 633 -88.17 -270.26 -304.68
N GLY B 634 -88.42 -271.51 -305.06
CA GLY B 634 -89.76 -272.06 -305.23
C GLY B 634 -90.33 -272.65 -303.93
N LEU B 635 -91.36 -272.02 -303.40
CA LEU B 635 -92.18 -272.55 -302.32
C LEU B 635 -93.17 -273.60 -302.84
N ASP B 636 -92.72 -274.87 -302.94
CA ASP B 636 -93.48 -275.99 -303.51
C ASP B 636 -94.55 -276.59 -302.57
N SER B 637 -94.24 -276.77 -301.28
CA SER B 637 -94.90 -277.77 -300.43
C SER B 637 -94.99 -277.33 -298.96
N PRO B 638 -95.89 -277.89 -298.15
CA PRO B 638 -96.13 -277.38 -296.81
C PRO B 638 -94.91 -277.59 -295.89
N GLY B 639 -94.52 -276.52 -295.19
CA GLY B 639 -93.28 -276.45 -294.40
C GLY B 639 -92.07 -275.86 -295.13
N ASP B 640 -92.10 -275.72 -296.47
CA ASP B 640 -91.04 -275.01 -297.20
C ASP B 640 -91.00 -273.54 -296.76
N THR B 641 -89.80 -273.02 -296.45
CA THR B 641 -89.64 -271.78 -295.69
C THR B 641 -88.43 -270.96 -296.16
N LEU B 642 -88.52 -269.63 -296.09
CA LEU B 642 -87.43 -268.68 -296.24
C LEU B 642 -87.40 -267.69 -295.06
N GLU B 643 -86.22 -267.30 -294.60
CA GLU B 643 -86.06 -266.39 -293.48
C GLU B 643 -85.06 -265.25 -293.76
N LEU B 644 -85.37 -264.06 -293.25
CA LEU B 644 -84.59 -262.83 -293.38
C LEU B 644 -84.56 -262.11 -292.02
N SER B 645 -83.49 -261.40 -291.70
CA SER B 645 -83.41 -260.66 -290.44
C SER B 645 -82.66 -259.34 -290.59
N PHE B 646 -83.08 -258.35 -289.81
CA PHE B 646 -82.54 -256.99 -289.82
C PHE B 646 -82.83 -256.27 -288.50
N THR B 647 -82.16 -255.15 -288.27
CA THR B 647 -82.50 -254.20 -287.20
C THR B 647 -82.71 -252.82 -287.82
N PRO B 648 -83.86 -252.17 -287.63
CA PRO B 648 -84.08 -250.82 -288.12
C PRO B 648 -83.34 -249.79 -287.25
N GLU B 649 -82.77 -248.78 -287.89
CA GLU B 649 -81.95 -247.74 -287.25
C GLU B 649 -82.79 -246.59 -286.66
N HIS B 650 -84.12 -246.72 -286.68
CA HIS B 650 -85.14 -245.77 -286.27
C HIS B 650 -86.45 -246.52 -286.00
N ASP B 651 -87.43 -245.89 -285.34
CA ASP B 651 -88.75 -246.52 -285.21
C ASP B 651 -89.45 -246.55 -286.59
N ILE B 652 -90.09 -247.67 -286.94
CA ILE B 652 -90.99 -247.72 -288.10
C ILE B 652 -92.42 -247.74 -287.57
N PRO B 653 -93.28 -246.76 -287.93
CA PRO B 653 -94.71 -246.86 -287.62
C PRO B 653 -95.30 -248.13 -288.22
N GLY B 654 -96.19 -248.82 -287.51
CA GLY B 654 -96.83 -250.01 -288.05
C GLY B 654 -97.64 -249.70 -289.32
N GLU B 655 -98.22 -248.52 -289.39
CA GLU B 655 -98.88 -247.93 -290.56
C GLU B 655 -97.99 -247.93 -291.82
N GLU B 656 -96.67 -247.85 -291.64
CA GLU B 656 -95.69 -247.65 -292.70
C GLU B 656 -94.93 -248.92 -293.06
N PHE B 657 -94.93 -249.96 -292.23
CA PHE B 657 -94.24 -251.21 -292.57
C PHE B 657 -94.92 -251.88 -293.77
N ALA B 658 -94.14 -252.28 -294.77
CA ALA B 658 -94.61 -253.03 -295.94
C ALA B 658 -93.61 -254.13 -296.30
N LEU B 659 -94.07 -255.17 -296.99
CA LEU B 659 -93.26 -256.33 -297.36
C LEU B 659 -93.39 -256.59 -298.85
N TRP B 660 -92.67 -255.80 -299.64
CA TRP B 660 -92.70 -255.91 -301.09
C TRP B 660 -91.81 -257.05 -301.57
N CYS B 661 -92.33 -257.89 -302.46
CA CYS B 661 -91.60 -259.02 -303.02
C CYS B 661 -91.84 -259.10 -304.53
N ARG B 662 -90.85 -259.56 -305.31
CA ARG B 662 -91.13 -260.09 -306.65
C ARG B 662 -91.49 -261.55 -306.53
N ILE B 663 -92.69 -261.89 -307.00
CA ILE B 663 -93.24 -263.24 -306.94
C ILE B 663 -93.80 -263.62 -308.31
N GLU B 664 -93.67 -264.89 -308.67
CA GLU B 664 -94.33 -265.48 -309.84
C GLU B 664 -94.75 -266.93 -309.54
N THR B 665 -95.79 -267.43 -310.20
CA THR B 665 -96.18 -268.84 -310.16
C THR B 665 -96.03 -269.51 -311.52
N ASP B 666 -95.66 -270.79 -311.56
CA ASP B 666 -95.77 -271.62 -312.77
C ASP B 666 -95.06 -271.05 -314.01
N LEU B 667 -93.91 -270.38 -313.83
CA LEU B 667 -93.19 -269.68 -314.90
C LEU B 667 -94.08 -268.63 -315.63
N GLY B 668 -95.02 -268.02 -314.91
CA GLY B 668 -96.03 -267.11 -315.44
C GLY B 668 -97.34 -267.80 -315.87
N GLY B 669 -97.43 -269.13 -315.69
CA GLY B 669 -98.59 -269.95 -316.00
C GLY B 669 -99.71 -269.86 -314.97
N THR B 670 -100.78 -270.62 -315.22
CA THR B 670 -102.09 -270.42 -314.57
C THR B 670 -102.34 -271.29 -313.33
N ASP B 671 -101.57 -272.37 -313.11
CA ASP B 671 -101.81 -273.26 -311.97
C ASP B 671 -101.46 -272.60 -310.62
N PRO B 672 -102.38 -272.53 -309.64
CA PRO B 672 -102.14 -271.86 -308.37
C PRO B 672 -100.97 -272.35 -307.52
N GLY B 673 -100.29 -271.42 -306.86
CA GLY B 673 -99.31 -271.73 -305.82
C GLY B 673 -99.96 -272.10 -304.49
N PRO B 674 -99.18 -272.47 -303.46
CA PRO B 674 -99.71 -272.83 -302.15
C PRO B 674 -100.26 -271.63 -301.37
N GLU B 675 -100.92 -271.90 -300.24
CA GLU B 675 -101.11 -270.91 -299.20
C GLU B 675 -99.75 -270.48 -298.63
N ILE B 676 -99.56 -269.18 -298.37
CA ILE B 676 -98.36 -268.67 -297.71
C ILE B 676 -98.74 -268.02 -296.38
N THR B 677 -98.00 -268.39 -295.34
CA THR B 677 -98.02 -267.79 -294.00
C THR B 677 -96.76 -266.98 -293.78
N VAL B 678 -96.89 -265.75 -293.31
CA VAL B 678 -95.77 -264.89 -292.92
C VAL B 678 -95.75 -264.72 -291.41
N THR B 679 -94.60 -264.92 -290.79
CA THR B 679 -94.40 -264.64 -289.36
C THR B 679 -93.32 -263.56 -289.21
N LEU B 680 -93.64 -262.47 -288.53
CA LEU B 680 -92.72 -261.39 -288.23
C LEU B 680 -92.48 -261.31 -286.72
N ASP B 681 -91.23 -261.45 -286.30
CA ASP B 681 -90.86 -261.45 -284.89
C ASP B 681 -90.10 -260.18 -284.52
N ILE B 682 -90.68 -259.38 -283.62
CA ILE B 682 -90.13 -258.12 -283.11
C ILE B 682 -89.35 -258.40 -281.82
N ASP B 683 -88.26 -259.15 -281.95
CA ASP B 683 -87.38 -259.50 -280.83
C ASP B 683 -88.09 -260.25 -279.67
N GLY B 684 -89.04 -261.14 -280.00
CA GLY B 684 -89.75 -262.00 -279.04
C GLY B 684 -91.28 -261.90 -279.06
N ASP B 685 -91.89 -261.39 -280.13
CA ASP B 685 -93.35 -261.18 -280.26
C ASP B 685 -94.05 -262.09 -281.26
N THR B 686 -93.38 -262.53 -282.33
CA THR B 686 -93.91 -263.45 -283.36
C THR B 686 -95.36 -263.17 -283.81
N TYR B 687 -95.64 -261.98 -284.37
CA TYR B 687 -96.93 -261.73 -285.06
C TYR B 687 -97.01 -262.58 -286.33
N SER B 688 -98.13 -263.24 -286.61
CA SER B 688 -98.24 -264.20 -287.71
C SER B 688 -99.55 -264.04 -288.48
N TRP B 689 -99.50 -264.12 -289.81
CA TRP B 689 -100.58 -263.73 -290.71
C TRP B 689 -100.41 -264.39 -292.08
N VAL B 690 -101.46 -264.38 -292.92
CA VAL B 690 -101.60 -265.33 -294.04
C VAL B 690 -102.06 -264.60 -295.30
N PRO B 691 -101.15 -263.93 -296.03
CA PRO B 691 -101.53 -262.95 -297.04
C PRO B 691 -101.95 -263.54 -298.39
N ILE B 692 -101.68 -264.82 -298.66
CA ILE B 692 -101.90 -265.43 -299.99
C ILE B 692 -102.62 -266.77 -299.83
N GLY B 693 -103.74 -266.95 -300.53
CA GLY B 693 -104.57 -268.16 -300.49
C GLY B 693 -104.32 -269.15 -301.62
N THR B 694 -104.77 -270.39 -301.43
CA THR B 694 -104.52 -271.55 -302.32
C THR B 694 -105.07 -271.41 -303.75
N ASN B 695 -105.96 -270.46 -304.01
CA ASN B 695 -106.52 -270.19 -305.34
C ASN B 695 -105.61 -269.31 -306.23
N THR B 696 -104.54 -268.72 -305.68
CA THR B 696 -103.79 -267.65 -306.36
C THR B 696 -102.73 -268.11 -307.35
N ALA B 697 -102.68 -267.43 -308.49
CA ALA B 697 -101.58 -267.46 -309.44
C ALA B 697 -101.16 -266.02 -309.76
N LEU B 698 -99.85 -265.75 -309.83
CA LEU B 698 -99.29 -264.40 -309.94
C LEU B 698 -98.29 -264.32 -311.10
N GLY B 699 -98.46 -263.34 -311.99
CA GLY B 699 -97.45 -263.00 -312.98
C GLY B 699 -96.28 -262.28 -312.34
N LEU B 700 -95.08 -262.36 -312.92
CA LEU B 700 -93.88 -261.75 -312.34
C LEU B 700 -94.04 -260.23 -312.21
N ASN B 701 -94.20 -259.79 -310.97
CA ASN B 701 -94.40 -258.39 -310.61
C ASN B 701 -94.08 -258.20 -309.13
N TRP B 702 -93.94 -256.94 -308.72
CA TRP B 702 -93.84 -256.54 -307.33
C TRP B 702 -95.22 -256.56 -306.64
N TYR B 703 -95.29 -257.21 -305.48
CA TYR B 703 -96.48 -257.24 -304.63
C TYR B 703 -96.09 -256.97 -303.19
N ASP B 704 -96.83 -256.11 -302.48
CA ASP B 704 -96.76 -256.05 -301.01
C ASP B 704 -97.56 -257.20 -300.40
N LEU B 705 -97.01 -257.86 -299.39
CA LEU B 705 -97.70 -258.86 -298.60
C LEU B 705 -98.28 -258.29 -297.29
N ALA B 706 -97.72 -257.25 -296.70
CA ALA B 706 -98.10 -256.83 -295.35
C ALA B 706 -99.49 -256.17 -295.28
N ASN B 707 -99.74 -255.20 -296.16
CA ASN B 707 -100.94 -254.37 -296.18
C ASN B 707 -101.83 -254.60 -297.41
N ASN B 708 -101.62 -255.71 -298.13
CA ASN B 708 -102.44 -256.17 -299.25
C ASN B 708 -102.62 -257.69 -299.16
N THR B 709 -103.68 -258.26 -299.72
CA THR B 709 -103.87 -259.72 -299.68
C THR B 709 -104.71 -260.29 -300.83
N PHE B 710 -104.40 -261.54 -301.19
CA PHE B 710 -104.91 -262.23 -302.37
C PHE B 710 -105.52 -263.58 -301.93
N GLY B 711 -106.82 -263.59 -301.63
CA GLY B 711 -107.50 -264.78 -301.11
C GLY B 711 -107.06 -265.21 -299.69
N GLY B 712 -106.20 -264.44 -299.04
CA GLY B 712 -105.59 -264.79 -297.76
C GLY B 712 -106.55 -264.72 -296.58
N SER B 713 -106.17 -265.34 -295.46
CA SER B 713 -106.98 -265.39 -294.23
C SER B 713 -106.80 -264.17 -293.31
N SER B 714 -105.61 -263.55 -293.30
CA SER B 714 -105.31 -262.40 -292.42
C SER B 714 -104.10 -261.61 -292.93
N THR B 715 -103.97 -260.32 -292.57
CA THR B 715 -102.84 -259.44 -292.96
C THR B 715 -102.05 -258.95 -291.75
N TYR B 716 -100.97 -258.20 -291.98
CA TYR B 716 -100.17 -257.67 -290.89
C TYR B 716 -101.03 -256.76 -289.99
N PRO B 717 -101.12 -257.00 -288.67
CA PRO B 717 -101.66 -256.02 -287.76
C PRO B 717 -100.66 -254.86 -287.68
N ASP B 718 -101.10 -253.62 -287.83
CA ASP B 718 -100.22 -252.46 -288.02
C ASP B 718 -99.48 -252.03 -286.72
N THR B 719 -98.69 -252.92 -286.12
CA THR B 719 -97.89 -252.65 -284.92
C THR B 719 -96.55 -252.00 -285.25
N ASP B 720 -96.09 -251.06 -284.42
CA ASP B 720 -94.82 -250.36 -284.62
C ASP B 720 -93.61 -251.28 -284.45
N ILE B 721 -92.52 -250.99 -285.18
CA ILE B 721 -91.23 -251.67 -285.05
C ILE B 721 -90.27 -250.73 -284.30
N PRO B 722 -89.75 -251.09 -283.10
CA PRO B 722 -88.83 -250.24 -282.36
C PRO B 722 -87.44 -250.14 -283.00
N GLU B 723 -86.81 -248.97 -282.90
CA GLU B 723 -85.39 -248.78 -283.20
C GLU B 723 -84.53 -249.77 -282.42
N GLY B 724 -83.52 -250.36 -283.06
CA GLY B 724 -82.58 -251.26 -282.40
C GLY B 724 -83.13 -252.65 -282.06
N SER B 725 -84.42 -252.91 -282.29
CA SER B 725 -85.01 -254.25 -282.11
C SER B 725 -84.45 -255.24 -283.13
N THR B 726 -84.29 -256.51 -282.73
CA THR B 726 -83.84 -257.58 -283.62
C THR B 726 -85.05 -258.16 -284.34
N VAL B 727 -85.24 -257.84 -285.62
CA VAL B 727 -86.42 -258.30 -286.37
C VAL B 727 -86.08 -259.55 -287.16
N THR B 728 -86.91 -260.60 -287.02
CA THR B 728 -86.80 -261.82 -287.83
C THR B 728 -88.09 -262.03 -288.62
N LEU B 729 -87.97 -262.13 -289.93
CA LEU B 729 -89.08 -262.32 -290.86
C LEU B 729 -88.99 -263.71 -291.49
N SER B 730 -90.09 -264.47 -291.44
CA SER B 730 -90.18 -265.81 -292.02
C SER B 730 -91.37 -265.91 -292.97
N ILE B 731 -91.15 -266.41 -294.19
CA ILE B 731 -92.21 -266.72 -295.16
C ILE B 731 -92.24 -268.25 -295.33
N GLU B 732 -93.41 -268.86 -295.10
CA GLU B 732 -93.59 -270.31 -295.05
C GLU B 732 -94.78 -270.72 -295.91
N ALA B 733 -94.64 -271.78 -296.72
CA ALA B 733 -95.76 -272.40 -297.41
C ALA B 733 -96.55 -273.31 -296.46
N THR B 734 -97.88 -273.24 -296.50
CA THR B 734 -98.78 -273.95 -295.57
C THR B 734 -99.87 -274.79 -296.28
N SER B 735 -99.70 -275.04 -297.58
CA SER B 735 -100.41 -276.08 -298.35
C SER B 735 -99.48 -276.69 -299.39
N SER B 736 -99.91 -277.74 -300.08
CA SER B 736 -99.32 -278.13 -301.37
C SER B 736 -99.63 -277.09 -302.46
N SER B 737 -98.72 -276.94 -303.42
CA SER B 737 -98.97 -276.22 -304.68
C SER B 737 -99.85 -277.04 -305.63
N VAL B 738 -100.59 -276.41 -306.55
CA VAL B 738 -101.30 -277.15 -307.61
C VAL B 738 -100.31 -277.75 -308.60
N SER B 739 -99.34 -276.96 -309.05
CA SER B 739 -98.22 -277.38 -309.90
C SER B 739 -97.12 -276.30 -309.91
N GLY B 740 -96.32 -276.22 -310.97
CA GLY B 740 -95.65 -274.98 -311.39
C GLY B 740 -94.55 -274.46 -310.48
N GLN B 741 -93.83 -275.35 -309.80
CA GLN B 741 -92.73 -275.02 -308.87
C GLN B 741 -93.10 -273.94 -307.83
N GLY B 742 -94.36 -273.94 -307.39
CA GLY B 742 -94.84 -273.10 -306.30
C GLY B 742 -94.94 -271.60 -306.62
N HIS B 743 -94.92 -270.79 -305.57
CA HIS B 743 -94.56 -269.37 -305.69
C HIS B 743 -93.04 -269.25 -305.71
N ALA B 744 -92.48 -268.70 -306.79
CA ALA B 744 -91.07 -268.37 -306.88
C ALA B 744 -90.82 -266.99 -306.26
N VAL B 745 -90.06 -266.94 -305.17
CA VAL B 745 -89.61 -265.70 -304.53
C VAL B 745 -88.29 -265.27 -305.16
N ASP B 746 -88.33 -264.17 -305.90
CA ASP B 746 -87.19 -263.63 -306.65
C ASP B 746 -86.38 -262.64 -305.80
N VAL B 747 -87.04 -261.59 -305.30
CA VAL B 747 -86.47 -260.58 -304.40
C VAL B 747 -87.44 -260.35 -303.25
N MET B 748 -86.94 -260.25 -302.02
CA MET B 748 -87.74 -259.91 -300.84
C MET B 748 -87.28 -258.57 -300.26
N ALA B 749 -88.20 -257.65 -299.97
CA ALA B 749 -87.88 -256.32 -299.47
C ALA B 749 -88.87 -255.87 -298.38
N PRO B 750 -88.65 -256.25 -297.11
CA PRO B 750 -89.30 -255.56 -296.00
C PRO B 750 -88.77 -254.12 -295.97
N LEU B 751 -89.66 -253.14 -295.84
CA LEU B 751 -89.27 -251.74 -295.86
C LEU B 751 -90.27 -250.82 -295.13
N ASP B 752 -89.78 -249.64 -294.78
CA ASP B 752 -90.57 -248.49 -294.39
C ASP B 752 -91.12 -247.80 -295.65
N ALA B 753 -92.44 -247.70 -295.80
CA ALA B 753 -93.10 -247.12 -296.97
C ALA B 753 -92.94 -245.60 -297.08
N LEU B 754 -92.50 -244.90 -296.03
CA LEU B 754 -92.16 -243.49 -296.02
C LEU B 754 -93.26 -242.53 -296.49
N THR B 755 -94.55 -242.86 -296.37
CA THR B 755 -95.63 -241.92 -296.71
C THR B 755 -95.52 -240.64 -295.89
N ARG B 756 -95.11 -240.72 -294.62
CA ARG B 756 -94.98 -239.55 -293.72
C ARG B 756 -93.87 -238.55 -294.08
N VAL B 757 -92.99 -238.87 -295.02
CA VAL B 757 -91.97 -237.92 -295.53
C VAL B 757 -92.11 -237.65 -297.03
N THR B 758 -92.69 -238.57 -297.80
CA THR B 758 -92.93 -238.37 -299.24
C THR B 758 -94.27 -237.70 -299.56
N GLY B 759 -95.27 -237.87 -298.71
CA GLY B 759 -96.65 -237.41 -298.93
C GLY B 759 -97.47 -238.25 -299.92
N GLY B 760 -96.90 -239.31 -300.50
CA GLY B 760 -97.58 -240.18 -301.45
C GLY B 760 -98.48 -241.24 -300.79
N SER B 761 -99.29 -241.93 -301.58
CA SER B 761 -100.22 -242.96 -301.10
C SER B 761 -99.54 -244.21 -300.54
N ASP B 762 -98.38 -244.57 -301.07
CA ASP B 762 -97.74 -245.87 -300.85
C ASP B 762 -96.25 -245.84 -301.26
N ALA B 763 -95.54 -246.92 -300.95
CA ALA B 763 -94.11 -247.05 -301.15
C ALA B 763 -93.63 -246.82 -302.59
N THR B 764 -94.47 -246.93 -303.62
CA THR B 764 -94.03 -246.63 -304.99
C THR B 764 -93.65 -245.16 -305.21
N SER B 765 -94.10 -244.27 -304.33
CA SER B 765 -93.66 -242.86 -304.31
C SER B 765 -92.27 -242.68 -303.70
N ALA B 766 -91.79 -243.62 -302.88
CA ALA B 766 -90.51 -243.55 -302.17
C ALA B 766 -89.37 -244.31 -302.84
N TYR B 767 -89.66 -245.34 -303.65
CA TYR B 767 -88.65 -246.27 -304.17
C TYR B 767 -88.88 -246.63 -305.65
N THR B 768 -87.83 -247.06 -306.35
CA THR B 768 -87.87 -247.43 -307.77
C THR B 768 -88.21 -248.90 -307.96
N PHE B 769 -89.48 -249.30 -307.77
CA PHE B 769 -89.91 -250.65 -308.12
C PHE B 769 -89.79 -250.89 -309.63
N ASP B 770 -89.07 -251.94 -310.02
CA ASP B 770 -88.56 -252.15 -311.38
C ASP B 770 -88.79 -253.60 -311.85
N ASN B 771 -89.16 -253.79 -313.11
CA ASN B 771 -89.32 -255.11 -313.74
C ASN B 771 -88.44 -255.35 -314.98
N ASN B 772 -87.74 -254.35 -315.52
CA ASN B 772 -86.90 -254.53 -316.70
C ASN B 772 -85.50 -255.05 -316.33
N ASN B 773 -85.44 -256.34 -315.98
CA ASN B 773 -84.19 -257.06 -315.76
C ASN B 773 -83.28 -257.09 -317.01
N GLY B 774 -83.88 -257.09 -318.20
CA GLY B 774 -83.21 -257.28 -319.49
C GLY B 774 -83.21 -258.73 -320.00
N GLY B 775 -83.71 -259.68 -319.21
CA GLY B 775 -83.92 -261.08 -319.61
C GLY B 775 -82.67 -261.96 -319.60
N SER B 776 -81.53 -261.45 -319.12
CA SER B 776 -80.24 -262.15 -319.08
C SER B 776 -79.84 -262.63 -317.67
N GLY B 777 -80.77 -262.67 -316.73
CA GLY B 777 -80.49 -262.98 -315.32
C GLY B 777 -79.70 -261.87 -314.61
N GLY B 778 -79.89 -260.62 -315.03
CA GLY B 778 -79.23 -259.44 -314.47
C GLY B 778 -79.90 -258.95 -313.19
N TYR B 779 -79.91 -257.64 -312.99
CA TYR B 779 -80.32 -257.00 -311.74
C TYR B 779 -81.29 -255.84 -312.00
N LEU B 780 -81.98 -255.40 -310.94
CA LEU B 780 -83.02 -254.39 -310.99
C LEU B 780 -82.57 -253.14 -310.24
N ASP B 781 -82.96 -251.95 -310.70
CA ASP B 781 -82.73 -250.73 -309.92
C ASP B 781 -83.39 -250.86 -308.55
N GLY B 782 -84.64 -251.33 -308.55
CA GLY B 782 -85.29 -251.99 -307.41
C GLY B 782 -85.55 -251.06 -306.22
N PRO B 783 -86.18 -251.59 -305.15
CA PRO B 783 -86.37 -250.84 -303.94
C PRO B 783 -85.02 -250.56 -303.26
N GLU B 784 -84.59 -249.31 -303.32
CA GLU B 784 -83.29 -248.85 -302.83
C GLU B 784 -83.22 -248.89 -301.29
N LEU B 785 -82.02 -248.91 -300.73
CA LEU B 785 -81.85 -249.11 -299.29
C LEU B 785 -82.21 -247.87 -298.45
N TYR B 786 -82.24 -246.69 -299.05
CA TYR B 786 -82.33 -245.39 -298.37
C TYR B 786 -83.42 -244.47 -298.97
N PRO B 787 -84.00 -243.55 -298.17
CA PRO B 787 -84.95 -242.56 -298.68
C PRO B 787 -84.32 -241.69 -299.77
N ASP B 788 -85.11 -241.23 -300.74
CA ASP B 788 -84.58 -240.50 -301.89
C ASP B 788 -83.80 -239.23 -301.49
N GLN B 789 -84.47 -238.33 -300.78
CA GLN B 789 -83.93 -237.06 -300.29
C GLN B 789 -84.55 -236.73 -298.94
N LEU B 790 -83.72 -236.46 -297.94
CA LEU B 790 -84.13 -235.81 -296.70
C LEU B 790 -83.69 -234.35 -296.79
N ILE B 791 -84.61 -233.41 -296.59
CA ILE B 791 -84.29 -232.00 -296.42
C ILE B 791 -84.36 -231.69 -294.92
N LEU B 792 -83.21 -231.45 -294.31
CA LEU B 792 -83.06 -231.18 -292.89
C LEU B 792 -83.02 -229.67 -292.66
N SER B 793 -84.08 -229.10 -292.10
CA SER B 793 -84.01 -227.74 -291.54
C SER B 793 -83.34 -227.81 -290.19
N LEU B 794 -82.16 -227.22 -290.05
CA LEU B 794 -81.50 -227.10 -288.75
C LEU B 794 -82.18 -226.02 -287.90
N GLU B 795 -82.05 -226.10 -286.58
CA GLU B 795 -82.43 -225.02 -285.68
C GLU B 795 -81.69 -223.74 -286.07
N THR B 796 -82.37 -222.60 -286.00
CA THR B 796 -81.83 -221.29 -286.39
C THR B 796 -80.49 -221.03 -285.72
N ALA B 797 -79.50 -220.55 -286.46
CA ALA B 797 -78.26 -220.05 -285.88
C ALA B 797 -78.51 -218.69 -285.22
N THR B 798 -79.12 -218.71 -284.03
CA THR B 798 -79.55 -217.51 -283.33
C THR B 798 -78.40 -216.55 -283.13
N THR B 799 -78.66 -215.30 -283.42
CA THR B 799 -77.69 -214.23 -283.56
C THR B 799 -78.32 -212.93 -283.05
N ARG B 800 -77.52 -211.98 -282.57
CA ARG B 800 -78.02 -210.74 -281.95
C ARG B 800 -77.97 -209.52 -282.87
N ARG B 801 -77.30 -209.62 -284.02
CA ARG B 801 -76.83 -208.48 -284.83
C ARG B 801 -76.93 -208.80 -286.31
N ASN B 802 -77.00 -207.79 -287.17
CA ASN B 802 -77.27 -208.01 -288.58
C ASN B 802 -76.14 -208.75 -289.29
N VAL B 803 -76.43 -209.92 -289.85
CA VAL B 803 -75.58 -210.68 -290.76
C VAL B 803 -75.76 -210.15 -292.18
N SER B 804 -74.67 -209.89 -292.89
CA SER B 804 -74.70 -209.53 -294.32
C SER B 804 -74.13 -210.62 -295.23
N GLU B 805 -73.19 -211.41 -294.73
CA GLU B 805 -72.52 -212.50 -295.44
C GLU B 805 -72.38 -213.68 -294.46
N ALA B 806 -72.56 -214.89 -294.94
CA ALA B 806 -72.26 -216.11 -294.19
C ALA B 806 -71.51 -217.12 -295.06
N ARG B 807 -70.75 -218.01 -294.43
CA ARG B 807 -70.09 -219.14 -295.10
C ARG B 807 -70.19 -220.39 -294.27
N PHE B 808 -70.08 -221.56 -294.89
CA PHE B 808 -70.11 -222.82 -294.18
C PHE B 808 -68.98 -223.73 -294.62
N THR B 809 -68.67 -224.70 -293.77
CA THR B 809 -67.79 -225.83 -294.08
C THR B 809 -68.40 -227.08 -293.52
N LEU B 810 -68.31 -228.18 -294.25
CA LEU B 810 -68.68 -229.50 -293.75
C LEU B 810 -67.78 -230.58 -294.34
N THR B 811 -67.69 -231.73 -293.68
CA THR B 811 -66.99 -232.91 -294.20
C THR B 811 -67.99 -234.01 -294.50
N ALA B 812 -67.92 -234.62 -295.68
CA ALA B 812 -68.91 -235.56 -296.20
C ALA B 812 -68.27 -236.72 -296.98
N ASN B 813 -68.96 -237.86 -297.05
CA ASN B 813 -68.52 -239.01 -297.85
C ASN B 813 -68.75 -238.81 -299.36
N ASP B 814 -69.85 -238.17 -299.73
CA ASP B 814 -70.22 -237.82 -301.10
C ASP B 814 -71.10 -236.55 -301.12
N THR B 815 -71.02 -235.78 -302.21
CA THR B 815 -71.88 -234.59 -302.42
C THR B 815 -72.45 -234.54 -303.84
N SER B 816 -72.68 -235.69 -304.48
CA SER B 816 -73.26 -235.81 -305.82
C SER B 816 -74.70 -235.27 -305.90
N GLY B 817 -75.24 -235.19 -307.12
CA GLY B 817 -76.39 -234.36 -307.50
C GLY B 817 -77.61 -234.40 -306.57
N ASN B 818 -78.29 -233.25 -306.46
CA ASN B 818 -79.31 -232.91 -305.46
C ASN B 818 -78.82 -232.81 -304.00
N PHE B 819 -77.54 -233.01 -303.71
CA PHE B 819 -76.93 -232.47 -302.48
C PHE B 819 -76.83 -230.94 -302.59
N TYR B 820 -77.30 -230.24 -301.56
CA TYR B 820 -77.13 -228.80 -301.43
C TYR B 820 -77.21 -228.33 -299.98
N VAL B 821 -76.63 -227.17 -299.71
CA VAL B 821 -76.81 -226.39 -298.48
C VAL B 821 -77.49 -225.07 -298.83
N GLU B 822 -78.58 -224.75 -298.15
CA GLU B 822 -79.34 -223.50 -298.26
C GLU B 822 -79.11 -222.61 -297.05
N LEU B 823 -78.95 -221.30 -297.25
CA LEU B 823 -78.89 -220.30 -296.17
C LEU B 823 -79.87 -219.14 -296.40
N ALA B 824 -80.54 -218.64 -295.36
CA ALA B 824 -81.44 -217.48 -295.44
C ALA B 824 -81.30 -216.52 -294.27
N ASN B 825 -81.42 -215.21 -294.52
CA ASN B 825 -81.41 -214.15 -293.51
C ASN B 825 -82.78 -213.82 -292.91
N ASP B 826 -83.84 -214.15 -293.65
CA ASP B 826 -85.23 -213.73 -293.43
C ASP B 826 -86.17 -214.94 -293.22
N GLY B 827 -85.60 -216.12 -292.98
CA GLY B 827 -86.31 -217.39 -292.87
C GLY B 827 -87.07 -217.84 -294.12
N SER B 828 -86.84 -217.19 -295.27
CA SER B 828 -87.71 -217.33 -296.45
C SER B 828 -86.92 -217.46 -297.75
N THR B 829 -85.97 -216.56 -297.99
CA THR B 829 -85.26 -216.40 -299.26
C THR B 829 -83.96 -217.20 -299.25
N PHE B 830 -84.07 -218.53 -299.25
CA PHE B 830 -82.91 -219.41 -299.20
C PHE B 830 -82.05 -219.33 -300.46
N ASN B 831 -80.75 -219.15 -300.27
CA ASN B 831 -79.73 -219.22 -301.32
C ASN B 831 -79.02 -220.57 -301.23
N ARG B 832 -78.95 -221.37 -302.30
CA ARG B 832 -78.32 -222.70 -302.26
C ARG B 832 -76.97 -222.76 -302.97
N VAL B 833 -76.02 -223.46 -302.34
CA VAL B 833 -74.64 -223.61 -302.80
C VAL B 833 -74.39 -224.85 -303.67
N ASN B 834 -75.38 -225.73 -303.83
CA ASN B 834 -75.30 -226.97 -304.62
C ASN B 834 -74.19 -227.93 -304.14
N ASN B 835 -73.55 -228.65 -305.04
CA ASN B 835 -72.93 -229.95 -304.79
C ASN B 835 -71.56 -229.92 -304.05
N ALA B 836 -71.32 -228.92 -303.21
CA ALA B 836 -70.02 -228.62 -302.61
C ALA B 836 -70.01 -228.69 -301.08
N THR B 837 -68.87 -229.07 -300.51
CA THR B 837 -68.61 -229.16 -299.06
C THR B 837 -68.33 -227.82 -298.37
N SER B 838 -68.21 -226.73 -299.11
CA SER B 838 -68.09 -225.38 -298.55
C SER B 838 -68.53 -224.34 -299.58
N GLY B 839 -68.97 -223.19 -299.09
CA GLY B 839 -69.26 -222.01 -299.89
C GLY B 839 -69.72 -220.85 -299.02
N SER B 840 -70.04 -219.72 -299.65
CA SER B 840 -70.53 -218.53 -298.95
C SER B 840 -71.68 -217.88 -299.70
N VAL B 841 -72.43 -217.06 -298.98
CA VAL B 841 -73.63 -216.36 -299.43
C VAL B 841 -73.58 -214.93 -298.96
N THR B 842 -73.90 -213.98 -299.83
CA THR B 842 -74.20 -212.60 -299.44
C THR B 842 -75.72 -212.43 -299.46
N PHE B 843 -76.31 -211.93 -298.39
CA PHE B 843 -77.75 -211.72 -298.31
C PHE B 843 -78.17 -210.37 -298.90
N ALA B 844 -79.41 -210.30 -299.40
CA ALA B 844 -79.91 -209.12 -300.10
C ALA B 844 -80.02 -207.87 -299.22
N SER B 845 -80.26 -208.05 -297.93
CA SER B 845 -80.26 -206.98 -296.92
C SER B 845 -79.75 -207.50 -295.58
N PRO B 846 -79.00 -206.70 -294.79
CA PRO B 846 -78.58 -207.08 -293.45
C PRO B 846 -79.77 -207.39 -292.54
N ASP B 847 -79.77 -208.54 -291.88
CA ASP B 847 -80.85 -209.04 -291.03
C ASP B 847 -80.30 -210.05 -290.02
N THR B 848 -81.05 -210.42 -288.99
CA THR B 848 -80.44 -210.93 -287.77
C THR B 848 -80.05 -212.41 -287.79
N ASN B 849 -80.97 -213.33 -288.10
CA ASN B 849 -80.78 -214.76 -287.87
C ASN B 849 -80.55 -215.56 -289.14
N VAL B 850 -79.57 -216.48 -289.15
CA VAL B 850 -79.35 -217.40 -290.28
C VAL B 850 -80.11 -218.70 -290.07
N ASP B 851 -81.11 -218.96 -290.90
CA ASP B 851 -81.73 -220.28 -291.07
C ASP B 851 -81.02 -221.08 -292.16
N THR B 852 -81.06 -222.41 -292.08
CA THR B 852 -80.43 -223.29 -293.07
C THR B 852 -81.19 -224.59 -293.30
N ASN B 853 -81.15 -225.09 -294.54
CA ASN B 853 -81.58 -226.43 -294.89
C ASN B 853 -80.44 -227.20 -295.57
N ILE B 854 -80.33 -228.50 -295.31
CA ILE B 854 -79.34 -229.38 -295.96
C ILE B 854 -80.09 -230.52 -296.63
N SER B 855 -79.71 -230.89 -297.86
CA SER B 855 -80.26 -232.05 -298.56
C SER B 855 -79.29 -233.22 -298.52
N LEU B 856 -79.70 -234.35 -297.92
CA LEU B 856 -78.96 -235.62 -297.89
C LEU B 856 -79.68 -236.66 -298.75
N ASN B 857 -78.98 -237.39 -299.62
CA ASN B 857 -79.63 -238.24 -300.62
C ASN B 857 -79.16 -239.71 -300.62
N ARG B 858 -80.06 -240.57 -301.06
CA ARG B 858 -79.80 -241.88 -301.68
C ARG B 858 -78.86 -241.69 -302.88
N TYR B 859 -77.79 -242.47 -302.98
CA TYR B 859 -76.85 -242.37 -304.10
C TYR B 859 -76.15 -243.69 -304.41
N GLY B 860 -75.42 -243.72 -305.53
CA GLY B 860 -74.65 -244.86 -306.00
C GLY B 860 -75.35 -245.60 -307.14
N SER B 861 -74.56 -246.08 -308.10
CA SER B 861 -75.01 -246.88 -309.24
C SER B 861 -74.00 -247.99 -309.54
N ARG B 862 -74.47 -249.19 -309.84
CA ARG B 862 -73.65 -250.38 -310.09
C ARG B 862 -74.26 -251.27 -311.17
N SER B 863 -73.70 -252.46 -311.39
CA SER B 863 -74.18 -253.43 -312.39
C SER B 863 -74.22 -254.89 -311.88
N THR B 864 -74.10 -255.10 -310.56
CA THR B 864 -73.69 -256.40 -309.99
C THR B 864 -74.54 -256.90 -308.82
N ALA B 865 -75.57 -256.18 -308.40
CA ALA B 865 -76.54 -256.63 -307.39
C ALA B 865 -77.84 -255.82 -307.49
N THR B 866 -78.93 -256.36 -306.96
CA THR B 866 -80.19 -255.63 -306.71
C THR B 866 -80.23 -255.22 -305.23
N PRO B 867 -80.51 -253.95 -304.89
CA PRO B 867 -80.83 -252.85 -305.79
C PRO B 867 -79.59 -252.32 -306.53
N GLN B 868 -79.76 -252.03 -307.81
CA GLN B 868 -78.69 -251.63 -308.72
C GLN B 868 -78.32 -250.13 -308.59
N THR B 869 -79.14 -249.35 -307.89
CA THR B 869 -78.88 -247.94 -307.55
C THR B 869 -79.31 -247.63 -306.10
N GLY B 870 -78.84 -246.53 -305.52
CA GLY B 870 -79.31 -246.06 -304.21
C GLY B 870 -78.94 -246.96 -303.02
N PHE B 871 -77.82 -247.66 -303.11
CA PHE B 871 -77.29 -248.54 -302.07
C PHE B 871 -76.30 -247.83 -301.12
N ASN B 872 -76.04 -246.54 -301.31
CA ASN B 872 -75.28 -245.68 -300.40
C ASN B 872 -76.09 -244.45 -300.00
N ALA B 873 -75.76 -243.86 -298.86
CA ALA B 873 -76.38 -242.64 -298.36
C ALA B 873 -75.33 -241.56 -298.06
N GLN B 874 -75.62 -240.30 -298.41
CA GLN B 874 -74.75 -239.19 -298.09
C GLN B 874 -74.72 -238.92 -296.57
N GLU B 875 -73.54 -238.74 -296.02
CA GLU B 875 -73.26 -238.59 -294.60
C GLU B 875 -72.41 -237.34 -294.37
N ILE B 876 -72.69 -236.59 -293.29
CA ILE B 876 -71.94 -235.39 -292.90
C ILE B 876 -71.50 -235.55 -291.45
N ASP B 877 -70.21 -235.36 -291.13
CA ASP B 877 -69.72 -235.62 -289.77
C ASP B 877 -69.31 -234.37 -288.99
N ASN B 878 -68.89 -233.32 -289.67
CA ASN B 878 -68.59 -232.01 -289.09
C ASN B 878 -69.33 -230.95 -289.89
N TRP B 879 -69.90 -229.96 -289.22
CA TRP B 879 -70.58 -228.81 -289.78
C TRP B 879 -70.16 -227.56 -289.01
N GLU B 880 -69.88 -226.48 -289.70
CA GLU B 880 -69.64 -225.20 -289.07
C GLU B 880 -70.03 -224.03 -289.97
N LEU B 881 -70.79 -223.11 -289.40
CA LEU B 881 -71.38 -221.94 -290.05
C LEU B 881 -70.81 -220.67 -289.44
N TYR B 882 -70.31 -219.78 -290.28
CA TYR B 882 -69.67 -218.53 -289.90
C TYR B 882 -70.39 -217.34 -290.51
N ALA B 883 -70.39 -216.19 -289.84
CA ALA B 883 -71.04 -214.98 -290.32
C ALA B 883 -70.22 -213.72 -290.05
N ASP B 884 -70.35 -212.74 -290.94
CA ASP B 884 -69.75 -211.43 -290.80
C ASP B 884 -70.59 -210.57 -289.86
N ILE B 885 -70.38 -210.70 -288.55
CA ILE B 885 -71.06 -209.93 -287.50
C ILE B 885 -70.08 -209.33 -286.49
N ASP B 886 -70.50 -208.24 -285.84
CA ASP B 886 -69.65 -207.49 -284.92
C ASP B 886 -69.23 -208.33 -283.70
N ALA B 887 -67.92 -208.55 -283.53
CA ALA B 887 -67.36 -209.23 -282.36
C ALA B 887 -66.48 -208.30 -281.50
N VAL B 888 -66.42 -207.01 -281.80
CA VAL B 888 -65.90 -205.99 -280.89
C VAL B 888 -66.99 -204.94 -280.74
N LEU B 889 -67.48 -204.72 -279.53
CA LEU B 889 -68.75 -204.02 -279.31
C LEU B 889 -68.74 -203.21 -278.01
N PRO B 890 -69.49 -202.10 -277.91
CA PRO B 890 -69.44 -201.21 -276.76
C PRO B 890 -70.14 -201.82 -275.55
N ASP B 891 -69.53 -201.70 -274.36
CA ASP B 891 -69.97 -202.40 -273.15
C ASP B 891 -70.19 -201.50 -271.94
N ASP B 892 -69.60 -200.30 -271.94
CA ASP B 892 -69.81 -199.23 -270.96
C ASP B 892 -69.25 -197.93 -271.58
N ILE B 893 -69.27 -196.79 -270.88
CA ILE B 893 -68.81 -195.50 -271.39
C ILE B 893 -67.36 -195.58 -271.90
N GLY B 894 -66.44 -196.06 -271.08
CA GLY B 894 -65.04 -196.17 -271.52
C GLY B 894 -64.68 -197.48 -272.20
N VAL B 895 -65.61 -198.39 -272.46
CA VAL B 895 -65.29 -199.83 -272.51
C VAL B 895 -65.85 -200.55 -273.73
N THR B 896 -65.05 -201.39 -274.37
CA THR B 896 -65.51 -202.37 -275.38
C THR B 896 -65.30 -203.78 -274.87
N LEU B 897 -66.16 -204.71 -275.27
CA LEU B 897 -66.01 -206.14 -275.04
C LEU B 897 -65.69 -206.85 -276.36
N SER B 898 -64.69 -207.73 -276.39
CA SER B 898 -64.32 -208.49 -277.60
C SER B 898 -64.64 -209.99 -277.48
N ARG B 899 -65.10 -210.58 -278.58
CA ARG B 899 -66.01 -211.75 -278.59
C ARG B 899 -65.59 -212.95 -279.45
N ALA B 900 -64.30 -213.21 -279.62
CA ALA B 900 -63.82 -214.31 -280.46
C ALA B 900 -64.32 -215.68 -279.98
N ILE B 901 -64.57 -216.58 -280.92
CA ILE B 901 -64.97 -217.97 -280.67
C ILE B 901 -64.01 -218.91 -281.38
N ILE B 902 -63.29 -219.75 -280.65
CA ILE B 902 -62.50 -220.87 -281.17
C ILE B 902 -63.45 -222.04 -281.48
N PRO B 903 -63.56 -222.51 -282.73
CA PRO B 903 -64.38 -223.67 -283.06
C PRO B 903 -63.99 -224.92 -282.27
N PRO B 904 -64.94 -225.77 -281.82
CA PRO B 904 -64.72 -226.77 -280.79
C PRO B 904 -63.51 -227.70 -280.92
N ASN B 905 -63.21 -228.22 -282.12
CA ASN B 905 -62.09 -229.16 -282.34
C ASN B 905 -60.94 -228.54 -283.15
N THR B 906 -60.66 -227.25 -282.93
CA THR B 906 -59.59 -226.54 -283.65
C THR B 906 -58.23 -227.19 -283.40
N SER B 907 -57.56 -227.61 -284.47
CA SER B 907 -56.51 -228.63 -284.43
C SER B 907 -55.30 -228.27 -283.56
N GLY B 908 -54.86 -227.02 -283.55
CA GLY B 908 -53.68 -226.61 -282.78
C GLY B 908 -53.87 -226.58 -281.27
N ILE B 909 -55.11 -226.49 -280.79
CA ILE B 909 -55.43 -226.16 -279.39
C ILE B 909 -56.25 -227.24 -278.67
N VAL B 910 -57.06 -228.03 -279.37
CA VAL B 910 -57.79 -229.13 -278.73
C VAL B 910 -56.82 -230.14 -278.10
N GLY B 911 -57.04 -230.48 -276.85
CA GLY B 911 -56.19 -231.36 -276.04
C GLY B 911 -54.97 -230.70 -275.40
N GLN B 912 -54.69 -229.42 -275.65
CA GLN B 912 -53.63 -228.67 -274.98
C GLN B 912 -54.13 -227.95 -273.73
N THR B 913 -53.22 -227.64 -272.81
CA THR B 913 -53.49 -226.71 -271.71
C THR B 913 -53.27 -225.27 -272.17
N VAL B 914 -54.23 -224.38 -271.96
CA VAL B 914 -54.18 -222.98 -272.39
C VAL B 914 -53.78 -222.10 -271.21
N ARG B 915 -52.87 -221.14 -271.39
CA ARG B 915 -52.34 -220.29 -270.30
C ARG B 915 -52.26 -218.81 -270.61
N GLU B 916 -52.36 -218.39 -271.85
CA GLU B 916 -52.29 -216.99 -272.22
C GLU B 916 -53.26 -216.67 -273.34
N ALA B 917 -53.67 -215.42 -273.42
CA ALA B 917 -54.53 -214.92 -274.47
C ALA B 917 -54.19 -213.49 -274.83
N GLY B 918 -54.56 -213.05 -276.03
CA GLY B 918 -54.31 -211.68 -276.45
C GLY B 918 -55.18 -211.26 -277.62
N LEU B 919 -55.65 -210.01 -277.56
CA LEU B 919 -56.33 -209.33 -278.66
C LEU B 919 -55.29 -208.88 -279.69
N LYS B 920 -55.57 -208.99 -280.98
CA LYS B 920 -54.59 -208.74 -282.05
C LYS B 920 -55.16 -207.99 -283.24
N SER B 921 -54.28 -207.34 -284.00
CA SER B 921 -54.52 -207.11 -285.43
C SER B 921 -54.15 -208.37 -286.21
N GLY B 922 -53.98 -208.32 -287.53
CA GLY B 922 -53.55 -209.47 -288.32
C GLY B 922 -52.28 -210.16 -287.80
N SER B 923 -51.29 -209.40 -287.31
CA SER B 923 -50.03 -209.96 -286.78
C SER B 923 -49.54 -209.32 -285.49
N THR B 924 -50.08 -208.17 -285.06
CA THR B 924 -49.53 -207.41 -283.94
C THR B 924 -50.37 -207.64 -282.68
N LEU B 925 -49.74 -208.03 -281.59
CA LEU B 925 -50.40 -208.23 -280.31
C LEU B 925 -50.78 -206.89 -279.68
N LEU B 926 -52.06 -206.64 -279.44
CA LEU B 926 -52.54 -205.40 -278.83
C LEU B 926 -52.67 -205.52 -277.31
N THR B 927 -53.11 -206.68 -276.82
CA THR B 927 -53.18 -206.99 -275.39
C THR B 927 -52.62 -208.37 -275.12
N ARG B 928 -52.21 -208.64 -273.89
CA ARG B 928 -51.83 -209.98 -273.45
C ARG B 928 -52.33 -210.22 -272.04
N HIS B 929 -52.72 -211.44 -271.73
CA HIS B 929 -53.24 -211.86 -270.43
C HIS B 929 -52.73 -213.22 -270.05
N ILE B 930 -52.51 -213.47 -268.76
CA ILE B 930 -52.26 -214.80 -268.22
C ILE B 930 -53.57 -215.37 -267.69
N LEU B 931 -53.80 -216.65 -267.90
CA LEU B 931 -55.02 -217.36 -267.56
C LEU B 931 -54.71 -218.48 -266.57
N ALA B 932 -55.65 -218.77 -265.67
CA ALA B 932 -55.59 -219.99 -264.89
C ALA B 932 -55.58 -221.20 -265.84
N GLU B 933 -54.70 -222.18 -265.63
CA GLU B 933 -54.56 -223.33 -266.54
C GLU B 933 -55.89 -224.04 -266.76
N PHE B 934 -56.24 -224.31 -268.02
CA PHE B 934 -57.32 -225.24 -268.33
C PHE B 934 -56.96 -226.09 -269.55
N LEU B 935 -57.35 -227.35 -269.53
CA LEU B 935 -57.34 -228.24 -270.68
C LEU B 935 -58.52 -227.91 -271.58
N LEU B 936 -58.29 -227.57 -272.85
CA LEU B 936 -59.39 -227.45 -273.80
C LEU B 936 -59.73 -228.83 -274.38
N ASP B 937 -60.70 -229.52 -273.79
CA ASP B 937 -61.04 -230.89 -274.19
C ASP B 937 -61.84 -230.96 -275.51
N THR B 938 -61.95 -232.14 -276.11
CA THR B 938 -62.70 -232.34 -277.35
C THR B 938 -64.16 -231.89 -277.24
N ASP B 939 -64.69 -231.34 -278.33
CA ASP B 939 -66.04 -230.78 -278.46
C ASP B 939 -66.36 -229.57 -277.56
N GLN B 940 -65.41 -229.00 -276.81
CA GLN B 940 -65.64 -227.79 -276.03
C GLN B 940 -65.39 -226.52 -276.86
N ARG B 941 -66.38 -225.63 -276.97
CA ARG B 941 -66.21 -224.28 -277.52
C ARG B 941 -65.48 -223.40 -276.52
N LEU B 942 -64.48 -222.63 -276.97
CA LEU B 942 -63.77 -221.63 -276.17
C LEU B 942 -64.01 -220.23 -276.71
N ALA B 943 -64.46 -219.29 -275.89
CA ALA B 943 -64.71 -217.92 -276.32
C ALA B 943 -64.10 -216.88 -275.37
N SER B 944 -63.82 -215.68 -275.88
CA SER B 944 -63.29 -214.57 -275.08
C SER B 944 -64.40 -213.73 -274.45
N SER B 945 -64.03 -212.95 -273.44
CA SER B 945 -64.78 -211.80 -272.94
C SER B 945 -63.77 -210.77 -272.48
N GLU B 946 -63.14 -210.17 -273.49
CA GLU B 946 -62.02 -209.26 -273.36
C GLU B 946 -62.52 -207.83 -273.20
N SER B 947 -62.52 -207.30 -271.99
CA SER B 947 -62.80 -205.89 -271.75
C SER B 947 -61.56 -205.06 -272.08
N THR B 948 -61.71 -204.02 -272.90
CA THR B 948 -60.70 -202.96 -273.08
C THR B 948 -61.27 -201.65 -272.58
N ARG B 949 -60.64 -200.99 -271.62
CA ARG B 949 -61.07 -199.70 -271.07
C ARG B 949 -60.19 -198.56 -271.54
N PHE B 950 -60.78 -197.40 -271.78
CA PHE B 950 -60.06 -196.15 -272.00
C PHE B 950 -60.37 -195.20 -270.83
N THR B 951 -59.34 -194.74 -270.13
CA THR B 951 -59.45 -193.90 -268.92
C THR B 951 -58.34 -192.83 -268.90
N SER B 952 -58.11 -192.13 -267.79
CA SER B 952 -57.33 -190.89 -267.75
C SER B 952 -56.44 -190.73 -266.52
N ASP B 953 -55.50 -189.79 -266.58
CA ASP B 953 -54.63 -189.41 -265.45
C ASP B 953 -55.47 -188.95 -264.25
N ASN B 954 -56.36 -187.97 -264.48
CA ASN B 954 -57.33 -187.48 -263.51
C ASN B 954 -58.65 -188.23 -263.61
N PRO C 2 -98.77 -216.53 -184.19
CA PRO C 2 -97.44 -217.19 -184.19
C PRO C 2 -97.51 -218.61 -184.73
N GLN C 3 -96.35 -219.26 -184.94
CA GLN C 3 -96.29 -220.67 -185.30
C GLN C 3 -96.75 -221.56 -184.14
N LEU C 4 -97.26 -222.76 -184.42
CA LEU C 4 -97.76 -223.65 -183.38
C LEU C 4 -96.64 -224.06 -182.41
N GLY C 5 -96.89 -223.92 -181.11
CA GLY C 5 -95.91 -224.19 -180.05
C GLY C 5 -94.85 -223.10 -179.83
N ASP C 6 -94.87 -222.01 -180.59
CA ASP C 6 -93.93 -220.90 -180.41
C ASP C 6 -94.36 -219.92 -179.29
N SER C 7 -95.65 -219.88 -178.95
CA SER C 7 -96.25 -218.98 -177.94
C SER C 7 -97.21 -219.70 -177.01
N LYS C 8 -97.19 -219.36 -175.72
CA LYS C 8 -98.15 -219.89 -174.73
C LYS C 8 -99.56 -219.32 -174.93
N LEU C 9 -100.57 -220.06 -174.50
CA LEU C 9 -101.96 -219.79 -174.85
C LEU C 9 -102.43 -218.42 -174.33
N GLY C 10 -103.15 -217.67 -175.17
CA GLY C 10 -103.68 -216.35 -174.84
C GLY C 10 -102.66 -215.20 -174.84
N GLU C 11 -101.38 -215.48 -175.05
CA GLU C 11 -100.30 -214.48 -175.02
C GLU C 11 -100.27 -213.56 -176.26
N SER C 12 -100.70 -214.05 -177.42
CA SER C 12 -100.57 -213.36 -178.70
C SER C 12 -101.73 -213.68 -179.65
N GLN C 13 -102.11 -212.73 -180.49
CA GLN C 13 -103.26 -212.88 -181.40
C GLN C 13 -102.94 -213.71 -182.65
N LEU C 14 -103.97 -214.38 -183.18
CA LEU C 14 -103.88 -215.65 -183.93
C LEU C 14 -102.91 -215.65 -185.12
N GLY C 15 -103.15 -214.79 -186.12
CA GLY C 15 -102.39 -214.81 -187.37
C GLY C 15 -101.04 -214.10 -187.31
N SER C 16 -100.76 -213.37 -186.24
CA SER C 16 -99.60 -212.48 -186.14
C SER C 16 -98.27 -213.23 -186.33
N PRO C 17 -97.24 -212.61 -186.94
CA PRO C 17 -97.20 -211.23 -187.43
C PRO C 17 -97.81 -211.03 -188.83
N GLY C 18 -98.34 -212.06 -189.47
CA GLY C 18 -98.73 -212.04 -190.88
C GLY C 18 -99.95 -211.19 -191.23
N THR C 19 -100.14 -210.97 -192.53
CA THR C 19 -101.23 -210.20 -193.13
C THR C 19 -101.59 -210.73 -194.53
N LEU C 20 -102.73 -210.33 -195.09
CA LEU C 20 -103.22 -210.83 -196.38
C LEU C 20 -102.23 -210.59 -197.51
N LYS C 21 -102.11 -211.54 -198.43
CA LYS C 21 -101.19 -211.43 -199.57
C LYS C 21 -101.60 -210.28 -200.50
N GLN C 22 -100.61 -209.53 -200.96
CA GLN C 22 -100.73 -208.45 -201.93
C GLN C 22 -99.54 -208.51 -202.89
N GLY C 23 -99.71 -207.99 -204.10
CA GLY C 23 -98.75 -208.17 -205.18
C GLY C 23 -99.08 -209.33 -206.10
N VAL C 24 -98.24 -209.54 -207.10
CA VAL C 24 -98.32 -210.59 -208.11
C VAL C 24 -97.22 -211.59 -207.88
N GLU C 25 -97.54 -212.87 -207.84
CA GLU C 25 -96.53 -213.92 -207.75
C GLU C 25 -96.73 -214.97 -208.84
N TRP C 26 -95.65 -215.30 -209.54
CA TRP C 26 -95.57 -216.42 -210.44
C TRP C 26 -94.77 -217.53 -209.79
N THR C 27 -95.27 -218.77 -209.80
CA THR C 27 -94.49 -219.94 -209.37
C THR C 27 -94.26 -220.86 -210.55
N VAL C 28 -93.01 -221.26 -210.79
CA VAL C 28 -92.62 -222.18 -211.85
C VAL C 28 -92.52 -223.59 -211.28
N VAL C 29 -93.17 -224.55 -211.93
CA VAL C 29 -93.21 -225.95 -211.50
C VAL C 29 -92.55 -226.84 -212.55
N VAL C 30 -91.57 -227.66 -212.16
CA VAL C 30 -90.75 -228.51 -213.05
C VAL C 30 -90.98 -229.97 -212.69
N ASP C 31 -91.55 -230.79 -213.58
CA ASP C 31 -91.96 -232.17 -213.24
C ASP C 31 -92.70 -232.29 -211.88
N GLY C 32 -93.53 -231.30 -211.52
CA GLY C 32 -94.29 -231.27 -210.27
C GLY C 32 -93.57 -230.67 -209.05
N GLU C 33 -92.31 -230.26 -209.15
CA GLU C 33 -91.55 -229.60 -208.08
C GLU C 33 -91.46 -228.08 -208.30
N GLU C 34 -91.72 -227.25 -207.30
CA GLU C 34 -91.53 -225.80 -207.45
C GLU C 34 -90.05 -225.40 -207.50
N GLN C 35 -89.63 -224.64 -208.51
CA GLN C 35 -88.35 -223.94 -208.45
C GLN C 35 -88.51 -222.72 -207.54
N ASN C 36 -87.58 -222.47 -206.62
CA ASN C 36 -87.72 -221.46 -205.58
C ASN C 36 -86.71 -220.31 -205.63
N ASN C 37 -85.89 -220.19 -206.68
CA ASN C 37 -84.96 -219.04 -206.85
C ASN C 37 -85.30 -218.15 -208.06
N VAL C 38 -86.53 -218.23 -208.56
CA VAL C 38 -87.00 -217.49 -209.73
C VAL C 38 -87.13 -216.00 -209.42
N TRP C 39 -86.68 -215.15 -210.33
CA TRP C 39 -86.71 -213.69 -210.17
C TRP C 39 -87.26 -212.95 -211.39
N ASP C 40 -87.50 -213.62 -212.51
CA ASP C 40 -88.34 -213.08 -213.57
C ASP C 40 -89.04 -214.18 -214.38
N VAL C 41 -90.21 -213.87 -214.92
CA VAL C 41 -91.02 -214.74 -215.77
C VAL C 41 -91.59 -213.92 -216.92
N GLN C 42 -91.49 -214.44 -218.14
CA GLN C 42 -92.19 -213.92 -219.31
C GLN C 42 -93.01 -215.04 -219.93
N VAL C 43 -94.30 -214.84 -220.14
CA VAL C 43 -95.19 -215.81 -220.78
C VAL C 43 -95.85 -215.17 -221.98
N VAL C 44 -95.78 -215.81 -223.15
CA VAL C 44 -96.43 -215.35 -224.38
C VAL C 44 -97.43 -216.37 -224.86
N ASP C 45 -98.65 -215.92 -225.10
CA ASP C 45 -99.77 -216.69 -225.60
C ASP C 45 -100.30 -216.04 -226.87
N THR C 46 -100.36 -216.74 -228.00
CA THR C 46 -100.54 -216.09 -229.30
C THR C 46 -101.28 -216.94 -230.33
N ALA C 47 -101.89 -216.30 -231.33
CA ALA C 47 -102.62 -216.95 -232.41
C ALA C 47 -101.72 -217.79 -233.34
N ASN C 48 -102.31 -218.75 -234.04
CA ASN C 48 -101.61 -219.93 -234.56
C ASN C 48 -100.41 -219.76 -235.51
N PRO C 49 -100.28 -218.72 -236.35
CA PRO C 49 -99.06 -218.55 -237.13
C PRO C 49 -97.79 -218.39 -236.27
N PHE C 50 -97.94 -218.07 -234.98
CA PHE C 50 -96.87 -217.75 -234.05
C PHE C 50 -96.84 -218.74 -232.88
N GLY C 51 -95.67 -218.97 -232.30
CA GLY C 51 -95.54 -219.93 -231.20
C GLY C 51 -95.83 -219.33 -229.83
N ASP C 52 -96.59 -220.04 -228.98
CA ASP C 52 -96.60 -219.76 -227.55
C ASP C 52 -95.25 -220.16 -226.96
N TYR C 53 -94.76 -219.39 -225.98
CA TYR C 53 -93.51 -219.71 -225.30
C TYR C 53 -93.45 -219.03 -223.94
N ALA C 54 -92.56 -219.50 -223.08
CA ALA C 54 -92.25 -218.85 -221.82
C ALA C 54 -90.74 -218.81 -221.58
N VAL C 55 -90.28 -217.80 -220.87
CA VAL C 55 -88.90 -217.68 -220.42
C VAL C 55 -88.89 -217.44 -218.92
N PHE C 56 -88.11 -218.21 -218.18
CA PHE C 56 -87.95 -218.07 -216.73
C PHE C 56 -86.52 -217.73 -216.41
N LYS C 57 -86.27 -216.80 -215.50
CA LYS C 57 -84.93 -216.48 -215.01
C LYS C 57 -84.84 -216.75 -213.53
N MET C 58 -83.78 -217.42 -213.11
CA MET C 58 -83.53 -217.79 -211.73
C MET C 58 -82.05 -217.77 -211.41
N ASP C 59 -81.69 -217.62 -210.16
CA ASP C 59 -80.32 -217.85 -209.73
C ASP C 59 -80.00 -219.33 -209.66
N ASP C 60 -78.74 -219.67 -209.83
CA ASP C 60 -78.24 -221.03 -209.65
C ASP C 60 -76.88 -221.04 -208.94
N ARG C 61 -76.48 -222.21 -208.44
CA ARG C 61 -75.25 -222.50 -207.69
C ARG C 61 -74.73 -223.85 -208.13
N GLY C 62 -73.49 -223.94 -208.60
CA GLY C 62 -72.88 -225.22 -208.94
C GLY C 62 -73.67 -226.00 -210.00
N GLY C 63 -74.39 -225.31 -210.87
CA GLY C 63 -75.25 -225.94 -211.88
C GLY C 63 -76.39 -226.78 -211.34
N GLN C 64 -76.77 -226.65 -210.06
CA GLN C 64 -77.73 -227.54 -209.42
C GLN C 64 -79.14 -227.39 -210.00
N ALA C 65 -79.59 -226.19 -210.32
CA ALA C 65 -80.87 -225.98 -210.97
C ALA C 65 -80.80 -226.26 -212.47
N PHE C 66 -79.71 -225.98 -213.17
CA PHE C 66 -79.57 -226.30 -214.60
C PHE C 66 -79.80 -227.78 -214.87
N GLU C 67 -79.37 -228.65 -213.95
CA GLU C 67 -79.59 -230.09 -213.99
C GLU C 67 -81.08 -230.51 -213.94
N ALA C 68 -81.98 -229.66 -213.46
CA ALA C 68 -83.41 -229.96 -213.34
C ALA C 68 -84.18 -229.85 -214.66
N TYR C 69 -83.61 -229.23 -215.70
CA TYR C 69 -84.30 -228.87 -216.94
C TYR C 69 -83.75 -229.54 -218.22
N PRO C 70 -83.58 -230.87 -218.32
CA PRO C 70 -83.34 -231.52 -219.60
C PRO C 70 -84.32 -231.06 -220.69
N ARG C 71 -83.92 -231.07 -221.96
CA ARG C 71 -84.85 -230.79 -223.05
C ARG C 71 -86.05 -231.75 -222.99
N GLY C 72 -87.25 -231.23 -223.23
CA GLY C 72 -88.49 -231.98 -223.13
C GLY C 72 -89.09 -232.05 -221.74
N THR C 73 -88.41 -231.58 -220.70
CA THR C 73 -88.95 -231.52 -219.31
C THR C 73 -90.20 -230.67 -219.23
N ARG C 74 -91.22 -231.10 -218.50
CA ARG C 74 -92.46 -230.35 -218.31
C ARG C 74 -92.22 -229.12 -217.46
N VAL C 75 -92.75 -227.99 -217.87
CA VAL C 75 -92.83 -226.78 -217.06
C VAL C 75 -94.23 -226.23 -217.06
N GLU C 76 -94.67 -225.77 -215.90
CA GLU C 76 -95.93 -225.07 -215.72
C GLU C 76 -95.64 -223.76 -215.01
N ALA C 77 -96.30 -222.68 -215.41
CA ALA C 77 -96.21 -221.41 -214.72
C ALA C 77 -97.59 -221.04 -214.19
N TYR C 78 -97.70 -220.89 -212.87
CA TYR C 78 -98.91 -220.50 -212.19
C TYR C 78 -98.82 -219.06 -211.75
N VAL C 79 -99.88 -218.27 -211.91
CA VAL C 79 -99.94 -216.90 -211.43
C VAL C 79 -101.02 -216.72 -210.38
N SER C 80 -100.74 -215.88 -209.38
CA SER C 80 -101.73 -215.41 -208.40
C SER C 80 -101.50 -213.92 -208.16
N GLU C 81 -102.57 -213.15 -208.06
CA GLU C 81 -102.53 -211.72 -207.71
C GLU C 81 -103.40 -211.45 -206.49
N GLY C 82 -102.92 -210.64 -205.54
CA GLY C 82 -103.62 -210.45 -204.27
C GLY C 82 -103.74 -211.77 -203.52
N THR C 83 -104.94 -212.11 -203.06
CA THR C 83 -105.24 -213.42 -202.43
C THR C 83 -105.91 -214.41 -203.40
N GLU C 84 -106.02 -214.11 -204.70
CA GLU C 84 -106.72 -214.98 -205.64
C GLU C 84 -106.05 -216.36 -205.79
N PRO C 85 -106.80 -217.44 -206.07
CA PRO C 85 -106.26 -218.78 -206.30
C PRO C 85 -105.18 -218.81 -207.38
N LEU C 86 -104.23 -219.74 -207.26
CA LEU C 86 -103.25 -220.00 -208.31
C LEU C 86 -103.95 -220.46 -209.59
N ASP C 87 -103.63 -219.82 -210.70
CA ASP C 87 -104.11 -220.16 -212.04
C ASP C 87 -102.97 -220.67 -212.91
N ASN C 88 -103.09 -221.87 -213.48
CA ASN C 88 -102.10 -222.45 -214.39
C ASN C 88 -102.11 -221.71 -215.74
N ARG C 89 -101.31 -220.66 -215.90
CA ARG C 89 -101.40 -219.81 -217.08
C ARG C 89 -100.60 -220.29 -218.29
N PHE C 90 -99.53 -221.06 -218.07
CA PHE C 90 -98.74 -221.66 -219.14
C PHE C 90 -98.37 -223.10 -218.80
N THR C 91 -98.46 -224.00 -219.76
CA THR C 91 -97.85 -225.33 -219.68
C THR C 91 -97.08 -225.60 -220.96
N GLY C 92 -95.90 -226.20 -220.85
CA GLY C 92 -95.11 -226.53 -222.01
C GLY C 92 -93.91 -227.40 -221.66
N TYR C 93 -92.94 -227.46 -222.55
CA TYR C 93 -91.73 -228.26 -222.38
C TYR C 93 -90.49 -227.44 -222.67
N VAL C 94 -89.43 -227.69 -221.92
CA VAL C 94 -88.15 -227.01 -222.09
C VAL C 94 -87.57 -227.28 -223.47
N VAL C 95 -87.13 -226.24 -224.16
CA VAL C 95 -86.38 -226.36 -225.41
C VAL C 95 -84.96 -225.82 -225.30
N GLU C 96 -84.70 -224.89 -224.39
CA GLU C 96 -83.34 -224.43 -224.09
C GLU C 96 -83.21 -224.15 -222.59
N ARG C 97 -82.16 -224.68 -221.97
CA ARG C 97 -81.67 -224.25 -220.67
C ARG C 97 -80.34 -223.59 -220.89
N ARG C 98 -80.11 -222.41 -220.33
CA ARG C 98 -78.83 -221.71 -220.44
C ARG C 98 -78.41 -221.13 -219.13
N GLU C 99 -77.16 -221.31 -218.78
CA GLU C 99 -76.60 -220.68 -217.60
C GLU C 99 -75.34 -219.92 -217.97
N ASN C 100 -75.27 -218.66 -217.58
CA ASN C 100 -74.19 -217.77 -217.93
C ASN C 100 -73.86 -216.85 -216.78
N GLU C 101 -72.64 -216.35 -216.74
CA GLU C 101 -72.31 -215.33 -215.77
C GLU C 101 -72.78 -213.95 -216.22
N GLN C 102 -73.57 -213.28 -215.39
CA GLN C 102 -74.12 -211.96 -215.64
C GLN C 102 -73.63 -211.00 -214.55
N GLN C 103 -72.52 -210.29 -214.81
CA GLN C 103 -71.88 -209.36 -213.87
C GLN C 103 -71.64 -209.96 -212.47
N GLY C 104 -71.20 -211.21 -212.40
CA GLY C 104 -70.93 -211.93 -211.16
C GLY C 104 -72.00 -212.94 -210.76
N ALA C 105 -73.28 -212.69 -211.03
CA ALA C 105 -74.34 -213.65 -210.79
C ALA C 105 -74.23 -214.84 -211.75
N ASP C 106 -74.57 -216.04 -211.31
CA ASP C 106 -74.77 -217.20 -212.20
C ASP C 106 -76.26 -217.31 -212.47
N VAL C 107 -76.73 -216.87 -213.63
CA VAL C 107 -78.16 -216.85 -213.94
C VAL C 107 -78.52 -218.00 -214.85
N LEU C 108 -79.58 -218.73 -214.48
CA LEU C 108 -80.17 -219.76 -215.29
C LEU C 108 -81.39 -219.17 -215.97
N GLU C 109 -81.39 -219.19 -217.30
CA GLU C 109 -82.51 -218.83 -218.14
C GLU C 109 -83.05 -220.10 -218.79
N VAL C 110 -84.32 -220.40 -218.59
CA VAL C 110 -84.99 -221.54 -219.20
C VAL C 110 -86.03 -221.04 -220.18
N GLU C 111 -86.07 -221.61 -221.36
CA GLU C 111 -87.09 -221.32 -222.38
C GLU C 111 -87.86 -222.57 -222.74
N ALA C 112 -89.17 -222.45 -222.82
CA ALA C 112 -90.08 -223.54 -223.07
C ALA C 112 -91.13 -223.18 -224.12
N TYR C 113 -91.44 -224.11 -225.01
CA TYR C 113 -92.50 -224.00 -226.00
C TYR C 113 -93.74 -224.81 -225.57
N SER C 114 -94.92 -224.54 -226.12
CA SER C 114 -96.16 -225.20 -225.72
C SER C 114 -96.73 -226.16 -226.77
N PHE C 115 -97.94 -226.67 -226.57
CA PHE C 115 -98.55 -227.72 -227.37
C PHE C 115 -98.79 -227.35 -228.84
N ASP C 116 -98.84 -226.07 -229.19
CA ASP C 116 -99.07 -225.65 -230.57
C ASP C 116 -97.95 -226.09 -231.52
N GLN C 117 -96.77 -226.46 -230.99
CA GLN C 117 -95.70 -227.05 -231.78
C GLN C 117 -96.12 -228.33 -232.47
N PHE C 118 -97.01 -229.13 -231.89
CA PHE C 118 -97.40 -230.42 -232.49
C PHE C 118 -98.33 -230.29 -233.68
N LEU C 119 -99.10 -229.21 -233.81
CA LEU C 119 -99.79 -228.89 -235.06
C LEU C 119 -98.85 -228.34 -236.13
N ARG C 120 -97.81 -227.62 -235.72
CA ARG C 120 -96.86 -226.96 -236.62
C ARG C 120 -95.82 -227.89 -237.21
N ARG C 121 -95.35 -228.85 -236.41
CA ARG C 121 -94.26 -229.77 -236.74
C ARG C 121 -94.71 -231.14 -237.22
N ASN C 122 -95.95 -231.29 -237.68
CA ASN C 122 -96.46 -232.51 -238.30
C ASN C 122 -97.16 -232.16 -239.61
N THR C 123 -97.25 -233.12 -240.52
CA THR C 123 -97.83 -232.97 -241.85
C THR C 123 -99.05 -233.85 -242.00
N VAL C 124 -100.03 -233.40 -242.76
CA VAL C 124 -101.16 -234.23 -243.20
C VAL C 124 -100.62 -235.43 -243.99
N THR C 125 -101.18 -236.63 -243.83
CA THR C 125 -100.70 -237.83 -244.55
C THR C 125 -101.75 -238.55 -245.37
N ASN C 126 -103.03 -238.51 -244.97
CA ASN C 126 -104.15 -239.02 -245.76
C ASN C 126 -104.61 -238.00 -246.81
N ASP C 127 -105.33 -238.44 -247.84
CA ASP C 127 -105.92 -237.57 -248.85
C ASP C 127 -107.38 -237.22 -248.49
N GLN C 128 -107.65 -235.98 -248.09
CA GLN C 128 -109.02 -235.57 -247.72
C GLN C 128 -109.87 -235.10 -248.91
N THR C 129 -109.46 -235.32 -250.16
CA THR C 129 -110.30 -234.98 -251.32
C THR C 129 -111.67 -235.66 -251.20
N GLY C 130 -112.75 -234.88 -251.25
CA GLY C 130 -114.12 -235.37 -251.08
C GLY C 130 -114.60 -235.49 -249.64
N ASN C 131 -113.76 -235.24 -248.62
CA ASN C 131 -114.21 -235.09 -247.23
C ASN C 131 -114.79 -233.70 -247.00
N THR C 132 -115.74 -233.55 -246.09
CA THR C 132 -116.11 -232.22 -245.56
C THR C 132 -115.02 -231.69 -244.65
N ILE C 133 -114.96 -230.38 -244.38
CA ILE C 133 -114.02 -229.83 -243.39
C ILE C 133 -114.18 -230.51 -242.04
N SER C 134 -115.41 -230.78 -241.58
CA SER C 134 -115.64 -231.51 -240.32
C SER C 134 -115.05 -232.92 -240.33
N GLN C 135 -115.12 -233.65 -241.45
CA GLN C 135 -114.47 -234.96 -241.59
C GLN C 135 -112.96 -234.84 -241.71
N ALA C 136 -112.45 -233.83 -242.42
CA ALA C 136 -111.02 -233.59 -242.58
C ALA C 136 -110.35 -233.31 -241.23
N LEU C 137 -110.97 -232.51 -240.36
CA LEU C 137 -110.49 -232.29 -239.00
C LEU C 137 -110.41 -233.60 -238.22
N ALA C 138 -111.46 -234.41 -238.24
CA ALA C 138 -111.45 -235.69 -237.55
C ALA C 138 -110.31 -236.59 -238.03
N ASP C 139 -110.14 -236.74 -239.35
CA ASP C 139 -109.05 -237.53 -239.92
C ASP C 139 -107.67 -236.96 -239.56
N ILE C 140 -107.42 -235.69 -239.84
CA ILE C 140 -106.12 -235.05 -239.66
C ILE C 140 -105.72 -235.01 -238.20
N ILE C 141 -106.55 -234.47 -237.30
CA ILE C 141 -106.12 -234.32 -235.90
C ILE C 141 -106.02 -235.68 -235.22
N GLN C 142 -106.89 -236.64 -235.55
CA GLN C 142 -106.85 -237.94 -234.90
C GLN C 142 -105.76 -238.87 -235.47
N THR C 143 -105.26 -238.63 -236.68
CA THR C 143 -104.21 -239.46 -237.32
C THR C 143 -102.82 -238.82 -237.29
N ASP C 144 -102.71 -237.55 -237.63
CA ASP C 144 -101.45 -236.85 -237.93
C ASP C 144 -100.98 -235.92 -236.81
N THR C 145 -101.42 -236.16 -235.58
CA THR C 145 -101.16 -235.27 -234.44
C THR C 145 -101.33 -236.00 -233.10
N PRO C 146 -100.49 -235.75 -232.07
CA PRO C 146 -100.62 -236.38 -230.77
C PRO C 146 -101.71 -235.81 -229.86
N VAL C 147 -102.17 -234.58 -230.13
CA VAL C 147 -103.27 -233.91 -229.42
C VAL C 147 -104.57 -234.71 -229.54
N ARG C 148 -105.41 -234.75 -228.50
CA ARG C 148 -106.67 -235.53 -228.55
C ARG C 148 -107.81 -234.80 -229.25
N PHE C 149 -108.64 -235.57 -229.93
CA PHE C 149 -109.79 -235.09 -230.68
C PHE C 149 -111.08 -235.39 -229.95
N ASN C 150 -111.88 -234.37 -229.70
CA ASN C 150 -113.22 -234.46 -229.16
C ASN C 150 -114.17 -233.81 -230.17
N ALA C 151 -115.11 -234.56 -230.73
CA ALA C 151 -115.98 -234.06 -231.78
C ALA C 151 -116.85 -232.87 -231.32
N ALA C 152 -117.11 -232.73 -230.03
CA ALA C 152 -117.87 -231.61 -229.48
C ALA C 152 -117.15 -230.26 -229.56
N ASN C 153 -115.82 -230.23 -229.71
CA ASN C 153 -115.06 -229.00 -229.86
C ASN C 153 -115.00 -228.49 -231.30
N ILE C 154 -115.65 -229.17 -232.25
CA ILE C 154 -115.64 -228.83 -233.66
C ILE C 154 -117.00 -228.24 -234.05
N THR C 155 -117.00 -227.03 -234.58
CA THR C 155 -118.22 -226.31 -234.95
C THR C 155 -118.05 -225.54 -236.25
N VAL C 156 -117.72 -226.24 -237.33
CA VAL C 156 -117.43 -225.63 -238.65
C VAL C 156 -118.58 -224.72 -239.12
N GLY C 157 -118.28 -223.47 -239.44
CA GLY C 157 -119.29 -222.46 -239.75
C GLY C 157 -119.87 -222.55 -241.16
N ASP C 158 -119.10 -223.03 -242.12
CA ASP C 158 -119.51 -223.27 -243.50
C ASP C 158 -118.95 -224.61 -244.02
N ASP C 159 -119.47 -225.72 -243.48
CA ASP C 159 -118.96 -227.04 -243.79
C ASP C 159 -119.24 -227.41 -245.26
N GLN C 160 -118.17 -227.78 -245.97
CA GLN C 160 -118.14 -227.97 -247.43
C GLN C 160 -117.10 -229.04 -247.77
N GLU C 161 -117.18 -229.66 -248.93
CA GLU C 161 -116.15 -230.62 -249.34
C GLU C 161 -114.84 -229.97 -249.78
N LEU C 162 -113.73 -230.60 -249.43
CA LEU C 162 -112.40 -230.31 -249.93
C LEU C 162 -112.23 -230.87 -251.34
N THR C 163 -111.76 -230.05 -252.28
CA THR C 163 -111.45 -230.48 -253.66
C THR C 163 -109.95 -230.43 -253.99
N ARG C 164 -109.10 -230.21 -252.99
CA ARG C 164 -107.65 -230.35 -253.06
C ARG C 164 -107.20 -231.46 -252.12
N SER C 165 -106.21 -232.24 -252.53
CA SER C 165 -105.58 -233.20 -251.64
C SER C 165 -104.53 -232.51 -250.77
N TYR C 166 -104.76 -232.45 -249.45
CA TYR C 166 -103.85 -231.77 -248.53
C TYR C 166 -102.62 -232.60 -248.16
N GLN C 167 -102.33 -233.69 -248.88
CA GLN C 167 -101.61 -234.87 -248.42
C GLN C 167 -100.15 -234.67 -247.96
N GLY C 168 -99.57 -233.47 -248.05
CA GLY C 168 -98.26 -233.17 -247.48
C GLY C 168 -98.13 -231.81 -246.82
N ASP C 169 -99.21 -231.05 -246.66
CA ASP C 169 -99.16 -229.74 -246.03
C ASP C 169 -98.90 -229.85 -244.52
N PRO C 170 -98.21 -228.90 -243.89
CA PRO C 170 -98.16 -228.80 -242.44
C PRO C 170 -99.58 -228.73 -241.86
N VAL C 171 -99.85 -229.43 -240.76
CA VAL C 171 -101.21 -229.50 -240.23
C VAL C 171 -101.75 -228.12 -239.87
N GLU C 172 -100.95 -227.26 -239.25
CA GLU C 172 -101.34 -225.88 -238.96
C GLU C 172 -101.70 -225.10 -240.23
N ASN C 173 -100.98 -225.29 -241.35
CA ASN C 173 -101.29 -224.62 -242.61
C ASN C 173 -102.54 -225.16 -243.29
N ALA C 174 -102.82 -226.47 -243.18
CA ALA C 174 -104.07 -227.04 -243.67
C ALA C 174 -105.27 -226.50 -242.89
N LEU C 175 -105.21 -226.49 -241.55
CA LEU C 175 -106.25 -225.93 -240.69
C LEU C 175 -106.49 -224.44 -240.97
N ARG C 176 -105.43 -223.68 -241.24
CA ARG C 176 -105.54 -222.26 -241.61
C ARG C 176 -106.29 -222.09 -242.95
N ASP C 177 -106.06 -222.96 -243.92
CA ASP C 177 -106.80 -222.97 -245.18
C ASP C 177 -108.28 -223.36 -244.98
N PHE C 178 -108.59 -224.30 -244.09
CA PHE C 178 -109.97 -224.62 -243.75
C PHE C 178 -110.68 -223.46 -243.06
N ALA C 179 -110.02 -222.77 -242.13
CA ALA C 179 -110.58 -221.57 -241.54
C ALA C 179 -110.79 -220.47 -242.59
N PHE C 180 -109.88 -220.30 -243.56
CA PHE C 180 -110.10 -219.35 -244.65
C PHE C 180 -111.27 -219.73 -245.56
N LYS C 181 -111.50 -221.02 -245.79
CA LYS C 181 -112.66 -221.54 -246.52
C LYS C 181 -113.97 -221.47 -245.72
N SER C 182 -113.91 -221.43 -244.40
CA SER C 182 -115.06 -221.49 -243.51
C SER C 182 -114.98 -220.45 -242.41
N THR C 183 -115.58 -219.29 -242.61
CA THR C 183 -115.92 -218.34 -241.53
C THR C 183 -114.76 -217.87 -240.63
N ASN C 184 -113.51 -217.97 -241.07
CA ASN C 184 -112.34 -217.40 -240.41
C ASN C 184 -112.17 -217.87 -238.95
N GLU C 185 -112.40 -219.16 -238.70
CA GLU C 185 -112.51 -219.76 -237.37
C GLU C 185 -111.23 -219.79 -236.55
N ASP C 186 -111.36 -219.82 -235.22
CA ASP C 186 -110.26 -220.07 -234.30
C ASP C 186 -110.06 -221.57 -234.11
N PHE C 187 -108.81 -222.00 -234.05
CA PHE C 187 -108.44 -223.38 -233.79
C PHE C 187 -107.20 -223.46 -232.91
N GLY C 188 -106.92 -224.60 -232.31
CA GLY C 188 -105.74 -224.77 -231.46
C GLY C 188 -105.86 -225.93 -230.49
N VAL C 189 -104.99 -225.94 -229.49
CA VAL C 189 -104.98 -226.91 -228.40
C VAL C 189 -105.39 -226.21 -227.11
N GLY C 190 -106.46 -226.67 -226.46
CA GLY C 190 -106.99 -226.06 -225.25
C GLY C 190 -106.42 -226.62 -223.95
N ASP C 191 -107.14 -226.39 -222.86
CA ASP C 191 -106.98 -227.17 -221.62
C ASP C 191 -107.37 -228.64 -221.83
N ASP C 192 -106.90 -229.52 -220.94
CA ASP C 192 -106.99 -230.98 -221.07
C ASP C 192 -106.37 -231.53 -222.37
N LEU C 193 -105.56 -230.74 -223.09
CA LEU C 193 -104.93 -231.10 -224.37
C LEU C 193 -105.94 -231.52 -225.46
N GLU C 194 -107.16 -231.00 -225.44
CA GLU C 194 -108.11 -231.23 -226.54
C GLU C 194 -107.92 -230.21 -227.67
N PHE C 195 -107.95 -230.67 -228.91
CA PHE C 195 -108.05 -229.80 -230.06
C PHE C 195 -109.42 -229.13 -230.13
N PHE C 196 -109.49 -227.92 -230.68
CA PHE C 196 -110.74 -227.22 -230.98
C PHE C 196 -110.67 -226.50 -232.32
N PHE C 197 -111.83 -226.28 -232.94
CA PHE C 197 -111.98 -225.54 -234.19
C PHE C 197 -113.40 -224.96 -234.23
N GLN C 198 -113.56 -223.65 -234.08
CA GLN C 198 -114.87 -223.05 -233.79
C GLN C 198 -114.97 -221.55 -234.15
N PRO C 199 -116.19 -221.00 -234.23
CA PRO C 199 -116.41 -219.59 -234.54
C PRO C 199 -115.62 -218.61 -233.68
N ARG C 200 -115.07 -217.61 -234.36
CA ARG C 200 -114.24 -216.54 -233.82
C ARG C 200 -115.02 -215.68 -232.81
N GLU C 201 -114.31 -214.98 -231.92
CA GLU C 201 -114.88 -213.89 -231.11
C GLU C 201 -116.05 -214.33 -230.21
N THR C 202 -115.86 -215.41 -229.44
CA THR C 202 -116.92 -216.05 -228.63
C THR C 202 -117.01 -215.52 -227.19
N VAL C 203 -115.92 -215.02 -226.59
CA VAL C 203 -115.93 -214.52 -225.19
C VAL C 203 -115.35 -213.12 -225.04
N HIS C 204 -115.78 -212.42 -224.00
CA HIS C 204 -115.42 -211.03 -223.70
C HIS C 204 -114.76 -210.94 -222.34
N ILE C 205 -113.83 -210.00 -222.17
CA ILE C 205 -113.13 -209.74 -220.92
C ILE C 205 -113.70 -208.47 -220.31
N ASP C 206 -114.40 -208.58 -219.19
CA ASP C 206 -115.18 -207.47 -218.64
C ASP C 206 -114.32 -206.31 -218.13
N ARG C 207 -113.09 -206.60 -217.69
CA ARG C 207 -112.12 -205.64 -217.17
C ARG C 207 -111.42 -204.91 -218.31
N GLY C 208 -112.14 -204.16 -219.13
CA GLY C 208 -111.57 -203.46 -220.28
C GLY C 208 -110.39 -202.55 -219.93
N VAL C 209 -109.53 -202.26 -220.90
CA VAL C 209 -108.41 -201.31 -220.74
C VAL C 209 -108.95 -199.90 -220.86
N ASP C 210 -109.54 -199.41 -219.78
CA ASP C 210 -109.96 -198.02 -219.62
C ASP C 210 -108.79 -197.03 -219.72
N ASN C 211 -109.07 -195.74 -219.94
CA ASN C 211 -108.06 -194.71 -220.12
C ASN C 211 -107.09 -194.55 -218.94
N THR C 212 -107.46 -194.98 -217.74
CA THR C 212 -106.58 -194.97 -216.57
C THR C 212 -105.70 -196.23 -216.46
N GLN C 213 -105.84 -197.20 -217.37
CA GLN C 213 -105.30 -198.56 -217.23
C GLN C 213 -104.31 -198.99 -218.32
N TRP C 214 -104.12 -198.21 -219.37
CA TRP C 214 -103.02 -198.37 -220.30
C TRP C 214 -101.79 -197.60 -219.79
N PHE C 215 -100.59 -198.08 -220.08
CA PHE C 215 -99.33 -197.42 -219.69
C PHE C 215 -98.45 -197.05 -220.88
N ARG C 216 -98.59 -197.80 -221.96
CA ARG C 216 -97.89 -197.62 -223.23
C ARG C 216 -98.78 -198.15 -224.33
N TYR C 217 -98.63 -197.66 -225.54
CA TYR C 217 -99.30 -198.19 -226.71
C TYR C 217 -98.43 -197.98 -227.94
N ASP C 218 -98.64 -198.78 -228.98
CA ASP C 218 -97.94 -198.65 -230.26
C ASP C 218 -98.82 -199.29 -231.34
N ILE C 219 -99.57 -198.46 -232.08
CA ILE C 219 -100.69 -198.92 -232.90
C ILE C 219 -100.51 -198.48 -234.34
N PRO C 220 -99.91 -199.33 -235.19
CA PRO C 220 -99.75 -199.08 -236.61
C PRO C 220 -100.91 -199.59 -237.47
N GLU C 221 -101.00 -199.07 -238.68
CA GLU C 221 -101.57 -199.80 -239.79
C GLU C 221 -100.44 -200.35 -240.65
N LEU C 222 -100.31 -201.67 -240.74
CA LEU C 222 -99.24 -202.32 -241.49
C LEU C 222 -99.67 -202.57 -242.94
N GLY C 223 -98.97 -202.00 -243.91
CA GLY C 223 -99.26 -202.15 -245.33
C GLY C 223 -98.04 -202.34 -246.24
N LYS C 224 -96.87 -202.65 -245.68
CA LYS C 224 -95.60 -202.80 -246.42
C LYS C 224 -95.65 -203.90 -247.46
N GLU C 225 -96.22 -205.04 -247.06
CA GLU C 225 -96.25 -206.27 -247.85
C GLU C 225 -97.51 -206.45 -248.70
N ALA C 226 -98.44 -205.48 -248.66
CA ALA C 226 -99.65 -205.54 -249.46
C ALA C 226 -99.35 -205.49 -250.96
N ILE C 227 -100.22 -206.13 -251.73
CA ILE C 227 -100.27 -206.18 -253.20
C ILE C 227 -101.74 -206.27 -253.62
N ASN C 228 -102.05 -206.17 -254.90
CA ASN C 228 -103.44 -206.08 -255.37
C ASN C 228 -103.78 -206.96 -256.57
N GLU C 229 -102.86 -207.81 -256.99
CA GLU C 229 -103.11 -208.81 -258.01
C GLU C 229 -102.29 -210.07 -257.72
N VAL C 230 -102.89 -211.25 -257.84
CA VAL C 230 -102.16 -212.51 -257.77
C VAL C 230 -102.54 -213.34 -258.97
N GLU C 231 -101.58 -213.86 -259.72
CA GLU C 231 -101.88 -214.84 -260.75
C GLU C 231 -101.40 -216.22 -260.33
N VAL C 232 -102.32 -217.17 -260.26
CA VAL C 232 -102.09 -218.53 -259.80
C VAL C 232 -102.11 -219.46 -261.00
N TRP C 233 -101.01 -220.14 -261.27
CA TRP C 233 -100.99 -221.27 -262.19
C TRP C 233 -101.33 -222.56 -261.47
N PHE C 234 -102.15 -223.38 -262.08
CA PHE C 234 -102.60 -224.65 -261.54
C PHE C 234 -102.75 -225.67 -262.68
N ASP C 235 -103.38 -226.82 -262.42
CA ASP C 235 -103.20 -228.03 -263.21
C ASP C 235 -101.69 -228.32 -263.32
N ASP C 236 -101.17 -228.96 -264.36
CA ASP C 236 -99.72 -229.17 -264.49
C ASP C 236 -98.95 -227.90 -264.90
N GLY C 237 -99.30 -226.75 -264.31
CA GLY C 237 -98.95 -225.42 -264.80
C GLY C 237 -99.68 -225.04 -266.10
N GLU C 238 -100.79 -225.72 -266.39
CA GLU C 238 -101.42 -225.76 -267.70
C GLU C 238 -102.69 -224.89 -267.78
N GLU C 239 -103.15 -224.30 -266.68
CA GLU C 239 -104.19 -223.27 -266.65
C GLU C 239 -103.88 -222.21 -265.58
N SER C 240 -104.35 -220.98 -265.75
CA SER C 240 -104.10 -219.86 -264.84
C SER C 240 -105.36 -219.13 -264.41
N VAL C 241 -105.35 -218.51 -263.23
CA VAL C 241 -106.37 -217.57 -262.79
C VAL C 241 -105.75 -216.34 -262.14
N ILE C 242 -106.26 -215.16 -262.46
CA ILE C 242 -105.87 -213.89 -261.84
C ILE C 242 -106.90 -213.53 -260.77
N VAL C 243 -106.47 -213.28 -259.56
CA VAL C 243 -107.28 -212.76 -258.47
C VAL C 243 -106.97 -211.28 -258.33
N ASP C 244 -108.00 -210.45 -258.40
CA ASP C 244 -107.86 -209.09 -258.88
C ASP C 244 -108.58 -208.11 -257.94
N ASP C 245 -107.83 -207.45 -257.05
CA ASP C 245 -108.34 -206.36 -256.21
C ASP C 245 -108.36 -205.04 -256.99
N GLY C 246 -109.52 -204.63 -257.50
CA GLY C 246 -109.65 -203.40 -258.27
C GLY C 246 -109.56 -202.13 -257.43
N THR C 247 -109.96 -202.19 -256.16
CA THR C 247 -110.04 -201.01 -255.31
C THR C 247 -108.66 -200.44 -255.04
N ASP C 248 -107.71 -201.25 -254.61
CA ASP C 248 -106.36 -200.78 -254.30
C ASP C 248 -105.62 -200.28 -255.57
N LYS C 249 -105.87 -200.90 -256.73
CA LYS C 249 -105.29 -200.44 -258.00
C LYS C 249 -105.80 -199.05 -258.39
N LEU C 250 -107.09 -198.79 -258.24
CA LEU C 250 -107.67 -197.49 -258.56
C LEU C 250 -107.27 -196.43 -257.54
N ASP C 251 -107.20 -196.77 -256.25
CA ASP C 251 -106.75 -195.84 -255.24
C ASP C 251 -105.28 -195.45 -255.40
N LEU C 252 -104.39 -196.38 -255.77
CA LEU C 252 -103.03 -196.01 -256.15
C LEU C 252 -102.98 -195.16 -257.42
N GLN C 253 -103.83 -195.44 -258.41
CA GLN C 253 -103.90 -194.64 -259.62
C GLN C 253 -104.27 -193.18 -259.33
N ASP C 254 -105.41 -192.93 -258.67
CA ASP C 254 -105.85 -191.58 -258.36
C ASP C 254 -104.91 -190.83 -257.43
N SER C 255 -104.34 -191.55 -256.46
CA SER C 255 -103.39 -190.99 -255.51
C SER C 255 -102.11 -190.50 -256.18
N LEU C 256 -101.48 -191.34 -257.01
CA LEU C 256 -100.21 -191.01 -257.65
C LEU C 256 -100.36 -190.26 -258.97
N GLY C 257 -101.51 -190.37 -259.64
CA GLY C 257 -101.75 -189.79 -260.96
C GLY C 257 -101.29 -190.70 -262.11
N LEU C 258 -101.24 -192.02 -261.89
CA LEU C 258 -100.74 -192.98 -262.88
C LEU C 258 -101.64 -192.99 -264.14
N PRO C 259 -101.09 -193.28 -265.33
CA PRO C 259 -101.86 -193.32 -266.57
C PRO C 259 -102.80 -194.52 -266.67
N SER C 260 -102.66 -195.52 -265.81
CA SER C 260 -103.47 -196.75 -265.78
C SER C 260 -103.49 -197.34 -264.36
N PRO C 261 -104.40 -198.28 -264.04
CA PRO C 261 -104.54 -198.83 -262.69
C PRO C 261 -103.24 -199.36 -262.09
N GLY C 262 -102.99 -199.04 -260.82
CA GLY C 262 -101.70 -199.26 -260.15
C GLY C 262 -101.43 -200.70 -259.75
N THR C 263 -101.31 -201.61 -260.71
CA THR C 263 -101.13 -203.03 -260.43
C THR C 263 -99.79 -203.34 -259.76
N GLN C 264 -99.86 -204.11 -258.67
CA GLN C 264 -98.72 -204.74 -258.02
C GLN C 264 -99.02 -206.22 -257.82
N ARG C 265 -98.18 -207.10 -258.38
CA ARG C 265 -98.47 -208.51 -258.62
C ARG C 265 -97.61 -209.44 -257.79
N LYS C 266 -98.13 -210.64 -257.56
CA LYS C 266 -97.36 -211.85 -257.30
C LYS C 266 -97.81 -212.90 -258.31
N GLU C 267 -96.87 -213.63 -258.89
CA GLU C 267 -97.15 -214.87 -259.59
C GLU C 267 -96.81 -216.05 -258.70
N LEU C 268 -97.68 -217.04 -258.61
CA LEU C 268 -97.40 -218.26 -257.87
C LEU C 268 -97.95 -219.48 -258.61
N GLN C 269 -97.41 -220.67 -258.34
CA GLN C 269 -97.84 -221.89 -259.02
C GLN C 269 -98.11 -222.99 -258.01
N ARG C 270 -99.28 -223.64 -258.10
CA ARG C 270 -99.69 -224.78 -257.26
C ARG C 270 -100.03 -225.94 -258.19
N PRO C 271 -99.06 -226.72 -258.66
CA PRO C 271 -99.28 -227.65 -259.76
C PRO C 271 -100.08 -228.91 -259.40
N LEU C 272 -100.45 -229.09 -258.13
CA LEU C 272 -101.36 -230.17 -257.70
C LEU C 272 -102.83 -229.72 -257.65
N VAL C 273 -103.12 -228.42 -257.66
CA VAL C 273 -104.49 -227.91 -257.71
C VAL C 273 -105.09 -228.18 -259.08
N THR C 274 -106.29 -228.75 -259.15
CA THR C 274 -106.98 -229.01 -260.42
C THR C 274 -108.32 -228.28 -260.52
N ASP C 275 -109.06 -228.17 -259.43
CA ASP C 275 -110.27 -227.36 -259.34
C ASP C 275 -109.91 -225.88 -259.36
N ILE C 276 -110.31 -225.14 -260.41
CA ILE C 276 -110.07 -223.70 -260.51
C ILE C 276 -110.55 -222.94 -259.28
N SER C 277 -111.68 -223.31 -258.69
CA SER C 277 -112.22 -222.59 -257.53
C SER C 277 -111.35 -222.75 -256.28
N ASP C 278 -110.48 -223.76 -256.24
CA ASP C 278 -109.44 -223.84 -255.22
C ASP C 278 -108.27 -222.92 -255.52
N ALA C 279 -107.85 -222.80 -256.79
CA ALA C 279 -106.84 -221.82 -257.19
C ALA C 279 -107.30 -220.37 -256.93
N GLU C 280 -108.60 -220.06 -257.08
CA GLU C 280 -109.17 -218.80 -256.59
C GLU C 280 -108.93 -218.62 -255.10
N ASP C 281 -109.21 -219.65 -254.31
CA ASP C 281 -108.97 -219.58 -252.85
C ASP C 281 -107.49 -219.23 -252.62
N ILE C 282 -106.59 -220.07 -253.13
CA ILE C 282 -105.14 -219.85 -252.95
C ILE C 282 -104.79 -218.37 -253.19
N GLY C 283 -105.26 -217.78 -254.28
CA GLY C 283 -104.95 -216.39 -254.60
C GLY C 283 -105.63 -215.40 -253.66
N ARG C 284 -106.90 -215.62 -253.33
CA ARG C 284 -107.65 -214.84 -252.33
C ARG C 284 -106.94 -214.85 -250.98
N LYS C 285 -106.57 -216.03 -250.49
CA LYS C 285 -105.84 -216.22 -249.23
C LYS C 285 -104.50 -215.51 -249.25
N TYR C 286 -103.77 -215.54 -250.36
CA TYR C 286 -102.54 -214.79 -250.50
C TYR C 286 -102.79 -213.29 -250.35
N LEU C 287 -103.77 -212.70 -251.04
CA LEU C 287 -104.10 -211.28 -250.84
C LEU C 287 -104.55 -210.98 -249.41
N ALA C 288 -105.49 -211.75 -248.88
CA ALA C 288 -106.07 -211.51 -247.57
C ALA C 288 -105.02 -211.47 -246.45
N PHE C 289 -104.06 -212.39 -246.44
CA PHE C 289 -103.03 -212.42 -245.40
C PHE C 289 -101.98 -211.31 -245.56
N ARG C 290 -101.93 -210.60 -246.69
CA ARG C 290 -101.00 -209.49 -246.94
C ARG C 290 -101.64 -208.11 -246.76
N ASN C 291 -102.97 -208.01 -246.72
CA ASN C 291 -103.70 -206.75 -246.69
C ASN C 291 -103.38 -205.85 -245.50
N SER C 292 -103.70 -204.56 -245.65
CA SER C 292 -103.66 -203.56 -244.59
C SER C 292 -104.48 -203.98 -243.38
N THR C 293 -103.91 -203.88 -242.19
CA THR C 293 -104.62 -204.08 -240.91
C THR C 293 -104.03 -203.18 -239.86
N LEU C 294 -104.83 -202.82 -238.84
CA LEU C 294 -104.26 -202.41 -237.57
C LEU C 294 -103.67 -203.64 -236.87
N SER C 295 -102.55 -203.47 -236.17
CA SER C 295 -101.93 -204.55 -235.39
C SER C 295 -101.33 -204.01 -234.10
N GLY C 296 -102.14 -203.29 -233.35
CA GLY C 296 -101.65 -202.50 -232.22
C GLY C 296 -101.12 -203.32 -231.06
N THR C 297 -100.18 -202.73 -230.33
CA THR C 297 -99.77 -203.15 -228.99
C THR C 297 -100.33 -202.18 -227.96
N VAL C 298 -100.92 -202.68 -226.87
CA VAL C 298 -101.32 -201.86 -225.72
C VAL C 298 -100.79 -202.52 -224.45
N THR C 299 -100.18 -201.79 -223.53
CA THR C 299 -99.69 -202.37 -222.27
C THR C 299 -100.52 -201.92 -221.10
N THR C 300 -100.82 -202.86 -220.22
CA THR C 300 -101.69 -202.74 -219.05
C THR C 300 -101.15 -203.69 -217.97
N TYR C 301 -101.93 -204.12 -216.97
CA TYR C 301 -101.37 -204.79 -215.77
C TYR C 301 -101.94 -206.14 -215.37
N GLY C 302 -103.19 -206.45 -215.65
CA GLY C 302 -103.86 -207.64 -215.10
C GLY C 302 -104.10 -208.69 -216.17
N LEU C 303 -105.35 -209.15 -216.28
CA LEU C 303 -105.85 -209.95 -217.40
C LEU C 303 -105.21 -211.33 -217.52
N TYR C 304 -104.94 -212.01 -216.40
CA TYR C 304 -104.44 -213.37 -216.46
C TYR C 304 -105.49 -214.33 -217.04
N ASP C 305 -106.77 -214.06 -216.81
CA ASP C 305 -107.89 -214.84 -217.34
C ASP C 305 -108.05 -214.71 -218.86
N ALA C 306 -107.46 -213.70 -219.49
CA ALA C 306 -107.60 -213.41 -220.91
C ALA C 306 -106.77 -214.34 -221.79
N GLU C 307 -107.24 -214.63 -223.00
CA GLU C 307 -106.56 -215.45 -224.01
C GLU C 307 -106.70 -214.85 -225.41
N PRO C 308 -105.81 -215.18 -226.37
CA PRO C 308 -106.03 -214.86 -227.78
C PRO C 308 -107.38 -215.34 -228.30
N GLY C 309 -108.01 -214.55 -229.16
CA GLY C 309 -109.37 -214.78 -229.66
C GLY C 309 -110.47 -214.19 -228.77
N ASP C 310 -110.21 -213.92 -227.51
CA ASP C 310 -111.12 -213.17 -226.65
C ASP C 310 -111.22 -211.72 -227.12
N THR C 311 -112.26 -211.00 -226.71
CA THR C 311 -112.42 -209.58 -227.02
C THR C 311 -112.47 -208.70 -225.79
N ILE C 312 -112.08 -207.44 -225.94
CA ILE C 312 -111.91 -206.51 -224.82
C ILE C 312 -112.21 -205.08 -225.26
N ASP C 313 -112.82 -204.28 -224.37
CA ASP C 313 -112.94 -202.83 -224.57
C ASP C 313 -111.61 -202.14 -224.32
N ILE C 314 -111.18 -201.24 -225.19
CA ILE C 314 -109.99 -200.43 -224.99
C ILE C 314 -110.32 -198.96 -225.25
N THR C 315 -109.93 -198.08 -224.33
CA THR C 315 -110.04 -196.64 -224.46
C THR C 315 -108.68 -196.02 -224.25
N ILE C 316 -108.16 -195.25 -225.21
CA ILE C 316 -106.88 -194.56 -225.09
C ILE C 316 -106.99 -193.16 -225.66
N ASP C 317 -106.94 -192.17 -224.77
CA ASP C 317 -106.63 -190.78 -225.11
C ASP C 317 -105.18 -190.48 -224.70
N PRO C 318 -104.35 -189.82 -225.51
CA PRO C 318 -104.69 -189.12 -226.74
C PRO C 318 -104.58 -189.95 -228.03
N ARG C 319 -104.49 -191.28 -227.99
CA ARG C 319 -104.43 -192.09 -229.23
C ARG C 319 -105.74 -192.10 -230.03
N GLY C 320 -106.83 -191.66 -229.43
CA GLY C 320 -108.10 -191.43 -230.11
C GLY C 320 -108.96 -192.67 -230.33
N ILE C 321 -108.65 -193.79 -229.67
CA ILE C 321 -109.39 -195.03 -229.82
C ILE C 321 -110.31 -195.26 -228.61
N ASP C 322 -111.54 -195.66 -228.89
CA ASP C 322 -112.51 -196.08 -227.89
C ASP C 322 -113.36 -197.20 -228.50
N GLU C 323 -112.88 -198.42 -228.35
CA GLU C 323 -113.14 -199.52 -229.28
C GLU C 323 -113.27 -200.85 -228.56
N GLU C 324 -113.81 -201.85 -229.25
CA GLU C 324 -113.79 -203.24 -228.81
C GLU C 324 -112.93 -204.06 -229.79
N PHE C 325 -111.89 -204.71 -229.31
CA PHE C 325 -110.92 -205.40 -230.16
C PHE C 325 -110.82 -206.89 -229.83
N VAL C 326 -110.54 -207.72 -230.83
CA VAL C 326 -110.04 -209.07 -230.61
C VAL C 326 -108.59 -209.02 -230.13
N ILE C 327 -108.23 -209.84 -229.16
CA ILE C 327 -106.85 -210.03 -228.74
C ILE C 327 -106.17 -211.04 -229.68
N ALA C 328 -105.14 -210.65 -230.39
CA ALA C 328 -104.34 -211.54 -231.24
C ALA C 328 -103.19 -212.22 -230.48
N ALA C 329 -102.69 -211.59 -229.42
CA ALA C 329 -101.70 -212.18 -228.52
C ALA C 329 -101.71 -211.50 -227.16
N ILE C 330 -101.22 -212.19 -226.13
CA ILE C 330 -100.96 -211.61 -224.81
C ILE C 330 -99.56 -212.01 -224.39
N GLU C 331 -98.80 -211.06 -223.86
CA GLU C 331 -97.53 -211.31 -223.21
C GLU C 331 -97.58 -210.78 -221.80
N TYR C 332 -97.25 -211.61 -220.82
CA TYR C 332 -97.12 -211.23 -219.43
C TYR C 332 -95.66 -211.10 -219.06
N ARG C 333 -95.27 -209.98 -218.47
CA ARG C 333 -93.99 -209.80 -217.81
C ARG C 333 -94.25 -209.78 -216.31
N TRP C 334 -93.58 -210.59 -215.53
CA TRP C 334 -93.38 -210.29 -214.13
C TRP C 334 -92.36 -209.14 -214.02
N GLY C 335 -91.88 -208.77 -212.85
CA GLY C 335 -90.71 -207.88 -212.71
C GLY C 335 -91.00 -206.42 -213.01
N VAL C 336 -91.27 -206.08 -214.28
CA VAL C 336 -91.89 -204.80 -214.70
C VAL C 336 -93.41 -204.83 -214.55
N ASP C 337 -94.00 -206.00 -214.35
CA ASP C 337 -95.44 -206.21 -214.11
C ASP C 337 -96.32 -205.63 -215.21
N GLU C 338 -95.99 -205.91 -216.47
CA GLU C 338 -96.73 -205.46 -217.65
C GLU C 338 -97.46 -206.64 -218.30
N THR C 339 -98.73 -206.46 -218.61
CA THR C 339 -99.47 -207.31 -219.55
C THR C 339 -99.55 -206.57 -220.85
N ILE C 340 -99.10 -207.17 -221.94
CA ILE C 340 -99.00 -206.55 -223.24
C ILE C 340 -100.01 -207.24 -224.16
N LEU C 341 -101.00 -206.52 -224.63
CA LEU C 341 -101.99 -207.04 -225.58
C LEU C 341 -101.56 -206.67 -226.98
N THR C 342 -101.53 -207.63 -227.91
CA THR C 342 -101.54 -207.31 -229.34
C THR C 342 -102.97 -207.45 -229.82
N VAL C 343 -103.53 -206.44 -230.47
CA VAL C 343 -104.95 -206.36 -230.82
C VAL C 343 -105.17 -206.42 -232.33
N VAL C 344 -106.35 -206.88 -232.73
CA VAL C 344 -106.81 -207.10 -234.12
C VAL C 344 -106.09 -208.23 -234.84
N GLU C 345 -104.80 -208.09 -235.10
CA GLU C 345 -104.00 -209.08 -235.84
C GLU C 345 -102.53 -208.98 -235.42
N LYS C 346 -101.75 -210.05 -235.58
CA LYS C 346 -100.31 -210.05 -235.35
C LYS C 346 -99.57 -210.34 -236.65
N ARG C 347 -98.47 -209.62 -236.88
CA ARG C 347 -97.53 -209.82 -237.99
C ARG C 347 -96.13 -209.97 -237.43
N GLY C 348 -95.31 -210.78 -238.08
CA GLY C 348 -93.90 -210.94 -237.74
C GLY C 348 -93.05 -209.84 -238.34
N ASP C 349 -91.75 -210.09 -238.46
CA ASP C 349 -90.79 -209.22 -239.11
C ASP C 349 -89.87 -210.04 -240.02
N VAL C 350 -88.61 -210.31 -239.68
CA VAL C 350 -87.76 -211.14 -240.54
C VAL C 350 -88.22 -212.60 -240.54
N ASP C 351 -88.89 -213.06 -239.50
CA ASP C 351 -89.49 -214.39 -239.44
C ASP C 351 -90.69 -214.54 -240.37
N ASP C 352 -91.41 -213.48 -240.73
CA ASP C 352 -92.42 -213.58 -241.78
C ASP C 352 -91.79 -213.79 -243.15
N ILE C 353 -90.66 -213.14 -243.42
CA ILE C 353 -89.90 -213.37 -244.65
C ILE C 353 -89.38 -214.82 -244.67
N LEU C 354 -88.67 -215.21 -243.62
CA LEU C 354 -88.05 -216.53 -243.55
C LEU C 354 -89.08 -217.65 -243.54
N SER C 355 -90.21 -217.52 -242.87
CA SER C 355 -91.23 -218.59 -242.88
C SER C 355 -91.95 -218.69 -244.22
N GLU C 356 -92.21 -217.60 -244.93
CA GLU C 356 -92.82 -217.65 -246.26
C GLU C 356 -91.87 -218.30 -247.28
N LEU C 357 -90.59 -217.92 -247.21
CA LEU C 357 -89.51 -218.45 -248.03
C LEU C 357 -89.26 -219.93 -247.73
N SER C 358 -89.22 -220.32 -246.46
CA SER C 358 -89.09 -221.70 -245.97
C SER C 358 -90.23 -222.58 -246.44
N GLU C 359 -91.48 -222.13 -246.29
CA GLU C 359 -92.65 -222.84 -246.79
C GLU C 359 -92.64 -222.97 -248.32
N SER C 360 -92.20 -221.95 -249.03
CA SER C 360 -92.06 -222.01 -250.48
C SER C 360 -91.02 -223.04 -250.91
N VAL C 361 -89.85 -223.09 -250.26
CA VAL C 361 -88.84 -224.11 -250.55
C VAL C 361 -89.37 -225.50 -250.26
N GLN C 362 -90.03 -225.73 -249.12
CA GLN C 362 -90.58 -227.05 -248.79
C GLN C 362 -91.64 -227.52 -249.78
N ARG C 363 -92.53 -226.63 -250.21
CA ARG C 363 -93.52 -226.94 -251.23
C ARG C 363 -92.86 -227.42 -252.52
N ILE C 364 -91.78 -226.79 -252.95
CA ILE C 364 -91.05 -227.18 -254.18
C ILE C 364 -90.24 -228.45 -253.96
N GLU C 365 -89.55 -228.58 -252.83
CA GLU C 365 -88.73 -229.74 -252.51
C GLU C 365 -89.52 -231.05 -252.55
N MET C 366 -90.77 -231.03 -252.12
CA MET C 366 -91.65 -232.19 -252.09
C MET C 366 -92.48 -232.40 -253.38
N GLN C 367 -92.30 -231.62 -254.44
CA GLN C 367 -92.95 -231.93 -255.72
C GLN C 367 -92.47 -233.27 -256.26
N GLY C 368 -93.36 -234.05 -256.85
CA GLY C 368 -93.02 -235.32 -257.48
C GLY C 368 -92.82 -236.48 -256.51
N ALA C 369 -92.83 -236.26 -255.19
CA ALA C 369 -92.82 -237.34 -254.22
C ALA C 369 -94.12 -238.13 -254.33
N ASN C 370 -94.06 -239.43 -254.61
CA ASN C 370 -95.25 -240.28 -254.58
C ASN C 370 -95.64 -240.49 -253.12
N ARG C 371 -96.74 -239.87 -252.69
CA ARG C 371 -97.15 -239.91 -251.28
C ARG C 371 -97.84 -241.22 -250.90
N ASP C 372 -98.26 -241.99 -251.90
CA ASP C 372 -98.76 -243.36 -251.77
C ASP C 372 -97.65 -244.41 -251.98
N ALA C 373 -96.38 -244.00 -252.07
CA ALA C 373 -95.23 -244.91 -252.13
C ALA C 373 -95.18 -245.86 -250.93
N PRO C 374 -94.53 -247.03 -251.08
CA PRO C 374 -94.32 -247.94 -249.97
C PRO C 374 -93.36 -247.32 -248.95
N LYS C 375 -93.78 -247.24 -247.69
CA LYS C 375 -92.94 -246.80 -246.57
C LYS C 375 -91.92 -247.88 -246.22
N ASN C 376 -90.85 -247.46 -245.55
CA ASN C 376 -89.88 -248.31 -244.88
C ASN C 376 -89.52 -247.63 -243.56
N ARG C 377 -88.97 -248.35 -242.60
CA ARG C 377 -88.69 -247.78 -241.28
C ARG C 377 -87.31 -248.12 -240.76
N ILE C 378 -86.65 -247.17 -240.12
CA ILE C 378 -85.45 -247.45 -239.33
C ILE C 378 -85.59 -246.86 -237.94
N THR C 379 -85.28 -247.68 -236.93
CA THR C 379 -85.46 -247.32 -235.54
C THR C 379 -84.14 -246.86 -234.95
N THR C 380 -84.06 -245.61 -234.49
CA THR C 380 -82.89 -245.09 -233.77
C THR C 380 -82.97 -245.48 -232.30
N THR C 381 -81.94 -246.15 -231.77
CA THR C 381 -81.87 -246.57 -230.36
C THR C 381 -80.44 -246.40 -229.83
N ASN C 382 -80.30 -246.33 -228.51
CA ASN C 382 -79.07 -245.89 -227.86
C ASN C 382 -78.91 -246.55 -226.49
N ALA C 383 -77.83 -247.25 -226.25
CA ALA C 383 -77.45 -247.77 -224.93
C ALA C 383 -75.96 -247.50 -224.68
N ALA C 384 -75.55 -247.42 -223.42
CA ALA C 384 -74.15 -247.20 -223.10
C ALA C 384 -73.70 -248.02 -221.90
N ALA C 385 -72.50 -248.58 -222.00
CA ALA C 385 -71.75 -249.07 -220.88
C ALA C 385 -70.88 -247.94 -220.32
N ILE C 386 -70.99 -247.72 -219.02
CA ILE C 386 -69.93 -247.08 -218.24
C ILE C 386 -68.94 -248.19 -217.88
N VAL C 387 -67.64 -247.93 -217.97
CA VAL C 387 -66.63 -248.71 -217.29
C VAL C 387 -65.83 -247.79 -216.37
N SER C 388 -65.95 -248.03 -215.07
CA SER C 388 -65.22 -247.33 -214.02
C SER C 388 -63.85 -247.96 -213.81
N VAL C 389 -62.86 -247.14 -213.49
CA VAL C 389 -61.52 -247.57 -213.09
C VAL C 389 -61.27 -247.18 -211.64
N ASP C 390 -60.84 -248.15 -210.82
CA ASP C 390 -60.13 -247.89 -209.56
C ASP C 390 -58.70 -248.39 -209.68
N VAL C 391 -57.72 -247.58 -209.30
CA VAL C 391 -56.31 -247.99 -209.19
C VAL C 391 -55.81 -247.86 -207.77
N ASP C 392 -55.28 -248.95 -207.24
CA ASP C 392 -54.66 -249.06 -205.92
C ASP C 392 -53.19 -249.45 -206.07
N ALA C 393 -52.26 -248.64 -205.58
CA ALA C 393 -50.83 -248.94 -205.57
C ALA C 393 -50.33 -248.99 -204.13
N GLY C 394 -49.92 -250.15 -203.65
CA GLY C 394 -49.40 -250.31 -202.28
C GLY C 394 -50.34 -249.84 -201.18
N GLY C 395 -51.66 -249.89 -201.39
CA GLY C 395 -52.68 -249.39 -200.47
C GLY C 395 -53.03 -247.91 -200.63
N THR C 396 -52.45 -247.21 -201.61
CA THR C 396 -52.77 -245.81 -201.94
C THR C 396 -53.61 -245.75 -203.21
N SER C 397 -54.79 -245.14 -203.15
CA SER C 397 -55.63 -244.94 -204.34
C SER C 397 -55.07 -243.84 -205.25
N ALA C 398 -55.17 -244.00 -206.57
CA ALA C 398 -54.84 -242.92 -207.49
C ALA C 398 -55.77 -241.72 -207.31
N ASP C 399 -55.24 -240.52 -207.49
CA ASP C 399 -56.00 -239.27 -207.31
C ASP C 399 -56.86 -238.92 -208.53
N ALA C 400 -56.50 -239.42 -209.71
CA ALA C 400 -57.22 -239.24 -210.96
C ALA C 400 -56.90 -240.39 -211.92
N ASP C 401 -57.78 -240.63 -212.89
CA ASP C 401 -57.61 -241.65 -213.93
C ASP C 401 -58.42 -241.34 -215.18
N ARG C 402 -58.14 -242.07 -216.27
CA ARG C 402 -58.89 -242.05 -217.53
C ARG C 402 -59.00 -243.45 -218.10
N PHE C 403 -60.17 -243.86 -218.55
CA PHE C 403 -60.32 -244.91 -219.55
C PHE C 403 -60.11 -244.26 -220.93
N VAL C 404 -58.92 -244.42 -221.50
CA VAL C 404 -58.48 -243.58 -222.63
C VAL C 404 -59.19 -243.94 -223.93
N ASN C 405 -59.13 -243.07 -224.92
CA ASN C 405 -59.77 -243.24 -226.21
C ASN C 405 -59.28 -244.50 -226.90
N ASP C 406 -57.98 -244.85 -226.83
CA ASP C 406 -57.53 -246.15 -227.35
C ASP C 406 -58.17 -247.35 -226.65
N GLY C 407 -58.51 -247.24 -225.37
CA GLY C 407 -59.25 -248.28 -224.65
C GLY C 407 -60.71 -248.35 -225.05
N ARG C 408 -61.37 -247.20 -225.13
CA ARG C 408 -62.74 -247.06 -225.68
C ARG C 408 -62.81 -247.62 -227.11
N ASN C 409 -61.82 -247.35 -227.94
CA ASN C 409 -61.69 -247.93 -229.28
C ASN C 409 -61.43 -249.43 -229.24
N ALA C 410 -60.59 -249.95 -228.35
CA ALA C 410 -60.35 -251.39 -228.25
C ALA C 410 -61.63 -252.16 -227.92
N VAL C 411 -62.43 -251.72 -226.95
CA VAL C 411 -63.70 -252.40 -226.62
C VAL C 411 -64.76 -252.19 -227.69
N ARG C 412 -64.78 -251.05 -228.38
CA ARG C 412 -65.63 -250.84 -229.57
C ARG C 412 -65.29 -251.85 -230.65
N ASP C 413 -64.03 -251.95 -231.04
CA ASP C 413 -63.63 -252.83 -232.12
C ASP C 413 -63.88 -254.30 -231.76
N ALA C 414 -63.66 -254.68 -230.51
CA ALA C 414 -64.04 -255.99 -230.01
C ALA C 414 -65.55 -256.26 -230.10
N TRP C 415 -66.40 -255.27 -229.83
CA TRP C 415 -67.85 -255.38 -229.97
C TRP C 415 -68.29 -255.61 -231.41
N THR C 416 -67.56 -255.08 -232.38
CA THR C 416 -67.75 -255.40 -233.81
C THR C 416 -67.24 -256.80 -234.21
N GLY C 417 -66.60 -257.55 -233.31
CA GLY C 417 -66.03 -258.86 -233.58
C GLY C 417 -64.59 -258.83 -234.13
N ALA C 418 -63.89 -257.70 -234.10
CA ALA C 418 -62.53 -257.55 -234.63
C ALA C 418 -61.41 -258.08 -233.70
N GLY C 419 -61.72 -258.99 -232.78
CA GLY C 419 -60.78 -259.52 -231.77
C GLY C 419 -60.75 -258.71 -230.48
N ASN C 420 -60.53 -259.38 -229.36
CA ASN C 420 -60.55 -258.79 -228.02
C ASN C 420 -59.18 -258.23 -227.60
N PRO C 421 -59.11 -257.23 -226.69
CA PRO C 421 -57.84 -256.76 -226.16
C PRO C 421 -57.20 -257.78 -225.22
N ASP C 422 -56.05 -258.32 -225.60
CA ASP C 422 -55.18 -259.12 -224.76
C ASP C 422 -54.44 -258.26 -223.72
N ILE C 423 -55.07 -257.96 -222.57
CA ILE C 423 -54.43 -257.18 -221.50
C ILE C 423 -53.28 -257.98 -220.89
N ALA C 424 -52.09 -257.38 -220.80
CA ALA C 424 -50.86 -258.11 -220.52
C ALA C 424 -49.94 -257.47 -219.49
N ASN C 425 -49.83 -256.15 -219.41
CA ASN C 425 -48.84 -255.48 -218.56
C ASN C 425 -49.46 -254.39 -217.71
N ILE C 426 -49.10 -254.32 -216.42
CA ILE C 426 -49.16 -253.08 -215.64
C ILE C 426 -47.92 -252.28 -215.99
N VAL C 427 -48.07 -250.98 -216.17
CA VAL C 427 -47.05 -250.09 -216.69
C VAL C 427 -46.93 -248.88 -215.78
N VAL C 428 -45.72 -248.40 -215.55
CA VAL C 428 -45.36 -247.58 -214.40
C VAL C 428 -44.55 -246.38 -214.84
N GLY C 429 -44.80 -245.19 -214.29
CA GLY C 429 -44.07 -244.01 -214.74
C GLY C 429 -43.91 -242.87 -213.75
N ASP C 430 -43.11 -241.92 -214.20
CA ASP C 430 -42.42 -240.88 -213.42
C ASP C 430 -42.99 -239.48 -213.67
N ASP C 431 -44.06 -239.35 -214.46
CA ASP C 431 -44.61 -238.06 -214.91
C ASP C 431 -46.14 -238.03 -214.85
N ASN C 432 -46.72 -237.33 -213.88
CA ASN C 432 -48.16 -237.22 -213.72
C ASN C 432 -48.85 -236.17 -214.63
N SER C 433 -48.14 -235.51 -215.54
CA SER C 433 -48.72 -234.45 -216.38
C SER C 433 -49.60 -234.96 -217.52
N GLY C 434 -50.48 -234.10 -218.02
CA GLY C 434 -51.22 -234.31 -219.26
C GLY C 434 -52.24 -235.43 -219.24
N LEU C 435 -52.75 -235.83 -218.08
CA LEU C 435 -53.74 -236.88 -217.97
C LEU C 435 -55.00 -236.49 -218.75
N SER C 436 -55.39 -237.31 -219.71
CA SER C 436 -56.47 -236.99 -220.64
C SER C 436 -57.02 -238.24 -221.30
N ARG C 437 -58.24 -238.19 -221.86
CA ARG C 437 -58.78 -239.27 -222.67
C ARG C 437 -57.87 -239.60 -223.83
N THR C 438 -57.17 -238.62 -224.37
CA THR C 438 -56.39 -238.75 -225.61
C THR C 438 -54.98 -239.32 -225.41
N ASN C 439 -54.57 -239.64 -224.17
CA ASN C 439 -53.28 -240.30 -223.92
C ASN C 439 -53.19 -241.67 -224.62
N THR C 440 -52.07 -241.96 -225.29
CA THR C 440 -51.80 -243.25 -225.93
C THR C 440 -50.66 -244.04 -225.28
N THR C 441 -49.90 -243.42 -224.38
CA THR C 441 -48.78 -244.01 -223.64
C THR C 441 -48.52 -243.20 -222.36
N LEU C 442 -47.79 -243.74 -221.37
CA LEU C 442 -47.44 -243.01 -220.15
C LEU C 442 -46.55 -241.79 -220.46
N GLY C 443 -46.57 -240.79 -219.59
CA GLY C 443 -45.78 -239.57 -219.72
C GLY C 443 -44.28 -239.84 -219.76
N ASN C 444 -43.79 -240.66 -218.84
CA ASN C 444 -42.42 -241.17 -218.81
C ASN C 444 -42.40 -242.57 -218.19
N GLN C 445 -42.57 -243.60 -219.02
CA GLN C 445 -42.54 -244.97 -218.54
C GLN C 445 -41.17 -245.31 -217.95
N THR C 446 -41.19 -245.81 -216.72
CA THR C 446 -40.04 -246.28 -215.97
C THR C 446 -39.96 -247.80 -215.90
N ASP C 447 -41.10 -248.50 -215.81
CA ASP C 447 -41.13 -249.96 -215.61
C ASP C 447 -42.43 -250.61 -216.11
N SER C 448 -42.42 -251.93 -216.26
CA SER C 448 -43.57 -252.76 -216.60
C SER C 448 -43.47 -254.13 -215.94
N VAL C 449 -44.60 -254.74 -215.61
CA VAL C 449 -44.68 -256.13 -215.11
C VAL C 449 -45.90 -256.83 -215.67
N SER C 450 -45.84 -258.14 -215.91
CA SER C 450 -46.96 -258.90 -216.45
C SER C 450 -48.07 -259.09 -215.41
N VAL C 451 -49.32 -259.08 -215.86
CA VAL C 451 -50.50 -259.10 -214.96
C VAL C 451 -50.97 -260.49 -214.60
N THR C 452 -51.61 -260.59 -213.43
CA THR C 452 -52.49 -261.70 -213.05
C THR C 452 -53.93 -261.21 -213.03
N GLU C 453 -54.85 -261.99 -213.58
CA GLU C 453 -56.24 -261.62 -213.85
C GLU C 453 -57.19 -262.31 -212.86
N SER C 454 -58.13 -261.57 -212.26
CA SER C 454 -59.13 -262.09 -211.34
C SER C 454 -60.52 -261.57 -211.68
N LEU C 455 -61.54 -262.44 -211.68
CA LEU C 455 -62.93 -262.10 -212.00
C LEU C 455 -63.82 -262.27 -210.75
N PRO C 456 -63.82 -261.33 -209.79
CA PRO C 456 -64.51 -261.52 -208.53
C PRO C 456 -66.04 -261.43 -208.61
N SER C 457 -66.60 -260.84 -209.66
CA SER C 457 -68.04 -260.72 -209.87
C SER C 457 -68.38 -260.51 -211.35
N ALA C 458 -69.65 -260.70 -211.74
CA ALA C 458 -70.12 -260.72 -213.12
C ALA C 458 -69.81 -259.44 -213.92
N LYS C 459 -69.59 -258.31 -213.27
CA LYS C 459 -69.35 -257.01 -213.91
C LYS C 459 -67.95 -256.43 -213.75
N VAL C 460 -67.00 -257.15 -213.13
CA VAL C 460 -65.68 -256.58 -212.78
C VAL C 460 -64.51 -257.51 -213.07
N VAL C 461 -63.40 -256.94 -213.54
CA VAL C 461 -62.10 -257.60 -213.66
C VAL C 461 -61.10 -256.85 -212.80
N GLU C 462 -60.24 -257.57 -212.09
CA GLU C 462 -59.07 -256.99 -211.43
C GLU C 462 -57.81 -257.52 -212.10
N TYR C 463 -56.90 -256.62 -212.47
CA TYR C 463 -55.55 -256.97 -212.88
C TYR C 463 -54.57 -256.55 -211.80
N SER C 464 -53.75 -257.49 -211.32
CA SER C 464 -52.83 -257.26 -210.21
C SER C 464 -51.42 -257.74 -210.54
N ALA C 465 -50.41 -257.00 -210.10
CA ALA C 465 -49.00 -257.35 -210.21
C ALA C 465 -48.18 -256.77 -209.05
N THR C 466 -47.00 -257.31 -208.76
CA THR C 466 -46.12 -256.85 -207.67
C THR C 466 -44.92 -256.07 -208.23
N LEU C 467 -44.67 -254.88 -207.70
CA LEU C 467 -43.70 -253.91 -208.25
C LEU C 467 -42.62 -253.52 -207.25
N THR C 468 -41.46 -253.14 -207.78
CA THR C 468 -40.40 -252.42 -207.06
C THR C 468 -39.98 -251.20 -207.88
N GLN C 469 -40.48 -250.00 -207.54
CA GLN C 469 -40.08 -248.74 -208.15
C GLN C 469 -40.17 -247.58 -207.16
N SER C 470 -39.18 -246.70 -207.19
CA SER C 470 -39.21 -245.44 -206.46
C SER C 470 -39.90 -244.35 -207.27
N GLY C 471 -40.61 -243.42 -206.63
CA GLY C 471 -41.08 -242.19 -207.27
C GLY C 471 -42.15 -242.39 -208.36
N VAL C 472 -42.96 -243.43 -208.26
CA VAL C 472 -44.08 -243.66 -209.18
C VAL C 472 -45.14 -242.58 -209.02
N GLU C 473 -45.48 -241.86 -210.07
CA GLU C 473 -46.56 -240.86 -210.03
C GLU C 473 -47.61 -241.07 -211.13
N GLU C 474 -47.42 -242.05 -211.99
CA GLU C 474 -48.42 -242.53 -212.94
C GLU C 474 -48.38 -244.06 -213.09
N ILE C 475 -49.54 -244.65 -213.35
CA ILE C 475 -49.76 -246.08 -213.60
C ILE C 475 -50.66 -246.20 -214.83
N GLY C 476 -50.52 -247.26 -215.60
CA GLY C 476 -51.52 -247.66 -216.59
C GLY C 476 -51.51 -249.16 -216.81
N LEU C 477 -52.41 -249.68 -217.64
CA LEU C 477 -52.26 -251.04 -218.15
C LEU C 477 -52.42 -251.12 -219.66
N GLU C 478 -51.65 -252.04 -220.23
CA GLU C 478 -51.45 -252.18 -221.66
C GLU C 478 -51.83 -253.56 -222.15
N THR C 479 -52.42 -253.57 -223.34
CA THR C 479 -52.57 -254.74 -224.19
C THR C 479 -51.20 -255.19 -224.65
N SER C 480 -50.96 -256.49 -224.90
CA SER C 480 -49.66 -256.99 -225.39
C SER C 480 -49.18 -256.30 -226.67
N THR C 481 -50.09 -255.88 -227.54
CA THR C 481 -49.79 -255.09 -228.75
C THR C 481 -49.43 -253.61 -228.49
N GLY C 482 -49.34 -253.20 -227.21
CA GLY C 482 -48.93 -251.87 -226.78
C GLY C 482 -50.06 -250.86 -226.58
N THR C 483 -51.30 -251.22 -226.90
CA THR C 483 -52.48 -250.37 -226.69
C THR C 483 -52.76 -250.16 -225.20
N LEU C 484 -52.54 -248.95 -224.71
CA LEU C 484 -52.88 -248.48 -223.37
C LEU C 484 -54.41 -248.38 -223.22
N LEU C 485 -54.99 -249.06 -222.24
CA LEU C 485 -56.44 -248.95 -221.97
C LEU C 485 -56.78 -247.93 -220.88
N THR C 486 -55.85 -247.62 -219.99
CA THR C 486 -56.11 -246.82 -218.80
C THR C 486 -54.84 -246.14 -218.35
N ARG C 487 -54.95 -244.92 -217.81
CA ARG C 487 -53.87 -244.21 -217.13
C ARG C 487 -54.41 -243.58 -215.86
N ALA C 488 -53.64 -243.60 -214.79
CA ALA C 488 -54.00 -243.08 -213.48
C ALA C 488 -52.80 -242.42 -212.83
N THR C 489 -53.00 -241.40 -212.00
CA THR C 489 -51.92 -240.55 -211.51
C THR C 489 -52.02 -240.25 -210.03
N PHE C 490 -50.90 -239.87 -209.43
CA PHE C 490 -50.79 -239.54 -208.02
C PHE C 490 -50.22 -238.13 -207.87
N GLU C 491 -50.78 -237.32 -206.97
CA GLU C 491 -50.30 -235.95 -206.75
C GLU C 491 -48.93 -235.91 -206.06
N THR C 492 -48.68 -236.84 -205.15
CA THR C 492 -47.38 -237.09 -204.52
C THR C 492 -46.80 -238.41 -205.01
N PRO C 493 -45.52 -238.49 -205.41
CA PRO C 493 -44.89 -239.75 -205.80
C PRO C 493 -45.00 -240.85 -204.75
N VAL C 494 -45.27 -242.07 -205.20
CA VAL C 494 -45.39 -243.28 -204.39
C VAL C 494 -44.12 -244.12 -204.55
N ASP C 495 -43.57 -244.61 -203.46
CA ASP C 495 -42.44 -245.52 -203.46
C ASP C 495 -42.96 -246.94 -203.20
N LEU C 496 -42.77 -247.86 -204.16
CA LEU C 496 -43.23 -249.24 -204.08
C LEU C 496 -42.02 -250.15 -203.84
N SER C 497 -42.01 -250.87 -202.73
CA SER C 497 -40.86 -251.66 -202.27
C SER C 497 -40.87 -253.06 -202.86
N SER C 498 -41.97 -253.78 -202.68
CA SER C 498 -42.31 -255.07 -203.27
C SER C 498 -43.82 -255.24 -203.08
N ASP C 499 -44.54 -254.28 -203.65
CA ASP C 499 -45.92 -253.95 -203.29
C ASP C 499 -46.87 -254.22 -204.45
N THR C 500 -48.10 -254.62 -204.15
CA THR C 500 -49.11 -254.90 -205.17
C THR C 500 -49.67 -253.62 -205.76
N VAL C 501 -49.74 -253.54 -207.08
CA VAL C 501 -50.62 -252.61 -207.80
C VAL C 501 -51.79 -253.39 -208.34
N THR C 502 -53.01 -252.88 -208.13
CA THR C 502 -54.24 -253.46 -208.68
C THR C 502 -55.02 -252.41 -209.44
N VAL C 503 -55.41 -252.73 -210.67
CA VAL C 503 -56.36 -251.94 -211.47
C VAL C 503 -57.64 -252.72 -211.57
N THR C 504 -58.78 -252.16 -211.18
CA THR C 504 -60.08 -252.81 -211.35
C THR C 504 -60.91 -252.07 -212.37
N LEU C 505 -61.49 -252.81 -213.31
CA LEU C 505 -62.40 -252.28 -214.32
C LEU C 505 -63.79 -252.81 -214.02
N THR C 506 -64.74 -251.94 -213.71
CA THR C 506 -66.12 -252.30 -213.34
C THR C 506 -67.10 -251.75 -214.35
N VAL C 507 -67.92 -252.61 -214.97
CA VAL C 507 -68.94 -252.21 -215.95
C VAL C 507 -70.27 -251.89 -215.27
N SER C 508 -70.99 -250.89 -215.76
CA SER C 508 -72.38 -250.63 -215.38
C SER C 508 -73.17 -249.99 -216.52
N ASN C 509 -74.51 -250.01 -216.45
CA ASN C 509 -75.37 -249.28 -217.37
C ASN C 509 -75.21 -247.76 -217.17
N ASP C 510 -75.21 -246.97 -218.24
CA ASP C 510 -75.34 -245.53 -218.13
C ASP C 510 -76.80 -245.13 -217.88
N ASP C 511 -77.16 -244.92 -216.62
CA ASP C 511 -78.53 -244.54 -216.23
C ASP C 511 -78.96 -243.15 -216.73
N SER C 512 -78.09 -242.42 -217.42
CA SER C 512 -78.46 -241.17 -218.10
C SER C 512 -79.44 -241.41 -219.25
N VAL C 513 -79.32 -242.54 -219.96
CA VAL C 513 -80.11 -242.78 -221.17
C VAL C 513 -81.56 -243.08 -220.81
N SER C 514 -82.50 -242.36 -221.39
CA SER C 514 -83.93 -242.64 -221.21
C SER C 514 -84.34 -243.84 -222.04
N ARG C 515 -85.17 -244.72 -221.49
CA ARG C 515 -85.95 -245.74 -222.23
C ARG C 515 -85.15 -246.75 -223.06
N GLY C 516 -83.85 -246.82 -222.83
CA GLY C 516 -82.96 -247.91 -223.25
C GLY C 516 -82.11 -248.39 -222.07
N VAL C 517 -81.59 -249.61 -222.15
CA VAL C 517 -80.72 -250.18 -221.12
C VAL C 517 -79.73 -251.14 -221.74
N MET C 518 -78.55 -251.30 -221.14
CA MET C 518 -77.69 -252.44 -221.38
C MET C 518 -77.89 -253.43 -220.23
N THR C 519 -78.27 -254.67 -220.54
CA THR C 519 -78.71 -255.64 -219.53
C THR C 519 -77.55 -256.14 -218.67
N ASN C 520 -77.80 -256.88 -217.60
CA ASN C 520 -76.74 -257.55 -216.85
C ASN C 520 -75.91 -258.46 -217.75
N ASP C 521 -76.52 -259.16 -218.69
CA ASP C 521 -75.78 -259.99 -219.65
C ASP C 521 -74.96 -259.15 -220.61
N GLY C 522 -75.49 -258.00 -221.06
CA GLY C 522 -74.73 -257.06 -221.88
C GLY C 522 -73.53 -256.49 -221.15
N GLN C 523 -73.69 -256.06 -219.90
CA GLN C 523 -72.61 -255.58 -219.07
C GLN C 523 -71.59 -256.69 -218.77
N THR C 524 -72.03 -257.94 -218.61
CA THR C 524 -71.14 -259.10 -218.48
C THR C 524 -70.35 -259.33 -219.75
N ALA C 525 -70.98 -259.24 -220.92
CA ALA C 525 -70.28 -259.37 -222.20
C ALA C 525 -69.19 -258.31 -222.36
N VAL C 526 -69.42 -257.08 -221.89
CA VAL C 526 -68.39 -256.04 -221.88
C VAL C 526 -67.26 -256.39 -220.90
N ARG C 527 -67.54 -256.89 -219.68
CA ARG C 527 -66.47 -257.41 -218.81
C ARG C 527 -65.66 -258.47 -219.54
N ASP C 528 -66.31 -259.40 -220.21
CA ASP C 528 -65.63 -260.48 -220.90
C ASP C 528 -64.83 -260.02 -222.11
N VAL C 529 -65.15 -258.87 -222.71
CA VAL C 529 -64.30 -258.19 -223.69
C VAL C 529 -63.03 -257.67 -223.03
N LEU C 530 -63.10 -256.99 -221.88
CA LEU C 530 -61.90 -256.56 -221.16
C LEU C 530 -61.07 -257.76 -220.65
N ALA C 531 -61.73 -258.85 -220.26
CA ALA C 531 -61.07 -260.03 -219.74
C ALA C 531 -60.50 -260.97 -220.83
N ASP C 532 -60.81 -260.75 -222.11
CA ASP C 532 -60.59 -261.71 -223.19
C ASP C 532 -61.09 -263.12 -222.82
N ASN C 533 -62.34 -263.18 -222.33
CA ASN C 533 -62.92 -264.35 -221.68
C ASN C 533 -64.17 -264.83 -222.43
N SER C 534 -64.00 -265.16 -223.71
CA SER C 534 -65.05 -265.64 -224.62
C SER C 534 -66.38 -264.87 -224.50
N PRO C 535 -66.38 -263.54 -224.73
CA PRO C 535 -67.57 -262.71 -224.57
C PRO C 535 -68.71 -263.13 -225.49
N THR C 536 -69.93 -263.01 -225.00
CA THR C 536 -71.15 -263.28 -225.77
C THR C 536 -71.50 -262.06 -226.63
N LEU C 537 -70.69 -261.81 -227.67
CA LEU C 537 -70.74 -260.63 -228.55
C LEU C 537 -72.04 -260.53 -229.36
N PRO C 538 -72.42 -259.35 -229.85
CA PRO C 538 -73.65 -259.16 -230.60
C PRO C 538 -73.63 -259.85 -231.97
N THR C 539 -74.64 -260.67 -232.22
CA THR C 539 -74.77 -261.48 -233.45
C THR C 539 -76.18 -261.51 -234.00
N ASP C 540 -77.17 -260.99 -233.28
CA ASP C 540 -78.59 -261.12 -233.61
C ASP C 540 -79.36 -259.90 -233.09
N TYR C 541 -80.51 -259.57 -233.64
CA TYR C 541 -81.30 -258.41 -233.23
C TYR C 541 -82.76 -258.81 -233.10
N GLY C 542 -83.41 -258.43 -232.01
CA GLY C 542 -84.79 -258.80 -231.73
C GLY C 542 -85.72 -257.60 -231.77
N TYR C 543 -86.92 -257.80 -232.32
CA TYR C 543 -88.03 -256.85 -232.23
C TYR C 543 -89.20 -257.51 -231.51
N GLY C 544 -89.93 -256.75 -230.71
CA GLY C 544 -91.00 -257.26 -229.86
C GLY C 544 -92.17 -256.30 -229.64
N ASP C 545 -93.08 -256.72 -228.77
CA ASP C 545 -94.41 -256.15 -228.58
C ASP C 545 -94.65 -255.63 -227.15
N ASP C 546 -93.90 -256.06 -226.13
CA ASP C 546 -94.18 -255.66 -224.74
C ASP C 546 -93.69 -254.23 -224.43
N SER C 547 -94.59 -253.35 -223.99
CA SER C 547 -94.28 -251.98 -223.58
C SER C 547 -93.54 -251.87 -222.23
N THR C 548 -93.48 -252.94 -221.43
CA THR C 548 -93.02 -252.93 -220.03
C THR C 548 -91.63 -252.32 -219.90
N ALA C 549 -91.49 -251.29 -219.07
CA ALA C 549 -90.31 -250.44 -219.01
C ALA C 549 -89.01 -251.21 -218.74
N VAL C 550 -87.91 -250.75 -219.33
CA VAL C 550 -86.61 -251.43 -219.30
C VAL C 550 -85.98 -251.46 -217.91
N ALA C 551 -85.29 -252.54 -217.59
CA ALA C 551 -84.44 -252.66 -216.41
C ALA C 551 -83.23 -253.57 -216.69
N GLU C 552 -82.13 -253.40 -215.96
CA GLU C 552 -80.91 -254.18 -216.18
C GLU C 552 -81.13 -255.69 -216.08
N THR C 553 -82.09 -256.11 -215.27
CA THR C 553 -82.45 -257.52 -215.02
C THR C 553 -83.22 -258.18 -216.17
N ASP C 554 -83.62 -257.45 -217.21
CA ASP C 554 -84.30 -258.02 -218.39
C ASP C 554 -83.42 -259.03 -219.13
N THR C 555 -83.84 -260.29 -219.22
CA THR C 555 -83.06 -261.38 -219.88
C THR C 555 -83.57 -261.74 -221.27
N THR C 556 -84.80 -261.35 -221.61
CA THR C 556 -85.50 -261.67 -222.86
C THR C 556 -86.41 -260.50 -223.22
N LEU C 557 -86.68 -260.25 -224.50
CA LEU C 557 -87.74 -259.29 -224.85
C LEU C 557 -89.08 -259.76 -224.27
N GLY C 558 -89.93 -258.83 -223.84
CA GLY C 558 -91.16 -259.18 -223.13
C GLY C 558 -92.14 -259.99 -223.97
N ASN C 559 -92.23 -259.71 -225.27
CA ASN C 559 -92.91 -260.56 -226.25
C ASN C 559 -92.23 -260.40 -227.62
N GLU C 560 -91.27 -261.25 -227.94
CA GLU C 560 -90.52 -261.16 -229.19
C GLU C 560 -91.36 -261.57 -230.42
N LEU C 561 -91.38 -260.70 -231.43
CA LEU C 561 -92.06 -260.92 -232.70
C LEU C 561 -91.14 -261.48 -233.79
N ALA C 562 -89.89 -261.04 -233.86
CA ALA C 562 -88.94 -261.45 -234.91
C ALA C 562 -87.46 -261.33 -234.49
N ASN C 563 -86.61 -262.06 -235.21
CA ASN C 563 -85.15 -262.14 -235.04
C ASN C 563 -84.46 -261.83 -236.38
N THR C 564 -83.20 -261.42 -236.38
CA THR C 564 -82.40 -261.28 -237.60
C THR C 564 -80.91 -261.16 -237.28
N SER C 565 -80.08 -261.97 -237.91
CA SER C 565 -78.64 -261.97 -237.64
C SER C 565 -77.97 -260.65 -238.01
N LEU C 566 -76.99 -260.24 -237.22
CA LEU C 566 -76.07 -259.13 -237.49
C LEU C 566 -74.79 -259.59 -238.20
N GLU C 567 -74.91 -260.71 -238.90
CA GLU C 567 -73.91 -261.44 -239.68
C GLU C 567 -74.69 -262.37 -240.62
N GLU C 568 -74.07 -262.98 -241.62
CA GLU C 568 -74.62 -264.16 -242.32
C GLU C 568 -76.12 -264.06 -242.72
N ILE C 569 -76.47 -263.29 -243.76
CA ILE C 569 -77.83 -263.30 -244.31
C ILE C 569 -77.98 -264.34 -245.42
N LEU C 570 -79.13 -265.02 -245.49
CA LEU C 570 -79.43 -265.90 -246.62
C LEU C 570 -79.77 -265.09 -247.88
N ILE C 571 -79.21 -265.49 -249.01
CA ILE C 571 -79.37 -264.77 -250.29
C ILE C 571 -79.95 -265.65 -251.40
N GLN C 572 -79.91 -266.99 -251.26
CA GLN C 572 -80.62 -267.87 -252.19
C GLN C 572 -81.16 -269.13 -251.48
N SER C 573 -82.31 -269.62 -251.95
CA SER C 573 -83.09 -270.69 -251.33
C SER C 573 -83.87 -271.50 -252.37
N ALA C 574 -84.31 -272.71 -252.01
CA ALA C 574 -85.30 -273.45 -252.81
C ALA C 574 -86.43 -274.05 -251.97
N SER C 575 -86.40 -275.35 -251.69
CA SER C 575 -87.39 -276.12 -250.91
C SER C 575 -88.83 -276.16 -251.47
N SER C 576 -89.06 -275.71 -252.71
CA SER C 576 -90.36 -275.79 -253.39
C SER C 576 -90.19 -275.80 -254.91
N VAL C 577 -91.13 -276.42 -255.62
CA VAL C 577 -91.17 -276.50 -257.10
C VAL C 577 -91.18 -275.10 -257.74
N SER C 578 -91.99 -274.18 -257.21
CA SER C 578 -92.07 -272.79 -257.69
C SER C 578 -90.77 -272.02 -257.44
N ALA C 579 -90.13 -272.24 -256.29
CA ALA C 579 -88.82 -271.66 -255.97
C ALA C 579 -87.74 -272.16 -256.94
N TRP C 580 -87.62 -273.48 -257.16
CA TRP C 580 -86.72 -274.03 -258.17
C TRP C 580 -87.00 -273.48 -259.57
N ASN C 581 -88.25 -273.51 -260.03
CA ASN C 581 -88.64 -273.01 -261.36
C ASN C 581 -88.27 -271.52 -261.55
N THR C 582 -88.17 -270.75 -260.48
CA THR C 582 -87.75 -269.34 -260.49
C THR C 582 -86.23 -269.17 -260.70
N ILE C 583 -85.40 -270.22 -260.49
CA ILE C 583 -83.93 -270.11 -260.40
C ILE C 583 -83.10 -271.09 -261.26
N LEU C 584 -83.71 -271.92 -262.12
CA LEU C 584 -82.99 -273.04 -262.77
C LEU C 584 -81.79 -272.64 -263.65
N GLY C 585 -81.78 -271.42 -264.19
CA GLY C 585 -80.88 -271.00 -265.28
C GLY C 585 -81.59 -270.92 -266.64
N THR C 586 -80.83 -270.74 -267.72
CA THR C 586 -81.33 -270.58 -269.09
C THR C 586 -81.78 -271.89 -269.77
N LEU C 587 -82.37 -272.83 -269.00
CA LEU C 587 -82.59 -274.21 -269.41
C LEU C 587 -84.06 -274.50 -269.70
N ALA C 588 -84.35 -274.98 -270.91
CA ALA C 588 -85.69 -275.34 -271.39
C ALA C 588 -85.97 -276.86 -271.25
N SER C 589 -87.20 -277.29 -271.57
CA SER C 589 -87.63 -278.69 -271.53
C SER C 589 -86.88 -279.65 -272.46
N THR C 590 -86.02 -279.16 -273.35
CA THR C 590 -85.08 -279.99 -274.15
C THR C 590 -83.84 -280.44 -273.36
N TYR C 591 -83.54 -279.79 -272.23
CA TYR C 591 -82.46 -280.16 -271.33
C TYR C 591 -82.91 -281.29 -270.37
N PRO C 592 -82.06 -282.26 -270.02
CA PRO C 592 -82.45 -283.44 -269.24
C PRO C 592 -82.59 -283.12 -267.74
N LEU C 593 -83.53 -282.25 -267.37
CA LEU C 593 -83.73 -281.73 -266.02
C LEU C 593 -85.23 -281.74 -265.63
N VAL C 594 -85.54 -282.17 -264.40
CA VAL C 594 -86.91 -282.33 -263.89
C VAL C 594 -87.05 -281.73 -262.49
N VAL C 595 -88.14 -281.00 -262.24
CA VAL C 595 -88.46 -280.35 -260.96
C VAL C 595 -89.57 -281.13 -260.24
N SER C 596 -89.39 -281.42 -258.95
CA SER C 596 -90.35 -282.19 -258.13
C SER C 596 -90.31 -281.79 -256.65
N SER C 597 -91.32 -282.16 -255.87
CA SER C 597 -91.36 -281.93 -254.41
C SER C 597 -90.31 -282.73 -253.63
N SER C 598 -89.70 -283.75 -254.23
CA SER C 598 -88.52 -284.44 -253.68
C SER C 598 -87.20 -283.72 -253.98
N GLY C 599 -87.24 -282.78 -254.93
CA GLY C 599 -86.10 -281.99 -255.39
C GLY C 599 -86.02 -281.89 -256.92
N ILE C 600 -85.07 -281.08 -257.40
CA ILE C 600 -84.63 -281.16 -258.80
C ILE C 600 -83.73 -282.39 -259.01
N ARG C 601 -83.79 -282.96 -260.21
CA ARG C 601 -83.02 -284.14 -260.62
C ARG C 601 -82.69 -284.13 -262.12
N PRO C 602 -81.56 -284.71 -262.54
CA PRO C 602 -81.37 -285.17 -263.91
C PRO C 602 -82.53 -286.06 -264.36
N ALA C 603 -83.02 -285.85 -265.58
CA ALA C 603 -84.05 -286.67 -266.20
C ALA C 603 -83.58 -288.10 -266.49
N GLN C 604 -84.49 -289.07 -266.55
CA GLN C 604 -84.18 -290.37 -267.15
C GLN C 604 -84.03 -290.19 -268.66
N THR C 605 -82.86 -290.49 -269.21
CA THR C 605 -82.54 -290.30 -270.64
C THR C 605 -82.38 -291.62 -271.40
N ALA C 606 -82.40 -292.77 -270.73
CA ALA C 606 -82.58 -294.07 -271.36
C ALA C 606 -83.46 -295.00 -270.52
N TRP C 607 -84.23 -295.87 -271.16
CA TRP C 607 -85.20 -296.75 -270.50
C TRP C 607 -84.72 -298.19 -270.29
N THR C 608 -83.76 -298.66 -271.11
CA THR C 608 -82.96 -299.90 -270.95
C THR C 608 -83.75 -301.08 -270.35
N THR C 609 -84.88 -301.41 -270.98
CA THR C 609 -85.86 -302.38 -270.47
C THR C 609 -85.37 -303.82 -270.53
N GLU C 610 -85.48 -304.54 -269.42
CA GLU C 610 -85.15 -305.97 -269.35
C GLU C 610 -86.18 -306.88 -270.03
N SER C 611 -85.71 -308.02 -270.53
CA SER C 611 -86.48 -308.93 -271.39
C SER C 611 -87.67 -309.58 -270.70
N ASP C 612 -87.71 -309.61 -269.35
CA ASP C 612 -88.87 -310.03 -268.56
C ASP C 612 -90.02 -309.00 -268.56
N ASN C 613 -89.72 -307.72 -268.78
CA ASN C 613 -90.68 -306.61 -268.69
C ASN C 613 -91.33 -306.23 -270.03
N LEU C 614 -90.88 -306.78 -271.15
CA LEU C 614 -91.45 -306.53 -272.49
C LEU C 614 -92.85 -307.14 -272.62
N ALA C 615 -93.69 -306.55 -273.48
CA ALA C 615 -94.94 -307.18 -273.90
C ALA C 615 -94.69 -308.12 -275.10
N GLN C 616 -95.16 -309.36 -275.00
CA GLN C 616 -94.90 -310.44 -275.96
C GLN C 616 -96.12 -310.68 -276.87
N SER C 617 -95.93 -310.67 -278.18
CA SER C 617 -96.92 -311.07 -279.19
C SER C 617 -96.61 -312.48 -279.73
N GLY C 618 -96.64 -312.69 -281.04
CA GLY C 618 -96.37 -313.99 -281.68
C GLY C 618 -94.92 -314.50 -281.66
N THR C 619 -93.97 -313.75 -281.10
CA THR C 619 -92.54 -314.15 -281.01
C THR C 619 -92.34 -315.50 -280.32
N ALA C 620 -91.28 -316.21 -280.70
CA ALA C 620 -90.80 -317.39 -279.99
C ALA C 620 -90.02 -316.98 -278.73
N LEU C 621 -89.99 -317.85 -277.72
CA LEU C 621 -89.16 -317.68 -276.53
C LEU C 621 -87.86 -318.50 -276.68
N VAL C 622 -86.71 -317.84 -276.61
CA VAL C 622 -85.39 -318.42 -276.92
C VAL C 622 -84.51 -318.46 -275.67
N THR C 623 -84.07 -319.67 -275.26
CA THR C 623 -83.16 -319.87 -274.12
C THR C 623 -81.68 -319.73 -274.49
N VAL C 624 -81.28 -320.23 -275.66
CA VAL C 624 -79.86 -320.29 -276.08
C VAL C 624 -79.37 -318.92 -276.58
N GLY C 625 -78.28 -318.42 -276.01
CA GLY C 625 -77.62 -317.18 -276.42
C GLY C 625 -76.93 -316.45 -275.26
N ASP C 626 -76.14 -315.43 -275.59
CA ASP C 626 -75.38 -314.61 -274.63
C ASP C 626 -76.24 -313.47 -274.02
N TYR C 627 -77.41 -313.85 -273.50
CA TYR C 627 -78.44 -312.94 -273.00
C TYR C 627 -78.21 -312.51 -271.54
N SER C 628 -78.88 -311.44 -271.11
CA SER C 628 -78.88 -310.99 -269.71
C SER C 628 -79.73 -311.90 -268.80
N ASN C 629 -81.04 -311.95 -269.03
CA ASN C 629 -82.01 -312.56 -268.11
C ASN C 629 -82.09 -314.11 -268.20
N GLY C 630 -81.41 -314.72 -269.18
CA GLY C 630 -81.47 -316.15 -269.48
C GLY C 630 -82.48 -316.55 -270.57
N GLU C 631 -83.30 -315.63 -271.08
CA GLU C 631 -84.21 -315.84 -272.22
C GLU C 631 -84.35 -314.54 -273.05
N ALA C 632 -84.66 -314.69 -274.35
CA ALA C 632 -84.80 -313.63 -275.34
C ALA C 632 -85.96 -313.92 -276.33
N GLU C 633 -86.33 -312.93 -277.16
CA GLU C 633 -87.45 -313.04 -278.10
C GLU C 633 -86.97 -313.36 -279.52
N GLY C 634 -87.54 -314.41 -280.14
CA GLY C 634 -87.28 -314.79 -281.53
C GLY C 634 -88.29 -314.20 -282.50
N LEU C 635 -87.83 -313.36 -283.43
CA LEU C 635 -88.58 -312.83 -284.58
C LEU C 635 -88.66 -313.86 -285.72
N ASP C 636 -89.14 -315.07 -285.43
CA ASP C 636 -89.07 -316.21 -286.37
C ASP C 636 -89.94 -316.05 -287.64
N SER C 637 -91.12 -315.44 -287.56
CA SER C 637 -92.13 -315.51 -288.63
C SER C 637 -92.80 -314.15 -288.95
N PRO C 638 -93.40 -313.99 -290.14
CA PRO C 638 -94.09 -312.75 -290.51
C PRO C 638 -95.19 -312.36 -289.52
N GLY C 639 -95.17 -311.11 -289.06
CA GLY C 639 -96.06 -310.57 -288.04
C GLY C 639 -95.59 -310.76 -286.60
N ASP C 640 -94.53 -311.54 -286.34
CA ASP C 640 -93.95 -311.66 -284.99
C ASP C 640 -93.44 -310.30 -284.50
N THR C 641 -93.83 -309.92 -283.29
CA THR C 641 -93.71 -308.54 -282.80
C THR C 641 -93.26 -308.46 -281.33
N LEU C 642 -92.36 -307.52 -281.00
CA LEU C 642 -92.06 -307.09 -279.63
C LEU C 642 -92.73 -305.75 -279.33
N GLU C 643 -93.29 -305.56 -278.14
CA GLU C 643 -93.98 -304.32 -277.75
C GLU C 643 -93.52 -303.77 -276.38
N LEU C 644 -93.52 -302.44 -276.22
CA LEU C 644 -93.10 -301.70 -275.01
C LEU C 644 -93.83 -300.35 -274.90
N SER C 645 -93.92 -299.73 -273.72
CA SER C 645 -94.43 -298.37 -273.54
C SER C 645 -93.69 -297.59 -272.44
N PHE C 646 -93.53 -296.28 -272.61
CA PHE C 646 -92.88 -295.37 -271.66
C PHE C 646 -93.31 -293.91 -271.91
N THR C 647 -92.86 -292.97 -271.07
CA THR C 647 -92.97 -291.53 -271.32
C THR C 647 -91.68 -290.81 -270.89
N PRO C 648 -91.11 -289.91 -271.71
CA PRO C 648 -90.09 -288.98 -271.25
C PRO C 648 -90.72 -287.79 -270.50
N GLU C 649 -90.11 -287.34 -269.42
CA GLU C 649 -90.57 -286.19 -268.63
C GLU C 649 -90.36 -284.85 -269.35
N HIS C 650 -89.67 -284.89 -270.49
CA HIS C 650 -88.93 -283.80 -271.13
C HIS C 650 -88.92 -283.99 -272.65
N ASP C 651 -88.62 -282.95 -273.43
CA ASP C 651 -88.48 -283.05 -274.89
C ASP C 651 -87.19 -283.81 -275.28
N ILE C 652 -87.29 -284.83 -276.15
CA ILE C 652 -86.09 -285.48 -276.73
C ILE C 652 -85.93 -284.99 -278.19
N PRO C 653 -84.78 -284.37 -278.56
CA PRO C 653 -84.55 -283.92 -279.93
C PRO C 653 -84.66 -285.03 -280.98
N GLY C 654 -85.19 -284.72 -282.16
CA GLY C 654 -85.10 -285.61 -283.33
C GLY C 654 -83.65 -285.86 -283.78
N GLU C 655 -82.73 -284.98 -283.40
CA GLU C 655 -81.27 -285.16 -283.52
C GLU C 655 -80.74 -286.31 -282.66
N GLU C 656 -81.42 -286.65 -281.55
CA GLU C 656 -80.88 -287.50 -280.48
C GLU C 656 -81.73 -288.73 -280.16
N PHE C 657 -83.02 -288.77 -280.51
CA PHE C 657 -83.84 -289.96 -280.26
C PHE C 657 -83.28 -291.18 -281.01
N ALA C 658 -83.07 -292.28 -280.28
CA ALA C 658 -82.50 -293.53 -280.78
C ALA C 658 -83.03 -294.73 -279.98
N LEU C 659 -82.78 -295.96 -280.44
CA LEU C 659 -83.45 -297.16 -279.90
C LEU C 659 -82.53 -298.38 -279.89
N TRP C 660 -81.38 -298.27 -279.21
CA TRP C 660 -80.33 -299.27 -279.22
C TRP C 660 -80.73 -300.54 -278.44
N CYS C 661 -80.75 -301.70 -279.10
CA CYS C 661 -81.20 -302.98 -278.53
C CYS C 661 -80.18 -304.10 -278.79
N ARG C 662 -80.01 -305.04 -277.85
CA ARG C 662 -79.15 -306.21 -278.05
C ARG C 662 -79.79 -307.19 -279.04
N ILE C 663 -79.11 -307.49 -280.17
CA ILE C 663 -79.63 -308.39 -281.22
C ILE C 663 -78.55 -309.37 -281.71
N GLU C 664 -78.95 -310.63 -281.94
CA GLU C 664 -78.24 -311.62 -282.78
C GLU C 664 -79.09 -311.97 -284.01
N THR C 665 -78.53 -312.01 -285.23
CA THR C 665 -79.32 -312.29 -286.44
C THR C 665 -79.68 -313.78 -286.63
N ASP C 666 -78.98 -314.68 -285.94
CA ASP C 666 -79.21 -316.13 -285.90
C ASP C 666 -78.70 -316.71 -284.56
N LEU C 667 -79.10 -317.94 -284.22
CA LEU C 667 -78.76 -318.64 -282.97
C LEU C 667 -77.30 -319.14 -282.92
N GLY C 668 -76.34 -318.21 -283.02
CA GLY C 668 -74.90 -318.46 -283.06
C GLY C 668 -74.35 -318.87 -284.43
N GLY C 669 -75.21 -319.20 -285.39
CA GLY C 669 -74.87 -319.44 -286.80
C GLY C 669 -74.94 -318.16 -287.66
N THR C 670 -75.31 -318.29 -288.93
CA THR C 670 -75.74 -317.18 -289.79
C THR C 670 -76.74 -317.68 -290.84
N ASP C 671 -77.83 -316.95 -291.04
CA ASP C 671 -78.83 -317.16 -292.10
C ASP C 671 -79.60 -315.84 -292.36
N PRO C 672 -80.25 -315.68 -293.53
CA PRO C 672 -81.17 -314.57 -293.77
C PRO C 672 -82.32 -314.50 -292.75
N GLY C 673 -82.68 -313.30 -292.32
CA GLY C 673 -83.82 -313.03 -291.43
C GLY C 673 -84.94 -312.26 -292.13
N PRO C 674 -85.99 -311.86 -291.39
CA PRO C 674 -86.99 -310.92 -291.89
C PRO C 674 -86.47 -309.47 -291.93
N GLU C 675 -87.03 -308.67 -292.85
CA GLU C 675 -87.03 -307.21 -292.75
C GLU C 675 -87.79 -306.77 -291.49
N ILE C 676 -87.24 -305.85 -290.70
CA ILE C 676 -87.89 -305.38 -289.47
C ILE C 676 -88.47 -303.99 -289.71
N THR C 677 -89.77 -303.82 -289.49
CA THR C 677 -90.41 -302.49 -289.40
C THR C 677 -90.62 -302.14 -287.95
N VAL C 678 -90.29 -300.90 -287.56
CA VAL C 678 -90.44 -300.41 -286.20
C VAL C 678 -91.35 -299.18 -286.20
N THR C 679 -92.24 -299.13 -285.23
CA THR C 679 -93.36 -298.18 -285.17
C THR C 679 -93.47 -297.56 -283.79
N LEU C 680 -93.76 -296.25 -283.77
CA LEU C 680 -93.86 -295.48 -282.54
C LEU C 680 -95.16 -294.66 -282.52
N ASP C 681 -96.07 -295.08 -281.65
CA ASP C 681 -97.21 -294.29 -281.21
C ASP C 681 -96.72 -293.16 -280.30
N ILE C 682 -96.52 -291.96 -280.85
CA ILE C 682 -96.34 -290.73 -280.07
C ILE C 682 -97.68 -290.00 -280.02
N ASP C 683 -98.41 -290.12 -278.90
CA ASP C 683 -99.76 -289.55 -278.73
C ASP C 683 -100.70 -289.73 -279.96
N GLY C 684 -100.67 -290.91 -280.59
CA GLY C 684 -101.50 -291.28 -281.75
C GLY C 684 -100.86 -291.16 -283.13
N ASP C 685 -99.63 -290.64 -283.26
CA ASP C 685 -99.01 -290.42 -284.59
C ASP C 685 -98.61 -291.71 -285.34
N THR C 686 -98.35 -292.81 -284.63
CA THR C 686 -98.05 -294.17 -285.17
C THR C 686 -97.11 -294.18 -286.39
N TYR C 687 -95.88 -293.67 -286.21
CA TYR C 687 -94.86 -293.61 -287.28
C TYR C 687 -94.39 -295.00 -287.74
N SER C 688 -93.69 -295.07 -288.88
CA SER C 688 -93.11 -296.31 -289.43
C SER C 688 -91.71 -296.08 -290.04
N TRP C 689 -90.75 -296.96 -289.73
CA TRP C 689 -89.37 -296.93 -290.25
C TRP C 689 -88.73 -298.34 -290.23
N VAL C 690 -87.63 -298.52 -290.96
CA VAL C 690 -87.00 -299.84 -291.19
C VAL C 690 -85.50 -299.77 -290.88
N PRO C 691 -85.05 -300.22 -289.69
CA PRO C 691 -83.63 -300.23 -289.34
C PRO C 691 -82.85 -301.40 -289.97
N ILE C 692 -83.50 -302.55 -290.20
CA ILE C 692 -82.86 -303.85 -290.49
C ILE C 692 -83.59 -304.54 -291.65
N GLY C 693 -82.82 -305.11 -292.58
CA GLY C 693 -83.31 -305.84 -293.76
C GLY C 693 -83.12 -307.35 -293.68
N THR C 694 -83.45 -308.07 -294.75
CA THR C 694 -83.40 -309.55 -294.77
C THR C 694 -81.99 -310.14 -294.73
N ASN C 695 -80.99 -309.41 -295.22
CA ASN C 695 -79.59 -309.87 -295.34
C ASN C 695 -78.57 -308.85 -294.78
N THR C 696 -79.02 -307.86 -294.01
CA THR C 696 -78.16 -306.81 -293.43
C THR C 696 -77.36 -307.36 -292.25
N ALA C 697 -76.03 -307.44 -292.40
CA ALA C 697 -75.16 -308.13 -291.45
C ALA C 697 -75.09 -307.43 -290.08
N LEU C 698 -75.50 -308.15 -289.03
CA LEU C 698 -75.48 -307.70 -287.63
C LEU C 698 -75.30 -308.88 -286.67
N GLY C 699 -74.74 -308.62 -285.49
CA GLY C 699 -74.57 -309.61 -284.41
C GLY C 699 -73.82 -309.06 -283.20
N LEU C 700 -74.00 -309.70 -282.04
CA LEU C 700 -73.31 -309.49 -280.77
C LEU C 700 -73.06 -308.01 -280.37
N ASN C 701 -74.04 -307.13 -280.57
CA ASN C 701 -73.92 -305.69 -280.27
C ASN C 701 -75.29 -305.04 -280.01
N TRP C 702 -75.26 -303.80 -279.53
CA TRP C 702 -76.43 -302.92 -279.42
C TRP C 702 -76.71 -302.27 -280.79
N TYR C 703 -77.82 -302.62 -281.43
CA TYR C 703 -78.24 -302.10 -282.74
C TYR C 703 -79.44 -301.18 -282.59
N ASP C 704 -79.35 -299.99 -283.20
CA ASP C 704 -80.39 -298.97 -283.15
C ASP C 704 -81.61 -299.33 -284.01
N LEU C 705 -82.77 -299.45 -283.39
CA LEU C 705 -84.05 -299.74 -284.04
C LEU C 705 -84.82 -298.50 -284.54
N ALA C 706 -84.24 -297.30 -284.52
CA ALA C 706 -84.92 -296.09 -285.00
C ALA C 706 -84.09 -295.16 -285.91
N ASN C 707 -83.00 -294.57 -285.43
CA ASN C 707 -82.38 -293.43 -286.13
C ASN C 707 -81.46 -293.89 -287.27
N ASN C 708 -80.61 -294.87 -287.02
CA ASN C 708 -79.78 -295.55 -288.02
C ASN C 708 -80.62 -296.53 -288.87
N THR C 709 -80.09 -296.92 -290.03
CA THR C 709 -80.54 -298.09 -290.79
C THR C 709 -79.39 -298.72 -291.56
N PHE C 710 -79.43 -300.04 -291.75
CA PHE C 710 -78.59 -300.74 -292.72
C PHE C 710 -79.09 -300.56 -294.18
N GLY C 711 -80.34 -300.13 -294.36
CA GLY C 711 -81.02 -299.95 -295.64
C GLY C 711 -82.50 -300.33 -295.53
N GLY C 712 -83.40 -299.44 -295.95
CA GLY C 712 -84.85 -299.64 -295.81
C GLY C 712 -85.69 -298.44 -296.28
N SER C 713 -87.01 -298.53 -296.07
CA SER C 713 -88.00 -297.55 -296.55
C SER C 713 -87.84 -296.14 -295.94
N SER C 714 -87.55 -296.04 -294.64
CA SER C 714 -87.28 -294.78 -293.93
C SER C 714 -86.45 -295.01 -292.66
N THR C 715 -85.72 -293.99 -292.20
CA THR C 715 -85.27 -293.85 -290.80
C THR C 715 -86.37 -293.23 -289.94
N TYR C 716 -86.12 -293.08 -288.63
CA TYR C 716 -86.85 -292.15 -287.77
C TYR C 716 -86.95 -290.74 -288.44
N PRO C 717 -88.12 -290.05 -288.37
CA PRO C 717 -88.37 -288.75 -289.01
C PRO C 717 -87.71 -287.56 -288.27
N ASP C 718 -87.95 -286.34 -288.76
CA ASP C 718 -87.35 -285.10 -288.22
C ASP C 718 -87.88 -284.66 -286.83
N THR C 719 -88.91 -285.31 -286.29
CA THR C 719 -89.67 -284.85 -285.11
C THR C 719 -88.91 -284.98 -283.77
N ASP C 720 -89.08 -284.01 -282.87
CA ASP C 720 -88.77 -284.21 -281.45
C ASP C 720 -89.85 -285.06 -280.75
N ILE C 721 -89.48 -285.88 -279.76
CA ILE C 721 -90.45 -286.52 -278.86
C ILE C 721 -90.95 -285.47 -277.84
N PRO C 722 -92.24 -285.14 -277.76
CA PRO C 722 -92.73 -284.09 -276.87
C PRO C 722 -92.60 -284.42 -275.37
N GLU C 723 -92.39 -283.39 -274.56
CA GLU C 723 -92.47 -283.40 -273.09
C GLU C 723 -93.76 -284.09 -272.60
N GLY C 724 -93.62 -285.16 -271.81
CA GLY C 724 -94.76 -285.86 -271.20
C GLY C 724 -95.60 -286.70 -272.17
N SER C 725 -95.18 -286.85 -273.43
CA SER C 725 -95.92 -287.63 -274.44
C SER C 725 -96.01 -289.12 -274.09
N THR C 726 -97.14 -289.74 -274.45
CA THR C 726 -97.32 -291.19 -274.36
C THR C 726 -96.53 -291.84 -275.48
N VAL C 727 -95.66 -292.81 -275.17
CA VAL C 727 -94.97 -293.63 -276.17
C VAL C 727 -95.49 -295.08 -276.12
N THR C 728 -95.94 -295.62 -277.25
CA THR C 728 -96.07 -297.09 -277.43
C THR C 728 -95.19 -297.53 -278.60
N LEU C 729 -94.31 -298.50 -278.36
CA LEU C 729 -93.32 -299.02 -279.31
C LEU C 729 -93.74 -300.42 -279.80
N SER C 730 -93.68 -300.63 -281.11
CA SER C 730 -93.86 -301.94 -281.74
C SER C 730 -92.72 -302.24 -282.73
N ILE C 731 -92.11 -303.43 -282.65
CA ILE C 731 -91.00 -303.90 -283.49
C ILE C 731 -91.44 -305.19 -284.19
N GLU C 732 -91.55 -305.22 -285.52
CA GLU C 732 -92.25 -306.27 -286.26
C GLU C 732 -91.43 -306.92 -287.38
N ALA C 733 -91.35 -308.25 -287.38
CA ALA C 733 -90.88 -309.04 -288.52
C ALA C 733 -91.87 -308.90 -289.70
N THR C 734 -91.50 -308.12 -290.69
CA THR C 734 -92.44 -307.62 -291.72
C THR C 734 -92.48 -308.51 -292.98
N SER C 735 -91.32 -308.88 -293.51
CA SER C 735 -91.23 -309.71 -294.72
C SER C 735 -91.45 -311.20 -294.43
N SER C 736 -91.38 -312.03 -295.47
CA SER C 736 -91.11 -313.46 -295.33
C SER C 736 -89.82 -313.73 -294.53
N SER C 737 -89.72 -314.95 -293.97
CA SER C 737 -88.61 -315.38 -293.10
C SER C 737 -88.26 -316.85 -293.39
N VAL C 738 -87.01 -317.23 -293.11
CA VAL C 738 -86.56 -318.65 -293.18
C VAL C 738 -87.25 -319.48 -292.08
N SER C 739 -87.57 -318.86 -290.94
CA SER C 739 -88.35 -319.43 -289.82
C SER C 739 -87.81 -320.75 -289.22
N GLY C 740 -86.53 -321.06 -289.41
CA GLY C 740 -85.79 -322.03 -288.60
C GLY C 740 -85.41 -321.40 -287.26
N GLN C 741 -84.66 -320.30 -287.32
CA GLN C 741 -84.56 -319.25 -286.30
C GLN C 741 -84.54 -317.88 -286.99
N GLY C 742 -85.28 -316.89 -286.48
CA GLY C 742 -85.19 -315.49 -286.89
C GLY C 742 -84.11 -314.73 -286.13
N HIS C 743 -84.15 -313.38 -286.19
CA HIS C 743 -83.34 -312.55 -285.29
C HIS C 743 -83.76 -312.79 -283.83
N ALA C 744 -82.80 -312.90 -282.91
CA ALA C 744 -83.04 -312.99 -281.49
C ALA C 744 -82.75 -311.65 -280.79
N VAL C 745 -83.71 -311.12 -280.05
CA VAL C 745 -83.68 -309.79 -279.41
C VAL C 745 -83.73 -309.90 -277.88
N ASP C 746 -82.77 -309.30 -277.19
CA ASP C 746 -82.65 -309.26 -275.72
C ASP C 746 -82.98 -307.85 -275.16
N VAL C 747 -82.10 -307.23 -274.36
CA VAL C 747 -82.35 -305.92 -273.70
C VAL C 747 -82.66 -304.83 -274.72
N MET C 748 -83.74 -304.07 -274.49
CA MET C 748 -84.28 -303.06 -275.41
C MET C 748 -84.16 -301.66 -274.80
N ALA C 749 -83.36 -300.76 -275.37
CA ALA C 749 -83.13 -299.42 -274.80
C ALA C 749 -83.53 -298.29 -275.76
N PRO C 750 -84.79 -297.84 -275.75
CA PRO C 750 -85.12 -296.47 -276.15
C PRO C 750 -84.26 -295.48 -275.37
N LEU C 751 -83.71 -294.46 -276.04
CA LEU C 751 -82.90 -293.43 -275.40
C LEU C 751 -82.93 -292.07 -276.12
N ASP C 752 -82.63 -291.05 -275.35
CA ASP C 752 -82.03 -289.80 -275.81
C ASP C 752 -80.51 -290.03 -275.92
N ALA C 753 -79.92 -289.95 -277.11
CA ALA C 753 -78.48 -290.11 -277.34
C ALA C 753 -77.62 -289.08 -276.59
N LEU C 754 -78.23 -287.99 -276.09
CA LEU C 754 -77.71 -287.10 -275.04
C LEU C 754 -76.41 -286.35 -275.41
N THR C 755 -75.88 -286.47 -276.62
CA THR C 755 -74.54 -285.98 -276.96
C THR C 755 -74.45 -284.44 -276.95
N ARG C 756 -75.56 -283.71 -277.01
CA ARG C 756 -75.59 -282.24 -276.89
C ARG C 756 -75.06 -281.71 -275.55
N VAL C 757 -75.09 -282.52 -274.48
CA VAL C 757 -74.49 -282.16 -273.18
C VAL C 757 -73.06 -282.69 -273.00
N THR C 758 -72.65 -283.71 -273.77
CA THR C 758 -71.29 -284.31 -273.70
C THR C 758 -70.29 -283.68 -274.67
N GLY C 759 -70.76 -283.13 -275.79
CA GLY C 759 -69.94 -282.60 -276.88
C GLY C 759 -69.29 -283.65 -277.80
N GLY C 760 -69.68 -284.92 -277.69
CA GLY C 760 -69.01 -286.05 -278.38
C GLY C 760 -69.56 -286.44 -279.76
N SER C 761 -70.68 -285.85 -280.19
CA SER C 761 -71.38 -286.12 -281.47
C SER C 761 -71.86 -287.58 -281.67
N ASP C 762 -71.97 -288.39 -280.62
CA ASP C 762 -72.46 -289.77 -280.67
C ASP C 762 -72.99 -290.28 -279.31
N ALA C 763 -73.88 -291.28 -279.30
CA ALA C 763 -74.41 -291.89 -278.09
C ALA C 763 -73.34 -292.58 -277.22
N THR C 764 -72.27 -293.14 -277.79
CA THR C 764 -71.18 -293.73 -276.99
C THR C 764 -70.36 -292.71 -276.19
N SER C 765 -70.53 -291.41 -276.45
CA SER C 765 -69.99 -290.35 -275.58
C SER C 765 -70.76 -290.23 -274.25
N ALA C 766 -72.01 -290.69 -274.20
CA ALA C 766 -72.98 -290.42 -273.13
C ALA C 766 -73.39 -291.66 -272.31
N TYR C 767 -73.12 -292.87 -272.81
CA TYR C 767 -73.50 -294.12 -272.16
C TYR C 767 -72.47 -295.25 -272.38
N THR C 768 -72.41 -296.20 -271.46
CA THR C 768 -71.72 -297.48 -271.64
C THR C 768 -72.46 -298.35 -272.66
N PHE C 769 -71.84 -298.66 -273.80
CA PHE C 769 -72.27 -299.76 -274.66
C PHE C 769 -71.16 -300.82 -274.68
N ASP C 770 -71.47 -302.01 -274.16
CA ASP C 770 -70.55 -303.13 -273.95
C ASP C 770 -71.35 -304.46 -273.90
N ASN C 771 -70.68 -305.60 -274.04
CA ASN C 771 -71.30 -306.93 -274.10
C ASN C 771 -70.59 -308.01 -273.26
N ASN C 772 -69.67 -307.64 -272.36
CA ASN C 772 -69.22 -308.59 -271.33
C ASN C 772 -70.42 -309.01 -270.44
N ASN C 773 -70.47 -310.29 -270.05
CA ASN C 773 -71.67 -310.91 -269.46
C ASN C 773 -71.31 -311.97 -268.41
N GLY C 774 -72.27 -312.34 -267.56
CA GLY C 774 -72.07 -313.33 -266.50
C GLY C 774 -71.88 -314.79 -266.94
N GLY C 775 -72.01 -315.10 -268.24
CA GLY C 775 -71.68 -316.43 -268.79
C GLY C 775 -72.71 -317.54 -268.53
N SER C 776 -73.79 -317.23 -267.83
CA SER C 776 -74.96 -318.09 -267.54
C SER C 776 -76.16 -317.20 -267.19
N GLY C 777 -76.41 -316.19 -268.03
CA GLY C 777 -77.16 -314.99 -267.63
C GLY C 777 -76.43 -314.18 -266.57
N GLY C 778 -77.17 -313.32 -265.86
CA GLY C 778 -76.66 -312.44 -264.80
C GLY C 778 -76.44 -311.01 -265.31
N TYR C 779 -77.02 -310.04 -264.62
CA TYR C 779 -77.20 -308.68 -265.11
C TYR C 779 -75.88 -307.91 -265.33
N LEU C 780 -75.84 -307.09 -266.39
CA LEU C 780 -74.60 -306.73 -267.09
C LEU C 780 -74.47 -305.24 -267.43
N ASP C 781 -73.27 -304.87 -267.91
CA ASP C 781 -72.98 -303.53 -268.42
C ASP C 781 -73.85 -303.16 -269.64
N GLY C 782 -74.34 -301.93 -269.69
CA GLY C 782 -75.23 -301.43 -270.73
C GLY C 782 -75.62 -299.97 -270.46
N PRO C 783 -76.42 -299.34 -271.33
CA PRO C 783 -76.64 -297.90 -271.27
C PRO C 783 -77.34 -297.48 -269.99
N GLU C 784 -76.69 -296.61 -269.23
CA GLU C 784 -77.17 -296.03 -267.98
C GLU C 784 -78.52 -295.32 -268.17
N LEU C 785 -79.39 -295.34 -267.16
CA LEU C 785 -80.71 -294.70 -267.28
C LEU C 785 -80.64 -293.16 -267.29
N TYR C 786 -79.54 -292.58 -266.79
CA TYR C 786 -79.40 -291.16 -266.48
C TYR C 786 -78.12 -290.55 -267.09
N PRO C 787 -78.10 -289.23 -267.36
CA PRO C 787 -76.88 -288.49 -267.70
C PRO C 787 -75.76 -288.65 -266.66
N ASP C 788 -74.51 -288.54 -267.09
CA ASP C 788 -73.37 -288.47 -266.16
C ASP C 788 -73.48 -287.25 -265.23
N GLN C 789 -73.53 -286.03 -265.75
CA GLN C 789 -73.66 -284.83 -264.91
C GLN C 789 -74.42 -283.69 -265.60
N LEU C 790 -75.18 -282.95 -264.81
CA LEU C 790 -75.66 -281.61 -265.12
C LEU C 790 -74.94 -280.64 -264.18
N ILE C 791 -74.32 -279.59 -264.72
CA ILE C 791 -73.78 -278.49 -263.91
C ILE C 791 -74.72 -277.29 -264.05
N LEU C 792 -75.31 -276.83 -262.93
CA LEU C 792 -76.31 -275.77 -262.90
C LEU C 792 -75.75 -274.51 -262.22
N SER C 793 -75.97 -273.35 -262.82
CA SER C 793 -75.69 -272.03 -262.24
C SER C 793 -77.01 -271.27 -262.07
N LEU C 794 -77.40 -270.99 -260.84
CA LEU C 794 -78.82 -270.79 -260.48
C LEU C 794 -79.26 -269.31 -260.43
N GLU C 795 -79.28 -268.63 -261.59
CA GLU C 795 -79.85 -267.27 -261.76
C GLU C 795 -79.36 -266.28 -260.68
N THR C 796 -78.04 -266.22 -260.49
CA THR C 796 -77.43 -265.87 -259.19
C THR C 796 -77.84 -264.52 -258.58
N ALA C 797 -77.92 -264.50 -257.25
CA ALA C 797 -78.40 -263.37 -256.44
C ALA C 797 -77.27 -262.39 -256.09
N THR C 798 -77.43 -261.13 -256.48
CA THR C 798 -76.56 -260.02 -256.06
C THR C 798 -76.96 -259.54 -254.65
N THR C 799 -76.07 -258.86 -253.92
CA THR C 799 -76.32 -258.38 -252.55
C THR C 799 -75.80 -256.95 -252.35
N ARG C 800 -76.15 -256.28 -251.24
CA ARG C 800 -76.04 -254.82 -251.10
C ARG C 800 -74.62 -254.29 -250.96
N ARG C 801 -73.67 -255.11 -250.48
CA ARG C 801 -72.23 -254.78 -250.36
C ARG C 801 -71.36 -255.99 -250.69
N ASN C 802 -70.08 -255.76 -250.96
CA ASN C 802 -69.14 -256.82 -251.32
C ASN C 802 -68.98 -257.90 -250.23
N VAL C 803 -68.85 -259.16 -250.65
CA VAL C 803 -68.88 -260.34 -249.79
C VAL C 803 -67.48 -260.95 -249.66
N SER C 804 -67.00 -261.11 -248.43
CA SER C 804 -65.74 -261.80 -248.15
C SER C 804 -65.89 -263.32 -248.04
N GLU C 805 -67.02 -263.83 -247.55
CA GLU C 805 -67.24 -265.26 -247.35
C GLU C 805 -68.72 -265.67 -247.38
N ALA C 806 -68.98 -266.94 -247.66
CA ALA C 806 -70.30 -267.51 -247.87
C ALA C 806 -70.45 -268.90 -247.24
N ARG C 807 -71.68 -269.40 -247.14
CA ARG C 807 -72.04 -270.70 -246.56
C ARG C 807 -73.18 -271.34 -247.35
N PHE C 808 -73.25 -272.67 -247.37
CA PHE C 808 -74.30 -273.42 -248.08
C PHE C 808 -74.80 -274.65 -247.31
N THR C 809 -76.03 -275.10 -247.61
CA THR C 809 -76.64 -276.34 -247.13
C THR C 809 -77.39 -277.04 -248.27
N LEU C 810 -77.43 -278.37 -248.27
CA LEU C 810 -78.05 -279.22 -249.31
C LEU C 810 -78.85 -280.38 -248.72
N THR C 811 -79.75 -280.97 -249.51
CA THR C 811 -80.33 -282.30 -249.22
C THR C 811 -79.28 -283.40 -249.39
N ALA C 812 -78.58 -283.41 -250.54
CA ALA C 812 -77.51 -284.34 -250.90
C ALA C 812 -77.83 -285.83 -250.60
N ASN C 813 -78.84 -286.39 -251.29
CA ASN C 813 -79.41 -287.70 -250.95
C ASN C 813 -78.45 -288.89 -251.08
N ASP C 814 -77.47 -288.83 -252.00
CA ASP C 814 -76.31 -289.74 -252.02
C ASP C 814 -75.07 -289.02 -252.61
N THR C 815 -74.08 -288.75 -251.77
CA THR C 815 -72.86 -287.97 -252.08
C THR C 815 -71.81 -288.79 -252.86
N SER C 816 -72.14 -289.12 -254.12
CA SER C 816 -71.20 -289.79 -255.04
C SER C 816 -69.93 -288.96 -255.28
N GLY C 817 -68.84 -289.61 -255.68
CA GLY C 817 -67.52 -288.96 -255.82
C GLY C 817 -67.46 -287.78 -256.80
N ASN C 818 -68.40 -287.68 -257.75
CA ASN C 818 -68.52 -286.56 -258.70
C ASN C 818 -69.64 -285.55 -258.36
N PHE C 819 -70.34 -285.72 -257.23
CA PHE C 819 -71.19 -284.67 -256.67
C PHE C 819 -70.34 -283.55 -256.08
N TYR C 820 -70.62 -282.28 -256.40
CA TYR C 820 -69.94 -281.14 -255.78
C TYR C 820 -70.70 -279.81 -255.97
N VAL C 821 -70.31 -278.80 -255.19
CA VAL C 821 -70.68 -277.40 -255.37
C VAL C 821 -69.42 -276.52 -255.47
N GLU C 822 -69.54 -275.40 -256.17
CA GLU C 822 -68.46 -274.41 -256.35
C GLU C 822 -68.99 -272.99 -256.17
N LEU C 823 -68.30 -272.14 -255.40
CA LEU C 823 -68.76 -270.78 -255.08
C LEU C 823 -67.75 -269.72 -255.56
N ALA C 824 -68.24 -268.55 -255.99
CA ALA C 824 -67.41 -267.48 -256.55
C ALA C 824 -67.94 -266.06 -256.23
N ASN C 825 -67.04 -265.07 -256.28
CA ASN C 825 -67.39 -263.66 -256.43
C ASN C 825 -67.38 -263.29 -257.92
N ASP C 826 -68.54 -262.85 -258.43
CA ASP C 826 -68.81 -262.43 -259.81
C ASP C 826 -68.30 -263.39 -260.91
N GLY C 827 -68.29 -264.70 -260.61
CA GLY C 827 -67.78 -265.74 -261.51
C GLY C 827 -66.25 -265.76 -261.70
N SER C 828 -65.50 -264.97 -260.91
CA SER C 828 -64.05 -264.79 -261.07
C SER C 828 -63.24 -266.08 -260.87
N THR C 829 -63.57 -266.87 -259.84
CA THR C 829 -62.97 -268.19 -259.58
C THR C 829 -63.94 -269.04 -258.75
N PHE C 830 -64.39 -270.16 -259.30
CA PHE C 830 -65.30 -271.09 -258.64
C PHE C 830 -64.55 -272.04 -257.72
N ASN C 831 -64.53 -271.73 -256.44
CA ASN C 831 -63.90 -272.54 -255.41
C ASN C 831 -64.75 -273.79 -255.12
N ARG C 832 -64.31 -274.96 -255.60
CA ARG C 832 -65.01 -276.24 -255.40
C ARG C 832 -64.84 -276.76 -253.98
N VAL C 833 -65.95 -277.16 -253.35
CA VAL C 833 -65.99 -277.64 -251.95
C VAL C 833 -66.13 -279.17 -251.84
N ASN C 834 -65.84 -279.89 -252.94
CA ASN C 834 -65.98 -281.34 -253.08
C ASN C 834 -67.39 -281.85 -252.68
N ASN C 835 -67.49 -283.08 -252.19
CA ASN C 835 -68.76 -283.82 -252.03
C ASN C 835 -69.62 -283.37 -250.82
N ALA C 836 -69.29 -282.27 -250.14
CA ALA C 836 -69.88 -281.88 -248.85
C ALA C 836 -71.39 -281.59 -248.91
N THR C 837 -72.12 -281.96 -247.86
CA THR C 837 -73.57 -281.68 -247.69
C THR C 837 -73.85 -280.26 -247.17
N SER C 838 -72.87 -279.63 -246.53
CA SER C 838 -72.88 -278.22 -246.12
C SER C 838 -71.45 -277.74 -245.87
N GLY C 839 -71.22 -276.43 -245.87
CA GLY C 839 -69.88 -275.88 -245.63
C GLY C 839 -69.79 -274.37 -245.81
N SER C 840 -68.57 -273.84 -245.63
CA SER C 840 -68.22 -272.42 -245.72
C SER C 840 -67.09 -272.19 -246.72
N VAL C 841 -67.13 -271.07 -247.44
CA VAL C 841 -66.15 -270.69 -248.47
C VAL C 841 -65.69 -269.25 -248.25
N THR C 842 -64.39 -268.99 -248.41
CA THR C 842 -63.81 -267.65 -248.31
C THR C 842 -63.21 -267.24 -249.66
N PHE C 843 -63.30 -265.97 -250.01
CA PHE C 843 -62.87 -265.45 -251.31
C PHE C 843 -61.58 -264.63 -251.21
N ALA C 844 -60.70 -264.74 -252.21
CA ALA C 844 -59.43 -264.01 -252.25
C ALA C 844 -59.60 -262.49 -252.41
N SER C 845 -60.73 -262.04 -252.96
CA SER C 845 -61.08 -260.63 -253.11
C SER C 845 -62.60 -260.44 -252.99
N PRO C 846 -63.09 -259.60 -252.06
CA PRO C 846 -64.50 -259.27 -251.96
C PRO C 846 -65.09 -258.65 -253.24
N ASP C 847 -66.32 -259.01 -253.62
CA ASP C 847 -67.08 -258.34 -254.68
C ASP C 847 -68.59 -258.42 -254.42
N THR C 848 -69.38 -257.55 -255.06
CA THR C 848 -70.80 -257.28 -254.74
C THR C 848 -71.76 -258.36 -255.25
N ASN C 849 -71.33 -259.17 -256.21
CA ASN C 849 -72.16 -260.21 -256.83
C ASN C 849 -71.63 -261.60 -256.46
N VAL C 850 -72.48 -262.48 -255.93
CA VAL C 850 -72.14 -263.90 -255.70
C VAL C 850 -72.46 -264.71 -256.95
N ASP C 851 -71.74 -265.80 -257.20
CA ASP C 851 -72.12 -266.84 -258.17
C ASP C 851 -71.80 -268.25 -257.64
N THR C 852 -72.50 -269.27 -258.12
CA THR C 852 -72.41 -270.63 -257.58
C THR C 852 -72.81 -271.69 -258.62
N ASN C 853 -72.08 -272.79 -258.65
CA ASN C 853 -72.34 -273.96 -259.49
C ASN C 853 -72.67 -275.19 -258.61
N ILE C 854 -73.54 -276.06 -259.08
CA ILE C 854 -73.80 -277.38 -258.49
C ILE C 854 -73.74 -278.48 -259.56
N SER C 855 -73.04 -279.57 -259.25
CA SER C 855 -72.99 -280.79 -260.07
C SER C 855 -74.03 -281.80 -259.56
N LEU C 856 -75.04 -282.09 -260.37
CA LEU C 856 -76.03 -283.15 -260.13
C LEU C 856 -75.76 -284.34 -261.06
N ASN C 857 -75.64 -285.54 -260.52
CA ASN C 857 -74.87 -286.63 -261.12
C ASN C 857 -75.56 -287.99 -260.98
N ARG C 858 -75.26 -288.89 -261.93
CA ARG C 858 -75.56 -290.33 -261.89
C ARG C 858 -75.05 -290.97 -260.59
N TYR C 859 -75.79 -291.90 -259.99
CA TYR C 859 -75.24 -292.70 -258.88
C TYR C 859 -75.74 -294.15 -258.85
N GLY C 860 -74.92 -295.00 -258.25
CA GLY C 860 -75.22 -296.39 -257.93
C GLY C 860 -74.86 -297.41 -259.00
N SER C 861 -74.58 -298.63 -258.53
CA SER C 861 -74.35 -299.85 -259.32
C SER C 861 -75.00 -301.05 -258.61
N ARG C 862 -75.55 -302.01 -259.35
CA ARG C 862 -76.35 -303.12 -258.79
C ARG C 862 -76.13 -304.46 -259.48
N SER C 863 -76.22 -305.54 -258.71
CA SER C 863 -76.04 -306.92 -259.20
C SER C 863 -77.32 -307.57 -259.73
N THR C 864 -78.51 -307.01 -259.43
CA THR C 864 -79.80 -307.71 -259.49
C THR C 864 -80.73 -307.29 -260.64
N ALA C 865 -80.36 -306.27 -261.44
CA ALA C 865 -81.08 -305.87 -262.66
C ALA C 865 -80.22 -304.97 -263.57
N THR C 866 -80.35 -305.12 -264.88
CA THR C 866 -79.69 -304.25 -265.89
C THR C 866 -80.27 -302.82 -265.85
N PRO C 867 -79.50 -301.77 -266.18
CA PRO C 867 -78.05 -301.76 -266.36
C PRO C 867 -77.31 -301.94 -265.02
N GLN C 868 -76.16 -302.62 -265.04
CA GLN C 868 -75.29 -302.79 -263.87
C GLN C 868 -74.73 -301.44 -263.34
N THR C 869 -74.70 -300.39 -264.17
CA THR C 869 -74.29 -299.02 -263.83
C THR C 869 -75.44 -298.02 -264.01
N GLY C 870 -75.48 -296.98 -263.16
CA GLY C 870 -76.29 -295.78 -263.39
C GLY C 870 -77.80 -295.98 -263.36
N PHE C 871 -78.30 -296.70 -262.35
CA PHE C 871 -79.74 -296.90 -262.15
C PHE C 871 -80.45 -295.77 -261.37
N ASN C 872 -79.73 -294.71 -260.98
CA ASN C 872 -80.25 -293.55 -260.24
C ASN C 872 -79.59 -292.23 -260.69
N ALA C 873 -80.22 -291.10 -260.36
CA ALA C 873 -79.58 -289.79 -260.29
C ALA C 873 -80.10 -289.00 -259.07
N GLN C 874 -79.27 -288.10 -258.54
CA GLN C 874 -79.51 -287.36 -257.30
C GLN C 874 -80.78 -286.49 -257.35
N GLU C 875 -81.43 -286.34 -256.19
CA GLU C 875 -82.54 -285.41 -255.95
C GLU C 875 -82.18 -284.45 -254.81
N ILE C 876 -82.27 -283.14 -255.05
CA ILE C 876 -81.96 -282.10 -254.05
C ILE C 876 -83.05 -281.04 -254.00
N ASP C 877 -83.47 -280.65 -252.79
CA ASP C 877 -84.56 -279.68 -252.58
C ASP C 877 -84.22 -278.60 -251.55
N ASN C 878 -83.60 -278.97 -250.42
CA ASN C 878 -83.25 -278.09 -249.31
C ASN C 878 -82.03 -277.18 -249.59
N TRP C 879 -81.89 -276.67 -250.81
CA TRP C 879 -80.83 -275.72 -251.15
C TRP C 879 -81.02 -274.41 -250.38
N GLU C 880 -79.92 -273.92 -249.83
CA GLU C 880 -79.86 -272.76 -248.94
C GLU C 880 -78.45 -272.18 -248.97
N LEU C 881 -78.30 -270.90 -249.33
CA LEU C 881 -77.01 -270.21 -249.41
C LEU C 881 -77.01 -268.84 -248.72
N TYR C 882 -75.96 -268.58 -247.96
CA TYR C 882 -75.75 -267.39 -247.14
C TYR C 882 -74.49 -266.64 -247.56
N ALA C 883 -74.51 -265.32 -247.38
CA ALA C 883 -73.34 -264.46 -247.48
C ALA C 883 -73.14 -263.70 -246.16
N ASP C 884 -71.90 -263.63 -245.67
CA ASP C 884 -71.62 -262.84 -244.47
C ASP C 884 -71.68 -261.34 -244.76
N ILE C 885 -72.07 -260.55 -243.76
CA ILE C 885 -72.19 -259.09 -243.85
C ILE C 885 -71.77 -258.44 -242.53
N ASP C 886 -70.98 -257.38 -242.58
CA ASP C 886 -70.60 -256.58 -241.41
C ASP C 886 -71.70 -255.57 -241.05
N ALA C 887 -72.72 -256.01 -240.34
CA ALA C 887 -73.83 -255.17 -239.88
C ALA C 887 -73.51 -254.38 -238.60
N VAL C 888 -72.40 -254.66 -237.93
CA VAL C 888 -71.96 -254.00 -236.70
C VAL C 888 -70.66 -253.27 -236.96
N LEU C 889 -70.66 -251.94 -236.85
CA LEU C 889 -69.61 -251.09 -237.42
C LEU C 889 -69.18 -249.96 -236.47
N PRO C 890 -67.93 -249.48 -236.55
CA PRO C 890 -67.51 -248.25 -235.87
C PRO C 890 -68.39 -247.06 -236.26
N ASP C 891 -68.62 -246.13 -235.34
CA ASP C 891 -69.45 -244.94 -235.59
C ASP C 891 -68.85 -243.65 -235.00
N ASP C 892 -68.12 -243.77 -233.89
CA ASP C 892 -67.42 -242.68 -233.22
C ASP C 892 -66.39 -243.28 -232.26
N ILE C 893 -65.63 -242.47 -231.54
CA ILE C 893 -64.73 -242.92 -230.48
C ILE C 893 -65.55 -243.65 -229.41
N GLY C 894 -65.28 -244.93 -229.20
CA GLY C 894 -66.05 -245.74 -228.26
C GLY C 894 -67.50 -245.99 -228.66
N VAL C 895 -67.94 -245.72 -229.90
CA VAL C 895 -69.32 -245.96 -230.33
C VAL C 895 -69.38 -246.95 -231.48
N THR C 896 -70.21 -247.97 -231.33
CA THR C 896 -70.58 -248.92 -232.38
C THR C 896 -72.00 -248.63 -232.86
N LEU C 897 -72.27 -248.73 -234.16
CA LEU C 897 -73.62 -248.75 -234.70
C LEU C 897 -73.95 -250.13 -235.26
N SER C 898 -75.05 -250.72 -234.82
CA SER C 898 -75.56 -252.00 -235.31
C SER C 898 -76.78 -251.77 -236.19
N ARG C 899 -76.74 -252.29 -237.43
CA ARG C 899 -77.73 -252.03 -238.49
C ARG C 899 -78.34 -253.32 -239.00
N ALA C 900 -79.21 -253.92 -238.19
CA ALA C 900 -79.98 -255.10 -238.58
C ALA C 900 -81.10 -254.74 -239.56
N ILE C 901 -81.51 -255.69 -240.40
CA ILE C 901 -82.70 -255.56 -241.25
C ILE C 901 -83.64 -256.75 -241.08
N ILE C 902 -84.93 -256.47 -241.02
CA ILE C 902 -86.03 -257.43 -241.04
C ILE C 902 -86.60 -257.35 -242.45
N PRO C 903 -86.54 -258.42 -243.27
CA PRO C 903 -87.08 -258.41 -244.62
C PRO C 903 -88.56 -258.04 -244.63
N PRO C 904 -89.06 -257.36 -245.67
CA PRO C 904 -90.48 -257.07 -245.78
C PRO C 904 -91.30 -258.36 -245.85
N ASN C 905 -92.49 -258.35 -245.24
CA ASN C 905 -93.38 -259.50 -245.12
C ASN C 905 -92.77 -260.70 -244.35
N THR C 906 -91.93 -260.45 -243.34
CA THR C 906 -91.42 -261.49 -242.44
C THR C 906 -92.52 -262.02 -241.52
N SER C 907 -92.79 -263.33 -241.56
CA SER C 907 -94.06 -263.93 -241.10
C SER C 907 -94.54 -263.54 -239.71
N GLY C 908 -93.68 -263.52 -238.69
CA GLY C 908 -94.09 -263.24 -237.31
C GLY C 908 -94.52 -261.79 -237.04
N ILE C 909 -94.20 -260.85 -237.94
CA ILE C 909 -94.24 -259.40 -237.66
C ILE C 909 -94.94 -258.59 -238.77
N VAL C 910 -95.51 -259.25 -239.80
CA VAL C 910 -96.06 -258.62 -241.02
C VAL C 910 -97.15 -257.57 -240.82
N GLY C 911 -97.86 -257.60 -239.69
CA GLY C 911 -99.06 -256.80 -239.45
C GLY C 911 -99.26 -256.50 -237.97
N GLN C 912 -98.17 -256.34 -237.23
CA GLN C 912 -98.15 -256.25 -235.78
C GLN C 912 -97.68 -254.87 -235.31
N THR C 913 -98.16 -254.41 -234.16
CA THR C 913 -97.62 -253.21 -233.55
C THR C 913 -96.33 -253.55 -232.82
N VAL C 914 -95.20 -253.08 -233.35
CA VAL C 914 -93.89 -253.21 -232.74
C VAL C 914 -93.76 -252.18 -231.62
N ARG C 915 -93.10 -252.54 -230.53
CA ARG C 915 -93.08 -251.73 -229.30
C ARG C 915 -91.79 -251.81 -228.48
N GLU C 916 -90.97 -252.82 -228.69
CA GLU C 916 -89.66 -252.96 -228.04
C GLU C 916 -88.63 -253.53 -229.01
N ALA C 917 -87.35 -253.35 -228.73
CA ALA C 917 -86.25 -253.92 -229.51
C ALA C 917 -85.04 -254.19 -228.63
N GLY C 918 -84.13 -255.06 -229.05
CA GLY C 918 -82.92 -255.35 -228.30
C GLY C 918 -81.83 -256.06 -229.08
N LEU C 919 -80.58 -255.69 -228.81
CA LEU C 919 -79.40 -256.33 -229.35
C LEU C 919 -79.18 -257.68 -228.69
N LYS C 920 -78.79 -258.72 -229.42
CA LYS C 920 -78.69 -260.09 -228.87
C LYS C 920 -77.40 -260.80 -229.26
N SER C 921 -77.10 -261.83 -228.49
CA SER C 921 -76.05 -262.79 -228.77
C SER C 921 -76.64 -264.19 -228.66
N GLY C 922 -77.03 -264.77 -229.79
CA GLY C 922 -77.88 -265.95 -229.80
C GLY C 922 -79.19 -265.68 -229.09
N SER C 923 -79.55 -266.52 -228.11
CA SER C 923 -80.72 -266.32 -227.25
C SER C 923 -80.55 -265.20 -226.22
N THR C 924 -79.33 -264.81 -225.85
CA THR C 924 -79.11 -263.84 -224.75
C THR C 924 -79.33 -262.41 -225.18
N LEU C 925 -79.89 -261.58 -224.31
CA LEU C 925 -80.25 -260.20 -224.59
C LEU C 925 -79.20 -259.24 -224.02
N LEU C 926 -78.56 -258.44 -224.86
CA LEU C 926 -77.48 -257.54 -224.46
C LEU C 926 -77.98 -256.12 -224.16
N THR C 927 -78.97 -255.65 -224.89
CA THR C 927 -79.62 -254.35 -224.65
C THR C 927 -81.12 -254.50 -224.81
N ARG C 928 -81.90 -253.57 -224.28
CA ARG C 928 -83.34 -253.49 -224.54
C ARG C 928 -83.77 -252.03 -224.62
N HIS C 929 -84.77 -251.75 -225.42
CA HIS C 929 -85.30 -250.41 -225.68
C HIS C 929 -86.79 -250.46 -225.82
N ILE C 930 -87.47 -249.39 -225.41
CA ILE C 930 -88.89 -249.19 -225.67
C ILE C 930 -89.03 -248.21 -226.82
N LEU C 931 -89.90 -248.53 -227.77
CA LEU C 931 -90.11 -247.75 -228.98
C LEU C 931 -91.45 -247.04 -228.91
N ALA C 932 -91.61 -245.95 -229.64
CA ALA C 932 -92.94 -245.44 -229.93
C ALA C 932 -93.71 -246.49 -230.76
N GLU C 933 -95.00 -246.69 -230.51
CA GLU C 933 -95.78 -247.69 -231.24
C GLU C 933 -95.77 -247.44 -232.75
N PHE C 934 -95.49 -248.47 -233.54
CA PHE C 934 -95.80 -248.46 -234.97
C PHE C 934 -96.33 -249.80 -235.43
N LEU C 935 -97.36 -249.79 -236.27
CA LEU C 935 -97.77 -250.94 -237.04
C LEU C 935 -96.73 -251.19 -238.12
N LEU C 936 -96.02 -252.32 -238.10
CA LEU C 936 -95.32 -252.77 -239.30
C LEU C 936 -96.34 -253.38 -240.26
N ASP C 937 -96.24 -253.06 -241.54
CA ASP C 937 -97.32 -253.27 -242.51
C ASP C 937 -96.80 -253.91 -243.81
N THR C 938 -97.68 -254.37 -244.68
CA THR C 938 -97.29 -255.13 -245.88
C THR C 938 -96.28 -254.37 -246.74
N ASP C 939 -95.29 -255.09 -247.25
CA ASP C 939 -94.17 -254.59 -248.06
C ASP C 939 -93.23 -253.58 -247.39
N GLN C 940 -93.47 -253.16 -246.15
CA GLN C 940 -92.53 -252.28 -245.45
C GLN C 940 -91.33 -253.05 -244.93
N ARG C 941 -90.12 -252.52 -245.14
CA ARG C 941 -88.88 -253.08 -244.58
C ARG C 941 -88.54 -252.37 -243.28
N LEU C 942 -88.23 -253.12 -242.23
CA LEU C 942 -87.85 -252.56 -240.91
C LEU C 942 -86.35 -252.75 -240.69
N ALA C 943 -85.65 -251.73 -240.19
CA ALA C 943 -84.23 -251.79 -239.87
C ALA C 943 -83.94 -251.19 -238.50
N SER C 944 -82.77 -251.43 -237.95
CA SER C 944 -82.32 -250.83 -236.69
C SER C 944 -81.13 -249.91 -236.90
N SER C 945 -80.94 -248.99 -235.96
CA SER C 945 -79.83 -248.06 -235.88
C SER C 945 -79.41 -248.00 -234.41
N GLU C 946 -78.98 -249.15 -233.90
CA GLU C 946 -78.66 -249.37 -232.50
C GLU C 946 -77.25 -248.85 -232.18
N SER C 947 -77.17 -247.69 -231.55
CA SER C 947 -75.92 -247.12 -231.06
C SER C 947 -75.54 -247.75 -229.72
N THR C 948 -74.32 -248.27 -229.59
CA THR C 948 -73.76 -248.73 -228.30
C THR C 948 -72.53 -247.90 -227.98
N ARG C 949 -72.51 -247.17 -226.86
CA ARG C 949 -71.34 -246.40 -226.40
C ARG C 949 -70.59 -247.13 -225.29
N PHE C 950 -69.28 -246.99 -225.26
CA PHE C 950 -68.42 -247.37 -224.14
C PHE C 950 -67.76 -246.12 -223.60
N THR C 951 -67.86 -245.87 -222.30
CA THR C 951 -67.54 -244.57 -221.68
C THR C 951 -66.94 -244.75 -220.29
N SER C 952 -66.24 -243.76 -219.78
CA SER C 952 -65.89 -243.66 -218.35
C SER C 952 -67.00 -242.99 -217.56
N ASP C 953 -67.00 -243.18 -216.24
CA ASP C 953 -67.84 -242.41 -215.32
C ASP C 953 -67.36 -240.96 -215.20
N ASN C 954 -66.04 -240.75 -215.14
CA ASN C 954 -65.37 -239.45 -215.25
C ASN C 954 -63.97 -239.63 -215.86
N VAL D 2 43.58 110.94 112.73
CA VAL D 2 43.30 112.33 113.19
C VAL D 2 41.83 112.65 112.94
N ALA D 3 41.38 112.57 111.68
CA ALA D 3 39.98 112.80 111.32
C ALA D 3 39.16 111.53 111.55
N ILE D 4 38.92 111.18 112.82
CA ILE D 4 38.48 109.87 113.29
C ILE D 4 37.30 109.32 112.48
N ARG D 5 36.35 110.19 112.10
CA ARG D 5 35.13 109.80 111.42
C ARG D 5 35.39 109.38 109.98
N SER D 6 35.92 110.30 109.16
CA SER D 6 36.17 110.05 107.75
C SER D 6 37.20 108.95 107.55
N GLU D 7 38.05 108.75 108.57
CA GLU D 7 38.96 107.63 108.65
C GLU D 7 38.20 106.34 108.95
N GLY D 8 37.55 106.26 110.12
CA GLY D 8 37.10 105.02 110.74
C GLY D 8 35.81 104.41 110.18
N VAL D 9 35.12 105.12 109.26
CA VAL D 9 33.89 104.63 108.65
C VAL D 9 34.09 104.31 107.16
N SER D 10 35.32 104.46 106.66
CA SER D 10 35.58 104.52 105.22
C SER D 10 35.49 103.17 104.49
N GLU D 11 35.30 102.05 105.21
CA GLU D 11 35.02 100.78 104.54
C GLU D 11 33.63 100.81 103.89
N THR D 12 32.71 101.67 104.37
CA THR D 12 31.31 101.69 103.96
C THR D 12 31.11 101.73 102.44
N GLN D 13 31.88 102.56 101.74
CA GLN D 13 31.80 102.66 100.29
C GLN D 13 32.18 101.33 99.64
N GLN D 14 33.16 100.63 100.23
CA GLN D 14 33.62 99.33 99.77
C GLN D 14 32.60 98.25 100.10
N ASN D 15 31.89 98.42 101.23
CA ASN D 15 30.85 97.50 101.65
C ASN D 15 29.65 97.60 100.71
N LEU D 16 29.30 98.84 100.33
CA LEU D 16 28.25 99.13 99.38
C LEU D 16 28.57 98.49 98.03
N GLU D 17 29.82 98.64 97.57
CA GLU D 17 30.27 97.99 96.35
C GLU D 17 30.24 96.47 96.49
N GLY D 18 30.55 95.95 97.69
CA GLY D 18 30.45 94.53 98.01
C GLY D 18 29.04 93.97 97.83
N VAL D 19 28.03 94.72 98.32
CA VAL D 19 26.61 94.38 98.15
C VAL D 19 26.26 94.34 96.66
N GLU D 20 26.65 95.38 95.91
CA GLU D 20 26.33 95.50 94.49
C GLU D 20 27.05 94.45 93.65
N ASN D 21 28.32 94.17 93.97
CA ASN D 21 29.12 93.17 93.27
C ASN D 21 28.58 91.77 93.55
N ALA D 22 28.14 91.51 94.78
CA ALA D 22 27.47 90.26 95.12
C ALA D 22 26.15 90.13 94.35
N MET D 23 25.47 91.27 94.09
CA MET D 23 24.26 91.26 93.29
C MET D 23 24.56 90.90 91.83
N GLU D 24 25.62 91.48 91.26
CA GLU D 24 26.01 91.19 89.89
C GLU D 24 26.49 89.74 89.76
N ASP D 25 27.19 89.26 90.80
CA ASP D 25 27.62 87.86 90.91
C ASP D 25 26.40 86.95 90.91
N THR D 26 25.37 87.27 91.71
CA THR D 26 24.16 86.46 91.75
C THR D 26 23.47 86.44 90.39
N ALA D 27 23.44 87.59 89.69
CA ALA D 27 22.82 87.68 88.37
C ALA D 27 23.60 86.88 87.33
N ASP D 28 24.93 86.96 87.36
CA ASP D 28 25.81 86.29 86.42
C ASP D 28 25.86 84.77 86.68
N SER D 29 25.88 84.36 87.95
CA SER D 29 25.80 82.97 88.35
C SER D 29 24.40 82.39 88.06
N ALA D 30 23.34 83.20 88.18
CA ALA D 30 22.02 82.80 87.72
C ALA D 30 22.02 82.54 86.21
N GLY D 31 23.00 83.10 85.50
CA GLY D 31 23.21 82.83 84.08
C GLY D 31 23.64 81.39 83.82
N ASP D 32 24.18 80.71 84.84
CA ASP D 32 24.50 79.29 84.80
C ASP D 32 23.22 78.46 84.73
N SER D 33 22.06 79.08 85.05
CA SER D 33 20.74 78.51 84.87
C SER D 33 20.01 79.07 83.64
N ALA D 34 20.76 79.68 82.70
CA ALA D 34 20.19 80.30 81.51
C ALA D 34 20.67 79.68 80.20
N ALA D 35 21.98 79.46 80.03
CA ALA D 35 22.55 79.16 78.72
C ALA D 35 22.19 77.77 78.18
N GLU D 36 22.19 76.73 79.03
CA GLU D 36 21.80 75.38 78.64
C GLU D 36 20.29 75.23 78.39
N LEU D 37 19.45 76.25 78.66
CA LEU D 37 18.02 76.18 78.37
C LEU D 37 17.78 75.93 76.89
N GLU D 38 18.57 76.59 76.04
CA GLU D 38 18.45 76.49 74.60
C GLU D 38 18.88 75.10 74.12
N THR D 39 20.06 74.63 74.56
CA THR D 39 20.66 73.43 73.99
C THR D 39 19.94 72.16 74.43
N PHE D 40 19.44 72.10 75.68
CA PHE D 40 18.71 70.91 76.10
C PHE D 40 17.41 70.76 75.30
N SER D 41 16.80 71.87 74.88
CA SER D 41 15.60 71.81 74.05
C SER D 41 15.92 71.17 72.70
N LYS D 42 17.15 71.38 72.19
CA LYS D 42 17.61 70.79 70.94
C LYS D 42 18.06 69.34 71.14
N ARG D 43 18.47 68.96 72.37
CA ARG D 43 18.66 67.58 72.76
C ARG D 43 17.31 66.85 72.76
N PHE D 44 16.29 67.45 73.39
CA PHE D 44 14.93 66.90 73.42
C PHE D 44 14.37 66.66 72.02
N LYS D 45 14.42 67.68 71.16
CA LYS D 45 13.91 67.58 69.80
C LYS D 45 14.75 66.60 68.96
N GLY D 46 16.03 66.46 69.31
CA GLY D 46 16.90 65.41 68.77
C GLY D 46 16.42 64.01 69.15
N ALA D 47 15.99 63.84 70.41
CA ALA D 47 15.42 62.60 70.90
C ALA D 47 14.12 62.25 70.16
N MET D 48 13.29 63.27 69.89
CA MET D 48 12.02 63.06 69.20
C MET D 48 12.25 62.64 67.75
N GLY D 49 13.26 63.22 67.09
CA GLY D 49 13.63 62.84 65.72
C GLY D 49 14.17 61.41 65.64
N ALA D 50 14.90 61.01 66.69
CA ALA D 50 15.44 59.66 66.81
C ALA D 50 14.32 58.65 67.07
N ALA D 51 13.36 58.99 67.96
CA ALA D 51 12.26 58.11 68.32
C ALA D 51 11.30 57.89 67.15
N VAL D 52 10.90 58.99 66.47
CA VAL D 52 9.96 58.93 65.36
C VAL D 52 10.54 58.09 64.21
N SER D 53 11.83 58.27 63.90
CA SER D 53 12.50 57.48 62.88
C SER D 53 12.66 56.02 63.31
N ALA D 54 12.89 55.74 64.60
CA ALA D 54 12.93 54.38 65.12
C ALA D 54 11.62 53.64 64.87
N LEU D 55 10.49 54.33 65.10
CA LEU D 55 9.17 53.79 64.82
C LEU D 55 8.96 53.55 63.32
N ALA D 56 9.29 54.54 62.49
CA ALA D 56 9.08 54.50 61.04
C ALA D 56 9.96 53.44 60.37
N ILE D 57 11.14 53.17 60.94
CA ILE D 57 12.03 52.10 60.52
C ILE D 57 11.45 50.77 60.98
N GLY D 58 11.01 50.72 62.25
CA GLY D 58 10.41 49.55 62.88
C GLY D 58 9.26 48.92 62.08
N THR D 59 8.26 49.75 61.72
CA THR D 59 7.10 49.28 60.97
C THR D 59 7.50 48.79 59.58
N ALA D 60 8.45 49.48 58.95
CA ALA D 60 8.90 49.14 57.60
C ALA D 60 9.69 47.83 57.61
N GLY D 61 10.21 47.42 58.79
CA GLY D 61 10.76 46.10 58.96
C GLY D 61 9.72 45.02 58.68
N LEU D 62 8.58 45.10 59.37
CA LEU D 62 7.47 44.16 59.16
C LEU D 62 6.93 44.29 57.74
N LEU D 63 6.69 45.52 57.28
CA LEU D 63 6.09 45.81 55.99
C LEU D 63 7.05 45.57 54.82
N SER D 64 8.24 44.99 55.08
CA SER D 64 9.18 44.56 54.05
C SER D 64 9.59 43.09 54.21
N GLN D 65 9.68 42.60 55.45
CA GLN D 65 9.82 41.18 55.74
C GLN D 65 8.62 40.42 55.17
N VAL D 66 7.40 40.99 55.28
CA VAL D 66 6.18 40.42 54.72
C VAL D 66 6.32 40.26 53.20
N PRO D 67 6.62 41.32 52.39
CA PRO D 67 7.05 41.13 51.00
C PRO D 67 8.17 40.12 50.74
N VAL D 68 9.32 40.25 51.43
CA VAL D 68 10.51 39.46 51.13
C VAL D 68 10.30 37.96 51.42
N VAL D 69 9.51 37.63 52.44
CA VAL D 69 9.22 36.24 52.80
C VAL D 69 7.95 35.74 52.10
N GLY D 70 6.92 36.58 52.06
CA GLY D 70 5.63 36.24 51.46
C GLY D 70 5.70 36.10 49.94
N GLU D 71 6.38 37.04 49.28
CA GLU D 71 6.58 36.97 47.84
C GLU D 71 7.64 35.92 47.49
N ALA D 72 8.42 35.47 48.47
CA ALA D 72 9.32 34.34 48.25
C ALA D 72 8.52 33.05 48.08
N MET D 73 7.34 32.98 48.72
CA MET D 73 6.40 31.90 48.45
C MET D 73 5.81 32.04 47.04
N GLY D 74 6.00 33.22 46.42
CA GLY D 74 5.74 33.45 45.01
C GLY D 74 6.91 33.04 44.09
N GLY D 75 8.13 33.05 44.64
CA GLY D 75 9.24 32.30 44.05
C GLY D 75 8.93 30.80 44.03
N LEU D 76 8.36 30.31 45.14
CA LEU D 76 7.81 28.96 45.20
C LEU D 76 6.62 28.83 44.24
N GLY D 77 5.91 29.93 43.99
CA GLY D 77 4.87 29.99 42.98
C GLY D 77 5.43 29.70 41.59
N ALA D 78 6.59 30.28 41.27
CA ALA D 78 7.28 30.03 40.00
C ALA D 78 7.76 28.58 39.93
N ILE D 79 8.18 28.01 41.07
CA ILE D 79 8.54 26.59 41.17
C ILE D 79 7.32 25.72 40.86
N ILE D 80 6.18 25.95 41.54
CA ILE D 80 4.96 25.17 41.39
C ILE D 80 4.44 25.26 39.96
N ASP D 81 4.42 26.48 39.42
CA ASP D 81 4.01 26.75 38.05
C ASP D 81 4.93 26.05 37.05
N ALA D 82 6.24 26.09 37.29
CA ALA D 82 7.21 25.37 36.47
C ALA D 82 6.97 23.87 36.53
N LEU D 83 6.61 23.36 37.72
CA LEU D 83 6.26 21.95 37.87
C LEU D 83 4.98 21.60 37.10
N THR D 84 4.04 22.56 36.93
CA THR D 84 2.89 22.30 36.09
C THR D 84 3.28 22.21 34.61
N MET D 85 4.30 22.97 34.20
CA MET D 85 4.84 22.87 32.85
C MET D 85 5.52 21.51 32.67
N LYS D 86 6.24 21.07 33.71
CA LYS D 86 6.94 19.79 33.78
C LYS D 86 5.94 18.64 33.67
N ILE D 87 4.81 18.75 34.39
CA ILE D 87 3.75 17.74 34.44
C ILE D 87 3.11 17.55 33.07
N ASP D 88 2.77 18.64 32.36
CA ASP D 88 2.18 18.53 31.03
C ASP D 88 3.23 18.07 30.01
N GLU D 89 4.52 18.32 30.29
CA GLU D 89 5.63 17.76 29.54
C GLU D 89 5.88 16.29 29.86
N ASP D 90 4.97 15.62 30.59
CA ASP D 90 4.89 14.17 30.67
C ASP D 90 3.85 13.65 29.66
N ALA D 91 2.73 14.39 29.53
CA ALA D 91 1.64 14.04 28.62
C ALA D 91 2.09 14.12 27.17
N ARG D 92 3.01 15.05 26.85
CA ARG D 92 3.59 15.22 25.52
C ARG D 92 4.36 13.95 25.13
N PRO D 93 5.38 13.50 25.89
CA PRO D 93 5.99 12.17 25.71
C PRO D 93 5.03 10.98 25.69
N ALA D 94 4.00 10.99 26.53
CA ALA D 94 3.08 9.86 26.66
C ALA D 94 2.37 9.57 25.35
N VAL D 95 1.54 10.52 24.87
CA VAL D 95 0.74 10.30 23.67
C VAL D 95 1.63 10.36 22.43
N GLY D 96 2.74 11.10 22.50
CA GLY D 96 3.82 10.98 21.55
C GLY D 96 4.23 9.51 21.37
N SER D 97 4.71 8.90 22.46
CA SER D 97 5.25 7.53 22.45
C SER D 97 4.22 6.50 22.04
N PHE D 98 2.94 6.72 22.40
CA PHE D 98 1.88 5.83 21.99
C PHE D 98 1.77 5.80 20.46
N THR D 99 2.05 6.95 19.81
CA THR D 99 2.11 7.02 18.35
C THR D 99 3.25 6.14 17.83
N ASP D 100 4.43 6.24 18.43
CA ASP D 100 5.58 5.41 18.08
C ASP D 100 5.22 3.92 18.23
N ASP D 101 4.59 3.56 19.36
CA ASP D 101 4.16 2.21 19.68
C ASP D 101 3.21 1.67 18.61
N LEU D 102 2.50 2.57 17.90
CA LEU D 102 1.60 2.20 16.81
C LEU D 102 2.30 2.31 15.46
N TYR D 103 3.41 3.06 15.40
CA TYR D 103 4.20 3.17 14.17
C TYR D 103 4.97 1.88 13.93
N GLU D 104 5.36 1.21 15.02
CA GLU D 104 5.89 -0.14 14.97
C GLU D 104 4.86 -1.08 14.33
N VAL D 105 3.59 -0.96 14.73
CA VAL D 105 2.50 -1.75 14.14
C VAL D 105 2.34 -1.39 12.67
N ALA D 106 2.47 -0.10 12.32
CA ALA D 106 2.38 0.36 10.95
C ALA D 106 3.41 -0.35 10.08
N GLU D 107 4.70 -0.31 10.47
CA GLU D 107 5.76 -0.98 9.72
C GLU D 107 5.59 -2.51 9.73
N ALA D 108 5.04 -3.07 10.81
CA ALA D 108 4.69 -4.48 10.85
C ALA D 108 3.63 -4.84 9.81
N THR D 109 2.66 -3.93 9.58
CA THR D 109 1.70 -4.12 8.51
C THR D 109 2.43 -4.03 7.17
N TYR D 110 3.53 -3.28 7.09
CA TYR D 110 4.23 -3.05 5.83
C TYR D 110 5.18 -4.20 5.48
N GLU D 111 5.71 -4.91 6.48
CA GLU D 111 6.42 -6.16 6.24
C GLU D 111 5.47 -7.19 5.62
N ALA D 112 4.25 -7.25 6.17
CA ALA D 112 3.22 -8.13 5.66
C ALA D 112 2.73 -7.67 4.28
N ASP D 113 2.61 -6.34 4.06
CA ASP D 113 2.28 -5.71 2.78
C ASP D 113 3.29 -6.12 1.69
N SER D 114 4.58 -5.90 1.97
CA SER D 114 5.66 -6.21 1.05
C SER D 114 5.75 -7.70 0.75
N SER D 115 5.59 -8.55 1.78
CA SER D 115 5.54 -9.99 1.58
C SER D 115 4.26 -10.44 0.87
N LEU D 116 3.22 -9.60 0.84
CA LEU D 116 2.03 -9.91 0.06
C LEU D 116 2.20 -9.54 -1.42
N GLU D 117 3.21 -8.71 -1.72
CA GLU D 117 3.68 -8.59 -3.09
C GLU D 117 4.44 -9.86 -3.48
N ALA D 118 5.13 -10.47 -2.51
CA ALA D 118 5.70 -11.79 -2.73
C ALA D 118 4.58 -12.82 -2.96
N PHE D 119 3.44 -12.67 -2.28
CA PHE D 119 2.26 -13.49 -2.56
C PHE D 119 1.71 -13.23 -3.96
N GLN D 120 1.81 -11.99 -4.48
CA GLN D 120 1.48 -11.75 -5.88
C GLN D 120 2.37 -12.59 -6.81
N THR D 121 3.67 -12.73 -6.50
CA THR D 121 4.51 -13.66 -7.25
C THR D 121 4.03 -15.11 -7.08
N ALA D 122 3.72 -15.50 -5.84
CA ALA D 122 3.46 -16.88 -5.45
C ALA D 122 2.05 -17.37 -5.84
N LEU D 123 1.15 -16.44 -6.20
CA LEU D 123 -0.22 -16.76 -6.58
C LEU D 123 -0.51 -16.38 -8.04
N ASP D 124 0.12 -15.32 -8.56
CA ASP D 124 -0.26 -14.72 -9.82
C ASP D 124 0.68 -15.09 -10.98
N GLY D 125 2.01 -15.02 -10.76
CA GLY D 125 2.97 -15.52 -11.73
C GLY D 125 2.89 -17.04 -11.86
N VAL D 126 2.64 -17.69 -10.71
CA VAL D 126 2.45 -19.13 -10.55
C VAL D 126 1.24 -19.64 -11.33
N ASN D 127 0.42 -18.76 -11.92
CA ASN D 127 -0.67 -19.16 -12.80
C ASN D 127 -0.17 -19.96 -14.01
N THR D 128 1.07 -19.71 -14.45
CA THR D 128 1.57 -20.07 -15.77
C THR D 128 1.39 -21.54 -16.16
N ALA D 129 1.42 -22.46 -15.19
CA ALA D 129 1.21 -23.88 -15.41
C ALA D 129 -0.17 -24.17 -16.01
N ILE D 130 -1.18 -23.36 -15.65
CA ILE D 130 -2.54 -23.43 -16.16
C ILE D 130 -2.53 -23.17 -17.66
N ASP D 131 -1.84 -22.08 -18.04
CA ASP D 131 -1.75 -21.54 -19.37
C ASP D 131 -0.98 -22.49 -20.29
N ASP D 132 -0.05 -23.26 -19.69
CA ASP D 132 0.68 -24.32 -20.36
C ASP D 132 -0.23 -25.53 -20.59
N VAL D 133 -0.71 -26.14 -19.51
CA VAL D 133 -1.37 -27.43 -19.55
C VAL D 133 -2.72 -27.37 -20.27
N ALA D 134 -3.33 -26.18 -20.36
CA ALA D 134 -4.57 -26.02 -21.11
C ALA D 134 -4.31 -25.98 -22.62
N VAL D 135 -3.07 -25.70 -23.05
CA VAL D 135 -2.79 -25.20 -24.39
C VAL D 135 -1.53 -25.82 -25.05
N SER D 136 -0.84 -26.76 -24.37
CA SER D 136 0.23 -27.55 -24.97
C SER D 136 -0.21 -29.01 -25.15
N THR D 137 -1.53 -29.20 -25.29
CA THR D 137 -2.22 -30.44 -24.95
C THR D 137 -3.29 -30.88 -25.96
N LEU D 138 -3.67 -30.05 -26.96
CA LEU D 138 -4.44 -30.60 -28.07
C LEU D 138 -3.54 -31.47 -28.94
N GLN D 139 -2.26 -31.08 -29.10
CA GLN D 139 -1.33 -31.62 -30.09
C GLN D 139 -1.20 -33.14 -30.05
N THR D 140 -1.15 -33.74 -28.84
CA THR D 140 -1.04 -35.17 -28.67
C THR D 140 -2.26 -35.91 -29.22
N GLU D 141 -3.44 -35.27 -29.15
CA GLU D 141 -4.69 -35.85 -29.60
C GLU D 141 -4.99 -35.50 -31.06
N ILE D 142 -4.46 -34.37 -31.54
CA ILE D 142 -4.57 -33.95 -32.93
C ILE D 142 -3.91 -34.97 -33.86
N GLU D 143 -2.96 -35.77 -33.36
CA GLU D 143 -2.30 -36.79 -34.19
C GLU D 143 -3.29 -37.89 -34.61
N GLU D 144 -4.46 -37.95 -33.96
CA GLU D 144 -5.51 -38.87 -34.38
C GLU D 144 -6.44 -38.23 -35.42
N LEU D 145 -6.25 -36.91 -35.69
CA LEU D 145 -6.73 -36.29 -36.93
C LEU D 145 -5.72 -36.52 -38.05
N THR D 146 -4.42 -36.30 -37.80
CA THR D 146 -3.39 -36.43 -38.83
C THR D 146 -3.36 -37.86 -39.38
N GLY D 147 -3.53 -38.83 -38.48
CA GLY D 147 -3.64 -40.24 -38.80
C GLY D 147 -4.66 -40.58 -39.89
N ILE D 148 -5.79 -39.85 -39.93
CA ILE D 148 -6.92 -40.11 -40.82
C ILE D 148 -6.47 -40.08 -42.29
N THR D 149 -5.37 -39.39 -42.58
CA THR D 149 -4.84 -39.28 -43.94
C THR D 149 -4.36 -40.64 -44.46
N ILE D 150 -3.91 -41.51 -43.55
CA ILE D 150 -3.39 -42.83 -43.90
C ILE D 150 -4.53 -43.75 -44.37
N PRO D 151 -5.67 -43.88 -43.63
CA PRO D 151 -6.90 -44.38 -44.22
C PRO D 151 -7.27 -43.72 -45.55
N LYS D 152 -7.51 -42.41 -45.55
CA LYS D 152 -8.06 -41.70 -46.70
C LYS D 152 -7.26 -41.98 -47.98
N ASN D 153 -5.93 -41.86 -47.90
CA ASN D 153 -5.04 -42.09 -49.02
C ASN D 153 -4.79 -43.59 -49.26
N TRP D 154 -4.60 -44.39 -48.19
CA TRP D 154 -4.13 -45.77 -48.29
C TRP D 154 -5.18 -46.81 -47.85
N LEU D 155 -5.61 -46.80 -46.56
CA LEU D 155 -6.34 -47.93 -46.00
C LEU D 155 -7.79 -47.97 -46.48
N ASP D 156 -8.38 -46.82 -46.80
CA ASP D 156 -9.67 -46.76 -47.48
C ASP D 156 -9.56 -47.51 -48.82
N PHE D 157 -8.47 -47.26 -49.56
CA PHE D 157 -8.17 -47.97 -50.80
C PHE D 157 -7.94 -49.45 -50.51
N GLY D 158 -7.30 -49.75 -49.37
CA GLY D 158 -7.14 -51.12 -48.91
C GLY D 158 -8.46 -51.85 -48.65
N TRP D 159 -9.49 -51.12 -48.25
CA TRP D 159 -10.80 -51.68 -47.96
C TRP D 159 -11.73 -51.62 -49.19
N ASP D 160 -11.44 -50.71 -50.13
CA ASP D 160 -11.92 -50.86 -51.49
C ASP D 160 -11.25 -52.05 -52.17
N ILE D 161 -10.01 -52.39 -51.78
CA ILE D 161 -9.33 -53.59 -52.26
C ILE D 161 -9.97 -54.83 -51.64
N MET D 162 -10.46 -54.72 -50.40
CA MET D 162 -11.34 -55.74 -49.84
C MET D 162 -12.59 -55.82 -50.72
N THR D 163 -13.12 -54.66 -51.15
CA THR D 163 -14.30 -54.59 -51.99
C THR D 163 -14.01 -55.08 -53.42
N LEU D 164 -12.73 -55.08 -53.83
CA LEU D 164 -12.29 -55.42 -55.18
C LEU D 164 -12.33 -56.92 -55.44
N ASP D 165 -12.49 -57.74 -54.39
CA ASP D 165 -12.61 -59.19 -54.52
C ASP D 165 -13.77 -59.56 -55.44
N ALA D 166 -14.90 -58.84 -55.36
CA ALA D 166 -15.98 -59.00 -56.31
C ALA D 166 -15.47 -58.71 -57.71
N ARG D 167 -14.87 -57.53 -57.89
CA ARG D 167 -14.33 -57.05 -59.16
C ARG D 167 -12.96 -57.69 -59.43
N GLN D 168 -12.85 -58.99 -59.10
CA GLN D 168 -11.80 -59.91 -59.48
C GLN D 168 -12.39 -61.32 -59.61
N THR D 169 -13.44 -61.63 -58.84
CA THR D 169 -14.09 -62.93 -58.87
C THR D 169 -15.24 -62.97 -59.88
N MET D 170 -15.75 -61.79 -60.27
CA MET D 170 -16.76 -61.72 -61.31
C MET D 170 -16.17 -62.06 -62.68
N ASP D 171 -14.83 -61.93 -62.81
CA ASP D 171 -14.06 -62.53 -63.88
C ASP D 171 -14.48 -63.99 -64.02
N ASN D 172 -14.28 -64.76 -62.95
CA ASN D 172 -14.61 -66.18 -62.88
C ASN D 172 -16.11 -66.39 -63.09
N ILE D 173 -16.96 -65.70 -62.32
CA ILE D 173 -18.39 -65.95 -62.30
C ILE D 173 -19.01 -65.67 -63.67
N GLU D 174 -18.73 -64.50 -64.25
CA GLU D 174 -19.31 -64.13 -65.53
C GLU D 174 -18.72 -64.96 -66.67
N THR D 175 -17.44 -65.33 -66.58
CA THR D 175 -16.88 -66.23 -67.59
C THR D 175 -17.49 -67.63 -67.46
N ILE D 176 -17.96 -67.98 -66.24
CA ILE D 176 -18.73 -69.20 -66.02
C ILE D 176 -20.14 -69.02 -66.59
N ILE D 177 -20.70 -67.80 -66.52
CA ILE D 177 -21.91 -67.48 -67.28
C ILE D 177 -21.64 -67.76 -68.76
N ASN D 178 -20.43 -67.42 -69.23
CA ASN D 178 -20.02 -67.63 -70.61
C ASN D 178 -19.69 -69.09 -70.90
N GLU D 179 -19.58 -69.94 -69.87
CA GLU D 179 -19.45 -71.38 -70.06
C GLU D 179 -20.78 -72.02 -70.47
N PHE D 180 -21.91 -71.33 -70.23
CA PHE D 180 -23.21 -71.78 -70.69
C PHE D 180 -23.35 -71.63 -72.21
N PRO D 181 -22.89 -70.51 -72.83
CA PRO D 181 -22.49 -70.52 -74.24
C PRO D 181 -21.36 -71.46 -74.66
N GLU D 182 -20.34 -71.68 -73.82
CA GLU D 182 -19.15 -72.44 -74.22
C GLU D 182 -19.26 -73.93 -73.88
N ASP D 183 -18.78 -74.35 -72.68
CA ASP D 183 -18.68 -75.76 -72.30
C ASP D 183 -20.04 -76.47 -72.37
N PHE D 184 -21.06 -75.90 -71.73
CA PHE D 184 -22.41 -76.44 -71.81
C PHE D 184 -23.02 -76.16 -73.18
N GLY D 185 -22.76 -74.97 -73.75
CA GLY D 185 -23.38 -74.49 -74.97
C GLY D 185 -23.08 -75.39 -76.17
N THR D 186 -21.81 -75.79 -76.28
CA THR D 186 -21.35 -76.75 -77.26
C THR D 186 -22.01 -78.11 -77.06
N MET D 187 -22.28 -78.51 -75.81
CA MET D 187 -22.97 -79.77 -75.54
C MET D 187 -24.41 -79.74 -76.06
N LEU D 188 -25.11 -78.60 -75.96
CA LEU D 188 -26.45 -78.46 -76.53
C LEU D 188 -26.38 -78.61 -78.04
N LYS D 189 -25.29 -78.08 -78.61
CA LYS D 189 -25.06 -78.03 -80.05
C LYS D 189 -24.54 -79.38 -80.53
N SER D 190 -24.24 -80.29 -79.57
CA SER D 190 -24.07 -81.73 -79.80
C SER D 190 -25.39 -82.48 -79.64
N ILE D 191 -26.33 -81.94 -78.85
CA ILE D 191 -27.68 -82.49 -78.69
C ILE D 191 -28.51 -82.25 -79.96
N ASP D 192 -28.19 -81.19 -80.72
CA ASP D 192 -28.65 -81.02 -82.10
C ASP D 192 -28.32 -82.26 -82.94
N PRO D 193 -27.03 -82.64 -83.17
CA PRO D 193 -26.66 -83.93 -83.77
C PRO D 193 -27.39 -85.16 -83.24
N ARG D 194 -27.53 -85.30 -81.91
CA ARG D 194 -28.22 -86.44 -81.30
C ARG D 194 -29.68 -86.50 -81.75
N ALA D 195 -30.29 -85.32 -81.97
CA ALA D 195 -31.65 -85.19 -82.44
C ALA D 195 -31.72 -85.30 -83.97
N LYS D 196 -30.62 -85.03 -84.68
CA LYS D 196 -30.54 -85.16 -86.13
C LYS D 196 -30.51 -86.64 -86.53
N LYS D 197 -29.86 -87.48 -85.72
CA LYS D 197 -29.98 -88.93 -85.82
C LYS D 197 -31.38 -89.34 -85.35
N GLY D 198 -31.82 -90.54 -85.74
CA GLY D 198 -33.06 -91.11 -85.23
C GLY D 198 -34.30 -90.69 -86.02
N TRP D 199 -34.55 -89.37 -86.12
CA TRP D 199 -35.87 -88.83 -86.45
C TRP D 199 -36.37 -89.24 -87.84
N ASP D 200 -35.46 -89.43 -88.82
CA ASP D 200 -35.87 -89.72 -90.20
C ASP D 200 -36.66 -91.03 -90.33
N ILE D 201 -36.66 -91.87 -89.29
CA ILE D 201 -37.49 -93.05 -89.19
C ILE D 201 -38.97 -92.68 -89.36
N LEU D 202 -39.29 -91.39 -89.19
CA LEU D 202 -40.62 -90.84 -89.46
C LEU D 202 -40.81 -90.55 -90.95
N THR D 203 -39.78 -90.02 -91.63
CA THR D 203 -39.83 -89.73 -93.06
C THR D 203 -39.67 -90.97 -93.93
N LYS D 204 -39.29 -92.09 -93.31
CA LYS D 204 -39.51 -93.44 -93.84
C LYS D 204 -40.90 -93.50 -94.46
N SER D 205 -41.92 -92.94 -93.78
CA SER D 205 -43.28 -92.83 -94.30
C SER D 205 -43.38 -91.84 -95.46
N ALA D 206 -42.82 -90.64 -95.30
CA ALA D 206 -42.87 -89.55 -96.28
C ALA D 206 -42.30 -89.96 -97.64
N ASP D 207 -41.27 -90.82 -97.65
CA ASP D 207 -40.65 -91.34 -98.87
C ASP D 207 -41.42 -92.56 -99.42
N MET D 208 -41.76 -93.54 -98.57
CA MET D 208 -42.15 -94.87 -99.02
C MET D 208 -43.38 -94.84 -99.93
N PHE D 209 -44.29 -93.91 -99.69
CA PHE D 209 -45.53 -93.77 -100.45
C PHE D 209 -45.25 -93.41 -101.91
N ILE D 210 -44.17 -92.65 -102.17
CA ILE D 210 -43.73 -92.33 -103.53
C ILE D 210 -43.34 -93.62 -104.25
N ASN D 211 -42.71 -94.56 -103.54
CA ASN D 211 -42.29 -95.83 -104.10
C ASN D 211 -43.43 -96.83 -104.14
N ASP D 212 -44.58 -96.51 -103.52
CA ASP D 212 -45.84 -97.19 -103.79
C ASP D 212 -46.47 -96.60 -105.05
N LEU D 213 -46.36 -95.28 -105.22
CA LEU D 213 -46.94 -94.56 -106.34
C LEU D 213 -46.24 -94.88 -107.66
N THR D 214 -44.94 -95.23 -107.63
CA THR D 214 -44.31 -95.84 -108.79
C THR D 214 -45.03 -97.14 -109.20
N SER D 215 -45.36 -98.00 -108.22
CA SER D 215 -46.03 -99.28 -108.47
C SER D 215 -47.42 -99.09 -109.05
N ARG D 216 -48.07 -97.95 -108.73
CA ARG D 216 -49.38 -97.59 -109.27
C ARG D 216 -49.23 -97.02 -110.68
N ILE D 217 -48.35 -96.03 -110.82
CA ILE D 217 -48.20 -95.26 -112.05
C ILE D 217 -47.56 -96.13 -113.14
N ASP D 218 -46.89 -97.22 -112.74
CA ASP D 218 -46.42 -98.29 -113.62
C ASP D 218 -47.50 -98.79 -114.58
N SER D 219 -48.78 -98.74 -114.16
CA SER D 219 -49.92 -99.15 -114.96
C SER D 219 -49.97 -98.42 -116.30
N GLY D 220 -49.53 -97.15 -116.31
CA GLY D 220 -49.63 -96.24 -117.43
C GLY D 220 -49.17 -96.83 -118.76
N VAL D 221 -47.88 -97.21 -118.87
CA VAL D 221 -47.37 -97.78 -120.11
C VAL D 221 -47.53 -99.31 -120.13
N ASN D 222 -47.55 -99.96 -118.96
CA ASN D 222 -47.42 -101.40 -118.90
C ASN D 222 -48.74 -102.12 -119.24
N ASP D 223 -49.87 -101.45 -118.97
CA ASP D 223 -51.17 -101.82 -119.55
C ASP D 223 -51.14 -101.61 -121.06
N VAL D 224 -50.63 -100.44 -121.51
CA VAL D 224 -50.60 -100.00 -122.90
C VAL D 224 -49.76 -100.97 -123.75
N ARG D 225 -48.61 -101.37 -123.20
CA ARG D 225 -47.72 -102.41 -123.71
C ARG D 225 -48.47 -103.73 -123.86
N GLY D 226 -49.40 -103.98 -122.92
CA GLY D 226 -50.26 -105.15 -122.94
C GLY D 226 -51.28 -105.07 -124.08
N PHE D 227 -51.83 -103.87 -124.30
CA PHE D 227 -52.80 -103.64 -125.37
C PHE D 227 -52.11 -103.77 -126.73
N PHE D 228 -50.92 -103.15 -126.88
CA PHE D 228 -50.14 -103.18 -128.11
C PHE D 228 -49.80 -104.62 -128.51
N THR D 229 -49.21 -105.39 -127.58
CA THR D 229 -48.77 -106.75 -127.85
C THR D 229 -49.96 -107.70 -127.99
N GLY D 230 -51.03 -107.45 -127.22
CA GLY D 230 -52.27 -108.20 -127.30
C GLY D 230 -52.95 -108.07 -128.66
N LEU D 231 -53.07 -106.82 -129.14
CA LEU D 231 -53.55 -106.53 -130.48
C LEU D 231 -52.66 -107.21 -131.53
N ALA D 232 -51.34 -107.12 -131.36
CA ALA D 232 -50.39 -107.74 -132.28
C ALA D 232 -50.58 -109.26 -132.36
N SER D 233 -50.83 -109.91 -131.21
CA SER D 233 -51.10 -111.35 -131.16
C SER D 233 -52.44 -111.69 -131.83
N ASP D 234 -53.47 -110.86 -131.63
CA ASP D 234 -54.78 -111.07 -132.23
C ASP D 234 -54.71 -110.90 -133.76
N LEU D 235 -54.01 -109.85 -134.21
CA LEU D 235 -53.89 -109.52 -135.62
C LEU D 235 -52.97 -110.51 -136.34
N ASN D 236 -51.95 -110.99 -135.63
CA ASN D 236 -51.10 -112.08 -136.10
C ASN D 236 -51.94 -113.35 -136.27
N GLU D 237 -52.91 -113.56 -135.36
CA GLU D 237 -53.82 -114.69 -135.52
C GLU D 237 -54.76 -114.46 -136.71
N TRP D 238 -55.65 -113.46 -136.65
CA TRP D 238 -56.69 -113.33 -137.66
C TRP D 238 -56.11 -113.26 -139.08
N GLY D 239 -54.95 -112.60 -139.23
CA GLY D 239 -54.21 -112.58 -140.48
C GLY D 239 -53.61 -113.94 -140.83
N GLY D 240 -52.78 -114.48 -139.94
CA GLY D 240 -52.06 -115.73 -140.14
C GLY D 240 -52.94 -116.97 -140.15
N ASN D 241 -54.18 -116.82 -139.67
CA ASN D 241 -55.22 -117.84 -139.69
C ASN D 241 -55.90 -117.84 -141.06
N VAL D 242 -56.51 -116.71 -141.46
CA VAL D 242 -57.30 -116.62 -142.68
C VAL D 242 -56.41 -116.81 -143.91
N ALA D 243 -55.18 -116.27 -143.89
CA ALA D 243 -54.22 -116.45 -144.96
C ALA D 243 -53.79 -117.91 -145.10
N SER D 244 -53.78 -118.65 -143.98
CA SER D 244 -53.44 -120.07 -143.97
C SER D 244 -54.61 -120.94 -144.43
N ASP D 245 -55.84 -120.50 -144.15
CA ASP D 245 -57.07 -121.10 -144.66
C ASP D 245 -57.13 -120.94 -146.19
N ALA D 246 -56.67 -119.79 -146.68
CA ALA D 246 -56.53 -119.52 -148.10
C ALA D 246 -55.52 -120.47 -148.76
N ARG D 247 -54.41 -120.78 -148.07
CA ARG D 247 -53.39 -121.72 -148.55
C ARG D 247 -54.00 -123.09 -148.84
N GLU D 248 -54.75 -123.64 -147.88
CA GLU D 248 -55.21 -125.02 -147.94
C GLU D 248 -56.33 -125.19 -148.97
N TRP D 249 -57.27 -124.24 -149.04
CA TRP D 249 -58.19 -124.21 -150.16
C TRP D 249 -57.40 -124.07 -151.46
N GLY D 250 -56.35 -123.22 -151.43
CA GLY D 250 -55.45 -123.01 -152.55
C GLY D 250 -54.78 -124.29 -153.07
N THR D 251 -54.24 -125.13 -152.18
CA THR D 251 -53.62 -126.38 -152.61
C THR D 251 -54.63 -127.30 -153.28
N ASN D 252 -55.83 -127.41 -152.70
CA ASN D 252 -56.81 -128.36 -153.17
C ASN D 252 -57.55 -127.85 -154.40
N LEU D 253 -57.70 -126.52 -154.50
CA LEU D 253 -58.24 -125.87 -155.68
C LEU D 253 -57.24 -125.89 -156.84
N ILE D 254 -55.94 -125.75 -156.56
CA ILE D 254 -54.95 -125.84 -157.62
C ILE D 254 -54.72 -127.30 -158.03
N ASP D 255 -54.75 -128.24 -157.07
CA ASP D 255 -54.77 -129.68 -157.34
C ASP D 255 -56.00 -130.04 -158.20
N LYS D 256 -57.16 -129.44 -157.89
CA LYS D 256 -58.40 -129.53 -158.67
C LYS D 256 -58.17 -129.02 -160.09
N PHE D 257 -57.46 -127.89 -160.23
CA PHE D 257 -57.05 -127.37 -161.53
C PHE D 257 -56.17 -128.37 -162.28
N THR D 258 -55.26 -129.07 -161.57
CA THR D 258 -54.42 -130.08 -162.20
C THR D 258 -55.24 -131.27 -162.67
N GLY D 259 -56.53 -131.30 -162.33
CA GLY D 259 -57.51 -132.11 -163.04
C GLY D 259 -57.32 -132.05 -164.55
N GLY D 260 -56.90 -130.87 -165.05
CA GLY D 260 -56.40 -130.66 -166.39
C GLY D 260 -55.31 -131.66 -166.81
N ILE D 261 -54.09 -131.52 -166.26
CA ILE D 261 -52.95 -132.36 -166.62
C ILE D 261 -53.23 -133.83 -166.31
N ARG D 262 -53.92 -134.10 -165.20
CA ARG D 262 -54.40 -135.44 -164.83
C ARG D 262 -55.28 -136.02 -165.94
N SER D 263 -56.08 -135.17 -166.61
CA SER D 263 -56.93 -135.59 -167.72
C SER D 263 -56.11 -135.83 -168.98
N LYS D 264 -55.01 -135.08 -169.15
CA LYS D 264 -54.11 -135.25 -170.29
C LYS D 264 -53.45 -136.63 -170.24
N ILE D 265 -53.02 -137.03 -169.04
CA ILE D 265 -52.42 -138.34 -168.81
C ILE D 265 -53.48 -139.43 -168.93
N SER D 266 -54.70 -139.17 -168.44
CA SER D 266 -55.80 -140.12 -168.56
C SER D 266 -56.27 -140.28 -170.01
N GLY D 267 -56.02 -139.25 -170.84
CA GLY D 267 -56.11 -139.35 -172.28
C GLY D 267 -54.99 -140.22 -172.86
N LEU D 268 -53.73 -139.88 -172.51
CA LEU D 268 -52.51 -140.50 -172.98
C LEU D 268 -52.53 -142.03 -172.83
N ARG D 269 -52.95 -142.52 -171.65
CA ARG D 269 -53.14 -143.94 -171.37
C ARG D 269 -53.99 -144.58 -172.47
N ASN D 270 -55.16 -143.99 -172.71
CA ASN D 270 -56.14 -144.45 -173.67
C ASN D 270 -55.62 -144.30 -175.11
N TRP D 271 -55.00 -143.16 -175.43
CA TRP D 271 -54.48 -142.93 -176.77
C TRP D 271 -53.46 -144.00 -177.14
N LEU D 272 -52.57 -144.36 -176.20
CA LEU D 272 -51.55 -145.36 -176.46
C LEU D 272 -52.07 -146.79 -176.34
N SER D 273 -53.34 -146.96 -175.95
CA SER D 273 -54.03 -148.23 -176.15
C SER D 273 -54.39 -148.40 -177.63
N GLU D 274 -55.10 -147.42 -178.21
CA GLU D 274 -55.56 -147.43 -179.59
C GLU D 274 -54.38 -147.49 -180.56
N LEU D 275 -53.31 -146.75 -180.27
CA LEU D 275 -52.11 -146.73 -181.10
C LEU D 275 -51.35 -148.06 -181.04
N ARG D 276 -51.71 -148.96 -180.11
CA ARG D 276 -51.20 -150.32 -180.07
C ARG D 276 -52.19 -151.30 -180.71
N ASN D 277 -53.50 -151.07 -180.55
CA ASN D 277 -54.53 -151.79 -181.29
C ASN D 277 -54.23 -151.73 -182.79
N ILE D 278 -53.76 -150.57 -183.27
CA ILE D 278 -53.39 -150.32 -184.65
C ILE D 278 -52.23 -151.23 -185.10
N GLY D 279 -51.56 -151.91 -184.15
CA GLY D 279 -50.56 -152.93 -184.45
C GLY D 279 -50.86 -154.30 -183.85
N ALA D 280 -52.10 -154.54 -183.42
CA ALA D 280 -52.45 -155.72 -182.64
C ALA D 280 -53.90 -156.20 -182.84
N GLU D 281 -54.86 -155.26 -182.89
CA GLU D 281 -56.25 -155.53 -183.25
C GLU D 281 -56.37 -155.84 -184.73
N VAL D 282 -55.66 -155.07 -185.57
CA VAL D 282 -55.74 -155.12 -187.02
C VAL D 282 -55.42 -156.52 -187.56
N GLY D 283 -54.63 -157.28 -186.80
CA GLY D 283 -54.10 -158.56 -187.24
C GLY D 283 -55.05 -159.73 -187.00
N ILE D 284 -56.11 -159.51 -186.21
CA ILE D 284 -56.98 -160.59 -185.74
C ILE D 284 -57.76 -161.22 -186.90
N ASP D 285 -58.23 -160.41 -187.87
CA ASP D 285 -59.05 -160.92 -188.95
C ASP D 285 -58.23 -161.53 -190.08
N VAL D 286 -56.93 -161.23 -190.16
CA VAL D 286 -56.06 -161.59 -191.28
C VAL D 286 -56.03 -163.10 -191.52
N PRO D 287 -55.84 -163.99 -190.51
CA PRO D 287 -55.93 -165.43 -190.73
C PRO D 287 -57.30 -166.03 -190.99
N THR D 288 -58.39 -165.25 -190.84
CA THR D 288 -59.74 -165.77 -191.06
C THR D 288 -60.12 -165.81 -192.54
N ILE D 289 -59.48 -164.98 -193.38
CA ILE D 289 -59.94 -164.57 -194.70
C ILE D 289 -60.38 -165.77 -195.55
N GLY D 290 -59.53 -166.80 -195.63
CA GLY D 290 -59.84 -168.02 -196.37
C GLY D 290 -60.17 -167.71 -197.83
N GLY D 291 -61.34 -168.17 -198.29
CA GLY D 291 -61.91 -167.74 -199.57
C GLY D 291 -61.13 -168.24 -200.77
N GLY D 292 -60.38 -167.34 -201.43
CA GLY D 292 -59.79 -167.56 -202.74
C GLY D 292 -58.82 -168.73 -202.78
N GLY D 293 -58.90 -169.53 -203.86
CA GLY D 293 -57.98 -170.63 -204.13
C GLY D 293 -58.01 -171.70 -203.04
N ASP D 294 -56.86 -171.86 -202.36
CA ASP D 294 -56.66 -172.85 -201.32
C ASP D 294 -57.31 -172.44 -199.99
N GLY D 295 -57.58 -171.15 -199.80
CA GLY D 295 -58.04 -170.58 -198.53
C GLY D 295 -59.42 -171.07 -198.10
N GLY D 296 -60.32 -171.26 -199.07
CA GLY D 296 -61.63 -171.84 -198.85
C GLY D 296 -61.67 -173.35 -199.11
N GLY D 297 -60.50 -173.99 -199.07
CA GLY D 297 -60.29 -175.37 -199.51
C GLY D 297 -61.01 -176.43 -198.67
N GLY D 298 -61.52 -176.05 -197.50
CA GLY D 298 -62.27 -176.96 -196.64
C GLY D 298 -63.56 -177.45 -197.28
N GLY D 299 -64.24 -176.53 -197.97
CA GLY D 299 -65.33 -176.84 -198.88
C GLY D 299 -64.85 -177.02 -200.33
N GLY D 300 -63.76 -176.33 -200.69
CA GLY D 300 -63.26 -176.26 -202.06
C GLY D 300 -62.58 -177.56 -202.51
N ASN D 301 -61.41 -177.87 -201.94
CA ASN D 301 -60.55 -178.96 -202.38
C ASN D 301 -61.27 -180.30 -202.24
N SER D 302 -62.04 -180.47 -201.15
CA SER D 302 -62.79 -181.67 -200.86
C SER D 302 -63.98 -181.85 -201.80
N SER D 303 -64.23 -180.83 -202.66
CA SER D 303 -65.26 -180.86 -203.70
C SER D 303 -64.66 -180.97 -205.10
N ARG D 304 -63.54 -180.25 -205.34
CA ARG D 304 -62.84 -180.20 -206.61
C ARG D 304 -62.35 -181.60 -207.01
N GLN D 305 -61.90 -182.38 -206.02
CA GLN D 305 -61.41 -183.74 -206.22
C GLN D 305 -62.54 -184.69 -206.64
N PRO D 306 -63.65 -184.87 -205.87
CA PRO D 306 -64.76 -185.71 -206.33
C PRO D 306 -65.54 -185.22 -207.56
N PHE D 307 -65.42 -183.94 -207.92
CA PHE D 307 -65.88 -183.46 -209.22
C PHE D 307 -65.12 -184.14 -210.35
N ALA D 308 -63.79 -184.24 -210.23
CA ALA D 308 -62.96 -184.96 -211.20
C ALA D 308 -63.25 -186.46 -211.15
N GLY D 309 -63.39 -187.03 -209.94
CA GLY D 309 -63.68 -188.44 -209.74
C GLY D 309 -65.01 -188.88 -210.36
N GLY D 310 -66.04 -188.05 -210.19
CA GLY D 310 -67.36 -188.27 -210.78
C GLY D 310 -67.36 -188.12 -212.31
N PHE D 311 -66.62 -187.13 -212.82
CA PHE D 311 -66.52 -186.85 -214.25
C PHE D 311 -65.85 -188.00 -215.01
N PHE D 312 -64.88 -188.68 -214.36
CA PHE D 312 -64.19 -189.82 -214.96
C PHE D 312 -65.01 -191.10 -214.80
N GLY D 313 -66.25 -191.01 -214.31
CA GLY D 313 -67.18 -192.13 -214.26
C GLY D 313 -67.83 -192.41 -215.61
N GLY D 314 -67.00 -192.70 -216.62
CA GLY D 314 -67.41 -192.87 -218.01
C GLY D 314 -68.26 -194.11 -218.25
N GLY D 315 -69.00 -194.12 -219.36
CA GLY D 315 -69.99 -195.13 -219.67
C GLY D 315 -69.40 -196.50 -220.02
N ASN D 316 -70.10 -197.56 -219.58
CA ASN D 316 -69.81 -198.95 -219.88
C ASN D 316 -71.14 -199.72 -219.92
N ALA D 317 -71.24 -200.75 -220.77
CA ALA D 317 -72.50 -201.47 -220.97
C ALA D 317 -72.28 -202.94 -221.34
N THR D 318 -73.23 -203.81 -220.93
CA THR D 318 -73.18 -205.24 -221.21
C THR D 318 -74.54 -205.76 -221.72
N ILE D 319 -74.51 -206.64 -222.73
CA ILE D 319 -75.64 -207.50 -223.07
C ILE D 319 -75.35 -208.89 -222.53
N ASP D 320 -76.22 -209.39 -221.64
CA ASP D 320 -76.24 -210.80 -221.22
C ASP D 320 -74.87 -211.22 -220.65
N GLY D 321 -74.23 -210.33 -219.90
CA GLY D 321 -72.94 -210.59 -219.26
C GLY D 321 -71.73 -210.17 -220.09
N ARG D 322 -71.87 -210.12 -221.43
CA ARG D 322 -70.79 -209.75 -222.34
C ARG D 322 -70.74 -208.23 -222.51
N GLN D 323 -69.52 -207.66 -222.56
CA GLN D 323 -69.33 -206.24 -222.81
C GLN D 323 -69.69 -205.89 -224.26
N ILE D 324 -70.27 -204.69 -224.47
CA ILE D 324 -70.59 -204.17 -225.80
C ILE D 324 -69.87 -202.84 -226.08
N SER D 325 -69.24 -202.22 -225.06
CA SER D 325 -68.38 -201.07 -225.25
C SER D 325 -67.14 -201.50 -226.04
N GLU D 326 -66.78 -200.75 -227.09
CA GLU D 326 -65.66 -201.11 -227.96
C GLU D 326 -64.34 -200.81 -227.26
N SER D 327 -63.35 -201.72 -227.40
CA SER D 327 -62.00 -201.51 -226.88
C SER D 327 -61.17 -200.63 -227.82
N THR D 328 -61.70 -199.44 -228.15
CA THR D 328 -60.96 -198.40 -228.85
C THR D 328 -59.85 -197.90 -227.93
N GLY D 329 -58.58 -198.15 -228.30
CA GLY D 329 -57.44 -197.84 -227.45
C GLY D 329 -57.06 -196.36 -227.43
N ARG D 330 -58.06 -195.47 -227.36
CA ARG D 330 -57.86 -194.03 -227.32
C ARG D 330 -57.91 -193.54 -225.87
N TYR D 331 -56.97 -192.67 -225.53
CA TYR D 331 -56.88 -192.13 -224.18
C TYR D 331 -57.77 -190.89 -224.05
N ARG D 332 -58.24 -190.65 -222.82
CA ARG D 332 -58.62 -189.31 -222.37
C ARG D 332 -57.74 -188.93 -221.17
N SER D 333 -57.44 -187.63 -221.06
CA SER D 333 -56.74 -187.05 -219.93
C SER D 333 -57.49 -185.78 -219.51
N ASP D 334 -57.46 -185.45 -218.21
CA ASP D 334 -58.38 -184.47 -217.62
C ASP D 334 -58.22 -183.08 -218.23
N PRO D 335 -59.32 -182.30 -218.38
CA PRO D 335 -59.27 -180.97 -219.00
C PRO D 335 -58.68 -179.89 -218.11
N SER D 336 -58.44 -178.73 -218.71
CA SER D 336 -57.91 -177.53 -218.06
C SER D 336 -58.77 -177.10 -216.86
N ARG D 337 -58.11 -176.64 -215.79
CA ARG D 337 -58.69 -176.40 -214.46
C ARG D 337 -59.68 -175.22 -214.44
N ARG D 338 -59.48 -174.24 -215.32
CA ARG D 338 -60.27 -173.01 -215.47
C ARG D 338 -60.49 -172.29 -214.13
N VAL E 2 48.82 103.03 123.80
CA VAL E 2 47.79 103.80 123.05
C VAL E 2 48.39 104.19 121.70
N ALA E 3 47.74 103.78 120.61
CA ALA E 3 48.27 103.90 119.25
C ALA E 3 48.35 105.35 118.79
N ILE E 4 49.34 105.66 117.93
CA ILE E 4 49.70 107.02 117.54
C ILE E 4 48.95 107.48 116.28
N ARG E 5 48.83 106.62 115.25
CA ARG E 5 48.27 107.00 113.94
C ARG E 5 47.42 105.89 113.30
N SER E 6 46.77 105.04 114.10
CA SER E 6 46.10 103.82 113.64
C SER E 6 45.06 104.07 112.55
N GLU E 7 44.28 105.15 112.68
CA GLU E 7 43.14 105.42 111.82
C GLU E 7 43.59 106.05 110.51
N GLY E 8 44.83 106.55 110.48
CA GLY E 8 45.52 106.95 109.25
C GLY E 8 46.14 105.74 108.55
N VAL E 9 46.68 104.80 109.34
CA VAL E 9 47.26 103.58 108.82
C VAL E 9 46.17 102.67 108.23
N SER E 10 44.95 102.72 108.78
CA SER E 10 43.82 101.96 108.28
C SER E 10 43.41 102.38 106.87
N GLU E 11 43.89 103.54 106.38
CA GLU E 11 43.67 103.95 105.01
C GLU E 11 44.22 102.89 104.03
N THR E 12 45.17 102.07 104.50
CA THR E 12 45.67 100.93 103.73
C THR E 12 44.55 99.94 103.47
N GLN E 13 43.96 99.38 104.54
CA GLN E 13 42.83 98.46 104.46
C GLN E 13 41.64 99.09 103.74
N GLN E 14 41.43 100.40 103.96
CA GLN E 14 40.25 101.13 103.51
C GLN E 14 40.32 101.45 102.01
N ASN E 15 41.54 101.53 101.46
CA ASN E 15 41.72 101.55 100.01
C ASN E 15 41.73 100.14 99.44
N LEU E 16 42.29 99.18 100.18
CA LEU E 16 42.57 97.83 99.67
C LEU E 16 41.30 97.01 99.48
N GLU E 17 40.25 97.21 100.32
CA GLU E 17 38.97 96.57 100.06
C GLU E 17 38.29 97.17 98.83
N GLY E 18 38.68 98.39 98.46
CA GLY E 18 38.33 98.97 97.17
C GLY E 18 38.96 98.21 96.00
N VAL E 19 40.22 97.76 96.19
CA VAL E 19 40.90 96.94 95.21
C VAL E 19 40.29 95.54 95.18
N GLU E 20 39.84 95.03 96.33
CA GLU E 20 39.11 93.76 96.38
C GLU E 20 37.85 93.88 95.55
N ASN E 21 37.16 95.02 95.67
CA ASN E 21 35.97 95.31 94.89
C ASN E 21 36.33 95.40 93.41
N ALA E 22 37.55 95.89 93.11
CA ALA E 22 38.05 95.96 91.74
C ALA E 22 38.44 94.58 91.22
N MET E 23 38.32 93.54 92.07
CA MET E 23 38.36 92.15 91.64
C MET E 23 36.96 91.53 91.63
N GLU E 24 36.11 91.86 92.63
CA GLU E 24 34.74 91.35 92.70
C GLU E 24 33.94 91.80 91.49
N ASP E 25 34.16 93.04 91.02
CA ASP E 25 33.53 93.60 89.84
C ASP E 25 34.08 92.97 88.55
N THR E 26 34.97 91.97 88.70
CA THR E 26 35.34 91.07 87.61
C THR E 26 34.97 89.62 87.94
N ALA E 27 34.84 89.28 89.23
CA ALA E 27 34.50 87.93 89.66
C ALA E 27 33.12 87.51 89.16
N ASP E 28 32.21 88.50 89.13
CA ASP E 28 30.87 88.39 88.55
C ASP E 28 30.93 87.91 87.10
N SER E 29 31.72 88.61 86.29
CA SER E 29 31.76 88.54 84.84
C SER E 29 32.69 87.43 84.37
N ALA E 30 33.67 87.08 85.21
CA ALA E 30 34.42 85.84 85.08
C ALA E 30 33.47 84.66 85.27
N GLY E 31 32.50 84.81 86.16
CA GLY E 31 31.39 83.87 86.32
C GLY E 31 30.52 83.77 85.07
N ASP E 32 30.15 84.91 84.47
CA ASP E 32 29.33 84.98 83.27
C ASP E 32 29.95 84.22 82.10
N SER E 33 31.29 84.08 82.10
CA SER E 33 32.02 83.37 81.06
C SER E 33 31.58 81.91 80.91
N ALA E 34 30.99 81.33 81.97
CA ALA E 34 30.41 79.99 81.93
C ALA E 34 29.21 79.96 80.99
N ALA E 35 28.35 80.97 81.09
CA ALA E 35 27.18 81.13 80.24
C ALA E 35 27.61 81.34 78.79
N GLU E 36 28.72 82.06 78.57
CA GLU E 36 29.27 82.27 77.24
C GLU E 36 29.57 80.93 76.57
N LEU E 37 30.31 80.04 77.27
CA LEU E 37 30.72 78.77 76.68
C LEU E 37 29.52 77.85 76.46
N GLU E 38 28.53 77.89 77.36
CA GLU E 38 27.31 77.14 77.16
C GLU E 38 26.58 77.61 75.90
N THR E 39 26.56 78.93 75.64
CA THR E 39 25.94 79.46 74.42
C THR E 39 26.74 79.11 73.17
N PHE E 40 28.08 79.10 73.25
CA PHE E 40 28.91 78.60 72.16
C PHE E 40 28.55 77.15 71.84
N SER E 41 28.31 76.33 72.88
CA SER E 41 27.93 74.93 72.74
C SER E 41 26.59 74.74 72.04
N LYS E 42 25.71 75.75 72.05
CA LYS E 42 24.35 75.65 71.53
C LYS E 42 24.34 75.36 70.01
N ARG E 43 25.30 75.94 69.30
CA ARG E 43 25.45 75.75 67.86
C ARG E 43 25.79 74.30 67.55
N PHE E 44 26.81 73.76 68.23
CA PHE E 44 27.35 72.43 67.96
C PHE E 44 26.38 71.33 68.41
N LYS E 45 25.69 71.56 69.55
CA LYS E 45 24.70 70.63 70.08
C LYS E 45 23.44 70.63 69.22
N GLY E 46 23.03 71.82 68.76
CA GLY E 46 21.90 71.99 67.87
C GLY E 46 22.14 71.43 66.47
N ALA E 47 23.36 71.64 65.95
CA ALA E 47 23.76 71.15 64.64
C ALA E 47 23.89 69.63 64.62
N MET E 48 24.34 69.03 65.74
CA MET E 48 24.28 67.59 65.90
C MET E 48 22.83 67.10 65.94
N GLY E 49 21.93 67.87 66.55
CA GLY E 49 20.49 67.61 66.51
C GLY E 49 19.94 67.59 65.08
N ALA E 50 20.24 68.62 64.30
CA ALA E 50 19.82 68.77 62.92
C ALA E 50 20.43 67.72 61.99
N ALA E 51 21.71 67.37 62.21
CA ALA E 51 22.39 66.35 61.44
C ALA E 51 21.86 64.94 61.75
N VAL E 52 21.54 64.69 63.03
CA VAL E 52 20.94 63.43 63.47
C VAL E 52 19.52 63.30 62.92
N SER E 53 18.74 64.40 62.91
CA SER E 53 17.42 64.38 62.30
C SER E 53 17.50 64.24 60.77
N ALA E 54 18.56 64.79 60.14
CA ALA E 54 18.79 64.61 58.71
C ALA E 54 19.16 63.17 58.38
N LEU E 55 19.95 62.52 59.25
CA LEU E 55 20.30 61.12 59.11
C LEU E 55 19.07 60.25 59.32
N ALA E 56 18.22 60.62 60.30
CA ALA E 56 16.97 59.95 60.59
C ALA E 56 16.02 60.01 59.39
N ILE E 57 15.97 61.18 58.72
CA ILE E 57 15.21 61.37 57.48
C ILE E 57 15.82 60.53 56.35
N GLY E 58 17.15 60.43 56.29
CA GLY E 58 17.86 59.62 55.31
C GLY E 58 17.59 58.12 55.45
N THR E 59 17.74 57.58 56.67
CA THR E 59 17.47 56.18 56.95
C THR E 59 15.98 55.85 56.86
N ALA E 60 15.09 56.83 57.11
CA ALA E 60 13.69 56.67 56.77
C ALA E 60 13.52 56.60 55.25
N GLY E 61 14.09 57.57 54.53
CA GLY E 61 14.01 57.68 53.07
C GLY E 61 14.47 56.42 52.34
N LEU E 62 15.43 55.70 52.93
CA LEU E 62 15.80 54.37 52.46
C LEU E 62 14.94 53.32 53.14
N LEU E 63 15.18 53.03 54.43
CA LEU E 63 14.71 51.82 55.10
C LEU E 63 13.21 51.86 55.42
N SER E 64 12.63 53.04 55.63
CA SER E 64 11.20 53.17 55.87
C SER E 64 10.37 53.01 54.59
N GLN E 65 11.01 53.14 53.41
CA GLN E 65 10.31 53.27 52.14
C GLN E 65 10.72 52.20 51.12
N VAL E 66 12.02 52.14 50.76
CA VAL E 66 12.55 51.28 49.70
C VAL E 66 12.27 49.79 49.97
N PRO E 67 12.50 49.23 51.18
CA PRO E 67 12.07 47.86 51.49
C PRO E 67 10.59 47.57 51.35
N VAL E 68 9.72 48.56 51.63
CA VAL E 68 8.28 48.41 51.48
C VAL E 68 7.92 48.42 50.00
N VAL E 69 8.57 49.31 49.24
CA VAL E 69 8.53 49.39 47.78
C VAL E 69 9.21 48.16 47.17
N GLY E 70 9.89 47.36 48.01
CA GLY E 70 10.75 46.25 47.62
C GLY E 70 10.12 45.23 46.69
N GLU E 71 8.78 45.12 46.72
CA GLU E 71 7.96 44.25 45.91
C GLU E 71 8.20 44.42 44.41
N ALA E 72 8.77 45.56 43.98
CA ALA E 72 9.04 45.82 42.57
C ALA E 72 10.09 44.84 42.01
N MET E 73 10.86 44.21 42.90
CA MET E 73 11.57 42.95 42.63
C MET E 73 10.90 41.84 43.45
N GLY E 74 10.71 40.66 42.86
CA GLY E 74 10.23 39.53 43.61
C GLY E 74 8.70 39.46 43.74
N GLY E 75 8.05 40.61 44.02
CA GLY E 75 6.60 40.73 43.97
C GLY E 75 6.10 40.79 42.53
N LEU E 76 6.50 41.84 41.81
CA LEU E 76 6.32 41.92 40.37
C LEU E 76 7.17 40.85 39.67
N GLY E 77 8.14 40.27 40.39
CA GLY E 77 8.89 39.11 39.95
C GLY E 77 8.07 37.83 39.99
N ALA E 78 7.17 37.70 40.98
CA ALA E 78 6.31 36.54 41.10
C ALA E 78 5.36 36.43 39.91
N ILE E 79 5.02 37.55 39.28
CA ILE E 79 4.13 37.60 38.13
C ILE E 79 4.74 36.86 36.92
N ILE E 80 6.06 36.58 36.96
CA ILE E 80 6.72 35.67 36.03
C ILE E 80 6.03 34.31 36.05
N ASP E 81 5.56 33.86 37.23
CA ASP E 81 4.86 32.59 37.38
C ASP E 81 3.59 32.56 36.52
N ALA E 82 2.76 33.60 36.67
CA ALA E 82 1.47 33.73 36.02
C ALA E 82 1.56 33.79 34.49
N LEU E 83 2.75 34.08 33.95
CA LEU E 83 2.94 34.26 32.52
C LEU E 83 4.03 33.34 31.94
N THR E 84 4.72 32.56 32.81
CA THR E 84 5.49 31.39 32.38
C THR E 84 4.60 30.15 32.39
N MET E 85 3.79 29.99 33.45
CA MET E 85 2.91 28.83 33.66
C MET E 85 2.14 28.52 32.38
N LYS E 86 1.67 29.57 31.70
CA LYS E 86 0.73 29.51 30.58
C LYS E 86 1.32 28.88 29.33
N ILE E 87 2.61 28.54 29.33
CA ILE E 87 3.15 27.63 28.33
C ILE E 87 2.41 26.29 28.40
N ASP E 88 1.82 25.99 29.57
CA ASP E 88 1.03 24.79 29.80
C ASP E 88 -0.30 24.84 29.04
N GLU E 89 -0.82 26.04 28.73
CA GLU E 89 -2.02 26.19 27.92
C GLU E 89 -1.82 25.56 26.55
N ASP E 90 -0.56 25.57 26.07
CA ASP E 90 -0.18 25.06 24.77
C ASP E 90 0.60 23.74 24.88
N ALA E 91 0.84 23.27 26.11
CA ALA E 91 1.38 21.93 26.31
C ALA E 91 0.40 20.89 25.78
N ARG E 92 -0.86 20.96 26.24
CA ARG E 92 -1.94 20.03 25.90
C ARG E 92 -2.32 20.06 24.42
N PRO E 93 -2.54 21.23 23.75
CA PRO E 93 -2.73 21.28 22.29
C PRO E 93 -1.75 20.51 21.42
N ALA E 94 -0.48 20.40 21.83
CA ALA E 94 0.46 19.52 21.14
C ALA E 94 0.06 18.06 21.33
N VAL E 95 -0.26 17.66 22.57
CA VAL E 95 -0.73 16.33 22.93
C VAL E 95 -1.97 15.95 22.13
N GLY E 96 -2.94 16.86 22.07
CA GLY E 96 -4.18 16.68 21.32
C GLY E 96 -3.90 16.31 19.87
N SER E 97 -2.92 17.02 19.28
CA SER E 97 -2.41 16.71 17.96
C SER E 97 -1.80 15.31 17.92
N PHE E 98 -1.01 14.93 18.94
CA PHE E 98 -0.40 13.60 19.02
C PHE E 98 -1.48 12.52 19.21
N THR E 99 -2.63 12.87 19.80
CA THR E 99 -3.75 11.97 20.03
C THR E 99 -4.48 11.70 18.72
N ASP E 100 -4.63 12.77 17.93
CA ASP E 100 -5.11 12.69 16.56
C ASP E 100 -4.19 11.75 15.78
N ASP E 101 -2.89 12.08 15.76
CA ASP E 101 -1.80 11.31 15.15
C ASP E 101 -1.88 9.83 15.50
N LEU E 102 -1.99 9.52 16.80
CA LEU E 102 -2.15 8.18 17.34
C LEU E 102 -3.34 7.45 16.70
N TYR E 103 -4.51 8.09 16.70
CA TYR E 103 -5.73 7.50 16.18
C TYR E 103 -5.65 7.27 14.67
N GLU E 104 -5.09 8.24 13.93
CA GLU E 104 -4.99 8.16 12.48
C GLU E 104 -4.03 7.07 12.06
N VAL E 105 -2.92 6.91 12.81
CA VAL E 105 -1.98 5.81 12.59
C VAL E 105 -2.69 4.49 12.88
N ALA E 106 -3.49 4.44 13.95
CA ALA E 106 -4.25 3.25 14.31
C ALA E 106 -5.16 2.80 13.15
N GLU E 107 -5.97 3.73 12.63
CA GLU E 107 -6.87 3.44 11.53
C GLU E 107 -6.06 3.00 10.31
N ALA E 108 -4.95 3.72 10.02
CA ALA E 108 -4.06 3.39 8.92
C ALA E 108 -3.52 1.96 9.03
N THR E 109 -3.18 1.50 10.25
CA THR E 109 -2.74 0.13 10.47
C THR E 109 -3.87 -0.85 10.21
N TYR E 110 -5.09 -0.51 10.62
CA TYR E 110 -6.26 -1.38 10.48
C TYR E 110 -6.68 -1.50 9.01
N GLU E 111 -6.59 -0.40 8.26
CA GLU E 111 -6.80 -0.39 6.82
C GLU E 111 -5.71 -1.19 6.11
N ALA E 112 -4.45 -1.03 6.54
CA ALA E 112 -3.37 -1.85 6.03
C ALA E 112 -3.67 -3.33 6.24
N ASP E 113 -3.84 -3.75 7.51
CA ASP E 113 -4.13 -5.14 7.90
C ASP E 113 -5.31 -5.73 7.14
N SER E 114 -6.42 -4.97 7.02
CA SER E 114 -7.59 -5.44 6.29
C SER E 114 -7.33 -5.57 4.79
N SER E 115 -6.44 -4.74 4.23
CA SER E 115 -5.97 -4.90 2.86
C SER E 115 -5.12 -6.16 2.75
N LEU E 116 -4.43 -6.54 3.84
CA LEU E 116 -3.52 -7.68 3.82
C LEU E 116 -4.31 -9.00 3.78
N GLU E 117 -5.42 -9.07 4.51
CA GLU E 117 -6.29 -10.22 4.46
C GLU E 117 -7.01 -10.29 3.12
N ALA E 118 -7.43 -9.13 2.61
CA ALA E 118 -8.15 -9.03 1.35
C ALA E 118 -7.23 -9.29 0.15
N PHE E 119 -5.92 -9.06 0.30
CA PHE E 119 -4.93 -9.57 -0.65
C PHE E 119 -5.08 -11.08 -0.80
N GLN E 120 -4.93 -11.83 0.31
CA GLN E 120 -4.91 -13.29 0.28
C GLN E 120 -6.14 -13.85 -0.43
N THR E 121 -7.33 -13.33 -0.11
CA THR E 121 -8.58 -13.78 -0.71
C THR E 121 -8.70 -13.36 -2.17
N ALA E 122 -8.30 -12.13 -2.53
CA ALA E 122 -8.37 -11.64 -3.90
C ALA E 122 -7.36 -12.33 -4.80
N LEU E 123 -6.10 -12.41 -4.35
CA LEU E 123 -5.01 -13.03 -5.10
C LEU E 123 -5.29 -14.51 -5.34
N ASP E 124 -5.70 -15.24 -4.28
CA ASP E 124 -6.10 -16.64 -4.43
C ASP E 124 -7.37 -16.75 -5.26
N GLY E 125 -8.23 -15.72 -5.21
CA GLY E 125 -9.38 -15.60 -6.08
C GLY E 125 -8.96 -15.58 -7.56
N VAL E 126 -7.85 -14.90 -7.87
CA VAL E 126 -7.32 -14.81 -9.22
C VAL E 126 -6.65 -16.13 -9.60
N ASN E 127 -5.89 -16.72 -8.67
CA ASN E 127 -5.24 -18.01 -8.83
C ASN E 127 -6.28 -19.08 -9.18
N THR E 128 -7.42 -19.05 -8.47
CA THR E 128 -8.50 -20.01 -8.64
C THR E 128 -9.50 -19.57 -9.72
N ALA E 129 -9.24 -18.46 -10.43
CA ALA E 129 -10.11 -18.02 -11.50
C ALA E 129 -9.92 -18.85 -12.78
N ILE E 130 -8.85 -19.66 -12.83
CA ILE E 130 -8.37 -20.22 -14.09
C ILE E 130 -8.04 -21.73 -14.00
N ASP E 131 -7.61 -22.25 -12.84
CA ASP E 131 -7.05 -23.60 -12.76
C ASP E 131 -8.08 -24.69 -13.07
N ASP E 132 -9.05 -24.94 -12.17
CA ASP E 132 -10.07 -25.95 -12.40
C ASP E 132 -11.09 -25.44 -13.42
N VAL E 133 -10.95 -24.18 -13.82
CA VAL E 133 -11.85 -23.48 -14.73
C VAL E 133 -11.39 -23.70 -16.18
N ALA E 134 -10.08 -23.83 -16.41
CA ALA E 134 -9.50 -23.93 -17.75
C ALA E 134 -8.65 -25.17 -17.99
N VAL E 135 -7.97 -25.73 -16.96
CA VAL E 135 -7.04 -26.84 -17.18
C VAL E 135 -7.81 -28.12 -17.52
N SER E 136 -8.55 -28.66 -16.55
CA SER E 136 -9.27 -29.91 -16.68
C SER E 136 -10.37 -29.80 -17.74
N THR E 137 -10.92 -28.59 -17.88
CA THR E 137 -11.99 -28.29 -18.82
C THR E 137 -11.47 -28.29 -20.25
N LEU E 138 -10.31 -27.65 -20.52
CA LEU E 138 -9.78 -27.71 -21.87
C LEU E 138 -9.25 -29.13 -22.16
N GLN E 139 -8.77 -29.83 -21.13
CA GLN E 139 -8.39 -31.23 -21.26
C GLN E 139 -9.59 -32.09 -21.65
N THR E 140 -10.77 -31.89 -21.03
CA THR E 140 -11.95 -32.62 -21.44
C THR E 140 -12.41 -32.22 -22.85
N GLU E 141 -12.30 -30.94 -23.21
CA GLU E 141 -12.60 -30.48 -24.55
C GLU E 141 -11.58 -30.99 -25.58
N ILE E 142 -10.34 -31.27 -25.15
CA ILE E 142 -9.30 -31.92 -25.94
C ILE E 142 -9.68 -33.40 -26.17
N GLU E 143 -10.06 -34.09 -25.10
CA GLU E 143 -10.42 -35.50 -25.12
C GLU E 143 -11.67 -35.71 -25.97
N GLU E 144 -12.63 -34.76 -25.89
CA GLU E 144 -13.93 -34.90 -26.53
C GLU E 144 -13.98 -34.21 -27.90
N LEU E 145 -13.01 -33.35 -28.24
CA LEU E 145 -12.76 -33.00 -29.64
C LEU E 145 -11.98 -34.13 -30.30
N THR E 146 -10.82 -34.44 -29.72
CA THR E 146 -9.71 -35.04 -30.45
C THR E 146 -9.34 -36.44 -29.95
N GLY E 147 -9.56 -36.73 -28.66
CA GLY E 147 -9.50 -38.11 -28.18
C GLY E 147 -10.44 -38.99 -28.99
N ILE E 148 -11.67 -38.52 -29.20
CA ILE E 148 -12.66 -39.24 -29.99
C ILE E 148 -12.36 -39.20 -31.49
N THR E 149 -11.16 -38.72 -31.91
CA THR E 149 -10.76 -38.89 -33.30
C THR E 149 -10.16 -40.27 -33.53
N ILE E 150 -9.85 -40.99 -32.44
CA ILE E 150 -9.46 -42.39 -32.50
C ILE E 150 -10.52 -43.20 -33.26
N PRO E 151 -11.81 -43.23 -32.86
CA PRO E 151 -12.88 -43.77 -33.70
C PRO E 151 -12.88 -43.32 -35.16
N LYS E 152 -12.72 -42.02 -35.42
CA LYS E 152 -12.74 -41.46 -36.77
C LYS E 152 -11.64 -42.06 -37.65
N ASN E 153 -10.45 -42.28 -37.06
CA ASN E 153 -9.30 -42.88 -37.72
C ASN E 153 -9.59 -44.33 -38.09
N TRP E 154 -10.13 -45.12 -37.14
CA TRP E 154 -10.41 -46.55 -37.35
C TRP E 154 -11.61 -46.80 -38.26
N LEU E 155 -12.60 -45.90 -38.25
CA LEU E 155 -13.88 -46.11 -38.92
C LEU E 155 -13.74 -46.15 -40.44
N ASP E 156 -13.09 -45.15 -41.04
CA ASP E 156 -13.24 -44.78 -42.44
C ASP E 156 -12.92 -45.89 -43.43
N PHE E 157 -12.04 -46.82 -43.03
CA PHE E 157 -11.76 -48.02 -43.80
C PHE E 157 -12.63 -49.17 -43.29
N GLY E 158 -12.63 -49.36 -41.97
CA GLY E 158 -13.30 -50.47 -41.29
C GLY E 158 -14.76 -50.68 -41.69
N TRP E 159 -15.55 -49.60 -41.81
CA TRP E 159 -16.97 -49.73 -42.09
C TRP E 159 -17.30 -50.24 -43.48
N ASP E 160 -16.31 -50.35 -44.38
CA ASP E 160 -16.54 -50.93 -45.69
C ASP E 160 -16.99 -52.39 -45.60
N ILE E 161 -16.56 -53.09 -44.54
CA ILE E 161 -16.90 -54.48 -44.26
C ILE E 161 -18.41 -54.67 -44.14
N MET E 162 -19.12 -53.58 -43.79
CA MET E 162 -20.58 -53.56 -43.76
C MET E 162 -21.11 -52.80 -44.98
N THR E 163 -20.55 -51.60 -45.20
CA THR E 163 -20.99 -50.60 -46.16
C THR E 163 -20.85 -51.10 -47.61
N LEU E 164 -19.65 -51.57 -47.98
CA LEU E 164 -19.34 -51.88 -49.36
C LEU E 164 -19.40 -53.39 -49.65
N ASP E 165 -19.07 -54.23 -48.65
CA ASP E 165 -19.02 -55.67 -48.82
C ASP E 165 -20.38 -56.25 -49.19
N ALA E 166 -21.46 -55.66 -48.67
CA ALA E 166 -22.81 -55.97 -49.09
C ALA E 166 -22.95 -55.87 -50.60
N ARG E 167 -22.43 -54.78 -51.20
CA ARG E 167 -22.52 -54.51 -52.63
C ARG E 167 -21.60 -55.43 -53.44
N GLN E 168 -20.39 -55.68 -52.92
CA GLN E 168 -19.42 -56.65 -53.40
C GLN E 168 -20.11 -58.01 -53.58
N THR E 169 -20.65 -58.52 -52.47
CA THR E 169 -21.17 -59.87 -52.37
C THR E 169 -22.48 -60.02 -53.14
N MET E 170 -23.30 -58.98 -53.16
CA MET E 170 -24.53 -59.05 -53.95
C MET E 170 -24.22 -59.12 -55.44
N ASP E 171 -23.21 -58.40 -55.96
CA ASP E 171 -22.92 -58.48 -57.40
C ASP E 171 -22.42 -59.87 -57.77
N ASN E 172 -21.67 -60.48 -56.85
CA ASN E 172 -21.24 -61.87 -56.98
C ASN E 172 -22.47 -62.77 -57.01
N ILE E 173 -23.39 -62.59 -56.06
CA ILE E 173 -24.61 -63.38 -55.95
C ILE E 173 -25.47 -63.21 -57.20
N GLU E 174 -25.57 -61.97 -57.70
CA GLU E 174 -26.40 -61.63 -58.85
C GLU E 174 -25.85 -62.25 -60.14
N THR E 175 -24.52 -62.25 -60.30
CA THR E 175 -23.88 -62.93 -61.41
C THR E 175 -23.94 -64.44 -61.24
N ILE E 176 -23.81 -64.95 -60.01
CA ILE E 176 -23.97 -66.37 -59.70
C ILE E 176 -25.39 -66.82 -60.08
N ILE E 177 -26.40 -66.05 -59.65
CA ILE E 177 -27.80 -66.35 -59.97
C ILE E 177 -28.01 -66.34 -61.48
N ASN E 178 -27.31 -65.46 -62.21
CA ASN E 178 -27.45 -65.36 -63.65
C ASN E 178 -26.92 -66.59 -64.38
N GLU E 179 -26.23 -67.50 -63.67
CA GLU E 179 -25.88 -68.79 -64.23
C GLU E 179 -27.14 -69.61 -64.48
N PHE E 180 -28.24 -69.31 -63.77
CA PHE E 180 -29.47 -70.07 -63.89
C PHE E 180 -30.29 -69.64 -65.12
N PRO E 181 -30.61 -68.35 -65.35
CA PRO E 181 -31.13 -67.90 -66.65
C PRO E 181 -30.30 -68.39 -67.84
N GLU E 182 -28.96 -68.40 -67.69
CA GLU E 182 -28.07 -69.01 -68.67
C GLU E 182 -28.40 -70.50 -68.86
N ASP E 183 -28.38 -71.27 -67.76
CA ASP E 183 -28.67 -72.70 -67.75
C ASP E 183 -30.03 -73.00 -68.35
N PHE E 184 -31.06 -72.25 -67.93
CA PHE E 184 -32.41 -72.37 -68.48
C PHE E 184 -32.38 -72.15 -69.99
N GLY E 185 -31.65 -71.11 -70.43
CA GLY E 185 -31.37 -70.86 -71.83
C GLY E 185 -30.72 -72.06 -72.51
N THR E 186 -29.77 -72.72 -71.83
CA THR E 186 -29.11 -73.89 -72.40
C THR E 186 -30.11 -75.04 -72.57
N MET E 187 -30.95 -75.22 -71.56
CA MET E 187 -31.88 -76.35 -71.53
C MET E 187 -33.01 -76.14 -72.52
N LEU E 188 -33.43 -74.88 -72.77
CA LEU E 188 -34.39 -74.63 -73.84
C LEU E 188 -33.79 -74.98 -75.19
N LYS E 189 -32.54 -74.55 -75.45
CA LYS E 189 -31.82 -74.77 -76.70
C LYS E 189 -31.51 -76.24 -76.95
N SER E 190 -31.53 -77.07 -75.88
CA SER E 190 -31.29 -78.52 -75.97
C SER E 190 -32.58 -79.35 -75.98
N ILE E 191 -33.66 -78.84 -75.36
CA ILE E 191 -34.96 -79.49 -75.37
C ILE E 191 -35.66 -79.27 -76.72
N ASP E 192 -35.55 -78.06 -77.26
CA ASP E 192 -36.10 -77.65 -78.54
C ASP E 192 -35.90 -78.70 -79.64
N PRO E 193 -34.67 -79.18 -79.94
CA PRO E 193 -34.46 -80.15 -81.01
C PRO E 193 -35.17 -81.49 -80.89
N ARG E 194 -35.76 -81.80 -79.72
CA ARG E 194 -36.58 -82.99 -79.55
C ARG E 194 -37.84 -82.89 -80.41
N ALA E 195 -38.31 -81.66 -80.61
CA ALA E 195 -39.41 -81.36 -81.52
C ALA E 195 -38.86 -80.94 -82.89
N LYS E 196 -37.91 -80.01 -82.91
CA LYS E 196 -37.42 -79.29 -84.09
C LYS E 196 -36.77 -80.23 -85.12
N LYS E 197 -36.29 -81.41 -84.69
CA LYS E 197 -35.72 -82.42 -85.57
C LYS E 197 -36.70 -82.84 -86.67
N GLY E 198 -37.98 -83.06 -86.29
CA GLY E 198 -38.93 -83.76 -87.13
C GLY E 198 -39.74 -82.86 -88.07
N TRP E 199 -39.37 -81.59 -88.19
CA TRP E 199 -40.21 -80.61 -88.88
C TRP E 199 -40.25 -80.80 -90.41
N ASP E 200 -39.36 -81.62 -90.97
CA ASP E 200 -39.38 -81.89 -92.41
C ASP E 200 -40.34 -83.01 -92.81
N ILE E 201 -41.13 -83.60 -91.87
CA ILE E 201 -41.98 -84.75 -92.19
C ILE E 201 -42.98 -84.39 -93.27
N LEU E 202 -43.59 -83.20 -93.15
CA LEU E 202 -44.62 -82.71 -94.05
C LEU E 202 -44.02 -82.09 -95.31
N THR E 203 -42.68 -82.14 -95.47
CA THR E 203 -42.00 -81.42 -96.54
C THR E 203 -41.00 -82.29 -97.33
N LYS E 204 -40.45 -83.35 -96.72
CA LYS E 204 -39.79 -84.40 -97.48
C LYS E 204 -40.78 -85.10 -98.41
N SER E 205 -42.05 -85.14 -98.02
CA SER E 205 -43.14 -85.60 -98.88
C SER E 205 -43.25 -84.68 -100.10
N ALA E 206 -43.39 -83.37 -99.87
CA ALA E 206 -43.43 -82.35 -100.90
C ALA E 206 -42.21 -82.42 -101.81
N ASP E 207 -41.02 -82.63 -101.22
CA ASP E 207 -39.73 -82.82 -101.86
C ASP E 207 -39.75 -83.94 -102.90
N MET E 208 -40.75 -84.84 -102.82
CA MET E 208 -40.80 -86.02 -103.68
C MET E 208 -42.14 -86.18 -104.40
N PHE E 209 -43.07 -85.22 -104.25
CA PHE E 209 -44.37 -85.29 -104.91
C PHE E 209 -44.23 -85.16 -106.43
N ILE E 210 -43.30 -84.32 -106.93
CA ILE E 210 -43.07 -84.27 -108.37
C ILE E 210 -42.30 -85.51 -108.83
N ASN E 211 -41.74 -86.29 -107.89
CA ASN E 211 -41.20 -87.60 -108.22
C ASN E 211 -42.32 -88.58 -108.59
N ASP E 212 -43.55 -88.34 -108.09
CA ASP E 212 -44.74 -89.01 -108.60
C ASP E 212 -45.08 -88.49 -110.01
N LEU E 213 -45.05 -87.16 -110.20
CA LEU E 213 -45.42 -86.55 -111.48
C LEU E 213 -44.40 -86.88 -112.57
N THR E 214 -43.16 -87.23 -112.18
CA THR E 214 -42.16 -87.77 -113.09
C THR E 214 -42.22 -89.29 -113.15
N SER E 215 -42.78 -89.94 -112.12
CA SER E 215 -43.18 -91.32 -112.24
C SER E 215 -44.20 -91.47 -113.38
N ARG E 216 -45.01 -90.41 -113.63
CA ARG E 216 -45.96 -90.42 -114.74
C ARG E 216 -45.23 -90.60 -116.06
N ILE E 217 -43.94 -90.24 -116.11
CA ILE E 217 -43.05 -90.59 -117.21
C ILE E 217 -42.35 -91.92 -116.91
N ASP E 218 -41.53 -91.99 -115.85
CA ASP E 218 -40.54 -93.05 -115.62
C ASP E 218 -41.19 -94.42 -115.37
N SER E 219 -42.50 -94.40 -115.07
CA SER E 219 -43.30 -95.60 -114.90
C SER E 219 -44.56 -95.56 -115.77
N GLY E 220 -45.15 -94.36 -115.95
CA GLY E 220 -46.44 -94.19 -116.60
C GLY E 220 -46.39 -94.03 -118.12
N VAL E 221 -45.22 -93.67 -118.68
CA VAL E 221 -45.06 -93.48 -120.12
C VAL E 221 -43.77 -94.13 -120.65
N ASN E 222 -42.59 -93.64 -120.21
CA ASN E 222 -41.27 -94.15 -120.57
C ASN E 222 -41.27 -94.71 -121.99
N ASP E 223 -41.49 -93.82 -122.98
CA ASP E 223 -42.08 -94.11 -124.29
C ASP E 223 -41.40 -95.28 -125.02
N VAL E 224 -40.08 -95.37 -124.87
CA VAL E 224 -39.24 -96.45 -125.35
C VAL E 224 -39.83 -97.84 -125.09
N ARG E 225 -40.50 -98.04 -123.95
CA ARG E 225 -41.07 -99.34 -123.56
C ARG E 225 -42.30 -99.65 -124.42
N GLY E 226 -43.15 -98.63 -124.62
CA GLY E 226 -44.31 -98.75 -125.49
C GLY E 226 -43.90 -98.96 -126.94
N PHE E 227 -42.87 -98.23 -127.37
CA PHE E 227 -42.37 -98.27 -128.74
C PHE E 227 -41.71 -99.63 -129.04
N PHE E 228 -40.79 -100.07 -128.18
CA PHE E 228 -39.97 -101.24 -128.47
C PHE E 228 -40.70 -102.56 -128.20
N THR E 229 -41.86 -102.51 -127.53
CA THR E 229 -42.76 -103.66 -127.50
C THR E 229 -43.68 -103.65 -128.72
N GLY E 230 -44.09 -102.45 -129.16
CA GLY E 230 -44.73 -102.26 -130.46
C GLY E 230 -43.88 -102.86 -131.58
N LEU E 231 -42.70 -102.28 -131.82
CA LEU E 231 -41.79 -102.62 -132.92
C LEU E 231 -41.54 -104.13 -133.04
N ALA E 232 -41.12 -104.79 -131.95
CA ALA E 232 -40.81 -106.22 -131.99
C ALA E 232 -42.05 -107.08 -132.23
N SER E 233 -43.22 -106.61 -131.79
CA SER E 233 -44.48 -107.31 -132.05
C SER E 233 -44.92 -107.11 -133.51
N ASP E 234 -44.73 -105.90 -134.04
CA ASP E 234 -45.00 -105.57 -135.43
C ASP E 234 -44.16 -106.41 -136.38
N LEU E 235 -42.88 -106.62 -136.04
CA LEU E 235 -41.98 -107.47 -136.82
C LEU E 235 -42.44 -108.93 -136.81
N ASN E 236 -43.05 -109.38 -135.70
CA ASN E 236 -43.61 -110.71 -135.58
C ASN E 236 -44.91 -110.83 -136.39
N GLU E 237 -45.70 -109.75 -136.46
CA GLU E 237 -46.90 -109.71 -137.30
C GLU E 237 -46.49 -109.81 -138.77
N TRP E 238 -45.51 -108.98 -139.18
CA TRP E 238 -44.97 -108.98 -140.53
C TRP E 238 -44.42 -110.36 -140.88
N GLY E 239 -43.64 -110.95 -139.97
CA GLY E 239 -43.05 -112.26 -140.19
C GLY E 239 -44.07 -113.39 -140.28
N GLY E 240 -45.07 -113.35 -139.40
CA GLY E 240 -46.16 -114.32 -139.41
C GLY E 240 -46.98 -114.26 -140.70
N ASN E 241 -47.31 -113.04 -141.13
CA ASN E 241 -48.05 -112.79 -142.36
C ASN E 241 -47.22 -113.19 -143.59
N VAL E 242 -45.99 -112.68 -143.71
CA VAL E 242 -45.11 -112.93 -144.85
C VAL E 242 -44.82 -114.43 -144.99
N ALA E 243 -44.52 -115.10 -143.87
CA ALA E 243 -44.30 -116.54 -143.87
C ALA E 243 -45.56 -117.30 -144.29
N SER E 244 -46.75 -116.87 -143.84
CA SER E 244 -48.01 -117.50 -144.23
C SER E 244 -48.29 -117.32 -145.73
N ASP E 245 -47.97 -116.14 -146.27
CA ASP E 245 -48.10 -115.83 -147.69
C ASP E 245 -47.15 -116.69 -148.52
N ALA E 246 -45.89 -116.81 -148.07
CA ALA E 246 -44.90 -117.67 -148.71
C ALA E 246 -45.35 -119.13 -148.66
N ARG E 247 -45.89 -119.56 -147.51
CA ARG E 247 -46.42 -120.89 -147.28
C ARG E 247 -47.58 -121.20 -148.24
N GLU E 248 -48.29 -120.16 -148.68
CA GLU E 248 -49.29 -120.32 -149.74
C GLU E 248 -48.56 -120.54 -151.07
N TRP E 249 -47.91 -119.49 -151.58
CA TRP E 249 -47.46 -119.44 -152.96
C TRP E 249 -46.40 -120.51 -153.27
N GLY E 250 -45.52 -120.78 -152.29
CA GLY E 250 -44.46 -121.78 -152.44
C GLY E 250 -44.97 -123.22 -152.52
N THR E 251 -46.28 -123.44 -152.27
CA THR E 251 -46.85 -124.78 -152.31
C THR E 251 -48.04 -124.90 -153.26
N ASN E 252 -48.96 -123.93 -153.23
CA ASN E 252 -50.21 -124.06 -153.99
C ASN E 252 -49.94 -123.98 -155.48
N LEU E 253 -49.18 -122.96 -155.91
CA LEU E 253 -48.75 -122.82 -157.29
C LEU E 253 -47.79 -123.94 -157.68
N ILE E 254 -46.98 -124.44 -156.73
CA ILE E 254 -46.06 -125.53 -157.02
C ILE E 254 -46.86 -126.81 -157.33
N ASP E 255 -48.02 -126.97 -156.68
CA ASP E 255 -48.88 -128.12 -156.95
C ASP E 255 -49.67 -127.96 -158.25
N LYS E 256 -49.62 -126.78 -158.89
CA LYS E 256 -50.04 -126.63 -160.28
C LYS E 256 -49.17 -127.51 -161.18
N PHE E 257 -47.90 -127.66 -160.78
CA PHE E 257 -46.89 -128.41 -161.50
C PHE E 257 -46.81 -129.84 -160.98
N THR E 258 -46.62 -130.03 -159.66
CA THR E 258 -46.52 -131.36 -159.07
C THR E 258 -47.80 -132.17 -159.26
N GLY E 259 -48.98 -131.53 -159.14
CA GLY E 259 -50.25 -132.19 -159.42
C GLY E 259 -50.31 -132.80 -160.81
N GLY E 260 -49.68 -132.13 -161.78
CA GLY E 260 -49.52 -132.62 -163.12
C GLY E 260 -48.52 -133.78 -163.19
N ILE E 261 -47.33 -133.58 -162.59
CA ILE E 261 -46.22 -134.52 -162.65
C ILE E 261 -46.56 -135.82 -161.91
N ARG E 262 -47.36 -135.73 -160.84
CA ARG E 262 -47.91 -136.88 -160.09
C ARG E 262 -48.64 -137.83 -161.04
N SER E 263 -49.33 -137.25 -162.04
CA SER E 263 -49.94 -138.03 -163.10
C SER E 263 -48.92 -138.46 -164.15
N LYS E 264 -47.93 -137.60 -164.50
CA LYS E 264 -46.95 -137.90 -165.54
C LYS E 264 -46.15 -139.17 -165.25
N ILE E 265 -45.50 -139.23 -164.07
CA ILE E 265 -44.54 -140.29 -163.77
C ILE E 265 -45.22 -141.67 -163.80
N SER E 266 -46.46 -141.74 -163.31
CA SER E 266 -47.27 -142.95 -163.46
C SER E 266 -47.75 -143.14 -164.90
N GLY E 267 -48.28 -142.08 -165.52
CA GLY E 267 -48.89 -142.10 -166.83
C GLY E 267 -47.96 -142.57 -167.96
N LEU E 268 -46.68 -142.20 -167.87
CA LEU E 268 -45.66 -142.65 -168.82
C LEU E 268 -45.45 -144.17 -168.69
N ARG E 269 -45.32 -144.66 -167.45
CA ARG E 269 -45.14 -146.08 -167.18
C ARG E 269 -46.43 -146.88 -167.35
N ASN E 270 -47.59 -146.20 -167.30
CA ASN E 270 -48.85 -146.78 -167.77
C ASN E 270 -48.77 -147.08 -169.26
N TRP E 271 -48.34 -146.13 -170.10
CA TRP E 271 -48.31 -146.38 -171.54
C TRP E 271 -47.26 -147.44 -171.90
N LEU E 272 -46.17 -147.50 -171.13
CA LEU E 272 -45.15 -148.54 -171.27
C LEU E 272 -45.69 -149.91 -170.86
N SER E 273 -46.88 -149.95 -170.21
CA SER E 273 -47.62 -151.16 -169.90
C SER E 273 -48.76 -151.37 -170.91
N GLU E 274 -49.36 -150.27 -171.38
CA GLU E 274 -50.51 -150.29 -172.29
C GLU E 274 -50.12 -150.88 -173.64
N LEU E 275 -48.90 -150.57 -174.11
CA LEU E 275 -48.36 -151.16 -175.32
C LEU E 275 -48.21 -152.68 -175.15
N ARG E 276 -48.26 -153.18 -173.91
CA ARG E 276 -48.10 -154.60 -173.61
C ARG E 276 -49.44 -155.34 -173.57
N ASN E 277 -50.39 -154.94 -172.71
CA ASN E 277 -51.66 -155.65 -172.57
C ASN E 277 -52.44 -155.68 -173.89
N ILE E 278 -52.43 -154.57 -174.64
CA ILE E 278 -53.08 -154.52 -175.93
C ILE E 278 -52.15 -154.98 -177.06
N GLY E 279 -50.82 -154.94 -176.84
CA GLY E 279 -49.91 -155.66 -177.72
C GLY E 279 -50.16 -157.16 -177.73
N ALA E 280 -50.59 -157.69 -176.58
CA ALA E 280 -50.78 -159.11 -176.35
C ALA E 280 -51.95 -159.70 -177.14
N GLU E 281 -52.77 -158.87 -177.79
CA GLU E 281 -53.83 -159.33 -178.67
C GLU E 281 -53.25 -160.20 -179.80
N VAL E 282 -51.97 -159.98 -180.14
CA VAL E 282 -51.21 -160.67 -181.17
C VAL E 282 -51.02 -162.15 -180.83
N GLY E 283 -51.18 -162.52 -179.54
CA GLY E 283 -51.22 -163.90 -179.11
C GLY E 283 -52.57 -164.32 -178.54
N ILE E 284 -53.15 -163.46 -177.69
CA ILE E 284 -54.34 -163.76 -176.89
C ILE E 284 -55.60 -163.82 -177.77
N ASP E 285 -55.63 -163.10 -178.91
CA ASP E 285 -56.67 -163.31 -179.91
C ASP E 285 -56.08 -163.87 -181.21
N VAL E 286 -54.96 -164.60 -181.11
CA VAL E 286 -54.49 -165.46 -182.20
C VAL E 286 -54.30 -166.90 -181.70
N PRO E 287 -55.28 -167.54 -181.02
CA PRO E 287 -55.31 -169.00 -180.88
C PRO E 287 -55.29 -169.85 -182.16
N THR E 288 -55.36 -169.22 -183.35
CA THR E 288 -55.34 -169.90 -184.64
C THR E 288 -54.11 -170.81 -184.77
N ILE E 289 -53.01 -170.44 -184.11
CA ILE E 289 -51.74 -171.15 -184.10
C ILE E 289 -51.89 -172.55 -183.50
N GLY E 290 -52.83 -172.73 -182.56
CA GLY E 290 -52.99 -173.97 -181.81
C GLY E 290 -54.37 -174.63 -181.95
N GLY E 291 -55.38 -173.84 -182.35
CA GLY E 291 -56.76 -174.30 -182.49
C GLY E 291 -57.28 -174.25 -183.92
N GLY E 292 -57.81 -173.08 -184.34
CA GLY E 292 -58.57 -172.91 -185.57
C GLY E 292 -57.82 -173.25 -186.85
N GLY E 293 -56.49 -173.06 -186.86
CA GLY E 293 -55.66 -173.32 -188.02
C GLY E 293 -55.61 -174.81 -188.39
N ASP E 294 -55.21 -175.65 -187.43
CA ASP E 294 -55.11 -177.08 -187.63
C ASP E 294 -56.48 -177.76 -187.61
N GLY E 295 -57.46 -177.19 -186.90
CA GLY E 295 -58.84 -177.64 -186.94
C GLY E 295 -59.45 -177.50 -188.33
N GLY E 296 -59.31 -176.30 -188.92
CA GLY E 296 -59.70 -176.03 -190.29
C GLY E 296 -58.90 -176.82 -191.32
N GLY E 297 -57.62 -177.07 -191.01
CA GLY E 297 -56.73 -177.91 -191.81
C GLY E 297 -57.18 -179.37 -191.87
N GLY E 298 -57.64 -179.91 -190.73
CA GLY E 298 -58.23 -181.23 -190.65
C GLY E 298 -59.55 -181.31 -191.42
N GLY E 299 -60.26 -180.18 -191.45
CA GLY E 299 -61.47 -180.02 -192.25
C GLY E 299 -61.17 -179.66 -193.70
N GLY E 300 -59.90 -179.75 -194.11
CA GLY E 300 -59.42 -179.36 -195.43
C GLY E 300 -59.90 -180.30 -196.52
N ALA E 317 -74.43 -200.25 -217.48
CA ALA E 317 -75.84 -200.54 -217.85
C ALA E 317 -75.96 -201.99 -218.33
N THR E 318 -77.06 -202.66 -217.94
CA THR E 318 -77.37 -204.01 -218.39
C THR E 318 -78.52 -203.96 -219.39
N ILE E 319 -78.29 -204.49 -220.60
CA ILE E 319 -79.19 -204.35 -221.74
C ILE E 319 -79.77 -205.71 -222.11
N ASP E 320 -81.11 -205.77 -222.27
CA ASP E 320 -81.82 -207.01 -222.55
C ASP E 320 -81.78 -207.31 -224.05
N GLY E 321 -81.20 -208.46 -224.40
CA GLY E 321 -81.10 -208.93 -225.78
C GLY E 321 -82.44 -209.15 -226.47
N ARG E 322 -83.46 -209.59 -225.72
CA ARG E 322 -84.81 -209.75 -226.26
C ARG E 322 -85.43 -208.39 -226.58
N GLN E 323 -85.16 -207.38 -225.75
CA GLN E 323 -85.76 -206.06 -225.94
C GLN E 323 -85.19 -205.39 -227.18
N ILE E 324 -83.87 -205.47 -227.39
CA ILE E 324 -83.24 -204.90 -228.58
C ILE E 324 -83.67 -205.66 -229.84
N SER E 325 -83.61 -207.00 -229.80
CA SER E 325 -83.95 -207.82 -230.96
C SER E 325 -85.42 -207.69 -231.36
N GLU E 326 -86.34 -207.56 -230.38
CA GLU E 326 -87.75 -207.38 -230.68
C GLU E 326 -88.03 -205.98 -231.21
N SER E 327 -87.51 -204.94 -230.55
CA SER E 327 -87.81 -203.54 -230.86
C SER E 327 -87.28 -203.14 -232.25
N THR E 328 -86.15 -203.74 -232.67
CA THR E 328 -85.51 -203.41 -233.94
C THR E 328 -86.10 -204.19 -235.12
N GLY E 329 -86.98 -205.18 -234.87
CA GLY E 329 -87.50 -206.09 -235.90
C GLY E 329 -88.17 -205.36 -237.05
N ARG E 330 -88.90 -204.28 -236.72
CA ARG E 330 -89.59 -203.39 -237.66
C ARG E 330 -88.62 -202.89 -238.74
N TYR E 331 -87.40 -202.55 -238.30
CA TYR E 331 -86.38 -201.90 -239.12
C TYR E 331 -85.50 -202.91 -239.84
N ARG E 332 -85.20 -204.07 -239.20
CA ARG E 332 -84.38 -205.11 -239.81
C ARG E 332 -85.02 -205.71 -241.06
N SER E 333 -86.37 -205.84 -241.06
CA SER E 333 -87.14 -206.40 -242.16
C SER E 333 -87.39 -205.37 -243.28
N ASP E 334 -87.13 -204.08 -243.02
CA ASP E 334 -87.55 -202.98 -243.88
C ASP E 334 -86.88 -202.98 -245.26
N PRO E 335 -85.52 -203.10 -245.38
CA PRO E 335 -84.87 -203.11 -246.71
C PRO E 335 -85.47 -204.15 -247.66
N SER E 336 -85.72 -205.36 -247.14
CA SER E 336 -86.36 -206.44 -247.89
C SER E 336 -87.78 -206.07 -248.32
N ARG E 337 -88.55 -205.39 -247.45
CA ARG E 337 -89.88 -204.90 -247.80
C ARG E 337 -89.82 -203.85 -248.92
N ARG E 338 -88.84 -202.94 -248.86
CA ARG E 338 -88.57 -201.95 -249.90
C ARG E 338 -88.26 -202.63 -251.25
N ARG E 339 -87.70 -203.85 -251.18
CA ARG E 339 -87.33 -204.65 -252.35
C ARG E 339 -88.37 -205.74 -252.65
N GLY E 340 -89.57 -205.61 -252.09
CA GLY E 340 -90.64 -206.58 -252.24
C GLY E 340 -90.53 -207.71 -251.21
N ILE E 341 -89.71 -208.73 -251.54
CA ILE E 341 -89.40 -209.86 -250.68
C ILE E 341 -87.89 -210.14 -250.78
N VAL F 2 49.79 94.71 122.28
CA VAL F 2 48.44 95.02 121.75
C VAL F 2 48.29 96.53 121.65
N ALA F 3 47.86 97.01 120.46
CA ALA F 3 47.59 98.42 120.18
C ALA F 3 46.65 98.56 118.97
N ILE F 4 45.96 99.71 118.83
CA ILE F 4 45.00 99.94 117.74
C ILE F 4 45.75 100.01 116.41
N ARG F 5 47.06 100.30 116.41
CA ARG F 5 47.90 100.31 115.20
C ARG F 5 47.87 98.94 114.54
N SER F 6 47.85 97.87 115.33
CA SER F 6 47.69 96.51 114.85
C SER F 6 46.31 96.31 114.21
N GLU F 7 45.26 96.90 114.77
CA GLU F 7 43.91 96.82 114.23
C GLU F 7 43.82 97.49 112.85
N GLY F 8 44.51 98.63 112.69
CA GLY F 8 44.57 99.37 111.44
C GLY F 8 45.46 98.76 110.35
N VAL F 9 46.07 97.59 110.61
CA VAL F 9 46.92 96.88 109.67
C VAL F 9 46.42 95.45 109.47
N SER F 10 45.87 94.84 110.53
CA SER F 10 45.56 93.41 110.57
C SER F 10 44.36 93.05 109.69
N GLU F 11 43.67 94.04 109.10
CA GLU F 11 42.77 93.71 108.01
C GLU F 11 43.51 93.77 106.68
N THR F 12 44.42 94.75 106.51
CA THR F 12 45.16 94.96 105.27
C THR F 12 45.82 93.66 104.81
N GLN F 13 46.34 92.89 105.76
CA GLN F 13 46.95 91.58 105.53
C GLN F 13 45.95 90.63 104.86
N GLN F 14 44.69 90.66 105.33
CA GLN F 14 43.62 89.80 104.85
C GLN F 14 43.06 90.35 103.54
N ASN F 15 42.89 91.68 103.44
CA ASN F 15 42.45 92.36 102.23
C ASN F 15 43.38 92.05 101.06
N LEU F 16 44.70 91.99 101.33
CA LEU F 16 45.72 91.62 100.35
C LEU F 16 45.48 90.20 99.83
N GLU F 17 45.29 89.25 100.75
CA GLU F 17 44.94 87.88 100.39
C GLU F 17 43.59 87.85 99.68
N GLY F 18 42.70 88.79 100.01
CA GLY F 18 41.40 88.95 99.37
C GLY F 18 41.52 89.34 97.90
N VAL F 19 42.41 90.31 97.61
CA VAL F 19 42.71 90.72 96.24
C VAL F 19 43.23 89.52 95.45
N GLU F 20 44.18 88.78 96.05
CA GLU F 20 44.83 87.65 95.41
C GLU F 20 43.85 86.49 95.22
N ASN F 21 42.99 86.23 96.22
CA ASN F 21 42.10 85.09 96.17
C ASN F 21 40.88 85.38 95.30
N ALA F 22 40.49 86.67 95.19
CA ALA F 22 39.51 87.08 94.21
C ALA F 22 40.08 86.95 92.81
N MET F 23 41.39 87.19 92.63
CA MET F 23 42.06 86.96 91.36
C MET F 23 42.04 85.47 91.00
N GLU F 24 42.41 84.58 91.93
CA GLU F 24 42.41 83.14 91.67
C GLU F 24 40.99 82.62 91.40
N ASP F 25 39.98 83.17 92.10
CA ASP F 25 38.58 82.95 91.81
C ASP F 25 38.24 83.35 90.37
N THR F 26 38.60 84.58 89.97
CA THR F 26 38.35 85.05 88.61
C THR F 26 39.03 84.14 87.56
N ALA F 27 40.21 83.61 87.90
CA ALA F 27 40.93 82.70 87.01
C ALA F 27 40.26 81.33 86.93
N ASP F 28 39.86 80.78 88.09
CA ASP F 28 39.22 79.47 88.17
C ASP F 28 37.83 79.50 87.54
N SER F 29 37.09 80.60 87.74
CA SER F 29 35.80 80.81 87.12
C SER F 29 35.93 81.07 85.62
N ALA F 30 37.03 81.72 85.19
CA ALA F 30 37.35 81.82 83.77
C ALA F 30 37.58 80.44 83.17
N GLY F 31 37.99 79.47 84.00
CA GLY F 31 38.11 78.08 83.62
C GLY F 31 36.78 77.43 83.21
N ASP F 32 35.66 78.00 83.68
CA ASP F 32 34.31 77.60 83.29
C ASP F 32 34.04 77.96 81.83
N SER F 33 34.87 78.83 81.25
CA SER F 33 34.85 79.16 79.82
C SER F 33 35.91 78.37 79.05
N ALA F 34 36.47 77.30 79.65
CA ALA F 34 37.49 76.48 79.02
C ALA F 34 37.02 75.05 78.75
N ALA F 35 36.56 74.33 79.78
CA ALA F 35 36.45 72.88 79.73
C ALA F 35 35.47 72.35 78.68
N GLU F 36 34.32 73.01 78.50
CA GLU F 36 33.32 72.56 77.53
C GLU F 36 33.80 72.68 76.07
N LEU F 37 34.90 73.41 75.80
CA LEU F 37 35.38 73.66 74.43
C LEU F 37 35.82 72.35 73.76
N GLU F 38 36.77 71.65 74.40
CA GLU F 38 37.28 70.37 73.95
C GLU F 38 36.14 69.34 73.96
N THR F 39 35.22 69.52 74.90
CA THR F 39 34.15 68.61 75.25
C THR F 39 33.07 68.60 74.17
N PHE F 40 32.72 69.77 73.62
CA PHE F 40 31.80 69.80 72.48
C PHE F 40 32.53 69.43 71.19
N SER F 41 33.77 69.92 71.01
CA SER F 41 34.45 69.81 69.72
C SER F 41 34.87 68.38 69.40
N LYS F 42 35.28 67.60 70.42
CA LYS F 42 35.63 66.19 70.23
C LYS F 42 34.38 65.33 69.97
N ARG F 43 33.20 65.79 70.41
CA ARG F 43 31.92 65.14 70.11
C ARG F 43 31.43 65.53 68.71
N PHE F 44 31.69 66.78 68.29
CA PHE F 44 31.05 67.44 67.16
C PHE F 44 31.23 66.72 65.82
N LYS F 45 32.27 65.88 65.66
CA LYS F 45 32.43 65.10 64.44
C LYS F 45 31.35 64.03 64.29
N GLY F 46 30.51 63.87 65.33
CA GLY F 46 29.26 63.14 65.24
C GLY F 46 28.24 63.83 64.31
N ALA F 47 28.29 65.17 64.22
CA ALA F 47 27.52 65.92 63.24
C ALA F 47 28.00 65.61 61.83
N MET F 48 29.32 65.68 61.61
CA MET F 48 29.90 65.50 60.30
C MET F 48 29.69 64.07 59.80
N GLY F 49 29.82 63.08 60.71
CA GLY F 49 29.46 61.69 60.45
C GLY F 49 27.98 61.51 60.12
N ALA F 50 27.09 62.14 60.91
CA ALA F 50 25.66 62.07 60.67
C ALA F 50 25.27 62.69 59.33
N ALA F 51 25.82 63.88 59.00
CA ALA F 51 25.55 64.58 57.75
C ALA F 51 26.06 63.80 56.54
N VAL F 52 27.31 63.31 56.59
CA VAL F 52 27.92 62.55 55.50
C VAL F 52 27.17 61.23 55.28
N SER F 53 26.81 60.54 56.37
CA SER F 53 26.02 59.32 56.26
C SER F 53 24.61 59.59 55.73
N ALA F 54 24.02 60.75 56.08
CA ALA F 54 22.72 61.14 55.55
C ALA F 54 22.80 61.30 54.02
N LEU F 55 23.87 61.95 53.54
CA LEU F 55 24.11 62.12 52.12
C LEU F 55 24.33 60.78 51.42
N ALA F 56 25.11 59.89 52.06
CA ALA F 56 25.45 58.60 51.49
C ALA F 56 24.22 57.69 51.43
N ILE F 57 23.40 57.68 52.50
CA ILE F 57 22.24 56.81 52.62
C ILE F 57 21.09 57.33 51.75
N GLY F 58 20.94 58.67 51.66
CA GLY F 58 19.96 59.30 50.80
C GLY F 58 20.22 59.00 49.32
N THR F 59 21.47 59.22 48.88
CA THR F 59 21.87 58.90 47.51
C THR F 59 21.78 57.40 47.24
N ALA F 60 22.14 56.55 48.22
CA ALA F 60 21.98 55.11 48.09
C ALA F 60 20.51 54.71 47.98
N GLY F 61 19.62 55.43 48.68
CA GLY F 61 18.17 55.24 48.57
C GLY F 61 17.64 55.54 47.17
N LEU F 62 18.07 56.69 46.60
CA LEU F 62 17.73 57.07 45.24
C LEU F 62 18.30 56.08 44.23
N LEU F 63 19.57 55.70 44.37
CA LEU F 63 20.22 54.72 43.52
C LEU F 63 19.53 53.36 43.58
N SER F 64 19.03 52.98 44.77
CA SER F 64 18.37 51.69 45.00
C SER F 64 17.08 51.56 44.21
N GLN F 65 16.54 52.68 43.70
CA GLN F 65 15.35 52.67 42.87
C GLN F 65 15.62 51.93 41.55
N VAL F 66 16.89 51.88 41.10
CA VAL F 66 17.26 51.09 39.93
C VAL F 66 17.13 49.60 40.21
N PRO F 67 17.90 48.96 41.12
CA PRO F 67 17.78 47.52 41.37
C PRO F 67 16.45 47.03 41.93
N VAL F 68 15.65 47.93 42.53
CA VAL F 68 14.33 47.60 43.07
C VAL F 68 13.23 47.86 42.04
N VAL F 69 13.14 49.10 41.51
CA VAL F 69 12.02 49.52 40.67
C VAL F 69 12.39 49.48 39.18
N GLY F 70 13.60 49.90 38.82
CA GLY F 70 14.08 49.80 37.45
C GLY F 70 14.07 48.36 36.94
N GLU F 71 14.47 47.42 37.82
CA GLU F 71 14.51 46.00 37.50
C GLU F 71 13.12 45.37 37.48
N ALA F 72 12.06 46.12 37.78
CA ALA F 72 10.70 45.68 37.46
C ALA F 72 10.55 45.51 35.96
N MET F 73 11.30 46.30 35.18
CA MET F 73 11.36 46.16 33.73
C MET F 73 12.14 44.91 33.34
N GLY F 74 12.97 44.39 34.26
CA GLY F 74 13.65 43.12 34.12
C GLY F 74 12.73 41.94 34.42
N GLY F 75 11.90 42.09 35.47
CA GLY F 75 10.83 41.16 35.76
C GLY F 75 9.83 41.06 34.60
N LEU F 76 9.45 42.22 34.06
CA LEU F 76 8.66 42.31 32.85
C LEU F 76 9.42 41.73 31.67
N GLY F 77 10.75 41.90 31.61
CA GLY F 77 11.59 41.27 30.62
C GLY F 77 11.43 39.76 30.59
N ALA F 78 11.51 39.12 31.77
CA ALA F 78 11.28 37.68 31.93
C ALA F 78 9.85 37.28 31.55
N ILE F 79 8.85 38.08 31.94
CA ILE F 79 7.46 37.88 31.57
C ILE F 79 7.28 37.89 30.05
N ILE F 80 7.82 38.94 29.41
CA ILE F 80 7.72 39.17 27.97
C ILE F 80 8.43 38.05 27.21
N ASP F 81 9.63 37.68 27.66
CA ASP F 81 10.41 36.62 27.05
C ASP F 81 9.71 35.28 27.21
N ALA F 82 9.09 35.05 28.38
CA ALA F 82 8.28 33.86 28.61
C ALA F 82 7.07 33.85 27.67
N LEU F 83 6.52 35.04 27.40
CA LEU F 83 5.42 35.17 26.46
C LEU F 83 5.89 34.90 25.02
N THR F 84 7.15 35.22 24.68
CA THR F 84 7.67 34.85 23.37
C THR F 84 7.83 33.33 23.24
N MET F 85 8.21 32.65 24.33
CA MET F 85 8.21 31.19 24.36
C MET F 85 6.79 30.65 24.19
N LYS F 86 5.82 31.29 24.86
CA LYS F 86 4.39 30.96 24.78
C LYS F 86 3.87 31.14 23.34
N ILE F 87 4.30 32.21 22.66
CA ILE F 87 3.90 32.53 21.30
C ILE F 87 4.41 31.50 20.30
N ASP F 88 5.70 31.12 20.37
CA ASP F 88 6.23 30.10 19.46
C ASP F 88 5.69 28.71 19.83
N GLU F 89 5.18 28.56 21.06
CA GLU F 89 4.46 27.38 21.50
C GLU F 89 3.01 27.38 20.99
N ASP F 90 2.60 28.39 20.19
CA ASP F 90 1.32 28.35 19.47
C ASP F 90 1.51 27.65 18.13
N ALA F 91 2.60 27.99 17.43
CA ALA F 91 2.87 27.51 16.08
C ALA F 91 3.20 26.01 16.08
N ARG F 92 3.74 25.50 17.20
CA ARG F 92 4.13 24.11 17.39
C ARG F 92 2.90 23.19 17.38
N PRO F 93 1.90 23.34 18.29
CA PRO F 93 0.61 22.68 18.15
C PRO F 93 -0.13 22.88 16.82
N ALA F 94 -0.06 24.09 16.27
CA ALA F 94 -0.76 24.43 15.03
C ALA F 94 -0.32 23.51 13.88
N VAL F 95 0.98 23.52 13.54
CA VAL F 95 1.51 22.75 12.43
C VAL F 95 1.49 21.25 12.75
N GLY F 96 1.64 20.89 14.04
CA GLY F 96 1.35 19.55 14.51
C GLY F 96 -0.04 19.09 14.06
N SER F 97 -1.08 19.83 14.51
CA SER F 97 -2.47 19.53 14.19
C SER F 97 -2.72 19.44 12.68
N PHE F 98 -2.08 20.32 11.90
CA PHE F 98 -2.21 20.29 10.45
C PHE F 98 -1.68 18.97 9.89
N THR F 99 -0.54 18.49 10.42
CA THR F 99 0.06 17.21 10.02
C THR F 99 -0.96 16.09 10.25
N ASP F 100 -1.64 16.17 11.39
CA ASP F 100 -2.56 15.16 11.88
C ASP F 100 -3.84 15.19 11.05
N ASP F 101 -4.31 16.41 10.71
CA ASP F 101 -5.42 16.59 9.79
C ASP F 101 -5.15 15.86 8.48
N LEU F 102 -3.93 15.98 7.95
CA LEU F 102 -3.58 15.30 6.71
C LEU F 102 -3.31 13.82 6.93
N TYR F 103 -3.14 13.41 8.20
CA TYR F 103 -3.17 12.00 8.56
C TYR F 103 -4.59 11.45 8.61
N GLU F 104 -5.59 12.28 8.93
CA GLU F 104 -6.98 11.90 8.71
C GLU F 104 -7.22 11.66 7.22
N VAL F 105 -6.68 12.55 6.38
CA VAL F 105 -6.73 12.35 4.93
C VAL F 105 -6.02 11.05 4.58
N ALA F 106 -4.92 10.71 5.28
CA ALA F 106 -4.22 9.46 5.05
C ALA F 106 -5.14 8.26 5.30
N GLU F 107 -5.81 8.20 6.47
CA GLU F 107 -6.71 7.08 6.75
C GLU F 107 -7.91 7.10 5.81
N ALA F 108 -8.34 8.29 5.37
CA ALA F 108 -9.39 8.42 4.38
C ALA F 108 -8.95 7.85 3.03
N THR F 109 -7.67 8.02 2.66
CA THR F 109 -7.12 7.38 1.47
C THR F 109 -7.06 5.86 1.69
N TYR F 110 -6.81 5.42 2.93
CA TYR F 110 -6.59 4.01 3.24
C TYR F 110 -7.90 3.21 3.37
N GLU F 111 -9.02 3.85 3.72
CA GLU F 111 -10.32 3.18 3.63
C GLU F 111 -10.57 2.72 2.20
N ALA F 112 -10.30 3.62 1.23
CA ALA F 112 -10.36 3.27 -0.17
C ALA F 112 -9.32 2.19 -0.50
N ASP F 113 -8.05 2.38 -0.11
CA ASP F 113 -6.96 1.43 -0.35
C ASP F 113 -7.34 0.02 0.11
N SER F 114 -7.87 -0.08 1.34
CA SER F 114 -8.25 -1.34 1.96
C SER F 114 -9.47 -1.96 1.30
N SER F 115 -10.47 -1.14 0.94
CA SER F 115 -11.67 -1.62 0.26
C SER F 115 -11.40 -1.95 -1.21
N LEU F 116 -10.31 -1.44 -1.79
CA LEU F 116 -10.00 -1.70 -3.19
C LEU F 116 -9.39 -3.10 -3.36
N GLU F 117 -8.98 -3.73 -2.26
CA GLU F 117 -8.69 -5.15 -2.27
C GLU F 117 -9.98 -5.95 -2.44
N ALA F 118 -11.08 -5.48 -1.83
CA ALA F 118 -12.39 -6.04 -2.13
C ALA F 118 -12.76 -5.81 -3.59
N PHE F 119 -12.34 -4.68 -4.20
CA PHE F 119 -12.49 -4.50 -5.63
C PHE F 119 -11.68 -5.55 -6.40
N GLN F 120 -10.50 -5.95 -5.89
CA GLN F 120 -9.74 -7.03 -6.52
C GLN F 120 -10.52 -8.34 -6.47
N THR F 121 -11.30 -8.57 -5.40
CA THR F 121 -12.18 -9.74 -5.36
C THR F 121 -13.31 -9.59 -6.38
N ALA F 122 -13.86 -8.37 -6.50
CA ALA F 122 -15.06 -8.08 -7.26
C ALA F 122 -14.79 -7.90 -8.76
N LEU F 123 -13.53 -7.67 -9.13
CA LEU F 123 -13.14 -7.41 -10.52
C LEU F 123 -12.18 -8.49 -11.04
N ASP F 124 -11.42 -9.14 -10.15
CA ASP F 124 -10.40 -10.11 -10.53
C ASP F 124 -10.77 -11.52 -10.08
N GLY F 125 -11.16 -11.68 -8.80
CA GLY F 125 -11.63 -12.95 -8.28
C GLY F 125 -12.91 -13.43 -8.98
N VAL F 126 -13.67 -12.46 -9.51
CA VAL F 126 -14.92 -12.65 -10.25
C VAL F 126 -14.69 -13.22 -11.65
N ASN F 127 -13.42 -13.37 -12.07
CA ASN F 127 -13.07 -13.81 -13.43
C ASN F 127 -13.49 -15.25 -13.78
N THR F 128 -13.89 -16.08 -12.81
CA THR F 128 -14.21 -17.49 -13.03
C THR F 128 -15.16 -17.74 -14.20
N ALA F 129 -16.17 -16.87 -14.37
CA ALA F 129 -17.23 -17.05 -15.35
C ALA F 129 -16.72 -16.98 -16.78
N ILE F 130 -15.60 -16.25 -16.99
CA ILE F 130 -14.94 -16.06 -18.27
C ILE F 130 -14.56 -17.42 -18.87
N ASP F 131 -13.68 -18.13 -18.17
CA ASP F 131 -13.11 -19.38 -18.64
C ASP F 131 -14.10 -20.52 -18.46
N ASP F 132 -15.05 -20.39 -17.51
CA ASP F 132 -16.10 -21.38 -17.31
C ASP F 132 -16.94 -21.50 -18.58
N VAL F 133 -17.41 -20.37 -19.09
CA VAL F 133 -18.18 -20.32 -20.33
C VAL F 133 -17.27 -20.74 -21.49
N ALA F 134 -16.13 -20.07 -21.65
CA ALA F 134 -15.24 -20.22 -22.80
C ALA F 134 -14.75 -21.66 -22.95
N VAL F 135 -14.66 -22.39 -21.84
CA VAL F 135 -14.14 -23.75 -21.80
C VAL F 135 -15.19 -24.72 -21.23
N SER F 136 -16.49 -24.48 -21.53
CA SER F 136 -17.55 -25.45 -21.37
C SER F 136 -18.53 -25.41 -22.55
N THR F 137 -18.55 -24.28 -23.28
CA THR F 137 -19.41 -24.09 -24.43
C THR F 137 -19.06 -25.02 -25.59
N LEU F 138 -17.89 -25.67 -25.54
CA LEU F 138 -17.51 -26.69 -26.50
C LEU F 138 -17.84 -28.09 -25.96
N GLN F 139 -17.61 -28.35 -24.66
CA GLN F 139 -17.99 -29.60 -24.01
C GLN F 139 -19.50 -29.86 -24.15
N THR F 140 -20.29 -28.77 -24.20
CA THR F 140 -21.73 -28.80 -24.39
C THR F 140 -22.13 -28.83 -25.87
N GLU F 141 -21.15 -28.80 -26.79
CA GLU F 141 -21.39 -28.81 -28.23
C GLU F 141 -20.91 -30.10 -28.91
N ILE F 142 -19.95 -30.82 -28.32
CA ILE F 142 -19.19 -31.89 -28.98
C ILE F 142 -20.03 -33.14 -29.27
N GLU F 143 -21.29 -33.22 -28.80
CA GLU F 143 -22.08 -34.43 -28.96
C GLU F 143 -22.36 -34.77 -30.43
N GLU F 144 -22.47 -33.75 -31.30
CA GLU F 144 -22.67 -33.94 -32.73
C GLU F 144 -21.42 -34.47 -33.43
N LEU F 145 -20.30 -34.63 -32.70
CA LEU F 145 -19.15 -35.38 -33.19
C LEU F 145 -19.46 -36.88 -33.19
N THR F 146 -20.29 -37.34 -32.23
CA THR F 146 -20.85 -38.68 -32.29
C THR F 146 -21.83 -38.76 -33.46
N GLY F 147 -22.40 -37.60 -33.82
CA GLY F 147 -23.22 -37.46 -35.02
C GLY F 147 -22.43 -37.66 -36.31
N ILE F 148 -21.10 -37.76 -36.24
CA ILE F 148 -20.26 -38.15 -37.38
C ILE F 148 -20.08 -39.68 -37.39
N THR F 149 -19.81 -40.27 -36.20
CA THR F 149 -19.53 -41.68 -36.06
C THR F 149 -20.80 -42.53 -36.25
N ILE F 150 -21.97 -42.02 -35.83
CA ILE F 150 -23.24 -42.73 -35.93
C ILE F 150 -23.62 -42.99 -37.40
N PRO F 151 -23.62 -41.99 -38.32
CA PRO F 151 -23.72 -42.26 -39.76
C PRO F 151 -22.70 -43.29 -40.25
N LYS F 152 -21.42 -43.13 -39.88
CA LYS F 152 -20.36 -44.04 -40.29
C LYS F 152 -20.62 -45.49 -39.84
N ASN F 153 -21.33 -45.64 -38.72
CA ASN F 153 -21.69 -46.94 -38.15
C ASN F 153 -22.97 -47.50 -38.79
N TRP F 154 -23.97 -46.65 -39.06
CA TRP F 154 -25.32 -47.06 -39.48
C TRP F 154 -25.71 -46.59 -40.88
N LEU F 155 -25.53 -45.28 -41.17
CA LEU F 155 -26.21 -44.61 -42.28
C LEU F 155 -25.36 -44.53 -43.55
N ASP F 156 -24.04 -44.39 -43.45
CA ASP F 156 -23.15 -44.52 -44.60
C ASP F 156 -23.30 -45.94 -45.16
N PHE F 157 -23.18 -46.93 -44.26
CA PHE F 157 -23.57 -48.31 -44.46
C PHE F 157 -24.98 -48.41 -45.04
N GLY F 158 -25.93 -47.72 -44.40
CA GLY F 158 -27.33 -47.70 -44.81
C GLY F 158 -27.58 -47.15 -46.21
N TRP F 159 -26.72 -46.25 -46.68
CA TRP F 159 -26.94 -45.58 -47.96
C TRP F 159 -26.18 -46.28 -49.09
N ASP F 160 -25.13 -47.03 -48.74
CA ASP F 160 -24.68 -48.07 -49.64
C ASP F 160 -25.70 -49.22 -49.64
N ILE F 161 -26.51 -49.33 -48.59
CA ILE F 161 -27.63 -50.27 -48.58
C ILE F 161 -28.76 -49.73 -49.47
N MET F 162 -28.92 -48.40 -49.56
CA MET F 162 -29.78 -47.82 -50.58
C MET F 162 -29.17 -48.08 -51.97
N THR F 163 -27.84 -48.19 -52.04
CA THR F 163 -27.10 -48.55 -53.25
C THR F 163 -27.14 -50.05 -53.50
N LEU F 164 -27.69 -50.84 -52.56
CA LEU F 164 -27.89 -52.27 -52.74
C LEU F 164 -29.18 -52.54 -53.52
N ASP F 165 -30.00 -51.50 -53.76
CA ASP F 165 -31.23 -51.62 -54.53
C ASP F 165 -30.94 -52.00 -55.97
N ALA F 166 -29.94 -51.35 -56.58
CA ALA F 166 -29.46 -51.78 -57.88
C ALA F 166 -28.86 -53.18 -57.78
N ARG F 167 -28.22 -53.51 -56.65
CA ARG F 167 -27.65 -54.83 -56.44
C ARG F 167 -28.73 -55.82 -55.97
N GLN F 168 -29.95 -55.61 -56.48
CA GLN F 168 -31.04 -56.58 -56.55
C GLN F 168 -31.68 -56.51 -57.94
N THR F 169 -31.83 -55.28 -58.46
CA THR F 169 -32.35 -55.00 -59.79
C THR F 169 -31.44 -55.58 -60.87
N MET F 170 -30.12 -55.51 -60.64
CA MET F 170 -29.09 -55.84 -61.62
C MET F 170 -29.14 -57.33 -62.00
N ASP F 171 -29.34 -58.22 -61.02
CA ASP F 171 -29.65 -59.63 -61.27
C ASP F 171 -30.86 -59.74 -62.19
N ASN F 172 -31.99 -59.16 -61.76
CA ASN F 172 -33.27 -59.27 -62.43
C ASN F 172 -33.20 -58.78 -63.87
N ILE F 173 -32.59 -57.61 -64.07
CA ILE F 173 -32.39 -57.03 -65.40
C ILE F 173 -31.47 -57.94 -66.23
N GLU F 174 -30.40 -58.45 -65.63
CA GLU F 174 -29.52 -59.37 -66.33
C GLU F 174 -30.23 -60.68 -66.67
N THR F 175 -31.19 -61.12 -65.82
CA THR F 175 -32.00 -62.27 -66.18
C THR F 175 -32.84 -61.94 -67.41
N ILE F 176 -33.30 -60.68 -67.52
CA ILE F 176 -34.09 -60.23 -68.65
C ILE F 176 -33.20 -60.11 -69.89
N ILE F 177 -31.93 -59.67 -69.74
CA ILE F 177 -30.94 -59.75 -70.80
C ILE F 177 -30.85 -61.19 -71.28
N ASN F 178 -30.93 -62.13 -70.33
CA ASN F 178 -30.86 -63.56 -70.59
C ASN F 178 -32.18 -64.13 -71.12
N GLU F 179 -33.33 -63.52 -70.80
CA GLU F 179 -34.63 -63.98 -71.29
C GLU F 179 -34.71 -63.87 -72.81
N PHE F 180 -33.91 -62.96 -73.39
CA PHE F 180 -33.76 -62.84 -74.83
C PHE F 180 -33.08 -64.09 -75.40
N PRO F 181 -31.79 -64.42 -75.10
CA PRO F 181 -31.19 -65.65 -75.60
C PRO F 181 -31.75 -66.95 -75.03
N GLU F 182 -32.58 -66.86 -73.98
CA GLU F 182 -33.34 -67.99 -73.46
C GLU F 182 -34.54 -68.25 -74.36
N ASP F 183 -35.56 -67.38 -74.29
CA ASP F 183 -36.80 -67.54 -75.03
C ASP F 183 -36.60 -67.22 -76.51
N PHE F 184 -36.29 -65.96 -76.83
CA PHE F 184 -36.13 -65.53 -78.21
C PHE F 184 -34.97 -66.25 -78.88
N GLY F 185 -33.97 -66.66 -78.08
CA GLY F 185 -32.81 -67.43 -78.51
C GLY F 185 -33.11 -68.89 -78.81
N THR F 186 -34.03 -69.50 -78.04
CA THR F 186 -34.53 -70.83 -78.40
C THR F 186 -35.52 -70.73 -79.56
N MET F 187 -36.20 -69.58 -79.68
CA MET F 187 -37.22 -69.39 -80.72
C MET F 187 -36.57 -69.11 -82.07
N LEU F 188 -35.25 -68.86 -82.11
CA LEU F 188 -34.47 -68.93 -83.34
C LEU F 188 -34.63 -70.31 -83.95
N LYS F 189 -34.65 -71.35 -83.08
CA LYS F 189 -34.89 -72.73 -83.48
C LYS F 189 -36.40 -73.02 -83.64
N SER F 190 -37.25 -71.99 -83.64
CA SER F 190 -38.56 -72.08 -84.26
C SER F 190 -38.50 -71.52 -85.68
N ILE F 191 -37.77 -70.42 -85.87
CA ILE F 191 -37.59 -69.77 -87.16
C ILE F 191 -36.79 -70.68 -88.11
N ASP F 192 -35.88 -71.48 -87.55
CA ASP F 192 -35.05 -72.47 -88.22
C ASP F 192 -35.91 -73.58 -88.84
N PRO F 193 -36.67 -74.42 -88.08
CA PRO F 193 -37.52 -75.44 -88.70
C PRO F 193 -38.69 -74.90 -89.53
N ARG F 194 -39.11 -73.66 -89.27
CA ARG F 194 -40.10 -72.99 -90.10
C ARG F 194 -39.49 -72.69 -91.48
N ALA F 195 -38.22 -72.26 -91.48
CA ALA F 195 -37.45 -72.08 -92.70
C ALA F 195 -37.19 -73.42 -93.41
N LYS F 196 -36.87 -74.48 -92.65
CA LYS F 196 -36.61 -75.81 -93.20
C LYS F 196 -37.86 -76.42 -93.84
N LYS F 197 -39.06 -76.10 -93.31
CA LYS F 197 -40.31 -76.44 -93.97
C LYS F 197 -40.46 -75.66 -95.28
N GLY F 198 -40.24 -74.34 -95.25
CA GLY F 198 -40.57 -73.47 -96.36
C GLY F 198 -39.52 -73.39 -97.48
N TRP F 199 -38.95 -74.54 -97.88
CA TRP F 199 -37.99 -74.56 -98.99
C TRP F 199 -37.95 -75.86 -99.80
N ASP F 200 -38.38 -77.02 -99.26
CA ASP F 200 -38.21 -78.33 -99.91
C ASP F 200 -38.74 -78.33 -101.36
N ILE F 201 -39.60 -77.37 -101.69
CA ILE F 201 -40.12 -77.03 -103.01
C ILE F 201 -38.98 -76.85 -104.03
N LEU F 202 -37.77 -76.50 -103.56
CA LEU F 202 -36.62 -76.23 -104.42
C LEU F 202 -35.77 -77.49 -104.67
N THR F 203 -36.16 -78.64 -104.08
CA THR F 203 -35.56 -79.94 -104.37
C THR F 203 -36.64 -80.93 -104.85
N LYS F 204 -37.91 -80.62 -104.57
CA LYS F 204 -39.08 -81.09 -105.30
C LYS F 204 -38.86 -80.97 -106.81
N SER F 205 -38.03 -79.99 -107.22
CA SER F 205 -37.58 -79.81 -108.59
C SER F 205 -36.32 -80.63 -108.88
N ALA F 206 -35.26 -80.45 -108.07
CA ALA F 206 -33.97 -81.05 -108.33
C ALA F 206 -34.03 -82.58 -108.40
N ASP F 207 -34.77 -83.20 -107.48
CA ASP F 207 -34.82 -84.65 -107.34
C ASP F 207 -35.68 -85.28 -108.44
N MET F 208 -36.76 -84.61 -108.86
CA MET F 208 -37.65 -85.16 -109.88
C MET F 208 -36.99 -85.11 -111.26
N PHE F 209 -36.09 -84.14 -111.50
CA PHE F 209 -35.30 -84.12 -112.72
C PHE F 209 -34.43 -85.37 -112.80
N ILE F 210 -33.88 -85.78 -111.65
CA ILE F 210 -33.11 -87.02 -111.55
C ILE F 210 -34.00 -88.24 -111.80
N ASN F 211 -35.27 -88.21 -111.35
CA ASN F 211 -36.22 -89.26 -111.70
C ASN F 211 -36.42 -89.38 -113.21
N ASP F 212 -36.64 -88.24 -113.90
CA ASP F 212 -36.76 -88.21 -115.35
C ASP F 212 -35.48 -88.72 -116.02
N LEU F 213 -34.31 -88.44 -115.43
CA LEU F 213 -33.04 -88.93 -115.94
C LEU F 213 -32.94 -90.45 -115.79
N THR F 214 -33.59 -91.04 -114.78
CA THR F 214 -33.75 -92.50 -114.76
C THR F 214 -34.58 -92.98 -115.95
N SER F 215 -35.62 -92.22 -116.35
CA SER F 215 -36.43 -92.59 -117.50
C SER F 215 -35.64 -92.46 -118.79
N ARG F 216 -34.67 -91.54 -118.82
CA ARG F 216 -33.81 -91.33 -119.97
C ARG F 216 -32.78 -92.45 -120.05
N ILE F 217 -32.27 -92.89 -118.88
CA ILE F 217 -31.42 -94.06 -118.79
C ILE F 217 -32.23 -95.33 -119.13
N ASP F 218 -33.56 -95.31 -118.91
CA ASP F 218 -34.48 -96.39 -119.25
C ASP F 218 -34.60 -96.62 -120.76
N SER F 219 -33.99 -95.74 -121.57
CA SER F 219 -33.78 -96.01 -122.98
C SER F 219 -32.93 -97.28 -123.15
N GLY F 220 -31.93 -97.46 -122.27
CA GLY F 220 -30.96 -98.55 -122.37
C GLY F 220 -31.59 -99.93 -122.44
N VAL F 221 -32.39 -100.30 -121.42
CA VAL F 221 -32.99 -101.62 -121.37
C VAL F 221 -34.03 -101.80 -122.47
N ASN F 222 -34.82 -100.76 -122.75
CA ASN F 222 -35.91 -100.85 -123.71
C ASN F 222 -35.37 -100.97 -125.12
N ASP F 223 -34.22 -100.33 -125.38
CA ASP F 223 -33.49 -100.48 -126.63
C ASP F 223 -33.09 -101.95 -126.81
N VAL F 224 -32.35 -102.53 -125.84
CA VAL F 224 -31.82 -103.88 -126.00
C VAL F 224 -32.93 -104.94 -126.00
N ARG F 225 -33.97 -104.73 -125.17
CA ARG F 225 -35.15 -105.59 -125.09
C ARG F 225 -35.88 -105.59 -126.43
N GLY F 226 -35.94 -104.41 -127.07
CA GLY F 226 -36.49 -104.24 -128.41
C GLY F 226 -35.61 -104.89 -129.49
N PHE F 227 -34.29 -104.68 -129.41
CA PHE F 227 -33.33 -105.21 -130.37
C PHE F 227 -33.31 -106.73 -130.36
N PHE F 228 -33.14 -107.36 -129.19
CA PHE F 228 -33.01 -108.80 -129.06
C PHE F 228 -34.26 -109.53 -129.55
N THR F 229 -35.45 -109.03 -129.19
CA THR F 229 -36.71 -109.64 -129.62
C THR F 229 -37.02 -109.32 -131.07
N GLY F 230 -36.56 -108.16 -131.58
CA GLY F 230 -36.59 -107.84 -132.99
C GLY F 230 -35.77 -108.81 -133.83
N LEU F 231 -34.51 -109.03 -133.42
CA LEU F 231 -33.62 -110.01 -134.03
C LEU F 231 -34.27 -111.41 -134.00
N ALA F 232 -34.84 -111.79 -132.84
CA ALA F 232 -35.51 -113.07 -132.70
C ALA F 232 -36.68 -113.21 -133.67
N SER F 233 -37.40 -112.10 -133.91
CA SER F 233 -38.55 -112.10 -134.80
C SER F 233 -38.12 -112.30 -136.24
N ASP F 234 -37.00 -111.67 -136.63
CA ASP F 234 -36.46 -111.77 -137.98
C ASP F 234 -35.90 -113.17 -138.21
N LEU F 235 -35.25 -113.75 -137.18
CA LEU F 235 -34.67 -115.08 -137.27
C LEU F 235 -35.75 -116.15 -137.28
N ASN F 236 -36.86 -115.90 -136.55
CA ASN F 236 -38.05 -116.74 -136.59
C ASN F 236 -38.77 -116.63 -137.93
N GLU F 237 -38.69 -115.45 -138.57
CA GLU F 237 -39.24 -115.23 -139.91
C GLU F 237 -38.40 -115.97 -140.96
N TRP F 238 -37.16 -115.53 -141.22
CA TRP F 238 -36.32 -116.12 -142.27
C TRP F 238 -36.11 -117.62 -142.02
N GLY F 239 -35.90 -118.01 -140.76
CA GLY F 239 -35.81 -119.42 -140.37
C GLY F 239 -37.09 -120.18 -140.68
N GLY F 240 -38.22 -119.73 -140.10
CA GLY F 240 -39.52 -120.37 -140.25
C GLY F 240 -40.04 -120.42 -141.70
N ASN F 241 -39.62 -119.44 -142.52
CA ASN F 241 -40.01 -119.26 -143.91
C ASN F 241 -39.17 -120.14 -144.83
N VAL F 242 -37.83 -120.05 -144.71
CA VAL F 242 -36.90 -120.86 -145.50
C VAL F 242 -37.03 -122.34 -145.15
N ALA F 243 -37.28 -122.64 -143.87
CA ALA F 243 -37.58 -124.00 -143.45
C ALA F 243 -38.85 -124.50 -144.13
N SER F 244 -39.95 -123.76 -144.01
CA SER F 244 -41.23 -124.18 -144.56
C SER F 244 -41.21 -124.32 -146.09
N ASP F 245 -40.29 -123.62 -146.77
CA ASP F 245 -40.12 -123.77 -148.22
C ASP F 245 -39.81 -125.23 -148.56
N ALA F 246 -39.05 -125.89 -147.68
CA ALA F 246 -38.68 -127.29 -147.82
C ALA F 246 -39.87 -128.21 -147.56
N ARG F 247 -40.93 -127.71 -146.88
CA ARG F 247 -42.21 -128.40 -146.88
C ARG F 247 -42.97 -128.10 -148.17
N GLU F 248 -43.07 -126.79 -148.47
CA GLU F 248 -43.96 -126.23 -149.48
C GLU F 248 -43.72 -126.88 -150.84
N TRP F 249 -42.44 -127.02 -151.23
CA TRP F 249 -42.08 -127.83 -152.37
C TRP F 249 -42.02 -129.31 -151.98
N GLY F 250 -41.30 -129.64 -150.90
CA GLY F 250 -40.95 -130.99 -150.50
C GLY F 250 -42.10 -131.99 -150.43
N THR F 251 -43.23 -131.63 -149.78
CA THR F 251 -44.37 -132.53 -149.64
C THR F 251 -44.90 -132.96 -151.01
N ASN F 252 -45.09 -131.99 -151.90
CA ASN F 252 -45.76 -132.22 -153.17
C ASN F 252 -44.76 -132.72 -154.23
N LEU F 253 -43.46 -132.40 -154.05
CA LEU F 253 -42.37 -133.05 -154.76
C LEU F 253 -42.27 -134.53 -154.38
N ILE F 254 -42.43 -134.86 -153.09
CA ILE F 254 -42.32 -136.24 -152.62
C ILE F 254 -43.54 -137.04 -153.05
N ASP F 255 -44.72 -136.41 -153.08
CA ASP F 255 -45.91 -136.96 -153.70
C ASP F 255 -45.65 -137.21 -155.19
N LYS F 256 -44.98 -136.28 -155.88
CA LYS F 256 -44.52 -136.42 -157.27
C LYS F 256 -43.63 -137.66 -157.39
N PHE F 257 -42.71 -137.84 -156.42
CA PHE F 257 -41.78 -138.95 -156.42
C PHE F 257 -42.51 -140.29 -156.29
N THR F 258 -43.58 -140.35 -155.49
CA THR F 258 -44.36 -141.58 -155.36
C THR F 258 -45.35 -141.76 -156.50
N GLY F 259 -45.39 -140.79 -157.43
CA GLY F 259 -45.84 -141.06 -158.79
C GLY F 259 -45.04 -142.20 -159.43
N GLY F 260 -43.83 -142.42 -158.93
CA GLY F 260 -42.99 -143.58 -159.25
C GLY F 260 -43.56 -144.90 -158.73
N ILE F 261 -44.02 -144.92 -157.47
CA ILE F 261 -44.69 -146.08 -156.88
C ILE F 261 -45.97 -146.37 -157.67
N ARG F 262 -46.66 -145.30 -158.09
CA ARG F 262 -47.90 -145.37 -158.87
C ARG F 262 -47.69 -145.99 -160.25
N SER F 263 -46.44 -146.14 -160.71
CA SER F 263 -46.15 -146.77 -161.99
C SER F 263 -46.72 -148.19 -162.07
N LYS F 264 -46.24 -149.09 -161.21
CA LYS F 264 -46.69 -150.48 -161.19
C LYS F 264 -48.11 -150.61 -160.64
N ILE F 265 -48.50 -149.78 -159.65
CA ILE F 265 -49.78 -149.92 -158.97
C ILE F 265 -50.92 -149.38 -159.83
N SER F 266 -50.62 -148.46 -160.77
CA SER F 266 -51.54 -148.12 -161.85
C SER F 266 -51.44 -149.12 -163.01
N GLY F 267 -50.21 -149.57 -163.31
CA GLY F 267 -49.97 -150.62 -164.30
C GLY F 267 -50.68 -151.94 -163.99
N LEU F 268 -51.05 -152.13 -162.71
CA LEU F 268 -51.84 -153.24 -162.22
C LEU F 268 -53.15 -153.37 -162.98
N ARG F 269 -53.74 -152.23 -163.39
CA ARG F 269 -54.95 -152.17 -164.22
C ARG F 269 -54.71 -152.87 -165.55
N ASN F 270 -53.56 -152.57 -166.15
CA ASN F 270 -53.14 -153.11 -167.43
C ASN F 270 -52.84 -154.59 -167.31
N TRP F 271 -52.08 -154.98 -166.28
CA TRP F 271 -51.74 -156.38 -166.04
C TRP F 271 -53.01 -157.21 -165.79
N LEU F 272 -53.95 -156.73 -164.98
CA LEU F 272 -55.16 -157.48 -164.67
C LEU F 272 -56.24 -157.34 -165.74
N SER F 273 -56.10 -156.38 -166.68
CA SER F 273 -56.83 -156.42 -167.93
C SER F 273 -56.39 -157.62 -168.77
N GLU F 274 -55.07 -157.72 -169.02
CA GLU F 274 -54.44 -158.75 -169.84
C GLU F 274 -54.74 -160.14 -169.28
N LEU F 275 -54.62 -160.30 -167.96
CA LEU F 275 -54.89 -161.54 -167.26
C LEU F 275 -56.38 -161.92 -167.32
N ARG F 276 -57.26 -160.99 -167.77
CA ARG F 276 -58.63 -161.31 -168.09
C ARG F 276 -58.83 -161.58 -169.58
N ASN F 277 -58.06 -160.91 -170.45
CA ASN F 277 -58.08 -161.24 -171.88
C ASN F 277 -57.85 -162.74 -172.05
N ILE F 278 -56.97 -163.31 -171.20
CA ILE F 278 -56.59 -164.72 -171.22
C ILE F 278 -57.78 -165.63 -170.92
N GLY F 279 -58.85 -165.08 -170.30
CA GLY F 279 -60.08 -165.83 -170.06
C GLY F 279 -61.29 -165.32 -170.84
N ALA F 280 -61.15 -164.23 -171.62
CA ALA F 280 -62.29 -163.52 -172.19
C ALA F 280 -62.10 -163.17 -173.66
N GLU F 281 -60.87 -162.89 -174.07
CA GLU F 281 -60.51 -162.62 -175.46
C GLU F 281 -60.25 -163.93 -176.20
N VAL F 282 -59.59 -164.88 -175.53
CA VAL F 282 -59.23 -166.18 -176.09
C VAL F 282 -60.46 -166.88 -176.63
N GLY F 283 -61.58 -166.74 -175.91
CA GLY F 283 -62.84 -167.37 -176.25
C GLY F 283 -63.50 -166.82 -177.52
N ILE F 284 -62.91 -165.80 -178.17
CA ILE F 284 -63.44 -165.25 -179.41
C ILE F 284 -63.02 -166.13 -180.60
N ASP F 285 -61.71 -166.42 -180.70
CA ASP F 285 -61.17 -167.24 -181.79
C ASP F 285 -61.42 -168.73 -181.58
N VAL F 286 -61.32 -169.23 -180.35
CA VAL F 286 -61.41 -170.65 -180.04
C VAL F 286 -62.64 -171.32 -180.67
N PRO F 287 -63.89 -170.79 -180.51
CA PRO F 287 -65.05 -171.37 -181.18
C PRO F 287 -65.19 -171.16 -182.69
N THR F 288 -64.18 -170.56 -183.36
CA THR F 288 -64.20 -170.46 -184.81
C THR F 288 -64.07 -171.83 -185.48
N ILE F 289 -63.62 -172.84 -184.72
CA ILE F 289 -63.68 -174.24 -185.12
C ILE F 289 -65.12 -174.60 -185.47
N GLY F 290 -66.08 -173.98 -184.76
CA GLY F 290 -67.48 -173.94 -185.14
C GLY F 290 -67.83 -172.76 -186.06
N GLY F 291 -67.73 -171.53 -185.54
CA GLY F 291 -68.21 -170.31 -186.20
C GLY F 291 -67.69 -170.07 -187.63
N GLY F 292 -66.49 -170.61 -187.93
CA GLY F 292 -65.94 -170.64 -189.27
C GLY F 292 -65.91 -172.05 -189.88
N GLY F 293 -65.50 -173.04 -189.06
CA GLY F 293 -65.33 -174.42 -189.51
C GLY F 293 -66.63 -175.15 -189.85
N ASP F 294 -67.76 -174.70 -189.28
CA ASP F 294 -69.09 -175.16 -189.66
C ASP F 294 -69.45 -174.74 -191.09
N GLY F 295 -68.76 -173.73 -191.63
CA GLY F 295 -68.85 -173.39 -193.06
C GLY F 295 -68.24 -174.48 -193.94
N GLY F 296 -67.17 -175.10 -193.44
CA GLY F 296 -66.52 -176.24 -194.09
C GLY F 296 -67.30 -177.53 -193.91
N GLY F 297 -67.62 -177.87 -192.64
CA GLY F 297 -68.35 -179.09 -192.31
C GLY F 297 -69.78 -179.10 -192.85
N GLY F 298 -70.49 -177.97 -192.67
CA GLY F 298 -71.83 -177.76 -193.18
C GLY F 298 -71.88 -177.75 -194.70
N GLY F 299 -71.01 -176.95 -195.33
CA GLY F 299 -70.88 -176.92 -196.78
C GLY F 299 -70.54 -178.28 -197.37
N GLY F 300 -69.74 -179.05 -196.62
CA GLY F 300 -69.41 -180.43 -196.94
C GLY F 300 -70.65 -181.32 -196.95
N ASN F 301 -71.41 -181.32 -195.85
CA ASN F 301 -72.61 -182.15 -195.72
C ASN F 301 -73.66 -181.73 -196.75
N SER F 302 -73.74 -180.41 -197.01
CA SER F 302 -74.64 -179.80 -198.00
C SER F 302 -74.29 -180.24 -199.41
N SER F 303 -73.03 -180.63 -199.64
CA SER F 303 -72.51 -181.12 -200.90
C SER F 303 -72.58 -182.65 -201.03
N ARG F 304 -72.31 -183.37 -199.93
CA ARG F 304 -72.29 -184.83 -199.88
C ARG F 304 -73.65 -185.43 -200.26
N GLN F 305 -74.74 -184.82 -199.82
CA GLN F 305 -76.10 -185.26 -200.14
C GLN F 305 -76.37 -185.20 -201.65
N PRO F 306 -76.25 -184.06 -202.36
CA PRO F 306 -76.37 -184.03 -203.83
C PRO F 306 -75.32 -184.80 -204.61
N PHE F 307 -74.14 -185.05 -204.02
CA PHE F 307 -73.17 -185.99 -204.60
C PHE F 307 -73.76 -187.40 -204.63
N ALA F 308 -74.40 -187.82 -203.54
CA ALA F 308 -75.03 -189.13 -203.46
C ALA F 308 -76.23 -189.21 -204.39
N GLY F 309 -77.01 -188.12 -204.46
CA GLY F 309 -78.18 -188.03 -205.31
C GLY F 309 -77.83 -188.12 -206.79
N GLY F 310 -76.72 -187.51 -207.18
CA GLY F 310 -76.20 -187.57 -208.54
C GLY F 310 -75.65 -188.94 -208.88
N PHE F 311 -75.02 -189.61 -207.90
CA PHE F 311 -74.38 -190.91 -208.09
C PHE F 311 -75.43 -192.02 -208.29
N PHE F 312 -76.61 -191.89 -207.64
CA PHE F 312 -77.69 -192.86 -207.84
C PHE F 312 -78.44 -192.59 -209.15
N GLY F 313 -78.06 -191.54 -209.90
CA GLY F 313 -78.67 -191.23 -211.19
C GLY F 313 -78.12 -192.09 -212.33
N GLY F 314 -78.17 -193.42 -212.16
CA GLY F 314 -77.61 -194.38 -213.09
C GLY F 314 -78.39 -194.50 -214.39
N GLY F 315 -77.78 -195.17 -215.39
CA GLY F 315 -78.28 -195.23 -216.75
C GLY F 315 -79.57 -196.04 -216.92
N ASN F 316 -80.42 -195.57 -217.84
CA ASN F 316 -81.63 -196.23 -218.32
C ASN F 316 -81.84 -195.82 -219.78
N ALA F 317 -82.36 -196.72 -220.64
CA ALA F 317 -82.45 -196.45 -222.08
C ALA F 317 -83.71 -197.03 -222.72
N THR F 318 -84.20 -196.37 -223.78
CA THR F 318 -85.39 -196.79 -224.52
C THR F 318 -85.16 -196.75 -226.03
N ILE F 319 -85.65 -197.77 -226.75
CA ILE F 319 -85.82 -197.73 -228.20
C ILE F 319 -87.31 -197.54 -228.48
N ASP F 320 -87.66 -196.48 -229.22
CA ASP F 320 -89.01 -196.21 -229.69
C ASP F 320 -90.04 -196.30 -228.55
N GLY F 321 -89.69 -195.71 -227.40
CA GLY F 321 -90.61 -195.61 -226.27
C GLY F 321 -90.60 -196.82 -225.33
N ARG F 322 -89.96 -197.93 -225.72
CA ARG F 322 -89.91 -199.15 -224.93
C ARG F 322 -88.54 -199.30 -224.26
N GLN F 323 -88.51 -199.73 -222.99
CA GLN F 323 -87.27 -199.90 -222.24
C GLN F 323 -86.45 -201.06 -222.81
N ILE F 324 -85.13 -200.84 -222.94
CA ILE F 324 -84.16 -201.87 -223.34
C ILE F 324 -83.26 -202.28 -222.17
N SER F 325 -83.27 -201.50 -221.07
CA SER F 325 -82.60 -201.87 -219.83
C SER F 325 -83.27 -203.09 -219.23
N GLU F 326 -82.47 -204.09 -218.81
CA GLU F 326 -82.99 -205.35 -218.30
C GLU F 326 -83.48 -205.19 -216.86
N SER F 327 -84.62 -205.81 -216.53
CA SER F 327 -85.14 -205.83 -215.17
C SER F 327 -84.45 -206.91 -214.34
N THR F 328 -83.10 -206.87 -214.30
CA THR F 328 -82.30 -207.69 -213.41
C THR F 328 -82.59 -207.28 -211.97
N GLY F 329 -83.13 -208.20 -211.16
CA GLY F 329 -83.61 -207.86 -209.82
C GLY F 329 -82.50 -207.78 -208.77
N ARG F 330 -81.35 -207.22 -209.15
CA ARG F 330 -80.19 -207.07 -208.26
C ARG F 330 -80.16 -205.67 -207.66
N TYR F 331 -79.94 -205.61 -206.34
CA TYR F 331 -79.90 -204.37 -205.61
C TYR F 331 -78.50 -203.73 -205.71
N ARG F 332 -78.46 -202.40 -205.59
CA ARG F 332 -77.28 -201.65 -205.17
C ARG F 332 -77.64 -200.80 -203.96
N SER F 333 -76.64 -200.49 -203.12
CA SER F 333 -76.78 -199.63 -201.96
C SER F 333 -75.49 -198.84 -201.74
N ASP F 334 -75.56 -197.65 -201.15
CA ASP F 334 -74.46 -196.69 -201.23
C ASP F 334 -73.18 -197.17 -200.55
N PRO F 335 -72.00 -196.90 -201.14
CA PRO F 335 -70.71 -197.36 -200.62
C PRO F 335 -70.26 -196.64 -199.36
N SER F 336 -69.19 -197.17 -198.76
CA SER F 336 -68.57 -196.69 -197.52
C SER F 336 -68.14 -195.22 -197.68
N ARG F 337 -68.25 -194.44 -196.59
CA ARG F 337 -68.21 -192.98 -196.61
C ARG F 337 -66.82 -192.38 -196.91
N ARG F 338 -65.74 -193.13 -196.64
CA ARG F 338 -64.33 -192.76 -196.84
C ARG F 338 -64.00 -191.38 -196.24
N VAL G 2 37.11 104.27 129.66
CA VAL G 2 36.81 104.23 128.21
C VAL G 2 37.83 103.33 127.51
N ALA G 3 39.11 103.72 127.47
CA ALA G 3 40.11 103.08 126.61
C ALA G 3 40.94 101.99 127.32
N ILE G 4 40.39 101.35 128.36
CA ILE G 4 41.16 100.51 129.27
C ILE G 4 41.58 99.17 128.64
N ARG G 5 40.69 98.52 127.88
CA ARG G 5 40.95 97.23 127.24
C ARG G 5 40.39 97.14 125.81
N SER G 6 40.15 98.30 125.18
CA SER G 6 39.57 98.41 123.85
C SER G 6 40.59 98.23 122.72
N GLU G 7 41.90 98.37 122.99
CA GLU G 7 42.94 98.50 121.97
C GLU G 7 43.18 97.22 121.16
N GLY G 8 42.58 96.09 121.56
CA GLY G 8 42.72 94.82 120.84
C GLY G 8 41.39 94.15 120.47
N VAL G 9 40.27 94.84 120.68
CA VAL G 9 38.94 94.29 120.45
C VAL G 9 38.71 94.02 118.96
N SER G 10 39.12 94.94 118.09
CA SER G 10 38.91 94.78 116.65
C SER G 10 39.77 93.65 116.07
N GLU G 11 40.82 93.23 116.79
CA GLU G 11 41.65 92.13 116.29
C GLU G 11 40.79 90.88 116.08
N THR G 12 39.61 90.83 116.72
CA THR G 12 38.61 89.81 116.44
C THR G 12 38.13 89.89 114.99
N GLN G 13 37.68 91.07 114.53
CA GLN G 13 37.20 91.24 113.16
C GLN G 13 38.34 91.01 112.16
N GLN G 14 39.54 91.51 112.48
CA GLN G 14 40.69 91.46 111.61
C GLN G 14 41.24 90.04 111.48
N ASN G 15 41.26 89.26 112.57
CA ASN G 15 41.70 87.87 112.54
C ASN G 15 40.64 86.95 111.94
N LEU G 16 39.35 87.26 112.15
CA LEU G 16 38.26 86.49 111.55
C LEU G 16 38.17 86.73 110.04
N GLU G 17 38.54 87.95 109.59
CA GLU G 17 38.81 88.24 108.19
C GLU G 17 39.93 87.36 107.67
N GLY G 18 40.88 87.01 108.53
CA GLY G 18 41.96 86.07 108.22
C GLY G 18 41.47 84.64 108.01
N VAL G 19 40.26 84.34 108.50
CA VAL G 19 39.58 83.09 108.17
C VAL G 19 38.80 83.28 106.86
N GLU G 20 38.13 84.43 106.68
CA GLU G 20 37.29 84.69 105.52
C GLU G 20 38.11 84.64 104.23
N ASN G 21 39.25 85.32 104.21
CA ASN G 21 40.10 85.37 103.03
C ASN G 21 40.75 83.99 102.79
N ALA G 22 40.86 83.19 103.85
CA ALA G 22 41.32 81.82 103.80
C ALA G 22 40.21 80.83 103.43
N MET G 23 38.97 81.32 103.25
CA MET G 23 37.93 80.51 102.61
C MET G 23 38.05 80.62 101.09
N GLU G 24 38.47 81.79 100.60
CA GLU G 24 38.42 82.11 99.17
C GLU G 24 39.37 81.25 98.34
N ASP G 25 40.55 80.89 98.89
CA ASP G 25 41.49 79.99 98.25
C ASP G 25 41.06 78.53 98.38
N THR G 26 39.82 78.30 98.82
CA THR G 26 39.13 77.02 98.65
C THR G 26 37.87 77.20 97.81
N ALA G 27 37.29 78.42 97.83
CA ALA G 27 36.08 78.73 97.07
C ALA G 27 36.38 78.73 95.57
N ASP G 28 37.56 79.25 95.20
CA ASP G 28 38.05 79.32 93.83
C ASP G 28 38.06 77.93 93.19
N SER G 29 38.63 76.98 93.95
CA SER G 29 39.00 75.64 93.55
C SER G 29 37.83 74.67 93.72
N ALA G 30 36.95 74.97 94.68
CA ALA G 30 35.63 74.38 94.75
C ALA G 30 34.83 74.74 93.51
N GLY G 31 35.06 75.94 92.96
CA GLY G 31 34.51 76.38 91.68
C GLY G 31 35.12 75.65 90.48
N ASP G 32 36.46 75.51 90.45
CA ASP G 32 37.21 74.83 89.41
C ASP G 32 36.73 73.39 89.20
N SER G 33 36.06 72.82 90.21
CA SER G 33 35.51 71.46 90.15
C SER G 33 34.43 71.34 89.07
N ALA G 34 33.86 72.47 88.63
CA ALA G 34 32.93 72.53 87.53
C ALA G 34 33.64 72.21 86.21
N ALA G 35 34.81 72.83 86.01
CA ALA G 35 35.67 72.58 84.86
C ALA G 35 36.16 71.13 84.87
N GLU G 36 36.47 70.58 86.06
CA GLU G 36 36.84 69.19 86.21
C GLU G 36 35.75 68.27 85.65
N LEU G 37 34.49 68.42 86.11
CA LEU G 37 33.40 67.57 85.63
C LEU G 37 33.22 67.69 84.12
N GLU G 38 33.28 68.91 83.58
CA GLU G 38 33.20 69.12 82.14
C GLU G 38 34.29 68.32 81.42
N THR G 39 35.52 68.34 81.93
CA THR G 39 36.60 67.53 81.35
C THR G 39 36.35 66.04 81.51
N PHE G 40 35.74 65.59 82.62
CA PHE G 40 35.36 64.19 82.78
C PHE G 40 34.39 63.79 81.67
N SER G 41 33.46 64.71 81.32
CA SER G 41 32.44 64.46 80.32
C SER G 41 33.03 64.42 78.90
N LYS G 42 34.24 64.96 78.71
CA LYS G 42 34.90 65.02 77.40
C LYS G 42 35.19 63.62 76.86
N ARG G 43 35.49 62.68 77.75
CA ARG G 43 35.75 61.29 77.41
C ARG G 43 34.48 60.62 76.89
N PHE G 44 33.37 60.73 77.64
CA PHE G 44 32.09 60.11 77.32
C PHE G 44 31.44 60.73 76.09
N LYS G 45 31.54 62.07 75.95
CA LYS G 45 31.03 62.79 74.79
C LYS G 45 31.84 62.45 73.54
N GLY G 46 33.18 62.45 73.65
CA GLY G 46 34.09 62.00 72.59
C GLY G 46 33.81 60.57 72.13
N ALA G 47 33.59 59.67 73.10
CA ALA G 47 33.24 58.28 72.85
C ALA G 47 31.90 58.14 72.14
N MET G 48 30.91 58.98 72.48
CA MET G 48 29.64 58.99 71.77
C MET G 48 29.82 59.52 70.34
N GLY G 49 30.67 60.54 70.16
CA GLY G 49 31.07 61.02 68.85
C GLY G 49 31.71 59.91 68.01
N ALA G 50 32.59 59.12 68.64
CA ALA G 50 33.29 58.01 67.99
C ALA G 50 32.33 56.88 67.64
N ALA G 51 31.42 56.50 68.56
CA ALA G 51 30.50 55.39 68.36
C ALA G 51 29.41 55.74 67.36
N VAL G 52 28.93 56.99 67.39
CA VAL G 52 27.89 57.46 66.47
C VAL G 52 28.49 57.63 65.07
N SER G 53 29.72 58.15 64.97
CA SER G 53 30.39 58.23 63.68
C SER G 53 30.74 56.84 63.13
N ALA G 54 31.07 55.88 64.02
CA ALA G 54 31.29 54.49 63.63
C ALA G 54 30.00 53.85 63.11
N LEU G 55 28.86 54.12 63.76
CA LEU G 55 27.54 53.67 63.30
C LEU G 55 27.20 54.30 61.95
N ALA G 56 27.45 55.60 61.81
CA ALA G 56 27.25 56.35 60.58
C ALA G 56 28.07 55.77 59.43
N ILE G 57 29.34 55.39 59.69
CA ILE G 57 30.18 54.69 58.73
C ILE G 57 29.60 53.30 58.43
N GLY G 58 29.15 52.60 59.47
CA GLY G 58 28.53 51.29 59.37
C GLY G 58 27.34 51.27 58.41
N THR G 59 26.46 52.28 58.50
CA THR G 59 25.31 52.38 57.61
C THR G 59 25.73 52.93 56.24
N ALA G 60 26.58 53.96 56.22
CA ALA G 60 27.00 54.61 54.98
C ALA G 60 27.80 53.67 54.08
N GLY G 61 28.40 52.62 54.68
CA GLY G 61 29.09 51.57 53.94
C GLY G 61 28.27 50.29 53.77
N LEU G 62 27.61 49.81 54.84
CA LEU G 62 27.10 48.44 54.89
C LEU G 62 25.57 48.34 54.88
N LEU G 63 24.87 49.48 55.02
CA LEU G 63 23.50 49.59 54.53
C LEU G 63 23.52 49.92 53.04
N SER G 64 24.30 50.93 52.63
CA SER G 64 24.43 51.34 51.23
C SER G 64 24.90 50.19 50.35
N GLN G 65 25.53 49.18 50.98
CA GLN G 65 25.89 47.91 50.37
C GLN G 65 24.70 47.29 49.61
N VAL G 66 23.50 47.25 50.19
CA VAL G 66 22.41 46.50 49.57
C VAL G 66 21.81 47.23 48.36
N PRO G 67 21.68 48.58 48.32
CA PRO G 67 21.54 49.31 47.05
C PRO G 67 22.60 49.07 45.98
N VAL G 68 23.88 48.93 46.38
CA VAL G 68 25.00 48.71 45.47
C VAL G 68 24.96 47.28 44.94
N VAL G 69 24.74 46.31 45.83
CA VAL G 69 24.87 44.88 45.56
C VAL G 69 23.56 44.29 45.03
N GLY G 70 22.42 44.95 45.26
CA GLY G 70 21.13 44.53 44.73
C GLY G 70 21.09 44.46 43.21
N GLU G 71 22.05 45.14 42.56
CA GLU G 71 22.25 45.11 41.12
C GLU G 71 22.65 43.70 40.65
N ALA G 72 23.19 42.88 41.57
CA ALA G 72 23.56 41.51 41.26
C ALA G 72 22.35 40.61 41.05
N MET G 73 21.42 40.54 42.03
CA MET G 73 20.20 39.76 41.89
C MET G 73 19.22 40.44 40.95
N GLY G 74 19.37 41.76 40.77
CA GLY G 74 18.69 42.50 39.71
C GLY G 74 19.11 41.98 38.33
N GLY G 75 20.39 42.13 37.99
CA GLY G 75 20.96 41.77 36.69
C GLY G 75 20.85 40.28 36.38
N LEU G 76 21.44 39.43 37.24
CA LEU G 76 21.46 37.99 37.00
C LEU G 76 20.09 37.36 37.21
N GLY G 77 19.18 38.06 37.90
CA GLY G 77 17.76 37.69 37.95
C GLY G 77 17.03 38.04 36.66
N ALA G 78 17.31 39.23 36.11
CA ALA G 78 16.74 39.67 34.84
C ALA G 78 17.20 38.78 33.68
N ILE G 79 18.50 38.50 33.59
CA ILE G 79 19.15 37.81 32.47
C ILE G 79 18.63 36.39 32.25
N ILE G 80 17.87 35.84 33.22
CA ILE G 80 17.13 34.58 33.06
C ILE G 80 16.16 34.74 31.88
N ASP G 81 15.78 35.99 31.57
CA ASP G 81 14.85 36.33 30.51
C ASP G 81 15.35 35.80 29.15
N ALA G 82 16.48 36.34 28.66
CA ALA G 82 17.01 36.00 27.35
C ALA G 82 17.40 34.53 27.27
N LEU G 83 17.96 34.00 28.38
CA LEU G 83 18.56 32.68 28.37
C LEU G 83 17.54 31.57 28.68
N THR G 84 16.29 31.96 29.02
CA THR G 84 15.12 31.12 28.80
C THR G 84 14.53 31.37 27.41
N MET G 85 14.37 32.66 27.02
CA MET G 85 13.76 33.10 25.78
C MET G 85 14.25 32.27 24.59
N LYS G 86 15.55 32.03 24.53
CA LYS G 86 16.25 31.36 23.44
C LYS G 86 15.78 29.92 23.20
N ILE G 87 14.88 29.40 24.04
CA ILE G 87 14.17 28.17 23.71
C ILE G 87 13.37 28.38 22.43
N ASP G 88 13.01 29.65 22.14
CA ASP G 88 12.30 30.04 20.93
C ASP G 88 13.18 29.90 19.69
N GLU G 89 14.52 29.92 19.83
CA GLU G 89 15.44 29.69 18.73
C GLU G 89 15.25 28.29 18.15
N ASP G 90 14.92 27.33 19.01
CA ASP G 90 14.79 25.92 18.65
C ASP G 90 13.32 25.50 18.51
N ALA G 91 12.40 26.31 19.06
CA ALA G 91 10.97 26.19 18.82
C ALA G 91 10.65 26.23 17.32
N ARG G 92 11.34 27.10 16.57
CA ARG G 92 11.12 27.27 15.14
C ARG G 92 11.59 26.03 14.35
N PRO G 93 12.82 25.50 14.56
CA PRO G 93 13.17 24.14 14.16
C PRO G 93 12.17 23.02 14.50
N ALA G 94 11.45 23.14 15.63
CA ALA G 94 10.40 22.18 15.95
C ALA G 94 9.22 22.34 14.99
N VAL G 95 8.81 23.59 14.72
CA VAL G 95 7.76 23.91 13.76
C VAL G 95 8.16 23.42 12.38
N GLY G 96 9.41 23.69 11.99
CA GLY G 96 9.97 23.29 10.71
C GLY G 96 10.02 21.77 10.53
N SER G 97 10.19 21.04 11.64
CA SER G 97 10.03 19.59 11.65
C SER G 97 8.60 19.22 11.26
N PHE G 98 7.62 19.84 11.95
CA PHE G 98 6.21 19.56 11.74
C PHE G 98 5.74 19.94 10.33
N THR G 99 6.24 21.05 9.75
CA THR G 99 5.88 21.41 8.39
C THR G 99 6.33 20.34 7.40
N ASP G 100 7.50 19.77 7.68
CA ASP G 100 8.14 18.81 6.79
C ASP G 100 7.64 17.40 7.06
N ASP G 101 6.88 17.22 8.15
CA ASP G 101 5.98 16.09 8.32
C ASP G 101 4.72 16.36 7.50
N LEU G 102 4.13 17.56 7.69
CA LEU G 102 2.85 17.97 7.13
C LEU G 102 2.82 17.84 5.60
N TYR G 103 3.75 18.50 4.91
CA TYR G 103 3.70 18.60 3.45
C TYR G 103 4.08 17.27 2.79
N GLU G 104 5.01 16.54 3.40
CA GLU G 104 5.43 15.21 2.97
C GLU G 104 4.27 14.23 3.14
N VAL G 105 3.49 14.38 4.22
CA VAL G 105 2.28 13.60 4.45
C VAL G 105 1.22 13.98 3.43
N ALA G 106 1.09 15.29 3.12
CA ALA G 106 0.17 15.77 2.10
C ALA G 106 0.41 15.06 0.78
N GLU G 107 1.67 15.10 0.31
CA GLU G 107 2.07 14.43 -0.92
C GLU G 107 1.81 12.93 -0.81
N ALA G 108 2.15 12.31 0.33
CA ALA G 108 1.88 10.90 0.61
C ALA G 108 0.39 10.57 0.45
N THR G 109 -0.50 11.46 0.91
CA THR G 109 -1.94 11.26 0.72
C THR G 109 -2.34 11.39 -0.74
N TYR G 110 -1.73 12.35 -1.46
CA TYR G 110 -2.03 12.56 -2.87
C TYR G 110 -1.55 11.37 -3.70
N GLU G 111 -0.42 10.78 -3.29
CA GLU G 111 0.13 9.59 -3.90
C GLU G 111 -0.73 8.38 -3.57
N ALA G 112 -1.26 8.32 -2.35
CA ALA G 112 -2.21 7.28 -1.97
C ALA G 112 -3.47 7.41 -2.82
N ASP G 113 -4.03 8.64 -2.91
CA ASP G 113 -5.23 8.94 -3.66
C ASP G 113 -5.07 8.58 -5.15
N SER G 114 -3.93 8.98 -5.74
CA SER G 114 -3.66 8.73 -7.15
C SER G 114 -3.40 7.24 -7.40
N SER G 115 -2.92 6.52 -6.37
CA SER G 115 -2.88 5.06 -6.42
C SER G 115 -4.29 4.48 -6.55
N LEU G 116 -5.27 5.00 -5.78
CA LEU G 116 -6.63 4.46 -5.70
C LEU G 116 -7.30 4.37 -7.07
N GLU G 117 -7.13 5.40 -7.90
CA GLU G 117 -7.84 5.52 -9.17
C GLU G 117 -7.30 4.52 -10.19
N ALA G 118 -5.98 4.44 -10.32
CA ALA G 118 -5.34 3.41 -11.13
C ALA G 118 -5.60 2.02 -10.55
N PHE G 119 -5.78 1.94 -9.22
CA PHE G 119 -6.17 0.74 -8.49
C PHE G 119 -7.68 0.45 -8.65
N GLN G 120 -8.38 1.22 -9.49
CA GLN G 120 -9.64 0.80 -10.09
C GLN G 120 -9.42 0.47 -11.56
N THR G 121 -8.84 1.39 -12.35
CA THR G 121 -8.79 1.27 -13.80
C THR G 121 -7.89 0.12 -14.26
N ALA G 122 -6.89 -0.24 -13.46
CA ALA G 122 -6.05 -1.40 -13.74
C ALA G 122 -6.87 -2.68 -13.55
N LEU G 123 -7.70 -2.70 -12.50
CA LEU G 123 -8.55 -3.85 -12.20
C LEU G 123 -9.61 -4.00 -13.29
N ASP G 124 -10.17 -2.88 -13.75
CA ASP G 124 -11.04 -2.83 -14.92
C ASP G 124 -10.31 -3.38 -16.14
N GLY G 125 -9.03 -2.99 -16.30
CA GLY G 125 -8.14 -3.53 -17.31
C GLY G 125 -8.01 -5.05 -17.27
N VAL G 126 -7.89 -5.62 -16.06
CA VAL G 126 -7.84 -7.06 -15.84
C VAL G 126 -9.19 -7.71 -16.20
N ASN G 127 -10.28 -7.21 -15.62
CA ASN G 127 -11.64 -7.73 -15.83
C ASN G 127 -11.98 -7.78 -17.32
N THR G 128 -11.66 -6.69 -18.05
CA THR G 128 -11.96 -6.53 -19.46
C THR G 128 -10.91 -7.19 -20.37
N ALA G 129 -9.79 -7.71 -19.84
CA ALA G 129 -8.72 -8.25 -20.64
C ALA G 129 -9.13 -9.51 -21.40
N ILE G 130 -10.02 -10.31 -20.80
CA ILE G 130 -10.30 -11.68 -21.24
C ILE G 130 -11.75 -11.85 -21.69
N ASP G 131 -12.70 -11.20 -21.00
CA ASP G 131 -14.13 -11.42 -21.13
C ASP G 131 -14.61 -11.25 -22.58
N ASP G 132 -14.42 -10.06 -23.16
CA ASP G 132 -14.81 -9.75 -24.52
C ASP G 132 -13.86 -10.38 -25.56
N VAL G 133 -12.84 -11.14 -25.11
CA VAL G 133 -11.60 -11.27 -25.87
C VAL G 133 -11.23 -12.75 -26.09
N ALA G 134 -11.47 -13.59 -25.08
CA ALA G 134 -11.39 -15.03 -25.20
C ALA G 134 -12.78 -15.71 -25.18
N VAL G 135 -13.79 -15.11 -24.52
CA VAL G 135 -15.03 -15.82 -24.23
C VAL G 135 -15.95 -15.90 -25.46
N SER G 136 -16.49 -14.75 -25.89
CA SER G 136 -17.37 -14.68 -27.04
C SER G 136 -16.64 -15.15 -28.29
N THR G 137 -15.34 -14.85 -28.35
CA THR G 137 -14.45 -15.34 -29.39
C THR G 137 -14.37 -16.86 -29.39
N LEU G 138 -14.09 -17.50 -28.23
CA LEU G 138 -14.12 -18.96 -28.17
C LEU G 138 -15.49 -19.47 -28.60
N GLN G 139 -16.56 -18.91 -28.04
CA GLN G 139 -17.92 -19.31 -28.39
C GLN G 139 -18.14 -19.29 -29.90
N THR G 140 -17.71 -18.20 -30.57
CA THR G 140 -17.85 -18.10 -32.02
C THR G 140 -17.00 -19.14 -32.75
N GLU G 141 -15.74 -19.30 -32.35
CA GLU G 141 -14.85 -20.26 -32.98
C GLU G 141 -15.30 -21.70 -32.70
N ILE G 142 -15.96 -21.91 -31.56
CA ILE G 142 -16.57 -23.18 -31.17
C ILE G 142 -17.79 -23.43 -32.04
N GLU G 143 -18.62 -22.41 -32.25
CA GLU G 143 -19.83 -22.51 -33.07
C GLU G 143 -19.46 -22.80 -34.53
N GLU G 144 -18.36 -22.21 -34.99
CA GLU G 144 -17.90 -22.41 -36.36
C GLU G 144 -17.14 -23.74 -36.47
N LEU G 145 -16.51 -24.21 -35.39
CA LEU G 145 -15.94 -25.57 -35.34
C LEU G 145 -17.07 -26.59 -35.38
N THR G 146 -18.09 -26.39 -34.53
CA THR G 146 -18.91 -27.48 -34.03
C THR G 146 -20.33 -27.45 -34.59
N GLY G 147 -20.86 -26.25 -34.86
CA GLY G 147 -22.10 -26.12 -35.61
C GLY G 147 -21.96 -26.74 -37.01
N ILE G 148 -20.77 -26.63 -37.59
CA ILE G 148 -20.41 -27.23 -38.86
C ILE G 148 -20.42 -28.77 -38.78
N THR G 149 -20.46 -29.35 -37.57
CA THR G 149 -20.58 -30.80 -37.43
C THR G 149 -21.99 -31.30 -37.74
N ILE G 150 -22.99 -30.41 -37.70
CA ILE G 150 -24.35 -30.75 -38.12
C ILE G 150 -24.34 -31.05 -39.63
N PRO G 151 -23.79 -30.18 -40.52
CA PRO G 151 -23.38 -30.61 -41.85
C PRO G 151 -22.60 -31.91 -41.94
N LYS G 152 -21.60 -32.13 -41.08
CA LYS G 152 -20.77 -33.34 -41.13
C LYS G 152 -21.60 -34.59 -40.84
N ASN G 153 -22.68 -34.43 -40.06
CA ASN G 153 -23.64 -35.48 -39.77
C ASN G 153 -24.50 -35.76 -41.00
N TRP G 154 -25.32 -34.78 -41.40
CA TRP G 154 -26.41 -34.99 -42.35
C TRP G 154 -25.94 -35.06 -43.80
N LEU G 155 -24.91 -34.27 -44.16
CA LEU G 155 -24.47 -34.19 -45.55
C LEU G 155 -23.71 -35.44 -45.97
N ASP G 156 -23.15 -36.21 -45.02
CA ASP G 156 -22.21 -37.29 -45.35
C ASP G 156 -22.95 -38.55 -45.81
N PHE G 157 -23.88 -39.07 -45.01
CA PHE G 157 -24.71 -40.16 -45.48
C PHE G 157 -25.66 -39.64 -46.55
N GLY G 158 -25.94 -38.34 -46.51
CA GLY G 158 -26.69 -37.63 -47.53
C GLY G 158 -26.03 -37.73 -48.91
N TRP G 159 -24.72 -37.48 -48.99
CA TRP G 159 -24.03 -37.54 -50.28
C TRP G 159 -23.93 -38.96 -50.83
N ASP G 160 -24.10 -39.98 -49.98
CA ASP G 160 -24.21 -41.36 -50.43
C ASP G 160 -25.49 -41.60 -51.26
N ILE G 161 -26.39 -40.61 -51.39
CA ILE G 161 -27.34 -40.65 -52.49
C ILE G 161 -26.66 -40.13 -53.75
N MET G 162 -26.04 -38.95 -53.67
CA MET G 162 -25.47 -38.26 -54.82
C MET G 162 -24.36 -39.08 -55.48
N THR G 163 -23.31 -39.44 -54.73
CA THR G 163 -22.18 -40.23 -55.21
C THR G 163 -22.64 -41.53 -55.84
N LEU G 164 -23.50 -42.26 -55.12
CA LEU G 164 -23.73 -43.66 -55.41
C LEU G 164 -24.83 -43.84 -56.45
N ASP G 165 -25.89 -43.02 -56.39
CA ASP G 165 -27.05 -43.16 -57.28
C ASP G 165 -26.70 -42.85 -58.73
N ALA G 166 -25.79 -41.89 -58.95
CA ALA G 166 -25.31 -41.55 -60.28
C ALA G 166 -24.69 -42.78 -60.95
N ARG G 167 -24.19 -43.72 -60.14
CA ARG G 167 -23.56 -44.94 -60.60
C ARG G 167 -24.56 -46.10 -60.64
N GLN G 168 -25.42 -46.22 -59.62
CA GLN G 168 -26.32 -47.37 -59.51
C GLN G 168 -27.46 -47.28 -60.53
N THR G 169 -27.96 -46.06 -60.80
CA THR G 169 -29.00 -45.85 -61.79
C THR G 169 -28.44 -46.04 -63.20
N MET G 170 -27.17 -45.64 -63.42
CA MET G 170 -26.57 -45.77 -64.73
C MET G 170 -26.23 -47.22 -65.09
N ASP G 171 -25.81 -48.06 -64.13
CA ASP G 171 -25.53 -49.47 -64.40
C ASP G 171 -26.81 -50.26 -64.63
N ASN G 172 -27.89 -49.89 -63.91
CA ASN G 172 -29.22 -50.36 -64.26
C ASN G 172 -29.50 -50.05 -65.73
N ILE G 173 -29.22 -48.81 -66.16
CA ILE G 173 -29.36 -48.39 -67.55
C ILE G 173 -28.43 -49.18 -68.48
N GLU G 174 -27.16 -49.39 -68.09
CA GLU G 174 -26.20 -50.12 -68.92
C GLU G 174 -26.65 -51.55 -69.19
N THR G 175 -27.10 -52.24 -68.12
CA THR G 175 -27.61 -53.59 -68.21
C THR G 175 -28.92 -53.62 -68.98
N ILE G 176 -29.82 -52.64 -68.74
CA ILE G 176 -31.09 -52.52 -69.46
C ILE G 176 -30.82 -52.35 -70.95
N ILE G 177 -29.87 -51.47 -71.32
CA ILE G 177 -29.52 -51.25 -72.71
C ILE G 177 -28.92 -52.52 -73.30
N ASN G 178 -28.27 -53.34 -72.45
CA ASN G 178 -27.69 -54.60 -72.90
C ASN G 178 -28.73 -55.68 -73.18
N GLU G 179 -30.01 -55.40 -72.90
CA GLU G 179 -31.08 -56.22 -73.44
C GLU G 179 -31.11 -56.13 -74.97
N PHE G 180 -30.80 -54.95 -75.52
CA PHE G 180 -30.98 -54.66 -76.94
C PHE G 180 -30.02 -55.46 -77.83
N PRO G 181 -28.69 -55.56 -77.52
CA PRO G 181 -27.80 -56.56 -78.12
C PRO G 181 -28.22 -58.03 -78.02
N GLU G 182 -29.38 -58.29 -77.39
CA GLU G 182 -29.96 -59.62 -77.34
C GLU G 182 -31.38 -59.65 -77.93
N ASP G 183 -32.12 -58.54 -77.85
CA ASP G 183 -33.39 -58.38 -78.55
C ASP G 183 -33.11 -58.31 -80.04
N PHE G 184 -32.46 -57.22 -80.48
CA PHE G 184 -31.96 -57.08 -81.83
C PHE G 184 -30.90 -58.15 -82.11
N GLY G 185 -30.21 -58.59 -81.07
CA GLY G 185 -29.34 -59.77 -81.10
C GLY G 185 -30.07 -60.97 -81.69
N THR G 186 -31.22 -61.33 -81.11
CA THR G 186 -31.99 -62.47 -81.56
C THR G 186 -32.60 -62.22 -82.94
N MET G 187 -32.88 -60.96 -83.29
CA MET G 187 -33.35 -60.64 -84.64
C MET G 187 -32.28 -60.92 -85.69
N LEU G 188 -31.02 -60.48 -85.46
CA LEU G 188 -29.92 -60.81 -86.36
C LEU G 188 -29.64 -62.31 -86.36
N LYS G 189 -29.71 -62.94 -85.18
CA LYS G 189 -29.55 -64.37 -85.01
C LYS G 189 -30.75 -65.18 -85.55
N SER G 190 -31.78 -64.53 -86.13
CA SER G 190 -32.89 -65.20 -86.78
C SER G 190 -32.81 -65.07 -88.30
N ILE G 191 -32.35 -63.91 -88.76
CA ILE G 191 -32.11 -63.61 -90.17
C ILE G 191 -31.05 -64.56 -90.74
N ASP G 192 -30.03 -64.90 -89.93
CA ASP G 192 -28.97 -65.81 -90.33
C ASP G 192 -29.49 -67.24 -90.53
N PRO G 193 -30.10 -67.93 -89.51
CA PRO G 193 -30.61 -69.28 -89.71
C PRO G 193 -31.75 -69.46 -90.71
N ARG G 194 -32.37 -68.36 -91.16
CA ARG G 194 -33.35 -68.43 -92.24
C ARG G 194 -32.67 -68.91 -93.53
N ALA G 195 -31.36 -68.67 -93.66
CA ALA G 195 -30.58 -69.10 -94.81
C ALA G 195 -30.36 -70.61 -94.86
N LYS G 196 -30.53 -71.33 -93.73
CA LYS G 196 -30.30 -72.78 -93.65
C LYS G 196 -31.18 -73.57 -94.61
N LYS G 197 -32.26 -72.94 -95.09
CA LYS G 197 -33.27 -73.55 -95.94
C LYS G 197 -32.66 -73.94 -97.28
N GLY G 198 -32.24 -72.94 -98.07
CA GLY G 198 -31.73 -73.14 -99.42
C GLY G 198 -30.36 -73.82 -99.49
N TRP G 199 -29.67 -73.94 -98.35
CA TRP G 199 -28.30 -74.44 -98.31
C TRP G 199 -28.22 -75.98 -98.30
N ASP G 200 -29.30 -76.64 -98.76
CA ASP G 200 -29.24 -78.03 -99.22
C ASP G 200 -29.61 -78.19 -100.71
N ILE G 201 -29.92 -77.10 -101.44
CA ILE G 201 -30.42 -77.17 -102.82
C ILE G 201 -29.39 -77.87 -103.72
N LEU G 202 -28.17 -77.32 -103.75
CA LEU G 202 -27.10 -77.75 -104.63
C LEU G 202 -26.43 -79.03 -104.13
N THR G 203 -26.98 -79.67 -103.08
CA THR G 203 -26.29 -80.75 -102.37
C THR G 203 -27.19 -81.96 -102.12
N LYS G 204 -28.51 -81.78 -101.91
CA LYS G 204 -29.44 -82.88 -102.13
C LYS G 204 -29.24 -83.42 -103.54
N SER G 205 -29.11 -82.51 -104.53
CA SER G 205 -28.76 -82.88 -105.89
C SER G 205 -27.46 -83.69 -105.93
N ALA G 206 -26.53 -83.43 -105.00
CA ALA G 206 -25.28 -84.19 -104.91
C ALA G 206 -25.50 -85.60 -104.36
N ASP G 207 -26.59 -85.85 -103.62
CA ASP G 207 -27.07 -87.22 -103.45
C ASP G 207 -27.57 -87.73 -104.80
N MET G 208 -28.43 -86.93 -105.44
CA MET G 208 -29.26 -87.40 -106.54
C MET G 208 -28.44 -87.76 -107.77
N PHE G 209 -27.25 -87.14 -107.94
CA PHE G 209 -26.44 -87.33 -109.13
C PHE G 209 -25.92 -88.78 -109.27
N ILE G 210 -25.96 -89.59 -108.20
CA ILE G 210 -25.66 -91.01 -108.33
C ILE G 210 -26.89 -91.90 -108.07
N ASN G 211 -27.91 -91.39 -107.37
CA ASN G 211 -29.25 -91.98 -107.41
C ASN G 211 -29.68 -92.09 -108.88
N ASP G 212 -29.32 -91.06 -109.65
CA ASP G 212 -29.38 -90.97 -111.11
C ASP G 212 -28.52 -92.05 -111.75
N LEU G 213 -27.19 -91.95 -111.65
CA LEU G 213 -26.27 -92.78 -112.43
C LEU G 213 -26.35 -94.27 -112.12
N THR G 214 -26.75 -94.67 -110.90
CA THR G 214 -26.98 -96.08 -110.59
C THR G 214 -28.20 -96.63 -111.33
N SER G 215 -29.01 -95.74 -111.91
CA SER G 215 -30.06 -96.18 -112.82
C SER G 215 -29.48 -96.86 -114.05
N ARG G 216 -28.17 -96.68 -114.31
CA ARG G 216 -27.45 -97.44 -115.33
C ARG G 216 -27.59 -98.95 -115.08
N ILE G 217 -27.74 -99.34 -113.80
CA ILE G 217 -28.01 -100.73 -113.45
C ILE G 217 -29.52 -101.03 -113.47
N ASP G 218 -30.36 -100.15 -112.90
CA ASP G 218 -31.81 -100.43 -112.77
C ASP G 218 -32.58 -100.27 -114.08
N SER G 219 -32.01 -99.55 -115.07
CA SER G 219 -32.71 -99.12 -116.27
C SER G 219 -31.80 -99.11 -117.51
N GLY G 220 -30.48 -98.93 -117.32
CA GLY G 220 -29.52 -98.81 -118.42
C GLY G 220 -29.21 -100.15 -119.06
N VAL G 221 -28.30 -100.91 -118.46
CA VAL G 221 -27.96 -102.25 -118.91
C VAL G 221 -29.06 -103.22 -118.44
N ASN G 222 -29.31 -103.24 -117.12
CA ASN G 222 -30.43 -103.93 -116.49
C ASN G 222 -30.48 -105.40 -116.93
N ASP G 223 -29.39 -106.12 -116.71
CA ASP G 223 -29.16 -107.48 -117.23
C ASP G 223 -30.22 -108.47 -116.78
N VAL G 224 -30.84 -108.23 -115.62
CA VAL G 224 -31.88 -109.08 -115.04
C VAL G 224 -33.08 -109.15 -116.00
N ARG G 225 -33.25 -108.11 -116.84
CA ARG G 225 -34.28 -108.03 -117.87
C ARG G 225 -33.68 -108.14 -119.26
N GLY G 226 -32.62 -107.37 -119.52
CA GLY G 226 -32.07 -107.13 -120.84
C GLY G 226 -31.96 -108.39 -121.69
N PHE G 227 -31.04 -109.27 -121.30
CA PHE G 227 -30.78 -110.50 -122.02
C PHE G 227 -31.79 -111.59 -121.68
N PHE G 228 -32.41 -111.55 -120.49
CA PHE G 228 -33.34 -112.60 -120.06
C PHE G 228 -34.61 -112.56 -120.91
N THR G 229 -35.09 -111.37 -121.27
CA THR G 229 -36.23 -111.21 -122.16
C THR G 229 -35.86 -111.65 -123.58
N GLY G 230 -34.57 -111.59 -123.91
CA GLY G 230 -34.03 -112.25 -125.09
C GLY G 230 -34.19 -113.76 -125.01
N LEU G 231 -33.60 -114.38 -123.97
CA LEU G 231 -33.54 -115.83 -123.79
C LEU G 231 -34.93 -116.48 -123.85
N ALA G 232 -35.95 -115.85 -123.24
CA ALA G 232 -37.32 -116.35 -123.25
C ALA G 232 -37.94 -116.33 -124.66
N SER G 233 -37.41 -115.49 -125.57
CA SER G 233 -37.86 -115.41 -126.96
C SER G 233 -37.14 -116.41 -127.86
N ASP G 234 -35.90 -116.78 -127.52
CA ASP G 234 -35.14 -117.82 -128.20
C ASP G 234 -35.92 -119.14 -128.21
N LEU G 235 -36.77 -119.34 -127.17
CA LEU G 235 -37.62 -120.53 -127.07
C LEU G 235 -38.67 -120.53 -128.18
N ASN G 236 -39.11 -119.34 -128.61
CA ASN G 236 -40.06 -119.20 -129.70
C ASN G 236 -39.36 -119.40 -131.06
N GLU G 237 -38.08 -119.02 -131.18
CA GLU G 237 -37.30 -119.32 -132.37
C GLU G 237 -37.15 -120.84 -132.52
N TRP G 238 -36.69 -121.50 -131.44
CA TRP G 238 -36.52 -122.93 -131.39
C TRP G 238 -37.84 -123.65 -131.65
N GLY G 239 -38.92 -123.20 -131.01
CA GLY G 239 -40.25 -123.77 -131.18
C GLY G 239 -40.80 -123.63 -132.59
N GLY G 240 -40.67 -122.43 -133.17
CA GLY G 240 -41.06 -122.16 -134.55
C GLY G 240 -40.32 -123.03 -135.55
N ASN G 241 -39.00 -123.15 -135.39
CA ASN G 241 -38.16 -124.01 -136.20
C ASN G 241 -38.55 -125.49 -136.03
N VAL G 242 -38.49 -126.01 -134.79
CA VAL G 242 -38.74 -127.41 -134.47
C VAL G 242 -40.13 -127.83 -134.96
N ALA G 243 -41.15 -126.98 -134.73
CA ALA G 243 -42.50 -127.24 -135.22
C ALA G 243 -42.53 -127.28 -136.75
N SER G 244 -41.78 -126.39 -137.42
CA SER G 244 -41.69 -126.41 -138.87
C SER G 244 -41.00 -127.69 -139.36
N ASP G 245 -39.93 -128.10 -138.68
CA ASP G 245 -39.16 -129.31 -138.99
C ASP G 245 -40.05 -130.55 -138.87
N ALA G 246 -40.83 -130.63 -137.78
CA ALA G 246 -41.73 -131.75 -137.55
C ALA G 246 -42.84 -131.75 -138.60
N ARG G 247 -43.38 -130.56 -138.91
CA ARG G 247 -44.46 -130.39 -139.87
C ARG G 247 -43.95 -130.62 -141.30
N GLU G 248 -42.63 -130.56 -141.50
CA GLU G 248 -41.99 -130.91 -142.77
C GLU G 248 -41.93 -132.42 -142.95
N TRP G 249 -41.04 -133.08 -142.19
CA TRP G 249 -40.80 -134.51 -142.28
C TRP G 249 -42.08 -135.30 -142.03
N GLY G 250 -42.81 -134.93 -140.97
CA GLY G 250 -44.03 -135.60 -140.54
C GLY G 250 -45.19 -135.49 -141.54
N THR G 251 -45.14 -134.49 -142.45
CA THR G 251 -46.06 -134.47 -143.58
C THR G 251 -45.50 -135.26 -144.76
N ASN G 252 -44.24 -134.99 -145.15
CA ASN G 252 -43.71 -135.44 -146.42
C ASN G 252 -43.49 -136.95 -146.47
N LEU G 253 -43.17 -137.57 -145.32
CA LEU G 253 -43.12 -139.02 -145.23
C LEU G 253 -44.48 -139.62 -145.52
N ILE G 254 -45.55 -138.98 -145.02
CA ILE G 254 -46.91 -139.44 -145.26
C ILE G 254 -47.31 -139.21 -146.73
N ASP G 255 -46.75 -138.19 -147.39
CA ASP G 255 -46.92 -138.02 -148.84
C ASP G 255 -46.30 -139.18 -149.60
N LYS G 256 -45.12 -139.63 -149.18
CA LYS G 256 -44.46 -140.79 -149.77
C LYS G 256 -45.41 -141.98 -149.71
N PHE G 257 -45.90 -142.30 -148.51
CA PHE G 257 -46.72 -143.47 -148.25
C PHE G 257 -48.08 -143.35 -148.94
N THR G 258 -48.79 -142.23 -148.72
CA THR G 258 -50.19 -142.08 -149.14
C THR G 258 -50.32 -141.80 -150.63
N GLY G 259 -49.37 -141.07 -151.21
CA GLY G 259 -49.32 -140.88 -152.66
C GLY G 259 -49.28 -142.20 -153.41
N GLY G 260 -48.59 -143.19 -152.81
CA GLY G 260 -48.57 -144.56 -153.29
C GLY G 260 -49.87 -145.29 -152.99
N ILE G 261 -50.28 -145.32 -151.71
CA ILE G 261 -51.35 -146.17 -151.21
C ILE G 261 -52.72 -145.77 -151.77
N ARG G 262 -52.92 -144.50 -152.15
CA ARG G 262 -54.13 -144.05 -152.84
C ARG G 262 -54.35 -144.83 -154.14
N SER G 263 -53.23 -145.17 -154.81
CA SER G 263 -53.28 -145.99 -156.02
C SER G 263 -53.51 -147.47 -155.71
N LYS G 264 -53.20 -147.94 -154.48
CA LYS G 264 -53.62 -149.26 -154.05
C LYS G 264 -55.14 -149.30 -153.87
N ILE G 265 -55.68 -148.40 -153.03
CA ILE G 265 -57.09 -148.41 -152.64
C ILE G 265 -58.00 -148.29 -153.88
N SER G 266 -57.64 -147.40 -154.80
CA SER G 266 -58.33 -147.29 -156.08
C SER G 266 -57.98 -148.43 -157.03
N GLY G 267 -56.69 -148.78 -157.16
CA GLY G 267 -56.20 -149.73 -158.13
C GLY G 267 -56.70 -151.17 -157.94
N LEU G 268 -56.81 -151.61 -156.67
CA LEU G 268 -57.38 -152.91 -156.33
C LEU G 268 -58.84 -152.98 -156.78
N ARG G 269 -59.60 -151.91 -156.48
CA ARG G 269 -61.00 -151.78 -156.83
C ARG G 269 -61.16 -151.57 -158.35
N ASN G 270 -60.08 -151.17 -159.04
CA ASN G 270 -60.04 -151.21 -160.49
C ASN G 270 -59.92 -152.65 -160.99
N TRP G 271 -59.06 -153.50 -160.39
CA TRP G 271 -58.96 -154.87 -160.88
C TRP G 271 -60.26 -155.64 -160.62
N LEU G 272 -60.94 -155.31 -159.52
CA LEU G 272 -62.25 -155.85 -159.20
C LEU G 272 -63.29 -155.41 -160.23
N SER G 273 -62.97 -154.36 -161.01
CA SER G 273 -63.71 -154.01 -162.22
C SER G 273 -63.17 -154.73 -163.46
N GLU G 274 -61.85 -154.70 -163.73
CA GLU G 274 -61.24 -155.30 -164.92
C GLU G 274 -61.70 -156.73 -165.18
N LEU G 275 -61.72 -157.59 -164.15
CA LEU G 275 -62.03 -159.00 -164.31
C LEU G 275 -63.48 -159.22 -164.74
N ARG G 276 -64.40 -158.32 -164.35
CA ARG G 276 -65.77 -158.32 -164.83
C ARG G 276 -65.87 -157.64 -166.20
N ASN G 277 -65.14 -156.54 -166.33
CA ASN G 277 -65.32 -155.49 -167.33
C ASN G 277 -64.72 -155.89 -168.67
N ILE G 278 -63.45 -156.32 -168.66
CA ILE G 278 -62.82 -156.91 -169.83
C ILE G 278 -63.19 -158.40 -169.91
N GLY G 279 -63.74 -158.93 -168.81
CA GLY G 279 -64.47 -160.19 -168.81
C GLY G 279 -65.71 -160.13 -169.71
N ALA G 280 -66.24 -158.92 -169.95
CA ALA G 280 -67.50 -158.72 -170.66
C ALA G 280 -67.43 -159.13 -172.13
N GLU G 281 -66.23 -159.34 -172.68
CA GLU G 281 -66.06 -159.93 -174.01
C GLU G 281 -66.80 -161.27 -174.11
N VAL G 282 -66.88 -162.02 -173.00
CA VAL G 282 -67.60 -163.28 -172.85
C VAL G 282 -69.09 -163.11 -173.15
N GLY G 283 -69.63 -161.89 -172.98
CA GLY G 283 -71.02 -161.59 -173.27
C GLY G 283 -71.23 -160.64 -174.44
N ILE G 284 -70.15 -160.23 -175.11
CA ILE G 284 -70.17 -159.17 -176.11
C ILE G 284 -69.68 -159.66 -177.48
N ASP G 285 -68.53 -160.35 -177.52
CA ASP G 285 -67.83 -160.73 -178.75
C ASP G 285 -67.77 -162.26 -178.87
N VAL G 286 -67.51 -162.94 -177.75
CA VAL G 286 -67.46 -164.40 -177.62
C VAL G 286 -68.76 -165.07 -178.07
N PRO G 287 -69.98 -164.62 -177.68
CA PRO G 287 -71.18 -165.41 -177.95
C PRO G 287 -71.68 -165.28 -179.38
N THR G 288 -71.19 -166.17 -180.26
CA THR G 288 -71.65 -166.31 -181.63
C THR G 288 -73.15 -166.64 -181.68
N ILE G 289 -73.73 -166.97 -180.52
CA ILE G 289 -75.16 -167.08 -180.25
C ILE G 289 -75.92 -165.84 -180.74
N GLY G 290 -75.26 -164.68 -180.76
CA GLY G 290 -75.84 -163.41 -181.18
C GLY G 290 -76.21 -163.32 -182.66
N GLY G 291 -75.86 -164.35 -183.46
CA GLY G 291 -76.31 -164.46 -184.84
C GLY G 291 -75.45 -165.37 -185.71
N GLY G 292 -74.13 -165.35 -185.48
CA GLY G 292 -73.14 -166.08 -186.26
C GLY G 292 -73.35 -167.59 -186.31
N GLY G 293 -73.85 -168.17 -185.21
CA GLY G 293 -74.14 -169.59 -185.13
C GLY G 293 -75.18 -170.04 -186.14
N ASP G 294 -76.25 -169.26 -186.28
CA ASP G 294 -77.34 -169.54 -187.20
C ASP G 294 -76.98 -169.10 -188.62
N GLY G 295 -76.11 -168.10 -188.74
CA GLY G 295 -75.55 -167.69 -190.02
C GLY G 295 -74.68 -168.79 -190.62
N GLY G 296 -73.95 -169.51 -189.76
CA GLY G 296 -73.23 -170.71 -190.14
C GLY G 296 -74.17 -171.89 -190.41
N GLY G 297 -75.23 -171.99 -189.61
CA GLY G 297 -76.24 -173.04 -189.72
C GLY G 297 -76.98 -173.03 -191.06
N GLY G 298 -77.22 -171.82 -191.60
CA GLY G 298 -77.81 -171.64 -192.92
C GLY G 298 -76.89 -172.09 -194.06
N GLY G 299 -75.63 -172.42 -193.75
CA GLY G 299 -74.67 -172.94 -194.71
C GLY G 299 -74.67 -174.46 -194.83
N GLY G 300 -75.60 -175.14 -194.16
CA GLY G 300 -75.73 -176.59 -194.23
C GLY G 300 -76.98 -177.02 -194.99
N ALA G 317 -81.39 -192.33 -222.01
CA ALA G 317 -80.95 -192.28 -223.42
C ALA G 317 -82.06 -192.78 -224.34
N THR G 318 -82.33 -192.03 -225.42
CA THR G 318 -83.32 -192.40 -226.42
C THR G 318 -82.59 -192.84 -227.69
N ILE G 319 -82.85 -194.08 -228.14
CA ILE G 319 -82.03 -194.74 -229.15
C ILE G 319 -82.85 -194.99 -230.42
N ASP G 320 -82.26 -194.65 -231.58
CA ASP G 320 -82.93 -194.77 -232.87
C ASP G 320 -82.78 -196.19 -233.42
N GLY G 321 -83.90 -196.91 -233.49
CA GLY G 321 -83.97 -198.27 -234.01
C GLY G 321 -83.55 -198.39 -235.48
N ARG G 322 -83.81 -197.36 -236.29
CA ARG G 322 -83.35 -197.32 -237.68
C ARG G 322 -81.83 -197.31 -237.74
N GLN G 323 -81.20 -196.40 -236.98
CA GLN G 323 -79.75 -196.22 -237.05
C GLN G 323 -78.98 -197.37 -236.38
N ILE G 324 -79.54 -198.04 -235.36
CA ILE G 324 -78.92 -199.27 -234.87
C ILE G 324 -78.96 -200.32 -235.96
N SER G 325 -80.15 -200.61 -236.50
CA SER G 325 -80.34 -201.70 -237.46
C SER G 325 -79.59 -201.47 -238.76
N GLU G 326 -79.43 -200.21 -239.18
CA GLU G 326 -78.65 -199.84 -240.36
C GLU G 326 -77.15 -199.99 -240.09
N SER G 327 -76.69 -199.59 -238.89
CA SER G 327 -75.28 -199.65 -238.53
C SER G 327 -74.79 -201.10 -238.34
N THR G 328 -75.66 -201.98 -237.84
CA THR G 328 -75.26 -203.36 -237.53
C THR G 328 -75.36 -204.29 -238.74
N GLY G 329 -75.92 -203.83 -239.87
CA GLY G 329 -76.16 -204.66 -241.06
C GLY G 329 -74.91 -205.35 -241.59
N ARG G 330 -73.80 -204.60 -241.66
CA ARG G 330 -72.49 -205.08 -242.11
C ARG G 330 -71.98 -206.25 -241.25
N TYR G 331 -72.44 -206.31 -239.98
CA TYR G 331 -72.04 -207.33 -239.01
C TYR G 331 -73.05 -208.49 -238.93
N ARG G 332 -74.36 -208.21 -239.08
CA ARG G 332 -75.39 -209.25 -239.02
C ARG G 332 -75.27 -210.26 -240.16
N SER G 333 -74.89 -209.77 -241.35
CA SER G 333 -74.75 -210.56 -242.57
C SER G 333 -73.42 -211.32 -242.61
N ASP G 334 -72.46 -210.96 -241.73
CA ASP G 334 -71.08 -211.43 -241.80
C ASP G 334 -70.94 -212.95 -241.67
N PRO G 335 -71.57 -213.64 -240.68
CA PRO G 335 -71.44 -215.09 -240.54
C PRO G 335 -71.87 -215.87 -241.79
N SER G 336 -72.89 -215.35 -242.49
CA SER G 336 -73.42 -215.98 -243.69
C SER G 336 -72.46 -215.82 -244.86
N ARG G 337 -71.82 -214.64 -244.98
CA ARG G 337 -70.76 -214.41 -245.97
C ARG G 337 -69.56 -215.32 -245.69
N ARG G 338 -69.21 -215.49 -244.40
CA ARG G 338 -68.17 -216.41 -243.96
C ARG G 338 -68.47 -217.86 -244.36
N ARG G 339 -69.77 -218.21 -244.47
CA ARG G 339 -70.22 -219.53 -244.87
C ARG G 339 -70.63 -219.60 -246.34
N GLY G 340 -70.18 -218.64 -247.16
CA GLY G 340 -70.49 -218.59 -248.57
C GLY G 340 -71.77 -217.80 -248.85
N ILE G 341 -72.92 -218.51 -248.80
CA ILE G 341 -74.25 -217.95 -248.96
C ILE G 341 -75.18 -218.55 -247.91
N VAL H 2 30.32 108.15 123.26
CA VAL H 2 31.50 107.26 123.19
C VAL H 2 31.05 105.88 122.71
N ALA H 3 31.74 105.33 121.69
CA ALA H 3 31.42 104.01 121.16
C ALA H 3 32.68 103.22 120.78
N ILE H 4 33.77 103.42 121.54
CA ILE H 4 35.10 102.91 121.27
C ILE H 4 35.16 101.38 121.24
N ARG H 5 34.36 100.69 122.07
CA ARG H 5 34.33 99.23 122.07
C ARG H 5 33.40 98.66 120.99
N SER H 6 32.19 99.23 120.82
CA SER H 6 31.16 98.59 120.02
C SER H 6 31.54 98.49 118.54
N GLU H 7 32.31 99.46 118.04
CA GLU H 7 32.71 99.54 116.64
C GLU H 7 33.66 98.40 116.26
N GLY H 8 34.51 97.97 117.20
CA GLY H 8 35.53 96.97 116.94
C GLY H 8 35.00 95.53 117.00
N VAL H 9 34.01 95.29 117.87
CA VAL H 9 33.45 93.95 118.05
C VAL H 9 32.34 93.65 117.05
N SER H 10 31.45 94.62 116.78
CA SER H 10 30.23 94.34 116.04
C SER H 10 30.48 94.01 114.56
N GLU H 11 31.70 94.26 114.05
CA GLU H 11 32.08 93.83 112.71
C GLU H 11 32.38 92.32 112.69
N THR H 12 32.91 91.76 113.79
CA THR H 12 33.33 90.36 113.83
C THR H 12 32.13 89.41 113.76
N GLN H 13 30.98 89.84 114.31
CA GLN H 13 29.73 89.10 114.22
C GLN H 13 29.29 88.94 112.76
N GLN H 14 29.66 89.90 111.91
CA GLN H 14 29.45 89.84 110.47
C GLN H 14 30.46 88.89 109.83
N ASN H 15 31.75 89.03 110.20
CA ASN H 15 32.84 88.22 109.69
C ASN H 15 32.59 86.73 109.93
N LEU H 16 31.93 86.39 111.05
CA LEU H 16 31.49 85.04 111.36
C LEU H 16 30.53 84.52 110.29
N GLU H 17 29.50 85.30 109.97
CA GLU H 17 28.52 84.94 108.95
C GLU H 17 29.18 84.87 107.57
N GLY H 18 30.20 85.71 107.37
CA GLY H 18 31.02 85.70 106.15
C GLY H 18 31.74 84.37 105.96
N VAL H 19 32.35 83.86 107.03
CA VAL H 19 33.02 82.56 107.02
C VAL H 19 32.02 81.46 106.66
N GLU H 20 30.84 81.48 107.31
CA GLU H 20 29.82 80.46 107.10
C GLU H 20 29.26 80.50 105.68
N ASN H 21 29.00 81.71 105.16
CA ASN H 21 28.40 81.89 103.84
C ASN H 21 29.41 81.60 102.73
N ALA H 22 30.69 81.88 102.98
CA ALA H 22 31.78 81.45 102.11
C ALA H 22 31.91 79.91 102.13
N MET H 23 31.68 79.27 103.28
CA MET H 23 31.67 77.81 103.37
C MET H 23 30.52 77.22 102.54
N GLU H 24 29.32 77.80 102.66
CA GLU H 24 28.15 77.41 101.86
C GLU H 24 28.43 77.59 100.37
N ASP H 25 29.09 78.69 100.00
CA ASP H 25 29.52 78.95 98.63
C ASP H 25 30.44 77.83 98.16
N THR H 26 31.41 77.43 99.00
CA THR H 26 32.34 76.35 98.63
C THR H 26 31.58 75.03 98.44
N ALA H 27 30.53 74.81 99.23
CA ALA H 27 29.74 73.59 99.14
C ALA H 27 28.84 73.58 97.90
N ASP H 28 28.20 74.71 97.62
CA ASP H 28 27.31 74.88 96.48
C ASP H 28 28.10 74.85 95.17
N SER H 29 29.29 75.48 95.17
CA SER H 29 30.19 75.47 94.03
C SER H 29 30.80 74.08 93.81
N ALA H 30 31.16 73.37 94.89
CA ALA H 30 31.59 71.98 94.80
C ALA H 30 30.50 71.10 94.18
N GLY H 31 29.24 71.48 94.41
CA GLY H 31 28.08 70.83 93.78
C GLY H 31 28.09 70.88 92.26
N ASP H 32 28.85 71.82 91.68
CA ASP H 32 29.01 71.92 90.23
C ASP H 32 29.68 70.67 89.67
N SER H 33 30.48 69.98 90.50
CA SER H 33 31.15 68.75 90.10
C SER H 33 30.16 67.58 90.03
N ALA H 34 28.92 67.80 90.48
CA ALA H 34 27.85 66.82 90.36
C ALA H 34 26.83 67.18 89.27
N ALA H 35 26.86 68.43 88.76
CA ALA H 35 25.79 69.05 87.98
C ALA H 35 25.45 68.27 86.72
N GLU H 36 26.46 67.95 85.89
CA GLU H 36 26.26 67.18 84.65
C GLU H 36 26.71 65.72 84.79
N LEU H 37 26.86 65.20 86.01
CA LEU H 37 27.48 63.89 86.24
C LEU H 37 26.55 62.76 85.79
N GLU H 38 25.36 62.66 86.43
CA GLU H 38 24.33 61.71 86.03
C GLU H 38 23.86 62.01 84.60
N THR H 39 23.92 63.29 84.25
CA THR H 39 23.50 63.86 82.98
C THR H 39 24.33 63.34 81.81
N PHE H 40 25.62 63.03 82.05
CA PHE H 40 26.43 62.32 81.06
C PHE H 40 26.19 60.82 81.11
N SER H 41 26.18 60.21 82.30
CA SER H 41 26.16 58.75 82.43
C SER H 41 24.84 58.13 81.97
N LYS H 42 23.72 58.81 82.21
CA LYS H 42 22.40 58.35 81.78
C LYS H 42 22.20 58.48 80.27
N ARG H 43 22.96 59.39 79.61
CA ARG H 43 22.98 59.51 78.15
C ARG H 43 23.86 58.41 77.56
N PHE H 44 24.93 58.04 78.26
CA PHE H 44 26.07 57.31 77.70
C PHE H 44 25.74 55.94 77.11
N LYS H 45 24.59 55.34 77.46
CA LYS H 45 24.20 54.07 76.86
C LYS H 45 23.81 54.24 75.40
N GLY H 46 23.67 55.50 74.96
CA GLY H 46 23.65 55.88 73.56
C GLY H 46 24.93 55.51 72.81
N ALA H 47 26.09 55.57 73.49
CA ALA H 47 27.36 55.09 72.96
C ALA H 47 27.32 53.59 72.75
N MET H 48 26.86 52.84 73.75
CA MET H 48 26.84 51.39 73.72
C MET H 48 25.84 50.89 72.67
N GLY H 49 24.68 51.53 72.57
CA GLY H 49 23.71 51.28 71.51
C GLY H 49 24.29 51.57 70.12
N ALA H 50 25.00 52.69 69.98
CA ALA H 50 25.63 53.07 68.73
C ALA H 50 26.72 52.08 68.32
N ALA H 51 27.56 51.66 69.28
CA ALA H 51 28.66 50.74 69.04
C ALA H 51 28.14 49.34 68.68
N VAL H 52 27.21 48.80 69.47
CA VAL H 52 26.67 47.47 69.27
C VAL H 52 25.88 47.40 67.96
N SER H 53 25.16 48.46 67.61
CA SER H 53 24.45 48.54 66.34
C SER H 53 25.43 48.65 65.17
N ALA H 54 26.55 49.38 65.35
CA ALA H 54 27.57 49.49 64.32
C ALA H 54 28.15 48.11 64.00
N LEU H 55 28.44 47.32 65.05
CA LEU H 55 28.94 45.97 64.92
C LEU H 55 27.91 45.06 64.22
N ALA H 56 26.64 45.12 64.66
CA ALA H 56 25.56 44.28 64.15
C ALA H 56 25.19 44.63 62.70
N ILE H 57 25.33 45.91 62.33
CA ILE H 57 25.11 46.38 60.96
C ILE H 57 26.28 45.98 60.07
N GLY H 58 27.50 45.96 60.65
CA GLY H 58 28.67 45.41 60.00
C GLY H 58 28.49 43.94 59.59
N THR H 59 28.10 43.09 60.55
CA THR H 59 27.85 41.68 60.29
C THR H 59 26.67 41.50 59.32
N ALA H 60 25.61 42.29 59.50
CA ALA H 60 24.45 42.27 58.61
C ALA H 60 24.84 42.67 57.18
N GLY H 61 25.89 43.50 57.05
CA GLY H 61 26.47 43.86 55.77
C GLY H 61 27.00 42.63 55.05
N LEU H 62 27.88 41.88 55.72
CA LEU H 62 28.48 40.68 55.18
C LEU H 62 27.40 39.62 54.93
N LEU H 63 26.48 39.46 55.89
CA LEU H 63 25.48 38.39 55.88
C LEU H 63 24.30 38.73 54.94
N SER H 64 24.35 39.90 54.28
CA SER H 64 23.42 40.21 53.20
C SER H 64 24.15 40.29 51.85
N GLN H 65 25.40 40.79 51.84
CA GLN H 65 26.24 40.82 50.66
C GLN H 65 26.48 39.39 50.15
N VAL H 66 26.77 38.45 51.06
CA VAL H 66 27.02 37.06 50.73
C VAL H 66 25.81 36.43 50.03
N PRO H 67 24.59 36.44 50.61
CA PRO H 67 23.38 36.05 49.87
C PRO H 67 23.13 36.79 48.55
N VAL H 68 23.13 38.13 48.54
CA VAL H 68 22.73 38.90 47.37
C VAL H 68 23.72 38.73 46.22
N VAL H 69 24.99 38.39 46.49
CA VAL H 69 25.95 38.00 45.46
C VAL H 69 25.82 36.51 45.13
N GLY H 70 25.94 35.64 46.15
CA GLY H 70 25.96 34.20 45.97
C GLY H 70 24.70 33.64 45.30
N GLU H 71 23.55 34.26 45.62
CA GLU H 71 22.27 33.87 45.05
C GLU H 71 21.96 34.64 43.75
N ALA H 72 22.75 35.67 43.43
CA ALA H 72 22.81 36.16 42.06
C ALA H 72 23.47 35.11 41.18
N MET H 73 24.50 34.43 41.71
CA MET H 73 25.10 33.29 41.05
C MET H 73 24.13 32.11 41.07
N GLY H 74 23.12 32.16 41.96
CA GLY H 74 21.99 31.26 41.98
C GLY H 74 20.96 31.58 40.88
N GLY H 75 20.80 32.88 40.58
CA GLY H 75 20.12 33.33 39.37
C GLY H 75 20.83 32.82 38.11
N LEU H 76 22.17 32.84 38.15
CA LEU H 76 22.99 32.22 37.12
C LEU H 76 22.78 30.71 37.11
N GLY H 77 22.49 30.10 38.26
CA GLY H 77 22.05 28.72 38.34
C GLY H 77 20.80 28.45 37.52
N ALA H 78 19.81 29.34 37.62
CA ALA H 78 18.59 29.26 36.84
C ALA H 78 18.86 29.49 35.36
N ILE H 79 19.86 30.32 35.04
CA ILE H 79 20.32 30.56 33.68
C ILE H 79 20.93 29.27 33.11
N ILE H 80 21.82 28.63 33.87
CA ILE H 80 22.52 27.42 33.47
C ILE H 80 21.49 26.30 33.24
N ASP H 81 20.52 26.19 34.16
CA ASP H 81 19.49 25.18 34.08
C ASP H 81 18.54 25.46 32.92
N ALA H 82 18.25 26.74 32.65
CA ALA H 82 17.49 27.15 31.48
C ALA H 82 18.22 26.77 30.20
N LEU H 83 19.55 26.95 30.20
CA LEU H 83 20.37 26.54 29.06
C LEU H 83 20.35 25.02 28.88
N THR H 84 20.22 24.23 29.96
CA THR H 84 20.04 22.79 29.81
C THR H 84 18.69 22.44 29.18
N MET H 85 17.62 23.17 29.55
CA MET H 85 16.32 23.04 28.89
C MET H 85 16.46 23.39 27.41
N LYS H 86 17.20 24.46 27.11
CA LYS H 86 17.48 24.94 25.76
C LYS H 86 18.21 23.86 24.94
N ILE H 87 19.18 23.20 25.57
CA ILE H 87 20.00 22.16 24.93
C ILE H 87 19.16 20.95 24.54
N ASP H 88 18.25 20.51 25.44
CA ASP H 88 17.39 19.36 25.13
C ASP H 88 16.28 19.77 24.17
N GLU H 89 15.97 21.07 24.12
CA GLU H 89 15.04 21.64 23.15
C GLU H 89 15.68 21.75 21.76
N ASP H 90 16.98 21.40 21.62
CA ASP H 90 17.64 21.23 20.33
C ASP H 90 17.55 19.78 19.86
N ALA H 91 17.73 18.83 20.78
CA ALA H 91 17.63 17.40 20.51
C ALA H 91 16.25 17.00 19.99
N ARG H 92 15.21 17.68 20.49
CA ARG H 92 13.83 17.54 20.02
C ARG H 92 13.71 17.83 18.53
N PRO H 93 14.00 19.06 18.02
CA PRO H 93 14.14 19.31 16.58
C PRO H 93 15.09 18.41 15.78
N ALA H 94 16.21 17.98 16.38
CA ALA H 94 17.17 17.15 15.67
C ALA H 94 16.53 15.83 15.23
N VAL H 95 15.97 15.09 16.18
CA VAL H 95 15.35 13.80 15.93
C VAL H 95 14.02 14.00 15.21
N GLY H 96 13.36 15.15 15.47
CA GLY H 96 12.23 15.60 14.67
C GLY H 96 12.58 15.62 13.18
N SER H 97 13.66 16.33 12.84
CA SER H 97 14.13 16.50 11.47
C SER H 97 14.42 15.16 10.79
N PHE H 98 15.01 14.23 11.56
CA PHE H 98 15.33 12.90 11.05
C PHE H 98 14.05 12.10 10.78
N THR H 99 12.92 12.48 11.43
CA THR H 99 11.60 11.97 11.12
C THR H 99 11.09 12.54 9.79
N ASP H 100 11.09 13.87 9.63
CA ASP H 100 10.56 14.48 8.42
C ASP H 100 11.39 14.14 7.19
N ASP H 101 12.72 14.02 7.35
CA ASP H 101 13.61 13.51 6.31
C ASP H 101 13.09 12.17 5.80
N LEU H 102 12.71 11.27 6.72
CA LEU H 102 12.24 9.95 6.34
C LEU H 102 10.79 9.98 5.84
N TYR H 103 10.06 11.05 6.14
CA TYR H 103 8.77 11.28 5.48
C TYR H 103 8.97 11.76 4.05
N GLU H 104 10.07 12.47 3.78
CA GLU H 104 10.44 12.81 2.41
C GLU H 104 10.79 11.54 1.65
N VAL H 105 11.48 10.60 2.31
CA VAL H 105 11.72 9.29 1.75
C VAL H 105 10.39 8.56 1.57
N ALA H 106 9.44 8.70 2.51
CA ALA H 106 8.14 8.07 2.40
C ALA H 106 7.38 8.57 1.16
N GLU H 107 7.26 9.89 1.00
CA GLU H 107 6.75 10.54 -0.20
C GLU H 107 7.44 9.99 -1.45
N ALA H 108 8.79 9.95 -1.41
CA ALA H 108 9.59 9.44 -2.50
C ALA H 108 9.25 7.98 -2.84
N THR H 109 8.94 7.17 -1.82
CA THR H 109 8.45 5.82 -2.06
C THR H 109 7.05 5.86 -2.68
N TYR H 110 6.20 6.80 -2.23
CA TYR H 110 4.81 6.83 -2.66
C TYR H 110 4.64 7.42 -4.08
N GLU H 111 5.62 8.21 -4.55
CA GLU H 111 5.67 8.60 -5.96
C GLU H 111 5.84 7.36 -6.84
N ALA H 112 6.65 6.41 -6.35
CA ALA H 112 6.75 5.10 -6.98
C ALA H 112 5.43 4.34 -6.81
N ASP H 113 4.83 4.34 -5.61
CA ASP H 113 3.60 3.62 -5.31
C ASP H 113 2.48 4.04 -6.26
N SER H 114 2.23 5.36 -6.33
CA SER H 114 1.20 5.98 -7.15
C SER H 114 1.42 5.65 -8.63
N SER H 115 2.68 5.66 -9.08
CA SER H 115 3.01 5.33 -10.47
C SER H 115 3.01 3.82 -10.73
N LEU H 116 3.21 2.98 -9.70
CA LEU H 116 3.23 1.53 -9.88
C LEU H 116 1.81 0.94 -10.01
N GLU H 117 0.79 1.71 -9.63
CA GLU H 117 -0.57 1.39 -10.04
C GLU H 117 -0.76 1.61 -11.55
N ALA H 118 -0.06 2.60 -12.11
CA ALA H 118 -0.01 2.74 -13.55
C ALA H 118 0.76 1.57 -14.19
N PHE H 119 1.72 0.97 -13.45
CA PHE H 119 2.37 -0.25 -13.90
C PHE H 119 1.37 -1.41 -13.90
N GLN H 120 0.37 -1.41 -13.00
CA GLN H 120 -0.70 -2.38 -13.07
C GLN H 120 -1.48 -2.20 -14.37
N THR H 121 -1.79 -0.94 -14.74
CA THR H 121 -2.51 -0.68 -15.99
C THR H 121 -1.69 -1.16 -17.19
N ALA H 122 -0.36 -0.95 -17.16
CA ALA H 122 0.54 -1.26 -18.25
C ALA H 122 0.75 -2.78 -18.42
N LEU H 123 1.00 -3.48 -17.30
CA LEU H 123 1.31 -4.90 -17.33
C LEU H 123 0.05 -5.76 -17.39
N ASP H 124 -1.08 -5.27 -16.83
CA ASP H 124 -2.28 -6.07 -16.60
C ASP H 124 -3.44 -5.69 -17.53
N GLY H 125 -3.47 -4.46 -18.06
CA GLY H 125 -4.45 -4.03 -19.04
C GLY H 125 -4.09 -4.47 -20.46
N VAL H 126 -2.84 -4.21 -20.87
CA VAL H 126 -2.31 -4.51 -22.19
C VAL H 126 -2.24 -6.03 -22.42
N ASN H 127 -2.24 -6.78 -21.31
CA ASN H 127 -2.39 -8.23 -21.21
C ASN H 127 -3.43 -8.79 -22.19
N THR H 128 -4.44 -7.99 -22.55
CA THR H 128 -5.58 -8.40 -23.37
C THR H 128 -5.19 -8.95 -24.74
N ALA H 129 -4.04 -8.52 -25.28
CA ALA H 129 -3.62 -8.86 -26.63
C ALA H 129 -3.30 -10.35 -26.75
N ILE H 130 -2.92 -10.96 -25.62
CA ILE H 130 -2.69 -12.39 -25.46
C ILE H 130 -3.92 -13.17 -25.93
N ASP H 131 -5.07 -12.85 -25.33
CA ASP H 131 -6.35 -13.50 -25.54
C ASP H 131 -6.89 -13.23 -26.94
N ASP H 132 -6.64 -12.02 -27.45
CA ASP H 132 -7.00 -11.65 -28.81
C ASP H 132 -6.29 -12.55 -29.82
N VAL H 133 -4.96 -12.58 -29.78
CA VAL H 133 -4.16 -13.38 -30.71
C VAL H 133 -4.46 -14.88 -30.53
N ALA H 134 -4.79 -15.30 -29.31
CA ALA H 134 -5.13 -16.69 -29.00
C ALA H 134 -6.48 -17.10 -29.59
N VAL H 135 -7.44 -16.16 -29.75
CA VAL H 135 -8.84 -16.50 -30.01
C VAL H 135 -9.48 -15.67 -31.14
N SER H 136 -8.67 -14.94 -31.93
CA SER H 136 -9.11 -14.33 -33.18
C SER H 136 -8.64 -15.13 -34.39
N THR H 137 -7.96 -16.27 -34.14
CA THR H 137 -7.05 -16.88 -35.10
C THR H 137 -7.45 -18.29 -35.55
N LEU H 138 -8.55 -18.85 -35.03
CA LEU H 138 -9.02 -20.16 -35.48
C LEU H 138 -10.06 -20.02 -36.59
N GLN H 139 -10.82 -18.91 -36.58
CA GLN H 139 -11.90 -18.66 -37.53
C GLN H 139 -11.39 -18.69 -38.97
N THR H 140 -10.16 -18.20 -39.18
CA THR H 140 -9.51 -18.14 -40.49
C THR H 140 -9.16 -19.54 -41.00
N GLU H 141 -8.94 -20.48 -40.08
CA GLU H 141 -8.55 -21.86 -40.42
C GLU H 141 -9.77 -22.78 -40.50
N ILE H 142 -10.86 -22.42 -39.82
CA ILE H 142 -12.14 -23.12 -39.91
C ILE H 142 -12.69 -23.08 -41.33
N GLU H 143 -12.23 -22.13 -42.15
CA GLU H 143 -12.59 -22.10 -43.57
C GLU H 143 -12.21 -23.39 -44.28
N GLU H 144 -11.12 -24.03 -43.83
CA GLU H 144 -10.66 -25.30 -44.37
C GLU H 144 -11.40 -26.48 -43.73
N LEU H 145 -12.45 -26.18 -42.96
CA LEU H 145 -13.49 -27.14 -42.61
C LEU H 145 -14.70 -26.94 -43.52
N THR H 146 -15.01 -25.69 -43.90
CA THR H 146 -16.07 -25.41 -44.86
C THR H 146 -15.74 -26.09 -46.19
N GLY H 147 -14.46 -26.01 -46.60
CA GLY H 147 -13.94 -26.64 -47.80
C GLY H 147 -13.84 -28.17 -47.69
N ILE H 148 -14.04 -28.73 -46.49
CA ILE H 148 -14.29 -30.15 -46.34
C ILE H 148 -15.78 -30.42 -46.60
N THR H 149 -16.68 -29.79 -45.82
CA THR H 149 -18.09 -30.17 -45.77
C THR H 149 -18.85 -29.97 -47.07
N ILE H 150 -18.57 -28.88 -47.81
CA ILE H 150 -19.32 -28.58 -49.03
C ILE H 150 -18.77 -29.37 -50.23
N PRO H 151 -17.46 -29.31 -50.56
CA PRO H 151 -16.84 -30.26 -51.49
C PRO H 151 -17.11 -31.74 -51.26
N LYS H 152 -17.26 -32.18 -50.00
CA LYS H 152 -17.71 -33.53 -49.70
C LYS H 152 -19.05 -33.83 -50.38
N ASN H 153 -20.01 -32.91 -50.27
CA ASN H 153 -21.37 -33.13 -50.73
C ASN H 153 -21.48 -33.12 -52.26
N TRP H 154 -20.53 -32.44 -52.96
CA TRP H 154 -20.65 -32.19 -54.40
C TRP H 154 -19.42 -32.62 -55.23
N LEU H 155 -18.19 -32.45 -54.73
CA LEU H 155 -17.01 -32.90 -55.45
C LEU H 155 -16.73 -34.40 -55.23
N ASP H 156 -17.02 -34.95 -54.03
CA ASP H 156 -16.95 -36.40 -53.87
C ASP H 156 -17.95 -37.05 -54.82
N PHE H 157 -19.15 -36.47 -54.92
CA PHE H 157 -20.16 -36.81 -55.91
C PHE H 157 -19.55 -36.75 -57.31
N GLY H 158 -18.81 -35.68 -57.59
CA GLY H 158 -18.12 -35.46 -58.85
C GLY H 158 -17.04 -36.52 -59.14
N TRP H 159 -16.47 -37.14 -58.10
CA TRP H 159 -15.40 -38.10 -58.28
C TRP H 159 -15.89 -39.55 -58.16
N ASP H 160 -17.07 -39.77 -57.54
CA ASP H 160 -17.84 -40.96 -57.88
C ASP H 160 -18.27 -40.88 -59.35
N ILE H 161 -18.45 -39.65 -59.86
CA ILE H 161 -18.70 -39.43 -61.28
C ILE H 161 -17.42 -39.62 -62.11
N MET H 162 -16.22 -39.33 -61.56
CA MET H 162 -14.98 -39.78 -62.18
C MET H 162 -14.98 -41.31 -62.29
N THR H 163 -15.53 -41.97 -61.26
CA THR H 163 -15.67 -43.41 -61.21
C THR H 163 -16.77 -43.91 -62.15
N LEU H 164 -17.75 -43.07 -62.47
CA LEU H 164 -18.91 -43.40 -63.29
C LEU H 164 -18.51 -43.71 -64.74
N ASP H 165 -17.30 -43.31 -65.15
CA ASP H 165 -16.80 -43.62 -66.48
C ASP H 165 -16.82 -45.12 -66.75
N ALA H 166 -16.62 -45.94 -65.70
CA ALA H 166 -16.85 -47.37 -65.78
C ALA H 166 -18.31 -47.66 -66.11
N ARG H 167 -19.23 -47.17 -65.25
CA ARG H 167 -20.67 -47.40 -65.34
C ARG H 167 -21.35 -46.51 -66.41
N GLN H 168 -20.59 -46.07 -67.42
CA GLN H 168 -21.08 -45.53 -68.69
C GLN H 168 -20.40 -46.19 -69.89
N THR H 169 -19.33 -46.97 -69.66
CA THR H 169 -18.60 -47.64 -70.74
C THR H 169 -18.81 -49.16 -70.73
N MET H 170 -19.19 -49.74 -69.59
CA MET H 170 -19.49 -51.17 -69.54
C MET H 170 -20.74 -51.52 -70.33
N ASP H 171 -21.60 -50.52 -70.59
CA ASP H 171 -22.69 -50.62 -71.54
C ASP H 171 -22.10 -51.05 -72.88
N ASN H 172 -21.14 -50.26 -73.37
CA ASN H 172 -20.49 -50.47 -74.65
C ASN H 172 -19.69 -51.77 -74.62
N ILE H 173 -18.94 -52.02 -73.54
CA ILE H 173 -18.14 -53.24 -73.43
C ILE H 173 -19.04 -54.46 -73.47
N GLU H 174 -20.16 -54.43 -72.72
CA GLU H 174 -21.11 -55.53 -72.73
C GLU H 174 -21.80 -55.66 -74.08
N THR H 175 -22.04 -54.54 -74.79
CA THR H 175 -22.51 -54.66 -76.17
C THR H 175 -21.47 -55.38 -77.01
N ILE H 176 -20.18 -55.10 -76.77
CA ILE H 176 -19.09 -55.77 -77.48
C ILE H 176 -19.01 -57.25 -77.10
N ILE H 177 -19.23 -57.60 -75.82
CA ILE H 177 -19.39 -59.00 -75.42
C ILE H 177 -20.50 -59.61 -76.26
N ASN H 178 -21.66 -58.94 -76.27
CA ASN H 178 -22.87 -59.38 -76.96
C ASN H 178 -22.70 -59.34 -78.48
N GLU H 179 -21.68 -58.63 -78.97
CA GLU H 179 -21.36 -58.61 -80.39
C GLU H 179 -20.64 -59.90 -80.83
N PHE H 180 -20.06 -60.63 -79.88
CA PHE H 180 -19.52 -61.95 -80.22
C PHE H 180 -20.64 -62.91 -80.62
N PRO H 181 -21.73 -63.08 -79.83
CA PRO H 181 -22.88 -63.85 -80.31
C PRO H 181 -23.76 -63.14 -81.34
N GLU H 182 -23.81 -61.80 -81.35
CA GLU H 182 -24.66 -61.05 -82.28
C GLU H 182 -24.02 -60.96 -83.66
N ASP H 183 -22.72 -60.62 -83.75
CA ASP H 183 -22.03 -60.46 -85.02
C ASP H 183 -21.31 -61.74 -85.46
N PHE H 184 -21.05 -62.69 -84.53
CA PHE H 184 -20.32 -63.91 -84.85
C PHE H 184 -21.08 -65.18 -84.48
N GLY H 185 -21.94 -65.14 -83.45
CA GLY H 185 -22.82 -66.26 -83.13
C GLY H 185 -23.84 -66.50 -84.24
N THR H 186 -24.27 -65.40 -84.85
CA THR H 186 -24.88 -65.38 -86.17
C THR H 186 -24.03 -66.16 -87.17
N MET H 187 -22.75 -65.79 -87.31
CA MET H 187 -21.87 -66.39 -88.30
C MET H 187 -21.62 -67.88 -88.05
N LEU H 188 -21.73 -68.36 -86.80
CA LEU H 188 -21.72 -69.81 -86.53
C LEU H 188 -22.92 -70.47 -87.18
N LYS H 189 -24.08 -69.80 -87.06
CA LYS H 189 -25.33 -70.20 -87.69
C LYS H 189 -25.31 -69.92 -89.20
N SER H 190 -24.18 -69.37 -89.70
CA SER H 190 -23.86 -69.32 -91.14
C SER H 190 -22.91 -70.45 -91.52
N ILE H 191 -22.02 -70.86 -90.59
CA ILE H 191 -21.14 -72.00 -90.75
C ILE H 191 -21.98 -73.29 -90.76
N ASP H 192 -23.14 -73.26 -90.10
CA ASP H 192 -24.15 -74.31 -90.14
C ASP H 192 -24.63 -74.54 -91.57
N PRO H 193 -25.19 -73.54 -92.30
CA PRO H 193 -25.37 -73.61 -93.75
C PRO H 193 -24.18 -74.14 -94.57
N ARG H 194 -22.96 -73.66 -94.29
CA ARG H 194 -21.77 -74.09 -95.02
C ARG H 194 -21.52 -75.59 -94.83
N ALA H 195 -21.68 -76.06 -93.59
CA ALA H 195 -21.58 -77.47 -93.23
C ALA H 195 -22.73 -78.28 -93.84
N LYS H 196 -23.95 -77.71 -93.86
CA LYS H 196 -25.15 -78.31 -94.44
C LYS H 196 -24.97 -78.59 -95.93
N LYS H 197 -24.22 -77.73 -96.65
CA LYS H 197 -23.84 -77.98 -98.02
C LYS H 197 -22.78 -79.08 -98.07
N GLY H 198 -21.71 -78.94 -97.30
CA GLY H 198 -20.51 -79.72 -97.50
C GLY H 198 -20.49 -81.10 -96.83
N TRP H 199 -21.54 -81.91 -97.06
CA TRP H 199 -21.61 -83.25 -96.48
C TRP H 199 -22.40 -84.27 -97.30
N ASP H 200 -23.34 -83.86 -98.16
CA ASP H 200 -24.31 -84.75 -98.79
C ASP H 200 -23.66 -85.88 -99.60
N ILE H 201 -22.38 -85.74 -99.94
CA ILE H 201 -21.55 -86.78 -100.54
C ILE H 201 -21.55 -88.06 -99.70
N LEU H 202 -21.86 -87.94 -98.40
CA LEU H 202 -21.92 -89.06 -97.46
C LEU H 202 -23.32 -89.73 -97.42
N THR H 203 -24.30 -89.17 -98.16
CA THR H 203 -25.59 -89.83 -98.38
C THR H 203 -25.83 -90.13 -99.86
N LYS H 204 -24.96 -89.61 -100.72
CA LYS H 204 -24.79 -90.06 -102.09
C LYS H 204 -24.66 -91.58 -102.06
N SER H 205 -23.86 -92.07 -101.12
CA SER H 205 -23.69 -93.48 -100.79
C SER H 205 -24.96 -94.10 -100.22
N ALA H 206 -25.48 -93.55 -99.11
CA ALA H 206 -26.60 -94.10 -98.36
C ALA H 206 -27.86 -94.26 -99.22
N ASP H 207 -28.06 -93.33 -100.17
CA ASP H 207 -29.14 -93.39 -101.14
C ASP H 207 -28.84 -94.41 -102.25
N MET H 208 -27.69 -94.29 -102.94
CA MET H 208 -27.40 -95.03 -104.16
C MET H 208 -27.44 -96.54 -103.95
N PHE H 209 -27.11 -96.99 -102.73
CA PHE H 209 -27.12 -98.40 -102.38
C PHE H 209 -28.51 -99.01 -102.55
N ILE H 210 -29.57 -98.21 -102.36
CA ILE H 210 -30.93 -98.69 -102.51
C ILE H 210 -31.35 -98.68 -103.99
N ASN H 211 -30.80 -97.76 -104.80
CA ASN H 211 -30.97 -97.78 -106.25
C ASN H 211 -30.26 -99.00 -106.85
N ASP H 212 -29.10 -99.37 -106.28
CA ASP H 212 -28.41 -100.62 -106.63
C ASP H 212 -29.30 -101.81 -106.25
N LEU H 213 -29.92 -101.75 -105.07
CA LEU H 213 -30.78 -102.83 -104.61
C LEU H 213 -32.01 -102.97 -105.50
N THR H 214 -32.64 -101.86 -105.92
CA THR H 214 -33.80 -101.92 -106.81
C THR H 214 -33.47 -102.63 -108.13
N SER H 215 -32.21 -102.47 -108.60
CA SER H 215 -31.74 -103.08 -109.84
C SER H 215 -31.62 -104.60 -109.72
N ARG H 216 -31.46 -105.10 -108.48
CA ARG H 216 -31.29 -106.51 -108.18
C ARG H 216 -32.64 -107.14 -107.79
N ILE H 217 -33.43 -106.40 -107.00
CA ILE H 217 -34.79 -106.71 -106.59
C ILE H 217 -35.69 -106.88 -107.83
N ASP H 218 -35.26 -106.29 -108.95
CA ASP H 218 -35.84 -106.42 -110.29
C ASP H 218 -36.02 -107.88 -110.73
N SER H 219 -35.43 -108.84 -110.01
CA SER H 219 -35.59 -110.26 -110.26
C SER H 219 -37.05 -110.70 -110.18
N GLY H 220 -37.84 -110.05 -109.33
CA GLY H 220 -39.25 -110.37 -109.12
C GLY H 220 -40.07 -110.35 -110.41
N VAL H 221 -40.06 -109.21 -111.12
CA VAL H 221 -40.78 -109.04 -112.37
C VAL H 221 -40.18 -109.93 -113.46
N ASN H 222 -38.85 -110.01 -113.51
CA ASN H 222 -38.16 -110.73 -114.57
C ASN H 222 -38.39 -112.24 -114.50
N ASP H 223 -38.44 -112.80 -113.29
CA ASP H 223 -38.78 -114.21 -113.10
C ASP H 223 -40.20 -114.48 -113.57
N VAL H 224 -41.15 -113.63 -113.16
CA VAL H 224 -42.56 -113.73 -113.53
C VAL H 224 -42.71 -113.66 -115.05
N ARG H 225 -42.06 -112.69 -115.70
CA ARG H 225 -42.06 -112.59 -117.15
C ARG H 225 -41.40 -113.83 -117.77
N GLY H 226 -40.33 -114.31 -117.15
CA GLY H 226 -39.63 -115.51 -117.60
C GLY H 226 -40.55 -116.73 -117.64
N PHE H 227 -41.41 -116.85 -116.63
CA PHE H 227 -42.38 -117.94 -116.53
C PHE H 227 -43.51 -117.73 -117.55
N PHE H 228 -44.16 -116.56 -117.51
CA PHE H 228 -45.37 -116.27 -118.28
C PHE H 228 -45.11 -116.13 -119.78
N THR H 229 -43.82 -116.12 -120.20
CA THR H 229 -43.46 -116.15 -121.61
C THR H 229 -42.75 -117.46 -121.97
N GLY H 230 -41.94 -118.01 -121.05
CA GLY H 230 -41.29 -119.30 -121.25
C GLY H 230 -42.29 -120.44 -121.35
N LEU H 231 -43.23 -120.49 -120.39
CA LEU H 231 -44.29 -121.51 -120.38
C LEU H 231 -45.15 -121.37 -121.63
N ALA H 232 -45.50 -120.12 -121.99
CA ALA H 232 -46.30 -119.82 -123.16
C ALA H 232 -45.60 -120.25 -124.45
N SER H 233 -44.28 -120.04 -124.52
CA SER H 233 -43.48 -120.45 -125.68
C SER H 233 -43.40 -121.98 -125.80
N ASP H 234 -43.21 -122.68 -124.67
CA ASP H 234 -43.15 -124.13 -124.61
C ASP H 234 -44.49 -124.75 -125.02
N LEU H 235 -45.60 -124.18 -124.53
CA LEU H 235 -46.94 -124.66 -124.82
C LEU H 235 -47.35 -124.35 -126.27
N ASN H 236 -46.94 -123.18 -126.78
CA ASN H 236 -47.13 -122.82 -128.18
C ASN H 236 -46.31 -123.72 -129.10
N GLU H 237 -45.11 -124.12 -128.65
CA GLU H 237 -44.25 -125.07 -129.36
C GLU H 237 -44.91 -126.45 -129.40
N TRP H 238 -45.10 -127.09 -128.23
CA TRP H 238 -45.60 -128.45 -128.16
C TRP H 238 -47.02 -128.56 -128.72
N GLY H 239 -47.86 -127.54 -128.49
CA GLY H 239 -49.19 -127.45 -129.06
C GLY H 239 -49.16 -127.31 -130.58
N GLY H 240 -48.48 -126.27 -131.08
CA GLY H 240 -48.36 -125.97 -132.50
C GLY H 240 -47.69 -127.09 -133.30
N ASN H 241 -46.87 -127.88 -132.62
CA ASN H 241 -46.24 -129.07 -133.17
C ASN H 241 -47.26 -130.23 -133.16
N VAL H 242 -47.56 -130.76 -131.96
CA VAL H 242 -48.22 -132.05 -131.81
C VAL H 242 -49.67 -132.03 -132.32
N ALA H 243 -50.42 -130.96 -132.03
CA ALA H 243 -51.80 -130.86 -132.47
C ALA H 243 -51.91 -130.95 -133.99
N SER H 244 -50.87 -130.50 -134.70
CA SER H 244 -50.85 -130.44 -136.15
C SER H 244 -50.73 -131.81 -136.83
N ASP H 245 -50.69 -132.91 -136.08
CA ASP H 245 -50.74 -134.26 -136.63
C ASP H 245 -51.90 -134.41 -137.61
N ALA H 246 -53.05 -133.80 -137.29
CA ALA H 246 -54.25 -133.80 -138.12
C ALA H 246 -54.02 -133.11 -139.47
N ARG H 247 -52.98 -132.27 -139.57
CA ARG H 247 -52.58 -131.57 -140.80
C ARG H 247 -51.28 -132.13 -141.39
N GLU H 248 -50.53 -132.93 -140.62
CA GLU H 248 -49.35 -133.63 -141.09
C GLU H 248 -49.78 -134.95 -141.73
N TRP H 249 -50.39 -135.81 -140.91
CA TRP H 249 -50.85 -137.14 -141.29
C TRP H 249 -52.25 -137.06 -141.89
N GLY H 250 -53.16 -136.36 -141.19
CA GLY H 250 -54.60 -136.38 -141.46
C GLY H 250 -55.00 -136.01 -142.88
N THR H 251 -54.39 -134.97 -143.45
CA THR H 251 -54.63 -134.55 -144.82
C THR H 251 -54.32 -135.68 -145.79
N ASN H 252 -53.12 -136.23 -145.63
CA ASN H 252 -52.52 -137.18 -146.55
C ASN H 252 -53.24 -138.53 -146.41
N LEU H 253 -53.61 -138.88 -145.18
CA LEU H 253 -54.41 -140.06 -144.87
C LEU H 253 -55.82 -139.93 -145.45
N ILE H 254 -56.38 -138.71 -145.46
CA ILE H 254 -57.71 -138.49 -146.05
C ILE H 254 -57.61 -138.51 -147.58
N ASP H 255 -56.46 -138.10 -148.14
CA ASP H 255 -56.19 -138.29 -149.57
C ASP H 255 -56.13 -139.79 -149.89
N LYS H 256 -55.42 -140.57 -149.06
CA LYS H 256 -55.36 -142.03 -149.15
C LYS H 256 -56.78 -142.61 -149.10
N PHE H 257 -57.57 -142.21 -148.10
CA PHE H 257 -58.93 -142.69 -147.86
C PHE H 257 -59.86 -142.39 -149.02
N THR H 258 -59.78 -141.18 -149.60
CA THR H 258 -60.61 -140.79 -150.72
C THR H 258 -60.22 -141.53 -152.01
N GLY H 259 -59.15 -142.33 -151.95
CA GLY H 259 -58.89 -143.35 -152.95
C GLY H 259 -60.07 -144.30 -153.10
N GLY H 260 -60.85 -144.46 -152.02
CA GLY H 260 -62.10 -145.21 -152.02
C GLY H 260 -63.17 -144.55 -152.89
N ILE H 261 -63.29 -143.22 -152.81
CA ILE H 261 -64.20 -142.44 -153.63
C ILE H 261 -63.74 -142.50 -155.10
N ARG H 262 -62.42 -142.44 -155.33
CA ARG H 262 -61.82 -142.55 -156.65
C ARG H 262 -62.04 -143.92 -157.29
N SER H 263 -62.27 -144.96 -156.47
CA SER H 263 -62.48 -146.32 -156.98
C SER H 263 -63.66 -146.38 -157.94
N LYS H 264 -64.77 -145.70 -157.59
CA LYS H 264 -65.93 -145.58 -158.47
C LYS H 264 -65.60 -144.71 -159.69
N ILE H 265 -64.94 -143.55 -159.47
CA ILE H 265 -64.71 -142.56 -160.51
C ILE H 265 -63.64 -143.02 -161.53
N SER H 266 -62.92 -144.12 -161.22
CA SER H 266 -62.03 -144.79 -162.17
C SER H 266 -62.62 -146.10 -162.72
N GLY H 267 -63.36 -146.84 -161.88
CA GLY H 267 -64.14 -147.97 -162.34
C GLY H 267 -65.14 -147.56 -163.42
N LEU H 268 -65.62 -146.32 -163.31
CA LEU H 268 -66.51 -145.64 -164.25
C LEU H 268 -65.97 -145.69 -165.68
N ARG H 269 -64.64 -145.53 -165.84
CA ARG H 269 -64.01 -145.54 -167.15
C ARG H 269 -63.95 -146.95 -167.73
N ASN H 270 -63.68 -147.94 -166.87
CA ASN H 270 -63.87 -149.33 -167.24
C ASN H 270 -65.32 -149.58 -167.66
N TRP H 271 -66.29 -149.16 -166.84
CA TRP H 271 -67.71 -149.35 -167.15
C TRP H 271 -68.09 -148.71 -168.48
N LEU H 272 -67.60 -147.49 -168.76
CA LEU H 272 -67.87 -146.81 -170.01
C LEU H 272 -67.05 -147.39 -171.19
N SER H 273 -65.98 -148.13 -170.89
CA SER H 273 -65.26 -148.93 -171.87
C SER H 273 -66.16 -150.08 -172.35
N GLU H 274 -66.73 -150.82 -171.39
CA GLU H 274 -67.62 -151.95 -171.62
C GLU H 274 -68.89 -151.46 -172.32
N LEU H 275 -69.38 -150.28 -171.93
CA LEU H 275 -70.56 -149.69 -172.56
C LEU H 275 -70.23 -149.17 -173.97
N ARG H 276 -68.94 -149.06 -174.33
CA ARG H 276 -68.53 -148.86 -175.72
C ARG H 276 -68.45 -150.19 -176.45
N ASN H 277 -67.91 -151.23 -175.82
CA ASN H 277 -67.77 -152.57 -176.39
C ASN H 277 -69.13 -153.11 -176.84
N ILE H 278 -70.19 -152.75 -176.10
CA ILE H 278 -71.56 -153.14 -176.34
C ILE H 278 -72.08 -152.59 -177.68
N GLY H 279 -71.43 -151.55 -178.22
CA GLY H 279 -71.65 -151.12 -179.60
C GLY H 279 -70.55 -151.61 -180.54
N ALA H 280 -69.29 -151.39 -180.15
CA ALA H 280 -68.13 -151.48 -181.02
C ALA H 280 -67.61 -152.91 -181.21
N GLU H 281 -67.67 -153.75 -180.16
CA GLU H 281 -67.17 -155.12 -180.21
C GLU H 281 -68.24 -156.13 -180.63
N VAL H 282 -69.52 -155.85 -180.34
CA VAL H 282 -70.62 -156.61 -180.92
C VAL H 282 -70.50 -156.57 -182.44
N GLY H 283 -70.05 -155.44 -182.97
CA GLY H 283 -69.77 -155.23 -184.39
C GLY H 283 -68.62 -156.06 -184.96
N ILE H 284 -67.84 -156.76 -184.10
CA ILE H 284 -66.83 -157.71 -184.54
C ILE H 284 -67.43 -159.11 -184.62
N ASP H 285 -68.38 -159.42 -183.71
CA ASP H 285 -69.11 -160.67 -183.72
C ASP H 285 -70.04 -160.74 -184.94
N VAL H 286 -70.76 -159.65 -185.22
CA VAL H 286 -71.84 -159.59 -186.20
C VAL H 286 -71.38 -160.05 -187.59
N PRO H 287 -70.24 -159.59 -188.17
CA PRO H 287 -69.82 -160.05 -189.49
C PRO H 287 -69.48 -161.53 -189.64
N THR H 288 -69.44 -162.28 -188.52
CA THR H 288 -69.35 -163.74 -188.58
C THR H 288 -70.62 -164.35 -189.20
N ILE H 289 -71.74 -163.60 -189.18
CA ILE H 289 -72.93 -163.93 -189.95
C ILE H 289 -72.56 -163.99 -191.43
N GLY H 290 -71.83 -162.97 -191.91
CA GLY H 290 -71.26 -162.94 -193.24
C GLY H 290 -70.26 -164.07 -193.47
N GLY H 291 -69.51 -164.43 -192.41
CA GLY H 291 -68.61 -165.57 -192.40
C GLY H 291 -69.31 -166.89 -192.68
N GLY H 292 -70.62 -166.95 -192.39
CA GLY H 292 -71.48 -168.08 -192.73
C GLY H 292 -72.19 -167.91 -194.07
N GLY H 293 -72.81 -166.74 -194.29
CA GLY H 293 -73.63 -166.47 -195.47
C GLY H 293 -72.80 -166.30 -196.74
N ASP H 294 -71.81 -165.40 -196.69
CA ASP H 294 -70.89 -165.14 -197.80
C ASP H 294 -69.76 -166.17 -197.82
N GLY H 295 -69.24 -166.54 -196.63
CA GLY H 295 -68.21 -167.56 -196.50
C GLY H 295 -68.66 -168.93 -197.01
N GLY H 296 -69.89 -169.33 -196.61
CA GLY H 296 -70.51 -170.55 -197.12
C GLY H 296 -71.04 -170.40 -198.54
N GLY H 297 -71.52 -169.21 -198.89
CA GLY H 297 -72.05 -168.90 -200.21
C GLY H 297 -70.99 -168.93 -201.32
N GLY H 298 -69.76 -168.54 -200.99
CA GLY H 298 -68.64 -168.54 -201.92
C GLY H 298 -68.32 -169.95 -202.44
N GLY H 299 -68.15 -170.89 -201.52
CA GLY H 299 -68.01 -172.30 -201.86
C GLY H 299 -69.27 -172.90 -202.49
N GLY H 300 -70.44 -172.45 -201.99
CA GLY H 300 -71.75 -172.96 -202.41
C GLY H 300 -72.11 -172.66 -203.86
N ASN H 301 -72.10 -171.37 -204.25
CA ASN H 301 -72.57 -170.91 -205.54
C ASN H 301 -71.79 -171.56 -206.69
N SER H 302 -70.45 -171.51 -206.64
CA SER H 302 -69.60 -172.12 -207.66
C SER H 302 -69.41 -173.62 -207.43
N SER H 303 -70.25 -174.23 -206.58
CA SER H 303 -70.46 -175.67 -206.52
C SER H 303 -71.81 -176.03 -207.16
N ARG H 304 -72.85 -175.25 -206.84
CA ARG H 304 -74.20 -175.37 -207.37
C ARG H 304 -74.22 -175.19 -208.89
N GLN H 305 -73.31 -174.34 -209.41
CA GLN H 305 -73.11 -174.09 -210.83
C GLN H 305 -72.58 -175.35 -211.54
N PRO H 306 -71.39 -175.91 -211.22
CA PRO H 306 -70.94 -177.16 -211.84
C PRO H 306 -71.74 -178.41 -211.51
N PHE H 307 -72.58 -178.36 -210.46
CA PHE H 307 -73.56 -179.42 -210.21
C PHE H 307 -74.50 -179.55 -211.39
N ALA H 308 -74.97 -178.41 -211.94
CA ALA H 308 -75.80 -178.39 -213.13
C ALA H 308 -75.01 -178.84 -214.35
N GLY H 309 -73.75 -178.40 -214.48
CA GLY H 309 -72.88 -178.74 -215.59
C GLY H 309 -72.60 -180.24 -215.70
N GLY H 310 -72.43 -180.90 -214.55
CA GLY H 310 -72.24 -182.35 -214.47
C GLY H 310 -73.53 -183.15 -214.64
N PHE H 311 -74.62 -182.70 -214.00
CA PHE H 311 -75.90 -183.39 -213.99
C PHE H 311 -76.60 -183.35 -215.34
N PHE H 312 -76.55 -182.21 -216.04
CA PHE H 312 -77.44 -181.96 -217.17
C PHE H 312 -76.89 -182.44 -218.52
N GLY H 313 -75.70 -183.05 -218.52
CA GLY H 313 -75.12 -183.58 -219.75
C GLY H 313 -75.89 -184.79 -220.30
N GLY H 314 -76.33 -184.68 -221.56
CA GLY H 314 -77.13 -185.72 -222.22
C GLY H 314 -76.26 -186.81 -222.84
N GLY H 315 -76.87 -187.98 -223.08
CA GLY H 315 -76.21 -189.13 -223.69
C GLY H 315 -75.97 -188.91 -225.19
N ASN H 316 -74.92 -189.56 -225.73
CA ASN H 316 -74.47 -189.37 -227.10
C ASN H 316 -73.76 -190.62 -227.61
N ALA H 317 -74.49 -191.75 -227.69
CA ALA H 317 -73.93 -193.04 -228.06
C ALA H 317 -73.69 -193.13 -229.58
N THR H 318 -72.60 -193.82 -229.97
CA THR H 318 -72.26 -194.06 -231.38
C THR H 318 -71.93 -195.53 -231.63
N ILE H 319 -72.38 -196.07 -232.77
CA ILE H 319 -71.88 -197.33 -233.32
C ILE H 319 -71.02 -197.00 -234.55
N ASP H 320 -69.75 -197.43 -234.53
CA ASP H 320 -68.87 -197.41 -235.70
C ASP H 320 -68.80 -196.01 -236.32
N GLY H 321 -68.68 -194.97 -235.47
CA GLY H 321 -68.53 -193.60 -235.92
C GLY H 321 -69.84 -192.84 -236.16
N ARG H 322 -70.99 -193.54 -236.22
CA ARG H 322 -72.30 -192.95 -236.48
C ARG H 322 -73.09 -192.81 -235.18
N GLN H 323 -73.76 -191.67 -234.97
CA GLN H 323 -74.65 -191.46 -233.84
C GLN H 323 -75.86 -192.40 -233.91
N ILE H 324 -76.24 -192.98 -232.74
CA ILE H 324 -77.40 -193.84 -232.60
C ILE H 324 -78.43 -193.26 -231.63
N SER H 325 -78.09 -192.19 -230.90
CA SER H 325 -79.06 -191.41 -230.15
C SER H 325 -80.05 -190.77 -231.12
N GLU H 326 -81.36 -190.88 -230.84
CA GLU H 326 -82.38 -190.36 -231.72
C GLU H 326 -82.47 -188.84 -231.57
N SER H 327 -82.52 -188.13 -232.70
CA SER H 327 -82.65 -186.68 -232.73
C SER H 327 -84.11 -186.24 -232.56
N THR H 328 -84.74 -186.73 -231.47
CA THR H 328 -86.05 -186.29 -231.02
C THR H 328 -85.95 -184.81 -230.64
N GLY H 329 -86.76 -183.96 -231.29
CA GLY H 329 -86.65 -182.52 -231.11
C GLY H 329 -87.36 -182.01 -229.85
N ARG H 330 -87.19 -182.71 -228.72
CA ARG H 330 -87.83 -182.34 -227.45
C ARG H 330 -86.84 -181.60 -226.56
N TYR H 331 -87.34 -180.53 -225.95
CA TYR H 331 -86.53 -179.68 -225.08
C TYR H 331 -86.51 -180.26 -223.66
N ARG H 332 -85.46 -179.88 -222.92
CA ARG H 332 -85.33 -180.02 -221.47
C ARG H 332 -84.64 -178.76 -220.94
N SER H 333 -85.00 -178.33 -219.71
CA SER H 333 -84.50 -177.08 -219.12
C SER H 333 -84.26 -177.23 -217.62
N ASP H 334 -83.47 -176.32 -217.02
CA ASP H 334 -82.95 -176.43 -215.66
C ASP H 334 -84.06 -176.72 -214.63
N PRO H 335 -83.95 -177.78 -213.78
CA PRO H 335 -84.95 -178.09 -212.75
C PRO H 335 -85.09 -177.01 -211.67
N SER H 336 -86.25 -177.01 -210.98
CA SER H 336 -86.56 -176.12 -209.87
C SER H 336 -85.50 -176.25 -208.76
N ARG H 337 -85.12 -175.14 -208.12
CA ARG H 337 -83.89 -175.00 -207.33
C ARG H 337 -83.92 -175.73 -205.99
N ARG H 338 -85.12 -175.97 -205.43
CA ARG H 338 -85.38 -176.68 -204.17
C ARG H 338 -84.42 -176.23 -203.05
N VAL I 2 38.87 116.67 116.25
CA VAL I 2 39.40 115.29 116.38
C VAL I 2 38.37 114.44 117.12
N ALA I 3 38.39 114.41 118.46
CA ALA I 3 37.57 113.48 119.23
C ALA I 3 36.26 114.11 119.71
N ILE I 4 35.29 114.26 118.80
CA ILE I 4 33.91 114.63 119.12
C ILE I 4 32.94 113.91 118.17
N ARG I 5 31.91 113.25 118.74
CA ARG I 5 30.93 112.39 118.06
C ARG I 5 31.60 111.38 117.13
N SER I 6 32.82 110.96 117.50
CA SER I 6 33.81 110.42 116.57
C SER I 6 33.65 108.94 116.26
N GLU I 7 32.85 108.22 117.04
CA GLU I 7 32.67 106.78 116.89
C GLU I 7 31.23 106.42 116.50
N GLY I 8 30.33 107.41 116.48
CA GLY I 8 28.91 107.20 116.26
C GLY I 8 28.55 106.76 114.84
N VAL I 9 29.30 107.25 113.85
CA VAL I 9 29.09 106.92 112.45
C VAL I 9 29.56 105.50 112.15
N SER I 10 30.51 104.99 112.96
CA SER I 10 31.23 103.76 112.70
C SER I 10 30.27 102.58 112.49
N GLU I 11 29.21 102.52 113.29
CA GLU I 11 28.31 101.38 113.32
C GLU I 11 27.57 101.19 112.00
N THR I 12 27.52 102.22 111.15
CA THR I 12 26.97 102.10 109.80
C THR I 12 27.80 101.11 108.97
N GLN I 13 29.11 101.10 109.20
CA GLN I 13 30.05 100.17 108.56
C GLN I 13 29.82 98.75 109.07
N GLN I 14 29.72 98.60 110.40
CA GLN I 14 29.49 97.32 111.06
C GLN I 14 28.15 96.72 110.65
N ASN I 15 27.14 97.57 110.38
CA ASN I 15 25.85 97.13 109.87
C ASN I 15 25.95 96.71 108.40
N LEU I 16 26.64 97.51 107.58
CA LEU I 16 26.67 97.33 106.12
C LEU I 16 27.51 96.12 105.71
N GLU I 17 28.49 95.73 106.54
CA GLU I 17 29.24 94.49 106.41
C GLU I 17 28.27 93.32 106.39
N GLY I 18 27.28 93.35 107.31
CA GLY I 18 26.27 92.32 107.45
C GLY I 18 25.41 92.16 106.20
N VAL I 19 25.19 93.26 105.46
CA VAL I 19 24.40 93.24 104.23
C VAL I 19 25.14 92.48 103.13
N GLU I 20 26.48 92.57 103.11
CA GLU I 20 27.29 91.77 102.19
C GLU I 20 27.14 90.29 102.50
N ASN I 21 27.20 89.91 103.79
CA ASN I 21 27.01 88.53 104.20
C ASN I 21 25.61 88.04 103.84
N ALA I 22 24.61 88.93 103.97
CA ALA I 22 23.24 88.70 103.54
C ALA I 22 23.08 88.80 102.02
N MET I 23 24.20 88.83 101.29
CA MET I 23 24.23 88.64 99.84
C MET I 23 25.09 87.42 99.48
N GLU I 24 26.06 87.07 100.35
CA GLU I 24 26.84 85.85 100.16
C GLU I 24 25.93 84.63 100.25
N ASP I 25 24.91 84.69 101.13
CA ASP I 25 23.92 83.63 101.28
C ASP I 25 22.87 83.68 100.17
N THR I 26 23.10 84.52 99.15
CA THR I 26 22.39 84.45 97.89
C THR I 26 23.35 84.09 96.75
N ALA I 27 24.63 84.46 96.87
CA ALA I 27 25.66 84.16 95.88
C ALA I 27 25.93 82.66 95.79
N ASP I 28 26.00 82.00 96.95
CA ASP I 28 26.14 80.55 97.08
C ASP I 28 25.07 79.82 96.28
N SER I 29 23.82 80.25 96.47
CA SER I 29 22.59 79.60 96.03
C SER I 29 22.22 80.00 94.61
N ALA I 30 22.65 81.21 94.18
CA ALA I 30 22.66 81.57 92.78
C ALA I 30 23.66 80.70 92.01
N GLY I 31 24.75 80.28 92.67
CA GLY I 31 25.68 79.31 92.13
C GLY I 31 25.04 77.93 91.93
N ASP I 32 24.27 77.49 92.92
CA ASP I 32 23.60 76.19 92.93
C ASP I 32 22.65 76.03 91.74
N SER I 33 22.24 77.16 91.14
CA SER I 33 21.35 77.16 89.98
C SER I 33 21.99 76.48 88.76
N ALA I 34 23.31 76.33 88.76
CA ALA I 34 24.03 75.54 87.75
C ALA I 34 23.66 74.06 87.83
N ALA I 35 23.51 73.54 89.06
CA ALA I 35 23.08 72.17 89.30
C ALA I 35 21.61 71.97 88.93
N GLU I 36 20.78 73.02 89.10
CA GLU I 36 19.40 72.99 88.65
C GLU I 36 19.34 72.71 87.14
N LEU I 37 19.99 73.55 86.33
CA LEU I 37 19.86 73.44 84.89
C LEU I 37 20.49 72.17 84.33
N GLU I 38 21.64 71.73 84.87
CA GLU I 38 22.25 70.51 84.34
C GLU I 38 21.54 69.25 84.84
N THR I 39 20.68 69.38 85.88
CA THR I 39 19.78 68.29 86.25
C THR I 39 18.48 68.32 85.43
N PHE I 40 18.01 69.52 85.04
CA PHE I 40 16.92 69.63 84.07
C PHE I 40 17.32 68.98 82.75
N SER I 41 18.57 69.18 82.33
CA SER I 41 19.08 68.60 81.09
C SER I 41 19.30 67.09 81.20
N LYS I 42 19.39 66.52 82.43
CA LYS I 42 19.60 65.10 82.65
C LYS I 42 18.48 64.24 82.03
N ARG I 43 17.25 64.75 82.07
CA ARG I 43 16.08 64.10 81.49
C ARG I 43 16.22 64.02 79.96
N PHE I 44 16.49 65.15 79.30
CA PHE I 44 16.50 65.30 77.86
C PHE I 44 17.73 64.64 77.22
N LYS I 45 18.88 64.77 77.88
CA LYS I 45 20.11 64.10 77.49
C LYS I 45 19.97 62.58 77.65
N GLY I 46 19.38 62.13 78.77
CA GLY I 46 19.04 60.73 79.00
C GLY I 46 18.02 60.18 77.99
N ALA I 47 17.08 61.03 77.57
CA ALA I 47 16.07 60.69 76.59
C ALA I 47 16.68 60.51 75.20
N MET I 48 17.77 61.23 74.90
CA MET I 48 18.53 60.97 73.70
C MET I 48 19.22 59.60 73.82
N GLY I 49 19.76 59.30 75.00
CA GLY I 49 20.31 57.99 75.30
C GLY I 49 19.32 56.85 75.01
N ALA I 50 18.07 57.02 75.48
CA ALA I 50 16.99 56.07 75.27
C ALA I 50 16.55 55.99 73.81
N ALA I 51 16.23 57.14 73.19
CA ALA I 51 15.67 57.19 71.84
C ALA I 51 16.70 56.82 70.77
N VAL I 52 17.96 57.23 70.94
CA VAL I 52 19.03 56.92 70.00
C VAL I 52 19.44 55.46 70.12
N SER I 53 19.47 54.90 71.35
CA SER I 53 19.66 53.46 71.51
C SER I 53 18.49 52.66 70.94
N ALA I 54 17.25 53.16 71.07
CA ALA I 54 16.08 52.54 70.45
C ALA I 54 16.17 52.54 68.93
N LEU I 55 16.57 53.67 68.34
CA LEU I 55 16.81 53.79 66.90
C LEU I 55 17.92 52.84 66.45
N ALA I 56 19.02 52.81 67.21
CA ALA I 56 20.17 51.94 66.96
C ALA I 56 19.76 50.47 66.95
N ILE I 57 19.01 50.04 67.98
CA ILE I 57 18.49 48.68 68.11
C ILE I 57 17.50 48.38 66.98
N GLY I 58 16.65 49.35 66.63
CA GLY I 58 15.72 49.24 65.52
C GLY I 58 16.42 48.92 64.21
N THR I 59 17.50 49.67 63.90
CA THR I 59 18.28 49.44 62.68
C THR I 59 19.06 48.13 62.77
N ALA I 60 19.62 47.80 63.95
CA ALA I 60 20.41 46.59 64.13
C ALA I 60 19.55 45.34 63.95
N GLY I 61 18.39 45.33 64.62
CA GLY I 61 17.44 44.23 64.55
C GLY I 61 16.86 44.03 63.15
N LEU I 62 16.65 45.12 62.42
CA LEU I 62 16.07 45.04 61.08
C LEU I 62 17.10 44.75 59.99
N LEU I 63 18.35 45.24 60.13
CA LEU I 63 19.35 44.92 59.12
C LEU I 63 19.90 43.50 59.29
N SER I 64 19.99 43.01 60.53
CA SER I 64 20.22 41.58 60.79
C SER I 64 19.00 40.74 60.41
N GLN I 65 17.87 41.38 60.06
CA GLN I 65 16.68 40.72 59.52
C GLN I 65 16.59 40.92 58.00
N VAL I 66 15.90 41.97 57.53
CA VAL I 66 15.33 42.08 56.18
C VAL I 66 16.34 41.77 55.05
N PRO I 67 17.52 42.42 54.93
CA PRO I 67 18.44 42.12 53.83
C PRO I 67 19.18 40.79 53.96
N VAL I 68 19.36 40.28 55.19
CA VAL I 68 19.85 38.93 55.43
C VAL I 68 18.77 37.94 55.00
N VAL I 69 17.53 38.24 55.36
CA VAL I 69 16.31 37.56 54.93
C VAL I 69 16.10 37.72 53.42
N GLY I 70 16.99 38.46 52.74
CA GLY I 70 17.10 38.41 51.30
C GLY I 70 17.33 37.00 50.78
N GLU I 71 17.79 36.10 51.66
CA GLU I 71 17.91 34.67 51.45
C GLU I 71 16.56 34.02 51.11
N ALA I 72 15.44 34.66 51.48
CA ALA I 72 14.11 34.16 51.14
C ALA I 72 13.84 34.32 49.65
N MET I 73 13.85 35.57 49.15
CA MET I 73 13.67 35.87 47.73
C MET I 73 14.78 35.24 46.89
N GLY I 74 16.02 35.30 47.39
CA GLY I 74 17.17 34.74 46.72
C GLY I 74 17.16 33.22 46.65
N GLY I 75 16.83 32.58 47.78
CA GLY I 75 16.77 31.12 47.90
C GLY I 75 15.64 30.51 47.08
N LEU I 76 14.39 30.85 47.42
CA LEU I 76 13.22 30.34 46.72
C LEU I 76 13.14 30.88 45.28
N GLY I 77 13.92 31.91 44.97
CA GLY I 77 14.14 32.36 43.60
C GLY I 77 15.15 31.48 42.85
N ALA I 78 16.31 31.22 43.48
CA ALA I 78 17.33 30.37 42.89
C ALA I 78 16.82 28.95 42.67
N ILE I 79 16.01 28.43 43.60
CA ILE I 79 15.52 27.04 43.60
C ILE I 79 14.52 26.81 42.45
N ILE I 80 14.13 27.87 41.73
CA ILE I 80 13.43 27.75 40.45
C ILE I 80 14.29 26.99 39.46
N ASP I 81 15.62 26.98 39.67
CA ASP I 81 16.60 26.36 38.79
C ASP I 81 16.29 24.89 38.51
N ALA I 82 16.49 24.00 39.50
CA ALA I 82 16.32 22.57 39.34
C ALA I 82 14.88 22.18 38.97
N LEU I 83 13.90 22.94 39.47
CA LEU I 83 12.49 22.59 39.36
C LEU I 83 11.84 23.16 38.09
N THR I 84 12.54 24.08 37.39
CA THR I 84 12.35 24.26 35.96
C THR I 84 13.17 23.23 35.18
N MET I 85 14.43 23.02 35.59
CA MET I 85 15.43 22.24 34.86
C MET I 85 14.86 20.93 34.34
N LYS I 86 14.16 20.17 35.20
CA LYS I 86 13.68 18.82 34.97
C LYS I 86 12.66 18.72 33.83
N ILE I 87 12.29 19.85 33.22
CA ILE I 87 11.62 19.86 31.93
C ILE I 87 12.54 19.23 30.87
N ASP I 88 13.86 19.25 31.11
CA ASP I 88 14.88 18.63 30.25
C ASP I 88 14.86 17.10 30.39
N GLU I 89 14.80 16.58 31.63
CA GLU I 89 14.72 15.16 31.91
C GLU I 89 13.44 14.55 31.36
N ASP I 90 12.39 15.38 31.16
CA ASP I 90 11.17 14.98 30.47
C ASP I 90 11.17 15.40 29.00
N ALA I 91 12.16 16.21 28.57
CA ALA I 91 12.30 16.55 27.16
C ALA I 91 12.76 15.33 26.36
N ARG I 92 13.70 14.57 26.94
CA ARG I 92 14.32 13.39 26.35
C ARG I 92 13.30 12.30 26.04
N PRO I 93 12.36 11.94 26.95
CA PRO I 93 11.20 11.12 26.61
C PRO I 93 10.39 11.47 25.35
N ALA I 94 10.29 12.76 24.97
CA ALA I 94 9.65 13.13 23.72
C ALA I 94 10.54 12.84 22.51
N VAL I 95 11.87 12.96 22.68
CA VAL I 95 12.88 12.60 21.68
C VAL I 95 12.84 11.08 21.46
N GLY I 96 12.70 10.33 22.56
CA GLY I 96 12.36 8.91 22.52
C GLY I 96 11.06 8.62 21.79
N SER I 97 10.13 9.61 21.80
CA SER I 97 8.90 9.55 21.03
C SER I 97 9.04 10.29 19.68
N PHE I 98 10.27 10.36 19.14
CA PHE I 98 10.53 10.78 17.78
C PHE I 98 11.45 9.77 17.09
N THR I 99 12.39 9.19 17.85
CA THR I 99 13.26 8.11 17.40
C THR I 99 12.45 6.90 16.94
N ASP I 100 11.46 6.52 17.76
CA ASP I 100 10.73 5.28 17.61
C ASP I 100 9.55 5.47 16.65
N ASP I 101 9.30 6.72 16.24
CA ASP I 101 8.63 7.04 14.99
C ASP I 101 9.62 6.83 13.85
N LEU I 102 10.74 7.59 13.85
CA LEU I 102 11.54 7.76 12.65
C LEU I 102 12.16 6.46 12.15
N TYR I 103 12.70 5.63 13.05
CA TYR I 103 13.31 4.37 12.65
C TYR I 103 12.28 3.47 11.96
N GLU I 104 11.01 3.60 12.37
CA GLU I 104 9.89 2.78 11.93
C GLU I 104 9.20 3.42 10.72
N VAL I 105 9.28 4.75 10.60
CA VAL I 105 9.04 5.43 9.34
C VAL I 105 10.04 4.88 8.32
N ALA I 106 11.31 4.73 8.73
CA ALA I 106 12.32 4.14 7.87
C ALA I 106 11.91 2.73 7.42
N GLU I 107 11.53 1.86 8.37
CA GLU I 107 11.04 0.53 8.04
C GLU I 107 9.83 0.60 7.12
N ALA I 108 8.94 1.58 7.35
CA ALA I 108 7.78 1.80 6.49
C ALA I 108 8.20 2.18 5.07
N THR I 109 9.26 3.01 4.95
CA THR I 109 9.79 3.38 3.64
C THR I 109 10.47 2.18 2.98
N TYR I 110 11.19 1.38 3.77
CA TYR I 110 11.92 0.24 3.24
C TYR I 110 10.95 -0.85 2.76
N GLU I 111 9.83 -1.03 3.48
CA GLU I 111 8.84 -2.04 3.11
C GLU I 111 7.84 -1.47 2.10
N ALA I 112 7.77 -0.14 1.98
CA ALA I 112 7.23 0.45 0.77
C ALA I 112 8.12 0.03 -0.42
N ASP I 113 9.40 0.43 -0.43
CA ASP I 113 10.33 0.12 -1.50
C ASP I 113 10.34 -1.36 -1.88
N SER I 114 10.41 -2.26 -0.87
CA SER I 114 10.43 -3.70 -1.12
C SER I 114 9.14 -4.18 -1.79
N SER I 115 7.98 -3.67 -1.36
CA SER I 115 6.70 -3.93 -2.02
C SER I 115 6.71 -3.39 -3.45
N LEU I 116 7.29 -2.21 -3.63
CA LEU I 116 7.25 -1.47 -4.88
C LEU I 116 8.15 -2.09 -5.95
N GLU I 117 9.29 -2.66 -5.55
CA GLU I 117 10.10 -3.47 -6.44
C GLU I 117 9.40 -4.80 -6.74
N ALA I 118 8.69 -5.34 -5.73
CA ALA I 118 7.98 -6.60 -5.89
C ALA I 118 6.74 -6.45 -6.77
N PHE I 119 6.20 -5.22 -6.93
CA PHE I 119 5.19 -4.95 -7.94
C PHE I 119 5.77 -5.30 -9.31
N GLN I 120 6.93 -4.73 -9.65
CA GLN I 120 7.51 -4.85 -10.98
C GLN I 120 7.73 -6.31 -11.36
N THR I 121 8.22 -7.13 -10.41
CA THR I 121 8.48 -8.54 -10.64
C THR I 121 7.20 -9.37 -10.63
N ALA I 122 6.27 -9.10 -9.68
CA ALA I 122 5.04 -9.87 -9.56
C ALA I 122 4.10 -9.59 -10.72
N LEU I 123 3.86 -8.31 -11.02
CA LEU I 123 2.95 -7.87 -12.07
C LEU I 123 3.41 -8.38 -13.43
N ASP I 124 4.71 -8.26 -13.74
CA ASP I 124 5.28 -8.79 -14.97
C ASP I 124 5.28 -10.31 -14.95
N GLY I 125 5.38 -10.91 -13.76
CA GLY I 125 5.16 -12.33 -13.56
C GLY I 125 3.79 -12.79 -14.06
N VAL I 126 2.75 -11.97 -13.85
CA VAL I 126 1.41 -12.24 -14.37
C VAL I 126 1.37 -12.05 -15.87
N ASN I 127 1.90 -10.93 -16.35
CA ASN I 127 1.95 -10.55 -17.77
C ASN I 127 2.59 -11.66 -18.60
N THR I 128 3.67 -12.24 -18.08
CA THR I 128 4.45 -13.29 -18.74
C THR I 128 3.85 -14.69 -18.53
N ALA I 129 2.79 -14.84 -17.72
CA ALA I 129 2.23 -16.15 -17.42
C ALA I 129 1.59 -16.81 -18.65
N ILE I 130 1.03 -16.00 -19.55
CA ILE I 130 0.16 -16.46 -20.62
C ILE I 130 0.78 -16.20 -22.00
N ASP I 131 1.39 -15.02 -22.18
CA ASP I 131 1.86 -14.48 -23.45
C ASP I 131 2.88 -15.43 -24.10
N ASP I 132 3.87 -15.85 -23.31
CA ASP I 132 4.97 -16.70 -23.73
C ASP I 132 4.55 -18.17 -23.86
N VAL I 133 3.29 -18.49 -23.54
CA VAL I 133 2.92 -19.84 -23.14
C VAL I 133 1.70 -20.34 -23.93
N ALA I 134 0.53 -19.76 -23.67
CA ALA I 134 -0.72 -20.19 -24.29
C ALA I 134 -0.79 -19.75 -25.76
N VAL I 135 -0.54 -18.46 -26.03
CA VAL I 135 -0.90 -17.79 -27.28
C VAL I 135 -0.38 -18.55 -28.50
N SER I 136 0.95 -18.60 -28.65
CA SER I 136 1.61 -19.23 -29.78
C SER I 136 1.27 -20.72 -29.85
N THR I 137 1.19 -21.39 -28.71
CA THR I 137 0.87 -22.82 -28.69
C THR I 137 -0.55 -23.07 -29.18
N LEU I 138 -1.50 -22.20 -28.79
CA LEU I 138 -2.86 -22.28 -29.30
C LEU I 138 -2.85 -22.11 -30.82
N GLN I 139 -2.05 -21.16 -31.32
CA GLN I 139 -1.91 -20.96 -32.76
C GLN I 139 -1.31 -22.19 -33.44
N THR I 140 -0.36 -22.88 -32.80
CA THR I 140 0.19 -24.10 -33.38
C THR I 140 -0.83 -25.23 -33.35
N GLU I 141 -1.69 -25.25 -32.32
CA GLU I 141 -2.71 -26.27 -32.19
C GLU I 141 -3.86 -26.00 -33.15
N ILE I 142 -4.11 -24.71 -33.46
CA ILE I 142 -5.01 -24.27 -34.51
C ILE I 142 -4.46 -24.68 -35.87
N GLU I 143 -3.14 -24.56 -36.05
CA GLU I 143 -2.50 -24.99 -37.28
C GLU I 143 -2.67 -26.49 -37.48
N GLU I 144 -2.35 -27.30 -36.47
CA GLU I 144 -2.46 -28.75 -36.58
C GLU I 144 -3.92 -29.22 -36.63
N LEU I 145 -4.85 -28.51 -35.98
CA LEU I 145 -6.29 -28.77 -36.07
C LEU I 145 -6.81 -28.48 -37.48
N THR I 146 -6.40 -27.34 -38.08
CA THR I 146 -7.16 -26.70 -39.15
C THR I 146 -6.29 -26.00 -40.19
N GLY I 147 -5.13 -25.46 -39.81
CA GLY I 147 -4.16 -25.01 -40.79
C GLY I 147 -3.75 -26.14 -41.74
N ILE I 148 -3.67 -27.35 -41.17
CA ILE I 148 -3.35 -28.57 -41.92
C ILE I 148 -4.61 -29.40 -42.18
N THR I 149 -5.78 -28.75 -42.35
CA THR I 149 -6.92 -29.38 -43.02
C THR I 149 -6.92 -29.10 -44.52
N ILE I 150 -5.88 -28.41 -45.03
CA ILE I 150 -5.71 -28.21 -46.47
C ILE I 150 -5.55 -29.55 -47.18
N PRO I 151 -4.64 -30.48 -46.77
CA PRO I 151 -4.65 -31.85 -47.28
C PRO I 151 -6.00 -32.55 -47.13
N LYS I 152 -6.69 -32.35 -45.99
CA LYS I 152 -7.90 -33.07 -45.63
C LYS I 152 -9.12 -32.58 -46.42
N ASN I 153 -9.00 -31.38 -47.02
CA ASN I 153 -9.91 -30.83 -48.02
C ASN I 153 -9.66 -31.54 -49.36
N TRP I 154 -8.44 -31.38 -49.91
CA TRP I 154 -8.09 -31.84 -51.25
C TRP I 154 -8.16 -33.36 -51.39
N LEU I 155 -8.01 -34.08 -50.27
CA LEU I 155 -8.07 -35.53 -50.23
C LEU I 155 -9.43 -36.05 -50.72
N ASP I 156 -10.55 -35.56 -50.18
CA ASP I 156 -11.80 -36.32 -50.12
C ASP I 156 -12.40 -36.70 -51.48
N PHE I 157 -12.31 -35.82 -52.47
CA PHE I 157 -12.69 -36.12 -53.84
C PHE I 157 -11.51 -36.79 -54.58
N GLY I 158 -10.29 -36.37 -54.24
CA GLY I 158 -9.06 -36.90 -54.81
C GLY I 158 -8.90 -38.42 -54.67
N TRP I 159 -8.97 -38.96 -53.45
CA TRP I 159 -8.63 -40.36 -53.20
C TRP I 159 -9.59 -41.37 -53.82
N ASP I 160 -10.58 -40.91 -54.60
CA ASP I 160 -11.32 -41.80 -55.47
C ASP I 160 -10.39 -42.34 -56.57
N ILE I 161 -9.40 -41.53 -56.98
CA ILE I 161 -8.40 -41.92 -57.97
C ILE I 161 -7.46 -42.98 -57.41
N MET I 162 -7.64 -43.35 -56.14
CA MET I 162 -6.98 -44.49 -55.53
C MET I 162 -8.02 -45.54 -55.15
N THR I 163 -8.94 -45.17 -54.23
CA THR I 163 -9.90 -46.07 -53.62
C THR I 163 -10.88 -46.64 -54.64
N LEU I 164 -11.38 -45.80 -55.56
CA LEU I 164 -12.40 -46.24 -56.50
C LEU I 164 -11.81 -46.64 -57.84
N ASP I 165 -10.60 -46.15 -58.16
CA ASP I 165 -9.90 -46.31 -59.43
C ASP I 165 -9.75 -47.79 -59.80
N ALA I 166 -9.26 -48.61 -58.87
CA ALA I 166 -9.02 -50.02 -59.12
C ALA I 166 -10.32 -50.77 -59.45
N ARG I 167 -11.45 -50.31 -58.87
CA ARG I 167 -12.75 -50.91 -59.09
C ARG I 167 -13.37 -50.44 -60.41
N GLN I 168 -13.14 -49.16 -60.77
CA GLN I 168 -13.47 -48.57 -62.07
C GLN I 168 -12.80 -49.37 -63.19
N THR I 169 -11.47 -49.55 -63.11
CA THR I 169 -10.72 -50.26 -64.15
C THR I 169 -11.07 -51.74 -64.18
N MET I 170 -11.16 -52.41 -63.03
CA MET I 170 -11.26 -53.86 -63.01
C MET I 170 -12.59 -54.39 -63.57
N ASP I 171 -13.72 -53.70 -63.38
CA ASP I 171 -14.99 -54.18 -63.91
C ASP I 171 -15.02 -54.00 -65.43
N ASN I 172 -14.43 -52.91 -65.90
CA ASN I 172 -14.15 -52.71 -67.32
C ASN I 172 -13.31 -53.88 -67.84
N ILE I 173 -12.24 -54.22 -67.10
CA ILE I 173 -11.34 -55.29 -67.48
C ILE I 173 -12.09 -56.64 -67.48
N GLU I 174 -12.97 -56.86 -66.50
CA GLU I 174 -13.72 -58.11 -66.41
C GLU I 174 -14.72 -58.24 -67.55
N THR I 175 -15.43 -57.15 -67.86
CA THR I 175 -16.36 -57.16 -68.99
C THR I 175 -15.58 -57.31 -70.30
N ILE I 176 -14.38 -56.72 -70.39
CA ILE I 176 -13.51 -56.88 -71.55
C ILE I 176 -13.08 -58.34 -71.66
N ILE I 177 -12.61 -58.94 -70.55
CA ILE I 177 -12.15 -60.33 -70.54
C ILE I 177 -13.30 -61.25 -70.93
N ASN I 178 -14.52 -60.93 -70.49
CA ASN I 178 -15.72 -61.71 -70.80
C ASN I 178 -16.04 -61.78 -72.29
N GLU I 179 -15.49 -60.85 -73.08
CA GLU I 179 -15.57 -60.94 -74.54
C GLU I 179 -14.94 -62.25 -75.01
N PHE I 180 -13.83 -62.66 -74.37
CA PHE I 180 -12.96 -63.71 -74.90
C PHE I 180 -13.56 -65.10 -74.70
N PRO I 181 -14.00 -65.54 -73.50
CA PRO I 181 -14.78 -66.78 -73.39
C PRO I 181 -16.09 -66.80 -74.19
N GLU I 182 -16.60 -65.62 -74.58
CA GLU I 182 -17.66 -65.62 -75.58
C GLU I 182 -17.06 -65.93 -76.96
N ASP I 183 -16.05 -65.17 -77.39
CA ASP I 183 -15.43 -65.29 -78.70
C ASP I 183 -14.88 -66.69 -78.94
N PHE I 184 -14.06 -67.17 -77.99
CA PHE I 184 -13.43 -68.47 -78.03
C PHE I 184 -14.49 -69.57 -77.93
N GLY I 185 -15.51 -69.34 -77.09
CA GLY I 185 -16.69 -70.17 -77.03
C GLY I 185 -17.43 -70.24 -78.36
N THR I 186 -17.53 -69.09 -79.03
CA THR I 186 -18.13 -68.94 -80.35
C THR I 186 -17.36 -69.77 -81.36
N MET I 187 -16.03 -69.65 -81.39
CA MET I 187 -15.21 -70.44 -82.29
C MET I 187 -15.21 -71.94 -81.95
N LEU I 188 -15.40 -72.30 -80.67
CA LEU I 188 -15.58 -73.70 -80.28
C LEU I 188 -16.95 -74.21 -80.76
N LYS I 189 -17.99 -73.36 -80.61
CA LYS I 189 -19.34 -73.60 -81.13
C LYS I 189 -19.36 -73.70 -82.65
N SER I 190 -18.23 -73.40 -83.32
CA SER I 190 -18.09 -73.58 -84.77
C SER I 190 -17.78 -75.02 -85.14
N ILE I 191 -17.40 -75.86 -84.15
CA ILE I 191 -17.14 -77.27 -84.39
C ILE I 191 -18.45 -78.04 -84.51
N ASP I 192 -19.45 -77.67 -83.71
CA ASP I 192 -20.74 -78.34 -83.62
C ASP I 192 -21.50 -78.38 -84.96
N PRO I 193 -21.56 -77.31 -85.80
CA PRO I 193 -22.15 -77.43 -87.13
C PRO I 193 -21.44 -78.44 -88.03
N ARG I 194 -20.13 -78.65 -87.83
CA ARG I 194 -19.35 -79.64 -88.55
C ARG I 194 -19.76 -81.06 -88.15
N ALA I 195 -20.33 -81.21 -86.95
CA ALA I 195 -20.93 -82.46 -86.49
C ALA I 195 -22.35 -82.60 -87.04
N LYS I 196 -23.15 -81.52 -86.99
CA LYS I 196 -24.55 -81.50 -87.41
C LYS I 196 -24.74 -82.01 -88.85
N LYS I 197 -23.72 -81.80 -89.70
CA LYS I 197 -23.77 -82.16 -91.11
C LYS I 197 -23.97 -83.67 -91.27
N GLY I 198 -23.04 -84.48 -90.74
CA GLY I 198 -22.99 -85.91 -90.95
C GLY I 198 -24.00 -86.69 -90.12
N TRP I 199 -24.56 -86.08 -89.07
CA TRP I 199 -25.43 -86.79 -88.14
C TRP I 199 -26.85 -86.99 -88.67
N ASP I 200 -27.08 -86.74 -89.97
CA ASP I 200 -28.25 -87.23 -90.69
C ASP I 200 -28.02 -88.63 -91.28
N ILE I 201 -26.77 -89.00 -91.64
CA ILE I 201 -26.47 -90.13 -92.53
C ILE I 201 -27.22 -91.40 -92.10
N LEU I 202 -27.04 -91.77 -90.82
CA LEU I 202 -27.46 -93.07 -90.28
C LEU I 202 -28.97 -93.19 -90.12
N THR I 203 -29.74 -92.13 -90.44
CA THR I 203 -31.18 -92.23 -90.56
C THR I 203 -31.72 -91.70 -91.90
N LYS I 204 -30.92 -90.95 -92.67
CA LYS I 204 -31.24 -90.80 -94.08
C LYS I 204 -31.26 -92.16 -94.76
N SER I 205 -30.35 -93.06 -94.33
CA SER I 205 -30.38 -94.47 -94.70
C SER I 205 -31.68 -95.13 -94.25
N ALA I 206 -32.27 -94.65 -93.14
CA ALA I 206 -33.52 -95.19 -92.61
C ALA I 206 -34.74 -94.69 -93.38
N ASP I 207 -34.63 -93.58 -94.11
CA ASP I 207 -35.59 -93.29 -95.18
C ASP I 207 -35.49 -94.39 -96.22
N MET I 208 -34.24 -94.72 -96.62
CA MET I 208 -33.96 -95.60 -97.74
C MET I 208 -34.33 -97.06 -97.45
N PHE I 209 -34.28 -97.52 -96.19
CA PHE I 209 -34.48 -98.92 -95.84
C PHE I 209 -35.88 -99.44 -96.18
N ILE I 210 -36.88 -98.55 -96.33
CA ILE I 210 -38.18 -98.94 -96.88
C ILE I 210 -38.33 -98.53 -98.34
N ASN I 211 -37.52 -97.60 -98.83
CA ASN I 211 -37.37 -97.39 -100.27
C ASN I 211 -36.89 -98.70 -100.92
N ASP I 212 -36.18 -99.52 -100.13
CA ASP I 212 -35.80 -100.89 -100.44
C ASP I 212 -37.04 -101.79 -100.42
N LEU I 213 -37.80 -101.83 -99.32
CA LEU I 213 -38.92 -102.77 -99.21
C LEU I 213 -39.99 -102.46 -100.27
N THR I 214 -40.20 -101.18 -100.60
CA THR I 214 -41.13 -100.77 -101.64
C THR I 214 -40.57 -101.05 -103.04
N SER I 215 -39.24 -101.08 -103.19
CA SER I 215 -38.63 -101.62 -104.39
C SER I 215 -39.08 -103.07 -104.63
N ARG I 216 -39.34 -103.82 -103.55
CA ARG I 216 -39.80 -105.21 -103.62
C ARG I 216 -41.26 -105.29 -104.09
N ILE I 217 -41.93 -104.12 -104.20
CA ILE I 217 -43.26 -104.02 -104.79
C ILE I 217 -43.14 -103.76 -106.30
N ASP I 218 -42.46 -102.67 -106.70
CA ASP I 218 -42.43 -102.25 -108.10
C ASP I 218 -41.38 -103.00 -108.93
N SER I 219 -40.16 -103.16 -108.40
CA SER I 219 -39.12 -103.97 -109.03
C SER I 219 -39.32 -105.46 -108.73
N GLY I 220 -39.89 -105.77 -107.54
CA GLY I 220 -40.19 -107.13 -107.11
C GLY I 220 -41.49 -107.69 -107.68
N VAL I 221 -42.52 -107.86 -106.83
CA VAL I 221 -43.72 -108.60 -107.17
C VAL I 221 -44.76 -107.67 -107.83
N ASN I 222 -44.44 -107.18 -109.03
CA ASN I 222 -45.30 -106.29 -109.80
C ASN I 222 -46.37 -107.10 -110.53
N ASP I 223 -47.48 -106.43 -110.90
CA ASP I 223 -48.63 -107.03 -111.56
C ASP I 223 -48.80 -106.47 -112.97
N VAL I 224 -49.01 -105.15 -113.09
CA VAL I 224 -49.29 -104.43 -114.32
C VAL I 224 -48.13 -104.53 -115.32
N ARG I 225 -46.91 -104.80 -114.81
CA ARG I 225 -45.80 -105.38 -115.55
C ARG I 225 -45.46 -106.70 -114.89
N GLY I 226 -45.12 -107.73 -115.66
CA GLY I 226 -44.94 -109.06 -115.11
C GLY I 226 -46.15 -109.96 -115.41
N PHE I 227 -47.12 -110.03 -114.48
CA PHE I 227 -48.29 -110.89 -114.62
C PHE I 227 -49.13 -110.49 -115.83
N PHE I 228 -49.17 -109.19 -116.16
CA PHE I 228 -49.90 -108.65 -117.31
C PHE I 228 -49.30 -109.13 -118.65
N THR I 229 -48.17 -109.85 -118.64
CA THR I 229 -47.65 -110.49 -119.86
C THR I 229 -48.54 -111.64 -120.32
N GLY I 230 -49.24 -112.30 -119.39
CA GLY I 230 -50.21 -113.33 -119.70
C GLY I 230 -51.30 -112.82 -120.64
N LEU I 231 -51.66 -111.54 -120.49
CA LEU I 231 -52.71 -110.89 -121.28
C LEU I 231 -52.19 -110.51 -122.68
N ALA I 232 -51.05 -111.10 -123.08
CA ALA I 232 -50.57 -111.09 -124.45
C ALA I 232 -50.06 -112.47 -124.88
N SER I 233 -49.32 -113.16 -123.99
CA SER I 233 -48.77 -114.47 -124.31
C SER I 233 -49.87 -115.53 -124.45
N ASP I 234 -50.93 -115.43 -123.62
CA ASP I 234 -52.09 -116.31 -123.71
C ASP I 234 -52.80 -116.16 -125.06
N LEU I 235 -52.77 -114.94 -125.62
CA LEU I 235 -53.39 -114.65 -126.91
C LEU I 235 -52.57 -115.23 -128.08
N ASN I 236 -51.27 -115.48 -127.85
CA ASN I 236 -50.43 -116.21 -128.78
C ASN I 236 -50.62 -117.72 -128.62
N GLU I 237 -50.83 -118.21 -127.39
CA GLU I 237 -51.16 -119.61 -127.15
C GLU I 237 -52.50 -119.95 -127.82
N TRP I 238 -53.55 -119.19 -127.48
CA TRP I 238 -54.87 -119.34 -128.06
C TRP I 238 -54.84 -119.09 -129.57
N GLY I 239 -54.12 -118.06 -130.01
CA GLY I 239 -53.99 -117.73 -131.41
C GLY I 239 -53.35 -118.85 -132.22
N GLY I 240 -52.19 -119.32 -131.75
CA GLY I 240 -51.47 -120.43 -132.37
C GLY I 240 -52.28 -121.72 -132.41
N ASN I 241 -53.00 -122.01 -131.31
CA ASN I 241 -53.84 -123.18 -131.20
C ASN I 241 -55.04 -123.09 -132.15
N VAL I 242 -55.79 -121.97 -132.10
CA VAL I 242 -56.99 -121.79 -132.93
C VAL I 242 -56.61 -121.80 -134.41
N ALA I 243 -55.49 -121.14 -134.76
CA ALA I 243 -55.00 -121.13 -136.12
C ALA I 243 -54.61 -122.54 -136.57
N SER I 244 -53.97 -123.32 -135.68
CA SER I 244 -53.58 -124.68 -135.99
C SER I 244 -54.82 -125.56 -136.20
N ASP I 245 -55.81 -125.45 -135.30
CA ASP I 245 -57.08 -126.15 -135.39
C ASP I 245 -57.78 -125.84 -136.73
N ALA I 246 -57.82 -124.55 -137.09
CA ALA I 246 -58.41 -124.08 -138.33
C ALA I 246 -57.69 -124.65 -139.55
N ARG I 247 -56.34 -124.67 -139.52
CA ARG I 247 -55.51 -125.21 -140.58
C ARG I 247 -55.71 -126.71 -140.75
N GLU I 248 -55.80 -127.42 -139.62
CA GLU I 248 -55.96 -128.87 -139.58
C GLU I 248 -57.26 -129.28 -140.26
N TRP I 249 -58.39 -128.84 -139.71
CA TRP I 249 -59.71 -129.13 -140.27
C TRP I 249 -59.84 -128.56 -141.69
N GLY I 250 -59.44 -127.29 -141.87
CA GLY I 250 -59.59 -126.55 -143.11
C GLY I 250 -58.80 -127.15 -144.28
N THR I 251 -57.74 -127.92 -143.99
CA THR I 251 -57.08 -128.73 -145.01
C THR I 251 -57.67 -130.14 -145.09
N ASN I 252 -57.73 -130.85 -143.95
CA ASN I 252 -57.94 -132.29 -143.96
C ASN I 252 -59.36 -132.66 -144.39
N LEU I 253 -60.35 -131.84 -144.03
CA LEU I 253 -61.72 -132.05 -144.48
C LEU I 253 -61.85 -131.82 -145.99
N ILE I 254 -61.12 -130.84 -146.54
CA ILE I 254 -61.24 -130.56 -147.97
C ILE I 254 -60.48 -131.60 -148.81
N ASP I 255 -59.67 -132.45 -148.17
CA ASP I 255 -59.20 -133.65 -148.85
C ASP I 255 -60.37 -134.62 -149.02
N LYS I 256 -61.30 -134.65 -148.05
CA LYS I 256 -62.47 -135.52 -148.12
C LYS I 256 -63.44 -135.00 -149.17
N PHE I 257 -63.69 -133.68 -149.17
CA PHE I 257 -64.56 -133.03 -150.14
C PHE I 257 -63.98 -133.14 -151.55
N THR I 258 -62.74 -132.68 -151.75
CA THR I 258 -62.16 -132.52 -153.09
C THR I 258 -61.57 -133.82 -153.64
N GLY I 259 -61.31 -134.82 -152.78
CA GLY I 259 -60.66 -136.08 -153.16
C GLY I 259 -61.34 -136.80 -154.32
N GLY I 260 -62.67 -136.77 -154.31
CA GLY I 260 -63.49 -137.19 -155.43
C GLY I 260 -63.37 -136.25 -156.64
N ILE I 261 -63.60 -134.94 -156.42
CA ILE I 261 -63.69 -133.91 -157.45
C ILE I 261 -62.42 -133.84 -158.31
N ARG I 262 -61.24 -133.93 -157.69
CA ARG I 262 -59.94 -133.94 -158.35
C ARG I 262 -59.83 -135.11 -159.34
N SER I 263 -60.55 -136.22 -159.06
CA SER I 263 -60.66 -137.35 -159.97
C SER I 263 -61.81 -137.19 -160.97
N LYS I 264 -62.84 -136.38 -160.64
CA LYS I 264 -63.97 -136.13 -161.54
C LYS I 264 -63.51 -135.37 -162.79
N ILE I 265 -62.78 -134.26 -162.60
CA ILE I 265 -62.28 -133.45 -163.72
C ILE I 265 -61.35 -134.27 -164.60
N SER I 266 -60.65 -135.25 -164.01
CA SER I 266 -59.70 -136.11 -164.71
C SER I 266 -60.28 -137.49 -165.02
N GLY I 267 -61.62 -137.62 -164.93
CA GLY I 267 -62.32 -138.85 -165.24
C GLY I 267 -63.46 -138.64 -166.24
N LEU I 268 -64.25 -137.59 -166.00
CA LEU I 268 -65.34 -137.19 -166.89
C LEU I 268 -64.78 -136.73 -168.23
N ARG I 269 -63.60 -136.08 -168.21
CA ARG I 269 -62.89 -135.70 -169.43
C ARG I 269 -62.30 -136.91 -170.16
N ASN I 270 -62.42 -138.12 -169.59
CA ASN I 270 -61.66 -139.28 -170.06
C ASN I 270 -62.49 -140.53 -170.34
N TRP I 271 -63.76 -140.58 -169.88
CA TRP I 271 -64.69 -141.47 -170.55
C TRP I 271 -64.91 -140.99 -171.99
N LEU I 272 -64.79 -139.67 -172.19
CA LEU I 272 -64.76 -139.05 -173.50
C LEU I 272 -63.55 -139.50 -174.33
N SER I 273 -62.47 -139.96 -173.67
CA SER I 273 -61.38 -140.67 -174.33
C SER I 273 -61.80 -142.11 -174.62
N GLU I 274 -62.37 -142.77 -173.60
CA GLU I 274 -62.70 -144.18 -173.56
C GLU I 274 -63.56 -144.63 -174.74
N LEU I 275 -64.61 -143.85 -175.06
CA LEU I 275 -65.54 -144.20 -176.11
C LEU I 275 -64.87 -144.10 -177.49
N ARG I 276 -63.66 -143.50 -177.54
CA ARG I 276 -62.92 -143.29 -178.78
C ARG I 276 -61.81 -144.33 -178.98
N ASN I 277 -60.92 -144.50 -178.00
CA ASN I 277 -59.82 -145.46 -178.13
C ASN I 277 -60.37 -146.88 -178.24
N ILE I 278 -61.44 -147.18 -177.50
CA ILE I 278 -62.12 -148.47 -177.55
C ILE I 278 -63.39 -148.38 -178.41
N GLY I 279 -63.53 -147.26 -179.13
CA GLY I 279 -64.42 -147.16 -180.27
C GLY I 279 -63.88 -147.82 -181.54
N ALA I 280 -62.55 -147.96 -181.63
CA ALA I 280 -61.84 -148.44 -182.81
C ALA I 280 -62.25 -149.85 -183.24
N GLU I 281 -62.91 -150.59 -182.34
CA GLU I 281 -63.40 -151.94 -182.56
C GLU I 281 -64.44 -151.96 -183.68
N VAL I 282 -65.02 -150.78 -183.98
CA VAL I 282 -65.82 -150.56 -185.18
C VAL I 282 -65.17 -149.43 -185.99
N GLY I 283 -65.28 -149.51 -187.32
CA GLY I 283 -64.56 -148.62 -188.21
C GLY I 283 -63.17 -149.16 -188.54
N ILE I 284 -62.28 -149.17 -187.52
CA ILE I 284 -60.89 -149.57 -187.70
C ILE I 284 -60.76 -151.09 -187.79
N ASP I 285 -61.36 -151.86 -186.87
CA ASP I 285 -61.38 -153.31 -186.97
C ASP I 285 -62.50 -153.79 -187.90
N VAL I 286 -62.50 -153.27 -189.14
CA VAL I 286 -63.44 -153.68 -190.18
C VAL I 286 -62.71 -153.84 -191.53
N PRO I 287 -61.67 -154.71 -191.64
CA PRO I 287 -60.99 -154.97 -192.91
C PRO I 287 -61.84 -155.71 -193.94
N THR I 288 -63.05 -156.14 -193.53
CA THR I 288 -64.08 -156.70 -194.38
C THR I 288 -64.58 -155.70 -195.43
N ILE I 289 -64.29 -154.40 -195.23
CA ILE I 289 -64.54 -153.33 -196.19
C ILE I 289 -63.58 -153.45 -197.38
N GLY I 290 -62.41 -154.06 -197.17
CA GLY I 290 -61.40 -154.31 -198.18
C GLY I 290 -61.05 -155.80 -198.32
N GLY I 291 -59.79 -156.15 -198.07
CA GLY I 291 -59.21 -157.45 -198.34
C GLY I 291 -59.95 -158.62 -197.72
N GLY I 292 -60.58 -158.40 -196.54
CA GLY I 292 -61.36 -159.42 -195.86
C GLY I 292 -62.61 -159.83 -196.63
N GLY I 293 -63.21 -158.85 -197.34
CA GLY I 293 -64.35 -159.10 -198.19
C GLY I 293 -63.97 -159.54 -199.60
N ASP I 294 -62.90 -158.96 -200.14
CA ASP I 294 -62.47 -159.20 -201.53
C ASP I 294 -61.84 -160.58 -201.68
N GLY I 295 -61.16 -161.06 -200.63
CA GLY I 295 -60.65 -162.42 -200.58
C GLY I 295 -61.78 -163.45 -200.53
N GLY I 296 -62.88 -163.07 -199.87
CA GLY I 296 -64.13 -163.82 -199.86
C GLY I 296 -64.78 -163.88 -201.24
N GLY I 297 -64.79 -162.75 -201.96
CA GLY I 297 -65.25 -162.66 -203.33
C GLY I 297 -64.43 -163.54 -204.29
N GLY I 298 -63.11 -163.54 -204.11
CA GLY I 298 -62.20 -164.45 -204.82
C GLY I 298 -62.47 -165.91 -204.49
N GLY I 299 -63.07 -166.17 -203.32
CA GLY I 299 -63.48 -167.49 -202.88
C GLY I 299 -64.82 -167.95 -203.44
N GLY I 300 -65.34 -167.22 -204.43
CA GLY I 300 -66.61 -167.53 -205.09
C GLY I 300 -66.54 -168.81 -205.88
N ALA I 317 -70.90 -192.87 -225.27
CA ALA I 317 -70.42 -194.28 -225.28
C ALA I 317 -70.15 -194.73 -226.72
N THR I 318 -69.06 -195.50 -226.90
CA THR I 318 -68.67 -196.07 -228.18
C THR I 318 -68.98 -197.57 -228.17
N ILE I 319 -69.85 -198.00 -229.09
CA ILE I 319 -70.48 -199.30 -229.02
C ILE I 319 -70.01 -200.18 -230.19
N ASP I 320 -69.55 -201.40 -229.88
CA ASP I 320 -69.00 -202.32 -230.87
C ASP I 320 -70.15 -203.00 -231.63
N GLY I 321 -70.26 -202.68 -232.93
CA GLY I 321 -71.26 -203.24 -233.82
C GLY I 321 -71.21 -204.78 -233.90
N ARG I 322 -70.00 -205.36 -233.85
CA ARG I 322 -69.84 -206.80 -233.88
C ARG I 322 -70.47 -207.45 -232.65
N GLN I 323 -70.16 -206.93 -231.45
CA GLN I 323 -70.60 -207.58 -230.22
C GLN I 323 -72.11 -207.43 -229.99
N ILE I 324 -72.73 -206.35 -230.51
CA ILE I 324 -74.19 -206.27 -230.51
C ILE I 324 -74.77 -207.29 -231.50
N SER I 325 -74.17 -207.39 -232.69
CA SER I 325 -74.66 -208.31 -233.71
C SER I 325 -74.53 -209.77 -233.28
N GLU I 326 -73.50 -210.08 -232.49
CA GLU I 326 -73.22 -211.43 -232.02
C GLU I 326 -74.09 -211.79 -230.81
N SER I 327 -74.19 -210.87 -229.82
CA SER I 327 -74.91 -211.12 -228.58
C SER I 327 -76.42 -211.21 -228.81
N THR I 328 -76.93 -210.52 -229.84
CA THR I 328 -78.35 -210.53 -230.16
C THR I 328 -78.77 -211.75 -231.01
N GLY I 329 -77.80 -212.51 -231.56
CA GLY I 329 -78.05 -213.62 -232.47
C GLY I 329 -78.95 -214.71 -231.87
N ARG I 330 -78.79 -214.97 -230.57
CA ARG I 330 -79.60 -215.89 -229.79
C ARG I 330 -81.09 -215.57 -229.93
N TYR I 331 -81.39 -214.27 -230.00
CA TYR I 331 -82.73 -213.72 -229.90
C TYR I 331 -83.32 -213.38 -231.27
N ARG I 332 -82.49 -212.94 -232.24
CA ARG I 332 -82.97 -212.62 -233.59
C ARG I 332 -83.54 -213.85 -234.31
N SER I 333 -82.94 -215.03 -234.05
CA SER I 333 -83.30 -216.28 -234.69
C SER I 333 -84.52 -216.93 -234.03
N ASP I 334 -84.93 -216.44 -232.86
CA ASP I 334 -85.88 -217.11 -231.98
C ASP I 334 -87.29 -217.20 -232.57
N PRO I 335 -87.91 -216.12 -233.10
CA PRO I 335 -89.26 -216.20 -233.67
C PRO I 335 -89.43 -217.27 -234.74
N SER I 336 -88.40 -217.41 -235.61
CA SER I 336 -88.34 -218.44 -236.63
C SER I 336 -88.23 -219.84 -236.02
N ARG I 337 -87.49 -220.00 -234.92
CA ARG I 337 -87.43 -221.28 -234.19
C ARG I 337 -88.78 -221.64 -233.57
N ARG I 338 -89.49 -220.66 -232.99
CA ARG I 338 -90.84 -220.81 -232.47
C ARG I 338 -91.82 -221.25 -233.57
N ARG I 339 -91.49 -220.93 -234.84
CA ARG I 339 -92.29 -221.30 -236.00
C ARG I 339 -91.66 -222.45 -236.79
N GLY I 340 -90.73 -223.19 -236.15
CA GLY I 340 -90.07 -224.32 -236.77
C GLY I 340 -88.82 -223.91 -237.54
N ILE I 341 -89.01 -223.47 -238.80
CA ILE I 341 -87.96 -222.97 -239.68
C ILE I 341 -88.48 -221.72 -240.39
N VAL J 2 -37.96 -171.13 -213.47
CA VAL J 2 -39.24 -170.36 -213.25
C VAL J 2 -40.23 -170.74 -214.34
N ASP J 3 -39.88 -170.51 -215.61
CA ASP J 3 -40.80 -170.74 -216.73
C ASP J 3 -40.72 -172.20 -217.19
N ALA J 4 -41.89 -172.76 -217.57
CA ALA J 4 -41.93 -173.89 -218.49
C ALA J 4 -41.85 -173.35 -219.92
N THR J 5 -41.15 -174.07 -220.81
CA THR J 5 -41.11 -173.72 -222.23
C THR J 5 -41.94 -174.73 -223.03
N LEU J 6 -42.86 -174.23 -223.85
CA LEU J 6 -43.59 -175.04 -224.82
C LEU J 6 -43.23 -174.56 -226.22
N SER J 7 -42.79 -175.48 -227.10
CA SER J 7 -42.28 -175.09 -228.41
C SER J 7 -42.59 -176.12 -229.51
N ARG J 8 -42.62 -175.63 -230.75
CA ARG J 8 -42.82 -176.46 -231.93
C ARG J 8 -41.95 -175.91 -233.06
N GLY J 9 -40.81 -176.57 -233.31
CA GLY J 9 -39.82 -176.06 -234.25
C GLY J 9 -39.30 -174.68 -233.86
N GLY J 10 -39.52 -173.69 -234.73
CA GLY J 10 -39.10 -172.31 -234.50
C GLY J 10 -39.97 -171.52 -233.53
N THR J 11 -41.27 -171.87 -233.41
CA THR J 11 -42.20 -171.19 -232.51
C THR J 11 -41.98 -171.68 -231.08
N SER J 12 -41.89 -170.74 -230.12
CA SER J 12 -41.66 -171.05 -228.71
C SER J 12 -42.41 -170.06 -227.82
N VAL J 13 -42.95 -170.57 -226.69
CA VAL J 13 -43.61 -169.77 -225.67
C VAL J 13 -43.07 -170.20 -224.29
N ASP J 14 -42.69 -169.21 -223.48
CA ASP J 14 -42.33 -169.41 -222.09
C ASP J 14 -43.51 -169.03 -221.20
N ILE J 15 -43.94 -169.98 -220.34
CA ILE J 15 -45.02 -169.77 -219.40
C ILE J 15 -44.44 -169.73 -217.99
N PRO J 16 -44.40 -168.55 -217.31
CA PRO J 16 -44.08 -168.49 -215.89
C PRO J 16 -44.96 -169.43 -215.06
N LEU J 17 -44.36 -170.49 -214.52
CA LEU J 17 -45.02 -171.33 -213.54
C LEU J 17 -45.00 -170.58 -212.20
N VAL J 18 -45.95 -169.65 -212.07
CA VAL J 18 -46.08 -168.79 -210.90
C VAL J 18 -47.58 -168.67 -210.56
N GLU J 19 -47.88 -168.61 -209.26
CA GLU J 19 -49.23 -168.45 -208.76
C GLU J 19 -49.17 -167.91 -207.33
N GLU J 20 -50.32 -167.41 -206.85
CA GLU J 20 -50.49 -166.90 -205.49
C GLU J 20 -50.21 -167.99 -204.46
N GLY J 21 -49.46 -167.65 -203.41
CA GLY J 21 -49.43 -168.41 -202.16
C GLY J 21 -49.00 -169.87 -202.34
N GLY J 22 -49.92 -170.80 -202.06
CA GLY J 22 -49.65 -172.24 -202.07
C GLY J 22 -50.46 -173.06 -203.08
N GLU J 23 -50.89 -172.43 -204.20
CA GLU J 23 -51.67 -173.08 -205.24
C GLU J 23 -50.84 -174.10 -206.02
N ILE J 24 -51.54 -175.04 -206.70
CA ILE J 24 -50.89 -176.09 -207.50
C ILE J 24 -50.43 -175.52 -208.84
N LEU J 25 -49.11 -175.61 -209.10
CA LEU J 25 -48.50 -175.11 -210.33
C LEU J 25 -48.39 -176.22 -211.38
N LEU J 26 -48.01 -177.43 -210.92
CA LEU J 26 -47.85 -178.57 -211.80
C LEU J 26 -48.44 -179.80 -211.09
N SER J 27 -49.37 -180.45 -211.79
CA SER J 27 -49.84 -181.77 -211.41
C SER J 27 -49.48 -182.74 -212.54
N SER J 28 -48.70 -183.78 -212.24
CA SER J 28 -48.47 -184.84 -213.22
C SER J 28 -49.15 -186.14 -212.76
N THR J 29 -50.03 -186.66 -213.63
CA THR J 29 -50.81 -187.87 -213.35
C THR J 29 -50.26 -189.01 -214.21
N PHE J 30 -49.98 -190.15 -213.57
CA PHE J 30 -49.59 -191.37 -214.23
C PHE J 30 -50.73 -192.38 -214.09
N GLY J 31 -50.94 -193.18 -215.15
CA GLY J 31 -51.95 -194.21 -215.10
C GLY J 31 -51.68 -195.33 -216.09
N LYS J 32 -52.49 -196.39 -215.98
CA LYS J 32 -52.49 -197.51 -216.91
C LYS J 32 -53.92 -197.72 -217.39
N PRO J 33 -54.41 -196.93 -218.38
CA PRO J 33 -55.79 -197.08 -218.87
C PRO J 33 -56.06 -198.48 -219.46
N GLU J 34 -54.99 -199.14 -219.93
CA GLU J 34 -55.07 -200.34 -220.76
C GLU J 34 -54.69 -201.62 -220.00
N VAL J 35 -54.62 -201.61 -218.65
CA VAL J 35 -54.57 -202.87 -217.92
C VAL J 35 -55.95 -203.52 -217.98
N ASN J 36 -55.95 -204.83 -218.23
CA ASN J 36 -57.16 -205.62 -218.11
C ASN J 36 -57.18 -206.30 -216.74
N VAL J 37 -58.06 -205.82 -215.86
CA VAL J 37 -58.35 -206.45 -214.57
C VAL J 37 -59.65 -207.23 -214.74
N ARG J 38 -59.61 -208.55 -214.52
CA ARG J 38 -60.76 -209.39 -214.78
C ARG J 38 -61.89 -209.06 -213.80
N LYS J 39 -63.11 -208.85 -214.32
CA LYS J 39 -64.27 -208.49 -213.52
C LYS J 39 -64.78 -209.66 -212.67
N SER J 40 -64.45 -210.90 -213.07
CA SER J 40 -64.82 -212.12 -212.36
C SER J 40 -63.73 -213.19 -212.47
N GLY J 41 -64.08 -214.46 -212.18
CA GLY J 41 -63.14 -215.56 -212.01
C GLY J 41 -63.20 -216.12 -210.59
N GLY J 42 -62.72 -217.36 -210.38
CA GLY J 42 -62.91 -218.08 -209.12
C GLY J 42 -61.91 -217.75 -208.00
N SER J 43 -60.97 -216.83 -208.25
CA SER J 43 -59.97 -216.38 -207.28
C SER J 43 -60.60 -215.39 -206.30
N LEU J 44 -59.97 -215.18 -205.12
CA LEU J 44 -60.37 -214.09 -204.23
C LEU J 44 -59.96 -212.73 -204.82
N ASN J 45 -58.81 -212.70 -205.49
CA ASN J 45 -58.23 -211.49 -206.06
C ASN J 45 -58.08 -211.70 -207.57
N PRO J 46 -58.30 -210.67 -208.45
CA PRO J 46 -58.34 -210.89 -209.90
C PRO J 46 -56.97 -211.16 -210.52
N ARG J 47 -56.98 -211.96 -211.60
CA ARG J 47 -55.86 -211.99 -212.53
C ARG J 47 -55.86 -210.70 -213.35
N VAL J 48 -54.67 -210.29 -213.80
CA VAL J 48 -54.49 -209.03 -214.53
C VAL J 48 -53.53 -209.25 -215.71
N ILE J 49 -53.54 -208.30 -216.64
CA ILE J 49 -52.54 -208.24 -217.71
C ILE J 49 -52.27 -206.78 -218.08
N ASP J 50 -50.99 -206.39 -217.97
CA ASP J 50 -50.46 -205.10 -218.41
C ASP J 50 -49.57 -205.32 -219.63
N SER J 51 -49.91 -204.67 -220.76
CA SER J 51 -49.38 -205.11 -222.04
C SER J 51 -49.31 -203.99 -223.09
N TRP J 52 -49.41 -202.73 -222.64
CA TRP J 52 -49.59 -201.56 -223.49
C TRP J 52 -48.90 -200.35 -222.85
N SER J 53 -48.70 -199.30 -223.66
CA SER J 53 -48.24 -197.99 -223.19
C SER J 53 -49.11 -197.46 -222.04
N GLY J 54 -48.47 -196.77 -221.09
CA GLY J 54 -49.16 -196.09 -220.01
C GLY J 54 -49.63 -194.70 -220.42
N LEU J 55 -50.30 -194.02 -219.48
CA LEU J 55 -50.70 -192.62 -219.63
C LEU J 55 -49.84 -191.76 -218.69
N GLN J 56 -49.26 -190.68 -219.23
CA GLN J 56 -48.77 -189.58 -218.40
C GLN J 56 -49.40 -188.27 -218.87
N THR J 57 -49.90 -187.49 -217.90
CA THR J 57 -50.56 -186.20 -218.14
C THR J 57 -49.86 -185.12 -217.31
N PHE J 58 -49.90 -183.88 -217.81
CA PHE J 58 -49.46 -182.71 -217.05
C PHE J 58 -50.58 -181.67 -217.07
N GLN J 59 -50.96 -181.19 -215.88
CA GLN J 59 -51.65 -179.90 -215.74
C GLN J 59 -50.62 -178.85 -215.34
N LEU J 60 -50.51 -177.81 -216.16
CA LEU J 60 -49.69 -176.64 -215.84
C LEU J 60 -50.64 -175.48 -215.51
N VAL J 61 -50.40 -174.84 -214.36
CA VAL J 61 -51.05 -173.57 -214.03
C VAL J 61 -49.95 -172.50 -213.97
N GLY J 62 -50.18 -171.38 -214.64
CA GLY J 62 -49.23 -170.28 -214.65
C GLY J 62 -49.90 -168.95 -215.02
N LYS J 63 -49.06 -167.92 -215.20
CA LYS J 63 -49.52 -166.60 -215.60
C LYS J 63 -48.64 -166.06 -216.73
N LEU J 64 -49.26 -165.30 -217.65
CA LEU J 64 -48.57 -164.60 -218.72
C LEU J 64 -48.72 -163.09 -218.52
N TYR J 65 -47.68 -162.34 -218.92
CA TYR J 65 -47.58 -160.91 -218.63
C TYR J 65 -47.89 -160.02 -219.83
N ASP J 66 -48.22 -160.62 -221.00
CA ASP J 66 -48.79 -159.84 -222.08
C ASP J 66 -49.79 -160.67 -222.89
N TYR J 67 -50.70 -159.96 -223.56
CA TYR J 67 -51.77 -160.57 -224.33
C TYR J 67 -51.24 -161.21 -225.61
N SER J 68 -50.18 -160.62 -226.20
CA SER J 68 -49.55 -161.10 -227.42
C SER J 68 -49.03 -162.53 -227.26
N THR J 69 -48.38 -162.83 -226.13
CA THR J 69 -47.84 -164.15 -225.83
C THR J 69 -48.99 -165.15 -225.64
N SER J 70 -50.10 -164.69 -225.05
CA SER J 70 -51.29 -165.51 -224.82
C SER J 70 -51.89 -165.99 -226.14
N HIS J 71 -51.92 -165.09 -227.14
CA HIS J 71 -52.42 -165.44 -228.47
C HIS J 71 -51.48 -166.40 -229.18
N GLN J 72 -50.16 -166.20 -229.03
CA GLN J 72 -49.15 -167.12 -229.53
C GLN J 72 -49.35 -168.53 -228.93
N LEU J 73 -49.62 -168.59 -227.61
CA LEU J 73 -49.85 -169.86 -226.92
C LEU J 73 -51.10 -170.57 -227.45
N ALA J 74 -52.19 -169.82 -227.64
CA ALA J 74 -53.43 -170.37 -228.18
C ALA J 74 -53.21 -170.95 -229.59
N ASP J 75 -52.50 -170.20 -230.45
CA ASP J 75 -52.23 -170.61 -231.82
C ASP J 75 -51.30 -171.82 -231.87
N LEU J 76 -50.33 -171.89 -230.93
CA LEU J 76 -49.37 -172.98 -230.82
C LEU J 76 -50.06 -174.28 -230.43
N VAL J 77 -51.01 -174.20 -229.48
CA VAL J 77 -51.77 -175.34 -228.98
C VAL J 77 -52.79 -175.82 -230.01
N LYS J 78 -53.44 -174.88 -230.74
CA LYS J 78 -54.52 -175.25 -231.64
C LYS J 78 -54.01 -175.79 -232.99
N THR J 79 -52.82 -175.37 -233.42
CA THR J 79 -52.22 -175.73 -234.70
C THR J 79 -52.08 -177.24 -234.86
N ALA J 80 -52.44 -177.76 -236.05
CA ALA J 80 -52.12 -179.12 -236.43
C ALA J 80 -50.79 -179.14 -237.18
N SER J 81 -49.81 -179.91 -236.67
CA SER J 81 -48.58 -180.21 -237.39
C SER J 81 -47.97 -181.52 -236.88
N THR J 82 -47.31 -182.25 -237.77
CA THR J 82 -46.52 -183.42 -237.41
C THR J 82 -45.22 -183.04 -236.71
N THR J 83 -44.85 -181.74 -236.75
CA THR J 83 -43.71 -181.22 -236.02
C THR J 83 -43.96 -181.37 -234.52
N PRO J 84 -43.14 -182.16 -233.77
CA PRO J 84 -43.40 -182.42 -232.35
C PRO J 84 -43.53 -181.16 -231.49
N LEU J 85 -44.59 -181.14 -230.68
CA LEU J 85 -44.77 -180.14 -229.64
C LEU J 85 -43.99 -180.60 -228.40
N GLU J 86 -42.91 -179.86 -228.08
CA GLU J 86 -42.00 -180.20 -226.99
C GLU J 86 -42.30 -179.31 -225.78
N LEU J 87 -42.42 -179.95 -224.61
CA LEU J 87 -42.54 -179.25 -223.33
C LEU J 87 -41.25 -179.44 -222.53
N GLN J 88 -40.72 -178.32 -221.99
CA GLN J 88 -39.61 -178.34 -221.05
C GLN J 88 -40.14 -177.95 -219.66
N ILE J 89 -39.99 -178.86 -218.70
CA ILE J 89 -40.45 -178.65 -217.33
C ILE J 89 -39.26 -178.24 -216.46
N PRO J 90 -39.35 -177.11 -215.71
CA PRO J 90 -38.21 -176.62 -214.91
C PRO J 90 -38.01 -177.30 -213.55
N GLN J 91 -38.27 -178.61 -213.46
CA GLN J 91 -38.21 -179.33 -212.18
C GLN J 91 -37.53 -180.69 -212.39
N ASP J 92 -36.70 -181.10 -211.41
CA ASP J 92 -35.74 -182.20 -211.56
C ASP J 92 -36.40 -183.58 -211.64
N ALA J 93 -37.68 -183.69 -211.24
CA ALA J 93 -38.42 -184.96 -211.30
C ALA J 93 -38.79 -185.35 -212.75
N TYR J 94 -38.52 -184.46 -213.72
CA TYR J 94 -38.90 -184.64 -215.12
C TYR J 94 -37.67 -184.49 -216.03
N PRO J 95 -37.61 -185.18 -217.21
CA PRO J 95 -36.49 -185.02 -218.13
C PRO J 95 -36.54 -183.62 -218.78
N ASP J 96 -35.43 -183.22 -219.43
CA ASP J 96 -35.25 -181.88 -219.95
C ASP J 96 -36.31 -181.51 -220.98
N THR J 97 -36.76 -182.49 -221.78
CA THR J 97 -37.85 -182.34 -222.74
C THR J 97 -38.77 -183.57 -222.71
N VAL J 98 -40.08 -183.32 -222.83
CA VAL J 98 -41.06 -184.36 -223.14
C VAL J 98 -41.86 -183.93 -224.37
N THR J 99 -42.15 -184.87 -225.28
CA THR J 99 -43.05 -184.60 -226.39
C THR J 99 -44.49 -184.77 -225.92
N VAL J 100 -45.39 -183.87 -226.38
CA VAL J 100 -46.75 -183.79 -225.86
C VAL J 100 -47.77 -183.59 -226.97
N ALA J 101 -49.02 -183.96 -226.64
CA ALA J 101 -50.23 -183.54 -227.34
C ALA J 101 -51.06 -182.70 -226.37
N PRO J 102 -51.92 -181.77 -226.86
CA PRO J 102 -53.00 -181.22 -226.03
C PRO J 102 -53.84 -182.37 -225.45
N ALA J 103 -54.49 -182.14 -224.29
CA ALA J 103 -55.20 -183.18 -223.54
C ALA J 103 -56.06 -184.04 -224.47
N ALA J 104 -55.91 -185.37 -224.34
CA ALA J 104 -56.10 -186.35 -225.42
C ALA J 104 -57.47 -186.31 -226.11
N GLY J 105 -58.56 -186.07 -225.35
CA GLY J 105 -59.89 -186.03 -225.93
C GLY J 105 -60.70 -184.79 -225.55
N GLN J 106 -60.02 -183.72 -225.12
CA GLN J 106 -60.66 -182.62 -224.40
C GLN J 106 -60.92 -181.42 -225.31
N ALA J 107 -62.10 -180.82 -225.11
CA ALA J 107 -62.50 -179.56 -225.74
C ALA J 107 -61.69 -178.40 -225.15
N SER J 108 -61.33 -178.49 -223.86
CA SER J 108 -60.55 -177.48 -223.16
C SER J 108 -59.19 -178.03 -222.71
N ALA J 109 -58.22 -178.08 -223.63
CA ALA J 109 -56.83 -178.40 -223.32
C ALA J 109 -56.13 -177.19 -222.70
N LEU J 110 -56.31 -176.02 -223.33
CA LEU J 110 -55.82 -174.74 -222.84
C LEU J 110 -57.00 -173.87 -222.43
N THR J 111 -56.86 -173.17 -221.29
CA THR J 111 -57.74 -172.07 -220.91
C THR J 111 -56.90 -170.82 -220.61
N LEU J 112 -57.34 -169.69 -221.16
CA LEU J 112 -56.79 -168.37 -220.89
C LEU J 112 -57.88 -167.52 -220.25
N GLU J 113 -57.59 -166.93 -219.07
CA GLU J 113 -58.53 -166.04 -218.43
C GLU J 113 -57.96 -164.63 -218.35
N TYR J 114 -58.77 -163.67 -218.81
CA TYR J 114 -58.49 -162.24 -218.78
C TYR J 114 -59.52 -161.60 -217.84
N PRO J 115 -59.32 -161.70 -216.50
CA PRO J 115 -60.32 -161.24 -215.54
C PRO J 115 -60.34 -159.72 -215.41
N ALA J 116 -61.46 -159.18 -214.93
CA ALA J 116 -61.62 -157.75 -214.66
C ALA J 116 -60.58 -157.28 -213.63
N GLY J 117 -60.11 -156.04 -213.80
CA GLY J 117 -59.11 -155.44 -212.91
C GLY J 117 -57.66 -155.77 -213.31
N ARG J 118 -57.37 -157.05 -213.57
CA ARG J 118 -55.99 -157.55 -213.68
C ARG J 118 -55.38 -157.22 -215.04
N LYS J 119 -54.95 -155.96 -215.23
CA LYS J 119 -54.22 -155.49 -216.40
C LYS J 119 -52.91 -156.25 -216.54
N ASP J 120 -52.55 -156.66 -217.77
CA ASP J 120 -51.29 -157.31 -218.12
C ASP J 120 -51.02 -158.58 -217.29
N LEU J 121 -52.09 -159.25 -216.83
CA LEU J 121 -52.04 -160.59 -216.25
C LEU J 121 -53.06 -161.48 -216.97
N VAL J 122 -52.60 -162.65 -217.42
CA VAL J 122 -53.47 -163.66 -218.00
C VAL J 122 -53.24 -164.95 -217.21
N ASP J 123 -54.33 -165.55 -216.68
CA ASP J 123 -54.25 -166.87 -216.07
C ASP J 123 -54.18 -167.91 -217.19
N VAL J 124 -53.16 -168.79 -217.11
CA VAL J 124 -53.01 -169.92 -218.03
C VAL J 124 -53.27 -171.22 -217.25
N SER J 125 -54.18 -172.04 -217.77
CA SER J 125 -54.25 -173.44 -217.38
C SER J 125 -54.10 -174.32 -218.62
N LEU J 126 -53.06 -175.16 -218.63
CA LEU J 126 -52.76 -176.07 -219.73
C LEU J 126 -52.89 -177.52 -219.26
N SER J 127 -53.45 -178.38 -220.13
CA SER J 127 -53.44 -179.83 -219.93
C SER J 127 -52.82 -180.52 -221.15
N LEU J 128 -51.79 -181.35 -220.89
CA LEU J 128 -50.97 -181.96 -221.92
C LEU J 128 -50.84 -183.46 -221.65
N THR J 129 -50.84 -184.27 -222.72
CA THR J 129 -50.61 -185.71 -222.63
C THR J 129 -49.23 -186.01 -223.19
N ARG J 130 -48.42 -186.81 -222.46
CA ARG J 130 -47.13 -187.24 -222.96
C ARG J 130 -47.33 -188.26 -224.10
N VAL J 131 -46.52 -188.13 -225.17
CA VAL J 131 -46.59 -189.03 -226.32
C VAL J 131 -45.16 -189.45 -226.71
N ASP J 132 -45.03 -190.57 -227.41
CA ASP J 132 -43.74 -191.10 -227.84
C ASP J 132 -43.13 -190.17 -228.89
N PRO J 133 -41.90 -189.62 -228.66
CA PRO J 133 -41.28 -188.64 -229.57
C PRO J 133 -41.11 -189.06 -231.03
N ASN J 134 -41.00 -190.37 -231.28
CA ASN J 134 -40.78 -190.93 -232.60
C ASN J 134 -42.11 -191.27 -233.28
N SER J 135 -43.22 -191.12 -232.54
CA SER J 135 -44.53 -191.64 -232.92
C SER J 135 -45.58 -190.53 -233.11
N VAL J 136 -45.13 -189.31 -233.45
CA VAL J 136 -46.03 -188.27 -233.92
C VAL J 136 -46.24 -188.50 -235.42
N ARG J 137 -47.50 -188.77 -235.83
CA ARG J 137 -47.85 -189.22 -237.17
C ARG J 137 -48.99 -188.36 -237.74
N GLY J 138 -48.97 -188.14 -239.06
CA GLY J 138 -50.00 -187.37 -239.75
C GLY J 138 -49.63 -187.03 -241.19
N VAL J 139 -50.51 -186.24 -241.85
CA VAL J 139 -50.32 -185.79 -243.22
C VAL J 139 -50.46 -184.26 -243.31
N GLY J 140 -51.58 -183.72 -242.80
CA GLY J 140 -51.90 -182.31 -242.96
C GLY J 140 -51.26 -181.42 -241.90
N ASP J 141 -50.78 -180.25 -242.34
CA ASP J 141 -50.42 -179.12 -241.48
C ASP J 141 -51.50 -178.05 -241.61
N GLN J 142 -51.98 -177.53 -240.47
CA GLN J 142 -52.92 -176.41 -240.41
C GLN J 142 -52.47 -175.44 -239.32
N GLN J 143 -51.82 -174.36 -239.76
CA GLN J 143 -51.41 -173.26 -238.88
C GLN J 143 -52.66 -172.51 -238.42
N ALA J 144 -52.91 -172.53 -237.10
CA ALA J 144 -53.98 -171.74 -236.50
C ALA J 144 -53.54 -170.28 -236.37
N THR J 145 -54.51 -169.36 -236.45
CA THR J 145 -54.27 -167.94 -236.26
C THR J 145 -55.37 -167.32 -235.40
N THR J 146 -54.94 -166.44 -234.49
CA THR J 146 -55.82 -165.53 -233.76
C THR J 146 -55.73 -164.16 -234.44
N PRO J 147 -56.84 -163.57 -234.94
CA PRO J 147 -56.77 -162.27 -235.61
C PRO J 147 -56.53 -161.17 -234.58
N THR J 148 -55.72 -160.17 -234.97
CA THR J 148 -55.27 -159.13 -234.06
C THR J 148 -55.41 -157.75 -234.71
N THR J 149 -55.69 -156.73 -233.87
CA THR J 149 -55.77 -155.32 -234.28
C THR J 149 -55.44 -154.41 -233.09
N THR J 150 -55.15 -153.12 -233.38
CA THR J 150 -54.55 -152.20 -232.41
C THR J 150 -55.55 -151.22 -231.78
N GLY J 151 -56.86 -151.40 -232.04
CA GLY J 151 -57.90 -150.50 -231.52
C GLY J 151 -58.09 -150.59 -230.01
N THR J 152 -59.03 -149.78 -229.48
CA THR J 152 -59.40 -149.79 -228.06
C THR J 152 -60.92 -149.83 -227.90
N GLY J 153 -61.64 -150.23 -228.94
CA GLY J 153 -63.10 -150.15 -228.96
C GLY J 153 -63.76 -151.18 -228.05
N PRO J 154 -65.10 -151.08 -227.82
CA PRO J 154 -65.84 -152.07 -227.03
C PRO J 154 -65.91 -153.40 -227.79
N VAL J 155 -66.10 -154.51 -227.04
CA VAL J 155 -66.41 -155.79 -227.66
C VAL J 155 -67.79 -155.70 -228.30
N GLU J 156 -67.86 -156.05 -229.59
CA GLU J 156 -69.08 -155.94 -230.38
C GLU J 156 -69.53 -157.30 -230.91
N VAL J 157 -70.84 -157.53 -230.78
CA VAL J 157 -71.54 -158.70 -231.30
C VAL J 157 -72.47 -158.20 -232.42
N THR J 158 -72.24 -158.66 -233.66
CA THR J 158 -73.01 -158.23 -234.82
C THR J 158 -73.74 -159.44 -235.43
N ALA J 159 -75.07 -159.34 -235.56
CA ALA J 159 -75.89 -160.30 -236.30
C ALA J 159 -77.13 -159.60 -236.87
N GLY J 160 -77.61 -160.07 -238.03
CA GLY J 160 -78.76 -159.48 -238.71
C GLY J 160 -78.58 -157.99 -239.01
N GLY J 161 -77.35 -157.61 -239.39
CA GLY J 161 -76.97 -156.24 -239.70
C GLY J 161 -76.96 -155.29 -238.49
N THR J 162 -77.21 -155.83 -237.28
CA THR J 162 -77.37 -155.05 -236.05
C THR J 162 -76.22 -155.35 -235.10
N THR J 163 -75.62 -154.30 -234.49
CA THR J 163 -74.48 -154.45 -233.59
C THR J 163 -74.85 -154.08 -232.15
N VAL J 164 -74.47 -154.96 -231.22
CA VAL J 164 -74.56 -154.75 -229.78
C VAL J 164 -73.15 -154.58 -229.22
N GLN J 165 -72.96 -153.58 -228.35
CA GLN J 165 -71.72 -153.39 -227.62
C GLN J 165 -71.88 -153.98 -226.22
N LEU J 166 -70.99 -154.92 -225.85
CA LEU J 166 -71.04 -155.52 -224.52
C LEU J 166 -70.56 -154.48 -223.49
N PRO J 167 -71.26 -154.35 -222.32
CA PRO J 167 -70.82 -153.42 -221.27
C PRO J 167 -69.38 -153.67 -220.82
N SER J 168 -68.65 -152.58 -220.55
CA SER J 168 -67.30 -152.64 -219.99
C SER J 168 -67.33 -153.05 -218.52
N SER J 169 -68.45 -152.78 -217.84
CA SER J 169 -68.61 -152.95 -216.39
C SER J 169 -68.61 -154.44 -215.99
N GLY J 170 -67.54 -154.84 -215.27
CA GLY J 170 -67.37 -156.21 -214.80
C GLY J 170 -66.93 -157.19 -215.88
N LEU J 171 -66.50 -156.67 -217.05
CA LEU J 171 -66.21 -157.48 -218.23
C LEU J 171 -64.98 -158.38 -217.99
N SER J 172 -65.21 -159.70 -218.07
CA SER J 172 -64.16 -160.72 -218.04
C SER J 172 -64.27 -161.64 -219.25
N VAL J 173 -63.12 -162.07 -219.79
CA VAL J 173 -63.06 -163.01 -220.91
C VAL J 173 -62.33 -164.27 -220.47
N GLU J 174 -62.95 -165.43 -220.75
CA GLU J 174 -62.28 -166.72 -220.72
C GLU J 174 -62.28 -167.28 -222.14
N ARG J 175 -61.08 -167.62 -222.66
CA ARG J 175 -60.97 -168.33 -223.93
C ARG J 175 -60.47 -169.75 -223.66
N THR J 176 -61.14 -170.77 -224.24
CA THR J 176 -60.66 -172.14 -224.14
C THR J 176 -60.42 -172.72 -225.54
N VAL J 177 -59.41 -173.61 -225.62
CA VAL J 177 -58.91 -174.17 -226.87
C VAL J 177 -58.64 -175.66 -226.65
N GLY J 178 -58.92 -176.50 -227.67
CA GLY J 178 -58.57 -177.91 -227.60
C GLY J 178 -58.61 -178.59 -228.96
N ARG J 179 -58.01 -179.80 -229.01
CA ARG J 179 -57.93 -180.60 -230.22
C ARG J 179 -58.56 -181.97 -229.98
N PRO J 180 -59.90 -182.08 -229.77
CA PRO J 180 -60.54 -183.35 -229.44
C PRO J 180 -60.57 -184.40 -230.55
N ASN J 181 -60.28 -183.98 -231.79
CA ASN J 181 -60.32 -184.84 -232.97
C ASN J 181 -58.98 -185.51 -233.29
N ASP J 182 -57.90 -185.16 -232.58
CA ASP J 182 -56.68 -185.95 -232.64
C ASP J 182 -56.91 -187.28 -231.91
N ALA J 183 -56.11 -188.30 -232.25
CA ALA J 183 -56.14 -189.58 -231.54
C ALA J 183 -54.79 -189.84 -230.87
N VAL J 184 -54.81 -190.05 -229.55
CA VAL J 184 -53.67 -190.60 -228.81
C VAL J 184 -53.97 -192.07 -228.54
N ARG J 185 -53.10 -192.96 -229.04
CA ARG J 185 -53.42 -194.38 -229.15
C ARG J 185 -52.37 -195.25 -228.46
N ARG J 186 -52.84 -196.34 -227.84
CA ARG J 186 -52.00 -197.36 -227.21
C ARG J 186 -51.07 -198.02 -228.24
N VAL J 187 -49.85 -198.34 -227.78
CA VAL J 187 -48.88 -199.13 -228.53
C VAL J 187 -48.31 -200.21 -227.59
N PRO J 188 -47.97 -201.43 -228.07
CA PRO J 188 -47.70 -202.55 -227.17
C PRO J 188 -46.38 -202.59 -226.39
N ARG J 189 -45.32 -201.92 -226.89
CA ARG J 189 -43.95 -202.26 -226.51
C ARG J 189 -43.20 -201.15 -225.75
N GLN J 190 -43.79 -199.97 -225.62
CA GLN J 190 -43.09 -198.82 -225.07
C GLN J 190 -43.99 -198.02 -224.13
N ALA J 191 -43.37 -197.15 -223.32
CA ALA J 191 -44.00 -196.45 -222.21
C ALA J 191 -45.10 -195.48 -222.65
N ASP J 192 -44.87 -194.76 -223.76
CA ASP J 192 -45.69 -193.62 -224.17
C ASP J 192 -46.52 -193.95 -225.41
N PRO J 193 -47.75 -193.39 -225.56
CA PRO J 193 -48.61 -193.67 -226.71
C PRO J 193 -48.21 -192.96 -228.01
N ARG J 194 -48.79 -193.43 -229.13
CA ARG J 194 -48.64 -192.84 -230.45
C ARG J 194 -49.65 -191.68 -230.58
N TYR J 195 -49.24 -190.63 -231.32
CA TYR J 195 -50.04 -189.43 -231.51
C TYR J 195 -50.37 -189.26 -233.00
N GLU J 196 -51.67 -189.35 -233.32
CA GLU J 196 -52.19 -189.15 -234.66
C GLU J 196 -52.71 -187.72 -234.80
N VAL J 197 -51.95 -186.86 -235.48
CA VAL J 197 -52.31 -185.46 -235.73
C VAL J 197 -53.29 -185.41 -236.90
N LYS J 198 -54.45 -184.77 -236.68
CA LYS J 198 -55.52 -184.71 -237.68
C LYS J 198 -55.79 -183.26 -238.10
N ALA J 199 -55.74 -183.00 -239.42
CA ALA J 199 -56.16 -181.74 -240.01
C ALA J 199 -57.69 -181.67 -240.04
N LYS J 200 -58.30 -181.55 -238.83
CA LYS J 200 -59.74 -181.65 -238.61
C LYS J 200 -60.17 -180.64 -237.55
N VAL J 201 -61.50 -180.44 -237.44
CA VAL J 201 -62.19 -179.50 -236.55
C VAL J 201 -61.62 -179.53 -235.12
N THR J 202 -61.34 -178.31 -234.59
CA THR J 202 -60.87 -178.09 -233.24
C THR J 202 -61.97 -177.39 -232.42
N ASN J 203 -61.71 -177.23 -231.11
CA ASN J 203 -62.55 -176.44 -230.22
C ASN J 203 -61.87 -175.10 -229.91
N ASP J 204 -62.63 -174.01 -230.01
CA ASP J 204 -62.16 -172.65 -229.75
C ASP J 204 -63.36 -171.82 -229.31
N VAL J 205 -63.39 -171.45 -228.02
CA VAL J 205 -64.59 -170.90 -227.38
C VAL J 205 -64.21 -169.62 -226.64
N PHE J 206 -65.05 -168.58 -226.80
CA PHE J 206 -64.95 -167.36 -226.02
C PHE J 206 -66.15 -167.26 -225.09
N THR J 207 -65.86 -167.10 -223.78
CA THR J 207 -66.88 -166.87 -222.78
C THR J 207 -66.71 -165.47 -222.21
N PHE J 208 -67.79 -164.68 -222.26
CA PHE J 208 -67.83 -163.37 -221.65
C PHE J 208 -68.66 -163.42 -220.37
N SER J 209 -68.30 -162.56 -219.41
CA SER J 209 -69.08 -162.30 -218.21
C SER J 209 -69.08 -160.79 -217.98
N PHE J 210 -70.24 -160.21 -217.64
CA PHE J 210 -70.35 -158.76 -217.46
C PHE J 210 -71.64 -158.41 -216.70
N GLU J 211 -71.75 -157.14 -216.25
CA GLU J 211 -72.95 -156.63 -215.59
C GLU J 211 -73.50 -155.45 -216.39
N THR J 212 -74.80 -155.52 -216.74
CA THR J 212 -75.45 -154.56 -217.64
C THR J 212 -76.13 -153.47 -216.82
N LEU J 213 -75.60 -152.23 -216.89
CA LEU J 213 -75.91 -151.20 -215.91
C LEU J 213 -76.87 -150.12 -216.41
N ASP J 214 -76.84 -149.82 -217.72
CA ASP J 214 -77.65 -148.75 -218.30
C ASP J 214 -78.15 -149.13 -219.69
N ASN J 215 -79.26 -148.51 -220.12
CA ASN J 215 -79.97 -148.86 -221.35
C ASN J 215 -80.24 -150.36 -221.38
N ILE J 216 -80.70 -150.90 -220.23
CA ILE J 216 -80.69 -152.34 -219.95
C ILE J 216 -81.64 -153.10 -220.88
N PRO J 217 -82.95 -152.73 -221.02
CA PRO J 217 -83.82 -153.41 -221.99
C PRO J 217 -83.25 -153.35 -223.40
N ALA J 218 -82.83 -152.16 -223.85
CA ALA J 218 -82.31 -151.95 -225.20
C ALA J 218 -81.11 -152.86 -225.49
N THR J 219 -80.15 -152.93 -224.55
CA THR J 219 -78.93 -153.71 -224.71
C THR J 219 -79.23 -155.21 -224.77
N LEU J 220 -80.00 -155.70 -223.79
CA LEU J 220 -80.26 -157.14 -223.66
C LEU J 220 -81.23 -157.64 -224.74
N ASN J 221 -82.22 -156.81 -225.09
CA ASN J 221 -83.19 -157.16 -226.11
C ASN J 221 -82.52 -157.17 -227.49
N ALA J 222 -81.60 -156.23 -227.74
CA ALA J 222 -80.86 -156.19 -229.00
C ALA J 222 -80.02 -157.44 -229.19
N LEU J 223 -79.44 -157.97 -228.10
CA LEU J 223 -78.67 -159.21 -228.12
C LEU J 223 -79.59 -160.42 -228.32
N THR J 224 -80.64 -160.54 -227.50
CA THR J 224 -81.49 -161.72 -227.49
C THR J 224 -82.35 -161.85 -228.75
N ASP J 225 -82.84 -160.71 -229.27
CA ASP J 225 -83.64 -160.72 -230.49
C ASP J 225 -82.79 -161.17 -231.68
N ASN J 226 -81.64 -160.50 -231.90
CA ASN J 226 -80.87 -160.65 -233.13
C ASN J 226 -80.03 -161.93 -233.12
N VAL J 227 -79.71 -162.47 -231.94
CA VAL J 227 -78.86 -163.66 -231.83
C VAL J 227 -79.67 -164.90 -231.44
N PHE J 228 -80.53 -164.78 -230.41
CA PHE J 228 -81.15 -165.95 -229.78
C PHE J 228 -82.55 -166.28 -230.32
N ARG J 229 -83.25 -165.30 -230.91
CA ARG J 229 -84.62 -165.50 -231.36
C ARG J 229 -84.72 -165.62 -232.88
N GLU J 230 -83.75 -165.05 -233.62
CA GLU J 230 -83.63 -165.27 -235.05
C GLU J 230 -82.93 -166.61 -235.32
N GLN J 231 -83.22 -167.23 -236.47
CA GLN J 231 -82.43 -168.36 -236.97
C GLN J 231 -81.26 -167.80 -237.78
N LEU J 232 -80.03 -168.24 -237.45
CA LEU J 232 -78.82 -167.64 -237.98
C LEU J 232 -78.35 -168.29 -239.29
N GLY J 233 -78.97 -169.42 -239.70
CA GLY J 233 -78.52 -170.13 -240.90
C GLY J 233 -77.16 -170.79 -240.70
N ARG J 234 -76.30 -170.76 -241.72
CA ARG J 234 -74.95 -171.32 -241.64
C ARG J 234 -73.89 -170.24 -241.35
N ASP J 235 -74.29 -168.98 -241.49
CA ASP J 235 -73.55 -167.86 -240.93
C ASP J 235 -73.76 -167.84 -239.41
N GLY J 236 -73.22 -166.81 -238.75
CA GLY J 236 -73.43 -166.66 -237.32
C GLY J 236 -73.25 -165.21 -236.88
N VAL J 237 -72.90 -165.06 -235.60
CA VAL J 237 -72.47 -163.79 -235.03
C VAL J 237 -71.08 -163.47 -235.58
N THR J 238 -70.87 -162.20 -235.95
CA THR J 238 -69.52 -161.65 -236.00
C THR J 238 -69.20 -161.11 -234.62
N LEU J 239 -68.15 -161.66 -234.00
CA LEU J 239 -67.69 -161.26 -232.68
C LEU J 239 -66.38 -160.50 -232.85
N ASP J 240 -66.38 -159.21 -232.46
CA ASP J 240 -65.27 -158.31 -232.74
C ASP J 240 -64.81 -157.65 -231.44
N PHE J 241 -63.53 -157.85 -231.11
CA PHE J 241 -62.95 -157.31 -229.90
C PHE J 241 -62.49 -155.86 -230.06
N ASN J 242 -62.44 -155.36 -231.32
CA ASN J 242 -62.03 -154.00 -231.64
C ASN J 242 -60.69 -153.63 -231.01
N GLY J 243 -59.81 -154.62 -230.80
CA GLY J 243 -58.47 -154.38 -230.26
C GLY J 243 -58.34 -154.52 -228.75
N LEU J 244 -59.44 -154.81 -228.02
CA LEU J 244 -59.31 -155.22 -226.62
C LEU J 244 -58.55 -156.55 -226.56
N LEU J 245 -57.56 -156.60 -225.65
CA LEU J 245 -56.58 -157.69 -225.55
C LEU J 245 -55.76 -157.82 -226.84
N GLY J 246 -55.80 -156.80 -227.72
CA GLY J 246 -55.20 -156.86 -229.04
C GLY J 246 -55.92 -157.77 -230.03
N LEU J 247 -57.13 -158.25 -229.69
CA LEU J 247 -57.88 -159.20 -230.52
C LEU J 247 -58.66 -158.47 -231.61
N GLY J 248 -58.84 -159.15 -232.75
CA GLY J 248 -59.62 -158.68 -233.88
C GLY J 248 -61.04 -159.28 -233.89
N SER J 249 -61.47 -159.74 -235.08
CA SER J 249 -62.84 -160.18 -235.34
C SER J 249 -62.88 -161.64 -235.82
N VAL J 250 -63.88 -162.40 -235.35
CA VAL J 250 -64.09 -163.80 -235.71
C VAL J 250 -65.58 -164.07 -235.98
N LYS J 251 -65.89 -165.11 -236.75
CA LYS J 251 -67.26 -165.64 -236.83
C LYS J 251 -67.46 -166.68 -235.74
N ALA J 252 -68.63 -166.64 -235.07
CA ALA J 252 -68.92 -167.50 -233.94
C ALA J 252 -70.43 -167.72 -233.78
N ILE J 253 -70.83 -168.68 -232.92
CA ILE J 253 -72.23 -168.95 -232.64
C ILE J 253 -72.41 -169.41 -231.19
N PRO J 254 -73.51 -169.04 -230.48
CA PRO J 254 -73.89 -169.72 -229.24
C PRO J 254 -74.35 -171.17 -229.49
N VAL J 255 -74.02 -172.08 -228.56
CA VAL J 255 -74.27 -173.51 -228.72
C VAL J 255 -74.89 -174.07 -227.44
N GLY J 256 -75.92 -174.93 -227.60
CA GLY J 256 -76.43 -175.76 -226.51
C GLY J 256 -77.48 -175.06 -225.65
N SER J 257 -77.74 -175.62 -224.46
CA SER J 257 -78.94 -175.34 -223.67
C SER J 257 -78.81 -174.08 -222.80
N SER J 258 -77.58 -173.61 -222.51
CA SER J 258 -77.37 -172.51 -221.58
C SER J 258 -76.19 -171.59 -221.91
N PRO J 259 -75.96 -171.19 -223.20
CA PRO J 259 -74.87 -170.28 -223.55
C PRO J 259 -75.03 -168.82 -223.09
N PHE J 260 -76.25 -168.42 -222.69
CA PHE J 260 -76.51 -167.08 -222.19
C PHE J 260 -77.52 -167.10 -221.04
N ARG J 261 -77.26 -166.31 -219.98
CA ARG J 261 -78.15 -166.18 -218.84
C ARG J 261 -78.27 -164.72 -218.41
N GLN J 262 -79.50 -164.26 -218.15
CA GLN J 262 -79.78 -162.96 -217.53
C GLN J 262 -80.20 -163.21 -216.08
N VAL J 263 -79.44 -162.66 -215.13
CA VAL J 263 -79.64 -162.94 -213.71
C VAL J 263 -80.01 -161.66 -212.96
N HIS J 264 -81.13 -161.75 -212.22
CA HIS J 264 -81.69 -160.66 -211.44
C HIS J 264 -81.60 -161.02 -209.96
N GLN J 265 -80.97 -160.14 -209.16
CA GLN J 265 -80.79 -160.40 -207.74
C GLN J 265 -81.62 -159.42 -206.92
N ALA J 266 -82.13 -159.91 -205.77
CA ALA J 266 -82.91 -159.12 -204.83
C ALA J 266 -82.16 -157.84 -204.46
N GLY J 267 -82.84 -156.69 -204.58
CA GLY J 267 -82.31 -155.40 -204.13
C GLY J 267 -81.35 -154.71 -205.11
N ARG J 268 -81.14 -155.28 -206.31
CA ARG J 268 -80.20 -154.72 -207.29
C ARG J 268 -80.97 -154.14 -208.48
N GLY J 269 -80.57 -152.93 -208.90
CA GLY J 269 -81.21 -152.21 -209.99
C GLY J 269 -80.63 -152.48 -211.38
N TRP J 270 -79.99 -153.65 -211.57
CA TRP J 270 -79.31 -153.99 -212.82
C TRP J 270 -79.24 -155.51 -213.02
N VAL J 271 -78.86 -155.93 -214.22
CA VAL J 271 -78.85 -157.34 -214.62
C VAL J 271 -77.40 -157.82 -214.68
N THR J 272 -77.14 -159.00 -214.07
CA THR J 272 -75.88 -159.72 -214.23
C THR J 272 -75.99 -160.69 -215.41
N VAL J 273 -74.90 -160.79 -216.20
CA VAL J 273 -74.76 -161.84 -217.19
C VAL J 273 -73.60 -162.74 -216.73
N PRO J 274 -73.90 -163.88 -216.04
CA PRO J 274 -72.85 -164.78 -215.54
C PRO J 274 -71.94 -165.33 -216.66
N THR J 275 -72.57 -165.75 -217.77
CA THR J 275 -71.88 -166.22 -218.96
C THR J 275 -72.60 -165.76 -220.22
N LEU J 276 -71.79 -165.56 -221.28
CA LEU J 276 -72.21 -165.49 -222.66
C LEU J 276 -71.15 -166.22 -223.49
N GLU J 277 -71.50 -167.42 -223.99
CA GLU J 277 -70.55 -168.32 -224.65
C GLU J 277 -70.76 -168.30 -226.17
N PHE J 278 -69.64 -168.19 -226.91
CA PHE J 278 -69.62 -168.33 -228.36
C PHE J 278 -68.52 -169.33 -228.76
N ARG J 279 -68.87 -170.26 -229.67
CA ARG J 279 -67.87 -171.13 -230.29
C ARG J 279 -67.51 -170.56 -231.67
N ARG J 280 -66.20 -170.46 -231.95
CA ARG J 280 -65.69 -169.99 -233.24
C ARG J 280 -66.09 -171.00 -234.34
N ILE J 281 -66.50 -170.49 -235.52
CA ILE J 281 -67.03 -171.32 -236.60
C ILE J 281 -66.20 -171.15 -237.87
N TYR J 282 -66.57 -171.88 -238.93
CA TYR J 282 -65.86 -171.90 -240.20
C TYR J 282 -65.62 -170.48 -240.71
N SER J 283 -64.36 -170.17 -241.06
CA SER J 283 -63.91 -168.81 -241.38
C SER J 283 -62.75 -168.78 -242.37
N ASN J 284 -61.74 -169.64 -242.16
CA ASN J 284 -60.46 -169.60 -242.87
C ASN J 284 -60.63 -169.97 -244.34
N GLU J 285 -59.66 -169.54 -245.18
CA GLU J 285 -59.68 -169.71 -246.63
C GLU J 285 -58.24 -169.91 -247.12
N VAL K 2 -92.23 -155.15 -208.82
CA VAL K 2 -93.22 -155.31 -207.71
C VAL K 2 -93.49 -156.80 -207.47
N ASP K 3 -94.23 -157.46 -208.38
CA ASP K 3 -94.84 -158.77 -208.14
C ASP K 3 -95.09 -159.47 -209.48
N ALA K 4 -95.01 -160.82 -209.54
CA ALA K 4 -95.15 -161.58 -210.79
C ALA K 4 -96.44 -162.41 -210.82
N THR K 5 -97.21 -162.31 -211.91
CA THR K 5 -98.49 -162.99 -212.05
C THR K 5 -98.36 -164.20 -212.99
N LEU K 6 -98.79 -165.37 -212.51
CA LEU K 6 -98.95 -166.56 -213.34
C LEU K 6 -100.45 -166.89 -213.43
N SER K 7 -100.97 -167.07 -214.66
CA SER K 7 -102.41 -167.15 -214.85
C SER K 7 -102.79 -168.07 -216.02
N ARG K 8 -104.02 -168.59 -215.97
CA ARG K 8 -104.59 -169.43 -217.01
C ARG K 8 -106.11 -169.19 -217.07
N GLY K 9 -106.56 -168.45 -218.09
CA GLY K 9 -107.95 -168.03 -218.19
C GLY K 9 -108.39 -167.20 -216.98
N GLY K 10 -109.37 -167.72 -216.25
CA GLY K 10 -109.93 -167.06 -215.07
C GLY K 10 -109.18 -167.33 -213.76
N THR K 11 -108.24 -168.31 -213.78
CA THR K 11 -107.43 -168.63 -212.60
C THR K 11 -106.12 -167.83 -212.64
N SER K 12 -105.75 -167.22 -211.50
CA SER K 12 -104.59 -166.34 -211.42
C SER K 12 -103.93 -166.43 -210.05
N VAL K 13 -102.58 -166.39 -210.03
CA VAL K 13 -101.78 -166.38 -208.82
C VAL K 13 -100.70 -165.29 -208.94
N ASP K 14 -100.55 -164.47 -207.88
CA ASP K 14 -99.47 -163.51 -207.75
C ASP K 14 -98.37 -164.10 -206.87
N ILE K 15 -97.13 -164.08 -207.38
CA ILE K 15 -95.95 -164.62 -206.73
C ILE K 15 -94.99 -163.46 -206.43
N PRO K 16 -94.94 -162.96 -205.17
CA PRO K 16 -94.20 -161.75 -204.80
C PRO K 16 -92.79 -161.44 -205.34
N LEU K 17 -92.01 -162.46 -205.73
CA LEU K 17 -90.61 -162.32 -206.15
C LEU K 17 -89.83 -161.45 -205.18
N VAL K 18 -89.81 -161.88 -203.91
CA VAL K 18 -89.04 -161.24 -202.85
C VAL K 18 -88.11 -162.29 -202.24
N GLU K 19 -86.89 -161.87 -201.86
CA GLU K 19 -85.94 -162.75 -201.20
C GLU K 19 -85.04 -161.97 -200.24
N GLU K 20 -84.40 -162.71 -199.33
CA GLU K 20 -83.40 -162.21 -198.40
C GLU K 20 -82.21 -161.62 -199.15
N GLY K 21 -81.74 -160.45 -198.67
CA GLY K 21 -80.45 -159.88 -199.05
C GLY K 21 -80.26 -159.72 -200.56
N GLY K 22 -79.31 -160.49 -201.12
CA GLY K 22 -78.95 -160.41 -202.53
C GLY K 22 -79.08 -161.74 -203.29
N GLU K 23 -80.06 -162.58 -202.92
CA GLU K 23 -80.29 -163.86 -203.57
C GLU K 23 -80.87 -163.68 -204.98
N ILE K 24 -80.73 -164.69 -205.85
CA ILE K 24 -81.23 -164.65 -207.23
C ILE K 24 -82.75 -164.84 -207.23
N LEU K 25 -83.47 -163.83 -207.74
CA LEU K 25 -84.93 -163.85 -207.84
C LEU K 25 -85.38 -164.44 -209.16
N LEU K 26 -84.72 -164.03 -210.26
CA LEU K 26 -85.10 -164.42 -211.60
C LEU K 26 -83.85 -164.66 -212.43
N SER K 27 -83.67 -165.92 -212.84
CA SER K 27 -82.68 -166.29 -213.85
C SER K 27 -83.43 -166.67 -215.13
N SER K 28 -83.18 -165.93 -216.23
CA SER K 28 -83.68 -166.35 -217.53
C SER K 28 -82.51 -166.83 -218.38
N THR K 29 -82.65 -168.02 -218.98
CA THR K 29 -81.60 -168.60 -219.81
C THR K 29 -82.09 -168.68 -221.26
N PHE K 30 -81.15 -168.50 -222.19
CA PHE K 30 -81.40 -168.58 -223.62
C PHE K 30 -80.42 -169.59 -224.21
N GLY K 31 -80.91 -170.36 -225.18
CA GLY K 31 -80.06 -171.38 -225.78
C GLY K 31 -80.53 -171.81 -227.16
N LYS K 32 -79.62 -172.49 -227.87
CA LYS K 32 -79.89 -173.11 -229.15
C LYS K 32 -79.61 -174.60 -229.02
N PRO K 33 -80.55 -175.40 -228.43
CA PRO K 33 -80.35 -176.84 -228.33
C PRO K 33 -80.37 -177.56 -229.69
N GLU K 34 -80.85 -176.85 -230.74
CA GLU K 34 -81.09 -177.43 -232.06
C GLU K 34 -80.10 -176.92 -233.12
N VAL K 35 -78.99 -176.26 -232.74
CA VAL K 35 -77.91 -176.02 -233.71
C VAL K 35 -77.18 -177.34 -233.94
N ASN K 36 -76.84 -177.59 -235.22
CA ASN K 36 -75.96 -178.69 -235.57
C ASN K 36 -74.54 -178.16 -235.81
N VAL K 37 -73.74 -178.10 -234.74
CA VAL K 37 -72.30 -177.90 -234.85
C VAL K 37 -71.68 -179.24 -235.24
N ARG K 38 -70.97 -179.29 -236.37
CA ARG K 38 -70.40 -180.53 -236.89
C ARG K 38 -69.24 -180.96 -235.99
N LYS K 39 -69.23 -182.26 -235.63
CA LYS K 39 -68.24 -182.81 -234.71
C LYS K 39 -66.86 -182.96 -235.36
N SER K 40 -66.82 -182.97 -236.70
CA SER K 40 -65.62 -183.23 -237.50
C SER K 40 -65.70 -182.50 -238.84
N GLY K 41 -64.81 -182.86 -239.79
CA GLY K 41 -64.61 -182.14 -241.05
C GLY K 41 -63.21 -181.54 -241.13
N GLY K 42 -62.79 -181.10 -242.33
CA GLY K 42 -61.38 -180.80 -242.61
C GLY K 42 -60.92 -179.36 -242.32
N SER K 43 -61.81 -178.48 -241.82
CA SER K 43 -61.46 -177.11 -241.47
C SER K 43 -61.06 -177.00 -240.00
N LEU K 44 -60.32 -175.93 -239.62
CA LEU K 44 -59.88 -175.73 -238.23
C LEU K 44 -61.07 -175.51 -237.28
N ASN K 45 -62.10 -174.79 -237.76
CA ASN K 45 -63.30 -174.49 -237.00
C ASN K 45 -64.49 -175.16 -237.70
N PRO K 46 -65.55 -175.60 -236.96
CA PRO K 46 -66.65 -176.35 -237.57
C PRO K 46 -67.62 -175.50 -238.40
N ARG K 47 -68.22 -176.13 -239.42
CA ARG K 47 -69.42 -175.61 -240.05
C ARG K 47 -70.60 -175.86 -239.11
N VAL K 48 -71.61 -174.98 -239.19
CA VAL K 48 -72.78 -175.01 -238.32
C VAL K 48 -74.04 -174.75 -239.15
N ILE K 49 -75.21 -175.07 -238.56
CA ILE K 49 -76.51 -174.72 -239.11
C ILE K 49 -77.50 -174.48 -237.96
N ASP K 50 -78.11 -173.29 -237.97
CA ASP K 50 -79.17 -172.89 -237.05
C ASP K 50 -80.48 -172.76 -237.85
N SER K 51 -81.49 -173.55 -237.49
CA SER K 51 -82.60 -173.80 -238.42
C SER K 51 -83.91 -174.17 -237.71
N TRP K 52 -84.04 -173.78 -236.42
CA TRP K 52 -85.15 -174.18 -235.56
C TRP K 52 -85.39 -173.11 -234.50
N SER K 53 -86.53 -173.23 -233.79
CA SER K 53 -86.83 -172.44 -232.59
C SER K 53 -85.74 -172.62 -231.52
N GLY K 54 -85.55 -171.59 -230.68
CA GLY K 54 -84.59 -171.64 -229.58
C GLY K 54 -85.26 -171.91 -228.24
N LEU K 55 -84.44 -172.17 -227.21
CA LEU K 55 -84.93 -172.25 -225.84
C LEU K 55 -84.94 -170.86 -225.20
N GLN K 56 -85.97 -170.62 -224.39
CA GLN K 56 -85.89 -169.66 -223.29
C GLN K 56 -86.50 -170.28 -222.04
N THR K 57 -85.79 -170.18 -220.92
CA THR K 57 -86.25 -170.66 -219.62
C THR K 57 -86.36 -169.48 -218.67
N PHE K 58 -87.33 -169.56 -217.74
CA PHE K 58 -87.40 -168.67 -216.61
C PHE K 58 -87.35 -169.50 -215.34
N GLN K 59 -86.45 -169.12 -214.43
CA GLN K 59 -86.44 -169.66 -213.08
C GLN K 59 -86.81 -168.51 -212.13
N LEU K 60 -87.94 -168.68 -211.43
CA LEU K 60 -88.47 -167.69 -210.50
C LEU K 60 -88.31 -168.23 -209.08
N VAL K 61 -87.68 -167.43 -208.21
CA VAL K 61 -87.62 -167.70 -206.78
C VAL K 61 -88.41 -166.60 -206.06
N GLY K 62 -89.30 -167.01 -205.14
CA GLY K 62 -90.08 -166.05 -204.37
C GLY K 62 -90.68 -166.67 -203.13
N LYS K 63 -91.55 -165.90 -202.45
CA LYS K 63 -92.24 -166.35 -201.25
C LYS K 63 -93.74 -166.07 -201.37
N LEU K 64 -94.57 -166.96 -200.80
CA LEU K 64 -96.01 -166.76 -200.69
C LEU K 64 -96.42 -166.59 -199.22
N TYR K 65 -97.47 -165.80 -198.99
CA TYR K 65 -97.86 -165.39 -197.65
C TYR K 65 -99.10 -166.13 -197.12
N ASP K 66 -99.65 -167.09 -197.89
CA ASP K 66 -100.62 -168.03 -197.34
C ASP K 66 -100.57 -169.38 -198.05
N TYR K 67 -101.05 -170.42 -197.36
CA TYR K 67 -101.04 -171.78 -197.85
C TYR K 67 -102.07 -171.97 -198.97
N SER K 68 -103.21 -171.28 -198.87
CA SER K 68 -104.28 -171.34 -199.87
C SER K 68 -103.75 -170.97 -201.27
N THR K 69 -102.95 -169.90 -201.36
CA THR K 69 -102.36 -169.46 -202.61
C THR K 69 -101.34 -170.48 -203.13
N SER K 70 -100.63 -171.13 -202.19
CA SER K 70 -99.65 -172.17 -202.51
C SER K 70 -100.31 -173.38 -203.17
N HIS K 71 -101.51 -173.75 -202.68
CA HIS K 71 -102.25 -174.86 -203.26
C HIS K 71 -102.84 -174.48 -204.62
N GLN K 72 -103.29 -173.23 -204.76
CA GLN K 72 -103.74 -172.72 -206.05
C GLN K 72 -102.61 -172.77 -207.09
N LEU K 73 -101.38 -172.40 -206.67
CA LEU K 73 -100.21 -172.43 -207.55
C LEU K 73 -99.86 -173.87 -207.96
N ALA K 74 -99.86 -174.80 -207.00
CA ALA K 74 -99.59 -176.21 -207.27
C ALA K 74 -100.59 -176.79 -208.28
N ASP K 75 -101.89 -176.49 -208.08
CA ASP K 75 -102.97 -176.95 -208.94
C ASP K 75 -102.87 -176.34 -210.33
N LEU K 76 -102.54 -175.04 -210.41
CA LEU K 76 -102.39 -174.28 -211.64
C LEU K 76 -101.27 -174.86 -212.52
N VAL K 77 -100.12 -175.20 -211.89
CA VAL K 77 -98.97 -175.79 -212.56
C VAL K 77 -99.28 -177.23 -213.00
N LYS K 78 -99.94 -178.02 -212.14
CA LYS K 78 -100.11 -179.45 -212.40
C LYS K 78 -101.19 -179.75 -213.45
N THR K 79 -102.21 -178.88 -213.54
CA THR K 79 -103.37 -179.01 -214.42
C THR K 79 -102.95 -179.22 -215.88
N ALA K 80 -103.63 -180.13 -216.59
CA ALA K 80 -103.54 -180.23 -218.04
C ALA K 80 -104.67 -179.42 -218.68
N SER K 81 -104.31 -178.37 -219.44
CA SER K 81 -105.28 -177.57 -220.18
C SER K 81 -104.59 -176.93 -221.38
N THR K 82 -105.32 -176.85 -222.51
CA THR K 82 -104.87 -176.17 -223.72
C THR K 82 -105.02 -174.65 -223.62
N THR K 83 -105.70 -174.14 -222.58
CA THR K 83 -105.74 -172.70 -222.31
C THR K 83 -104.32 -172.25 -221.94
N PRO K 84 -103.73 -171.27 -222.67
CA PRO K 84 -102.35 -170.84 -222.41
C PRO K 84 -102.08 -170.41 -220.97
N LEU K 85 -100.99 -170.94 -220.41
CA LEU K 85 -100.45 -170.47 -219.13
C LEU K 85 -99.59 -169.24 -219.39
N GLU K 86 -100.07 -168.07 -218.93
CA GLU K 86 -99.43 -166.78 -219.18
C GLU K 86 -98.67 -166.33 -217.94
N LEU K 87 -97.39 -165.96 -218.14
CA LEU K 87 -96.56 -165.38 -217.09
C LEU K 87 -96.33 -163.90 -217.39
N GLN K 88 -96.52 -163.06 -216.36
CA GLN K 88 -96.22 -161.63 -216.42
C GLN K 88 -95.02 -161.35 -215.51
N ILE K 89 -93.93 -160.85 -216.11
CA ILE K 89 -92.69 -160.60 -215.39
C ILE K 89 -92.58 -159.10 -215.11
N PRO K 90 -92.37 -158.69 -213.82
CA PRO K 90 -92.31 -157.25 -213.47
C PRO K 90 -90.96 -156.58 -213.72
N GLN K 91 -90.35 -156.83 -214.88
CA GLN K 91 -89.05 -156.26 -215.24
C GLN K 91 -89.03 -155.89 -216.73
N ASP K 92 -88.49 -154.69 -217.04
CA ASP K 92 -88.63 -154.05 -218.35
C ASP K 92 -87.92 -154.79 -219.49
N ALA K 93 -87.00 -155.72 -219.18
CA ALA K 93 -86.27 -156.48 -220.19
C ALA K 93 -87.13 -157.59 -220.81
N TYR K 94 -88.35 -157.81 -220.30
CA TYR K 94 -89.25 -158.86 -220.77
C TYR K 94 -90.55 -158.24 -221.26
N PRO K 95 -91.26 -158.85 -222.24
CA PRO K 95 -92.57 -158.36 -222.67
C PRO K 95 -93.60 -158.57 -221.56
N ASP K 96 -94.74 -157.86 -221.65
CA ASP K 96 -95.74 -157.80 -220.58
C ASP K 96 -96.33 -159.18 -220.27
N THR K 97 -96.43 -160.05 -221.28
CA THR K 97 -96.82 -161.44 -221.13
C THR K 97 -95.92 -162.35 -221.97
N VAL K 98 -95.55 -163.50 -221.40
CA VAL K 98 -94.97 -164.62 -222.14
C VAL K 98 -95.81 -165.87 -221.87
N THR K 99 -96.05 -166.69 -222.91
CA THR K 99 -96.70 -167.98 -222.73
C THR K 99 -95.65 -169.00 -222.32
N VAL K 100 -96.01 -169.89 -221.38
CA VAL K 100 -95.06 -170.82 -220.80
C VAL K 100 -95.66 -172.21 -220.63
N ALA K 101 -94.75 -173.19 -220.53
CA ALA K 101 -95.03 -174.53 -220.03
C ALA K 101 -94.27 -174.71 -218.72
N PRO K 102 -94.76 -175.55 -217.76
CA PRO K 102 -93.91 -176.07 -216.69
C PRO K 102 -92.69 -176.76 -217.33
N ALA K 103 -91.51 -176.63 -216.69
CA ALA K 103 -90.20 -176.93 -217.28
C ALA K 103 -90.21 -178.23 -218.10
N ALA K 104 -89.68 -178.15 -219.33
CA ALA K 104 -90.05 -178.98 -220.48
C ALA K 104 -90.05 -180.50 -220.22
N GLY K 105 -89.00 -181.04 -219.59
CA GLY K 105 -88.89 -182.48 -219.35
C GLY K 105 -88.73 -182.85 -217.88
N GLN K 106 -89.03 -181.90 -216.97
CA GLN K 106 -88.56 -181.95 -215.59
C GLN K 106 -89.66 -182.39 -214.64
N ALA K 107 -89.29 -183.31 -213.72
CA ALA K 107 -90.17 -183.82 -212.69
C ALA K 107 -90.49 -182.75 -211.65
N SER K 108 -89.58 -181.79 -211.46
CA SER K 108 -89.74 -180.68 -210.53
C SER K 108 -89.78 -179.34 -211.27
N ALA K 109 -90.97 -178.97 -211.80
CA ALA K 109 -91.21 -177.65 -212.36
C ALA K 109 -91.45 -176.63 -211.25
N LEU K 110 -92.20 -177.05 -210.20
CA LEU K 110 -92.49 -176.23 -209.03
C LEU K 110 -91.96 -176.94 -207.78
N THR K 111 -91.38 -176.14 -206.86
CA THR K 111 -91.12 -176.58 -205.50
C THR K 111 -91.76 -175.58 -204.52
N LEU K 112 -92.42 -176.13 -203.50
CA LEU K 112 -92.95 -175.38 -202.37
C LEU K 112 -92.32 -175.91 -201.09
N GLU K 113 -91.63 -175.03 -200.35
CA GLU K 113 -91.06 -175.42 -199.05
C GLU K 113 -91.79 -174.68 -197.94
N TYR K 114 -92.28 -175.46 -196.96
CA TYR K 114 -92.93 -174.98 -195.74
C TYR K 114 -91.99 -175.28 -194.57
N PRO K 115 -90.95 -174.43 -194.34
CA PRO K 115 -89.91 -174.75 -193.36
C PRO K 115 -90.41 -174.66 -191.91
N ALA K 116 -89.75 -175.42 -191.02
CA ALA K 116 -90.02 -175.37 -189.59
C ALA K 116 -89.67 -173.98 -189.05
N GLY K 117 -90.51 -173.48 -188.11
CA GLY K 117 -90.25 -172.22 -187.41
C GLY K 117 -90.75 -170.97 -188.12
N ARG K 118 -91.41 -171.16 -189.27
CA ARG K 118 -92.00 -170.05 -190.04
C ARG K 118 -93.50 -170.30 -190.19
N LYS K 119 -94.26 -169.20 -190.16
CA LYS K 119 -95.72 -169.22 -190.25
C LYS K 119 -96.13 -168.19 -191.31
N ASP K 120 -97.05 -168.60 -192.22
CA ASP K 120 -97.51 -167.75 -193.30
C ASP K 120 -96.34 -167.27 -194.17
N LEU K 121 -95.35 -168.15 -194.36
CA LEU K 121 -94.28 -168.02 -195.35
C LEU K 121 -94.08 -169.38 -196.02
N VAL K 122 -94.03 -169.37 -197.35
CA VAL K 122 -93.75 -170.54 -198.16
C VAL K 122 -92.69 -170.13 -199.19
N ASP K 123 -91.60 -170.92 -199.31
CA ASP K 123 -90.60 -170.68 -200.34
C ASP K 123 -91.06 -171.33 -201.65
N VAL K 124 -91.10 -170.52 -202.72
CA VAL K 124 -91.51 -170.96 -204.05
C VAL K 124 -90.27 -170.96 -204.97
N SER K 125 -90.09 -172.06 -205.71
CA SER K 125 -89.20 -172.09 -206.86
C SER K 125 -89.95 -172.64 -208.08
N LEU K 126 -90.04 -171.82 -209.14
CA LEU K 126 -90.61 -172.22 -210.42
C LEU K 126 -89.51 -172.31 -211.49
N SER K 127 -89.57 -173.36 -212.32
CA SER K 127 -88.91 -173.38 -213.63
C SER K 127 -90.00 -173.45 -214.71
N LEU K 128 -89.92 -172.53 -215.69
CA LEU K 128 -90.89 -172.43 -216.78
C LEU K 128 -90.14 -172.32 -218.11
N THR K 129 -90.64 -173.01 -219.15
CA THR K 129 -90.11 -172.92 -220.51
C THR K 129 -91.02 -172.02 -221.34
N ARG K 130 -90.43 -171.07 -222.08
CA ARG K 130 -91.20 -170.22 -222.99
C ARG K 130 -91.66 -171.03 -224.20
N VAL K 131 -92.94 -170.85 -224.60
CA VAL K 131 -93.54 -171.55 -225.74
C VAL K 131 -94.33 -170.55 -226.58
N ASP K 132 -94.51 -170.87 -227.87
CA ASP K 132 -95.20 -169.97 -228.81
C ASP K 132 -96.68 -169.85 -228.45
N PRO K 133 -97.24 -168.61 -228.32
CA PRO K 133 -98.61 -168.40 -227.86
C PRO K 133 -99.72 -168.97 -228.76
N ASN K 134 -99.40 -169.16 -230.04
CA ASN K 134 -100.34 -169.66 -231.04
C ASN K 134 -100.18 -171.18 -231.23
N SER K 135 -99.27 -171.79 -230.46
CA SER K 135 -98.84 -173.17 -230.68
C SER K 135 -98.98 -174.03 -229.43
N VAL K 136 -99.97 -173.71 -228.58
CA VAL K 136 -100.41 -174.60 -227.50
C VAL K 136 -101.45 -175.56 -228.09
N ARG K 137 -101.12 -176.87 -228.09
CA ARG K 137 -101.90 -177.89 -228.78
C ARG K 137 -102.24 -179.04 -227.82
N GLY K 138 -103.40 -179.69 -228.07
CA GLY K 138 -103.85 -180.82 -227.27
C GLY K 138 -105.35 -181.09 -227.45
N VAL K 139 -105.83 -182.13 -226.75
CA VAL K 139 -107.22 -182.56 -226.83
C VAL K 139 -107.82 -182.75 -225.43
N GLY K 140 -107.04 -183.31 -224.50
CA GLY K 140 -107.48 -183.62 -223.14
C GLY K 140 -107.50 -182.39 -222.23
N ASP K 141 -108.20 -182.52 -221.09
CA ASP K 141 -108.44 -181.47 -220.11
C ASP K 141 -108.59 -182.13 -218.75
N GLN K 142 -107.66 -181.84 -217.82
CA GLN K 142 -107.63 -182.43 -216.49
C GLN K 142 -107.27 -181.37 -215.45
N GLN K 143 -108.30 -180.83 -214.78
CA GLN K 143 -108.13 -179.93 -213.65
C GLN K 143 -107.55 -180.71 -212.46
N ALA K 144 -106.37 -180.27 -211.98
CA ALA K 144 -105.77 -180.80 -210.77
C ALA K 144 -106.41 -180.15 -209.54
N THR K 145 -106.51 -180.91 -208.43
CA THR K 145 -107.05 -180.42 -207.17
C THR K 145 -106.26 -180.98 -205.98
N THR K 146 -105.66 -180.08 -205.19
CA THR K 146 -105.06 -180.42 -203.91
C THR K 146 -106.16 -180.57 -202.86
N PRO K 147 -106.32 -181.73 -202.17
CA PRO K 147 -107.33 -181.87 -201.11
C PRO K 147 -107.06 -180.91 -199.94
N THR K 148 -108.14 -180.32 -199.39
CA THR K 148 -108.03 -179.36 -198.29
C THR K 148 -109.06 -179.63 -197.19
N THR K 149 -108.69 -179.31 -195.94
CA THR K 149 -109.54 -179.43 -194.76
C THR K 149 -109.09 -178.46 -193.66
N THR K 150 -109.93 -178.25 -192.64
CA THR K 150 -109.79 -177.17 -191.66
C THR K 150 -109.30 -177.65 -190.29
N GLY K 151 -108.89 -178.92 -190.16
CA GLY K 151 -108.38 -179.47 -188.91
C GLY K 151 -107.01 -178.89 -188.52
N THR K 152 -106.40 -179.42 -187.45
CA THR K 152 -105.01 -179.13 -187.10
C THR K 152 -104.38 -180.34 -186.40
N GLY K 153 -104.79 -181.54 -186.79
CA GLY K 153 -104.21 -182.76 -186.24
C GLY K 153 -102.79 -182.99 -186.76
N PRO K 154 -102.04 -183.99 -186.20
CA PRO K 154 -100.71 -184.32 -186.72
C PRO K 154 -100.81 -184.91 -188.13
N VAL K 155 -99.73 -184.82 -188.90
CA VAL K 155 -99.64 -185.54 -190.17
C VAL K 155 -99.64 -187.03 -189.85
N GLU K 156 -100.48 -187.79 -190.58
CA GLU K 156 -100.66 -189.21 -190.33
C GLU K 156 -100.39 -190.02 -191.59
N VAL K 157 -99.59 -191.08 -191.42
CA VAL K 157 -99.30 -192.08 -192.44
C VAL K 157 -100.05 -193.35 -192.07
N THR K 158 -101.00 -193.78 -192.92
CA THR K 158 -101.80 -194.97 -192.66
C THR K 158 -101.53 -196.05 -193.71
N ALA K 159 -101.14 -197.25 -193.26
CA ALA K 159 -101.00 -198.43 -194.10
C ALA K 159 -101.25 -199.69 -193.27
N GLY K 160 -101.79 -200.75 -193.90
CA GLY K 160 -102.09 -202.02 -193.24
C GLY K 160 -103.01 -201.88 -192.02
N GLY K 161 -103.94 -200.92 -192.08
CA GLY K 161 -104.86 -200.63 -191.00
C GLY K 161 -104.23 -199.93 -189.78
N THR K 162 -102.94 -199.57 -189.86
CA THR K 162 -102.19 -198.96 -188.78
C THR K 162 -101.84 -197.51 -189.15
N THR K 163 -102.08 -196.56 -188.24
CA THR K 163 -101.78 -195.15 -188.46
C THR K 163 -100.59 -194.71 -187.59
N VAL K 164 -99.65 -193.98 -188.22
CA VAL K 164 -98.46 -193.44 -187.57
C VAL K 164 -98.50 -191.92 -187.67
N GLN K 165 -98.41 -191.25 -186.51
CA GLN K 165 -98.36 -189.80 -186.43
C GLN K 165 -96.91 -189.33 -186.54
N LEU K 166 -96.62 -188.47 -187.53
CA LEU K 166 -95.29 -187.89 -187.66
C LEU K 166 -95.08 -186.88 -186.54
N PRO K 167 -93.88 -186.86 -185.87
CA PRO K 167 -93.59 -185.86 -184.84
C PRO K 167 -93.66 -184.43 -185.38
N SER K 168 -94.15 -183.51 -184.54
CA SER K 168 -94.14 -182.08 -184.82
C SER K 168 -92.72 -181.51 -184.74
N SER K 169 -91.86 -182.13 -183.92
CA SER K 169 -90.52 -181.65 -183.60
C SER K 169 -89.61 -181.64 -184.84
N GLY K 170 -89.22 -180.44 -185.28
CA GLY K 170 -88.38 -180.24 -186.46
C GLY K 170 -89.10 -180.49 -187.78
N LEU K 171 -90.44 -180.63 -187.75
CA LEU K 171 -91.23 -181.00 -188.92
C LEU K 171 -91.17 -179.92 -190.00
N SER K 172 -90.69 -180.32 -191.19
CA SER K 172 -90.56 -179.47 -192.37
C SER K 172 -91.13 -180.20 -193.59
N VAL K 173 -91.83 -179.47 -194.48
CA VAL K 173 -92.49 -180.06 -195.64
C VAL K 173 -91.99 -179.41 -196.93
N GLU K 174 -91.54 -180.25 -197.88
CA GLU K 174 -91.18 -179.84 -199.23
C GLU K 174 -92.09 -180.59 -200.21
N ARG K 175 -92.81 -179.85 -201.08
CA ARG K 175 -93.65 -180.44 -202.10
C ARG K 175 -93.12 -180.06 -203.49
N THR K 176 -92.94 -181.05 -204.38
CA THR K 176 -92.58 -180.77 -205.77
C THR K 176 -93.67 -181.25 -206.72
N VAL K 177 -93.84 -180.49 -207.82
CA VAL K 177 -94.87 -180.71 -208.83
C VAL K 177 -94.24 -180.51 -210.20
N GLY K 178 -94.64 -181.34 -211.18
CA GLY K 178 -94.15 -181.19 -212.54
C GLY K 178 -94.95 -182.00 -213.57
N ARG K 179 -94.77 -181.63 -214.84
CA ARG K 179 -95.48 -182.25 -215.96
C ARG K 179 -94.48 -182.82 -216.97
N PRO K 180 -93.71 -183.89 -216.61
CA PRO K 180 -92.67 -184.42 -217.48
C PRO K 180 -93.15 -185.13 -218.75
N ASN K 181 -94.47 -185.41 -218.84
CA ASN K 181 -95.07 -186.12 -219.96
C ASN K 181 -95.65 -185.18 -221.03
N ASP K 182 -95.64 -183.86 -220.81
CA ASP K 182 -95.89 -182.92 -221.90
C ASP K 182 -94.68 -182.94 -222.84
N ALA K 183 -94.90 -182.53 -224.10
CA ALA K 183 -93.80 -182.38 -225.05
C ALA K 183 -93.69 -180.91 -225.48
N VAL K 184 -92.49 -180.34 -225.31
CA VAL K 184 -92.12 -179.06 -225.91
C VAL K 184 -91.21 -179.37 -227.09
N ARG K 185 -91.61 -178.92 -228.29
CA ARG K 185 -91.01 -179.40 -229.54
C ARG K 185 -90.51 -178.25 -230.41
N ARG K 186 -89.39 -178.51 -231.10
CA ARG K 186 -88.80 -177.59 -232.08
C ARG K 186 -89.76 -177.35 -233.25
N VAL K 187 -89.72 -176.11 -233.77
CA VAL K 187 -90.52 -175.65 -234.91
C VAL K 187 -89.57 -174.96 -235.89
N PRO K 188 -89.74 -175.11 -237.24
CA PRO K 188 -88.75 -174.62 -238.20
C PRO K 188 -88.30 -173.15 -238.12
N ARG K 189 -89.26 -172.21 -237.98
CA ARG K 189 -88.91 -170.80 -238.05
C ARG K 189 -89.79 -169.87 -237.20
N GLN K 190 -90.44 -170.44 -236.17
CA GLN K 190 -90.87 -169.65 -235.02
C GLN K 190 -89.63 -169.38 -234.16
N ALA K 191 -89.69 -168.36 -233.29
CA ALA K 191 -88.62 -168.12 -232.32
C ALA K 191 -88.72 -169.11 -231.16
N ASP K 192 -89.96 -169.33 -230.69
CA ASP K 192 -90.31 -170.15 -229.54
C ASP K 192 -90.81 -171.53 -230.01
N PRO K 193 -90.72 -172.61 -229.17
CA PRO K 193 -91.22 -173.94 -229.54
C PRO K 193 -92.73 -174.13 -229.39
N ARG K 194 -93.25 -175.23 -229.97
CA ARG K 194 -94.64 -175.69 -229.85
C ARG K 194 -94.81 -176.48 -228.54
N TYR K 195 -95.99 -176.36 -227.92
CA TYR K 195 -96.29 -177.00 -226.65
C TYR K 195 -97.45 -178.00 -226.82
N GLU K 196 -97.16 -179.28 -226.59
CA GLU K 196 -98.11 -180.37 -226.66
C GLU K 196 -98.58 -180.74 -225.26
N VAL K 197 -99.81 -180.32 -224.89
CA VAL K 197 -100.40 -180.59 -223.59
C VAL K 197 -100.99 -182.01 -223.59
N LYS K 198 -100.59 -182.84 -222.62
CA LYS K 198 -101.03 -184.24 -222.55
C LYS K 198 -101.83 -184.51 -221.27
N ALA K 199 -103.04 -185.07 -221.42
CA ALA K 199 -103.82 -185.61 -220.32
C ALA K 199 -103.23 -186.95 -219.89
N LYS K 200 -102.05 -186.89 -219.23
CA LYS K 200 -101.22 -188.03 -218.87
C LYS K 200 -100.57 -187.78 -217.51
N VAL K 201 -99.98 -188.84 -216.93
CA VAL K 201 -99.37 -188.90 -215.61
C VAL K 201 -98.43 -187.71 -215.37
N THR K 202 -98.59 -187.09 -214.19
CA THR K 202 -97.78 -185.97 -213.71
C THR K 202 -96.91 -186.44 -212.54
N ASN K 203 -96.03 -185.54 -212.08
CA ASN K 203 -95.23 -185.74 -210.88
C ASN K 203 -95.77 -184.85 -209.76
N ASP K 204 -95.95 -185.44 -208.56
CA ASP K 204 -96.44 -184.77 -207.37
C ASP K 204 -95.90 -185.53 -206.15
N VAL K 205 -94.94 -184.91 -205.43
CA VAL K 205 -94.17 -185.57 -204.39
C VAL K 205 -94.21 -184.73 -203.11
N PHE K 206 -94.45 -185.39 -201.98
CA PHE K 206 -94.34 -184.79 -200.66
C PHE K 206 -93.10 -185.36 -199.94
N THR K 207 -92.22 -184.48 -199.48
CA THR K 207 -91.07 -184.84 -198.67
C THR K 207 -91.20 -184.22 -197.27
N PHE K 208 -90.96 -185.05 -196.26
CA PHE K 208 -90.97 -184.63 -194.86
C PHE K 208 -89.57 -184.78 -194.28
N SER K 209 -89.22 -183.89 -193.34
CA SER K 209 -88.10 -184.09 -192.43
C SER K 209 -88.57 -183.76 -191.02
N PHE K 210 -88.08 -184.53 -190.04
CA PHE K 210 -88.48 -184.40 -188.64
C PHE K 210 -87.46 -185.11 -187.76
N GLU K 211 -87.55 -184.89 -186.43
CA GLU K 211 -86.75 -185.61 -185.47
C GLU K 211 -87.68 -186.29 -184.45
N THR K 212 -87.59 -187.63 -184.35
CA THR K 212 -88.39 -188.39 -183.39
C THR K 212 -87.72 -188.30 -182.01
N LEU K 213 -88.45 -187.75 -181.02
CA LEU K 213 -87.87 -187.40 -179.73
C LEU K 213 -88.31 -188.36 -178.61
N ASP K 214 -89.50 -188.96 -178.75
CA ASP K 214 -90.10 -189.81 -177.72
C ASP K 214 -90.83 -190.98 -178.36
N ASN K 215 -90.98 -192.08 -177.60
CA ASN K 215 -91.53 -193.35 -178.08
C ASN K 215 -90.85 -193.76 -179.39
N ILE K 216 -89.51 -193.63 -179.43
CA ILE K 216 -88.72 -193.65 -180.66
C ILE K 216 -88.82 -194.99 -181.38
N PRO K 217 -88.51 -196.16 -180.75
CA PRO K 217 -88.71 -197.47 -181.38
C PRO K 217 -90.14 -197.68 -181.88
N ALA K 218 -91.14 -197.39 -181.04
CA ALA K 218 -92.54 -197.59 -181.38
C ALA K 218 -92.95 -196.78 -182.62
N THR K 219 -92.49 -195.52 -182.72
CA THR K 219 -92.81 -194.62 -183.82
C THR K 219 -92.15 -195.08 -185.13
N LEU K 220 -90.83 -195.30 -185.09
CA LEU K 220 -90.05 -195.65 -186.28
C LEU K 220 -90.39 -197.05 -186.79
N ASN K 221 -90.58 -197.99 -185.85
CA ASN K 221 -90.90 -199.37 -186.20
C ASN K 221 -92.32 -199.49 -186.74
N ALA K 222 -93.29 -198.75 -186.17
CA ALA K 222 -94.65 -198.73 -186.70
C ALA K 222 -94.65 -198.26 -188.16
N LEU K 223 -93.82 -197.25 -188.48
CA LEU K 223 -93.69 -196.75 -189.84
C LEU K 223 -93.04 -197.81 -190.75
N THR K 224 -91.85 -198.29 -190.37
CA THR K 224 -91.05 -199.16 -191.23
C THR K 224 -91.69 -200.55 -191.42
N ASP K 225 -92.35 -201.07 -190.37
CA ASP K 225 -93.01 -202.37 -190.46
C ASP K 225 -94.17 -202.29 -191.47
N ASN K 226 -95.04 -201.30 -191.31
CA ASN K 226 -96.30 -201.23 -192.04
C ASN K 226 -96.12 -200.69 -193.45
N VAL K 227 -95.11 -199.83 -193.67
CA VAL K 227 -94.90 -199.16 -194.95
C VAL K 227 -93.79 -199.84 -195.76
N PHE K 228 -92.63 -200.11 -195.12
CA PHE K 228 -91.42 -200.48 -195.83
C PHE K 228 -91.22 -202.00 -195.97
N ARG K 229 -91.54 -202.77 -194.91
CA ARG K 229 -91.26 -204.20 -194.89
C ARG K 229 -92.40 -205.05 -195.45
N GLU K 230 -93.64 -204.51 -195.45
CA GLU K 230 -94.77 -205.16 -196.11
C GLU K 230 -94.82 -204.78 -197.60
N GLN K 231 -95.38 -205.68 -198.43
CA GLN K 231 -95.77 -205.36 -199.80
C GLN K 231 -97.11 -204.62 -199.78
N LEU K 232 -97.21 -203.51 -200.51
CA LEU K 232 -98.37 -202.63 -200.47
C LEU K 232 -99.37 -202.94 -201.60
N GLY K 233 -99.00 -203.82 -202.54
CA GLY K 233 -99.87 -204.18 -203.67
C GLY K 233 -100.09 -203.00 -204.62
N ARG K 234 -101.34 -202.87 -205.12
CA ARG K 234 -101.76 -201.81 -206.03
C ARG K 234 -102.02 -200.50 -205.29
N ASP K 235 -102.35 -200.62 -203.99
CA ASP K 235 -102.65 -199.49 -203.12
C ASP K 235 -101.35 -198.91 -202.57
N GLY K 236 -101.47 -197.97 -201.63
CA GLY K 236 -100.31 -197.42 -200.94
C GLY K 236 -100.69 -196.85 -199.58
N VAL K 237 -99.81 -196.00 -199.06
CA VAL K 237 -100.03 -195.21 -197.87
C VAL K 237 -101.17 -194.23 -198.13
N THR K 238 -102.08 -194.08 -197.16
CA THR K 238 -102.90 -192.88 -197.07
C THR K 238 -102.13 -191.87 -196.21
N LEU K 239 -101.73 -190.76 -196.84
CA LEU K 239 -101.03 -189.66 -196.19
C LEU K 239 -102.02 -188.54 -195.92
N ASP K 240 -102.31 -188.29 -194.63
CA ASP K 240 -103.32 -187.32 -194.23
C ASP K 240 -102.67 -186.21 -193.41
N PHE K 241 -102.82 -184.97 -193.88
CA PHE K 241 -102.26 -183.80 -193.20
C PHE K 241 -103.15 -183.32 -192.05
N ASN K 242 -104.41 -183.77 -192.00
CA ASN K 242 -105.37 -183.42 -190.95
C ASN K 242 -105.53 -181.90 -190.80
N GLY K 243 -105.38 -181.15 -191.90
CA GLY K 243 -105.56 -179.71 -191.92
C GLY K 243 -104.29 -178.88 -191.64
N LEU K 244 -103.15 -179.51 -191.35
CA LEU K 244 -101.89 -178.77 -191.34
C LEU K 244 -101.60 -178.26 -192.74
N LEU K 245 -101.17 -176.98 -192.84
CA LEU K 245 -101.04 -176.23 -194.09
C LEU K 245 -102.36 -176.15 -194.86
N GLY K 246 -103.50 -176.46 -194.20
CA GLY K 246 -104.81 -176.55 -194.85
C GLY K 246 -105.02 -177.81 -195.70
N LEU K 247 -104.04 -178.73 -195.72
CA LEU K 247 -104.04 -179.91 -196.59
C LEU K 247 -104.92 -181.03 -196.01
N GLY K 248 -105.51 -181.83 -196.90
CA GLY K 248 -106.33 -182.99 -196.58
C GLY K 248 -105.56 -184.31 -196.72
N SER K 249 -106.26 -185.32 -197.27
CA SER K 249 -105.79 -186.71 -197.35
C SER K 249 -105.49 -187.10 -198.80
N VAL K 250 -104.36 -187.81 -198.99
CA VAL K 250 -103.78 -188.14 -200.30
C VAL K 250 -103.32 -189.60 -200.28
N LYS K 251 -103.53 -190.36 -201.36
CA LYS K 251 -102.94 -191.69 -201.50
C LYS K 251 -101.55 -191.57 -202.14
N ALA K 252 -100.56 -192.26 -201.58
CA ALA K 252 -99.16 -192.10 -201.96
C ALA K 252 -98.34 -193.35 -201.66
N ILE K 253 -97.09 -193.39 -202.17
CA ILE K 253 -96.18 -194.51 -201.93
C ILE K 253 -94.73 -194.00 -201.87
N PRO K 254 -93.85 -194.58 -201.01
CA PRO K 254 -92.39 -194.41 -201.16
C PRO K 254 -91.87 -195.06 -202.43
N VAL K 255 -90.86 -194.42 -203.07
CA VAL K 255 -90.36 -194.82 -204.38
C VAL K 255 -88.83 -194.81 -204.38
N GLY K 256 -88.22 -195.84 -205.00
CA GLY K 256 -86.79 -195.85 -205.27
C GLY K 256 -85.95 -196.36 -204.09
N SER K 257 -84.64 -196.07 -204.14
CA SER K 257 -83.63 -196.69 -203.29
C SER K 257 -83.48 -196.02 -201.92
N SER K 258 -83.90 -194.75 -201.79
CA SER K 258 -83.61 -193.96 -200.58
C SER K 258 -84.75 -193.01 -200.17
N PRO K 259 -86.06 -193.42 -200.23
CA PRO K 259 -87.16 -192.54 -199.80
C PRO K 259 -87.29 -192.32 -198.29
N PHE K 260 -86.64 -193.16 -197.48
CA PHE K 260 -86.64 -192.98 -196.02
C PHE K 260 -85.25 -193.29 -195.43
N ARG K 261 -84.84 -192.48 -194.44
CA ARG K 261 -83.55 -192.66 -193.77
C ARG K 261 -83.66 -192.32 -192.27
N GLN K 262 -83.08 -193.18 -191.43
CA GLN K 262 -82.94 -192.95 -189.99
C GLN K 262 -81.47 -192.63 -189.70
N VAL K 263 -81.21 -191.47 -189.07
CA VAL K 263 -79.86 -190.99 -188.83
C VAL K 263 -79.60 -190.87 -187.32
N HIS K 264 -78.48 -191.46 -186.88
CA HIS K 264 -78.02 -191.45 -185.50
C HIS K 264 -76.70 -190.69 -185.43
N GLN K 265 -76.64 -189.67 -184.56
CA GLN K 265 -75.46 -188.83 -184.44
C GLN K 265 -74.82 -189.04 -183.07
N ALA K 266 -73.48 -188.99 -183.06
CA ALA K 266 -72.68 -189.11 -181.83
C ALA K 266 -73.18 -188.10 -180.80
N GLY K 267 -73.45 -188.58 -179.58
CA GLY K 267 -73.81 -187.72 -178.45
C GLY K 267 -75.28 -187.29 -178.38
N ARG K 268 -76.12 -187.70 -179.36
CA ARG K 268 -77.53 -187.33 -179.37
C ARG K 268 -78.41 -188.52 -179.00
N GLY K 269 -79.26 -188.33 -177.98
CA GLY K 269 -80.13 -189.38 -177.47
C GLY K 269 -81.43 -189.56 -178.24
N TRP K 270 -81.46 -189.22 -179.55
CA TRP K 270 -82.65 -189.30 -180.38
C TRP K 270 -82.29 -189.52 -181.86
N VAL K 271 -83.31 -189.73 -182.70
CA VAL K 271 -83.14 -190.11 -184.11
C VAL K 271 -83.65 -188.98 -185.01
N THR K 272 -82.87 -188.69 -186.07
CA THR K 272 -83.19 -187.71 -187.10
C THR K 272 -83.70 -188.43 -188.36
N VAL K 273 -84.76 -187.88 -188.98
CA VAL K 273 -85.21 -188.32 -190.29
C VAL K 273 -84.90 -187.18 -191.29
N PRO K 274 -83.81 -187.30 -192.09
CA PRO K 274 -83.48 -186.28 -193.12
C PRO K 274 -84.55 -186.17 -194.21
N THR K 275 -85.11 -187.32 -194.60
CA THR K 275 -86.18 -187.40 -195.60
C THR K 275 -87.12 -188.58 -195.29
N LEU K 276 -88.42 -188.31 -195.41
CA LEU K 276 -89.43 -189.32 -195.69
C LEU K 276 -90.23 -188.84 -196.90
N GLU K 277 -90.13 -189.57 -198.03
CA GLU K 277 -90.53 -189.06 -199.34
C GLU K 277 -91.61 -189.97 -199.95
N PHE K 278 -92.77 -189.37 -200.26
CA PHE K 278 -93.90 -190.08 -200.84
C PHE K 278 -94.28 -189.47 -202.19
N ARG K 279 -94.35 -190.30 -203.24
CA ARG K 279 -94.97 -189.87 -204.49
C ARG K 279 -96.47 -190.15 -204.42
N ARG K 280 -97.28 -189.16 -204.84
CA ARG K 280 -98.73 -189.31 -204.93
C ARG K 280 -99.09 -190.30 -206.04
N ILE K 281 -100.06 -191.19 -205.76
CA ILE K 281 -100.45 -192.27 -206.67
C ILE K 281 -101.90 -192.09 -207.11
N TYR K 282 -102.36 -192.97 -208.02
CA TYR K 282 -103.69 -192.92 -208.59
C TYR K 282 -104.77 -193.07 -207.51
N SER K 283 -105.58 -192.02 -207.34
CA SER K 283 -106.80 -192.03 -206.53
C SER K 283 -107.80 -190.96 -206.99
N ASN K 284 -107.64 -190.45 -208.23
CA ASN K 284 -108.45 -189.36 -208.76
C ASN K 284 -109.65 -189.91 -209.54
N GLU K 285 -110.27 -190.97 -208.99
CA GLU K 285 -111.31 -191.78 -209.60
C GLU K 285 -112.68 -191.12 -209.40
N VAL L 2 -72.50 -199.63 -176.27
CA VAL L 2 -71.40 -198.89 -176.95
C VAL L 2 -71.19 -199.49 -178.35
N ASP L 3 -70.55 -200.67 -178.41
CA ASP L 3 -70.10 -201.26 -179.67
C ASP L 3 -71.25 -201.92 -180.45
N ALA L 4 -71.14 -201.93 -181.79
CA ALA L 4 -71.82 -202.88 -182.64
C ALA L 4 -70.96 -204.14 -182.78
N THR L 5 -71.59 -205.30 -182.91
CA THR L 5 -70.88 -206.57 -183.12
C THR L 5 -71.22 -207.12 -184.50
N LEU L 6 -70.18 -207.48 -185.27
CA LEU L 6 -70.33 -208.14 -186.56
C LEU L 6 -69.65 -209.52 -186.49
N SER L 7 -70.36 -210.60 -186.85
CA SER L 7 -69.87 -211.96 -186.60
C SER L 7 -70.29 -212.97 -187.67
N ARG L 8 -69.53 -214.08 -187.74
CA ARG L 8 -69.63 -215.14 -188.74
C ARG L 8 -69.32 -216.48 -188.07
N GLY L 9 -70.35 -217.08 -187.43
CA GLY L 9 -70.16 -218.27 -186.61
C GLY L 9 -69.25 -217.96 -185.41
N GLY L 10 -68.07 -218.58 -185.39
CA GLY L 10 -67.09 -218.41 -184.32
C GLY L 10 -66.31 -217.10 -184.38
N THR L 11 -66.12 -216.53 -185.58
CA THR L 11 -65.40 -215.27 -185.75
C THR L 11 -66.31 -214.09 -185.40
N SER L 12 -65.80 -213.15 -184.58
CA SER L 12 -66.57 -211.99 -184.13
C SER L 12 -65.66 -210.76 -184.00
N VAL L 13 -66.20 -209.58 -184.36
CA VAL L 13 -65.53 -208.29 -184.20
C VAL L 13 -66.50 -207.29 -183.56
N ASP L 14 -66.01 -206.56 -182.55
CA ASP L 14 -66.73 -205.43 -181.96
C ASP L 14 -66.18 -204.13 -182.54
N ILE L 15 -67.09 -203.28 -183.04
CA ILE L 15 -66.77 -201.96 -183.59
C ILE L 15 -67.37 -200.92 -182.65
N PRO L 16 -66.54 -200.16 -181.89
CA PRO L 16 -67.02 -199.20 -180.90
C PRO L 16 -68.16 -198.22 -181.17
N LEU L 17 -68.42 -197.87 -182.44
CA LEU L 17 -69.40 -196.86 -182.85
C LEU L 17 -69.25 -195.57 -182.02
N VAL L 18 -68.06 -194.98 -182.09
CA VAL L 18 -67.77 -193.69 -181.48
C VAL L 18 -67.21 -192.75 -182.55
N GLU L 19 -67.54 -191.45 -182.40
CA GLU L 19 -67.02 -190.40 -183.27
C GLU L 19 -66.91 -189.08 -182.51
N GLU L 20 -66.19 -188.13 -183.11
CA GLU L 20 -66.02 -186.77 -182.62
C GLU L 20 -67.35 -186.02 -182.69
N GLY L 21 -67.67 -185.28 -181.62
CA GLY L 21 -68.71 -184.27 -181.64
C GLY L 21 -70.09 -184.81 -182.03
N GLY L 22 -70.67 -184.27 -183.12
CA GLY L 22 -72.00 -184.62 -183.57
C GLY L 22 -72.06 -185.35 -184.92
N GLU L 23 -71.00 -186.10 -185.28
CA GLU L 23 -70.92 -186.81 -186.56
C GLU L 23 -71.88 -188.01 -186.60
N ILE L 24 -72.24 -188.45 -187.83
CA ILE L 24 -73.17 -189.55 -188.05
C ILE L 24 -72.47 -190.88 -187.79
N LEU L 25 -73.04 -191.67 -186.85
CA LEU L 25 -72.51 -192.97 -186.45
C LEU L 25 -73.19 -194.11 -187.20
N LEU L 26 -74.52 -193.98 -187.37
CA LEU L 26 -75.33 -195.00 -187.98
C LEU L 26 -76.45 -194.34 -188.79
N SER L 27 -76.34 -194.50 -190.12
CA SER L 27 -77.43 -194.21 -191.03
C SER L 27 -78.07 -195.53 -191.44
N SER L 28 -79.40 -195.64 -191.32
CA SER L 28 -80.12 -196.74 -191.93
C SER L 28 -81.07 -196.20 -192.99
N THR L 29 -80.93 -196.69 -194.23
CA THR L 29 -81.75 -196.28 -195.36
C THR L 29 -82.73 -197.41 -195.72
N PHE L 30 -84.01 -197.05 -195.85
CA PHE L 30 -85.05 -197.98 -196.29
C PHE L 30 -85.55 -197.54 -197.66
N GLY L 31 -85.86 -198.52 -198.53
CA GLY L 31 -86.36 -198.20 -199.84
C GLY L 31 -87.13 -199.35 -200.48
N LYS L 32 -87.75 -199.03 -201.63
CA LYS L 32 -88.46 -199.98 -202.46
C LYS L 32 -87.90 -199.87 -203.89
N PRO L 33 -86.73 -200.48 -204.19
CA PRO L 33 -86.17 -200.42 -205.55
C PRO L 33 -87.09 -201.04 -206.61
N GLU L 34 -87.99 -201.93 -206.17
CA GLU L 34 -88.76 -202.82 -207.05
C GLU L 34 -90.24 -202.44 -207.13
N VAL L 35 -90.63 -201.22 -206.72
CA VAL L 35 -91.96 -200.73 -207.08
C VAL L 35 -91.95 -200.36 -208.56
N ASN L 36 -93.02 -200.74 -209.26
CA ASN L 36 -93.25 -200.29 -210.62
C ASN L 36 -94.23 -199.11 -210.60
N VAL L 37 -93.68 -197.89 -210.49
CA VAL L 37 -94.44 -196.68 -210.74
C VAL L 37 -94.50 -196.49 -212.26
N ARG L 38 -95.72 -196.44 -212.83
CA ARG L 38 -95.90 -196.31 -214.27
C ARG L 38 -95.49 -194.90 -214.73
N LYS L 39 -94.69 -194.83 -215.79
CA LYS L 39 -94.12 -193.57 -216.27
C LYS L 39 -95.16 -192.72 -217.02
N SER L 40 -96.26 -193.36 -217.47
CA SER L 40 -97.27 -192.75 -218.31
C SER L 40 -98.64 -193.38 -218.02
N GLY L 41 -99.64 -193.12 -218.89
CA GLY L 41 -101.05 -193.47 -218.66
C GLY L 41 -101.92 -192.23 -218.50
N GLY L 42 -103.25 -192.38 -218.63
CA GLY L 42 -104.16 -191.25 -218.77
C GLY L 42 -104.63 -190.60 -217.46
N SER L 43 -104.12 -191.07 -216.30
CA SER L 43 -104.44 -190.51 -214.98
C SER L 43 -103.58 -189.28 -214.68
N LEU L 44 -104.00 -188.43 -213.73
CA LEU L 44 -103.17 -187.32 -213.25
C LEU L 44 -101.98 -187.85 -212.45
N ASN L 45 -102.20 -188.90 -211.64
CA ASN L 45 -101.18 -189.52 -210.79
C ASN L 45 -101.03 -190.99 -211.21
N PRO L 46 -99.82 -191.60 -211.16
CA PRO L 46 -99.61 -192.93 -211.73
C PRO L 46 -100.24 -194.06 -210.92
N ARG L 47 -100.64 -195.13 -211.62
CA ARG L 47 -100.85 -196.42 -210.99
C ARG L 47 -99.49 -197.02 -210.61
N VAL L 48 -99.49 -197.84 -209.55
CA VAL L 48 -98.29 -198.44 -208.99
C VAL L 48 -98.55 -199.90 -208.64
N ILE L 49 -97.46 -200.66 -208.44
CA ILE L 49 -97.52 -202.01 -207.91
C ILE L 49 -96.26 -202.28 -207.07
N ASP L 50 -96.49 -202.70 -205.82
CA ASP L 50 -95.45 -203.12 -204.88
C ASP L 50 -95.64 -204.61 -204.59
N SER L 51 -94.61 -205.43 -204.89
CA SER L 51 -94.82 -206.88 -205.01
C SER L 51 -93.60 -207.71 -204.61
N TRP L 52 -92.54 -207.05 -204.12
CA TRP L 52 -91.22 -207.67 -203.92
C TRP L 52 -90.67 -207.24 -202.56
N SER L 53 -89.56 -207.88 -202.14
CA SER L 53 -88.80 -207.48 -200.97
C SER L 53 -88.32 -206.04 -201.09
N GLY L 54 -88.24 -205.34 -199.94
CA GLY L 54 -87.69 -204.01 -199.86
C GLY L 54 -86.17 -204.03 -199.71
N LEU L 55 -85.58 -202.83 -199.66
CA LEU L 55 -84.17 -202.63 -199.36
C LEU L 55 -84.05 -202.02 -197.96
N GLN L 56 -83.15 -202.58 -197.14
CA GLN L 56 -82.63 -201.87 -195.98
C GLN L 56 -81.10 -201.90 -196.01
N THR L 57 -80.50 -200.74 -195.74
CA THR L 57 -79.05 -200.56 -195.74
C THR L 57 -78.63 -199.94 -194.40
N PHE L 58 -77.42 -200.30 -193.96
CA PHE L 58 -76.78 -199.67 -192.80
C PHE L 58 -75.42 -199.11 -193.23
N GLN L 59 -75.21 -197.82 -192.97
CA GLN L 59 -73.87 -197.25 -192.98
C GLN L 59 -73.43 -197.04 -191.53
N LEU L 60 -72.39 -197.79 -191.11
CA LEU L 60 -71.80 -197.68 -189.78
C LEU L 60 -70.49 -196.90 -189.90
N VAL L 61 -70.28 -195.94 -188.98
CA VAL L 61 -69.03 -195.22 -188.86
C VAL L 61 -68.54 -195.38 -187.42
N GLY L 62 -67.24 -195.68 -187.26
CA GLY L 62 -66.66 -195.86 -185.94
C GLY L 62 -65.14 -195.88 -185.99
N LYS L 63 -64.52 -196.21 -184.85
CA LYS L 63 -63.08 -196.28 -184.70
C LYS L 63 -62.66 -197.60 -184.07
N LEU L 64 -61.50 -198.12 -184.48
CA LEU L 64 -60.89 -199.28 -183.86
C LEU L 64 -59.57 -198.87 -183.20
N TYR L 65 -59.26 -199.53 -182.06
CA TYR L 65 -58.13 -199.18 -181.21
C TYR L 65 -56.95 -200.15 -181.38
N ASP L 66 -56.99 -200.96 -182.44
CA ASP L 66 -56.06 -202.06 -182.64
C ASP L 66 -56.03 -202.42 -184.12
N TYR L 67 -54.82 -202.45 -184.70
CA TYR L 67 -54.63 -202.82 -186.10
C TYR L 67 -55.01 -204.29 -186.35
N SER L 68 -54.74 -205.17 -185.37
CA SER L 68 -55.03 -206.60 -185.47
C SER L 68 -56.52 -206.84 -185.74
N THR L 69 -57.38 -206.18 -184.94
CA THR L 69 -58.83 -206.19 -185.08
C THR L 69 -59.27 -205.65 -186.45
N SER L 70 -58.56 -204.61 -186.94
CA SER L 70 -58.84 -204.00 -188.23
C SER L 70 -58.62 -205.01 -189.38
N HIS L 71 -57.58 -205.86 -189.25
CA HIS L 71 -57.33 -206.89 -190.24
C HIS L 71 -58.37 -208.00 -190.14
N GLN L 72 -58.80 -208.34 -188.92
CA GLN L 72 -59.86 -209.33 -188.71
C GLN L 72 -61.15 -208.85 -189.37
N LEU L 73 -61.45 -207.54 -189.25
CA LEU L 73 -62.64 -206.96 -189.85
C LEU L 73 -62.57 -207.00 -191.39
N ALA L 74 -61.41 -206.69 -191.97
CA ALA L 74 -61.20 -206.76 -193.41
C ALA L 74 -61.38 -208.18 -193.94
N ASP L 75 -60.80 -209.16 -193.23
CA ASP L 75 -60.88 -210.58 -193.57
C ASP L 75 -62.32 -211.09 -193.47
N LEU L 76 -63.03 -210.66 -192.41
CA LEU L 76 -64.42 -211.00 -192.12
C LEU L 76 -65.35 -210.51 -193.24
N VAL L 77 -65.17 -209.26 -193.68
CA VAL L 77 -65.97 -208.65 -194.74
C VAL L 77 -65.66 -209.29 -196.10
N LYS L 78 -64.38 -209.59 -196.38
CA LYS L 78 -63.99 -210.07 -197.70
C LYS L 78 -64.30 -211.57 -197.92
N THR L 79 -64.31 -212.37 -196.84
CA THR L 79 -64.51 -213.82 -196.86
C THR L 79 -65.85 -214.20 -197.50
N ALA L 80 -65.82 -215.21 -198.40
CA ALA L 80 -67.03 -215.87 -198.86
C ALA L 80 -67.37 -217.04 -197.93
N SER L 81 -68.55 -216.99 -197.31
CA SER L 81 -69.12 -218.12 -196.58
C SER L 81 -70.64 -218.03 -196.61
N THR L 82 -71.30 -219.20 -196.71
CA THR L 82 -72.75 -219.33 -196.61
C THR L 82 -73.24 -219.24 -195.16
N THR L 83 -72.32 -219.29 -194.18
CA THR L 83 -72.63 -218.98 -192.79
C THR L 83 -73.15 -217.54 -192.73
N PRO L 84 -74.34 -217.27 -192.13
CA PRO L 84 -74.86 -215.90 -192.03
C PRO L 84 -73.88 -214.93 -191.37
N LEU L 85 -73.66 -213.78 -192.04
CA LEU L 85 -72.96 -212.65 -191.44
C LEU L 85 -73.98 -211.84 -190.63
N GLU L 86 -73.83 -211.86 -189.30
CA GLU L 86 -74.81 -211.31 -188.37
C GLU L 86 -74.31 -209.98 -187.80
N LEU L 87 -75.18 -208.96 -187.84
CA LEU L 87 -74.90 -207.65 -187.26
C LEU L 87 -75.81 -207.41 -186.04
N GLN L 88 -75.19 -206.99 -184.92
CA GLN L 88 -75.90 -206.57 -183.71
C GLN L 88 -75.73 -205.06 -183.54
N ILE L 89 -76.86 -204.33 -183.50
CA ILE L 89 -76.86 -202.87 -183.40
C ILE L 89 -77.29 -202.46 -181.99
N PRO L 90 -76.49 -201.62 -181.27
CA PRO L 90 -76.81 -201.22 -179.89
C PRO L 90 -77.81 -200.06 -179.74
N GLN L 91 -78.91 -200.10 -180.52
CA GLN L 91 -79.96 -199.08 -180.47
C GLN L 91 -81.33 -199.75 -180.59
N ASP L 92 -82.30 -199.31 -179.77
CA ASP L 92 -83.55 -200.01 -179.50
C ASP L 92 -84.50 -200.11 -180.70
N ALA L 93 -84.30 -199.28 -181.74
CA ALA L 93 -85.12 -199.34 -182.95
C ALA L 93 -84.91 -200.65 -183.71
N TYR L 94 -83.70 -201.21 -183.66
CA TYR L 94 -83.29 -202.38 -184.43
C TYR L 94 -83.52 -203.66 -183.63
N PRO L 95 -83.79 -204.82 -184.29
CA PRO L 95 -83.82 -206.10 -183.59
C PRO L 95 -82.40 -206.47 -183.16
N ASP L 96 -82.28 -207.41 -182.22
CA ASP L 96 -81.02 -207.76 -181.56
C ASP L 96 -79.97 -208.25 -182.56
N THR L 97 -80.41 -208.95 -183.63
CA THR L 97 -79.58 -209.33 -184.76
C THR L 97 -80.30 -209.04 -186.07
N VAL L 98 -79.54 -208.66 -187.10
CA VAL L 98 -79.96 -208.67 -188.50
C VAL L 98 -78.89 -209.41 -189.32
N THR L 99 -79.33 -210.23 -190.29
CA THR L 99 -78.40 -210.84 -191.23
C THR L 99 -78.10 -209.84 -192.35
N VAL L 100 -76.84 -209.79 -192.79
CA VAL L 100 -76.38 -208.76 -193.73
C VAL L 100 -75.46 -209.35 -194.79
N ALA L 101 -75.33 -208.60 -195.89
CA ALA L 101 -74.29 -208.77 -196.89
C ALA L 101 -73.45 -207.48 -196.92
N PRO L 102 -72.12 -207.56 -197.23
CA PRO L 102 -71.38 -206.36 -197.63
C PRO L 102 -72.09 -205.68 -198.80
N ALA L 103 -72.11 -204.33 -198.81
CA ALA L 103 -73.00 -203.51 -199.62
C ALA L 103 -73.18 -204.05 -201.05
N ALA L 104 -74.44 -204.25 -201.45
CA ALA L 104 -74.90 -205.21 -202.45
C ALA L 104 -74.05 -205.27 -203.74
N GLY L 105 -73.72 -204.11 -204.32
CA GLY L 105 -72.99 -204.07 -205.59
C GLY L 105 -71.71 -203.24 -205.57
N GLN L 106 -71.16 -203.01 -204.37
CA GLN L 106 -70.15 -201.97 -204.18
C GLN L 106 -68.74 -202.55 -204.12
N ALA L 107 -67.81 -201.81 -204.75
CA ALA L 107 -66.37 -202.05 -204.65
C ALA L 107 -65.86 -201.72 -203.24
N SER L 108 -66.51 -200.76 -202.56
CA SER L 108 -66.11 -200.28 -201.25
C SER L 108 -67.22 -200.51 -200.21
N ALA L 109 -67.33 -201.75 -199.70
CA ALA L 109 -68.24 -202.11 -198.62
C ALA L 109 -67.64 -201.73 -197.26
N LEU L 110 -66.32 -201.88 -197.12
CA LEU L 110 -65.57 -201.48 -195.94
C LEU L 110 -64.44 -200.54 -196.35
N THR L 111 -64.23 -199.48 -195.55
CA THR L 111 -63.07 -198.62 -195.64
C THR L 111 -62.40 -198.53 -194.27
N LEU L 112 -61.08 -198.72 -194.27
CA LEU L 112 -60.23 -198.55 -193.09
C LEU L 112 -59.23 -197.45 -193.38
N GLU L 113 -59.18 -196.42 -192.51
CA GLU L 113 -58.21 -195.34 -192.66
C GLU L 113 -57.25 -195.35 -191.48
N TYR L 114 -55.96 -195.37 -191.81
CA TYR L 114 -54.85 -195.30 -190.86
C TYR L 114 -54.16 -193.95 -191.09
N PRO L 115 -54.74 -192.83 -190.57
CA PRO L 115 -54.24 -191.49 -190.88
C PRO L 115 -52.89 -191.19 -190.21
N ALA L 116 -52.20 -190.16 -190.73
CA ALA L 116 -50.99 -189.63 -190.13
C ALA L 116 -51.28 -189.11 -188.72
N GLY L 117 -50.28 -189.23 -187.82
CA GLY L 117 -50.49 -189.05 -186.39
C GLY L 117 -51.12 -190.32 -185.82
N ARG L 118 -52.12 -190.15 -184.92
CA ARG L 118 -53.21 -191.11 -184.72
C ARG L 118 -52.75 -192.56 -184.48
N LYS L 119 -51.75 -192.75 -183.60
CA LYS L 119 -51.27 -194.08 -183.23
C LYS L 119 -52.40 -194.87 -182.57
N ASP L 120 -52.58 -196.14 -182.98
CA ASP L 120 -53.60 -197.05 -182.45
C ASP L 120 -55.02 -196.49 -182.60
N LEU L 121 -55.27 -195.71 -183.67
CA LEU L 121 -56.60 -195.34 -184.11
C LEU L 121 -56.76 -195.69 -185.58
N VAL L 122 -57.86 -196.38 -185.91
CA VAL L 122 -58.26 -196.66 -187.29
C VAL L 122 -59.70 -196.17 -187.45
N ASP L 123 -59.96 -195.36 -188.49
CA ASP L 123 -61.33 -195.02 -188.84
C ASP L 123 -61.94 -196.18 -189.62
N VAL L 124 -63.14 -196.62 -189.20
CA VAL L 124 -63.91 -197.66 -189.87
C VAL L 124 -65.17 -197.04 -190.48
N SER L 125 -65.41 -197.34 -191.76
CA SER L 125 -66.72 -197.12 -192.35
C SER L 125 -67.19 -198.41 -193.03
N LEU L 126 -68.37 -198.91 -192.60
CA LEU L 126 -69.01 -200.10 -193.16
C LEU L 126 -70.32 -199.70 -193.86
N SER L 127 -70.55 -200.25 -195.05
CA SER L 127 -71.87 -200.30 -195.68
C SER L 127 -72.33 -201.76 -195.76
N LEU L 128 -73.54 -202.03 -195.22
CA LEU L 128 -74.10 -203.38 -195.16
C LEU L 128 -75.55 -203.35 -195.67
N THR L 129 -75.94 -204.36 -196.46
CA THR L 129 -77.32 -204.52 -196.93
C THR L 129 -77.99 -205.62 -196.11
N ARG L 130 -79.21 -205.37 -195.61
CA ARG L 130 -79.97 -206.39 -194.90
C ARG L 130 -80.45 -207.47 -195.89
N VAL L 131 -80.37 -208.74 -195.46
CA VAL L 131 -80.79 -209.90 -196.26
C VAL L 131 -81.59 -210.85 -195.36
N ASP L 132 -82.42 -211.71 -195.97
CA ASP L 132 -83.27 -212.62 -195.22
C ASP L 132 -82.43 -213.73 -194.59
N PRO L 133 -82.52 -213.96 -193.25
CA PRO L 133 -81.69 -214.95 -192.55
C PRO L 133 -81.74 -216.41 -193.04
N ASN L 134 -82.85 -216.79 -193.68
CA ASN L 134 -83.07 -218.15 -194.16
C ASN L 134 -82.67 -218.29 -195.63
N SER L 135 -82.25 -217.17 -196.25
CA SER L 135 -82.09 -217.05 -197.70
C SER L 135 -80.65 -216.72 -198.09
N VAL L 136 -79.67 -217.26 -197.36
CA VAL L 136 -78.25 -217.15 -197.70
C VAL L 136 -77.83 -218.44 -198.40
N ARG L 137 -77.41 -218.33 -199.67
CA ARG L 137 -77.20 -219.47 -200.56
C ARG L 137 -75.81 -219.36 -201.22
N GLY L 138 -75.16 -220.50 -201.50
CA GLY L 138 -73.85 -220.52 -202.13
C GLY L 138 -73.28 -221.92 -202.31
N VAL L 139 -72.20 -222.03 -203.11
CA VAL L 139 -71.54 -223.30 -203.41
C VAL L 139 -70.62 -223.71 -202.27
N GLY L 140 -69.71 -222.81 -201.86
CA GLY L 140 -68.65 -223.13 -200.93
C GLY L 140 -67.84 -221.91 -200.49
N ASP L 141 -67.03 -222.11 -199.44
CA ASP L 141 -66.34 -221.04 -198.72
C ASP L 141 -65.01 -220.68 -199.39
N GLN L 142 -64.61 -219.41 -199.22
CA GLN L 142 -63.24 -218.94 -199.44
C GLN L 142 -62.86 -218.01 -198.28
N GLN L 143 -62.06 -218.53 -197.34
CA GLN L 143 -61.54 -217.74 -196.24
C GLN L 143 -60.52 -216.74 -196.78
N ALA L 144 -60.80 -215.44 -196.61
CA ALA L 144 -59.85 -214.38 -196.93
C ALA L 144 -58.87 -214.21 -195.78
N THR L 145 -57.63 -213.82 -196.11
CA THR L 145 -56.59 -213.55 -195.12
C THR L 145 -55.77 -212.31 -195.53
N THR L 146 -55.30 -211.59 -194.50
CA THR L 146 -54.39 -210.47 -194.65
C THR L 146 -53.01 -210.89 -194.14
N PRO L 147 -51.94 -210.82 -194.98
CA PRO L 147 -50.58 -211.15 -194.54
C PRO L 147 -50.12 -210.24 -193.38
N THR L 148 -49.46 -210.84 -192.39
CA THR L 148 -48.98 -210.12 -191.21
C THR L 148 -47.53 -210.50 -190.88
N THR L 149 -46.77 -209.52 -190.35
CA THR L 149 -45.41 -209.71 -189.85
C THR L 149 -45.10 -208.69 -188.76
N THR L 150 -44.04 -208.94 -187.98
CA THR L 150 -43.77 -208.21 -186.73
C THR L 150 -42.75 -207.07 -186.91
N GLY L 151 -42.33 -206.79 -188.16
CA GLY L 151 -41.29 -205.80 -188.42
C GLY L 151 -41.74 -204.36 -188.19
N THR L 152 -40.83 -203.40 -188.47
CA THR L 152 -41.08 -201.97 -188.36
C THR L 152 -40.49 -201.23 -189.57
N GLY L 153 -40.21 -201.96 -190.66
CA GLY L 153 -39.56 -201.38 -191.82
C GLY L 153 -40.46 -200.44 -192.62
N PRO L 154 -39.91 -199.66 -193.59
CA PRO L 154 -40.74 -198.81 -194.46
C PRO L 154 -41.61 -199.64 -195.40
N VAL L 155 -42.71 -199.02 -195.88
CA VAL L 155 -43.50 -199.62 -196.95
C VAL L 155 -42.65 -199.65 -198.22
N GLU L 156 -42.49 -200.84 -198.80
CA GLU L 156 -41.64 -201.05 -199.96
C GLU L 156 -42.46 -201.52 -201.17
N VAL L 157 -42.24 -200.84 -202.30
CA VAL L 157 -42.86 -201.15 -203.57
C VAL L 157 -41.79 -201.77 -204.47
N THR L 158 -41.99 -203.02 -204.92
CA THR L 158 -40.98 -203.75 -205.68
C THR L 158 -41.51 -204.12 -207.07
N ALA L 159 -40.78 -203.71 -208.12
CA ALA L 159 -41.05 -204.12 -209.50
C ALA L 159 -39.75 -204.07 -210.32
N GLY L 160 -39.61 -204.97 -211.30
CA GLY L 160 -38.42 -205.06 -212.14
C GLY L 160 -37.14 -205.31 -211.34
N GLY L 161 -37.25 -206.06 -210.23
CA GLY L 161 -36.13 -206.35 -209.35
C GLY L 161 -35.65 -205.15 -208.52
N THR L 162 -36.34 -204.00 -208.63
CA THR L 162 -35.98 -202.75 -207.98
C THR L 162 -37.00 -202.42 -206.89
N THR L 163 -36.51 -202.10 -205.67
CA THR L 163 -37.36 -201.79 -204.52
C THR L 163 -37.31 -200.30 -204.18
N VAL L 164 -38.49 -199.70 -203.96
CA VAL L 164 -38.65 -198.28 -203.64
C VAL L 164 -39.33 -198.15 -202.28
N GLN L 165 -38.68 -197.46 -201.34
CA GLN L 165 -39.22 -197.22 -200.01
C GLN L 165 -40.06 -195.94 -200.04
N LEU L 166 -41.35 -196.05 -199.64
CA LEU L 166 -42.21 -194.89 -199.56
C LEU L 166 -41.79 -194.02 -198.37
N PRO L 167 -41.78 -192.67 -198.50
CA PRO L 167 -41.45 -191.78 -197.37
C PRO L 167 -42.40 -192.00 -196.18
N SER L 168 -41.83 -191.89 -194.98
CA SER L 168 -42.59 -191.86 -193.73
C SER L 168 -43.36 -190.54 -193.59
N SER L 169 -42.80 -189.46 -194.17
CA SER L 169 -43.27 -188.09 -193.99
C SER L 169 -44.66 -187.87 -194.60
N GLY L 170 -45.64 -187.60 -193.71
CA GLY L 170 -47.02 -187.36 -194.09
C GLY L 170 -47.77 -188.61 -194.55
N LEU L 171 -47.19 -189.80 -194.33
CA LEU L 171 -47.75 -191.05 -194.82
C LEU L 171 -49.12 -191.31 -194.18
N SER L 172 -50.11 -191.67 -195.03
CA SER L 172 -51.42 -192.17 -194.62
C SER L 172 -51.77 -193.40 -195.46
N VAL L 173 -52.43 -194.38 -194.84
CA VAL L 173 -52.91 -195.58 -195.54
C VAL L 173 -54.43 -195.62 -195.46
N GLU L 174 -55.09 -195.83 -196.61
CA GLU L 174 -56.51 -196.14 -196.69
C GLU L 174 -56.66 -197.50 -197.40
N ARG L 175 -57.29 -198.47 -196.72
CA ARG L 175 -57.62 -199.76 -197.32
C ARG L 175 -59.13 -199.84 -197.55
N THR L 176 -59.55 -200.26 -198.75
CA THR L 176 -60.96 -200.52 -199.03
C THR L 176 -61.17 -201.95 -199.50
N VAL L 177 -62.34 -202.52 -199.14
CA VAL L 177 -62.68 -203.93 -199.36
C VAL L 177 -64.15 -204.01 -199.77
N GLY L 178 -64.48 -204.94 -200.68
CA GLY L 178 -65.87 -205.15 -201.07
C GLY L 178 -66.08 -206.43 -201.88
N ARG L 179 -67.35 -206.83 -201.98
CA ARG L 179 -67.76 -208.07 -202.65
C ARG L 179 -68.78 -207.75 -203.76
N PRO L 180 -68.38 -207.06 -204.86
CA PRO L 180 -69.32 -206.70 -205.92
C PRO L 180 -69.85 -207.85 -206.77
N ASN L 181 -69.24 -209.05 -206.64
CA ASN L 181 -69.60 -210.23 -207.43
C ASN L 181 -70.61 -211.13 -206.73
N ASP L 182 -70.99 -210.82 -205.47
CA ASP L 182 -72.15 -211.43 -204.85
C ASP L 182 -73.41 -210.86 -205.49
N ALA L 183 -74.53 -211.60 -205.41
CA ALA L 183 -75.82 -211.10 -205.86
C ALA L 183 -76.81 -211.03 -204.70
N VAL L 184 -77.36 -209.83 -204.46
CA VAL L 184 -78.50 -209.63 -203.57
C VAL L 184 -79.73 -209.45 -204.47
N ARG L 185 -80.74 -210.32 -204.30
CA ARG L 185 -81.82 -210.47 -205.27
C ARG L 185 -83.18 -210.29 -204.62
N ARG L 186 -84.09 -209.64 -205.37
CA ARG L 186 -85.50 -209.50 -205.03
C ARG L 186 -86.16 -210.88 -204.89
N VAL L 187 -87.08 -210.98 -203.92
CA VAL L 187 -87.91 -212.16 -203.71
C VAL L 187 -89.37 -211.72 -203.59
N PRO L 188 -90.36 -212.53 -204.05
CA PRO L 188 -91.77 -212.18 -203.88
C PRO L 188 -92.20 -212.30 -202.41
N ARG L 189 -93.19 -211.50 -202.00
CA ARG L 189 -94.07 -211.79 -200.86
C ARG L 189 -93.31 -211.93 -199.53
N GLN L 190 -92.15 -211.25 -199.40
CA GLN L 190 -91.20 -211.44 -198.30
C GLN L 190 -90.48 -210.11 -198.06
N ALA L 191 -90.04 -209.84 -196.82
CA ALA L 191 -89.59 -208.51 -196.43
C ALA L 191 -88.21 -208.15 -197.00
N ASP L 192 -87.27 -209.11 -196.95
CA ASP L 192 -85.85 -208.87 -197.20
C ASP L 192 -85.35 -209.74 -198.35
N PRO L 193 -84.33 -209.29 -199.13
CA PRO L 193 -83.85 -210.03 -200.30
C PRO L 193 -83.05 -211.30 -199.98
N ARG L 194 -82.88 -212.13 -201.01
CA ARG L 194 -82.07 -213.34 -200.97
C ARG L 194 -80.62 -212.98 -201.30
N TYR L 195 -79.67 -213.68 -200.64
CA TYR L 195 -78.24 -213.40 -200.76
C TYR L 195 -77.52 -214.61 -201.38
N GLU L 196 -76.95 -214.40 -202.58
CA GLU L 196 -76.18 -215.41 -203.28
C GLU L 196 -74.69 -215.14 -203.10
N VAL L 197 -74.04 -215.93 -202.22
CA VAL L 197 -72.62 -215.85 -201.91
C VAL L 197 -71.83 -216.55 -203.02
N LYS L 198 -70.82 -215.86 -203.59
CA LYS L 198 -70.06 -216.36 -204.73
C LYS L 198 -68.58 -216.50 -204.38
N ALA L 199 -68.01 -217.70 -204.65
CA ALA L 199 -66.57 -217.93 -204.60
C ALA L 199 -65.89 -217.31 -205.82
N LYS L 200 -65.90 -215.96 -205.87
CA LYS L 200 -65.48 -215.19 -207.04
C LYS L 200 -64.70 -213.95 -206.60
N VAL L 201 -64.10 -213.26 -207.59
CA VAL L 201 -63.24 -212.09 -207.43
C VAL L 201 -63.89 -211.02 -206.54
N THR L 202 -63.09 -210.51 -205.59
CA THR L 202 -63.47 -209.43 -204.68
C THR L 202 -62.67 -208.17 -205.01
N ASN L 203 -63.02 -207.06 -204.35
CA ASN L 203 -62.27 -205.82 -204.42
C ASN L 203 -61.46 -205.63 -203.12
N ASP L 204 -60.18 -205.28 -203.25
CA ASP L 204 -59.27 -205.06 -202.13
C ASP L 204 -58.16 -204.11 -202.60
N VAL L 205 -58.19 -202.87 -202.10
CA VAL L 205 -57.38 -201.76 -202.63
C VAL L 205 -56.65 -201.07 -201.48
N PHE L 206 -55.35 -200.81 -201.70
CA PHE L 206 -54.53 -200.01 -200.80
C PHE L 206 -54.23 -198.66 -201.46
N THR L 207 -54.55 -197.58 -200.73
CA THR L 207 -54.22 -196.22 -201.16
C THR L 207 -53.25 -195.60 -200.16
N PHE L 208 -52.19 -194.99 -200.70
CA PHE L 208 -51.19 -194.27 -199.92
C PHE L 208 -51.25 -192.80 -200.28
N SER L 209 -50.99 -191.95 -199.27
CA SER L 209 -50.77 -190.52 -199.46
C SER L 209 -49.52 -190.15 -198.67
N PHE L 210 -48.62 -189.35 -199.26
CA PHE L 210 -47.34 -189.02 -198.63
C PHE L 210 -46.70 -187.80 -199.31
N GLU L 211 -45.64 -187.26 -198.69
CA GLU L 211 -44.86 -186.18 -199.25
C GLU L 211 -43.38 -186.59 -199.31
N THR L 212 -42.81 -186.63 -200.53
CA THR L 212 -41.39 -186.94 -200.71
C THR L 212 -40.56 -185.69 -200.45
N LEU L 213 -39.66 -185.76 -199.44
CA LEU L 213 -38.96 -184.58 -198.94
C LEU L 213 -37.48 -184.54 -199.33
N ASP L 214 -36.87 -185.72 -199.58
CA ASP L 214 -35.45 -185.82 -199.89
C ASP L 214 -35.24 -186.92 -200.94
N ASN L 215 -34.11 -186.82 -201.67
CA ASN L 215 -33.77 -187.71 -202.78
C ASN L 215 -34.96 -187.82 -203.75
N ILE L 216 -35.55 -186.65 -204.07
CA ILE L 216 -36.87 -186.57 -204.70
C ILE L 216 -36.87 -187.16 -206.12
N PRO L 217 -35.97 -186.74 -207.06
CA PRO L 217 -35.91 -187.38 -208.38
C PRO L 217 -35.67 -188.88 -208.30
N ALA L 218 -34.71 -189.32 -207.46
CA ALA L 218 -34.38 -190.72 -207.32
C ALA L 218 -35.57 -191.55 -206.86
N THR L 219 -36.35 -191.04 -205.89
CA THR L 219 -37.50 -191.73 -205.30
C THR L 219 -38.65 -191.82 -206.31
N LEU L 220 -39.03 -190.67 -206.91
CA LEU L 220 -40.18 -190.59 -207.80
C LEU L 220 -39.90 -191.27 -209.14
N ASN L 221 -38.66 -191.15 -209.63
CA ASN L 221 -38.25 -191.78 -210.87
C ASN L 221 -38.17 -193.30 -210.71
N ALA L 222 -37.63 -193.78 -209.57
CA ALA L 222 -37.57 -195.20 -209.29
C ALA L 222 -38.97 -195.83 -209.27
N LEU L 223 -39.95 -195.12 -208.70
CA LEU L 223 -41.34 -195.56 -208.70
C LEU L 223 -41.93 -195.54 -210.12
N THR L 224 -41.85 -194.40 -210.81
CA THR L 224 -42.51 -194.20 -212.09
C THR L 224 -41.90 -195.05 -213.22
N ASP L 225 -40.56 -195.16 -213.24
CA ASP L 225 -39.86 -195.92 -214.28
C ASP L 225 -40.22 -197.41 -214.20
N ASN L 226 -40.17 -197.98 -212.98
CA ASN L 226 -40.30 -199.42 -212.77
C ASN L 226 -41.76 -199.88 -212.72
N VAL L 227 -42.67 -199.01 -212.26
CA VAL L 227 -44.08 -199.36 -212.12
C VAL L 227 -44.90 -198.87 -213.32
N PHE L 228 -44.78 -197.56 -213.64
CA PHE L 228 -45.71 -196.91 -214.56
C PHE L 228 -45.27 -196.97 -216.02
N ARG L 229 -43.94 -196.87 -216.27
CA ARG L 229 -43.42 -196.77 -217.62
C ARG L 229 -42.97 -198.13 -218.18
N GLU L 230 -42.94 -199.17 -217.34
CA GLU L 230 -42.77 -200.54 -217.78
C GLU L 230 -44.12 -201.23 -217.98
N GLN L 231 -44.16 -202.23 -218.87
CA GLN L 231 -45.29 -203.16 -218.98
C GLN L 231 -45.04 -204.33 -218.02
N LEU L 232 -45.97 -204.53 -217.06
CA LEU L 232 -45.75 -205.43 -215.95
C LEU L 232 -46.12 -206.88 -216.28
N GLY L 233 -46.83 -207.11 -217.40
CA GLY L 233 -47.25 -208.45 -217.79
C GLY L 233 -48.40 -208.98 -216.92
N ARG L 234 -48.41 -210.30 -216.69
CA ARG L 234 -49.39 -210.97 -215.83
C ARG L 234 -49.10 -210.72 -214.36
N ASP L 235 -47.81 -210.51 -214.04
CA ASP L 235 -47.32 -210.36 -212.68
C ASP L 235 -47.55 -208.92 -212.20
N GLY L 236 -47.66 -208.76 -210.88
CA GLY L 236 -47.87 -207.46 -210.29
C GLY L 236 -46.59 -206.80 -209.82
N VAL L 237 -46.77 -205.64 -209.18
CA VAL L 237 -45.85 -205.07 -208.23
C VAL L 237 -45.98 -205.87 -206.94
N THR L 238 -44.87 -206.06 -206.20
CA THR L 238 -44.96 -206.56 -204.83
C THR L 238 -44.97 -205.37 -203.86
N LEU L 239 -46.04 -205.27 -203.07
CA LEU L 239 -46.20 -204.23 -202.07
C LEU L 239 -46.00 -204.85 -200.69
N ASP L 240 -44.97 -204.40 -199.97
CA ASP L 240 -44.59 -204.97 -198.69
C ASP L 240 -44.61 -203.91 -197.60
N PHE L 241 -45.38 -204.15 -196.54
CA PHE L 241 -45.52 -203.20 -195.45
C PHE L 241 -44.40 -203.35 -194.44
N ASN L 242 -43.69 -204.50 -194.43
CA ASN L 242 -42.57 -204.76 -193.54
C ASN L 242 -42.98 -204.65 -192.06
N GLY L 243 -44.26 -204.93 -191.77
CA GLY L 243 -44.76 -204.94 -190.40
C GLY L 243 -45.35 -203.60 -189.91
N LEU L 244 -45.33 -202.55 -190.74
CA LEU L 244 -46.11 -201.36 -190.43
C LEU L 244 -47.59 -201.75 -190.40
N LEU L 245 -48.31 -201.25 -189.38
CA LEU L 245 -49.69 -201.63 -189.09
C LEU L 245 -49.84 -203.14 -188.84
N GLY L 246 -48.72 -203.86 -188.65
CA GLY L 246 -48.70 -205.31 -188.56
C GLY L 246 -48.83 -206.05 -189.90
N LEU L 247 -48.87 -205.31 -191.02
CA LEU L 247 -49.11 -205.88 -192.35
C LEU L 247 -47.83 -206.47 -192.95
N GLY L 248 -48.01 -207.52 -193.76
CA GLY L 248 -46.94 -208.19 -194.49
C GLY L 248 -46.87 -207.77 -195.97
N SER L 249 -46.60 -208.76 -196.84
CA SER L 249 -46.33 -208.58 -198.26
C SER L 249 -47.50 -209.07 -199.12
N VAL L 250 -47.84 -208.29 -200.16
CA VAL L 250 -49.02 -208.47 -201.01
C VAL L 250 -48.65 -208.22 -202.47
N LYS L 251 -49.14 -209.04 -203.42
CA LYS L 251 -49.01 -208.74 -204.84
C LYS L 251 -50.17 -207.85 -205.31
N ALA L 252 -49.85 -206.79 -206.07
CA ALA L 252 -50.79 -205.74 -206.41
C ALA L 252 -50.41 -205.05 -207.72
N ILE L 253 -51.31 -204.22 -208.26
CA ILE L 253 -51.05 -203.44 -209.46
C ILE L 253 -51.80 -202.09 -209.37
N PRO L 254 -51.23 -200.96 -209.88
CA PRO L 254 -52.04 -199.74 -210.06
C PRO L 254 -52.93 -199.86 -211.29
N VAL L 255 -54.16 -199.31 -211.18
CA VAL L 255 -55.23 -199.55 -212.15
C VAL L 255 -55.85 -198.22 -212.59
N GLY L 256 -56.16 -198.11 -213.89
CA GLY L 256 -57.01 -197.02 -214.40
C GLY L 256 -56.23 -195.73 -214.67
N SER L 257 -56.97 -194.61 -214.77
CA SER L 257 -56.48 -193.37 -215.36
C SER L 257 -55.63 -192.55 -214.40
N SER L 258 -55.93 -192.61 -213.08
CA SER L 258 -55.35 -191.69 -212.09
C SER L 258 -54.83 -192.38 -210.82
N PRO L 259 -54.19 -193.58 -210.88
CA PRO L 259 -53.71 -194.25 -209.66
C PRO L 259 -52.50 -193.59 -208.98
N PHE L 260 -51.80 -192.70 -209.70
CA PHE L 260 -50.65 -192.00 -209.13
C PHE L 260 -50.59 -190.55 -209.61
N ARG L 261 -50.27 -189.63 -208.68
CA ARG L 261 -50.14 -188.21 -208.97
C ARG L 261 -48.92 -187.62 -208.24
N GLN L 262 -48.18 -186.76 -208.97
CA GLN L 262 -47.17 -185.87 -208.40
C GLN L 262 -47.72 -184.44 -208.45
N VAL L 263 -47.72 -183.77 -207.29
CA VAL L 263 -48.29 -182.43 -207.17
C VAL L 263 -47.21 -181.48 -206.64
N HIS L 264 -46.97 -180.42 -207.43
CA HIS L 264 -46.04 -179.34 -207.11
C HIS L 264 -46.85 -178.09 -206.79
N GLN L 265 -46.57 -177.47 -205.62
CA GLN L 265 -47.29 -176.28 -205.19
C GLN L 265 -46.34 -175.09 -205.15
N ALA L 266 -46.87 -173.90 -205.50
CA ALA L 266 -46.13 -172.65 -205.50
C ALA L 266 -45.47 -172.43 -204.13
N GLY L 267 -44.14 -172.19 -204.14
CA GLY L 267 -43.40 -171.83 -202.95
C GLY L 267 -42.97 -173.01 -202.05
N ARG L 268 -43.23 -174.26 -202.47
CA ARG L 268 -42.85 -175.45 -201.70
C ARG L 268 -41.70 -176.19 -202.39
N GLY L 269 -40.65 -176.50 -201.61
CA GLY L 269 -39.44 -177.13 -202.14
C GLY L 269 -39.49 -178.66 -202.23
N TRP L 270 -40.70 -179.24 -202.32
CA TRP L 270 -40.88 -180.69 -202.32
C TRP L 270 -42.14 -181.09 -203.08
N VAL L 271 -42.36 -182.41 -203.22
CA VAL L 271 -43.47 -182.95 -204.00
C VAL L 271 -44.47 -183.64 -203.07
N THR L 272 -45.75 -183.34 -203.27
CA THR L 272 -46.86 -184.05 -202.64
C THR L 272 -47.34 -185.17 -203.56
N VAL L 273 -47.61 -186.35 -202.98
CA VAL L 273 -48.31 -187.43 -203.64
C VAL L 273 -49.70 -187.54 -202.99
N PRO L 274 -50.76 -186.97 -203.63
CA PRO L 274 -52.12 -187.05 -203.07
C PRO L 274 -52.62 -188.49 -202.90
N THR L 275 -52.39 -189.32 -203.94
CA THR L 275 -52.71 -190.74 -203.93
C THR L 275 -51.66 -191.53 -204.70
N LEU L 276 -51.29 -192.69 -204.13
CA LEU L 276 -50.73 -193.81 -204.87
C LEU L 276 -51.61 -195.04 -204.55
N GLU L 277 -52.24 -195.63 -205.58
CA GLU L 277 -53.35 -196.56 -205.38
C GLU L 277 -53.05 -197.90 -206.08
N PHE L 278 -53.13 -199.00 -205.31
CA PHE L 278 -52.86 -200.34 -205.80
C PHE L 278 -54.05 -201.26 -205.51
N ARG L 279 -54.42 -202.11 -206.48
CA ARG L 279 -55.40 -203.16 -206.27
C ARG L 279 -54.66 -204.49 -206.06
N ARG L 280 -55.05 -205.26 -205.03
CA ARG L 280 -54.51 -206.58 -204.77
C ARG L 280 -54.93 -207.55 -205.87
N ILE L 281 -53.96 -208.33 -206.39
CA ILE L 281 -54.16 -209.23 -207.53
C ILE L 281 -54.00 -210.69 -207.11
N TYR L 282 -54.24 -211.62 -208.05
CA TYR L 282 -54.20 -213.06 -207.81
C TYR L 282 -52.86 -213.49 -207.20
N SER L 283 -52.94 -214.23 -206.06
CA SER L 283 -51.77 -214.63 -205.30
C SER L 283 -52.07 -215.78 -204.33
N ASN L 284 -53.08 -216.62 -204.64
CA ASN L 284 -53.62 -217.61 -203.71
C ASN L 284 -53.40 -219.03 -204.24
N GLU L 285 -52.82 -219.90 -203.39
CA GLU L 285 -52.42 -221.26 -203.74
C GLU L 285 -52.38 -222.14 -202.48
N ALA M 2 40.07 15.98 74.38
CA ALA M 2 40.24 16.96 73.26
C ALA M 2 40.52 18.35 73.82
N THR M 3 40.98 19.27 72.94
CA THR M 3 41.32 20.64 73.29
C THR M 3 40.03 21.43 73.56
N SER M 4 40.02 22.21 74.65
CA SER M 4 38.88 23.06 75.01
C SER M 4 38.65 24.14 73.94
N PRO M 5 37.38 24.45 73.56
CA PRO M 5 37.10 25.59 72.68
C PRO M 5 37.52 26.91 73.32
N GLU M 6 37.95 27.86 72.49
CA GLU M 6 38.52 29.11 72.98
C GLU M 6 38.19 30.25 72.01
N GLY M 7 38.11 31.49 72.53
CA GLY M 7 37.97 32.66 71.68
C GLY M 7 39.16 32.82 70.75
N ILE M 8 38.94 33.40 69.55
CA ILE M 8 40.02 33.76 68.65
C ILE M 8 39.90 35.24 68.31
N TRP M 9 41.04 35.95 68.37
CA TRP M 9 41.10 37.38 68.13
C TRP M 9 41.57 37.64 66.69
N SER M 10 40.82 38.45 65.93
CA SER M 10 41.07 38.63 64.51
C SER M 10 42.47 39.17 64.21
N ASN M 11 42.93 40.15 65.02
CA ASN M 11 44.16 40.87 64.75
C ASN M 11 45.41 40.04 65.07
N SER M 12 45.22 38.82 65.62
CA SER M 12 46.30 37.87 65.87
C SER M 12 46.66 37.06 64.62
N GLY M 13 45.79 37.09 63.59
CA GLY M 13 45.93 36.26 62.41
C GLY M 13 47.09 36.67 61.50
N ALA M 14 47.69 35.67 60.83
CA ALA M 14 48.70 35.87 59.81
C ALA M 14 48.35 35.07 58.56
N LEU M 15 47.99 35.77 57.47
CA LEU M 15 47.57 35.18 56.21
C LEU M 15 48.71 35.26 55.20
N THR M 16 48.97 34.14 54.49
CA THR M 16 50.00 34.06 53.46
C THR M 16 49.47 33.33 52.22
N PHE M 17 49.99 33.72 51.05
CA PHE M 17 49.70 33.08 49.78
C PHE M 17 50.99 32.49 49.20
N GLU M 18 50.86 31.34 48.51
CA GLU M 18 51.98 30.67 47.87
C GLU M 18 51.62 30.30 46.44
N ASP M 19 52.63 30.34 45.56
CA ASP M 19 52.52 29.78 44.22
C ASP M 19 52.64 28.25 44.32
N PRO M 20 51.58 27.47 43.98
CA PRO M 20 51.64 26.01 44.07
C PRO M 20 52.62 25.32 43.11
N ALA M 21 53.20 26.08 42.16
CA ALA M 21 54.24 25.57 41.29
C ALA M 21 55.58 25.44 42.03
N ASP M 22 55.77 26.24 43.09
CA ASP M 22 57.06 26.42 43.76
C ASP M 22 56.98 26.12 45.26
N ASP M 23 55.81 26.37 45.87
CA ASP M 23 55.64 26.65 47.29
C ASP M 23 56.35 27.94 47.72
N SER M 24 56.60 28.87 46.79
CA SER M 24 57.20 30.17 47.09
C SER M 24 56.12 31.19 47.48
N GLU M 25 56.44 32.10 48.42
CA GLU M 25 55.48 33.06 48.92
C GLU M 25 55.20 34.16 47.88
N ILE M 26 53.93 34.56 47.79
CA ILE M 26 53.48 35.72 47.03
C ILE M 26 53.17 36.84 48.03
N LEU M 27 53.79 38.02 47.83
CA LEU M 27 53.69 39.11 48.78
C LEU M 27 52.27 39.67 48.83
N PHE M 28 51.67 39.58 50.02
CA PHE M 28 50.33 40.03 50.31
C PHE M 28 50.27 40.43 51.79
N ALA M 29 49.57 41.54 52.09
CA ALA M 29 49.59 42.13 53.42
C ALA M 29 48.38 43.03 53.65
N GLY M 30 48.18 43.46 54.90
CA GLY M 30 47.24 44.51 55.24
C GLY M 30 45.77 44.07 55.23
N VAL M 31 45.50 42.81 55.61
CA VAL M 31 44.13 42.31 55.70
C VAL M 31 43.37 43.06 56.80
N ARG M 32 42.03 43.13 56.61
CA ARG M 32 41.12 43.68 57.61
C ARG M 32 40.05 42.64 57.95
N ASP M 33 39.49 41.97 56.93
CA ASP M 33 38.56 40.86 57.12
C ASP M 33 39.05 39.62 56.36
N VAL M 34 38.83 38.43 56.94
CA VAL M 34 39.15 37.14 56.31
C VAL M 34 38.07 36.13 56.70
N THR M 35 37.31 35.64 55.71
CA THR M 35 36.38 34.54 55.92
C THR M 35 36.81 33.34 55.07
N ILE M 36 36.90 32.16 55.72
CA ILE M 36 37.18 30.90 55.05
C ILE M 36 36.11 29.89 55.44
N THR M 37 35.38 29.36 54.44
CA THR M 37 34.23 28.51 54.67
C THR M 37 34.26 27.34 53.69
N PRO M 38 34.69 26.12 54.12
CA PRO M 38 34.37 24.89 53.39
C PRO M 38 32.86 24.66 53.38
N ALA M 39 32.36 24.30 52.19
CA ALA M 39 30.94 24.11 51.95
C ALA M 39 30.72 22.93 50.99
N TYR M 40 29.65 22.18 51.24
CA TYR M 40 29.17 21.18 50.30
C TYR M 40 27.72 21.50 49.94
N GLU M 41 27.32 21.19 48.71
CA GLU M 41 25.90 21.08 48.39
C GLU M 41 25.32 19.83 49.06
N HIS M 42 24.11 19.96 49.62
CA HIS M 42 23.38 18.86 50.22
C HIS M 42 22.14 18.52 49.39
N ALA M 43 21.84 17.22 49.27
CA ALA M 43 20.56 16.75 48.76
C ALA M 43 19.88 15.86 49.81
N GLU M 44 18.62 16.18 50.13
CA GLU M 44 17.81 15.47 51.10
C GLU M 44 16.77 14.61 50.37
N LEU M 45 16.62 13.34 50.77
CA LEU M 45 15.65 12.44 50.13
C LEU M 45 14.36 12.38 50.95
N TYR M 46 13.23 12.68 50.28
CA TYR M 46 11.89 12.49 50.83
C TYR M 46 11.03 11.71 49.85
N THR M 47 10.17 10.82 50.38
CA THR M 47 9.25 10.02 49.59
C THR M 47 7.91 9.93 50.32
N ILE M 48 6.89 9.37 49.64
CA ILE M 48 5.54 9.22 50.19
C ILE M 48 5.52 8.34 51.46
N ASP M 49 6.57 7.53 51.68
CA ASP M 49 6.70 6.66 52.85
C ASP M 49 6.60 7.42 54.19
N SER M 50 7.10 8.67 54.22
CA SER M 50 7.29 9.41 55.47
C SER M 50 7.41 10.91 55.20
N THR M 51 7.02 11.72 56.20
CA THR M 51 7.24 13.16 56.19
C THR M 51 8.68 13.51 56.63
N PHE M 52 9.36 12.57 57.30
CA PHE M 52 10.72 12.80 57.77
C PHE M 52 11.71 12.51 56.64
N ARG M 53 12.88 13.15 56.72
CA ARG M 53 13.99 12.98 55.79
C ARG M 53 14.50 11.53 55.84
N ASP M 54 14.64 10.91 54.66
CA ASP M 54 15.07 9.52 54.54
C ASP M 54 16.60 9.42 54.50
N GLU M 55 17.23 10.33 53.73
CA GLU M 55 18.68 10.38 53.55
C GLU M 55 19.14 11.83 53.38
N VAL M 56 20.44 12.08 53.61
CA VAL M 56 21.10 13.31 53.20
C VAL M 56 22.53 13.02 52.76
N LYS M 57 23.00 13.72 51.71
CA LYS M 57 24.30 13.47 51.08
C LYS M 57 25.00 14.78 50.67
N ARG M 58 26.34 14.75 50.68
CA ARG M 58 27.21 15.84 50.22
C ARG M 58 27.54 15.64 48.73
N TYR M 59 27.63 16.75 47.97
CA TYR M 59 28.29 16.74 46.66
C TYR M 59 29.28 17.90 46.50
N GLU M 60 28.93 18.93 45.70
CA GLU M 60 29.92 19.90 45.23
C GLU M 60 30.65 20.55 46.40
N HIS M 61 31.92 20.17 46.55
CA HIS M 61 32.77 20.75 47.56
C HIS M 61 33.53 21.95 47.00
N ASN M 62 33.59 23.02 47.81
CA ASN M 62 34.50 24.12 47.58
C ASN M 62 34.77 24.80 48.93
N VAL M 63 35.81 25.65 48.94
CA VAL M 63 36.05 26.53 50.06
C VAL M 63 35.79 27.96 49.58
N ASN M 64 34.76 28.60 50.14
CA ASN M 64 34.60 30.04 49.95
C ASN M 64 35.71 30.74 50.73
N VAL M 65 36.57 31.47 49.99
CA VAL M 65 37.58 32.35 50.56
C VAL M 65 37.19 33.77 50.20
N GLU M 66 37.03 34.64 51.21
CA GLU M 66 36.85 36.05 50.93
C GLU M 66 37.66 36.89 51.91
N ILE M 67 38.36 37.89 51.35
CA ILE M 67 39.36 38.68 52.05
C ILE M 67 39.12 40.15 51.72
N THR M 68 39.08 40.99 52.76
CA THR M 68 39.15 42.43 52.58
C THR M 68 40.49 42.93 53.12
N TYR M 69 41.19 43.74 52.31
CA TYR M 69 42.56 44.16 52.62
C TYR M 69 42.80 45.58 52.10
N ALA M 70 43.79 46.27 52.68
CA ALA M 70 43.97 47.71 52.48
C ALA M 70 45.41 48.09 52.11
N LYS M 71 46.23 47.11 51.69
CA LYS M 71 47.54 47.34 51.09
C LYS M 71 47.59 46.69 49.72
N PHE M 72 47.88 47.49 48.68
CA PHE M 72 47.96 46.98 47.33
C PHE M 72 49.27 46.21 47.12
N SER M 73 49.21 45.09 46.40
CA SER M 73 50.37 44.30 46.02
C SER M 73 50.44 44.18 44.49
N LEU M 74 51.56 44.64 43.92
CA LEU M 74 51.79 44.47 42.48
C LEU M 74 52.05 43.00 42.14
N GLU M 75 52.74 42.28 43.03
CA GLU M 75 53.06 40.88 42.77
C GLU M 75 51.78 40.04 42.70
N PHE M 76 50.86 40.23 43.65
CA PHE M 76 49.61 39.50 43.68
C PHE M 76 48.77 39.77 42.42
N ALA M 77 48.67 41.05 42.04
CA ALA M 77 47.89 41.48 40.88
C ALA M 77 48.47 40.92 39.58
N GLN M 78 49.81 40.98 39.43
CA GLN M 78 50.50 40.53 38.23
C GLN M 78 50.54 39.01 38.11
N GLU M 79 50.58 38.30 39.26
CA GLU M 79 50.39 36.86 39.30
C GLU M 79 48.99 36.47 38.81
N TRP M 80 47.97 37.20 39.31
CA TRP M 80 46.58 36.96 38.92
C TRP M 80 46.38 37.18 37.41
N LEU M 81 46.94 38.27 36.88
CA LEU M 81 46.86 38.58 35.45
C LEU M 81 47.52 37.49 34.61
N GLY M 82 48.72 37.05 35.02
CA GLY M 82 49.57 36.17 34.21
C GLY M 82 49.13 34.71 34.17
N GLY M 83 48.34 34.26 35.16
CA GLY M 83 47.90 32.86 35.24
C GLY M 83 48.99 31.94 35.80
N PRO M 84 48.77 30.60 35.82
CA PRO M 84 49.73 29.66 36.43
C PRO M 84 51.16 29.79 35.89
N GLY M 85 52.12 29.95 36.82
CA GLY M 85 53.54 29.92 36.53
C GLY M 85 54.10 31.15 35.79
N ALA M 86 53.34 32.25 35.70
CA ALA M 86 53.80 33.46 35.02
C ALA M 86 53.15 34.72 35.60
N THR M 87 53.93 35.81 35.71
CA THR M 87 53.40 37.15 35.94
C THR M 87 53.16 37.84 34.59
N ALA M 88 52.18 38.77 34.54
CA ALA M 88 51.99 39.65 33.39
C ALA M 88 51.55 41.05 33.85
N THR M 89 51.85 42.07 33.02
CA THR M 89 51.49 43.46 33.29
C THR M 89 50.20 43.88 32.57
N ALA M 90 49.50 42.92 31.93
CA ALA M 90 48.32 43.18 31.13
C ALA M 90 47.41 41.94 31.17
N SER M 91 46.11 42.11 30.85
CA SER M 91 45.18 40.99 30.72
C SER M 91 45.76 39.96 29.73
N GLN M 92 45.66 38.69 30.11
CA GLN M 92 46.07 37.59 29.22
C GLN M 92 44.84 36.94 28.61
N ASP M 93 44.93 36.66 27.30
CA ASP M 93 43.87 35.99 26.57
C ASP M 93 44.07 34.48 26.62
N ASP M 94 43.84 33.87 27.80
CA ASP M 94 43.95 32.43 27.98
C ASP M 94 43.01 31.93 29.08
N SER M 95 42.81 30.60 29.12
CA SER M 95 41.72 29.95 29.84
C SER M 95 42.08 29.50 31.25
N ASP M 96 43.37 29.58 31.65
CA ASP M 96 43.80 29.09 32.95
C ASP M 96 43.81 30.24 33.97
N PRO M 97 43.01 30.19 35.07
CA PRO M 97 43.15 31.17 36.16
C PRO M 97 44.38 30.85 37.02
N MET M 98 44.98 31.89 37.59
CA MET M 98 46.01 31.71 38.59
C MET M 98 45.39 31.03 39.82
N LYS M 99 46.02 29.93 40.27
CA LYS M 99 45.63 29.19 41.45
C LYS M 99 46.62 29.50 42.56
N PHE M 100 46.12 29.99 43.69
CA PHE M 100 46.95 30.31 44.85
C PHE M 100 46.72 29.25 45.93
N ASN M 101 47.80 28.79 46.57
CA ASN M 101 47.65 28.15 47.87
C ASN M 101 47.57 29.25 48.93
N LEU M 102 46.76 28.99 49.97
CA LEU M 102 46.52 29.95 51.03
C LEU M 102 46.71 29.25 52.38
N GLU M 103 47.36 29.95 53.32
CA GLU M 103 47.46 29.49 54.69
C GLU M 103 47.20 30.67 55.65
N ASN M 104 46.40 30.41 56.69
CA ASN M 104 46.13 31.38 57.73
C ASN M 104 46.45 30.75 59.09
N VAL M 105 47.25 31.46 59.90
CA VAL M 105 47.67 30.96 61.21
C VAL M 105 47.21 31.95 62.29
N THR M 106 46.48 31.43 63.30
CA THR M 106 45.99 32.23 64.41
C THR M 106 46.24 31.51 65.74
N PRO M 107 46.91 32.15 66.72
CA PRO M 107 46.81 31.73 68.13
C PRO M 107 45.37 31.91 68.62
N SER M 108 44.92 31.00 69.50
CA SER M 108 43.69 31.21 70.25
C SER M 108 43.94 32.31 71.30
N ALA M 109 42.86 32.91 71.83
CA ALA M 109 42.93 34.15 72.58
C ALA M 109 43.73 34.03 73.89
N SER M 110 43.77 32.82 74.49
CA SER M 110 44.54 32.53 75.71
C SER M 110 45.68 31.54 75.47
N GLY M 111 46.01 31.26 74.19
CA GLY M 111 47.14 30.40 73.83
C GLY M 111 46.90 28.91 74.05
N GLY M 112 45.63 28.49 74.19
CA GLY M 112 45.24 27.09 74.32
C GLY M 112 45.63 26.24 73.11
N PHE M 113 45.65 26.85 71.92
CA PHE M 113 46.03 26.21 70.66
C PHE M 113 46.49 27.26 69.63
N GLU M 114 47.13 26.79 68.55
CA GLU M 114 47.39 27.63 67.38
C GLU M 114 46.70 27.01 66.16
N ARG M 115 45.55 27.57 65.77
CA ARG M 115 44.78 27.07 64.63
C ARG M 115 45.47 27.49 63.32
N THR M 116 45.89 26.49 62.53
CA THR M 116 46.33 26.69 61.15
C THR M 116 45.24 26.17 60.20
N THR M 117 44.82 27.02 59.26
CA THR M 117 43.94 26.65 58.16
C THR M 117 44.72 26.77 56.85
N ALA M 118 44.68 25.72 56.00
CA ALA M 118 45.32 25.76 54.70
C ALA M 118 44.35 25.31 53.60
N VAL M 119 44.34 26.06 52.47
CA VAL M 119 43.39 25.88 51.37
C VAL M 119 44.17 25.80 50.06
N GLU M 120 43.91 24.76 49.25
CA GLU M 120 44.60 24.60 47.97
C GLU M 120 43.81 25.28 46.85
N ASN M 121 44.54 25.73 45.81
CA ASN M 121 44.01 26.11 44.51
C ASN M 121 42.84 27.09 44.63
N VAL M 122 43.03 28.15 45.41
CA VAL M 122 42.08 29.26 45.50
C VAL M 122 42.17 30.07 44.21
N VAL M 123 41.02 30.29 43.56
CA VAL M 123 40.91 31.10 42.35
C VAL M 123 39.93 32.25 42.60
N PHE M 124 40.24 33.42 42.01
CA PHE M 124 39.42 34.61 42.16
C PHE M 124 38.86 34.99 40.78
N PRO M 125 37.51 34.96 40.56
CA PRO M 125 36.94 35.37 39.26
C PRO M 125 37.25 36.81 38.85
N GLU M 126 37.46 37.68 39.84
CA GLU M 126 37.71 39.10 39.60
C GLU M 126 38.70 39.64 40.64
N LEU M 127 39.49 40.62 40.19
CA LEU M 127 40.53 41.25 41.00
C LEU M 127 40.29 42.77 40.99
N PRO M 128 40.02 43.43 42.14
CA PRO M 128 39.95 44.89 42.16
C PRO M 128 41.36 45.49 42.07
N LEU M 129 41.62 46.24 41.00
CA LEU M 129 42.90 46.93 40.84
C LEU M 129 42.86 48.28 41.57
N ASP M 130 41.88 49.11 41.18
CA ASP M 130 41.68 50.42 41.78
C ASP M 130 40.37 50.39 42.57
N SER M 131 40.40 50.95 43.79
CA SER M 131 39.25 50.93 44.68
C SER M 131 39.21 52.20 45.53
N ALA M 132 39.23 53.35 44.83
CA ALA M 132 39.32 54.67 45.42
C ALA M 132 37.95 55.17 45.90
N THR M 133 37.96 55.83 47.08
CA THR M 133 36.81 56.54 47.62
C THR M 133 37.34 57.78 48.33
N TYR M 134 36.70 58.95 48.07
CA TYR M 134 37.16 60.23 48.60
C TYR M 134 37.31 60.17 50.13
N GLY M 135 38.50 60.56 50.62
CA GLY M 135 38.79 60.62 52.06
C GLY M 135 39.05 59.26 52.71
N GLU M 136 39.38 58.24 51.90
CA GLU M 136 39.61 56.88 52.40
C GLU M 136 40.82 56.25 51.70
N TYR M 137 41.45 55.28 52.37
CA TYR M 137 42.43 54.42 51.75
C TYR M 137 41.71 53.46 50.82
N GLU M 138 42.39 53.07 49.74
CA GLU M 138 41.84 52.05 48.84
C GLU M 138 41.72 50.73 49.58
N GLU M 139 40.48 50.21 49.66
CA GLU M 139 40.18 48.95 50.30
C GLU M 139 39.66 47.97 49.25
N TYR M 140 40.27 46.78 49.24
CA TYR M 140 40.09 45.78 48.18
C TYR M 140 39.40 44.55 48.77
N SER M 141 38.37 44.05 48.07
CA SER M 141 37.69 42.81 48.45
C SER M 141 37.91 41.73 47.39
N LEU M 142 38.36 40.56 47.85
CA LEU M 142 38.49 39.35 47.02
C LEU M 142 37.42 38.35 47.43
N THR M 143 36.78 37.72 46.44
CA THR M 143 35.94 36.54 46.63
C THR M 143 36.44 35.44 45.70
N GLY M 144 36.68 34.24 46.25
CA GLY M 144 37.22 33.14 45.47
C GLY M 144 36.85 31.77 46.02
N SER M 145 37.15 30.72 45.23
CA SER M 145 36.85 29.35 45.59
C SER M 145 38.12 28.48 45.59
N GLY M 146 38.46 27.96 46.78
CA GLY M 146 39.48 26.93 46.95
C GLY M 146 38.90 25.53 46.64
N ARG M 147 39.78 24.60 46.24
CA ARG M 147 39.38 23.25 45.88
C ARG M 147 39.03 22.41 47.12
N SER M 148 39.90 22.49 48.15
CA SER M 148 39.73 21.74 49.40
C SER M 148 40.52 22.41 50.52
N VAL M 149 40.18 22.07 51.78
CA VAL M 149 40.99 22.40 52.94
C VAL M 149 42.04 21.29 53.07
N THR M 150 43.33 21.64 52.89
CA THR M 150 44.40 20.65 52.96
C THR M 150 44.85 20.39 54.39
N ASN M 151 44.65 21.39 55.27
CA ASN M 151 45.02 21.26 56.67
C ASN M 151 44.12 22.12 57.55
N LEU M 152 43.69 21.52 58.68
CA LEU M 152 43.10 22.23 59.81
C LEU M 152 43.54 21.52 61.10
N ALA M 153 44.48 22.15 61.82
CA ALA M 153 45.12 21.51 62.96
C ALA M 153 45.57 22.56 63.99
N ASP M 154 45.76 22.08 65.23
CA ASP M 154 46.54 22.78 66.23
C ASP M 154 48.03 22.58 65.90
N THR M 155 48.72 23.67 65.55
CA THR M 155 50.12 23.64 65.16
C THR M 155 51.03 24.15 66.28
N SER M 156 50.50 24.38 67.49
CA SER M 156 51.29 24.81 68.64
C SER M 156 52.28 23.72 69.05
N GLY M 157 53.45 24.12 69.57
CA GLY M 157 54.56 23.24 69.86
C GLY M 157 54.25 22.20 70.93
N ALA N 2 60.75 41.28 45.28
CA ALA N 2 59.57 42.01 44.72
C ALA N 2 59.19 43.16 45.66
N THR N 3 58.34 44.07 45.16
CA THR N 3 57.96 45.30 45.85
C THR N 3 57.02 44.98 47.01
N SER N 4 57.32 45.52 48.20
CA SER N 4 56.52 45.35 49.42
C SER N 4 55.10 45.91 49.21
N PRO N 5 54.02 45.19 49.62
CA PRO N 5 52.66 45.76 49.59
C PRO N 5 52.51 46.97 50.50
N GLU N 6 51.76 47.97 50.03
CA GLU N 6 51.71 49.28 50.68
C GLU N 6 50.30 49.87 50.57
N GLY N 7 49.91 50.71 51.54
CA GLY N 7 48.65 51.42 51.49
C GLY N 7 48.60 52.38 50.29
N ILE N 8 47.39 52.61 49.75
CA ILE N 8 47.17 53.61 48.71
C ILE N 8 46.08 54.57 49.19
N TRP N 9 46.34 55.87 49.03
CA TRP N 9 45.42 56.91 49.47
C TRP N 9 44.62 57.38 48.25
N SER N 10 43.27 57.40 48.37
CA SER N 10 42.40 57.67 47.23
C SER N 10 42.65 59.04 46.61
N ASN N 11 42.81 60.07 47.46
CA ASN N 11 42.92 61.45 47.02
C ASN N 11 44.26 61.74 46.31
N SER N 12 45.15 60.74 46.20
CA SER N 12 46.41 60.86 45.48
C SER N 12 46.27 60.46 44.00
N GLY N 13 45.11 59.93 43.59
CA GLY N 13 44.92 59.41 42.24
C GLY N 13 44.67 60.50 41.19
N ALA N 14 45.25 60.31 40.00
CA ALA N 14 44.95 61.12 38.82
C ALA N 14 44.37 60.25 37.70
N LEU N 15 43.09 60.48 37.39
CA LEU N 15 42.35 59.75 36.36
C LEU N 15 42.28 60.58 35.08
N THR N 16 42.54 59.94 33.92
CA THR N 16 42.46 60.58 32.62
C THR N 16 41.79 59.67 31.59
N PHE N 17 41.15 60.30 30.60
CA PHE N 17 40.51 59.61 29.48
C PHE N 17 41.13 60.09 28.17
N GLU N 18 41.26 59.17 27.20
CA GLU N 18 41.81 59.51 25.89
C GLU N 18 40.90 58.95 24.79
N ASP N 19 40.82 59.69 23.67
CA ASP N 19 40.25 59.20 22.43
C ASP N 19 41.21 58.16 21.84
N PRO N 20 40.81 56.86 21.70
CA PRO N 20 41.71 55.83 21.17
C PRO N 20 42.12 55.99 19.70
N ALA N 21 41.50 56.94 18.98
CA ALA N 21 41.90 57.26 17.61
C ALA N 21 43.16 58.13 17.56
N ASP N 22 43.35 58.97 18.61
CA ASP N 22 44.37 60.02 18.63
C ASP N 22 45.39 59.80 19.74
N ASP N 23 44.98 59.12 20.82
CA ASP N 23 45.56 59.22 22.16
C ASP N 23 45.45 60.66 22.72
N SER N 24 44.50 61.46 22.22
CA SER N 24 44.29 62.83 22.70
C SER N 24 43.41 62.82 23.95
N GLU N 25 43.73 63.68 24.93
CA GLU N 25 43.03 63.70 26.21
C GLU N 25 41.62 64.28 26.03
N ILE N 26 40.64 63.62 26.68
CA ILE N 26 39.27 64.10 26.82
C ILE N 26 39.12 64.66 28.24
N LEU N 27 38.71 65.93 28.34
CA LEU N 27 38.72 66.64 29.62
C LEU N 27 37.70 66.03 30.58
N PHE N 28 38.22 65.58 31.74
CA PHE N 28 37.44 64.94 32.80
C PHE N 28 38.12 65.27 34.13
N ALA N 29 37.31 65.56 35.17
CA ALA N 29 37.82 66.06 36.43
C ALA N 29 36.81 65.84 37.56
N GLY N 30 37.23 66.13 38.80
CA GLY N 30 36.33 66.20 39.95
C GLY N 30 35.85 64.84 40.45
N VAL N 31 36.71 63.82 40.30
CA VAL N 31 36.46 62.44 40.72
C VAL N 31 36.26 62.39 42.24
N ARG N 32 35.42 61.44 42.70
CA ARG N 32 35.22 61.17 44.12
C ARG N 32 35.44 59.69 44.43
N ASP N 33 34.88 58.78 43.61
CA ASP N 33 35.10 57.35 43.73
C ASP N 33 35.56 56.78 42.37
N VAL N 34 36.46 55.78 42.40
CA VAL N 34 36.85 55.01 41.22
C VAL N 34 36.99 53.54 41.62
N THR N 35 36.32 52.64 40.88
CA THR N 35 36.59 51.22 40.99
C THR N 35 36.94 50.66 39.60
N ILE N 36 38.11 49.99 39.51
CA ILE N 36 38.51 49.28 38.29
C ILE N 36 38.75 47.82 38.67
N THR N 37 37.97 46.93 38.04
CA THR N 37 38.00 45.50 38.38
C THR N 37 38.07 44.67 37.09
N PRO N 38 39.25 44.16 36.68
CA PRO N 38 39.31 43.07 35.70
C PRO N 38 38.64 41.82 36.29
N ALA N 39 37.83 41.18 35.42
CA ALA N 39 36.99 40.07 35.79
C ALA N 39 36.94 39.04 34.66
N TYR N 40 36.67 37.79 35.02
CA TYR N 40 36.36 36.72 34.08
C TYR N 40 35.17 35.94 34.63
N GLU N 41 34.45 35.24 33.73
CA GLU N 41 33.56 34.17 34.16
C GLU N 41 34.39 32.91 34.42
N HIS N 42 34.06 32.19 35.51
CA HIS N 42 34.69 30.91 35.82
C HIS N 42 33.69 29.77 35.62
N ALA N 43 34.11 28.73 34.88
CA ALA N 43 33.38 27.48 34.84
C ALA N 43 34.16 26.39 35.59
N GLU N 44 33.49 25.73 36.54
CA GLU N 44 34.07 24.67 37.37
C GLU N 44 33.52 23.32 36.94
N LEU N 45 34.42 22.31 36.81
CA LEU N 45 34.03 20.97 36.39
C LEU N 45 33.92 20.05 37.61
N TYR N 46 32.74 19.40 37.74
CA TYR N 46 32.51 18.33 38.70
C TYR N 46 31.85 17.15 37.99
N THR N 47 32.19 15.92 38.43
CA THR N 47 31.62 14.69 37.89
C THR N 47 31.35 13.71 39.05
N ILE N 48 30.73 12.57 38.74
CA ILE N 48 30.47 11.50 39.70
C ILE N 48 31.78 10.94 40.31
N ASP N 49 32.93 11.13 39.65
CA ASP N 49 34.22 10.60 40.10
C ASP N 49 34.63 11.12 41.48
N SER N 50 34.34 12.40 41.77
CA SER N 50 34.83 13.08 42.98
C SER N 50 33.88 14.21 43.37
N THR N 51 33.80 14.49 44.69
CA THR N 51 33.11 15.65 45.23
C THR N 51 33.93 16.93 45.05
N PHE N 52 35.25 16.77 44.84
CA PHE N 52 36.15 17.90 44.66
C PHE N 52 36.13 18.35 43.20
N ARG N 53 36.42 19.64 43.01
CA ARG N 53 36.50 20.26 41.69
C ARG N 53 37.61 19.60 40.87
N ASP N 54 37.28 19.27 39.62
CA ASP N 54 38.21 18.59 38.71
C ASP N 54 39.03 19.61 37.92
N GLU N 55 38.37 20.66 37.44
CA GLU N 55 38.97 21.73 36.65
C GLU N 55 38.28 23.06 36.94
N VAL N 56 38.97 24.18 36.65
CA VAL N 56 38.36 25.50 36.59
C VAL N 56 39.01 26.30 35.44
N LYS N 57 38.19 27.06 34.70
CA LYS N 57 38.63 27.78 33.50
C LYS N 57 38.05 29.20 33.45
N ARG N 58 38.86 30.14 32.94
CA ARG N 58 38.47 31.52 32.67
C ARG N 58 37.86 31.62 31.27
N TYR N 59 36.85 32.51 31.14
CA TYR N 59 36.36 32.98 29.85
C TYR N 59 35.66 34.34 30.04
N GLU N 60 35.32 34.98 28.91
CA GLU N 60 34.49 36.20 28.88
C GLU N 60 35.10 37.29 29.76
N HIS N 61 36.33 37.67 29.39
CA HIS N 61 37.09 38.70 30.10
C HIS N 61 36.39 40.06 29.95
N ASN N 62 36.53 40.86 31.01
CA ASN N 62 35.80 42.10 31.20
C ASN N 62 36.60 42.95 32.18
N VAL N 63 36.44 44.28 32.10
CA VAL N 63 36.97 45.19 33.11
C VAL N 63 35.84 46.12 33.53
N ASN N 64 35.26 45.86 34.71
CA ASN N 64 34.26 46.75 35.26
C ASN N 64 34.93 48.06 35.69
N VAL N 65 34.47 49.17 35.09
CA VAL N 65 34.88 50.51 35.46
C VAL N 65 33.65 51.23 36.02
N GLU N 66 33.74 51.72 37.26
CA GLU N 66 32.71 52.62 37.77
C GLU N 66 33.35 53.80 38.47
N ILE N 67 32.83 55.00 38.16
CA ILE N 67 33.41 56.28 38.57
C ILE N 67 32.28 57.16 39.10
N THR N 68 32.50 57.78 40.26
CA THR N 68 31.64 58.87 40.73
C THR N 68 32.45 60.18 40.67
N TYR N 69 31.82 61.24 40.14
CA TYR N 69 32.49 62.51 39.92
C TYR N 69 31.50 63.67 40.05
N ALA N 70 32.02 64.89 40.28
CA ALA N 70 31.19 66.03 40.67
C ALA N 70 31.47 67.30 39.86
N LYS N 71 32.33 67.21 38.83
CA LYS N 71 32.52 68.28 37.85
C LYS N 71 32.02 67.80 36.49
N PHE N 72 31.07 68.53 35.91
CA PHE N 72 30.49 68.13 34.64
C PHE N 72 31.42 68.52 33.48
N SER N 73 31.58 67.62 32.50
CA SER N 73 32.37 67.87 31.31
C SER N 73 31.48 67.81 30.07
N LEU N 74 31.39 68.94 29.35
CA LEU N 74 30.70 68.96 28.07
C LEU N 74 31.42 68.12 27.03
N GLU N 75 32.77 68.14 27.04
CA GLU N 75 33.54 67.36 26.08
C GLU N 75 33.25 65.86 26.23
N PHE N 76 33.32 65.35 27.47
CA PHE N 76 33.06 63.95 27.75
C PHE N 76 31.66 63.54 27.30
N ALA N 77 30.65 64.36 27.65
CA ALA N 77 29.25 64.09 27.32
C ALA N 77 29.01 64.13 25.81
N GLN N 78 29.63 65.09 25.10
CA GLN N 78 29.45 65.25 23.65
C GLN N 78 30.23 64.18 22.87
N GLU N 79 31.35 63.71 23.43
CA GLU N 79 32.09 62.57 22.89
C GLU N 79 31.26 61.29 23.01
N TRP N 80 30.61 61.11 24.17
CA TRP N 80 29.74 59.95 24.40
C TRP N 80 28.55 59.95 23.44
N LEU N 81 27.93 61.13 23.23
CA LEU N 81 26.78 61.25 22.35
C LEU N 81 27.16 60.94 20.90
N GLY N 82 28.33 61.44 20.46
CA GLY N 82 28.73 61.40 19.06
C GLY N 82 29.23 60.05 18.57
N GLY N 83 29.67 59.17 19.48
CA GLY N 83 30.26 57.90 19.11
C GLY N 83 31.71 58.04 18.64
N PRO N 84 32.36 56.95 18.14
CA PRO N 84 33.77 56.98 17.77
C PRO N 84 34.14 58.08 16.76
N GLY N 85 35.14 58.90 17.13
CA GLY N 85 35.77 59.86 16.25
C GLY N 85 34.95 61.12 15.95
N ALA N 86 33.88 61.39 16.71
CA ALA N 86 33.07 62.59 16.52
C ALA N 86 32.35 62.99 17.82
N THR N 87 32.21 64.31 18.03
CA THR N 87 31.32 64.87 19.05
C THR N 87 29.93 65.12 18.47
N ALA N 88 28.89 65.11 19.34
CA ALA N 88 27.56 65.54 18.97
C ALA N 88 26.85 66.26 20.12
N THR N 89 25.92 67.17 19.78
CA THR N 89 25.14 67.95 20.73
C THR N 89 23.73 67.37 20.91
N ALA N 90 23.46 66.20 20.29
CA ALA N 90 22.18 65.51 20.36
C ALA N 90 22.45 64.00 20.23
N SER N 91 21.49 63.16 20.65
CA SER N 91 21.57 61.71 20.49
C SER N 91 21.82 61.36 19.01
N GLN N 92 22.67 60.35 18.78
CA GLN N 92 22.92 59.85 17.44
C GLN N 92 22.24 58.50 17.26
N ASP N 93 21.56 58.34 16.11
CA ASP N 93 20.88 57.12 15.74
C ASP N 93 21.86 56.19 15.02
N ASP N 94 22.85 55.68 15.76
CA ASP N 94 23.83 54.74 15.22
C ASP N 94 24.29 53.74 16.30
N SER N 95 24.90 52.64 15.82
CA SER N 95 25.13 51.44 16.63
C SER N 95 26.51 51.40 17.31
N ASP N 96 27.44 52.31 16.97
CA ASP N 96 28.78 52.29 17.56
C ASP N 96 28.81 53.12 18.85
N PRO N 97 29.08 52.51 20.04
CA PRO N 97 29.27 53.32 21.26
C PRO N 97 30.64 53.99 21.20
N MET N 98 30.74 55.16 21.84
CA MET N 98 32.04 55.80 22.04
C MET N 98 32.89 54.92 22.96
N LYS N 99 34.11 54.62 22.52
CA LYS N 99 35.10 53.86 23.27
C LYS N 99 36.16 54.81 23.80
N PHE N 100 36.41 54.78 25.11
CA PHE N 100 37.42 55.61 25.74
C PHE N 100 38.57 54.72 26.20
N ASN N 101 39.81 55.17 25.97
CA ASN N 101 40.93 54.66 26.75
C ASN N 101 40.93 55.37 28.11
N LEU N 102 41.28 54.63 29.16
CA LEU N 102 41.28 55.15 30.53
C LEU N 102 42.62 54.84 31.18
N GLU N 103 43.14 55.80 31.96
CA GLU N 103 44.34 55.58 32.75
C GLU N 103 44.17 56.24 34.12
N ASN N 104 44.59 55.52 35.16
CA ASN N 104 44.62 56.04 36.53
C ASN N 104 46.00 55.83 37.13
N VAL N 105 46.60 56.91 37.68
CA VAL N 105 47.94 56.85 38.26
C VAL N 105 47.85 57.25 39.74
N THR N 106 48.34 56.36 40.62
CA THR N 106 48.34 56.60 42.06
C THR N 106 49.72 56.30 42.65
N PRO N 107 50.38 57.26 43.36
CA PRO N 107 51.49 56.94 44.25
C PRO N 107 50.99 56.08 45.42
N SER N 108 51.83 55.14 45.89
CA SER N 108 51.59 54.44 47.14
C SER N 108 51.81 55.40 48.31
N ALA N 109 51.24 55.07 49.48
CA ALA N 109 51.10 56.02 50.59
C ALA N 109 52.43 56.48 51.18
N SER N 110 53.48 55.62 51.08
CA SER N 110 54.83 55.96 51.53
C SER N 110 55.81 56.08 50.36
N GLY N 111 55.31 56.16 49.12
CA GLY N 111 56.11 56.39 47.93
C GLY N 111 56.94 55.17 47.48
N GLY N 112 56.63 53.97 48.01
CA GLY N 112 57.32 52.73 47.65
C GLY N 112 57.19 52.37 46.16
N PHE N 113 56.08 52.78 45.53
CA PHE N 113 55.82 52.58 44.10
C PHE N 113 54.80 53.61 43.60
N GLU N 114 54.73 53.76 42.27
CA GLU N 114 53.64 54.49 41.62
C GLU N 114 52.86 53.52 40.73
N ARG N 115 51.63 53.20 41.16
CA ARG N 115 50.79 52.22 40.48
C ARG N 115 50.05 52.90 39.33
N THR N 116 50.33 52.47 38.09
CA THR N 116 49.60 52.90 36.90
C THR N 116 48.69 51.77 36.42
N THR N 117 47.38 52.04 36.32
CA THR N 117 46.42 51.14 35.71
C THR N 117 45.92 51.76 34.41
N ALA N 118 45.97 51.00 33.30
CA ALA N 118 45.42 51.44 32.03
C ALA N 118 44.42 50.40 31.48
N VAL N 119 43.30 50.90 30.92
CA VAL N 119 42.21 50.07 30.42
C VAL N 119 41.85 50.54 29.00
N GLU N 120 41.73 49.60 28.06
CA GLU N 120 41.35 49.93 26.68
C GLU N 120 39.83 49.85 26.50
N ASN N 121 39.31 50.67 25.58
CA ASN N 121 37.97 50.55 25.00
C ASN N 121 36.87 50.43 26.06
N VAL N 122 36.87 51.35 27.04
CA VAL N 122 35.82 51.46 28.03
C VAL N 122 34.58 52.07 27.34
N VAL N 123 33.43 51.39 27.47
CA VAL N 123 32.15 51.89 26.98
C VAL N 123 31.18 52.01 28.17
N PHE N 124 30.32 53.02 28.12
CA PHE N 124 29.33 53.28 29.17
C PHE N 124 27.93 53.13 28.57
N PRO N 125 27.11 52.14 29.01
CA PRO N 125 25.74 51.98 28.49
C PRO N 125 24.83 53.20 28.68
N GLU N 126 25.01 53.93 29.79
CA GLU N 126 24.22 55.12 30.09
C GLU N 126 25.12 56.23 30.65
N LEU N 127 24.76 57.47 30.27
CA LEU N 127 25.48 58.66 30.66
C LEU N 127 24.53 59.54 31.49
N PRO N 128 24.83 59.86 32.78
CA PRO N 128 24.05 60.84 33.51
C PRO N 128 24.39 62.25 33.01
N LEU N 129 23.41 62.92 32.40
CA LEU N 129 23.60 64.31 31.97
C LEU N 129 23.34 65.26 33.12
N ASP N 130 22.19 65.10 33.78
CA ASP N 130 21.76 65.91 34.91
C ASP N 130 21.50 64.98 36.09
N SER N 131 21.98 65.38 37.28
CA SER N 131 21.90 64.55 38.48
C SER N 131 21.77 65.44 39.71
N ALA N 132 20.65 66.18 39.77
CA ALA N 132 20.43 67.25 40.73
C ALA N 132 19.63 66.77 41.93
N THR N 133 20.05 67.22 43.13
CA THR N 133 19.37 67.00 44.40
C THR N 133 19.45 68.29 45.21
N TYR N 134 18.32 68.70 45.81
CA TYR N 134 18.23 69.93 46.59
C TYR N 134 19.31 69.98 47.68
N GLY N 135 20.08 71.08 47.70
CA GLY N 135 21.13 71.33 48.68
C GLY N 135 22.41 70.52 48.46
N GLU N 136 22.63 70.04 47.21
CA GLU N 136 23.81 69.26 46.87
C GLU N 136 24.35 69.68 45.49
N TYR N 137 25.67 69.51 45.28
CA TYR N 137 26.26 69.58 43.96
C TYR N 137 25.79 68.37 43.15
N GLU N 138 25.64 68.54 41.84
CA GLU N 138 25.32 67.40 40.98
C GLU N 138 26.46 66.39 41.05
N GLU N 139 26.10 65.14 41.38
CA GLU N 139 27.06 64.04 41.48
C GLU N 139 26.67 62.95 40.47
N TYR N 140 27.65 62.54 39.64
CA TYR N 140 27.42 61.69 38.49
C TYR N 140 28.08 60.33 38.72
N SER N 141 27.34 59.25 38.44
CA SER N 141 27.89 57.89 38.50
C SER N 141 27.89 57.25 37.11
N LEU N 142 29.09 56.83 36.68
CA LEU N 142 29.28 56.02 35.47
C LEU N 142 29.50 54.56 35.88
N THR N 143 28.95 53.64 35.08
CA THR N 143 29.34 52.23 35.07
C THR N 143 29.59 51.83 33.62
N GLY N 144 30.72 51.14 33.36
CA GLY N 144 31.07 50.75 32.01
C GLY N 144 31.98 49.51 31.99
N SER N 145 32.18 48.97 30.78
CA SER N 145 33.00 47.78 30.57
C SER N 145 34.17 48.06 29.63
N GLY N 146 35.40 47.98 30.17
CA GLY N 146 36.63 47.98 29.38
C GLY N 146 36.91 46.59 28.79
N ARG N 147 37.63 46.56 27.66
CA ARG N 147 37.92 45.31 26.97
C ARG N 147 39.00 44.51 27.70
N SER N 148 40.08 45.20 28.11
CA SER N 148 41.21 44.58 28.80
C SER N 148 42.03 45.63 29.55
N VAL N 149 42.80 45.17 30.55
CA VAL N 149 43.84 45.98 31.19
C VAL N 149 45.07 45.92 30.30
N THR N 150 45.48 47.07 29.74
CA THR N 150 46.62 47.13 28.84
C THR N 150 47.93 47.33 29.61
N ASN N 151 47.84 47.87 30.83
CA ASN N 151 49.00 48.10 31.67
C ASN N 151 48.61 48.08 33.15
N LEU N 152 49.40 47.34 33.94
CA LEU N 152 49.42 47.46 35.39
C LEU N 152 50.87 47.31 35.87
N ALA N 153 51.47 48.43 36.27
CA ALA N 153 52.90 48.46 36.54
C ALA N 153 53.26 49.54 37.56
N ASP N 154 54.45 49.38 38.14
CA ASP N 154 55.12 50.44 38.88
C ASP N 154 55.82 51.35 37.87
N THR N 155 55.35 52.61 37.78
CA THR N 155 55.87 53.58 36.82
C THR N 155 56.78 54.62 37.49
N SER N 156 57.13 54.41 38.77
CA SER N 156 58.07 55.28 39.48
C SER N 156 59.47 55.17 38.87
N GLY N 157 60.32 56.19 39.10
CA GLY N 157 61.62 56.33 38.48
C GLY N 157 62.56 55.17 38.75
N ALA O 2 39.03 72.92 24.62
CA ALA O 2 37.62 72.76 25.06
C ALA O 2 37.41 73.41 26.43
N THR O 3 36.15 73.53 26.85
CA THR O 3 35.73 74.12 28.11
C THR O 3 36.16 73.22 29.28
N SER O 4 36.77 73.82 30.32
CA SER O 4 37.19 73.12 31.52
C SER O 4 35.98 72.51 32.24
N PRO O 5 36.07 71.25 32.76
CA PRO O 5 35.00 70.70 33.62
C PRO O 5 34.82 71.54 34.88
N GLU O 6 33.57 71.66 35.35
CA GLU O 6 33.23 72.55 36.46
C GLU O 6 32.08 71.96 37.27
N GLY O 7 32.04 72.28 38.58
CA GLY O 7 30.95 71.87 39.46
C GLY O 7 29.62 72.48 39.02
N ILE O 8 28.51 71.78 39.30
CA ILE O 8 27.18 72.31 39.06
C ILE O 8 26.38 72.20 40.36
N TRP O 9 25.70 73.30 40.72
CA TRP O 9 24.92 73.38 41.94
C TRP O 9 23.46 73.11 41.61
N SER O 10 22.82 72.15 42.32
CA SER O 10 21.49 71.68 41.98
C SER O 10 20.44 72.80 42.01
N ASN O 11 20.59 73.73 42.97
CA ASN O 11 19.59 74.78 43.19
C ASN O 11 19.71 75.92 42.18
N SER O 12 20.67 75.84 41.25
CA SER O 12 20.84 76.80 40.15
C SER O 12 19.96 76.46 38.95
N GLY O 13 19.40 75.24 38.91
CA GLY O 13 18.71 74.72 37.73
C GLY O 13 17.30 75.28 37.55
N ALA O 14 16.91 75.48 36.27
CA ALA O 14 15.54 75.79 35.89
C ALA O 14 15.02 74.72 34.93
N LEU O 15 13.96 74.01 35.34
CA LEU O 15 13.31 72.95 34.56
C LEU O 15 11.99 73.47 33.99
N THR O 16 11.76 73.23 32.69
CA THR O 16 10.54 73.65 32.00
C THR O 16 10.02 72.51 31.12
N PHE O 17 8.68 72.43 31.01
CA PHE O 17 7.97 71.50 30.15
C PHE O 17 7.22 72.26 29.06
N GLU O 18 7.20 71.67 27.86
CA GLU O 18 6.49 72.25 26.72
C GLU O 18 5.60 71.20 26.05
N ASP O 19 4.45 71.66 25.54
CA ASP O 19 3.60 70.87 24.65
C ASP O 19 4.25 70.82 23.28
N PRO O 20 4.66 69.63 22.74
CA PRO O 20 5.27 69.55 21.41
C PRO O 20 4.36 69.89 20.23
N ALA O 21 3.05 70.06 20.49
CA ALA O 21 2.12 70.52 19.47
C ALA O 21 2.26 72.02 19.21
N ASP O 22 2.69 72.78 20.23
CA ASP O 22 2.69 74.25 20.22
C ASP O 22 4.07 74.85 20.46
N ASP O 23 4.93 74.12 21.18
CA ASP O 23 6.07 74.65 21.93
C ASP O 23 5.63 75.58 23.08
N SER O 24 4.35 75.51 23.51
CA SER O 24 3.81 76.33 24.60
C SER O 24 4.19 75.72 25.95
N GLU O 25 4.44 76.58 26.96
CA GLU O 25 4.87 76.12 28.28
C GLU O 25 3.70 75.48 29.04
N ILE O 26 3.99 74.35 29.70
CA ILE O 26 3.12 73.70 30.67
C ILE O 26 3.66 74.02 32.06
N LEU O 27 2.81 74.61 32.91
CA LEU O 27 3.24 75.14 34.21
C LEU O 27 3.70 74.00 35.12
N PHE O 28 4.96 74.10 35.55
CA PHE O 28 5.60 73.13 36.44
C PHE O 28 6.62 73.88 37.31
N ALA O 29 6.74 73.47 38.59
CA ALA O 29 7.52 74.21 39.57
C ALA O 29 7.87 73.34 40.77
N GLY O 30 8.80 73.85 41.60
CA GLY O 30 9.03 73.31 42.94
C GLY O 30 9.79 71.98 42.96
N VAL O 31 10.70 71.78 42.01
CA VAL O 31 11.52 70.56 41.94
C VAL O 31 12.47 70.50 43.14
N ARG O 32 12.86 69.26 43.48
CA ARG O 32 13.77 68.95 44.58
C ARG O 32 14.84 67.95 44.15
N ASP O 33 14.51 67.10 43.16
CA ASP O 33 15.50 66.26 42.47
C ASP O 33 15.17 66.21 40.98
N VAL O 34 16.22 66.11 40.15
CA VAL O 34 16.10 65.93 38.70
C VAL O 34 17.26 65.06 38.22
N THR O 35 16.95 63.85 37.73
CA THR O 35 17.93 63.02 37.04
C THR O 35 17.52 62.85 35.58
N ILE O 36 18.44 63.19 34.66
CA ILE O 36 18.28 62.94 33.23
C ILE O 36 19.45 62.06 32.77
N THR O 37 19.12 60.89 32.21
CA THR O 37 20.11 59.90 31.84
C THR O 37 19.77 59.35 30.45
N PRO O 38 20.45 59.78 29.35
CA PRO O 38 20.44 59.02 28.10
C PRO O 38 21.13 57.67 28.29
N ALA O 39 20.53 56.66 27.65
CA ALA O 39 20.95 55.27 27.79
C ALA O 39 20.79 54.55 26.46
N TYR O 40 21.59 53.49 26.29
CA TYR O 40 21.40 52.51 25.24
C TYR O 40 21.60 51.12 25.87
N GLU O 41 20.94 50.11 25.29
CA GLU O 41 21.30 48.72 25.55
C GLU O 41 22.60 48.40 24.81
N HIS O 42 23.54 47.71 25.49
CA HIS O 42 24.77 47.23 24.87
C HIS O 42 24.71 45.72 24.68
N ALA O 43 25.10 45.27 23.47
CA ALA O 43 25.37 43.87 23.22
C ALA O 43 26.87 43.68 22.88
N GLU O 44 27.52 42.76 23.61
CA GLU O 44 28.94 42.46 23.47
C GLU O 44 29.09 41.08 22.81
N LEU O 45 30.04 40.97 21.85
CA LEU O 45 30.28 39.72 21.13
C LEU O 45 31.49 38.99 21.73
N TYR O 46 31.28 37.69 22.05
CA TYR O 46 32.35 36.78 22.46
C TYR O 46 32.24 35.46 21.71
N THR O 47 33.39 34.90 21.32
CA THR O 47 33.47 33.65 20.55
C THR O 47 34.62 32.79 21.09
N ILE O 48 34.72 31.55 20.59
CA ILE O 48 35.75 30.60 21.01
C ILE O 48 37.15 31.08 20.60
N ASP O 49 37.24 32.02 19.64
CA ASP O 49 38.50 32.58 19.16
C ASP O 49 39.32 33.27 20.26
N SER O 50 38.64 33.90 21.24
CA SER O 50 39.29 34.76 22.23
C SER O 50 38.44 34.88 23.49
N THR O 51 39.10 35.04 24.65
CA THR O 51 38.42 35.38 25.90
C THR O 51 38.03 36.86 25.94
N PHE O 52 38.66 37.67 25.07
CA PHE O 52 38.38 39.10 25.01
C PHE O 52 37.14 39.36 24.15
N ARG O 53 36.54 40.54 24.34
CA ARG O 53 35.39 41.02 23.59
C ARG O 53 35.78 41.28 22.14
N ASP O 54 35.03 40.69 21.20
CA ASP O 54 35.24 40.88 19.76
C ASP O 54 34.66 42.23 19.31
N GLU O 55 33.44 42.54 19.76
CA GLU O 55 32.68 43.72 19.35
C GLU O 55 31.78 44.21 20.50
N VAL O 56 31.35 45.48 20.43
CA VAL O 56 30.26 46.00 21.25
C VAL O 56 29.42 47.00 20.44
N LYS O 57 28.09 46.99 20.65
CA LYS O 57 27.13 47.76 19.86
C LYS O 57 26.00 48.32 20.74
N ARG O 58 25.40 49.45 20.28
CA ARG O 58 24.28 50.14 20.92
C ARG O 58 22.96 49.77 20.22
N TYR O 59 21.87 49.72 21.01
CA TYR O 59 20.49 49.67 20.52
C TYR O 59 19.55 50.13 21.64
N GLU O 60 18.24 50.26 21.34
CA GLU O 60 17.21 50.75 22.26
C GLU O 60 17.66 51.99 23.03
N HIS O 61 17.81 53.09 22.29
CA HIS O 61 18.04 54.37 22.93
C HIS O 61 16.77 54.84 23.66
N ASN O 62 16.96 55.35 24.88
CA ASN O 62 15.96 56.16 25.56
C ASN O 62 16.68 57.14 26.49
N VAL O 63 15.91 58.10 27.02
CA VAL O 63 16.39 58.97 28.07
C VAL O 63 15.52 58.71 29.32
N ASN O 64 16.13 58.18 30.38
CA ASN O 64 15.46 58.11 31.66
C ASN O 64 15.36 59.51 32.25
N VAL O 65 14.13 59.93 32.54
CA VAL O 65 13.85 61.19 33.22
C VAL O 65 13.13 60.84 34.53
N GLU O 66 13.74 61.23 35.66
CA GLU O 66 13.05 61.10 36.94
C GLU O 66 13.22 62.39 37.75
N ILE O 67 12.08 62.86 38.28
CA ILE O 67 11.95 64.19 38.88
C ILE O 67 11.20 64.02 40.21
N THR O 68 11.70 64.66 41.27
CA THR O 68 10.93 64.81 42.50
C THR O 68 10.60 66.29 42.70
N TYR O 69 9.34 66.59 43.05
CA TYR O 69 8.86 67.96 43.12
C TYR O 69 7.77 68.09 44.21
N ALA O 70 7.58 69.31 44.72
CA ALA O 70 6.75 69.55 45.90
C ALA O 70 5.69 70.64 45.70
N LYS O 71 5.53 71.15 44.47
CA LYS O 71 4.42 72.03 44.10
C LYS O 71 3.55 71.31 43.09
N PHE O 72 2.27 71.12 43.44
CA PHE O 72 1.33 70.43 42.56
C PHE O 72 0.89 71.37 41.43
N SER O 73 0.79 70.82 40.20
CA SER O 73 0.32 71.54 39.03
C SER O 73 -0.91 70.85 38.45
N LEU O 74 -2.05 71.57 38.43
CA LEU O 74 -3.25 71.04 37.80
C LEU O 74 -3.05 70.91 36.30
N GLU O 75 -2.38 71.89 35.67
CA GLU O 75 -2.17 71.87 34.23
C GLU O 75 -1.38 70.63 33.82
N PHE O 76 -0.30 70.31 34.55
CA PHE O 76 0.53 69.16 34.25
C PHE O 76 -0.26 67.85 34.37
N ALA O 77 -1.05 67.72 35.45
CA ALA O 77 -1.85 66.53 35.70
C ALA O 77 -2.95 66.36 34.66
N GLN O 78 -3.60 67.49 34.26
CA GLN O 78 -4.71 67.45 33.32
C GLN O 78 -4.22 67.24 31.88
N GLU O 79 -3.00 67.72 31.58
CA GLU O 79 -2.32 67.41 30.31
C GLU O 79 -2.01 65.91 30.22
N TRP O 80 -1.53 65.33 31.33
CA TRP O 80 -1.22 63.91 31.40
C TRP O 80 -2.48 63.05 31.23
N LEU O 81 -3.59 63.44 31.88
CA LEU O 81 -4.85 62.72 31.78
C LEU O 81 -5.40 62.74 30.35
N GLY O 82 -5.35 63.92 29.69
CA GLY O 82 -5.99 64.13 28.40
C GLY O 82 -5.24 63.53 27.20
N GLY O 83 -3.93 63.28 27.33
CA GLY O 83 -3.12 62.79 26.23
C GLY O 83 -2.75 63.88 25.22
N PRO O 84 -2.11 63.54 24.06
CA PRO O 84 -1.63 64.54 23.11
C PRO O 84 -2.68 65.54 22.64
N GLY O 85 -2.39 66.84 22.85
CA GLY O 85 -3.17 67.95 22.32
C GLY O 85 -4.50 68.23 23.02
N ALA O 86 -4.72 67.65 24.23
CA ALA O 86 -5.93 67.93 24.99
C ALA O 86 -5.69 67.76 26.50
N THR O 87 -6.32 68.62 27.32
CA THR O 87 -6.44 68.42 28.76
C THR O 87 -7.75 67.70 29.09
N ALA O 88 -7.74 66.92 30.17
CA ALA O 88 -8.95 66.28 30.69
C ALA O 88 -8.95 66.29 32.23
N THR O 89 -10.16 66.22 32.83
CA THR O 89 -10.33 66.25 34.29
C THR O 89 -10.68 64.86 34.84
N ALA O 90 -10.47 63.81 34.03
CA ALA O 90 -10.76 62.41 34.37
C ALA O 90 -9.92 61.52 33.48
N SER O 91 -9.70 60.25 33.89
CA SER O 91 -9.02 59.26 33.05
C SER O 91 -9.68 59.18 31.67
N GLN O 92 -8.84 59.13 30.63
CA GLN O 92 -9.32 58.94 29.27
C GLN O 92 -9.03 57.50 28.83
N ASP O 93 -10.05 56.87 28.23
CA ASP O 93 -9.95 55.52 27.71
C ASP O 93 -9.41 55.56 26.28
N ASP O 94 -8.11 55.88 26.14
CA ASP O 94 -7.43 55.85 24.85
C ASP O 94 -5.94 55.52 25.01
N SER O 95 -5.31 55.15 23.88
CA SER O 95 -4.01 54.48 23.84
C SER O 95 -2.83 55.44 23.69
N ASP O 96 -3.06 56.75 23.52
CA ASP O 96 -1.97 57.70 23.29
C ASP O 96 -1.53 58.36 24.59
N PRO O 97 -0.27 58.13 25.07
CA PRO O 97 0.24 58.86 26.24
C PRO O 97 0.60 60.29 25.86
N MET O 98 0.39 61.21 26.81
CA MET O 98 0.86 62.57 26.66
C MET O 98 2.39 62.59 26.55
N LYS O 99 2.89 63.27 25.50
CA LYS O 99 4.33 63.44 25.26
C LYS O 99 4.70 64.88 25.58
N PHE O 100 5.62 65.06 26.54
CA PHE O 100 6.10 66.38 26.92
C PHE O 100 7.51 66.57 26.37
N ASN O 101 7.79 67.77 25.84
CA ASN O 101 9.18 68.19 25.67
C ASN O 101 9.67 68.76 27.00
N LEU O 102 10.95 68.51 27.32
CA LEU O 102 11.53 68.92 28.58
C LEU O 102 12.86 69.64 28.30
N GLU O 103 13.09 70.75 29.01
CA GLU O 103 14.37 71.45 28.96
C GLU O 103 14.80 71.82 30.39
N ASN O 104 16.08 71.55 30.70
CA ASN O 104 16.69 71.93 31.97
C ASN O 104 17.93 72.80 31.69
N VAL O 105 17.97 73.99 32.31
CA VAL O 105 19.07 74.94 32.10
C VAL O 105 19.75 75.20 33.45
N THR O 106 21.09 75.02 33.47
CA THR O 106 21.89 75.22 34.68
C THR O 106 23.18 75.98 34.35
N PRO O 107 23.47 77.13 35.01
CA PRO O 107 24.83 77.68 35.06
C PRO O 107 25.77 76.69 35.76
N SER O 108 27.04 76.66 35.32
CA SER O 108 28.09 76.01 36.08
C SER O 108 28.45 76.87 37.29
N ALA O 109 29.03 76.26 38.33
CA ALA O 109 29.11 76.86 39.67
C ALA O 109 29.95 78.14 39.73
N SER O 110 30.95 78.28 38.83
CA SER O 110 31.78 79.47 38.72
C SER O 110 31.47 80.27 37.45
N GLY O 111 30.42 79.87 36.71
CA GLY O 111 29.97 80.56 35.51
C GLY O 111 30.82 80.31 34.26
N GLY O 112 31.63 79.23 34.26
CA GLY O 112 32.44 78.84 33.11
C GLY O 112 31.62 78.49 31.87
N PHE O 113 30.40 77.97 32.07
CA PHE O 113 29.46 77.61 31.01
C PHE O 113 28.02 77.61 31.54
N GLU O 114 27.05 77.55 30.62
CA GLU O 114 25.66 77.27 30.99
C GLU O 114 25.19 76.03 30.24
N ARG O 115 25.01 74.92 30.96
CA ARG O 115 24.57 73.66 30.36
C ARG O 115 23.05 73.69 30.17
N THR O 116 22.61 73.54 28.90
CA THR O 116 21.22 73.30 28.55
C THR O 116 21.07 71.84 28.10
N THR O 117 20.16 71.11 28.76
CA THR O 117 19.75 69.77 28.35
C THR O 117 18.29 69.82 27.87
N ALA O 118 18.04 69.30 26.65
CA ALA O 118 16.69 69.18 26.12
C ALA O 118 16.39 67.74 25.71
N VAL O 119 15.19 67.25 26.09
CA VAL O 119 14.74 65.89 25.85
C VAL O 119 13.38 65.95 25.16
N GLU O 120 13.22 65.23 24.04
CA GLU O 120 11.95 65.18 23.32
C GLU O 120 11.09 64.04 23.86
N ASN O 121 9.75 64.21 23.77
CA ASN O 121 8.76 63.16 23.90
C ASN O 121 8.94 62.32 25.18
N VAL O 122 9.10 63.00 26.32
CA VAL O 122 9.09 62.34 27.62
C VAL O 122 7.65 61.89 27.90
N VAL O 123 7.49 60.60 28.22
CA VAL O 123 6.21 60.04 28.65
C VAL O 123 6.39 59.43 30.04
N PHE O 124 5.34 59.54 30.88
CA PHE O 124 5.37 59.03 32.24
C PHE O 124 4.31 57.93 32.37
N PRO O 125 4.67 56.65 32.65
CA PRO O 125 3.68 55.57 32.79
C PRO O 125 2.66 55.81 33.91
N GLU O 126 3.07 56.52 34.97
CA GLU O 126 2.19 56.79 36.11
C GLU O 126 2.41 58.20 36.63
N LEU O 127 1.31 58.81 37.09
CA LEU O 127 1.29 60.17 37.60
C LEU O 127 0.83 60.15 39.05
N PRO O 128 1.64 60.59 40.05
CA PRO O 128 1.15 60.71 41.42
C PRO O 128 0.24 61.93 41.55
N LEU O 129 -1.05 61.68 41.79
CA LEU O 129 -2.00 62.78 42.00
C LEU O 129 -1.93 63.28 43.44
N ASP O 130 -1.99 62.33 44.39
CA ASP O 130 -1.92 62.62 45.82
C ASP O 130 -0.73 61.84 46.40
N SER O 131 0.02 62.48 47.31
CA SER O 131 1.20 61.88 47.92
C SER O 131 1.39 62.42 49.33
N ALA O 132 0.34 62.24 50.17
CA ALA O 132 0.25 62.84 51.50
C ALA O 132 0.93 61.94 52.54
N THR O 133 1.72 62.58 53.42
CA THR O 133 2.30 61.96 54.61
C THR O 133 2.15 62.95 55.78
N TYR O 134 1.72 62.44 56.94
CA TYR O 134 1.51 63.23 58.14
C TYR O 134 2.75 64.06 58.48
N GLY O 135 2.55 65.38 58.69
CA GLY O 135 3.60 66.31 59.08
C GLY O 135 4.57 66.67 57.95
N GLU O 136 4.16 66.43 56.69
CA GLU O 136 4.99 66.71 55.52
C GLU O 136 4.16 67.36 54.42
N TYR O 137 4.83 68.16 53.57
CA TYR O 137 4.23 68.61 52.32
C TYR O 137 4.14 67.41 51.38
N GLU O 138 3.15 67.43 50.48
CA GLU O 138 3.05 66.39 49.47
C GLU O 138 4.25 66.47 48.53
N GLU O 139 4.97 65.35 48.39
CA GLU O 139 6.15 65.26 47.53
C GLU O 139 5.90 64.18 46.47
N TYR O 140 6.08 64.57 45.20
CA TYR O 140 5.70 63.79 44.03
C TYR O 140 6.95 63.32 43.29
N SER O 141 7.00 62.02 42.93
CA SER O 141 8.08 61.50 42.09
C SER O 141 7.55 61.01 40.75
N LEU O 142 8.08 61.61 39.66
CA LEU O 142 7.83 61.16 38.30
C LEU O 142 8.98 60.28 37.83
N THR O 143 8.65 59.21 37.08
CA THR O 143 9.61 58.43 36.31
C THR O 143 9.05 58.30 34.89
N GLY O 144 9.89 58.57 33.88
CA GLY O 144 9.46 58.52 32.49
C GLY O 144 10.62 58.33 31.51
N SER O 145 10.26 58.11 30.24
CA SER O 145 11.24 57.88 29.17
C SER O 145 11.06 58.86 28.01
N GLY O 146 12.10 59.68 27.77
CA GLY O 146 12.23 60.50 26.58
C GLY O 146 12.79 59.68 25.40
N ARG O 147 12.52 60.14 24.18
CA ARG O 147 12.93 59.43 22.97
C ARG O 147 14.41 59.70 22.65
N SER O 148 14.84 60.96 22.73
CA SER O 148 16.22 61.36 22.46
C SER O 148 16.57 62.64 23.21
N VAL O 149 17.87 62.87 23.40
CA VAL O 149 18.38 64.18 23.81
C VAL O 149 18.50 65.02 22.53
N THR O 150 17.68 66.09 22.43
CA THR O 150 17.67 66.91 21.23
C THR O 150 18.72 68.02 21.31
N ASN O 151 19.12 68.40 22.53
CA ASN O 151 20.16 69.41 22.72
C ASN O 151 20.93 69.12 24.02
N LEU O 152 22.27 69.20 23.91
CA LEU O 152 23.18 69.32 25.04
C LEU O 152 24.31 70.26 24.63
N ALA O 153 24.25 71.51 25.12
CA ALA O 153 25.16 72.55 24.66
C ALA O 153 25.44 73.56 25.78
N ASP O 154 26.57 74.25 25.64
CA ASP O 154 26.86 75.46 26.38
C ASP O 154 26.08 76.60 25.73
N THR O 155 25.04 77.10 26.43
CA THR O 155 24.17 78.16 25.93
C THR O 155 24.54 79.52 26.50
N SER O 156 25.71 79.64 27.18
CA SER O 156 26.19 80.93 27.67
C SER O 156 26.51 81.86 26.49
N GLY O 157 26.38 83.18 26.71
CA GLY O 157 26.48 84.19 25.67
C GLY O 157 27.85 84.25 25.01
N ALA P 2 -3.44 79.58 33.01
CA ALA P 2 -3.76 78.45 33.95
C ALA P 2 -3.30 78.80 35.36
N THR P 3 -3.77 78.01 36.35
CA THR P 3 -3.50 78.20 37.77
C THR P 3 -2.02 77.90 38.07
N SER P 4 -1.38 78.76 38.88
CA SER P 4 0.02 78.60 39.27
C SER P 4 0.20 77.33 40.11
N PRO P 5 1.29 76.53 39.91
CA PRO P 5 1.61 75.41 40.80
C PRO P 5 1.91 75.90 42.22
N GLU P 6 1.49 75.11 43.22
CA GLU P 6 1.55 75.54 44.61
C GLU P 6 1.83 74.33 45.51
N GLY P 7 2.48 74.57 46.66
CA GLY P 7 2.70 73.53 47.66
C GLY P 7 1.36 73.02 48.22
N ILE P 8 1.32 71.73 48.62
CA ILE P 8 0.14 71.17 49.27
C ILE P 8 0.59 70.54 50.59
N TRP P 9 -0.19 70.80 51.65
CA TRP P 9 0.14 70.34 53.00
C TRP P 9 -0.71 69.10 53.32
N SER P 10 -0.05 68.01 53.76
CA SER P 10 -0.73 66.72 53.92
C SER P 10 -1.86 66.78 54.94
N ASN P 11 -1.67 67.51 56.04
CA ASN P 11 -2.61 67.53 57.16
C ASN P 11 -3.87 68.35 56.84
N SER P 12 -3.93 68.98 55.64
CA SER P 12 -5.08 69.73 55.17
C SER P 12 -6.10 68.82 54.45
N GLY P 13 -5.71 67.58 54.14
CA GLY P 13 -6.55 66.68 53.35
C GLY P 13 -7.74 66.12 54.12
N ALA P 14 -8.88 65.99 53.42
CA ALA P 14 -10.05 65.27 53.91
C ALA P 14 -10.41 64.14 52.93
N LEU P 15 -10.30 62.89 53.41
CA LEU P 15 -10.56 61.68 52.62
C LEU P 15 -11.90 61.08 53.04
N THR P 16 -12.73 60.71 52.04
CA THR P 16 -14.03 60.10 52.27
C THR P 16 -14.24 58.91 51.34
N PHE P 17 -15.01 57.92 51.82
CA PHE P 17 -15.42 56.75 51.05
C PHE P 17 -16.94 56.73 50.93
N GLU P 18 -17.43 56.26 49.77
CA GLU P 18 -18.87 56.14 49.54
C GLU P 18 -19.19 54.77 48.95
N ASP P 19 -20.36 54.23 49.33
CA ASP P 19 -20.93 53.07 48.69
C ASP P 19 -21.46 53.48 47.30
N PRO P 20 -20.90 52.95 46.18
CA PRO P 20 -21.36 53.32 44.84
C PRO P 20 -22.79 52.92 44.48
N ALA P 21 -23.46 52.12 45.33
CA ALA P 21 -24.87 51.81 45.17
C ALA P 21 -25.76 52.98 45.60
N ASP P 22 -25.26 53.84 46.50
CA ASP P 22 -26.05 54.85 47.17
C ASP P 22 -25.50 56.27 46.97
N ASP P 23 -24.17 56.38 46.80
CA ASP P 23 -23.40 57.58 47.11
C ASP P 23 -23.49 57.96 48.60
N SER P 24 -23.75 56.98 49.48
CA SER P 24 -23.79 57.18 50.93
C SER P 24 -22.38 57.02 51.53
N GLU P 25 -22.05 57.86 52.51
CA GLU P 25 -20.72 57.86 53.11
C GLU P 25 -20.51 56.62 53.99
N ILE P 26 -19.32 56.02 53.87
CA ILE P 26 -18.83 54.96 54.74
C ILE P 26 -17.85 55.58 55.72
N LEU P 27 -18.06 55.36 57.02
CA LEU P 27 -17.28 56.02 58.06
C LEU P 27 -15.83 55.53 58.05
N PHE P 28 -14.91 56.47 57.81
CA PHE P 28 -13.48 56.25 57.77
C PHE P 28 -12.79 57.53 58.24
N ALA P 29 -11.70 57.39 59.02
CA ALA P 29 -11.07 58.53 59.68
C ALA P 29 -9.63 58.18 60.09
N GLY P 30 -8.88 59.21 60.52
CA GLY P 30 -7.59 59.03 61.16
C GLY P 30 -6.46 58.64 60.21
N VAL P 31 -6.52 59.12 58.96
CA VAL P 31 -5.47 58.88 57.97
C VAL P 31 -4.15 59.53 58.41
N ARG P 32 -3.04 58.94 57.95
CA ARG P 32 -1.69 59.43 58.21
C ARG P 32 -0.88 59.50 56.91
N ASP P 33 -1.15 58.58 55.97
CA ASP P 33 -0.62 58.66 54.61
C ASP P 33 -1.72 58.34 53.61
N VAL P 34 -1.68 59.03 52.45
CA VAL P 34 -2.60 58.80 51.34
C VAL P 34 -1.83 59.02 50.03
N THR P 35 -1.62 57.94 49.26
CA THR P 35 -1.03 58.03 47.93
C THR P 35 -2.06 57.56 46.91
N ILE P 36 -2.33 58.42 45.90
CA ILE P 36 -3.21 58.08 44.79
C ILE P 36 -2.42 58.29 43.49
N THR P 37 -2.27 57.19 42.72
CA THR P 37 -1.44 57.20 41.52
C THR P 37 -2.18 56.51 40.37
N PRO P 38 -2.83 57.28 39.45
CA PRO P 38 -3.24 56.73 38.16
C PRO P 38 -2.02 56.32 37.33
N ALA P 39 -2.17 55.18 36.66
CA ALA P 39 -1.09 54.51 35.96
C ALA P 39 -1.62 53.82 34.71
N TYR P 40 -0.72 53.60 33.75
CA TYR P 40 -0.96 52.74 32.61
C TYR P 40 0.28 51.89 32.38
N GLU P 41 0.10 50.72 31.77
CA GLU P 41 1.22 50.01 31.16
C GLU P 41 1.59 50.70 29.85
N HIS P 42 2.91 50.84 29.59
CA HIS P 42 3.42 51.38 28.33
C HIS P 42 4.10 50.27 27.53
N ALA P 43 3.82 50.24 26.21
CA ALA P 43 4.59 49.44 25.28
C ALA P 43 5.29 50.35 24.26
N GLU P 44 6.62 50.21 24.16
CA GLU P 44 7.47 50.99 23.27
C GLU P 44 7.85 50.14 22.06
N LEU P 45 7.74 50.70 20.84
CA LEU P 45 8.08 49.98 19.61
C LEU P 45 9.50 50.35 19.16
N TYR P 46 10.34 49.32 18.97
CA TYR P 46 11.65 49.44 18.35
C TYR P 46 11.81 48.37 17.26
N THR P 47 12.48 48.75 16.16
CA THR P 47 12.75 47.86 15.03
C THR P 47 14.17 48.12 14.52
N ILE P 48 14.63 47.29 13.58
CA ILE P 48 15.96 47.39 12.96
C ILE P 48 16.15 48.73 12.23
N ASP P 49 15.06 49.43 11.87
CA ASP P 49 15.11 50.71 11.16
C ASP P 49 15.89 51.79 11.92
N SER P 50 15.83 51.78 13.26
CA SER P 50 16.35 52.87 14.08
C SER P 50 16.63 52.39 15.51
N THR P 51 17.60 53.05 16.17
CA THR P 51 17.86 52.86 17.60
C THR P 51 16.89 53.66 18.46
N PHE P 52 16.22 54.66 17.88
CA PHE P 52 15.26 55.48 18.60
C PHE P 52 13.91 54.80 18.64
N ARG P 53 13.12 55.11 19.67
CA ARG P 53 11.76 54.63 19.85
C ARG P 53 10.87 55.10 18.69
N ASP P 54 10.11 54.16 18.11
CA ASP P 54 9.26 54.43 16.95
C ASP P 54 7.86 54.89 17.41
N GLU P 55 7.31 54.21 18.42
CA GLU P 55 5.99 54.48 18.97
C GLU P 55 5.98 54.18 20.47
N VAL P 56 5.00 54.76 21.19
CA VAL P 56 4.68 54.36 22.57
C VAL P 56 3.16 54.46 22.78
N LYS P 57 2.57 53.50 23.52
CA LYS P 57 1.14 53.40 23.72
C LYS P 57 0.77 53.03 25.17
N ARG P 58 -0.34 53.58 25.66
CA ARG P 58 -0.94 53.26 26.96
C ARG P 58 -1.87 52.06 26.81
N TYR P 59 -1.93 51.23 27.87
CA TYR P 59 -2.98 50.22 28.05
C TYR P 59 -3.09 49.87 29.53
N GLU P 60 -4.12 49.06 29.89
CA GLU P 60 -4.25 48.47 31.22
C GLU P 60 -4.21 49.56 32.29
N HIS P 61 -5.21 50.45 32.25
CA HIS P 61 -5.30 51.57 33.16
C HIS P 61 -5.65 51.07 34.56
N ASN P 62 -5.11 51.78 35.55
CA ASN P 62 -5.18 51.41 36.95
C ASN P 62 -5.04 52.68 37.78
N VAL P 63 -5.65 52.71 38.97
CA VAL P 63 -5.34 53.74 39.95
C VAL P 63 -4.88 53.03 41.22
N ASN P 64 -3.58 53.10 41.50
CA ASN P 64 -3.07 52.63 42.79
C ASN P 64 -3.53 53.60 43.88
N VAL P 65 -4.26 53.05 44.85
CA VAL P 65 -4.64 53.74 46.07
C VAL P 65 -3.92 53.02 47.23
N GLU P 66 -3.12 53.78 47.99
CA GLU P 66 -2.59 53.22 49.23
C GLU P 66 -2.73 54.24 50.36
N ILE P 67 -3.25 53.76 51.49
CA ILE P 67 -3.65 54.58 52.63
C ILE P 67 -3.09 53.95 53.90
N THR P 68 -2.46 54.78 54.75
CA THR P 68 -2.17 54.38 56.12
C THR P 68 -3.03 55.22 57.08
N TYR P 69 -3.67 54.55 58.05
CA TYR P 69 -4.60 55.20 58.96
C TYR P 69 -4.55 54.52 60.34
N ALA P 70 -4.98 55.26 61.38
CA ALA P 70 -4.74 54.86 62.77
C ALA P 70 -6.02 54.83 63.62
N LYS P 71 -7.20 54.99 62.99
CA LYS P 71 -8.49 54.81 63.65
C LYS P 71 -9.23 53.65 62.97
N PHE P 72 -9.60 52.63 63.76
CA PHE P 72 -10.31 51.49 63.22
C PHE P 72 -11.78 51.83 62.98
N SER P 73 -12.34 51.33 61.87
CA SER P 73 -13.75 51.49 61.55
C SER P 73 -14.40 50.13 61.36
N LEU P 74 -15.45 49.85 62.16
CA LEU P 74 -16.22 48.61 62.00
C LEU P 74 -17.05 48.65 60.72
N GLU P 75 -17.54 49.83 60.32
CA GLU P 75 -18.34 49.94 59.11
C GLU P 75 -17.50 49.60 57.88
N PHE P 76 -16.30 50.20 57.77
CA PHE P 76 -15.41 49.94 56.65
C PHE P 76 -15.04 48.46 56.53
N ALA P 77 -14.69 47.84 57.68
CA ALA P 77 -14.26 46.45 57.74
C ALA P 77 -15.41 45.50 57.37
N GLN P 78 -16.62 45.77 57.89
CA GLN P 78 -17.79 44.91 57.67
C GLN P 78 -18.38 45.09 56.26
N GLU P 79 -18.21 46.28 55.66
CA GLU P 79 -18.53 46.52 54.25
C GLU P 79 -17.58 45.71 53.35
N TRP P 80 -16.28 45.74 53.66
CA TRP P 80 -15.28 44.98 52.92
C TRP P 80 -15.57 43.48 52.98
N LEU P 81 -15.93 42.96 54.17
CA LEU P 81 -16.30 41.57 54.35
C LEU P 81 -17.55 41.21 53.53
N GLY P 82 -18.56 42.09 53.57
CA GLY P 82 -19.89 41.81 53.01
C GLY P 82 -19.95 41.79 51.49
N GLY P 83 -19.05 42.52 50.81
CA GLY P 83 -19.10 42.67 49.36
C GLY P 83 -20.14 43.71 48.93
N PRO P 84 -20.37 43.92 47.61
CA PRO P 84 -21.27 44.98 47.13
C PRO P 84 -22.69 44.94 47.70
N GLY P 85 -23.14 46.09 48.22
CA GLY P 85 -24.50 46.31 48.70
C GLY P 85 -24.88 45.50 49.95
N ALA P 86 -23.88 45.03 50.72
CA ALA P 86 -24.12 44.21 51.91
C ALA P 86 -23.02 44.39 52.95
N THR P 87 -23.38 44.17 54.23
CA THR P 87 -22.49 44.27 55.38
C THR P 87 -22.44 42.91 56.07
N ALA P 88 -21.25 42.47 56.54
CA ALA P 88 -21.12 41.16 57.16
C ALA P 88 -20.12 41.15 58.31
N THR P 89 -20.37 40.27 59.30
CA THR P 89 -19.53 40.10 60.49
C THR P 89 -18.53 38.94 60.34
N ALA P 90 -18.49 38.30 59.16
CA ALA P 90 -17.64 37.13 58.91
C ALA P 90 -17.23 37.12 57.43
N SER P 91 -16.15 36.39 57.09
CA SER P 91 -15.76 36.17 55.70
C SER P 91 -16.94 35.60 54.91
N GLN P 92 -17.18 36.17 53.72
CA GLN P 92 -18.21 35.67 52.82
C GLN P 92 -17.57 34.84 51.73
N ASP P 93 -18.19 33.70 51.42
CA ASP P 93 -17.73 32.81 50.36
C ASP P 93 -18.36 33.21 49.04
N ASP P 94 -17.96 34.38 48.50
CA ASP P 94 -18.43 34.84 47.19
C ASP P 94 -17.35 35.64 46.43
N SER P 95 -17.56 35.79 45.12
CA SER P 95 -16.54 36.23 44.17
C SER P 95 -16.51 37.74 43.96
N ASP P 96 -17.50 38.48 44.47
CA ASP P 96 -17.56 39.93 44.26
C ASP P 96 -16.82 40.67 45.38
N PRO P 97 -15.74 41.44 45.09
CA PRO P 97 -15.13 42.31 46.11
C PRO P 97 -15.98 43.56 46.31
N MET P 98 -15.96 44.10 47.54
CA MET P 98 -16.57 45.40 47.80
C MET P 98 -15.81 46.47 47.02
N LYS P 99 -16.58 47.29 46.28
CA LYS P 99 -16.05 48.40 45.50
C LYS P 99 -16.42 49.70 46.21
N PHE P 100 -15.40 50.50 46.54
CA PHE P 100 -15.60 51.78 47.21
C PHE P 100 -15.34 52.90 46.21
N ASN P 101 -16.22 53.92 46.19
CA ASN P 101 -15.84 55.19 45.61
C ASN P 101 -15.04 55.97 46.65
N LEU P 102 -14.03 56.71 46.19
CA LEU P 102 -13.12 57.44 47.07
C LEU P 102 -13.00 58.88 46.58
N GLU P 103 -13.00 59.83 47.52
CA GLU P 103 -12.76 61.23 47.21
C GLU P 103 -11.83 61.85 48.26
N ASN P 104 -10.83 62.60 47.78
CA ASN P 104 -9.91 63.33 48.64
C ASN P 104 -9.91 64.80 48.23
N VAL P 105 -10.11 65.68 49.23
CA VAL P 105 -10.16 67.12 49.00
C VAL P 105 -9.05 67.80 49.81
N THR P 106 -8.23 68.61 49.13
CA THR P 106 -7.13 69.34 49.77
C THR P 106 -7.08 70.77 49.24
N PRO P 107 -7.08 71.81 50.13
CA PRO P 107 -6.63 73.15 49.73
C PRO P 107 -5.14 73.11 49.38
N SER P 108 -4.72 73.98 48.46
CA SER P 108 -3.31 74.28 48.29
C SER P 108 -2.82 75.11 49.48
N ALA P 109 -1.49 75.14 49.71
CA ALA P 109 -0.90 75.66 50.94
C ALA P 109 -1.16 77.16 51.16
N SER P 110 -1.32 77.93 50.06
CA SER P 110 -1.64 79.36 50.13
C SER P 110 -3.06 79.67 49.60
N GLY P 111 -3.90 78.64 49.43
CA GLY P 111 -5.29 78.80 49.03
C GLY P 111 -5.50 79.19 47.57
N GLY P 112 -4.46 79.04 46.73
CA GLY P 112 -4.54 79.31 45.29
C GLY P 112 -5.57 78.46 44.55
N PHE P 113 -5.82 77.23 45.06
CA PHE P 113 -6.81 76.30 44.52
C PHE P 113 -7.22 75.28 45.59
N GLU P 114 -8.31 74.54 45.32
CA GLU P 114 -8.68 73.38 46.13
C GLU P 114 -8.74 72.14 45.23
N ARG P 115 -7.71 71.27 45.34
CA ARG P 115 -7.63 70.06 44.54
C ARG P 115 -8.59 69.00 45.10
N THR P 116 -9.56 68.59 44.28
CA THR P 116 -10.38 67.41 44.52
C THR P 116 -9.93 66.29 43.59
N THR P 117 -9.58 65.13 44.17
CA THR P 117 -9.33 63.88 43.46
C THR P 117 -10.45 62.89 43.77
N ALA P 118 -11.02 62.25 42.74
CA ALA P 118 -12.05 61.24 42.93
C ALA P 118 -11.74 59.99 42.11
N VAL P 119 -11.92 58.80 42.73
CA VAL P 119 -11.56 57.51 42.15
C VAL P 119 -12.77 56.57 42.29
N GLU P 120 -13.15 55.91 41.19
CA GLU P 120 -14.26 54.98 41.19
C GLU P 120 -13.77 53.56 41.49
N ASN P 121 -14.64 52.77 42.15
CA ASN P 121 -14.53 51.31 42.25
C ASN P 121 -13.14 50.87 42.74
N VAL P 122 -12.68 51.46 43.85
CA VAL P 122 -11.46 51.02 44.53
C VAL P 122 -11.76 49.70 45.23
N VAL P 123 -10.92 48.69 44.97
CA VAL P 123 -11.01 47.39 45.62
C VAL P 123 -9.70 47.11 46.36
N PHE P 124 -9.80 46.43 47.53
CA PHE P 124 -8.64 46.11 48.35
C PHE P 124 -8.49 44.59 48.43
N PRO P 125 -7.40 43.98 47.90
CA PRO P 125 -7.18 42.54 48.02
C PRO P 125 -7.16 42.00 49.46
N GLU P 126 -6.68 42.83 50.39
CA GLU P 126 -6.56 42.42 51.79
C GLU P 126 -6.86 43.60 52.72
N LEU P 127 -7.48 43.25 53.86
CA LEU P 127 -7.90 44.21 54.88
C LEU P 127 -7.20 43.85 56.18
N PRO P 128 -6.37 44.74 56.79
CA PRO P 128 -5.84 44.48 58.13
C PRO P 128 -6.94 44.71 59.18
N LEU P 129 -7.29 43.64 59.92
CA LEU P 129 -8.27 43.77 60.99
C LEU P 129 -7.58 44.18 62.29
N ASP P 130 -6.45 43.53 62.59
CA ASP P 130 -5.65 43.79 63.79
C ASP P 130 -4.22 44.08 63.36
N SER P 131 -3.61 45.11 63.97
CA SER P 131 -2.27 45.57 63.60
C SER P 131 -1.54 46.09 64.83
N ALA P 132 -1.49 45.24 65.88
CA ALA P 132 -0.96 45.59 67.19
C ALA P 132 0.56 45.50 67.20
N THR P 133 1.21 46.50 67.81
CA THR P 133 2.64 46.51 68.11
C THR P 133 2.81 47.07 69.52
N TYR P 134 3.71 46.46 70.31
CA TYR P 134 3.90 46.85 71.69
C TYR P 134 4.26 48.33 71.82
N GLY P 135 3.48 49.07 72.63
CA GLY P 135 3.73 50.48 72.91
C GLY P 135 3.33 51.42 71.76
N GLU P 136 2.39 50.98 70.90
CA GLU P 136 1.95 51.78 69.76
C GLU P 136 0.42 51.65 69.59
N TYR P 137 -0.18 52.66 68.96
CA TYR P 137 -1.53 52.55 68.43
C TYR P 137 -1.49 51.63 67.22
N GLU P 138 -2.58 50.88 67.02
CA GLU P 138 -2.70 50.07 65.81
C GLU P 138 -2.73 50.99 64.59
N GLU P 139 -1.82 50.73 63.64
CA GLU P 139 -1.73 51.47 62.39
C GLU P 139 -1.97 50.51 61.23
N TYR P 140 -2.91 50.88 60.35
CA TYR P 140 -3.46 50.00 59.33
C TYR P 140 -3.03 50.50 57.94
N SER P 141 -2.57 49.56 57.08
CA SER P 141 -2.19 49.87 55.71
C SER P 141 -3.13 49.19 54.72
N LEU P 142 -3.73 50.00 53.83
CA LEU P 142 -4.53 49.50 52.71
C LEU P 142 -3.77 49.74 51.40
N THR P 143 -3.74 48.72 50.54
CA THR P 143 -3.33 48.87 49.15
C THR P 143 -4.47 48.36 48.27
N GLY P 144 -4.86 49.14 47.25
CA GLY P 144 -5.97 48.78 46.39
C GLY P 144 -5.90 49.41 45.00
N SER P 145 -6.75 48.92 44.08
CA SER P 145 -6.79 49.38 42.70
C SER P 145 -8.17 49.97 42.37
N GLY P 146 -8.20 51.28 42.07
CA GLY P 146 -9.35 51.95 41.50
C GLY P 146 -9.41 51.74 39.98
N ARG P 147 -10.63 51.80 39.42
CA ARG P 147 -10.83 51.57 37.99
C ARG P 147 -10.33 52.74 37.16
N SER P 148 -10.67 53.97 37.59
CA SER P 148 -10.31 55.21 36.90
C SER P 148 -10.41 56.41 37.86
N VAL P 149 -9.78 57.52 37.49
CA VAL P 149 -10.00 58.82 38.13
C VAL P 149 -11.25 59.43 37.49
N THR P 150 -12.31 59.67 38.30
CA THR P 150 -13.55 60.24 37.79
C THR P 150 -13.49 61.78 37.78
N ASN P 151 -12.68 62.35 38.68
CA ASN P 151 -12.55 63.81 38.75
C ASN P 151 -11.16 64.18 39.28
N LEU P 152 -10.57 65.20 38.64
CA LEU P 152 -9.41 65.92 39.15
C LEU P 152 -9.55 67.39 38.73
N ALA P 153 -9.92 68.24 39.69
CA ALA P 153 -10.29 69.61 39.40
C ALA P 153 -9.99 70.53 40.58
N ASP P 154 -9.87 71.83 40.27
CA ASP P 154 -9.97 72.89 41.26
C ASP P 154 -11.45 73.08 41.59
N THR P 155 -11.81 72.84 42.86
CA THR P 155 -13.20 72.92 43.33
C THR P 155 -13.43 74.15 44.23
N SER P 156 -12.44 75.07 44.30
CA SER P 156 -12.59 76.33 45.01
C SER P 156 -13.61 77.23 44.30
N GLY P 157 -14.16 78.22 45.01
CA GLY P 157 -15.24 79.07 44.54
C GLY P 157 -14.86 79.91 43.33
N ALA Q 2 -24.05 54.52 62.36
CA ALA Q 2 -23.00 53.52 62.67
C ALA Q 2 -21.98 54.12 63.66
N THR Q 3 -21.13 53.25 64.22
CA THR Q 3 -20.17 53.59 65.26
C THR Q 3 -19.03 54.42 64.67
N SER Q 4 -18.70 55.55 65.30
CA SER Q 4 -17.60 56.43 64.89
C SER Q 4 -16.27 55.67 64.90
N PRO Q 5 -15.37 55.84 63.88
CA PRO Q 5 -14.02 55.27 63.93
C PRO Q 5 -13.20 55.85 65.08
N GLU Q 6 -12.38 54.99 65.72
CA GLU Q 6 -11.68 55.35 66.95
C GLU Q 6 -10.31 54.67 66.97
N GLY Q 7 -9.34 55.30 67.66
CA GLY Q 7 -8.02 54.72 67.86
C GLY Q 7 -8.09 53.42 68.66
N ILE Q 8 -7.14 52.50 68.41
CA ILE Q 8 -6.99 51.29 69.21
C ILE Q 8 -5.56 51.24 69.73
N TRP Q 9 -5.43 51.04 71.04
CA TRP Q 9 -4.14 50.93 71.70
C TRP Q 9 -3.74 49.46 71.75
N SER Q 10 -2.53 49.13 71.27
CA SER Q 10 -2.11 47.73 71.12
C SER Q 10 -2.13 46.98 72.45
N ASN Q 11 -1.65 47.62 73.52
CA ASN Q 11 -1.46 46.98 74.81
C ASN Q 11 -2.78 46.68 75.53
N SER Q 12 -3.92 47.09 74.96
CA SER Q 12 -5.24 46.80 75.50
C SER Q 12 -5.77 45.43 75.06
N GLY Q 13 -5.06 44.76 74.13
CA GLY Q 13 -5.53 43.52 73.52
C GLY Q 13 -5.34 42.29 74.40
N ALA Q 14 -6.32 41.36 74.34
CA ALA Q 14 -6.20 40.02 74.91
C ALA Q 14 -6.38 38.98 73.79
N LEU Q 15 -5.31 38.21 73.53
CA LEU Q 15 -5.30 37.16 72.53
C LEU Q 15 -5.44 35.80 73.20
N THR Q 16 -6.33 34.95 72.66
CA THR Q 16 -6.54 33.60 73.15
C THR Q 16 -6.57 32.60 71.99
N PHE Q 17 -6.10 31.38 72.26
CA PHE Q 17 -6.17 30.25 71.34
C PHE Q 17 -7.04 29.15 71.96
N GLU Q 18 -7.83 28.50 71.10
CA GLU Q 18 -8.68 27.39 71.51
C GLU Q 18 -8.45 26.17 70.60
N ASP Q 19 -8.58 24.98 71.20
CA ASP Q 19 -8.65 23.73 70.45
C ASP Q 19 -10.03 23.65 69.78
N PRO Q 20 -10.12 23.61 68.42
CA PRO Q 20 -11.41 23.48 67.73
C PRO Q 20 -12.15 22.15 67.94
N ALA Q 21 -11.51 21.17 68.60
CA ALA Q 21 -12.15 19.91 68.93
C ALA Q 21 -13.21 20.06 70.04
N ASP Q 22 -13.00 21.00 70.98
CA ASP Q 22 -13.83 21.10 72.18
C ASP Q 22 -13.89 22.52 72.78
N ASP Q 23 -13.29 23.51 72.07
CA ASP Q 23 -13.26 24.92 72.46
C ASP Q 23 -12.46 25.21 73.73
N SER Q 24 -11.64 24.26 74.22
CA SER Q 24 -10.82 24.46 75.42
C SER Q 24 -9.66 25.40 75.11
N GLU Q 25 -9.32 26.28 76.06
CA GLU Q 25 -8.24 27.23 75.89
C GLU Q 25 -6.88 26.53 75.91
N ILE Q 26 -6.02 26.92 74.95
CA ILE Q 26 -4.61 26.53 74.90
C ILE Q 26 -3.80 27.70 75.47
N LEU Q 27 -3.02 27.43 76.52
CA LEU Q 27 -2.32 28.48 77.26
C LEU Q 27 -1.29 29.15 76.37
N PHE Q 28 -1.47 30.47 76.20
CA PHE Q 28 -0.62 31.32 75.37
C PHE Q 28 -0.63 32.72 75.97
N ALA Q 29 0.53 33.39 76.00
CA ALA Q 29 0.68 34.64 76.71
C ALA Q 29 1.89 35.43 76.20
N GLY Q 30 1.95 36.71 76.62
CA GLY Q 30 3.15 37.54 76.44
C GLY Q 30 3.38 38.02 75.01
N VAL Q 31 2.28 38.29 74.27
CA VAL Q 31 2.38 38.87 72.94
C VAL Q 31 3.02 40.25 73.01
N ARG Q 32 3.67 40.63 71.90
CA ARG Q 32 4.25 41.95 71.71
C ARG Q 32 3.69 42.57 70.42
N ASP Q 33 3.64 41.78 69.33
CA ASP Q 33 3.02 42.20 68.08
C ASP Q 33 1.98 41.17 67.63
N VAL Q 34 0.86 41.64 67.06
CA VAL Q 34 -0.18 40.79 66.49
C VAL Q 34 -0.72 41.45 65.21
N THR Q 35 -0.64 40.73 64.09
CA THR Q 35 -1.28 41.17 62.85
C THR Q 35 -2.25 40.09 62.37
N ILE Q 36 -3.50 40.51 62.08
CA ILE Q 36 -4.51 39.65 61.49
C ILE Q 36 -5.04 40.34 60.22
N THR Q 37 -4.91 39.64 59.07
CA THR Q 37 -5.24 40.22 57.78
C THR Q 37 -6.02 39.21 56.94
N PRO Q 38 -7.38 39.29 56.87
CA PRO Q 38 -8.13 38.60 55.82
C PRO Q 38 -7.72 39.12 54.44
N ALA Q 39 -7.53 38.18 53.52
CA ALA Q 39 -7.01 38.44 52.19
C ALA Q 39 -7.73 37.57 51.17
N TYR Q 40 -7.78 38.07 49.92
CA TYR Q 40 -8.21 37.30 48.76
C TYR Q 40 -7.24 37.60 47.62
N GLU Q 41 -7.14 36.66 46.66
CA GLU Q 41 -6.53 36.95 45.38
C GLU Q 41 -7.55 37.69 44.51
N HIS Q 42 -7.10 38.73 43.79
CA HIS Q 42 -7.93 39.44 42.84
C HIS Q 42 -7.48 39.14 41.41
N ALA Q 43 -8.45 38.77 40.55
CA ALA Q 43 -8.22 38.73 39.11
C ALA Q 43 -8.99 39.87 38.44
N GLU Q 44 -8.27 40.66 37.63
CA GLU Q 44 -8.83 41.81 36.91
C GLU Q 44 -8.92 41.47 35.42
N LEU Q 45 -10.09 41.73 34.80
CA LEU Q 45 -10.32 41.45 33.38
C LEU Q 45 -10.05 42.70 32.54
N TYR Q 46 -9.15 42.56 31.55
CA TYR Q 46 -8.93 43.57 30.53
C TYR Q 46 -8.98 42.91 29.14
N THR Q 47 -9.49 43.66 28.15
CA THR Q 47 -9.60 43.22 26.76
C THR Q 47 -9.28 44.39 25.83
N ILE Q 48 -9.24 44.13 24.51
CA ILE Q 48 -9.00 45.14 23.49
C ILE Q 48 -10.11 46.22 23.45
N ASP Q 49 -11.30 45.92 24.00
CA ASP Q 49 -12.45 46.83 23.98
C ASP Q 49 -12.15 48.18 24.66
N SER Q 50 -11.39 48.14 25.77
CA SER Q 50 -11.19 49.29 26.65
C SER Q 50 -9.86 49.16 27.39
N THR Q 51 -9.22 50.30 27.69
CA THR Q 51 -8.04 50.33 28.55
C THR Q 51 -8.43 50.22 30.03
N PHE Q 52 -9.70 50.47 30.36
CA PHE Q 52 -10.18 50.39 31.72
C PHE Q 52 -10.54 48.94 32.06
N ARG Q 53 -10.45 48.60 33.36
CA ARG Q 53 -10.78 47.31 33.91
C ARG Q 53 -12.26 46.99 33.66
N ASP Q 54 -12.52 45.79 33.14
CA ASP Q 54 -13.87 45.36 32.78
C ASP Q 54 -14.57 44.72 33.98
N GLU Q 55 -13.83 43.88 34.73
CA GLU Q 55 -14.31 43.16 35.90
C GLU Q 55 -13.18 42.98 36.91
N VAL Q 56 -13.54 42.76 38.18
CA VAL Q 56 -12.61 42.25 39.19
C VAL Q 56 -13.33 41.27 40.11
N LYS Q 57 -12.63 40.18 40.49
CA LYS Q 57 -13.20 39.06 41.23
C LYS Q 57 -12.25 38.58 42.33
N ARG Q 58 -12.84 38.15 43.46
CA ARG Q 58 -12.16 37.54 44.60
C ARG Q 58 -12.08 36.02 44.41
N TYR Q 59 -10.96 35.42 44.88
CA TYR Q 59 -10.85 33.98 45.07
C TYR Q 59 -9.73 33.70 46.09
N GLU Q 60 -9.61 32.42 46.48
CA GLU Q 60 -8.50 31.89 47.28
C GLU Q 60 -8.33 32.68 48.58
N HIS Q 61 -9.39 32.67 49.40
CA HIS Q 61 -9.45 33.38 50.66
C HIS Q 61 -8.55 32.70 51.71
N ASN Q 62 -7.88 33.53 52.51
CA ASN Q 62 -7.25 33.11 53.75
C ASN Q 62 -7.17 34.31 54.69
N VAL Q 63 -6.79 34.03 55.95
CA VAL Q 63 -6.46 35.08 56.91
C VAL Q 63 -4.98 34.90 57.27
N ASN Q 64 -4.15 35.89 56.92
CA ASN Q 64 -2.78 35.92 57.40
C ASN Q 64 -2.79 36.29 58.90
N VAL Q 65 -2.26 35.37 59.72
CA VAL Q 65 -2.07 35.60 61.15
C VAL Q 65 -0.56 35.58 61.42
N GLU Q 66 -0.06 36.64 62.06
CA GLU Q 66 1.31 36.60 62.54
C GLU Q 66 1.40 37.28 63.91
N ILE Q 67 2.19 36.64 64.79
CA ILE Q 67 2.25 36.97 66.21
C ILE Q 67 3.71 36.95 66.63
N THR Q 68 4.15 38.00 67.33
CA THR Q 68 5.42 37.99 68.04
C THR Q 68 5.15 38.01 69.54
N TYR Q 69 5.82 37.11 70.27
CA TYR Q 69 5.54 36.90 71.69
C TYR Q 69 6.82 36.48 72.44
N ALA Q 70 6.82 36.68 73.77
CA ALA Q 70 8.04 36.57 74.56
C ALA Q 70 7.88 35.71 75.83
N LYS Q 71 6.75 34.98 75.95
CA LYS Q 71 6.58 33.96 76.98
C LYS Q 71 6.36 32.61 76.29
N PHE Q 72 7.25 31.65 76.58
CA PHE Q 72 7.19 30.34 75.94
C PHE Q 72 6.08 29.50 76.58
N SER Q 73 5.30 28.80 75.75
CA SER Q 73 4.26 27.89 76.21
C SER Q 73 4.58 26.47 75.76
N LEU Q 74 4.72 25.56 76.73
CA LEU Q 74 4.90 24.14 76.43
C LEU Q 74 3.62 23.56 75.81
N GLU Q 75 2.45 23.97 76.33
CA GLU Q 75 1.19 23.45 75.80
C GLU Q 75 1.04 23.78 74.32
N PHE Q 76 1.26 25.05 73.95
CA PHE Q 76 1.15 25.49 72.57
C PHE Q 76 2.08 24.69 71.65
N ALA Q 77 3.34 24.53 72.07
CA ALA Q 77 4.35 23.82 71.29
C ALA Q 77 4.01 22.34 71.14
N GLN Q 78 3.57 21.69 72.24
CA GLN Q 78 3.28 20.26 72.25
C GLN Q 78 1.96 19.94 71.53
N GLU Q 79 1.04 20.93 71.49
CA GLU Q 79 -0.16 20.84 70.68
C GLU Q 79 0.19 20.92 69.19
N TRP Q 80 1.10 21.83 68.83
CA TRP Q 80 1.56 21.98 67.45
C TRP Q 80 2.25 20.70 66.95
N LEU Q 81 3.09 20.10 67.82
CA LEU Q 81 3.78 18.87 67.49
C LEU Q 81 2.78 17.71 67.30
N GLY Q 82 1.75 17.65 68.17
CA GLY Q 82 0.83 16.53 68.24
C GLY Q 82 -0.15 16.44 67.07
N GLY Q 83 -0.46 17.58 66.43
CA GLY Q 83 -1.49 17.64 65.41
C GLY Q 83 -2.90 17.62 66.02
N PRO Q 84 -3.98 17.58 65.19
CA PRO Q 84 -5.37 17.71 65.71
C PRO Q 84 -5.73 16.67 66.77
N GLY Q 85 -6.25 17.17 67.91
CA GLY Q 85 -6.80 16.35 68.99
C GLY Q 85 -5.77 15.51 69.74
N ALA Q 86 -4.47 15.90 69.67
CA ALA Q 86 -3.40 15.16 70.33
C ALA Q 86 -2.25 16.10 70.72
N THR Q 87 -1.51 15.70 71.77
CA THR Q 87 -0.36 16.41 72.31
C THR Q 87 0.86 15.50 72.19
N ALA Q 88 2.03 16.07 71.80
CA ALA Q 88 3.23 15.25 71.64
C ALA Q 88 4.49 15.98 72.10
N THR Q 89 5.48 15.20 72.60
CA THR Q 89 6.76 15.70 73.09
C THR Q 89 7.86 15.57 72.03
N ALA Q 90 7.51 15.11 70.81
CA ALA Q 90 8.44 14.88 69.72
C ALA Q 90 7.71 15.10 68.39
N SER Q 91 8.46 15.35 67.30
CA SER Q 91 7.90 15.46 65.96
C SER Q 91 7.04 14.23 65.64
N GLN Q 92 5.89 14.47 65.00
CA GLN Q 92 5.02 13.40 64.55
C GLN Q 92 5.13 13.25 63.04
N ASP Q 93 5.25 12.00 62.59
CA ASP Q 93 5.31 11.67 61.17
C ASP Q 93 3.89 11.45 60.65
N ASP Q 94 3.12 12.54 60.55
CA ASP Q 94 1.75 12.49 60.01
C ASP Q 94 1.40 13.78 59.27
N SER Q 95 0.34 13.70 58.45
CA SER Q 95 0.03 14.71 57.44
C SER Q 95 -0.89 15.84 57.92
N ASP Q 96 -1.46 15.74 59.14
CA ASP Q 96 -2.42 16.73 59.61
C ASP Q 96 -1.75 17.79 60.48
N PRO Q 97 -1.77 19.10 60.09
CA PRO Q 97 -1.26 20.16 60.97
C PRO Q 97 -2.28 20.43 62.08
N MET Q 98 -1.79 20.83 63.25
CA MET Q 98 -2.64 21.31 64.31
C MET Q 98 -3.35 22.59 63.85
N LYS Q 99 -4.69 22.58 63.96
CA LYS Q 99 -5.53 23.74 63.65
C LYS Q 99 -5.95 24.39 64.97
N PHE Q 100 -5.71 25.70 65.08
CA PHE Q 100 -6.09 26.47 66.25
C PHE Q 100 -7.23 27.42 65.88
N ASN Q 101 -8.23 27.54 66.76
CA ASN Q 101 -9.10 28.71 66.73
C ASN Q 101 -8.39 29.84 67.47
N LEU Q 102 -8.57 31.08 66.98
CA LEU Q 102 -7.93 32.26 67.55
C LEU Q 102 -8.99 33.34 67.77
N GLU Q 103 -8.88 34.06 68.89
CA GLU Q 103 -9.70 35.24 69.13
C GLU Q 103 -8.85 36.33 69.78
N ASN Q 104 -8.97 37.56 69.26
CA ASN Q 104 -8.34 38.73 69.84
C ASN Q 104 -9.42 39.77 70.20
N VAL Q 105 -9.42 40.24 71.46
CA VAL Q 105 -10.42 41.20 71.93
C VAL Q 105 -9.71 42.48 72.41
N THR Q 106 -10.15 43.63 71.86
CA THR Q 106 -9.60 44.94 72.20
C THR Q 106 -10.71 45.96 72.41
N PRO Q 107 -10.74 46.69 73.56
CA PRO Q 107 -11.47 47.96 73.63
C PRO Q 107 -10.84 48.98 72.66
N SER Q 108 -11.68 49.91 72.17
CA SER Q 108 -11.19 51.10 71.49
C SER Q 108 -10.64 52.08 72.53
N ALA Q 109 -9.84 53.07 72.09
CA ALA Q 109 -9.02 53.88 72.99
C ALA Q 109 -9.83 54.77 73.93
N SER Q 110 -11.05 55.18 73.51
CA SER Q 110 -11.97 55.95 74.36
C SER Q 110 -13.18 55.13 74.79
N GLY Q 111 -13.15 53.80 74.57
CA GLY Q 111 -14.20 52.89 74.97
C GLY Q 111 -15.50 53.01 74.17
N GLY Q 112 -15.42 53.60 72.95
CA GLY Q 112 -16.55 53.74 72.05
C GLY Q 112 -17.12 52.40 71.57
N PHE Q 113 -16.24 51.37 71.47
CA PHE Q 113 -16.62 50.02 71.09
C PHE Q 113 -15.57 49.02 71.59
N GLU Q 114 -15.90 47.72 71.49
CA GLU Q 114 -14.94 46.66 71.75
C GLU Q 114 -14.88 45.75 70.52
N ARG Q 115 -13.78 45.83 69.76
CA ARG Q 115 -13.56 44.98 68.60
C ARG Q 115 -13.18 43.58 69.07
N THR Q 116 -14.00 42.58 68.68
CA THR Q 116 -13.64 41.17 68.78
C THR Q 116 -13.34 40.65 67.36
N THR Q 117 -12.14 40.09 67.17
CA THR Q 117 -11.77 39.42 65.93
C THR Q 117 -11.56 37.93 66.21
N ALA Q 118 -12.27 37.06 65.47
CA ALA Q 118 -12.12 35.62 65.61
C ALA Q 118 -11.80 34.98 64.27
N VAL Q 119 -10.85 34.01 64.29
CA VAL Q 119 -10.33 33.35 63.10
C VAL Q 119 -10.37 31.83 63.34
N GLU Q 120 -10.91 31.08 62.37
CA GLU Q 120 -10.95 29.62 62.47
C GLU Q 120 -9.72 29.00 61.84
N ASN Q 121 -9.34 27.81 62.35
CA ASN Q 121 -8.42 26.87 61.71
C ASN Q 121 -7.12 27.54 61.26
N VAL Q 122 -6.51 28.31 62.17
CA VAL Q 122 -5.17 28.86 61.95
C VAL Q 122 -4.17 27.71 62.03
N VAL Q 123 -3.30 27.61 61.01
CA VAL Q 123 -2.22 26.64 60.98
C VAL Q 123 -0.89 27.39 60.79
N PHE Q 124 0.16 26.91 61.46
CA PHE Q 124 1.48 27.51 61.42
C PHE Q 124 2.44 26.51 60.75
N PRO Q 125 3.00 26.82 59.54
CA PRO Q 125 3.96 25.90 58.88
C PRO Q 125 5.21 25.60 59.70
N GLU Q 126 5.64 26.56 60.53
CA GLU Q 126 6.83 26.39 61.35
C GLU Q 126 6.61 26.99 62.75
N LEU Q 127 7.21 26.32 63.74
CA LEU Q 127 7.12 26.70 65.14
C LEU Q 127 8.52 27.00 65.64
N PRO Q 128 8.83 28.24 66.11
CA PRO Q 128 10.11 28.49 66.79
C PRO Q 128 10.07 27.88 68.19
N LEU Q 129 10.92 26.87 68.43
CA LEU Q 129 11.04 26.29 69.77
C LEU Q 129 11.98 27.14 70.61
N ASP Q 130 13.17 27.42 70.05
CA ASP Q 130 14.21 28.20 70.70
C ASP Q 130 14.54 29.40 69.82
N SER Q 131 14.71 30.58 70.44
CA SER Q 131 14.95 31.82 69.72
C SER Q 131 15.84 32.74 70.57
N ALA Q 132 17.03 32.23 70.92
CA ALA Q 132 17.93 32.87 71.88
C ALA Q 132 18.86 33.86 71.17
N THR Q 133 19.21 34.94 71.89
CA THR Q 133 20.11 35.99 71.42
C THR Q 133 20.75 36.63 72.65
N TYR Q 134 22.06 36.89 72.58
CA TYR Q 134 22.84 37.35 73.71
C TYR Q 134 22.26 38.64 74.32
N GLY Q 135 21.97 38.61 75.63
CA GLY Q 135 21.47 39.76 76.37
C GLY Q 135 20.01 40.12 76.08
N GLU Q 136 19.22 39.14 75.61
CA GLU Q 136 17.81 39.34 75.30
C GLU Q 136 16.98 38.15 75.79
N TYR Q 137 15.70 38.42 76.08
CA TYR Q 137 14.71 37.36 76.26
C TYR Q 137 14.46 36.69 74.92
N GLU Q 138 14.16 35.38 74.97
CA GLU Q 138 13.76 34.68 73.76
C GLU Q 138 12.46 35.28 73.22
N GLU Q 139 12.49 35.75 71.97
CA GLU Q 139 11.34 36.33 71.31
C GLU Q 139 10.98 35.49 70.08
N TYR Q 140 9.71 35.07 70.02
CA TYR Q 140 9.22 34.07 69.07
C TYR Q 140 8.29 34.73 68.06
N SER Q 141 8.49 34.44 66.76
CA SER Q 141 7.59 34.91 65.71
C SER Q 141 6.89 33.73 65.03
N LEU Q 142 5.54 33.75 65.07
CA LEU Q 142 4.68 32.83 64.34
C LEU Q 142 4.14 33.53 63.09
N THR Q 143 4.05 32.78 61.98
CA THR Q 143 3.31 33.17 60.78
C THR Q 143 2.44 31.98 60.38
N GLY Q 144 1.16 32.24 60.10
CA GLY Q 144 0.23 31.15 59.77
C GLY Q 144 -0.99 31.64 59.00
N SER Q 145 -1.78 30.68 58.48
CA SER Q 145 -2.96 30.98 57.68
C SER Q 145 -4.22 30.39 58.32
N GLY Q 146 -5.16 31.28 58.69
CA GLY Q 146 -6.51 30.91 59.08
C GLY Q 146 -7.41 30.73 57.85
N ARG Q 147 -8.46 29.91 58.01
CA ARG Q 147 -9.37 29.59 56.91
C ARG Q 147 -10.32 30.76 56.60
N SER Q 148 -10.88 31.36 57.67
CA SER Q 148 -11.82 32.48 57.53
C SER Q 148 -11.91 33.27 58.85
N VAL Q 149 -12.38 34.53 58.74
CA VAL Q 149 -12.80 35.32 59.89
C VAL Q 149 -14.23 34.87 60.24
N THR Q 150 -14.41 34.25 61.42
CA THR Q 150 -15.72 33.76 61.83
C THR Q 150 -16.53 34.85 62.55
N ASN Q 151 -15.82 35.86 63.10
CA ASN Q 151 -16.48 36.96 63.79
C ASN Q 151 -15.62 38.22 63.72
N LEU Q 152 -16.26 39.33 63.35
CA LEU Q 152 -15.75 40.68 63.54
C LEU Q 152 -16.92 41.57 63.94
N ALA Q 153 -16.96 41.96 65.22
CA ALA Q 153 -18.10 42.69 65.76
C ALA Q 153 -17.69 43.57 66.94
N ASP Q 154 -18.57 44.52 67.27
CA ASP Q 154 -18.54 45.24 68.53
C ASP Q 154 -19.21 44.35 69.58
N THR Q 155 -18.44 43.91 70.58
CA THR Q 155 -18.93 43.03 71.63
C THR Q 155 -19.17 43.76 72.95
N SER Q 156 -19.10 45.10 72.94
CA SER Q 156 -19.40 45.92 74.12
C SER Q 156 -20.86 45.79 74.53
N GLY Q 157 -21.15 45.97 75.83
CA GLY Q 157 -22.46 45.72 76.41
C GLY Q 157 -23.56 46.62 75.86
N ALA R 2 -2.42 22.85 82.60
CA ALA R 2 -1.03 22.82 82.05
C ALA R 2 -0.18 23.93 82.68
N THR R 3 1.13 23.90 82.39
CA THR R 3 2.12 24.83 82.93
C THR R 3 1.90 26.23 82.36
N SER R 4 1.92 27.25 83.23
CA SER R 4 1.79 28.66 82.82
C SER R 4 2.90 29.04 81.84
N PRO R 5 2.61 29.77 80.73
CA PRO R 5 3.67 30.33 79.88
C PRO R 5 4.52 31.33 80.64
N GLU R 6 5.83 31.35 80.34
CA GLU R 6 6.80 32.13 81.12
C GLU R 6 7.94 32.62 80.20
N GLY R 7 8.52 33.78 80.54
CA GLY R 7 9.68 34.32 79.83
C GLY R 7 10.88 33.38 79.91
N ILE R 8 11.74 33.40 78.88
CA ILE R 8 12.99 32.65 78.89
C ILE R 8 14.13 33.61 78.58
N TRP R 9 15.20 33.52 79.37
CA TRP R 9 16.37 34.39 79.24
C TRP R 9 17.45 33.64 78.45
N SER R 10 17.94 34.26 77.36
CA SER R 10 18.85 33.59 76.43
C SER R 10 20.14 33.12 77.11
N ASN R 11 20.67 33.92 78.05
CA ASN R 11 21.96 33.63 78.67
C ASN R 11 21.88 32.47 79.68
N SER R 12 20.67 31.95 79.96
CA SER R 12 20.46 30.81 80.85
C SER R 12 20.67 29.48 80.13
N GLY R 13 20.68 29.48 78.79
CA GLY R 13 20.68 28.25 78.00
C GLY R 13 22.04 27.55 77.97
N ALA R 14 21.99 26.20 77.97
CA ALA R 14 23.15 25.35 77.77
C ALA R 14 22.93 24.49 76.52
N LEU R 15 23.79 24.67 75.51
CA LEU R 15 23.76 23.92 74.25
C LEU R 15 24.86 22.87 74.25
N THR R 16 24.52 21.63 73.85
CA THR R 16 25.48 20.52 73.76
C THR R 16 25.25 19.74 72.46
N PHE R 17 26.38 19.26 71.88
CA PHE R 17 26.37 18.40 70.70
C PHE R 17 26.90 17.01 71.06
N GLU R 18 26.34 15.98 70.41
CA GLU R 18 26.75 14.60 70.65
C GLU R 18 26.93 13.86 69.33
N ASP R 19 27.92 12.95 69.30
CA ASP R 19 28.09 11.99 68.21
C ASP R 19 26.99 10.92 68.34
N PRO R 20 26.06 10.78 67.35
CA PRO R 20 25.00 9.76 67.42
C PRO R 20 25.47 8.31 67.38
N ALA R 21 26.76 8.07 67.09
CA ALA R 21 27.33 6.73 67.14
C ALA R 21 27.55 6.26 68.59
N ASP R 22 27.90 7.22 69.49
CA ASP R 22 28.37 6.93 70.84
C ASP R 22 27.47 7.55 71.91
N ASP R 23 26.72 8.61 71.54
CA ASP R 23 26.14 9.59 72.45
C ASP R 23 27.21 10.35 73.25
N SER R 24 28.47 10.36 72.76
CA SER R 24 29.58 11.07 73.39
C SER R 24 29.53 12.56 73.04
N GLU R 25 29.89 13.42 74.00
CA GLU R 25 29.86 14.87 73.80
C GLU R 25 30.98 15.31 72.85
N ILE R 26 30.63 16.21 71.93
CA ILE R 26 31.56 16.93 71.07
C ILE R 26 31.70 18.34 71.64
N LEU R 27 32.94 18.77 71.91
CA LEU R 27 33.19 20.01 72.63
C LEU R 27 32.75 21.22 71.80
N PHE R 28 31.82 22.00 72.36
CA PHE R 28 31.26 23.19 71.76
C PHE R 28 30.93 24.19 72.88
N ALA R 29 31.14 25.48 72.62
CA ALA R 29 31.06 26.50 73.66
C ALA R 29 30.90 27.90 73.04
N GLY R 30 30.58 28.88 73.90
CA GLY R 30 30.68 30.30 73.56
C GLY R 30 29.61 30.78 72.58
N VAL R 31 28.40 30.20 72.65
CA VAL R 31 27.28 30.61 71.80
C VAL R 31 26.84 32.04 72.17
N ARG R 32 26.19 32.70 71.20
CA ARG R 32 25.65 34.05 71.36
C ARG R 32 24.18 34.08 70.91
N ASP R 33 23.89 33.48 69.74
CA ASP R 33 22.52 33.32 69.25
C ASP R 33 22.27 31.84 68.96
N VAL R 34 21.02 31.37 69.22
CA VAL R 34 20.58 30.00 68.92
C VAL R 34 19.10 30.02 68.53
N THR R 35 18.80 29.64 67.28
CA THR R 35 17.42 29.47 66.83
C THR R 35 17.19 28.01 66.42
N ILE R 36 16.14 27.39 66.99
CA ILE R 36 15.70 26.05 66.61
C ILE R 36 14.23 26.13 66.19
N THR R 37 13.94 25.73 64.95
CA THR R 37 12.61 25.87 64.37
C THR R 37 12.23 24.58 63.65
N PRO R 38 11.41 23.68 64.24
CA PRO R 38 10.73 22.64 63.47
C PRO R 38 9.73 23.25 62.49
N ALA R 39 9.74 22.69 61.27
CA ALA R 39 8.97 23.22 60.16
C ALA R 39 8.44 22.07 59.30
N TYR R 40 7.34 22.35 58.60
CA TYR R 40 6.84 21.48 57.55
C TYR R 40 6.48 22.37 56.35
N GLU R 41 6.49 21.77 55.15
CA GLU R 41 5.81 22.37 54.02
C GLU R 41 4.30 22.14 54.16
N HIS R 42 3.51 23.18 53.88
CA HIS R 42 2.04 23.07 53.84
C HIS R 42 1.55 23.15 52.41
N ALA R 43 0.62 22.25 52.06
CA ALA R 43 -0.15 22.36 50.83
C ALA R 43 -1.64 22.56 51.14
N GLU R 44 -2.23 23.62 50.57
CA GLU R 44 -3.62 24.01 50.79
C GLU R 44 -4.44 23.66 49.53
N LEU R 45 -5.64 23.11 49.73
CA LEU R 45 -6.52 22.73 48.62
C LEU R 45 -7.60 23.80 48.42
N TYR R 46 -7.70 24.29 47.18
CA TYR R 46 -8.78 25.17 46.73
C TYR R 46 -9.37 24.64 45.42
N THR R 47 -10.70 24.76 45.30
CA THR R 47 -11.44 24.30 44.12
C THR R 47 -12.52 25.33 43.76
N ILE R 48 -13.19 25.12 42.61
CA ILE R 48 -14.24 26.01 42.11
C ILE R 48 -15.46 25.98 43.05
N ASP R 49 -15.58 24.95 43.91
CA ASP R 49 -16.69 24.79 44.85
C ASP R 49 -16.82 25.97 45.84
N SER R 50 -15.68 26.57 46.23
CA SER R 50 -15.63 27.54 47.32
C SER R 50 -14.39 28.43 47.18
N THR R 51 -14.49 29.68 47.63
CA THR R 51 -13.35 30.58 47.77
C THR R 51 -12.49 30.20 49.00
N PHE R 52 -13.07 29.41 49.92
CA PHE R 52 -12.37 29.01 51.13
C PHE R 52 -11.52 27.77 50.87
N ARG R 53 -10.60 27.52 51.81
CA ARG R 53 -9.70 26.36 51.82
C ARG R 53 -10.51 25.10 52.13
N ASP R 54 -10.38 24.08 51.27
CA ASP R 54 -11.01 22.78 51.46
C ASP R 54 -10.22 21.95 52.49
N GLU R 55 -8.88 21.94 52.33
CA GLU R 55 -7.98 21.11 53.13
C GLU R 55 -6.63 21.82 53.31
N VAL R 56 -5.87 21.41 54.33
CA VAL R 56 -4.44 21.72 54.47
C VAL R 56 -3.70 20.51 55.05
N LYS R 57 -2.47 20.25 54.55
CA LYS R 57 -1.68 19.07 54.91
C LYS R 57 -0.21 19.43 55.10
N ARG R 58 0.47 18.68 56.00
CA ARG R 58 1.91 18.79 56.26
C ARG R 58 2.67 17.78 55.40
N TYR R 59 3.90 18.17 54.98
CA TYR R 59 4.89 17.24 54.43
C TYR R 59 6.29 17.84 54.62
N GLU R 60 7.33 17.05 54.28
CA GLU R 60 8.71 17.52 54.16
C GLU R 60 9.17 18.20 55.46
N HIS R 61 9.11 17.45 56.56
CA HIS R 61 9.53 17.92 57.87
C HIS R 61 11.04 18.10 57.91
N ASN R 62 11.48 19.21 58.53
CA ASN R 62 12.86 19.37 58.97
C ASN R 62 12.88 20.33 60.16
N VAL R 63 14.01 20.35 60.88
CA VAL R 63 14.24 21.31 61.94
C VAL R 63 15.36 22.24 61.48
N ASN R 64 15.03 23.53 61.26
CA ASN R 64 16.05 24.53 61.01
C ASN R 64 16.79 24.82 62.31
N VAL R 65 18.12 24.66 62.26
CA VAL R 65 19.00 24.99 63.38
C VAL R 65 19.99 26.04 62.89
N GLU R 66 19.98 27.23 63.51
CA GLU R 66 21.00 28.23 63.23
C GLU R 66 21.58 28.79 64.52
N ILE R 67 22.92 28.84 64.58
CA ILE R 67 23.68 29.11 65.79
C ILE R 67 24.76 30.14 65.44
N THR R 68 24.96 31.13 66.31
CA THR R 68 26.14 32.00 66.24
C THR R 68 26.96 31.83 67.52
N TYR R 69 28.29 31.72 67.37
CA TYR R 69 29.17 31.40 68.49
C TYR R 69 30.55 32.04 68.27
N ALA R 70 31.30 32.22 69.39
CA ALA R 70 32.51 33.03 69.38
C ALA R 70 33.73 32.31 70.01
N LYS R 71 33.57 31.05 70.43
CA LYS R 71 34.68 30.19 70.82
C LYS R 71 34.84 29.10 69.76
N PHE R 72 36.01 29.05 69.11
CA PHE R 72 36.28 28.06 68.08
C PHE R 72 36.57 26.71 68.71
N SER R 73 36.06 25.63 68.09
CA SER R 73 36.30 24.26 68.53
C SER R 73 36.96 23.45 67.42
N LEU R 74 38.16 22.91 67.68
CA LEU R 74 38.84 22.05 66.73
C LEU R 74 38.08 20.72 66.58
N GLU R 75 37.57 20.17 67.69
CA GLU R 75 36.88 18.89 67.64
C GLU R 75 35.64 18.98 66.74
N PHE R 76 34.84 20.05 66.91
CA PHE R 76 33.63 20.22 66.13
C PHE R 76 33.95 20.34 64.63
N ALA R 77 34.99 21.12 64.30
CA ALA R 77 35.40 21.33 62.92
C ALA R 77 35.95 20.04 62.29
N GLN R 78 36.73 19.27 63.07
CA GLN R 78 37.36 18.05 62.57
C GLN R 78 36.35 16.90 62.46
N GLU R 79 35.32 16.91 63.33
CA GLU R 79 34.19 15.99 63.22
C GLU R 79 33.40 16.27 61.93
N TRP R 80 33.17 17.57 61.63
CA TRP R 80 32.47 18.00 60.43
C TRP R 80 33.24 17.60 59.17
N LEU R 81 34.57 17.83 59.17
CA LEU R 81 35.43 17.45 58.05
C LEU R 81 35.42 15.93 57.83
N GLY R 82 35.47 15.16 58.92
CA GLY R 82 35.66 13.70 58.87
C GLY R 82 34.43 12.91 58.43
N GLY R 83 33.22 13.46 58.63
CA GLY R 83 31.99 12.74 58.38
C GLY R 83 31.65 11.74 59.50
N PRO R 84 30.57 10.93 59.36
CA PRO R 84 30.11 10.05 60.43
C PRO R 84 31.18 9.09 60.96
N GLY R 85 31.37 9.10 62.28
CA GLY R 85 32.22 8.17 63.00
C GLY R 85 33.73 8.36 62.80
N ALA R 86 34.17 9.52 62.28
CA ALA R 86 35.59 9.80 62.08
C ALA R 86 35.88 11.31 62.14
N THR R 87 37.10 11.67 62.58
CA THR R 87 37.61 13.03 62.51
C THR R 87 38.71 13.13 61.45
N ALA R 88 38.76 14.25 60.72
CA ALA R 88 39.80 14.50 59.72
C ALA R 88 40.38 15.91 59.87
N THR R 89 41.65 16.07 59.46
CA THR R 89 42.35 17.35 59.46
C THR R 89 42.33 18.02 58.08
N ALA R 90 41.60 17.41 57.12
CA ALA R 90 41.52 17.90 55.75
C ALA R 90 40.15 17.51 55.18
N SER R 91 39.69 18.20 54.12
CA SER R 91 38.45 17.85 53.45
C SER R 91 38.48 16.40 52.97
N GLN R 92 37.36 15.70 53.16
CA GLN R 92 37.22 14.31 52.75
C GLN R 92 36.33 14.24 51.50
N ASP R 93 36.79 13.46 50.52
CA ASP R 93 36.10 13.27 49.26
C ASP R 93 35.11 12.10 49.41
N ASP R 94 34.03 12.31 50.18
CA ASP R 94 32.96 11.33 50.32
C ASP R 94 31.61 12.01 50.58
N SER R 95 30.53 11.22 50.41
CA SER R 95 29.17 11.71 50.25
C SER R 95 28.38 11.78 51.57
N ASP R 96 28.89 11.21 52.67
CA ASP R 96 28.19 11.21 53.95
C ASP R 96 28.53 12.48 54.75
N PRO R 97 27.55 13.40 55.02
CA PRO R 97 27.80 14.54 55.91
C PRO R 97 27.82 14.05 57.36
N MET R 98 28.60 14.74 58.19
CA MET R 98 28.58 14.50 59.63
C MET R 98 27.19 14.87 60.18
N LYS R 99 26.61 13.94 60.96
CA LYS R 99 25.33 14.12 61.62
C LYS R 99 25.58 14.28 63.13
N PHE R 100 25.12 15.39 63.69
CA PHE R 100 25.26 15.67 65.11
C PHE R 100 23.88 15.57 65.76
N ASN R 101 23.81 14.96 66.96
CA ASN R 101 22.66 15.19 67.83
C ASN R 101 22.90 16.51 68.57
N LEU R 102 21.81 17.27 68.78
CA LEU R 102 21.86 18.56 69.45
C LEU R 102 20.83 18.58 70.59
N GLU R 103 21.24 19.11 71.74
CA GLU R 103 20.32 19.34 72.86
C GLU R 103 20.57 20.74 73.44
N ASN R 104 19.48 21.45 73.72
CA ASN R 104 19.52 22.76 74.36
C ASN R 104 18.61 22.75 75.59
N VAL R 105 19.15 23.18 76.75
CA VAL R 105 18.43 23.16 78.02
C VAL R 105 18.39 24.58 78.59
N THR R 106 17.17 25.06 78.89
CA THR R 106 16.96 26.39 79.46
C THR R 106 15.96 26.32 80.61
N PRO R 107 16.30 26.86 81.81
CA PRO R 107 15.28 27.21 82.81
C PRO R 107 14.39 28.33 82.25
N SER R 108 13.11 28.35 82.67
CA SER R 108 12.27 29.52 82.48
C SER R 108 12.69 30.61 83.46
N ALA R 109 12.38 31.88 83.15
CA ALA R 109 12.97 33.05 83.81
C ALA R 109 12.66 33.12 85.30
N SER R 110 11.50 32.59 85.73
CA SER R 110 11.10 32.53 87.14
C SER R 110 11.15 31.10 87.70
N GLY R 111 11.74 30.16 86.94
CA GLY R 111 11.93 28.78 87.39
C GLY R 111 10.67 27.92 87.37
N GLY R 112 9.61 28.36 86.67
CA GLY R 112 8.36 27.62 86.54
C GLY R 112 8.52 26.26 85.83
N PHE R 113 9.51 26.15 84.93
CA PHE R 113 9.82 24.92 84.20
C PHE R 113 11.26 24.95 83.70
N GLU R 114 11.77 23.79 83.24
CA GLU R 114 13.02 23.74 82.50
C GLU R 114 12.75 23.12 81.13
N ARG R 115 12.82 23.94 80.08
CA ARG R 115 12.59 23.48 78.72
C ARG R 115 13.86 22.83 78.17
N THR R 116 13.74 21.53 77.82
CA THR R 116 14.76 20.81 77.07
C THR R 116 14.25 20.59 75.64
N THR R 117 15.05 21.05 74.66
CA THR R 117 14.83 20.76 73.24
C THR R 117 15.94 19.83 72.74
N ALA R 118 15.56 18.74 72.07
CA ALA R 118 16.52 17.81 71.47
C ALA R 118 16.20 17.57 69.99
N VAL R 119 17.23 17.60 69.14
CA VAL R 119 17.12 17.48 67.68
C VAL R 119 18.09 16.40 67.20
N GLU R 120 17.58 15.45 66.39
CA GLU R 120 18.42 14.38 65.85
C GLU R 120 19.01 14.80 64.50
N ASN R 121 20.22 14.28 64.21
CA ASN R 121 20.82 14.28 62.88
C ASN R 121 20.85 15.68 62.24
N VAL R 122 21.36 16.67 62.98
CA VAL R 122 21.62 17.99 62.43
C VAL R 122 22.85 17.89 61.51
N VAL R 123 22.69 18.38 60.28
CA VAL R 123 23.79 18.48 59.31
C VAL R 123 23.92 19.94 58.88
N PHE R 124 25.17 20.38 58.68
CA PHE R 124 25.47 21.76 58.29
C PHE R 124 26.08 21.74 56.89
N PRO R 125 25.43 22.32 55.85
CA PRO R 125 26.01 22.35 54.50
C PRO R 125 27.39 23.02 54.42
N GLU R 126 27.62 24.04 55.27
CA GLU R 126 28.89 24.74 55.29
C GLU R 126 29.32 25.03 56.73
N LEU R 127 30.65 25.00 56.93
CA LEU R 127 31.29 25.22 58.21
C LEU R 127 32.21 26.43 58.08
N PRO R 128 32.01 27.54 58.85
CA PRO R 128 32.99 28.63 58.86
C PRO R 128 34.22 28.22 59.67
N LEU R 129 35.38 28.12 58.99
CA LEU R 129 36.63 27.83 59.68
C LEU R 129 37.23 29.11 60.24
N ASP R 130 37.35 30.13 59.39
CA ASP R 130 37.89 31.43 59.78
C ASP R 130 36.81 32.50 59.52
N SER R 131 36.68 33.44 60.46
CA SER R 131 35.69 34.51 60.36
C SER R 131 36.23 35.78 61.02
N ALA R 132 37.39 36.25 60.52
CA ALA R 132 38.12 37.38 61.09
C ALA R 132 37.56 38.71 60.58
N THR R 133 37.49 39.69 61.49
CA THR R 133 37.15 41.08 61.19
C THR R 133 37.99 41.96 62.11
N TYR R 134 38.60 43.01 61.54
CA TYR R 134 39.47 43.92 62.26
C TYR R 134 38.77 44.48 63.51
N GLY R 135 39.43 44.35 64.68
CA GLY R 135 38.94 44.88 65.95
C GLY R 135 37.79 44.07 66.56
N GLU R 136 37.64 42.81 66.13
CA GLU R 136 36.58 41.93 66.62
C GLU R 136 37.13 40.52 66.86
N TYR R 137 36.51 39.79 67.80
CA TYR R 137 36.73 38.36 67.92
C TYR R 137 36.11 37.68 66.70
N GLU R 138 36.63 36.50 66.34
CA GLU R 138 36.02 35.73 65.28
C GLU R 138 34.64 35.24 65.72
N GLU R 139 33.63 35.51 64.88
CA GLU R 139 32.25 35.12 65.16
C GLU R 139 31.74 34.23 64.02
N TYR R 140 31.26 33.03 64.40
CA TYR R 140 30.94 31.96 63.48
C TYR R 140 29.43 31.74 63.45
N SER R 141 28.84 31.68 62.23
CA SER R 141 27.44 31.34 62.07
C SER R 141 27.28 30.00 61.35
N LEU R 142 26.54 29.09 61.99
CA LEU R 142 26.14 27.81 61.42
C LEU R 142 24.67 27.87 61.03
N THR R 143 24.35 27.33 59.84
CA THR R 143 22.98 27.00 59.46
C THR R 143 22.94 25.51 59.09
N GLY R 144 21.93 24.79 59.60
CA GLY R 144 21.80 23.36 59.34
C GLY R 144 20.36 22.87 59.49
N SER R 145 20.12 21.62 59.05
CA SER R 145 18.80 20.99 59.16
C SER R 145 18.88 19.67 59.93
N GLY R 146 18.16 19.62 61.07
CA GLY R 146 17.91 18.39 61.80
C GLY R 146 16.75 17.61 61.18
N ARG R 147 16.71 16.29 61.43
CA ARG R 147 15.69 15.42 60.87
C ARG R 147 14.35 15.58 61.60
N SER R 148 14.39 15.59 62.94
CA SER R 148 13.20 15.71 63.77
C SER R 148 13.57 16.23 65.17
N VAL R 149 12.56 16.74 65.89
CA VAL R 149 12.66 17.01 67.32
C VAL R 149 12.40 15.69 68.06
N THR R 150 13.41 15.16 68.75
CA THR R 150 13.26 13.90 69.49
C THR R 150 12.64 14.14 70.87
N ASN R 151 12.83 15.34 71.42
CA ASN R 151 12.29 15.67 72.73
C ASN R 151 12.03 17.19 72.84
N LEU R 152 10.85 17.51 73.40
CA LEU R 152 10.52 18.84 73.89
C LEU R 152 9.66 18.67 75.15
N ALA R 153 10.29 18.87 76.32
CA ALA R 153 9.66 18.56 77.59
C ALA R 153 10.12 19.50 78.69
N ASP R 154 9.29 19.62 79.74
CA ASP R 154 9.71 20.18 81.01
C ASP R 154 10.52 19.12 81.76
N THR R 155 11.84 19.35 81.87
CA THR R 155 12.76 18.41 82.50
C THR R 155 13.05 18.77 83.97
N SER R 156 12.33 19.78 84.52
CA SER R 156 12.53 20.19 85.91
C SER R 156 12.00 19.13 86.87
N GLY R 157 12.47 19.17 88.14
CA GLY R 157 12.13 18.20 89.17
C GLY R 157 10.64 18.19 89.50
N ALA S 2 28.17 -31.45 11.74
CA ALA S 2 27.85 -30.47 10.66
C ALA S 2 27.92 -29.05 11.22
N THR S 3 28.08 -28.07 10.31
CA THR S 3 28.24 -26.65 10.63
C THR S 3 26.92 -26.08 11.17
N SER S 4 26.98 -25.34 12.30
CA SER S 4 25.82 -24.67 12.87
C SER S 4 25.25 -23.64 11.90
N PRO S 5 23.91 -23.57 11.67
CA PRO S 5 23.30 -22.49 10.87
C PRO S 5 23.56 -21.13 11.53
N GLU S 6 23.73 -20.09 10.70
CA GLU S 6 24.18 -18.79 11.18
C GLU S 6 23.56 -17.67 10.32
N GLY S 7 23.37 -16.48 10.92
CA GLY S 7 22.94 -15.31 10.18
C GLY S 7 23.97 -14.91 9.12
N ILE S 8 23.51 -14.27 8.02
CA ILE S 8 24.40 -13.71 7.01
C ILE S 8 24.00 -12.25 6.79
N TRP S 9 25.01 -11.37 6.78
CA TRP S 9 24.79 -9.94 6.66
C TRP S 9 25.03 -9.53 5.20
N SER S 10 24.02 -8.90 4.57
CA SER S 10 24.01 -8.65 3.13
C SER S 10 25.23 -7.86 2.65
N ASN S 11 25.66 -6.86 3.44
CA ASN S 11 26.70 -5.93 3.05
C ASN S 11 28.09 -6.58 3.09
N SER S 12 28.20 -7.81 3.62
CA SER S 12 29.45 -8.56 3.66
C SER S 12 29.72 -9.31 2.35
N GLY S 13 28.73 -9.37 1.44
CA GLY S 13 28.83 -10.11 0.19
C GLY S 13 29.76 -9.47 -0.84
N ALA S 14 30.34 -10.32 -1.70
CA ALA S 14 31.16 -9.90 -2.83
C ALA S 14 30.77 -10.70 -4.07
N LEU S 15 29.96 -10.07 -4.94
CA LEU S 15 29.55 -10.65 -6.22
C LEU S 15 30.61 -10.36 -7.27
N THR S 16 30.84 -11.33 -8.17
CA THR S 16 31.75 -11.19 -9.31
C THR S 16 31.18 -11.94 -10.52
N PHE S 17 31.48 -11.42 -11.71
CA PHE S 17 31.10 -12.04 -12.97
C PHE S 17 32.36 -12.40 -13.78
N GLU S 18 32.33 -13.55 -14.45
CA GLU S 18 33.43 -14.00 -15.29
C GLU S 18 32.93 -14.39 -16.69
N ASP S 19 33.77 -14.16 -17.70
CA ASP S 19 33.55 -14.70 -19.04
C ASP S 19 33.93 -16.17 -19.05
N PRO S 20 32.98 -17.12 -19.31
CA PRO S 20 33.29 -18.56 -19.30
C PRO S 20 34.31 -19.04 -20.35
N ALA S 21 34.63 -18.19 -21.34
CA ALA S 21 35.66 -18.51 -22.33
C ALA S 21 37.06 -18.43 -21.73
N ASP S 22 37.25 -17.53 -20.74
CA ASP S 22 38.56 -17.18 -20.21
C ASP S 22 38.69 -17.50 -18.72
N ASP S 23 37.57 -17.46 -17.98
CA ASP S 23 37.51 -17.21 -16.54
C ASP S 23 38.07 -15.82 -16.19
N SER S 24 38.09 -14.87 -17.14
CA SER S 24 38.47 -13.48 -16.89
C SER S 24 37.30 -12.72 -16.27
N GLU S 25 37.62 -11.79 -15.35
CA GLU S 25 36.59 -10.99 -14.68
C GLU S 25 35.97 -9.98 -15.66
N ILE S 26 34.64 -9.80 -15.54
CA ILE S 26 33.89 -8.71 -16.15
C ILE S 26 33.57 -7.73 -15.03
N LEU S 27 33.99 -6.46 -15.18
CA LEU S 27 33.91 -5.51 -14.08
C LEU S 27 32.46 -5.18 -13.75
N PHE S 28 32.11 -5.38 -12.48
CA PHE S 28 30.76 -5.19 -11.95
C PHE S 28 30.86 -4.82 -10.47
N ALA S 29 30.04 -3.85 -10.04
CA ALA S 29 30.16 -3.28 -8.70
C ALA S 29 28.85 -2.62 -8.27
N GLY S 30 28.79 -2.26 -6.98
CA GLY S 30 27.71 -1.43 -6.46
C GLY S 30 26.37 -2.14 -6.35
N VAL S 31 26.38 -3.44 -5.99
CA VAL S 31 25.14 -4.19 -5.76
C VAL S 31 24.43 -3.64 -4.53
N ARG S 32 23.09 -3.80 -4.52
CA ARG S 32 22.24 -3.42 -3.40
C ARG S 32 21.37 -4.60 -2.99
N ASP S 33 20.77 -5.29 -3.97
CA ASP S 33 20.10 -6.57 -3.74
C ASP S 33 20.73 -7.64 -4.62
N VAL S 34 20.83 -8.88 -4.10
CA VAL S 34 21.25 -10.06 -4.86
C VAL S 34 20.43 -11.26 -4.37
N THR S 35 19.66 -11.87 -5.29
CA THR S 35 18.90 -13.08 -5.01
C THR S 35 19.32 -14.18 -5.99
N ILE S 36 19.65 -15.36 -5.45
CA ILE S 36 20.02 -16.53 -6.23
C ILE S 36 19.18 -17.71 -5.73
N THR S 37 18.37 -18.28 -6.63
CA THR S 37 17.41 -19.32 -6.27
C THR S 37 17.46 -20.44 -7.31
N PRO S 38 18.14 -21.58 -7.04
CA PRO S 38 17.94 -22.81 -7.82
C PRO S 38 16.51 -23.33 -7.65
N ALA S 39 15.93 -23.72 -8.79
CA ALA S 39 14.54 -24.16 -8.86
C ALA S 39 14.40 -25.32 -9.85
N TYR S 40 13.48 -26.22 -9.54
CA TYR S 40 13.01 -27.23 -10.48
C TYR S 40 11.49 -27.09 -10.61
N GLU S 41 10.96 -27.43 -11.80
CA GLU S 41 9.55 -27.74 -11.92
C GLU S 41 9.27 -29.07 -11.22
N HIS S 42 8.16 -29.15 -10.47
CA HIS S 42 7.71 -30.38 -9.83
C HIS S 42 6.47 -30.91 -10.54
N ALA S 43 6.44 -32.24 -10.76
CA ALA S 43 5.20 -32.93 -11.12
C ALA S 43 4.82 -33.93 -10.04
N GLU S 44 3.57 -33.85 -9.56
CA GLU S 44 3.03 -34.72 -8.53
C GLU S 44 2.04 -35.69 -9.16
N LEU S 45 2.11 -36.99 -8.79
CA LEU S 45 1.23 -38.01 -9.33
C LEU S 45 0.06 -38.27 -8.37
N TYR S 46 -1.17 -38.19 -8.91
CA TYR S 46 -2.39 -38.56 -8.19
C TYR S 46 -3.27 -39.44 -9.08
N THR S 47 -3.89 -40.46 -8.47
CA THR S 47 -4.78 -41.39 -9.15
C THR S 47 -5.98 -41.67 -8.25
N ILE S 48 -6.95 -42.43 -8.78
CA ILE S 48 -8.18 -42.79 -8.08
C ILE S 48 -7.90 -43.72 -6.88
N ASP S 49 -6.68 -44.30 -6.79
CA ASP S 49 -6.29 -45.22 -5.72
C ASP S 49 -6.28 -44.55 -4.34
N SER S 50 -5.92 -43.25 -4.27
CA SER S 50 -5.70 -42.56 -3.00
C SER S 50 -5.87 -41.04 -3.18
N THR S 51 -6.25 -40.38 -2.08
CA THR S 51 -6.26 -38.92 -1.97
C THR S 51 -4.84 -38.36 -1.81
N PHE S 52 -3.92 -39.19 -1.28
CA PHE S 52 -2.55 -38.77 -1.01
C PHE S 52 -1.74 -38.82 -2.31
N ARG S 53 -0.71 -37.95 -2.39
CA ARG S 53 0.24 -37.90 -3.48
C ARG S 53 1.03 -39.21 -3.54
N ASP S 54 1.18 -39.76 -4.76
CA ASP S 54 1.85 -41.04 -4.94
C ASP S 54 3.35 -40.84 -5.18
N GLU S 55 3.67 -39.88 -6.06
CA GLU S 55 5.05 -39.60 -6.47
C GLU S 55 5.24 -38.09 -6.62
N VAL S 56 6.49 -37.63 -6.53
CA VAL S 56 6.87 -36.29 -6.94
C VAL S 56 8.26 -36.31 -7.58
N LYS S 57 8.42 -35.57 -8.69
CA LYS S 57 9.59 -35.63 -9.56
C LYS S 57 10.00 -34.23 -10.03
N ARG S 58 11.31 -34.09 -10.35
CA ARG S 58 11.96 -32.83 -10.74
C ARG S 58 12.21 -32.81 -12.25
N TYR S 59 12.05 -31.63 -12.87
CA TYR S 59 12.48 -31.33 -14.24
C TYR S 59 12.70 -29.81 -14.39
N GLU S 60 13.24 -29.38 -15.54
CA GLU S 60 13.55 -27.98 -15.85
C GLU S 60 14.24 -27.30 -14.68
N HIS S 61 15.47 -27.76 -14.41
CA HIS S 61 16.35 -27.04 -13.52
C HIS S 61 16.72 -25.69 -14.15
N ASN S 62 16.69 -24.65 -13.31
CA ASN S 62 17.31 -23.37 -13.63
C ASN S 62 17.74 -22.71 -12.32
N VAL S 63 18.58 -21.68 -12.43
CA VAL S 63 18.91 -20.84 -11.29
C VAL S 63 18.38 -19.44 -11.59
N ASN S 64 17.34 -19.03 -10.86
CA ASN S 64 16.86 -17.66 -10.95
C ASN S 64 17.89 -16.75 -10.28
N VAL S 65 18.46 -15.83 -11.08
CA VAL S 65 19.37 -14.81 -10.58
C VAL S 65 18.70 -13.46 -10.81
N GLU S 66 18.57 -12.67 -9.73
CA GLU S 66 18.14 -11.29 -9.86
C GLU S 66 19.00 -10.39 -8.96
N ILE S 67 19.44 -9.28 -9.54
CA ILE S 67 20.43 -8.38 -8.95
C ILE S 67 19.94 -6.94 -9.14
N THR S 68 19.95 -6.16 -8.06
CA THR S 68 19.77 -4.71 -8.18
C THR S 68 21.09 -4.03 -7.82
N TYR S 69 21.54 -3.12 -8.71
CA TYR S 69 22.86 -2.51 -8.57
C TYR S 69 22.80 -1.04 -9.01
N ALA S 70 23.77 -0.23 -8.53
CA ALA S 70 23.68 1.23 -8.62
C ALA S 70 24.95 1.90 -9.15
N LYS S 71 25.92 1.09 -9.63
CA LYS S 71 27.07 1.59 -10.37
C LYS S 71 27.03 0.98 -11.78
N PHE S 72 26.96 1.85 -12.80
CA PHE S 72 26.90 1.38 -14.18
C PHE S 72 28.28 0.89 -14.62
N SER S 73 28.29 -0.25 -15.35
CA SER S 73 29.50 -0.79 -15.94
C SER S 73 29.36 -0.81 -17.46
N LEU S 74 30.27 -0.11 -18.17
CA LEU S 74 30.28 -0.15 -19.62
C LEU S 74 30.68 -1.54 -20.11
N GLU S 75 31.62 -2.19 -19.39
CA GLU S 75 32.09 -3.50 -19.81
C GLU S 75 30.96 -4.53 -19.76
N PHE S 76 30.19 -4.54 -18.66
CA PHE S 76 29.09 -5.49 -18.52
C PHE S 76 28.04 -5.30 -19.61
N ALA S 77 27.72 -4.03 -19.94
CA ALA S 77 26.73 -3.70 -20.95
C ALA S 77 27.20 -4.08 -22.36
N GLN S 78 28.50 -3.83 -22.65
CA GLN S 78 29.06 -4.09 -23.97
C GLN S 78 29.30 -5.59 -24.19
N GLU S 79 29.62 -6.33 -23.11
CA GLU S 79 29.67 -7.78 -23.12
C GLU S 79 28.28 -8.37 -23.40
N TRP S 80 27.23 -7.82 -22.74
CA TRP S 80 25.86 -8.26 -22.98
C TRP S 80 25.43 -8.04 -24.43
N LEU S 81 25.74 -6.85 -24.99
CA LEU S 81 25.38 -6.52 -26.36
C LEU S 81 26.06 -7.46 -27.36
N GLY S 82 27.35 -7.75 -27.14
CA GLY S 82 28.19 -8.43 -28.12
C GLY S 82 27.97 -9.94 -28.24
N GLY S 83 27.27 -10.57 -27.26
CA GLY S 83 27.12 -12.01 -27.22
C GLY S 83 28.41 -12.72 -26.77
N PRO S 84 28.46 -14.09 -26.81
CA PRO S 84 29.65 -14.83 -26.37
C PRO S 84 30.93 -14.43 -27.13
N GLY S 85 31.99 -14.12 -26.37
CA GLY S 85 33.33 -13.91 -26.89
C GLY S 85 33.59 -12.57 -27.59
N ALA S 86 32.66 -11.60 -27.48
CA ALA S 86 32.86 -10.27 -28.07
C ALA S 86 32.12 -9.18 -27.30
N THR S 87 32.71 -7.97 -27.27
CA THR S 87 32.02 -6.74 -26.87
C THR S 87 31.44 -6.04 -28.10
N ALA S 88 30.37 -5.26 -27.91
CA ALA S 88 29.81 -4.42 -28.96
C ALA S 88 29.25 -3.11 -28.40
N THR S 89 29.29 -2.04 -29.21
CA THR S 89 28.75 -0.73 -28.86
C THR S 89 27.33 -0.52 -29.41
N ALA S 90 26.74 -1.57 -30.02
CA ALA S 90 25.42 -1.48 -30.63
C ALA S 90 24.76 -2.87 -30.54
N SER S 91 23.41 -2.92 -30.61
CA SER S 91 22.69 -4.19 -30.66
C SER S 91 23.25 -5.07 -31.76
N GLN S 92 23.38 -6.37 -31.46
CA GLN S 92 23.85 -7.35 -32.43
C GLN S 92 22.68 -8.20 -32.91
N ASP S 93 22.56 -8.34 -34.23
CA ASP S 93 21.53 -9.15 -34.86
C ASP S 93 22.02 -10.60 -34.98
N ASP S 94 22.13 -11.28 -33.82
CA ASP S 94 22.52 -12.68 -33.76
C ASP S 94 21.82 -13.38 -32.59
N SER S 95 21.81 -14.73 -32.64
CA SER S 95 20.94 -15.55 -31.81
C SER S 95 21.57 -15.97 -30.47
N ASP S 96 22.87 -15.72 -30.26
CA ASP S 96 23.56 -16.19 -29.06
C ASP S 96 23.53 -15.10 -27.97
N PRO S 97 22.92 -15.35 -26.77
CA PRO S 97 23.03 -14.41 -25.66
C PRO S 97 24.40 -14.58 -24.99
N MET S 98 24.91 -13.47 -24.41
CA MET S 98 26.11 -13.54 -23.59
C MET S 98 25.82 -14.36 -22.33
N LYS S 99 26.65 -15.38 -22.09
CA LYS S 99 26.58 -16.23 -20.91
C LYS S 99 27.66 -15.79 -19.92
N PHE S 100 27.22 -15.44 -18.71
CA PHE S 100 28.13 -15.02 -17.65
C PHE S 100 28.23 -16.15 -16.62
N ASN S 101 29.45 -16.45 -16.18
CA ASN S 101 29.62 -17.17 -14.93
C ASN S 101 29.53 -16.17 -13.78
N LEU S 102 28.94 -16.59 -12.67
CA LEU S 102 28.69 -15.74 -11.52
C LEU S 102 29.18 -16.43 -10.25
N GLU S 103 29.81 -15.66 -9.36
CA GLU S 103 30.15 -16.15 -8.03
C GLU S 103 29.84 -15.05 -6.99
N ASN S 104 29.22 -15.47 -5.87
CA ASN S 104 29.00 -14.61 -4.73
C ASN S 104 29.62 -15.26 -3.49
N VAL S 105 30.48 -14.51 -2.78
CA VAL S 105 31.15 -14.99 -1.57
C VAL S 105 30.68 -14.16 -0.38
N THR S 106 30.25 -14.83 0.71
CA THR S 106 29.81 -14.14 1.92
C THR S 106 30.36 -14.83 3.18
N PRO S 107 31.05 -14.10 4.09
CA PRO S 107 31.24 -14.57 5.48
C PRO S 107 29.89 -14.66 6.20
N SER S 108 29.74 -15.69 7.04
CA SER S 108 28.61 -15.74 7.97
C SER S 108 28.82 -14.70 9.07
N ALA S 109 27.73 -14.31 9.76
CA ALA S 109 27.70 -13.13 10.62
C ALA S 109 28.69 -13.22 11.81
N SER S 110 28.88 -14.44 12.35
CA SER S 110 29.85 -14.69 13.43
C SER S 110 31.11 -15.42 12.93
N GLY S 111 31.27 -15.53 11.60
CA GLY S 111 32.46 -16.13 10.99
C GLY S 111 32.56 -17.65 11.14
N GLY S 112 31.43 -18.33 11.38
CA GLY S 112 31.36 -19.78 11.46
C GLY S 112 31.70 -20.48 10.14
N PHE S 113 31.40 -19.82 9.00
CA PHE S 113 31.67 -20.33 7.66
C PHE S 113 31.78 -19.19 6.65
N GLU S 114 32.31 -19.49 5.46
CA GLU S 114 32.28 -18.57 4.33
C GLU S 114 31.53 -19.24 3.18
N ARG S 115 30.25 -18.90 3.03
CA ARG S 115 29.41 -19.49 1.98
C ARG S 115 29.81 -18.88 0.62
N THR S 116 30.24 -19.76 -0.30
CA THR S 116 30.44 -19.43 -1.71
C THR S 116 29.32 -20.08 -2.53
N THR S 117 28.60 -19.26 -3.31
CA THR S 117 27.66 -19.71 -4.32
C THR S 117 28.20 -19.36 -5.71
N ALA S 118 28.32 -20.36 -6.59
CA ALA S 118 28.77 -20.16 -7.97
C ALA S 118 27.76 -20.76 -8.95
N VAL S 119 27.49 -20.02 -10.05
CA VAL S 119 26.43 -20.34 -11.01
C VAL S 119 27.01 -20.23 -12.43
N GLU S 120 26.79 -21.27 -13.26
CA GLU S 120 27.28 -21.26 -14.64
C GLU S 120 26.22 -20.68 -15.59
N ASN S 121 26.70 -20.00 -16.65
CA ASN S 121 25.92 -19.64 -17.83
C ASN S 121 24.64 -18.89 -17.46
N VAL S 122 24.77 -17.86 -16.61
CA VAL S 122 23.68 -16.91 -16.37
C VAL S 122 23.49 -16.07 -17.63
N VAL S 123 22.24 -16.00 -18.11
CA VAL S 123 21.86 -15.14 -19.22
C VAL S 123 20.77 -14.17 -18.74
N PHE S 124 20.76 -12.94 -19.27
CA PHE S 124 19.79 -11.93 -18.90
C PHE S 124 18.97 -11.54 -20.13
N PRO S 125 17.63 -11.83 -20.19
CA PRO S 125 16.80 -11.48 -21.35
C PRO S 125 16.77 -9.99 -21.71
N GLU S 126 16.90 -9.13 -20.70
CA GLU S 126 16.92 -7.69 -20.92
C GLU S 126 17.97 -7.03 -20.01
N LEU S 127 18.57 -5.97 -20.55
CA LEU S 127 19.58 -5.19 -19.86
C LEU S 127 19.08 -3.75 -19.73
N PRO S 128 18.89 -3.21 -18.50
CA PRO S 128 18.60 -1.79 -18.35
C PRO S 128 19.89 -0.99 -18.62
N LEU S 129 19.83 -0.09 -19.61
CA LEU S 129 20.96 0.77 -19.92
C LEU S 129 20.87 2.07 -19.13
N ASP S 130 19.71 2.74 -19.26
CA ASP S 130 19.42 3.98 -18.55
C ASP S 130 18.24 3.73 -17.62
N SER S 131 18.33 4.27 -16.39
CA SER S 131 17.34 4.04 -15.35
C SER S 131 17.24 5.27 -14.45
N ALA S 132 17.01 6.44 -15.09
CA ALA S 132 16.99 7.72 -14.41
C ALA S 132 15.63 7.98 -13.75
N THR S 133 15.68 8.50 -12.52
CA THR S 133 14.54 9.04 -11.78
C THR S 133 15.00 10.33 -11.11
N TYR S 134 14.16 11.38 -11.18
CA TYR S 134 14.47 12.68 -10.62
C TYR S 134 14.86 12.56 -9.13
N GLY S 135 16.02 13.12 -8.77
CA GLY S 135 16.52 13.17 -7.40
C GLY S 135 17.04 11.82 -6.89
N GLU S 136 17.38 10.89 -7.81
CA GLU S 136 17.89 9.58 -7.45
C GLU S 136 19.13 9.24 -8.29
N TYR S 137 20.04 8.44 -7.73
CA TYR S 137 21.06 7.77 -8.52
C TYR S 137 20.37 6.70 -9.36
N GLU S 138 20.88 6.50 -10.59
CA GLU S 138 20.35 5.45 -11.45
C GLU S 138 20.55 4.09 -10.76
N GLU S 139 19.49 3.27 -10.78
CA GLU S 139 19.49 1.95 -10.16
C GLU S 139 18.93 0.94 -11.16
N TYR S 140 19.63 -0.20 -11.29
CA TYR S 140 19.46 -1.13 -12.39
C TYR S 140 19.08 -2.50 -11.83
N SER S 141 18.05 -3.13 -12.41
CA SER S 141 17.66 -4.48 -12.01
C SER S 141 17.86 -5.47 -13.15
N LEU S 142 18.66 -6.53 -12.87
CA LEU S 142 18.81 -7.68 -13.75
C LEU S 142 17.92 -8.80 -13.25
N THR S 143 17.26 -9.49 -14.20
CA THR S 143 16.64 -10.79 -13.96
C THR S 143 17.18 -11.75 -15.03
N GLY S 144 17.59 -12.95 -14.62
CA GLY S 144 18.21 -13.89 -15.54
C GLY S 144 18.15 -15.33 -15.06
N SER S 145 18.55 -16.27 -15.94
CA SER S 145 18.56 -17.69 -15.62
C SER S 145 19.95 -18.29 -15.86
N GLY S 146 20.53 -18.85 -14.77
CA GLY S 146 21.72 -19.69 -14.86
C GLY S 146 21.34 -21.13 -15.16
N ARG S 147 22.29 -21.89 -15.74
CA ARG S 147 22.06 -23.29 -16.09
C ARG S 147 22.05 -24.18 -14.85
N SER S 148 23.04 -24.00 -13.97
CA SER S 148 23.18 -24.81 -12.75
C SER S 148 24.03 -24.08 -11.71
N VAL S 149 23.92 -24.51 -10.44
CA VAL S 149 24.84 -24.15 -9.37
C VAL S 149 26.05 -25.08 -9.47
N THR S 150 27.24 -24.51 -9.74
CA THR S 150 28.45 -25.32 -9.91
C THR S 150 29.13 -25.57 -8.56
N ASN S 151 28.94 -24.62 -7.62
CA ASN S 151 29.52 -24.73 -6.29
C ASN S 151 28.59 -24.07 -5.27
N LEU S 152 28.34 -24.82 -4.18
CA LEU S 152 27.81 -24.28 -2.94
C LEU S 152 28.54 -24.95 -1.78
N ALA S 153 29.46 -24.20 -1.16
CA ALA S 153 30.34 -24.77 -0.14
C ALA S 153 30.76 -23.70 0.87
N ASP S 154 31.18 -24.18 2.05
CA ASP S 154 32.01 -23.41 2.96
C ASP S 154 33.42 -23.35 2.37
N THR S 155 33.88 -22.14 2.03
CA THR S 155 35.21 -21.92 1.46
C THR S 155 36.20 -21.34 2.48
N SER S 156 35.81 -21.28 3.76
CA SER S 156 36.70 -20.84 4.83
C SER S 156 37.79 -21.89 5.07
N GLY S 157 38.93 -21.47 5.65
CA GLY S 157 40.10 -22.31 5.86
C GLY S 157 39.83 -23.49 6.77
N ALA T 2 39.94 -1.97 -18.61
CA ALA T 2 38.50 -1.58 -18.64
C ALA T 2 38.27 -0.37 -17.75
N THR T 3 37.19 0.38 -18.02
CA THR T 3 36.76 1.54 -17.25
C THR T 3 36.02 1.05 -15.99
N SER T 4 36.39 1.60 -14.82
CA SER T 4 35.78 1.21 -13.54
C SER T 4 34.28 1.51 -13.54
N PRO T 5 33.40 0.61 -13.00
CA PRO T 5 31.98 0.94 -12.80
C PRO T 5 31.79 2.10 -11.81
N GLU T 6 30.81 2.95 -12.08
CA GLU T 6 30.64 4.21 -11.35
C GLU T 6 29.16 4.54 -11.21
N GLY T 7 28.81 5.25 -10.12
CA GLY T 7 27.45 5.75 -9.93
C GLY T 7 27.06 6.75 -11.02
N ILE T 8 25.76 6.83 -11.35
CA ILE T 8 25.25 7.81 -12.30
C ILE T 8 24.10 8.56 -11.64
N TRP T 9 24.15 9.89 -11.71
CA TRP T 9 23.17 10.75 -11.07
C TRP T 9 22.12 11.16 -12.11
N SER T 10 20.83 10.89 -11.81
CA SER T 10 19.76 11.02 -12.82
C SER T 10 19.69 12.44 -13.41
N ASN T 11 19.82 13.46 -12.55
CA ASN T 11 19.64 14.85 -12.94
C ASN T 11 20.78 15.36 -13.83
N SER T 12 21.82 14.54 -14.05
CA SER T 12 22.94 14.88 -14.93
C SER T 12 22.65 14.54 -16.40
N GLY T 13 21.51 13.86 -16.68
CA GLY T 13 21.20 13.39 -18.03
C GLY T 13 20.72 14.49 -18.97
N ALA T 14 20.97 14.28 -20.27
CA ALA T 14 20.49 15.15 -21.35
C ALA T 14 19.90 14.31 -22.48
N LEU T 15 18.56 14.19 -22.46
CA LEU T 15 17.80 13.46 -23.48
C LEU T 15 17.50 14.40 -24.67
N THR T 16 17.64 13.85 -25.89
CA THR T 16 17.31 14.57 -27.12
C THR T 16 16.60 13.62 -28.09
N PHE T 17 15.71 14.18 -28.92
CA PHE T 17 15.02 13.45 -29.98
C PHE T 17 15.34 14.09 -31.33
N GLU T 18 15.50 13.24 -32.35
CA GLU T 18 15.77 13.70 -33.70
C GLU T 18 14.83 13.03 -34.71
N ASP T 19 14.50 13.78 -35.77
CA ASP T 19 13.83 13.25 -36.94
C ASP T 19 14.85 12.47 -37.77
N PRO T 20 14.68 11.13 -37.98
CA PRO T 20 15.64 10.34 -38.75
C PRO T 20 15.74 10.68 -40.24
N ALA T 21 14.81 11.50 -40.75
CA ALA T 21 14.87 11.96 -42.15
C ALA T 21 15.90 13.08 -42.33
N ASP T 22 16.24 13.78 -41.23
CA ASP T 22 17.06 15.00 -41.28
C ASP T 22 18.28 14.92 -40.37
N ASP T 23 18.16 14.16 -39.27
CA ASP T 23 18.92 14.34 -38.04
C ASP T 23 18.67 15.72 -37.40
N SER T 24 17.53 16.36 -37.70
CA SER T 24 17.13 17.62 -37.08
C SER T 24 16.49 17.35 -35.71
N GLU T 25 16.74 18.23 -34.73
CA GLU T 25 16.22 18.05 -33.39
C GLU T 25 14.71 18.32 -33.34
N ILE T 26 13.99 17.49 -32.57
CA ILE T 26 12.60 17.70 -32.21
C ILE T 26 12.57 18.19 -30.75
N LEU T 27 12.01 19.38 -30.52
CA LEU T 27 12.11 20.05 -29.22
C LEU T 27 11.38 19.23 -28.15
N PHE T 28 12.14 18.87 -27.11
CA PHE T 28 11.67 18.07 -25.99
C PHE T 28 12.49 18.42 -24.75
N ALA T 29 11.83 18.51 -23.58
CA ALA T 29 12.46 19.02 -22.37
C ALA T 29 11.68 18.56 -21.13
N GLY T 30 12.29 18.79 -19.94
CA GLY T 30 11.62 18.65 -18.67
C GLY T 30 11.33 17.20 -18.26
N VAL T 31 12.28 16.30 -18.53
CA VAL T 31 12.16 14.90 -18.12
C VAL T 31 12.25 14.79 -16.60
N ARG T 32 11.63 13.73 -16.07
CA ARG T 32 11.69 13.38 -14.65
C ARG T 32 12.16 11.94 -14.49
N ASP T 33 11.61 11.01 -15.30
CA ASP T 33 12.11 9.64 -15.36
C ASP T 33 12.47 9.29 -16.81
N VAL T 34 13.55 8.50 -17.01
CA VAL T 34 13.94 7.96 -18.31
C VAL T 34 14.47 6.54 -18.11
N THR T 35 13.78 5.54 -18.67
CA THR T 35 14.25 4.15 -18.69
C THR T 35 14.47 3.71 -20.13
N ILE T 36 15.67 3.16 -20.40
CA ILE T 36 15.98 2.56 -21.69
C ILE T 36 16.47 1.13 -21.45
N THR T 37 15.79 0.15 -22.07
CA THR T 37 16.05 -1.25 -21.81
C THR T 37 16.03 -2.05 -23.12
N PRO T 38 17.21 -2.36 -23.74
CA PRO T 38 17.28 -3.38 -24.77
C PRO T 38 16.91 -4.74 -24.20
N ALA T 39 16.09 -5.46 -24.98
CA ALA T 39 15.52 -6.74 -24.58
C ALA T 39 15.51 -7.70 -25.77
N TYR T 40 15.51 -8.99 -25.45
CA TYR T 40 15.26 -10.05 -26.43
C TYR T 40 14.35 -11.09 -25.77
N GLU T 41 13.54 -11.75 -26.58
CA GLU T 41 12.91 -13.00 -26.16
C GLU T 41 13.99 -14.08 -26.06
N HIS T 42 13.95 -14.88 -24.97
CA HIS T 42 14.81 -16.04 -24.81
C HIS T 42 14.00 -17.33 -24.95
N ALA T 43 14.50 -18.26 -25.77
CA ALA T 43 13.97 -19.61 -25.80
C ALA T 43 15.01 -20.59 -25.25
N GLU T 44 14.60 -21.42 -24.26
CA GLU T 44 15.46 -22.41 -23.62
C GLU T 44 15.08 -23.81 -24.10
N LEU T 45 16.08 -24.65 -24.46
CA LEU T 45 15.83 -26.01 -24.89
C LEU T 45 15.99 -26.99 -23.73
N TYR T 46 14.94 -27.78 -23.50
CA TYR T 46 14.95 -28.90 -22.56
C TYR T 46 14.37 -30.15 -23.24
N THR T 47 14.97 -31.32 -22.94
CA THR T 47 14.53 -32.60 -23.47
C THR T 47 14.62 -33.65 -22.36
N ILE T 48 14.15 -34.87 -22.65
CA ILE T 48 14.20 -36.01 -21.74
C ILE T 48 15.64 -36.41 -21.38
N ASP T 49 16.66 -35.96 -22.15
CA ASP T 49 18.05 -36.33 -21.93
C ASP T 49 18.58 -35.87 -20.55
N SER T 50 18.18 -34.67 -20.10
CA SER T 50 18.73 -34.02 -18.93
C SER T 50 17.71 -33.04 -18.34
N THR T 51 17.76 -32.85 -17.01
CA THR T 51 16.97 -31.83 -16.32
C THR T 51 17.56 -30.43 -16.53
N PHE T 52 18.83 -30.36 -16.97
CA PHE T 52 19.51 -29.09 -17.20
C PHE T 52 19.20 -28.60 -18.61
N ARG T 53 19.28 -27.27 -18.79
CA ARG T 53 19.08 -26.57 -20.05
C ARG T 53 20.18 -26.95 -21.05
N ASP T 54 19.77 -27.35 -22.27
CA ASP T 54 20.71 -27.68 -23.34
C ASP T 54 21.19 -26.41 -24.05
N GLU T 55 20.24 -25.52 -24.39
CA GLU T 55 20.50 -24.34 -25.21
C GLU T 55 19.69 -23.15 -24.73
N VAL T 56 20.17 -21.94 -25.04
CA VAL T 56 19.36 -20.72 -24.92
C VAL T 56 19.71 -19.77 -26.08
N LYS T 57 18.66 -19.17 -26.68
CA LYS T 57 18.79 -18.37 -27.89
C LYS T 57 17.98 -17.07 -27.78
N ARG T 58 18.51 -15.99 -28.37
CA ARG T 58 17.87 -14.69 -28.49
C ARG T 58 17.04 -14.63 -29.77
N TYR T 59 15.91 -13.90 -29.70
CA TYR T 59 15.15 -13.47 -30.86
C TYR T 59 14.29 -12.25 -30.49
N GLU T 60 13.69 -11.61 -31.51
CA GLU T 60 12.66 -10.58 -31.34
C GLU T 60 13.19 -9.43 -30.47
N HIS T 61 14.31 -8.84 -30.90
CA HIS T 61 14.94 -7.72 -30.24
C HIS T 61 14.04 -6.48 -30.32
N ASN T 62 14.00 -5.72 -29.21
CA ASN T 62 13.49 -4.36 -29.20
C ASN T 62 14.10 -3.62 -28.01
N VAL T 63 14.00 -2.29 -28.04
CA VAL T 63 14.47 -1.46 -26.94
C VAL T 63 13.25 -0.79 -26.31
N ASN T 64 12.87 -1.24 -25.10
CA ASN T 64 11.83 -0.55 -24.35
C ASN T 64 12.34 0.83 -23.94
N VAL T 65 11.64 1.88 -24.39
CA VAL T 65 11.86 3.24 -23.96
C VAL T 65 10.62 3.68 -23.18
N GLU T 66 10.81 4.16 -21.95
CA GLU T 66 9.73 4.84 -21.26
C GLU T 66 10.27 6.09 -20.55
N ILE T 67 9.52 7.19 -20.72
CA ILE T 67 9.91 8.52 -20.27
C ILE T 67 8.73 9.13 -19.53
N THR T 68 8.99 9.71 -18.35
CA THR T 68 8.04 10.59 -17.70
C THR T 68 8.59 12.02 -17.75
N TYR T 69 7.77 12.98 -18.18
CA TYR T 69 8.22 14.35 -18.40
C TYR T 69 7.11 15.35 -18.09
N ALA T 70 7.48 16.61 -17.83
CA ALA T 70 6.57 17.60 -17.25
C ALA T 70 6.57 18.96 -17.98
N LYS T 71 7.23 19.05 -19.14
CA LYS T 71 7.09 20.20 -20.04
C LYS T 71 6.47 19.73 -21.35
N PHE T 72 5.29 20.29 -21.69
CA PHE T 72 4.60 19.91 -22.91
C PHE T 72 5.31 20.54 -24.12
N SER T 73 5.43 19.76 -25.20
CA SER T 73 6.02 20.23 -26.46
C SER T 73 5.00 20.05 -27.59
N LEU T 74 4.64 21.15 -28.26
CA LEU T 74 3.76 21.08 -29.42
C LEU T 74 4.47 20.39 -30.58
N GLU T 75 5.77 20.66 -30.77
CA GLU T 75 6.51 20.07 -31.87
C GLU T 75 6.53 18.54 -31.77
N PHE T 76 6.83 18.00 -30.57
CA PHE T 76 6.82 16.57 -30.36
C PHE T 76 5.43 15.96 -30.64
N ALA T 77 4.38 16.59 -30.10
CA ALA T 77 3.01 16.09 -30.25
C ALA T 77 2.54 16.12 -31.71
N GLN T 78 2.90 17.20 -32.43
CA GLN T 78 2.48 17.38 -33.82
C GLN T 78 3.28 16.50 -34.78
N GLU T 79 4.55 16.23 -34.44
CA GLU T 79 5.37 15.24 -35.14
C GLU T 79 4.74 13.85 -34.99
N TRP T 80 4.31 13.50 -33.77
CA TRP T 80 3.67 12.22 -33.50
C TRP T 80 2.38 12.07 -34.30
N LEU T 81 1.55 13.13 -34.33
CA LEU T 81 0.29 13.11 -35.06
C LEU T 81 0.53 12.93 -36.57
N GLY T 82 1.54 13.61 -37.12
CA GLY T 82 1.74 13.71 -38.55
C GLY T 82 2.37 12.47 -39.21
N GLY T 83 3.06 11.64 -38.42
CA GLY T 83 3.78 10.49 -38.94
C GLY T 83 5.12 10.89 -39.57
N PRO T 84 5.84 9.94 -40.24
CA PRO T 84 7.16 10.25 -40.81
C PRO T 84 7.14 11.41 -41.80
N GLY T 85 8.03 12.39 -41.57
CA GLY T 85 8.31 13.48 -42.49
C GLY T 85 7.28 14.61 -42.51
N ALA T 86 6.31 14.63 -41.57
CA ALA T 86 5.31 15.70 -41.53
C ALA T 86 4.80 15.93 -40.10
N THR T 87 4.48 17.20 -39.80
CA THR T 87 3.67 17.56 -38.63
C THR T 87 2.19 17.62 -39.01
N ALA T 88 1.30 17.42 -38.03
CA ALA T 88 -0.14 17.62 -38.21
C ALA T 88 -0.79 18.14 -36.92
N THR T 89 -1.93 18.84 -37.05
CA THR T 89 -2.68 19.37 -35.92
C THR T 89 -3.98 18.58 -35.66
N ALA T 90 -4.07 17.36 -36.22
CA ALA T 90 -5.22 16.48 -36.04
C ALA T 90 -4.75 15.04 -36.28
N SER T 91 -5.51 14.05 -35.75
CA SER T 91 -5.22 12.65 -36.03
C SER T 91 -5.11 12.42 -37.54
N GLN T 92 -4.12 11.60 -37.95
CA GLN T 92 -3.95 11.26 -39.34
C GLN T 92 -4.40 9.82 -39.57
N ASP T 93 -5.21 9.63 -40.62
CA ASP T 93 -5.75 8.32 -40.98
C ASP T 93 -4.79 7.61 -41.93
N ASP T 94 -3.64 7.17 -41.40
CA ASP T 94 -2.64 6.42 -42.15
C ASP T 94 -1.88 5.45 -41.25
N SER T 95 -1.15 4.51 -41.88
CA SER T 95 -0.59 3.33 -41.21
C SER T 95 0.82 3.55 -40.63
N ASP T 96 1.49 4.66 -40.96
CA ASP T 96 2.89 4.84 -40.56
C ASP T 96 3.01 5.58 -39.23
N PRO T 97 3.58 4.97 -38.16
CA PRO T 97 3.87 5.73 -36.93
C PRO T 97 5.10 6.59 -37.17
N MET T 98 5.13 7.74 -36.48
CA MET T 98 6.32 8.58 -36.43
C MET T 98 7.44 7.85 -35.69
N LYS T 99 8.60 7.73 -36.36
CA LYS T 99 9.80 7.11 -35.79
C LYS T 99 10.77 8.21 -35.36
N PHE T 100 11.12 8.20 -34.07
CA PHE T 100 12.04 9.16 -33.50
C PHE T 100 13.38 8.46 -33.24
N ASN T 101 14.49 9.11 -33.59
CA ASN T 101 15.78 8.72 -33.03
C ASN T 101 15.93 9.38 -31.67
N LEU T 102 16.44 8.62 -30.70
CA LEU T 102 16.61 9.10 -29.33
C LEU T 102 18.09 8.98 -28.94
N GLU T 103 18.58 9.98 -28.19
CA GLU T 103 19.90 9.91 -27.58
C GLU T 103 19.84 10.49 -26.18
N ASN T 104 20.49 9.80 -25.23
CA ASN T 104 20.64 10.29 -23.87
C ASN T 104 22.13 10.27 -23.50
N VAL T 105 22.62 11.41 -22.98
CA VAL T 105 24.02 11.58 -22.61
C VAL T 105 24.09 11.88 -21.10
N THR T 106 24.92 11.11 -20.37
CA THR T 106 25.12 11.31 -18.94
C THR T 106 26.60 11.24 -18.56
N PRO T 107 27.15 12.25 -17.84
CA PRO T 107 28.40 12.07 -17.09
C PRO T 107 28.19 11.07 -15.95
N SER T 108 29.22 10.25 -15.68
CA SER T 108 29.26 9.44 -14.47
C SER T 108 29.47 10.36 -13.26
N ALA T 109 29.11 9.88 -12.05
CA ALA T 109 28.98 10.73 -10.87
C ALA T 109 30.32 11.39 -10.46
N SER T 110 31.45 10.70 -10.71
CA SER T 110 32.79 11.22 -10.42
C SER T 110 33.56 11.57 -11.70
N GLY T 111 32.88 11.63 -12.85
CA GLY T 111 33.48 12.04 -14.12
C GLY T 111 34.44 11.01 -14.74
N GLY T 112 34.36 9.75 -14.30
CA GLY T 112 35.15 8.65 -14.82
C GLY T 112 34.89 8.35 -16.31
N PHE T 113 33.64 8.57 -16.76
CA PHE T 113 33.23 8.39 -18.15
C PHE T 113 32.01 9.28 -18.46
N GLU T 114 31.71 9.44 -19.76
CA GLU T 114 30.43 9.98 -20.19
C GLU T 114 29.69 8.91 -21.00
N ARG T 115 28.60 8.38 -20.44
CA ARG T 115 27.83 7.34 -21.11
C ARG T 115 26.82 7.97 -22.07
N THR T 116 26.97 7.68 -23.37
CA THR T 116 25.98 8.01 -24.39
C THR T 116 25.23 6.74 -24.79
N THR T 117 23.90 6.79 -24.70
CA THR T 117 22.99 5.76 -25.21
C THR T 117 22.19 6.36 -26.37
N ALA T 118 22.20 5.68 -27.55
CA ALA T 118 21.41 6.11 -28.69
C ALA T 118 20.57 4.95 -29.21
N VAL T 119 19.31 5.25 -29.56
CA VAL T 119 18.30 4.25 -29.95
C VAL T 119 17.65 4.71 -31.27
N GLU T 120 17.57 3.81 -32.25
CA GLU T 120 16.95 4.14 -33.53
C GLU T 120 15.46 3.79 -33.52
N ASN T 121 14.66 4.59 -34.25
CA ASN T 121 13.29 4.29 -34.62
C ASN T 121 12.42 3.93 -33.40
N VAL T 122 12.45 4.79 -32.37
CA VAL T 122 11.51 4.69 -31.26
C VAL T 122 10.13 5.11 -31.76
N VAL T 123 9.12 4.26 -31.52
CA VAL T 123 7.72 4.58 -31.81
C VAL T 123 6.93 4.47 -30.49
N PHE T 124 5.91 5.33 -30.35
CA PHE T 124 5.08 5.39 -29.16
C PHE T 124 3.65 5.04 -29.54
N PRO T 125 3.06 3.88 -29.10
CA PRO T 125 1.69 3.52 -29.45
C PRO T 125 0.62 4.56 -29.07
N GLU T 126 0.87 5.30 -27.98
CA GLU T 126 -0.05 6.34 -27.52
C GLU T 126 0.73 7.56 -27.02
N LEU T 127 0.11 8.73 -27.22
CA LEU T 127 0.66 10.02 -26.84
C LEU T 127 -0.33 10.70 -25.89
N PRO T 128 0.05 11.04 -24.62
CA PRO T 128 -0.81 11.86 -23.78
C PRO T 128 -0.72 13.33 -24.21
N LEU T 129 -1.88 13.98 -24.35
CA LEU T 129 -1.95 15.37 -24.79
C LEU T 129 -2.30 16.29 -23.63
N ASP T 130 -3.31 15.89 -22.86
CA ASP T 130 -3.69 16.55 -21.62
C ASP T 130 -3.59 15.52 -20.50
N SER T 131 -3.00 15.93 -19.36
CA SER T 131 -2.76 15.03 -18.24
C SER T 131 -2.85 15.82 -16.94
N ALA T 132 -4.03 16.41 -16.72
CA ALA T 132 -4.26 17.36 -15.63
C ALA T 132 -4.74 16.62 -14.37
N THR T 133 -4.14 16.98 -13.23
CA THR T 133 -4.60 16.59 -11.90
C THR T 133 -4.64 17.84 -11.03
N TYR T 134 -5.74 18.03 -10.28
CA TYR T 134 -5.93 19.20 -9.43
C TYR T 134 -4.73 19.39 -8.49
N GLY T 135 -4.17 20.61 -8.50
CA GLY T 135 -3.05 20.98 -7.64
C GLY T 135 -1.68 20.46 -8.10
N GLU T 136 -1.57 20.02 -9.37
CA GLU T 136 -0.33 19.52 -9.91
C GLU T 136 -0.07 20.13 -11.30
N TYR T 137 1.21 20.24 -11.68
CA TYR T 137 1.58 20.45 -13.08
C TYR T 137 1.20 19.19 -13.86
N GLU T 138 0.82 19.35 -15.12
CA GLU T 138 0.56 18.19 -15.97
C GLU T 138 1.86 17.38 -16.13
N GLU T 139 1.74 16.06 -16.02
CA GLU T 139 2.88 15.14 -16.16
C GLU T 139 2.50 14.03 -17.14
N TYR T 140 3.44 13.67 -18.01
CA TYR T 140 3.19 12.83 -19.18
C TYR T 140 4.08 11.60 -19.14
N SER T 141 3.50 10.42 -19.40
CA SER T 141 4.26 9.19 -19.55
C SER T 141 4.19 8.69 -21.00
N LEU T 142 5.37 8.45 -21.59
CA LEU T 142 5.51 7.76 -22.86
C LEU T 142 6.01 6.34 -22.60
N THR T 143 5.42 5.37 -23.33
CA THR T 143 5.99 4.03 -23.45
C THR T 143 6.13 3.74 -24.95
N GLY T 144 7.30 3.21 -25.35
CA GLY T 144 7.56 2.94 -26.76
C GLY T 144 8.62 1.87 -26.96
N SER T 145 8.80 1.43 -28.21
CA SER T 145 9.80 0.45 -28.59
C SER T 145 10.70 1.00 -29.71
N GLY T 146 12.01 1.07 -29.43
CA GLY T 146 13.03 1.32 -30.44
C GLY T 146 13.46 0.02 -31.12
N ARG T 147 14.00 0.14 -32.35
CA ARG T 147 14.42 -1.02 -33.13
C ARG T 147 15.70 -1.64 -32.57
N SER T 148 16.71 -0.78 -32.28
CA SER T 148 18.01 -1.23 -31.79
C SER T 148 18.74 -0.09 -31.07
N VAL T 149 19.72 -0.45 -30.22
CA VAL T 149 20.71 0.48 -29.68
C VAL T 149 21.75 0.69 -30.78
N THR T 150 21.91 1.94 -31.24
CA THR T 150 22.88 2.24 -32.30
C THR T 150 24.24 2.62 -31.71
N ASN T 151 24.24 3.11 -30.46
CA ASN T 151 25.47 3.46 -29.77
C ASN T 151 25.30 3.30 -28.26
N LEU T 152 26.31 2.66 -27.64
CA LEU T 152 26.52 2.67 -26.20
C LEU T 152 28.02 2.71 -25.93
N ALA T 153 28.52 3.91 -25.60
CA ALA T 153 29.95 4.14 -25.51
C ALA T 153 30.26 5.24 -24.49
N ASP T 154 31.52 5.23 -24.02
CA ASP T 154 32.11 6.38 -23.35
C ASP T 154 32.44 7.43 -24.42
N THR T 155 31.82 8.62 -24.30
CA THR T 155 32.01 9.71 -25.25
C THR T 155 32.86 10.85 -24.67
N SER T 156 33.43 10.66 -23.47
CA SER T 156 34.29 11.65 -22.83
C SER T 156 35.60 11.84 -23.61
N GLY T 157 36.25 13.00 -23.42
CA GLY T 157 37.44 13.38 -24.17
C GLY T 157 38.62 12.46 -23.93
N ALA U 2 10.58 26.97 -33.80
CA ALA U 2 9.47 26.25 -33.12
C ALA U 2 9.31 26.78 -31.70
N THR U 3 8.17 26.44 -31.06
CA THR U 3 7.82 26.91 -29.72
C THR U 3 8.57 26.10 -28.67
N SER U 4 9.20 26.78 -27.70
CA SER U 4 9.91 26.14 -26.59
C SER U 4 8.95 25.29 -25.76
N PRO U 5 9.29 24.03 -25.36
CA PRO U 5 8.47 23.26 -24.42
C PRO U 5 8.36 23.98 -23.07
N GLU U 6 7.20 23.85 -22.41
CA GLU U 6 6.89 24.64 -21.21
C GLU U 6 6.00 23.82 -20.26
N GLY U 7 6.11 24.10 -18.95
CA GLY U 7 5.23 23.50 -17.95
C GLY U 7 3.77 23.90 -18.16
N ILE U 8 2.82 23.01 -17.81
CA ILE U 8 1.39 23.27 -17.92
C ILE U 8 0.78 23.09 -16.53
N TRP U 9 0.02 24.09 -16.05
CA TRP U 9 -0.58 24.04 -14.73
C TRP U 9 -2.03 23.56 -14.83
N SER U 10 -2.37 22.47 -14.11
CA SER U 10 -3.65 21.77 -14.29
C SER U 10 -4.87 22.68 -14.05
N ASN U 11 -4.77 23.52 -13.00
CA ASN U 11 -5.90 24.35 -12.58
C ASN U 11 -6.17 25.51 -13.57
N SER U 12 -5.30 25.69 -14.60
CA SER U 12 -5.52 26.66 -15.65
C SER U 12 -6.41 26.12 -16.78
N GLY U 13 -6.71 24.81 -16.77
CA GLY U 13 -7.48 24.18 -17.83
C GLY U 13 -8.96 24.61 -17.85
N ALA U 14 -9.52 24.70 -19.07
CA ALA U 14 -10.93 25.00 -19.29
C ALA U 14 -11.55 23.97 -20.24
N LEU U 15 -12.16 22.93 -19.67
CA LEU U 15 -12.83 21.85 -20.40
C LEU U 15 -14.27 22.27 -20.73
N THR U 16 -14.72 21.93 -21.95
CA THR U 16 -16.11 22.12 -22.37
C THR U 16 -16.56 20.94 -23.24
N PHE U 17 -17.87 20.66 -23.19
CA PHE U 17 -18.52 19.66 -24.03
C PHE U 17 -19.55 20.34 -24.94
N GLU U 18 -19.64 19.86 -26.20
CA GLU U 18 -20.61 20.38 -27.16
C GLU U 18 -21.38 19.22 -27.80
N ASP U 19 -22.66 19.48 -28.11
CA ASP U 19 -23.49 18.60 -28.92
C ASP U 19 -23.07 18.76 -30.38
N PRO U 20 -22.55 17.70 -31.06
CA PRO U 20 -22.10 17.80 -32.45
C PRO U 20 -23.20 18.07 -33.49
N ALA U 21 -24.48 18.00 -33.08
CA ALA U 21 -25.58 18.37 -33.96
C ALA U 21 -25.69 19.89 -34.12
N ASP U 22 -25.31 20.65 -33.08
CA ASP U 22 -25.55 22.09 -32.99
C ASP U 22 -24.26 22.89 -32.89
N ASP U 23 -23.20 22.27 -32.32
CA ASP U 23 -22.08 22.96 -31.69
C ASP U 23 -22.57 23.83 -30.51
N SER U 24 -23.63 23.39 -29.82
CA SER U 24 -24.13 24.05 -28.60
C SER U 24 -23.52 23.39 -27.36
N GLU U 25 -23.21 24.19 -26.33
CA GLU U 25 -22.55 23.71 -25.13
C GLU U 25 -23.52 22.84 -24.30
N ILE U 26 -22.97 21.77 -23.72
CA ILE U 26 -23.62 20.96 -22.69
C ILE U 26 -22.95 21.34 -21.36
N LEU U 27 -23.74 21.80 -20.38
CA LEU U 27 -23.20 22.38 -19.17
C LEU U 27 -22.43 21.33 -18.36
N PHE U 28 -21.14 21.62 -18.13
CA PHE U 28 -20.22 20.74 -17.41
C PHE U 28 -19.22 21.61 -16.67
N ALA U 29 -18.87 21.20 -15.44
CA ALA U 29 -18.06 22.01 -14.53
C ALA U 29 -17.45 21.14 -13.44
N GLY U 30 -16.50 21.72 -12.69
CA GLY U 30 -15.97 21.14 -11.47
C GLY U 30 -15.03 19.95 -11.71
N VAL U 31 -14.22 20.02 -12.79
CA VAL U 31 -13.24 18.98 -13.08
C VAL U 31 -12.13 19.00 -12.01
N ARG U 32 -11.52 17.83 -11.79
CA ARG U 32 -10.43 17.65 -10.85
C ARG U 32 -9.26 16.95 -11.57
N ASP U 33 -9.56 15.89 -12.35
CA ASP U 33 -8.58 15.29 -13.24
C ASP U 33 -9.12 15.25 -14.67
N VAL U 34 -8.24 15.43 -15.67
CA VAL U 34 -8.57 15.31 -17.09
C VAL U 34 -7.36 14.71 -17.82
N THR U 35 -7.56 13.51 -18.40
CA THR U 35 -6.56 12.88 -19.25
C THR U 35 -7.12 12.67 -20.65
N ILE U 36 -6.36 13.11 -21.67
CA ILE U 36 -6.68 12.88 -23.07
C ILE U 36 -5.46 12.23 -23.73
N THR U 37 -5.67 11.05 -24.33
CA THR U 37 -4.57 10.25 -24.89
C THR U 37 -5.01 9.66 -26.23
N PRO U 38 -4.62 10.25 -27.39
CA PRO U 38 -4.70 9.54 -28.68
C PRO U 38 -3.78 8.32 -28.67
N ALA U 39 -4.32 7.22 -29.18
CA ALA U 39 -3.65 5.93 -29.19
C ALA U 39 -3.92 5.21 -30.52
N TYR U 40 -2.98 4.32 -30.88
CA TYR U 40 -3.16 3.37 -31.96
C TYR U 40 -2.70 2.00 -31.48
N GLU U 41 -3.26 0.94 -32.07
CA GLU U 41 -2.64 -0.38 -31.99
C GLU U 41 -1.41 -0.40 -32.91
N HIS U 42 -0.30 -0.97 -32.41
CA HIS U 42 0.89 -1.21 -33.23
C HIS U 42 1.03 -2.69 -33.52
N ALA U 43 1.31 -3.01 -34.80
CA ALA U 43 1.75 -4.34 -35.19
C ALA U 43 3.19 -4.28 -35.71
N GLU U 44 4.07 -5.12 -35.14
CA GLU U 44 5.49 -5.18 -35.48
C GLU U 44 5.76 -6.46 -36.29
N LEU U 45 6.54 -6.34 -37.39
CA LEU U 45 6.87 -7.50 -38.22
C LEU U 45 8.25 -8.04 -37.83
N TYR U 46 8.29 -9.33 -37.49
CA TYR U 46 9.52 -10.08 -37.30
C TYR U 46 9.46 -11.38 -38.11
N THR U 47 10.61 -11.78 -38.66
CA THR U 47 10.75 -12.99 -39.46
C THR U 47 12.09 -13.65 -39.13
N ILE U 48 12.33 -14.84 -39.70
CA ILE U 48 13.57 -15.60 -39.50
C ILE U 48 14.78 -14.86 -40.08
N ASP U 49 14.59 -13.84 -40.94
CA ASP U 49 15.68 -13.09 -41.58
C ASP U 49 16.56 -12.34 -40.56
N SER U 50 15.96 -11.85 -39.48
CA SER U 50 16.61 -10.93 -38.54
C SER U 50 15.93 -11.01 -37.17
N THR U 51 16.72 -10.77 -36.10
CA THR U 51 16.21 -10.59 -34.75
C THR U 51 15.65 -9.17 -34.56
N PHE U 52 16.02 -8.23 -35.44
CA PHE U 52 15.53 -6.86 -35.35
C PHE U 52 14.15 -6.75 -35.99
N ARG U 53 13.39 -5.73 -35.55
CA ARG U 53 12.07 -5.39 -36.08
C ARG U 53 12.19 -4.95 -37.54
N ASP U 54 11.37 -5.55 -38.41
CA ASP U 54 11.43 -5.30 -39.84
C ASP U 54 10.55 -4.09 -40.20
N GLU U 55 9.32 -4.08 -39.66
CA GLU U 55 8.34 -3.02 -39.89
C GLU U 55 7.55 -2.76 -38.60
N VAL U 56 6.95 -1.57 -38.51
CA VAL U 56 5.91 -1.29 -37.51
C VAL U 56 4.83 -0.39 -38.12
N LYS U 57 3.56 -0.73 -37.87
CA LYS U 57 2.40 -0.09 -38.49
C LYS U 57 1.32 0.20 -37.45
N ARG U 58 0.59 1.31 -37.67
CA ARG U 58 -0.54 1.76 -36.86
C ARG U 58 -1.84 1.19 -37.41
N TYR U 59 -2.80 0.94 -36.50
CA TYR U 59 -4.20 0.74 -36.84
C TYR U 59 -5.07 1.06 -35.61
N GLU U 60 -6.40 1.06 -35.81
CA GLU U 60 -7.40 1.08 -34.76
C GLU U 60 -7.22 2.29 -33.82
N HIS U 61 -7.25 3.49 -34.43
CA HIS U 61 -7.11 4.74 -33.70
C HIS U 61 -8.31 4.97 -32.77
N ASN U 62 -8.02 5.50 -31.57
CA ASN U 62 -9.03 6.10 -30.72
C ASN U 62 -8.34 7.11 -29.80
N VAL U 63 -9.15 8.00 -29.20
CA VAL U 63 -8.67 8.92 -28.18
C VAL U 63 -9.27 8.50 -26.85
N ASN U 64 -8.44 7.98 -25.93
CA ASN U 64 -8.89 7.75 -24.57
C ASN U 64 -9.14 9.11 -23.91
N VAL U 65 -10.37 9.27 -23.39
CA VAL U 65 -10.73 10.43 -22.57
C VAL U 65 -11.13 9.89 -21.21
N GLU U 66 -10.48 10.39 -20.15
CA GLU U 66 -10.93 10.08 -18.80
C GLU U 66 -10.88 11.34 -17.94
N ILE U 67 -12.00 11.60 -17.25
CA ILE U 67 -12.26 12.83 -16.52
C ILE U 67 -12.78 12.46 -15.13
N THR U 68 -12.21 13.08 -14.09
CA THR U 68 -12.80 13.05 -12.76
C THR U 68 -13.31 14.45 -12.42
N TYR U 69 -14.57 14.54 -11.95
CA TYR U 69 -15.23 15.81 -11.71
C TYR U 69 -16.14 15.70 -10.48
N ALA U 70 -16.47 16.85 -9.87
CA ALA U 70 -17.09 16.89 -8.54
C ALA U 70 -18.33 17.80 -8.46
N LYS U 71 -18.78 18.33 -9.61
CA LYS U 71 -20.06 19.02 -9.72
C LYS U 71 -20.96 18.22 -10.64
N PHE U 72 -22.12 17.79 -10.13
CA PHE U 72 -23.05 17.01 -10.93
C PHE U 72 -23.76 17.93 -11.93
N SER U 73 -23.91 17.45 -13.18
CA SER U 73 -24.67 18.14 -14.21
C SER U 73 -25.87 17.28 -14.62
N LEU U 74 -27.07 17.82 -14.42
CA LEU U 74 -28.29 17.17 -14.89
C LEU U 74 -28.31 17.10 -16.42
N GLU U 75 -27.90 18.20 -17.07
CA GLU U 75 -27.93 18.26 -18.52
C GLU U 75 -27.03 17.18 -19.13
N PHE U 76 -25.78 17.07 -18.66
CA PHE U 76 -24.85 16.07 -19.17
C PHE U 76 -25.41 14.65 -19.01
N ALA U 77 -25.97 14.36 -17.83
CA ALA U 77 -26.52 13.04 -17.53
C ALA U 77 -27.74 12.73 -18.41
N GLN U 78 -28.59 13.74 -18.65
CA GLN U 78 -29.82 13.54 -19.42
C GLN U 78 -29.54 13.48 -20.92
N GLU U 79 -28.46 14.13 -21.37
CA GLU U 79 -27.95 14.00 -22.72
C GLU U 79 -27.41 12.59 -22.95
N TRP U 80 -26.66 12.07 -21.97
CA TRP U 80 -26.10 10.72 -22.03
C TRP U 80 -27.21 9.67 -22.11
N LEU U 81 -28.28 9.86 -21.31
CA LEU U 81 -29.42 8.94 -21.31
C LEU U 81 -30.15 8.97 -22.65
N GLY U 82 -30.34 10.18 -23.22
CA GLY U 82 -31.21 10.41 -24.36
C GLY U 82 -30.66 9.91 -25.70
N GLY U 83 -29.33 9.78 -25.83
CA GLY U 83 -28.69 9.46 -27.09
C GLY U 83 -28.61 10.69 -28.01
N PRO U 84 -28.11 10.55 -29.27
CA PRO U 84 -27.92 11.70 -30.16
C PRO U 84 -29.19 12.52 -30.40
N GLY U 85 -29.08 13.83 -30.17
CA GLY U 85 -30.13 14.82 -30.47
C GLY U 85 -31.35 14.76 -29.55
N ALA U 86 -31.24 14.12 -28.38
CA ALA U 86 -32.35 14.02 -27.44
C ALA U 86 -31.86 14.00 -25.98
N THR U 87 -32.74 14.40 -25.05
CA THR U 87 -32.54 14.25 -23.61
C THR U 87 -33.63 13.36 -23.02
N ALA U 88 -33.28 12.59 -21.98
CA ALA U 88 -34.24 11.71 -21.31
C ALA U 88 -33.98 11.64 -19.81
N THR U 89 -35.07 11.45 -19.05
CA THR U 89 -35.05 11.26 -17.59
C THR U 89 -35.04 9.77 -17.22
N ALA U 90 -34.86 8.88 -18.20
CA ALA U 90 -34.88 7.43 -17.98
C ALA U 90 -33.98 6.76 -19.02
N SER U 91 -33.50 5.54 -18.71
CA SER U 91 -32.75 4.72 -19.67
C SER U 91 -33.56 4.59 -20.96
N GLN U 92 -32.86 4.68 -22.10
CA GLN U 92 -33.47 4.52 -23.40
C GLN U 92 -33.07 3.17 -23.99
N ASP U 93 -34.07 2.46 -24.53
CA ASP U 93 -33.87 1.16 -25.15
C ASP U 93 -33.56 1.33 -26.63
N ASP U 94 -32.37 1.90 -26.93
CA ASP U 94 -31.92 2.12 -28.30
C ASP U 94 -30.40 2.00 -28.41
N SER U 95 -29.90 1.84 -29.65
CA SER U 95 -28.55 1.37 -29.93
C SER U 95 -27.50 2.51 -30.03
N ASP U 96 -27.93 3.77 -30.17
CA ASP U 96 -27.00 4.87 -30.42
C ASP U 96 -26.55 5.52 -29.11
N PRO U 97 -25.23 5.51 -28.76
CA PRO U 97 -24.75 6.29 -27.62
C PRO U 97 -24.70 7.77 -28.00
N MET U 98 -24.91 8.63 -27.01
CA MET U 98 -24.68 10.07 -27.18
C MET U 98 -23.19 10.31 -27.43
N LYS U 99 -22.90 11.02 -28.54
CA LYS U 99 -21.55 11.40 -28.93
C LYS U 99 -21.32 12.87 -28.57
N PHE U 100 -20.32 13.12 -27.73
CA PHE U 100 -19.99 14.49 -27.31
C PHE U 100 -18.73 14.94 -28.07
N ASN U 101 -18.76 16.17 -28.58
CA ASN U 101 -17.50 16.84 -28.91
C ASN U 101 -16.93 17.42 -27.62
N LEU U 102 -15.61 17.37 -27.49
CA LEU U 102 -14.91 17.83 -26.31
C LEU U 102 -13.81 18.80 -26.74
N GLU U 103 -13.62 19.87 -25.94
CA GLU U 103 -12.48 20.76 -26.12
C GLU U 103 -11.91 21.13 -24.76
N ASN U 104 -10.57 21.05 -24.65
CA ASN U 104 -9.85 21.51 -23.47
C ASN U 104 -8.85 22.59 -23.91
N VAL U 105 -8.92 23.76 -23.25
CA VAL U 105 -8.04 24.89 -23.55
C VAL U 105 -7.19 25.18 -22.30
N THR U 106 -5.86 25.26 -22.47
CA THR U 106 -4.97 25.44 -21.33
C THR U 106 -3.78 26.36 -21.66
N PRO U 107 -3.65 27.54 -21.00
CA PRO U 107 -2.42 28.34 -21.07
C PRO U 107 -1.20 27.59 -20.51
N SER U 108 -0.04 27.78 -21.14
CA SER U 108 1.22 27.27 -20.60
C SER U 108 1.65 28.14 -19.42
N ALA U 109 2.49 27.57 -18.53
CA ALA U 109 2.72 28.12 -17.19
C ALA U 109 3.38 29.50 -17.19
N SER U 110 4.14 29.82 -18.25
CA SER U 110 4.77 31.13 -18.44
C SER U 110 4.13 31.91 -19.61
N GLY U 111 2.99 31.41 -20.13
CA GLY U 111 2.24 32.08 -21.18
C GLY U 111 2.90 32.03 -22.57
N GLY U 112 3.83 31.08 -22.78
CA GLY U 112 4.49 30.87 -24.06
C GLY U 112 3.55 30.42 -25.19
N PHE U 113 2.48 29.70 -24.83
CA PHE U 113 1.47 29.20 -25.77
C PHE U 113 0.15 28.92 -25.05
N GLU U 114 -0.92 28.72 -25.82
CA GLU U 114 -2.18 28.22 -25.30
C GLU U 114 -2.54 26.94 -26.04
N ARG U 115 -2.40 25.80 -25.36
CA ARG U 115 -2.73 24.51 -25.97
C ARG U 115 -4.25 24.34 -26.00
N THR U 116 -4.81 24.26 -27.23
CA THR U 116 -6.17 23.77 -27.43
C THR U 116 -6.10 22.33 -27.93
N THR U 117 -6.78 21.42 -27.22
CA THR U 117 -7.04 20.06 -27.67
C THR U 117 -8.55 19.91 -27.91
N ALA U 118 -8.92 19.46 -29.11
CA ALA U 118 -10.31 19.15 -29.42
C ALA U 118 -10.44 17.70 -29.89
N VAL U 119 -11.50 17.01 -29.42
CA VAL U 119 -11.73 15.59 -29.68
C VAL U 119 -13.17 15.42 -30.18
N GLU U 120 -13.35 14.69 -31.29
CA GLU U 120 -14.68 14.44 -31.84
C GLU U 120 -15.26 13.14 -31.28
N ASN U 121 -16.59 13.13 -31.10
CA ASN U 121 -17.40 11.94 -30.87
C ASN U 121 -16.88 11.08 -29.71
N VAL U 122 -16.62 11.72 -28.56
CA VAL U 122 -16.36 11.00 -27.32
C VAL U 122 -17.65 10.30 -26.89
N VAL U 123 -17.58 8.99 -26.61
CA VAL U 123 -18.68 8.24 -26.04
C VAL U 123 -18.22 7.65 -24.71
N PHE U 124 -19.15 7.54 -23.75
CA PHE U 124 -18.85 7.02 -22.43
C PHE U 124 -19.66 5.74 -22.21
N PRO U 125 -19.03 4.53 -22.15
CA PRO U 125 -19.78 3.27 -21.92
C PRO U 125 -20.68 3.26 -20.68
N GLU U 126 -20.22 3.96 -19.62
CA GLU U 126 -20.99 4.06 -18.39
C GLU U 126 -20.91 5.47 -17.82
N LEU U 127 -22.01 5.87 -17.19
CA LEU U 127 -22.16 7.18 -16.56
C LEU U 127 -22.40 6.97 -15.07
N PRO U 128 -21.54 7.47 -14.15
CA PRO U 128 -21.87 7.48 -12.73
C PRO U 128 -22.94 8.54 -12.46
N LEU U 129 -24.08 8.10 -11.91
CA LEU U 129 -25.14 9.02 -11.52
C LEU U 129 -24.92 9.48 -10.07
N ASP U 130 -24.76 8.49 -9.18
CA ASP U 130 -24.53 8.72 -7.76
C ASP U 130 -23.17 8.10 -7.40
N SER U 131 -22.40 8.81 -6.58
CA SER U 131 -21.04 8.41 -6.23
C SER U 131 -20.68 8.97 -4.85
N ALA U 132 -21.39 8.47 -3.83
CA ALA U 132 -21.42 9.06 -2.50
C ALA U 132 -20.59 8.22 -1.51
N THR U 133 -19.76 8.93 -0.73
CA THR U 133 -18.97 8.35 0.37
C THR U 133 -19.15 9.25 1.59
N TYR U 134 -19.32 8.63 2.76
CA TYR U 134 -19.49 9.35 4.02
C TYR U 134 -18.36 10.37 4.22
N GLY U 135 -18.74 11.63 4.48
CA GLY U 135 -17.81 12.73 4.74
C GLY U 135 -17.10 13.27 3.50
N GLU U 136 -17.62 12.97 2.29
CA GLU U 136 -17.04 13.43 1.04
C GLU U 136 -18.11 14.04 0.15
N TYR U 137 -17.70 15.02 -0.68
CA TYR U 137 -18.51 15.45 -1.82
C TYR U 137 -18.52 14.31 -2.83
N GLU U 138 -19.67 14.12 -3.50
CA GLU U 138 -19.76 13.13 -4.56
C GLU U 138 -18.73 13.46 -5.65
N GLU U 139 -17.99 12.44 -6.11
CA GLU U 139 -16.94 12.60 -7.11
C GLU U 139 -17.14 11.53 -8.19
N TYR U 140 -17.10 11.97 -9.45
CA TYR U 140 -17.55 11.18 -10.59
C TYR U 140 -16.39 10.97 -11.56
N SER U 141 -16.17 9.71 -11.97
CA SER U 141 -15.16 9.39 -12.98
C SER U 141 -15.82 8.88 -14.25
N LEU U 142 -15.51 9.55 -15.38
CA LEU U 142 -15.89 9.11 -16.73
C LEU U 142 -14.66 8.50 -17.41
N THR U 143 -14.86 7.34 -18.04
CA THR U 143 -13.92 6.77 -19.01
C THR U 143 -14.65 6.65 -20.36
N GLY U 144 -14.02 7.15 -21.44
CA GLY U 144 -14.64 7.09 -22.75
C GLY U 144 -13.63 7.07 -23.89
N SER U 145 -14.14 6.90 -25.12
CA SER U 145 -13.30 6.89 -26.33
C SER U 145 -13.85 7.88 -27.37
N GLY U 146 -12.98 8.83 -27.78
CA GLY U 146 -13.23 9.71 -28.91
C GLY U 146 -12.74 9.08 -30.22
N ARG U 147 -13.29 9.54 -31.35
CA ARG U 147 -12.94 9.01 -32.66
C ARG U 147 -11.56 9.52 -33.11
N SER U 148 -11.32 10.84 -32.95
CA SER U 148 -10.07 11.46 -33.36
C SER U 148 -9.85 12.80 -32.65
N VAL U 149 -8.58 13.25 -32.62
CA VAL U 149 -8.22 14.62 -32.26
C VAL U 149 -8.46 15.49 -33.50
N THR U 150 -9.37 16.48 -33.37
CA THR U 150 -9.71 17.35 -34.51
C THR U 150 -8.80 18.58 -34.55
N ASN U 151 -8.25 18.96 -33.38
CA ASN U 151 -7.36 20.11 -33.28
C ASN U 151 -6.38 19.89 -32.12
N LEU U 152 -5.09 20.10 -32.41
CA LEU U 152 -4.07 20.28 -31.39
C LEU U 152 -3.12 21.38 -31.84
N ALA U 153 -3.29 22.57 -31.25
CA ALA U 153 -2.60 23.76 -31.74
C ALA U 153 -2.39 24.77 -30.61
N ASP U 154 -1.43 25.68 -30.84
CA ASP U 154 -1.29 26.90 -30.06
C ASP U 154 -2.34 27.89 -30.56
N THR U 155 -3.30 28.24 -29.68
CA THR U 155 -4.40 29.13 -30.04
C THR U 155 -4.21 30.53 -29.46
N SER U 156 -3.01 30.84 -28.94
CA SER U 156 -2.68 32.19 -28.45
C SER U 156 -2.57 33.17 -29.60
N GLY U 157 -2.63 34.48 -29.29
CA GLY U 157 -2.60 35.54 -30.28
C GLY U 157 -1.31 35.58 -31.10
N ALA V 2 -31.20 25.92 -18.95
CA ALA V 2 -30.57 24.74 -18.31
C ALA V 2 -30.19 25.07 -16.86
N THR V 3 -29.87 24.03 -16.06
CA THR V 3 -29.55 24.15 -14.65
C THR V 3 -28.03 24.09 -14.46
N SER V 4 -27.46 25.05 -13.69
CA SER V 4 -26.03 25.12 -13.43
C SER V 4 -25.54 23.83 -12.74
N PRO V 5 -24.40 23.22 -13.15
CA PRO V 5 -23.81 22.10 -12.40
C PRO V 5 -23.42 22.54 -11.00
N GLU V 6 -23.51 21.62 -10.03
CA GLU V 6 -23.35 21.97 -8.62
C GLU V 6 -22.77 20.79 -7.84
N GLY V 7 -22.04 21.06 -6.75
CA GLY V 7 -21.55 20.02 -5.85
C GLY V 7 -22.71 19.26 -5.20
N ILE V 8 -22.46 18.00 -4.82
CA ILE V 8 -23.42 17.22 -4.04
C ILE V 8 -22.69 16.63 -2.83
N TRP V 9 -23.31 16.78 -1.65
CA TRP V 9 -22.70 16.34 -0.40
C TRP V 9 -23.28 14.98 -0.01
N SER V 10 -22.41 13.98 0.20
CA SER V 10 -22.83 12.59 0.35
C SER V 10 -23.81 12.39 1.51
N ASN V 11 -23.58 13.09 2.63
CA ASN V 11 -24.35 12.90 3.86
C ASN V 11 -25.76 13.51 3.75
N SER V 12 -26.05 14.23 2.64
CA SER V 12 -27.37 14.79 2.39
C SER V 12 -28.32 13.80 1.74
N GLY V 13 -27.81 12.64 1.29
CA GLY V 13 -28.58 11.65 0.55
C GLY V 13 -29.56 10.86 1.42
N ALA V 14 -30.68 10.45 0.80
CA ALA V 14 -31.69 9.59 1.41
C ALA V 14 -32.03 8.45 0.45
N LEU V 15 -31.43 7.27 0.71
CA LEU V 15 -31.67 6.06 -0.05
C LEU V 15 -32.89 5.33 0.54
N THR V 16 -33.71 4.73 -0.35
CA THR V 16 -34.87 3.94 0.05
C THR V 16 -35.05 2.75 -0.90
N PHE V 17 -35.59 1.66 -0.37
CA PHE V 17 -35.94 0.48 -1.15
C PHE V 17 -37.44 0.21 -1.06
N GLU V 18 -38.03 -0.24 -2.17
CA GLU V 18 -39.44 -0.59 -2.22
C GLU V 18 -39.62 -1.98 -2.86
N ASP V 19 -40.65 -2.70 -2.40
CA ASP V 19 -41.10 -3.93 -3.03
C ASP V 19 -41.91 -3.56 -4.28
N PRO V 20 -41.47 -3.94 -5.51
CA PRO V 20 -42.19 -3.58 -6.74
C PRO V 20 -43.60 -4.13 -6.89
N ALA V 21 -43.98 -5.10 -6.05
CA ALA V 21 -45.34 -5.65 -6.05
C ALA V 21 -46.34 -4.69 -5.41
N ASP V 22 -45.86 -3.83 -4.50
CA ASP V 22 -46.70 -2.98 -3.67
C ASP V 22 -46.39 -1.49 -3.84
N ASP V 23 -45.12 -1.18 -4.14
CA ASP V 23 -44.49 0.12 -3.85
C ASP V 23 -44.40 0.37 -2.32
N SER V 24 -44.50 -0.69 -1.50
CA SER V 24 -44.31 -0.59 -0.05
C SER V 24 -42.82 -0.53 0.28
N GLU V 25 -42.46 0.28 1.29
CA GLU V 25 -41.06 0.45 1.67
C GLU V 25 -40.56 -0.80 2.41
N ILE V 26 -39.32 -1.18 2.09
CA ILE V 26 -38.54 -2.18 2.82
C ILE V 26 -37.56 -1.42 3.70
N LEU V 27 -37.57 -1.67 5.02
CA LEU V 27 -36.78 -0.89 5.96
C LEU V 27 -35.29 -1.10 5.71
N PHE V 28 -34.58 0.01 5.47
CA PHE V 28 -33.16 0.04 5.20
C PHE V 28 -32.60 1.39 5.66
N ALA V 29 -31.40 1.39 6.26
CA ALA V 29 -30.86 2.57 6.92
C ALA V 29 -29.34 2.45 7.07
N GLY V 30 -28.70 3.58 7.44
CA GLY V 30 -27.31 3.60 7.88
C GLY V 30 -26.30 3.37 6.75
N VAL V 31 -26.54 3.98 5.58
CA VAL V 31 -25.60 3.90 4.47
C VAL V 31 -24.32 4.68 4.79
N ARG V 32 -23.20 4.27 4.16
CA ARG V 32 -21.92 4.94 4.29
C ARG V 32 -21.32 5.23 2.91
N ASP V 33 -21.53 4.31 1.94
CA ASP V 33 -21.25 4.59 0.54
C ASP V 33 -22.44 4.15 -0.32
N VAL V 34 -22.73 4.91 -1.38
CA VAL V 34 -23.73 4.54 -2.39
C VAL V 34 -23.17 4.92 -3.77
N THR V 35 -23.13 3.94 -4.70
CA THR V 35 -22.75 4.18 -6.07
C THR V 35 -23.82 3.62 -7.01
N ILE V 36 -24.25 4.44 -7.98
CA ILE V 36 -25.21 4.05 -9.00
C ILE V 36 -24.65 4.45 -10.37
N THR V 37 -24.46 3.44 -11.24
CA THR V 37 -23.81 3.64 -12.53
C THR V 37 -24.58 2.88 -13.61
N PRO V 38 -25.46 3.57 -14.40
CA PRO V 38 -25.95 3.00 -15.65
C PRO V 38 -24.82 2.81 -16.66
N ALA V 39 -24.81 1.61 -17.27
CA ALA V 39 -23.78 1.19 -18.18
C ALA V 39 -24.42 0.51 -19.40
N TYR V 40 -23.69 0.57 -20.52
CA TYR V 40 -23.96 -0.27 -21.68
C TYR V 40 -22.64 -0.89 -22.12
N GLU V 41 -22.70 -2.10 -22.69
CA GLU V 41 -21.59 -2.62 -23.48
C GLU V 41 -21.52 -1.83 -24.80
N HIS V 42 -20.28 -1.45 -25.20
CA HIS V 42 -20.06 -0.78 -26.48
C HIS V 42 -19.36 -1.71 -27.46
N ALA V 43 -19.85 -1.71 -28.71
CA ALA V 43 -19.12 -2.31 -29.82
C ALA V 43 -18.75 -1.23 -30.85
N GLU V 44 -17.45 -1.18 -31.20
CA GLU V 44 -16.89 -0.22 -32.15
C GLU V 44 -16.57 -0.96 -33.46
N LEU V 45 -16.94 -0.36 -34.61
CA LEU V 45 -16.65 -0.97 -35.91
C LEU V 45 -15.38 -0.38 -36.52
N TYR V 46 -14.46 -1.28 -36.90
CA TYR V 46 -13.26 -0.93 -37.66
C TYR V 46 -13.09 -1.90 -38.84
N THR V 47 -12.64 -1.36 -39.99
CA THR V 47 -12.38 -2.13 -41.20
C THR V 47 -11.08 -1.64 -41.84
N ILE V 48 -10.68 -2.31 -42.93
CA ILE V 48 -9.47 -1.96 -43.68
C ILE V 48 -9.61 -0.58 -44.35
N ASP V 49 -10.83 -0.04 -44.48
CA ASP V 49 -11.11 1.24 -45.13
C ASP V 49 -10.41 2.42 -44.44
N SER V 50 -10.28 2.38 -43.10
CA SER V 50 -9.80 3.51 -42.30
C SER V 50 -9.23 3.02 -40.96
N THR V 51 -8.25 3.76 -40.42
CA THR V 51 -7.75 3.55 -39.08
C THR V 51 -8.71 4.13 -38.02
N PHE V 52 -9.59 5.07 -38.43
CA PHE V 52 -10.55 5.66 -37.51
C PHE V 52 -11.72 4.71 -37.32
N ARG V 53 -12.41 4.86 -36.16
CA ARG V 53 -13.63 4.15 -35.83
C ARG V 53 -14.75 4.58 -36.78
N ASP V 54 -15.52 3.60 -37.29
CA ASP V 54 -16.57 3.87 -38.26
C ASP V 54 -17.92 4.08 -37.55
N GLU V 55 -18.22 3.19 -36.59
CA GLU V 55 -19.49 3.18 -35.87
C GLU V 55 -19.22 2.83 -34.40
N VAL V 56 -20.16 3.22 -33.53
CA VAL V 56 -20.21 2.72 -32.15
C VAL V 56 -21.67 2.57 -31.70
N LYS V 57 -21.95 1.44 -31.02
CA LYS V 57 -23.31 1.01 -30.68
C LYS V 57 -23.38 0.45 -29.25
N ARG V 58 -24.59 0.55 -28.66
CA ARG V 58 -24.89 0.15 -27.29
C ARG V 58 -25.66 -1.17 -27.27
N TYR V 59 -25.40 -1.99 -26.23
CA TYR V 59 -26.17 -3.17 -25.88
C TYR V 59 -25.95 -3.51 -24.40
N GLU V 60 -26.74 -4.46 -23.86
CA GLU V 60 -26.66 -4.90 -22.47
C GLU V 60 -26.65 -3.72 -21.50
N HIS V 61 -27.76 -2.98 -21.50
CA HIS V 61 -28.00 -2.01 -20.46
C HIS V 61 -28.17 -2.73 -19.12
N ASN V 62 -27.50 -2.18 -18.10
CA ASN V 62 -27.79 -2.48 -16.70
C ASN V 62 -27.36 -1.29 -15.87
N VAL V 63 -27.83 -1.26 -14.62
CA VAL V 63 -27.43 -0.23 -13.66
C VAL V 63 -26.64 -0.94 -12.56
N ASN V 64 -25.32 -0.70 -12.51
CA ASN V 64 -24.54 -1.16 -11.38
C ASN V 64 -24.94 -0.37 -10.14
N VAL V 65 -25.42 -1.09 -9.12
CA VAL V 65 -25.70 -0.53 -7.81
C VAL V 65 -24.74 -1.19 -6.81
N GLU V 66 -23.97 -0.37 -6.09
CA GLU V 66 -23.21 -0.88 -4.96
C GLU V 66 -23.34 0.06 -3.76
N ILE V 67 -23.60 -0.55 -2.60
CA ILE V 67 -23.94 0.17 -1.37
C ILE V 67 -23.10 -0.44 -0.24
N THR V 68 -22.46 0.44 0.54
CA THR V 68 -21.88 0.04 1.82
C THR V 68 -22.74 0.64 2.94
N TYR V 69 -23.14 -0.19 3.91
CA TYR V 69 -24.05 0.25 4.97
C TYR V 69 -23.71 -0.44 6.29
N ALA V 70 -24.17 0.15 7.41
CA ALA V 70 -23.66 -0.21 8.73
C ALA V 70 -24.77 -0.40 9.79
N LYS V 71 -26.05 -0.37 9.36
CA LYS V 71 -27.16 -0.79 10.19
C LYS V 71 -27.83 -2.00 9.53
N PHE V 72 -27.85 -3.13 10.24
CA PHE V 72 -28.44 -4.36 9.71
C PHE V 72 -29.97 -4.25 9.71
N SER V 73 -30.60 -4.69 8.61
CA SER V 73 -32.05 -4.79 8.53
C SER V 73 -32.47 -6.25 8.39
N LEU V 74 -33.27 -6.73 9.36
CA LEU V 74 -33.83 -8.07 9.31
C LEU V 74 -34.80 -8.18 8.13
N GLU V 75 -35.59 -7.13 7.89
CA GLU V 75 -36.57 -7.14 6.82
C GLU V 75 -35.89 -7.25 5.45
N PHE V 76 -34.82 -6.45 5.22
CA PHE V 76 -34.13 -6.49 3.94
C PHE V 76 -33.53 -7.87 3.66
N ALA V 77 -32.93 -8.48 4.71
CA ALA V 77 -32.29 -9.79 4.58
C ALA V 77 -33.33 -10.89 4.31
N GLN V 78 -34.50 -10.81 4.98
CA GLN V 78 -35.53 -11.82 4.87
C GLN V 78 -36.35 -11.68 3.58
N GLU V 79 -36.45 -10.44 3.06
CA GLU V 79 -36.98 -10.20 1.71
C GLU V 79 -36.06 -10.81 0.66
N TRP V 80 -34.73 -10.62 0.82
CA TRP V 80 -33.75 -11.19 -0.09
C TRP V 80 -33.82 -12.73 -0.11
N LEU V 81 -33.93 -13.35 1.08
CA LEU V 81 -34.04 -14.79 1.21
C LEU V 81 -35.31 -15.31 0.54
N GLY V 82 -36.45 -14.61 0.76
CA GLY V 82 -37.76 -15.05 0.32
C GLY V 82 -37.98 -15.04 -1.20
N GLY V 83 -37.29 -14.15 -1.92
CA GLY V 83 -37.56 -13.93 -3.33
C GLY V 83 -38.80 -13.06 -3.55
N PRO V 84 -39.27 -12.86 -4.81
CA PRO V 84 -40.41 -11.97 -5.09
C PRO V 84 -41.69 -12.32 -4.32
N GLY V 85 -42.27 -11.31 -3.66
CA GLY V 85 -43.56 -11.40 -2.99
C GLY V 85 -43.58 -12.26 -1.72
N ALA V 86 -42.40 -12.58 -1.16
CA ALA V 86 -42.32 -13.44 0.02
C ALA V 86 -41.14 -13.05 0.91
N THR V 87 -41.25 -13.43 2.20
CA THR V 87 -40.26 -13.20 3.24
C THR V 87 -39.87 -14.55 3.84
N ALA V 88 -38.58 -14.77 4.15
CA ALA V 88 -38.16 -16.08 4.64
C ALA V 88 -37.03 -16.00 5.68
N THR V 89 -37.03 -16.96 6.62
CA THR V 89 -36.02 -17.08 7.68
C THR V 89 -34.93 -18.10 7.32
N ALA V 90 -34.95 -18.65 6.10
CA ALA V 90 -33.98 -19.65 5.66
C ALA V 90 -33.83 -19.55 4.14
N SER V 91 -32.70 -20.05 3.59
CA SER V 91 -32.49 -20.08 2.14
C SER V 91 -33.64 -20.79 1.45
N GLN V 92 -34.07 -20.23 0.31
CA GLN V 92 -35.15 -20.81 -0.48
C GLN V 92 -34.59 -21.44 -1.74
N ASP V 93 -34.99 -22.69 -1.98
CA ASP V 93 -34.55 -23.46 -3.13
C ASP V 93 -35.47 -23.16 -4.33
N ASP V 94 -35.33 -21.94 -4.88
CA ASP V 94 -36.07 -21.52 -6.07
C ASP V 94 -35.24 -20.55 -6.90
N SER V 95 -35.66 -20.37 -8.17
CA SER V 95 -34.86 -19.70 -9.19
C SER V 95 -35.08 -18.18 -9.26
N ASP V 96 -36.05 -17.63 -8.53
CA ASP V 96 -36.38 -16.20 -8.64
C ASP V 96 -35.61 -15.39 -7.59
N PRO V 97 -34.73 -14.41 -7.98
CA PRO V 97 -34.16 -13.48 -7.01
C PRO V 97 -35.16 -12.40 -6.65
N MET V 98 -35.06 -11.89 -5.42
CA MET V 98 -35.85 -10.74 -4.99
C MET V 98 -35.41 -9.50 -5.79
N LYS V 99 -36.38 -8.85 -6.46
CA LYS V 99 -36.15 -7.62 -7.20
C LYS V 99 -36.63 -6.44 -6.34
N PHE V 100 -35.70 -5.51 -6.08
CA PHE V 100 -36.00 -4.32 -5.29
C PHE V 100 -36.05 -3.11 -6.23
N ASN V 101 -37.05 -2.25 -6.03
CA ASN V 101 -36.96 -0.90 -6.56
C ASN V 101 -36.11 -0.07 -5.60
N LEU V 102 -35.29 0.82 -6.17
CA LEU V 102 -34.40 1.66 -5.40
C LEU V 102 -34.62 3.13 -5.80
N GLU V 103 -34.56 4.02 -4.81
CA GLU V 103 -34.55 5.45 -5.07
C GLU V 103 -33.58 6.13 -4.11
N ASN V 104 -32.78 7.06 -4.66
CA ASN V 104 -31.91 7.92 -3.87
C ASN V 104 -32.24 9.38 -4.19
N VAL V 105 -32.49 10.18 -3.15
CA VAL V 105 -32.79 11.61 -3.29
C VAL V 105 -31.67 12.40 -2.61
N THR V 106 -31.10 13.40 -3.32
CA THR V 106 -30.07 14.27 -2.78
C THR V 106 -30.34 15.74 -3.14
N PRO V 107 -30.40 16.66 -2.15
CA PRO V 107 -30.23 18.10 -2.42
C PRO V 107 -28.81 18.38 -2.95
N SER V 108 -28.71 19.29 -3.93
CA SER V 108 -27.41 19.82 -4.34
C SER V 108 -26.85 20.71 -3.22
N ALA V 109 -25.53 20.93 -3.22
CA ALA V 109 -24.82 21.53 -2.10
C ALA V 109 -25.25 22.96 -1.79
N SER V 110 -25.66 23.73 -2.81
CA SER V 110 -26.16 25.10 -2.65
C SER V 110 -27.69 25.20 -2.85
N GLY V 111 -28.37 24.04 -2.93
CA GLY V 111 -29.83 23.98 -3.07
C GLY V 111 -30.35 24.39 -4.45
N GLY V 112 -29.47 24.37 -5.47
CA GLY V 112 -29.84 24.69 -6.85
C GLY V 112 -30.83 23.69 -7.47
N PHE V 113 -30.75 22.42 -7.06
CA PHE V 113 -31.63 21.35 -7.53
C PHE V 113 -31.72 20.23 -6.48
N GLU V 114 -32.72 19.35 -6.64
CA GLU V 114 -32.80 18.12 -5.87
C GLU V 114 -32.76 16.94 -6.85
N ARG V 115 -31.59 16.31 -6.97
CA ARG V 115 -31.43 15.17 -7.87
C ARG V 115 -32.08 13.94 -7.25
N THR V 116 -33.08 13.37 -7.95
CA THR V 116 -33.65 12.07 -7.64
C THR V 116 -33.19 11.06 -8.69
N THR V 117 -32.58 9.96 -8.22
CA THR V 117 -32.25 8.80 -9.05
C THR V 117 -33.13 7.62 -8.62
N ALA V 118 -33.84 7.01 -9.58
CA ALA V 118 -34.66 5.82 -9.31
C ALA V 118 -34.29 4.69 -10.28
N VAL V 119 -34.20 3.46 -9.74
CA VAL V 119 -33.71 2.29 -10.47
C VAL V 119 -34.69 1.13 -10.24
N GLU V 120 -35.16 0.50 -11.33
CA GLU V 120 -36.09 -0.63 -11.23
C GLU V 120 -35.33 -1.95 -11.10
N ASN V 121 -35.93 -2.90 -10.36
CA ASN V 121 -35.56 -4.32 -10.38
C ASN V 121 -34.07 -4.54 -10.11
N VAL V 122 -33.55 -3.90 -9.04
CA VAL V 122 -32.20 -4.19 -8.55
C VAL V 122 -32.21 -5.57 -7.90
N VAL V 123 -31.26 -6.42 -8.31
CA VAL V 123 -31.03 -7.74 -7.71
C VAL V 123 -29.60 -7.79 -7.18
N PHE V 124 -29.40 -8.53 -6.08
CA PHE V 124 -28.09 -8.67 -5.46
C PHE V 124 -27.70 -10.16 -5.43
N PRO V 125 -26.63 -10.59 -6.16
CA PRO V 125 -26.21 -12.00 -6.14
C PRO V 125 -25.78 -12.54 -4.77
N GLU V 126 -25.19 -11.66 -3.95
CA GLU V 126 -24.71 -11.99 -2.62
C GLU V 126 -25.35 -11.05 -1.59
N LEU V 127 -25.71 -11.63 -0.44
CA LEU V 127 -26.16 -10.85 0.72
C LEU V 127 -25.25 -11.18 1.90
N PRO V 128 -24.49 -10.20 2.47
CA PRO V 128 -23.77 -10.45 3.73
C PRO V 128 -24.74 -10.43 4.91
N LEU V 129 -24.72 -11.50 5.72
CA LEU V 129 -25.55 -11.59 6.91
C LEU V 129 -24.76 -11.17 8.15
N ASP V 130 -23.52 -11.67 8.24
CA ASP V 130 -22.59 -11.35 9.32
C ASP V 130 -21.32 -10.78 8.69
N SER V 131 -20.79 -9.70 9.31
CA SER V 131 -19.62 -9.02 8.78
C SER V 131 -18.81 -8.44 9.93
N ALA V 132 -18.49 -9.29 10.91
CA ALA V 132 -17.80 -8.91 12.14
C ALA V 132 -16.30 -8.74 11.89
N THR V 133 -15.73 -7.66 12.45
CA THR V 133 -14.30 -7.42 12.54
C THR V 133 -14.01 -6.88 13.94
N TYR V 134 -12.94 -7.39 14.56
CA TYR V 134 -12.57 -7.02 15.93
C TYR V 134 -12.44 -5.49 16.07
N GLY V 135 -13.18 -4.90 17.04
CA GLY V 135 -13.11 -3.48 17.36
C GLY V 135 -13.80 -2.58 16.34
N GLU V 136 -14.74 -3.12 15.54
CA GLU V 136 -15.49 -2.37 14.55
C GLU V 136 -16.97 -2.73 14.61
N TYR V 137 -17.84 -1.80 14.19
CA TYR V 137 -19.23 -2.13 13.90
C TYR V 137 -19.27 -2.96 12.62
N GLU V 138 -20.25 -3.87 12.53
CA GLU V 138 -20.43 -4.64 11.31
C GLU V 138 -20.80 -3.71 10.16
N GLU V 139 -20.09 -3.88 9.03
CA GLU V 139 -20.31 -3.09 7.83
C GLU V 139 -20.49 -4.04 6.64
N TYR V 140 -21.50 -3.75 5.81
CA TYR V 140 -22.03 -4.66 4.81
C TYR V 140 -21.90 -4.04 3.42
N SER V 141 -21.42 -4.84 2.45
CA SER V 141 -21.36 -4.41 1.05
C SER V 141 -22.39 -5.15 0.22
N LEU V 142 -23.24 -4.40 -0.50
CA LEU V 142 -24.09 -4.94 -1.55
C LEU V 142 -23.50 -4.55 -2.91
N THR V 143 -23.47 -5.53 -3.83
CA THR V 143 -23.24 -5.27 -5.25
C THR V 143 -24.39 -5.92 -6.02
N GLY V 144 -24.97 -5.18 -6.97
CA GLY V 144 -26.13 -5.68 -7.69
C GLY V 144 -26.35 -4.97 -9.02
N SER V 145 -27.30 -5.50 -9.81
CA SER V 145 -27.65 -4.93 -11.11
C SER V 145 -29.15 -4.62 -11.17
N GLY V 146 -29.47 -3.33 -11.41
CA GLY V 146 -30.80 -2.88 -11.76
C GLY V 146 -31.03 -3.02 -13.27
N ARG V 147 -32.31 -3.12 -13.67
CA ARG V 147 -32.68 -3.27 -15.07
C ARG V 147 -32.49 -1.96 -15.85
N SER V 148 -32.97 -0.84 -15.27
CA SER V 148 -32.91 0.46 -15.90
C SER V 148 -33.05 1.59 -14.86
N VAL V 149 -32.64 2.80 -15.25
CA VAL V 149 -32.97 4.02 -14.52
C VAL V 149 -34.37 4.45 -14.96
N THR V 150 -35.32 4.51 -14.02
CA THR V 150 -36.70 4.89 -14.34
C THR V 150 -36.89 6.41 -14.23
N ASN V 151 -36.07 7.05 -13.38
CA ASN V 151 -36.15 8.49 -13.17
C ASN V 151 -34.75 9.03 -12.84
N LEU V 152 -34.39 10.11 -13.56
CA LEU V 152 -33.30 11.00 -13.17
C LEU V 152 -33.72 12.43 -13.48
N ALA V 153 -34.08 13.17 -12.42
CA ALA V 153 -34.68 14.48 -12.58
C ALA V 153 -34.34 15.37 -11.38
N ASP V 154 -34.42 16.69 -11.60
CA ASP V 154 -34.58 17.67 -10.54
C ASP V 154 -36.02 17.56 -10.01
N THR V 155 -36.16 17.20 -8.72
CA THR V 155 -37.48 17.06 -8.08
C THR V 155 -37.75 18.21 -7.10
N SER V 156 -36.95 19.28 -7.12
CA SER V 156 -37.15 20.45 -6.27
C SER V 156 -38.42 21.22 -6.69
N GLY V 157 -39.03 21.92 -5.73
CA GLY V 157 -40.28 22.65 -5.92
C GLY V 157 -40.15 23.77 -6.94
N ALA W 2 -42.45 -3.50 11.15
CA ALA W 2 -41.24 -4.38 11.24
C ALA W 2 -40.20 -3.74 12.14
N THR W 3 -39.14 -4.50 12.46
CA THR W 3 -38.06 -4.11 13.35
C THR W 3 -37.19 -3.04 12.66
N SER W 4 -36.88 -1.94 13.37
CA SER W 4 -36.03 -0.87 12.87
C SER W 4 -34.61 -1.39 12.61
N PRO W 5 -33.96 -1.05 11.47
CA PRO W 5 -32.54 -1.39 11.26
C PRO W 5 -31.63 -0.72 12.30
N GLU W 6 -30.60 -1.45 12.75
CA GLU W 6 -29.79 -1.04 13.88
C GLU W 6 -28.33 -1.44 13.67
N GLY W 7 -27.40 -0.66 14.25
CA GLY W 7 -25.97 -0.98 14.23
C GLY W 7 -25.70 -2.28 15.01
N ILE W 8 -24.64 -3.01 14.62
CA ILE W 8 -24.26 -4.24 15.29
C ILE W 8 -22.77 -4.17 15.61
N TRP W 9 -22.42 -4.45 16.87
CA TRP W 9 -21.06 -4.35 17.36
C TRP W 9 -20.40 -5.72 17.27
N SER W 10 -19.25 -5.80 16.57
CA SER W 10 -18.62 -7.08 16.24
C SER W 10 -18.32 -7.92 17.49
N ASN W 11 -17.81 -7.27 18.54
CA ASN W 11 -17.36 -7.94 19.76
C ASN W 11 -18.52 -8.48 20.60
N SER W 12 -19.78 -8.18 20.22
CA SER W 12 -20.97 -8.70 20.88
C SER W 12 -21.32 -10.11 20.37
N GLY W 13 -20.71 -10.55 19.26
CA GLY W 13 -21.03 -11.82 18.63
C GLY W 13 -20.59 -13.04 19.45
N ALA W 14 -21.30 -14.16 19.26
CA ALA W 14 -20.97 -15.45 19.85
C ALA W 14 -21.14 -16.57 18.82
N LEU W 15 -20.01 -17.00 18.24
CA LEU W 15 -19.95 -18.07 17.25
C LEU W 15 -19.85 -19.42 17.94
N THR W 16 -20.56 -20.43 17.40
CA THR W 16 -20.47 -21.81 17.86
C THR W 16 -20.50 -22.77 16.67
N PHE W 17 -19.87 -23.94 16.83
CA PHE W 17 -19.87 -25.02 15.86
C PHE W 17 -20.44 -26.28 16.50
N GLU W 18 -21.22 -27.03 15.71
CA GLU W 18 -21.80 -28.29 16.15
C GLU W 18 -21.53 -29.39 15.13
N ASP W 19 -21.37 -30.62 15.65
CA ASP W 19 -21.37 -31.83 14.84
C ASP W 19 -22.80 -32.11 14.39
N PRO W 20 -23.11 -32.11 13.06
CA PRO W 20 -24.48 -32.35 12.59
C PRO W 20 -25.07 -33.74 12.87
N ALA W 21 -24.21 -34.70 13.29
CA ALA W 21 -24.69 -36.02 13.66
C ALA W 21 -25.33 -36.03 15.06
N ASP W 22 -24.84 -35.15 15.95
CA ASP W 22 -25.19 -35.16 17.37
C ASP W 22 -25.96 -33.91 17.78
N ASP W 23 -25.71 -32.79 17.08
CA ASP W 23 -25.88 -31.43 17.58
C ASP W 23 -25.01 -31.14 18.82
N SER W 24 -23.90 -31.90 18.99
CA SER W 24 -22.94 -31.67 20.07
C SER W 24 -21.96 -30.57 19.67
N GLU W 25 -21.57 -29.72 20.63
CA GLU W 25 -20.68 -28.59 20.36
C GLU W 25 -19.26 -29.09 20.08
N ILE W 26 -18.62 -28.45 19.09
CA ILE W 26 -17.19 -28.59 18.82
C ILE W 26 -16.49 -27.33 19.33
N LEU W 27 -15.54 -27.50 20.25
CA LEU W 27 -14.95 -26.37 20.97
C LEU W 27 -14.17 -25.49 20.00
N PHE W 28 -14.55 -24.20 19.98
CA PHE W 28 -13.98 -23.19 19.11
C PHE W 28 -14.18 -21.82 19.78
N ALA W 29 -13.12 -20.99 19.77
CA ALA W 29 -13.11 -19.75 20.53
C ALA W 29 -12.09 -18.79 19.93
N GLY W 30 -12.11 -17.53 20.42
CA GLY W 30 -11.09 -16.54 20.10
C GLY W 30 -11.19 -15.98 18.68
N VAL W 31 -12.42 -15.79 18.18
CA VAL W 31 -12.65 -15.20 16.87
C VAL W 31 -12.25 -13.72 16.89
N ARG W 32 -11.87 -13.21 15.70
CA ARG W 32 -11.54 -11.81 15.51
C ARG W 32 -12.35 -11.23 14.34
N ASP W 33 -12.45 -11.98 13.23
CA ASP W 33 -13.33 -11.62 12.13
C ASP W 33 -14.26 -12.81 11.80
N VAL W 34 -15.51 -12.51 11.43
CA VAL W 34 -16.48 -13.51 10.99
C VAL W 34 -17.33 -12.90 9.87
N THR W 35 -17.24 -13.48 8.65
CA THR W 35 -18.10 -13.09 7.55
C THR W 35 -18.96 -14.29 7.13
N ILE W 36 -20.28 -14.07 7.05
CA ILE W 36 -21.21 -15.07 6.53
C ILE W 36 -22.01 -14.43 5.39
N THR W 37 -21.91 -15.02 4.19
CA THR W 37 -22.47 -14.43 2.98
C THR W 37 -23.18 -15.52 2.17
N PRO W 38 -24.53 -15.67 2.29
CA PRO W 38 -25.30 -16.42 1.30
C PRO W 38 -25.18 -15.76 -0.08
N ALA W 39 -24.98 -16.63 -1.08
CA ALA W 39 -24.73 -16.23 -2.46
C ALA W 39 -25.48 -17.15 -3.41
N TYR W 40 -25.74 -16.64 -4.61
CA TYR W 40 -26.19 -17.43 -5.74
C TYR W 40 -25.47 -16.92 -7.00
N GLU W 41 -25.28 -17.81 -7.97
CA GLU W 41 -24.98 -17.38 -9.33
C GLU W 41 -26.25 -16.78 -9.96
N HIS W 42 -26.09 -15.66 -10.67
CA HIS W 42 -27.16 -15.05 -11.43
C HIS W 42 -26.91 -15.22 -12.93
N ALA W 43 -27.94 -15.68 -13.67
CA ALA W 43 -27.92 -15.62 -15.13
C ALA W 43 -28.93 -14.58 -15.62
N GLU W 44 -28.47 -13.65 -16.45
CA GLU W 44 -29.29 -12.57 -17.02
C GLU W 44 -29.57 -12.87 -18.51
N LEU W 45 -30.84 -12.73 -18.94
CA LEU W 45 -31.20 -12.99 -20.33
C LEU W 45 -31.24 -11.68 -21.12
N TYR W 46 -30.48 -11.67 -22.24
CA TYR W 46 -30.53 -10.60 -23.23
C TYR W 46 -30.65 -11.19 -24.63
N THR W 47 -31.44 -10.52 -25.47
CA THR W 47 -31.69 -10.94 -26.85
C THR W 47 -31.73 -9.68 -27.74
N ILE W 48 -31.85 -9.88 -29.07
CA ILE W 48 -31.91 -8.80 -30.04
C ILE W 48 -33.16 -7.91 -29.88
N ASP W 49 -34.19 -8.37 -29.14
CA ASP W 49 -35.44 -7.64 -28.97
C ASP W 49 -35.23 -6.28 -28.28
N SER W 50 -34.32 -6.22 -27.30
CA SER W 50 -34.17 -5.07 -26.40
C SER W 50 -32.74 -5.02 -25.86
N THR W 51 -32.26 -3.80 -25.57
CA THR W 51 -30.99 -3.57 -24.87
C THR W 51 -31.13 -3.83 -23.36
N PHE W 52 -32.38 -3.84 -22.85
CA PHE W 52 -32.64 -4.06 -21.44
C PHE W 52 -32.67 -5.55 -21.13
N ARG W 53 -32.35 -5.89 -19.87
CA ARG W 53 -32.42 -7.24 -19.34
C ARG W 53 -33.87 -7.75 -19.37
N ASP W 54 -34.06 -8.97 -19.89
CA ASP W 54 -35.38 -9.57 -20.00
C ASP W 54 -35.71 -10.36 -18.74
N GLU W 55 -34.75 -11.16 -18.26
CA GLU W 55 -34.92 -12.05 -17.12
C GLU W 55 -33.64 -12.08 -16.29
N VAL W 56 -33.79 -12.44 -15.00
CA VAL W 56 -32.65 -12.82 -14.17
C VAL W 56 -33.08 -13.96 -13.23
N LYS W 57 -32.20 -14.97 -13.06
CA LYS W 57 -32.49 -16.20 -12.34
C LYS W 57 -31.32 -16.64 -11.46
N ARG W 58 -31.65 -17.29 -10.33
CA ARG W 58 -30.72 -17.82 -9.34
C ARG W 58 -30.38 -19.28 -9.64
N TYR W 59 -29.12 -19.67 -9.33
CA TYR W 59 -28.67 -21.06 -9.25
C TYR W 59 -27.41 -21.12 -8.38
N GLU W 60 -26.99 -22.34 -7.99
CA GLU W 60 -25.82 -22.58 -7.15
C GLU W 60 -25.84 -21.71 -5.89
N HIS W 61 -26.80 -22.02 -5.02
CA HIS W 61 -26.75 -21.48 -3.67
C HIS W 61 -25.56 -22.08 -2.93
N ASN W 62 -24.80 -21.20 -2.25
CA ASN W 62 -23.88 -21.60 -1.20
C ASN W 62 -23.72 -20.42 -0.24
N VAL W 63 -23.27 -20.72 0.97
CA VAL W 63 -23.01 -19.69 1.97
C VAL W 63 -21.50 -19.63 2.18
N ASN W 64 -20.87 -18.54 1.70
CA ASN W 64 -19.47 -18.30 2.01
C ASN W 64 -19.35 -18.01 3.51
N VAL W 65 -18.55 -18.83 4.19
CA VAL W 65 -18.17 -18.61 5.57
C VAL W 65 -16.66 -18.38 5.60
N GLU W 66 -16.23 -17.24 6.17
CA GLU W 66 -14.82 -17.03 6.44
C GLU W 66 -14.64 -16.45 7.84
N ILE W 67 -13.71 -17.04 8.58
CA ILE W 67 -13.48 -16.76 10.00
C ILE W 67 -11.97 -16.55 10.20
N THR W 68 -11.63 -15.46 10.92
CA THR W 68 -10.28 -15.32 11.46
C THR W 68 -10.35 -15.49 12.97
N TYR W 69 -9.45 -16.32 13.52
CA TYR W 69 -9.46 -16.64 14.95
C TYR W 69 -8.03 -16.85 15.46
N ALA W 70 -7.86 -16.72 16.79
CA ALA W 70 -6.54 -16.61 17.41
C ALA W 70 -6.34 -17.53 18.62
N LYS W 71 -7.29 -18.46 18.86
CA LYS W 71 -7.12 -19.52 19.84
C LYS W 71 -7.21 -20.87 19.12
N PHE W 72 -6.12 -21.64 19.17
CA PHE W 72 -6.08 -22.94 18.51
C PHE W 72 -6.97 -23.94 19.28
N SER W 73 -7.70 -24.76 18.52
CA SER W 73 -8.53 -25.82 19.08
C SER W 73 -8.09 -27.16 18.50
N LEU W 74 -7.67 -28.08 19.38
CA LEU W 74 -7.33 -29.43 18.95
C LEU W 74 -8.58 -30.18 18.50
N GLU W 75 -9.71 -29.98 19.20
CA GLU W 75 -10.94 -30.67 18.84
C GLU W 75 -11.39 -30.31 17.42
N PHE W 76 -11.41 -29.01 17.11
CA PHE W 76 -11.81 -28.56 15.77
C PHE W 76 -10.89 -29.12 14.69
N ALA W 77 -9.56 -29.07 14.93
CA ALA W 77 -8.58 -29.56 13.96
C ALA W 77 -8.71 -31.08 13.75
N GLN W 78 -8.92 -31.83 14.84
CA GLN W 78 -8.99 -33.29 14.80
C GLN W 78 -10.31 -33.79 14.21
N GLU W 79 -11.40 -33.02 14.42
CA GLU W 79 -12.68 -33.24 13.74
C GLU W 79 -12.51 -33.05 12.23
N TRP W 80 -11.80 -31.97 11.83
CA TRP W 80 -11.56 -31.68 10.42
C TRP W 80 -10.75 -32.80 9.75
N LEU W 81 -9.71 -33.29 10.45
CA LEU W 81 -8.87 -34.36 9.91
C LEU W 81 -9.68 -35.65 9.73
N GLY W 82 -10.54 -35.97 10.72
CA GLY W 82 -11.21 -37.26 10.79
C GLY W 82 -12.38 -37.45 9.82
N GLY W 83 -12.97 -36.35 9.33
CA GLY W 83 -14.16 -36.42 8.48
C GLY W 83 -15.43 -36.67 9.30
N PRO W 84 -16.61 -36.89 8.65
CA PRO W 84 -17.87 -37.05 9.38
C PRO W 84 -17.85 -38.19 10.40
N GLY W 85 -18.25 -37.85 11.65
CA GLY W 85 -18.47 -38.82 12.72
C GLY W 85 -17.21 -39.39 13.38
N ALA W 86 -16.02 -38.82 13.09
CA ALA W 86 -14.77 -39.30 13.68
C ALA W 86 -13.75 -38.17 13.85
N THR W 87 -12.98 -38.22 14.95
CA THR W 87 -11.75 -37.44 15.10
C THR W 87 -10.55 -38.26 14.62
N ALA W 88 -9.49 -37.57 14.15
CA ALA W 88 -8.23 -38.21 13.81
C ALA W 88 -7.04 -37.30 14.13
N THR W 89 -5.85 -37.92 14.33
CA THR W 89 -4.62 -37.19 14.66
C THR W 89 -3.62 -37.22 13.50
N ALA W 90 -4.10 -37.54 12.29
CA ALA W 90 -3.31 -37.59 11.06
C ALA W 90 -4.27 -37.42 9.87
N SER W 91 -3.75 -37.01 8.70
CA SER W 91 -4.55 -36.94 7.48
C SER W 91 -5.26 -38.27 7.23
N GLN W 92 -6.53 -38.20 6.80
CA GLN W 92 -7.30 -39.39 6.46
C GLN W 92 -7.43 -39.49 4.95
N ASP W 93 -7.21 -40.70 4.43
CA ASP W 93 -7.25 -40.99 3.00
C ASP W 93 -8.67 -41.40 2.60
N ASP W 94 -9.61 -40.44 2.67
CA ASP W 94 -11.01 -40.68 2.31
C ASP W 94 -11.68 -39.42 1.73
N SER W 95 -12.81 -39.64 1.03
CA SER W 95 -13.43 -38.64 0.18
C SER W 95 -14.37 -37.67 0.93
N ASP W 96 -14.77 -37.99 2.16
CA ASP W 96 -15.79 -37.23 2.87
C ASP W 96 -15.17 -36.08 3.68
N PRO W 97 -15.44 -34.78 3.36
CA PRO W 97 -15.00 -33.69 4.23
C PRO W 97 -15.88 -33.64 5.48
N MET W 98 -15.29 -33.18 6.59
CA MET W 98 -16.03 -32.92 7.81
C MET W 98 -16.99 -31.75 7.57
N LYS W 99 -18.28 -31.99 7.84
CA LYS W 99 -19.33 -30.99 7.72
C LYS W 99 -19.66 -30.46 9.12
N PHE W 100 -19.55 -29.14 9.29
CA PHE W 100 -19.86 -28.48 10.55
C PHE W 100 -21.15 -27.69 10.40
N ASN W 101 -22.04 -27.80 11.40
CA ASN W 101 -23.11 -26.82 11.54
C ASN W 101 -22.55 -25.62 12.32
N LEU W 102 -22.94 -24.42 11.88
CA LEU W 102 -22.43 -23.18 12.44
C LEU W 102 -23.62 -22.32 12.89
N GLU W 103 -23.44 -21.61 14.02
CA GLU W 103 -24.38 -20.60 14.44
C GLU W 103 -23.63 -19.40 15.02
N ASN W 104 -24.03 -18.19 14.60
CA ASN W 104 -23.53 -16.95 15.19
C ASN W 104 -24.72 -16.18 15.75
N VAL W 105 -24.68 -15.87 17.05
CA VAL W 105 -25.73 -15.12 17.73
C VAL W 105 -25.15 -13.77 18.17
N THR W 106 -25.86 -12.66 17.87
CA THR W 106 -25.35 -11.33 18.23
C THR W 106 -26.50 -10.37 18.58
N PRO W 107 -26.44 -9.66 19.74
CA PRO W 107 -27.32 -8.51 20.00
C PRO W 107 -27.06 -7.33 19.08
N SER W 108 -28.14 -6.61 18.72
CA SER W 108 -28.01 -5.31 18.07
C SER W 108 -27.49 -4.29 19.08
N ALA W 109 -26.89 -3.19 18.60
CA ALA W 109 -26.08 -2.29 19.42
C ALA W 109 -26.89 -1.57 20.52
N SER W 110 -28.19 -1.35 20.28
CA SER W 110 -29.10 -0.75 21.26
C SER W 110 -30.15 -1.76 21.79
N GLY W 111 -29.94 -3.06 21.53
CA GLY W 111 -30.78 -4.12 22.07
C GLY W 111 -32.16 -4.22 21.42
N GLY W 112 -32.33 -3.63 20.22
CA GLY W 112 -33.57 -3.69 19.46
C GLY W 112 -33.94 -5.10 19.00
N PHE W 113 -32.93 -5.94 18.74
CA PHE W 113 -33.11 -7.34 18.33
C PHE W 113 -31.87 -8.17 18.65
N GLU W 114 -31.99 -9.50 18.53
CA GLU W 114 -30.86 -10.41 18.56
C GLU W 114 -30.84 -11.20 17.25
N ARG W 115 -29.82 -10.95 16.41
CA ARG W 115 -29.68 -11.67 15.15
C ARG W 115 -29.04 -13.04 15.41
N THR W 116 -29.79 -14.13 15.15
CA THR W 116 -29.22 -15.46 15.05
C THR W 116 -29.09 -15.83 13.57
N THR W 117 -27.86 -16.15 13.15
CA THR W 117 -27.59 -16.71 11.83
C THR W 117 -27.10 -18.16 12.02
N ALA W 118 -27.78 -19.12 11.38
CA ALA W 118 -27.36 -20.53 11.43
C ALA W 118 -27.17 -21.06 10.00
N VAL W 119 -26.10 -21.86 9.81
CA VAL W 119 -25.68 -22.35 8.50
C VAL W 119 -25.42 -23.86 8.60
N GLU W 120 -25.98 -24.63 7.66
CA GLU W 120 -25.80 -26.09 7.64
C GLU W 120 -24.60 -26.48 6.79
N ASN W 121 -23.90 -27.55 7.22
CA ASN W 121 -22.90 -28.28 6.43
C ASN W 121 -21.84 -27.34 5.84
N VAL W 122 -21.23 -26.51 6.70
CA VAL W 122 -20.04 -25.74 6.32
C VAL W 122 -18.88 -26.72 6.20
N VAL W 123 -18.17 -26.68 5.06
CA VAL W 123 -16.95 -27.43 4.85
C VAL W 123 -15.80 -26.46 4.56
N PHE W 124 -14.60 -26.80 5.00
CA PHE W 124 -13.42 -25.97 4.83
C PHE W 124 -12.40 -26.72 3.98
N PRO W 125 -12.10 -26.29 2.71
CA PRO W 125 -11.12 -26.98 1.85
C PRO W 125 -9.73 -27.15 2.46
N GLU W 126 -9.29 -26.15 3.25
CA GLU W 126 -7.99 -26.17 3.90
C GLU W 126 -8.10 -25.69 5.34
N LEU W 127 -7.29 -26.32 6.20
CA LEU W 127 -7.24 -26.01 7.62
C LEU W 127 -5.82 -25.55 7.97
N PRO W 128 -5.62 -24.30 8.44
CA PRO W 128 -4.30 -23.90 8.95
C PRO W 128 -4.07 -24.55 10.32
N LEU W 129 -2.97 -25.31 10.42
CA LEU W 129 -2.61 -25.96 11.68
C LEU W 129 -1.65 -25.06 12.46
N ASP W 130 -0.58 -24.62 11.78
CA ASP W 130 0.41 -23.70 12.32
C ASP W 130 0.38 -22.43 11.47
N SER W 131 0.41 -21.26 12.14
CA SER W 131 0.34 -19.98 11.47
C SER W 131 1.14 -18.95 12.28
N ALA W 132 2.44 -19.25 12.44
CA ALA W 132 3.33 -18.49 13.29
C ALA W 132 4.01 -17.36 12.51
N THR W 133 3.97 -16.15 13.08
CA THR W 133 4.73 -15.00 12.63
C THR W 133 5.46 -14.44 13.84
N TYR W 134 6.75 -14.14 13.66
CA TYR W 134 7.62 -13.65 14.72
C TYR W 134 7.01 -12.40 15.38
N GLY W 135 6.96 -12.40 16.72
CA GLY W 135 6.44 -11.29 17.51
C GLY W 135 4.90 -11.19 17.54
N GLU W 136 4.21 -12.28 17.13
CA GLU W 136 2.75 -12.31 17.08
C GLU W 136 2.23 -13.61 17.68
N TYR W 137 0.98 -13.57 18.20
CA TYR W 137 0.21 -14.77 18.45
C TYR W 137 -0.13 -15.40 17.11
N GLU W 138 -0.20 -16.74 17.07
CA GLU W 138 -0.66 -17.42 15.86
C GLU W 138 -2.10 -16.99 15.56
N GLU W 139 -2.38 -16.72 14.29
CA GLU W 139 -3.71 -16.30 13.83
C GLU W 139 -4.10 -17.10 12.59
N TYR W 140 -5.35 -17.58 12.57
CA TYR W 140 -5.80 -18.62 11.66
C TYR W 140 -6.99 -18.13 10.83
N SER W 141 -6.90 -18.30 9.51
CA SER W 141 -7.99 -17.98 8.58
C SER W 141 -8.64 -19.26 8.06
N LEU W 142 -9.97 -19.36 8.23
CA LEU W 142 -10.77 -20.38 7.56
C LEU W 142 -11.56 -19.72 6.42
N THR W 143 -11.64 -20.42 5.27
CA THR W 143 -12.59 -20.12 4.21
C THR W 143 -13.33 -21.41 3.88
N GLY W 144 -14.67 -21.34 3.78
CA GLY W 144 -15.48 -22.52 3.54
C GLY W 144 -16.83 -22.18 2.90
N SER W 145 -17.56 -23.23 2.51
CA SER W 145 -18.90 -23.11 1.93
C SER W 145 -19.92 -23.93 2.72
N GLY W 146 -20.95 -23.25 3.24
CA GLY W 146 -22.14 -23.89 3.79
C GLY W 146 -23.15 -24.19 2.68
N ARG W 147 -24.01 -25.18 2.93
CA ARG W 147 -25.04 -25.58 1.97
C ARG W 147 -26.17 -24.54 1.90
N SER W 148 -26.66 -24.10 3.07
CA SER W 148 -27.76 -23.13 3.15
C SER W 148 -27.81 -22.47 4.52
N VAL W 149 -28.49 -21.30 4.58
CA VAL W 149 -28.86 -20.65 5.83
C VAL W 149 -30.11 -21.37 6.36
N THR W 150 -30.00 -21.99 7.55
CA THR W 150 -31.12 -22.72 8.13
C THR W 150 -31.99 -21.82 9.01
N ASN W 151 -31.39 -20.71 9.50
CA ASN W 151 -32.11 -19.74 10.31
C ASN W 151 -31.48 -18.36 10.19
N LEU W 152 -32.33 -17.36 9.93
CA LEU W 152 -32.00 -15.95 10.14
C LEU W 152 -33.23 -15.27 10.73
N ALA W 153 -33.16 -14.95 12.04
CA ALA W 153 -34.30 -14.44 12.78
C ALA W 153 -33.85 -13.56 13.94
N ASP W 154 -34.77 -12.71 14.39
CA ASP W 154 -34.69 -12.10 15.71
C ASP W 154 -35.04 -13.17 16.76
N THR W 155 -34.05 -13.50 17.61
CA THR W 155 -34.22 -14.52 18.64
C THR W 155 -34.37 -13.92 20.04
N SER W 156 -34.52 -12.59 20.14
CA SER W 156 -34.81 -11.92 21.41
C SER W 156 -36.22 -12.28 21.90
N GLY W 157 -36.47 -12.11 23.21
CA GLY W 157 -37.71 -12.54 23.86
C GLY W 157 -38.94 -11.87 23.29
N ALA X 2 -12.86 -32.80 26.53
CA ALA X 2 -12.14 -32.02 25.49
C ALA X 2 -11.25 -30.95 26.13
N THR X 3 -10.29 -30.43 25.36
CA THR X 3 -9.30 -29.45 25.81
C THR X 3 -9.73 -28.06 25.36
N SER X 4 -9.78 -27.10 26.30
CA SER X 4 -10.19 -25.72 26.04
C SER X 4 -9.31 -25.09 24.96
N PRO X 5 -9.86 -24.42 23.91
CA PRO X 5 -9.04 -23.67 22.95
C PRO X 5 -8.25 -22.57 23.64
N GLU X 6 -7.02 -22.33 23.16
CA GLU X 6 -6.06 -21.46 23.84
C GLU X 6 -5.18 -20.76 22.82
N GLY X 7 -4.70 -19.55 23.17
CA GLY X 7 -3.74 -18.82 22.35
C GLY X 7 -2.43 -19.58 22.18
N ILE X 8 -1.71 -19.31 21.08
CA ILE X 8 -0.37 -19.85 20.86
C ILE X 8 0.55 -18.68 20.47
N TRP X 9 1.72 -18.64 21.10
CA TRP X 9 2.69 -17.57 20.88
C TRP X 9 3.77 -18.06 19.91
N SER X 10 3.97 -17.33 18.81
CA SER X 10 4.79 -17.78 17.69
C SER X 10 6.24 -18.09 18.10
N ASN X 11 6.79 -17.25 18.99
CA ASN X 11 8.20 -17.36 19.39
C ASN X 11 8.45 -18.57 20.31
N SER X 12 7.40 -19.29 20.75
CA SER X 12 7.54 -20.50 21.55
C SER X 12 7.75 -21.75 20.68
N GLY X 13 7.67 -21.61 19.34
CA GLY X 13 7.77 -22.74 18.42
C GLY X 13 9.19 -23.32 18.34
N ALA X 14 9.25 -24.63 18.06
CA ALA X 14 10.49 -25.37 17.84
C ALA X 14 10.35 -26.26 16.60
N LEU X 15 10.72 -25.71 15.43
CA LEU X 15 10.70 -26.40 14.16
C LEU X 15 11.97 -27.25 14.00
N THR X 16 11.81 -28.48 13.49
CA THR X 16 12.91 -29.37 13.17
C THR X 16 12.63 -30.09 11.86
N PHE X 17 13.72 -30.42 11.13
CA PHE X 17 13.66 -31.21 9.90
C PHE X 17 14.48 -32.50 10.08
N GLU X 18 13.96 -33.60 9.53
CA GLU X 18 14.64 -34.90 9.59
C GLU X 18 14.71 -35.54 8.20
N ASP X 19 15.79 -36.30 7.98
CA ASP X 19 15.94 -37.18 6.84
C ASP X 19 15.07 -38.43 7.06
N PRO X 20 14.03 -38.71 6.22
CA PRO X 20 13.18 -39.89 6.40
C PRO X 20 13.88 -41.24 6.22
N ALA X 21 15.11 -41.26 5.69
CA ALA X 21 15.89 -42.48 5.55
C ALA X 21 16.46 -42.94 6.91
N ASP X 22 16.73 -41.98 7.81
CA ASP X 22 17.44 -42.22 9.07
C ASP X 22 16.58 -41.91 10.30
N ASP X 23 15.65 -40.96 10.15
CA ASP X 23 15.12 -40.14 11.24
C ASP X 23 16.22 -39.29 11.91
N SER X 24 17.28 -38.95 11.15
CA SER X 24 18.37 -38.09 11.64
C SER X 24 18.04 -36.63 11.34
N GLU X 25 18.39 -35.72 12.27
CA GLU X 25 18.10 -34.30 12.13
C GLU X 25 18.98 -33.68 11.05
N ILE X 26 18.38 -32.76 10.29
CA ILE X 26 19.07 -31.86 9.37
C ILE X 26 19.08 -30.48 10.04
N LEU X 27 20.28 -29.90 10.22
CA LEU X 27 20.44 -28.69 11.01
C LEU X 27 19.72 -27.51 10.34
N PHE X 28 18.77 -26.94 11.09
CA PHE X 28 17.92 -25.84 10.64
C PHE X 28 17.58 -24.97 11.84
N ALA X 29 17.54 -23.64 11.65
CA ALA X 29 17.44 -22.69 12.74
C ALA X 29 16.98 -21.32 12.23
N GLY X 30 16.63 -20.44 13.18
CA GLY X 30 16.40 -19.02 12.91
C GLY X 30 15.13 -18.73 12.13
N VAL X 31 14.05 -19.48 12.43
CA VAL X 31 12.75 -19.24 11.78
C VAL X 31 12.16 -17.91 12.25
N ARG X 32 11.34 -17.31 11.38
CA ARG X 32 10.64 -16.06 11.64
C ARG X 32 9.15 -16.23 11.34
N ASP X 33 8.81 -16.86 10.21
CA ASP X 33 7.44 -17.29 9.93
C ASP X 33 7.41 -18.80 9.68
N VAL X 34 6.33 -19.46 10.13
CA VAL X 34 6.07 -20.87 9.85
C VAL X 34 4.55 -21.07 9.66
N THR X 35 4.15 -21.49 8.44
CA THR X 35 2.77 -21.81 8.15
C THR X 35 2.67 -23.26 7.68
N ILE X 36 1.77 -24.04 8.31
CA ILE X 36 1.46 -25.40 7.89
C ILE X 36 -0.06 -25.50 7.67
N THR X 37 -0.45 -25.89 6.45
CA THR X 37 -1.85 -25.93 6.05
C THR X 37 -2.14 -27.22 5.27
N PRO X 38 -2.70 -28.28 5.90
CA PRO X 38 -3.32 -29.37 5.14
C PRO X 38 -4.52 -28.86 4.35
N ALA X 39 -4.61 -29.34 3.10
CA ALA X 39 -5.62 -28.91 2.15
C ALA X 39 -6.06 -30.09 1.29
N TYR X 40 -7.32 -30.02 0.83
CA TYR X 40 -7.83 -30.91 -0.19
C TYR X 40 -8.54 -30.05 -1.24
N GLU X 41 -8.48 -30.48 -2.51
CA GLU X 41 -9.41 -29.97 -3.50
C GLU X 41 -10.81 -30.47 -3.16
N HIS X 42 -11.82 -29.57 -3.27
CA HIS X 42 -13.22 -29.91 -3.09
C HIS X 42 -13.97 -29.86 -4.42
N ALA X 43 -14.81 -30.88 -4.65
CA ALA X 43 -15.77 -30.86 -5.74
C ALA X 43 -17.20 -30.90 -5.19
N GLU X 44 -18.02 -29.93 -5.62
CA GLU X 44 -19.42 -29.80 -5.20
C GLU X 44 -20.34 -30.26 -6.34
N LEU X 45 -21.37 -31.06 -6.03
CA LEU X 45 -22.33 -31.54 -7.03
C LEU X 45 -23.57 -30.66 -7.04
N TYR X 46 -23.91 -30.14 -8.23
CA TYR X 46 -25.16 -29.43 -8.48
C TYR X 46 -25.81 -29.97 -9.77
N THR X 47 -27.15 -30.03 -9.75
CA THR X 47 -27.95 -30.51 -10.87
C THR X 47 -29.21 -29.64 -10.98
N ILE X 48 -30.00 -29.87 -12.05
CA ILE X 48 -31.26 -29.17 -12.29
C ILE X 48 -32.29 -29.44 -11.17
N ASP X 49 -32.10 -30.51 -10.37
CA ASP X 49 -33.03 -30.89 -9.29
C ASP X 49 -33.20 -29.80 -8.23
N SER X 50 -32.12 -29.06 -7.93
CA SER X 50 -32.06 -28.15 -6.78
C SER X 50 -31.00 -27.06 -7.00
N THR X 51 -31.26 -25.86 -6.46
CA THR X 51 -30.26 -24.79 -6.40
C THR X 51 -29.24 -25.05 -5.27
N PHE X 52 -29.58 -25.94 -4.32
CA PHE X 52 -28.68 -26.26 -3.22
C PHE X 52 -27.65 -27.31 -3.67
N ARG X 53 -26.51 -27.34 -2.96
CA ARG X 53 -25.44 -28.30 -3.16
C ARG X 53 -25.92 -29.71 -2.74
N ASP X 54 -25.71 -30.71 -3.61
CA ASP X 54 -26.20 -32.06 -3.35
C ASP X 54 -25.14 -32.88 -2.59
N GLU X 55 -23.87 -32.76 -3.03
CA GLU X 55 -22.75 -33.48 -2.46
C GLU X 55 -21.53 -32.57 -2.42
N VAL X 56 -20.57 -32.89 -1.53
CA VAL X 56 -19.23 -32.31 -1.57
C VAL X 56 -18.21 -33.37 -1.17
N LYS X 57 -17.08 -33.44 -1.91
CA LYS X 57 -16.08 -34.50 -1.78
C LYS X 57 -14.67 -33.91 -1.82
N ARG X 58 -13.77 -34.50 -1.01
CA ARG X 58 -12.34 -34.22 -0.99
C ARG X 58 -11.65 -35.08 -2.04
N TYR X 59 -10.50 -34.60 -2.57
CA TYR X 59 -9.61 -35.49 -3.31
C TYR X 59 -8.12 -35.16 -3.12
N GLU X 60 -7.61 -34.16 -3.84
CA GLU X 60 -6.18 -34.02 -4.08
C GLU X 60 -5.48 -33.43 -2.84
N HIS X 61 -5.11 -34.32 -1.90
CA HIS X 61 -4.56 -33.89 -0.61
C HIS X 61 -3.09 -33.47 -0.73
N ASN X 62 -2.74 -32.36 -0.05
CA ASN X 62 -1.36 -32.02 0.23
C ASN X 62 -1.30 -31.14 1.48
N VAL X 63 -0.09 -30.99 2.05
CA VAL X 63 0.13 -30.06 3.15
C VAL X 63 1.02 -28.94 2.64
N ASN X 64 0.45 -27.73 2.50
CA ASN X 64 1.25 -26.55 2.19
C ASN X 64 2.12 -26.22 3.41
N VAL X 65 3.44 -26.21 3.18
CA VAL X 65 4.41 -25.78 4.18
C VAL X 65 5.10 -24.54 3.62
N GLU X 66 5.05 -23.42 4.37
CA GLU X 66 5.85 -22.27 4.00
C GLU X 66 6.52 -21.67 5.24
N ILE X 67 7.82 -21.42 5.11
CA ILE X 67 8.71 -21.03 6.20
C ILE X 67 9.52 -19.83 5.75
N THR X 68 9.58 -18.79 6.60
CA THR X 68 10.58 -17.73 6.44
C THR X 68 11.60 -17.86 7.56
N TYR X 69 12.89 -17.82 7.21
CA TYR X 69 13.97 -18.03 8.18
C TYR X 69 15.18 -17.17 7.81
N ALA X 70 16.05 -16.89 8.82
CA ALA X 70 17.09 -15.88 8.68
C ALA X 70 18.49 -16.35 9.12
N LYS X 71 18.65 -17.67 9.38
CA LYS X 71 19.95 -18.30 9.54
C LYS X 71 20.17 -19.28 8.39
N PHE X 72 21.25 -19.09 7.62
CA PHE X 72 21.55 -19.99 6.53
C PHE X 72 22.11 -21.31 7.07
N SER X 73 21.64 -22.44 6.51
CA SER X 73 22.16 -23.76 6.82
C SER X 73 22.77 -24.38 5.56
N LEU X 74 24.09 -24.66 5.62
CA LEU X 74 24.76 -25.37 4.55
C LEU X 74 24.22 -26.79 4.41
N GLU X 75 23.98 -27.46 5.55
CA GLU X 75 23.48 -28.83 5.51
C GLU X 75 22.13 -28.89 4.79
N PHE X 76 21.18 -28.04 5.19
CA PHE X 76 19.85 -28.05 4.57
C PHE X 76 19.94 -27.82 3.07
N ALA X 77 20.76 -26.86 2.64
CA ALA X 77 20.92 -26.54 1.23
C ALA X 77 21.56 -27.69 0.45
N GLN X 78 22.57 -28.35 1.04
CA GLN X 78 23.31 -29.41 0.36
C GLN X 78 22.52 -30.73 0.33
N GLU X 79 21.61 -30.90 1.30
CA GLU X 79 20.65 -32.01 1.29
C GLU X 79 19.65 -31.81 0.16
N TRP X 80 19.15 -30.56 0.02
CA TRP X 80 18.21 -30.22 -1.04
C TRP X 80 18.83 -30.43 -2.42
N LEU X 81 20.11 -30.08 -2.59
CA LEU X 81 20.83 -30.29 -3.84
C LEU X 81 21.01 -31.77 -4.15
N GLY X 82 21.36 -32.57 -3.11
CA GLY X 82 21.76 -33.96 -3.27
C GLY X 82 20.63 -34.93 -3.63
N GLY X 83 19.38 -34.58 -3.25
CA GLY X 83 18.24 -35.49 -3.41
C GLY X 83 18.21 -36.53 -2.30
N PRO X 84 17.27 -37.53 -2.34
CA PRO X 84 17.11 -38.50 -1.26
C PRO X 84 18.40 -39.29 -0.97
N GLY X 85 18.79 -39.29 0.32
CA GLY X 85 19.89 -40.08 0.85
C GLY X 85 21.29 -39.61 0.42
N ALA X 86 21.40 -38.39 -0.13
CA ALA X 86 22.68 -37.87 -0.62
C ALA X 86 22.81 -36.37 -0.34
N THR X 87 24.08 -35.90 -0.30
CA THR X 87 24.45 -34.51 -0.07
C THR X 87 25.31 -34.05 -1.25
N ALA X 88 25.12 -32.81 -1.74
CA ALA X 88 25.88 -32.33 -2.89
C ALA X 88 26.20 -30.83 -2.80
N THR X 89 27.36 -30.45 -3.35
CA THR X 89 27.84 -29.07 -3.41
C THR X 89 27.56 -28.44 -4.78
N ALA X 90 26.73 -29.08 -5.61
CA ALA X 90 26.40 -28.61 -6.95
C ALA X 90 25.02 -29.16 -7.33
N SER X 91 24.33 -28.50 -8.28
CA SER X 91 23.05 -28.99 -8.80
C SER X 91 23.23 -30.41 -9.37
N GLN X 92 22.26 -31.27 -9.09
CA GLN X 92 22.28 -32.66 -9.54
C GLN X 92 21.27 -32.85 -10.67
N ASP X 93 21.73 -33.54 -11.72
CA ASP X 93 20.91 -33.84 -12.89
C ASP X 93 20.18 -35.17 -12.67
N ASP X 94 19.19 -35.17 -11.76
CA ASP X 94 18.36 -36.34 -11.49
C ASP X 94 16.93 -35.93 -11.12
N SER X 95 16.01 -36.90 -11.15
CA SER X 95 14.58 -36.66 -11.13
C SER X 95 13.96 -36.64 -9.72
N ASP X 96 14.70 -37.03 -8.67
CA ASP X 96 14.12 -37.19 -7.34
C ASP X 96 14.40 -35.96 -6.47
N PRO X 97 13.36 -35.25 -5.94
CA PRO X 97 13.60 -34.18 -4.97
C PRO X 97 13.90 -34.79 -3.60
N MET X 98 14.72 -34.07 -2.81
CA MET X 98 14.91 -34.41 -1.41
C MET X 98 13.59 -34.22 -0.66
N LYS X 99 13.16 -35.28 0.04
CA LYS X 99 11.96 -35.28 0.86
C LYS X 99 12.37 -35.14 2.32
N PHE X 100 11.84 -34.11 3.00
CA PHE X 100 12.13 -33.87 4.40
C PHE X 100 10.90 -34.23 5.24
N ASN X 101 11.14 -34.95 6.35
CA ASN X 101 10.15 -34.97 7.42
C ASN X 101 10.28 -33.65 8.20
N LEU X 102 9.13 -33.10 8.60
CA LEU X 102 9.09 -31.85 9.34
C LEU X 102 8.27 -32.08 10.62
N GLU X 103 8.74 -31.49 11.73
CA GLU X 103 7.98 -31.46 12.97
C GLU X 103 8.11 -30.08 13.61
N ASN X 104 6.97 -29.56 14.09
CA ASN X 104 6.93 -28.31 14.82
C ASN X 104 6.19 -28.53 16.14
N VAL X 105 6.80 -28.06 17.25
CA VAL X 105 6.27 -28.24 18.59
C VAL X 105 6.06 -26.87 19.23
N THR X 106 4.88 -26.63 19.82
CA THR X 106 4.58 -25.38 20.50
C THR X 106 3.83 -25.64 21.81
N PRO X 107 4.28 -25.08 22.97
CA PRO X 107 3.41 -24.88 24.13
C PRO X 107 2.28 -23.90 23.78
N SER X 108 1.07 -24.18 24.30
CA SER X 108 -0.01 -23.20 24.27
C SER X 108 0.29 -22.09 25.28
N ALA X 109 -0.30 -20.90 25.08
CA ALA X 109 0.14 -19.66 25.73
C ALA X 109 0.04 -19.72 27.26
N SER X 110 -0.91 -20.52 27.80
CA SER X 110 -1.09 -20.70 29.24
C SER X 110 -0.75 -22.13 29.69
N GLY X 111 -0.11 -22.92 28.81
CA GLY X 111 0.35 -24.27 29.12
C GLY X 111 -0.76 -25.32 29.22
N GLY X 112 -1.94 -25.03 28.65
CA GLY X 112 -3.05 -25.97 28.59
C GLY X 112 -2.75 -27.25 27.80
N PHE X 113 -1.90 -27.13 26.76
CA PHE X 113 -1.48 -28.25 25.92
C PHE X 113 -0.13 -27.94 25.26
N GLU X 114 0.54 -28.99 24.76
CA GLU X 114 1.67 -28.81 23.85
C GLU X 114 1.28 -29.38 22.50
N ARG X 115 1.04 -28.50 21.52
CA ARG X 115 0.64 -28.92 20.19
C ARG X 115 1.87 -29.33 19.39
N THR X 116 1.90 -30.61 18.95
CA THR X 116 2.88 -31.11 17.98
C THR X 116 2.19 -31.29 16.62
N THR X 117 2.79 -30.70 15.58
CA THR X 117 2.42 -30.95 14.19
C THR X 117 3.59 -31.63 13.47
N ALA X 118 3.31 -32.75 12.79
CA ALA X 118 4.32 -33.45 12.01
C ALA X 118 3.82 -33.72 10.59
N VAL X 119 4.70 -33.50 9.60
CA VAL X 119 4.38 -33.59 8.17
C VAL X 119 5.42 -34.48 7.48
N GLU X 120 4.95 -35.47 6.70
CA GLU X 120 5.84 -36.36 5.97
C GLU X 120 6.14 -35.82 4.58
N ASN X 121 7.37 -36.06 4.10
CA ASN X 121 7.79 -35.90 2.71
C ASN X 121 7.49 -34.51 2.17
N VAL X 122 7.86 -33.46 2.94
CA VAL X 122 7.84 -32.09 2.44
C VAL X 122 8.93 -31.97 1.36
N VAL X 123 8.55 -31.45 0.18
CA VAL X 123 9.49 -31.13 -0.88
C VAL X 123 9.36 -29.63 -1.19
N PHE X 124 10.48 -29.00 -1.57
CA PHE X 124 10.51 -27.58 -1.90
C PHE X 124 10.91 -27.43 -3.37
N PRO X 125 10.03 -26.92 -4.28
CA PRO X 125 10.39 -26.76 -5.70
C PRO X 125 11.64 -25.89 -5.94
N GLU X 126 11.83 -24.87 -5.08
CA GLU X 126 12.96 -23.96 -5.21
C GLU X 126 13.54 -23.64 -3.84
N LEU X 127 14.87 -23.48 -3.82
CA LEU X 127 15.64 -23.19 -2.63
C LEU X 127 16.33 -21.84 -2.84
N PRO X 128 16.08 -20.81 -1.98
CA PRO X 128 16.88 -19.59 -2.04
C PRO X 128 18.25 -19.86 -1.41
N LEU X 129 19.31 -19.67 -2.22
CA LEU X 129 20.66 -19.79 -1.71
C LEU X 129 21.14 -18.47 -1.15
N ASP X 130 21.00 -17.40 -1.95
CA ASP X 130 21.38 -16.05 -1.57
C ASP X 130 20.15 -15.15 -1.63
N SER X 131 20.03 -14.24 -0.66
CA SER X 131 18.85 -13.39 -0.51
C SER X 131 19.24 -12.06 0.15
N ALA X 132 20.22 -11.37 -0.46
CA ALA X 132 20.81 -10.17 0.11
C ALA X 132 19.98 -8.93 -0.27
N THR X 133 19.76 -8.05 0.72
CA THR X 133 19.20 -6.72 0.55
C THR X 133 20.05 -5.75 1.37
N TYR X 134 20.34 -4.57 0.79
CA TYR X 134 21.18 -3.56 1.42
C TYR X 134 20.67 -3.23 2.83
N GLY X 135 21.56 -3.36 3.84
CA GLY X 135 21.27 -3.03 5.23
C GLY X 135 20.35 -4.02 5.95
N GLU X 136 20.26 -5.26 5.44
CA GLU X 136 19.46 -6.31 6.06
C GLU X 136 20.27 -7.60 6.18
N TYR X 137 19.96 -8.43 7.19
CA TYR X 137 20.38 -9.82 7.19
C TYR X 137 19.64 -10.55 6.08
N GLU X 138 20.32 -11.51 5.43
CA GLU X 138 19.69 -12.34 4.41
C GLU X 138 18.50 -13.09 5.04
N GLU X 139 17.36 -13.07 4.36
CA GLU X 139 16.15 -13.75 4.81
C GLU X 139 15.59 -14.62 3.69
N TYR X 140 15.20 -15.86 4.04
CA TYR X 140 14.96 -16.93 3.08
C TYR X 140 13.51 -17.42 3.21
N SER X 141 12.81 -17.53 2.07
CA SER X 141 11.45 -18.06 2.03
C SER X 141 11.44 -19.43 1.34
N LEU X 142 10.90 -20.44 2.04
CA LEU X 142 10.61 -21.75 1.47
C LEU X 142 9.10 -21.89 1.29
N THR X 143 8.67 -22.36 0.11
CA THR X 143 7.33 -22.87 -0.13
C THR X 143 7.44 -24.31 -0.60
N GLY X 144 6.67 -25.21 0.03
CA GLY X 144 6.73 -26.63 -0.30
C GLY X 144 5.43 -27.37 -0.05
N SER X 145 5.36 -28.62 -0.52
CA SER X 145 4.21 -29.50 -0.31
C SER X 145 4.63 -30.80 0.38
N GLY X 146 4.03 -31.05 1.56
CA GLY X 146 4.12 -32.33 2.25
C GLY X 146 3.02 -33.28 1.76
N ARG X 147 3.25 -34.59 1.94
CA ARG X 147 2.31 -35.61 1.49
C ARG X 147 1.08 -35.69 2.41
N SER X 148 1.32 -35.70 3.74
CA SER X 148 0.26 -35.81 4.74
C SER X 148 0.75 -35.30 6.09
N VAL X 149 -0.21 -34.99 6.98
CA VAL X 149 0.06 -34.77 8.40
C VAL X 149 0.13 -36.15 9.06
N THR X 150 1.28 -36.48 9.69
CA THR X 150 1.46 -37.77 10.34
C THR X 150 1.01 -37.71 11.80
N ASN X 151 1.11 -36.52 12.41
CA ASN X 151 0.71 -36.33 13.79
C ASN X 151 0.19 -34.91 14.00
N LEU X 152 -0.97 -34.81 14.67
CA LEU X 152 -1.45 -33.58 15.27
C LEU X 152 -2.08 -33.90 16.62
N ALA X 153 -1.33 -33.63 17.70
CA ALA X 153 -1.70 -34.11 19.02
C ALA X 153 -1.19 -33.15 20.10
N ASP X 154 -1.85 -33.22 21.27
CA ASP X 154 -1.30 -32.69 22.51
C ASP X 154 -0.25 -33.68 23.01
N THR X 155 1.03 -33.24 23.05
CA THR X 155 2.15 -34.06 23.47
C THR X 155 2.65 -33.68 24.86
N SER X 156 1.88 -32.88 25.61
CA SER X 156 2.22 -32.51 26.99
C SER X 156 2.07 -33.72 27.93
N GLY X 157 2.74 -33.66 29.09
CA GLY X 157 2.75 -34.73 30.08
C GLY X 157 1.38 -34.99 30.69
N ALA Y 2 47.35 3.16 28.73
CA ALA Y 2 46.86 4.22 27.80
C ALA Y 2 46.66 5.53 28.56
N THR Y 3 46.40 6.62 27.81
CA THR Y 3 46.28 7.98 28.32
C THR Y 3 45.01 8.11 29.17
N SER Y 4 45.14 8.71 30.36
CA SER Y 4 44.02 8.94 31.28
C SER Y 4 42.91 9.74 30.59
N PRO Y 5 41.60 9.45 30.83
CA PRO Y 5 40.53 10.35 30.41
C PRO Y 5 40.64 11.68 31.15
N GLU Y 6 40.32 12.78 30.46
CA GLU Y 6 40.52 14.13 30.97
C GLU Y 6 39.42 15.06 30.44
N GLY Y 7 39.05 16.09 31.23
CA GLY Y 7 38.12 17.12 30.80
C GLY Y 7 38.66 17.91 29.60
N ILE Y 8 37.76 18.45 28.77
CA ILE Y 8 38.13 19.31 27.65
C ILE Y 8 37.29 20.60 27.73
N TRP Y 9 37.97 21.74 27.58
CA TRP Y 9 37.34 23.05 27.69
C TRP Y 9 37.02 23.58 26.29
N SER Y 10 35.75 23.96 26.04
CA SER Y 10 35.27 24.28 24.69
C SER Y 10 36.01 25.46 24.08
N ASN Y 11 36.38 26.47 24.91
CA ASN Y 11 37.00 27.69 24.41
C ASN Y 11 38.48 27.49 24.04
N SER Y 12 39.03 26.27 24.24
CA SER Y 12 40.41 25.95 23.88
C SER Y 12 40.54 25.43 22.45
N GLY Y 13 39.41 25.13 21.77
CA GLY Y 13 39.41 24.50 20.46
C GLY Y 13 39.76 25.46 19.33
N ALA Y 14 40.49 24.93 18.33
CA ALA Y 14 40.78 25.61 17.07
C ALA Y 14 40.22 24.80 15.90
N LEU Y 15 39.21 25.36 15.21
CA LEU Y 15 38.53 24.72 14.10
C LEU Y 15 38.99 25.35 12.79
N THR Y 16 39.33 24.50 11.80
CA THR Y 16 39.81 24.95 10.50
C THR Y 16 39.15 24.12 9.39
N PHE Y 17 38.87 24.79 8.26
CA PHE Y 17 38.40 24.15 7.05
C PHE Y 17 39.48 24.25 5.97
N GLU Y 18 39.59 23.21 5.15
CA GLU Y 18 40.53 23.19 4.02
C GLU Y 18 39.83 22.72 2.76
N ASP Y 19 40.25 23.29 1.62
CA ASP Y 19 39.81 22.84 0.30
C ASP Y 19 40.50 21.52 -0.01
N PRO Y 20 39.75 20.38 -0.18
CA PRO Y 20 40.38 19.09 -0.47
C PRO Y 20 41.12 18.97 -1.81
N ALA Y 21 40.99 19.99 -2.68
CA ALA Y 21 41.75 20.05 -3.91
C ALA Y 21 43.22 20.43 -3.66
N ASP Y 22 43.46 21.30 -2.66
CA ASP Y 22 44.73 21.99 -2.47
C ASP Y 22 45.34 21.77 -1.07
N ASP Y 23 44.49 21.39 -0.09
CA ASP Y 23 44.76 21.48 1.34
C ASP Y 23 44.95 22.94 1.81
N SER Y 24 44.56 23.93 1.00
CA SER Y 24 44.61 25.34 1.37
C SER Y 24 43.49 25.66 2.35
N GLU Y 25 43.76 26.55 3.33
CA GLU Y 25 42.77 26.94 4.33
C GLU Y 25 41.68 27.81 3.70
N ILE Y 26 40.43 27.55 4.11
CA ILE Y 26 39.29 28.42 3.85
C ILE Y 26 39.01 29.18 5.15
N LEU Y 27 38.97 30.53 5.06
CA LEU Y 27 38.88 31.37 6.24
C LEU Y 27 37.53 31.17 6.94
N PHE Y 28 37.62 30.79 8.22
CA PHE Y 28 36.48 30.54 9.08
C PHE Y 28 36.86 30.89 10.52
N ALA Y 29 35.92 31.50 11.27
CA ALA Y 29 36.22 32.05 12.59
C ALA Y 29 34.94 32.24 13.40
N GLY Y 30 35.12 32.59 14.69
CA GLY Y 30 34.04 33.05 15.55
C GLY Y 30 33.07 31.95 15.98
N VAL Y 31 33.60 30.73 16.16
CA VAL Y 31 32.83 29.55 16.55
C VAL Y 31 32.26 29.76 17.97
N ARG Y 32 31.07 29.17 18.22
CA ARG Y 32 30.40 29.20 19.52
C ARG Y 32 29.96 27.80 19.96
N ASP Y 33 29.63 26.92 18.98
CA ASP Y 33 29.43 25.50 19.25
C ASP Y 33 30.05 24.67 18.12
N VAL Y 34 30.59 23.48 18.47
CA VAL Y 34 30.97 22.44 17.51
C VAL Y 34 30.49 21.10 18.04
N THR Y 35 29.83 20.32 17.18
CA THR Y 35 29.59 18.91 17.48
C THR Y 35 30.05 18.07 16.28
N ILE Y 36 30.88 17.06 16.56
CA ILE Y 36 31.32 16.09 15.56
C ILE Y 36 30.98 14.69 16.09
N THR Y 37 30.16 13.96 15.32
CA THR Y 37 29.67 12.66 15.73
C THR Y 37 29.77 11.69 14.55
N PRO Y 38 30.77 10.78 14.50
CA PRO Y 38 30.68 9.60 13.63
C PRO Y 38 29.53 8.70 14.06
N ALA Y 39 28.74 8.28 13.06
CA ALA Y 39 27.53 7.50 13.27
C ALA Y 39 27.39 6.42 12.19
N TYR Y 40 26.97 5.23 12.63
CA TYR Y 40 26.59 4.15 11.74
C TYR Y 40 25.13 3.79 12.00
N GLU Y 41 24.44 3.30 10.95
CA GLU Y 41 23.19 2.59 11.13
C GLU Y 41 23.51 1.19 11.68
N HIS Y 42 22.73 0.75 12.70
CA HIS Y 42 22.85 -0.60 13.25
C HIS Y 42 21.64 -1.45 12.86
N ALA Y 43 21.92 -2.68 12.42
CA ALA Y 43 20.89 -3.70 12.27
C ALA Y 43 21.12 -4.82 13.28
N GLU Y 44 20.08 -5.14 14.06
CA GLU Y 44 20.09 -6.23 15.04
C GLU Y 44 19.27 -7.40 14.50
N LEU Y 45 19.81 -8.64 14.65
CA LEU Y 45 19.08 -9.84 14.22
C LEU Y 45 18.38 -10.48 15.41
N TYR Y 46 17.08 -10.74 15.25
CA TYR Y 46 16.29 -11.56 16.15
C TYR Y 46 15.49 -12.59 15.36
N THR Y 47 15.35 -13.79 15.95
CA THR Y 47 14.63 -14.91 15.36
C THR Y 47 13.85 -15.62 16.47
N ILE Y 48 13.00 -16.59 16.08
CA ILE Y 48 12.16 -17.35 17.01
C ILE Y 48 13.02 -18.16 18.00
N ASP Y 49 14.30 -18.40 17.68
CA ASP Y 49 15.21 -19.21 18.50
C ASP Y 49 15.41 -18.65 19.91
N SER Y 50 15.38 -17.31 20.07
CA SER Y 50 15.76 -16.64 21.30
C SER Y 50 15.13 -15.24 21.38
N THR Y 51 14.83 -14.78 22.61
CA THR Y 51 14.43 -13.41 22.88
C THR Y 51 15.65 -12.46 22.83
N PHE Y 52 16.85 -13.03 22.96
CA PHE Y 52 18.08 -12.23 22.94
C PHE Y 52 18.55 -12.05 21.50
N ARG Y 53 19.34 -10.98 21.29
CA ARG Y 53 19.86 -10.58 20.00
C ARG Y 53 20.86 -11.63 19.48
N ASP Y 54 20.63 -12.13 18.25
CA ASP Y 54 21.53 -13.07 17.59
C ASP Y 54 22.82 -12.39 17.14
N GLU Y 55 22.68 -11.21 16.48
CA GLU Y 55 23.78 -10.49 15.85
C GLU Y 55 23.50 -8.98 15.87
N VAL Y 56 24.56 -8.18 15.68
CA VAL Y 56 24.43 -6.75 15.36
C VAL Y 56 25.55 -6.32 14.40
N LYS Y 57 25.19 -5.48 13.40
CA LYS Y 57 26.09 -5.07 12.32
C LYS Y 57 25.95 -3.56 12.02
N ARG Y 58 27.03 -2.97 11.47
CA ARG Y 58 27.13 -1.57 11.07
C ARG Y 58 26.92 -1.42 9.56
N TYR Y 59 26.34 -0.27 9.15
CA TYR Y 59 26.30 0.19 7.76
C TYR Y 59 26.03 1.71 7.73
N GLU Y 60 26.01 2.30 6.52
CA GLU Y 60 25.77 3.73 6.28
C GLU Y 60 26.54 4.61 7.27
N HIS Y 61 27.87 4.56 7.18
CA HIS Y 61 28.72 5.44 7.95
C HIS Y 61 28.58 6.88 7.43
N ASN Y 62 28.48 7.82 8.37
CA ASN Y 62 28.68 9.24 8.09
C ASN Y 62 29.13 9.92 9.39
N VAL Y 63 29.65 11.15 9.25
CA VAL Y 63 30.00 11.97 10.40
C VAL Y 63 29.06 13.18 10.41
N ASN Y 64 28.18 13.26 11.42
CA ASN Y 64 27.41 14.48 11.64
C ASN Y 64 28.36 15.58 12.12
N VAL Y 65 28.40 16.69 11.35
CA VAL Y 65 29.09 17.90 11.74
C VAL Y 65 28.04 18.99 11.91
N GLU Y 66 27.95 19.58 13.11
CA GLU Y 66 27.11 20.75 13.30
C GLU Y 66 27.87 21.82 14.08
N ILE Y 67 27.86 23.04 13.51
CA ILE Y 67 28.69 24.15 13.97
C ILE Y 67 27.79 25.38 14.12
N THR Y 68 27.90 26.07 15.26
CA THR Y 68 27.32 27.40 15.42
C THR Y 68 28.45 28.42 15.52
N TYR Y 69 28.33 29.52 14.74
CA TYR Y 69 29.39 30.52 14.66
C TYR Y 69 28.78 31.91 14.46
N ALA Y 70 29.58 32.95 14.77
CA ALA Y 70 29.08 34.32 14.87
C ALA Y 70 29.92 35.35 14.11
N LYS Y 71 30.96 34.91 13.38
CA LYS Y 71 31.69 35.76 12.44
C LYS Y 71 31.41 35.25 11.03
N PHE Y 72 30.84 36.12 10.18
CA PHE Y 72 30.51 35.75 8.82
C PHE Y 72 31.78 35.72 7.96
N SER Y 73 31.89 34.69 7.11
CA SER Y 73 33.01 34.55 6.17
C SER Y 73 32.48 34.56 4.73
N LEU Y 74 32.91 35.55 3.95
CA LEU Y 74 32.59 35.60 2.53
C LEU Y 74 33.24 34.44 1.79
N GLU Y 75 34.49 34.11 2.15
CA GLU Y 75 35.20 33.03 1.48
C GLU Y 75 34.46 31.71 1.64
N PHE Y 76 34.06 31.37 2.87
CA PHE Y 76 33.33 30.14 3.13
C PHE Y 76 32.02 30.08 2.33
N ALA Y 77 31.25 31.19 2.35
CA ALA Y 77 29.96 31.26 1.69
C ALA Y 77 30.09 31.15 0.17
N GLN Y 78 31.12 31.81 -0.41
CA GLN Y 78 31.31 31.84 -1.85
C GLN Y 78 31.93 30.52 -2.36
N GLU Y 79 32.66 29.82 -1.49
CA GLU Y 79 33.14 28.47 -1.77
C GLU Y 79 31.96 27.49 -1.80
N TRP Y 80 31.02 27.66 -0.86
CA TRP Y 80 29.83 26.81 -0.78
C TRP Y 80 28.94 26.99 -2.02
N LEU Y 81 28.77 28.24 -2.48
CA LEU Y 81 27.98 28.54 -3.68
C LEU Y 81 28.63 27.92 -4.91
N GLY Y 82 29.98 28.00 -5.02
CA GLY Y 82 30.73 27.65 -6.21
C GLY Y 82 30.82 26.15 -6.50
N GLY Y 83 30.69 25.30 -5.47
CA GLY Y 83 30.91 23.86 -5.62
C GLY Y 83 32.41 23.51 -5.64
N PRO Y 84 32.79 22.23 -5.89
CA PRO Y 84 34.21 21.82 -5.87
C PRO Y 84 35.10 22.61 -6.82
N GLY Y 85 36.25 23.09 -6.29
CA GLY Y 85 37.32 23.72 -7.04
C GLY Y 85 36.97 25.07 -7.66
N ALA Y 86 35.89 25.73 -7.20
CA ALA Y 86 35.42 27.00 -7.75
C ALA Y 86 34.76 27.87 -6.68
N THR Y 87 34.73 29.19 -6.94
CA THR Y 87 34.14 30.21 -6.08
C THR Y 87 33.05 30.94 -6.87
N ALA Y 88 31.94 31.32 -6.21
CA ALA Y 88 30.84 31.99 -6.90
C ALA Y 88 30.14 33.04 -6.02
N THR Y 89 29.59 34.08 -6.68
CA THR Y 89 28.84 35.16 -6.04
C THR Y 89 27.32 35.00 -6.22
N ALA Y 90 26.88 33.88 -6.82
CA ALA Y 90 25.47 33.59 -7.05
C ALA Y 90 25.27 32.08 -7.01
N SER Y 91 24.02 31.64 -6.78
CA SER Y 91 23.66 30.22 -6.84
C SER Y 91 24.13 29.61 -8.16
N GLN Y 92 24.70 28.39 -8.09
CA GLN Y 92 25.14 27.68 -9.28
C GLN Y 92 24.17 26.53 -9.57
N ASP Y 93 23.79 26.41 -10.85
CA ASP Y 93 22.88 25.40 -11.33
C ASP Y 93 23.69 24.16 -11.73
N ASP Y 94 24.22 23.43 -10.72
CA ASP Y 94 24.96 22.19 -10.95
C ASP Y 94 24.83 21.24 -9.76
N SER Y 95 25.23 19.98 -9.97
CA SER Y 95 24.90 18.87 -9.07
C SER Y 95 25.96 18.59 -8.00
N ASP Y 96 27.16 19.20 -8.08
CA ASP Y 96 28.24 18.87 -7.16
C ASP Y 96 28.24 19.81 -5.95
N PRO Y 97 28.04 19.31 -4.69
CA PRO Y 97 28.17 20.15 -3.50
C PRO Y 97 29.64 20.38 -3.21
N MET Y 98 29.95 21.57 -2.66
CA MET Y 98 31.28 21.84 -2.16
C MET Y 98 31.59 20.92 -0.98
N LYS Y 99 32.69 20.16 -1.09
CA LYS Y 99 33.18 19.26 -0.05
C LYS Y 99 34.32 19.95 0.69
N PHE Y 100 34.21 20.05 2.02
CA PHE Y 100 35.24 20.67 2.84
C PHE Y 100 35.93 19.57 3.66
N ASN Y 101 37.26 19.64 3.77
CA ASN Y 101 37.95 18.96 4.86
C ASN Y 101 37.84 19.82 6.11
N LEU Y 102 37.65 19.17 7.28
CA LEU Y 102 37.49 19.86 8.54
C LEU Y 102 38.47 19.25 9.55
N GLU Y 103 39.08 20.13 10.38
CA GLU Y 103 39.90 19.67 11.49
C GLU Y 103 39.64 20.56 12.71
N ASN Y 104 39.46 19.90 13.86
CA ASN Y 104 39.34 20.56 15.15
C ASN Y 104 40.44 20.05 16.09
N VAL Y 105 41.20 20.99 16.68
CA VAL Y 105 42.32 20.66 17.57
C VAL Y 105 42.05 21.28 18.94
N THR Y 106 42.15 20.44 20.01
CA THR Y 106 41.85 20.86 21.37
C THR Y 106 42.84 20.26 22.36
N PRO Y 107 43.59 21.09 23.15
CA PRO Y 107 44.27 20.60 24.36
C PRO Y 107 43.25 20.11 25.39
N SER Y 108 43.60 19.05 26.14
CA SER Y 108 42.83 18.62 27.30
C SER Y 108 43.04 19.61 28.44
N ALA Y 109 42.11 19.63 29.41
CA ALA Y 109 42.00 20.70 30.40
C ALA Y 109 43.24 20.85 31.29
N SER Y 110 43.93 19.73 31.57
CA SER Y 110 45.16 19.71 32.35
C SER Y 110 46.40 19.44 31.49
N GLY Y 111 46.24 19.46 30.16
CA GLY Y 111 47.34 19.29 29.20
C GLY Y 111 47.88 17.86 29.10
N GLY Y 112 47.08 16.86 29.53
CA GLY Y 112 47.44 15.45 29.44
C GLY Y 112 47.56 14.93 28.00
N PHE Y 113 46.82 15.55 27.07
CA PHE Y 113 46.86 15.22 25.64
C PHE Y 113 46.36 16.41 24.81
N GLU Y 114 46.57 16.34 23.48
CA GLU Y 114 45.94 17.26 22.54
C GLU Y 114 45.16 16.45 21.52
N ARG Y 115 43.82 16.50 21.61
CA ARG Y 115 42.96 15.76 20.70
C ARG Y 115 42.83 16.51 19.37
N THR Y 116 43.24 15.85 18.28
CA THR Y 116 42.94 16.27 16.92
C THR Y 116 41.84 15.37 16.37
N THR Y 117 40.74 15.99 15.90
CA THR Y 117 39.72 15.31 15.09
C THR Y 117 39.74 15.88 13.67
N ALA Y 118 39.89 15.01 12.67
CA ALA Y 118 39.81 15.42 11.26
C ALA Y 118 38.74 14.61 10.54
N VAL Y 119 37.97 15.31 9.68
CA VAL Y 119 36.83 14.74 8.96
C VAL Y 119 36.97 15.11 7.47
N GLU Y 120 36.82 14.11 6.57
CA GLU Y 120 36.89 14.36 5.13
C GLU Y 120 35.51 14.69 4.57
N ASN Y 121 35.50 15.52 3.51
CA ASN Y 121 34.37 15.70 2.59
C ASN Y 121 33.05 16.02 3.32
N VAL Y 122 33.12 16.98 4.26
CA VAL Y 122 31.92 17.52 4.89
C VAL Y 122 31.15 18.35 3.86
N VAL Y 123 29.86 18.03 3.69
CA VAL Y 123 28.95 18.81 2.85
C VAL Y 123 27.80 19.32 3.71
N PHE Y 124 27.31 20.53 3.39
CA PHE Y 124 26.24 21.18 4.14
C PHE Y 124 25.05 21.39 3.20
N PRO Y 125 23.90 20.68 3.38
CA PRO Y 125 22.72 20.85 2.52
C PRO Y 125 22.21 22.29 2.38
N GLU Y 126 22.34 23.08 3.45
CA GLU Y 126 21.91 24.48 3.44
C GLU Y 126 22.96 25.37 4.12
N LEU Y 127 23.07 26.58 3.60
CA LEU Y 127 24.00 27.60 4.10
C LEU Y 127 23.19 28.80 4.58
N PRO Y 128 23.23 29.18 5.88
CA PRO Y 128 22.62 30.45 6.30
C PRO Y 128 23.50 31.61 5.83
N LEU Y 129 22.93 32.47 4.97
CA LEU Y 129 23.64 33.66 4.54
C LEU Y 129 23.40 34.80 5.53
N ASP Y 130 22.12 35.07 5.81
CA ASP Y 130 21.70 36.10 6.73
C ASP Y 130 20.93 35.44 7.87
N SER Y 131 21.21 35.86 9.11
CA SER Y 131 20.61 35.29 10.30
C SER Y 131 20.45 36.38 11.36
N ALA Y 132 19.70 37.42 11.02
CA ALA Y 132 19.57 38.63 11.83
C ALA Y 132 18.39 38.50 12.80
N THR Y 133 18.63 38.88 14.07
CA THR Y 133 17.61 38.99 15.10
C THR Y 133 17.84 40.32 15.84
N TYR Y 134 16.73 41.02 16.15
CA TYR Y 134 16.78 42.33 16.78
C TYR Y 134 17.62 42.31 18.07
N GLY Y 135 18.62 43.22 18.15
CA GLY Y 135 19.48 43.39 19.31
C GLY Y 135 20.50 42.26 19.51
N GLU Y 136 20.81 41.52 18.43
CA GLU Y 136 21.75 40.41 18.49
C GLU Y 136 22.75 40.49 17.33
N TYR Y 137 23.97 39.98 17.56
CA TYR Y 137 24.88 39.66 16.47
C TYR Y 137 24.29 38.50 15.67
N GLU Y 138 24.46 38.52 14.35
CA GLU Y 138 24.01 37.42 13.53
C GLU Y 138 24.75 36.14 13.96
N GLU Y 139 23.99 35.05 14.13
CA GLU Y 139 24.55 33.76 14.52
C GLU Y 139 24.05 32.68 13.55
N TYR Y 140 25.00 31.88 13.05
CA TYR Y 140 24.80 30.96 11.93
C TYR Y 140 24.97 29.52 12.41
N SER Y 141 24.00 28.65 12.07
CA SER Y 141 24.14 27.22 12.32
C SER Y 141 24.31 26.47 11.00
N LEU Y 142 25.39 25.68 10.92
CA LEU Y 142 25.62 24.73 9.85
C LEU Y 142 25.32 23.31 10.36
N THR Y 143 24.65 22.51 9.53
CA THR Y 143 24.52 21.07 9.73
C THR Y 143 24.98 20.38 8.45
N GLY Y 144 25.83 19.34 8.60
CA GLY Y 144 26.38 18.66 7.44
C GLY Y 144 26.82 17.22 7.74
N SER Y 145 27.13 16.47 6.67
CA SER Y 145 27.63 15.11 6.77
C SER Y 145 29.01 14.98 6.12
N GLY Y 146 30.02 14.60 6.94
CA GLY Y 146 31.32 14.18 6.47
C GLY Y 146 31.32 12.70 6.10
N ARG Y 147 32.26 12.29 5.23
CA ARG Y 147 32.31 10.92 4.74
C ARG Y 147 32.91 9.97 5.79
N SER Y 148 34.03 10.38 6.41
CA SER Y 148 34.72 9.58 7.40
C SER Y 148 35.59 10.46 8.31
N VAL Y 149 35.96 9.93 9.48
CA VAL Y 149 36.98 10.51 10.34
C VAL Y 149 38.34 10.03 9.80
N THR Y 150 39.14 10.97 9.29
CA THR Y 150 40.45 10.64 8.73
C THR Y 150 41.50 10.52 9.84
N ASN Y 151 41.27 11.18 10.98
CA ASN Y 151 42.21 11.18 12.08
C ASN Y 151 41.50 11.47 13.41
N LEU Y 152 41.81 10.65 14.42
CA LEU Y 152 41.52 10.94 15.82
C LEU Y 152 42.70 10.46 16.66
N ALA Y 153 43.55 11.41 17.06
CA ALA Y 153 44.80 11.08 17.74
C ALA Y 153 45.19 12.16 18.75
N ASP Y 154 46.01 11.74 19.72
CA ASP Y 154 46.75 12.66 20.57
C ASP Y 154 47.91 13.22 19.75
N THR Y 155 47.85 14.51 19.43
CA THR Y 155 48.86 15.18 18.62
C THR Y 155 49.84 16.00 19.46
N SER Y 156 49.82 15.82 20.79
CA SER Y 156 50.78 16.47 21.69
C SER Y 156 52.18 15.87 21.47
N GLY Y 157 53.22 16.60 21.90
CA GLY Y 157 54.61 16.23 21.67
C GLY Y 157 54.99 14.87 22.25
N ALA Z 2 42.35 36.97 0.90
CA ALA Z 2 40.87 36.94 1.14
C ALA Z 2 40.50 37.87 2.31
N THR Z 3 39.21 38.21 2.40
CA THR Z 3 38.67 39.07 3.45
C THR Z 3 38.52 38.28 4.75
N SER Z 4 39.01 38.85 5.87
CA SER Z 4 38.91 38.22 7.19
C SER Z 4 37.43 38.07 7.60
N PRO Z 5 37.02 36.93 8.22
CA PRO Z 5 35.66 36.82 8.78
C PRO Z 5 35.46 37.83 9.91
N GLU Z 6 34.21 38.31 10.05
CA GLU Z 6 33.91 39.40 10.97
C GLU Z 6 32.48 39.26 11.49
N GLY Z 7 32.23 39.75 12.72
CA GLY Z 7 30.89 39.80 13.28
C GLY Z 7 29.97 40.70 12.44
N ILE Z 8 28.66 40.41 12.46
CA ILE Z 8 27.67 41.27 11.82
C ILE Z 8 26.59 41.59 12.84
N TRP Z 9 26.23 42.88 12.93
CA TRP Z 9 25.26 43.36 13.91
C TRP Z 9 23.90 43.49 13.23
N SER Z 10 22.86 42.83 13.79
CA SER Z 10 21.57 42.69 13.11
C SER Z 10 20.93 44.05 12.79
N ASN Z 11 21.05 45.00 13.72
CA ASN Z 11 20.38 46.30 13.62
C ASN Z 11 21.04 47.19 12.56
N SER Z 12 22.12 46.71 11.90
CA SER Z 12 22.80 47.44 10.84
C SER Z 12 22.18 47.16 9.45
N GLY Z 13 21.31 46.14 9.35
CA GLY Z 13 20.80 45.66 8.08
C GLY Z 13 19.76 46.61 7.45
N ALA Z 14 19.87 46.76 6.12
CA ALA Z 14 18.85 47.43 5.31
C ALA Z 14 18.25 46.44 4.31
N LEU Z 15 16.97 46.11 4.50
CA LEU Z 15 16.23 45.18 3.66
C LEU Z 15 15.29 45.96 2.74
N THR Z 16 15.28 45.60 1.45
CA THR Z 16 14.41 46.22 0.45
C THR Z 16 13.78 45.14 -0.43
N PHE Z 17 12.55 45.41 -0.89
CA PHE Z 17 11.87 44.58 -1.86
C PHE Z 17 11.68 45.37 -3.16
N GLU Z 18 11.82 44.67 -4.30
CA GLU Z 18 11.57 45.28 -5.60
C GLU Z 18 10.61 44.40 -6.41
N ASP Z 19 9.81 45.06 -7.25
CA ASP Z 19 9.00 44.41 -8.27
C ASP Z 19 9.94 43.98 -9.40
N PRO Z 20 10.08 42.66 -9.71
CA PRO Z 20 10.96 42.21 -10.79
C PRO Z 20 10.58 42.66 -12.20
N ALA Z 21 9.39 43.23 -12.38
CA ALA Z 21 8.95 43.76 -13.67
C ALA Z 21 9.63 45.10 -13.98
N ASP Z 22 9.92 45.92 -12.94
CA ASP Z 22 10.31 47.31 -13.09
C ASP Z 22 11.63 47.63 -12.36
N ASP Z 23 12.03 46.77 -11.41
CA ASP Z 23 13.07 47.06 -10.40
C ASP Z 23 12.69 48.26 -9.52
N SER Z 24 11.38 48.59 -9.43
CA SER Z 24 10.88 49.63 -8.54
C SER Z 24 10.73 49.07 -7.12
N GLU Z 25 11.00 49.91 -6.11
CA GLU Z 25 10.89 49.50 -4.72
C GLU Z 25 9.42 49.31 -4.32
N ILE Z 26 9.17 48.24 -3.54
CA ILE Z 26 7.91 48.02 -2.83
C ILE Z 26 8.16 48.37 -1.37
N LEU Z 27 7.38 49.32 -0.83
CA LEU Z 27 7.68 49.89 0.48
C LEU Z 27 7.49 48.85 1.58
N PHE Z 28 8.57 48.64 2.34
CA PHE Z 28 8.62 47.67 3.44
C PHE Z 28 9.60 48.18 4.49
N ALA Z 29 9.27 47.98 5.78
CA ALA Z 29 10.01 48.61 6.86
C ALA Z 29 9.76 47.85 8.17
N GLY Z 30 10.56 48.18 9.19
CA GLY Z 30 10.30 47.78 10.58
C GLY Z 30 10.58 46.30 10.86
N VAL Z 31 11.61 45.73 10.21
CA VAL Z 31 12.00 44.35 10.45
C VAL Z 31 12.58 44.18 11.86
N ARG Z 32 12.44 42.96 12.39
CA ARG Z 32 13.00 42.57 13.68
C ARG Z 32 13.89 41.34 13.49
N ASP Z 33 13.41 40.35 12.73
CA ASP Z 33 14.21 39.18 12.34
C ASP Z 33 14.27 39.07 10.81
N VAL Z 34 15.42 38.64 10.28
CA VAL Z 34 15.59 38.35 8.85
C VAL Z 34 16.54 37.15 8.71
N THR Z 35 16.00 36.02 8.23
CA THR Z 35 16.81 34.83 7.94
C THR Z 35 16.73 34.52 6.44
N ILE Z 36 17.90 34.38 5.80
CA ILE Z 36 18.01 33.99 4.39
C ILE Z 36 18.96 32.80 4.30
N THR Z 37 18.47 31.70 3.73
CA THR Z 37 19.18 30.43 3.71
C THR Z 37 19.01 29.77 2.34
N PRO Z 38 20.01 29.87 1.40
CA PRO Z 38 20.06 28.98 0.24
C PRO Z 38 20.25 27.53 0.69
N ALA Z 39 19.49 26.63 0.03
CA ALA Z 39 19.46 25.23 0.37
C ALA Z 39 19.40 24.39 -0.91
N TYR Z 40 19.85 23.14 -0.78
CA TYR Z 40 19.67 22.11 -1.80
C TYR Z 40 19.28 20.81 -1.08
N GLU Z 41 18.50 19.97 -1.77
CA GLU Z 41 18.33 18.59 -1.33
C GLU Z 41 19.61 17.81 -1.67
N HIS Z 42 20.09 17.00 -0.72
CA HIS Z 42 21.24 16.12 -0.95
C HIS Z 42 20.79 14.67 -1.08
N ALA Z 43 21.32 13.98 -2.10
CA ALA Z 43 21.24 12.53 -2.18
C ALA Z 43 22.64 11.92 -2.02
N GLU Z 44 22.76 10.97 -1.08
CA GLU Z 44 24.01 10.26 -0.81
C GLU Z 44 23.90 8.83 -1.35
N LEU Z 45 24.94 8.36 -2.06
CA LEU Z 45 24.94 7.01 -2.62
C LEU Z 45 25.67 6.05 -1.68
N TYR Z 46 25.02 4.93 -1.37
CA TYR Z 46 25.62 3.82 -0.64
C TYR Z 46 25.27 2.49 -1.32
N THR Z 47 26.25 1.58 -1.33
CA THR Z 47 26.13 0.26 -1.96
C THR Z 47 26.81 -0.79 -1.07
N ILE Z 48 26.62 -2.07 -1.39
CA ILE Z 48 27.18 -3.19 -0.63
C ILE Z 48 28.73 -3.16 -0.61
N ASP Z 49 29.35 -2.45 -1.58
CA ASP Z 49 30.80 -2.36 -1.72
C ASP Z 49 31.48 -1.78 -0.46
N SER Z 50 30.81 -0.86 0.25
CA SER Z 50 31.43 -0.09 1.32
C SER Z 50 30.38 0.41 2.31
N THR Z 51 30.79 0.59 3.58
CA THR Z 51 30.00 1.29 4.58
C THR Z 51 30.10 2.82 4.40
N PHE Z 52 31.13 3.28 3.67
CA PHE Z 52 31.33 4.70 3.44
C PHE Z 52 30.48 5.15 2.24
N ARG Z 53 30.25 6.46 2.16
CA ARG Z 53 29.49 7.12 1.11
C ARG Z 53 30.27 7.06 -0.20
N ASP Z 54 29.63 6.58 -1.28
CA ASP Z 54 30.22 6.53 -2.62
C ASP Z 54 30.23 7.92 -3.26
N GLU Z 55 29.09 8.63 -3.17
CA GLU Z 55 28.85 9.91 -3.83
C GLU Z 55 27.89 10.77 -3.00
N VAL Z 56 27.89 12.10 -3.25
CA VAL Z 56 26.83 12.99 -2.79
C VAL Z 56 26.55 14.06 -3.86
N LYS Z 57 25.25 14.35 -4.10
CA LYS Z 57 24.80 15.24 -5.17
C LYS Z 57 23.72 16.21 -4.67
N ARG Z 58 23.71 17.42 -5.26
CA ARG Z 58 22.72 18.47 -4.99
C ARG Z 58 21.59 18.40 -6.02
N TYR Z 59 20.37 18.77 -5.59
CA TYR Z 59 19.24 19.06 -6.47
C TYR Z 59 18.25 19.97 -5.75
N GLU Z 60 17.22 20.44 -6.50
CA GLU Z 60 16.04 21.11 -5.95
C GLU Z 60 16.44 22.30 -5.09
N HIS Z 61 17.15 23.25 -5.73
CA HIS Z 61 17.62 24.45 -5.07
C HIS Z 61 16.45 25.38 -4.77
N ASN Z 62 16.47 25.98 -3.57
CA ASN Z 62 15.61 27.11 -3.22
C ASN Z 62 16.31 27.93 -2.14
N VAL Z 63 15.82 29.15 -1.93
CA VAL Z 63 16.32 30.01 -0.86
C VAL Z 63 15.18 30.21 0.13
N ASN Z 64 15.34 29.69 1.34
CA ASN Z 64 14.39 29.99 2.41
C ASN Z 64 14.58 31.43 2.85
N VAL Z 65 13.50 32.21 2.76
CA VAL Z 65 13.45 33.58 3.29
C VAL Z 65 12.38 33.60 4.39
N GLU Z 66 12.75 34.04 5.59
CA GLU Z 66 11.77 34.30 6.63
C GLU Z 66 12.09 35.61 7.34
N ILE Z 67 11.05 36.44 7.50
CA ILE Z 67 11.16 37.81 7.98
C ILE Z 67 10.10 38.03 9.05
N THR Z 68 10.52 38.59 10.19
CA THR Z 68 9.58 39.12 11.18
C THR Z 68 9.67 40.64 11.17
N TYR Z 69 8.51 41.32 11.13
CA TYR Z 69 8.46 42.77 11.00
C TYR Z 69 7.25 43.34 11.75
N ALA Z 70 7.33 44.63 12.12
CA ALA Z 70 6.38 45.23 13.06
C ALA Z 70 5.78 46.55 12.56
N LYS Z 71 6.03 46.90 11.28
CA LYS Z 71 5.34 47.98 10.59
C LYS Z 71 4.56 47.39 9.41
N PHE Z 72 3.25 47.61 9.40
CA PHE Z 72 2.40 47.09 8.33
C PHE Z 72 2.55 47.96 7.07
N SER Z 73 2.61 47.32 5.89
CA SER Z 73 2.69 48.00 4.62
C SER Z 73 1.49 47.62 3.74
N LEU Z 74 0.68 48.63 3.34
CA LEU Z 74 -0.44 48.40 2.46
C LEU Z 74 0.02 48.05 1.05
N GLU Z 75 1.13 48.67 0.61
CA GLU Z 75 1.64 48.37 -0.72
C GLU Z 75 2.09 46.92 -0.82
N PHE Z 76 2.86 46.44 0.17
CA PHE Z 76 3.34 45.07 0.16
C PHE Z 76 2.17 44.06 0.14
N ALA Z 77 1.16 44.32 0.98
CA ALA Z 77 0.00 43.44 1.11
C ALA Z 77 -0.85 43.43 -0.18
N GLN Z 78 -1.06 44.61 -0.78
CA GLN Z 78 -1.87 44.76 -1.99
C GLN Z 78 -1.13 44.23 -3.22
N GLU Z 79 0.21 44.32 -3.24
CA GLU Z 79 1.05 43.67 -4.23
C GLU Z 79 0.92 42.15 -4.14
N TRP Z 80 0.95 41.61 -2.90
CA TRP Z 80 0.81 40.17 -2.67
C TRP Z 80 -0.56 39.65 -3.13
N LEU Z 81 -1.64 40.39 -2.82
CA LEU Z 81 -3.00 40.01 -3.21
C LEU Z 81 -3.13 39.99 -4.75
N GLY Z 82 -2.59 41.02 -5.42
CA GLY Z 82 -2.82 41.28 -6.83
C GLY Z 82 -2.08 40.34 -7.78
N GLY Z 83 -0.97 39.73 -7.32
CA GLY Z 83 -0.14 38.87 -8.17
C GLY Z 83 0.83 39.68 -9.04
N PRO Z 84 1.56 39.04 -10.00
CA PRO Z 84 2.53 39.76 -10.84
C PRO Z 84 1.94 40.95 -11.60
N GLY Z 85 2.60 42.11 -11.48
CA GLY Z 85 2.34 43.29 -12.28
C GLY Z 85 1.08 44.09 -11.91
N ALA Z 86 0.35 43.70 -10.84
CA ALA Z 86 -0.86 44.41 -10.44
C ALA Z 86 -1.08 44.33 -8.92
N THR Z 87 -1.60 45.42 -8.34
CA THR Z 87 -2.08 45.44 -6.95
C THR Z 87 -3.58 45.12 -6.93
N ALA Z 88 -4.08 44.66 -5.77
CA ALA Z 88 -5.51 44.45 -5.55
C ALA Z 88 -5.89 44.71 -4.09
N THR Z 89 -7.16 45.09 -3.87
CA THR Z 89 -7.73 45.33 -2.55
C THR Z 89 -8.55 44.12 -2.06
N ALA Z 90 -8.48 42.99 -2.77
CA ALA Z 90 -9.23 41.78 -2.46
C ALA Z 90 -8.47 40.58 -3.02
N SER Z 91 -8.73 39.36 -2.48
CA SER Z 91 -8.17 38.12 -3.01
C SER Z 91 -8.45 38.01 -4.50
N GLN Z 92 -7.45 37.56 -5.25
CA GLN Z 92 -7.59 37.32 -6.68
C GLN Z 92 -7.64 35.82 -6.95
N ASP Z 93 -8.60 35.42 -7.80
CA ASP Z 93 -8.82 34.04 -8.17
C ASP Z 93 -7.96 33.71 -9.40
N ASP Z 94 -6.63 33.65 -9.22
CA ASP Z 94 -5.70 33.31 -10.29
C ASP Z 94 -4.48 32.56 -9.75
N SER Z 95 -3.73 31.93 -10.67
CA SER Z 95 -2.74 30.91 -10.35
C SER Z 95 -1.33 31.49 -10.11
N ASP Z 96 -1.08 32.76 -10.44
CA ASP Z 96 0.26 33.32 -10.36
C ASP Z 96 0.48 34.01 -9.00
N PRO Z 97 1.47 33.57 -8.17
CA PRO Z 97 1.83 34.33 -6.97
C PRO Z 97 2.67 35.55 -7.35
N MET Z 98 2.54 36.60 -6.54
CA MET Z 98 3.44 37.75 -6.66
C MET Z 98 4.87 37.30 -6.34
N LYS Z 99 5.78 37.54 -7.28
CA LYS Z 99 7.20 37.30 -7.10
C LYS Z 99 7.88 38.61 -6.75
N PHE Z 100 8.60 38.63 -5.63
CA PHE Z 100 9.36 39.79 -5.20
C PHE Z 100 10.84 39.51 -5.39
N ASN Z 101 11.59 40.52 -5.84
CA ASN Z 101 13.03 40.52 -5.62
C ASN Z 101 13.29 41.06 -4.22
N LEU Z 102 14.31 40.49 -3.55
CA LEU Z 102 14.70 40.90 -2.21
C LEU Z 102 16.20 41.19 -2.21
N GLU Z 103 16.59 42.28 -1.51
CA GLU Z 103 17.99 42.56 -1.27
C GLU Z 103 18.18 43.01 0.17
N ASN Z 104 19.23 42.49 0.82
CA ASN Z 104 19.61 42.87 2.16
C ASN Z 104 21.08 43.31 2.16
N VAL Z 105 21.33 44.52 2.68
CA VAL Z 105 22.67 45.08 2.75
C VAL Z 105 23.05 45.30 4.22
N THR Z 106 24.20 44.74 4.64
CA THR Z 106 24.70 44.88 6.00
C THR Z 106 26.19 45.20 5.99
N PRO Z 107 26.66 46.27 6.70
CA PRO Z 107 28.09 46.42 6.99
C PRO Z 107 28.49 45.42 8.06
N SER Z 108 29.73 44.93 7.99
CA SER Z 108 30.29 44.10 9.05
C SER Z 108 30.57 44.98 10.28
N ALA Z 109 30.66 44.35 11.46
CA ALA Z 109 30.64 45.04 12.76
C ALA Z 109 31.80 46.03 12.94
N SER Z 110 32.99 45.72 12.37
CA SER Z 110 34.16 46.60 12.39
C SER Z 110 34.40 47.28 11.03
N GLY Z 111 33.42 47.20 10.12
CA GLY Z 111 33.49 47.87 8.81
C GLY Z 111 34.51 47.28 7.84
N GLY Z 112 34.92 46.02 8.08
CA GLY Z 112 35.85 45.29 7.21
C GLY Z 112 35.30 45.00 5.81
N PHE Z 113 33.96 44.88 5.69
CA PHE Z 113 33.27 44.63 4.43
C PHE Z 113 31.80 45.04 4.53
N GLU Z 114 31.11 45.12 3.38
CA GLU Z 114 29.66 45.27 3.36
C GLU Z 114 29.03 44.11 2.58
N ARG Z 115 28.37 43.20 3.30
CA ARG Z 115 27.72 42.05 2.68
C ARG Z 115 26.38 42.48 2.08
N THR Z 116 26.27 42.34 0.74
CA THR Z 116 24.99 42.39 0.05
C THR Z 116 24.55 40.96 -0.28
N THR Z 117 23.34 40.59 0.16
CA THR Z 117 22.64 39.38 -0.29
C THR Z 117 21.43 39.78 -1.14
N ALA Z 118 21.30 39.19 -2.33
CA ALA Z 118 20.15 39.43 -3.20
C ALA Z 118 19.53 38.10 -3.65
N VAL Z 119 18.18 38.03 -3.64
CA VAL Z 119 17.42 36.81 -3.88
C VAL Z 119 16.32 37.13 -4.90
N GLU Z 120 16.23 36.31 -5.96
CA GLU Z 120 15.22 36.50 -7.00
C GLU Z 120 13.95 35.72 -6.67
N ASN Z 121 12.80 36.27 -7.11
CA ASN Z 121 11.52 35.58 -7.21
C ASN Z 121 11.13 34.91 -5.89
N VAL Z 122 11.24 35.66 -4.78
CA VAL Z 122 10.72 35.23 -3.49
C VAL Z 122 9.19 35.25 -3.56
N VAL Z 123 8.56 34.11 -3.23
CA VAL Z 123 7.11 34.00 -3.11
C VAL Z 123 6.79 33.59 -1.66
N PHE Z 124 5.68 34.10 -1.14
CA PHE Z 124 5.24 33.80 0.22
C PHE Z 124 3.88 33.08 0.15
N PRO Z 125 3.77 31.78 0.53
CA PRO Z 125 2.49 31.06 0.46
C PRO Z 125 1.32 31.68 1.23
N GLU Z 126 1.63 32.37 2.35
CA GLU Z 126 0.62 33.04 3.15
C GLU Z 126 1.15 34.38 3.64
N LEU Z 127 0.22 35.35 3.71
CA LEU Z 127 0.49 36.70 4.14
C LEU Z 127 -0.33 36.98 5.41
N PRO Z 128 0.30 37.31 6.58
CA PRO Z 128 -0.48 37.76 7.73
C PRO Z 128 -0.95 39.19 7.49
N LEU Z 129 -2.27 39.38 7.44
CA LEU Z 129 -2.83 40.73 7.31
C LEU Z 129 -2.95 41.39 8.68
N ASP Z 130 -3.52 40.63 9.64
CA ASP Z 130 -3.75 41.09 10.99
C ASP Z 130 -3.08 40.09 11.95
N SER Z 131 -2.42 40.62 12.99
CA SER Z 131 -1.60 39.81 13.89
C SER Z 131 -1.58 40.43 15.29
N ALA Z 132 -2.79 40.62 15.85
CA ALA Z 132 -2.99 41.39 17.07
C ALA Z 132 -2.88 40.50 18.32
N THR Z 133 -2.21 41.04 19.35
CA THR Z 133 -2.15 40.47 20.68
C THR Z 133 -2.30 41.60 21.70
N TYR Z 134 -3.13 41.40 22.73
CA TYR Z 134 -3.40 42.39 23.77
C TYR Z 134 -2.10 42.90 24.38
N GLY Z 135 -1.92 44.24 24.40
CA GLY Z 135 -0.77 44.90 24.99
C GLY Z 135 0.51 44.83 24.13
N GLU Z 136 0.36 44.49 22.83
CA GLU Z 136 1.50 44.38 21.92
C GLU Z 136 1.20 45.10 20.60
N TYR Z 137 2.27 45.58 19.95
CA TYR Z 137 2.20 45.97 18.55
C TYR Z 137 1.96 44.72 17.71
N GLU Z 138 1.23 44.88 16.61
CA GLU Z 138 1.08 43.79 15.66
C GLU Z 138 2.46 43.44 15.08
N GLU Z 139 2.79 42.14 15.12
CA GLU Z 139 4.06 41.63 14.60
C GLU Z 139 3.76 40.53 13.58
N TYR Z 140 4.39 40.65 12.40
CA TYR Z 140 4.07 39.86 11.22
C TYR Z 140 5.25 38.95 10.88
N SER Z 141 4.98 37.65 10.67
CA SER Z 141 5.97 36.70 10.21
C SER Z 141 5.65 36.25 8.79
N LEU Z 142 6.63 36.45 7.87
CA LEU Z 142 6.59 35.91 6.52
C LEU Z 142 7.53 34.72 6.43
N THR Z 143 7.06 33.65 5.75
CA THR Z 143 7.91 32.55 5.31
C THR Z 143 7.71 32.39 3.79
N GLY Z 144 8.81 32.24 3.04
CA GLY Z 144 8.74 32.14 1.59
C GLY Z 144 9.99 31.50 0.96
N SER Z 145 9.89 31.19 -0.34
CA SER Z 145 10.98 30.58 -1.10
C SER Z 145 11.36 31.44 -2.31
N GLY Z 146 12.64 31.86 -2.33
CA GLY Z 146 13.27 32.46 -3.50
C GLY Z 146 13.83 31.39 -4.43
N ARG Z 147 13.96 31.72 -5.71
CA ARG Z 147 14.40 30.77 -6.73
C ARG Z 147 15.92 30.52 -6.63
N SER Z 148 16.70 31.60 -6.46
CA SER Z 148 18.16 31.54 -6.37
C SER Z 148 18.69 32.82 -5.69
N VAL Z 149 19.95 32.75 -5.22
CA VAL Z 149 20.72 33.92 -4.79
C VAL Z 149 21.33 34.53 -6.05
N THR Z 150 20.94 35.78 -6.37
CA THR Z 150 21.46 36.45 -7.57
C THR Z 150 22.79 37.15 -7.28
N ASN Z 151 23.04 37.47 -5.99
CA ASN Z 151 24.26 38.15 -5.59
C ASN Z 151 24.56 37.86 -4.11
N LEU Z 152 25.84 37.51 -3.84
CA LEU Z 152 26.42 37.54 -2.51
C LEU Z 152 27.86 38.03 -2.64
N ALA Z 153 28.08 39.28 -2.22
CA ALA Z 153 29.33 39.98 -2.49
C ALA Z 153 29.60 41.03 -1.42
N ASP Z 154 30.89 41.38 -1.28
CA ASP Z 154 31.31 42.59 -0.61
C ASP Z 154 31.07 43.78 -1.56
N THR Z 155 30.13 44.67 -1.17
CA THR Z 155 29.76 45.82 -1.98
C THR Z 155 30.38 47.12 -1.46
N SER Z 156 31.30 47.02 -0.47
CA SER Z 156 32.06 48.17 0.01
C SER Z 156 33.05 48.64 -1.07
N GLY Z 157 33.44 49.93 -1.02
CA GLY Z 157 34.30 50.55 -2.00
C GLY Z 157 35.69 49.94 -2.03
N ALA AA 2 3.17 56.25 -2.58
CA ALA AA 2 2.51 55.19 -1.77
C ALA AA 2 2.51 55.57 -0.29
N THR AA 3 1.63 54.94 0.49
CA THR AA 3 1.48 55.20 1.93
C THR AA 3 2.66 54.56 2.68
N SER AA 4 3.35 55.34 3.53
CA SER AA 4 4.48 54.85 4.32
C SER AA 4 4.05 53.70 5.23
N PRO AA 5 4.84 52.60 5.37
CA PRO AA 5 4.58 51.58 6.39
C PRO AA 5 4.67 52.14 7.81
N GLU AA 6 3.81 51.62 8.71
CA GLU AA 6 3.65 52.19 10.03
C GLU AA 6 3.32 51.08 11.03
N GLY AA 7 3.72 51.28 12.30
CA GLY AA 7 3.34 50.38 13.39
C GLY AA 7 1.83 50.36 13.60
N ILE AA 8 1.31 49.21 14.07
CA ILE AA 8 -0.11 49.08 14.42
C ILE AA 8 -0.19 48.54 15.85
N TRP AA 9 -1.08 49.15 16.65
CA TRP AA 9 -1.25 48.83 18.05
C TRP AA 9 -2.50 47.96 18.21
N SER AA 10 -2.35 46.79 18.84
CA SER AA 10 -3.42 45.77 18.88
C SER AA 10 -4.70 46.30 19.54
N ASN AA 11 -4.55 47.07 20.62
CA ASN AA 11 -5.68 47.55 21.41
C ASN AA 11 -6.47 48.66 20.68
N SER AA 12 -6.01 49.10 19.50
CA SER AA 12 -6.73 50.07 18.67
C SER AA 12 -7.75 49.41 17.75
N GLY AA 13 -7.76 48.06 17.67
CA GLY AA 13 -8.59 47.34 16.71
C GLY AA 13 -10.06 47.20 17.15
N ALA AA 14 -10.97 47.26 16.17
CA ALA AA 14 -12.38 46.95 16.37
C ALA AA 14 -12.80 45.82 15.42
N LEU AA 15 -13.17 44.67 16.00
CA LEU AA 15 -13.59 43.48 15.26
C LEU AA 15 -15.12 43.36 15.34
N THR AA 16 -15.76 43.11 14.18
CA THR AA 16 -17.20 42.89 14.11
C THR AA 16 -17.51 41.68 13.24
N PHE AA 17 -18.61 40.99 13.60
CA PHE AA 17 -19.19 39.91 12.79
C PHE AA 17 -20.56 40.33 12.27
N GLU AA 18 -20.84 39.95 11.02
CA GLU AA 18 -22.13 40.22 10.40
C GLU AA 18 -22.68 38.94 9.76
N ASP AA 19 -24.02 38.80 9.80
CA ASP AA 19 -24.73 37.74 9.12
C ASP AA 19 -24.77 38.05 7.63
N PRO AA 20 -24.16 37.20 6.75
CA PRO AA 20 -24.17 37.45 5.30
C PRO AA 20 -25.55 37.41 4.62
N ALA AA 21 -26.58 36.96 5.35
CA ALA AA 21 -27.95 37.01 4.85
C ALA AA 21 -28.53 38.42 4.89
N ASP AA 22 -28.04 39.28 5.81
CA ASP AA 22 -28.68 40.54 6.17
C ASP AA 22 -27.71 41.73 6.24
N ASP AA 23 -26.41 41.45 6.41
CA ASP AA 23 -25.39 42.41 6.85
C ASP AA 23 -25.67 42.95 8.26
N SER AA 24 -26.55 42.29 9.04
CA SER AA 24 -26.83 42.67 10.42
C SER AA 24 -25.71 42.18 11.33
N GLU AA 25 -25.37 42.99 12.35
CA GLU AA 25 -24.30 42.66 13.28
C GLU AA 25 -24.70 41.50 14.20
N ILE AA 26 -23.74 40.60 14.47
CA ILE AA 26 -23.84 39.59 15.51
C ILE AA 26 -22.96 40.05 16.67
N LEU AA 27 -23.55 40.20 17.86
CA LEU AA 27 -22.88 40.81 19.00
C LEU AA 27 -21.68 39.96 19.41
N PHE AA 28 -20.50 40.59 19.39
CA PHE AA 28 -19.23 39.97 19.72
C PHE AA 28 -18.30 41.05 20.27
N ALA AA 29 -17.57 40.73 21.35
CA ALA AA 29 -16.80 41.72 22.08
C ALA AA 29 -15.70 41.03 22.90
N GLY AA 30 -14.78 41.85 23.44
CA GLY AA 30 -13.80 41.40 24.42
C GLY AA 30 -12.68 40.54 23.82
N VAL AA 31 -12.25 40.85 22.59
CA VAL AA 31 -11.12 40.17 21.97
C VAL AA 31 -9.83 40.48 22.72
N ARG AA 32 -8.87 39.55 22.63
CA ARG AA 32 -7.55 39.69 23.22
C ARG AA 32 -6.46 39.40 22.19
N ASP AA 33 -6.66 38.36 21.36
CA ASP AA 33 -5.82 38.11 20.19
C ASP AA 33 -6.69 38.01 18.93
N VAL AA 34 -6.19 38.52 17.79
CA VAL AA 34 -6.86 38.39 16.50
C VAL AA 34 -5.81 38.22 15.41
N THR AA 35 -5.79 37.06 14.75
CA THR AA 35 -4.91 36.81 13.61
C THR AA 35 -5.76 36.53 12.37
N ILE AA 36 -5.45 37.24 11.26
CA ILE AA 36 -6.08 37.01 9.97
C ILE AA 36 -4.96 36.79 8.94
N THR AA 37 -5.02 35.65 8.23
CA THR AA 37 -3.96 35.24 7.32
C THR AA 37 -4.55 34.63 6.05
N PRO AA 38 -4.65 35.38 4.92
CA PRO AA 38 -4.88 34.75 3.61
C PRO AA 38 -3.69 33.87 3.22
N ALA AA 39 -4.04 32.67 2.72
CA ALA AA 39 -3.08 31.64 2.39
C ALA AA 39 -3.46 30.97 1.08
N TYR AA 40 -2.44 30.44 0.37
CA TYR AA 40 -2.62 29.55 -0.76
C TYR AA 40 -1.68 28.36 -0.60
N GLU AA 41 -2.09 27.21 -1.14
CA GLU AA 41 -1.14 26.13 -1.39
C GLU AA 41 -0.28 26.52 -2.60
N HIS AA 42 1.04 26.31 -2.50
CA HIS AA 42 1.96 26.51 -3.61
C HIS AA 42 2.43 25.17 -4.15
N ALA AA 43 2.47 25.06 -5.49
CA ALA AA 43 3.18 23.98 -6.17
C ALA AA 43 4.37 24.54 -6.94
N GLU AA 44 5.56 23.96 -6.71
CA GLU AA 44 6.80 24.33 -7.39
C GLU AA 44 7.17 23.23 -8.40
N LEU AA 45 7.51 23.63 -9.64
CA LEU AA 45 7.91 22.67 -10.68
C LEU AA 45 9.45 22.57 -10.72
N TYR AA 46 9.93 21.32 -10.64
CA TYR AA 46 11.33 20.98 -10.87
C TYR AA 46 11.42 19.80 -11.84
N THR AA 47 12.44 19.84 -12.70
CA THR AA 47 12.70 18.81 -13.70
C THR AA 47 14.21 18.55 -13.77
N ILE AA 48 14.62 17.52 -14.53
CA ILE AA 48 16.03 17.19 -14.73
C ILE AA 48 16.80 18.31 -15.45
N ASP AA 49 16.10 19.25 -16.13
CA ASP AA 49 16.72 20.32 -16.90
C ASP AA 49 17.62 21.23 -16.04
N SER AA 50 17.20 21.49 -14.79
CA SER AA 50 17.84 22.47 -13.92
C SER AA 50 17.62 22.11 -12.45
N THR AA 51 18.58 22.47 -11.60
CA THR AA 51 18.42 22.41 -10.15
C THR AA 51 17.55 23.55 -9.63
N PHE AA 52 17.33 24.59 -10.44
CA PHE AA 52 16.50 25.73 -10.06
C PHE AA 52 15.03 25.46 -10.43
N ARG AA 53 14.13 26.13 -9.71
CA ARG AA 53 12.69 26.06 -9.88
C ARG AA 53 12.28 26.55 -11.28
N ASP AA 54 11.53 25.72 -12.02
CA ASP AA 54 10.98 26.07 -13.33
C ASP AA 54 9.80 27.04 -13.20
N GLU AA 55 8.87 26.72 -12.29
CA GLU AA 55 7.62 27.45 -12.12
C GLU AA 55 7.16 27.39 -10.65
N VAL AA 56 6.29 28.34 -10.26
CA VAL AA 56 5.53 28.25 -9.02
C VAL AA 56 4.12 28.81 -9.22
N LYS AA 57 3.11 28.11 -8.66
CA LYS AA 57 1.69 28.40 -8.87
C LYS AA 57 0.92 28.33 -7.55
N ARG AA 58 -0.16 29.14 -7.45
CA ARG AA 58 -1.07 29.18 -6.32
C ARG AA 58 -2.30 28.30 -6.61
N TYR AA 59 -2.87 27.71 -5.55
CA TYR AA 59 -4.19 27.10 -5.57
C TYR AA 59 -4.75 27.04 -4.14
N GLU AA 60 -6.03 26.64 -4.02
CA GLU AA 60 -6.66 26.28 -2.75
C GLU AA 60 -6.55 27.43 -1.74
N HIS AA 61 -7.11 28.59 -2.13
CA HIS AA 61 -7.11 29.77 -1.30
C HIS AA 61 -8.05 29.58 -0.11
N ASN AA 62 -7.60 30.05 1.07
CA ASN AA 62 -8.46 30.26 2.21
C ASN AA 62 -7.85 31.34 3.10
N VAL AA 63 -8.66 31.88 4.01
CA VAL AA 63 -8.18 32.84 4.99
C VAL AA 63 -8.27 32.16 6.37
N ASN AA 64 -7.11 31.91 6.99
CA ASN AA 64 -7.10 31.51 8.38
C ASN AA 64 -7.53 32.70 9.24
N VAL AA 65 -8.60 32.49 10.02
CA VAL AA 65 -9.01 33.42 11.06
C VAL AA 65 -8.86 32.69 12.39
N GLU AA 66 -8.12 33.32 13.32
CA GLU AA 66 -8.07 32.81 14.68
C GLU AA 66 -8.15 33.96 15.68
N ILE AA 67 -9.05 33.81 16.66
CA ILE AA 67 -9.44 34.85 17.59
C ILE AA 67 -9.40 34.26 19.01
N THR AA 68 -8.77 34.99 19.94
CA THR AA 68 -8.92 34.69 21.36
C THR AA 68 -9.70 35.84 22.01
N TYR AA 69 -10.74 35.50 22.80
CA TYR AA 69 -11.65 36.49 23.36
C TYR AA 69 -12.14 36.05 24.74
N ALA AA 70 -12.61 37.02 25.54
CA ALA AA 70 -12.87 36.81 26.96
C ALA AA 70 -14.27 37.27 27.43
N LYS AA 71 -15.10 37.80 26.51
CA LYS AA 71 -16.51 38.05 26.79
C LYS AA 71 -17.37 37.07 25.99
N PHE AA 72 -18.20 36.31 26.70
CA PHE AA 72 -19.05 35.31 26.06
C PHE AA 72 -20.28 35.99 25.44
N SER AA 73 -20.66 35.54 24.24
CA SER AA 73 -21.83 36.03 23.54
C SER AA 73 -22.80 34.87 23.27
N LEU AA 74 -24.03 34.97 23.81
CA LEU AA 74 -25.06 34.00 23.50
C LEU AA 74 -25.48 34.09 22.03
N GLU AA 75 -25.56 35.31 21.49
CA GLU AA 75 -25.96 35.49 20.09
C GLU AA 75 -24.98 34.76 19.16
N PHE AA 76 -23.67 35.00 19.35
CA PHE AA 76 -22.66 34.35 18.51
C PHE AA 76 -22.76 32.83 18.59
N ALA AA 77 -22.88 32.29 19.83
CA ALA AA 77 -22.92 30.85 20.06
C ALA AA 77 -24.18 30.21 19.46
N GLN AA 78 -25.35 30.87 19.62
CA GLN AA 78 -26.61 30.34 19.14
C GLN AA 78 -26.75 30.46 17.63
N GLU AA 79 -26.11 31.49 17.04
CA GLU AA 79 -25.97 31.63 15.60
C GLU AA 79 -25.13 30.47 15.04
N TRP AA 80 -24.01 30.15 15.72
CA TRP AA 80 -23.13 29.06 15.31
C TRP AA 80 -23.87 27.71 15.36
N LEU AA 81 -24.67 27.49 16.41
CA LEU AA 81 -25.44 26.25 16.55
C LEU AA 81 -26.47 26.12 15.44
N GLY AA 82 -27.13 27.23 15.10
CA GLY AA 82 -28.31 27.23 14.23
C GLY AA 82 -28.01 27.02 12.74
N GLY AA 83 -26.77 27.32 12.32
CA GLY AA 83 -26.42 27.31 10.90
C GLY AA 83 -26.97 28.53 10.16
N PRO AA 84 -26.83 28.61 8.81
CA PRO AA 84 -27.26 29.78 8.04
C PRO AA 84 -28.74 30.15 8.24
N GLY AA 85 -28.98 31.45 8.51
CA GLY AA 85 -30.30 32.05 8.59
C GLY AA 85 -31.15 31.60 9.78
N ALA AA 86 -30.55 30.95 10.79
CA ALA AA 86 -31.27 30.41 11.94
C ALA AA 86 -30.44 30.50 13.21
N THR AA 87 -31.14 30.61 14.36
CA THR AA 87 -30.56 30.62 15.70
C THR AA 87 -31.11 29.42 16.47
N ALA AA 88 -30.26 28.73 17.24
CA ALA AA 88 -30.66 27.53 17.96
C ALA AA 88 -30.06 27.46 19.37
N THR AA 89 -30.79 26.81 20.29
CA THR AA 89 -30.38 26.60 21.67
C THR AA 89 -29.83 25.19 21.90
N ALA AA 90 -29.66 24.41 20.83
CA ALA AA 90 -29.18 23.03 20.90
C ALA AA 90 -28.45 22.68 19.60
N SER AA 91 -27.62 21.62 19.62
CA SER AA 91 -26.99 21.09 18.41
C SER AA 91 -28.05 20.83 17.34
N GLN AA 92 -27.73 21.18 16.09
CA GLN AA 92 -28.60 20.92 14.96
C GLN AA 92 -28.01 19.79 14.11
N ASP AA 93 -28.87 18.84 13.75
CA ASP AA 93 -28.49 17.69 12.93
C ASP AA 93 -28.63 18.05 11.46
N ASP AA 94 -27.73 18.92 10.95
CA ASP AA 94 -27.70 19.30 9.54
C ASP AA 94 -26.29 19.71 9.10
N SER AA 95 -26.11 19.79 7.77
CA SER AA 95 -24.79 19.81 7.13
C SER AA 95 -24.25 21.22 6.82
N ASP AA 96 -25.07 22.28 7.00
CA ASP AA 96 -24.65 23.64 6.67
C ASP AA 96 -24.01 24.30 7.89
N PRO AA 97 -22.70 24.68 7.87
CA PRO AA 97 -22.13 25.48 8.95
C PRO AA 97 -22.58 26.93 8.83
N MET AA 98 -22.70 27.61 9.96
CA MET AA 98 -22.95 29.04 9.97
C MET AA 98 -21.74 29.76 9.34
N LYS AA 99 -22.03 30.60 8.33
CA LYS AA 99 -21.03 31.43 7.66
C LYS AA 99 -21.16 32.86 8.19
N PHE AA 100 -20.04 33.41 8.67
CA PHE AA 100 -19.99 34.77 9.19
C PHE AA 100 -19.18 35.63 8.22
N ASN AA 101 -19.64 36.87 8.00
CA ASN AA 101 -18.75 37.91 7.50
C ASN AA 101 -18.00 38.51 8.70
N LEU AA 102 -16.73 38.83 8.49
CA LEU AA 102 -15.87 39.39 9.52
C LEU AA 102 -15.25 40.68 8.97
N GLU AA 103 -15.17 41.71 9.82
CA GLU AA 103 -14.42 42.91 9.50
C GLU AA 103 -13.63 43.38 10.73
N ASN AA 104 -12.36 43.71 10.51
CA ASN AA 104 -11.50 44.28 11.54
C ASN AA 104 -10.96 45.62 11.05
N VAL AA 105 -11.13 46.68 11.87
CA VAL AA 105 -10.69 48.03 11.53
C VAL AA 105 -9.65 48.48 12.56
N THR AA 106 -8.51 49.00 12.06
CA THR AA 106 -7.42 49.46 12.92
C THR AA 106 -6.82 50.77 12.38
N PRO AA 107 -6.79 51.87 13.19
CA PRO AA 107 -5.88 52.99 12.92
C PRO AA 107 -4.42 52.52 13.01
N SER AA 108 -3.55 53.08 12.16
CA SER AA 108 -2.11 52.92 12.33
C SER AA 108 -1.66 53.76 13.53
N ALA AA 109 -0.49 53.45 14.10
CA ALA AA 109 -0.08 53.96 15.40
C ALA AA 109 0.09 55.48 15.43
N SER AA 110 0.50 56.09 14.30
CA SER AA 110 0.63 57.54 14.17
C SER AA 110 -0.47 58.16 13.29
N GLY AA 111 -1.51 57.37 12.96
CA GLY AA 111 -2.67 57.85 12.22
C GLY AA 111 -2.41 58.10 10.72
N GLY AA 112 -1.32 57.52 10.18
CA GLY AA 112 -0.98 57.62 8.76
C GLY AA 112 -2.01 56.97 7.83
N PHE AA 113 -2.71 55.93 8.32
CA PHE AA 113 -3.75 55.22 7.59
C PHE AA 113 -4.70 54.50 8.57
N GLU AA 114 -5.82 54.01 8.04
CA GLU AA 114 -6.73 53.14 8.80
C GLU AA 114 -6.95 51.87 7.99
N ARG AA 115 -6.27 50.78 8.38
CA ARG AA 115 -6.40 49.50 7.70
C ARG AA 115 -7.73 48.84 8.08
N THR AA 116 -8.57 48.59 7.07
CA THR AA 116 -9.75 47.73 7.18
C THR AA 116 -9.45 46.40 6.48
N THR AA 117 -9.61 45.29 7.22
CA THR AA 117 -9.59 43.94 6.65
C THR AA 117 -11.00 43.36 6.75
N ALA AA 118 -11.53 42.89 5.61
CA ALA AA 118 -12.82 42.19 5.57
C ALA AA 118 -12.66 40.80 4.95
N VAL AA 119 -13.34 39.81 5.55
CA VAL AA 119 -13.26 38.41 5.15
C VAL AA 119 -14.69 37.87 5.01
N GLU AA 120 -14.96 37.19 3.87
CA GLU AA 120 -16.28 36.60 3.63
C GLU AA 120 -16.31 35.15 4.15
N ASN AA 121 -17.51 34.70 4.58
CA ASN AA 121 -17.85 33.30 4.81
C ASN AA 121 -16.83 32.58 5.67
N VAL AA 122 -16.51 33.18 6.84
CA VAL AA 122 -15.71 32.53 7.87
C VAL AA 122 -16.59 31.45 8.52
N VAL AA 123 -16.06 30.21 8.58
CA VAL AA 123 -16.69 29.11 9.29
C VAL AA 123 -15.71 28.58 10.35
N PHE AA 124 -16.26 28.15 11.49
CA PHE AA 124 -15.46 27.64 12.61
C PHE AA 124 -15.83 26.18 12.86
N PRO AA 125 -14.91 25.20 12.63
CA PRO AA 125 -15.21 23.77 12.88
C PRO AA 125 -15.68 23.44 14.29
N GLU AA 126 -15.16 24.17 15.30
CA GLU AA 126 -15.51 23.94 16.70
C GLU AA 126 -15.71 25.27 17.42
N LEU AA 127 -16.65 25.26 18.37
CA LEU AA 127 -17.01 26.42 19.18
C LEU AA 127 -16.80 26.08 20.65
N PRO AA 128 -15.93 26.78 21.40
CA PRO AA 128 -15.88 26.60 22.86
C PRO AA 128 -17.07 27.29 23.52
N LEU AA 129 -17.81 26.53 24.33
CA LEU AA 129 -18.96 27.07 25.07
C LEU AA 129 -18.57 27.41 26.50
N ASP AA 130 -17.86 26.46 27.15
CA ASP AA 130 -17.32 26.64 28.48
C ASP AA 130 -15.80 26.46 28.41
N SER AA 131 -15.05 27.37 29.03
CA SER AA 131 -13.59 27.37 28.97
C SER AA 131 -13.03 27.86 30.30
N ALA AA 132 -13.41 27.15 31.37
CA ALA AA 132 -13.19 27.57 32.74
C ALA AA 132 -11.87 27.00 33.28
N THR AA 133 -11.08 27.87 33.93
CA THR AA 133 -9.87 27.51 34.66
C THR AA 133 -9.89 28.26 36.00
N TYR AA 134 -9.61 27.53 37.09
CA TYR AA 134 -9.63 28.07 38.45
C TYR AA 134 -8.77 29.35 38.54
N GLY AA 135 -9.35 30.42 39.11
CA GLY AA 135 -8.67 31.69 39.32
C GLY AA 135 -8.55 32.55 38.06
N GLU AA 136 -9.31 32.22 36.99
CA GLU AA 136 -9.24 32.95 35.73
C GLU AA 136 -10.65 33.21 35.17
N TYR AA 137 -10.77 34.29 34.39
CA TYR AA 137 -11.92 34.48 33.51
C TYR AA 137 -11.88 33.42 32.42
N GLU AA 138 -13.06 32.97 32.00
CA GLU AA 138 -13.16 32.08 30.84
C GLU AA 138 -12.56 32.80 29.62
N GLU AA 139 -11.70 32.10 28.88
CA GLU AA 139 -11.10 32.64 27.67
C GLU AA 139 -11.27 31.61 26.54
N TYR AA 140 -11.66 32.11 25.35
CA TYR AA 140 -12.15 31.29 24.26
C TYR AA 140 -11.27 31.48 23.03
N SER AA 141 -10.85 30.37 22.42
CA SER AA 141 -10.14 30.42 21.14
C SER AA 141 -11.03 29.88 20.02
N LEU AA 142 -11.20 30.69 18.97
CA LEU AA 142 -11.81 30.29 17.72
C LEU AA 142 -10.72 30.14 16.66
N THR AA 143 -10.82 29.06 15.87
CA THR AA 143 -10.05 28.89 14.64
C THR AA 143 -11.04 28.56 13.52
N GLY AA 144 -10.91 29.27 12.38
CA GLY AA 144 -11.82 29.07 11.26
C GLY AA 144 -11.17 29.44 9.92
N SER AA 145 -11.86 29.10 8.83
CA SER AA 145 -11.43 29.42 7.47
C SER AA 145 -12.47 30.30 6.76
N GLY AA 146 -12.04 31.51 6.36
CA GLY AA 146 -12.82 32.36 5.46
C GLY AA 146 -12.56 31.99 4.00
N ARG AA 147 -13.50 32.34 3.11
CA ARG AA 147 -13.41 32.00 1.70
C ARG AA 147 -12.39 32.90 0.99
N SER AA 148 -12.45 34.21 1.24
CA SER AA 148 -11.55 35.19 0.62
C SER AA 148 -11.51 36.49 1.44
N VAL AA 149 -10.46 37.30 1.21
CA VAL AA 149 -10.41 38.68 1.67
C VAL AA 149 -11.20 39.53 0.66
N THR AA 150 -12.29 40.17 1.12
CA THR AA 150 -13.13 40.97 0.24
C THR AA 150 -12.67 42.42 0.20
N ASN AA 151 -11.98 42.86 1.25
CA ASN AA 151 -11.48 44.23 1.34
C ASN AA 151 -10.20 44.27 2.18
N LEU AA 152 -9.14 44.86 1.60
CA LEU AA 152 -7.99 45.35 2.33
C LEU AA 152 -7.60 46.72 1.78
N ALA AA 153 -7.97 47.77 2.52
CA ALA AA 153 -7.76 49.14 2.07
C ALA AA 153 -7.53 50.08 3.26
N ASP AA 154 -6.93 51.22 2.95
CA ASP AA 154 -6.93 52.37 3.84
C ASP AA 154 -8.32 53.02 3.75
N THR AA 155 -9.07 52.97 4.86
CA THR AA 155 -10.42 53.53 4.91
C THR AA 155 -10.45 54.89 5.62
N SER AA 156 -9.28 55.47 5.92
CA SER AA 156 -9.20 56.84 6.44
C SER AA 156 -9.68 57.84 5.38
N GLY AA 157 -10.15 59.01 5.83
CA GLY AA 157 -10.78 60.02 4.98
C GLY AA 157 -9.84 60.54 3.91
N ALA BA 2 -30.56 42.00 21.39
CA ALA BA 2 -30.01 40.76 22.01
C ALA BA 2 -29.22 41.10 23.27
N THR BA 3 -28.82 40.07 24.03
CA THR BA 3 -28.07 40.20 25.28
C THR BA 3 -26.63 40.63 24.97
N SER BA 4 -26.14 41.67 25.68
CA SER BA 4 -24.77 42.15 25.53
C SER BA 4 -23.76 41.05 25.87
N PRO BA 5 -22.64 40.89 25.11
CA PRO BA 5 -21.56 39.98 25.53
C PRO BA 5 -20.96 40.43 26.86
N GLU BA 6 -20.55 39.45 27.69
CA GLU BA 6 -20.09 39.73 29.05
C GLU BA 6 -19.00 38.75 29.47
N GLY BA 7 -18.07 39.21 30.31
CA GLY BA 7 -17.07 38.36 30.94
C GLY BA 7 -17.70 37.28 31.82
N ILE BA 8 -17.00 36.14 31.99
CA ILE BA 8 -17.48 35.04 32.82
C ILE BA 8 -16.33 34.59 33.72
N TRP BA 9 -16.62 34.44 35.02
CA TRP BA 9 -15.62 34.10 36.03
C TRP BA 9 -15.70 32.60 36.33
N SER BA 10 -14.57 31.89 36.20
CA SER BA 10 -14.56 30.42 36.24
C SER BA 10 -15.09 29.86 37.56
N ASN BA 11 -14.78 30.55 38.68
CA ASN BA 11 -15.10 30.06 40.01
C ASN BA 11 -16.60 30.21 40.33
N SER BA 12 -17.39 30.80 39.42
CA SER BA 12 -18.84 30.96 39.60
C SER BA 12 -19.64 29.76 39.09
N GLY BA 13 -19.00 28.87 38.31
CA GLY BA 13 -19.70 27.79 37.63
C GLY BA 13 -20.04 26.62 38.56
N ALA BA 14 -21.24 26.04 38.36
CA ALA BA 14 -21.67 24.82 39.03
C ALA BA 14 -21.84 23.69 38.01
N LEU BA 15 -21.03 22.63 38.14
CA LEU BA 15 -21.04 21.48 37.25
C LEU BA 15 -21.74 20.30 37.93
N THR BA 16 -22.67 19.67 37.22
CA THR BA 16 -23.42 18.52 37.73
C THR BA 16 -23.47 17.40 36.66
N PHE BA 17 -23.41 16.16 37.14
CA PHE BA 17 -23.63 14.97 36.33
C PHE BA 17 -24.93 14.30 36.75
N GLU BA 18 -25.70 13.81 35.76
CA GLU BA 18 -26.92 13.05 36.01
C GLU BA 18 -26.89 11.73 35.24
N ASP BA 19 -27.50 10.69 35.84
CA ASP BA 19 -27.73 9.42 35.18
C ASP BA 19 -28.86 9.60 34.17
N PRO BA 20 -28.63 9.40 32.83
CA PRO BA 20 -29.70 9.57 31.84
C PRO BA 20 -30.89 8.61 31.95
N ALA BA 21 -30.76 7.55 32.77
CA ALA BA 21 -31.87 6.63 33.01
C ALA BA 21 -32.94 7.25 33.93
N ASP BA 22 -32.51 8.10 34.88
CA ASP BA 22 -33.33 8.52 36.01
C ASP BA 22 -33.42 10.05 36.15
N ASP BA 23 -32.46 10.78 35.54
CA ASP BA 23 -32.17 12.18 35.81
C ASP BA 23 -31.71 12.42 37.26
N SER BA 24 -31.32 11.36 37.98
CA SER BA 24 -30.78 11.48 39.33
C SER BA 24 -29.33 11.97 39.27
N GLU BA 25 -28.93 12.81 40.24
CA GLU BA 25 -27.57 13.34 40.30
C GLU BA 25 -26.59 12.24 40.70
N ILE BA 26 -25.42 12.24 40.03
CA ILE BA 26 -24.25 11.47 40.40
C ILE BA 26 -23.28 12.43 41.10
N LEU BA 27 -22.87 12.09 42.33
CA LEU BA 27 -22.09 13.01 43.16
C LEU BA 27 -20.72 13.29 42.52
N PHE BA 28 -20.48 14.58 42.25
CA PHE BA 28 -19.24 15.05 41.66
C PHE BA 28 -18.96 16.47 42.17
N ALA BA 29 -17.69 16.77 42.46
CA ALA BA 29 -17.32 18.02 43.14
C ALA BA 29 -15.83 18.33 42.92
N GLY BA 30 -15.41 19.52 43.38
CA GLY BA 30 -14.00 19.89 43.49
C GLY BA 30 -13.33 20.19 42.15
N VAL BA 31 -14.09 20.74 41.20
CA VAL BA 31 -13.65 21.08 39.85
C VAL BA 31 -12.58 22.18 39.92
N ARG BA 32 -11.64 22.14 38.95
CA ARG BA 32 -10.60 23.17 38.79
C ARG BA 32 -10.52 23.67 37.35
N ASP BA 33 -10.84 22.80 36.37
CA ASP BA 33 -10.99 23.21 34.98
C ASP BA 33 -12.20 22.52 34.36
N VAL BA 34 -12.92 23.23 33.46
CA VAL BA 34 -13.94 22.66 32.59
C VAL BA 34 -13.78 23.27 31.19
N THR BA 35 -13.63 22.41 30.18
CA THR BA 35 -13.78 22.83 28.80
C THR BA 35 -14.90 22.02 28.14
N ILE BA 36 -15.89 22.72 27.57
CA ILE BA 36 -16.93 22.12 26.75
C ILE BA 36 -16.87 22.77 25.36
N THR BA 37 -16.69 21.92 24.34
CA THR BA 37 -16.52 22.38 22.97
C THR BA 37 -17.33 21.47 22.04
N PRO BA 38 -18.53 21.90 21.56
CA PRO BA 38 -19.15 21.29 20.38
C PRO BA 38 -18.28 21.49 19.14
N ALA BA 39 -18.17 20.42 18.36
CA ALA BA 39 -17.31 20.36 17.19
C ALA BA 39 -17.97 19.58 16.07
N TYR BA 40 -17.63 19.95 14.83
CA TYR BA 40 -17.98 19.18 13.65
C TYR BA 40 -16.74 19.05 12.77
N GLU BA 41 -16.62 17.92 12.07
CA GLU BA 41 -15.68 17.82 10.96
C GLU BA 41 -16.21 18.66 9.78
N HIS BA 42 -15.32 19.43 9.16
CA HIS BA 42 -15.66 20.21 7.97
C HIS BA 42 -15.01 19.61 6.72
N ALA BA 43 -15.81 19.47 5.65
CA ALA BA 43 -15.26 19.20 4.33
C ALA BA 43 -15.46 20.42 3.42
N GLU BA 44 -14.36 20.90 2.83
CA GLU BA 44 -14.35 22.01 1.87
C GLU BA 44 -14.21 21.45 0.45
N LEU BA 45 -15.01 21.97 -0.50
CA LEU BA 45 -14.92 21.57 -1.89
C LEU BA 45 -14.09 22.58 -2.68
N TYR BA 46 -13.09 22.05 -3.41
CA TYR BA 46 -12.33 22.79 -4.41
C TYR BA 46 -12.28 21.99 -5.71
N THR BA 47 -12.31 22.70 -6.84
CA THR BA 47 -12.24 22.14 -8.18
C THR BA 47 -11.38 23.05 -9.06
N ILE BA 48 -11.07 22.60 -10.29
CA ILE BA 48 -10.22 23.32 -11.23
C ILE BA 48 -10.84 24.67 -11.64
N ASP BA 49 -12.16 24.83 -11.47
CA ASP BA 49 -12.90 26.02 -11.89
C ASP BA 49 -12.40 27.31 -11.21
N SER BA 50 -11.96 27.21 -9.95
CA SER BA 50 -11.64 28.35 -9.11
C SER BA 50 -10.65 27.94 -8.02
N THR BA 51 -9.76 28.88 -7.64
CA THR BA 51 -8.88 28.73 -6.48
C THR BA 51 -9.64 28.95 -5.17
N PHE BA 52 -10.84 29.56 -5.25
CA PHE BA 52 -11.66 29.79 -4.07
C PHE BA 52 -12.52 28.57 -3.78
N ARG BA 53 -12.94 28.44 -2.52
CA ARG BA 53 -13.74 27.33 -2.01
C ARG BA 53 -15.13 27.36 -2.65
N ASP BA 54 -15.55 26.24 -3.25
CA ASP BA 54 -16.87 26.07 -3.83
C ASP BA 54 -17.94 25.93 -2.74
N GLU BA 55 -17.68 25.06 -1.75
CA GLU BA 55 -18.64 24.68 -0.70
C GLU BA 55 -17.91 24.36 0.60
N VAL BA 56 -18.65 24.42 1.72
CA VAL BA 56 -18.20 23.82 2.98
C VAL BA 56 -19.40 23.21 3.73
N LYS BA 57 -19.20 21.99 4.26
CA LYS BA 57 -20.24 21.20 4.92
C LYS BA 57 -19.73 20.62 6.24
N ARG BA 58 -20.63 20.54 7.23
CA ARG BA 58 -20.41 19.88 8.52
C ARG BA 58 -20.74 18.39 8.38
N TYR BA 59 -20.08 17.54 9.18
CA TYR BA 59 -20.58 16.18 9.41
C TYR BA 59 -20.45 15.72 10.87
N GLU BA 60 -19.32 15.08 11.21
CA GLU BA 60 -19.23 14.16 12.33
C GLU BA 60 -19.27 14.93 13.66
N HIS BA 61 -20.48 15.10 14.21
CA HIS BA 61 -20.69 15.96 15.37
C HIS BA 61 -20.35 15.21 16.67
N ASN BA 62 -19.66 15.92 17.57
CA ASN BA 62 -19.48 15.50 18.94
C ASN BA 62 -19.22 16.74 19.80
N VAL BA 63 -19.33 16.57 21.12
CA VAL BA 63 -18.96 17.62 22.06
C VAL BA 63 -17.75 17.12 22.86
N ASN BA 64 -16.60 17.79 22.70
CA ASN BA 64 -15.46 17.53 23.56
C ASN BA 64 -15.77 18.06 24.96
N VAL BA 65 -15.70 17.17 25.95
CA VAL BA 65 -15.76 17.54 27.36
C VAL BA 65 -14.44 17.14 27.98
N GLU BA 66 -13.74 18.11 28.61
CA GLU BA 66 -12.59 17.78 29.44
C GLU BA 66 -12.65 18.56 30.75
N ILE BA 67 -12.44 17.84 31.85
CA ILE BA 67 -12.63 18.34 33.21
C ILE BA 67 -11.39 17.98 34.02
N THR BA 68 -10.86 18.96 34.77
CA THR BA 68 -9.87 18.67 35.80
C THR BA 68 -10.51 18.94 37.17
N TYR BA 69 -10.33 17.99 38.10
CA TYR BA 69 -10.98 18.07 39.41
C TYR BA 69 -10.07 17.45 40.48
N ALA BA 70 -10.32 17.81 41.75
CA ALA BA 70 -9.40 17.51 42.85
C ALA BA 70 -10.08 16.89 44.08
N LYS BA 71 -11.39 16.57 43.98
CA LYS BA 71 -12.10 15.77 44.96
C LYS BA 71 -12.51 14.46 44.31
N PHE BA 72 -12.05 13.33 44.87
CA PHE BA 72 -12.38 12.02 44.33
C PHE BA 72 -13.82 11.65 44.70
N SER BA 73 -14.56 11.09 43.72
CA SER BA 73 -15.91 10.59 43.95
C SER BA 73 -15.95 9.08 43.71
N LEU BA 74 -16.31 8.34 44.77
CA LEU BA 74 -16.52 6.89 44.66
C LEU BA 74 -17.71 6.59 43.75
N GLU BA 75 -18.80 7.37 43.90
CA GLU BA 75 -19.99 7.14 43.09
C GLU BA 75 -19.67 7.30 41.60
N PHE BA 76 -19.01 8.41 41.22
CA PHE BA 76 -18.69 8.65 39.82
C PHE BA 76 -17.84 7.50 39.24
N ALA BA 77 -16.81 7.08 39.99
CA ALA BA 77 -15.90 6.03 39.55
C ALA BA 77 -16.62 4.67 39.41
N GLN BA 78 -17.51 4.35 40.37
CA GLN BA 78 -18.21 3.07 40.38
C GLN BA 78 -19.35 3.04 39.35
N GLU BA 79 -19.89 4.23 39.00
CA GLU BA 79 -20.83 4.36 37.90
C GLU BA 79 -20.13 4.12 36.57
N TRP BA 80 -18.91 4.66 36.43
CA TRP BA 80 -18.11 4.50 35.23
C TRP BA 80 -17.74 3.03 35.01
N LEU BA 81 -17.37 2.32 36.08
CA LEU BA 81 -17.02 0.90 36.02
C LEU BA 81 -18.24 0.04 35.65
N GLY BA 82 -19.42 0.38 36.19
CA GLY BA 82 -20.62 -0.44 36.07
C GLY BA 82 -21.28 -0.43 34.69
N GLY BA 83 -21.08 0.64 33.91
CA GLY BA 83 -21.77 0.83 32.64
C GLY BA 83 -23.21 1.34 32.84
N PRO BA 84 -24.03 1.49 31.76
CA PRO BA 84 -25.37 2.04 31.87
C PRO BA 84 -26.28 1.31 32.87
N GLY BA 85 -26.88 2.08 33.78
CA GLY BA 85 -27.89 1.62 34.73
C GLY BA 85 -27.38 0.69 35.83
N ALA BA 86 -26.05 0.63 36.04
CA ALA BA 86 -25.45 -0.26 37.03
C ALA BA 86 -24.20 0.38 37.67
N THR BA 87 -23.87 -0.08 38.89
CA THR BA 87 -22.72 0.35 39.67
C THR BA 87 -21.83 -0.87 39.94
N ALA BA 88 -20.50 -0.70 39.92
CA ALA BA 88 -19.58 -1.83 40.12
C ALA BA 88 -18.32 -1.43 40.90
N THR BA 89 -17.77 -2.41 41.63
CA THR BA 89 -16.54 -2.25 42.42
C THR BA 89 -15.32 -2.85 41.70
N ALA BA 90 -15.49 -3.33 40.46
CA ALA BA 90 -14.43 -3.94 39.68
C ALA BA 90 -14.71 -3.70 38.20
N SER BA 91 -13.67 -3.80 37.33
CA SER BA 91 -13.84 -3.73 35.89
C SER BA 91 -14.91 -4.72 35.44
N GLN BA 92 -15.80 -4.26 34.54
CA GLN BA 92 -16.83 -5.12 33.97
C GLN BA 92 -16.45 -5.46 32.53
N ASP BA 93 -16.57 -6.75 32.21
CA ASP BA 93 -16.26 -7.27 30.88
C ASP BA 93 -17.52 -7.18 30.01
N ASP BA 94 -17.88 -5.94 29.61
CA ASP BA 94 -18.99 -5.69 28.70
C ASP BA 94 -18.73 -4.46 27.83
N SER BA 95 -19.52 -4.34 26.75
CA SER BA 95 -19.24 -3.42 25.65
C SER BA 95 -19.88 -2.03 25.80
N ASP BA 96 -20.77 -1.82 26.79
CA ASP BA 96 -21.49 -0.56 26.91
C ASP BA 96 -20.77 0.40 27.86
N PRO BA 97 -20.28 1.58 27.39
CA PRO BA 97 -19.72 2.59 28.29
C PRO BA 97 -20.84 3.31 29.04
N MET BA 98 -20.56 3.70 30.29
CA MET BA 98 -21.47 4.54 31.05
C MET BA 98 -21.60 5.90 30.36
N LYS BA 99 -22.86 6.32 30.10
CA LYS BA 99 -23.18 7.60 29.49
C LYS BA 99 -23.70 8.53 30.58
N PHE BA 100 -23.07 9.72 30.72
CA PHE BA 100 -23.49 10.70 31.70
C PHE BA 100 -24.15 11.87 30.98
N ASN BA 101 -25.25 12.38 31.54
CA ASN BA 101 -25.68 13.73 31.20
C ASN BA 101 -24.86 14.71 32.03
N LEU BA 102 -24.47 15.84 31.41
CA LEU BA 102 -23.67 16.85 32.06
C LEU BA 102 -24.36 18.21 31.90
N GLU BA 103 -24.34 19.01 32.97
CA GLU BA 103 -24.82 20.38 32.91
C GLU BA 103 -23.87 21.29 33.69
N ASN BA 104 -23.51 22.41 33.07
CA ASN BA 104 -22.71 23.46 33.69
C ASN BA 104 -23.50 24.77 33.67
N VAL BA 105 -23.72 25.36 34.86
CA VAL BA 105 -24.49 26.60 35.01
C VAL BA 105 -23.56 27.69 35.56
N THR BA 106 -23.48 28.84 34.87
CA THR BA 106 -22.54 29.89 35.24
C THR BA 106 -23.14 31.29 35.06
N PRO BA 107 -23.26 32.11 36.15
CA PRO BA 107 -23.59 33.53 36.01
C PRO BA 107 -22.51 34.32 35.25
N SER BA 108 -22.93 35.30 34.45
CA SER BA 108 -22.00 36.24 33.83
C SER BA 108 -21.46 37.21 34.89
N ALA BA 109 -20.28 37.79 34.65
CA ALA BA 109 -19.49 38.46 35.67
C ALA BA 109 -20.19 39.68 36.29
N SER BA 110 -21.00 40.40 35.48
CA SER BA 110 -21.81 41.53 35.95
C SER BA 110 -23.29 41.15 36.12
N GLY BA 111 -23.63 39.85 36.01
CA GLY BA 111 -24.97 39.34 36.23
C GLY BA 111 -25.97 39.66 35.10
N GLY BA 112 -25.47 39.98 33.89
CA GLY BA 112 -26.31 40.24 32.72
C GLY BA 112 -27.11 39.03 32.25
N PHE BA 113 -26.59 37.80 32.49
CA PHE BA 113 -27.22 36.55 32.11
C PHE BA 113 -26.68 35.39 32.96
N GLU BA 114 -27.34 34.22 32.87
CA GLU BA 114 -26.82 32.98 33.42
C GLU BA 114 -26.73 31.94 32.30
N ARG BA 115 -25.50 31.57 31.90
CA ARG BA 115 -25.31 30.56 30.87
C ARG BA 115 -25.51 29.17 31.47
N THR BA 116 -26.51 28.44 30.93
CA THR BA 116 -26.63 27.01 31.14
C THR BA 116 -26.16 26.29 29.86
N THR BA 117 -25.18 25.40 30.02
CA THR BA 117 -24.79 24.45 28.98
C THR BA 117 -25.14 23.03 29.45
N ALA BA 118 -25.89 22.28 28.61
CA ALA BA 118 -26.18 20.88 28.89
C ALA BA 118 -25.75 20.01 27.71
N VAL BA 119 -25.14 18.85 28.03
CA VAL BA 119 -24.57 17.92 27.06
C VAL BA 119 -25.12 16.51 27.37
N GLU BA 120 -25.65 15.83 26.34
CA GLU BA 120 -26.15 14.47 26.52
C GLU BA 120 -25.04 13.45 26.29
N ASN BA 121 -25.14 12.30 27.01
CA ASN BA 121 -24.43 11.06 26.70
C ASN BA 121 -22.92 11.26 26.58
N VAL BA 122 -22.32 11.96 27.54
CA VAL BA 122 -20.86 12.09 27.65
C VAL BA 122 -20.29 10.74 28.09
N VAL BA 123 -19.33 10.23 27.30
CA VAL BA 123 -18.59 9.01 27.64
C VAL BA 123 -17.10 9.36 27.77
N PHE BA 124 -16.43 8.73 28.74
CA PHE BA 124 -15.01 8.95 28.99
C PHE BA 124 -14.25 7.65 28.69
N PRO BA 125 -13.38 7.59 27.64
CA PRO BA 125 -12.62 6.36 27.33
C PRO BA 125 -11.78 5.81 28.48
N GLU BA 126 -11.28 6.71 29.35
CA GLU BA 126 -10.46 6.31 30.49
C GLU BA 126 -10.81 7.14 31.72
N LEU BA 127 -10.69 6.50 32.88
CA LEU BA 127 -11.01 7.09 34.17
C LEU BA 127 -9.74 7.06 35.03
N PRO BA 128 -9.19 8.23 35.48
CA PRO BA 128 -8.09 8.18 36.45
C PRO BA 128 -8.65 7.81 37.82
N LEU BA 129 -8.18 6.67 38.37
CA LEU BA 129 -8.58 6.27 39.72
C LEU BA 129 -7.65 6.91 40.75
N ASP BA 130 -6.35 6.73 40.55
CA ASP BA 130 -5.32 7.26 41.42
C ASP BA 130 -4.42 8.18 40.60
N SER BA 131 -4.10 9.36 41.15
CA SER BA 131 -3.34 10.39 40.44
C SER BA 131 -2.47 11.15 41.44
N ALA BA 132 -1.54 10.43 42.07
CA ALA BA 132 -0.77 10.91 43.21
C ALA BA 132 0.59 11.46 42.77
N THR BA 133 0.96 12.63 43.33
CA THR BA 133 2.28 13.25 43.17
C THR BA 133 2.73 13.75 44.54
N TYR BA 134 4.01 13.54 44.87
CA TYR BA 134 4.59 13.94 46.15
C TYR BA 134 4.34 15.42 46.45
N GLY BA 135 3.73 15.70 47.62
CA GLY BA 135 3.47 17.04 48.12
C GLY BA 135 2.27 17.75 47.44
N GLU BA 136 1.41 16.97 46.76
CA GLU BA 136 0.24 17.50 46.06
C GLU BA 136 -1.01 16.70 46.44
N TYR BA 137 -2.17 17.37 46.43
CA TYR BA 137 -3.45 16.68 46.41
C TYR BA 137 -3.59 15.95 45.07
N GLU BA 138 -4.23 14.79 45.08
CA GLU BA 138 -4.49 14.07 43.83
C GLU BA 138 -5.36 14.93 42.93
N GLU BA 139 -4.94 15.09 41.67
CA GLU BA 139 -5.70 15.86 40.68
C GLU BA 139 -5.97 14.98 39.46
N TYR BA 140 -7.26 14.94 39.07
CA TYR BA 140 -7.79 14.00 38.08
C TYR BA 140 -8.21 14.77 36.82
N SER BA 141 -7.77 14.30 35.65
CA SER BA 141 -8.24 14.84 34.37
C SER BA 141 -9.10 13.80 33.64
N LEU BA 142 -10.30 14.23 33.24
CA LEU BA 142 -11.20 13.46 32.38
C LEU BA 142 -11.20 14.09 30.98
N THR BA 143 -11.18 13.23 29.95
CA THR BA 143 -11.46 13.60 28.58
C THR BA 143 -12.55 12.68 28.05
N GLY BA 144 -13.56 13.25 27.37
CA GLY BA 144 -14.69 12.47 26.86
C GLY BA 144 -15.45 13.17 25.74
N SER BA 145 -16.38 12.43 25.12
CA SER BA 145 -17.19 12.95 24.02
C SER BA 145 -18.69 12.80 24.34
N GLY BA 146 -19.39 13.95 24.38
CA GLY BA 146 -20.85 13.99 24.41
C GLY BA 146 -21.42 13.89 23.01
N ARG BA 147 -22.70 13.47 22.90
CA ARG BA 147 -23.34 13.26 21.61
C ARG BA 147 -23.79 14.59 21.00
N SER BA 148 -24.40 15.46 21.82
CA SER BA 148 -24.91 16.75 21.38
C SER BA 148 -25.07 17.70 22.57
N VAL BA 149 -25.13 19.01 22.27
CA VAL BA 149 -25.54 20.03 23.23
C VAL BA 149 -27.06 20.05 23.24
N THR BA 150 -27.67 19.65 24.37
CA THR BA 150 -29.12 19.62 24.49
C THR BA 150 -29.69 20.99 24.85
N ASN BA 151 -28.85 21.84 25.48
CA ASN BA 151 -29.27 23.18 25.87
C ASN BA 151 -28.07 24.13 25.92
N LEU BA 152 -28.28 25.34 25.39
CA LEU BA 152 -27.42 26.49 25.61
C LEU BA 152 -28.30 27.75 25.62
N ALA BA 153 -28.58 28.25 26.83
CA ALA BA 153 -29.57 29.30 27.01
C ALA BA 153 -29.22 30.19 28.20
N ASP BA 154 -29.75 31.42 28.18
CA ASP BA 154 -29.80 32.27 29.35
C ASP BA 154 -30.92 31.77 30.25
N THR BA 155 -30.54 31.23 31.43
CA THR BA 155 -31.49 30.64 32.37
C THR BA 155 -31.76 31.57 33.56
N SER BA 156 -31.32 32.84 33.49
CA SER BA 156 -31.66 33.84 34.49
C SER BA 156 -33.14 34.20 34.41
N GLY BA 157 -33.69 34.77 35.49
CA GLY BA 157 -35.11 35.07 35.62
C GLY BA 157 -35.62 36.07 34.59
N ALA CA 2 -25.26 8.12 49.50
CA ALA CA 2 -23.94 8.03 48.81
C ALA CA 2 -22.89 8.83 49.58
N THR CA 3 -21.60 8.52 49.33
CA THR CA 3 -20.47 9.12 50.02
C THR CA 3 -20.05 10.42 49.31
N SER CA 4 -19.95 11.52 50.08
CA SER CA 4 -19.55 12.82 49.55
C SER CA 4 -18.16 12.74 48.91
N PRO CA 5 -17.93 13.35 47.72
CA PRO CA 5 -16.57 13.47 47.18
C PRO CA 5 -15.68 14.29 48.11
N GLU CA 6 -14.39 13.95 48.15
CA GLU CA 6 -13.46 14.52 49.12
C GLU CA 6 -12.06 14.58 48.50
N GLY CA 7 -11.25 15.55 48.93
CA GLY CA 7 -9.84 15.63 48.52
C GLY CA 7 -9.06 14.40 48.98
N ILE CA 8 -8.02 14.02 48.22
CA ILE CA 8 -7.11 12.95 48.63
C ILE CA 8 -5.69 13.49 48.58
N TRP CA 9 -4.93 13.21 49.63
CA TRP CA 9 -3.58 13.73 49.79
C TRP CA 9 -2.58 12.64 49.37
N SER CA 10 -1.68 12.97 48.42
CA SER CA 10 -0.80 11.97 47.80
C SER CA 10 0.06 11.23 48.82
N ASN CA 11 0.58 11.96 49.83
CA ASN CA 11 1.51 11.42 50.81
C ASN CA 11 0.82 10.50 51.82
N SER CA 12 -0.52 10.34 51.72
CA SER CA 12 -1.28 9.42 52.56
C SER CA 12 -1.30 7.99 51.99
N GLY CA 13 -0.88 7.81 50.73
CA GLY CA 13 -1.02 6.54 50.03
C GLY CA 13 -0.05 5.47 50.51
N ALA CA 14 -0.54 4.22 50.63
CA ALA CA 14 0.28 3.04 50.82
C ALA CA 14 0.13 2.10 49.62
N LEU CA 15 1.22 1.93 48.86
CA LEU CA 15 1.27 1.08 47.67
C LEU CA 15 2.00 -0.23 48.02
N THR CA 16 1.44 -1.36 47.56
CA THR CA 16 2.05 -2.67 47.77
C THR CA 16 1.92 -3.52 46.49
N PHE CA 17 2.90 -4.40 46.30
CA PHE CA 17 2.87 -5.40 45.23
C PHE CA 17 2.84 -6.80 45.84
N GLU CA 18 2.10 -7.69 45.19
CA GLU CA 18 2.02 -9.09 45.61
C GLU CA 18 2.28 -10.00 44.41
N ASP CA 19 2.92 -11.15 44.69
CA ASP CA 19 3.05 -12.23 43.73
C ASP CA 19 1.70 -12.94 43.62
N PRO CA 20 1.04 -12.95 42.43
CA PRO CA 20 -0.26 -13.61 42.26
C PRO CA 20 -0.27 -15.14 42.43
N ALA CA 21 0.92 -15.76 42.55
CA ALA CA 21 1.03 -17.18 42.85
C ALA CA 21 0.73 -17.48 44.32
N ASP CA 22 1.01 -16.49 45.22
CA ASP CA 22 1.05 -16.71 46.66
C ASP CA 22 0.21 -15.70 47.44
N ASP CA 23 -0.05 -14.52 46.86
CA ASP CA 23 -0.47 -13.30 47.56
C ASP CA 23 0.57 -12.83 48.60
N SER CA 24 1.83 -13.28 48.46
CA SER CA 24 2.95 -12.80 49.28
C SER CA 24 3.42 -11.45 48.78
N GLU CA 25 3.80 -10.55 49.71
CA GLU CA 25 4.27 -9.21 49.37
C GLU CA 25 5.64 -9.27 48.69
N ILE CA 26 5.80 -8.44 47.65
CA ILE CA 26 7.09 -8.14 47.04
C ILE CA 26 7.50 -6.75 47.54
N LEU CA 27 8.69 -6.66 48.17
CA LEU CA 27 9.11 -5.44 48.85
C LEU CA 27 9.32 -4.31 47.84
N PHE CA 28 8.60 -3.21 48.07
CA PHE CA 28 8.64 -2.01 47.24
C PHE CA 28 8.31 -0.81 48.13
N ALA CA 29 9.03 0.30 47.93
CA ALA CA 29 8.95 1.43 48.84
C ALA CA 29 9.42 2.72 48.14
N GLY CA 30 9.19 3.86 48.81
CA GLY CA 30 9.77 5.14 48.39
C GLY CA 30 9.14 5.73 47.14
N VAL CA 31 7.82 5.53 46.95
CA VAL CA 31 7.11 6.12 45.82
C VAL CA 31 7.08 7.65 45.95
N ARG CA 32 7.01 8.32 44.79
CA ARG CA 32 6.89 9.76 44.72
C ARG CA 32 5.66 10.13 43.88
N ASP CA 33 5.47 9.43 42.74
CA ASP CA 33 4.27 9.57 41.91
C ASP CA 33 3.63 8.19 41.70
N VAL CA 34 2.29 8.13 41.68
CA VAL CA 34 1.54 6.91 41.36
C VAL CA 34 0.29 7.30 40.57
N THR CA 35 0.18 6.82 39.33
CA THR CA 35 -1.01 7.02 38.50
C THR CA 35 -1.57 5.66 38.09
N ILE CA 36 -2.88 5.47 38.35
CA ILE CA 36 -3.60 4.26 37.95
C ILE CA 36 -4.85 4.69 37.18
N THR CA 37 -4.96 4.22 35.91
CA THR CA 37 -6.02 4.63 35.01
C THR CA 37 -6.57 3.40 34.28
N PRO CA 38 -7.77 2.87 34.67
CA PRO CA 38 -8.52 1.96 33.80
C PRO CA 38 -8.96 2.70 32.54
N ALA CA 39 -8.78 2.02 31.40
CA ALA CA 39 -9.06 2.58 30.08
C ALA CA 39 -9.72 1.52 29.20
N TYR CA 40 -10.45 1.99 28.19
CA TYR CA 40 -10.97 1.17 27.11
C TYR CA 40 -10.74 1.93 25.81
N GLU CA 41 -10.55 1.20 24.70
CA GLU CA 41 -10.73 1.80 23.38
C GLU CA 41 -12.23 2.00 23.13
N HIS CA 42 -12.59 3.20 22.64
CA HIS CA 42 -13.97 3.49 22.25
C HIS CA 42 -14.09 3.51 20.73
N ALA CA 43 -15.15 2.87 20.21
CA ALA CA 43 -15.55 3.03 18.82
C ALA CA 43 -16.92 3.71 18.75
N GLU CA 44 -17.02 4.79 17.95
CA GLU CA 44 -18.24 5.55 17.74
C GLU CA 44 -18.78 5.26 16.34
N LEU CA 45 -20.10 5.01 16.23
CA LEU CA 45 -20.73 4.75 14.94
C LEU CA 45 -21.35 6.04 14.38
N TYR CA 46 -21.03 6.33 13.11
CA TYR CA 46 -21.65 7.39 12.34
C TYR CA 46 -22.02 6.88 10.95
N THR CA 47 -23.17 7.36 10.44
CA THR CA 47 -23.70 6.98 9.13
C THR CA 47 -24.27 8.22 8.45
N ILE CA 48 -24.63 8.07 7.17
CA ILE CA 48 -25.22 9.14 6.37
C ILE CA 48 -26.59 9.58 6.93
N ASP CA 49 -27.21 8.77 7.81
CA ASP CA 49 -28.51 9.06 8.43
C ASP CA 49 -28.50 10.37 9.24
N SER CA 50 -27.37 10.67 9.91
CA SER CA 50 -27.32 11.74 10.90
C SER CA 50 -25.88 12.24 11.09
N THR CA 51 -25.74 13.53 11.43
CA THR CA 51 -24.47 14.11 11.88
C THR CA 51 -24.13 13.66 13.30
N PHE CA 52 -25.15 13.23 14.07
CA PHE CA 52 -24.95 12.81 15.46
C PHE CA 52 -24.52 11.34 15.49
N ARG CA 53 -23.89 10.96 16.62
CA ARG CA 53 -23.38 9.62 16.88
C ARG CA 53 -24.55 8.65 17.05
N ASP CA 54 -24.52 7.53 16.29
CA ASP CA 54 -25.53 6.48 16.37
C ASP CA 54 -25.34 5.63 17.63
N GLU CA 55 -24.07 5.22 17.89
CA GLU CA 55 -23.70 4.29 18.95
C GLU CA 55 -22.29 4.59 19.46
N VAL CA 56 -21.95 4.10 20.67
CA VAL CA 56 -20.58 4.05 21.16
C VAL CA 56 -20.37 2.80 22.03
N LYS CA 57 -19.20 2.14 21.87
CA LYS CA 57 -18.89 0.84 22.48
C LYS CA 57 -17.45 0.80 23.02
N ARG CA 58 -17.21 -0.11 23.99
CA ARG CA 58 -15.92 -0.32 24.65
C ARG CA 58 -15.26 -1.61 24.14
N TYR CA 59 -13.92 -1.60 24.04
CA TYR CA 59 -13.08 -2.79 23.81
C TYR CA 59 -11.65 -2.54 24.31
N GLU CA 60 -10.81 -3.60 24.33
CA GLU CA 60 -9.42 -3.56 24.80
C GLU CA 60 -9.31 -2.83 26.13
N HIS CA 61 -9.88 -3.44 27.17
CA HIS CA 61 -9.67 -2.94 28.52
C HIS CA 61 -8.22 -3.20 28.93
N ASN CA 62 -7.58 -2.16 29.50
CA ASN CA 62 -6.39 -2.33 30.32
C ASN CA 62 -6.43 -1.29 31.44
N VAL CA 63 -5.50 -1.43 32.39
CA VAL CA 63 -5.28 -0.42 33.41
C VAL CA 63 -3.85 0.09 33.21
N ASN CA 64 -3.72 1.36 32.82
CA ASN CA 64 -2.42 2.00 32.80
C ASN CA 64 -1.96 2.21 34.24
N VAL CA 65 -0.79 1.65 34.58
CA VAL CA 65 -0.13 1.87 35.85
C VAL CA 65 1.21 2.54 35.56
N GLU CA 66 1.45 3.71 36.18
CA GLU CA 66 2.77 4.31 36.12
C GLU CA 66 3.16 4.88 37.48
N ILE CA 67 4.39 4.54 37.89
CA ILE CA 67 4.90 4.79 39.24
C ILE CA 67 6.30 5.40 39.12
N THR CA 68 6.53 6.51 39.84
CA THR CA 68 7.87 7.03 40.04
C THR CA 68 8.26 6.80 41.50
N TYR CA 69 9.47 6.26 41.74
CA TYR CA 69 9.90 5.88 43.07
C TYR CA 69 11.42 6.06 43.21
N ALA CA 70 11.90 6.19 44.46
CA ALA CA 70 13.28 6.63 44.73
C ALA CA 70 14.05 5.68 45.67
N LYS CA 71 13.44 4.57 46.09
CA LYS CA 71 14.14 3.50 46.80
C LYS CA 71 14.21 2.28 45.90
N PHE CA 72 15.44 1.80 45.65
CA PHE CA 72 15.65 0.62 44.82
C PHE CA 72 15.33 -0.64 45.62
N SER CA 73 14.66 -1.62 44.97
CA SER CA 73 14.36 -2.91 45.57
C SER CA 73 14.99 -4.03 44.74
N LEU CA 74 15.85 -4.84 45.38
CA LEU CA 74 16.45 -5.99 44.71
C LEU CA 74 15.43 -7.08 44.45
N GLU CA 75 14.49 -7.27 45.39
CA GLU CA 75 13.47 -8.29 45.23
C GLU CA 75 12.58 -7.99 44.03
N PHE CA 76 12.11 -6.74 43.91
CA PHE CA 76 11.26 -6.34 42.80
C PHE CA 76 11.95 -6.53 41.44
N ALA CA 77 13.23 -6.11 41.35
CA ALA CA 77 14.01 -6.20 40.13
C ALA CA 77 14.28 -7.66 39.73
N GLN CA 78 14.62 -8.51 40.72
CA GLN CA 78 14.93 -9.92 40.48
C GLN CA 78 13.68 -10.74 40.19
N GLU CA 79 12.53 -10.34 40.76
CA GLU CA 79 11.23 -10.89 40.40
C GLU CA 79 10.89 -10.57 38.94
N TRP CA 80 11.13 -9.31 38.52
CA TRP CA 80 10.89 -8.88 37.15
C TRP CA 80 11.77 -9.64 36.15
N LEU CA 81 13.06 -9.83 36.49
CA LEU CA 81 13.99 -10.56 35.63
C LEU CA 81 13.57 -12.02 35.45
N GLY CA 82 13.15 -12.66 36.55
CA GLY CA 82 12.91 -14.11 36.58
C GLY CA 82 11.62 -14.58 35.91
N GLY CA 83 10.63 -13.68 35.75
CA GLY CA 83 9.32 -14.05 35.22
C GLY CA 83 8.43 -14.72 36.28
N PRO CA 84 7.24 -15.27 35.91
CA PRO CA 84 6.33 -15.87 36.88
C PRO CA 84 6.96 -17.00 37.70
N GLY CA 85 6.78 -16.92 39.03
CA GLY CA 85 7.12 -17.99 39.97
C GLY CA 85 8.61 -18.15 40.29
N ALA CA 86 9.49 -17.24 39.80
CA ALA CA 86 10.92 -17.35 40.04
C ALA CA 86 11.62 -15.99 40.00
N THR CA 87 12.59 -15.79 40.91
CA THR CA 87 13.55 -14.68 40.82
C THR CA 87 14.76 -15.12 39.98
N ALA CA 88 15.43 -14.15 39.34
CA ALA CA 88 16.71 -14.39 38.69
C ALA CA 88 17.63 -13.17 38.84
N THR CA 89 18.96 -13.41 38.81
CA THR CA 89 19.97 -12.37 38.92
C THR CA 89 20.55 -12.00 37.54
N ALA CA 90 19.87 -12.39 36.45
CA ALA CA 90 20.28 -12.11 35.07
C ALA CA 90 19.05 -12.17 34.17
N SER CA 91 19.11 -11.54 32.98
CA SER CA 91 18.06 -11.64 31.98
C SER CA 91 17.72 -13.11 31.69
N GLN CA 92 16.43 -13.41 31.59
CA GLN CA 92 15.98 -14.75 31.23
C GLN CA 92 15.47 -14.75 29.79
N ASP CA 93 15.90 -15.77 29.03
CA ASP CA 93 15.50 -15.95 27.65
C ASP CA 93 14.20 -16.76 27.60
N ASP CA 94 13.07 -16.12 27.98
CA ASP CA 94 11.75 -16.74 27.93
C ASP CA 94 10.65 -15.71 27.69
N SER CA 95 9.45 -16.20 27.34
CA SER CA 95 8.36 -15.38 26.80
C SER CA 95 7.38 -14.86 27.87
N ASP CA 96 7.40 -15.39 29.10
CA ASP CA 96 6.44 -15.01 30.12
C ASP CA 96 6.96 -13.80 30.93
N PRO CA 97 6.27 -12.63 30.93
CA PRO CA 97 6.63 -11.53 31.83
C PRO CA 97 6.13 -11.81 33.25
N MET CA 98 6.86 -11.28 34.24
CA MET CA 98 6.39 -11.32 35.61
C MET CA 98 5.10 -10.49 35.72
N LYS CA 99 4.04 -11.11 36.24
CA LYS CA 99 2.78 -10.45 36.52
C LYS CA 99 2.70 -10.15 38.01
N PHE CA 100 2.45 -8.88 38.34
CA PHE CA 100 2.31 -8.44 39.72
C PHE CA 100 0.85 -8.09 39.98
N ASN CA 101 0.35 -8.46 41.17
CA ASN CA 101 -0.81 -7.78 41.71
C ASN CA 101 -0.35 -6.49 42.38
N LEU CA 102 -1.16 -5.43 42.22
CA LEU CA 102 -0.87 -4.14 42.83
C LEU CA 102 -2.09 -3.71 43.66
N GLU CA 103 -1.82 -3.14 44.84
CA GLU CA 103 -2.88 -2.52 45.64
C GLU CA 103 -2.39 -1.19 46.21
N ASN CA 104 -3.25 -0.16 46.13
CA ASN CA 104 -2.99 1.15 46.72
C ASN CA 104 -4.13 1.52 47.66
N VAL CA 105 -3.79 1.91 48.90
CA VAL CA 105 -4.77 2.28 49.91
C VAL CA 105 -4.52 3.73 50.33
N THR CA 106 -5.57 4.56 50.24
CA THR CA 106 -5.50 5.98 50.61
C THR CA 106 -6.71 6.38 51.46
N PRO CA 107 -6.50 6.91 52.69
CA PRO CA 107 -7.54 7.70 53.37
C PRO CA 107 -7.86 8.96 52.55
N SER CA 108 -9.14 9.37 52.56
CA SER CA 108 -9.51 10.68 52.05
C SER CA 108 -9.03 11.75 53.04
N ALA CA 109 -8.91 13.01 52.58
CA ALA CA 109 -8.20 14.06 53.29
C ALA CA 109 -8.82 14.41 54.64
N SER CA 110 -10.16 14.29 54.76
CA SER CA 110 -10.89 14.53 56.00
C SER CA 110 -11.42 13.23 56.63
N GLY CA 111 -10.95 12.06 56.12
CA GLY CA 111 -11.31 10.75 56.66
C GLY CA 111 -12.75 10.32 56.39
N GLY CA 112 -13.41 10.92 55.38
CA GLY CA 112 -14.75 10.56 54.97
C GLY CA 112 -14.86 9.13 54.42
N PHE CA 113 -13.76 8.62 53.83
CA PHE CA 113 -13.66 7.27 53.29
C PHE CA 113 -12.18 6.83 53.21
N GLU CA 114 -11.96 5.54 52.92
CA GLU CA 114 -10.64 5.02 52.61
C GLU CA 114 -10.70 4.27 51.29
N ARG CA 115 -10.20 4.90 50.22
CA ARG CA 115 -10.24 4.32 48.89
C ARG CA 115 -9.12 3.26 48.77
N THR CA 116 -9.53 2.01 48.51
CA THR CA 116 -8.63 0.95 48.07
C THR CA 116 -8.81 0.73 46.57
N THR CA 117 -7.70 0.82 45.81
CA THR CA 117 -7.64 0.42 44.41
C THR CA 117 -6.74 -0.82 44.29
N ALA CA 118 -7.24 -1.88 43.63
CA ALA CA 118 -6.46 -3.08 43.38
C ALA CA 118 -6.51 -3.46 41.90
N VAL CA 119 -5.35 -3.84 41.35
CA VAL CA 119 -5.16 -4.12 39.92
C VAL CA 119 -4.46 -5.48 39.77
N GLU CA 120 -5.01 -6.35 38.91
CA GLU CA 120 -4.42 -7.67 38.69
C GLU CA 120 -3.41 -7.61 37.54
N ASN CA 121 -2.39 -8.48 37.62
CA ASN CA 121 -1.52 -8.86 36.51
C ASN CA 121 -0.91 -7.64 35.81
N VAL CA 122 -0.40 -6.68 36.60
CA VAL CA 122 0.38 -5.57 36.06
C VAL CA 122 1.70 -6.15 35.53
N VAL CA 123 2.00 -5.85 34.25
CA VAL CA 123 3.28 -6.17 33.63
C VAL CA 123 3.95 -4.86 33.19
N PHE CA 124 5.27 -4.81 33.30
CA PHE CA 124 6.05 -3.63 32.94
C PHE CA 124 6.98 -4.02 31.78
N PRO CA 125 6.79 -3.49 30.53
CA PRO CA 125 7.68 -3.82 29.40
C PRO CA 125 9.17 -3.56 29.62
N GLU CA 126 9.48 -2.52 30.41
CA GLU CA 126 10.87 -2.18 30.73
C GLU CA 126 11.01 -1.83 32.21
N LEU CA 127 12.17 -2.22 32.76
CA LEU CA 127 12.53 -1.99 34.15
C LEU CA 127 13.79 -1.13 34.19
N PRO CA 128 13.76 0.10 34.76
CA PRO CA 128 15.01 0.85 34.98
C PRO CA 128 15.77 0.22 36.15
N LEU CA 129 16.98 -0.30 35.86
CA LEU CA 129 17.83 -0.83 36.91
C LEU CA 129 18.62 0.30 37.56
N ASP CA 130 19.27 1.11 36.71
CA ASP CA 130 20.07 2.25 37.13
C ASP CA 130 19.49 3.51 36.48
N SER CA 131 19.39 4.59 37.27
CA SER CA 131 18.75 5.83 36.83
C SER CA 131 19.42 7.03 37.52
N ALA CA 132 20.73 7.16 37.29
CA ALA CA 132 21.59 8.08 38.02
C ALA CA 132 21.71 9.42 37.27
N THR CA 133 21.54 10.52 38.03
CA THR CA 133 21.81 11.88 37.58
C THR CA 133 22.67 12.56 38.64
N TYR CA 134 23.70 13.28 38.17
CA TYR CA 134 24.66 13.94 39.05
C TYR CA 134 23.95 14.84 40.07
N GLY CA 135 24.32 14.69 41.35
CA GLY CA 135 23.78 15.50 42.45
C GLY CA 135 22.34 15.14 42.83
N GLU CA 136 21.88 13.94 42.44
CA GLU CA 136 20.52 13.48 42.72
C GLU CA 136 20.53 12.03 43.22
N TYR CA 137 19.49 11.66 43.99
CA TYR CA 137 19.17 10.27 44.24
C TYR CA 137 18.68 9.64 42.94
N GLU CA 138 18.97 8.36 42.75
CA GLU CA 138 18.40 7.63 41.61
C GLU CA 138 16.87 7.59 41.75
N GLU CA 139 16.17 8.00 40.69
CA GLU CA 139 14.72 8.02 40.64
C GLU CA 139 14.25 7.18 39.45
N TYR CA 140 13.34 6.23 39.71
CA TYR CA 140 12.96 5.18 38.76
C TYR CA 140 11.51 5.38 38.34
N SER CA 141 11.26 5.39 37.01
CA SER CA 141 9.91 5.43 36.49
C SER CA 141 9.53 4.09 35.85
N LEU CA 142 8.43 3.51 36.32
CA LEU CA 142 7.82 2.31 35.74
C LEU CA 142 6.55 2.70 34.98
N THR CA 143 6.39 2.14 33.77
CA THR CA 143 5.13 2.16 33.04
C THR CA 143 4.71 0.72 32.73
N GLY CA 144 3.44 0.39 33.03
CA GLY CA 144 2.94 -0.96 32.82
C GLY CA 144 1.43 -1.01 32.57
N SER CA 145 0.95 -2.20 32.16
CA SER CA 145 -0.46 -2.44 31.92
C SER CA 145 -0.98 -3.60 32.78
N GLY CA 146 -1.96 -3.29 33.64
CA GLY CA 146 -2.74 -4.29 34.37
C GLY CA 146 -3.92 -4.79 33.53
N ARG CA 147 -4.41 -6.00 33.86
CA ARG CA 147 -5.47 -6.64 33.09
C ARG CA 147 -6.84 -6.02 33.41
N SER CA 148 -7.11 -5.80 34.71
CA SER CA 148 -8.38 -5.23 35.19
C SER CA 148 -8.21 -4.64 36.58
N VAL CA 149 -9.16 -3.79 36.99
CA VAL CA 149 -9.32 -3.35 38.37
C VAL CA 149 -10.13 -4.44 39.09
N THR CA 150 -9.52 -5.10 40.09
CA THR CA 150 -10.20 -6.17 40.82
C THR CA 150 -11.04 -5.62 41.96
N ASN CA 151 -10.66 -4.44 42.47
CA ASN CA 151 -11.37 -3.80 43.56
C ASN CA 151 -11.18 -2.28 43.49
N LEU CA 152 -12.31 -1.55 43.61
CA LEU CA 152 -12.34 -0.13 43.92
C LEU CA 152 -13.49 0.12 44.89
N ALA CA 153 -13.14 0.35 46.17
CA ALA CA 153 -14.13 0.43 47.23
C ALA CA 153 -13.64 1.30 48.37
N ASP CA 154 -14.60 1.82 49.15
CA ASP CA 154 -14.35 2.34 50.48
C ASP CA 154 -14.11 1.17 51.43
N THR CA 155 -12.88 1.06 51.95
CA THR CA 155 -12.50 -0.01 52.87
C THR CA 155 -12.46 0.45 54.33
N SER CA 156 -12.93 1.68 54.62
CA SER CA 156 -13.07 2.16 55.99
C SER CA 156 -14.15 1.37 56.73
N GLY CA 157 -14.06 1.33 58.07
CA GLY CA 157 -14.91 0.50 58.92
C GLY CA 157 -16.39 0.82 58.78
N ALA DA 2 14.10 -11.02 53.05
CA ALA DA 2 14.58 -10.25 51.87
C ALA DA 2 15.22 -8.94 52.31
N THR DA 3 16.01 -8.33 51.42
CA THR DA 3 16.70 -7.07 51.65
C THR DA 3 15.70 -5.92 51.53
N SER DA 4 15.65 -5.03 52.54
CA SER DA 4 14.79 -3.85 52.52
C SER DA 4 15.15 -2.92 51.36
N PRO DA 5 14.17 -2.31 50.64
CA PRO DA 5 14.47 -1.27 49.65
C PRO DA 5 15.10 -0.02 50.27
N GLU DA 6 16.00 0.62 49.52
CA GLU DA 6 16.81 1.72 50.06
C GLU DA 6 17.10 2.74 48.96
N GLY DA 7 17.27 4.02 49.36
CA GLY DA 7 17.70 5.07 48.44
C GLY DA 7 19.10 4.79 47.88
N ILE DA 8 19.38 5.28 46.66
CA ILE DA 8 20.71 5.18 46.07
C ILE DA 8 21.11 6.59 45.61
N TRP DA 9 22.35 6.97 45.93
CA TRP DA 9 22.88 8.29 45.63
C TRP DA 9 23.75 8.21 44.39
N SER DA 10 23.46 9.03 43.36
CA SER DA 10 24.07 8.89 42.04
C SER DA 10 25.60 9.00 42.10
N ASN DA 11 26.11 9.93 42.92
CA ASN DA 11 27.54 10.22 43.00
C ASN DA 11 28.36 9.11 43.69
N SER DA 12 27.70 8.04 44.17
CA SER DA 12 28.37 6.89 44.76
C SER DA 12 28.66 5.78 43.75
N GLY DA 13 28.19 5.93 42.49
CA GLY DA 13 28.37 4.91 41.47
C GLY DA 13 29.78 4.89 40.87
N ALA DA 14 30.25 3.68 40.54
CA ALA DA 14 31.48 3.48 39.78
C ALA DA 14 31.19 2.65 38.53
N LEU DA 15 31.34 3.29 37.35
CA LEU DA 15 31.07 2.67 36.06
C LEU DA 15 32.40 2.27 35.40
N THR DA 16 32.46 1.03 34.89
CA THR DA 16 33.62 0.53 34.16
C THR DA 16 33.18 -0.13 32.85
N PHE DA 17 34.05 -0.01 31.84
CA PHE DA 17 33.91 -0.73 30.57
C PHE DA 17 35.05 -1.73 30.43
N GLU DA 18 34.73 -2.93 29.94
CA GLU DA 18 35.71 -3.96 29.66
C GLU DA 18 35.58 -4.45 28.22
N ASP DA 19 36.72 -4.82 27.63
CA ASP DA 19 36.77 -5.52 26.35
C ASP DA 19 36.34 -6.97 26.57
N PRO DA 20 35.24 -7.45 25.92
CA PRO DA 20 34.79 -8.85 26.08
C PRO DA 20 35.74 -9.92 25.55
N ALA DA 21 36.76 -9.52 24.78
CA ALA DA 21 37.78 -10.46 24.30
C ALA DA 21 38.74 -10.88 25.42
N ASP DA 22 39.02 -9.95 26.36
CA ASP DA 22 40.12 -10.08 27.31
C ASP DA 22 39.67 -9.93 28.77
N ASP DA 23 38.49 -9.34 28.99
CA ASP DA 23 38.05 -8.81 30.29
C ASP DA 23 38.97 -7.69 30.80
N SER DA 24 39.75 -7.05 29.91
CA SER DA 24 40.63 -5.94 30.27
C SER DA 24 39.84 -4.63 30.26
N GLU DA 25 40.20 -3.70 31.16
CA GLU DA 25 39.49 -2.44 31.29
C GLU DA 25 39.80 -1.50 30.12
N ILE DA 26 38.76 -0.78 29.66
CA ILE DA 26 38.89 0.34 28.74
C ILE DA 26 38.69 1.62 29.56
N LEU DA 27 39.68 2.52 29.53
CA LEU DA 27 39.69 3.70 30.38
C LEU DA 27 38.50 4.61 30.05
N PHE DA 28 37.65 4.84 31.06
CA PHE DA 28 36.47 5.67 30.96
C PHE DA 28 36.18 6.30 32.33
N ALA DA 29 35.80 7.59 32.32
CA ALA DA 29 35.70 8.36 33.56
C ALA DA 29 34.80 9.58 33.37
N GLY DA 30 34.45 10.23 34.49
CA GLY DA 30 33.80 11.52 34.50
C GLY DA 30 32.32 11.49 34.10
N VAL DA 31 31.60 10.41 34.49
CA VAL DA 31 30.17 10.30 34.22
C VAL DA 31 29.39 11.35 35.02
N ARG DA 32 28.20 11.70 34.49
CA ARG DA 32 27.30 12.66 35.13
C ARG DA 32 25.87 12.08 35.16
N ASP DA 33 25.42 11.49 34.05
CA ASP DA 33 24.18 10.70 34.03
C ASP DA 33 24.51 9.27 33.60
N VAL DA 34 23.84 8.27 34.21
CA VAL DA 34 23.96 6.87 33.82
C VAL DA 34 22.58 6.21 33.98
N THR DA 35 21.95 5.85 32.84
CA THR DA 35 20.70 5.10 32.85
C THR DA 35 20.92 3.72 32.22
N ILE DA 36 20.51 2.68 32.93
CA ILE DA 36 20.50 1.31 32.42
C ILE DA 36 19.07 0.75 32.58
N THR DA 37 18.49 0.30 31.45
CA THR DA 37 17.10 -0.13 31.43
C THR DA 37 16.98 -1.40 30.56
N PRO DA 38 16.92 -2.62 31.15
CA PRO DA 38 16.45 -3.80 30.41
C PRO DA 38 14.98 -3.64 30.01
N ALA DA 39 14.71 -4.01 28.76
CA ALA DA 39 13.40 -3.88 28.14
C ALA DA 39 13.08 -5.13 27.32
N TYR DA 40 11.77 -5.41 27.17
CA TYR DA 40 11.25 -6.39 26.23
C TYR DA 40 10.06 -5.76 25.51
N GLU DA 41 9.94 -6.05 24.21
CA GLU DA 41 8.69 -5.78 23.50
C GLU DA 41 7.59 -6.70 24.04
N HIS DA 42 6.40 -6.14 24.32
CA HIS DA 42 5.25 -6.91 24.79
C HIS DA 42 4.20 -7.01 23.69
N ALA DA 43 3.64 -8.23 23.53
CA ALA DA 43 2.45 -8.43 22.73
C ALA DA 43 1.30 -8.90 23.64
N GLU DA 44 0.15 -8.20 23.55
CA GLU DA 44 -1.06 -8.53 24.30
C GLU DA 44 -2.09 -9.15 23.35
N LEU DA 45 -2.72 -10.27 23.77
CA LEU DA 45 -3.75 -10.93 22.97
C LEU DA 45 -5.14 -10.46 23.41
N TYR DA 46 -5.94 -10.05 22.41
CA TYR DA 46 -7.36 -9.75 22.59
C TYR DA 46 -8.17 -10.40 21.47
N THR DA 47 -9.36 -10.91 21.83
CA THR DA 47 -10.28 -11.57 20.91
C THR DA 47 -11.71 -11.11 21.22
N ILE DA 48 -12.67 -11.53 20.38
CA ILE DA 48 -14.09 -11.22 20.56
C ILE DA 48 -14.65 -11.82 21.86
N ASP DA 49 -14.00 -12.85 22.44
CA ASP DA 49 -14.46 -13.56 23.62
C ASP DA 49 -14.64 -12.63 24.83
N SER DA 50 -13.76 -11.62 24.97
CA SER DA 50 -13.69 -10.77 26.16
C SER DA 50 -13.09 -9.41 25.80
N THR DA 51 -13.47 -8.37 26.57
CA THR DA 51 -12.81 -7.07 26.51
C THR DA 51 -11.50 -7.06 27.30
N PHE DA 52 -11.30 -8.07 28.15
CA PHE DA 52 -10.08 -8.19 28.95
C PHE DA 52 -9.00 -8.94 28.16
N ARG DA 53 -7.74 -8.68 28.51
CA ARG DA 53 -6.56 -9.28 27.91
C ARG DA 53 -6.56 -10.80 28.13
N ASP DA 54 -6.40 -11.57 27.04
CA ASP DA 54 -6.29 -13.03 27.08
C ASP DA 54 -4.91 -13.46 27.60
N GLU DA 55 -3.86 -12.87 27.00
CA GLU DA 55 -2.47 -13.25 27.24
C GLU DA 55 -1.56 -12.03 27.10
N VAL DA 56 -0.35 -12.09 27.68
CA VAL DA 56 0.72 -11.16 27.38
C VAL DA 56 2.07 -11.89 27.35
N LYS DA 57 2.92 -11.56 26.37
CA LYS DA 57 4.18 -12.24 26.10
C LYS DA 57 5.30 -11.24 25.80
N ARG DA 58 6.55 -11.64 26.10
CA ARG DA 58 7.77 -10.88 25.87
C ARG DA 58 8.45 -11.38 24.58
N TYR DA 59 9.02 -10.46 23.78
CA TYR DA 59 9.94 -10.84 22.71
C TYR DA 59 11.29 -10.11 22.81
N GLU DA 60 11.53 -9.10 21.95
CA GLU DA 60 12.88 -8.58 21.76
C GLU DA 60 13.44 -8.02 23.06
N HIS DA 61 14.40 -8.75 23.63
CA HIS DA 61 15.14 -8.28 24.78
C HIS DA 61 16.33 -7.44 24.32
N ASN DA 62 16.48 -6.27 24.97
CA ASN DA 62 17.70 -5.48 24.89
C ASN DA 62 17.81 -4.64 26.16
N VAL DA 63 19.03 -4.15 26.41
CA VAL DA 63 19.27 -3.25 27.53
C VAL DA 63 19.62 -1.88 26.96
N ASN DA 64 18.75 -0.89 27.19
CA ASN DA 64 19.09 0.48 26.89
C ASN DA 64 20.15 0.96 27.89
N VAL DA 65 21.31 1.35 27.36
CA VAL DA 65 22.34 2.04 28.13
C VAL DA 65 22.43 3.45 27.57
N GLU DA 66 22.30 4.46 28.44
CA GLU DA 66 22.63 5.81 28.06
C GLU DA 66 23.43 6.49 29.17
N ILE DA 67 24.52 7.14 28.74
CA ILE DA 67 25.52 7.71 29.64
C ILE DA 67 25.83 9.14 29.17
N THR DA 68 25.80 10.09 30.10
CA THR DA 68 26.38 11.41 29.87
C THR DA 68 27.66 11.53 30.69
N TYR DA 69 28.75 12.00 30.04
CA TYR DA 69 30.06 12.05 30.67
C TYR DA 69 30.84 13.28 30.18
N ALA DA 70 31.84 13.71 30.96
CA ALA DA 70 32.50 15.00 30.75
C ALA DA 70 34.03 14.92 30.70
N LYS DA 71 34.61 13.71 30.79
CA LYS DA 71 36.03 13.49 30.53
C LYS DA 71 36.18 12.65 29.26
N PHE DA 72 36.89 13.21 28.26
CA PHE DA 72 37.08 12.50 27.01
C PHE DA 72 38.15 11.41 27.18
N SER DA 73 37.88 10.23 26.59
CA SER DA 73 38.83 9.12 26.59
C SER DA 73 39.21 8.77 25.16
N LEU DA 74 40.52 8.85 24.83
CA LEU DA 74 41.00 8.40 23.54
C LEU DA 74 40.89 6.89 23.40
N GLU DA 75 41.16 6.14 24.48
CA GLU DA 75 41.07 4.69 24.42
C GLU DA 75 39.66 4.25 24.05
N PHE DA 76 38.64 4.80 24.73
CA PHE DA 76 37.25 4.46 24.45
C PHE DA 76 36.88 4.77 23.00
N ALA DA 77 37.25 5.99 22.54
CA ALA DA 77 36.93 6.45 21.19
C ALA DA 77 37.62 5.61 20.11
N GLN DA 78 38.91 5.29 20.32
CA GLN DA 78 39.70 4.53 19.34
C GLN DA 78 39.30 3.05 19.33
N GLU DA 79 38.87 2.52 20.49
CA GLU DA 79 38.26 1.19 20.58
C GLU DA 79 36.96 1.15 19.77
N TRP DA 80 36.13 2.19 19.91
CA TRP DA 80 34.88 2.28 19.17
C TRP DA 80 35.12 2.30 17.65
N LEU DA 81 36.13 3.06 17.22
CA LEU DA 81 36.46 3.16 15.79
C LEU DA 81 36.93 1.80 15.25
N GLY DA 82 37.75 1.08 16.03
CA GLY DA 82 38.46 -0.10 15.56
C GLY DA 82 37.59 -1.35 15.40
N GLY DA 83 36.44 -1.40 16.07
CA GLY DA 83 35.61 -2.59 16.12
C GLY DA 83 36.19 -3.67 17.03
N PRO DA 84 35.60 -4.90 17.07
CA PRO DA 84 36.06 -5.96 17.98
C PRO DA 84 37.54 -6.33 17.83
N GLY DA 85 38.25 -6.35 18.97
CA GLY DA 85 39.63 -6.82 19.08
C GLY DA 85 40.68 -5.92 18.44
N ALA DA 86 40.32 -4.67 18.09
CA ALA DA 86 41.21 -3.74 17.41
C ALA DA 86 40.95 -2.29 17.83
N THR DA 87 42.00 -1.46 17.71
CA THR DA 87 41.97 -0.03 17.99
C THR DA 87 42.34 0.73 16.71
N ALA DA 88 41.69 1.88 16.44
CA ALA DA 88 41.96 2.63 15.22
C ALA DA 88 41.90 4.15 15.44
N THR DA 89 42.68 4.89 14.64
CA THR DA 89 42.73 6.34 14.67
C THR DA 89 41.91 6.97 13.53
N ALA DA 90 41.18 6.15 12.77
CA ALA DA 90 40.37 6.60 11.65
C ALA DA 90 39.14 5.68 11.53
N SER DA 91 38.07 6.14 10.86
CA SER DA 91 36.92 5.30 10.59
C SER DA 91 37.33 4.04 9.83
N GLN DA 92 36.73 2.90 10.23
CA GLN DA 92 36.99 1.62 9.60
C GLN DA 92 35.81 1.22 8.73
N ASP DA 93 36.11 0.81 7.49
CA ASP DA 93 35.10 0.37 6.55
C ASP DA 93 34.81 -1.11 6.76
N ASP DA 94 34.14 -1.45 7.88
CA ASP DA 94 33.75 -2.82 8.20
C ASP DA 94 32.45 -2.86 9.01
N SER DA 95 31.85 -4.06 9.05
CA SER DA 95 30.47 -4.25 9.46
C SER DA 95 30.30 -4.62 10.95
N ASP DA 96 31.40 -4.82 11.69
CA ASP DA 96 31.32 -5.25 13.08
C ASP DA 96 31.41 -4.05 14.03
N PRO DA 97 30.38 -3.73 14.84
CA PRO DA 97 30.52 -2.68 15.86
C PRO DA 97 31.35 -3.22 17.02
N MET DA 98 32.09 -2.32 17.66
CA MET DA 98 32.77 -2.64 18.92
C MET DA 98 31.71 -2.96 19.98
N LYS DA 99 31.87 -4.14 20.62
CA LYS DA 99 31.01 -4.56 21.72
C LYS DA 99 31.78 -4.37 23.04
N PHE DA 100 31.16 -3.64 23.98
CA PHE DA 100 31.74 -3.40 25.29
C PHE DA 100 30.94 -4.19 26.32
N ASN DA 101 31.64 -4.78 27.31
CA ASN DA 101 30.99 -5.16 28.54
C ASN DA 101 30.96 -3.95 29.47
N LEU DA 102 29.87 -3.81 30.24
CA LEU DA 102 29.67 -2.69 31.14
C LEU DA 102 29.34 -3.23 32.53
N GLU DA 103 29.92 -2.60 33.56
CA GLU DA 103 29.53 -2.88 34.93
C GLU DA 103 29.45 -1.57 35.72
N ASN DA 104 28.35 -1.42 36.50
CA ASN DA 104 28.15 -0.28 37.36
C ASN DA 104 27.89 -0.77 38.79
N VAL DA 105 28.69 -0.27 39.75
CA VAL DA 105 28.63 -0.69 41.15
C VAL DA 105 28.24 0.51 42.01
N THR DA 106 27.20 0.33 42.85
CA THR DA 106 26.71 1.40 43.72
C THR DA 106 26.43 0.86 45.13
N PRO DA 107 27.01 1.47 46.19
CA PRO DA 107 26.49 1.30 47.56
C PRO DA 107 25.11 1.94 47.65
N SER DA 108 24.21 1.31 48.42
CA SER DA 108 22.94 1.95 48.78
C SER DA 108 23.23 3.06 49.80
N ALA DA 109 22.30 4.01 49.94
CA ALA DA 109 22.55 5.27 50.63
C ALA DA 109 22.86 5.09 52.12
N SER DA 110 22.26 4.06 52.76
CA SER DA 110 22.51 3.72 54.16
C SER DA 110 23.36 2.44 54.33
N GLY DA 111 23.95 1.95 53.23
CA GLY DA 111 24.87 0.82 53.25
C GLY DA 111 24.20 -0.54 53.47
N GLY DA 112 22.88 -0.63 53.25
CA GLY DA 112 22.11 -1.86 53.38
C GLY DA 112 22.53 -2.95 52.38
N PHE DA 113 23.00 -2.53 51.19
CA PHE DA 113 23.44 -3.43 50.13
C PHE DA 113 24.38 -2.70 49.16
N GLU DA 114 25.07 -3.46 48.30
CA GLU DA 114 25.83 -2.90 47.19
C GLU DA 114 25.28 -3.48 45.88
N ARG DA 115 24.49 -2.69 45.16
CA ARG DA 115 23.92 -3.13 43.89
C ARG DA 115 24.99 -3.09 42.80
N THR DA 116 25.27 -4.27 42.20
CA THR DA 116 26.08 -4.39 40.99
C THR DA 116 25.16 -4.71 39.81
N THR DA 117 25.20 -3.86 38.77
CA THR DA 117 24.57 -4.12 37.48
C THR DA 117 25.65 -4.40 36.44
N ALA DA 118 25.52 -5.52 35.70
CA ALA DA 118 26.46 -5.84 34.62
C ALA DA 118 25.70 -6.16 33.34
N VAL DA 119 26.19 -5.64 32.19
CA VAL DA 119 25.52 -5.75 30.90
C VAL DA 119 26.56 -6.24 29.87
N GLU DA 120 26.19 -7.25 29.08
CA GLU DA 120 27.07 -7.78 28.03
C GLU DA 120 26.82 -7.06 26.70
N ASN DA 121 27.88 -6.96 25.88
CA ASN DA 121 27.82 -6.61 24.46
C ASN DA 121 26.98 -5.35 24.21
N VAL DA 122 27.31 -4.27 24.96
CA VAL DA 122 26.76 -2.95 24.69
C VAL DA 122 27.41 -2.42 23.41
N VAL DA 123 26.56 -1.97 22.46
CA VAL DA 123 27.03 -1.30 21.24
C VAL DA 123 26.40 0.09 21.16
N PHE DA 124 27.17 1.06 20.63
CA PHE DA 124 26.70 2.43 20.50
C PHE DA 124 26.64 2.79 19.00
N PRO DA 125 25.45 3.06 18.40
CA PRO DA 125 25.36 3.43 16.98
C PRO DA 125 26.19 4.66 16.57
N GLU DA 126 26.33 5.62 17.50
CA GLU DA 126 27.06 6.84 17.23
C GLU DA 126 27.92 7.23 18.44
N LEU DA 127 29.11 7.75 18.14
CA LEU DA 127 30.07 8.19 19.15
C LEU DA 127 30.26 9.70 18.99
N PRO DA 128 29.97 10.54 20.03
CA PRO DA 128 30.33 11.96 19.96
C PRO DA 128 31.84 12.10 20.20
N LEU DA 129 32.54 12.63 19.19
CA LEU DA 129 33.97 12.89 19.32
C LEU DA 129 34.20 14.26 19.94
N ASP DA 130 33.53 15.27 19.37
CA ASP DA 130 33.62 16.65 19.81
C ASP DA 130 32.21 17.13 20.18
N SER DA 131 32.10 17.87 21.30
CA SER DA 131 30.81 18.31 21.82
C SER DA 131 30.99 19.62 22.58
N ALA DA 132 31.45 20.65 21.83
CA ALA DA 132 31.91 21.91 22.38
C ALA DA 132 30.78 22.95 22.36
N THR DA 133 30.59 23.63 23.50
CA THR DA 133 29.70 24.77 23.64
C THR DA 133 30.44 25.88 24.39
N TYR DA 134 30.34 27.11 23.87
CA TYR DA 134 30.99 28.29 24.43
C TYR DA 134 30.70 28.42 25.92
N GLY DA 135 31.77 28.53 26.74
CA GLY DA 135 31.68 28.71 28.18
C GLY DA 135 31.36 27.44 28.96
N GLU DA 136 31.49 26.26 28.32
CA GLU DA 136 31.19 24.98 28.96
C GLU DA 136 32.31 23.97 28.66
N TYR DA 137 32.51 23.02 29.58
CA TYR DA 137 33.29 21.83 29.29
C TYR DA 137 32.53 21.00 28.26
N GLU DA 138 33.28 20.30 27.39
CA GLU DA 138 32.65 19.36 26.48
C GLU DA 138 31.93 18.28 27.28
N GLU DA 139 30.67 18.02 26.92
CA GLU DA 139 29.86 16.98 27.56
C GLU DA 139 29.30 16.06 26.49
N TYR DA 140 29.43 14.74 26.71
CA TYR DA 140 29.18 13.73 25.70
C TYR DA 140 28.03 12.84 26.15
N SER DA 141 27.12 12.52 25.21
CA SER DA 141 26.03 11.58 25.47
C SER DA 141 26.16 10.35 24.57
N LEU DA 142 26.18 9.17 25.21
CA LEU DA 142 26.10 7.88 24.53
C LEU DA 142 24.70 7.30 24.71
N THR DA 143 24.17 6.70 23.64
CA THR DA 143 23.00 5.83 23.69
C THR DA 143 23.36 4.53 22.96
N GLY DA 144 23.04 3.38 23.58
CA GLY DA 144 23.40 2.09 23.01
C GLY DA 144 22.58 0.94 23.58
N SER DA 145 22.68 -0.23 22.92
CA SER DA 145 21.92 -1.42 23.30
C SER DA 145 22.85 -2.57 23.70
N GLY DA 146 22.71 -3.02 24.96
CA GLY DA 146 23.32 -4.26 25.43
C GLY DA 146 22.45 -5.47 25.10
N ARG DA 147 23.07 -6.65 25.01
CA ARG DA 147 22.37 -7.87 24.64
C ARG DA 147 21.51 -8.39 25.80
N SER DA 148 22.08 -8.41 27.02
CA SER DA 148 21.41 -8.88 28.22
C SER DA 148 22.08 -8.34 29.48
N VAL DA 149 21.33 -8.35 30.60
CA VAL DA 149 21.87 -8.14 31.93
C VAL DA 149 22.48 -9.46 32.40
N THR DA 150 23.81 -9.50 32.60
CA THR DA 150 24.50 -10.73 33.01
C THR DA 150 24.50 -10.89 34.53
N ASN DA 151 24.38 -9.77 35.26
CA ASN DA 151 24.36 -9.79 36.70
C ASN DA 151 23.55 -8.61 37.25
N LEU DA 152 22.69 -8.91 38.23
CA LEU DA 152 22.09 -7.92 39.11
C LEU DA 152 21.97 -8.52 40.51
N ALA DA 153 22.90 -8.15 41.39
CA ALA DA 153 22.99 -8.76 42.71
C ALA DA 153 23.49 -7.75 43.74
N ASP DA 154 23.22 -8.05 45.02
CA ASP DA 154 23.92 -7.44 46.14
C ASP DA 154 25.30 -8.08 46.23
N THR DA 155 26.36 -7.28 46.02
CA THR DA 155 27.73 -7.76 46.03
C THR DA 155 28.47 -7.38 47.32
N SER DA 156 27.74 -6.83 48.32
CA SER DA 156 28.31 -6.55 49.64
C SER DA 156 28.67 -7.86 50.36
N GLY DA 157 29.55 -7.78 51.36
CA GLY DA 157 30.07 -8.92 52.09
C GLY DA 157 28.99 -9.68 52.84
N ALA EA 2 -10.42 66.05 101.82
CA ALA EA 2 -9.05 65.45 101.75
C ALA EA 2 -8.09 66.24 102.63
N THR EA 3 -6.89 65.69 102.84
CA THR EA 3 -5.86 66.30 103.68
C THR EA 3 -5.20 67.46 102.95
N SER EA 4 -5.00 68.60 103.64
CA SER EA 4 -4.33 69.77 103.10
C SER EA 4 -2.91 69.43 102.67
N PRO EA 5 -2.42 69.90 101.49
CA PRO EA 5 -1.00 69.76 101.13
C PRO EA 5 -0.10 70.49 102.12
N GLU EA 6 1.10 69.94 102.37
CA GLU EA 6 1.97 70.41 103.42
C GLU EA 6 3.44 70.20 103.02
N GLY EA 7 4.34 71.03 103.57
CA GLY EA 7 5.77 70.85 103.38
C GLY EA 7 6.26 69.53 103.98
N ILE EA 8 7.35 68.98 103.41
CA ILE EA 8 8.02 67.82 103.98
C ILE EA 8 9.50 68.16 104.12
N TRP EA 9 10.06 67.87 105.32
CA TRP EA 9 11.46 68.14 105.63
C TRP EA 9 12.27 66.88 105.37
N SER EA 10 13.36 66.99 104.59
CA SER EA 10 14.11 65.81 104.14
C SER EA 10 14.66 64.99 105.32
N ASN EA 11 15.20 65.68 106.34
CA ASN EA 11 15.89 65.03 107.44
C ASN EA 11 14.92 64.33 108.40
N SER EA 12 13.60 64.46 108.18
CA SER EA 12 12.57 63.76 108.93
C SER EA 12 12.37 62.33 108.41
N GLY EA 13 12.97 62.00 107.26
CA GLY EA 13 12.76 60.72 106.59
C GLY EA 13 13.49 59.54 107.24
N ALA EA 14 12.90 58.35 107.11
CA ALA EA 14 13.50 57.09 107.55
C ALA EA 14 13.32 56.03 106.44
N LEU EA 15 14.40 55.78 105.70
CA LEU EA 15 14.45 54.78 104.63
C LEU EA 15 14.87 53.42 105.22
N THR EA 16 14.26 52.33 104.71
CA THR EA 16 14.60 50.97 105.08
C THR EA 16 14.49 50.05 103.87
N PHE EA 17 15.26 48.95 103.90
CA PHE EA 17 15.25 47.92 102.86
C PHE EA 17 14.91 46.56 103.50
N GLU EA 18 14.16 45.74 102.76
CA GLU EA 18 13.76 44.41 103.23
C GLU EA 18 14.00 43.36 102.14
N ASP EA 19 14.42 42.16 102.56
CA ASP EA 19 14.49 41.01 101.69
C ASP EA 19 13.07 40.47 101.44
N PRO EA 20 12.55 40.47 100.18
CA PRO EA 20 11.20 39.98 99.90
C PRO EA 20 10.95 38.49 100.13
N ALA EA 21 12.02 37.72 100.41
CA ALA EA 21 11.87 36.31 100.79
C ALA EA 21 11.36 36.17 102.23
N ASP EA 22 11.68 37.16 103.09
CA ASP EA 22 11.49 37.07 104.53
C ASP EA 22 10.63 38.21 105.08
N ASP EA 23 10.66 39.37 104.41
CA ASP EA 23 10.34 40.68 104.97
C ASP EA 23 11.31 41.07 106.10
N SER EA 24 12.51 40.46 106.15
CA SER EA 24 13.54 40.80 107.14
C SER EA 24 14.32 42.02 106.68
N GLU EA 25 14.68 42.91 107.64
CA GLU EA 25 15.38 44.14 107.33
C GLU EA 25 16.82 43.85 106.89
N ILE EA 26 17.25 44.54 105.82
CA ILE EA 26 18.65 44.62 105.40
C ILE EA 26 19.20 45.94 105.91
N LEU EA 27 20.31 45.89 106.66
CA LEU EA 27 20.82 47.07 107.36
C LEU EA 27 21.34 48.10 106.35
N PHE EA 28 20.79 49.32 106.46
CA PHE EA 28 21.13 50.44 105.59
C PHE EA 28 20.87 51.74 106.37
N ALA EA 29 21.76 52.74 106.19
CA ALA EA 29 21.75 53.94 107.02
C ALA EA 29 22.53 55.07 106.32
N GLY EA 30 22.40 56.28 106.88
CA GLY EA 30 23.26 57.41 106.51
C GLY EA 30 22.90 58.04 105.17
N VAL EA 31 21.61 58.02 104.80
CA VAL EA 31 21.15 58.64 103.55
C VAL EA 31 21.34 60.16 103.60
N ARG EA 32 21.50 60.76 102.41
CA ARG EA 32 21.64 62.19 102.25
C ARG EA 32 20.64 62.69 101.20
N ASP EA 33 20.49 61.94 100.09
CA ASP EA 33 19.43 62.19 99.11
C ASP EA 33 18.61 60.93 98.91
N VAL EA 34 17.28 61.08 98.72
CA VAL EA 34 16.37 60.00 98.35
C VAL EA 34 15.33 60.54 97.35
N THR EA 35 15.40 60.09 96.09
CA THR EA 35 14.39 60.39 95.09
C THR EA 35 13.65 59.10 94.70
N ILE EA 36 12.31 59.13 94.77
CA ILE EA 36 11.47 58.04 94.31
C ILE EA 36 10.45 58.59 93.32
N THR EA 37 10.45 58.03 92.09
CA THR EA 37 9.63 58.56 91.00
C THR EA 37 8.99 57.38 90.24
N PRO EA 38 7.70 57.06 90.50
CA PRO EA 38 6.92 56.23 89.57
C PRO EA 38 6.76 56.95 88.23
N ALA EA 39 6.89 56.17 87.16
CA ALA EA 39 6.88 56.67 85.80
C ALA EA 39 6.18 55.67 84.88
N TYR EA 40 5.74 56.18 83.73
CA TYR EA 40 5.30 55.38 82.59
C TYR EA 40 5.82 56.05 81.31
N GLU EA 41 5.99 55.25 80.26
CA GLU EA 41 6.10 55.80 78.91
C GLU EA 41 4.70 56.18 78.43
N HIS EA 42 4.60 57.33 77.75
CA HIS EA 42 3.34 57.82 77.17
C HIS EA 42 3.41 57.76 75.64
N ALA EA 43 2.35 57.24 75.01
CA ALA EA 43 2.18 57.32 73.57
C ALA EA 43 0.96 58.19 73.22
N GLU EA 44 1.18 59.24 72.42
CA GLU EA 44 0.16 60.20 72.02
C GLU EA 44 -0.23 59.95 70.56
N LEU EA 45 -1.55 59.87 70.29
CA LEU EA 45 -2.05 59.62 68.94
C LEU EA 45 -2.35 60.95 68.23
N TYR EA 46 -1.72 61.14 67.06
CA TYR EA 46 -2.00 62.24 66.15
C TYR EA 46 -2.27 61.72 64.74
N THR EA 47 -3.26 62.32 64.05
CA THR EA 47 -3.63 61.95 62.69
C THR EA 47 -3.97 63.21 61.88
N ILE EA 48 -4.22 63.05 60.58
CA ILE EA 48 -4.56 64.14 59.67
C ILE EA 48 -5.90 64.81 60.01
N ASP EA 49 -6.76 64.15 60.81
CA ASP EA 49 -8.06 64.67 61.22
C ASP EA 49 -7.95 66.02 61.96
N SER EA 50 -6.94 66.15 62.84
CA SER EA 50 -6.83 67.28 63.76
C SER EA 50 -5.36 67.51 64.14
N THR EA 51 -5.01 68.77 64.39
CA THR EA 51 -3.70 69.13 64.94
C THR EA 51 -3.60 68.78 66.42
N PHE EA 52 -4.75 68.61 67.10
CA PHE EA 52 -4.78 68.31 68.52
C PHE EA 52 -4.61 66.80 68.73
N ARG EA 53 -4.09 66.45 69.92
CA ARG EA 53 -3.90 65.09 70.38
C ARG EA 53 -5.25 64.35 70.46
N ASP EA 54 -5.32 63.18 69.82
CA ASP EA 54 -6.54 62.39 69.75
C ASP EA 54 -6.69 61.51 71.00
N GLU EA 55 -5.59 60.84 71.38
CA GLU EA 55 -5.53 59.92 72.52
C GLU EA 55 -4.15 60.00 73.19
N VAL EA 56 -4.09 59.57 74.46
CA VAL EA 56 -2.83 59.34 75.17
C VAL EA 56 -2.97 58.12 76.09
N LYS EA 57 -1.90 57.29 76.17
CA LYS EA 57 -1.92 56.02 76.88
C LYS EA 57 -0.59 55.72 77.58
N ARG EA 58 -0.66 54.95 78.69
CA ARG EA 58 0.48 54.55 79.53
C ARG EA 58 0.96 53.15 79.16
N TYR EA 59 2.28 52.92 79.26
CA TYR EA 59 2.94 51.61 79.20
C TYR EA 59 4.33 51.70 79.86
N GLU EA 60 5.00 50.55 80.03
CA GLU EA 60 6.29 50.43 80.72
C GLU EA 60 6.29 51.22 82.03
N HIS EA 61 5.54 50.69 83.00
CA HIS EA 61 5.63 51.22 84.35
C HIS EA 61 6.97 50.80 84.97
N ASN EA 62 7.62 51.75 85.66
CA ASN EA 62 8.71 51.47 86.57
C ASN EA 62 8.75 52.56 87.64
N VAL EA 63 9.47 52.29 88.74
CA VAL EA 63 9.73 53.29 89.75
C VAL EA 63 11.23 53.56 89.77
N ASN EA 64 11.63 54.75 89.28
CA ASN EA 64 13.00 55.20 89.41
C ASN EA 64 13.29 55.48 90.89
N VAL EA 65 14.31 54.78 91.43
CA VAL EA 65 14.80 54.98 92.77
C VAL EA 65 16.25 55.45 92.65
N GLU EA 66 16.56 56.64 93.18
CA GLU EA 66 17.94 57.07 93.28
C GLU EA 66 18.23 57.62 94.67
N ILE EA 67 19.33 57.11 95.27
CA ILE EA 67 19.67 57.34 96.67
C ILE EA 67 21.15 57.74 96.75
N THR EA 68 21.45 58.80 97.52
CA THR EA 68 22.81 59.12 97.92
C THR EA 68 22.96 58.89 99.42
N TYR EA 69 24.03 58.18 99.83
CA TYR EA 69 24.22 57.82 101.23
C TYR EA 69 25.71 57.76 101.58
N ALA EA 70 26.02 57.90 102.89
CA ALA EA 70 27.38 58.13 103.34
C ALA EA 70 27.83 57.20 104.48
N LYS EA 71 27.06 56.12 104.73
CA LYS EA 71 27.48 55.03 105.61
C LYS EA 71 27.49 53.73 104.82
N PHE EA 72 28.66 53.08 104.74
CA PHE EA 72 28.79 51.83 104.01
C PHE EA 72 28.14 50.69 104.80
N SER EA 73 27.41 49.81 104.09
CA SER EA 73 26.79 48.63 104.68
C SER EA 73 27.35 47.37 104.01
N LEU EA 74 27.99 46.49 104.80
CA LEU EA 74 28.47 45.22 104.28
C LEU EA 74 27.31 44.30 103.91
N GLU EA 75 26.23 44.33 104.69
CA GLU EA 75 25.07 43.49 104.40
C GLU EA 75 24.44 43.86 103.07
N PHE EA 76 24.15 45.15 102.85
CA PHE EA 76 23.56 45.61 101.60
C PHE EA 76 24.40 45.21 100.38
N ALA EA 77 25.73 45.40 100.48
CA ALA EA 77 26.66 45.06 99.41
C ALA EA 77 26.70 43.55 99.15
N GLN EA 78 26.77 42.74 100.21
CA GLN EA 78 26.89 41.29 100.09
C GLN EA 78 25.58 40.63 99.66
N GLU EA 79 24.44 41.25 100.01
CA GLU EA 79 23.13 40.88 99.47
C GLU EA 79 23.06 41.16 97.97
N TRP EA 80 23.54 42.35 97.56
CA TRP EA 80 23.58 42.73 96.15
C TRP EA 80 24.42 41.74 95.33
N LEU EA 81 25.61 41.39 95.85
CA LEU EA 81 26.50 40.43 95.20
C LEU EA 81 25.82 39.05 95.10
N GLY EA 82 25.13 38.64 96.18
CA GLY EA 82 24.61 37.28 96.33
C GLY EA 82 23.44 36.94 95.41
N GLY EA 83 22.65 37.95 94.99
CA GLY EA 83 21.40 37.72 94.27
C GLY EA 83 20.28 37.31 95.23
N PRO EA 84 19.06 36.97 94.72
CA PRO EA 84 17.92 36.65 95.58
C PRO EA 84 18.17 35.49 96.55
N GLY EA 85 17.82 35.71 97.83
CA GLY EA 85 17.83 34.70 98.88
C GLY EA 85 19.23 34.18 99.24
N ALA EA 86 20.28 34.95 98.93
CA ALA EA 86 21.66 34.54 99.17
C ALA EA 86 22.56 35.76 99.45
N THR EA 87 23.70 35.50 100.08
CA THR EA 87 24.70 36.49 100.46
C THR EA 87 26.06 36.01 99.95
N ALA EA 88 26.89 36.92 99.39
CA ALA EA 88 28.18 36.53 98.84
C ALA EA 88 29.26 37.60 99.05
N THR EA 89 30.52 37.15 99.17
CA THR EA 89 31.68 38.02 99.35
C THR EA 89 32.42 38.28 98.02
N ALA EA 90 31.89 37.76 96.91
CA ALA EA 90 32.50 37.88 95.59
C ALA EA 90 31.41 37.97 94.53
N SER EA 91 31.73 38.52 93.34
CA SER EA 91 30.80 38.56 92.22
C SER EA 91 30.26 37.16 91.92
N GLN EA 92 28.95 37.06 91.65
CA GLN EA 92 28.31 35.80 91.31
C GLN EA 92 28.03 35.76 89.81
N ASP EA 93 28.38 34.62 89.20
CA ASP EA 93 28.20 34.41 87.76
C ASP EA 93 26.80 33.83 87.51
N ASP EA 94 25.76 34.64 87.76
CA ASP EA 94 24.38 34.22 87.53
C ASP EA 94 23.50 35.41 87.12
N SER EA 95 22.32 35.07 86.58
CA SER EA 95 21.46 35.98 85.84
C SER EA 95 20.44 36.72 86.71
N ASP EA 96 20.31 36.39 88.00
CA ASP EA 96 19.29 36.97 88.86
C ASP EA 96 19.85 38.15 89.65
N PRO EA 97 19.33 39.40 89.48
CA PRO EA 97 19.70 40.50 90.38
C PRO EA 97 18.96 40.38 91.71
N MET EA 98 19.64 40.81 92.79
CA MET EA 98 18.99 40.91 94.10
C MET EA 98 17.88 41.96 94.03
N LYS EA 99 16.68 41.56 94.47
CA LYS EA 99 15.51 42.42 94.50
C LYS EA 99 15.24 42.85 95.95
N PHE EA 100 15.22 44.18 96.17
CA PHE EA 100 14.97 44.73 97.49
C PHE EA 100 13.57 45.31 97.52
N ASN EA 101 12.80 44.99 98.57
CA ASN EA 101 11.66 45.82 98.91
C ASN EA 101 12.20 47.07 99.64
N LEU EA 102 11.60 48.22 99.33
CA LEU EA 102 12.03 49.50 99.88
C LEU EA 102 10.83 50.18 100.53
N GLU EA 103 11.04 50.80 101.70
CA GLU EA 103 10.03 51.64 102.30
C GLU EA 103 10.68 52.90 102.87
N ASN EA 104 10.00 54.04 102.69
CA ASN EA 104 10.44 55.32 103.23
C ASN EA 104 9.26 55.98 103.94
N VAL EA 105 9.51 56.51 105.15
CA VAL EA 105 8.49 57.11 105.98
C VAL EA 105 8.92 58.52 106.40
N THR EA 106 8.01 59.50 106.27
CA THR EA 106 8.26 60.90 106.59
C THR EA 106 7.02 61.53 107.21
N PRO EA 107 7.11 62.10 108.44
CA PRO EA 107 6.12 63.10 108.90
C PRO EA 107 6.12 64.31 107.96
N SER EA 108 4.93 64.88 107.71
CA SER EA 108 4.84 66.18 107.10
C SER EA 108 5.35 67.24 108.09
N ALA EA 109 5.72 68.42 107.59
CA ALA EA 109 6.49 69.41 108.35
C ALA EA 109 5.76 69.92 109.60
N SER EA 110 4.41 70.00 109.53
CA SER EA 110 3.58 70.40 110.66
C SER EA 110 2.74 69.24 111.22
N GLY EA 111 3.07 68.00 110.83
CA GLY EA 111 2.43 66.80 111.37
C GLY EA 111 1.01 66.56 110.88
N GLY EA 112 0.60 67.23 109.79
CA GLY EA 112 -0.71 67.08 109.18
C GLY EA 112 -0.99 65.66 108.66
N PHE EA 113 0.08 64.95 108.26
CA PHE EA 113 0.03 63.55 107.84
C PHE EA 113 1.41 62.91 108.02
N GLU EA 114 1.45 61.58 107.95
CA GLU EA 114 2.71 60.85 107.82
C GLU EA 114 2.70 60.09 106.50
N ARG EA 115 3.55 60.54 105.55
CA ARG EA 115 3.62 59.91 104.24
C ARG EA 115 4.52 58.67 104.31
N THR EA 116 3.96 57.50 103.95
CA THR EA 116 4.69 56.26 103.73
C THR EA 116 4.71 55.94 102.23
N THR EA 117 5.91 55.79 101.66
CA THR EA 117 6.10 55.31 100.29
C THR EA 117 6.76 53.93 100.33
N ALA EA 118 6.14 52.93 99.68
CA ALA EA 118 6.71 51.58 99.59
C ALA EA 118 6.83 51.13 98.13
N VAL EA 119 7.96 50.51 97.79
CA VAL EA 119 8.29 50.11 96.42
C VAL EA 119 8.76 48.65 96.43
N GLU EA 120 8.21 47.83 95.51
CA GLU EA 120 8.59 46.42 95.44
C GLU EA 120 9.73 46.20 94.43
N ASN EA 121 10.54 45.17 94.68
CA ASN EA 121 11.48 44.59 93.72
C ASN EA 121 12.40 45.63 93.09
N VAL EA 122 12.98 46.51 93.92
CA VAL EA 122 13.99 47.47 93.45
C VAL EA 122 15.25 46.68 93.12
N VAL EA 123 15.81 46.92 91.92
CA VAL EA 123 17.08 46.34 91.49
C VAL EA 123 18.04 47.45 91.07
N PHE EA 124 19.32 47.26 91.38
CA PHE EA 124 20.36 48.25 91.10
C PHE EA 124 21.33 47.67 90.07
N PRO EA 125 21.43 48.24 88.83
CA PRO EA 125 22.37 47.75 87.81
C PRO EA 125 23.85 47.77 88.23
N GLU EA 126 24.21 48.73 89.09
CA GLU EA 126 25.57 48.85 89.59
C GLU EA 126 25.56 49.30 91.05
N LEU EA 127 26.58 48.81 91.79
CA LEU EA 127 26.75 49.06 93.20
C LEU EA 127 28.12 49.72 93.40
N PRO EA 128 28.19 50.97 93.92
CA PRO EA 128 29.50 51.55 94.27
C PRO EA 128 30.01 50.91 95.57
N LEU EA 129 31.13 50.19 95.46
CA LEU EA 129 31.76 49.59 96.63
C LEU EA 129 32.66 50.60 97.33
N ASP EA 130 33.55 51.24 96.55
CA ASP EA 130 34.48 52.23 97.03
C ASP EA 130 34.22 53.54 96.27
N SER EA 131 34.23 54.67 96.99
CA SER EA 131 33.87 55.97 96.44
C SER EA 131 34.62 57.06 97.18
N ALA EA 132 35.96 56.96 97.16
CA ALA EA 132 36.86 57.83 97.92
C ALA EA 132 37.18 59.11 97.13
N THR EA 133 37.37 60.20 97.89
CA THR EA 133 37.84 61.49 97.38
C THR EA 133 38.60 62.19 98.50
N TYR EA 134 39.75 62.80 98.16
CA TYR EA 134 40.64 63.38 99.15
C TYR EA 134 39.91 64.44 99.99
N GLY EA 135 39.95 64.27 101.32
CA GLY EA 135 39.35 65.21 102.27
C GLY EA 135 37.84 65.04 102.43
N GLU EA 136 37.28 63.89 102.02
CA GLU EA 136 35.84 63.64 102.11
C GLU EA 136 35.56 62.25 102.68
N TYR EA 137 34.39 62.10 103.33
CA TYR EA 137 33.82 60.79 103.59
C TYR EA 137 33.38 60.20 102.26
N GLU EA 138 33.51 58.87 102.12
CA GLU EA 138 33.02 58.18 100.94
C GLU EA 138 31.50 58.38 100.84
N GLU EA 139 31.04 58.76 99.64
CA GLU EA 139 29.62 59.00 99.39
C GLU EA 139 29.17 58.14 98.19
N TYR EA 140 28.06 57.42 98.38
CA TYR EA 140 27.63 56.34 97.51
C TYR EA 140 26.31 56.72 96.85
N SER EA 141 26.26 56.60 95.51
CA SER EA 141 25.06 56.89 94.72
C SER EA 141 24.51 55.61 94.10
N LEU EA 142 23.24 55.30 94.41
CA LEU EA 142 22.52 54.18 93.80
C LEU EA 142 21.49 54.73 92.81
N THR EA 143 21.43 54.14 91.61
CA THR EA 143 20.32 54.30 90.68
C THR EA 143 19.70 52.92 90.44
N GLY EA 144 18.38 52.80 90.58
CA GLY EA 144 17.71 51.52 90.40
C GLY EA 144 16.26 51.67 89.91
N SER EA 145 15.64 50.53 89.56
CA SER EA 145 14.24 50.49 89.12
C SER EA 145 13.44 49.48 89.95
N GLY EA 146 12.41 49.99 90.65
CA GLY EA 146 11.38 49.18 91.29
C GLY EA 146 10.28 48.82 90.30
N ARG EA 147 9.54 47.73 90.59
CA ARG EA 147 8.50 47.23 89.71
C ARG EA 147 7.22 48.08 89.82
N SER EA 148 6.81 48.41 91.06
CA SER EA 148 5.61 49.19 91.33
C SER EA 148 5.66 49.81 92.73
N VAL EA 149 4.84 50.85 92.93
CA VAL EA 149 4.55 51.42 94.25
C VAL EA 149 3.48 50.53 94.90
N THR EA 150 3.84 49.85 96.01
CA THR EA 150 2.89 48.96 96.68
C THR EA 150 2.05 49.71 97.71
N ASN EA 151 2.55 50.85 98.20
CA ASN EA 151 1.81 51.68 99.14
C ASN EA 151 2.22 53.14 99.02
N LEU EA 152 1.21 54.02 99.06
CA LEU EA 152 1.35 55.46 99.24
C LEU EA 152 0.11 55.98 99.97
N ALA EA 153 0.28 56.27 101.27
CA ALA EA 153 -0.84 56.61 102.14
C ALA EA 153 -0.36 57.50 103.29
N ASP EA 154 -1.33 58.19 103.92
CA ASP EA 154 -1.15 58.75 105.25
C ASP EA 154 -1.23 57.61 106.27
N THR EA 155 -0.11 57.36 106.96
CA THR EA 155 -0.01 56.28 107.96
C THR EA 155 -0.06 56.82 109.39
N SER EA 156 -0.33 58.12 109.57
CA SER EA 156 -0.49 58.70 110.90
C SER EA 156 -1.75 58.14 111.59
N GLY EA 157 -1.75 58.13 112.93
CA GLY EA 157 -2.82 57.59 113.74
C GLY EA 157 -4.15 58.29 113.52
N ALA FA 2 -6.27 98.11 72.27
CA ALA FA 2 -5.88 96.86 72.98
C ALA FA 2 -5.38 97.20 74.38
N THR FA 3 -5.29 96.17 75.24
CA THR FA 3 -4.77 96.28 76.60
C THR FA 3 -3.25 96.45 76.55
N SER FA 4 -2.72 97.46 77.27
CA SER FA 4 -1.29 97.75 77.31
C SER FA 4 -0.51 96.58 77.90
N PRO FA 5 0.63 96.14 77.29
CA PRO FA 5 1.51 95.15 77.91
C PRO FA 5 2.03 95.63 79.26
N GLU FA 6 2.16 94.70 80.22
CA GLU FA 6 2.47 95.02 81.60
C GLU FA 6 3.28 93.88 82.22
N GLY FA 7 4.13 94.20 83.22
CA GLY FA 7 4.87 93.18 83.96
C GLY FA 7 3.94 92.24 84.73
N ILE FA 8 4.39 91.00 84.98
CA ILE FA 8 3.66 90.07 85.83
C ILE FA 8 4.62 89.55 86.91
N TRP FA 9 4.17 89.58 88.16
CA TRP FA 9 4.96 89.15 89.31
C TRP FA 9 4.60 87.70 89.63
N SER FA 10 5.61 86.81 89.72
CA SER FA 10 5.37 85.37 89.83
C SER FA 10 4.54 85.01 91.06
N ASN FA 11 4.83 85.67 92.19
CA ASN FA 11 4.25 85.28 93.48
C ASN FA 11 2.78 85.70 93.60
N SER FA 12 2.25 86.46 92.62
CA SER FA 12 0.85 86.85 92.57
C SER FA 12 -0.05 85.74 92.02
N GLY FA 13 0.55 84.68 91.45
CA GLY FA 13 -0.20 83.63 90.77
C GLY FA 13 -0.91 82.66 91.73
N ALA FA 14 -2.09 82.21 91.29
CA ALA FA 14 -2.83 81.12 91.94
C ALA FA 14 -3.06 80.00 90.92
N LEU FA 15 -2.43 78.85 91.15
CA LEU FA 15 -2.54 77.65 90.32
C LEU FA 15 -3.50 76.65 90.98
N THR FA 16 -4.36 76.04 90.16
CA THR FA 16 -5.34 75.06 90.63
C THR FA 16 -5.49 73.92 89.62
N PHE FA 17 -5.84 72.74 90.13
CA PHE FA 17 -6.10 71.55 89.33
C PHE FA 17 -7.52 71.06 89.58
N GLU FA 18 -8.15 70.52 88.52
CA GLU FA 18 -9.52 70.01 88.59
C GLU FA 18 -9.63 68.66 87.88
N ASP FA 19 -10.51 67.80 88.40
CA ASP FA 19 -10.87 66.55 87.74
C ASP FA 19 -11.84 66.87 86.59
N PRO FA 20 -11.50 66.58 85.30
CA PRO FA 20 -12.40 66.85 84.18
C PRO FA 20 -13.72 66.06 84.18
N ALA FA 21 -13.83 65.03 85.04
CA ALA FA 21 -15.08 64.29 85.19
C ALA FA 21 -16.12 65.07 85.99
N ASP FA 22 -15.66 66.02 86.84
CA ASP FA 22 -16.49 66.68 87.85
C ASP FA 22 -16.44 68.20 87.75
N ASP FA 23 -15.29 68.74 87.30
CA ASP FA 23 -14.83 70.11 87.58
C ASP FA 23 -14.58 70.33 89.07
N SER FA 24 -14.37 69.25 89.86
CA SER FA 24 -14.04 69.32 91.28
C SER FA 24 -12.55 69.59 91.47
N GLU FA 25 -12.19 70.40 92.48
CA GLU FA 25 -10.81 70.78 92.73
C GLU FA 25 -10.04 69.60 93.33
N ILE FA 26 -8.79 69.41 92.84
CA ILE FA 26 -7.80 68.51 93.39
C ILE FA 26 -6.80 69.35 94.18
N LEU FA 27 -6.62 69.03 95.48
CA LEU FA 27 -5.82 69.86 96.37
C LEU FA 27 -4.35 69.84 95.94
N PHE FA 28 -3.82 71.05 95.67
CA PHE FA 28 -2.45 71.25 95.22
C PHE FA 28 -2.02 72.66 95.64
N ALA FA 29 -0.77 72.80 96.12
CA ALA FA 29 -0.32 74.04 96.75
C ALA FA 29 1.21 74.14 96.73
N GLY FA 30 1.72 75.32 97.13
CA GLY FA 30 3.13 75.54 97.41
C GLY FA 30 4.02 75.51 96.16
N VAL FA 31 3.52 76.05 95.04
CA VAL FA 31 4.31 76.18 93.81
C VAL FA 31 5.45 77.19 94.02
N ARG FA 32 6.49 77.04 93.18
CA ARG FA 32 7.66 77.90 93.18
C ARG FA 32 7.98 78.31 91.73
N ASP FA 33 7.96 77.34 90.80
CA ASP FA 33 8.01 77.64 89.37
C ASP FA 33 6.75 77.10 88.68
N VAL FA 34 6.28 77.83 87.65
CA VAL FA 34 5.20 77.39 86.76
C VAL FA 34 5.49 77.90 85.34
N THR FA 35 5.72 76.95 84.42
CA THR FA 35 5.86 77.26 82.99
C THR FA 35 4.71 76.60 82.22
N ILE FA 36 4.00 77.40 81.40
CA ILE FA 36 2.99 76.91 80.49
C ILE FA 36 3.32 77.43 79.08
N THR FA 37 3.49 76.49 78.13
CA THR FA 37 3.95 76.81 76.78
C THR FA 37 3.14 76.00 75.77
N PRO FA 38 2.12 76.60 75.10
CA PRO FA 38 1.56 76.02 73.87
C PRO FA 38 2.60 76.01 72.75
N ALA FA 39 2.59 74.91 71.98
CA ALA FA 39 3.60 74.63 70.98
C ALA FA 39 2.99 73.83 69.83
N TYR FA 40 3.49 74.10 68.61
CA TYR FA 40 3.21 73.28 67.45
C TYR FA 40 4.55 72.88 66.82
N GLU FA 41 4.58 71.71 66.16
CA GLU FA 41 5.65 71.42 65.21
C GLU FA 41 5.44 72.27 63.95
N HIS FA 42 6.55 72.81 63.40
CA HIS FA 42 6.52 73.62 62.18
C HIS FA 42 7.24 72.87 61.05
N ALA FA 43 6.56 72.75 59.90
CA ALA FA 43 7.19 72.24 58.69
C ALA FA 43 7.34 73.35 57.65
N GLU FA 44 8.59 73.60 57.22
CA GLU FA 44 8.93 74.67 56.29
C GLU FA 44 9.23 74.05 54.91
N LEU FA 45 8.67 74.64 53.84
CA LEU FA 45 8.87 74.13 52.49
C LEU FA 45 9.92 74.98 51.75
N TYR FA 46 10.93 74.29 51.22
CA TYR FA 46 11.94 74.87 50.34
C TYR FA 46 12.09 73.98 49.10
N THR FA 47 12.31 74.61 47.94
CA THR FA 47 12.48 73.92 46.67
C THR FA 47 13.56 74.63 45.84
N ILE FA 48 13.97 74.01 44.72
CA ILE FA 48 15.02 74.50 43.84
C ILE FA 48 14.64 75.85 43.21
N ASP FA 49 13.34 76.22 43.25
CA ASP FA 49 12.83 77.50 42.73
C ASP FA 49 13.46 78.72 43.42
N SER FA 50 13.74 78.63 44.74
CA SER FA 50 14.11 79.78 45.55
C SER FA 50 14.88 79.33 46.80
N THR FA 51 15.84 80.16 47.24
CA THR FA 51 16.53 79.97 48.51
C THR FA 51 15.62 80.34 49.70
N PHE FA 52 14.59 81.16 49.46
CA PHE FA 52 13.69 81.57 50.53
C PHE FA 52 12.68 80.45 50.82
N ARG FA 53 12.09 80.52 52.01
CA ARG FA 53 11.02 79.64 52.47
C ARG FA 53 9.76 79.93 51.64
N ASP FA 54 9.14 78.86 51.12
CA ASP FA 54 7.97 78.95 50.25
C ASP FA 54 6.69 78.94 51.11
N GLU FA 55 6.64 78.02 52.09
CA GLU FA 55 5.49 77.84 52.98
C GLU FA 55 5.96 77.46 54.39
N VAL FA 56 5.10 77.71 55.39
CA VAL FA 56 5.27 77.16 56.73
C VAL FA 56 3.90 76.78 57.31
N LYS FA 57 3.84 75.63 58.01
CA LYS FA 57 2.59 75.06 58.51
C LYS FA 57 2.75 74.47 59.92
N ARG FA 58 1.69 74.59 60.72
CA ARG FA 58 1.58 74.04 62.08
C ARG FA 58 1.00 72.63 62.04
N TYR FA 59 1.48 71.76 62.93
CA TYR FA 59 0.87 70.47 63.23
C TYR FA 59 1.28 70.03 64.65
N GLU FA 60 0.70 68.92 65.13
CA GLU FA 60 1.10 68.24 66.36
C GLU FA 60 1.12 69.22 67.54
N HIS FA 61 -0.06 69.81 67.81
CA HIS FA 61 -0.23 70.78 68.88
C HIS FA 61 -0.04 70.12 70.25
N ASN FA 62 0.53 70.91 71.16
CA ASN FA 62 0.94 70.45 72.49
C ASN FA 62 0.92 71.65 73.43
N VAL FA 63 0.69 71.41 74.74
CA VAL FA 63 0.92 72.44 75.75
C VAL FA 63 1.88 71.87 76.79
N ASN FA 64 3.15 72.29 76.72
CA ASN FA 64 4.12 71.92 77.73
C ASN FA 64 3.80 72.64 79.04
N VAL FA 65 3.45 71.84 80.05
CA VAL FA 65 3.25 72.32 81.42
C VAL FA 65 4.40 71.76 82.26
N GLU FA 66 5.11 72.65 82.99
CA GLU FA 66 6.02 72.17 84.02
C GLU FA 66 5.97 73.07 85.26
N ILE FA 67 5.94 72.40 86.43
CA ILE FA 67 5.68 73.01 87.71
C ILE FA 67 6.73 72.50 88.70
N THR FA 68 7.29 73.42 89.51
CA THR FA 68 8.10 73.05 90.66
C THR FA 68 7.38 73.50 91.94
N TYR FA 69 7.25 72.59 92.92
CA TYR FA 69 6.44 72.85 94.09
C TYR FA 69 7.05 72.14 95.32
N ALA FA 70 6.69 72.63 96.53
CA ALA FA 70 7.36 72.22 97.76
C ALA FA 70 6.40 71.77 98.87
N LYS FA 71 5.11 71.61 98.54
CA LYS FA 71 4.13 71.01 99.45
C LYS FA 71 3.61 69.73 98.80
N PHE FA 72 3.76 68.60 99.50
CA PHE FA 72 3.28 67.33 99.00
C PHE FA 72 1.76 67.25 99.13
N SER FA 73 1.09 66.71 98.09
CA SER FA 73 -0.34 66.46 98.12
C SER FA 73 -0.62 64.97 97.95
N LEU FA 74 -1.24 64.37 98.97
CA LEU FA 74 -1.67 62.98 98.92
C LEU FA 74 -2.80 62.79 97.90
N GLU FA 75 -3.71 63.77 97.80
CA GLU FA 75 -4.79 63.67 96.84
C GLU FA 75 -4.24 63.66 95.42
N PHE FA 76 -3.34 64.61 95.09
CA PHE FA 76 -2.79 64.72 93.75
C PHE FA 76 -2.06 63.44 93.33
N ALA FA 77 -1.26 62.89 94.26
CA ALA FA 77 -0.47 61.68 94.01
C ALA FA 77 -1.38 60.46 93.83
N GLN FA 78 -2.44 60.35 94.65
CA GLN FA 78 -3.34 59.21 94.60
C GLN FA 78 -4.31 59.28 93.40
N GLU FA 79 -4.63 60.50 92.94
CA GLU FA 79 -5.35 60.72 91.69
C GLU FA 79 -4.50 60.28 90.51
N TRP FA 80 -3.21 60.66 90.50
CA TRP FA 80 -2.27 60.30 89.45
C TRP FA 80 -2.12 58.78 89.34
N LEU FA 81 -1.98 58.10 90.50
CA LEU FA 81 -1.90 56.65 90.56
C LEU FA 81 -3.18 56.01 90.03
N GLY FA 82 -4.35 56.54 90.44
CA GLY FA 82 -5.66 55.95 90.17
C GLY FA 82 -6.09 55.97 88.70
N GLY FA 83 -5.60 56.95 87.92
CA GLY FA 83 -6.09 57.17 86.57
C GLY FA 83 -7.45 57.87 86.55
N PRO FA 84 -8.07 58.10 85.36
CA PRO FA 84 -9.32 58.87 85.25
C PRO FA 84 -10.46 58.33 86.11
N GLY FA 85 -11.09 59.25 86.87
CA GLY FA 85 -12.29 58.98 87.67
C GLY FA 85 -12.06 58.03 88.85
N ALA FA 86 -10.80 57.84 89.26
CA ALA FA 86 -10.45 56.92 90.34
C ALA FA 86 -9.24 57.42 91.14
N THR FA 87 -9.09 56.89 92.37
CA THR FA 87 -8.04 57.22 93.33
C THR FA 87 -7.41 55.91 93.80
N ALA FA 88 -6.07 55.86 93.95
CA ALA FA 88 -5.41 54.63 94.36
C ALA FA 88 -4.17 54.88 95.23
N THR FA 89 -3.91 53.93 96.16
CA THR FA 89 -2.78 53.97 97.08
C THR FA 89 -1.59 53.12 96.59
N ALA FA 90 -1.69 52.58 95.36
CA ALA FA 90 -0.67 51.73 94.77
C ALA FA 90 -0.71 51.90 93.24
N SER FA 91 0.40 51.56 92.55
CA SER FA 91 0.46 51.60 91.08
C SER FA 91 -0.68 50.78 90.49
N GLN FA 92 -1.27 51.31 89.40
CA GLN FA 92 -2.34 50.64 88.69
C GLN FA 92 -1.82 50.12 87.35
N ASP FA 93 -2.11 48.84 87.08
CA ASP FA 93 -1.74 48.18 85.85
C ASP FA 93 -2.84 48.41 84.80
N ASP FA 94 -2.96 49.67 84.33
CA ASP FA 94 -3.87 50.02 83.26
C ASP FA 94 -3.34 51.19 82.42
N SER FA 95 -3.92 51.35 81.22
CA SER FA 95 -3.35 52.15 80.13
C SER FA 95 -3.83 53.61 80.15
N ASP FA 96 -4.82 53.98 80.97
CA ASP FA 96 -5.35 55.33 80.99
C ASP FA 96 -4.57 56.21 81.97
N PRO FA 97 -3.84 57.27 81.50
CA PRO FA 97 -3.22 58.22 82.43
C PRO FA 97 -4.29 59.15 83.00
N MET FA 98 -4.11 59.58 84.25
CA MET FA 98 -4.96 60.59 84.85
C MET FA 98 -4.79 61.91 84.09
N LYS FA 99 -5.92 62.51 83.68
CA LYS FA 99 -5.96 63.77 82.95
C LYS FA 99 -6.46 64.86 83.89
N PHE FA 100 -5.65 65.91 84.08
CA PHE FA 100 -6.00 67.02 84.95
C PHE FA 100 -6.35 68.23 84.09
N ASN FA 101 -7.46 68.90 84.42
CA ASN FA 101 -7.63 70.28 83.97
C ASN FA 101 -6.81 71.18 84.89
N LEU FA 102 -6.19 72.21 84.29
CA LEU FA 102 -5.31 73.12 85.00
C LEU FA 102 -5.75 74.56 84.70
N GLU FA 103 -5.69 75.42 85.73
CA GLU FA 103 -5.89 76.85 85.55
C GLU FA 103 -4.90 77.62 86.42
N ASN FA 104 -4.30 78.66 85.82
CA ASN FA 104 -3.45 79.60 86.53
C ASN FA 104 -4.02 81.01 86.35
N VAL FA 105 -4.15 81.75 87.46
CA VAL FA 105 -4.72 83.10 87.45
C VAL FA 105 -3.72 84.05 88.10
N THR FA 106 -3.40 85.15 87.40
CA THR FA 106 -2.43 86.14 87.86
C THR FA 106 -2.92 87.56 87.56
N PRO FA 107 -2.96 88.47 88.56
CA PRO FA 107 -3.00 89.91 88.28
C PRO FA 107 -1.72 90.35 87.56
N SER FA 108 -1.84 91.33 86.66
CA SER FA 108 -0.67 92.04 86.15
C SER FA 108 -0.12 92.94 87.25
N ALA FA 109 1.15 93.36 87.13
CA ALA FA 109 1.91 93.93 88.23
C ALA FA 109 1.33 95.27 88.74
N SER FA 110 0.65 96.03 87.86
CA SER FA 110 -0.03 97.27 88.22
C SER FA 110 -1.56 97.15 88.09
N GLY FA 111 -2.07 95.92 87.99
CA GLY FA 111 -3.51 95.65 87.97
C GLY FA 111 -4.22 96.07 86.68
N GLY FA 112 -3.46 96.25 85.58
CA GLY FA 112 -4.01 96.58 84.28
C GLY FA 112 -4.91 95.49 83.69
N PHE FA 113 -4.67 94.23 84.07
CA PHE FA 113 -5.47 93.07 83.67
C PHE FA 113 -5.29 91.94 84.68
N GLU FA 114 -6.18 90.94 84.63
CA GLU FA 114 -5.96 89.67 85.30
C GLU FA 114 -5.90 88.57 84.26
N ARG FA 115 -4.70 88.02 84.04
CA ARG FA 115 -4.48 86.97 83.05
C ARG FA 115 -4.89 85.62 83.64
N THR FA 116 -5.86 84.97 82.98
CA THR FA 116 -6.24 83.58 83.25
C THR FA 116 -5.76 82.70 82.09
N THR FA 117 -4.95 81.68 82.41
CA THR FA 117 -4.56 80.63 81.47
C THR FA 117 -5.18 79.30 81.93
N ALA FA 118 -5.92 78.63 81.04
CA ALA FA 118 -6.53 77.34 81.34
C ALA FA 118 -6.14 76.31 80.29
N VAL FA 119 -5.83 75.08 80.74
CA VAL FA 119 -5.29 74.00 79.91
C VAL FA 119 -6.07 72.72 80.20
N GLU FA 120 -6.56 72.04 79.13
CA GLU FA 120 -7.31 70.80 79.28
C GLU FA 120 -6.38 69.59 79.25
N ASN FA 121 -6.79 68.52 79.95
CA ASN FA 121 -6.25 67.17 79.81
C ASN FA 121 -4.71 67.13 79.91
N VAL FA 122 -4.16 67.77 80.97
CA VAL FA 122 -2.74 67.68 81.27
C VAL FA 122 -2.45 66.28 81.81
N VAL FA 123 -1.42 65.63 81.26
CA VAL FA 123 -0.94 64.34 81.74
C VAL FA 123 0.56 64.44 82.06
N PHE FA 124 0.97 63.74 83.12
CA PHE FA 124 2.35 63.75 83.59
C PHE FA 124 2.93 62.33 83.44
N PRO FA 125 3.95 62.11 82.57
CA PRO FA 125 4.56 60.78 82.41
C PRO FA 125 5.13 60.18 83.70
N GLU FA 126 5.64 61.04 84.58
CA GLU FA 126 6.23 60.62 85.84
C GLU FA 126 5.84 61.58 86.97
N LEU FA 127 5.67 61.00 88.16
CA LEU FA 127 5.29 61.72 89.36
C LEU FA 127 6.40 61.53 90.40
N PRO FA 128 7.07 62.61 90.88
CA PRO FA 128 8.01 62.46 92.00
C PRO FA 128 7.23 62.29 93.30
N LEU FA 129 7.36 61.11 93.92
CA LEU FA 129 6.72 60.87 95.22
C LEU FA 129 7.61 61.42 96.34
N ASP FA 130 8.90 61.04 96.31
CA ASP FA 130 9.88 61.48 97.29
C ASP FA 130 11.00 62.21 96.56
N SER FA 131 11.52 63.29 97.18
CA SER FA 131 12.56 64.12 96.60
C SER FA 131 13.39 64.76 97.72
N ALA FA 132 13.87 63.92 98.64
CA ALA FA 132 14.61 64.34 99.82
C ALA FA 132 16.06 64.69 99.46
N THR FA 133 16.53 65.85 99.96
CA THR FA 133 17.92 66.27 99.91
C THR FA 133 18.30 66.79 101.29
N TYR FA 134 19.49 66.42 101.78
CA TYR FA 134 19.97 66.79 103.10
C TYR FA 134 19.90 68.30 103.32
N GLY FA 135 19.24 68.73 104.40
CA GLY FA 135 19.16 70.13 104.81
C GLY FA 135 18.25 70.98 103.92
N GLU FA 136 17.29 70.34 103.22
CA GLU FA 136 16.33 71.02 102.37
C GLU FA 136 14.94 70.43 102.58
N TYR FA 137 13.90 71.22 102.27
CA TYR FA 137 12.56 70.68 102.11
C TYR FA 137 12.52 69.88 100.83
N GLU FA 138 11.63 68.87 100.77
CA GLU FA 138 11.45 68.12 99.55
C GLU FA 138 10.86 69.05 98.47
N GLU FA 139 11.45 69.01 97.27
CA GLU FA 139 11.00 69.83 96.17
C GLU FA 139 10.72 68.95 94.94
N TYR FA 140 9.55 69.16 94.34
CA TYR FA 140 8.98 68.27 93.33
C TYR FA 140 8.89 69.00 91.99
N SER FA 141 9.38 68.36 90.93
CA SER FA 141 9.23 68.89 89.57
C SER FA 141 8.32 67.97 88.75
N LEU FA 142 7.24 68.55 88.19
CA LEU FA 142 6.35 67.89 87.24
C LEU FA 142 6.61 68.46 85.84
N THR FA 143 6.66 67.58 84.84
CA THR FA 143 6.61 67.96 83.42
C THR FA 143 5.51 67.14 82.76
N GLY FA 144 4.68 67.79 81.93
CA GLY FA 144 3.53 67.13 81.32
C GLY FA 144 3.00 67.85 80.08
N SER FA 145 2.10 67.17 79.35
CA SER FA 145 1.52 67.70 78.13
C SER FA 145 -0.01 67.86 78.26
N GLY FA 146 -0.47 69.12 78.17
CA GLY FA 146 -1.87 69.44 77.97
C GLY FA 146 -2.27 69.28 76.49
N ARG FA 147 -3.56 69.04 76.24
CA ARG FA 147 -4.07 68.87 74.89
C ARG FA 147 -4.21 70.21 74.17
N SER FA 148 -4.77 71.21 74.86
CA SER FA 148 -4.98 72.54 74.31
C SER FA 148 -5.13 73.58 75.43
N VAL FA 149 -4.94 74.86 75.08
CA VAL FA 149 -5.29 75.99 75.93
C VAL FA 149 -6.78 76.27 75.71
N THR FA 150 -7.61 76.06 76.74
CA THR FA 150 -9.06 76.27 76.62
C THR FA 150 -9.42 77.74 76.80
N ASN FA 151 -8.59 78.50 77.54
CA ASN FA 151 -8.85 79.90 77.79
C ASN FA 151 -7.54 80.66 78.03
N LEU FA 152 -7.43 81.83 77.38
CA LEU FA 152 -6.43 82.84 77.67
C LEU FA 152 -7.07 84.21 77.47
N ALA FA 153 -7.38 84.89 78.59
CA ALA FA 153 -8.15 86.12 78.57
C ALA FA 153 -7.85 86.99 79.79
N ASP FA 154 -8.17 88.29 79.66
CA ASP FA 154 -8.29 89.19 80.79
C ASP FA 154 -9.62 88.92 81.49
N THR FA 155 -9.54 88.39 82.72
CA THR FA 155 -10.70 88.02 83.51
C THR FA 155 -11.02 89.05 84.61
N SER FA 156 -10.33 90.21 84.61
CA SER FA 156 -10.59 91.28 85.55
C SER FA 156 -11.97 91.91 85.29
N GLY FA 157 -12.54 92.56 86.31
CA GLY FA 157 -13.88 93.13 86.28
C GLY FA 157 -14.04 94.22 85.22
N ALA GA 2 24.14 41.19 112.15
CA ALA GA 2 24.88 41.83 111.03
C ALA GA 2 25.69 43.02 111.56
N THR GA 3 26.70 43.45 110.80
CA THR GA 3 27.56 44.57 111.14
C THR GA 3 26.80 45.88 110.89
N SER GA 4 26.85 46.81 111.86
CA SER GA 4 26.21 48.12 111.74
C SER GA 4 26.84 48.94 110.61
N PRO GA 5 26.06 49.59 109.71
CA PRO GA 5 26.61 50.53 108.73
C PRO GA 5 27.32 51.71 109.39
N GLU GA 6 28.43 52.17 108.77
CA GLU GA 6 29.32 53.15 109.37
C GLU GA 6 29.94 54.04 108.28
N GLY GA 7 30.27 55.29 108.63
CA GLY GA 7 30.98 56.18 107.73
C GLY GA 7 32.37 55.63 107.39
N ILE GA 8 32.86 55.95 106.17
CA ILE GA 8 34.22 55.61 105.78
C ILE GA 8 34.93 56.89 105.32
N TRP GA 9 36.14 57.11 105.86
CA TRP GA 9 36.91 58.30 105.58
C TRP GA 9 37.91 57.99 104.46
N SER GA 10 37.90 58.80 103.38
CA SER GA 10 38.65 58.50 102.16
C SER GA 10 40.16 58.36 102.42
N ASN GA 11 40.70 59.23 103.28
CA ASN GA 11 42.14 59.29 103.54
C ASN GA 11 42.65 58.10 104.37
N SER GA 12 41.74 57.25 104.87
CA SER GA 12 42.10 56.05 105.63
C SER GA 12 42.43 54.86 104.72
N GLY GA 13 42.24 55.02 103.39
CA GLY GA 13 42.38 53.91 102.45
C GLY GA 13 43.83 53.62 102.04
N ALA GA 14 44.12 52.33 101.85
CA ALA GA 14 45.38 51.86 101.28
C ALA GA 14 45.09 51.04 100.01
N LEU GA 15 45.55 51.55 98.87
CA LEU GA 15 45.38 50.91 97.56
C LEU GA 15 46.70 50.25 97.13
N THR GA 16 46.61 49.00 96.65
CA THR GA 16 47.76 48.24 96.18
C THR GA 16 47.42 47.51 94.89
N PHE GA 17 48.43 47.39 94.00
CA PHE GA 17 48.34 46.65 92.75
C PHE GA 17 49.31 45.48 92.77
N GLU GA 18 48.88 44.34 92.21
CA GLU GA 18 49.69 43.13 92.16
C GLU GA 18 49.66 42.54 90.75
N ASP GA 19 50.81 41.98 90.33
CA ASP GA 19 50.91 41.20 89.09
C ASP GA 19 50.24 39.84 89.31
N PRO GA 20 49.16 39.48 88.57
CA PRO GA 20 48.48 38.18 88.73
C PRO GA 20 49.32 36.95 88.39
N ALA GA 21 50.49 37.14 87.75
CA ALA GA 21 51.42 36.04 87.49
C ALA GA 21 52.18 35.61 88.75
N ASP GA 22 52.40 36.56 89.69
CA ASP GA 22 53.29 36.39 90.83
C ASP GA 22 52.57 36.57 92.17
N ASP GA 23 51.51 37.39 92.18
CA ASP GA 23 50.99 38.10 93.35
C ASP GA 23 52.04 39.08 93.94
N SER GA 24 53.01 39.54 93.13
CA SER GA 24 54.03 40.50 93.56
C SER GA 24 53.50 41.92 93.41
N GLU GA 25 53.85 42.82 94.36
CA GLU GA 25 53.35 44.18 94.36
C GLU GA 25 54.00 45.01 93.25
N ILE GA 26 53.19 45.82 92.55
CA ILE GA 26 53.62 46.85 91.62
C ILE GA 26 53.53 48.19 92.36
N LEU GA 27 54.63 48.96 92.36
CA LEU GA 27 54.72 50.19 93.13
C LEU GA 27 53.73 51.23 92.60
N PHE GA 28 52.86 51.70 93.50
CA PHE GA 28 51.81 52.68 93.20
C PHE GA 28 51.50 53.45 94.48
N ALA GA 29 51.28 54.78 94.34
CA ALA GA 29 51.14 55.67 95.49
C ALA GA 29 50.46 56.98 95.07
N GLY GA 30 50.10 57.81 96.08
CA GLY GA 30 49.69 59.18 95.85
C GLY GA 30 48.24 59.34 95.38
N VAL GA 31 47.36 58.37 95.73
CA VAL GA 31 45.96 58.42 95.34
C VAL GA 31 45.26 59.63 95.99
N ARG GA 32 44.24 60.14 95.28
CA ARG GA 32 43.42 61.26 95.72
C ARG GA 32 41.94 60.90 95.59
N ASP GA 33 41.55 60.28 94.47
CA ASP GA 33 40.22 59.70 94.31
C ASP GA 33 40.36 58.22 93.93
N VAL GA 34 39.43 57.37 94.44
CA VAL GA 34 39.34 55.96 94.08
C VAL GA 34 37.86 55.57 94.04
N THR GA 35 37.38 55.15 92.86
CA THR GA 35 36.03 54.62 92.72
C THR GA 35 36.10 53.18 92.20
N ILE GA 36 35.41 52.26 92.90
CA ILE GA 36 35.24 50.88 92.44
C ILE GA 36 33.74 50.57 92.41
N THR GA 37 33.25 50.19 91.23
CA THR GA 37 31.84 49.97 91.00
C THR GA 37 31.63 48.68 90.19
N PRO GA 38 31.30 47.54 90.85
CA PRO GA 38 30.75 46.38 90.12
C PRO GA 38 29.40 46.73 89.49
N ALA GA 39 29.23 46.27 88.25
CA ALA GA 39 28.09 46.58 87.42
C ALA GA 39 27.68 45.34 86.62
N TYR GA 40 26.38 45.27 86.29
CA TYR GA 40 25.87 44.37 85.28
C TYR GA 40 24.92 45.17 84.37
N GLU GA 41 24.85 44.77 83.10
CA GLU GA 41 23.74 45.20 82.25
C GLU GA 41 22.47 44.49 82.70
N HIS GA 42 21.34 45.23 82.70
CA HIS GA 42 20.03 44.68 83.04
C HIS GA 42 19.13 44.67 81.81
N ALA GA 43 18.40 43.57 81.62
CA ALA GA 43 17.33 43.49 80.63
C ALA GA 43 16.00 43.24 81.32
N GLU GA 44 15.03 44.14 81.07
CA GLU GA 44 13.70 44.08 81.67
C GLU GA 44 12.70 43.60 80.62
N LEU GA 45 11.87 42.61 80.99
CA LEU GA 45 10.86 42.08 80.08
C LEU GA 45 9.52 42.79 80.30
N TYR GA 46 8.94 43.29 79.20
CA TYR GA 46 7.58 43.79 79.17
C TYR GA 46 6.83 43.19 77.97
N THR GA 47 5.53 42.92 78.16
CA THR GA 47 4.66 42.33 77.14
C THR GA 47 3.28 42.99 77.24
N ILE GA 48 2.40 42.72 76.24
CA ILE GA 48 1.05 43.26 76.19
C ILE GA 48 0.20 42.78 77.38
N ASP GA 49 0.63 41.71 78.09
CA ASP GA 49 -0.10 41.16 79.24
C ASP GA 49 -0.26 42.17 80.38
N SER GA 50 0.76 43.01 80.62
CA SER GA 50 0.82 43.90 81.77
C SER GA 50 1.72 45.11 81.47
N THR GA 51 1.38 46.27 82.06
CA THR GA 51 2.24 47.45 82.03
C THR GA 51 3.42 47.31 83.00
N PHE GA 52 3.31 46.39 83.96
CA PHE GA 52 4.38 46.14 84.93
C PHE GA 52 5.41 45.20 84.31
N ARG GA 53 6.63 45.26 84.87
CA ARG GA 53 7.77 44.44 84.47
C ARG GA 53 7.48 42.96 84.78
N ASP GA 54 7.62 42.10 83.75
CA ASP GA 54 7.47 40.66 83.86
C ASP GA 54 8.68 40.04 84.56
N GLU GA 55 9.89 40.41 84.09
CA GLU GA 55 11.17 39.85 84.55
C GLU GA 55 12.27 40.90 84.48
N VAL GA 56 13.36 40.67 85.23
CA VAL GA 56 14.61 41.41 85.06
C VAL GA 56 15.80 40.46 85.28
N LYS GA 57 16.88 40.64 84.49
CA LYS GA 57 18.01 39.71 84.45
C LYS GA 57 19.35 40.46 84.25
N ARG GA 58 20.44 39.86 84.75
CA ARG GA 58 21.81 40.39 84.71
C ARG GA 58 22.61 39.72 83.58
N TYR GA 59 23.49 40.52 82.93
CA TYR GA 59 24.50 40.06 81.97
C TYR GA 59 25.63 41.09 81.91
N GLU GA 60 26.75 40.74 81.22
CA GLU GA 60 27.95 41.57 81.12
C GLU GA 60 28.40 42.14 82.46
N HIS GA 61 28.86 41.25 83.36
CA HIS GA 61 29.49 41.70 84.58
C HIS GA 61 30.79 42.44 84.27
N ASN GA 62 31.04 43.50 85.06
CA ASN GA 62 32.11 44.46 84.86
C ASN GA 62 32.40 45.08 86.22
N VAL GA 63 33.66 45.47 86.47
CA VAL GA 63 33.98 46.28 87.63
C VAL GA 63 34.67 47.55 87.13
N ASN GA 64 33.90 48.65 87.12
CA ASN GA 64 34.45 49.95 86.76
C ASN GA 64 35.39 50.43 87.88
N VAL GA 65 36.67 50.57 87.53
CA VAL GA 65 37.69 51.12 88.41
C VAL GA 65 38.14 52.45 87.83
N GLU GA 66 38.09 53.52 88.62
CA GLU GA 66 38.74 54.77 88.23
C GLU GA 66 39.44 55.40 89.43
N ILE GA 67 40.68 55.86 89.18
CA ILE GA 67 41.60 56.31 90.21
C ILE GA 67 42.22 57.63 89.74
N THR GA 68 42.26 58.64 90.63
CA THR GA 68 43.07 59.82 90.41
C THR GA 68 44.23 59.82 91.40
N TYR GA 69 45.46 60.08 90.91
CA TYR GA 69 46.65 59.99 91.74
C TYR GA 69 47.69 61.03 91.29
N ALA GA 70 48.62 61.37 92.20
CA ALA GA 70 49.53 62.51 92.00
C ALA GA 70 51.01 62.15 92.17
N LYS GA 71 51.34 60.84 92.35
CA LYS GA 71 52.72 60.37 92.36
C LYS GA 71 52.94 59.41 91.19
N PHE GA 72 53.86 59.77 90.29
CA PHE GA 72 54.11 58.98 89.10
C PHE GA 72 54.93 57.73 89.45
N SER GA 73 54.55 56.58 88.88
CA SER GA 73 55.27 55.32 89.04
C SER GA 73 55.79 54.84 87.68
N LEU GA 74 57.12 54.70 87.57
CA LEU GA 74 57.73 54.13 86.38
C LEU GA 74 57.39 52.65 86.24
N GLU GA 75 57.35 51.91 87.36
CA GLU GA 75 57.05 50.49 87.31
C GLU GA 75 55.64 50.27 86.75
N PHE GA 76 54.64 51.00 87.25
CA PHE GA 76 53.27 50.88 86.80
C PHE GA 76 53.14 51.14 85.30
N ALA GA 77 53.77 52.23 84.83
CA ALA GA 77 53.74 52.62 83.43
C ALA GA 77 54.43 51.59 82.54
N GLN GA 78 55.58 51.05 82.99
CA GLN GA 78 56.36 50.10 82.20
C GLN GA 78 55.72 48.72 82.19
N GLU GA 79 54.98 48.39 83.28
CA GLU GA 79 54.16 47.19 83.35
C GLU GA 79 52.99 47.30 82.37
N TRP GA 80 52.36 48.48 82.31
CA TRP GA 80 51.26 48.74 81.38
C TRP GA 80 51.73 48.63 79.92
N LEU GA 81 52.91 49.21 79.61
CA LEU GA 81 53.46 49.17 78.27
C LEU GA 81 53.80 47.74 77.85
N GLY GA 82 54.39 46.96 78.80
CA GLY GA 82 54.94 45.64 78.50
C GLY GA 82 53.90 44.55 78.24
N GLY GA 83 52.68 44.71 78.76
CA GLY GA 83 51.67 43.66 78.73
C GLY GA 83 51.95 42.57 79.77
N PRO GA 84 51.17 41.46 79.80
CA PRO GA 84 51.32 40.43 80.85
C PRO GA 84 52.72 39.83 80.96
N GLY GA 85 53.28 39.86 82.18
CA GLY GA 85 54.54 39.22 82.53
C GLY GA 85 55.79 39.86 81.91
N ALA GA 86 55.71 41.13 81.49
CA ALA GA 86 56.84 41.84 80.93
C ALA GA 86 56.75 43.35 81.23
N THR GA 87 57.91 44.02 81.24
CA THR GA 87 58.01 45.47 81.31
C THR GA 87 58.74 46.00 80.08
N ALA GA 88 58.28 47.14 79.55
CA ALA GA 88 58.87 47.78 78.37
C ALA GA 88 58.97 49.29 78.55
N THR GA 89 59.99 49.89 77.90
CA THR GA 89 60.22 51.34 77.90
C THR GA 89 59.60 52.01 76.67
N ALA GA 90 58.86 51.24 75.85
CA ALA GA 90 58.27 51.73 74.61
C ALA GA 90 56.95 50.99 74.37
N SER GA 91 56.05 51.58 73.55
CA SER GA 91 54.82 50.91 73.13
C SER GA 91 55.14 49.53 72.54
N GLN GA 92 54.30 48.54 72.89
CA GLN GA 92 54.46 47.19 72.35
C GLN GA 92 53.38 46.94 71.30
N ASP GA 93 53.81 46.37 70.17
CA ASP GA 93 52.92 45.99 69.08
C ASP GA 93 52.39 44.57 69.31
N ASP GA 94 51.52 44.42 70.33
CA ASP GA 94 50.88 43.14 70.63
C ASP GA 94 49.49 43.33 71.25
N SER GA 95 48.70 42.25 71.25
CA SER GA 95 47.25 42.30 71.50
C SER GA 95 46.87 42.12 72.98
N ASP GA 96 47.81 41.70 73.85
CA ASP GA 96 47.48 41.41 75.24
C ASP GA 96 47.65 42.65 76.13
N PRO GA 97 46.57 43.18 76.77
CA PRO GA 97 46.72 44.26 77.74
C PRO GA 97 47.29 43.70 79.05
N MET GA 98 48.08 44.52 79.75
CA MET GA 98 48.51 44.19 81.10
C MET GA 98 47.28 44.14 82.02
N LYS GA 99 47.15 43.03 82.75
CA LYS GA 99 46.09 42.81 83.72
C LYS GA 99 46.68 42.99 85.12
N PHE GA 100 46.05 43.86 85.91
CA PHE GA 100 46.47 44.13 87.28
C PHE GA 100 45.42 43.57 88.24
N ASN GA 101 45.88 42.82 89.25
CA ASN GA 101 45.03 42.60 90.42
C ASN GA 101 45.10 43.86 91.29
N LEU GA 102 43.96 44.22 91.88
CA LEU GA 102 43.83 45.42 92.68
C LEU GA 102 43.21 45.07 94.03
N GLU GA 103 43.69 45.73 95.10
CA GLU GA 103 43.05 45.63 96.41
C GLU GA 103 43.06 47.00 97.08
N ASN GA 104 41.91 47.36 97.66
CA ASN GA 104 41.78 48.56 98.48
C ASN GA 104 41.29 48.17 99.89
N VAL GA 105 42.01 48.63 100.92
CA VAL GA 105 41.71 48.30 102.31
C VAL GA 105 41.43 49.61 103.07
N THR GA 106 40.28 49.66 103.77
CA THR GA 106 39.88 50.83 104.55
C THR GA 106 39.31 50.41 105.91
N PRO GA 107 39.78 50.99 107.04
CA PRO GA 107 39.00 51.00 108.28
C PRO GA 107 37.71 51.81 108.09
N SER GA 108 36.64 51.39 108.79
CA SER GA 108 35.47 52.24 108.96
C SER GA 108 35.81 53.35 109.96
N ALA GA 109 35.02 54.44 109.97
CA ALA GA 109 35.42 55.69 110.61
C ALA GA 109 35.56 55.57 112.13
N SER GA 110 34.77 54.68 112.76
CA SER GA 110 34.86 54.40 114.20
C SER GA 110 35.48 53.03 114.48
N GLY GA 111 36.05 52.37 113.46
CA GLY GA 111 36.75 51.11 113.60
C GLY GA 111 35.83 49.90 113.80
N GLY GA 112 34.52 50.04 113.47
CA GLY GA 112 33.54 48.97 113.55
C GLY GA 112 33.84 47.78 112.63
N PHE GA 113 34.54 48.03 111.50
CA PHE GA 113 34.97 47.01 110.55
C PHE GA 113 36.17 47.52 109.73
N GLU GA 114 36.88 46.60 109.06
CA GLU GA 114 37.86 46.96 108.05
C GLU GA 114 37.40 46.39 106.72
N ARG GA 115 36.86 47.25 105.85
CA ARG GA 115 36.38 46.84 104.54
C ARG GA 115 37.57 46.64 103.60
N THR GA 116 37.70 45.41 103.06
CA THR GA 116 38.65 45.08 102.00
C THR GA 116 37.87 44.78 100.72
N THR GA 117 38.21 45.49 99.64
CA THR GA 117 37.71 45.23 98.30
C THR GA 117 38.85 44.75 97.40
N ALA GA 118 38.69 43.58 96.77
CA ALA GA 118 39.68 43.06 95.83
C ALA GA 118 39.03 42.80 94.47
N VAL GA 119 39.76 43.15 93.39
CA VAL GA 119 39.28 43.07 92.01
C VAL GA 119 40.33 42.34 91.17
N GLU GA 120 39.91 41.36 90.36
CA GLU GA 120 40.82 40.64 89.48
C GLU GA 120 40.89 41.29 88.10
N ASN GA 121 42.07 41.19 87.46
CA ASN GA 121 42.28 41.46 86.04
C ASN GA 121 41.71 42.81 85.60
N VAL GA 122 42.08 43.89 86.32
CA VAL GA 122 41.77 45.25 85.88
C VAL GA 122 42.66 45.57 84.67
N VAL GA 123 42.06 46.16 83.63
CA VAL GA 123 42.77 46.64 82.46
C VAL GA 123 42.40 48.11 82.21
N PHE GA 124 43.39 48.90 81.75
CA PHE GA 124 43.21 50.33 81.51
C PHE GA 124 43.39 50.59 80.01
N PRO GA 125 42.32 51.01 79.26
CA PRO GA 125 42.45 51.31 77.82
C PRO GA 125 43.47 52.40 77.47
N GLU GA 126 43.65 53.37 78.38
CA GLU GA 126 44.59 54.46 78.20
C GLU GA 126 45.35 54.74 79.50
N LEU GA 127 46.62 55.12 79.35
CA LEU GA 127 47.50 55.44 80.46
C LEU GA 127 48.02 56.87 80.26
N PRO GA 128 47.76 57.82 81.19
CA PRO GA 128 48.38 59.15 81.10
C PRO GA 128 49.83 59.08 81.57
N LEU GA 129 50.77 59.34 80.65
CA LEU GA 129 52.18 59.39 81.01
C LEU GA 129 52.54 60.75 81.58
N ASP GA 130 52.13 61.81 80.87
CA ASP GA 130 52.34 63.19 81.27
C ASP GA 130 50.98 63.86 81.40
N SER GA 131 50.82 64.70 82.44
CA SER GA 131 49.56 65.38 82.73
C SER GA 131 49.87 66.70 83.44
N ALA GA 132 50.67 67.54 82.77
CA ALA GA 132 51.21 68.77 83.34
C ALA GA 132 50.24 69.93 83.10
N THR GA 133 49.93 70.66 84.18
CA THR GA 133 49.21 71.93 84.13
C THR GA 133 50.02 72.95 84.94
N TYR GA 134 50.19 74.13 84.36
CA TYR GA 134 50.97 75.22 84.94
C TYR GA 134 50.54 75.51 86.38
N GLY GA 135 51.52 75.55 87.30
CA GLY GA 135 51.32 75.85 88.71
C GLY GA 135 50.68 74.71 89.50
N GLU GA 136 50.73 73.48 88.97
CA GLU GA 136 50.15 72.31 89.63
C GLU GA 136 51.11 71.12 89.57
N TYR GA 137 50.98 70.20 90.53
CA TYR GA 137 51.55 68.87 90.43
C TYR GA 137 50.75 68.10 89.39
N GLU GA 138 51.43 67.19 88.67
CA GLU GA 138 50.79 66.39 87.65
C GLU GA 138 49.80 65.42 88.30
N GLU GA 139 48.51 65.51 87.93
CA GLU GA 139 47.51 64.54 88.34
C GLU GA 139 47.18 63.60 87.19
N TYR GA 140 47.16 62.29 87.51
CA TYR GA 140 46.90 61.22 86.56
C TYR GA 140 45.56 60.57 86.90
N SER GA 141 44.68 60.42 85.89
CA SER GA 141 43.43 59.70 86.06
C SER GA 141 43.41 58.43 85.22
N LEU GA 142 43.13 57.29 85.88
CA LEU GA 142 42.92 55.99 85.24
C LEU GA 142 41.42 55.68 85.19
N THR GA 143 40.99 55.05 84.09
CA THR GA 143 39.69 54.39 84.01
C THR GA 143 39.94 53.00 83.43
N GLY GA 144 39.34 51.96 84.05
CA GLY GA 144 39.55 50.59 83.62
C GLY GA 144 38.42 49.64 84.01
N SER GA 145 38.49 48.41 83.50
CA SER GA 145 37.50 47.37 83.78
C SER GA 145 38.16 46.13 84.40
N GLY GA 146 37.81 45.84 85.66
CA GLY GA 146 38.10 44.57 86.30
C GLY GA 146 37.12 43.49 85.86
N ARG GA 147 37.55 42.22 85.91
CA ARG GA 147 36.71 41.10 85.49
C ARG GA 147 35.61 40.82 86.53
N SER GA 148 35.99 40.81 87.82
CA SER GA 148 35.07 40.54 88.92
C SER GA 148 35.66 41.02 90.25
N VAL GA 149 34.77 41.18 91.25
CA VAL GA 149 35.17 41.40 92.64
C VAL GA 149 35.45 40.02 93.27
N THR GA 150 36.73 39.76 93.60
CA THR GA 150 37.12 38.47 94.15
C THR GA 150 36.91 38.40 95.67
N ASN GA 151 36.91 39.56 96.32
CA ASN GA 151 36.69 39.65 97.76
C ASN GA 151 36.06 40.99 98.13
N LEU GA 152 34.99 40.92 98.93
CA LEU GA 152 34.45 42.05 99.67
C LEU GA 152 34.03 41.55 101.06
N ALA GA 153 34.81 41.91 102.08
CA ALA GA 153 34.62 41.39 103.42
C ALA GA 153 35.16 42.37 104.47
N ASP GA 154 34.72 42.15 105.72
CA ASP GA 154 35.35 42.74 106.89
C ASP GA 154 36.57 41.88 107.25
N THR GA 155 37.77 42.47 107.12
CA THR GA 155 39.03 41.77 107.36
C THR GA 155 39.63 42.13 108.73
N SER GA 156 38.88 42.84 109.59
CA SER GA 156 39.35 43.22 110.92
C SER GA 156 39.45 42.00 111.84
N GLY GA 157 40.32 42.08 112.86
CA GLY GA 157 40.59 40.99 113.78
C GLY GA 157 39.39 40.66 114.65
N ALA HA 2 62.56 48.39 92.52
CA ALA HA 2 62.20 49.47 91.56
C ALA HA 2 62.16 50.81 92.30
N THR HA 3 62.15 51.91 91.52
CA THR HA 3 62.18 53.28 92.02
C THR HA 3 60.83 53.64 92.66
N SER HA 4 60.86 54.22 93.87
CA SER HA 4 59.67 54.66 94.59
C SER HA 4 58.87 55.67 93.75
N PRO HA 5 57.51 55.59 93.70
CA PRO HA 5 56.72 56.63 93.04
C PRO HA 5 56.89 57.96 93.76
N GLU HA 6 56.83 59.06 93.00
CA GLU HA 6 57.16 60.39 93.51
C GLU HA 6 56.33 61.45 92.77
N GLY HA 7 56.03 62.57 93.45
CA GLY HA 7 55.31 63.69 92.84
C GLY HA 7 56.10 64.30 91.68
N ILE HA 8 55.37 64.80 90.66
CA ILE HA 8 56.02 65.54 89.58
C ILE HA 8 55.40 66.94 89.50
N TRP HA 9 56.27 67.95 89.44
CA TRP HA 9 55.87 69.35 89.39
C TRP HA 9 55.87 69.82 87.92
N SER HA 10 54.73 70.36 87.46
CA SER HA 10 54.52 70.65 86.04
C SER HA 10 55.57 71.61 85.47
N ASN HA 11 55.98 72.61 86.26
CA ASN HA 11 56.83 73.70 85.77
C ASN HA 11 58.30 73.26 85.63
N SER HA 12 58.63 72.04 86.08
CA SER HA 12 59.97 71.47 85.93
C SER HA 12 60.18 70.90 84.51
N GLY HA 13 59.10 70.80 83.71
CA GLY HA 13 59.12 70.14 82.42
C GLY HA 13 59.84 70.94 81.33
N ALA HA 14 60.49 70.19 80.42
CA ALA HA 14 61.13 70.74 79.24
C ALA HA 14 60.68 69.96 78.00
N LEU HA 15 59.70 70.52 77.26
CA LEU HA 15 59.18 69.94 76.03
C LEU HA 15 60.01 70.42 74.85
N THR HA 16 60.26 69.53 73.87
CA THR HA 16 60.96 69.86 72.64
C THR HA 16 60.40 69.04 71.47
N PHE HA 17 60.45 69.64 70.27
CA PHE HA 17 60.05 68.98 69.03
C PHE HA 17 61.26 68.83 68.10
N GLU HA 18 61.28 67.72 67.34
CA GLU HA 18 62.34 67.45 66.38
C GLU HA 18 61.74 67.02 65.04
N ASP HA 19 62.42 67.41 63.95
CA ASP HA 19 62.10 66.94 62.61
C ASP HA 19 62.63 65.51 62.46
N PRO HA 20 61.77 64.48 62.22
CA PRO HA 20 62.24 63.09 62.09
C PRO HA 20 63.16 62.80 60.90
N ALA HA 21 63.30 63.76 59.98
CA ALA HA 21 64.22 63.61 58.84
C ALA HA 21 65.67 63.87 59.25
N ASP HA 22 65.89 64.77 60.24
CA ASP HA 22 67.20 65.31 60.58
C ASP HA 22 67.56 65.10 62.06
N ASP HA 23 66.54 64.85 62.92
CA ASP HA 23 66.62 64.91 64.38
C ASP HA 23 66.97 66.32 64.89
N SER HA 24 66.82 67.35 64.03
CA SER HA 24 67.08 68.75 64.37
C SER HA 24 65.89 69.33 65.15
N GLU HA 25 66.17 70.24 66.09
CA GLU HA 25 65.12 70.86 66.90
C GLU HA 25 64.30 71.85 66.07
N ILE HA 26 62.97 71.77 66.24
CA ILE HA 26 62.01 72.78 65.79
C ILE HA 26 61.69 73.66 66.99
N LEU HA 27 61.93 74.98 66.87
CA LEU HA 27 61.84 75.87 68.01
C LEU HA 27 60.40 75.99 68.49
N PHE HA 28 60.21 75.73 69.80
CA PHE HA 28 58.92 75.74 70.47
C PHE HA 28 59.15 76.11 71.94
N ALA HA 29 58.22 76.87 72.54
CA ALA HA 29 58.42 77.42 73.88
C ALA HA 29 57.08 77.83 74.51
N GLY HA 30 57.14 78.14 75.81
CA GLY HA 30 56.07 78.81 76.53
C GLY HA 30 54.83 77.94 76.78
N VAL HA 31 55.04 76.64 77.03
CA VAL HA 31 53.95 75.71 77.35
C VAL HA 31 53.32 76.09 78.69
N ARG HA 32 52.05 75.68 78.84
CA ARG HA 32 51.25 75.89 80.05
C ARG HA 32 50.50 74.62 80.44
N ASP HA 33 50.18 73.77 79.44
CA ASP HA 33 49.70 72.41 79.69
C ASP HA 33 50.37 71.45 78.71
N VAL HA 34 50.64 70.22 79.18
CA VAL HA 34 51.11 69.12 78.34
C VAL HA 34 50.49 67.81 78.88
N THR HA 35 49.61 67.20 78.06
CA THR HA 35 49.06 65.88 78.35
C THR HA 35 49.52 64.90 77.26
N ILE HA 36 50.16 63.80 77.69
CA ILE HA 36 50.58 62.72 76.80
C ILE HA 36 49.99 61.41 77.30
N THR HA 37 49.19 60.75 76.45
CA THR HA 37 48.41 59.59 76.85
C THR HA 37 48.52 58.52 75.76
N PRO HA 38 49.37 57.47 75.93
CA PRO HA 38 49.24 56.25 75.14
C PRO HA 38 47.90 55.55 75.44
N ALA HA 39 47.30 55.02 74.37
CA ALA HA 39 45.97 54.44 74.42
C ALA HA 39 45.87 53.29 73.42
N TYR HA 40 44.95 52.36 73.71
CA TYR HA 40 44.52 51.36 72.76
C TYR HA 40 43.01 51.25 72.83
N GLU HA 41 42.38 50.80 71.73
CA GLU HA 41 41.01 50.32 71.79
C GLU HA 41 41.01 48.93 72.43
N HIS HA 42 40.01 48.66 73.29
CA HIS HA 42 39.84 47.37 73.93
C HIS HA 42 38.57 46.68 73.41
N ALA HA 43 38.70 45.40 73.05
CA ALA HA 43 37.55 44.56 72.73
C ALA HA 43 37.39 43.44 73.76
N GLU HA 44 36.23 43.41 74.44
CA GLU HA 44 35.92 42.45 75.49
C GLU HA 44 34.98 41.38 74.94
N LEU HA 45 35.33 40.10 75.16
CA LEU HA 45 34.51 38.99 74.70
C LEU HA 45 33.56 38.54 75.83
N TYR HA 46 32.26 38.47 75.50
CA TYR HA 46 31.25 37.86 76.36
C TYR HA 46 30.40 36.90 75.55
N THR HA 47 30.03 35.76 76.16
CA THR HA 47 29.23 34.71 75.53
C THR HA 47 28.20 34.18 76.54
N ILE HA 48 27.29 33.33 76.06
CA ILE HA 48 26.19 32.78 76.86
C ILE HA 48 26.74 31.88 77.99
N ASP HA 49 28.00 31.43 77.87
CA ASP HA 49 28.65 30.56 78.86
C ASP HA 49 28.74 31.20 80.25
N SER HA 50 28.91 32.52 80.32
CA SER HA 50 29.20 33.22 81.57
C SER HA 50 28.82 34.70 81.46
N THR HA 51 28.37 35.27 82.60
CA THR HA 51 28.15 36.71 82.74
C THR HA 51 29.48 37.46 82.80
N PHE HA 52 30.58 36.76 83.17
CA PHE HA 52 31.89 37.38 83.28
C PHE HA 52 32.52 37.48 81.89
N ARG HA 53 33.52 38.37 81.79
CA ARG HA 53 34.32 38.59 80.59
C ARG HA 53 35.19 37.35 80.33
N ASP HA 54 35.12 36.82 79.10
CA ASP HA 54 35.91 35.67 78.65
C ASP HA 54 37.34 36.11 78.32
N GLU HA 55 37.48 37.21 77.55
CA GLU HA 55 38.75 37.71 77.05
C GLU HA 55 38.73 39.23 76.93
N VAL HA 56 39.92 39.85 76.90
CA VAL HA 56 40.09 41.26 76.52
C VAL HA 56 41.38 41.42 75.70
N LYS HA 57 41.33 42.27 74.65
CA LYS HA 57 42.42 42.45 73.70
C LYS HA 57 42.58 43.92 73.29
N ARG HA 58 43.85 44.31 73.05
CA ARG HA 58 44.24 45.63 72.58
C ARG HA 58 44.31 45.66 71.05
N TYR HA 59 43.96 46.82 70.47
CA TYR HA 59 44.22 47.15 69.07
C TYR HA 59 44.25 48.68 68.91
N GLU HA 60 44.63 49.16 67.71
CA GLU HA 60 44.47 50.54 67.30
C GLU HA 60 45.15 51.50 68.29
N HIS HA 61 46.49 51.38 68.38
CA HIS HA 61 47.29 52.17 69.30
C HIS HA 61 47.38 53.63 68.85
N ASN HA 62 47.32 54.54 69.84
CA ASN HA 62 47.58 55.96 69.66
C ASN HA 62 48.43 56.45 70.84
N VAL HA 63 49.14 57.56 70.63
CA VAL HA 63 49.49 58.45 71.73
C VAL HA 63 48.71 59.75 71.52
N ASN HA 64 47.71 60.00 72.37
CA ASN HA 64 47.05 61.30 72.38
C ASN HA 64 48.00 62.33 73.00
N VAL HA 65 48.31 63.38 72.22
CA VAL HA 65 49.13 64.49 72.66
C VAL HA 65 48.25 65.75 72.61
N GLU HA 66 48.13 66.46 73.75
CA GLU HA 66 47.49 67.76 73.75
C GLU HA 66 48.29 68.75 74.59
N ILE HA 67 48.55 69.94 74.02
CA ILE HA 67 49.47 70.94 74.53
C ILE HA 67 48.77 72.29 74.51
N THR HA 68 48.93 73.09 75.58
CA THR HA 68 48.56 74.50 75.56
C THR HA 68 49.81 75.35 75.78
N TYR HA 69 49.96 76.43 75.00
CA TYR HA 69 51.18 77.24 75.01
C TYR HA 69 50.86 78.69 74.65
N ALA HA 70 51.75 79.62 75.03
CA ALA HA 70 51.47 81.05 74.96
C ALA HA 70 52.56 81.86 74.24
N LYS HA 71 53.57 81.20 73.66
CA LYS HA 71 54.57 81.83 72.80
C LYS HA 71 54.40 81.28 71.39
N PHE HA 72 54.15 82.17 70.42
CA PHE HA 72 53.98 81.76 69.04
C PHE HA 72 55.34 81.42 68.42
N SER HA 73 55.38 80.34 67.61
CA SER HA 73 56.57 79.93 66.87
C SER HA 73 56.28 79.94 65.37
N LEU HA 74 57.00 80.78 64.63
CA LEU HA 74 56.86 80.82 63.17
C LEU HA 74 57.40 79.54 62.54
N GLU HA 75 58.51 79.00 63.08
CA GLU HA 75 59.09 77.79 62.55
C GLU HA 75 58.10 76.62 62.68
N PHE HA 76 57.47 76.47 63.85
CA PHE HA 76 56.53 75.39 64.09
C PHE HA 76 55.34 75.47 63.14
N ALA HA 77 54.81 76.69 62.94
CA ALA HA 77 53.66 76.92 62.09
C ALA HA 77 54.00 76.67 60.61
N GLN HA 78 55.19 77.12 60.17
CA GLN HA 78 55.61 77.00 58.79
C GLN HA 78 56.01 75.56 58.45
N GLU HA 79 56.52 74.80 59.44
CA GLU HA 79 56.75 73.37 59.32
C GLU HA 79 55.42 72.63 59.14
N TRP HA 80 54.42 72.97 59.97
CA TRP HA 80 53.09 72.36 59.91
C TRP HA 80 52.44 72.60 58.55
N LEU HA 81 52.52 73.84 58.05
CA LEU HA 81 52.01 74.19 56.73
C LEU HA 81 52.72 73.41 55.62
N GLY HA 82 54.06 73.31 55.72
CA GLY HA 82 54.91 72.74 54.68
C GLY HA 82 54.79 71.23 54.49
N GLY HA 83 54.48 70.49 55.57
CA GLY HA 83 54.49 69.03 55.54
C GLY HA 83 55.92 68.48 55.64
N PRO HA 84 56.10 67.12 55.55
CA PRO HA 84 57.43 66.50 55.76
C PRO HA 84 58.53 67.07 54.86
N GLY HA 85 59.65 67.46 55.50
CA GLY HA 85 60.87 67.89 54.84
C GLY HA 85 60.79 69.28 54.16
N ALA HA 86 59.77 70.09 54.51
CA ALA HA 86 59.61 71.41 53.92
C ALA HA 86 58.95 72.39 54.91
N THR HA 87 59.17 73.69 54.69
CA THR HA 87 58.44 74.76 55.34
C THR HA 87 57.71 75.60 54.29
N ALA HA 88 56.53 76.11 54.64
CA ALA HA 88 55.76 76.97 53.73
C ALA HA 88 55.11 78.13 54.48
N THR HA 89 54.95 79.26 53.79
CA THR HA 89 54.28 80.47 54.28
C THR HA 89 52.78 80.47 53.94
N ALA HA 90 52.29 79.39 53.31
CA ALA HA 90 50.90 79.29 52.87
C ALA HA 90 50.45 77.82 52.93
N SER HA 91 49.13 77.58 52.97
CA SER HA 91 48.58 76.23 52.91
C SER HA 91 49.12 75.48 51.69
N GLN HA 92 49.45 74.20 51.88
CA GLN HA 92 49.92 73.34 50.80
C GLN HA 92 48.83 72.34 50.44
N ASP HA 93 48.54 72.25 49.13
CA ASP HA 93 47.53 71.34 48.60
C ASP HA 93 48.15 69.97 48.38
N ASP HA 94 48.48 69.27 49.48
CA ASP HA 94 49.00 67.91 49.42
C ASP HA 94 48.61 67.12 50.68
N SER HA 95 48.76 65.78 50.58
CA SER HA 95 48.13 64.81 51.46
C SER HA 95 49.02 64.38 52.64
N ASP HA 96 50.29 64.84 52.70
CA ASP HA 96 51.21 64.41 53.75
C ASP HA 96 51.19 65.41 54.91
N PRO HA 97 50.71 65.02 56.13
CA PRO HA 97 50.78 65.92 57.29
C PRO HA 97 52.21 65.96 57.84
N MET HA 98 52.61 67.11 58.39
CA MET HA 98 53.90 67.21 59.06
C MET HA 98 53.91 66.30 60.30
N LYS HA 99 54.95 65.47 60.40
CA LYS HA 99 55.15 64.54 61.51
C LYS HA 99 56.27 65.06 62.40
N PHE HA 100 55.96 65.27 63.69
CA PHE HA 100 56.94 65.76 64.64
C PHE HA 100 57.33 64.62 65.58
N ASN HA 101 58.64 64.44 65.80
CA ASN HA 101 59.07 63.72 66.99
C ASN HA 101 58.98 64.67 68.19
N LEU HA 102 58.50 64.15 69.32
CA LEU HA 102 58.28 64.94 70.51
C LEU HA 102 59.02 64.29 71.67
N GLU HA 103 59.63 65.12 72.54
CA GLU HA 103 60.22 64.64 73.78
C GLU HA 103 59.91 65.62 74.90
N ASN HA 104 59.54 65.07 76.07
CA ASN HA 104 59.35 65.84 77.28
C ASN HA 104 60.19 65.23 78.41
N VAL HA 105 60.93 66.10 79.12
CA VAL HA 105 61.81 65.68 80.21
C VAL HA 105 61.43 66.44 81.48
N THR HA 106 61.22 65.69 82.57
CA THR HA 106 60.93 66.26 83.89
C THR HA 106 61.78 65.58 84.95
N PRO HA 107 62.52 66.33 85.81
CA PRO HA 107 63.02 65.75 87.06
C PRO HA 107 61.83 65.56 88.01
N SER HA 108 61.88 64.48 88.79
CA SER HA 108 60.85 64.20 89.79
C SER HA 108 60.99 65.20 90.95
N ALA HA 109 59.92 65.38 91.76
CA ALA HA 109 59.81 66.51 92.67
C ALA HA 109 60.88 66.51 93.78
N SER HA 110 61.41 65.34 94.16
CA SER HA 110 62.49 65.21 95.14
C SER HA 110 63.76 64.62 94.50
N GLY HA 111 63.83 64.63 93.16
CA GLY HA 111 64.99 64.19 92.41
C GLY HA 111 65.21 62.67 92.39
N GLY HA 112 64.18 61.88 92.76
CA GLY HA 112 64.29 60.43 92.83
C GLY HA 112 64.49 59.75 91.48
N PHE HA 113 64.08 60.42 90.40
CA PHE HA 113 64.27 60.00 89.02
C PHE HA 113 64.12 61.21 88.09
N GLU HA 114 64.51 61.05 86.81
CA GLU HA 114 64.16 62.01 85.78
C GLU HA 114 63.36 61.29 84.69
N ARG HA 115 62.07 61.61 84.58
CA ARG HA 115 61.19 60.96 83.61
C ARG HA 115 61.35 61.62 82.25
N THR HA 116 61.79 60.84 81.26
CA THR HA 116 61.78 61.21 79.85
C THR HA 116 60.66 60.45 79.14
N THR HA 117 59.73 61.18 78.51
CA THR HA 117 58.73 60.63 77.62
C THR HA 117 59.02 61.09 76.19
N ALA HA 118 59.15 60.13 75.24
CA ALA HA 118 59.37 60.44 73.84
C ALA HA 118 58.32 59.76 72.96
N VAL HA 119 57.84 60.49 71.93
CA VAL HA 119 56.72 60.08 71.08
C VAL HA 119 57.11 60.31 69.62
N GLU HA 120 56.93 59.30 68.75
CA GLU HA 120 57.25 59.41 67.33
C GLU HA 120 56.03 59.89 66.55
N ASN HA 121 56.30 60.61 65.44
CA ASN HA 121 55.35 60.88 64.37
C ASN HA 121 54.04 61.48 64.88
N VAL HA 122 54.12 62.49 65.76
CA VAL HA 122 52.94 63.25 66.20
C VAL HA 122 52.46 64.09 65.03
N VAL HA 123 51.14 64.02 64.75
CA VAL HA 123 50.51 64.86 63.75
C VAL HA 123 49.35 65.61 64.40
N PHE HA 124 49.14 66.86 63.97
CA PHE HA 124 48.09 67.73 64.49
C PHE HA 124 47.08 68.01 63.37
N PRO HA 125 45.79 67.57 63.48
CA PRO HA 125 44.79 67.86 62.45
C PRO HA 125 44.57 69.34 62.14
N GLU HA 126 44.73 70.20 63.17
CA GLU HA 126 44.53 71.63 63.04
C GLU HA 126 45.54 72.39 63.89
N LEU HA 127 45.93 73.57 63.37
CA LEU HA 127 46.93 74.42 63.98
C LEU HA 127 46.29 75.79 64.25
N PRO HA 128 46.19 76.27 65.52
CA PRO HA 128 45.74 77.63 65.77
C PRO HA 128 46.85 78.61 65.39
N LEU HA 129 46.59 79.44 64.37
CA LEU HA 129 47.54 80.47 63.98
C LEU HA 129 47.36 81.71 64.87
N ASP HA 130 46.11 82.16 64.98
CA ASP HA 130 45.73 83.31 65.78
C ASP HA 130 44.69 82.87 66.82
N SER HA 131 44.82 83.39 68.05
CA SER HA 131 43.95 83.02 69.16
C SER HA 131 43.83 84.19 70.14
N ALA HA 132 43.44 85.36 69.60
CA ALA HA 132 43.33 86.61 70.34
C ALA HA 132 42.04 86.64 71.16
N THR HA 133 42.17 87.11 72.41
CA THR HA 133 41.05 87.38 73.32
C THR HA 133 41.34 88.72 74.01
N TYR HA 134 40.29 89.54 74.20
CA TYR HA 134 40.45 90.88 74.75
C TYR HA 134 41.12 90.82 76.13
N GLY HA 135 42.22 91.59 76.29
CA GLY HA 135 42.93 91.73 77.56
C GLY HA 135 43.67 90.46 78.00
N GLU HA 136 44.07 89.62 77.02
CA GLU HA 136 44.82 88.40 77.28
C GLU HA 136 45.94 88.26 76.24
N TYR HA 137 47.00 87.53 76.60
CA TYR HA 137 47.96 87.05 75.63
C TYR HA 137 47.27 85.99 74.78
N GLU HA 138 47.69 85.86 73.52
CA GLU HA 138 47.19 84.79 72.68
C GLU HA 138 47.62 83.44 73.30
N GLU HA 139 46.66 82.50 73.39
CA GLU HA 139 46.94 81.18 73.93
C GLU HA 139 46.46 80.10 72.94
N TYR HA 140 47.35 79.13 72.69
CA TYR HA 140 47.21 78.17 71.62
C TYR HA 140 47.05 76.76 72.21
N SER HA 141 46.03 76.03 71.73
CA SER HA 141 45.86 74.63 72.10
C SER HA 141 46.04 73.73 70.87
N LEU HA 142 46.94 72.74 71.01
CA LEU HA 142 47.15 71.69 70.02
C LEU HA 142 46.54 70.38 70.52
N THR HA 143 45.91 69.63 69.60
CA THR HA 143 45.50 68.25 69.82
C THR HA 143 46.06 67.43 68.65
N GLY HA 144 46.70 66.29 68.96
CA GLY HA 144 47.32 65.47 67.93
C GLY HA 144 47.53 64.01 68.35
N SER HA 145 47.87 63.16 67.37
CA SER HA 145 48.10 61.74 67.61
C SER HA 145 49.51 61.32 67.18
N GLY HA 146 50.31 60.87 68.16
CA GLY HA 146 51.56 60.17 67.92
C GLY HA 146 51.31 58.70 67.58
N ARG HA 147 52.29 58.07 66.90
CA ARG HA 147 52.19 56.67 66.49
C ARG HA 147 52.49 55.73 67.65
N SER HA 148 53.55 56.03 68.43
CA SER HA 148 53.95 55.20 69.57
C SER HA 148 54.80 56.01 70.54
N VAL HA 149 54.90 55.52 71.80
CA VAL HA 149 55.88 55.98 72.77
C VAL HA 149 57.19 55.26 72.45
N THR HA 150 58.22 55.99 72.01
CA THR HA 150 59.50 55.39 71.67
C THR HA 150 60.37 55.20 72.91
N ASN HA 151 60.15 56.03 73.95
CA ASN HA 151 60.93 55.95 75.17
C ASN HA 151 60.11 56.44 76.37
N LEU HA 152 60.20 55.69 77.47
CA LEU HA 152 59.73 56.08 78.80
C LEU HA 152 60.65 55.43 79.83
N ALA HA 153 61.55 56.24 80.40
CA ALA HA 153 62.60 55.74 81.28
C ALA HA 153 63.06 56.82 82.27
N ASP HA 154 63.69 56.36 83.37
CA ASP HA 154 64.47 57.21 84.25
C ASP HA 154 65.81 57.52 83.56
N THR HA 155 65.97 58.78 83.10
CA THR HA 155 67.16 59.21 82.38
C THR HA 155 68.16 59.91 83.31
N SER HA 156 67.92 59.90 84.64
CA SER HA 156 68.84 60.50 85.60
C SER HA 156 70.15 59.71 85.65
N GLY HA 157 71.25 60.39 86.05
CA GLY HA 157 72.57 59.80 86.13
C GLY HA 157 72.69 58.74 87.20
N ALA IA 2 66.61 80.18 63.12
CA ALA IA 2 65.17 80.55 63.08
C ALA IA 2 64.90 81.68 64.08
N THR IA 3 63.71 82.28 63.99
CA THR IA 3 63.25 83.33 64.90
C THR IA 3 62.82 82.69 66.22
N SER IA 4 63.26 83.26 67.36
CA SER IA 4 62.89 82.78 68.68
C SER IA 4 61.38 82.90 68.91
N PRO IA 5 60.67 81.85 69.44
CA PRO IA 5 59.27 81.98 69.83
C PRO IA 5 59.06 83.06 70.90
N GLU IA 6 57.92 83.77 70.81
CA GLU IA 6 57.68 84.94 71.65
C GLU IA 6 56.19 85.07 71.94
N GLY IA 7 55.84 85.69 73.08
CA GLY IA 7 54.45 85.97 73.42
C GLY IA 7 53.81 86.93 72.41
N ILE IA 8 52.48 86.87 72.26
CA ILE IA 8 51.73 87.84 71.45
C ILE IA 8 50.60 88.39 72.32
N TRP IA 9 50.45 89.73 72.32
CA TRP IA 9 49.41 90.41 73.07
C TRP IA 9 48.22 90.66 72.16
N SER IA 10 47.02 90.22 72.59
CA SER IA 10 45.83 90.25 71.73
C SER IA 10 45.51 91.67 71.25
N ASN IA 11 45.60 92.65 72.15
CA ASN IA 11 45.15 94.02 71.88
C ASN IA 11 46.09 94.76 70.92
N SER IA 12 47.23 94.16 70.56
CA SER IA 12 48.16 94.73 69.58
C SER IA 12 47.76 94.40 68.14
N GLY IA 13 46.81 93.48 67.94
CA GLY IA 13 46.42 93.02 66.62
C GLY IA 13 45.58 94.03 65.85
N ALA IA 14 45.77 94.06 64.52
CA ALA IA 14 44.92 94.80 63.60
C ALA IA 14 44.34 93.85 62.55
N LEU IA 15 43.00 93.73 62.53
CA LEU IA 15 42.26 92.88 61.61
C LEU IA 15 41.59 93.74 60.53
N THR IA 16 41.68 93.28 59.26
CA THR IA 16 41.06 93.96 58.12
C THR IA 16 40.42 92.94 57.19
N PHE IA 17 39.38 93.39 56.45
CA PHE IA 17 38.68 92.61 55.46
C PHE IA 17 38.76 93.33 54.10
N GLU IA 18 38.87 92.55 53.02
CA GLU IA 18 38.98 93.09 51.67
C GLU IA 18 38.05 92.33 50.72
N ASP IA 19 37.49 93.05 49.74
CA ASP IA 19 36.74 92.45 48.63
C ASP IA 19 37.73 91.85 47.63
N PRO IA 20 37.71 90.52 47.38
CA PRO IA 20 38.64 89.90 46.42
C PRO IA 20 38.48 90.30 44.95
N ALA IA 21 37.39 91.02 44.61
CA ALA IA 21 37.22 91.56 43.27
C ALA IA 21 38.13 92.78 43.03
N ASP IA 22 38.47 93.50 44.11
CA ASP IA 22 39.12 94.81 44.04
C ASP IA 22 40.44 94.85 44.80
N ASP IA 23 40.54 94.03 45.87
CA ASP IA 23 41.41 94.24 47.02
C ASP IA 23 41.06 95.52 47.80
N SER IA 24 39.83 96.06 47.65
CA SER IA 24 39.38 97.24 48.37
C SER IA 24 38.91 96.86 49.77
N GLU IA 25 39.24 97.69 50.77
CA GLU IA 25 38.93 97.41 52.17
C GLU IA 25 37.42 97.51 52.43
N ILE IA 26 36.87 96.49 53.11
CA ILE IA 26 35.52 96.50 53.65
C ILE IA 26 35.60 96.96 55.11
N LEU IA 27 34.90 98.05 55.42
CA LEU IA 27 35.16 98.80 56.64
C LEU IA 27 34.64 98.03 57.87
N PHE IA 28 35.58 97.62 58.74
CA PHE IA 28 35.30 96.73 59.87
C PHE IA 28 36.24 97.07 61.04
N ALA IA 29 35.72 97.02 62.28
CA ALA IA 29 36.44 97.49 63.46
C ALA IA 29 35.85 96.92 64.75
N GLY IA 30 36.57 97.10 65.86
CA GLY IA 30 36.04 96.89 67.21
C GLY IA 30 36.01 95.42 67.64
N VAL IA 31 37.01 94.63 67.20
CA VAL IA 31 37.12 93.23 67.60
C VAL IA 31 37.45 93.11 69.08
N ARG IA 32 37.10 91.95 69.65
CA ARG IA 32 37.41 91.58 71.03
C ARG IA 32 38.12 90.22 71.03
N ASP IA 33 37.57 89.24 70.30
CA ASP IA 33 38.23 87.95 70.10
C ASP IA 33 38.42 87.69 68.60
N VAL IA 34 39.54 87.02 68.24
CA VAL IA 34 39.81 86.54 66.88
C VAL IA 34 40.55 85.20 66.97
N THR IA 35 39.93 84.12 66.45
CA THR IA 35 40.59 82.83 66.29
C THR IA 35 40.68 82.49 64.80
N ILE IA 36 41.90 82.15 64.34
CA ILE IA 36 42.14 81.65 62.99
C ILE IA 36 42.85 80.29 63.11
N THR IA 37 42.23 79.25 62.55
CA THR IA 37 42.72 77.88 62.68
C THR IA 37 42.62 77.16 61.33
N PRO IA 38 43.74 77.04 60.56
CA PRO IA 38 43.80 76.08 59.45
C PRO IA 38 43.69 74.65 59.98
N ALA IA 39 42.91 73.85 59.25
CA ALA IA 39 42.59 72.48 59.63
C ALA IA 39 42.58 71.58 58.39
N TYR IA 40 42.73 70.28 58.63
CA TYR IA 40 42.47 69.24 57.64
C TYR IA 40 41.76 68.09 58.37
N GLU IA 41 41.00 67.29 57.62
CA GLU IA 41 40.62 65.96 58.09
C GLU IA 41 41.82 65.03 57.95
N HIS IA 42 42.02 64.16 58.96
CA HIS IA 42 43.06 63.14 58.93
C HIS IA 42 42.42 61.75 58.84
N ALA IA 43 42.93 60.93 57.91
CA ALA IA 43 42.58 59.52 57.85
C ALA IA 43 43.80 58.66 58.20
N GLU IA 44 43.66 57.82 59.24
CA GLU IA 44 44.71 56.95 59.74
C GLU IA 44 44.44 55.50 59.28
N LEU IA 45 45.47 54.83 58.75
CA LEU IA 45 45.33 53.45 58.26
C LEU IA 45 45.78 52.46 59.34
N TYR IA 46 44.88 51.53 59.67
CA TYR IA 46 45.17 50.39 60.54
C TYR IA 46 44.70 49.09 59.86
N THR IA 47 45.51 48.03 59.99
CA THR IA 47 45.21 46.71 59.45
C THR IA 47 45.61 45.65 60.47
N ILE IA 48 45.29 44.38 60.18
CA ILE IA 48 45.60 43.25 61.05
C ILE IA 48 47.10 43.03 61.24
N ASP IA 49 47.94 43.55 60.33
CA ASP IA 49 49.40 43.39 60.37
C ASP IA 49 50.01 43.90 61.68
N SER IA 50 49.51 45.03 62.20
CA SER IA 50 50.10 45.73 63.34
C SER IA 50 49.03 46.50 64.11
N THR IA 51 49.23 46.65 65.42
CA THR IA 51 48.40 47.49 66.28
C THR IA 51 48.73 48.97 66.09
N PHE IA 52 49.93 49.28 65.57
CA PHE IA 52 50.37 50.65 65.35
C PHE IA 52 49.76 51.18 64.05
N ARG IA 53 49.69 52.51 63.95
CA ARG IA 53 49.25 53.24 62.77
C ARG IA 53 50.23 52.98 61.62
N ASP IA 54 49.68 52.65 60.45
CA ASP IA 54 50.45 52.30 59.27
C ASP IA 54 50.75 53.56 58.44
N GLU IA 55 49.71 54.39 58.23
CA GLU IA 55 49.78 55.61 57.45
C GLU IA 55 48.86 56.67 58.06
N VAL IA 56 49.13 57.95 57.78
CA VAL IA 56 48.20 59.05 58.05
C VAL IA 56 48.27 60.06 56.90
N LYS IA 57 47.10 60.61 56.51
CA LYS IA 57 46.98 61.50 55.35
C LYS IA 57 46.00 62.64 55.62
N ARG IA 58 46.28 63.81 55.01
CA ARG IA 58 45.44 65.01 55.05
C ARG IA 58 44.48 65.01 53.86
N TYR IA 59 43.27 65.56 54.11
CA TYR IA 59 42.31 65.94 53.07
C TYR IA 59 41.37 67.02 53.63
N GLU IA 60 40.55 67.61 52.75
CA GLU IA 60 39.46 68.49 53.14
C GLU IA 60 39.97 69.65 54.01
N HIS IA 61 40.82 70.48 53.39
CA HIS IA 61 41.40 71.64 54.06
C HIS IA 61 40.35 72.75 54.15
N ASN IA 62 40.36 73.46 55.30
CA ASN IA 62 39.65 74.72 55.47
C ASN IA 62 40.35 75.53 56.57
N VAL IA 63 40.04 76.83 56.64
CA VAL IA 63 40.51 77.67 57.73
C VAL IA 63 39.28 78.11 58.53
N ASN IA 64 39.18 77.62 59.77
CA ASN IA 64 38.16 78.09 60.71
C ASN IA 64 38.51 79.51 61.14
N VAL IA 65 37.59 80.45 60.86
CA VAL IA 65 37.70 81.83 61.29
C VAL IA 65 36.51 82.10 62.21
N GLU IA 66 36.80 82.57 63.44
CA GLU IA 66 35.75 83.07 64.30
C GLU IA 66 36.20 84.36 65.00
N ILE IA 67 35.31 85.35 64.97
CA ILE IA 67 35.59 86.72 65.41
C ILE IA 67 34.42 87.17 66.30
N THR IA 68 34.75 87.74 67.47
CA THR IA 68 33.78 88.43 68.30
C THR IA 68 34.12 89.92 68.31
N TYR IA 69 33.12 90.78 68.05
CA TYR IA 69 33.34 92.21 67.87
C TYR IA 69 32.14 93.02 68.37
N ALA IA 70 32.38 94.31 68.68
CA ALA IA 70 31.40 95.13 69.41
C ALA IA 70 31.08 96.48 68.72
N LYS IA 71 31.60 96.70 67.50
CA LYS IA 71 31.21 97.84 66.67
C LYS IA 71 30.52 97.34 65.41
N PHE IA 72 29.25 97.74 65.20
CA PHE IA 72 28.48 97.30 64.05
C PHE IA 72 28.95 98.03 62.79
N SER IA 73 29.04 97.31 61.66
CA SER IA 73 29.38 97.88 60.36
C SER IA 73 28.25 97.63 59.36
N LEU IA 74 27.71 98.72 58.80
CA LEU IA 74 26.69 98.61 57.75
C LEU IA 74 27.29 98.07 56.46
N GLU IA 75 28.54 98.47 56.14
CA GLU IA 75 29.16 97.99 54.92
C GLU IA 75 29.37 96.48 54.95
N PHE IA 76 29.95 95.97 56.05
CA PHE IA 76 30.19 94.53 56.20
C PHE IA 76 28.89 93.73 56.06
N ALA IA 77 27.82 94.19 56.71
CA ALA IA 77 26.52 93.54 56.68
C ALA IA 77 25.89 93.58 55.28
N GLN IA 78 25.95 94.74 54.61
CA GLN IA 78 25.36 94.93 53.30
C GLN IA 78 26.15 94.22 52.19
N GLU IA 79 27.47 94.08 52.38
CA GLU IA 79 28.32 93.24 51.54
C GLU IA 79 27.92 91.77 51.68
N TRP IA 80 27.71 91.31 52.92
CA TRP IA 80 27.29 89.95 53.21
C TRP IA 80 25.94 89.64 52.55
N LEU IA 81 24.97 90.55 52.69
CA LEU IA 81 23.65 90.42 52.08
C LEU IA 81 23.77 90.35 50.56
N GLY IA 82 24.64 91.19 49.97
CA GLY IA 82 24.72 91.39 48.53
C GLY IA 82 25.34 90.24 47.75
N GLY IA 83 26.21 89.44 48.41
CA GLY IA 83 26.98 88.42 47.72
C GLY IA 83 28.16 89.03 46.95
N PRO IA 84 28.93 88.23 46.17
CA PRO IA 84 30.13 88.72 45.49
C PRO IA 84 29.90 89.92 44.56
N GLY IA 85 30.73 90.95 44.72
CA GLY IA 85 30.77 92.12 43.85
C GLY IA 85 29.51 92.99 43.88
N ALA IA 86 28.69 92.88 44.93
CA ALA IA 86 27.45 93.62 45.07
C ALA IA 86 27.13 93.90 46.54
N THR IA 87 26.27 94.91 46.77
CA THR IA 87 25.88 95.40 48.08
C THR IA 87 24.36 95.50 48.12
N ALA IA 88 23.72 95.08 49.23
CA ALA IA 88 22.26 95.05 49.29
C ALA IA 88 21.72 95.38 50.69
N THR IA 89 20.49 95.93 50.73
CA THR IA 89 19.81 96.31 51.98
C THR IA 89 18.78 95.26 52.41
N ALA IA 90 18.65 94.15 51.66
CA ALA IA 90 17.70 93.08 51.93
C ALA IA 90 18.30 91.74 51.55
N SER IA 91 17.78 90.63 52.10
CA SER IA 91 18.20 89.28 51.74
C SER IA 91 18.13 89.11 50.22
N GLN IA 92 19.15 88.46 49.64
CA GLN IA 92 19.18 88.17 48.21
C GLN IA 92 18.87 86.69 47.98
N ASP IA 93 18.01 86.43 46.99
CA ASP IA 93 17.61 85.08 46.62
C ASP IA 93 18.57 84.55 45.55
N ASP IA 94 19.83 84.28 45.94
CA ASP IA 94 20.83 83.70 45.05
C ASP IA 94 21.84 82.83 45.82
N SER IA 95 22.55 81.98 45.07
CA SER IA 95 23.33 80.87 45.60
C SER IA 95 24.76 81.24 46.00
N ASP IA 96 25.24 82.46 45.65
CA ASP IA 96 26.64 82.83 45.88
C ASP IA 96 26.80 83.53 47.23
N PRO IA 97 27.60 82.99 48.19
CA PRO IA 97 27.93 83.72 49.41
C PRO IA 97 29.01 84.76 49.12
N MET IA 98 28.95 85.89 49.83
CA MET IA 98 30.01 86.89 49.80
C MET IA 98 31.30 86.25 50.35
N LYS IA 99 32.38 86.37 49.57
CA LYS IA 99 33.70 85.87 49.94
C LYS IA 99 34.58 87.06 50.33
N PHE IA 100 35.11 87.02 51.56
CA PHE IA 100 35.96 88.07 52.07
C PHE IA 100 37.40 87.57 52.12
N ASN IA 101 38.34 88.36 51.61
CA ASN IA 101 39.73 88.18 52.03
C ASN IA 101 39.89 88.80 53.43
N LEU IA 102 40.71 88.15 54.26
CA LEU IA 102 40.94 88.56 55.63
C LEU IA 102 42.45 88.66 55.88
N GLU IA 103 42.86 89.68 56.64
CA GLU IA 103 44.23 89.76 57.11
C GLU IA 103 44.28 90.26 58.55
N ASN IA 104 45.09 89.58 59.38
CA ASN IA 104 45.35 89.99 60.75
C ASN IA 104 46.86 90.19 60.92
N VAL IA 105 47.26 91.36 61.45
CA VAL IA 105 48.66 91.70 61.67
C VAL IA 105 48.90 91.99 63.15
N THR IA 106 49.90 91.32 63.74
CA THR IA 106 50.23 91.48 65.15
C THR IA 106 51.74 91.58 65.34
N PRO IA 107 52.25 92.62 66.05
CA PRO IA 107 53.61 92.59 66.61
C PRO IA 107 53.69 91.49 67.67
N SER IA 108 54.86 90.84 67.78
CA SER IA 108 55.16 89.99 68.93
C SER IA 108 55.39 90.89 70.15
N ALA IA 109 55.26 90.31 71.36
CA ALA IA 109 55.15 91.08 72.60
C ALA IA 109 56.40 91.91 72.92
N SER IA 110 57.59 91.42 72.53
CA SER IA 110 58.86 92.14 72.69
C SER IA 110 59.40 92.67 71.36
N GLY IA 111 58.57 92.64 70.30
CA GLY IA 111 58.93 93.20 69.00
C GLY IA 111 59.93 92.36 68.20
N GLY IA 112 60.14 91.09 68.58
CA GLY IA 112 61.03 90.17 67.89
C GLY IA 112 60.63 89.86 66.44
N PHE IA 113 59.31 89.91 66.15
CA PHE IA 113 58.76 89.72 64.82
C PHE IA 113 57.40 90.42 64.70
N GLU IA 114 56.91 90.60 63.46
CA GLU IA 114 55.53 91.00 63.22
C GLU IA 114 54.83 89.88 62.43
N ARG IA 115 53.92 89.15 63.10
CA ARG IA 115 53.22 88.05 62.47
C ARG IA 115 52.04 88.58 61.65
N THR IA 116 52.03 88.28 60.34
CA THR IA 116 50.90 88.55 59.45
C THR IA 116 50.25 87.22 59.06
N THR IA 117 48.94 87.10 59.30
CA THR IA 117 48.13 85.97 58.83
C THR IA 117 47.10 86.46 57.82
N ALA IA 118 47.10 85.88 56.61
CA ALA IA 118 46.13 86.21 55.58
C ALA IA 118 45.37 84.95 55.14
N VAL IA 119 44.03 85.09 54.98
CA VAL IA 119 43.13 83.99 54.66
C VAL IA 119 42.27 84.40 53.46
N GLU IA 120 42.18 83.53 52.44
CA GLU IA 120 41.39 83.82 51.25
C GLU IA 120 39.95 83.31 51.41
N ASN IA 121 39.00 84.00 50.75
CA ASN IA 121 37.64 83.53 50.48
C ASN IA 121 36.93 83.04 51.75
N VAL IA 122 37.00 83.83 52.83
CA VAL IA 122 36.24 83.54 54.05
C VAL IA 122 34.76 83.77 53.75
N VAL IA 123 33.90 82.80 54.12
CA VAL IA 123 32.46 82.91 54.00
C VAL IA 123 31.83 82.65 55.37
N PHE IA 124 30.73 83.35 55.66
CA PHE IA 124 30.04 83.25 56.94
C PHE IA 124 28.63 82.70 56.71
N PRO IA 125 28.29 81.47 57.19
CA PRO IA 125 26.93 80.91 57.03
C PRO IA 125 25.80 81.77 57.61
N GLU IA 126 26.11 82.50 58.69
CA GLU IA 126 25.14 83.36 59.37
C GLU IA 126 25.80 84.67 59.78
N LEU IA 127 25.02 85.76 59.71
CA LEU IA 127 25.45 87.08 60.09
C LEU IA 127 24.54 87.58 61.23
N PRO IA 128 25.08 87.84 62.45
CA PRO IA 128 24.26 88.45 63.51
C PRO IA 128 24.05 89.92 63.20
N LEU IA 129 22.80 90.31 62.91
CA LEU IA 129 22.49 91.70 62.63
C LEU IA 129 22.26 92.47 63.92
N ASP IA 130 21.44 91.90 64.81
CA ASP IA 130 21.12 92.47 66.10
C ASP IA 130 21.49 91.45 67.18
N SER IA 131 22.05 91.95 68.30
CA SER IA 131 22.58 91.11 69.37
C SER IA 131 22.49 91.86 70.71
N ALA IA 132 21.28 92.35 71.02
CA ALA IA 132 21.02 93.17 72.19
C ALA IA 132 20.86 92.30 73.45
N THR IA 133 21.45 92.76 74.56
CA THR IA 133 21.27 92.20 75.90
C THR IA 133 21.18 93.36 76.88
N TYR IA 134 20.24 93.29 77.85
CA TYR IA 134 19.97 94.38 78.77
C TYR IA 134 21.25 94.82 79.50
N GLY IA 135 21.59 96.12 79.41
CA GLY IA 135 22.73 96.69 80.12
C GLY IA 135 24.09 96.38 79.50
N GLU IA 136 24.10 96.01 78.21
CA GLU IA 136 25.34 95.70 77.49
C GLU IA 136 25.33 96.37 76.11
N TYR IA 137 26.54 96.61 75.56
CA TYR IA 137 26.70 96.90 74.15
C TYR IA 137 26.41 95.63 73.36
N GLU IA 138 25.84 95.79 72.16
CA GLU IA 138 25.62 94.66 71.27
C GLU IA 138 26.97 94.05 70.89
N GLU IA 139 27.08 92.72 71.02
CA GLU IA 139 28.30 92.00 70.72
C GLU IA 139 28.01 90.88 69.71
N TYR IA 140 28.83 90.82 68.66
CA TYR IA 140 28.57 90.04 67.46
C TYR IA 140 29.63 88.94 67.32
N SER IA 141 29.19 87.69 67.14
CA SER IA 141 30.10 86.58 66.89
C SER IA 141 29.89 86.02 65.47
N LEU IA 142 30.96 86.08 64.66
CA LEU IA 142 31.00 85.45 63.34
C LEU IA 142 31.72 84.10 63.46
N THR IA 143 31.20 83.10 62.75
CA THR IA 143 31.89 81.83 62.51
C THR IA 143 31.87 81.59 61.00
N GLY IA 144 33.03 81.26 60.41
CA GLY IA 144 33.14 81.09 58.97
C GLY IA 144 34.32 80.22 58.55
N SER IA 145 34.35 79.86 57.26
CA SER IA 145 35.40 79.03 56.69
C SER IA 145 36.10 79.72 55.52
N GLY IA 146 37.41 80.00 55.69
CA GLY IA 146 38.29 80.41 54.60
C GLY IA 146 38.79 79.20 53.81
N ARG IA 147 39.19 79.43 52.55
CA ARG IA 147 39.62 78.36 51.65
C ARG IA 147 41.04 77.88 52.00
N SER IA 148 41.96 78.84 52.24
CA SER IA 148 43.35 78.55 52.56
C SER IA 148 44.02 79.76 53.23
N VAL IA 149 45.16 79.50 53.90
CA VAL IA 149 46.05 80.55 54.38
C VAL IA 149 46.95 80.95 53.21
N THR IA 150 46.83 82.21 52.73
CA THR IA 150 47.62 82.69 51.61
C THR IA 150 48.97 83.23 52.06
N ASN IA 151 49.07 83.64 53.34
CA ASN IA 151 50.29 84.21 53.89
C ASN IA 151 50.36 84.00 55.40
N LEU IA 152 51.52 83.50 55.86
CA LEU IA 152 51.92 83.48 57.25
C LEU IA 152 53.44 83.69 57.33
N ALA IA 153 53.83 84.90 57.72
CA ALA IA 153 55.23 85.32 57.70
C ALA IA 153 55.50 86.40 58.74
N ASP IA 154 56.79 86.56 59.08
CA ASP IA 154 57.28 87.74 59.75
C ASP IA 154 57.41 88.86 58.73
N THR IA 155 56.58 89.92 58.90
CA THR IA 155 56.52 91.03 57.97
C THR IA 155 57.25 92.28 58.50
N SER IA 156 57.98 92.15 59.63
CA SER IA 156 58.75 93.24 60.20
C SER IA 156 59.92 93.63 59.30
N GLY IA 157 60.33 94.91 59.37
CA GLY IA 157 61.39 95.47 58.53
C GLY IA 157 62.74 94.84 58.82
N ALA JA 2 32.20 105.00 53.02
CA ALA JA 2 31.04 104.44 53.78
C ALA JA 2 31.09 104.89 55.23
N THR JA 3 29.99 104.65 55.97
CA THR JA 3 29.82 105.05 57.37
C THR JA 3 30.78 104.25 58.24
N SER JA 4 31.44 104.93 59.20
CA SER JA 4 32.37 104.29 60.14
C SER JA 4 31.64 103.27 61.02
N PRO JA 5 32.22 102.08 61.29
CA PRO JA 5 31.68 101.16 62.30
C PRO JA 5 31.66 101.80 63.69
N GLU JA 6 30.61 101.50 64.47
CA GLU JA 6 30.35 102.19 65.73
C GLU JA 6 29.69 101.23 66.72
N GLY JA 7 29.92 101.45 68.03
CA GLY JA 7 29.24 100.69 69.08
C GLY JA 7 27.72 100.89 69.03
N ILE JA 8 26.96 99.87 69.47
CA ILE JA 8 25.52 100.00 69.64
C ILE JA 8 25.16 99.58 71.06
N TRP JA 9 24.33 100.40 71.72
CA TRP JA 9 23.93 100.17 73.10
C TRP JA 9 22.56 99.50 73.11
N SER JA 10 22.43 98.35 73.81
CA SER JA 10 21.22 97.52 73.73
C SER JA 10 19.96 98.28 74.14
N ASN JA 11 20.05 99.13 75.17
CA ASN JA 11 18.89 99.79 75.74
C ASN JA 11 18.36 100.94 74.86
N SER JA 12 19.09 101.30 73.80
CA SER JA 12 18.66 102.34 72.86
C SER JA 12 17.65 101.81 71.83
N GLY JA 13 17.47 100.48 71.77
CA GLY JA 13 16.66 99.84 70.75
C GLY JA 13 15.16 99.92 71.02
N ALA JA 14 14.38 100.07 69.94
CA ALA JA 14 12.92 99.98 69.97
C ALA JA 14 12.45 98.91 68.98
N LEU JA 15 11.80 97.86 69.51
CA LEU JA 15 11.29 96.73 68.74
C LEU JA 15 9.77 96.84 68.59
N THR JA 16 9.27 96.56 67.38
CA THR JA 16 7.84 96.58 67.09
C THR JA 16 7.45 95.40 66.20
N PHE JA 17 6.22 94.89 66.42
CA PHE JA 17 5.60 93.87 65.59
C PHE JA 17 4.40 94.46 64.86
N GLU JA 18 4.22 94.03 63.60
CA GLU JA 18 3.10 94.45 62.77
C GLU JA 18 2.41 93.23 62.14
N ASP JA 19 1.08 93.31 62.04
CA ASP JA 19 0.28 92.35 61.27
C ASP JA 19 0.54 92.59 59.77
N PRO JA 20 1.09 91.60 59.01
CA PRO JA 20 1.36 91.79 57.58
C PRO JA 20 0.13 91.97 56.69
N ALA JA 21 -1.08 91.77 57.24
CA ALA JA 21 -2.31 92.02 56.50
C ALA JA 21 -2.65 93.52 56.42
N ASP JA 22 -2.36 94.26 57.51
CA ASP JA 22 -2.79 95.64 57.70
C ASP JA 22 -1.63 96.63 57.83
N ASP JA 23 -0.44 96.11 58.18
CA ASP JA 23 0.70 96.87 58.70
C ASP JA 23 0.40 97.56 60.03
N SER JA 24 -0.67 97.16 60.74
CA SER JA 24 -1.03 97.71 62.04
C SER JA 24 -0.11 97.12 63.12
N GLU JA 25 0.23 97.91 64.14
CA GLU JA 25 1.09 97.46 65.23
C GLU JA 25 0.34 96.46 66.12
N ILE JA 26 1.05 95.40 66.52
CA ILE JA 26 0.64 94.48 67.58
C ILE JA 26 1.42 94.87 68.84
N LEU JA 27 0.70 95.17 69.94
CA LEU JA 27 1.33 95.74 71.12
C LEU JA 27 2.26 94.73 71.79
N PHE JA 28 3.51 95.17 72.00
CA PHE JA 28 4.58 94.36 72.55
C PHE JA 28 5.60 95.28 73.22
N ALA JA 29 6.15 94.88 74.37
CA ALA JA 29 6.99 95.76 75.19
C ALA JA 29 7.87 94.94 76.15
N GLY JA 30 8.82 95.63 76.80
CA GLY JA 30 9.56 95.06 77.92
C GLY JA 30 10.67 94.09 77.51
N VAL JA 31 11.26 94.28 76.33
CA VAL JA 31 12.36 93.44 75.85
C VAL JA 31 13.59 93.61 76.75
N ARG JA 32 14.39 92.53 76.82
CA ARG JA 32 15.62 92.48 77.60
C ARG JA 32 16.76 91.95 76.73
N ASP JA 33 16.48 90.89 75.94
CA ASP JA 33 17.39 90.41 74.90
C ASP JA 33 16.67 90.41 73.55
N VAL JA 34 17.39 90.77 72.48
CA VAL JA 34 16.90 90.67 71.11
C VAL JA 34 18.07 90.26 70.21
N THR JA 35 17.98 89.05 69.62
CA THR JA 35 18.97 88.59 68.65
C THR JA 35 18.28 88.30 67.32
N ILE JA 36 18.79 88.92 66.24
CA ILE JA 36 18.30 88.70 64.88
C ILE JA 36 19.48 88.27 64.01
N THR JA 37 19.36 87.08 63.41
CA THR JA 37 20.46 86.47 62.68
C THR JA 37 19.97 85.88 61.36
N PRO JA 38 20.13 86.58 60.20
CA PRO JA 38 20.01 85.92 58.89
C PRO JA 38 21.07 84.84 58.73
N ALA JA 39 20.64 83.73 58.12
CA ALA JA 39 21.46 82.54 57.95
C ALA JA 39 21.12 81.88 56.62
N TYR JA 40 22.11 81.16 56.08
CA TYR JA 40 21.90 80.21 54.99
C TYR JA 40 22.65 78.93 55.34
N GLU JA 41 22.15 77.80 54.83
CA GLU JA 41 22.93 76.57 54.80
C GLU JA 41 24.01 76.71 53.73
N HIS JA 42 25.24 76.23 54.03
CA HIS JA 42 26.35 76.23 53.09
C HIS JA 42 26.70 74.80 52.69
N ALA JA 43 26.92 74.59 51.38
CA ALA JA 43 27.46 73.34 50.87
C ALA JA 43 28.81 73.60 50.18
N GLU JA 44 29.86 72.87 50.63
CA GLU JA 44 31.22 73.04 50.13
C GLU JA 44 31.58 71.83 49.25
N LEU JA 45 32.05 72.10 48.02
CA LEU JA 45 32.45 71.04 47.09
C LEU JA 45 33.93 70.69 47.30
N TYR JA 46 34.19 69.41 47.57
CA TYR JA 46 35.54 68.84 47.57
C TYR JA 46 35.57 67.59 46.68
N THR JA 47 36.70 67.38 45.98
CA THR JA 47 36.92 66.25 45.09
C THR JA 47 38.38 65.79 45.19
N ILE JA 48 38.69 64.65 44.56
CA ILE JA 48 40.04 64.06 44.53
C ILE JA 48 41.06 65.00 43.86
N ASP JA 49 40.61 65.99 43.06
CA ASP JA 49 41.49 66.91 42.35
C ASP JA 49 42.37 67.74 43.29
N SER JA 50 41.82 68.14 44.45
CA SER JA 50 42.46 69.10 45.35
C SER JA 50 41.94 68.92 46.78
N THR JA 51 42.82 69.13 47.77
CA THR JA 51 42.44 69.15 49.18
C THR JA 51 41.70 70.45 49.53
N PHE JA 52 41.85 71.49 48.69
CA PHE JA 52 41.21 72.78 48.92
C PHE JA 52 39.77 72.74 48.39
N ARG JA 53 38.91 73.56 49.00
CA ARG JA 53 37.52 73.73 48.63
C ARG JA 53 37.42 74.26 47.19
N ASP JA 54 36.60 73.58 46.37
CA ASP JA 54 36.44 73.92 44.96
C ASP JA 54 35.36 74.99 44.78
N GLU JA 55 34.23 74.82 45.50
CA GLU JA 55 33.09 75.73 45.44
C GLU JA 55 32.43 75.81 46.82
N VAL JA 56 31.69 76.91 47.06
CA VAL JA 56 30.77 77.02 48.19
C VAL JA 56 29.51 77.77 47.75
N LYS JA 57 28.33 77.31 48.23
CA LYS JA 57 27.03 77.81 47.78
C LYS JA 57 26.06 77.93 48.95
N ARG JA 58 25.18 78.96 48.88
CA ARG JA 58 24.10 79.24 49.83
C ARG JA 58 22.83 78.52 49.38
N TYR JA 59 22.04 78.06 50.37
CA TYR JA 59 20.66 77.62 50.19
C TYR JA 59 19.90 77.77 51.51
N GLU JA 60 18.57 77.57 51.46
CA GLU JA 60 17.73 77.43 52.64
C GLU JA 60 17.87 78.65 53.57
N HIS JA 61 17.56 79.83 53.03
CA HIS JA 61 17.64 81.09 53.76
C HIS JA 61 16.63 81.11 54.91
N ASN JA 62 17.03 81.78 55.99
CA ASN JA 62 16.34 81.77 57.27
C ASN JA 62 16.77 83.03 58.02
N VAL JA 63 15.88 83.55 58.88
CA VAL JA 63 16.26 84.60 59.83
C VAL JA 63 15.88 84.12 61.22
N ASN JA 64 16.87 83.68 62.00
CA ASN JA 64 16.66 83.30 63.39
C ASN JA 64 16.37 84.56 64.21
N VAL JA 65 15.18 84.59 64.82
CA VAL JA 65 14.76 85.67 65.71
C VAL JA 65 14.56 85.05 67.10
N GLU JA 66 15.30 85.56 68.10
CA GLU JA 66 15.11 85.13 69.48
C GLU JA 66 15.10 86.35 70.40
N ILE JA 67 14.02 86.45 71.21
CA ILE JA 67 13.69 87.62 72.00
C ILE JA 67 13.39 87.16 73.44
N THR JA 68 13.98 87.85 74.43
CA THR JA 68 13.56 87.70 75.82
C THR JA 68 12.92 89.01 76.28
N TYR JA 69 11.75 88.91 76.94
CA TYR JA 69 10.97 90.07 77.34
C TYR JA 69 10.23 89.78 78.65
N ALA JA 70 9.80 90.85 79.35
CA ALA JA 70 9.29 90.74 80.71
C ALA JA 70 7.94 91.44 80.93
N LYS JA 71 7.31 91.98 79.86
CA LYS JA 71 5.96 92.51 79.93
C LYS JA 71 5.04 91.66 79.06
N PHE JA 72 4.00 91.07 79.69
CA PHE JA 72 3.10 90.18 78.97
C PHE JA 72 2.12 90.99 78.12
N SER JA 73 1.86 90.53 76.88
CA SER JA 73 0.90 91.14 75.98
C SER JA 73 -0.20 90.15 75.63
N LEU JA 74 -1.44 90.51 75.97
CA LEU JA 74 -2.60 89.69 75.59
C LEU JA 74 -2.80 89.71 74.07
N GLU JA 75 -2.57 90.86 73.44
CA GLU JA 75 -2.73 90.95 71.99
C GLU JA 75 -1.77 90.02 71.28
N PHE JA 76 -0.48 90.08 71.64
CA PHE JA 76 0.55 89.24 71.02
C PHE JA 76 0.19 87.76 71.15
N ALA JA 77 -0.21 87.32 72.35
CA ALA JA 77 -0.56 85.93 72.60
C ALA JA 77 -1.82 85.51 71.83
N GLN JA 78 -2.84 86.38 71.79
CA GLN JA 78 -4.12 86.04 71.16
C GLN JA 78 -4.03 86.11 69.64
N GLU JA 79 -3.09 86.91 69.10
CA GLU JA 79 -2.77 86.90 67.68
C GLU JA 79 -2.05 85.59 67.31
N TRP JA 80 -1.12 85.15 68.18
CA TRP JA 80 -0.40 83.90 67.98
C TRP JA 80 -1.36 82.71 67.97
N LEU JA 81 -2.33 82.69 68.91
CA LEU JA 81 -3.33 81.63 68.99
C LEU JA 81 -4.22 81.64 67.75
N GLY JA 82 -4.61 82.84 67.29
CA GLY JA 82 -5.61 83.02 66.24
C GLY JA 82 -5.13 82.65 64.83
N GLY JA 83 -3.82 82.74 64.58
CA GLY JA 83 -3.28 82.57 63.24
C GLY JA 83 -3.49 83.82 62.37
N PRO JA 84 -3.15 83.79 61.05
CA PRO JA 84 -3.23 84.98 60.20
C PRO JA 84 -4.63 85.62 60.15
N GLY JA 85 -4.66 86.94 60.36
CA GLY JA 85 -5.85 87.79 60.21
C GLY JA 85 -6.96 87.48 61.22
N ALA JA 86 -6.62 86.85 62.35
CA ALA JA 86 -7.60 86.47 63.37
C ALA JA 86 -6.98 86.51 64.76
N THR JA 87 -7.85 86.60 65.78
CA THR JA 87 -7.49 86.68 67.19
C THR JA 87 -8.31 85.62 67.94
N ALA JA 88 -7.69 84.91 68.91
CA ALA JA 88 -8.38 83.83 69.61
C ALA JA 88 -7.98 83.75 71.09
N THR JA 89 -8.94 83.32 71.94
CA THR JA 89 -8.76 83.12 73.37
C THR JA 89 -8.43 81.66 73.72
N ALA JA 90 -8.30 80.80 72.70
CA ALA JA 90 -8.05 79.37 72.89
C ALA JA 90 -7.23 78.83 71.72
N SER JA 91 -6.57 77.68 71.90
CA SER JA 91 -5.84 77.02 70.82
C SER JA 91 -6.76 76.77 69.62
N GLN JA 92 -6.24 77.01 68.42
CA GLN JA 92 -6.99 76.80 67.18
C GLN JA 92 -6.46 75.55 66.48
N ASP JA 93 -7.40 74.72 66.02
CA ASP JA 93 -7.10 73.47 65.32
C ASP JA 93 -6.98 73.75 63.82
N ASP JA 94 -5.91 74.48 63.42
CA ASP JA 94 -5.65 74.78 62.01
C ASP JA 94 -4.16 74.94 61.73
N SER JA 95 -3.81 74.86 60.43
CA SER JA 95 -2.45 74.63 59.97
C SER JA 95 -1.64 75.92 59.74
N ASP JA 96 -2.28 77.11 59.76
CA ASP JA 96 -1.60 78.36 59.43
C ASP JA 96 -1.04 79.02 60.69
N PRO JA 97 0.30 79.16 60.85
CA PRO JA 97 0.86 79.91 61.98
C PRO JA 97 0.67 81.41 61.75
N MET JA 98 0.50 82.16 62.85
CA MET JA 98 0.51 83.61 62.76
C MET JA 98 1.90 84.09 62.33
N LYS JA 99 1.91 84.95 61.30
CA LYS JA 99 3.11 85.55 60.74
C LYS JA 99 3.18 87.00 61.20
N PHE JA 100 4.31 87.39 61.80
CA PHE JA 100 4.52 88.75 62.27
C PHE JA 100 5.59 89.41 61.39
N ASN JA 101 5.32 90.62 60.91
CA ASN JA 101 6.40 91.48 60.46
C ASN JA 101 7.05 92.11 61.69
N LEU JA 102 8.38 92.24 61.66
CA LEU JA 102 9.16 92.70 62.80
C LEU JA 102 10.06 93.84 62.34
N GLU JA 103 10.23 94.85 63.19
CA GLU JA 103 11.21 95.91 62.93
C GLU JA 103 11.86 96.33 64.25
N ASN JA 104 13.20 96.46 64.22
CA ASN JA 104 13.97 96.94 65.35
C ASN JA 104 14.81 98.15 64.91
N VAL JA 105 14.75 99.24 65.69
CA VAL JA 105 15.43 100.49 65.36
C VAL JA 105 16.36 100.88 66.51
N THR JA 106 17.65 101.12 66.21
CA THR JA 106 18.63 101.54 67.18
C THR JA 106 19.48 102.69 66.63
N PRO JA 107 19.66 103.81 67.38
CA PRO JA 107 20.80 104.71 67.15
C PRO JA 107 22.11 103.98 67.44
N SER JA 108 23.18 104.33 66.71
CA SER JA 108 24.53 103.96 67.08
C SER JA 108 24.93 104.78 68.32
N ALA JA 109 25.97 104.32 69.04
CA ALA JA 109 26.27 104.82 70.38
C ALA JA 109 26.67 106.30 70.40
N SER JA 110 27.30 106.80 69.32
CA SER JA 110 27.65 108.20 69.17
C SER JA 110 26.78 108.90 68.12
N GLY JA 111 25.71 108.23 67.66
CA GLY JA 111 24.74 108.81 66.72
C GLY JA 111 25.27 108.98 65.30
N GLY JA 112 26.36 108.27 64.94
CA GLY JA 112 26.91 108.24 63.59
C GLY JA 112 25.95 107.69 62.54
N PHE JA 113 25.02 106.81 62.96
CA PHE JA 113 23.97 106.24 62.12
C PHE JA 113 22.79 105.79 62.99
N GLU JA 114 21.64 105.53 62.35
CA GLU JA 114 20.53 104.84 62.99
C GLU JA 114 20.24 103.56 62.21
N ARG JA 115 20.57 102.40 62.82
CA ARG JA 115 20.37 101.11 62.17
C ARG JA 115 18.91 100.66 62.36
N THR JA 116 18.20 100.45 61.23
CA THR JA 116 16.90 99.78 61.19
C THR JA 116 17.07 98.38 60.59
N THR JA 117 16.63 97.36 61.34
CA THR JA 117 16.51 95.99 60.85
C THR JA 117 15.03 95.61 60.75
N ALA JA 118 14.60 95.13 59.58
CA ALA JA 118 13.22 94.68 59.39
C ALA JA 118 13.19 93.26 58.81
N VAL JA 119 12.26 92.44 59.33
CA VAL JA 119 12.16 91.00 59.01
C VAL JA 119 10.70 90.68 58.67
N GLU JA 120 10.48 89.96 57.56
CA GLU JA 120 9.13 89.56 57.17
C GLU JA 120 8.78 88.17 57.72
N ASN JA 121 7.49 87.96 58.01
CA ASN JA 121 6.88 86.65 58.24
C ASN JA 121 7.64 85.83 59.30
N VAL JA 122 7.94 86.45 60.45
CA VAL JA 122 8.46 85.73 61.59
C VAL JA 122 7.34 84.86 62.17
N VAL JA 123 7.65 83.58 62.41
CA VAL JA 123 6.74 82.63 63.06
C VAL JA 123 7.44 82.01 64.26
N PHE JA 124 6.67 81.71 65.31
CA PHE JA 124 7.19 81.16 66.56
C PHE JA 124 6.59 79.77 66.77
N PRO JA 125 7.38 78.66 66.74
CA PRO JA 125 6.85 77.32 66.98
C PRO JA 125 6.18 77.11 68.34
N GLU JA 126 6.67 77.84 69.36
CA GLU JA 126 6.10 77.75 70.70
C GLU JA 126 6.07 79.14 71.36
N LEU JA 127 4.99 79.40 72.09
CA LEU JA 127 4.75 80.66 72.77
C LEU JA 127 4.67 80.38 74.28
N PRO JA 128 5.53 80.99 75.14
CA PRO JA 128 5.34 80.88 76.58
C PRO JA 128 4.19 81.78 77.03
N LEU JA 129 3.14 81.16 77.61
CA LEU JA 129 2.04 81.93 78.18
C LEU JA 129 2.38 82.36 79.61
N ASP JA 130 2.78 81.37 80.42
CA ASP JA 130 3.15 81.58 81.81
C ASP JA 130 4.60 81.12 82.00
N SER JA 131 5.39 81.92 82.74
CA SER JA 131 6.81 81.68 82.95
C SER JA 131 7.22 82.19 84.33
N ALA JA 132 6.52 81.69 85.35
CA ALA JA 132 6.68 82.11 86.74
C ALA JA 132 7.88 81.41 87.37
N THR JA 133 8.71 82.19 88.07
CA THR JA 133 9.76 81.70 88.95
C THR JA 133 9.67 82.49 90.26
N TYR JA 134 9.76 81.77 91.39
CA TYR JA 134 9.58 82.34 92.71
C TYR JA 134 10.56 83.50 92.94
N GLY JA 135 10.02 84.65 93.40
CA GLY JA 135 10.80 85.84 93.71
C GLY JA 135 11.32 86.58 92.48
N GLU JA 136 10.67 86.36 91.32
CA GLU JA 136 11.05 87.01 90.07
C GLU JA 136 9.81 87.45 89.29
N TYR JA 137 9.97 88.46 88.42
CA TYR JA 137 8.99 88.78 87.40
C TYR JA 137 9.01 87.67 86.36
N GLU JA 138 7.84 87.40 85.77
CA GLU JA 138 7.78 86.44 84.67
C GLU JA 138 8.63 86.94 83.51
N GLU JA 139 9.47 86.04 82.97
CA GLU JA 139 10.34 86.35 81.85
C GLU JA 139 10.10 85.35 80.72
N TYR JA 140 9.84 85.88 79.52
CA TYR JA 140 9.36 85.12 78.37
C TYR JA 140 10.43 85.10 77.29
N SER JA 141 10.76 83.91 76.77
CA SER JA 141 11.68 83.77 75.66
C SER JA 141 10.97 83.21 74.43
N LEU JA 142 11.07 83.95 73.31
CA LEU JA 142 10.61 83.53 72.00
C LEU JA 142 11.81 83.07 71.17
N THR JA 143 11.59 82.01 70.37
CA THR JA 143 12.48 81.61 69.29
C THR JA 143 11.62 81.42 68.04
N GLY JA 144 12.05 81.98 66.90
CA GLY JA 144 11.27 81.91 65.67
C GLY JA 144 12.12 82.09 64.42
N SER JA 145 11.48 81.89 63.25
CA SER JA 145 12.12 82.01 61.95
C SER JA 145 11.37 83.00 61.04
N GLY JA 146 12.06 84.09 60.67
CA GLY JA 146 11.61 85.00 59.62
C GLY JA 146 11.98 84.47 58.23
N ARG JA 147 11.23 84.91 57.20
CA ARG JA 147 11.46 84.47 55.84
C ARG JA 147 12.69 85.16 55.24
N SER JA 148 12.80 86.48 55.43
CA SER JA 148 13.91 87.28 54.92
C SER JA 148 14.04 88.60 55.68
N VAL JA 149 15.23 89.22 55.58
CA VAL JA 149 15.46 90.59 55.98
C VAL JA 149 14.98 91.49 54.84
N THR JA 150 13.93 92.29 55.10
CA THR JA 150 13.36 93.16 54.07
C THR JA 150 14.06 94.53 54.04
N ASN JA 151 14.69 94.90 55.16
CA ASN JA 151 15.43 96.15 55.24
C ASN JA 151 16.55 96.05 56.27
N LEU JA 152 17.74 96.50 55.88
CA LEU JA 152 18.85 96.80 56.77
C LEU JA 152 19.57 98.04 56.24
N ALA JA 153 19.34 99.18 56.91
CA ALA JA 153 19.81 100.47 56.42
C ALA JA 153 20.07 101.43 57.57
N ASP JA 154 20.82 102.50 57.25
CA ASP JA 154 20.90 103.70 58.07
C ASP JA 154 19.67 104.55 57.75
N THR JA 155 18.77 104.71 58.74
CA THR JA 155 17.53 105.45 58.57
C THR JA 155 17.61 106.87 59.18
N SER JA 156 18.81 107.29 59.63
CA SER JA 156 19.02 108.64 60.16
C SER JA 156 18.84 109.68 59.04
N GLY JA 157 18.43 110.90 59.40
CA GLY JA 157 18.11 111.97 58.48
C GLY JA 157 19.29 112.40 57.62
N ALA KA 2 -73.04 -73.51 -80.41
CA ALA KA 2 -71.79 -74.32 -80.35
C ALA KA 2 -70.88 -73.79 -79.24
N THR KA 3 -69.96 -74.64 -78.77
CA THR KA 3 -69.00 -74.33 -77.71
C THR KA 3 -67.88 -73.45 -78.29
N SER KA 4 -67.54 -72.36 -77.58
CA SER KA 4 -66.46 -71.45 -77.98
C SER KA 4 -65.12 -72.18 -78.04
N PRO KA 5 -64.27 -71.96 -79.07
CA PRO KA 5 -62.90 -72.50 -79.08
C PRO KA 5 -62.06 -71.92 -77.94
N GLU KA 6 -61.19 -72.76 -77.35
CA GLU KA 6 -60.47 -72.41 -76.13
C GLU KA 6 -59.08 -73.04 -76.15
N GLY KA 7 -58.10 -72.36 -75.51
CA GLY KA 7 -56.76 -72.92 -75.35
C GLY KA 7 -56.80 -74.20 -74.51
N ILE KA 8 -55.94 -75.18 -74.86
CA ILE KA 8 -55.76 -76.39 -74.07
C ILE KA 8 -54.34 -76.36 -73.50
N TRP KA 9 -54.20 -76.68 -72.21
CA TRP KA 9 -52.90 -76.71 -71.56
C TRP KA 9 -52.42 -78.16 -71.49
N SER KA 10 -51.20 -78.43 -71.98
CA SER KA 10 -50.71 -79.81 -72.16
C SER KA 10 -50.66 -80.59 -70.84
N ASN KA 11 -50.21 -79.92 -69.77
CA ASN KA 11 -49.97 -80.57 -68.48
C ASN KA 11 -51.27 -80.92 -67.74
N SER KA 12 -52.43 -80.54 -68.31
CA SER KA 12 -53.75 -80.87 -67.75
C SER KA 12 -54.24 -82.26 -68.21
N GLY KA 13 -53.56 -82.87 -69.19
CA GLY KA 13 -54.03 -84.10 -69.82
C GLY KA 13 -53.76 -85.34 -68.98
N ALA KA 14 -54.74 -86.26 -68.96
CA ALA KA 14 -54.56 -87.61 -68.44
C ALA KA 14 -54.69 -88.63 -69.58
N LEU KA 15 -53.60 -89.36 -69.85
CA LEU KA 15 -53.57 -90.41 -70.87
C LEU KA 15 -53.65 -91.78 -70.21
N THR KA 16 -54.50 -92.66 -70.75
CA THR KA 16 -54.65 -94.02 -70.25
C THR KA 16 -54.70 -95.01 -71.43
N PHE KA 17 -54.18 -96.23 -71.18
CA PHE KA 17 -54.27 -97.35 -72.10
C PHE KA 17 -55.11 -98.46 -71.48
N GLU KA 18 -55.93 -99.13 -72.31
CA GLU KA 18 -56.72 -100.27 -71.87
C GLU KA 18 -56.50 -101.44 -72.81
N ASP KA 19 -56.57 -102.66 -72.24
CA ASP KA 19 -56.64 -103.89 -73.00
C ASP KA 19 -58.03 -104.01 -73.63
N PRO KA 20 -58.16 -104.03 -74.99
CA PRO KA 20 -59.47 -104.16 -75.63
C PRO KA 20 -60.19 -105.49 -75.41
N ALA KA 21 -59.50 -106.47 -74.80
CA ALA KA 21 -60.09 -107.77 -74.47
C ALA KA 21 -61.11 -107.66 -73.31
N ASP KA 22 -60.90 -106.72 -72.37
CA ASP KA 22 -61.70 -106.65 -71.15
C ASP KA 22 -61.78 -105.24 -70.54
N ASP KA 23 -61.25 -104.23 -71.24
CA ASP KA 23 -61.25 -102.82 -70.84
C ASP KA 23 -60.45 -102.53 -69.55
N SER KA 24 -59.59 -103.46 -69.11
CA SER KA 24 -58.75 -103.24 -67.93
C SER KA 24 -57.64 -102.24 -68.28
N GLU KA 25 -57.30 -101.36 -67.33
CA GLU KA 25 -56.23 -100.38 -67.53
C GLU KA 25 -54.87 -101.07 -67.54
N ILE KA 26 -54.01 -100.65 -68.48
CA ILE KA 26 -52.60 -101.01 -68.55
C ILE KA 26 -51.80 -99.83 -67.99
N LEU KA 27 -50.96 -100.10 -66.98
CA LEU KA 27 -50.26 -99.05 -66.26
C LEU KA 27 -49.27 -98.33 -67.17
N PHE KA 28 -49.50 -97.01 -67.32
CA PHE KA 28 -48.69 -96.13 -68.16
C PHE KA 28 -48.73 -94.72 -67.54
N ALA KA 29 -47.58 -94.03 -67.52
CA ALA KA 29 -47.45 -92.78 -66.79
C ALA KA 29 -46.27 -91.96 -67.30
N GLY KA 30 -46.21 -90.69 -66.88
CA GLY KA 30 -45.04 -89.84 -67.05
C GLY KA 30 -44.84 -89.34 -68.48
N VAL KA 31 -45.95 -89.04 -69.19
CA VAL KA 31 -45.89 -88.51 -70.55
C VAL KA 31 -45.30 -87.09 -70.53
N ARG KA 32 -44.73 -86.70 -71.67
CA ARG KA 32 -44.17 -85.36 -71.88
C ARG KA 32 -44.76 -84.76 -73.16
N ASP KA 33 -44.82 -85.57 -74.25
CA ASP KA 33 -45.48 -85.18 -75.48
C ASP KA 33 -46.54 -86.22 -75.85
N VAL KA 34 -47.67 -85.77 -76.41
CA VAL KA 34 -48.72 -86.64 -76.94
C VAL KA 34 -49.33 -85.98 -78.18
N THR KA 35 -49.19 -86.62 -79.36
CA THR KA 35 -49.86 -86.17 -80.56
C THR KA 35 -50.80 -87.27 -81.07
N ILE KA 36 -52.07 -86.92 -81.28
CA ILE KA 36 -53.08 -87.82 -81.83
C ILE KA 36 -53.68 -87.15 -83.07
N THR KA 37 -53.54 -87.81 -84.23
CA THR KA 37 -53.92 -87.22 -85.51
C THR KA 37 -54.67 -88.26 -86.35
N PRO KA 38 -56.03 -88.23 -86.40
CA PRO KA 38 -56.77 -88.95 -87.44
C PRO KA 38 -56.41 -88.40 -88.82
N ALA KA 39 -56.22 -89.32 -89.76
CA ALA KA 39 -55.75 -89.00 -91.10
C ALA KA 39 -56.39 -89.93 -92.13
N TYR KA 40 -56.69 -89.38 -93.31
CA TYR KA 40 -57.08 -90.15 -94.47
C TYR KA 40 -56.16 -89.80 -95.65
N GLU KA 41 -55.86 -90.81 -96.49
CA GLU KA 41 -55.32 -90.53 -97.81
C GLU KA 41 -56.42 -89.88 -98.67
N HIS KA 42 -56.05 -88.83 -99.43
CA HIS KA 42 -56.94 -88.16 -100.37
C HIS KA 42 -56.52 -88.42 -101.80
N ALA KA 43 -57.52 -88.64 -102.69
CA ALA KA 43 -57.30 -88.66 -104.13
C ALA KA 43 -58.12 -87.54 -104.80
N GLU KA 44 -57.45 -86.69 -105.59
CA GLU KA 44 -58.05 -85.58 -106.31
C GLU KA 44 -58.18 -85.93 -107.80
N LEU KA 45 -59.34 -85.63 -108.41
CA LEU KA 45 -59.57 -85.91 -109.83
C LEU KA 45 -59.34 -84.64 -110.65
N TYR KA 46 -58.47 -84.77 -111.67
CA TYR KA 46 -58.29 -83.76 -112.71
C TYR KA 46 -58.38 -84.41 -114.08
N THR KA 47 -58.95 -83.68 -115.05
CA THR KA 47 -59.13 -84.12 -116.43
C THR KA 47 -58.82 -82.95 -117.36
N ILE KA 48 -58.83 -83.21 -118.69
CA ILE KA 48 -58.62 -82.19 -119.70
C ILE KA 48 -59.73 -81.12 -119.69
N ASP KA 49 -60.92 -81.42 -119.12
CA ASP KA 49 -62.07 -80.51 -119.11
C ASP KA 49 -61.76 -79.17 -118.44
N SER KA 50 -60.97 -79.19 -117.35
CA SER KA 50 -60.75 -78.03 -116.49
C SER KA 50 -59.38 -78.14 -115.82
N THR KA 51 -58.76 -76.97 -115.55
CA THR KA 51 -57.56 -76.90 -114.71
C THR KA 51 -57.90 -77.08 -113.23
N PHE KA 52 -59.19 -76.94 -112.87
CA PHE KA 52 -59.63 -77.07 -111.50
C PHE KA 52 -59.96 -78.54 -111.20
N ARG KA 53 -59.96 -78.86 -109.90
CA ARG KA 53 -60.26 -80.17 -109.34
C ARG KA 53 -61.74 -80.51 -109.59
N ASP KA 54 -61.97 -81.67 -110.23
CA ASP KA 54 -63.31 -82.21 -110.46
C ASP KA 54 -63.90 -82.80 -109.17
N GLU KA 55 -63.09 -83.58 -108.44
CA GLU KA 55 -63.53 -84.33 -107.27
C GLU KA 55 -62.39 -84.49 -106.26
N VAL KA 56 -62.74 -84.76 -104.99
CA VAL KA 56 -61.79 -85.26 -103.99
C VAL KA 56 -62.47 -86.27 -103.07
N LYS KA 57 -61.74 -87.35 -102.72
CA LYS KA 57 -62.27 -88.49 -101.94
C LYS KA 57 -61.25 -88.97 -100.90
N ARG KA 58 -61.75 -89.56 -99.80
CA ARG KA 58 -60.97 -90.16 -98.71
C ARG KA 58 -60.83 -91.67 -98.93
N TYR KA 59 -59.68 -92.27 -98.52
CA TYR KA 59 -59.57 -93.72 -98.38
C TYR KA 59 -58.90 -94.13 -97.06
N GLU KA 60 -57.58 -94.43 -97.09
CA GLU KA 60 -56.92 -95.12 -95.98
C GLU KA 60 -57.00 -94.30 -94.70
N HIS KA 61 -57.93 -94.70 -93.83
CA HIS KA 61 -58.05 -94.08 -92.52
C HIS KA 61 -57.09 -94.76 -91.55
N ASN KA 62 -56.37 -93.93 -90.78
CA ASN KA 62 -55.66 -94.37 -89.59
C ASN KA 62 -55.60 -93.19 -88.63
N VAL KA 63 -55.31 -93.48 -87.35
CA VAL KA 63 -55.02 -92.44 -86.38
C VAL KA 63 -53.53 -92.55 -86.05
N ASN KA 64 -52.74 -91.55 -86.46
CA ASN KA 64 -51.35 -91.49 -86.05
C ASN KA 64 -51.29 -91.13 -84.57
N VAL KA 65 -50.66 -92.00 -83.77
CA VAL KA 65 -50.47 -91.78 -82.34
C VAL KA 65 -48.96 -91.74 -82.09
N GLU KA 66 -48.48 -90.64 -81.51
CA GLU KA 66 -47.10 -90.60 -81.05
C GLU KA 66 -47.03 -90.00 -79.65
N ILE KA 67 -46.27 -90.67 -78.78
CA ILE KA 67 -46.20 -90.35 -77.35
C ILE KA 67 -44.72 -90.36 -76.94
N THR KA 68 -44.30 -89.31 -76.23
CA THR KA 68 -43.01 -89.30 -75.55
C THR KA 68 -43.26 -89.33 -74.04
N TYR KA 69 -42.54 -90.22 -73.33
CA TYR KA 69 -42.78 -90.45 -71.92
C TYR KA 69 -41.48 -90.84 -71.21
N ALA KA 70 -41.44 -90.65 -69.87
CA ALA KA 70 -40.20 -90.71 -69.11
C ALA KA 70 -40.29 -91.60 -67.86
N LYS KA 71 -41.43 -92.28 -67.65
CA LYS KA 71 -41.56 -93.33 -66.63
C LYS KA 71 -41.79 -94.67 -67.32
N PHE KA 72 -40.87 -95.61 -67.07
CA PHE KA 72 -40.92 -96.92 -67.73
C PHE KA 72 -41.96 -97.81 -67.07
N SER KA 73 -42.77 -98.51 -67.89
CA SER KA 73 -43.74 -99.48 -67.41
C SER KA 73 -43.38 -100.88 -67.90
N LEU KA 74 -43.19 -101.82 -66.96
CA LEU KA 74 -42.97 -103.21 -67.30
C LEU KA 74 -44.23 -103.83 -67.91
N GLU KA 75 -45.41 -103.46 -67.37
CA GLU KA 75 -46.67 -104.03 -67.85
C GLU KA 75 -46.89 -103.70 -69.32
N PHE KA 76 -46.74 -102.42 -69.69
CA PHE KA 76 -46.92 -101.97 -71.06
C PHE KA 76 -45.98 -102.72 -72.02
N ALA KA 77 -44.69 -102.84 -71.62
CA ALA KA 77 -43.67 -103.50 -72.42
C ALA KA 77 -43.96 -105.00 -72.59
N GLN KA 78 -44.36 -105.67 -71.48
CA GLN KA 78 -44.64 -107.10 -71.49
C GLN KA 78 -45.93 -107.43 -72.25
N GLU KA 79 -46.90 -106.49 -72.24
CA GLU KA 79 -48.12 -106.59 -73.02
C GLU KA 79 -47.79 -106.51 -74.52
N TRP KA 80 -46.90 -105.56 -74.88
CA TRP KA 80 -46.46 -105.38 -76.26
C TRP KA 80 -45.74 -106.64 -76.76
N LEU KA 81 -44.89 -107.24 -75.91
CA LEU KA 81 -44.17 -108.45 -76.25
C LEU KA 81 -45.13 -109.63 -76.44
N GLY KA 82 -46.12 -109.75 -75.54
CA GLY KA 82 -47.00 -110.91 -75.46
C GLY KA 82 -48.01 -111.02 -76.60
N GLY KA 83 -48.33 -109.89 -77.26
CA GLY KA 83 -49.41 -109.84 -78.24
C GLY KA 83 -50.78 -109.87 -77.56
N PRO KA 84 -51.90 -109.94 -78.35
CA PRO KA 84 -53.26 -109.88 -77.77
C PRO KA 84 -53.53 -110.94 -76.71
N GLY KA 85 -54.05 -110.48 -75.56
CA GLY KA 85 -54.53 -111.32 -74.47
C GLY KA 85 -53.46 -112.06 -73.68
N ALA KA 86 -52.19 -111.63 -73.79
CA ALA KA 86 -51.07 -112.28 -73.09
C ALA KA 86 -49.96 -111.29 -72.77
N THR KA 87 -49.16 -111.63 -71.73
CA THR KA 87 -47.90 -110.95 -71.44
C THR KA 87 -46.74 -111.93 -71.62
N ALA KA 88 -45.59 -111.42 -72.07
CA ALA KA 88 -44.37 -112.21 -72.20
C ALA KA 88 -43.15 -111.42 -71.72
N THR KA 89 -42.12 -112.16 -71.26
CA THR KA 89 -40.85 -111.57 -70.83
C THR KA 89 -39.78 -111.69 -71.91
N ALA KA 90 -40.15 -112.23 -73.09
CA ALA KA 90 -39.25 -112.38 -74.23
C ALA KA 90 -40.04 -112.12 -75.52
N SER KA 91 -39.34 -111.80 -76.62
CA SER KA 91 -39.97 -111.67 -77.93
C SER KA 91 -40.78 -112.92 -78.26
N GLN KA 92 -41.97 -112.72 -78.85
CA GLN KA 92 -42.82 -113.81 -79.28
C GLN KA 92 -42.77 -113.94 -80.80
N ASP KA 93 -42.60 -115.19 -81.26
CA ASP KA 93 -42.58 -115.51 -82.68
C ASP KA 93 -44.00 -115.75 -83.18
N ASP KA 94 -44.80 -114.66 -83.29
CA ASP KA 94 -46.16 -114.74 -83.81
C ASP KA 94 -46.58 -113.43 -84.48
N SER KA 95 -47.68 -113.51 -85.26
CA SER KA 95 -48.04 -112.53 -86.27
C SER KA 95 -48.97 -111.41 -85.75
N ASP KA 96 -49.56 -111.57 -84.56
CA ASP KA 96 -50.54 -110.62 -84.06
C ASP KA 96 -49.86 -109.57 -83.17
N PRO KA 97 -49.89 -108.25 -83.52
CA PRO KA 97 -49.38 -107.22 -82.60
C PRO KA 97 -50.41 -106.99 -81.49
N MET KA 98 -49.91 -106.58 -80.32
CA MET KA 98 -50.77 -106.15 -79.24
C MET KA 98 -51.53 -104.88 -79.67
N LYS KA 99 -52.85 -104.91 -79.50
CA LYS KA 99 -53.72 -103.77 -79.77
C LYS KA 99 -54.11 -103.12 -78.45
N PHE KA 100 -53.88 -101.80 -78.35
CA PHE KA 100 -54.21 -101.04 -77.17
C PHE KA 100 -55.38 -100.12 -77.51
N ASN KA 101 -56.38 -100.05 -76.60
CA ASN KA 101 -57.28 -98.90 -76.61
C ASN KA 101 -56.58 -97.75 -75.90
N LEU KA 102 -56.79 -96.53 -76.40
CA LEU KA 102 -56.14 -95.34 -75.85
C LEU KA 102 -57.22 -94.29 -75.59
N GLU KA 103 -57.08 -93.58 -74.45
CA GLU KA 103 -57.95 -92.45 -74.16
C GLU KA 103 -57.13 -91.32 -73.55
N ASN KA 104 -57.37 -90.09 -74.03
CA ASN KA 104 -56.77 -88.89 -73.48
C ASN KA 104 -57.89 -87.92 -73.06
N VAL KA 105 -57.83 -87.42 -71.81
CA VAL KA 105 -58.82 -86.48 -71.30
C VAL KA 105 -58.10 -85.19 -70.88
N THR KA 106 -58.51 -84.06 -71.48
CA THR KA 106 -57.96 -82.74 -71.15
C THR KA 106 -59.08 -81.73 -70.90
N PRO KA 107 -59.13 -81.08 -69.71
CA PRO KA 107 -59.89 -79.82 -69.56
C PRO KA 107 -59.31 -78.73 -70.47
N SER KA 108 -60.19 -77.84 -70.94
CA SER KA 108 -59.77 -76.62 -71.61
C SER KA 108 -59.24 -75.63 -70.56
N ALA KA 109 -58.45 -74.65 -71.00
CA ALA KA 109 -57.64 -73.83 -70.09
C ALA KA 109 -58.48 -72.96 -69.14
N SER KA 110 -59.65 -72.46 -69.61
CA SER KA 110 -60.56 -71.67 -68.80
C SER KA 110 -61.75 -72.50 -68.29
N GLY KA 111 -61.72 -73.83 -68.50
CA GLY KA 111 -62.74 -74.75 -68.02
C GLY KA 111 -64.05 -74.73 -68.82
N GLY KA 112 -64.01 -74.21 -70.06
CA GLY KA 112 -65.17 -74.16 -70.95
C GLY KA 112 -65.72 -75.52 -71.35
N PHE KA 113 -64.83 -76.54 -71.45
CA PHE KA 113 -65.18 -77.90 -71.80
C PHE KA 113 -64.11 -78.88 -71.31
N GLU KA 114 -64.42 -80.18 -71.34
CA GLU KA 114 -63.44 -81.24 -71.13
C GLU KA 114 -63.39 -82.13 -72.37
N ARG KA 115 -62.27 -82.05 -73.10
CA ARG KA 115 -62.07 -82.75 -74.36
C ARG KA 115 -61.63 -84.18 -74.07
N THR KA 116 -62.48 -85.17 -74.43
CA THR KA 116 -62.11 -86.58 -74.40
C THR KA 116 -61.85 -87.08 -75.83
N THR KA 117 -60.65 -87.64 -76.06
CA THR KA 117 -60.30 -88.34 -77.29
C THR KA 117 -60.11 -89.82 -76.97
N ALA KA 118 -60.82 -90.70 -77.70
CA ALA KA 118 -60.63 -92.14 -77.57
C ALA KA 118 -60.30 -92.76 -78.93
N VAL KA 119 -59.30 -93.66 -78.95
CA VAL KA 119 -58.80 -94.28 -80.17
C VAL KA 119 -58.79 -95.80 -79.95
N GLU KA 120 -59.32 -96.56 -80.93
CA GLU KA 120 -59.33 -98.02 -80.84
C GLU KA 120 -58.08 -98.60 -81.49
N ASN KA 121 -57.65 -99.78 -80.99
CA ASN KA 121 -56.72 -100.69 -81.64
C ASN KA 121 -55.45 -99.97 -82.13
N VAL KA 122 -54.82 -99.21 -81.23
CA VAL KA 122 -53.50 -98.64 -81.47
C VAL KA 122 -52.46 -99.76 -81.42
N VAL KA 123 -51.62 -99.83 -82.46
CA VAL KA 123 -50.50 -100.77 -82.52
C VAL KA 123 -49.21 -99.99 -82.73
N PHE KA 124 -48.12 -100.48 -82.12
CA PHE KA 124 -46.81 -99.86 -82.20
C PHE KA 124 -45.85 -100.80 -82.93
N PRO KA 125 -45.31 -100.44 -84.13
CA PRO KA 125 -44.34 -101.28 -84.83
C PRO KA 125 -43.04 -101.55 -84.07
N GLU KA 126 -42.66 -100.64 -83.16
CA GLU KA 126 -41.46 -100.80 -82.37
C GLU KA 126 -41.68 -100.24 -80.96
N LEU KA 127 -41.00 -100.87 -80.00
CA LEU KA 127 -41.08 -100.52 -78.59
C LEU KA 127 -39.67 -100.19 -78.11
N PRO KA 128 -39.37 -98.95 -77.64
CA PRO KA 128 -38.08 -98.66 -77.01
C PRO KA 128 -38.05 -99.26 -75.60
N LEU KA 129 -37.20 -100.27 -75.38
CA LEU KA 129 -37.03 -100.84 -74.06
C LEU KA 129 -36.08 -99.98 -73.23
N ASP KA 130 -34.91 -99.68 -73.80
CA ASP KA 130 -33.87 -98.88 -73.16
C ASP KA 130 -33.59 -97.66 -74.03
N SER KA 131 -33.41 -96.50 -73.38
CA SER KA 131 -33.21 -95.23 -74.07
C SER KA 131 -32.32 -94.32 -73.22
N ALA KA 132 -31.14 -94.84 -72.87
CA ALA KA 132 -30.22 -94.18 -71.92
C ALA KA 132 -29.35 -93.16 -72.66
N THR KA 133 -29.26 -91.95 -72.08
CA THR KA 133 -28.33 -90.91 -72.49
C THR KA 133 -27.67 -90.32 -71.24
N TYR KA 134 -26.34 -90.17 -71.29
CA TYR KA 134 -25.54 -89.68 -70.17
C TYR KA 134 -26.10 -88.36 -69.62
N GLY KA 135 -26.36 -88.33 -68.29
CA GLY KA 135 -26.83 -87.14 -67.58
C GLY KA 135 -28.32 -86.84 -67.80
N GLU KA 136 -29.09 -87.83 -68.28
CA GLU KA 136 -30.52 -87.64 -68.54
C GLU KA 136 -31.30 -88.86 -68.03
N TYR KA 137 -32.58 -88.64 -67.68
CA TYR KA 137 -33.52 -89.73 -67.49
C TYR KA 137 -33.78 -90.38 -68.85
N GLU KA 138 -34.06 -91.69 -68.83
CA GLU KA 138 -34.46 -92.38 -70.05
C GLU KA 138 -35.77 -91.79 -70.57
N GLU KA 139 -35.77 -91.40 -71.85
CA GLU KA 139 -36.94 -90.83 -72.51
C GLU KA 139 -37.33 -91.73 -73.69
N TYR KA 140 -38.59 -92.17 -73.69
CA TYR KA 140 -39.10 -93.17 -74.63
C TYR KA 140 -40.08 -92.51 -75.60
N SER KA 141 -39.90 -92.77 -76.91
CA SER KA 141 -40.84 -92.31 -77.92
C SER KA 141 -41.53 -93.49 -78.59
N LEU KA 142 -42.87 -93.53 -78.47
CA LEU KA 142 -43.72 -94.44 -79.22
C LEU KA 142 -44.24 -93.74 -80.47
N THR KA 143 -44.27 -94.47 -81.60
CA THR KA 143 -45.01 -94.10 -82.78
C THR KA 143 -45.85 -95.30 -83.20
N GLY KA 144 -47.14 -95.07 -83.47
CA GLY KA 144 -48.05 -96.16 -83.81
C GLY KA 144 -49.30 -95.67 -84.55
N SER KA 145 -50.16 -96.62 -84.95
CA SER KA 145 -51.38 -96.32 -85.67
C SER KA 145 -52.60 -96.99 -85.02
N GLY KA 146 -53.62 -96.17 -84.71
CA GLY KA 146 -54.95 -96.63 -84.31
C GLY KA 146 -55.86 -96.82 -85.51
N ARG KA 147 -56.90 -97.66 -85.35
CA ARG KA 147 -57.81 -97.99 -86.44
C ARG KA 147 -58.79 -96.83 -86.71
N SER KA 148 -59.36 -96.27 -85.63
CA SER KA 148 -60.33 -95.17 -85.72
C SER KA 148 -60.42 -94.40 -84.40
N VAL KA 149 -60.96 -93.16 -84.47
CA VAL KA 149 -61.37 -92.40 -83.30
C VAL KA 149 -62.77 -92.86 -82.90
N THR KA 150 -62.91 -93.48 -81.72
CA THR KA 150 -64.20 -94.01 -81.27
C THR KA 150 -65.00 -92.94 -80.52
N ASN KA 151 -64.31 -91.94 -79.98
CA ASN KA 151 -64.97 -90.82 -79.30
C ASN KA 151 -64.14 -89.54 -79.42
N LEU KA 152 -64.83 -88.44 -79.74
CA LEU KA 152 -64.33 -87.08 -79.55
C LEU KA 152 -65.51 -86.21 -79.10
N ALA KA 153 -65.53 -85.87 -77.80
CA ALA KA 153 -66.66 -85.16 -77.23
C ALA KA 153 -66.22 -84.26 -76.07
N ASP KA 154 -67.08 -83.28 -75.76
CA ASP KA 154 -67.07 -82.61 -74.47
C ASP KA 154 -67.70 -83.55 -73.44
N THR KA 155 -66.89 -83.97 -72.45
CA THR KA 155 -67.33 -84.89 -71.41
C THR KA 155 -67.54 -84.18 -70.07
N SER KA 156 -67.46 -82.83 -70.05
CA SER KA 156 -67.80 -82.05 -68.87
C SER KA 156 -69.32 -82.10 -68.63
N GLY KA 157 -69.75 -81.77 -67.40
CA GLY KA 157 -71.15 -81.82 -66.99
C GLY KA 157 -72.03 -80.91 -67.82
N ALA LA 2 -49.67 -105.59 -60.36
CA ALA LA 2 -48.77 -104.89 -61.32
C ALA LA 2 -47.86 -103.91 -60.59
N THR LA 3 -46.77 -103.48 -61.26
CA THR LA 3 -45.76 -102.58 -60.71
C THR LA 3 -45.94 -101.18 -61.31
N SER LA 4 -45.94 -100.15 -60.44
CA SER LA 4 -46.09 -98.75 -60.85
C SER LA 4 -45.00 -98.37 -61.86
N PRO LA 5 -45.31 -97.62 -62.94
CA PRO LA 5 -44.27 -97.06 -63.81
C PRO LA 5 -43.40 -96.07 -63.02
N GLU LA 6 -42.10 -96.05 -63.33
CA GLU LA 6 -41.13 -95.27 -62.55
C GLU LA 6 -40.06 -94.70 -63.48
N GLY LA 7 -39.53 -93.51 -63.11
CA GLY LA 7 -38.42 -92.89 -63.81
C GLY LA 7 -37.16 -93.78 -63.75
N ILE LA 8 -36.38 -93.77 -64.84
CA ILE LA 8 -35.11 -94.51 -64.88
C ILE LA 8 -33.99 -93.53 -65.21
N TRP LA 9 -32.91 -93.62 -64.44
CA TRP LA 9 -31.77 -92.73 -64.56
C TRP LA 9 -30.69 -93.41 -65.39
N SER LA 10 -30.26 -92.78 -66.49
CA SER LA 10 -29.36 -93.41 -67.46
C SER LA 10 -28.05 -93.88 -66.84
N ASN LA 11 -27.49 -93.06 -65.92
CA ASN LA 11 -26.17 -93.33 -65.35
C ASN LA 11 -26.19 -94.49 -64.33
N SER LA 12 -27.38 -95.06 -64.06
CA SER LA 12 -27.51 -96.23 -63.18
C SER LA 12 -27.29 -97.55 -63.93
N GLY LA 13 -27.25 -97.50 -65.27
CA GLY LA 13 -27.21 -98.71 -66.10
C GLY LA 13 -25.85 -99.41 -66.11
N ALA LA 14 -25.90 -100.75 -66.06
CA ALA LA 14 -24.73 -101.61 -66.23
C ALA LA 14 -24.93 -102.49 -67.47
N LEU LA 15 -24.11 -102.25 -68.51
CA LEU LA 15 -24.18 -102.96 -69.78
C LEU LA 15 -23.03 -103.98 -69.85
N THR LA 16 -23.37 -105.21 -70.27
CA THR LA 16 -22.40 -106.29 -70.43
C THR LA 16 -22.62 -107.03 -71.74
N PHE LA 17 -21.52 -107.48 -72.36
CA PHE LA 17 -21.53 -108.33 -73.53
C PHE LA 17 -20.95 -109.70 -73.18
N GLU LA 18 -21.56 -110.76 -73.75
CA GLU LA 18 -21.07 -112.12 -73.55
C GLU LA 18 -20.92 -112.81 -74.90
N ASP LA 19 -19.93 -113.71 -74.97
CA ASP LA 19 -19.77 -114.63 -76.09
C ASP LA 19 -20.82 -115.73 -75.97
N PRO LA 20 -21.76 -115.89 -76.94
CA PRO LA 20 -22.78 -116.94 -76.87
C PRO LA 20 -22.26 -118.38 -76.94
N ALA LA 21 -20.96 -118.57 -77.23
CA ALA LA 21 -20.34 -119.88 -77.21
C ALA LA 21 -20.06 -120.35 -75.77
N ASP LA 22 -19.80 -119.40 -74.85
CA ASP LA 22 -19.30 -119.68 -73.51
C ASP LA 22 -20.23 -119.14 -72.42
N ASP LA 23 -20.94 -118.04 -72.72
CA ASP LA 23 -21.48 -117.09 -71.75
C ASP LA 23 -20.36 -116.36 -70.99
N SER LA 24 -19.13 -116.30 -71.54
CA SER LA 24 -18.01 -115.57 -70.94
C SER LA 24 -18.09 -114.09 -71.32
N GLU LA 25 -17.76 -113.20 -70.37
CA GLU LA 25 -17.85 -111.76 -70.59
C GLU LA 25 -16.76 -111.27 -71.54
N ILE LA 26 -17.15 -110.38 -72.46
CA ILE LA 26 -16.26 -109.63 -73.33
C ILE LA 26 -16.16 -108.21 -72.74
N LEU LA 27 -14.92 -107.77 -72.46
CA LEU LA 27 -14.69 -106.53 -71.72
C LEU LA 27 -15.18 -105.33 -72.54
N PHE LA 28 -16.13 -104.58 -71.96
CA PHE LA 28 -16.76 -103.42 -72.56
C PHE LA 28 -17.13 -102.43 -71.47
N ALA LA 29 -16.90 -101.12 -71.71
CA ALA LA 29 -17.01 -100.12 -70.66
C ALA LA 29 -17.19 -98.72 -71.26
N GLY LA 30 -17.56 -97.77 -70.38
CA GLY LA 30 -17.53 -96.34 -70.69
C GLY LA 30 -18.65 -95.88 -71.63
N VAL LA 31 -19.84 -96.51 -71.53
CA VAL LA 31 -20.99 -96.13 -72.35
C VAL LA 31 -21.46 -94.72 -71.99
N ARG LA 32 -22.07 -94.05 -72.97
CA ARG LA 32 -22.62 -92.70 -72.84
C ARG LA 32 -24.06 -92.66 -73.36
N ASP LA 33 -24.37 -93.53 -74.35
CA ASP LA 33 -25.74 -93.78 -74.77
C ASP LA 33 -25.94 -95.28 -75.02
N VAL LA 34 -27.16 -95.77 -74.71
CA VAL LA 34 -27.61 -97.12 -75.03
C VAL LA 34 -29.09 -97.04 -75.41
N THR LA 35 -29.39 -97.37 -76.68
CA THR LA 35 -30.78 -97.53 -77.11
C THR LA 35 -31.00 -98.99 -77.53
N ILE LA 36 -32.06 -99.60 -76.97
CA ILE LA 36 -32.47 -100.94 -77.33
C ILE LA 36 -33.96 -100.91 -77.71
N THR LA 37 -34.25 -101.30 -78.96
CA THR LA 37 -35.60 -101.19 -79.51
C THR LA 37 -35.94 -102.49 -80.26
N PRO LA 38 -36.71 -103.43 -79.65
CA PRO LA 38 -37.39 -104.46 -80.43
C PRO LA 38 -38.42 -103.85 -81.37
N ALA LA 39 -38.39 -104.34 -82.62
CA ALA LA 39 -39.23 -103.84 -83.70
C ALA LA 39 -39.77 -105.01 -84.52
N TYR LA 40 -40.92 -104.79 -85.14
CA TYR LA 40 -41.42 -105.66 -86.20
C TYR LA 40 -41.85 -104.77 -87.37
N GLU LA 41 -41.73 -105.31 -88.59
CA GLU LA 41 -42.45 -104.73 -89.73
C GLU LA 41 -43.94 -105.03 -89.59
N HIS LA 42 -44.79 -104.01 -89.85
CA HIS LA 42 -46.23 -104.18 -89.86
C HIS LA 42 -46.76 -104.14 -91.30
N ALA LA 43 -47.77 -104.99 -91.56
CA ALA LA 43 -48.57 -104.88 -92.78
C ALA LA 43 -50.05 -104.72 -92.40
N GLU LA 44 -50.70 -103.71 -93.00
CA GLU LA 44 -52.09 -103.38 -92.74
C GLU LA 44 -52.95 -103.72 -93.96
N LEU LA 45 -54.11 -104.36 -93.74
CA LEU LA 45 -55.00 -104.75 -94.84
C LEU LA 45 -56.11 -103.70 -95.00
N TYR LA 46 -56.21 -103.16 -96.23
CA TYR LA 46 -57.31 -102.30 -96.64
C TYR LA 46 -57.90 -102.82 -97.95
N THR LA 47 -59.24 -102.75 -98.07
CA THR LA 47 -59.99 -103.22 -99.23
C THR LA 47 -61.08 -102.21 -99.57
N ILE LA 48 -61.81 -102.45 -100.68
CA ILE LA 48 -62.87 -101.57 -101.15
C ILE LA 48 -64.07 -101.60 -100.19
N ASP LA 49 -64.16 -102.61 -99.31
CA ASP LA 49 -65.25 -102.78 -98.36
C ASP LA 49 -65.38 -101.61 -97.37
N SER LA 50 -64.24 -101.00 -96.98
CA SER LA 50 -64.18 -100.04 -95.88
C SER LA 50 -62.96 -99.13 -96.03
N THR LA 51 -63.09 -97.89 -95.53
CA THR LA 51 -61.99 -96.95 -95.38
C THR LA 51 -61.10 -97.33 -94.19
N PHE LA 52 -61.66 -98.14 -93.26
CA PHE LA 52 -60.94 -98.56 -92.07
C PHE LA 52 -60.07 -99.79 -92.40
N ARG LA 53 -59.07 -100.01 -91.53
CA ARG LA 53 -58.15 -101.13 -91.57
C ARG LA 53 -58.91 -102.43 -91.21
N ASP LA 54 -58.82 -103.43 -92.10
CA ASP LA 54 -59.41 -104.76 -91.87
C ASP LA 54 -58.56 -105.54 -90.86
N GLU LA 55 -57.24 -105.54 -91.05
CA GLU LA 55 -56.29 -106.35 -90.28
C GLU LA 55 -54.95 -105.63 -90.14
N VAL LA 56 -54.16 -106.04 -89.13
CA VAL LA 56 -52.74 -105.68 -89.04
C VAL LA 56 -51.94 -106.88 -88.49
N LYS LA 57 -50.71 -107.07 -89.01
CA LYS LA 57 -49.87 -108.22 -88.72
C LYS LA 57 -48.40 -107.81 -88.56
N ARG LA 58 -47.62 -108.67 -87.86
CA ARG LA 58 -46.19 -108.51 -87.61
C ARG LA 58 -45.39 -109.47 -88.49
N TYR LA 59 -44.24 -109.02 -89.03
CA TYR LA 59 -43.26 -109.93 -89.64
C TYR LA 59 -41.83 -109.73 -89.09
N GLU LA 60 -40.93 -109.09 -89.88
CA GLU LA 60 -39.49 -109.15 -89.60
C GLU LA 60 -39.15 -108.60 -88.23
N HIS LA 61 -38.90 -109.51 -87.28
CA HIS LA 61 -38.45 -109.13 -85.96
C HIS LA 61 -36.94 -108.90 -85.96
N ASN LA 62 -36.53 -107.77 -85.35
CA ASN LA 62 -35.16 -107.50 -85.00
C ASN LA 62 -35.17 -106.61 -83.76
N VAL LA 63 -34.02 -106.55 -83.08
CA VAL LA 63 -33.82 -105.59 -82.01
C VAL LA 63 -32.76 -104.61 -82.50
N ASN LA 64 -33.14 -103.34 -82.69
CA ASN LA 64 -32.16 -102.30 -82.95
C ASN LA 64 -31.40 -102.04 -81.65
N VAL LA 65 -30.06 -102.23 -81.72
CA VAL LA 65 -29.15 -101.86 -80.64
C VAL LA 65 -28.25 -100.76 -81.18
N GLU LA 66 -28.22 -99.62 -80.49
CA GLU LA 66 -27.21 -98.61 -80.79
C GLU LA 66 -26.61 -98.08 -79.49
N ILE LA 67 -25.27 -98.01 -79.49
CA ILE LA 67 -24.47 -97.73 -78.29
C ILE LA 67 -23.45 -96.65 -78.65
N THR LA 68 -23.34 -95.62 -77.80
CA THR LA 68 -22.21 -94.69 -77.87
C THR LA 68 -21.35 -94.88 -76.61
N TYR LA 69 -20.03 -94.96 -76.79
CA TYR LA 69 -19.11 -95.28 -75.70
C TYR LA 69 -17.77 -94.59 -75.92
N ALA LA 70 -16.98 -94.41 -74.83
CA ALA LA 70 -15.78 -93.58 -74.85
C ALA LA 70 -14.55 -94.25 -74.23
N LYS LA 71 -14.66 -95.53 -73.85
CA LYS LA 71 -13.50 -96.35 -73.49
C LYS LA 71 -13.32 -97.44 -74.53
N PHE LA 72 -12.18 -97.43 -75.22
CA PHE LA 72 -11.91 -98.39 -76.29
C PHE LA 72 -11.57 -99.76 -75.69
N SER LA 73 -12.08 -100.83 -76.30
CA SER LA 73 -11.79 -102.21 -75.89
C SER LA 73 -11.14 -102.98 -77.04
N LEU LA 74 -9.90 -103.44 -76.81
CA LEU LA 74 -9.20 -104.29 -77.77
C LEU LA 74 -9.91 -105.64 -77.92
N GLU LA 75 -10.38 -106.22 -76.80
CA GLU LA 75 -11.03 -107.52 -76.83
C GLU LA 75 -12.29 -107.48 -77.69
N PHE LA 76 -13.14 -106.45 -77.50
CA PHE LA 76 -14.37 -106.31 -78.25
C PHE LA 76 -14.10 -106.17 -79.75
N ALA LA 77 -13.08 -105.37 -80.10
CA ALA LA 77 -12.72 -105.14 -81.50
C ALA LA 77 -12.15 -106.41 -82.15
N GLN LA 78 -11.33 -107.16 -81.40
CA GLN LA 78 -10.68 -108.37 -81.90
C GLN LA 78 -11.67 -109.54 -81.99
N GLU LA 79 -12.70 -109.53 -81.12
CA GLU LA 79 -13.81 -110.47 -81.21
C GLU LA 79 -14.63 -110.22 -82.47
N TRP LA 80 -14.90 -108.93 -82.76
CA TRP LA 80 -15.64 -108.52 -83.95
C TRP LA 80 -14.89 -108.92 -85.24
N LEU LA 81 -13.57 -108.68 -85.28
CA LEU LA 81 -12.74 -109.03 -86.42
C LEU LA 81 -12.71 -110.55 -86.66
N GLY LA 82 -12.62 -111.34 -85.57
CA GLY LA 82 -12.43 -112.78 -85.63
C GLY LA 82 -13.66 -113.58 -86.06
N GLY LA 83 -14.86 -113.02 -85.85
CA GLY LA 83 -16.10 -113.76 -86.06
C GLY LA 83 -16.37 -114.75 -84.93
N PRO LA 84 -17.40 -115.65 -85.05
CA PRO LA 84 -17.76 -116.58 -83.97
C PRO LA 84 -16.61 -117.46 -83.49
N GLY LA 85 -16.40 -117.47 -82.17
CA GLY LA 85 -15.50 -118.38 -81.46
C GLY LA 85 -14.01 -118.15 -81.71
N ALA LA 86 -13.62 -116.95 -82.20
CA ALA LA 86 -12.23 -116.62 -82.46
C ALA LA 86 -11.98 -115.11 -82.34
N THR LA 87 -10.73 -114.75 -82.00
CA THR LA 87 -10.26 -113.36 -82.07
C THR LA 87 -9.21 -113.24 -83.17
N ALA LA 88 -9.20 -112.07 -83.84
CA ALA LA 88 -8.20 -111.78 -84.87
C ALA LA 88 -7.67 -110.35 -84.71
N THR LA 89 -6.44 -110.12 -85.20
CA THR LA 89 -5.80 -108.81 -85.19
C THR LA 89 -5.87 -108.15 -86.58
N ALA LA 90 -6.61 -108.76 -87.51
CA ALA LA 90 -6.75 -108.28 -88.88
C ALA LA 90 -8.12 -108.68 -89.40
N SER LA 91 -8.62 -107.99 -90.45
CA SER LA 91 -9.86 -108.39 -91.14
C SER LA 91 -9.78 -109.86 -91.54
N GLN LA 92 -10.88 -110.60 -91.32
CA GLN LA 92 -10.98 -111.98 -91.73
C GLN LA 92 -11.87 -112.09 -92.96
N ASP LA 93 -11.39 -112.84 -93.95
CA ASP LA 93 -12.10 -113.05 -95.20
C ASP LA 93 -13.04 -114.26 -95.06
N ASP LA 94 -14.12 -114.08 -94.27
CA ASP LA 94 -15.14 -115.11 -94.11
C ASP LA 94 -16.51 -114.50 -93.81
N SER LA 95 -17.57 -115.32 -93.97
CA SER LA 95 -18.95 -114.87 -94.10
C SER LA 95 -19.71 -114.73 -92.77
N ASP LA 96 -19.13 -115.15 -91.64
CA ASP LA 96 -19.87 -115.18 -90.37
C ASP LA 96 -19.55 -113.95 -89.52
N PRO LA 97 -20.55 -113.09 -89.17
CA PRO LA 97 -20.32 -112.00 -88.23
C PRO LA 97 -20.22 -112.54 -86.80
N MET LA 98 -19.44 -111.86 -85.96
CA MET LA 98 -19.46 -112.12 -84.54
C MET LA 98 -20.84 -111.77 -83.98
N LYS LA 99 -21.45 -112.74 -83.28
CA LYS LA 99 -22.74 -112.57 -82.62
C LYS LA 99 -22.50 -112.39 -81.12
N PHE LA 100 -22.98 -111.28 -80.56
CA PHE LA 100 -22.81 -110.99 -79.15
C PHE LA 100 -24.14 -111.16 -78.43
N ASN LA 101 -24.12 -111.79 -77.26
CA ASN LA 101 -25.22 -111.63 -76.31
C ASN LA 101 -25.02 -110.31 -75.58
N LEU LA 102 -26.12 -109.60 -75.32
CA LEU LA 102 -26.10 -108.31 -74.65
C LEU LA 102 -27.08 -108.34 -73.49
N GLU LA 103 -26.68 -107.76 -72.35
CA GLU LA 103 -27.57 -107.56 -71.21
C GLU LA 103 -27.33 -106.17 -70.61
N ASN LA 104 -28.43 -105.47 -70.31
CA ASN LA 104 -28.40 -104.19 -69.63
C ASN LA 104 -29.29 -104.25 -68.39
N VAL LA 105 -28.71 -103.88 -67.23
CA VAL LA 105 -29.42 -103.93 -65.94
C VAL LA 105 -29.47 -102.51 -65.36
N THR LA 106 -30.68 -102.04 -65.05
CA THR LA 106 -30.90 -100.70 -64.51
C THR LA 106 -31.85 -100.73 -63.31
N PRO LA 107 -31.41 -100.23 -62.12
CA PRO LA 107 -32.35 -99.83 -61.06
C PRO LA 107 -33.28 -98.70 -61.52
N SER LA 108 -34.48 -98.65 -60.94
CA SER LA 108 -35.39 -97.52 -61.11
C SER LA 108 -34.94 -96.37 -60.22
N ALA LA 109 -35.42 -95.14 -60.51
CA ALA LA 109 -34.96 -93.95 -59.82
C ALA LA 109 -35.29 -93.96 -58.33
N SER LA 110 -36.48 -94.49 -57.95
CA SER LA 110 -36.91 -94.61 -56.55
C SER LA 110 -36.75 -96.04 -56.01
N GLY LA 111 -36.07 -96.91 -56.77
CA GLY LA 111 -35.79 -98.29 -56.38
C GLY LA 111 -37.00 -99.23 -56.40
N GLY LA 112 -38.09 -98.84 -57.10
CA GLY LA 112 -39.33 -99.60 -57.15
C GLY LA 112 -39.22 -100.96 -57.85
N PHE LA 113 -38.27 -101.07 -58.80
CA PHE LA 113 -37.95 -102.31 -59.51
C PHE LA 113 -36.55 -102.19 -60.12
N GLU LA 114 -35.98 -103.32 -60.54
CA GLU LA 114 -34.75 -103.35 -61.31
C GLU LA 114 -35.02 -104.00 -62.67
N ARG LA 115 -35.00 -103.19 -63.75
CA ARG LA 115 -35.27 -103.67 -65.09
C ARG LA 115 -34.00 -104.31 -65.67
N THR LA 116 -34.11 -105.58 -66.08
CA THR LA 116 -33.09 -106.27 -66.88
C THR LA 116 -33.62 -106.47 -68.30
N THR LA 117 -32.86 -105.98 -69.29
CA THR LA 117 -33.09 -106.25 -70.71
C THR LA 117 -31.96 -107.14 -71.24
N ALA LA 118 -32.33 -108.27 -71.89
CA ALA LA 118 -31.34 -109.13 -72.54
C ALA LA 118 -31.71 -109.36 -74.01
N VAL LA 119 -30.68 -109.34 -74.88
CA VAL LA 119 -30.82 -109.45 -76.34
C VAL LA 119 -29.82 -110.49 -76.85
N GLU LA 120 -30.30 -111.47 -77.64
CA GLU LA 120 -29.42 -112.49 -78.22
C GLU LA 120 -28.87 -112.02 -79.57
N ASN LA 121 -27.68 -112.52 -79.92
CA ASN LA 121 -27.11 -112.54 -81.26
C ASN LA 121 -27.12 -111.16 -81.93
N VAL LA 122 -26.70 -110.13 -81.18
CA VAL LA 122 -26.49 -108.79 -81.73
C VAL LA 122 -25.28 -108.83 -82.67
N VAL LA 123 -25.47 -108.35 -83.90
CA VAL LA 123 -24.40 -108.23 -84.88
C VAL LA 123 -24.27 -106.76 -85.29
N PHE LA 124 -23.03 -106.32 -85.53
CA PHE LA 124 -22.73 -104.94 -85.89
C PHE LA 124 -22.14 -104.92 -87.30
N PRO LA 125 -22.83 -104.34 -88.33
CA PRO LA 125 -22.27 -104.27 -89.69
C PRO LA 125 -20.91 -103.57 -89.80
N GLU LA 126 -20.68 -102.56 -88.96
CA GLU LA 126 -19.43 -101.81 -88.97
C GLU LA 126 -18.96 -101.53 -87.55
N LEU LA 127 -17.63 -101.50 -87.40
CA LEU LA 127 -16.98 -101.29 -86.11
C LEU LA 127 -16.09 -100.04 -86.22
N PRO LA 128 -16.34 -98.96 -85.44
CA PRO LA 128 -15.41 -97.82 -85.42
C PRO LA 128 -14.16 -98.19 -84.64
N LEU LA 129 -13.01 -98.27 -85.33
CA LEU LA 129 -11.75 -98.55 -84.67
C LEU LA 129 -11.17 -97.26 -84.08
N ASP LA 130 -11.10 -96.23 -84.94
CA ASP LA 130 -10.59 -94.92 -84.57
C ASP LA 130 -11.69 -93.89 -84.82
N SER LA 131 -11.82 -92.93 -83.89
CA SER LA 131 -12.86 -91.91 -83.94
C SER LA 131 -12.36 -90.63 -83.28
N ALA LA 132 -11.23 -90.12 -83.80
CA ALA LA 132 -10.49 -89.01 -83.21
C ALA LA 132 -11.02 -87.67 -83.72
N THR LA 133 -11.22 -86.73 -82.79
CA THR LA 133 -11.54 -85.33 -83.08
C THR LA 133 -10.67 -84.45 -82.18
N TYR LA 134 -10.05 -83.41 -82.74
CA TYR LA 134 -9.18 -82.50 -82.02
C TYR LA 134 -9.86 -81.96 -80.76
N GLY LA 135 -9.18 -82.09 -79.60
CA GLY LA 135 -9.64 -81.58 -78.32
C GLY LA 135 -10.78 -82.40 -77.67
N GLU LA 136 -10.99 -83.64 -78.14
CA GLU LA 136 -12.00 -84.53 -77.59
C GLU LA 136 -11.40 -85.93 -77.38
N TYR LA 137 -11.96 -86.69 -76.42
CA TYR LA 137 -11.70 -88.12 -76.35
C TYR LA 137 -12.35 -88.79 -77.54
N GLU LA 138 -11.78 -89.93 -77.96
CA GLU LA 138 -12.40 -90.72 -79.02
C GLU LA 138 -13.75 -91.25 -78.52
N GLU LA 139 -14.82 -90.93 -79.26
CA GLU LA 139 -16.17 -91.40 -78.95
C GLU LA 139 -16.66 -92.29 -80.10
N TYR LA 140 -17.08 -93.52 -79.76
CA TYR LA 140 -17.39 -94.60 -80.70
C TYR LA 140 -18.91 -94.80 -80.73
N SER LA 141 -19.48 -95.02 -81.92
CA SER LA 141 -20.89 -95.35 -82.04
C SER LA 141 -21.09 -96.68 -82.79
N LEU LA 142 -21.68 -97.66 -82.08
CA LEU LA 142 -22.11 -98.92 -82.68
C LEU LA 142 -23.59 -98.84 -83.05
N THR LA 143 -23.93 -99.43 -84.21
CA THR LA 143 -25.30 -99.72 -84.59
C THR LA 143 -25.36 -101.19 -85.02
N GLY LA 144 -26.37 -101.93 -84.53
CA GLY LA 144 -26.48 -103.35 -84.84
C GLY LA 144 -27.88 -103.91 -84.62
N SER LA 145 -28.06 -105.18 -85.04
CA SER LA 145 -29.34 -105.86 -84.96
C SER LA 145 -29.24 -107.17 -84.17
N GLY LA 146 -29.97 -107.24 -83.04
CA GLY LA 146 -30.18 -108.47 -82.27
C GLY LA 146 -31.32 -109.30 -82.85
N ARG LA 147 -31.28 -110.62 -82.64
CA ARG LA 147 -32.27 -111.54 -83.19
C ARG LA 147 -33.61 -111.42 -82.45
N SER LA 148 -33.54 -111.38 -81.10
CA SER LA 148 -34.72 -111.30 -80.25
C SER LA 148 -34.35 -110.79 -78.85
N VAL LA 149 -35.35 -110.29 -78.11
CA VAL LA 149 -35.23 -110.01 -76.68
C VAL LA 149 -35.44 -111.33 -75.93
N THR LA 150 -34.39 -111.81 -75.23
CA THR LA 150 -34.49 -113.08 -74.52
C THR LA 150 -35.06 -112.89 -73.11
N ASN LA 151 -34.94 -111.67 -72.56
CA ASN LA 151 -35.46 -111.39 -71.24
C ASN LA 151 -35.81 -109.91 -71.10
N LEU LA 152 -36.94 -109.65 -70.42
CA LEU LA 152 -37.31 -108.32 -69.95
C LEU LA 152 -38.15 -108.50 -68.67
N ALA LA 153 -37.50 -108.29 -67.52
CA ALA LA 153 -38.08 -108.62 -66.23
C ALA LA 153 -37.62 -107.66 -65.15
N ASP LA 154 -38.42 -107.56 -64.08
CA ASP LA 154 -37.97 -107.02 -62.81
C ASP LA 154 -37.12 -108.09 -62.12
N THR LA 155 -35.83 -107.79 -61.93
CA THR LA 155 -34.87 -108.72 -61.36
C THR LA 155 -34.48 -108.36 -59.92
N SER LA 156 -35.22 -107.41 -59.31
CA SER LA 156 -35.07 -107.09 -57.89
C SER LA 156 -35.57 -108.26 -57.04
N GLY LA 157 -35.10 -108.34 -55.78
CA GLY LA 157 -35.36 -109.47 -54.89
C GLY LA 157 -36.83 -109.65 -54.57
N ALA MA 2 -7.76 -110.43 -70.23
CA ALA MA 2 -7.60 -109.45 -71.33
C ALA MA 2 -7.35 -108.04 -70.76
N THR MA 3 -6.95 -107.11 -71.62
CA THR MA 3 -6.62 -105.73 -71.27
C THR MA 3 -7.90 -104.95 -70.95
N SER MA 4 -7.90 -104.18 -69.84
CA SER MA 4 -9.03 -103.35 -69.43
C SER MA 4 -9.32 -102.27 -70.47
N PRO MA 5 -10.60 -102.00 -70.84
CA PRO MA 5 -10.93 -100.86 -71.72
C PRO MA 5 -10.51 -99.53 -71.09
N GLU MA 6 -10.14 -98.57 -71.94
CA GLU MA 6 -9.58 -97.30 -71.47
C GLU MA 6 -9.96 -96.18 -72.43
N GLY MA 7 -10.08 -94.95 -71.89
CA GLY MA 7 -10.27 -93.75 -72.72
C GLY MA 7 -9.07 -93.54 -73.65
N ILE MA 8 -9.32 -92.96 -74.84
CA ILE MA 8 -8.26 -92.59 -75.77
C ILE MA 8 -8.42 -91.11 -76.09
N TRP MA 9 -7.31 -90.39 -76.07
CA TRP MA 9 -7.29 -88.95 -76.29
C TRP MA 9 -6.85 -88.67 -77.73
N SER MA 10 -7.67 -87.91 -78.48
CA SER MA 10 -7.47 -87.74 -79.92
C SER MA 10 -6.09 -87.17 -80.26
N ASN MA 11 -5.62 -86.20 -79.47
CA ASN MA 11 -4.40 -85.45 -79.76
C ASN MA 11 -3.14 -86.28 -79.48
N SER MA 12 -3.30 -87.50 -78.93
CA SER MA 12 -2.18 -88.41 -78.68
C SER MA 12 -1.79 -89.20 -79.94
N GLY MA 13 -2.65 -89.20 -80.97
CA GLY MA 13 -2.47 -90.05 -82.14
C GLY MA 13 -1.40 -89.56 -83.10
N ALA MA 14 -0.61 -90.52 -83.62
CA ALA MA 14 0.31 -90.28 -84.73
C ALA MA 14 -0.17 -91.06 -85.95
N LEU MA 15 -0.52 -90.32 -87.03
CA LEU MA 15 -0.97 -90.88 -88.29
C LEU MA 15 0.14 -90.78 -89.33
N THR MA 16 0.32 -91.85 -90.12
CA THR MA 16 1.32 -91.88 -91.19
C THR MA 16 0.74 -92.58 -92.42
N PHE MA 17 1.25 -92.20 -93.59
CA PHE MA 17 0.96 -92.87 -94.85
C PHE MA 17 2.25 -93.42 -95.45
N GLU MA 18 2.14 -94.59 -96.09
CA GLU MA 18 3.28 -95.21 -96.76
C GLU MA 18 2.88 -95.63 -98.19
N ASP MA 19 3.86 -95.57 -99.09
CA ASP MA 19 3.73 -96.12 -100.44
C ASP MA 19 3.88 -97.64 -100.36
N PRO MA 20 2.83 -98.44 -100.71
CA PRO MA 20 2.92 -99.91 -100.64
C PRO MA 20 3.92 -100.59 -101.58
N ALA MA 21 4.53 -99.82 -102.49
CA ALA MA 21 5.60 -100.33 -103.35
C ALA MA 21 6.94 -100.38 -102.58
N ASP MA 22 7.09 -99.52 -101.57
CA ASP MA 22 8.37 -99.26 -100.91
C ASP MA 22 8.31 -99.52 -99.39
N ASP MA 23 7.13 -99.30 -98.79
CA ASP MA 23 6.97 -98.99 -97.37
C ASP MA 23 7.64 -97.66 -96.98
N SER MA 24 7.94 -96.78 -97.96
CA SER MA 24 8.50 -95.46 -97.70
C SER MA 24 7.37 -94.50 -97.27
N GLU MA 25 7.68 -93.60 -96.31
CA GLU MA 25 6.70 -92.66 -95.79
C GLU MA 25 6.38 -91.59 -96.83
N ILE MA 26 5.07 -91.27 -96.94
CA ILE MA 26 4.57 -90.12 -97.68
C ILE MA 26 4.27 -89.02 -96.67
N LEU MA 27 4.88 -87.84 -96.86
CA LEU MA 27 4.79 -86.76 -95.89
C LEU MA 27 3.33 -86.29 -95.76
N PHE MA 28 2.85 -86.35 -94.52
CA PHE MA 28 1.49 -85.97 -94.15
C PHE MA 28 1.49 -85.54 -92.68
N ALA MA 29 0.73 -84.48 -92.37
CA ALA MA 29 0.78 -83.86 -91.04
C ALA MA 29 -0.47 -83.02 -90.78
N GLY MA 30 -0.65 -82.61 -89.51
CA GLY MA 30 -1.60 -81.57 -89.14
C GLY MA 30 -3.07 -82.03 -89.18
N VAL MA 31 -3.32 -83.30 -88.83
CA VAL MA 31 -4.68 -83.83 -88.75
C VAL MA 31 -5.46 -83.12 -87.63
N ARG MA 32 -6.80 -83.13 -87.79
CA ARG MA 32 -7.73 -82.59 -86.80
C ARG MA 32 -8.78 -83.65 -86.45
N ASP MA 33 -9.33 -84.33 -87.47
CA ASP MA 33 -10.21 -85.48 -87.28
C ASP MA 33 -9.64 -86.69 -88.02
N VAL MA 34 -9.77 -87.89 -87.43
CA VAL MA 34 -9.45 -89.17 -88.08
C VAL MA 34 -10.48 -90.21 -87.67
N THR MA 35 -11.25 -90.73 -88.63
CA THR MA 35 -12.17 -91.83 -88.38
C THR MA 35 -11.80 -93.02 -89.27
N ILE MA 36 -11.62 -94.20 -88.64
CA ILE MA 36 -11.35 -95.45 -89.33
C ILE MA 36 -12.41 -96.47 -88.93
N THR MA 37 -13.16 -96.98 -89.91
CA THR MA 37 -14.28 -97.88 -89.66
C THR MA 37 -14.24 -99.04 -90.65
N PRO MA 38 -13.75 -100.25 -90.23
CA PRO MA 38 -14.03 -101.48 -90.97
C PRO MA 38 -15.52 -101.79 -90.97
N ALA MA 39 -16.01 -102.23 -92.13
CA ALA MA 39 -17.42 -102.47 -92.36
C ALA MA 39 -17.61 -103.69 -93.26
N TYR MA 40 -18.76 -104.35 -93.11
CA TYR MA 40 -19.23 -105.35 -94.05
C TYR MA 40 -20.70 -105.08 -94.34
N GLU MA 41 -21.14 -105.34 -95.57
CA GLU MA 41 -22.56 -105.47 -95.83
C GLU MA 41 -23.08 -106.76 -95.17
N HIS MA 42 -24.28 -106.68 -94.57
CA HIS MA 42 -24.95 -107.82 -93.97
C HIS MA 42 -26.18 -108.20 -94.78
N ALA MA 43 -26.43 -109.52 -94.90
CA ALA MA 43 -27.70 -110.03 -95.40
C ALA MA 43 -28.36 -110.93 -94.36
N GLU MA 44 -29.60 -110.59 -93.99
CA GLU MA 44 -30.39 -111.32 -92.99
C GLU MA 44 -31.44 -112.17 -93.72
N LEU MA 45 -31.55 -113.45 -93.33
CA LEU MA 45 -32.52 -114.37 -93.94
C LEU MA 45 -33.79 -114.43 -93.08
N TYR MA 46 -34.93 -114.18 -93.74
CA TYR MA 46 -36.26 -114.37 -93.17
C TYR MA 46 -37.13 -115.18 -94.14
N THR MA 47 -37.96 -116.08 -93.59
CA THR MA 47 -38.87 -116.92 -94.37
C THR MA 47 -40.22 -116.99 -93.65
N ILE MA 48 -41.19 -117.67 -94.26
CA ILE MA 48 -42.53 -117.83 -93.70
C ILE MA 48 -42.51 -118.65 -92.39
N ASP MA 49 -41.45 -119.45 -92.17
CA ASP MA 49 -41.33 -120.34 -91.01
C ASP MA 49 -41.36 -119.58 -89.67
N SER MA 50 -40.79 -118.37 -89.63
CA SER MA 50 -40.60 -117.62 -88.38
C SER MA 50 -40.54 -116.12 -88.65
N THR MA 51 -40.99 -115.33 -87.66
CA THR MA 51 -40.82 -113.89 -87.64
C THR MA 51 -39.37 -113.52 -87.28
N PHE MA 52 -38.64 -114.45 -86.63
CA PHE MA 52 -37.27 -114.21 -86.21
C PHE MA 52 -36.32 -114.49 -87.37
N ARG MA 53 -35.15 -113.81 -87.33
CA ARG MA 53 -34.06 -113.96 -88.28
C ARG MA 53 -33.50 -115.38 -88.21
N ASP MA 54 -33.31 -116.00 -89.38
CA ASP MA 54 -32.85 -117.37 -89.49
C ASP MA 54 -31.31 -117.41 -89.59
N GLU MA 55 -30.76 -116.50 -90.39
CA GLU MA 55 -29.32 -116.39 -90.63
C GLU MA 55 -28.94 -114.92 -90.79
N VAL MA 56 -27.65 -114.62 -90.53
CA VAL MA 56 -27.04 -113.37 -90.97
C VAL MA 56 -25.60 -113.64 -91.42
N LYS MA 57 -25.21 -113.02 -92.54
CA LYS MA 57 -23.92 -113.24 -93.18
C LYS MA 57 -23.28 -111.90 -93.58
N ARG MA 58 -21.94 -111.84 -93.49
CA ARG MA 58 -21.12 -110.73 -93.97
C ARG MA 58 -20.82 -110.94 -95.45
N TYR MA 59 -20.65 -109.84 -96.21
CA TYR MA 59 -19.99 -109.89 -97.51
C TYR MA 59 -19.05 -108.70 -97.75
N GLU MA 60 -19.58 -107.63 -98.37
CA GLU MA 60 -18.76 -106.67 -99.10
C GLU MA 60 -17.92 -105.85 -98.13
N HIS MA 61 -16.67 -106.29 -97.91
CA HIS MA 61 -15.79 -105.69 -96.90
C HIS MA 61 -15.05 -104.47 -97.45
N ASN MA 62 -14.93 -103.43 -96.60
CA ASN MA 62 -14.05 -102.30 -96.83
C ASN MA 62 -13.72 -101.66 -95.48
N VAL MA 63 -12.75 -100.75 -95.50
CA VAL MA 63 -12.47 -99.89 -94.36
C VAL MA 63 -12.74 -98.46 -94.80
N ASN MA 64 -13.77 -97.84 -94.21
CA ASN MA 64 -14.02 -96.42 -94.44
C ASN MA 64 -12.97 -95.61 -93.69
N VAL MA 65 -12.33 -94.67 -94.41
CA VAL MA 65 -11.35 -93.77 -93.84
C VAL MA 65 -11.81 -92.34 -94.17
N GLU MA 66 -12.01 -91.51 -93.13
CA GLU MA 66 -12.12 -90.08 -93.37
C GLU MA 66 -11.21 -89.31 -92.42
N ILE MA 67 -10.50 -88.33 -92.99
CA ILE MA 67 -9.47 -87.56 -92.31
C ILE MA 67 -9.72 -86.08 -92.62
N THR MA 68 -9.74 -85.26 -91.57
CA THR MA 68 -9.69 -83.81 -91.72
C THR MA 68 -8.32 -83.32 -91.26
N TYR MA 69 -7.67 -82.46 -92.07
CA TYR MA 69 -6.31 -82.02 -91.80
C TYR MA 69 -6.11 -80.58 -92.28
N ALA MA 70 -5.08 -79.90 -91.74
CA ALA MA 70 -4.93 -78.46 -91.92
C ALA MA 70 -3.53 -78.03 -92.36
N LYS MA 71 -2.61 -79.00 -92.58
CA LYS MA 71 -1.32 -78.74 -93.21
C LYS MA 71 -1.31 -79.42 -94.58
N PHE MA 72 -1.12 -78.60 -95.64
CA PHE MA 72 -1.12 -79.11 -97.01
C PHE MA 72 0.19 -79.83 -97.30
N SER MA 73 0.10 -81.00 -97.95
CA SER MA 73 1.27 -81.75 -98.38
C SER MA 73 1.29 -81.85 -99.91
N LEU MA 74 2.38 -81.37 -100.53
CA LEU MA 74 2.55 -81.49 -101.97
C LEU MA 74 2.85 -82.93 -102.37
N GLU MA 75 3.60 -83.66 -101.53
CA GLU MA 75 3.96 -85.03 -101.84
C GLU MA 75 2.71 -85.91 -101.91
N PHE MA 76 1.84 -85.79 -100.89
CA PHE MA 76 0.59 -86.55 -100.84
C PHE MA 76 -0.29 -86.27 -102.07
N ALA MA 77 -0.40 -84.99 -102.45
CA ALA MA 77 -1.23 -84.56 -103.57
C ALA MA 77 -0.66 -85.06 -104.91
N GLN MA 78 0.67 -84.98 -105.07
CA GLN MA 78 1.34 -85.39 -106.31
C GLN MA 78 1.39 -86.91 -106.45
N GLU MA 79 1.44 -87.64 -105.32
CA GLU MA 79 1.28 -89.09 -105.29
C GLU MA 79 -0.13 -89.48 -105.75
N TRP MA 80 -1.16 -88.79 -105.23
CA TRP MA 80 -2.55 -89.03 -105.61
C TRP MA 80 -2.77 -88.80 -107.11
N LEU MA 81 -2.22 -87.69 -107.63
CA LEU MA 81 -2.31 -87.36 -109.06
C LEU MA 81 -1.60 -88.40 -109.93
N GLY MA 82 -0.42 -88.86 -109.47
CA GLY MA 82 0.45 -89.75 -110.25
C GLY MA 82 -0.06 -91.18 -110.39
N GLY MA 83 -0.84 -91.67 -109.41
CA GLY MA 83 -1.24 -93.07 -109.35
C GLY MA 83 -0.10 -93.96 -108.82
N PRO MA 84 -0.27 -95.31 -108.80
CA PRO MA 84 0.73 -96.21 -108.23
C PRO MA 84 2.15 -96.06 -108.81
N GLY MA 85 3.13 -95.89 -107.91
CA GLY MA 85 4.55 -95.89 -108.22
C GLY MA 85 5.07 -94.65 -108.96
N ALA MA 86 4.28 -93.55 -108.98
CA ALA MA 86 4.65 -92.34 -109.70
C ALA MA 86 4.08 -91.09 -109.03
N THR MA 87 4.72 -89.94 -109.27
CA THR MA 87 4.17 -88.63 -108.91
C THR MA 87 3.98 -87.80 -110.18
N ALA MA 88 2.91 -86.98 -110.20
CA ALA MA 88 2.64 -86.07 -111.30
C ALA MA 88 2.22 -84.69 -110.78
N THR MA 89 2.56 -83.64 -111.55
CA THR MA 89 2.17 -82.27 -111.25
C THR MA 89 0.89 -81.87 -112.00
N ALA MA 90 0.15 -82.85 -112.54
CA ALA MA 90 -1.04 -82.63 -113.35
C ALA MA 90 -1.91 -83.89 -113.33
N SER MA 91 -3.22 -83.76 -113.62
CA SER MA 91 -4.11 -84.92 -113.74
C SER MA 91 -3.55 -85.93 -114.73
N GLN MA 92 -3.63 -87.22 -114.37
CA GLN MA 92 -3.22 -88.30 -115.26
C GLN MA 92 -4.45 -88.99 -115.84
N ASP MA 93 -4.41 -89.20 -117.16
CA ASP MA 93 -5.47 -89.88 -117.89
C ASP MA 93 -5.22 -91.38 -117.87
N ASP MA 94 -5.40 -92.02 -116.69
CA ASP MA 94 -5.25 -93.46 -116.55
C ASP MA 94 -6.11 -94.00 -115.40
N SER MA 95 -6.29 -95.33 -115.39
CA SER MA 95 -7.35 -95.99 -114.63
C SER MA 95 -6.93 -96.47 -113.23
N ASP MA 96 -5.65 -96.36 -112.86
CA ASP MA 96 -5.18 -96.88 -111.58
C ASP MA 96 -5.20 -95.75 -110.53
N PRO MA 97 -6.02 -95.84 -109.44
CA PRO MA 97 -5.91 -94.88 -108.33
C PRO MA 97 -4.68 -95.18 -107.48
N MET MA 98 -4.09 -94.12 -106.92
CA MET MA 98 -3.01 -94.27 -105.96
C MET MA 98 -3.56 -95.00 -104.72
N LYS MA 99 -2.85 -96.08 -104.31
CA LYS MA 99 -3.16 -96.84 -103.12
C LYS MA 99 -2.13 -96.49 -102.04
N PHE MA 100 -2.63 -96.05 -100.89
CA PHE MA 100 -1.79 -95.70 -99.75
C PHE MA 100 -1.98 -96.75 -98.66
N ASN MA 101 -0.88 -97.15 -98.00
CA ASN MA 101 -1.00 -97.81 -96.71
C ASN MA 101 -1.12 -96.72 -95.64
N LEU MA 102 -1.98 -96.98 -94.65
CA LEU MA 102 -2.25 -96.02 -93.57
C LEU MA 102 -1.99 -96.71 -92.23
N GLU MA 103 -1.36 -95.99 -91.30
CA GLU MA 103 -1.22 -96.47 -89.94
C GLU MA 103 -1.48 -95.32 -88.95
N ASN MA 104 -2.26 -95.62 -87.90
CA ASN MA 104 -2.52 -94.69 -86.81
C ASN MA 104 -2.11 -95.35 -85.48
N VAL MA 105 -1.26 -94.68 -84.70
CA VAL MA 105 -0.78 -95.19 -83.42
C VAL MA 105 -1.19 -94.24 -82.29
N THR MA 106 -1.88 -94.78 -81.28
CA THR MA 106 -2.35 -94.01 -80.13
C THR MA 106 -2.07 -94.74 -78.81
N PRO MA 107 -1.41 -94.08 -77.83
CA PRO MA 107 -1.50 -94.51 -76.43
C PRO MA 107 -2.94 -94.38 -75.92
N SER MA 108 -3.32 -95.25 -74.98
CA SER MA 108 -4.53 -95.04 -74.20
C SER MA 108 -4.27 -93.96 -73.15
N ALA MA 109 -5.36 -93.37 -72.61
CA ALA MA 109 -5.31 -92.13 -71.83
C ALA MA 109 -4.52 -92.26 -70.51
N SER MA 110 -4.54 -93.46 -69.89
CA SER MA 110 -3.78 -93.75 -68.68
C SER MA 110 -2.56 -94.65 -68.96
N GLY MA 111 -2.23 -94.86 -70.24
CA GLY MA 111 -1.05 -95.63 -70.64
C GLY MA 111 -1.19 -97.15 -70.48
N GLY MA 112 -2.44 -97.65 -70.36
CA GLY MA 112 -2.73 -99.07 -70.21
C GLY MA 112 -2.33 -99.92 -71.41
N PHE MA 113 -2.39 -99.33 -72.63
CA PHE MA 113 -2.03 -99.98 -73.89
C PHE MA 113 -1.67 -98.93 -74.94
N GLU MA 114 -1.10 -99.38 -76.07
CA GLU MA 114 -0.89 -98.53 -77.24
C GLU MA 114 -1.56 -99.17 -78.45
N ARG MA 115 -2.73 -98.64 -78.85
CA ARG MA 115 -3.48 -99.17 -79.97
C ARG MA 115 -2.84 -98.72 -81.29
N THR MA 116 -2.40 -99.70 -82.09
CA THR MA 116 -2.00 -99.50 -83.48
C THR MA 116 -3.10 -100.03 -84.40
N THR MA 117 -3.58 -99.17 -85.31
CA THR MA 117 -4.48 -99.54 -86.40
C THR MA 117 -3.73 -99.37 -87.73
N ALA MA 118 -3.70 -100.43 -88.55
CA ALA MA 118 -3.10 -100.36 -89.88
C ALA MA 118 -4.09 -100.83 -90.95
N VAL MA 119 -4.13 -100.09 -92.08
CA VAL MA 119 -5.10 -100.28 -93.15
C VAL MA 119 -4.37 -100.44 -94.49
N GLU MA 120 -4.78 -101.46 -95.25
CA GLU MA 120 -4.22 -101.81 -96.54
C GLU MA 120 -4.94 -101.01 -97.64
N ASN MA 121 -4.16 -100.46 -98.60
CA ASN MA 121 -4.64 -99.98 -99.89
C ASN MA 121 -5.85 -99.03 -99.77
N VAL MA 122 -5.69 -97.96 -98.98
CA VAL MA 122 -6.67 -96.87 -98.94
C VAL MA 122 -6.58 -96.11 -100.28
N VAL MA 123 -7.75 -95.89 -100.90
CA VAL MA 123 -7.88 -95.06 -102.10
C VAL MA 123 -8.90 -93.95 -101.81
N PHE MA 124 -8.67 -92.76 -102.38
CA PHE MA 124 -9.53 -91.60 -102.17
C PHE MA 124 -10.14 -91.19 -103.51
N PRO MA 125 -11.49 -91.26 -103.71
CA PRO MA 125 -12.12 -90.85 -104.97
C PRO MA 125 -11.87 -89.40 -105.38
N GLU MA 126 -11.66 -88.51 -104.40
CA GLU MA 126 -11.40 -87.11 -104.67
C GLU MA 126 -10.40 -86.55 -103.68
N LEU MA 127 -9.64 -85.55 -104.17
CA LEU MA 127 -8.57 -84.92 -103.41
C LEU MA 127 -8.86 -83.42 -103.33
N PRO MA 128 -9.09 -82.83 -102.12
CA PRO MA 128 -9.21 -81.38 -102.00
C PRO MA 128 -7.84 -80.73 -102.17
N LEU MA 129 -7.65 -79.99 -103.28
CA LEU MA 129 -6.41 -79.27 -103.51
C LEU MA 129 -6.42 -77.93 -102.78
N ASP MA 130 -7.47 -77.14 -103.04
CA ASP MA 130 -7.67 -75.85 -102.41
C ASP MA 130 -8.97 -75.89 -101.62
N SER MA 131 -8.96 -75.27 -100.43
CA SER MA 131 -10.10 -75.28 -99.51
C SER MA 131 -10.14 -73.98 -98.71
N ALA MA 132 -10.08 -72.85 -99.44
CA ALA MA 132 -9.99 -71.52 -98.84
C ALA MA 132 -11.36 -71.06 -98.31
N THR MA 133 -11.34 -70.45 -97.12
CA THR MA 133 -12.48 -69.76 -96.53
C THR MA 133 -11.98 -68.50 -95.83
N TYR MA 134 -12.69 -67.38 -96.01
CA TYR MA 134 -12.28 -66.09 -95.46
C TYR MA 134 -12.05 -66.18 -93.95
N GLY MA 135 -10.86 -65.77 -93.49
CA GLY MA 135 -10.52 -65.70 -92.08
C GLY MA 135 -10.28 -67.07 -91.42
N GLU MA 136 -9.92 -68.07 -92.23
CA GLU MA 136 -9.64 -69.43 -91.75
C GLU MA 136 -8.42 -70.00 -92.47
N TYR MA 137 -7.70 -70.92 -91.81
CA TYR MA 137 -6.73 -71.75 -92.49
C TYR MA 137 -7.49 -72.69 -93.42
N GLU MA 138 -6.82 -73.11 -94.51
CA GLU MA 138 -7.41 -74.13 -95.37
C GLU MA 138 -7.54 -75.45 -94.60
N GLU MA 139 -8.75 -76.02 -94.59
CA GLU MA 139 -9.03 -77.29 -93.92
C GLU MA 139 -9.52 -78.30 -94.96
N TYR MA 140 -8.83 -79.46 -95.01
CA TYR MA 140 -9.01 -80.45 -96.07
C TYR MA 140 -9.68 -81.70 -95.48
N SER MA 141 -10.75 -82.17 -96.14
CA SER MA 141 -11.39 -83.42 -95.76
C SER MA 141 -11.21 -84.49 -96.85
N LEU MA 142 -10.56 -85.60 -96.48
CA LEU MA 142 -10.46 -86.78 -97.31
C LEU MA 142 -11.56 -87.77 -96.89
N THR MA 143 -12.13 -88.46 -97.89
CA THR MA 143 -12.95 -89.65 -97.69
C THR MA 143 -12.40 -90.73 -98.64
N GLY MA 144 -12.21 -91.95 -98.13
CA GLY MA 144 -11.65 -93.02 -98.93
C GLY MA 144 -11.95 -94.41 -98.36
N SER MA 145 -11.59 -95.45 -99.12
CA SER MA 145 -11.84 -96.84 -98.71
C SER MA 145 -10.57 -97.69 -98.80
N GLY MA 146 -10.18 -98.26 -97.65
CA GLY MA 146 -9.14 -99.29 -97.57
C GLY MA 146 -9.72 -100.68 -97.84
N ARG MA 147 -8.84 -101.63 -98.19
CA ARG MA 147 -9.23 -102.99 -98.53
C ARG MA 147 -9.50 -103.82 -97.28
N SER MA 148 -8.62 -103.71 -96.26
CA SER MA 148 -8.69 -104.50 -95.04
C SER MA 148 -7.93 -103.81 -93.92
N VAL MA 149 -8.25 -104.17 -92.66
CA VAL MA 149 -7.41 -103.87 -91.51
C VAL MA 149 -6.33 -104.96 -91.44
N THR MA 150 -5.05 -104.56 -91.58
CA THR MA 150 -3.96 -105.54 -91.55
C THR MA 150 -3.43 -105.75 -90.13
N ASN MA 151 -3.62 -104.75 -89.26
CA ASN MA 151 -3.23 -104.87 -87.87
C ASN MA 151 -4.16 -104.04 -86.99
N LEU MA 152 -4.59 -104.66 -85.88
CA LEU MA 152 -5.18 -103.99 -84.73
C LEU MA 152 -4.68 -104.70 -83.48
N ALA MA 153 -3.74 -104.05 -82.77
CA ALA MA 153 -3.07 -104.68 -81.65
C ALA MA 153 -2.63 -103.62 -80.63
N ASP MA 154 -2.42 -104.09 -79.39
CA ASP MA 154 -1.62 -103.38 -78.41
C ASP MA 154 -0.14 -103.54 -78.78
N THR MA 155 0.51 -102.42 -79.16
CA THR MA 155 1.91 -102.42 -79.56
C THR MA 155 2.83 -101.90 -78.44
N SER MA 156 2.28 -101.66 -77.24
CA SER MA 156 3.08 -101.27 -76.08
C SER MA 156 3.99 -102.42 -75.65
N GLY MA 157 5.08 -102.09 -74.95
CA GLY MA 157 6.11 -103.04 -74.54
C GLY MA 157 5.55 -104.18 -73.69
N ALA NA 2 11.77 -84.42 -99.73
CA ALA NA 2 10.49 -83.75 -100.09
C ALA NA 2 10.21 -82.59 -99.13
N THR NA 3 9.29 -81.70 -99.52
CA THR NA 3 8.94 -80.49 -98.79
C THR NA 3 8.00 -80.84 -97.64
N SER NA 4 8.27 -80.33 -96.42
CA SER NA 4 7.45 -80.55 -95.25
C SER NA 4 6.02 -80.03 -95.47
N PRO NA 5 4.95 -80.73 -94.99
CA PRO NA 5 3.60 -80.16 -95.00
C PRO NA 5 3.48 -78.93 -94.11
N GLU NA 6 2.66 -77.97 -94.54
CA GLU NA 6 2.58 -76.66 -93.88
C GLU NA 6 1.15 -76.12 -93.95
N GLY NA 7 0.76 -75.33 -92.93
CA GLY NA 7 -0.53 -74.64 -92.93
C GLY NA 7 -0.63 -73.63 -94.08
N ILE NA 8 -1.84 -73.41 -94.59
CA ILE NA 8 -2.08 -72.41 -95.63
C ILE NA 8 -3.18 -71.46 -95.14
N TRP NA 9 -2.92 -70.16 -95.26
CA TRP NA 9 -3.85 -69.14 -94.83
C TRP NA 9 -4.70 -68.69 -96.02
N SER NA 10 -6.03 -68.77 -95.90
CA SER NA 10 -6.95 -68.54 -97.02
C SER NA 10 -6.76 -67.16 -97.66
N ASN NA 11 -6.58 -66.14 -96.82
CA ASN NA 11 -6.54 -64.75 -97.26
C ASN NA 11 -5.23 -64.41 -98.02
N SER NA 12 -4.29 -65.36 -98.09
CA SER NA 12 -3.03 -65.20 -98.83
C SER NA 12 -3.19 -65.53 -100.32
N GLY NA 13 -4.31 -66.16 -100.70
CA GLY NA 13 -4.50 -66.67 -102.05
C GLY NA 13 -4.88 -65.59 -103.06
N ALA NA 14 -4.32 -65.71 -104.28
CA ALA NA 14 -4.72 -64.90 -105.43
C ALA NA 14 -5.29 -65.81 -106.52
N LEU NA 15 -6.58 -65.60 -106.84
CA LEU NA 15 -7.29 -66.36 -107.85
C LEU NA 15 -7.45 -65.53 -109.13
N THR NA 16 -7.12 -66.13 -110.28
CA THR NA 16 -7.25 -65.48 -111.58
C THR NA 16 -7.97 -66.41 -112.57
N PHE NA 17 -8.75 -65.80 -113.47
CA PHE NA 17 -9.39 -66.47 -114.59
C PHE NA 17 -8.78 -65.95 -115.90
N GLU NA 18 -8.56 -66.88 -116.85
CA GLU NA 18 -8.03 -66.52 -118.16
C GLU NA 18 -8.93 -67.10 -119.26
N ASP NA 19 -9.02 -66.36 -120.37
CA ASP NA 19 -9.64 -66.84 -121.60
C ASP NA 19 -8.70 -67.83 -122.28
N PRO NA 20 -9.08 -69.14 -122.46
CA PRO NA 20 -8.20 -70.11 -123.12
C PRO NA 20 -7.89 -69.85 -124.60
N ALA NA 21 -8.56 -68.88 -125.22
CA ALA NA 21 -8.29 -68.49 -126.60
C ALA NA 21 -7.00 -67.64 -126.70
N ASP NA 22 -6.75 -66.79 -125.69
CA ASP NA 22 -5.72 -65.75 -125.72
C ASP NA 22 -4.73 -65.86 -124.55
N ASP NA 23 -5.10 -66.62 -123.50
CA ASP NA 23 -4.49 -66.60 -122.18
C ASP NA 23 -4.64 -65.24 -121.47
N SER NA 24 -5.54 -64.36 -121.96
CA SER NA 24 -5.73 -63.02 -121.38
C SER NA 24 -6.56 -63.13 -120.10
N GLU NA 25 -6.25 -62.28 -119.11
CA GLU NA 25 -6.97 -62.28 -117.85
C GLU NA 25 -8.38 -61.72 -118.02
N ILE NA 26 -9.36 -62.40 -117.39
CA ILE NA 26 -10.74 -61.95 -117.24
C ILE NA 26 -10.87 -61.39 -115.82
N LEU NA 27 -11.31 -60.14 -115.70
CA LEU NA 27 -11.31 -59.43 -114.43
C LEU NA 27 -12.27 -60.09 -113.45
N PHE NA 28 -11.71 -60.54 -112.32
CA PHE NA 28 -12.43 -61.23 -111.25
C PHE NA 28 -11.75 -60.90 -109.93
N ALA NA 29 -12.55 -60.66 -108.88
CA ALA NA 29 -12.02 -60.16 -107.62
C ALA NA 29 -12.99 -60.43 -106.46
N GLY NA 30 -12.48 -60.29 -105.23
CA GLY NA 30 -13.29 -60.23 -104.02
C GLY NA 30 -13.82 -61.59 -103.55
N VAL NA 31 -13.02 -62.66 -103.76
CA VAL NA 31 -13.36 -64.01 -103.30
C VAL NA 31 -13.42 -64.04 -101.77
N ARG NA 32 -14.26 -64.95 -101.25
CA ARG NA 32 -14.39 -65.22 -99.83
C ARG NA 32 -14.12 -66.70 -99.56
N ASP NA 33 -14.68 -67.58 -100.41
CA ASP NA 33 -14.40 -69.02 -100.38
C ASP NA 33 -13.94 -69.49 -101.76
N VAL NA 34 -13.00 -70.46 -101.79
CA VAL NA 34 -12.54 -71.12 -103.02
C VAL NA 34 -12.24 -72.59 -102.68
N THR NA 35 -12.98 -73.51 -103.28
CA THR NA 35 -12.69 -74.93 -103.18
C THR NA 35 -12.41 -75.52 -104.56
N ILE NA 36 -11.25 -76.19 -104.70
CA ILE NA 36 -10.88 -76.89 -105.93
C ILE NA 36 -10.61 -78.35 -105.56
N THR NA 37 -11.36 -79.27 -106.17
CA THR NA 37 -11.29 -80.69 -105.84
C THR NA 37 -11.27 -81.53 -107.12
N PRO NA 38 -10.08 -82.00 -107.59
CA PRO NA 38 -10.04 -83.07 -108.60
C PRO NA 38 -10.64 -84.35 -108.04
N ALA NA 39 -11.41 -85.04 -108.89
CA ALA NA 39 -12.18 -86.20 -108.51
C ALA NA 39 -12.21 -87.22 -109.65
N TYR NA 40 -12.39 -88.49 -109.28
CA TYR NA 40 -12.70 -89.56 -110.22
C TYR NA 40 -13.82 -90.40 -109.63
N GLU NA 41 -14.66 -90.97 -110.50
CA GLU NA 41 -15.53 -92.06 -110.11
C GLU NA 41 -14.68 -93.32 -109.92
N HIS NA 42 -14.93 -94.05 -108.81
CA HIS NA 42 -14.27 -95.32 -108.53
C HIS NA 42 -15.25 -96.47 -108.74
N ALA NA 43 -14.75 -97.55 -109.38
CA ALA NA 43 -15.46 -98.82 -109.44
C ALA NA 43 -14.64 -99.90 -108.74
N GLU NA 44 -15.26 -100.57 -107.75
CA GLU NA 44 -14.63 -101.63 -106.96
C GLU NA 44 -15.19 -102.99 -107.40
N LEU NA 45 -14.29 -103.98 -107.58
CA LEU NA 45 -14.70 -105.32 -107.99
C LEU NA 45 -14.80 -106.25 -106.77
N TYR NA 46 -15.96 -106.92 -106.65
CA TYR NA 46 -16.17 -108.00 -105.69
C TYR NA 46 -16.80 -109.20 -106.41
N THR NA 47 -16.40 -110.40 -105.99
CA THR NA 47 -16.87 -111.66 -106.56
C THR NA 47 -17.08 -112.67 -105.41
N ILE NA 48 -17.63 -113.84 -105.72
CA ILE NA 48 -17.87 -114.90 -104.75
C ILE NA 48 -16.55 -115.44 -104.13
N ASP NA 49 -15.40 -115.22 -104.79
CA ASP NA 49 -14.10 -115.73 -104.36
C ASP NA 49 -13.70 -115.21 -102.96
N SER NA 50 -14.04 -113.95 -102.64
CA SER NA 50 -13.56 -113.27 -101.45
C SER NA 50 -14.55 -112.20 -100.99
N THR NA 51 -14.61 -111.95 -99.68
CA THR NA 51 -15.31 -110.82 -99.09
C THR NA 51 -14.55 -109.51 -99.34
N PHE NA 52 -13.23 -109.62 -99.63
CA PHE NA 52 -12.38 -108.47 -99.86
C PHE NA 52 -12.45 -108.05 -101.33
N ARG NA 53 -12.11 -106.77 -101.56
CA ARG NA 53 -12.06 -106.13 -102.86
C ARG NA 53 -10.98 -106.76 -103.75
N ASP NA 54 -11.38 -107.22 -104.94
CA ASP NA 54 -10.47 -107.76 -105.96
C ASP NA 54 -9.66 -106.64 -106.62
N GLU NA 55 -10.37 -105.56 -107.02
CA GLU NA 55 -9.79 -104.47 -107.81
C GLU NA 55 -10.50 -103.15 -107.49
N VAL NA 56 -9.82 -102.04 -107.79
CA VAL NA 56 -10.44 -100.71 -107.85
C VAL NA 56 -9.82 -99.89 -108.99
N LYS NA 57 -10.65 -99.11 -109.70
CA LYS NA 57 -10.26 -98.37 -110.90
C LYS NA 57 -10.91 -96.98 -110.93
N ARG NA 58 -10.22 -96.02 -111.58
CA ARG NA 58 -10.67 -94.65 -111.80
C ARG NA 58 -11.32 -94.52 -113.18
N TYR NA 59 -12.32 -93.63 -113.27
CA TYR NA 59 -12.88 -93.14 -114.52
C TYR NA 59 -13.59 -91.80 -114.28
N GLU NA 60 -14.04 -91.15 -115.37
CA GLU NA 60 -14.92 -89.99 -115.34
C GLU NA 60 -14.32 -88.85 -114.48
N HIS NA 61 -13.13 -88.40 -114.87
CA HIS NA 61 -12.40 -87.37 -114.16
C HIS NA 61 -13.08 -86.01 -114.38
N ASN NA 62 -13.15 -85.22 -113.30
CA ASN NA 62 -13.48 -83.81 -113.37
C ASN NA 62 -12.83 -83.10 -112.19
N VAL NA 63 -12.75 -81.76 -112.27
CA VAL NA 63 -12.33 -80.94 -111.14
C VAL NA 63 -13.56 -80.14 -110.70
N ASN NA 64 -14.04 -80.42 -109.48
CA ASN NA 64 -15.10 -79.60 -108.89
C ASN NA 64 -14.50 -78.27 -108.44
N VAL NA 65 -15.04 -77.17 -108.99
CA VAL NA 65 -14.64 -75.81 -108.62
C VAL NA 65 -15.87 -75.13 -108.03
N GLU NA 66 -15.74 -74.63 -106.79
CA GLU NA 66 -16.78 -73.79 -106.22
C GLU NA 66 -16.17 -72.56 -105.56
N ILE NA 67 -16.72 -71.38 -105.90
CA ILE NA 67 -16.17 -70.08 -105.53
C ILE NA 67 -17.31 -69.22 -104.98
N THR NA 68 -17.08 -68.61 -103.81
CA THR NA 68 -17.97 -67.58 -103.29
C THR NA 68 -17.23 -66.24 -103.31
N TYR NA 69 -17.89 -65.19 -103.82
CA TYR NA 69 -17.23 -63.91 -104.02
C TYR NA 69 -18.23 -62.77 -103.86
N ALA NA 70 -17.71 -61.55 -103.60
CA ALA NA 70 -18.55 -60.43 -103.16
C ALA NA 70 -18.32 -59.13 -103.95
N LYS NA 71 -17.51 -59.19 -105.02
CA LYS NA 71 -17.37 -58.09 -105.97
C LYS NA 71 -17.86 -58.57 -107.34
N PHE NA 72 -18.87 -57.88 -107.89
CA PHE NA 72 -19.46 -58.26 -109.16
C PHE NA 72 -18.55 -57.84 -110.31
N SER NA 73 -18.39 -58.74 -111.30
CA SER NA 73 -17.64 -58.45 -112.52
C SER NA 73 -18.57 -58.53 -113.74
N LEU NA 74 -18.68 -57.39 -114.44
CA LEU NA 74 -19.40 -57.31 -115.70
C LEU NA 74 -18.71 -58.15 -116.78
N GLU NA 75 -17.37 -58.11 -116.83
CA GLU NA 75 -16.63 -58.85 -117.84
C GLU NA 75 -16.88 -60.36 -117.70
N PHE NA 76 -16.75 -60.89 -116.48
CA PHE NA 76 -16.95 -62.32 -116.22
C PHE NA 76 -18.35 -62.77 -116.63
N ALA NA 77 -19.37 -61.97 -116.27
CA ALA NA 77 -20.76 -62.27 -116.58
C ALA NA 77 -21.02 -62.22 -118.09
N GLN NA 78 -20.49 -61.20 -118.77
CA GLN NA 78 -20.69 -61.03 -120.22
C GLN NA 78 -19.93 -62.08 -121.03
N GLU NA 79 -18.78 -62.55 -120.49
CA GLU NA 79 -18.02 -63.66 -121.05
C GLU NA 79 -18.83 -64.96 -120.94
N TRP NA 80 -19.45 -65.18 -119.77
CA TRP NA 80 -20.27 -66.37 -119.53
C TRP NA 80 -21.49 -66.40 -120.45
N LEU NA 81 -22.12 -65.23 -120.66
CA LEU NA 81 -23.28 -65.12 -121.54
C LEU NA 81 -22.88 -65.42 -122.99
N GLY NA 82 -21.73 -64.89 -123.43
CA GLY NA 82 -21.31 -64.89 -124.83
C GLY NA 82 -20.82 -66.25 -125.34
N GLY NA 83 -20.40 -67.13 -124.43
CA GLY NA 83 -19.78 -68.40 -124.81
C GLY NA 83 -18.35 -68.20 -125.33
N PRO NA 84 -17.68 -69.27 -125.85
CA PRO NA 84 -16.28 -69.20 -126.25
C PRO NA 84 -15.97 -68.10 -127.27
N GLY NA 85 -14.98 -67.25 -126.94
CA GLY NA 85 -14.42 -66.24 -127.83
C GLY NA 85 -15.34 -65.07 -128.14
N ALA NA 86 -16.36 -64.83 -127.30
CA ALA NA 86 -17.29 -63.72 -127.49
C ALA NA 86 -17.86 -63.23 -126.15
N THR NA 87 -18.24 -61.95 -126.09
CA THR NA 87 -19.01 -61.38 -124.98
C THR NA 87 -20.40 -61.00 -125.46
N ALA NA 88 -21.41 -61.18 -124.59
CA ALA NA 88 -22.79 -60.78 -124.88
C ALA NA 88 -23.44 -60.08 -123.68
N THR NA 89 -24.40 -59.18 -123.98
CA THR NA 89 -25.19 -58.48 -122.98
C THR NA 89 -26.54 -59.16 -122.75
N ALA NA 90 -26.78 -60.30 -123.41
CA ALA NA 90 -28.04 -61.04 -123.30
C ALA NA 90 -27.74 -62.55 -123.43
N SER NA 91 -28.67 -63.40 -122.96
CA SER NA 91 -28.58 -64.85 -123.15
C SER NA 91 -28.37 -65.16 -124.63
N GLN NA 92 -27.47 -66.12 -124.91
CA GLN NA 92 -27.22 -66.58 -126.26
C GLN NA 92 -27.86 -67.96 -126.46
N ASP NA 93 -28.56 -68.11 -127.60
CA ASP NA 93 -29.21 -69.36 -127.97
C ASP NA 93 -28.21 -70.23 -128.74
N ASP NA 94 -27.21 -70.77 -128.03
CA ASP NA 94 -26.22 -71.70 -128.60
C ASP NA 94 -25.68 -72.66 -127.55
N SER NA 95 -25.05 -73.74 -128.06
CA SER NA 95 -24.77 -74.96 -127.31
C SER NA 95 -23.40 -74.97 -126.60
N ASP NA 96 -22.51 -74.01 -126.89
CA ASP NA 96 -21.16 -74.02 -126.33
C ASP NA 96 -21.09 -73.17 -125.05
N PRO NA 97 -20.76 -73.74 -123.87
CA PRO NA 97 -20.55 -72.92 -122.67
C PRO NA 97 -19.20 -72.23 -122.75
N MET NA 98 -19.10 -71.06 -122.11
CA MET NA 98 -17.82 -70.39 -121.93
C MET NA 98 -16.91 -71.26 -121.05
N LYS NA 99 -15.70 -71.53 -121.56
CA LYS NA 99 -14.68 -72.29 -120.85
C LYS NA 99 -13.64 -71.31 -120.32
N PHE NA 100 -13.39 -71.37 -119.01
CA PHE NA 100 -12.40 -70.52 -118.36
C PHE NA 100 -11.20 -71.38 -117.96
N ASN NA 101 -9.98 -70.86 -118.16
CA ASN NA 101 -8.83 -71.36 -117.43
C ASN NA 101 -8.81 -70.67 -116.06
N LEU NA 102 -8.39 -71.41 -115.03
CA LEU NA 102 -8.38 -70.92 -113.67
C LEU NA 102 -7.00 -71.19 -113.06
N GLU NA 103 -6.48 -70.23 -112.30
CA GLU NA 103 -5.26 -70.43 -111.52
C GLU NA 103 -5.40 -69.78 -110.15
N ASN NA 104 -5.01 -70.52 -109.11
CA ASN NA 104 -4.96 -70.01 -107.75
C ASN NA 104 -3.54 -70.18 -107.20
N VAL NA 105 -2.96 -69.08 -106.67
CA VAL NA 105 -1.61 -69.09 -106.13
C VAL NA 105 -1.65 -68.71 -104.64
N THR NA 106 -1.06 -69.56 -103.79
CA THR NA 106 -1.03 -69.34 -102.35
C THR NA 106 0.39 -69.60 -101.81
N PRO NA 107 1.00 -68.63 -101.09
CA PRO NA 107 2.12 -68.95 -100.16
C PRO NA 107 1.60 -69.85 -99.04
N SER NA 108 2.48 -70.74 -98.55
CA SER NA 108 2.23 -71.45 -97.30
C SER NA 108 2.42 -70.48 -96.14
N ALA NA 109 1.89 -70.83 -94.95
CA ALA NA 109 1.77 -69.88 -93.84
C ALA NA 109 3.13 -69.41 -93.31
N SER NA 110 4.15 -70.29 -93.31
CA SER NA 110 5.51 -69.96 -92.88
C SER NA 110 6.46 -69.75 -94.06
N GLY NA 111 5.91 -69.67 -95.29
CA GLY NA 111 6.69 -69.40 -96.51
C GLY NA 111 7.57 -70.58 -96.96
N GLY NA 112 7.29 -71.80 -96.48
CA GLY NA 112 8.01 -73.00 -96.86
C GLY NA 112 7.90 -73.36 -98.35
N PHE NA 113 6.78 -72.98 -98.98
CA PHE NA 113 6.51 -73.19 -100.41
C PHE NA 113 5.46 -72.20 -100.92
N GLU NA 114 5.32 -72.09 -102.25
CA GLU NA 114 4.21 -71.37 -102.86
C GLU NA 114 3.44 -72.35 -103.76
N ARG NA 115 2.25 -72.76 -103.30
CA ARG NA 115 1.43 -73.71 -104.04
C ARG NA 115 0.66 -72.99 -105.16
N THR NA 116 0.90 -73.41 -106.42
CA THR NA 116 0.11 -73.01 -107.57
C THR NA 116 -0.80 -74.16 -107.98
N THR NA 117 -2.12 -73.91 -108.04
CA THR NA 117 -3.09 -74.82 -108.64
C THR NA 117 -3.62 -74.21 -109.93
N ALA NA 118 -3.58 -74.97 -111.03
CA ALA NA 118 -4.16 -74.54 -112.31
C ALA NA 118 -5.12 -75.59 -112.86
N VAL NA 119 -6.29 -75.12 -113.35
CA VAL NA 119 -7.37 -75.96 -113.85
C VAL NA 119 -7.77 -75.47 -115.25
N GLU NA 120 -7.90 -76.40 -116.21
CA GLU NA 120 -8.32 -76.06 -117.56
C GLU NA 120 -9.84 -76.17 -117.70
N ASN NA 121 -10.42 -75.38 -118.61
CA ASN NA 121 -11.76 -75.55 -119.17
C ASN NA 121 -12.82 -75.73 -118.08
N VAL NA 122 -12.81 -74.82 -117.10
CA VAL NA 122 -13.87 -74.74 -116.09
C VAL NA 122 -15.12 -74.16 -116.76
N VAL NA 123 -16.25 -74.84 -116.59
CA VAL NA 123 -17.55 -74.37 -117.07
C VAL NA 123 -18.51 -74.30 -115.88
N PHE NA 124 -19.40 -73.29 -115.90
CA PHE NA 124 -20.37 -73.06 -114.84
C PHE NA 124 -21.78 -73.25 -115.42
N PRO NA 125 -22.57 -74.27 -114.96
CA PRO NA 125 -23.95 -74.45 -115.44
C PRO NA 125 -24.89 -73.27 -115.20
N GLU NA 126 -24.63 -72.49 -114.13
CA GLU NA 126 -25.44 -71.33 -113.82
C GLU NA 126 -24.57 -70.20 -113.27
N LEU NA 127 -25.00 -68.97 -113.56
CA LEU NA 127 -24.30 -67.76 -113.18
C LEU NA 127 -25.25 -66.89 -112.36
N PRO NA 128 -24.97 -66.60 -111.06
CA PRO NA 128 -25.80 -65.66 -110.31
C PRO NA 128 -25.50 -64.23 -110.77
N LEU NA 129 -26.50 -63.59 -111.41
CA LEU NA 129 -26.36 -62.20 -111.81
C LEU NA 129 -26.62 -61.29 -110.62
N ASP NA 130 -27.76 -61.49 -109.97
CA ASP NA 130 -28.17 -60.71 -108.81
C ASP NA 130 -28.33 -61.66 -107.62
N SER NA 131 -27.88 -61.20 -106.44
CA SER NA 131 -27.88 -62.01 -105.22
C SER NA 131 -28.07 -61.09 -104.01
N ALA NA 132 -29.13 -60.28 -104.05
CA ALA NA 132 -29.40 -59.25 -103.06
C ALA NA 132 -30.08 -59.85 -101.83
N THR NA 133 -29.56 -59.51 -100.64
CA THR NA 133 -30.20 -59.78 -99.36
C THR NA 133 -30.13 -58.51 -98.51
N TYR NA 134 -31.27 -58.14 -97.92
CA TYR NA 134 -31.43 -56.93 -97.14
C TYR NA 134 -30.35 -56.82 -96.04
N GLY NA 135 -29.64 -55.67 -96.02
CA GLY NA 135 -28.61 -55.39 -95.02
C GLY NA 135 -27.28 -56.11 -95.26
N GLU NA 136 -27.08 -56.67 -96.48
CA GLU NA 136 -25.86 -57.38 -96.83
C GLU NA 136 -25.38 -56.92 -98.21
N TYR NA 137 -24.07 -57.06 -98.45
CA TYR NA 137 -23.52 -56.97 -99.80
C TYR NA 137 -23.99 -58.20 -100.59
N GLU NA 138 -24.16 -58.02 -101.91
CA GLU NA 138 -24.48 -59.14 -102.79
C GLU NA 138 -23.32 -60.15 -102.75
N GLU NA 139 -23.66 -61.42 -102.46
CA GLU NA 139 -22.69 -62.50 -102.38
C GLU NA 139 -23.06 -63.56 -103.41
N TYR NA 140 -22.09 -63.90 -104.28
CA TYR NA 140 -22.30 -64.77 -105.44
C TYR NA 140 -21.60 -66.10 -105.21
N SER NA 141 -22.30 -67.21 -105.48
CA SER NA 141 -21.68 -68.54 -105.46
C SER NA 141 -21.70 -69.17 -106.85
N LEU NA 142 -20.50 -69.50 -107.35
CA LEU NA 142 -20.30 -70.30 -108.55
C LEU NA 142 -20.06 -71.76 -108.16
N THR NA 143 -20.65 -72.68 -108.93
CA THR NA 143 -20.26 -74.09 -108.93
C THR NA 143 -20.05 -74.53 -110.37
N GLY NA 144 -18.92 -75.20 -110.65
CA GLY NA 144 -18.58 -75.58 -112.01
C GLY NA 144 -17.59 -76.75 -112.06
N SER NA 145 -17.39 -77.29 -113.28
CA SER NA 145 -16.53 -78.43 -113.49
C SER NA 145 -15.40 -78.10 -114.48
N GLY NA 146 -14.15 -78.21 -113.98
CA GLY NA 146 -12.95 -78.18 -114.82
C GLY NA 146 -12.66 -79.57 -115.42
N ARG NA 147 -11.96 -79.59 -116.55
CA ARG NA 147 -11.66 -80.82 -117.26
C ARG NA 147 -10.53 -81.59 -116.55
N SER NA 148 -9.45 -80.87 -116.18
CA SER NA 148 -8.28 -81.46 -115.53
C SER NA 148 -7.46 -80.40 -114.78
N VAL NA 149 -6.62 -80.86 -113.85
CA VAL NA 149 -5.60 -80.05 -113.20
C VAL NA 149 -4.37 -80.03 -114.13
N THR NA 150 -4.03 -78.84 -114.67
CA THR NA 150 -2.91 -78.72 -115.59
C THR NA 150 -1.60 -78.46 -114.82
N ASN NA 151 -1.70 -77.93 -113.59
CA ASN NA 151 -0.53 -77.73 -112.75
C ASN NA 151 -0.91 -77.83 -111.28
N LEU NA 152 -0.08 -78.55 -110.52
CA LEU NA 152 -0.01 -78.47 -109.06
C LEU NA 152 1.46 -78.59 -108.64
N ALA NA 153 2.08 -77.44 -108.31
CA ALA NA 153 3.50 -77.40 -108.05
C ALA NA 153 3.84 -76.31 -107.02
N ASP NA 154 5.00 -76.47 -106.37
CA ASP NA 154 5.65 -75.40 -105.64
C ASP NA 154 6.32 -74.47 -106.64
N THR NA 155 5.81 -73.23 -106.74
CA THR NA 155 6.30 -72.23 -107.68
C THR NA 155 7.20 -71.19 -107.01
N SER NA 156 7.57 -71.40 -105.74
CA SER NA 156 8.55 -70.55 -105.06
C SER NA 156 9.92 -70.72 -105.71
N GLY NA 157 10.79 -69.70 -105.56
CA GLY NA 157 12.10 -69.65 -106.21
C GLY NA 157 13.02 -70.77 -105.78
N ALA OA 2 -11.80 -52.60 -119.93
CA ALA OA 2 -12.77 -53.32 -119.05
C ALA OA 2 -12.99 -52.54 -117.75
N THR OA 3 -14.04 -52.90 -117.01
CA THR OA 3 -14.45 -52.23 -115.78
C THR OA 3 -14.05 -53.09 -114.57
N SER OA 4 -13.40 -52.47 -113.57
CA SER OA 4 -12.95 -53.15 -112.36
C SER OA 4 -14.14 -53.79 -111.63
N PRO OA 5 -14.02 -55.04 -111.12
CA PRO OA 5 -15.07 -55.62 -110.26
C PRO OA 5 -15.23 -54.79 -108.98
N GLU OA 6 -16.47 -54.69 -108.49
CA GLU OA 6 -16.79 -53.80 -107.38
C GLU OA 6 -17.90 -54.42 -106.52
N GLY OA 7 -17.88 -54.14 -105.21
CA GLY OA 7 -18.94 -54.55 -104.30
C GLY OA 7 -20.29 -53.95 -104.72
N ILE OA 8 -21.38 -54.70 -104.46
CA ILE OA 8 -22.73 -54.20 -104.70
C ILE OA 8 -23.52 -54.32 -103.40
N TRP OA 9 -24.20 -53.23 -103.05
CA TRP OA 9 -24.96 -53.14 -101.81
C TRP OA 9 -26.44 -53.45 -102.12
N SER OA 10 -27.02 -54.43 -101.40
CA SER OA 10 -28.35 -54.94 -101.73
C SER OA 10 -29.42 -53.85 -101.68
N ASN OA 11 -29.33 -52.96 -100.68
CA ASN OA 11 -30.35 -51.95 -100.42
C ASN OA 11 -30.32 -50.82 -101.46
N SER OA 12 -29.35 -50.83 -102.40
CA SER OA 12 -29.27 -49.84 -103.48
C SER OA 12 -30.15 -50.22 -104.68
N GLY OA 13 -30.67 -51.46 -104.71
CA GLY OA 13 -31.35 -51.98 -105.89
C GLY OA 13 -32.79 -51.49 -106.03
N ALA OA 14 -33.17 -51.19 -107.29
CA ALA OA 14 -34.54 -50.87 -107.67
C ALA OA 14 -35.08 -51.94 -108.61
N LEU OA 15 -36.09 -52.70 -108.14
CA LEU OA 15 -36.73 -53.78 -108.90
C LEU OA 15 -38.08 -53.30 -109.43
N THR OA 16 -38.35 -53.57 -110.72
CA THR OA 16 -39.60 -53.21 -111.37
C THR OA 16 -40.11 -54.37 -112.22
N PHE OA 17 -41.44 -54.49 -112.29
CA PHE OA 17 -42.13 -55.44 -113.16
C PHE OA 17 -42.93 -54.68 -114.22
N GLU OA 18 -42.94 -55.22 -115.45
CA GLU OA 18 -43.72 -54.64 -116.54
C GLU OA 18 -44.56 -55.72 -117.22
N ASP OA 19 -45.73 -55.32 -117.73
CA ASP OA 19 -46.57 -56.14 -118.57
C ASP OA 19 -45.95 -56.19 -119.98
N PRO OA 20 -45.53 -57.37 -120.50
CA PRO OA 20 -44.94 -57.46 -121.85
C PRO OA 20 -45.88 -57.12 -123.02
N ALA OA 21 -47.17 -56.92 -122.75
CA ALA OA 21 -48.11 -56.44 -123.75
C ALA OA 21 -47.96 -54.94 -124.00
N ASP OA 22 -47.55 -54.18 -122.97
CA ASP OA 22 -47.63 -52.73 -122.92
C ASP OA 22 -46.27 -52.07 -122.68
N ASP OA 23 -45.39 -52.77 -121.95
CA ASP OA 23 -44.27 -52.19 -121.20
C ASP OA 23 -44.74 -51.26 -120.08
N SER OA 24 -46.01 -51.36 -119.65
CA SER OA 24 -46.55 -50.59 -118.52
C SER OA 24 -46.12 -51.23 -117.21
N GLU OA 25 -45.81 -50.40 -116.19
CA GLU OA 25 -45.35 -50.89 -114.89
C GLU OA 25 -46.50 -51.53 -114.11
N ILE OA 26 -46.19 -52.67 -113.48
CA ILE OA 26 -47.05 -53.33 -112.49
C ILE OA 26 -46.49 -52.97 -111.12
N LEU OA 27 -47.35 -52.39 -110.25
CA LEU OA 27 -46.91 -51.85 -108.96
C LEU OA 27 -46.39 -52.98 -108.06
N PHE OA 28 -45.11 -52.85 -107.67
CA PHE OA 28 -44.43 -53.83 -106.83
C PHE OA 28 -43.39 -53.11 -105.98
N ALA OA 29 -43.26 -53.50 -104.71
CA ALA OA 29 -42.45 -52.75 -103.75
C ALA OA 29 -42.07 -53.62 -102.55
N GLY OA 30 -41.11 -53.12 -101.75
CA GLY OA 30 -40.80 -53.65 -100.43
C GLY OA 30 -40.02 -54.97 -100.45
N VAL OA 31 -39.13 -55.14 -101.44
CA VAL OA 31 -38.29 -56.33 -101.55
C VAL OA 31 -37.31 -56.40 -100.38
N ARG OA 32 -36.89 -57.63 -100.05
CA ARG OA 32 -35.95 -57.91 -98.98
C ARG OA 32 -34.83 -58.84 -99.50
N ASP OA 33 -35.20 -59.84 -100.31
CA ASP OA 33 -34.24 -60.65 -101.07
C ASP OA 33 -34.60 -60.62 -102.55
N VAL OA 34 -33.57 -60.60 -103.44
CA VAL OA 34 -33.73 -60.76 -104.88
C VAL OA 34 -32.56 -61.58 -105.41
N THR OA 35 -32.84 -62.79 -105.92
CA THR OA 35 -31.84 -63.61 -106.60
C THR OA 35 -32.27 -63.85 -108.05
N ILE OA 36 -31.36 -63.55 -108.99
CA ILE OA 36 -31.56 -63.78 -110.41
C ILE OA 36 -30.38 -64.60 -110.93
N THR OA 37 -30.68 -65.78 -111.47
CA THR OA 37 -29.67 -66.75 -111.89
C THR OA 37 -30.04 -67.31 -113.26
N PRO OA 38 -29.45 -66.82 -114.38
CA PRO OA 38 -29.46 -67.57 -115.64
C PRO OA 38 -28.72 -68.90 -115.49
N ALA OA 39 -29.34 -69.96 -116.04
CA ALA OA 39 -28.85 -71.33 -115.92
C ALA OA 39 -29.06 -72.07 -117.24
N TYR OA 40 -28.18 -73.04 -117.50
CA TYR OA 40 -28.40 -74.03 -118.55
C TYR OA 40 -28.15 -75.41 -117.93
N GLU OA 41 -28.84 -76.43 -118.47
CA GLU OA 41 -28.41 -77.81 -118.24
C GLU OA 41 -27.14 -78.08 -119.05
N HIS OA 42 -26.18 -78.80 -118.45
CA HIS OA 42 -24.96 -79.24 -119.14
C HIS OA 42 -24.99 -80.75 -119.36
N ALA OA 43 -24.48 -81.19 -120.52
CA ALA OA 43 -24.18 -82.60 -120.75
C ALA OA 43 -22.70 -82.76 -121.12
N GLU OA 44 -22.00 -83.66 -120.39
CA GLU OA 44 -20.57 -83.92 -120.56
C GLU OA 44 -20.37 -85.28 -121.25
N LEU OA 45 -19.57 -85.31 -122.33
CA LEU OA 45 -19.31 -86.55 -123.06
C LEU OA 45 -18.07 -87.24 -122.49
N TYR OA 46 -18.26 -88.51 -122.10
CA TYR OA 46 -17.18 -89.42 -121.72
C TYR OA 46 -17.29 -90.72 -122.50
N THR OA 47 -16.13 -91.26 -122.92
CA THR OA 47 -16.04 -92.50 -123.69
C THR OA 47 -14.88 -93.33 -123.12
N ILE OA 48 -14.69 -94.54 -123.69
CA ILE OA 48 -13.64 -95.47 -123.26
C ILE OA 48 -12.25 -94.95 -123.67
N ASP OA 49 -12.19 -93.99 -124.62
CA ASP OA 49 -10.93 -93.43 -125.13
C ASP OA 49 -10.08 -92.77 -124.04
N SER OA 50 -10.73 -92.11 -123.07
CA SER OA 50 -10.08 -91.25 -122.10
C SER OA 50 -10.92 -91.15 -120.83
N THR OA 51 -10.26 -91.01 -119.68
CA THR OA 51 -10.91 -90.69 -118.40
C THR OA 51 -11.33 -89.22 -118.36
N PHE OA 52 -10.77 -88.39 -119.25
CA PHE OA 52 -11.09 -86.97 -119.30
C PHE OA 52 -12.32 -86.75 -120.17
N ARG OA 53 -12.99 -85.61 -119.93
CA ARG OA 53 -14.17 -85.15 -120.65
C ARG OA 53 -13.80 -84.85 -122.12
N ASP OA 54 -14.54 -85.45 -123.06
CA ASP OA 54 -14.38 -85.20 -124.48
C ASP OA 54 -15.00 -83.85 -124.87
N GLU OA 55 -16.24 -83.61 -124.40
CA GLU OA 55 -17.03 -82.44 -124.76
C GLU OA 55 -17.91 -82.02 -123.58
N VAL OA 56 -18.35 -80.75 -123.60
CA VAL OA 56 -19.45 -80.28 -122.76
C VAL OA 56 -20.33 -79.30 -123.56
N LYS OA 57 -21.65 -79.41 -123.36
CA LYS OA 57 -22.64 -78.63 -124.12
C LYS OA 57 -23.75 -78.11 -123.21
N ARG OA 58 -24.29 -76.92 -123.55
CA ARG OA 58 -25.44 -76.29 -122.92
C ARG OA 58 -26.72 -76.73 -123.63
N TYR OA 59 -27.85 -76.81 -122.89
CA TYR OA 59 -29.17 -76.89 -123.52
C TYR OA 59 -30.23 -76.07 -122.80
N GLU OA 60 -30.89 -76.67 -121.78
CA GLU OA 60 -32.22 -76.24 -121.36
C GLU OA 60 -32.14 -74.93 -120.55
N HIS OA 61 -32.21 -73.79 -121.27
CA HIS OA 61 -31.99 -72.48 -120.67
C HIS OA 61 -33.23 -71.99 -119.93
N ASN OA 62 -32.99 -71.37 -118.76
CA ASN OA 62 -33.98 -70.57 -118.06
C ASN OA 62 -33.24 -69.58 -117.15
N VAL OA 63 -33.99 -68.60 -116.63
CA VAL OA 63 -33.49 -67.72 -115.60
C VAL OA 63 -34.29 -68.00 -114.32
N ASN OA 64 -33.63 -68.54 -113.30
CA ASN OA 64 -34.26 -68.68 -112.00
C ASN OA 64 -34.40 -67.30 -111.37
N VAL OA 65 -35.64 -66.93 -111.00
CA VAL OA 65 -35.94 -65.70 -110.30
C VAL OA 65 -36.57 -66.09 -108.95
N GLU OA 66 -35.98 -65.61 -107.86
CA GLU OA 66 -36.65 -65.73 -106.56
C GLU OA 66 -36.54 -64.41 -105.81
N ILE OA 67 -37.69 -63.97 -105.25
CA ILE OA 67 -37.84 -62.66 -104.63
C ILE OA 67 -38.55 -62.88 -103.29
N THR OA 68 -38.00 -62.28 -102.24
CA THR OA 68 -38.71 -62.15 -100.97
C THR OA 68 -39.06 -60.67 -100.76
N TYR OA 69 -40.33 -60.40 -100.37
CA TYR OA 69 -40.83 -59.03 -100.27
C TYR OA 69 -41.89 -58.95 -99.17
N ALA OA 70 -42.15 -57.72 -98.68
CA ALA OA 70 -42.94 -57.52 -97.47
C ALA OA 70 -44.05 -56.44 -97.61
N LYS OA 71 -44.19 -55.85 -98.81
CA LYS OA 71 -45.34 -55.01 -99.13
C LYS OA 71 -46.22 -55.75 -100.16
N PHE OA 72 -47.48 -55.99 -99.77
CA PHE OA 72 -48.40 -56.72 -100.64
C PHE OA 72 -48.90 -55.80 -101.76
N SER OA 73 -48.99 -56.34 -102.99
CA SER OA 73 -49.53 -55.61 -104.13
C SER OA 73 -50.77 -56.35 -104.65
N LEU OA 74 -51.92 -55.65 -104.63
CA LEU OA 74 -53.16 -56.18 -105.20
C LEU OA 74 -53.02 -56.35 -106.71
N GLU OA 75 -52.40 -55.36 -107.38
CA GLU OA 75 -52.26 -55.38 -108.83
C GLU OA 75 -51.44 -56.59 -109.28
N PHE OA 76 -50.30 -56.84 -108.62
CA PHE OA 76 -49.42 -57.95 -108.98
C PHE OA 76 -50.16 -59.29 -108.85
N ALA OA 77 -50.93 -59.44 -107.75
CA ALA OA 77 -51.68 -60.66 -107.47
C ALA OA 77 -52.81 -60.87 -108.48
N GLN OA 78 -53.51 -59.78 -108.84
CA GLN OA 78 -54.64 -59.84 -109.76
C GLN OA 78 -54.17 -60.04 -111.21
N GLU OA 79 -52.98 -59.52 -111.54
CA GLU OA 79 -52.33 -59.76 -112.83
C GLU OA 79 -51.98 -61.25 -112.96
N TRP OA 80 -51.44 -61.84 -111.87
CA TRP OA 80 -51.10 -63.25 -111.82
C TRP OA 80 -52.33 -64.15 -111.97
N LEU OA 81 -53.43 -63.79 -111.26
CA LEU OA 81 -54.68 -64.55 -111.34
C LEU OA 81 -55.26 -64.51 -112.76
N GLY OA 82 -55.22 -63.31 -113.38
CA GLY OA 82 -55.89 -63.07 -114.67
C GLY OA 82 -55.21 -63.71 -115.87
N GLY OA 83 -53.89 -63.97 -115.78
CA GLY OA 83 -53.12 -64.42 -116.94
C GLY OA 83 -52.83 -63.28 -117.92
N PRO OA 84 -52.22 -63.57 -119.11
CA PRO OA 84 -51.79 -62.51 -120.04
C PRO OA 84 -52.90 -61.53 -120.46
N GLY OA 85 -52.62 -60.23 -120.27
CA GLY OA 85 -53.44 -59.13 -120.75
C GLY OA 85 -54.77 -58.94 -120.00
N ALA OA 86 -54.91 -59.52 -118.81
CA ALA OA 86 -56.12 -59.36 -118.00
C ALA OA 86 -55.82 -59.46 -116.50
N THR OA 87 -56.63 -58.76 -115.69
CA THR OA 87 -56.66 -58.91 -114.24
C THR OA 87 -57.94 -59.62 -113.81
N ALA OA 88 -57.83 -60.48 -112.79
CA ALA OA 88 -58.99 -61.17 -112.23
C ALA OA 88 -58.96 -61.10 -110.69
N THR OA 89 -60.15 -61.15 -110.08
CA THR OA 89 -60.31 -61.18 -108.62
C THR OA 89 -60.52 -62.62 -108.10
N ALA OA 90 -60.37 -63.61 -108.99
CA ALA OA 90 -60.58 -65.02 -108.66
C ALA OA 90 -59.70 -65.88 -109.57
N SER OA 91 -59.42 -67.13 -109.17
CA SER OA 91 -58.70 -68.09 -110.01
C SER OA 91 -59.37 -68.20 -111.37
N GLN OA 92 -58.55 -68.21 -112.43
CA GLN OA 92 -59.04 -68.41 -113.78
C GLN OA 92 -58.74 -69.83 -114.24
N ASP OA 93 -59.77 -70.49 -114.79
CA ASP OA 93 -59.65 -71.83 -115.34
C ASP OA 93 -59.18 -71.73 -116.79
N ASP OA 94 -57.89 -71.44 -116.98
CA ASP OA 94 -57.26 -71.40 -118.30
C ASP OA 94 -55.75 -71.70 -118.21
N SER OA 95 -55.14 -71.98 -119.37
CA SER OA 95 -53.84 -72.62 -119.47
C SER OA 95 -52.66 -71.63 -119.55
N ASP OA 96 -52.91 -70.33 -119.71
CA ASP OA 96 -51.84 -69.36 -119.94
C ASP OA 96 -51.42 -68.70 -118.63
N PRO OA 97 -50.14 -68.85 -118.16
CA PRO OA 97 -49.67 -68.10 -116.99
C PRO OA 97 -49.38 -66.66 -117.39
N MET OA 98 -49.55 -65.74 -116.43
CA MET OA 98 -49.12 -64.36 -116.61
C MET OA 98 -47.59 -64.34 -116.76
N LYS OA 99 -47.11 -63.63 -117.81
CA LYS OA 99 -45.69 -63.47 -118.05
C LYS OA 99 -45.30 -62.04 -117.69
N PHE OA 100 -44.30 -61.89 -116.80
CA PHE OA 100 -43.84 -60.58 -116.37
C PHE OA 100 -42.47 -60.32 -116.99
N ASN OA 101 -42.27 -59.10 -117.51
CA ASN OA 101 -40.93 -58.59 -117.72
C ASN OA 101 -40.41 -58.07 -116.38
N LEU OA 102 -39.13 -58.33 -116.10
CA LEU OA 102 -38.50 -57.93 -114.84
C LEU OA 102 -37.23 -57.15 -115.15
N GLU OA 103 -37.01 -56.05 -114.41
CA GLU OA 103 -35.75 -55.32 -114.47
C GLU OA 103 -35.32 -54.95 -113.05
N ASN OA 104 -34.02 -55.15 -112.78
CA ASN OA 104 -33.39 -54.73 -111.54
C ASN OA 104 -32.19 -53.83 -111.86
N VAL OA 105 -32.13 -52.65 -111.21
CA VAL OA 105 -31.06 -51.68 -111.44
C VAL OA 105 -30.34 -51.40 -110.13
N THR OA 106 -29.01 -51.58 -110.12
CA THR OA 106 -28.18 -51.35 -108.95
C THR OA 106 -26.93 -50.53 -109.31
N PRO OA 107 -26.68 -49.39 -108.63
CA PRO OA 107 -25.33 -48.82 -108.56
C PRO OA 107 -24.37 -49.79 -107.86
N SER OA 108 -23.10 -49.80 -108.31
CA SER OA 108 -22.03 -50.45 -107.57
C SER OA 108 -21.69 -49.61 -106.33
N ALA OA 109 -21.05 -50.21 -105.33
CA ALA OA 109 -20.92 -49.64 -104.00
C ALA OA 109 -20.09 -48.34 -103.98
N SER OA 110 -19.07 -48.24 -104.85
CA SER OA 110 -18.25 -47.03 -104.99
C SER OA 110 -18.60 -46.23 -106.25
N GLY OA 111 -19.74 -46.56 -106.89
CA GLY OA 111 -20.26 -45.82 -108.04
C GLY OA 111 -19.47 -46.02 -109.34
N GLY OA 112 -18.65 -47.09 -109.41
CA GLY OA 112 -17.85 -47.42 -110.59
C GLY OA 112 -18.68 -47.77 -111.83
N PHE OA 113 -19.88 -48.35 -111.61
CA PHE OA 113 -20.81 -48.71 -112.68
C PHE OA 113 -22.24 -48.80 -112.13
N GLU OA 114 -23.23 -48.87 -113.04
CA GLU OA 114 -24.60 -49.16 -112.67
C GLU OA 114 -25.06 -50.42 -113.43
N ARG OA 115 -25.18 -51.54 -112.71
CA ARG OA 115 -25.58 -52.80 -113.31
C ARG OA 115 -27.11 -52.83 -113.47
N THR OA 116 -27.57 -52.97 -114.73
CA THR OA 116 -28.96 -53.28 -115.04
C THR OA 116 -29.06 -54.74 -115.48
N THR OA 117 -29.93 -55.51 -114.81
CA THR OA 117 -30.31 -56.85 -115.21
C THR OA 117 -31.78 -56.85 -115.66
N ALA OA 118 -32.06 -57.37 -116.87
CA ALA OA 118 -33.42 -57.49 -117.36
C ALA OA 118 -33.71 -58.92 -117.82
N VAL OA 119 -34.92 -59.42 -117.47
CA VAL OA 119 -35.34 -60.80 -117.73
C VAL OA 119 -36.72 -60.78 -118.37
N GLU OA 120 -36.90 -61.50 -119.48
CA GLU OA 120 -38.19 -61.58 -120.15
C GLU OA 120 -39.01 -62.75 -119.60
N ASN OA 121 -40.35 -62.59 -119.64
CA ASN OA 121 -41.34 -63.66 -119.53
C ASN OA 121 -41.11 -64.53 -118.28
N VAL OA 122 -40.91 -63.87 -117.13
CA VAL OA 122 -40.87 -64.55 -115.84
C VAL OA 122 -42.29 -65.03 -115.51
N VAL OA 123 -42.40 -66.33 -115.17
CA VAL OA 123 -43.66 -66.94 -114.74
C VAL OA 123 -43.45 -67.51 -113.34
N PHE OA 124 -44.50 -67.46 -112.51
CA PHE OA 124 -44.46 -67.95 -111.14
C PHE OA 124 -45.47 -69.08 -110.99
N PRO OA 125 -45.04 -70.36 -110.75
CA PRO OA 125 -45.99 -71.47 -110.55
C PRO OA 125 -47.00 -71.26 -109.42
N GLU OA 126 -46.57 -70.55 -108.36
CA GLU OA 126 -47.43 -70.31 -107.20
C GLU OA 126 -47.25 -68.87 -106.70
N LEU OA 127 -48.35 -68.32 -106.19
CA LEU OA 127 -48.40 -66.96 -105.68
C LEU OA 127 -48.85 -66.99 -104.22
N PRO OA 128 -48.02 -66.55 -103.24
CA PRO OA 128 -48.48 -66.46 -101.85
C PRO OA 128 -49.42 -65.26 -101.70
N LEU OA 129 -50.71 -65.54 -101.42
CA LEU OA 129 -51.66 -64.46 -101.17
C LEU OA 129 -51.56 -63.96 -99.74
N ASP OA 130 -51.54 -64.92 -98.80
CA ASP OA 130 -51.45 -64.64 -97.37
C ASP OA 130 -50.25 -65.41 -96.81
N SER OA 131 -49.46 -64.76 -95.94
CA SER OA 131 -48.27 -65.33 -95.35
C SER OA 131 -48.10 -64.80 -93.92
N ALA OA 132 -49.17 -64.96 -93.12
CA ALA OA 132 -49.24 -64.42 -91.78
C ALA OA 132 -48.45 -65.30 -90.81
N THR OA 133 -47.62 -64.64 -89.98
CA THR OA 133 -46.96 -65.25 -88.83
C THR OA 133 -47.10 -64.30 -87.65
N TYR OA 134 -47.53 -64.84 -86.50
CA TYR OA 134 -47.76 -64.07 -85.29
C TYR OA 134 -46.53 -63.22 -84.92
N GLY OA 135 -46.76 -61.92 -84.66
CA GLY OA 135 -45.74 -60.97 -84.25
C GLY OA 135 -44.79 -60.54 -85.38
N GLU OA 136 -45.17 -60.80 -86.64
CA GLU OA 136 -44.37 -60.44 -87.80
C GLU OA 136 -45.26 -59.82 -88.87
N TYR OA 137 -44.67 -58.97 -89.72
CA TYR OA 137 -45.32 -58.56 -90.96
C TYR OA 137 -45.40 -59.77 -91.89
N GLU OA 138 -46.42 -59.79 -92.75
CA GLU OA 138 -46.49 -60.81 -93.78
C GLU OA 138 -45.27 -60.66 -94.71
N GLU OA 139 -44.54 -61.77 -94.92
CA GLU OA 139 -43.40 -61.81 -95.82
C GLU OA 139 -43.64 -62.90 -96.88
N TYR OA 140 -43.51 -62.51 -98.16
CA TYR OA 140 -43.90 -63.31 -99.31
C TYR OA 140 -42.64 -63.75 -100.05
N SER OA 141 -42.61 -65.03 -100.47
CA SER OA 141 -41.54 -65.51 -101.34
C SER OA 141 -42.12 -65.99 -102.68
N LEU OA 142 -41.67 -65.35 -103.77
CA LEU OA 142 -41.90 -65.82 -105.14
C LEU OA 142 -40.71 -66.66 -105.59
N THR OA 143 -41.00 -67.75 -106.29
CA THR OA 143 -40.03 -68.48 -107.09
C THR OA 143 -40.61 -68.64 -108.51
N GLY OA 144 -39.80 -68.33 -109.53
CA GLY OA 144 -40.27 -68.40 -110.91
C GLY OA 144 -39.14 -68.57 -111.92
N SER OA 145 -39.52 -68.75 -113.20
CA SER OA 145 -38.55 -68.93 -114.29
C SER OA 145 -38.81 -67.95 -115.43
N GLY OA 146 -37.78 -67.14 -115.74
CA GLY OA 146 -37.75 -66.29 -116.92
C GLY OA 146 -37.19 -67.04 -118.13
N ARG OA 147 -37.56 -66.58 -119.34
CA ARG OA 147 -37.17 -67.26 -120.58
C ARG OA 147 -35.69 -67.01 -120.90
N SER OA 148 -35.24 -65.75 -120.76
CA SER OA 148 -33.86 -65.35 -121.05
C SER OA 148 -33.53 -64.03 -120.35
N VAL OA 149 -32.22 -63.75 -120.21
CA VAL OA 149 -31.72 -62.43 -119.84
C VAL OA 149 -31.70 -61.58 -121.12
N THR OA 150 -32.52 -60.53 -121.17
CA THR OA 150 -32.58 -59.67 -122.35
C THR OA 150 -31.52 -58.56 -122.28
N ASN OA 151 -31.07 -58.22 -121.07
CA ASN OA 151 -30.06 -57.21 -120.89
C ASN OA 151 -29.25 -57.46 -119.62
N LEU OA 152 -27.93 -57.30 -119.74
CA LEU OA 152 -27.01 -57.18 -118.63
C LEU OA 152 -25.89 -56.22 -119.05
N ALA OA 153 -25.95 -54.98 -118.53
CA ALA OA 153 -25.07 -53.91 -118.99
C ALA OA 153 -24.79 -52.93 -117.85
N ASP OA 154 -23.66 -52.23 -117.98
CA ASP OA 154 -23.42 -50.98 -117.27
C ASP OA 154 -24.26 -49.90 -117.95
N THR OA 155 -25.24 -49.35 -117.20
CA THR OA 155 -26.16 -48.34 -117.71
C THR OA 155 -25.86 -46.96 -117.12
N SER OA 156 -24.73 -46.81 -116.41
CA SER OA 156 -24.25 -45.51 -115.95
C SER OA 156 -23.79 -44.65 -117.13
N GLY OA 157 -23.72 -43.33 -116.93
CA GLY OA 157 -23.35 -42.37 -117.96
C GLY OA 157 -21.96 -42.62 -118.53
N ALA PA 2 -53.52 -47.48 -109.97
CA ALA PA 2 -53.88 -48.62 -109.08
C ALA PA 2 -53.46 -48.32 -107.64
N THR PA 3 -53.85 -49.20 -106.70
CA THR PA 3 -53.58 -49.06 -105.28
C THR PA 3 -52.10 -49.32 -104.99
N SER PA 4 -51.47 -48.44 -104.20
CA SER PA 4 -50.07 -48.56 -103.81
C SER PA 4 -49.84 -49.84 -103.00
N PRO PA 5 -48.73 -50.60 -103.23
CA PRO PA 5 -48.37 -51.71 -102.35
C PRO PA 5 -48.08 -51.22 -100.93
N GLU PA 6 -48.40 -52.05 -99.93
CA GLU PA 6 -48.32 -51.64 -98.53
C GLU PA 6 -47.98 -52.85 -97.67
N GLY PA 7 -47.30 -52.60 -96.52
CA GLY PA 7 -47.05 -53.64 -95.52
C GLY PA 7 -48.37 -54.18 -94.96
N ILE PA 8 -48.37 -55.48 -94.57
CA ILE PA 8 -49.52 -56.08 -93.90
C ILE PA 8 -49.02 -56.71 -92.60
N TRP PA 9 -49.78 -56.48 -91.53
CA TRP PA 9 -49.42 -56.93 -90.19
C TRP PA 9 -50.23 -58.18 -89.85
N SER PA 10 -49.53 -59.28 -89.46
CA SER PA 10 -50.17 -60.58 -89.31
C SER PA 10 -51.31 -60.57 -88.29
N ASN PA 11 -51.13 -59.85 -87.17
CA ASN PA 11 -52.07 -59.87 -86.05
C ASN PA 11 -53.35 -59.08 -86.36
N SER PA 12 -53.42 -58.41 -87.52
CA SER PA 12 -54.60 -57.68 -87.96
C SER PA 12 -55.65 -58.58 -88.64
N GLY PA 13 -55.25 -59.82 -88.99
CA GLY PA 13 -56.10 -60.70 -89.79
C GLY PA 13 -57.24 -61.34 -89.00
N ALA PA 14 -58.41 -61.42 -89.65
CA ALA PA 14 -59.56 -62.18 -89.15
C ALA PA 14 -59.86 -63.33 -90.11
N LEU PA 15 -59.69 -64.58 -89.62
CA LEU PA 15 -59.92 -65.79 -90.40
C LEU PA 15 -61.23 -66.45 -89.95
N THR PA 16 -62.04 -66.89 -90.92
CA THR PA 16 -63.31 -67.57 -90.66
C THR PA 16 -63.47 -68.78 -91.59
N PHE PA 17 -64.15 -69.82 -91.08
CA PHE PA 17 -64.56 -70.97 -91.86
C PHE PA 17 -66.09 -71.01 -91.95
N GLU PA 18 -66.60 -71.39 -93.12
CA GLU PA 18 -68.04 -71.52 -93.35
C GLU PA 18 -68.36 -72.89 -93.96
N ASP PA 19 -69.53 -73.42 -93.60
CA ASP PA 19 -70.07 -74.61 -94.23
C ASP PA 19 -70.65 -74.23 -95.60
N PRO PA 20 -70.12 -74.76 -96.73
CA PRO PA 20 -70.64 -74.42 -98.06
C PRO PA 20 -72.08 -74.84 -98.37
N ALA PA 21 -72.70 -75.62 -97.47
CA ALA PA 21 -74.09 -76.02 -97.61
C ALA PA 21 -75.05 -74.92 -97.14
N ASP PA 22 -74.59 -74.07 -96.20
CA ASP PA 22 -75.43 -73.12 -95.47
C ASP PA 22 -74.87 -71.69 -95.49
N ASP PA 23 -73.57 -71.54 -95.77
CA ASP PA 23 -72.79 -70.33 -95.53
C ASP PA 23 -72.74 -69.95 -94.04
N SER PA 24 -73.07 -70.88 -93.13
CA SER PA 24 -73.02 -70.65 -91.68
C SER PA 24 -71.57 -70.77 -91.19
N GLU PA 25 -71.20 -69.95 -90.20
CA GLU PA 25 -69.86 -69.97 -89.63
C GLU PA 25 -69.63 -71.24 -88.81
N ILE PA 26 -68.45 -71.85 -88.98
CA ILE PA 26 -67.93 -72.92 -88.14
C ILE PA 26 -66.94 -72.28 -87.17
N LEU PA 27 -67.19 -72.43 -85.86
CA LEU PA 27 -66.41 -71.69 -84.87
C LEU PA 27 -64.95 -72.14 -84.89
N PHE PA 28 -64.07 -71.15 -85.08
CA PHE PA 28 -62.63 -71.35 -85.21
C PHE PA 28 -61.93 -70.06 -84.77
N ALA PA 29 -60.82 -70.20 -84.03
CA ALA PA 29 -60.20 -69.06 -83.36
C ALA PA 29 -58.73 -69.37 -83.01
N GLY PA 30 -57.99 -68.32 -82.64
CA GLY PA 30 -56.68 -68.45 -82.00
C GLY PA 30 -55.56 -68.85 -82.96
N VAL PA 31 -55.61 -68.36 -84.22
CA VAL PA 31 -54.55 -68.62 -85.19
C VAL PA 31 -53.25 -67.96 -84.75
N ARG PA 32 -52.13 -68.54 -85.21
CA ARG PA 32 -50.79 -68.00 -85.00
C ARG PA 32 -50.11 -67.78 -86.36
N ASP PA 33 -50.20 -68.79 -87.24
CA ASP PA 33 -49.73 -68.68 -88.62
C ASP PA 33 -50.87 -69.00 -89.59
N VAL PA 34 -50.93 -68.30 -90.73
CA VAL PA 34 -51.86 -68.58 -91.83
C VAL PA 34 -51.13 -68.35 -93.15
N THR PA 35 -50.94 -69.41 -93.94
CA THR PA 35 -50.43 -69.30 -95.30
C THR PA 35 -51.51 -69.76 -96.29
N ILE PA 36 -51.83 -68.90 -97.27
CA ILE PA 36 -52.72 -69.24 -98.37
C ILE PA 36 -51.95 -69.00 -99.68
N THR PA 37 -51.80 -70.07 -100.49
CA THR PA 37 -50.99 -70.00 -101.70
C THR PA 37 -51.73 -70.71 -102.85
N PRO PA 38 -52.38 -69.96 -103.78
CA PRO PA 38 -52.78 -70.53 -105.08
C PRO PA 38 -51.55 -70.93 -105.90
N ALA PA 39 -51.69 -72.08 -106.56
CA ALA PA 39 -50.62 -72.71 -107.31
C ALA PA 39 -51.19 -73.35 -108.57
N TYR PA 40 -50.32 -73.51 -109.58
CA TYR PA 40 -50.57 -74.38 -110.71
C TYR PA 40 -49.29 -75.19 -110.98
N GLU PA 41 -49.45 -76.39 -111.51
CA GLU PA 41 -48.32 -77.07 -112.13
C GLU PA 41 -48.01 -76.39 -113.47
N HIS PA 42 -46.71 -76.21 -113.76
CA HIS PA 42 -46.25 -75.66 -115.02
C HIS PA 42 -45.60 -76.74 -115.87
N ALA PA 43 -45.87 -76.71 -117.19
CA ALA PA 43 -45.13 -77.51 -118.16
C ALA PA 43 -44.48 -76.59 -119.19
N GLU PA 44 -43.15 -76.72 -119.34
CA GLU PA 44 -42.34 -75.90 -120.24
C GLU PA 44 -41.94 -76.73 -121.47
N LEU PA 45 -42.09 -76.16 -122.67
CA LEU PA 45 -41.75 -76.84 -123.92
C LEU PA 45 -40.34 -76.47 -124.37
N TYR PA 46 -39.52 -77.50 -124.64
CA TYR PA 46 -38.19 -77.37 -125.23
C TYR PA 46 -38.00 -78.39 -126.35
N THR PA 47 -37.34 -77.97 -127.44
CA THR PA 47 -37.08 -78.82 -128.61
C THR PA 47 -35.67 -78.53 -129.14
N ILE PA 48 -35.24 -79.34 -130.13
CA ILE PA 48 -33.93 -79.22 -130.76
C ILE PA 48 -33.75 -77.87 -131.48
N ASP PA 49 -34.85 -77.16 -131.77
CA ASP PA 49 -34.84 -75.87 -132.47
C ASP PA 49 -34.09 -74.78 -131.69
N SER PA 50 -34.16 -74.79 -130.35
CA SER PA 50 -33.66 -73.70 -129.53
C SER PA 50 -33.31 -74.19 -128.12
N THR PA 51 -32.31 -73.54 -127.50
CA THR PA 51 -31.99 -73.71 -126.09
C THR PA 51 -33.03 -73.01 -125.21
N PHE PA 52 -33.75 -72.02 -125.78
CA PHE PA 52 -34.72 -71.24 -125.02
C PHE PA 52 -36.05 -71.98 -124.99
N ARG PA 53 -36.85 -71.65 -123.95
CA ARG PA 53 -38.19 -72.15 -123.74
C ARG PA 53 -39.11 -71.68 -124.88
N ASP PA 54 -39.89 -72.62 -125.43
CA ASP PA 54 -40.78 -72.35 -126.55
C ASP PA 54 -42.15 -71.90 -126.03
N GLU PA 55 -42.66 -72.60 -125.00
CA GLU PA 55 -43.97 -72.36 -124.42
C GLU PA 55 -43.92 -72.67 -122.92
N VAL PA 56 -44.87 -72.10 -122.17
CA VAL PA 56 -45.18 -72.56 -120.81
C VAL PA 56 -46.69 -72.47 -120.58
N LYS PA 57 -47.24 -73.46 -119.84
CA LYS PA 57 -48.67 -73.63 -119.64
C LYS PA 57 -48.98 -74.03 -118.19
N ARG PA 58 -50.23 -73.77 -117.76
CA ARG PA 58 -50.75 -74.06 -116.42
C ARG PA 58 -51.70 -75.27 -116.47
N TYR PA 59 -51.68 -76.08 -115.39
CA TYR PA 59 -52.64 -77.16 -115.13
C TYR PA 59 -52.60 -77.52 -113.63
N GLU PA 60 -53.54 -78.36 -113.17
CA GLU PA 60 -53.67 -78.76 -111.77
C GLU PA 60 -53.61 -77.55 -110.84
N HIS PA 61 -54.67 -76.71 -110.92
CA HIS PA 61 -54.83 -75.62 -109.98
C HIS PA 61 -55.25 -76.19 -108.62
N ASN PA 62 -54.66 -75.62 -107.56
CA ASN PA 62 -55.15 -75.79 -106.20
C ASN PA 62 -54.72 -74.58 -105.37
N VAL PA 63 -55.31 -74.45 -104.18
CA VAL PA 63 -54.87 -73.46 -103.20
C VAL PA 63 -54.33 -74.24 -102.01
N ASN PA 64 -53.02 -74.10 -101.75
CA ASN PA 64 -52.44 -74.63 -100.52
C ASN PA 64 -52.85 -73.76 -99.35
N VAL PA 65 -53.42 -74.38 -98.32
CA VAL PA 65 -53.78 -73.72 -97.08
C VAL PA 65 -53.02 -74.42 -95.94
N GLU PA 66 -52.22 -73.65 -95.19
CA GLU PA 66 -51.68 -74.18 -93.94
C GLU PA 66 -51.88 -73.16 -92.82
N ILE PA 67 -52.38 -73.66 -91.67
CA ILE PA 67 -52.81 -72.84 -90.54
C ILE PA 67 -52.23 -73.47 -89.28
N THR PA 68 -51.60 -72.63 -88.44
CA THR PA 68 -51.23 -73.02 -87.08
C THR PA 68 -52.11 -72.22 -86.11
N TYR PA 69 -52.68 -72.91 -85.11
CA TYR PA 69 -53.64 -72.30 -84.20
C TYR PA 69 -53.55 -72.96 -82.82
N ALA PA 70 -54.00 -72.24 -81.78
CA ALA PA 70 -53.75 -72.65 -80.39
C ALA PA 70 -55.01 -72.69 -79.52
N LYS PA 71 -56.20 -72.54 -80.13
CA LYS PA 71 -57.47 -72.76 -79.45
C LYS PA 71 -58.19 -73.92 -80.15
N PHE PA 72 -58.50 -74.97 -79.37
CA PHE PA 72 -59.17 -76.14 -79.92
C PHE PA 72 -60.66 -75.83 -80.14
N SER PA 73 -61.17 -76.20 -81.33
CA SER PA 73 -62.59 -76.11 -81.63
C SER PA 73 -63.19 -77.51 -81.75
N LEU PA 74 -64.20 -77.79 -80.89
CA LEU PA 74 -64.93 -79.04 -80.96
C LEU PA 74 -65.78 -79.10 -82.23
N GLU PA 75 -66.34 -77.94 -82.63
CA GLU PA 75 -67.20 -77.88 -83.81
C GLU PA 75 -66.40 -78.20 -85.07
N PHE PA 76 -65.24 -77.57 -85.24
CA PHE PA 76 -64.40 -77.78 -86.42
C PHE PA 76 -63.97 -79.25 -86.56
N ALA PA 77 -63.59 -79.87 -85.43
CA ALA PA 77 -63.15 -81.26 -85.40
C ALA PA 77 -64.31 -82.22 -85.73
N GLN PA 78 -65.51 -81.95 -85.17
CA GLN PA 78 -66.68 -82.81 -85.36
C GLN PA 78 -67.27 -82.66 -86.76
N GLU PA 79 -67.14 -81.46 -87.36
CA GLU PA 79 -67.45 -81.22 -88.77
C GLU PA 79 -66.51 -82.05 -89.67
N TRP PA 80 -65.20 -82.01 -89.38
CA TRP PA 80 -64.20 -82.74 -90.15
C TRP PA 80 -64.45 -84.26 -90.09
N LEU PA 81 -64.76 -84.79 -88.89
CA LEU PA 81 -65.06 -86.20 -88.69
C LEU PA 81 -66.32 -86.60 -89.46
N GLY PA 82 -67.35 -85.74 -89.46
CA GLY PA 82 -68.67 -86.05 -89.99
C GLY PA 82 -68.76 -86.04 -91.52
N GLY PA 83 -67.88 -85.27 -92.20
CA GLY PA 83 -67.95 -85.09 -93.64
C GLY PA 83 -69.03 -84.08 -94.04
N PRO PA 84 -69.31 -83.89 -95.35
CA PRO PA 84 -70.27 -82.87 -95.82
C PRO PA 84 -71.66 -82.99 -95.19
N GLY PA 85 -72.14 -81.89 -94.61
CA GLY PA 85 -73.50 -81.73 -94.11
C GLY PA 85 -73.83 -82.48 -92.81
N ALA PA 86 -72.80 -82.96 -92.08
CA ALA PA 86 -73.02 -83.69 -90.82
C ALA PA 86 -71.85 -83.52 -89.86
N THR PA 87 -72.14 -83.57 -88.54
CA THR PA 87 -71.12 -83.65 -87.50
C THR PA 87 -71.11 -85.06 -86.89
N ALA PA 88 -69.91 -85.56 -86.53
CA ALA PA 88 -69.78 -86.84 -85.87
C ALA PA 88 -68.82 -86.75 -84.68
N THR PA 89 -69.09 -87.57 -83.63
CA THR PA 89 -68.22 -87.68 -82.47
C THR PA 89 -67.26 -88.86 -82.59
N ALA PA 90 -67.13 -89.43 -83.80
CA ALA PA 90 -66.29 -90.60 -84.07
C ALA PA 90 -65.95 -90.63 -85.57
N SER PA 91 -64.88 -91.33 -85.95
CA SER PA 91 -64.51 -91.50 -87.35
C SER PA 91 -65.66 -92.12 -88.14
N GLN PA 92 -65.88 -91.60 -89.35
CA GLN PA 92 -66.91 -92.11 -90.24
C GLN PA 92 -66.25 -92.91 -91.37
N ASP PA 93 -66.80 -94.10 -91.61
CA ASP PA 93 -66.35 -94.99 -92.67
C ASP PA 93 -67.06 -94.61 -93.97
N ASP PA 94 -66.70 -93.44 -94.55
CA ASP PA 94 -67.23 -93.02 -95.85
C ASP PA 94 -66.21 -92.13 -96.59
N SER PA 95 -66.44 -91.95 -97.90
CA SER PA 95 -65.44 -91.49 -98.85
C SER PA 95 -65.40 -89.96 -99.04
N ASP PA 96 -66.36 -89.21 -98.48
CA ASP PA 96 -66.45 -87.78 -98.73
C ASP PA 96 -65.71 -87.00 -97.63
N PRO PA 97 -64.63 -86.22 -97.95
CA PRO PA 97 -64.04 -85.32 -96.96
C PRO PA 97 -64.92 -84.08 -96.76
N MET PA 98 -64.90 -83.55 -95.54
CA MET PA 98 -65.55 -82.28 -95.23
C MET PA 98 -64.85 -81.17 -96.03
N LYS PA 99 -65.67 -80.40 -96.77
CA LYS PA 99 -65.21 -79.25 -97.54
C LYS PA 99 -65.61 -77.98 -96.80
N PHE PA 100 -64.61 -77.13 -96.48
CA PHE PA 100 -64.85 -75.87 -95.81
C PHE PA 100 -64.63 -74.73 -96.79
N ASN PA 101 -65.49 -73.70 -96.74
CA ASN PA 101 -65.13 -72.41 -97.29
C ASN PA 101 -64.28 -71.67 -96.26
N LEU PA 102 -63.29 -70.91 -96.75
CA LEU PA 102 -62.37 -70.16 -95.90
C LEU PA 102 -62.34 -68.71 -96.38
N GLU PA 103 -62.30 -67.77 -95.42
CA GLU PA 103 -62.06 -66.37 -95.75
C GLU PA 103 -61.11 -65.75 -94.71
N ASN PA 104 -60.14 -64.97 -95.20
CA ASN PA 104 -59.24 -64.19 -94.37
C ASN PA 104 -59.33 -62.72 -94.77
N VAL PA 105 -59.60 -61.84 -93.80
CA VAL PA 105 -59.71 -60.40 -94.04
C VAL PA 105 -58.63 -59.67 -93.24
N THR PA 106 -57.85 -58.80 -93.92
CA THR PA 106 -56.78 -58.05 -93.31
C THR PA 106 -56.76 -56.61 -93.80
N PRO PA 107 -56.79 -55.59 -92.89
CA PRO PA 107 -56.34 -54.24 -93.24
C PRO PA 107 -54.86 -54.26 -93.61
N SER PA 108 -54.46 -53.38 -94.54
CA SER PA 108 -53.05 -53.07 -94.74
C SER PA 108 -52.56 -52.21 -93.56
N ALA PA 109 -51.23 -52.15 -93.37
CA ALA PA 109 -50.62 -51.62 -92.15
C ALA PA 109 -50.91 -50.14 -91.92
N SER PA 110 -50.97 -49.33 -93.00
CA SER PA 110 -51.30 -47.91 -92.93
C SER PA 110 -52.75 -47.62 -93.33
N GLY PA 111 -53.57 -48.67 -93.53
CA GLY PA 111 -54.98 -48.54 -93.86
C GLY PA 111 -55.27 -48.12 -95.30
N GLY PA 112 -54.29 -48.30 -96.20
CA GLY PA 112 -54.43 -47.99 -97.63
C GLY PA 112 -55.48 -48.84 -98.34
N PHE PA 113 -55.70 -50.09 -97.86
CA PHE PA 113 -56.68 -51.02 -98.39
C PHE PA 113 -57.05 -52.07 -97.34
N GLU PA 114 -58.12 -52.84 -97.61
CA GLU PA 114 -58.44 -54.02 -96.82
C GLU PA 114 -58.50 -55.24 -97.74
N ARG PA 115 -57.48 -56.11 -97.65
CA ARG PA 115 -57.39 -57.29 -98.50
C ARG PA 115 -58.29 -58.40 -97.93
N THR PA 116 -59.24 -58.86 -98.74
CA THR PA 116 -60.03 -60.06 -98.48
C THR PA 116 -59.56 -61.18 -99.42
N THR PA 117 -59.20 -62.34 -98.84
CA THR PA 117 -58.93 -63.57 -99.58
C THR PA 117 -59.99 -64.61 -99.22
N ALA PA 118 -60.64 -65.20 -100.25
CA ALA PA 118 -61.63 -66.25 -100.04
C ALA PA 118 -61.28 -67.48 -100.88
N VAL PA 119 -61.40 -68.67 -100.25
CA VAL PA 119 -61.05 -69.95 -100.87
C VAL PA 119 -62.23 -70.91 -100.72
N GLU PA 120 -62.62 -71.58 -101.81
CA GLU PA 120 -63.70 -72.56 -101.76
C GLU PA 120 -63.13 -73.95 -101.47
N ASN PA 121 -63.96 -74.80 -100.84
CA ASN PA 121 -63.81 -76.25 -100.78
C ASN PA 121 -62.40 -76.67 -100.34
N VAL PA 122 -61.92 -76.05 -99.25
CA VAL PA 122 -60.69 -76.48 -98.59
C VAL PA 122 -60.96 -77.81 -97.89
N VAL PA 123 -60.10 -78.81 -98.15
CA VAL PA 123 -60.14 -80.10 -97.48
C VAL PA 123 -58.78 -80.34 -96.79
N PHE PA 124 -58.82 -81.01 -95.63
CA PHE PA 124 -57.63 -81.30 -94.86
C PHE PA 124 -57.46 -82.83 -94.78
N PRO PA 125 -56.38 -83.43 -95.34
CA PRO PA 125 -56.16 -84.89 -95.25
C PRO PA 125 -56.07 -85.44 -93.82
N GLU PA 126 -55.56 -84.62 -92.89
CA GLU PA 126 -55.42 -85.02 -91.50
C GLU PA 126 -55.77 -83.86 -90.56
N LEU PA 127 -56.30 -84.24 -89.40
CA LEU PA 127 -56.76 -83.30 -88.38
C LEU PA 127 -56.03 -83.61 -87.07
N PRO PA 128 -55.23 -82.67 -86.50
CA PRO PA 128 -54.66 -82.90 -85.17
C PRO PA 128 -55.72 -82.72 -84.10
N LEU PA 129 -55.91 -83.75 -83.26
CA LEU PA 129 -56.88 -83.69 -82.17
C LEU PA 129 -56.18 -83.30 -80.87
N ASP PA 130 -55.17 -84.08 -80.48
CA ASP PA 130 -54.33 -83.78 -79.34
C ASP PA 130 -52.93 -83.44 -79.85
N SER PA 131 -52.33 -82.38 -79.26
CA SER PA 131 -51.01 -81.91 -79.67
C SER PA 131 -50.24 -81.39 -78.45
N ALA PA 132 -50.14 -82.26 -77.42
CA ALA PA 132 -49.57 -81.91 -76.13
C ALA PA 132 -48.03 -81.90 -76.20
N THR PA 133 -47.44 -80.89 -75.54
CA THR PA 133 -46.01 -80.84 -75.25
C THR PA 133 -45.84 -80.25 -73.85
N TYR PA 134 -44.99 -80.89 -73.02
CA TYR PA 134 -44.78 -80.47 -71.63
C TYR PA 134 -44.41 -78.98 -71.57
N GLY PA 135 -45.17 -78.22 -70.76
CA GLY PA 135 -44.91 -76.80 -70.53
C GLY PA 135 -45.34 -75.87 -71.67
N GLU PA 136 -46.26 -76.35 -72.55
CA GLU PA 136 -46.77 -75.55 -73.66
C GLU PA 136 -48.28 -75.76 -73.81
N TYR PA 137 -48.97 -74.77 -74.38
CA TYR PA 137 -50.33 -74.94 -74.85
C TYR PA 137 -50.32 -75.87 -76.06
N GLU PA 138 -51.42 -76.59 -76.28
CA GLU PA 138 -51.51 -77.43 -77.47
C GLU PA 138 -51.55 -76.55 -78.72
N GLU PA 139 -50.62 -76.80 -79.65
CA GLU PA 139 -50.52 -76.06 -80.89
C GLU PA 139 -50.81 -76.99 -82.06
N TYR PA 140 -51.80 -76.61 -82.88
CA TYR PA 140 -52.37 -77.46 -83.91
C TYR PA 140 -52.00 -76.91 -85.29
N SER PA 141 -51.45 -77.77 -86.16
CA SER PA 141 -51.15 -77.39 -87.54
C SER PA 141 -52.02 -78.16 -88.53
N LEU PA 142 -52.75 -77.42 -89.37
CA LEU PA 142 -53.51 -77.96 -90.49
C LEU PA 142 -52.72 -77.73 -91.78
N THR PA 143 -52.81 -78.70 -92.71
CA THR PA 143 -52.41 -78.54 -94.10
C THR PA 143 -53.55 -79.07 -94.97
N GLY PA 144 -53.92 -78.31 -96.01
CA GLY PA 144 -55.05 -78.70 -96.85
C GLY PA 144 -55.05 -78.02 -98.22
N SER PA 145 -55.95 -78.47 -99.11
CA SER PA 145 -56.03 -77.95 -100.47
C SER PA 145 -57.45 -77.44 -100.79
N GLY PA 146 -57.56 -76.13 -101.06
CA GLY PA 146 -58.75 -75.51 -101.62
C GLY PA 146 -58.80 -75.66 -103.15
N ARG PA 147 -60.01 -75.58 -103.71
CA ARG PA 147 -60.22 -75.79 -105.14
C ARG PA 147 -59.80 -74.56 -105.96
N SER PA 148 -60.18 -73.36 -105.49
CA SER PA 148 -59.88 -72.10 -106.18
C SER PA 148 -59.99 -70.93 -105.21
N VAL PA 149 -59.36 -69.80 -105.58
CA VAL PA 149 -59.58 -68.51 -104.94
C VAL PA 149 -60.84 -67.91 -105.54
N THR PA 150 -61.90 -67.73 -104.74
CA THR PA 150 -63.16 -67.20 -105.24
C THR PA 150 -63.19 -65.68 -105.20
N ASN PA 151 -62.38 -65.08 -104.31
CA ASN PA 151 -62.26 -63.63 -104.21
C ASN PA 151 -60.87 -63.24 -103.71
N LEU PA 152 -60.30 -62.22 -104.36
CA LEU PA 152 -59.15 -61.47 -103.87
C LEU PA 152 -59.33 -60.01 -104.29
N ALA PA 153 -59.70 -59.16 -103.32
CA ALA PA 153 -60.06 -57.78 -103.60
C ALA PA 153 -59.75 -56.87 -102.41
N ASP PA 154 -59.62 -55.57 -102.70
CA ASP PA 154 -59.77 -54.52 -101.70
C ASP PA 154 -61.26 -54.40 -101.36
N THR PA 155 -61.60 -54.66 -100.08
CA THR PA 155 -62.97 -54.62 -99.60
C THR PA 155 -63.23 -53.40 -98.71
N SER PA 156 -62.27 -52.46 -98.62
CA SER PA 156 -62.46 -51.19 -97.93
C SER PA 156 -63.48 -50.32 -98.68
N GLY PA 157 -64.14 -49.41 -97.95
CA GLY PA 157 -65.24 -48.60 -98.46
C GLY PA 157 -64.82 -47.68 -99.60
N ALA QA 2 -56.42 -29.65 -70.32
CA ALA QA 2 -55.81 -30.85 -69.66
C ALA QA 2 -55.11 -30.44 -68.37
N THR QA 3 -54.89 -31.42 -67.48
CA THR QA 3 -54.29 -31.22 -66.17
C THR QA 3 -52.77 -31.05 -66.29
N SER QA 4 -52.20 -30.04 -65.62
CA SER QA 4 -50.76 -29.78 -65.64
C SER QA 4 -49.98 -30.95 -65.04
N PRO QA 5 -48.84 -31.38 -65.64
CA PRO QA 5 -47.99 -32.41 -65.02
C PRO QA 5 -47.44 -31.93 -63.67
N GLU QA 6 -47.29 -32.87 -62.72
CA GLU QA 6 -46.95 -32.53 -61.35
C GLU QA 6 -46.10 -33.65 -60.73
N GLY QA 7 -45.24 -33.28 -59.76
CA GLY QA 7 -44.45 -34.25 -59.00
C GLY QA 7 -45.36 -35.20 -58.20
N ILE QA 8 -44.90 -36.45 -58.01
CA ILE QA 8 -45.62 -37.41 -57.18
C ILE QA 8 -44.66 -37.93 -56.10
N TRP QA 9 -45.11 -37.87 -54.84
CA TRP QA 9 -44.32 -38.33 -53.72
C TRP QA 9 -44.63 -39.80 -53.45
N SER QA 10 -43.58 -40.65 -53.46
CA SER QA 10 -43.74 -42.11 -53.37
C SER QA 10 -44.50 -42.53 -52.12
N ASN QA 11 -44.22 -41.87 -50.99
CA ASN QA 11 -44.76 -42.25 -49.69
C ASN QA 11 -46.25 -41.87 -49.54
N SER QA 12 -46.81 -41.13 -50.51
CA SER QA 12 -48.23 -40.76 -50.50
C SER QA 12 -49.11 -41.87 -51.06
N GLY QA 13 -48.52 -42.92 -51.66
CA GLY QA 13 -49.26 -43.96 -52.35
C GLY QA 13 -49.91 -44.96 -51.39
N ALA QA 14 -51.11 -45.42 -51.77
CA ALA QA 14 -51.82 -46.52 -51.11
C ALA QA 14 -52.08 -47.64 -52.12
N LEU QA 15 -51.45 -48.80 -51.89
CA LEU QA 15 -51.54 -49.97 -52.75
C LEU QA 15 -52.46 -51.02 -52.09
N THR QA 16 -53.40 -51.56 -52.88
CA THR QA 16 -54.33 -52.60 -52.42
C THR QA 16 -54.41 -53.73 -53.44
N PHE QA 17 -54.60 -54.96 -52.93
CA PHE QA 17 -54.85 -56.14 -53.74
C PHE QA 17 -56.25 -56.67 -53.46
N GLU QA 18 -56.91 -57.19 -54.52
CA GLU QA 18 -58.26 -57.74 -54.40
C GLU QA 18 -58.34 -59.10 -55.10
N ASP QA 19 -59.14 -60.00 -54.53
CA ASP QA 19 -59.52 -61.26 -55.18
C ASP QA 19 -60.53 -60.94 -56.30
N PRO QA 20 -60.20 -61.22 -57.59
CA PRO QA 20 -61.12 -60.91 -58.70
C PRO QA 20 -62.43 -61.70 -58.71
N ALA QA 21 -62.54 -62.74 -57.85
CA ALA QA 21 -63.78 -63.48 -57.69
C ALA QA 21 -64.83 -62.71 -56.88
N ASP QA 22 -64.35 -61.80 -55.99
CA ASP QA 22 -65.19 -61.13 -54.99
C ASP QA 22 -65.15 -59.61 -55.11
N ASP QA 23 -64.00 -59.07 -55.58
CA ASP QA 23 -63.56 -57.71 -55.29
C ASP QA 23 -63.31 -57.49 -53.79
N SER QA 24 -63.05 -58.57 -53.01
CA SER QA 24 -62.70 -58.48 -51.61
C SER QA 24 -61.19 -58.25 -51.44
N GLU QA 25 -60.80 -57.44 -50.44
CA GLU QA 25 -59.40 -57.07 -50.24
C GLU QA 25 -58.60 -58.24 -49.67
N ILE QA 26 -57.39 -58.43 -50.22
CA ILE QA 26 -56.36 -59.32 -49.68
C ILE QA 26 -55.35 -58.45 -48.93
N LEU QA 27 -55.16 -58.73 -47.64
CA LEU QA 27 -54.39 -57.84 -46.77
C LEU QA 27 -52.92 -57.80 -47.20
N PHE QA 28 -52.45 -56.57 -47.46
CA PHE QA 28 -51.10 -56.28 -47.91
C PHE QA 28 -50.70 -54.91 -47.39
N ALA QA 29 -49.42 -54.74 -47.02
CA ALA QA 29 -48.96 -53.54 -46.33
C ALA QA 29 -47.45 -53.41 -46.44
N GLY QA 30 -46.95 -52.21 -46.09
CA GLY QA 30 -45.53 -51.98 -45.86
C GLY QA 30 -44.67 -51.96 -47.12
N VAL QA 31 -45.22 -51.44 -48.23
CA VAL QA 31 -44.47 -51.28 -49.48
C VAL QA 31 -43.32 -50.27 -49.27
N ARG QA 32 -42.25 -50.46 -50.06
CA ARG QA 32 -41.08 -49.59 -50.07
C ARG QA 32 -40.79 -49.14 -51.51
N ASP QA 33 -40.89 -50.08 -52.47
CA ASP QA 33 -40.86 -49.76 -53.89
C ASP QA 33 -42.12 -50.31 -54.57
N VAL QA 34 -42.65 -49.59 -55.57
CA VAL QA 34 -43.72 -50.05 -56.44
C VAL QA 34 -43.47 -49.53 -57.86
N THR QA 35 -43.24 -50.43 -58.82
CA THR QA 35 -43.16 -50.08 -60.23
C THR QA 35 -44.28 -50.79 -60.99
N ILE QA 36 -45.06 -50.00 -61.77
CA ILE QA 36 -46.08 -50.53 -62.66
C ILE QA 36 -45.80 -50.02 -64.08
N THR QA 37 -45.59 -50.95 -65.03
CA THR QA 37 -45.23 -50.60 -66.39
C THR QA 37 -46.05 -51.43 -67.37
N PRO QA 38 -47.11 -50.87 -68.02
CA PRO QA 38 -47.65 -51.45 -69.25
C PRO QA 38 -46.63 -51.41 -70.39
N ALA QA 39 -46.53 -52.53 -71.11
CA ALA QA 39 -45.55 -52.72 -72.18
C ALA QA 39 -46.14 -53.57 -73.30
N TYR QA 40 -45.79 -53.21 -74.53
CA TYR QA 40 -46.05 -54.03 -75.70
C TYR QA 40 -44.72 -54.37 -76.37
N GLU QA 41 -44.64 -55.57 -76.96
CA GLU QA 41 -43.62 -55.86 -77.96
C GLU QA 41 -43.90 -55.04 -79.22
N HIS QA 42 -42.84 -54.46 -79.82
CA HIS QA 42 -42.94 -53.70 -81.06
C HIS QA 42 -42.27 -54.47 -82.20
N ALA QA 43 -42.88 -54.42 -83.39
CA ALA QA 43 -42.28 -54.95 -84.62
C ALA QA 43 -42.21 -53.84 -85.67
N GLU QA 44 -41.00 -53.65 -86.25
CA GLU QA 44 -40.73 -52.54 -87.17
C GLU QA 44 -40.47 -53.09 -88.58
N LEU QA 45 -41.17 -52.55 -89.58
CA LEU QA 45 -40.97 -52.98 -90.95
C LEU QA 45 -39.88 -52.13 -91.62
N TYR QA 46 -38.86 -52.82 -92.13
CA TYR QA 46 -37.85 -52.23 -93.01
C TYR QA 46 -37.69 -53.09 -94.26
N THR QA 47 -37.53 -52.43 -95.41
CA THR QA 47 -37.38 -53.08 -96.72
C THR QA 47 -36.27 -52.38 -97.50
N ILE QA 48 -35.98 -52.90 -98.71
CA ILE QA 48 -34.95 -52.35 -99.57
C ILE QA 48 -35.38 -50.98 -100.14
N ASP QA 49 -36.67 -50.63 -100.04
CA ASP QA 49 -37.23 -49.37 -100.53
C ASP QA 49 -36.61 -48.14 -99.86
N SER QA 50 -36.24 -48.25 -98.57
CA SER QA 50 -35.84 -47.11 -97.76
C SER QA 50 -34.98 -47.54 -96.57
N THR QA 51 -34.10 -46.63 -96.12
CA THR QA 51 -33.38 -46.77 -94.86
C THR QA 51 -34.28 -46.44 -93.67
N PHE QA 52 -35.36 -45.69 -93.91
CA PHE QA 52 -36.29 -45.31 -92.86
C PHE QA 52 -37.33 -46.42 -92.66
N ARG QA 53 -37.89 -46.44 -91.44
CA ARG QA 53 -38.90 -47.40 -91.01
C ARG QA 53 -40.18 -47.20 -91.84
N ASP QA 54 -40.70 -48.30 -92.39
CA ASP QA 54 -41.94 -48.30 -93.17
C ASP QA 54 -43.15 -48.27 -92.23
N GLU QA 55 -43.13 -49.15 -91.20
CA GLU QA 55 -44.24 -49.32 -90.26
C GLU QA 55 -43.72 -49.69 -88.88
N VAL QA 56 -44.56 -49.48 -87.85
CA VAL QA 56 -44.36 -50.05 -86.51
C VAL QA 56 -45.72 -50.45 -85.91
N LYS QA 57 -45.74 -51.61 -85.21
CA LYS QA 57 -46.96 -52.21 -84.67
C LYS QA 57 -46.69 -52.85 -83.30
N ARG QA 58 -47.76 -52.93 -82.48
CA ARG QA 58 -47.76 -53.49 -81.13
C ARG QA 58 -48.27 -54.94 -81.17
N TYR QA 59 -47.73 -55.82 -80.29
CA TYR QA 59 -48.33 -57.13 -80.03
C TYR QA 59 -48.46 -57.45 -78.52
N GLU QA 60 -47.56 -58.28 -77.95
CA GLU QA 60 -47.78 -58.88 -76.65
C GLU QA 60 -47.88 -57.83 -75.54
N HIS QA 61 -49.13 -57.53 -75.15
CA HIS QA 61 -49.38 -56.62 -74.05
C HIS QA 61 -49.26 -57.37 -72.73
N ASN QA 62 -48.50 -56.76 -71.80
CA ASN QA 62 -48.58 -57.11 -70.39
C ASN QA 62 -48.31 -55.86 -69.57
N VAL QA 63 -48.58 -55.95 -68.26
CA VAL QA 63 -48.20 -54.92 -67.32
C VAL QA 63 -47.17 -55.55 -66.38
N ASN QA 64 -45.91 -55.09 -66.45
CA ASN QA 64 -44.93 -55.48 -65.45
C ASN QA 64 -45.29 -54.82 -64.12
N VAL QA 65 -45.40 -55.65 -63.08
CA VAL QA 65 -45.62 -55.18 -61.72
C VAL QA 65 -44.46 -55.70 -60.88
N GLU QA 66 -43.69 -54.78 -60.27
CA GLU QA 66 -42.69 -55.20 -59.30
C GLU QA 66 -42.79 -54.33 -58.04
N ILE QA 67 -42.81 -55.01 -56.90
CA ILE QA 67 -43.09 -54.43 -55.60
C ILE QA 67 -42.03 -54.93 -54.61
N THR QA 68 -41.41 -53.99 -53.88
CA THR QA 68 -40.62 -54.35 -52.71
C THR QA 68 -41.38 -53.90 -51.46
N TYR QA 69 -41.47 -54.79 -50.46
CA TYR QA 69 -42.25 -54.54 -49.26
C TYR QA 69 -41.61 -55.24 -48.06
N ALA QA 70 -41.98 -54.78 -46.84
CA ALA QA 70 -41.26 -55.17 -45.63
C ALA QA 70 -42.17 -55.69 -44.50
N LYS QA 71 -43.49 -55.84 -44.78
CA LYS QA 71 -44.42 -56.47 -43.84
C LYS QA 71 -44.94 -57.75 -44.48
N PHE QA 72 -44.75 -58.88 -43.79
CA PHE QA 72 -45.20 -60.17 -44.31
C PHE QA 72 -46.72 -60.29 -44.13
N SER QA 73 -47.39 -60.86 -45.15
CA SER QA 73 -48.81 -61.16 -45.10
C SER QA 73 -49.05 -62.66 -45.29
N LEU QA 74 -49.62 -63.29 -44.26
CA LEU QA 74 -49.99 -64.70 -44.32
C LEU QA 74 -51.12 -64.92 -45.31
N GLU QA 75 -52.06 -63.96 -45.39
CA GLU QA 75 -53.17 -64.08 -46.33
C GLU QA 75 -52.65 -64.06 -47.78
N PHE QA 76 -51.80 -63.08 -48.11
CA PHE QA 76 -51.27 -62.94 -49.46
C PHE QA 76 -50.52 -64.20 -49.90
N ALA QA 77 -49.69 -64.73 -48.99
CA ALA QA 77 -48.87 -65.91 -49.25
C ALA QA 77 -49.74 -67.17 -49.42
N GLN QA 78 -50.79 -67.30 -48.59
CA GLN QA 78 -51.66 -68.47 -48.63
C GLN QA 78 -52.64 -68.42 -49.80
N GLU QA 79 -53.00 -67.20 -50.25
CA GLU QA 79 -53.76 -67.00 -51.47
C GLU QA 79 -52.93 -67.43 -52.70
N TRP QA 80 -51.65 -67.01 -52.73
CA TRP QA 80 -50.73 -67.37 -53.80
C TRP QA 80 -50.54 -68.88 -53.90
N LEU QA 81 -50.35 -69.55 -52.75
CA LEU QA 81 -50.21 -71.00 -52.68
C LEU QA 81 -51.49 -71.70 -53.17
N GLY QA 82 -52.66 -71.18 -52.76
CA GLY QA 82 -53.95 -71.81 -52.99
C GLY QA 82 -54.45 -71.76 -54.44
N GLY QA 83 -53.95 -70.80 -55.24
CA GLY QA 83 -54.48 -70.57 -56.58
C GLY QA 83 -55.84 -69.87 -56.55
N PRO QA 84 -56.52 -69.66 -57.72
CA PRO QA 84 -57.79 -68.93 -57.76
C PRO QA 84 -58.88 -69.55 -56.88
N GLY QA 85 -59.51 -68.69 -56.06
CA GLY QA 85 -60.68 -69.02 -55.25
C GLY QA 85 -60.40 -69.94 -54.06
N ALA QA 86 -59.13 -70.05 -53.62
CA ALA QA 86 -58.77 -70.89 -52.47
C ALA QA 86 -57.52 -70.36 -51.76
N THR QA 87 -57.36 -70.75 -50.48
CA THR QA 87 -56.14 -70.56 -49.72
C THR QA 87 -55.56 -71.93 -49.31
N ALA QA 88 -54.23 -72.03 -49.30
CA ALA QA 88 -53.56 -73.26 -48.89
C ALA QA 88 -52.34 -72.95 -48.01
N THR QA 89 -52.06 -73.84 -47.05
CA THR QA 89 -50.90 -73.76 -46.16
C THR QA 89 -49.71 -74.59 -46.71
N ALA QA 90 -49.83 -75.09 -47.95
CA ALA QA 90 -48.80 -75.89 -48.59
C ALA QA 90 -48.90 -75.69 -50.11
N SER QA 91 -47.81 -75.98 -50.86
CA SER QA 91 -47.80 -75.96 -52.31
C SER QA 91 -48.94 -76.81 -52.87
N GLN QA 92 -49.61 -76.30 -53.91
CA GLN QA 92 -50.67 -77.02 -54.59
C GLN QA 92 -50.17 -77.52 -55.95
N ASP QA 93 -50.43 -78.80 -56.22
CA ASP QA 93 -50.05 -79.44 -57.47
C ASP QA 93 -51.16 -79.22 -58.50
N ASP QA 94 -51.28 -77.98 -58.99
CA ASP QA 94 -52.25 -77.63 -60.03
C ASP QA 94 -51.75 -76.46 -60.87
N SER QA 95 -52.40 -76.26 -62.05
CA SER QA 95 -51.87 -75.46 -63.14
C SER QA 95 -52.30 -73.99 -63.10
N ASP QA 96 -53.21 -73.60 -62.20
CA ASP QA 96 -53.75 -72.23 -62.20
C ASP QA 96 -53.00 -71.35 -61.21
N PRO QA 97 -52.32 -70.26 -61.66
CA PRO QA 97 -51.73 -69.29 -60.74
C PRO QA 97 -52.83 -68.41 -60.14
N MET QA 98 -52.63 -68.01 -58.88
CA MET QA 98 -53.50 -67.03 -58.25
C MET QA 98 -53.39 -65.69 -59.01
N LYS QA 99 -54.57 -65.15 -59.41
CA LYS QA 99 -54.67 -63.89 -60.11
C LYS QA 99 -55.18 -62.83 -59.14
N PHE QA 100 -54.41 -61.74 -58.99
CA PHE QA 100 -54.77 -60.64 -58.11
C PHE QA 100 -55.16 -59.43 -58.96
N ASN QA 101 -56.26 -58.77 -58.58
CA ASN QA 101 -56.47 -57.39 -59.00
C ASN QA 101 -55.61 -56.49 -58.13
N LEU QA 102 -55.06 -55.43 -58.73
CA LEU QA 102 -54.17 -54.49 -58.05
C LEU QA 102 -54.68 -53.07 -58.32
N GLU QA 103 -54.66 -52.22 -57.28
CA GLU QA 103 -54.95 -50.81 -57.43
C GLU QA 103 -54.00 -49.99 -56.56
N ASN QA 104 -53.40 -48.95 -57.16
CA ASN QA 104 -52.54 -48.00 -56.46
C ASN QA 104 -53.08 -46.58 -56.64
N VAL QA 105 -53.25 -45.86 -55.52
CA VAL QA 105 -53.80 -44.51 -55.52
C VAL QA 105 -52.79 -43.55 -54.90
N THR QA 106 -52.46 -42.48 -55.63
CA THR QA 106 -51.53 -41.46 -55.17
C THR QA 106 -52.07 -40.05 -55.46
N PRO QA 107 -52.12 -39.14 -54.45
CA PRO QA 107 -52.23 -37.70 -54.72
C PRO QA 107 -50.98 -37.22 -55.47
N SER QA 108 -51.15 -36.22 -56.34
CA SER QA 108 -50.00 -35.46 -56.85
C SER QA 108 -49.50 -34.55 -55.74
N ALA QA 109 -48.22 -34.15 -55.81
CA ALA QA 109 -47.49 -33.57 -54.67
C ALA QA 109 -48.08 -32.24 -54.19
N SER QA 110 -48.72 -31.47 -55.09
CA SER QA 110 -49.39 -30.21 -54.76
C SER QA 110 -50.91 -30.32 -54.85
N GLY QA 111 -51.43 -31.56 -54.93
CA GLY QA 111 -52.85 -31.84 -54.92
C GLY QA 111 -53.61 -31.45 -56.19
N GLY QA 112 -52.90 -31.26 -57.31
CA GLY QA 112 -53.50 -30.93 -58.60
C GLY QA 112 -54.42 -32.03 -59.16
N PHE QA 113 -54.10 -33.30 -58.84
CA PHE QA 113 -54.88 -34.47 -59.23
C PHE QA 113 -54.64 -35.61 -58.25
N GLU QA 114 -55.50 -36.65 -58.31
CA GLU QA 114 -55.23 -37.91 -57.64
C GLU QA 114 -55.17 -39.02 -58.69
N ARG QA 115 -53.96 -39.56 -58.93
CA ARG QA 115 -53.77 -40.60 -59.92
C ARG QA 115 -54.14 -41.97 -59.32
N THR QA 116 -55.11 -42.65 -59.95
CA THR QA 116 -55.42 -44.05 -59.66
C THR QA 116 -54.95 -44.91 -60.84
N THR QA 117 -54.12 -45.93 -60.54
CA THR QA 117 -53.74 -46.97 -61.49
C THR QA 117 -54.32 -48.32 -61.04
N ALA QA 118 -55.11 -48.97 -61.90
CA ALA QA 118 -55.64 -50.30 -61.62
C ALA QA 118 -55.22 -51.30 -62.70
N VAL QA 119 -54.83 -52.52 -62.27
CA VAL QA 119 -54.30 -53.57 -63.13
C VAL QA 119 -55.05 -54.87 -62.84
N GLU QA 120 -55.51 -55.55 -63.90
CA GLU QA 120 -56.23 -56.81 -63.74
C GLU QA 120 -55.26 -58.00 -63.81
N ASN QA 121 -55.63 -59.09 -63.11
CA ASN QA 121 -55.06 -60.42 -63.29
C ASN QA 121 -53.54 -60.42 -63.21
N VAL QA 122 -52.99 -59.75 -62.19
CA VAL QA 122 -51.56 -59.82 -61.89
C VAL QA 122 -51.26 -61.22 -61.34
N VAL QA 123 -50.23 -61.86 -61.91
CA VAL QA 123 -49.74 -63.16 -61.44
C VAL QA 123 -48.25 -63.04 -61.13
N PHE QA 124 -47.78 -63.80 -60.13
CA PHE QA 124 -46.40 -63.77 -59.69
C PHE QA 124 -45.79 -65.16 -59.88
N PRO QA 125 -44.77 -65.33 -60.78
CA PRO QA 125 -44.11 -66.64 -60.95
C PRO QA 125 -43.50 -67.23 -59.67
N GLU QA 126 -43.01 -66.35 -58.79
CA GLU QA 126 -42.36 -66.77 -57.55
C GLU QA 126 -42.73 -65.83 -56.40
N LEU QA 127 -42.85 -66.42 -55.21
CA LEU QA 127 -43.24 -65.73 -53.99
C LEU QA 127 -42.13 -65.90 -52.96
N PRO QA 128 -41.43 -64.82 -52.51
CA PRO QA 128 -40.48 -64.96 -51.41
C PRO QA 128 -41.22 -65.15 -50.08
N LEU QA 129 -41.03 -66.32 -49.45
CA LEU QA 129 -41.64 -66.60 -48.16
C LEU QA 129 -40.78 -66.04 -47.03
N ASP QA 130 -39.49 -66.35 -47.07
CA ASP QA 130 -38.50 -65.92 -46.10
C ASP QA 130 -37.39 -65.18 -46.86
N SER QA 131 -36.94 -64.03 -46.32
CA SER QA 131 -35.97 -63.18 -46.98
C SER QA 131 -35.12 -62.45 -45.93
N ALA QA 132 -34.41 -63.25 -45.12
CA ALA QA 132 -33.73 -62.80 -43.91
C ALA QA 132 -32.27 -62.47 -44.21
N THR QA 133 -31.78 -61.37 -43.59
CA THR QA 133 -30.40 -60.91 -43.64
C THR QA 133 -30.02 -60.39 -42.25
N TYR QA 134 -28.79 -60.70 -41.82
CA TYR QA 134 -28.30 -60.32 -40.51
C TYR QA 134 -28.41 -58.81 -40.29
N GLY QA 135 -29.15 -58.41 -39.21
CA GLY QA 135 -29.31 -57.02 -38.81
C GLY QA 135 -30.26 -56.21 -39.69
N GLU QA 136 -31.21 -56.89 -40.36
CA GLU QA 136 -32.18 -56.25 -41.23
C GLU QA 136 -33.58 -56.84 -40.99
N TYR QA 137 -34.62 -56.03 -41.25
CA TYR QA 137 -35.97 -56.56 -41.40
C TYR QA 137 -36.03 -57.36 -42.69
N GLU QA 138 -36.84 -58.42 -42.70
CA GLU QA 138 -37.03 -59.19 -43.92
C GLU QA 138 -37.69 -58.29 -44.97
N GLU QA 139 -37.06 -58.22 -46.16
CA GLU QA 139 -37.55 -57.40 -47.26
C GLU QA 139 -37.83 -58.31 -48.47
N TYR QA 140 -39.05 -58.20 -49.01
CA TYR QA 140 -39.61 -59.10 -50.00
C TYR QA 140 -39.74 -58.36 -51.33
N SER QA 141 -39.31 -58.99 -52.43
CA SER QA 141 -39.52 -58.46 -53.76
C SER QA 141 -40.39 -59.41 -54.60
N LEU QA 142 -41.51 -58.87 -55.09
CA LEU QA 142 -42.38 -59.55 -56.05
C LEU QA 142 -42.09 -58.99 -57.44
N THR QA 143 -41.85 -59.89 -58.41
CA THR QA 143 -41.96 -59.55 -59.83
C THR QA 143 -43.11 -60.36 -60.41
N GLY QA 144 -44.05 -59.69 -61.09
CA GLY QA 144 -45.17 -60.35 -61.73
C GLY QA 144 -45.66 -59.59 -62.95
N SER QA 145 -46.72 -60.11 -63.60
CA SER QA 145 -47.32 -59.36 -64.71
C SER QA 145 -48.85 -59.48 -64.74
N GLY QA 146 -49.49 -58.32 -64.94
CA GLY QA 146 -50.93 -58.19 -65.15
C GLY QA 146 -51.31 -58.26 -66.63
N ARG QA 147 -52.59 -58.56 -66.90
CA ARG QA 147 -53.11 -58.72 -68.25
C ARG QA 147 -53.25 -57.38 -68.95
N SER QA 148 -53.80 -56.37 -68.25
CA SER QA 148 -54.04 -55.04 -68.79
C SER QA 148 -54.23 -54.02 -67.66
N VAL QA 149 -54.07 -52.73 -68.00
CA VAL QA 149 -54.46 -51.62 -67.13
C VAL QA 149 -55.96 -51.38 -67.33
N THR QA 150 -56.75 -51.61 -66.27
CA THR QA 150 -58.20 -51.42 -66.34
C THR QA 150 -58.58 -49.96 -66.11
N ASN QA 151 -57.73 -49.20 -65.40
CA ASN QA 151 -58.02 -47.81 -65.11
C ASN QA 151 -56.73 -47.01 -64.91
N LEU QA 152 -56.68 -45.83 -65.53
CA LEU QA 152 -55.71 -44.78 -65.26
C LEU QA 152 -56.40 -43.42 -65.43
N ALA QA 153 -56.73 -42.79 -64.30
CA ALA QA 153 -57.53 -41.56 -64.30
C ALA QA 153 -57.19 -40.69 -63.10
N ASP QA 154 -57.47 -39.38 -63.24
CA ASP QA 154 -57.61 -38.48 -62.10
C ASP QA 154 -58.92 -38.81 -61.37
N THR QA 155 -58.81 -39.33 -60.13
CA THR QA 155 -59.95 -39.74 -59.34
C THR QA 155 -60.30 -38.72 -58.24
N SER QA 156 -59.65 -37.54 -58.24
CA SER QA 156 -59.97 -36.46 -57.31
C SER QA 156 -61.37 -35.93 -57.59
N GLY QA 157 -62.02 -35.37 -56.54
CA GLY QA 157 -63.38 -34.88 -56.61
C GLY QA 157 -63.56 -33.76 -57.61
N ALA RA 2 -58.85 -61.77 -41.17
CA ALA RA 2 -57.47 -62.28 -41.40
C ALA RA 2 -56.47 -61.52 -40.53
N THR RA 3 -55.28 -62.11 -40.35
CA THR RA 3 -54.22 -61.54 -39.51
C THR RA 3 -53.60 -60.33 -40.23
N SER RA 4 -53.43 -59.22 -39.49
CA SER RA 4 -52.79 -58.01 -40.02
C SER RA 4 -51.36 -58.30 -40.47
N PRO RA 5 -50.89 -57.81 -41.65
CA PRO RA 5 -49.48 -57.91 -42.03
C PRO RA 5 -48.58 -57.20 -41.03
N GLU RA 6 -47.35 -57.72 -40.85
CA GLU RA 6 -46.45 -57.23 -39.80
C GLU RA 6 -45.00 -57.37 -40.26
N GLY RA 7 -44.11 -56.50 -39.75
CA GLY RA 7 -42.69 -56.62 -39.98
C GLY RA 7 -42.13 -57.91 -39.37
N ILE RA 8 -41.09 -58.48 -40.00
CA ILE RA 8 -40.38 -59.63 -39.45
C ILE RA 8 -38.90 -59.25 -39.32
N TRP RA 9 -38.31 -59.55 -38.16
CA TRP RA 9 -36.93 -59.24 -37.87
C TRP RA 9 -36.07 -60.48 -38.17
N SER RA 10 -35.02 -60.33 -39.00
CA SER RA 10 -34.25 -61.47 -39.49
C SER RA 10 -33.65 -62.30 -38.34
N ASN RA 11 -33.11 -61.60 -37.33
CA ASN RA 11 -32.35 -62.23 -36.25
C ASN RA 11 -33.25 -63.01 -35.28
N SER RA 12 -34.58 -62.91 -35.42
CA SER RA 12 -35.54 -63.66 -34.61
C SER RA 12 -35.70 -65.10 -35.10
N GLY RA 13 -35.20 -65.41 -36.31
CA GLY RA 13 -35.45 -66.68 -36.97
C GLY RA 13 -34.63 -67.85 -36.40
N ALA RA 14 -35.29 -69.02 -36.30
CA ALA RA 14 -34.65 -70.28 -35.98
C ALA RA 14 -34.82 -71.26 -37.15
N LEU RA 15 -33.70 -71.64 -37.78
CA LEU RA 15 -33.67 -72.57 -38.91
C LEU RA 15 -33.14 -73.94 -38.45
N THR RA 16 -33.81 -75.01 -38.86
CA THR RA 16 -33.43 -76.38 -38.52
C THR RA 16 -33.55 -77.30 -39.74
N PHE RA 17 -32.66 -78.30 -39.80
CA PHE RA 17 -32.66 -79.33 -40.83
C PHE RA 17 -32.95 -80.68 -40.20
N GLU RA 18 -33.70 -81.53 -40.93
CA GLU RA 18 -34.03 -82.87 -40.46
C GLU RA 18 -33.79 -83.89 -41.57
N ASP RA 19 -33.35 -85.09 -41.16
CA ASP RA 19 -33.26 -86.24 -42.05
C ASP RA 19 -34.67 -86.74 -42.33
N PRO RA 20 -35.16 -86.74 -43.62
CA PRO RA 20 -36.51 -87.19 -43.93
C PRO RA 20 -36.82 -88.67 -43.68
N ALA RA 21 -35.77 -89.49 -43.45
CA ALA RA 21 -35.97 -90.89 -43.09
C ALA RA 21 -36.40 -91.05 -41.63
N ASP RA 22 -35.95 -90.13 -40.75
CA ASP RA 22 -36.05 -90.26 -39.31
C ASP RA 22 -36.94 -89.19 -38.69
N ASP RA 23 -37.00 -88.01 -39.32
CA ASP RA 23 -37.32 -86.73 -38.70
C ASP RA 23 -36.32 -86.36 -37.58
N SER RA 24 -35.08 -86.86 -37.65
CA SER RA 24 -34.03 -86.53 -36.68
C SER RA 24 -33.28 -85.26 -37.11
N GLU RA 25 -32.92 -84.41 -36.14
CA GLU RA 25 -32.26 -83.13 -36.44
C GLU RA 25 -30.83 -83.35 -36.93
N ILE RA 26 -30.46 -82.62 -37.98
CA ILE RA 26 -29.09 -82.51 -38.47
C ILE RA 26 -28.53 -81.17 -37.97
N LEU RA 27 -27.44 -81.23 -37.18
CA LEU RA 27 -26.92 -80.06 -36.49
C LEU RA 27 -26.45 -79.02 -37.51
N PHE RA 28 -27.04 -77.83 -37.41
CA PHE RA 28 -26.75 -76.69 -38.29
C PHE RA 28 -27.03 -75.40 -37.53
N ALA RA 29 -26.16 -74.39 -37.69
CA ALA RA 29 -26.20 -73.20 -36.85
C ALA RA 29 -25.48 -72.03 -37.54
N GLY RA 30 -25.66 -70.82 -36.97
CA GLY RA 30 -24.88 -69.65 -37.31
C GLY RA 30 -25.23 -69.02 -38.65
N VAL RA 31 -26.53 -69.04 -39.03
CA VAL RA 31 -27.01 -68.43 -40.27
C VAL RA 31 -26.85 -66.91 -40.21
N ARG RA 32 -26.73 -66.30 -41.41
CA ARG RA 32 -26.55 -64.86 -41.58
C ARG RA 32 -27.46 -64.32 -42.69
N ASP RA 33 -27.80 -65.18 -43.67
CA ASP RA 33 -28.89 -64.92 -44.60
C ASP RA 33 -29.67 -66.22 -44.84
N VAL RA 34 -31.00 -66.09 -45.01
CA VAL RA 34 -31.87 -67.21 -45.37
C VAL RA 34 -32.95 -66.69 -46.33
N THR RA 35 -32.93 -67.19 -47.58
CA THR RA 35 -33.98 -66.90 -48.55
C THR RA 35 -34.69 -68.20 -48.94
N ILE RA 36 -36.03 -68.20 -48.84
CA ILE RA 36 -36.87 -69.32 -49.28
C ILE RA 36 -37.92 -68.78 -50.23
N THR RA 37 -37.92 -69.30 -51.48
CA THR RA 37 -38.77 -68.78 -52.54
C THR RA 37 -39.40 -69.94 -53.31
N PRO RA 38 -40.67 -70.33 -53.01
CA PRO RA 38 -41.45 -71.17 -53.92
C PRO RA 38 -41.66 -70.44 -55.25
N ALA RA 39 -41.51 -71.22 -56.34
CA ALA RA 39 -41.58 -70.70 -57.69
C ALA RA 39 -42.28 -71.71 -58.60
N TYR RA 40 -42.88 -71.20 -59.67
CA TYR RA 40 -43.30 -72.03 -60.79
C TYR RA 40 -42.86 -71.32 -62.08
N GLU RA 41 -42.51 -72.11 -63.09
CA GLU RA 41 -42.47 -71.60 -64.46
C GLU RA 41 -43.91 -71.26 -64.89
N HIS RA 42 -44.07 -70.12 -65.58
CA HIS RA 42 -45.34 -69.69 -66.14
C HIS RA 42 -45.29 -69.74 -67.67
N ALA RA 43 -46.41 -70.13 -68.29
CA ALA RA 43 -46.57 -70.06 -69.74
C ALA RA 43 -47.84 -69.28 -70.10
N GLU RA 44 -47.69 -68.29 -70.99
CA GLU RA 44 -48.74 -67.35 -71.35
C GLU RA 44 -49.18 -67.61 -72.79
N LEU RA 45 -50.51 -67.65 -73.01
CA LEU RA 45 -51.06 -67.87 -74.35
C LEU RA 45 -51.40 -66.52 -74.99
N TYR RA 46 -50.80 -66.27 -76.16
CA TYR RA 46 -51.18 -65.16 -77.03
C TYR RA 46 -51.38 -65.68 -78.46
N THR RA 47 -52.36 -65.11 -79.17
CA THR RA 47 -52.71 -65.50 -80.54
C THR RA 47 -53.04 -64.24 -81.34
N ILE RA 48 -53.34 -64.43 -82.63
CA ILE RA 48 -53.73 -63.34 -83.53
C ILE RA 48 -55.07 -62.69 -83.12
N ASP RA 49 -55.89 -63.37 -82.29
CA ASP RA 49 -57.20 -62.89 -81.86
C ASP RA 49 -57.12 -61.58 -81.05
N SER RA 50 -56.06 -61.41 -80.24
CA SER RA 50 -55.96 -60.30 -79.29
C SER RA 50 -54.50 -60.01 -78.94
N THR RA 51 -54.20 -58.73 -78.66
CA THR RA 51 -52.91 -58.31 -78.13
C THR RA 51 -52.78 -58.68 -76.65
N PHE RA 52 -53.92 -58.93 -75.98
CA PHE RA 52 -53.93 -59.27 -74.57
C PHE RA 52 -53.70 -60.77 -74.39
N ARG RA 53 -53.17 -61.12 -73.20
CA ARG RA 53 -52.95 -62.49 -72.76
C ARG RA 53 -54.29 -63.23 -72.64
N ASP RA 54 -54.34 -64.43 -73.23
CA ASP RA 54 -55.55 -65.24 -73.29
C ASP RA 54 -55.63 -66.15 -72.06
N GLU RA 55 -54.48 -66.78 -71.71
CA GLU RA 55 -54.36 -67.70 -70.60
C GLU RA 55 -52.98 -67.54 -69.96
N VAL RA 56 -52.85 -67.96 -68.69
CA VAL RA 56 -51.56 -68.19 -68.04
C VAL RA 56 -51.65 -69.41 -67.14
N LYS RA 57 -50.58 -70.24 -67.12
CA LYS RA 57 -50.56 -71.51 -66.41
C LYS RA 57 -49.20 -71.75 -65.73
N ARG RA 58 -49.25 -72.39 -64.54
CA ARG RA 58 -48.08 -72.82 -63.77
C ARG RA 58 -47.66 -74.22 -64.20
N TYR RA 59 -46.35 -74.53 -64.11
CA TYR RA 59 -45.89 -75.92 -64.29
C TYR RA 59 -44.73 -76.32 -63.36
N GLU RA 60 -43.49 -75.94 -63.71
CA GLU RA 60 -42.33 -76.61 -63.15
C GLU RA 60 -42.02 -76.09 -61.75
N HIS RA 61 -42.67 -76.68 -60.73
CA HIS RA 61 -42.59 -76.17 -59.36
C HIS RA 61 -41.28 -76.58 -58.70
N ASN RA 62 -40.66 -75.63 -57.98
CA ASN RA 62 -39.61 -75.90 -57.01
C ASN RA 62 -39.60 -74.80 -55.95
N VAL RA 63 -38.89 -75.05 -54.84
CA VAL RA 63 -38.64 -74.03 -53.84
C VAL RA 63 -37.15 -73.71 -53.87
N ASN RA 64 -36.80 -72.51 -54.32
CA ASN RA 64 -35.41 -72.06 -54.25
C ASN RA 64 -35.06 -71.77 -52.78
N VAL RA 65 -33.98 -72.41 -52.30
CA VAL RA 65 -33.48 -72.22 -50.95
C VAL RA 65 -32.02 -71.76 -51.04
N GLU RA 66 -31.72 -70.60 -50.45
CA GLU RA 66 -30.34 -70.18 -50.33
C GLU RA 66 -30.06 -69.64 -48.93
N ILE RA 67 -28.92 -70.08 -48.38
CA ILE RA 67 -28.54 -69.84 -46.99
C ILE RA 67 -27.08 -69.40 -46.98
N THR RA 68 -26.80 -68.31 -46.24
CA THR RA 68 -25.43 -67.98 -45.88
C THR RA 68 -25.26 -68.17 -44.37
N TYR RA 69 -24.16 -68.83 -43.97
CA TYR RA 69 -23.94 -69.22 -42.58
C TYR RA 69 -22.45 -69.23 -42.25
N ALA RA 70 -22.12 -69.13 -40.95
CA ALA RA 70 -20.74 -68.85 -40.54
C ALA RA 70 -20.21 -69.80 -39.45
N LYS RA 71 -21.00 -70.83 -39.08
CA LYS RA 71 -20.53 -71.91 -38.21
C LYS RA 71 -20.56 -73.21 -39.01
N PHE RA 72 -19.39 -73.86 -39.13
CA PHE RA 72 -19.26 -75.07 -39.92
C PHE RA 72 -19.84 -76.26 -39.16
N SER RA 73 -20.61 -77.12 -39.86
CA SER RA 73 -21.14 -78.34 -39.30
C SER RA 73 -20.56 -79.55 -40.04
N LEU RA 74 -19.87 -80.44 -39.30
CA LEU RA 74 -19.39 -81.69 -39.86
C LEU RA 74 -20.55 -82.64 -40.17
N GLU RA 75 -21.57 -82.66 -39.30
CA GLU RA 75 -22.71 -83.56 -39.52
C GLU RA 75 -23.41 -83.24 -40.84
N PHE RA 76 -23.68 -81.94 -41.08
CA PHE RA 76 -24.33 -81.49 -42.30
C PHE RA 76 -23.52 -81.86 -43.55
N ALA RA 77 -22.19 -81.60 -43.50
CA ALA RA 77 -21.29 -81.86 -44.61
C ALA RA 77 -21.17 -83.35 -44.90
N GLN RA 78 -21.10 -84.18 -43.84
CA GLN RA 78 -20.94 -85.63 -43.97
C GLN RA 78 -22.24 -86.30 -44.41
N GLU RA 79 -23.40 -85.74 -44.00
CA GLU RA 79 -24.71 -86.14 -44.53
C GLU RA 79 -24.78 -85.89 -46.03
N TRP RA 80 -24.36 -84.69 -46.47
CA TRP RA 80 -24.36 -84.30 -47.88
C TRP RA 80 -23.48 -85.25 -48.70
N LEU RA 81 -22.29 -85.60 -48.17
CA LEU RA 81 -21.36 -86.51 -48.83
C LEU RA 81 -21.93 -87.93 -48.92
N GLY RA 82 -22.60 -88.39 -47.85
CA GLY RA 82 -23.06 -89.76 -47.71
C GLY RA 82 -24.29 -90.11 -48.57
N GLY RA 83 -25.09 -89.10 -48.95
CA GLY RA 83 -26.36 -89.33 -49.62
C GLY RA 83 -27.44 -89.82 -48.65
N PRO RA 84 -28.66 -90.18 -49.13
CA PRO RA 84 -29.77 -90.57 -48.24
C PRO RA 84 -29.44 -91.73 -47.29
N GLY RA 85 -29.73 -91.51 -45.99
CA GLY RA 85 -29.64 -92.53 -44.94
C GLY RA 85 -28.22 -92.98 -44.59
N ALA RA 86 -27.20 -92.15 -44.92
CA ALA RA 86 -25.80 -92.47 -44.62
C ALA RA 86 -24.96 -91.20 -44.48
N THR RA 87 -23.85 -91.31 -43.73
CA THR RA 87 -22.82 -90.28 -43.67
C THR RA 87 -21.50 -90.84 -44.21
N ALA RA 88 -20.72 -89.98 -44.89
CA ALA RA 88 -19.41 -90.36 -45.41
C ALA RA 88 -18.37 -89.27 -45.13
N THR RA 89 -17.12 -89.72 -44.92
CA THR RA 89 -15.97 -88.83 -44.76
C THR RA 89 -15.29 -88.53 -46.10
N ALA RA 90 -15.90 -88.98 -47.21
CA ALA RA 90 -15.33 -88.85 -48.56
C ALA RA 90 -16.46 -88.79 -49.59
N SER RA 91 -16.17 -88.25 -50.79
CA SER RA 91 -17.11 -88.26 -51.92
C SER RA 91 -17.58 -89.69 -52.19
N GLN RA 92 -18.90 -89.82 -52.43
CA GLN RA 92 -19.48 -91.11 -52.80
C GLN RA 92 -19.79 -91.12 -54.29
N ASP RA 93 -19.45 -92.24 -54.94
CA ASP RA 93 -19.70 -92.43 -56.36
C ASP RA 93 -21.08 -93.07 -56.55
N ASP RA 94 -22.14 -92.29 -56.30
CA ASP RA 94 -23.52 -92.73 -56.51
C ASP RA 94 -24.43 -91.55 -56.87
N SER RA 95 -25.62 -91.90 -57.40
CA SER RA 95 -26.49 -90.97 -58.10
C SER RA 95 -27.52 -90.27 -57.18
N ASP RA 96 -27.63 -90.68 -55.91
CA ASP RA 96 -28.64 -90.13 -55.01
C ASP RA 96 -28.07 -88.92 -54.25
N PRO RA 97 -28.62 -87.69 -54.43
CA PRO RA 97 -28.25 -86.56 -53.56
C PRO RA 97 -28.93 -86.71 -52.20
N MET RA 98 -28.28 -86.18 -51.16
CA MET RA 98 -28.87 -86.11 -49.84
C MET RA 98 -30.03 -85.11 -49.87
N LYS RA 99 -31.19 -85.55 -49.36
CA LYS RA 99 -32.41 -84.75 -49.28
C LYS RA 99 -32.63 -84.34 -47.82
N PHE RA 100 -32.75 -83.03 -47.59
CA PHE RA 100 -32.97 -82.50 -46.24
C PHE RA 100 -34.40 -81.95 -46.16
N ASN RA 101 -35.11 -82.29 -45.08
CA ASN RA 101 -36.27 -81.49 -44.70
C ASN RA 101 -35.76 -80.24 -43.98
N LEU RA 102 -36.44 -79.10 -44.22
CA LEU RA 102 -36.02 -77.82 -43.68
C LEU RA 102 -37.23 -77.14 -43.03
N GLU RA 103 -37.00 -76.51 -41.88
CA GLU RA 103 -38.01 -75.67 -41.26
C GLU RA 103 -37.37 -74.38 -40.73
N ASN RA 104 -38.03 -73.26 -41.02
CA ASN RA 104 -37.65 -71.96 -40.46
C ASN RA 104 -38.84 -71.40 -39.67
N VAL RA 105 -38.58 -70.93 -38.44
CA VAL RA 105 -39.61 -70.37 -37.57
C VAL RA 105 -39.20 -68.96 -37.16
N THR RA 106 -40.14 -68.00 -37.31
CA THR RA 106 -39.91 -66.61 -36.93
C THR RA 106 -41.16 -66.02 -36.27
N PRO RA 107 -41.03 -65.41 -35.07
CA PRO RA 107 -42.04 -64.45 -34.59
C PRO RA 107 -42.10 -63.25 -35.53
N SER RA 108 -43.29 -62.65 -35.66
CA SER RA 108 -43.42 -61.32 -36.24
C SER RA 108 -42.91 -60.29 -35.24
N ALA RA 109 -42.57 -59.08 -35.72
CA ALA RA 109 -41.79 -58.11 -34.95
C ALA RA 109 -42.52 -57.58 -33.71
N SER RA 110 -43.87 -57.50 -33.78
CA SER RA 110 -44.71 -57.12 -32.65
C SER RA 110 -45.46 -58.32 -32.03
N GLY RA 111 -45.09 -59.54 -32.43
CA GLY RA 111 -45.64 -60.77 -31.86
C GLY RA 111 -47.09 -61.06 -32.28
N GLY RA 112 -47.57 -60.43 -33.35
CA GLY RA 112 -48.92 -60.65 -33.88
C GLY RA 112 -49.16 -62.08 -34.37
N PHE RA 113 -48.10 -62.74 -34.87
CA PHE RA 113 -48.13 -64.12 -35.35
C PHE RA 113 -46.74 -64.76 -35.23
N GLU RA 114 -46.67 -66.09 -35.32
CA GLU RA 114 -45.41 -66.79 -35.50
C GLU RA 114 -45.43 -67.55 -36.82
N ARG RA 115 -44.64 -67.09 -37.80
CA ARG RA 115 -44.60 -67.70 -39.12
C ARG RA 115 -43.67 -68.93 -39.10
N THR RA 116 -44.21 -70.10 -39.45
CA THR RA 116 -43.44 -71.32 -39.70
C THR RA 116 -43.46 -71.61 -41.21
N THR RA 117 -42.27 -71.76 -41.81
CA THR RA 117 -42.11 -72.23 -43.19
C THR RA 117 -41.39 -73.57 -43.19
N ALA RA 118 -42.02 -74.60 -43.79
CA ALA RA 118 -41.41 -75.93 -43.92
C ALA RA 118 -41.29 -76.33 -45.39
N VAL RA 119 -40.15 -76.94 -45.75
CA VAL RA 119 -39.83 -77.33 -47.13
C VAL RA 119 -39.36 -78.79 -47.12
N GLU RA 120 -39.86 -79.61 -48.06
CA GLU RA 120 -39.46 -81.00 -48.16
C GLU RA 120 -38.33 -81.18 -49.17
N ASN RA 121 -37.48 -82.19 -48.93
CA ASN RA 121 -36.54 -82.77 -49.89
C ASN RA 121 -35.65 -81.71 -50.56
N VAL RA 122 -35.07 -80.81 -49.75
CA VAL RA 122 -34.11 -79.83 -50.25
C VAL RA 122 -32.82 -80.56 -50.62
N VAL RA 123 -32.32 -80.30 -51.83
CA VAL RA 123 -31.04 -80.83 -52.29
C VAL RA 123 -30.13 -79.67 -52.71
N PHE RA 124 -28.83 -79.80 -52.45
CA PHE RA 124 -27.84 -78.79 -52.77
C PHE RA 124 -26.88 -79.36 -53.81
N PRO RA 125 -26.79 -78.78 -55.05
CA PRO RA 125 -25.83 -79.27 -56.06
C PRO RA 125 -24.36 -79.22 -55.63
N GLU RA 126 -24.03 -78.23 -54.79
CA GLU RA 126 -22.66 -78.02 -54.34
C GLU RA 126 -22.64 -77.61 -52.86
N LEU RA 127 -21.58 -78.07 -52.17
CA LEU RA 127 -21.38 -77.84 -50.75
C LEU RA 127 -20.02 -77.15 -50.57
N PRO RA 128 -19.96 -75.90 -50.01
CA PRO RA 128 -18.67 -75.30 -49.68
C PRO RA 128 -18.10 -75.96 -48.42
N LEU RA 129 -16.97 -76.67 -48.58
CA LEU RA 129 -16.29 -77.27 -47.42
C LEU RA 129 -15.43 -76.22 -46.72
N ASP RA 130 -14.57 -75.57 -47.49
CA ASP RA 130 -13.67 -74.52 -47.00
C ASP RA 130 -13.99 -73.22 -47.75
N SER RA 131 -14.00 -72.10 -47.01
CA SER RA 131 -14.37 -70.81 -47.57
C SER RA 131 -13.61 -69.69 -46.85
N ALA RA 132 -12.27 -69.78 -46.88
CA ALA RA 132 -11.37 -68.93 -46.13
C ALA RA 132 -11.04 -67.65 -46.89
N THR RA 133 -11.06 -66.51 -46.17
CA THR RA 133 -10.63 -65.21 -46.67
C THR RA 133 -9.81 -64.53 -45.57
N TYR RA 134 -8.67 -63.94 -45.94
CA TYR RA 134 -7.75 -63.35 -44.97
C TYR RA 134 -8.46 -62.29 -44.11
N GLY RA 135 -8.37 -62.45 -42.78
CA GLY RA 135 -8.93 -61.51 -41.81
C GLY RA 135 -10.45 -61.62 -41.64
N GLU RA 136 -11.06 -62.75 -42.07
CA GLU RA 136 -12.49 -62.97 -41.93
C GLU RA 136 -12.75 -64.39 -41.42
N TYR RA 137 -13.90 -64.59 -40.77
CA TYR RA 137 -14.40 -65.94 -40.49
C TYR RA 137 -14.79 -66.59 -41.80
N GLU RA 138 -14.64 -67.92 -41.86
CA GLU RA 138 -15.15 -68.67 -43.01
C GLU RA 138 -16.67 -68.50 -43.08
N GLU RA 139 -17.15 -68.01 -44.24
CA GLU RA 139 -18.58 -67.83 -44.48
C GLU RA 139 -19.00 -68.69 -45.68
N TYR RA 140 -20.09 -69.46 -45.49
CA TYR RA 140 -20.50 -70.51 -46.42
C TYR RA 140 -21.85 -70.11 -47.04
N SER RA 141 -21.95 -70.25 -48.38
CA SER RA 141 -23.21 -70.05 -49.08
C SER RA 141 -23.70 -71.36 -49.71
N LEU RA 142 -24.94 -71.75 -49.36
CA LEU RA 142 -25.63 -72.87 -49.98
C LEU RA 142 -26.68 -72.32 -50.95
N THR RA 143 -26.71 -72.86 -52.17
CA THR RA 143 -27.87 -72.74 -53.05
C THR RA 143 -28.40 -74.14 -53.32
N GLY RA 144 -29.71 -74.34 -53.15
CA GLY RA 144 -30.35 -75.62 -53.38
C GLY RA 144 -31.84 -75.47 -53.68
N SER RA 145 -32.55 -76.59 -53.87
CA SER RA 145 -33.99 -76.53 -54.12
C SER RA 145 -34.76 -77.66 -53.46
N GLY RA 146 -35.88 -77.29 -52.82
CA GLY RA 146 -36.86 -78.22 -52.29
C GLY RA 146 -37.97 -78.54 -53.29
N ARG RA 147 -38.68 -79.65 -53.04
CA ARG RA 147 -39.72 -80.15 -53.93
C ARG RA 147 -41.01 -79.33 -53.79
N SER RA 148 -41.40 -79.02 -52.53
CA SER RA 148 -42.62 -78.27 -52.22
C SER RA 148 -42.53 -77.62 -50.84
N VAL RA 149 -43.38 -76.60 -50.60
CA VAL RA 149 -43.63 -76.06 -49.28
C VAL RA 149 -44.67 -76.97 -48.61
N THR RA 150 -44.30 -77.61 -47.48
CA THR RA 150 -45.20 -78.54 -46.81
C THR RA 150 -46.04 -77.84 -45.73
N ASN RA 151 -45.55 -76.68 -45.26
CA ASN RA 151 -46.27 -75.90 -44.27
C ASN RA 151 -45.92 -74.42 -44.39
N LEU RA 152 -46.95 -73.57 -44.32
CA LEU RA 152 -46.84 -72.13 -44.12
C LEU RA 152 -48.05 -71.65 -43.33
N ALA RA 153 -47.83 -71.35 -42.04
CA ALA RA 153 -48.92 -71.07 -41.11
C ALA RA 153 -48.45 -70.17 -39.97
N ASP RA 154 -49.42 -69.52 -39.32
CA ASP RA 154 -49.25 -68.94 -37.99
C ASP RA 154 -49.29 -70.09 -36.97
N THR RA 155 -48.14 -70.34 -36.31
CA THR RA 155 -48.02 -71.43 -35.34
C THR RA 155 -48.06 -70.91 -33.89
N SER RA 156 -48.40 -69.63 -33.69
CA SER RA 156 -48.61 -69.08 -32.36
C SER RA 156 -49.90 -69.64 -31.75
N GLY RA 157 -50.04 -69.51 -30.42
CA GLY RA 157 -51.14 -70.10 -29.66
C GLY RA 157 -52.49 -69.53 -30.04
N ALA SA 2 -23.35 -85.95 -31.77
CA ALA SA 2 -22.45 -85.38 -32.82
C ALA SA 2 -21.82 -84.08 -32.34
N THR SA 3 -20.76 -83.63 -33.03
CA THR SA 3 -19.99 -82.44 -32.66
C THR SA 3 -20.78 -81.18 -33.00
N SER SA 4 -20.86 -80.23 -32.06
CA SER SA 4 -21.57 -78.96 -32.23
C SER SA 4 -20.96 -78.16 -33.38
N PRO SA 5 -21.78 -77.47 -34.23
CA PRO SA 5 -21.24 -76.53 -35.22
C PRO SA 5 -20.53 -75.35 -34.55
N GLU SA 6 -19.45 -74.87 -35.19
CA GLU SA 6 -18.57 -73.87 -34.59
C GLU SA 6 -18.00 -72.96 -35.68
N GLY SA 7 -17.72 -71.69 -35.33
CA GLY SA 7 -17.05 -70.75 -36.22
C GLY SA 7 -15.66 -71.24 -36.61
N ILE SA 8 -15.20 -70.86 -37.82
CA ILE SA 8 -13.83 -71.19 -38.26
C ILE SA 8 -13.15 -69.89 -38.69
N TRP SA 9 -11.92 -69.71 -38.20
CA TRP SA 9 -11.14 -68.51 -38.48
C TRP SA 9 -10.20 -68.80 -39.66
N SER SA 10 -10.27 -67.97 -40.71
CA SER SA 10 -9.55 -68.24 -41.96
C SER SA 10 -8.04 -68.38 -41.73
N ASN SA 11 -7.47 -67.49 -40.90
CA ASN SA 11 -6.03 -67.39 -40.70
C ASN SA 11 -5.46 -68.58 -39.91
N SER SA 12 -6.32 -69.45 -39.35
CA SER SA 12 -5.90 -70.63 -38.61
C SER SA 12 -5.55 -71.81 -39.53
N GLY SA 13 -5.82 -71.67 -40.84
CA GLY SA 13 -5.68 -72.76 -41.79
C GLY SA 13 -4.23 -73.00 -42.23
N ALA SA 14 -3.91 -74.29 -42.47
CA ALA SA 14 -2.65 -74.71 -43.06
C ALA SA 14 -2.93 -75.54 -44.31
N LEU SA 15 -2.61 -74.97 -45.49
CA LEU SA 15 -2.79 -75.62 -46.78
C LEU SA 15 -1.46 -76.23 -47.26
N THR SA 16 -1.53 -77.49 -47.72
CA THR SA 16 -0.36 -78.19 -48.23
C THR SA 16 -0.70 -78.93 -49.52
N PHE SA 17 0.27 -78.95 -50.45
CA PHE SA 17 0.18 -79.68 -51.71
C PHE SA 17 1.19 -80.82 -51.72
N GLU SA 18 0.77 -81.97 -52.28
CA GLU SA 18 1.62 -83.15 -52.39
C GLU SA 18 1.59 -83.71 -53.81
N ASP SA 19 2.73 -84.27 -54.24
CA ASP SA 19 2.84 -85.05 -55.47
C ASP SA 19 2.21 -86.43 -55.23
N PRO SA 20 1.14 -86.84 -55.96
CA PRO SA 20 0.51 -88.15 -55.76
C PRO SA 20 1.38 -89.36 -56.12
N ALA SA 21 2.52 -89.13 -56.78
CA ALA SA 21 3.48 -90.20 -57.06
C ALA SA 21 4.27 -90.62 -55.82
N ASP SA 22 4.40 -89.71 -54.83
CA ASP SA 22 5.29 -89.86 -53.68
C ASP SA 22 4.56 -89.68 -52.35
N ASP SA 23 3.50 -88.86 -52.35
CA ASP SA 23 2.96 -88.15 -51.19
C ASP SA 23 3.98 -87.18 -50.58
N SER SA 24 4.97 -86.73 -51.38
CA SER SA 24 5.96 -85.74 -50.95
C SER SA 24 5.41 -84.33 -51.13
N GLU SA 25 5.76 -83.41 -50.22
CA GLU SA 25 5.24 -82.04 -50.22
C GLU SA 25 5.87 -81.22 -51.35
N ILE SA 26 5.03 -80.42 -52.03
CA ILE SA 26 5.45 -79.39 -52.97
C ILE SA 26 5.33 -78.05 -52.26
N LEU SA 27 6.42 -77.28 -52.21
CA LEU SA 27 6.46 -76.07 -51.39
C LEU SA 27 5.49 -75.02 -51.92
N PHE SA 28 4.62 -74.57 -51.00
CA PHE SA 28 3.56 -73.61 -51.28
C PHE SA 28 3.24 -72.86 -49.99
N ALA SA 29 2.97 -71.55 -50.08
CA ALA SA 29 2.87 -70.70 -48.89
C ALA SA 29 2.11 -69.41 -49.20
N GLY SA 30 1.72 -68.69 -48.12
CA GLY SA 30 1.24 -67.31 -48.21
C GLY SA 30 -0.14 -67.17 -48.86
N VAL SA 31 -1.05 -68.13 -48.57
CA VAL SA 31 -2.43 -68.05 -49.01
C VAL SA 31 -3.12 -66.84 -48.35
N ARG SA 32 -4.14 -66.33 -49.05
CA ARG SA 32 -4.97 -65.23 -48.58
C ARG SA 32 -6.45 -65.61 -48.69
N ASP SA 33 -6.83 -66.30 -49.78
CA ASP SA 33 -8.15 -66.92 -49.91
C ASP SA 33 -7.98 -68.42 -50.25
N VAL SA 34 -8.89 -69.26 -49.72
CA VAL SA 34 -9.00 -70.67 -50.09
C VAL SA 34 -10.47 -71.08 -50.08
N THR SA 35 -11.00 -71.45 -51.27
CA THR SA 35 -12.32 -72.04 -51.40
C THR SA 35 -12.19 -73.47 -51.91
N ILE SA 36 -12.86 -74.41 -51.23
CA ILE SA 36 -12.97 -75.80 -51.67
C ILE SA 36 -14.45 -76.17 -51.69
N THR SA 37 -14.96 -76.50 -52.89
CA THR SA 37 -16.38 -76.79 -53.08
C THR SA 37 -16.55 -78.09 -53.87
N PRO SA 38 -16.84 -79.24 -53.22
CA PRO SA 38 -17.38 -80.40 -53.94
C PRO SA 38 -18.74 -80.07 -54.54
N ALA SA 39 -18.94 -80.51 -55.79
CA ALA SA 39 -20.12 -80.22 -56.56
C ALA SA 39 -20.51 -81.44 -57.39
N TYR SA 40 -21.80 -81.51 -57.73
CA TYR SA 40 -22.33 -82.42 -58.73
C TYR SA 40 -23.28 -81.63 -59.63
N GLU SA 41 -23.44 -82.09 -60.87
CA GLU SA 41 -24.58 -81.68 -61.69
C GLU SA 41 -25.83 -82.42 -61.20
N HIS SA 42 -26.97 -81.70 -61.13
CA HIS SA 42 -28.26 -82.28 -60.80
C HIS SA 42 -29.15 -82.33 -62.04
N ALA SA 43 -29.80 -83.49 -62.25
CA ALA SA 43 -30.86 -83.62 -63.25
C ALA SA 43 -32.18 -83.95 -62.57
N GLU SA 44 -33.24 -83.20 -62.91
CA GLU SA 44 -34.54 -83.28 -62.24
C GLU SA 44 -35.60 -83.74 -63.23
N LEU SA 45 -36.42 -84.72 -62.79
CA LEU SA 45 -37.45 -85.27 -63.65
C LEU SA 45 -38.79 -84.58 -63.39
N TYR SA 46 -39.36 -84.01 -64.48
CA TYR SA 46 -40.72 -83.50 -64.48
C TYR SA 46 -41.49 -84.06 -65.67
N THR SA 47 -42.76 -84.40 -65.44
CA THR SA 47 -43.64 -85.01 -66.44
C THR SA 47 -45.05 -84.42 -66.28
N ILE SA 48 -45.93 -84.68 -67.26
CA ILE SA 48 -47.30 -84.19 -67.28
C ILE SA 48 -48.12 -84.66 -66.07
N ASP SA 49 -47.67 -85.72 -65.36
CA ASP SA 49 -48.35 -86.26 -64.19
C ASP SA 49 -48.52 -85.24 -63.05
N SER SA 50 -47.52 -84.36 -62.86
CA SER SA 50 -47.45 -83.48 -61.70
C SER SA 50 -46.60 -82.25 -62.01
N THR SA 51 -46.93 -81.13 -61.33
CA THR SA 51 -46.11 -79.92 -61.33
C THR SA 51 -44.87 -80.10 -60.43
N PHE SA 52 -44.94 -81.05 -59.49
CA PHE SA 52 -43.85 -81.30 -58.56
C PHE SA 52 -42.82 -82.23 -59.22
N ARG SA 53 -41.57 -82.11 -58.72
CA ARG SA 53 -40.43 -82.92 -59.13
C ARG SA 53 -40.69 -84.40 -58.81
N ASP SA 54 -40.56 -85.25 -59.84
CA ASP SA 54 -40.66 -86.70 -59.69
C ASP SA 54 -39.39 -87.27 -59.03
N GLU SA 55 -38.21 -86.86 -59.56
CA GLU SA 55 -36.92 -87.39 -59.16
C GLU SA 55 -35.83 -86.32 -59.27
N VAL SA 56 -34.71 -86.53 -58.55
CA VAL SA 56 -33.47 -85.77 -58.74
C VAL SA 56 -32.27 -86.70 -58.55
N LYS SA 57 -31.20 -86.49 -59.36
CA LYS SA 57 -30.02 -87.37 -59.40
C LYS SA 57 -28.74 -86.57 -59.62
N ARG SA 58 -27.60 -87.16 -59.17
CA ARG SA 58 -26.26 -86.58 -59.24
C ARG SA 58 -25.46 -87.22 -60.38
N TYR SA 59 -24.62 -86.40 -61.03
CA TYR SA 59 -23.60 -86.82 -62.00
C TYR SA 59 -22.54 -85.72 -62.11
N GLU SA 60 -21.44 -85.98 -62.85
CA GLU SA 60 -20.30 -85.08 -63.01
C GLU SA 60 -19.80 -84.52 -61.68
N HIS SA 61 -19.30 -85.41 -60.81
CA HIS SA 61 -18.66 -84.96 -59.58
C HIS SA 61 -17.33 -84.27 -59.93
N ASN SA 62 -17.10 -83.12 -59.27
CA ASN SA 62 -15.80 -82.49 -59.23
C ASN SA 62 -15.68 -81.69 -57.92
N VAL SA 63 -14.45 -81.29 -57.60
CA VAL SA 63 -14.22 -80.37 -56.49
C VAL SA 63 -13.63 -79.08 -57.08
N ASN SA 64 -14.40 -77.99 -57.03
CA ASN SA 64 -13.87 -76.69 -57.40
C ASN SA 64 -12.91 -76.22 -56.30
N VAL SA 65 -11.65 -75.96 -56.71
CA VAL SA 65 -10.62 -75.45 -55.82
C VAL SA 65 -10.20 -74.09 -56.36
N GLU SA 66 -10.30 -73.05 -55.53
CA GLU SA 66 -9.72 -71.77 -55.90
C GLU SA 66 -8.97 -71.16 -54.72
N ILE SA 67 -7.75 -70.69 -55.02
CA ILE SA 67 -6.78 -70.22 -54.04
C ILE SA 67 -6.23 -68.88 -54.53
N THR SA 68 -6.21 -67.90 -53.61
CA THR SA 68 -5.45 -66.67 -53.82
C THR SA 68 -4.26 -66.67 -52.85
N TYR SA 69 -3.06 -66.38 -53.38
CA TYR SA 69 -1.84 -66.45 -52.58
C TYR SA 69 -0.86 -65.37 -53.03
N ALA SA 70 0.11 -65.04 -52.14
CA ALA SA 70 0.95 -63.86 -52.31
C ALA SA 70 2.46 -64.15 -52.22
N LYS SA 71 2.84 -65.42 -52.01
CA LYS SA 71 4.24 -65.85 -52.07
C LYS SA 71 4.42 -66.77 -53.27
N PHE SA 72 5.33 -66.40 -54.17
CA PHE SA 72 5.57 -67.20 -55.36
C PHE SA 72 6.42 -68.43 -55.01
N SER SA 73 6.05 -69.59 -55.57
CA SER SA 73 6.82 -70.82 -55.43
C SER SA 73 7.33 -71.27 -56.80
N LEU SA 74 8.66 -71.35 -56.93
CA LEU SA 74 9.29 -71.87 -58.15
C LEU SA 74 8.98 -73.36 -58.33
N GLU SA 75 8.99 -74.13 -57.23
CA GLU SA 75 8.71 -75.56 -57.30
C GLU SA 75 7.32 -75.81 -57.86
N PHE SA 76 6.30 -75.17 -57.27
CA PHE SA 76 4.92 -75.34 -57.68
C PHE SA 76 4.72 -75.03 -59.16
N ALA SA 77 5.30 -73.90 -59.62
CA ALA SA 77 5.21 -73.46 -61.00
C ALA SA 77 5.90 -74.45 -61.96
N GLN SA 78 7.08 -74.96 -61.56
CA GLN SA 78 7.86 -75.85 -62.41
C GLN SA 78 7.28 -77.27 -62.42
N GLU SA 79 6.58 -77.66 -61.33
CA GLU SA 79 5.83 -78.91 -61.27
C GLU SA 79 4.64 -78.85 -62.22
N TRP SA 80 3.95 -77.69 -62.24
CA TRP SA 80 2.83 -77.46 -63.13
C TRP SA 80 3.29 -77.52 -64.60
N LEU SA 81 4.45 -76.92 -64.90
CA LEU SA 81 5.00 -76.92 -66.26
C LEU SA 81 5.37 -78.35 -66.70
N GLY SA 82 5.97 -79.13 -65.78
CA GLY SA 82 6.55 -80.42 -66.09
C GLY SA 82 5.54 -81.55 -66.31
N GLY SA 83 4.31 -81.42 -65.76
CA GLY SA 83 3.34 -82.50 -65.78
C GLY SA 83 3.65 -83.58 -64.74
N PRO SA 84 2.90 -84.73 -64.70
CA PRO SA 84 3.10 -85.75 -63.67
C PRO SA 84 4.52 -86.32 -63.64
N GLY SA 85 5.08 -86.38 -62.42
CA GLY SA 85 6.36 -87.00 -62.13
C GLY SA 85 7.58 -86.32 -62.75
N ALA SA 86 7.44 -85.05 -63.16
CA ALA SA 86 8.52 -84.30 -63.80
C ALA SA 86 8.44 -82.81 -63.45
N THR SA 87 9.60 -82.14 -63.52
CA THR SA 87 9.76 -80.71 -63.26
C THR SA 87 10.36 -80.06 -64.52
N ALA SA 88 9.86 -78.88 -64.92
CA ALA SA 88 10.37 -78.23 -66.14
C ALA SA 88 10.47 -76.71 -65.98
N THR SA 89 11.51 -76.12 -66.62
CA THR SA 89 11.74 -74.68 -66.64
C THR SA 89 11.11 -74.01 -67.88
N ALA SA 90 10.37 -74.79 -68.70
CA ALA SA 90 9.73 -74.30 -69.92
C ALA SA 90 8.45 -75.09 -70.16
N SER SA 91 7.51 -74.52 -70.96
CA SER SA 91 6.29 -75.20 -71.37
C SER SA 91 6.61 -76.56 -71.98
N GLN SA 92 5.80 -77.57 -71.64
CA GLN SA 92 5.94 -78.90 -72.21
C GLN SA 92 4.82 -79.16 -73.21
N ASP SA 93 5.20 -79.69 -74.38
CA ASP SA 93 4.26 -80.03 -75.43
C ASP SA 93 3.77 -81.47 -75.22
N ASP SA 94 2.94 -81.67 -74.18
CA ASP SA 94 2.33 -82.96 -73.89
C ASP SA 94 0.97 -82.81 -73.18
N SER SA 95 0.20 -83.91 -73.17
CA SER SA 95 -1.23 -83.91 -72.89
C SER SA 95 -1.59 -84.08 -71.41
N ASP SA 96 -0.63 -84.49 -70.55
CA ASP SA 96 -0.93 -84.79 -69.15
C ASP SA 96 -0.77 -83.55 -68.27
N PRO SA 97 -1.84 -83.03 -67.61
CA PRO SA 97 -1.69 -81.94 -66.65
C PRO SA 97 -1.08 -82.50 -65.36
N MET SA 98 -0.30 -81.66 -64.66
CA MET SA 98 0.18 -82.00 -63.33
C MET SA 98 -1.01 -82.10 -62.38
N LYS SA 99 -1.10 -83.23 -61.67
CA LYS SA 99 -2.12 -83.51 -60.68
C LYS SA 99 -1.51 -83.33 -59.28
N PHE SA 100 -2.16 -82.50 -58.46
CA PHE SA 100 -1.71 -82.25 -57.10
C PHE SA 100 -2.73 -82.85 -56.14
N ASN SA 101 -2.24 -83.56 -55.10
CA ASN SA 101 -3.06 -83.81 -53.93
C ASN SA 101 -3.01 -82.57 -53.04
N LEU SA 102 -4.16 -82.26 -52.43
CA LEU SA 102 -4.31 -81.06 -51.62
C LEU SA 102 -4.87 -81.48 -50.26
N GLU SA 103 -4.32 -80.88 -49.19
CA GLU SA 103 -4.90 -81.02 -47.86
C GLU SA 103 -4.90 -79.65 -47.18
N ASN SA 104 -6.05 -79.31 -46.57
CA ASN SA 104 -6.18 -78.10 -45.77
C ASN SA 104 -6.66 -78.49 -44.37
N VAL SA 105 -5.96 -77.98 -43.34
CA VAL SA 105 -6.26 -78.30 -41.95
C VAL SA 105 -6.55 -77.01 -41.19
N THR SA 106 -7.69 -76.99 -40.47
CA THR SA 106 -8.11 -75.83 -39.69
C THR SA 106 -8.67 -76.28 -38.34
N PRO SA 107 -8.18 -75.71 -37.19
CA PRO SA 107 -8.94 -75.76 -35.94
C PRO SA 107 -10.25 -74.98 -36.08
N SER SA 108 -11.29 -75.41 -35.35
CA SER SA 108 -12.47 -74.58 -35.15
C SER SA 108 -12.13 -73.47 -34.15
N ALA SA 109 -12.92 -72.38 -34.15
CA ALA SA 109 -12.53 -71.12 -33.52
C ALA SA 109 -12.38 -71.24 -31.99
N SER SA 110 -13.17 -72.14 -31.36
CA SER SA 110 -13.07 -72.41 -29.92
C SER SA 110 -12.45 -73.79 -29.63
N GLY SA 111 -11.83 -74.41 -30.65
CA GLY SA 111 -11.10 -75.66 -30.51
C GLY SA 111 -11.99 -76.89 -30.33
N GLY SA 112 -13.29 -76.79 -30.65
CA GLY SA 112 -14.23 -77.90 -30.56
C GLY SA 112 -13.88 -79.09 -31.46
N PHE SA 113 -13.25 -78.81 -32.61
CA PHE SA 113 -12.79 -79.83 -33.56
C PHE SA 113 -11.62 -79.28 -34.39
N GLU SA 114 -10.92 -80.18 -35.10
CA GLU SA 114 -9.97 -79.78 -36.13
C GLU SA 114 -10.44 -80.37 -37.46
N ARG SA 115 -10.96 -79.51 -38.35
CA ARG SA 115 -11.45 -79.95 -39.64
C ARG SA 115 -10.27 -80.13 -40.61
N THR SA 116 -10.12 -81.36 -41.13
CA THR SA 116 -9.21 -81.65 -42.24
C THR SA 116 -10.04 -81.90 -43.51
N THR SA 117 -9.72 -81.16 -44.58
CA THR SA 117 -10.25 -81.41 -45.92
C THR SA 117 -9.11 -81.89 -46.82
N ALA SA 118 -9.29 -83.04 -47.49
CA ALA SA 118 -8.32 -83.52 -48.46
C ALA SA 118 -8.99 -83.80 -49.81
N VAL SA 119 -8.31 -83.39 -50.90
CA VAL SA 119 -8.82 -83.47 -52.27
C VAL SA 119 -7.75 -84.14 -53.14
N GLU SA 120 -8.17 -85.13 -53.94
CA GLU SA 120 -7.25 -85.81 -54.86
C GLU SA 120 -7.21 -85.11 -56.21
N ASN SA 121 -6.06 -85.20 -56.90
CA ASN SA 121 -5.89 -84.94 -58.32
C ASN SA 121 -6.48 -83.58 -58.76
N VAL SA 122 -6.11 -82.52 -58.03
CA VAL SA 122 -6.44 -81.16 -58.44
C VAL SA 122 -5.56 -80.81 -59.65
N VAL SA 123 -6.19 -80.28 -60.70
CA VAL SA 123 -5.51 -79.77 -61.88
C VAL SA 123 -5.92 -78.31 -62.10
N PHE SA 124 -4.98 -77.51 -62.60
CA PHE SA 124 -5.20 -76.08 -62.83
C PHE SA 124 -5.08 -75.82 -64.34
N PRO SA 125 -6.18 -75.41 -65.05
CA PRO SA 125 -6.10 -75.07 -66.47
C PRO SA 125 -5.07 -74.00 -66.84
N GLU SA 126 -4.81 -73.08 -65.89
CA GLU SA 126 -3.84 -72.02 -66.10
C GLU SA 126 -3.12 -71.68 -64.78
N LEU SA 127 -1.86 -71.26 -64.94
CA LEU SA 127 -0.99 -70.92 -63.83
C LEU SA 127 -0.55 -69.47 -64.01
N PRO SA 128 -0.87 -68.53 -63.07
CA PRO SA 128 -0.34 -67.17 -63.15
C PRO SA 128 1.14 -67.18 -62.74
N LEU SA 129 2.03 -66.84 -63.69
CA LEU SA 129 3.45 -66.78 -63.41
C LEU SA 129 3.82 -65.42 -62.80
N ASP SA 130 3.40 -64.35 -63.50
CA ASP SA 130 3.63 -62.97 -63.08
C ASP SA 130 2.26 -62.28 -62.92
N SER SA 131 2.12 -61.47 -61.87
CA SER SA 131 0.85 -60.85 -61.53
C SER SA 131 1.10 -59.50 -60.83
N ALA SA 132 1.81 -58.61 -61.53
CA ALA SA 132 2.32 -57.37 -60.97
C ALA SA 132 1.32 -56.22 -61.15
N THR SA 133 1.18 -55.40 -60.09
CA THR SA 133 0.40 -54.16 -60.08
C THR SA 133 1.19 -53.11 -59.30
N TYR SA 134 1.28 -51.88 -59.84
CA TYR SA 134 2.03 -50.80 -59.22
C TYR SA 134 1.59 -50.58 -57.78
N GLY SA 135 2.55 -50.63 -56.84
CA GLY SA 135 2.31 -50.37 -55.42
C GLY SA 135 1.66 -51.54 -54.66
N GLU SA 136 1.69 -52.75 -55.24
CA GLU SA 136 1.17 -53.96 -54.59
C GLU SA 136 2.18 -55.10 -54.72
N TYR SA 137 2.15 -56.05 -53.77
CA TYR SA 137 2.84 -57.32 -53.94
C TYR SA 137 2.10 -58.12 -55.00
N GLU SA 138 2.83 -58.94 -55.77
CA GLU SA 138 2.21 -59.81 -56.74
C GLU SA 138 1.25 -60.78 -56.02
N GLU SA 139 0.00 -60.86 -56.52
CA GLU SA 139 -1.01 -61.73 -55.95
C GLU SA 139 -1.55 -62.66 -57.04
N TYR SA 140 -1.57 -63.96 -56.72
CA TYR SA 140 -1.82 -65.03 -57.68
C TYR SA 140 -3.15 -65.71 -57.36
N SER SA 141 -3.99 -65.91 -58.39
CA SER SA 141 -5.22 -66.67 -58.23
C SER SA 141 -5.19 -67.94 -59.08
N LEU SA 142 -5.40 -69.09 -58.41
CA LEU SA 142 -5.58 -70.39 -59.04
C LEU SA 142 -7.06 -70.74 -59.06
N THR SA 143 -7.55 -71.25 -60.19
CA THR SA 143 -8.81 -71.98 -60.26
C THR SA 143 -8.52 -73.37 -60.84
N GLY SA 144 -9.02 -74.42 -60.18
CA GLY SA 144 -8.78 -75.79 -60.62
C GLY SA 144 -9.88 -76.75 -60.18
N SER SA 145 -9.81 -78.00 -60.68
CA SER SA 145 -10.78 -79.03 -60.37
C SER SA 145 -10.11 -80.30 -59.83
N GLY SA 146 -10.44 -80.66 -58.57
CA GLY SA 146 -10.09 -81.95 -57.99
C GLY SA 146 -11.08 -83.04 -58.43
N ARG SA 147 -10.63 -84.31 -58.38
CA ARG SA 147 -11.46 -85.44 -58.78
C ARG SA 147 -12.52 -85.75 -57.72
N SER SA 148 -12.10 -85.80 -56.44
CA SER SA 148 -12.97 -86.13 -55.32
C SER SA 148 -12.38 -85.62 -54.00
N VAL SA 149 -13.26 -85.52 -52.98
CA VAL SA 149 -12.86 -85.29 -51.59
C VAL SA 149 -12.51 -86.66 -50.99
N THR SA 150 -11.23 -86.87 -50.65
CA THR SA 150 -10.76 -88.14 -50.11
C THR SA 150 -10.94 -88.19 -48.59
N ASN SA 151 -10.98 -87.03 -47.94
CA ASN SA 151 -11.15 -86.96 -46.50
C ASN SA 151 -11.84 -85.65 -46.11
N LEU SA 152 -12.86 -85.77 -45.25
CA LEU SA 152 -13.44 -84.67 -44.50
C LEU SA 152 -13.80 -85.19 -43.11
N ALA SA 153 -12.96 -84.84 -42.12
CA ALA SA 153 -13.08 -85.41 -40.79
C ALA SA 153 -12.57 -84.44 -39.73
N ASP SA 154 -13.03 -84.65 -38.49
CA ASP SA 154 -12.41 -84.07 -37.32
C ASP SA 154 -11.16 -84.90 -36.99
N THR SA 155 -9.98 -84.27 -37.14
CA THR SA 155 -8.70 -84.94 -36.94
C THR SA 155 -8.06 -84.61 -35.59
N SER SA 156 -8.80 -83.94 -34.70
CA SER SA 156 -8.32 -83.61 -33.35
C SER SA 156 -8.16 -84.87 -32.51
N GLY SA 157 -7.26 -84.82 -31.51
CA GLY SA 157 -6.90 -85.96 -30.67
C GLY SA 157 -8.10 -86.52 -29.90
N ALA TA 2 14.69 -77.63 -52.21
CA ALA TA 2 13.93 -76.64 -53.02
C ALA TA 2 14.00 -75.27 -52.36
N THR TA 3 13.79 -74.21 -53.17
CA THR TA 3 13.81 -72.82 -52.70
C THR TA 3 12.48 -72.48 -52.03
N SER TA 4 12.54 -71.84 -50.85
CA SER TA 4 11.36 -71.42 -50.09
C SER TA 4 10.50 -70.44 -50.90
N PRO TA 5 9.14 -70.55 -50.89
CA PRO TA 5 8.29 -69.52 -51.48
C PRO TA 5 8.48 -68.18 -50.77
N GLU TA 6 8.39 -67.08 -51.54
CA GLU TA 6 8.69 -65.75 -51.04
C GLU TA 6 7.79 -64.72 -51.73
N GLY TA 7 7.48 -63.61 -51.03
CA GLY TA 7 6.75 -62.49 -51.61
C GLY TA 7 7.52 -61.87 -52.78
N ILE TA 8 6.79 -61.33 -53.77
CA ILE TA 8 7.39 -60.60 -54.87
C ILE TA 8 6.76 -59.21 -54.93
N TRP TA 9 7.61 -58.19 -55.01
CA TRP TA 9 7.18 -56.80 -55.06
C TRP TA 9 7.08 -56.38 -56.53
N SER TA 10 5.92 -55.86 -56.94
CA SER TA 10 5.63 -55.56 -58.34
C SER TA 10 6.62 -54.56 -58.93
N ASN TA 11 6.98 -53.53 -58.14
CA ASN TA 11 7.79 -52.42 -58.63
C ASN TA 11 9.27 -52.83 -58.79
N SER TA 12 9.66 -54.04 -58.33
CA SER TA 12 11.02 -54.53 -58.50
C SER TA 12 11.24 -55.16 -59.89
N GLY TA 13 10.16 -55.35 -60.66
CA GLY TA 13 10.23 -56.05 -61.94
C GLY TA 13 10.78 -55.18 -63.09
N ALA TA 14 11.57 -55.83 -63.97
CA ALA TA 14 12.07 -55.22 -65.19
C ALA TA 14 11.59 -56.03 -66.39
N LEU TA 15 10.77 -55.39 -67.24
CA LEU TA 15 10.19 -56.00 -68.44
C LEU TA 15 10.92 -55.50 -69.69
N THR TA 16 11.27 -56.43 -70.59
CA THR TA 16 11.95 -56.12 -71.84
C THR TA 16 11.33 -56.91 -73.00
N PHE TA 17 11.28 -56.27 -74.17
CA PHE TA 17 10.84 -56.91 -75.42
C PHE TA 17 12.02 -57.00 -76.39
N GLU TA 18 12.05 -58.09 -77.16
CA GLU TA 18 13.09 -58.29 -78.18
C GLU TA 18 12.45 -58.74 -79.50
N ASP TA 19 13.07 -58.31 -80.61
CA ASP TA 19 12.75 -58.83 -81.93
C ASP TA 19 13.31 -60.25 -82.05
N PRO TA 20 12.47 -61.30 -82.25
CA PRO TA 20 12.95 -62.68 -82.35
C PRO TA 20 13.85 -62.99 -83.56
N ALA TA 21 13.95 -62.06 -84.51
CA ALA TA 21 14.87 -62.19 -85.64
C ALA TA 21 16.31 -61.85 -85.24
N ASP TA 22 16.48 -60.97 -84.24
CA ASP TA 22 17.76 -60.35 -83.90
C ASP TA 22 18.22 -60.69 -82.48
N ASP TA 23 17.26 -60.90 -81.57
CA ASP TA 23 17.42 -60.73 -80.12
C ASP TA 23 17.79 -59.29 -79.74
N SER TA 24 17.49 -58.30 -80.60
CA SER TA 24 17.70 -56.89 -80.32
C SER TA 24 16.52 -56.33 -79.53
N GLU TA 25 16.80 -55.44 -78.55
CA GLU TA 25 15.77 -54.88 -77.69
C GLU TA 25 14.90 -53.87 -78.46
N ILE TA 26 13.58 -53.99 -78.27
CA ILE TA 26 12.60 -53.00 -78.69
C ILE TA 26 12.28 -52.12 -77.48
N LEU TA 27 12.45 -50.80 -77.63
CA LEU TA 27 12.34 -49.87 -76.52
C LEU TA 27 10.92 -49.88 -75.95
N PHE TA 28 10.82 -50.20 -74.65
CA PHE TA 28 9.56 -50.25 -73.93
C PHE TA 28 9.84 -49.90 -72.46
N ALA TA 29 8.91 -49.17 -71.83
CA ALA TA 29 9.14 -48.61 -70.50
C ALA TA 29 7.81 -48.24 -69.82
N GLY TA 30 7.88 -47.97 -68.51
CA GLY TA 30 6.80 -47.34 -67.77
C GLY TA 30 5.60 -48.25 -67.49
N VAL TA 31 5.85 -49.56 -67.29
CA VAL TA 31 4.79 -50.50 -66.93
C VAL TA 31 4.18 -50.13 -65.58
N ARG TA 32 2.89 -50.51 -65.42
CA ARG TA 32 2.13 -50.28 -64.19
C ARG TA 32 1.44 -51.58 -63.75
N ASP TA 33 1.04 -52.41 -64.73
CA ASP TA 33 0.60 -53.77 -64.45
C ASP TA 33 1.18 -54.74 -65.49
N VAL TA 34 1.50 -55.96 -65.05
CA VAL TA 34 1.97 -57.05 -65.91
C VAL TA 34 1.41 -58.37 -65.39
N THR TA 35 0.56 -59.03 -66.19
CA THR TA 35 0.10 -60.38 -65.91
C THR TA 35 0.60 -61.31 -67.02
N ILE TA 36 1.27 -62.41 -66.62
CA ILE TA 36 1.69 -63.45 -67.54
C ILE TA 36 1.12 -64.79 -67.05
N THR TA 37 0.31 -65.43 -67.90
CA THR TA 37 -0.41 -66.63 -67.53
C THR TA 37 -0.30 -67.67 -68.65
N PRO TA 38 0.58 -68.70 -68.53
CA PRO TA 38 0.47 -69.92 -69.34
C PRO TA 38 -0.81 -70.68 -68.99
N ALA TA 39 -1.48 -71.17 -70.05
CA ALA TA 39 -2.78 -71.79 -69.95
C ALA TA 39 -2.90 -72.93 -70.96
N TYR TA 40 -3.75 -73.91 -70.63
CA TYR TA 40 -4.20 -74.91 -71.58
C TYR TA 40 -5.72 -75.05 -71.43
N GLU TA 41 -6.38 -75.38 -72.55
CA GLU TA 41 -7.72 -75.97 -72.47
C GLU TA 41 -7.61 -77.38 -71.88
N HIS TA 42 -8.57 -77.73 -71.00
CA HIS TA 42 -8.68 -79.06 -70.43
C HIS TA 42 -9.94 -79.76 -70.96
N ALA TA 43 -9.84 -81.07 -71.20
CA ALA TA 43 -11.00 -81.90 -71.46
C ALA TA 43 -11.08 -83.04 -70.43
N GLU TA 44 -12.22 -83.13 -69.72
CA GLU TA 44 -12.45 -84.13 -68.67
C GLU TA 44 -13.36 -85.24 -69.20
N LEU TA 45 -12.94 -86.50 -69.05
CA LEU TA 45 -13.75 -87.64 -69.49
C LEU TA 45 -14.70 -88.07 -68.38
N TYR TA 46 -15.99 -88.17 -68.71
CA TYR TA 46 -17.00 -88.79 -67.85
C TYR TA 46 -17.87 -89.73 -68.69
N THR TA 47 -18.25 -90.88 -68.08
CA THR TA 47 -19.05 -91.92 -68.71
C THR TA 47 -20.05 -92.47 -67.70
N ILE TA 48 -20.93 -93.38 -68.15
CA ILE TA 48 -21.96 -93.98 -67.32
C ILE TA 48 -21.34 -94.89 -66.24
N ASP TA 49 -20.05 -95.27 -66.39
CA ASP TA 49 -19.35 -96.13 -65.45
C ASP TA 49 -19.26 -95.53 -64.04
N SER TA 50 -19.12 -94.19 -63.95
CA SER TA 50 -18.83 -93.51 -62.68
C SER TA 50 -19.27 -92.04 -62.74
N THR TA 51 -19.64 -91.50 -61.57
CA THR TA 51 -19.87 -90.07 -61.40
C THR TA 51 -18.55 -89.30 -61.31
N PHE TA 52 -17.45 -90.00 -61.00
CA PHE TA 52 -16.13 -89.38 -60.91
C PHE TA 52 -15.51 -89.29 -62.30
N ARG TA 53 -14.59 -88.32 -62.45
CA ARG TA 53 -13.81 -88.06 -63.65
C ARG TA 53 -12.91 -89.26 -63.94
N ASP TA 54 -12.99 -89.79 -65.19
CA ASP TA 54 -12.19 -90.91 -65.66
C ASP TA 54 -10.78 -90.43 -66.02
N GLU TA 55 -10.70 -89.32 -66.79
CA GLU TA 55 -9.45 -88.79 -67.32
C GLU TA 55 -9.52 -87.25 -67.38
N VAL TA 56 -8.35 -86.60 -67.43
CA VAL TA 56 -8.24 -85.19 -67.81
C VAL TA 56 -6.98 -84.98 -68.66
N LYS TA 57 -7.10 -84.14 -69.70
CA LYS TA 57 -6.04 -83.91 -70.67
C LYS TA 57 -5.94 -82.43 -71.07
N ARG TA 58 -4.71 -81.97 -71.33
CA ARG TA 58 -4.39 -80.63 -71.82
C ARG TA 58 -4.39 -80.63 -73.35
N TYR TA 59 -4.74 -79.49 -73.97
CA TYR TA 59 -4.49 -79.29 -75.40
C TYR TA 59 -4.01 -77.87 -75.77
N GLU TA 60 -4.95 -76.93 -75.91
CA GLU TA 60 -4.68 -75.74 -76.72
C GLU TA 60 -3.86 -74.71 -75.94
N HIS TA 61 -2.52 -74.87 -75.97
CA HIS TA 61 -1.61 -74.08 -75.14
C HIS TA 61 -1.42 -72.67 -75.70
N ASN TA 62 -1.46 -71.68 -74.79
CA ASN TA 62 -1.01 -70.33 -75.05
C ASN TA 62 -0.54 -69.70 -73.73
N VAL TA 63 0.14 -68.55 -73.85
CA VAL TA 63 0.48 -67.73 -72.69
C VAL TA 63 -0.27 -66.41 -72.84
N ASN TA 64 -1.23 -66.15 -71.95
CA ASN TA 64 -1.89 -64.85 -71.92
C ASN TA 64 -0.92 -63.80 -71.35
N VAL TA 65 -0.82 -62.66 -72.06
CA VAL TA 65 0.03 -61.54 -71.65
C VAL TA 65 -0.85 -60.29 -71.60
N GLU TA 66 -1.02 -59.73 -70.40
CA GLU TA 66 -1.72 -58.46 -70.22
C GLU TA 66 -0.75 -57.47 -69.58
N ILE TA 67 -0.53 -56.32 -70.25
CA ILE TA 67 0.37 -55.28 -69.78
C ILE TA 67 -0.37 -53.94 -69.78
N THR TA 68 -0.32 -53.22 -68.65
CA THR TA 68 -0.71 -51.82 -68.62
C THR TA 68 0.53 -50.95 -68.37
N TYR TA 69 0.68 -49.89 -69.18
CA TYR TA 69 1.89 -49.06 -69.16
C TYR TA 69 1.54 -47.61 -69.51
N ALA TA 70 2.43 -46.68 -69.15
CA ALA TA 70 2.10 -45.24 -69.16
C ALA TA 70 3.12 -44.37 -69.90
N LYS TA 71 4.14 -44.98 -70.52
CA LYS TA 71 5.09 -44.28 -71.39
C LYS TA 71 4.93 -44.82 -72.81
N PHE TA 72 4.62 -43.92 -73.75
CA PHE TA 72 4.43 -44.33 -75.14
C PHE TA 72 5.77 -44.63 -75.80
N SER TA 73 5.83 -45.71 -76.61
CA SER TA 73 7.01 -46.03 -77.40
C SER TA 73 6.67 -46.00 -78.89
N LEU TA 74 7.35 -45.13 -79.63
CA LEU TA 74 7.21 -45.04 -81.08
C LEU TA 74 7.78 -46.27 -81.77
N GLU TA 75 8.88 -46.82 -81.24
CA GLU TA 75 9.49 -48.01 -81.83
C GLU TA 75 8.54 -49.21 -81.72
N PHE TA 76 7.99 -49.44 -80.52
CA PHE TA 76 7.11 -50.57 -80.27
C PHE TA 76 5.87 -50.52 -81.19
N ALA TA 77 5.29 -49.31 -81.32
CA ALA TA 77 4.11 -49.09 -82.15
C ALA TA 77 4.41 -49.31 -83.63
N GLN TA 78 5.58 -48.83 -84.09
CA GLN TA 78 5.96 -48.94 -85.49
C GLN TA 78 6.41 -50.36 -85.86
N GLU TA 79 6.93 -51.10 -84.87
CA GLU TA 79 7.21 -52.53 -85.00
C GLU TA 79 5.91 -53.33 -85.16
N TRP TA 80 4.89 -52.99 -84.33
CA TRP TA 80 3.59 -53.65 -84.38
C TRP TA 80 2.90 -53.42 -85.74
N LEU TA 81 2.98 -52.18 -86.25
CA LEU TA 81 2.41 -51.84 -87.56
C LEU TA 81 3.13 -52.58 -88.69
N GLY TA 82 4.47 -52.66 -88.62
CA GLY TA 82 5.30 -53.17 -89.70
C GLY TA 82 5.24 -54.68 -89.92
N GLY TA 83 4.77 -55.44 -88.92
CA GLY TA 83 4.84 -56.90 -88.96
C GLY TA 83 6.27 -57.41 -88.76
N PRO TA 84 6.53 -58.74 -88.89
CA PRO TA 84 7.87 -59.30 -88.64
C PRO TA 84 8.97 -58.69 -89.52
N GLY TA 85 10.07 -58.30 -88.89
CA GLY TA 85 11.30 -57.88 -89.54
C GLY TA 85 11.26 -56.51 -90.21
N ALA TA 86 10.24 -55.68 -89.91
CA ALA TA 86 10.11 -54.35 -90.49
C ALA TA 86 9.36 -53.40 -89.55
N THR TA 87 9.63 -52.08 -89.68
CA THR TA 87 8.85 -51.03 -89.05
C THR TA 87 8.05 -50.27 -90.11
N ALA TA 88 6.81 -49.87 -89.75
CA ALA TA 88 5.98 -49.03 -90.61
C ALA TA 88 5.36 -47.88 -89.83
N THR TA 89 5.18 -46.73 -90.52
CA THR TA 89 4.56 -45.53 -89.96
C THR TA 89 3.07 -45.44 -90.32
N ALA TA 90 2.49 -46.57 -90.79
CA ALA TA 90 1.11 -46.66 -91.24
C ALA TA 90 0.70 -48.13 -91.22
N SER TA 91 -0.62 -48.41 -91.23
CA SER TA 91 -1.14 -49.77 -91.30
C SER TA 91 -0.60 -50.51 -92.52
N GLN TA 92 -0.26 -51.78 -92.34
CA GLN TA 92 0.19 -52.64 -93.43
C GLN TA 92 -0.92 -53.65 -93.77
N ASP TA 93 -1.20 -53.75 -95.07
CA ASP TA 93 -2.17 -54.70 -95.60
C ASP TA 93 -1.48 -56.03 -95.87
N ASP TA 94 -1.17 -56.78 -94.79
CA ASP TA 94 -0.58 -58.11 -94.89
C ASP TA 94 -0.96 -58.97 -93.66
N SER TA 95 -0.76 -60.29 -93.80
CA SER TA 95 -1.35 -61.29 -92.93
C SER TA 95 -0.50 -61.63 -91.69
N ASP TA 96 0.75 -61.16 -91.61
CA ASP TA 96 1.66 -61.58 -90.55
C ASP TA 96 1.63 -60.58 -89.37
N PRO TA 97 1.23 -61.00 -88.14
CA PRO TA 97 1.35 -60.13 -86.97
C PRO TA 97 2.81 -60.06 -86.54
N MET TA 98 3.20 -58.91 -85.99
CA MET TA 98 4.51 -58.77 -85.36
C MET TA 98 4.57 -59.68 -84.12
N LYS TA 99 5.64 -60.48 -84.03
CA LYS TA 99 5.88 -61.38 -82.91
C LYS TA 99 7.02 -60.82 -82.06
N PHE TA 100 6.75 -60.63 -80.76
CA PHE TA 100 7.74 -60.10 -79.83
C PHE TA 100 8.16 -61.23 -78.88
N ASN TA 101 9.47 -61.36 -78.64
CA ASN TA 101 9.91 -62.09 -77.46
C ASN TA 101 9.79 -61.18 -76.25
N LEU TA 102 9.37 -61.75 -75.11
CA LEU TA 102 9.16 -61.00 -73.89
C LEU TA 102 9.95 -61.67 -72.76
N GLU TA 103 10.59 -60.84 -71.92
CA GLU TA 103 11.23 -61.32 -70.69
C GLU TA 103 10.92 -60.35 -69.55
N ASN TA 104 10.54 -60.93 -68.39
CA ASN TA 104 10.34 -60.19 -67.15
C ASN TA 104 11.24 -60.77 -66.06
N VAL TA 105 12.04 -59.90 -65.41
CA VAL TA 105 12.97 -60.31 -64.36
C VAL TA 105 12.58 -59.60 -63.05
N THR TA 106 12.39 -60.38 -61.98
CA THR TA 106 12.06 -59.85 -60.66
C THR TA 106 12.90 -60.52 -59.57
N PRO TA 107 13.56 -59.74 -58.68
CA PRO TA 107 14.01 -60.28 -57.38
C PRO TA 107 12.78 -60.70 -56.56
N SER TA 108 12.95 -61.72 -55.72
CA SER TA 108 12.00 -61.97 -54.64
C SER TA 108 12.23 -60.91 -53.55
N ALA TA 109 11.22 -60.69 -52.69
CA ALA TA 109 11.14 -59.52 -51.81
C ALA TA 109 12.27 -59.48 -50.77
N SER TA 110 12.79 -60.66 -50.37
CA SER TA 110 13.92 -60.76 -49.44
C SER TA 110 15.19 -61.28 -50.13
N GLY TA 111 15.20 -61.30 -51.46
CA GLY TA 111 16.36 -61.69 -52.26
C GLY TA 111 16.70 -63.19 -52.20
N GLY TA 112 15.74 -64.03 -51.78
CA GLY TA 112 15.91 -65.48 -51.73
C GLY TA 112 16.13 -66.13 -53.10
N PHE TA 113 15.59 -65.50 -54.15
CA PHE TA 113 15.77 -65.90 -55.55
C PHE TA 113 15.54 -64.70 -56.47
N GLU TA 114 15.95 -64.85 -57.75
CA GLU TA 114 15.54 -63.91 -58.78
C GLU TA 114 14.78 -64.68 -59.87
N ARG TA 115 13.46 -64.45 -59.95
CA ARG TA 115 12.61 -65.13 -60.92
C ARG TA 115 12.73 -64.43 -62.29
N THR TA 116 13.13 -65.20 -63.32
CA THR TA 116 13.05 -64.79 -64.71
C THR TA 116 11.94 -65.59 -65.41
N THR TA 117 11.00 -64.87 -66.04
CA THR TA 117 9.98 -65.44 -66.93
C THR TA 117 10.23 -64.94 -68.35
N ALA TA 118 10.38 -65.89 -69.31
CA ALA TA 118 10.54 -65.55 -70.72
C ALA TA 118 9.46 -66.25 -71.56
N VAL TA 119 8.88 -65.50 -72.53
CA VAL TA 119 7.77 -65.94 -73.37
C VAL TA 119 8.13 -65.69 -74.84
N GLU TA 120 7.94 -66.70 -75.70
CA GLU TA 120 8.24 -66.55 -77.13
C GLU TA 120 6.99 -66.11 -77.89
N ASN TA 121 7.23 -65.37 -78.99
CA ASN TA 121 6.26 -65.09 -80.05
C ASN TA 121 4.93 -64.53 -79.50
N VAL TA 122 5.02 -63.52 -78.61
CA VAL TA 122 3.85 -62.80 -78.15
C VAL TA 122 3.33 -61.94 -79.30
N VAL TA 123 2.01 -62.04 -79.57
CA VAL TA 123 1.32 -61.24 -80.57
C VAL TA 123 0.16 -60.50 -79.91
N PHE TA 124 -0.10 -59.27 -80.38
CA PHE TA 124 -1.14 -58.41 -79.83
C PHE TA 124 -2.20 -58.17 -80.91
N PRO TA 125 -3.47 -58.64 -80.77
CA PRO TA 125 -4.53 -58.37 -81.74
C PRO TA 125 -4.80 -56.88 -82.02
N GLU TA 126 -4.62 -56.04 -80.98
CA GLU TA 126 -4.89 -54.62 -81.08
C GLU TA 126 -3.85 -53.84 -80.27
N LEU TA 127 -3.54 -52.64 -80.78
CA LEU TA 127 -2.54 -51.76 -80.20
C LEU TA 127 -3.19 -50.42 -79.88
N PRO TA 128 -3.24 -49.97 -78.59
CA PRO TA 128 -3.75 -48.63 -78.28
C PRO TA 128 -2.70 -47.59 -78.67
N LEU TA 129 -3.01 -46.77 -79.68
CA LEU TA 129 -2.12 -45.69 -80.08
C LEU TA 129 -2.31 -44.47 -79.18
N ASP TA 130 -3.57 -44.03 -79.06
CA ASP TA 130 -3.94 -42.89 -78.23
C ASP TA 130 -4.93 -43.37 -77.16
N SER TA 131 -4.78 -42.86 -75.93
CA SER TA 131 -5.57 -43.30 -74.79
C SER TA 131 -5.74 -42.16 -73.79
N ALA TA 132 -6.25 -41.02 -74.28
CA ALA TA 132 -6.35 -39.77 -73.52
C ALA TA 132 -7.60 -39.77 -72.64
N THR TA 133 -7.48 -39.10 -71.47
CA THR TA 133 -8.57 -38.85 -70.54
C THR TA 133 -8.28 -37.53 -69.82
N TYR TA 134 -9.32 -36.73 -69.55
CA TYR TA 134 -9.15 -35.40 -68.98
C TYR TA 134 -8.42 -35.47 -67.63
N GLY TA 135 -7.27 -34.79 -67.54
CA GLY TA 135 -6.49 -34.66 -66.30
C GLY TA 135 -5.74 -35.94 -65.91
N GLU TA 136 -5.35 -36.75 -66.91
CA GLU TA 136 -4.60 -37.98 -66.68
C GLU TA 136 -3.49 -38.12 -67.73
N TYR TA 137 -2.41 -38.84 -67.38
CA TYR TA 137 -1.47 -39.32 -68.37
C TYR TA 137 -2.14 -40.40 -69.20
N GLU TA 138 -1.79 -40.46 -70.50
CA GLU TA 138 -2.30 -41.55 -71.33
C GLU TA 138 -1.79 -42.88 -70.77
N GLU TA 139 -2.73 -43.82 -70.55
CA GLU TA 139 -2.40 -45.14 -70.04
C GLU TA 139 -2.90 -46.20 -71.02
N TYR TA 140 -2.00 -47.14 -71.37
CA TYR TA 140 -2.16 -48.07 -72.48
C TYR TA 140 -2.26 -49.49 -71.93
N SER TA 141 -3.27 -50.25 -72.41
CA SER TA 141 -3.37 -51.66 -72.08
C SER TA 141 -3.20 -52.53 -73.33
N LEU TA 142 -2.25 -53.47 -73.24
CA LEU TA 142 -2.05 -54.53 -74.24
C LEU TA 142 -2.64 -55.83 -73.70
N THR TA 143 -3.49 -56.47 -74.51
CA THR TA 143 -3.80 -57.89 -74.33
C THR TA 143 -3.25 -58.63 -75.53
N GLY TA 144 -2.44 -59.68 -75.29
CA GLY TA 144 -1.91 -60.52 -76.35
C GLY TA 144 -1.65 -61.93 -75.85
N SER TA 145 -1.08 -62.79 -76.72
CA SER TA 145 -0.69 -64.12 -76.29
C SER TA 145 0.58 -64.63 -76.96
N GLY TA 146 1.44 -65.25 -76.14
CA GLY TA 146 2.65 -65.93 -76.57
C GLY TA 146 2.43 -67.42 -76.85
N ARG TA 147 3.36 -68.03 -77.59
CA ARG TA 147 3.27 -69.41 -78.02
C ARG TA 147 3.57 -70.37 -76.87
N SER TA 148 4.62 -70.06 -76.08
CA SER TA 148 5.07 -70.88 -74.96
C SER TA 148 5.95 -70.07 -74.00
N VAL TA 149 6.12 -70.59 -72.77
CA VAL TA 149 7.11 -70.11 -71.82
C VAL TA 149 8.44 -70.80 -72.16
N THR TA 150 9.44 -70.02 -72.58
CA THR TA 150 10.75 -70.58 -72.93
C THR TA 150 11.64 -70.72 -71.69
N ASN TA 151 11.39 -69.91 -70.66
CA ASN TA 151 12.17 -69.97 -69.43
C ASN TA 151 11.34 -69.54 -68.23
N LEU TA 152 11.46 -70.31 -67.15
CA LEU TA 152 11.02 -69.94 -65.81
C LEU TA 152 12.00 -70.57 -64.81
N ALA TA 153 12.90 -69.73 -64.28
CA ALA TA 153 13.98 -70.20 -63.42
C ALA TA 153 14.42 -69.11 -62.44
N ASP TA 154 15.04 -69.55 -61.35
CA ASP TA 154 15.86 -68.69 -60.51
C ASP TA 154 17.16 -68.37 -61.27
N THR TA 155 17.36 -67.08 -61.58
CA THR TA 155 18.53 -66.62 -62.33
C THR TA 155 19.54 -65.90 -61.42
N SER TA 156 19.34 -65.93 -60.09
CA SER TA 156 20.30 -65.37 -59.14
C SER TA 156 21.58 -66.23 -59.12
N GLY TA 157 22.68 -65.66 -58.58
CA GLY TA 157 23.98 -66.30 -58.55
C GLY TA 157 23.98 -67.63 -57.79
N ALA UA 2 16.97 -45.30 -81.43
CA ALA UA 2 15.55 -44.87 -81.51
C ALA UA 2 15.20 -44.00 -80.31
N THR UA 3 14.05 -43.29 -80.40
CA THR UA 3 13.60 -42.33 -79.40
C THR UA 3 13.16 -43.05 -78.13
N SER UA 4 13.65 -42.58 -76.96
CA SER UA 4 13.29 -43.15 -75.66
C SER UA 4 11.78 -43.04 -75.43
N PRO UA 5 11.11 -44.08 -74.85
CA PRO UA 5 9.69 -43.97 -74.46
C PRO UA 5 9.49 -42.88 -73.41
N GLU UA 6 8.32 -42.23 -73.44
CA GLU UA 6 8.08 -41.06 -72.60
C GLU UA 6 6.59 -40.98 -72.26
N GLY UA 7 6.26 -40.38 -71.09
CA GLY UA 7 4.88 -40.12 -70.72
C GLY UA 7 4.21 -39.15 -71.69
N ILE UA 8 2.88 -39.29 -71.87
CA ILE UA 8 2.10 -38.34 -72.66
C ILE UA 8 0.97 -37.81 -71.79
N TRP UA 9 0.86 -36.48 -71.73
CA TRP UA 9 -0.18 -35.82 -70.95
C TRP UA 9 -1.41 -35.64 -71.84
N SER UA 10 -2.59 -36.14 -71.40
CA SER UA 10 -3.79 -36.16 -72.22
C SER UA 10 -4.16 -34.77 -72.74
N ASN UA 11 -4.09 -33.77 -71.84
CA ASN UA 11 -4.58 -32.42 -72.11
C ASN UA 11 -3.69 -31.66 -73.10
N SER UA 12 -2.51 -32.21 -73.45
CA SER UA 12 -1.61 -31.61 -74.43
C SER UA 12 -2.05 -31.87 -75.87
N GLY UA 13 -3.03 -32.77 -76.06
CA GLY UA 13 -3.45 -33.21 -77.39
C GLY UA 13 -4.30 -32.18 -78.12
N ALA UA 14 -4.12 -32.13 -79.46
CA ALA UA 14 -4.99 -31.41 -80.37
C ALA UA 14 -5.58 -32.39 -81.40
N LEU UA 15 -6.92 -32.55 -81.37
CA LEU UA 15 -7.66 -33.42 -82.29
C LEU UA 15 -8.37 -32.57 -83.35
N THR UA 16 -8.25 -32.98 -84.62
CA THR UA 16 -8.88 -32.29 -85.75
C THR UA 16 -9.53 -33.31 -86.69
N PHE UA 17 -10.65 -32.90 -87.31
CA PHE UA 17 -11.35 -33.68 -88.32
C PHE UA 17 -11.31 -32.95 -89.66
N GLU UA 18 -11.16 -33.72 -90.75
CA GLU UA 18 -11.14 -33.16 -92.10
C GLU UA 18 -12.10 -33.92 -93.01
N ASP UA 19 -12.71 -33.20 -93.95
CA ASP UA 19 -13.47 -33.79 -95.04
C ASP UA 19 -12.48 -34.40 -96.04
N PRO UA 20 -12.51 -35.74 -96.30
CA PRO UA 20 -11.59 -36.36 -97.26
C PRO UA 20 -11.76 -35.94 -98.72
N ALA UA 21 -12.85 -35.23 -99.05
CA ALA UA 21 -13.05 -34.67 -100.38
C ALA UA 21 -12.16 -33.44 -100.62
N ASP UA 22 -11.83 -32.70 -99.55
CA ASP UA 22 -11.21 -31.39 -99.63
C ASP UA 22 -9.87 -31.31 -98.90
N ASP UA 23 -9.71 -32.13 -97.85
CA ASP UA 23 -8.78 -31.88 -96.75
C ASP UA 23 -9.12 -30.59 -95.98
N SER UA 24 -10.38 -30.11 -96.04
CA SER UA 24 -10.84 -28.94 -95.30
C SER UA 24 -11.29 -29.37 -93.89
N GLU UA 25 -11.04 -28.51 -92.89
CA GLU UA 25 -11.35 -28.83 -91.50
C GLU UA 25 -12.86 -28.79 -91.25
N ILE UA 26 -13.35 -29.79 -90.49
CA ILE UA 26 -14.69 -29.81 -89.93
C ILE UA 26 -14.58 -29.42 -88.45
N LEU UA 27 -15.24 -28.32 -88.05
CA LEU UA 27 -15.01 -27.72 -86.75
C LEU UA 27 -15.50 -28.67 -85.64
N PHE UA 28 -14.57 -28.96 -84.71
CA PHE UA 28 -14.78 -29.88 -83.60
C PHE UA 28 -13.84 -29.48 -82.46
N ALA UA 29 -14.33 -29.57 -81.22
CA ALA UA 29 -13.63 -29.00 -80.07
C ALA UA 29 -14.10 -29.64 -78.76
N GLY UA 30 -13.36 -29.39 -77.68
CA GLY UA 30 -13.81 -29.66 -76.31
C GLY UA 30 -13.82 -31.15 -75.95
N VAL UA 31 -12.84 -31.92 -76.45
CA VAL UA 31 -12.69 -33.33 -76.11
C VAL UA 31 -12.34 -33.47 -74.62
N ARG UA 32 -12.67 -34.66 -74.07
CA ARG UA 32 -12.33 -35.01 -72.70
C ARG UA 32 -11.61 -36.37 -72.70
N ASP UA 33 -12.12 -37.34 -73.48
CA ASP UA 33 -11.45 -38.61 -73.72
C ASP UA 33 -11.26 -38.82 -75.23
N VAL UA 34 -10.11 -39.41 -75.62
CA VAL UA 34 -9.87 -39.85 -76.99
C VAL UA 34 -9.10 -41.18 -76.95
N THR UA 35 -9.70 -42.25 -77.48
CA THR UA 35 -9.03 -43.53 -77.66
C THR UA 35 -8.97 -43.87 -79.15
N ILE UA 36 -7.76 -44.21 -79.63
CA ILE UA 36 -7.55 -44.69 -80.99
C ILE UA 36 -6.80 -46.02 -80.92
N THR UA 37 -7.40 -47.07 -81.49
CA THR UA 37 -6.88 -48.43 -81.39
C THR UA 37 -6.96 -49.13 -82.75
N PRO UA 38 -5.85 -49.19 -83.54
CA PRO UA 38 -5.76 -50.14 -84.64
C PRO UA 38 -5.84 -51.58 -84.13
N ALA UA 39 -6.61 -52.41 -84.85
CA ALA UA 39 -6.90 -53.77 -84.47
C ALA UA 39 -6.93 -54.67 -85.71
N TYR UA 40 -6.70 -55.96 -85.48
CA TYR UA 40 -6.95 -57.02 -86.45
C TYR UA 40 -7.61 -58.18 -85.72
N GLU UA 41 -8.45 -58.93 -86.44
CA GLU UA 41 -8.83 -60.27 -86.00
C GLU UA 41 -7.62 -61.20 -86.18
N HIS UA 42 -7.39 -62.06 -85.18
CA HIS UA 42 -6.33 -63.07 -85.23
C HIS UA 42 -6.94 -64.46 -85.41
N ALA UA 43 -6.29 -65.28 -86.25
CA ALA UA 43 -6.63 -66.69 -86.39
C ALA UA 43 -5.41 -67.56 -86.12
N GLU UA 44 -5.55 -68.51 -85.18
CA GLU UA 44 -4.46 -69.34 -84.69
C GLU UA 44 -4.66 -70.78 -85.16
N LEU UA 45 -3.59 -71.39 -85.70
CA LEU UA 45 -3.65 -72.77 -86.17
C LEU UA 45 -3.15 -73.72 -85.08
N TYR UA 46 -4.03 -74.68 -84.70
CA TYR UA 46 -3.65 -75.81 -83.87
C TYR UA 46 -4.14 -77.11 -84.51
N THR UA 47 -3.31 -78.15 -84.38
CA THR UA 47 -3.57 -79.47 -84.96
C THR UA 47 -3.19 -80.56 -83.95
N ILE UA 48 -3.49 -81.81 -84.29
CA ILE UA 48 -3.15 -82.96 -83.46
C ILE UA 48 -1.62 -83.16 -83.31
N ASP UA 49 -0.80 -82.51 -84.17
CA ASP UA 49 0.66 -82.63 -84.12
C ASP UA 49 1.26 -82.10 -82.81
N SER UA 50 0.66 -81.05 -82.22
CA SER UA 50 1.26 -80.32 -81.11
C SER UA 50 0.19 -79.62 -80.28
N THR UA 51 0.45 -79.48 -78.97
CA THR UA 51 -0.33 -78.61 -78.09
C THR UA 51 -0.03 -77.14 -78.35
N PHE UA 52 1.15 -76.84 -78.93
CA PHE UA 52 1.55 -75.47 -79.20
C PHE UA 52 0.94 -75.00 -80.53
N ARG UA 53 0.82 -73.68 -80.66
CA ARG UA 53 0.33 -72.98 -81.84
C ARG UA 53 1.28 -73.20 -83.01
N ASP UA 54 0.73 -73.63 -84.16
CA ASP UA 54 1.47 -73.83 -85.40
C ASP UA 54 1.72 -72.48 -86.10
N GLU UA 55 0.66 -71.66 -86.21
CA GLU UA 55 0.67 -70.40 -86.95
C GLU UA 55 -0.28 -69.40 -86.29
N VAL UA 56 -0.07 -68.09 -86.58
CA VAL UA 56 -1.04 -67.04 -86.29
C VAL UA 56 -1.03 -66.00 -87.42
N LYS UA 57 -2.22 -65.47 -87.78
CA LYS UA 57 -2.41 -64.59 -88.93
C LYS UA 57 -3.42 -63.47 -88.63
N ARG UA 58 -3.34 -62.37 -89.41
CA ARG UA 58 -4.16 -61.16 -89.27
C ARG UA 58 -5.18 -61.07 -90.42
N TYR UA 59 -6.38 -60.54 -90.10
CA TYR UA 59 -7.43 -60.19 -91.05
C TYR UA 59 -8.39 -59.17 -90.41
N GLU UA 60 -9.32 -58.61 -91.20
CA GLU UA 60 -10.27 -57.58 -90.77
C GLU UA 60 -9.56 -56.48 -89.97
N HIS UA 61 -8.73 -55.70 -90.66
CA HIS UA 61 -8.15 -54.51 -90.06
C HIS UA 61 -9.23 -53.43 -89.93
N ASN UA 62 -9.25 -52.78 -88.76
CA ASN UA 62 -9.96 -51.53 -88.56
C ASN UA 62 -9.26 -50.74 -87.45
N VAL UA 63 -9.62 -49.47 -87.32
CA VAL UA 63 -9.15 -48.65 -86.21
C VAL UA 63 -10.37 -48.26 -85.39
N ASN UA 64 -10.47 -48.75 -84.15
CA ASN UA 64 -11.50 -48.28 -83.24
C ASN UA 64 -11.18 -46.86 -82.80
N VAL UA 65 -12.15 -45.96 -82.99
CA VAL UA 65 -12.06 -44.58 -82.55
C VAL UA 65 -13.22 -44.34 -81.56
N GLU UA 66 -12.89 -43.93 -80.33
CA GLU UA 66 -13.92 -43.44 -79.43
C GLU UA 66 -13.48 -42.14 -78.78
N ILE UA 67 -14.42 -41.18 -78.77
CA ILE UA 67 -14.18 -39.80 -78.34
C ILE UA 67 -15.33 -39.40 -77.42
N THR UA 68 -14.98 -38.83 -76.26
CA THR UA 68 -15.95 -38.13 -75.42
C THR UA 68 -15.62 -36.63 -75.45
N TYR UA 69 -16.65 -35.80 -75.68
CA TYR UA 69 -16.46 -34.37 -75.86
C TYR UA 69 -17.67 -33.61 -75.33
N ALA UA 70 -17.46 -32.31 -75.02
CA ALA UA 70 -18.44 -31.53 -74.26
C ALA UA 70 -18.84 -30.21 -74.93
N LYS UA 71 -18.36 -29.96 -76.16
CA LYS UA 71 -18.79 -28.83 -76.97
C LYS UA 71 -19.51 -29.33 -78.22
N PHE UA 72 -20.77 -28.92 -78.39
CA PHE UA 72 -21.55 -29.34 -79.54
C PHE UA 72 -21.09 -28.59 -80.80
N SER UA 73 -20.94 -29.32 -81.91
CA SER UA 73 -20.65 -28.74 -83.21
C SER UA 73 -21.80 -29.03 -84.17
N LEU UA 74 -22.43 -27.97 -84.71
CA LEU UA 74 -23.46 -28.12 -85.72
C LEU UA 74 -22.86 -28.63 -87.03
N GLU UA 75 -21.64 -28.16 -87.38
CA GLU UA 75 -21.02 -28.59 -88.62
C GLU UA 75 -20.79 -30.11 -88.63
N PHE UA 76 -20.19 -30.63 -87.54
CA PHE UA 76 -19.90 -32.05 -87.43
C PHE UA 76 -21.19 -32.89 -87.54
N ALA UA 77 -22.24 -32.47 -86.83
CA ALA UA 77 -23.53 -33.17 -86.81
C ALA UA 77 -24.21 -33.12 -88.17
N GLN UA 78 -24.18 -31.95 -88.84
CA GLN UA 78 -24.84 -31.77 -90.14
C GLN UA 78 -24.06 -32.45 -91.28
N GLU UA 79 -22.73 -32.58 -91.13
CA GLU UA 79 -21.91 -33.40 -92.03
C GLU UA 79 -22.29 -34.87 -91.90
N TRP UA 80 -22.41 -35.36 -90.65
CA TRP UA 80 -22.80 -36.74 -90.37
C TRP UA 80 -24.17 -37.07 -90.97
N LEU UA 81 -25.14 -36.13 -90.83
CA LEU UA 81 -26.46 -36.28 -91.40
C LEU UA 81 -26.42 -36.27 -92.93
N GLY UA 82 -25.56 -35.41 -93.51
CA GLY UA 82 -25.52 -35.16 -94.94
C GLY UA 82 -24.89 -36.29 -95.77
N GLY UA 83 -24.01 -37.10 -95.14
CA GLY UA 83 -23.23 -38.10 -95.86
C GLY UA 83 -22.08 -37.47 -96.64
N PRO UA 84 -21.29 -38.26 -97.42
CA PRO UA 84 -20.11 -37.74 -98.11
C PRO UA 84 -20.39 -36.55 -99.04
N GLY UA 85 -19.57 -35.51 -98.91
CA GLY UA 85 -19.57 -34.32 -99.77
C GLY UA 85 -20.85 -33.48 -99.70
N ALA UA 86 -21.61 -33.60 -98.60
CA ALA UA 86 -22.88 -32.90 -98.43
C ALA UA 86 -23.17 -32.62 -96.95
N THR UA 87 -24.06 -31.63 -96.72
CA THR UA 87 -24.44 -31.17 -95.40
C THR UA 87 -25.98 -31.14 -95.33
N ALA UA 88 -26.57 -31.63 -94.23
CA ALA UA 88 -28.02 -31.71 -94.12
C ALA UA 88 -28.51 -31.36 -92.70
N THR UA 89 -29.69 -30.71 -92.63
CA THR UA 89 -30.35 -30.36 -91.38
C THR UA 89 -31.38 -31.43 -90.95
N ALA UA 90 -31.36 -32.61 -91.61
CA ALA UA 90 -32.32 -33.67 -91.36
C ALA UA 90 -31.72 -35.01 -91.80
N SER UA 91 -32.24 -36.13 -91.27
CA SER UA 91 -31.84 -37.47 -91.69
C SER UA 91 -31.97 -37.62 -93.20
N GLN UA 92 -30.97 -38.25 -93.82
CA GLN UA 92 -31.01 -38.54 -95.25
C GLN UA 92 -31.28 -40.03 -95.47
N ASP UA 93 -32.19 -40.31 -96.41
CA ASP UA 93 -32.54 -41.68 -96.78
C ASP UA 93 -31.58 -42.17 -97.87
N ASP UA 94 -30.31 -42.41 -97.50
CA ASP UA 94 -29.31 -42.96 -98.41
C ASP UA 94 -28.25 -43.78 -97.65
N SER UA 95 -27.52 -44.60 -98.42
CA SER UA 95 -26.71 -45.70 -97.89
C SER UA 95 -25.27 -45.32 -97.57
N ASP UA 96 -24.82 -44.10 -97.91
CA ASP UA 96 -23.42 -43.71 -97.72
C ASP UA 96 -23.24 -43.03 -96.36
N PRO UA 97 -22.45 -43.58 -95.41
CA PRO UA 97 -22.10 -42.85 -94.18
C PRO UA 97 -21.05 -41.78 -94.48
N MET UA 98 -21.12 -40.67 -93.74
CA MET UA 98 -20.10 -39.64 -93.80
C MET UA 98 -18.77 -40.22 -93.29
N LYS UA 99 -17.70 -40.03 -94.08
CA LYS UA 99 -16.36 -40.48 -93.75
C LYS UA 99 -15.51 -39.28 -93.37
N PHE UA 100 -14.91 -39.34 -92.17
CA PHE UA 100 -14.06 -38.26 -91.68
C PHE UA 100 -12.61 -38.73 -91.66
N ASN UA 101 -11.69 -37.89 -92.15
CA ASN UA 101 -10.29 -38.04 -91.80
C ASN UA 101 -10.09 -37.46 -90.40
N LEU UA 102 -9.24 -38.10 -89.60
CA LEU UA 102 -9.00 -37.72 -88.21
C LEU UA 102 -7.49 -37.61 -88.00
N GLU UA 103 -7.06 -36.55 -87.30
CA GLU UA 103 -5.67 -36.45 -86.85
C GLU UA 103 -5.62 -35.98 -85.40
N ASN UA 104 -4.77 -36.64 -84.60
CA ASN UA 104 -4.49 -36.23 -83.23
C ASN UA 104 -2.99 -35.98 -83.07
N VAL UA 105 -2.62 -34.81 -82.54
CA VAL UA 105 -1.23 -34.42 -82.35
C VAL UA 105 -0.99 -34.14 -80.87
N THR UA 106 0.07 -34.76 -80.31
CA THR UA 106 0.41 -34.64 -78.91
C THR UA 106 1.92 -34.54 -78.73
N PRO UA 107 2.45 -33.49 -78.05
CA PRO UA 107 3.81 -33.53 -77.49
C PRO UA 107 3.92 -34.63 -76.44
N SER UA 108 5.11 -35.24 -76.33
CA SER UA 108 5.43 -36.06 -75.17
C SER UA 108 5.68 -35.14 -73.96
N ALA UA 109 5.57 -35.70 -72.74
CA ALA UA 109 5.49 -34.92 -71.52
C ALA UA 109 6.73 -34.06 -71.25
N SER UA 110 7.92 -34.55 -71.64
CA SER UA 110 9.18 -33.81 -71.52
C SER UA 110 9.71 -33.32 -72.88
N GLY UA 111 8.87 -33.34 -73.92
CA GLY UA 111 9.18 -32.79 -75.23
C GLY UA 111 10.18 -33.60 -76.07
N GLY UA 112 10.40 -34.88 -75.70
CA GLY UA 112 11.29 -35.78 -76.42
C GLY UA 112 10.87 -36.05 -77.87
N PHE UA 113 9.55 -36.04 -78.11
CA PHE UA 113 8.96 -36.23 -79.44
C PHE UA 113 7.58 -35.56 -79.51
N GLU UA 114 7.06 -35.38 -80.73
CA GLU UA 114 5.66 -35.03 -80.92
C GLU UA 114 4.98 -36.15 -81.72
N ARG UA 115 4.10 -36.90 -81.05
CA ARG UA 115 3.40 -38.01 -81.69
C ARG UA 115 2.19 -37.47 -82.47
N THR UA 116 2.17 -37.74 -83.79
CA THR UA 116 1.01 -37.52 -84.65
C THR UA 116 0.40 -38.88 -85.02
N THR UA 117 -0.91 -39.04 -84.75
CA THR UA 117 -1.69 -40.19 -85.21
C THR UA 117 -2.74 -39.72 -86.22
N ALA UA 118 -2.74 -40.31 -87.43
CA ALA UA 118 -3.72 -39.98 -88.45
C ALA UA 118 -4.49 -41.24 -88.88
N VAL UA 119 -5.82 -41.11 -89.03
CA VAL UA 119 -6.73 -42.21 -89.36
C VAL UA 119 -7.62 -41.76 -90.54
N GLU UA 120 -7.75 -42.64 -91.55
CA GLU UA 120 -8.61 -42.33 -92.70
C GLU UA 120 -10.00 -42.91 -92.50
N ASN UA 121 -10.99 -42.27 -93.15
CA ASN UA 121 -12.33 -42.81 -93.42
C ASN UA 121 -13.00 -43.33 -92.14
N VAL UA 122 -12.94 -42.54 -91.05
CA VAL UA 122 -13.65 -42.86 -89.82
C VAL UA 122 -15.14 -42.65 -90.07
N VAL UA 123 -15.95 -43.67 -89.72
CA VAL UA 123 -17.40 -43.58 -89.77
C VAL UA 123 -17.96 -43.88 -88.38
N PHE UA 124 -19.06 -43.20 -88.04
CA PHE UA 124 -19.72 -43.36 -86.75
C PHE UA 124 -21.12 -43.93 -86.98
N PRO UA 125 -21.44 -45.16 -86.50
CA PRO UA 125 -22.79 -45.74 -86.66
C PRO UA 125 -23.92 -44.89 -86.07
N GLU UA 126 -23.61 -44.13 -85.01
CA GLU UA 126 -24.58 -43.28 -84.34
C GLU UA 126 -23.94 -41.99 -83.86
N LEU UA 127 -24.75 -40.93 -83.82
CA LEU UA 127 -24.35 -39.60 -83.44
C LEU UA 127 -25.27 -39.11 -82.32
N PRO UA 128 -24.77 -38.83 -81.09
CA PRO UA 128 -25.61 -38.22 -80.05
C PRO UA 128 -25.84 -36.75 -80.39
N LEU UA 129 -27.11 -36.38 -80.67
CA LEU UA 129 -27.46 -35.00 -80.92
C LEU UA 129 -27.62 -34.24 -79.60
N ASP UA 130 -28.45 -34.81 -78.72
CA ASP UA 130 -28.71 -34.26 -77.39
C ASP UA 130 -28.30 -35.30 -76.35
N SER UA 131 -27.65 -34.84 -75.27
CA SER UA 131 -27.13 -35.72 -74.24
C SER UA 131 -27.13 -34.99 -72.89
N ALA UA 132 -28.33 -34.65 -72.42
CA ALA UA 132 -28.54 -33.74 -71.31
C ALA UA 132 -28.82 -34.51 -70.01
N THR UA 133 -28.16 -34.06 -68.92
CA THR UA 133 -28.35 -34.60 -67.58
C THR UA 133 -28.43 -33.42 -66.60
N TYR UA 134 -29.38 -33.48 -65.67
CA TYR UA 134 -29.62 -32.42 -64.69
C TYR UA 134 -28.33 -32.06 -63.93
N GLY UA 135 -27.95 -30.78 -63.97
CA GLY UA 135 -26.80 -30.25 -63.24
C GLY UA 135 -25.45 -30.57 -63.90
N GLU UA 136 -25.47 -30.95 -65.20
CA GLU UA 136 -24.25 -31.25 -65.96
C GLU UA 136 -24.30 -30.56 -67.32
N TYR UA 137 -23.12 -30.27 -67.89
CA TYR UA 137 -23.02 -29.93 -69.30
C TYR UA 137 -23.35 -31.16 -70.13
N GLU UA 138 -23.94 -30.94 -71.30
CA GLU UA 138 -24.17 -32.04 -72.24
C GLU UA 138 -22.82 -32.65 -72.64
N GLU UA 139 -22.69 -33.97 -72.46
CA GLU UA 139 -21.47 -34.69 -72.81
C GLU UA 139 -21.81 -35.77 -73.84
N TYR UA 140 -21.02 -35.80 -74.92
CA TYR UA 140 -21.29 -36.60 -76.10
C TYR UA 140 -20.20 -37.67 -76.25
N SER UA 141 -20.61 -38.92 -76.51
CA SER UA 141 -19.68 -40.00 -76.80
C SER UA 141 -19.90 -40.52 -78.23
N LEU UA 142 -18.81 -40.54 -79.01
CA LEU UA 142 -18.77 -41.15 -80.33
C LEU UA 142 -18.02 -42.47 -80.24
N THR UA 143 -18.60 -43.54 -80.80
CA THR UA 143 -17.88 -44.76 -81.14
C THR UA 143 -17.94 -44.93 -82.66
N GLY UA 144 -16.79 -45.15 -83.29
CA GLY UA 144 -16.73 -45.34 -84.73
C GLY UA 144 -15.48 -46.13 -85.16
N SER UA 145 -15.31 -46.35 -86.47
CA SER UA 145 -14.12 -47.04 -86.94
C SER UA 145 -13.57 -46.46 -88.24
N GLY UA 146 -12.23 -46.31 -88.27
CA GLY UA 146 -11.48 -45.94 -89.45
C GLY UA 146 -10.95 -47.15 -90.21
N ARG UA 147 -10.59 -46.93 -91.49
CA ARG UA 147 -10.14 -47.99 -92.39
C ARG UA 147 -8.70 -48.40 -92.06
N SER UA 148 -7.82 -47.41 -91.82
CA SER UA 148 -6.41 -47.64 -91.54
C SER UA 148 -5.80 -46.44 -90.82
N VAL UA 149 -4.65 -46.67 -90.16
CA VAL UA 149 -3.77 -45.63 -89.65
C VAL UA 149 -2.89 -45.16 -90.81
N THR UA 150 -3.07 -43.91 -91.27
CA THR UA 150 -2.32 -43.41 -92.43
C THR UA 150 -0.97 -42.81 -92.01
N ASN UA 151 -0.86 -42.42 -90.74
CA ASN UA 151 0.39 -41.86 -90.22
C ASN UA 151 0.51 -42.12 -88.71
N LEU UA 152 1.70 -42.56 -88.30
CA LEU UA 152 2.12 -42.59 -86.90
C LEU UA 152 3.62 -42.33 -86.84
N ALA UA 153 3.99 -41.11 -86.44
CA ALA UA 153 5.38 -40.67 -86.50
C ALA UA 153 5.65 -39.59 -85.46
N ASP UA 154 6.94 -39.40 -85.14
CA ASP UA 154 7.44 -38.20 -84.48
C ASP UA 154 7.47 -37.07 -85.52
N THR UA 155 6.63 -36.04 -85.31
CA THR UA 155 6.51 -34.91 -86.23
C THR UA 155 7.20 -33.65 -85.69
N SER UA 156 7.96 -33.77 -84.59
CA SER UA 156 8.75 -32.66 -84.06
C SER UA 156 9.87 -32.29 -85.03
N GLY UA 157 10.26 -31.00 -85.03
CA GLY UA 157 11.21 -30.44 -85.98
C GLY UA 157 12.59 -31.07 -85.90
N ALA VA 2 -18.24 -21.43 -90.66
CA ALA VA 2 -19.22 -22.21 -89.84
C ALA VA 2 -19.24 -21.69 -88.40
N THR VA 3 -20.30 -22.05 -87.66
CA THR VA 3 -20.48 -21.62 -86.27
C THR VA 3 -19.50 -22.37 -85.37
N SER VA 4 -18.81 -21.64 -84.48
CA SER VA 4 -17.86 -22.22 -83.53
C SER VA 4 -18.55 -23.22 -82.60
N PRO VA 5 -17.95 -24.41 -82.33
CA PRO VA 5 -18.49 -25.33 -81.32
C PRO VA 5 -18.51 -24.69 -79.92
N GLU VA 6 -19.53 -25.05 -79.12
CA GLU VA 6 -19.77 -24.40 -77.84
C GLU VA 6 -20.36 -25.40 -76.85
N GLY VA 7 -20.07 -25.21 -75.55
CA GLY VA 7 -20.68 -25.99 -74.48
C GLY VA 7 -22.19 -25.80 -74.44
N ILE VA 8 -22.93 -26.84 -74.02
CA ILE VA 8 -24.37 -26.75 -73.83
C ILE VA 8 -24.71 -27.18 -72.40
N TRP VA 9 -25.54 -26.36 -71.74
CA TRP VA 9 -25.95 -26.60 -70.37
C TRP VA 9 -27.29 -27.34 -70.38
N SER VA 10 -27.35 -28.50 -69.71
CA SER VA 10 -28.51 -29.38 -69.77
C SER VA 10 -29.80 -28.68 -69.33
N ASN VA 11 -29.71 -27.88 -68.25
CA ASN VA 11 -30.88 -27.26 -67.63
C ASN VA 11 -31.46 -26.10 -68.47
N SER VA 12 -30.76 -25.67 -69.54
CA SER VA 12 -31.26 -24.63 -70.43
C SER VA 12 -32.28 -25.16 -71.44
N GLY VA 13 -32.46 -26.49 -71.52
CA GLY VA 13 -33.27 -27.13 -72.55
C GLY VA 13 -34.77 -27.07 -72.27
N ALA VA 14 -35.55 -26.94 -73.36
CA ALA VA 14 -37.01 -27.06 -73.33
C ALA VA 14 -37.46 -28.17 -74.28
N LEU VA 15 -38.02 -29.25 -73.70
CA LEU VA 15 -38.52 -30.40 -74.44
C LEU VA 15 -40.04 -30.32 -74.56
N THR VA 16 -40.56 -30.58 -75.77
CA THR VA 16 -42.00 -30.58 -76.03
C THR VA 16 -42.39 -31.78 -76.91
N PHE VA 17 -43.59 -32.32 -76.65
CA PHE VA 17 -44.20 -33.38 -77.44
C PHE VA 17 -45.44 -32.84 -78.16
N GLU VA 18 -45.64 -33.29 -79.40
CA GLU VA 18 -46.80 -32.89 -80.20
C GLU VA 18 -47.46 -34.11 -80.83
N ASP VA 19 -48.79 -34.04 -80.95
CA ASP VA 19 -49.58 -35.01 -81.71
C ASP VA 19 -49.36 -34.76 -83.21
N PRO VA 20 -48.80 -35.72 -83.99
CA PRO VA 20 -48.58 -35.52 -85.43
C PRO VA 20 -49.84 -35.37 -86.29
N ALA VA 21 -51.03 -35.62 -85.71
CA ALA VA 21 -52.30 -35.37 -86.40
C ALA VA 21 -52.63 -33.87 -86.47
N ASP VA 22 -52.23 -33.11 -85.43
CA ASP VA 22 -52.68 -31.73 -85.21
C ASP VA 22 -51.50 -30.74 -85.15
N ASP VA 23 -50.30 -31.24 -84.81
CA ASP VA 23 -49.18 -30.45 -84.30
C ASP VA 23 -49.54 -29.74 -82.98
N SER VA 24 -50.51 -30.27 -82.22
CA SER VA 24 -50.90 -29.71 -80.93
C SER VA 24 -50.03 -30.30 -79.81
N GLU VA 25 -49.70 -29.49 -78.79
CA GLU VA 25 -48.83 -29.92 -77.71
C GLU VA 25 -49.54 -30.91 -76.78
N ILE VA 26 -48.81 -31.98 -76.42
CA ILE VA 26 -49.19 -32.90 -75.35
C ILE VA 26 -48.39 -32.51 -74.11
N LEU VA 27 -49.10 -32.25 -73.00
CA LEU VA 27 -48.49 -31.71 -71.79
C LEU VA 27 -47.47 -32.70 -71.21
N PHE VA 28 -46.23 -32.22 -71.07
CA PHE VA 28 -45.09 -33.00 -70.58
C PHE VA 28 -44.10 -32.03 -69.94
N ALA VA 29 -43.51 -32.42 -68.79
CA ALA VA 29 -42.71 -31.51 -67.98
C ALA VA 29 -41.76 -32.26 -67.05
N GLY VA 30 -40.80 -31.51 -66.47
CA GLY VA 30 -40.00 -31.97 -65.35
C GLY VA 30 -38.95 -33.02 -65.73
N VAL VA 31 -38.35 -32.87 -66.93
CA VAL VA 31 -37.26 -33.73 -67.37
C VAL VA 31 -36.04 -33.55 -66.46
N ARG VA 32 -35.23 -34.62 -66.37
CA ARG VA 32 -33.99 -34.65 -65.61
C ARG VA 32 -32.85 -35.21 -66.48
N ASP VA 33 -33.20 -36.08 -67.46
CA ASP VA 33 -32.27 -36.48 -68.50
C ASP VA 33 -33.00 -36.54 -69.85
N VAL VA 34 -32.27 -36.19 -70.93
CA VAL VA 34 -32.75 -36.31 -72.31
C VAL VA 34 -31.58 -36.73 -73.20
N THR VA 35 -31.67 -37.91 -73.81
CA THR VA 35 -30.71 -38.36 -74.82
C THR VA 35 -31.45 -38.58 -76.14
N ILE VA 36 -30.92 -37.97 -77.22
CA ILE VA 36 -31.43 -38.17 -78.58
C ILE VA 36 -30.27 -38.59 -79.47
N THR VA 37 -30.37 -39.79 -80.05
CA THR VA 37 -29.28 -40.36 -80.83
C THR VA 37 -29.82 -40.94 -82.14
N PRO VA 38 -29.71 -40.21 -83.29
CA PRO VA 38 -29.85 -40.84 -84.60
C PRO VA 38 -28.75 -41.88 -84.81
N ALA VA 39 -29.17 -43.03 -85.37
CA ALA VA 39 -28.30 -44.17 -85.56
C ALA VA 39 -28.64 -44.85 -86.89
N TYR VA 40 -27.66 -45.59 -87.42
CA TYR VA 40 -27.89 -46.54 -88.50
C TYR VA 40 -27.09 -47.81 -88.16
N GLU VA 41 -27.58 -48.95 -88.65
CA GLU VA 41 -26.73 -50.14 -88.73
C GLU VA 41 -25.72 -49.95 -89.87
N HIS VA 42 -24.46 -50.35 -89.63
CA HIS VA 42 -23.42 -50.35 -90.65
C HIS VA 42 -23.07 -51.79 -91.06
N ALA VA 43 -22.94 -52.01 -92.38
CA ALA VA 43 -22.38 -53.25 -92.90
C ALA VA 43 -21.08 -52.95 -93.67
N GLU VA 44 -20.02 -53.72 -93.34
CA GLU VA 44 -18.67 -53.50 -93.88
C GLU VA 44 -18.28 -54.66 -94.79
N LEU VA 45 -17.65 -54.34 -95.94
CA LEU VA 45 -17.21 -55.37 -96.87
C LEU VA 45 -15.72 -55.67 -96.69
N TYR VA 46 -15.43 -56.95 -96.42
CA TYR VA 46 -14.09 -57.50 -96.41
C TYR VA 46 -14.06 -58.77 -97.27
N THR VA 47 -12.95 -58.95 -98.01
CA THR VA 47 -12.75 -60.10 -98.90
C THR VA 47 -11.27 -60.51 -98.85
N ILE VA 48 -10.94 -61.64 -99.51
CA ILE VA 48 -9.57 -62.16 -99.59
C ILE VA 48 -8.60 -61.17 -100.28
N ASP VA 49 -9.11 -60.18 -101.02
CA ASP VA 49 -8.30 -59.21 -101.75
C ASP VA 49 -7.40 -58.36 -100.84
N SER VA 50 -7.92 -57.99 -99.66
CA SER VA 50 -7.27 -57.04 -98.76
C SER VA 50 -7.73 -57.28 -97.32
N THR VA 51 -6.83 -57.05 -96.35
CA THR VA 51 -7.17 -57.07 -94.94
C THR VA 51 -7.91 -55.80 -94.53
N PHE VA 52 -7.81 -54.74 -95.36
CA PHE VA 52 -8.53 -53.49 -95.10
C PHE VA 52 -9.96 -53.61 -95.64
N ARG VA 53 -10.88 -52.90 -94.96
CA ARG VA 53 -12.25 -52.68 -95.39
C ARG VA 53 -12.23 -51.97 -96.75
N ASP VA 54 -13.16 -52.33 -97.66
CA ASP VA 54 -13.24 -51.59 -98.92
C ASP VA 54 -14.63 -51.04 -99.25
N GLU VA 55 -15.66 -51.37 -98.45
CA GLU VA 55 -16.93 -50.65 -98.48
C GLU VA 55 -17.51 -50.59 -97.07
N VAL VA 56 -18.30 -49.54 -96.80
CA VAL VA 56 -19.17 -49.48 -95.63
C VAL VA 56 -20.46 -48.74 -96.03
N LYS VA 57 -21.62 -49.23 -95.53
CA LYS VA 57 -22.94 -48.73 -95.92
C LYS VA 57 -23.89 -48.70 -94.72
N ARG VA 58 -24.81 -47.71 -94.72
CA ARG VA 58 -25.87 -47.52 -93.72
C ARG VA 58 -27.15 -48.24 -94.15
N TYR VA 59 -27.96 -48.70 -93.18
CA TYR VA 59 -29.31 -49.20 -93.49
C TYR VA 59 -30.38 -48.83 -92.44
N GLU VA 60 -30.49 -49.57 -91.32
CA GLU VA 60 -31.63 -49.38 -90.42
C GLU VA 60 -31.54 -48.08 -89.66
N HIS VA 61 -32.12 -47.02 -90.23
CA HIS VA 61 -32.17 -45.74 -89.55
C HIS VA 61 -33.26 -45.76 -88.47
N ASN VA 62 -32.88 -45.32 -87.27
CA ASN VA 62 -33.83 -44.95 -86.23
C ASN VA 62 -33.19 -43.85 -85.37
N VAL VA 63 -34.01 -43.15 -84.59
CA VAL VA 63 -33.51 -42.21 -83.61
C VAL VA 63 -33.85 -42.77 -82.22
N ASN VA 64 -32.83 -43.19 -81.47
CA ASN VA 64 -33.03 -43.59 -80.09
C ASN VA 64 -33.35 -42.33 -79.26
N VAL VA 65 -34.48 -42.39 -78.56
CA VAL VA 65 -34.91 -41.32 -77.66
C VAL VA 65 -35.06 -41.93 -76.28
N GLU VA 66 -34.33 -41.38 -75.29
CA GLU VA 66 -34.53 -41.79 -73.91
C GLU VA 66 -34.56 -40.57 -72.99
N ILE VA 67 -35.57 -40.55 -72.13
CA ILE VA 67 -35.92 -39.41 -71.30
C ILE VA 67 -36.15 -39.91 -69.88
N THR VA 68 -35.54 -39.22 -68.89
CA THR VA 68 -35.91 -39.39 -67.50
C THR VA 68 -36.60 -38.12 -67.01
N TYR VA 69 -37.75 -38.28 -66.33
CA TYR VA 69 -38.55 -37.14 -65.91
C TYR VA 69 -39.23 -37.44 -64.57
N ALA VA 70 -39.63 -36.37 -63.85
CA ALA VA 70 -40.08 -36.50 -62.46
C ALA VA 70 -41.45 -35.89 -62.18
N LYS VA 71 -42.09 -35.27 -63.20
CA LYS VA 71 -43.47 -34.80 -63.10
C LYS VA 71 -44.36 -35.68 -63.98
N PHE VA 72 -45.34 -36.34 -63.36
CA PHE VA 72 -46.21 -37.26 -64.09
C PHE VA 72 -47.23 -36.48 -64.91
N SER VA 73 -47.47 -36.94 -66.16
CA SER VA 73 -48.49 -36.35 -67.03
C SER VA 73 -49.57 -37.37 -67.34
N LEU VA 74 -50.82 -37.05 -66.95
CA LEU VA 74 -51.98 -37.87 -67.29
C LEU VA 74 -52.27 -37.85 -68.79
N GLU VA 75 -52.13 -36.68 -69.42
CA GLU VA 75 -52.40 -36.54 -70.85
C GLU VA 75 -51.46 -37.44 -71.66
N PHE VA 76 -50.16 -37.37 -71.37
CA PHE VA 76 -49.14 -38.17 -72.05
C PHE VA 76 -49.44 -39.67 -71.91
N ALA VA 77 -49.74 -40.10 -70.68
CA ALA VA 77 -50.05 -41.50 -70.39
C ALA VA 77 -51.31 -41.96 -71.12
N GLN VA 78 -52.35 -41.11 -71.16
CA GLN VA 78 -53.61 -41.47 -71.79
C GLN VA 78 -53.53 -41.44 -73.32
N GLU VA 79 -52.64 -40.57 -73.87
CA GLU VA 79 -52.33 -40.54 -75.29
C GLU VA 79 -51.60 -41.83 -75.69
N TRP VA 80 -50.67 -42.27 -74.85
CA TRP VA 80 -49.92 -43.51 -75.07
C TRP VA 80 -50.86 -44.72 -75.05
N LEU VA 81 -51.81 -44.73 -74.10
CA LEU VA 81 -52.77 -45.83 -73.97
C LEU VA 81 -53.71 -45.88 -75.19
N GLY VA 82 -54.17 -44.71 -75.64
CA GLY VA 82 -55.23 -44.60 -76.65
C GLY VA 82 -54.79 -44.93 -78.08
N GLY VA 83 -53.47 -44.85 -78.36
CA GLY VA 83 -52.96 -44.97 -79.72
C GLY VA 83 -53.23 -43.72 -80.55
N PRO VA 84 -52.88 -43.70 -81.86
CA PRO VA 84 -53.01 -42.50 -82.69
C PRO VA 84 -54.42 -41.91 -82.72
N GLY VA 85 -54.51 -40.60 -82.46
CA GLY VA 85 -55.72 -39.81 -82.57
C GLY VA 85 -56.79 -40.09 -81.51
N ALA VA 86 -56.41 -40.71 -80.37
CA ALA VA 86 -57.34 -41.00 -79.29
C ALA VA 86 -56.63 -41.02 -77.93
N THR VA 87 -57.37 -40.69 -76.87
CA THR VA 87 -56.96 -40.89 -75.48
C THR VA 87 -57.81 -41.99 -74.83
N ALA VA 88 -57.19 -42.86 -74.03
CA ALA VA 88 -57.91 -43.89 -73.31
C ALA VA 88 -57.46 -43.96 -71.84
N THR VA 89 -58.42 -44.29 -70.95
CA THR VA 89 -58.17 -44.45 -69.52
C THR VA 89 -57.83 -45.91 -69.17
N ALA VA 90 -57.70 -46.79 -70.18
CA ALA VA 90 -57.41 -48.21 -70.01
C ALA VA 90 -56.64 -48.71 -71.22
N SER VA 91 -55.97 -49.87 -71.09
CA SER VA 91 -55.26 -50.49 -72.21
C SER VA 91 -56.20 -50.77 -73.38
N GLN VA 92 -55.69 -50.56 -74.60
CA GLN VA 92 -56.44 -50.80 -75.83
C GLN VA 92 -55.89 -52.05 -76.51
N ASP VA 93 -56.82 -52.89 -76.98
CA ASP VA 93 -56.49 -54.11 -77.71
C ASP VA 93 -56.43 -53.79 -79.20
N ASP VA 94 -55.37 -53.06 -79.61
CA ASP VA 94 -55.14 -52.71 -81.01
C ASP VA 94 -53.64 -52.57 -81.31
N SER VA 95 -53.32 -52.61 -82.61
CA SER VA 95 -51.96 -52.81 -83.12
C SER VA 95 -51.16 -51.52 -83.29
N ASP VA 96 -51.82 -50.34 -83.28
CA ASP VA 96 -51.16 -49.08 -83.59
C ASP VA 96 -50.59 -48.43 -82.33
N PRO VA 97 -49.23 -48.26 -82.20
CA PRO VA 97 -48.67 -47.49 -81.08
C PRO VA 97 -48.92 -46.00 -81.32
N MET VA 98 -49.05 -45.26 -80.21
CA MET VA 98 -49.09 -43.80 -80.28
C MET VA 98 -47.74 -43.27 -80.75
N LYS VA 99 -47.79 -42.41 -81.79
CA LYS VA 99 -46.61 -41.75 -82.35
C LYS VA 99 -46.61 -40.30 -81.90
N PHE VA 100 -45.48 -39.87 -81.30
CA PHE VA 100 -45.32 -38.50 -80.84
C PHE VA 100 -44.26 -37.82 -81.72
N ASN VA 101 -44.54 -36.59 -82.15
CA ASN VA 101 -43.48 -35.71 -82.59
C ASN VA 101 -42.82 -35.12 -81.35
N LEU VA 102 -41.48 -34.96 -81.42
CA LEU VA 102 -40.69 -34.46 -80.31
C LEU VA 102 -39.82 -33.32 -80.82
N GLU VA 103 -39.69 -32.26 -80.01
CA GLU VA 103 -38.74 -31.19 -80.28
C GLU VA 103 -38.07 -30.76 -78.99
N ASN VA 104 -36.74 -30.63 -79.05
CA ASN VA 104 -35.94 -30.13 -77.93
C ASN VA 104 -35.17 -28.89 -78.39
N VAL VA 105 -35.24 -27.81 -77.59
CA VAL VA 105 -34.60 -26.54 -77.93
C VAL VA 105 -33.66 -26.14 -76.80
N THR VA 106 -32.39 -25.86 -77.13
CA THR VA 106 -31.38 -25.44 -76.16
C THR VA 106 -30.58 -24.26 -76.72
N PRO VA 107 -30.43 -23.14 -75.96
CA PRO VA 107 -29.34 -22.19 -76.21
C PRO VA 107 -27.99 -22.88 -75.94
N SER VA 108 -26.95 -22.45 -76.68
CA SER VA 108 -25.59 -22.80 -76.32
C SER VA 108 -25.16 -21.98 -75.10
N ALA VA 109 -24.12 -22.43 -74.38
CA ALA VA 109 -23.80 -21.93 -73.05
C ALA VA 109 -23.38 -20.46 -73.02
N SER VA 110 -22.80 -19.96 -74.13
CA SER VA 110 -22.46 -18.55 -74.27
C SER VA 110 -23.33 -17.84 -75.32
N GLY VA 111 -24.47 -18.46 -75.71
CA GLY VA 111 -25.44 -17.85 -76.61
C GLY VA 111 -24.99 -17.76 -78.07
N GLY VA 112 -23.93 -18.48 -78.46
CA GLY VA 112 -23.41 -18.49 -79.82
C GLY VA 112 -24.41 -19.01 -80.85
N PHE VA 113 -25.29 -19.94 -80.45
CA PHE VA 113 -26.35 -20.50 -81.28
C PHE VA 113 -27.50 -20.98 -80.39
N GLU VA 114 -28.66 -21.23 -81.00
CA GLU VA 114 -29.73 -21.98 -80.33
C GLU VA 114 -29.97 -23.26 -81.13
N ARG VA 115 -29.60 -24.41 -80.53
CA ARG VA 115 -29.75 -25.69 -81.21
C ARG VA 115 -31.17 -26.21 -81.00
N THR VA 116 -31.87 -26.47 -82.12
CA THR VA 116 -33.16 -27.15 -82.15
C THR VA 116 -32.97 -28.55 -82.76
N THR VA 117 -33.42 -29.58 -82.03
CA THR VA 117 -33.50 -30.95 -82.53
C THR VA 117 -34.99 -31.35 -82.59
N ALA VA 118 -35.43 -31.83 -83.77
CA ALA VA 118 -36.79 -32.34 -83.91
C ALA VA 118 -36.79 -33.75 -84.50
N VAL VA 119 -37.66 -34.63 -83.94
CA VAL VA 119 -37.72 -36.05 -84.27
C VAL VA 119 -39.18 -36.41 -84.57
N GLU VA 120 -39.42 -37.10 -85.70
CA GLU VA 120 -40.76 -37.54 -86.06
C GLU VA 120 -41.06 -38.93 -85.50
N ASN VA 121 -42.35 -39.17 -85.20
CA ASN VA 121 -42.93 -40.49 -84.97
C ASN VA 121 -42.16 -41.32 -83.92
N VAL VA 122 -41.89 -40.70 -82.76
CA VAL VA 122 -41.31 -41.43 -81.63
C VAL VA 122 -42.39 -42.34 -81.05
N VAL VA 123 -42.03 -43.62 -80.85
CA VAL VA 123 -42.89 -44.61 -80.21
C VAL VA 123 -42.15 -45.21 -79.01
N PHE VA 124 -42.90 -45.52 -77.94
CA PHE VA 124 -42.35 -46.06 -76.71
C PHE VA 124 -42.93 -47.44 -76.48
N PRO VA 125 -42.10 -48.54 -76.49
CA PRO VA 125 -42.61 -49.90 -76.23
C PRO VA 125 -43.29 -50.07 -74.86
N GLU VA 126 -42.83 -49.30 -73.87
CA GLU VA 126 -43.34 -49.40 -72.51
C GLU VA 126 -43.43 -48.02 -71.88
N LEU VA 127 -44.48 -47.84 -71.06
CA LEU VA 127 -44.75 -46.59 -70.37
C LEU VA 127 -44.74 -46.88 -68.86
N PRO VA 128 -43.82 -46.29 -68.05
CA PRO VA 128 -43.89 -46.43 -66.60
C PRO VA 128 -45.04 -45.58 -66.05
N LEU VA 129 -46.07 -46.24 -65.52
CA LEU VA 129 -47.20 -45.53 -64.92
C LEU VA 129 -46.87 -45.09 -63.49
N ASP VA 130 -46.39 -46.06 -62.68
CA ASP VA 130 -46.01 -45.84 -61.30
C ASP VA 130 -44.54 -46.23 -61.13
N SER VA 131 -43.79 -45.44 -60.35
CA SER VA 131 -42.34 -45.64 -60.20
C SER VA 131 -41.90 -45.17 -58.81
N ALA VA 132 -42.54 -45.74 -57.78
CA ALA VA 132 -42.39 -45.31 -56.39
C ALA VA 132 -41.17 -45.99 -55.75
N THR VA 133 -40.40 -45.19 -54.99
CA THR VA 133 -39.30 -45.66 -54.14
C THR VA 133 -39.38 -44.89 -52.82
N TYR VA 134 -39.18 -45.58 -51.70
CA TYR VA 134 -39.30 -45.00 -50.37
C TYR VA 134 -38.38 -43.79 -50.21
N GLY VA 135 -38.97 -42.63 -49.84
CA GLY VA 135 -38.24 -41.40 -49.57
C GLY VA 135 -37.75 -40.67 -50.83
N GLU VA 136 -38.38 -40.95 -51.98
CA GLU VA 136 -38.05 -40.30 -53.25
C GLU VA 136 -39.32 -39.88 -53.98
N TYR VA 137 -39.21 -38.85 -54.83
CA TYR VA 137 -40.26 -38.57 -55.81
C TYR VA 137 -40.24 -39.67 -56.87
N GLU VA 138 -41.42 -39.98 -57.40
CA GLU VA 138 -41.51 -40.93 -58.50
C GLU VA 138 -40.72 -40.38 -59.70
N GLU VA 139 -39.84 -41.22 -60.27
CA GLU VA 139 -39.02 -40.84 -61.41
C GLU VA 139 -39.21 -41.87 -62.53
N TYR VA 140 -39.47 -41.36 -63.74
CA TYR VA 140 -39.94 -42.15 -64.87
C TYR VA 140 -38.88 -42.14 -65.97
N SER VA 141 -38.53 -43.32 -66.49
CA SER VA 141 -37.64 -43.44 -67.63
C SER VA 141 -38.38 -44.00 -68.85
N LEU VA 142 -38.35 -43.22 -69.94
CA LEU VA 142 -38.85 -43.64 -71.25
C LEU VA 142 -37.67 -44.07 -72.11
N THR VA 143 -37.78 -45.23 -72.77
CA THR VA 143 -36.95 -45.54 -73.93
C THR VA 143 -37.89 -45.75 -75.13
N GLY VA 144 -37.59 -45.07 -76.24
CA GLY VA 144 -38.36 -45.24 -77.45
C GLY VA 144 -37.51 -44.92 -78.69
N SER VA 145 -38.13 -44.97 -79.87
CA SER VA 145 -37.41 -44.57 -81.07
C SER VA 145 -38.29 -43.85 -82.09
N GLY VA 146 -37.73 -42.79 -82.67
CA GLY VA 146 -38.32 -42.04 -83.78
C GLY VA 146 -37.85 -42.54 -85.15
N ARG VA 147 -38.61 -42.18 -86.18
CA ARG VA 147 -38.36 -42.62 -87.55
C ARG VA 147 -37.15 -41.88 -88.15
N SER VA 148 -37.07 -40.57 -87.93
CA SER VA 148 -36.00 -39.72 -88.47
C SER VA 148 -35.88 -38.41 -87.69
N VAL VA 149 -34.73 -37.74 -87.83
CA VAL VA 149 -34.53 -36.37 -87.40
C VAL VA 149 -35.06 -35.46 -88.52
N THR VA 150 -36.13 -34.69 -88.23
CA THR VA 150 -36.72 -33.82 -89.23
C THR VA 150 -36.02 -32.45 -89.25
N ASN VA 151 -35.38 -32.08 -88.13
CA ASN VA 151 -34.70 -30.79 -88.04
C ASN VA 151 -33.54 -30.85 -87.06
N LEU VA 152 -32.38 -30.34 -87.50
CA LEU VA 152 -31.25 -30.00 -86.64
C LEU VA 152 -30.63 -28.70 -87.16
N ALA VA 153 -30.88 -27.59 -86.44
CA ALA VA 153 -30.52 -26.27 -86.94
C ALA VA 153 -30.20 -25.32 -85.79
N ASP VA 154 -29.43 -24.27 -86.11
CA ASP VA 154 -29.35 -23.07 -85.30
C ASP VA 154 -30.61 -22.24 -85.57
N THR VA 155 -31.48 -22.13 -84.56
CA THR VA 155 -32.75 -21.42 -84.68
C THR VA 155 -32.69 -20.01 -84.07
N SER VA 156 -31.49 -19.56 -83.66
CA SER VA 156 -31.30 -18.20 -83.16
C SER VA 156 -31.47 -17.18 -84.30
N GLY VA 157 -31.67 -15.91 -83.95
CA GLY VA 157 -31.91 -14.83 -84.90
C GLY VA 157 -30.78 -14.65 -85.89
N ALA WA 2 30.59 -40.99 -35.46
CA ALA WA 2 29.62 -40.08 -36.13
C ALA WA 2 29.43 -38.81 -35.30
N THR WA 3 28.80 -37.79 -35.91
CA THR WA 3 28.57 -36.48 -35.30
C THR WA 3 27.47 -36.59 -34.24
N SER WA 4 27.69 -35.99 -33.05
CA SER WA 4 26.72 -35.97 -31.96
C SER WA 4 25.42 -35.29 -32.41
N PRO WA 5 24.21 -35.85 -32.12
CA PRO WA 5 22.96 -35.13 -32.36
C PRO WA 5 22.89 -33.83 -31.54
N GLU WA 6 22.31 -32.77 -32.14
CA GLU WA 6 22.33 -31.45 -31.56
C GLU WA 6 21.04 -30.70 -31.87
N GLY WA 7 20.62 -29.80 -30.97
CA GLY WA 7 19.47 -28.92 -31.20
C GLY WA 7 19.71 -27.98 -32.40
N ILE WA 8 18.62 -27.62 -33.09
CA ILE WA 8 18.68 -26.63 -34.17
C ILE WA 8 17.69 -25.52 -33.87
N TRP WA 9 18.19 -24.28 -33.90
CA TRP WA 9 17.38 -23.09 -33.66
C TRP WA 9 16.78 -22.64 -34.99
N SER WA 10 15.45 -22.45 -35.03
CA SER WA 10 14.74 -22.18 -36.28
C SER WA 10 15.24 -20.90 -36.96
N ASN WA 11 15.46 -19.84 -36.17
CA ASN WA 11 15.81 -18.52 -36.70
C ASN WA 11 17.24 -18.46 -37.27
N SER WA 12 18.06 -19.52 -37.07
CA SER WA 12 19.40 -19.59 -37.63
C SER WA 12 19.40 -19.99 -39.12
N GLY WA 13 18.23 -20.39 -39.65
CA GLY WA 13 18.13 -20.95 -41.00
C GLY WA 13 18.14 -19.90 -42.11
N ALA WA 14 18.73 -20.28 -43.25
CA ALA WA 14 18.71 -19.49 -44.49
C ALA WA 14 18.18 -20.35 -45.64
N LEU WA 15 16.93 -20.05 -46.06
CA LEU WA 15 16.27 -20.70 -47.17
C LEU WA 15 16.48 -19.90 -48.46
N THR WA 16 16.73 -20.60 -49.58
CA THR WA 16 16.89 -19.99 -50.89
C THR WA 16 16.22 -20.86 -51.96
N PHE WA 17 15.76 -20.20 -53.05
CA PHE WA 17 15.20 -20.85 -54.22
C PHE WA 17 16.05 -20.53 -55.45
N GLU WA 18 16.19 -21.51 -56.35
CA GLU WA 18 16.94 -21.35 -57.59
C GLU WA 18 16.13 -21.91 -58.77
N ASP WA 19 16.29 -21.25 -59.92
CA ASP WA 19 15.77 -21.74 -61.20
C ASP WA 19 16.64 -22.90 -61.67
N PRO WA 20 16.10 -24.15 -61.83
CA PRO WA 20 16.91 -25.28 -62.29
C PRO WA 20 17.48 -25.15 -63.71
N ALA WA 21 16.97 -24.19 -64.50
CA ALA WA 21 17.49 -23.92 -65.83
C ALA WA 21 18.87 -23.23 -65.77
N ASP WA 22 19.13 -22.45 -64.70
CA ASP WA 22 20.28 -21.56 -64.60
C ASP WA 22 21.16 -21.88 -63.38
N ASP WA 23 20.54 -22.40 -62.31
CA ASP WA 23 21.04 -22.31 -60.94
C ASP WA 23 21.13 -20.84 -60.47
N SER WA 24 20.35 -19.93 -61.08
CA SER WA 24 20.26 -18.54 -60.64
C SER WA 24 19.25 -18.42 -59.50
N GLU WA 25 19.51 -17.52 -58.54
CA GLU WA 25 18.64 -17.36 -57.38
C GLU WA 25 17.35 -16.64 -57.79
N ILE WA 26 16.23 -17.10 -57.21
CA ILE WA 26 14.93 -16.44 -57.26
C ILE WA 26 14.73 -15.77 -55.89
N LEU WA 27 14.46 -14.45 -55.91
CA LEU WA 27 14.37 -13.68 -54.67
C LEU WA 27 13.17 -14.12 -53.84
N PHE WA 28 13.48 -14.51 -52.59
CA PHE WA 28 12.51 -15.00 -51.61
C PHE WA 28 13.08 -14.70 -50.22
N ALA WA 29 12.23 -14.29 -49.27
CA ALA WA 29 12.68 -13.79 -47.98
C ALA WA 29 11.56 -13.87 -46.94
N GLY WA 30 11.94 -13.66 -45.66
CA GLY WA 30 11.01 -13.42 -44.57
C GLY WA 30 10.16 -14.64 -44.20
N VAL WA 31 10.79 -15.83 -44.17
CA VAL WA 31 10.11 -17.04 -43.73
C VAL WA 31 9.80 -16.96 -42.23
N ARG WA 32 8.78 -17.73 -41.82
CA ARG WA 32 8.37 -17.85 -40.43
C ARG WA 32 8.28 -19.32 -40.04
N ASP WA 33 7.79 -20.18 -40.96
CA ASP WA 33 7.87 -21.62 -40.80
C ASP WA 33 8.49 -22.25 -42.05
N VAL WA 34 9.25 -23.35 -41.86
CA VAL WA 34 9.74 -24.20 -42.96
C VAL WA 34 9.70 -25.67 -42.50
N THR WA 35 8.93 -26.49 -43.21
CA THR WA 35 8.93 -27.93 -43.01
C THR WA 35 9.35 -28.62 -44.31
N ILE WA 36 10.35 -29.51 -44.23
CA ILE WA 36 10.79 -30.34 -45.35
C ILE WA 36 10.74 -31.80 -44.90
N THR WA 37 9.91 -32.62 -45.59
CA THR WA 37 9.68 -33.99 -45.19
C THR WA 37 9.76 -34.90 -46.42
N PRO WA 38 10.89 -35.61 -46.68
CA PRO WA 38 10.89 -36.75 -47.61
C PRO WA 38 9.98 -37.86 -47.10
N ALA WA 39 9.14 -38.34 -48.01
CA ALA WA 39 8.16 -39.39 -47.73
C ALA WA 39 8.24 -40.46 -48.83
N TYR WA 40 8.01 -41.71 -48.42
CA TYR WA 40 7.66 -42.76 -49.36
C TYR WA 40 6.34 -43.37 -48.91
N GLU WA 41 5.52 -43.79 -49.89
CA GLU WA 41 4.39 -44.65 -49.59
C GLU WA 41 4.91 -46.05 -49.26
N HIS WA 42 4.27 -46.72 -48.28
CA HIS WA 42 4.67 -48.06 -47.82
C HIS WA 42 3.57 -49.08 -48.11
N ALA WA 43 4.00 -50.30 -48.48
CA ALA WA 43 3.09 -51.45 -48.59
C ALA WA 43 3.65 -52.63 -47.78
N GLU WA 44 2.78 -53.24 -46.96
CA GLU WA 44 3.15 -54.31 -46.03
C GLU WA 44 2.47 -55.61 -46.44
N LEU WA 45 3.24 -56.72 -46.43
CA LEU WA 45 2.72 -58.02 -46.83
C LEU WA 45 2.30 -58.83 -45.60
N TYR WA 46 1.02 -59.23 -45.58
CA TYR WA 46 0.47 -60.14 -44.59
C TYR WA 46 -0.31 -61.25 -45.30
N THR WA 47 -0.14 -62.48 -44.80
CA THR WA 47 -0.76 -63.68 -45.35
C THR WA 47 -1.22 -64.57 -44.20
N ILE WA 48 -1.95 -65.64 -44.52
CA ILE WA 48 -2.47 -66.61 -43.57
C ILE WA 48 -1.35 -67.34 -42.81
N ASP WA 49 -0.10 -67.27 -43.29
CA ASP WA 49 1.04 -67.94 -42.66
C ASP WA 49 1.34 -67.37 -41.26
N SER WA 50 1.16 -66.06 -41.05
CA SER WA 50 1.59 -65.38 -39.84
C SER WA 50 0.75 -64.14 -39.56
N THR WA 51 0.54 -63.83 -38.27
CA THR WA 51 -0.02 -62.56 -37.83
C THR WA 51 0.99 -61.42 -38.02
N PHE WA 52 2.29 -61.77 -38.05
CA PHE WA 52 3.35 -60.77 -38.20
C PHE WA 52 3.54 -60.43 -39.67
N ARG WA 53 4.07 -59.22 -39.90
CA ARG WA 53 4.40 -58.67 -41.21
C ARG WA 53 5.54 -59.50 -41.85
N ASP WA 54 5.32 -59.94 -43.10
CA ASP WA 54 6.32 -60.70 -43.84
C ASP WA 54 7.33 -59.76 -44.52
N GLU WA 55 6.80 -58.69 -45.15
CA GLU WA 55 7.62 -57.74 -45.92
C GLU WA 55 7.08 -56.33 -45.75
N VAL WA 56 7.94 -55.33 -45.97
CA VAL WA 56 7.55 -53.95 -46.17
C VAL WA 56 8.43 -53.31 -47.25
N LYS WA 57 7.82 -52.52 -48.15
CA LYS WA 57 8.49 -51.92 -49.30
C LYS WA 57 8.07 -50.46 -49.49
N ARG WA 58 9.04 -49.62 -49.91
CA ARG WA 58 8.83 -48.23 -50.30
C ARG WA 58 8.41 -48.18 -51.77
N TYR WA 59 7.57 -47.19 -52.14
CA TYR WA 59 7.37 -46.88 -53.55
C TYR WA 59 7.30 -45.36 -53.81
N GLU WA 60 6.10 -44.78 -53.71
CA GLU WA 60 5.80 -43.50 -54.34
C GLU WA 60 6.51 -42.36 -53.61
N HIS WA 61 7.72 -42.00 -54.07
CA HIS WA 61 8.58 -41.06 -53.36
C HIS WA 61 8.15 -39.62 -53.62
N ASN WA 62 8.30 -38.79 -52.57
CA ASN WA 62 7.79 -37.43 -52.50
C ASN WA 62 8.64 -36.67 -51.48
N VAL WA 63 8.75 -35.34 -51.64
CA VAL WA 63 9.30 -34.49 -50.59
C VAL WA 63 8.28 -33.38 -50.33
N ASN WA 64 7.51 -33.51 -49.24
CA ASN WA 64 6.60 -32.47 -48.83
C ASN WA 64 7.41 -31.25 -48.36
N VAL WA 65 7.19 -30.12 -49.06
CA VAL WA 65 7.73 -28.83 -48.68
C VAL WA 65 6.54 -27.96 -48.29
N GLU WA 66 6.59 -27.39 -47.07
CA GLU WA 66 5.63 -26.35 -46.74
C GLU WA 66 6.33 -25.21 -45.99
N ILE WA 67 6.04 -23.98 -46.45
CA ILE WA 67 6.74 -22.77 -46.02
C ILE WA 67 5.67 -21.72 -45.69
N THR WA 68 5.78 -21.12 -44.49
CA THR WA 68 5.03 -19.92 -44.16
C THR WA 68 5.99 -18.73 -44.20
N TYR WA 69 5.59 -17.64 -44.88
CA TYR WA 69 6.48 -16.49 -45.06
C TYR WA 69 5.66 -15.19 -45.09
N ALA WA 70 6.33 -14.06 -44.80
CA ALA WA 70 5.65 -12.80 -44.53
C ALA WA 70 6.19 -11.62 -45.34
N LYS WA 71 7.13 -11.86 -46.27
CA LYS WA 71 7.57 -10.86 -47.23
C LYS WA 71 7.16 -11.32 -48.63
N PHE WA 72 6.35 -10.50 -49.32
CA PHE WA 72 5.90 -10.86 -50.65
C PHE WA 72 7.01 -10.66 -51.68
N SER WA 73 7.15 -11.62 -52.62
CA SER WA 73 8.12 -11.53 -53.71
C SER WA 73 7.39 -11.54 -55.05
N LEU WA 74 7.60 -10.48 -55.84
CA LEU WA 74 7.06 -10.41 -57.20
C LEU WA 74 7.74 -11.42 -58.11
N GLU WA 75 9.07 -11.58 -57.97
CA GLU WA 75 9.81 -12.50 -58.81
C GLU WA 75 9.29 -13.93 -58.63
N PHE WA 76 9.18 -14.38 -57.37
CA PHE WA 76 8.71 -15.73 -57.08
C PHE WA 76 7.31 -15.96 -57.67
N ALA WA 77 6.40 -14.99 -57.48
CA ALA WA 77 5.02 -15.09 -57.95
C ALA WA 77 4.94 -15.14 -59.48
N GLN WA 78 5.75 -14.31 -60.16
CA GLN WA 78 5.72 -14.21 -61.61
C GLN WA 78 6.43 -15.40 -62.26
N GLU WA 79 7.39 -16.00 -61.54
CA GLU WA 79 8.03 -17.24 -61.96
C GLU WA 79 7.03 -18.40 -61.89
N TRP WA 80 6.25 -18.45 -60.79
CA TRP WA 80 5.21 -19.44 -60.62
C TRP WA 80 4.15 -19.34 -61.73
N LEU WA 81 3.74 -18.10 -62.05
CA LEU WA 81 2.77 -17.86 -63.12
C LEU WA 81 3.33 -18.30 -64.47
N GLY WA 82 4.60 -17.93 -64.75
CA GLY WA 82 5.21 -18.09 -66.06
C GLY WA 82 5.47 -19.56 -66.46
N GLY WA 83 5.72 -20.43 -65.47
CA GLY WA 83 6.15 -21.79 -65.73
C GLY WA 83 7.65 -21.85 -66.04
N PRO WA 84 8.20 -23.06 -66.38
CA PRO WA 84 9.65 -23.24 -66.54
C PRO WA 84 10.29 -22.30 -67.56
N GLY WA 85 11.38 -21.63 -67.13
CA GLY WA 85 12.21 -20.77 -67.96
C GLY WA 85 11.52 -19.50 -68.47
N ALA WA 86 10.41 -19.10 -67.83
CA ALA WA 86 9.64 -17.93 -68.24
C ALA WA 86 9.03 -17.23 -67.03
N THR WA 87 8.67 -15.95 -67.21
CA THR WA 87 8.13 -15.08 -66.18
C THR WA 87 6.88 -14.39 -66.74
N ALA WA 88 5.79 -14.31 -65.96
CA ALA WA 88 4.53 -13.78 -66.47
C ALA WA 88 3.78 -12.97 -65.41
N THR WA 89 3.02 -11.95 -65.87
CA THR WA 89 2.21 -11.08 -65.03
C THR WA 89 0.73 -11.48 -65.05
N ALA WA 90 0.43 -12.67 -65.59
CA ALA WA 90 -0.94 -13.17 -65.74
C ALA WA 90 -0.90 -14.70 -65.76
N SER WA 91 -2.01 -15.36 -65.42
CA SER WA 91 -2.14 -16.80 -65.53
C SER WA 91 -1.77 -17.27 -66.94
N GLN WA 92 -1.07 -18.41 -67.02
CA GLN WA 92 -0.68 -18.99 -68.30
C GLN WA 92 -1.50 -20.25 -68.54
N ASP WA 93 -2.04 -20.35 -69.77
CA ASP WA 93 -2.84 -21.48 -70.20
C ASP WA 93 -1.92 -22.56 -70.79
N ASP WA 94 -1.11 -23.19 -69.91
CA ASP WA 94 -0.22 -24.28 -70.30
C ASP WA 94 -0.01 -25.27 -69.14
N SER WA 95 0.49 -26.46 -69.48
CA SER WA 95 0.47 -27.64 -68.62
C SER WA 95 1.70 -27.77 -67.71
N ASP WA 96 2.76 -26.96 -67.89
CA ASP WA 96 4.00 -27.14 -67.15
C ASP WA 96 4.05 -26.25 -65.90
N PRO WA 97 4.09 -26.81 -64.66
CA PRO WA 97 4.29 -26.00 -63.47
C PRO WA 97 5.75 -25.54 -63.40
N MET WA 98 5.97 -24.36 -62.81
CA MET WA 98 7.31 -23.91 -62.49
C MET WA 98 7.94 -24.84 -61.44
N LYS WA 99 9.14 -25.34 -61.75
CA LYS WA 99 9.91 -26.20 -60.85
C LYS WA 99 11.02 -25.36 -60.23
N PHE WA 100 11.05 -25.33 -58.89
CA PHE WA 100 12.05 -24.58 -58.14
C PHE WA 100 13.01 -25.58 -57.49
N ASN WA 101 14.32 -25.35 -57.64
CA ASN WA 101 15.27 -25.98 -56.75
C ASN WA 101 15.25 -25.21 -55.43
N LEU WA 102 15.29 -25.96 -54.32
CA LEU WA 102 15.22 -25.37 -52.98
C LEU WA 102 16.45 -25.80 -52.19
N GLU WA 103 16.97 -24.89 -51.35
CA GLU WA 103 18.03 -25.24 -50.40
C GLU WA 103 17.82 -24.48 -49.10
N ASN WA 104 17.98 -25.20 -47.97
CA ASN WA 104 17.94 -24.61 -46.65
C ASN WA 104 19.22 -24.96 -45.90
N VAL WA 105 19.85 -23.95 -45.27
CA VAL WA 105 21.12 -24.11 -44.55
C VAL WA 105 20.95 -23.61 -43.12
N THR WA 106 21.28 -24.48 -42.14
CA THR WA 106 21.17 -24.14 -40.72
C THR WA 106 22.43 -24.58 -39.97
N PRO WA 107 23.10 -23.69 -39.19
CA PRO WA 107 23.99 -24.12 -38.12
C PRO WA 107 23.20 -24.90 -37.05
N SER WA 108 23.85 -25.89 -36.42
CA SER WA 108 23.32 -26.49 -35.21
C SER WA 108 23.51 -25.50 -34.06
N ALA WA 109 22.75 -25.68 -32.96
CA ALA WA 109 22.60 -24.66 -31.93
C ALA WA 109 23.91 -24.36 -31.17
N SER WA 110 24.80 -25.36 -31.08
CA SER WA 110 26.12 -25.20 -30.47
C SER WA 110 27.25 -25.28 -31.51
N GLY WA 111 26.91 -25.19 -32.80
CA GLY WA 111 27.88 -25.13 -33.89
C GLY WA 111 28.62 -26.44 -34.18
N GLY WA 112 28.09 -27.58 -33.70
CA GLY WA 112 28.64 -28.90 -33.95
C GLY WA 112 28.66 -29.31 -35.43
N PHE WA 113 27.68 -28.81 -36.20
CA PHE WA 113 27.58 -29.05 -37.64
C PHE WA 113 26.79 -27.92 -38.31
N GLU WA 114 26.89 -27.84 -39.65
CA GLU WA 114 25.99 -27.01 -40.44
C GLU WA 114 25.19 -27.94 -41.37
N ARG WA 115 23.89 -28.12 -41.07
CA ARG WA 115 23.03 -28.98 -41.85
C ARG WA 115 22.55 -28.23 -43.10
N THR WA 116 22.87 -28.78 -44.29
CA THR WA 116 22.31 -28.33 -45.57
C THR WA 116 21.30 -29.37 -46.05
N THR WA 117 20.07 -28.92 -46.35
CA THR WA 117 19.05 -29.72 -47.03
C THR WA 117 18.75 -29.10 -48.40
N ALA WA 118 18.87 -29.90 -49.47
CA ALA WA 118 18.55 -29.44 -50.81
C ALA WA 118 17.51 -30.36 -51.47
N VAL WA 119 16.53 -29.76 -52.18
CA VAL WA 119 15.39 -30.48 -52.74
C VAL WA 119 15.24 -30.13 -54.23
N GLU WA 120 15.07 -31.17 -55.05
CA GLU WA 120 14.95 -31.09 -56.51
C GLU WA 120 13.49 -30.84 -56.91
N ASN WA 121 13.28 -29.91 -57.86
CA ASN WA 121 12.04 -29.75 -58.62
C ASN WA 121 10.80 -29.64 -57.71
N VAL WA 122 10.84 -28.71 -56.74
CA VAL WA 122 9.67 -28.42 -55.92
C VAL WA 122 8.64 -27.71 -56.80
N VAL WA 123 7.37 -28.15 -56.72
CA VAL WA 123 6.25 -27.54 -57.41
C VAL WA 123 5.14 -27.23 -56.39
N PHE WA 124 4.42 -26.13 -56.61
CA PHE WA 124 3.37 -25.68 -55.70
C PHE WA 124 2.03 -25.68 -56.44
N PRO WA 125 1.04 -26.54 -56.05
CA PRO WA 125 -0.28 -26.56 -56.72
C PRO WA 125 -1.01 -25.22 -56.73
N GLU WA 126 -0.81 -24.41 -55.68
CA GLU WA 126 -1.45 -23.10 -55.55
C GLU WA 126 -0.47 -22.10 -54.95
N LEU WA 127 -0.62 -20.84 -55.39
CA LEU WA 127 0.20 -19.72 -54.95
C LEU WA 127 -0.71 -18.70 -54.27
N PRO WA 128 -0.54 -18.38 -52.96
CA PRO WA 128 -1.27 -17.27 -52.36
C PRO WA 128 -0.68 -15.94 -52.85
N LEU WA 129 -1.51 -15.15 -53.54
CA LEU WA 129 -1.08 -13.83 -54.00
C LEU WA 129 -1.34 -12.79 -52.92
N ASP WA 130 -2.59 -12.76 -52.43
CA ASP WA 130 -3.04 -11.85 -51.39
C ASP WA 130 -3.52 -12.67 -50.20
N SER WA 131 -3.18 -12.22 -48.99
CA SER WA 131 -3.49 -12.95 -47.76
C SER WA 131 -3.68 -11.97 -46.61
N ALA WA 132 -4.58 -11.00 -46.81
CA ALA WA 132 -4.80 -9.89 -45.88
C ALA WA 132 -5.73 -10.32 -44.74
N THR WA 133 -5.39 -9.87 -43.53
CA THR WA 133 -6.24 -9.94 -42.34
C THR WA 133 -6.11 -8.63 -41.60
N TYR WA 134 -7.24 -8.07 -41.14
CA TYR WA 134 -7.29 -6.78 -40.45
C TYR WA 134 -6.31 -6.76 -39.26
N GLY WA 135 -5.44 -5.75 -39.23
CA GLY WA 135 -4.47 -5.54 -38.15
C GLY WA 135 -3.29 -6.52 -38.17
N GLU WA 136 -3.00 -7.12 -39.33
CA GLU WA 136 -1.88 -8.05 -39.47
C GLU WA 136 -1.12 -7.78 -40.76
N TYR WA 137 0.17 -8.14 -40.78
CA TYR WA 137 0.91 -8.27 -42.02
C TYR WA 137 0.40 -9.48 -42.78
N GLU WA 138 0.40 -9.39 -44.12
CA GLU WA 138 0.01 -10.52 -44.94
C GLU WA 138 0.97 -11.69 -44.71
N GLU WA 139 0.41 -12.88 -44.45
CA GLU WA 139 1.19 -14.09 -44.21
C GLU WA 139 0.79 -15.15 -45.24
N TYR WA 140 1.80 -15.73 -45.91
CA TYR WA 140 1.62 -16.59 -47.08
C TYR WA 140 2.03 -18.01 -46.73
N SER WA 141 1.17 -18.99 -47.05
CA SER WA 141 1.46 -20.41 -46.85
C SER WA 141 1.60 -21.11 -48.20
N LEU WA 142 2.77 -21.72 -48.43
CA LEU WA 142 3.00 -22.61 -49.57
C LEU WA 142 2.97 -24.06 -49.10
N THR WA 143 2.36 -24.94 -49.91
CA THR WA 143 2.51 -26.37 -49.83
C THR WA 143 2.89 -26.90 -51.21
N GLY WA 144 3.91 -27.78 -51.28
CA GLY WA 144 4.37 -28.30 -52.56
C GLY WA 144 5.10 -29.63 -52.43
N SER WA 145 5.37 -30.26 -53.59
CA SER WA 145 6.05 -31.55 -53.65
C SER WA 145 7.36 -31.46 -54.46
N GLY WA 146 8.49 -31.76 -53.80
CA GLY WA 146 9.77 -31.97 -54.46
C GLY WA 146 9.91 -33.42 -54.96
N ARG WA 147 10.80 -33.61 -55.94
CA ARG WA 147 11.04 -34.92 -56.53
C ARG WA 147 11.93 -35.79 -55.63
N SER WA 148 13.03 -35.20 -55.14
CA SER WA 148 14.05 -35.91 -54.36
C SER WA 148 14.83 -34.93 -53.48
N VAL WA 149 15.43 -35.46 -52.39
CA VAL WA 149 16.46 -34.75 -51.64
C VAL WA 149 17.80 -35.00 -52.34
N THR WA 150 18.42 -33.94 -52.88
CA THR WA 150 19.67 -34.07 -53.61
C THR WA 150 20.88 -33.97 -52.66
N ASN WA 151 20.68 -33.32 -51.51
CA ASN WA 151 21.74 -33.19 -50.52
C ASN WA 151 21.15 -33.10 -49.11
N LEU WA 152 21.71 -33.93 -48.21
CA LEU WA 152 21.55 -33.78 -46.77
C LEU WA 152 22.91 -34.12 -46.13
N ALA WA 153 23.66 -33.08 -45.77
CA ALA WA 153 25.02 -33.25 -45.29
C ALA WA 153 25.42 -32.14 -44.33
N ASP WA 154 26.39 -32.44 -43.45
CA ASP WA 154 27.13 -31.42 -42.72
C ASP WA 154 28.05 -30.71 -43.72
N THR WA 155 27.77 -29.41 -43.95
CA THR WA 155 28.54 -28.60 -44.89
C THR WA 155 29.51 -27.64 -44.17
N SER WA 156 29.68 -27.80 -42.84
CA SER WA 156 30.65 -27.01 -42.09
C SER WA 156 32.08 -27.40 -42.47
N GLY WA 157 33.03 -26.48 -42.27
CA GLY WA 157 34.42 -26.64 -42.68
C GLY WA 157 35.12 -27.83 -42.04
N ALA XA 2 16.03 -7.52 -59.94
CA ALA XA 2 14.61 -7.66 -59.51
C ALA XA 2 14.37 -6.89 -58.22
N THR XA 3 13.10 -6.66 -57.87
CA THR XA 3 12.69 -5.92 -56.68
C THR XA 3 12.82 -6.81 -55.45
N SER XA 4 13.42 -6.27 -54.37
CA SER XA 4 13.59 -6.97 -53.10
C SER XA 4 12.23 -7.38 -52.52
N PRO XA 5 12.06 -8.61 -51.97
CA PRO XA 5 10.83 -8.96 -51.24
C PRO XA 5 10.65 -8.05 -50.03
N GLU XA 6 9.38 -7.75 -49.71
CA GLU XA 6 9.05 -6.76 -48.68
C GLU XA 6 7.75 -7.17 -47.99
N GLY XA 7 7.60 -6.77 -46.71
CA GLY XA 7 6.36 -6.98 -45.97
C GLY XA 7 5.19 -6.23 -46.62
N ILE XA 8 3.97 -6.77 -46.49
CA ILE XA 8 2.77 -6.08 -46.91
C ILE XA 8 1.83 -5.97 -45.72
N TRP XA 9 1.33 -4.74 -45.48
CA TRP XA 9 0.43 -4.46 -44.38
C TRP XA 9 -1.01 -4.54 -44.89
N SER XA 10 -1.85 -5.37 -44.23
CA SER XA 10 -3.19 -5.69 -44.73
C SER XA 10 -4.06 -4.44 -44.89
N ASN XA 11 -3.96 -3.50 -43.93
CA ASN XA 11 -4.85 -2.35 -43.89
C ASN XA 11 -4.50 -1.30 -44.96
N SER XA 12 -3.36 -1.47 -45.67
CA SER XA 12 -2.98 -0.60 -46.77
C SER XA 12 -3.71 -0.96 -48.07
N GLY XA 13 -4.45 -2.08 -48.09
CA GLY XA 13 -5.09 -2.60 -49.29
C GLY XA 13 -6.36 -1.84 -49.67
N ALA XA 14 -6.58 -1.70 -50.99
CA ALA XA 14 -7.82 -1.21 -51.56
C ALA XA 14 -8.36 -2.23 -52.57
N LEU XA 15 -9.55 -2.79 -52.26
CA LEU XA 15 -10.23 -3.78 -53.08
C LEU XA 15 -11.40 -3.12 -53.82
N THR XA 16 -11.53 -3.41 -55.13
CA THR XA 16 -12.61 -2.88 -55.95
C THR XA 16 -13.19 -3.98 -56.85
N PHE XA 17 -14.51 -3.91 -57.07
CA PHE XA 17 -15.23 -4.78 -57.98
C PHE XA 17 -15.71 -3.98 -59.19
N GLU XA 18 -15.64 -4.60 -60.39
CA GLU XA 18 -16.13 -4.00 -61.62
C GLU XA 18 -17.04 -4.96 -62.36
N ASP XA 19 -18.05 -4.41 -63.05
CA ASP XA 19 -18.86 -5.16 -64.00
C ASP XA 19 -18.06 -5.37 -65.28
N PRO XA 20 -17.79 -6.63 -65.72
CA PRO XA 20 -17.04 -6.87 -66.96
C PRO XA 20 -17.69 -6.38 -68.26
N ALA XA 21 -18.99 -6.05 -68.22
CA ALA XA 21 -19.70 -5.52 -69.38
C ALA XA 21 -19.35 -4.04 -69.63
N ASP XA 22 -19.04 -3.30 -68.55
CA ASP XA 22 -18.87 -1.85 -68.59
C ASP XA 22 -17.44 -1.42 -68.23
N ASP XA 23 -16.77 -2.22 -67.37
CA ASP XA 23 -15.68 -1.78 -66.51
C ASP XA 23 -16.12 -0.73 -65.48
N SER XA 24 -17.45 -0.62 -65.21
CA SER XA 24 -18.00 0.28 -64.21
C SER XA 24 -17.86 -0.33 -62.81
N GLU XA 25 -17.57 0.51 -61.80
CA GLU XA 25 -17.39 0.03 -60.43
C GLU XA 25 -18.73 -0.38 -59.82
N ILE XA 26 -18.70 -1.51 -59.09
CA ILE XA 26 -19.77 -1.97 -58.23
C ILE XA 26 -19.37 -1.61 -56.80
N LEU XA 27 -20.22 -0.83 -56.10
CA LEU XA 27 -19.88 -0.30 -54.78
C LEU XA 27 -19.73 -1.44 -53.77
N PHE XA 28 -18.53 -1.51 -53.16
CA PHE XA 28 -18.16 -2.53 -52.20
C PHE XA 28 -17.08 -1.95 -51.29
N ALA XA 29 -17.18 -2.20 -49.97
CA ALA XA 29 -16.34 -1.54 -48.98
C ALA XA 29 -16.32 -2.33 -47.68
N GLY XA 30 -15.43 -1.92 -46.76
CA GLY XA 30 -15.39 -2.42 -45.39
C GLY XA 30 -14.84 -3.85 -45.28
N VAL XA 31 -13.83 -4.19 -46.10
CA VAL XA 31 -13.18 -5.49 -46.01
C VAL XA 31 -12.41 -5.61 -44.69
N ARG XA 32 -12.28 -6.87 -44.24
CA ARG XA 32 -11.53 -7.21 -43.02
C ARG XA 32 -10.51 -8.30 -43.34
N ASP XA 33 -10.90 -9.31 -44.14
CA ASP XA 33 -9.99 -10.30 -44.69
C ASP XA 33 -10.13 -10.32 -46.22
N VAL XA 34 -9.01 -10.54 -46.93
CA VAL XA 34 -8.99 -10.76 -48.38
C VAL XA 34 -7.91 -11.80 -48.71
N THR XA 35 -8.34 -12.95 -49.27
CA THR XA 35 -7.43 -13.99 -49.74
C THR XA 35 -7.67 -14.23 -51.23
N ILE XA 36 -6.59 -14.15 -52.02
CA ILE XA 36 -6.61 -14.46 -53.45
C ILE XA 36 -5.54 -15.51 -53.74
N THR XA 37 -5.96 -16.66 -54.28
CA THR XA 37 -5.08 -17.80 -54.50
C THR XA 37 -5.35 -18.39 -55.88
N PRO XA 38 -4.51 -18.10 -56.92
CA PRO XA 38 -4.48 -18.91 -58.14
C PRO XA 38 -3.98 -20.33 -57.83
N ALA XA 39 -4.68 -21.31 -58.42
CA ALA XA 39 -4.45 -22.72 -58.16
C ALA XA 39 -4.61 -23.54 -59.44
N TYR XA 40 -3.95 -24.70 -59.47
CA TYR XA 40 -4.17 -25.70 -60.51
C TYR XA 40 -4.26 -27.06 -59.82
N GLU XA 41 -4.98 -27.99 -60.48
CA GLU XA 41 -4.83 -29.40 -60.17
C GLU XA 41 -3.47 -29.88 -60.69
N HIS XA 42 -2.78 -30.73 -59.92
CA HIS XA 42 -1.54 -31.36 -60.35
C HIS XA 42 -1.75 -32.86 -60.53
N ALA XA 43 -1.20 -33.41 -61.63
CA ALA XA 43 -1.13 -34.85 -61.83
C ALA XA 43 0.32 -35.30 -62.01
N GLU XA 44 0.73 -36.30 -61.22
CA GLU XA 44 2.11 -36.77 -61.14
C GLU XA 44 2.19 -38.19 -61.71
N LEU XA 45 3.11 -38.41 -62.66
CA LEU XA 45 3.30 -39.73 -63.26
C LEU XA 45 4.29 -40.55 -62.41
N TYR XA 46 3.85 -41.74 -62.01
CA TYR XA 46 4.71 -42.75 -61.41
C TYR XA 46 4.49 -44.10 -62.10
N THR XA 47 5.61 -44.80 -62.35
CA THR XA 47 5.61 -46.10 -63.02
C THR XA 47 6.60 -47.03 -62.33
N ILE XA 48 6.60 -48.31 -62.74
CA ILE XA 48 7.42 -49.34 -62.14
C ILE XA 48 8.92 -49.10 -62.38
N ASP XA 49 9.27 -48.21 -63.33
CA ASP XA 49 10.66 -47.88 -63.65
C ASP XA 49 11.42 -47.29 -62.46
N SER XA 50 10.73 -46.54 -61.58
CA SER XA 50 11.37 -45.70 -60.57
C SER XA 50 10.40 -45.42 -59.42
N THR XA 51 10.96 -45.26 -58.20
CA THR XA 51 10.24 -44.75 -57.05
C THR XA 51 10.00 -43.24 -57.16
N PHE XA 52 10.84 -42.55 -57.94
CA PHE XA 52 10.75 -41.10 -58.10
C PHE XA 52 9.68 -40.76 -59.13
N ARG XA 53 9.21 -39.50 -59.07
CA ARG XA 53 8.22 -38.91 -59.96
C ARG XA 53 8.83 -38.76 -61.37
N ASP XA 54 8.15 -39.33 -62.38
CA ASP XA 54 8.55 -39.23 -63.78
C ASP XA 54 8.23 -37.83 -64.33
N GLU XA 55 6.99 -37.36 -64.09
CA GLU XA 55 6.44 -36.13 -64.65
C GLU XA 55 5.48 -35.47 -63.65
N VAL XA 56 5.27 -34.16 -63.80
CA VAL XA 56 4.17 -33.44 -63.14
C VAL XA 56 3.59 -32.39 -64.11
N LYS XA 57 2.25 -32.26 -64.10
CA LYS XA 57 1.52 -31.41 -65.04
C LYS XA 57 0.36 -30.68 -64.35
N ARG XA 58 0.11 -29.43 -64.79
CA ARG XA 58 -0.99 -28.57 -64.37
C ARG XA 58 -2.23 -28.80 -65.23
N TYR XA 59 -3.42 -28.65 -64.61
CA TYR XA 59 -4.70 -28.56 -65.32
C TYR XA 59 -5.74 -27.89 -64.41
N GLU XA 60 -6.93 -27.60 -64.98
CA GLU XA 60 -8.11 -27.14 -64.25
C GLU XA 60 -7.78 -25.95 -63.35
N HIS XA 61 -7.36 -24.85 -64.00
CA HIS XA 61 -6.99 -23.61 -63.32
C HIS XA 61 -8.23 -22.90 -62.79
N ASN XA 62 -8.08 -22.31 -61.59
CA ASN XA 62 -9.03 -21.34 -61.04
C ASN XA 62 -8.28 -20.40 -60.10
N VAL XA 63 -8.96 -19.32 -59.70
CA VAL XA 63 -8.45 -18.43 -58.66
C VAL XA 63 -9.45 -18.48 -57.51
N ASN XA 64 -9.05 -19.08 -56.38
CA ASN XA 64 -9.85 -19.01 -55.16
C ASN XA 64 -9.80 -17.59 -54.62
N VAL XA 65 -10.99 -16.97 -54.53
CA VAL XA 65 -11.16 -15.65 -53.92
C VAL XA 65 -12.04 -15.84 -52.69
N GLU XA 66 -11.56 -15.36 -51.53
CA GLU XA 66 -12.42 -15.29 -50.36
C GLU XA 66 -12.19 -13.98 -49.61
N ILE XA 67 -13.32 -13.34 -49.25
CA ILE XA 67 -13.35 -12.01 -48.68
C ILE XA 67 -14.26 -12.05 -47.46
N THR XA 68 -13.78 -11.47 -46.34
CA THR XA 68 -14.64 -11.15 -45.22
C THR XA 68 -14.78 -9.63 -45.13
N TYR XA 69 -16.02 -9.15 -45.01
CA TYR XA 69 -16.30 -7.72 -45.04
C TYR XA 69 -17.47 -7.40 -44.12
N ALA XA 70 -17.56 -6.13 -43.69
CA ALA XA 70 -18.45 -5.73 -42.60
C ALA XA 70 -19.34 -4.52 -42.94
N LYS XA 71 -19.36 -4.11 -44.22
CA LYS XA 71 -20.31 -3.12 -44.71
C LYS XA 71 -21.16 -3.76 -45.80
N PHE XA 72 -22.48 -3.72 -45.60
CA PHE XA 72 -23.40 -4.28 -46.58
C PHE XA 72 -23.54 -3.33 -47.77
N SER XA 73 -23.56 -3.91 -48.99
CA SER XA 73 -23.81 -3.15 -50.22
C SER XA 73 -25.05 -3.71 -50.92
N LEU XA 74 -26.06 -2.86 -51.12
CA LEU XA 74 -27.26 -3.25 -51.87
C LEU XA 74 -26.92 -3.45 -53.34
N GLU XA 75 -25.98 -2.66 -53.88
CA GLU XA 75 -25.60 -2.82 -55.27
C GLU XA 75 -24.98 -4.20 -55.50
N PHE XA 76 -24.00 -4.59 -54.67
CA PHE XA 76 -23.32 -5.86 -54.85
C PHE XA 76 -24.30 -7.04 -54.76
N ALA XA 77 -25.21 -6.98 -53.76
CA ALA XA 77 -26.18 -8.03 -53.54
C ALA XA 77 -27.20 -8.12 -54.69
N GLN XA 78 -27.64 -6.96 -55.20
CA GLN XA 78 -28.65 -6.91 -56.27
C GLN XA 78 -28.05 -7.24 -57.64
N GLU XA 79 -26.74 -6.98 -57.83
CA GLU XA 79 -26.00 -7.44 -59.00
C GLU XA 79 -25.88 -8.97 -58.98
N TRP XA 80 -25.56 -9.53 -57.81
CA TRP XA 80 -25.44 -10.98 -57.65
C TRP XA 80 -26.76 -11.68 -57.96
N LEU XA 81 -27.88 -11.12 -57.45
CA LEU XA 81 -29.22 -11.66 -57.72
C LEU XA 81 -29.55 -11.59 -59.21
N GLY XA 82 -29.26 -10.44 -59.85
CA GLY XA 82 -29.67 -10.14 -61.21
C GLY XA 82 -28.98 -10.98 -62.30
N GLY XA 83 -27.76 -11.46 -62.02
CA GLY XA 83 -26.94 -12.11 -63.05
C GLY XA 83 -26.28 -11.10 -63.98
N PRO XA 84 -25.54 -11.54 -65.02
CA PRO XA 84 -24.79 -10.63 -65.91
C PRO XA 84 -25.67 -9.54 -66.56
N GLY XA 85 -25.17 -8.30 -66.50
CA GLY XA 85 -25.77 -7.14 -67.15
C GLY XA 85 -27.11 -6.69 -66.58
N ALA XA 86 -27.48 -7.17 -65.37
CA ALA XA 86 -28.80 -6.90 -64.80
C ALA XA 86 -28.74 -6.81 -63.27
N THR XA 87 -29.73 -6.12 -62.70
CA THR XA 87 -29.89 -5.89 -61.27
C THR XA 87 -31.29 -6.37 -60.86
N ALA XA 88 -31.42 -7.05 -59.71
CA ALA XA 88 -32.70 -7.59 -59.27
C ALA XA 88 -32.89 -7.48 -57.76
N THR XA 89 -34.16 -7.36 -57.33
CA THR XA 89 -34.54 -7.30 -55.92
C THR XA 89 -35.01 -8.66 -55.39
N ALA XA 90 -34.96 -9.71 -56.23
CA ALA XA 90 -35.45 -11.05 -55.88
C ALA XA 90 -34.60 -12.09 -56.62
N SER XA 91 -34.58 -13.35 -56.11
CA SER XA 91 -33.90 -14.44 -56.78
C SER XA 91 -34.36 -14.54 -58.24
N GLN XA 92 -33.42 -14.77 -59.15
CA GLN XA 92 -33.71 -14.94 -60.56
C GLN XA 92 -33.60 -16.41 -60.94
N ASP XA 93 -34.64 -16.91 -61.62
CA ASP XA 93 -34.70 -18.28 -62.08
C ASP XA 93 -34.02 -18.40 -63.45
N ASP XA 94 -32.68 -18.29 -63.45
CA ASP XA 94 -31.86 -18.42 -64.66
C ASP XA 94 -30.47 -18.97 -64.32
N SER XA 95 -29.74 -19.41 -65.36
CA SER XA 95 -28.56 -20.25 -65.23
C SER XA 95 -27.24 -19.46 -65.22
N ASP XA 96 -27.26 -18.15 -65.50
CA ASP XA 96 -26.03 -17.36 -65.58
C ASP XA 96 -25.70 -16.72 -64.24
N PRO XA 97 -24.57 -17.07 -63.57
CA PRO XA 97 -24.14 -16.34 -62.37
C PRO XA 97 -23.54 -15.01 -62.77
N MET XA 98 -23.73 -14.00 -61.92
CA MET XA 98 -23.07 -12.71 -62.08
C MET XA 98 -21.55 -12.91 -61.95
N LYS XA 99 -20.83 -12.45 -62.98
CA LYS XA 99 -19.36 -12.50 -63.02
C LYS XA 99 -18.81 -11.12 -62.71
N PHE XA 100 -17.94 -11.03 -61.70
CA PHE XA 100 -17.33 -9.78 -61.30
C PHE XA 100 -15.86 -9.79 -61.70
N ASN XA 101 -15.37 -8.67 -62.23
CA ASN XA 101 -13.94 -8.42 -62.25
C ASN XA 101 -13.55 -7.86 -60.88
N LEU XA 102 -12.37 -8.28 -60.40
CA LEU XA 102 -11.88 -7.92 -59.08
C LEU XA 102 -10.46 -7.38 -59.22
N GLU XA 103 -10.16 -6.29 -58.49
CA GLU XA 103 -8.80 -5.78 -58.40
C GLU XA 103 -8.49 -5.40 -56.95
N ASN XA 104 -7.28 -5.76 -56.50
CA ASN XA 104 -6.77 -5.37 -55.19
C ASN XA 104 -5.39 -4.70 -55.36
N VAL XA 105 -5.21 -3.54 -54.72
CA VAL XA 105 -3.99 -2.74 -54.83
C VAL XA 105 -3.44 -2.48 -53.43
N THR XA 106 -2.14 -2.78 -53.24
CA THR XA 106 -1.46 -2.58 -51.97
C THR XA 106 -0.05 -2.02 -52.20
N PRO XA 107 0.37 -0.92 -51.51
CA PRO XA 107 1.79 -0.60 -51.41
C PRO XA 107 2.46 -1.61 -50.47
N SER XA 108 3.73 -1.93 -50.74
CA SER XA 108 4.54 -2.69 -49.80
C SER XA 108 4.86 -1.82 -48.59
N ALA XA 109 5.24 -2.44 -47.46
CA ALA XA 109 5.27 -1.79 -46.15
C ALA XA 109 6.29 -0.63 -46.07
N SER XA 110 7.39 -0.72 -46.84
CA SER XA 110 8.41 0.33 -46.94
C SER XA 110 8.37 1.05 -48.30
N GLY XA 111 7.29 0.85 -49.08
CA GLY XA 111 7.08 1.54 -50.34
C GLY XA 111 8.00 1.12 -51.49
N GLY XA 112 8.61 -0.07 -51.39
CA GLY XA 112 9.47 -0.63 -52.43
C GLY XA 112 8.74 -0.92 -53.74
N PHE XA 113 7.45 -1.30 -53.66
CA PHE XA 113 6.60 -1.59 -54.81
C PHE XA 113 5.12 -1.34 -54.46
N GLU XA 114 4.28 -1.26 -55.51
CA GLU XA 114 2.83 -1.31 -55.34
C GLU XA 114 2.29 -2.55 -56.05
N ARG XA 115 1.99 -3.60 -55.28
CA ARG XA 115 1.46 -4.84 -55.83
C ARG XA 115 -0.02 -4.64 -56.21
N THR XA 116 -0.31 -4.81 -57.51
CA THR XA 116 -1.67 -4.87 -58.04
C THR XA 116 -1.96 -6.30 -58.46
N THR XA 117 -3.04 -6.88 -57.89
CA THR XA 117 -3.59 -8.17 -58.29
C THR XA 117 -4.96 -7.95 -58.92
N ALA XA 118 -5.16 -8.48 -60.15
CA ALA XA 118 -6.47 -8.43 -60.80
C ALA XA 118 -6.90 -9.83 -61.24
N VAL XA 119 -8.19 -10.14 -61.04
CA VAL XA 119 -8.78 -11.45 -61.28
C VAL XA 119 -10.03 -11.28 -62.15
N GLU XA 120 -10.11 -12.04 -63.25
CA GLU XA 120 -11.25 -11.95 -64.15
C GLU XA 120 -12.36 -12.92 -63.73
N ASN XA 121 -13.62 -12.49 -63.94
CA ASN XA 121 -14.78 -13.38 -63.96
C ASN XA 121 -14.90 -14.19 -62.66
N VAL XA 122 -14.80 -13.51 -61.51
CA VAL XA 122 -15.07 -14.12 -60.20
C VAL XA 122 -16.57 -14.37 -60.08
N VAL XA 123 -16.94 -15.57 -59.60
CA VAL XA 123 -18.32 -15.92 -59.30
C VAL XA 123 -18.40 -16.46 -57.87
N PHE XA 124 -19.51 -16.17 -57.18
CA PHE XA 124 -19.74 -16.57 -55.81
C PHE XA 124 -20.95 -17.52 -55.77
N PRO XA 125 -20.78 -18.83 -55.41
CA PRO XA 125 -21.92 -19.76 -55.36
C PRO XA 125 -23.05 -19.36 -54.41
N GLU XA 126 -22.69 -18.65 -53.32
CA GLU XA 126 -23.65 -18.20 -52.34
C GLU XA 126 -23.27 -16.79 -51.85
N LEU XA 127 -24.32 -16.01 -51.56
CA LEU XA 127 -24.21 -14.65 -51.10
C LEU XA 127 -24.85 -14.56 -49.71
N PRO XA 128 -24.10 -14.21 -48.64
CA PRO XA 128 -24.73 -13.95 -47.34
C PRO XA 128 -25.44 -12.60 -47.40
N LEU XA 129 -26.78 -12.62 -47.23
CA LEU XA 129 -27.55 -11.38 -47.20
C LEU XA 129 -27.58 -10.81 -45.79
N ASP XA 130 -27.97 -11.65 -44.83
CA ASP XA 130 -28.01 -11.29 -43.42
C ASP XA 130 -27.03 -12.20 -42.67
N SER XA 131 -26.26 -11.61 -41.75
CA SER XA 131 -25.26 -12.31 -40.96
C SER XA 131 -25.20 -11.73 -39.55
N ALA XA 132 -26.37 -11.67 -38.89
CA ALA XA 132 -26.53 -11.04 -37.59
C ALA XA 132 -26.06 -11.97 -36.47
N THR XA 133 -25.25 -11.42 -35.55
CA THR XA 133 -24.90 -12.05 -34.29
C THR XA 133 -25.06 -11.02 -33.19
N TYR XA 134 -25.73 -11.42 -32.09
CA TYR XA 134 -26.00 -10.54 -30.97
C TYR XA 134 -24.72 -9.87 -30.46
N GLY XA 135 -24.77 -8.53 -30.30
CA GLY XA 135 -23.67 -7.72 -29.78
C GLY XA 135 -22.51 -7.55 -30.77
N GLU XA 136 -22.78 -7.72 -32.08
CA GLU XA 136 -21.76 -7.60 -33.11
C GLU XA 136 -22.34 -6.89 -34.34
N TYR XA 137 -21.46 -6.24 -35.13
CA TYR XA 137 -21.82 -5.79 -36.47
C TYR XA 137 -21.93 -7.01 -37.37
N GLU XA 138 -22.79 -6.94 -38.39
CA GLU XA 138 -22.92 -8.03 -39.34
C GLU XA 138 -21.61 -8.18 -40.12
N GLU XA 139 -21.06 -9.40 -40.15
CA GLU XA 139 -19.84 -9.70 -40.87
C GLU XA 139 -20.12 -10.81 -41.89
N TYR XA 140 -19.76 -10.55 -43.15
CA TYR XA 140 -20.13 -11.35 -44.31
C TYR XA 140 -18.88 -12.02 -44.87
N SER XA 141 -18.97 -13.33 -45.17
CA SER XA 141 -17.90 -14.04 -45.85
C SER XA 141 -18.34 -14.54 -47.23
N LEU XA 142 -17.57 -14.17 -48.27
CA LEU XA 142 -17.77 -14.63 -49.64
C LEU XA 142 -16.65 -15.63 -49.98
N THR XA 143 -17.02 -16.76 -50.59
CA THR XA 143 -16.09 -17.66 -51.26
C THR XA 143 -16.48 -17.75 -52.73
N GLY XA 144 -15.50 -17.62 -53.64
CA GLY XA 144 -15.78 -17.66 -55.07
C GLY XA 144 -14.57 -18.08 -55.90
N SER XA 145 -14.82 -18.38 -57.19
CA SER XA 145 -13.77 -18.78 -58.12
C SER XA 145 -13.69 -17.81 -59.31
N GLY XA 146 -12.51 -17.17 -59.46
CA GLY XA 146 -12.14 -16.45 -60.66
C GLY XA 146 -11.61 -17.39 -61.74
N ARG XA 147 -11.68 -16.94 -63.00
CA ARG XA 147 -11.22 -17.73 -64.14
C ARG XA 147 -9.69 -17.71 -64.24
N SER XA 148 -9.08 -16.52 -64.12
CA SER XA 148 -7.63 -16.33 -64.24
C SER XA 148 -7.19 -15.02 -63.58
N VAL XA 149 -5.89 -14.94 -63.26
CA VAL XA 149 -5.24 -13.70 -62.83
C VAL XA 149 -4.87 -12.93 -64.10
N THR XA 150 -5.48 -11.75 -64.30
CA THR XA 150 -5.21 -10.95 -65.49
C THR XA 150 -3.97 -10.07 -65.31
N ASN XA 151 -3.72 -9.65 -64.06
CA ASN XA 151 -2.59 -8.77 -63.78
C ASN XA 151 -2.02 -9.08 -62.41
N LEU XA 152 -0.68 -9.23 -62.36
CA LEU XA 152 0.09 -9.23 -61.13
C LEU XA 152 1.42 -8.53 -61.40
N ALA XA 153 1.52 -7.27 -60.95
CA ALA XA 153 2.62 -6.40 -61.30
C ALA XA 153 2.85 -5.33 -60.23
N ASP XA 154 4.07 -4.78 -60.23
CA ASP XA 154 4.40 -3.54 -59.53
C ASP XA 154 3.87 -2.37 -60.36
N THR XA 155 2.85 -1.67 -59.83
CA THR XA 155 2.21 -0.56 -60.52
C THR XA 155 2.69 0.80 -60.00
N SER XA 156 3.72 0.82 -59.14
CA SER XA 156 4.31 2.07 -58.67
C SER XA 156 4.99 2.81 -59.83
N GLY XA 157 5.01 4.15 -59.76
CA GLY XA 157 5.44 5.01 -60.85
C GLY XA 157 6.89 4.79 -61.27
N ALA YA 2 -25.75 5.01 -56.89
CA ALA YA 2 -26.15 3.91 -55.95
C ALA YA 2 -25.86 4.34 -54.50
N THR YA 3 -26.43 3.60 -53.54
CA THR YA 3 -26.30 3.87 -52.12
C THR YA 3 -24.91 3.44 -51.64
N SER YA 4 -24.24 4.27 -50.83
CA SER YA 4 -22.96 3.94 -50.21
C SER YA 4 -23.10 2.69 -49.33
N PRO YA 5 -22.16 1.70 -49.38
CA PRO YA 5 -22.16 0.59 -48.43
C PRO YA 5 -22.00 1.10 -46.99
N GLU YA 6 -22.62 0.40 -46.04
CA GLU YA 6 -22.67 0.86 -44.65
C GLU YA 6 -22.65 -0.34 -43.71
N GLY YA 7 -22.12 -0.15 -42.49
CA GLY YA 7 -22.18 -1.17 -41.45
C GLY YA 7 -23.62 -1.44 -41.03
N ILE YA 8 -23.91 -2.67 -40.56
CA ILE YA 8 -25.23 -3.00 -40.00
C ILE YA 8 -25.01 -3.57 -38.60
N TRP YA 9 -25.78 -3.05 -37.64
CA TRP YA 9 -25.71 -3.50 -36.25
C TRP YA 9 -26.73 -4.60 -36.02
N SER YA 10 -26.29 -5.77 -35.51
CA SER YA 10 -27.13 -6.96 -35.43
C SER YA 10 -28.40 -6.72 -34.60
N ASN YA 11 -28.26 -6.03 -33.45
CA ASN YA 11 -29.35 -5.86 -32.50
C ASN YA 11 -30.42 -4.88 -33.02
N SER YA 12 -30.17 -4.23 -34.18
CA SER YA 12 -31.15 -3.36 -34.82
C SER YA 12 -32.16 -4.14 -35.66
N GLY YA 13 -31.95 -5.46 -35.84
CA GLY YA 13 -32.79 -6.28 -36.71
C GLY YA 13 -34.15 -6.64 -36.08
N ALA YA 14 -35.17 -6.73 -36.95
CA ALA YA 14 -36.52 -7.18 -36.59
C ALA YA 14 -36.96 -8.29 -37.53
N LEU YA 15 -36.91 -9.54 -37.03
CA LEU YA 15 -37.30 -10.74 -37.76
C LEU YA 15 -38.77 -11.06 -37.46
N THR YA 16 -39.53 -11.42 -38.50
CA THR YA 16 -40.92 -11.85 -38.37
C THR YA 16 -41.20 -13.05 -39.28
N PHE YA 17 -42.14 -13.91 -38.84
CA PHE YA 17 -42.61 -15.06 -39.59
C PHE YA 17 -44.09 -14.89 -39.91
N GLU YA 18 -44.49 -15.32 -41.11
CA GLU YA 18 -45.88 -15.26 -41.55
C GLU YA 18 -46.31 -16.61 -42.14
N ASP YA 19 -47.58 -16.96 -41.93
CA ASP YA 19 -48.20 -18.08 -42.62
C ASP YA 19 -48.49 -17.66 -44.07
N PRO YA 20 -47.92 -18.36 -45.09
CA PRO YA 20 -48.18 -18.01 -46.50
C PRO YA 20 -49.64 -18.18 -46.98
N ALA YA 21 -50.47 -18.89 -46.18
CA ALA YA 21 -51.88 -19.05 -46.49
C ALA YA 21 -52.68 -17.76 -46.23
N ASP YA 22 -52.18 -16.90 -45.33
CA ASP YA 22 -52.91 -15.75 -44.83
C ASP YA 22 -52.13 -14.44 -45.00
N ASP YA 23 -50.79 -14.54 -44.98
CA ASP YA 23 -49.89 -13.46 -44.59
C ASP YA 23 -50.11 -13.01 -43.13
N SER YA 24 -50.70 -13.88 -42.29
CA SER YA 24 -50.86 -13.60 -40.86
C SER YA 24 -49.57 -13.91 -40.12
N GLU YA 25 -49.23 -13.09 -39.11
CA GLU YA 25 -48.00 -13.25 -38.34
C GLU YA 25 -48.08 -14.48 -37.45
N ILE YA 26 -46.95 -15.20 -37.36
CA ILE YA 26 -46.72 -16.27 -36.39
C ILE YA 26 -45.78 -15.71 -35.32
N LEU YA 27 -46.20 -15.76 -34.05
CA LEU YA 27 -45.46 -15.12 -32.97
C LEU YA 27 -44.11 -15.81 -32.78
N PHE YA 28 -43.04 -14.99 -32.85
CA PHE YA 28 -41.66 -15.42 -32.74
C PHE YA 28 -40.81 -14.24 -32.26
N ALA YA 29 -39.87 -14.49 -31.35
CA ALA YA 29 -39.15 -13.42 -30.65
C ALA YA 29 -37.84 -13.92 -30.06
N GLY YA 30 -37.00 -12.97 -29.62
CA GLY YA 30 -35.82 -13.26 -28.82
C GLY YA 30 -34.68 -13.92 -29.59
N VAL YA 31 -34.47 -13.48 -30.85
CA VAL YA 31 -33.37 -13.97 -31.67
C VAL YA 31 -32.03 -13.52 -31.08
N ARG YA 32 -30.97 -14.28 -31.41
CA ARG YA 32 -29.61 -13.99 -30.99
C ARG YA 32 -28.65 -14.07 -32.18
N ASP YA 33 -28.89 -15.04 -33.09
CA ASP YA 33 -28.22 -15.06 -34.40
C ASP YA 33 -29.28 -15.18 -35.50
N VAL YA 34 -29.03 -14.56 -36.66
CA VAL YA 34 -29.83 -14.74 -37.87
C VAL YA 34 -28.90 -14.72 -39.08
N THR YA 35 -28.81 -15.85 -39.80
CA THR YA 35 -28.10 -15.93 -41.07
C THR YA 35 -29.09 -16.26 -42.18
N ILE YA 36 -29.03 -15.48 -43.28
CA ILE YA 36 -29.82 -15.74 -44.49
C ILE YA 36 -28.86 -15.70 -45.68
N THR YA 37 -28.79 -16.81 -46.43
CA THR YA 37 -27.80 -16.98 -47.48
C THR YA 37 -28.46 -17.65 -48.69
N PRO YA 38 -28.86 -16.86 -49.73
CA PRO YA 38 -29.19 -17.45 -51.04
C PRO YA 38 -27.96 -18.11 -51.66
N ALA YA 39 -28.20 -19.30 -52.24
CA ALA YA 39 -27.15 -20.14 -52.78
C ALA YA 39 -27.63 -20.80 -54.07
N TYR YA 40 -26.68 -21.11 -54.95
CA TYR YA 40 -26.89 -21.99 -56.09
C TYR YA 40 -25.73 -22.98 -56.14
N GLU YA 41 -26.00 -24.18 -56.68
CA GLU YA 41 -24.91 -25.05 -57.13
C GLU YA 41 -24.30 -24.47 -58.40
N HIS YA 42 -22.96 -24.57 -58.51
CA HIS YA 42 -22.21 -24.17 -59.70
C HIS YA 42 -21.62 -25.40 -60.39
N ALA YA 43 -21.76 -25.45 -61.71
CA ALA YA 43 -21.03 -26.41 -62.53
C ALA YA 43 -20.08 -25.68 -63.48
N GLU YA 44 -18.78 -26.03 -63.43
CA GLU YA 44 -17.75 -25.38 -64.24
C GLU YA 44 -17.30 -26.33 -65.36
N LEU YA 45 -17.34 -25.84 -66.61
CA LEU YA 45 -16.95 -26.65 -67.76
C LEU YA 45 -15.44 -26.54 -67.98
N TYR YA 46 -14.77 -27.70 -68.02
CA TYR YA 46 -13.37 -27.82 -68.41
C TYR YA 46 -13.20 -28.94 -69.43
N THR YA 47 -12.36 -28.70 -70.45
CA THR YA 47 -12.10 -29.64 -71.53
C THR YA 47 -10.60 -29.59 -71.89
N ILE YA 48 -10.16 -30.52 -72.76
CA ILE YA 48 -8.77 -30.64 -73.19
C ILE YA 48 -8.28 -29.40 -73.97
N ASP YA 49 -9.20 -28.52 -74.44
CA ASP YA 49 -8.85 -27.31 -75.18
C ASP YA 49 -7.99 -26.35 -74.36
N SER YA 50 -8.29 -26.19 -73.06
CA SER YA 50 -7.70 -25.14 -72.23
C SER YA 50 -7.67 -25.57 -70.76
N THR YA 51 -6.68 -25.05 -70.02
CA THR YA 51 -6.61 -25.20 -68.57
C THR YA 51 -7.56 -24.24 -67.86
N PHE YA 52 -7.96 -23.16 -68.55
CA PHE YA 52 -8.87 -22.18 -67.98
C PHE YA 52 -10.32 -22.66 -68.12
N ARG YA 53 -11.15 -22.25 -67.16
CA ARG YA 53 -12.58 -22.54 -67.13
C ARG YA 53 -13.26 -21.99 -68.39
N ASP YA 54 -14.12 -22.82 -69.00
CA ASP YA 54 -14.79 -22.46 -70.25
C ASP YA 54 -16.13 -21.79 -69.95
N GLU YA 55 -16.91 -22.39 -69.04
CA GLU YA 55 -18.24 -21.94 -68.68
C GLU YA 55 -18.45 -22.14 -67.17
N VAL YA 56 -19.39 -21.37 -66.59
CA VAL YA 56 -19.94 -21.65 -65.28
C VAL YA 56 -21.44 -21.33 -65.27
N LYS YA 57 -22.23 -22.19 -64.61
CA LYS YA 57 -23.70 -22.11 -64.64
C LYS YA 57 -24.29 -22.41 -63.25
N ARG YA 58 -25.43 -21.75 -62.95
CA ARG YA 58 -26.20 -21.91 -61.71
C ARG YA 58 -27.28 -22.97 -61.89
N TYR YA 59 -27.56 -23.71 -60.80
CA TYR YA 59 -28.71 -24.59 -60.68
C TYR YA 59 -29.03 -24.81 -59.19
N GLU YA 60 -30.17 -25.47 -58.91
CA GLU YA 60 -30.55 -25.96 -57.58
C GLU YA 60 -30.50 -24.84 -56.53
N HIS YA 61 -31.30 -23.80 -56.77
CA HIS YA 61 -31.34 -22.63 -55.90
C HIS YA 61 -32.06 -22.97 -54.59
N ASN YA 62 -31.51 -22.47 -53.47
CA ASN YA 62 -32.20 -22.44 -52.19
C ASN YA 62 -31.63 -21.30 -51.34
N VAL YA 63 -32.39 -20.88 -50.32
CA VAL YA 63 -31.93 -19.89 -49.37
C VAL YA 63 -31.71 -20.60 -48.03
N ASN YA 64 -30.43 -20.71 -47.61
CA ASN YA 64 -30.14 -21.23 -46.28
C ASN YA 64 -30.55 -20.19 -45.24
N VAL YA 65 -31.43 -20.62 -44.31
CA VAL YA 65 -31.85 -19.82 -43.17
C VAL YA 65 -31.39 -20.55 -41.91
N GLU YA 66 -30.62 -19.86 -41.06
CA GLU YA 66 -30.35 -20.41 -39.73
C GLU YA 66 -30.44 -19.32 -38.67
N ILE YA 67 -31.18 -19.66 -37.59
CA ILE YA 67 -31.56 -18.73 -36.54
C ILE YA 67 -31.23 -19.37 -35.19
N THR YA 68 -30.57 -18.60 -34.32
CA THR YA 68 -30.48 -18.94 -32.90
C THR YA 68 -31.39 -17.99 -32.13
N TYR YA 69 -32.23 -18.53 -31.23
CA TYR YA 69 -33.18 -17.72 -30.48
C TYR YA 69 -33.40 -18.30 -29.08
N ALA YA 70 -33.86 -17.45 -28.14
CA ALA YA 70 -33.85 -17.77 -26.72
C ALA YA 70 -35.20 -17.57 -26.01
N LYS YA 71 -36.27 -17.32 -26.79
CA LYS YA 71 -37.64 -17.28 -26.27
C LYS YA 71 -38.46 -18.35 -26.98
N PHE YA 72 -39.04 -19.27 -26.20
CA PHE YA 72 -39.85 -20.33 -26.78
C PHE YA 72 -41.20 -19.78 -27.24
N SER YA 73 -41.63 -20.17 -28.43
CA SER YA 73 -42.96 -19.86 -28.95
C SER YA 73 -43.77 -21.14 -29.13
N LEU YA 74 -44.90 -21.23 -28.41
CA LEU YA 74 -45.82 -22.35 -28.55
C LEU YA 74 -46.49 -22.35 -29.93
N GLU YA 75 -46.82 -21.15 -30.44
CA GLU YA 75 -47.48 -21.04 -31.74
C GLU YA 75 -46.57 -21.57 -32.86
N PHE YA 76 -45.32 -21.11 -32.89
CA PHE YA 76 -44.35 -21.52 -33.90
C PHE YA 76 -44.14 -23.03 -33.90
N ALA YA 77 -43.99 -23.61 -32.70
CA ALA YA 77 -43.77 -25.05 -32.53
C ALA YA 77 -44.98 -25.87 -32.96
N GLN YA 78 -46.21 -25.39 -32.64
CA GLN YA 78 -47.44 -26.09 -32.96
C GLN YA 78 -47.81 -25.96 -34.45
N GLU YA 79 -47.45 -24.81 -35.06
CA GLU YA 79 -47.52 -24.62 -36.50
C GLU YA 79 -46.60 -25.61 -37.23
N TRP YA 80 -45.37 -25.77 -36.71
CA TRP YA 80 -44.40 -26.70 -37.30
C TRP YA 80 -44.90 -28.14 -37.25
N LEU YA 81 -45.50 -28.53 -36.11
CA LEU YA 81 -46.04 -29.88 -35.94
C LEU YA 81 -47.23 -30.12 -36.89
N GLY YA 82 -48.12 -29.12 -36.99
CA GLY YA 82 -49.39 -29.26 -37.71
C GLY YA 82 -49.26 -29.32 -39.23
N GLY YA 83 -48.18 -28.75 -39.79
CA GLY YA 83 -48.01 -28.65 -41.23
C GLY YA 83 -48.85 -27.50 -41.82
N PRO YA 84 -48.90 -27.34 -43.17
CA PRO YA 84 -49.58 -26.20 -43.79
C PRO YA 84 -51.05 -26.06 -43.38
N GLY YA 85 -51.40 -24.85 -42.89
CA GLY YA 85 -52.75 -24.44 -42.57
C GLY YA 85 -53.34 -25.09 -41.30
N ALA YA 86 -52.51 -25.66 -40.42
CA ALA YA 86 -52.99 -26.28 -39.19
C ALA YA 86 -51.95 -26.20 -38.05
N THR YA 87 -52.45 -26.19 -36.81
CA THR YA 87 -51.64 -26.31 -35.60
C THR YA 87 -51.94 -27.66 -34.91
N ALA YA 88 -50.90 -28.32 -34.39
CA ALA YA 88 -51.06 -29.58 -33.67
C ALA YA 88 -50.24 -29.61 -32.38
N THR YA 89 -50.80 -30.28 -31.34
CA THR YA 89 -50.14 -30.50 -30.06
C THR YA 89 -49.29 -31.79 -30.09
N ALA YA 90 -49.22 -32.48 -31.24
CA ALA YA 90 -48.55 -33.77 -31.36
C ALA YA 90 -47.99 -33.91 -32.78
N SER YA 91 -46.99 -34.78 -32.96
CA SER YA 91 -46.45 -35.10 -34.30
C SER YA 91 -47.59 -35.55 -35.21
N GLN YA 92 -47.55 -35.07 -36.47
CA GLN YA 92 -48.52 -35.45 -37.48
C GLN YA 92 -47.89 -36.43 -38.45
N ASP YA 93 -48.65 -37.49 -38.78
CA ASP YA 93 -48.19 -38.53 -39.69
C ASP YA 93 -48.59 -38.16 -41.13
N ASP YA 94 -47.94 -37.11 -41.68
CA ASP YA 94 -48.18 -36.68 -43.05
C ASP YA 94 -46.92 -36.04 -43.66
N SER YA 95 -46.94 -35.92 -44.99
CA SER YA 95 -45.75 -35.65 -45.80
C SER YA 95 -45.50 -34.16 -46.06
N ASP YA 96 -46.40 -33.25 -45.63
CA ASP YA 96 -46.26 -31.83 -45.93
C ASP YA 96 -45.57 -31.10 -44.77
N PRO YA 97 -44.37 -30.49 -44.97
CA PRO YA 97 -43.79 -29.63 -43.93
C PRO YA 97 -44.46 -28.26 -43.92
N MET YA 98 -44.53 -27.66 -42.73
CA MET YA 98 -45.00 -26.28 -42.58
C MET YA 98 -44.03 -25.34 -43.30
N LYS YA 99 -44.59 -24.52 -44.21
CA LYS YA 99 -43.84 -23.52 -44.95
C LYS YA 99 -44.10 -22.15 -44.33
N PHE YA 100 -43.00 -21.48 -43.95
CA PHE YA 100 -43.08 -20.17 -43.33
C PHE YA 100 -42.57 -19.14 -44.33
N ASN YA 101 -43.33 -18.04 -44.48
CA ASN YA 101 -42.74 -16.83 -45.05
C ASN YA 101 -41.92 -16.15 -43.96
N LEU YA 102 -40.74 -15.64 -44.34
CA LEU YA 102 -39.82 -15.01 -43.40
C LEU YA 102 -39.47 -13.61 -43.92
N GLU YA 103 -39.38 -12.64 -43.00
CA GLU YA 103 -38.90 -11.31 -43.32
C GLU YA 103 -38.02 -10.78 -42.19
N ASN YA 104 -36.91 -10.13 -42.56
CA ASN YA 104 -36.04 -9.45 -41.61
C ASN YA 104 -35.78 -8.03 -42.09
N VAL YA 105 -35.94 -7.05 -41.17
CA VAL YA 105 -35.76 -5.64 -41.49
C VAL YA 105 -34.70 -5.06 -40.55
N THR YA 106 -33.68 -4.40 -41.13
CA THR YA 106 -32.61 -3.77 -40.37
C THR YA 106 -32.31 -2.37 -40.91
N PRO YA 107 -32.31 -1.32 -40.06
CA PRO YA 107 -31.64 -0.05 -40.40
C PRO YA 107 -30.15 -0.31 -40.57
N SER YA 108 -29.51 0.43 -41.49
CA SER YA 108 -28.06 0.50 -41.53
C SER YA 108 -27.56 1.32 -40.33
N ALA YA 109 -26.28 1.17 -39.97
CA ALA YA 109 -25.75 1.68 -38.71
C ALA YA 109 -25.87 3.20 -38.57
N SER YA 110 -25.75 3.94 -39.68
CA SER YA 110 -25.88 5.39 -39.72
C SER YA 110 -27.17 5.85 -40.44
N GLY YA 111 -28.12 4.94 -40.67
CA GLY YA 111 -29.42 5.27 -41.26
C GLY YA 111 -29.36 5.65 -42.74
N GLY YA 112 -28.30 5.23 -43.45
CA GLY YA 112 -28.18 5.41 -44.90
C GLY YA 112 -29.26 4.67 -45.70
N PHE YA 113 -29.72 3.50 -45.19
CA PHE YA 113 -30.77 2.69 -45.79
C PHE YA 113 -31.46 1.82 -44.73
N GLU YA 114 -32.62 1.25 -45.08
CA GLU YA 114 -33.28 0.24 -44.27
C GLU YA 114 -33.42 -1.05 -45.10
N ARG YA 115 -32.51 -2.00 -44.86
CA ARG YA 115 -32.45 -3.23 -45.64
C ARG YA 115 -33.56 -4.18 -45.18
N THR YA 116 -34.44 -4.56 -46.12
CA THR YA 116 -35.46 -5.59 -45.93
C THR YA 116 -35.06 -6.83 -46.74
N THR YA 117 -34.98 -7.98 -46.06
CA THR YA 117 -34.79 -9.29 -46.70
C THR YA 117 -36.03 -10.14 -46.46
N ALA YA 118 -36.66 -10.63 -47.53
CA ALA YA 118 -37.82 -11.51 -47.42
C ALA YA 118 -37.59 -12.81 -48.18
N VAL YA 119 -38.04 -13.93 -47.60
CA VAL YA 119 -37.79 -15.28 -48.10
C VAL YA 119 -39.11 -16.06 -48.09
N GLU YA 120 -39.42 -16.76 -49.19
CA GLU YA 120 -40.64 -17.55 -49.28
C GLU YA 120 -40.39 -19.01 -48.89
N ASN YA 121 -41.41 -19.63 -48.29
CA ASN YA 121 -41.51 -21.09 -48.10
C ASN YA 121 -40.26 -21.67 -47.43
N VAL YA 122 -39.83 -21.04 -46.33
CA VAL YA 122 -38.79 -21.61 -45.48
C VAL YA 122 -39.37 -22.85 -44.79
N VAL YA 123 -38.62 -23.97 -44.85
CA VAL YA 123 -38.98 -25.19 -44.15
C VAL YA 123 -37.81 -25.61 -43.24
N PHE YA 124 -38.15 -26.17 -42.07
CA PHE YA 124 -37.16 -26.59 -41.09
C PHE YA 124 -37.23 -28.11 -40.93
N PRO YA 125 -36.18 -28.89 -41.29
CA PRO YA 125 -36.19 -30.35 -41.14
C PRO YA 125 -36.42 -30.85 -39.72
N GLU YA 126 -35.97 -30.05 -38.73
CA GLU YA 126 -36.09 -30.38 -37.32
C GLU YA 126 -36.39 -29.12 -36.52
N LEU YA 127 -37.13 -29.33 -35.42
CA LEU YA 127 -37.54 -28.27 -34.52
C LEU YA 127 -37.04 -28.63 -33.11
N PRO YA 128 -36.12 -27.83 -32.50
CA PRO YA 128 -35.76 -28.06 -31.10
C PRO YA 128 -36.90 -27.62 -30.19
N LEU YA 129 -37.47 -28.58 -29.44
CA LEU YA 129 -38.53 -28.26 -28.50
C LEU YA 129 -37.92 -27.84 -27.16
N ASP YA 130 -37.03 -28.70 -26.64
CA ASP YA 130 -36.33 -28.46 -25.39
C ASP YA 130 -34.83 -28.40 -25.68
N SER YA 131 -34.15 -27.46 -25.03
CA SER YA 131 -32.72 -27.23 -25.22
C SER YA 131 -32.11 -26.70 -23.93
N ALA YA 132 -32.30 -27.48 -22.84
CA ALA YA 132 -31.91 -27.10 -21.49
C ALA YA 132 -30.44 -27.45 -21.24
N THR YA 133 -29.69 -26.45 -20.74
CA THR YA 133 -28.34 -26.62 -20.24
C THR YA 133 -28.27 -25.98 -18.87
N TYR YA 134 -27.75 -26.73 -17.88
CA TYR YA 134 -27.69 -26.30 -16.49
C TYR YA 134 -27.04 -24.92 -16.37
N GLY YA 135 -27.72 -24.00 -15.67
CA GLY YA 135 -27.22 -22.65 -15.41
C GLY YA 135 -27.35 -21.70 -16.62
N GLU YA 136 -28.18 -22.07 -17.61
CA GLU YA 136 -28.40 -21.25 -18.79
C GLU YA 136 -29.90 -21.21 -19.13
N TYR YA 137 -30.32 -20.16 -19.83
CA TYR YA 137 -31.62 -20.15 -20.49
C TYR YA 137 -31.57 -21.11 -21.67
N GLU YA 138 -32.72 -21.74 -21.97
CA GLU YA 138 -32.85 -22.59 -23.14
C GLU YA 138 -32.58 -21.76 -24.40
N GLU YA 139 -31.73 -22.29 -25.30
CA GLU YA 139 -31.37 -21.62 -26.55
C GLU YA 139 -31.59 -22.59 -27.71
N TYR YA 140 -32.27 -22.11 -28.75
CA TYR YA 140 -32.82 -22.94 -29.82
C TYR YA 140 -32.17 -22.57 -31.15
N SER YA 141 -31.67 -23.59 -31.87
CA SER YA 141 -31.08 -23.40 -33.20
C SER YA 141 -31.98 -24.01 -34.27
N LEU YA 142 -32.41 -23.18 -35.23
CA LEU YA 142 -33.12 -23.63 -36.42
C LEU YA 142 -32.16 -23.61 -37.61
N THR YA 143 -32.21 -24.66 -38.44
CA THR YA 143 -31.65 -24.64 -39.77
C THR YA 143 -32.75 -25.02 -40.75
N GLY YA 144 -32.90 -24.26 -41.84
CA GLY YA 144 -33.94 -24.53 -42.83
C GLY YA 144 -33.60 -23.97 -44.21
N SER YA 145 -34.40 -24.34 -45.22
CA SER YA 145 -34.20 -23.87 -46.60
C SER YA 145 -35.45 -23.18 -47.13
N GLY YA 146 -35.29 -21.89 -47.52
CA GLY YA 146 -36.30 -21.15 -48.26
C GLY YA 146 -36.20 -21.42 -49.76
N ARG YA 147 -37.32 -21.20 -50.48
CA ARG YA 147 -37.38 -21.45 -51.91
C ARG YA 147 -36.62 -20.38 -52.70
N SER YA 148 -36.86 -19.10 -52.35
CA SER YA 148 -36.24 -17.96 -53.02
C SER YA 148 -36.32 -16.71 -52.14
N VAL YA 149 -35.44 -15.73 -52.45
CA VAL YA 149 -35.54 -14.37 -51.91
C VAL YA 149 -36.63 -13.64 -52.72
N THR YA 150 -37.71 -13.22 -52.04
CA THR YA 150 -38.81 -12.52 -52.71
C THR YA 150 -38.54 -11.01 -52.78
N ASN YA 151 -37.73 -10.51 -51.83
CA ASN YA 151 -37.44 -9.09 -51.73
C ASN YA 151 -36.11 -8.87 -51.03
N LEU YA 152 -35.24 -8.07 -51.68
CA LEU YA 152 -34.06 -7.48 -51.06
C LEU YA 152 -33.95 -6.04 -51.56
N ALA YA 153 -34.32 -5.10 -50.68
CA ALA YA 153 -34.41 -3.70 -51.07
C ALA YA 153 -34.20 -2.78 -49.86
N ASP YA 154 -33.89 -1.51 -50.17
CA ASP YA 154 -33.99 -0.42 -49.22
C ASP YA 154 -35.45 0.00 -49.12
N THR YA 155 -36.05 -0.16 -47.92
CA THR YA 155 -37.46 0.14 -47.69
C THR YA 155 -37.64 1.47 -46.94
N SER YA 156 -36.56 2.24 -46.73
CA SER YA 156 -36.62 3.55 -46.10
C SER YA 156 -37.31 4.57 -47.03
N GLY YA 157 -37.82 5.67 -46.44
CA GLY YA 157 -38.58 6.69 -47.14
C GLY YA 157 -37.75 7.44 -48.15
N ALA ZA 2 -52.68 -15.55 -29.62
CA ALA ZA 2 -51.80 -16.64 -29.10
C ALA ZA 2 -50.96 -16.13 -27.93
N THR ZA 3 -50.29 -17.05 -27.21
CA THR ZA 3 -49.48 -16.74 -26.04
C THR ZA 3 -48.16 -16.13 -26.49
N SER ZA 4 -47.74 -15.03 -25.83
CA SER ZA 4 -46.48 -14.33 -26.12
C SER ZA 4 -45.28 -15.27 -25.95
N PRO ZA 5 -44.29 -15.29 -26.89
CA PRO ZA 5 -43.05 -16.06 -26.68
C PRO ZA 5 -42.29 -15.53 -25.46
N GLU ZA 6 -41.65 -16.45 -24.72
CA GLU ZA 6 -41.06 -16.14 -23.42
C GLU ZA 6 -39.79 -16.98 -23.21
N GLY ZA 7 -38.81 -16.43 -22.46
CA GLY ZA 7 -37.62 -17.17 -22.06
C GLY ZA 7 -37.97 -18.38 -21.19
N ILE ZA 8 -37.15 -19.45 -21.28
CA ILE ZA 8 -37.30 -20.61 -20.41
C ILE ZA 8 -35.96 -20.87 -19.71
N TRP ZA 9 -36.01 -20.92 -18.38
CA TRP ZA 9 -34.84 -21.19 -17.55
C TRP ZA 9 -34.65 -22.70 -17.41
N SER ZA 10 -33.43 -23.21 -17.70
CA SER ZA 10 -33.19 -24.65 -17.76
C SER ZA 10 -33.48 -25.34 -16.43
N ASN ZA 11 -33.07 -24.72 -15.31
CA ASN ZA 11 -33.14 -25.34 -13.99
C ASN ZA 11 -34.58 -25.43 -13.46
N SER ZA 12 -35.55 -24.80 -14.14
CA SER ZA 12 -36.96 -24.87 -13.76
C SER ZA 12 -37.63 -26.17 -14.25
N GLY ZA 13 -36.91 -26.98 -15.04
CA GLY ZA 13 -37.46 -28.17 -15.67
C GLY ZA 13 -37.55 -29.37 -14.73
N ALA ZA 14 -38.54 -30.25 -15.02
CA ALA ZA 14 -38.73 -31.51 -14.33
C ALA ZA 14 -38.96 -32.64 -15.34
N LEU ZA 15 -37.89 -33.41 -15.62
CA LEU ZA 15 -37.92 -34.57 -16.50
C LEU ZA 15 -38.40 -35.80 -15.71
N THR ZA 16 -39.19 -36.67 -16.37
CA THR ZA 16 -39.63 -37.93 -15.80
C THR ZA 16 -39.72 -39.00 -16.91
N PHE ZA 17 -39.54 -40.27 -16.50
CA PHE ZA 17 -39.66 -41.43 -17.38
C PHE ZA 17 -40.73 -42.37 -16.84
N GLU ZA 18 -41.47 -43.01 -17.76
CA GLU ZA 18 -42.53 -43.95 -17.41
C GLU ZA 18 -42.40 -45.22 -18.26
N ASP ZA 19 -42.74 -46.37 -17.64
CA ASP ZA 19 -42.90 -47.62 -18.35
C ASP ZA 19 -44.21 -47.57 -19.15
N PRO ZA 20 -44.19 -47.65 -20.50
CA PRO ZA 20 -45.42 -47.59 -21.30
C PRO ZA 20 -46.40 -48.77 -21.11
N ALA ZA 21 -45.94 -49.84 -20.45
CA ALA ZA 21 -46.80 -50.98 -20.13
C ALA ZA 21 -47.72 -50.67 -18.93
N ASP ZA 22 -47.29 -49.74 -18.05
CA ASP ZA 22 -47.94 -49.48 -16.77
C ASP ZA 22 -48.45 -48.04 -16.66
N ASP ZA 23 -47.74 -47.10 -17.31
CA ASP ZA 23 -47.68 -45.69 -16.96
C ASP ZA 23 -47.09 -45.48 -15.54
N SER ZA 24 -46.30 -46.44 -15.04
CA SER ZA 24 -45.60 -46.31 -13.75
C SER ZA 24 -44.29 -45.54 -13.96
N GLU ZA 25 -43.93 -44.70 -12.98
CA GLU ZA 25 -42.70 -43.91 -13.07
C GLU ZA 25 -41.47 -44.81 -12.88
N ILE ZA 26 -40.44 -44.55 -13.69
CA ILE ZA 26 -39.11 -45.12 -13.55
C ILE ZA 26 -38.21 -44.05 -12.92
N LEU ZA 27 -37.56 -44.39 -11.79
CA LEU ZA 27 -36.81 -43.41 -11.01
C LEU ZA 27 -35.60 -42.91 -11.81
N PHE ZA 28 -35.56 -41.59 -12.01
CA PHE ZA 28 -34.52 -40.89 -12.76
C PHE ZA 28 -34.41 -39.46 -12.22
N ALA ZA 29 -33.17 -38.94 -12.12
CA ALA ZA 29 -32.92 -37.69 -11.41
C ALA ZA 29 -31.58 -37.07 -11.82
N GLY ZA 30 -31.38 -35.81 -11.41
CA GLY ZA 30 -30.09 -35.14 -11.46
C GLY ZA 30 -29.61 -34.81 -12.88
N VAL ZA 31 -30.54 -34.37 -13.74
CA VAL ZA 31 -30.21 -33.94 -15.10
C VAL ZA 31 -29.39 -32.66 -15.06
N ARG ZA 32 -28.60 -32.45 -16.13
CA ARG ZA 32 -27.79 -31.24 -16.31
C ARG ZA 32 -28.06 -30.65 -17.70
N ASP ZA 33 -28.13 -31.51 -18.73
CA ASP ZA 33 -28.59 -31.09 -20.05
C ASP ZA 33 -29.77 -31.97 -20.49
N VAL ZA 34 -30.73 -31.37 -21.21
CA VAL ZA 34 -31.85 -32.07 -21.84
C VAL ZA 34 -32.17 -31.40 -23.18
N THR ZA 35 -32.00 -32.15 -24.28
CA THR ZA 35 -32.38 -31.69 -25.60
C THR ZA 35 -33.42 -32.65 -26.19
N ILE ZA 36 -34.54 -32.10 -26.67
CA ILE ZA 36 -35.57 -32.87 -27.36
C ILE ZA 36 -35.83 -32.20 -28.72
N THR ZA 37 -35.68 -32.99 -29.79
CA THR ZA 37 -35.77 -32.46 -31.14
C THR ZA 37 -36.57 -33.41 -32.04
N PRO ZA 38 -37.88 -33.15 -32.29
CA PRO ZA 38 -38.58 -33.80 -33.40
C PRO ZA 38 -37.94 -33.40 -34.74
N ALA ZA 39 -37.74 -34.41 -35.59
CA ALA ZA 39 -37.09 -34.26 -36.88
C ALA ZA 39 -37.82 -35.10 -37.92
N TYR ZA 40 -37.72 -34.64 -39.17
CA TYR ZA 40 -38.10 -35.42 -40.34
C TYR ZA 40 -36.96 -35.31 -41.36
N GLU ZA 41 -36.78 -36.38 -42.16
CA GLU ZA 41 -36.02 -36.28 -43.39
C GLU ZA 41 -36.82 -35.45 -44.40
N HIS ZA 42 -36.13 -34.57 -45.15
CA HIS ZA 42 -36.73 -33.78 -46.22
C HIS ZA 42 -36.19 -34.23 -47.58
N ALA ZA 43 -37.10 -34.38 -48.55
CA ALA ZA 43 -36.73 -34.55 -49.95
C ALA ZA 43 -37.26 -33.38 -50.78
N GLU ZA 44 -36.35 -32.66 -51.46
CA GLU ZA 44 -36.67 -31.52 -52.31
C GLU ZA 44 -36.64 -31.95 -53.78
N LEU ZA 45 -37.66 -31.54 -54.55
CA LEU ZA 45 -37.74 -31.88 -55.98
C LEU ZA 45 -37.18 -30.72 -56.80
N TYR ZA 46 -36.23 -31.07 -57.69
CA TYR ZA 46 -35.68 -30.15 -58.68
C TYR ZA 46 -35.65 -30.83 -60.05
N THR ZA 47 -36.00 -30.07 -61.08
CA THR ZA 47 -36.07 -30.55 -62.46
C THR ZA 47 -35.52 -29.47 -63.40
N ILE ZA 48 -35.33 -29.82 -64.68
CA ILE ZA 48 -34.80 -28.93 -65.70
C ILE ZA 48 -35.74 -27.73 -65.96
N ASP ZA 49 -37.01 -27.80 -65.52
CA ASP ZA 49 -37.99 -26.73 -65.73
C ASP ZA 49 -37.59 -25.41 -65.07
N SER ZA 50 -36.96 -25.48 -63.88
CA SER ZA 50 -36.68 -24.32 -63.05
C SER ZA 50 -35.47 -24.58 -62.15
N THR ZA 51 -34.71 -23.52 -61.84
CA THR ZA 51 -33.64 -23.55 -60.85
C THR ZA 51 -34.21 -23.59 -59.42
N PHE ZA 52 -35.46 -23.15 -59.26
CA PHE ZA 52 -36.11 -23.14 -57.95
C PHE ZA 52 -36.71 -24.51 -57.64
N ARG ZA 53 -36.89 -24.77 -56.34
CA ARG ZA 53 -37.47 -25.99 -55.80
C ARG ZA 53 -38.93 -26.13 -56.26
N ASP ZA 54 -39.26 -27.30 -56.84
CA ASP ZA 54 -40.62 -27.62 -57.25
C ASP ZA 54 -41.47 -28.01 -56.04
N GLU ZA 55 -40.96 -28.92 -55.19
CA GLU ZA 55 -41.68 -29.51 -54.07
C GLU ZA 55 -40.71 -29.78 -52.90
N VAL ZA 56 -41.26 -29.92 -51.68
CA VAL ZA 56 -40.55 -30.48 -50.54
C VAL ZA 56 -41.51 -31.32 -49.68
N LYS ZA 57 -41.02 -32.46 -49.17
CA LYS ZA 57 -41.84 -33.45 -48.46
C LYS ZA 57 -41.08 -34.05 -47.26
N ARG ZA 58 -41.85 -34.44 -46.23
CA ARG ZA 58 -41.36 -35.07 -44.99
C ARG ZA 58 -41.44 -36.60 -45.09
N TYR ZA 59 -40.48 -37.28 -44.43
CA TYR ZA 59 -40.50 -38.71 -44.19
C TYR ZA 59 -39.59 -39.03 -42.99
N GLU ZA 60 -39.59 -40.30 -42.53
CA GLU ZA 60 -38.78 -40.78 -41.41
C GLU ZA 60 -38.83 -39.83 -40.21
N HIS ZA 61 -40.02 -39.70 -39.62
CA HIS ZA 61 -40.13 -38.97 -38.36
C HIS ZA 61 -39.41 -39.74 -37.24
N ASN ZA 62 -38.69 -38.98 -36.41
CA ASN ZA 62 -38.23 -39.42 -35.10
C ASN ZA 62 -38.09 -38.20 -34.19
N VAL ZA 63 -37.91 -38.46 -32.89
CA VAL ZA 63 -37.59 -37.42 -31.94
C VAL ZA 63 -36.22 -37.75 -31.34
N ASN ZA 64 -35.20 -36.96 -31.68
CA ASN ZA 64 -33.91 -37.08 -31.03
C ASN ZA 64 -34.05 -36.63 -29.57
N VAL ZA 65 -33.70 -37.53 -28.65
CA VAL ZA 65 -33.63 -37.22 -27.23
C VAL ZA 65 -32.17 -37.38 -26.81
N GLU ZA 66 -31.59 -36.33 -26.24
CA GLU ZA 66 -30.30 -36.49 -25.58
C GLU ZA 66 -30.29 -35.78 -24.23
N ILE ZA 67 -29.81 -36.52 -23.22
CA ILE ZA 67 -29.87 -36.14 -21.83
C ILE ZA 67 -28.49 -36.35 -21.23
N THR ZA 68 -27.98 -35.33 -20.52
CA THR ZA 68 -26.80 -35.49 -19.67
C THR ZA 68 -27.24 -35.38 -18.21
N TYR ZA 69 -26.82 -36.35 -17.38
CA TYR ZA 69 -27.27 -36.42 -15.99
C TYR ZA 69 -26.16 -36.95 -15.08
N ALA ZA 70 -26.27 -36.67 -13.77
CA ALA ZA 70 -25.18 -36.88 -12.84
C ALA ZA 70 -25.57 -37.67 -11.57
N LYS ZA 71 -26.79 -38.26 -11.57
CA LYS ZA 71 -27.19 -39.20 -10.53
C LYS ZA 71 -27.48 -40.55 -11.18
N PHE ZA 72 -26.75 -41.59 -10.75
CA PHE ZA 72 -26.98 -42.92 -11.30
C PHE ZA 72 -28.28 -43.52 -10.76
N SER ZA 73 -29.06 -44.15 -11.63
CA SER ZA 73 -30.28 -44.86 -11.26
C SER ZA 73 -30.13 -46.35 -11.58
N LEU ZA 74 -30.22 -47.19 -10.54
CA LEU ZA 74 -30.20 -48.64 -10.73
C LEU ZA 74 -31.47 -49.11 -11.45
N GLU ZA 75 -32.63 -48.52 -11.13
CA GLU ZA 75 -33.89 -48.92 -11.77
C GLU ZA 75 -33.82 -48.66 -13.28
N PHE ZA 76 -33.40 -47.44 -13.67
CA PHE ZA 76 -33.31 -47.08 -15.08
C PHE ZA 76 -32.37 -48.03 -15.84
N ALA ZA 77 -31.19 -48.30 -15.27
CA ALA ZA 77 -30.20 -49.15 -15.90
C ALA ZA 77 -30.69 -50.59 -16.03
N GLN ZA 78 -31.38 -51.10 -15.00
CA GLN ZA 78 -31.88 -52.47 -14.99
C GLN ZA 78 -33.09 -52.63 -15.91
N GLU ZA 79 -33.87 -51.55 -16.08
CA GLU ZA 79 -34.98 -51.50 -17.04
C GLU ZA 79 -34.44 -51.55 -18.46
N TRP ZA 80 -33.35 -50.79 -18.73
CA TRP ZA 80 -32.70 -50.78 -20.02
C TRP ZA 80 -32.14 -52.16 -20.37
N LEU ZA 81 -31.48 -52.81 -19.40
CA LEU ZA 81 -30.92 -54.15 -19.59
C LEU ZA 81 -32.04 -55.16 -19.86
N GLY ZA 82 -33.13 -55.08 -19.09
CA GLY ZA 82 -34.20 -56.07 -19.08
C GLY ZA 82 -35.05 -56.11 -20.35
N GLY ZA 83 -35.13 -54.98 -21.08
CA GLY ZA 83 -36.05 -54.86 -22.20
C GLY ZA 83 -37.49 -54.64 -21.74
N PRO ZA 84 -38.50 -54.60 -22.65
CA PRO ZA 84 -39.89 -54.30 -22.28
C PRO ZA 84 -40.47 -55.24 -21.24
N GLY ZA 85 -41.10 -54.66 -20.20
CA GLY ZA 85 -41.85 -55.38 -19.19
C GLY ZA 85 -41.00 -56.20 -18.21
N ALA ZA 86 -39.68 -55.94 -18.15
CA ALA ZA 86 -38.79 -56.69 -17.26
C ALA ZA 86 -37.57 -55.85 -16.86
N THR ZA 87 -36.97 -56.20 -15.70
CA THR ZA 87 -35.68 -55.69 -15.26
C THR ZA 87 -34.67 -56.84 -15.22
N ALA ZA 88 -33.39 -56.54 -15.50
CA ALA ZA 88 -32.33 -57.53 -15.44
C ALA ZA 88 -31.04 -56.95 -14.84
N THR ZA 89 -30.28 -57.81 -14.15
CA THR ZA 89 -28.98 -57.47 -13.57
C THR ZA 89 -27.83 -57.83 -14.51
N ALA ZA 90 -28.15 -58.25 -15.75
CA ALA ZA 90 -27.16 -58.67 -16.74
C ALA ZA 90 -27.70 -58.40 -18.14
N SER ZA 91 -26.80 -58.28 -19.14
CA SER ZA 91 -27.20 -58.18 -20.54
C SER ZA 91 -28.18 -59.27 -20.91
N GLN ZA 92 -29.21 -58.90 -21.68
CA GLN ZA 92 -30.20 -59.86 -22.18
C GLN ZA 92 -29.94 -60.13 -23.66
N ASP ZA 93 -29.96 -61.41 -24.02
CA ASP ZA 93 -29.76 -61.86 -25.38
C ASP ZA 93 -31.11 -61.94 -26.10
N ASP ZA 94 -31.71 -60.76 -26.36
CA ASP ZA 94 -32.98 -60.65 -27.07
C ASP ZA 94 -33.05 -59.34 -27.87
N SER ZA 95 -34.02 -59.29 -28.80
CA SER ZA 95 -34.05 -58.27 -29.85
C SER ZA 95 -34.85 -57.01 -29.49
N ASP ZA 96 -35.60 -57.01 -28.38
CA ASP ZA 96 -36.47 -55.87 -28.04
C ASP ZA 96 -35.76 -54.87 -27.14
N PRO ZA 97 -35.53 -53.60 -27.58
CA PRO ZA 97 -35.03 -52.57 -26.66
C PRO ZA 97 -36.15 -52.12 -25.72
N MET ZA 98 -35.77 -51.74 -24.50
CA MET ZA 98 -36.69 -51.10 -23.57
C MET ZA 98 -37.14 -49.75 -24.14
N LYS ZA 99 -38.46 -49.56 -24.19
CA LYS ZA 99 -39.09 -48.33 -24.66
C LYS ZA 99 -39.56 -47.53 -23.45
N PHE ZA 100 -39.10 -46.27 -23.35
CA PHE ZA 100 -39.46 -45.39 -22.25
C PHE ZA 100 -40.38 -44.30 -22.79
N ASN ZA 101 -41.51 -44.06 -22.09
CA ASN ZA 101 -42.22 -42.81 -22.29
C ASN ZA 101 -41.50 -41.72 -21.49
N LEU ZA 102 -41.35 -40.55 -22.12
CA LEU ZA 102 -40.62 -39.44 -21.53
C LEU ZA 102 -41.56 -38.23 -21.44
N GLU ZA 103 -41.42 -37.44 -20.36
CA GLU ZA 103 -42.12 -36.18 -20.25
C GLU ZA 103 -41.22 -35.16 -19.54
N ASN ZA 104 -41.20 -33.95 -20.08
CA ASN ZA 104 -40.49 -32.83 -19.48
C ASN ZA 104 -41.44 -31.65 -19.32
N VAL ZA 105 -41.45 -31.05 -18.10
CA VAL ZA 105 -42.36 -29.96 -17.75
C VAL ZA 105 -41.53 -28.76 -17.28
N THR ZA 106 -41.77 -27.58 -17.88
CA THR ZA 106 -41.07 -26.36 -17.50
C THR ZA 106 -42.06 -25.18 -17.43
N PRO ZA 107 -42.09 -24.41 -16.31
CA PRO ZA 107 -42.62 -23.03 -16.36
C PRO ZA 107 -41.78 -22.17 -17.31
N SER ZA 108 -42.43 -21.21 -17.99
CA SER ZA 108 -41.71 -20.14 -18.66
C SER ZA 108 -41.15 -19.17 -17.62
N ALA ZA 109 -40.17 -18.34 -18.01
CA ALA ZA 109 -39.35 -17.58 -17.07
C ALA ZA 109 -40.14 -16.51 -16.29
N SER ZA 110 -41.20 -15.96 -16.89
CA SER ZA 110 -42.09 -14.99 -16.25
C SER ZA 110 -43.47 -15.60 -15.93
N GLY ZA 111 -43.61 -16.92 -16.01
CA GLY ZA 111 -44.82 -17.64 -15.66
C GLY ZA 111 -45.97 -17.47 -16.65
N GLY ZA 112 -45.67 -17.03 -17.88
CA GLY ZA 112 -46.67 -16.84 -18.94
C GLY ZA 112 -47.37 -18.13 -19.38
N PHE ZA 113 -46.65 -19.26 -19.33
CA PHE ZA 113 -47.16 -20.58 -19.67
C PHE ZA 113 -46.35 -21.66 -18.94
N GLU ZA 114 -46.90 -22.88 -18.89
CA GLU ZA 114 -46.11 -24.05 -18.51
C GLU ZA 114 -46.02 -25.00 -19.71
N ARG ZA 115 -44.83 -25.09 -20.31
CA ARG ZA 115 -44.62 -25.96 -21.46
C ARG ZA 115 -44.41 -27.40 -20.99
N THR ZA 116 -45.28 -28.31 -21.46
CA THR ZA 116 -45.11 -29.76 -21.31
C THR ZA 116 -44.73 -30.35 -22.68
N THR ZA 117 -43.62 -31.09 -22.73
CA THR ZA 117 -43.23 -31.90 -23.87
C THR ZA 117 -43.28 -33.37 -23.47
N ALA ZA 118 -44.00 -34.21 -24.23
CA ALA ZA 118 -44.05 -35.64 -23.96
C ALA ZA 118 -43.77 -36.47 -25.23
N VAL ZA 119 -42.89 -37.48 -25.10
CA VAL ZA 119 -42.35 -38.26 -26.22
C VAL ZA 119 -42.60 -39.75 -25.97
N GLU ZA 120 -43.16 -40.46 -26.96
CA GLU ZA 120 -43.45 -41.88 -26.80
C GLU ZA 120 -42.26 -42.73 -27.27
N ASN ZA 121 -42.11 -43.91 -26.65
CA ASN ZA 121 -41.26 -45.02 -27.10
C ASN ZA 121 -39.82 -44.56 -27.40
N VAL ZA 122 -39.22 -43.81 -26.45
CA VAL ZA 122 -37.80 -43.46 -26.54
C VAL ZA 122 -36.99 -44.72 -26.30
N VAL ZA 123 -35.99 -44.96 -27.17
CA VAL ZA 123 -35.04 -46.06 -27.02
C VAL ZA 123 -33.62 -45.48 -27.06
N PHE ZA 124 -32.71 -46.08 -26.29
CA PHE ZA 124 -31.32 -45.65 -26.21
C PHE ZA 124 -30.42 -46.78 -26.72
N PRO ZA 125 -29.67 -46.59 -27.84
CA PRO ZA 125 -28.81 -47.66 -28.38
C PRO ZA 125 -27.73 -48.14 -27.41
N GLU ZA 126 -27.23 -47.23 -26.56
CA GLU ZA 126 -26.20 -47.54 -25.58
C GLU ZA 126 -26.49 -46.82 -24.26
N LEU ZA 127 -26.16 -47.51 -23.16
CA LEU ZA 127 -26.35 -47.04 -21.81
C LEU ZA 127 -24.98 -46.91 -21.15
N PRO ZA 128 -24.53 -45.71 -20.71
CA PRO ZA 128 -23.32 -45.61 -19.90
C PRO ZA 128 -23.62 -46.11 -18.48
N LEU ZA 129 -22.90 -47.14 -18.05
CA LEU ZA 129 -23.04 -47.65 -16.70
C LEU ZA 129 -22.10 -46.90 -15.75
N ASP ZA 130 -20.82 -46.85 -16.14
CA ASP ZA 130 -19.77 -46.18 -15.38
C ASP ZA 130 -19.16 -45.10 -16.26
N SER ZA 131 -18.86 -43.94 -15.67
CA SER ZA 131 -18.40 -42.77 -16.41
C SER ZA 131 -17.51 -41.91 -15.50
N ALA ZA 132 -16.46 -42.54 -14.96
CA ALA ZA 132 -15.59 -41.94 -13.95
C ALA ZA 132 -14.48 -41.10 -14.60
N THR ZA 133 -14.21 -39.94 -13.98
CA THR ZA 133 -13.06 -39.09 -14.29
C THR ZA 133 -12.50 -38.59 -12.96
N TYR ZA 134 -11.16 -38.61 -12.83
CA TYR ZA 134 -10.48 -38.20 -11.62
C TYR ZA 134 -10.91 -36.78 -11.20
N GLY ZA 135 -11.35 -36.63 -9.94
CA GLY ZA 135 -11.74 -35.35 -9.36
C GLY ZA 135 -13.09 -34.82 -9.87
N GLU ZA 136 -13.96 -35.72 -10.38
CA GLU ZA 136 -15.29 -35.35 -10.84
C GLU ZA 136 -16.32 -36.38 -10.37
N TYR ZA 137 -17.57 -35.95 -10.25
CA TYR ZA 137 -18.70 -36.88 -10.14
C TYR ZA 137 -18.92 -37.53 -11.51
N GLU ZA 138 -19.35 -38.79 -11.49
CA GLU ZA 138 -19.68 -39.49 -12.73
C GLU ZA 138 -20.82 -38.75 -13.46
N GLU ZA 139 -20.62 -38.48 -14.75
CA GLU ZA 139 -21.61 -37.79 -15.58
C GLU ZA 139 -21.93 -38.66 -16.80
N TYR ZA 140 -23.23 -38.81 -17.08
CA TYR ZA 140 -23.75 -39.80 -18.03
C TYR ZA 140 -24.47 -39.08 -19.18
N SER ZA 141 -24.10 -39.41 -20.42
CA SER ZA 141 -24.83 -38.94 -21.61
C SER ZA 141 -25.64 -40.08 -22.23
N LEU ZA 142 -26.96 -39.85 -22.38
CA LEU ZA 142 -27.84 -40.69 -23.18
C LEU ZA 142 -28.11 -39.99 -24.52
N THR ZA 143 -27.99 -40.74 -25.62
CA THR ZA 143 -28.55 -40.35 -26.90
C THR ZA 143 -29.56 -41.43 -27.30
N GLY ZA 144 -30.77 -41.00 -27.68
CA GLY ZA 144 -31.83 -41.94 -28.04
C GLY ZA 144 -32.82 -41.35 -29.04
N SER ZA 145 -33.79 -42.17 -29.47
CA SER ZA 145 -34.81 -41.73 -30.41
C SER ZA 145 -36.20 -42.18 -30.00
N GLY ZA 146 -37.13 -41.20 -29.88
CA GLY ZA 146 -38.54 -41.44 -29.67
C GLY ZA 146 -39.29 -41.58 -31.01
N ARG ZA 147 -40.49 -42.20 -30.95
CA ARG ZA 147 -41.30 -42.43 -32.13
C ARG ZA 147 -42.02 -41.15 -32.58
N SER ZA 148 -42.60 -40.42 -31.61
CA SER ZA 148 -43.35 -39.20 -31.88
C SER ZA 148 -43.49 -38.35 -30.61
N VAL ZA 149 -43.78 -37.05 -30.80
CA VAL ZA 149 -44.19 -36.14 -29.74
C VAL ZA 149 -45.71 -36.36 -29.53
N THR ZA 150 -46.09 -36.84 -28.34
CA THR ZA 150 -47.50 -37.10 -28.04
C THR ZA 150 -48.19 -35.87 -27.47
N ASN ZA 151 -47.41 -34.96 -26.87
CA ASN ZA 151 -47.96 -33.72 -26.33
C ASN ZA 151 -46.92 -32.60 -26.38
N LEU ZA 152 -47.37 -31.43 -26.83
CA LEU ZA 152 -46.67 -30.16 -26.69
C LEU ZA 152 -47.72 -29.06 -26.49
N ALA ZA 153 -47.90 -28.65 -25.24
CA ALA ZA 153 -48.99 -27.76 -24.86
C ALA ZA 153 -48.61 -26.91 -23.65
N ASP ZA 154 -49.32 -25.77 -23.52
CA ASP ZA 154 -49.37 -25.04 -22.26
C ASP ZA 154 -50.26 -25.80 -21.30
N THR ZA 155 -49.66 -26.30 -20.20
CA THR ZA 155 -50.36 -27.10 -19.20
C THR ZA 155 -50.57 -26.34 -17.89
N SER ZA 156 -50.36 -25.01 -17.91
CA SER ZA 156 -50.74 -24.16 -16.78
C SER ZA 156 -52.25 -24.16 -16.59
N GLY ZA 157 -52.72 -23.74 -15.40
CA GLY ZA 157 -54.12 -23.78 -15.01
C GLY ZA 157 -54.98 -22.76 -15.76
N ALA AB 2 -38.28 -48.77 -5.01
CA ALA AB 2 -36.91 -48.90 -5.60
C ALA AB 2 -35.96 -47.91 -4.93
N THR AB 3 -34.65 -48.08 -5.17
CA THR AB 3 -33.58 -47.26 -4.60
C THR AB 3 -33.54 -45.88 -5.30
N SER AB 4 -33.46 -44.81 -4.49
CA SER AB 4 -33.36 -43.44 -4.98
C SER AB 4 -32.10 -43.24 -5.83
N PRO AB 5 -32.16 -42.57 -7.01
CA PRO AB 5 -30.94 -42.21 -7.76
C PRO AB 5 -30.04 -41.30 -6.92
N GLU AB 6 -28.72 -41.46 -7.08
CA GLU AB 6 -27.76 -40.77 -6.22
C GLU AB 6 -26.50 -40.43 -7.02
N GLY AB 7 -25.81 -39.34 -6.64
CA GLY AB 7 -24.53 -38.98 -7.22
C GLY AB 7 -23.47 -40.05 -6.94
N ILE AB 8 -22.54 -40.26 -7.89
CA ILE AB 8 -21.41 -41.17 -7.68
C ILE AB 8 -20.11 -40.38 -7.85
N TRP AB 9 -19.24 -40.47 -6.84
CA TRP AB 9 -17.94 -39.82 -6.86
C TRP AB 9 -16.91 -40.74 -7.52
N SER AB 10 -16.19 -40.25 -8.54
CA SER AB 10 -15.30 -41.08 -9.34
C SER AB 10 -14.21 -41.75 -8.50
N ASN AB 11 -13.61 -40.99 -7.58
CA ASN AB 11 -12.44 -41.43 -6.85
C ASN AB 11 -12.79 -42.50 -5.80
N SER AB 12 -14.09 -42.77 -5.58
CA SER AB 12 -14.54 -43.84 -4.70
C SER AB 12 -14.47 -45.22 -5.37
N GLY AB 13 -14.25 -45.27 -6.70
CA GLY AB 13 -14.30 -46.50 -7.46
C GLY AB 13 -13.06 -47.39 -7.28
N ALA AB 14 -13.29 -48.71 -7.27
CA ALA AB 14 -12.23 -49.71 -7.27
C ALA AB 14 -12.44 -50.66 -8.46
N LEU AB 15 -11.49 -50.61 -9.42
CA LEU AB 15 -11.49 -51.44 -10.63
C LEU AB 15 -10.52 -52.61 -10.45
N THR AB 16 -10.94 -53.81 -10.87
CA THR AB 16 -10.12 -55.01 -10.82
C THR AB 16 -10.30 -55.84 -12.10
N PHE AB 17 -9.20 -56.51 -12.51
CA PHE AB 17 -9.20 -57.45 -13.62
C PHE AB 17 -8.94 -58.86 -13.12
N GLU AB 18 -9.62 -59.84 -13.74
CA GLU AB 18 -9.42 -61.25 -13.41
C GLU AB 18 -9.21 -62.07 -14.68
N ASP AB 19 -8.38 -63.12 -14.58
CA ASP AB 19 -8.24 -64.13 -15.60
C ASP AB 19 -9.47 -65.04 -15.56
N PRO AB 20 -10.29 -65.13 -16.65
CA PRO AB 20 -11.48 -66.00 -16.65
C PRO AB 20 -11.22 -67.50 -16.55
N ALA AB 21 -9.96 -67.92 -16.71
CA ALA AB 21 -9.58 -69.32 -16.55
C ALA AB 21 -9.52 -69.73 -15.08
N ASP AB 22 -9.22 -68.78 -14.18
CA ASP AB 22 -8.94 -69.03 -12.78
C ASP AB 22 -9.92 -68.30 -11.84
N ASP AB 23 -10.44 -67.16 -12.30
CA ASP AB 23 -10.95 -66.07 -11.46
C ASP AB 23 -9.85 -65.44 -10.60
N SER AB 24 -8.57 -65.64 -10.97
CA SER AB 24 -7.43 -65.04 -10.26
C SER AB 24 -7.23 -63.59 -10.71
N GLU AB 25 -6.84 -62.71 -9.77
CA GLU AB 25 -6.68 -61.28 -10.05
C GLU AB 25 -5.41 -61.05 -10.88
N ILE AB 26 -5.53 -60.17 -11.89
CA ILE AB 26 -4.42 -59.62 -12.64
C ILE AB 26 -4.14 -58.22 -12.07
N LEU AB 27 -2.89 -58.00 -11.60
CA LEU AB 27 -2.55 -56.78 -10.89
C LEU AB 27 -2.66 -55.57 -11.84
N PHE AB 28 -3.50 -54.61 -11.44
CA PHE AB 28 -3.79 -53.40 -12.20
C PHE AB 28 -4.23 -52.31 -11.22
N ALA AB 29 -3.75 -51.07 -11.43
CA ALA AB 29 -3.93 -50.00 -10.45
C ALA AB 29 -3.75 -48.63 -11.10
N GLY AB 30 -4.08 -47.57 -10.33
CA GLY AB 30 -3.79 -46.20 -10.71
C GLY AB 30 -4.65 -45.66 -11.85
N VAL AB 31 -5.94 -46.05 -11.87
CA VAL AB 31 -6.89 -45.53 -12.84
C VAL AB 31 -7.11 -44.02 -12.61
N ARG AB 32 -7.47 -43.32 -13.70
CA ARG AB 32 -7.78 -41.90 -13.66
C ARG AB 32 -9.15 -41.67 -14.32
N ASP AB 33 -9.42 -42.38 -15.43
CA ASP AB 33 -10.75 -42.44 -16.03
C ASP AB 33 -11.17 -43.90 -16.21
N VAL AB 34 -12.48 -44.18 -16.05
CA VAL AB 34 -13.08 -45.47 -16.40
C VAL AB 34 -14.47 -45.20 -17.01
N THR AB 35 -14.68 -45.67 -18.25
CA THR AB 35 -15.97 -45.65 -18.90
C THR AB 35 -16.38 -47.08 -19.29
N ILE AB 36 -17.59 -47.49 -18.87
CA ILE AB 36 -18.17 -48.78 -19.25
C ILE AB 36 -19.55 -48.52 -19.86
N THR AB 37 -19.73 -48.95 -21.12
CA THR AB 37 -20.95 -48.67 -21.87
C THR AB 37 -21.41 -49.93 -22.61
N PRO AB 38 -22.43 -50.67 -22.08
CA PRO AB 38 -23.16 -51.64 -22.90
C PRO AB 38 -23.93 -50.96 -24.03
N ALA AB 39 -23.84 -51.57 -25.22
CA ALA AB 39 -24.38 -51.01 -26.45
C ALA AB 39 -24.99 -52.11 -27.31
N TYR AB 40 -25.95 -51.72 -28.15
CA TYR AB 40 -26.45 -52.56 -29.22
C TYR AB 40 -26.56 -51.71 -30.48
N GLU AB 41 -26.44 -52.36 -31.65
CA GLU AB 41 -26.87 -51.75 -32.89
C GLU AB 41 -28.41 -51.76 -32.93
N HIS AB 42 -29.01 -50.68 -33.44
CA HIS AB 42 -30.46 -50.61 -33.62
C HIS AB 42 -30.80 -50.60 -35.11
N ALA AB 43 -31.87 -51.31 -35.48
CA ALA AB 43 -32.48 -51.19 -36.80
C ALA AB 43 -33.95 -50.78 -36.67
N GLU AB 44 -34.31 -49.68 -37.35
CA GLU AB 44 -35.64 -49.09 -37.30
C GLU AB 44 -36.38 -49.37 -38.61
N LEU AB 45 -37.63 -49.86 -38.52
CA LEU AB 45 -38.42 -50.16 -39.70
C LEU AB 45 -39.31 -48.98 -40.08
N TYR AB 46 -39.14 -48.52 -41.33
CA TYR AB 46 -40.01 -47.53 -41.95
C TYR AB 46 -40.48 -48.03 -43.31
N THR AB 47 -41.76 -47.76 -43.63
CA THR AB 47 -42.39 -48.15 -44.88
C THR AB 47 -43.30 -47.02 -45.38
N ILE AB 48 -43.87 -47.19 -46.58
CA ILE AB 48 -44.71 -46.18 -47.22
C ILE AB 48 -46.02 -45.96 -46.45
N ASP AB 49 -46.40 -46.90 -45.56
CA ASP AB 49 -47.64 -46.82 -44.77
C ASP AB 49 -47.70 -45.60 -43.86
N SER AB 50 -46.55 -45.18 -43.30
CA SER AB 50 -46.49 -44.15 -42.26
C SER AB 50 -45.12 -43.46 -42.27
N THR AB 51 -45.11 -42.17 -41.88
CA THR AB 51 -43.88 -41.43 -41.63
C THR AB 51 -43.26 -41.81 -40.29
N PHE AB 52 -44.07 -42.39 -39.38
CA PHE AB 52 -43.58 -42.82 -38.07
C PHE AB 52 -42.88 -44.17 -38.20
N ARG AB 53 -42.06 -44.49 -37.18
CA ARG AB 53 -41.34 -45.75 -37.05
C ARG AB 53 -42.34 -46.88 -36.71
N ASP AB 54 -42.26 -47.99 -37.44
CA ASP AB 54 -43.11 -49.15 -37.20
C ASP AB 54 -42.51 -50.06 -36.12
N GLU AB 55 -41.18 -50.30 -36.20
CA GLU AB 55 -40.47 -51.20 -35.30
C GLU AB 55 -39.06 -50.67 -35.00
N VAL AB 56 -38.49 -51.12 -33.87
CA VAL AB 56 -37.07 -50.98 -33.57
C VAL AB 56 -36.57 -52.24 -32.85
N LYS AB 57 -35.36 -52.70 -33.22
CA LYS AB 57 -34.80 -53.97 -32.74
C LYS AB 57 -33.30 -53.85 -32.47
N ARG AB 58 -32.81 -54.64 -31.48
CA ARG AB 58 -31.41 -54.70 -31.04
C ARG AB 58 -30.68 -55.85 -31.75
N TYR AB 59 -29.37 -55.65 -32.00
CA TYR AB 59 -28.43 -56.69 -32.44
C TYR AB 59 -26.99 -56.24 -32.12
N GLU AB 60 -26.01 -57.14 -32.32
CA GLU AB 60 -24.59 -56.92 -32.04
C GLU AB 60 -24.39 -56.25 -30.68
N HIS AB 61 -24.69 -56.99 -29.60
CA HIS AB 61 -24.37 -56.52 -28.27
C HIS AB 61 -22.85 -56.53 -28.07
N ASN AB 62 -22.35 -55.47 -27.44
CA ASN AB 62 -20.99 -55.43 -26.89
C ASN AB 62 -20.97 -54.40 -25.76
N VAL AB 63 -19.89 -54.43 -24.96
CA VAL AB 63 -19.69 -53.47 -23.90
C VAL AB 63 -18.41 -52.69 -24.22
N ASN AB 64 -18.55 -51.40 -24.59
CA ASN AB 64 -17.37 -50.56 -24.76
C ASN AB 64 -16.77 -50.27 -23.39
N VAL AB 65 -15.50 -50.67 -23.23
CA VAL AB 65 -14.72 -50.40 -22.02
C VAL AB 65 -13.55 -49.52 -22.43
N GLU AB 66 -13.42 -48.35 -21.77
CA GLU AB 66 -12.21 -47.56 -21.94
C GLU AB 66 -11.73 -47.03 -20.59
N ILE AB 67 -10.41 -47.16 -20.39
CA ILE AB 67 -9.75 -46.88 -19.12
C ILE AB 67 -8.54 -46.00 -19.41
N THR AB 68 -8.38 -44.95 -18.61
CA THR AB 68 -7.12 -44.21 -18.56
C THR AB 68 -6.48 -44.46 -17.20
N TYR AB 69 -5.19 -44.83 -17.19
CA TYR AB 69 -4.50 -45.21 -15.97
C TYR AB 69 -3.03 -44.77 -16.03
N ALA AB 70 -2.41 -44.63 -14.86
CA ALA AB 70 -1.10 -43.97 -14.76
C ALA AB 70 -0.06 -44.79 -13.97
N LYS AB 71 -0.38 -46.05 -13.63
CA LYS AB 71 0.59 -47.00 -13.09
C LYS AB 71 0.75 -48.15 -14.07
N PHE AB 72 1.98 -48.38 -14.52
CA PHE AB 72 2.25 -49.49 -15.42
C PHE AB 72 2.22 -50.82 -14.67
N SER AB 73 1.62 -51.85 -15.28
CA SER AB 73 1.61 -53.20 -14.75
C SER AB 73 2.29 -54.15 -15.74
N LEU AB 74 3.36 -54.83 -15.29
CA LEU AB 74 4.03 -55.83 -16.10
C LEU AB 74 3.13 -57.05 -16.31
N GLU AB 75 2.39 -57.44 -15.25
CA GLU AB 75 1.53 -58.60 -15.34
C GLU AB 75 0.44 -58.38 -16.40
N PHE AB 76 -0.22 -57.22 -16.38
CA PHE AB 76 -1.28 -56.92 -17.32
C PHE AB 76 -0.76 -56.93 -18.77
N ALA AB 77 0.42 -56.32 -18.99
CA ALA AB 77 1.02 -56.24 -20.31
C ALA AB 77 1.47 -57.61 -20.82
N GLN AB 78 2.04 -58.44 -19.92
CA GLN AB 78 2.54 -59.76 -20.29
C GLN AB 78 1.41 -60.78 -20.50
N GLU AB 79 0.30 -60.59 -19.77
CA GLU AB 79 -0.93 -61.36 -20.00
C GLU AB 79 -1.52 -61.03 -21.37
N TRP AB 80 -1.58 -59.72 -21.71
CA TRP AB 80 -2.08 -59.28 -23.01
C TRP AB 80 -1.25 -59.86 -24.16
N LEU AB 81 0.09 -59.82 -24.03
CA LEU AB 81 1.01 -60.37 -25.02
C LEU AB 81 0.82 -61.89 -25.16
N GLY AB 82 0.65 -62.58 -24.03
CA GLY AB 82 0.64 -64.04 -23.98
C GLY AB 82 -0.61 -64.70 -24.54
N GLY AB 83 -1.76 -63.98 -24.51
CA GLY AB 83 -3.04 -64.57 -24.87
C GLY AB 83 -3.63 -65.43 -23.76
N PRO AB 84 -4.80 -66.09 -23.99
CA PRO AB 84 -5.48 -66.87 -22.93
C PRO AB 84 -4.60 -67.93 -22.27
N GLY AB 85 -4.55 -67.88 -20.94
CA GLY AB 85 -3.88 -68.88 -20.10
C GLY AB 85 -2.35 -68.85 -20.15
N ALA AB 86 -1.74 -67.76 -20.64
CA ALA AB 86 -0.28 -67.65 -20.71
C ALA AB 86 0.19 -66.19 -20.61
N THR AB 87 1.41 -66.01 -20.06
CA THR AB 87 2.14 -64.75 -20.09
C THR AB 87 3.33 -64.86 -21.06
N ALA AB 88 3.59 -63.78 -21.82
CA ALA AB 88 4.75 -63.73 -22.70
C ALA AB 88 5.49 -62.40 -22.54
N THR AB 89 6.82 -62.42 -22.77
CA THR AB 89 7.66 -61.21 -22.74
C THR AB 89 7.88 -60.64 -24.15
N ALA AB 90 7.16 -61.16 -25.16
CA ALA AB 90 7.31 -60.76 -26.55
C ALA AB 90 5.97 -61.00 -27.28
N SER AB 91 5.75 -60.31 -28.42
CA SER AB 91 4.57 -60.53 -29.25
C SER AB 91 4.43 -62.02 -29.59
N GLN AB 92 3.19 -62.53 -29.57
CA GLN AB 92 2.92 -63.92 -29.91
C GLN AB 92 2.20 -64.00 -31.25
N ASP AB 93 2.71 -64.86 -32.14
CA ASP AB 93 2.15 -65.06 -33.46
C ASP AB 93 1.02 -66.10 -33.38
N ASP AB 94 -0.11 -65.69 -32.78
CA ASP AB 94 -1.31 -66.53 -32.69
C ASP AB 94 -2.57 -65.67 -32.65
N SER AB 95 -3.74 -66.32 -32.86
CA SER AB 95 -4.99 -65.66 -33.20
C SER AB 95 -5.89 -65.34 -31.99
N ASP AB 96 -5.55 -65.83 -30.78
CA ASP AB 96 -6.44 -65.67 -29.62
C ASP AB 96 -6.04 -64.44 -28.81
N PRO AB 97 -6.91 -63.39 -28.69
CA PRO AB 97 -6.64 -62.27 -27.79
C PRO AB 97 -6.88 -62.69 -26.34
N MET AB 98 -6.08 -62.14 -25.43
CA MET AB 98 -6.31 -62.31 -24.00
C MET AB 98 -7.65 -61.67 -23.63
N LYS AB 99 -8.52 -62.48 -23.00
CA LYS AB 99 -9.82 -62.06 -22.52
C LYS AB 99 -9.75 -61.83 -21.01
N PHE AB 100 -10.11 -60.63 -20.57
CA PHE AB 100 -10.11 -60.28 -19.16
C PHE AB 100 -11.56 -60.19 -18.67
N ASN AB 101 -11.84 -60.76 -17.49
CA ASN AB 101 -13.02 -60.36 -16.76
C ASN AB 101 -12.70 -59.06 -16.03
N LEU AB 102 -13.69 -58.16 -15.97
CA LEU AB 102 -13.52 -56.85 -15.36
C LEU AB 102 -14.65 -56.62 -14.36
N GLU AB 103 -14.30 -56.06 -13.20
CA GLU AB 103 -15.29 -55.61 -12.23
C GLU AB 103 -14.91 -54.24 -11.68
N ASN AB 104 -15.91 -53.35 -11.59
CA ASN AB 104 -15.78 -52.05 -10.95
C ASN AB 104 -16.83 -51.92 -9.84
N VAL AB 105 -16.38 -51.52 -8.64
CA VAL AB 105 -17.26 -51.37 -7.48
C VAL AB 105 -17.17 -49.93 -6.97
N THR AB 106 -18.33 -49.28 -6.80
CA THR AB 106 -18.41 -47.91 -6.30
C THR AB 106 -19.54 -47.78 -5.27
N PRO AB 107 -19.29 -47.18 -4.08
CA PRO AB 107 -20.40 -46.69 -3.24
C PRO AB 107 -20.97 -45.43 -3.90
N SER AB 108 -22.29 -45.21 -3.72
CA SER AB 108 -22.90 -43.94 -4.07
C SER AB 108 -22.43 -42.87 -3.08
N ALA AB 109 -22.54 -41.59 -3.47
CA ALA AB 109 -21.88 -40.48 -2.77
C ALA AB 109 -22.37 -40.30 -1.32
N SER AB 110 -23.63 -40.69 -1.03
CA SER AB 110 -24.21 -40.64 0.30
C SER AB 110 -24.51 -42.04 0.87
N GLY AB 111 -23.90 -43.08 0.28
CA GLY AB 111 -23.98 -44.45 0.80
C GLY AB 111 -25.35 -45.13 0.64
N GLY AB 112 -26.21 -44.59 -0.25
CA GLY AB 112 -27.53 -45.16 -0.52
C GLY AB 112 -27.48 -46.55 -1.16
N PHE AB 113 -26.43 -46.81 -1.97
CA PHE AB 113 -26.20 -48.10 -2.60
C PHE AB 113 -24.70 -48.31 -2.88
N GLU AB 114 -24.32 -49.55 -3.21
CA GLU AB 114 -23.00 -49.84 -3.72
C GLU AB 114 -23.13 -50.51 -5.09
N ARG AB 115 -22.92 -49.73 -6.15
CA ARG AB 115 -23.05 -50.21 -7.52
C ARG AB 115 -21.82 -51.05 -7.88
N THR AB 116 -22.07 -52.33 -8.20
CA THR AB 116 -21.09 -53.23 -8.81
C THR AB 116 -21.45 -53.40 -10.29
N THR AB 117 -20.49 -53.11 -11.18
CA THR AB 117 -20.57 -53.42 -12.60
C THR AB 117 -19.52 -54.48 -12.95
N ALA AB 118 -19.95 -55.61 -13.52
CA ALA AB 118 -19.05 -56.65 -13.99
C ALA AB 118 -19.27 -56.95 -15.46
N VAL AB 119 -18.16 -57.15 -16.20
CA VAL AB 119 -18.15 -57.33 -17.65
C VAL AB 119 -17.30 -58.56 -17.98
N GLU AB 120 -17.82 -59.46 -18.84
CA GLU AB 120 -17.08 -60.66 -19.22
C GLU AB 120 -16.29 -60.43 -20.51
N ASN AB 121 -15.14 -61.12 -20.61
CA ASN AB 121 -14.37 -61.27 -21.85
C ASN AB 121 -14.10 -59.93 -22.54
N VAL AB 122 -13.58 -58.96 -21.77
CA VAL AB 122 -13.08 -57.72 -22.36
C VAL AB 122 -11.78 -58.03 -23.12
N VAL AB 123 -11.70 -57.56 -24.36
CA VAL AB 123 -10.49 -57.67 -25.17
C VAL AB 123 -10.08 -56.28 -25.64
N PHE AB 124 -8.77 -56.04 -25.72
CA PHE AB 124 -8.20 -54.75 -26.10
C PHE AB 124 -7.44 -54.93 -27.42
N PRO AB 125 -7.88 -54.31 -28.55
CA PRO AB 125 -7.16 -54.43 -29.83
C PRO AB 125 -5.69 -53.98 -29.78
N GLU AB 126 -5.39 -53.03 -28.90
CA GLU AB 126 -4.04 -52.50 -28.75
C GLU AB 126 -3.74 -52.22 -27.28
N LEU AB 127 -2.45 -52.36 -26.95
CA LEU AB 127 -1.94 -52.16 -25.61
C LEU AB 127 -0.85 -51.07 -25.69
N PRO AB 128 -1.03 -49.90 -25.02
CA PRO AB 128 0.07 -48.93 -24.93
C PRO AB 128 1.11 -49.43 -23.92
N LEU AB 129 2.33 -49.69 -24.41
CA LEU AB 129 3.42 -50.13 -23.54
C LEU AB 129 4.12 -48.92 -22.93
N ASP AB 130 4.54 -48.01 -23.80
CA ASP AB 130 5.21 -46.78 -23.43
C ASP AB 130 4.33 -45.61 -23.89
N SER AB 131 4.19 -44.60 -23.02
CA SER AB 131 3.34 -43.44 -23.29
C SER AB 131 3.97 -42.20 -22.62
N ALA AB 132 5.23 -41.93 -22.98
CA ALA AB 132 6.04 -40.91 -22.34
C ALA AB 132 5.80 -39.55 -22.99
N THR AB 133 5.60 -38.53 -22.13
CA THR AB 133 5.56 -37.13 -22.51
C THR AB 133 6.43 -36.36 -21.52
N TYR AB 134 7.30 -35.49 -22.06
CA TYR AB 134 8.21 -34.67 -21.28
C TYR AB 134 7.46 -33.90 -20.19
N GLY AB 135 7.97 -34.00 -18.94
CA GLY AB 135 7.42 -33.31 -17.78
C GLY AB 135 6.11 -33.92 -17.26
N GLU AB 136 5.82 -35.18 -17.61
CA GLU AB 136 4.60 -35.86 -17.19
C GLU AB 136 4.90 -37.31 -16.81
N TYR AB 137 4.08 -37.89 -15.92
CA TYR AB 137 4.05 -39.33 -15.72
C TYR AB 137 3.41 -39.98 -16.94
N GLU AB 138 3.84 -41.22 -17.25
CA GLU AB 138 3.26 -41.94 -18.37
C GLU AB 138 1.79 -42.24 -18.07
N GLU AB 139 0.91 -41.86 -19.00
CA GLU AB 139 -0.53 -42.10 -18.89
C GLU AB 139 -0.99 -42.96 -20.06
N TYR AB 140 -1.68 -44.06 -19.75
CA TYR AB 140 -2.01 -45.13 -20.69
C TYR AB 140 -3.52 -45.15 -20.93
N SER AB 141 -3.93 -45.24 -22.22
CA SER AB 141 -5.33 -45.33 -22.59
C SER AB 141 -5.63 -46.70 -23.22
N LEU AB 142 -6.57 -47.44 -22.60
CA LEU AB 142 -7.07 -48.70 -23.16
C LEU AB 142 -8.48 -48.47 -23.72
N THR AB 143 -8.71 -48.96 -24.94
CA THR AB 143 -10.04 -49.10 -25.52
C THR AB 143 -10.26 -50.58 -25.83
N GLY AB 144 -11.39 -51.14 -25.37
CA GLY AB 144 -11.69 -52.55 -25.63
C GLY AB 144 -13.19 -52.86 -25.60
N SER AB 145 -13.56 -54.08 -25.98
CA SER AB 145 -14.95 -54.52 -25.98
C SER AB 145 -15.15 -55.81 -25.18
N GLY AB 146 -16.05 -55.75 -24.19
CA GLY AB 146 -16.55 -56.90 -23.46
C GLY AB 146 -17.71 -57.57 -24.21
N ARG AB 147 -17.97 -58.85 -23.89
CA ARG AB 147 -19.03 -59.62 -24.53
C ARG AB 147 -20.40 -59.24 -23.96
N SER AB 148 -20.50 -59.15 -22.63
CA SER AB 148 -21.75 -58.83 -21.94
C SER AB 148 -21.47 -58.27 -20.54
N VAL AB 149 -22.45 -57.55 -19.99
CA VAL AB 149 -22.51 -57.19 -18.58
C VAL AB 149 -23.03 -58.42 -17.81
N THR AB 150 -22.19 -59.00 -16.95
CA THR AB 150 -22.58 -60.19 -16.19
C THR AB 150 -23.32 -59.80 -14.91
N ASN AB 151 -23.03 -58.60 -14.38
CA ASN AB 151 -23.64 -58.14 -13.14
C ASN AB 151 -23.74 -56.62 -13.14
N LEU AB 152 -24.93 -56.12 -12.81
CA LEU AB 152 -25.16 -54.72 -12.45
C LEU AB 152 -26.19 -54.68 -11.32
N ALA AB 153 -25.69 -54.47 -10.10
CA ALA AB 153 -26.51 -54.62 -8.90
C ALA AB 153 -26.00 -53.72 -7.78
N ASP AB 154 -26.91 -53.39 -6.85
CA ASP AB 154 -26.56 -52.90 -5.53
C ASP AB 154 -26.02 -54.08 -4.71
N THR AB 155 -24.73 -54.02 -4.35
CA THR AB 155 -24.06 -55.07 -3.59
C THR AB 155 -23.88 -54.68 -2.12
N SER AB 156 -24.47 -53.55 -1.69
CA SER AB 156 -24.42 -53.12 -0.29
C SER AB 156 -25.23 -54.08 0.59
N GLY AB 157 -24.88 -54.13 1.89
CA GLY AB 157 -25.48 -55.05 2.85
C GLY AB 157 -26.97 -54.85 3.03
N ALA BB 2 3.60 -61.56 -7.92
CA ALA BB 2 3.94 -60.68 -9.08
C ALA BB 2 4.29 -59.27 -8.59
N THR BB 3 4.92 -58.48 -9.46
CA THR BB 3 5.40 -57.13 -9.16
C THR BB 3 4.20 -56.17 -9.07
N SER BB 4 4.17 -55.32 -8.02
CA SER BB 4 3.12 -54.32 -7.86
C SER BB 4 3.18 -53.28 -8.98
N PRO BB 5 2.04 -52.84 -9.57
CA PRO BB 5 2.03 -51.74 -10.54
C PRO BB 5 2.59 -50.45 -9.93
N GLU BB 6 3.23 -49.60 -10.75
CA GLU BB 6 3.93 -48.42 -10.26
C GLU BB 6 3.88 -47.32 -11.33
N GLY BB 7 3.91 -46.05 -10.88
CA GLY BB 7 4.03 -44.91 -11.78
C GLY BB 7 5.36 -44.94 -12.54
N ILE BB 8 5.39 -44.35 -13.75
CA ILE BB 8 6.63 -44.19 -14.51
C ILE BB 8 6.77 -42.73 -14.90
N TRP BB 9 7.97 -42.17 -14.69
CA TRP BB 9 8.25 -40.77 -14.99
C TRP BB 9 8.90 -40.68 -16.37
N SER BB 10 8.31 -39.87 -17.27
CA SER BB 10 8.73 -39.85 -18.68
C SER BB 10 10.21 -39.50 -18.85
N ASN BB 11 10.70 -38.52 -18.06
CA ASN BB 11 12.06 -38.02 -18.20
C ASN BB 11 13.12 -39.03 -17.73
N SER BB 12 12.69 -40.13 -17.08
CA SER BB 12 13.59 -41.20 -16.66
C SER BB 12 13.91 -42.16 -17.81
N GLY BB 13 13.25 -42.00 -18.96
CA GLY BB 13 13.42 -42.90 -20.10
C GLY BB 13 14.73 -42.70 -20.84
N ALA BB 14 15.28 -43.81 -21.38
CA ALA BB 14 16.45 -43.82 -22.24
C ALA BB 14 16.15 -44.64 -23.50
N LEU BB 15 15.88 -43.93 -24.61
CA LEU BB 15 15.60 -44.53 -25.91
C LEU BB 15 16.90 -44.67 -26.71
N THR BB 16 17.05 -45.82 -27.42
CA THR BB 16 18.18 -46.08 -28.29
C THR BB 16 17.71 -46.79 -29.57
N PHE BB 17 18.43 -46.55 -30.67
CA PHE BB 17 18.20 -47.20 -31.95
C PHE BB 17 19.45 -47.97 -32.36
N GLU BB 18 19.24 -49.16 -32.96
CA GLU BB 18 20.33 -50.01 -33.44
C GLU BB 18 20.06 -50.45 -34.87
N ASP BB 19 21.16 -50.62 -35.65
CA ASP BB 19 21.11 -51.24 -36.97
C ASP BB 19 21.00 -52.76 -36.78
N PRO BB 20 19.92 -53.43 -37.27
CA PRO BB 20 19.78 -54.89 -37.12
C PRO BB 20 20.82 -55.75 -37.85
N ALA BB 21 21.60 -55.15 -38.77
CA ALA BB 21 22.66 -55.86 -39.47
C ALA BB 21 23.90 -56.05 -38.56
N ASP BB 22 24.09 -55.14 -37.59
CA ASP BB 22 25.30 -55.05 -36.78
C ASP BB 22 25.01 -55.23 -35.29
N ASP BB 23 23.81 -54.83 -34.86
CA ASP BB 23 23.50 -54.42 -33.48
C ASP BB 23 24.33 -53.20 -33.05
N SER BB 24 24.85 -52.41 -34.01
CA SER BB 24 25.55 -51.16 -33.71
C SER BB 24 24.54 -50.04 -33.44
N GLU BB 25 24.88 -49.12 -32.53
CA GLU BB 25 23.99 -48.01 -32.19
C GLU BB 25 23.97 -46.97 -33.31
N ILE BB 26 22.77 -46.43 -33.59
CA ILE BB 26 22.57 -45.26 -34.44
C ILE BB 26 22.32 -44.07 -33.52
N LEU BB 27 23.14 -43.02 -33.64
CA LEU BB 27 23.09 -41.90 -32.71
C LEU BB 27 21.76 -41.15 -32.84
N PHE BB 28 21.03 -41.06 -31.71
CA PHE BB 28 19.72 -40.44 -31.62
C PHE BB 28 19.53 -39.90 -30.20
N ALA BB 29 18.91 -38.71 -30.07
CA ALA BB 29 18.89 -38.01 -28.80
C ALA BB 29 17.76 -36.96 -28.74
N GLY BB 30 17.50 -36.46 -27.53
CA GLY BB 30 16.67 -35.28 -27.31
C GLY BB 30 15.17 -35.54 -27.52
N VAL BB 31 14.68 -36.72 -27.08
CA VAL BB 31 13.26 -37.04 -27.18
C VAL BB 31 12.45 -36.15 -26.23
N ARG BB 32 11.17 -35.96 -26.58
CA ARG BB 32 10.20 -35.19 -25.79
C ARG BB 32 8.90 -35.99 -25.62
N ASP BB 33 8.59 -36.86 -26.59
CA ASP BB 33 7.53 -37.85 -26.44
C ASP BB 33 7.96 -39.17 -27.06
N VAL BB 34 7.52 -40.29 -26.46
CA VAL BB 34 7.71 -41.63 -27.01
C VAL BB 34 6.46 -42.45 -26.69
N THR BB 35 5.73 -42.85 -27.75
CA THR BB 35 4.62 -43.79 -27.63
C THR BB 35 4.99 -45.08 -28.37
N ILE BB 36 4.83 -46.22 -27.68
CA ILE BB 36 4.98 -47.54 -28.27
C ILE BB 36 3.70 -48.33 -27.97
N THR BB 37 3.05 -48.83 -29.03
CA THR BB 37 1.74 -49.48 -28.91
C THR BB 37 1.70 -50.71 -29.82
N PRO BB 38 1.95 -51.94 -29.29
CA PRO BB 38 1.59 -53.17 -30.01
C PRO BB 38 0.06 -53.23 -30.19
N ALA BB 39 -0.33 -53.63 -31.41
CA ALA BB 39 -1.72 -53.63 -31.83
C ALA BB 39 -1.98 -54.84 -32.73
N TYR BB 40 -3.24 -55.28 -32.73
CA TYR BB 40 -3.73 -56.25 -33.70
C TYR BB 40 -5.09 -55.76 -34.21
N GLU BB 41 -5.38 -56.04 -35.49
CA GLU BB 41 -6.76 -56.02 -35.94
C GLU BB 41 -7.55 -57.13 -35.23
N HIS BB 42 -8.77 -56.81 -34.78
CA HIS BB 42 -9.70 -57.78 -34.19
C HIS BB 42 -10.88 -58.01 -35.13
N ALA BB 43 -11.27 -59.28 -35.29
CA ALA BB 43 -12.49 -59.65 -36.00
C ALA BB 43 -13.45 -60.38 -35.05
N GLU BB 44 -14.68 -59.86 -34.94
CA GLU BB 44 -15.71 -60.40 -34.04
C GLU BB 44 -16.77 -61.14 -34.86
N LEU BB 45 -17.13 -62.36 -34.44
CA LEU BB 45 -18.16 -63.14 -35.11
C LEU BB 45 -19.52 -62.90 -34.46
N TYR BB 46 -20.50 -62.52 -35.29
CA TYR BB 46 -21.90 -62.46 -34.91
C TYR BB 46 -22.77 -63.18 -35.94
N THR BB 47 -23.79 -63.90 -35.46
CA THR BB 47 -24.70 -64.67 -36.30
C THR BB 47 -26.13 -64.51 -35.76
N ILE BB 48 -27.12 -65.02 -36.51
CA ILE BB 48 -28.53 -64.98 -36.14
C ILE BB 48 -28.83 -65.79 -34.87
N ASP BB 49 -27.91 -66.66 -34.42
CA ASP BB 49 -28.08 -67.48 -33.22
C ASP BB 49 -28.27 -66.62 -31.96
N SER BB 50 -27.51 -65.51 -31.85
CA SER BB 50 -27.42 -64.73 -30.63
C SER BB 50 -27.04 -63.28 -30.94
N THR BB 51 -27.49 -62.36 -30.08
CA THR BB 51 -27.07 -60.97 -30.13
C THR BB 51 -25.65 -60.78 -29.56
N PHE BB 52 -25.20 -61.75 -28.74
CA PHE BB 52 -23.88 -61.69 -28.14
C PHE BB 52 -22.83 -62.21 -29.14
N ARG BB 53 -21.59 -61.74 -28.97
CA ARG BB 53 -20.42 -62.13 -29.76
C ARG BB 53 -20.15 -63.63 -29.60
N ASP BB 54 -20.00 -64.34 -30.73
CA ASP BB 54 -19.66 -65.75 -30.76
C ASP BB 54 -18.15 -65.95 -30.52
N GLU BB 55 -17.32 -65.19 -31.25
CA GLU BB 55 -15.87 -65.34 -31.26
C GLU BB 55 -15.20 -63.97 -31.42
N VAL BB 56 -13.93 -63.88 -31.02
CA VAL BB 56 -13.06 -62.76 -31.40
C VAL BB 56 -11.64 -63.27 -31.64
N LYS BB 57 -10.98 -62.75 -32.69
CA LYS BB 57 -9.68 -63.22 -33.14
C LYS BB 57 -8.76 -62.05 -33.52
N ARG BB 58 -7.47 -62.19 -33.20
CA ARG BB 58 -6.40 -61.27 -33.61
C ARG BB 58 -5.91 -61.65 -35.00
N TYR BB 59 -5.44 -60.65 -35.78
CA TYR BB 59 -4.69 -60.94 -37.00
C TYR BB 59 -3.53 -59.97 -37.26
N GLU BB 60 -3.80 -58.84 -37.93
CA GLU BB 60 -2.76 -58.07 -38.61
C GLU BB 60 -1.93 -57.30 -37.58
N HIS BB 61 -0.82 -57.89 -37.10
CA HIS BB 61 -0.04 -57.34 -36.00
C HIS BB 61 0.95 -56.29 -36.49
N ASN BB 62 1.06 -55.20 -35.72
CA ASN BB 62 2.16 -54.24 -35.84
C ASN BB 62 2.37 -53.55 -34.49
N VAL BB 63 3.54 -52.92 -34.34
CA VAL BB 63 3.80 -52.07 -33.18
C VAL BB 63 3.85 -50.62 -33.69
N ASN BB 64 2.82 -49.83 -33.34
CA ASN BB 64 2.85 -48.41 -33.62
C ASN BB 64 3.94 -47.76 -32.76
N VAL BB 65 4.86 -47.07 -33.42
CA VAL BB 65 5.91 -46.29 -32.76
C VAL BB 65 5.74 -44.83 -33.20
N GLU BB 66 5.63 -43.92 -32.23
CA GLU BB 66 5.69 -42.50 -32.56
C GLU BB 66 6.53 -41.75 -31.53
N ILE BB 67 7.43 -40.90 -32.05
CA ILE BB 67 8.45 -40.21 -31.27
C ILE BB 67 8.42 -38.73 -31.65
N THR BB 68 8.42 -37.85 -30.64
CA THR BB 68 8.74 -36.45 -30.86
C THR BB 68 10.12 -36.17 -30.24
N TYR BB 69 11.00 -35.49 -31.00
CA TYR BB 69 12.35 -35.23 -30.55
C TYR BB 69 12.86 -33.89 -31.09
N ALA BB 70 13.89 -33.33 -30.44
CA ALA BB 70 14.30 -31.94 -30.67
C ALA BB 70 15.81 -31.76 -30.90
N LYS BB 71 16.55 -32.87 -31.08
CA LYS BB 71 17.95 -32.82 -31.51
C LYS BB 71 18.10 -33.57 -32.83
N PHE BB 72 18.58 -32.87 -33.86
CA PHE BB 72 18.71 -33.47 -35.18
C PHE BB 72 19.91 -34.42 -35.20
N SER BB 73 19.73 -35.61 -35.80
CA SER BB 73 20.81 -36.55 -36.01
C SER BB 73 21.04 -36.75 -37.51
N LEU BB 74 22.26 -36.42 -37.96
CA LEU BB 74 22.66 -36.66 -39.34
C LEU BB 74 22.78 -38.16 -39.63
N GLU BB 75 23.26 -38.94 -38.63
CA GLU BB 75 23.39 -40.38 -38.81
C GLU BB 75 22.01 -41.03 -39.02
N PHE BB 76 21.04 -40.68 -38.17
CA PHE BB 76 19.69 -41.24 -38.28
C PHE BB 76 19.06 -40.92 -39.65
N ALA BB 77 19.17 -39.66 -40.07
CA ALA BB 77 18.60 -39.18 -41.33
C ALA BB 77 19.27 -39.85 -42.54
N GLN BB 78 20.61 -40.00 -42.49
CA GLN BB 78 21.37 -40.58 -43.60
C GLN BB 78 21.18 -42.11 -43.68
N GLU BB 79 20.98 -42.76 -42.51
CA GLU BB 79 20.57 -44.16 -42.44
C GLU BB 79 19.20 -44.35 -43.09
N TRP BB 80 18.25 -43.46 -42.78
CA TRP BB 80 16.90 -43.53 -43.33
C TRP BB 80 16.92 -43.37 -44.85
N LEU BB 81 17.71 -42.41 -45.36
CA LEU BB 81 17.83 -42.16 -46.79
C LEU BB 81 18.47 -43.36 -47.50
N GLY BB 82 19.46 -43.99 -46.86
CA GLY BB 82 20.29 -45.02 -47.48
C GLY BB 82 19.63 -46.39 -47.61
N GLY BB 83 18.60 -46.67 -46.78
CA GLY BB 83 18.00 -48.00 -46.71
C GLY BB 83 18.86 -48.98 -45.93
N PRO BB 84 18.49 -50.29 -45.86
CA PRO BB 84 19.24 -51.27 -45.07
C PRO BB 84 20.72 -51.39 -45.45
N GLY BB 85 21.59 -51.34 -44.44
CA GLY BB 85 23.02 -51.58 -44.56
C GLY BB 85 23.82 -50.46 -45.27
N ALA BB 86 23.24 -49.26 -45.43
CA ALA BB 86 23.94 -48.15 -46.10
C ALA BB 86 23.46 -46.79 -45.59
N THR BB 87 24.32 -45.77 -45.72
CA THR BB 87 23.98 -44.37 -45.51
C THR BB 87 24.06 -43.61 -46.83
N ALA BB 88 23.17 -42.62 -47.01
CA ALA BB 88 23.19 -41.78 -48.21
C ALA BB 88 22.95 -40.31 -47.87
N THR BB 89 23.58 -39.41 -48.65
CA THR BB 89 23.38 -37.97 -48.57
C THR BB 89 22.22 -37.49 -49.45
N ALA BB 90 21.53 -38.43 -50.14
CA ALA BB 90 20.48 -38.09 -51.08
C ALA BB 90 19.43 -39.22 -51.10
N SER BB 91 18.20 -38.92 -51.55
CA SER BB 91 17.17 -39.93 -51.74
C SER BB 91 17.68 -41.03 -52.66
N GLN BB 92 17.39 -42.29 -52.28
CA GLN BB 92 17.76 -43.46 -53.06
C GLN BB 92 16.53 -43.98 -53.80
N ASP BB 93 16.71 -44.31 -55.09
CA ASP BB 93 15.64 -44.85 -55.91
C ASP BB 93 15.59 -46.37 -55.76
N ASP BB 94 15.17 -46.84 -54.57
CA ASP BB 94 15.03 -48.27 -54.29
C ASP BB 94 13.88 -48.53 -53.31
N SER BB 95 13.49 -49.81 -53.21
CA SER BB 95 12.25 -50.24 -52.59
C SER BB 95 12.39 -50.68 -51.12
N ASP BB 96 13.62 -50.78 -50.60
CA ASP BB 96 13.84 -51.25 -49.23
C ASP BB 96 13.86 -50.08 -48.24
N PRO BB 97 12.91 -49.98 -47.28
CA PRO BB 97 13.04 -48.99 -46.20
C PRO BB 97 14.05 -49.46 -45.15
N MET BB 98 14.78 -48.49 -44.59
CA MET BB 98 15.67 -48.75 -43.48
C MET BB 98 14.86 -49.28 -42.28
N LYS BB 99 15.31 -50.42 -41.73
CA LYS BB 99 14.70 -51.06 -40.58
C LYS BB 99 15.57 -50.82 -39.36
N PHE BB 100 14.98 -50.20 -38.33
CA PHE BB 100 15.69 -49.89 -37.10
C PHE BB 100 15.21 -50.85 -35.99
N ASN BB 101 16.15 -51.42 -35.24
CA ASN BB 101 15.80 -51.98 -33.95
C ASN BB 101 15.69 -50.82 -32.95
N LEU BB 102 14.64 -50.86 -32.12
CA LEU BB 102 14.38 -49.81 -31.14
C LEU BB 102 14.33 -50.44 -29.74
N GLU BB 103 14.92 -49.74 -28.76
CA GLU BB 103 14.81 -50.14 -27.36
C GLU BB 103 14.62 -48.91 -26.48
N ASN BB 104 13.72 -49.03 -25.49
CA ASN BB 104 13.51 -47.99 -24.50
C ASN BB 104 13.57 -48.61 -23.11
N VAL BB 105 14.32 -47.96 -22.19
CA VAL BB 105 14.51 -48.44 -20.83
C VAL BB 105 14.10 -47.34 -19.86
N THR BB 106 13.26 -47.69 -18.88
CA THR BB 106 12.76 -46.75 -17.87
C THR BB 106 12.72 -47.40 -16.49
N PRO BB 107 13.36 -46.80 -15.45
CA PRO BB 107 13.03 -47.14 -14.06
C PRO BB 107 11.58 -46.76 -13.77
N SER BB 108 10.91 -47.57 -12.94
CA SER BB 108 9.64 -47.16 -12.35
C SER BB 108 9.91 -46.05 -11.32
N ALA BB 109 8.88 -45.28 -10.96
CA ALA BB 109 9.02 -44.02 -10.23
C ALA BB 109 9.64 -44.19 -8.84
N SER BB 110 9.39 -45.33 -8.18
CA SER BB 110 9.95 -45.67 -6.87
C SER BB 110 10.97 -46.81 -6.94
N GLY BB 111 11.43 -47.18 -8.14
CA GLY BB 111 12.45 -48.20 -8.34
C GLY BB 111 11.98 -49.64 -8.08
N GLY BB 112 10.66 -49.87 -8.14
CA GLY BB 112 10.07 -51.21 -8.04
C GLY BB 112 10.52 -52.16 -9.15
N PHE BB 113 10.74 -51.61 -10.36
CA PHE BB 113 11.20 -52.36 -11.53
C PHE BB 113 11.93 -51.45 -12.52
N GLU BB 114 12.63 -52.05 -13.49
CA GLU BB 114 13.16 -51.33 -14.64
C GLU BB 114 12.53 -51.92 -15.91
N ARG BB 115 11.53 -51.22 -16.45
CA ARG BB 115 10.81 -51.69 -17.62
C ARG BB 115 11.68 -51.46 -18.87
N THR BB 116 11.98 -52.56 -19.59
CA THR BB 116 12.61 -52.53 -20.90
C THR BB 116 11.58 -52.93 -21.97
N THR BB 117 11.41 -52.07 -22.98
CA THR BB 117 10.61 -52.36 -24.17
C THR BB 117 11.54 -52.40 -25.38
N ALA BB 118 11.48 -53.47 -26.19
CA ALA BB 118 12.26 -53.57 -27.41
C ALA BB 118 11.38 -53.97 -28.59
N VAL BB 119 11.62 -53.35 -29.76
CA VAL BB 119 10.79 -53.48 -30.95
C VAL BB 119 11.71 -53.77 -32.16
N GLU BB 120 11.38 -54.80 -32.95
CA GLU BB 120 12.18 -55.15 -34.11
C GLU BB 120 11.65 -54.45 -35.36
N ASN BB 121 12.57 -54.13 -36.29
CA ASN BB 121 12.28 -53.73 -37.67
C ASN BB 121 11.27 -52.58 -37.75
N VAL BB 122 11.49 -51.52 -36.94
CA VAL BB 122 10.70 -50.30 -37.05
C VAL BB 122 11.05 -49.61 -38.37
N VAL BB 123 10.02 -49.21 -39.12
CA VAL BB 123 10.18 -48.43 -40.35
C VAL BB 123 9.35 -47.15 -40.25
N PHE BB 124 9.85 -46.07 -40.86
CA PHE BB 124 9.20 -44.77 -40.84
C PHE BB 124 8.86 -44.36 -42.28
N PRO BB 125 7.56 -44.26 -42.67
CA PRO BB 125 7.18 -43.85 -44.03
C PRO BB 125 7.70 -42.48 -44.46
N GLU BB 126 7.84 -41.55 -43.51
CA GLU BB 126 8.35 -40.23 -43.78
C GLU BB 126 9.28 -39.76 -42.66
N LEU BB 127 10.31 -39.02 -43.07
CA LEU BB 127 11.33 -38.49 -42.17
C LEU BB 127 11.28 -36.97 -42.26
N PRO BB 128 10.97 -36.23 -41.15
CA PRO BB 128 11.10 -34.77 -41.16
C PRO BB 128 12.58 -34.40 -41.13
N LEU BB 129 13.05 -33.69 -42.17
CA LEU BB 129 14.43 -33.23 -42.21
C LEU BB 129 14.53 -31.86 -41.54
N ASP BB 130 13.65 -30.94 -41.95
CA ASP BB 130 13.58 -29.59 -41.41
C ASP BB 130 12.18 -29.39 -40.83
N SER BB 131 12.11 -28.73 -39.67
CA SER BB 131 10.86 -28.52 -38.94
C SER BB 131 10.93 -27.21 -38.15
N ALA BB 132 11.17 -26.11 -38.89
CA ALA BB 132 11.47 -24.81 -38.31
C ALA BB 132 10.18 -24.00 -38.11
N THR BB 133 10.08 -23.36 -36.93
CA THR BB 133 9.02 -22.41 -36.59
C THR BB 133 9.66 -21.21 -35.88
N TYR BB 134 9.25 -20.00 -36.26
CA TYR BB 134 9.80 -18.76 -35.73
C TYR BB 134 9.76 -18.77 -34.19
N GLY BB 135 10.91 -18.54 -33.55
CA GLY BB 135 11.04 -18.43 -32.10
C GLY BB 135 11.03 -19.78 -31.36
N GLU BB 136 11.27 -20.89 -32.10
CA GLU BB 136 11.30 -22.22 -31.49
C GLU BB 136 12.51 -23.01 -31.99
N TYR BB 137 12.95 -23.99 -31.17
CA TYR BB 137 13.84 -25.03 -31.65
C TYR BB 137 13.06 -25.96 -32.57
N GLU BB 138 13.75 -26.50 -33.57
CA GLU BB 138 13.14 -27.48 -34.48
C GLU BB 138 12.72 -28.71 -33.68
N GLU BB 139 11.46 -29.14 -33.88
CA GLU BB 139 10.90 -30.31 -33.22
C GLU BB 139 10.35 -31.28 -34.27
N TYR BB 140 10.75 -32.55 -34.17
CA TYR BB 140 10.58 -33.54 -35.21
C TYR BB 140 9.64 -34.65 -34.73
N SER BB 141 8.61 -34.97 -35.53
CA SER BB 141 7.70 -36.07 -35.26
C SER BB 141 7.97 -37.23 -36.21
N LEU BB 142 8.25 -38.41 -35.63
CA LEU BB 142 8.31 -39.66 -36.40
C LEU BB 142 7.07 -40.49 -36.07
N THR BB 143 6.37 -40.95 -37.13
CA THR BB 143 5.39 -42.03 -37.01
C THR BB 143 5.93 -43.23 -37.80
N GLY BB 144 5.96 -44.41 -37.18
CA GLY BB 144 6.45 -45.61 -37.84
C GLY BB 144 5.82 -46.88 -37.27
N SER BB 145 6.19 -48.03 -37.84
CA SER BB 145 5.63 -49.31 -37.39
C SER BB 145 6.70 -50.40 -37.33
N GLY BB 146 6.79 -51.06 -36.17
CA GLY BB 146 7.63 -52.22 -35.96
C GLY BB 146 6.89 -53.53 -36.24
N ARG BB 147 7.67 -54.60 -36.46
CA ARG BB 147 7.13 -55.92 -36.78
C ARG BB 147 6.55 -56.59 -35.53
N SER BB 148 7.29 -56.55 -34.41
CA SER BB 148 6.87 -57.18 -33.17
C SER BB 148 7.64 -56.59 -31.97
N VAL BB 149 7.07 -56.78 -30.77
CA VAL BB 149 7.78 -56.53 -29.51
C VAL BB 149 8.67 -57.74 -29.24
N THR BB 150 10.00 -57.54 -29.23
CA THR BB 150 10.93 -58.64 -28.99
C THR BB 150 11.15 -58.85 -27.48
N ASN BB 151 10.98 -57.77 -26.70
CA ASN BB 151 11.19 -57.85 -25.26
C ASN BB 151 10.27 -56.85 -24.53
N LEU BB 152 9.63 -57.35 -23.47
CA LEU BB 152 8.98 -56.54 -22.45
C LEU BB 152 9.16 -57.23 -21.10
N ALA BB 153 10.09 -56.72 -20.29
CA ALA BB 153 10.47 -57.36 -19.05
C ALA BB 153 11.00 -56.32 -18.05
N ASP BB 154 11.01 -56.74 -16.77
CA ASP BB 154 11.75 -56.06 -15.71
C ASP BB 154 13.22 -56.47 -15.81
N THR BB 155 14.08 -55.50 -16.17
CA THR BB 155 15.51 -55.74 -16.38
C THR BB 155 16.34 -55.30 -15.17
N SER BB 156 15.69 -54.95 -14.04
CA SER BB 156 16.39 -54.63 -12.80
C SER BB 156 17.10 -55.87 -12.25
N GLY BB 157 18.17 -55.66 -11.47
CA GLY BB 157 19.05 -56.70 -11.00
C GLY BB 157 18.36 -57.71 -10.08
N ALA CB 2 -18.32 -166.66 -180.41
CA ALA CB 2 -19.29 -165.71 -181.03
C ALA CB 2 -19.49 -164.49 -180.13
N THR CB 3 -20.14 -163.45 -180.66
CA THR CB 3 -20.37 -162.18 -179.96
C THR CB 3 -21.45 -162.37 -178.90
N SER CB 4 -21.24 -161.80 -177.70
CA SER CB 4 -22.20 -161.85 -176.61
C SER CB 4 -23.51 -161.18 -177.01
N PRO CB 5 -24.71 -161.76 -176.71
CA PRO CB 5 -25.98 -161.05 -176.93
C PRO CB 5 -26.06 -159.78 -176.08
N GLU CB 6 -26.68 -158.73 -176.64
CA GLU CB 6 -26.67 -157.40 -176.05
C GLU CB 6 -28.00 -156.71 -176.30
N GLY CB 7 -28.40 -155.80 -175.38
CA GLY CB 7 -29.56 -154.96 -175.58
C GLY CB 7 -29.40 -154.07 -176.81
N ILE CB 8 -30.52 -153.75 -177.49
CA ILE CB 8 -30.50 -152.79 -178.59
C ILE CB 8 -31.52 -151.70 -178.27
N TRP CB 9 -31.11 -150.44 -178.47
CA TRP CB 9 -31.92 -149.28 -178.17
C TRP CB 9 -32.56 -148.77 -179.47
N SER CB 10 -33.91 -148.65 -179.48
CA SER CB 10 -34.66 -148.37 -180.71
C SER CB 10 -34.23 -147.06 -181.38
N ASN CB 11 -33.94 -146.04 -180.56
CA ASN CB 11 -33.63 -144.70 -181.05
C ASN CB 11 -32.22 -144.60 -181.64
N SER CB 12 -31.40 -145.67 -181.53
CA SER CB 12 -30.07 -145.74 -182.13
C SER CB 12 -30.14 -146.17 -183.60
N GLY CB 13 -31.32 -146.54 -184.09
CA GLY CB 13 -31.48 -147.07 -185.44
C GLY CB 13 -31.46 -145.99 -186.53
N ALA CB 14 -30.83 -146.33 -187.67
CA ALA CB 14 -30.87 -145.55 -188.88
C ALA CB 14 -31.44 -146.40 -190.02
N LEU CB 15 -32.65 -146.03 -190.50
CA LEU CB 15 -33.35 -146.71 -191.58
C LEU CB 15 -33.19 -145.92 -192.88
N THR CB 16 -32.90 -146.66 -193.98
CA THR CB 16 -32.76 -146.07 -195.31
C THR CB 16 -33.47 -146.94 -196.34
N PHE CB 17 -33.99 -146.28 -197.39
CA PHE CB 17 -34.58 -146.94 -198.54
C PHE CB 17 -33.77 -146.62 -199.79
N GLU CB 18 -33.66 -147.60 -200.69
CA GLU CB 18 -32.93 -147.43 -201.94
C GLU CB 18 -33.76 -147.95 -203.12
N ASP CB 19 -33.64 -147.26 -204.26
CA ASP CB 19 -34.16 -147.74 -205.53
C ASP CB 19 -33.27 -148.88 -206.03
N PRO CB 20 -33.79 -150.13 -206.21
CA PRO CB 20 -32.98 -151.24 -206.71
C PRO CB 20 -32.46 -151.09 -208.14
N ALA CB 21 -32.97 -150.09 -208.89
CA ALA CB 21 -32.49 -149.82 -210.24
C ALA CB 21 -31.16 -149.05 -210.23
N ASP CB 22 -30.85 -148.34 -209.13
CA ASP CB 22 -29.74 -147.40 -209.04
C ASP CB 22 -28.80 -147.71 -207.87
N ASP CB 23 -29.34 -148.29 -206.79
CA ASP CB 23 -28.79 -148.20 -205.43
C ASP CB 23 -28.74 -146.75 -204.92
N SER CB 24 -29.60 -145.86 -205.47
CA SER CB 24 -29.71 -144.48 -205.01
C SER CB 24 -30.71 -144.40 -203.85
N GLU CB 25 -30.44 -143.50 -202.89
CA GLU CB 25 -31.29 -143.34 -201.72
C GLU CB 25 -32.61 -142.66 -202.09
N ILE CB 26 -33.71 -143.17 -201.53
CA ILE CB 26 -35.02 -142.53 -201.54
C ILE CB 26 -35.22 -141.88 -200.17
N LEU CB 27 -35.47 -140.57 -200.14
CA LEU CB 27 -35.51 -139.81 -198.90
C LEU CB 27 -36.67 -140.29 -198.02
N PHE CB 28 -36.32 -140.65 -196.77
CA PHE CB 28 -37.24 -141.17 -195.77
C PHE CB 28 -36.68 -140.83 -194.39
N ALA CB 29 -37.57 -140.48 -193.43
CA ALA CB 29 -37.12 -139.96 -192.15
C ALA CB 29 -38.22 -140.10 -191.08
N GLY CB 30 -37.83 -139.90 -189.81
CA GLY CB 30 -38.76 -139.72 -188.71
C GLY CB 30 -39.54 -140.97 -188.32
N VAL CB 31 -38.88 -142.14 -188.36
CA VAL CB 31 -39.47 -143.39 -187.91
C VAL CB 31 -39.74 -143.34 -186.40
N ARG CB 32 -40.76 -144.10 -185.97
CA ARG CB 32 -41.17 -144.21 -184.58
C ARG CB 32 -41.32 -145.69 -184.19
N ASP CB 33 -41.64 -146.55 -185.18
CA ASP CB 33 -41.52 -148.00 -185.02
C ASP CB 33 -40.98 -148.61 -186.31
N VAL CB 34 -40.20 -149.70 -186.17
CA VAL CB 34 -39.73 -150.53 -187.28
C VAL CB 34 -39.75 -151.99 -186.82
N THR CB 35 -40.54 -152.84 -187.50
CA THR CB 35 -40.48 -154.28 -187.32
C THR CB 35 -40.05 -154.93 -188.65
N ILE CB 36 -38.99 -155.74 -188.60
CA ILE CB 36 -38.57 -156.57 -189.73
C ILE CB 36 -38.54 -158.03 -189.27
N THR CB 37 -39.31 -158.90 -189.95
CA THR CB 37 -39.47 -160.28 -189.54
C THR CB 37 -39.41 -161.19 -190.77
N PRO CB 38 -38.25 -161.85 -191.06
CA PRO CB 38 -38.23 -162.99 -191.99
C PRO CB 38 -39.08 -164.14 -191.42
N ALA CB 39 -39.86 -164.75 -192.32
CA ALA CB 39 -40.83 -165.77 -191.99
C ALA CB 39 -40.87 -166.82 -193.08
N TYR CB 40 -41.17 -168.05 -192.66
CA TYR CB 40 -41.58 -169.11 -193.57
C TYR CB 40 -42.85 -169.74 -192.98
N GLU CB 41 -43.68 -170.31 -193.84
CA GLU CB 41 -44.70 -171.25 -193.38
C GLU CB 41 -44.01 -172.57 -193.03
N HIS CB 42 -44.47 -173.24 -191.97
CA HIS CB 42 -43.97 -174.56 -191.59
C HIS CB 42 -45.04 -175.62 -191.84
N ALA CB 43 -44.67 -176.64 -192.63
CA ALA CB 43 -45.46 -177.87 -192.70
C ALA CB 43 -44.91 -178.88 -191.70
N GLU CB 44 -45.68 -179.20 -190.65
CA GLU CB 44 -45.34 -180.25 -189.69
C GLU CB 44 -46.01 -181.55 -190.15
N LEU CB 45 -45.22 -182.63 -190.24
CA LEU CB 45 -45.65 -183.87 -190.91
C LEU CB 45 -45.51 -185.06 -189.95
N TYR CB 46 -46.45 -186.02 -190.05
CA TYR CB 46 -46.58 -187.14 -189.13
C TYR CB 46 -46.62 -188.47 -189.92
N THR CB 47 -46.25 -189.59 -189.27
CA THR CB 47 -46.33 -190.93 -189.87
C THR CB 47 -47.64 -191.63 -189.45
N ILE CB 48 -47.86 -192.87 -189.94
CA ILE CB 48 -49.08 -193.64 -189.69
C ILE CB 48 -49.18 -194.26 -188.29
N ASP CB 49 -48.07 -194.33 -187.54
CA ASP CB 49 -48.01 -195.18 -186.36
C ASP CB 49 -47.34 -194.47 -185.17
N SER CB 50 -47.46 -193.13 -185.14
CA SER CB 50 -46.87 -192.33 -184.09
C SER CB 50 -47.65 -191.02 -183.92
N THR CB 51 -47.78 -190.59 -182.66
CA THR CB 51 -48.29 -189.27 -182.31
C THR CB 51 -47.24 -188.18 -182.54
N PHE CB 52 -45.96 -188.57 -182.64
CA PHE CB 52 -44.87 -187.59 -182.71
C PHE CB 52 -44.63 -187.15 -184.16
N ARG CB 53 -44.19 -185.89 -184.30
CA ARG CB 53 -43.85 -185.26 -185.57
C ARG CB 53 -42.65 -186.00 -186.21
N ASP CB 54 -42.78 -186.31 -187.50
CA ASP CB 54 -41.76 -187.02 -188.26
C ASP CB 54 -40.73 -186.03 -188.81
N GLU CB 55 -41.24 -185.01 -189.53
CA GLU CB 55 -40.42 -183.97 -190.11
C GLU CB 55 -41.18 -182.64 -190.07
N VAL CB 56 -40.42 -181.54 -190.24
CA VAL CB 56 -40.98 -180.21 -190.40
C VAL CB 56 -40.20 -179.44 -191.48
N LYS CB 57 -40.93 -178.70 -192.33
CA LYS CB 57 -40.39 -178.12 -193.56
C LYS CB 57 -40.81 -176.65 -193.73
N ARG CB 58 -39.84 -175.82 -194.17
CA ARG CB 58 -40.06 -174.42 -194.52
C ARG CB 58 -40.61 -174.31 -195.95
N TYR CB 59 -41.58 -173.40 -196.15
CA TYR CB 59 -42.08 -173.04 -197.46
C TYR CB 59 -42.54 -171.57 -197.48
N GLU CB 60 -42.75 -171.01 -198.69
CA GLU CB 60 -43.40 -169.73 -198.92
C GLU CB 60 -42.74 -168.61 -198.08
N HIS CB 61 -41.46 -168.35 -198.37
CA HIS CB 61 -40.66 -167.39 -197.62
C HIS CB 61 -41.18 -165.96 -197.84
N ASN CB 62 -41.04 -165.14 -196.79
CA ASN CB 62 -41.58 -163.79 -196.70
C ASN CB 62 -40.70 -163.00 -195.74
N VAL CB 63 -40.64 -161.67 -195.91
CA VAL CB 63 -40.07 -160.80 -194.88
C VAL CB 63 -41.11 -159.71 -194.59
N ASN CB 64 -41.84 -159.89 -193.47
CA ASN CB 64 -42.78 -158.87 -193.03
C ASN CB 64 -42.01 -157.61 -192.61
N VAL CB 65 -42.30 -156.48 -193.27
CA VAL CB 65 -41.77 -155.19 -192.90
C VAL CB 65 -42.98 -154.32 -192.50
N GLU CB 66 -42.92 -153.75 -191.29
CA GLU CB 66 -43.89 -152.71 -190.94
C GLU CB 66 -43.18 -151.56 -190.21
N ILE CB 67 -43.51 -150.34 -190.66
CA ILE CB 67 -42.84 -149.12 -190.23
C ILE CB 67 -43.94 -148.11 -189.85
N THR CB 68 -43.79 -147.49 -188.67
CA THR CB 68 -44.55 -146.31 -188.31
C THR CB 68 -43.62 -145.10 -188.33
N TYR CB 69 -44.04 -144.02 -188.99
CA TYR CB 69 -43.19 -142.85 -189.17
C TYR CB 69 -44.02 -141.57 -189.20
N ALA CB 70 -43.38 -140.42 -188.91
CA ALA CB 70 -44.09 -139.17 -188.65
C ALA CB 70 -43.56 -137.97 -189.44
N LYS CB 71 -42.62 -138.19 -190.37
CA LYS CB 71 -42.20 -137.16 -191.33
C LYS CB 71 -42.58 -137.63 -192.74
N PHE CB 72 -43.42 -136.86 -193.42
CA PHE CB 72 -43.90 -137.24 -194.74
C PHE CB 72 -42.81 -137.02 -195.79
N SER CB 73 -42.69 -137.96 -196.75
CA SER CB 73 -41.75 -137.84 -197.85
C SER CB 73 -42.50 -137.83 -199.18
N LEU CB 74 -42.37 -136.72 -199.93
CA LEU CB 74 -42.94 -136.61 -201.26
C LEU CB 74 -42.25 -137.57 -202.24
N GLU CB 75 -40.92 -137.72 -202.10
CA GLU CB 75 -40.16 -138.61 -202.98
C GLU CB 75 -40.63 -140.06 -202.80
N PHE CB 76 -40.74 -140.52 -201.54
CA PHE CB 76 -41.18 -141.88 -201.26
C PHE CB 76 -42.56 -142.15 -201.85
N ALA CB 77 -43.49 -141.21 -201.66
CA ALA CB 77 -44.86 -141.35 -202.13
C ALA CB 77 -44.94 -141.35 -203.66
N GLN CB 78 -44.14 -140.49 -204.32
CA GLN CB 78 -44.16 -140.37 -205.78
C GLN CB 78 -43.46 -141.56 -206.44
N GLU CB 79 -42.48 -142.16 -205.74
CA GLU CB 79 -41.83 -143.39 -206.16
C GLU CB 79 -42.82 -144.55 -206.10
N TRP CB 80 -43.61 -144.62 -205.02
CA TRP CB 80 -44.62 -145.65 -204.86
C TRP CB 80 -45.70 -145.56 -205.95
N LEU CB 81 -46.15 -144.33 -206.24
CA LEU CB 81 -47.17 -144.11 -207.28
C LEU CB 81 -46.64 -144.50 -208.66
N GLY CB 82 -45.39 -144.12 -208.96
CA GLY CB 82 -44.81 -144.23 -210.30
C GLY CB 82 -44.46 -145.66 -210.73
N GLY CB 83 -44.25 -146.57 -209.76
CA GLY CB 83 -43.81 -147.93 -210.05
C GLY CB 83 -42.31 -147.99 -210.34
N PRO CB 84 -41.77 -149.17 -210.78
CA PRO CB 84 -40.32 -149.33 -210.98
C PRO CB 84 -39.71 -148.31 -211.94
N GLY CB 85 -38.67 -147.60 -211.45
CA GLY CB 85 -37.82 -146.72 -212.26
C GLY CB 85 -38.48 -145.41 -212.69
N ALA CB 86 -39.60 -145.01 -212.05
CA ALA CB 86 -40.30 -143.77 -212.38
C ALA CB 86 -40.99 -143.17 -211.15
N THR CB 87 -41.27 -141.86 -211.22
CA THR CB 87 -42.08 -141.15 -210.23
C THR CB 87 -43.32 -140.57 -210.90
N ALA CB 88 -44.43 -140.51 -210.16
CA ALA CB 88 -45.68 -139.93 -210.66
C ALA CB 88 -46.40 -139.12 -209.57
N THR CB 89 -47.07 -138.05 -210.00
CA THR CB 89 -47.90 -137.20 -209.14
C THR CB 89 -49.35 -137.71 -209.10
N ALA CB 90 -49.64 -138.86 -209.73
CA ALA CB 90 -50.98 -139.43 -209.81
C ALA CB 90 -50.88 -140.95 -209.89
N SER CB 91 -51.97 -141.65 -209.50
CA SER CB 91 -52.06 -143.11 -209.63
C SER CB 91 -51.74 -143.54 -211.07
N GLN CB 92 -51.02 -144.65 -211.18
CA GLN CB 92 -50.70 -145.24 -212.48
C GLN CB 92 -51.50 -146.52 -212.68
N ASP CB 93 -52.05 -146.68 -213.89
CA ASP CB 93 -52.82 -147.85 -214.27
C ASP CB 93 -51.88 -148.87 -214.92
N ASP CB 94 -51.08 -149.56 -214.07
CA ASP CB 94 -50.17 -150.62 -214.49
C ASP CB 94 -49.96 -151.61 -213.35
N SER CB 95 -49.46 -152.81 -213.70
CA SER CB 95 -49.44 -153.96 -212.81
C SER CB 95 -48.14 -154.14 -212.01
N ASP CB 96 -47.07 -153.39 -212.32
CA ASP CB 96 -45.80 -153.52 -211.61
C ASP CB 96 -45.74 -152.57 -210.41
N PRO CB 97 -45.64 -153.08 -209.15
CA PRO CB 97 -45.46 -152.21 -207.99
C PRO CB 97 -44.01 -151.72 -207.87
N MET CB 98 -43.83 -150.56 -207.24
CA MET CB 98 -42.49 -150.09 -206.87
C MET CB 98 -41.91 -151.02 -205.80
N LYS CB 99 -40.71 -151.55 -206.08
CA LYS CB 99 -39.94 -152.39 -205.17
C LYS CB 99 -38.84 -151.54 -204.56
N PHE CB 100 -38.77 -151.55 -203.22
CA PHE CB 100 -37.76 -150.79 -202.49
C PHE CB 100 -36.77 -151.77 -201.86
N ASN CB 101 -35.47 -151.48 -202.00
CA ASN CB 101 -34.50 -152.08 -201.10
C ASN CB 101 -34.51 -151.29 -199.79
N LEU CB 102 -34.36 -152.01 -198.67
CA LEU CB 102 -34.44 -151.42 -197.33
C LEU CB 102 -33.21 -151.87 -196.53
N GLU CB 103 -32.65 -150.95 -195.73
CA GLU CB 103 -31.58 -151.28 -194.82
C GLU CB 103 -31.78 -150.53 -193.49
N ASN CB 104 -31.62 -151.26 -192.38
CA ASN CB 104 -31.63 -150.69 -191.04
C ASN CB 104 -30.30 -151.00 -190.35
N VAL CB 105 -29.69 -149.98 -189.72
CA VAL CB 105 -28.40 -150.11 -189.05
C VAL CB 105 -28.56 -149.66 -187.59
N THR CB 106 -28.06 -150.49 -186.65
CA THR CB 106 -28.17 -150.19 -185.22
C THR CB 106 -26.89 -150.60 -184.50
N PRO CB 107 -26.24 -149.70 -183.72
CA PRO CB 107 -25.31 -150.12 -182.66
C PRO CB 107 -26.05 -150.90 -181.58
N SER CB 108 -25.37 -151.89 -180.98
CA SER CB 108 -25.85 -152.52 -179.75
C SER CB 108 -25.67 -151.53 -178.59
N ALA CB 109 -26.37 -151.75 -177.47
CA ALA CB 109 -26.53 -150.74 -176.44
C ALA CB 109 -25.22 -150.35 -175.74
N SER CB 110 -24.28 -151.31 -175.61
CA SER CB 110 -22.95 -151.08 -175.06
C SER CB 110 -21.86 -151.05 -176.14
N GLY CB 111 -22.26 -150.99 -177.42
CA GLY CB 111 -21.34 -150.90 -178.55
C GLY CB 111 -20.56 -152.18 -178.83
N GLY CB 112 -21.04 -153.33 -178.33
CA GLY CB 112 -20.44 -154.64 -178.58
C GLY CB 112 -20.44 -155.07 -180.05
N PHE CB 113 -21.46 -154.61 -180.81
CA PHE CB 113 -21.59 -154.87 -182.24
C PHE CB 113 -22.43 -153.78 -182.91
N GLU CB 114 -22.42 -153.77 -184.26
CA GLU CB 114 -23.35 -152.96 -185.04
C GLU CB 114 -24.13 -153.88 -185.97
N ARG CB 115 -25.40 -154.15 -185.62
CA ARG CB 115 -26.26 -155.00 -186.43
C ARG CB 115 -26.76 -154.20 -187.64
N THR CB 116 -26.47 -154.71 -188.85
CA THR CB 116 -27.07 -154.25 -190.09
C THR CB 116 -28.04 -155.32 -190.61
N THR CB 117 -29.29 -154.92 -190.85
CA THR CB 117 -30.28 -155.76 -191.54
C THR CB 117 -30.61 -155.12 -192.90
N ALA CB 118 -30.52 -155.91 -193.98
CA ALA CB 118 -30.92 -155.45 -195.31
C ALA CB 118 -31.95 -156.41 -195.92
N VAL CB 119 -32.97 -155.84 -196.58
CA VAL CB 119 -34.10 -156.57 -197.15
C VAL CB 119 -34.30 -156.13 -198.60
N GLU CB 120 -34.47 -157.10 -199.51
CA GLU CB 120 -34.66 -156.79 -200.93
C GLU CB 120 -36.15 -156.77 -201.29
N ASN CB 121 -36.49 -155.92 -202.28
CA ASN CB 121 -37.77 -155.92 -202.98
C ASN CB 121 -38.97 -155.85 -202.03
N VAL CB 122 -38.90 -154.93 -201.05
CA VAL CB 122 -40.05 -154.64 -200.19
C VAL CB 122 -41.11 -153.94 -201.05
N VAL CB 123 -42.35 -154.44 -200.96
CA VAL CB 123 -43.50 -153.82 -201.60
C VAL CB 123 -44.55 -153.52 -200.53
N PHE CB 124 -45.28 -152.42 -200.73
CA PHE CB 124 -46.32 -151.98 -199.81
C PHE CB 124 -47.67 -152.00 -200.55
N PRO CB 125 -48.62 -152.92 -200.22
CA PRO CB 125 -49.94 -152.97 -200.87
C PRO CB 125 -50.72 -151.65 -200.86
N GLU CB 126 -50.50 -150.83 -199.82
CA GLU CB 126 -51.16 -149.55 -199.69
C GLU CB 126 -50.21 -148.52 -199.06
N LEU CB 127 -50.40 -147.26 -199.49
CA LEU CB 127 -49.58 -146.14 -199.06
C LEU CB 127 -50.49 -145.10 -198.40
N PRO CB 128 -50.33 -144.78 -197.09
CA PRO CB 128 -51.06 -143.66 -196.50
C PRO CB 128 -50.48 -142.33 -196.98
N LEU CB 129 -51.30 -141.55 -197.68
CA LEU CB 129 -50.90 -140.23 -198.13
C LEU CB 129 -51.18 -139.19 -197.05
N ASP CB 130 -52.38 -139.25 -196.48
CA ASP CB 130 -52.82 -138.36 -195.41
C ASP CB 130 -53.26 -139.21 -194.22
N SER CB 131 -52.96 -138.72 -193.00
CA SER CB 131 -53.23 -139.45 -191.76
C SER CB 131 -53.40 -138.46 -190.61
N ALA CB 132 -54.36 -137.54 -190.76
CA ALA CB 132 -54.59 -136.43 -189.84
C ALA CB 132 -55.48 -136.86 -188.68
N THR CB 133 -55.11 -136.44 -187.46
CA THR CB 133 -55.90 -136.58 -186.24
C THR CB 133 -55.79 -135.27 -185.46
N TYR CB 134 -56.94 -134.81 -184.93
CA TYR CB 134 -57.02 -133.55 -184.19
C TYR CB 134 -56.02 -133.52 -183.03
N GLY CB 135 -55.13 -132.50 -183.04
CA GLY CB 135 -54.16 -132.27 -181.96
C GLY CB 135 -52.92 -133.17 -182.03
N GLU CB 136 -52.67 -133.79 -183.21
CA GLU CB 136 -51.54 -134.70 -183.38
C GLU CB 136 -50.82 -134.39 -184.70
N TYR CB 137 -49.51 -134.69 -184.75
CA TYR CB 137 -48.79 -134.76 -186.02
C TYR CB 137 -49.29 -135.98 -186.80
N GLU CB 138 -49.32 -135.86 -188.13
CA GLU CB 138 -49.70 -136.99 -188.97
C GLU CB 138 -48.71 -138.14 -188.76
N GLU CB 139 -49.24 -139.33 -188.42
CA GLU CB 139 -48.45 -140.54 -188.23
C GLU CB 139 -48.87 -141.58 -189.27
N TYR CB 140 -47.89 -142.12 -190.01
CA TYR CB 140 -48.10 -142.96 -191.19
C TYR CB 140 -47.64 -144.39 -190.89
N SER CB 141 -48.49 -145.38 -191.22
CA SER CB 141 -48.19 -146.79 -191.04
C SER CB 141 -48.02 -147.48 -192.39
N LEU CB 142 -46.83 -148.07 -192.62
CA LEU CB 142 -46.60 -148.95 -193.77
C LEU CB 142 -46.57 -150.40 -193.30
N THR CB 143 -47.34 -151.25 -194.00
CA THR CB 143 -47.17 -152.71 -193.91
C THR CB 143 -46.80 -153.22 -195.31
N GLY CB 144 -45.72 -154.00 -195.39
CA GLY CB 144 -45.25 -154.53 -196.66
C GLY CB 144 -44.50 -155.84 -196.52
N SER CB 145 -44.08 -156.42 -197.65
CA SER CB 145 -43.39 -157.69 -197.67
C SER CB 145 -42.17 -157.64 -198.60
N GLY CB 146 -41.01 -158.00 -198.03
CA GLY CB 146 -39.77 -158.18 -198.78
C GLY CB 146 -39.62 -159.62 -199.28
N ARG CB 147 -38.72 -159.81 -200.26
CA ARG CB 147 -38.46 -161.12 -200.84
C ARG CB 147 -37.53 -161.95 -199.94
N SER CB 148 -36.42 -161.35 -199.48
CA SER CB 148 -35.42 -162.02 -198.66
C SER CB 148 -34.62 -161.02 -197.83
N VAL CB 149 -33.97 -161.52 -196.76
CA VAL CB 149 -32.93 -160.79 -196.06
C VAL CB 149 -31.63 -161.01 -196.83
N THR CB 150 -31.05 -159.92 -197.36
CA THR CB 150 -29.83 -160.01 -198.16
C THR CB 150 -28.58 -159.92 -197.28
N ASN CB 151 -28.73 -159.29 -196.11
CA ASN CB 151 -27.63 -159.16 -195.17
C ASN CB 151 -28.16 -159.06 -193.74
N LEU CB 152 -27.54 -159.84 -192.84
CA LEU CB 152 -27.65 -159.69 -191.40
C LEU CB 152 -26.27 -160.00 -190.79
N ALA CB 153 -25.55 -158.93 -190.39
CA ALA CB 153 -24.17 -159.06 -189.95
C ALA CB 153 -23.83 -157.97 -188.94
N ASP CB 154 -22.74 -158.23 -188.19
CA ASP CB 154 -22.04 -157.19 -187.44
C ASP CB 154 -21.17 -156.40 -188.42
N THR CB 155 -21.51 -155.12 -188.62
CA THR CB 155 -20.80 -154.24 -189.55
C THR CB 155 -19.85 -153.29 -188.82
N SER CB 156 -19.66 -153.47 -187.50
CA SER CB 156 -18.68 -152.69 -186.75
C SER CB 156 -17.26 -153.05 -187.17
N GLY CB 157 -16.31 -152.12 -186.98
CA GLY CB 157 -14.93 -152.27 -187.41
C GLY CB 157 -14.22 -153.41 -186.71
N ALA DB 2 -33.84 -133.77 -203.93
CA ALA DB 2 -35.31 -133.74 -203.66
C ALA DB 2 -35.59 -133.05 -202.32
N THR DB 3 -36.87 -132.79 -202.04
CA THR DB 3 -37.35 -132.09 -200.84
C THR DB 3 -37.15 -132.95 -199.60
N SER DB 4 -36.57 -132.37 -198.54
CA SER DB 4 -36.36 -133.04 -197.26
C SER DB 4 -37.70 -133.46 -196.65
N PRO DB 5 -37.87 -134.71 -196.15
CA PRO DB 5 -39.07 -135.10 -195.40
C PRO DB 5 -39.26 -134.22 -194.17
N GLU DB 6 -40.52 -133.94 -193.82
CA GLU DB 6 -40.86 -133.00 -192.76
C GLU DB 6 -42.13 -133.45 -192.05
N GLY DB 7 -42.26 -133.10 -190.76
CA GLY DB 7 -43.49 -133.36 -190.00
C GLY DB 7 -44.67 -132.61 -190.61
N ILE DB 8 -45.88 -133.17 -190.49
CA ILE DB 8 -47.11 -132.47 -190.90
C ILE DB 8 -48.04 -132.38 -189.70
N TRP DB 9 -48.46 -131.16 -189.37
CA TRP DB 9 -49.38 -130.91 -188.28
C TRP DB 9 -50.82 -131.06 -188.78
N SER DB 10 -51.59 -131.97 -188.15
CA SER DB 10 -52.92 -132.32 -188.64
C SER DB 10 -53.84 -131.11 -188.78
N ASN DB 11 -53.78 -130.20 -187.79
CA ASN DB 11 -54.74 -129.11 -187.67
C ASN DB 11 -54.54 -128.02 -188.73
N SER DB 12 -53.39 -128.04 -189.44
CA SER DB 12 -53.09 -127.09 -190.49
C SER DB 12 -53.79 -127.44 -191.82
N GLY DB 13 -54.43 -128.62 -191.89
CA GLY DB 13 -55.04 -129.12 -193.11
C GLY DB 13 -56.34 -128.39 -193.48
N ALA DB 14 -56.60 -128.34 -194.80
CA ALA DB 14 -57.84 -127.82 -195.35
C ALA DB 14 -58.41 -128.84 -196.35
N LEU DB 15 -59.44 -129.58 -195.92
CA LEU DB 15 -60.17 -130.52 -196.76
C LEU DB 15 -61.31 -129.78 -197.48
N THR DB 16 -61.55 -130.15 -198.75
CA THR DB 16 -62.64 -129.60 -199.55
C THR DB 16 -63.23 -130.71 -200.44
N PHE DB 17 -64.55 -130.61 -200.71
CA PHE DB 17 -65.25 -131.52 -201.60
C PHE DB 17 -65.82 -130.73 -202.78
N GLU DB 18 -65.82 -131.37 -203.96
CA GLU DB 18 -66.35 -130.75 -205.17
C GLU DB 18 -67.26 -131.73 -205.91
N ASP DB 19 -68.31 -131.18 -206.55
CA ASP DB 19 -69.15 -131.91 -207.48
C ASP DB 19 -68.39 -132.08 -208.80
N PRO DB 20 -68.07 -133.32 -209.27
CA PRO DB 20 -67.35 -133.51 -210.54
C PRO DB 20 -68.07 -133.02 -211.79
N ALA DB 21 -69.37 -132.72 -211.70
CA ALA DB 21 -70.14 -132.18 -212.81
C ALA DB 21 -69.82 -130.70 -213.05
N ASP DB 22 -69.44 -129.97 -211.99
CA ASP DB 22 -69.30 -128.51 -212.01
C ASP DB 22 -67.87 -128.06 -211.68
N ASP DB 23 -67.17 -128.85 -210.85
CA ASP DB 23 -66.06 -128.41 -210.01
C ASP DB 23 -66.51 -127.37 -208.97
N SER DB 24 -67.81 -127.35 -208.62
CA SER DB 24 -68.33 -126.46 -207.58
C SER DB 24 -68.15 -127.09 -206.19
N GLU DB 25 -67.87 -126.26 -205.17
CA GLU DB 25 -67.65 -126.73 -203.82
C GLU DB 25 -68.97 -127.19 -203.18
N ILE DB 26 -68.91 -128.35 -202.50
CA ILE DB 26 -69.97 -128.82 -201.62
C ILE DB 26 -69.56 -128.49 -200.20
N LEU DB 27 -70.41 -127.74 -199.48
CA LEU DB 27 -70.05 -127.19 -198.17
C LEU DB 27 -69.83 -128.32 -197.17
N PHE DB 28 -68.61 -128.33 -196.60
CA PHE DB 28 -68.16 -129.32 -195.65
C PHE DB 28 -67.14 -128.66 -194.72
N ALA DB 29 -67.17 -129.01 -193.42
CA ALA DB 29 -66.36 -128.32 -192.42
C ALA DB 29 -66.22 -129.17 -191.17
N GLY DB 30 -65.33 -128.73 -190.26
CA GLY DB 30 -65.26 -129.23 -188.90
C GLY DB 30 -64.72 -130.67 -188.79
N VAL DB 31 -63.72 -131.01 -189.63
CA VAL DB 31 -63.14 -132.35 -189.58
C VAL DB 31 -62.23 -132.48 -188.34
N ARG DB 32 -62.05 -133.74 -187.91
CA ARG DB 32 -61.26 -134.09 -186.73
C ARG DB 32 -60.25 -135.20 -187.03
N ASP DB 33 -60.58 -136.10 -187.99
CA ASP DB 33 -59.62 -137.06 -188.53
C ASP DB 33 -59.83 -137.18 -190.05
N VAL DB 34 -58.72 -137.39 -190.79
CA VAL DB 34 -58.74 -137.61 -192.23
C VAL DB 34 -57.63 -138.61 -192.59
N THR DB 35 -58.02 -139.78 -193.10
CA THR DB 35 -57.07 -140.76 -193.63
C THR DB 35 -57.36 -140.97 -195.13
N ILE DB 36 -56.32 -140.82 -195.96
CA ILE DB 36 -56.41 -141.10 -197.40
C ILE DB 36 -55.31 -142.09 -197.76
N THR DB 37 -55.72 -143.25 -198.33
CA THR DB 37 -54.82 -144.37 -198.55
C THR DB 37 -55.08 -144.98 -199.94
N PRO DB 38 -54.28 -144.64 -200.98
CA PRO DB 38 -54.26 -145.43 -202.22
C PRO DB 38 -53.75 -146.84 -201.96
N ALA DB 39 -54.44 -147.82 -202.56
CA ALA DB 39 -54.20 -149.22 -202.34
C ALA DB 39 -54.37 -149.99 -203.65
N TYR DB 40 -53.64 -151.11 -203.75
CA TYR DB 40 -53.89 -152.09 -204.80
C TYR DB 40 -53.87 -153.48 -204.15
N GLU DB 41 -54.73 -154.37 -204.63
CA GLU DB 41 -54.52 -155.80 -204.37
C GLU DB 41 -53.18 -156.21 -205.00
N HIS DB 42 -52.32 -156.84 -204.19
CA HIS DB 42 -51.04 -157.39 -204.65
C HIS DB 42 -51.14 -158.92 -204.70
N ALA DB 43 -50.88 -159.49 -205.89
CA ALA DB 43 -50.66 -160.92 -205.99
C ALA DB 43 -49.17 -161.21 -205.75
N GLU DB 44 -48.84 -161.90 -204.64
CA GLU DB 44 -47.48 -162.33 -204.38
C GLU DB 44 -47.28 -163.72 -204.98
N LEU DB 45 -46.54 -163.77 -206.09
CA LEU DB 45 -46.45 -164.95 -206.94
C LEU DB 45 -45.20 -165.76 -206.58
N TYR DB 46 -45.42 -167.03 -206.18
CA TYR DB 46 -44.36 -167.99 -205.90
C TYR DB 46 -44.25 -168.97 -207.07
N THR DB 47 -43.11 -169.68 -207.15
CA THR DB 47 -42.77 -170.51 -208.31
C THR DB 47 -42.57 -171.99 -207.91
N ILE DB 48 -42.07 -172.79 -208.87
CA ILE DB 48 -42.23 -174.24 -208.96
C ILE DB 48 -41.67 -175.00 -207.73
N ASP DB 49 -40.43 -174.71 -207.30
CA ASP DB 49 -39.84 -175.38 -206.15
C ASP DB 49 -38.86 -174.51 -205.35
N SER DB 50 -38.71 -173.23 -205.75
CA SER DB 50 -38.10 -172.24 -204.86
C SER DB 50 -39.10 -171.88 -203.77
N THR DB 51 -38.60 -171.64 -202.54
CA THR DB 51 -39.39 -171.12 -201.43
C THR DB 51 -39.55 -169.60 -201.54
N PHE DB 52 -38.71 -168.94 -202.35
CA PHE DB 52 -38.72 -167.49 -202.46
C PHE DB 52 -39.84 -167.04 -203.39
N ARG DB 53 -40.34 -165.82 -203.15
CA ARG DB 53 -41.28 -165.12 -204.02
C ARG DB 53 -40.59 -164.79 -205.35
N ASP DB 54 -41.27 -165.11 -206.46
CA ASP DB 54 -40.71 -164.87 -207.79
C ASP DB 54 -41.03 -163.46 -208.27
N GLU DB 55 -42.29 -163.05 -208.11
CA GLU DB 55 -42.81 -161.82 -208.68
C GLU DB 55 -43.97 -161.31 -207.82
N VAL DB 56 -44.28 -160.01 -207.94
CA VAL DB 56 -45.48 -159.44 -207.32
C VAL DB 56 -46.13 -158.42 -208.27
N LYS DB 57 -47.48 -158.48 -208.37
CA LYS DB 57 -48.25 -157.72 -209.34
C LYS DB 57 -49.43 -156.99 -208.66
N ARG DB 58 -49.65 -155.71 -209.04
CA ARG DB 58 -50.81 -154.92 -208.64
C ARG DB 58 -52.00 -155.28 -209.54
N TYR DB 59 -53.25 -155.23 -209.02
CA TYR DB 59 -54.39 -155.56 -209.90
C TYR DB 59 -55.72 -154.83 -209.67
N GLU DB 60 -56.04 -154.35 -208.46
CA GLU DB 60 -57.32 -153.67 -208.26
C GLU DB 60 -57.12 -152.41 -207.46
N HIS DB 61 -57.06 -151.26 -208.17
CA HIS DB 61 -56.79 -149.98 -207.54
C HIS DB 61 -58.06 -149.40 -206.93
N ASN DB 62 -57.91 -148.79 -205.75
CA ASN DB 62 -58.88 -147.88 -205.16
C ASN DB 62 -58.15 -146.97 -204.16
N VAL DB 63 -58.82 -145.91 -203.72
CA VAL DB 63 -58.30 -145.03 -202.68
C VAL DB 63 -59.25 -145.10 -201.48
N ASN DB 64 -58.81 -145.71 -200.37
CA ASN DB 64 -59.59 -145.65 -199.15
C ASN DB 64 -59.57 -144.22 -198.60
N VAL DB 65 -60.79 -143.67 -198.40
CA VAL DB 65 -60.97 -142.37 -197.76
C VAL DB 65 -61.81 -142.60 -196.49
N GLU DB 66 -61.30 -142.14 -195.35
CA GLU DB 66 -62.12 -142.11 -194.15
C GLU DB 66 -61.90 -140.79 -193.40
N ILE DB 67 -63.03 -140.20 -192.96
CA ILE DB 67 -63.08 -138.86 -192.39
C ILE DB 67 -63.97 -138.91 -191.15
N THR DB 68 -63.47 -138.39 -190.03
CA THR DB 68 -64.31 -138.09 -188.87
C THR DB 68 -64.49 -136.57 -188.78
N TYR DB 69 -65.74 -136.11 -188.60
CA TYR DB 69 -66.06 -134.69 -188.60
C TYR DB 69 -67.22 -134.40 -187.65
N ALA DB 70 -67.32 -133.15 -187.16
CA ALA DB 70 -68.21 -132.80 -186.07
C ALA DB 70 -69.09 -131.56 -186.34
N LYS DB 71 -69.12 -131.07 -187.60
CA LYS DB 71 -70.09 -130.08 -188.04
C LYS DB 71 -70.94 -130.71 -189.14
N PHE DB 72 -72.27 -130.76 -188.92
CA PHE DB 72 -73.18 -131.36 -189.89
C PHE DB 72 -73.38 -130.42 -191.07
N SER DB 73 -73.40 -130.99 -192.29
CA SER DB 73 -73.70 -130.25 -193.51
C SER DB 73 -74.97 -130.81 -194.15
N LEU DB 74 -76.00 -129.96 -194.27
CA LEU DB 74 -77.22 -130.31 -194.97
C LEU DB 74 -76.95 -130.52 -196.47
N GLU DB 75 -76.07 -129.69 -197.05
CA GLU DB 75 -75.77 -129.81 -198.47
C GLU DB 75 -75.12 -131.17 -198.76
N PHE DB 76 -74.08 -131.52 -198.01
CA PHE DB 76 -73.35 -132.76 -198.25
C PHE DB 76 -74.28 -133.98 -198.11
N ALA DB 77 -75.15 -133.97 -197.10
CA ALA DB 77 -76.07 -135.05 -196.84
C ALA DB 77 -77.15 -135.17 -197.93
N GLN DB 78 -77.64 -134.03 -198.44
CA GLN DB 78 -78.68 -134.01 -199.46
C GLN DB 78 -78.11 -134.31 -200.85
N GLU DB 79 -76.82 -133.99 -201.07
CA GLU DB 79 -76.09 -134.40 -202.26
C GLU DB 79 -75.91 -135.92 -202.28
N TRP DB 80 -75.53 -136.50 -201.12
CA TRP DB 80 -75.37 -137.94 -200.98
C TRP DB 80 -76.69 -138.66 -201.25
N LEU DB 81 -77.81 -138.15 -200.69
CA LEU DB 81 -79.13 -138.72 -200.94
C LEU DB 81 -79.52 -138.63 -202.41
N GLY DB 82 -79.24 -137.49 -203.06
CA GLY DB 82 -79.70 -137.17 -204.40
C GLY DB 82 -79.05 -138.01 -205.52
N GLY DB 83 -77.81 -138.49 -205.30
CA GLY DB 83 -77.04 -139.14 -206.35
C GLY DB 83 -76.37 -138.11 -207.26
N PRO DB 84 -75.71 -138.53 -208.39
CA PRO DB 84 -75.01 -137.59 -209.26
C PRO DB 84 -75.90 -136.49 -209.85
N GLY DB 85 -75.45 -135.24 -209.72
CA GLY DB 85 -76.03 -134.07 -210.36
C GLY DB 85 -77.42 -133.67 -209.84
N ALA DB 86 -77.80 -134.16 -208.65
CA ALA DB 86 -79.10 -133.88 -208.06
C ALA DB 86 -79.01 -133.81 -206.53
N THR DB 87 -80.01 -133.18 -205.91
CA THR DB 87 -80.11 -132.98 -204.46
C THR DB 87 -81.49 -133.45 -204.01
N ALA DB 88 -81.56 -134.17 -202.88
CA ALA DB 88 -82.83 -134.73 -202.42
C ALA DB 88 -82.94 -134.73 -200.89
N THR DB 89 -84.19 -134.67 -200.39
CA THR DB 89 -84.52 -134.69 -198.97
C THR DB 89 -84.90 -136.09 -198.48
N ALA DB 90 -84.87 -137.10 -199.36
CA ALA DB 90 -85.27 -138.46 -199.03
C ALA DB 90 -84.38 -139.46 -199.77
N SER DB 91 -84.26 -140.69 -199.25
CA SER DB 91 -83.55 -141.77 -199.95
C SER DB 91 -84.10 -141.93 -201.35
N GLN DB 92 -83.21 -142.15 -202.33
CA GLN DB 92 -83.61 -142.36 -203.71
C GLN DB 92 -83.45 -143.83 -204.07
N ASP DB 93 -84.50 -144.41 -204.67
CA ASP DB 93 -84.49 -145.79 -205.14
C ASP DB 93 -83.83 -145.85 -206.53
N ASP DB 94 -82.51 -145.60 -206.58
CA ASP DB 94 -81.73 -145.73 -207.81
C ASP DB 94 -80.30 -146.16 -207.50
N SER DB 95 -79.60 -146.66 -208.53
CA SER DB 95 -78.36 -147.40 -208.39
C SER DB 95 -77.10 -146.53 -208.49
N ASP DB 96 -77.23 -145.23 -208.80
CA ASP DB 96 -76.08 -144.35 -208.96
C ASP DB 96 -75.71 -143.69 -207.61
N PRO DB 97 -74.51 -143.95 -207.03
CA PRO DB 97 -74.06 -143.23 -205.85
C PRO DB 97 -73.56 -141.84 -206.23
N MET DB 98 -73.68 -140.90 -205.30
CA MET DB 98 -73.08 -139.58 -205.46
C MET DB 98 -71.56 -139.72 -205.41
N LYS DB 99 -70.88 -139.20 -206.45
CA LYS DB 99 -69.43 -139.21 -206.57
C LYS DB 99 -68.89 -137.82 -206.25
N PHE DB 100 -67.99 -137.74 -205.27
CA PHE DB 100 -67.39 -136.49 -204.84
C PHE DB 100 -65.92 -136.47 -205.27
N ASN DB 101 -65.46 -135.36 -205.86
CA ASN DB 101 -64.03 -135.09 -205.93
C ASN DB 101 -63.59 -134.53 -204.59
N LEU DB 102 -62.41 -134.97 -204.13
CA LEU DB 102 -61.89 -134.61 -202.81
C LEU DB 102 -60.49 -134.03 -202.98
N GLU DB 103 -60.19 -132.95 -202.23
CA GLU DB 103 -58.85 -132.39 -202.17
C GLU DB 103 -58.53 -132.02 -200.72
N ASN DB 104 -57.29 -132.33 -200.30
CA ASN DB 104 -56.77 -131.93 -199.00
C ASN DB 104 -55.42 -131.23 -199.22
N VAL DB 105 -55.23 -130.09 -198.52
CA VAL DB 105 -54.04 -129.26 -198.66
C VAL DB 105 -53.46 -129.02 -197.27
N THR DB 106 -52.15 -129.26 -197.10
CA THR DB 106 -51.47 -129.05 -195.83
C THR DB 106 -50.09 -128.44 -196.04
N PRO DB 107 -49.73 -127.34 -195.31
CA PRO DB 107 -48.32 -126.95 -195.14
C PRO DB 107 -47.59 -128.04 -194.34
N SER DB 108 -46.31 -128.28 -194.67
CA SER DB 108 -45.44 -129.04 -193.80
C SER DB 108 -45.12 -128.18 -192.56
N ALA DB 109 -44.74 -128.83 -191.45
CA ALA DB 109 -44.76 -128.24 -190.12
C ALA DB 109 -43.85 -127.02 -189.97
N SER DB 110 -42.76 -126.94 -190.76
CA SER DB 110 -41.88 -125.76 -190.78
C SER DB 110 -41.69 -125.19 -192.18
N GLY DB 111 -42.70 -125.38 -193.05
CA GLY DB 111 -42.84 -124.66 -194.31
C GLY DB 111 -41.94 -125.13 -195.45
N GLY DB 112 -41.35 -126.34 -195.33
CA GLY DB 112 -40.52 -126.92 -196.38
C GLY DB 112 -41.25 -127.18 -197.69
N PHE DB 113 -42.55 -127.51 -197.60
CA PHE DB 113 -43.42 -127.78 -198.75
C PHE DB 113 -44.89 -127.57 -198.38
N GLU DB 114 -45.77 -127.52 -199.39
CA GLU DB 114 -47.21 -127.62 -199.18
C GLU DB 114 -47.74 -128.83 -199.94
N ARG DB 115 -48.11 -129.89 -199.21
CA ARG DB 115 -48.60 -131.12 -199.82
C ARG DB 115 -50.08 -130.96 -200.17
N THR DB 116 -50.41 -131.16 -201.46
CA THR DB 116 -51.78 -131.28 -201.93
C THR DB 116 -52.04 -132.73 -202.36
N THR DB 117 -53.10 -133.34 -201.78
CA THR DB 117 -53.63 -134.64 -202.20
C THR DB 117 -55.02 -134.46 -202.81
N ALA DB 118 -55.23 -134.96 -204.04
CA ALA DB 118 -56.53 -134.90 -204.69
C ALA DB 118 -56.95 -136.31 -205.17
N VAL DB 119 -58.25 -136.63 -204.98
CA VAL DB 119 -58.81 -137.96 -205.21
C VAL DB 119 -60.11 -137.81 -206.02
N GLU DB 120 -60.25 -138.60 -207.11
CA GLU DB 120 -61.43 -138.53 -207.95
C GLU DB 120 -62.49 -139.55 -207.53
N ASN DB 121 -63.77 -139.17 -207.69
CA ASN DB 121 -64.93 -140.06 -207.64
C ASN DB 121 -65.00 -140.86 -206.34
N VAL DB 122 -64.81 -140.18 -205.19
CA VAL DB 122 -65.02 -140.78 -203.88
C VAL DB 122 -66.52 -141.05 -203.69
N VAL DB 123 -66.85 -142.27 -203.25
CA VAL DB 123 -68.22 -142.65 -202.92
C VAL DB 123 -68.24 -143.19 -201.49
N PHE DB 124 -69.34 -142.96 -200.76
CA PHE DB 124 -69.50 -143.40 -199.38
C PHE DB 124 -70.67 -144.39 -199.31
N PRO DB 125 -70.45 -145.69 -198.96
CA PRO DB 125 -71.55 -146.67 -198.83
C PRO DB 125 -72.67 -146.25 -197.87
N GLU DB 126 -72.28 -145.54 -196.79
CA GLU DB 126 -73.24 -145.13 -195.77
C GLU DB 126 -72.92 -143.72 -195.30
N LEU DB 127 -73.99 -142.99 -194.93
CA LEU DB 127 -73.93 -141.62 -194.46
C LEU DB 127 -74.55 -141.56 -193.06
N PRO DB 128 -73.76 -141.28 -191.99
CA PRO DB 128 -74.36 -141.07 -190.66
C PRO DB 128 -75.08 -139.71 -190.65
N LEU DB 129 -76.39 -139.75 -190.45
CA LEU DB 129 -77.19 -138.53 -190.37
C LEU DB 129 -77.21 -138.01 -188.93
N ASP DB 130 -77.67 -138.87 -188.01
CA ASP DB 130 -77.70 -138.57 -186.59
C ASP DB 130 -76.67 -139.45 -185.89
N SER DB 131 -75.90 -138.85 -184.97
CA SER DB 131 -74.84 -139.54 -184.25
C SER DB 131 -74.71 -138.98 -182.83
N ALA DB 132 -75.82 -139.06 -182.06
CA ALA DB 132 -75.97 -138.41 -180.77
C ALA DB 132 -75.48 -139.34 -179.64
N THR DB 133 -74.75 -138.73 -178.69
CA THR DB 133 -74.38 -139.36 -177.41
C THR DB 133 -74.57 -138.32 -176.31
N TYR DB 134 -75.14 -138.76 -175.17
CA TYR DB 134 -75.37 -137.89 -174.02
C TYR DB 134 -74.09 -137.14 -173.61
N GLY DB 135 -74.18 -135.81 -173.58
CA GLY DB 135 -73.09 -134.93 -173.15
C GLY DB 135 -71.99 -134.74 -174.19
N GLU DB 136 -72.29 -135.01 -175.47
CA GLU DB 136 -71.32 -134.85 -176.56
C GLU DB 136 -71.96 -134.09 -177.73
N TYR DB 137 -71.13 -133.39 -178.51
CA TYR DB 137 -71.53 -132.97 -179.85
C TYR DB 137 -71.65 -134.20 -180.73
N GLU DB 138 -72.53 -134.14 -181.73
CA GLU DB 138 -72.62 -135.24 -182.69
C GLU DB 138 -71.34 -135.33 -183.50
N GLU DB 139 -70.81 -136.55 -183.66
CA GLU DB 139 -69.58 -136.79 -184.39
C GLU DB 139 -69.82 -137.89 -185.43
N TYR DB 140 -69.38 -137.62 -186.66
CA TYR DB 140 -69.76 -138.38 -187.84
C TYR DB 140 -68.51 -139.00 -188.47
N SER DB 141 -68.55 -140.31 -188.77
CA SER DB 141 -67.46 -141.00 -189.44
C SER DB 141 -67.89 -141.53 -190.80
N LEU DB 142 -67.21 -141.07 -191.86
CA LEU DB 142 -67.38 -141.57 -193.22
C LEU DB 142 -66.27 -142.57 -193.53
N THR DB 143 -66.63 -143.64 -194.25
CA THR DB 143 -65.67 -144.49 -194.94
C THR DB 143 -66.14 -144.60 -196.39
N GLY DB 144 -65.20 -144.50 -197.33
CA GLY DB 144 -65.52 -144.55 -198.75
C GLY DB 144 -64.32 -144.91 -199.61
N SER DB 145 -64.55 -145.01 -200.93
CA SER DB 145 -63.48 -145.35 -201.87
C SER DB 145 -63.51 -144.43 -203.09
N GLY DB 146 -62.34 -143.81 -203.39
CA GLY DB 146 -62.11 -143.06 -204.62
C GLY DB 146 -61.55 -143.96 -205.72
N ARG DB 147 -61.64 -143.49 -206.98
CA ARG DB 147 -61.15 -144.25 -208.12
C ARG DB 147 -59.63 -144.21 -208.20
N SER DB 148 -59.04 -143.01 -208.04
CA SER DB 148 -57.60 -142.81 -208.15
C SER DB 148 -57.18 -141.49 -207.48
N VAL DB 149 -55.87 -141.37 -207.20
CA VAL DB 149 -55.24 -140.11 -206.80
C VAL DB 149 -54.92 -139.33 -208.08
N THR DB 150 -55.54 -138.15 -208.24
CA THR DB 150 -55.34 -137.33 -209.44
C THR DB 150 -54.13 -136.41 -209.29
N ASN DB 151 -53.79 -136.07 -208.03
CA ASN DB 151 -52.69 -135.17 -207.75
C ASN DB 151 -52.10 -135.47 -206.37
N LEU DB 152 -50.75 -135.57 -206.33
CA LEU DB 152 -49.97 -135.56 -205.11
C LEU DB 152 -48.65 -134.83 -205.40
N ALA DB 153 -48.59 -133.57 -204.93
CA ALA DB 153 -47.48 -132.69 -205.28
C ALA DB 153 -47.25 -131.65 -204.19
N ASP DB 154 -46.03 -131.10 -204.18
CA ASP DB 154 -45.74 -129.83 -203.51
C ASP DB 154 -46.35 -128.69 -204.33
N THR DB 155 -47.34 -128.00 -203.74
CA THR DB 155 -48.05 -126.91 -204.40
C THR DB 155 -47.60 -125.54 -203.85
N SER DB 156 -46.52 -125.50 -203.06
CA SER DB 156 -45.98 -124.24 -202.54
C SER DB 156 -45.35 -123.40 -203.66
N GLY DB 157 -45.24 -122.09 -203.44
CA GLY DB 157 -44.76 -121.13 -204.42
C GLY DB 157 -43.31 -121.36 -204.82
N ALA EB 2 -76.13 -122.16 -200.03
CA ALA EB 2 -76.53 -123.24 -199.07
C ALA EB 2 -76.10 -122.86 -197.66
N THR EB 3 -76.73 -123.50 -196.65
CA THR EB 3 -76.53 -123.19 -195.24
C THR EB 3 -75.13 -123.64 -194.80
N SER EB 4 -74.46 -122.82 -193.98
CA SER EB 4 -73.14 -123.13 -193.44
C SER EB 4 -73.19 -124.39 -192.57
N PRO EB 5 -72.22 -125.34 -192.67
CA PRO EB 5 -72.15 -126.47 -191.74
C PRO EB 5 -71.94 -125.99 -190.29
N GLU EB 6 -72.57 -126.68 -189.34
CA GLU EB 6 -72.61 -126.23 -187.95
C GLU EB 6 -72.56 -127.44 -187.01
N GLY EB 7 -72.02 -127.25 -185.80
CA GLY EB 7 -72.04 -128.28 -184.77
C GLY EB 7 -73.47 -128.61 -184.33
N ILE EB 8 -73.70 -129.84 -183.87
CA ILE EB 8 -75.00 -130.25 -183.32
C ILE EB 8 -74.75 -130.84 -181.94
N TRP EB 9 -75.52 -130.37 -180.94
CA TRP EB 9 -75.39 -130.82 -179.57
C TRP EB 9 -76.40 -131.95 -179.32
N SER EB 10 -75.91 -133.11 -178.84
CA SER EB 10 -76.72 -134.33 -178.73
C SER EB 10 -77.97 -134.10 -177.88
N ASN EB 11 -77.81 -133.41 -176.74
CA ASN EB 11 -78.87 -133.23 -175.75
C ASN EB 11 -79.98 -132.31 -176.26
N SER EB 12 -79.78 -131.65 -177.42
CA SER EB 12 -80.79 -130.81 -178.05
C SER EB 12 -81.78 -131.63 -178.88
N GLY EB 13 -81.54 -132.94 -179.05
CA GLY EB 13 -82.38 -133.80 -179.86
C GLY EB 13 -83.74 -134.10 -179.23
N ALA EB 14 -84.75 -134.30 -180.09
CA ALA EB 14 -86.09 -134.71 -179.70
C ALA EB 14 -86.57 -135.84 -180.62
N LEU EB 15 -86.36 -137.09 -180.16
CA LEU EB 15 -86.76 -138.30 -180.87
C LEU EB 15 -88.24 -138.61 -180.57
N THR EB 16 -88.97 -139.08 -181.60
CA THR EB 16 -90.34 -139.53 -181.45
C THR EB 16 -90.59 -140.77 -182.32
N PHE EB 17 -91.55 -141.60 -181.90
CA PHE EB 17 -91.99 -142.76 -182.65
C PHE EB 17 -93.49 -142.62 -182.96
N GLU EB 18 -93.89 -143.09 -184.15
CA GLU EB 18 -95.28 -143.04 -184.58
C GLU EB 18 -95.70 -144.38 -185.16
N ASP EB 19 -96.96 -144.76 -184.92
CA ASP EB 19 -97.59 -145.88 -185.59
C ASP EB 19 -97.92 -145.48 -187.02
N PRO EB 20 -97.36 -146.16 -188.08
CA PRO EB 20 -97.67 -145.81 -189.46
C PRO EB 20 -99.12 -146.03 -189.91
N ALA EB 21 -99.92 -146.72 -189.08
CA ALA EB 21 -101.34 -146.93 -189.37
C ALA EB 21 -102.20 -145.72 -188.98
N ASP EB 22 -101.68 -144.87 -188.07
CA ASP EB 22 -102.44 -143.78 -187.46
C ASP EB 22 -101.76 -142.42 -187.66
N ASP EB 23 -100.42 -142.43 -187.74
CA ASP EB 23 -99.56 -141.29 -187.41
C ASP EB 23 -99.71 -140.86 -185.94
N SER EB 24 -100.22 -141.76 -185.06
CA SER EB 24 -100.31 -141.49 -183.63
C SER EB 24 -98.95 -141.74 -182.96
N GLU EB 25 -98.62 -140.94 -181.93
CA GLU EB 25 -97.36 -141.09 -181.21
C GLU EB 25 -97.39 -142.35 -180.33
N ILE EB 26 -96.24 -143.06 -180.31
CA ILE EB 26 -95.97 -144.15 -179.37
C ILE EB 26 -95.01 -143.59 -178.32
N LEU EB 27 -95.43 -143.63 -177.04
CA LEU EB 27 -94.71 -142.93 -175.97
C LEU EB 27 -93.33 -143.56 -175.77
N PHE EB 28 -92.30 -142.72 -175.94
CA PHE EB 28 -90.90 -143.10 -175.84
C PHE EB 28 -90.10 -141.90 -175.36
N ALA EB 29 -89.16 -142.12 -174.44
CA ALA EB 29 -88.46 -141.04 -173.74
C ALA EB 29 -87.16 -141.56 -173.14
N GLY EB 30 -86.35 -140.63 -172.59
CA GLY EB 30 -85.17 -140.98 -171.81
C GLY EB 30 -84.00 -141.50 -172.65
N VAL EB 31 -83.88 -140.98 -173.88
CA VAL EB 31 -82.81 -141.32 -174.83
C VAL EB 31 -81.45 -140.91 -174.23
N ARG EB 32 -80.41 -141.70 -174.54
CA ARG EB 32 -79.04 -141.38 -174.16
C ARG EB 32 -78.10 -141.41 -175.38
N ASP EB 33 -78.39 -142.27 -176.37
CA ASP EB 33 -77.69 -142.26 -177.65
C ASP EB 33 -78.68 -142.53 -178.79
N VAL EB 34 -78.40 -141.94 -179.97
CA VAL EB 34 -79.10 -142.26 -181.21
C VAL EB 34 -78.08 -142.28 -182.35
N THR EB 35 -78.14 -143.34 -183.17
CA THR EB 35 -77.48 -143.35 -184.48
C THR EB 35 -78.53 -143.64 -185.56
N ILE EB 36 -78.60 -142.77 -186.58
CA ILE EB 36 -79.37 -143.04 -187.78
C ILE EB 36 -78.40 -142.97 -188.97
N THR EB 37 -78.31 -144.08 -189.71
CA THR EB 37 -77.37 -144.19 -190.82
C THR EB 37 -78.06 -144.83 -192.03
N PRO EB 38 -78.51 -144.04 -193.04
CA PRO EB 38 -78.83 -144.60 -194.35
C PRO EB 38 -77.57 -145.19 -194.99
N ALA EB 39 -77.75 -146.39 -195.58
CA ALA EB 39 -76.66 -147.17 -196.13
C ALA EB 39 -77.13 -147.87 -197.40
N TYR EB 40 -76.17 -148.13 -198.29
CA TYR EB 40 -76.34 -149.04 -199.42
C TYR EB 40 -75.10 -149.94 -199.44
N GLU EB 41 -75.25 -151.12 -200.06
CA GLU EB 41 -74.08 -151.88 -200.47
C GLU EB 41 -73.56 -151.26 -201.78
N HIS EB 42 -72.22 -151.22 -201.94
CA HIS EB 42 -71.61 -150.74 -203.17
C HIS EB 42 -70.97 -151.92 -203.91
N ALA EB 43 -71.39 -152.12 -205.17
CA ALA EB 43 -70.66 -152.98 -206.09
C ALA EB 43 -69.67 -152.11 -206.88
N GLU EB 44 -68.36 -152.30 -206.62
CA GLU EB 44 -67.30 -151.68 -207.40
C GLU EB 44 -66.91 -152.64 -208.53
N LEU EB 45 -66.92 -152.13 -209.77
CA LEU EB 45 -66.78 -152.96 -210.97
C LEU EB 45 -65.59 -152.47 -211.81
N TYR EB 46 -64.89 -153.41 -212.44
CA TYR EB 46 -63.64 -153.17 -213.16
C TYR EB 46 -63.79 -153.61 -214.62
N THR EB 47 -63.01 -152.99 -215.53
CA THR EB 47 -62.95 -153.45 -216.92
C THR EB 47 -61.89 -154.54 -217.09
N ILE EB 48 -61.79 -155.06 -218.32
CA ILE EB 48 -60.94 -156.18 -218.69
C ILE EB 48 -59.45 -155.80 -218.75
N ASP EB 49 -59.13 -154.52 -219.00
CA ASP EB 49 -57.81 -154.09 -219.48
C ASP EB 49 -57.13 -153.14 -218.49
N SER EB 50 -57.77 -152.86 -217.35
CA SER EB 50 -57.36 -151.76 -216.48
C SER EB 50 -57.49 -152.14 -215.00
N THR EB 51 -56.55 -151.66 -214.19
CA THR EB 51 -56.57 -151.79 -212.73
C THR EB 51 -57.51 -150.79 -212.07
N PHE EB 52 -57.97 -149.77 -212.82
CA PHE EB 52 -58.83 -148.73 -212.28
C PHE EB 52 -60.29 -149.16 -212.37
N ARG EB 53 -61.09 -148.69 -211.39
CA ARG EB 53 -62.52 -148.93 -211.30
C ARG EB 53 -63.24 -148.34 -212.52
N ASP EB 54 -64.15 -149.13 -213.11
CA ASP EB 54 -64.95 -148.69 -214.26
C ASP EB 54 -66.18 -147.93 -213.78
N GLU EB 55 -66.95 -148.57 -212.89
CA GLU EB 55 -68.18 -148.02 -212.35
C GLU EB 55 -68.39 -148.53 -210.93
N VAL EB 56 -69.24 -147.82 -210.18
CA VAL EB 56 -69.67 -148.24 -208.85
C VAL EB 56 -71.17 -148.00 -208.69
N LYS EB 57 -71.86 -148.95 -208.05
CA LYS EB 57 -73.33 -149.00 -208.03
C LYS EB 57 -73.86 -149.28 -206.63
N ARG EB 58 -74.92 -148.54 -206.26
CA ARG EB 58 -75.69 -148.75 -205.03
C ARG EB 58 -76.66 -149.92 -205.21
N TYR EB 59 -76.78 -150.73 -204.16
CA TYR EB 59 -77.84 -151.74 -204.06
C TYR EB 59 -78.24 -151.94 -202.59
N GLU EB 60 -79.41 -152.59 -202.38
CA GLU EB 60 -79.83 -153.11 -201.08
C GLU EB 60 -79.77 -152.00 -200.03
N HIS EB 61 -80.67 -151.01 -200.16
CA HIS EB 61 -80.75 -149.87 -199.26
C HIS EB 61 -81.41 -150.27 -197.93
N ASN EB 62 -80.92 -149.68 -196.83
CA ASN EB 62 -81.58 -149.72 -195.53
C ASN EB 62 -81.10 -148.53 -194.70
N VAL EB 63 -81.83 -148.24 -193.61
CA VAL EB 63 -81.39 -147.23 -192.65
C VAL EB 63 -81.12 -147.94 -191.32
N ASN EB 64 -79.84 -148.06 -190.95
CA ASN EB 64 -79.47 -148.58 -189.65
C ASN EB 64 -79.90 -147.56 -188.58
N VAL EB 65 -80.76 -148.02 -187.66
CA VAL EB 65 -81.21 -147.23 -186.52
C VAL EB 65 -80.76 -147.96 -185.25
N GLU EB 66 -80.04 -147.24 -184.38
CA GLU EB 66 -79.81 -147.78 -183.05
C GLU EB 66 -79.90 -146.68 -181.99
N ILE EB 67 -80.56 -147.04 -180.89
CA ILE EB 67 -80.94 -146.13 -179.82
C ILE EB 67 -80.57 -146.78 -178.49
N THR EB 68 -79.93 -146.00 -177.60
CA THR EB 68 -79.78 -146.38 -176.20
C THR EB 68 -80.63 -145.43 -175.36
N TYR EB 69 -81.43 -145.99 -174.44
CA TYR EB 69 -82.39 -145.21 -173.67
C TYR EB 69 -82.57 -145.83 -172.27
N ALA EB 70 -83.06 -145.00 -171.32
CA ALA EB 70 -83.03 -145.35 -169.90
C ALA EB 70 -84.38 -145.13 -169.19
N LYS EB 71 -85.44 -144.75 -169.93
CA LYS EB 71 -86.80 -144.73 -169.42
C LYS EB 71 -87.62 -145.80 -170.15
N PHE EB 72 -88.12 -146.80 -169.40
CA PHE EB 72 -88.86 -147.90 -169.99
C PHE EB 72 -90.27 -147.44 -170.38
N SER EB 73 -90.76 -147.92 -171.53
CA SER EB 73 -92.11 -147.64 -172.00
C SER EB 73 -92.89 -148.94 -172.16
N LEU EB 74 -94.04 -149.05 -171.47
CA LEU EB 74 -94.92 -150.19 -171.64
C LEU EB 74 -95.61 -150.15 -173.01
N GLU EB 75 -95.95 -148.94 -173.49
CA GLU EB 75 -96.61 -148.79 -174.78
C GLU EB 75 -95.70 -149.29 -175.91
N PHE EB 76 -94.45 -148.82 -175.94
CA PHE EB 76 -93.50 -149.21 -176.98
C PHE EB 76 -93.30 -150.74 -177.02
N ALA EB 77 -93.16 -151.34 -175.82
CA ALA EB 77 -92.96 -152.78 -175.70
C ALA EB 77 -94.20 -153.57 -176.13
N GLN EB 78 -95.40 -153.12 -175.74
CA GLN EB 78 -96.64 -153.82 -176.05
C GLN EB 78 -97.03 -153.65 -177.52
N GLU EB 79 -96.66 -152.52 -178.14
CA GLU EB 79 -96.73 -152.32 -179.58
C GLU EB 79 -95.83 -153.32 -180.31
N TRP EB 80 -94.57 -153.46 -179.86
CA TRP EB 80 -93.62 -154.39 -180.46
C TRP EB 80 -94.15 -155.83 -180.39
N LEU EB 81 -94.68 -156.23 -179.23
CA LEU EB 81 -95.23 -157.58 -179.03
C LEU EB 81 -96.42 -157.81 -179.96
N GLY EB 82 -97.32 -156.81 -180.06
CA GLY EB 82 -98.59 -156.94 -180.76
C GLY EB 82 -98.48 -157.05 -182.28
N GLY EB 83 -97.41 -156.50 -182.88
CA GLY EB 83 -97.29 -156.42 -184.33
C GLY EB 83 -98.12 -155.25 -184.89
N PRO EB 84 -98.28 -155.14 -186.24
CA PRO EB 84 -99.00 -154.01 -186.84
C PRO EB 84 -100.44 -153.84 -186.34
N GLY EB 85 -100.76 -152.62 -185.90
CA GLY EB 85 -102.11 -152.19 -185.56
C GLY EB 85 -102.71 -152.85 -184.30
N ALA EB 86 -101.87 -153.41 -183.42
CA ALA EB 86 -102.32 -154.05 -182.20
C ALA EB 86 -101.27 -153.97 -181.10
N THR EB 87 -101.71 -154.09 -179.84
CA THR EB 87 -100.84 -154.23 -178.68
C THR EB 87 -101.12 -155.55 -177.97
N ALA EB 88 -100.08 -156.17 -177.39
CA ALA EB 88 -100.24 -157.42 -176.64
C ALA EB 88 -99.35 -157.43 -175.39
N THR EB 89 -99.84 -158.11 -174.34
CA THR EB 89 -99.11 -158.31 -173.10
C THR EB 89 -98.28 -159.61 -173.14
N ALA EB 90 -98.20 -160.28 -174.29
CA ALA EB 90 -97.52 -161.56 -174.44
C ALA EB 90 -97.00 -161.71 -175.87
N SER EB 91 -95.98 -162.56 -176.09
CA SER EB 91 -95.47 -162.86 -177.43
C SER EB 91 -96.61 -163.32 -178.34
N GLN EB 92 -96.55 -162.89 -179.61
CA GLN EB 92 -97.53 -163.29 -180.62
C GLN EB 92 -96.89 -164.25 -181.62
N ASP EB 93 -97.60 -165.34 -181.91
CA ASP EB 93 -97.15 -166.33 -182.87
C ASP EB 93 -97.65 -165.97 -184.27
N ASP EB 94 -97.05 -164.92 -184.86
CA ASP EB 94 -97.35 -164.48 -186.22
C ASP EB 94 -96.12 -163.84 -186.87
N SER EB 95 -96.16 -163.71 -188.21
CA SER EB 95 -94.97 -163.40 -189.01
C SER EB 95 -94.83 -161.90 -189.37
N ASP EB 96 -95.77 -161.03 -188.95
CA ASP EB 96 -95.67 -159.61 -189.25
C ASP EB 96 -95.06 -158.84 -188.08
N PRO EB 97 -93.86 -158.21 -188.22
CA PRO EB 97 -93.29 -157.38 -187.16
C PRO EB 97 -93.97 -156.01 -187.09
N MET EB 98 -93.96 -155.42 -185.90
CA MET EB 98 -94.37 -154.04 -185.71
C MET EB 98 -93.37 -153.12 -186.43
N LYS EB 99 -93.89 -152.31 -187.36
CA LYS EB 99 -93.11 -151.32 -188.10
C LYS EB 99 -93.39 -149.94 -187.48
N PHE EB 100 -92.31 -149.26 -187.07
CA PHE EB 100 -92.41 -147.95 -186.44
C PHE EB 100 -91.95 -146.89 -187.42
N ASN EB 101 -92.71 -145.78 -187.53
CA ASN EB 101 -92.15 -144.57 -188.11
C ASN EB 101 -91.37 -143.84 -187.02
N LEU EB 102 -90.23 -143.25 -187.42
CA LEU EB 102 -89.32 -142.59 -186.50
C LEU EB 102 -89.03 -141.18 -187.02
N GLU EB 103 -88.95 -140.21 -186.09
CA GLU EB 103 -88.49 -138.87 -186.43
C GLU EB 103 -87.61 -138.33 -185.30
N ASN EB 104 -86.52 -137.64 -185.67
CA ASN EB 104 -85.67 -136.95 -184.71
C ASN EB 104 -85.45 -135.51 -185.19
N VAL EB 105 -85.64 -134.55 -184.27
CA VAL EB 105 -85.49 -133.13 -184.56
C VAL EB 105 -84.37 -132.57 -183.67
N THR EB 106 -83.38 -131.92 -184.30
CA THR EB 106 -82.25 -131.34 -183.59
C THR EB 106 -81.96 -129.92 -184.11
N PRO EB 107 -82.04 -128.87 -183.25
CA PRO EB 107 -81.44 -127.57 -183.57
C PRO EB 107 -79.92 -127.68 -183.73
N SER EB 108 -79.34 -126.89 -184.63
CA SER EB 108 -77.90 -126.75 -184.71
C SER EB 108 -77.40 -125.91 -183.52
N ALA EB 109 -76.11 -126.02 -183.19
CA ALA EB 109 -75.55 -125.53 -181.93
C ALA EB 109 -75.65 -124.01 -181.78
N SER EB 110 -75.54 -123.26 -182.90
CA SER EB 110 -75.68 -121.81 -182.93
C SER EB 110 -77.00 -121.35 -183.56
N GLY EB 111 -77.97 -122.28 -183.72
CA GLY EB 111 -79.30 -121.97 -184.21
C GLY EB 111 -79.39 -121.66 -185.72
N GLY EB 112 -78.35 -122.01 -186.48
CA GLY EB 112 -78.29 -121.80 -187.93
C GLY EB 112 -79.35 -122.56 -188.72
N PHE EB 113 -79.74 -123.75 -188.25
CA PHE EB 113 -80.76 -124.60 -188.87
C PHE EB 113 -81.42 -125.52 -187.84
N GLU EB 114 -82.54 -126.14 -188.22
CA GLU EB 114 -83.16 -127.19 -187.42
C GLU EB 114 -83.26 -128.46 -188.25
N ARG EB 115 -82.35 -129.41 -187.98
CA ARG EB 115 -82.23 -130.63 -188.77
C ARG EB 115 -83.30 -131.63 -188.32
N THR EB 116 -84.24 -131.95 -189.23
CA THR EB 116 -85.23 -133.00 -189.02
C THR EB 116 -84.84 -134.22 -189.86
N THR EB 117 -84.71 -135.38 -189.19
CA THR EB 117 -84.49 -136.67 -189.83
C THR EB 117 -85.69 -137.58 -189.58
N ALA EB 118 -86.30 -138.13 -190.65
CA ALA EB 118 -87.43 -139.04 -190.52
C ALA EB 118 -87.17 -140.34 -191.29
N VAL EB 119 -87.57 -141.48 -190.68
CA VAL EB 119 -87.28 -142.82 -191.18
C VAL EB 119 -88.58 -143.65 -191.17
N GLU EB 120 -88.86 -144.35 -192.26
CA GLU EB 120 -90.07 -145.16 -192.36
C GLU EB 120 -89.78 -146.62 -192.00
N ASN EB 121 -90.79 -147.29 -191.41
CA ASN EB 121 -90.87 -148.74 -191.23
C ASN EB 121 -89.62 -149.30 -190.54
N VAL EB 122 -89.19 -148.66 -189.44
CA VAL EB 122 -88.12 -149.20 -188.60
C VAL EB 122 -88.65 -150.45 -187.91
N VAL EB 123 -87.87 -151.54 -187.98
CA VAL EB 123 -88.19 -152.78 -187.27
C VAL EB 123 -87.00 -153.16 -186.40
N PHE EB 124 -87.30 -153.71 -185.22
CA PHE EB 124 -86.30 -154.15 -184.27
C PHE EB 124 -86.38 -155.67 -184.12
N PRO EB 125 -85.36 -156.46 -184.57
CA PRO EB 125 -85.39 -157.92 -184.44
C PRO EB 125 -85.58 -158.44 -183.00
N GLU EB 126 -85.09 -157.67 -182.02
CA GLU EB 126 -85.19 -158.03 -180.62
C GLU EB 126 -85.47 -156.79 -179.78
N LEU EB 127 -86.28 -157.00 -178.73
CA LEU EB 127 -86.71 -155.95 -177.83
C LEU EB 127 -86.17 -156.26 -176.43
N PRO EB 128 -85.29 -155.40 -175.83
CA PRO EB 128 -84.87 -155.61 -174.45
C PRO EB 128 -86.01 -155.22 -173.49
N LEU EB 129 -86.51 -156.22 -172.73
CA LEU EB 129 -87.57 -155.97 -171.77
C LEU EB 129 -86.98 -155.56 -170.42
N ASP EB 130 -86.04 -156.37 -169.92
CA ASP EB 130 -85.34 -156.11 -168.67
C ASP EB 130 -83.84 -156.02 -168.97
N SER EB 131 -83.16 -155.08 -168.30
CA SER EB 131 -81.76 -154.79 -168.55
C SER EB 131 -81.10 -154.25 -167.27
N ALA EB 132 -81.22 -155.03 -166.18
CA ALA EB 132 -80.78 -154.64 -164.86
C ALA EB 132 -79.28 -154.92 -164.68
N THR EB 133 -78.58 -153.96 -164.06
CA THR EB 133 -77.19 -154.10 -163.63
C THR EB 133 -77.08 -153.51 -162.22
N TYR EB 134 -76.35 -154.18 -161.33
CA TYR EB 134 -76.25 -153.76 -159.94
C TYR EB 134 -75.75 -152.32 -159.83
N GLY EB 135 -76.51 -151.47 -159.11
CA GLY EB 135 -76.12 -150.10 -158.81
C GLY EB 135 -76.30 -149.13 -159.99
N GLU EB 136 -77.15 -149.50 -160.97
CA GLU EB 136 -77.38 -148.68 -162.17
C GLU EB 136 -78.88 -148.67 -162.49
N TYR EB 137 -79.35 -147.59 -163.16
CA TYR EB 137 -80.66 -147.60 -163.79
C TYR EB 137 -80.62 -148.58 -164.96
N GLU EB 138 -81.76 -149.21 -165.26
CA GLU EB 138 -81.85 -150.08 -166.41
C GLU EB 138 -81.62 -149.26 -167.69
N GLU EB 139 -80.74 -149.77 -168.56
CA GLU EB 139 -80.42 -149.09 -169.82
C GLU EB 139 -80.62 -150.09 -170.98
N TYR EB 140 -81.38 -149.64 -171.99
CA TYR EB 140 -81.88 -150.48 -173.07
C TYR EB 140 -81.23 -150.07 -174.39
N SER EB 141 -80.72 -151.05 -175.14
CA SER EB 141 -80.20 -150.80 -176.48
C SER EB 141 -81.08 -151.48 -177.53
N LEU EB 142 -81.61 -150.68 -178.47
CA LEU EB 142 -82.31 -151.15 -179.66
C LEU EB 142 -81.36 -151.03 -180.85
N THR EB 143 -81.27 -152.10 -181.65
CA THR EB 143 -80.74 -152.01 -183.01
C THR EB 143 -81.83 -152.50 -183.96
N GLY EB 144 -82.08 -151.72 -185.02
CA GLY EB 144 -83.11 -152.04 -186.00
C GLY EB 144 -82.79 -151.44 -187.37
N SER EB 145 -83.68 -151.66 -188.34
CA SER EB 145 -83.48 -151.20 -189.71
C SER EB 145 -84.77 -150.60 -190.27
N GLY EB 146 -84.66 -149.36 -190.78
CA GLY EB 146 -85.72 -148.70 -191.52
C GLY EB 146 -85.59 -148.93 -193.03
N ARG EB 147 -86.69 -148.68 -193.76
CA ARG EB 147 -86.76 -148.90 -195.20
C ARG EB 147 -86.06 -147.76 -195.96
N SER EB 148 -86.32 -146.51 -195.56
CA SER EB 148 -85.76 -145.33 -196.22
C SER EB 148 -85.84 -144.10 -195.30
N VAL EB 149 -85.03 -143.09 -195.62
CA VAL EB 149 -85.18 -141.75 -195.06
C VAL EB 149 -86.30 -141.05 -195.84
N THR EB 150 -87.38 -140.66 -195.14
CA THR EB 150 -88.50 -139.99 -195.79
C THR EB 150 -88.29 -138.48 -195.83
N ASN EB 151 -87.46 -137.97 -194.90
CA ASN EB 151 -87.22 -136.53 -194.79
C ASN EB 151 -85.87 -136.26 -194.13
N LEU EB 152 -85.07 -135.41 -194.77
CA LEU EB 152 -83.90 -134.77 -194.19
C LEU EB 152 -83.87 -133.31 -194.67
N ALA EB 153 -84.26 -132.39 -193.77
CA ALA EB 153 -84.46 -131.01 -194.14
C ALA EB 153 -84.17 -130.07 -192.96
N ASP EB 154 -83.91 -128.80 -193.29
CA ASP EB 154 -83.99 -127.70 -192.33
C ASP EB 154 -85.47 -127.33 -192.14
N THR EB 155 -86.00 -127.59 -190.94
CA THR EB 155 -87.40 -127.32 -190.64
C THR EB 155 -87.59 -125.98 -189.89
N SER EB 156 -86.51 -125.19 -189.75
CA SER EB 156 -86.62 -123.83 -189.21
C SER EB 156 -87.32 -122.91 -190.22
N GLY EB 157 -87.87 -121.78 -189.73
CA GLY EB 157 -88.57 -120.83 -190.58
C GLY EB 157 -89.07 -119.61 -189.83
N ALA FB 2 -101.84 -143.52 -172.51
CA ALA FB 2 -100.91 -144.59 -172.02
C ALA FB 2 -100.08 -144.07 -170.85
N THR FB 3 -99.38 -144.98 -170.15
CA THR FB 3 -98.54 -144.66 -169.00
C THR FB 3 -97.26 -143.97 -169.48
N SER FB 4 -96.85 -142.90 -168.79
CA SER FB 4 -95.62 -142.17 -169.08
C SER FB 4 -94.40 -143.09 -168.95
N PRO FB 5 -93.43 -143.06 -169.90
CA PRO FB 5 -92.15 -143.77 -169.69
C PRO FB 5 -91.40 -143.22 -168.48
N GLU FB 6 -90.73 -144.12 -167.75
CA GLU FB 6 -90.12 -143.79 -166.46
C GLU FB 6 -88.82 -144.60 -166.30
N GLY FB 7 -87.86 -144.03 -165.54
CA GLY FB 7 -86.65 -144.76 -165.15
C GLY FB 7 -86.99 -146.01 -164.34
N ILE FB 8 -86.14 -147.04 -164.45
CA ILE FB 8 -86.26 -148.23 -163.61
C ILE FB 8 -84.91 -148.45 -162.92
N TRP FB 9 -84.97 -148.71 -161.61
CA TRP FB 9 -83.78 -148.87 -160.79
C TRP FB 9 -83.53 -150.37 -160.61
N SER FB 10 -82.33 -150.84 -161.02
CA SER FB 10 -82.01 -152.26 -161.12
C SER FB 10 -82.17 -152.98 -159.77
N ASN FB 11 -81.82 -152.30 -158.67
CA ASN FB 11 -81.80 -152.92 -157.34
C ASN FB 11 -83.21 -153.10 -156.75
N SER FB 12 -84.23 -152.50 -157.38
CA SER FB 12 -85.63 -152.65 -156.95
C SER FB 12 -86.27 -153.92 -157.51
N GLY FB 13 -85.55 -154.66 -158.38
CA GLY FB 13 -86.08 -155.86 -159.02
C GLY FB 13 -86.19 -157.06 -158.08
N ALA FB 14 -87.16 -157.94 -158.36
CA ALA FB 14 -87.36 -159.20 -157.66
C ALA FB 14 -87.58 -160.31 -158.68
N LEU FB 15 -86.52 -161.10 -158.94
CA LEU FB 15 -86.55 -162.26 -159.84
C LEU FB 15 -86.96 -163.51 -159.05
N THR FB 16 -87.77 -164.36 -159.70
CA THR FB 16 -88.18 -165.64 -159.13
C THR FB 16 -88.25 -166.71 -160.23
N PHE FB 17 -87.91 -167.95 -159.86
CA PHE FB 17 -88.00 -169.11 -160.73
C PHE FB 17 -89.03 -170.09 -160.17
N GLU FB 18 -89.81 -170.72 -161.06
CA GLU FB 18 -90.83 -171.69 -160.68
C GLU FB 18 -90.71 -172.95 -161.54
N ASP FB 19 -90.99 -174.11 -160.92
CA ASP FB 19 -91.17 -175.36 -161.62
C ASP FB 19 -92.51 -175.33 -162.36
N PRO FB 20 -92.53 -175.44 -163.72
CA PRO FB 20 -93.79 -175.44 -164.47
C PRO FB 20 -94.74 -176.62 -164.21
N ALA FB 21 -94.23 -177.67 -163.53
CA ALA FB 21 -95.08 -178.80 -163.16
C ALA FB 21 -96.00 -178.47 -161.99
N ASP FB 22 -95.57 -177.53 -161.12
CA ASP FB 22 -96.23 -177.22 -159.86
C ASP FB 22 -96.71 -175.77 -159.79
N ASP FB 23 -96.00 -174.86 -160.47
CA ASP FB 23 -95.93 -173.44 -160.15
C ASP FB 23 -95.32 -173.21 -158.75
N SER FB 24 -94.42 -174.11 -158.29
CA SER FB 24 -93.75 -173.98 -157.01
C SER FB 24 -92.41 -173.27 -157.18
N GLU FB 25 -92.04 -172.40 -156.22
CA GLU FB 25 -90.81 -171.62 -156.31
C GLU FB 25 -89.58 -172.51 -156.12
N ILE FB 26 -88.58 -172.30 -156.99
CA ILE FB 26 -87.24 -172.84 -156.87
C ILE FB 26 -86.37 -171.74 -156.26
N LEU FB 27 -85.71 -172.04 -155.13
CA LEU FB 27 -84.96 -171.04 -154.38
C LEU FB 27 -83.80 -170.50 -155.21
N PHE FB 28 -83.79 -169.17 -155.38
CA PHE FB 28 -82.81 -168.45 -156.17
C PHE FB 28 -82.74 -167.01 -155.65
N ALA FB 29 -81.53 -166.45 -155.53
CA ALA FB 29 -81.34 -165.18 -154.83
C ALA FB 29 -80.02 -164.53 -155.25
N GLY FB 30 -79.86 -163.26 -154.86
CA GLY FB 30 -78.59 -162.54 -154.94
C GLY FB 30 -78.12 -162.28 -156.37
N VAL FB 31 -79.06 -161.88 -157.26
CA VAL FB 31 -78.70 -161.48 -158.60
C VAL FB 31 -77.98 -160.12 -158.56
N ARG FB 32 -77.14 -159.89 -159.58
CA ARG FB 32 -76.44 -158.64 -159.79
C ARG FB 32 -76.85 -158.03 -161.13
N ASP FB 33 -76.89 -158.87 -162.18
CA ASP FB 33 -77.37 -158.46 -163.49
C ASP FB 33 -78.50 -159.38 -163.94
N VAL FB 34 -79.50 -158.83 -164.66
CA VAL FB 34 -80.57 -159.59 -165.32
C VAL FB 34 -80.88 -158.91 -166.66
N THR FB 35 -80.82 -159.68 -167.75
CA THR FB 35 -81.27 -159.21 -169.06
C THR FB 35 -82.26 -160.21 -169.66
N ILE FB 36 -83.43 -159.69 -170.08
CA ILE FB 36 -84.47 -160.48 -170.76
C ILE FB 36 -84.78 -159.80 -172.09
N THR FB 37 -84.71 -160.56 -173.19
CA THR FB 37 -84.81 -160.01 -174.53
C THR FB 37 -85.60 -160.96 -175.44
N PRO FB 38 -86.94 -160.78 -175.62
CA PRO FB 38 -87.66 -161.45 -176.71
C PRO FB 38 -87.10 -161.03 -178.07
N ALA FB 39 -86.97 -162.03 -178.95
CA ALA FB 39 -86.31 -161.88 -180.24
C ALA FB 39 -87.01 -162.74 -181.28
N TYR FB 40 -86.88 -162.32 -182.54
CA TYR FB 40 -87.25 -163.13 -183.68
C TYR FB 40 -86.13 -163.03 -184.72
N GLU FB 41 -86.02 -164.05 -185.57
CA GLU FB 41 -85.30 -163.86 -186.82
C GLU FB 41 -86.17 -162.98 -187.73
N HIS FB 42 -85.58 -161.92 -188.28
CA HIS FB 42 -86.23 -161.11 -189.30
C HIS FB 42 -85.63 -161.43 -190.66
N ALA FB 43 -86.47 -161.91 -191.58
CA ALA FB 43 -86.10 -161.93 -192.99
C ALA FB 43 -86.42 -160.56 -193.59
N GLU FB 44 -85.39 -159.85 -194.08
CA GLU FB 44 -85.57 -158.57 -194.76
C GLU FB 44 -85.59 -158.82 -196.27
N LEU FB 45 -86.79 -158.78 -196.87
CA LEU FB 45 -86.99 -159.20 -198.25
C LEU FB 45 -86.86 -158.00 -199.20
N TYR FB 46 -86.13 -158.22 -200.31
CA TYR FB 46 -85.96 -157.26 -201.40
C TYR FB 46 -86.52 -157.83 -202.70
N THR FB 47 -86.94 -156.94 -203.60
CA THR FB 47 -87.56 -157.27 -204.89
C THR FB 47 -86.56 -157.15 -206.04
N ILE FB 48 -87.03 -157.47 -207.26
CA ILE FB 48 -86.36 -157.15 -208.51
C ILE FB 48 -86.38 -155.62 -208.70
N ASP FB 49 -85.29 -155.07 -209.28
CA ASP FB 49 -85.10 -153.68 -209.70
C ASP FB 49 -84.96 -152.72 -208.52
N SER FB 50 -85.94 -152.70 -207.59
CA SER FB 50 -85.89 -151.78 -206.47
C SER FB 50 -84.68 -152.10 -205.59
N THR FB 51 -84.02 -151.03 -205.11
CA THR FB 51 -82.98 -151.10 -204.10
C THR FB 51 -83.58 -151.10 -202.70
N PHE FB 52 -84.86 -150.72 -202.57
CA PHE FB 52 -85.51 -150.61 -201.27
C PHE FB 52 -86.05 -151.98 -200.83
N ARG FB 53 -86.10 -152.19 -199.51
CA ARG FB 53 -86.71 -153.34 -198.87
C ARG FB 53 -88.21 -153.36 -199.19
N ASP FB 54 -88.74 -154.54 -199.55
CA ASP FB 54 -90.14 -154.67 -199.94
C ASP FB 54 -91.00 -155.08 -198.74
N GLU FB 55 -90.54 -156.11 -198.02
CA GLU FB 55 -91.22 -156.62 -196.84
C GLU FB 55 -90.19 -157.07 -195.80
N VAL FB 56 -90.67 -157.25 -194.56
CA VAL FB 56 -89.88 -157.89 -193.52
C VAL FB 56 -90.80 -158.80 -192.69
N LYS FB 57 -90.31 -160.02 -192.40
CA LYS FB 57 -91.10 -161.09 -191.80
C LYS FB 57 -90.38 -161.67 -190.58
N ARG FB 58 -91.16 -161.92 -189.51
CA ARG FB 58 -90.69 -162.59 -188.30
C ARG FB 58 -90.76 -164.11 -188.49
N TYR FB 59 -89.79 -164.81 -187.90
CA TYR FB 59 -89.83 -166.26 -187.73
C TYR FB 59 -88.97 -166.64 -186.52
N GLU FB 60 -89.16 -167.89 -186.02
CA GLU FB 60 -88.23 -168.56 -185.12
C GLU FB 60 -87.98 -167.75 -183.84
N HIS FB 61 -89.07 -167.51 -183.09
CA HIS FB 61 -89.10 -166.74 -181.86
C HIS FB 61 -88.35 -167.45 -180.72
N ASN FB 62 -87.71 -166.65 -179.86
CA ASN FB 62 -87.21 -167.09 -178.56
C ASN FB 62 -87.05 -165.87 -177.65
N VAL FB 63 -86.82 -166.13 -176.35
CA VAL FB 63 -86.50 -165.07 -175.40
C VAL FB 63 -85.10 -165.34 -174.85
N ASN FB 64 -84.13 -164.47 -175.17
CA ASN FB 64 -82.81 -164.56 -174.56
C ASN FB 64 -82.88 -164.10 -173.10
N VAL FB 65 -82.42 -164.97 -172.19
CA VAL FB 65 -82.32 -164.67 -170.77
C VAL FB 65 -80.86 -164.82 -170.37
N GLU FB 66 -80.29 -163.79 -169.72
CA GLU FB 66 -78.99 -163.93 -169.09
C GLU FB 66 -79.01 -163.26 -167.72
N ILE FB 67 -78.46 -163.97 -166.72
CA ILE FB 67 -78.50 -163.58 -165.31
C ILE FB 67 -77.10 -163.76 -164.73
N THR FB 68 -76.59 -162.74 -164.03
CA THR FB 68 -75.41 -162.89 -163.19
C THR FB 68 -75.83 -162.79 -161.72
N TYR FB 69 -75.36 -163.76 -160.91
CA TYR FB 69 -75.79 -163.86 -159.52
C TYR FB 69 -74.62 -164.35 -158.64
N ALA FB 70 -74.71 -164.08 -157.32
CA ALA FB 70 -73.58 -164.25 -156.42
C ALA FB 70 -73.91 -165.04 -155.14
N LYS FB 71 -75.13 -165.59 -155.05
CA LYS FB 71 -75.48 -166.55 -154.00
C LYS FB 71 -75.79 -167.90 -154.64
N PHE FB 72 -75.04 -168.94 -154.28
CA PHE FB 72 -75.23 -170.26 -154.88
C PHE FB 72 -76.49 -170.90 -154.32
N SER FB 73 -77.28 -171.55 -155.20
CA SER FB 73 -78.45 -172.30 -154.81
C SER FB 73 -78.26 -173.79 -155.16
N LEU FB 74 -78.27 -174.65 -154.13
CA LEU FB 74 -78.22 -176.09 -154.32
C LEU FB 74 -79.49 -176.60 -154.99
N GLU FB 75 -80.65 -176.00 -154.65
CA GLU FB 75 -81.91 -176.42 -155.26
C GLU FB 75 -81.89 -176.17 -156.76
N PHE FB 76 -81.56 -174.93 -157.18
CA PHE FB 76 -81.53 -174.58 -158.59
C PHE FB 76 -80.56 -175.49 -159.37
N ALA FB 77 -79.36 -175.72 -158.82
CA ALA FB 77 -78.34 -176.52 -159.47
C ALA FB 77 -78.77 -177.99 -159.61
N GLN FB 78 -79.42 -178.54 -158.58
CA GLN FB 78 -79.84 -179.94 -158.58
C GLN FB 78 -81.11 -180.15 -159.43
N GLU FB 79 -81.93 -179.08 -159.58
CA GLU FB 79 -83.06 -179.09 -160.49
C GLU FB 79 -82.57 -179.11 -161.94
N TRP FB 80 -81.53 -178.31 -162.22
CA TRP FB 80 -80.92 -178.27 -163.55
C TRP FB 80 -80.30 -179.63 -163.91
N LEU FB 81 -79.59 -180.26 -162.96
CA LEU FB 81 -79.00 -181.57 -163.18
C LEU FB 81 -80.08 -182.63 -163.40
N GLY FB 82 -81.17 -182.57 -162.61
CA GLY FB 82 -82.20 -183.58 -162.57
C GLY FB 82 -83.06 -183.67 -163.84
N GLY FB 83 -83.23 -182.53 -164.54
CA GLY FB 83 -84.18 -182.43 -165.64
C GLY FB 83 -85.61 -182.25 -165.15
N PRO FB 84 -86.64 -182.24 -166.06
CA PRO FB 84 -88.03 -181.97 -165.66
C PRO FB 84 -88.60 -182.88 -164.58
N GLY FB 85 -89.16 -182.28 -163.53
CA GLY FB 85 -89.90 -182.96 -162.47
C GLY FB 85 -89.05 -183.87 -161.58
N ALA FB 86 -87.72 -183.67 -161.60
CA ALA FB 86 -86.78 -184.49 -160.84
C ALA FB 86 -85.61 -183.63 -160.34
N THR FB 87 -84.91 -184.14 -159.32
CA THR FB 87 -83.77 -183.48 -158.68
C THR FB 87 -82.63 -184.49 -158.58
N ALA FB 88 -81.38 -184.08 -158.89
CA ALA FB 88 -80.27 -185.02 -158.91
C ALA FB 88 -78.97 -184.39 -158.40
N THR FB 89 -78.15 -185.21 -157.71
CA THR FB 89 -76.84 -184.82 -157.21
C THR FB 89 -75.73 -185.11 -158.24
N ALA FB 90 -76.09 -185.55 -159.45
CA ALA FB 90 -75.12 -185.93 -160.48
C ALA FB 90 -75.70 -185.66 -161.87
N SER FB 91 -74.83 -185.50 -162.89
CA SER FB 91 -75.25 -185.38 -164.28
C SER FB 91 -76.15 -186.55 -164.66
N GLN FB 92 -77.21 -186.26 -165.43
CA GLN FB 92 -78.10 -187.27 -165.95
C GLN FB 92 -77.86 -187.44 -167.44
N ASP FB 93 -77.75 -188.70 -167.87
CA ASP FB 93 -77.57 -189.04 -169.27
C ASP FB 93 -78.96 -189.17 -169.93
N ASP FB 94 -79.65 -188.02 -170.07
CA ASP FB 94 -80.95 -187.96 -170.74
C ASP FB 94 -81.14 -186.62 -171.46
N SER FB 95 -82.07 -186.62 -172.42
CA SER FB 95 -82.16 -185.58 -173.44
C SER FB 95 -83.06 -184.39 -173.02
N ASP FB 96 -83.80 -184.50 -171.90
CA ASP FB 96 -84.74 -183.44 -171.49
C ASP FB 96 -84.06 -182.41 -170.60
N PRO FB 97 -83.94 -181.11 -171.01
CA PRO FB 97 -83.43 -180.07 -170.13
C PRO FB 97 -84.52 -179.67 -169.12
N MET FB 98 -84.09 -179.27 -167.92
CA MET FB 98 -84.98 -178.66 -166.94
C MET FB 98 -85.49 -177.31 -167.49
N LYS FB 99 -86.82 -177.17 -167.55
CA LYS FB 99 -87.48 -175.96 -168.02
C LYS FB 99 -87.97 -175.18 -166.80
N PHE FB 100 -87.55 -173.92 -166.69
CA PHE FB 100 -87.92 -173.05 -165.58
C PHE FB 100 -88.88 -171.99 -166.09
N ASN FB 101 -90.00 -171.77 -165.37
CA ASN FB 101 -90.76 -170.55 -165.55
C ASN FB 101 -90.05 -169.43 -164.79
N LEU FB 102 -89.91 -168.26 -165.43
CA LEU FB 102 -89.18 -167.13 -164.85
C LEU FB 102 -90.12 -165.93 -164.78
N GLU FB 103 -90.04 -165.18 -163.67
CA GLU FB 103 -90.76 -163.92 -163.51
C GLU FB 103 -89.86 -162.90 -162.84
N ASN FB 104 -89.87 -161.66 -163.36
CA ASN FB 104 -89.18 -160.54 -162.74
C ASN FB 104 -90.17 -159.37 -162.57
N VAL FB 105 -90.12 -158.73 -161.39
CA VAL FB 105 -91.04 -157.65 -161.03
C VAL FB 105 -90.23 -156.44 -160.56
N THR FB 106 -90.56 -155.25 -161.09
CA THR FB 106 -89.87 -154.01 -160.75
C THR FB 106 -90.87 -152.86 -160.63
N PRO FB 107 -90.86 -152.07 -159.52
CA PRO FB 107 -91.43 -150.72 -159.53
C PRO FB 107 -90.64 -149.81 -160.46
N SER FB 108 -91.33 -148.87 -161.12
CA SER FB 108 -90.67 -147.77 -161.81
C SER FB 108 -90.12 -146.79 -160.77
N ALA FB 109 -89.12 -145.98 -161.15
CA ALA FB 109 -88.24 -145.28 -160.21
C ALA FB 109 -88.98 -144.25 -159.33
N SER FB 110 -90.10 -143.70 -159.81
CA SER FB 110 -90.93 -142.79 -159.02
C SER FB 110 -92.39 -143.25 -158.93
N GLY FB 111 -92.61 -144.57 -159.03
CA GLY FB 111 -93.85 -145.23 -158.67
C GLY FB 111 -94.98 -145.11 -159.72
N GLY FB 112 -94.65 -144.71 -160.96
CA GLY FB 112 -95.61 -144.58 -162.05
C GLY FB 112 -96.30 -145.90 -162.42
N PHE FB 113 -95.56 -147.03 -162.33
CA PHE FB 113 -96.06 -148.36 -162.66
C PHE FB 113 -95.23 -149.43 -161.94
N GLU FB 114 -95.73 -150.68 -161.96
CA GLU FB 114 -94.95 -151.85 -161.59
C GLU FB 114 -94.90 -152.82 -162.77
N ARG FB 115 -93.73 -152.87 -163.44
CA ARG FB 115 -93.55 -153.74 -164.59
C ARG FB 115 -93.29 -155.17 -164.12
N THR FB 116 -94.14 -156.11 -164.56
CA THR FB 116 -93.92 -157.55 -164.42
C THR FB 116 -93.59 -158.13 -165.80
N THR FB 117 -92.45 -158.84 -165.89
CA THR FB 117 -92.07 -159.63 -167.05
C THR FB 117 -92.08 -161.12 -166.66
N ALA FB 118 -92.80 -161.95 -167.43
CA ALA FB 118 -92.80 -163.39 -167.20
C ALA FB 118 -92.49 -164.16 -168.49
N VAL FB 119 -91.68 -165.22 -168.37
CA VAL FB 119 -91.13 -165.98 -169.49
C VAL FB 119 -91.34 -167.48 -169.23
N GLU FB 120 -91.86 -168.21 -170.22
CA GLU FB 120 -92.11 -169.64 -170.07
C GLU FB 120 -90.93 -170.46 -170.57
N ASN FB 121 -90.68 -171.60 -169.88
CA ASN FB 121 -89.79 -172.67 -170.33
C ASN FB 121 -88.40 -172.15 -170.68
N VAL FB 122 -87.78 -171.38 -169.78
CA VAL FB 122 -86.38 -170.99 -169.91
C VAL FB 122 -85.51 -172.22 -169.68
N VAL FB 123 -84.55 -172.46 -170.58
CA VAL FB 123 -83.57 -173.53 -170.46
C VAL FB 123 -82.16 -172.92 -170.55
N PHE FB 124 -81.20 -173.51 -169.83
CA PHE FB 124 -79.83 -173.02 -169.76
C PHE FB 124 -78.89 -174.10 -170.31
N PRO FB 125 -78.16 -173.87 -171.46
CA PRO FB 125 -77.22 -174.86 -171.99
C PRO FB 125 -76.11 -175.30 -171.02
N GLU FB 126 -75.68 -174.37 -170.14
CA GLU FB 126 -74.62 -174.65 -169.19
C GLU FB 126 -74.90 -174.01 -167.84
N LEU FB 127 -74.44 -174.69 -166.79
CA LEU FB 127 -74.63 -174.28 -165.41
C LEU FB 127 -73.25 -174.16 -164.76
N PRO FB 128 -72.80 -172.94 -164.36
CA PRO FB 128 -71.56 -172.83 -163.59
C PRO FB 128 -71.80 -173.30 -162.14
N LEU FB 129 -71.06 -174.33 -161.73
CA LEU FB 129 -71.14 -174.84 -160.37
C LEU FB 129 -70.15 -174.09 -159.48
N ASP FB 130 -68.88 -174.12 -159.87
CA ASP FB 130 -67.81 -173.43 -159.16
C ASP FB 130 -67.29 -172.29 -160.04
N SER FB 131 -67.07 -171.12 -159.43
CA SER FB 131 -66.65 -169.93 -160.15
C SER FB 131 -65.74 -169.08 -159.25
N ALA FB 132 -64.65 -169.69 -158.78
CA ALA FB 132 -63.73 -169.09 -157.81
C ALA FB 132 -62.68 -168.22 -158.50
N THR FB 133 -62.37 -167.07 -157.87
CA THR FB 133 -61.29 -166.18 -158.25
C THR FB 133 -60.68 -165.63 -156.97
N TYR FB 134 -59.34 -165.54 -156.90
CA TYR FB 134 -58.65 -165.11 -155.70
C TYR FB 134 -59.15 -163.73 -155.24
N GLY FB 135 -59.64 -163.67 -153.99
CA GLY FB 135 -60.09 -162.43 -153.36
C GLY FB 135 -61.50 -161.98 -153.78
N GLU FB 136 -62.30 -162.88 -154.36
CA GLU FB 136 -63.65 -162.57 -154.81
C GLU FB 136 -64.65 -163.59 -154.26
N TYR FB 137 -65.90 -163.14 -154.05
CA TYR FB 137 -67.03 -164.07 -153.93
C TYR FB 137 -67.26 -164.72 -155.29
N GLU FB 138 -67.70 -165.99 -155.28
CA GLU FB 138 -68.02 -166.68 -156.53
C GLU FB 138 -69.18 -165.96 -157.23
N GLU FB 139 -68.99 -165.68 -158.52
CA GLU FB 139 -69.98 -165.01 -159.34
C GLU FB 139 -70.34 -165.92 -160.52
N TYR FB 140 -71.65 -166.17 -160.66
CA TYR FB 140 -72.20 -167.16 -161.59
C TYR FB 140 -73.00 -166.46 -162.67
N SER FB 141 -72.71 -166.76 -163.95
CA SER FB 141 -73.46 -166.22 -165.08
C SER FB 141 -74.18 -167.34 -165.83
N LEU FB 142 -75.52 -167.18 -165.95
CA LEU FB 142 -76.37 -168.03 -166.79
C LEU FB 142 -76.65 -167.32 -168.10
N THR FB 143 -76.63 -168.09 -169.21
CA THR FB 143 -77.25 -167.72 -170.47
C THR FB 143 -78.25 -168.82 -170.83
N GLY FB 144 -79.45 -168.44 -171.25
CA GLY FB 144 -80.48 -169.40 -171.61
C GLY FB 144 -81.54 -168.82 -172.54
N SER FB 145 -82.49 -169.66 -172.95
CA SER FB 145 -83.56 -169.22 -173.86
C SER FB 145 -84.93 -169.73 -173.39
N GLY FB 146 -85.89 -168.79 -173.29
CA GLY FB 146 -87.29 -169.08 -173.05
C GLY FB 146 -88.07 -169.23 -174.36
N ARG FB 147 -89.25 -169.86 -174.28
CA ARG FB 147 -90.10 -170.09 -175.44
C ARG FB 147 -90.83 -168.81 -175.86
N SER FB 148 -91.41 -168.10 -174.87
CA SER FB 148 -92.17 -166.88 -175.12
C SER FB 148 -92.28 -166.03 -173.85
N VAL FB 149 -92.63 -164.74 -174.03
CA VAL FB 149 -93.06 -163.85 -172.96
C VAL FB 149 -94.55 -164.13 -172.72
N THR FB 150 -94.88 -164.63 -171.52
CA THR FB 150 -96.27 -164.95 -171.19
C THR FB 150 -97.00 -163.74 -170.60
N ASN FB 151 -96.24 -162.79 -170.03
CA ASN FB 151 -96.81 -161.58 -169.46
C ASN FB 151 -95.81 -160.43 -169.48
N LEU FB 152 -96.27 -159.27 -169.97
CA LEU FB 152 -95.61 -158.00 -169.81
C LEU FB 152 -96.70 -156.93 -169.59
N ALA FB 153 -96.86 -156.52 -168.32
CA ALA FB 153 -97.96 -155.65 -167.93
C ALA FB 153 -97.57 -154.80 -166.72
N ASP FB 154 -98.34 -153.73 -166.51
CA ASP FB 154 -98.32 -152.95 -165.27
C ASP FB 154 -99.18 -153.69 -164.25
N THR FB 155 -98.54 -154.23 -163.20
CA THR FB 155 -99.20 -155.01 -162.15
C THR FB 155 -99.43 -154.18 -160.88
N SER FB 156 -99.19 -152.86 -160.94
CA SER FB 156 -99.48 -151.96 -159.82
C SER FB 156 -100.99 -151.85 -159.60
N GLY FB 157 -101.39 -151.48 -158.37
CA GLY FB 157 -102.78 -151.39 -157.96
C GLY FB 157 -103.59 -150.40 -158.78
N ALA GB 2 -86.11 -176.42 -148.69
CA ALA GB 2 -84.70 -176.53 -149.18
C ALA GB 2 -83.84 -175.46 -148.53
N THR GB 3 -82.51 -175.61 -148.64
CA THR GB 3 -81.51 -174.75 -148.02
C THR GB 3 -81.50 -173.37 -148.70
N SER GB 4 -81.46 -172.29 -147.90
CA SER GB 4 -81.41 -170.92 -148.40
C SER GB 4 -80.16 -170.71 -149.27
N PRO GB 5 -80.26 -170.05 -150.46
CA PRO GB 5 -79.06 -169.67 -151.23
C PRO GB 5 -78.15 -168.76 -150.40
N GLU GB 6 -76.83 -168.90 -150.60
CA GLU GB 6 -75.84 -168.22 -149.78
C GLU GB 6 -74.61 -167.87 -150.62
N GLY GB 7 -73.93 -166.77 -150.26
CA GLY GB 7 -72.66 -166.40 -150.88
C GLY GB 7 -71.58 -167.46 -150.66
N ILE GB 8 -70.67 -167.61 -151.63
CA ILE GB 8 -69.52 -168.52 -151.49
C ILE GB 8 -68.25 -167.71 -151.71
N TRP GB 9 -67.29 -167.87 -150.80
CA TRP GB 9 -66.04 -167.12 -150.83
C TRP GB 9 -64.95 -167.98 -151.47
N SER GB 10 -64.28 -167.45 -152.52
CA SER GB 10 -63.37 -168.23 -153.35
C SER GB 10 -62.26 -168.88 -152.53
N ASN GB 11 -61.68 -168.12 -151.58
CA ASN GB 11 -60.50 -168.51 -150.83
C ASN GB 11 -60.82 -169.61 -149.80
N SER GB 12 -62.11 -169.92 -149.59
CA SER GB 12 -62.53 -170.99 -148.69
C SER GB 12 -62.49 -172.37 -149.37
N GLY GB 13 -62.29 -172.42 -150.69
CA GLY GB 13 -62.31 -173.67 -151.45
C GLY GB 13 -61.07 -174.53 -151.22
N ALA GB 14 -61.27 -175.86 -151.35
CA ALA GB 14 -60.18 -176.84 -151.38
C ALA GB 14 -60.38 -177.77 -152.58
N LEU GB 15 -59.51 -177.61 -153.59
CA LEU GB 15 -59.48 -178.45 -154.79
C LEU GB 15 -58.52 -179.63 -154.57
N THR GB 16 -58.89 -180.80 -155.11
CA THR GB 16 -58.06 -182.00 -155.05
C THR GB 16 -58.22 -182.80 -156.33
N PHE GB 17 -57.14 -183.51 -156.71
CA PHE GB 17 -57.13 -184.40 -157.86
C PHE GB 17 -56.82 -185.82 -157.41
N GLU GB 18 -57.44 -186.81 -158.08
CA GLU GB 18 -57.25 -188.21 -157.75
C GLU GB 18 -57.01 -189.03 -159.02
N ASP GB 19 -56.15 -190.05 -158.90
CA ASP GB 19 -55.99 -191.06 -159.94
C ASP GB 19 -57.20 -192.00 -159.90
N PRO GB 20 -58.03 -192.10 -160.99
CA PRO GB 20 -59.20 -192.99 -160.99
C PRO GB 20 -58.89 -194.49 -160.88
N ALA GB 21 -57.61 -194.88 -161.02
CA ALA GB 21 -57.20 -196.26 -160.86
C ALA GB 21 -57.11 -196.68 -159.38
N ASP GB 22 -56.85 -195.70 -158.48
CA ASP GB 22 -56.56 -195.95 -157.07
C ASP GB 22 -57.56 -195.25 -156.14
N ASP GB 23 -58.10 -194.10 -156.58
CA ASP GB 23 -58.61 -193.02 -155.73
C ASP GB 23 -57.51 -192.41 -154.86
N SER GB 24 -56.24 -192.53 -155.26
CA SER GB 24 -55.10 -191.91 -154.56
C SER GB 24 -54.95 -190.46 -155.01
N GLU GB 25 -54.57 -189.57 -154.06
CA GLU GB 25 -54.41 -188.16 -154.34
C GLU GB 25 -53.18 -187.91 -155.22
N ILE GB 26 -53.33 -187.01 -156.19
CA ILE GB 26 -52.24 -186.42 -156.95
C ILE GB 26 -51.99 -185.03 -156.38
N LEU GB 27 -50.76 -184.76 -155.94
CA LEU GB 27 -50.45 -183.52 -155.23
C LEU GB 27 -50.62 -182.31 -156.15
N PHE GB 28 -51.49 -181.39 -155.72
CA PHE GB 28 -51.84 -180.18 -156.45
C PHE GB 28 -52.19 -179.10 -155.42
N ALA GB 29 -51.78 -177.86 -155.70
CA ALA GB 29 -51.88 -176.78 -154.71
C ALA GB 29 -51.77 -175.42 -155.39
N GLY GB 30 -52.04 -174.37 -154.60
CA GLY GB 30 -51.79 -172.98 -154.99
C GLY GB 30 -52.71 -172.48 -156.11
N VAL GB 31 -53.97 -172.94 -156.13
CA VAL GB 31 -54.96 -172.42 -157.08
C VAL GB 31 -55.23 -170.94 -156.79
N ARG GB 32 -55.65 -170.24 -157.85
CA ARG GB 32 -56.02 -168.82 -157.78
C ARG GB 32 -57.42 -168.62 -158.36
N ASP GB 33 -57.68 -169.21 -159.55
CA ASP GB 33 -59.01 -169.27 -160.12
C ASP GB 33 -59.41 -170.73 -160.37
N VAL GB 34 -60.70 -171.06 -160.17
CA VAL GB 34 -61.28 -172.36 -160.54
C VAL GB 34 -62.68 -172.13 -161.12
N THR GB 35 -62.92 -172.64 -162.34
CA THR GB 35 -64.27 -172.68 -162.91
C THR GB 35 -64.63 -174.13 -163.26
N ILE GB 36 -65.82 -174.57 -162.82
CA ILE GB 36 -66.36 -175.87 -163.20
C ILE GB 36 -67.78 -175.66 -163.73
N THR GB 37 -67.99 -176.03 -165.00
CA THR GB 37 -69.23 -175.75 -165.71
C THR GB 37 -69.69 -177.00 -166.45
N PRO GB 38 -70.65 -177.79 -165.90
CA PRO GB 38 -71.40 -178.77 -166.69
C PRO GB 38 -72.22 -178.07 -167.77
N ALA GB 39 -72.18 -178.67 -168.97
CA ALA GB 39 -72.77 -178.10 -170.17
C ALA GB 39 -73.35 -179.21 -171.04
N TYR GB 40 -74.35 -178.83 -171.84
CA TYR GB 40 -74.86 -179.63 -172.94
C TYR GB 40 -75.04 -178.68 -174.13
N GLU GB 41 -75.01 -179.23 -175.34
CA GLU GB 41 -75.56 -178.51 -176.48
C GLU GB 41 -77.09 -178.64 -176.44
N HIS GB 42 -77.79 -177.57 -176.87
CA HIS GB 42 -79.24 -177.57 -176.95
C HIS GB 42 -79.68 -177.54 -178.41
N ALA GB 43 -80.52 -178.51 -178.79
CA ALA GB 43 -81.24 -178.44 -180.06
C ALA GB 43 -82.62 -177.83 -179.83
N GLU GB 44 -82.76 -176.52 -180.14
CA GLU GB 44 -84.06 -175.86 -180.15
C GLU GB 44 -84.79 -176.22 -181.45
N LEU GB 45 -85.89 -176.97 -181.32
CA LEU GB 45 -86.60 -177.52 -182.47
C LEU GB 45 -87.93 -176.79 -182.66
N TYR GB 46 -88.14 -176.29 -183.89
CA TYR GB 46 -89.35 -175.58 -184.29
C TYR GB 46 -90.28 -176.55 -185.03
N THR GB 47 -91.43 -176.05 -185.51
CA THR GB 47 -92.42 -176.89 -186.18
C THR GB 47 -93.03 -176.18 -187.39
N ILE GB 48 -93.87 -176.95 -188.12
CA ILE GB 48 -94.35 -176.71 -189.48
C ILE GB 48 -95.08 -175.36 -189.69
N ASP GB 49 -95.81 -174.87 -188.67
CA ASP GB 49 -96.83 -173.83 -188.86
C ASP GB 49 -96.83 -172.85 -187.69
N SER GB 50 -95.66 -172.59 -187.11
CA SER GB 50 -95.53 -171.73 -185.93
C SER GB 50 -94.15 -171.09 -185.90
N THR GB 51 -94.08 -169.88 -185.34
CA THR GB 51 -92.82 -169.19 -185.04
C THR GB 51 -92.27 -169.62 -183.68
N PHE GB 52 -93.08 -170.27 -182.84
CA PHE GB 52 -92.68 -170.64 -181.49
C PHE GB 52 -91.92 -171.96 -181.50
N ARG GB 53 -91.04 -172.15 -180.50
CA ARG GB 53 -90.26 -173.35 -180.26
C ARG GB 53 -91.21 -174.49 -179.87
N ASP GB 54 -91.02 -175.67 -180.49
CA ASP GB 54 -91.87 -176.83 -180.26
C ASP GB 54 -91.32 -177.66 -179.09
N GLU GB 55 -90.03 -178.02 -179.18
CA GLU GB 55 -89.33 -178.74 -178.14
C GLU GB 55 -87.86 -178.28 -178.09
N VAL GB 56 -87.18 -178.62 -176.98
CA VAL GB 56 -85.74 -178.40 -176.86
C VAL GB 56 -85.08 -179.60 -176.15
N LYS GB 57 -83.89 -180.00 -176.64
CA LYS GB 57 -83.24 -181.24 -176.22
C LYS GB 57 -81.75 -181.03 -175.93
N ARG GB 58 -81.27 -181.69 -174.87
CA ARG GB 58 -79.86 -181.77 -174.47
C ARG GB 58 -79.14 -182.83 -175.31
N TYR GB 59 -77.90 -182.52 -175.70
CA TYR GB 59 -77.00 -183.50 -176.30
C TYR GB 59 -75.54 -183.15 -175.99
N GLU GB 60 -74.63 -184.12 -176.20
CA GLU GB 60 -73.18 -183.92 -176.15
C GLU GB 60 -72.77 -183.25 -174.83
N HIS GB 61 -72.96 -183.98 -173.72
CA HIS GB 61 -72.63 -183.53 -172.38
C HIS GB 61 -71.11 -183.37 -172.22
N ASN GB 62 -70.75 -182.39 -171.40
CA ASN GB 62 -69.37 -182.00 -171.15
C ASN GB 62 -69.33 -181.30 -169.78
N VAL GB 63 -68.18 -181.39 -169.08
CA VAL GB 63 -67.93 -180.54 -167.93
C VAL GB 63 -66.65 -179.74 -168.22
N ASN GB 64 -66.81 -178.46 -168.55
CA ASN GB 64 -65.67 -177.58 -168.72
C ASN GB 64 -65.02 -177.35 -167.36
N VAL GB 65 -63.71 -177.67 -167.28
CA VAL GB 65 -62.89 -177.38 -166.10
C VAL GB 65 -61.78 -176.43 -166.55
N GLU GB 66 -61.68 -175.27 -165.90
CA GLU GB 66 -60.49 -174.45 -166.08
C GLU GB 66 -59.99 -173.92 -164.75
N ILE GB 67 -58.66 -174.02 -164.56
CA ILE GB 67 -57.99 -173.77 -163.29
C ILE GB 67 -56.76 -172.90 -163.59
N THR GB 68 -56.62 -171.81 -162.82
CA THR GB 68 -55.39 -171.04 -162.79
C THR GB 68 -54.71 -171.25 -161.44
N TYR GB 69 -53.40 -171.61 -161.46
CA TYR GB 69 -52.69 -171.97 -160.24
C TYR GB 69 -51.23 -171.53 -160.32
N ALA GB 70 -50.58 -171.36 -159.15
CA ALA GB 70 -49.28 -170.70 -159.06
C ALA GB 70 -48.24 -171.47 -158.24
N LYS GB 71 -48.53 -172.74 -157.89
CA LYS GB 71 -47.55 -173.66 -157.33
C LYS GB 71 -47.40 -174.84 -158.28
N PHE GB 72 -46.17 -175.06 -158.78
CA PHE GB 72 -45.90 -176.15 -159.71
C PHE GB 72 -45.90 -177.49 -158.98
N SER GB 73 -46.48 -178.52 -159.62
CA SER GB 73 -46.44 -179.89 -159.12
C SER GB 73 -45.76 -180.80 -160.14
N LEU GB 74 -44.65 -181.44 -159.74
CA LEU GB 74 -43.99 -182.42 -160.59
C LEU GB 74 -44.87 -183.66 -160.75
N GLU GB 75 -45.57 -184.06 -159.67
CA GLU GB 75 -46.39 -185.26 -159.73
C GLU GB 75 -47.52 -185.09 -160.76
N PHE GB 76 -48.22 -183.94 -160.72
CA PHE GB 76 -49.31 -183.68 -161.65
C PHE GB 76 -48.80 -183.69 -163.10
N ALA GB 77 -47.66 -183.04 -163.34
CA ALA GB 77 -47.08 -182.94 -164.67
C ALA GB 77 -46.59 -184.30 -165.19
N GLN GB 78 -46.02 -185.13 -164.29
CA GLN GB 78 -45.48 -186.43 -164.67
C GLN GB 78 -46.59 -187.47 -164.87
N GLU GB 79 -47.69 -187.34 -164.10
CA GLU GB 79 -48.91 -188.11 -164.31
C GLU GB 79 -49.50 -187.80 -165.69
N TRP GB 80 -49.56 -186.50 -166.04
CA TRP GB 80 -50.06 -186.08 -167.35
C TRP GB 80 -49.20 -186.63 -168.50
N LEU GB 81 -47.86 -186.57 -168.35
CA LEU GB 81 -46.95 -187.11 -169.36
C LEU GB 81 -47.10 -188.62 -169.51
N GLY GB 82 -47.25 -189.34 -168.38
CA GLY GB 82 -47.25 -190.79 -168.34
C GLY GB 82 -48.49 -191.46 -168.94
N GLY GB 83 -49.61 -190.72 -169.05
CA GLY GB 83 -50.90 -191.32 -169.43
C GLY GB 83 -51.54 -192.05 -168.26
N PRO GB 84 -52.60 -192.87 -168.49
CA PRO GB 84 -53.30 -193.54 -167.38
C PRO GB 84 -52.45 -194.63 -166.73
N GLY GB 85 -52.37 -194.59 -165.39
CA GLY GB 85 -51.73 -195.61 -164.58
C GLY GB 85 -50.20 -195.59 -164.58
N ALA GB 86 -49.58 -194.50 -165.04
CA ALA GB 86 -48.12 -194.39 -165.09
C ALA GB 86 -47.64 -192.94 -164.98
N THR GB 87 -46.39 -192.75 -164.54
CA THR GB 87 -45.70 -191.47 -164.56
C THR GB 87 -44.50 -191.54 -165.51
N ALA GB 88 -44.21 -190.44 -166.21
CA ALA GB 88 -43.05 -190.34 -167.10
C ALA GB 88 -42.40 -188.97 -167.00
N THR GB 89 -41.09 -188.91 -167.30
CA THR GB 89 -40.31 -187.67 -167.32
C THR GB 89 -40.19 -187.09 -168.73
N ALA GB 90 -40.82 -187.73 -169.73
CA ALA GB 90 -40.72 -187.34 -171.12
C ALA GB 90 -42.07 -187.61 -171.81
N SER GB 91 -42.36 -186.93 -172.93
CA SER GB 91 -43.54 -187.20 -173.73
C SER GB 91 -43.64 -188.69 -174.05
N GLN GB 92 -44.85 -189.25 -173.97
CA GLN GB 92 -45.10 -190.63 -174.33
C GLN GB 92 -45.85 -190.69 -175.65
N ASP GB 93 -45.34 -191.52 -176.57
CA ASP GB 93 -45.92 -191.70 -177.89
C ASP GB 93 -47.01 -192.78 -177.81
N ASP GB 94 -48.17 -192.40 -177.25
CA ASP GB 94 -49.35 -193.27 -177.16
C ASP GB 94 -50.63 -192.41 -177.15
N SER GB 95 -51.77 -193.07 -177.39
CA SER GB 95 -53.03 -192.38 -177.67
C SER GB 95 -53.98 -192.29 -176.47
N ASP GB 96 -53.61 -192.81 -175.29
CA ASP GB 96 -54.44 -192.71 -174.10
C ASP GB 96 -54.02 -191.51 -173.25
N PRO GB 97 -54.89 -190.48 -173.06
CA PRO GB 97 -54.57 -189.35 -172.18
C PRO GB 97 -54.75 -189.75 -170.71
N MET GB 98 -54.02 -189.05 -169.83
CA MET GB 98 -54.24 -189.17 -168.40
C MET GB 98 -55.60 -188.56 -168.03
N LYS GB 99 -56.42 -189.35 -167.33
CA LYS GB 99 -57.73 -188.95 -166.84
C LYS GB 99 -57.65 -188.72 -165.33
N PHE GB 100 -58.03 -187.51 -164.89
CA PHE GB 100 -58.02 -187.15 -163.48
C PHE GB 100 -59.46 -187.12 -162.96
N ASN GB 101 -59.69 -187.73 -161.80
CA ASN GB 101 -60.87 -187.36 -161.02
C ASN GB 101 -60.55 -186.07 -160.27
N LEU GB 102 -61.59 -185.23 -160.11
CA LEU GB 102 -61.45 -183.90 -159.50
C LEU GB 102 -62.55 -183.72 -158.47
N GLU GB 103 -62.21 -183.07 -157.34
CA GLU GB 103 -63.19 -182.68 -156.35
C GLU GB 103 -62.84 -181.29 -155.80
N ASN GB 104 -63.87 -180.45 -155.65
CA ASN GB 104 -63.74 -179.15 -155.01
C ASN GB 104 -64.77 -179.04 -153.87
N VAL GB 105 -64.30 -178.64 -152.68
CA VAL GB 105 -65.14 -178.51 -151.49
C VAL GB 105 -65.07 -177.05 -151.03
N THR GB 106 -66.24 -176.39 -150.89
CA THR GB 106 -66.33 -175.00 -150.44
C THR GB 106 -67.40 -174.84 -149.38
N PRO GB 107 -67.05 -174.33 -148.16
CA PRO GB 107 -68.06 -173.81 -147.21
C PRO GB 107 -68.82 -172.62 -147.81
N SER GB 108 -70.09 -172.48 -147.41
CA SER GB 108 -70.85 -171.27 -147.67
C SER GB 108 -70.32 -170.16 -146.77
N ALA GB 109 -70.49 -168.90 -147.22
CA ALA GB 109 -69.88 -167.74 -146.56
C ALA GB 109 -70.33 -167.56 -145.11
N SER GB 110 -71.57 -167.99 -144.77
CA SER GB 110 -72.13 -167.90 -143.43
C SER GB 110 -72.36 -169.28 -142.80
N GLY GB 111 -71.75 -170.32 -143.40
CA GLY GB 111 -71.77 -171.68 -142.88
C GLY GB 111 -73.08 -172.44 -143.07
N GLY GB 112 -73.99 -171.95 -143.94
CA GLY GB 112 -75.32 -172.55 -144.14
C GLY GB 112 -75.30 -173.96 -144.74
N PHE GB 113 -74.28 -174.26 -145.56
CA PHE GB 113 -74.05 -175.56 -146.18
C PHE GB 113 -72.58 -175.66 -146.60
N GLU GB 114 -72.10 -176.89 -146.86
CA GLU GB 114 -70.79 -177.12 -147.45
C GLU GB 114 -70.96 -177.78 -148.82
N ARG GB 115 -70.66 -177.03 -149.88
CA ARG GB 115 -70.88 -177.47 -151.26
C ARG GB 115 -69.69 -178.31 -151.72
N THR GB 116 -69.95 -179.59 -152.06
CA THR GB 116 -68.97 -180.45 -152.71
C THR GB 116 -69.37 -180.66 -154.18
N THR GB 117 -68.43 -180.35 -155.09
CA THR GB 117 -68.53 -180.67 -156.51
C THR GB 117 -67.46 -181.69 -156.89
N ALA GB 118 -67.86 -182.80 -157.52
CA ALA GB 118 -66.93 -183.81 -158.01
C ALA GB 118 -67.17 -184.12 -159.49
N VAL GB 119 -66.05 -184.28 -160.24
CA VAL GB 119 -66.05 -184.44 -161.70
C VAL GB 119 -65.16 -185.63 -162.05
N GLU GB 120 -65.66 -186.51 -162.96
CA GLU GB 120 -64.93 -187.70 -163.37
C GLU GB 120 -64.19 -187.46 -164.68
N ASN GB 121 -63.04 -188.12 -164.84
CA ASN GB 121 -62.31 -188.27 -166.10
C ASN GB 121 -62.04 -186.92 -166.76
N VAL GB 122 -61.57 -185.92 -166.00
CA VAL GB 122 -61.09 -184.67 -166.57
C VAL GB 122 -59.80 -184.97 -167.35
N VAL GB 123 -59.75 -184.46 -168.59
CA VAL GB 123 -58.55 -184.53 -169.41
C VAL GB 123 -58.14 -183.11 -169.81
N PHE GB 124 -56.83 -182.88 -169.91
CA PHE GB 124 -56.29 -181.58 -170.29
C PHE GB 124 -55.55 -181.73 -171.62
N PRO GB 125 -56.05 -181.15 -172.75
CA PRO GB 125 -55.38 -181.28 -174.05
C PRO GB 125 -53.91 -180.81 -174.07
N GLU GB 126 -53.61 -179.82 -173.21
CA GLU GB 126 -52.26 -179.28 -173.09
C GLU GB 126 -51.94 -178.99 -171.63
N LEU GB 127 -50.67 -179.20 -171.28
CA LEU GB 127 -50.15 -178.99 -169.95
C LEU GB 127 -49.10 -177.89 -170.00
N PRO GB 128 -49.29 -176.72 -169.31
CA PRO GB 128 -48.22 -175.74 -169.19
C PRO GB 128 -47.16 -176.25 -168.21
N LEU GB 129 -45.91 -176.33 -168.69
CA LEU GB 129 -44.79 -176.72 -167.85
C LEU GB 129 -44.12 -175.48 -167.27
N ASP GB 130 -43.62 -174.62 -168.17
CA ASP GB 130 -43.00 -173.35 -167.81
C ASP GB 130 -43.94 -172.21 -168.20
N SER GB 131 -44.07 -171.21 -167.32
CA SER GB 131 -44.93 -170.06 -167.55
C SER GB 131 -44.32 -168.81 -166.92
N ALA GB 132 -43.04 -168.57 -167.25
CA ALA GB 132 -42.26 -167.48 -166.70
C ALA GB 132 -42.67 -166.14 -167.32
N THR GB 133 -42.89 -165.14 -166.46
CA THR GB 133 -43.03 -163.75 -166.84
C THR GB 133 -42.15 -162.92 -165.90
N TYR GB 134 -41.33 -162.02 -166.47
CA TYR GB 134 -40.40 -161.20 -165.69
C TYR GB 134 -41.13 -160.46 -164.55
N GLY GB 135 -40.59 -160.58 -163.32
CA GLY GB 135 -41.09 -159.89 -162.15
C GLY GB 135 -42.37 -160.51 -161.56
N GLU GB 136 -42.67 -161.77 -161.92
CA GLU GB 136 -43.87 -162.47 -161.45
C GLU GB 136 -43.51 -163.92 -161.11
N TYR GB 137 -44.30 -164.54 -160.23
CA TYR GB 137 -44.25 -165.99 -160.06
C TYR GB 137 -44.86 -166.64 -161.30
N GLU GB 138 -44.41 -167.86 -161.62
CA GLU GB 138 -45.02 -168.61 -162.72
C GLU GB 138 -46.47 -168.92 -162.37
N GLU GB 139 -47.38 -168.60 -163.31
CA GLU GB 139 -48.80 -168.87 -163.15
C GLU GB 139 -49.28 -169.70 -164.35
N TYR GB 140 -50.02 -170.77 -164.04
CA TYR GB 140 -50.33 -171.85 -164.97
C TYR GB 140 -51.84 -171.95 -165.18
N SER GB 141 -52.27 -172.04 -166.45
CA SER GB 141 -53.68 -172.17 -166.79
C SER GB 141 -53.94 -173.54 -167.42
N LEU GB 142 -54.83 -174.32 -166.80
CA LEU GB 142 -55.33 -175.56 -167.37
C LEU GB 142 -56.74 -175.33 -167.90
N THR GB 143 -56.98 -175.75 -169.15
CA THR GB 143 -58.33 -175.94 -169.67
C THR GB 143 -58.50 -177.43 -169.99
N GLY GB 144 -59.61 -178.02 -169.51
CA GLY GB 144 -59.89 -179.42 -169.76
C GLY GB 144 -61.39 -179.73 -169.74
N SER GB 145 -61.72 -180.99 -170.02
CA SER GB 145 -63.11 -181.43 -170.08
C SER GB 145 -63.31 -182.74 -169.30
N GLY GB 146 -64.26 -182.71 -168.35
CA GLY GB 146 -64.72 -183.89 -167.63
C GLY GB 146 -65.89 -184.56 -168.33
N ARG GB 147 -66.09 -185.87 -168.03
CA ARG GB 147 -67.17 -186.65 -168.63
C ARG GB 147 -68.52 -186.26 -168.01
N SER GB 148 -68.58 -186.13 -166.67
CA SER GB 148 -69.81 -185.84 -165.95
C SER GB 148 -69.51 -185.31 -164.55
N VAL GB 149 -70.53 -184.71 -163.92
CA VAL GB 149 -70.53 -184.40 -162.49
C VAL GB 149 -71.01 -185.64 -161.74
N THR GB 150 -70.15 -186.19 -160.86
CA THR GB 150 -70.48 -187.40 -160.11
C THR GB 150 -71.17 -187.06 -158.78
N ASN GB 151 -70.92 -185.84 -158.27
CA ASN GB 151 -71.50 -185.40 -157.01
C ASN GB 151 -71.63 -183.88 -156.97
N LEU GB 152 -72.81 -183.41 -156.57
CA LEU GB 152 -73.08 -182.03 -156.17
C LEU GB 152 -74.07 -182.05 -155.01
N ALA GB 153 -73.57 -181.79 -153.80
CA ALA GB 153 -74.36 -181.97 -152.59
C ALA GB 153 -73.85 -181.06 -151.47
N ASP GB 154 -74.73 -180.83 -150.49
CA ASP GB 154 -74.34 -180.34 -149.18
C ASP GB 154 -73.70 -181.49 -148.40
N THR GB 155 -72.40 -181.39 -148.11
CA THR GB 155 -71.66 -182.42 -147.40
C THR GB 155 -71.45 -182.05 -145.92
N SER GB 156 -72.04 -180.94 -145.45
CA SER GB 156 -72.00 -180.58 -144.04
C SER GB 156 -72.83 -181.57 -143.21
N GLY GB 157 -72.48 -181.71 -141.93
CA GLY GB 157 -73.12 -182.65 -141.01
C GLY GB 157 -74.59 -182.35 -140.78
N ALA HB 2 -44.15 -188.13 -152.61
CA ALA HB 2 -43.83 -187.23 -153.75
C ALA HB 2 -43.52 -185.83 -153.22
N THR HB 3 -42.86 -185.01 -154.07
CA THR HB 3 -42.42 -183.66 -153.73
C THR HB 3 -43.64 -182.74 -153.55
N SER HB 4 -43.64 -181.93 -152.48
CA SER HB 4 -44.69 -180.94 -152.24
C SER HB 4 -44.69 -179.89 -153.37
N PRO HB 5 -45.87 -179.50 -153.92
CA PRO HB 5 -45.93 -178.38 -154.87
C PRO HB 5 -45.42 -177.07 -154.25
N GLU HB 6 -44.75 -176.24 -155.06
CA GLU HB 6 -44.10 -175.04 -154.56
C GLU HB 6 -44.19 -173.94 -155.63
N GLY HB 7 -44.16 -172.67 -155.19
CA GLY HB 7 -44.08 -171.53 -156.12
C GLY HB 7 -42.79 -171.57 -156.92
N ILE HB 8 -42.81 -170.99 -158.13
CA ILE HB 8 -41.59 -170.82 -158.92
C ILE HB 8 -41.47 -169.34 -159.29
N TRP HB 9 -40.31 -168.74 -158.97
CA TRP HB 9 -40.04 -167.36 -159.29
C TRP HB 9 -39.45 -167.27 -160.71
N SER HB 10 -40.10 -166.49 -161.60
CA SER HB 10 -39.73 -166.45 -163.01
C SER HB 10 -38.26 -166.06 -163.22
N ASN HB 11 -37.78 -165.07 -162.45
CA ASN HB 11 -36.46 -164.50 -162.65
C ASN HB 11 -35.33 -165.45 -162.22
N SER HB 12 -35.68 -166.54 -161.50
CA SER HB 12 -34.71 -167.57 -161.10
C SER HB 12 -34.37 -168.52 -162.26
N GLY HB 13 -35.12 -168.43 -163.38
CA GLY HB 13 -34.95 -169.34 -164.51
C GLY HB 13 -33.65 -169.10 -165.30
N ALA HB 14 -33.16 -170.18 -165.92
CA ALA HB 14 -31.98 -170.16 -166.78
C ALA HB 14 -32.23 -170.99 -168.04
N LEU HB 15 -32.61 -170.29 -169.13
CA LEU HB 15 -32.87 -170.88 -170.45
C LEU HB 15 -31.57 -171.02 -171.24
N THR HB 16 -31.44 -172.13 -171.98
CA THR HB 16 -30.29 -172.37 -172.86
C THR HB 16 -30.75 -173.07 -174.16
N PHE HB 17 -30.05 -172.78 -175.26
CA PHE HB 17 -30.28 -173.40 -176.55
C PHE HB 17 -29.03 -174.16 -176.99
N GLU HB 18 -29.24 -175.33 -177.59
CA GLU HB 18 -28.15 -176.16 -178.08
C GLU HB 18 -28.42 -176.61 -179.52
N ASP HB 19 -27.35 -176.72 -180.31
CA ASP HB 19 -27.41 -177.34 -181.63
C ASP HB 19 -27.45 -178.86 -181.46
N PRO HB 20 -28.50 -179.58 -181.95
CA PRO HB 20 -28.57 -181.04 -181.83
C PRO HB 20 -27.48 -181.83 -182.58
N ALA HB 21 -26.74 -181.17 -183.48
CA ALA HB 21 -25.63 -181.81 -184.20
C ALA HB 21 -24.36 -181.92 -183.34
N ASP HB 22 -24.22 -181.03 -182.34
CA ASP HB 22 -23.01 -180.89 -181.54
C ASP HB 22 -23.26 -181.12 -180.05
N ASP HB 23 -24.47 -180.75 -179.60
CA ASP HB 23 -24.77 -180.37 -178.21
C ASP HB 23 -23.99 -179.12 -177.79
N SER HB 24 -23.55 -178.27 -178.75
CA SER HB 24 -22.90 -177.00 -178.45
C SER HB 24 -23.94 -175.94 -178.15
N GLU HB 25 -23.62 -175.01 -177.23
CA GLU HB 25 -24.53 -173.92 -176.86
C GLU HB 25 -24.58 -172.87 -177.96
N ILE HB 26 -25.80 -172.41 -178.26
CA ILE HB 26 -26.05 -171.26 -179.12
C ILE HB 26 -26.33 -170.06 -178.20
N LEU HB 27 -25.55 -168.98 -178.34
CA LEU HB 27 -25.60 -167.87 -177.40
C LEU HB 27 -26.98 -167.19 -177.47
N PHE HB 28 -27.64 -167.14 -176.31
CA PHE HB 28 -28.96 -166.57 -176.15
C PHE HB 28 -29.10 -166.07 -174.71
N ALA HB 29 -29.70 -164.88 -174.54
CA ALA HB 29 -29.70 -164.19 -173.25
C ALA HB 29 -30.82 -163.15 -173.21
N GLY HB 30 -31.03 -162.56 -172.02
CA GLY HB 30 -31.91 -161.41 -171.85
C GLY HB 30 -33.41 -161.74 -172.00
N VAL HB 31 -33.78 -162.95 -171.53
CA VAL HB 31 -35.15 -163.44 -171.55
C VAL HB 31 -36.03 -162.56 -170.65
N ARG HB 32 -37.31 -162.42 -171.03
CA ARG HB 32 -38.33 -161.73 -170.23
C ARG HB 32 -39.51 -162.65 -169.95
N ASP HB 33 -40.01 -163.36 -170.98
CA ASP HB 33 -41.07 -164.35 -170.83
C ASP HB 33 -40.64 -165.70 -171.44
N VAL HB 34 -41.10 -166.82 -170.83
CA VAL HB 34 -40.95 -168.17 -171.40
C VAL HB 34 -42.20 -168.97 -171.08
N THR HB 35 -42.90 -169.47 -172.11
CA THR HB 35 -43.95 -170.46 -171.93
C THR HB 35 -43.60 -171.73 -172.69
N ILE HB 36 -43.63 -172.88 -172.00
CA ILE HB 36 -43.44 -174.19 -172.61
C ILE HB 36 -44.67 -175.04 -172.30
N THR HB 37 -45.30 -175.58 -173.36
CA THR HB 37 -46.59 -176.25 -173.22
C THR HB 37 -46.63 -177.46 -174.16
N PRO HB 38 -46.35 -178.70 -173.66
CA PRO HB 38 -46.69 -179.91 -174.40
C PRO HB 38 -48.20 -180.02 -174.58
N ALA HB 39 -48.59 -180.44 -175.79
CA ALA HB 39 -49.98 -180.51 -176.20
C ALA HB 39 -50.20 -181.75 -177.06
N TYR HB 40 -51.45 -182.21 -177.10
CA TYR HB 40 -51.91 -183.17 -178.09
C TYR HB 40 -53.28 -182.70 -178.59
N GLU HB 41 -53.59 -183.00 -179.85
CA GLU HB 41 -54.98 -183.00 -180.28
C GLU HB 41 -55.71 -184.12 -179.51
N HIS HB 42 -56.85 -183.77 -178.91
CA HIS HB 42 -57.73 -184.76 -178.28
C HIS HB 42 -58.93 -184.98 -179.20
N ALA HB 43 -59.11 -186.24 -179.66
CA ALA HB 43 -60.37 -186.68 -180.24
C ALA HB 43 -61.32 -187.06 -179.11
N GLU HB 44 -62.42 -186.30 -178.98
CA GLU HB 44 -63.32 -186.40 -177.84
C GLU HB 44 -64.61 -187.09 -178.29
N LEU HB 45 -64.79 -188.37 -177.91
CA LEU HB 45 -65.61 -189.32 -178.67
C LEU HB 45 -66.92 -189.67 -177.94
N TYR HB 46 -68.03 -189.69 -178.70
CA TYR HB 46 -69.38 -189.96 -178.20
C TYR HB 46 -70.04 -191.10 -178.98
N THR HB 47 -70.98 -191.82 -178.33
CA THR HB 47 -71.67 -193.00 -178.87
C THR HB 47 -73.05 -192.62 -179.42
N ILE HB 48 -73.80 -193.63 -179.92
CA ILE HB 48 -75.17 -193.51 -180.42
C ILE HB 48 -76.15 -193.19 -179.28
N ASP HB 49 -76.09 -194.00 -178.22
CA ASP HB 49 -77.16 -194.15 -177.24
C ASP HB 49 -77.25 -192.95 -176.30
N SER HB 50 -76.09 -192.32 -176.07
CA SER HB 50 -75.84 -191.55 -174.86
C SER HB 50 -75.45 -190.11 -175.19
N THR HB 51 -75.78 -189.21 -174.25
CA THR HB 51 -75.32 -187.82 -174.28
C THR HB 51 -73.90 -187.70 -173.70
N PHE HB 52 -73.47 -188.71 -172.93
CA PHE HB 52 -72.16 -188.67 -172.27
C PHE HB 52 -71.07 -189.08 -173.26
N ARG HB 53 -69.86 -188.56 -173.00
CA ARG HB 53 -68.63 -188.94 -173.69
C ARG HB 53 -68.28 -190.39 -173.34
N ASP HB 54 -67.89 -191.17 -174.35
CA ASP HB 54 -67.51 -192.56 -174.14
C ASP HB 54 -66.00 -192.68 -173.93
N GLU HB 55 -65.22 -191.97 -174.76
CA GLU HB 55 -63.77 -192.13 -174.80
C GLU HB 55 -63.12 -190.81 -175.24
N VAL HB 56 -61.82 -190.66 -174.93
CA VAL HB 56 -61.01 -189.57 -175.46
C VAL HB 56 -59.61 -190.10 -175.78
N LYS HB 57 -59.06 -189.69 -176.95
CA LYS HB 57 -57.83 -190.21 -177.49
C LYS HB 57 -56.89 -189.06 -177.91
N ARG HB 58 -55.59 -189.21 -177.62
CA ARG HB 58 -54.56 -188.28 -178.07
C ARG HB 58 -54.18 -188.62 -179.52
N TYR HB 59 -53.92 -187.58 -180.33
CA TYR HB 59 -53.24 -187.77 -181.61
C TYR HB 59 -52.03 -186.83 -181.76
N GLU HB 60 -52.07 -185.87 -182.70
CA GLU HB 60 -50.88 -185.11 -183.09
C GLU HB 60 -50.26 -184.39 -181.88
N HIS HB 61 -49.03 -184.79 -181.53
CA HIS HB 61 -48.27 -184.21 -180.43
C HIS HB 61 -47.34 -183.10 -180.94
N ASN HB 62 -47.15 -182.07 -180.09
CA ASN HB 62 -46.14 -181.04 -180.26
C ASN HB 62 -45.90 -180.36 -178.90
N VAL HB 63 -44.80 -179.60 -178.79
CA VAL HB 63 -44.57 -178.75 -177.64
C VAL HB 63 -44.57 -177.30 -178.12
N ASN HB 64 -45.57 -176.51 -177.70
CA ASN HB 64 -45.57 -175.08 -177.96
C ASN HB 64 -44.48 -174.42 -177.10
N VAL HB 65 -43.61 -173.67 -177.77
CA VAL HB 65 -42.58 -172.86 -177.12
C VAL HB 65 -42.81 -171.41 -177.56
N GLU HB 66 -42.95 -170.50 -176.58
CA GLU HB 66 -42.90 -169.08 -176.90
C GLU HB 66 -42.05 -168.33 -175.88
N ILE HB 67 -41.20 -167.44 -176.40
CA ILE HB 67 -40.17 -166.75 -175.64
C ILE HB 67 -40.21 -165.27 -176.03
N THR HB 68 -40.22 -164.39 -175.02
CA THR HB 68 -39.97 -162.97 -175.23
C THR HB 68 -38.63 -162.61 -174.61
N TYR HB 69 -37.79 -161.88 -175.36
CA TYR HB 69 -36.42 -161.60 -174.95
C TYR HB 69 -35.97 -160.23 -175.48
N ALA HB 70 -34.96 -159.64 -174.84
CA ALA HB 70 -34.59 -158.24 -175.05
C ALA HB 70 -33.08 -158.01 -175.29
N LYS HB 71 -32.28 -159.09 -175.35
CA LYS HB 71 -30.90 -159.01 -175.81
C LYS HB 71 -30.78 -159.74 -177.15
N PHE HB 72 -30.42 -158.99 -178.21
CA PHE HB 72 -30.31 -159.57 -179.54
C PHE HB 72 -29.06 -160.46 -179.64
N SER HB 73 -29.20 -161.62 -180.28
CA SER HB 73 -28.09 -162.54 -180.52
C SER HB 73 -27.88 -162.70 -182.03
N LEU HB 74 -26.67 -162.36 -182.49
CA LEU HB 74 -26.29 -162.54 -183.89
C LEU HB 74 -26.11 -164.03 -184.22
N GLU HB 75 -25.63 -164.82 -183.25
CA GLU HB 75 -25.47 -166.25 -183.47
C GLU HB 75 -26.81 -166.93 -183.68
N PHE HB 76 -27.77 -166.73 -182.75
CA PHE HB 76 -29.07 -167.36 -182.84
C PHE HB 76 -29.78 -167.02 -184.16
N ALA HB 77 -29.68 -165.75 -184.59
CA ALA HB 77 -30.28 -165.27 -185.82
C ALA HB 77 -29.63 -165.91 -187.05
N GLN HB 78 -28.28 -165.96 -187.08
CA GLN HB 78 -27.55 -166.51 -188.23
C GLN HB 78 -27.65 -168.04 -188.31
N GLU HB 79 -27.84 -168.69 -187.14
CA GLU HB 79 -28.19 -170.10 -187.08
C GLU HB 79 -29.57 -170.36 -187.69
N TRP HB 80 -30.56 -169.52 -187.30
CA TRP HB 80 -31.92 -169.63 -187.83
C TRP HB 80 -31.95 -169.44 -189.35
N LEU HB 81 -31.21 -168.45 -189.86
CA LEU HB 81 -31.10 -168.20 -191.30
C LEU HB 81 -30.48 -169.39 -192.02
N GLY HB 82 -29.43 -169.98 -191.43
CA GLY HB 82 -28.60 -171.00 -192.06
C GLY HB 82 -29.29 -172.36 -192.25
N GLY HB 83 -30.22 -172.71 -191.36
CA GLY HB 83 -30.80 -174.04 -191.33
C GLY HB 83 -29.89 -175.03 -190.60
N PRO HB 84 -30.23 -176.35 -190.56
CA PRO HB 84 -29.45 -177.33 -189.79
C PRO HB 84 -27.97 -177.41 -190.16
N GLY HB 85 -27.12 -177.33 -189.13
CA GLY HB 85 -25.68 -177.52 -189.23
C GLY HB 85 -24.94 -176.45 -190.02
N ALA HB 86 -25.58 -175.28 -190.23
CA ALA HB 86 -25.01 -174.20 -191.03
C ALA HB 86 -25.39 -172.84 -190.43
N THR HB 87 -24.64 -171.80 -190.83
CA THR HB 87 -24.80 -170.43 -190.35
C THR HB 87 -24.75 -169.50 -191.56
N ALA HB 88 -25.65 -168.50 -191.64
CA ALA HB 88 -25.73 -167.65 -192.81
C ALA HB 88 -26.11 -166.20 -192.48
N THR HB 89 -25.64 -165.25 -193.29
CA THR HB 89 -25.94 -163.83 -193.15
C THR HB 89 -27.11 -163.39 -194.05
N ALA HB 90 -27.73 -164.32 -194.78
CA ALA HB 90 -28.82 -164.02 -195.71
C ALA HB 90 -29.84 -165.16 -195.69
N SER HB 91 -31.10 -164.88 -196.07
CA SER HB 91 -32.12 -165.91 -196.17
C SER HB 91 -31.66 -167.01 -197.13
N GLN HB 92 -31.93 -168.27 -196.76
CA GLN HB 92 -31.56 -169.42 -197.58
C GLN HB 92 -32.82 -169.98 -198.23
N ASP HB 93 -32.73 -170.24 -199.54
CA ASP HB 93 -33.83 -170.79 -200.31
C ASP HB 93 -33.82 -172.32 -200.23
N ASP HB 94 -34.07 -172.85 -199.02
CA ASP HB 94 -34.15 -174.29 -198.78
C ASP HB 94 -35.20 -174.62 -197.71
N SER HB 95 -35.63 -175.88 -197.70
CA SER HB 95 -36.83 -176.30 -196.98
C SER HB 95 -36.56 -176.79 -195.55
N ASP HB 96 -35.29 -176.87 -195.11
CA ASP HB 96 -34.96 -177.38 -193.79
C ASP HB 96 -34.90 -176.25 -192.76
N PRO HB 97 -35.81 -176.18 -191.75
CA PRO HB 97 -35.68 -175.20 -190.66
C PRO HB 97 -34.59 -175.62 -189.67
N MET HB 98 -33.91 -174.61 -189.10
CA MET HB 98 -32.97 -174.84 -188.01
C MET HB 98 -33.74 -175.39 -186.79
N LYS HB 99 -33.26 -176.54 -186.29
CA LYS HB 99 -33.84 -177.22 -185.13
C LYS HB 99 -32.95 -176.99 -183.92
N PHE HB 100 -33.55 -176.44 -182.85
CA PHE HB 100 -32.83 -176.13 -181.62
C PHE HB 100 -33.27 -177.11 -180.53
N ASN HB 101 -32.30 -177.67 -179.79
CA ASN HB 101 -32.62 -178.28 -178.52
C ASN HB 101 -32.72 -177.15 -177.48
N LEU HB 102 -33.80 -177.18 -176.69
CA LEU HB 102 -34.06 -176.15 -175.68
C LEU HB 102 -34.05 -176.81 -174.29
N GLU HB 103 -33.45 -176.12 -173.31
CA GLU HB 103 -33.53 -176.52 -171.91
C GLU HB 103 -33.73 -175.29 -171.03
N ASN HB 104 -34.58 -175.44 -170.01
CA ASN HB 104 -34.76 -174.40 -168.99
C ASN HB 104 -34.66 -175.03 -167.60
N VAL HB 105 -33.94 -174.35 -166.69
CA VAL HB 105 -33.72 -174.81 -165.33
C VAL HB 105 -34.21 -173.73 -164.37
N THR HB 106 -35.09 -174.12 -163.43
CA THR HB 106 -35.65 -173.18 -162.45
C THR HB 106 -35.67 -173.82 -161.06
N PRO HB 107 -34.98 -173.22 -160.05
CA PRO HB 107 -35.21 -173.57 -158.64
C PRO HB 107 -36.65 -173.23 -158.23
N SER HB 108 -37.23 -174.05 -157.36
CA SER HB 108 -38.49 -173.70 -156.71
C SER HB 108 -38.26 -172.60 -155.69
N ALA HB 109 -39.31 -171.85 -155.34
CA ALA HB 109 -39.21 -170.56 -154.66
C ALA HB 109 -38.59 -170.65 -153.25
N SER HB 110 -38.70 -171.82 -152.58
CA SER HB 110 -38.03 -172.02 -151.29
C SER HB 110 -37.19 -173.31 -151.27
N GLY HB 111 -36.68 -173.72 -152.44
CA GLY HB 111 -35.64 -174.72 -152.57
C GLY HB 111 -36.10 -176.18 -152.44
N GLY HB 112 -37.42 -176.43 -152.53
CA GLY HB 112 -37.98 -177.77 -152.50
C GLY HB 112 -37.47 -178.70 -153.63
N PHE HB 113 -37.22 -178.13 -154.82
CA PHE HB 113 -36.77 -178.86 -156.00
C PHE HB 113 -36.10 -177.92 -157.00
N GLU HB 114 -35.40 -178.51 -157.99
CA GLU HB 114 -34.91 -177.77 -159.15
C GLU HB 114 -35.54 -178.37 -160.42
N ARG HB 115 -36.54 -177.67 -160.97
CA ARG HB 115 -37.30 -178.16 -162.11
C ARG HB 115 -36.50 -177.92 -163.39
N THR HB 116 -36.15 -179.00 -164.10
CA THR HB 116 -35.53 -178.94 -165.42
C THR HB 116 -36.56 -179.38 -166.47
N THR HB 117 -36.77 -178.52 -167.49
CA THR HB 117 -37.59 -178.84 -168.65
C THR HB 117 -36.71 -178.84 -169.90
N ALA HB 118 -36.75 -179.93 -170.68
CA ALA HB 118 -35.97 -180.02 -171.92
C ALA HB 118 -36.84 -180.46 -173.09
N VAL HB 119 -36.65 -179.83 -174.26
CA VAL HB 119 -37.50 -179.97 -175.44
C VAL HB 119 -36.60 -180.21 -176.67
N GLU HB 120 -36.94 -181.22 -177.48
CA GLU HB 120 -36.16 -181.55 -178.67
C GLU HB 120 -36.73 -180.84 -179.90
N ASN HB 121 -35.83 -180.46 -180.83
CA ASN HB 121 -36.13 -180.05 -182.20
C ASN HB 121 -37.17 -178.92 -182.25
N VAL HB 122 -36.96 -177.86 -181.44
CA VAL HB 122 -37.78 -176.66 -181.51
C VAL HB 122 -37.47 -175.93 -182.83
N VAL HB 123 -38.52 -175.54 -183.56
CA VAL HB 123 -38.40 -174.74 -184.77
C VAL HB 123 -39.28 -173.50 -184.64
N PHE HB 124 -38.83 -172.39 -185.24
CA PHE HB 124 -39.54 -171.12 -185.19
C PHE HB 124 -39.92 -170.71 -186.63
N PRO HB 125 -41.24 -170.58 -186.96
CA PRO HB 125 -41.65 -170.16 -188.32
C PRO HB 125 -41.13 -168.78 -188.75
N GLU HB 126 -40.97 -167.87 -187.77
CA GLU HB 126 -40.54 -166.51 -188.04
C GLU HB 126 -39.59 -166.02 -186.96
N LEU HB 127 -38.61 -165.22 -187.39
CA LEU HB 127 -37.59 -164.65 -186.52
C LEU HB 127 -37.69 -163.13 -186.62
N PRO HB 128 -38.03 -162.40 -185.52
CA PRO HB 128 -37.97 -160.94 -185.55
C PRO HB 128 -36.51 -160.50 -185.51
N LEU HB 129 -36.07 -159.81 -186.57
CA LEU HB 129 -34.71 -159.31 -186.64
C LEU HB 129 -34.62 -157.93 -185.98
N ASP HB 130 -35.49 -157.03 -186.43
CA ASP HB 130 -35.60 -155.67 -185.89
C ASP HB 130 -37.01 -155.51 -185.31
N SER HB 131 -37.08 -154.91 -184.11
CA SER HB 131 -38.32 -154.77 -183.37
C SER HB 131 -38.26 -153.48 -182.54
N ALA HB 132 -38.09 -152.36 -183.25
CA ALA HB 132 -37.82 -151.06 -182.65
C ALA HB 132 -39.13 -150.32 -182.38
N THR HB 133 -39.28 -149.82 -181.15
CA THR HB 133 -40.34 -148.88 -180.78
C THR HB 133 -39.68 -147.69 -180.08
N TYR HB 134 -40.05 -146.48 -180.53
CA TYR HB 134 -39.50 -145.24 -180.01
C TYR HB 134 -39.57 -145.20 -178.48
N GLY HB 135 -38.43 -144.91 -177.83
CA GLY HB 135 -38.34 -144.79 -176.38
C GLY HB 135 -38.32 -146.13 -175.63
N GLU HB 136 -38.13 -147.25 -176.34
CA GLU HB 136 -38.02 -148.57 -175.72
C GLU HB 136 -36.80 -149.31 -176.26
N TYR HB 137 -36.25 -150.24 -175.47
CA TYR HB 137 -35.32 -151.24 -175.99
C TYR HB 137 -36.08 -152.13 -176.96
N GLU HB 138 -35.37 -152.65 -177.98
CA GLU HB 138 -35.97 -153.63 -178.87
C GLU HB 138 -36.35 -154.88 -178.08
N GLU HB 139 -37.56 -155.40 -178.32
CA GLU HB 139 -38.04 -156.60 -177.65
C GLU HB 139 -38.59 -157.57 -178.70
N TYR HB 140 -38.23 -158.86 -178.55
CA TYR HB 140 -38.42 -159.88 -179.57
C TYR HB 140 -39.31 -160.99 -179.00
N SER HB 141 -40.32 -161.41 -179.79
CA SER HB 141 -41.15 -162.55 -179.43
C SER HB 141 -41.01 -163.68 -180.46
N LEU HB 142 -40.60 -164.86 -179.98
CA LEU HB 142 -40.58 -166.09 -180.76
C LEU HB 142 -41.81 -166.93 -180.40
N THR HB 143 -42.45 -167.54 -181.41
CA THR HB 143 -43.37 -168.65 -181.21
C THR HB 143 -42.86 -169.82 -182.06
N GLY HB 144 -42.87 -171.03 -181.50
CA GLY HB 144 -42.32 -172.19 -182.19
C GLY HB 144 -42.86 -173.50 -181.63
N SER HB 145 -42.47 -174.62 -182.27
CA SER HB 145 -42.93 -175.95 -181.85
C SER HB 145 -41.77 -176.94 -181.79
N GLY HB 146 -41.62 -177.58 -180.61
CA GLY HB 146 -40.73 -178.73 -180.42
C GLY HB 146 -41.45 -180.05 -180.71
N ARG HB 147 -40.67 -181.11 -180.93
CA ARG HB 147 -41.20 -182.43 -181.23
C ARG HB 147 -41.78 -183.10 -179.99
N SER HB 148 -41.03 -183.05 -178.87
CA SER HB 148 -41.42 -183.69 -177.61
C SER HB 148 -40.65 -183.08 -176.43
N VAL HB 149 -41.17 -183.31 -175.21
CA VAL HB 149 -40.43 -183.08 -173.97
C VAL HB 149 -39.50 -184.28 -173.77
N THR HB 150 -38.18 -184.02 -173.70
CA THR HB 150 -37.21 -185.10 -173.49
C THR HB 150 -36.96 -185.31 -171.99
N ASN HB 151 -37.19 -184.27 -171.18
CA ASN HB 151 -36.95 -184.33 -169.75
C ASN HB 151 -37.85 -183.33 -169.00
N LEU HB 152 -38.46 -183.82 -167.91
CA LEU HB 152 -39.10 -183.02 -166.89
C LEU HB 152 -38.85 -183.70 -165.53
N ALA HB 153 -37.88 -183.16 -164.79
CA ALA HB 153 -37.40 -183.81 -163.57
C ALA HB 153 -36.98 -182.78 -162.53
N ASP HB 154 -36.95 -183.22 -161.26
CA ASP HB 154 -36.23 -182.53 -160.20
C ASP HB 154 -34.76 -182.91 -160.31
N THR HB 155 -33.92 -181.93 -160.73
CA THR HB 155 -32.49 -182.15 -160.94
C THR HB 155 -31.66 -181.69 -159.75
N SER HB 156 -32.31 -181.35 -158.61
CA SER HB 156 -31.60 -180.96 -157.40
C SER HB 156 -30.85 -182.14 -156.79
N GLY HB 157 -29.81 -181.84 -155.99
CA GLY HB 157 -28.92 -182.84 -155.41
C GLY HB 157 -29.64 -183.81 -154.48
N ALA IB 2 -80.78 -101.65 -161.93
CA ALA IB 2 -80.34 -102.88 -161.20
C ALA IB 2 -79.91 -102.51 -159.77
N THR IB 3 -79.90 -103.52 -158.88
CA THR IB 3 -79.48 -103.36 -157.49
C THR IB 3 -77.95 -103.36 -157.41
N SER IB 4 -77.37 -102.40 -156.67
CA SER IB 4 -75.92 -102.30 -156.47
C SER IB 4 -75.40 -103.55 -155.77
N PRO IB 5 -74.28 -104.18 -156.23
CA PRO IB 5 -73.65 -105.29 -155.51
C PRO IB 5 -73.20 -104.83 -154.11
N GLU IB 6 -73.29 -105.74 -153.14
CA GLU IB 6 -73.05 -105.39 -151.74
C GLU IB 6 -72.40 -106.56 -151.01
N GLY IB 7 -71.60 -106.24 -149.97
CA GLY IB 7 -71.02 -107.24 -149.07
C GLY IB 7 -72.11 -108.00 -148.31
N ILE IB 8 -71.83 -109.26 -147.96
CA ILE IB 8 -72.78 -110.09 -147.21
C ILE IB 8 -72.05 -110.69 -146.02
N TRP IB 9 -72.66 -110.55 -144.83
CA TRP IB 9 -72.06 -111.03 -143.58
C TRP IB 9 -72.62 -112.42 -143.25
N SER IB 10 -71.72 -113.40 -143.12
CA SER IB 10 -72.10 -114.81 -142.98
C SER IB 10 -73.06 -115.04 -141.82
N ASN IB 11 -72.83 -114.37 -140.69
CA ASN IB 11 -73.57 -114.62 -139.45
C ASN IB 11 -74.99 -114.04 -139.50
N SER IB 12 -75.34 -113.31 -140.58
CA SER IB 12 -76.69 -112.78 -140.78
C SER IB 12 -77.62 -113.81 -141.43
N GLY IB 13 -77.07 -114.92 -141.95
CA GLY IB 13 -77.84 -115.92 -142.68
C GLY IB 13 -78.77 -116.73 -141.80
N ALA IB 14 -79.92 -117.15 -142.37
CA ALA IB 14 -80.90 -118.00 -141.72
C ALA IB 14 -81.25 -119.17 -142.65
N LEU IB 15 -80.70 -120.36 -142.33
CA LEU IB 15 -80.89 -121.57 -143.12
C LEU IB 15 -82.04 -122.40 -142.54
N THR IB 16 -82.92 -122.90 -143.42
CA THR IB 16 -84.03 -123.77 -143.04
C THR IB 16 -84.16 -124.95 -144.00
N PHE IB 17 -84.57 -126.10 -143.45
CA PHE IB 17 -84.92 -127.29 -144.23
C PHE IB 17 -86.41 -127.58 -144.09
N GLU IB 18 -87.03 -127.98 -145.21
CA GLU IB 18 -88.44 -128.36 -145.23
C GLU IB 18 -88.60 -129.74 -145.88
N ASP IB 19 -89.58 -130.51 -145.40
CA ASP IB 19 -90.01 -131.73 -146.04
C ASP IB 19 -90.83 -131.37 -147.28
N PRO IB 20 -90.41 -131.75 -148.52
CA PRO IB 20 -91.16 -131.43 -149.74
C PRO IB 20 -92.57 -132.05 -149.85
N ALA IB 21 -92.90 -133.01 -148.95
CA ALA IB 21 -94.22 -133.61 -148.93
C ALA IB 21 -95.25 -132.69 -148.25
N ASP IB 22 -94.79 -131.82 -147.34
CA ASP IB 22 -95.65 -131.01 -146.48
C ASP IB 22 -95.37 -129.51 -146.62
N ASP IB 23 -94.13 -129.15 -146.99
CA ASP IB 23 -93.51 -127.86 -146.72
C ASP IB 23 -93.36 -127.60 -145.21
N SER IB 24 -93.40 -128.66 -144.38
CA SER IB 24 -93.20 -128.55 -142.93
C SER IB 24 -91.71 -128.47 -142.60
N GLU IB 25 -91.35 -127.65 -141.60
CA GLU IB 25 -89.95 -127.44 -141.23
C GLU IB 25 -89.38 -128.69 -140.53
N ILE IB 26 -88.12 -129.02 -140.88
CA ILE IB 26 -87.30 -130.00 -140.18
C ILE IB 26 -86.30 -129.22 -139.32
N LEU IB 27 -86.31 -129.47 -138.00
CA LEU IB 27 -85.51 -128.69 -137.07
C LEU IB 27 -84.01 -128.90 -137.35
N PHE IB 28 -83.31 -127.77 -137.55
CA PHE IB 28 -81.91 -127.73 -137.89
C PHE IB 28 -81.35 -126.36 -137.50
N ALA IB 29 -80.18 -126.34 -136.86
CA ALA IB 29 -79.66 -125.12 -136.26
C ALA IB 29 -78.13 -125.19 -136.15
N GLY IB 30 -77.53 -124.05 -135.77
CA GLY IB 30 -76.13 -123.99 -135.37
C GLY IB 30 -75.14 -124.20 -136.52
N VAL IB 31 -75.46 -123.64 -137.70
CA VAL IB 31 -74.53 -123.68 -138.83
C VAL IB 31 -73.30 -122.83 -138.52
N ARG IB 32 -72.19 -123.18 -139.19
CA ARG IB 32 -70.93 -122.45 -139.11
C ARG IB 32 -70.45 -122.11 -140.53
N ASP IB 33 -70.55 -123.08 -141.46
CA ASP IB 33 -70.33 -122.84 -142.88
C ASP IB 33 -71.57 -123.26 -143.68
N VAL IB 34 -71.88 -122.51 -144.76
CA VAL IB 34 -72.88 -122.89 -145.76
C VAL IB 34 -72.35 -122.51 -147.14
N THR IB 35 -72.27 -123.49 -148.05
CA THR IB 35 -71.96 -123.23 -149.45
C THR IB 35 -73.06 -123.83 -150.34
N ILE IB 36 -73.62 -122.98 -151.22
CA ILE IB 36 -74.58 -123.40 -152.24
C ILE IB 36 -74.03 -122.98 -153.60
N THR IB 37 -73.80 -123.97 -154.48
CA THR IB 37 -73.15 -123.74 -155.76
C THR IB 37 -73.90 -124.52 -156.84
N PRO IB 38 -74.84 -123.88 -157.59
CA PRO IB 38 -75.35 -124.45 -158.84
C PRO IB 38 -74.24 -124.60 -159.88
N ALA IB 39 -74.27 -125.75 -160.56
CA ALA IB 39 -73.23 -126.12 -161.51
C ALA IB 39 -73.85 -126.84 -162.70
N TYR IB 40 -73.11 -126.80 -163.82
CA TYR IB 40 -73.36 -127.63 -164.98
C TYR IB 40 -72.03 -128.21 -165.44
N GLU IB 41 -72.09 -129.38 -166.10
CA GLU IB 41 -70.96 -129.83 -166.92
C GLU IB 41 -70.93 -129.02 -168.22
N HIS IB 42 -69.73 -128.62 -168.65
CA HIS IB 42 -69.54 -127.94 -169.93
C HIS IB 42 -68.84 -128.86 -170.93
N ALA IB 43 -69.39 -128.92 -172.15
CA ALA IB 43 -68.69 -129.48 -173.29
C ALA IB 43 -68.35 -128.36 -174.29
N GLU IB 44 -67.06 -128.31 -174.67
CA GLU IB 44 -66.54 -127.34 -175.64
C GLU IB 44 -66.21 -128.07 -176.95
N LEU IB 45 -66.57 -127.46 -178.10
CA LEU IB 45 -66.30 -128.05 -179.40
C LEU IB 45 -65.06 -127.41 -180.03
N TYR IB 46 -64.11 -128.26 -180.44
CA TYR IB 46 -62.98 -127.87 -181.28
C TYR IB 46 -62.84 -128.83 -182.46
N THR IB 47 -62.46 -128.28 -183.62
CA THR IB 47 -62.25 -128.99 -184.88
C THR IB 47 -61.03 -128.36 -185.58
N ILE IB 48 -60.54 -128.96 -186.66
CA ILE IB 48 -59.31 -128.44 -187.28
C ILE IB 48 -59.54 -127.09 -187.99
N ASP IB 49 -60.80 -126.61 -188.07
CA ASP IB 49 -61.13 -125.34 -188.71
C ASP IB 49 -60.45 -124.16 -187.99
N SER IB 50 -60.27 -124.27 -186.66
CA SER IB 50 -59.80 -123.18 -185.82
C SER IB 50 -59.18 -123.72 -184.52
N THR IB 51 -58.20 -122.97 -183.99
CA THR IB 51 -57.66 -123.17 -182.65
C THR IB 51 -58.64 -122.67 -181.58
N PHE IB 52 -59.57 -121.78 -181.97
CA PHE IB 52 -60.55 -121.23 -181.06
C PHE IB 52 -61.74 -122.21 -180.93
N ARG IB 53 -62.51 -122.02 -179.84
CA ARG IB 53 -63.69 -122.80 -179.51
C ARG IB 53 -64.81 -122.50 -180.51
N ASP IB 54 -65.39 -123.56 -181.12
CA ASP IB 54 -66.56 -123.43 -181.99
C ASP IB 54 -67.81 -123.16 -181.15
N GLU IB 55 -68.01 -123.97 -180.09
CA GLU IB 55 -69.25 -123.99 -179.31
C GLU IB 55 -68.95 -124.31 -177.84
N VAL IB 56 -69.87 -123.93 -176.94
CA VAL IB 56 -69.90 -124.44 -175.56
C VAL IB 56 -71.36 -124.63 -175.11
N LYS IB 57 -71.61 -125.76 -174.39
CA LYS IB 57 -72.95 -126.21 -174.01
C LYS IB 57 -72.96 -126.77 -172.58
N ARG IB 58 -74.14 -126.64 -171.93
CA ARG IB 58 -74.42 -127.10 -170.57
C ARG IB 58 -75.13 -128.45 -170.59
N TYR IB 59 -74.86 -129.29 -169.57
CA TYR IB 59 -75.62 -130.50 -169.24
C TYR IB 59 -75.35 -130.87 -167.78
N GLU IB 60 -75.98 -131.96 -167.29
CA GLU IB 60 -75.83 -132.47 -165.92
C GLU IB 60 -75.86 -131.34 -164.89
N HIS IB 61 -77.03 -130.67 -164.79
CA HIS IB 61 -77.21 -129.66 -163.77
C HIS IB 61 -77.35 -130.32 -162.40
N ASN IB 62 -76.65 -129.76 -161.41
CA ASN IB 62 -76.87 -130.08 -160.00
C ASN IB 62 -76.59 -128.82 -159.18
N VAL IB 63 -77.00 -128.83 -157.91
CA VAL IB 63 -76.63 -127.78 -156.98
C VAL IB 63 -75.81 -128.44 -155.86
N ASN IB 64 -74.51 -128.13 -155.81
CA ASN IB 64 -73.69 -128.59 -154.70
C ASN IB 64 -74.10 -127.82 -153.45
N VAL IB 65 -74.57 -128.57 -152.44
CA VAL IB 65 -74.84 -128.03 -151.12
C VAL IB 65 -73.84 -128.65 -150.16
N GLU IB 66 -73.10 -127.80 -149.42
CA GLU IB 66 -72.30 -128.30 -148.31
C GLU IB 66 -72.46 -127.36 -147.11
N ILE IB 67 -72.68 -127.99 -145.95
CA ILE IB 67 -73.01 -127.30 -144.70
C ILE IB 67 -72.13 -127.88 -143.60
N THR IB 68 -71.51 -127.00 -142.80
CA THR IB 68 -70.87 -127.39 -141.56
C THR IB 68 -71.67 -126.78 -140.39
N TYR IB 69 -72.00 -127.62 -139.39
CA TYR IB 69 -72.89 -127.21 -138.30
C TYR IB 69 -72.50 -127.93 -137.00
N ALA IB 70 -72.90 -127.34 -135.86
CA ALA IB 70 -72.39 -127.75 -134.55
C ALA IB 70 -73.49 -127.96 -133.50
N LYS IB 71 -74.76 -127.94 -133.92
CA LYS IB 71 -75.88 -128.38 -133.08
C LYS IB 71 -76.52 -129.61 -133.74
N PHE IB 72 -76.54 -130.73 -133.02
CA PHE IB 72 -77.09 -131.97 -133.54
C PHE IB 72 -78.62 -131.93 -133.51
N SER IB 73 -79.25 -132.44 -134.58
CA SER IB 73 -80.70 -132.56 -134.65
C SER IB 73 -81.09 -134.03 -134.82
N LEU IB 74 -81.86 -134.56 -133.86
CA LEU IB 74 -82.40 -135.90 -133.96
C LEU IB 74 -83.42 -135.99 -135.09
N GLU IB 75 -84.21 -134.92 -135.29
CA GLU IB 75 -85.21 -134.92 -136.34
C GLU IB 75 -84.54 -135.03 -137.73
N PHE IB 76 -83.51 -134.22 -137.98
CA PHE IB 76 -82.82 -134.24 -139.27
C PHE IB 76 -82.21 -135.62 -139.54
N ALA IB 77 -81.57 -136.21 -138.52
CA ALA IB 77 -80.91 -137.51 -138.63
C ALA IB 77 -81.94 -138.63 -138.84
N GLN IB 78 -83.09 -138.57 -138.16
CA GLN IB 78 -84.12 -139.59 -138.25
C GLN IB 78 -84.94 -139.47 -139.54
N GLU IB 79 -85.08 -138.24 -140.07
CA GLU IB 79 -85.63 -137.98 -141.39
C GLU IB 79 -84.75 -138.61 -142.47
N TRP IB 80 -83.42 -138.39 -142.37
CA TRP IB 80 -82.45 -138.93 -143.31
C TRP IB 80 -82.48 -140.46 -143.33
N LEU IB 81 -82.51 -141.09 -142.13
CA LEU IB 81 -82.60 -142.54 -142.01
C LEU IB 81 -83.91 -143.08 -142.60
N GLY IB 82 -85.02 -142.37 -142.35
CA GLY IB 82 -86.36 -142.80 -142.71
C GLY IB 82 -86.65 -142.79 -144.22
N GLY IB 83 -86.01 -141.89 -144.97
CA GLY IB 83 -86.32 -141.68 -146.38
C GLY IB 83 -87.58 -140.83 -146.58
N PRO IB 84 -88.08 -140.66 -147.83
CA PRO IB 84 -89.24 -139.81 -148.10
C PRO IB 84 -90.50 -140.16 -147.29
N GLY IB 85 -91.03 -139.15 -146.60
CA GLY IB 85 -92.30 -139.22 -145.87
C GLY IB 85 -92.28 -140.10 -144.61
N ALA IB 86 -91.08 -140.39 -144.06
CA ALA IB 86 -90.97 -141.23 -142.87
C ALA IB 86 -89.75 -140.85 -142.01
N THR IB 87 -89.81 -141.22 -140.73
CA THR IB 87 -88.68 -141.15 -139.79
C THR IB 87 -88.36 -142.54 -139.26
N ALA IB 88 -87.08 -142.80 -138.98
CA ALA IB 88 -86.64 -144.10 -138.46
C ALA IB 88 -85.49 -143.92 -137.46
N THR IB 89 -85.42 -144.86 -136.50
CA THR IB 89 -84.36 -144.91 -135.49
C THR IB 89 -83.26 -145.91 -135.86
N ALA IB 90 -83.29 -146.43 -137.10
CA ALA IB 90 -82.32 -147.42 -137.58
C ALA IB 90 -82.20 -147.28 -139.11
N SER IB 91 -81.06 -147.73 -139.68
CA SER IB 91 -80.90 -147.76 -141.13
C SER IB 91 -82.08 -148.49 -141.78
N GLN IB 92 -82.57 -147.93 -142.89
CA GLN IB 92 -83.65 -148.54 -143.65
C GLN IB 92 -83.10 -149.16 -144.92
N ASP IB 93 -83.51 -150.42 -145.18
CA ASP IB 93 -83.06 -151.18 -146.33
C ASP IB 93 -83.97 -150.87 -147.53
N ASP IB 94 -83.82 -149.67 -148.10
CA ASP IB 94 -84.61 -149.24 -149.25
C ASP IB 94 -83.84 -148.24 -150.13
N SER IB 95 -84.36 -148.03 -151.36
CA SER IB 95 -83.68 -147.37 -152.46
C SER IB 95 -83.78 -145.84 -152.43
N ASP IB 96 -84.72 -145.27 -151.65
CA ASP IB 96 -85.10 -143.88 -151.87
C ASP IB 96 -84.45 -142.97 -150.83
N PRO IB 97 -83.58 -142.00 -151.22
CA PRO IB 97 -83.00 -141.05 -150.27
C PRO IB 97 -84.02 -139.99 -149.87
N MET IB 98 -83.93 -139.56 -148.60
CA MET IB 98 -84.71 -138.43 -148.11
C MET IB 98 -84.29 -137.18 -148.90
N LYS IB 99 -85.28 -136.56 -149.57
CA LYS IB 99 -85.10 -135.31 -150.30
C LYS IB 99 -85.55 -134.16 -149.41
N PHE IB 100 -84.65 -133.19 -149.20
CA PHE IB 100 -84.95 -132.01 -148.40
C PHE IB 100 -85.07 -130.81 -149.33
N ASN IB 101 -86.07 -129.96 -149.10
CA ASN IB 101 -86.05 -128.62 -149.65
C ASN IB 101 -85.23 -127.73 -148.70
N LEU IB 102 -84.37 -126.88 -149.27
CA LEU IB 102 -83.50 -126.01 -148.50
C LEU IB 102 -83.76 -124.55 -148.90
N GLU IB 103 -83.75 -123.67 -147.90
CA GLU IB 103 -83.82 -122.24 -148.14
C GLU IB 103 -82.85 -121.51 -147.20
N ASN IB 104 -82.11 -120.54 -147.77
CA ASN IB 104 -81.23 -119.67 -147.01
C ASN IB 104 -81.60 -118.21 -147.30
N VAL IB 105 -81.93 -117.44 -146.26
CA VAL IB 105 -82.29 -116.03 -146.36
C VAL IB 105 -81.19 -115.21 -145.69
N THR IB 106 -80.66 -114.19 -146.40
CA THR IB 106 -79.55 -113.38 -145.88
C THR IB 106 -79.67 -111.92 -146.29
N PRO IB 107 -79.80 -110.96 -145.32
CA PRO IB 107 -79.68 -109.53 -145.62
C PRO IB 107 -78.27 -109.17 -146.12
N SER IB 108 -78.20 -108.21 -147.06
CA SER IB 108 -76.92 -107.64 -147.45
C SER IB 108 -76.39 -106.77 -146.31
N ALA IB 109 -75.06 -106.53 -146.29
CA ALA IB 109 -74.36 -105.98 -145.14
C ALA IB 109 -74.81 -104.55 -144.78
N SER IB 110 -75.26 -103.77 -145.78
CA SER IB 110 -75.81 -102.44 -145.57
C SER IB 110 -77.33 -102.38 -145.81
N GLY IB 111 -77.99 -103.54 -145.91
CA GLY IB 111 -79.44 -103.64 -146.03
C GLY IB 111 -80.00 -103.17 -147.38
N GLY IB 112 -79.15 -103.15 -148.43
CA GLY IB 112 -79.56 -102.81 -149.79
C GLY IB 112 -80.52 -103.83 -150.42
N PHE IB 113 -80.44 -105.10 -149.99
CA PHE IB 113 -81.30 -106.19 -150.46
C PHE IB 113 -81.31 -107.34 -149.44
N GLU IB 114 -82.19 -108.32 -149.66
CA GLU IB 114 -82.19 -109.56 -148.89
C GLU IB 114 -82.18 -110.75 -149.86
N ARG IB 115 -81.02 -111.42 -149.98
CA ARG IB 115 -80.91 -112.58 -150.86
C ARG IB 115 -81.63 -113.77 -150.23
N THR IB 116 -82.65 -114.28 -150.94
CA THR IB 116 -83.21 -115.61 -150.68
C THR IB 116 -82.71 -116.56 -151.75
N THR IB 117 -82.06 -117.65 -151.32
CA THR IB 117 -81.70 -118.79 -152.16
C THR IB 117 -82.51 -120.01 -151.71
N ALA IB 118 -83.22 -120.65 -152.65
CA ALA IB 118 -83.91 -121.90 -152.37
C ALA IB 118 -83.47 -122.99 -153.35
N VAL IB 119 -83.33 -124.22 -152.83
CA VAL IB 119 -82.85 -125.39 -153.58
C VAL IB 119 -83.83 -126.54 -153.36
N GLU IB 120 -84.24 -127.22 -154.45
CA GLU IB 120 -85.15 -128.35 -154.34
C GLU IB 120 -84.38 -129.67 -154.26
N ASN IB 121 -84.97 -130.64 -153.53
CA ASN IB 121 -84.60 -132.05 -153.55
C ASN IB 121 -83.10 -132.26 -153.29
N VAL IB 122 -82.57 -131.60 -152.24
CA VAL IB 122 -81.21 -131.85 -151.77
C VAL IB 122 -81.17 -133.25 -151.16
N VAL IB 123 -80.19 -134.05 -151.61
CA VAL IB 123 -79.92 -135.35 -151.02
C VAL IB 123 -78.47 -135.39 -150.55
N PHE IB 124 -78.24 -136.08 -149.42
CA PHE IB 124 -76.93 -136.19 -148.81
C PHE IB 124 -76.50 -137.67 -148.83
N PRO IB 125 -75.45 -138.06 -149.61
CA PRO IB 125 -75.01 -139.47 -149.65
C PRO IB 125 -74.64 -140.09 -148.30
N GLU IB 126 -74.16 -139.25 -147.36
CA GLU IB 126 -73.79 -139.70 -146.04
C GLU IB 126 -74.16 -138.66 -144.99
N LEU IB 127 -74.48 -139.18 -143.79
CA LEU IB 127 -74.90 -138.38 -142.64
C LEU IB 127 -73.93 -138.65 -141.50
N PRO IB 128 -73.18 -137.64 -140.98
CA PRO IB 128 -72.38 -137.83 -139.77
C PRO IB 128 -73.31 -137.87 -138.56
N LEU IB 129 -73.24 -138.97 -137.80
CA LEU IB 129 -74.02 -139.08 -136.56
C LEU IB 129 -73.18 -138.58 -135.38
N ASP IB 130 -72.00 -139.19 -135.22
CA ASP IB 130 -71.07 -138.84 -134.17
C ASP IB 130 -69.81 -138.26 -134.80
N SER IB 131 -69.30 -137.17 -134.21
CA SER IB 131 -68.16 -136.45 -134.75
C SER IB 131 -67.32 -135.88 -133.60
N ALA IB 132 -67.03 -136.75 -132.62
CA ALA IB 132 -66.33 -136.36 -131.41
C ALA IB 132 -64.84 -136.15 -131.70
N THR IB 133 -64.31 -135.02 -131.23
CA THR IB 133 -62.89 -134.74 -131.16
C THR IB 133 -62.61 -134.19 -129.76
N TYR IB 134 -61.59 -134.75 -129.11
CA TYR IB 134 -61.23 -134.39 -127.74
C TYR IB 134 -61.04 -132.86 -127.61
N GLY IB 135 -61.70 -132.27 -126.59
CA GLY IB 135 -61.59 -130.85 -126.28
C GLY IB 135 -62.34 -129.94 -127.26
N GLU IB 136 -63.27 -130.51 -128.05
CA GLU IB 136 -64.07 -129.75 -129.01
C GLU IB 136 -65.54 -130.17 -128.92
N TYR IB 137 -66.46 -129.26 -129.29
CA TYR IB 137 -67.83 -129.64 -129.59
C TYR IB 137 -67.83 -130.50 -130.83
N GLU IB 138 -68.79 -131.44 -130.93
CA GLU IB 138 -68.95 -132.21 -132.15
C GLU IB 138 -69.32 -131.26 -133.30
N GLU IB 139 -68.61 -131.39 -134.43
CA GLU IB 139 -68.86 -130.57 -135.61
C GLU IB 139 -69.10 -131.48 -136.82
N TYR IB 140 -70.20 -131.19 -137.53
CA TYR IB 140 -70.77 -132.08 -138.54
C TYR IB 140 -70.66 -131.41 -139.91
N SER IB 141 -70.19 -132.16 -140.92
CA SER IB 141 -70.17 -131.66 -142.29
C SER IB 141 -71.04 -132.53 -143.21
N LEU IB 142 -71.97 -131.87 -143.92
CA LEU IB 142 -72.83 -132.49 -144.93
C LEU IB 142 -72.35 -132.06 -146.32
N THR IB 143 -72.30 -133.02 -147.25
CA THR IB 143 -72.17 -132.75 -148.68
C THR IB 143 -73.37 -133.37 -149.38
N GLY IB 144 -74.03 -132.59 -150.27
CA GLY IB 144 -75.21 -133.10 -150.97
C GLY IB 144 -75.45 -132.42 -152.32
N SER IB 145 -76.34 -133.01 -153.12
CA SER IB 145 -76.70 -132.48 -154.43
C SER IB 145 -78.20 -132.17 -154.50
N GLY IB 146 -78.53 -130.89 -154.73
CA GLY IB 146 -79.88 -130.45 -155.07
C GLY IB 146 -80.13 -130.59 -156.58
N ARG IB 147 -81.42 -130.66 -156.95
CA ARG IB 147 -81.83 -130.82 -158.34
C ARG IB 147 -81.75 -129.49 -159.09
N SER IB 148 -82.28 -128.41 -158.48
CA SER IB 148 -82.29 -127.08 -159.08
C SER IB 148 -82.42 -125.99 -158.01
N VAL IB 149 -82.03 -124.75 -158.38
CA VAL IB 149 -82.34 -123.55 -157.61
C VAL IB 149 -83.76 -123.12 -157.99
N THR IB 150 -84.68 -123.13 -157.01
CA THR IB 150 -86.08 -122.81 -157.27
C THR IB 150 -86.34 -121.30 -157.18
N ASN IB 151 -85.49 -120.60 -156.41
CA ASN IB 151 -85.64 -119.17 -156.19
C ASN IB 151 -84.27 -118.57 -155.85
N LEU IB 152 -83.88 -117.53 -156.59
CA LEU IB 152 -82.81 -116.62 -156.22
C LEU IB 152 -83.30 -115.20 -156.50
N ALA IB 153 -83.67 -114.49 -155.43
CA ALA IB 153 -84.32 -113.19 -155.56
C ALA IB 153 -84.00 -112.31 -154.37
N ASP IB 154 -84.17 -111.00 -154.57
CA ASP IB 154 -84.25 -110.04 -153.47
C ASP IB 154 -85.67 -110.11 -152.88
N THR IB 155 -85.75 -110.55 -151.62
CA THR IB 155 -87.03 -110.72 -150.92
C THR IB 155 -87.31 -109.58 -149.93
N SER IB 156 -86.47 -108.53 -149.92
CA SER IB 156 -86.72 -107.34 -149.12
C SER IB 156 -87.93 -106.59 -149.67
N GLY IB 157 -88.55 -105.74 -148.82
CA GLY IB 157 -89.75 -105.00 -149.17
C GLY IB 157 -89.53 -104.02 -150.32
N ALA JB 2 -91.29 -132.28 -131.55
CA ALA JB 2 -89.86 -132.47 -131.94
C ALA JB 2 -88.94 -131.87 -130.87
N THR JB 3 -87.66 -132.27 -130.90
CA THR JB 3 -86.65 -131.89 -129.93
C THR JB 3 -85.74 -130.80 -130.52
N SER JB 4 -85.52 -129.71 -129.77
CA SER JB 4 -84.66 -128.61 -130.19
C SER JB 4 -83.24 -129.12 -130.47
N PRO JB 5 -82.60 -128.79 -131.63
CA PRO JB 5 -81.19 -129.12 -131.86
C PRO JB 5 -80.28 -128.47 -130.82
N GLU JB 6 -79.21 -129.17 -130.44
CA GLU JB 6 -78.38 -128.75 -129.32
C GLU JB 6 -76.92 -129.13 -129.58
N GLY JB 7 -75.99 -128.34 -129.00
CA GLY JB 7 -74.57 -128.67 -129.01
C GLY JB 7 -74.30 -130.01 -128.32
N ILE JB 8 -73.24 -130.71 -128.78
CA ILE JB 8 -72.78 -131.92 -128.11
C ILE JB 8 -71.28 -131.74 -127.84
N TRP JB 9 -70.90 -132.00 -126.58
CA TRP JB 9 -69.52 -131.85 -126.13
C TRP JB 9 -68.83 -133.21 -126.19
N SER JB 10 -67.69 -133.28 -126.89
CA SER JB 10 -67.07 -134.56 -127.23
C SER JB 10 -66.72 -135.39 -125.98
N ASN JB 11 -66.18 -134.73 -124.94
CA ASN JB 11 -65.67 -135.39 -123.75
C ASN JB 11 -66.79 -135.99 -122.88
N SER JB 12 -68.07 -135.74 -123.24
CA SER JB 12 -69.22 -136.33 -122.56
C SER JB 12 -69.57 -137.72 -123.12
N GLY JB 13 -68.94 -138.13 -124.23
CA GLY JB 13 -69.25 -139.40 -124.89
C GLY JB 13 -68.75 -140.62 -124.12
N ALA JB 14 -69.50 -141.73 -124.23
CA ALA JB 14 -69.13 -143.02 -123.66
C ALA JB 14 -69.27 -144.12 -124.72
N LEU JB 15 -68.14 -144.47 -125.36
CA LEU JB 15 -68.07 -145.52 -126.37
C LEU JB 15 -67.90 -146.89 -125.70
N THR JB 16 -68.58 -147.90 -126.25
CA THR JB 16 -68.45 -149.29 -125.82
C THR JB 16 -68.50 -150.24 -127.01
N PHE JB 17 -67.87 -151.41 -126.86
CA PHE JB 17 -67.88 -152.49 -127.83
C PHE JB 17 -68.43 -153.76 -127.18
N GLU JB 18 -69.23 -154.52 -127.94
CA GLU JB 18 -69.76 -155.79 -127.48
C GLU JB 18 -69.48 -156.89 -128.51
N ASP JB 19 -69.27 -158.11 -127.99
CA ASP JB 19 -69.23 -159.32 -128.80
C ASP JB 19 -70.67 -159.67 -129.22
N PRO JB 20 -71.02 -159.66 -130.53
CA PRO JB 20 -72.38 -159.98 -130.97
C PRO JB 20 -72.85 -161.42 -130.69
N ALA JB 21 -71.93 -162.31 -130.28
CA ALA JB 21 -72.27 -163.67 -129.89
C ALA JB 21 -72.91 -163.72 -128.49
N ASP JB 22 -72.59 -162.73 -127.63
CA ASP JB 22 -72.93 -162.75 -126.21
C ASP JB 22 -73.70 -161.51 -125.78
N ASP JB 23 -73.48 -160.38 -126.49
CA ASP JB 23 -73.66 -159.02 -125.98
C ASP JB 23 -72.73 -158.71 -124.79
N SER JB 24 -71.65 -159.51 -124.59
CA SER JB 24 -70.68 -159.27 -123.54
C SER JB 24 -69.74 -158.13 -123.94
N GLU JB 25 -69.37 -157.28 -122.97
CA GLU JB 25 -68.52 -156.12 -123.24
C GLU JB 25 -67.07 -156.56 -123.54
N ILE JB 26 -66.48 -155.91 -124.54
CA ILE JB 26 -65.05 -156.02 -124.85
C ILE JB 26 -64.38 -154.75 -124.32
N LEU JB 27 -63.39 -154.92 -123.42
CA LEU JB 27 -62.82 -153.79 -122.71
C LEU JB 27 -62.08 -152.86 -123.67
N PHE JB 28 -62.50 -151.58 -123.68
CA PHE JB 28 -61.99 -150.56 -124.57
C PHE JB 28 -62.16 -149.20 -123.90
N ALA JB 29 -61.14 -148.34 -124.00
CA ALA JB 29 -61.10 -147.11 -123.22
C ALA JB 29 -60.17 -146.08 -123.86
N GLY JB 30 -60.23 -144.84 -123.33
CA GLY JB 30 -59.27 -143.79 -123.64
C GLY JB 30 -59.37 -143.26 -125.08
N VAL JB 31 -60.61 -143.12 -125.58
CA VAL JB 31 -60.84 -142.52 -126.89
C VAL JB 31 -60.46 -141.04 -126.86
N ARG JB 32 -60.10 -140.52 -128.03
CA ARG JB 32 -59.79 -139.11 -128.22
C ARG JB 32 -60.65 -138.56 -129.37
N ASP JB 33 -60.74 -139.30 -130.47
CA ASP JB 33 -61.66 -138.97 -131.56
C ASP JB 33 -62.58 -140.17 -131.84
N VAL JB 34 -63.85 -139.89 -132.18
CA VAL JB 34 -64.81 -140.91 -132.62
C VAL JB 34 -65.70 -140.30 -133.72
N THR JB 35 -65.64 -140.89 -134.93
CA THR JB 35 -66.53 -140.50 -136.02
C THR JB 35 -67.36 -141.70 -136.45
N ILE JB 36 -68.70 -141.54 -136.47
CA ILE JB 36 -69.62 -142.54 -136.98
C ILE JB 36 -70.47 -141.91 -138.08
N THR JB 37 -70.44 -142.51 -139.28
CA THR JB 37 -71.04 -141.90 -140.46
C THR JB 37 -71.72 -142.98 -141.32
N PRO JB 38 -73.06 -143.19 -141.18
CA PRO JB 38 -73.81 -143.98 -142.16
C PRO JB 38 -73.78 -143.30 -143.54
N ALA JB 39 -73.57 -144.14 -144.55
CA ALA JB 39 -73.41 -143.71 -145.93
C ALA JB 39 -74.12 -144.68 -146.86
N TYR JB 40 -74.58 -144.14 -148.01
CA TYR JB 40 -75.01 -144.94 -149.14
C TYR JB 40 -74.28 -144.43 -150.39
N GLU JB 41 -74.02 -145.34 -151.34
CA GLU JB 41 -73.73 -144.93 -152.70
C GLU JB 41 -75.01 -144.37 -153.32
N HIS JB 42 -74.89 -143.23 -154.04
CA HIS JB 42 -75.99 -142.65 -154.80
C HIS JB 42 -75.76 -142.82 -156.30
N ALA JB 43 -76.84 -143.11 -157.03
CA ALA JB 43 -76.87 -143.03 -158.49
C ALA JB 43 -77.92 -142.01 -158.93
N GLU JB 44 -77.52 -141.07 -159.80
CA GLU JB 44 -78.39 -140.04 -160.35
C GLU JB 44 -78.66 -140.33 -161.83
N LEU JB 45 -79.94 -140.29 -162.23
CA LEU JB 45 -80.32 -140.53 -163.63
C LEU JB 45 -80.37 -139.21 -164.39
N TYR JB 46 -79.68 -139.18 -165.55
CA TYR JB 46 -79.80 -138.10 -166.52
C TYR JB 46 -79.98 -138.67 -167.92
N THR JB 47 -80.79 -137.98 -168.74
CA THR JB 47 -81.11 -138.37 -170.09
C THR JB 47 -81.15 -137.13 -170.99
N ILE JB 48 -81.24 -137.33 -172.31
CA ILE JB 48 -81.32 -136.25 -173.30
C ILE JB 48 -82.57 -135.36 -173.09
N ASP JB 49 -83.59 -135.87 -172.37
CA ASP JB 49 -84.84 -135.14 -172.14
C ASP JB 49 -84.61 -133.79 -171.44
N SER JB 50 -83.67 -133.75 -170.49
CA SER JB 50 -83.53 -132.61 -169.58
C SER JB 50 -82.07 -132.50 -169.07
N THR JB 51 -81.65 -131.27 -168.77
CA THR JB 51 -80.39 -131.00 -168.08
C THR JB 51 -80.52 -131.28 -166.57
N PHE JB 52 -81.77 -131.35 -166.06
CA PHE JB 52 -82.01 -131.62 -164.65
C PHE JB 52 -82.05 -133.14 -164.40
N ARG JB 53 -81.79 -133.52 -163.15
CA ARG JB 53 -81.79 -134.90 -162.66
C ARG JB 53 -83.20 -135.49 -162.76
N ASP JB 54 -83.31 -136.69 -163.37
CA ASP JB 54 -84.58 -137.42 -163.45
C ASP JB 54 -84.90 -138.10 -162.11
N GLU JB 55 -83.92 -138.82 -161.56
CA GLU JB 55 -84.08 -139.67 -160.38
C GLU JB 55 -82.79 -139.69 -159.57
N VAL JB 56 -82.89 -140.05 -158.27
CA VAL JB 56 -81.73 -140.38 -157.45
C VAL JB 56 -82.07 -141.52 -156.48
N LYS JB 57 -81.14 -142.50 -156.33
CA LYS JB 57 -81.36 -143.76 -155.64
C LYS JB 57 -80.16 -144.15 -154.77
N ARG JB 58 -80.43 -144.84 -153.64
CA ARG JB 58 -79.45 -145.36 -152.70
C ARG JB 58 -79.13 -146.82 -153.04
N TYR JB 59 -77.88 -147.27 -152.79
CA TYR JB 59 -77.54 -148.69 -152.84
C TYR JB 59 -76.61 -149.14 -151.70
N GLU JB 60 -75.29 -149.26 -151.94
CA GLU JB 60 -74.39 -149.89 -150.98
C GLU JB 60 -74.40 -149.10 -149.67
N HIS JB 61 -75.14 -149.62 -148.67
CA HIS JB 61 -75.13 -149.03 -147.34
C HIS JB 61 -73.94 -149.57 -146.56
N ASN JB 62 -73.27 -148.66 -145.83
CA ASN JB 62 -72.32 -149.05 -144.79
C ASN JB 62 -72.20 -147.90 -143.80
N VAL JB 63 -71.71 -148.22 -142.59
CA VAL JB 63 -71.46 -147.22 -141.58
C VAL JB 63 -69.94 -147.09 -141.42
N ASN JB 64 -69.37 -145.96 -141.87
CA ASN JB 64 -67.98 -145.66 -141.63
C ASN JB 64 -67.79 -145.38 -140.13
N VAL JB 65 -66.90 -146.17 -139.51
CA VAL JB 65 -66.48 -145.94 -138.13
C VAL JB 65 -64.98 -145.66 -138.16
N GLU JB 66 -64.57 -144.53 -137.55
CA GLU JB 66 -63.15 -144.31 -137.27
C GLU JB 66 -62.98 -143.76 -135.87
N ILE JB 67 -62.03 -144.35 -135.13
CA ILE JB 67 -61.79 -144.08 -133.71
C ILE JB 67 -60.29 -143.86 -133.52
N THR JB 68 -59.94 -142.76 -132.84
CA THR JB 68 -58.58 -142.56 -132.36
C THR JB 68 -58.59 -142.69 -130.83
N TYR JB 69 -57.68 -143.52 -130.30
CA TYR JB 69 -57.68 -143.84 -128.87
C TYR JB 69 -56.25 -144.01 -128.37
N ALA JB 70 -56.06 -143.84 -127.04
CA ALA JB 70 -54.72 -143.72 -126.46
C ALA JB 70 -54.48 -144.64 -125.25
N LYS JB 71 -55.42 -145.56 -124.98
CA LYS JB 71 -55.22 -146.65 -124.02
C LYS JB 71 -55.32 -147.97 -124.77
N PHE JB 72 -54.23 -148.76 -124.72
CA PHE JB 72 -54.19 -150.04 -125.42
C PHE JB 72 -55.00 -151.08 -124.66
N SER JB 73 -55.82 -151.85 -125.40
CA SER JB 73 -56.55 -152.98 -124.84
C SER JB 73 -56.05 -154.28 -125.46
N LEU JB 74 -55.57 -155.20 -124.59
CA LEU JB 74 -55.18 -156.53 -125.05
C LEU JB 74 -56.40 -157.34 -125.46
N GLU JB 75 -57.52 -157.19 -124.73
CA GLU JB 75 -58.73 -157.95 -125.04
C GLU JB 75 -59.24 -157.60 -126.44
N PHE JB 76 -59.32 -156.29 -126.76
CA PHE JB 76 -59.76 -155.85 -128.07
C PHE JB 76 -58.85 -156.40 -129.18
N ALA JB 77 -57.53 -156.29 -128.99
CA ALA JB 77 -56.55 -156.74 -129.97
C ALA JB 77 -56.62 -158.26 -130.19
N GLN JB 78 -56.77 -159.02 -129.09
CA GLN JB 78 -56.81 -160.48 -129.13
C GLN JB 78 -58.14 -161.00 -129.71
N GLU JB 79 -59.24 -160.26 -129.46
CA GLU JB 79 -60.53 -160.51 -130.11
C GLU JB 79 -60.42 -160.30 -131.63
N TRP JB 80 -59.73 -159.23 -132.05
CA TRP JB 80 -59.55 -158.94 -133.47
C TRP JB 80 -58.72 -160.03 -134.15
N LEU JB 81 -57.65 -160.51 -133.48
CA LEU JB 81 -56.79 -161.56 -134.03
C LEU JB 81 -57.54 -162.87 -134.22
N GLY JB 82 -58.42 -163.21 -133.25
CA GLY JB 82 -59.04 -164.53 -133.17
C GLY JB 82 -60.25 -164.74 -134.10
N GLY JB 83 -60.83 -163.65 -134.63
CA GLY JB 83 -62.03 -163.73 -135.46
C GLY JB 83 -63.29 -163.98 -134.62
N PRO JB 84 -64.46 -164.26 -135.25
CA PRO JB 84 -65.72 -164.44 -134.51
C PRO JB 84 -65.65 -165.54 -133.45
N GLY JB 85 -66.01 -165.18 -132.21
CA GLY JB 85 -66.20 -166.11 -131.10
C GLY JB 85 -64.91 -166.65 -130.47
N ALA JB 86 -63.74 -166.06 -130.76
CA ALA JB 86 -62.48 -166.51 -130.17
C ALA JB 86 -61.48 -165.37 -130.00
N THR JB 87 -60.66 -165.44 -128.94
CA THR JB 87 -59.43 -164.66 -128.82
C THR JB 87 -58.25 -165.46 -129.38
N ALA JB 88 -57.20 -164.76 -129.81
CA ALA JB 88 -55.92 -165.39 -130.17
C ALA JB 88 -54.75 -164.46 -129.84
N THR JB 89 -53.58 -165.06 -129.56
CA THR JB 89 -52.34 -164.32 -129.31
C THR JB 89 -51.49 -164.17 -130.58
N ALA JB 90 -51.91 -164.81 -131.69
CA ALA JB 90 -51.17 -164.78 -132.95
C ALA JB 90 -52.16 -164.64 -134.11
N SER JB 91 -51.68 -164.15 -135.26
CA SER JB 91 -52.52 -164.03 -136.46
C SER JB 91 -53.12 -165.39 -136.82
N GLN JB 92 -54.38 -165.36 -137.27
CA GLN JB 92 -55.11 -166.56 -137.65
C GLN JB 92 -55.26 -166.60 -139.17
N ASP JB 93 -55.01 -167.79 -139.74
CA ASP JB 93 -55.12 -168.03 -141.16
C ASP JB 93 -56.54 -168.49 -141.50
N ASP JB 94 -57.51 -167.57 -141.34
CA ASP JB 94 -58.92 -167.85 -141.65
C ASP JB 94 -59.62 -166.60 -142.20
N SER JB 95 -60.78 -166.82 -142.85
CA SER JB 95 -61.41 -165.84 -143.72
C SER JB 95 -62.40 -164.91 -142.99
N ASP JB 96 -62.75 -165.18 -141.72
CA ASP JB 96 -63.79 -164.42 -141.05
C ASP JB 96 -63.18 -163.30 -140.19
N PRO JB 97 -63.50 -161.99 -140.44
CA PRO JB 97 -63.07 -160.94 -139.52
C PRO JB 97 -63.95 -160.92 -138.27
N MET JB 98 -63.35 -160.49 -137.15
CA MET JB 98 -64.09 -160.25 -135.93
C MET JB 98 -65.07 -159.08 -136.15
N LYS JB 99 -66.37 -159.36 -135.94
CA LYS JB 99 -67.44 -158.38 -136.03
C LYS JB 99 -67.76 -157.87 -134.63
N PHE JB 100 -67.69 -156.56 -134.45
CA PHE JB 100 -67.97 -155.91 -133.18
C PHE JB 100 -69.30 -155.17 -133.29
N ASN JB 101 -70.14 -155.28 -132.25
CA ASN JB 101 -71.20 -154.30 -132.07
C ASN JB 101 -70.62 -153.09 -131.33
N LEU JB 102 -71.00 -151.89 -131.78
CA LEU JB 102 -70.50 -150.64 -131.22
C LEU JB 102 -71.68 -149.80 -130.75
N GLU JB 103 -71.49 -149.12 -129.61
CA GLU JB 103 -72.48 -148.15 -129.13
C GLU JB 103 -71.75 -146.94 -128.54
N ASN JB 104 -72.27 -145.75 -128.84
CA ASN JB 104 -71.80 -144.51 -128.24
C ASN JB 104 -72.99 -143.76 -127.65
N VAL JB 105 -72.85 -143.31 -126.39
CA VAL JB 105 -73.89 -142.56 -125.69
C VAL JB 105 -73.33 -141.19 -125.31
N THR JB 106 -74.05 -140.13 -125.71
CA THR JB 106 -73.64 -138.75 -125.46
C THR JB 106 -74.84 -137.92 -124.95
N PRO JB 107 -74.76 -137.31 -123.74
CA PRO JB 107 -75.68 -136.23 -123.37
C PRO JB 107 -75.44 -135.01 -124.25
N SER JB 108 -76.52 -134.26 -124.54
CA SER JB 108 -76.40 -132.97 -125.20
C SER JB 108 -75.85 -131.94 -124.20
N ALA JB 109 -75.30 -130.83 -124.72
CA ALA JB 109 -74.48 -129.92 -123.94
C ALA JB 109 -75.25 -129.20 -122.82
N SER JB 110 -76.56 -128.91 -123.04
CA SER JB 110 -77.45 -128.33 -122.04
C SER JB 110 -78.43 -129.36 -121.47
N GLY JB 111 -78.21 -130.66 -121.74
CA GLY JB 111 -78.99 -131.75 -121.17
C GLY JB 111 -80.39 -131.92 -121.77
N GLY JB 112 -80.64 -131.33 -122.95
CA GLY JB 112 -81.93 -131.41 -123.65
C GLY JB 112 -82.31 -132.82 -124.10
N PHE JB 113 -81.31 -133.68 -124.40
CA PHE JB 113 -81.52 -135.07 -124.81
C PHE JB 113 -80.26 -135.90 -124.52
N GLU JB 114 -80.40 -137.24 -124.56
CA GLU JB 114 -79.25 -138.13 -124.56
C GLU JB 114 -79.26 -138.94 -125.86
N ARG JB 115 -78.27 -138.68 -126.73
CA ARG JB 115 -78.18 -139.30 -128.04
C ARG JB 115 -77.41 -140.62 -127.92
N THR JB 116 -78.09 -141.74 -128.20
CA THR JB 116 -77.49 -143.06 -128.32
C THR JB 116 -77.39 -143.43 -129.80
N THR JB 117 -76.17 -143.76 -130.24
CA THR JB 117 -75.92 -144.34 -131.56
C THR JB 117 -75.40 -145.76 -131.38
N ALA JB 118 -76.00 -146.74 -132.09
CA ALA JB 118 -75.53 -148.12 -132.06
C ALA JB 118 -75.38 -148.67 -133.49
N VAL JB 119 -74.30 -149.44 -133.71
CA VAL JB 119 -73.91 -149.92 -135.03
C VAL JB 119 -73.64 -151.44 -134.93
N GLU JB 120 -74.18 -152.22 -135.88
CA GLU JB 120 -73.95 -153.65 -135.91
C GLU JB 120 -72.74 -154.00 -136.79
N ASN JB 121 -72.03 -155.07 -136.40
CA ASN JB 121 -71.04 -155.78 -137.23
C ASN JB 121 -70.00 -154.83 -137.83
N VAL JB 122 -69.42 -153.96 -136.99
CA VAL JB 122 -68.26 -153.16 -137.36
C VAL JB 122 -67.05 -154.10 -137.50
N VAL JB 123 -66.36 -154.02 -138.65
CA VAL JB 123 -65.13 -154.76 -138.89
C VAL JB 123 -64.01 -153.76 -139.23
N PHE JB 124 -62.78 -154.09 -138.82
CA PHE JB 124 -61.63 -153.24 -139.03
C PHE JB 124 -60.61 -153.99 -139.91
N PRO JB 125 -60.32 -153.53 -141.17
CA PRO JB 125 -59.34 -154.22 -142.03
C PRO JB 125 -57.93 -154.32 -141.45
N GLU JB 126 -57.53 -153.31 -140.66
CA GLU JB 126 -56.21 -153.28 -140.05
C GLU JB 126 -56.30 -152.81 -138.59
N LEU JB 127 -55.46 -153.42 -137.75
CA LEU JB 127 -55.38 -153.12 -136.33
C LEU JB 127 -53.98 -152.58 -136.05
N PRO JB 128 -53.81 -151.32 -135.55
CA PRO JB 128 -52.51 -150.88 -135.06
C PRO JB 128 -52.22 -151.55 -133.71
N LEU JB 129 -51.14 -152.35 -133.67
CA LEU JB 129 -50.71 -152.95 -132.42
C LEU JB 129 -49.82 -151.98 -131.65
N ASP JB 130 -48.80 -151.46 -132.35
CA ASP JB 130 -47.83 -150.54 -131.80
C ASP JB 130 -47.86 -149.24 -132.61
N SER JB 131 -47.80 -148.11 -131.92
CA SER JB 131 -47.90 -146.79 -132.53
C SER JB 131 -47.04 -145.80 -131.75
N ALA JB 132 -45.75 -146.13 -131.62
CA ALA JB 132 -44.82 -145.38 -130.78
C ALA JB 132 -44.26 -144.19 -131.57
N THR JB 133 -44.21 -143.03 -130.89
CA THR JB 133 -43.53 -141.83 -131.37
C THR JB 133 -42.79 -141.21 -130.19
N TYR JB 134 -41.52 -140.84 -130.41
CA TYR JB 134 -40.66 -140.29 -129.36
C TYR JB 134 -41.33 -139.12 -128.64
N GLY JB 135 -41.40 -139.18 -127.31
CA GLY JB 135 -41.94 -138.12 -126.47
C GLY JB 135 -43.47 -138.03 -126.44
N GLU JB 136 -44.16 -139.11 -126.86
CA GLU JB 136 -45.62 -139.14 -126.90
C GLU JB 136 -46.13 -140.50 -126.41
N TYR JB 137 -47.34 -140.52 -125.81
CA TYR JB 137 -48.06 -141.76 -125.58
C TYR JB 137 -48.45 -142.37 -126.92
N GLU JB 138 -48.50 -143.70 -126.98
CA GLU JB 138 -48.97 -144.39 -128.17
C GLU JB 138 -50.43 -144.01 -128.44
N GLU JB 139 -50.71 -143.62 -129.69
CA GLU JB 139 -52.05 -143.26 -130.13
C GLU JB 139 -52.44 -144.09 -131.36
N TYR JB 140 -53.63 -144.71 -131.29
CA TYR JB 140 -54.06 -145.74 -132.23
C TYR JB 140 -55.26 -145.21 -133.02
N SER JB 141 -55.22 -145.36 -134.36
CA SER JB 141 -56.37 -145.06 -135.21
C SER JB 141 -56.94 -146.34 -135.83
N LEU JB 142 -58.23 -146.59 -135.57
CA LEU JB 142 -59.00 -147.61 -136.26
C LEU JB 142 -59.83 -146.96 -137.36
N THR JB 143 -59.97 -147.66 -138.50
CA THR JB 143 -60.97 -147.36 -139.52
C THR JB 143 -61.69 -148.66 -139.88
N GLY JB 144 -63.02 -148.62 -139.95
CA GLY JB 144 -63.81 -149.82 -140.18
C GLY JB 144 -65.19 -149.52 -140.77
N SER JB 145 -65.90 -150.58 -141.15
CA SER JB 145 -67.25 -150.48 -141.71
C SER JB 145 -68.23 -151.36 -140.94
N GLY JB 146 -69.28 -150.72 -140.39
CA GLY JB 146 -70.44 -151.41 -139.83
C GLY JB 146 -71.48 -151.70 -140.90
N ARG JB 147 -72.35 -152.68 -140.64
CA ARG JB 147 -73.38 -153.09 -141.58
C ARG JB 147 -74.54 -152.08 -141.62
N SER JB 148 -75.01 -151.66 -140.43
CA SER JB 148 -76.12 -150.72 -140.31
C SER JB 148 -76.15 -150.06 -138.94
N VAL JB 149 -76.85 -148.91 -138.85
CA VAL JB 149 -77.20 -148.27 -137.58
C VAL JB 149 -78.42 -149.02 -137.04
N THR JB 150 -78.28 -149.63 -135.85
CA THR JB 150 -79.37 -150.40 -135.25
C THR JB 150 -80.22 -149.51 -134.33
N ASN JB 151 -79.61 -148.43 -133.83
CA ASN JB 151 -80.31 -147.48 -132.98
C ASN JB 151 -79.73 -146.07 -133.15
N LEU JB 152 -80.63 -145.09 -133.33
CA LEU JB 152 -80.34 -143.68 -133.14
C LEU JB 152 -81.57 -143.02 -132.51
N ALA JB 153 -81.46 -142.72 -131.21
CA ALA JB 153 -82.61 -142.24 -130.44
C ALA JB 153 -82.16 -141.37 -129.27
N ASP JB 154 -83.12 -140.58 -128.76
CA ASP JB 154 -83.01 -139.98 -127.45
C ASP JB 154 -83.34 -141.03 -126.39
N THR JB 155 -82.32 -141.40 -125.59
CA THR JB 155 -82.47 -142.43 -124.56
C THR JB 155 -82.64 -141.81 -123.16
N SER JB 156 -82.76 -140.48 -123.07
CA SER JB 156 -83.05 -139.82 -121.79
C SER JB 156 -84.47 -140.17 -121.33
N GLY JB 157 -84.73 -140.03 -120.01
CA GLY JB 157 -85.98 -140.44 -119.39
C GLY JB 157 -87.19 -139.66 -119.89
N ALA KB 2 -9.54 -127.79 -163.01
CA ALA KB 2 -10.83 -127.14 -163.35
C ALA KB 2 -11.18 -126.09 -162.30
N THR KB 3 -12.20 -125.27 -162.59
CA THR KB 3 -12.66 -124.19 -161.73
C THR KB 3 -13.32 -124.77 -160.48
N SER KB 4 -12.95 -124.27 -159.29
CA SER KB 4 -13.55 -124.67 -158.02
C SER KB 4 -15.05 -124.42 -158.04
N PRO KB 5 -15.90 -125.34 -157.50
CA PRO KB 5 -17.32 -125.03 -157.30
C PRO KB 5 -17.50 -123.87 -156.31
N GLU KB 6 -18.50 -123.02 -156.56
CA GLU KB 6 -18.67 -121.79 -155.79
C GLU KB 6 -20.17 -121.51 -155.61
N GLY KB 7 -20.51 -120.81 -154.51
CA GLY KB 7 -21.88 -120.34 -154.29
C GLY KB 7 -22.32 -119.37 -155.40
N ILE KB 8 -23.63 -119.33 -155.66
CA ILE KB 8 -24.22 -118.37 -156.59
C ILE KB 8 -25.37 -117.67 -155.88
N TRP KB 9 -25.41 -116.33 -155.98
CA TRP KB 9 -26.40 -115.52 -155.31
C TRP KB 9 -27.46 -115.09 -156.32
N SER KB 10 -28.75 -115.35 -156.00
CA SER KB 10 -29.83 -115.22 -156.97
C SER KB 10 -29.97 -113.81 -157.53
N ASN KB 11 -29.80 -112.79 -156.67
CA ASN KB 11 -30.02 -111.40 -157.05
C ASN KB 11 -28.90 -110.85 -157.96
N SER KB 12 -27.84 -111.65 -158.20
CA SER KB 12 -26.77 -111.30 -159.12
C SER KB 12 -27.10 -111.68 -160.57
N GLY KB 13 -28.20 -112.43 -160.78
CA GLY KB 13 -28.59 -112.91 -162.12
C GLY KB 13 -29.05 -111.79 -163.04
N ALA KB 14 -28.92 -112.01 -164.36
CA ALA KB 14 -29.39 -111.10 -165.40
C ALA KB 14 -30.00 -111.90 -166.56
N LEU KB 15 -31.32 -112.07 -166.52
CA LEU KB 15 -32.09 -112.79 -167.54
C LEU KB 15 -32.40 -111.86 -168.72
N THR KB 16 -32.32 -112.41 -169.94
CA THR KB 16 -32.71 -111.70 -171.16
C THR KB 16 -33.41 -112.66 -172.13
N PHE KB 17 -34.33 -112.10 -172.93
CA PHE KB 17 -35.00 -112.82 -174.00
C PHE KB 17 -34.70 -112.15 -175.34
N GLU KB 18 -34.46 -112.98 -176.37
CA GLU KB 18 -34.23 -112.50 -177.73
C GLU KB 18 -35.22 -113.17 -178.69
N ASP KB 19 -35.61 -112.41 -179.72
CA ASP KB 19 -36.31 -112.97 -180.88
C ASP KB 19 -35.29 -113.71 -181.75
N PRO KB 20 -35.44 -115.06 -181.95
CA PRO KB 20 -34.49 -115.81 -182.78
C PRO KB 20 -34.47 -115.44 -184.28
N ALA KB 21 -35.43 -114.63 -184.74
CA ALA KB 21 -35.44 -114.14 -186.11
C ALA KB 21 -34.43 -113.00 -186.32
N ASP KB 22 -34.07 -112.29 -185.24
CA ASP KB 22 -33.31 -111.05 -185.30
C ASP KB 22 -32.05 -111.10 -184.41
N ASP KB 23 -32.11 -111.90 -183.33
CA ASP KB 23 -31.31 -111.73 -182.11
C ASP KB 23 -31.60 -110.39 -181.42
N SER KB 24 -32.74 -109.72 -181.75
CA SER KB 24 -33.14 -108.48 -181.10
C SER KB 24 -33.77 -108.79 -179.73
N GLU KB 25 -33.48 -107.94 -178.74
CA GLU KB 25 -33.96 -108.14 -177.37
C GLU KB 25 -35.47 -107.89 -177.28
N ILE KB 26 -36.16 -108.74 -176.51
CA ILE KB 26 -37.53 -108.55 -176.10
C ILE KB 26 -37.51 -108.07 -174.65
N LEU KB 27 -38.11 -106.89 -174.39
CA LEU KB 27 -37.99 -106.25 -173.09
C LEU KB 27 -38.69 -107.07 -172.01
N PHE KB 28 -37.92 -107.43 -170.97
CA PHE KB 28 -38.37 -108.27 -169.87
C PHE KB 28 -37.54 -107.93 -168.62
N ALA KB 29 -38.19 -107.87 -167.46
CA ALA KB 29 -37.56 -107.35 -166.25
C ALA KB 29 -38.26 -107.86 -164.98
N GLY KB 30 -37.63 -107.61 -163.82
CA GLY KB 30 -38.24 -107.80 -162.52
C GLY KB 30 -38.50 -109.26 -162.15
N VAL KB 31 -37.54 -110.14 -162.48
CA VAL KB 31 -37.63 -111.55 -162.09
C VAL KB 31 -37.52 -111.67 -160.57
N ARG KB 32 -38.11 -112.75 -160.02
CA ARG KB 32 -38.05 -113.08 -158.61
C ARG KB 32 -37.66 -114.55 -158.41
N ASP KB 33 -38.02 -115.41 -159.38
CA ASP KB 33 -37.47 -116.76 -159.45
C ASP KB 33 -37.15 -117.10 -160.90
N VAL KB 34 -36.05 -117.86 -161.11
CA VAL KB 34 -35.68 -118.39 -162.42
C VAL KB 34 -35.12 -119.79 -162.23
N THR KB 35 -35.81 -120.80 -162.76
CA THR KB 35 -35.33 -122.17 -162.78
C THR KB 35 -35.13 -122.61 -164.24
N ILE KB 36 -33.93 -123.10 -164.56
CA ILE KB 36 -33.63 -123.70 -165.86
C ILE KB 36 -33.11 -125.12 -165.60
N THR KB 37 -33.79 -126.13 -166.19
CA THR KB 37 -33.48 -127.53 -165.94
C THR KB 37 -33.52 -128.32 -167.25
N PRO KB 38 -32.36 -128.56 -167.92
CA PRO KB 38 -32.29 -129.59 -168.97
C PRO KB 38 -32.59 -130.98 -168.41
N ALA KB 39 -33.40 -131.72 -169.18
CA ALA KB 39 -33.88 -133.03 -168.78
C ALA KB 39 -33.88 -133.97 -169.99
N TYR KB 40 -33.80 -135.27 -169.70
CA TYR KB 40 -34.08 -136.32 -170.67
C TYR KB 40 -35.00 -137.34 -169.99
N GLU KB 41 -35.86 -137.99 -170.78
CA GLU KB 41 -36.47 -139.24 -170.35
C GLU KB 41 -35.39 -140.33 -170.34
N HIS KB 42 -35.38 -141.15 -169.27
CA HIS KB 42 -34.49 -142.30 -169.16
C HIS KB 42 -35.28 -143.60 -169.29
N ALA KB 43 -34.73 -144.56 -170.05
CA ALA KB 43 -35.22 -145.93 -170.08
C ALA KB 43 -34.13 -146.87 -169.56
N GLU KB 44 -34.48 -147.73 -168.59
CA GLU KB 44 -33.58 -148.70 -168.00
C GLU KB 44 -33.97 -150.12 -168.46
N LEU KB 45 -32.98 -150.92 -168.88
CA LEU KB 45 -33.22 -152.29 -169.31
C LEU KB 45 -33.01 -153.26 -168.14
N TYR KB 46 -34.01 -154.14 -167.92
CA TYR KB 46 -33.89 -155.28 -167.02
C TYR KB 46 -34.43 -156.54 -167.71
N THR KB 47 -33.79 -157.68 -167.41
CA THR KB 47 -34.13 -159.00 -167.95
C THR KB 47 -33.97 -160.03 -166.82
N ILE KB 48 -34.40 -161.29 -167.05
CA ILE KB 48 -34.26 -162.31 -166.00
C ILE KB 48 -32.79 -162.69 -165.74
N ASP KB 49 -31.84 -162.20 -166.55
CA ASP KB 49 -30.42 -162.50 -166.37
C ASP KB 49 -29.91 -162.02 -165.02
N SER KB 50 -30.41 -160.86 -164.55
CA SER KB 50 -29.87 -160.17 -163.39
C SER KB 50 -30.94 -159.28 -162.75
N THR KB 51 -30.84 -159.13 -161.41
CA THR KB 51 -31.60 -158.13 -160.66
C THR KB 51 -31.06 -156.72 -160.93
N PHE KB 52 -29.81 -156.62 -161.41
CA PHE KB 52 -29.19 -155.33 -161.69
C PHE KB 52 -29.57 -154.86 -163.11
N ARG KB 53 -29.50 -153.54 -163.29
CA ARG KB 53 -29.77 -152.85 -164.55
C ARG KB 53 -28.76 -153.29 -165.62
N ASP KB 54 -29.28 -153.70 -166.79
CA ASP KB 54 -28.44 -154.06 -167.95
C ASP KB 54 -27.89 -152.79 -168.63
N GLU KB 55 -28.79 -151.82 -168.88
CA GLU KB 55 -28.49 -150.62 -169.67
C GLU KB 55 -29.34 -149.44 -169.18
N VAL KB 56 -28.90 -148.21 -169.51
CA VAL KB 56 -29.74 -147.02 -169.38
C VAL KB 56 -29.45 -146.03 -170.53
N LYS KB 57 -30.52 -145.39 -171.06
CA LYS KB 57 -30.47 -144.58 -172.28
C LYS KB 57 -31.35 -143.32 -172.14
N ARG KB 58 -30.91 -142.23 -172.81
CA ARG KB 58 -31.61 -140.95 -172.90
C ARG KB 58 -32.47 -140.90 -174.16
N TYR KB 59 -33.62 -140.18 -174.11
CA TYR KB 59 -34.38 -139.87 -175.32
C TYR KB 59 -34.92 -138.44 -175.36
N GLU KB 60 -36.17 -138.19 -174.89
CA GLU KB 60 -36.80 -136.89 -175.09
C GLU KB 60 -36.05 -135.81 -174.32
N HIS KB 61 -35.23 -135.03 -175.05
CA HIS KB 61 -34.58 -133.88 -174.46
C HIS KB 61 -35.52 -132.68 -174.48
N ASN KB 62 -35.54 -131.95 -173.35
CA ASN KB 62 -36.13 -130.62 -173.28
C ASN KB 62 -35.46 -129.86 -172.14
N VAL KB 63 -35.59 -128.54 -172.18
CA VAL KB 63 -35.13 -127.69 -171.09
C VAL KB 63 -36.36 -127.06 -170.44
N ASN KB 64 -36.69 -127.51 -169.22
CA ASN KB 64 -37.75 -126.88 -168.45
C ASN KB 64 -37.29 -125.48 -168.03
N VAL KB 65 -38.09 -124.47 -168.38
CA VAL KB 65 -37.88 -123.09 -167.96
C VAL KB 65 -39.09 -122.66 -167.11
N GLU KB 66 -38.82 -122.24 -165.87
CA GLU KB 66 -39.84 -121.67 -165.00
C GLU KB 66 -39.34 -120.32 -164.50
N ILE KB 67 -40.16 -119.27 -164.70
CA ILE KB 67 -39.79 -117.91 -164.32
C ILE KB 67 -40.96 -117.29 -163.56
N THR KB 68 -40.67 -116.74 -162.37
CA THR KB 68 -41.61 -115.88 -161.66
C THR KB 68 -41.08 -114.45 -161.70
N TYR KB 69 -41.95 -113.50 -162.07
CA TYR KB 69 -41.53 -112.12 -162.28
C TYR KB 69 -42.68 -111.16 -161.94
N ALA KB 70 -42.32 -109.90 -161.64
CA ALA KB 70 -43.26 -108.96 -161.01
C ALA KB 70 -43.31 -107.59 -161.72
N LYS KB 71 -42.70 -107.48 -162.91
CA LYS KB 71 -42.89 -106.33 -163.79
C LYS KB 71 -43.51 -106.82 -165.10
N PHE KB 72 -44.70 -106.30 -165.44
CA PHE KB 72 -45.40 -106.71 -166.65
C PHE KB 72 -44.73 -106.06 -167.87
N SER KB 73 -44.54 -106.87 -168.93
CA SER KB 73 -44.02 -106.38 -170.20
C SER KB 73 -45.09 -106.54 -171.29
N LEU KB 74 -45.45 -105.42 -171.94
CA LEU KB 74 -46.36 -105.47 -173.09
C LEU KB 74 -45.70 -106.12 -174.29
N GLU KB 75 -44.39 -105.85 -174.49
CA GLU KB 75 -43.68 -106.42 -175.62
C GLU KB 75 -43.65 -107.94 -175.54
N PHE KB 76 -43.30 -108.49 -174.36
CA PHE KB 76 -43.27 -109.94 -174.17
C PHE KB 76 -44.64 -110.57 -174.44
N ALA KB 77 -45.71 -109.96 -173.89
CA ALA KB 77 -47.06 -110.47 -174.02
C ALA KB 77 -47.56 -110.41 -175.47
N GLN KB 78 -47.27 -109.29 -176.17
CA GLN KB 78 -47.72 -109.10 -177.55
C GLN KB 78 -46.92 -109.95 -178.53
N GLU KB 79 -45.64 -110.23 -178.21
CA GLU KB 79 -44.83 -111.20 -178.94
C GLU KB 79 -45.43 -112.61 -178.80
N TRP KB 80 -45.81 -112.99 -177.56
CA TRP KB 80 -46.39 -114.30 -177.30
C TRP KB 80 -47.71 -114.50 -178.07
N LEU KB 81 -48.55 -113.45 -178.11
CA LEU KB 81 -49.82 -113.51 -178.83
C LEU KB 81 -49.61 -113.64 -180.33
N GLY KB 82 -48.60 -112.94 -180.87
CA GLY KB 82 -48.38 -112.82 -182.30
C GLY KB 82 -47.78 -114.04 -182.99
N GLY KB 83 -47.11 -114.92 -182.21
CA GLY KB 83 -46.38 -116.04 -182.77
C GLY KB 83 -45.04 -115.60 -183.38
N PRO KB 84 -44.30 -116.48 -184.11
CA PRO KB 84 -43.00 -116.11 -184.68
C PRO KB 84 -43.06 -114.93 -185.64
N GLY KB 85 -42.16 -113.96 -185.44
CA GLY KB 85 -41.93 -112.83 -186.33
C GLY KB 85 -43.05 -111.78 -186.38
N ALA KB 86 -43.93 -111.75 -185.37
CA ALA KB 86 -45.05 -110.80 -185.33
C ALA KB 86 -45.47 -110.47 -183.89
N THR KB 87 -46.10 -109.30 -183.72
CA THR KB 87 -46.77 -108.92 -182.48
C THR KB 87 -48.26 -108.76 -182.73
N ALA KB 88 -49.09 -109.12 -181.73
CA ALA KB 88 -50.53 -108.97 -181.83
C ALA KB 88 -51.11 -108.40 -180.53
N THR KB 89 -52.23 -107.66 -180.66
CA THR KB 89 -52.98 -107.14 -179.53
C THR KB 89 -54.13 -108.07 -179.15
N ALA KB 90 -54.32 -109.17 -179.89
CA ALA KB 90 -55.42 -110.12 -179.67
C ALA KB 90 -54.93 -111.53 -179.98
N SER KB 91 -55.61 -112.55 -179.43
CA SER KB 91 -55.30 -113.96 -179.71
C SER KB 91 -55.23 -114.19 -181.22
N GLN KB 92 -54.24 -114.98 -181.65
CA GLN KB 92 -54.10 -115.35 -183.05
C GLN KB 92 -54.54 -116.81 -183.24
N ASP KB 93 -55.31 -117.03 -184.30
CA ASP KB 93 -55.82 -118.35 -184.64
C ASP KB 93 -54.86 -119.04 -185.60
N ASP KB 94 -53.67 -119.42 -185.09
CA ASP KB 94 -52.66 -120.12 -185.87
C ASP KB 94 -51.82 -121.05 -184.98
N SER KB 95 -51.10 -121.99 -185.62
CA SER KB 95 -50.51 -123.13 -184.94
C SER KB 95 -49.07 -122.90 -184.43
N ASP KB 96 -48.38 -121.85 -184.89
CA ASP KB 96 -46.99 -121.62 -184.51
C ASP KB 96 -46.92 -120.85 -183.17
N PRO KB 97 -46.36 -121.44 -182.08
CA PRO KB 97 -46.09 -120.65 -180.87
C PRO KB 97 -44.86 -119.78 -181.08
N MET KB 98 -44.84 -118.62 -180.40
CA MET KB 98 -43.68 -117.76 -180.36
C MET KB 98 -42.53 -118.49 -179.64
N LYS KB 99 -41.41 -118.66 -180.35
CA LYS KB 99 -40.21 -119.27 -179.80
C LYS KB 99 -39.25 -118.16 -179.37
N PHE KB 100 -38.82 -118.21 -178.11
CA PHE KB 100 -37.90 -117.23 -177.54
C PHE KB 100 -36.53 -117.89 -177.34
N ASN KB 101 -35.47 -117.14 -177.62
CA ASN KB 101 -34.16 -117.50 -177.12
C ASN KB 101 -33.96 -116.83 -175.75
N LEU KB 102 -33.42 -117.59 -174.80
CA LEU KB 102 -33.24 -117.14 -173.43
C LEU KB 102 -31.75 -117.21 -173.07
N GLU KB 103 -31.27 -116.19 -172.34
CA GLU KB 103 -29.95 -116.25 -171.74
C GLU KB 103 -30.01 -115.69 -170.33
N ASN KB 104 -29.33 -116.38 -169.39
CA ASN KB 104 -29.14 -115.89 -168.03
C ASN KB 104 -27.64 -115.89 -167.73
N VAL KB 105 -27.14 -114.72 -167.29
CA VAL KB 105 -25.73 -114.53 -166.93
C VAL KB 105 -25.67 -114.31 -165.41
N THR KB 106 -24.68 -114.93 -164.74
CA THR KB 106 -24.59 -114.83 -163.29
C THR KB 106 -23.12 -114.93 -162.82
N PRO KB 107 -22.58 -113.89 -162.13
CA PRO KB 107 -21.32 -114.04 -161.39
C PRO KB 107 -21.47 -115.04 -160.24
N SER KB 108 -20.42 -115.83 -159.98
CA SER KB 108 -20.35 -116.64 -158.77
C SER KB 108 -20.15 -115.71 -157.57
N ALA KB 109 -20.47 -116.20 -156.36
CA ALA KB 109 -20.61 -115.36 -155.17
C ALA KB 109 -19.31 -114.66 -154.76
N SER KB 110 -18.16 -115.32 -155.00
CA SER KB 110 -16.83 -114.75 -154.74
C SER KB 110 -16.11 -114.35 -156.04
N GLY KB 111 -16.82 -114.35 -157.18
CA GLY KB 111 -16.29 -113.90 -158.46
C GLY KB 111 -15.30 -114.87 -159.12
N GLY KB 112 -15.31 -116.14 -158.70
CA GLY KB 112 -14.46 -117.20 -159.27
C GLY KB 112 -14.75 -117.50 -160.74
N PHE KB 113 -16.00 -117.29 -161.18
CA PHE KB 113 -16.44 -117.50 -162.55
C PHE KB 113 -17.70 -116.67 -162.85
N GLU KB 114 -18.06 -116.57 -164.14
CA GLU KB 114 -19.36 -116.05 -164.54
C GLU KB 114 -20.08 -117.12 -165.36
N ARG KB 115 -21.12 -117.74 -164.77
CA ARG KB 115 -21.92 -118.74 -165.46
C ARG KB 115 -22.85 -118.03 -166.46
N THR KB 116 -22.71 -118.37 -167.75
CA THR KB 116 -23.72 -118.04 -168.76
C THR KB 116 -24.47 -119.32 -169.13
N THR KB 117 -25.80 -119.29 -168.99
CA THR KB 117 -26.69 -120.34 -169.46
C THR KB 117 -27.56 -119.78 -170.59
N ALA KB 118 -27.54 -120.41 -171.76
CA ALA KB 118 -28.38 -120.00 -172.88
C ALA KB 118 -29.20 -121.17 -173.40
N VAL KB 119 -30.48 -120.91 -173.74
CA VAL KB 119 -31.46 -121.93 -174.12
C VAL KB 119 -32.13 -121.47 -175.42
N GLU KB 120 -32.24 -122.38 -176.39
CA GLU KB 120 -32.87 -122.06 -177.67
C GLU KB 120 -34.36 -122.45 -177.65
N ASN KB 121 -35.18 -121.65 -178.35
CA ASN KB 121 -36.52 -122.01 -178.78
C ASN KB 121 -37.41 -122.40 -177.59
N VAL KB 122 -37.37 -121.60 -176.51
CA VAL KB 122 -38.28 -121.73 -175.37
C VAL KB 122 -39.68 -121.32 -175.82
N VAL KB 123 -40.68 -122.18 -175.53
CA VAL KB 123 -42.09 -121.86 -175.75
C VAL KB 123 -42.85 -122.01 -174.44
N PHE KB 124 -43.89 -121.19 -174.26
CA PHE KB 124 -44.71 -121.18 -173.05
C PHE KB 124 -46.14 -121.54 -173.42
N PRO KB 125 -46.70 -122.71 -172.98
CA PRO KB 125 -48.09 -123.08 -173.31
C PRO KB 125 -49.17 -122.09 -172.88
N GLU KB 126 -48.91 -121.35 -171.79
CA GLU KB 126 -49.85 -120.33 -171.31
C GLU KB 126 -49.08 -119.11 -170.81
N LEU KB 127 -49.72 -117.95 -170.99
CA LEU KB 127 -49.17 -116.66 -170.61
C LEU KB 127 -50.11 -116.02 -169.59
N PRO KB 128 -49.67 -115.73 -168.34
CA PRO KB 128 -50.50 -114.95 -167.41
C PRO KB 128 -50.49 -113.48 -167.85
N LEU KB 129 -51.68 -112.93 -168.10
CA LEU KB 129 -51.82 -111.51 -168.41
C LEU KB 129 -52.05 -110.73 -167.12
N ASP KB 130 -53.15 -111.07 -166.43
CA ASP KB 130 -53.52 -110.45 -165.18
C ASP KB 130 -53.32 -111.46 -164.05
N SER KB 131 -52.74 -110.99 -162.94
CA SER KB 131 -52.42 -111.85 -161.80
C SER KB 131 -52.58 -111.05 -160.51
N ALA KB 132 -53.76 -110.40 -160.38
CA ALA KB 132 -54.06 -109.51 -159.27
C ALA KB 132 -54.40 -110.33 -158.02
N THR KB 133 -53.79 -109.94 -156.89
CA THR KB 133 -54.16 -110.39 -155.55
C THR KB 133 -54.19 -109.16 -154.65
N TYR KB 134 -55.27 -109.03 -153.88
CA TYR KB 134 -55.50 -107.87 -153.03
C TYR KB 134 -54.30 -107.63 -152.10
N GLY KB 135 -53.79 -106.38 -152.09
CA GLY KB 135 -52.68 -105.98 -151.24
C GLY KB 135 -51.31 -106.47 -151.73
N GLU KB 136 -51.22 -106.94 -152.99
CA GLU KB 136 -49.97 -107.40 -153.58
C GLU KB 136 -49.76 -106.77 -154.96
N TYR KB 137 -48.48 -106.62 -155.36
CA TYR KB 137 -48.16 -106.39 -156.76
C TYR KB 137 -48.47 -107.65 -157.56
N GLU KB 138 -48.85 -107.47 -158.83
CA GLU KB 138 -49.09 -108.62 -159.70
C GLU KB 138 -47.79 -109.40 -159.91
N GLU KB 139 -47.87 -110.72 -159.63
CA GLU KB 139 -46.74 -111.62 -159.81
C GLU KB 139 -47.13 -112.71 -160.80
N TYR KB 140 -46.28 -112.87 -161.83
CA TYR KB 140 -46.56 -113.69 -163.00
C TYR KB 140 -45.62 -114.90 -162.99
N SER KB 141 -46.17 -116.11 -163.23
CA SER KB 141 -45.34 -117.30 -163.37
C SER KB 141 -45.47 -117.89 -164.78
N LEU KB 142 -44.33 -117.98 -165.48
CA LEU KB 142 -44.23 -118.70 -166.75
C LEU KB 142 -43.72 -120.12 -166.49
N THR KB 143 -44.14 -121.05 -167.37
CA THR KB 143 -43.61 -122.41 -167.42
C THR KB 143 -43.54 -122.81 -168.89
N GLY KB 144 -42.36 -123.28 -169.33
CA GLY KB 144 -42.15 -123.56 -170.74
C GLY KB 144 -41.04 -124.58 -171.02
N SER KB 145 -40.92 -124.96 -172.29
CA SER KB 145 -39.92 -125.94 -172.73
C SER KB 145 -39.04 -125.37 -173.84
N GLY KB 146 -37.72 -125.29 -173.55
CA GLY KB 146 -36.70 -125.02 -174.55
C GLY KB 146 -36.28 -126.30 -175.26
N ARG KB 147 -35.71 -126.15 -176.47
CA ARG KB 147 -35.28 -127.28 -177.28
C ARG KB 147 -33.97 -127.87 -176.75
N SER KB 148 -32.99 -127.01 -176.45
CA SER KB 148 -31.67 -127.42 -175.97
C SER KB 148 -30.94 -126.26 -175.29
N VAL KB 149 -29.91 -126.60 -174.49
CA VAL KB 149 -28.94 -125.64 -173.97
C VAL KB 149 -27.91 -125.38 -175.07
N THR KB 150 -27.80 -124.11 -175.53
CA THR KB 150 -26.86 -123.77 -176.59
C THR KB 150 -25.49 -123.38 -176.03
N ASN KB 151 -25.48 -122.93 -174.76
CA ASN KB 151 -24.27 -122.51 -174.08
C ASN KB 151 -24.41 -122.70 -172.58
N LEU KB 152 -23.42 -123.39 -171.99
CA LEU KB 152 -23.16 -123.36 -170.56
C LEU KB 152 -21.64 -123.28 -170.35
N ALA KB 153 -21.18 -122.08 -169.98
CA ALA KB 153 -19.76 -121.81 -169.93
C ALA KB 153 -19.46 -120.72 -168.90
N ASP KB 154 -18.19 -120.69 -168.44
CA ASP KB 154 -17.63 -119.54 -167.75
C ASP KB 154 -17.33 -118.47 -168.80
N THR KB 155 -18.02 -117.31 -168.70
CA THR KB 155 -17.86 -116.23 -169.66
C THR KB 155 -17.05 -115.07 -169.07
N SER KB 156 -16.43 -115.26 -167.90
CA SER KB 156 -15.50 -114.29 -167.33
C SER KB 156 -14.23 -114.18 -168.17
N GLY KB 157 -13.54 -113.04 -168.08
CA GLY KB 157 -12.35 -112.75 -168.88
C GLY KB 157 -11.20 -113.68 -168.58
N ALA LB 2 -39.90 -99.45 -177.47
CA ALA LB 2 -40.96 -100.22 -176.76
C ALA LB 2 -41.16 -99.66 -175.35
N THR LB 3 -42.30 -100.02 -174.72
CA THR LB 3 -42.65 -99.57 -173.38
C THR LB 3 -41.84 -100.36 -172.35
N SER LB 4 -41.23 -99.65 -171.39
CA SER LB 4 -40.45 -100.27 -170.32
C SER LB 4 -41.34 -101.18 -169.47
N PRO LB 5 -40.91 -102.44 -169.15
CA PRO LB 5 -41.65 -103.28 -168.18
C PRO LB 5 -41.75 -102.58 -166.83
N GLU LB 6 -42.93 -102.68 -166.19
CA GLU LB 6 -43.22 -101.94 -164.97
C GLU LB 6 -44.08 -102.80 -164.03
N GLY LB 7 -43.92 -102.59 -162.72
CA GLY LB 7 -44.78 -103.20 -161.72
C GLY LB 7 -46.25 -102.80 -161.90
N ILE LB 8 -47.17 -103.69 -161.50
CA ILE LB 8 -48.60 -103.38 -161.50
C ILE LB 8 -49.14 -103.69 -160.11
N TRP LB 9 -49.90 -102.73 -159.57
CA TRP LB 9 -50.45 -102.84 -158.22
C TRP LB 9 -51.89 -103.35 -158.32
N SER LB 10 -52.20 -104.45 -157.62
CA SER LB 10 -53.47 -105.16 -157.82
C SER LB 10 -54.69 -104.27 -157.56
N ASN LB 11 -54.60 -103.42 -156.51
CA ASN LB 11 -55.73 -102.61 -156.07
C ASN LB 11 -56.05 -101.45 -157.03
N SER LB 12 -55.22 -101.24 -158.07
CA SER LB 12 -55.44 -100.21 -159.08
C SER LB 12 -56.40 -100.66 -160.19
N GLY LB 13 -56.67 -101.97 -160.27
CA GLY LB 13 -57.44 -102.53 -161.39
C GLY LB 13 -58.94 -102.27 -161.29
N ALA LB 14 -59.57 -102.08 -162.46
CA ALA LB 14 -61.02 -101.97 -162.59
C ALA LB 14 -61.54 -103.04 -163.55
N LEU LB 15 -62.32 -103.98 -163.00
CA LEU LB 15 -62.89 -105.11 -163.74
C LEU LB 15 -64.37 -104.83 -164.05
N THR LB 16 -64.79 -105.11 -165.29
CA THR LB 16 -66.17 -104.98 -165.70
C THR LB 16 -66.60 -106.17 -166.56
N PHE LB 17 -67.89 -106.53 -166.42
CA PHE LB 17 -68.54 -107.52 -167.26
C PHE LB 17 -69.59 -106.85 -168.13
N GLU LB 18 -69.64 -107.23 -169.42
CA GLU LB 18 -70.63 -106.75 -170.36
C GLU LB 18 -71.38 -107.93 -170.99
N ASP LB 19 -72.67 -107.71 -171.27
CA ASP LB 19 -73.49 -108.61 -172.07
C ASP LB 19 -73.10 -108.46 -173.53
N PRO LB 20 -72.59 -109.51 -174.22
CA PRO LB 20 -72.22 -109.41 -175.64
C PRO LB 20 -73.36 -109.12 -176.62
N ALA LB 21 -74.61 -109.23 -176.16
CA ALA LB 21 -75.77 -108.90 -177.00
C ALA LB 21 -75.95 -107.38 -177.14
N ASP LB 22 -75.50 -106.61 -176.13
CA ASP LB 22 -75.78 -105.18 -176.02
C ASP LB 22 -74.50 -104.34 -175.95
N ASP LB 23 -73.41 -104.94 -175.44
CA ASP LB 23 -72.29 -104.25 -174.79
C ASP LB 23 -72.73 -103.53 -173.51
N SER LB 24 -73.86 -103.91 -172.90
CA SER LB 24 -74.37 -103.29 -171.68
C SER LB 24 -73.69 -103.90 -170.45
N GLU LB 25 -73.39 -103.06 -169.44
CA GLU LB 25 -72.70 -103.50 -168.24
C GLU LB 25 -73.61 -104.39 -167.39
N ILE LB 26 -73.02 -105.47 -166.84
CA ILE LB 26 -73.61 -106.30 -165.81
C ILE LB 26 -72.90 -105.93 -164.50
N LEU LB 27 -73.67 -105.53 -163.48
CA LEU LB 27 -73.10 -104.94 -162.28
C LEU LB 27 -72.31 -105.99 -161.50
N PHE LB 28 -71.03 -105.67 -161.26
CA PHE LB 28 -70.07 -106.53 -160.59
C PHE LB 28 -69.09 -105.64 -159.82
N ALA LB 29 -68.69 -106.09 -158.61
CA ALA LB 29 -67.91 -105.25 -157.71
C ALA LB 29 -67.17 -106.09 -156.68
N GLY LB 30 -66.24 -105.45 -155.94
CA GLY LB 30 -65.63 -106.02 -154.76
C GLY LB 30 -64.71 -107.22 -155.04
N VAL LB 31 -63.95 -107.15 -156.15
CA VAL LB 31 -62.96 -108.17 -156.47
C VAL LB 31 -61.83 -108.12 -155.44
N ARG LB 32 -61.16 -109.28 -155.27
CA ARG LB 32 -60.03 -109.42 -154.37
C ARG LB 32 -58.86 -110.07 -155.11
N ASP LB 33 -59.14 -111.14 -155.87
CA ASP LB 33 -58.16 -111.74 -156.77
C ASP LB 33 -58.74 -111.79 -158.19
N VAL LB 34 -57.89 -111.57 -159.20
CA VAL LB 34 -58.25 -111.72 -160.61
C VAL LB 34 -57.05 -112.31 -161.37
N THR LB 35 -57.24 -113.52 -161.93
CA THR LB 35 -56.24 -114.11 -162.81
C THR LB 35 -56.85 -114.32 -164.21
N ILE LB 36 -56.17 -113.78 -165.23
CA ILE LB 36 -56.52 -114.01 -166.63
C ILE LB 36 -55.30 -114.62 -167.32
N THR LB 37 -55.49 -115.82 -167.91
CA THR LB 37 -54.39 -116.56 -168.50
C THR LB 37 -54.84 -117.14 -169.85
N PRO LB 38 -54.50 -116.50 -171.00
CA PRO LB 38 -54.59 -117.17 -172.30
C PRO LB 38 -53.63 -118.35 -172.37
N ALA LB 39 -54.14 -119.45 -172.95
CA ALA LB 39 -53.46 -120.74 -172.97
C ALA LB 39 -53.73 -121.43 -174.30
N TYR LB 40 -52.79 -122.31 -174.68
CA TYR LB 40 -52.99 -123.27 -175.75
C TYR LB 40 -52.44 -124.62 -175.30
N GLU LB 41 -53.06 -125.70 -175.79
CA GLU LB 41 -52.41 -127.00 -175.77
C GLU LB 41 -51.22 -126.98 -176.74
N HIS LB 42 -50.06 -127.51 -176.30
CA HIS LB 42 -48.91 -127.71 -177.17
C HIS LB 42 -48.72 -129.19 -177.47
N ALA LB 43 -48.45 -129.50 -178.75
CA ALA LB 43 -47.93 -130.81 -179.13
C ALA LB 43 -46.48 -130.66 -179.63
N GLU LB 44 -45.58 -131.49 -179.07
CA GLU LB 44 -44.16 -131.53 -179.44
C GLU LB 44 -43.90 -132.80 -180.26
N LEU LB 45 -43.17 -132.67 -181.38
CA LEU LB 45 -42.82 -133.82 -182.22
C LEU LB 45 -41.42 -134.33 -181.87
N TYR LB 46 -41.35 -135.63 -181.56
CA TYR LB 46 -40.09 -136.36 -181.43
C TYR LB 46 -40.15 -137.66 -182.25
N THR LB 47 -39.01 -138.01 -182.84
CA THR LB 47 -38.86 -139.21 -183.67
C THR LB 47 -37.50 -139.84 -183.35
N ILE LB 48 -37.21 -140.99 -183.98
CA ILE LB 48 -35.95 -141.72 -183.81
C ILE LB 48 -34.76 -140.93 -184.36
N ASP LB 49 -35.00 -139.89 -185.20
CA ASP LB 49 -33.94 -139.12 -185.84
C ASP LB 49 -33.05 -138.36 -184.84
N SER LB 50 -33.66 -137.89 -183.73
CA SER LB 50 -32.99 -136.99 -182.80
C SER LB 50 -33.61 -137.11 -181.40
N THR LB 51 -32.78 -136.88 -180.38
CA THR LB 51 -33.23 -136.69 -179.00
C THR LB 51 -33.90 -135.33 -178.82
N PHE LB 52 -33.60 -134.38 -179.73
CA PHE LB 52 -34.16 -133.03 -179.66
C PHE LB 52 -35.53 -133.00 -180.35
N ARG LB 53 -36.33 -132.00 -179.95
CA ARG LB 53 -37.65 -131.73 -180.47
C ARG LB 53 -37.57 -131.30 -181.94
N ASP LB 54 -38.32 -132.00 -182.82
CA ASP LB 54 -38.41 -131.66 -184.24
C ASP LB 54 -39.25 -130.40 -184.43
N GLU LB 55 -40.45 -130.38 -183.81
CA GLU LB 55 -41.46 -129.34 -184.02
C GLU LB 55 -42.25 -129.10 -182.72
N VAL LB 56 -42.88 -127.92 -182.61
CA VAL LB 56 -43.88 -127.65 -181.58
C VAL LB 56 -45.02 -126.78 -182.13
N LYS LB 57 -46.27 -127.12 -181.77
CA LYS LB 57 -47.48 -126.55 -182.37
C LYS LB 57 -48.57 -126.31 -181.31
N ARG LB 58 -49.39 -125.27 -181.53
CA ARG LB 58 -50.52 -124.89 -180.68
C ARG LB 58 -51.81 -125.53 -181.21
N TYR LB 59 -52.76 -125.85 -180.31
CA TYR LB 59 -54.14 -126.18 -180.71
C TYR LB 59 -55.20 -125.52 -179.80
N GLU LB 60 -55.82 -126.28 -178.87
CA GLU LB 60 -57.01 -125.82 -178.16
C GLU LB 60 -56.74 -124.53 -177.38
N HIS LB 61 -57.15 -123.39 -177.97
CA HIS LB 61 -57.02 -122.10 -177.31
C HIS LB 61 -58.20 -121.89 -176.35
N ASN LB 62 -57.87 -121.35 -175.16
CA ASN LB 62 -58.86 -120.81 -174.26
C ASN LB 62 -58.18 -119.76 -173.38
N VAL LB 63 -59.00 -118.93 -172.72
CA VAL LB 63 -58.50 -118.01 -171.70
C VAL LB 63 -59.07 -118.47 -170.35
N ASN LB 64 -58.19 -118.95 -169.47
CA ASN LB 64 -58.62 -119.26 -168.11
C ASN LB 64 -58.85 -117.95 -167.35
N VAL LB 65 -60.08 -117.79 -166.86
CA VAL LB 65 -60.45 -116.65 -166.03
C VAL LB 65 -60.83 -117.20 -164.65
N GLU LB 66 -60.17 -116.69 -163.60
CA GLU LB 66 -60.61 -116.98 -162.25
C GLU LB 66 -60.61 -115.69 -161.42
N ILE LB 67 -61.72 -115.47 -160.71
CA ILE LB 67 -61.99 -114.24 -159.98
C ILE LB 67 -62.46 -114.63 -158.57
N THR LB 68 -61.82 -114.04 -157.55
CA THR LB 68 -62.35 -114.10 -156.19
C THR LB 68 -62.89 -112.72 -155.83
N TYR LB 69 -64.12 -112.68 -155.32
CA TYR LB 69 -64.80 -111.41 -155.05
C TYR LB 69 -65.69 -111.54 -153.81
N ALA LB 70 -66.03 -110.39 -153.19
CA ALA LB 70 -66.62 -110.35 -151.86
C ALA LB 70 -67.86 -109.45 -151.76
N LYS LB 71 -68.36 -108.94 -152.90
CA LYS LB 71 -69.67 -108.30 -152.97
C LYS LB 71 -70.56 -109.13 -153.88
N PHE LB 72 -71.72 -109.58 -153.36
CA PHE LB 72 -72.64 -110.36 -154.15
C PHE LB 72 -73.41 -109.44 -155.10
N SER LB 73 -73.61 -109.91 -156.35
CA SER LB 73 -74.42 -109.23 -157.34
C SER LB 73 -75.59 -110.13 -157.76
N LEU LB 74 -76.82 -109.65 -157.55
CA LEU LB 74 -78.00 -110.38 -158.01
C LEU LB 74 -78.06 -110.40 -159.53
N GLU LB 75 -77.73 -109.27 -160.17
CA GLU LB 75 -77.79 -109.17 -161.62
C GLU LB 75 -76.88 -110.23 -162.26
N PHE LB 76 -75.61 -110.29 -161.81
CA PHE LB 76 -74.66 -111.26 -162.35
C PHE LB 76 -75.16 -112.70 -162.18
N ALA LB 77 -75.69 -113.02 -160.99
CA ALA LB 77 -76.17 -114.35 -160.68
C ALA LB 77 -77.39 -114.72 -161.53
N GLN LB 78 -78.34 -113.78 -161.70
CA GLN LB 78 -79.57 -114.01 -162.43
C GLN LB 78 -79.33 -114.03 -163.94
N GLU LB 79 -78.29 -113.34 -164.40
CA GLU LB 79 -77.82 -113.41 -165.78
C GLU LB 79 -77.25 -114.80 -166.07
N TRP LB 80 -76.44 -115.31 -165.13
CA TRP LB 80 -75.85 -116.64 -165.25
C TRP LB 80 -76.94 -117.72 -165.29
N LEU LB 81 -78.01 -117.56 -164.49
CA LEU LB 81 -79.12 -118.50 -164.48
C LEU LB 81 -79.89 -118.46 -165.81
N GLY LB 82 -80.14 -117.25 -166.34
CA GLY LB 82 -81.00 -117.03 -167.49
C GLY LB 82 -80.44 -117.51 -168.83
N GLY LB 83 -79.11 -117.63 -168.93
CA GLY LB 83 -78.45 -117.94 -170.20
C GLY LB 83 -78.39 -116.72 -171.12
N PRO LB 84 -78.00 -116.89 -172.42
CA PRO LB 84 -77.86 -115.75 -173.34
C PRO LB 84 -79.14 -114.93 -173.50
N GLY LB 85 -79.00 -113.61 -173.34
CA GLY LB 85 -80.03 -112.62 -173.61
C GLY LB 85 -81.24 -112.65 -172.68
N ALA LB 86 -81.11 -113.31 -171.51
CA ALA LB 86 -82.22 -113.48 -170.57
C ALA LB 86 -81.73 -113.44 -169.13
N THR LB 87 -82.65 -113.14 -168.20
CA THR LB 87 -82.45 -113.12 -166.76
C THR LB 87 -83.46 -114.08 -166.10
N ALA LB 88 -83.05 -114.81 -165.06
CA ALA LB 88 -83.95 -115.75 -164.39
C ALA LB 88 -83.69 -115.81 -162.88
N THR LB 89 -84.78 -116.05 -162.11
CA THR LB 89 -84.74 -116.22 -160.66
C THR LB 89 -84.68 -117.70 -160.26
N ALA LB 90 -84.53 -118.61 -161.24
CA ALA LB 90 -84.49 -120.05 -160.99
C ALA LB 90 -83.61 -120.72 -162.05
N SER LB 91 -83.08 -121.92 -161.77
CA SER LB 91 -82.32 -122.68 -162.74
C SER LB 91 -83.15 -122.91 -164.00
N GLN LB 92 -82.50 -122.77 -165.17
CA GLN LB 92 -83.13 -122.96 -166.46
C GLN LB 92 -82.68 -124.30 -167.04
N ASP LB 93 -83.65 -125.07 -167.55
CA ASP LB 93 -83.40 -126.36 -168.16
C ASP LB 93 -83.12 -126.18 -169.66
N ASP LB 94 -81.94 -125.62 -169.98
CA ASP LB 94 -81.52 -125.42 -171.36
C ASP LB 94 -79.99 -125.48 -171.50
N SER LB 95 -79.52 -125.64 -172.75
CA SER LB 95 -78.16 -126.05 -173.07
C SER LB 95 -77.17 -124.88 -173.21
N ASP LB 96 -77.63 -123.63 -173.28
CA ASP LB 96 -76.74 -122.50 -173.57
C ASP LB 96 -76.29 -121.83 -172.28
N PRO LB 97 -74.96 -121.77 -171.98
CA PRO LB 97 -74.47 -120.97 -170.85
C PRO LB 97 -74.47 -119.49 -171.22
N MET LB 98 -74.65 -118.64 -170.20
CA MET LB 98 -74.45 -117.21 -170.36
C MET LB 98 -72.97 -116.93 -170.66
N LYS LB 99 -72.72 -116.25 -171.79
CA LYS LB 99 -71.40 -115.83 -172.22
C LYS LB 99 -71.23 -114.36 -171.84
N PHE LB 100 -70.18 -114.06 -171.06
CA PHE LB 100 -69.90 -112.70 -170.64
C PHE LB 100 -68.70 -112.17 -171.42
N ASN LB 101 -68.75 -110.90 -171.85
CA ASN LB 101 -67.54 -110.18 -172.20
C ASN LB 101 -66.94 -109.62 -170.91
N LEU LB 102 -65.59 -109.73 -170.80
CA LEU LB 102 -64.87 -109.28 -169.62
C LEU LB 102 -63.79 -108.28 -170.04
N GLU LB 103 -63.59 -107.24 -169.23
CA GLU LB 103 -62.49 -106.30 -169.42
C GLU LB 103 -61.90 -105.89 -168.07
N ASN LB 104 -60.57 -105.88 -168.00
CA ASN LB 104 -59.84 -105.39 -166.84
C ASN LB 104 -58.88 -104.29 -167.29
N VAL LB 105 -58.93 -103.14 -166.59
CA VAL LB 105 -58.10 -101.98 -166.91
C VAL LB 105 -57.24 -101.65 -165.69
N THR LB 106 -55.90 -101.65 -165.87
CA THR LB 106 -54.95 -101.41 -164.79
C THR LB 106 -53.88 -100.40 -165.20
N PRO LB 107 -53.74 -99.25 -164.49
CA PRO LB 107 -52.52 -98.42 -164.58
C PRO LB 107 -51.30 -99.19 -164.05
N SER LB 108 -50.13 -98.96 -164.67
CA SER LB 108 -48.87 -99.47 -164.15
C SER LB 108 -48.47 -98.66 -162.91
N ALA LB 109 -47.57 -99.21 -162.07
CA ALA LB 109 -47.33 -98.71 -160.73
C ALA LB 109 -46.77 -97.28 -160.71
N SER LB 110 -45.96 -96.92 -161.73
CA SER LB 110 -45.40 -95.57 -161.88
C SER LB 110 -46.05 -94.79 -163.03
N GLY LB 111 -47.18 -95.29 -163.55
CA GLY LB 111 -47.96 -94.59 -164.57
C GLY LB 111 -47.34 -94.60 -165.98
N GLY LB 112 -46.40 -95.52 -166.25
CA GLY LB 112 -45.76 -95.68 -167.54
C GLY LB 112 -46.71 -96.11 -168.67
N PHE LB 113 -47.74 -96.91 -168.31
CA PHE LB 113 -48.76 -97.38 -169.26
C PHE LB 113 -50.06 -97.71 -168.52
N GLU LB 114 -51.15 -97.85 -169.30
CA GLU LB 114 -52.40 -98.39 -168.79
C GLU LB 114 -52.73 -99.66 -169.56
N ARG LB 115 -52.58 -100.81 -168.89
CA ARG LB 115 -52.80 -102.12 -169.50
C ARG LB 115 -54.30 -102.42 -169.49
N THR LB 116 -54.89 -102.57 -170.69
CA THR LB 116 -56.25 -103.06 -170.86
C THR LB 116 -56.19 -104.51 -171.36
N THR LB 117 -56.84 -105.42 -170.63
CA THR LB 117 -57.06 -106.79 -171.06
C THR LB 117 -58.57 -107.01 -171.29
N ALA LB 118 -58.93 -107.53 -172.47
CA ALA LB 118 -60.33 -107.86 -172.76
C ALA LB 118 -60.45 -109.30 -173.27
N VAL LB 119 -61.50 -110.01 -172.83
CA VAL LB 119 -61.72 -111.43 -173.09
C VAL LB 119 -63.16 -111.63 -173.56
N GLU LB 120 -63.37 -112.36 -174.66
CA GLU LB 120 -64.70 -112.61 -175.19
C GLU LB 120 -65.26 -113.93 -174.64
N ASN LB 121 -66.59 -113.97 -174.49
CA ASN LB 121 -67.39 -115.18 -174.28
C ASN LB 121 -66.87 -116.03 -173.12
N VAL LB 122 -66.58 -115.38 -171.97
CA VAL LB 122 -66.26 -116.09 -170.74
C VAL LB 122 -67.52 -116.81 -170.25
N VAL LB 123 -67.38 -118.12 -169.97
CA VAL LB 123 -68.46 -118.92 -169.41
C VAL LB 123 -67.96 -119.55 -168.10
N PHE LB 124 -68.87 -119.70 -167.12
CA PHE LB 124 -68.52 -120.25 -165.81
C PHE LB 124 -69.32 -121.53 -165.58
N PRO LB 125 -68.68 -122.74 -165.52
CA PRO LB 125 -69.39 -124.00 -165.24
C PRO LB 125 -70.23 -123.99 -163.96
N GLU LB 126 -69.71 -123.33 -162.91
CA GLU LB 126 -70.37 -123.29 -161.61
C GLU LB 126 -70.37 -121.86 -161.05
N LEU LB 127 -71.48 -121.50 -160.42
CA LEU LB 127 -71.69 -120.20 -159.80
C LEU LB 127 -71.93 -120.41 -158.30
N PRO LB 128 -71.09 -119.88 -157.38
CA PRO LB 128 -71.43 -119.88 -155.96
C PRO LB 128 -72.50 -118.82 -155.66
N LEU LB 129 -73.57 -119.24 -154.97
CA LEU LB 129 -74.65 -118.33 -154.59
C LEU LB 129 -74.50 -117.90 -153.14
N ASP LB 130 -74.32 -118.90 -152.27
CA ASP LB 130 -74.08 -118.68 -150.84
C ASP LB 130 -72.72 -119.29 -150.51
N SER LB 131 -71.91 -118.53 -149.75
CA SER LB 131 -70.54 -118.91 -149.41
C SER LB 131 -70.21 -118.40 -148.01
N ALA LB 132 -71.04 -118.80 -147.04
CA ALA LB 132 -70.94 -118.36 -145.66
C ALA LB 132 -69.86 -119.15 -144.91
N THR LB 133 -68.99 -118.41 -144.21
CA THR LB 133 -68.09 -118.96 -143.21
C THR LB 133 -68.24 -118.10 -141.95
N TYR LB 134 -68.38 -118.77 -140.80
CA TYR LB 134 -68.57 -118.12 -139.52
C TYR LB 134 -67.47 -117.07 -139.27
N GLY LB 135 -67.88 -115.83 -138.96
CA GLY LB 135 -66.99 -114.72 -138.64
C GLY LB 135 -66.30 -114.10 -139.85
N GLU LB 136 -66.80 -114.38 -141.07
CA GLU LB 136 -66.24 -113.83 -142.30
C GLU LB 136 -67.37 -113.25 -143.17
N TYR LB 137 -67.02 -112.25 -144.00
CA TYR LB 137 -67.89 -111.88 -145.12
C TYR LB 137 -67.92 -113.03 -146.12
N GLU LB 138 -69.05 -113.21 -146.80
CA GLU LB 138 -69.13 -114.22 -147.85
C GLU LB 138 -68.12 -113.86 -148.95
N GLU LB 139 -67.37 -114.87 -149.41
CA GLU LB 139 -66.39 -114.70 -150.48
C GLU LB 139 -66.60 -115.78 -151.54
N TYR LB 140 -66.59 -115.34 -152.82
CA TYR LB 140 -67.00 -116.14 -153.95
C TYR LB 140 -65.83 -116.31 -154.91
N SER LB 141 -65.59 -117.55 -155.35
CA SER LB 141 -64.61 -117.81 -156.40
C SER LB 141 -65.31 -118.33 -157.65
N LEU LB 142 -65.11 -117.60 -158.77
CA LEU LB 142 -65.50 -118.05 -160.10
C LEU LB 142 -64.26 -118.62 -160.81
N THR LB 143 -64.46 -119.73 -161.53
CA THR LB 143 -63.51 -120.26 -162.50
C THR LB 143 -64.26 -120.48 -163.81
N GLY LB 144 -63.70 -119.96 -164.92
CA GLY LB 144 -64.36 -120.03 -166.22
C GLY LB 144 -63.38 -119.98 -167.38
N SER LB 145 -63.92 -120.14 -168.61
CA SER LB 145 -63.11 -120.14 -169.81
C SER LB 145 -63.68 -119.15 -170.85
N GLY LB 146 -62.83 -118.19 -171.27
CA GLY LB 146 -63.10 -117.31 -172.39
C GLY LB 146 -62.60 -117.91 -173.71
N ARG LB 147 -63.18 -117.46 -174.83
CA ARG LB 147 -62.85 -118.00 -176.15
C ARG LB 147 -61.49 -117.46 -176.63
N SER LB 148 -61.27 -116.16 -176.47
CA SER LB 148 -60.04 -115.49 -176.91
C SER LB 148 -59.85 -114.15 -176.19
N VAL LB 149 -58.61 -113.65 -176.22
CA VAL LB 149 -58.29 -112.27 -175.82
C VAL LB 149 -58.56 -111.37 -177.03
N THR LB 150 -59.48 -110.40 -176.87
CA THR LB 150 -59.86 -109.52 -177.95
C THR LB 150 -59.02 -108.25 -177.97
N ASN LB 151 -58.43 -107.91 -176.81
CA ASN LB 151 -57.56 -106.74 -176.72
C ASN LB 151 -56.57 -106.92 -175.57
N LEU LB 152 -55.29 -106.62 -175.86
CA LEU LB 152 -54.25 -106.42 -174.87
C LEU LB 152 -53.34 -105.29 -175.35
N ALA LB 153 -53.52 -104.10 -174.74
CA ALA LB 153 -52.88 -102.91 -175.23
C ALA LB 153 -52.60 -101.92 -174.08
N ASP LB 154 -51.70 -100.97 -174.35
CA ASP LB 154 -51.59 -99.74 -173.58
C ASP LB 154 -52.67 -98.78 -174.08
N THR LB 155 -53.62 -98.45 -173.18
CA THR LB 155 -54.75 -97.58 -173.52
C THR LB 155 -54.59 -96.17 -172.93
N SER LB 156 -53.40 -95.85 -172.40
CA SER LB 156 -53.09 -94.50 -171.93
C SER LB 156 -52.97 -93.54 -173.13
N GLY LB 157 -53.09 -92.23 -172.86
CA GLY LB 157 -53.14 -91.19 -173.88
C GLY LB 157 -51.88 -91.14 -174.73
N ALA MB 2 -60.75 -159.77 -117.39
CA ALA MB 2 -59.82 -159.24 -118.42
C ALA MB 2 -58.99 -158.09 -117.85
N THR MB 3 -57.85 -157.79 -118.49
CA THR MB 3 -56.91 -156.76 -118.07
C THR MB 3 -57.45 -155.38 -118.50
N SER MB 4 -57.39 -154.40 -117.58
CA SER MB 4 -57.84 -153.04 -117.84
C SER MB 4 -57.02 -152.41 -118.98
N PRO MB 5 -57.64 -151.73 -119.98
CA PRO MB 5 -56.88 -150.94 -120.97
C PRO MB 5 -56.11 -149.82 -120.28
N GLU MB 6 -54.87 -149.58 -120.76
CA GLU MB 6 -53.95 -148.67 -120.09
C GLU MB 6 -53.12 -147.92 -121.15
N GLY MB 7 -52.72 -146.67 -120.82
CA GLY MB 7 -51.83 -145.90 -121.66
C GLY MB 7 -50.47 -146.59 -121.83
N ILE MB 8 -49.82 -146.37 -122.98
CA ILE MB 8 -48.47 -146.88 -123.22
C ILE MB 8 -47.58 -145.71 -123.63
N TRP MB 9 -46.41 -145.61 -122.98
CA TRP MB 9 -45.48 -144.52 -123.20
C TRP MB 9 -44.41 -144.97 -124.19
N SER MB 10 -44.23 -144.21 -125.29
CA SER MB 10 -43.41 -144.66 -126.42
C SER MB 10 -41.96 -144.95 -126.01
N ASN MB 11 -41.40 -144.11 -125.14
CA ASN MB 11 -39.98 -144.19 -124.77
C ASN MB 11 -39.67 -145.40 -123.87
N SER MB 12 -40.70 -146.15 -123.44
CA SER MB 12 -40.52 -147.35 -122.62
C SER MB 12 -40.26 -148.62 -123.47
N GLY MB 13 -40.43 -148.52 -124.80
CA GLY MB 13 -40.34 -149.69 -125.67
C GLY MB 13 -38.90 -150.15 -125.93
N ALA MB 14 -38.73 -151.49 -126.03
CA ALA MB 14 -37.48 -152.11 -126.44
C ALA MB 14 -37.72 -152.95 -127.70
N LEU MB 15 -37.15 -152.52 -128.83
CA LEU MB 15 -37.28 -153.18 -130.13
C LEU MB 15 -36.01 -153.97 -130.43
N THR MB 16 -36.18 -155.23 -130.89
CA THR MB 16 -35.07 -156.11 -131.23
C THR MB 16 -35.36 -156.84 -132.54
N PHE MB 17 -34.30 -157.00 -133.35
CA PHE MB 17 -34.33 -157.80 -134.56
C PHE MB 17 -33.49 -159.06 -134.38
N GLU MB 18 -34.04 -160.20 -134.83
CA GLU MB 18 -33.35 -161.49 -134.77
C GLU MB 18 -33.29 -162.11 -136.16
N ASP MB 19 -32.19 -162.83 -136.44
CA ASP MB 19 -32.07 -163.67 -137.62
C ASP MB 19 -32.88 -164.95 -137.40
N PRO MB 20 -33.92 -165.24 -138.24
CA PRO MB 20 -34.72 -166.46 -138.08
C PRO MB 20 -33.98 -167.79 -138.26
N ALA MB 21 -32.75 -167.75 -138.80
CA ALA MB 21 -31.93 -168.96 -138.96
C ALA MB 21 -31.29 -169.39 -137.64
N ASP MB 22 -31.08 -168.44 -136.70
CA ASP MB 22 -30.31 -168.64 -135.48
C ASP MB 22 -31.11 -168.33 -134.22
N ASP MB 23 -32.09 -167.41 -134.33
CA ASP MB 23 -32.62 -166.61 -133.24
C ASP MB 23 -31.55 -165.69 -132.63
N SER MB 24 -30.46 -165.40 -133.37
CA SER MB 24 -29.38 -164.52 -132.90
C SER MB 24 -29.75 -163.06 -133.18
N GLU MB 25 -29.36 -162.16 -132.25
CA GLU MB 25 -29.71 -160.75 -132.35
C GLU MB 25 -28.88 -160.05 -133.42
N ILE MB 26 -29.55 -159.20 -134.20
CA ILE MB 26 -28.94 -158.26 -135.13
C ILE MB 26 -28.97 -156.88 -134.46
N LEU MB 27 -27.80 -156.25 -134.32
CA LEU MB 27 -27.68 -155.02 -133.53
C LEU MB 27 -28.46 -153.88 -134.19
N PHE MB 28 -29.41 -153.32 -133.43
CA PHE MB 28 -30.28 -152.23 -133.85
C PHE MB 28 -30.58 -151.37 -132.62
N ALA MB 29 -30.64 -150.04 -132.81
CA ALA MB 29 -30.73 -149.11 -131.69
C ALA MB 29 -31.27 -147.75 -132.16
N GLY MB 30 -31.60 -146.89 -131.19
CA GLY MB 30 -31.90 -145.48 -131.43
C GLY MB 30 -33.19 -145.25 -132.22
N VAL MB 31 -34.22 -146.06 -131.94
CA VAL MB 31 -35.54 -145.86 -132.56
C VAL MB 31 -36.14 -144.55 -132.05
N ARG MB 32 -37.02 -143.97 -132.88
CA ARG MB 32 -37.73 -142.73 -132.56
C ARG MB 32 -39.23 -142.92 -132.80
N ASP MB 33 -39.60 -143.57 -133.92
CA ASP MB 33 -40.96 -144.01 -134.18
C ASP MB 33 -40.98 -145.50 -134.49
N VAL MB 34 -42.03 -146.22 -134.02
CA VAL MB 34 -42.28 -147.62 -134.39
C VAL MB 34 -43.80 -147.79 -134.57
N THR MB 35 -44.22 -148.16 -135.80
CA THR MB 35 -45.60 -148.53 -136.05
C THR MB 35 -45.66 -149.98 -136.54
N ILE MB 36 -46.46 -150.82 -135.86
CA ILE MB 36 -46.71 -152.19 -136.28
C ILE MB 36 -48.23 -152.36 -136.46
N THR MB 37 -48.64 -152.77 -137.67
CA THR MB 37 -50.04 -152.84 -138.02
C THR MB 37 -50.33 -154.14 -138.80
N PRO MB 38 -50.84 -155.22 -138.15
CA PRO MB 38 -51.44 -156.33 -138.87
C PRO MB 38 -52.69 -155.88 -139.65
N ALA MB 39 -52.76 -156.33 -140.92
CA ALA MB 39 -53.77 -155.88 -141.87
C ALA MB 39 -54.19 -157.02 -142.78
N TYR MB 40 -55.49 -157.06 -143.09
CA TYR MB 40 -56.04 -157.94 -144.11
C TYR MB 40 -56.77 -157.08 -145.15
N GLU MB 41 -56.76 -157.55 -146.41
CA GLU MB 41 -57.71 -157.05 -147.39
C GLU MB 41 -59.10 -157.58 -147.03
N HIS MB 42 -60.12 -156.71 -147.11
CA HIS MB 42 -61.51 -157.08 -146.91
C HIS MB 42 -62.28 -157.05 -148.22
N ALA MB 43 -63.06 -158.11 -148.48
CA ALA MB 43 -64.05 -158.10 -149.54
C ALA MB 43 -65.47 -158.15 -148.94
N GLU MB 44 -66.33 -157.22 -149.37
CA GLU MB 44 -67.73 -157.13 -148.93
C GLU MB 44 -68.65 -157.58 -150.07
N LEU MB 45 -69.67 -158.39 -149.74
CA LEU MB 45 -70.63 -158.85 -150.74
C LEU MB 45 -71.91 -158.00 -150.69
N TYR MB 46 -72.31 -157.50 -151.86
CA TYR MB 46 -73.60 -156.85 -152.08
C TYR MB 46 -74.26 -157.42 -153.35
N THR MB 47 -75.60 -157.58 -153.29
CA THR MB 47 -76.46 -158.07 -154.36
C THR MB 47 -77.75 -157.24 -154.34
N ILE MB 48 -78.65 -157.41 -155.33
CA ILE MB 48 -79.86 -156.58 -155.37
C ILE MB 48 -80.87 -156.96 -154.26
N ASP MB 49 -80.63 -158.05 -153.51
CA ASP MB 49 -81.53 -158.50 -152.45
C ASP MB 49 -81.70 -157.42 -151.37
N SER MB 50 -80.62 -156.67 -151.09
CA SER MB 50 -80.56 -155.74 -149.99
C SER MB 50 -79.56 -154.61 -150.29
N THR MB 51 -79.83 -153.43 -149.72
CA THR MB 51 -78.88 -152.32 -149.67
C THR MB 51 -77.77 -152.61 -148.65
N PHE MB 52 -78.05 -153.52 -147.70
CA PHE MB 52 -77.09 -153.87 -146.66
C PHE MB 52 -76.11 -154.93 -147.16
N ARG MB 53 -74.95 -155.00 -146.49
CA ARG MB 53 -73.88 -155.95 -146.78
C ARG MB 53 -74.35 -157.37 -146.45
N ASP MB 54 -74.22 -158.28 -147.42
CA ASP MB 54 -74.54 -159.69 -147.23
C ASP MB 54 -73.46 -160.38 -146.37
N GLU MB 55 -72.17 -160.17 -146.74
CA GLU MB 55 -71.03 -160.87 -146.16
C GLU MB 55 -69.80 -159.95 -146.13
N VAL MB 56 -68.82 -160.28 -145.27
CA VAL MB 56 -67.48 -159.71 -145.32
C VAL MB 56 -66.42 -160.76 -144.96
N LYS MB 57 -65.28 -160.74 -145.68
CA LYS MB 57 -64.24 -161.77 -145.62
C LYS MB 57 -62.83 -161.15 -145.67
N ARG MB 58 -61.86 -161.87 -145.10
CA ARG MB 58 -60.44 -161.49 -145.03
C ARG MB 58 -59.62 -162.26 -146.06
N TYR MB 59 -58.57 -161.61 -146.60
CA TYR MB 59 -57.53 -162.22 -147.43
C TYR MB 59 -56.29 -161.34 -147.41
N GLU MB 60 -55.17 -161.81 -148.02
CA GLU MB 60 -53.89 -161.10 -148.11
C GLU MB 60 -53.47 -160.49 -146.76
N HIS MB 61 -53.23 -161.36 -145.78
CA HIS MB 61 -52.68 -160.93 -144.50
C HIS MB 61 -51.24 -160.42 -144.71
N ASN MB 62 -50.93 -159.28 -144.07
CA ASN MB 62 -49.56 -158.83 -143.87
C ASN MB 62 -49.50 -158.03 -142.58
N VAL MB 63 -48.27 -157.80 -142.09
CA VAL MB 63 -48.06 -156.87 -140.99
C VAL MB 63 -47.22 -155.72 -141.53
N ASN MB 64 -47.82 -154.53 -141.67
CA ASN MB 64 -47.06 -153.35 -142.02
C ASN MB 64 -46.18 -152.96 -140.84
N VAL MB 65 -44.86 -152.90 -141.09
CA VAL MB 65 -43.89 -152.45 -140.11
C VAL MB 65 -43.23 -151.19 -140.68
N GLU MB 66 -43.28 -150.09 -139.92
CA GLU MB 66 -42.48 -148.92 -140.26
C GLU MB 66 -41.79 -148.37 -139.02
N ILE MB 67 -40.50 -148.07 -139.17
CA ILE MB 67 -39.61 -147.70 -138.07
C ILE MB 67 -38.83 -146.46 -138.51
N THR MB 68 -38.80 -145.43 -137.66
CA THR MB 68 -37.85 -144.33 -137.83
C THR MB 68 -36.82 -144.40 -136.72
N TYR MB 69 -35.53 -144.33 -137.09
CA TYR MB 69 -34.44 -144.54 -136.15
C TYR MB 69 -33.24 -143.64 -136.52
N ALA MB 70 -32.37 -143.37 -135.53
CA ALA MB 70 -31.36 -142.33 -135.63
C ALA MB 70 -29.95 -142.78 -135.20
N LYS MB 71 -29.75 -144.10 -135.01
CA LYS MB 71 -28.43 -144.69 -134.87
C LYS MB 71 -28.23 -145.69 -136.01
N PHE MB 72 -27.18 -145.47 -136.81
CA PHE MB 72 -26.89 -146.35 -137.93
C PHE MB 72 -26.29 -147.67 -137.41
N SER MB 73 -26.68 -148.78 -138.05
CA SER MB 73 -26.13 -150.10 -137.75
C SER MB 73 -25.53 -150.71 -139.03
N LEU MB 74 -24.22 -150.98 -139.00
CA LEU MB 74 -23.56 -151.67 -140.10
C LEU MB 74 -24.07 -153.11 -140.21
N GLU MB 75 -24.25 -153.78 -139.06
CA GLU MB 75 -24.69 -155.17 -139.06
C GLU MB 75 -26.04 -155.30 -139.76
N PHE MB 76 -27.01 -154.47 -139.36
CA PHE MB 76 -28.34 -154.49 -139.94
C PHE MB 76 -28.30 -154.26 -141.46
N ALA MB 77 -27.50 -153.25 -141.89
CA ALA MB 77 -27.39 -152.90 -143.30
C ALA MB 77 -26.75 -154.03 -144.12
N GLN MB 78 -25.70 -154.65 -143.56
CA GLN MB 78 -24.95 -155.70 -144.25
C GLN MB 78 -25.74 -157.00 -144.29
N GLU MB 79 -26.62 -157.22 -143.28
CA GLU MB 79 -27.57 -158.32 -143.27
C GLU MB 79 -28.58 -158.14 -144.40
N TRP MB 80 -29.11 -156.92 -144.55
CA TRP MB 80 -30.08 -156.60 -145.58
C TRP MB 80 -29.50 -156.81 -146.98
N LEU MB 81 -28.23 -156.43 -147.18
CA LEU MB 81 -27.56 -156.60 -148.46
C LEU MB 81 -27.35 -158.10 -148.76
N GLY MB 82 -26.93 -158.87 -147.74
CA GLY MB 82 -26.51 -160.25 -147.90
C GLY MB 82 -27.63 -161.24 -148.21
N GLY MB 83 -28.88 -160.89 -147.84
CA GLY MB 83 -30.01 -161.82 -147.95
C GLY MB 83 -29.99 -162.88 -146.85
N PRO MB 84 -30.86 -163.93 -146.92
CA PRO MB 84 -30.93 -164.96 -145.87
C PRO MB 84 -29.59 -165.64 -145.60
N GLY MB 85 -29.18 -165.64 -144.32
CA GLY MB 85 -28.05 -166.39 -143.81
C GLY MB 85 -26.66 -165.87 -144.22
N ALA MB 86 -26.57 -164.61 -144.69
CA ALA MB 86 -25.30 -164.03 -145.11
C ALA MB 86 -25.25 -162.52 -144.85
N THR MB 87 -24.01 -161.99 -144.74
CA THR MB 87 -23.73 -160.56 -144.74
C THR MB 87 -22.93 -160.20 -145.99
N ALA MB 88 -23.14 -158.99 -146.52
CA ALA MB 88 -22.38 -158.50 -147.67
C ALA MB 88 -22.08 -157.01 -147.54
N THR MB 89 -20.93 -156.60 -148.09
CA THR MB 89 -20.49 -155.20 -148.15
C THR MB 89 -20.91 -154.53 -149.47
N ALA MB 90 -21.72 -155.23 -150.29
CA ALA MB 90 -22.12 -154.75 -151.61
C ALA MB 90 -23.48 -155.36 -151.99
N SER MB 91 -24.21 -154.70 -152.89
CA SER MB 91 -25.44 -155.25 -153.47
C SER MB 91 -25.20 -156.67 -153.97
N GLN MB 92 -26.16 -157.56 -153.66
CA GLN MB 92 -26.12 -158.93 -154.14
C GLN MB 92 -27.14 -159.11 -155.25
N ASP MB 93 -26.72 -159.77 -156.33
CA ASP MB 93 -27.55 -160.04 -157.48
C ASP MB 93 -28.28 -161.37 -157.29
N ASP MB 94 -29.27 -161.39 -156.38
CA ASP MB 94 -30.06 -162.58 -156.10
C ASP MB 94 -31.48 -162.24 -155.63
N SER MB 95 -32.36 -163.24 -155.67
CA SER MB 95 -33.81 -163.11 -155.58
C SER MB 95 -34.34 -163.00 -154.14
N ASP MB 96 -33.52 -163.33 -153.12
CA ASP MB 96 -34.06 -163.59 -151.80
C ASP MB 96 -33.80 -162.42 -150.86
N PRO MB 97 -34.84 -161.73 -150.33
CA PRO MB 97 -34.63 -160.64 -149.36
C PRO MB 97 -34.29 -161.23 -148.00
N MET MB 98 -33.47 -160.49 -147.23
CA MET MB 98 -33.25 -160.82 -145.83
C MET MB 98 -34.58 -160.67 -145.07
N LYS MB 99 -34.99 -161.76 -144.41
CA LYS MB 99 -36.18 -161.81 -143.58
C LYS MB 99 -35.74 -161.68 -142.12
N PHE MB 100 -36.30 -160.70 -141.40
CA PHE MB 100 -35.98 -160.47 -140.01
C PHE MB 100 -37.16 -160.91 -139.14
N ASN MB 101 -36.87 -161.53 -137.99
CA ASN MB 101 -37.86 -161.60 -136.93
C ASN MB 101 -37.75 -160.33 -136.09
N LEU MB 102 -38.91 -159.77 -135.71
CA LEU MB 102 -38.98 -158.52 -134.97
C LEU MB 102 -39.76 -158.76 -133.67
N GLU MB 103 -39.29 -158.15 -132.57
CA GLU MB 103 -40.03 -158.15 -131.31
C GLU MB 103 -39.93 -156.78 -130.65
N ASN MB 104 -41.08 -156.27 -130.19
CA ASN MB 104 -41.14 -155.03 -129.43
C ASN MB 104 -41.82 -155.29 -128.09
N VAL MB 105 -41.15 -154.87 -126.99
CA VAL MB 105 -41.62 -155.11 -125.63
C VAL MB 105 -41.84 -153.76 -124.94
N THR MB 106 -43.05 -153.54 -124.39
CA THR MB 106 -43.40 -152.29 -123.74
C THR MB 106 -44.18 -152.54 -122.44
N PRO MB 107 -43.71 -152.00 -121.27
CA PRO MB 107 -44.58 -151.84 -120.10
C PRO MB 107 -45.71 -150.84 -120.40
N SER MB 108 -46.90 -151.11 -119.84
CA SER MB 108 -47.97 -150.11 -119.82
C SER MB 108 -47.61 -149.02 -118.82
N ALA MB 109 -48.22 -147.83 -118.96
CA ALA MB 109 -47.74 -146.61 -118.31
C ALA MB 109 -47.79 -146.69 -116.78
N SER MB 110 -48.76 -147.45 -116.22
CA SER MB 110 -48.90 -147.66 -114.77
C SER MB 110 -48.49 -149.09 -114.36
N GLY MB 111 -47.86 -149.85 -115.27
CA GLY MB 111 -47.34 -151.18 -114.98
C GLY MB 111 -48.41 -152.27 -114.85
N GLY MB 112 -49.63 -152.01 -115.37
CA GLY MB 112 -50.72 -152.96 -115.36
C GLY MB 112 -50.46 -154.23 -116.18
N PHE MB 113 -49.67 -154.11 -117.26
CA PHE MB 113 -49.26 -155.23 -118.11
C PHE MB 113 -47.94 -154.89 -118.81
N GLU MB 114 -47.29 -155.91 -119.37
CA GLU MB 114 -46.19 -155.72 -120.30
C GLU MB 114 -46.59 -156.32 -121.66
N ARG MB 115 -46.86 -155.45 -122.64
CA ARG MB 115 -47.23 -155.90 -123.97
C ARG MB 115 -45.97 -156.30 -124.74
N THR MB 116 -45.94 -157.57 -125.22
CA THR MB 116 -44.98 -158.02 -126.21
C THR MB 116 -45.70 -158.20 -127.55
N THR MB 117 -45.16 -157.55 -128.61
CA THR MB 117 -45.57 -157.78 -129.99
C THR MB 117 -44.40 -158.43 -130.74
N ALA MB 118 -44.63 -159.59 -131.37
CA ALA MB 118 -43.62 -160.25 -132.18
C ALA MB 118 -44.15 -160.52 -133.59
N VAL MB 119 -43.30 -160.28 -134.60
CA VAL MB 119 -43.67 -160.36 -136.01
C VAL MB 119 -42.64 -161.21 -136.74
N GLU MB 120 -43.10 -162.19 -137.54
CA GLU MB 120 -42.20 -163.08 -138.28
C GLU MB 120 -41.91 -162.52 -139.68
N ASN MB 121 -40.69 -162.79 -140.16
CA ASN MB 121 -40.30 -162.70 -141.57
C ASN MB 121 -40.59 -161.31 -142.16
N VAL MB 122 -40.23 -160.25 -141.41
CA VAL MB 122 -40.30 -158.87 -141.90
C VAL MB 122 -39.25 -158.68 -142.99
N VAL MB 123 -39.68 -158.14 -144.14
CA VAL MB 123 -38.79 -157.77 -145.23
C VAL MB 123 -38.96 -156.28 -145.54
N PHE MB 124 -37.87 -155.63 -145.96
CA PHE MB 124 -37.88 -154.21 -146.29
C PHE MB 124 -37.50 -154.03 -147.76
N PRO MB 125 -38.42 -153.55 -148.65
CA PRO MB 125 -38.08 -153.31 -150.06
C PRO MB 125 -36.85 -152.41 -150.29
N GLU MB 126 -36.65 -151.41 -149.41
CA GLU MB 126 -35.56 -150.46 -149.56
C GLU MB 126 -34.96 -150.13 -148.19
N LEU MB 127 -33.63 -149.93 -148.21
CA LEU MB 127 -32.83 -149.65 -147.02
C LEU MB 127 -32.18 -148.28 -147.20
N PRO MB 128 -32.45 -147.27 -146.33
CA PRO MB 128 -31.69 -146.02 -146.39
C PRO MB 128 -30.30 -146.22 -145.79
N LEU MB 129 -29.27 -145.98 -146.60
CA LEU MB 129 -27.89 -146.10 -146.15
C LEU MB 129 -27.40 -144.76 -145.59
N ASP MB 130 -27.59 -143.70 -146.39
CA ASP MB 130 -27.24 -142.34 -146.03
C ASP MB 130 -28.53 -141.51 -146.04
N SER MB 131 -28.70 -140.65 -145.01
CA SER MB 131 -29.88 -139.82 -144.85
C SER MB 131 -29.49 -138.51 -144.17
N ALA MB 132 -28.55 -137.79 -144.82
CA ALA MB 132 -27.96 -136.58 -144.29
C ALA MB 132 -28.82 -135.37 -144.62
N THR MB 133 -29.08 -134.54 -143.60
CA THR MB 133 -29.65 -133.21 -143.74
C THR MB 133 -28.80 -132.26 -142.90
N TYR MB 134 -28.47 -131.12 -143.50
CA TYR MB 134 -27.63 -130.10 -142.87
C TYR MB 134 -28.20 -129.70 -141.50
N GLY MB 135 -27.33 -129.76 -140.46
CA GLY MB 135 -27.67 -129.38 -139.09
C GLY MB 135 -28.52 -130.42 -138.34
N GLU MB 136 -28.61 -131.66 -138.87
CA GLU MB 136 -29.37 -132.74 -138.25
C GLU MB 136 -28.50 -134.00 -138.16
N TYR MB 137 -28.76 -134.83 -137.14
CA TYR MB 137 -28.30 -136.21 -137.16
C TYR MB 137 -29.01 -136.95 -138.28
N GLU MB 138 -28.32 -137.90 -138.91
CA GLU MB 138 -28.95 -138.74 -139.93
C GLU MB 138 -30.11 -139.51 -139.29
N GLU MB 139 -31.28 -139.47 -139.96
CA GLU MB 139 -32.47 -140.17 -139.50
C GLU MB 139 -32.99 -141.06 -140.63
N TYR MB 140 -33.23 -142.34 -140.30
CA TYR MB 140 -33.52 -143.39 -141.27
C TYR MB 140 -34.96 -143.85 -141.06
N SER MB 141 -35.72 -144.00 -142.16
CA SER MB 141 -37.05 -144.59 -142.08
C SER MB 141 -37.11 -145.88 -142.91
N LEU MB 142 -37.45 -146.98 -142.23
CA LEU MB 142 -37.73 -148.27 -142.87
C LEU MB 142 -39.25 -148.42 -143.00
N THR MB 143 -39.69 -148.90 -144.17
CA THR MB 143 -41.03 -149.41 -144.39
C THR MB 143 -40.92 -150.84 -144.93
N GLY MB 144 -41.60 -151.79 -144.28
CA GLY MB 144 -41.51 -153.19 -144.65
C GLY MB 144 -42.79 -153.95 -144.28
N SER MB 145 -42.78 -155.27 -144.55
CA SER MB 145 -43.93 -156.09 -144.22
C SER MB 145 -43.53 -157.46 -143.67
N GLY MB 146 -44.16 -157.82 -142.53
CA GLY MB 146 -44.06 -159.15 -141.95
C GLY MB 146 -45.15 -160.09 -142.45
N ARG MB 147 -44.91 -161.40 -142.30
CA ARG MB 147 -45.83 -162.43 -142.74
C ARG MB 147 -47.03 -162.54 -141.79
N SER MB 148 -46.75 -162.52 -140.47
CA SER MB 148 -47.78 -162.65 -139.44
C SER MB 148 -47.27 -162.16 -138.08
N VAL MB 149 -48.20 -161.87 -137.16
CA VAL MB 149 -47.91 -161.67 -135.75
C VAL MB 149 -47.83 -163.04 -135.08
N THR MB 150 -46.66 -163.38 -134.51
CA THR MB 150 -46.46 -164.67 -133.88
C THR MB 150 -46.83 -164.64 -132.40
N ASN MB 151 -46.82 -163.43 -131.80
CA ASN MB 151 -47.16 -163.26 -130.41
C ASN MB 151 -47.65 -161.84 -130.15
N LEU MB 152 -48.82 -161.74 -129.49
CA LEU MB 152 -49.29 -160.53 -128.84
C LEU MB 152 -49.89 -160.93 -127.50
N ALA MB 153 -49.15 -160.62 -126.42
CA ALA MB 153 -49.51 -161.10 -125.09
C ALA MB 153 -49.04 -160.12 -124.02
N ASP MB 154 -49.65 -160.24 -122.83
CA ASP MB 154 -49.07 -159.70 -121.62
C ASP MB 154 -47.99 -160.67 -121.13
N THR MB 155 -46.73 -160.19 -121.11
CA THR MB 155 -45.58 -161.00 -120.72
C THR MB 155 -45.06 -160.64 -119.32
N SER MB 156 -45.81 -159.80 -118.57
CA SER MB 156 -45.48 -159.48 -117.19
C SER MB 156 -45.65 -160.72 -116.30
N GLY MB 157 -44.94 -160.74 -115.16
CA GLY MB 157 -44.90 -161.87 -114.24
C GLY MB 157 -46.26 -162.23 -113.67
N ALA NB 2 -19.91 -157.66 -133.01
CA ALA NB 2 -20.11 -156.65 -134.09
C ALA NB 2 -20.08 -155.24 -133.50
N THR NB 3 -20.02 -154.23 -134.38
CA THR NB 3 -19.91 -152.81 -134.05
C THR NB 3 -21.24 -152.30 -133.47
N SER NB 4 -21.17 -151.60 -132.32
CA SER NB 4 -22.34 -150.97 -131.71
C SER NB 4 -22.95 -149.94 -132.67
N PRO NB 5 -24.30 -149.93 -132.88
CA PRO NB 5 -24.95 -148.86 -133.65
C PRO NB 5 -24.70 -147.50 -133.00
N GLU NB 6 -24.54 -146.46 -133.84
CA GLU NB 6 -24.12 -145.15 -133.35
C GLU NB 6 -24.79 -144.04 -134.17
N GLY NB 7 -25.03 -142.88 -133.54
CA GLY NB 7 -25.51 -141.70 -134.23
C GLY NB 7 -24.52 -141.26 -135.32
N ILE NB 8 -25.04 -140.64 -136.39
CA ILE NB 8 -24.19 -140.07 -137.44
C ILE NB 8 -24.61 -138.62 -137.64
N TRP NB 9 -23.61 -137.73 -137.69
CA TRP NB 9 -23.85 -136.29 -137.81
C TRP NB 9 -23.66 -135.89 -139.28
N SER NB 10 -24.70 -135.27 -139.86
CA SER NB 10 -24.76 -135.01 -141.30
C SER NB 10 -23.55 -134.19 -141.79
N ASN NB 11 -23.15 -133.18 -141.00
CA ASN NB 11 -22.15 -132.21 -141.41
C ASN NB 11 -20.73 -132.81 -141.40
N SER NB 12 -20.60 -134.07 -140.96
CA SER NB 12 -19.33 -134.81 -140.98
C SER NB 12 -19.12 -135.56 -142.31
N GLY NB 13 -20.15 -135.58 -143.19
CA GLY NB 13 -20.09 -136.29 -144.47
C GLY NB 13 -19.08 -135.67 -145.44
N ALA NB 14 -18.56 -136.52 -146.36
CA ALA NB 14 -17.61 -136.11 -147.39
C ALA NB 14 -17.95 -136.80 -148.71
N LEU NB 15 -18.85 -136.18 -149.49
CA LEU NB 15 -19.32 -136.72 -150.76
C LEU NB 15 -18.32 -136.39 -151.87
N THR NB 16 -18.07 -137.37 -152.76
CA THR NB 16 -17.23 -137.18 -153.94
C THR NB 16 -17.80 -137.95 -155.13
N PHE NB 17 -17.58 -137.40 -156.34
CA PHE NB 17 -17.93 -138.04 -157.59
C PHE NB 17 -16.66 -138.34 -158.39
N GLU NB 18 -16.64 -139.50 -159.06
CA GLU NB 18 -15.55 -139.88 -159.95
C GLU NB 18 -16.09 -140.28 -161.32
N ASP NB 19 -15.30 -140.02 -162.36
CA ASP NB 19 -15.55 -140.54 -163.70
C ASP NB 19 -15.20 -142.03 -163.72
N PRO NB 20 -16.15 -142.95 -164.01
CA PRO NB 20 -15.85 -144.40 -164.03
C PRO NB 20 -14.83 -144.86 -165.08
N ALA NB 21 -14.50 -143.99 -166.05
CA ALA NB 21 -13.50 -144.29 -167.06
C ALA NB 21 -12.08 -144.17 -166.51
N ASP NB 22 -11.88 -143.28 -165.52
CA ASP NB 22 -10.57 -142.88 -165.03
C ASP NB 22 -10.38 -143.18 -163.54
N ASP NB 23 -11.48 -143.17 -162.78
CA ASP NB 23 -11.51 -142.92 -161.34
C ASP NB 23 -11.03 -141.50 -160.99
N SER NB 24 -11.01 -140.59 -161.97
CA SER NB 24 -10.63 -139.19 -161.75
C SER NB 24 -11.80 -138.44 -161.09
N GLU NB 25 -11.48 -137.56 -160.13
CA GLU NB 25 -12.50 -136.80 -159.40
C GLU NB 25 -13.16 -135.77 -160.31
N ILE NB 26 -14.49 -135.65 -160.18
CA ILE NB 26 -15.27 -134.57 -160.77
C ILE NB 26 -15.61 -133.60 -159.63
N LEU NB 27 -15.19 -132.33 -159.78
CA LEU NB 27 -15.28 -131.35 -158.71
C LEU NB 27 -16.74 -131.05 -158.38
N PHE NB 28 -17.09 -131.26 -157.10
CA PHE NB 28 -18.43 -131.13 -156.58
C PHE NB 28 -18.35 -130.84 -155.09
N ALA NB 29 -19.14 -129.87 -154.60
CA ALA NB 29 -18.98 -129.36 -153.25
C ALA NB 29 -20.27 -128.75 -152.74
N GLY NB 30 -20.29 -128.41 -151.44
CA GLY NB 30 -21.35 -127.60 -150.84
C GLY NB 30 -22.70 -128.30 -150.74
N VAL NB 31 -22.69 -129.59 -150.37
CA VAL NB 31 -23.92 -130.34 -150.16
C VAL NB 31 -24.64 -129.81 -148.91
N ARG NB 32 -25.97 -129.99 -148.91
CA ARG NB 32 -26.83 -129.62 -147.78
C ARG NB 32 -27.71 -130.82 -147.39
N ASP NB 33 -28.05 -131.68 -148.37
CA ASP NB 33 -28.70 -132.96 -148.10
C ASP NB 33 -28.11 -134.03 -149.00
N VAL NB 34 -28.04 -135.28 -148.49
CA VAL NB 34 -27.63 -136.46 -149.24
C VAL NB 34 -28.44 -137.66 -148.75
N THR NB 35 -29.25 -138.25 -149.64
CA THR NB 35 -29.95 -139.49 -149.37
C THR NB 35 -29.50 -140.56 -150.37
N ILE NB 36 -29.05 -141.71 -149.84
CA ILE NB 36 -28.72 -142.88 -150.64
C ILE NB 36 -29.56 -144.06 -150.12
N THR NB 37 -30.39 -144.63 -151.02
CA THR NB 37 -31.31 -145.69 -150.65
C THR NB 37 -31.25 -146.79 -151.73
N PRO NB 38 -30.49 -147.89 -151.50
CA PRO NB 38 -30.66 -149.11 -152.30
C PRO NB 38 -32.05 -149.71 -152.10
N ALA NB 39 -32.64 -150.15 -153.21
CA ALA NB 39 -34.01 -150.62 -153.25
C ALA NB 39 -34.12 -151.80 -154.21
N TYR NB 40 -35.11 -152.67 -153.94
CA TYR NB 40 -35.54 -153.68 -154.88
C TYR NB 40 -37.06 -153.61 -154.97
N GLU NB 41 -37.60 -153.89 -156.16
CA GLU NB 41 -39.00 -154.27 -156.26
C GLU NB 41 -39.20 -155.63 -155.57
N HIS NB 42 -40.28 -155.75 -154.79
CA HIS NB 42 -40.70 -157.01 -154.20
C HIS NB 42 -41.95 -157.55 -154.91
N ALA NB 43 -42.02 -158.87 -155.04
CA ALA NB 43 -43.26 -159.57 -155.38
C ALA NB 43 -43.54 -160.63 -154.33
N GLU NB 44 -44.83 -160.75 -153.95
CA GLU NB 44 -45.29 -161.61 -152.88
C GLU NB 44 -46.30 -162.62 -153.46
N LEU NB 45 -46.17 -163.90 -153.07
CA LEU NB 45 -47.07 -164.93 -153.56
C LEU NB 45 -48.19 -165.16 -152.54
N TYR NB 46 -49.43 -165.06 -153.02
CA TYR NB 46 -50.62 -165.48 -152.30
C TYR NB 46 -51.50 -166.36 -153.19
N THR NB 47 -52.11 -167.38 -152.57
CA THR NB 47 -52.95 -168.35 -153.27
C THR NB 47 -54.15 -168.70 -152.38
N ILE NB 48 -55.10 -169.46 -152.92
CA ILE NB 48 -56.32 -169.89 -152.24
C ILE NB 48 -56.02 -170.68 -150.96
N ASP NB 49 -54.81 -171.29 -150.88
CA ASP NB 49 -54.42 -172.20 -149.82
C ASP NB 49 -54.28 -171.51 -148.45
N SER NB 50 -53.91 -170.22 -148.44
CA SER NB 50 -53.61 -169.50 -147.20
C SER NB 50 -53.85 -168.00 -147.39
N THR NB 51 -54.30 -167.34 -146.31
CA THR NB 51 -54.35 -165.89 -146.22
C THR NB 51 -52.95 -165.30 -145.99
N PHE NB 52 -52.01 -166.13 -145.53
CA PHE NB 52 -50.64 -165.68 -145.28
C PHE NB 52 -49.83 -165.77 -146.57
N ARG NB 53 -48.71 -165.02 -146.60
CA ARG NB 53 -47.76 -164.95 -147.71
C ARG NB 53 -47.05 -166.29 -147.87
N ASP NB 54 -47.12 -166.87 -149.08
CA ASP NB 54 -46.40 -168.10 -149.43
C ASP NB 54 -44.90 -167.79 -149.58
N GLU NB 55 -44.57 -166.73 -150.35
CA GLU NB 55 -43.21 -166.39 -150.73
C GLU NB 55 -43.06 -164.88 -150.87
N VAL NB 56 -41.81 -164.38 -150.79
CA VAL NB 56 -41.46 -163.03 -151.22
C VAL NB 56 -40.07 -163.02 -151.89
N LYS NB 57 -39.96 -162.27 -153.00
CA LYS NB 57 -38.79 -162.25 -153.87
C LYS NB 57 -38.43 -160.81 -154.26
N ARG NB 58 -37.13 -160.54 -154.36
CA ARG NB 58 -36.57 -159.30 -154.89
C ARG NB 58 -36.44 -159.42 -156.41
N TYR NB 59 -36.50 -158.27 -157.12
CA TYR NB 59 -36.03 -158.21 -158.50
C TYR NB 59 -35.35 -156.88 -158.84
N GLU NB 60 -36.13 -155.88 -159.30
CA GLU NB 60 -35.61 -154.76 -160.05
C GLU NB 60 -34.80 -153.83 -159.14
N HIS NB 61 -33.48 -154.04 -159.09
CA HIS NB 61 -32.60 -153.33 -158.17
C HIS NB 61 -32.17 -151.97 -158.74
N ASN NB 62 -32.20 -150.94 -157.88
CA ASN NB 62 -31.57 -149.67 -158.16
C ASN NB 62 -31.18 -149.00 -156.83
N VAL NB 63 -30.27 -148.02 -156.92
CA VAL NB 63 -29.92 -147.20 -155.76
C VAL NB 63 -30.45 -145.79 -156.03
N ASN NB 64 -31.46 -145.38 -155.26
CA ASN NB 64 -31.95 -144.01 -155.33
C ASN NB 64 -30.91 -143.09 -154.69
N VAL NB 65 -30.38 -142.16 -155.49
CA VAL NB 65 -29.50 -141.10 -155.02
C VAL NB 65 -30.24 -139.78 -155.18
N GLU NB 66 -30.34 -139.02 -154.08
CA GLU NB 66 -30.80 -137.63 -154.18
C GLU NB 66 -29.94 -136.74 -153.30
N ILE NB 67 -29.50 -135.62 -153.90
CA ILE NB 67 -28.53 -134.69 -153.31
C ILE NB 67 -29.09 -133.28 -153.47
N THR NB 68 -29.06 -132.50 -152.38
CA THR NB 68 -29.28 -131.06 -152.46
C THR NB 68 -27.95 -130.35 -152.15
N TYR NB 69 -27.61 -129.35 -152.97
CA TYR NB 69 -26.31 -128.69 -152.86
C TYR NB 69 -26.43 -127.22 -153.30
N ALA NB 70 -25.49 -126.38 -152.85
CA ALA NB 70 -25.58 -124.93 -152.98
C ALA NB 70 -24.34 -124.27 -153.59
N LYS NB 71 -23.35 -125.08 -154.01
CA LYS NB 71 -22.22 -124.59 -154.80
C LYS NB 71 -22.30 -125.19 -156.19
N PHE NB 72 -22.38 -124.32 -157.21
CA PHE NB 72 -22.47 -124.76 -158.58
C PHE NB 72 -21.11 -125.23 -159.08
N SER NB 73 -21.09 -126.35 -159.82
CA SER NB 73 -19.89 -126.85 -160.47
C SER NB 73 -20.07 -126.86 -161.99
N LEU NB 74 -19.22 -126.12 -162.70
CA LEU NB 74 -19.23 -126.15 -164.15
C LEU NB 74 -18.76 -127.51 -164.66
N GLU NB 75 -17.78 -128.12 -163.97
CA GLU NB 75 -17.26 -129.41 -164.38
C GLU NB 75 -18.36 -130.47 -164.32
N PHE NB 76 -19.12 -130.51 -163.21
CA PHE NB 76 -20.18 -131.49 -163.04
C PHE NB 76 -21.25 -131.34 -164.13
N ALA NB 77 -21.65 -130.09 -164.40
CA ALA NB 77 -22.69 -129.78 -165.39
C ALA NB 77 -22.24 -130.10 -166.81
N GLN NB 78 -20.97 -129.80 -167.14
CA GLN NB 78 -20.44 -130.03 -168.48
C GLN NB 78 -20.11 -131.50 -168.73
N GLU NB 79 -19.79 -132.25 -167.65
CA GLU NB 79 -19.70 -133.71 -167.69
C GLU NB 79 -21.06 -134.33 -167.99
N TRP NB 80 -22.11 -133.87 -167.28
CA TRP NB 80 -23.48 -134.34 -167.47
C TRP NB 80 -23.96 -134.10 -168.91
N LEU NB 81 -23.67 -132.89 -169.45
CA LEU NB 81 -24.02 -132.55 -170.83
C LEU NB 81 -23.27 -133.44 -171.83
N GLY NB 82 -21.96 -133.66 -171.59
CA GLY NB 82 -21.07 -134.34 -172.52
C GLY NB 82 -21.38 -135.83 -172.74
N GLY NB 83 -21.90 -136.51 -171.70
CA GLY NB 83 -22.06 -137.96 -171.73
C GLY NB 83 -20.75 -138.69 -171.42
N PRO NB 84 -20.72 -140.05 -171.46
CA PRO NB 84 -19.54 -140.83 -171.07
C PRO NB 84 -18.23 -140.43 -171.77
N GLY NB 85 -17.21 -140.13 -170.95
CA GLY NB 85 -15.86 -139.82 -171.40
C GLY NB 85 -15.72 -138.50 -172.17
N ALA NB 86 -16.69 -137.59 -172.02
CA ALA NB 86 -16.71 -136.33 -172.77
C ALA NB 86 -17.24 -135.18 -171.91
N THR NB 87 -16.89 -133.94 -172.31
CA THR NB 87 -17.33 -132.69 -171.70
C THR NB 87 -17.91 -131.80 -172.80
N ALA NB 88 -19.02 -131.10 -172.52
CA ALA NB 88 -19.66 -130.25 -173.51
C ALA NB 88 -20.26 -129.00 -172.88
N THR NB 89 -20.32 -127.91 -173.66
CA THR NB 89 -20.91 -126.63 -173.27
C THR NB 89 -22.33 -126.47 -173.83
N ALA NB 90 -22.90 -127.53 -174.42
CA ALA NB 90 -24.23 -127.49 -175.02
C ALA NB 90 -24.86 -128.88 -174.93
N SER NB 91 -26.21 -128.97 -174.99
CA SER NB 91 -26.90 -130.25 -175.03
C SER NB 91 -26.34 -131.11 -176.18
N GLN NB 92 -26.20 -132.41 -175.91
CA GLN NB 92 -25.69 -133.35 -176.90
C GLN NB 92 -26.83 -134.26 -177.38
N ASP NB 93 -26.93 -134.41 -178.70
CA ASP NB 93 -27.96 -135.21 -179.34
C ASP NB 93 -27.50 -136.66 -179.45
N ASP NB 94 -27.38 -137.35 -178.30
CA ASP NB 94 -26.99 -138.75 -178.23
C ASP NB 94 -27.63 -139.45 -177.03
N SER NB 95 -27.64 -140.80 -177.06
CA SER NB 95 -28.46 -141.61 -176.19
C SER NB 95 -27.79 -142.01 -174.87
N ASP NB 96 -26.47 -141.80 -174.72
CA ASP NB 96 -25.74 -142.29 -173.56
C ASP NB 96 -25.73 -141.24 -172.44
N PRO NB 97 -26.33 -141.51 -171.24
CA PRO NB 97 -26.20 -140.58 -170.11
C PRO NB 97 -24.83 -140.72 -169.45
N MET NB 98 -24.34 -139.60 -168.91
CA MET NB 98 -23.12 -139.60 -168.11
C MET NB 98 -23.35 -140.42 -166.83
N LYS NB 99 -22.54 -141.48 -166.67
CA LYS NB 99 -22.56 -142.33 -165.48
C LYS NB 99 -21.47 -141.84 -164.52
N PHE NB 100 -21.85 -141.58 -163.28
CA PHE NB 100 -20.93 -141.13 -162.25
C PHE NB 100 -20.76 -142.24 -161.22
N ASN NB 101 -19.50 -142.48 -160.79
CA ASN NB 101 -19.27 -143.21 -159.55
C ASN NB 101 -19.40 -142.22 -158.40
N LEU NB 102 -20.10 -142.63 -157.33
CA LEU NB 102 -20.33 -141.79 -156.17
C LEU NB 102 -19.78 -142.49 -154.92
N GLU NB 103 -19.13 -141.71 -154.04
CA GLU NB 103 -18.71 -142.22 -152.75
C GLU NB 103 -18.97 -141.15 -151.67
N ASN NB 104 -19.46 -141.62 -150.51
CA ASN NB 104 -19.65 -140.78 -149.34
C ASN NB 104 -19.03 -141.46 -148.12
N VAL NB 105 -18.21 -140.71 -147.38
CA VAL NB 105 -17.50 -141.19 -146.20
C VAL NB 105 -17.99 -140.38 -145.00
N THR NB 106 -18.24 -141.04 -143.86
CA THR NB 106 -18.78 -140.35 -142.69
C THR NB 106 -18.33 -141.02 -141.38
N PRO NB 107 -17.61 -140.30 -140.48
CA PRO NB 107 -17.38 -140.78 -139.11
C PRO NB 107 -18.70 -140.88 -138.35
N SER NB 108 -18.82 -141.91 -137.51
CA SER NB 108 -19.92 -141.99 -136.53
C SER NB 108 -19.71 -140.90 -135.47
N ALA NB 109 -20.80 -140.50 -134.80
CA ALA NB 109 -20.84 -139.29 -133.99
C ALA NB 109 -19.86 -139.32 -132.81
N SER NB 110 -19.57 -140.51 -132.27
CA SER NB 110 -18.60 -140.71 -131.19
C SER NB 110 -17.33 -141.44 -131.67
N GLY NB 111 -17.13 -141.54 -133.00
CA GLY NB 111 -15.91 -142.09 -133.58
C GLY NB 111 -15.76 -143.61 -133.49
N GLY NB 112 -16.86 -144.34 -133.23
CA GLY NB 112 -16.87 -145.79 -133.15
C GLY NB 112 -16.56 -146.50 -134.47
N PHE NB 113 -16.91 -145.87 -135.61
CA PHE NB 113 -16.66 -146.39 -136.95
C PHE NB 113 -16.64 -145.26 -137.97
N GLU NB 114 -16.16 -145.54 -139.19
CA GLU NB 114 -16.24 -144.63 -140.31
C GLU NB 114 -16.97 -145.32 -141.47
N ARG NB 115 -18.25 -144.96 -141.67
CA ARG NB 115 -19.07 -145.58 -142.71
C ARG NB 115 -18.69 -145.00 -144.08
N THR NB 116 -18.27 -145.88 -145.00
CA THR NB 116 -18.10 -145.55 -146.41
C THR NB 116 -19.23 -146.23 -147.20
N THR NB 117 -20.00 -145.42 -147.95
CA THR NB 117 -20.96 -145.89 -148.94
C THR NB 117 -20.48 -145.51 -150.34
N ALA NB 118 -20.40 -146.51 -151.25
CA ALA NB 118 -20.06 -146.26 -152.65
C ALA NB 118 -21.13 -146.85 -153.57
N VAL NB 119 -21.46 -146.10 -154.64
CA VAL NB 119 -22.52 -146.44 -155.58
C VAL NB 119 -21.95 -146.33 -157.00
N GLU NB 120 -22.19 -147.35 -157.85
CA GLU NB 120 -21.70 -147.32 -159.23
C GLU NB 120 -22.77 -146.74 -160.16
N ASN NB 121 -22.31 -146.09 -161.24
CA ASN NB 121 -23.10 -145.74 -162.41
C ASN NB 121 -24.38 -144.97 -162.04
N VAL NB 122 -24.24 -143.95 -161.18
CA VAL NB 122 -25.35 -143.04 -160.89
C VAL NB 122 -25.61 -142.18 -162.14
N VAL NB 123 -26.87 -142.18 -162.59
CA VAL NB 123 -27.31 -141.32 -163.69
C VAL NB 123 -28.43 -140.40 -163.17
N PHE NB 124 -28.44 -139.16 -163.67
CA PHE NB 124 -29.42 -138.15 -163.27
C PHE NB 124 -30.27 -137.79 -164.48
N PRO NB 125 -31.60 -138.11 -164.51
CA PRO NB 125 -32.45 -137.75 -165.66
C PRO NB 125 -32.50 -136.26 -166.00
N GLU NB 126 -32.34 -135.40 -164.99
CA GLU NB 126 -32.36 -133.96 -165.19
C GLU NB 126 -31.32 -133.28 -164.32
N LEU NB 127 -30.78 -132.17 -164.86
CA LEU NB 127 -29.75 -131.39 -164.21
C LEU NB 127 -30.28 -129.95 -164.04
N PRO NB 128 -30.42 -129.43 -162.79
CA PRO NB 128 -30.75 -128.01 -162.61
C PRO NB 128 -29.51 -127.16 -162.91
N LEU NB 129 -29.62 -126.25 -163.88
CA LEU NB 129 -28.51 -125.37 -164.23
C LEU NB 129 -28.63 -124.05 -163.46
N ASP NB 130 -29.83 -123.47 -163.50
CA ASP NB 130 -30.14 -122.24 -162.78
C ASP NB 130 -31.29 -122.53 -161.83
N SER NB 131 -31.18 -122.02 -160.58
CA SER NB 131 -32.17 -122.26 -159.55
C SER NB 131 -32.25 -121.04 -158.64
N ALA NB 132 -32.52 -119.88 -159.26
CA ALA NB 132 -32.54 -118.59 -158.59
C ALA NB 132 -33.88 -118.38 -157.90
N THR NB 133 -33.81 -117.99 -156.61
CA THR NB 133 -34.95 -117.48 -155.85
C THR NB 133 -34.49 -116.19 -155.17
N TYR NB 134 -35.33 -115.15 -155.28
CA TYR NB 134 -35.05 -113.84 -154.72
C TYR NB 134 -34.66 -113.94 -153.24
N GLY NB 135 -33.52 -113.31 -152.88
CA GLY NB 135 -33.02 -113.25 -151.52
C GLY NB 135 -32.42 -114.57 -151.01
N GLU NB 136 -32.06 -115.48 -151.93
CA GLU NB 136 -31.47 -116.77 -151.56
C GLU NB 136 -30.27 -117.07 -152.45
N TYR NB 137 -29.31 -117.86 -151.93
CA TYR NB 137 -28.34 -118.52 -152.79
C TYR NB 137 -29.09 -119.53 -153.65
N GLU NB 138 -28.59 -119.77 -154.87
CA GLU NB 138 -29.16 -120.83 -155.69
C GLU NB 138 -28.95 -122.17 -154.99
N GLU NB 139 -30.00 -123.01 -154.98
CA GLU NB 139 -29.94 -124.33 -154.38
C GLU NB 139 -30.47 -125.37 -155.37
N TYR NB 140 -29.70 -126.45 -155.53
CA TYR NB 140 -29.87 -127.40 -156.62
C TYR NB 140 -30.23 -128.78 -156.05
N SER NB 141 -31.27 -129.41 -156.60
CA SER NB 141 -31.64 -130.77 -156.24
C SER NB 141 -31.40 -131.72 -157.42
N LEU NB 142 -30.60 -132.77 -157.17
CA LEU NB 142 -30.39 -133.88 -158.09
C LEU NB 142 -31.15 -135.10 -157.58
N THR NB 143 -31.88 -135.77 -158.49
CA THR NB 143 -32.42 -137.11 -158.25
C THR NB 143 -31.89 -138.03 -159.34
N GLY NB 144 -31.37 -139.20 -158.95
CA GLY NB 144 -30.79 -140.15 -159.91
C GLY NB 144 -30.81 -141.59 -159.41
N SER NB 145 -30.49 -142.53 -160.33
CA SER NB 145 -30.46 -143.96 -160.03
C SER NB 145 -29.06 -144.56 -160.31
N GLY NB 146 -28.43 -145.09 -159.25
CA GLY NB 146 -27.25 -145.92 -159.35
C GLY NB 146 -27.63 -147.39 -159.62
N ARG NB 147 -26.67 -148.16 -160.14
CA ARG NB 147 -26.88 -149.55 -160.51
C ARG NB 147 -26.79 -150.47 -159.28
N SER NB 148 -25.76 -150.26 -158.44
CA SER NB 148 -25.50 -151.10 -157.28
C SER NB 148 -24.69 -150.33 -156.23
N VAL NB 149 -24.79 -150.75 -154.97
CA VAL NB 149 -23.86 -150.38 -153.90
C VAL NB 149 -22.63 -151.27 -154.05
N THR NB 150 -21.46 -150.67 -154.32
CA THR NB 150 -20.23 -151.43 -154.54
C THR NB 150 -19.46 -151.62 -153.24
N ASN NB 151 -19.69 -150.74 -152.26
CA ASN NB 151 -19.03 -150.81 -150.97
C ASN NB 151 -19.91 -150.19 -149.89
N LEU NB 152 -20.13 -150.94 -148.81
CA LEU NB 152 -20.66 -150.43 -147.55
C LEU NB 152 -19.88 -151.08 -146.41
N ALA NB 153 -18.94 -150.32 -145.84
CA ALA NB 153 -18.00 -150.87 -144.86
C ALA NB 153 -17.58 -149.81 -143.85
N ASP NB 154 -17.08 -150.29 -142.70
CA ASP NB 154 -16.31 -149.48 -141.78
C ASP NB 154 -14.87 -149.37 -142.32
N THR NB 155 -14.47 -148.14 -142.69
CA THR NB 155 -13.15 -147.88 -143.27
C THR NB 155 -12.18 -147.29 -142.24
N SER NB 156 -12.59 -147.19 -140.96
CA SER NB 156 -11.70 -146.77 -139.89
C SER NB 156 -10.61 -147.81 -139.66
N GLY NB 157 -9.44 -147.36 -139.16
CA GLY NB 157 -8.26 -148.20 -138.99
C GLY NB 157 -8.47 -149.34 -138.01
N ALA OB 2 -73.24 -119.47 -94.24
CA ALA OB 2 -71.85 -119.86 -94.58
C ALA OB 2 -70.85 -118.95 -93.85
N THR OB 3 -69.58 -119.37 -93.82
CA THR OB 3 -68.48 -118.67 -93.17
C THR OB 3 -68.16 -117.38 -93.90
N SER OB 4 -68.05 -116.25 -93.17
CA SER OB 4 -67.73 -114.95 -93.76
C SER OB 4 -66.36 -114.99 -94.45
N PRO OB 5 -66.18 -114.34 -95.63
CA PRO OB 5 -64.84 -114.17 -96.21
C PRO OB 5 -63.95 -113.36 -95.27
N GLU OB 6 -62.64 -113.70 -95.25
CA GLU OB 6 -61.71 -113.11 -94.31
C GLU OB 6 -60.32 -113.02 -94.96
N GLY OB 7 -59.52 -112.02 -94.53
CA GLY OB 7 -58.14 -111.89 -94.96
C GLY OB 7 -57.29 -113.08 -94.50
N ILE OB 8 -56.23 -113.40 -95.27
CA ILE OB 8 -55.29 -114.46 -94.90
C ILE OB 8 -53.88 -113.87 -94.96
N TRP OB 9 -53.11 -114.07 -93.88
CA TRP OB 9 -51.75 -113.56 -93.77
C TRP OB 9 -50.78 -114.64 -94.25
N SER OB 10 -49.92 -114.30 -95.24
CA SER OB 10 -49.07 -115.28 -95.91
C SER OB 10 -48.15 -116.01 -94.93
N ASN OB 11 -47.61 -115.28 -93.94
CA ASN OB 11 -46.61 -115.81 -93.02
C ASN OB 11 -47.22 -116.76 -91.98
N SER OB 12 -48.55 -116.95 -92.01
CA SER OB 12 -49.25 -117.89 -91.12
C SER OB 12 -49.32 -119.31 -91.70
N GLY OB 13 -48.94 -119.48 -92.99
CA GLY OB 13 -49.10 -120.75 -93.69
C GLY OB 13 -48.06 -121.79 -93.29
N ALA OB 14 -48.50 -123.06 -93.23
CA ALA OB 14 -47.63 -124.22 -93.05
C ALA OB 14 -47.78 -125.16 -94.25
N LEU OB 15 -46.72 -125.27 -95.05
CA LEU OB 15 -46.67 -126.13 -96.23
C LEU OB 15 -45.92 -127.43 -95.90
N THR OB 16 -46.51 -128.57 -96.30
CA THR OB 16 -45.88 -129.88 -96.13
C THR OB 16 -46.01 -130.71 -97.40
N PHE OB 17 -44.97 -131.50 -97.68
CA PHE OB 17 -44.95 -132.48 -98.76
C PHE OB 17 -44.95 -133.89 -98.16
N GLU OB 18 -45.69 -134.80 -98.81
CA GLU OB 18 -45.73 -136.20 -98.40
C GLU OB 18 -45.43 -137.11 -99.61
N ASP OB 19 -44.78 -138.24 -99.33
CA ASP OB 19 -44.62 -139.33 -100.28
C ASP OB 19 -45.94 -140.10 -100.37
N PRO OB 20 -46.64 -140.12 -101.53
CA PRO OB 20 -47.92 -140.83 -101.66
C PRO OB 20 -47.87 -142.35 -101.50
N ALA OB 21 -46.65 -142.93 -101.45
CA ALA OB 21 -46.48 -144.35 -101.18
C ALA OB 21 -46.69 -144.67 -99.69
N ASP OB 22 -46.47 -143.68 -98.81
CA ASP OB 22 -46.38 -143.88 -97.37
C ASP OB 22 -47.34 -142.98 -96.57
N ASP OB 23 -47.66 -141.81 -97.14
CA ASP OB 23 -48.11 -140.62 -96.40
C ASP OB 23 -47.03 -140.09 -95.44
N SER OB 24 -45.75 -140.47 -95.65
CA SER OB 24 -44.62 -140.00 -94.84
C SER OB 24 -44.18 -138.61 -95.33
N GLU OB 25 -43.82 -137.74 -94.37
CA GLU OB 25 -43.40 -136.37 -94.69
C GLU OB 25 -42.02 -136.37 -95.35
N ILE OB 26 -41.88 -135.53 -96.39
CA ILE OB 26 -40.61 -135.20 -97.00
C ILE OB 26 -40.20 -133.83 -96.48
N LEU OB 27 -38.97 -133.72 -95.95
CA LEU OB 27 -38.53 -132.50 -95.27
C LEU OB 27 -38.43 -131.35 -96.27
N PHE OB 28 -39.19 -130.29 -95.97
CA PHE OB 28 -39.25 -129.08 -96.77
C PHE OB 28 -39.58 -127.91 -95.84
N ALA OB 29 -38.93 -126.76 -96.06
CA ALA OB 29 -39.06 -125.62 -95.16
C ALA OB 29 -38.61 -124.34 -95.88
N GLY OB 30 -38.87 -123.19 -95.24
CA GLY OB 30 -38.33 -121.91 -95.66
C GLY OB 30 -39.00 -121.31 -96.89
N VAL OB 31 -40.31 -121.55 -97.06
CA VAL OB 31 -41.08 -120.96 -98.16
C VAL OB 31 -41.13 -119.44 -97.99
N ARG OB 32 -41.28 -118.76 -99.14
CA ARG OB 32 -41.40 -117.31 -99.21
C ARG OB 32 -42.65 -116.94 -100.02
N ASP OB 33 -42.83 -117.60 -101.19
CA ASP OB 33 -44.07 -117.51 -101.94
C ASP OB 33 -44.65 -118.92 -102.13
N VAL OB 34 -45.99 -119.03 -102.10
CA VAL OB 34 -46.71 -120.25 -102.47
C VAL OB 34 -47.97 -119.86 -103.25
N THR OB 35 -48.11 -120.38 -104.48
CA THR OB 35 -49.32 -120.20 -105.26
C THR OB 35 -49.87 -121.57 -105.66
N ILE OB 36 -51.15 -121.81 -105.36
CA ILE OB 36 -51.87 -123.02 -105.77
C ILE OB 36 -53.11 -122.58 -106.55
N THR OB 37 -53.21 -123.06 -107.81
CA THR OB 37 -54.27 -122.64 -108.71
C THR OB 37 -54.82 -123.87 -109.45
N PRO OB 38 -55.96 -124.46 -109.01
CA PRO OB 38 -56.72 -125.39 -109.86
C PRO OB 38 -57.25 -124.66 -111.09
N ALA OB 39 -57.08 -125.31 -112.25
CA ALA OB 39 -57.41 -124.76 -113.55
C ALA OB 39 -58.08 -125.82 -114.41
N TYR OB 40 -58.91 -125.35 -115.35
CA TYR OB 40 -59.44 -126.19 -116.43
C TYR OB 40 -59.33 -125.39 -117.73
N GLU OB 41 -59.02 -126.09 -118.83
CA GLU OB 41 -59.21 -125.52 -120.16
C GLU OB 41 -60.71 -125.37 -120.43
N HIS OB 42 -61.11 -124.20 -120.97
CA HIS OB 42 -62.50 -123.95 -121.35
C HIS OB 42 -62.64 -123.93 -122.87
N ALA OB 43 -63.70 -124.58 -123.37
CA ALA OB 43 -64.15 -124.41 -124.75
C ALA OB 43 -65.53 -123.75 -124.76
N GLU OB 44 -65.67 -122.66 -125.54
CA GLU OB 44 -66.93 -121.93 -125.71
C GLU OB 44 -67.49 -122.23 -127.10
N LEU OB 45 -68.81 -122.48 -127.20
CA LEU OB 45 -69.46 -122.74 -128.48
C LEU OB 45 -70.12 -121.45 -129.00
N TYR OB 46 -69.81 -121.11 -130.26
CA TYR OB 46 -70.51 -120.07 -131.00
C TYR OB 46 -70.89 -120.58 -132.39
N THR OB 47 -72.07 -120.16 -132.87
CA THR OB 47 -72.60 -120.55 -134.18
C THR OB 47 -73.20 -119.31 -134.86
N ILE OB 48 -73.66 -119.49 -136.11
CA ILE OB 48 -74.27 -118.42 -136.89
C ILE OB 48 -75.62 -117.97 -136.27
N ASP OB 49 -76.19 -118.77 -135.36
CA ASP OB 49 -77.48 -118.49 -134.74
C ASP OB 49 -77.47 -117.23 -133.86
N SER OB 50 -76.32 -116.93 -133.23
CA SER OB 50 -76.23 -115.90 -132.20
C SER OB 50 -74.79 -115.37 -132.06
N THR OB 51 -74.69 -114.08 -131.69
CA THR OB 51 -73.43 -113.46 -131.29
C THR OB 51 -73.05 -113.88 -129.86
N PHE OB 52 -74.03 -114.37 -129.09
CA PHE OB 52 -73.81 -114.79 -127.72
C PHE OB 52 -73.36 -116.25 -127.70
N ARG OB 53 -72.61 -116.61 -126.65
CA ARG OB 53 -72.12 -117.95 -126.38
C ARG OB 53 -73.29 -118.94 -126.20
N ASP OB 54 -73.26 -120.03 -126.96
CA ASP OB 54 -74.25 -121.10 -126.86
C ASP OB 54 -73.97 -121.98 -125.63
N GLU OB 55 -72.69 -122.36 -125.44
CA GLU OB 55 -72.27 -123.30 -124.40
C GLU OB 55 -70.86 -122.95 -123.91
N VAL OB 56 -70.51 -123.44 -122.69
CA VAL OB 56 -69.11 -123.46 -122.23
C VAL OB 56 -68.86 -124.73 -121.39
N LYS OB 57 -67.69 -125.36 -121.60
CA LYS OB 57 -67.34 -126.66 -121.03
C LYS OB 57 -65.88 -126.68 -120.54
N ARG OB 58 -65.64 -127.47 -119.48
CA ARG OB 58 -64.33 -127.73 -118.89
C ARG OB 58 -63.72 -129.00 -119.50
N TYR OB 59 -62.39 -129.02 -119.69
CA TYR OB 59 -61.67 -130.27 -119.95
C TYR OB 59 -60.40 -130.41 -119.10
N GLU OB 60 -59.22 -130.07 -119.65
CA GLU OB 60 -57.96 -130.49 -119.04
C GLU OB 60 -57.79 -129.86 -117.66
N HIS OB 61 -58.04 -130.68 -116.63
CA HIS OB 61 -57.84 -130.25 -115.26
C HIS OB 61 -56.39 -130.47 -114.86
N ASN OB 62 -55.80 -129.44 -114.24
CA ASN OB 62 -54.53 -129.55 -113.54
C ASN OB 62 -54.51 -128.50 -112.42
N VAL OB 63 -53.60 -128.69 -111.45
CA VAL OB 63 -53.43 -127.71 -110.39
C VAL OB 63 -52.02 -127.13 -110.54
N ASN OB 64 -51.93 -125.86 -110.95
CA ASN OB 64 -50.64 -125.18 -110.98
C ASN OB 64 -50.17 -124.95 -109.54
N VAL OB 65 -48.97 -125.49 -109.24
CA VAL OB 65 -48.27 -125.22 -108.00
C VAL OB 65 -46.98 -124.49 -108.35
N GLU OB 66 -46.78 -123.31 -107.75
CA GLU OB 66 -45.47 -122.68 -107.81
C GLU OB 66 -45.09 -122.18 -106.41
N ILE OB 67 -43.85 -122.46 -106.03
CA ILE OB 67 -43.33 -122.24 -104.69
C ILE OB 67 -41.96 -121.57 -104.82
N THR OB 68 -41.75 -120.47 -104.10
CA THR OB 68 -40.42 -119.90 -103.94
C THR OB 68 -39.97 -120.12 -102.49
N TYR OB 69 -38.75 -120.66 -102.31
CA TYR OB 69 -38.26 -121.06 -101.00
C TYR OB 69 -36.75 -120.82 -100.89
N ALA OB 70 -36.24 -120.71 -99.64
CA ALA OB 70 -34.88 -120.24 -99.39
C ALA OB 70 -34.07 -121.13 -98.45
N LYS OB 71 -34.61 -122.32 -98.09
CA LYS OB 71 -33.85 -123.35 -97.40
C LYS OB 71 -33.75 -124.57 -98.31
N PHE OB 72 -32.52 -124.97 -98.63
CA PHE OB 72 -32.30 -126.15 -99.45
C PHE OB 72 -32.59 -127.41 -98.62
N SER OB 73 -33.30 -128.37 -99.24
CA SER OB 73 -33.54 -129.68 -98.65
C SER OB 73 -32.90 -130.76 -99.53
N LEU OB 74 -32.00 -131.56 -98.93
CA LEU OB 74 -31.42 -132.69 -99.65
C LEU OB 74 -32.47 -133.77 -99.91
N GLU OB 75 -33.38 -133.98 -98.94
CA GLU OB 75 -34.37 -135.05 -99.08
C GLU OB 75 -35.29 -134.78 -100.26
N PHE OB 76 -35.79 -133.54 -100.38
CA PHE OB 76 -36.69 -133.18 -101.47
C PHE OB 76 -36.00 -133.35 -102.83
N ALA OB 77 -34.73 -132.93 -102.94
CA ALA OB 77 -33.97 -133.00 -104.18
C ALA OB 77 -33.66 -134.46 -104.56
N GLN OB 78 -33.33 -135.30 -103.57
CA GLN OB 78 -32.97 -136.69 -103.79
C GLN OB 78 -34.21 -137.55 -104.07
N GLU OB 79 -35.36 -137.18 -103.47
CA GLU OB 79 -36.66 -137.75 -103.81
C GLU OB 79 -37.02 -137.45 -105.27
N TRP OB 80 -36.81 -136.20 -105.70
CA TRP OB 80 -37.07 -135.77 -107.07
C TRP OB 80 -36.19 -136.52 -108.08
N LEU OB 81 -34.89 -136.69 -107.77
CA LEU OB 81 -33.96 -137.41 -108.63
C LEU OB 81 -34.36 -138.89 -108.76
N GLY OB 82 -34.74 -139.51 -107.63
CA GLY OB 82 -34.99 -140.94 -107.55
C GLY OB 82 -36.25 -141.41 -108.30
N GLY OB 83 -37.27 -140.56 -108.40
CA GLY OB 83 -38.57 -140.96 -108.92
C GLY OB 83 -39.40 -141.73 -107.88
N PRO OB 84 -40.61 -142.23 -108.23
CA PRO OB 84 -41.51 -142.84 -107.24
C PRO OB 84 -40.89 -143.97 -106.40
N GLY OB 85 -41.01 -143.84 -105.07
CA GLY OB 85 -40.60 -144.83 -104.10
C GLY OB 85 -39.08 -145.01 -103.95
N ALA OB 86 -38.28 -144.04 -104.41
CA ALA OB 86 -36.83 -144.13 -104.34
C ALA OB 86 -36.18 -142.76 -104.16
N THR OB 87 -34.95 -142.75 -103.61
CA THR OB 87 -34.08 -141.58 -103.58
C THR OB 87 -32.79 -141.88 -104.33
N ALA OB 88 -32.21 -140.84 -104.97
CA ALA OB 88 -30.96 -141.00 -105.72
C ALA OB 88 -30.05 -139.79 -105.51
N THR OB 89 -28.74 -140.03 -105.63
CA THR OB 89 -27.71 -138.98 -105.56
C THR OB 89 -27.27 -138.54 -106.97
N ALA OB 90 -27.97 -139.01 -108.01
CA ALA OB 90 -27.64 -138.70 -109.40
C ALA OB 90 -28.91 -138.80 -110.24
N SER OB 91 -28.91 -138.15 -111.42
CA SER OB 91 -30.00 -138.26 -112.39
C SER OB 91 -30.28 -139.74 -112.69
N GLN OB 92 -31.57 -140.08 -112.74
CA GLN OB 92 -32.00 -141.43 -113.09
C GLN OB 92 -32.53 -141.46 -114.52
N ASP OB 93 -32.09 -142.47 -115.28
CA ASP OB 93 -32.50 -142.65 -116.66
C ASP OB 93 -33.79 -143.48 -116.70
N ASP OB 94 -34.92 -142.89 -116.26
CA ASP OB 94 -36.21 -143.56 -116.26
C ASP OB 94 -37.36 -142.56 -116.46
N SER OB 95 -38.55 -143.09 -116.81
CA SER OB 95 -39.66 -142.33 -117.35
C SER OB 95 -40.62 -141.78 -116.29
N ASP OB 96 -40.51 -142.22 -115.03
CA ASP OB 96 -41.46 -141.84 -113.99
C ASP OB 96 -40.95 -140.62 -113.22
N PRO OB 97 -41.67 -139.46 -113.23
CA PRO OB 97 -41.34 -138.36 -112.31
C PRO OB 97 -41.84 -138.68 -110.90
N MET OB 98 -41.09 -138.20 -109.90
CA MET OB 98 -41.55 -138.27 -108.51
C MET OB 98 -42.84 -137.46 -108.37
N LYS OB 99 -43.87 -138.12 -107.80
CA LYS OB 99 -45.16 -137.50 -107.52
C LYS OB 99 -45.25 -137.21 -106.02
N PHE OB 100 -45.49 -135.93 -105.68
CA PHE OB 100 -45.59 -135.51 -104.29
C PHE OB 100 -47.06 -135.22 -103.97
N ASN OB 101 -47.50 -135.63 -102.78
CA ASN OB 101 -48.69 -135.04 -102.19
C ASN OB 101 -48.28 -133.74 -101.50
N LEU OB 102 -49.15 -132.73 -101.57
CA LEU OB 102 -48.88 -131.41 -101.01
C LEU OB 102 -50.08 -130.99 -100.16
N GLU OB 103 -49.80 -130.38 -99.00
CA GLU OB 103 -50.84 -129.76 -98.20
C GLU OB 103 -50.33 -128.42 -97.65
N ASN OB 104 -51.17 -127.37 -97.78
CA ASN OB 104 -50.91 -126.08 -97.18
C ASN OB 104 -52.05 -125.74 -96.21
N VAL OB 105 -51.70 -125.44 -94.95
CA VAL OB 105 -52.68 -125.13 -93.90
C VAL OB 105 -52.45 -123.68 -93.45
N THR OB 106 -53.54 -122.88 -93.43
CA THR OB 106 -53.47 -121.48 -93.03
C THR OB 106 -54.67 -121.11 -92.14
N PRO OB 107 -54.47 -120.46 -90.95
CA PRO OB 107 -55.56 -119.79 -90.25
C PRO OB 107 -55.88 -118.47 -90.96
N SER OB 108 -57.16 -118.07 -90.95
CA SER OB 108 -57.56 -116.76 -91.43
C SER OB 108 -57.10 -115.69 -90.44
N ALA OB 109 -57.01 -114.43 -90.91
CA ALA OB 109 -56.33 -113.35 -90.19
C ALA OB 109 -56.96 -113.03 -88.83
N SER OB 110 -58.29 -113.17 -88.70
CA SER OB 110 -59.03 -112.97 -87.45
C SER OB 110 -59.47 -114.29 -86.81
N GLY OB 111 -58.98 -115.43 -87.33
CA GLY OB 111 -59.29 -116.75 -86.78
C GLY OB 111 -60.72 -117.24 -87.03
N GLY OB 112 -61.38 -116.68 -88.05
CA GLY OB 112 -62.72 -117.10 -88.45
C GLY OB 112 -62.79 -118.53 -88.99
N PHE OB 113 -61.68 -119.00 -89.62
CA PHE OB 113 -61.58 -120.35 -90.19
C PHE OB 113 -60.11 -120.76 -90.32
N GLU OB 114 -59.89 -122.06 -90.56
CA GLU OB 114 -58.57 -122.56 -90.96
C GLU OB 114 -58.68 -123.24 -92.32
N ARG OB 115 -58.17 -122.57 -93.36
CA ARG OB 115 -58.22 -123.12 -94.71
C ARG OB 115 -57.09 -124.13 -94.90
N THR OB 116 -57.47 -125.38 -95.21
CA THR OB 116 -56.56 -126.43 -95.63
C THR OB 116 -56.77 -126.70 -97.12
N THR OB 117 -55.68 -126.61 -97.90
CA THR OB 117 -55.65 -127.00 -99.30
C THR OB 117 -54.72 -128.20 -99.49
N ALA OB 118 -55.25 -129.30 -100.05
CA ALA OB 118 -54.47 -130.49 -100.34
C ALA OB 118 -54.52 -130.84 -101.82
N VAL OB 119 -53.35 -131.16 -102.40
CA VAL OB 119 -53.19 -131.42 -103.84
C VAL OB 119 -52.45 -132.76 -104.00
N GLU OB 120 -53.02 -133.67 -104.81
CA GLU OB 120 -52.40 -134.97 -105.07
C GLU OB 120 -51.44 -134.86 -106.26
N ASN OB 121 -50.40 -135.72 -106.26
CA ASN OB 121 -49.58 -136.06 -107.42
C ASN OB 121 -49.02 -134.81 -108.12
N VAL OB 122 -48.44 -133.89 -107.33
CA VAL OB 122 -47.71 -132.75 -107.87
C VAL OB 122 -46.38 -133.25 -108.44
N VAL OB 123 -46.10 -132.89 -109.70
CA VAL OB 123 -44.84 -133.22 -110.36
C VAL OB 123 -44.17 -131.91 -110.80
N PHE OB 124 -42.83 -131.88 -110.77
CA PHE OB 124 -42.07 -130.69 -111.12
C PHE OB 124 -41.16 -131.02 -112.32
N PRO OB 125 -41.38 -130.42 -113.53
CA PRO OB 125 -40.51 -130.68 -114.70
C PRO OB 125 -39.03 -130.39 -114.49
N GLU OB 126 -38.74 -129.39 -113.64
CA GLU OB 126 -37.37 -129.01 -113.37
C GLU OB 126 -37.18 -128.69 -111.88
N LEU OB 127 -36.00 -129.03 -111.38
CA LEU OB 127 -35.62 -128.83 -109.99
C LEU OB 127 -34.41 -127.91 -109.93
N PRO OB 128 -34.49 -126.71 -109.31
CA PRO OB 128 -33.29 -125.89 -109.11
C PRO OB 128 -32.45 -126.51 -108.00
N LEU OB 129 -31.22 -126.93 -108.35
CA LEU OB 129 -30.30 -127.47 -107.35
C LEU OB 129 -29.51 -126.33 -106.71
N ASP OB 130 -28.90 -125.48 -107.55
CA ASP OB 130 -28.12 -124.34 -107.12
C ASP OB 130 -28.73 -123.08 -107.73
N SER OB 131 -28.82 -122.01 -106.92
CA SER OB 131 -29.43 -120.74 -107.33
C SER OB 131 -28.72 -119.57 -106.65
N ALA OB 132 -27.39 -119.50 -106.86
CA ALA OB 132 -26.53 -118.54 -106.20
C ALA OB 132 -26.55 -117.19 -106.92
N THR OB 133 -26.54 -116.11 -106.11
CA THR OB 133 -26.42 -114.73 -106.59
C THR OB 133 -25.60 -113.97 -105.54
N TYR OB 134 -24.63 -113.17 -106.01
CA TYR OB 134 -23.69 -112.48 -105.14
C TYR OB 134 -24.43 -111.63 -104.09
N GLY OB 135 -24.09 -111.84 -102.80
CA GLY OB 135 -24.65 -111.08 -101.69
C GLY OB 135 -26.09 -111.48 -101.32
N GLU OB 136 -26.52 -112.67 -101.74
CA GLU OB 136 -27.87 -113.16 -101.45
C GLU OB 136 -27.82 -114.61 -100.97
N TYR OB 137 -28.79 -115.01 -100.15
CA TYR OB 137 -29.06 -116.42 -99.92
C TYR OB 137 -29.55 -117.02 -101.24
N GLU OB 138 -29.25 -118.32 -101.45
CA GLU OB 138 -29.83 -119.02 -102.59
C GLU OB 138 -31.36 -119.07 -102.42
N GLU OB 139 -32.08 -118.70 -103.49
CA GLU OB 139 -33.54 -118.75 -103.50
C GLU OB 139 -34.01 -119.56 -104.71
N TYR OB 140 -34.93 -120.52 -104.46
CA TYR OB 140 -35.33 -121.56 -105.40
C TYR OB 140 -36.79 -121.37 -105.78
N SER OB 141 -37.08 -121.44 -107.09
CA SER OB 141 -38.46 -121.43 -107.57
C SER OB 141 -38.83 -122.77 -108.22
N LEU OB 142 -39.86 -123.42 -107.66
CA LEU OB 142 -40.47 -124.61 -108.25
C LEU OB 142 -41.72 -124.21 -109.02
N THR OB 143 -41.94 -124.85 -110.18
CA THR OB 143 -43.19 -124.82 -110.91
C THR OB 143 -43.58 -126.26 -111.24
N GLY OB 144 -44.83 -126.63 -110.98
CA GLY OB 144 -45.30 -128.00 -111.21
C GLY OB 144 -46.81 -128.09 -111.34
N SER OB 145 -47.29 -129.28 -111.72
CA SER OB 145 -48.72 -129.53 -111.92
C SER OB 145 -49.21 -130.72 -111.08
N GLY OB 146 -50.20 -130.45 -110.21
CA GLY OB 146 -50.93 -131.48 -109.48
C GLY OB 146 -52.10 -132.03 -110.30
N ARG OB 147 -52.54 -133.26 -109.97
CA ARG OB 147 -53.62 -133.93 -110.69
C ARG OB 147 -54.98 -133.34 -110.30
N SER OB 148 -55.22 -133.18 -108.98
CA SER OB 148 -56.48 -132.67 -108.46
C SER OB 148 -56.28 -132.09 -107.06
N VAL OB 149 -57.23 -131.24 -106.63
CA VAL OB 149 -57.36 -130.80 -105.25
C VAL OB 149 -58.17 -131.89 -104.51
N THR OB 150 -57.55 -132.55 -103.52
CA THR OB 150 -58.19 -133.64 -102.79
C THR OB 150 -58.99 -133.13 -101.60
N ASN OB 151 -58.64 -131.92 -101.13
CA ASN OB 151 -59.32 -131.30 -100.00
C ASN OB 151 -59.19 -129.78 -100.08
N LEU OB 152 -60.32 -129.08 -99.92
CA LEU OB 152 -60.38 -127.66 -99.63
C LEU OB 152 -61.53 -127.43 -98.64
N ALA OB 153 -61.15 -127.17 -97.38
CA ALA OB 153 -62.12 -127.13 -96.30
C ALA OB 153 -61.62 -126.23 -95.16
N ASP OB 154 -62.59 -125.76 -94.36
CA ASP OB 154 -62.31 -125.24 -93.02
C ASP OB 154 -62.02 -126.42 -92.10
N THR OB 155 -60.78 -126.47 -91.57
CA THR OB 155 -60.32 -127.54 -90.68
C THR OB 155 -60.24 -127.08 -89.23
N SER OB 156 -60.75 -125.87 -88.91
CA SER OB 156 -60.84 -125.40 -87.54
C SER OB 156 -61.89 -126.19 -86.77
N GLY OB 157 -61.75 -126.26 -85.43
CA GLY OB 157 -62.60 -127.05 -84.56
C GLY OB 157 -64.05 -126.62 -84.60
N ALA PB 2 -33.40 -137.90 -91.24
CA ALA PB 2 -32.97 -137.09 -92.43
C ALA PB 2 -32.46 -135.73 -91.98
N THR PB 3 -31.71 -135.05 -92.87
CA THR PB 3 -31.08 -133.77 -92.59
C THR PB 3 -32.12 -132.65 -92.69
N SER PB 4 -32.14 -131.74 -91.68
CA SER PB 4 -33.00 -130.57 -91.66
C SER PB 4 -32.69 -129.66 -92.86
N PRO PB 5 -33.70 -129.08 -93.57
CA PRO PB 5 -33.45 -128.05 -94.59
C PRO PB 5 -32.80 -126.80 -93.97
N GLU PB 6 -31.90 -126.17 -94.73
CA GLU PB 6 -31.11 -125.06 -94.19
C GLU PB 6 -30.86 -124.02 -95.28
N GLY PB 7 -30.71 -122.74 -94.88
CA GLY PB 7 -30.30 -121.67 -95.77
C GLY PB 7 -28.91 -121.93 -96.35
N ILE PB 8 -28.65 -121.41 -97.56
CA ILE PB 8 -27.34 -121.50 -98.19
C ILE PB 8 -26.93 -120.10 -98.64
N TRP PB 9 -25.70 -119.71 -98.31
CA TRP PB 9 -25.19 -118.39 -98.62
C TRP PB 9 -24.38 -118.45 -99.92
N SER PB 10 -24.73 -117.59 -100.90
CA SER PB 10 -24.16 -117.68 -102.25
C SER PB 10 -22.63 -117.53 -102.24
N ASN PB 11 -22.12 -116.59 -101.43
CA ASN PB 11 -20.69 -116.28 -101.37
C ASN PB 11 -19.86 -117.40 -100.71
N SER PB 12 -20.53 -118.47 -100.21
CA SER PB 12 -19.86 -119.64 -99.65
C SER PB 12 -19.50 -120.69 -100.72
N GLY PB 13 -20.01 -120.52 -101.95
CA GLY PB 13 -19.83 -121.53 -103.00
C GLY PB 13 -18.41 -121.54 -103.58
N ALA PB 14 -17.97 -122.75 -103.96
CA ALA PB 14 -16.73 -122.95 -104.71
C ALA PB 14 -17.03 -123.79 -105.96
N LEU PB 15 -17.00 -123.11 -107.13
CA LEU PB 15 -17.27 -123.71 -108.43
C LEU PB 15 -15.94 -124.07 -109.10
N THR PB 16 -15.85 -125.29 -109.65
CA THR PB 16 -14.68 -125.74 -110.41
C THR PB 16 -15.14 -126.42 -111.71
N PHE PB 17 -14.31 -126.26 -112.75
CA PHE PB 17 -14.44 -126.97 -114.02
C PHE PB 17 -13.28 -127.93 -114.20
N GLU PB 18 -13.57 -129.12 -114.73
CA GLU PB 18 -12.56 -130.13 -115.01
C GLU PB 18 -12.69 -130.61 -116.47
N ASP PB 19 -11.55 -130.92 -117.08
CA ASP PB 19 -11.48 -131.59 -118.37
C ASP PB 19 -11.86 -133.07 -118.16
N PRO PB 20 -12.97 -133.57 -118.79
CA PRO PB 20 -13.36 -134.98 -118.62
C PRO PB 20 -12.40 -136.02 -119.18
N ALA PB 21 -11.38 -135.59 -119.94
CA ALA PB 21 -10.34 -136.50 -120.44
C ALA PB 21 -9.34 -136.88 -119.35
N ASP PB 22 -9.12 -135.98 -118.37
CA ASP PB 22 -8.00 -136.06 -117.43
C ASP PB 22 -8.44 -135.93 -115.96
N ASP PB 23 -9.64 -135.38 -115.72
CA ASP PB 23 -10.07 -134.85 -114.43
C ASP PB 23 -9.17 -133.71 -113.93
N SER PB 24 -8.38 -133.08 -114.82
CA SER PB 24 -7.55 -131.93 -114.47
C SER PB 24 -8.42 -130.67 -114.43
N GLU PB 25 -8.10 -129.74 -113.51
CA GLU PB 25 -8.85 -128.50 -113.36
C GLU PB 25 -8.57 -127.54 -114.53
N ILE PB 26 -9.63 -126.87 -115.00
CA ILE PB 26 -9.54 -125.75 -115.93
C ILE PB 26 -9.76 -124.47 -115.11
N LEU PB 27 -8.80 -123.53 -115.18
CA LEU PB 27 -8.79 -122.36 -114.32
C LEU PB 27 -10.01 -121.48 -114.59
N PHE PB 28 -10.80 -121.27 -113.53
CA PHE PB 28 -12.03 -120.48 -113.58
C PHE PB 28 -12.30 -119.88 -112.20
N ALA PB 29 -12.70 -118.61 -112.17
CA ALA PB 29 -12.78 -117.85 -110.93
C ALA PB 29 -13.72 -116.66 -111.08
N GLY PB 30 -14.03 -116.02 -109.95
CA GLY PB 30 -14.71 -114.73 -109.92
C GLY PB 30 -16.19 -114.81 -110.32
N VAL PB 31 -16.87 -115.91 -109.98
CA VAL PB 31 -18.30 -116.05 -110.21
C VAL PB 31 -19.07 -115.01 -109.38
N ARG PB 32 -20.27 -114.66 -109.86
CA ARG PB 32 -21.17 -113.74 -109.19
C ARG PB 32 -22.56 -114.37 -109.08
N ASP PB 33 -23.04 -114.99 -110.18
CA ASP PB 33 -24.25 -115.81 -110.15
C ASP PB 33 -23.93 -117.21 -110.68
N VAL PB 34 -24.59 -118.25 -110.11
CA VAL PB 34 -24.48 -119.63 -110.56
C VAL PB 34 -25.86 -120.29 -110.39
N THR PB 35 -26.48 -120.71 -111.50
CA THR PB 35 -27.73 -121.47 -111.46
C THR PB 35 -27.52 -122.83 -112.11
N ILE PB 36 -27.89 -123.91 -111.38
CA ILE PB 36 -27.86 -125.28 -111.89
C ILE PB 36 -29.26 -125.88 -111.71
N THR PB 37 -29.85 -126.37 -112.80
CA THR PB 37 -31.23 -126.86 -112.81
C THR PB 37 -31.32 -128.12 -113.68
N PRO PB 38 -31.35 -129.35 -113.09
CA PRO PB 38 -31.80 -130.53 -113.84
C PRO PB 38 -33.26 -130.38 -114.23
N ALA PB 39 -33.55 -130.79 -115.48
CA ALA PB 39 -34.87 -130.64 -116.08
C ALA PB 39 -35.20 -131.87 -116.92
N TYR PB 40 -36.51 -132.14 -117.06
CA TYR PB 40 -37.04 -133.11 -118.01
C TYR PB 40 -38.25 -132.48 -118.70
N GLU PB 41 -38.47 -132.83 -119.97
CA GLU PB 41 -39.75 -132.58 -120.62
C GLU PB 41 -40.79 -133.55 -120.05
N HIS PB 42 -41.98 -133.03 -119.71
CA HIS PB 42 -43.10 -133.85 -119.25
C HIS PB 42 -44.16 -134.00 -120.35
N ALA PB 43 -44.65 -135.23 -120.52
CA ALA PB 43 -45.87 -135.47 -121.29
C ALA PB 43 -46.97 -135.95 -120.35
N GLU PB 44 -48.14 -135.28 -120.39
CA GLU PB 44 -49.32 -135.63 -119.62
C GLU PB 44 -50.35 -136.27 -120.57
N LEU PB 45 -50.99 -137.37 -120.11
CA LEU PB 45 -52.01 -138.05 -120.91
C LEU PB 45 -53.41 -137.64 -120.42
N TYR PB 46 -54.24 -137.23 -121.38
CA TYR PB 46 -55.67 -137.00 -121.18
C TYR PB 46 -56.46 -137.67 -122.31
N THR PB 47 -57.65 -138.18 -121.96
CA THR PB 47 -58.55 -138.84 -122.88
C THR PB 47 -59.99 -138.41 -122.57
N ILE PB 48 -60.94 -138.79 -123.43
CA ILE PB 48 -62.36 -138.52 -123.23
C ILE PB 48 -62.90 -139.15 -121.93
N ASP PB 49 -62.20 -140.14 -121.37
CA ASP PB 49 -62.62 -140.84 -120.15
C ASP PB 49 -62.78 -139.90 -118.96
N SER PB 50 -61.88 -138.90 -118.82
CA SER PB 50 -61.79 -138.08 -117.60
C SER PB 50 -61.20 -136.70 -117.91
N THR PB 51 -61.62 -135.71 -117.11
CA THR PB 51 -61.03 -134.37 -117.11
C THR PB 51 -59.69 -134.37 -116.35
N PHE PB 52 -59.46 -135.40 -115.52
CA PHE PB 52 -58.21 -135.52 -114.76
C PHE PB 52 -57.17 -136.26 -115.59
N ARG PB 53 -55.90 -135.95 -115.31
CA ARG PB 53 -54.72 -136.53 -115.95
C ARG PB 53 -54.66 -138.04 -115.70
N ASP PB 54 -54.56 -138.83 -116.80
CA ASP PB 54 -54.42 -140.28 -116.73
C ASP PB 54 -52.99 -140.66 -116.29
N GLU PB 55 -51.98 -140.01 -116.88
CA GLU PB 55 -50.57 -140.35 -116.69
C GLU PB 55 -49.69 -139.10 -116.85
N VAL PB 56 -48.46 -139.15 -116.30
CA VAL PB 56 -47.41 -138.19 -116.63
C VAL PB 56 -46.05 -138.89 -116.66
N LYS PB 57 -45.21 -138.54 -117.66
CA LYS PB 57 -43.94 -139.21 -117.96
C LYS PB 57 -42.84 -138.20 -118.29
N ARG PB 58 -41.58 -138.58 -118.04
CA ARG PB 58 -40.38 -137.79 -118.32
C ARG PB 58 -39.73 -138.26 -119.63
N TYR PB 59 -39.17 -137.31 -120.41
CA TYR PB 59 -38.25 -137.65 -121.50
C TYR PB 59 -36.93 -136.88 -121.44
N GLU PB 60 -36.69 -135.96 -122.41
CA GLU PB 60 -35.33 -135.47 -122.66
C GLU PB 60 -34.77 -134.73 -121.45
N HIS PB 61 -33.82 -135.40 -120.77
CA HIS PB 61 -33.14 -134.88 -119.61
C HIS PB 61 -31.97 -134.02 -120.05
N ASN PB 62 -31.79 -132.89 -119.34
CA ASN PB 62 -30.60 -132.07 -119.41
C ASN PB 62 -30.48 -131.32 -118.09
N VAL PB 63 -29.30 -130.73 -117.87
CA VAL PB 63 -29.10 -129.85 -116.73
C VAL PB 63 -28.77 -128.46 -117.29
N ASN PB 64 -29.66 -127.49 -117.06
CA ASN PB 64 -29.35 -126.10 -117.39
C ASN PB 64 -28.29 -125.60 -116.43
N VAL PB 65 -27.19 -125.11 -117.00
CA VAL PB 65 -26.15 -124.42 -116.26
C VAL PB 65 -26.07 -122.99 -116.80
N GLU PB 66 -26.23 -122.01 -115.91
CA GLU PB 66 -25.93 -120.62 -116.28
C GLU PB 66 -25.12 -119.95 -115.18
N ILE PB 67 -24.06 -119.25 -115.61
CA ILE PB 67 -23.05 -118.68 -114.73
C ILE PB 67 -22.78 -117.24 -115.19
N THR PB 68 -22.76 -116.31 -114.23
CA THR PB 68 -22.24 -114.97 -114.46
C THR PB 68 -20.96 -114.79 -113.65
N TYR PB 69 -19.89 -114.30 -114.30
CA TYR PB 69 -18.57 -114.23 -113.68
C TYR PB 69 -17.81 -113.00 -114.20
N ALA PB 70 -16.82 -112.53 -113.42
CA ALA PB 70 -16.19 -111.24 -113.65
C ALA PB 70 -14.66 -111.29 -113.76
N LYS PB 71 -14.07 -112.49 -113.69
CA LYS PB 71 -12.65 -112.69 -113.97
C LYS PB 71 -12.50 -113.51 -115.25
N PHE PB 72 -11.88 -112.90 -116.27
CA PHE PB 72 -11.69 -113.60 -117.53
C PHE PB 72 -10.63 -114.69 -117.38
N SER PB 73 -10.87 -115.86 -117.99
CA SER PB 73 -9.91 -116.96 -118.01
C SER PB 73 -9.52 -117.28 -119.45
N LEU PB 74 -8.22 -117.14 -119.76
CA LEU PB 74 -7.69 -117.52 -121.06
C LEU PB 74 -7.77 -119.03 -121.27
N GLU PB 75 -7.49 -119.81 -120.21
CA GLU PB 75 -7.53 -121.26 -120.31
C GLU PB 75 -8.94 -121.74 -120.68
N PHE PB 76 -9.96 -121.26 -119.96
CA PHE PB 76 -11.34 -121.65 -120.22
C PHE PB 76 -11.77 -121.32 -121.66
N ALA PB 77 -11.44 -120.11 -122.11
CA ALA PB 77 -11.81 -119.63 -123.44
C ALA PB 77 -11.11 -120.44 -124.54
N GLN PB 78 -9.81 -120.72 -124.37
CA GLN PB 78 -9.01 -121.45 -125.34
C GLN PB 78 -9.36 -122.94 -125.36
N GLU PB 79 -9.82 -123.47 -124.21
CA GLU PB 79 -10.37 -124.83 -124.12
C GLU PB 79 -11.68 -124.91 -124.92
N TRP PB 80 -12.56 -123.91 -124.76
CA TRP PB 80 -13.84 -123.87 -125.46
C TRP PB 80 -13.63 -123.82 -126.98
N LEU PB 81 -12.66 -123.02 -127.44
CA LEU PB 81 -12.34 -122.91 -128.86
C LEU PB 81 -11.81 -124.24 -129.41
N GLY PB 82 -10.95 -124.91 -128.63
CA GLY PB 82 -10.22 -126.08 -129.07
C GLY PB 82 -11.08 -127.34 -129.26
N GLY PB 83 -12.18 -127.44 -128.51
CA GLY PB 83 -13.01 -128.64 -128.50
C GLY PB 83 -12.40 -129.74 -127.63
N PRO PB 84 -12.95 -130.98 -127.62
CA PRO PB 84 -12.48 -132.06 -126.74
C PRO PB 84 -10.99 -132.37 -126.88
N GLY PB 85 -10.29 -132.37 -125.73
CA GLY PB 85 -8.90 -132.80 -125.60
C GLY PB 85 -7.87 -131.86 -126.27
N ALA PB 86 -8.28 -130.64 -126.63
CA ALA PB 86 -7.41 -129.70 -127.34
C ALA PB 86 -7.67 -128.25 -126.90
N THR PB 87 -6.68 -127.39 -127.14
CA THR PB 87 -6.70 -125.97 -126.83
C THR PB 87 -6.40 -125.19 -128.13
N ALA PB 88 -7.06 -124.04 -128.32
CA ALA PB 88 -6.87 -123.26 -129.54
C ALA PB 88 -6.94 -121.76 -129.29
N THR PB 89 -6.19 -120.99 -130.11
CA THR PB 89 -6.17 -119.54 -130.07
C THR PB 89 -7.04 -118.92 -131.16
N ALA PB 90 -7.82 -119.75 -131.88
CA ALA PB 90 -8.70 -119.31 -132.95
C ALA PB 90 -9.88 -120.27 -133.05
N SER PB 91 -11.02 -119.81 -133.62
CA SER PB 91 -12.16 -120.68 -133.90
C SER PB 91 -11.71 -121.90 -134.69
N GLN PB 92 -12.26 -123.07 -134.32
CA GLN PB 92 -11.94 -124.32 -134.99
C GLN PB 92 -13.13 -124.73 -135.86
N ASP PB 93 -12.83 -125.16 -137.10
CA ASP PB 93 -13.85 -125.61 -138.03
C ASP PB 93 -14.09 -127.11 -137.84
N ASP PB 94 -14.72 -127.48 -136.69
CA ASP PB 94 -15.07 -128.87 -136.42
C ASP PB 94 -16.33 -128.98 -135.55
N SER PB 95 -16.89 -130.20 -135.53
CA SER PB 95 -18.25 -130.48 -135.08
C SER PB 95 -18.38 -130.76 -133.57
N ASP PB 96 -17.27 -131.03 -132.86
CA ASP PB 96 -17.34 -131.47 -131.47
C ASP PB 96 -17.22 -130.28 -130.52
N PRO PB 97 -18.25 -129.95 -129.69
CA PRO PB 97 -18.09 -128.90 -128.67
C PRO PB 97 -17.24 -129.42 -127.51
N MET PB 98 -16.50 -128.51 -126.88
CA MET PB 98 -15.80 -128.81 -125.65
C MET PB 98 -16.84 -129.14 -124.55
N LYS PB 99 -16.68 -130.33 -123.96
CA LYS PB 99 -17.51 -130.79 -122.85
C LYS PB 99 -16.73 -130.60 -121.55
N PHE PB 100 -17.33 -129.89 -120.59
CA PHE PB 100 -16.69 -129.65 -119.30
C PHE PB 100 -17.42 -130.47 -118.23
N ASN PB 101 -16.67 -131.04 -117.28
CA ASN PB 101 -17.27 -131.46 -116.02
C ASN PB 101 -17.30 -130.25 -115.09
N LEU PB 102 -18.36 -130.17 -114.27
CA LEU PB 102 -18.58 -129.05 -113.37
C LEU PB 102 -18.88 -129.61 -111.98
N GLU PB 103 -18.32 -128.95 -110.96
CA GLU PB 103 -18.68 -129.24 -109.58
C GLU PB 103 -18.78 -127.93 -108.79
N ASN PB 104 -19.87 -127.80 -108.01
CA ASN PB 104 -20.06 -126.68 -107.10
C ASN PB 104 -20.25 -127.20 -105.68
N VAL PB 105 -19.43 -126.73 -104.74
CA VAL PB 105 -19.46 -127.16 -103.35
C VAL PB 105 -19.86 -125.97 -102.47
N THR PB 106 -20.87 -126.16 -101.61
CA THR PB 106 -21.36 -125.14 -100.70
C THR PB 106 -21.61 -125.73 -99.30
N PRO PB 107 -21.06 -125.16 -98.21
CA PRO PB 107 -21.58 -125.43 -96.87
C PRO PB 107 -22.91 -124.69 -96.68
N SER PB 108 -23.83 -125.30 -95.90
CA SER PB 108 -25.07 -124.65 -95.51
C SER PB 108 -24.77 -123.53 -94.51
N ALA PB 109 -25.72 -122.60 -94.33
CA ALA PB 109 -25.48 -121.35 -93.64
C ALA PB 109 -25.16 -121.52 -92.15
N SER PB 110 -25.71 -122.56 -91.49
CA SER PB 110 -25.41 -122.90 -90.10
C SER PB 110 -24.52 -124.14 -89.98
N GLY PB 111 -23.92 -124.59 -91.10
CA GLY PB 111 -22.98 -125.71 -91.12
C GLY PB 111 -23.62 -127.09 -90.92
N GLY PB 112 -24.94 -127.20 -91.13
CA GLY PB 112 -25.68 -128.46 -91.00
C GLY PB 112 -25.27 -129.54 -92.00
N PHE PB 113 -24.87 -129.11 -93.22
CA PHE PB 113 -24.43 -130.02 -94.28
C PHE PB 113 -23.51 -129.28 -95.27
N GLU PB 114 -22.84 -130.05 -96.15
CA GLU PB 114 -22.09 -129.49 -97.26
C GLU PB 114 -22.63 -130.08 -98.56
N ARG PB 115 -23.46 -129.31 -99.26
CA ARG PB 115 -24.04 -129.76 -100.53
C ARG PB 115 -22.99 -129.65 -101.64
N THR PB 116 -22.68 -130.80 -102.27
CA THR PB 116 -21.92 -130.88 -103.50
C THR PB 116 -22.87 -131.20 -104.66
N THR PB 117 -22.89 -130.34 -105.69
CA THR PB 117 -23.55 -130.63 -106.96
C THR PB 117 -22.49 -130.85 -108.04
N ALA PB 118 -22.57 -131.99 -108.75
CA ALA PB 118 -21.68 -132.27 -109.87
C ALA PB 118 -22.50 -132.57 -111.14
N VAL PB 119 -22.03 -132.04 -112.29
CA VAL PB 119 -22.71 -132.16 -113.57
C VAL PB 119 -21.69 -132.62 -114.62
N GLU PB 120 -22.04 -133.64 -115.41
CA GLU PB 120 -21.17 -134.13 -116.48
C GLU PB 120 -21.47 -133.39 -117.78
N ASN PB 121 -20.44 -133.23 -118.63
CA ASN PB 121 -20.54 -132.86 -120.04
C ASN PB 121 -21.42 -131.62 -120.24
N VAL PB 122 -21.12 -130.55 -119.50
CA VAL PB 122 -21.69 -129.23 -119.74
C VAL PB 122 -21.08 -128.68 -121.04
N VAL PB 123 -21.93 -128.27 -121.99
CA VAL PB 123 -21.50 -127.60 -123.21
C VAL PB 123 -22.16 -126.21 -123.26
N PHE PB 124 -21.43 -125.25 -123.84
CA PHE PB 124 -21.91 -123.87 -123.97
C PHE PB 124 -22.02 -123.53 -125.46
N PRO PB 125 -23.23 -123.25 -126.02
CA PRO PB 125 -23.36 -122.87 -127.44
C PRO PB 125 -22.60 -121.60 -127.85
N GLU PB 126 -22.47 -120.65 -126.91
CA GLU PB 126 -21.75 -119.40 -127.16
C GLU PB 126 -20.89 -119.04 -125.95
N LEU PB 127 -19.73 -118.43 -126.26
CA LEU PB 127 -18.76 -118.02 -125.27
C LEU PB 127 -18.59 -116.50 -125.38
N PRO PB 128 -18.88 -115.70 -124.31
CA PRO PB 128 -18.60 -114.27 -124.36
C PRO PB 128 -17.09 -114.06 -124.20
N LEU PB 129 -16.44 -113.58 -125.27
CA LEU PB 129 -15.01 -113.25 -125.18
C LEU PB 129 -14.85 -111.87 -124.57
N ASP PB 130 -15.57 -110.89 -125.13
CA ASP PB 130 -15.54 -109.52 -124.67
C ASP PB 130 -16.95 -109.09 -124.27
N SER PB 131 -17.04 -108.37 -123.14
CA SER PB 131 -18.30 -107.93 -122.56
C SER PB 131 -18.07 -106.65 -121.77
N ALA PB 132 -17.69 -105.59 -122.49
CA ALA PB 132 -17.23 -104.33 -121.92
C ALA PB 132 -18.36 -103.30 -121.93
N THR PB 133 -18.52 -102.58 -120.82
CA THR PB 133 -19.45 -101.46 -120.66
C THR PB 133 -18.72 -100.35 -119.91
N TYR PB 134 -18.90 -99.11 -120.38
CA TYR PB 134 -18.23 -97.94 -119.81
C TYR PB 134 -18.48 -97.85 -118.30
N GLY PB 135 -17.38 -97.74 -117.52
CA GLY PB 135 -17.42 -97.57 -116.07
C GLY PB 135 -17.69 -98.87 -115.30
N GLU PB 136 -17.49 -100.04 -115.95
CA GLU PB 136 -17.73 -101.33 -115.32
C GLU PB 136 -16.59 -102.31 -115.65
N TYR PB 137 -16.35 -103.26 -114.73
CA TYR PB 137 -15.56 -104.44 -115.06
C TYR PB 137 -16.33 -105.27 -116.07
N GLU PB 138 -15.60 -105.94 -116.96
CA GLU PB 138 -16.22 -106.88 -117.87
C GLU PB 138 -16.89 -108.00 -117.08
N GLU PB 139 -18.16 -108.27 -117.42
CA GLU PB 139 -18.94 -109.32 -116.76
C GLU PB 139 -19.49 -110.27 -117.84
N TYR PB 140 -19.29 -111.58 -117.63
CA TYR PB 140 -19.51 -112.60 -118.64
C TYR PB 140 -20.64 -113.52 -118.20
N SER PB 141 -21.60 -113.77 -119.10
CA SER PB 141 -22.68 -114.72 -118.83
C SER PB 141 -22.58 -115.94 -119.77
N LEU PB 142 -22.42 -117.12 -119.14
CA LEU PB 142 -22.45 -118.41 -119.84
C LEU PB 142 -23.84 -119.04 -119.65
N THR PB 143 -24.37 -119.61 -120.74
CA THR PB 143 -25.55 -120.48 -120.70
C THR PB 143 -25.19 -121.80 -121.40
N GLY PB 144 -25.53 -122.94 -120.77
CA GLY PB 144 -25.17 -124.23 -121.34
C GLY PB 144 -26.02 -125.37 -120.80
N SER PB 145 -25.84 -126.57 -121.37
CA SER PB 145 -26.56 -127.77 -120.96
C SER PB 145 -25.60 -128.92 -120.64
N GLY PB 146 -25.71 -129.44 -119.40
CA GLY PB 146 -25.06 -130.67 -118.97
C GLY PB 146 -25.91 -131.90 -119.32
N ARG PB 147 -25.27 -133.08 -119.39
CA ARG PB 147 -25.95 -134.31 -119.76
C ARG PB 147 -26.77 -134.86 -118.58
N SER PB 148 -26.18 -134.86 -117.37
CA SER PB 148 -26.82 -135.38 -116.16
C SER PB 148 -26.14 -134.83 -114.89
N VAL PB 149 -26.86 -134.89 -113.77
CA VAL PB 149 -26.29 -134.67 -112.44
C VAL PB 149 -25.64 -135.99 -112.00
N THR PB 150 -24.31 -135.98 -111.82
CA THR PB 150 -23.60 -137.20 -111.44
C THR PB 150 -23.49 -137.33 -109.92
N ASN PB 151 -23.61 -136.21 -109.20
CA ASN PB 151 -23.58 -136.21 -107.75
C ASN PB 151 -24.44 -135.07 -107.19
N LEU PB 152 -25.31 -135.42 -106.24
CA LEU PB 152 -25.92 -134.47 -105.31
C LEU PB 152 -25.97 -135.12 -103.92
N ALA PB 153 -25.07 -134.69 -103.04
CA ALA PB 153 -24.93 -135.31 -101.74
C ALA PB 153 -24.39 -134.31 -100.71
N ASP PB 154 -24.62 -134.64 -99.44
CA ASP PB 154 -23.93 -134.03 -98.31
C ASP PB 154 -22.53 -134.63 -98.23
N THR PB 155 -21.49 -133.81 -98.50
CA THR PB 155 -20.10 -134.24 -98.49
C THR PB 155 -19.38 -133.84 -97.20
N SER PB 156 -20.12 -133.35 -96.19
CA SER PB 156 -19.55 -133.06 -94.87
C SER PB 156 -19.13 -134.37 -94.18
N GLY PB 157 -18.14 -134.27 -93.28
CA GLY PB 157 -17.56 -135.43 -92.60
C GLY PB 157 -18.56 -136.16 -91.73
N ALA QB 2 -1.04 -122.68 -116.14
CA ALA QB 2 -1.63 -121.62 -117.00
C ALA QB 2 -1.84 -120.33 -116.20
N THR QB 3 -2.14 -119.24 -116.92
CA THR QB 3 -2.32 -117.88 -116.39
C THR QB 3 -3.57 -117.82 -115.51
N SER QB 4 -3.45 -117.24 -114.30
CA SER QB 4 -4.55 -117.08 -113.36
C SER QB 4 -5.67 -116.23 -113.97
N PRO QB 5 -6.97 -116.56 -113.78
CA PRO QB 5 -8.07 -115.67 -114.21
C PRO QB 5 -8.00 -114.34 -113.45
N GLU QB 6 -8.37 -113.26 -114.13
CA GLU QB 6 -8.22 -111.91 -113.59
C GLU QB 6 -9.36 -111.01 -114.09
N GLY QB 7 -9.75 -110.02 -113.26
CA GLY QB 7 -10.71 -108.99 -113.67
C GLY QB 7 -10.19 -108.17 -114.86
N ILE QB 8 -11.12 -107.63 -115.67
CA ILE QB 8 -10.77 -106.76 -116.78
C ILE QB 8 -11.62 -105.50 -116.70
N TRP QB 9 -10.96 -104.34 -116.83
CA TRP QB 9 -11.62 -103.04 -116.74
C TRP QB 9 -11.99 -102.55 -118.13
N SER QB 10 -13.28 -102.25 -118.36
CA SER QB 10 -13.80 -101.94 -119.69
C SER QB 10 -13.07 -100.76 -120.34
N ASN QB 11 -12.79 -99.72 -119.53
CA ASN QB 11 -12.20 -98.48 -120.03
C ASN QB 11 -10.71 -98.63 -120.40
N SER QB 12 -10.13 -99.82 -120.16
CA SER QB 12 -8.75 -100.13 -120.57
C SER QB 12 -8.67 -100.62 -122.02
N GLY QB 13 -9.82 -100.92 -122.65
CA GLY QB 13 -9.86 -101.53 -123.98
C GLY QB 13 -9.48 -100.57 -125.11
N ALA QB 14 -8.93 -101.15 -126.19
CA ALA QB 14 -8.57 -100.43 -127.41
C ALA QB 14 -9.06 -101.21 -128.64
N LEU QB 15 -10.28 -100.85 -129.09
CA LEU QB 15 -10.90 -101.41 -130.30
C LEU QB 15 -10.34 -100.71 -131.54
N THR QB 16 -10.08 -101.50 -132.59
CA THR QB 16 -9.66 -101.00 -133.90
C THR QB 16 -10.37 -101.80 -135.01
N PHE QB 17 -10.59 -101.14 -136.15
CA PHE QB 17 -11.09 -101.78 -137.36
C PHE QB 17 -10.05 -101.65 -138.48
N GLU QB 18 -9.96 -102.69 -139.33
CA GLU QB 18 -9.05 -102.68 -140.46
C GLU QB 18 -9.78 -103.13 -141.72
N ASP QB 19 -9.41 -102.52 -142.85
CA ASP QB 19 -9.84 -102.99 -144.17
C ASP QB 19 -9.07 -104.28 -144.49
N PRO QB 20 -9.76 -105.45 -144.64
CA PRO QB 20 -9.07 -106.71 -144.94
C PRO QB 20 -8.33 -106.78 -146.28
N ALA QB 21 -8.59 -105.80 -147.18
CA ALA QB 21 -7.87 -105.72 -148.45
C ALA QB 21 -6.44 -105.21 -148.24
N ASP QB 22 -6.21 -104.40 -147.19
CA ASP QB 22 -4.98 -103.65 -146.99
C ASP QB 22 -4.28 -103.99 -145.66
N ASP QB 23 -5.08 -104.38 -144.66
CA ASP QB 23 -4.75 -104.27 -143.24
C ASP QB 23 -4.54 -102.80 -142.81
N SER QB 24 -5.12 -101.84 -143.56
CA SER QB 24 -5.08 -100.42 -143.21
C SER QB 24 -6.19 -100.11 -142.20
N GLU QB 25 -5.90 -99.22 -141.24
CA GLU QB 25 -6.86 -98.89 -140.19
C GLU QB 25 -8.00 -98.03 -140.75
N ILE QB 26 -9.23 -98.34 -140.33
CA ILE QB 26 -10.40 -97.51 -140.55
C ILE QB 26 -10.68 -96.74 -139.25
N LEU QB 27 -10.75 -95.41 -139.34
CA LEU QB 27 -10.81 -94.55 -138.16
C LEU QB 27 -12.12 -94.79 -137.40
N PHE QB 28 -11.96 -95.16 -136.12
CA PHE QB 28 -13.07 -95.49 -135.24
C PHE QB 28 -12.65 -95.20 -133.80
N ALA QB 29 -13.56 -94.60 -133.02
CA ALA QB 29 -13.23 -94.10 -131.70
C ALA QB 29 -14.51 -93.91 -130.87
N GLY QB 30 -14.31 -93.68 -129.55
CA GLY QB 30 -15.36 -93.24 -128.65
C GLY QB 30 -16.36 -94.33 -128.29
N VAL QB 31 -15.89 -95.59 -128.18
CA VAL QB 31 -16.75 -96.69 -127.77
C VAL QB 31 -17.19 -96.51 -126.31
N ARG QB 32 -18.34 -97.12 -126.00
CA ARG QB 32 -18.92 -97.11 -124.67
C ARG QB 32 -19.24 -98.55 -124.24
N ASP QB 33 -19.76 -99.36 -125.17
CA ASP QB 33 -19.93 -100.80 -124.96
C ASP QB 33 -19.29 -101.58 -126.12
N VAL QB 34 -18.72 -102.76 -125.81
CA VAL QB 34 -18.21 -103.71 -126.81
C VAL QB 34 -18.49 -105.14 -126.32
N THR QB 35 -19.33 -105.87 -127.07
CA THR QB 35 -19.55 -107.29 -126.83
C THR QB 35 -19.07 -108.10 -128.04
N ILE QB 36 -18.21 -109.11 -127.79
CA ILE QB 36 -17.79 -110.07 -128.80
C ILE QB 36 -18.09 -111.48 -128.28
N THR QB 37 -18.89 -112.23 -129.06
CA THR QB 37 -19.37 -113.54 -128.64
C THR QB 37 -19.29 -114.52 -129.81
N PRO QB 38 -18.23 -115.37 -129.91
CA PRO QB 38 -18.27 -116.55 -130.78
C PRO QB 38 -19.37 -117.50 -130.31
N ALA QB 39 -20.13 -118.00 -131.29
CA ALA QB 39 -21.28 -118.84 -131.06
C ALA QB 39 -21.33 -119.93 -132.13
N TYR QB 40 -21.91 -121.08 -131.75
CA TYR QB 40 -22.26 -122.14 -132.68
C TYR QB 40 -23.70 -122.57 -132.37
N GLU QB 41 -24.43 -122.99 -133.41
CA GLU QB 41 -25.66 -123.75 -133.20
C GLU QB 41 -25.30 -125.15 -132.69
N HIS QB 42 -26.03 -125.63 -131.66
CA HIS QB 42 -25.89 -126.98 -131.15
C HIS QB 42 -27.09 -127.84 -131.54
N ALA QB 43 -26.82 -129.06 -132.01
CA ALA QB 43 -27.84 -130.10 -132.11
C ALA QB 43 -27.56 -131.22 -131.10
N GLU QB 44 -28.58 -131.59 -130.31
CA GLU QB 44 -28.51 -132.67 -129.33
C GLU QB 44 -29.31 -133.88 -129.83
N LEU QB 45 -28.76 -135.10 -129.69
CA LEU QB 45 -29.44 -136.32 -130.11
C LEU QB 45 -30.12 -137.00 -128.92
N TYR QB 46 -31.41 -137.30 -129.07
CA TYR QB 46 -32.18 -138.11 -128.14
C TYR QB 46 -32.98 -139.17 -128.90
N THR QB 47 -33.06 -140.37 -128.31
CA THR QB 47 -33.73 -141.52 -128.89
C THR QB 47 -34.51 -142.25 -127.79
N ILE QB 48 -35.28 -143.27 -128.19
CA ILE QB 48 -36.11 -144.04 -127.26
C ILE QB 48 -35.23 -144.86 -126.29
N ASP QB 49 -33.93 -145.04 -126.60
CA ASP QB 49 -32.98 -145.82 -125.81
C ASP QB 49 -32.78 -145.25 -124.40
N SER QB 50 -32.83 -143.91 -124.26
CA SER QB 50 -32.43 -143.23 -123.03
C SER QB 50 -33.12 -141.86 -122.92
N THR QB 51 -33.33 -141.41 -121.67
CA THR QB 51 -33.74 -140.05 -121.37
C THR QB 51 -32.56 -139.07 -121.46
N PHE QB 52 -31.33 -139.61 -121.36
CA PHE QB 52 -30.12 -138.80 -121.43
C PHE QB 52 -29.73 -138.56 -122.87
N ARG QB 53 -28.93 -137.50 -123.08
CA ARG QB 53 -28.46 -137.06 -124.39
C ARG QB 53 -27.45 -138.07 -124.94
N ASP QB 54 -27.70 -138.57 -126.16
CA ASP QB 54 -26.80 -139.49 -126.86
C ASP QB 54 -25.57 -138.73 -127.36
N GLU QB 55 -25.78 -137.57 -128.00
CA GLU QB 55 -24.73 -136.80 -128.67
C GLU QB 55 -25.04 -135.29 -128.61
N VAL QB 56 -24.00 -134.46 -128.79
CA VAL QB 56 -24.17 -133.05 -129.10
C VAL QB 56 -23.07 -132.58 -130.07
N LYS QB 57 -23.46 -131.74 -131.06
CA LYS QB 57 -22.61 -131.31 -132.16
C LYS QB 57 -22.78 -129.82 -132.45
N ARG QB 58 -21.70 -129.18 -132.94
CA ARG QB 58 -21.67 -127.78 -133.38
C ARG QB 58 -21.94 -127.71 -134.88
N TYR QB 59 -22.65 -126.64 -135.33
CA TYR QB 59 -22.68 -126.28 -136.74
C TYR QB 59 -22.40 -124.78 -136.98
N GLU QB 60 -23.44 -123.96 -137.21
CA GLU QB 60 -23.25 -122.62 -137.75
C GLU QB 60 -22.44 -121.73 -136.82
N HIS QB 61 -21.15 -121.59 -137.14
CA HIS QB 61 -20.28 -120.68 -136.40
C HIS QB 61 -20.51 -119.25 -136.90
N ASN QB 62 -20.63 -118.32 -135.94
CA ASN QB 62 -20.47 -116.91 -136.23
C ASN QB 62 -20.01 -116.21 -134.95
N VAL QB 63 -19.43 -115.01 -135.11
CA VAL QB 63 -19.05 -114.20 -133.97
C VAL QB 63 -20.01 -113.01 -133.92
N ASN QB 64 -20.88 -112.98 -132.90
CA ASN QB 64 -21.70 -111.81 -132.66
C ASN QB 64 -20.81 -110.67 -132.17
N VAL QB 65 -20.85 -109.55 -132.91
CA VAL QB 65 -20.19 -108.32 -132.51
C VAL QB 65 -21.27 -107.27 -132.32
N GLU QB 66 -21.28 -106.63 -131.14
CA GLU QB 66 -22.11 -105.45 -130.98
C GLU QB 66 -21.36 -104.37 -130.20
N ILE QB 67 -21.46 -103.15 -130.71
CA ILE QB 67 -20.66 -102.02 -130.26
C ILE QB 67 -21.62 -100.83 -130.06
N THR QB 68 -21.48 -100.16 -128.92
CA THR QB 68 -22.11 -98.86 -128.73
C THR QB 68 -21.02 -97.80 -128.63
N TYR QB 69 -21.17 -96.71 -129.39
CA TYR QB 69 -20.13 -95.70 -129.49
C TYR QB 69 -20.75 -94.32 -129.67
N ALA QB 70 -19.98 -93.25 -129.33
CA ALA QB 70 -20.52 -91.90 -129.23
C ALA QB 70 -19.73 -90.86 -130.02
N LYS QB 71 -18.70 -91.28 -130.78
CA LYS QB 71 -18.02 -90.43 -131.75
C LYS QB 71 -18.34 -90.93 -133.15
N PHE QB 72 -18.93 -90.07 -133.98
CA PHE QB 72 -19.28 -90.45 -135.35
C PHE QB 72 -18.01 -90.49 -136.21
N SER QB 73 -17.90 -91.52 -137.06
CA SER QB 73 -16.82 -91.62 -138.03
C SER QB 73 -17.37 -91.58 -139.45
N LEU QB 74 -16.97 -90.55 -140.21
CA LEU QB 74 -17.30 -90.44 -141.62
C LEU QB 74 -16.68 -91.59 -142.41
N GLU QB 75 -15.42 -91.94 -142.10
CA GLU QB 75 -14.72 -92.99 -142.84
C GLU QB 75 -15.44 -94.33 -142.67
N PHE QB 76 -15.77 -94.71 -141.43
CA PHE QB 76 -16.44 -95.98 -141.17
C PHE QB 76 -17.77 -96.06 -141.93
N ALA QB 77 -18.56 -94.97 -141.90
CA ALA QB 77 -19.86 -94.93 -142.54
C ALA QB 77 -19.73 -95.02 -144.07
N GLN QB 78 -18.74 -94.33 -144.65
CA GLN QB 78 -18.56 -94.27 -146.09
C GLN QB 78 -17.91 -95.55 -146.63
N GLU QB 79 -17.16 -96.27 -145.76
CA GLU QB 79 -16.65 -97.61 -146.06
C GLU QB 79 -17.81 -98.60 -146.12
N TRP QB 80 -18.74 -98.49 -145.15
CA TRP QB 80 -19.91 -99.37 -145.06
C TRP QB 80 -20.82 -99.20 -146.27
N LEU QB 81 -21.01 -97.94 -146.73
CA LEU QB 81 -21.82 -97.65 -147.91
C LEU QB 81 -21.17 -98.23 -149.17
N GLY QB 82 -19.84 -98.07 -149.30
CA GLY QB 82 -19.10 -98.39 -150.51
C GLY QB 82 -18.95 -99.89 -150.81
N GLY QB 83 -19.00 -100.73 -149.76
CA GLY QB 83 -18.74 -102.16 -149.90
C GLY QB 83 -17.25 -102.47 -150.03
N PRO QB 84 -16.86 -103.76 -150.26
CA PRO QB 84 -15.44 -104.16 -150.28
C PRO QB 84 -14.57 -103.35 -151.23
N GLY QB 85 -13.48 -102.77 -150.69
CA GLY QB 85 -12.44 -102.07 -151.43
C GLY QB 85 -12.87 -100.74 -152.03
N ALA QB 86 -13.96 -100.13 -151.52
CA ALA QB 86 -14.50 -98.89 -152.06
C ALA QB 86 -15.12 -98.02 -150.96
N THR QB 87 -15.20 -96.71 -151.23
CA THR QB 87 -15.81 -95.71 -150.34
C THR QB 87 -16.90 -94.97 -151.13
N ALA QB 88 -18.04 -94.65 -150.48
CA ALA QB 88 -19.16 -94.01 -151.14
C ALA QB 88 -19.88 -93.01 -150.23
N THR QB 89 -20.46 -91.96 -150.84
CA THR QB 89 -21.22 -90.92 -150.15
C THR QB 89 -22.73 -91.13 -150.31
N ALA QB 90 -23.14 -92.26 -150.89
CA ALA QB 90 -24.54 -92.59 -151.14
C ALA QB 90 -24.69 -94.11 -151.10
N SER QB 91 -25.92 -94.60 -150.89
CA SER QB 91 -26.22 -96.03 -150.96
C SER QB 91 -25.76 -96.61 -152.30
N GLN QB 92 -25.20 -97.82 -152.27
CA GLN QB 92 -24.80 -98.52 -153.47
C GLN QB 92 -25.77 -99.67 -153.74
N ASP QB 93 -26.18 -99.79 -155.01
CA ASP QB 93 -27.05 -100.85 -155.47
C ASP QB 93 -26.20 -102.06 -155.89
N ASP QB 94 -25.57 -102.72 -154.91
CA ASP QB 94 -24.82 -103.95 -155.14
C ASP QB 94 -24.90 -104.88 -153.94
N SER QB 95 -24.51 -106.16 -154.14
CA SER QB 95 -24.83 -107.26 -153.24
C SER QB 95 -23.75 -107.53 -152.17
N ASP QB 96 -22.55 -106.94 -152.30
CA ASP QB 96 -21.45 -107.25 -151.40
C ASP QB 96 -21.46 -106.31 -150.19
N PRO QB 97 -21.61 -106.81 -148.93
CA PRO QB 97 -21.45 -105.95 -147.76
C PRO QB 97 -19.97 -105.70 -147.51
N MET QB 98 -19.66 -104.53 -146.94
CA MET QB 98 -18.31 -104.23 -146.48
C MET QB 98 -17.95 -105.19 -145.34
N LYS QB 99 -16.82 -105.90 -145.50
CA LYS QB 99 -16.29 -106.81 -144.49
C LYS QB 99 -15.16 -106.11 -143.75
N PHE QB 100 -15.28 -106.01 -142.41
CA PHE QB 100 -14.29 -105.37 -141.58
C PHE QB 100 -13.52 -106.45 -140.82
N ASN QB 101 -12.18 -106.28 -140.72
CA ASN QB 101 -11.44 -106.96 -139.67
C ASN QB 101 -11.54 -106.11 -138.40
N LEU QB 102 -11.66 -106.79 -137.25
CA LEU QB 102 -11.82 -106.14 -135.96
C LEU QB 102 -10.78 -106.72 -134.99
N GLU QB 103 -10.17 -105.84 -134.18
CA GLU QB 103 -9.32 -106.28 -133.09
C GLU QB 103 -9.58 -105.43 -131.85
N ASN QB 104 -9.67 -106.10 -130.69
CA ASN QB 104 -9.79 -105.42 -129.40
C ASN QB 104 -8.68 -105.93 -128.47
N VAL QB 105 -7.97 -104.98 -127.83
CA VAL QB 105 -6.84 -105.28 -126.97
C VAL QB 105 -7.11 -104.69 -125.59
N THR QB 106 -6.97 -105.51 -124.54
CA THR QB 106 -7.19 -105.08 -123.16
C THR QB 106 -6.09 -105.62 -122.25
N PRO QB 107 -5.45 -104.78 -121.39
CA PRO QB 107 -4.70 -105.31 -120.24
C PRO QB 107 -5.68 -105.75 -119.15
N SER QB 108 -5.34 -106.85 -118.45
CA SER QB 108 -6.12 -107.30 -117.30
C SER QB 108 -5.92 -106.33 -116.13
N ALA QB 109 -6.83 -106.36 -115.15
CA ALA QB 109 -6.96 -105.29 -114.15
C ALA QB 109 -5.71 -105.13 -113.27
N SER QB 110 -4.97 -106.24 -113.03
CA SER QB 110 -3.71 -106.23 -112.27
C SER QB 110 -2.49 -106.47 -113.16
N GLY QB 111 -2.67 -106.38 -114.49
CA GLY QB 111 -1.58 -106.52 -115.45
C GLY QB 111 -1.01 -107.94 -115.58
N GLY QB 112 -1.79 -108.96 -115.15
CA GLY QB 112 -1.42 -110.36 -115.27
C GLY QB 112 -1.25 -110.83 -116.72
N PHE QB 113 -2.04 -110.26 -117.64
CA PHE QB 113 -1.97 -110.58 -119.07
C PHE QB 113 -2.50 -109.41 -119.90
N GLU QB 114 -2.22 -109.43 -121.21
CA GLU QB 114 -2.91 -108.56 -122.16
C GLU QB 114 -3.68 -109.43 -123.15
N ARG QB 115 -5.02 -109.34 -123.09
CA ARG QB 115 -5.89 -110.11 -123.95
C ARG QB 115 -6.07 -109.36 -125.28
N THR QB 116 -5.75 -110.07 -126.38
CA THR QB 116 -6.08 -109.63 -127.73
C THR QB 116 -7.16 -110.56 -128.29
N THR QB 117 -8.30 -109.97 -128.68
CA THR QB 117 -9.36 -110.66 -129.42
C THR QB 117 -9.41 -110.09 -130.84
N ALA QB 118 -9.29 -110.97 -131.86
CA ALA QB 118 -9.37 -110.56 -133.25
C ALA QB 118 -10.43 -111.37 -134.00
N VAL QB 119 -11.23 -110.67 -134.82
CA VAL QB 119 -12.38 -111.24 -135.52
C VAL QB 119 -12.28 -110.88 -137.01
N GLU QB 120 -12.42 -111.88 -137.89
CA GLU QB 120 -12.37 -111.66 -139.32
C GLU QB 120 -13.77 -111.37 -139.87
N ASN QB 121 -13.84 -110.52 -140.90
CA ASN QB 121 -15.00 -110.33 -141.77
C ASN QB 121 -16.28 -110.07 -140.98
N VAL QB 122 -16.25 -109.10 -140.05
CA VAL QB 122 -17.46 -108.59 -139.42
C VAL QB 122 -18.24 -107.79 -140.45
N VAL QB 123 -19.54 -108.14 -140.62
CA VAL QB 123 -20.47 -107.40 -141.45
C VAL QB 123 -21.60 -106.88 -140.55
N PHE QB 124 -22.12 -105.69 -140.87
CA PHE QB 124 -23.18 -105.06 -140.11
C PHE QB 124 -24.40 -104.90 -141.02
N PRO QB 125 -25.54 -105.60 -140.77
CA PRO QB 125 -26.74 -105.46 -141.61
C PRO QB 125 -27.27 -104.03 -141.75
N GLU QB 126 -27.15 -103.25 -140.66
CA GLU QB 126 -27.63 -101.88 -140.64
C GLU QB 126 -26.61 -100.98 -139.94
N LEU QB 127 -26.51 -99.75 -140.45
CA LEU QB 127 -25.60 -98.74 -139.95
C LEU QB 127 -26.42 -97.54 -139.45
N PRO QB 128 -26.37 -97.16 -138.15
CA PRO QB 128 -27.03 -95.91 -137.73
C PRO QB 128 -26.20 -94.71 -138.20
N LEU QB 129 -26.81 -93.88 -139.05
CA LEU QB 129 -26.15 -92.65 -139.49
C LEU QB 129 -26.39 -91.54 -138.47
N ASP QB 130 -27.66 -91.33 -138.12
CA ASP QB 130 -28.10 -90.31 -137.20
C ASP QB 130 -28.83 -90.99 -136.02
N SER QB 131 -28.56 -90.51 -134.80
CA SER QB 131 -29.11 -91.08 -133.57
C SER QB 131 -29.30 -89.99 -132.53
N ALA QB 132 -30.04 -88.93 -132.92
CA ALA QB 132 -30.23 -87.74 -132.09
C ALA QB 132 -31.35 -87.96 -131.07
N THR QB 133 -31.06 -87.58 -129.82
CA THR QB 133 -32.03 -87.49 -128.72
C THR QB 133 -31.79 -86.17 -127.99
N TYR QB 134 -32.87 -85.43 -127.70
CA TYR QB 134 -32.79 -84.11 -127.06
C TYR QB 134 -32.01 -84.19 -125.74
N GLY QB 135 -30.99 -83.30 -125.60
CA GLY QB 135 -30.17 -83.19 -124.40
C GLY QB 135 -29.15 -84.31 -124.22
N GLU QB 136 -28.83 -85.04 -125.32
CA GLU QB 136 -27.85 -86.11 -125.30
C GLU QB 136 -26.93 -85.97 -126.52
N TYR QB 137 -25.69 -86.47 -126.39
CA TYR QB 137 -24.85 -86.70 -127.56
C TYR QB 137 -25.44 -87.87 -128.34
N GLU QB 138 -25.25 -87.85 -129.67
CA GLU QB 138 -25.67 -88.99 -130.48
C GLU QB 138 -24.88 -90.23 -130.05
N GLU QB 139 -25.60 -91.33 -129.79
CA GLU QB 139 -25.00 -92.61 -129.43
C GLU QB 139 -25.49 -93.67 -130.42
N TYR QB 140 -24.54 -94.42 -130.99
CA TYR QB 140 -24.75 -95.32 -132.12
C TYR QB 140 -24.57 -96.77 -131.66
N SER QB 141 -25.51 -97.64 -132.03
CA SER QB 141 -25.38 -99.08 -131.75
C SER QB 141 -25.22 -99.86 -133.06
N LEU QB 142 -24.14 -100.65 -133.13
CA LEU QB 142 -23.90 -101.60 -134.22
C LEU QB 142 -24.17 -103.02 -133.72
N THR QB 143 -24.82 -103.83 -134.57
CA THR QB 143 -24.88 -105.28 -134.41
C THR QB 143 -24.39 -105.90 -135.72
N GLY QB 144 -23.52 -106.93 -135.61
CA GLY QB 144 -22.96 -107.58 -136.77
C GLY QB 144 -22.47 -109.00 -136.48
N SER QB 145 -22.10 -109.72 -137.55
CA SER QB 145 -21.59 -111.09 -137.44
C SER QB 145 -20.24 -111.21 -138.14
N GLY QB 146 -19.22 -111.66 -137.38
CA GLY QB 146 -17.91 -112.03 -137.90
C GLY QB 146 -17.88 -113.51 -138.32
N ARG QB 147 -16.97 -113.86 -139.24
CA ARG QB 147 -16.88 -115.22 -139.75
C ARG QB 147 -16.27 -116.17 -138.70
N SER QB 148 -15.19 -115.72 -138.04
CA SER QB 148 -14.48 -116.51 -137.04
C SER QB 148 -13.61 -115.60 -136.15
N VAL QB 149 -13.19 -116.12 -134.99
CA VAL QB 149 -12.15 -115.51 -134.17
C VAL QB 149 -10.80 -115.98 -134.73
N THR QB 150 -9.96 -115.04 -135.18
CA THR QB 150 -8.67 -115.38 -135.79
C THR QB 150 -7.56 -115.44 -134.74
N ASN QB 151 -7.77 -114.77 -133.60
CA ASN QB 151 -6.77 -114.72 -132.53
C ASN QB 151 -7.47 -114.45 -131.20
N LEU QB 152 -7.17 -115.29 -130.20
CA LEU QB 152 -7.46 -115.01 -128.80
C LEU QB 152 -6.28 -115.51 -127.97
N ALA QB 153 -5.46 -114.56 -127.49
CA ALA QB 153 -4.20 -114.89 -126.83
C ALA QB 153 -3.78 -113.79 -125.85
N ASP QB 154 -2.92 -114.18 -124.90
CA ASP QB 154 -2.13 -113.24 -124.13
C ASP QB 154 -1.02 -112.68 -125.02
N THR QB 155 -1.06 -111.35 -125.26
CA THR QB 155 -0.11 -110.65 -126.12
C THR QB 155 0.86 -109.78 -125.31
N SER QB 156 0.91 -109.97 -123.98
CA SER QB 156 1.89 -109.28 -123.12
C SER QB 156 3.30 -109.82 -123.38
N GLY QB 157 4.32 -109.04 -123.01
CA GLY QB 157 5.72 -109.38 -123.24
C GLY QB 157 6.17 -110.64 -122.53
N ALA RB 2 -7.76 -88.66 -143.89
CA ALA RB 2 -9.08 -89.00 -143.28
C ALA RB 2 -9.37 -88.06 -142.11
N THR RB 3 -10.66 -87.96 -141.73
CA THR RB 3 -11.14 -87.04 -140.72
C THR RB 3 -11.34 -87.79 -139.39
N SER RB 4 -10.80 -87.23 -138.29
CA SER RB 4 -10.90 -87.82 -136.96
C SER RB 4 -12.38 -87.98 -136.54
N PRO RB 5 -12.79 -89.14 -135.96
CA PRO RB 5 -14.14 -89.26 -135.39
C PRO RB 5 -14.35 -88.25 -134.27
N GLU RB 6 -15.60 -87.77 -134.12
CA GLU RB 6 -15.91 -86.70 -133.18
C GLU RB 6 -17.33 -86.88 -132.64
N GLY RB 7 -17.55 -86.43 -131.39
CA GLY RB 7 -18.88 -86.41 -130.79
C GLY RB 7 -19.83 -85.49 -131.58
N ILE RB 8 -21.13 -85.81 -131.57
CA ILE RB 8 -22.14 -84.97 -132.20
C ILE RB 8 -23.22 -84.67 -131.17
N TRP RB 9 -23.53 -83.37 -131.01
CA TRP RB 9 -24.53 -82.92 -130.07
C TRP RB 9 -25.91 -82.88 -130.73
N SER RB 10 -26.89 -83.60 -130.17
CA SER RB 10 -28.20 -83.78 -130.79
C SER RB 10 -28.89 -82.45 -131.09
N ASN RB 11 -28.77 -81.48 -130.17
CA ASN RB 11 -29.48 -80.20 -130.27
C ASN RB 11 -28.86 -79.28 -131.33
N SER RB 12 -27.77 -79.70 -131.99
CA SER RB 12 -27.14 -78.94 -133.06
C SER RB 12 -27.77 -79.24 -134.43
N GLY RB 13 -28.60 -80.29 -134.53
CA GLY RB 13 -29.13 -80.77 -135.80
C GLY RB 13 -30.24 -79.89 -136.37
N ALA RB 14 -30.20 -79.69 -137.70
CA ALA RB 14 -31.27 -79.06 -138.47
C ALA RB 14 -31.86 -80.06 -139.46
N LEU RB 15 -33.12 -80.46 -139.24
CA LEU RB 15 -33.85 -81.40 -140.09
C LEU RB 15 -34.82 -80.64 -140.98
N THR RB 16 -34.82 -80.97 -142.28
CA THR RB 16 -35.74 -80.37 -143.26
C THR RB 16 -36.34 -81.43 -144.16
N PHE RB 17 -37.62 -81.25 -144.49
CA PHE RB 17 -38.32 -82.05 -145.48
C PHE RB 17 -38.54 -81.23 -146.76
N GLU RB 18 -38.38 -81.88 -147.91
CA GLU RB 18 -38.65 -81.26 -149.20
C GLU RB 18 -39.63 -82.12 -150.00
N ASP RB 19 -40.48 -81.45 -150.79
CA ASP RB 19 -41.32 -82.10 -151.78
C ASP RB 19 -40.44 -82.50 -152.97
N PRO RB 20 -40.28 -83.81 -153.29
CA PRO RB 20 -39.40 -84.25 -154.39
C PRO RB 20 -39.83 -83.83 -155.80
N ALA RB 21 -41.03 -83.26 -155.94
CA ALA RB 21 -41.49 -82.74 -157.22
C ALA RB 21 -40.83 -81.39 -157.55
N ASP RB 22 -40.51 -80.59 -156.50
CA ASP RB 22 -40.15 -79.18 -156.65
C ASP RB 22 -38.81 -78.84 -155.97
N ASP RB 23 -38.37 -79.68 -155.02
CA ASP RB 23 -37.33 -79.37 -154.04
C ASP RB 23 -37.72 -78.19 -153.13
N SER RB 24 -39.03 -77.90 -153.01
CA SER RB 24 -39.55 -76.88 -152.10
C SER RB 24 -39.64 -77.46 -150.69
N GLU RB 25 -39.38 -76.61 -149.68
CA GLU RB 25 -39.46 -77.04 -148.28
C GLU RB 25 -40.92 -77.27 -147.86
N ILE RB 26 -41.15 -78.35 -147.10
CA ILE RB 26 -42.37 -78.59 -146.36
C ILE RB 26 -42.09 -78.22 -144.90
N LEU RB 27 -42.91 -77.31 -144.34
CA LEU RB 27 -42.64 -76.76 -143.02
C LEU RB 27 -42.77 -77.84 -141.95
N PHE RB 28 -41.69 -78.01 -141.18
CA PHE RB 28 -41.57 -79.02 -140.13
C PHE RB 28 -40.56 -78.52 -139.10
N ALA RB 29 -40.86 -78.71 -137.81
CA ALA RB 29 -40.05 -78.11 -136.75
C ALA RB 29 -40.25 -78.87 -135.43
N GLY RB 30 -39.39 -78.54 -134.45
CA GLY RB 30 -39.58 -78.95 -133.07
C GLY RB 30 -39.27 -80.42 -132.79
N VAL RB 31 -38.23 -80.96 -133.46
CA VAL RB 31 -37.82 -82.35 -133.24
C VAL RB 31 -37.23 -82.52 -131.84
N ARG RB 32 -37.32 -83.76 -131.33
CA ARG RB 32 -36.81 -84.14 -130.01
C ARG RB 32 -36.01 -85.45 -130.09
N ASP RB 33 -36.33 -86.30 -131.08
CA ASP RB 33 -35.46 -87.42 -131.48
C ASP RB 33 -35.47 -87.54 -133.00
N VAL RB 34 -34.33 -87.95 -133.58
CA VAL RB 34 -34.21 -88.30 -134.99
C VAL RB 34 -33.25 -89.49 -135.11
N THR RB 35 -33.75 -90.61 -135.65
CA THR RB 35 -32.91 -91.76 -135.97
C THR RB 35 -33.00 -92.03 -137.48
N ILE RB 36 -31.84 -92.09 -138.14
CA ILE RB 36 -31.74 -92.48 -139.54
C ILE RB 36 -30.78 -93.67 -139.64
N THR RB 37 -31.29 -94.79 -140.18
CA THR RB 37 -30.55 -96.04 -140.24
C THR RB 37 -30.75 -96.66 -141.63
N PRO RB 38 -29.77 -96.52 -142.57
CA PRO RB 38 -29.72 -97.39 -143.75
C PRO RB 38 -29.49 -98.85 -143.32
N ALA RB 39 -30.24 -99.75 -143.96
CA ALA RB 39 -30.21 -101.16 -143.63
C ALA RB 39 -30.26 -101.99 -144.91
N TYR RB 40 -29.78 -103.23 -144.80
CA TYR RB 40 -29.97 -104.26 -145.81
C TYR RB 40 -30.27 -105.58 -145.11
N GLU RB 41 -31.15 -106.39 -145.70
CA GLU RB 41 -31.26 -107.79 -145.31
C GLU RB 41 -29.97 -108.52 -145.71
N HIS RB 42 -29.44 -109.37 -144.80
CA HIS RB 42 -28.28 -110.21 -145.08
C HIS RB 42 -28.69 -111.68 -145.21
N ALA RB 43 -28.18 -112.36 -146.24
CA ALA RB 43 -28.25 -113.81 -146.34
C ALA RB 43 -26.84 -114.40 -146.25
N GLU RB 44 -26.65 -115.34 -145.31
CA GLU RB 44 -25.38 -116.03 -145.10
C GLU RB 44 -25.47 -117.45 -145.67
N LEU RB 45 -24.39 -117.92 -146.32
CA LEU RB 45 -24.34 -119.26 -146.89
C LEU RB 45 -23.53 -120.20 -145.99
N TYR RB 46 -24.14 -121.34 -145.64
CA TYR RB 46 -23.47 -122.45 -144.97
C TYR RB 46 -23.83 -123.77 -145.65
N THR RB 47 -22.84 -124.68 -145.72
CA THR RB 47 -23.02 -126.01 -146.31
C THR RB 47 -22.32 -127.03 -145.41
N ILE RB 48 -22.43 -128.32 -145.78
CA ILE RB 48 -21.80 -129.42 -145.06
C ILE RB 48 -20.27 -129.33 -145.09
N ASP RB 49 -19.69 -128.55 -146.02
CA ASP RB 49 -18.26 -128.41 -146.21
C ASP RB 49 -17.55 -127.80 -144.98
N SER RB 50 -18.25 -126.92 -144.24
CA SER RB 50 -17.62 -126.12 -143.19
C SER RB 50 -18.66 -125.62 -142.18
N THR RB 51 -18.22 -125.45 -140.92
CA THR RB 51 -18.98 -124.78 -139.88
C THR RB 51 -18.92 -123.26 -140.03
N PHE RB 52 -17.92 -122.77 -140.79
CA PHE RB 52 -17.76 -121.34 -141.01
C PHE RB 52 -18.64 -120.88 -142.18
N ARG RB 53 -19.03 -119.61 -142.12
CA ARG RB 53 -19.80 -118.93 -143.16
C ARG RB 53 -18.99 -118.89 -144.46
N ASP RB 54 -19.64 -119.31 -145.57
CA ASP RB 54 -18.99 -119.38 -146.87
C ASP RB 54 -19.12 -118.03 -147.60
N GLU RB 55 -20.32 -117.42 -147.53
CA GLU RB 55 -20.64 -116.17 -148.20
C GLU RB 55 -21.60 -115.35 -147.34
N VAL RB 56 -21.66 -114.02 -147.60
CA VAL RB 56 -22.72 -113.16 -147.09
C VAL RB 56 -23.04 -112.06 -148.12
N LYS RB 57 -24.34 -111.80 -148.31
CA LYS RB 57 -24.84 -110.92 -149.38
C LYS RB 57 -25.95 -110.00 -148.86
N ARG RB 58 -26.03 -108.78 -149.44
CA ARG RB 58 -27.05 -107.78 -149.17
C ARG RB 58 -28.20 -107.92 -150.16
N TYR RB 59 -29.45 -107.68 -149.70
CA TYR RB 59 -30.58 -107.47 -150.61
C TYR RB 59 -31.43 -106.25 -150.25
N GLU RB 60 -32.55 -106.43 -149.54
CA GLU RB 60 -33.55 -105.37 -149.43
C GLU RB 60 -32.98 -104.15 -148.71
N HIS RB 61 -32.63 -103.13 -149.51
CA HIS RB 61 -32.18 -101.85 -148.97
C HIS RB 61 -33.39 -100.97 -148.63
N ASN RB 62 -33.38 -100.45 -147.40
CA ASN RB 62 -34.29 -99.37 -147.00
C ASN RB 62 -33.53 -98.50 -145.99
N VAL RB 63 -34.04 -97.28 -145.79
CA VAL RB 63 -33.52 -96.40 -144.76
C VAL RB 63 -34.62 -96.22 -143.72
N ASN RB 64 -34.45 -96.82 -142.54
CA ASN RB 64 -35.36 -96.59 -141.44
C ASN RB 64 -35.19 -95.15 -140.95
N VAL RB 65 -36.30 -94.39 -141.02
CA VAL RB 65 -36.38 -93.04 -140.48
C VAL RB 65 -37.42 -93.06 -139.36
N GLU RB 66 -37.01 -92.66 -138.14
CA GLU RB 66 -37.98 -92.42 -137.09
C GLU RB 66 -37.65 -91.10 -136.39
N ILE RB 67 -38.70 -90.30 -136.17
CA ILE RB 67 -38.60 -88.92 -135.70
C ILE RB 67 -39.64 -88.72 -134.59
N THR RB 68 -39.20 -88.16 -133.45
CA THR RB 68 -40.13 -87.66 -132.45
C THR RB 68 -40.09 -86.13 -132.46
N TYR RB 69 -41.27 -85.49 -132.46
CA TYR RB 69 -41.35 -84.04 -132.59
C TYR RB 69 -42.55 -83.49 -131.81
N ALA RB 70 -42.49 -82.19 -131.45
CA ALA RB 70 -43.45 -81.60 -130.51
C ALA RB 70 -44.10 -80.32 -131.02
N LYS RB 71 -43.89 -79.96 -132.30
CA LYS RB 71 -44.63 -78.89 -132.96
C LYS RB 71 -45.44 -79.48 -134.11
N PHE RB 72 -46.76 -79.31 -134.05
CA PHE RB 72 -47.63 -79.79 -135.11
C PHE RB 72 -47.49 -78.90 -136.35
N SER RB 73 -47.36 -79.53 -137.52
CA SER RB 73 -47.37 -78.82 -138.80
C SER RB 73 -48.59 -79.25 -139.60
N LEU RB 74 -49.45 -78.28 -139.95
CA LEU RB 74 -50.59 -78.56 -140.82
C LEU RB 74 -50.11 -78.95 -142.21
N GLU RB 75 -49.05 -78.29 -142.69
CA GLU RB 75 -48.56 -78.54 -144.05
C GLU RB 75 -48.07 -79.97 -144.19
N PHE RB 76 -47.27 -80.45 -143.23
CA PHE RB 76 -46.75 -81.82 -143.28
C PHE RB 76 -47.89 -82.85 -143.29
N ALA RB 77 -48.91 -82.62 -142.44
CA ALA RB 77 -50.04 -83.53 -142.31
C ALA RB 77 -50.92 -83.54 -143.57
N GLN RB 78 -51.16 -82.34 -144.15
CA GLN RB 78 -52.02 -82.19 -145.33
C GLN RB 78 -51.31 -82.67 -146.60
N GLU RB 79 -49.96 -82.56 -146.63
CA GLU RB 79 -49.13 -83.18 -147.68
C GLU RB 79 -49.23 -84.70 -147.61
N TRP RB 80 -49.13 -85.27 -146.40
CA TRP RB 80 -49.23 -86.70 -146.19
C TRP RB 80 -50.59 -87.25 -146.63
N LEU RB 81 -51.68 -86.54 -146.31
CA LEU RB 81 -53.02 -86.93 -146.72
C LEU RB 81 -53.16 -86.90 -148.24
N GLY RB 82 -52.60 -85.86 -148.88
CA GLY RB 82 -52.77 -85.58 -150.30
C GLY RB 82 -52.09 -86.61 -151.24
N GLY RB 83 -50.99 -87.23 -150.80
CA GLY RB 83 -50.18 -88.06 -151.67
C GLY RB 83 -49.28 -87.22 -152.58
N PRO RB 84 -48.54 -87.82 -153.56
CA PRO RB 84 -47.59 -87.08 -154.39
C PRO RB 84 -48.18 -85.89 -155.16
N GLY RB 85 -47.50 -84.74 -155.05
CA GLY RB 85 -47.80 -83.52 -155.78
C GLY RB 85 -49.13 -82.85 -155.43
N ALA RB 86 -49.72 -83.21 -154.26
CA ALA RB 86 -51.05 -82.74 -153.88
C ALA RB 86 -51.13 -82.54 -152.36
N THR RB 87 -52.12 -81.73 -151.94
CA THR RB 87 -52.38 -81.40 -150.54
C THR RB 87 -53.88 -81.63 -150.27
N ALA RB 88 -54.24 -82.17 -149.09
CA ALA RB 88 -55.63 -82.51 -148.82
C ALA RB 88 -56.02 -82.30 -147.35
N THR RB 89 -57.30 -81.95 -147.12
CA THR RB 89 -57.89 -81.77 -145.79
C THR RB 89 -58.63 -83.01 -145.30
N ALA RB 90 -58.59 -84.12 -146.07
CA ALA RB 90 -59.28 -85.36 -145.72
C ALA RB 90 -58.50 -86.55 -146.29
N SER RB 91 -58.73 -87.75 -145.74
CA SER RB 91 -58.16 -88.99 -146.29
C SER RB 91 -58.48 -89.09 -147.79
N GLN RB 92 -57.48 -89.50 -148.56
CA GLN RB 92 -57.64 -89.72 -149.99
C GLN RB 92 -57.73 -91.21 -150.28
N ASP RB 93 -58.71 -91.60 -151.10
CA ASP RB 93 -58.92 -92.98 -151.48
C ASP RB 93 -58.06 -93.31 -152.71
N ASP RB 94 -56.73 -93.35 -152.53
CA ASP RB 94 -55.79 -93.66 -153.61
C ASP RB 94 -54.53 -94.36 -153.10
N SER RB 95 -53.79 -94.96 -154.04
CA SER RB 95 -52.76 -95.97 -153.76
C SER RB 95 -51.35 -95.37 -153.53
N ASP RB 96 -51.15 -94.09 -153.82
CA ASP RB 96 -49.80 -93.51 -153.75
C ASP RB 96 -49.57 -92.84 -152.40
N PRO RB 97 -48.57 -93.27 -151.58
CA PRO RB 97 -48.17 -92.49 -150.40
C PRO RB 97 -47.35 -91.27 -150.81
N MET RB 98 -47.50 -90.18 -150.05
CA MET RB 98 -46.65 -89.02 -150.20
C MET RB 98 -45.20 -89.42 -149.89
N LYS RB 99 -44.30 -89.14 -150.85
CA LYS RB 99 -42.87 -89.38 -150.71
C LYS RB 99 -42.19 -88.06 -150.36
N PHE RB 100 -41.41 -88.06 -149.28
CA PHE RB 100 -40.69 -86.87 -148.84
C PHE RB 100 -39.19 -87.09 -149.07
N ASN RB 101 -38.49 -86.04 -149.53
CA ASN RB 101 -37.05 -85.97 -149.40
C ASN RB 101 -36.74 -85.44 -147.99
N LEU RB 102 -35.69 -85.98 -147.36
CA LEU RB 102 -35.30 -85.61 -146.01
C LEU RB 102 -33.81 -85.27 -146.00
N GLU RB 103 -33.45 -84.21 -145.27
CA GLU RB 103 -32.05 -83.89 -145.02
C GLU RB 103 -31.88 -83.45 -143.56
N ASN RB 104 -30.86 -84.02 -142.90
CA ASN RB 104 -30.46 -83.61 -141.56
C ASN RB 104 -29.01 -83.12 -141.61
N VAL RB 105 -28.76 -81.90 -141.13
CA VAL RB 105 -27.43 -81.30 -141.11
C VAL RB 105 -27.01 -81.08 -139.65
N THR RB 106 -25.82 -81.59 -139.28
CA THR RB 106 -25.28 -81.42 -137.94
C THR RB 106 -23.79 -81.05 -138.00
N PRO RB 107 -23.33 -79.97 -137.31
CA PRO RB 107 -21.90 -79.79 -137.05
C PRO RB 107 -21.47 -80.75 -135.93
N SER RB 108 -20.23 -81.24 -136.02
CA SER RB 108 -19.64 -82.06 -134.96
C SER RB 108 -19.34 -81.18 -133.74
N ALA RB 109 -19.19 -81.81 -132.57
CA ALA RB 109 -19.18 -81.11 -131.27
C ALA RB 109 -18.03 -80.12 -131.12
N SER RB 110 -16.86 -80.40 -131.74
CA SER RB 110 -15.70 -79.50 -131.73
C SER RB 110 -15.49 -78.81 -133.09
N GLY RB 111 -16.47 -78.92 -134.00
CA GLY RB 111 -16.43 -78.24 -135.30
C GLY RB 111 -15.47 -78.87 -136.31
N GLY RB 112 -15.05 -80.13 -136.09
CA GLY RB 112 -14.14 -80.85 -136.97
C GLY RB 112 -14.72 -81.15 -138.36
N PHE RB 113 -16.05 -81.31 -138.45
CA PHE RB 113 -16.78 -81.56 -139.70
C PHE RB 113 -18.24 -81.14 -139.56
N GLU RB 114 -18.95 -81.05 -140.70
CA GLU RB 114 -20.40 -80.90 -140.69
C GLU RB 114 -21.02 -82.06 -141.47
N ARG RB 115 -21.62 -83.01 -140.72
CA ARG RB 115 -22.24 -84.17 -141.34
C ARG RB 115 -23.62 -83.78 -141.89
N THR RB 116 -23.78 -83.92 -143.21
CA THR RB 116 -25.08 -83.87 -143.87
C THR RB 116 -25.49 -85.30 -144.24
N THR RB 117 -26.67 -85.71 -143.77
CA THR RB 117 -27.32 -86.95 -144.20
C THR RB 117 -28.58 -86.59 -145.01
N ALA RB 118 -28.69 -87.13 -146.23
CA ALA RB 118 -29.87 -86.93 -147.06
C ALA RB 118 -30.45 -88.28 -147.51
N VAL RB 119 -31.79 -88.37 -147.52
CA VAL RB 119 -32.54 -89.59 -147.81
C VAL RB 119 -33.63 -89.25 -148.83
N GLU RB 120 -33.77 -90.08 -149.88
CA GLU RB 120 -34.83 -89.89 -150.87
C GLU RB 120 -36.08 -90.70 -150.49
N ASN RB 121 -37.25 -90.19 -150.89
CA ASN RB 121 -38.51 -90.92 -150.98
C ASN RB 121 -38.87 -91.63 -149.68
N VAL RB 122 -38.78 -90.90 -148.55
CA VAL RB 122 -39.23 -91.37 -147.25
C VAL RB 122 -40.76 -91.39 -147.25
N VAL RB 123 -41.34 -92.55 -146.89
CA VAL RB 123 -42.79 -92.68 -146.74
C VAL RB 123 -43.12 -93.14 -145.32
N PHE RB 124 -44.25 -92.65 -144.78
CA PHE RB 124 -44.68 -92.98 -143.42
C PHE RB 124 -46.00 -93.74 -143.49
N PRO RB 125 -46.07 -95.05 -143.11
CA PRO RB 125 -47.33 -95.81 -143.12
C PRO RB 125 -48.47 -95.20 -142.31
N GLU RB 126 -48.12 -94.50 -141.21
CA GLU RB 126 -49.11 -93.87 -140.36
C GLU RB 126 -48.62 -92.49 -139.90
N LEU RB 127 -49.59 -91.59 -139.73
CA LEU RB 127 -49.35 -90.21 -139.33
C LEU RB 127 -50.12 -89.94 -138.04
N PRO RB 128 -49.46 -89.58 -136.91
CA PRO RB 128 -50.20 -89.14 -135.72
C PRO RB 128 -50.74 -87.73 -135.96
N LEU RB 129 -52.08 -87.60 -135.96
CA LEU RB 129 -52.69 -86.28 -136.08
C LEU RB 129 -52.78 -85.64 -134.68
N ASP RB 130 -53.35 -86.40 -133.74
CA ASP RB 130 -53.52 -85.96 -132.36
C ASP RB 130 -52.79 -86.94 -131.45
N SER RB 131 -52.10 -86.40 -130.42
CA SER RB 131 -51.30 -87.20 -129.49
C SER RB 131 -51.32 -86.55 -128.12
N ALA RB 132 -52.54 -86.31 -127.60
CA ALA RB 132 -52.76 -85.60 -126.34
C ALA RB 132 -52.54 -86.54 -125.15
N THR RB 133 -51.88 -86.00 -124.10
CA THR RB 133 -51.72 -86.65 -122.81
C THR RB 133 -51.83 -85.58 -121.74
N TYR RB 134 -52.56 -85.90 -120.65
CA TYR RB 134 -52.85 -84.95 -119.58
C TYR RB 134 -51.56 -84.30 -119.04
N GLY RB 135 -51.53 -82.96 -119.02
CA GLY RB 135 -50.42 -82.19 -118.45
C GLY RB 135 -49.15 -82.21 -119.31
N GLU RB 136 -49.27 -82.50 -120.61
CA GLU RB 136 -48.13 -82.57 -121.51
C GLU RB 136 -48.47 -81.85 -122.83
N TYR RB 137 -47.43 -81.33 -123.50
CA TYR RB 137 -47.56 -80.96 -124.90
C TYR RB 137 -47.82 -82.22 -125.71
N GLU RB 138 -48.57 -82.09 -126.81
CA GLU RB 138 -48.69 -83.20 -127.74
C GLU RB 138 -47.31 -83.50 -128.33
N GLU RB 139 -46.96 -84.80 -128.40
CA GLU RB 139 -45.68 -85.26 -128.93
C GLU RB 139 -45.93 -86.40 -129.92
N TYR RB 140 -45.30 -86.30 -131.10
CA TYR RB 140 -45.64 -87.08 -132.28
C TYR RB 140 -44.48 -87.99 -132.68
N SER RB 141 -44.76 -89.28 -132.90
CA SER RB 141 -43.77 -90.23 -133.39
C SER RB 141 -44.08 -90.60 -134.84
N LEU RB 142 -43.09 -90.37 -135.73
CA LEU RB 142 -43.14 -90.86 -137.10
C LEU RB 142 -42.18 -92.03 -137.24
N THR RB 143 -42.61 -93.07 -137.97
CA THR RB 143 -41.76 -94.18 -138.41
C THR RB 143 -42.00 -94.38 -139.91
N GLY RB 144 -40.92 -94.49 -140.68
CA GLY RB 144 -41.03 -94.59 -142.13
C GLY RB 144 -39.79 -95.17 -142.80
N SER RB 145 -39.90 -95.47 -144.11
CA SER RB 145 -38.83 -96.06 -144.89
C SER RB 145 -38.46 -95.19 -146.10
N GLY RB 146 -37.20 -94.74 -146.14
CA GLY RB 146 -36.61 -94.12 -147.33
C GLY RB 146 -36.06 -95.18 -148.29
N ARG RB 147 -35.92 -94.80 -149.57
CA ARG RB 147 -35.47 -95.71 -150.61
C ARG RB 147 -33.95 -95.92 -150.53
N SER RB 148 -33.20 -94.81 -150.36
CA SER RB 148 -31.74 -94.82 -150.31
C SER RB 148 -31.21 -93.55 -149.63
N VAL RB 149 -29.95 -93.61 -149.16
CA VAL RB 149 -29.20 -92.44 -148.72
C VAL RB 149 -28.60 -91.79 -149.98
N THR RB 150 -29.00 -90.54 -150.29
CA THR RB 150 -28.52 -89.86 -151.49
C THR RB 150 -27.22 -89.11 -151.23
N ASN RB 151 -26.98 -88.73 -149.97
CA ASN RB 151 -25.77 -88.02 -149.58
C ASN RB 151 -25.44 -88.32 -148.12
N LEU RB 152 -24.16 -88.62 -147.87
CA LEU RB 152 -23.56 -88.62 -146.54
C LEU RB 152 -22.13 -88.10 -146.67
N ALA RB 153 -21.94 -86.83 -146.27
CA ALA RB 153 -20.69 -86.14 -146.53
C ALA RB 153 -20.42 -85.07 -145.47
N ASP RB 154 -19.14 -84.73 -145.31
CA ASP RB 154 -18.72 -83.51 -144.66
C ASP RB 154 -18.99 -82.33 -145.59
N THR RB 155 -19.94 -81.46 -145.19
CA THR RB 155 -20.33 -80.29 -145.97
C THR RB 155 -19.71 -79.00 -145.44
N SER RB 156 -18.83 -79.09 -144.43
CA SER RB 156 -18.08 -77.94 -143.94
C SER RB 156 -17.10 -77.46 -145.03
N GLY RB 157 -16.85 -76.14 -145.08
CA GLY RB 157 -16.05 -75.50 -146.11
C GLY RB 157 -14.60 -75.98 -146.11
N ALA SB 2 -48.09 -70.62 -146.23
CA ALA SB 2 -48.14 -71.74 -145.25
C ALA SB 2 -48.18 -71.18 -143.82
N THR SB 3 -48.54 -72.05 -142.86
CA THR SB 3 -48.64 -71.71 -141.45
C THR SB 3 -47.45 -72.32 -140.69
N SER SB 4 -46.77 -71.53 -139.86
CA SER SB 4 -45.63 -71.98 -139.06
C SER SB 4 -46.05 -73.14 -138.14
N PRO SB 5 -45.25 -74.24 -138.04
CA PRO SB 5 -45.53 -75.30 -137.04
C PRO SB 5 -45.43 -74.76 -135.61
N GLU SB 6 -46.30 -75.28 -134.73
CA GLU SB 6 -46.44 -74.74 -133.39
C GLU SB 6 -46.73 -75.86 -132.38
N GLY SB 7 -46.30 -75.65 -131.12
CA GLY SB 7 -46.64 -76.55 -130.02
C GLY SB 7 -48.16 -76.59 -129.79
N ILE SB 8 -48.66 -77.73 -129.26
CA ILE SB 8 -50.07 -77.88 -128.90
C ILE SB 8 -50.13 -78.42 -127.48
N TRP SB 9 -50.96 -77.79 -126.65
CA TRP SB 9 -51.10 -78.16 -125.24
C TRP SB 9 -52.29 -79.11 -125.09
N SER SB 10 -52.07 -80.29 -124.46
CA SER SB 10 -53.08 -81.34 -124.43
C SER SB 10 -54.38 -80.88 -123.74
N ASN SB 11 -54.24 -80.13 -122.63
CA ASN SB 11 -55.37 -79.68 -121.83
C ASN SB 11 -56.22 -78.61 -122.54
N SER SB 12 -55.81 -78.17 -123.75
CA SER SB 12 -56.56 -77.21 -124.57
C SER SB 12 -57.60 -77.90 -125.47
N GLY SB 13 -57.57 -79.25 -125.56
CA GLY SB 13 -58.41 -79.98 -126.50
C GLY SB 13 -59.88 -80.05 -126.06
N ALA SB 14 -60.77 -80.20 -127.06
CA ALA SB 14 -62.20 -80.40 -126.86
C ALA SB 14 -62.69 -81.53 -127.77
N LEU SB 15 -62.70 -82.75 -127.23
CA LEU SB 15 -63.21 -83.94 -127.91
C LEU SB 15 -64.73 -83.99 -127.80
N THR SB 16 -65.41 -84.31 -128.92
CA THR SB 16 -66.85 -84.53 -128.96
C THR SB 16 -67.17 -85.75 -129.84
N PHE SB 17 -68.25 -86.45 -129.47
CA PHE SB 17 -68.78 -87.55 -130.26
C PHE SB 17 -70.19 -87.19 -130.75
N GLU SB 18 -70.50 -87.61 -131.99
CA GLU SB 18 -71.82 -87.38 -132.58
C GLU SB 18 -72.37 -88.67 -133.17
N ASP SB 19 -73.70 -88.84 -133.06
CA ASP SB 19 -74.43 -89.87 -133.76
C ASP SB 19 -74.52 -89.51 -135.25
N PRO SB 20 -73.92 -90.30 -136.18
CA PRO SB 20 -73.98 -89.98 -137.61
C PRO SB 20 -75.37 -90.00 -138.27
N ALA SB 21 -76.38 -90.51 -137.54
CA ALA SB 21 -77.76 -90.47 -138.03
C ALA SB 21 -78.35 -89.06 -137.90
N ASP SB 22 -77.94 -88.32 -136.85
CA ASP SB 22 -78.58 -87.06 -136.45
C ASP SB 22 -77.63 -85.88 -136.59
N ASP SB 23 -76.32 -86.12 -136.47
CA ASP SB 23 -75.31 -85.14 -136.07
C ASP SB 23 -75.57 -84.59 -134.65
N SER SB 24 -76.31 -85.35 -133.80
CA SER SB 24 -76.56 -84.98 -132.42
C SER SB 24 -75.39 -85.43 -131.54
N GLU SB 25 -75.07 -84.64 -130.50
CA GLU SB 25 -73.95 -84.94 -129.61
C GLU SB 25 -74.31 -86.11 -128.68
N ILE SB 26 -73.32 -87.01 -128.47
CA ILE SB 26 -73.36 -88.04 -127.44
C ILE SB 26 -72.48 -87.56 -126.29
N LEU SB 27 -73.06 -87.51 -125.08
CA LEU SB 27 -72.39 -86.90 -123.93
C LEU SB 27 -71.15 -87.69 -123.54
N PHE SB 28 -70.00 -87.00 -123.59
CA PHE SB 28 -68.70 -87.55 -123.31
C PHE SB 28 -67.81 -86.44 -122.76
N ALA SB 29 -67.02 -86.77 -121.72
CA ALA SB 29 -66.26 -85.77 -120.97
C ALA SB 29 -65.11 -86.45 -120.20
N GLY SB 30 -64.22 -85.61 -119.65
CA GLY SB 30 -63.21 -86.06 -118.69
C GLY SB 30 -62.08 -86.87 -119.32
N VAL SB 31 -61.71 -86.55 -120.57
CA VAL SB 31 -60.58 -87.21 -121.23
C VAL SB 31 -59.28 -86.85 -120.50
N ARG SB 32 -58.28 -87.75 -120.66
CA ARG SB 32 -56.95 -87.57 -120.11
C ARG SB 32 -55.91 -87.79 -121.21
N ASP SB 33 -56.09 -88.86 -122.02
CA ASP SB 33 -55.28 -89.09 -123.21
C ASP SB 33 -56.18 -89.22 -124.44
N VAL SB 34 -55.73 -88.70 -125.59
CA VAL SB 34 -56.40 -88.86 -126.88
C VAL SB 34 -55.34 -89.00 -127.97
N THR SB 35 -55.30 -90.16 -128.65
CA THR SB 35 -54.45 -90.35 -129.83
C THR SB 35 -55.33 -90.63 -131.05
N ILE SB 36 -55.12 -89.86 -132.13
CA ILE SB 36 -55.76 -90.10 -133.42
C ILE SB 36 -54.65 -90.28 -134.47
N THR SB 37 -54.67 -91.42 -135.17
CA THR SB 37 -53.62 -91.78 -136.11
C THR SB 37 -54.24 -92.41 -137.37
N PRO SB 38 -54.42 -91.64 -138.48
CA PRO SB 38 -54.68 -92.24 -139.79
C PRO SB 38 -53.48 -93.09 -140.22
N ALA SB 39 -53.81 -94.29 -140.75
CA ALA SB 39 -52.81 -95.28 -141.12
C ALA SB 39 -53.21 -95.94 -142.43
N TYR SB 40 -52.19 -96.42 -143.16
CA TYR SB 40 -52.37 -97.31 -144.30
C TYR SB 40 -51.37 -98.46 -144.17
N GLU SB 41 -51.77 -99.66 -144.63
CA GLU SB 41 -50.81 -100.71 -144.91
C GLU SB 41 -49.99 -100.30 -146.15
N HIS SB 42 -48.67 -100.54 -146.10
CA HIS SB 42 -47.79 -100.32 -147.24
C HIS SB 42 -47.31 -101.66 -147.81
N ALA SB 43 -47.29 -101.76 -149.15
CA ALA SB 43 -46.54 -102.81 -149.84
C ALA SB 43 -45.37 -102.19 -150.61
N GLU SB 44 -44.17 -102.73 -150.40
CA GLU SB 44 -42.95 -102.33 -151.11
C GLU SB 44 -42.58 -103.42 -152.13
N LEU SB 45 -42.25 -103.02 -153.37
CA LEU SB 45 -41.84 -103.96 -154.41
C LEU SB 45 -40.30 -104.03 -154.50
N TYR SB 46 -39.77 -105.26 -154.43
CA TYR SB 46 -38.37 -105.55 -154.72
C TYR SB 46 -38.30 -106.72 -155.69
N THR SB 47 -37.30 -106.67 -156.59
CA THR SB 47 -37.06 -107.70 -157.59
C THR SB 47 -35.54 -107.94 -157.71
N ILE SB 48 -35.17 -108.99 -158.46
CA ILE SB 48 -33.77 -109.32 -158.73
C ILE SB 48 -33.02 -108.19 -159.47
N ASP SB 49 -33.75 -107.23 -160.07
CA ASP SB 49 -33.17 -106.11 -160.80
C ASP SB 49 -32.28 -105.23 -159.91
N SER SB 50 -32.67 -105.04 -158.64
CA SER SB 50 -32.08 -104.01 -157.78
C SER SB 50 -32.26 -104.34 -156.30
N THR SB 51 -31.28 -103.91 -155.48
CA THR SB 51 -31.38 -103.92 -154.02
C THR SB 51 -32.29 -102.79 -153.52
N PHE SB 52 -32.55 -101.79 -154.38
CA PHE SB 52 -33.40 -100.66 -154.01
C PHE SB 52 -34.85 -100.96 -154.37
N ARG SB 53 -35.76 -100.37 -153.58
CA ARG SB 53 -37.21 -100.46 -153.74
C ARG SB 53 -37.64 -99.96 -155.11
N ASP SB 54 -38.38 -100.80 -155.86
CA ASP SB 54 -38.95 -100.44 -157.16
C ASP SB 54 -40.16 -99.51 -156.96
N GLU SB 55 -41.06 -99.86 -156.03
CA GLU SB 55 -42.34 -99.20 -155.82
C GLU SB 55 -42.76 -99.26 -154.35
N VAL SB 56 -43.64 -98.34 -153.93
CA VAL SB 56 -44.39 -98.47 -152.68
C VAL SB 56 -45.82 -97.95 -152.87
N LYS SB 57 -46.80 -98.67 -152.27
CA LYS SB 57 -48.22 -98.43 -152.46
C LYS SB 57 -48.99 -98.57 -151.12
N ARG SB 58 -50.10 -97.83 -151.01
CA ARG SB 58 -51.00 -97.83 -149.85
C ARG SB 58 -52.20 -98.76 -150.12
N TYR SB 59 -52.74 -99.39 -149.06
CA TYR SB 59 -54.04 -100.06 -149.16
C TYR SB 59 -54.95 -99.79 -147.94
N GLU SB 60 -54.99 -100.72 -146.96
CA GLU SB 60 -56.04 -100.70 -145.94
C GLU SB 60 -55.96 -99.42 -145.11
N HIS SB 61 -56.87 -98.50 -145.40
CA HIS SB 61 -56.96 -97.27 -144.64
C HIS SB 61 -57.88 -97.47 -143.43
N ASN SB 62 -57.39 -97.00 -142.28
CA ASN SB 62 -58.18 -96.87 -141.06
C ASN SB 62 -57.60 -95.71 -140.26
N VAL SB 63 -58.39 -95.22 -139.30
CA VAL SB 63 -57.89 -94.25 -138.34
C VAL SB 63 -57.90 -94.92 -136.97
N ASN SB 64 -56.71 -95.13 -136.40
CA ASN SB 64 -56.60 -95.59 -135.02
C ASN SB 64 -57.02 -94.45 -134.09
N VAL SB 65 -58.06 -94.72 -133.29
CA VAL SB 65 -58.49 -93.82 -132.22
C VAL SB 65 -58.29 -94.54 -130.90
N GLU SB 66 -57.53 -93.92 -129.99
CA GLU SB 66 -57.49 -94.42 -128.62
C GLU SB 66 -57.62 -93.26 -127.63
N ILE SB 67 -58.51 -93.46 -126.65
CA ILE SB 67 -58.90 -92.43 -125.70
C ILE SB 67 -58.84 -93.03 -124.29
N THR SB 68 -58.20 -92.31 -123.37
CA THR SB 68 -58.31 -92.60 -121.94
C THR SB 68 -59.09 -91.47 -121.26
N TYR SB 69 -60.10 -91.84 -120.46
CA TYR SB 69 -61.00 -90.87 -119.87
C TYR SB 69 -61.45 -91.32 -118.47
N ALA SB 70 -61.89 -90.37 -117.63
CA ALA SB 70 -62.09 -90.61 -116.21
C ALA SB 70 -63.47 -90.17 -115.70
N LYS SB 71 -64.38 -89.77 -116.61
CA LYS SB 71 -65.78 -89.55 -116.28
C LYS SB 71 -66.65 -90.54 -117.07
N PHE SB 72 -67.41 -91.36 -116.34
CA PHE SB 72 -68.26 -92.36 -116.96
C PHE SB 72 -69.48 -91.68 -117.58
N SER SB 73 -69.91 -92.17 -118.76
CA SER SB 73 -71.10 -91.68 -119.44
C SER SB 73 -72.06 -92.84 -119.71
N LEU SB 74 -73.28 -92.75 -119.17
CA LEU SB 74 -74.31 -93.74 -119.46
C LEU SB 74 -74.75 -93.66 -120.92
N GLU SB 75 -74.85 -92.44 -121.47
CA GLU SB 75 -75.30 -92.27 -122.84
C GLU SB 75 -74.34 -92.96 -123.82
N PHE SB 76 -73.03 -92.71 -123.65
CA PHE SB 76 -72.02 -93.32 -124.52
C PHE SB 76 -72.08 -94.86 -124.46
N ALA SB 77 -72.19 -95.40 -123.24
CA ALA SB 77 -72.22 -96.85 -123.03
C ALA SB 77 -73.49 -97.48 -123.61
N GLN SB 78 -74.65 -96.84 -123.40
CA GLN SB 78 -75.93 -97.33 -123.87
C GLN SB 78 -76.08 -97.20 -125.39
N GLU SB 79 -75.42 -96.19 -125.98
CA GLU SB 79 -75.29 -96.06 -127.43
C GLU SB 79 -74.47 -97.21 -128.00
N TRP SB 80 -73.33 -97.53 -127.35
CA TRP SB 80 -72.45 -98.61 -127.78
C TRP SB 80 -73.17 -99.97 -127.75
N LEU SB 81 -73.94 -100.21 -126.67
CA LEU SB 81 -74.70 -101.46 -126.52
C LEU SB 81 -75.77 -101.57 -127.60
N GLY SB 82 -76.49 -100.45 -127.85
CA GLY SB 82 -77.67 -100.43 -128.70
C GLY SB 82 -77.40 -100.63 -130.19
N GLY SB 83 -76.18 -100.29 -130.65
CA GLY SB 83 -75.85 -100.32 -132.07
C GLY SB 83 -76.42 -99.10 -132.81
N PRO SB 84 -76.32 -99.04 -134.17
CA PRO SB 84 -76.75 -97.87 -134.93
C PRO SB 84 -78.21 -97.46 -134.68
N GLY SB 85 -78.40 -96.19 -134.33
CA GLY SB 85 -79.71 -95.56 -134.21
C GLY SB 85 -80.56 -96.02 -133.03
N ALA SB 86 -79.95 -96.65 -132.01
CA ALA SB 86 -80.67 -97.14 -130.84
C ALA SB 86 -79.78 -97.10 -129.58
N THR SB 87 -80.42 -97.05 -128.41
CA THR SB 87 -79.75 -97.23 -127.13
C THR SB 87 -80.32 -98.45 -126.41
N ALA SB 88 -79.48 -99.14 -125.62
CA ALA SB 88 -79.90 -100.33 -124.89
C ALA SB 88 -79.24 -100.40 -123.51
N THR SB 89 -79.93 -101.09 -122.57
CA THR SB 89 -79.46 -101.30 -121.21
C THR SB 89 -78.89 -102.72 -121.02
N ALA SB 90 -78.76 -103.47 -122.12
CA ALA SB 90 -78.24 -104.84 -122.11
C ALA SB 90 -77.53 -105.10 -123.44
N SER SB 91 -76.65 -106.11 -123.47
CA SER SB 91 -76.02 -106.55 -124.71
C SER SB 91 -77.10 -106.88 -125.75
N GLN SB 92 -76.84 -106.48 -127.00
CA GLN SB 92 -77.73 -106.79 -128.11
C GLN SB 92 -77.12 -107.92 -128.94
N ASP SB 93 -77.98 -108.88 -129.30
CA ASP SB 93 -77.58 -109.99 -130.15
C ASP SB 93 -77.77 -109.62 -131.61
N ASP SB 94 -76.93 -108.67 -132.11
CA ASP SB 94 -76.95 -108.29 -133.51
C ASP SB 94 -75.56 -107.86 -134.01
N SER SB 95 -75.42 -107.83 -135.34
CA SER SB 95 -74.14 -107.81 -136.04
C SER SB 95 -73.59 -106.41 -136.32
N ASP SB 96 -74.38 -105.34 -136.07
CA ASP SB 96 -73.95 -103.98 -136.41
C ASP SB 96 -73.35 -103.27 -135.19
N PRO SB 97 -72.06 -102.85 -135.22
CA PRO SB 97 -71.52 -102.02 -134.14
C PRO SB 97 -72.01 -100.58 -134.28
N MET SB 98 -72.14 -99.89 -133.13
CA MET SB 98 -72.41 -98.47 -133.13
C MET SB 98 -71.23 -97.72 -133.76
N LYS SB 99 -71.53 -96.91 -134.78
CA LYS SB 99 -70.57 -96.06 -135.46
C LYS SB 99 -70.72 -94.65 -134.93
N PHE SB 100 -69.62 -94.09 -134.38
CA PHE SB 100 -69.61 -92.73 -133.87
C PHE SB 100 -68.85 -91.83 -134.84
N ASN SB 101 -69.34 -90.61 -135.05
CA ASN SB 101 -68.49 -89.55 -135.57
C ASN SB 101 -67.73 -88.93 -134.39
N LEU SB 102 -66.48 -88.52 -134.65
CA LEU SB 102 -65.62 -87.95 -133.62
C LEU SB 102 -65.02 -86.65 -134.17
N GLU SB 103 -64.93 -85.64 -133.30
CA GLU SB 103 -64.20 -84.42 -133.63
C GLU SB 103 -63.42 -83.96 -132.41
N ASN SB 104 -62.15 -83.57 -132.63
CA ASN SB 104 -61.32 -82.97 -131.59
C ASN SB 104 -60.79 -81.62 -132.09
N VAL SB 105 -61.05 -80.56 -131.31
CA VAL SB 105 -60.64 -79.20 -131.64
C VAL SB 105 -59.60 -78.73 -130.62
N THR SB 106 -58.47 -78.19 -131.13
CA THR SB 106 -57.37 -77.73 -130.29
C THR SB 106 -56.81 -76.40 -130.81
N PRO SB 107 -56.75 -75.33 -129.97
CA PRO SB 107 -55.87 -74.19 -130.23
C PRO SB 107 -54.40 -74.62 -130.18
N SER SB 108 -53.56 -74.00 -131.03
CA SER SB 108 -52.12 -74.13 -130.90
C SER SB 108 -51.66 -73.31 -129.68
N ALA SB 109 -50.46 -73.62 -129.16
CA ALA SB 109 -50.01 -73.12 -127.86
C ALA SB 109 -49.85 -71.59 -127.81
N SER SB 110 -49.48 -70.97 -128.95
CA SER SB 110 -49.36 -69.52 -129.07
C SER SB 110 -50.50 -68.90 -129.90
N GLY SB 111 -51.55 -69.68 -130.20
CA GLY SB 111 -52.73 -69.20 -130.91
C GLY SB 111 -52.50 -68.92 -132.39
N GLY SB 112 -51.45 -69.51 -132.99
CA GLY SB 112 -51.15 -69.39 -134.42
C GLY SB 112 -52.21 -70.03 -135.32
N PHE SB 113 -52.87 -71.09 -134.84
CA PHE SB 113 -53.93 -71.80 -135.56
C PHE SB 113 -54.85 -72.54 -134.59
N GLU SB 114 -56.02 -73.00 -135.10
CA GLU SB 114 -56.89 -73.89 -134.37
C GLU SB 114 -57.07 -75.18 -135.18
N ARG SB 115 -56.36 -76.24 -134.79
CA ARG SB 115 -56.44 -77.52 -135.50
C ARG SB 115 -57.73 -78.25 -135.12
N THR SB 116 -58.57 -78.54 -136.13
CA THR SB 116 -59.72 -79.42 -136.00
C THR SB 116 -59.41 -80.75 -136.71
N THR SB 117 -59.52 -81.87 -135.97
CA THR SB 117 -59.47 -83.21 -136.54
C THR SB 117 -60.86 -83.85 -136.44
N ALA SB 118 -61.40 -84.32 -137.58
CA ALA SB 118 -62.68 -85.02 -137.59
C ALA SB 118 -62.54 -86.41 -138.24
N VAL SB 119 -63.17 -87.42 -137.62
CA VAL SB 119 -63.07 -88.82 -138.02
C VAL SB 119 -64.48 -89.39 -138.15
N GLU SB 120 -64.77 -90.08 -139.28
CA GLU SB 120 -66.06 -90.71 -139.49
C GLU SB 120 -66.02 -92.16 -138.99
N ASN SB 121 -67.19 -92.64 -138.50
CA ASN SB 121 -67.49 -94.06 -138.26
C ASN SB 121 -66.39 -94.74 -137.43
N VAL SB 122 -66.05 -94.14 -136.28
CA VAL SB 122 -65.23 -94.80 -135.27
C VAL SB 122 -66.08 -95.90 -134.62
N VAL SB 123 -65.54 -97.13 -134.60
CA VAL SB 123 -66.15 -98.26 -133.89
C VAL SB 123 -65.15 -98.77 -132.84
N PHE SB 124 -65.68 -99.26 -131.71
CA PHE SB 124 -64.86 -99.76 -130.61
C PHE SB 124 -65.18 -101.25 -130.40
N PRO SB 125 -64.22 -102.20 -130.62
CA PRO SB 125 -64.48 -103.63 -130.38
C PRO SB 125 -64.91 -104.00 -128.96
N GLU SB 126 -64.44 -103.23 -127.97
CA GLU SB 126 -64.79 -103.46 -126.58
C GLU SB 126 -64.97 -102.12 -125.85
N LEU SB 127 -65.88 -102.15 -124.88
CA LEU SB 127 -66.22 -101.00 -124.06
C LEU SB 127 -65.94 -101.36 -122.59
N PRO SB 128 -65.02 -100.65 -121.88
CA PRO SB 128 -64.88 -100.86 -120.44
C PRO SB 128 -66.10 -100.24 -119.73
N LEU SB 129 -66.89 -101.08 -119.05
CA LEU SB 129 -68.01 -100.58 -118.26
C LEU SB 129 -67.50 -100.16 -116.88
N ASP SB 130 -66.84 -101.10 -116.19
CA ASP SB 130 -66.26 -100.87 -114.88
C ASP SB 130 -64.75 -101.03 -114.99
N SER SB 131 -64.00 -100.12 -114.34
CA SER SB 131 -62.55 -100.10 -114.40
C SER SB 131 -62.01 -99.56 -113.08
N ALA SB 132 -62.27 -100.31 -112.00
CA ALA SB 132 -62.05 -99.87 -110.63
C ALA SB 132 -60.73 -100.42 -110.09
N THR SB 133 -59.93 -99.53 -109.50
CA THR SB 133 -58.69 -99.85 -108.79
C THR SB 133 -58.70 -99.12 -107.45
N TYR SB 134 -58.34 -99.85 -106.38
CA TYR SB 134 -58.39 -99.36 -105.02
C TYR SB 134 -57.61 -98.05 -104.87
N GLY SB 135 -58.27 -97.01 -104.33
CA GLY SB 135 -57.68 -95.70 -104.07
C GLY SB 135 -57.59 -94.79 -105.31
N GLU SB 136 -58.30 -95.15 -106.39
CA GLU SB 136 -58.26 -94.39 -107.64
C GLU SB 136 -59.67 -94.18 -108.18
N TYR SB 137 -59.87 -93.06 -108.90
CA TYR SB 137 -61.05 -92.91 -109.75
C TYR SB 137 -60.98 -93.96 -110.86
N GLU SB 138 -62.15 -94.46 -111.26
CA GLU SB 138 -62.22 -95.37 -112.40
C GLU SB 138 -61.71 -94.63 -113.64
N GLU SB 139 -60.79 -95.28 -114.37
CA GLU SB 139 -60.23 -94.73 -115.60
C GLU SB 139 -60.43 -95.75 -116.72
N TYR SB 140 -60.96 -95.26 -117.87
CA TYR SB 140 -61.45 -96.08 -118.96
C TYR SB 140 -60.59 -95.85 -120.20
N SER SB 141 -60.12 -96.94 -120.82
CA SER SB 141 -59.40 -96.84 -122.08
C SER SB 141 -60.21 -97.46 -123.22
N LEU SB 142 -60.50 -96.65 -124.25
CA LEU SB 142 -61.13 -97.08 -125.49
C LEU SB 142 -60.07 -97.21 -126.58
N THR SB 143 -60.11 -98.32 -127.34
CA THR SB 143 -59.38 -98.45 -128.60
C THR SB 143 -60.39 -98.75 -129.71
N GLY SB 144 -60.28 -98.02 -130.83
CA GLY SB 144 -61.22 -98.18 -131.94
C GLY SB 144 -60.62 -97.81 -133.29
N SER SB 145 -61.38 -98.12 -134.36
CA SER SB 145 -60.98 -97.81 -135.73
C SER SB 145 -62.06 -96.96 -136.42
N GLY SB 146 -61.64 -95.77 -136.90
CA GLY SB 146 -62.44 -94.93 -137.79
C GLY SB 146 -62.21 -95.29 -139.25
N ARG SB 147 -63.15 -94.91 -140.13
CA ARG SB 147 -63.08 -95.23 -141.55
C ARG SB 147 -62.12 -94.29 -142.29
N SER SB 148 -62.24 -92.98 -142.03
CA SER SB 148 -61.41 -91.96 -142.66
C SER SB 148 -61.39 -90.66 -141.84
N VAL SB 149 -60.37 -89.83 -142.07
CA VAL SB 149 -60.32 -88.45 -141.60
C VAL SB 149 -61.16 -87.61 -142.57
N THR SB 150 -62.26 -87.03 -142.09
CA THR SB 150 -63.14 -86.24 -142.93
C THR SB 150 -62.70 -84.77 -142.99
N ASN SB 151 -61.97 -84.32 -141.95
CA ASN SB 151 -61.49 -82.96 -141.87
C ASN SB 151 -60.19 -82.89 -141.06
N LEU SB 152 -59.18 -82.23 -141.63
CA LEU SB 152 -58.02 -81.75 -140.90
C LEU SB 152 -57.66 -80.36 -141.44
N ALA SB 153 -57.98 -79.32 -140.65
CA ALA SB 153 -57.82 -77.95 -141.10
C ALA SB 153 -57.61 -77.01 -139.91
N ASP SB 154 -57.07 -75.82 -140.22
CA ASP SB 154 -57.09 -74.67 -139.33
C ASP SB 154 -58.49 -74.05 -139.40
N THR SB 155 -59.21 -74.06 -138.26
CA THR SB 155 -60.58 -73.55 -138.18
C THR SB 155 -60.65 -72.18 -137.49
N SER SB 156 -59.49 -71.55 -137.23
CA SER SB 156 -59.43 -70.21 -136.66
C SER SB 156 -59.93 -69.17 -137.67
N GLY SB 157 -60.35 -67.99 -137.16
CA GLY SB 157 -60.94 -66.93 -137.97
C GLY SB 157 -59.97 -66.35 -138.98
N ALA TB 2 -79.96 -85.94 -121.51
CA ALA TB 2 -79.41 -87.15 -120.82
C ALA TB 2 -78.56 -86.74 -119.62
N THR TB 3 -78.19 -87.71 -118.79
CA THR TB 3 -77.41 -87.54 -117.58
C THR TB 3 -75.97 -87.13 -117.91
N SER TB 4 -75.47 -86.06 -117.26
CA SER TB 4 -74.11 -85.56 -117.47
C SER TB 4 -73.07 -86.63 -117.09
N PRO TB 5 -71.96 -86.79 -117.86
CA PRO TB 5 -70.87 -87.69 -117.45
C PRO TB 5 -70.23 -87.23 -116.13
N GLU TB 6 -69.81 -88.19 -115.31
CA GLU TB 6 -69.33 -87.89 -113.96
C GLU TB 6 -68.22 -88.88 -113.56
N GLY TB 7 -67.28 -88.44 -112.72
CA GLY TB 7 -66.26 -89.31 -112.14
C GLY TB 7 -66.87 -90.42 -111.28
N ILE TB 8 -66.19 -91.57 -111.19
CA ILE TB 8 -66.60 -92.66 -110.31
C ILE TB 8 -65.42 -93.05 -109.43
N TRP TB 9 -65.68 -93.20 -108.13
CA TRP TB 9 -64.66 -93.51 -107.15
C TRP TB 9 -64.68 -95.02 -106.89
N SER TB 10 -63.53 -95.69 -107.07
CA SER TB 10 -63.46 -97.16 -107.04
C SER TB 10 -63.94 -97.73 -105.71
N ASN TB 11 -63.60 -97.06 -104.60
CA ASN TB 11 -63.89 -97.55 -103.26
C ASN TB 11 -65.38 -97.41 -102.89
N SER TB 12 -66.19 -96.83 -103.79
CA SER TB 12 -67.64 -96.74 -103.59
C SER TB 12 -68.38 -97.99 -104.09
N GLY TB 13 -67.68 -98.87 -104.83
CA GLY TB 13 -68.31 -100.02 -105.48
C GLY TB 13 -68.77 -101.12 -104.52
N ALA TB 14 -69.88 -101.78 -104.89
CA ALA TB 14 -70.43 -102.92 -104.16
C ALA TB 14 -70.66 -104.09 -105.10
N LEU TB 15 -69.64 -104.97 -105.22
CA LEU TB 15 -69.69 -106.17 -106.04
C LEU TB 15 -70.40 -107.29 -105.27
N THR TB 16 -71.25 -108.06 -105.98
CA THR TB 16 -71.91 -109.24 -105.45
C THR TB 16 -71.98 -110.35 -106.52
N PHE TB 17 -71.95 -111.60 -106.05
CA PHE TB 17 -72.14 -112.78 -106.89
C PHE TB 17 -73.41 -113.52 -106.45
N GLU TB 18 -74.12 -114.10 -107.43
CA GLU TB 18 -75.32 -114.87 -107.15
C GLU TB 18 -75.27 -116.21 -107.91
N ASP TB 19 -75.82 -117.26 -107.27
CA ASP TB 19 -76.08 -118.52 -107.94
C ASP TB 19 -77.27 -118.32 -108.88
N PRO TB 20 -77.11 -118.48 -110.22
CA PRO TB 20 -78.22 -118.30 -111.17
C PRO TB 20 -79.38 -119.29 -111.05
N ALA TB 21 -79.22 -120.36 -110.24
CA ALA TB 21 -80.30 -121.30 -110.00
C ALA TB 21 -81.34 -120.73 -109.02
N ASP TB 22 -80.89 -119.86 -108.10
CA ASP TB 22 -81.67 -119.38 -106.96
C ASP TB 22 -81.87 -117.87 -106.97
N ASP TB 23 -80.90 -117.14 -107.56
CA ASP TB 23 -80.59 -115.74 -107.26
C ASP TB 23 -80.16 -115.58 -105.79
N SER TB 24 -79.62 -116.64 -105.16
CA SER TB 24 -79.08 -116.57 -103.81
C SER TB 24 -77.65 -116.05 -103.85
N GLU TB 25 -77.28 -115.20 -102.88
CA GLU TB 25 -75.96 -114.58 -102.84
C GLU TB 25 -74.90 -115.62 -102.47
N ILE TB 26 -73.76 -115.58 -103.18
CA ILE TB 26 -72.56 -116.30 -102.81
C ILE TB 26 -71.62 -115.30 -102.15
N LEU TB 27 -71.18 -115.62 -100.91
CA LEU TB 27 -70.44 -114.68 -100.08
C LEU TB 27 -69.08 -114.36 -100.72
N PHE TB 28 -68.88 -113.06 -100.98
CA PHE TB 28 -67.67 -112.54 -101.62
C PHE TB 28 -67.43 -111.11 -101.13
N ALA TB 29 -66.17 -110.78 -100.85
CA ALA TB 29 -65.82 -109.53 -100.18
C ALA TB 29 -64.35 -109.19 -100.42
N GLY TB 30 -63.97 -107.95 -100.04
CA GLY TB 30 -62.59 -107.52 -99.96
C GLY TB 30 -61.91 -107.32 -101.32
N VAL TB 31 -62.67 -106.85 -102.31
CA VAL TB 31 -62.11 -106.54 -103.63
C VAL TB 31 -61.14 -105.35 -103.52
N ARG TB 32 -60.21 -105.30 -104.49
CA ARG TB 32 -59.23 -104.22 -104.62
C ARG TB 32 -59.25 -103.67 -106.05
N ASP TB 33 -59.33 -104.56 -107.05
CA ASP TB 33 -59.54 -104.17 -108.44
C ASP TB 33 -60.75 -104.93 -109.01
N VAL TB 34 -61.53 -104.25 -109.87
CA VAL TB 34 -62.65 -104.85 -110.61
C VAL TB 34 -62.70 -104.22 -112.01
N THR TB 35 -62.56 -105.06 -113.04
CA THR TB 35 -62.70 -104.62 -114.42
C THR TB 35 -63.78 -105.47 -115.11
N ILE TB 36 -64.75 -104.78 -115.74
CA ILE TB 36 -65.81 -105.42 -116.52
C ILE TB 36 -65.83 -104.77 -117.92
N THR TB 37 -65.64 -105.61 -118.95
CA THR TB 37 -65.47 -105.12 -120.32
C THR TB 37 -66.27 -106.02 -121.27
N PRO TB 38 -67.51 -105.63 -121.68
CA PRO TB 38 -68.15 -106.24 -122.85
C PRO TB 38 -67.32 -105.98 -124.12
N ALA TB 39 -67.19 -107.05 -124.91
CA ALA TB 39 -66.36 -107.08 -126.10
C ALA TB 39 -67.05 -107.89 -127.20
N TYR TB 40 -66.73 -107.54 -128.45
CA TYR TB 40 -67.09 -108.34 -129.60
C TYR TB 40 -65.86 -108.42 -130.51
N GLU TB 41 -65.69 -109.55 -131.21
CA GLU TB 41 -64.78 -109.60 -132.35
C GLU TB 41 -65.37 -108.74 -133.48
N HIS TB 42 -64.53 -107.92 -134.13
CA HIS TB 42 -64.92 -107.14 -135.30
C HIS TB 42 -64.28 -107.69 -136.57
N ALA TB 43 -65.07 -107.78 -137.65
CA ALA TB 43 -64.54 -108.04 -138.98
C ALA TB 43 -64.80 -106.82 -139.88
N GLU TB 44 -63.73 -106.35 -140.55
CA GLU TB 44 -63.78 -105.22 -141.47
C GLU TB 44 -63.64 -105.73 -142.91
N LEU TB 45 -64.50 -105.24 -143.83
CA LEU TB 45 -64.45 -105.65 -145.23
C LEU TB 45 -63.66 -104.64 -146.05
N TYR TB 46 -62.67 -105.15 -146.81
CA TYR TB 46 -61.94 -104.38 -147.80
C TYR TB 46 -61.83 -105.18 -149.10
N THR TB 47 -61.91 -104.46 -150.23
CA THR TB 47 -61.80 -105.04 -151.57
C THR TB 47 -60.99 -104.10 -152.45
N ILE TB 48 -60.75 -104.51 -153.71
CA ILE TB 48 -59.96 -103.75 -154.68
C ILE TB 48 -60.64 -102.41 -155.03
N ASP TB 49 -61.96 -102.27 -154.76
CA ASP TB 49 -62.75 -101.09 -155.12
C ASP TB 49 -62.26 -99.81 -154.44
N SER TB 50 -61.75 -99.92 -153.19
CA SER TB 50 -61.44 -98.76 -152.35
C SER TB 50 -60.36 -99.11 -151.32
N THR TB 51 -59.58 -98.10 -150.93
CA THR TB 51 -58.67 -98.18 -149.79
C THR TB 51 -59.43 -98.09 -148.47
N PHE TB 52 -60.64 -97.52 -148.52
CA PHE TB 52 -61.46 -97.31 -147.32
C PHE TB 52 -62.23 -98.60 -146.99
N ARG TB 53 -62.57 -98.73 -145.70
CA ARG TB 53 -63.33 -99.84 -145.15
C ARG TB 53 -64.75 -99.82 -145.72
N ASP TB 54 -65.19 -100.96 -146.27
CA ASP TB 54 -66.49 -101.08 -146.91
C ASP TB 54 -67.59 -101.33 -145.86
N GLU TB 55 -67.30 -102.24 -144.92
CA GLU TB 55 -68.22 -102.68 -143.87
C GLU TB 55 -67.45 -102.99 -142.59
N VAL TB 56 -68.15 -102.99 -141.45
CA VAL TB 56 -67.65 -103.58 -140.21
C VAL TB 56 -68.79 -104.21 -139.41
N LYS TB 57 -68.55 -105.42 -138.85
CA LYS TB 57 -69.57 -106.25 -138.22
C LYS TB 57 -69.05 -106.84 -136.89
N ARG TB 58 -69.98 -107.15 -135.98
CA ARG TB 58 -69.72 -107.78 -134.68
C ARG TB 58 -69.99 -109.29 -134.77
N TYR TB 59 -69.17 -110.11 -134.07
CA TYR TB 59 -69.52 -111.51 -133.81
C TYR TB 59 -69.37 -111.89 -132.33
N GLU TB 60 -68.27 -112.58 -131.94
CA GLU TB 60 -68.21 -113.27 -130.66
C GLU TB 60 -68.31 -112.32 -129.48
N HIS TB 61 -69.53 -112.22 -128.93
CA HIS TB 61 -69.74 -111.44 -127.73
C HIS TB 61 -69.26 -112.22 -126.50
N ASN TB 62 -68.53 -111.53 -125.62
CA ASN TB 62 -68.39 -111.94 -124.24
C ASN TB 62 -68.17 -110.69 -123.39
N VAL TB 63 -68.27 -110.87 -122.07
CA VAL TB 63 -67.87 -109.84 -121.12
C VAL TB 63 -66.62 -110.36 -120.40
N ASN TB 64 -65.49 -109.67 -120.58
CA ASN TB 64 -64.33 -109.96 -119.76
C ASN TB 64 -64.59 -109.43 -118.34
N VAL TB 65 -64.44 -110.32 -117.36
CA VAL TB 65 -64.49 -109.96 -115.96
C VAL TB 65 -63.13 -110.32 -115.36
N GLU TB 66 -62.49 -109.34 -114.71
CA GLU TB 66 -61.30 -109.65 -113.92
C GLU TB 66 -61.36 -108.89 -112.60
N ILE TB 67 -61.05 -109.61 -111.52
CA ILE TB 67 -61.22 -109.15 -110.15
C ILE TB 67 -59.94 -109.47 -109.38
N THR TB 68 -59.44 -108.48 -108.63
CA THR TB 68 -58.42 -108.73 -107.62
C THR TB 68 -59.03 -108.49 -106.25
N TYR TB 69 -58.80 -109.42 -105.31
CA TYR TB 69 -59.45 -109.38 -104.00
C TYR TB 69 -58.53 -110.00 -102.95
N ALA TB 70 -58.75 -109.63 -101.68
CA ALA TB 70 -57.83 -109.94 -100.59
C ALA TB 70 -58.49 -110.63 -99.39
N LYS TB 71 -59.79 -110.95 -99.47
CA LYS TB 71 -60.46 -111.78 -98.49
C LYS TB 71 -60.85 -113.10 -99.16
N PHE TB 72 -60.33 -114.21 -98.61
CA PHE TB 72 -60.65 -115.52 -99.15
C PHE TB 72 -62.07 -115.91 -98.76
N SER TB 73 -62.82 -116.48 -99.72
CA SER TB 73 -64.15 -117.01 -99.48
C SER TB 73 -64.17 -118.51 -99.74
N LEU TB 74 -64.47 -119.29 -98.68
CA LEU TB 74 -64.65 -120.73 -98.79
C LEU TB 74 -65.84 -121.06 -99.68
N GLU TB 75 -66.94 -120.32 -99.51
CA GLU TB 75 -68.16 -120.57 -100.27
C GLU TB 75 -67.91 -120.40 -101.78
N PHE TB 76 -67.28 -119.28 -102.16
CA PHE TB 76 -66.98 -119.02 -103.56
C PHE TB 76 -66.12 -120.14 -104.17
N ALA TB 77 -65.07 -120.55 -103.44
CA ALA TB 77 -64.14 -121.56 -103.90
C ALA TB 77 -64.82 -122.93 -104.03
N GLN TB 78 -65.67 -123.28 -103.06
CA GLN TB 78 -66.33 -124.59 -103.03
C GLN TB 78 -67.50 -124.66 -104.02
N GLU TB 79 -68.10 -123.50 -104.35
CA GLU TB 79 -69.06 -123.37 -105.42
C GLU TB 79 -68.39 -123.60 -106.77
N TRP TB 80 -67.19 -123.01 -106.94
CA TRP TB 80 -66.42 -123.14 -108.17
C TRP TB 80 -66.00 -124.59 -108.43
N LEU TB 81 -65.56 -125.30 -107.37
CA LEU TB 81 -65.19 -126.70 -107.47
C LEU TB 81 -66.38 -127.58 -107.84
N GLY TB 82 -67.56 -127.26 -107.27
CA GLY TB 82 -68.75 -128.10 -107.37
C GLY TB 82 -69.44 -128.09 -108.74
N GLY TB 83 -69.31 -126.99 -109.50
CA GLY TB 83 -70.04 -126.80 -110.74
C GLY TB 83 -71.47 -126.33 -110.50
N PRO TB 84 -72.31 -126.20 -111.57
CA PRO TB 84 -73.68 -125.67 -111.42
C PRO TB 84 -74.54 -126.42 -110.40
N GLY TB 85 -75.13 -125.66 -109.47
CA GLY TB 85 -76.10 -126.15 -108.49
C GLY TB 85 -75.54 -127.10 -107.43
N ALA TB 86 -74.21 -127.12 -107.25
CA ALA TB 86 -73.55 -128.03 -106.31
C ALA TB 86 -72.32 -127.37 -105.67
N THR TB 87 -71.92 -127.88 -104.49
CA THR TB 87 -70.76 -127.45 -103.74
C THR TB 87 -69.83 -128.66 -103.51
N ALA TB 88 -68.51 -128.46 -103.55
CA ALA TB 88 -67.55 -129.55 -103.36
C ALA TB 88 -66.29 -129.11 -102.60
N THR TB 89 -65.69 -130.06 -101.86
CA THR TB 89 -64.45 -129.85 -101.11
C THR TB 89 -63.24 -130.44 -101.85
N ALA TB 90 -63.46 -130.97 -103.07
CA ALA TB 90 -62.41 -131.56 -103.89
C ALA TB 90 -62.74 -131.29 -105.36
N SER TB 91 -61.73 -131.33 -106.24
CA SER TB 91 -61.95 -131.21 -107.68
C SER TB 91 -62.97 -132.24 -108.16
N GLN TB 92 -63.86 -131.81 -109.05
CA GLN TB 92 -64.88 -132.68 -109.62
C GLN TB 92 -64.52 -133.01 -111.06
N ASP TB 93 -64.66 -134.30 -111.40
CA ASP TB 93 -64.38 -134.80 -112.73
C ASP TB 93 -65.64 -134.70 -113.59
N ASP TB 94 -66.04 -133.46 -113.92
CA ASP TB 94 -67.19 -133.21 -114.78
C ASP TB 94 -66.99 -131.95 -115.65
N SER TB 95 -67.80 -131.85 -116.72
CA SER TB 95 -67.56 -130.92 -117.82
C SER TB 95 -68.19 -129.53 -117.64
N ASP TB 96 -69.11 -129.36 -116.66
CA ASP TB 96 -69.85 -128.11 -116.52
C ASP TB 96 -69.13 -127.16 -115.56
N PRO TB 97 -68.68 -125.96 -116.01
CA PRO TB 97 -68.10 -124.97 -115.08
C PRO TB 97 -69.23 -124.31 -114.30
N MET TB 98 -68.91 -123.89 -113.06
CA MET TB 98 -69.83 -123.08 -112.27
C MET TB 98 -70.04 -121.73 -112.95
N LYS TB 99 -71.31 -121.38 -113.19
CA LYS TB 99 -71.71 -120.11 -113.78
C LYS TB 99 -72.22 -119.19 -112.68
N PHE TB 100 -71.62 -118.01 -112.57
CA PHE TB 100 -72.00 -117.02 -111.57
C PHE TB 100 -72.73 -115.88 -112.26
N ASN TB 101 -73.83 -115.41 -111.65
CA ASN TB 101 -74.34 -114.08 -111.97
C ASN TB 101 -73.55 -113.07 -111.15
N LEU TB 102 -73.25 -111.91 -111.76
CA LEU TB 102 -72.46 -110.88 -111.13
C LEU TB 102 -73.22 -109.55 -111.24
N GLU TB 103 -73.20 -108.77 -110.15
CA GLU TB 103 -73.71 -107.40 -110.18
C GLU TB 103 -72.73 -106.50 -109.42
N ASN TB 104 -72.45 -105.32 -110.00
CA ASN TB 104 -71.65 -104.30 -109.35
C ASN TB 104 -72.40 -102.97 -109.36
N VAL TB 105 -72.50 -102.32 -108.19
CA VAL TB 105 -73.25 -101.09 -108.01
C VAL TB 105 -72.29 -100.01 -107.49
N THR TB 106 -72.26 -98.86 -108.19
CA THR TB 106 -71.43 -97.73 -107.82
C THR TB 106 -72.22 -96.42 -107.92
N PRO TB 107 -72.28 -95.57 -106.85
CA PRO TB 107 -72.70 -94.17 -107.02
C PRO TB 107 -71.58 -93.38 -107.69
N SER TB 108 -71.96 -92.41 -108.54
CA SER TB 108 -71.01 -91.49 -109.15
C SER TB 108 -70.46 -90.55 -108.08
N ALA TB 109 -69.32 -89.89 -108.37
CA ALA TB 109 -68.52 -89.21 -107.36
C ALA TB 109 -69.25 -88.02 -106.71
N SER TB 110 -70.16 -87.36 -107.45
CA SER TB 110 -70.98 -86.26 -106.95
C SER TB 110 -72.45 -86.65 -106.78
N GLY TB 111 -72.75 -87.96 -106.85
CA GLY TB 111 -74.09 -88.49 -106.64
C GLY TB 111 -75.09 -88.18 -107.76
N GLY TB 112 -74.59 -87.87 -108.97
CA GLY TB 112 -75.41 -87.60 -110.13
C GLY TB 112 -76.21 -88.81 -110.62
N PHE TB 113 -75.67 -90.02 -110.43
CA PHE TB 113 -76.31 -91.28 -110.81
C PHE TB 113 -75.76 -92.44 -109.97
N GLU TB 114 -76.44 -93.59 -110.02
CA GLU TB 114 -75.92 -94.83 -109.47
C GLU TB 114 -75.86 -95.88 -110.59
N ARG TB 115 -74.65 -96.11 -111.11
CA ARG TB 115 -74.44 -97.09 -112.17
C ARG TB 115 -74.48 -98.50 -111.57
N THR TB 116 -75.46 -99.30 -112.04
CA THR TB 116 -75.49 -100.74 -111.82
C THR TB 116 -75.05 -101.44 -113.12
N THR TB 117 -74.01 -102.28 -113.02
CA THR TB 117 -73.62 -103.21 -114.08
C THR TB 117 -73.94 -104.64 -113.64
N ALA TB 118 -74.67 -105.39 -114.48
CA ALA TB 118 -74.94 -106.80 -114.21
C ALA TB 118 -74.53 -107.66 -115.40
N VAL TB 119 -73.95 -108.84 -115.10
CA VAL TB 119 -73.39 -109.76 -116.09
C VAL TB 119 -73.89 -111.17 -115.77
N GLU TB 120 -74.39 -111.89 -116.80
CA GLU TB 120 -74.87 -113.25 -116.62
C GLU TB 120 -73.75 -114.24 -116.90
N ASN TB 121 -73.81 -115.39 -116.20
CA ASN TB 121 -73.07 -116.61 -116.50
C ASN TB 121 -71.56 -116.36 -116.67
N VAL TB 122 -70.96 -115.65 -115.70
CA VAL TB 122 -69.51 -115.52 -115.62
C VAL TB 122 -68.91 -116.87 -115.24
N VAL TB 123 -67.93 -117.34 -116.03
CA VAL TB 123 -67.15 -118.53 -115.73
C VAL TB 123 -65.68 -118.13 -115.60
N PHE TB 124 -64.95 -118.79 -114.70
CA PHE TB 124 -63.53 -118.55 -114.46
C PHE TB 124 -62.75 -119.82 -114.81
N PRO TB 125 -61.88 -119.83 -115.86
CA PRO TB 125 -61.09 -121.02 -116.19
C PRO TB 125 -60.22 -121.56 -115.05
N GLU TB 126 -59.69 -120.65 -114.22
CA GLU TB 126 -58.84 -121.02 -113.11
C GLU TB 126 -59.20 -120.22 -111.85
N LEU TB 127 -59.04 -120.88 -110.70
CA LEU TB 127 -59.37 -120.32 -109.39
C LEU TB 127 -58.08 -120.32 -108.55
N PRO TB 128 -57.57 -119.15 -108.08
CA PRO TB 128 -56.45 -119.16 -107.13
C PRO TB 128 -56.96 -119.58 -105.75
N LEU TB 129 -56.46 -120.72 -105.25
CA LEU TB 129 -56.82 -121.17 -103.91
C LEU TB 129 -55.90 -120.52 -102.89
N ASP TB 130 -54.59 -120.65 -103.12
CA ASP TB 130 -53.56 -120.10 -102.27
C ASP TB 130 -52.72 -119.12 -103.10
N SER TB 131 -52.38 -117.96 -102.50
CA SER TB 131 -51.64 -116.91 -103.17
C SER TB 131 -50.75 -116.18 -102.16
N ALA TB 132 -49.93 -116.97 -101.44
CA ALA TB 132 -49.05 -116.47 -100.39
C ALA TB 132 -47.82 -115.79 -101.00
N THR TB 133 -47.49 -114.62 -100.44
CA THR TB 133 -46.24 -113.91 -100.70
C THR TB 133 -45.73 -113.38 -99.37
N TYR TB 134 -44.44 -113.58 -99.11
CA TYR TB 134 -43.82 -113.23 -97.84
C TYR TB 134 -44.04 -111.75 -97.50
N GLY TB 135 -44.55 -111.48 -96.29
CA GLY TB 135 -44.78 -110.14 -95.77
C GLY TB 135 -46.01 -109.43 -96.36
N GLU TB 136 -46.95 -110.22 -96.93
CA GLU TB 136 -48.16 -109.69 -97.55
C GLU TB 136 -49.37 -110.56 -97.17
N TYR TB 137 -50.57 -109.95 -97.21
CA TYR TB 137 -51.80 -110.71 -97.21
C TYR TB 137 -51.92 -111.43 -98.55
N GLU TB 138 -52.56 -112.60 -98.54
CA GLU TB 138 -52.83 -113.31 -99.79
C GLU TB 138 -53.76 -112.45 -100.65
N GLU TB 139 -53.34 -112.23 -101.92
CA GLU TB 139 -54.13 -111.47 -102.88
C GLU TB 139 -54.43 -112.36 -104.09
N TYR TB 140 -55.72 -112.44 -104.46
CA TYR TB 140 -56.25 -113.38 -105.43
C TYR TB 140 -56.70 -112.64 -106.68
N SER TB 141 -56.28 -113.14 -107.86
CA SER TB 141 -56.73 -112.60 -109.13
C SER TB 141 -57.58 -113.62 -109.88
N LEU TB 142 -58.82 -113.21 -110.20
CA LEU TB 142 -59.72 -113.97 -111.07
C LEU TB 142 -59.77 -113.32 -112.46
N THR TB 143 -59.79 -114.16 -113.50
CA THR TB 143 -60.11 -113.76 -114.86
C THR TB 143 -61.20 -114.71 -115.38
N GLY TB 144 -62.22 -114.16 -116.04
CA GLY TB 144 -63.32 -114.96 -116.54
C GLY TB 144 -64.13 -114.27 -117.65
N SER TB 145 -65.06 -115.03 -118.26
CA SER TB 145 -65.91 -114.53 -119.33
C SER TB 145 -67.40 -114.71 -118.99
N GLY TB 146 -68.14 -113.60 -119.02
CA GLY TB 146 -69.61 -113.60 -118.93
C GLY TB 146 -70.24 -113.69 -120.32
N ARG TB 147 -71.49 -114.17 -120.39
CA ARG TB 147 -72.19 -114.37 -121.66
C ARG TB 147 -72.66 -113.03 -122.26
N SER TB 148 -73.23 -112.16 -121.40
CA SER TB 148 -73.77 -110.87 -121.82
C SER TB 148 -73.91 -109.94 -120.61
N VAL TB 149 -74.01 -108.63 -120.87
CA VAL TB 149 -74.42 -107.63 -119.89
C VAL TB 149 -75.96 -107.65 -119.84
N THR TB 150 -76.54 -107.97 -118.68
CA THR TB 150 -78.00 -108.06 -118.56
C THR TB 150 -78.62 -106.73 -118.15
N ASN TB 151 -77.82 -105.86 -117.53
CA ASN TB 151 -78.29 -104.55 -117.08
C ASN TB 151 -77.11 -103.57 -117.03
N LEU TB 152 -77.30 -102.39 -117.62
CA LEU TB 152 -76.45 -101.23 -117.38
C LEU TB 152 -77.34 -99.98 -117.34
N ALA TB 153 -77.63 -99.51 -116.12
CA ALA TB 153 -78.62 -98.47 -115.93
C ALA TB 153 -78.29 -97.63 -114.69
N ASP TB 154 -78.83 -96.40 -114.68
CA ASP TB 154 -78.89 -95.57 -113.49
C ASP TB 154 -80.00 -96.11 -112.58
N THR TB 155 -79.60 -96.66 -111.42
CA THR TB 155 -80.52 -97.26 -110.47
C THR TB 155 -80.80 -96.32 -109.28
N SER TB 156 -80.37 -95.06 -109.36
CA SER TB 156 -80.73 -94.04 -108.36
C SER TB 156 -82.21 -93.70 -108.48
N GLY TB 157 -82.78 -93.12 -107.42
CA GLY TB 157 -84.19 -92.78 -107.34
C GLY TB 157 -84.64 -91.81 -108.42
N ALA UB 2 9.54 78.89 138.45
CA ALA UB 2 10.76 78.96 137.62
C ALA UB 2 11.86 79.72 138.37
N THR UB 3 13.13 79.46 138.01
CA THR UB 3 14.29 80.15 138.56
C THR UB 3 14.38 81.58 137.99
N SER UB 4 14.50 82.58 138.86
CA SER UB 4 14.61 83.98 138.46
C SER UB 4 15.92 84.22 137.70
N PRO UB 5 15.90 84.82 136.48
CA PRO UB 5 17.13 85.18 135.77
C PRO UB 5 18.03 86.13 136.56
N GLU UB 6 19.36 85.99 136.42
CA GLU UB 6 20.32 86.68 137.28
C GLU UB 6 21.63 86.96 136.55
N GLY UB 7 22.34 88.03 136.96
CA GLY UB 7 23.68 88.33 136.48
C GLY UB 7 24.69 87.26 136.92
N ILE UB 8 25.81 87.16 136.18
CA ILE UB 8 26.85 86.16 136.46
C ILE UB 8 28.21 86.84 136.40
N TRP UB 9 28.99 86.73 137.49
CA TRP UB 9 30.37 87.22 137.53
C TRP UB 9 31.26 86.22 136.80
N SER UB 10 31.98 86.66 135.75
CA SER UB 10 32.72 85.76 134.87
C SER UB 10 33.69 84.87 135.66
N ASN UB 11 34.44 85.48 136.58
CA ASN UB 11 35.58 84.84 137.24
C ASN UB 11 35.16 83.69 138.16
N SER UB 12 33.84 83.59 138.45
CA SER UB 12 33.28 82.52 139.27
C SER UB 12 33.29 81.18 138.54
N GLY UB 13 33.41 81.21 137.20
CA GLY UB 13 33.34 80.01 136.39
C GLY UB 13 34.60 79.15 136.48
N ALA UB 14 34.41 77.87 136.86
CA ALA UB 14 35.46 76.86 136.81
C ALA UB 14 35.32 76.03 135.54
N LEU UB 15 36.31 76.11 134.64
CA LEU UB 15 36.35 75.37 133.39
C LEU UB 15 37.32 74.19 133.52
N THR UB 16 36.89 73.00 133.07
CA THR UB 16 37.70 71.79 133.11
C THR UB 16 37.55 71.01 131.80
N PHE UB 17 38.62 70.29 131.43
CA PHE UB 17 38.63 69.36 130.30
C PHE UB 17 38.90 67.95 130.80
N GLU UB 18 38.24 66.96 130.17
CA GLU UB 18 38.38 65.56 130.55
C GLU UB 18 38.60 64.70 129.30
N ASP UB 19 39.41 63.64 129.46
CA ASP UB 19 39.56 62.60 128.44
C ASP UB 19 38.29 61.73 128.45
N PRO UB 20 37.49 61.69 127.35
CA PRO UB 20 36.25 60.91 127.32
C PRO UB 20 36.42 59.39 127.43
N ALA UB 21 37.66 58.90 127.33
CA ALA UB 21 37.98 57.50 127.54
C ALA UB 21 37.95 57.12 129.04
N ASP UB 22 38.23 58.11 129.90
CA ASP UB 22 38.44 57.89 131.33
C ASP UB 22 37.44 58.67 132.20
N ASP UB 23 37.01 59.85 131.70
CA ASP UB 23 36.54 60.97 132.51
C ASP UB 23 37.64 61.51 133.45
N SER UB 24 38.93 61.28 133.12
CA SER UB 24 40.06 61.82 133.86
C SER UB 24 40.36 63.25 133.40
N GLU UB 25 40.77 64.12 134.33
CA GLU UB 25 41.02 65.53 134.01
C GLU UB 25 42.29 65.70 133.20
N ILE UB 26 42.24 66.59 132.19
CA ILE UB 26 43.37 67.10 131.46
C ILE UB 26 43.64 68.52 131.97
N LEU UB 27 44.88 68.78 132.43
CA LEU UB 27 45.19 70.02 133.13
C LEU UB 27 45.14 71.20 132.16
N PHE UB 28 44.34 72.20 132.54
CA PHE UB 28 44.14 73.42 131.78
C PHE UB 28 43.80 74.55 132.75
N ALA UB 29 44.24 75.78 132.44
CA ALA UB 29 44.21 76.86 133.43
C ALA UB 29 44.29 78.23 132.77
N GLY UB 30 43.97 79.27 133.56
CA GLY UB 30 44.27 80.65 133.25
C GLY UB 30 43.47 81.22 132.09
N VAL UB 31 42.16 80.89 132.01
CA VAL UB 31 41.29 81.44 130.98
C VAL UB 31 41.03 82.93 131.22
N ARG UB 32 40.80 83.66 130.11
CA ARG UB 32 40.49 85.08 130.09
C ARG UB 32 39.11 85.31 129.47
N ASP UB 33 38.83 84.63 128.35
CA ASP UB 33 37.52 84.62 127.71
C ASP UB 33 37.05 83.17 127.53
N VAL UB 34 35.74 82.93 127.69
CA VAL UB 34 35.13 81.64 127.38
C VAL UB 34 33.74 81.88 126.77
N THR UB 35 33.54 81.49 125.51
CA THR UB 35 32.24 81.51 124.85
C THR UB 35 31.84 80.08 124.45
N ILE UB 36 30.62 79.68 124.85
CA ILE UB 36 30.03 78.40 124.49
C ILE UB 36 28.68 78.66 123.83
N THR UB 37 28.49 78.20 122.59
CA THR UB 37 27.32 78.53 121.79
C THR UB 37 26.81 77.30 121.04
N PRO UB 38 25.80 76.58 121.58
CA PRO UB 38 24.97 75.66 120.79
C PRO UB 38 24.33 76.36 119.59
N ALA UB 39 24.45 75.71 118.41
CA ALA UB 39 23.99 76.29 117.14
C ALA UB 39 23.48 75.21 116.19
N TYR UB 40 22.42 75.55 115.45
CA TYR UB 40 21.89 74.72 114.38
C TYR UB 40 21.82 75.56 113.11
N GLU UB 41 21.96 74.91 111.95
CA GLU UB 41 21.53 75.50 110.68
C GLU UB 41 20.00 75.55 110.66
N HIS UB 42 19.42 76.68 110.20
CA HIS UB 42 17.97 76.81 110.03
C HIS UB 42 17.62 76.86 108.53
N ALA UB 43 16.64 76.04 108.13
CA ALA UB 43 16.09 76.10 106.78
C ALA UB 43 14.62 76.53 106.83
N GLU UB 44 14.28 77.53 106.00
CA GLU UB 44 12.97 78.17 106.02
C GLU UB 44 12.23 77.87 104.70
N LEU UB 45 10.95 77.51 104.80
CA LEU UB 45 10.14 77.24 103.62
C LEU UB 45 9.32 78.47 103.23
N TYR UB 46 9.52 78.92 101.98
CA TYR UB 46 8.70 79.95 101.36
C TYR UB 46 8.24 79.47 99.98
N THR UB 47 7.00 79.82 99.61
CA THR UB 47 6.41 79.44 98.33
C THR UB 47 5.57 80.59 97.78
N ILE UB 48 5.00 80.39 96.58
CA ILE UB 48 4.16 81.38 95.92
C ILE UB 48 2.83 81.57 96.69
N ASP UB 49 2.48 80.66 97.61
CA ASP UB 49 1.25 80.72 98.40
C ASP UB 49 1.21 81.93 99.34
N SER UB 50 2.38 82.35 99.87
CA SER UB 50 2.44 83.37 100.92
C SER UB 50 3.82 84.04 100.94
N THR UB 51 3.84 85.33 101.31
CA THR UB 51 5.07 86.08 101.57
C THR UB 51 5.65 85.73 102.94
N PHE UB 52 4.85 85.11 103.82
CA PHE UB 52 5.30 84.74 105.17
C PHE UB 52 6.00 83.38 105.12
N ARG UB 53 6.84 83.12 106.13
CA ARG UB 53 7.53 81.86 106.34
C ARG UB 53 6.51 80.77 106.68
N ASP UB 54 6.53 79.66 105.92
CA ASP UB 54 5.55 78.59 106.08
C ASP UB 54 6.03 77.59 107.14
N GLU UB 55 7.32 77.23 107.08
CA GLU UB 55 7.96 76.32 108.01
C GLU UB 55 9.37 76.83 108.33
N VAL UB 56 9.89 76.42 109.51
CA VAL UB 56 11.31 76.48 109.80
C VAL UB 56 11.72 75.20 110.54
N LYS UB 57 12.89 74.65 110.13
CA LYS UB 57 13.45 73.42 110.68
C LYS UB 57 14.93 73.64 111.00
N ARG UB 58 15.39 72.95 112.05
CA ARG UB 58 16.78 73.03 112.52
C ARG UB 58 17.50 71.72 112.19
N TYR UB 59 18.79 71.83 111.82
CA TYR UB 59 19.62 70.69 111.47
C TYR UB 59 21.10 71.03 111.69
N GLU UB 60 22.00 70.04 111.50
CA GLU UB 60 23.44 70.23 111.52
C GLU UB 60 23.89 70.94 112.79
N HIS UB 61 23.65 70.28 113.94
CA HIS UB 61 23.95 70.81 115.25
C HIS UB 61 25.46 70.78 115.51
N ASN UB 62 25.96 71.82 116.19
CA ASN UB 62 27.25 71.78 116.88
C ASN UB 62 27.23 72.75 118.05
N VAL UB 63 28.21 72.61 118.95
CA VAL UB 63 28.44 73.60 120.00
C VAL UB 63 29.75 74.33 119.67
N ASN UB 64 29.64 75.58 119.22
CA ASN UB 64 30.81 76.41 118.96
C ASN UB 64 31.46 76.78 120.31
N VAL UB 65 32.78 76.55 120.43
CA VAL UB 65 33.54 76.82 121.65
C VAL UB 65 34.73 77.73 121.31
N GLU UB 66 34.83 78.87 122.01
CA GLU UB 66 35.95 79.79 121.85
C GLU UB 66 36.51 80.16 123.22
N ILE UB 67 37.83 80.00 123.39
CA ILE UB 67 38.51 80.22 124.67
C ILE UB 67 39.78 81.06 124.42
N THR UB 68 39.96 82.13 125.21
CA THR UB 68 41.23 82.83 125.31
C THR UB 68 41.86 82.51 126.68
N TYR UB 69 43.15 82.14 126.69
CA TYR UB 69 43.80 81.72 127.93
C TYR UB 69 45.29 82.11 127.95
N ALA UB 70 45.89 82.16 129.14
CA ALA UB 70 47.21 82.78 129.34
C ALA UB 70 48.20 81.92 130.15
N LYS UB 71 47.75 80.78 130.69
CA LYS UB 71 48.65 79.79 131.26
C LYS UB 71 48.79 78.64 130.27
N PHE UB 72 50.01 78.42 129.76
CA PHE UB 72 50.26 77.33 128.82
C PHE UB 72 50.17 75.98 129.55
N SER UB 73 49.45 75.02 128.93
CA SER UB 73 49.42 73.64 129.41
C SER UB 73 50.12 72.72 128.43
N LEU UB 74 51.20 72.09 128.91
CA LEU UB 74 51.96 71.15 128.10
C LEU UB 74 51.19 69.85 127.89
N GLU UB 75 50.41 69.42 128.90
CA GLU UB 75 49.61 68.21 128.80
C GLU UB 75 48.53 68.37 127.73
N PHE UB 76 47.83 69.52 127.74
CA PHE UB 76 46.75 69.79 126.80
C PHE UB 76 47.26 69.76 125.35
N ALA UB 77 48.44 70.33 125.12
CA ALA UB 77 49.06 70.36 123.80
C ALA UB 77 49.47 68.95 123.35
N GLN UB 78 50.04 68.15 124.27
CA GLN UB 78 50.51 66.81 123.95
C GLN UB 78 49.33 65.84 123.73
N GLU UB 79 48.22 66.06 124.43
CA GLU UB 79 46.96 65.35 124.19
C GLU UB 79 46.43 65.67 122.79
N TRP UB 80 46.40 66.97 122.42
CA TRP UB 80 45.94 67.42 121.11
C TRP UB 80 46.78 66.80 119.98
N LEU UB 81 48.11 66.76 120.15
CA LEU UB 81 49.00 66.14 119.18
C LEU UB 81 48.71 64.64 119.06
N GLY UB 82 48.55 63.95 120.20
CA GLY UB 82 48.47 62.49 120.27
C GLY UB 82 47.20 61.88 119.67
N GLY UB 83 46.08 62.62 119.68
CA GLY UB 83 44.80 62.09 119.25
C GLY UB 83 44.13 61.26 120.37
N PRO UB 84 42.97 60.60 120.10
CA PRO UB 84 42.23 59.88 121.14
C PRO UB 84 43.05 58.79 121.83
N GLY UB 85 43.09 58.86 123.17
CA GLY UB 85 43.72 57.86 124.03
C GLY UB 85 45.25 57.84 124.00
N ALA UB 86 45.89 58.93 123.54
CA ALA UB 86 47.34 59.01 123.46
C ALA UB 86 47.86 60.44 123.61
N THR UB 87 49.14 60.57 124.02
CA THR UB 87 49.88 61.82 124.03
C THR UB 87 51.10 61.69 123.11
N ALA UB 88 51.53 62.82 122.50
CA ALA UB 88 52.71 62.81 121.65
C ALA UB 88 53.50 64.11 121.77
N THR UB 89 54.83 64.01 121.56
CA THR UB 89 55.75 65.13 121.55
C THR UB 89 55.97 65.68 120.12
N ALA UB 90 55.21 65.17 119.14
CA ALA UB 90 55.36 65.55 117.74
C ALA UB 90 54.00 65.41 117.04
N SER UB 91 53.82 66.10 115.89
CA SER UB 91 52.63 65.90 115.05
C SER UB 91 52.47 64.42 114.72
N GLN UB 92 51.23 63.93 114.79
CA GLN UB 92 50.93 62.54 114.45
C GLN UB 92 50.24 62.47 113.10
N ASP UB 93 50.73 61.56 112.25
CA ASP UB 93 50.21 61.35 110.90
C ASP UB 93 49.04 60.37 110.95
N ASP UB 94 47.92 60.81 111.55
CA ASP UB 94 46.69 60.02 111.66
C ASP UB 94 45.45 60.92 111.59
N SER UB 95 44.30 60.31 111.28
CA SER UB 95 43.10 61.03 110.87
C SER UB 95 42.14 61.34 112.04
N ASP UB 96 42.42 60.85 113.26
CA ASP UB 96 41.53 61.05 114.39
C ASP UB 96 41.96 62.26 115.21
N PRO UB 97 41.14 63.34 115.31
CA PRO UB 97 41.44 64.46 116.22
C PRO UB 97 41.15 64.05 117.66
N MET UB 98 41.91 64.64 118.60
CA MET UB 98 41.67 64.47 120.02
C MET UB 98 40.33 65.14 120.39
N LYS UB 99 39.46 64.36 121.04
CA LYS UB 99 38.17 64.83 121.51
C LYS UB 99 38.23 65.05 123.02
N PHE UB 100 37.90 66.27 123.44
CA PHE UB 100 37.89 66.64 124.85
C PHE UB 100 36.44 66.77 125.31
N ASN UB 101 36.09 66.15 126.44
CA ASN UB 101 34.89 66.57 127.14
C ASN UB 101 35.20 67.88 127.87
N LEU UB 102 34.28 68.85 127.77
CA LEU UB 102 34.42 70.14 128.43
C LEU UB 102 33.28 70.30 129.43
N GLU UB 103 33.60 70.85 130.61
CA GLU UB 103 32.59 71.26 131.57
C GLU UB 103 32.94 72.61 132.18
N ASN UB 104 31.94 73.51 132.24
CA ASN UB 104 32.05 74.79 132.91
C ASN UB 104 30.98 74.89 134.01
N VAL UB 105 31.40 75.15 135.25
CA VAL UB 105 30.50 75.26 136.40
C VAL UB 105 30.58 76.69 136.95
N THR UB 106 29.42 77.37 137.08
CA THR UB 106 29.38 78.79 137.42
C THR UB 106 28.19 79.14 138.33
N PRO UB 107 28.43 79.54 139.61
CA PRO UB 107 27.40 80.18 140.44
C PRO UB 107 26.95 81.54 139.88
N SER UB 108 25.66 81.84 140.03
CA SER UB 108 25.11 83.15 139.66
C SER UB 108 25.48 84.20 140.71
N ALA UB 109 25.28 85.49 140.39
CA ALA UB 109 25.82 86.61 141.17
C ALA UB 109 25.36 86.63 142.63
N SER UB 110 24.11 86.19 142.90
CA SER UB 110 23.57 86.12 144.27
C SER UB 110 23.72 84.72 144.88
N GLY UB 111 24.27 83.77 144.12
CA GLY UB 111 24.20 82.36 144.46
C GLY UB 111 22.80 81.75 144.29
N GLY UB 112 21.95 82.41 143.48
CA GLY UB 112 20.57 81.99 143.24
C GLY UB 112 20.44 80.67 142.49
N PHE UB 113 21.44 80.36 141.64
CA PHE UB 113 21.56 79.08 140.95
C PHE UB 113 23.02 78.82 140.58
N GLU UB 114 23.33 77.57 140.19
CA GLU UB 114 24.67 77.21 139.74
C GLU UB 114 24.59 76.51 138.39
N ARG UB 115 24.87 77.26 137.31
CA ARG UB 115 24.86 76.74 135.96
C ARG UB 115 26.04 75.76 135.78
N THR UB 116 25.72 74.51 135.45
CA THR UB 116 26.70 73.60 134.85
C THR UB 116 26.40 73.48 133.35
N THR UB 117 27.40 73.75 132.52
CA THR UB 117 27.36 73.45 131.10
C THR UB 117 28.39 72.37 130.79
N ALA UB 118 27.94 71.26 130.17
CA ALA UB 118 28.83 70.20 129.75
C ALA UB 118 28.69 69.96 128.25
N VAL UB 119 29.83 69.87 127.54
CA VAL UB 119 29.88 69.73 126.09
C VAL UB 119 30.71 68.49 125.75
N GLU UB 120 30.14 67.56 124.96
CA GLU UB 120 30.84 66.33 124.59
C GLU UB 120 31.68 66.56 123.33
N ASN UB 121 32.84 65.86 123.28
CA ASN UB 121 33.64 65.69 122.07
C ASN UB 121 33.99 67.02 121.40
N VAL UB 122 34.51 67.98 122.19
CA VAL UB 122 35.04 69.22 121.62
C VAL UB 122 36.34 68.90 120.89
N VAL UB 123 36.46 69.37 119.65
CA VAL UB 123 37.69 69.25 118.85
C VAL UB 123 38.13 70.64 118.41
N PHE UB 124 39.46 70.84 118.31
CA PHE UB 124 40.05 72.12 117.93
C PHE UB 124 40.83 71.93 116.62
N PRO UB 125 40.41 72.55 115.48
CA PRO UB 125 41.14 72.42 114.21
C PRO UB 125 42.61 72.85 114.25
N GLU UB 126 42.91 73.85 115.09
CA GLU UB 126 44.26 74.37 115.25
C GLU UB 126 44.53 74.68 116.73
N LEU UB 127 45.81 74.49 117.11
CA LEU UB 127 46.28 74.67 118.47
C LEU UB 127 47.44 75.67 118.45
N PRO UB 128 47.37 76.84 119.15
CA PRO UB 128 48.54 77.70 119.29
C PRO UB 128 49.52 77.10 120.31
N LEU UB 129 50.81 77.00 119.91
CA LEU UB 129 51.85 76.49 120.80
C LEU UB 129 52.64 77.64 121.41
N ASP UB 130 53.03 78.60 120.55
CA ASP UB 130 53.79 79.78 120.92
C ASP UB 130 53.02 81.01 120.45
N SER UB 131 52.93 82.03 121.31
CA SER UB 131 52.15 83.23 121.03
C SER UB 131 52.78 84.43 121.73
N ALA UB 132 54.05 84.70 121.40
CA ALA UB 132 54.88 85.71 122.04
C ALA UB 132 54.63 87.09 121.43
N THR UB 133 54.57 88.11 122.31
CA THR UB 133 54.64 89.52 121.95
C THR UB 133 55.61 90.19 122.93
N TYR UB 134 56.57 90.98 122.41
CA TYR UB 134 57.64 91.53 123.24
C TYR UB 134 57.09 92.43 124.35
N GLY UB 135 57.53 92.18 125.59
CA GLY UB 135 57.11 92.93 126.76
C GLY UB 135 55.74 92.52 127.30
N GLU UB 136 55.27 91.31 126.96
CA GLU UB 136 53.98 90.78 127.43
C GLU UB 136 54.12 89.30 127.78
N TYR UB 137 53.20 88.79 128.62
CA TYR UB 137 53.02 87.35 128.80
C TYR UB 137 52.30 86.81 127.57
N GLU UB 138 52.55 85.54 127.21
CA GLU UB 138 51.91 84.91 126.05
C GLU UB 138 50.41 84.75 126.30
N GLU UB 139 49.61 84.88 125.23
CA GLU UB 139 48.16 84.69 125.27
C GLU UB 139 47.71 83.85 124.07
N TYR UB 140 46.78 82.91 124.32
CA TYR UB 140 46.43 81.85 123.38
C TYR UB 140 44.92 81.85 123.12
N SER UB 141 44.54 81.60 121.86
CA SER UB 141 43.14 81.52 121.45
C SER UB 141 42.82 80.15 120.85
N LEU UB 142 41.82 79.46 121.42
CA LEU UB 142 41.25 78.24 120.86
C LEU UB 142 39.89 78.55 120.23
N THR UB 143 39.69 78.08 119.00
CA THR UB 143 38.38 77.95 118.39
C THR UB 143 38.16 76.47 118.08
N GLY UB 144 37.01 75.92 118.49
CA GLY UB 144 36.70 74.51 118.26
C GLY UB 144 35.19 74.25 118.31
N SER UB 145 34.77 72.98 118.19
CA SER UB 145 33.36 72.66 118.31
C SER UB 145 33.08 71.27 118.90
N GLY UB 146 32.05 71.21 119.75
CA GLY UB 146 31.56 69.98 120.37
C GLY UB 146 30.34 69.41 119.63
N ARG UB 147 30.09 68.12 119.87
CA ARG UB 147 29.01 67.39 119.22
C ARG UB 147 27.64 67.82 119.76
N SER UB 148 27.52 67.95 121.10
CA SER UB 148 26.27 68.33 121.76
C SER UB 148 26.53 68.84 123.17
N VAL UB 149 25.52 69.52 123.76
CA VAL UB 149 25.47 69.81 125.18
C VAL UB 149 24.88 68.60 125.89
N THR UB 150 25.66 67.99 126.80
CA THR UB 150 25.21 66.81 127.55
C THR UB 150 24.46 67.21 128.82
N ASN UB 151 24.72 68.43 129.32
CA ASN UB 151 24.11 68.93 130.55
C ASN UB 151 24.07 70.47 130.54
N LEU UB 152 22.88 71.02 130.80
CA LEU UB 152 22.65 72.42 131.15
C LEU UB 152 21.56 72.48 132.22
N ALA UB 153 21.97 72.66 133.48
CA ALA UB 153 21.05 72.61 134.61
C ALA UB 153 21.57 73.46 135.78
N ASP UB 154 20.64 73.84 136.66
CA ASP UB 154 20.96 74.31 138.00
C ASP UB 154 21.52 73.13 138.80
N THR UB 155 22.73 73.33 139.34
CA THR UB 155 23.49 72.33 140.08
C THR UB 155 23.34 72.52 141.59
N SER UB 156 22.78 73.65 142.02
CA SER UB 156 22.71 74.05 143.42
C SER UB 156 21.87 73.07 144.24
N GLY UB 157 22.27 72.85 145.50
CA GLY UB 157 21.54 72.02 146.45
C GLY UB 157 21.46 70.56 146.03
N ALA VB 2 50.66 65.23 136.04
CA ALA VB 2 51.37 65.97 134.96
C ALA VB 2 51.84 67.33 135.46
N THR VB 3 52.59 68.06 134.62
CA THR VB 3 53.16 69.36 134.94
C THR VB 3 52.04 70.41 135.03
N SER VB 4 52.07 71.25 136.08
CA SER VB 4 51.08 72.29 136.30
C SER VB 4 51.18 73.38 135.23
N PRO VB 5 50.06 73.77 134.55
CA PRO VB 5 50.07 74.91 133.61
C PRO VB 5 50.54 76.21 134.24
N GLU VB 6 51.25 77.03 133.45
CA GLU VB 6 51.93 78.22 133.97
C GLU VB 6 51.97 79.34 132.92
N GLY VB 7 52.03 80.60 133.37
CA GLY VB 7 52.24 81.74 132.50
C GLY VB 7 53.63 81.71 131.85
N ILE VB 8 53.77 82.35 130.67
CA ILE VB 8 55.03 82.41 129.97
C ILE VB 8 55.33 83.86 129.60
N TRP VB 9 56.47 84.38 130.07
CA TRP VB 9 56.96 85.72 129.69
C TRP VB 9 57.56 85.63 128.28
N SER VB 10 57.04 86.43 127.33
CA SER VB 10 57.38 86.28 125.91
C SER VB 10 58.89 86.34 125.66
N ASN VB 11 59.58 87.24 126.37
CA ASN VB 11 60.98 87.57 126.10
C ASN VB 11 61.94 86.46 126.57
N SER VB 12 61.43 85.48 127.32
CA SER VB 12 62.21 84.33 127.76
C SER VB 12 62.52 83.39 126.57
N GLY VB 13 61.75 83.53 125.48
CA GLY VB 13 61.87 82.62 124.34
C GLY VB 13 63.05 82.95 123.42
N ALA VB 14 63.93 81.96 123.21
CA ALA VB 14 65.01 82.04 122.25
C ALA VB 14 64.62 81.32 120.96
N LEU VB 15 64.48 82.09 119.86
CA LEU VB 15 64.13 81.56 118.54
C LEU VB 15 65.39 81.41 117.68
N THR VB 16 65.47 80.29 116.94
CA THR VB 16 66.58 80.01 116.03
C THR VB 16 66.08 79.33 114.75
N PHE VB 17 66.82 79.54 113.66
CA PHE VB 17 66.61 78.86 112.39
C PHE VB 17 67.85 78.05 112.04
N GLU VB 18 67.64 76.88 111.42
CA GLU VB 18 68.72 75.99 111.00
C GLU VB 18 68.50 75.51 109.57
N ASP VB 19 69.61 75.34 108.83
CA ASP VB 19 69.59 74.68 107.53
C ASP VB 19 69.35 73.18 107.75
N PRO VB 20 68.24 72.59 107.24
CA PRO VB 20 67.96 71.16 107.44
C PRO VB 20 68.94 70.19 106.74
N ALA VB 21 69.82 70.72 105.88
CA ALA VB 21 70.88 69.93 105.27
C ALA VB 21 72.03 69.67 106.24
N ASP VB 22 72.22 70.57 107.23
CA ASP VB 22 73.40 70.62 108.08
C ASP VB 22 73.06 70.46 109.56
N ASP VB 23 71.87 70.95 109.96
CA ASP VB 23 71.56 71.39 111.32
C ASP VB 23 72.47 72.56 111.75
N SER VB 24 72.98 73.35 110.78
CA SER VB 24 73.79 74.55 111.06
C SER VB 24 72.87 75.76 111.22
N GLU VB 25 73.23 76.69 112.13
CA GLU VB 25 72.41 77.85 112.42
C GLU VB 25 72.44 78.85 111.24
N ILE VB 26 71.28 79.45 110.96
CA ILE VB 26 71.12 80.59 110.08
C ILE VB 26 70.82 81.82 110.96
N LEU VB 27 71.66 82.86 110.88
CA LEU VB 27 71.58 83.97 111.82
C LEU VB 27 70.29 84.77 111.60
N PHE VB 28 69.49 84.85 112.67
CA PHE VB 28 68.23 85.57 112.71
C PHE VB 28 68.02 86.08 114.14
N ALA VB 29 67.46 87.30 114.27
CA ALA VB 29 67.45 88.01 115.54
C ALA VB 29 66.40 89.13 115.53
N GLY VB 30 66.18 89.74 116.70
CA GLY VB 30 65.39 90.96 116.83
C GLY VB 30 63.87 90.72 116.76
N VAL VB 31 63.42 89.56 117.26
CA VAL VB 31 62.02 89.16 117.27
C VAL VB 31 61.18 90.11 118.15
N ARG VB 32 59.93 90.33 117.72
CA ARG VB 32 58.97 91.24 118.34
C ARG VB 32 57.65 90.50 118.61
N ASP VB 33 57.15 89.78 117.59
CA ASP VB 33 56.05 88.83 117.73
C ASP VB 33 56.49 87.47 117.18
N VAL VB 34 56.03 86.37 117.81
CA VAL VB 34 56.22 85.01 117.30
C VAL VB 34 54.97 84.18 117.62
N THR VB 35 54.24 83.76 116.58
CA THR VB 35 53.12 82.84 116.71
C THR VB 35 53.40 81.56 115.94
N ILE VB 36 53.27 80.41 116.63
CA ILE VB 36 53.41 79.09 116.01
C ILE VB 36 52.13 78.30 116.29
N THR VB 37 51.47 77.83 115.23
CA THR VB 37 50.14 77.21 115.32
C THR VB 37 50.05 75.99 114.40
N PRO VB 38 50.26 74.75 114.93
CA PRO VB 38 49.81 73.53 114.27
C PRO VB 38 48.32 73.55 113.96
N ALA VB 39 47.97 73.07 112.75
CA ALA VB 39 46.61 73.08 112.26
C ALA VB 39 46.34 71.84 111.41
N TYR VB 40 45.05 71.46 111.35
CA TYR VB 40 44.54 70.48 110.40
C TYR VB 40 43.24 71.02 109.82
N GLU VB 41 42.91 70.60 108.60
CA GLU VB 41 41.54 70.71 108.09
C GLU VB 41 40.69 69.63 108.77
N HIS VB 42 39.47 70.01 109.19
CA HIS VB 42 38.51 69.08 109.78
C HIS VB 42 37.35 68.85 108.82
N ALA VB 43 36.98 67.58 108.63
CA ALA VB 43 35.78 67.21 107.90
C ALA VB 43 34.79 66.48 108.83
N GLU VB 44 33.53 66.93 108.81
CA GLU VB 44 32.50 66.44 109.73
C GLU VB 44 31.41 65.72 108.91
N LEU VB 45 30.98 64.54 109.42
CA LEU VB 45 29.95 63.75 108.77
C LEU VB 45 28.60 64.04 109.40
N TYR VB 46 27.63 64.43 108.54
CA TYR VB 46 26.23 64.59 108.91
C TYR VB 46 25.35 63.90 107.86
N THR VB 47 24.27 63.25 108.32
CA THR VB 47 23.35 62.53 107.45
C THR VB 47 21.92 62.71 107.96
N ILE VB 48 20.94 62.22 107.18
CA ILE VB 48 19.53 62.27 107.53
C ILE VB 48 19.20 61.47 108.80
N ASP VB 49 20.10 60.57 109.24
CA ASP VB 49 19.91 59.78 110.46
C ASP VB 49 19.79 60.66 111.71
N SER VB 50 20.56 61.75 111.79
CA SER VB 50 20.71 62.54 113.02
C SER VB 50 21.12 63.98 112.69
N THR VB 51 20.65 64.92 113.53
CA THR VB 51 21.08 66.32 113.49
C THR VB 51 22.46 66.51 114.12
N PHE VB 52 22.91 65.54 114.94
CA PHE VB 52 24.21 65.62 115.60
C PHE VB 52 25.29 65.10 114.65
N ARG VB 53 26.52 65.59 114.88
CA ARG VB 53 27.72 65.17 114.14
C ARG VB 53 27.97 63.68 114.35
N ASP VB 54 28.10 62.94 113.24
CA ASP VB 54 28.26 61.50 113.27
C ASP VB 54 29.75 61.13 113.47
N GLU VB 55 30.62 61.82 112.71
CA GLU VB 55 32.08 61.63 112.76
C GLU VB 55 32.77 62.98 112.55
N VAL VB 56 34.02 63.07 113.03
CA VAL VB 56 34.94 64.14 112.64
C VAL VB 56 36.34 63.53 112.43
N LYS VB 57 37.03 64.02 111.37
CA LYS VB 57 38.35 63.54 110.96
C LYS VB 57 39.24 64.73 110.61
N ARG VB 58 40.57 64.54 110.73
CA ARG VB 58 41.56 65.57 110.46
C ARG VB 58 42.46 65.16 109.28
N TYR VB 59 42.88 66.16 108.49
CA TYR VB 59 43.73 65.98 107.31
C TYR VB 59 44.47 67.28 107.01
N GLU VB 60 45.35 67.25 105.99
CA GLU VB 60 46.01 68.43 105.45
C GLU VB 60 46.71 69.23 106.55
N HIS VB 61 47.67 68.56 107.22
CA HIS VB 61 48.39 69.15 108.35
C HIS VB 61 49.37 70.21 107.84
N ASN VB 62 49.48 71.31 108.59
CA ASN VB 62 50.56 72.27 108.46
C ASN VB 62 50.78 72.95 109.81
N VAL VB 63 51.93 73.62 109.95
CA VAL VB 63 52.18 74.48 111.11
C VAL VB 63 52.29 75.91 110.60
N ASN VB 64 51.31 76.76 110.94
CA ASN VB 64 51.37 78.18 110.62
C ASN VB 64 52.43 78.85 111.48
N VAL VB 65 53.31 79.64 110.83
CA VAL VB 65 54.37 80.39 111.51
C VAL VB 65 54.22 81.86 111.11
N GLU VB 66 54.06 82.74 112.12
CA GLU VB 66 54.02 84.18 111.89
C GLU VB 66 55.05 84.85 112.81
N ILE VB 67 55.93 85.67 112.22
CA ILE VB 67 57.00 86.34 112.96
C ILE VB 67 57.05 87.82 112.59
N THR VB 68 57.07 88.69 113.60
CA THR VB 68 57.43 90.10 113.42
C THR VB 68 58.82 90.33 114.05
N TYR VB 69 59.71 91.02 113.32
CA TYR VB 69 61.08 91.22 113.78
C TYR VB 69 61.65 92.53 113.26
N ALA VB 70 62.72 93.03 113.92
CA ALA VB 70 63.21 94.40 113.73
C ALA VB 70 64.71 94.49 113.43
N LYS VB 71 65.43 93.35 113.40
CA LYS VB 71 66.82 93.32 112.97
C LYS VB 71 66.91 92.58 111.63
N PHE VB 72 67.46 93.24 110.60
CA PHE VB 72 67.59 92.65 109.28
C PHE VB 72 68.76 91.67 109.25
N SER VB 73 68.56 90.50 108.61
CA SER VB 73 69.61 89.50 108.42
C SER VB 73 69.85 89.27 106.93
N LEU VB 74 71.10 89.51 106.50
CA LEU VB 74 71.51 89.23 105.13
C LEU VB 74 71.59 87.72 104.88
N GLU VB 75 72.03 86.95 105.89
CA GLU VB 75 72.14 85.51 105.74
C GLU VB 75 70.76 84.89 105.49
N PHE VB 76 69.77 85.25 106.32
CA PHE VB 76 68.41 84.73 106.18
C PHE VB 76 67.83 85.06 104.81
N ALA VB 77 68.02 86.32 104.35
CA ALA VB 77 67.51 86.77 103.07
C ALA VB 77 68.19 86.05 101.90
N GLN VB 78 69.52 85.88 101.97
CA GLN VB 78 70.30 85.25 100.90
C GLN VB 78 70.07 83.74 100.84
N GLU VB 79 69.83 83.11 102.01
CA GLU VB 79 69.37 81.72 102.10
C GLU VB 79 68.02 81.57 101.42
N TRP VB 80 67.06 82.47 101.71
CA TRP VB 80 65.73 82.44 101.13
C TRP VB 80 65.79 82.57 99.61
N LEU VB 81 66.63 83.49 99.10
CA LEU VB 81 66.80 83.70 97.66
C LEU VB 81 67.41 82.45 97.00
N GLY VB 82 68.39 81.83 97.67
CA GLY VB 82 69.20 80.77 97.09
C GLY VB 82 68.50 79.40 96.98
N GLY VB 83 67.44 79.18 97.76
CA GLY VB 83 66.78 77.88 97.81
C GLY VB 83 67.56 76.86 98.64
N PRO VB 84 67.14 75.57 98.70
CA PRO VB 84 67.82 74.57 99.53
C PRO VB 84 69.30 74.40 99.20
N GLY VB 85 70.14 74.44 100.25
CA GLY VB 85 71.56 74.15 100.19
C GLY VB 85 72.42 75.18 99.45
N ALA VB 86 71.92 76.41 99.27
CA ALA VB 86 72.66 77.47 98.59
C ALA VB 86 72.20 78.86 99.03
N THR VB 87 73.08 79.87 98.83
CA THR VB 87 72.76 81.28 99.02
C THR VB 87 72.90 82.02 97.69
N ALA VB 88 72.09 83.08 97.51
CA ALA VB 88 72.16 83.90 96.31
C ALA VB 88 71.95 85.39 96.63
N THR VB 89 72.54 86.25 95.78
CA THR VB 89 72.41 87.71 95.88
C THR VB 89 71.34 88.26 94.94
N ALA VB 90 70.62 87.36 94.23
CA ALA VB 90 69.58 87.74 93.28
C ALA VB 90 68.51 86.65 93.26
N SER VB 91 67.28 86.98 92.81
CA SER VB 91 66.21 86.01 92.67
C SER VB 91 66.69 84.82 91.82
N GLN VB 92 66.26 83.62 92.20
CA GLN VB 92 66.62 82.40 91.48
C GLN VB 92 65.41 81.87 90.71
N ASP VB 93 65.63 81.54 89.43
CA ASP VB 93 64.59 81.03 88.55
C ASP VB 93 64.49 79.50 88.69
N ASP VB 94 64.10 79.03 89.89
CA ASP VB 94 64.00 77.61 90.19
C ASP VB 94 62.82 77.30 91.13
N SER VB 95 62.42 76.03 91.15
CA SER VB 95 61.13 75.60 91.69
C SER VB 95 61.15 75.30 93.20
N ASP VB 96 62.34 75.21 93.82
CA ASP VB 96 62.45 74.79 95.21
C ASP VB 96 62.52 75.99 96.16
N PRO VB 97 61.56 76.18 97.10
CA PRO VB 97 61.72 77.18 98.16
C PRO VB 97 62.72 76.69 99.21
N MET VB 98 63.42 77.64 99.83
CA MET VB 98 64.30 77.35 100.95
C MET VB 98 63.47 76.89 102.15
N LYS VB 99 63.83 75.72 102.68
CA LYS VB 99 63.19 75.14 103.86
C LYS VB 99 64.09 75.39 105.08
N PHE VB 100 63.52 76.02 106.10
CA PHE VB 100 64.23 76.28 107.35
C PHE VB 100 63.66 75.36 108.42
N ASN VB 101 64.54 74.69 109.18
CA ASN VB 101 64.11 74.16 110.47
C ASN VB 101 64.04 75.33 111.45
N LEU VB 102 63.00 75.34 112.29
CA LEU VB 102 62.79 76.37 113.29
C LEU VB 102 62.72 75.72 114.67
N GLU VB 103 63.31 76.39 115.67
CA GLU VB 103 63.17 75.98 117.06
C GLU VB 103 63.00 77.20 117.96
N ASN VB 104 62.08 77.11 118.92
CA ASN VB 104 61.89 78.11 119.96
C ASN VB 104 61.94 77.43 121.32
N VAL VB 105 62.85 77.91 122.20
CA VAL VB 105 63.03 77.35 123.54
C VAL VB 105 62.64 78.42 124.58
N THR VB 106 61.74 78.06 125.50
CA THR VB 106 61.13 79.05 126.40
C THR VB 106 60.91 78.51 127.81
N PRO VB 107 61.67 78.99 128.83
CA PRO VB 107 61.31 78.81 130.23
C PRO VB 107 59.95 79.43 130.58
N SER VB 108 59.15 78.72 131.38
CA SER VB 108 57.90 79.23 131.94
C SER VB 108 58.20 80.27 133.01
N ALA VB 109 57.17 80.98 133.49
CA ALA VB 109 57.32 82.16 134.36
C ALA VB 109 58.05 81.85 135.68
N SER VB 110 57.84 80.65 136.26
CA SER VB 110 58.51 80.23 137.50
C SER VB 110 59.71 79.32 137.25
N GLY VB 111 60.01 79.02 135.98
CA GLY VB 111 60.95 77.96 135.63
C GLY VB 111 60.41 76.55 135.91
N GLY VB 112 59.07 76.43 136.03
CA GLY VB 112 58.39 75.17 136.27
C GLY VB 112 58.58 74.16 135.14
N PHE VB 113 58.74 74.65 133.90
CA PHE VB 113 59.10 73.87 132.73
C PHE VB 113 59.81 74.74 131.69
N GLU VB 114 60.47 74.09 130.72
CA GLU VB 114 61.07 74.77 129.58
C GLU VB 114 60.45 74.22 128.30
N ARG VB 115 59.47 74.95 127.73
CA ARG VB 115 58.80 74.57 126.50
C ARG VB 115 59.78 74.69 125.33
N THR VB 116 60.17 73.55 124.75
CA THR VB 116 60.85 73.54 123.45
C THR VB 116 59.83 73.19 122.37
N THR VB 117 59.67 74.08 121.39
CA THR VB 117 58.88 73.84 120.18
C THR VB 117 59.83 73.79 118.99
N ALA VB 118 59.78 72.70 118.21
CA ALA VB 118 60.59 72.58 116.99
C ALA VB 118 59.69 72.21 115.81
N VAL VB 119 59.92 72.88 114.67
CA VAL VB 119 59.08 72.78 113.48
C VAL VB 119 59.97 72.51 112.27
N GLU VB 120 59.67 71.44 111.51
CA GLU VB 120 60.47 71.08 110.35
C GLU VB 120 59.98 71.80 109.09
N ASN VB 121 60.94 72.11 108.19
CA ASN VB 121 60.69 72.51 106.81
C ASN VB 121 59.71 73.68 106.73
N VAL VB 122 59.95 74.75 107.50
CA VAL VB 122 59.20 75.99 107.37
C VAL VB 122 59.61 76.68 106.07
N VAL VB 123 58.62 77.10 105.27
CA VAL VB 123 58.83 77.86 104.04
C VAL VB 123 58.03 79.17 104.11
N PHE VB 124 58.57 80.23 103.50
CA PHE VB 124 57.94 81.55 103.51
C PHE VB 124 57.62 81.94 102.07
N PRO VB 125 56.31 82.07 101.68
CA PRO VB 125 55.95 82.48 100.32
C PRO VB 125 56.49 83.84 99.87
N GLU VB 126 56.69 84.75 100.84
CA GLU VB 126 57.21 86.08 100.58
C GLU VB 126 58.20 86.49 101.67
N LEU VB 127 59.18 87.32 101.27
CA LEU VB 127 60.23 87.82 102.14
C LEU VB 127 60.22 89.35 102.05
N PRO VB 128 60.05 90.09 103.17
CA PRO VB 128 60.26 91.54 103.14
C PRO VB 128 61.76 91.86 103.15
N LEU VB 129 62.22 92.67 102.18
CA LEU VB 129 63.60 93.11 102.12
C LEU VB 129 63.76 94.51 102.72
N ASP VB 130 62.88 95.42 102.31
CA ASP VB 130 62.84 96.79 102.79
C ASP VB 130 61.46 97.06 103.37
N SER VB 131 61.42 97.74 104.54
CA SER VB 131 60.18 98.02 105.24
C SER VB 131 60.33 99.32 106.03
N ALA VB 132 60.64 100.39 105.28
CA ALA VB 132 60.96 101.70 105.84
C ALA VB 132 59.67 102.46 106.17
N THR VB 133 59.69 103.21 107.28
CA THR VB 133 58.70 104.21 107.60
C THR VB 133 59.42 105.38 108.25
N TYR VB 134 59.11 106.61 107.81
CA TYR VB 134 59.91 107.78 108.17
C TYR VB 134 59.83 108.05 109.68
N GLY VB 135 61.01 108.28 110.29
CA GLY VB 135 61.15 108.52 111.72
C GLY VB 135 61.01 107.27 112.60
N GLU VB 136 61.19 106.07 112.01
CA GLU VB 136 61.11 104.80 112.74
C GLU VB 136 62.19 103.82 112.26
N TYR VB 137 62.56 102.85 113.10
CA TYR VB 137 63.36 101.71 112.68
C TYR VB 137 62.50 100.76 111.84
N GLU VB 138 63.11 100.07 110.88
CA GLU VB 138 62.40 99.14 110.00
C GLU VB 138 61.87 97.95 110.80
N GLU VB 139 60.69 97.45 110.41
CA GLU VB 139 60.06 96.29 111.02
C GLU VB 139 59.51 95.35 109.92
N TYR VB 140 59.70 94.05 110.10
CA TYR VB 140 59.48 93.03 109.08
C TYR VB 140 58.49 91.98 109.57
N SER VB 141 57.58 91.53 108.68
CA SER VB 141 56.63 90.47 108.97
C SER VB 141 56.84 89.28 108.03
N LEU VB 142 57.01 88.08 108.61
CA LEU VB 142 57.03 86.82 107.87
C LEU VB 142 55.76 86.01 108.21
N THR VB 143 55.06 85.56 107.16
CA THR VB 143 54.10 84.47 107.27
C THR VB 143 54.66 83.28 106.50
N GLY VB 144 54.64 82.09 107.11
CA GLY VB 144 55.11 80.87 106.46
C GLY VB 144 54.44 79.62 107.05
N SER VB 145 54.83 78.43 106.57
CA SER VB 145 54.30 77.21 107.15
C SER VB 145 55.32 76.06 107.15
N GLY VB 146 55.36 75.34 108.28
CA GLY VB 146 56.15 74.13 108.47
C GLY VB 146 55.35 72.87 108.15
N ARG VB 147 56.08 71.77 107.88
CA ARG VB 147 55.49 70.49 107.55
C ARG VB 147 54.87 69.83 108.79
N SER VB 148 55.61 69.84 109.92
CA SER VB 148 55.16 69.22 111.17
C SER VB 148 55.93 69.77 112.37
N VAL VB 149 55.37 69.57 113.58
CA VAL VB 149 56.09 69.76 114.84
C VAL VB 149 56.93 68.50 115.07
N THR VB 150 58.26 68.66 115.14
CA THR VB 150 59.16 67.54 115.40
C THR VB 150 59.35 67.31 116.90
N ASN VB 151 59.18 68.38 117.70
CA ASN VB 151 59.35 68.32 119.14
C ASN VB 151 58.48 69.36 119.84
N LEU VB 152 57.72 68.88 120.84
CA LEU VB 152 57.07 69.72 121.84
C LEU VB 152 57.16 69.03 123.19
N ALA VB 153 58.08 69.50 124.04
CA ALA VB 153 58.36 68.86 125.31
C ALA VB 153 58.91 69.87 126.33
N ASP VB 154 58.83 69.50 127.60
CA ASP VB 154 59.61 70.12 128.67
C ASP VB 154 61.05 69.64 128.55
N THR VB 155 61.98 70.60 128.31
CA THR VB 155 63.40 70.28 128.19
C THR VB 155 64.19 70.64 129.46
N SER VB 156 63.50 70.94 130.57
CA SER VB 156 64.11 71.21 131.87
C SER VB 156 64.83 69.97 132.41
N GLY VB 157 65.91 70.19 133.17
CA GLY VB 157 66.65 69.13 133.84
C GLY VB 157 67.41 68.24 132.88
N ALA WB 2 79.42 84.75 109.56
CA ALA WB 2 78.35 85.50 108.86
C ALA WB 2 78.19 86.88 109.50
N THR WB 3 77.53 87.80 108.78
CA THR WB 3 77.27 89.17 109.23
C THR WB 3 76.16 89.15 110.28
N SER WB 4 76.39 89.80 111.43
CA SER WB 4 75.41 89.88 112.52
C SER WB 4 74.15 90.62 112.07
N PRO WB 5 72.93 90.08 112.30
CA PRO WB 5 71.68 90.83 112.05
C PRO WB 5 71.61 92.10 112.90
N GLU WB 6 71.03 93.18 112.34
CA GLU WB 6 71.12 94.50 112.97
C GLU WB 6 69.90 95.37 112.64
N GLY WB 7 69.59 96.32 113.55
CA GLY WB 7 68.55 97.32 113.35
C GLY WB 7 68.89 98.30 112.22
N ILE WB 8 67.86 98.86 111.57
CA ILE WB 8 68.03 99.78 110.45
C ILE WB 8 67.13 101.01 110.68
N TRP WB 9 67.75 102.20 110.69
CA TRP WB 9 67.03 103.46 110.80
C TRP WB 9 66.49 103.85 109.41
N SER WB 10 65.15 103.92 109.25
CA SER WB 10 64.50 104.00 107.95
C SER WB 10 65.08 105.10 107.07
N ASN WB 11 65.25 106.30 107.64
CA ASN WB 11 65.62 107.52 106.93
C ASN WB 11 67.02 107.44 106.30
N SER WB 12 67.80 106.39 106.61
CA SER WB 12 69.15 106.20 106.10
C SER WB 12 69.13 105.77 104.62
N GLY WB 13 67.97 105.30 104.14
CA GLY WB 13 67.85 104.71 102.82
C GLY WB 13 67.81 105.74 101.69
N ALA WB 14 68.62 105.48 100.65
CA ALA WB 14 68.65 106.26 99.41
C ALA WB 14 67.96 105.50 98.28
N LEU WB 15 66.67 105.77 98.07
CA LEU WB 15 65.88 105.21 96.98
C LEU WB 15 66.14 106.00 95.70
N THR WB 16 66.31 105.28 94.57
CA THR WB 16 66.48 105.87 93.25
C THR WB 16 65.77 105.02 92.19
N PHE WB 17 65.33 105.68 91.11
CA PHE WB 17 64.75 105.04 89.93
C PHE WB 17 65.61 105.34 88.71
N GLU WB 18 65.73 104.35 87.81
CA GLU WB 18 66.53 104.47 86.60
C GLU WB 18 65.73 103.98 85.38
N ASP WB 19 65.93 104.65 84.24
CA ASP WB 19 65.45 104.17 82.94
C ASP WB 19 66.30 102.98 82.52
N PRO WB 20 65.72 101.75 82.38
CA PRO WB 20 66.50 100.56 81.99
C PRO WB 20 67.13 100.59 80.59
N ALA WB 21 66.72 101.56 79.75
CA ALA WB 21 67.33 101.74 78.43
C ALA WB 21 68.70 102.42 78.52
N ASP WB 22 68.95 103.16 79.62
CA ASP WB 22 70.12 104.02 79.76
C ASP WB 22 70.94 103.66 81.01
N ASP WB 23 70.26 103.17 82.06
CA ASP WB 23 70.70 103.25 83.46
C ASP WB 23 70.82 104.71 83.93
N SER WB 24 70.11 105.65 83.27
CA SER WB 24 70.07 107.06 83.66
C SER WB 24 69.02 107.27 84.76
N GLU WB 25 69.28 108.19 85.71
CA GLU WB 25 68.40 108.41 86.84
C GLU WB 25 67.15 109.18 86.42
N ILE WB 26 66.00 108.76 86.97
CA ILE WB 26 64.73 109.48 86.91
C ILE WB 26 64.50 110.13 88.28
N LEU WB 27 64.26 111.45 88.29
CA LEU WB 27 64.19 112.20 89.55
C LEU WB 27 62.94 111.82 90.34
N PHE WB 28 63.15 111.44 91.60
CA PHE WB 28 62.11 111.03 92.53
C PHE WB 28 62.59 111.33 93.95
N ALA WB 29 61.67 111.71 94.85
CA ALA WB 29 62.05 112.29 96.14
C ALA WB 29 60.94 112.21 97.18
N GLY WB 30 61.31 112.48 98.44
CA GLY WB 30 60.38 112.74 99.53
C GLY WB 30 59.57 111.52 99.97
N VAL WB 31 60.19 110.34 100.01
CA VAL WB 31 59.51 109.12 100.44
C VAL WB 31 59.23 109.17 101.95
N ARG WB 32 58.13 108.50 102.33
CA ARG WB 32 57.66 108.40 103.71
C ARG WB 32 57.58 106.93 104.15
N ASP WB 33 57.05 106.07 103.26
CA ASP WB 33 57.06 104.63 103.45
C ASP WB 33 57.66 103.97 102.21
N VAL WB 34 58.43 102.89 102.40
CA VAL WB 34 58.93 102.06 101.30
C VAL WB 34 58.90 100.59 101.75
N THR WB 35 58.11 99.76 101.05
CA THR WB 35 58.11 98.32 101.26
C THR WB 35 58.52 97.62 99.96
N ILE WB 36 59.53 96.73 100.04
CA ILE WB 36 59.94 95.88 98.93
C ILE WB 36 59.86 94.42 99.39
N THR WB 37 59.09 93.61 98.67
CA THR WB 37 58.76 92.26 99.09
C THR WB 37 58.81 91.29 97.89
N PRO WB 38 59.95 90.60 97.66
CA PRO WB 38 59.97 89.38 96.84
C PRO WB 38 58.95 88.34 97.32
N ALA WB 39 58.26 87.75 96.34
CA ALA WB 39 57.22 86.76 96.61
C ALA WB 39 57.23 85.69 95.52
N TYR WB 40 56.67 84.53 95.87
CA TYR WB 40 56.29 83.48 94.93
C TYR WB 40 54.95 82.92 95.36
N GLU WB 41 54.20 82.36 94.40
CA GLU WB 41 53.11 81.44 94.71
C GLU WB 41 53.73 80.11 95.15
N HIS WB 42 53.18 79.51 96.22
CA HIS WB 42 53.56 78.17 96.67
C HIS WB 42 52.44 77.18 96.38
N ALA WB 43 52.82 76.01 95.83
CA ALA WB 43 51.91 74.89 95.64
C ALA WB 43 52.35 73.70 96.50
N GLU WB 44 51.40 73.13 97.25
CA GLU WB 44 51.68 72.08 98.22
C GLU WB 44 51.00 70.77 97.77
N LEU WB 45 51.73 69.65 97.86
CA LEU WB 45 51.20 68.35 97.47
C LEU WB 45 50.74 67.56 98.69
N TYR WB 46 49.47 67.16 98.67
CA TYR WB 46 48.89 66.26 99.66
C TYR WB 46 48.12 65.15 98.97
N THR WB 47 48.23 63.93 99.51
CA THR WB 47 47.59 62.73 98.96
C THR WB 47 47.10 61.86 100.13
N ILE WB 48 46.29 60.84 99.82
CA ILE WB 48 45.67 59.95 100.79
C ILE WB 48 46.71 59.23 101.68
N ASP WB 49 47.96 59.09 101.19
CA ASP WB 49 49.02 58.33 101.84
C ASP WB 49 49.49 58.96 103.16
N SER WB 50 49.33 60.28 103.33
CA SER WB 50 49.79 60.99 104.53
C SER WB 50 48.98 62.27 104.75
N THR WB 51 48.80 62.63 106.03
CA THR WB 51 48.21 63.91 106.42
C THR WB 51 49.23 65.05 106.28
N PHE WB 52 50.53 64.73 106.23
CA PHE WB 52 51.58 65.73 106.15
C PHE WB 52 51.81 66.15 104.69
N ARG WB 53 52.38 67.36 104.52
CA ARG WB 53 52.77 67.92 103.24
C ARG WB 53 53.87 67.05 102.61
N ASP WB 54 53.63 66.60 101.37
CA ASP WB 54 54.54 65.71 100.67
C ASP WB 54 55.66 66.51 99.97
N GLU WB 55 55.26 67.59 99.29
CA GLU WB 55 56.14 68.49 98.56
C GLU WB 55 55.63 69.92 98.65
N VAL WB 56 56.55 70.88 98.48
CA VAL WB 56 56.19 72.28 98.22
C VAL WB 56 57.12 72.84 97.13
N LYS WB 57 56.53 73.61 96.20
CA LYS WB 57 57.23 74.21 95.06
C LYS WB 57 56.80 75.66 94.89
N ARG WB 58 57.65 76.48 94.24
CA ARG WB 58 57.44 77.92 94.09
C ARG WB 58 57.40 78.30 92.61
N TYR WB 59 56.54 79.30 92.28
CA TYR WB 59 56.28 79.78 90.92
C TYR WB 59 55.71 81.20 90.98
N GLU WB 60 55.57 81.87 89.82
CA GLU WB 60 55.13 83.26 89.70
C GLU WB 60 55.90 84.20 90.62
N HIS WB 61 57.22 84.27 90.40
CA HIS WB 61 58.03 85.24 91.07
C HIS WB 61 57.63 86.65 90.64
N ASN WB 62 57.52 87.54 91.64
CA ASN WB 62 57.47 88.98 91.44
C ASN WB 62 57.95 89.67 92.72
N VAL WB 63 58.28 90.96 92.60
CA VAL WB 63 58.69 91.77 93.74
C VAL WB 63 57.63 92.85 93.93
N ASN WB 64 56.86 92.77 95.02
CA ASN WB 64 55.91 93.82 95.35
C ASN WB 64 56.67 95.07 95.81
N VAL WB 65 56.29 96.23 95.27
CA VAL WB 65 56.84 97.52 95.66
C VAL WB 65 55.68 98.42 96.11
N GLU WB 66 55.72 98.87 97.38
CA GLU WB 66 54.81 99.87 97.91
C GLU WB 66 55.63 101.11 98.28
N ILE WB 67 55.25 102.30 97.79
CA ILE WB 67 55.92 103.55 98.16
C ILE WB 67 54.85 104.59 98.54
N THR WB 68 55.01 105.25 99.68
CA THR WB 68 54.30 106.48 100.00
C THR WB 68 55.29 107.65 99.94
N TYR WB 69 54.93 108.73 99.24
CA TYR WB 69 55.86 109.84 99.03
C TYR WB 69 55.12 111.19 98.96
N ALA WB 70 55.85 112.29 99.22
CA ALA WB 70 55.24 113.60 99.48
C ALA WB 70 55.80 114.75 98.65
N LYS WB 71 56.82 114.48 97.80
CA LYS WB 71 57.29 115.44 96.81
C LYS WB 71 56.86 114.96 95.42
N PHE WB 72 56.08 115.79 94.71
CA PHE WB 72 55.63 115.42 93.38
C PHE WB 72 56.79 115.52 92.39
N SER WB 73 57.00 114.45 91.59
CA SER WB 73 57.96 114.47 90.49
C SER WB 73 57.22 114.51 89.16
N LEU WB 74 57.41 115.63 88.43
CA LEU WB 74 56.81 115.80 87.12
C LEU WB 74 57.46 114.87 86.09
N GLU WB 75 58.78 114.63 86.23
CA GLU WB 75 59.49 113.72 85.34
C GLU WB 75 58.96 112.29 85.48
N PHE WB 76 58.83 111.80 86.72
CA PHE WB 76 58.37 110.43 86.98
C PHE WB 76 56.99 110.19 86.37
N ALA WB 77 56.08 111.17 86.51
CA ALA WB 77 54.74 111.07 85.97
C ALA WB 77 54.75 111.06 84.43
N GLN WB 78 55.60 111.89 83.81
CA GLN WB 78 55.69 111.98 82.36
C GLN WB 78 56.34 110.72 81.77
N GLU WB 79 57.23 110.07 82.55
CA GLU WB 79 57.84 108.81 82.18
C GLU WB 79 56.79 107.69 82.23
N TRP WB 80 55.97 107.67 83.30
CA TRP WB 80 54.91 106.69 83.45
C TRP WB 80 53.88 106.79 82.32
N LEU WB 81 53.53 108.04 81.95
CA LEU WB 81 52.61 108.28 80.84
C LEU WB 81 53.21 107.81 79.52
N GLY WB 82 54.49 108.14 79.27
CA GLY WB 82 55.14 107.97 77.97
C GLY WB 82 55.42 106.52 77.57
N GLY WB 83 55.59 105.63 78.56
CA GLY WB 83 55.98 104.25 78.30
C GLY WB 83 57.49 104.12 78.05
N PRO WB 84 58.00 102.89 77.73
CA PRO WB 84 59.45 102.67 77.59
C PRO WB 84 60.12 103.59 76.56
N GLY WB 85 61.17 104.29 77.02
CA GLY WB 85 62.02 105.13 76.19
C GLY WB 85 61.36 106.41 75.66
N ALA WB 86 60.28 106.89 76.33
CA ALA WB 86 59.60 108.11 75.93
C ALA WB 86 58.94 108.81 77.12
N THR WB 87 58.72 110.13 76.99
CA THR WB 87 57.96 110.93 77.95
C THR WB 87 56.76 111.55 77.23
N ALA WB 88 55.63 111.71 77.96
CA ALA WB 88 54.41 112.27 77.39
C ALA WB 88 53.69 113.19 78.38
N THR WB 89 53.05 114.23 77.83
CA THR WB 89 52.22 115.18 78.55
C THR WB 89 50.75 114.75 78.57
N ALA WB 90 50.44 113.55 78.04
CA ALA WB 90 49.08 113.04 77.95
C ALA WB 90 49.10 111.52 78.00
N SER WB 91 47.98 110.88 78.37
CA SER WB 91 47.82 109.43 78.29
C SER WB 91 48.21 108.94 76.89
N GLN WB 92 48.93 107.81 76.86
CA GLN WB 92 49.32 107.20 75.60
C GLN WB 92 48.47 105.95 75.35
N ASP WB 93 47.97 105.83 74.11
CA ASP WB 93 47.12 104.73 73.70
C ASP WB 93 48.01 103.59 73.17
N ASP WB 94 48.79 102.98 74.08
CA ASP WB 94 49.66 101.86 73.74
C ASP WB 94 49.80 100.87 74.90
N SER WB 95 50.23 99.64 74.56
CA SER WB 95 50.16 98.48 75.43
C SER WB 95 51.41 98.29 76.32
N ASP WB 96 52.48 99.06 76.11
CA ASP WB 96 53.72 98.92 76.86
C ASP WB 96 53.71 99.83 78.10
N PRO WB 97 53.69 99.27 79.35
CA PRO WB 97 53.87 100.11 80.55
C PRO WB 97 55.33 100.53 80.68
N MET WB 98 55.55 101.70 81.27
CA MET WB 98 56.90 102.15 81.60
C MET WB 98 57.48 101.22 82.69
N LYS WB 99 58.69 100.71 82.42
CA LYS WB 99 59.43 99.85 83.34
C LYS WB 99 60.55 100.67 83.97
N PHE WB 100 60.57 100.71 85.30
CA PHE WB 100 61.60 101.41 86.06
C PHE WB 100 62.51 100.39 86.73
N ASN WB 101 63.82 100.57 86.59
CA ASN WB 101 64.74 99.89 87.51
C ASN WB 101 64.75 100.68 88.82
N LEU WB 102 64.70 99.96 89.94
CA LEU WB 102 64.67 100.56 91.28
C LEU WB 102 65.89 100.08 92.06
N GLU WB 103 66.50 100.99 92.82
CA GLU WB 103 67.55 100.61 93.76
C GLU WB 103 67.37 101.39 95.07
N ASN WB 104 67.51 100.67 96.20
CA ASN WB 104 67.52 101.28 97.52
C ASN WB 104 68.79 100.86 98.26
N VAL WB 105 69.60 101.85 98.68
CA VAL WB 105 70.86 101.61 99.39
C VAL WB 105 70.70 102.09 100.84
N THR WB 106 70.96 101.20 101.82
CA THR WB 106 70.64 101.48 103.21
C THR WB 106 71.70 100.95 104.18
N PRO WB 107 72.46 101.82 104.88
CA PRO WB 107 73.31 101.41 106.00
C PRO WB 107 72.56 100.83 107.20
N SER WB 108 73.20 99.90 107.90
CA SER WB 108 72.82 99.43 109.23
C SER WB 108 72.83 100.60 110.21
N ALA WB 109 72.08 100.46 111.31
CA ALA WB 109 72.03 101.48 112.36
C ALA WB 109 73.40 101.69 113.02
N SER WB 110 74.26 100.65 112.98
CA SER WB 110 75.62 100.69 113.53
C SER WB 110 76.68 100.87 112.44
N GLY WB 111 76.27 100.91 111.16
CA GLY WB 111 77.18 100.90 110.03
C GLY WB 111 77.86 99.56 109.77
N GLY WB 112 77.42 98.48 110.42
CA GLY WB 112 78.04 97.16 110.37
C GLY WB 112 77.93 96.46 109.00
N PHE WB 113 76.92 96.87 108.21
CA PHE WB 113 76.73 96.45 106.83
C PHE WB 113 75.91 97.53 106.10
N GLU WB 114 75.86 97.47 104.77
CA GLU WB 114 75.08 98.39 103.96
C GLU WB 114 74.35 97.59 102.88
N ARG WB 115 73.06 97.27 103.12
CA ARG WB 115 72.31 96.51 102.13
C ARG WB 115 72.01 97.40 100.91
N THR WB 116 72.26 96.85 99.72
CA THR WB 116 71.68 97.38 98.50
C THR WB 116 70.60 96.39 98.04
N THR WB 117 69.36 96.87 97.90
CA THR WB 117 68.30 96.12 97.25
C THR WB 117 68.07 96.73 95.86
N ALA WB 118 68.19 95.92 94.81
CA ALA WB 118 67.94 96.37 93.45
C ALA WB 118 66.90 95.47 92.78
N VAL WB 119 65.93 96.10 92.09
CA VAL WB 119 64.77 95.42 91.51
C VAL WB 119 64.64 95.84 90.04
N GLU WB 120 64.50 94.86 89.14
CA GLU WB 120 64.38 95.14 87.71
C GLU WB 120 62.92 95.29 87.30
N ASN WB 121 62.67 96.20 86.34
CA ASN WB 121 61.41 96.33 85.61
C ASN WB 121 60.20 96.44 86.53
N VAL WB 122 60.26 97.37 87.50
CA VAL WB 122 59.09 97.71 88.31
C VAL WB 122 58.10 98.45 87.41
N VAL WB 123 56.82 98.02 87.47
CA VAL WB 123 55.72 98.68 86.77
C VAL WB 123 54.61 98.99 87.78
N PHE WB 124 53.90 100.10 87.55
CA PHE WB 124 52.83 100.56 88.43
C PHE WB 124 51.51 100.57 87.65
N PRO WB 125 50.49 99.74 88.01
CA PRO WB 125 49.20 99.75 87.32
C PRO WB 125 48.48 101.11 87.31
N GLU WB 126 48.69 101.90 88.37
CA GLU WB 126 48.09 103.21 88.50
C GLU WB 126 49.07 104.21 89.13
N LEU WB 127 48.92 105.47 88.74
CA LEU WB 127 49.78 106.56 89.16
C LEU WB 127 48.89 107.66 89.73
N PRO WB 128 49.05 108.09 91.02
CA PRO WB 128 48.35 109.29 91.49
C PRO WB 128 49.02 110.56 90.96
N LEU WB 129 48.21 111.49 90.44
CA LEU WB 129 48.70 112.77 89.94
C LEU WB 129 48.40 113.89 90.94
N ASP WB 130 47.14 113.96 91.37
CA ASP WB 130 46.66 114.91 92.35
C ASP WB 130 46.17 114.12 93.56
N SER WB 131 46.56 114.57 94.77
CA SER WB 131 46.16 113.91 96.01
C SER WB 131 46.03 114.96 97.11
N ALA WB 132 45.12 115.92 96.88
CA ALA WB 132 44.90 117.07 97.74
C ALA WB 132 44.00 116.71 98.91
N THR WB 133 44.36 117.21 100.11
CA THR WB 133 43.50 117.24 101.28
C THR WB 133 43.65 118.62 101.92
N TYR WB 134 42.53 119.28 102.23
CA TYR WB 134 42.53 120.67 102.70
C TYR WB 134 43.33 120.81 103.99
N GLY WB 135 44.28 121.77 103.99
CA GLY WB 135 45.16 122.07 105.11
C GLY WB 135 46.31 121.08 105.29
N GLU WB 136 46.67 120.33 104.24
CA GLU WB 136 47.79 119.40 104.27
C GLU WB 136 48.61 119.51 102.98
N TYR WB 137 49.89 119.13 103.03
CA TYR WB 137 50.68 118.89 101.83
C TYR WB 137 50.25 117.57 101.20
N GLU WB 138 50.30 117.49 99.87
CA GLU WB 138 49.84 116.30 99.14
C GLU WB 138 50.73 115.11 99.47
N GLU WB 139 50.12 113.92 99.51
CA GLU WB 139 50.80 112.65 99.74
C GLU WB 139 50.29 111.62 98.73
N TYR WB 140 51.22 110.79 98.21
CA TYR WB 140 50.98 109.91 97.07
C TYR WB 140 51.37 108.47 97.42
N SER WB 141 50.56 107.50 96.96
CA SER WB 141 50.82 106.08 97.15
C SER WB 141 51.02 105.38 95.80
N LEU WB 142 52.14 104.66 95.65
CA LEU WB 142 52.41 103.77 94.52
C LEU WB 142 52.38 102.32 95.00
N THR WB 143 51.67 101.47 94.25
CA THR WB 143 51.75 100.02 94.34
C THR WB 143 52.17 99.48 92.98
N GLY WB 144 53.21 98.63 92.94
CA GLY WB 144 53.69 98.08 91.69
C GLY WB 144 54.40 96.73 91.85
N SER WB 145 54.87 96.16 90.73
CA SER WB 145 55.55 94.86 90.75
C SER WB 145 56.78 94.85 89.84
N GLY WB 146 57.93 94.48 90.42
CA GLY WB 146 59.17 94.23 89.70
C GLY WB 146 59.30 92.76 89.28
N ARG WB 147 60.10 92.51 88.24
CA ARG WB 147 60.27 91.17 87.67
C ARG WB 147 61.08 90.27 88.62
N SER WB 148 62.20 90.80 89.14
CA SER WB 148 63.09 90.07 90.03
C SER WB 148 63.99 91.03 90.82
N VAL WB 149 64.61 90.52 91.90
CA VAL WB 149 65.70 91.18 92.59
C VAL WB 149 67.00 90.89 91.83
N THR WB 150 67.66 91.95 91.34
CA THR WB 150 68.92 91.81 90.63
C THR WB 150 70.12 91.81 91.58
N ASN WB 151 69.95 92.40 92.77
CA ASN WB 151 71.02 92.51 93.76
C ASN WB 151 70.44 92.64 95.17
N LEU WB 152 70.96 91.81 96.09
CA LEU WB 152 70.82 91.97 97.52
C LEU WB 152 72.14 91.54 98.18
N ALA WB 153 72.94 92.53 98.60
CA ALA WB 153 74.27 92.28 99.14
C ALA WB 153 74.68 93.39 100.11
N ASP WB 154 75.68 93.08 100.95
CA ASP WB 154 76.42 94.08 101.69
C ASP WB 154 77.32 94.84 100.71
N THR WB 155 77.16 96.17 100.68
CA THR WB 155 77.81 97.07 99.75
C THR WB 155 79.07 97.68 100.37
N SER WB 156 79.28 97.48 101.68
CA SER WB 156 80.36 98.08 102.45
C SER WB 156 81.73 97.58 101.97
N GLY WB 157 82.72 98.48 101.96
CA GLY WB 157 84.09 98.16 101.59
C GLY WB 157 84.22 97.72 100.15
N ALA XB 2 66.26 118.47 83.86
CA ALA XB 2 65.06 117.97 84.60
C ALA XB 2 64.59 119.02 85.59
N THR XB 3 63.35 118.88 86.08
CA THR XB 3 62.74 119.74 87.09
C THR XB 3 62.77 119.02 88.44
N SER XB 4 63.31 119.68 89.48
CA SER XB 4 63.46 119.10 90.81
C SER XB 4 62.10 118.80 91.44
N PRO XB 5 61.83 117.55 91.93
CA PRO XB 5 60.61 117.25 92.67
C PRO XB 5 60.45 118.13 93.90
N GLU XB 6 59.19 118.47 94.24
CA GLU XB 6 58.90 119.43 95.29
C GLU XB 6 57.58 119.07 96.00
N GLY XB 7 57.45 119.49 97.27
CA GLY XB 7 56.19 119.40 98.01
C GLY XB 7 55.12 120.30 97.39
N ILE XB 8 53.84 119.97 97.64
CA ILE XB 8 52.71 120.72 97.10
C ILE XB 8 51.70 120.97 98.22
N TRP XB 9 51.38 122.24 98.48
CA TRP XB 9 50.36 122.62 99.45
C TRP XB 9 48.98 122.44 98.80
N SER XB 10 48.13 121.58 99.39
CA SER XB 10 46.88 121.16 98.75
C SER XB 10 46.02 122.33 98.30
N ASN XB 11 45.88 123.34 99.18
CA ASN XB 11 44.90 124.42 99.02
C ASN XB 11 45.18 125.28 97.79
N SER XB 12 46.41 125.18 97.23
CA SER XB 12 46.85 125.97 96.10
C SER XB 12 46.18 125.51 94.80
N GLY XB 13 45.57 124.32 94.80
CA GLY XB 13 44.96 123.74 93.61
C GLY XB 13 43.62 124.40 93.25
N ALA XB 14 43.53 124.93 92.02
CA ALA XB 14 42.30 125.48 91.47
C ALA XB 14 41.61 124.44 90.57
N LEU XB 15 40.64 123.70 91.14
CA LEU XB 15 39.86 122.73 90.39
C LEU XB 15 38.73 123.43 89.64
N THR XB 16 38.52 123.03 88.37
CA THR XB 16 37.48 123.59 87.51
C THR XB 16 36.83 122.48 86.68
N PHE XB 17 35.56 122.69 86.29
CA PHE XB 17 34.86 121.84 85.34
C PHE XB 17 34.38 122.66 84.14
N GLU XB 18 34.36 122.03 82.96
CA GLU XB 18 33.93 122.66 81.72
C GLU XB 18 33.02 121.71 80.93
N ASP XB 19 32.05 122.29 80.22
CA ASP XB 19 31.21 121.55 79.28
C ASP XB 19 32.04 121.30 78.01
N PRO XB 20 32.33 120.02 77.63
CA PRO XB 20 33.16 119.73 76.44
C PRO XB 20 32.55 120.14 75.10
N ALA XB 21 31.27 120.54 75.09
CA ALA XB 21 30.62 121.06 73.90
C ALA XB 21 31.03 122.51 73.62
N ASP XB 22 31.41 123.25 74.68
CA ASP XB 22 31.67 124.69 74.62
C ASP XB 22 33.10 125.05 75.01
N ASP XB 23 33.68 124.27 75.94
CA ASP XB 23 34.76 124.68 76.85
C ASP XB 23 34.31 125.80 77.81
N SER XB 24 32.99 125.96 78.02
CA SER XB 24 32.43 126.91 78.98
C SER XB 24 32.46 126.30 80.39
N GLU XB 25 32.75 127.14 81.40
CA GLU XB 25 32.86 126.69 82.79
C GLU XB 25 31.49 126.28 83.33
N ILE XB 26 31.49 125.19 84.12
CA ILE XB 26 30.39 124.78 84.97
C ILE XB 26 30.79 125.08 86.41
N LEU XB 27 29.99 125.89 87.13
CA LEU XB 27 30.39 126.39 88.43
C LEU XB 27 30.48 125.26 89.46
N PHE XB 28 31.65 125.15 90.09
CA PHE XB 28 31.93 124.16 91.12
C PHE XB 28 32.97 124.73 92.08
N ALA XB 29 32.85 124.40 93.37
CA ALA XB 29 33.60 125.09 94.41
C ALA XB 29 33.61 124.29 95.71
N GLY XB 30 34.48 124.70 96.65
CA GLY XB 30 34.44 124.25 98.03
C GLY XB 30 34.98 122.83 98.25
N VAL XB 31 36.00 122.44 97.47
CA VAL XB 31 36.60 121.11 97.60
C VAL XB 31 37.39 120.99 98.92
N ARG XB 32 37.41 119.76 99.45
CA ARG XB 32 38.13 119.39 100.66
C ARG XB 32 39.16 118.28 100.36
N ASP XB 33 38.77 117.30 99.53
CA ASP XB 33 39.68 116.27 99.02
C ASP XB 33 39.59 116.24 97.49
N VAL XB 34 40.73 116.03 96.81
CA VAL XB 34 40.76 115.76 95.38
C VAL XB 34 41.84 114.72 95.09
N THR XB 35 41.42 113.52 94.64
CA THR XB 35 42.34 112.49 94.16
C THR XB 35 42.08 112.25 92.67
N ILE XB 36 43.16 112.33 91.86
CA ILE XB 36 43.11 112.02 90.43
C ILE XB 36 44.19 110.97 90.12
N THR XB 37 43.75 109.83 89.57
CA THR XB 37 44.61 108.66 89.41
C THR XB 37 44.40 108.02 88.04
N PRO XB 38 45.24 108.34 87.03
CA PRO XB 38 45.40 107.49 85.84
C PRO XB 38 45.72 106.05 86.19
N ALA XB 39 45.05 105.12 85.49
CA ALA XB 39 45.16 103.69 85.78
C ALA XB 39 45.08 102.89 84.48
N TYR XB 40 45.62 101.66 84.54
CA TYR XB 40 45.44 100.65 83.51
C TYR XB 40 45.32 99.29 84.21
N GLU XB 41 44.61 98.36 83.57
CA GLU XB 41 44.73 96.95 83.91
C GLU XB 41 46.07 96.42 83.36
N HIS XB 42 46.77 95.61 84.16
CA HIS XB 42 48.02 94.98 83.75
C HIS XB 42 47.83 93.48 83.57
N ALA XB 43 48.26 92.93 82.43
CA ALA XB 43 48.30 91.49 82.22
C ALA XB 43 49.75 91.01 82.12
N GLU XB 44 50.08 90.00 82.94
CA GLU XB 44 51.45 89.49 83.06
C GLU XB 44 51.51 88.08 82.48
N LEU XB 45 52.54 87.80 81.66
CA LEU XB 45 52.70 86.50 81.03
C LEU XB 45 53.67 85.63 81.84
N TYR XB 46 53.21 84.43 82.20
CA TYR XB 46 54.01 83.40 82.84
C TYR XB 46 53.75 82.06 82.16
N THR XB 47 54.80 81.23 82.04
CA THR XB 47 54.74 79.92 81.39
C THR XB 47 55.62 78.93 82.15
N ILE XB 48 55.62 77.67 81.67
CA ILE XB 48 56.44 76.61 82.25
C ILE XB 48 57.94 76.86 82.01
N ASP XB 49 58.30 77.78 81.08
CA ASP XB 49 59.68 78.11 80.77
C ASP XB 49 60.43 78.72 81.96
N SER XB 50 59.74 79.56 82.76
CA SER XB 50 60.39 80.38 83.79
C SER XB 50 59.41 80.73 84.90
N THR XB 51 59.94 80.86 86.13
CA THR XB 51 59.22 81.39 87.27
C THR XB 51 59.11 82.92 87.21
N PHE XB 52 59.96 83.56 86.39
CA PHE XB 52 59.95 85.01 86.26
C PHE XB 52 58.91 85.42 85.22
N ARG XB 53 58.42 86.67 85.35
CA ARG XB 53 57.47 87.28 84.44
C ARG XB 53 58.14 87.47 83.06
N ASP XB 54 57.46 86.99 82.01
CA ASP XB 54 58.00 87.00 80.66
C ASP XB 54 57.69 88.34 79.97
N GLU XB 55 56.43 88.79 80.11
CA GLU XB 55 55.93 90.03 79.55
C GLU XB 55 54.97 90.69 80.54
N VAL XB 56 54.82 92.02 80.42
CA VAL XB 56 53.70 92.75 81.03
C VAL XB 56 53.18 93.79 80.03
N LYS XB 57 51.84 93.90 79.95
CA LYS XB 57 51.14 94.78 79.02
C LYS XB 57 49.99 95.49 79.75
N ARG XB 58 49.64 96.69 79.26
CA ARG XB 58 48.61 97.54 79.87
C ARG XB 58 47.41 97.72 78.92
N TYR XB 59 46.20 97.79 79.49
CA TYR XB 59 44.93 97.91 78.77
C TYR XB 59 43.86 98.50 79.69
N GLU XB 60 42.65 98.75 79.17
CA GLU XB 60 41.55 99.38 79.90
C GLU XB 60 42.03 100.62 80.67
N HIS XB 61 42.47 101.64 79.92
CA HIS XB 61 42.84 102.91 80.52
C HIS XB 61 41.59 103.62 81.03
N ASN XB 62 41.72 104.21 82.22
CA ASN XB 62 40.78 105.20 82.73
C ASN XB 62 41.53 106.12 83.70
N VAL XB 63 40.91 107.25 84.06
CA VAL XB 63 41.41 108.11 85.11
C VAL XB 63 40.37 108.12 86.23
N ASN XB 64 40.71 107.57 87.40
CA ASN XB 64 39.82 107.65 88.56
C ASN XB 64 39.84 109.07 89.11
N VAL XB 65 38.64 109.62 89.38
CA VAL XB 65 38.47 110.93 89.99
C VAL XB 65 37.63 110.76 91.26
N GLU XB 66 38.19 111.19 92.40
CA GLU XB 66 37.47 111.20 93.67
C GLU XB 66 37.55 112.62 94.26
N ILE XB 67 36.38 113.21 94.58
CA ILE XB 67 36.31 114.56 95.12
C ILE XB 67 35.39 114.59 96.34
N THR XB 68 35.86 115.19 97.44
CA THR XB 68 34.99 115.57 98.56
C THR XB 68 34.85 117.09 98.56
N TYR XB 69 33.61 117.59 98.69
CA TYR XB 69 33.36 119.03 98.61
C TYR XB 69 32.20 119.45 99.53
N ALA XB 70 32.12 120.76 99.83
CA ALA XB 70 31.29 121.28 100.91
C ALA XB 70 30.34 122.42 100.50
N LYS XB 71 30.52 122.97 99.28
CA LYS XB 71 29.60 123.96 98.74
C LYS XB 71 28.75 123.28 97.65
N PHE XB 72 27.42 123.32 97.80
CA PHE XB 72 26.51 122.74 96.82
C PHE XB 72 26.50 123.59 95.54
N SER XB 73 26.64 122.95 94.37
CA SER XB 73 26.45 123.63 93.10
C SER XB 73 25.19 123.12 92.42
N LEU XB 74 24.20 124.02 92.26
CA LEU XB 74 22.94 123.68 91.64
C LEU XB 74 23.12 123.48 90.13
N GLU XB 75 24.03 124.25 89.51
CA GLU XB 75 24.31 124.10 88.09
C GLU XB 75 24.92 122.73 87.81
N PHE XB 76 25.90 122.32 88.63
CA PHE XB 76 26.60 121.06 88.43
C PHE XB 76 25.63 119.87 88.54
N ALA XB 77 24.69 119.95 89.49
CA ALA XB 77 23.69 118.91 89.69
C ALA XB 77 22.72 118.84 88.51
N GLN XB 78 22.30 120.00 87.98
CA GLN XB 78 21.35 120.07 86.88
C GLN XB 78 21.99 119.67 85.55
N GLU XB 79 23.30 119.94 85.39
CA GLU XB 79 24.10 119.44 84.27
C GLU XB 79 24.16 117.92 84.31
N TRP XB 80 24.44 117.34 85.49
CA TRP XB 80 24.52 115.90 85.69
C TRP XB 80 23.19 115.22 85.33
N LEU XB 81 22.06 115.78 85.79
CA LEU XB 81 20.74 115.25 85.50
C LEU XB 81 20.45 115.29 84.00
N GLY XB 82 20.74 116.42 83.34
CA GLY XB 82 20.31 116.70 81.97
C GLY XB 82 21.07 115.94 80.88
N GLY XB 83 22.26 115.41 81.21
CA GLY XB 83 23.09 114.71 80.24
C GLY XB 83 23.85 115.68 79.32
N PRO XB 84 24.57 115.19 78.28
CA PRO XB 84 25.36 116.05 77.39
C PRO XB 84 24.54 117.16 76.73
N GLY XB 85 25.05 118.40 76.88
CA GLY XB 85 24.54 119.58 76.18
C GLY XB 85 23.22 120.15 76.69
N ALA XB 86 22.72 119.70 77.86
CA ALA XB 86 21.48 120.24 78.43
C ALA XB 86 21.46 120.12 79.96
N THR XB 87 20.84 121.11 80.63
CA THR XB 87 20.49 121.04 82.04
C THR XB 87 19.07 120.47 82.19
N ALA XB 88 18.78 119.85 83.35
CA ALA XB 88 17.42 119.42 83.69
C ALA XB 88 17.15 119.56 85.19
N THR XB 89 15.86 119.74 85.54
CA THR XB 89 15.39 119.86 86.92
C THR XB 89 14.86 118.53 87.47
N ALA XB 90 14.97 117.44 86.69
CA ALA XB 90 14.46 116.13 87.08
C ALA XB 90 15.32 115.04 86.42
N SER XB 91 15.31 113.81 86.97
CA SER XB 91 15.98 112.68 86.34
C SER XB 91 15.51 112.54 84.89
N GLN XB 92 16.45 112.27 83.97
CA GLN XB 92 16.13 112.10 82.56
C GLN XB 92 16.21 110.62 82.20
N ASP XB 93 15.16 110.13 81.51
CA ASP XB 93 15.07 108.75 81.07
C ASP XB 93 15.80 108.59 79.73
N ASP XB 94 17.14 108.76 79.77
CA ASP XB 94 18.00 108.61 78.59
C ASP XB 94 19.38 108.05 78.96
N SER XB 95 20.09 107.53 77.96
CA SER XB 95 21.22 106.62 78.14
C SER XB 95 22.60 107.32 78.14
N ASP XB 96 22.65 108.63 77.89
CA ASP XB 96 23.92 109.36 77.83
C ASP XB 96 24.22 110.02 79.18
N PRO XB 97 25.33 109.66 79.90
CA PRO XB 97 25.74 110.40 81.08
C PRO XB 97 26.40 111.72 80.66
N MET XB 98 26.25 112.75 81.51
CA MET XB 98 26.92 114.02 81.30
C MET XB 98 28.43 113.82 81.44
N LYS XB 99 29.17 114.26 80.41
CA LYS XB 99 30.63 114.20 80.39
C LYS XB 99 31.18 115.58 80.71
N PHE XB 100 32.02 115.65 81.76
CA PHE XB 100 32.64 116.89 82.18
C PHE XB 100 34.12 116.84 81.81
N ASN XB 101 34.64 117.92 81.22
CA ASN XB 101 36.07 118.14 81.21
C ASN XB 101 36.48 118.70 82.58
N LEU XB 102 37.57 118.17 83.14
CA LEU XB 102 38.08 118.60 84.43
C LEU XB 102 39.50 119.15 84.24
N GLU XB 103 39.82 120.24 84.95
CA GLU XB 103 41.18 120.74 85.01
C GLU XB 103 41.50 121.23 86.42
N ASN XB 104 42.68 120.83 86.92
CA ASN XB 104 43.22 121.29 88.19
C ASN XB 104 44.60 121.89 87.97
N VAL XB 105 44.80 123.15 88.39
CA VAL XB 105 46.06 123.87 88.24
C VAL XB 105 46.65 124.12 89.64
N THR XB 106 47.91 123.72 89.85
CA THR XB 106 48.51 123.74 91.19
C THR XB 106 50.00 124.12 91.16
N PRO XB 107 50.38 125.33 91.66
CA PRO XB 107 51.80 125.65 91.92
C PRO XB 107 52.39 124.77 93.03
N SER XB 108 53.68 124.44 92.90
CA SER XB 108 54.43 123.69 93.92
C SER XB 108 54.78 124.61 95.10
N ALA XB 109 55.26 124.04 96.20
CA ALA XB 109 55.41 124.72 97.48
C ALA XB 109 56.34 125.94 97.43
N SER XB 110 57.37 125.92 96.56
CA SER XB 110 58.27 127.05 96.36
C SER XB 110 57.93 127.86 95.10
N GLY XB 111 56.89 127.43 94.36
CA GLY XB 111 56.62 127.93 93.02
C GLY XB 111 57.63 127.46 91.96
N GLY XB 112 58.40 126.39 92.27
CA GLY XB 112 59.43 125.84 91.39
C GLY XB 112 58.87 125.28 90.08
N PHE XB 113 57.60 124.85 90.10
CA PHE XB 113 56.81 124.49 88.93
C PHE XB 113 55.33 124.67 89.24
N GLU XB 114 54.48 124.61 88.20
CA GLU XB 114 53.04 124.63 88.36
C GLU XB 114 52.45 123.48 87.54
N ARG XB 115 52.04 122.37 88.20
CA ARG XB 115 51.42 121.28 87.47
C ARG XB 115 50.00 121.69 87.05
N THR XB 116 49.69 121.48 85.77
CA THR XB 116 48.32 121.48 85.28
C THR XB 116 47.95 120.03 84.93
N THR XB 117 46.90 119.52 85.58
CA THR XB 117 46.30 118.24 85.24
C THR XB 117 44.94 118.48 84.57
N ALA XB 118 44.78 117.94 83.34
CA ALA XB 118 43.51 118.03 82.63
C ALA XB 118 43.03 116.62 82.24
N VAL XB 119 41.74 116.33 82.52
CA VAL XB 119 41.15 115.01 82.36
C VAL XB 119 39.88 115.15 81.50
N GLU XB 120 39.79 114.38 80.40
CA GLU XB 120 38.65 114.47 79.49
C GLU XB 120 37.53 113.53 79.91
N ASN XB 121 36.29 113.95 79.61
CA ASN XB 121 35.09 113.11 79.63
C ASN XB 121 34.93 112.37 80.96
N VAL XB 122 35.06 113.09 82.08
CA VAL XB 122 34.77 112.53 83.41
C VAL XB 122 33.27 112.32 83.52
N VAL XB 123 32.87 111.11 83.96
CA VAL XB 123 31.48 110.79 84.25
C VAL XB 123 31.38 110.29 85.70
N PHE XB 124 30.25 110.62 86.36
CA PHE XB 124 29.99 110.22 87.73
C PHE XB 124 28.79 109.28 87.75
N PRO XB 125 28.93 107.98 88.13
CA PRO XB 125 27.80 107.05 88.18
C PRO XB 125 26.65 107.48 89.10
N GLU XB 126 27.00 108.22 90.17
CA GLU XB 126 26.04 108.70 91.14
C GLU XB 126 26.41 110.10 91.62
N LEU XB 127 25.38 110.87 91.97
CA LEU XB 127 25.51 112.25 92.40
C LEU XB 127 24.82 112.41 93.76
N PRO XB 128 25.53 112.81 94.84
CA PRO XB 128 24.85 113.18 96.10
C PRO XB 128 24.15 114.53 95.94
N LEU XB 129 22.87 114.58 96.33
CA LEU XB 129 22.11 115.83 96.33
C LEU XB 129 22.03 116.40 97.74
N ASP XB 130 21.33 115.69 98.62
CA ASP XB 130 21.23 116.02 100.04
C ASP XB 130 22.16 115.09 100.81
N SER XB 131 22.90 115.65 101.77
CA SER XB 131 23.92 114.92 102.52
C SER XB 131 24.12 115.60 103.87
N ALA XB 132 23.05 115.57 104.67
CA ALA XB 132 22.93 116.34 105.91
C ALA XB 132 23.19 115.47 107.13
N THR XB 133 23.94 116.03 108.10
CA THR XB 133 24.12 115.47 109.43
C THR XB 133 23.89 116.57 110.45
N TYR XB 134 23.09 116.29 111.49
CA TYR XB 134 22.62 117.33 112.39
C TYR XB 134 23.77 118.02 113.13
N GLY XB 135 23.71 119.36 113.16
CA GLY XB 135 24.71 120.20 113.80
C GLY XB 135 25.99 120.37 112.98
N GLU XB 136 25.91 120.15 111.65
CA GLU XB 136 27.06 120.27 110.75
C GLU XB 136 26.60 120.85 109.41
N TYR XB 137 27.56 121.32 108.61
CA TYR XB 137 27.31 121.67 107.22
C TYR XB 137 27.26 120.37 106.40
N GLU XB 138 26.51 120.39 105.29
CA GLU XB 138 26.45 119.26 104.37
C GLU XB 138 27.82 119.04 103.72
N GLU XB 139 28.16 117.77 103.46
CA GLU XB 139 29.40 117.40 102.77
C GLU XB 139 29.09 116.31 101.75
N TYR XB 140 29.76 116.38 100.57
CA TYR XB 140 29.41 115.57 99.41
C TYR XB 140 30.65 114.85 98.87
N SER XB 141 30.46 113.59 98.43
CA SER XB 141 31.51 112.78 97.83
C SER XB 141 31.13 112.40 96.40
N LEU XB 142 32.03 112.68 95.44
CA LEU XB 142 31.92 112.22 94.07
C LEU XB 142 32.99 111.15 93.79
N THR XB 143 32.56 110.02 93.23
CA THR XB 143 33.43 109.07 92.57
C THR XB 143 33.06 109.03 91.08
N GLY XB 144 34.06 109.11 90.20
CA GLY XB 144 33.83 109.04 88.76
C GLY XB 144 35.08 108.64 88.00
N SER XB 145 35.00 108.60 86.66
CA SER XB 145 36.17 108.30 85.84
C SER XB 145 36.19 109.07 84.52
N GLY XB 146 37.39 109.57 84.18
CA GLY XB 146 37.68 110.19 82.90
C GLY XB 146 38.27 109.21 81.89
N ARG XB 147 38.17 109.57 80.60
CA ARG XB 147 38.65 108.74 79.50
C ARG XB 147 40.17 108.72 79.42
N SER XB 148 40.81 109.89 79.59
CA SER XB 148 42.26 110.04 79.52
C SER XB 148 42.70 111.36 80.16
N VAL XB 149 44.01 111.46 80.46
CA VAL XB 149 44.67 112.72 80.79
C VAL XB 149 45.01 113.41 79.47
N THR XB 150 44.46 114.63 79.26
CA THR XB 150 44.76 115.40 78.05
C THR XB 150 46.03 116.23 78.22
N ASN XB 151 46.33 116.63 79.48
CA ASN XB 151 47.49 117.44 79.78
C ASN XB 151 48.02 117.14 81.18
N LEU XB 152 49.34 116.90 81.26
CA LEU XB 152 50.11 116.94 82.51
C LEU XB 152 51.47 117.58 82.21
N ALA XB 153 51.59 118.87 82.56
CA ALA XB 153 52.77 119.66 82.25
C ALA XB 153 52.99 120.73 83.31
N ASP XB 154 54.23 121.22 83.39
CA ASP XB 154 54.55 122.47 84.06
C ASP XB 154 54.03 123.62 83.19
N THR XB 155 53.11 124.43 83.76
CA THR XB 155 52.54 125.58 83.06
C THR XB 155 53.09 126.91 83.60
N SER XB 156 54.14 126.86 84.42
CA SER XB 156 54.84 128.05 84.92
C SER XB 156 55.49 128.82 83.77
N GLY XB 157 55.53 130.16 83.88
CA GLY XB 157 56.21 131.03 82.95
C GLY XB 157 55.60 131.02 81.56
N ALA YB 2 25.08 132.07 86.33
CA ALA YB 2 24.50 130.95 87.11
C ALA YB 2 24.53 131.28 88.60
N THR YB 3 23.81 130.48 89.41
CA THR YB 3 23.75 130.62 90.86
C THR YB 3 25.10 130.17 91.44
N SER YB 4 25.73 131.03 92.28
CA SER YB 4 27.02 130.74 92.88
C SER YB 4 26.91 129.57 93.88
N PRO YB 5 27.80 128.54 93.80
CA PRO YB 5 27.82 127.47 94.81
C PRO YB 5 28.07 127.97 96.24
N GLU YB 6 27.43 127.34 97.22
CA GLU YB 6 27.42 127.83 98.60
C GLU YB 6 27.29 126.67 99.59
N GLY YB 7 27.81 126.86 100.81
CA GLY YB 7 27.66 125.91 101.91
C GLY YB 7 26.22 125.82 102.41
N ILE YB 8 25.85 124.68 103.02
CA ILE YB 8 24.49 124.44 103.47
C ILE YB 8 24.52 123.89 104.90
N TRP YB 9 23.84 124.57 105.83
CA TRP YB 9 23.69 124.12 107.21
C TRP YB 9 22.65 123.02 107.26
N SER YB 10 23.02 121.82 107.75
CA SER YB 10 22.18 120.62 107.66
C SER YB 10 20.79 120.83 108.26
N ASN YB 11 20.73 121.48 109.43
CA ASN YB 11 19.52 121.61 110.23
C ASN YB 11 18.48 122.50 109.55
N SER YB 12 18.87 123.25 108.50
CA SER YB 12 17.98 124.13 107.75
C SER YB 12 16.97 123.32 106.92
N GLY YB 13 17.26 122.04 106.68
CA GLY YB 13 16.45 121.19 105.82
C GLY YB 13 15.15 120.73 106.48
N ALA YB 14 14.03 120.93 105.77
CA ALA YB 14 12.73 120.37 106.14
C ALA YB 14 12.42 119.16 105.25
N LEU YB 15 12.39 117.97 105.86
CA LEU YB 15 12.07 116.71 105.18
C LEU YB 15 10.61 116.34 105.46
N THR YB 16 9.89 115.92 104.40
CA THR YB 16 8.50 115.50 104.51
C THR YB 16 8.26 114.26 103.64
N PHE YB 17 7.29 113.43 104.06
CA PHE YB 17 6.82 112.27 103.31
C PHE YB 17 5.34 112.46 102.95
N GLU YB 18 4.96 112.01 101.75
CA GLU YB 18 3.58 112.12 101.28
C GLU YB 18 3.11 110.80 100.69
N ASP YB 19 1.82 110.49 100.91
CA ASP YB 19 1.13 109.40 100.22
C ASP YB 19 0.92 109.80 98.76
N PRO YB 20 1.50 109.08 97.76
CA PRO YB 20 1.34 109.43 96.35
C PRO YB 20 -0.08 109.30 95.79
N ALA YB 21 -1.00 108.67 96.54
CA ALA YB 21 -2.40 108.60 96.16
C ALA YB 21 -3.11 109.94 96.38
N ASP YB 22 -2.61 110.77 97.30
CA ASP YB 22 -3.31 111.95 97.79
C ASP YB 22 -2.48 113.23 97.62
N ASP YB 23 -1.15 113.10 97.71
CA ASP YB 23 -0.24 114.16 98.12
C ASP YB 23 -0.54 114.64 99.55
N SER YB 24 -1.08 113.76 100.41
CA SER YB 24 -1.29 114.05 101.83
C SER YB 24 -0.04 113.68 102.63
N GLU YB 25 0.28 114.47 103.66
CA GLU YB 25 1.49 114.24 104.46
C GLU YB 25 1.33 112.98 105.32
N ILE YB 26 2.42 112.19 105.41
CA ILE YB 26 2.60 111.14 106.40
C ILE YB 26 3.59 111.67 107.44
N LEU YB 27 3.18 111.69 108.72
CA LEU YB 27 3.95 112.36 109.75
C LEU YB 27 5.27 111.63 110.01
N PHE YB 28 6.36 112.40 109.97
CA PHE YB 28 7.72 111.93 110.19
C PHE YB 28 8.56 113.09 110.76
N ALA YB 29 9.52 112.78 111.64
CA ALA YB 29 10.19 113.81 112.43
C ALA YB 29 11.54 113.32 112.98
N GLY YB 30 12.34 114.27 113.49
CA GLY YB 30 13.50 113.99 114.32
C GLY YB 30 14.68 113.37 113.57
N VAL YB 31 14.93 113.83 112.32
CA VAL YB 31 16.05 113.33 111.52
C VAL YB 31 17.38 113.81 112.10
N ARG YB 32 18.42 112.98 111.88
CA ARG YB 32 19.78 113.21 112.37
C ARG YB 32 20.80 113.06 111.24
N ASP YB 33 20.51 112.16 110.29
CA ASP YB 33 21.18 112.12 108.99
C ASP YB 33 20.13 112.01 107.88
N VAL YB 34 20.40 112.64 106.73
CA VAL YB 34 19.62 112.46 105.51
C VAL YB 34 20.59 112.50 104.32
N THR YB 35 20.72 111.37 103.60
CA THR YB 35 21.47 111.32 102.34
C THR YB 35 20.53 110.92 101.20
N ILE YB 36 20.53 111.71 100.11
CA ILE YB 36 19.78 111.41 98.90
C ILE YB 36 20.77 111.40 97.73
N THR YB 37 20.85 110.25 97.03
CA THR YB 37 21.84 110.05 95.97
C THR YB 37 21.20 109.40 94.75
N PRO YB 38 20.81 110.19 93.71
CA PRO YB 38 20.57 109.65 92.37
C PRO YB 38 21.78 108.89 91.82
N ALA YB 39 21.49 107.71 91.25
CA ALA YB 39 22.52 106.83 90.73
C ALA YB 39 22.04 106.18 89.42
N TYR YB 40 23.02 105.82 88.58
CA TYR YB 40 22.80 104.93 87.45
C TYR YB 40 23.90 103.86 87.48
N GLU YB 41 23.58 102.68 86.95
CA GLU YB 41 24.62 101.76 86.50
C GLU YB 41 25.27 102.33 85.24
N HIS YB 42 26.60 102.23 85.15
CA HIS YB 42 27.35 102.62 83.97
C HIS YB 42 27.93 101.40 83.27
N ALA YB 43 27.94 101.44 81.93
CA ALA YB 43 28.60 100.43 81.12
C ALA YB 43 29.53 101.10 80.10
N GLU YB 44 30.76 100.58 80.02
CA GLU YB 44 31.85 101.20 79.27
C GLU YB 44 32.32 100.25 78.18
N LEU YB 45 32.46 100.77 76.95
CA LEU YB 45 32.88 99.96 75.81
C LEU YB 45 34.40 100.06 75.64
N TYR YB 46 35.05 98.88 75.59
CA TYR YB 46 36.46 98.74 75.26
C TYR YB 46 36.63 97.64 74.22
N THR YB 47 37.53 97.86 73.25
CA THR YB 47 37.78 96.93 72.16
C THR YB 47 39.29 96.89 71.86
N ILE YB 48 39.72 95.95 71.01
CA ILE YB 48 41.12 95.81 70.60
C ILE YB 48 41.63 97.05 69.85
N ASP YB 49 40.73 97.91 69.33
CA ASP YB 49 41.09 99.12 68.60
C ASP YB 49 41.96 100.07 69.43
N SER YB 50 41.64 100.22 70.73
CA SER YB 50 42.22 101.26 71.58
C SER YB 50 42.18 100.83 73.05
N THR YB 51 43.18 101.28 73.83
CA THR YB 51 43.22 101.11 75.27
C THR YB 51 42.25 102.05 75.98
N PHE YB 52 41.84 103.13 75.30
CA PHE YB 52 40.93 104.13 75.86
C PHE YB 52 39.49 103.68 75.66
N ARG YB 53 38.59 104.20 76.52
CA ARG YB 53 37.15 103.97 76.49
C ARG YB 53 36.55 104.46 75.17
N ASP YB 54 35.87 103.56 74.44
CA ASP YB 54 35.17 103.89 73.20
C ASP YB 54 33.90 104.68 73.49
N GLU YB 55 33.10 104.20 74.47
CA GLU YB 55 31.79 104.74 74.81
C GLU YB 55 31.51 104.55 76.30
N VAL YB 56 30.58 105.34 76.85
CA VAL YB 56 29.98 105.09 78.16
C VAL YB 56 28.48 105.44 78.11
N LYS YB 57 27.65 104.60 78.75
CA LYS YB 57 26.20 104.71 78.78
C LYS YB 57 25.67 104.45 80.19
N ARG YB 58 24.45 104.94 80.49
CA ARG YB 58 23.83 104.84 81.81
C ARG YB 58 22.50 104.09 81.73
N TYR YB 59 22.18 103.31 82.79
CA TYR YB 59 20.98 102.47 82.88
C TYR YB 59 20.67 102.18 84.35
N GLU YB 60 19.53 101.51 84.64
CA GLU YB 60 19.05 101.23 85.99
C GLU YB 60 19.15 102.47 86.89
N HIS YB 61 18.31 103.47 86.59
CA HIS YB 61 18.23 104.63 87.45
C HIS YB 61 17.53 104.26 88.76
N ASN YB 62 18.08 104.76 89.87
CA ASN YB 62 17.41 104.75 91.16
C ASN YB 62 17.98 105.87 92.03
N VAL YB 63 17.21 106.29 93.04
CA VAL YB 63 17.65 107.29 94.00
C VAL YB 63 17.81 106.60 95.35
N ASN YB 64 19.07 106.44 95.81
CA ASN YB 64 19.33 105.91 97.14
C ASN YB 64 18.91 106.94 98.20
N VAL YB 65 18.20 106.47 99.23
CA VAL YB 65 17.77 107.30 100.35
C VAL YB 65 18.24 106.65 101.65
N GLU YB 66 19.08 107.38 102.40
CA GLU YB 66 19.52 106.97 103.73
C GLU YB 66 19.02 108.00 104.75
N ILE YB 67 18.32 107.54 105.81
CA ILE YB 67 17.87 108.43 106.88
C ILE YB 67 18.22 107.81 108.24
N THR YB 68 18.82 108.61 109.13
CA THR YB 68 18.88 108.31 110.56
C THR YB 68 17.92 109.26 111.29
N TYR YB 69 17.08 108.73 112.20
CA TYR YB 69 16.11 109.56 112.91
C TYR YB 69 15.84 109.03 114.32
N ALA YB 70 15.31 109.88 115.21
CA ALA YB 70 15.18 109.55 116.63
C ALA YB 70 13.82 109.89 117.25
N LYS YB 71 12.87 110.42 116.46
CA LYS YB 71 11.46 110.50 116.88
C LYS YB 71 10.67 109.43 116.15
N PHE YB 72 10.11 108.46 116.88
CA PHE YB 72 9.34 107.37 116.29
C PHE YB 72 8.01 107.90 115.75
N SER YB 73 7.67 107.52 114.51
CA SER YB 73 6.35 107.80 113.95
C SER YB 73 5.55 106.50 113.81
N LEU YB 74 4.43 106.44 114.53
CA LEU YB 74 3.53 105.30 114.47
C LEU YB 74 2.77 105.27 113.13
N GLU YB 75 2.44 106.45 112.58
CA GLU YB 75 1.78 106.53 111.29
C GLU YB 75 2.67 105.99 110.18
N PHE YB 76 3.94 106.41 110.15
CA PHE YB 76 4.89 105.97 109.14
C PHE YB 76 5.04 104.44 109.15
N ALA YB 77 5.13 103.86 110.35
CA ALA YB 77 5.25 102.42 110.51
C ALA YB 77 3.99 101.69 110.03
N GLN YB 78 2.80 102.20 110.37
CA GLN YB 78 1.53 101.58 110.01
C GLN YB 78 1.25 101.70 108.51
N GLU YB 79 1.70 102.81 107.89
CA GLU YB 79 1.68 102.98 106.44
C GLU YB 79 2.57 101.95 105.75
N TRP YB 80 3.80 101.77 106.26
CA TRP YB 80 4.75 100.82 105.71
C TRP YB 80 4.20 99.39 105.76
N LEU YB 81 3.56 99.03 106.88
CA LEU YB 81 2.95 97.71 107.05
C LEU YB 81 1.78 97.52 106.07
N GLY YB 82 0.95 98.57 105.91
CA GLY YB 82 -0.31 98.50 105.18
C GLY YB 82 -0.16 98.38 103.66
N GLY YB 83 0.96 98.86 103.11
CA GLY YB 83 1.15 98.92 101.67
C GLY YB 83 0.40 100.10 101.05
N PRO YB 84 0.40 100.25 99.69
CA PRO YB 84 -0.21 101.42 99.03
C PRO YB 84 -1.70 101.61 99.37
N GLY YB 85 -2.04 102.83 99.79
CA GLY YB 85 -3.40 103.26 100.05
C GLY YB 85 -4.05 102.66 101.31
N ALA YB 86 -3.24 102.14 102.25
CA ALA YB 86 -3.77 101.52 103.46
C ALA YB 86 -2.78 101.59 104.63
N THR YB 87 -3.32 101.47 105.85
CA THR YB 87 -2.55 101.32 107.08
C THR YB 87 -2.89 99.98 107.73
N ALA YB 88 -1.91 99.38 108.44
CA ALA YB 88 -2.14 98.13 109.16
C ALA YB 88 -1.38 98.09 110.48
N THR YB 89 -1.94 97.35 111.45
CA THR YB 89 -1.35 97.11 112.76
C THR YB 89 -0.60 95.78 112.80
N ALA YB 90 -0.50 95.07 111.66
CA ALA YB 90 0.17 93.79 111.57
C ALA YB 90 0.78 93.64 110.17
N SER YB 91 1.79 92.76 110.02
CA SER YB 91 2.36 92.45 108.72
C SER YB 91 1.26 92.03 107.74
N GLN YB 92 1.36 92.50 106.49
CA GLN YB 92 0.40 92.16 105.45
C GLN YB 92 1.03 91.17 104.48
N ASP YB 93 0.27 90.11 104.15
CA ASP YB 93 0.71 89.06 103.25
C ASP YB 93 0.37 89.45 101.81
N ASP YB 94 1.04 90.49 101.29
CA ASP YB 94 0.80 90.99 99.94
C ASP YB 94 2.09 91.52 99.30
N SER YB 95 2.05 91.63 97.96
CA SER YB 95 3.24 91.83 97.14
C SER YB 95 3.63 93.29 96.94
N ASP YB 96 2.77 94.25 97.32
CA ASP YB 96 2.98 95.67 97.04
C ASP YB 96 3.65 96.37 98.22
N PRO YB 97 4.90 96.90 98.10
CA PRO YB 97 5.48 97.73 99.15
C PRO YB 97 4.82 99.11 99.15
N MET YB 98 4.76 99.73 100.32
CA MET YB 98 4.31 101.11 100.47
C MET YB 98 5.31 102.04 99.78
N LYS YB 99 4.82 102.83 98.81
CA LYS YB 99 5.60 103.81 98.08
C LYS YB 99 5.33 105.20 98.67
N PHE YB 100 6.40 105.87 99.11
CA PHE YB 100 6.30 107.21 99.68
C PHE YB 100 6.87 108.21 98.68
N ASN YB 101 6.15 109.32 98.45
CA ASN YB 101 6.80 110.50 97.89
C ASN YB 101 7.59 111.18 99.01
N LEU YB 102 8.78 111.69 98.67
CA LEU YB 102 9.67 112.34 99.63
C LEU YB 102 10.06 113.70 99.08
N GLU YB 103 10.09 114.72 99.95
CA GLU YB 103 10.59 116.03 99.57
C GLU YB 103 11.45 116.62 100.70
N ASN YB 104 12.60 117.19 100.32
CA ASN YB 104 13.48 117.90 101.23
C ASN YB 104 13.69 119.32 100.70
N VAL YB 105 13.38 120.33 101.54
CA VAL YB 105 13.53 121.74 101.20
C VAL YB 105 14.59 122.34 102.12
N THR YB 106 15.63 122.97 101.53
CA THR YB 106 16.78 123.43 102.30
C THR YB 106 17.27 124.80 101.81
N PRO YB 107 17.06 125.90 102.59
CA PRO YB 107 17.75 127.16 102.37
C PRO YB 107 19.28 127.02 102.47
N SER YB 108 19.99 127.72 101.56
CA SER YB 108 21.44 127.79 101.52
C SER YB 108 21.93 128.68 102.66
N ALA YB 109 23.23 128.60 103.00
CA ALA YB 109 23.80 129.23 104.19
C ALA YB 109 23.59 130.75 104.24
N SER YB 110 23.68 131.45 103.09
CA SER YB 110 23.46 132.89 103.00
C SER YB 110 22.02 133.24 102.59
N GLY YB 111 21.18 132.22 102.35
CA GLY YB 111 19.88 132.40 101.73
C GLY YB 111 19.95 132.65 100.22
N GLY YB 112 21.11 132.38 99.58
CA GLY YB 112 21.36 132.67 98.17
C GLY YB 112 20.53 131.83 97.19
N PHE YB 113 20.05 130.66 97.66
CA PHE YB 113 19.10 129.80 96.96
C PHE YB 113 18.39 128.90 97.97
N GLU YB 114 17.26 128.30 97.56
CA GLU YB 114 16.52 127.35 98.38
C GLU YB 114 16.34 126.05 97.61
N ARG YB 115 17.23 125.08 97.87
CA ARG YB 115 17.24 123.80 97.18
C ARG YB 115 16.02 122.99 97.60
N THR YB 116 15.14 122.67 96.63
CA THR YB 116 14.10 121.67 96.81
C THR YB 116 14.49 120.41 96.04
N THR YB 117 14.61 119.28 96.76
CA THR YB 117 14.79 117.97 96.17
C THR YB 117 13.53 117.15 96.41
N ALA YB 118 12.91 116.62 95.34
CA ALA YB 118 11.75 115.76 95.46
C ALA YB 118 11.99 114.42 94.76
N VAL YB 119 11.59 113.32 95.42
CA VAL YB 119 11.86 111.96 94.98
C VAL YB 119 10.52 111.20 94.96
N GLU YB 120 10.21 110.54 93.83
CA GLU YB 120 8.98 109.77 93.71
C GLU YB 120 9.20 108.32 94.14
N ASN YB 121 8.16 107.73 94.74
CA ASN YB 121 8.04 106.29 94.97
C ASN YB 121 9.27 105.71 95.68
N VAL YB 122 9.66 106.32 96.80
CA VAL YB 122 10.68 105.75 97.68
C VAL YB 122 10.05 104.54 98.38
N VAL YB 123 10.77 103.40 98.36
CA VAL YB 123 10.39 102.20 99.10
C VAL YB 123 11.55 101.78 100.01
N PHE YB 124 11.21 101.21 101.17
CA PHE YB 124 12.19 100.77 102.16
C PHE YB 124 12.07 99.25 102.32
N PRO YB 125 13.10 98.45 101.95
CA PRO YB 125 13.05 96.98 102.10
C PRO YB 125 12.80 96.50 103.54
N GLU YB 126 13.26 97.29 104.51
CA GLU YB 126 13.09 96.96 105.92
C GLU YB 126 12.83 98.22 106.76
N LEU YB 127 12.07 98.02 107.84
CA LEU YB 127 11.64 99.08 108.73
C LEU YB 127 12.08 98.71 110.16
N PRO YB 128 12.89 99.55 110.86
CA PRO YB 128 13.12 99.34 112.30
C PRO YB 128 11.91 99.78 113.12
N LEU YB 129 11.48 98.93 114.05
CA LEU YB 129 10.38 99.24 114.97
C LEU YB 129 10.92 99.53 116.37
N ASP YB 130 11.89 98.72 116.80
CA ASP YB 130 12.57 98.87 118.08
C ASP YB 130 14.07 98.98 117.80
N SER YB 131 14.74 99.84 118.57
CA SER YB 131 16.16 100.13 118.40
C SER YB 131 16.71 100.70 119.71
N ALA YB 132 16.48 99.94 120.80
CA ALA YB 132 16.83 100.34 122.15
C ALA YB 132 18.29 100.02 122.45
N THR YB 133 18.96 100.94 123.16
CA THR YB 133 20.24 100.70 123.83
C THR YB 133 20.15 101.32 125.22
N TYR YB 134 20.58 100.57 126.25
CA TYR YB 134 20.41 100.98 127.64
C TYR YB 134 21.08 102.33 127.91
N GLY YB 135 20.32 103.27 128.51
CA GLY YB 135 20.80 104.60 128.85
C GLY YB 135 20.85 105.58 127.68
N GLU YB 136 20.08 105.33 126.61
CA GLU YB 136 20.01 106.21 125.45
C GLU YB 136 18.57 106.28 124.93
N TYR YB 137 18.24 107.35 124.19
CA TYR YB 137 17.02 107.42 123.39
C TYR YB 137 17.17 106.54 122.16
N GLU YB 138 16.07 105.92 121.71
CA GLU YB 138 16.07 105.07 120.52
C GLU YB 138 16.45 105.88 119.27
N GLU YB 139 17.22 105.24 118.37
CA GLU YB 139 17.62 105.83 117.10
C GLU YB 139 17.44 104.79 115.99
N TYR YB 140 16.92 105.22 114.83
CA TYR YB 140 16.44 104.34 113.78
C TYR YB 140 17.10 104.70 112.45
N SER YB 141 17.41 103.67 111.63
CA SER YB 141 18.02 103.85 110.32
C SER YB 141 17.13 103.27 109.22
N LEU YB 142 16.80 104.10 108.22
CA LEU YB 142 16.09 103.68 107.01
C LEU YB 142 17.04 103.73 105.81
N THR YB 143 17.12 102.62 105.06
CA THR YB 143 17.73 102.57 103.74
C THR YB 143 16.63 102.22 102.73
N GLY YB 144 16.53 103.00 101.64
CA GLY YB 144 15.50 102.77 100.63
C GLY YB 144 15.90 103.27 99.24
N SER YB 145 15.03 103.04 98.24
CA SER YB 145 15.28 103.48 96.87
C SER YB 145 14.04 104.11 96.23
N GLY YB 146 14.22 105.32 95.68
CA GLY YB 146 13.21 106.03 94.92
C GLY YB 146 13.36 105.80 93.41
N ARG YB 147 12.26 105.99 92.66
CA ARG YB 147 12.22 105.74 91.23
C ARG YB 147 13.00 106.81 90.46
N SER YB 148 12.78 108.10 90.80
CA SER YB 148 13.44 109.23 90.14
C SER YB 148 13.35 110.49 90.99
N VAL YB 149 14.21 111.47 90.66
CA VAL YB 149 14.10 112.84 91.16
C VAL YB 149 13.06 113.56 90.29
N THR YB 150 11.94 113.96 90.90
CA THR YB 150 10.89 114.68 90.18
C THR YB 150 11.20 116.18 90.09
N ASN YB 151 12.00 116.67 91.05
CA ASN YB 151 12.34 118.09 91.13
C ASN YB 151 13.69 118.28 91.84
N LEU YB 152 14.57 119.07 91.21
CA LEU YB 152 15.74 119.66 91.84
C LEU YB 152 15.91 121.08 91.32
N ALA YB 153 15.53 122.07 92.15
CA ALA YB 153 15.49 123.45 91.71
C ALA YB 153 15.75 124.41 92.88
N ASP YB 154 16.25 125.61 92.54
CA ASP YB 154 16.14 126.77 93.41
C ASP YB 154 14.68 127.20 93.47
N THR YB 155 14.11 127.17 94.67
CA THR YB 155 12.71 127.49 94.89
C THR YB 155 12.55 128.84 95.63
N SER YB 156 13.64 129.60 95.77
CA SER YB 156 13.62 130.93 96.35
C SER YB 156 12.81 131.89 95.47
N GLY YB 157 12.07 132.82 96.11
CA GLY YB 157 11.34 133.88 95.44
C GLY YB 157 10.28 133.36 94.46
N ALA ZB 2 -3.77 112.39 113.29
CA ALA ZB 2 -2.58 111.52 113.42
C ALA ZB 2 -1.88 111.78 114.75
N THR ZB 3 -1.20 110.75 115.28
CA THR ZB 3 -0.40 110.85 116.50
C THR ZB 3 0.94 111.50 116.17
N SER ZB 4 1.32 112.55 116.92
CA SER ZB 4 2.58 113.27 116.71
C SER ZB 4 3.77 112.35 116.99
N PRO ZB 5 4.76 112.23 116.07
CA PRO ZB 5 6.00 111.49 116.34
C PRO ZB 5 6.77 112.02 117.55
N GLU ZB 6 7.42 111.13 118.31
CA GLU ZB 6 8.04 111.47 119.58
C GLU ZB 6 9.27 110.61 119.86
N GLY ZB 7 10.23 111.15 120.62
CA GLY ZB 7 11.39 110.39 121.11
C GLY ZB 7 10.97 109.27 122.07
N ILE ZB 8 11.81 108.23 122.18
CA ILE ZB 8 11.54 107.10 123.06
C ILE ZB 8 12.78 106.82 123.90
N TRP ZB 9 12.64 106.84 125.24
CA TRP ZB 9 13.69 106.46 126.17
C TRP ZB 9 13.79 104.94 126.20
N SER ZB 10 14.97 104.38 125.89
CA SER ZB 10 15.13 102.93 125.68
C SER ZB 10 14.62 102.12 126.86
N ASN ZB 11 15.00 102.54 128.07
CA ASN ZB 11 14.81 101.78 129.30
C ASN ZB 11 13.33 101.63 129.68
N SER ZB 12 12.42 102.40 129.04
CA SER ZB 12 11.00 102.34 129.30
C SER ZB 12 10.38 101.05 128.75
N GLY ZB 13 11.08 100.37 127.84
CA GLY ZB 13 10.55 99.21 127.15
C GLY ZB 13 10.55 97.94 128.01
N ALA ZB 14 9.36 97.33 128.17
CA ALA ZB 14 9.20 96.04 128.82
C ALA ZB 14 9.13 94.93 127.76
N LEU ZB 15 10.21 94.16 127.63
CA LEU ZB 15 10.30 93.00 126.74
C LEU ZB 15 9.88 91.74 127.49
N THR ZB 16 9.10 90.87 126.81
CA THR ZB 16 8.68 89.57 127.34
C THR ZB 16 8.64 88.52 126.23
N PHE ZB 17 8.88 87.26 126.62
CA PHE ZB 17 8.75 86.09 125.75
C PHE ZB 17 7.64 85.19 126.27
N GLU ZB 18 6.89 84.56 125.34
CA GLU ZB 18 5.80 83.67 125.69
C GLU ZB 18 5.88 82.37 124.86
N ASP ZB 19 5.45 81.26 125.47
CA ASP ZB 19 5.26 79.99 124.77
C ASP ZB 19 4.00 80.08 123.93
N PRO ZB 20 4.06 79.99 122.57
CA PRO ZB 20 2.87 80.08 121.73
C PRO ZB 20 1.85 78.94 121.89
N ALA ZB 21 2.22 77.87 122.61
CA ALA ZB 21 1.29 76.80 122.94
C ALA ZB 21 0.30 77.20 124.03
N ASP ZB 22 0.69 78.17 124.88
CA ASP ZB 22 -0.03 78.54 126.09
C ASP ZB 22 -0.41 80.01 126.13
N ASP ZB 23 0.43 80.87 125.50
CA ASP ZB 23 0.58 82.28 125.83
C ASP ZB 23 1.08 82.50 127.27
N SER ZB 24 1.75 81.48 127.86
CA SER ZB 24 2.36 81.58 129.18
C SER ZB 24 3.75 82.22 129.05
N GLU ZB 25 4.16 83.00 130.07
CA GLU ZB 25 5.42 83.73 130.03
C GLU ZB 25 6.61 82.77 130.21
N ILE ZB 26 7.70 83.06 129.48
CA ILE ZB 26 9.01 82.46 129.64
C ILE ZB 26 9.94 83.52 130.24
N LEU ZB 27 10.52 83.23 131.41
CA LEU ZB 27 11.26 84.25 132.15
C LEU ZB 27 12.57 84.61 131.44
N PHE ZB 28 12.71 85.90 131.13
CA PHE ZB 28 13.85 86.48 130.45
C PHE ZB 28 13.99 87.94 130.93
N ALA ZB 29 15.24 88.41 131.07
CA ALA ZB 29 15.49 89.67 131.76
C ALA ZB 29 16.88 90.24 131.41
N GLY ZB 30 17.10 91.50 131.80
CA GLY ZB 30 18.42 92.13 131.80
C GLY ZB 30 18.91 92.54 130.42
N VAL ZB 31 17.99 93.01 129.55
CA VAL ZB 31 18.35 93.44 128.20
C VAL ZB 31 19.18 94.74 128.25
N ARG ZB 32 20.12 94.84 127.30
CA ARG ZB 32 21.00 95.99 127.13
C ARG ZB 32 20.82 96.63 125.75
N ASP ZB 33 20.50 95.79 124.74
CA ASP ZB 33 20.07 96.26 123.43
C ASP ZB 33 18.87 95.42 122.96
N VAL ZB 34 17.95 96.05 122.22
CA VAL ZB 34 16.86 95.36 121.55
C VAL ZB 34 16.62 96.03 120.19
N THR ZB 35 16.85 95.30 119.09
CA THR ZB 35 16.54 95.78 117.75
C THR ZB 35 15.51 94.83 117.10
N ILE ZB 36 14.37 95.39 116.65
CA ILE ZB 36 13.34 94.61 115.96
C ILE ZB 36 13.07 95.26 114.61
N THR ZB 37 13.24 94.48 113.53
CA THR ZB 37 13.23 95.02 112.17
C THR ZB 37 12.44 94.10 111.24
N PRO ZB 38 11.12 94.35 111.01
CA PRO ZB 38 10.42 93.80 109.85
C PRO ZB 38 11.12 94.11 108.53
N ALA ZB 39 11.18 93.10 107.66
CA ALA ZB 39 11.90 93.18 106.40
C ALA ZB 39 11.18 92.36 105.33
N TYR ZB 40 11.45 92.72 104.07
CA TYR ZB 40 11.10 91.92 102.91
C TYR ZB 40 12.26 91.99 101.91
N GLU ZB 41 12.37 90.97 101.06
CA GLU ZB 41 13.17 91.07 99.84
C GLU ZB 41 12.37 91.89 98.82
N HIS ZB 42 13.06 92.82 98.12
CA HIS ZB 42 12.46 93.61 97.05
C HIS ZB 42 13.00 93.19 95.69
N ALA ZB 43 12.10 93.00 94.72
CA ALA ZB 43 12.48 92.78 93.32
C ALA ZB 43 12.01 93.94 92.45
N GLU ZB 44 12.95 94.53 91.68
CA GLU ZB 44 12.70 95.70 90.86
C GLU ZB 44 12.75 95.29 89.38
N LEU ZB 45 11.73 95.71 88.60
CA LEU ZB 45 11.67 95.38 87.18
C LEU ZB 45 12.27 96.52 86.34
N TYR ZB 46 13.25 96.15 85.49
CA TYR ZB 46 13.82 97.04 84.50
C TYR ZB 46 13.89 96.32 83.14
N THR ZB 47 13.62 97.07 82.07
CA THR ZB 47 13.56 96.56 80.69
C THR ZB 47 14.09 97.65 79.74
N ILE ZB 48 14.43 97.27 78.49
CA ILE ZB 48 15.07 98.13 77.51
C ILE ZB 48 14.30 99.44 77.27
N ASP ZB 49 12.96 99.41 77.41
CA ASP ZB 49 12.08 100.51 77.08
C ASP ZB 49 12.17 101.71 78.04
N SER ZB 50 12.84 101.58 79.21
CA SER ZB 50 13.06 102.70 80.13
C SER ZB 50 14.28 102.44 81.03
N THR ZB 51 15.00 103.52 81.38
CA THR ZB 51 16.07 103.48 82.36
C THR ZB 51 15.50 103.49 83.79
N PHE ZB 52 14.24 103.92 83.95
CA PHE ZB 52 13.61 104.01 85.25
C PHE ZB 52 12.98 102.66 85.63
N ARG ZB 53 12.81 102.45 86.94
CA ARG ZB 53 12.18 101.27 87.51
C ARG ZB 53 10.72 101.19 87.07
N ASP ZB 54 10.32 100.04 86.50
CA ASP ZB 54 9.00 99.84 85.96
C ASP ZB 54 8.03 99.41 87.06
N GLU ZB 55 8.48 98.46 87.90
CA GLU ZB 55 7.72 97.91 89.01
C GLU ZB 55 8.66 97.61 90.19
N VAL ZB 56 8.09 97.57 91.41
CA VAL ZB 56 8.75 96.98 92.56
C VAL ZB 56 7.73 96.16 93.37
N LYS ZB 57 8.18 94.98 93.84
CA LYS ZB 57 7.36 94.02 94.57
C LYS ZB 57 8.16 93.46 95.75
N ARG ZB 58 7.44 92.99 96.79
CA ARG ZB 58 8.04 92.50 98.02
C ARG ZB 58 7.66 91.03 98.27
N TYR ZB 59 8.58 90.29 98.90
CA TYR ZB 59 8.47 88.85 99.19
C TYR ZB 59 9.44 88.48 100.31
N GLU ZB 60 9.36 87.23 100.82
CA GLU ZB 60 10.15 86.73 101.95
C GLU ZB 60 10.12 87.70 103.14
N HIS ZB 61 8.93 87.85 103.70
CA HIS ZB 61 8.79 88.56 104.95
C HIS ZB 61 9.48 87.78 106.08
N ASN ZB 62 10.21 88.53 106.91
CA ASN ZB 62 10.63 88.06 108.23
C ASN ZB 62 10.78 89.29 109.14
N VAL ZB 63 10.87 89.05 110.45
CA VAL ZB 63 11.19 90.09 111.40
C VAL ZB 63 12.54 89.74 112.02
N ASN ZB 64 13.58 90.52 111.71
CA ASN ZB 64 14.88 90.34 112.34
C ASN ZB 64 14.81 90.81 113.80
N VAL ZB 65 15.31 89.97 114.72
CA VAL ZB 65 15.37 90.27 116.14
C VAL ZB 65 16.82 90.14 116.62
N GLU ZB 66 17.38 91.26 117.13
CA GLU ZB 66 18.69 91.27 117.78
C GLU ZB 66 18.49 91.67 119.24
N ILE ZB 67 19.03 90.89 120.19
CA ILE ZB 67 18.98 91.23 121.61
C ILE ZB 67 20.38 91.06 122.23
N THR ZB 68 20.86 92.06 122.96
CA THR ZB 68 21.98 91.90 123.90
C THR ZB 68 21.42 91.89 125.32
N TYR ZB 69 21.86 90.94 126.16
CA TYR ZB 69 21.34 90.84 127.53
C TYR ZB 69 22.40 90.33 128.51
N ALA ZB 70 22.17 90.56 129.81
CA ALA ZB 70 23.20 90.46 130.84
C ALA ZB 70 22.81 89.59 132.05
N LYS ZB 71 21.53 89.17 132.14
CA LYS ZB 71 21.08 88.22 133.15
C LYS ZB 71 20.80 86.88 132.46
N PHE ZB 72 21.41 85.80 132.95
CA PHE ZB 72 21.19 84.49 132.37
C PHE ZB 72 19.85 83.93 132.81
N SER ZB 73 19.12 83.29 131.88
CA SER ZB 73 17.88 82.58 132.19
C SER ZB 73 18.02 81.10 131.86
N LEU ZB 74 17.89 80.24 132.89
CA LEU ZB 74 17.88 78.80 132.71
C LEU ZB 74 16.62 78.35 131.96
N GLU ZB 75 15.46 78.98 132.26
CA GLU ZB 75 14.21 78.62 131.61
C GLU ZB 75 14.29 78.85 130.10
N PHE ZB 76 14.73 80.04 129.70
CA PHE ZB 76 14.84 80.39 128.28
C PHE ZB 76 15.77 79.42 127.55
N ALA ZB 77 16.92 79.09 128.16
CA ALA ZB 77 17.91 78.19 127.57
C ALA ZB 77 17.35 76.77 127.44
N GLN ZB 78 16.62 76.30 128.46
CA GLN ZB 78 16.09 74.94 128.46
C GLN ZB 78 14.88 74.81 127.53
N GLU ZB 79 14.14 75.92 127.33
CA GLU ZB 79 13.07 76.00 126.34
C GLU ZB 79 13.66 75.92 124.93
N TRP ZB 80 14.78 76.64 124.70
CA TRP ZB 80 15.46 76.63 123.41
C TRP ZB 80 15.98 75.23 123.07
N LEU ZB 81 16.57 74.53 124.07
CA LEU ZB 81 17.06 73.17 123.88
C LEU ZB 81 15.91 72.21 123.56
N GLY ZB 82 14.83 72.28 124.37
CA GLY ZB 82 13.76 71.30 124.36
C GLY ZB 82 12.88 71.31 123.11
N GLY ZB 83 12.84 72.44 122.39
CA GLY ZB 83 11.98 72.59 121.22
C GLY ZB 83 10.52 72.88 121.61
N PRO ZB 84 9.58 72.98 120.63
CA PRO ZB 84 8.19 73.35 120.91
C PRO ZB 84 7.51 72.46 121.95
N GLY ZB 85 6.95 73.10 122.99
CA GLY ZB 85 6.13 72.46 124.01
C GLY ZB 85 6.90 71.58 125.00
N ALA ZB 86 8.24 71.71 125.06
CA ALA ZB 86 9.05 70.90 125.97
C ALA ZB 86 10.30 71.67 126.44
N THR ZB 87 10.85 71.26 127.60
CA THR ZB 87 12.14 71.74 128.09
C THR ZB 87 13.11 70.56 128.18
N ALA ZB 88 14.42 70.86 128.05
CA ALA ZB 88 15.46 69.83 128.13
C ALA ZB 88 16.74 70.38 128.75
N THR ZB 89 17.49 69.48 129.42
CA THR ZB 89 18.77 69.77 130.04
C THR ZB 89 19.94 69.40 129.12
N ALA ZB 90 19.64 68.96 127.89
CA ALA ZB 90 20.66 68.53 126.93
C ALA ZB 90 20.16 68.82 125.51
N SER ZB 91 21.08 68.93 124.54
CA SER ZB 91 20.72 69.11 123.14
C SER ZB 91 19.77 67.99 122.69
N GLN ZB 92 18.79 68.35 121.85
CA GLN ZB 92 17.80 67.42 121.35
C GLN ZB 92 18.08 67.13 119.88
N ASP ZB 93 18.06 65.84 119.53
CA ASP ZB 93 18.27 65.38 118.17
C ASP ZB 93 16.93 65.37 117.42
N ASP ZB 94 16.36 66.56 117.21
CA ASP ZB 94 15.09 66.72 116.49
C ASP ZB 94 15.05 68.02 115.69
N SER ZB 95 14.15 68.07 114.70
CA SER ZB 95 14.17 69.05 113.63
C SER ZB 95 13.37 70.33 113.91
N ASP ZB 96 12.62 70.39 115.02
CA ASP ZB 96 11.80 71.56 115.33
C ASP ZB 96 12.54 72.53 116.26
N PRO ZB 97 12.84 73.79 115.82
CA PRO ZB 97 13.36 74.80 116.74
C PRO ZB 97 12.23 75.30 117.64
N MET ZB 98 12.59 75.73 118.85
CA MET ZB 98 11.65 76.37 119.76
C MET ZB 98 11.23 77.73 119.17
N LYS ZB 99 9.90 77.92 119.08
CA LYS ZB 99 9.30 79.17 118.61
C LYS ZB 99 8.83 79.96 119.83
N PHE ZB 100 9.32 81.21 119.94
CA PHE ZB 100 8.94 82.11 121.02
C PHE ZB 100 8.06 83.21 120.45
N ASN ZB 101 6.91 83.48 121.08
CA ASN ZB 101 6.24 84.75 120.84
C ASN ZB 101 6.98 85.83 121.64
N LEU ZB 102 7.12 87.02 121.04
CA LEU ZB 102 7.82 88.13 121.67
C LEU ZB 102 6.89 89.34 121.70
N GLU ZB 103 6.98 90.12 122.78
CA GLU ZB 103 6.31 91.41 122.87
C GLU ZB 103 7.22 92.42 123.57
N ASN ZB 104 7.30 93.64 123.00
CA ASN ZB 104 7.94 94.78 123.65
C ASN ZB 104 6.93 95.93 123.76
N VAL ZB 105 6.68 96.41 124.98
CA VAL ZB 105 5.73 97.48 125.25
C VAL ZB 105 6.50 98.71 125.75
N THR ZB 106 6.35 99.86 125.08
CA THR ZB 106 7.20 101.01 125.34
C THR ZB 106 6.43 102.33 125.28
N PRO ZB 107 6.22 103.02 126.44
CA PRO ZB 107 5.76 104.42 126.46
C PRO ZB 107 6.75 105.38 125.76
N SER ZB 108 6.22 106.38 125.05
CA SER ZB 108 7.02 107.43 124.43
C SER ZB 108 7.53 108.40 125.48
N ALA ZB 109 8.44 109.32 125.11
CA ALA ZB 109 9.17 110.16 126.06
C ALA ZB 109 8.25 111.05 126.90
N SER ZB 110 7.18 111.59 126.29
CA SER ZB 110 6.22 112.44 127.01
C SER ZB 110 5.00 111.65 127.49
N GLY ZB 111 4.96 110.34 127.18
CA GLY ZB 111 3.75 109.54 127.34
C GLY ZB 111 2.66 109.86 126.31
N GLY ZB 112 3.04 110.50 125.18
CA GLY ZB 112 2.12 110.84 124.10
C GLY ZB 112 1.44 109.64 123.45
N PHE ZB 113 2.14 108.49 123.45
CA PHE ZB 113 1.62 107.20 123.04
C PHE ZB 113 2.40 106.08 123.76
N GLU ZB 114 1.87 104.86 123.70
CA GLU ZB 114 2.58 103.67 124.18
C GLU ZB 114 2.59 102.63 123.06
N ARG ZB 115 3.70 102.50 122.33
CA ARG ZB 115 3.76 101.52 121.25
C ARG ZB 115 3.98 100.12 121.80
N THR ZB 116 3.13 99.17 121.37
CA THR ZB 116 3.32 97.75 121.59
C THR ZB 116 3.78 97.11 120.27
N THR ZB 117 4.95 96.46 120.28
CA THR ZB 117 5.41 95.61 119.18
C THR ZB 117 5.26 94.15 119.60
N ALA ZB 118 4.56 93.35 118.78
CA ALA ZB 118 4.43 91.92 119.04
C ALA ZB 118 4.83 91.12 117.79
N VAL ZB 119 5.64 90.07 117.99
CA VAL ZB 119 6.25 89.29 116.91
C VAL ZB 119 5.97 87.81 117.18
N GLU ZB 120 5.43 87.10 116.16
CA GLU ZB 120 5.12 85.68 116.31
C GLU ZB 120 6.29 84.80 115.90
N ASN ZB 121 6.43 83.65 116.59
CA ASN ZB 121 7.27 82.53 116.19
C ASN ZB 121 8.72 82.96 115.92
N VAL ZB 122 9.31 83.72 116.85
CA VAL ZB 122 10.73 84.05 116.80
C VAL ZB 122 11.52 82.77 117.07
N VAL ZB 123 12.52 82.50 116.21
CA VAL ZB 123 13.44 81.39 116.38
C VAL ZB 123 14.88 81.92 116.36
N PHE ZB 124 15.76 81.25 117.12
CA PHE ZB 124 17.16 81.65 117.25
C PHE ZB 124 18.05 80.52 116.72
N PRO ZB 125 18.80 80.72 115.60
CA PRO ZB 125 19.70 79.69 115.07
C PRO ZB 125 20.75 79.20 116.08
N GLU ZB 126 21.21 80.12 116.95
CA GLU ZB 126 22.21 79.80 117.96
C GLU ZB 126 21.85 80.47 119.30
N LEU ZB 127 22.20 79.79 120.38
CA LEU ZB 127 21.95 80.26 121.73
C LEU ZB 127 23.30 80.44 122.44
N PRO ZB 128 23.64 81.64 122.95
CA PRO ZB 128 24.81 81.78 123.82
C PRO ZB 128 24.52 81.17 125.20
N LEU ZB 129 25.42 80.27 125.63
CA LEU ZB 129 25.45 79.84 127.02
C LEU ZB 129 26.51 80.67 127.75
N ASP ZB 130 27.56 80.02 128.28
CA ASP ZB 130 28.67 80.71 128.93
C ASP ZB 130 29.30 81.70 127.96
N SER ZB 131 29.58 82.91 128.48
CA SER ZB 131 30.05 84.06 127.72
C SER ZB 131 30.86 84.94 128.66
N ALA ZB 132 31.94 84.35 129.20
CA ALA ZB 132 32.76 84.93 130.26
C ALA ZB 132 33.87 85.80 129.67
N THR ZB 133 34.19 86.88 130.40
CA THR ZB 133 35.36 87.72 130.14
C THR ZB 133 35.88 88.21 131.49
N TYR ZB 134 37.19 88.01 131.72
CA TYR ZB 134 37.76 88.18 133.05
C TYR ZB 134 37.61 89.62 133.56
N GLY ZB 135 37.09 89.74 134.79
CA GLY ZB 135 36.84 91.02 135.45
C GLY ZB 135 35.56 91.73 135.01
N GLU ZB 136 34.63 91.00 134.38
CA GLU ZB 136 33.35 91.55 133.92
C GLU ZB 136 32.23 90.54 134.16
N TYR ZB 137 30.97 91.02 134.26
CA TYR ZB 137 29.79 90.17 134.25
C TYR ZB 137 29.58 89.62 132.84
N GLU ZB 138 29.03 88.39 132.75
CA GLU ZB 138 28.76 87.75 131.47
C GLU ZB 138 27.73 88.57 130.67
N GLU ZB 139 27.88 88.58 129.34
CA GLU ZB 139 26.97 89.24 128.42
C GLU ZB 139 26.70 88.34 127.22
N TYR ZB 140 25.44 88.33 126.75
CA TYR ZB 140 24.94 87.37 125.77
C TYR ZB 140 24.26 88.09 124.61
N SER ZB 141 24.48 87.59 123.38
CA SER ZB 141 23.90 88.14 122.16
C SER ZB 141 23.01 87.10 121.46
N LEU ZB 142 21.74 87.48 121.20
CA LEU ZB 142 20.82 86.68 120.41
C LEU ZB 142 20.56 87.36 119.06
N THR ZB 143 20.72 86.60 117.98
CA THR ZB 143 20.19 86.92 116.66
C THR ZB 143 19.14 85.87 116.31
N GLY ZB 144 17.95 86.32 115.87
CA GLY ZB 144 16.89 85.41 115.46
C GLY ZB 144 15.90 86.08 114.52
N SER ZB 145 14.84 85.33 114.12
CA SER ZB 145 13.83 85.89 113.24
C SER ZB 145 12.42 85.38 113.54
N GLY ZB 146 11.45 86.31 113.57
CA GLY ZB 146 10.03 86.02 113.68
C GLY ZB 146 9.34 85.93 112.33
N ARG ZB 147 8.19 85.25 112.29
CA ARG ZB 147 7.43 85.02 111.07
C ARG ZB 147 6.76 86.32 110.59
N SER ZB 148 6.16 87.07 111.53
CA SER ZB 148 5.46 88.33 111.24
C SER ZB 148 5.28 89.17 112.50
N VAL ZB 149 4.95 90.46 112.29
CA VAL ZB 149 4.45 91.34 113.34
C VAL ZB 149 2.95 91.09 113.48
N THR ZB 150 2.52 90.68 114.69
CA THR ZB 150 1.11 90.41 114.98
C THR ZB 150 0.39 91.68 115.47
N ASN ZB 151 1.16 92.61 116.07
CA ASN ZB 151 0.62 93.87 116.56
C ASN ZB 151 1.69 94.95 116.55
N LEU ZB 152 1.33 96.11 115.97
CA LEU ZB 152 2.04 97.37 116.17
C LEU ZB 152 1.01 98.49 116.30
N ALA ZB 153 0.75 98.91 117.54
CA ALA ZB 153 -0.29 99.88 117.83
C ALA ZB 153 0.06 100.69 119.07
N ASP ZB 154 -0.59 101.85 119.20
CA ASP ZB 154 -0.64 102.61 120.44
C ASP ZB 154 -1.62 101.90 121.39
N THR ZB 155 -1.11 101.44 122.55
CA THR ZB 155 -1.91 100.74 123.55
C THR ZB 155 -2.25 101.63 124.75
N SER ZB 156 -1.98 102.94 124.66
CA SER ZB 156 -2.34 103.92 125.68
C SER ZB 156 -3.85 104.02 125.82
N GLY ZB 157 -4.34 104.30 127.05
CA GLY ZB 157 -5.74 104.51 127.34
C GLY ZB 157 -6.60 103.28 127.07
N ALA AC 2 57.90 138.58 98.58
CA ALA AC 2 57.65 139.92 97.98
C ALA AC 2 57.40 140.96 99.08
N THR AC 3 56.24 140.90 99.76
CA THR AC 3 55.83 141.94 100.71
C THR AC 3 56.68 141.96 101.98
N THR AC 4 57.20 140.79 102.42
CA THR AC 4 57.90 140.67 103.70
C THR AC 4 59.32 140.14 103.55
N SER AC 5 59.48 138.87 103.14
CA SER AC 5 60.75 138.15 103.05
C SER AC 5 61.50 138.06 104.39
N ALA AC 6 60.77 138.18 105.52
CA ALA AC 6 61.36 138.29 106.86
C ALA AC 6 61.91 136.95 107.36
N SER AC 7 62.91 137.02 108.26
CA SER AC 7 63.69 135.89 108.77
C SER AC 7 62.91 135.10 109.83
N HIS AC 8 61.93 135.74 110.50
CA HIS AC 8 61.18 135.13 111.60
C HIS AC 8 59.71 135.56 111.53
N HIS AC 9 58.82 134.71 112.06
CA HIS AC 9 57.38 134.87 111.91
C HIS AC 9 56.84 136.16 112.55
N VAL AC 10 57.39 136.58 113.69
CA VAL AC 10 56.89 137.77 114.38
C VAL AC 10 57.08 139.01 113.50
N GLN AC 11 58.29 139.16 112.93
CA GLN AC 11 58.56 140.28 112.03
C GLN AC 11 57.77 140.13 110.73
N ALA AC 12 57.54 138.88 110.30
CA ALA AC 12 56.77 138.61 109.08
C ALA AC 12 55.33 139.13 109.19
N ILE AC 13 54.67 138.90 110.34
CA ILE AC 13 53.30 139.33 110.53
C ILE AC 13 53.22 140.83 110.80
N ILE AC 14 54.24 141.40 111.48
CA ILE AC 14 54.35 142.83 111.63
C ILE AC 14 54.43 143.49 110.25
N ASP AC 15 55.26 142.94 109.35
CA ASP AC 15 55.41 143.44 107.98
C ASP AC 15 54.10 143.37 107.19
N LEU AC 16 53.28 142.32 107.41
CA LEU AC 16 51.98 142.19 106.76
C LEU AC 16 51.01 143.27 107.24
N LEU AC 17 50.92 143.46 108.57
CA LEU AC 17 50.01 144.42 109.18
C LEU AC 17 50.40 145.86 108.83
N GLU AC 18 51.71 146.13 108.70
CA GLU AC 18 52.21 147.44 108.28
C GLU AC 18 51.99 147.68 106.78
N ALA AC 19 51.90 146.61 105.97
CA ALA AC 19 51.72 146.71 104.52
C ALA AC 19 50.27 147.00 104.12
N ALA AC 20 49.33 146.88 105.07
CA ALA AC 20 47.91 147.13 104.82
C ALA AC 20 47.66 148.60 104.44
N PRO AC 21 46.96 148.90 103.31
CA PRO AC 21 46.55 150.28 102.99
C PRO AC 21 45.65 150.87 104.08
N ASP AC 22 45.67 152.21 104.20
CA ASP AC 22 44.88 152.95 105.17
C ASP AC 22 43.38 152.70 104.99
N ALA AC 23 42.95 152.38 103.75
CA ALA AC 23 41.56 152.13 103.39
C ALA AC 23 41.02 150.82 103.99
N ASP AC 24 41.90 149.90 104.39
CA ASP AC 24 41.52 148.57 104.84
C ASP AC 24 41.37 148.49 106.38
N TRP AC 25 41.59 149.62 107.07
CA TRP AC 25 41.29 149.76 108.49
C TRP AC 25 39.95 150.48 108.64
N THR AC 26 39.11 150.03 109.59
CA THR AC 26 37.77 150.58 109.81
C THR AC 26 37.85 151.97 110.47
N PRO AC 27 38.63 152.19 111.56
CA PRO AC 27 38.75 153.53 112.16
C PRO AC 27 39.38 154.56 111.24
N THR AC 28 39.29 155.84 111.62
CA THR AC 28 39.82 156.97 110.86
C THR AC 28 41.36 156.97 110.84
N GLN AC 29 42.00 156.50 111.93
CA GLN AC 29 43.46 156.49 112.04
C GLN AC 29 43.99 155.06 111.91
N THR AC 30 44.99 154.86 111.05
CA THR AC 30 45.67 153.58 110.88
C THR AC 30 46.41 153.22 112.17
N PRO AC 31 46.17 152.03 112.77
CA PRO AC 31 46.86 151.60 114.00
C PRO AC 31 48.39 151.54 113.87
N THR AC 32 49.07 151.64 115.02
CA THR AC 32 50.52 151.46 115.10
C THR AC 32 50.83 150.01 115.47
N VAL AC 33 51.71 149.36 114.71
CA VAL AC 33 52.05 147.95 114.90
C VAL AC 33 53.41 147.85 115.61
N LYS AC 34 53.47 146.99 116.65
CA LYS AC 34 54.63 146.86 117.52
C LYS AC 34 54.87 145.39 117.89
N ARG AC 35 56.12 145.04 118.20
CA ARG AC 35 56.46 143.83 118.94
C ARG AC 35 56.00 144.04 120.38
N TYR AC 36 55.59 142.97 121.07
CA TYR AC 36 55.12 143.09 122.45
C TYR AC 36 56.15 143.75 123.35
N TRP AC 37 57.45 143.54 123.06
CA TRP AC 37 58.57 144.03 123.85
C TRP AC 37 59.09 145.42 123.43
N ASP AC 38 58.41 146.10 122.49
CA ASP AC 38 58.79 147.44 122.07
C ASP AC 38 58.52 148.48 123.17
N ASP AC 39 57.54 148.22 124.05
CA ASP AC 39 57.04 149.16 125.06
C ASP AC 39 57.08 148.54 126.47
N ALA AC 40 57.31 149.37 127.50
CA ALA AC 40 57.26 148.94 128.90
C ALA AC 40 55.81 148.92 129.39
N GLN AC 41 55.53 148.12 130.45
CA GLN AC 41 54.18 147.75 130.85
C GLN AC 41 53.32 148.96 131.25
N SER AC 42 53.88 149.88 132.06
CA SER AC 42 53.14 151.00 132.62
C SER AC 42 52.68 152.00 131.54
N GLU AC 43 53.28 151.92 130.33
CA GLU AC 43 52.88 152.71 129.19
C GLU AC 43 52.56 151.83 127.97
N ARG AC 44 52.21 150.56 128.19
CA ARG AC 44 51.70 149.68 127.14
C ARG AC 44 50.27 150.10 126.79
N GLY AC 45 49.94 150.01 125.50
CA GLY AC 45 48.70 150.54 124.96
C GLY AC 45 48.81 152.03 124.64
N PRO AC 46 47.86 152.59 123.84
CA PRO AC 46 47.93 153.99 123.40
C PRO AC 46 47.61 154.98 124.53
N GLY AC 47 48.07 156.22 124.37
CA GLY AC 47 47.51 157.32 125.14
C GLY AC 47 46.22 157.84 124.49
N ALA AC 48 45.57 158.81 125.13
CA ALA AC 48 44.49 159.55 124.51
C ALA AC 48 45.06 160.41 123.37
N ASP AC 49 44.23 160.68 122.35
CA ASP AC 49 44.59 161.48 121.18
C ASP AC 49 45.69 160.82 120.33
N MET AC 50 45.73 159.48 120.33
CA MET AC 50 46.71 158.69 119.59
C MET AC 50 46.04 157.49 118.91
N PRO AC 51 46.61 156.92 117.81
CA PRO AC 51 46.05 155.73 117.17
C PRO AC 51 46.20 154.50 118.06
N ALA AC 52 45.30 153.53 117.88
CA ALA AC 52 45.32 152.26 118.60
C ALA AC 52 46.61 151.48 118.31
N ILE AC 53 47.04 150.62 119.24
CA ILE AC 53 48.29 149.89 119.12
C ILE AC 53 48.01 148.38 119.00
N LEU AC 54 48.69 147.74 118.04
CA LEU AC 54 48.71 146.29 117.92
C LEU AC 54 50.06 145.76 118.40
N TYR AC 55 50.02 144.79 119.34
CA TYR AC 55 51.22 144.12 119.81
C TYR AC 55 51.26 142.69 119.28
N VAL AC 56 52.41 142.32 118.67
CA VAL AC 56 52.62 141.02 118.05
C VAL AC 56 53.73 140.28 118.79
N TRP AC 57 53.54 138.96 119.03
CA TRP AC 57 54.56 138.07 119.57
C TRP AC 57 54.17 136.62 119.30
N SER AC 58 55.11 135.68 119.53
CA SER AC 58 54.85 134.25 119.45
C SER AC 58 54.60 133.68 120.84
N PRO AC 59 53.36 133.25 121.18
CA PRO AC 59 53.04 132.78 122.54
C PRO AC 59 53.44 131.35 122.90
N THR AC 60 53.64 130.48 121.89
CA THR AC 60 53.84 129.05 122.10
C THR AC 60 54.87 128.49 121.11
N THR AC 61 55.38 127.26 121.40
CA THR AC 61 56.43 126.58 120.67
C THR AC 61 56.06 126.38 119.19
N SER AC 62 56.98 126.72 118.28
CA SER AC 62 56.92 126.34 116.88
C SER AC 62 57.29 124.87 116.73
N SER AC 63 56.55 124.13 115.89
CA SER AC 63 56.87 122.73 115.56
C SER AC 63 57.81 122.69 114.36
N LEU AC 64 58.79 121.75 114.41
CA LEU AC 64 59.58 121.37 113.25
C LEU AC 64 59.41 119.85 113.02
N ASP AC 65 58.41 119.48 112.22
CA ASP AC 65 58.16 118.08 111.89
C ASP AC 65 58.99 117.66 110.68
N ARG AC 66 59.45 116.41 110.66
CA ARG AC 66 60.08 115.80 109.50
C ARG AC 66 59.07 115.72 108.36
N PHE AC 67 59.47 116.17 107.16
CA PHE AC 67 58.60 116.12 105.99
C PHE AC 67 58.69 114.77 105.27
N SER AC 68 59.87 114.14 105.29
CA SER AC 68 60.16 112.90 104.56
C SER AC 68 61.45 112.24 105.06
N MET AC 69 61.75 111.03 104.54
CA MET AC 69 62.99 110.32 104.75
C MET AC 69 64.21 111.08 104.18
N ASP AC 70 64.00 112.03 103.26
CA ASP AC 70 65.09 112.78 102.65
C ASP AC 70 65.80 113.68 103.67
N GLY AC 71 65.02 114.28 104.59
CA GLY AC 71 65.54 115.23 105.58
C GLY AC 71 65.94 116.58 105.01
N ASP AC 72 65.51 116.85 103.76
CA ASP AC 72 65.82 118.04 102.98
C ASP AC 72 65.07 119.27 103.48
N VAL AC 73 63.96 119.05 104.23
CA VAL AC 73 62.99 120.08 104.62
C VAL AC 73 62.32 119.68 105.95
N PHE AC 74 61.93 120.70 106.74
CA PHE AC 74 61.00 120.55 107.85
C PHE AC 74 59.63 121.12 107.46
N ASP AC 75 58.55 120.43 107.84
CA ASP AC 75 57.21 120.99 107.88
C ASP AC 75 57.11 121.84 109.14
N GLN AC 76 57.23 123.16 108.99
CA GLN AC 76 57.30 124.08 110.12
C GLN AC 76 55.95 124.74 110.36
N ASN AC 77 55.45 124.65 111.60
CA ASN AC 77 54.21 125.28 112.03
C ASN AC 77 54.49 126.26 113.16
N ASP AC 78 54.17 127.55 112.92
CA ASP AC 78 54.46 128.68 113.81
C ASP AC 78 53.16 129.26 114.35
N SER AC 79 53.22 129.84 115.57
CA SER AC 79 52.07 130.42 116.26
C SER AC 79 52.37 131.86 116.69
N ILE AC 80 51.37 132.75 116.54
CA ILE AC 80 51.46 134.17 116.85
C ILE AC 80 50.16 134.63 117.51
N GLU AC 81 50.28 135.59 118.44
CA GLU AC 81 49.13 136.36 118.90
C GLU AC 81 49.32 137.84 118.58
N VAL AC 82 48.22 138.48 118.16
CA VAL AC 82 48.14 139.92 117.93
C VAL AC 82 47.11 140.51 118.89
N GLN AC 83 47.53 141.41 119.80
CA GLN AC 83 46.63 142.08 120.73
C GLN AC 83 46.36 143.51 120.26
N ALA AC 84 45.08 143.89 120.19
CA ALA AC 84 44.65 145.26 119.92
C ALA AC 84 44.31 145.98 121.23
N TRP AC 85 44.95 147.13 121.49
CA TRP AC 85 44.71 147.94 122.68
C TRP AC 85 44.14 149.30 122.27
N SER AC 86 43.03 149.72 122.91
CA SER AC 86 42.45 151.06 122.79
C SER AC 86 41.54 151.36 123.97
N PHE AC 87 41.21 152.65 124.18
CA PHE AC 87 40.23 153.07 125.17
C PHE AC 87 38.79 152.90 124.69
N ASP AC 88 38.59 152.76 123.37
CA ASP AC 88 37.27 152.57 122.78
C ASP AC 88 36.98 151.10 122.55
N GLU AC 89 35.97 150.57 123.26
CA GLU AC 89 35.49 149.19 123.15
C GLU AC 89 35.05 148.86 121.72
N THR AC 90 34.60 149.89 120.97
CA THR AC 90 34.13 149.76 119.59
C THR AC 90 35.32 149.64 118.65
N GLU AC 91 36.40 150.36 118.97
CA GLU AC 91 37.61 150.40 118.14
C GLU AC 91 38.34 149.06 118.19
N VAL AC 92 38.47 148.45 119.38
CA VAL AC 92 39.12 147.15 119.50
C VAL AC 92 38.35 146.07 118.75
N GLU AC 93 37.01 146.14 118.78
CA GLU AC 93 36.15 145.21 118.04
C GLU AC 93 36.35 145.37 116.54
N GLN AC 94 36.40 146.62 116.08
CA GLN AC 94 36.68 146.97 114.69
C GLN AC 94 38.07 146.48 114.28
N LEU AC 95 39.08 146.71 115.14
CA LEU AC 95 40.44 146.26 114.90
C LEU AC 95 40.52 144.73 114.81
N GLN AC 96 39.78 144.01 115.66
CA GLN AC 96 39.72 142.56 115.57
C GLN AC 96 39.20 142.11 114.20
N GLY AC 97 38.11 142.74 113.75
CA GLY AC 97 37.54 142.50 112.42
C GLY AC 97 38.50 142.87 111.29
N ASP AC 98 39.30 143.93 111.50
CA ASP AC 98 40.31 144.39 110.55
C ASP AC 98 41.47 143.40 110.46
N ILE AC 99 42.05 143.02 111.62
CA ILE AC 99 43.18 142.08 111.69
C ILE AC 99 42.83 140.77 110.99
N VAL AC 100 41.62 140.25 111.28
CA VAL AC 100 41.14 139.03 110.64
C VAL AC 100 41.09 139.20 109.12
N GLN AC 101 40.40 140.25 108.63
CA GLN AC 101 40.19 140.42 107.20
C GLN AC 101 41.47 140.87 106.45
N ILE AC 102 42.47 141.39 107.18
CA ILE AC 102 43.81 141.65 106.63
C ILE AC 102 44.57 140.33 106.49
N LEU AC 103 44.70 139.58 107.60
CA LEU AC 103 45.52 138.38 107.64
C LEU AC 103 44.81 137.17 107.01
N SER AC 104 43.60 137.38 106.47
CA SER AC 104 42.91 136.39 105.66
C SER AC 104 43.20 136.57 104.16
N GLU AC 105 43.91 137.63 103.78
CA GLU AC 105 44.73 137.56 102.58
C GLU AC 105 45.89 136.63 102.93
N TYR AC 106 46.70 136.20 101.95
CA TYR AC 106 47.87 135.35 102.21
C TYR AC 106 47.50 133.97 102.76
N LEU AC 107 46.21 133.59 102.71
CA LEU AC 107 45.69 132.36 103.32
C LEU AC 107 46.31 131.09 102.71
N ASP AC 108 46.65 131.15 101.42
CA ASP AC 108 47.32 130.06 100.72
C ASP AC 108 48.34 130.61 99.72
N ASP AC 109 49.39 131.26 100.23
CA ASP AC 109 50.53 131.70 99.44
C ASP AC 109 51.36 130.49 99.04
N ASN AC 110 51.88 130.48 97.81
CA ASN AC 110 52.96 129.56 97.45
C ASN AC 110 54.30 130.25 97.69
N GLU AC 111 54.47 130.82 98.90
CA GLU AC 111 55.55 131.72 99.26
C GLU AC 111 55.61 132.93 98.30
N VAL AC 112 54.45 133.42 97.84
CA VAL AC 112 54.35 134.44 96.81
C VAL AC 112 54.61 135.82 97.42
N GLN AC 113 53.81 136.20 98.43
CA GLN AC 113 53.96 137.47 99.14
C GLN AC 113 54.85 137.27 100.37
N THR AC 114 54.44 136.29 101.21
CA THR AC 114 55.09 135.85 102.43
C THR AC 114 56.14 134.79 102.16
N PRO AC 115 57.03 134.43 103.14
CA PRO AC 115 57.83 133.20 103.05
C PRO AC 115 57.14 131.91 103.48
N TYR AC 116 55.79 131.85 103.37
CA TYR AC 116 55.00 130.76 103.95
C TYR AC 116 54.06 130.13 102.93
N SER AC 117 53.63 128.89 103.20
CA SER AC 117 52.56 128.21 102.46
C SER AC 117 51.18 128.73 102.89
N ASP AC 118 51.09 129.21 104.13
CA ASP AC 118 49.83 129.48 104.80
C ASP AC 118 50.07 130.44 105.96
N VAL AC 119 49.36 131.57 105.97
CA VAL AC 119 49.17 132.41 107.16
C VAL AC 119 47.66 132.48 107.40
N ALA AC 120 47.21 132.03 108.58
CA ALA AC 120 45.78 131.98 108.87
C ALA AC 120 45.46 132.42 110.30
N PRO AC 121 44.48 133.35 110.50
CA PRO AC 121 43.79 133.46 111.79
C PRO AC 121 43.13 132.11 112.12
N THR AC 122 43.42 131.58 113.33
CA THR AC 122 42.87 130.30 113.78
C THR AC 122 41.89 130.48 114.94
N GLY AC 123 41.90 131.67 115.56
CA GLY AC 123 40.93 132.00 116.59
C GLY AC 123 41.03 133.47 117.01
N THR AC 124 40.06 133.91 117.81
CA THR AC 124 40.01 135.28 118.30
C THR AC 124 39.55 135.30 119.75
N ASN AC 125 40.01 136.30 120.51
CA ASN AC 125 39.68 136.45 121.91
C ASN AC 125 39.11 137.83 122.18
N ASP AC 126 38.15 137.88 123.11
CA ASP AC 126 37.63 139.09 123.70
C ASP AC 126 38.10 139.13 125.16
N PHE AC 127 38.64 140.28 125.60
CA PHE AC 127 39.01 140.47 127.00
C PHE AC 127 38.41 141.75 127.56
N ARG AC 128 37.32 142.26 126.96
CA ARG AC 128 36.73 143.53 127.36
C ARG AC 128 36.14 143.46 128.77
N GLU AC 129 35.73 142.24 129.18
CA GLU AC 129 35.18 141.96 130.51
C GLU AC 129 36.21 142.18 131.63
N GLN AC 130 37.50 142.25 131.29
CA GLN AC 130 38.57 142.41 132.26
C GLN AC 130 38.76 143.88 132.66
N THR AC 131 38.47 144.82 131.74
CA THR AC 131 38.70 146.25 131.94
C THR AC 131 37.74 146.78 133.00
N PRO AC 132 38.23 147.25 134.18
CA PRO AC 132 37.34 147.76 135.24
C PRO AC 132 36.58 149.01 134.78
N ALA AC 133 35.24 148.98 134.93
CA ALA AC 133 34.35 149.97 134.36
C ALA AC 133 34.48 151.34 135.04
N ARG AC 134 34.98 151.35 136.28
CA ARG AC 134 35.08 152.54 137.12
C ARG AC 134 36.12 153.51 136.59
N THR AC 135 37.31 152.98 136.25
CA THR AC 135 38.45 153.74 135.77
C THR AC 135 38.40 153.83 134.25
N THR AC 136 38.95 154.92 133.68
CA THR AC 136 39.40 154.87 132.29
C THR AC 136 40.57 153.89 132.22
N GLY AC 137 40.60 153.06 131.17
CA GLY AC 137 41.62 152.02 131.02
C GLY AC 137 41.41 151.26 129.73
N HIS AC 138 42.47 150.60 129.24
CA HIS AC 138 42.46 149.97 127.92
C HIS AC 138 41.51 148.77 127.90
N TYR AC 139 40.73 148.69 126.81
CA TYR AC 139 40.11 147.45 126.37
C TYR AC 139 41.13 146.68 125.52
N ILE AC 140 41.07 145.35 125.60
CA ILE AC 140 41.96 144.47 124.86
C ILE AC 140 41.14 143.38 124.17
N MET AC 141 41.48 143.10 122.90
CA MET AC 141 41.00 141.95 122.16
C MET AC 141 42.18 141.41 121.35
N SER AC 142 42.12 140.13 120.93
CA SER AC 142 43.26 139.55 120.22
C SER AC 142 42.84 138.60 119.09
N VAL AC 143 43.79 138.37 118.17
CA VAL AC 143 43.69 137.38 117.11
C VAL AC 143 44.86 136.40 117.27
N GLU AC 144 44.54 135.10 117.20
CA GLU AC 144 45.54 134.04 117.19
C GLU AC 144 45.76 133.60 115.76
N VAL AC 145 47.04 133.56 115.35
CA VAL AC 145 47.42 133.34 113.96
C VAL AC 145 48.41 132.17 113.92
N GLU AC 146 48.11 131.17 113.08
CA GLU AC 146 49.09 130.14 112.76
C GLU AC 146 49.69 130.42 111.39
N THR AC 147 50.84 129.79 111.13
CA THR AC 147 51.67 130.09 109.97
C THR AC 147 52.48 128.84 109.64
N ARG AC 148 52.38 128.37 108.39
CA ARG AC 148 52.94 127.09 108.03
C ARG AC 148 53.73 127.19 106.72
N GLY AC 149 54.84 126.45 106.66
CA GLY AC 149 55.66 126.40 105.46
C GLY AC 149 56.70 125.30 105.52
N LEU AC 150 57.18 124.89 104.34
CA LEU AC 150 58.38 124.06 104.24
C LEU AC 150 59.59 124.94 104.53
N SER AC 151 60.50 124.42 105.37
CA SER AC 151 61.66 125.15 105.89
C SER AC 151 62.92 124.33 105.62
N GLU AC 152 64.02 124.97 105.17
CA GLU AC 152 65.19 124.28 104.64
C GLU AC 152 66.04 123.63 105.74
N THR AC 153 66.98 122.75 105.32
CA THR AC 153 67.95 122.10 106.20
C THR AC 153 69.35 122.11 105.57
N ALA AC 154 70.37 121.91 106.41
CA ALA AC 154 71.78 121.85 105.99
C ALA AC 154 72.21 120.43 105.58
N LYS AC 155 71.32 119.42 105.72
CA LYS AC 155 71.64 118.00 105.62
C LYS AC 155 72.37 117.64 104.31
N ASN AC 156 71.85 118.13 103.17
CA ASN AC 156 72.34 117.81 101.84
C ASN AC 156 73.22 118.92 101.25
N ALA AC 157 73.05 120.17 101.72
CA ALA AC 157 73.78 121.37 101.32
C ALA AC 157 73.71 121.60 99.80
N ALA BC 2 82.58 110.17 115.10
CA ALA BC 2 83.74 110.90 114.52
C ALA BC 2 83.86 112.29 115.18
N THR BC 3 82.86 113.15 114.99
CA THR BC 3 82.96 114.54 115.43
C THR BC 3 82.82 114.68 116.96
N THR BC 4 82.11 113.75 117.62
CA THR BC 4 81.84 113.85 119.05
C THR BC 4 82.29 112.61 119.83
N SER BC 5 81.62 111.47 119.61
CA SER BC 5 81.76 110.23 120.36
C SER BC 5 81.52 110.40 121.87
N ALA BC 6 80.72 111.41 122.26
CA ALA BC 6 80.52 111.80 123.66
C ALA BC 6 79.66 110.79 124.42
N SER BC 7 79.87 110.71 125.75
CA SER BC 7 79.26 109.73 126.64
C SER BC 7 77.78 110.03 126.95
N HIS BC 8 77.36 111.30 126.79
CA HIS BC 8 76.03 111.76 127.17
C HIS BC 8 75.53 112.81 126.17
N HIS BC 9 74.20 112.90 126.02
CA HIS BC 9 73.58 113.73 124.99
C HIS BC 9 73.92 115.22 125.12
N VAL BC 10 74.02 115.73 126.35
CA VAL BC 10 74.32 117.14 126.59
C VAL BC 10 75.71 117.48 126.06
N GLN BC 11 76.71 116.62 126.36
CA GLN BC 11 78.06 116.84 125.86
C GLN BC 11 78.09 116.68 124.33
N ALA BC 12 77.29 115.74 123.79
CA ALA BC 12 77.24 115.48 122.37
C ALA BC 12 76.80 116.71 121.57
N ILE BC 13 75.76 117.41 122.07
CA ILE BC 13 75.24 118.59 121.38
C ILE BC 13 76.14 119.81 121.58
N ILE BC 14 76.78 119.92 122.75
CA ILE BC 14 77.82 120.91 122.96
C ILE BC 14 78.95 120.73 121.93
N ASP BC 15 79.41 119.48 121.75
CA ASP BC 15 80.45 119.14 120.78
C ASP BC 15 80.03 119.50 119.34
N LEU BC 16 78.77 119.24 118.97
CA LEU BC 16 78.26 119.57 117.64
C LEU BC 16 78.25 121.08 117.39
N LEU BC 17 77.78 121.86 118.38
CA LEU BC 17 77.73 123.31 118.27
C LEU BC 17 79.14 123.92 118.28
N GLU BC 18 80.07 123.34 119.05
CA GLU BC 18 81.46 123.80 119.09
C GLU BC 18 82.22 123.45 117.81
N ALA BC 19 81.82 122.37 117.12
CA ALA BC 19 82.47 121.91 115.91
C ALA BC 19 82.12 122.76 114.69
N ALA BC 20 81.07 123.60 114.80
CA ALA BC 20 80.58 124.44 113.71
C ALA BC 20 81.61 125.48 113.30
N PRO BC 21 81.97 125.60 111.99
CA PRO BC 21 82.86 126.66 111.51
C PRO BC 21 82.31 128.07 111.78
N ASP BC 22 83.22 129.04 111.99
CA ASP BC 22 82.90 130.43 112.23
C ASP BC 22 82.01 131.01 111.13
N ALA BC 23 82.19 130.53 109.89
CA ALA BC 23 81.46 130.98 108.71
C ALA BC 23 79.97 130.59 108.75
N ASP BC 24 79.60 129.57 109.54
CA ASP BC 24 78.23 129.08 109.62
C ASP BC 24 77.39 129.84 110.65
N TRP BC 25 78.05 130.60 111.55
CA TRP BC 25 77.36 131.53 112.43
C TRP BC 25 77.10 132.84 111.69
N THR BC 26 75.88 133.37 111.80
CA THR BC 26 75.45 134.56 111.07
C THR BC 26 76.13 135.82 111.61
N PRO BC 27 76.19 136.07 112.95
CA PRO BC 27 76.89 137.25 113.48
C PRO BC 27 78.40 137.25 113.25
N THR BC 28 79.03 138.39 113.56
CA THR BC 28 80.48 138.60 113.41
C THR BC 28 81.28 137.67 114.32
N GLN BC 29 80.78 137.44 115.55
CA GLN BC 29 81.48 136.66 116.58
C GLN BC 29 80.79 135.31 116.77
N THR BC 30 81.59 134.23 116.80
CA THR BC 30 81.11 132.88 117.10
C THR BC 30 80.65 132.81 118.55
N PRO BC 31 79.39 132.37 118.83
CA PRO BC 31 78.91 132.22 120.21
C PRO BC 31 79.74 131.28 121.09
N THR BC 32 79.72 131.54 122.40
CA THR BC 32 80.28 130.63 123.41
C THR BC 32 79.20 129.60 123.76
N VAL BC 33 79.58 128.31 123.80
CA VAL BC 33 78.68 127.23 124.15
C VAL BC 33 79.01 126.72 125.55
N LYS BC 34 77.97 126.56 126.39
CA LYS BC 34 78.13 126.19 127.80
C LYS BC 34 77.05 125.17 128.22
N ARG BC 35 77.35 124.38 129.25
CA ARG BC 35 76.31 123.70 130.03
C ARG BC 35 75.49 124.78 130.73
N TYR BC 36 74.19 124.51 130.97
CA TYR BC 36 73.37 125.47 131.72
C TYR BC 36 74.00 125.79 133.08
N TRP BC 37 74.63 124.78 133.71
CA TRP BC 37 75.16 124.88 135.08
C TRP BC 37 76.60 125.42 135.13
N ASP BC 38 77.14 125.91 134.01
CA ASP BC 38 78.47 126.50 133.98
C ASP BC 38 78.50 127.86 134.71
N ASP BC 39 77.37 128.58 134.71
CA ASP BC 39 77.30 129.97 135.18
C ASP BC 39 76.27 130.13 136.30
N ALA BC 40 76.52 131.06 137.23
CA ALA BC 40 75.58 131.42 138.28
C ALA BC 40 74.50 132.34 137.70
N GLN BC 41 73.29 132.34 138.29
CA GLN BC 41 72.11 132.97 137.69
C GLN BC 41 72.30 134.48 137.48
N SER BC 42 72.85 135.18 138.48
CA SER BC 42 73.07 136.63 138.43
C SER BC 42 74.07 137.03 137.34
N GLU BC 43 74.84 136.05 136.83
CA GLU BC 43 75.86 136.27 135.82
C GLU BC 43 75.51 135.56 134.50
N ARG BC 44 74.34 134.90 134.44
CA ARG BC 44 73.92 134.16 133.25
C ARG BC 44 73.64 135.14 132.10
N GLY BC 45 73.99 134.70 130.88
CA GLY BC 45 73.98 135.55 129.69
C GLY BC 45 75.28 136.35 129.54
N PRO BC 46 75.60 136.85 128.32
CA PRO BC 46 76.85 137.58 128.08
C PRO BC 46 76.84 138.98 128.69
N GLY BC 47 78.02 139.49 129.02
CA GLY BC 47 78.21 140.92 129.25
C GLY BC 47 78.33 141.67 127.92
N ALA BC 48 78.26 143.00 127.97
CA ALA BC 48 78.44 143.83 126.80
C ALA BC 48 79.84 143.63 126.22
N ASP BC 49 79.97 143.74 124.88
CA ASP BC 49 81.20 143.57 124.11
C ASP BC 49 81.68 142.11 124.02
N MET BC 50 81.07 141.20 124.80
CA MET BC 50 81.38 139.77 124.76
C MET BC 50 80.52 139.07 123.69
N PRO BC 51 80.94 137.91 123.15
CA PRO BC 51 80.10 137.13 122.24
C PRO BC 51 78.90 136.52 122.96
N ALA BC 52 77.83 136.22 122.21
CA ALA BC 52 76.61 135.63 122.74
C ALA BC 52 76.87 134.25 123.34
N ILE BC 53 75.97 133.81 124.25
CA ILE BC 53 76.12 132.53 124.95
C ILE BC 53 74.95 131.61 124.62
N LEU BC 54 75.29 130.33 124.34
CA LEU BC 54 74.33 129.25 124.23
C LEU BC 54 74.45 128.35 125.46
N TYR BC 55 73.31 128.08 126.13
CA TYR BC 55 73.25 127.16 127.25
C TYR BC 55 72.54 125.87 126.83
N VAL BC 56 73.20 124.73 127.05
CA VAL BC 56 72.70 123.41 126.66
C VAL BC 56 72.43 122.60 127.94
N TRP BC 57 71.27 121.91 127.99
CA TRP BC 57 70.94 120.95 129.04
C TRP BC 57 69.81 120.03 128.58
N SER BC 58 69.53 118.98 129.36
CA SER BC 58 68.46 118.03 129.09
C SER BC 58 67.25 118.33 130.00
N PRO BC 59 66.13 118.89 129.47
CA PRO BC 59 64.99 119.31 130.30
C PRO BC 59 63.98 118.25 130.74
N THR BC 60 63.92 117.11 130.05
CA THR BC 60 62.93 116.07 130.31
C THR BC 60 63.56 114.67 130.26
N THR BC 61 62.84 113.67 130.80
CA THR BC 61 63.28 112.27 130.92
C THR BC 61 63.63 111.67 129.55
N SER BC 62 64.83 111.09 129.43
CA SER BC 62 65.18 110.23 128.31
C SER BC 62 64.43 108.90 128.43
N SER BC 63 63.67 108.51 127.40
CA SER BC 63 63.01 107.21 127.37
C SER BC 63 64.00 106.10 126.97
N LEU BC 64 63.91 104.96 127.67
CA LEU BC 64 64.52 103.71 127.22
C LEU BC 64 63.42 102.70 126.93
N ASP BC 65 63.24 102.36 125.65
CA ASP BC 65 62.24 101.40 125.21
C ASP BC 65 62.93 100.11 124.75
N ARG BC 66 62.30 98.95 125.04
CA ARG BC 66 62.75 97.67 124.52
C ARG BC 66 62.68 97.69 122.99
N PHE BC 67 63.80 97.38 122.33
CA PHE BC 67 63.85 97.36 120.87
C PHE BC 67 63.25 96.07 120.32
N SER BC 68 63.56 94.94 120.99
CA SER BC 68 63.15 93.60 120.59
C SER BC 68 63.26 92.68 121.81
N MET BC 69 62.73 91.45 121.70
CA MET BC 69 62.81 90.49 122.79
C MET BC 69 64.13 89.68 122.79
N ASP BC 70 65.16 90.14 122.06
CA ASP BC 70 66.54 89.70 122.26
C ASP BC 70 67.09 90.34 123.53
N GLY BC 71 66.80 91.64 123.69
CA GLY BC 71 67.20 92.43 124.85
C GLY BC 71 68.63 92.97 124.77
N ASP BC 72 69.22 93.00 123.57
CA ASP BC 72 70.57 93.52 123.36
C ASP BC 72 70.62 95.04 123.48
N VAL BC 73 69.48 95.70 123.21
CA VAL BC 73 69.44 97.11 122.83
C VAL BC 73 68.20 97.78 123.40
N PHE BC 74 68.36 99.02 123.89
CA PHE BC 74 67.27 99.96 124.09
C PHE BC 74 67.18 100.91 122.90
N ASP BC 75 65.96 101.09 122.38
CA ASP BC 75 65.62 102.25 121.59
C ASP BC 75 65.57 103.45 122.53
N GLN BC 76 66.62 104.28 122.50
CA GLN BC 76 66.79 105.38 123.44
C GLN BC 76 66.39 106.69 122.76
N ASN BC 77 65.50 107.45 123.41
CA ASN BC 77 65.08 108.77 122.95
C ASN BC 77 65.46 109.81 124.00
N ASP BC 78 66.24 110.83 123.58
CA ASP BC 78 66.83 111.85 124.45
C ASP BC 78 66.29 113.24 124.07
N SER BC 79 66.18 114.13 125.07
CA SER BC 79 65.63 115.46 124.92
C SER BC 79 66.63 116.52 125.42
N ILE BC 80 66.77 117.62 124.66
CA ILE BC 80 67.68 118.72 124.96
C ILE BC 80 66.99 120.05 124.64
N GLU BC 81 67.36 121.11 125.36
CA GLU BC 81 67.07 122.47 124.97
C GLU BC 81 68.37 123.27 124.90
N VAL BC 82 68.46 124.14 123.88
CA VAL BC 82 69.56 125.07 123.69
C VAL BC 82 69.00 126.49 123.77
N GLN BC 83 69.40 127.28 124.78
CA GLN BC 83 68.95 128.65 124.95
C GLN BC 83 70.05 129.62 124.48
N ALA BC 84 69.69 130.54 123.57
CA ALA BC 84 70.56 131.64 123.13
C ALA BC 84 70.25 132.90 123.94
N TRP BC 85 71.28 133.48 124.58
CA TRP BC 85 71.17 134.72 125.34
C TRP BC 85 72.01 135.82 124.68
N SER BC 86 71.40 137.00 124.43
CA SER BC 86 72.11 138.20 123.98
C SER BC 86 71.28 139.45 124.26
N PHE BC 87 71.93 140.63 124.27
CA PHE BC 87 71.26 141.92 124.38
C PHE BC 87 70.59 142.34 123.08
N ASP BC 88 70.95 141.73 121.95
CA ASP BC 88 70.46 142.10 120.62
C ASP BC 88 69.32 141.17 120.21
N GLU BC 89 68.11 141.74 120.06
CA GLU BC 89 66.87 141.05 119.71
C GLU BC 89 66.96 140.34 118.35
N THR BC 90 67.83 140.85 117.46
CA THR BC 90 68.02 140.28 116.14
C THR BC 90 69.08 139.17 116.20
N GLU BC 91 70.08 139.33 117.09
CA GLU BC 91 71.16 138.37 117.21
C GLU BC 91 70.62 137.02 117.72
N VAL BC 92 69.72 137.04 118.71
CA VAL BC 92 69.09 135.82 119.20
C VAL BC 92 68.26 135.14 118.11
N GLU BC 93 67.63 135.94 117.24
CA GLU BC 93 66.83 135.44 116.14
C GLU BC 93 67.71 134.77 115.08
N GLN BC 94 68.87 135.39 114.79
CA GLN BC 94 69.88 134.82 113.91
C GLN BC 94 70.47 133.54 114.51
N LEU BC 95 70.75 133.54 115.83
CA LEU BC 95 71.28 132.38 116.53
C LEU BC 95 70.30 131.21 116.51
N GLN BC 96 68.99 131.48 116.68
CA GLN BC 96 67.98 130.45 116.56
C GLN BC 96 68.03 129.81 115.16
N GLY BC 97 68.08 130.63 114.12
CA GLY BC 97 68.27 130.18 112.75
C GLY BC 97 69.53 129.33 112.59
N ASP BC 98 70.64 129.81 113.14
CA ASP BC 98 71.94 129.15 113.09
C ASP BC 98 71.91 127.78 113.78
N ILE BC 99 71.39 127.72 115.02
CA ILE BC 99 71.32 126.49 115.79
C ILE BC 99 70.49 125.44 115.04
N VAL BC 100 69.35 125.85 114.48
CA VAL BC 100 68.53 124.96 113.66
C VAL BC 100 69.33 124.46 112.46
N GLN BC 101 70.06 125.37 111.78
CA GLN BC 101 70.87 125.01 110.62
C GLN BC 101 71.99 124.04 111.00
N ILE BC 102 72.76 124.35 112.06
CA ILE BC 102 73.88 123.52 112.51
C ILE BC 102 73.38 122.11 112.85
N LEU BC 103 72.32 122.04 113.67
CA LEU BC 103 71.79 120.76 114.13
C LEU BC 103 70.84 120.13 113.10
N SER BC 104 70.73 120.72 111.91
CA SER BC 104 70.01 120.11 110.78
C SER BC 104 70.95 119.31 109.87
N GLU BC 105 72.26 119.51 110.02
CA GLU BC 105 73.20 118.43 109.72
C GLU BC 105 72.94 117.35 110.76
N TYR BC 106 73.47 116.12 110.55
CA TYR BC 106 73.33 115.01 111.49
C TYR BC 106 71.88 114.50 111.60
N LEU BC 107 70.96 114.98 110.73
CA LEU BC 107 69.53 114.68 110.81
C LEU BC 107 69.22 113.18 110.71
N ASP BC 108 69.97 112.46 109.86
CA ASP BC 108 69.89 111.00 109.76
C ASP BC 108 71.29 110.41 109.69
N ASP BC 109 72.15 110.89 110.60
CA ASP BC 109 73.49 110.37 110.83
C ASP BC 109 73.37 108.93 111.36
N ASN BC 110 73.71 107.91 110.55
CA ASN BC 110 73.65 106.52 111.01
C ASN BC 110 74.90 106.17 111.84
N GLU BC 111 75.09 106.90 112.95
CA GLU BC 111 76.18 106.77 113.91
C GLU BC 111 77.55 106.98 113.26
N VAL BC 112 77.62 107.85 112.24
CA VAL BC 112 78.88 108.17 111.56
C VAL BC 112 79.58 109.31 112.30
N GLN BC 113 78.87 110.43 112.51
CA GLN BC 113 79.44 111.61 113.15
C GLN BC 113 79.30 111.51 114.67
N THR BC 114 78.06 111.25 115.11
CA THR BC 114 77.61 111.22 116.50
C THR BC 114 77.44 109.78 116.98
N PRO BC 115 77.22 109.52 118.30
CA PRO BC 115 76.78 108.20 118.76
C PRO BC 115 75.28 107.89 118.59
N TYR BC 116 74.59 108.58 117.66
CA TYR BC 116 73.14 108.52 117.51
C TYR BC 116 72.75 108.21 116.06
N SER BC 117 71.51 107.70 115.86
CA SER BC 117 70.90 107.48 114.54
C SER BC 117 70.32 108.77 113.96
N ASP BC 118 70.04 109.74 114.84
CA ASP BC 118 69.21 110.90 114.55
C ASP BC 118 69.45 111.94 115.64
N VAL BC 119 69.90 113.15 115.24
CA VAL BC 119 69.83 114.36 116.05
C VAL BC 119 68.98 115.36 115.28
N ALA BC 120 67.88 115.86 115.89
CA ALA BC 120 66.96 116.74 115.17
C ALA BC 120 66.42 117.86 116.08
N PRO BC 121 66.44 119.14 115.63
CA PRO BC 121 65.54 120.17 116.16
C PRO BC 121 64.10 119.70 115.94
N THR BC 122 63.26 119.77 117.00
CA THR BC 122 61.87 119.34 116.91
C THR BC 122 60.90 120.49 117.20
N GLY BC 123 61.42 121.57 117.80
CA GLY BC 123 60.65 122.79 117.96
C GLY BC 123 61.55 123.96 118.38
N THR BC 124 60.98 125.17 118.37
CA THR BC 124 61.69 126.37 118.74
C THR BC 124 60.79 127.30 119.56
N ASN BC 125 61.40 128.09 120.43
CA ASN BC 125 60.67 129.03 121.29
C ASN BC 125 61.26 130.43 121.15
N ASP BC 126 60.38 131.43 121.21
CA ASP BC 126 60.72 132.83 121.35
C ASP BC 126 60.28 133.28 122.75
N PHE BC 127 61.17 133.99 123.48
CA PHE BC 127 60.83 134.55 124.78
C PHE BC 127 61.13 136.04 124.84
N ARG BC 128 61.30 136.71 123.69
CA ARG BC 128 61.65 138.13 123.62
C ARG BC 128 60.61 139.01 124.29
N GLU BC 129 59.33 138.56 124.31
CA GLU BC 129 58.23 139.25 124.95
C GLU BC 129 58.43 139.41 126.47
N GLN BC 130 59.32 138.62 127.07
CA GLN BC 130 59.53 138.61 128.52
C GLN BC 130 60.48 139.71 128.99
N THR BC 131 61.41 140.13 128.12
CA THR BC 131 62.46 141.10 128.45
C THR BC 131 61.84 142.47 128.72
N PRO BC 132 61.94 143.03 129.96
CA PRO BC 132 61.37 144.35 130.26
C PRO BC 132 62.06 145.48 129.47
N ALA BC 133 61.26 146.39 128.90
CA ALA BC 133 61.73 147.31 127.88
C ALA BC 133 62.51 148.49 128.46
N ARG BC 134 62.35 148.80 129.76
CA ARG BC 134 63.04 149.93 130.38
C ARG BC 134 64.53 149.62 130.52
N THR BC 135 64.82 148.46 131.09
CA THR BC 135 66.15 147.98 131.41
C THR BC 135 66.83 147.43 130.16
N THR BC 136 68.14 147.63 130.04
CA THR BC 136 68.95 146.70 129.25
C THR BC 136 68.91 145.35 129.96
N GLY BC 137 68.71 144.27 129.19
CA GLY BC 137 68.57 142.94 129.71
C GLY BC 137 68.52 141.93 128.58
N HIS BC 138 68.80 140.66 128.87
CA HIS BC 138 68.94 139.65 127.83
C HIS BC 138 67.61 139.34 127.17
N TYR BC 139 67.65 139.27 125.83
CA TYR BC 139 66.65 138.56 125.05
C TYR BC 139 67.02 137.08 125.06
N ILE BC 140 66.00 136.21 125.09
CA ILE BC 140 66.20 134.76 125.11
C ILE BC 140 65.31 134.11 124.06
N MET BC 141 65.89 133.15 123.32
CA MET BC 141 65.18 132.26 122.41
C MET BC 141 65.80 130.87 122.54
N SER BC 142 65.07 129.82 122.14
CA SER BC 142 65.59 128.47 122.31
C SER BC 142 65.22 127.53 121.15
N VAL BC 143 66.04 126.48 121.01
CA VAL BC 143 65.76 125.34 120.14
C VAL BC 143 65.59 124.11 121.02
N GLU BC 144 64.48 123.40 120.81
CA GLU BC 144 64.24 122.09 121.41
C GLU BC 144 64.75 121.03 120.44
N VAL BC 145 65.54 120.09 120.98
CA VAL BC 145 66.24 119.10 120.18
C VAL BC 145 65.97 117.72 120.76
N GLU BC 146 65.71 116.76 119.87
CA GLU BC 146 65.55 115.36 120.25
C GLU BC 146 66.61 114.53 119.53
N THR BC 147 66.90 113.35 120.08
CA THR BC 147 68.11 112.61 119.76
C THR BC 147 67.86 111.13 120.02
N ARG BC 148 68.06 110.28 119.00
CA ARG BC 148 67.60 108.90 119.05
C ARG BC 148 68.69 107.95 118.58
N GLY BC 149 68.81 106.79 119.26
CA GLY BC 149 69.78 105.78 118.89
C GLY BC 149 69.53 104.44 119.59
N LEU BC 150 70.30 103.43 119.19
CA LEU BC 150 70.27 102.09 119.76
C LEU BC 150 71.39 101.96 120.80
N SER BC 151 71.01 101.71 122.06
CA SER BC 151 71.87 101.78 123.23
C SER BC 151 72.03 100.40 123.86
N GLU BC 152 73.28 99.90 124.02
CA GLU BC 152 73.55 98.49 124.33
C GLU BC 152 73.31 98.16 125.81
N THR BC 153 72.86 96.92 126.08
CA THR BC 153 72.38 96.48 127.40
C THR BC 153 73.36 95.56 128.13
N ALA BC 154 74.28 94.91 127.40
CA ALA BC 154 75.15 93.86 127.93
C ALA BC 154 74.39 92.67 128.55
N LYS BC 155 73.07 92.51 128.26
CA LYS BC 155 72.24 91.41 128.75
C LYS BC 155 72.84 90.07 128.37
N ASN BC 156 73.30 89.96 127.12
CA ASN BC 156 73.82 88.75 126.52
C ASN BC 156 75.35 88.82 126.39
N ALA BC 157 75.97 89.80 127.05
CA ALA BC 157 77.39 90.15 126.95
C ALA BC 157 77.80 90.41 125.50
N ALA CC 2 69.77 82.34 142.94
CA ALA CC 2 69.24 83.74 142.94
C ALA CC 2 70.19 84.64 143.74
N THR CC 3 70.30 85.91 143.31
CA THR CC 3 71.17 86.90 143.95
C THR CC 3 70.44 87.70 145.04
N THR CC 4 69.10 87.82 144.95
CA THR CC 4 68.34 88.69 145.86
C THR CC 4 67.38 87.90 146.76
N SER CC 5 66.35 87.28 146.17
CA SER CC 5 65.25 86.61 146.87
C SER CC 5 64.52 87.55 147.84
N ALA CC 6 64.49 88.86 147.54
CA ALA CC 6 64.05 89.90 148.45
C ALA CC 6 62.52 89.96 148.57
N SER CC 7 62.06 90.49 149.71
CA SER CC 7 60.66 90.67 150.09
C SER CC 7 59.94 91.73 149.26
N HIS CC 8 60.66 92.79 148.85
CA HIS CC 8 60.08 93.99 148.25
C HIS CC 8 61.02 94.58 147.21
N HIS CC 9 60.45 95.30 146.23
CA HIS CC 9 61.19 95.79 145.06
C HIS CC 9 62.35 96.72 145.43
N VAL CC 10 62.17 97.59 146.44
CA VAL CC 10 63.20 98.55 146.81
C VAL CC 10 64.45 97.81 147.30
N GLN CC 11 64.27 96.83 148.19
CA GLN CC 11 65.39 96.04 148.69
C GLN CC 11 65.96 95.18 147.57
N ALA CC 12 65.11 94.69 146.66
CA ALA CC 12 65.53 93.89 145.52
C ALA CC 12 66.54 94.62 144.64
N ILE CC 13 66.30 95.91 144.36
CA ILE CC 13 67.17 96.68 143.49
C ILE CC 13 68.43 97.14 144.24
N ILE CC 14 68.30 97.41 145.55
CA ILE CC 14 69.47 97.64 146.39
C ILE CC 14 70.41 96.42 146.33
N ASP CC 15 69.85 95.21 146.47
CA ASP CC 15 70.61 93.97 146.40
C ASP CC 15 71.30 93.80 145.04
N LEU CC 16 70.62 94.16 143.93
CA LEU CC 16 71.20 94.07 142.59
C LEU CC 16 72.39 95.01 142.43
N LEU CC 17 72.26 96.25 142.92
CA LEU CC 17 73.32 97.25 142.80
C LEU CC 17 74.50 96.91 143.71
N GLU CC 18 74.24 96.33 144.89
CA GLU CC 18 75.28 95.89 145.80
C GLU CC 18 76.01 94.64 145.29
N ALA CC 19 75.33 93.80 144.49
CA ALA CC 19 75.88 92.55 143.97
C ALA CC 19 76.84 92.78 142.81
N ALA CC 20 76.90 94.01 142.26
CA ALA CC 20 77.75 94.33 141.12
C ALA CC 20 79.23 94.28 141.50
N PRO CC 21 80.11 93.58 140.72
CA PRO CC 21 81.56 93.63 140.91
C PRO CC 21 82.13 95.04 140.79
N ASP CC 22 83.24 95.30 141.50
CA ASP CC 22 83.93 96.59 141.48
C ASP CC 22 84.37 96.98 140.07
N ALA CC 23 84.64 95.98 139.22
CA ALA CC 23 85.10 96.16 137.84
C ALA CC 23 84.01 96.74 136.93
N ASP CC 24 82.74 96.66 137.33
CA ASP CC 24 81.61 97.07 136.50
C ASP CC 24 81.22 98.54 136.75
N TRP CC 25 81.83 99.19 137.76
CA TRP CC 25 81.67 100.62 137.99
C TRP CC 25 82.78 101.37 137.28
N THR CC 26 82.45 102.52 136.67
CA THR CC 26 83.39 103.32 135.89
C THR CC 26 84.39 104.07 136.78
N PRO CC 27 83.97 104.77 137.88
CA PRO CC 27 84.93 105.40 138.80
C PRO CC 27 85.85 104.44 139.53
N THR CC 28 86.84 105.00 140.23
CA THR CC 28 87.84 104.27 141.00
C THR CC 28 87.22 103.62 142.25
N GLN CC 29 86.23 104.29 142.85
CA GLN CC 29 85.56 103.82 144.07
C GLN CC 29 84.17 103.31 143.74
N THR CC 30 83.84 102.11 144.23
CA THR CC 30 82.49 101.54 144.14
C THR CC 30 81.53 102.39 144.97
N PRO CC 31 80.42 102.92 144.38
CA PRO CC 31 79.43 103.70 145.12
C PRO CC 31 78.79 102.99 146.31
N THR CC 32 78.22 103.79 147.23
CA THR CC 32 77.46 103.29 148.37
C THR CC 32 75.97 103.34 148.01
N VAL CC 33 75.25 102.21 148.23
CA VAL CC 33 73.84 102.09 147.88
C VAL CC 33 73.00 102.20 149.15
N LYS CC 34 71.95 103.04 149.11
CA LYS CC 34 71.11 103.34 150.26
C LYS CC 34 69.63 103.44 149.85
N ARG CC 35 68.73 103.16 150.80
CA ARG CC 35 67.33 103.57 150.71
C ARG CC 35 67.30 105.09 150.84
N TYR CC 36 66.34 105.75 150.18
CA TYR CC 36 66.27 107.21 150.24
C TYR CC 36 66.18 107.71 151.69
N TRP CC 37 65.57 106.91 152.57
CA TRP CC 37 65.29 107.28 153.95
C TRP CC 37 66.40 106.85 154.92
N ASP CC 38 67.53 106.33 154.40
CA ASP CC 38 68.67 105.96 155.24
C ASP CC 38 69.35 107.20 155.85
N ASP CC 39 69.27 108.36 155.17
CA ASP CC 39 69.99 109.58 155.53
C ASP CC 39 69.04 110.78 155.72
N ALA CC 40 69.39 111.69 156.63
CA ALA CC 40 68.66 112.94 156.86
C ALA CC 40 69.04 113.95 155.76
N GLN CC 41 68.13 114.89 155.45
CA GLN CC 41 68.21 115.72 154.25
C GLN CC 41 69.47 116.59 154.20
N SER CC 42 69.85 117.23 155.32
CA SER CC 42 71.00 118.12 155.38
C SER CC 42 72.30 117.36 155.12
N GLU CC 43 72.26 116.04 155.36
CA GLU CC 43 73.42 115.16 155.23
C GLU CC 43 73.28 114.26 154.00
N ARG CC 44 72.22 114.44 153.19
CA ARG CC 44 72.01 113.64 151.99
C ARG CC 44 73.11 113.95 150.97
N GLY CC 45 73.53 112.91 150.23
CA GLY CC 45 74.66 112.98 149.33
C GLY CC 45 75.99 112.79 150.06
N PRO CC 46 77.10 112.47 149.35
CA PRO CC 46 78.39 112.20 149.98
C PRO CC 46 79.07 113.46 150.51
N GLY CC 47 80.01 113.28 151.44
CA GLY CC 47 81.00 114.30 151.74
C GLY CC 47 82.18 114.20 150.77
N ALA CC 48 83.07 115.19 150.80
CA ALA CC 48 84.33 115.13 150.07
C ALA CC 48 85.18 113.98 150.63
N ASP CC 49 86.02 113.37 149.78
CA ASP CC 49 86.91 112.26 150.12
C ASP CC 49 86.12 111.00 150.51
N MET CC 50 84.94 110.80 149.90
CA MET CC 50 84.08 109.64 150.11
C MET CC 50 83.50 109.16 148.78
N PRO CC 51 83.08 107.85 148.65
CA PRO CC 51 82.45 107.37 147.43
C PRO CC 51 81.06 107.98 147.22
N ALA CC 52 80.64 108.05 145.95
CA ALA CC 52 79.34 108.59 145.57
C ALA CC 52 78.20 107.73 146.13
N ILE CC 53 77.02 108.33 146.32
CA ILE CC 53 75.89 107.66 146.95
C ILE CC 53 74.74 107.48 145.96
N LEU CC 54 74.17 106.27 145.93
CA LEU CC 54 72.95 105.96 145.20
C LEU CC 54 71.79 105.82 146.18
N TYR CC 55 70.71 106.61 145.97
CA TYR CC 55 69.51 106.51 146.77
C TYR CC 55 68.39 105.85 145.96
N VAL CC 56 67.83 104.76 146.52
CA VAL CC 56 66.80 103.94 145.89
C VAL CC 56 65.49 104.14 146.65
N TRP CC 57 64.37 104.31 145.92
CA TRP CC 57 63.02 104.28 146.49
C TRP CC 57 61.99 103.97 145.40
N SER CC 58 60.74 103.69 145.82
CA SER CC 58 59.62 103.48 144.91
C SER CC 58 58.77 104.75 144.83
N PRO CC 59 58.84 105.55 143.73
CA PRO CC 59 58.17 106.84 143.66
C PRO CC 59 56.66 106.84 143.37
N THR CC 60 56.13 105.75 142.79
CA THR CC 60 54.75 105.69 142.33
C THR CC 60 54.12 104.33 142.65
N THR CC 61 52.78 104.25 142.57
CA THR CC 61 51.97 103.09 142.91
C THR CC 61 52.37 101.86 142.07
N SER CC 62 52.59 100.71 142.73
CA SER CC 62 52.65 99.41 142.06
C SER CC 62 51.25 98.99 141.62
N SER CC 63 51.10 98.58 140.36
CA SER CC 63 49.84 98.00 139.87
C SER CC 63 49.74 96.52 140.24
N LEU CC 64 48.52 96.06 140.55
CA LEU CC 64 48.21 94.64 140.70
C LEU CC 64 47.05 94.28 139.77
N ASP CC 65 47.38 93.92 138.52
CA ASP CC 65 46.38 93.53 137.53
C ASP CC 65 46.03 92.05 137.70
N ARG CC 66 44.76 91.71 137.44
CA ARG CC 66 44.32 90.32 137.33
C ARG CC 66 45.00 89.66 136.13
N PHE CC 67 45.47 88.43 136.31
CA PHE CC 67 46.12 87.68 135.23
C PHE CC 67 45.11 86.85 134.44
N SER CC 68 44.10 86.30 135.12
CA SER CC 68 43.12 85.37 134.55
C SER CC 68 41.90 85.23 135.46
N MET CC 69 40.90 84.47 135.00
CA MET CC 69 39.71 84.13 135.77
C MET CC 69 40.06 83.25 136.98
N ASP CC 70 41.18 82.51 136.95
CA ASP CC 70 41.55 81.57 138.01
C ASP CC 70 41.90 82.31 139.30
N GLY CC 71 42.65 83.41 139.18
CA GLY CC 71 43.03 84.30 140.27
C GLY CC 71 44.17 83.77 141.14
N ASP CC 72 45.03 82.89 140.57
CA ASP CC 72 46.19 82.34 141.26
C ASP CC 72 47.26 83.40 141.50
N VAL CC 73 47.39 84.35 140.56
CA VAL CC 73 48.46 85.35 140.55
C VAL CC 73 47.93 86.72 140.12
N PHE CC 74 48.58 87.78 140.60
CA PHE CC 74 48.51 89.11 139.99
C PHE CC 74 49.66 89.27 139.01
N ASP CC 75 49.38 89.96 137.89
CA ASP CC 75 50.41 90.56 137.05
C ASP CC 75 50.83 91.87 137.72
N GLN CC 76 51.96 91.85 138.44
CA GLN CC 76 52.38 92.96 139.29
C GLN CC 76 53.43 93.79 138.57
N ASN CC 77 53.20 95.12 138.49
CA ASN CC 77 54.12 96.06 137.89
C ASN CC 77 54.56 97.11 138.92
N ASP CC 78 55.88 97.16 139.18
CA ASP CC 78 56.50 97.97 140.23
C ASP CC 78 57.38 99.05 139.60
N SER CC 79 57.53 100.19 140.31
CA SER CC 79 58.29 101.34 139.83
C SER CC 79 59.30 101.80 140.89
N ILE CC 80 60.53 102.12 140.44
CA ILE CC 80 61.65 102.53 141.27
C ILE CC 80 62.37 103.70 140.60
N GLU CC 81 62.94 104.58 141.43
CA GLU CC 81 63.94 105.55 140.98
C GLU CC 81 65.23 105.37 141.77
N VAL CC 82 66.37 105.49 141.07
CA VAL CC 82 67.70 105.49 141.67
C VAL CC 82 68.34 106.85 141.38
N GLN CC 83 68.68 107.62 142.43
CA GLN CC 83 69.37 108.89 142.28
C GLN CC 83 70.86 108.73 142.63
N ALA CC 84 71.74 109.19 141.72
CA ALA CC 84 73.18 109.28 141.96
C ALA CC 84 73.55 110.69 142.42
N TRP CC 85 74.21 110.81 143.58
CA TRP CC 85 74.68 112.08 144.13
C TRP CC 85 76.21 112.09 144.19
N SER CC 86 76.85 113.14 143.63
CA SER CC 86 78.27 113.41 143.77
C SER CC 86 78.56 114.89 143.49
N PHE CC 87 79.75 115.35 143.90
CA PHE CC 87 80.24 116.69 143.59
C PHE CC 87 80.83 116.79 142.18
N ASP CC 88 81.21 115.65 141.57
CA ASP CC 88 81.78 115.62 140.23
C ASP CC 88 80.68 115.39 139.19
N GLU CC 89 80.44 116.40 138.33
CA GLU CC 89 79.46 116.34 137.25
C GLU CC 89 79.73 115.20 136.27
N THR CC 90 81.00 114.78 136.17
CA THR CC 90 81.43 113.67 135.31
C THR CC 90 81.07 112.34 135.98
N GLU CC 91 81.18 112.27 137.31
CA GLU CC 91 80.96 111.05 138.07
C GLU CC 91 79.49 110.64 138.03
N VAL CC 92 78.56 111.60 138.19
CA VAL CC 92 77.13 111.30 138.14
C VAL CC 92 76.72 110.80 136.75
N GLU CC 93 77.36 111.34 135.70
CA GLU CC 93 77.08 110.92 134.33
C GLU CC 93 77.57 109.48 134.10
N GLN CC 94 78.77 109.18 134.62
CA GLN CC 94 79.35 107.85 134.58
C GLN CC 94 78.49 106.86 135.38
N LEU CC 95 78.00 107.29 136.55
CA LEU CC 95 77.13 106.48 137.40
C LEU CC 95 75.79 106.20 136.74
N GLN CC 96 75.24 107.20 136.02
CA GLN CC 96 74.01 107.00 135.26
C GLN CC 96 74.20 105.90 134.21
N GLY CC 97 75.33 105.95 133.48
CA GLY CC 97 75.75 104.89 132.58
C GLY CC 97 75.84 103.55 133.30
N ASP CC 98 76.58 103.50 134.42
CA ASP CC 98 76.81 102.29 135.20
C ASP CC 98 75.51 101.66 135.68
N ILE CC 99 74.61 102.45 136.31
CA ILE CC 99 73.33 101.97 136.83
C ILE CC 99 72.52 101.29 135.71
N VAL CC 100 72.49 101.93 134.53
CA VAL CC 100 71.83 101.34 133.37
C VAL CC 100 72.49 100.00 133.02
N GLN CC 101 73.82 99.97 132.90
CA GLN CC 101 74.55 98.75 132.53
C GLN CC 101 74.41 97.63 133.55
N ILE CC 102 74.30 97.96 134.86
CA ILE CC 102 74.07 96.95 135.89
C ILE CC 102 72.65 96.39 135.77
N LEU CC 103 71.65 97.30 135.78
CA LEU CC 103 70.25 96.91 135.82
C LEU CC 103 69.72 96.50 134.43
N SER CC 104 70.59 96.50 133.41
CA SER CC 104 70.26 95.96 132.09
C SER CC 104 70.71 94.50 131.94
N GLU CC 105 71.45 93.97 132.94
CA GLU CC 105 71.37 92.54 133.21
C GLU CC 105 69.97 92.29 133.77
N TYR CC 106 69.52 91.03 133.87
CA TYR CC 106 68.24 90.67 134.48
C TYR CC 106 67.03 91.16 133.67
N LEU CC 107 67.25 91.71 132.45
CA LEU CC 107 66.20 92.33 131.63
C LEU CC 107 65.02 91.39 131.36
N ASP CC 108 65.32 90.10 131.16
CA ASP CC 108 64.32 89.05 131.01
C ASP CC 108 64.71 87.85 131.88
N ASP CC 109 65.07 88.14 133.14
CA ASP CC 109 65.30 87.14 134.17
C ASP CC 109 64.00 86.35 134.39
N ASN CC 110 63.97 85.05 134.05
CA ASN CC 110 62.78 84.23 134.26
C ASN CC 110 62.69 83.75 135.72
N GLU CC 111 62.77 84.71 136.67
CA GLU CC 111 62.82 84.50 138.10
C GLU CC 111 64.01 83.61 138.52
N VAL CC 112 65.16 83.74 137.84
CA VAL CC 112 66.37 82.96 138.11
C VAL CC 112 67.23 83.69 139.14
N GLN CC 113 67.44 85.00 138.93
CA GLN CC 113 68.29 85.82 139.80
C GLN CC 113 67.47 86.58 140.83
N THR CC 114 66.22 86.93 140.46
CA THR CC 114 65.37 87.85 141.21
C THR CC 114 63.97 87.25 141.34
N PRO CC 115 63.07 87.80 142.21
CA PRO CC 115 61.66 87.38 142.22
C PRO CC 115 60.78 87.94 141.09
N TYR CC 116 61.39 88.35 139.96
CA TYR CC 116 60.71 89.06 138.87
C TYR CC 116 60.97 88.39 137.52
N SER CC 117 60.03 88.58 136.56
CA SER CC 117 60.18 88.19 135.17
C SER CC 117 61.03 89.19 134.38
N ASP CC 118 61.14 90.42 134.91
CA ASP CC 118 61.66 91.58 134.19
C ASP CC 118 62.04 92.66 135.20
N VAL CC 119 63.31 93.09 135.18
CA VAL CC 119 63.76 94.34 135.78
C VAL CC 119 64.36 95.17 134.64
N ALA CC 120 63.84 96.40 134.43
CA ALA CC 120 64.26 97.21 133.28
C ALA CC 120 64.37 98.70 133.61
N PRO CC 121 65.51 99.37 133.31
CA PRO CC 121 65.54 100.82 133.15
C PRO CC 121 64.56 101.22 132.05
N THR CC 122 63.63 102.14 132.38
CA THR CC 122 62.62 102.62 131.45
C THR CC 122 62.88 104.08 131.04
N GLY CC 123 63.74 104.78 131.80
CA GLY CC 123 64.16 106.12 131.43
C GLY CC 123 65.22 106.66 132.39
N THR CC 124 65.76 107.83 132.06
CA THR CC 124 66.82 108.46 132.85
C THR CC 124 66.60 109.98 132.89
N ASN CC 125 67.07 110.60 133.98
CA ASN CC 125 66.92 112.04 134.18
C ASN CC 125 68.29 112.67 134.46
N ASP CC 126 68.44 113.90 133.96
CA ASP CC 126 69.53 114.78 134.31
C ASP CC 126 68.96 115.92 135.14
N PHE CC 127 69.60 116.23 136.28
CA PHE CC 127 69.19 117.34 137.12
C PHE CC 127 70.36 118.29 137.38
N ARG CC 128 71.44 118.18 136.59
CA ARG CC 128 72.65 118.97 136.78
C ARG CC 128 72.40 120.47 136.58
N GLU CC 129 71.38 120.83 135.79
CA GLU CC 129 71.00 122.22 135.57
C GLU CC 129 70.51 122.90 136.86
N GLN CC 130 70.16 122.11 137.87
CA GLN CC 130 69.60 122.61 139.12
C GLN CC 130 70.67 122.99 140.13
N THR CC 131 71.89 122.41 140.01
CA THR CC 131 72.99 122.68 140.92
C THR CC 131 73.51 124.10 140.68
N PRO CC 132 73.41 125.04 141.68
CA PRO CC 132 73.83 126.42 141.47
C PRO CC 132 75.35 126.55 141.48
N ALA CC 133 75.89 127.36 140.56
CA ALA CC 133 77.28 127.27 140.14
C ALA CC 133 78.27 127.88 141.13
N ARG CC 134 77.83 128.76 142.05
CA ARG CC 134 78.72 129.43 142.99
C ARG CC 134 79.25 128.43 144.03
N THR CC 135 78.33 127.67 144.61
CA THR CC 135 78.53 126.83 145.78
C THR CC 135 78.91 125.41 145.35
N THR CC 136 79.68 124.72 146.18
CA THR CC 136 80.14 123.36 145.92
C THR CC 136 79.05 122.34 146.28
N GLY CC 137 77.80 122.56 145.85
CA GLY CC 137 76.70 121.64 146.12
C GLY CC 137 76.74 120.42 145.19
N HIS CC 138 75.98 119.37 145.53
CA HIS CC 138 75.97 118.12 144.78
C HIS CC 138 75.31 118.29 143.40
N TYR CC 139 75.82 117.52 142.43
CA TYR CC 139 75.09 117.21 141.19
C TYR CC 139 74.26 115.96 141.40
N ILE CC 140 73.10 115.89 140.71
CA ILE CC 140 72.18 114.77 140.83
C ILE CC 140 71.77 114.32 139.42
N MET CC 141 71.72 112.99 139.21
CA MET CC 141 71.13 112.36 138.04
C MET CC 141 70.39 111.10 138.50
N SER CC 142 69.45 110.59 137.69
CA SER CC 142 68.68 109.42 138.12
C SER CC 142 68.36 108.45 136.98
N VAL CC 143 68.06 107.20 137.38
CA VAL CC 143 67.52 106.17 136.51
C VAL CC 143 66.14 105.77 137.05
N GLU CC 144 65.17 105.70 136.14
CA GLU CC 144 63.84 105.18 136.44
C GLU CC 144 63.77 103.72 135.97
N VAL CC 145 63.29 102.85 136.86
CA VAL CC 145 63.32 101.41 136.67
C VAL CC 145 61.89 100.88 136.90
N GLU CC 146 61.40 100.09 135.94
CA GLU CC 146 60.20 99.30 136.16
C GLU CC 146 60.58 97.83 136.39
N THR CC 147 59.65 97.06 136.94
CA THR CC 147 59.91 95.72 137.42
C THR CC 147 58.59 94.95 137.40
N ARG CC 148 58.59 93.73 136.85
CA ARG CC 148 57.35 93.02 136.58
C ARG CC 148 57.49 91.53 136.88
N GLY CC 149 56.42 90.93 137.42
CA GLY CC 149 56.37 89.50 137.70
C GLY CC 149 54.97 89.03 138.08
N LEU CC 150 54.80 87.70 138.22
CA LEU CC 150 53.55 87.11 138.67
C LEU CC 150 53.62 86.84 140.17
N SER CC 151 52.66 87.40 140.92
CA SER CC 151 52.67 87.46 142.37
C SER CC 151 51.50 86.65 142.94
N GLU CC 152 51.78 85.65 143.81
CA GLU CC 152 50.80 84.64 144.21
C GLU CC 152 49.76 85.20 145.18
N THR CC 153 48.49 84.75 145.05
CA THR CC 153 47.34 85.31 145.75
C THR CC 153 46.88 84.49 146.97
N ALA CC 154 47.21 83.19 147.02
CA ALA CC 154 46.69 82.26 148.01
C ALA CC 154 45.15 82.13 148.00
N LYS CC 155 44.48 82.57 146.91
CA LYS CC 155 43.03 82.48 146.73
C LYS CC 155 42.54 81.02 146.77
N ASN CC 156 43.29 80.13 146.10
CA ASN CC 156 42.92 78.74 145.90
C ASN CC 156 43.70 77.80 146.84
N ALA CC 157 44.55 78.37 147.72
CA ALA CC 157 45.32 77.68 148.75
C ALA CC 157 46.20 76.56 148.17
N ALA DC 2 28.68 83.71 155.74
CA ALA DC 2 29.29 85.04 155.50
C ALA DC 2 30.24 85.40 156.64
N THR DC 3 31.27 86.20 156.32
CA THR DC 3 32.20 86.72 157.32
C THR DC 3 31.86 88.15 157.73
N THR DC 4 31.11 88.91 156.89
CA THR DC 4 30.88 90.33 157.12
C THR DC 4 29.40 90.72 157.07
N SER DC 5 28.78 90.67 155.87
CA SER DC 5 27.43 91.18 155.60
C SER DC 5 27.26 92.66 155.94
N ALA DC 6 28.36 93.45 155.91
CA ALA DC 6 28.39 94.84 156.35
C ALA DC 6 27.64 95.77 155.38
N SER DC 7 27.09 96.86 155.92
CA SER DC 7 26.25 97.81 155.20
C SER DC 7 27.05 98.70 154.22
N HIS DC 8 28.37 98.87 154.48
CA HIS DC 8 29.23 99.78 153.74
C HIS DC 8 30.61 99.16 153.55
N HIS DC 9 31.29 99.54 152.46
CA HIS DC 9 32.56 98.93 152.05
C HIS DC 9 33.68 99.09 153.09
N VAL DC 10 33.73 100.25 153.78
CA VAL DC 10 34.78 100.51 154.75
C VAL DC 10 34.68 99.54 155.92
N GLN DC 11 33.46 99.30 156.41
CA GLN DC 11 33.25 98.35 157.49
C GLN DC 11 33.47 96.92 157.00
N ALA DC 12 33.11 96.64 155.74
CA ALA DC 12 33.30 95.32 155.14
C ALA DC 12 34.78 94.91 155.14
N ILE DC 13 35.67 95.84 154.76
CA ILE DC 13 37.09 95.53 154.67
C ILE DC 13 37.72 95.46 156.06
N ILE DC 14 37.22 96.25 157.02
CA ILE DC 14 37.63 96.14 158.41
C ILE DC 14 37.27 94.74 158.95
N ASP DC 15 36.05 94.27 158.68
CA ASP DC 15 35.60 92.94 159.11
C ASP DC 15 36.47 91.83 158.53
N LEU DC 16 36.89 91.97 157.25
CA LEU DC 16 37.77 90.98 156.61
C LEU DC 16 39.16 90.94 157.26
N LEU DC 17 39.72 92.12 157.55
CA LEU DC 17 41.04 92.23 158.18
C LEU DC 17 41.01 91.75 159.63
N GLU DC 18 39.90 92.00 160.34
CA GLU DC 18 39.72 91.54 161.71
C GLU DC 18 39.48 90.03 161.79
N ALA DC 19 38.93 89.43 160.72
CA ALA DC 19 38.64 88.00 160.66
C ALA DC 19 39.90 87.14 160.45
N ALA DC 20 41.02 87.77 160.06
CA ALA DC 20 42.27 87.06 159.77
C ALA DC 20 42.85 86.41 161.03
N PRO DC 21 43.17 85.08 161.02
CA PRO DC 21 43.89 84.44 162.13
C PRO DC 21 45.25 85.07 162.40
N ASP DC 22 45.72 84.96 163.65
CA ASP DC 22 47.01 85.46 164.10
C ASP DC 22 48.16 84.86 163.29
N ALA DC 23 47.96 83.64 162.76
CA ALA DC 23 48.95 82.90 161.99
C ALA DC 23 49.22 83.51 160.60
N ASP DC 24 48.26 84.29 160.07
CA ASP DC 24 48.36 84.85 158.73
C ASP DC 24 49.13 86.16 158.71
N TRP DC 25 49.23 86.85 159.86
CA TRP DC 25 50.08 88.02 160.02
C TRP DC 25 51.52 87.54 160.21
N THR DC 26 52.47 88.23 159.55
CA THR DC 26 53.88 87.89 159.60
C THR DC 26 54.50 88.27 160.95
N PRO DC 27 54.30 89.50 161.49
CA PRO DC 27 54.86 89.86 162.80
C PRO DC 27 54.30 89.04 163.96
N THR DC 28 54.93 89.18 165.14
CA THR DC 28 54.55 88.48 166.36
C THR DC 28 53.17 88.93 166.86
N GLN DC 29 52.87 90.23 166.72
CA GLN DC 29 51.64 90.82 167.23
C GLN DC 29 50.68 91.13 166.08
N THR DC 30 49.41 90.69 166.22
CA THR DC 30 48.35 90.97 165.25
C THR DC 30 48.05 92.47 165.24
N PRO DC 31 48.10 93.16 164.06
CA PRO DC 31 47.78 94.60 163.98
C PRO DC 31 46.39 94.96 164.46
N THR DC 32 46.25 96.21 164.96
CA THR DC 32 44.96 96.80 165.29
C THR DC 32 44.37 97.45 164.04
N VAL DC 33 43.09 97.21 163.76
CA VAL DC 33 42.40 97.74 162.59
C VAL DC 33 41.41 98.84 163.01
N LYS DC 34 41.43 99.98 162.30
CA LYS DC 34 40.64 101.16 162.64
C LYS DC 34 40.09 101.82 161.37
N ARG DC 35 38.97 102.56 161.50
CA ARG DC 35 38.63 103.57 160.52
C ARG DC 35 39.62 104.71 160.67
N TYR DC 36 39.93 105.42 159.57
CA TYR DC 36 40.89 106.51 159.61
C TYR DC 36 40.54 107.56 160.65
N TRP DC 37 39.23 107.82 160.85
CA TRP DC 37 38.71 108.84 161.76
C TRP DC 37 38.56 108.38 163.21
N ASP DC 38 39.02 107.16 163.55
CA ASP DC 38 39.01 106.68 164.93
C ASP DC 38 39.98 107.46 165.82
N ASP DC 39 41.06 108.01 165.23
CA ASP DC 39 42.16 108.61 165.97
C ASP DC 39 42.41 110.07 165.54
N ALA DC 40 42.86 110.91 166.48
CA ALA DC 40 43.29 112.27 166.20
C ALA DC 40 44.71 112.25 165.60
N GLN DC 41 45.05 113.28 164.80
CA GLN DC 41 46.22 113.28 163.93
C GLN DC 41 47.54 113.18 164.71
N SER DC 42 47.67 113.94 165.81
CA SER DC 42 48.89 113.95 166.62
C SER DC 42 49.16 112.58 167.26
N GLU DC 43 48.09 111.78 167.41
CA GLU DC 43 48.15 110.46 168.03
C GLU DC 43 48.03 109.34 166.99
N ARG DC 44 47.93 109.68 165.70
CA ARG DC 44 47.79 108.68 164.63
C ARG DC 44 49.06 107.83 164.53
N GLY DC 45 48.88 106.53 164.25
CA GLY DC 45 49.94 105.55 164.30
C GLY DC 45 50.14 105.01 165.73
N PRO DC 46 50.81 103.84 165.89
CA PRO DC 46 51.04 103.24 167.20
C PRO DC 46 52.06 104.01 168.04
N GLY DC 47 51.98 103.86 169.37
CA GLY DC 47 53.11 104.15 170.24
C GLY DC 47 54.05 102.96 170.29
N ALA DC 48 55.23 103.15 170.92
CA ALA DC 48 56.19 102.08 171.15
C ALA DC 48 55.58 101.05 172.11
N ASP DC 49 56.02 99.79 172.00
CA ASP DC 49 55.54 98.66 172.81
C ASP DC 49 54.05 98.35 172.57
N MET DC 50 53.55 98.67 171.36
CA MET DC 50 52.18 98.40 170.95
C MET DC 50 52.17 97.81 169.53
N PRO DC 51 51.13 97.02 169.14
CA PRO DC 51 51.03 96.49 167.78
C PRO DC 51 50.81 97.61 166.76
N ALA DC 52 51.23 97.35 165.51
CA ALA DC 52 51.05 98.27 164.39
C ALA DC 52 49.56 98.51 164.12
N ILE DC 53 49.24 99.66 163.48
CA ILE DC 53 47.87 100.05 163.22
C ILE DC 53 47.60 100.11 161.72
N LEU DC 54 46.43 99.59 161.31
CA LEU DC 54 45.91 99.73 159.97
C LEU DC 54 44.71 100.68 159.97
N TYR DC 55 44.76 101.72 159.12
CA TYR DC 55 43.65 102.66 158.96
C TYR DC 55 42.98 102.43 157.61
N VAL DC 56 41.65 102.25 157.64
CA VAL DC 56 40.84 101.98 156.45
C VAL DC 56 39.90 103.15 156.21
N TRP DC 57 39.78 103.58 154.94
CA TRP DC 57 38.78 104.55 154.50
C TRP DC 57 38.55 104.43 152.99
N SER DC 58 37.52 105.13 152.48
CA SER DC 58 37.21 105.16 151.05
C SER DC 58 37.70 106.49 150.46
N PRO DC 59 38.81 106.52 149.68
CA PRO DC 59 39.40 107.78 149.22
C PRO DC 59 38.73 108.51 148.05
N THR DC 60 37.96 107.78 147.22
CA THR DC 60 37.38 108.29 145.98
C THR DC 60 35.96 107.78 145.77
N THR DC 61 35.23 108.41 144.84
CA THR DC 61 33.82 108.18 144.54
C THR DC 61 33.56 106.71 144.14
N SER DC 62 32.57 106.08 144.79
CA SER DC 62 32.00 104.82 144.32
C SER DC 62 31.15 105.10 143.08
N SER DC 63 31.34 104.31 142.01
CA SER DC 63 30.51 104.40 140.81
C SER DC 63 29.25 103.55 140.97
N LEU DC 64 28.12 104.06 140.45
CA LEU DC 64 26.88 103.29 140.31
C LEU DC 64 26.45 103.28 138.85
N ASP DC 65 26.91 102.27 138.09
CA ASP DC 65 26.55 102.13 136.68
C ASP DC 65 25.24 101.35 136.55
N ARG DC 66 24.45 101.67 135.52
CA ARG DC 66 23.28 100.88 135.14
C ARG DC 66 23.73 99.50 134.65
N PHE DC 67 23.06 98.44 135.12
CA PHE DC 67 23.36 97.09 134.70
C PHE DC 67 22.58 96.70 133.44
N SER DC 68 21.31 97.15 133.34
CA SER DC 68 20.41 96.79 132.25
C SER DC 68 19.22 97.75 132.15
N MET DC 69 18.38 97.58 131.11
CA MET DC 69 17.13 98.31 130.92
C MET DC 69 16.10 97.99 132.01
N ASP DC 70 16.24 96.87 132.74
CA ASP DC 70 15.31 96.50 133.81
C ASP DC 70 15.34 97.53 134.95
N GLY DC 71 16.54 97.96 135.30
CA GLY DC 71 16.79 98.92 136.38
C GLY DC 71 16.64 98.33 137.78
N ASP DC 72 16.74 96.99 137.93
CA ASP DC 72 16.70 96.30 139.22
C ASP DC 72 17.97 96.56 140.04
N VAL DC 73 19.08 96.86 139.36
CA VAL DC 73 20.43 96.70 139.91
C VAL DC 73 21.35 97.80 139.39
N PHE DC 74 22.24 98.27 140.28
CA PHE DC 74 23.43 99.01 139.90
C PHE DC 74 24.64 98.07 139.94
N ASP DC 75 25.47 98.13 138.88
CA ASP DC 75 26.83 97.62 138.92
C ASP DC 75 27.67 98.62 139.72
N GLN DC 76 27.97 98.26 140.98
CA GLN DC 76 28.58 99.18 141.93
C GLN DC 76 30.09 98.84 142.05
N ASN DC 77 30.94 99.85 141.82
CA ASN DC 77 32.37 99.73 142.03
C ASN DC 77 32.82 100.71 143.12
N ASP DC 78 33.39 100.15 144.20
CA ASP DC 78 33.80 100.87 145.41
C ASP DC 78 35.33 100.86 145.54
N SER DC 79 35.89 101.94 146.11
CA SER DC 79 37.34 102.10 146.27
C SER DC 79 37.71 102.34 147.74
N ILE DC 80 38.83 101.75 148.17
CA ILE DC 80 39.32 101.79 149.55
C ILE DC 80 40.85 101.90 149.54
N GLU DC 81 41.39 102.57 150.56
CA GLU DC 81 42.80 102.49 150.88
C GLU DC 81 42.98 102.02 152.33
N VAL DC 82 43.97 101.12 152.52
CA VAL DC 82 44.41 100.66 153.83
C VAL DC 82 45.84 101.14 154.05
N GLN DC 83 46.07 101.99 155.07
CA GLN DC 83 47.41 102.45 155.43
C GLN DC 83 47.92 101.68 156.65
N ALA DC 84 49.14 101.16 156.57
CA ALA DC 84 49.84 100.50 157.67
C ALA DC 84 50.86 101.47 158.30
N TRP DC 85 50.79 101.67 159.62
CA TRP DC 85 51.68 102.57 160.35
C TRP DC 85 52.49 101.79 161.40
N SER DC 86 53.82 101.96 161.40
CA SER DC 86 54.73 101.42 162.42
C SER DC 86 56.04 102.19 162.42
N PHE DC 87 56.83 102.07 163.51
CA PHE DC 87 58.18 102.61 163.59
C PHE DC 87 59.22 101.71 162.89
N ASP DC 88 58.82 100.49 162.52
CA ASP DC 88 59.71 99.51 161.91
C ASP DC 88 59.47 99.48 160.39
N GLU DC 89 60.50 99.87 159.63
CA GLU DC 89 60.48 99.97 158.17
C GLU DC 89 60.30 98.62 157.48
N THR DC 90 60.54 97.52 158.21
CA THR DC 90 60.36 96.16 157.71
C THR DC 90 58.99 95.61 158.12
N GLU DC 91 58.46 96.08 159.27
CA GLU DC 91 57.14 95.65 159.73
C GLU DC 91 56.06 96.16 158.79
N VAL DC 92 56.16 97.43 158.35
CA VAL DC 92 55.21 98.00 157.40
C VAL DC 92 55.25 97.25 156.06
N GLU DC 93 56.43 96.78 155.66
CA GLU DC 93 56.64 96.03 154.44
C GLU DC 93 55.98 94.65 154.53
N GLN DC 94 56.16 94.00 155.68
CA GLN DC 94 55.50 92.74 156.00
C GLN DC 94 53.98 92.93 156.03
N LEU DC 95 53.51 94.02 156.64
CA LEU DC 95 52.09 94.34 156.69
C LEU DC 95 51.49 94.59 155.31
N GLN DC 96 52.21 95.31 154.43
CA GLN DC 96 51.77 95.49 153.06
C GLN DC 96 51.59 94.13 152.37
N GLY DC 97 52.57 93.24 152.52
CA GLY DC 97 52.50 91.88 152.04
C GLY DC 97 51.29 91.12 152.61
N ASP DC 98 51.13 91.20 153.94
CA ASP DC 98 50.05 90.53 154.66
C ASP DC 98 48.67 91.02 154.22
N ILE DC 99 48.49 92.36 154.11
CA ILE DC 99 47.21 92.97 153.74
C ILE DC 99 46.81 92.49 152.33
N VAL DC 100 47.76 92.49 151.40
CA VAL DC 100 47.55 91.94 150.08
C VAL DC 100 47.13 90.47 150.19
N GLN DC 101 47.88 89.67 150.97
CA GLN DC 101 47.65 88.24 151.08
C GLN DC 101 46.31 87.89 151.75
N ILE DC 102 45.86 88.73 152.70
CA ILE DC 102 44.55 88.56 153.35
C ILE DC 102 43.45 88.89 152.34
N LEU DC 103 43.54 90.07 151.72
CA LEU DC 103 42.49 90.57 150.85
C LEU DC 103 42.57 89.98 149.43
N SER DC 104 43.55 89.09 149.18
CA SER DC 104 43.60 88.30 147.96
C SER DC 104 42.88 86.95 148.12
N GLU DC 105 42.50 86.59 149.35
CA GLU DC 105 41.33 85.72 149.52
C GLU DC 105 40.12 86.56 149.11
N TYR DC 106 38.95 85.94 148.92
CA TYR DC 106 37.72 86.64 148.55
C TYR DC 106 37.79 87.30 147.16
N LEU DC 107 38.80 86.98 146.34
CA LEU DC 107 39.07 87.64 145.06
C LEU DC 107 37.91 87.52 144.08
N ASP DC 108 37.25 86.34 144.05
CA ASP DC 108 36.07 86.11 143.24
C ASP DC 108 34.98 85.45 144.08
N ASP DC 109 34.81 86.00 145.29
CA ASP DC 109 33.76 85.64 146.22
C ASP DC 109 32.42 86.16 145.66
N ASN DC 110 31.61 85.27 145.06
CA ASN DC 110 30.28 85.66 144.58
C ASN DC 110 29.29 85.68 145.75
N GLU DC 111 29.44 86.67 146.64
CA GLU DC 111 28.56 86.97 147.77
C GLU DC 111 28.46 85.82 148.79
N VAL DC 112 29.50 84.98 148.88
CA VAL DC 112 29.52 83.86 149.83
C VAL DC 112 29.98 84.36 151.20
N GLN DC 113 31.08 85.14 151.22
CA GLN DC 113 31.69 85.64 152.45
C GLN DC 113 31.32 87.11 152.68
N THR DC 114 31.43 87.91 151.62
CA THR DC 114 31.18 89.35 151.62
C THR DC 114 29.81 89.66 150.99
N PRO DC 115 29.31 90.93 151.02
CA PRO DC 115 28.22 91.34 150.14
C PRO DC 115 28.59 91.69 148.69
N TYR DC 116 29.82 91.34 148.25
CA TYR DC 116 30.37 91.73 146.96
C TYR DC 116 30.53 90.51 146.03
N SER DC 117 30.81 90.76 144.75
CA SER DC 117 31.22 89.75 143.77
C SER DC 117 32.74 89.58 143.75
N ASP DC 118 33.46 90.63 144.17
CA ASP DC 118 34.90 90.79 143.97
C ASP DC 118 35.42 91.82 144.96
N VAL DC 119 36.39 91.42 145.80
CA VAL DC 119 37.25 92.32 146.55
C VAL DC 119 38.68 92.07 146.08
N ALA DC 120 39.36 93.12 145.58
CA ALA DC 120 40.69 92.95 145.02
C ALA DC 120 41.63 94.09 145.41
N PRO DC 121 42.86 93.79 145.92
CA PRO DC 121 43.97 94.74 145.88
C PRO DC 121 44.25 95.13 144.43
N THR DC 122 44.18 96.43 144.12
CA THR DC 122 44.41 96.92 142.76
C THR DC 122 45.79 97.58 142.62
N GLY DC 123 46.39 97.97 143.75
CA GLY DC 123 47.72 98.55 143.75
C GLY DC 123 48.23 98.76 145.18
N THR DC 124 49.51 99.12 145.29
CA THR DC 124 50.15 99.33 146.59
C THR DC 124 51.10 100.52 146.51
N ASN DC 125 51.24 101.24 147.64
CA ASN DC 125 52.12 102.39 147.72
C ASN DC 125 53.14 102.18 148.84
N ASP DC 126 54.36 102.66 148.60
CA ASP DC 126 55.40 102.82 149.60
C ASP DC 126 55.56 104.32 149.86
N PHE DC 127 55.60 104.72 151.14
CA PHE DC 127 55.86 106.11 151.50
C PHE DC 127 57.02 106.23 152.48
N ARG DC 128 57.90 105.21 152.54
CA ARG DC 128 59.00 105.18 153.52
C ARG DC 128 60.01 106.30 153.23
N GLU DC 129 60.08 106.76 151.99
CA GLU DC 129 60.95 107.86 151.57
C GLU DC 129 60.60 109.19 152.26
N GLN DC 130 59.40 109.27 152.87
CA GLN DC 130 58.89 110.50 153.48
C GLN DC 130 59.34 110.68 154.92
N THR DC 131 59.61 109.58 155.64
CA THR DC 131 59.90 109.58 157.07
C THR DC 131 61.25 110.25 157.33
N PRO DC 132 61.32 111.40 158.06
CA PRO DC 132 62.60 112.08 158.34
C PRO DC 132 63.52 111.19 159.19
N ALA DC 133 64.80 111.09 158.76
CA ALA DC 133 65.70 110.07 159.27
C ALA DC 133 66.24 110.39 160.66
N ARG DC 134 66.20 111.67 161.07
CA ARG DC 134 66.71 112.07 162.39
C ARG DC 134 65.80 111.54 163.49
N THR DC 135 64.50 111.80 163.33
CA THR DC 135 63.47 111.57 164.32
C THR DC 135 62.99 110.12 164.25
N THR DC 136 62.65 109.54 165.40
CA THR DC 136 61.70 108.44 165.40
C THR DC 136 60.35 108.99 164.94
N GLY DC 137 59.68 108.22 164.09
CA GLY DC 137 58.43 108.62 163.46
C GLY DC 137 57.99 107.50 162.53
N HIS DC 138 56.69 107.45 162.23
CA HIS DC 138 56.11 106.30 161.55
C HIS DC 138 56.60 106.20 160.11
N TYR DC 139 56.96 104.98 159.72
CA TYR DC 139 56.97 104.56 158.34
C TYR DC 139 55.53 104.24 157.93
N ILE DC 140 55.17 104.58 156.69
CA ILE DC 140 53.82 104.35 156.18
C ILE DC 140 53.92 103.65 154.83
N MET DC 141 53.06 102.63 154.64
CA MET DC 141 52.83 101.97 153.36
C MET DC 141 51.34 101.70 153.23
N SER DC 142 50.84 101.49 152.00
CA SER DC 142 49.40 101.30 151.81
C SER DC 142 49.06 100.28 150.72
N VAL DC 143 47.82 99.77 150.82
CA VAL DC 143 47.20 98.92 149.81
C VAL DC 143 45.93 99.63 149.33
N GLU DC 144 45.82 99.79 148.00
CA GLU DC 144 44.60 100.24 147.35
C GLU DC 144 43.77 99.03 146.99
N VAL DC 145 42.48 99.08 147.33
CA VAL DC 145 41.55 97.97 147.15
C VAL DC 145 40.32 98.48 146.43
N GLU DC 146 39.87 97.74 145.41
CA GLU DC 146 38.59 97.98 144.79
C GLU DC 146 37.65 96.80 145.03
N THR DC 147 36.35 97.05 144.90
CA THR DC 147 35.33 96.18 145.45
C THR DC 147 34.08 96.34 144.60
N ARG DC 148 33.62 95.23 144.00
CA ARG DC 148 32.59 95.29 142.97
C ARG DC 148 31.47 94.30 143.27
N GLY DC 149 30.23 94.74 143.01
CA GLY DC 149 29.06 93.89 143.22
C GLY DC 149 27.80 94.50 142.62
N LEU DC 150 26.71 93.70 142.62
CA LEU DC 150 25.41 94.14 142.13
C LEU DC 150 24.55 94.59 143.32
N SER DC 151 24.01 95.81 143.22
CA SER DC 151 23.37 96.53 144.32
C SER DC 151 21.92 96.88 143.94
N GLU DC 152 20.93 96.52 144.79
CA GLU DC 152 19.51 96.55 144.41
C GLU DC 152 18.93 97.97 144.47
N THR DC 153 17.94 98.25 143.61
CA THR DC 153 17.40 99.59 143.38
C THR DC 153 15.99 99.78 143.96
N ALA DC 154 15.26 98.69 144.24
CA ALA DC 154 13.87 98.71 144.66
C ALA DC 154 12.93 99.38 143.64
N LYS DC 155 13.38 99.65 142.40
CA LYS DC 155 12.63 100.31 141.33
C LYS DC 155 11.32 99.56 141.03
N ASN DC 156 11.42 98.23 140.92
CA ASN DC 156 10.35 97.34 140.53
C ASN DC 156 9.75 96.60 141.73
N ALA DC 157 10.09 97.05 142.95
CA ALA DC 157 9.66 96.46 144.23
C ALA DC 157 10.03 94.97 144.31
N ALA EC 2 3.66 114.18 138.41
CA ALA EC 2 2.71 113.94 139.53
C ALA EC 2 3.30 114.40 140.86
N THR EC 3 4.42 113.81 141.30
CA THR EC 3 4.94 114.03 142.65
C THR EC 3 5.69 115.37 142.78
N THR EC 4 6.28 115.89 141.70
CA THR EC 4 7.08 117.11 141.77
C THR EC 4 6.53 118.21 140.86
N SER EC 5 6.59 118.00 139.52
CA SER EC 5 6.26 118.98 138.50
C SER EC 5 7.10 120.27 138.63
N ALA EC 6 8.32 120.17 139.17
CA ALA EC 6 9.16 121.30 139.55
C ALA EC 6 9.77 122.01 138.34
N SER EC 7 10.12 123.30 138.56
CA SER EC 7 10.70 124.21 137.59
C SER EC 7 12.15 123.83 137.22
N HIS EC 8 12.91 123.34 138.21
CA HIS EC 8 14.37 123.15 138.09
C HIS EC 8 14.80 121.91 138.87
N HIS EC 9 15.94 121.32 138.49
CA HIS EC 9 16.37 120.01 138.99
C HIS EC 9 16.60 120.00 140.51
N VAL EC 10 17.14 121.08 141.10
CA VAL EC 10 17.42 121.12 142.52
C VAL EC 10 16.12 120.98 143.32
N GLN EC 11 15.10 121.76 142.94
CA GLN EC 11 13.81 121.68 143.61
C GLN EC 11 13.14 120.35 143.31
N ALA EC 12 13.35 119.79 142.11
CA ALA EC 12 12.77 118.51 141.73
C ALA EC 12 13.24 117.38 142.63
N ILE EC 13 14.55 117.35 142.95
CA ILE EC 13 15.11 116.31 143.80
C ILE EC 13 14.74 116.55 145.27
N ILE EC 14 14.66 117.82 145.70
CA ILE EC 14 14.16 118.14 147.02
C ILE EC 14 12.72 117.63 147.20
N ASP EC 15 11.87 117.87 146.19
CA ASP EC 15 10.50 117.38 146.18
C ASP EC 15 10.43 115.85 146.27
N LEU EC 16 11.35 115.14 145.59
CA LEU EC 16 11.43 113.68 145.66
C LEU EC 16 11.83 113.19 147.06
N LEU EC 17 12.87 113.80 147.65
CA LEU EC 17 13.35 113.42 148.96
C LEU EC 17 12.31 113.72 150.05
N GLU EC 18 11.58 114.84 149.91
CA GLU EC 18 10.53 115.21 150.85
C GLU EC 18 9.28 114.34 150.67
N ALA EC 19 9.07 113.78 149.48
CA ALA EC 19 7.91 112.94 149.17
C ALA EC 19 8.05 111.52 149.75
N ALA EC 20 9.25 111.15 150.20
CA ALA EC 20 9.54 109.83 150.76
C ALA EC 20 8.76 109.59 152.06
N PRO EC 21 8.03 108.45 152.20
CA PRO EC 21 7.41 108.07 153.48
C PRO EC 21 8.43 107.91 154.61
N ASP EC 22 7.99 108.14 155.85
CA ASP EC 22 8.79 107.98 157.06
C ASP EC 22 9.32 106.55 157.19
N ALA EC 23 8.57 105.57 156.67
CA ALA EC 23 8.91 104.15 156.71
C ALA EC 23 10.12 103.80 155.83
N ASP EC 24 10.47 104.69 154.88
CA ASP EC 24 11.55 104.44 153.92
C ASP EC 24 12.88 105.06 154.35
N TRP EC 25 12.92 105.66 155.55
CA TRP EC 25 14.15 106.12 156.19
C TRP EC 25 14.56 105.12 157.28
N THR EC 26 15.87 104.81 157.34
CA THR EC 26 16.42 103.81 158.26
C THR EC 26 16.44 104.33 159.70
N PRO EC 27 16.89 105.56 160.01
CA PRO EC 27 16.84 106.09 161.38
C PRO EC 27 15.42 106.26 161.91
N THR EC 28 15.30 106.44 163.24
CA THR EC 28 14.03 106.59 163.94
C THR EC 28 13.31 107.88 163.53
N GLN EC 29 14.07 108.94 163.22
CA GLN EC 29 13.53 110.26 162.93
C GLN EC 29 13.88 110.67 161.49
N THR EC 30 12.84 111.05 160.72
CA THR EC 30 12.97 111.42 159.31
C THR EC 30 13.87 112.65 159.14
N PRO EC 31 14.89 112.62 158.23
CA PRO EC 31 15.73 113.79 157.94
C PRO EC 31 15.00 115.04 157.43
N THR EC 32 15.67 116.19 157.53
CA THR EC 32 15.21 117.46 156.99
C THR EC 32 15.96 117.75 155.68
N VAL EC 33 15.23 118.11 154.62
CA VAL EC 33 15.81 118.37 153.31
C VAL EC 33 15.86 119.89 153.06
N LYS EC 34 17.02 120.37 152.58
CA LYS EC 34 17.29 121.78 152.37
C LYS EC 34 18.07 121.99 151.07
N ARG EC 35 17.98 123.19 150.49
CA ARG EC 35 18.96 123.63 149.51
C ARG EC 35 20.26 123.93 150.28
N TYR EC 36 21.41 123.75 149.63
CA TYR EC 36 22.70 124.01 150.27
C TYR EC 36 22.76 125.44 150.83
N TRP EC 37 22.12 126.40 150.15
CA TRP EC 37 22.18 127.81 150.49
C TRP EC 37 21.10 128.24 151.50
N ASP EC 38 20.32 127.29 152.05
CA ASP EC 38 19.30 127.60 153.05
C ASP EC 38 19.93 128.05 154.38
N ASP EC 39 21.14 127.54 154.69
CA ASP EC 39 21.81 127.75 155.97
C ASP EC 39 23.17 128.44 155.78
N ALA EC 40 23.57 129.27 156.76
CA ALA EC 40 24.91 129.86 156.81
C ALA EC 40 25.91 128.79 157.26
N GLN EC 41 27.20 128.97 156.94
CA GLN EC 41 28.22 127.93 157.10
C GLN EC 41 28.39 127.48 158.55
N SER EC 42 28.45 128.43 159.51
CA SER EC 42 28.65 128.11 160.92
C SER EC 42 27.43 127.39 161.50
N GLU EC 43 26.26 127.61 160.91
CA GLU EC 43 25.00 126.98 161.29
C GLU EC 43 24.80 125.64 160.56
N ARG EC 44 25.59 125.36 159.52
CA ARG EC 44 25.38 124.21 158.63
C ARG EC 44 25.56 122.88 159.39
N GLY EC 45 24.73 121.90 159.01
CA GLY EC 45 24.60 120.63 159.72
C GLY EC 45 23.61 120.71 160.88
N PRO EC 46 23.07 119.57 161.37
CA PRO EC 46 22.10 119.58 162.47
C PRO EC 46 22.75 119.92 163.81
N GLY EC 47 21.94 120.41 164.76
CA GLY EC 47 22.35 120.43 166.15
C GLY EC 47 22.11 119.07 166.80
N ALA EC 48 22.60 118.89 168.03
CA ALA EC 48 22.21 117.76 168.86
C ALA EC 48 20.71 117.84 169.16
N ASP EC 49 20.06 116.68 169.33
CA ASP EC 49 18.63 116.54 169.60
C ASP EC 49 17.76 117.05 168.44
N MET EC 50 18.28 116.95 167.19
CA MET EC 50 17.58 117.34 165.99
C MET EC 50 17.74 116.27 164.90
N PRO EC 51 16.83 116.16 163.90
CA PRO EC 51 17.00 115.22 162.79
C PRO EC 51 18.17 115.61 161.89
N ALA EC 52 18.78 114.62 161.24
CA ALA EC 52 19.87 114.82 160.30
C ALA EC 52 19.42 115.67 159.11
N ILE EC 53 20.37 116.37 158.47
CA ILE EC 53 20.06 117.30 157.39
C ILE EC 53 20.64 116.79 156.06
N LEU EC 54 19.82 116.88 155.01
CA LEU EC 54 20.25 116.69 153.63
C LEU EC 54 20.32 118.05 152.93
N TYR EC 55 21.48 118.34 152.32
CA TYR EC 55 21.66 119.55 151.52
C TYR EC 55 21.77 119.17 150.04
N VAL EC 56 20.93 119.79 149.20
CA VAL EC 56 20.86 119.53 147.77
C VAL EC 56 21.33 120.77 147.01
N TRP EC 57 22.14 120.57 145.96
CA TRP EC 57 22.49 121.60 144.99
C TRP EC 57 22.98 120.98 143.69
N SER EC 58 23.14 121.81 142.65
CA SER EC 58 23.69 121.40 141.36
C SER EC 58 25.17 121.80 141.28
N PRO EC 59 26.13 120.85 141.41
CA PRO EC 59 27.55 121.20 141.49
C PRO EC 59 28.26 121.54 140.18
N THR EC 60 27.70 121.11 139.03
CA THR EC 60 28.36 121.24 137.73
C THR EC 60 27.36 121.59 136.61
N THR EC 61 27.89 122.02 135.45
CA THR EC 61 27.13 122.51 134.28
C THR EC 61 26.18 121.45 133.73
N SER EC 62 24.89 121.79 133.62
CA SER EC 62 23.91 121.00 132.86
C SER EC 62 24.18 121.16 131.36
N SER EC 63 24.13 120.05 130.60
CA SER EC 63 24.28 120.07 129.15
C SER EC 63 22.91 120.26 128.47
N LEU EC 64 22.91 120.98 127.33
CA LEU EC 64 21.76 121.07 126.43
C LEU EC 64 22.16 120.63 125.03
N ASP EC 65 22.24 119.31 124.80
CA ASP EC 65 22.58 118.75 123.50
C ASP EC 65 21.38 118.81 122.56
N ARG EC 66 21.65 119.04 121.26
CA ARG EC 66 20.65 118.96 120.20
C ARG EC 66 20.16 117.52 120.07
N PHE EC 67 18.84 117.33 119.96
CA PHE EC 67 18.25 116.01 119.80
C PHE EC 67 18.14 115.60 118.33
N SER EC 68 17.86 116.56 117.43
CA SER EC 68 17.63 116.31 116.01
C SER EC 68 17.73 117.61 115.21
N MET EC 69 17.64 117.50 113.87
CA MET EC 69 17.58 118.63 112.96
C MET EC 69 16.33 119.51 113.18
N ASP EC 70 15.26 118.96 113.81
CA ASP EC 70 14.02 119.71 114.00
C ASP EC 70 14.22 120.91 114.93
N GLY EC 71 15.15 120.78 115.89
CA GLY EC 71 15.43 121.81 116.90
C GLY EC 71 14.29 121.99 117.89
N ASP EC 72 13.44 120.96 117.98
CA ASP EC 72 12.15 120.99 118.66
C ASP EC 72 12.31 120.73 120.16
N VAL EC 73 13.48 120.17 120.55
CA VAL EC 73 13.77 119.65 121.88
C VAL EC 73 15.29 119.67 122.10
N PHE EC 74 15.71 119.83 123.37
CA PHE EC 74 17.08 119.53 123.82
C PHE EC 74 17.09 118.22 124.61
N ASP EC 75 18.12 117.40 124.38
CA ASP EC 75 18.48 116.27 125.24
C ASP EC 75 19.21 116.84 126.46
N GLN EC 76 18.45 117.32 127.45
CA GLN EC 76 18.99 118.00 128.62
C GLN EC 76 19.53 116.96 129.61
N ASN EC 77 20.78 117.18 130.07
CA ASN EC 77 21.41 116.36 131.10
C ASN EC 77 21.79 117.25 132.29
N ASP EC 78 21.35 116.86 133.50
CA ASP EC 78 21.45 117.65 134.72
C ASP EC 78 22.22 116.89 135.80
N SER EC 79 22.88 117.63 136.71
CA SER EC 79 23.79 117.09 137.71
C SER EC 79 23.47 117.67 139.10
N ILE EC 80 23.44 116.80 140.13
CA ILE EC 80 23.10 117.16 141.49
C ILE EC 80 24.02 116.42 142.47
N GLU EC 81 24.28 117.05 143.62
CA GLU EC 81 24.84 116.37 144.79
C GLU EC 81 23.94 116.58 146.00
N VAL EC 82 23.77 115.50 146.78
CA VAL EC 82 23.04 115.51 148.04
C VAL EC 82 24.03 115.15 149.16
N GLN EC 83 24.25 116.06 150.11
CA GLN EC 83 25.11 115.80 151.27
C GLN EC 83 24.26 115.48 152.50
N ALA EC 84 24.57 114.34 153.15
CA ALA EC 84 23.99 113.97 154.44
C ALA EC 84 24.94 114.42 155.57
N TRP EC 85 24.42 115.22 156.52
CA TRP EC 85 25.17 115.69 157.68
C TRP EC 85 24.54 115.14 158.97
N SER EC 86 25.37 114.56 159.85
CA SER EC 86 24.97 114.15 161.19
C SER EC 86 26.19 114.00 162.09
N PHE EC 87 25.98 113.98 163.42
CA PHE EC 87 27.05 113.67 164.38
C PHE EC 87 27.32 112.17 164.49
N ASP EC 88 26.40 111.31 164.01
CA ASP EC 88 26.55 109.86 164.08
C ASP EC 88 27.12 109.33 162.76
N GLU EC 89 28.33 108.76 162.82
CA GLU EC 89 29.03 108.15 161.68
C GLU EC 89 28.23 107.02 161.05
N THR EC 90 27.32 106.41 161.84
CA THR EC 90 26.45 105.33 161.41
C THR EC 90 25.26 105.90 160.65
N GLU EC 91 24.74 107.05 161.13
CA GLU EC 91 23.52 107.64 160.62
C GLU EC 91 23.73 108.18 159.19
N VAL EC 92 24.89 108.80 158.93
CA VAL EC 92 25.22 109.27 157.59
C VAL EC 92 25.34 108.10 156.61
N GLU EC 93 25.84 106.95 157.09
CA GLU EC 93 25.96 105.75 156.28
C GLU EC 93 24.58 105.18 155.94
N GLN EC 94 23.68 105.15 156.95
CA GLN EC 94 22.29 104.76 156.78
C GLN EC 94 21.57 105.71 155.81
N LEU EC 95 21.81 107.02 155.95
CA LEU EC 95 21.22 108.04 155.09
C LEU EC 95 21.71 107.92 153.65
N GLN EC 96 23.00 107.63 153.45
CA GLN EC 96 23.53 107.41 152.11
C GLN EC 96 22.80 106.24 151.43
N GLY EC 97 22.62 105.15 152.17
CA GLY EC 97 21.79 104.02 151.75
C GLY EC 97 20.38 104.48 151.37
N ASP EC 98 19.73 105.22 152.29
CA ASP EC 98 18.36 105.71 152.12
C ASP EC 98 18.21 106.59 150.88
N ILE EC 99 19.09 107.59 150.72
CA ILE EC 99 19.06 108.51 149.57
C ILE EC 99 19.13 107.72 148.27
N VAL EC 100 20.04 106.72 148.22
CA VAL EC 100 20.16 105.85 147.06
C VAL EC 100 18.83 105.10 146.84
N GLN EC 101 18.29 104.44 147.88
CA GLN EC 101 17.06 103.66 147.76
C GLN EC 101 15.85 104.51 147.37
N ILE EC 102 15.81 105.78 147.82
CA ILE EC 102 14.73 106.71 147.46
C ILE EC 102 14.86 107.11 145.99
N LEU EC 103 16.04 107.60 145.61
CA LEU EC 103 16.26 108.15 144.27
C LEU EC 103 16.53 107.04 143.24
N SER EC 104 16.51 105.77 143.68
CA SER EC 104 16.54 104.62 142.78
C SER EC 104 15.14 104.13 142.41
N GLU EC 105 14.09 104.65 143.07
CA GLU EC 105 12.80 104.76 142.40
C GLU EC 105 13.00 105.79 141.29
N TYR EC 106 12.04 105.96 140.37
CA TYR EC 106 12.09 106.99 139.33
C TYR EC 106 13.22 106.78 138.30
N LEU EC 107 13.94 105.64 138.34
CA LEU EC 107 15.12 105.38 137.51
C LEU EC 107 14.82 105.48 136.01
N ASP EC 108 13.63 105.01 135.60
CA ASP EC 108 13.16 105.12 134.22
C ASP EC 108 11.72 105.63 134.20
N ASP EC 109 11.46 106.64 135.04
CA ASP EC 109 10.21 107.40 135.06
C ASP EC 109 10.14 108.24 133.78
N ASN EC 110 9.35 107.80 132.78
CA ASN EC 110 9.15 108.60 131.57
C ASN EC 110 8.08 109.67 131.80
N GLU EC 111 8.42 110.69 132.60
CA GLU EC 111 7.63 111.89 132.89
C GLU EC 111 6.29 111.56 133.55
N VAL EC 112 6.22 110.46 134.32
CA VAL EC 112 5.03 110.07 135.06
C VAL EC 112 5.01 110.78 136.41
N GLN EC 113 6.12 110.67 137.16
CA GLN EC 113 6.24 111.24 138.51
C GLN EC 113 6.89 112.63 138.43
N THR EC 114 8.08 112.68 137.82
CA THR EC 114 8.94 113.84 137.68
C THR EC 114 8.74 114.50 136.31
N PRO EC 115 9.38 115.66 136.00
CA PRO EC 115 9.48 116.14 134.61
C PRO EC 115 10.61 115.56 133.76
N TYR EC 116 11.22 114.43 134.18
CA TYR EC 116 12.38 113.83 133.53
C TYR EC 116 12.04 112.48 132.90
N SER EC 117 12.96 111.92 132.10
CA SER EC 117 12.92 110.55 131.61
C SER EC 117 13.63 109.58 132.57
N ASP EC 118 14.49 110.15 133.43
CA ASP EC 118 15.53 109.42 134.16
C ASP EC 118 16.03 110.30 135.30
N VAL EC 119 15.89 109.82 136.54
CA VAL EC 119 16.62 110.33 137.71
C VAL EC 119 17.42 109.15 138.28
N ALA EC 120 18.75 109.30 138.39
CA ALA EC 120 19.59 108.19 138.83
C ALA EC 120 20.75 108.67 139.71
N PRO EC 121 20.98 108.03 140.90
CA PRO EC 121 22.30 108.08 141.53
C PRO EC 121 23.34 107.49 140.55
N THR EC 122 24.46 108.20 140.38
CA THR EC 122 25.52 107.75 139.50
C THR EC 122 26.84 107.55 140.26
N GLY EC 123 26.90 108.02 141.51
CA GLY EC 123 28.01 107.72 142.39
C GLY EC 123 27.74 108.16 143.83
N THR EC 124 28.63 107.76 144.74
CA THR EC 124 28.51 108.12 146.16
C THR EC 124 29.91 108.42 146.73
N ASN EC 125 29.94 109.29 147.75
CA ASN EC 125 31.19 109.69 148.40
C ASN EC 125 31.08 109.50 149.91
N ASP EC 126 32.20 109.10 150.51
CA ASP EC 126 32.40 109.11 151.95
C ASP EC 126 33.42 110.21 152.27
N PHE EC 127 33.12 111.05 153.28
CA PHE EC 127 34.05 112.07 153.75
C PHE EC 127 34.29 111.96 155.25
N ARG EC 128 33.94 110.82 155.88
CA ARG EC 128 34.07 110.64 157.32
C ARG EC 128 35.51 110.80 157.80
N GLU EC 129 36.48 110.46 156.93
CA GLU EC 129 37.91 110.60 157.21
C GLU EC 129 38.34 112.06 157.41
N GLN EC 130 37.46 113.02 157.05
CA GLN EC 130 37.76 114.45 157.18
C GLN EC 130 37.40 115.00 158.56
N THR EC 131 36.45 114.35 159.26
CA THR EC 131 35.96 114.82 160.56
C THR EC 131 37.05 114.63 161.62
N PRO EC 132 37.60 115.72 162.23
CA PRO EC 132 38.64 115.58 163.25
C PRO EC 132 38.13 114.86 164.50
N ALA EC 133 38.96 113.95 165.05
CA ALA EC 133 38.49 112.96 166.00
C ALA EC 133 38.34 113.50 167.42
N ARG EC 134 39.06 114.60 167.76
CA ARG EC 134 39.02 115.15 169.12
C ARG EC 134 37.66 115.78 169.40
N THR EC 135 37.28 116.72 168.52
CA THR EC 135 36.06 117.50 168.62
C THR EC 135 34.87 116.63 168.22
N THR EC 136 33.73 116.82 168.91
CA THR EC 136 32.45 116.50 168.28
C THR EC 136 32.30 117.40 167.06
N GLY EC 137 31.88 116.82 165.94
CA GLY EC 137 31.78 117.53 164.67
C GLY EC 137 31.04 116.66 163.67
N HIS EC 138 30.47 117.29 162.63
CA HIS EC 138 29.64 116.57 161.68
C HIS EC 138 30.45 115.58 160.85
N TYR EC 139 29.90 114.38 160.70
CA TYR EC 139 30.27 113.48 159.62
C TYR EC 139 29.49 113.85 158.37
N ILE EC 140 30.12 113.72 157.20
CA ILE EC 140 29.51 114.07 155.92
C ILE EC 140 29.73 112.91 154.94
N MET EC 141 28.66 112.56 154.21
CA MET EC 141 28.69 111.65 153.08
C MET EC 141 27.75 112.20 152.00
N SER EC 142 27.92 111.79 150.74
CA SER EC 142 27.10 112.34 149.67
C SER EC 142 26.69 111.31 148.61
N VAL EC 143 25.61 111.63 147.90
CA VAL EC 143 25.19 110.95 146.70
C VAL EC 143 25.27 111.95 145.54
N GLU EC 144 25.87 111.50 144.43
CA GLU EC 144 25.87 112.24 143.18
C GLU EC 144 24.77 111.67 142.30
N VAL EC 145 23.94 112.56 141.75
CA VAL EC 145 22.72 112.21 141.04
C VAL EC 145 22.74 112.89 139.68
N GLU EC 146 22.40 112.13 138.64
CA GLU EC 146 22.23 112.67 137.29
C GLU EC 146 20.78 112.50 136.86
N THR EC 147 20.36 113.33 135.91
CA THR EC 147 18.94 113.54 135.63
C THR EC 147 18.80 113.98 134.17
N ARG EC 148 17.99 113.25 133.40
CA ARG EC 148 17.97 113.42 131.95
C ARG EC 148 16.53 113.43 131.44
N GLY EC 149 16.26 114.31 130.45
CA GLY EC 149 14.92 114.41 129.87
C GLY EC 149 14.93 115.30 128.62
N LEU EC 150 13.89 115.10 127.78
CA LEU EC 150 13.68 115.95 126.61
C LEU EC 150 13.03 117.26 127.05
N SER EC 151 13.74 118.38 126.80
CA SER EC 151 13.38 119.72 127.26
C SER EC 151 12.97 120.56 126.05
N GLU EC 152 11.86 121.32 126.15
CA GLU EC 152 11.25 122.00 125.00
C GLU EC 152 12.09 123.17 124.49
N THR EC 153 11.73 123.71 123.31
CA THR EC 153 12.32 124.91 122.70
C THR EC 153 11.22 125.82 122.14
N ALA EC 154 11.59 127.07 121.84
CA ALA EC 154 10.70 128.07 121.26
C ALA EC 154 10.69 128.03 119.73
N LYS EC 155 11.67 127.34 119.11
CA LYS EC 155 11.99 127.41 117.68
C LYS EC 155 10.76 127.29 116.76
N ASN EC 156 9.90 126.29 117.02
CA ASN EC 156 8.80 125.91 116.14
C ASN EC 156 7.45 126.49 116.58
N ALA EC 157 7.44 127.27 117.67
CA ALA EC 157 6.25 127.87 118.28
C ALA EC 157 5.21 126.79 118.68
N ALA FC 2 18.37 140.57 110.10
CA ALA FC 2 17.13 141.35 110.34
C ALA FC 2 17.12 141.92 111.76
N THR FC 3 16.90 141.07 112.79
CA THR FC 3 16.73 141.55 114.16
C THR FC 3 18.03 142.15 114.77
N THR FC 4 19.21 141.72 114.30
CA THR FC 4 20.48 142.19 114.87
C THR FC 4 21.41 142.81 113.82
N SER FC 5 21.96 141.99 112.91
CA SER FC 5 23.00 142.36 111.95
C SER FC 5 24.25 142.93 112.62
N ALA FC 6 24.52 142.55 113.88
CA ALA FC 6 25.58 143.08 114.71
C ALA FC 6 26.96 142.61 114.23
N SER FC 7 28.01 143.41 114.53
CA SER FC 7 29.37 143.17 114.08
C SER FC 7 30.09 142.08 114.88
N HIS FC 8 29.65 141.82 116.13
CA HIS FC 8 30.32 140.93 117.06
C HIS FC 8 29.29 140.14 117.87
N HIS FC 9 29.67 138.92 118.28
CA HIS FC 9 28.75 137.97 118.92
C HIS FC 9 28.15 138.50 120.22
N VAL FC 10 28.93 139.22 121.03
CA VAL FC 10 28.45 139.73 122.32
C VAL FC 10 27.29 140.71 122.09
N GLN FC 11 27.43 141.61 121.11
CA GLN FC 11 26.38 142.55 120.79
C GLN FC 11 25.18 141.82 120.17
N ALA FC 12 25.45 140.77 119.38
CA ALA FC 12 24.40 139.97 118.75
C ALA FC 12 23.46 139.34 119.79
N ILE FC 13 24.03 138.75 120.86
CA ILE FC 13 23.23 138.11 121.90
C ILE FC 13 22.49 139.16 122.73
N ILE FC 14 23.13 140.32 122.99
CA ILE FC 14 22.48 141.43 123.65
C ILE FC 14 21.26 141.88 122.86
N ASP FC 15 21.40 142.05 121.53
CA ASP FC 15 20.32 142.47 120.65
C ASP FC 15 19.16 141.46 120.68
N LEU FC 16 19.46 140.15 120.71
CA LEU FC 16 18.42 139.12 120.77
C LEU FC 16 17.64 139.18 122.07
N LEU FC 17 18.33 139.37 123.20
CA LEU FC 17 17.71 139.46 124.51
C LEU FC 17 16.89 140.75 124.65
N GLU FC 18 17.39 141.86 124.08
CA GLU FC 18 16.67 143.13 124.09
C GLU FC 18 15.43 143.11 123.19
N ALA FC 19 15.44 142.27 122.15
CA ALA FC 19 14.33 142.16 121.20
C ALA FC 19 13.15 141.36 121.77
N ALA FC 20 13.36 140.65 122.89
CA ALA FC 20 12.35 139.81 123.51
C ALA FC 20 11.18 140.63 124.05
N PRO FC 21 9.90 140.36 123.64
CA PRO FC 21 8.72 141.03 124.19
C PRO FC 21 8.58 140.83 125.71
N ASP FC 22 7.98 141.82 126.39
CA ASP FC 22 7.76 141.80 127.83
C ASP FC 22 6.99 140.55 128.28
N ALA FC 23 6.12 140.01 127.39
CA ALA FC 23 5.29 138.84 127.65
C ALA FC 23 6.10 137.55 127.77
N ASP FC 24 7.32 137.50 127.20
CA ASP FC 24 8.12 136.28 127.14
C ASP FC 24 8.97 136.09 128.41
N TRP FC 25 9.23 137.18 129.15
CA TRP FC 25 9.86 137.11 130.46
C TRP FC 25 8.82 136.65 131.48
N THR FC 26 9.20 135.70 132.35
CA THR FC 26 8.31 135.13 133.36
C THR FC 26 8.03 136.15 134.47
N PRO FC 27 9.03 136.87 135.05
CA PRO FC 27 8.76 137.90 136.07
C PRO FC 27 7.93 139.08 135.58
N THR FC 28 7.49 139.92 136.53
CA THR FC 28 6.67 141.09 136.30
C THR FC 28 7.43 142.18 135.54
N GLN FC 29 8.73 142.33 135.84
CA GLN FC 29 9.57 143.36 135.25
C GLN FC 29 10.58 142.73 134.29
N THR FC 30 10.67 143.29 133.07
CA THR FC 30 11.63 142.85 132.05
C THR FC 30 13.06 143.12 132.51
N PRO FC 31 13.97 142.11 132.54
CA PRO FC 31 15.37 142.33 132.93
C PRO FC 31 16.11 143.36 132.09
N THR FC 32 17.09 144.03 132.70
CA THR FC 32 18.02 144.90 132.01
C THR FC 32 19.17 144.05 131.44
N VAL FC 33 19.53 144.25 130.16
CA VAL FC 33 20.62 143.53 129.51
C VAL FC 33 21.84 144.43 129.42
N LYS FC 34 23.02 143.91 129.79
CA LYS FC 34 24.26 144.67 129.83
C LYS FC 34 25.43 143.82 129.30
N ARG FC 35 26.45 144.50 128.75
CA ARG FC 35 27.79 143.94 128.60
C ARG FC 35 28.37 143.78 130.01
N TYR FC 36 29.20 142.75 130.23
CA TYR FC 36 29.75 142.51 131.57
C TYR FC 36 30.50 143.74 132.08
N TRP FC 37 31.14 144.49 131.18
CA TRP FC 37 31.99 145.63 131.52
C TRP FC 37 31.20 146.94 131.55
N ASP FC 38 29.86 146.90 131.52
CA ASP FC 38 29.04 148.09 131.67
C ASP FC 38 29.08 148.61 133.11
N ASP FC 39 29.29 147.71 134.08
CA ASP FC 39 29.22 148.02 135.51
C ASP FC 39 30.54 147.69 136.22
N ALA FC 40 30.86 148.45 137.28
CA ALA FC 40 31.96 148.14 138.18
C ALA FC 40 31.52 147.06 139.16
N GLN FC 41 32.49 146.37 139.79
CA GLN FC 41 32.23 145.15 140.55
C GLN FC 41 31.38 145.38 141.80
N SER FC 42 31.64 146.47 142.53
CA SER FC 42 30.91 146.81 143.75
C SER FC 42 29.44 147.10 143.44
N GLU FC 43 29.19 147.74 142.29
CA GLU FC 43 27.88 148.11 141.79
C GLU FC 43 27.16 146.92 141.15
N ARG FC 44 27.89 145.84 140.80
CA ARG FC 44 27.37 144.76 139.96
C ARG FC 44 26.16 144.07 140.61
N GLY FC 45 25.20 143.68 139.76
CA GLY FC 45 23.90 143.16 140.18
C GLY FC 45 22.90 144.29 140.42
N PRO FC 46 21.57 144.00 140.41
CA PRO FC 46 20.55 145.04 140.64
C PRO FC 46 20.52 145.51 142.10
N GLY FC 47 20.08 146.75 142.31
CA GLY FC 47 19.63 147.17 143.63
C GLY FC 47 18.24 146.63 143.92
N ALA FC 48 17.77 146.79 145.16
CA ALA FC 48 16.39 146.49 145.53
C ALA FC 48 15.45 147.45 144.79
N ASP FC 49 14.22 147.00 144.51
CA ASP FC 49 13.18 147.75 143.80
C ASP FC 49 13.57 148.09 142.36
N MET FC 50 14.47 147.29 141.76
CA MET FC 50 14.91 147.46 140.38
C MET FC 50 14.83 146.12 139.64
N PRO FC 51 14.66 146.10 138.28
CA PRO FC 51 14.60 144.84 137.53
C PRO FC 51 15.95 144.12 137.55
N ALA FC 52 15.90 142.79 137.42
CA ALA FC 52 17.09 141.93 137.42
C ALA FC 52 18.01 142.28 136.25
N ILE FC 53 19.31 141.95 136.38
CA ILE FC 53 20.30 142.29 135.37
C ILE FC 53 20.88 141.01 134.75
N LEU FC 54 21.00 141.03 133.41
CA LEU FC 54 21.72 140.01 132.65
C LEU FC 54 23.03 140.60 132.13
N TYR FC 55 24.16 139.94 132.45
CA TYR FC 55 25.48 140.32 131.95
C TYR FC 55 25.94 139.34 130.87
N VAL FC 56 26.30 139.89 129.70
CA VAL FC 56 26.72 139.11 128.53
C VAL FC 56 28.20 139.40 128.23
N TRP FC 57 28.97 138.33 127.95
CA TRP FC 57 30.34 138.43 127.46
C TRP FC 57 30.76 137.13 126.76
N SER FC 58 31.93 137.15 126.10
CA SER FC 58 32.51 135.95 125.48
C SER FC 58 33.62 135.41 126.37
N PRO FC 59 33.42 134.27 127.08
CA PRO FC 59 34.40 133.77 128.05
C PRO FC 59 35.60 132.99 127.51
N THR FC 60 35.50 132.46 126.28
CA THR FC 60 36.52 131.59 125.70
C THR FC 60 36.78 131.95 124.23
N THR FC 61 37.89 131.43 123.67
CA THR FC 61 38.37 131.71 122.32
C THR FC 61 37.33 131.28 121.27
N SER FC 62 36.99 132.20 120.36
CA SER FC 62 36.27 131.85 119.13
C SER FC 62 37.22 131.11 118.18
N SER FC 63 36.81 129.93 117.68
CA SER FC 63 37.58 129.18 116.70
C SER FC 63 37.31 129.70 115.28
N LEU FC 64 38.35 129.76 114.45
CA LEU FC 64 38.22 129.94 113.01
C LEU FC 64 38.81 128.72 112.30
N ASP FC 65 37.95 127.93 111.64
CA ASP FC 65 38.34 126.74 110.91
C ASP FC 65 38.20 126.97 109.40
N ARG FC 66 39.15 126.43 108.62
CA ARG FC 66 39.06 126.42 107.16
C ARG FC 66 37.83 125.61 106.75
N PHE FC 67 36.99 126.17 105.87
CA PHE FC 67 35.82 125.46 105.36
C PHE FC 67 36.17 124.59 104.16
N SER FC 68 37.11 125.06 103.31
CA SER FC 68 37.48 124.39 102.07
C SER FC 68 38.81 124.93 101.52
N MET FC 69 39.31 124.29 100.46
CA MET FC 69 40.50 124.70 99.74
C MET FC 69 40.33 126.07 99.06
N ASP FC 70 39.08 126.52 98.86
CA ASP FC 70 38.80 127.83 98.26
C ASP FC 70 39.34 128.96 99.14
N GLY FC 71 39.08 128.84 100.45
CA GLY FC 71 39.44 129.82 101.47
C GLY FC 71 38.56 131.07 101.46
N ASP FC 72 37.31 130.97 100.95
CA ASP FC 72 36.38 132.08 100.89
C ASP FC 72 35.83 132.44 102.27
N VAL FC 73 35.65 131.42 103.12
CA VAL FC 73 34.98 131.58 104.42
C VAL FC 73 35.72 130.76 105.49
N PHE FC 74 35.70 131.27 106.72
CA PHE FC 74 35.96 130.47 107.91
C PHE FC 74 34.65 129.90 108.42
N ASP FC 75 34.66 128.61 108.79
CA ASP FC 75 33.69 128.05 109.71
C ASP FC 75 34.02 128.60 111.09
N GLN FC 76 33.25 129.61 111.53
CA GLN FC 76 33.52 130.33 112.76
C GLN FC 76 32.60 129.83 113.87
N ASN FC 77 33.21 129.45 115.01
CA ASN FC 77 32.49 128.99 116.19
C ASN FC 77 32.79 129.92 117.37
N ASP FC 78 31.73 130.52 117.93
CA ASP FC 78 31.81 131.55 118.96
C ASP FC 78 31.16 131.06 120.26
N SER FC 79 31.66 131.55 121.41
CA SER FC 79 31.22 131.15 122.74
C SER FC 79 30.86 132.37 123.58
N ILE FC 80 29.74 132.28 124.33
CA ILE FC 80 29.19 133.35 125.14
C ILE FC 80 28.66 132.77 126.46
N GLU FC 81 28.70 133.59 127.52
CA GLU FC 81 27.95 133.31 128.73
C GLU FC 81 27.04 134.50 129.07
N VAL FC 82 25.81 134.19 129.51
CA VAL FC 82 24.87 135.15 130.04
C VAL FC 82 24.67 134.84 131.53
N GLN FC 83 25.02 135.78 132.41
CA GLN FC 83 24.79 135.62 133.85
C GLN FC 83 23.57 136.46 134.27
N ALA FC 84 22.63 135.82 134.99
CA ALA FC 84 21.48 136.48 135.60
C ALA FC 84 21.76 136.76 137.07
N TRP FC 85 21.62 138.03 137.50
CA TRP FC 85 21.80 138.45 138.89
C TRP FC 85 20.48 138.98 139.44
N SER FC 86 20.05 138.47 140.62
CA SER FC 86 18.90 139.00 141.37
C SER FC 86 19.03 138.65 142.85
N PHE FC 87 18.29 139.38 143.71
CA PHE FC 87 18.14 139.03 145.12
C PHE FC 87 17.14 137.89 145.35
N ASP FC 88 16.35 137.53 144.32
CA ASP FC 88 15.34 136.49 144.41
C ASP FC 88 15.85 135.19 143.77
N GLU FC 89 16.03 134.16 144.62
CA GLU FC 89 16.54 132.83 144.28
C GLU FC 89 15.66 132.07 143.29
N THR FC 90 14.38 132.47 143.16
CA THR FC 90 13.44 131.88 142.22
C THR FC 90 13.38 132.69 140.93
N GLU FC 91 13.64 134.01 141.03
CA GLU FC 91 13.66 134.89 139.86
C GLU FC 91 14.82 134.53 138.93
N VAL FC 92 16.02 134.25 139.49
CA VAL FC 92 17.16 133.82 138.70
C VAL FC 92 16.88 132.49 137.98
N GLU FC 93 16.10 131.61 138.64
CA GLU FC 93 15.74 130.32 138.09
C GLU FC 93 14.78 130.50 136.91
N GLN FC 94 13.80 131.42 137.06
CA GLN FC 94 12.89 131.80 136.01
C GLN FC 94 13.64 132.44 134.85
N LEU FC 95 14.63 133.31 135.17
CA LEU FC 95 15.44 133.98 134.16
C LEU FC 95 16.29 132.99 133.37
N GLN FC 96 16.83 131.96 134.05
CA GLN FC 96 17.55 130.90 133.37
C GLN FC 96 16.65 130.21 132.34
N GLY FC 97 15.42 129.85 132.76
CA GLY FC 97 14.40 129.29 131.88
C GLY FC 97 14.08 130.22 130.72
N ASP FC 98 13.90 131.53 131.02
CA ASP FC 98 13.56 132.55 130.04
C ASP FC 98 14.67 132.71 128.99
N ILE FC 99 15.94 132.85 129.43
CA ILE FC 99 17.08 133.04 128.53
C ILE FC 99 17.19 131.86 127.56
N VAL FC 100 17.08 130.64 128.10
CA VAL FC 100 17.07 129.42 127.29
C VAL FC 100 15.94 129.47 126.28
N GLN FC 101 14.73 129.83 126.72
CA GLN FC 101 13.56 129.93 125.84
C GLN FC 101 13.80 130.96 124.72
N ILE FC 102 14.18 132.19 125.09
CA ILE FC 102 14.43 133.27 124.14
C ILE FC 102 15.46 132.84 123.10
N LEU FC 103 16.63 132.37 123.56
CA LEU FC 103 17.72 131.99 122.67
C LEU FC 103 17.54 130.60 122.07
N SER FC 104 16.38 129.96 122.33
CA SER FC 104 16.00 128.74 121.64
C SER FC 104 15.14 129.01 120.40
N GLU FC 105 14.67 130.25 120.23
CA GLU FC 105 14.44 130.77 118.89
C GLU FC 105 15.82 130.91 118.24
N TYR FC 106 15.88 131.07 116.92
CA TYR FC 106 17.13 131.29 116.18
C TYR FC 106 18.05 130.06 116.18
N LEU FC 107 17.57 128.89 116.64
CA LEU FC 107 18.37 127.67 116.81
C LEU FC 107 19.00 127.20 115.49
N ASP FC 108 18.26 127.31 114.38
CA ASP FC 108 18.74 127.02 113.04
C ASP FC 108 18.37 128.14 112.08
N ASP FC 109 18.56 129.39 112.56
CA ASP FC 109 18.43 130.60 111.77
C ASP FC 109 19.46 130.56 110.63
N ASN FC 110 19.02 130.45 109.38
CA ASN FC 110 19.94 130.45 108.23
C ASN FC 110 20.31 131.89 107.84
N GLU FC 111 20.88 132.65 108.79
CA GLU FC 111 21.25 134.05 108.67
C GLU FC 111 20.06 134.96 108.28
N VAL FC 112 18.84 134.60 108.70
CA VAL FC 112 17.64 135.39 108.44
C VAL FC 112 17.55 136.51 109.48
N GLN FC 113 17.58 136.13 110.78
CA GLN FC 113 17.42 137.08 111.87
C GLN FC 113 18.78 137.66 112.28
N THR FC 114 19.72 136.75 112.59
CA THR FC 114 21.08 137.01 113.05
C THR FC 114 22.06 136.94 111.87
N PRO FC 115 23.37 137.29 112.05
CA PRO FC 115 24.40 136.96 111.06
C PRO FC 115 25.00 135.54 111.16
N TYR FC 116 24.29 134.60 111.81
CA TYR FC 116 24.80 133.25 112.09
C TYR FC 116 23.89 132.18 111.48
N SER FC 117 24.42 130.95 111.33
CA SER FC 117 23.68 129.75 110.92
C SER FC 117 22.94 129.11 112.10
N ASP FC 118 23.39 129.44 113.33
CA ASP FC 118 23.05 128.73 114.54
C ASP FC 118 23.42 129.60 115.74
N VAL FC 119 22.44 129.92 116.59
CA VAL FC 119 22.64 130.39 117.95
C VAL FC 119 21.95 129.39 118.88
N ALA FC 120 22.71 128.83 119.84
CA ALA FC 120 22.15 127.81 120.73
C ALA FC 120 22.63 127.98 122.17
N PRO FC 121 21.73 127.86 123.19
CA PRO FC 121 22.14 127.47 124.55
C PRO FC 121 22.72 126.05 124.46
N THR FC 122 23.90 125.83 125.07
CA THR FC 122 24.56 124.53 125.03
C THR FC 122 24.80 123.96 126.43
N GLY FC 123 24.71 124.83 127.45
CA GLY FC 123 24.73 124.39 128.83
C GLY FC 123 24.26 125.50 129.76
N THR FC 124 24.04 125.14 131.04
CA THR FC 124 23.57 126.10 132.04
C THR FC 124 24.23 125.80 133.38
N ASN FC 125 24.38 126.86 134.21
CA ASN FC 125 25.01 126.75 135.51
C ASN FC 125 24.11 127.34 136.58
N ASP FC 126 24.14 126.71 137.76
CA ASP FC 126 23.56 127.24 138.98
C ASP FC 126 24.70 127.59 139.93
N PHE FC 127 24.65 128.79 140.53
CA PHE FC 127 25.67 129.21 141.49
C PHE FC 127 25.04 129.65 142.82
N ARG FC 128 23.75 129.33 143.02
CA ARG FC 128 23.00 129.75 144.21
C ARG FC 128 23.64 129.22 145.50
N GLU FC 129 24.35 128.09 145.41
CA GLU FC 129 25.05 127.47 146.54
C GLU FC 129 26.15 128.39 147.11
N GLN FC 130 26.58 129.39 146.32
CA GLN FC 130 27.68 130.28 146.69
C GLN FC 130 27.21 131.45 147.55
N THR FC 131 25.94 131.86 147.41
CA THR FC 131 25.42 133.05 148.09
C THR FC 131 25.34 132.78 149.59
N PRO FC 132 26.08 133.53 150.45
CA PRO FC 132 26.09 133.26 151.90
C PRO FC 132 24.82 133.74 152.58
N ALA FC 133 24.23 132.89 153.44
CA ALA FC 133 22.84 133.00 153.83
C ALA FC 133 22.55 134.12 154.84
N ARG FC 134 23.58 134.62 155.55
CA ARG FC 134 23.38 135.66 156.55
C ARG FC 134 22.99 136.98 155.91
N THR FC 135 23.81 137.41 154.94
CA THR FC 135 23.66 138.67 154.24
C THR FC 135 22.64 138.52 153.12
N THR FC 136 21.87 139.57 152.85
CA THR FC 136 21.27 139.70 151.53
C THR FC 136 22.41 139.92 150.54
N GLY FC 137 22.34 139.22 149.41
CA GLY FC 137 23.35 139.28 148.36
C GLY FC 137 22.82 138.54 147.14
N HIS FC 138 23.39 138.83 145.97
CA HIS FC 138 22.82 138.33 144.72
C HIS FC 138 22.96 136.81 144.62
N TYR FC 139 21.84 136.18 144.25
CA TYR FC 139 21.84 134.85 143.64
C TYR FC 139 22.24 134.98 142.18
N ILE FC 140 23.01 134.01 141.68
CA ILE FC 140 23.53 134.04 140.32
C ILE FC 140 23.30 132.68 139.65
N MET FC 141 22.82 132.71 138.39
CA MET FC 141 22.73 131.56 137.52
C MET FC 141 23.14 131.99 136.10
N SER FC 142 23.51 131.04 135.23
CA SER FC 142 24.00 131.42 133.91
C SER FC 142 23.58 130.43 132.81
N VAL FC 143 23.58 130.94 131.58
CA VAL FC 143 23.38 130.18 130.35
C VAL FC 143 24.65 130.32 129.51
N GLU FC 144 25.18 129.17 129.06
CA GLU FC 144 26.27 129.13 128.11
C GLU FC 144 25.68 128.99 126.71
N VAL FC 145 26.16 129.84 125.79
CA VAL FC 145 25.63 129.98 124.45
C VAL FC 145 26.76 129.77 123.47
N GLU FC 146 26.50 128.98 122.42
CA GLU FC 146 27.43 128.82 121.31
C GLU FC 146 26.76 129.31 120.03
N THR FC 147 27.57 129.66 119.03
CA THR FC 147 27.12 130.45 117.90
C THR FC 147 28.03 130.15 116.71
N ARG FC 148 27.43 129.80 115.57
CA ARG FC 148 28.20 129.27 114.44
C ARG FC 148 27.72 129.86 113.12
N GLY FC 149 28.68 130.16 112.23
CA GLY FC 149 28.38 130.67 110.90
C GLY FC 149 29.60 130.68 109.98
N LEU FC 150 29.36 130.98 108.70
CA LEU FC 150 30.43 131.11 107.71
C LEU FC 150 30.81 132.59 107.58
N SER FC 151 32.10 132.89 107.84
CA SER FC 151 32.62 134.24 108.01
C SER FC 151 33.62 134.55 106.89
N GLU FC 152 33.40 135.62 106.11
CA GLU FC 152 34.10 135.85 104.84
C GLU FC 152 35.55 136.31 105.04
N THR FC 153 36.43 135.93 104.10
CA THR FC 153 37.88 136.11 104.20
C THR FC 153 38.43 137.20 103.27
N ALA FC 154 37.72 137.54 102.19
CA ALA FC 154 38.21 138.43 101.13
C ALA FC 154 39.50 137.95 100.44
N LYS FC 155 39.90 136.67 100.65
CA LYS FC 155 41.10 136.07 100.06
C LYS FC 155 41.11 136.20 98.53
N ASN FC 156 39.95 135.95 97.92
CA ASN FC 156 39.78 135.90 96.47
C ASN FC 156 39.07 137.15 95.95
N ALA FC 157 38.92 138.19 96.81
CA ALA FC 157 38.23 139.44 96.52
C ALA FC 157 36.77 139.19 96.12
N PRO GC 2 90.27 158.61 128.27
CA PRO GC 2 90.09 159.61 127.21
C PRO GC 2 91.15 160.71 127.26
N ASP GC 3 91.35 161.41 126.13
CA ASP GC 3 92.32 162.49 126.00
C ASP GC 3 91.93 163.67 126.87
N PRO GC 4 90.78 164.38 126.64
CA PRO GC 4 90.18 165.21 127.69
C PRO GC 4 89.42 164.30 128.65
N SER GC 5 89.86 164.25 129.92
CA SER GC 5 89.20 163.46 130.95
C SER GC 5 87.89 164.12 131.37
N ILE GC 6 86.96 163.34 131.93
CA ILE GC 6 85.62 163.79 132.31
C ILE GC 6 85.67 164.89 133.37
N ASP GC 7 86.77 164.95 134.15
CA ASP GC 7 86.95 165.94 135.20
C ASP GC 7 87.61 167.21 134.67
N GLU GC 8 88.03 167.19 133.38
CA GLU GC 8 88.75 168.31 132.76
C GLU GC 8 87.79 169.19 131.94
N VAL GC 9 86.49 168.86 131.93
CA VAL GC 9 85.48 169.55 131.12
C VAL GC 9 84.27 169.96 131.96
N SER GC 10 83.76 171.17 131.71
CA SER GC 10 82.48 171.67 132.20
C SER GC 10 81.42 171.49 131.12
N LYS GC 11 80.15 171.85 131.40
CA LYS GC 11 79.01 171.62 130.53
C LYS GC 11 79.20 172.24 129.14
N SER GC 12 79.67 173.50 129.11
CA SER GC 12 79.96 174.23 127.88
C SER GC 12 81.12 173.62 127.09
N ASP GC 13 82.09 173.01 127.81
CA ASP GC 13 83.23 172.34 127.21
C ASP GC 13 82.81 171.00 126.59
N TRP GC 14 81.91 170.28 127.26
CA TRP GC 14 81.36 169.01 126.79
C TRP GC 14 80.67 169.19 125.44
N ASP GC 15 79.94 170.31 125.30
CA ASP GC 15 79.25 170.68 124.06
C ASP GC 15 80.25 171.03 122.96
N ALA GC 16 81.50 171.38 123.33
CA ALA GC 16 82.55 171.76 122.40
C ALA GC 16 83.43 170.59 121.96
N LEU GC 17 83.35 169.43 122.64
CA LEU GC 17 84.13 168.25 122.30
C LEU GC 17 83.77 167.73 120.92
N THR GC 18 84.73 167.10 120.22
CA THR GC 18 84.44 166.32 119.02
C THR GC 18 83.65 165.08 119.41
N THR GC 19 82.95 164.49 118.44
CA THR GC 19 82.19 163.28 118.64
C THR GC 19 83.06 162.14 119.17
N GLN GC 20 84.32 162.05 118.73
CA GLN GC 20 85.21 160.98 119.18
C GLN GC 20 85.57 161.16 120.66
N GLU GC 21 85.93 162.39 121.07
CA GLU GC 21 86.28 162.68 122.45
C GLU GC 21 85.09 162.41 123.38
N GLN GC 22 83.89 162.77 122.90
CA GLN GC 22 82.64 162.59 123.62
C GLN GC 22 82.30 161.10 123.74
N ASP GC 23 82.51 160.35 122.63
CA ASP GC 23 82.29 158.91 122.56
C ASP GC 23 83.26 158.12 123.43
N ASP GC 24 84.52 158.59 123.55
CA ASP GC 24 85.51 157.97 124.41
C ASP GC 24 85.05 158.02 125.88
N ILE GC 25 84.50 159.17 126.30
CA ILE GC 25 83.99 159.35 127.65
C ILE GC 25 82.74 158.48 127.88
N ILE GC 26 81.82 158.44 126.89
CA ILE GC 26 80.66 157.56 126.94
C ILE GC 26 81.12 156.10 127.11
N SER GC 27 82.12 155.69 126.30
CA SER GC 27 82.71 154.36 126.35
C SER GC 27 83.25 154.05 127.75
N GLN GC 28 83.91 155.04 128.38
CA GLN GC 28 84.41 154.87 129.74
C GLN GC 28 83.27 154.67 130.74
N VAL GC 29 82.18 155.44 130.60
CA VAL GC 29 81.04 155.33 131.50
C VAL GC 29 80.39 153.95 131.36
N GLU GC 30 80.30 153.44 130.12
CA GLU GC 30 79.70 152.14 129.83
C GLU GC 30 80.49 150.98 130.45
N ASN GC 31 81.73 151.23 130.92
CA ASN GC 31 82.53 150.24 131.61
C ASN GC 31 81.99 149.96 133.01
N LEU GC 32 81.21 150.88 133.59
CA LEU GC 32 80.72 150.78 134.96
C LEU GC 32 79.55 149.80 135.11
N SER GC 33 79.04 149.27 133.99
CA SER GC 33 78.09 148.17 134.05
C SER GC 33 78.49 147.07 133.07
N SER GC 34 78.44 145.82 133.56
CA SER GC 34 78.58 144.59 132.78
C SER GC 34 77.62 144.55 131.60
N THR GC 35 76.44 145.17 131.73
CA THR GC 35 75.41 145.22 130.70
C THR GC 35 75.60 146.40 129.75
N GLY GC 36 76.49 147.35 130.10
CA GLY GC 36 76.88 148.47 129.27
C GLY GC 36 75.79 149.49 128.94
N TRP GC 37 74.54 149.22 129.34
CA TRP GC 37 73.34 149.97 128.94
C TRP GC 37 73.26 150.05 127.41
N VAL GC 38 73.50 148.91 126.74
CA VAL GC 38 73.63 148.82 125.29
C VAL GC 38 72.29 149.08 124.60
N ASN GC 39 71.16 148.79 125.28
CA ASN GC 39 69.83 148.96 124.72
C ASN GC 39 69.22 150.33 125.07
N THR GC 40 70.03 151.23 125.66
CA THR GC 40 69.71 152.65 125.81
C THR GC 40 70.55 153.42 124.79
N SER GC 41 69.96 154.40 124.08
CA SER GC 41 70.59 155.06 122.94
C SER GC 41 71.69 156.04 123.38
N ARG GC 42 72.52 156.48 122.42
CA ARG GC 42 73.68 157.33 122.67
C ARG GC 42 73.28 158.67 123.29
N GLU GC 43 72.17 159.26 122.79
CA GLU GC 43 71.71 160.58 123.21
C GLU GC 43 71.40 160.60 124.70
N ARG GC 44 70.87 159.48 125.21
CA ARG GC 44 70.43 159.33 126.60
C ARG GC 44 71.64 159.23 127.54
N LYS GC 45 72.69 158.51 127.08
CA LYS GC 45 73.94 158.39 127.82
C LYS GC 45 74.71 159.71 127.82
N ALA GC 46 74.70 160.42 126.67
CA ALA GC 46 75.28 161.76 126.56
C ALA GC 46 74.58 162.75 127.49
N GLU GC 47 73.23 162.72 127.54
CA GLU GC 47 72.43 163.58 128.39
C GLU GC 47 72.74 163.35 129.87
N ALA GC 48 72.85 162.07 130.27
CA ALA GC 48 73.18 161.68 131.63
C ALA GC 48 74.56 162.22 132.05
N ILE GC 49 75.55 162.09 131.16
CA ILE GC 49 76.92 162.56 131.41
C ILE GC 49 76.94 164.09 131.55
N ARG GC 50 76.29 164.78 130.59
CA ARG GC 50 76.20 166.23 130.57
C ARG GC 50 75.54 166.76 131.84
N SER GC 51 74.53 166.02 132.33
CA SER GC 51 73.80 166.35 133.55
C SER GC 51 74.65 166.10 134.79
N ALA GC 52 75.47 165.04 134.76
CA ALA GC 52 76.39 164.72 135.84
C ALA GC 52 77.48 165.78 135.97
N ILE GC 53 77.97 166.27 134.82
CA ILE GC 53 78.95 167.34 134.74
C ILE GC 53 78.36 168.63 135.33
N ALA GC 54 77.09 168.94 134.98
CA ALA GC 54 76.37 170.11 135.47
C ALA GC 54 76.22 170.05 136.99
N GLU GC 55 75.85 168.89 137.54
CA GLU GC 55 75.64 168.73 138.98
C GLU GC 55 76.96 168.76 139.75
N ARG GC 56 78.03 168.16 139.20
CA ARG GC 56 79.35 168.26 139.80
C ARG GC 56 79.76 169.73 139.95
N ASP GC 57 79.57 170.52 138.87
CA ASP GC 57 80.00 171.91 138.81
C ASP GC 57 79.09 172.85 139.61
N THR GC 58 77.86 172.41 139.95
CA THR GC 58 76.88 173.23 140.67
C THR GC 58 76.63 172.73 142.10
N LEU GC 59 76.17 171.47 142.25
CA LEU GC 59 75.77 170.92 143.55
C LEU GC 59 76.98 170.46 144.36
N TYR GC 60 78.09 170.09 143.70
CA TYR GC 60 79.23 169.43 144.33
C TYR GC 60 80.54 170.16 144.07
N SER GC 61 80.47 171.48 143.87
CA SER GC 61 81.61 172.38 143.72
C SER GC 61 81.79 173.24 144.99
N GLY GC 62 82.96 173.85 145.15
CA GLY GC 62 83.24 174.73 146.27
C GLY GC 62 83.79 173.99 147.49
N ASN GC 63 83.66 174.63 148.66
CA ASN GC 63 84.44 174.29 149.84
C ASN GC 63 83.55 174.08 151.06
N MET GC 64 84.00 173.19 151.96
CA MET GC 64 83.30 172.76 153.16
C MET GC 64 84.30 172.81 154.32
N SER GC 65 84.41 173.98 154.99
CA SER GC 65 85.64 174.43 155.63
C SER GC 65 86.70 174.58 154.53
N ARG GC 66 88.00 174.64 154.86
CA ARG GC 66 89.03 174.76 153.83
C ARG GC 66 89.25 173.46 153.04
N LEU GC 67 88.35 172.47 153.22
CA LEU GC 67 88.32 171.22 152.47
C LEU GC 67 87.62 171.43 151.13
N PRO GC 68 87.88 170.61 150.07
CA PRO GC 68 87.00 170.55 148.91
C PRO GC 68 85.74 169.78 149.29
N THR GC 69 84.58 170.13 148.72
CA THR GC 69 83.35 169.39 149.00
C THR GC 69 83.33 168.04 148.29
N LEU GC 70 84.20 167.90 147.27
CA LEU GC 70 84.43 166.64 146.56
C LEU GC 70 85.85 166.17 146.88
N ASP GC 71 85.96 165.18 147.78
CA ASP GC 71 87.23 164.77 148.37
C ASP GC 71 87.89 163.67 147.53
N GLY GC 72 87.07 162.77 146.97
CA GLY GC 72 87.55 161.67 146.14
C GLY GC 72 87.94 162.13 144.74
N ASP GC 73 88.36 161.18 143.89
CA ASP GC 73 88.77 161.45 142.52
C ASP GC 73 87.58 161.95 141.69
N ALA GC 74 87.70 163.17 141.15
CA ALA GC 74 86.66 163.82 140.36
C ALA GC 74 86.33 163.04 139.08
N GLU GC 75 87.28 162.26 138.55
CA GLU GC 75 87.03 161.38 137.42
C GLU GC 75 85.97 160.34 137.80
N TYR GC 76 86.29 159.48 138.78
CA TYR GC 76 85.41 158.40 139.21
C TYR GC 76 84.10 158.91 139.83
N PHE GC 77 84.15 160.07 140.50
CA PHE GC 77 82.91 160.69 140.95
C PHE GC 77 81.98 161.03 139.78
N THR GC 78 82.50 161.68 138.73
CA THR GC 78 81.67 162.06 137.60
C THR GC 78 81.15 160.83 136.87
N LEU GC 79 82.00 159.79 136.75
CA LEU GC 79 81.61 158.53 136.14
C LEU GC 79 80.47 157.88 136.92
N TYR GC 80 80.59 157.82 138.26
CA TYR GC 80 79.56 157.24 139.12
C TYR GC 80 78.25 158.03 139.07
N LEU GC 81 78.36 159.37 139.06
CA LEU GC 81 77.19 160.25 138.96
C LEU GC 81 76.50 160.07 137.61
N SER GC 82 77.27 159.84 136.54
CA SER GC 82 76.77 159.51 135.21
C SER GC 82 76.02 158.18 135.21
N ALA GC 83 76.65 157.13 135.77
CA ALA GC 83 76.07 155.80 135.88
C ALA GC 83 74.78 155.80 136.72
N HIS GC 84 74.74 156.61 137.79
CA HIS GC 84 73.55 156.79 138.61
C HIS GC 84 72.38 157.29 137.76
N LYS GC 85 72.65 158.33 136.93
CA LYS GC 85 71.66 158.92 136.04
C LYS GC 85 71.18 157.92 134.98
N ILE GC 86 72.10 157.22 134.31
CA ILE GC 86 71.74 156.25 133.29
C ILE GC 86 70.82 155.18 133.88
N GLN GC 87 71.16 154.66 135.06
CA GLN GC 87 70.38 153.63 135.74
C GLN GC 87 68.97 154.14 136.09
N LEU GC 88 68.85 155.41 136.48
CA LEU GC 88 67.54 156.03 136.71
C LEU GC 88 66.76 156.25 135.42
N PHE GC 89 67.46 156.53 134.30
CA PHE GC 89 66.81 156.66 133.00
C PHE GC 89 66.21 155.32 132.56
N GLU GC 90 66.77 154.20 133.07
CA GLU GC 90 66.23 152.85 132.86
C GLU GC 90 65.28 152.41 133.98
N GLY GC 91 64.89 153.32 134.88
CA GLY GC 91 63.85 153.04 135.87
C GLY GC 91 64.37 152.66 137.27
N GLY GC 92 65.69 152.66 137.47
CA GLY GC 92 66.30 152.43 138.78
C GLY GC 92 66.91 151.04 138.94
N GLU GC 93 67.19 150.64 140.19
CA GLU GC 93 67.72 149.33 140.52
C GLU GC 93 66.65 148.26 140.29
N ALA GC 94 66.99 147.19 139.55
CA ALA GC 94 66.19 145.98 139.61
C ALA GC 94 66.40 145.30 140.96
N GLN GC 95 65.34 145.24 141.78
CA GLN GC 95 65.33 144.49 143.03
C GLN GC 95 65.25 143.00 142.71
N SER GC 96 64.47 142.64 141.68
CA SER GC 96 64.29 141.26 141.24
C SER GC 96 63.95 141.19 139.75
N GLU GC 97 64.38 140.10 139.09
CA GLU GC 97 64.08 139.79 137.70
C GLU GC 97 63.63 138.33 137.61
N SER GC 98 62.71 138.01 136.67
CA SER GC 98 62.17 136.67 136.50
C SER GC 98 61.72 136.42 135.04
N GLY GC 99 61.82 135.16 134.60
CA GLY GC 99 61.40 134.72 133.25
C GLY GC 99 61.84 133.28 132.95
N GLU GC 100 61.85 132.89 131.67
CA GLU GC 100 62.27 131.55 131.25
C GLU GC 100 63.79 131.35 131.36
N GLY GC 101 64.53 132.43 131.64
CA GLY GC 101 65.92 132.32 132.05
C GLY GC 101 66.09 131.86 133.50
N GLY GC 102 65.01 131.90 134.29
CA GLY GC 102 65.02 131.68 135.73
C GLY GC 102 64.74 132.98 136.50
N SER GC 103 65.10 133.03 137.80
CA SER GC 103 64.78 134.18 138.66
C SER GC 103 65.95 134.56 139.57
N VAL GC 104 65.99 135.84 139.98
CA VAL GC 104 67.04 136.41 140.84
C VAL GC 104 66.44 137.54 141.70
N SER GC 105 67.02 137.76 142.88
CA SER GC 105 66.74 138.91 143.73
C SER GC 105 68.05 139.50 144.25
N TYR GC 106 68.16 140.84 144.32
CA TYR GC 106 69.43 141.53 144.45
C TYR GC 106 69.63 142.26 145.79
N SER GC 107 69.01 141.78 146.88
CA SER GC 107 69.39 142.07 148.26
C SER GC 107 69.31 143.56 148.66
N THR GC 108 68.55 144.39 147.94
CA THR GC 108 68.54 145.83 148.18
C THR GC 108 67.79 146.19 149.46
N GLY GC 109 66.74 145.44 149.78
CA GLY GC 109 65.69 145.89 150.69
C GLY GC 109 64.97 147.10 150.10
N GLY GC 110 64.31 147.89 150.95
CA GLY GC 110 63.76 149.18 150.58
C GLY GC 110 64.83 150.26 150.43
N GLY GC 111 65.89 150.17 151.24
CA GLY GC 111 67.01 151.11 151.23
C GLY GC 111 66.64 152.48 151.80
N GLY GC 112 67.47 153.49 151.50
CA GLY GC 112 67.27 154.87 151.93
C GLY GC 112 66.19 155.61 151.15
N GLU GC 113 66.18 156.96 151.28
CA GLU GC 113 65.12 157.83 150.80
C GLU GC 113 65.63 158.86 149.78
N LYS GC 114 66.91 159.23 149.87
CA LYS GC 114 67.49 160.35 149.12
C LYS GC 114 68.06 159.85 147.78
N ASP GC 115 68.22 160.77 146.83
CA ASP GC 115 68.60 160.51 145.44
C ASP GC 115 69.75 159.52 145.33
N LEU GC 116 70.92 159.86 145.90
CA LEU GC 116 72.13 159.05 145.76
C LEU GC 116 72.02 157.71 146.51
N GLN GC 117 71.14 157.62 147.51
CA GLN GC 117 70.95 156.39 148.29
C GLN GC 117 70.27 155.30 147.46
N LYS GC 118 69.50 155.68 146.42
CA LYS GC 118 68.55 154.79 145.76
C LYS GC 118 69.18 153.83 144.74
N THR GC 119 70.45 154.05 144.32
CA THR GC 119 71.13 153.12 143.41
C THR GC 119 72.60 152.93 143.81
N ARG GC 120 73.21 151.80 143.40
CA ARG GC 120 74.56 151.40 143.80
C ARG GC 120 75.62 152.40 143.34
N TYR GC 121 75.47 152.94 142.11
CA TYR GC 121 76.33 153.98 141.56
C TYR GC 121 76.21 155.27 142.38
N GLY GC 122 75.00 155.58 142.84
CA GLY GC 122 74.75 156.68 143.75
C GLY GC 122 75.48 156.51 145.07
N ARG GC 123 75.36 155.32 145.68
CA ARG GC 123 75.97 154.99 146.96
C ARG GC 123 77.50 155.00 146.88
N MET GC 124 78.06 154.63 145.72
CA MET GC 124 79.49 154.77 145.46
C MET GC 124 79.90 156.24 145.36
N ALA GC 125 79.14 157.05 144.60
CA ALA GC 125 79.40 158.48 144.46
C ALA GC 125 79.28 159.23 145.80
N LEU GC 126 78.43 158.73 146.70
CA LEU GC 126 78.08 159.37 147.97
C LEU GC 126 79.29 159.45 148.90
N GLU GC 127 80.19 158.45 148.85
CA GLU GC 127 81.38 158.40 149.68
C GLU GC 127 82.40 159.47 149.29
N TYR GC 128 82.35 159.96 148.04
CA TYR GC 128 83.29 160.95 147.51
C TYR GC 128 82.98 162.36 148.04
N VAL GC 129 81.74 162.56 148.54
CA VAL GC 129 81.19 163.88 148.85
C VAL GC 129 80.73 163.92 150.31
N TRP GC 130 81.60 163.46 151.23
CA TRP GC 130 81.39 163.48 152.67
C TRP GC 130 80.07 162.81 153.09
N GLU GC 131 79.53 161.90 152.26
CA GLU GC 131 78.25 161.23 152.44
C GLU GC 131 77.09 162.22 152.58
N ASP GC 132 77.21 163.37 151.89
CA ASP GC 132 76.22 164.45 151.88
C ASP GC 132 76.08 165.15 153.24
N ASN GC 133 77.05 164.99 154.15
CA ASN GC 133 77.06 165.63 155.47
C ASN GC 133 77.45 167.10 155.37
N SER GC 134 77.07 167.88 156.40
CA SER GC 134 77.19 169.34 156.45
C SER GC 134 78.29 169.77 157.43
N ILE GC 135 79.56 169.48 157.09
CA ILE GC 135 80.70 169.63 157.99
C ILE GC 135 81.41 170.99 157.84
N ALA GC 136 80.79 171.96 157.15
CA ALA GC 136 81.38 173.27 156.92
C ALA GC 136 81.38 174.12 158.19
N ALA GC 137 82.41 174.98 158.35
CA ALA GC 137 82.56 175.86 159.50
C ALA GC 137 83.28 177.17 159.10
N LEU GC 138 82.86 178.28 159.72
CA LEU GC 138 83.31 179.64 159.41
C LEU GC 138 83.28 180.49 160.68
N ARG GC 139 84.00 181.62 160.69
CA ARG GC 139 84.22 182.45 161.88
C ARG GC 139 84.15 183.93 161.55
N THR GC 140 83.95 184.76 162.58
CA THR GC 140 84.20 186.20 162.54
C THR GC 140 85.71 186.46 162.45
N TYR GC 141 86.08 187.46 161.64
CA TYR GC 141 87.45 187.92 161.47
C TYR GC 141 87.46 189.45 161.29
N PRO HC 2 86.17 105.65 176.25
CA PRO HC 2 87.50 105.37 175.71
C PRO HC 2 88.54 105.21 176.82
N ASP HC 3 89.65 104.52 176.50
CA ASP HC 3 90.72 104.25 177.44
C ASP HC 3 91.43 105.54 177.85
N PRO HC 4 92.09 106.31 176.93
CA PRO HC 4 92.36 107.72 177.17
C PRO HC 4 91.08 108.51 176.88
N SER HC 5 90.57 109.24 177.88
CA SER HC 5 89.34 110.01 177.76
C SER HC 5 89.63 111.38 177.13
N ILE HC 6 88.62 111.99 176.50
CA ILE HC 6 88.74 113.22 175.71
C ILE HC 6 89.16 114.40 176.58
N ASP HC 7 88.93 114.32 177.91
CA ASP HC 7 89.31 115.36 178.86
C ASP HC 7 90.75 115.18 179.34
N GLU HC 8 91.37 114.02 179.03
CA GLU HC 8 92.71 113.68 179.50
C GLU HC 8 93.78 114.05 178.46
N VAL HC 9 93.36 114.53 177.27
CA VAL HC 9 94.25 114.75 176.14
C VAL HC 9 94.20 116.22 175.66
N SER HC 10 95.37 116.78 175.32
CA SER HC 10 95.55 118.08 174.69
C SER HC 10 95.86 117.90 173.20
N LYS HC 11 96.06 119.00 172.45
CA LYS HC 11 96.22 118.98 170.99
C LYS HC 11 97.38 118.09 170.56
N SER HC 12 98.53 118.23 171.24
CA SER HC 12 99.73 117.44 171.01
C SER HC 12 99.52 115.97 171.35
N ASP HC 13 98.74 115.69 172.42
CA ASP HC 13 98.41 114.34 172.84
C ASP HC 13 97.52 113.64 171.80
N TRP HC 14 96.56 114.37 171.22
CA TRP HC 14 95.65 113.85 170.21
C TRP HC 14 96.42 113.37 168.98
N ASP HC 15 97.48 114.11 168.61
CA ASP HC 15 98.36 113.78 167.49
C ASP HC 15 99.26 112.58 167.83
N ALA HC 16 99.42 112.27 169.14
CA ALA HC 16 100.24 111.16 169.61
C ALA HC 16 99.43 109.87 169.79
N LEU HC 17 98.09 109.97 169.90
CA LEU HC 17 97.21 108.81 170.05
C LEU HC 17 97.33 107.87 168.85
N THR HC 18 97.08 106.57 169.07
CA THR HC 18 96.92 105.61 167.99
C THR HC 18 95.62 105.91 167.23
N THR HC 19 95.52 105.39 166.01
CA THR HC 19 94.32 105.51 165.18
C THR HC 19 93.10 104.93 165.90
N GLN HC 20 93.27 103.85 166.66
CA GLN HC 20 92.17 103.22 167.37
C GLN HC 20 91.68 104.11 168.51
N GLU HC 21 92.60 104.74 169.26
CA GLU HC 21 92.24 105.61 170.37
C GLU HC 21 91.48 106.83 169.87
N GLN HC 22 91.91 107.40 168.73
CA GLN HC 22 91.18 108.47 168.07
C GLN HC 22 89.80 108.00 167.64
N ASP HC 23 89.73 106.80 167.04
CA ASP HC 23 88.48 106.23 166.51
C ASP HC 23 87.47 105.92 167.62
N ASP HC 24 87.94 105.51 168.80
CA ASP HC 24 87.08 105.29 169.96
C ASP HC 24 86.44 106.60 170.41
N ILE HC 25 87.23 107.69 170.45
CA ILE HC 25 86.75 109.01 170.81
C ILE HC 25 85.78 109.54 169.74
N ILE HC 26 86.11 109.35 168.45
CA ILE HC 26 85.23 109.67 167.33
C ILE HC 26 83.90 108.92 167.47
N SER HC 27 83.97 107.62 167.79
CA SER HC 27 82.81 106.77 167.99
C SER HC 27 81.93 107.28 169.13
N GLN HC 28 82.55 107.81 170.21
CA GLN HC 28 81.83 108.44 171.30
C GLN HC 28 81.12 109.71 170.84
N VAL HC 29 81.80 110.54 170.03
CA VAL HC 29 81.21 111.78 169.53
C VAL HC 29 79.99 111.47 168.65
N GLU HC 30 80.09 110.42 167.82
CA GLU HC 30 79.04 110.03 166.88
C GLU HC 30 77.76 109.58 167.59
N ASN HC 31 77.81 109.34 168.91
CA ASN HC 31 76.63 109.01 169.70
C ASN HC 31 75.70 110.21 169.88
N LEU HC 32 76.21 111.44 169.67
CA LEU HC 32 75.48 112.67 169.96
C LEU HC 32 74.47 113.05 168.87
N SER HC 33 74.46 112.34 167.73
CA SER HC 33 73.47 112.52 166.68
C SER HC 33 72.89 111.16 166.28
N SER HC 34 71.57 111.09 166.09
CA SER HC 34 70.91 109.86 165.65
C SER HC 34 71.36 109.40 164.25
N THR HC 35 71.83 110.36 163.43
CA THR HC 35 72.37 110.08 162.10
C THR HC 35 73.83 109.62 162.16
N GLY HC 36 74.56 110.01 163.22
CA GLY HC 36 75.98 109.74 163.38
C GLY HC 36 76.89 110.49 162.41
N TRP HC 37 76.33 111.40 161.59
CA TRP HC 37 77.04 112.18 160.58
C TRP HC 37 77.81 111.27 159.60
N VAL HC 38 77.19 110.15 159.19
CA VAL HC 38 77.86 109.05 158.49
C VAL HC 38 78.34 109.44 157.08
N ASN HC 39 77.81 110.54 156.51
CA ASN HC 39 78.22 111.01 155.20
C ASN HC 39 79.34 112.06 155.26
N THR HC 40 79.92 112.30 156.45
CA THR HC 40 81.09 113.16 156.61
C THR HC 40 82.29 112.27 156.96
N SER HC 41 83.45 112.54 156.34
CA SER HC 41 84.62 111.66 156.42
C SER HC 41 85.31 111.74 157.79
N ARG HC 42 86.17 110.73 158.07
CA ARG HC 42 86.88 110.59 159.32
C ARG HC 42 87.72 111.83 159.64
N GLU HC 43 88.41 112.37 158.61
CA GLU HC 43 89.34 113.48 158.75
C GLU HC 43 88.65 114.72 159.31
N ARG HC 44 87.38 114.93 158.92
CA ARG HC 44 86.62 116.11 159.27
C ARG HC 44 86.12 116.02 160.71
N LYS HC 45 85.73 114.81 161.14
CA LYS HC 45 85.37 114.54 162.52
C LYS HC 45 86.59 114.62 163.43
N ALA HC 46 87.74 114.10 162.97
CA ALA HC 46 89.02 114.20 163.67
C ALA HC 46 89.45 115.65 163.84
N GLU HC 47 89.35 116.46 162.78
CA GLU HC 47 89.69 117.88 162.79
C GLU HC 47 88.81 118.65 163.77
N ALA HC 48 87.50 118.34 163.78
CA ALA HC 48 86.54 118.95 164.70
C ALA HC 48 86.90 118.66 166.16
N ILE HC 49 87.29 117.41 166.46
CA ILE HC 49 87.68 116.98 167.80
C ILE HC 49 88.99 117.65 168.21
N ARG HC 50 90.00 117.62 167.32
CA ARG HC 50 91.31 118.22 167.55
C ARG HC 50 91.15 119.72 167.82
N SER HC 51 90.26 120.36 167.06
CA SER HC 51 89.93 121.77 167.21
C SER HC 51 89.25 122.02 168.56
N ALA HC 52 88.29 121.17 168.92
CA ALA HC 52 87.55 121.30 170.17
C ALA HC 52 88.47 121.18 171.39
N ILE HC 53 89.45 120.26 171.29
CA ILE HC 53 90.46 120.04 172.31
C ILE HC 53 91.34 121.30 172.46
N ALA HC 54 91.81 121.85 171.33
CA ALA HC 54 92.66 123.03 171.31
C ALA HC 54 91.91 124.26 171.80
N GLU HC 55 90.62 124.37 171.43
CA GLU HC 55 89.76 125.48 171.76
C GLU HC 55 89.39 125.47 173.24
N ARG HC 56 89.09 124.29 173.78
CA ARG HC 56 88.90 124.10 175.22
C ARG HC 56 90.12 124.60 175.98
N ASP HC 57 91.31 124.11 175.60
CA ASP HC 57 92.55 124.37 176.30
C ASP HC 57 92.98 125.85 176.20
N THR HC 58 92.49 126.59 175.20
CA THR HC 58 92.89 127.98 174.98
C THR HC 58 91.81 129.01 175.36
N LEU HC 59 90.53 128.74 175.04
CA LEU HC 59 89.44 129.68 175.28
C LEU HC 59 88.60 129.32 176.52
N TYR HC 60 88.68 128.06 177.00
CA TYR HC 60 87.82 127.55 178.06
C TYR HC 60 88.64 126.87 179.16
N SER HC 61 89.75 127.52 179.56
CA SER HC 61 90.72 127.00 180.51
C SER HC 61 91.09 128.07 181.54
N GLY HC 62 91.66 127.65 182.67
CA GLY HC 62 92.01 128.56 183.75
C GLY HC 62 90.76 128.97 184.55
N ASN HC 63 90.76 130.22 185.03
CA ASN HC 63 89.93 130.59 186.17
C ASN HC 63 89.31 131.98 186.01
N MET HC 64 88.20 132.20 186.74
CA MET HC 64 87.69 133.53 187.04
C MET HC 64 87.18 133.59 188.48
N SER HC 65 87.71 134.54 189.27
CA SER HC 65 87.50 134.64 190.72
C SER HC 65 87.95 133.39 191.46
N ARG HC 66 88.90 132.63 190.88
CA ARG HC 66 89.40 131.35 191.35
C ARG HC 66 88.35 130.24 191.33
N LEU HC 67 87.24 130.45 190.61
CA LEU HC 67 86.41 129.36 190.11
C LEU HC 67 87.03 128.84 188.82
N PRO HC 68 86.84 127.56 188.43
CA PRO HC 68 87.25 127.08 187.10
C PRO HC 68 86.29 127.65 186.06
N THR HC 69 86.80 128.10 184.91
CA THR HC 69 85.94 128.66 183.87
C THR HC 69 85.12 127.57 183.19
N LEU HC 70 85.59 126.32 183.25
CA LEU HC 70 84.85 125.14 182.84
C LEU HC 70 84.36 124.41 184.11
N ASP HC 71 83.09 124.66 184.46
CA ASP HC 71 82.50 124.17 185.71
C ASP HC 71 81.98 122.75 185.55
N GLY HC 72 81.42 122.45 184.38
CA GLY HC 72 80.81 121.15 184.09
C GLY HC 72 81.85 120.07 183.78
N ASP HC 73 81.36 118.86 183.49
CA ASP HC 73 82.20 117.71 183.17
C ASP HC 73 82.95 117.98 181.86
N ALA HC 74 84.29 118.02 181.95
CA ALA HC 74 85.18 118.31 180.83
C ALA HC 74 85.05 117.28 179.70
N GLU HC 75 84.67 116.04 180.01
CA GLU HC 75 84.40 115.01 179.01
C GLU HC 75 83.26 115.49 178.10
N TYR HC 76 82.07 115.68 178.68
CA TYR HC 76 80.87 116.06 177.93
C TYR HC 76 80.98 117.46 177.33
N PHE HC 77 81.68 118.38 177.98
CA PHE HC 77 81.94 119.67 177.36
C PHE HC 77 82.68 119.50 176.04
N THR HC 78 83.79 118.73 176.04
CA THR HC 78 84.59 118.56 174.84
C THR HC 78 83.80 117.82 173.75
N LEU HC 79 82.95 116.86 174.14
CA LEU HC 79 82.09 116.15 173.20
C LEU HC 79 81.09 117.10 172.57
N TYR HC 80 80.39 117.92 173.37
CA TYR HC 80 79.40 118.86 172.86
C TYR HC 80 80.05 119.94 171.97
N LEU HC 81 81.25 120.38 172.35
CA LEU HC 81 82.01 121.34 171.55
C LEU HC 81 82.43 120.73 170.22
N SER HC 82 82.80 119.43 170.22
CA SER HC 82 83.10 118.67 169.01
C SER HC 82 81.88 118.56 168.10
N ALA HC 83 80.72 118.17 168.68
CA ALA HC 83 79.47 118.04 167.96
C ALA HC 83 79.01 119.38 167.36
N HIS HC 84 79.22 120.49 168.09
CA HIS HC 84 78.96 121.83 167.58
C HIS HC 84 79.77 122.09 166.29
N LYS HC 85 81.08 121.79 166.34
CA LYS HC 85 81.99 121.97 165.22
C LYS HC 85 81.57 121.09 164.02
N ILE HC 86 81.28 119.81 164.27
CA ILE HC 86 80.86 118.88 163.21
C ILE HC 86 79.62 119.42 162.49
N GLN HC 87 78.62 119.88 163.26
CA GLN HC 87 77.38 120.41 162.69
C GLN HC 87 77.62 121.68 161.88
N LEU HC 88 78.58 122.53 162.31
CA LEU HC 88 78.93 123.73 161.56
C LEU HC 88 79.74 123.43 160.29
N PHE HC 89 80.34 122.24 160.17
CA PHE HC 89 81.01 121.82 158.94
C PHE HC 89 79.98 121.39 157.88
N GLU HC 90 78.68 121.59 158.16
CA GLU HC 90 77.57 121.08 157.35
C GLU HC 90 76.43 122.10 157.22
N GLY HC 91 76.77 123.40 157.31
CA GLY HC 91 75.79 124.47 157.18
C GLY HC 91 75.08 124.86 158.48
N GLY HC 92 75.20 124.03 159.53
CA GLY HC 92 74.56 124.27 160.81
C GLY HC 92 73.31 123.42 161.03
N GLU HC 93 72.39 123.89 161.89
CA GLU HC 93 71.12 123.21 162.11
C GLU HC 93 70.17 123.49 160.96
N ALA HC 94 69.38 122.48 160.58
CA ALA HC 94 68.22 122.72 159.74
C ALA HC 94 67.06 123.22 160.58
N GLN HC 95 66.45 124.34 160.17
CA GLN HC 95 65.16 124.77 160.70
C GLN HC 95 64.05 123.91 160.10
N SER HC 96 64.25 123.46 158.85
CA SER HC 96 63.34 122.55 158.18
C SER HC 96 64.10 121.64 157.19
N GLU HC 97 63.61 120.40 157.06
CA GLU HC 97 64.06 119.43 156.07
C GLU HC 97 62.83 118.88 155.33
N SER HC 98 62.90 118.85 154.00
CA SER HC 98 61.80 118.39 153.15
C SER HC 98 62.35 117.51 152.02
N GLY HC 99 61.73 116.35 151.80
CA GLY HC 99 62.18 115.37 150.81
C GLY HC 99 61.14 115.12 149.72
N GLU HC 100 60.78 113.84 149.54
CA GLU HC 100 59.76 113.39 148.59
C GLU HC 100 58.36 113.65 149.17
N GLY HC 101 58.00 114.94 149.31
CA GLY HC 101 56.73 115.36 149.89
C GLY HC 101 56.76 115.40 151.42
N GLY HC 102 57.34 114.38 152.05
CA GLY HC 102 57.54 114.34 153.49
C GLY HC 102 58.40 115.50 153.99
N SER HC 103 57.96 116.17 155.07
CA SER HC 103 58.54 117.41 155.55
C SER HC 103 58.49 117.52 157.08
N VAL HC 104 59.44 118.26 157.67
CA VAL HC 104 59.55 118.49 159.12
C VAL HC 104 60.20 119.85 159.40
N SER HC 105 59.95 120.41 160.60
CA SER HC 105 60.59 121.63 161.08
C SER HC 105 60.95 121.50 162.56
N TYR HC 106 62.11 122.03 162.98
CA TYR HC 106 62.78 121.60 164.21
C TYR HC 106 62.85 122.66 165.32
N SER HC 107 61.98 123.69 165.30
CA SER HC 107 61.70 124.57 166.45
C SER HC 107 62.92 125.35 166.97
N THR HC 108 63.98 125.49 166.15
CA THR HC 108 65.24 126.12 166.57
C THR HC 108 65.03 127.59 166.91
N GLY HC 109 64.20 128.30 166.12
CA GLY HC 109 63.90 129.71 166.31
C GLY HC 109 65.06 130.60 165.91
N GLY HC 110 65.10 131.82 166.47
CA GLY HC 110 66.15 132.80 166.19
C GLY HC 110 67.52 132.33 166.66
N GLY HC 111 67.58 131.81 167.88
CA GLY HC 111 68.77 131.15 168.43
C GLY HC 111 69.95 132.09 168.68
N GLY HC 112 69.68 133.35 169.03
CA GLY HC 112 70.72 134.33 169.31
C GLY HC 112 71.55 134.70 168.08
N GLU HC 113 72.84 135.05 168.32
CA GLU HC 113 73.74 135.56 167.30
C GLU HC 113 75.17 135.01 167.42
N LYS HC 114 75.59 134.67 168.65
CA LYS HC 114 76.98 134.29 168.96
C LYS HC 114 77.18 132.79 168.74
N ASP HC 115 78.44 132.39 168.53
CA ASP HC 115 78.86 131.06 168.07
C ASP HC 115 78.07 129.93 168.72
N LEU HC 116 78.21 129.75 170.05
CA LEU HC 116 77.66 128.61 170.77
C LEU HC 116 76.11 128.64 170.80
N GLN HC 117 75.50 129.81 170.57
CA GLN HC 117 74.04 129.94 170.58
C GLN HC 117 73.42 129.28 169.33
N LYS HC 118 74.17 129.24 168.22
CA LYS HC 118 73.63 128.98 166.89
C LYS HC 118 73.32 127.49 166.62
N THR HC 119 73.76 126.54 167.48
CA THR HC 119 73.36 125.13 167.34
C THR HC 119 73.13 124.47 168.71
N ARG HC 120 72.30 123.41 168.73
CA ARG HC 120 71.86 122.69 169.92
C ARG HC 120 73.03 122.18 170.79
N TYR HC 121 74.08 121.65 170.16
CA TYR HC 121 75.25 121.14 170.87
C TYR HC 121 76.02 122.28 171.53
N GLY HC 122 76.08 123.44 170.85
CA GLY HC 122 76.62 124.66 171.41
C GLY HC 122 75.82 125.12 172.62
N ARG HC 123 74.49 125.14 172.50
CA ARG HC 123 73.58 125.54 173.57
C ARG HC 123 73.71 124.65 174.81
N MET HC 124 73.98 123.34 174.61
CA MET HC 124 74.30 122.44 175.71
C MET HC 124 75.67 122.77 176.32
N ALA HC 125 76.72 122.90 175.48
CA ALA HC 125 78.07 123.20 175.93
C ALA HC 125 78.16 124.52 176.70
N LEU HC 126 77.25 125.46 176.39
CA LEU HC 126 77.24 126.82 176.89
C LEU HC 126 76.95 126.87 178.40
N GLU HC 127 76.18 125.89 178.93
CA GLU HC 127 75.87 125.81 180.34
C GLU HC 127 77.09 125.38 181.16
N TYR HC 128 78.07 124.70 180.53
CA TYR HC 128 79.27 124.17 181.19
C TYR HC 128 80.27 125.28 181.50
N VAL HC 129 80.11 126.44 180.85
CA VAL HC 129 81.06 127.56 180.90
C VAL HC 129 80.32 128.85 181.24
N TRP HC 130 79.48 128.78 182.29
CA TRP HC 130 78.81 129.93 182.89
C TRP HC 130 78.02 130.78 181.88
N GLU HC 131 77.57 130.17 180.76
CA GLU HC 131 76.80 130.82 179.69
C GLU HC 131 77.57 131.98 179.04
N ASP HC 132 78.92 131.88 179.00
CA ASP HC 132 79.84 132.89 178.47
C ASP HC 132 79.82 134.18 179.29
N ASN HC 133 79.30 134.14 180.54
CA ASN HC 133 79.30 135.26 181.48
C ASN HC 133 80.70 135.45 182.06
N SER HC 134 80.98 136.63 182.64
CA SER HC 134 82.26 136.95 183.27
C SER HC 134 82.08 137.32 184.74
N ILE HC 135 82.13 136.28 185.61
CA ILE HC 135 82.06 136.36 187.07
C ILE HC 135 83.43 136.74 187.65
N ALA HC 136 84.40 137.12 186.80
CA ALA HC 136 85.78 137.38 187.18
C ALA HC 136 85.88 138.54 188.20
N ALA HC 137 86.74 138.36 189.21
CA ALA HC 137 87.01 139.38 190.24
C ALA HC 137 88.43 139.20 190.77
N LEU HC 138 89.11 140.33 191.05
CA LEU HC 138 90.40 140.41 191.72
C LEU HC 138 90.47 141.70 192.56
N ARG HC 139 91.52 141.79 193.40
CA ARG HC 139 91.69 142.85 194.39
C ARG HC 139 93.16 143.25 194.46
N THR HC 140 93.43 144.46 194.99
CA THR HC 140 94.76 144.89 195.41
C THR HC 140 95.19 144.15 196.67
N TYR HC 141 96.51 143.95 196.82
CA TYR HC 141 97.16 143.38 197.99
C TYR HC 141 98.51 144.07 198.22
N PRO IC 2 63.79 100.42 188.43
CA PRO IC 2 65.08 99.73 188.48
C PRO IC 2 65.56 99.51 189.92
N ASP IC 3 66.42 98.51 190.11
CA ASP IC 3 66.97 98.17 191.43
C ASP IC 3 67.89 99.30 191.91
N PRO IC 4 69.04 99.61 191.25
CA PRO IC 4 69.70 100.90 191.45
C PRO IC 4 68.94 101.96 190.66
N SER IC 5 68.34 102.92 191.36
CA SER IC 5 67.61 104.02 190.73
C SER IC 5 68.59 105.03 190.16
N ILE IC 6 68.16 105.81 189.15
CA ILE IC 6 69.01 106.71 188.38
C ILE IC 6 69.62 107.82 189.25
N ASP IC 7 68.98 108.12 190.39
CA ASP IC 7 69.43 109.13 191.35
C ASP IC 7 70.46 108.56 192.31
N GLU IC 8 70.62 107.22 192.33
CA GLU IC 8 71.49 106.52 193.28
C GLU IC 8 72.88 106.26 192.69
N VAL IC 9 73.12 106.70 191.44
CA VAL IC 9 74.34 106.40 190.69
C VAL IC 9 74.97 107.69 190.11
N SER IC 10 76.30 107.75 190.11
CA SER IC 10 77.10 108.77 189.42
C SER IC 10 77.70 108.18 188.14
N LYS IC 11 78.45 108.97 187.37
CA LYS IC 11 78.98 108.58 186.06
C LYS IC 11 79.84 107.32 186.16
N SER IC 12 80.67 107.26 187.21
CA SER IC 12 81.57 106.16 187.50
C SER IC 12 80.80 104.90 187.91
N ASP IC 13 79.65 105.09 188.58
CA ASP IC 13 78.76 104.00 188.99
C ASP IC 13 77.99 103.45 187.78
N TRP IC 14 77.52 104.34 186.90
CA TRP IC 14 76.83 103.97 185.67
C TRP IC 14 77.69 103.04 184.82
N ASP IC 15 79.00 103.35 184.71
CA ASP IC 15 79.98 102.53 184.01
C ASP IC 15 80.22 101.19 184.71
N ALA IC 16 79.88 101.09 186.00
CA ALA IC 16 80.05 99.87 186.79
C ALA IC 16 78.80 98.98 186.79
N LEU IC 17 77.62 99.51 186.37
CA LEU IC 17 76.37 98.76 186.34
C LEU IC 17 76.45 97.59 185.35
N THR IC 18 75.67 96.53 185.61
CA THR IC 18 75.46 95.45 184.65
C THR IC 18 74.61 95.98 183.49
N THR IC 19 74.61 95.25 182.38
CA THR IC 19 73.82 95.58 181.21
C THR IC 19 72.33 95.64 181.55
N GLN IC 20 71.84 94.74 182.41
CA GLN IC 20 70.42 94.69 182.76
C GLN IC 20 70.03 95.91 183.59
N GLU IC 21 70.90 96.35 184.50
CA GLU IC 21 70.63 97.52 185.34
C GLU IC 21 70.57 98.78 184.48
N GLN IC 22 71.48 98.91 183.51
CA GLN IC 22 71.45 100.00 182.54
C GLN IC 22 70.19 99.93 181.68
N ASP IC 23 69.83 98.72 181.22
CA ASP IC 23 68.69 98.49 180.34
C ASP IC 23 67.36 98.80 181.03
N ASP IC 24 67.26 98.52 182.34
CA ASP IC 24 66.10 98.89 183.14
C ASP IC 24 65.94 100.40 183.21
N ILE IC 25 67.05 101.14 183.42
CA ILE IC 25 67.05 102.59 183.47
C ILE IC 25 66.71 103.18 182.09
N ILE IC 26 67.32 102.64 181.03
CA ILE IC 26 67.02 103.02 179.65
C ILE IC 26 65.54 102.81 179.37
N SER IC 27 65.00 101.64 179.76
CA SER IC 27 63.58 101.31 179.60
C SER IC 27 62.68 102.32 180.34
N GLN IC 28 63.13 102.79 181.52
CA GLN IC 28 62.39 103.80 182.25
C GLN IC 28 62.42 105.15 181.52
N VAL IC 29 63.58 105.53 180.96
CA VAL IC 29 63.70 106.79 180.23
C VAL IC 29 62.80 106.76 178.99
N GLU IC 30 62.71 105.60 178.32
CA GLU IC 30 61.92 105.44 177.11
C GLU IC 30 60.42 105.57 177.38
N ASN IC 31 60.01 105.51 178.66
CA ASN IC 31 58.61 105.73 179.05
C ASN IC 31 58.21 107.20 178.86
N LEU IC 32 59.18 108.13 178.79
CA LEU IC 32 58.92 109.56 178.71
C LEU IC 32 58.51 110.00 177.29
N SER IC 33 58.49 109.07 176.32
CA SER IC 33 57.93 109.34 175.02
C SER IC 33 57.09 108.17 174.53
N SER IC 34 55.92 108.49 173.98
CA SER IC 34 55.06 107.55 173.27
C SER IC 34 55.79 106.87 172.10
N THR IC 35 56.75 107.58 171.48
CA THR IC 35 57.53 107.06 170.37
C THR IC 35 58.75 106.26 170.86
N GLY IC 36 59.10 106.39 172.15
CA GLY IC 36 60.14 105.61 172.82
C GLY IC 36 61.56 105.82 172.28
N TRP IC 37 61.72 106.65 171.25
CA TRP IC 37 62.98 106.86 170.52
C TRP IC 37 63.55 105.52 170.03
N VAL IC 38 62.67 104.69 169.44
CA VAL IC 38 62.94 103.30 169.11
C VAL IC 38 63.89 103.15 167.92
N ASN IC 39 63.94 104.17 167.04
CA ASN IC 39 64.81 104.15 165.86
C ASN IC 39 66.24 104.58 166.21
N THR IC 40 66.40 105.32 167.32
CA THR IC 40 67.71 105.65 167.89
C THR IC 40 68.26 104.43 168.62
N SER IC 41 69.56 104.14 168.44
CA SER IC 41 70.19 102.93 168.97
C SER IC 41 70.46 103.04 170.47
N ARG IC 42 70.74 101.90 171.12
CA ARG IC 42 70.97 101.79 172.56
C ARG IC 42 72.10 102.72 173.01
N GLU IC 43 73.22 102.74 172.27
CA GLU IC 43 74.43 103.46 172.65
C GLU IC 43 74.16 104.95 172.83
N ARG IC 44 73.26 105.50 171.99
CA ARG IC 44 72.93 106.92 171.98
C ARG IC 44 72.08 107.29 173.18
N LYS IC 45 71.16 106.39 173.56
CA LYS IC 45 70.32 106.55 174.74
C LYS IC 45 71.15 106.39 176.01
N ALA IC 46 72.11 105.45 175.99
CA ALA IC 46 73.05 105.25 177.09
C ALA IC 46 73.96 106.47 177.27
N GLU IC 47 74.42 107.06 176.16
CA GLU IC 47 75.29 108.24 176.17
C GLU IC 47 74.55 109.45 176.75
N ALA IC 48 73.28 109.64 176.35
CA ALA IC 48 72.44 110.72 176.84
C ALA IC 48 72.19 110.59 178.34
N ILE IC 49 71.98 109.36 178.83
CA ILE IC 49 71.78 109.06 180.24
C ILE IC 49 73.05 109.33 181.04
N ARG IC 50 74.18 108.78 180.57
CA ARG IC 50 75.49 108.96 181.17
C ARG IC 50 75.84 110.44 181.29
N SER IC 51 75.52 111.20 180.22
CA SER IC 51 75.71 112.64 180.17
C SER IC 51 74.78 113.38 181.13
N ALA IC 52 73.51 112.96 181.22
CA ALA IC 52 72.55 113.55 182.15
C ALA IC 52 72.97 113.34 183.61
N ILE IC 53 73.46 112.14 183.93
CA ILE IC 53 73.97 111.79 185.25
C ILE IC 53 75.16 112.69 185.61
N ALA IC 54 76.11 112.82 184.67
CA ALA IC 54 77.31 113.63 184.86
C ALA IC 54 76.96 115.12 185.00
N GLU IC 55 76.01 115.58 184.18
CA GLU IC 55 75.60 116.98 184.15
C GLU IC 55 74.83 117.36 185.42
N ARG IC 56 74.01 116.43 185.93
CA ARG IC 56 73.34 116.60 187.21
C ARG IC 56 74.38 116.76 188.32
N ASP IC 57 75.39 115.88 188.35
CA ASP IC 57 76.36 115.82 189.44
C ASP IC 57 77.34 117.00 189.39
N THR IC 58 77.49 117.64 188.21
CA THR IC 58 78.42 118.75 188.04
C THR IC 58 77.71 120.10 188.03
N LEU IC 59 76.68 120.27 187.17
CA LEU IC 59 76.05 121.58 186.95
C LEU IC 59 74.85 121.79 187.89
N TYR IC 60 74.28 120.71 188.44
CA TYR IC 60 73.05 120.77 189.23
C TYR IC 60 73.21 120.08 190.60
N SER IC 61 74.44 120.09 191.15
CA SER IC 61 74.73 119.68 192.51
C SER IC 61 75.10 120.90 193.36
N GLY IC 62 75.08 120.73 194.69
CA GLY IC 62 75.41 121.82 195.61
C GLY IC 62 74.17 122.60 196.05
N ASN IC 63 74.37 123.85 196.47
CA ASN IC 63 73.42 124.57 197.30
C ASN IC 63 73.29 126.04 196.89
N MET IC 64 72.10 126.63 197.15
CA MET IC 64 71.84 128.06 196.96
C MET IC 64 71.13 128.57 198.21
N SER IC 65 71.85 129.30 199.07
CA SER IC 65 71.55 129.36 200.50
C SER IC 65 71.58 127.93 201.04
N ARG IC 66 70.99 127.65 202.21
CA ARG IC 66 70.98 126.30 202.77
C ARG IC 66 69.99 125.37 202.06
N LEU IC 67 69.51 125.77 200.86
CA LEU IC 67 68.63 124.98 200.00
C LEU IC 67 69.47 124.07 199.10
N PRO IC 68 68.96 122.90 198.65
CA PRO IC 68 69.60 122.16 197.55
C PRO IC 68 69.30 122.88 196.23
N THR IC 69 70.25 122.86 195.28
CA THR IC 69 70.03 123.47 193.98
C THR IC 69 69.04 122.65 193.14
N LEU IC 70 68.84 121.38 193.52
CA LEU IC 70 67.85 120.49 192.93
C LEU IC 70 66.77 120.21 193.97
N ASP IC 71 65.61 120.88 193.83
CA ASP IC 71 64.55 120.90 194.82
C ASP IC 71 63.59 119.72 194.61
N GLY IC 72 63.29 119.42 193.34
CA GLY IC 72 62.38 118.35 192.97
C GLY IC 72 63.03 116.97 193.06
N ASP IC 73 62.27 115.92 192.74
CA ASP IC 73 62.74 114.53 192.81
C ASP IC 73 63.87 114.32 191.82
N ALA IC 74 65.04 113.91 192.33
CA ALA IC 74 66.26 113.69 191.55
C ALA IC 74 66.11 112.55 190.54
N GLU IC 75 65.22 111.58 190.80
CA GLU IC 75 64.93 110.51 189.85
C GLU IC 75 64.35 111.13 188.57
N TYR IC 76 63.19 111.80 188.71
CA TYR IC 76 62.49 112.40 187.58
C TYR IC 76 63.29 113.52 186.94
N PHE IC 77 64.08 114.27 187.73
CA PHE IC 77 64.97 115.26 187.14
C PHE IC 77 65.96 114.61 186.18
N THR IC 78 66.64 113.53 186.63
CA THR IC 78 67.63 112.87 185.80
C THR IC 78 66.98 112.24 184.56
N LEU IC 79 65.76 111.71 184.70
CA LEU IC 79 65.01 111.15 183.59
C LEU IC 79 64.67 112.25 182.57
N TYR IC 80 64.13 113.38 183.03
CA TYR IC 80 63.79 114.50 182.14
C TYR IC 80 65.02 115.08 181.44
N LEU IC 81 66.15 115.15 182.16
CA LEU IC 81 67.40 115.62 181.58
C LEU IC 81 67.92 114.63 180.53
N SER IC 82 67.71 113.32 180.76
CA SER IC 82 68.04 112.26 179.81
C SER IC 82 67.20 112.39 178.54
N ALA IC 83 65.87 112.51 178.71
CA ALA IC 83 64.93 112.66 177.61
C ALA IC 83 65.19 113.94 176.81
N HIS IC 84 65.54 115.03 177.50
CA HIS IC 84 65.96 116.28 176.87
C HIS IC 84 67.13 116.04 175.92
N LYS IC 85 68.17 115.34 176.42
CA LYS IC 85 69.36 115.02 175.64
C LYS IC 85 69.04 114.11 174.46
N ILE IC 86 68.23 113.06 174.66
CA ILE IC 86 67.84 112.15 173.60
C ILE IC 86 67.13 112.93 172.49
N GLN IC 87 66.21 113.83 172.87
CA GLN IC 87 65.45 114.62 171.91
C GLN IC 87 66.35 115.54 171.09
N LEU IC 88 67.40 116.10 171.73
CA LEU IC 88 68.38 116.91 171.00
C LEU IC 88 69.26 116.04 170.09
N PHE IC 89 69.52 114.78 170.46
CA PHE IC 89 70.28 113.86 169.62
C PHE IC 89 69.50 113.52 168.33
N GLU IC 90 68.16 113.63 168.38
CA GLU IC 90 67.27 113.49 167.23
C GLU IC 90 66.93 114.84 166.57
N GLY IC 91 67.60 115.93 166.97
CA GLY IC 91 67.47 117.21 166.29
C GLY IC 91 66.53 118.22 166.95
N GLY IC 92 65.94 117.89 168.12
CA GLY IC 92 65.12 118.81 168.89
C GLY IC 92 63.62 118.59 168.70
N GLU IC 93 62.82 119.60 169.06
CA GLU IC 93 61.36 119.53 168.94
C GLU IC 93 60.93 119.61 167.48
N ALA IC 94 60.11 118.65 167.03
CA ALA IC 94 59.35 118.84 165.81
C ALA IC 94 58.27 119.91 166.06
N GLN IC 95 58.45 121.08 165.42
CA GLN IC 95 57.45 122.15 165.42
C GLN IC 95 56.28 121.76 164.51
N SER IC 96 56.59 121.06 163.41
CA SER IC 96 55.59 120.60 162.46
C SER IC 96 56.10 119.36 161.69
N GLU IC 97 55.17 118.48 161.30
CA GLU IC 97 55.42 117.29 160.50
C GLU IC 97 54.35 117.18 159.41
N SER IC 98 54.72 116.67 158.22
CA SER IC 98 53.81 116.55 157.08
C SER IC 98 54.21 115.40 156.16
N GLY IC 99 53.21 114.76 155.52
CA GLY IC 99 53.39 113.68 154.55
C GLY IC 99 52.07 113.07 154.11
N GLU IC 100 52.11 111.85 153.54
CA GLU IC 100 50.90 111.13 153.11
C GLU IC 100 50.09 110.58 154.28
N GLY IC 101 50.63 110.72 155.50
CA GLY IC 101 49.85 110.51 156.72
C GLY IC 101 49.02 111.74 157.12
N GLY IC 102 49.13 112.84 156.35
CA GLY IC 102 48.57 114.13 156.73
C GLY IC 102 49.60 115.00 157.46
N SER IC 103 49.14 116.10 158.10
CA SER IC 103 50.01 117.13 158.66
C SER IC 103 49.60 117.58 160.07
N VAL IC 104 50.57 118.10 160.84
CA VAL IC 104 50.41 118.53 162.22
C VAL IC 104 51.38 119.67 162.54
N SER IC 105 51.00 120.54 163.50
CA SER IC 105 51.85 121.59 164.07
C SER IC 105 51.67 121.63 165.59
N TYR IC 106 52.78 121.74 166.34
CA TYR IC 106 52.82 121.42 167.76
C TYR IC 106 52.93 122.64 168.70
N SER IC 107 52.56 123.85 168.23
CA SER IC 107 52.32 125.03 169.05
C SER IC 107 53.51 125.48 169.91
N THR IC 108 54.75 125.28 169.43
CA THR IC 108 55.94 125.58 170.22
C THR IC 108 56.17 127.08 170.37
N GLY IC 109 55.78 127.87 169.37
CA GLY IC 109 56.29 129.22 169.18
C GLY IC 109 57.79 129.21 168.91
N GLY IC 110 58.44 130.37 169.08
CA GLY IC 110 59.89 130.46 168.99
C GLY IC 110 60.61 129.90 170.23
N GLY IC 111 59.92 129.89 171.37
CA GLY IC 111 60.48 129.46 172.65
C GLY IC 111 61.52 130.42 173.21
N GLY IC 112 62.27 129.97 174.22
CA GLY IC 112 63.38 130.71 174.80
C GLY IC 112 64.68 130.56 174.01
N GLU IC 113 65.79 131.02 174.60
CA GLU IC 113 67.11 131.02 173.99
C GLU IC 113 68.00 129.89 174.53
N LYS IC 114 67.78 129.46 175.79
CA LYS IC 114 68.64 128.55 176.54
C LYS IC 114 68.20 127.10 176.30
N ASP IC 115 69.12 126.13 176.39
CA ASP IC 115 68.89 124.75 175.97
C ASP IC 115 67.65 124.14 176.61
N LEU IC 116 67.49 124.25 177.94
CA LEU IC 116 66.37 123.66 178.66
C LEU IC 116 65.04 124.29 178.24
N GLN IC 117 65.07 125.55 177.76
CA GLN IC 117 63.88 126.24 177.28
C GLN IC 117 63.42 125.69 175.92
N LYS IC 118 64.33 125.01 175.19
CA LYS IC 118 64.13 124.65 173.78
C LYS IC 118 63.31 123.36 173.57
N THR IC 119 63.15 122.50 174.60
CA THR IC 119 62.37 121.27 174.48
C THR IC 119 61.48 121.04 175.70
N ARG IC 120 60.41 120.23 175.53
CA ARG IC 120 59.38 119.97 176.52
C ARG IC 120 59.97 119.30 177.77
N TYR IC 121 60.90 118.36 177.55
CA TYR IC 121 61.59 117.67 178.63
C TYR IC 121 62.52 118.61 179.38
N GLY IC 122 63.15 119.53 178.64
CA GLY IC 122 63.95 120.60 179.23
C GLY IC 122 63.11 121.50 180.14
N ARG IC 123 61.96 121.96 179.63
CA ARG IC 123 61.06 122.86 180.35
C ARG IC 123 60.46 122.19 181.58
N MET IC 124 60.27 120.86 181.55
CA MET IC 124 59.87 120.10 182.71
C MET IC 124 61.02 120.01 183.73
N ALA IC 125 62.23 119.67 183.28
CA ALA IC 125 63.41 119.57 184.14
C ALA IC 125 63.72 120.90 184.84
N LEU IC 126 63.48 122.02 184.13
CA LEU IC 126 63.79 123.38 184.56
C LEU IC 126 63.09 123.75 185.88
N GLU IC 127 61.87 123.26 186.11
CA GLU IC 127 61.10 123.53 187.32
C GLU IC 127 61.73 122.89 188.56
N TYR IC 128 62.51 121.80 188.39
CA TYR IC 128 63.14 121.07 189.47
C TYR IC 128 64.31 121.84 190.08
N VAL IC 129 64.84 122.84 189.33
CA VAL IC 129 66.11 123.49 189.61
C VAL IC 129 65.90 125.00 189.71
N TRP IC 130 64.86 125.43 190.45
CA TRP IC 130 64.54 126.83 190.71
C TRP IC 130 64.42 127.66 189.42
N GLU IC 131 64.10 127.02 188.29
CA GLU IC 131 64.02 127.62 186.95
C GLU IC 131 65.32 128.30 186.53
N ASP IC 132 66.48 127.79 186.98
CA ASP IC 132 67.82 128.28 186.69
C ASP IC 132 68.09 129.66 187.30
N ASN IC 133 67.30 130.08 188.31
CA ASN IC 133 67.44 131.39 188.96
C ASN IC 133 68.63 131.37 189.93
N SER IC 134 69.27 132.55 190.09
CA SER IC 134 70.45 132.78 190.90
C SER IC 134 70.07 133.22 192.33
N ILE IC 135 69.49 132.29 193.11
CA ILE IC 135 68.78 132.59 194.36
C ILE IC 135 69.69 132.52 195.60
N ALA IC 136 71.00 132.23 195.41
CA ALA IC 136 71.91 131.97 196.52
C ALA IC 136 72.23 133.23 197.34
N ALA IC 137 72.47 133.04 198.64
CA ALA IC 137 72.87 134.10 199.57
C ALA IC 137 73.83 133.56 200.64
N LEU IC 138 74.77 134.41 201.07
CA LEU IC 138 75.85 134.09 202.00
C LEU IC 138 76.25 135.36 202.77
N ARG IC 139 76.89 135.21 203.95
CA ARG IC 139 77.23 136.32 204.84
C ARG IC 139 78.62 136.12 205.45
N THR IC 140 79.21 137.21 205.97
CA THR IC 140 80.40 137.14 206.82
C THR IC 140 79.99 136.76 208.25
N TYR IC 141 80.94 136.13 208.97
CA TYR IC 141 80.78 135.67 210.34
C TYR IC 141 82.09 135.89 211.12
N PRO JC 2 38.16 105.92 192.16
CA PRO JC 2 39.02 104.80 192.57
C PRO JC 2 39.01 104.58 194.09
N ASP JC 3 39.44 103.38 194.52
CA ASP JC 3 39.42 102.98 195.93
C ASP JC 3 40.45 103.80 196.73
N PRO JC 4 41.77 103.68 196.50
CA PRO JC 4 42.70 104.74 196.85
C PRO JC 4 42.62 105.84 195.78
N SER JC 5 42.36 107.07 196.20
CA SER JC 5 42.35 108.22 195.30
C SER JC 5 43.78 108.69 195.05
N ILE JC 6 44.01 109.39 193.92
CA ILE JC 6 45.32 109.80 193.45
C ILE JC 6 46.00 110.77 194.43
N ASP JC 7 45.21 111.48 195.26
CA ASP JC 7 45.71 112.41 196.26
C ASP JC 7 46.07 111.71 197.57
N GLU JC 8 45.73 110.42 197.70
CA GLU JC 8 45.95 109.62 198.90
C GLU JC 8 47.25 108.81 198.81
N VAL JC 9 47.93 108.82 197.65
CA VAL JC 9 49.11 108.01 197.38
C VAL JC 9 50.33 108.89 197.05
N SER JC 10 51.48 108.57 197.66
CA SER JC 10 52.79 109.12 197.32
C SER JC 10 53.50 108.16 196.35
N LYS JC 11 54.74 108.48 195.92
CA LYS JC 11 55.47 107.75 194.89
C LYS JC 11 55.65 106.27 195.27
N SER JC 12 56.07 106.03 196.52
CA SER JC 12 56.27 104.70 197.08
C SER JC 12 54.95 103.94 197.26
N ASP JC 13 53.84 104.65 197.48
CA ASP JC 13 52.51 104.07 197.58
C ASP JC 13 52.01 103.61 196.22
N TRP JC 14 52.21 104.43 195.18
CA TRP JC 14 51.86 104.11 193.79
C TRP JC 14 52.52 102.81 193.34
N ASP JC 15 53.79 102.60 193.75
CA ASP JC 15 54.56 101.40 193.47
C ASP JC 15 54.06 100.20 194.28
N ALA JC 16 53.34 100.45 195.38
CA ALA JC 16 52.80 99.41 196.25
C ALA JC 16 51.39 98.97 195.84
N LEU JC 17 50.69 99.77 195.02
CA LEU JC 17 49.33 99.48 194.54
C LEU JC 17 49.31 98.19 193.72
N THR JC 18 48.13 97.55 193.65
CA THR JC 18 47.86 96.49 192.69
C THR JC 18 47.75 97.11 191.29
N THR JC 19 47.88 96.27 190.25
CA THR JC 19 47.65 96.70 188.88
C THR JC 19 46.25 97.24 188.69
N GLN JC 20 45.25 96.67 189.39
CA GLN JC 20 43.86 97.11 189.27
C GLN JC 20 43.70 98.52 189.82
N GLU JC 21 44.31 98.81 190.98
CA GLU JC 21 44.21 100.13 191.61
C GLU JC 21 44.88 101.19 190.75
N GLN JC 22 46.01 100.84 190.12
CA GLN JC 22 46.69 101.71 189.18
C GLN JC 22 45.82 101.94 187.94
N ASP JC 23 45.19 100.86 187.43
CA ASP JC 23 44.36 100.91 186.22
C ASP JC 23 43.10 101.75 186.44
N ASP JC 24 42.52 101.70 187.65
CA ASP JC 24 41.38 102.53 188.02
C ASP JC 24 41.76 104.02 187.93
N ILE JC 25 42.94 104.38 188.45
CA ILE JC 25 43.46 105.75 188.41
C ILE JC 25 43.80 106.16 186.98
N ILE JC 26 44.44 105.29 186.20
CA ILE JC 26 44.73 105.51 184.79
C ILE JC 26 43.43 105.76 184.02
N SER JC 27 42.40 104.93 184.27
CA SER JC 27 41.08 105.07 183.68
C SER JC 27 40.47 106.43 184.00
N GLN JC 28 40.71 106.94 185.21
CA GLN JC 28 40.23 108.25 185.61
C GLN JC 28 40.95 109.36 184.84
N VAL JC 29 42.27 109.22 184.66
CA VAL JC 29 43.06 110.21 183.91
C VAL JC 29 42.62 110.22 182.45
N GLU JC 30 42.33 109.03 181.88
CA GLU JC 30 41.90 108.90 180.50
C GLU JC 30 40.55 109.60 180.21
N ASN JC 31 39.82 109.99 181.26
CA ASN JC 31 38.59 110.77 181.10
C ASN JC 31 38.87 112.20 180.62
N LEU JC 32 40.12 112.67 180.74
CA LEU JC 32 40.48 114.07 180.51
C LEU JC 32 40.76 114.40 179.04
N SER JC 33 40.74 113.39 178.15
CA SER JC 33 40.80 113.61 176.72
C SER JC 33 39.70 112.79 176.03
N SER JC 34 39.03 113.38 175.03
CA SER JC 34 38.06 112.67 174.20
C SER JC 34 38.71 111.53 173.39
N THR JC 35 40.04 111.61 173.17
CA THR JC 35 40.80 110.56 172.51
C THR JC 35 41.21 109.44 173.48
N GLY JC 36 41.25 109.74 174.78
CA GLY JC 36 41.70 108.81 175.81
C GLY JC 36 43.18 108.40 175.70
N TRP JC 37 43.94 109.02 174.78
CA TRP JC 37 45.35 108.73 174.53
C TRP JC 37 45.58 107.25 174.23
N VAL JC 38 44.67 106.64 173.45
CA VAL JC 38 44.55 105.18 173.29
C VAL JC 38 45.74 104.56 172.54
N ASN JC 39 46.54 105.37 171.83
CA ASN JC 39 47.69 104.88 171.08
C ASN JC 39 49.00 104.97 171.89
N THR JC 40 48.93 105.38 173.18
CA THR JC 40 50.06 105.39 174.09
C THR JC 40 49.93 104.23 175.08
N SER JC 41 51.03 103.51 175.35
CA SER JC 41 51.00 102.28 176.14
C SER JC 41 50.79 102.55 177.64
N ARG JC 42 50.40 101.51 178.38
CA ARG JC 42 50.08 101.56 179.81
C ARG JC 42 51.24 102.09 180.63
N GLU JC 43 52.46 101.60 180.35
CA GLU JC 43 53.68 101.92 181.10
C GLU JC 43 53.95 103.42 181.10
N ARG JC 44 53.60 104.10 180.00
CA ARG JC 44 53.87 105.51 179.77
C ARG JC 44 52.87 106.38 180.53
N LYS JC 45 51.60 105.97 180.54
CA LYS JC 45 50.56 106.61 181.34
C LYS JC 45 50.83 106.42 182.83
N ALA JC 46 51.26 105.21 183.23
CA ALA JC 46 51.68 104.93 184.59
C ALA JC 46 52.88 105.80 185.00
N GLU JC 47 53.85 105.98 184.10
CA GLU JC 47 55.03 106.79 184.38
C GLU JC 47 54.66 108.26 184.53
N ALA JC 48 53.73 108.75 183.69
CA ALA JC 48 53.26 110.12 183.75
C ALA JC 48 52.57 110.42 185.08
N ILE JC 49 51.77 109.46 185.57
CA ILE JC 49 51.05 109.56 186.83
C ILE JC 49 52.04 109.51 188.00
N ARG JC 50 52.98 108.57 187.96
CA ARG JC 50 54.00 108.40 189.00
C ARG JC 50 54.86 109.66 189.10
N SER JC 51 55.17 110.26 187.94
CA SER JC 51 55.91 111.52 187.86
C SER JC 51 55.10 112.68 188.42
N ALA JC 52 53.80 112.75 188.09
CA ALA JC 52 52.91 113.79 188.60
C ALA JC 52 52.79 113.71 190.12
N ILE JC 53 52.72 112.49 190.68
CA ILE JC 53 52.68 112.24 192.11
C ILE JC 53 53.98 112.73 192.77
N ALA JC 54 55.14 112.34 192.22
CA ALA JC 54 56.46 112.70 192.74
C ALA JC 54 56.68 114.22 192.68
N GLU JC 55 56.26 114.83 191.57
CA GLU JC 55 56.40 116.26 191.32
C GLU JC 55 55.49 117.08 192.22
N ARG JC 56 54.25 116.62 192.45
CA ARG JC 56 53.34 117.21 193.41
C ARG JC 56 53.98 117.23 194.81
N ASP JC 57 54.47 116.06 195.24
CA ASP JC 57 54.97 115.86 196.61
C ASP JC 57 56.27 116.64 196.87
N THR JC 58 56.96 117.10 195.82
CA THR JC 58 58.25 117.78 195.95
C THR JC 58 58.20 119.25 195.53
N LEU JC 59 57.57 119.57 194.39
CA LEU JC 59 57.53 120.94 193.87
C LEU JC 59 56.25 121.70 194.26
N TYR JC 60 55.19 120.99 194.68
CA TYR JC 60 53.90 121.57 195.00
C TYR JC 60 53.40 121.10 196.38
N SER JC 61 54.32 121.13 197.36
CA SER JC 61 54.05 120.70 198.74
C SER JC 61 54.64 121.71 199.73
N GLY JC 62 54.14 121.68 200.96
CA GLY JC 62 54.53 122.63 201.98
C GLY JC 62 53.68 123.89 201.93
N ASN JC 63 54.16 124.95 202.59
CA ASN JC 63 53.36 126.13 202.90
C ASN JC 63 54.02 127.40 202.38
N MET JC 64 53.19 128.39 202.04
CA MET JC 64 53.56 129.68 201.50
C MET JC 64 52.76 130.72 202.29
N SER JC 65 53.40 131.34 203.28
CA SER JC 65 52.78 131.82 204.52
C SER JC 65 52.17 130.62 205.25
N ARG JC 66 51.22 130.81 206.17
CA ARG JC 66 50.56 129.70 206.83
C ARG JC 66 49.75 128.84 205.84
N LEU JC 67 49.40 129.40 204.67
CA LEU JC 67 48.60 128.76 203.63
C LEU JC 67 49.34 127.58 202.98
N PRO JC 68 48.62 126.53 202.48
CA PRO JC 68 49.24 125.47 201.69
C PRO JC 68 49.57 125.98 200.29
N THR JC 69 50.65 125.47 199.68
CA THR JC 69 51.05 125.91 198.34
C THR JC 69 50.14 125.32 197.25
N LEU JC 70 49.33 124.32 197.61
CA LEU JC 70 48.31 123.74 196.75
C LEU JC 70 46.94 124.02 197.39
N ASP JC 71 46.16 124.93 196.79
CA ASP JC 71 44.93 125.45 197.37
C ASP JC 71 43.72 124.64 196.90
N GLY JC 72 43.73 124.23 195.62
CA GLY JC 72 42.62 123.51 195.01
C GLY JC 72 42.60 122.03 195.38
N ASP JC 73 41.61 121.30 194.87
CA ASP JC 73 41.44 119.87 195.14
C ASP JC 73 42.65 119.09 194.60
N ALA JC 74 43.38 118.43 195.52
CA ALA JC 74 44.59 117.69 195.22
C ALA JC 74 44.34 116.52 194.26
N GLU JC 75 43.12 115.96 194.26
CA GLU JC 75 42.72 114.93 193.30
C GLU JC 75 42.84 115.49 191.89
N TYR JC 76 42.06 116.55 191.60
CA TYR JC 76 42.01 117.14 190.27
C TYR JC 76 43.31 117.81 189.87
N PHE JC 77 44.05 118.36 190.84
CA PHE JC 77 45.39 118.87 190.56
C PHE JC 77 46.29 117.74 190.04
N THR JC 78 46.32 116.60 190.74
CA THR JC 78 47.18 115.50 190.34
C THR JC 78 46.75 114.93 188.98
N LEU JC 79 45.44 114.84 188.75
CA LEU JC 79 44.90 114.37 187.47
C LEU JC 79 45.34 115.30 186.32
N TYR JC 80 45.17 116.62 186.49
CA TYR JC 80 45.58 117.58 185.47
C TYR JC 80 47.10 117.59 185.25
N LEU JC 81 47.87 117.43 186.33
CA LEU JC 81 49.32 117.34 186.24
C LEU JC 81 49.75 116.05 185.52
N SER JC 82 48.96 114.97 185.70
CA SER JC 82 49.15 113.71 185.00
C SER JC 82 48.86 113.87 183.50
N ALA JC 83 47.70 114.46 183.16
CA ALA JC 83 47.30 114.71 181.78
C ALA JC 83 48.29 115.62 181.06
N HIS JC 84 48.88 116.58 181.80
CA HIS JC 84 49.90 117.49 181.32
C HIS JC 84 51.17 116.72 180.94
N LYS JC 85 51.38 115.54 181.56
CA LYS JC 85 52.54 114.68 181.34
C LYS JC 85 52.22 113.51 180.40
N ILE JC 86 50.94 113.30 180.04
CA ILE JC 86 50.59 112.36 178.98
C ILE JC 86 50.66 113.08 177.63
N GLN JC 87 50.13 114.32 177.58
CA GLN JC 87 50.65 115.31 176.65
C GLN JC 87 52.14 115.52 176.98
N LEU JC 88 52.92 116.08 176.05
CA LEU JC 88 54.38 116.20 176.17
C LEU JC 88 55.12 114.86 176.03
N PHE JC 89 54.52 113.73 176.43
CA PHE JC 89 55.02 112.42 176.03
C PHE JC 89 54.59 112.10 174.58
N GLU JC 90 53.91 113.06 173.91
CA GLU JC 90 53.38 112.90 172.56
C GLU JC 90 53.62 114.17 171.73
N GLY JC 91 54.68 114.92 172.06
CA GLY JC 91 54.85 116.28 171.55
C GLY JC 91 53.94 117.26 172.28
N GLY JC 92 53.88 118.51 171.78
CA GLY JC 92 53.12 119.59 172.40
C GLY JC 92 51.61 119.45 172.20
N GLU JC 93 50.89 120.58 172.34
CA GLU JC 93 49.52 120.66 171.89
C GLU JC 93 49.51 120.81 170.38
N ALA JC 94 48.51 120.21 169.72
CA ALA JC 94 48.20 120.55 168.34
C ALA JC 94 47.80 122.02 168.26
N GLN JC 95 48.59 122.82 167.54
CA GLN JC 95 48.11 124.11 167.05
C GLN JC 95 47.10 123.83 165.93
N SER JC 96 47.44 122.88 165.05
CA SER JC 96 46.59 122.47 163.94
C SER JC 96 46.81 120.99 163.60
N GLU JC 97 45.74 120.34 163.11
CA GLU JC 97 45.74 118.96 162.63
C GLU JC 97 45.03 118.92 161.27
N SER JC 98 45.61 118.18 160.31
CA SER JC 98 45.09 118.06 158.95
C SER JC 98 45.20 116.61 158.47
N GLY JC 99 44.07 116.04 158.01
CA GLY JC 99 44.00 114.68 157.50
C GLY JC 99 43.88 114.64 155.98
N GLU JC 100 42.90 113.90 155.46
CA GLU JC 100 42.60 113.82 154.03
C GLU JC 100 41.82 115.07 153.60
N GLY JC 101 42.50 116.22 153.56
CA GLY JC 101 41.88 117.50 153.23
C GLY JC 101 41.20 118.16 154.43
N GLY JC 102 40.45 117.37 155.21
CA GLY JC 102 39.81 117.84 156.44
C GLY JC 102 40.83 118.36 157.44
N SER JC 103 40.60 119.57 157.98
CA SER JC 103 41.60 120.30 158.76
C SER JC 103 40.96 121.11 159.89
N VAL JC 104 41.72 121.32 160.99
CA VAL JC 104 41.26 122.05 162.16
C VAL JC 104 42.45 122.77 162.82
N SER JC 105 42.16 123.89 163.52
CA SER JC 105 43.14 124.69 164.26
C SER JC 105 42.55 125.05 165.63
N TYR JC 106 43.37 124.97 166.71
CA TYR JC 106 42.86 124.85 168.07
C TYR JC 106 43.09 126.07 168.98
N SER JC 107 43.35 127.25 168.42
CA SER JC 107 43.25 128.55 169.12
C SER JC 107 44.11 128.67 170.38
N THR JC 108 45.21 127.91 170.51
CA THR JC 108 45.96 127.86 171.76
C THR JC 108 46.65 129.19 172.07
N GLY JC 109 47.08 129.90 171.01
CA GLY JC 109 48.04 130.99 171.13
C GLY JC 109 49.42 130.47 171.55
N GLY JC 110 50.34 131.39 171.83
CA GLY JC 110 51.66 131.06 172.35
C GLY JC 110 51.64 130.56 173.79
N GLY JC 111 50.67 131.03 174.58
CA GLY JC 111 50.38 130.53 175.92
C GLY JC 111 51.30 131.09 177.01
N GLY JC 112 52.61 131.09 176.73
CA GLY JC 112 53.64 131.49 177.68
C GLY JC 112 54.99 130.83 177.36
N GLU JC 113 55.79 130.57 178.40
CA GLU JC 113 57.17 130.10 178.27
C GLU JC 113 57.50 128.93 179.20
N LYS JC 114 56.85 128.88 180.39
CA LYS JC 114 57.06 127.87 181.42
C LYS JC 114 56.19 126.65 181.10
N ASP JC 115 56.59 125.44 181.52
CA ASP JC 115 56.01 124.21 180.99
C ASP JC 115 54.49 124.14 181.16
N LEU JC 116 53.95 124.49 182.34
CA LEU JC 116 52.52 124.44 182.62
C LEU JC 116 51.71 125.34 181.68
N GLN JC 117 52.34 126.39 181.13
CA GLN JC 117 51.69 127.30 180.20
C GLN JC 117 51.54 126.66 178.80
N LYS JC 118 52.29 125.59 178.53
CA LYS JC 118 52.45 125.01 177.19
C LYS JC 118 51.35 124.00 176.81
N THR JC 119 50.46 123.62 177.75
CA THR JC 119 49.27 122.81 177.44
C THR JC 119 48.12 123.14 178.39
N ARG JC 120 46.88 122.95 177.90
CA ARG JC 120 45.62 123.24 178.59
C ARG JC 120 45.53 122.57 179.97
N TYR JC 121 46.03 121.34 180.09
CA TYR JC 121 46.05 120.60 181.35
C TYR JC 121 46.98 121.28 182.35
N GLY JC 122 48.14 121.75 181.86
CA GLY JC 122 49.05 122.57 182.64
C GLY JC 122 48.39 123.87 183.08
N ARG JC 123 47.72 124.55 182.14
CA ARG JC 123 47.08 125.84 182.36
C ARG JC 123 45.95 125.72 183.40
N MET JC 124 45.31 124.54 183.47
CA MET JC 124 44.34 124.25 184.51
C MET JC 124 45.04 123.98 185.85
N ALA JC 125 46.03 123.07 185.86
CA ALA JC 125 46.75 122.69 187.08
C ALA JC 125 47.39 123.90 187.77
N LEU JC 126 47.89 124.85 186.96
CA LEU JC 126 48.55 126.08 187.36
C LEU JC 126 47.65 126.94 188.26
N GLU JC 127 46.32 126.94 188.01
CA GLU JC 127 45.34 127.70 188.78
C GLU JC 127 45.24 127.22 190.23
N TYR JC 128 45.52 125.94 190.48
CA TYR JC 128 45.40 125.29 191.79
C TYR JC 128 46.55 125.68 192.72
N VAL JC 129 47.69 126.11 192.15
CA VAL JC 129 48.94 126.32 192.87
C VAL JC 129 49.37 127.78 192.81
N TRP JC 130 48.42 128.70 193.08
CA TRP JC 130 48.62 130.14 193.15
C TRP JC 130 49.23 130.71 191.86
N GLU JC 131 49.04 130.03 190.70
CA GLU JC 131 49.54 130.46 189.40
C GLU JC 131 51.07 130.65 189.40
N ASP JC 132 51.79 129.84 190.21
CA ASP JC 132 53.24 129.91 190.45
C ASP JC 132 53.68 131.25 191.07
N ASN JC 133 52.75 132.03 191.64
CA ASN JC 133 53.05 133.30 192.30
C ASN JC 133 53.81 133.06 193.61
N SER JC 134 54.53 134.10 194.08
CA SER JC 134 55.44 134.04 195.23
C SER JC 134 54.92 134.87 196.41
N ILE JC 135 53.80 134.44 197.02
CA ILE JC 135 53.11 135.20 198.05
C ILE JC 135 53.57 134.82 199.47
N ALA JC 136 54.71 134.11 199.60
CA ALA JC 136 55.22 133.66 200.90
C ALA JC 136 55.78 134.85 201.69
N ALA JC 137 55.60 134.80 203.03
CA ALA JC 137 56.10 135.82 203.95
C ALA JC 137 56.46 135.21 205.30
N LEU JC 138 57.49 135.77 205.95
CA LEU JC 138 58.03 135.28 207.22
C LEU JC 138 58.58 136.45 208.05
N ARG JC 139 58.61 136.26 209.39
CA ARG JC 139 58.94 137.30 210.37
C ARG JC 139 60.12 136.87 211.25
N THR JC 140 60.84 137.84 211.82
CA THR JC 140 61.81 137.61 212.88
C THR JC 140 61.07 137.35 214.20
N TYR JC 141 61.62 136.43 215.01
CA TYR JC 141 61.15 136.11 216.35
C TYR JC 141 62.34 135.74 217.25
N PRO KC 2 16.79 119.95 187.08
CA PRO KC 2 17.14 118.83 187.97
C PRO KC 2 16.64 119.07 189.39
N ASP KC 3 16.23 118.00 190.09
CA ASP KC 3 15.69 118.07 191.45
C ASP KC 3 16.77 118.53 192.44
N PRO KC 4 17.92 117.84 192.59
CA PRO KC 4 19.12 118.46 193.16
C PRO KC 4 19.82 119.30 192.09
N SER KC 5 19.96 120.60 192.36
CA SER KC 5 20.61 121.53 191.43
C SER KC 5 22.14 121.43 191.57
N ILE KC 6 22.87 121.81 190.50
CA ILE KC 6 24.31 121.68 190.41
C ILE KC 6 25.03 122.54 191.47
N ASP KC 7 24.37 123.59 191.98
CA ASP KC 7 24.93 124.46 193.00
C ASP KC 7 24.67 123.93 194.41
N GLU KC 8 23.79 122.93 194.54
CA GLU KC 8 23.40 122.38 195.84
C GLU KC 8 24.30 121.21 196.25
N VAL KC 9 25.11 120.69 195.31
CA VAL KC 9 25.91 119.49 195.50
C VAL KC 9 27.40 119.83 195.53
N SER KC 10 28.13 119.24 196.50
CA SER KC 10 29.59 119.20 196.53
C SER KC 10 30.07 117.89 195.91
N LYS KC 11 31.40 117.68 195.84
CA LYS KC 11 32.00 116.51 195.21
C LYS KC 11 31.49 115.22 195.82
N SER KC 12 31.42 115.17 197.17
CA SER KC 12 30.92 114.05 197.95
C SER KC 12 29.44 113.76 197.67
N ASP KC 13 28.65 114.82 197.41
CA ASP KC 13 27.24 114.71 197.10
C ASP KC 13 27.03 114.19 195.67
N TRP KC 14 27.87 114.66 194.73
CA TRP KC 14 27.81 114.25 193.33
C TRP KC 14 28.01 112.74 193.21
N ASP KC 15 28.92 112.17 194.01
CA ASP KC 15 29.21 110.75 194.07
C ASP KC 15 28.05 109.97 194.70
N ALA KC 16 27.20 110.66 195.50
CA ALA KC 16 26.08 110.05 196.21
C ALA KC 16 24.78 110.10 195.40
N LEU KC 17 24.70 110.98 194.38
CA LEU KC 17 23.53 111.09 193.49
C LEU KC 17 23.27 109.76 192.77
N THR KC 18 22.00 109.51 192.43
CA THR KC 18 21.64 108.44 191.51
C THR KC 18 22.14 108.79 190.10
N THR KC 19 22.29 107.78 189.25
CA THR KC 19 22.68 107.98 187.86
C THR KC 19 21.70 108.90 187.13
N GLN KC 20 20.41 108.86 187.49
CA GLN KC 20 19.41 109.70 186.86
C GLN KC 20 19.61 111.16 187.24
N GLU KC 21 19.91 111.43 188.52
CA GLU KC 21 20.15 112.79 189.00
C GLU KC 21 21.39 113.39 188.35
N GLN KC 22 22.44 112.57 188.17
CA GLN KC 22 23.63 112.97 187.43
C GLN KC 22 23.29 113.24 185.97
N ASP KC 23 22.50 112.35 185.34
CA ASP KC 23 22.13 112.45 183.93
C ASP KC 23 21.29 113.70 183.64
N ASP KC 24 20.41 114.09 184.58
CA ASP KC 24 19.65 115.33 184.49
C ASP KC 24 20.60 116.53 184.43
N ILE KC 25 21.62 116.55 185.30
CA ILE KC 25 22.60 117.63 185.38
C ILE KC 25 23.49 117.64 184.13
N ILE KC 26 23.96 116.46 183.69
CA ILE KC 26 24.71 116.31 182.44
C ILE KC 26 23.89 116.85 181.28
N SER KC 27 22.60 116.49 181.21
CA SER KC 27 21.69 116.96 180.17
C SER KC 27 21.59 118.49 180.15
N GLN KC 28 21.59 119.12 181.33
CA GLN KC 28 21.58 120.57 181.43
C GLN KC 28 22.89 121.17 180.90
N VAL KC 29 24.03 120.54 181.22
CA VAL KC 29 25.32 121.00 180.73
C VAL KC 29 25.35 120.92 179.19
N GLU KC 30 24.82 119.83 178.62
CA GLU KC 30 24.80 119.60 177.19
C GLU KC 30 23.95 120.63 176.44
N ASN KC 31 23.15 121.44 177.15
CA ASN KC 31 22.40 122.54 176.55
C ASN KC 31 23.32 123.71 176.18
N LEU KC 32 24.53 123.78 176.76
CA LEU KC 32 25.44 124.90 176.55
C LEU KC 32 26.18 124.83 175.21
N SER KC 33 25.96 123.75 174.43
CA SER KC 33 26.49 123.67 173.07
C SER KC 33 25.44 123.10 172.13
N SER KC 34 25.29 123.74 170.97
CA SER KC 34 24.54 123.27 169.80
C SER KC 34 24.94 121.85 169.40
N THR KC 35 26.23 121.50 169.61
CA THR KC 35 26.79 120.19 169.26
C THR KC 35 26.61 119.17 170.39
N GLY KC 36 26.22 119.64 171.59
CA GLY KC 36 25.93 118.79 172.75
C GLY KC 36 27.10 117.98 173.30
N TRP KC 37 28.27 118.05 172.65
CA TRP KC 37 29.43 117.19 172.92
C TRP KC 37 29.01 115.71 172.85
N VAL KC 38 28.23 115.36 171.81
CA VAL KC 38 27.56 114.08 171.69
C VAL KC 38 28.55 112.93 171.43
N ASN KC 39 29.67 113.22 170.77
CA ASN KC 39 30.68 112.20 170.46
C ASN KC 39 31.76 112.09 171.54
N THR KC 40 31.56 112.76 172.68
CA THR KC 40 32.34 112.55 173.91
C THR KC 40 31.49 111.73 174.86
N SER KC 41 32.08 110.70 175.49
CA SER KC 41 31.34 109.73 176.29
C SER KC 41 30.89 110.31 177.64
N ARG KC 42 29.95 109.61 178.30
CA ARG KC 42 29.30 110.06 179.52
C ARG KC 42 30.33 110.26 180.64
N GLU KC 43 31.30 109.36 180.75
CA GLU KC 43 32.29 109.36 181.84
C GLU KC 43 33.10 110.66 181.82
N ARG KC 44 33.38 111.16 180.60
CA ARG KC 44 34.19 112.35 180.38
C ARG KC 44 33.43 113.61 180.78
N LYS KC 45 32.13 113.66 180.44
CA LYS KC 45 31.25 114.74 180.83
C LYS KC 45 31.00 114.74 182.34
N ALA KC 46 30.81 113.55 182.93
CA ALA KC 46 30.68 113.38 184.37
C ALA KC 46 31.94 113.83 185.11
N GLU KC 47 33.13 113.46 184.60
CA GLU KC 47 34.42 113.85 185.18
C GLU KC 47 34.60 115.37 185.16
N ALA KC 48 34.25 116.00 184.03
CA ALA KC 48 34.34 117.45 183.87
C ALA KC 48 33.43 118.19 184.86
N ILE KC 49 32.21 117.68 185.05
CA ILE KC 49 31.23 118.23 185.98
C ILE KC 49 31.72 118.07 187.42
N ARG KC 50 32.14 116.85 187.79
CA ARG KC 50 32.65 116.52 189.11
C ARG KC 50 33.85 117.42 189.46
N SER KC 51 34.72 117.63 188.45
CA SER KC 51 35.89 118.49 188.58
C SER KC 51 35.48 119.94 188.75
N ALA KC 52 34.47 120.39 187.98
CA ALA KC 52 33.98 121.76 188.06
C ALA KC 52 33.37 122.05 189.43
N ILE KC 53 32.65 121.06 189.99
CA ILE KC 53 32.05 121.13 191.31
C ILE KC 53 33.15 121.27 192.37
N ALA KC 54 34.19 120.42 192.28
CA ALA KC 54 35.31 120.41 193.22
C ALA KC 54 36.13 121.69 193.13
N GLU KC 55 36.32 122.20 191.90
CA GLU KC 55 37.08 123.41 191.63
C GLU KC 55 36.34 124.66 192.12
N ARG KC 56 35.02 124.71 191.92
CA ARG KC 56 34.19 125.76 192.49
C ARG KC 56 34.36 125.79 194.01
N ASP KC 57 34.19 124.64 194.67
CA ASP KC 57 34.19 124.53 196.11
C ASP KC 57 35.55 124.81 196.74
N THR KC 58 36.64 124.71 195.96
CA THR KC 58 38.00 124.92 196.46
C THR KC 58 38.62 126.25 196.01
N LEU KC 59 38.49 126.61 194.72
CA LEU KC 59 39.18 127.78 194.16
C LEU KC 59 38.26 129.00 194.03
N TYR KC 60 36.93 128.79 194.03
CA TYR KC 60 35.95 129.85 193.77
C TYR KC 60 34.87 129.87 194.86
N SER KC 61 35.31 129.71 196.12
CA SER KC 61 34.48 129.69 197.32
C SER KC 61 35.07 130.61 198.39
N GLY KC 62 34.26 130.95 199.40
CA GLY KC 62 34.68 131.84 200.46
C GLY KC 62 34.50 133.32 200.09
N ASN KC 63 35.22 134.20 200.81
CA ASN KC 63 34.92 135.62 200.85
C ASN KC 63 36.11 136.45 200.38
N MET KC 64 35.80 137.60 199.76
CA MET KC 64 36.75 138.55 199.20
C MET KC 64 36.25 139.95 199.54
N SER KC 65 36.68 140.49 200.69
CA SER KC 65 35.93 141.44 201.50
C SER KC 65 34.69 140.72 202.06
N ARG KC 66 33.78 141.40 202.78
CA ARG KC 66 32.64 140.74 203.40
C ARG KC 66 31.51 140.48 202.39
N LEU KC 67 31.88 139.93 201.23
CA LEU KC 67 31.01 139.53 200.13
C LEU KC 67 31.56 138.24 199.49
N PRO KC 68 30.77 137.44 198.72
CA PRO KC 68 31.27 136.19 198.15
C PRO KC 68 32.19 136.38 196.95
N THR KC 69 33.16 135.47 196.76
CA THR KC 69 34.05 135.50 195.61
C THR KC 69 33.31 135.10 194.33
N LEU KC 70 32.18 134.41 194.48
CA LEU KC 70 31.29 134.05 193.37
C LEU KC 70 30.03 134.92 193.46
N ASP KC 71 30.00 135.98 192.63
CA ASP KC 71 28.98 137.02 192.71
C ASP KC 71 27.74 136.64 191.91
N GLY KC 72 27.94 135.98 190.76
CA GLY KC 72 26.86 135.56 189.87
C GLY KC 72 26.17 134.28 190.34
N ASP KC 73 25.15 133.84 189.58
CA ASP KC 73 24.38 132.64 189.89
C ASP KC 73 25.28 131.42 189.84
N ALA KC 74 25.40 130.71 190.99
CA ALA KC 74 26.27 129.55 191.16
C ALA KC 74 25.87 128.38 190.27
N GLU KC 75 24.58 128.29 189.90
CA GLU KC 75 24.09 127.29 188.95
C GLU KC 75 24.82 127.47 187.62
N TYR KC 76 24.61 128.63 186.99
CA TYR KC 76 25.18 128.95 185.69
C TYR KC 76 26.70 129.03 185.71
N PHE KC 77 27.29 129.50 186.82
CA PHE KC 77 28.73 129.44 186.97
C PHE KC 77 29.24 128.01 186.83
N THR KC 78 28.64 127.06 187.57
CA THR KC 78 29.09 125.68 187.56
C THR KC 78 28.90 125.05 186.18
N LEU KC 79 27.79 125.41 185.49
CA LEU KC 79 27.53 124.94 184.14
C LEU KC 79 28.60 125.45 183.18
N TYR KC 80 28.92 126.76 183.22
CA TYR KC 80 29.94 127.36 182.36
C TYR KC 80 31.33 126.77 182.63
N LEU KC 81 31.66 126.57 183.91
CA LEU KC 81 32.91 125.94 184.31
C LEU KC 81 33.00 124.50 183.81
N SER KC 82 31.87 123.77 183.81
CA SER KC 82 31.76 122.41 183.29
C SER KC 82 31.98 122.39 181.77
N ALA KC 83 31.26 123.26 181.05
CA ALA KC 83 31.34 123.39 179.60
C ALA KC 83 32.75 123.75 179.16
N HIS KC 84 33.41 124.64 179.90
CA HIS KC 84 34.80 125.00 179.69
C HIS KC 84 35.70 123.75 179.74
N LYS KC 85 35.55 122.94 180.80
CA LYS KC 85 36.34 121.73 181.00
C LYS KC 85 36.08 120.69 179.92
N ILE KC 86 34.80 120.48 179.55
CA ILE KC 86 34.44 119.57 178.47
C ILE KC 86 35.11 120.00 177.16
N GLN KC 87 35.07 121.31 176.87
CA GLN KC 87 35.69 121.86 175.67
C GLN KC 87 37.20 121.64 175.66
N LEU KC 88 37.85 121.76 176.83
CA LEU KC 88 39.27 121.47 176.95
C LEU KC 88 39.57 119.97 176.78
N PHE KC 89 38.65 119.08 177.20
CA PHE KC 89 38.82 117.64 177.01
C PHE KC 89 38.75 117.29 175.51
N GLU KC 90 38.09 118.14 174.70
CA GLU KC 90 38.02 118.00 173.25
C GLU KC 90 39.11 118.83 172.52
N GLY KC 91 40.05 119.43 173.27
CA GLY KC 91 41.21 120.07 172.67
C GLY KC 91 41.19 121.60 172.65
N GLY KC 92 40.07 122.21 173.05
CA GLY KC 92 39.94 123.66 173.18
C GLY KC 92 39.01 124.27 172.13
N GLU KC 93 39.13 125.59 171.92
CA GLU KC 93 38.38 126.31 170.89
C GLU KC 93 38.88 125.94 169.51
N ALA KC 94 37.96 125.63 168.58
CA ALA KC 94 38.31 125.61 167.17
C ALA KC 94 38.47 127.06 166.69
N GLN KC 95 39.70 127.45 166.31
CA GLN KC 95 39.95 128.70 165.64
C GLN KC 95 39.40 128.63 164.22
N SER KC 96 39.58 127.48 163.56
CA SER KC 96 39.12 127.26 162.19
C SER KC 96 38.86 125.76 161.95
N GLU KC 97 37.89 125.48 161.06
CA GLU KC 97 37.53 124.15 160.59
C GLU KC 97 37.41 124.17 159.06
N SER KC 98 37.78 123.07 158.38
CA SER KC 98 37.77 122.99 156.92
C SER KC 98 37.56 121.54 156.44
N GLY KC 99 36.87 121.37 155.30
CA GLY KC 99 36.59 120.08 154.67
C GLY KC 99 35.67 120.22 153.46
N GLU KC 100 35.05 119.12 153.00
CA GLU KC 100 34.13 119.16 151.86
C GLU KC 100 32.78 119.81 152.20
N GLY KC 101 32.51 120.02 153.50
CA GLY KC 101 31.43 120.90 153.93
C GLY KC 101 31.72 122.38 153.66
N GLY KC 102 33.01 122.71 153.42
CA GLY KC 102 33.51 124.08 153.28
C GLY KC 102 34.40 124.48 154.46
N SER KC 103 34.63 125.78 154.65
CA SER KC 103 35.56 126.32 155.65
C SER KC 103 34.94 127.44 156.49
N VAL KC 104 35.42 127.59 157.73
CA VAL KC 104 34.98 128.62 158.68
C VAL KC 104 36.16 129.03 159.57
N SER KC 105 36.14 130.30 160.04
CA SER KC 105 37.06 130.81 161.05
C SER KC 105 36.25 131.55 162.13
N TYR KC 106 36.58 131.30 163.41
CA TYR KC 106 35.71 131.69 164.52
C TYR KC 106 36.24 132.87 165.35
N SER KC 107 37.01 133.79 164.73
CA SER KC 107 37.21 135.17 165.18
C SER KC 107 37.84 135.34 166.57
N THR KC 108 38.55 134.33 167.10
CA THR KC 108 38.96 134.33 168.50
C THR KC 108 40.05 135.38 168.79
N GLY KC 109 40.95 135.58 167.84
CA GLY KC 109 42.26 136.18 168.10
C GLY KC 109 43.11 135.23 168.92
N GLY KC 110 44.17 135.75 169.54
CA GLY KC 110 45.02 134.97 170.43
C GLY KC 110 44.40 134.74 171.81
N GLY KC 111 43.49 135.63 172.23
CA GLY KC 111 42.88 135.61 173.55
C GLY KC 111 43.86 135.99 174.66
N GLY KC 112 43.51 135.65 175.91
CA GLY KC 112 44.40 135.80 177.05
C GLY KC 112 45.34 134.60 177.22
N GLU KC 113 45.92 134.47 178.44
CA GLU KC 113 46.94 133.47 178.75
C GLU KC 113 46.40 132.40 179.70
N LYS KC 114 45.46 132.77 180.59
CA LYS KC 114 44.97 131.94 181.69
C LYS KC 114 43.82 131.06 181.19
N ASP KC 115 43.59 129.90 181.82
CA ASP KC 115 42.68 128.86 181.34
C ASP KC 115 41.29 129.42 181.02
N LEU KC 116 40.65 130.14 181.95
CA LEU KC 116 39.31 130.69 181.76
C LEU KC 116 39.27 131.71 180.61
N GLN KC 117 40.40 132.36 180.31
CA GLN KC 117 40.48 133.30 179.20
C GLN KC 117 40.51 132.58 177.84
N LYS KC 118 40.88 131.30 177.82
CA LYS KC 118 41.21 130.58 176.59
C LYS KC 118 39.98 130.06 175.82
N THR KC 119 38.83 129.89 176.48
CA THR KC 119 37.62 129.41 175.82
C THR KC 119 36.40 130.25 176.19
N ARG KC 120 35.37 130.25 175.32
CA ARG KC 120 34.18 131.08 175.42
C ARG KC 120 33.40 130.81 176.71
N TYR KC 121 33.28 129.52 177.09
CA TYR KC 121 32.64 129.10 178.33
C TYR KC 121 33.42 129.59 179.54
N GLY KC 122 34.76 129.56 179.45
CA GLY KC 122 35.63 130.11 180.48
C GLY KC 122 35.40 131.60 180.69
N ARG KC 123 35.35 132.36 179.58
CA ARG KC 123 35.15 133.81 179.60
C ARG KC 123 33.77 134.18 180.13
N MET KC 124 32.75 133.37 179.81
CA MET KC 124 31.42 133.53 180.39
C MET KC 124 31.45 133.29 181.91
N ALA KC 125 32.16 132.26 182.37
CA ALA KC 125 32.32 131.97 183.79
C ALA KC 125 33.12 133.06 184.52
N LEU KC 126 34.02 133.74 183.81
CA LEU KC 126 34.98 134.66 184.39
C LEU KC 126 34.32 135.93 184.95
N GLU KC 127 33.19 136.35 184.34
CA GLU KC 127 32.43 137.51 184.77
C GLU KC 127 31.73 137.26 186.11
N TYR KC 128 31.49 135.99 186.46
CA TYR KC 128 30.78 135.61 187.69
C TYR KC 128 31.67 135.76 188.93
N VAL KC 129 32.98 135.87 188.74
CA VAL KC 129 33.98 135.70 189.79
C VAL KC 129 34.96 136.87 189.77
N TRP KC 130 34.43 138.11 189.73
CA TRP KC 130 35.19 139.35 189.79
C TRP KC 130 36.31 139.44 188.73
N GLU KC 131 36.19 138.68 187.62
CA GLU KC 131 37.18 138.56 186.56
C GLU KC 131 38.55 138.12 187.10
N ASP KC 132 38.56 137.28 188.17
CA ASP KC 132 39.74 136.72 188.83
C ASP KC 132 40.63 137.77 189.51
N ASN KC 133 40.07 138.98 189.82
CA ASN KC 133 40.81 140.09 190.40
C ASN KC 133 41.02 139.90 191.92
N SER KC 134 42.11 140.47 192.44
CA SER KC 134 42.48 140.45 193.86
C SER KC 134 41.89 141.66 194.61
N ILE KC 135 40.56 141.67 194.78
CA ILE KC 135 39.81 142.82 195.24
C ILE KC 135 39.53 142.78 196.75
N ALA KC 136 40.08 141.78 197.47
CA ALA KC 136 39.85 141.59 198.91
C ALA KC 136 40.56 142.64 199.76
N ALA KC 137 39.97 142.96 200.93
CA ALA KC 137 40.51 143.89 201.91
C ALA KC 137 40.17 143.47 203.33
N LEU KC 138 41.08 143.74 204.28
CA LEU KC 138 41.01 143.33 205.67
C LEU KC 138 41.73 144.35 206.54
N ARG KC 139 41.43 144.39 207.85
CA ARG KC 139 41.92 145.41 208.77
C ARG KC 139 42.29 144.79 210.13
N THR KC 140 43.13 145.49 210.89
CA THR KC 140 43.38 145.23 212.30
C THR KC 140 42.19 145.70 213.14
N TYR KC 141 41.94 144.98 214.26
CA TYR KC 141 40.93 145.31 215.25
C TYR KC 141 41.43 144.95 216.65
N PRO LC 2 101.52 138.81 141.42
CA PRO LC 2 101.95 139.63 140.28
C PRO LC 2 103.29 140.33 140.55
N ASP LC 3 103.97 140.75 139.47
CA ASP LC 3 105.30 141.34 139.51
C ASP LC 3 105.25 142.70 140.23
N PRO LC 4 104.57 143.74 139.70
CA PRO LC 4 104.08 144.84 140.54
C PRO LC 4 102.82 144.38 141.26
N SER LC 5 102.81 144.51 142.60
CA SER LC 5 101.63 144.24 143.40
C SER LC 5 100.66 145.42 143.31
N ILE LC 6 99.36 145.18 143.52
CA ILE LC 6 98.29 146.16 143.37
C ILE LC 6 98.45 147.33 144.35
N ASP LC 7 99.17 147.12 145.47
CA ASP LC 7 99.43 148.15 146.47
C ASP LC 7 100.64 149.00 146.11
N GLU LC 8 101.40 148.58 145.09
CA GLU LC 8 102.62 149.26 144.66
C GLU LC 8 102.34 150.28 143.54
N VAL LC 9 101.11 150.29 143.01
CA VAL LC 9 100.72 151.12 141.86
C VAL LC 9 99.61 152.11 142.25
N SER LC 10 99.74 153.36 141.76
CA SER LC 10 98.70 154.38 141.78
C SER LC 10 98.01 154.42 140.41
N LYS LC 11 97.02 155.34 140.21
CA LYS LC 11 96.18 155.37 139.02
C LYS LC 11 96.99 155.58 137.75
N SER LC 12 97.98 156.49 137.80
CA SER LC 12 98.85 156.81 136.68
C SER LC 12 99.81 155.64 136.39
N ASP LC 13 100.19 154.90 137.44
CA ASP LC 13 101.04 153.72 137.31
C ASP LC 13 100.26 152.57 136.63
N TRP LC 14 98.99 152.39 137.01
CA TRP LC 14 98.12 151.38 136.42
C TRP LC 14 97.99 151.57 134.91
N ASP LC 15 97.83 152.83 134.47
CA ASP LC 15 97.76 153.20 133.06
C ASP LC 15 99.11 153.01 132.35
N ALA LC 16 100.22 152.98 133.11
CA ALA LC 16 101.57 152.80 132.58
C ALA LC 16 101.99 151.34 132.50
N LEU LC 17 101.29 150.42 133.20
CA LEU LC 17 101.59 148.99 133.19
C LEU LC 17 101.45 148.41 131.78
N THR LC 18 102.16 147.30 131.53
CA THR LC 18 101.90 146.46 130.36
C THR LC 18 100.56 145.77 130.54
N THR LC 19 99.96 145.33 129.43
CA THR LC 19 98.73 144.55 129.45
C THR LC 19 98.91 143.26 130.25
N GLN LC 20 100.12 142.68 130.24
CA GLN LC 20 100.40 141.45 130.97
C GLN LC 20 100.35 141.69 132.48
N GLU LC 21 100.95 142.81 132.95
CA GLU LC 21 100.97 143.13 134.37
C GLU LC 21 99.56 143.41 134.89
N GLN LC 22 98.74 144.09 134.07
CA GLN LC 22 97.34 144.32 134.37
C GLN LC 22 96.58 142.99 134.43
N ASP LC 23 96.84 142.08 133.47
CA ASP LC 23 96.16 140.80 133.38
C ASP LC 23 96.51 139.89 134.56
N ASP LC 24 97.75 139.97 135.06
CA ASP LC 24 98.20 139.26 136.25
C ASP LC 24 97.39 139.71 137.48
N ILE LC 25 97.22 141.03 137.64
CA ILE LC 25 96.47 141.63 138.74
C ILE LC 25 94.97 141.29 138.61
N ILE LC 26 94.43 141.38 137.39
CA ILE LC 26 93.05 140.98 137.10
C ILE LC 26 92.84 139.51 137.49
N SER LC 27 93.78 138.64 137.10
CA SER LC 27 93.76 137.21 137.43
C SER LC 27 93.76 136.97 138.94
N GLN LC 28 94.48 137.83 139.69
CA GLN LC 28 94.48 137.76 141.14
C GLN LC 28 93.11 138.15 141.71
N VAL LC 29 92.48 139.18 141.14
CA VAL LC 29 91.16 139.63 141.59
C VAL LC 29 90.11 138.55 141.28
N GLU LC 30 90.27 137.85 140.14
CA GLU LC 30 89.32 136.84 139.71
C GLU LC 30 89.34 135.60 140.62
N ASN LC 31 90.36 135.48 141.49
CA ASN LC 31 90.41 134.42 142.49
C ASN LC 31 89.36 134.61 143.59
N LEU LC 32 88.86 135.84 143.78
CA LEU LC 32 88.00 136.20 144.90
C LEU LC 32 86.54 135.73 144.73
N SER LC 33 86.18 135.23 143.53
CA SER LC 33 84.87 134.62 143.30
C SER LC 33 85.06 133.24 142.66
N SER LC 34 84.26 132.25 143.09
CA SER LC 34 84.28 130.91 142.53
C SER LC 34 83.80 130.90 141.06
N THR LC 35 83.03 131.92 140.65
CA THR LC 35 82.54 132.09 139.30
C THR LC 35 83.56 132.82 138.42
N GLY LC 36 84.48 133.57 139.03
CA GLY LC 36 85.53 134.30 138.34
C GLY LC 36 85.04 135.49 137.51
N TRP LC 37 83.72 135.79 137.56
CA TRP LC 37 83.06 136.84 136.79
C TRP LC 37 83.33 136.69 135.28
N VAL LC 38 83.30 135.46 134.76
CA VAL LC 38 83.76 135.10 133.43
C VAL LC 38 82.90 135.72 132.31
N ASN LC 39 81.68 136.16 132.65
CA ASN LC 39 80.76 136.76 131.68
C ASN LC 39 80.86 138.29 131.66
N THR LC 40 81.76 138.90 132.44
CA THR LC 40 82.05 140.33 132.38
C THR LC 40 83.40 140.52 131.68
N SER LC 41 83.48 141.49 130.75
CA SER LC 41 84.64 141.65 129.88
C SER LC 41 85.84 142.25 130.63
N ARG LC 42 87.04 142.11 130.02
CA ARG LC 42 88.32 142.57 130.56
C ARG LC 42 88.28 144.05 130.95
N GLU LC 43 87.78 144.90 130.04
CA GLU LC 43 87.81 146.35 130.17
C GLU LC 43 87.09 146.81 131.43
N ARG LC 44 86.03 146.10 131.82
CA ARG LC 44 85.17 146.45 132.95
C ARG LC 44 85.84 146.06 134.27
N LYS LC 45 86.57 144.93 134.28
CA LYS LC 45 87.34 144.49 135.42
C LYS LC 45 88.56 145.40 135.62
N ALA LC 46 89.17 145.82 134.51
CA ALA LC 46 90.27 146.78 134.52
C ALA LC 46 89.81 148.14 135.05
N GLU LC 47 88.60 148.58 134.66
CA GLU LC 47 88.02 149.84 135.11
C GLU LC 47 87.75 149.80 136.62
N ALA LC 48 87.23 148.65 137.10
CA ALA LC 48 86.96 148.44 138.53
C ALA LC 48 88.24 148.50 139.36
N ILE LC 49 89.32 147.88 138.87
CA ILE LC 49 90.62 147.87 139.52
C ILE LC 49 91.22 149.27 139.55
N ARG LC 50 91.21 149.96 138.40
CA ARG LC 50 91.70 151.32 138.27
C ARG LC 50 90.95 152.26 139.23
N SER LC 51 89.63 152.07 139.32
CA SER LC 51 88.76 152.79 140.23
C SER LC 51 89.10 152.51 141.69
N ALA LC 52 89.32 151.22 142.03
CA ALA LC 52 89.68 150.80 143.38
C ALA LC 52 91.02 151.43 143.82
N ILE LC 53 91.99 151.47 142.90
CA ILE LC 53 93.29 152.10 143.10
C ILE LC 53 93.10 153.60 143.38
N ALA LC 54 92.31 154.28 142.54
CA ALA LC 54 92.06 155.72 142.66
C ALA LC 54 91.32 156.06 143.95
N GLU LC 55 90.35 155.21 144.32
CA GLU LC 55 89.51 155.41 145.49
C GLU LC 55 90.27 155.15 146.78
N ARG LC 56 91.17 154.15 146.76
CA ARG LC 56 92.09 153.91 147.87
C ARG LC 56 92.97 155.14 148.09
N ASP LC 57 93.57 155.66 147.01
CA ASP LC 57 94.57 156.72 147.09
C ASP LC 57 93.95 158.06 147.49
N THR LC 58 92.62 158.21 147.33
CA THR LC 58 91.92 159.45 147.64
C THR LC 58 91.09 159.34 148.92
N LEU LC 59 90.24 158.31 149.06
CA LEU LC 59 89.29 158.22 150.17
C LEU LC 59 89.85 157.42 151.35
N TYR LC 60 90.89 156.61 151.12
CA TYR LC 60 91.46 155.71 152.11
C TYR LC 60 92.98 155.85 152.21
N SER LC 61 93.44 157.12 152.25
CA SER LC 61 94.84 157.50 152.37
C SER LC 61 94.99 158.61 153.40
N GLY LC 62 96.24 158.83 153.86
CA GLY LC 62 96.53 159.79 154.92
C GLY LC 62 96.35 159.20 156.31
N ASN LC 63 96.53 160.06 157.33
CA ASN LC 63 96.57 159.65 158.72
C ASN LC 63 95.31 160.09 159.48
N MET LC 64 95.06 159.40 160.60
CA MET LC 64 93.93 159.58 161.50
C MET LC 64 94.42 159.29 162.91
N SER LC 65 94.55 160.33 163.75
CA SER LC 65 95.22 160.27 165.05
C SER LC 65 96.65 159.73 164.91
N ARG LC 66 97.35 160.13 163.84
CA ARG LC 66 98.69 159.70 163.43
C ARG LC 66 98.86 158.18 163.29
N LEU LC 67 97.74 157.45 163.13
CA LEU LC 67 97.70 156.11 162.59
C LEU LC 67 97.40 156.20 161.09
N PRO LC 68 97.79 155.21 160.23
CA PRO LC 68 97.34 155.20 158.84
C PRO LC 68 95.85 154.88 158.81
N THR LC 69 95.08 155.52 157.90
CA THR LC 69 93.65 155.26 157.79
C THR LC 69 93.38 153.89 157.16
N LEU LC 70 94.41 153.29 156.54
CA LEU LC 70 94.39 151.92 156.05
C LEU LC 70 95.35 151.09 156.89
N ASP LC 71 94.78 150.33 157.85
CA ASP LC 71 95.54 149.61 158.87
C ASP LC 71 95.91 148.21 158.39
N GLY LC 72 95.00 147.56 157.65
CA GLY LC 72 95.19 146.22 157.14
C GLY LC 72 96.12 146.18 155.91
N ASP LC 73 96.39 144.98 155.40
CA ASP LC 73 97.25 144.80 154.23
C ASP LC 73 96.64 145.49 153.02
N ALA LC 74 97.38 146.47 152.47
CA ALA LC 74 96.95 147.29 151.34
C ALA LC 74 96.73 146.47 150.06
N GLU LC 75 97.43 145.33 149.92
CA GLU LC 75 97.23 144.42 148.79
C GLU LC 75 95.79 143.89 148.83
N TYR LC 76 95.45 143.19 149.91
CA TYR LC 76 94.14 142.57 150.06
C TYR LC 76 93.02 143.59 150.19
N PHE LC 77 93.29 144.76 150.79
CA PHE LC 77 92.30 145.83 150.78
C PHE LC 77 91.95 146.23 149.34
N THR LC 78 92.97 146.46 148.49
CA THR LC 78 92.71 146.89 147.13
C THR LC 78 92.01 145.79 146.32
N LEU LC 79 92.34 144.51 146.59
CA LEU LC 79 91.69 143.39 145.94
C LEU LC 79 90.21 143.31 146.33
N TYR LC 80 89.90 143.40 147.63
CA TYR LC 80 88.53 143.37 148.12
C TYR LC 80 87.71 144.57 147.62
N LEU LC 81 88.34 145.75 147.56
CA LEU LC 81 87.69 146.94 147.02
C LEU LC 81 87.42 146.79 145.52
N SER LC 82 88.33 146.11 144.80
CA SER LC 82 88.17 145.77 143.39
C SER LC 82 87.01 144.80 143.17
N ALA LC 83 86.98 143.69 143.94
CA ALA LC 83 85.93 142.69 143.88
C ALA LC 83 84.57 143.30 144.20
N HIS LC 84 84.52 144.19 145.19
CA HIS LC 84 83.31 144.94 145.53
C HIS LC 84 82.79 145.73 144.33
N LYS LC 85 83.69 146.47 143.65
CA LYS LC 85 83.34 147.23 142.46
C LYS LC 85 82.89 146.33 141.31
N ILE LC 86 83.57 145.20 141.08
CA ILE LC 86 83.19 144.26 140.03
C ILE LC 86 81.77 143.73 140.29
N GLN LC 87 81.48 143.38 141.55
CA GLN LC 87 80.16 142.91 141.95
C GLN LC 87 79.10 143.98 141.66
N LEU LC 88 79.38 145.24 142.01
CA LEU LC 88 78.44 146.32 141.79
C LEU LC 88 78.32 146.70 140.30
N PHE LC 89 79.25 146.25 139.45
CA PHE LC 89 79.12 146.42 138.01
C PHE LC 89 78.14 145.38 137.41
N GLU LC 90 77.63 144.46 138.22
CA GLU LC 90 76.70 143.41 137.78
C GLU LC 90 75.32 143.57 138.42
N GLY LC 91 75.30 143.94 139.70
CA GLY LC 91 74.06 144.15 140.46
C GLY LC 91 74.37 144.31 141.95
N GLY LC 92 73.39 144.00 142.81
CA GLY LC 92 73.68 143.89 144.24
C GLY LC 92 74.37 142.57 144.55
N GLU LC 93 74.35 142.19 145.83
CA GLU LC 93 74.51 140.80 146.21
C GLU LC 93 73.30 140.01 145.72
N ALA LC 94 73.52 138.76 145.33
CA ALA LC 94 72.42 137.81 145.18
C ALA LC 94 71.83 137.53 146.57
N GLN LC 95 70.53 137.79 146.74
CA GLN LC 95 69.74 137.38 147.89
C GLN LC 95 69.19 135.97 147.63
N SER LC 96 68.81 135.72 146.38
CA SER LC 96 68.25 134.45 145.92
C SER LC 96 68.55 134.24 144.44
N GLU LC 97 68.82 132.98 144.07
CA GLU LC 97 69.03 132.57 142.68
C GLU LC 97 68.24 131.27 142.43
N SER LC 98 67.50 131.22 141.31
CA SER LC 98 66.70 130.05 140.94
C SER LC 98 66.90 129.71 139.46
N GLY LC 99 67.12 128.42 139.17
CA GLY LC 99 67.44 127.96 137.81
C GLY LC 99 66.21 127.45 137.06
N GLU LC 100 66.44 126.61 136.04
CA GLU LC 100 65.39 125.89 135.32
C GLU LC 100 64.60 125.00 136.28
N GLY LC 101 65.30 124.49 137.31
CA GLY LC 101 64.71 123.93 138.52
C GLY LC 101 65.63 124.18 139.71
N GLY LC 102 65.08 124.18 140.93
CA GLY LC 102 65.88 124.36 142.14
C GLY LC 102 66.31 125.81 142.39
N SER LC 103 66.73 126.08 143.64
CA SER LC 103 66.97 127.43 144.15
C SER LC 103 67.99 127.42 145.29
N VAL LC 104 68.66 128.57 145.49
CA VAL LC 104 69.52 128.83 146.65
C VAL LC 104 69.34 130.29 147.09
N SER LC 105 69.41 130.55 148.40
CA SER LC 105 69.32 131.88 149.00
C SER LC 105 70.39 132.03 150.08
N TYR LC 106 70.91 133.26 150.31
CA TYR LC 106 72.24 133.40 150.88
C TYR LC 106 72.36 134.18 152.21
N SER LC 107 71.29 134.83 152.70
CA SER LC 107 71.32 135.72 153.87
C SER LC 107 72.39 136.81 153.76
N THR LC 108 72.56 137.36 152.53
CA THR LC 108 73.57 138.35 152.19
C THR LC 108 73.19 139.75 152.68
N GLY LC 109 71.91 139.95 153.05
CA GLY LC 109 71.40 141.22 153.57
C GLY LC 109 71.58 141.37 155.08
N GLY LC 110 70.85 142.33 155.67
CA GLY LC 110 70.85 142.56 157.11
C GLY LC 110 71.90 143.55 157.61
N GLY LC 111 72.77 144.04 156.71
CA GLY LC 111 73.78 145.02 157.05
C GLY LC 111 73.25 146.45 156.98
N GLY LC 112 74.13 147.45 157.17
CA GLY LC 112 73.80 148.86 157.05
C GLY LC 112 73.67 149.32 155.59
N GLU LC 113 73.56 150.64 155.37
CA GLU LC 113 73.14 151.24 154.10
C GLU LC 113 74.29 151.85 153.28
N LYS LC 114 75.50 151.98 153.85
CA LYS LC 114 76.67 152.48 153.14
C LYS LC 114 77.14 151.45 152.12
N ASP LC 115 77.77 151.88 151.00
CA ASP LC 115 78.07 151.01 149.87
C ASP LC 115 78.83 149.75 150.29
N LEU LC 116 79.89 149.90 151.10
CA LEU LC 116 80.73 148.79 151.56
C LEU LC 116 79.91 147.79 152.38
N GLN LC 117 78.85 148.25 153.05
CA GLN LC 117 78.00 147.39 153.87
C GLN LC 117 77.09 146.52 153.01
N LYS LC 118 76.90 146.87 151.73
CA LYS LC 118 75.94 146.23 150.83
C LYS LC 118 76.45 144.91 150.23
N THR LC 119 77.76 144.61 150.25
CA THR LC 119 78.29 143.37 149.66
C THR LC 119 79.40 142.75 150.52
N ARG LC 120 79.64 141.44 150.31
CA ARG LC 120 80.56 140.60 151.10
C ARG LC 120 82.00 141.12 151.02
N TYR LC 121 82.43 141.49 149.80
CA TYR LC 121 83.76 142.05 149.56
C TYR LC 121 83.87 143.44 150.19
N GLY LC 122 82.79 144.21 150.14
CA GLY LC 122 82.72 145.50 150.81
C GLY LC 122 82.91 145.36 152.32
N ARG LC 123 82.19 144.42 152.93
CA ARG LC 123 82.21 144.16 154.37
C ARG LC 123 83.57 143.63 154.83
N MET LC 124 84.30 142.92 153.94
CA MET LC 124 85.68 142.54 154.21
C MET LC 124 86.61 143.76 154.13
N ALA LC 125 86.53 144.54 153.04
CA ALA LC 125 87.37 145.72 152.85
C ALA LC 125 87.22 146.72 154.00
N LEU LC 126 85.99 146.84 154.52
CA LEU LC 126 85.59 147.75 155.59
C LEU LC 126 86.40 147.56 156.89
N GLU LC 127 86.78 146.31 157.21
CA GLU LC 127 87.56 146.02 158.41
C GLU LC 127 88.99 146.57 158.32
N TYR LC 128 89.53 146.73 157.10
CA TYR LC 128 90.91 147.17 156.89
C TYR LC 128 91.07 148.67 157.18
N VAL LC 129 89.95 149.40 157.21
CA VAL LC 129 89.92 150.86 157.25
C VAL LC 129 89.11 151.36 158.44
N TRP LC 130 89.33 150.75 159.62
CA TRP LC 130 88.72 151.13 160.89
C TRP LC 130 87.19 151.12 160.85
N GLU LC 131 86.58 150.34 159.94
CA GLU LC 131 85.13 150.23 159.76
C GLU LC 131 84.48 151.60 159.50
N ASP LC 132 85.18 152.53 158.81
CA ASP LC 132 84.76 153.90 158.54
C ASP LC 132 84.60 154.73 159.83
N ASN LC 133 85.11 154.25 160.97
CA ASN LC 133 85.01 154.95 162.26
C ASN LC 133 85.91 156.20 162.26
N SER LC 134 85.50 157.23 163.01
CA SER LC 134 86.10 158.56 163.04
C SER LC 134 87.01 158.75 164.26
N ILE LC 135 88.11 157.97 164.36
CA ILE LC 135 88.96 157.94 165.55
C ILE LC 135 90.06 159.01 165.52
N ALA LC 136 89.93 160.03 164.65
CA ALA LC 136 90.95 161.07 164.49
C ALA LC 136 90.98 162.02 165.69
N ALA LC 137 92.19 162.49 166.05
CA ALA LC 137 92.40 163.46 167.13
C ALA LC 137 93.61 164.35 166.82
N LEU LC 138 93.53 165.61 167.28
CA LEU LC 138 94.53 166.66 167.06
C LEU LC 138 94.43 167.71 168.18
N ARG LC 139 95.51 168.50 168.38
CA ARG LC 139 95.65 169.40 169.52
C ARG LC 139 96.29 170.72 169.09
N THR LC 140 96.18 171.75 169.95
CA THR LC 140 96.97 172.97 169.88
C THR LC 140 98.41 172.66 170.29
N TYR LC 141 99.37 173.33 169.63
CA TYR LC 141 100.78 173.28 169.94
C TYR LC 141 101.42 174.65 169.67
N PRO MC 2 100.28 119.36 158.35
CA PRO MC 2 101.38 120.16 157.83
C PRO MC 2 102.64 120.06 158.70
N ASP MC 3 103.80 120.11 158.04
CA ASP MC 3 105.10 120.20 158.72
C ASP MC 3 105.27 121.62 159.27
N PRO MC 4 105.38 122.69 158.43
CA PRO MC 4 105.14 124.05 158.90
C PRO MC 4 103.63 124.25 159.05
N SER MC 5 103.15 124.34 160.30
CA SER MC 5 101.75 124.62 160.58
C SER MC 5 101.43 126.09 160.33
N ILE MC 6 100.14 126.45 160.20
CA ILE MC 6 99.68 127.70 159.59
C ILE MC 6 100.03 128.95 160.40
N ASP MC 7 100.33 128.81 161.70
CA ASP MC 7 100.74 129.93 162.54
C ASP MC 7 102.25 130.15 162.50
N GLU MC 8 103.02 129.22 161.92
CA GLU MC 8 104.48 129.33 161.82
C GLU MC 8 104.92 130.20 160.64
N VAL MC 9 103.97 130.72 159.83
CA VAL MC 9 104.23 131.37 158.55
C VAL MC 9 103.49 132.71 158.43
N SER MC 10 104.14 133.70 157.79
CA SER MC 10 103.56 134.97 157.36
C SER MC 10 103.40 134.98 155.83
N LYS MC 11 102.91 136.08 155.24
CA LYS MC 11 102.61 136.16 153.80
C LYS MC 11 103.82 135.84 152.93
N SER MC 12 104.99 136.42 153.26
CA SER MC 12 106.24 136.23 152.55
C SER MC 12 106.80 134.82 152.74
N ASP MC 13 106.47 134.15 153.85
CA ASP MC 13 106.82 132.76 154.09
C ASP MC 13 105.94 131.83 153.26
N TRP MC 14 104.62 132.09 153.24
CA TRP MC 14 103.65 131.35 152.45
C TRP MC 14 104.06 131.30 150.98
N ASP MC 15 104.50 132.45 150.44
CA ASP MC 15 104.96 132.59 149.06
C ASP MC 15 106.27 131.83 148.82
N ALA MC 16 106.98 131.44 149.90
CA ALA MC 16 108.26 130.76 149.83
C ALA MC 16 108.15 129.24 150.10
N LEU MC 17 106.99 128.78 150.61
CA LEU MC 17 106.72 127.35 150.81
C LEU MC 17 106.72 126.62 149.47
N THR MC 18 106.99 125.30 149.49
CA THR MC 18 106.77 124.47 148.32
C THR MC 18 105.26 124.31 148.07
N THR MC 19 104.89 123.93 146.85
CA THR MC 19 103.51 123.59 146.52
C THR MC 19 102.97 122.48 147.43
N GLN MC 20 103.83 121.55 147.85
CA GLN MC 20 103.43 120.43 148.71
C GLN MC 20 103.06 120.93 150.10
N GLU MC 21 103.85 121.86 150.66
CA GLU MC 21 103.61 122.43 151.98
C GLU MC 21 102.33 123.27 151.97
N GLN MC 22 102.14 124.06 150.90
CA GLN MC 22 100.92 124.85 150.70
C GLN MC 22 99.71 123.94 150.59
N ASP MC 23 99.83 122.87 149.78
CA ASP MC 23 98.73 121.95 149.50
C ASP MC 23 98.32 121.15 150.73
N ASP MC 24 99.27 120.86 151.64
CA ASP MC 24 98.93 120.19 152.89
C ASP MC 24 98.15 121.12 153.82
N ILE MC 25 98.53 122.41 153.86
CA ILE MC 25 97.81 123.43 154.63
C ILE MC 25 96.40 123.62 154.05
N ILE MC 26 96.29 123.70 152.70
CA ILE MC 26 95.01 123.72 152.00
C ILE MC 26 94.18 122.49 152.40
N SER MC 27 94.81 121.30 152.40
CA SER MC 27 94.16 120.06 152.79
C SER MC 27 93.60 120.11 154.21
N GLN MC 28 94.30 120.80 155.12
CA GLN MC 28 93.81 120.98 156.49
C GLN MC 28 92.60 121.91 156.52
N VAL MC 29 92.62 122.99 155.71
CA VAL MC 29 91.50 123.91 155.62
C VAL MC 29 90.27 123.18 155.06
N GLU MC 30 90.49 122.30 154.07
CA GLU MC 30 89.44 121.54 153.43
C GLU MC 30 88.74 120.56 154.39
N ASN MC 31 89.29 120.36 155.59
CA ASN MC 31 88.66 119.54 156.62
C ASN MC 31 87.50 120.28 157.30
N LEU MC 32 87.41 121.62 157.15
CA LEU MC 32 86.46 122.46 157.86
C LEU MC 32 85.07 122.48 157.20
N SER MC 33 84.89 121.80 156.06
CA SER MC 33 83.58 121.62 155.45
C SER MC 33 83.43 120.19 154.95
N SER MC 34 82.23 119.61 155.13
CA SER MC 34 81.87 118.30 154.59
C SER MC 34 81.97 118.27 153.06
N THR MC 35 81.67 119.40 152.42
CA THR MC 35 81.76 119.57 150.98
C THR MC 35 83.20 119.86 150.51
N GLY MC 36 84.10 120.18 151.44
CA GLY MC 36 85.52 120.43 151.18
C GLY MC 36 85.84 121.60 150.24
N TRP MC 37 84.79 122.28 149.73
CA TRP MC 37 84.90 123.27 148.66
C TRP MC 37 85.61 122.68 147.43
N VAL MC 38 85.22 121.45 147.07
CA VAL MC 38 85.89 120.65 146.04
C VAL MC 38 85.71 121.25 144.64
N ASN MC 39 84.59 121.95 144.41
CA ASN MC 39 84.28 122.53 143.11
C ASN MC 39 84.76 123.98 142.99
N THR MC 40 85.54 124.45 143.98
CA THR MC 40 86.33 125.67 143.90
C THR MC 40 87.79 125.26 143.65
N SER MC 41 88.48 125.93 142.71
CA SER MC 41 89.81 125.52 142.29
C SER MC 41 90.86 125.79 143.38
N ARG MC 42 92.00 125.10 143.27
CA ARG MC 42 93.11 125.13 144.22
C ARG MC 42 93.61 126.56 144.45
N GLU MC 43 93.74 127.34 143.36
CA GLU MC 43 94.31 128.69 143.42
C GLU MC 43 93.43 129.65 144.22
N ARG MC 44 92.10 129.45 144.18
CA ARG MC 44 91.15 130.27 144.92
C ARG MC 44 91.27 130.02 146.43
N LYS MC 45 91.45 128.75 146.80
CA LYS MC 45 91.68 128.35 148.19
C LYS MC 45 93.03 128.85 148.69
N ALA MC 46 94.06 128.79 147.83
CA ALA MC 46 95.37 129.35 148.13
C ALA MC 46 95.31 130.86 148.37
N GLU MC 47 94.52 131.58 147.56
CA GLU MC 47 94.35 133.03 147.68
C GLU MC 47 93.68 133.38 149.02
N ALA MC 48 92.66 132.61 149.40
CA ALA MC 48 91.92 132.83 150.64
C ALA MC 48 92.81 132.61 151.86
N ILE MC 49 93.67 131.58 151.81
CA ILE MC 49 94.60 131.25 152.89
C ILE MC 49 95.67 132.34 153.00
N ARG MC 50 96.25 132.75 151.86
CA ARG MC 50 97.26 133.79 151.81
C ARG MC 50 96.68 135.10 152.37
N SER MC 51 95.43 135.39 152.03
CA SER MC 51 94.70 136.56 152.52
C SER MC 51 94.46 136.47 154.02
N ALA MC 52 94.06 135.29 154.52
CA ALA MC 52 93.82 135.07 155.94
C ALA MC 52 95.09 135.23 156.76
N ILE MC 53 96.22 134.72 156.25
CA ILE MC 53 97.54 134.85 156.85
C ILE MC 53 97.91 136.33 156.99
N ALA MC 54 97.77 137.09 155.90
CA ALA MC 54 98.07 138.52 155.85
C ALA MC 54 97.14 139.32 156.78
N GLU MC 55 95.85 138.98 156.77
CA GLU MC 55 94.83 139.66 157.57
C GLU MC 55 95.05 139.40 159.07
N ARG MC 56 95.41 138.17 159.44
CA ARG MC 56 95.79 137.84 160.80
C ARG MC 56 96.94 138.73 161.25
N ASP MC 57 98.02 138.76 160.44
CA ASP MC 57 99.26 139.42 160.81
C ASP MC 57 99.11 140.95 160.84
N THR MC 58 98.09 141.50 160.15
CA THR MC 58 97.87 142.94 160.09
C THR MC 58 96.74 143.40 161.02
N LEU MC 59 95.56 142.76 160.94
CA LEU MC 59 94.38 143.19 161.68
C LEU MC 59 94.21 142.49 163.03
N TYR MC 60 94.81 141.28 163.20
CA TYR MC 60 94.61 140.46 164.38
C TYR MC 60 95.94 140.10 165.05
N SER MC 61 96.82 141.10 165.16
CA SER MC 61 98.14 141.00 165.79
C SER MC 61 98.37 142.17 166.75
N GLY MC 62 99.30 142.00 167.70
CA GLY MC 62 99.54 143.00 168.72
C GLY MC 62 98.75 142.71 169.98
N ASN MC 63 98.59 143.75 170.83
CA ASN MC 63 98.16 143.58 172.21
C ASN MC 63 97.10 144.61 172.61
N MET MC 64 96.34 144.30 173.67
CA MET MC 64 95.35 145.19 174.28
C MET MC 64 95.40 145.03 175.81
N SER MC 65 95.85 146.08 176.52
CA SER MC 65 96.23 146.04 177.93
C SER MC 65 97.25 144.94 178.22
N ARG MC 66 98.20 144.74 177.29
CA ARG MC 66 99.24 143.72 177.34
C ARG MC 66 98.69 142.29 177.15
N LEU MC 67 97.36 142.11 177.07
CA LEU MC 67 96.76 140.85 176.62
C LEU MC 67 97.02 140.70 175.13
N PRO MC 68 97.29 139.49 174.58
CA PRO MC 68 97.40 139.32 173.13
C PRO MC 68 96.01 139.49 172.51
N THR MC 69 95.92 140.13 171.32
CA THR MC 69 94.63 140.35 170.68
C THR MC 69 94.04 139.05 170.13
N LEU MC 70 94.87 138.01 170.02
CA LEU MC 70 94.47 136.67 169.59
C LEU MC 70 94.71 135.70 170.76
N ASP MC 71 93.63 135.39 171.50
CA ASP MC 71 93.71 134.66 172.76
C ASP MC 71 93.72 133.15 172.52
N GLY MC 72 92.91 132.70 171.56
CA GLY MC 72 92.78 131.29 171.22
C GLY MC 72 93.93 130.78 170.36
N ASP MC 73 93.88 129.50 169.96
CA ASP MC 73 94.92 128.88 169.15
C ASP MC 73 94.97 129.54 167.77
N ALA MC 74 96.14 130.10 167.43
CA ALA MC 74 96.39 130.79 166.17
C ALA MC 74 96.27 129.86 164.97
N GLU MC 75 96.49 128.54 165.16
CA GLU MC 75 96.27 127.55 164.11
C GLU MC 75 94.81 127.58 163.69
N TYR MC 76 93.90 127.21 164.62
CA TYR MC 76 92.48 127.12 164.35
C TYR MC 76 91.86 128.48 163.98
N PHE MC 77 92.39 129.57 164.54
CA PHE MC 77 91.96 130.89 164.13
C PHE MC 77 92.22 131.10 162.64
N THR MC 78 93.46 130.84 162.19
CA THR MC 78 93.83 131.09 160.79
C THR MC 78 93.04 130.17 159.86
N LEU MC 79 92.80 128.92 160.27
CA LEU MC 79 91.99 127.99 159.51
C LEU MC 79 90.55 128.50 159.37
N TYR MC 80 89.93 128.95 160.48
CA TYR MC 80 88.58 129.48 160.47
C TYR MC 80 88.46 130.75 159.61
N LEU MC 81 89.46 131.65 159.72
CA LEU MC 81 89.51 132.87 158.93
C LEU MC 81 89.63 132.55 157.43
N SER MC 82 90.38 131.49 157.10
CA SER MC 82 90.52 130.97 155.74
C SER MC 82 89.19 130.42 155.22
N ALA MC 83 88.56 129.53 156.00
CA ALA MC 83 87.29 128.91 155.67
C ALA MC 83 86.17 129.94 155.50
N HIS MC 84 86.20 130.99 156.33
CA HIS MC 84 85.29 132.12 156.22
C HIS MC 84 85.44 132.78 154.85
N LYS MC 85 86.68 133.08 154.45
CA LYS MC 85 86.97 133.72 153.17
C LYS MC 85 86.58 132.83 151.99
N ILE MC 86 86.88 131.53 152.06
CA ILE MC 86 86.51 130.58 151.02
C ILE MC 86 84.99 130.56 150.83
N GLN MC 87 84.24 130.53 151.95
CA GLN MC 87 82.78 130.55 151.92
C GLN MC 87 82.25 131.84 151.28
N LEU MC 88 82.90 132.99 151.55
CA LEU MC 88 82.54 134.25 150.91
C LEU MC 88 82.88 134.25 149.41
N PHE MC 89 83.94 133.53 149.00
CA PHE MC 89 84.27 133.40 147.59
C PHE MC 89 83.20 132.59 146.84
N GLU MC 90 82.47 131.72 147.57
CA GLU MC 90 81.33 130.97 147.04
C GLU MC 90 79.99 131.69 147.29
N GLY MC 91 80.01 132.97 147.70
CA GLY MC 91 78.81 133.78 147.79
C GLY MC 91 78.19 133.88 149.19
N GLY MC 92 78.79 133.26 150.21
CA GLY MC 92 78.35 133.36 151.60
C GLY MC 92 77.67 132.10 152.11
N GLU MC 93 76.88 132.23 153.18
CA GLU MC 93 76.09 131.14 153.73
C GLU MC 93 75.03 130.70 152.72
N ALA MC 94 74.62 129.43 152.79
CA ALA MC 94 73.32 129.04 152.27
C ALA MC 94 72.29 129.16 153.40
N GLN MC 95 71.30 130.04 153.21
CA GLN MC 95 70.15 130.16 154.11
C GLN MC 95 69.18 129.04 153.80
N SER MC 96 68.96 128.77 152.50
CA SER MC 96 68.10 127.68 152.05
C SER MC 96 68.53 127.17 150.68
N GLU MC 97 68.23 125.88 150.43
CA GLU MC 97 68.53 125.16 149.20
C GLU MC 97 67.32 124.33 148.79
N SER MC 98 67.10 124.17 147.49
CA SER MC 98 65.95 123.44 146.93
C SER MC 98 66.30 122.83 145.57
N GLY MC 99 65.61 121.74 145.19
CA GLY MC 99 65.80 121.04 143.92
C GLY MC 99 65.11 119.67 143.90
N GLU MC 100 65.47 118.81 142.93
CA GLU MC 100 64.93 117.46 142.82
C GLU MC 100 65.52 116.52 143.89
N GLY MC 101 66.53 116.99 144.63
CA GLY MC 101 66.99 116.31 145.84
C GLY MC 101 66.10 116.59 147.06
N GLY MC 102 65.10 117.47 146.90
CA GLY MC 102 64.34 118.02 148.01
C GLY MC 102 64.87 119.38 148.46
N SER MC 103 64.48 119.84 149.66
CA SER MC 103 64.80 121.19 150.14
C SER MC 103 65.21 121.21 151.62
N VAL MC 104 65.98 122.24 152.02
CA VAL MC 104 66.47 122.42 153.38
C VAL MC 104 66.67 123.92 153.68
N SER MC 105 66.47 124.32 154.95
CA SER MC 105 66.68 125.68 155.44
C SER MC 105 67.56 125.66 156.71
N TYR MC 106 68.60 126.50 156.77
CA TYR MC 106 69.73 126.33 157.69
C TYR MC 106 69.72 127.23 158.93
N SER MC 107 68.55 127.71 159.37
CA SER MC 107 68.33 128.26 160.71
C SER MC 107 69.25 129.44 161.10
N THR MC 108 69.62 130.30 160.13
CA THR MC 108 70.58 131.36 160.37
C THR MC 108 70.00 132.51 161.20
N GLY MC 109 68.72 132.81 160.98
CA GLY MC 109 68.16 134.11 161.33
C GLY MC 109 68.77 135.19 160.45
N GLY MC 110 68.64 136.47 160.86
CA GLY MC 110 69.27 137.57 160.16
C GLY MC 110 70.79 137.64 160.38
N GLY MC 111 71.24 137.24 161.57
CA GLY MC 111 72.62 137.34 162.00
C GLY MC 111 73.03 138.79 162.31
N GLY MC 112 74.32 139.00 162.57
CA GLY MC 112 74.89 140.33 162.76
C GLY MC 112 75.28 140.98 161.44
N GLU MC 113 75.69 142.26 161.50
CA GLU MC 113 75.98 143.10 160.34
C GLU MC 113 77.40 142.89 159.78
N LYS MC 114 78.37 142.52 160.65
CA LYS MC 114 79.79 142.51 160.33
C LYS MC 114 80.18 141.20 159.66
N ASP MC 115 81.26 141.19 158.86
CA ASP MC 115 81.63 140.03 158.03
C ASP MC 115 81.80 138.76 158.85
N LEU MC 116 82.56 138.80 159.96
CA LEU MC 116 82.77 137.64 160.81
C LEU MC 116 81.46 137.17 161.47
N GLN MC 117 80.47 138.07 161.62
CA GLN MC 117 79.16 137.69 162.14
C GLN MC 117 78.32 136.98 161.07
N LYS MC 118 78.60 137.26 159.78
CA LYS MC 118 77.74 136.85 158.66
C LYS MC 118 77.87 135.36 158.29
N THR MC 119 78.97 134.68 158.68
CA THR MC 119 79.14 133.26 158.38
C THR MC 119 79.66 132.48 159.59
N ARG MC 120 79.35 131.17 159.63
CA ARG MC 120 79.63 130.24 160.73
C ARG MC 120 81.12 130.15 161.07
N TYR MC 121 81.99 130.12 160.05
CA TYR MC 121 83.43 130.11 160.22
C TYR MC 121 83.92 131.44 160.79
N GLY MC 122 83.30 132.53 160.35
CA GLY MC 122 83.53 133.84 160.93
C GLY MC 122 83.22 133.86 162.43
N ARG MC 123 82.04 133.33 162.80
CA ARG MC 123 81.56 133.32 164.17
C ARG MC 123 82.44 132.44 165.07
N MET MC 124 82.99 131.35 164.51
CA MET MC 124 83.93 130.52 165.24
C MET MC 124 85.26 131.26 165.44
N ALA MC 125 85.74 131.98 164.42
CA ALA MC 125 86.95 132.77 164.50
C ALA MC 125 86.81 133.93 165.49
N LEU MC 126 85.60 134.52 165.58
CA LEU MC 126 85.30 135.73 166.35
C LEU MC 126 85.54 135.53 167.85
N GLU MC 127 85.29 134.33 168.38
CA GLU MC 127 85.52 133.99 169.78
C GLU MC 127 87.00 134.02 170.16
N TYR MC 128 87.92 133.80 169.19
CA TYR MC 128 89.36 133.74 169.43
C TYR MC 128 89.95 135.13 169.66
N VAL MC 129 89.24 136.19 169.24
CA VAL MC 129 89.75 137.55 169.15
C VAL MC 129 88.85 138.50 169.96
N TRP MC 130 88.54 138.12 171.21
CA TRP MC 130 87.76 138.92 172.16
C TRP MC 130 86.43 139.40 171.60
N GLU MC 131 85.88 138.71 170.59
CA GLU MC 131 84.65 139.08 169.89
C GLU MC 131 84.72 140.49 169.28
N ASP MC 132 85.93 140.90 168.85
CA ASP MC 132 86.26 142.18 168.19
C ASP MC 132 86.08 143.40 169.12
N ASN MC 133 86.04 143.19 170.44
CA ASN MC 133 85.86 144.23 171.44
C ASN MC 133 87.17 144.99 171.70
N SER MC 134 87.05 146.25 172.17
CA SER MC 134 88.16 147.13 172.50
C SER MC 134 88.49 147.13 174.00
N ILE MC 135 89.04 146.02 174.49
CA ILE MC 135 89.44 145.82 175.89
C ILE MC 135 90.72 146.61 176.23
N ALA MC 136 91.37 147.24 175.24
CA ALA MC 136 92.66 147.90 175.42
C ALA MC 136 92.59 149.02 176.47
N ALA MC 137 93.63 149.08 177.33
CA ALA MC 137 93.80 150.08 178.37
C ALA MC 137 95.29 150.38 178.57
N LEU MC 138 95.61 151.67 178.78
CA LEU MC 138 96.97 152.20 178.82
C LEU MC 138 97.02 153.41 179.77
N ARG MC 139 98.21 153.75 180.30
CA ARG MC 139 98.38 154.75 181.34
C ARG MC 139 99.61 155.63 181.06
N THR MC 140 99.62 156.82 181.68
CA THR MC 140 100.79 157.68 181.81
C THR MC 140 101.78 157.07 182.79
N TYR MC 141 103.09 157.25 182.51
CA TYR MC 141 104.20 156.78 183.34
C TYR MC 141 105.33 157.80 183.29
N PRO NC 2 69.01 172.65 122.70
CA PRO NC 2 68.04 173.54 122.04
C PRO NC 2 68.58 174.97 121.91
N ASP NC 3 68.06 175.73 120.93
CA ASP NC 3 68.51 177.08 120.62
C ASP NC 3 68.13 178.04 121.74
N PRO NC 4 66.83 178.30 122.06
CA PRO NC 4 66.46 178.77 123.38
C PRO NC 4 66.44 177.57 124.32
N SER NC 5 67.20 177.69 125.43
CA SER NC 5 67.28 176.64 126.44
C SER NC 5 66.11 176.75 127.43
N ILE NC 6 65.74 175.62 128.05
CA ILE NC 6 64.56 175.50 128.91
C ILE NC 6 64.64 176.41 130.14
N ASP NC 7 65.86 176.82 130.53
CA ASP NC 7 66.09 177.72 131.65
C ASP NC 7 65.94 179.19 131.26
N GLU NC 8 65.93 179.49 129.96
CA GLU NC 8 65.88 180.85 129.43
C GLU NC 8 64.44 181.34 129.21
N VAL NC 9 63.47 180.42 129.24
CA VAL NC 9 62.06 180.70 128.90
C VAL NC 9 61.17 180.64 130.13
N SER NC 10 60.25 181.63 130.24
CA SER NC 10 59.13 181.62 131.18
C SER NC 10 57.86 181.11 130.48
N LYS NC 11 56.72 181.04 131.19
CA LYS NC 11 55.48 180.44 130.68
C LYS NC 11 54.99 181.12 129.41
N SER NC 12 55.02 182.46 129.39
CA SER NC 12 54.63 183.28 128.24
C SER NC 12 55.60 183.10 127.06
N ASP NC 13 56.89 182.92 127.34
CA ASP NC 13 57.91 182.66 126.33
C ASP NC 13 57.66 181.30 125.66
N TRP NC 14 57.34 180.28 126.46
CA TRP NC 14 57.04 178.93 125.98
C TRP NC 14 55.87 178.96 124.97
N ASP NC 15 54.87 179.81 125.24
CA ASP NC 15 53.72 180.02 124.36
C ASP NC 15 54.09 180.80 123.10
N ALA NC 16 55.21 181.55 123.15
CA ALA NC 16 55.68 182.36 122.04
C ALA NC 16 56.64 181.60 121.12
N LEU NC 17 57.28 180.54 121.63
CA LEU NC 17 58.14 179.65 120.85
C LEU NC 17 57.36 179.05 119.68
N THR NC 18 58.04 178.75 118.56
CA THR NC 18 57.44 177.97 117.49
C THR NC 18 57.39 176.50 117.91
N THR NC 19 56.64 175.69 117.15
CA THR NC 19 56.56 174.25 117.36
C THR NC 19 57.94 173.59 117.35
N GLN NC 20 58.90 174.13 116.59
CA GLN NC 20 60.22 173.53 116.47
C GLN NC 20 61.01 173.67 117.77
N GLU NC 21 61.00 174.87 118.39
CA GLU NC 21 61.76 175.09 119.61
C GLU NC 21 61.16 174.28 120.77
N GLN NC 22 59.83 174.18 120.81
CA GLN NC 22 59.11 173.34 121.76
C GLN NC 22 59.51 171.88 121.57
N ASP NC 23 59.55 171.41 120.30
CA ASP NC 23 59.89 170.04 119.97
C ASP NC 23 61.34 169.70 120.30
N ASP NC 24 62.26 170.66 120.11
CA ASP NC 24 63.66 170.49 120.49
C ASP NC 24 63.79 170.30 122.00
N ILE NC 25 63.04 171.09 122.79
CA ILE NC 25 63.03 170.97 124.25
C ILE NC 25 62.37 169.65 124.68
N ILE NC 26 61.24 169.29 124.05
CA ILE NC 26 60.57 168.01 124.30
C ILE NC 26 61.52 166.84 124.00
N SER NC 27 62.28 166.94 122.89
CA SER NC 27 63.28 165.95 122.51
C SER NC 27 64.37 165.82 123.58
N GLN NC 28 64.75 166.93 124.23
CA GLN NC 28 65.71 166.90 125.33
C GLN NC 28 65.12 166.19 126.55
N VAL NC 29 63.84 166.46 126.86
CA VAL NC 29 63.17 165.84 128.00
C VAL NC 29 63.05 164.33 127.78
N GLU NC 30 62.73 163.91 126.54
CA GLU NC 30 62.55 162.50 126.19
C GLU NC 30 63.83 161.68 126.39
N ASN NC 31 64.99 162.34 126.50
CA ASN NC 31 66.26 161.66 126.76
C ASN NC 31 66.31 161.08 128.19
N LEU NC 32 65.46 161.56 129.10
CA LEU NC 32 65.52 161.22 130.52
C LEU NC 32 64.90 159.85 130.84
N SER NC 33 64.22 159.22 129.86
CA SER NC 33 63.72 157.86 130.01
C SER NC 33 64.14 157.01 128.81
N SER NC 34 64.55 155.76 129.06
CA SER NC 34 64.89 154.81 128.01
C SER NC 34 63.69 154.47 127.12
N THR NC 35 62.47 154.63 127.65
CA THR NC 35 61.23 154.42 126.89
C THR NC 35 60.78 155.68 126.15
N GLY NC 36 61.25 156.85 126.58
CA GLY NC 36 60.93 158.14 125.95
C GLY NC 36 59.47 158.57 126.05
N TRP NC 37 58.63 157.81 126.78
CA TRP NC 37 57.20 158.06 126.96
C TRP NC 37 56.48 158.16 125.61
N VAL NC 38 56.80 157.25 124.68
CA VAL NC 38 56.42 157.32 123.27
C VAL NC 38 54.91 157.13 123.06
N ASN NC 39 54.21 156.56 124.05
CA ASN NC 39 52.77 156.32 123.98
C ASN NC 39 51.98 157.43 124.69
N THR NC 40 52.64 158.53 125.09
CA THR NC 40 52.00 159.75 125.55
C THR NC 40 52.12 160.80 124.46
N SER NC 41 51.02 161.53 124.18
CA SER NC 41 50.95 162.46 123.05
C SER NC 41 51.80 163.72 123.30
N ARG NC 42 52.08 164.47 122.23
CA ARG NC 42 52.89 165.69 122.24
C ARG NC 42 52.32 166.72 123.23
N GLU NC 43 51.00 166.93 123.20
CA GLU NC 43 50.32 167.97 123.96
C GLU NC 43 50.57 167.82 125.46
N ARG NC 44 50.66 166.56 125.92
CA ARG NC 44 50.79 166.20 127.33
C ARG NC 44 52.22 166.43 127.83
N LYS NC 45 53.20 166.11 126.98
CA LYS NC 45 54.60 166.42 127.22
C LYS NC 45 54.85 167.93 127.21
N ALA NC 46 54.19 168.64 126.28
CA ALA NC 46 54.23 170.09 126.23
C ALA NC 46 53.60 170.73 127.48
N GLU NC 47 52.46 170.20 127.93
CA GLU NC 47 51.75 170.72 129.11
C GLU NC 47 52.58 170.50 130.37
N ALA NC 48 53.28 169.35 130.44
CA ALA NC 48 54.14 169.01 131.56
C ALA NC 48 55.34 169.96 131.65
N ILE NC 49 55.91 170.32 130.49
CA ILE NC 49 57.02 171.26 130.41
C ILE NC 49 56.55 172.66 130.78
N ARG NC 50 55.38 173.08 130.24
CA ARG NC 50 54.81 174.40 130.50
C ARG NC 50 54.51 174.56 132.00
N SER NC 51 53.97 173.49 132.61
CA SER NC 51 53.72 173.41 134.04
C SER NC 51 55.03 173.51 134.83
N ALA NC 52 56.06 172.74 134.43
CA ALA NC 52 57.36 172.73 135.09
C ALA NC 52 58.01 174.13 135.07
N ILE NC 53 57.92 174.82 133.94
CA ILE NC 53 58.41 176.19 133.76
C ILE NC 53 57.69 177.14 134.72
N ALA NC 54 56.34 177.08 134.73
CA ALA NC 54 55.50 177.93 135.57
C ALA NC 54 55.75 177.68 137.06
N GLU NC 55 55.90 176.39 137.43
CA GLU NC 55 56.12 175.97 138.80
C GLU NC 55 57.51 176.36 139.30
N ARG NC 56 58.54 176.22 138.44
CA ARG NC 56 59.88 176.72 138.73
C ARG NC 56 59.82 178.22 139.02
N ASP NC 57 59.17 178.99 138.15
CA ASP NC 57 59.15 180.44 138.23
C ASP NC 57 58.34 180.95 139.43
N THR NC 58 57.46 180.11 140.00
CA THR NC 58 56.57 180.52 141.08
C THR NC 58 56.93 179.90 142.44
N LEU NC 59 57.21 178.58 142.47
CA LEU NC 59 57.49 177.87 143.72
C LEU NC 59 59.00 177.74 144.01
N TYR NC 60 59.84 177.84 142.96
CA TYR NC 60 61.28 177.57 143.06
C TYR NC 60 62.08 178.76 142.51
N SER NC 61 61.69 179.98 142.90
CA SER NC 61 62.30 181.24 142.49
C SER NC 61 62.51 182.16 143.70
N GLY NC 62 63.42 183.12 143.57
CA GLY NC 62 63.76 184.00 144.70
C GLY NC 62 64.86 183.40 145.56
N ASN NC 63 64.86 183.77 146.85
CA ASN NC 63 66.05 183.66 147.68
C ASN NC 63 65.72 183.17 149.10
N MET NC 64 66.72 182.54 149.74
CA MET NC 64 66.71 182.13 151.14
C MET NC 64 68.03 182.58 151.77
N SER NC 65 68.00 183.62 152.61
CA SER NC 65 69.16 184.47 152.83
C SER NC 65 69.61 184.99 151.46
N ARG NC 66 70.89 185.37 151.29
CA ARG NC 66 71.39 185.82 149.99
C ARG NC 66 71.65 184.66 149.02
N LEU NC 67 71.23 183.44 149.40
CA LEU NC 67 71.35 182.24 148.55
C LEU NC 67 70.24 182.25 147.50
N PRO NC 68 70.47 181.69 146.27
CA PRO NC 68 69.37 181.38 145.36
C PRO NC 68 68.66 180.14 145.89
N THR NC 69 67.32 180.10 145.75
CA THR NC 69 66.56 178.92 146.16
C THR NC 69 66.89 177.75 145.23
N LEU NC 70 67.00 178.02 143.92
CA LEU NC 70 67.46 177.07 142.92
C LEU NC 70 68.98 177.19 142.80
N ASP NC 71 69.69 176.30 143.53
CA ASP NC 71 71.15 176.33 143.66
C ASP NC 71 71.80 175.61 142.49
N GLY NC 72 71.18 174.51 142.03
CA GLY NC 72 71.70 173.70 140.93
C GLY NC 72 71.42 174.31 139.56
N ASP NC 73 71.83 173.60 138.49
CA ASP NC 73 71.66 174.05 137.12
C ASP NC 73 70.17 174.08 136.75
N ALA NC 74 69.67 175.29 136.43
CA ALA NC 74 68.26 175.52 136.12
C ALA NC 74 67.79 174.76 134.87
N GLU NC 75 68.70 174.44 133.95
CA GLU NC 75 68.39 173.62 132.78
C GLU NC 75 67.91 172.25 133.25
N TYR NC 76 68.80 171.52 133.94
CA TYR NC 76 68.50 170.16 134.39
C TYR NC 76 67.43 170.11 135.46
N PHE NC 77 67.30 171.17 136.28
CA PHE NC 77 66.19 171.24 137.21
C PHE NC 77 64.86 171.25 136.46
N THR NC 78 64.72 172.11 135.44
CA THR NC 78 63.48 172.22 134.69
C THR NC 78 63.19 170.93 133.93
N LEU NC 79 64.24 170.29 133.39
CA LEU NC 79 64.11 169.00 132.71
C LEU NC 79 63.61 167.92 133.67
N TYR NC 80 64.24 167.78 134.85
CA TYR NC 80 63.84 166.78 135.84
C TYR NC 80 62.43 167.03 136.38
N LEU NC 81 62.07 168.31 136.59
CA LEU NC 81 60.73 168.68 137.01
C LEU NC 81 59.70 168.35 135.93
N SER NC 82 60.08 168.50 134.65
CA SER NC 82 59.26 168.13 133.50
C SER NC 82 59.05 166.61 133.45
N ALA NC 83 60.13 165.84 133.54
CA ALA NC 83 60.10 164.37 133.52
C ALA NC 83 59.30 163.81 134.69
N HIS NC 84 59.39 164.47 135.86
CA HIS NC 84 58.60 164.12 137.04
C HIS NC 84 57.10 164.27 136.72
N LYS NC 85 56.72 165.40 136.11
CA LYS NC 85 55.35 165.70 135.75
C LYS NC 85 54.84 164.76 134.64
N ILE NC 86 55.68 164.43 133.66
CA ILE NC 86 55.32 163.47 132.62
C ILE NC 86 55.02 162.11 133.23
N GLN NC 87 55.88 161.65 134.15
CA GLN NC 87 55.68 160.39 134.85
C GLN NC 87 54.35 160.38 135.60
N LEU NC 88 54.04 161.49 136.30
CA LEU NC 88 52.79 161.61 137.05
C LEU NC 88 51.56 161.75 136.14
N PHE NC 89 51.76 162.07 134.85
CA PHE NC 89 50.67 162.04 133.87
C PHE NC 89 50.37 160.61 133.40
N GLU NC 90 51.12 159.60 133.90
CA GLU NC 90 50.93 158.21 133.49
C GLU NC 90 50.55 157.32 134.68
N GLY NC 91 51.07 157.65 135.87
CA GLY NC 91 50.83 156.91 137.10
C GLY NC 91 51.84 157.31 138.16
N GLY NC 92 52.13 156.41 139.11
CA GLY NC 92 53.27 156.59 139.99
C GLY NC 92 54.56 156.14 139.31
N GLU NC 93 55.58 155.87 140.12
CA GLU NC 93 56.66 154.98 139.73
C GLU NC 93 56.09 153.59 139.54
N ALA NC 94 56.63 152.81 138.60
CA ALA NC 94 56.38 151.38 138.58
C ALA NC 94 57.20 150.72 139.69
N GLN NC 95 56.52 150.16 140.70
CA GLN NC 95 57.19 149.35 141.71
C GLN NC 95 57.58 148.00 141.10
N SER NC 96 56.67 147.44 140.28
CA SER NC 96 56.87 146.18 139.59
C SER NC 96 56.06 146.16 138.29
N GLU NC 97 56.59 145.45 137.28
CA GLU NC 97 55.98 145.25 135.97
C GLU NC 97 56.10 143.77 135.59
N SER NC 98 55.04 143.20 135.00
CA SER NC 98 54.97 141.79 134.66
C SER NC 98 54.08 141.56 133.44
N GLY NC 99 54.44 140.59 132.58
CA GLY NC 99 53.67 140.25 131.39
C GLY NC 99 54.30 139.09 130.60
N GLU NC 100 53.45 138.19 130.08
CA GLU NC 100 53.83 137.01 129.31
C GLU NC 100 54.87 136.15 130.05
N GLY NC 101 54.79 136.12 131.39
CA GLY NC 101 55.68 135.34 132.24
C GLY NC 101 56.94 136.07 132.67
N GLY NC 102 57.35 137.13 131.94
CA GLY NC 102 58.46 137.97 132.36
C GLY NC 102 58.04 138.94 133.47
N SER NC 103 58.94 139.19 134.45
CA SER NC 103 58.66 140.09 135.58
C SER NC 103 59.91 140.83 136.05
N VAL NC 104 59.70 142.04 136.63
CA VAL NC 104 60.75 142.86 137.22
C VAL NC 104 60.17 143.68 138.39
N SER NC 105 61.02 144.02 139.37
CA SER NC 105 60.70 144.89 140.50
C SER NC 105 61.82 145.93 140.67
N TYR NC 106 61.46 147.19 140.99
CA TYR NC 106 62.34 148.33 140.76
C TYR NC 106 62.84 149.05 142.01
N SER NC 107 62.80 148.40 143.20
CA SER NC 107 63.55 148.82 144.39
C SER NC 107 63.19 150.22 144.92
N THR NC 108 61.97 150.73 144.64
CA THR NC 108 61.59 152.10 144.99
C THR NC 108 61.46 152.26 146.51
N GLY NC 109 60.80 151.31 147.16
CA GLY NC 109 60.72 151.21 148.61
C GLY NC 109 59.85 152.28 149.27
N GLY NC 110 58.97 152.93 148.49
CA GLY NC 110 58.18 154.05 148.96
C GLY NC 110 59.02 155.33 149.01
N GLY NC 111 59.77 155.50 150.10
CA GLY NC 111 60.82 156.49 150.22
C GLY NC 111 60.34 157.92 150.56
N GLY NC 112 59.05 158.11 150.84
CA GLY NC 112 58.54 159.42 151.24
C GLY NC 112 57.04 159.61 151.05
N GLU NC 113 56.59 160.88 151.17
CA GLU NC 113 55.18 161.26 151.20
C GLU NC 113 54.85 162.41 150.23
N LYS NC 114 55.80 163.33 150.00
CA LYS NC 114 55.62 164.54 149.20
C LYS NC 114 55.92 164.24 147.74
N ASP NC 115 55.36 165.02 146.79
CA ASP NC 115 55.38 164.68 145.37
C ASP NC 115 56.79 164.43 144.83
N LEU NC 116 57.74 165.33 145.08
CA LEU NC 116 59.11 165.19 144.58
C LEU NC 116 59.81 163.94 145.15
N GLN NC 117 59.34 163.43 146.30
CA GLN NC 117 59.87 162.21 146.88
C GLN NC 117 59.35 160.97 146.14
N LYS NC 118 58.17 161.06 145.50
CA LYS NC 118 57.44 159.91 144.97
C LYS NC 118 58.03 159.33 143.67
N THR NC 119 58.84 160.11 142.92
CA THR NC 119 59.43 159.60 141.67
C THR NC 119 60.92 159.98 141.55
N ARG NC 120 61.67 159.20 140.75
CA ARG NC 120 63.12 159.29 140.57
C ARG NC 120 63.55 160.67 140.05
N TYR NC 121 62.82 161.20 139.07
CA TYR NC 121 63.05 162.54 138.51
C TYR NC 121 62.77 163.61 139.56
N GLY NC 122 61.74 163.40 140.37
CA GLY NC 122 61.45 164.27 141.51
C GLY NC 122 62.62 164.32 142.48
N ARG NC 123 63.14 163.15 142.84
CA ARG NC 123 64.23 163.01 143.81
C ARG NC 123 65.53 163.63 143.28
N MET NC 124 65.76 163.54 141.97
CA MET NC 124 66.90 164.19 141.36
C MET NC 124 66.72 165.72 141.40
N ALA NC 125 65.53 166.22 141.06
CA ALA NC 125 65.21 167.64 141.09
C ALA NC 125 65.32 168.21 142.51
N LEU NC 126 64.98 167.41 143.52
CA LEU NC 126 64.91 167.79 144.93
C LEU NC 126 66.28 168.24 145.47
N GLU NC 127 67.38 167.65 144.98
CA GLU NC 127 68.74 168.01 145.38
C GLU NC 127 69.14 169.41 144.89
N TYR NC 128 68.45 169.96 143.88
CA TYR NC 128 68.77 171.27 143.30
C TYR NC 128 68.24 172.42 144.16
N VAL NC 129 67.28 172.13 145.06
CA VAL NC 129 66.50 173.13 145.77
C VAL NC 129 66.53 172.84 147.28
N TRP NC 130 67.74 172.66 147.82
CA TRP NC 130 68.02 172.50 149.24
C TRP NC 130 67.19 171.38 149.89
N GLU NC 131 66.74 170.39 149.10
CA GLU NC 131 65.90 169.27 149.55
C GLU NC 131 64.61 169.76 150.22
N ASP NC 132 64.07 170.92 149.78
CA ASP NC 132 62.84 171.56 150.26
C ASP NC 132 62.95 172.05 151.71
N ASN NC 133 64.17 172.27 152.22
CA ASN NC 133 64.43 172.75 153.57
C ASN NC 133 64.23 174.27 153.69
N SER NC 134 63.98 174.74 154.93
CA SER NC 134 63.63 176.12 155.26
C SER NC 134 64.82 176.90 155.84
N ILE NC 135 65.86 177.12 155.03
CA ILE NC 135 67.13 177.67 155.50
C ILE NC 135 67.19 179.20 155.42
N ALA NC 136 66.06 179.88 155.14
CA ALA NC 136 66.03 181.33 154.99
C ALA NC 136 66.23 182.04 156.33
N ALA NC 137 66.94 183.18 156.30
CA ALA NC 137 67.19 184.01 157.47
C ALA NC 137 67.16 185.50 157.12
N LEU NC 138 66.61 186.31 158.03
CA LEU NC 138 66.42 187.75 157.88
C LEU NC 138 66.52 188.44 159.24
N ARG NC 139 66.78 189.76 159.24
CA ARG NC 139 67.11 190.53 160.43
C ARG NC 139 66.47 191.91 160.39
N THR NC 140 66.38 192.56 161.57
CA THR NC 140 66.03 193.97 161.70
C THR NC 140 67.25 194.85 161.38
N TYR NC 141 66.96 196.08 160.91
CA TYR NC 141 67.95 197.09 160.54
C TYR NC 141 67.42 198.49 160.86
N PRO OC 2 21.00 173.02 138.65
CA PRO OC 2 19.57 172.97 138.97
C PRO OC 2 18.97 174.35 139.24
N ASP OC 3 17.64 174.47 139.16
CA ASP OC 3 16.93 175.73 139.36
C ASP OC 3 17.01 176.16 140.84
N PRO OC 4 16.42 175.43 141.81
CA PRO OC 4 16.86 175.54 143.20
C PRO OC 4 18.14 174.71 143.37
N SER OC 5 19.21 175.35 143.86
CA SER OC 5 20.47 174.67 144.14
C SER OC 5 20.37 173.94 145.48
N ILE OC 6 21.20 172.89 145.68
CA ILE OC 6 21.15 172.00 146.83
C ILE OC 6 21.42 172.74 148.14
N ASP OC 7 22.10 173.91 148.07
CA ASP OC 7 22.41 174.73 149.23
C ASP OC 7 21.27 175.69 149.56
N GLU OC 8 20.26 175.78 148.67
CA GLU OC 8 19.14 176.71 148.79
C GLU OC 8 17.90 176.04 149.39
N VAL OC 9 18.03 174.75 149.76
CA VAL OC 9 16.92 173.94 150.27
C VAL OC 9 17.29 173.28 151.60
N SER OC 10 16.34 173.31 152.56
CA SER OC 10 16.37 172.52 153.79
C SER OC 10 15.50 171.27 153.61
N LYS OC 11 15.39 170.43 154.66
CA LYS OC 11 14.72 169.12 154.58
C LYS OC 11 13.26 169.27 154.13
N SER OC 12 12.54 170.23 154.72
CA SER OC 12 11.15 170.54 154.40
C SER OC 12 11.01 171.08 152.97
N ASP OC 13 12.01 171.84 152.49
CA ASP OC 13 12.03 172.37 151.14
C ASP OC 13 12.25 171.27 150.11
N TRP OC 14 13.14 170.31 150.42
CA TRP OC 14 13.43 169.19 149.55
C TRP OC 14 12.17 168.34 149.33
N ASP OC 15 11.37 168.18 150.39
CA ASP OC 15 10.10 167.46 150.35
C ASP OC 15 9.03 168.25 149.59
N ALA OC 16 9.22 169.58 149.45
CA ALA OC 16 8.29 170.46 148.75
C ALA OC 16 8.62 170.58 147.26
N LEU OC 17 9.82 170.17 146.83
CA LEU OC 17 10.25 170.23 145.43
C LEU OC 17 9.36 169.33 144.55
N THR OC 18 9.27 169.66 143.27
CA THR OC 18 8.77 168.75 142.25
C THR OC 18 9.76 167.61 142.05
N THR OC 19 9.29 166.49 141.50
CA THR OC 19 10.15 165.37 141.13
C THR OC 19 11.23 165.81 140.14
N GLN OC 20 10.92 166.76 139.26
CA GLN OC 20 11.88 167.26 138.27
C GLN OC 20 13.03 167.98 138.97
N GLU OC 21 12.72 168.85 139.94
CA GLU OC 21 13.73 169.61 140.67
C GLU OC 21 14.63 168.69 141.49
N GLN OC 22 14.04 167.65 142.09
CA GLN OC 22 14.79 166.61 142.80
C GLN OC 22 15.70 165.87 141.81
N ASP OC 23 15.17 165.50 140.64
CA ASP OC 23 15.89 164.75 139.62
C ASP OC 23 17.07 165.55 139.04
N ASP OC 24 16.92 166.88 138.91
CA ASP OC 24 18.00 167.76 138.50
C ASP OC 24 19.15 167.70 139.51
N ILE OC 25 18.84 167.77 140.82
CA ILE OC 25 19.82 167.69 141.89
C ILE OC 25 20.47 166.28 141.93
N ILE OC 26 19.65 165.22 141.81
CA ILE OC 26 20.13 163.84 141.75
C ILE OC 26 21.10 163.69 140.58
N SER OC 27 20.74 164.23 139.40
CA SER OC 27 21.60 164.21 138.21
C SER OC 27 22.95 164.89 138.48
N GLN OC 28 22.93 166.01 139.23
CA GLN OC 28 24.16 166.69 139.61
C GLN OC 28 25.01 165.82 140.54
N VAL OC 29 24.38 165.10 141.48
CA VAL OC 29 25.10 164.21 142.39
C VAL OC 29 25.75 163.07 141.60
N GLU OC 30 25.04 162.52 140.60
CA GLU OC 30 25.51 161.41 139.79
C GLU OC 30 26.74 161.78 138.96
N ASN OC 31 27.04 163.09 138.81
CA ASN OC 31 28.25 163.53 138.13
C ASN OC 31 29.51 163.19 138.92
N LEU OC 32 29.39 162.95 140.24
CA LEU OC 32 30.52 162.74 141.13
C LEU OC 32 31.12 161.34 141.04
N SER OC 33 30.50 160.42 140.28
CA SER OC 33 31.05 159.09 140.03
C SER OC 33 30.96 158.74 138.55
N SER OC 34 32.03 158.14 138.00
CA SER OC 34 32.07 157.65 136.63
C SER OC 34 31.01 156.57 136.38
N THR OC 35 30.60 155.84 137.44
CA THR OC 35 29.60 154.79 137.36
C THR OC 35 28.18 155.32 137.52
N GLY OC 36 28.04 156.55 138.05
CA GLY OC 36 26.75 157.19 138.31
C GLY OC 36 25.87 156.46 139.34
N TRP OC 37 26.40 155.38 139.96
CA TRP OC 37 25.68 154.48 140.86
C TRP OC 37 24.38 153.97 140.21
N VAL OC 38 24.45 153.60 138.92
CA VAL OC 38 23.28 153.34 138.08
C VAL OC 38 22.44 152.14 138.55
N ASN OC 39 23.04 151.24 139.35
CA ASN OC 39 22.34 150.07 139.86
C ASN OC 39 21.63 150.34 141.20
N THR OC 40 21.72 151.58 141.73
CA THR OC 40 21.01 151.98 142.95
C THR OC 40 19.79 152.81 142.55
N SER OC 41 18.64 152.55 143.20
CA SER OC 41 17.35 153.12 142.80
C SER OC 41 17.21 154.59 143.20
N ARG OC 42 16.23 155.28 142.59
CA ARG OC 42 16.02 156.72 142.75
C ARG OC 42 15.74 157.09 144.21
N GLU OC 43 14.91 156.29 144.89
CA GLU OC 43 14.45 156.57 146.25
C GLU OC 43 15.62 156.63 147.22
N ARG OC 44 16.65 155.81 146.96
CA ARG OC 44 17.82 155.66 147.81
C ARG OC 44 18.78 156.83 147.65
N LYS OC 45 18.93 157.30 146.41
CA LYS OC 45 19.71 158.50 146.09
C LYS OC 45 19.02 159.75 146.64
N ALA OC 46 17.68 159.80 146.54
CA ALA OC 46 16.87 160.86 147.13
C ALA OC 46 17.01 160.90 148.66
N GLU OC 47 16.91 159.73 149.31
CA GLU OC 47 17.05 159.57 150.76
C GLU OC 47 18.42 160.06 151.23
N ALA OC 48 19.48 159.72 150.48
CA ALA OC 48 20.85 160.14 150.75
C ALA OC 48 21.00 161.67 150.70
N ILE OC 49 20.37 162.32 149.71
CA ILE OC 49 20.39 163.77 149.55
C ILE OC 49 19.62 164.43 150.69
N ARG OC 50 18.42 163.91 150.99
CA ARG OC 50 17.58 164.41 152.06
C ARG OC 50 18.29 164.33 153.41
N SER OC 51 19.04 163.23 153.60
CA SER OC 51 19.89 163.03 154.77
C SER OC 51 21.02 164.05 154.80
N ALA OC 52 21.71 164.25 153.66
CA ALA OC 52 22.85 165.15 153.58
C ALA OC 52 22.43 166.59 153.87
N ILE OC 53 21.22 166.97 153.41
CA ILE OC 53 20.62 168.28 153.66
C ILE OC 53 20.33 168.45 155.16
N ALA OC 54 19.71 167.44 155.78
CA ALA OC 54 19.35 167.47 157.20
C ALA OC 54 20.59 167.46 158.10
N GLU OC 55 21.60 166.67 157.70
CA GLU OC 55 22.84 166.50 158.44
C GLU OC 55 23.70 167.77 158.37
N ARG OC 56 23.75 168.41 157.19
CA ARG OC 56 24.35 169.73 157.04
C ARG OC 56 23.68 170.73 158.00
N ASP OC 57 22.34 170.81 157.94
CA ASP OC 57 21.57 171.81 158.67
C ASP OC 57 21.63 171.62 160.19
N THR OC 58 22.01 170.42 160.67
CA THR OC 58 22.07 170.12 162.10
C THR OC 58 23.50 169.98 162.63
N LEU OC 59 24.35 169.18 161.96
CA LEU OC 59 25.70 168.88 162.44
C LEU OC 59 26.74 169.87 161.90
N TYR OC 60 26.41 170.62 160.82
CA TYR OC 60 27.35 171.48 160.13
C TYR OC 60 26.73 172.85 159.81
N SER OC 61 26.06 173.43 160.82
CA SER OC 61 25.44 174.75 160.76
C SER OC 61 25.82 175.56 162.01
N GLY OC 62 25.64 176.88 161.95
CA GLY OC 62 26.04 177.78 163.02
C GLY OC 62 27.51 178.18 162.93
N ASN OC 63 28.03 178.76 164.02
CA ASN OC 63 29.34 179.42 164.00
C ASN OC 63 30.32 178.72 164.94
N MET OC 64 31.56 178.54 164.48
CA MET OC 64 32.66 178.04 165.27
C MET OC 64 33.63 179.21 165.49
N SER OC 65 33.80 179.64 166.74
CA SER OC 65 34.23 181.00 167.04
C SER OC 65 33.17 181.94 166.43
N ARG OC 66 33.57 183.09 165.87
CA ARG OC 66 32.67 183.99 165.17
C ARG OC 66 32.47 183.53 163.71
N LEU OC 67 33.33 182.63 163.22
CA LEU OC 67 33.37 182.17 161.82
C LEU OC 67 32.22 181.20 161.51
N PRO OC 68 31.76 181.08 160.24
CA PRO OC 68 30.85 180.00 159.83
C PRO OC 68 31.52 178.64 160.02
N THR OC 69 30.76 177.63 160.46
CA THR OC 69 31.30 176.28 160.63
C THR OC 69 31.56 175.60 159.29
N LEU OC 70 30.98 176.12 158.21
CA LEU OC 70 31.13 175.60 156.86
C LEU OC 70 31.73 176.71 155.99
N ASP OC 71 33.05 176.64 155.77
CA ASP OC 71 33.82 177.70 155.13
C ASP OC 71 33.78 177.55 153.60
N GLY OC 72 33.74 176.30 153.13
CA GLY OC 72 33.70 175.99 151.71
C GLY OC 72 32.33 176.21 151.08
N ASP OC 73 32.22 176.04 149.77
CA ASP OC 73 30.98 176.22 149.03
C ASP OC 73 29.96 175.17 149.47
N ALA OC 74 28.83 175.65 150.02
CA ALA OC 74 27.75 174.81 150.55
C ALA OC 74 27.12 173.91 149.48
N GLU OC 75 27.15 174.33 148.20
CA GLU OC 75 26.69 173.51 147.09
C GLU OC 75 27.50 172.23 147.03
N TYR OC 76 28.82 172.36 146.82
CA TYR OC 76 29.72 171.23 146.68
C TYR OC 76 29.88 170.43 147.97
N PHE OC 77 29.81 171.09 149.13
CA PHE OC 77 29.78 170.36 150.39
C PHE OC 77 28.59 169.41 150.45
N THR OC 78 27.38 169.90 150.12
CA THR OC 78 26.18 169.07 150.20
C THR OC 78 26.24 167.94 149.16
N LEU OC 79 26.83 168.22 147.99
CA LEU OC 79 27.01 167.20 146.96
C LEU OC 79 27.97 166.10 147.42
N TYR OC 80 29.14 166.47 147.98
CA TYR OC 80 30.11 165.50 148.47
C TYR OC 80 29.55 164.70 149.65
N LEU OC 81 28.80 165.36 150.53
CA LEU OC 81 28.12 164.68 151.62
C LEU OC 81 27.07 163.70 151.10
N SER OC 82 26.34 164.07 150.03
CA SER OC 82 25.36 163.21 149.37
C SER OC 82 26.03 161.99 148.75
N ALA OC 83 27.11 162.20 147.99
CA ALA OC 83 27.90 161.14 147.38
C ALA OC 83 28.47 160.18 148.42
N HIS OC 84 28.93 160.71 149.56
CA HIS OC 84 29.40 159.91 150.69
C HIS OC 84 28.30 159.00 151.22
N LYS OC 85 27.09 159.55 151.46
CA LYS OC 85 25.94 158.75 151.88
C LYS OC 85 25.63 157.66 150.86
N ILE OC 86 25.58 158.01 149.56
CA ILE OC 86 25.26 157.07 148.49
C ILE OC 86 26.25 155.92 148.47
N GLN OC 87 27.56 156.24 148.55
CA GLN OC 87 28.60 155.23 148.61
C GLN OC 87 28.39 154.28 149.79
N LEU OC 88 28.10 154.84 150.98
CA LEU OC 88 27.84 154.05 152.16
C LEU OC 88 26.55 153.24 152.08
N PHE OC 89 25.61 153.61 151.18
CA PHE OC 89 24.41 152.81 150.94
C PHE OC 89 24.70 151.58 150.08
N GLU OC 90 25.95 151.45 149.59
CA GLU OC 90 26.38 150.29 148.81
C GLU OC 90 27.41 149.46 149.56
N GLY OC 91 28.37 150.12 150.20
CA GLY OC 91 29.41 149.47 150.99
C GLY OC 91 30.45 150.48 151.48
N GLY OC 92 31.68 150.00 151.74
CA GLY OC 92 32.79 150.92 151.97
C GLY OC 92 33.30 151.50 150.65
N GLU OC 93 34.52 152.06 150.69
CA GLU OC 93 35.33 152.18 149.50
C GLU OC 93 35.68 150.77 149.04
N ALA OC 94 35.71 150.55 147.71
CA ALA OC 94 36.34 149.34 147.20
C ALA OC 94 37.85 149.49 147.33
N GLN OC 95 38.48 148.67 148.19
CA GLN OC 95 39.94 148.57 148.24
C GLN OC 95 40.43 147.85 146.98
N SER OC 96 39.69 146.81 146.57
CA SER OC 96 40.02 146.03 145.37
C SER OC 96 38.73 145.49 144.72
N GLU OC 97 38.78 145.38 143.38
CA GLU OC 97 37.72 144.81 142.56
C GLU OC 97 38.33 143.82 141.57
N SER OC 98 37.70 142.65 141.42
CA SER OC 98 38.20 141.59 140.55
C SER OC 98 37.03 140.94 139.80
N GLY OC 99 37.15 140.85 138.46
CA GLY OC 99 36.15 140.25 137.59
C GLY OC 99 36.61 138.89 137.05
N GLU OC 100 36.49 138.71 135.73
CA GLU OC 100 36.98 137.52 135.03
C GLU OC 100 38.49 137.61 134.85
N GLY OC 101 39.25 137.36 135.93
CA GLY OC 101 40.70 137.46 135.93
C GLY OC 101 41.21 138.89 136.09
N GLY OC 102 40.66 139.82 135.28
CA GLY OC 102 40.98 141.23 135.36
C GLY OC 102 40.71 141.80 136.75
N SER OC 103 41.69 142.54 137.31
CA SER OC 103 41.69 142.95 138.71
C SER OC 103 42.32 144.33 138.90
N VAL OC 104 41.91 145.04 139.97
CA VAL OC 104 42.39 146.38 140.28
C VAL OC 104 42.38 146.60 141.81
N SER OC 105 43.22 147.52 142.30
CA SER OC 105 43.33 147.91 143.70
C SER OC 105 43.52 149.43 143.80
N TYR OC 106 42.90 150.09 144.81
CA TYR OC 106 42.63 151.53 144.73
C TYR OC 106 43.33 152.40 145.78
N SER OC 107 44.43 151.94 146.40
CA SER OC 107 45.34 152.79 147.17
C SER OC 107 44.70 153.52 148.35
N THR OC 108 43.56 153.02 148.85
CA THR OC 108 42.74 153.70 149.86
C THR OC 108 43.47 153.78 151.21
N GLY OC 109 44.05 152.65 151.63
CA GLY OC 109 44.70 152.53 152.93
C GLY OC 109 43.68 152.47 154.07
N GLY OC 110 44.17 152.63 155.31
CA GLY OC 110 43.33 152.66 156.50
C GLY OC 110 42.42 153.88 156.56
N GLY OC 111 42.94 155.05 156.19
CA GLY OC 111 42.19 156.29 156.06
C GLY OC 111 41.94 157.00 157.39
N GLY OC 112 41.42 156.26 158.37
CA GLY OC 112 41.01 156.80 159.66
C GLY OC 112 39.97 155.91 160.36
N GLU OC 113 39.20 156.52 161.28
CA GLU OC 113 38.25 155.82 162.14
C GLU OC 113 36.82 156.37 162.00
N LYS OC 114 36.69 157.67 161.67
CA LYS OC 114 35.43 158.41 161.63
C LYS OC 114 34.83 158.31 160.21
N ASP OC 115 33.51 158.44 160.08
CA ASP OC 115 32.78 158.14 158.84
C ASP OC 115 33.35 158.89 157.63
N LEU OC 116 33.58 160.20 157.76
CA LEU OC 116 34.09 161.03 156.67
C LEU OC 116 35.49 160.59 156.22
N GLN OC 117 36.28 159.99 157.13
CA GLN OC 117 37.62 159.49 156.82
C GLN OC 117 37.54 158.20 155.98
N LYS OC 118 36.40 157.49 156.03
CA LYS OC 118 36.23 156.15 155.46
C LYS OC 118 35.81 156.16 153.98
N THR OC 119 35.72 157.35 153.34
CA THR OC 119 35.28 157.49 151.95
C THR OC 119 35.97 158.70 151.28
N ARG OC 120 36.22 158.61 149.96
CA ARG OC 120 36.88 159.67 149.18
C ARG OC 120 36.06 160.96 149.17
N TYR OC 121 34.74 160.83 148.98
CA TYR OC 121 33.78 161.93 149.05
C TYR OC 121 33.71 162.52 150.45
N GLY OC 122 33.84 161.66 151.47
CA GLY OC 122 33.93 162.06 152.86
C GLY OC 122 35.14 162.95 153.12
N ARG OC 123 36.32 162.48 152.68
CA ARG OC 123 37.58 163.18 152.83
C ARG OC 123 37.59 164.52 152.09
N MET OC 124 36.88 164.59 150.94
CA MET OC 124 36.69 165.85 150.24
C MET OC 124 35.78 166.81 151.04
N ALA OC 125 34.63 166.32 151.52
CA ALA OC 125 33.69 167.12 152.30
C ALA OC 125 34.32 167.65 153.59
N LEU OC 126 35.27 166.89 154.15
CA LEU OC 126 35.90 167.16 155.44
C LEU OC 126 36.73 168.46 155.39
N GLU OC 127 37.27 168.82 154.21
CA GLU OC 127 38.08 170.02 154.05
C GLU OC 127 37.22 171.29 154.08
N TYR OC 128 35.93 171.19 153.71
CA TYR OC 128 35.02 172.34 153.60
C TYR OC 128 34.66 172.90 154.97
N VAL OC 129 34.95 172.13 156.02
CA VAL OC 129 34.20 172.20 157.27
C VAL OC 129 35.15 172.07 158.48
N TRP OC 130 36.33 172.71 158.35
CA TRP OC 130 37.39 172.80 159.35
C TRP OC 130 37.95 171.44 159.78
N GLU OC 131 37.77 170.38 158.98
CA GLU OC 131 38.28 169.04 159.22
C GLU OC 131 37.79 168.47 160.57
N ASP OC 132 36.57 168.84 161.00
CA ASP OC 132 35.98 168.47 162.28
C ASP OC 132 36.77 169.00 163.49
N ASN OC 133 37.69 169.96 163.27
CA ASN OC 133 38.52 170.53 164.34
C ASN OC 133 37.67 171.40 165.28
N SER OC 134 38.16 171.60 166.51
CA SER OC 134 37.47 172.30 167.59
C SER OC 134 38.02 173.72 167.79
N ILE OC 135 37.94 174.55 166.74
CA ILE OC 135 38.55 175.88 166.65
C ILE OC 135 37.78 176.95 167.45
N ALA OC 136 36.63 176.60 168.06
CA ALA OC 136 35.74 177.57 168.70
C ALA OC 136 36.36 178.22 169.94
N ALA OC 137 36.01 179.50 170.17
CA ALA OC 137 36.39 180.30 171.33
C ALA OC 137 35.29 181.31 171.67
N LEU OC 138 35.17 181.65 172.97
CA LEU OC 138 34.18 182.58 173.51
C LEU OC 138 34.73 183.21 174.81
N ARG OC 139 34.13 184.33 175.26
CA ARG OC 139 34.64 185.16 176.35
C ARG OC 139 33.51 185.57 177.30
N THR OC 140 33.87 186.00 178.52
CA THR OC 140 32.97 186.63 179.48
C THR OC 140 32.64 188.06 179.07
N TYR OC 141 31.37 188.46 179.28
CA TYR OC 141 30.87 189.80 179.07
C TYR OC 141 29.75 190.11 180.08
N PRO PC 2 43.59 178.33 126.52
CA PRO PC 2 42.22 178.85 126.43
C PRO PC 2 42.20 180.38 126.51
N ASP PC 3 41.23 181.00 125.82
CA ASP PC 3 41.13 182.46 125.72
C ASP PC 3 40.83 183.08 127.10
N PRO PC 4 39.72 182.72 127.79
CA PRO PC 4 39.64 182.90 129.24
C PRO PC 4 40.38 181.76 129.93
N SER PC 5 41.39 182.09 130.74
CA SER PC 5 42.15 181.10 131.49
C SER PC 5 41.37 180.68 132.74
N ILE PC 6 41.66 179.48 133.27
CA ILE PC 6 40.95 178.86 134.39
C ILE PC 6 41.05 179.69 135.67
N ASP PC 7 42.09 180.54 135.77
CA ASP PC 7 42.32 181.41 136.93
C ASP PC 7 41.60 182.75 136.77
N GLU PC 8 41.05 183.02 135.58
CA GLU PC 8 40.38 184.29 135.27
C GLU PC 8 38.88 184.21 135.53
N VAL PC 9 38.38 183.04 135.98
CA VAL PC 9 36.95 182.75 136.11
C VAL PC 9 36.62 182.20 137.51
N SER PC 10 35.47 182.63 138.05
CA SER PC 10 34.84 182.08 139.24
C SER PC 10 33.66 181.18 138.84
N LYS PC 11 32.95 180.59 139.83
CA LYS PC 11 31.88 179.62 139.58
C LYS PC 11 30.77 180.21 138.72
N SER PC 12 30.38 181.46 138.99
CA SER PC 12 29.35 182.19 138.27
C SER PC 12 29.80 182.54 136.85
N ASP PC 13 31.11 182.76 136.66
CA ASP PC 13 31.70 183.04 135.35
C ASP PC 13 31.74 181.77 134.50
N TRP PC 14 32.14 180.65 135.12
CA TRP PC 14 32.19 179.34 134.48
C TRP PC 14 30.82 178.96 133.90
N ASP PC 15 29.75 179.26 134.64
CA ASP PC 15 28.37 179.05 134.22
C ASP PC 15 27.94 179.99 133.08
N ALA PC 16 28.68 181.11 132.89
CA ALA PC 16 28.39 182.11 131.87
C ALA PC 16 29.23 181.91 130.60
N LEU PC 17 30.32 181.12 130.65
CA LEU PC 17 31.16 180.80 129.50
C LEU PC 17 30.35 180.09 128.41
N THR PC 18 30.80 180.21 127.16
CA THR PC 18 30.28 179.41 126.06
C THR PC 18 30.75 177.97 126.22
N THR PC 19 30.08 177.03 125.54
CA THR PC 19 30.46 175.63 125.52
C THR PC 19 31.89 175.43 125.01
N GLN PC 20 32.30 176.26 124.03
CA GLN PC 20 33.64 176.15 123.46
C GLN PC 20 34.70 176.60 124.47
N GLU PC 21 34.43 177.67 125.23
CA GLU PC 21 35.36 178.19 126.23
C GLU PC 21 35.55 177.18 127.36
N GLN PC 22 34.46 176.50 127.76
CA GLN PC 22 34.52 175.42 128.72
C GLN PC 22 35.30 174.24 128.15
N ASP PC 23 35.07 173.90 126.88
CA ASP PC 23 35.69 172.75 126.22
C ASP PC 23 37.19 172.94 126.04
N ASP PC 24 37.64 174.18 125.79
CA ASP PC 24 39.05 174.54 125.74
C ASP PC 24 39.72 174.25 127.09
N ILE PC 25 39.07 174.66 128.20
CA ILE PC 25 39.57 174.46 129.55
C ILE PC 25 39.56 172.98 129.92
N ILE PC 26 38.47 172.26 129.59
CA ILE PC 26 38.38 170.82 129.76
C ILE PC 26 39.52 170.12 129.03
N SER PC 27 39.77 170.52 127.77
CA SER PC 27 40.85 169.98 126.94
C SER PC 27 42.22 170.20 127.60
N GLN PC 28 42.40 171.35 128.28
CA GLN PC 28 43.63 171.60 129.01
C GLN PC 28 43.77 170.67 130.22
N VAL PC 29 42.66 170.38 130.92
CA VAL PC 29 42.67 169.46 132.04
C VAL PC 29 43.00 168.05 131.56
N GLU PC 30 42.46 167.67 130.38
CA GLU PC 30 42.66 166.34 129.82
C GLU PC 30 44.11 166.11 129.38
N ASN PC 31 44.94 167.18 129.36
CA ASN PC 31 46.36 167.07 129.11
C ASN PC 31 47.13 166.51 130.32
N LEU PC 32 46.54 166.60 131.52
CA LEU PC 32 47.20 166.19 132.76
C LEU PC 32 47.20 164.67 132.96
N SER PC 33 46.55 163.91 132.06
CA SER PC 33 46.69 162.46 132.06
C SER PC 33 46.88 161.95 130.63
N SER PC 34 47.83 161.01 130.48
CA SER PC 34 48.05 160.22 129.28
C SER PC 34 46.78 159.46 128.86
N THR PC 35 45.92 159.12 129.83
CA THR PC 35 44.68 158.40 129.58
C THR PC 35 43.52 159.35 129.28
N GLY PC 36 43.70 160.66 129.55
CA GLY PC 36 42.76 161.72 129.21
C GLY PC 36 41.42 161.67 129.94
N TRP PC 37 41.18 160.61 130.73
CA TRP PC 37 39.88 160.29 131.31
C TRP PC 37 38.80 160.24 130.24
N VAL PC 38 39.11 159.58 129.10
CA VAL PC 38 38.32 159.58 127.88
C VAL PC 38 37.00 158.83 128.06
N ASN PC 39 36.98 157.83 128.96
CA ASN PC 39 35.80 157.01 129.21
C ASN PC 39 34.93 157.57 130.35
N THR PC 40 35.23 158.79 130.81
CA THR PC 40 34.37 159.57 131.69
C THR PC 40 33.75 160.70 130.87
N SER PC 41 32.43 160.95 131.04
CA SER PC 41 31.69 161.87 130.18
C SER PC 41 32.01 163.33 130.48
N ARG PC 42 31.65 164.22 129.55
CA ARG PC 42 31.94 165.66 129.60
C ARG PC 42 31.39 166.29 130.89
N GLU PC 43 30.14 165.96 131.25
CA GLU PC 43 29.45 166.56 132.39
C GLU PC 43 30.23 166.33 133.68
N ARG PC 44 30.87 165.17 133.81
CA ARG PC 44 31.61 164.76 135.00
C ARG PC 44 32.90 165.57 135.13
N LYS PC 45 33.56 165.81 133.99
CA LYS PC 45 34.77 166.62 133.94
C LYS PC 45 34.45 168.09 134.18
N ALA PC 46 33.32 168.56 133.61
CA ALA PC 46 32.84 169.91 133.84
C ALA PC 46 32.49 170.15 135.30
N GLU PC 47 31.88 169.14 135.96
CA GLU PC 47 31.51 169.20 137.37
C GLU PC 47 32.75 169.29 138.24
N ALA PC 48 33.78 168.49 137.92
CA ALA PC 48 35.04 168.47 138.65
C ALA PC 48 35.77 169.81 138.56
N ILE PC 49 35.76 170.42 137.36
CA ILE PC 49 36.37 171.72 137.12
C ILE PC 49 35.61 172.82 137.89
N ARG PC 50 34.28 172.85 137.75
CA ARG PC 50 33.42 173.80 138.41
C ARG PC 50 33.59 173.73 139.93
N SER PC 51 33.69 172.50 140.46
CA SER PC 51 33.94 172.24 141.87
C SER PC 51 35.33 172.71 142.30
N ALA PC 52 36.35 172.47 141.48
CA ALA PC 52 37.71 172.93 141.75
C ALA PC 52 37.79 174.46 141.81
N ILE PC 53 37.10 175.13 140.88
CA ILE PC 53 37.01 176.59 140.81
C ILE PC 53 36.37 177.13 142.10
N ALA PC 54 35.24 176.52 142.51
CA ALA PC 54 34.50 176.92 143.70
C ALA PC 54 35.33 176.70 144.96
N GLU PC 55 36.07 175.58 145.00
CA GLU PC 55 36.87 175.20 146.16
C GLU PC 55 38.11 176.08 146.28
N ARG PC 56 38.71 176.46 145.15
CA ARG PC 56 39.81 177.41 145.13
C ARG PC 56 39.35 178.75 145.71
N ASP PC 57 38.19 179.24 145.24
CA ASP PC 57 37.70 180.57 145.58
C ASP PC 57 37.24 180.64 147.04
N THR PC 58 36.93 179.49 147.67
CA THR PC 58 36.46 179.44 149.04
C THR PC 58 37.56 178.97 150.00
N LEU PC 59 38.21 177.82 149.72
CA LEU PC 59 39.11 177.16 150.67
C LEU PC 59 40.58 177.55 150.46
N TYR PC 60 40.95 177.94 149.22
CA TYR PC 60 42.34 178.21 148.85
C TYR PC 60 42.50 179.67 148.38
N SER PC 61 41.82 180.59 149.07
CA SER PC 61 41.80 182.02 148.79
C SER PC 61 42.01 182.83 150.07
N GLY PC 62 42.34 184.11 149.93
CA GLY PC 62 42.66 184.95 151.08
C GLY PC 62 44.14 184.88 151.44
N ASN PC 63 44.46 185.23 152.70
CA ASN PC 63 45.82 185.64 153.07
C ASN PC 63 46.35 184.88 154.28
N MET PC 64 47.68 184.73 154.32
CA MET PC 64 48.43 183.96 155.30
C MET PC 64 49.57 184.84 155.81
N SER PC 65 49.29 185.72 156.78
CA SER PC 65 49.97 187.00 156.96
C SER PC 65 49.76 187.83 155.67
N ARG PC 66 50.65 188.79 155.35
CA ARG PC 66 50.48 189.62 154.16
C ARG PC 66 50.63 188.83 152.84
N LEU PC 67 51.02 187.55 152.92
CA LEU PC 67 51.17 186.66 151.77
C LEU PC 67 49.81 186.18 151.25
N PRO PC 68 49.69 185.75 149.96
CA PRO PC 68 48.52 185.00 149.51
C PRO PC 68 48.60 183.55 150.02
N THR PC 69 47.45 182.90 150.24
CA THR PC 69 47.43 181.51 150.65
C THR PC 69 47.72 180.57 149.47
N LEU PC 70 47.66 181.09 148.24
CA LEU PC 70 47.97 180.37 147.01
C LEU PC 70 49.22 181.00 146.39
N ASP PC 71 50.37 180.35 146.60
CA ASP PC 71 51.69 180.92 146.31
C ASP PC 71 52.11 180.63 144.87
N GLY PC 72 51.76 179.43 144.37
CA GLY PC 72 52.10 179.00 143.03
C GLY PC 72 51.13 179.53 141.98
N ASP PC 73 51.37 179.21 140.70
CA ASP PC 73 50.54 179.65 139.58
C ASP PC 73 49.13 179.09 139.72
N ALA PC 74 48.14 179.99 139.84
CA ALA PC 74 46.73 179.66 140.03
C ALA PC 74 46.14 178.87 138.84
N GLU PC 75 46.73 179.01 137.64
CA GLU PC 75 46.32 178.23 136.48
C GLU PC 75 46.57 176.76 136.76
N TYR PC 76 47.85 176.40 136.93
CA TYR PC 76 48.27 175.02 137.16
C TYR PC 76 47.71 174.46 138.47
N PHE PC 77 47.55 175.31 139.50
CA PHE PC 77 46.88 174.87 140.71
C PHE PC 77 45.47 174.39 140.42
N THR PC 78 44.67 175.20 139.69
CA THR PC 78 43.27 174.86 139.44
C THR PC 78 43.17 173.62 138.55
N LEU PC 79 44.12 173.46 137.61
CA LEU PC 79 44.19 172.28 136.77
C LEU PC 79 44.50 171.03 137.62
N TYR PC 80 45.49 171.11 138.51
CA TYR PC 80 45.85 170.00 139.40
C TYR PC 80 44.70 169.63 140.33
N LEU PC 81 44.02 170.63 140.89
CA LEU PC 81 42.86 170.43 141.75
C LEU PC 81 41.71 169.77 140.99
N SER PC 82 41.53 170.14 139.71
CA SER PC 82 40.55 169.54 138.81
C SER PC 82 40.88 168.07 138.53
N ALA PC 83 42.13 167.78 138.15
CA ALA PC 83 42.60 166.44 137.85
C ALA PC 83 42.49 165.53 139.08
N HIS PC 84 42.78 166.07 140.27
CA HIS PC 84 42.58 165.37 141.54
C HIS PC 84 41.12 164.92 141.68
N LYS PC 85 40.17 165.83 141.46
CA LYS PC 85 38.75 165.56 141.57
C LYS PC 85 38.29 164.55 140.53
N ILE PC 86 38.75 164.68 139.27
CA ILE PC 86 38.40 163.75 138.21
C ILE PC 86 38.84 162.34 138.60
N GLN PC 87 40.07 162.22 139.13
CA GLN PC 87 40.62 160.93 139.55
C GLN PC 87 39.79 160.32 140.69
N LEU PC 88 39.30 161.15 141.63
CA LEU PC 88 38.46 160.65 142.71
C LEU PC 88 37.07 160.23 142.20
N PHE PC 89 36.57 160.86 141.13
CA PHE PC 89 35.32 160.45 140.50
C PHE PC 89 35.45 159.06 139.86
N GLU PC 90 36.69 158.63 139.59
CA GLU PC 90 37.01 157.30 139.07
C GLU PC 90 37.55 156.36 140.15
N GLY PC 91 37.41 156.72 141.44
CA GLY PC 91 37.76 155.83 142.56
C GLY PC 91 39.17 156.02 143.13
N GLY PC 92 39.95 156.97 142.60
CA GLY PC 92 41.25 157.33 143.14
C GLY PC 92 42.42 156.72 142.36
N GLU PC 93 43.59 156.62 143.03
CA GLU PC 93 44.80 156.04 142.44
C GLU PC 93 44.63 154.53 142.30
N ALA PC 94 44.92 153.98 141.12
CA ALA PC 94 45.21 152.55 141.03
C ALA PC 94 46.53 152.27 141.72
N GLN PC 95 46.51 151.48 142.80
CA GLN PC 95 47.71 150.94 143.41
C GLN PC 95 48.28 149.85 142.50
N SER PC 96 47.39 149.05 141.89
CA SER PC 96 47.78 147.97 140.99
C SER PC 96 46.67 147.67 139.97
N GLU PC 97 47.06 147.22 138.77
CA GLU PC 97 46.18 146.79 137.69
C GLU PC 97 46.68 145.44 137.15
N SER PC 98 45.76 144.54 136.76
CA SER PC 98 46.09 143.20 136.29
C SER PC 98 45.06 142.66 135.29
N GLY PC 99 45.52 141.87 134.30
CA GLY PC 99 44.70 141.22 133.28
C GLY PC 99 45.55 140.50 132.23
N GLU PC 100 44.96 140.15 131.07
CA GLU PC 100 45.68 139.49 129.98
C GLU PC 100 46.63 140.43 129.23
N GLY PC 101 46.62 141.72 129.58
CA GLY PC 101 47.68 142.64 129.20
C GLY PC 101 48.95 142.47 130.04
N GLY PC 102 48.83 141.74 131.16
CA GLY PC 102 49.86 141.64 132.19
C GLY PC 102 49.48 142.41 133.46
N SER PC 103 50.47 142.66 134.34
CA SER PC 103 50.25 143.28 135.65
C SER PC 103 51.25 144.40 135.95
N VAL PC 104 50.83 145.36 136.79
CA VAL PC 104 51.64 146.50 137.22
C VAL PC 104 51.25 146.91 138.65
N SER PC 105 52.21 147.49 139.39
CA SER PC 105 52.01 148.09 140.71
C SER PC 105 52.71 149.44 140.77
N TYR PC 106 52.04 150.47 141.34
CA TYR PC 106 52.39 151.86 141.13
C TYR PC 106 53.04 152.56 142.34
N SER PC 107 53.67 151.82 143.26
CA SER PC 107 54.63 152.36 144.24
C SER PC 107 54.06 153.41 145.19
N THR PC 108 52.75 153.44 145.44
CA THR PC 108 52.11 154.50 146.22
C THR PC 108 52.49 154.45 147.70
N GLY PC 109 52.70 153.24 148.23
CA GLY PC 109 52.58 152.99 149.66
C GLY PC 109 51.15 153.19 150.14
N GLY PC 110 50.96 153.41 151.44
CA GLY PC 110 49.66 153.73 152.01
C GLY PC 110 49.25 155.19 151.77
N GLY PC 111 50.24 156.09 151.58
CA GLY PC 111 50.00 157.52 151.45
C GLY PC 111 49.60 158.19 152.76
N GLY PC 112 49.17 159.45 152.68
CA GLY PC 112 48.67 160.20 153.83
C GLY PC 112 47.19 159.93 154.12
N GLU PC 113 46.60 160.77 154.98
CA GLU PC 113 45.22 160.65 155.45
C GLU PC 113 44.28 161.62 154.73
N LYS PC 114 44.78 162.82 154.36
CA LYS PC 114 43.97 163.92 153.83
C LYS PC 114 43.83 163.77 152.31
N ASP PC 115 42.74 164.29 151.73
CA ASP PC 115 42.37 164.05 150.34
C ASP PC 115 43.51 164.41 149.37
N LEU PC 116 44.13 165.59 149.52
CA LEU PC 116 45.20 166.04 148.64
C LEU PC 116 46.42 165.11 148.73
N GLN PC 117 46.60 164.42 149.87
CA GLN PC 117 47.69 163.47 150.04
C GLN PC 117 47.42 162.16 149.28
N LYS PC 118 46.14 161.87 148.99
CA LYS PC 118 45.68 160.56 148.53
C LYS PC 118 45.89 160.31 147.03
N THR PC 119 46.04 161.37 146.21
CA THR PC 119 46.31 161.21 144.77
C THR PC 119 47.45 162.12 144.30
N ARG PC 120 48.09 161.76 143.18
CA ARG PC 120 49.30 162.41 142.67
C ARG PC 120 49.03 163.86 142.28
N TYR PC 121 47.86 164.12 141.66
CA TYR PC 121 47.41 165.45 141.30
C TYR PC 121 47.15 166.30 142.54
N GLY PC 122 46.62 165.66 143.59
CA GLY PC 122 46.49 166.28 144.90
C GLY PC 122 47.84 166.70 145.47
N ARG PC 123 48.81 165.77 145.45
CA ARG PC 123 50.14 165.99 146.00
C ARG PC 123 50.91 167.07 145.23
N MET PC 124 50.61 167.23 143.94
CA MET PC 124 51.16 168.33 143.14
C MET PC 124 50.49 169.66 143.50
N ALA PC 125 49.15 169.70 143.63
CA ALA PC 125 48.42 170.89 144.03
C ALA PC 125 48.86 171.40 145.42
N LEU PC 126 49.17 170.46 146.31
CA LEU PC 126 49.47 170.69 147.73
C LEU PC 126 50.67 171.63 147.92
N GLU PC 127 51.67 171.58 147.02
CA GLU PC 127 52.86 172.42 147.10
C GLU PC 127 52.53 173.90 146.84
N TYR PC 128 51.42 174.18 146.13
CA TYR PC 128 51.03 175.54 145.75
C TYR PC 128 50.38 176.30 146.91
N VAL PC 129 49.91 175.56 147.92
CA VAL PC 129 49.09 176.10 149.01
C VAL PC 129 49.75 175.78 150.36
N TRP PC 130 51.07 176.07 150.46
CA TRP PC 130 51.88 175.96 151.66
C TRP PC 130 51.81 174.57 152.32
N GLU PC 131 51.50 173.52 151.55
CA GLU PC 131 51.30 172.15 152.01
C GLU PC 131 50.20 172.06 153.10
N ASP PC 132 49.19 172.93 153.03
CA ASP PC 132 48.03 173.02 153.93
C ASP PC 132 48.40 173.45 155.35
N ASN PC 133 49.57 174.07 155.54
CA ASN PC 133 50.06 174.53 156.85
C ASN PC 133 49.42 175.86 157.26
N SER PC 134 49.40 176.13 158.58
CA SER PC 134 48.85 177.33 159.19
C SER PC 134 49.95 178.35 159.53
N ILE PC 135 50.49 179.01 158.48
CA ILE PC 135 51.63 179.93 158.58
C ILE PC 135 51.18 181.33 159.01
N ALA PC 136 49.86 181.60 159.04
CA ALA PC 136 49.30 182.92 159.25
C ALA PC 136 49.65 183.50 160.62
N ALA PC 137 49.95 184.81 160.66
CA ALA PC 137 50.26 185.57 161.86
C ALA PC 137 49.71 186.99 161.77
N LEU PC 138 49.24 187.52 162.92
CA LEU PC 138 48.52 188.79 163.02
C LEU PC 138 48.80 189.43 164.39
N ARG PC 139 48.62 190.76 164.50
CA ARG PC 139 49.03 191.52 165.68
C ARG PC 139 47.96 192.54 166.09
N THR PC 140 48.05 193.01 167.35
CA THR PC 140 47.33 194.17 167.85
C THR PC 140 48.05 195.45 167.43
N TYR PC 141 47.30 196.56 167.33
CA TYR PC 141 47.81 197.87 166.96
C TYR PC 141 47.11 198.97 167.77
N PRO QC 2 5.85 139.78 173.45
CA PRO QC 2 5.26 138.73 174.26
C PRO QC 2 4.40 139.30 175.39
N ASP QC 3 3.41 138.51 175.87
CA ASP QC 3 2.44 138.94 176.86
C ASP QC 3 3.13 139.22 178.20
N PRO QC 4 3.80 138.24 178.86
CA PRO QC 4 4.84 138.56 179.85
C PRO QC 4 6.13 138.88 179.09
N SER QC 5 6.69 140.08 179.32
CA SER QC 5 7.90 140.50 178.65
C SER QC 5 9.13 139.95 179.37
N ILE QC 6 10.24 139.79 178.64
CA ILE QC 6 11.48 139.16 179.11
C ILE QC 6 12.09 139.92 180.30
N ASP QC 7 11.79 141.22 180.43
CA ASP QC 7 12.31 142.06 181.50
C ASP QC 7 11.46 141.92 182.77
N GLU QC 8 10.27 141.30 182.66
CA GLU QC 8 9.30 141.22 183.74
C GLU QC 8 9.43 139.90 184.52
N VAL QC 9 10.30 138.99 184.06
CA VAL QC 9 10.44 137.63 184.60
C VAL QC 9 11.86 137.40 185.15
N SER QC 10 11.94 136.70 186.30
CA SER QC 10 13.18 136.19 186.89
C SER QC 10 13.32 134.69 186.61
N LYS QC 11 14.39 134.04 187.11
CA LYS QC 11 14.73 132.66 186.78
C LYS QC 11 13.61 131.70 187.18
N SER QC 12 13.05 131.90 188.39
CA SER QC 12 11.96 131.09 188.92
C SER QC 12 10.67 131.32 188.15
N ASP QC 13 10.47 132.56 187.63
CA ASP QC 13 9.33 132.92 186.82
C ASP QC 13 9.40 132.25 185.45
N TRP QC 14 10.61 132.22 184.84
CA TRP QC 14 10.84 131.57 183.56
C TRP QC 14 10.46 130.09 183.59
N ASP QC 15 10.81 129.40 184.71
CA ASP QC 15 10.46 128.02 184.96
C ASP QC 15 8.95 127.84 185.20
N ALA QC 16 8.25 128.92 185.57
CA ALA QC 16 6.81 128.91 185.84
C ALA QC 16 5.97 129.25 184.60
N LEU QC 17 6.55 129.90 183.58
CA LEU QC 17 5.86 130.24 182.34
C LEU QC 17 5.36 128.98 181.63
N THR QC 18 4.27 129.13 180.85
CA THR QC 18 3.82 128.09 179.94
C THR QC 18 4.83 127.95 178.80
N THR QC 19 4.77 126.82 178.09
CA THR QC 19 5.60 126.55 176.93
C THR QC 19 5.39 127.63 175.85
N GLN QC 20 4.16 128.14 175.71
CA GLN QC 20 3.86 129.15 174.71
C GLN QC 20 4.49 130.50 175.07
N GLU QC 21 4.47 130.87 176.36
CA GLU QC 21 5.05 132.13 176.81
C GLU QC 21 6.56 132.12 176.62
N GLN QC 22 7.20 130.97 176.91
CA GLN QC 22 8.62 130.78 176.65
C GLN QC 22 8.91 130.85 175.15
N ASP QC 23 8.04 130.24 174.32
CA ASP QC 23 8.20 130.17 172.88
C ASP QC 23 8.03 131.53 172.22
N ASP QC 24 7.13 132.38 172.76
CA ASP QC 24 6.96 133.76 172.30
C ASP QC 24 8.24 134.57 172.52
N ILE QC 25 8.86 134.41 173.70
CA ILE QC 25 10.11 135.08 174.04
C ILE QC 25 11.27 134.55 173.18
N ILE QC 26 11.34 133.22 172.96
CA ILE QC 26 12.30 132.60 172.06
C ILE QC 26 12.13 133.15 170.65
N SER QC 27 10.88 133.26 170.17
CA SER QC 27 10.55 133.81 168.86
C SER QC 27 11.02 135.25 168.72
N GLN QC 28 10.95 136.03 169.81
CA GLN QC 28 11.46 137.39 169.82
C GLN QC 28 12.99 137.41 169.72
N VAL QC 29 13.67 136.51 170.45
CA VAL QC 29 15.13 136.41 170.41
C VAL QC 29 15.60 136.02 169.01
N GLU QC 30 14.84 135.14 168.34
CA GLU QC 30 15.19 134.62 167.01
C GLU QC 30 15.15 135.73 165.96
N ASN QC 31 14.50 136.86 166.25
CA ASN QC 31 14.45 138.00 165.35
C ASN QC 31 15.82 138.69 165.20
N LEU QC 32 16.75 138.46 166.14
CA LEU QC 32 18.03 139.16 166.20
C LEU QC 32 19.06 138.60 165.22
N SER QC 33 18.76 137.48 164.53
CA SER QC 33 19.63 136.94 163.49
C SER QC 33 18.80 136.58 162.25
N SER QC 34 19.32 136.89 161.06
CA SER QC 34 18.67 136.54 159.80
C SER QC 34 18.61 135.03 159.59
N THR QC 35 19.50 134.27 160.24
CA THR QC 35 19.53 132.82 160.19
C THR QC 35 18.55 132.20 161.19
N GLY QC 36 18.17 132.95 162.23
CA GLY QC 36 17.25 132.50 163.27
C GLY QC 36 17.79 131.36 164.15
N TRP QC 37 19.04 130.94 163.90
CA TRP QC 37 19.71 129.81 164.56
C TRP QC 37 18.88 128.52 164.43
N VAL QC 38 18.29 128.28 163.25
CA VAL QC 38 17.26 127.27 163.03
C VAL QC 38 17.77 125.83 163.21
N ASN QC 39 19.10 125.64 163.18
CA ASN QC 39 19.72 124.33 163.37
C ASN QC 39 20.13 124.08 164.82
N THR QC 40 19.79 124.99 165.74
CA THR QC 40 20.01 124.80 167.18
C THR QC 40 18.66 124.56 167.86
N SER QC 41 18.59 123.55 168.74
CA SER QC 41 17.32 123.08 169.29
C SER QC 41 16.73 124.04 170.31
N ARG QC 42 15.42 123.88 170.58
CA ARG QC 42 14.64 124.70 171.50
C ARG QC 42 15.30 124.80 172.87
N GLU QC 43 15.75 123.67 173.42
CA GLU QC 43 16.28 123.56 174.78
C GLU QC 43 17.47 124.50 174.97
N ARG QC 44 18.26 124.69 173.90
CA ARG QC 44 19.52 125.43 173.94
C ARG QC 44 19.25 126.93 173.87
N LYS QC 45 18.22 127.32 173.10
CA LYS QC 45 17.74 128.69 173.05
C LYS QC 45 17.05 129.07 174.36
N ALA QC 46 16.30 128.11 174.94
CA ALA QC 46 15.66 128.29 176.23
C ALA QC 46 16.67 128.43 177.36
N GLU QC 47 17.73 127.61 177.35
CA GLU QC 47 18.79 127.63 178.36
C GLU QC 47 19.56 128.94 178.30
N ALA QC 48 19.81 129.45 177.08
CA ALA QC 48 20.48 130.72 176.87
C ALA QC 48 19.68 131.88 177.46
N ILE QC 49 18.35 131.87 177.25
CA ILE QC 49 17.44 132.89 177.77
C ILE QC 49 17.36 132.82 179.29
N ARG QC 50 17.16 131.60 179.84
CA ARG QC 50 17.09 131.36 181.27
C ARG QC 50 18.36 131.85 181.96
N SER QC 51 19.52 131.55 181.35
CA SER QC 51 20.83 131.99 181.81
C SER QC 51 20.97 133.50 181.75
N ALA QC 52 20.52 134.12 180.64
CA ALA QC 52 20.56 135.57 180.45
C ALA QC 52 19.71 136.30 181.50
N ILE QC 53 18.54 135.75 181.81
CA ILE QC 53 17.64 136.26 182.83
C ILE QC 53 18.32 136.22 184.21
N ALA QC 54 18.92 135.08 184.56
CA ALA QC 54 19.60 134.88 185.83
C ALA QC 54 20.85 135.76 185.94
N GLU QC 55 21.56 135.93 184.82
CA GLU QC 55 22.80 136.70 184.77
C GLU QC 55 22.51 138.20 184.84
N ARG QC 56 21.41 138.65 184.22
CA ARG QC 56 20.94 140.02 184.36
C ARG QC 56 20.63 140.30 185.83
N ASP QC 57 19.88 139.40 186.47
CA ASP QC 57 19.37 139.61 187.82
C ASP QC 57 20.49 139.54 188.86
N THR QC 58 21.61 138.87 188.54
CA THR QC 58 22.74 138.72 189.46
C THR QC 58 23.89 139.68 189.15
N LEU QC 59 24.37 139.73 187.89
CA LEU QC 59 25.59 140.46 187.54
C LEU QC 59 25.29 141.89 187.07
N TYR QC 60 24.05 142.14 186.60
CA TYR QC 60 23.68 143.40 185.96
C TYR QC 60 22.45 144.03 186.65
N SER QC 61 22.45 143.99 187.99
CA SER QC 61 21.40 144.51 188.86
C SER QC 61 22.01 145.33 189.99
N GLY QC 62 21.20 146.17 190.65
CA GLY QC 62 21.69 147.09 191.66
C GLY QC 62 22.14 148.42 191.05
N ASN QC 63 23.12 149.07 191.70
CA ASN QC 63 23.34 150.51 191.51
C ASN QC 63 24.82 150.88 191.54
N MET QC 64 25.16 152.01 190.89
CA MET QC 64 26.47 152.64 190.92
C MET QC 64 26.28 154.14 191.15
N SER QC 65 26.57 154.62 192.38
CA SER QC 65 25.90 155.80 192.92
C SER QC 65 24.39 155.55 192.89
N ARG QC 66 23.55 156.61 192.84
CA ARG QC 66 22.11 156.43 192.75
C ARG QC 66 21.63 156.09 191.33
N LEU QC 67 22.56 155.74 190.43
CA LEU QC 67 22.25 155.31 189.06
C LEU QC 67 21.90 153.82 189.05
N PRO QC 68 21.02 153.34 188.14
CA PRO QC 68 20.87 151.90 187.91
C PRO QC 68 22.08 151.39 187.12
N THR QC 69 22.55 150.17 187.42
CA THR QC 69 23.68 149.61 186.68
C THR QC 69 23.28 149.18 185.26
N LEU QC 70 21.97 148.98 185.04
CA LEU QC 70 21.39 148.73 183.73
C LEU QC 70 20.58 149.96 183.32
N ASP QC 71 21.18 150.82 182.48
CA ASP QC 71 20.64 152.13 182.13
C ASP QC 71 19.70 152.02 180.93
N GLY QC 72 20.05 151.16 179.96
CA GLY QC 72 19.27 150.96 178.75
C GLY QC 72 18.01 150.13 179.00
N ASP QC 73 17.20 149.94 177.95
CA ASP QC 73 15.96 149.18 178.03
C ASP QC 73 16.27 147.72 178.39
N ALA QC 74 15.75 147.27 179.54
CA ALA QC 74 15.99 145.94 180.09
C ALA QC 74 15.45 144.82 179.18
N GLU QC 75 14.44 145.12 178.35
CA GLU QC 75 13.93 144.17 177.37
C GLU QC 75 15.04 143.85 176.37
N TYR QC 76 15.50 144.88 175.64
CA TYR QC 76 16.51 144.73 174.61
C TYR QC 76 17.87 144.32 175.18
N PHE QC 77 18.17 144.72 176.41
CA PHE QC 77 19.35 144.20 177.08
C PHE QC 77 19.27 142.68 177.22
N THR QC 78 18.15 142.17 177.75
CA THR QC 78 18.02 140.74 177.99
C THR QC 78 18.01 139.97 176.67
N LEU QC 79 17.42 140.54 175.62
CA LEU QC 79 17.41 139.94 174.30
C LEU QC 79 18.83 139.86 173.72
N TYR QC 80 19.60 140.97 173.76
CA TYR QC 80 20.97 140.98 173.26
C TYR QC 80 21.88 140.05 174.04
N LEU QC 81 21.68 139.97 175.38
CA LEU QC 81 22.41 139.06 176.24
C LEU QC 81 22.07 137.60 175.90
N SER QC 82 20.80 137.33 175.57
CA SER QC 82 20.34 136.02 175.12
C SER QC 82 20.99 135.62 173.79
N ALA QC 83 20.95 136.53 172.80
CA ALA QC 83 21.55 136.31 171.50
C ALA QC 83 23.07 136.09 171.60
N HIS QC 84 23.74 136.84 172.50
CA HIS QC 84 25.16 136.64 172.79
C HIS QC 84 25.43 135.20 173.23
N LYS QC 85 24.64 134.70 174.19
CA LYS QC 85 24.76 133.34 174.71
C LYS QC 85 24.48 132.30 173.62
N ILE QC 86 23.41 132.49 172.82
CA ILE QC 86 23.07 131.57 171.74
C ILE QC 86 24.25 131.44 170.77
N GLN QC 87 24.83 132.58 170.36
CA GLN QC 87 25.95 132.60 169.43
C GLN QC 87 27.16 131.86 170.01
N LEU QC 88 27.40 131.99 171.32
CA LEU QC 88 28.50 131.29 171.96
C LEU QC 88 28.21 129.79 172.15
N PHE QC 89 26.95 129.37 172.05
CA PHE QC 89 26.61 127.94 172.07
C PHE QC 89 26.93 127.28 170.72
N GLU QC 90 27.44 128.05 169.74
CA GLU QC 90 27.81 127.54 168.42
C GLU QC 90 29.04 128.24 167.84
N GLY QC 91 30.09 128.35 168.66
CA GLY QC 91 31.42 128.75 168.21
C GLY QC 91 31.71 130.24 168.27
N GLY QC 92 30.68 131.08 168.45
CA GLY QC 92 30.85 132.53 168.50
C GLY QC 92 30.77 133.17 167.13
N GLU QC 93 31.47 134.31 166.95
CA GLU QC 93 31.47 135.05 165.69
C GLU QC 93 32.22 134.27 164.61
N ALA QC 94 31.64 134.17 163.41
CA ALA QC 94 32.40 133.79 162.24
C ALA QC 94 33.13 135.02 161.70
N GLN QC 95 34.47 134.96 161.69
CA GLN QC 95 35.29 135.97 161.02
C GLN QC 95 35.10 135.84 159.51
N SER QC 96 35.05 134.59 159.03
CA SER QC 96 34.85 134.28 157.62
C SER QC 96 34.14 132.95 157.44
N GLU QC 97 33.33 132.85 156.36
CA GLU QC 97 32.59 131.65 155.98
C GLU QC 97 32.76 131.41 154.48
N SER QC 98 32.98 130.15 154.08
CA SER QC 98 33.19 129.80 152.68
C SER QC 98 32.72 128.37 152.38
N GLY QC 99 32.21 128.16 151.16
CA GLY QC 99 31.77 126.86 150.67
C GLY QC 99 31.38 126.91 149.20
N GLU QC 100 31.68 125.84 148.44
CA GLU QC 100 31.34 125.68 147.04
C GLU QC 100 31.86 126.84 146.17
N GLY QC 101 33.01 127.42 146.56
CA GLY QC 101 33.64 128.51 145.83
C GLY QC 101 33.14 129.91 146.22
N GLY QC 102 32.03 129.99 146.96
CA GLY QC 102 31.60 131.26 147.56
C GLY QC 102 32.37 131.54 148.85
N SER QC 103 32.59 132.83 149.16
CA SER QC 103 33.30 133.25 150.36
C SER QC 103 32.87 134.64 150.82
N VAL QC 104 32.93 134.86 152.14
CA VAL QC 104 32.65 136.15 152.78
C VAL QC 104 33.49 136.30 154.06
N SER QC 105 33.82 137.55 154.42
CA SER QC 105 34.53 137.89 155.65
C SER QC 105 33.83 139.08 156.32
N TYR QC 106 33.76 139.09 157.66
CA TYR QC 106 32.76 139.89 158.38
C TYR QC 106 33.32 141.02 159.25
N SER QC 107 34.58 141.45 159.06
CA SER QC 107 35.13 142.68 159.64
C SER QC 107 35.14 142.72 161.18
N THR QC 108 35.09 141.55 161.85
CA THR QC 108 34.96 141.44 163.30
C THR QC 108 36.23 141.92 164.04
N GLY QC 109 37.40 141.68 163.46
CA GLY QC 109 38.67 142.11 164.04
C GLY QC 109 39.03 141.36 165.32
N GLY QC 110 39.89 141.98 166.15
CA GLY QC 110 40.33 141.41 167.41
C GLY QC 110 39.20 141.27 168.44
N GLY QC 111 38.34 142.30 168.53
CA GLY QC 111 37.15 142.28 169.37
C GLY QC 111 37.46 142.27 170.86
N GLY QC 112 38.52 142.96 171.28
CA GLY QC 112 38.92 143.05 172.68
C GLY QC 112 39.40 141.72 173.24
N GLU QC 113 38.99 141.41 174.48
CA GLU QC 113 39.41 140.22 175.21
C GLU QC 113 38.30 139.62 176.07
N LYS QC 114 37.36 140.45 176.56
CA LYS QC 114 36.37 140.08 177.57
C LYS QC 114 35.10 139.55 176.91
N ASP QC 115 34.28 138.83 177.69
CA ASP QC 115 33.10 138.09 177.27
C ASP QC 115 32.24 138.88 176.28
N LEU QC 116 31.69 140.03 176.72
CA LEU QC 116 30.71 140.78 175.94
C LEU QC 116 31.34 141.44 174.72
N GLN QC 117 32.66 141.64 174.72
CA GLN QC 117 33.36 142.28 173.61
C GLN QC 117 33.41 141.36 172.38
N LYS QC 118 33.39 140.04 172.61
CA LYS QC 118 33.74 139.03 171.60
C LYS QC 118 32.64 138.71 170.58
N THR QC 119 31.39 139.19 170.77
CA THR QC 119 30.35 139.05 169.74
C THR QC 119 29.51 140.33 169.61
N ARG QC 120 28.87 140.50 168.44
CA ARG QC 120 28.13 141.70 168.05
C ARG QC 120 26.96 141.98 169.00
N TYR QC 121 26.24 140.92 169.41
CA TYR QC 121 25.15 141.02 170.37
C TYR QC 121 25.66 141.41 171.74
N GLY QC 122 26.85 140.88 172.11
CA GLY QC 122 27.53 141.27 173.33
C GLY QC 122 27.86 142.76 173.34
N ARG QC 123 28.41 143.26 172.22
CA ARG QC 123 28.78 144.66 172.07
C ARG QC 123 27.56 145.59 172.11
N MET QC 124 26.42 145.14 171.55
CA MET QC 124 25.17 145.87 171.68
C MET QC 124 24.70 145.90 173.15
N ALA QC 125 24.73 144.75 173.84
CA ALA QC 125 24.35 144.65 175.24
C ALA QC 125 25.23 145.53 176.13
N LEU QC 126 26.52 145.63 175.81
CA LEU QC 126 27.54 146.30 176.61
C LEU QC 126 27.26 147.78 176.80
N GLU QC 127 26.67 148.44 175.78
CA GLU QC 127 26.31 149.86 175.84
C GLU QC 127 25.19 150.12 176.87
N TYR QC 128 24.38 149.10 177.20
CA TYR QC 128 23.25 149.22 178.12
C TYR QC 128 23.72 149.25 179.57
N VAL QC 129 24.97 148.83 179.83
CA VAL QC 129 25.49 148.57 181.16
C VAL QC 129 26.79 149.36 181.38
N TRP QC 130 26.77 150.65 181.03
CA TRP QC 130 27.87 151.59 181.23
C TRP QC 130 29.20 151.10 180.61
N GLU QC 131 29.14 150.22 179.60
CA GLU QC 131 30.29 149.57 178.97
C GLU QC 131 31.19 148.84 179.99
N ASP QC 132 30.60 148.31 181.07
CA ASP QC 132 31.28 147.57 182.15
C ASP QC 132 32.22 148.47 182.97
N ASN QC 133 32.05 149.80 182.92
CA ASN QC 133 32.87 150.76 183.65
C ASN QC 133 32.48 150.79 185.14
N SER QC 134 33.46 151.14 185.99
CA SER QC 134 33.39 151.08 187.45
C SER QC 134 33.13 152.47 188.03
N ILE QC 135 31.92 153.01 187.80
CA ILE QC 135 31.60 154.42 188.03
C ILE QC 135 30.92 154.67 189.39
N ALA QC 136 30.84 153.66 190.26
CA ALA QC 136 30.14 153.79 191.54
C ALA QC 136 30.90 154.71 192.51
N ALA QC 137 30.15 155.47 193.34
CA ALA QC 137 30.71 156.36 194.35
C ALA QC 137 29.83 156.41 195.60
N LEU QC 138 30.48 156.48 196.78
CA LEU QC 138 29.86 156.40 198.10
C LEU QC 138 30.67 157.21 199.11
N ARG QC 139 30.06 157.57 200.25
CA ARG QC 139 30.63 158.50 201.23
C ARG QC 139 30.31 158.05 202.65
N THR QC 140 31.09 158.55 203.62
CA THR QC 140 30.81 158.46 205.05
C THR QC 140 29.68 159.41 205.45
N TYR QC 141 28.90 159.01 206.47
CA TYR QC 141 27.82 159.78 207.05
C TYR QC 141 27.76 159.54 208.56
N PRO RC 2 6.84 158.96 155.86
CA PRO RC 2 5.75 158.46 156.71
C PRO RC 2 4.95 159.59 157.35
N ASP RC 3 3.69 159.30 157.70
CA ASP RC 3 2.79 160.25 158.37
C ASP RC 3 3.27 160.50 159.80
N PRO RC 4 3.25 159.51 160.73
CA PRO RC 4 4.04 159.62 161.96
C PRO RC 4 5.50 159.31 161.64
N SER RC 5 6.39 160.30 161.84
CA SER RC 5 7.82 160.13 161.62
C SER RC 5 8.44 159.28 162.74
N ILE RC 6 9.59 158.66 162.46
CA ILE RC 6 10.28 157.74 163.37
C ILE RC 6 10.74 158.46 164.65
N ASP RC 7 10.90 159.79 164.60
CA ASP RC 7 11.28 160.60 165.74
C ASP RC 7 10.06 161.07 166.55
N GLU RC 8 8.84 160.78 166.04
CA GLU RC 8 7.59 161.18 166.69
C GLU RC 8 6.97 160.03 167.50
N VAL RC 9 7.66 158.88 167.60
CA VAL RC 9 7.17 157.67 168.25
C VAL RC 9 8.20 157.11 169.25
N SER RC 10 7.69 156.59 170.37
CA SER RC 10 8.43 155.77 171.34
C SER RC 10 8.00 154.30 171.19
N LYS RC 11 8.60 153.38 171.99
CA LYS RC 11 8.37 151.95 171.88
C LYS RC 11 6.88 151.58 172.00
N SER RC 12 6.18 152.18 172.97
CA SER RC 12 4.76 151.98 173.22
C SER RC 12 3.90 152.54 172.08
N ASP RC 13 4.35 153.62 171.43
CA ASP RC 13 3.68 154.22 170.29
C ASP RC 13 3.84 153.35 169.05
N TRP RC 14 5.06 152.83 168.82
CA TRP RC 14 5.38 151.94 167.72
C TRP RC 14 4.46 150.71 167.70
N ASP RC 15 4.22 150.13 168.88
CA ASP RC 15 3.33 148.98 169.07
C ASP RC 15 1.87 149.35 168.79
N ALA RC 16 1.55 150.64 168.79
CA ALA RC 16 0.19 151.14 168.57
C ALA RC 16 -0.06 151.58 167.12
N LEU RC 17 0.97 151.64 166.27
CA LEU RC 17 0.85 152.03 164.87
C LEU RC 17 0.02 151.00 164.10
N THR RC 18 -0.66 151.45 163.04
CA THR RC 18 -1.23 150.54 162.03
C THR RC 18 -0.09 149.91 161.25
N THR RC 19 -0.37 148.76 160.62
CA THR RC 19 0.60 148.06 159.79
C THR RC 19 1.16 148.96 158.68
N GLN RC 20 0.33 149.83 158.09
CA GLN RC 20 0.77 150.68 157.00
C GLN RC 20 1.73 151.77 157.50
N GLU RC 21 1.44 152.39 158.65
CA GLU RC 21 2.30 153.42 159.23
C GLU RC 21 3.65 152.81 159.59
N GLN RC 22 3.62 151.60 160.14
CA GLN RC 22 4.79 150.82 160.53
C GLN RC 22 5.61 150.44 159.30
N ASP RC 23 4.92 150.01 158.23
CA ASP RC 23 5.52 149.61 156.96
C ASP RC 23 6.15 150.80 156.21
N ASP RC 24 5.55 151.99 156.31
CA ASP RC 24 6.11 153.21 155.73
C ASP RC 24 7.47 153.52 156.35
N ILE RC 25 7.60 153.36 157.67
CA ILE RC 25 8.85 153.56 158.39
C ILE RC 25 9.89 152.50 157.98
N ILE RC 26 9.46 151.22 157.92
CA ILE RC 26 10.32 150.12 157.45
C ILE RC 26 10.84 150.43 156.04
N SER RC 27 9.93 150.88 155.15
CA SER RC 27 10.26 151.27 153.78
C SER RC 27 11.30 152.39 153.74
N GLN RC 28 11.18 153.36 154.66
CA GLN RC 28 12.15 154.44 154.77
C GLN RC 28 13.52 153.92 155.20
N VAL RC 29 13.55 152.99 156.18
CA VAL RC 29 14.79 152.41 156.65
C VAL RC 29 15.48 151.65 155.50
N GLU RC 30 14.69 150.90 154.72
CA GLU RC 30 15.19 150.11 153.60
C GLU RC 30 15.84 150.97 152.51
N ASN RC 31 15.56 152.28 152.51
CA ASN RC 31 16.21 153.21 151.57
C ASN RC 31 17.69 153.40 151.89
N LEU RC 32 18.13 153.08 153.12
CA LEU RC 32 19.50 153.28 153.56
C LEU RC 32 20.47 152.22 153.01
N SER RC 33 19.94 151.19 152.32
CA SER RC 33 20.80 150.25 151.61
C SER RC 33 20.29 150.01 150.19
N SER RC 34 21.23 150.02 149.23
CA SER RC 34 21.03 149.60 147.85
C SER RC 34 20.47 148.17 147.77
N THR RC 35 20.85 147.30 148.73
CA THR RC 35 20.40 145.92 148.79
C THR RC 35 19.05 145.78 149.50
N GLY RC 36 18.60 146.84 150.20
CA GLY RC 36 17.30 146.89 150.85
C GLY RC 36 17.08 145.91 152.01
N TRP RC 37 18.06 145.03 152.28
CA TRP RC 37 17.95 143.92 153.21
C TRP RC 37 16.73 143.05 152.90
N VAL RC 38 16.52 142.77 151.60
CA VAL RC 38 15.29 142.18 151.07
C VAL RC 38 15.14 140.70 151.46
N ASN RC 39 16.26 140.01 151.75
CA ASN RC 39 16.24 138.61 152.13
C ASN RC 39 16.07 138.42 153.65
N THR RC 40 16.14 139.51 154.43
CA THR RC 40 15.76 139.50 155.84
C THR RC 40 14.27 139.80 155.94
N SER RC 41 13.53 139.04 156.77
CA SER RC 41 12.08 139.13 156.83
C SER RC 41 11.62 140.40 157.58
N ARG RC 42 10.33 140.74 157.44
CA ARG RC 42 9.73 141.95 157.99
C ARG RC 42 9.91 142.04 159.51
N GLU RC 43 9.69 140.93 160.23
CA GLU RC 43 9.70 140.89 161.68
C GLU RC 43 11.05 141.34 162.23
N ARG RC 44 12.14 140.96 161.56
CA ARG RC 44 13.51 141.25 161.96
C ARG RC 44 13.82 142.74 161.78
N LYS RC 45 13.34 143.33 160.68
CA LYS RC 45 13.49 144.75 160.41
C LYS RC 45 12.65 145.58 161.39
N ALA RC 46 11.42 145.14 161.68
CA ALA RC 46 10.57 145.75 162.69
C ALA RC 46 11.19 145.68 164.08
N GLU RC 47 11.82 144.54 164.42
CA GLU RC 47 12.47 144.35 165.71
C GLU RC 47 13.66 145.29 165.88
N ALA RC 48 14.45 145.45 164.80
CA ALA RC 48 15.61 146.33 164.78
C ALA RC 48 15.20 147.79 164.96
N ILE RC 49 14.08 148.18 164.34
CA ILE RC 49 13.55 149.54 164.42
C ILE RC 49 13.00 149.81 165.83
N ARG RC 50 12.22 148.86 166.36
CA ARG RC 50 11.64 148.95 167.70
C ARG RC 50 12.75 149.05 168.74
N SER RC 51 13.84 148.29 168.53
CA SER RC 51 15.03 148.31 169.38
C SER RC 51 15.76 149.65 169.27
N ALA RC 52 15.88 150.20 168.04
CA ALA RC 52 16.52 151.49 167.82
C ALA RC 52 15.75 152.62 168.50
N ILE RC 53 14.40 152.58 168.41
CA ILE RC 53 13.51 153.55 169.03
C ILE RC 53 13.69 153.53 170.56
N ALA RC 54 13.66 152.32 171.16
CA ALA RC 54 13.82 152.12 172.59
C ALA RC 54 15.22 152.54 173.06
N GLU RC 55 16.25 152.19 172.27
CA GLU RC 55 17.65 152.47 172.59
C GLU RC 55 17.93 153.98 172.52
N ARG RC 56 17.34 154.66 171.52
CA ARG RC 56 17.40 156.12 171.44
C ARG RC 56 16.80 156.74 172.71
N ASP RC 57 15.59 156.30 173.08
CA ASP RC 57 14.84 156.91 174.18
C ASP RC 57 15.48 156.61 175.54
N THR RC 58 16.33 155.57 175.62
CA THR RC 58 16.98 155.19 176.87
C THR RC 58 18.44 155.64 176.93
N LEU RC 59 19.25 155.25 175.93
CA LEU RC 59 20.70 155.49 175.94
C LEU RC 59 21.09 156.84 175.30
N TYR RC 60 20.20 157.44 174.49
CA TYR RC 60 20.53 158.64 173.71
C TYR RC 60 19.50 159.75 173.89
N SER RC 61 18.74 159.73 174.99
CA SER RC 61 17.86 160.81 175.43
C SER RC 61 18.55 161.65 176.51
N GLY RC 62 18.03 162.86 176.78
CA GLY RC 62 18.51 163.69 177.87
C GLY RC 62 19.61 164.66 177.44
N ASN RC 63 20.31 165.21 178.44
CA ASN RC 63 21.17 166.39 178.28
C ASN RC 63 22.54 166.16 178.91
N MET RC 64 23.53 166.97 178.50
CA MET RC 64 24.90 166.84 178.97
C MET RC 64 25.35 168.11 179.71
N SER RC 65 25.21 169.28 179.07
CA SER RC 65 25.62 170.57 179.62
C SER RC 65 24.61 171.65 179.26
N ARG RC 66 23.33 171.43 179.62
CA ARG RC 66 22.18 172.22 179.18
C ARG RC 66 22.07 172.19 177.64
N LEU RC 67 22.54 171.08 177.06
CA LEU RC 67 22.58 170.77 175.64
C LEU RC 67 22.15 169.31 175.45
N PRO RC 68 21.43 168.95 174.35
CA PRO RC 68 20.95 167.57 174.15
C PRO RC 68 22.10 166.63 173.81
N THR RC 69 22.00 165.37 174.25
CA THR RC 69 23.00 164.35 173.93
C THR RC 69 22.88 163.94 172.46
N LEU RC 70 21.66 163.90 171.93
CA LEU RC 70 21.38 163.75 170.51
C LEU RC 70 21.28 165.13 169.87
N ASP RC 71 22.36 165.57 169.22
CA ASP RC 71 22.49 166.92 168.66
C ASP RC 71 21.92 166.98 167.24
N GLY RC 72 22.16 165.92 166.46
CA GLY RC 72 21.74 165.85 165.07
C GLY RC 72 20.25 165.54 164.91
N ASP RC 73 19.78 165.42 163.67
CA ASP RC 73 18.38 165.14 163.35
C ASP RC 73 17.99 163.76 163.88
N ALA RC 74 16.98 163.72 164.75
CA ALA RC 74 16.49 162.50 165.40
C ALA RC 74 15.90 161.51 164.42
N GLU RC 75 15.36 161.99 163.28
CA GLU RC 75 14.84 161.13 162.22
C GLU RC 75 15.97 160.27 161.68
N TYR RC 76 16.98 160.93 161.08
CA TYR RC 76 18.10 160.24 160.46
C TYR RC 76 18.95 159.47 161.46
N PHE RC 77 19.05 159.96 162.70
CA PHE RC 77 19.71 159.19 163.76
C PHE RC 77 19.02 157.85 163.98
N THR RC 78 17.68 157.86 164.15
CA THR RC 78 16.95 156.63 164.43
C THR RC 78 17.00 155.68 163.22
N LEU RC 79 16.97 156.24 162.00
CA LEU RC 79 17.14 155.44 160.79
C LEU RC 79 18.52 154.79 160.74
N TYR RC 80 19.60 155.55 161.01
CA TYR RC 80 20.95 155.02 161.02
C TYR RC 80 21.15 153.96 162.11
N LEU RC 81 20.56 154.19 163.28
CA LEU RC 81 20.61 153.24 164.39
C LEU RC 81 19.86 151.94 164.03
N SER RC 82 18.74 152.07 163.30
CA SER RC 82 17.97 150.94 162.78
C SER RC 82 18.79 150.14 161.77
N ALA RC 83 19.41 150.84 160.81
CA ALA RC 83 20.26 150.24 159.79
C ALA RC 83 21.48 149.54 160.39
N HIS RC 84 22.04 150.10 161.49
CA HIS RC 84 23.14 149.48 162.21
C HIS RC 84 22.69 148.13 162.78
N LYS RC 85 21.51 148.10 163.42
CA LYS RC 85 20.93 146.90 164.01
C LYS RC 85 20.64 145.84 162.94
N ILE RC 86 20.03 146.24 161.82
CA ILE RC 86 19.71 145.32 160.73
C ILE RC 86 21.00 144.69 160.18
N GLN RC 87 22.05 145.51 159.98
CA GLN RC 87 23.32 145.03 159.45
C GLN RC 87 23.98 144.03 160.41
N LEU RC 88 23.86 144.25 161.72
CA LEU RC 88 24.35 143.28 162.71
C LEU RC 88 23.51 142.01 162.74
N PHE RC 89 22.19 142.11 162.47
CA PHE RC 89 21.33 140.93 162.38
C PHE RC 89 21.72 140.05 161.18
N GLU RC 90 22.36 140.65 160.16
CA GLU RC 90 22.91 139.96 159.00
C GLU RC 90 24.40 139.64 159.16
N GLY RC 91 24.97 139.80 160.37
CA GLY RC 91 26.33 139.36 160.67
C GLY RC 91 27.41 140.43 160.60
N GLY RC 92 27.04 141.69 160.28
CA GLY RC 92 27.97 142.82 160.31
C GLY RC 92 28.40 143.29 158.91
N GLU RC 93 29.50 144.07 158.85
CA GLU RC 93 30.08 144.53 157.60
C GLU RC 93 30.73 143.37 156.88
N ALA RC 94 30.36 143.13 155.63
CA ALA RC 94 31.19 142.30 154.75
C ALA RC 94 32.46 143.09 154.42
N GLN RC 95 33.61 142.62 154.93
CA GLN RC 95 34.92 143.17 154.60
C GLN RC 95 35.29 142.75 153.17
N SER RC 96 34.93 141.52 152.79
CA SER RC 96 35.19 141.00 151.45
C SER RC 96 34.14 139.96 151.06
N GLU RC 97 33.87 139.85 149.75
CA GLU RC 97 32.95 138.89 149.15
C GLU RC 97 33.60 138.30 147.89
N SER RC 98 33.32 137.01 147.61
CA SER RC 98 33.92 136.29 146.47
C SER RC 98 32.99 135.17 145.97
N GLY RC 99 33.04 134.90 144.66
CA GLY RC 99 32.24 133.86 144.00
C GLY RC 99 32.41 133.88 142.48
N GLU RC 100 31.50 133.22 141.75
CA GLU RC 100 31.49 133.21 140.29
C GLU RC 100 30.99 134.54 139.71
N GLY RC 101 30.53 135.45 140.58
CA GLY RC 101 30.33 136.84 140.22
C GLY RC 101 31.61 137.67 140.24
N GLY RC 102 32.74 137.05 140.60
CA GLY RC 102 33.99 137.75 140.88
C GLY RC 102 34.17 138.07 142.37
N SER RC 103 35.08 139.01 142.69
CA SER RC 103 35.45 139.30 144.08
C SER RC 103 35.61 140.81 144.35
N VAL RC 104 35.42 141.20 145.62
CA VAL RC 104 35.52 142.59 146.08
C VAL RC 104 36.02 142.64 147.53
N SER RC 105 36.69 143.75 147.89
CA SER RC 105 37.14 144.04 149.25
C SER RC 105 36.84 145.50 149.60
N TYR RC 106 36.33 145.75 150.82
CA TYR RC 106 35.62 146.99 151.14
C TYR RC 106 36.36 147.93 152.11
N SER RC 107 37.70 147.84 152.19
CA SER RC 107 38.56 148.90 152.72
C SER RC 107 38.29 149.31 154.17
N THR RC 108 37.77 148.40 155.02
CA THR RC 108 37.34 148.77 156.36
C THR RC 108 38.51 149.10 157.29
N GLY RC 109 39.63 148.39 157.11
CA GLY RC 109 40.65 148.26 158.15
C GLY RC 109 40.09 147.45 159.32
N GLY RC 110 40.74 147.53 160.48
CA GLY RC 110 40.23 146.90 161.69
C GLY RC 110 39.08 147.68 162.33
N GLY RC 111 39.19 149.02 162.33
CA GLY RC 111 38.25 149.91 163.00
C GLY RC 111 38.37 149.88 164.52
N GLY RC 112 37.57 150.70 165.21
CA GLY RC 112 37.46 150.66 166.65
C GLY RC 112 36.59 149.50 167.12
N GLU RC 113 36.72 149.12 168.41
CA GLU RC 113 36.14 147.90 168.96
C GLU RC 113 34.72 148.07 169.53
N LYS RC 114 34.21 149.31 169.66
CA LYS RC 114 32.92 149.57 170.29
C LYS RC 114 31.78 149.43 169.28
N ASP RC 115 30.56 149.22 169.79
CA ASP RC 115 29.35 148.86 169.03
C ASP RC 115 29.17 149.71 167.77
N LEU RC 116 29.01 151.04 167.92
CA LEU RC 116 28.72 151.92 166.80
C LEU RC 116 29.90 152.07 165.85
N GLN RC 117 31.13 151.79 166.31
CA GLN RC 117 32.33 151.92 165.49
C GLN RC 117 32.40 150.82 164.43
N LYS RC 118 31.72 149.68 164.66
CA LYS RC 118 31.92 148.45 163.88
C LYS RC 118 31.26 148.44 162.50
N THR RC 119 30.28 149.32 162.23
CA THR RC 119 29.61 149.36 160.93
C THR RC 119 29.41 150.80 160.45
N ARG RC 120 29.25 150.98 159.11
CA ARG RC 120 29.14 152.27 158.45
C ARG RC 120 27.94 153.09 158.95
N TYR RC 121 26.80 152.42 159.13
CA TYR RC 121 25.59 153.03 159.68
C TYR RC 121 25.79 153.44 161.13
N GLY RC 122 26.57 152.64 161.89
CA GLY RC 122 26.95 152.98 163.25
C GLY RC 122 27.80 154.26 163.28
N ARG RC 123 28.82 154.31 162.41
CA ARG RC 123 29.76 155.42 162.32
C ARG RC 123 29.05 156.70 161.88
N MET RC 124 27.99 156.58 161.06
CA MET RC 124 27.17 157.72 160.68
C MET RC 124 26.33 158.19 161.88
N ALA RC 125 25.69 157.27 162.60
CA ALA RC 125 24.89 157.58 163.77
C ALA RC 125 25.73 158.21 164.88
N LEU RC 126 27.00 157.80 165.00
CA LEU RC 126 27.93 158.21 166.03
C LEU RC 126 28.18 159.73 166.02
N GLU RC 127 28.20 160.35 164.83
CA GLU RC 127 28.39 161.79 164.66
C GLU RC 127 27.24 162.62 165.23
N TYR RC 128 26.03 162.05 165.31
CA TYR RC 128 24.83 162.74 165.78
C TYR RC 128 24.83 162.93 167.30
N VAL RC 129 25.71 162.21 168.01
CA VAL RC 129 25.66 162.05 169.46
C VAL RC 129 27.05 162.32 170.07
N TRP RC 130 27.65 163.46 169.70
CA TRP RC 130 28.94 163.94 170.20
C TRP RC 130 30.05 162.88 170.10
N GLU RC 131 29.89 161.90 169.20
CA GLU RC 131 30.82 160.79 168.99
C GLU RC 131 31.01 159.96 170.28
N ASP RC 132 29.96 159.86 171.11
CA ASP RC 132 29.93 159.12 172.38
C ASP RC 132 30.86 159.74 173.44
N ASN RC 133 31.30 161.00 173.26
CA ASN RC 133 32.15 161.71 174.21
C ASN RC 133 31.35 162.17 175.43
N SER RC 134 32.03 162.30 176.59
CA SER RC 134 31.46 162.61 177.89
C SER RC 134 31.65 164.10 178.24
N ILE RC 135 30.94 164.98 177.52
CA ILE RC 135 31.14 166.44 177.57
C ILE RC 135 30.24 167.12 178.61
N ALA RC 136 29.68 166.36 179.56
CA ALA RC 136 28.69 166.87 180.50
C ALA RC 136 29.33 167.73 181.59
N ALA RC 137 28.58 168.71 182.11
CA ALA RC 137 29.05 169.63 183.15
C ALA RC 137 27.90 170.14 184.03
N LEU RC 138 28.20 170.33 185.32
CA LEU RC 138 27.25 170.72 186.36
C LEU RC 138 27.98 171.41 187.52
N ARG RC 139 27.24 172.20 188.33
CA ARG RC 139 27.79 173.00 189.41
C ARG RC 139 26.90 172.93 190.66
N THR RC 140 27.47 173.31 191.82
CA THR RC 140 26.76 173.50 193.08
C THR RC 140 26.05 174.87 193.09
N TYR RC 141 24.96 174.94 193.87
CA TYR RC 141 24.18 176.15 194.13
C TYR RC 141 23.69 176.15 195.57
N ALA SC 31 14.68 192.86 255.01
CA ALA SC 31 14.79 191.68 254.13
C ALA SC 31 14.43 190.42 254.93
N SER SC 32 15.36 189.47 255.11
CA SER SC 32 15.10 188.20 255.79
C SER SC 32 16.35 187.62 256.44
N SER SC 33 16.16 186.67 257.38
CA SER SC 33 17.23 186.07 258.18
C SER SC 33 17.60 184.66 257.72
N THR SC 34 16.89 184.14 256.70
CA THR SC 34 17.14 182.84 256.06
C THR SC 34 16.95 182.96 254.54
N PRO SC 35 17.61 182.13 253.69
CA PRO SC 35 17.56 182.30 252.23
C PRO SC 35 16.18 182.09 251.60
N GLN SC 36 15.87 182.87 250.55
CA GLN SC 36 14.56 182.90 249.93
C GLN SC 36 14.60 182.53 248.44
N THR SC 37 15.75 182.70 247.77
CA THR SC 37 15.97 182.15 246.44
C THR SC 37 16.28 180.65 246.56
N ASN SC 38 15.73 179.83 245.66
CA ASN SC 38 15.97 178.38 245.62
C ASN SC 38 17.34 178.10 245.00
N VAL SC 39 17.88 176.87 245.17
CA VAL SC 39 19.30 176.60 245.00
C VAL SC 39 19.58 175.40 244.08
N ASP SC 40 18.69 175.14 243.11
CA ASP SC 40 18.89 174.33 241.91
C ASP SC 40 19.31 172.87 242.15
N SER SC 41 19.15 172.35 243.38
CA SER SC 41 19.39 170.95 243.70
C SER SC 41 18.68 170.55 245.00
N MET SC 42 18.08 169.33 245.00
CA MET SC 42 17.60 168.65 246.19
C MET SC 42 17.42 167.17 245.84
N GLY SC 43 18.00 166.28 246.65
CA GLY SC 43 17.90 164.84 246.45
C GLY SC 43 18.81 164.28 245.35
N GLY SC 44 19.52 165.15 244.61
CA GLY SC 44 20.42 164.75 243.55
C GLY SC 44 19.69 164.30 242.28
N GLY SC 45 20.46 163.78 241.30
CA GLY SC 45 19.92 163.27 240.05
C GLY SC 45 19.05 162.04 240.26
N ASP SC 54 26.45 166.13 243.49
CA ASP SC 54 25.73 165.27 242.51
C ASP SC 54 26.73 164.34 241.83
N LEU SC 55 27.71 163.83 242.60
CA LEU SC 55 28.73 162.90 242.14
C LEU SC 55 29.02 161.84 243.22
N THR SC 56 29.57 160.69 242.81
CA THR SC 56 29.62 159.45 243.59
C THR SC 56 31.02 159.17 244.14
N PHE SC 57 31.12 158.15 245.01
CA PHE SC 57 32.39 157.63 245.49
C PHE SC 57 33.23 157.11 244.34
N GLU SC 58 32.58 156.62 243.26
CA GLU SC 58 33.27 156.11 242.08
C GLU SC 58 33.99 157.22 241.33
N ASP SC 59 33.35 158.40 241.23
CA ASP SC 59 33.91 159.58 240.59
C ASP SC 59 35.08 160.12 241.41
N LEU SC 60 34.94 160.13 242.73
CA LEU SC 60 35.97 160.53 243.68
C LEU SC 60 37.19 159.60 243.55
N ARG SC 61 36.96 158.28 243.42
CA ARG SC 61 38.02 157.30 243.28
C ARG SC 61 38.72 157.40 241.92
N ASP SC 62 38.00 157.85 240.89
CA ASP SC 62 38.59 158.17 239.59
C ASP SC 62 39.64 159.27 239.73
N ILE SC 63 39.35 160.32 240.52
CA ILE SC 63 40.27 161.41 240.80
C ILE SC 63 41.52 160.85 241.50
N LYS SC 64 41.33 159.95 242.48
CA LYS SC 64 42.42 159.32 243.21
C LYS SC 64 43.28 158.49 242.27
N ASP SC 65 42.65 157.73 241.36
CA ASP SC 65 43.34 156.92 240.36
C ASP SC 65 44.17 157.79 239.41
N VAL SC 66 43.67 158.98 239.06
CA VAL SC 66 44.41 159.91 238.22
C VAL SC 66 45.64 160.44 238.97
N ARG SC 67 45.57 160.54 240.31
CA ARG SC 67 46.70 160.96 241.12
C ARG SC 67 47.73 159.85 241.32
N ASP SC 68 47.30 158.63 241.69
CA ASP SC 68 48.23 157.59 242.11
C ASP SC 68 48.85 156.85 240.93
N SER SC 69 48.24 156.95 239.73
CA SER SC 69 48.82 156.41 238.50
C SER SC 69 50.01 157.23 238.00
N GLY SC 70 50.25 158.42 238.58
CA GLY SC 70 51.46 159.18 238.36
C GLY SC 70 51.56 159.79 236.96
N GLY SC 71 52.80 159.93 236.46
CA GLY SC 71 53.06 160.44 235.12
C GLY SC 71 52.81 161.94 235.00
N GLN SC 72 52.73 162.42 233.75
CA GLN SC 72 52.69 163.83 233.40
C GLN SC 72 51.44 164.52 233.96
N VAL SC 73 50.26 163.89 233.85
CA VAL SC 73 48.98 164.45 234.29
C VAL SC 73 49.01 164.75 235.79
N ALA SC 74 49.45 163.77 236.58
CA ALA SC 74 49.56 163.92 238.03
C ALA SC 74 50.57 165.01 238.39
N GLN SC 75 51.73 165.01 237.72
CA GLN SC 75 52.79 165.98 237.98
C GLN SC 75 52.34 167.40 237.66
N LEU SC 76 51.49 167.57 236.62
CA LEU SC 76 50.98 168.87 236.25
C LEU SC 76 50.00 169.41 237.30
N MET SC 77 49.10 168.56 237.80
CA MET SC 77 48.15 168.99 238.81
C MET SC 77 48.84 169.23 240.15
N ASP SC 78 49.92 168.49 240.43
CA ASP SC 78 50.73 168.72 241.62
C ASP SC 78 51.56 170.00 241.47
N TYR SC 79 51.97 170.35 240.24
CA TYR SC 79 52.58 171.64 239.95
C TYR SC 79 51.55 172.76 240.17
N LYS SC 80 50.27 172.54 239.81
CA LYS SC 80 49.20 173.48 240.07
C LYS SC 80 49.05 173.72 241.58
N ALA SC 81 49.14 172.66 242.39
CA ALA SC 81 49.12 172.77 243.84
C ALA SC 81 50.29 173.60 244.35
N LEU SC 82 51.52 173.28 243.91
CA LEU SC 82 52.73 173.97 244.33
C LEU SC 82 52.72 175.45 243.93
N LEU SC 83 52.21 175.76 242.72
CA LEU SC 83 52.12 177.13 242.20
C LEU SC 83 51.14 178.00 242.98
N ASN SC 84 50.32 177.40 243.86
CA ASN SC 84 49.35 178.14 244.66
C ASN SC 84 49.69 178.10 246.15
N PHE SC 85 50.35 177.03 246.62
CA PHE SC 85 50.48 176.75 248.06
C PHE SC 85 51.89 176.29 248.49
N GLY SC 86 52.82 176.08 247.56
CA GLY SC 86 54.11 175.46 247.85
C GLY SC 86 55.08 176.32 248.67
N GLU SC 87 54.90 177.65 248.63
CA GLU SC 87 55.78 178.60 249.29
C GLU SC 87 55.40 178.80 250.78
N GLY SC 88 54.29 178.20 251.22
CA GLY SC 88 53.91 178.20 252.63
C GLY SC 88 53.07 179.41 253.04
N CYS SC 89 53.08 179.72 254.35
CA CYS SC 89 52.17 180.69 254.96
C CYS SC 89 52.86 181.48 256.07
N GLU SC 90 52.17 182.52 256.59
CA GLU SC 90 52.48 183.09 257.89
C GLU SC 90 51.19 183.50 258.61
N ILE SC 91 51.09 183.15 259.90
CA ILE SC 91 50.01 183.56 260.78
C ILE SC 91 50.25 185.00 261.22
N HIS SC 92 49.24 185.87 261.08
CA HIS SC 92 49.23 187.22 261.63
C HIS SC 92 47.86 187.55 262.20
N VAL SC 93 47.82 188.34 263.27
CA VAL SC 93 46.59 188.88 263.86
C VAL SC 93 46.81 190.35 264.23
N GLU SC 94 45.85 191.23 263.88
CA GLU SC 94 45.91 192.65 264.19
C GLU SC 94 45.16 192.94 265.48
N GLY SC 95 45.69 193.86 266.30
CA GLY SC 95 45.08 194.25 267.56
C GLY SC 95 45.37 193.27 268.70
N ASP SC 96 46.11 192.20 268.38
CA ASP SC 96 46.47 191.10 269.26
C ASP SC 96 47.15 191.60 270.54
N ASP SC 97 48.02 192.60 270.39
CA ASP SC 97 48.83 193.15 271.47
C ASP SC 97 47.99 193.86 272.56
N GLU SC 98 46.73 194.19 272.26
CA GLU SC 98 45.80 194.73 273.23
C GLU SC 98 45.16 193.63 274.09
N THR SC 99 45.24 192.37 273.63
CA THR SC 99 44.52 191.24 274.23
C THR SC 99 45.40 190.40 275.14
N LYS SC 100 46.65 190.82 275.40
CA LYS SC 100 47.70 190.03 276.05
C LYS SC 100 47.22 189.39 277.35
N GLN SC 101 47.29 188.05 277.43
CA GLN SC 101 46.58 187.26 278.44
C GLN SC 101 47.49 186.23 279.12
N LEU SC 102 47.36 186.10 280.45
CA LEU SC 102 48.09 185.13 281.25
C LEU SC 102 47.47 183.74 281.09
N VAL SC 103 47.83 183.05 280.00
CA VAL SC 103 47.46 181.65 279.77
C VAL SC 103 48.26 180.78 280.75
N ASP SC 104 49.61 180.93 280.72
CA ASP SC 104 50.52 180.47 281.76
C ASP SC 104 51.83 181.27 281.66
N GLY SC 105 52.55 181.40 282.78
CA GLY SC 105 53.90 181.96 282.81
C GLY SC 105 53.98 183.48 282.68
N GLU SC 106 53.71 184.00 281.48
CA GLU SC 106 53.84 185.40 281.09
C GLU SC 106 52.81 185.73 280.01
N PRO SC 107 52.25 186.97 279.91
CA PRO SC 107 51.17 187.26 278.97
C PRO SC 107 51.44 186.88 277.51
N MET SC 108 50.55 186.04 276.95
CA MET SC 108 50.64 185.53 275.60
C MET SC 108 49.75 186.33 274.66
N THR SC 109 50.04 186.21 273.36
CA THR SC 109 49.20 186.67 272.25
C THR SC 109 48.35 185.49 271.73
N LEU SC 110 47.28 185.83 271.00
CA LEU SC 110 46.49 184.85 270.26
C LEU SC 110 47.34 184.25 269.14
N SER SC 111 48.20 185.07 268.52
CA SER SC 111 49.11 184.59 267.49
C SER SC 111 50.08 183.52 268.02
N GLU SC 112 50.53 183.65 269.28
CA GLU SC 112 51.33 182.60 269.92
C GLU SC 112 50.48 181.36 270.14
N TRP SC 113 49.21 181.52 270.56
CA TRP SC 113 48.29 180.42 270.78
C TRP SC 113 48.05 179.64 269.48
N LEU SC 114 47.87 180.38 268.37
CA LEU SC 114 47.66 179.80 267.05
C LEU SC 114 48.92 179.09 266.55
N GLU SC 115 50.10 179.64 266.83
CA GLU SC 115 51.37 179.02 266.47
C GLU SC 115 51.59 177.69 267.23
N ASP SC 116 51.15 177.63 268.49
CA ASP SC 116 51.14 176.40 269.28
C ASP SC 116 50.12 175.40 268.71
N ALA SC 117 48.98 175.89 268.24
CA ALA SC 117 47.91 175.06 267.68
C ALA SC 117 48.30 174.48 266.31
N PHE SC 118 49.06 175.25 265.52
CA PHE SC 118 49.40 174.91 264.14
C PHE SC 118 50.88 175.15 263.85
N PRO SC 119 51.84 174.39 264.48
CA PRO SC 119 53.27 174.61 264.25
C PRO SC 119 53.78 174.37 262.84
N HIS SC 120 53.11 173.46 262.10
CA HIS SC 120 53.59 172.97 260.81
C HIS SC 120 52.64 173.38 259.68
N LEU SC 121 52.06 174.59 259.76
CA LEU SC 121 50.89 175.00 258.98
C LEU SC 121 51.14 174.99 257.47
N ASP SC 122 52.39 175.23 257.03
CA ASP SC 122 52.77 175.21 255.62
C ASP SC 122 52.35 173.91 254.94
N LEU SC 123 52.56 172.79 255.65
CA LEU SC 123 52.31 171.46 255.13
C LEU SC 123 50.80 171.20 255.04
N LEU SC 124 50.04 171.66 256.04
CA LEU SC 124 48.58 171.53 256.04
C LEU SC 124 47.94 172.40 254.95
N VAL SC 125 48.46 173.62 254.74
CA VAL SC 125 48.02 174.52 253.68
C VAL SC 125 48.29 173.91 252.30
N LEU SC 126 49.50 173.39 252.08
CA LEU SC 126 49.85 172.75 250.82
C LEU SC 126 48.98 171.52 250.54
N ASP SC 127 48.79 170.68 251.56
CA ASP SC 127 48.01 169.45 251.44
C ASP SC 127 46.53 169.76 251.15
N LEU SC 128 45.88 170.59 251.97
CA LEU SC 128 44.49 170.97 251.78
C LEU SC 128 44.31 171.72 250.46
N GLY SC 129 45.25 172.61 250.15
CA GLY SC 129 45.21 173.41 248.93
C GLY SC 129 45.30 172.56 247.67
N GLY SC 130 46.22 171.58 247.67
CA GLY SC 130 46.35 170.61 246.59
C GLY SC 130 45.11 169.73 246.45
N ASP SC 131 44.60 169.25 247.59
CA ASP SC 131 43.41 168.40 247.63
C ASP SC 131 42.20 169.16 247.07
N ALA SC 132 42.08 170.46 247.38
CA ALA SC 132 40.95 171.27 246.94
C ALA SC 132 41.08 171.70 245.48
N LEU SC 133 42.21 171.36 244.83
CA LEU SC 133 42.37 171.50 243.39
C LEU SC 133 42.12 170.16 242.68
N TRP SC 134 42.61 169.06 243.26
CA TRP SC 134 42.40 167.70 242.77
C TRP SC 134 40.93 167.32 242.85
N TYR SC 135 40.38 167.35 244.08
CA TYR SC 135 39.02 166.98 244.42
C TYR SC 135 38.17 168.25 244.49
N PRO SC 136 36.81 168.17 244.51
CA PRO SC 136 35.97 169.35 244.66
C PRO SC 136 36.19 170.12 245.96
N TYR SC 137 36.64 169.42 247.01
CA TYR SC 137 36.83 169.97 248.35
C TYR SC 137 38.01 169.30 249.06
N ALA SC 138 38.49 169.95 250.13
CA ALA SC 138 39.35 169.35 251.15
C ALA SC 138 38.59 169.36 252.48
N VAL SC 139 38.80 168.35 253.35
CA VAL SC 139 37.96 168.10 254.51
C VAL SC 139 38.77 167.47 255.65
N GLY SC 140 38.40 167.74 256.91
CA GLY SC 140 39.08 167.18 258.08
C GLY SC 140 38.29 167.27 259.39
N GLU SC 141 38.81 166.62 260.46
CA GLU SC 141 38.25 166.59 261.80
C GLU SC 141 38.98 167.59 262.71
N ILE SC 142 38.38 167.91 263.88
CA ILE SC 142 39.10 168.46 265.02
C ILE SC 142 39.30 167.36 266.06
N GLN SC 143 40.52 167.27 266.61
CA GLN SC 143 40.95 166.18 267.48
C GLN SC 143 41.53 166.70 268.79
N GLU SC 144 41.43 165.88 269.84
CA GLU SC 144 41.68 166.30 271.23
C GLU SC 144 42.71 165.41 271.92
N THR SC 145 43.26 165.93 273.02
CA THR SC 145 44.15 165.23 273.94
C THR SC 145 43.31 164.29 274.81
N ILE SC 146 43.97 163.52 275.70
CA ILE SC 146 43.29 162.63 276.63
C ILE SC 146 42.55 163.45 277.69
N THR SC 147 43.09 164.63 278.03
CA THR SC 147 42.48 165.58 278.96
C THR SC 147 41.28 166.29 278.35
N GLY SC 148 41.22 166.38 277.01
CA GLY SC 148 40.06 166.93 276.32
C GLY SC 148 40.31 168.26 275.61
N GLU SC 149 41.41 168.93 275.96
CA GLU SC 149 41.89 170.12 275.28
C GLU SC 149 42.33 169.76 273.86
N PHE SC 150 42.38 170.76 272.96
CA PHE SC 150 42.71 170.60 271.55
C PHE SC 150 44.09 169.98 271.37
N LYS SC 151 44.19 169.06 270.39
CA LYS SC 151 45.44 168.42 269.99
C LYS SC 151 45.84 168.87 268.58
N GLU SC 152 44.92 168.72 267.61
CA GLU SC 152 45.20 168.96 266.20
C GLU SC 152 43.91 169.13 265.38
N ALA SC 153 44.05 169.75 264.20
CA ALA SC 153 43.09 169.61 263.12
C ALA SC 153 43.62 168.57 262.14
N LEU SC 154 42.80 167.53 261.84
CA LEU SC 154 43.27 166.32 261.17
C LEU SC 154 42.62 166.17 259.79
N PRO SC 155 43.36 166.34 258.66
CA PRO SC 155 42.78 166.18 257.32
C PRO SC 155 42.44 164.73 256.97
N ALA SC 156 41.24 164.52 256.41
CA ALA SC 156 40.75 163.20 256.02
C ALA SC 156 41.09 162.93 254.55
N GLU SC 157 41.07 161.65 254.15
CA GLU SC 157 41.38 161.24 252.78
C GLU SC 157 40.18 161.58 251.89
N PRO SC 158 40.31 162.58 250.97
CA PRO SC 158 39.13 163.23 250.39
C PRO SC 158 38.21 162.37 249.52
N TRP SC 159 38.77 161.37 248.82
CA TRP SC 159 38.00 160.48 247.97
C TRP SC 159 37.06 159.58 248.77
N THR SC 160 37.33 159.41 250.07
CA THR SC 160 36.57 158.51 250.93
C THR SC 160 35.27 159.13 251.41
N LEU SC 161 35.16 160.47 251.37
CA LEU SC 161 34.03 161.23 251.91
C LEU SC 161 33.23 161.91 250.78
N MET SC 162 31.89 161.85 250.86
CA MET SC 162 31.01 162.63 249.98
C MET SC 162 29.94 163.37 250.81
N PRO SC 163 29.56 164.61 250.42
CA PRO SC 163 28.57 165.38 251.18
C PRO SC 163 27.12 165.02 250.83
N GLU SC 164 26.21 165.21 251.80
CA GLU SC 164 24.78 165.09 251.61
C GLU SC 164 24.09 166.36 252.11
N SER SC 165 23.07 166.85 251.39
CA SER SC 165 22.64 168.24 251.46
C SER SC 165 21.12 168.44 251.45
N ASP SC 166 20.66 169.64 251.83
CA ASP SC 166 19.27 169.99 252.14
C ASP SC 166 18.60 170.79 251.01
N ALA SC 167 17.42 171.36 251.30
CA ALA SC 167 16.56 172.09 250.39
C ALA SC 167 17.13 173.45 249.97
N GLN SC 168 18.14 173.96 250.70
CA GLN SC 168 18.84 175.19 250.35
C GLN SC 168 20.25 174.90 249.83
N GLY SC 169 20.51 173.63 249.48
CA GLY SC 169 21.79 173.19 248.91
C GLY SC 169 22.94 173.09 249.90
N LYS SC 170 22.68 173.24 251.21
CA LYS SC 170 23.72 173.24 252.23
C LYS SC 170 23.95 171.83 252.77
N VAL SC 171 25.21 171.52 253.10
CA VAL SC 171 25.63 170.20 253.55
C VAL SC 171 25.20 169.99 255.01
N GLN SC 172 24.57 168.84 255.27
CA GLN SC 172 24.05 168.50 256.60
C GLN SC 172 24.68 167.22 257.15
N ALA SC 173 25.23 166.37 256.26
CA ALA SC 173 25.94 165.17 256.66
C ALA SC 173 27.08 164.86 255.69
N TRP SC 174 28.10 164.13 256.18
CA TRP SC 174 29.20 163.58 255.40
C TRP SC 174 29.11 162.06 255.44
N HIS SC 175 29.20 161.42 254.27
CA HIS SC 175 29.05 159.98 254.09
C HIS SC 175 30.41 159.39 253.70
N GLN SC 176 30.93 158.41 254.46
CA GLN SC 176 32.24 157.82 254.21
C GLN SC 176 32.13 156.35 253.81
N ARG SC 177 32.81 155.96 252.71
CA ARG SC 177 32.92 154.59 252.25
C ARG SC 177 34.41 154.21 252.09
N THR SC 178 34.85 153.14 252.78
CA THR SC 178 36.26 152.75 252.86
C THR SC 178 36.44 151.23 252.86
N LYS SC 179 37.51 150.74 252.23
CA LYS SC 179 37.85 149.31 252.22
C LYS SC 179 38.65 148.92 253.46
N THR SC 180 38.45 147.68 253.95
CA THR SC 180 39.27 147.00 254.95
C THR SC 180 39.20 145.49 254.73
N HIS SC 181 40.33 144.76 254.91
CA HIS SC 181 40.43 143.31 254.78
C HIS SC 181 39.85 142.78 253.47
N GLY SC 182 39.93 143.57 252.39
CA GLY SC 182 39.40 143.19 251.08
C GLY SC 182 37.91 143.50 250.91
N GLY SC 183 37.20 143.74 252.01
CA GLY SC 183 35.78 144.09 252.02
C GLY SC 183 35.55 145.60 252.06
N TYR SC 184 34.48 146.03 252.76
CA TYR SC 184 34.10 147.44 252.90
C TYR SC 184 33.52 147.74 254.29
N GLN SC 185 33.70 149.00 254.73
CA GLN SC 185 32.96 149.63 255.82
C GLN SC 185 32.37 150.94 255.31
N THR SC 186 31.13 151.26 255.71
CA THR SC 186 30.42 152.48 255.33
C THR SC 186 29.80 153.12 256.58
N GLN SC 187 29.85 154.47 256.67
CA GLN SC 187 29.38 155.21 257.84
C GLN SC 187 28.93 156.63 257.47
N THR SC 188 28.17 157.29 258.36
CA THR SC 188 27.69 158.66 258.18
C THR SC 188 28.03 159.50 259.41
N LEU SC 189 28.44 160.76 259.17
CA LEU SC 189 28.89 161.71 260.19
C LEU SC 189 28.15 163.04 260.01
N PRO SC 190 27.89 163.83 261.09
CA PRO SC 190 27.21 165.12 260.97
C PRO SC 190 28.11 166.21 260.41
N ALA SC 191 27.50 167.25 259.81
CA ALA SC 191 28.21 168.44 259.38
C ALA SC 191 28.43 169.35 260.59
N ASP SC 192 29.29 168.91 261.53
CA ASP SC 192 29.45 169.51 262.84
C ASP SC 192 30.92 169.59 263.25
N ASP SC 193 31.53 168.42 263.56
CA ASP SC 193 32.92 168.32 264.00
C ASP SC 193 33.88 168.15 262.82
N LEU SC 194 33.33 167.89 261.63
CA LEU SC 194 34.07 167.98 260.38
C LEU SC 194 34.05 169.41 259.86
N TRP SC 195 35.11 169.81 259.14
CA TRP SC 195 35.26 171.11 258.47
C TRP SC 195 35.79 170.91 257.06
N ILE SC 197 36.76 172.91 252.86
CA ILE SC 197 37.18 174.08 252.08
C ILE SC 197 37.04 173.79 250.58
N VAL SC 198 36.56 174.78 249.80
CA VAL SC 198 36.33 174.68 248.36
C VAL SC 198 37.02 175.85 247.64
N ILE SC 199 37.91 175.56 246.69
CA ILE SC 199 38.61 176.59 245.91
C ILE SC 199 37.78 177.02 244.70
N ASN SC 200 37.26 176.04 243.93
CA ASN SC 200 36.60 176.28 242.66
C ASN SC 200 35.09 176.06 242.77
N LYS SC 201 34.28 177.00 242.24
CA LYS SC 201 32.84 177.07 242.49
C LYS SC 201 32.03 177.34 241.21
N ALA SC 202 30.81 176.81 241.16
CA ALA SC 202 29.82 177.09 240.12
C ALA SC 202 29.12 178.43 240.35
N SER SC 203 29.09 178.93 241.60
CA SER SC 203 28.44 180.17 242.01
C SER SC 203 28.98 180.61 243.37
N ALA SC 204 28.61 181.82 243.83
CA ALA SC 204 29.00 182.31 245.14
C ALA SC 204 28.40 181.43 246.24
N ARG SC 205 27.27 180.78 245.96
CA ARG SC 205 26.52 179.94 246.87
C ARG SC 205 27.09 178.52 246.99
N ASP SC 206 27.89 178.09 246.02
CA ASP SC 206 28.31 176.69 245.86
C ASP SC 206 29.10 176.20 247.07
N GLU SC 207 28.59 175.14 247.73
CA GLU SC 207 29.18 174.58 248.94
C GLU SC 207 29.90 173.25 248.67
N VAL SC 208 29.80 172.72 247.43
CA VAL SC 208 30.34 171.41 247.09
C VAL SC 208 31.52 171.55 246.11
N GLY SC 209 31.45 172.50 245.17
CA GLY SC 209 32.60 172.89 244.36
C GLY SC 209 32.79 172.04 243.11
N ILE SC 210 33.89 172.30 242.39
CA ILE SC 210 34.23 171.68 241.11
C ILE SC 210 35.66 171.13 241.16
N SER SC 211 35.84 169.85 240.78
CA SER SC 211 37.15 169.26 240.56
C SER SC 211 37.68 169.68 239.19
N GLU SC 212 38.91 170.21 239.14
CA GLU SC 212 39.56 170.59 237.89
C GLU SC 212 40.02 169.35 237.11
N VAL SC 213 40.05 168.18 237.75
CA VAL SC 213 40.21 166.92 237.03
C VAL SC 213 38.94 166.60 236.25
N LEU SC 214 37.79 166.55 236.93
CA LEU SC 214 36.52 166.18 236.30
C LEU SC 214 36.05 167.24 235.29
N ARG SC 215 36.39 168.52 235.52
CA ARG SC 215 36.07 169.63 234.62
C ARG SC 215 36.79 169.49 233.28
N ASN SC 216 37.90 168.72 233.22
CA ASN SC 216 38.75 168.58 232.05
C ASN SC 216 39.06 167.11 231.73
N LYS SC 217 38.11 166.21 232.04
CA LYS SC 217 38.27 164.76 231.95
C LYS SC 217 38.57 164.31 230.51
N ASP SC 218 37.88 164.89 229.53
CA ASP SC 218 38.05 164.56 228.12
C ASP SC 218 39.43 164.96 227.60
N GLU SC 219 39.93 166.12 228.02
CA GLU SC 219 41.26 166.61 227.65
C GLU SC 219 42.35 165.70 228.24
N ILE SC 220 42.15 165.24 229.48
CA ILE SC 220 43.05 164.32 230.16
C ILE SC 220 43.11 162.99 229.39
N GLN SC 221 41.94 162.44 229.04
CA GLN SC 221 41.86 161.21 228.27
C GLN SC 221 42.49 161.38 226.88
N ALA SC 222 42.24 162.53 226.24
CA ALA SC 222 42.83 162.83 224.94
C ALA SC 222 44.36 162.85 225.02
N PHE SC 223 44.91 163.48 226.07
CA PHE SC 223 46.35 163.53 226.30
C PHE SC 223 46.93 162.11 226.45
N LYS SC 224 46.32 161.28 227.29
CA LYS SC 224 46.78 159.92 227.58
C LYS SC 224 46.72 159.05 226.33
N GLN SC 225 45.62 159.15 225.55
CA GLN SC 225 45.42 158.38 224.34
C GLN SC 225 46.43 158.78 223.27
N ASN SC 226 46.69 160.09 223.13
CA ASN SC 226 47.63 160.61 222.14
C ASN SC 226 49.06 160.16 222.46
N GLU SC 227 49.42 160.13 223.76
CA GLU SC 227 50.70 159.60 224.20
C GLU SC 227 50.83 158.11 223.87
N ALA SC 228 49.77 157.32 224.12
CA ALA SC 228 49.75 155.91 223.76
C ALA SC 228 49.89 155.71 222.25
N ALA SC 229 49.25 156.57 221.46
CA ALA SC 229 49.33 156.56 220.01
C ALA SC 229 50.76 156.84 219.52
N ILE SC 230 51.41 157.89 220.07
CA ILE SC 230 52.79 158.24 219.72
C ILE SC 230 53.74 157.13 220.11
N ASN SC 231 53.59 156.56 221.31
CA ASN SC 231 54.45 155.48 221.82
C ASN SC 231 54.48 154.31 220.83
N GLN SC 232 53.29 153.85 220.40
CA GLN SC 232 53.15 152.76 219.46
C GLN SC 232 53.67 153.15 218.08
N ALA SC 233 53.38 154.39 217.64
CA ALA SC 233 53.77 154.88 216.32
C ALA SC 233 55.28 155.06 216.19
N ILE SC 234 55.95 155.48 217.26
CA ILE SC 234 57.41 155.57 217.29
C ILE SC 234 58.02 154.18 217.07
N GLU SC 235 57.48 153.15 217.72
CA GLU SC 235 57.96 151.79 217.55
C GLU SC 235 57.79 151.31 216.11
N LEU SC 236 56.61 151.54 215.52
CA LEU SC 236 56.27 151.00 214.21
C LEU SC 236 56.88 151.82 213.06
N HIS SC 237 57.01 153.15 213.24
CA HIS SC 237 57.28 154.07 212.15
C HIS SC 237 58.51 154.96 212.39
N GLY SC 238 58.96 155.10 213.64
CA GLY SC 238 60.09 155.93 214.00
C GLY SC 238 61.45 155.29 213.69
N PHE SC 239 61.44 153.96 213.44
CA PHE SC 239 62.66 153.19 213.16
C PHE SC 239 62.58 152.58 211.76
N PRO SC 240 63.71 152.49 211.02
CA PRO SC 240 63.77 151.69 209.79
C PRO SC 240 63.60 150.20 210.11
N GLN SC 241 63.12 149.44 209.12
CA GLN SC 241 62.95 147.99 209.21
C GLN SC 241 63.38 147.34 207.89
N ARG SC 242 63.89 146.10 207.96
CA ARG SC 242 64.53 145.44 206.82
C ARG SC 242 63.58 144.42 206.19
N VAL SC 244 63.83 141.54 203.27
CA VAL SC 244 64.53 140.70 202.30
C VAL SC 244 63.51 140.12 201.31
N LYS SC 245 63.76 140.33 200.01
CA LYS SC 245 62.95 139.79 198.93
C LYS SC 245 63.72 138.70 198.20
N VAL SC 246 63.11 137.51 198.08
CA VAL SC 246 63.78 136.28 197.66
C VAL SC 246 63.16 135.80 196.35
N GLY SC 247 64.01 135.42 195.38
CA GLY SC 247 63.59 134.96 194.06
C GLY SC 247 63.52 136.10 193.05
N LYS SC 248 63.41 135.77 191.76
CA LYS SC 248 63.33 136.74 190.68
C LYS SC 248 61.88 137.13 190.40
N GLU SC 249 61.67 138.35 189.91
CA GLU SC 249 60.38 138.81 189.40
C GLU SC 249 59.97 137.91 188.24
N ASP SC 250 58.71 137.43 188.24
CA ASP SC 250 58.17 136.46 187.30
C ASP SC 250 58.96 135.15 187.30
N GLY SC 251 59.69 134.85 188.39
CA GLY SC 251 60.56 133.67 188.49
C GLY SC 251 59.89 132.51 189.22
N ALA SC 252 60.71 131.57 189.73
CA ALA SC 252 60.24 130.40 190.45
C ALA SC 252 59.69 130.80 191.83
N PRO SC 253 58.66 130.09 192.37
CA PRO SC 253 58.12 130.39 193.69
C PRO SC 253 59.06 129.99 194.83
N VAL SC 254 58.85 130.61 196.00
CA VAL SC 254 59.63 130.39 197.21
C VAL SC 254 58.65 130.08 198.35
N ARG SC 255 58.92 129.02 199.14
CA ARG SC 255 58.04 128.53 200.19
C ARG SC 255 58.64 128.83 201.57
N ASP SC 256 57.86 128.65 202.65
CA ASP SC 256 58.27 129.04 204.00
C ASP SC 256 59.54 128.30 204.45
N ASN SC 257 59.66 127.02 204.11
CA ASN SC 257 60.81 126.20 204.50
C ASN SC 257 62.10 126.68 203.81
N ASP SC 258 61.94 127.49 202.75
CA ASP SC 258 63.04 128.17 202.07
C ASP SC 258 63.36 129.48 202.78
N LEU SC 259 62.32 130.28 203.11
CA LEU SC 259 62.47 131.55 203.81
C LEU SC 259 63.05 131.35 205.21
N ARG SC 260 62.74 130.23 205.87
CA ARG SC 260 63.27 129.88 207.18
C ARG SC 260 64.80 129.72 207.15
N ARG SC 261 65.32 129.21 206.03
CA ARG SC 261 66.74 129.10 205.77
C ARG SC 261 67.37 130.46 205.45
N VAL SC 262 66.65 131.34 204.73
CA VAL SC 262 67.09 132.71 204.46
C VAL SC 262 67.20 133.50 205.76
N ARG SC 263 66.15 133.42 206.61
CA ARG SC 263 66.06 134.09 207.90
C ARG SC 263 67.24 133.68 208.81
N THR SC 264 67.72 132.44 208.67
CA THR SC 264 68.84 131.90 209.45
C THR SC 264 70.14 132.64 209.11
N ILE SC 265 70.23 133.20 207.88
CA ILE SC 265 71.40 133.94 207.42
C ILE SC 265 71.27 135.42 207.79
N PHE SC 266 70.11 136.03 207.45
CA PHE SC 266 69.89 137.46 207.57
C PHE SC 266 69.28 137.86 208.92
N ASP SC 267 69.59 137.10 209.99
CA ASP SC 267 69.03 137.32 211.32
C ASP SC 267 69.60 138.61 211.93
N PRO SC 268 68.78 139.63 212.28
CA PRO SC 268 69.30 140.83 212.93
C PRO SC 268 69.87 140.60 214.33
N ARG SC 269 69.47 139.48 214.97
CA ARG SC 269 69.95 139.04 216.29
C ARG SC 269 71.45 138.71 216.26
N THR SC 270 71.97 138.24 215.11
CA THR SC 270 73.34 137.79 214.95
C THR SC 270 74.12 138.63 213.92
N THR SC 271 73.46 139.65 213.35
CA THR SC 271 74.05 140.63 212.44
C THR SC 271 74.88 141.63 213.26
N ASP SC 272 75.90 142.24 212.62
CA ASP SC 272 76.71 143.30 213.21
C ASP SC 272 76.90 144.42 212.20
N ALA SC 273 77.29 145.61 212.70
CA ALA SC 273 77.39 146.85 211.94
C ALA SC 273 78.32 146.78 210.72
N ASN SC 274 79.24 145.80 210.68
CA ASN SC 274 80.25 145.69 209.65
C ASN SC 274 80.21 144.35 208.92
N THR SC 275 79.08 143.64 208.97
CA THR SC 275 78.88 142.44 208.17
C THR SC 275 78.75 142.79 206.69
N ALA SC 276 79.05 141.82 205.81
CA ALA SC 276 78.86 141.97 204.36
C ALA SC 276 78.06 140.80 203.82
N TYR SC 277 77.18 141.09 202.83
CA TYR SC 277 76.27 140.13 202.23
C TYR SC 277 76.71 139.83 200.80
N PHE SC 278 76.64 138.54 200.43
CA PHE SC 278 77.04 138.03 199.13
C PHE SC 278 75.87 137.24 198.55
N THR SC 279 75.40 137.57 197.34
CA THR SC 279 74.26 136.89 196.74
C THR SC 279 74.41 136.70 195.24
N GLY SC 280 73.60 135.81 194.66
CA GLY SC 280 73.24 135.90 193.26
C GLY SC 280 72.35 137.12 193.01
N GLN SC 281 72.04 137.38 191.73
CA GLN SC 281 71.27 138.56 191.34
C GLN SC 281 69.82 138.51 191.82
N ASP SC 282 69.31 137.32 192.19
CA ASP SC 282 67.90 137.09 192.43
C ASP SC 282 67.56 137.05 193.93
N VAL SC 283 68.31 137.84 194.73
CA VAL SC 283 68.00 138.15 196.13
C VAL SC 283 68.22 139.64 196.35
N ASP SC 284 67.24 140.31 196.99
CA ASP SC 284 67.29 141.73 197.27
C ASP SC 284 67.11 141.97 198.77
N VAL SC 285 67.85 142.95 199.31
CA VAL SC 285 67.61 143.49 200.64
C VAL SC 285 67.04 144.91 200.46
N GLU SC 286 65.88 145.17 201.09
CA GLU SC 286 65.16 146.42 200.91
C GLU SC 286 64.76 147.04 202.24
N THR SC 287 64.43 148.34 202.20
CA THR SC 287 64.28 149.18 203.38
C THR SC 287 62.87 149.72 203.49
N LEU SC 288 62.21 149.42 204.61
CA LEU SC 288 61.17 150.28 205.16
C LEU SC 288 61.87 151.37 205.96
N GLU SC 289 61.85 152.61 205.46
CA GLU SC 289 62.48 153.74 206.13
C GLU SC 289 61.72 154.08 207.40
N ALA SC 290 62.33 154.89 208.27
CA ALA SC 290 61.59 155.60 209.29
C ALA SC 290 60.71 156.64 208.59
N ASN SC 292 58.90 159.40 208.35
CA ASN SC 292 58.92 160.56 209.24
C ASN SC 292 57.57 161.29 209.30
N PHE SC 293 57.16 161.65 210.53
CA PHE SC 293 56.02 162.49 210.86
C PHE SC 293 56.37 163.33 212.09
N ASP SC 294 55.74 164.51 212.24
CA ASP SC 294 56.17 165.45 213.27
C ASP SC 294 55.45 165.17 214.58
N TYR SC 295 55.86 164.10 215.28
CA TYR SC 295 55.34 163.75 216.59
C TYR SC 295 55.65 164.82 217.63
N SER SC 296 56.74 165.59 217.45
CA SER SC 296 57.09 166.69 218.33
C SER SC 296 56.01 167.77 218.30
N ALA SC 297 55.55 168.14 217.09
CA ALA SC 297 54.47 169.11 216.92
C ALA SC 297 53.16 168.60 217.53
N ILE SC 298 52.88 167.29 217.39
CA ILE SC 298 51.71 166.66 217.98
C ILE SC 298 51.80 166.72 219.51
N HIS SC 299 52.97 166.37 220.07
CA HIS SC 299 53.21 166.36 221.51
C HIS SC 299 53.11 167.76 222.11
N GLU SC 300 53.64 168.76 221.40
CA GLU SC 300 53.53 170.17 221.78
C GLU SC 300 52.07 170.61 221.77
N MET SC 301 51.28 170.15 220.78
CA MET SC 301 49.85 170.45 220.71
C MET SC 301 49.09 169.80 221.87
N ASP SC 302 49.41 168.53 222.20
CA ASP SC 302 48.82 167.85 223.34
C ASP SC 302 49.07 168.64 224.62
N MET SC 303 50.32 169.12 224.80
CA MET SC 303 50.73 169.85 225.98
C MET SC 303 50.03 171.22 226.03
N ARG SC 304 49.89 171.89 224.88
CA ARG SC 304 49.13 173.13 224.73
C ARG SC 304 47.69 172.91 225.19
N ASN SC 305 47.04 171.88 224.67
CA ASN SC 305 45.66 171.54 224.97
C ASN SC 305 45.49 171.29 226.48
N LEU SC 306 46.33 170.44 227.06
CA LEU SC 306 46.20 170.04 228.45
C LEU SC 306 46.52 171.19 229.41
N THR SC 307 47.64 171.90 229.20
CA THR SC 307 48.06 172.97 230.11
C THR SC 307 47.03 174.09 230.14
N THR SC 308 46.58 174.57 228.95
CA THR SC 308 45.59 175.63 228.86
C THR SC 308 44.26 175.19 229.49
N ALA SC 309 43.87 173.92 229.31
CA ALA SC 309 42.67 173.39 229.94
C ALA SC 309 42.78 173.45 231.46
N LEU SC 310 43.95 173.11 232.01
CA LEU SC 310 44.24 173.16 233.43
C LEU SC 310 44.57 174.57 233.92
N GLY SC 311 44.59 175.55 233.02
CA GLY SC 311 44.94 176.94 233.35
C GLY SC 311 46.43 177.15 233.64
N LEU SC 312 47.26 176.13 233.39
CA LEU SC 312 48.69 176.19 233.62
C LEU SC 312 49.40 176.92 232.48
N PRO SC 313 50.57 177.55 232.74
CA PRO SC 313 51.40 178.11 231.66
C PRO SC 313 52.06 176.97 230.89
N LEU SC 314 52.13 177.09 229.56
CA LEU SC 314 52.66 176.04 228.69
C LEU SC 314 54.12 175.74 229.01
N GLU SC 315 54.83 176.72 229.56
CA GLU SC 315 56.21 176.62 230.03
C GLU SC 315 56.34 175.59 231.14
N ALA SC 316 55.30 175.44 231.99
CA ALA SC 316 55.26 174.44 233.05
C ALA SC 316 54.96 173.06 232.47
N GLY SC 317 54.50 173.02 231.22
CA GLY SC 317 54.40 171.78 230.45
C GLY SC 317 55.70 171.45 229.72
N ASN SC 318 56.75 172.24 229.94
CA ASN SC 318 58.08 172.04 229.36
C ASN SC 318 58.05 172.16 227.83
N VAL SC 319 57.27 173.13 227.31
CA VAL SC 319 57.11 173.44 225.89
C VAL SC 319 57.21 174.95 225.67
N GLY SC 320 57.88 175.38 224.59
CA GLY SC 320 58.10 176.79 224.28
C GLY SC 320 57.17 177.34 223.19
N ALA SC 321 57.41 178.59 222.78
CA ALA SC 321 56.72 179.25 221.66
C ALA SC 321 57.58 180.35 221.05
N ASP SC 322 57.35 180.67 219.76
CA ASP SC 322 58.10 181.66 219.00
C ASP SC 322 57.63 183.08 219.36
N GLY SC 323 58.60 184.01 219.51
CA GLY SC 323 58.34 185.42 219.79
C GLY SC 323 57.97 185.71 221.24
N LEU SC 324 57.20 184.80 221.86
CA LEU SC 324 56.58 185.01 223.17
C LEU SC 324 57.62 184.98 224.28
N GLY SC 325 58.87 184.60 223.97
CA GLY SC 325 59.97 184.61 224.94
C GLY SC 325 60.53 185.99 225.24
N SER SC 326 60.06 187.05 224.56
CA SER SC 326 60.65 188.39 224.61
C SER SC 326 59.58 189.48 224.52
N GLY SC 327 59.90 190.69 225.01
CA GLY SC 327 59.03 191.85 224.90
C GLY SC 327 57.83 191.81 225.86
N LYS SC 328 56.81 192.62 225.57
CA LYS SC 328 55.66 192.80 226.46
C LYS SC 328 54.82 191.53 226.64
N PRO SC 329 54.67 190.62 225.65
CA PRO SC 329 54.05 189.31 225.91
C PRO SC 329 54.64 188.49 227.06
N ALA SC 330 55.93 188.72 227.39
CA ALA SC 330 56.58 188.08 228.52
C ALA SC 330 56.23 188.74 229.86
N GLU SC 331 55.55 189.89 229.83
CA GLU SC 331 54.97 190.51 231.01
C GLU SC 331 53.57 189.94 231.26
N LEU SC 332 52.74 189.88 230.21
CA LEU SC 332 51.31 189.62 230.32
C LEU SC 332 50.98 188.18 230.70
N ARG SC 333 51.68 187.17 230.17
CA ARG SC 333 51.43 185.78 230.51
C ARG SC 333 51.64 185.51 232.00
N PHE SC 334 52.67 186.17 232.57
CA PHE SC 334 53.06 186.03 233.97
C PHE SC 334 52.15 186.85 234.87
N ALA SC 335 51.61 187.97 234.36
CA ALA SC 335 50.55 188.71 235.04
C ALA SC 335 49.29 187.87 235.17
N LEU SC 336 48.88 187.20 234.08
CA LEU SC 336 47.70 186.34 234.06
C LEU SC 336 47.86 185.18 235.05
N LEU SC 337 49.10 184.71 235.24
CA LEU SC 337 49.43 183.66 236.18
C LEU SC 337 49.31 184.18 237.62
N LYS SC 338 49.85 185.38 237.89
CA LYS SC 338 49.82 185.98 239.22
C LYS SC 338 48.38 186.29 239.65
N LEU SC 339 47.56 186.78 238.72
CA LEU SC 339 46.16 187.09 238.98
C LEU SC 339 45.40 185.84 239.45
N ALA SC 340 45.62 184.71 238.77
CA ALA SC 340 45.00 183.43 239.14
C ALA SC 340 45.47 182.97 240.51
N ILE SC 341 46.79 183.05 240.78
CA ILE SC 341 47.39 182.63 242.04
C ILE SC 341 46.84 183.44 243.22
N LYS SC 342 46.87 184.77 243.11
CA LYS SC 342 46.46 185.68 244.18
C LYS SC 342 44.99 185.49 244.53
N ALA SC 343 44.13 185.31 243.52
CA ALA SC 343 42.72 185.01 243.69
C ALA SC 343 42.51 183.68 244.41
N ASN SC 344 43.22 182.62 243.99
CA ASN SC 344 43.13 181.30 244.58
C ASN SC 344 43.54 181.34 246.06
N GLN SC 345 44.67 182.01 246.36
CA GLN SC 345 45.21 182.15 247.69
C GLN SC 345 44.20 182.83 248.63
N ARG SC 346 43.68 184.00 248.25
CA ARG SC 346 42.72 184.74 249.07
C ARG SC 346 41.42 183.96 249.25
N SER SC 347 41.02 183.18 248.24
CA SER SC 347 39.82 182.34 248.28
C SER SC 347 39.97 181.25 249.35
N PHE SC 348 41.20 180.74 249.52
CA PHE SC 348 41.50 179.71 250.51
C PHE SC 348 41.61 180.32 251.91
N SER SC 349 42.36 181.43 252.04
CA SER SC 349 42.68 182.05 253.32
C SER SC 349 41.42 182.36 254.12
N VAL SC 350 40.41 182.94 253.44
CA VAL SC 350 39.15 183.35 254.06
C VAL SC 350 38.44 182.15 254.69
N GLN SC 351 38.39 181.02 253.97
CA GLN SC 351 37.70 179.83 254.46
C GLN SC 351 38.44 179.19 255.62
N PHE SC 352 39.78 179.20 255.58
CA PHE SC 352 40.60 178.64 256.65
C PHE SC 352 40.43 179.45 257.94
N VAL SC 353 40.39 180.78 257.84
CA VAL SC 353 40.14 181.66 258.97
C VAL SC 353 38.74 181.39 259.54
N GLU SC 354 37.72 181.38 258.69
CA GLU SC 354 36.32 181.42 259.11
C GLU SC 354 35.77 180.05 259.53
N ARG SC 355 36.31 178.95 259.00
CA ARG SC 355 35.80 177.60 259.26
C ARG SC 355 36.79 176.68 259.98
N VAL SC 356 38.06 177.11 260.15
CA VAL SC 356 39.04 176.33 260.91
C VAL SC 356 39.54 177.13 262.11
N MET SC 357 40.21 178.27 261.88
CA MET SC 357 40.90 179.01 262.93
C MET SC 357 39.95 179.54 263.99
N ARG SC 358 38.93 180.31 263.58
CA ARG SC 358 38.01 180.96 264.50
C ARG SC 358 37.21 179.94 265.34
N PRO SC 359 36.55 178.93 264.74
CA PRO SC 359 35.94 177.84 265.52
C PRO SC 359 36.82 177.17 266.57
N VAL SC 360 38.10 176.92 266.25
CA VAL SC 360 39.03 176.28 267.18
C VAL SC 360 39.31 177.21 268.36
N VAL SC 361 39.57 178.50 268.08
CA VAL SC 361 39.82 179.50 269.11
C VAL SC 361 38.59 179.66 270.01
N ARG SC 362 37.40 179.73 269.41
CA ARG SC 362 36.11 179.84 270.09
C ARG SC 362 35.89 178.72 271.09
N ASP SC 363 36.24 177.48 270.71
CA ASP SC 363 35.87 176.27 271.45
C ASP SC 363 37.00 175.78 272.38
N TYR SC 364 38.26 176.19 272.17
CA TYR SC 364 39.39 175.59 272.87
C TYR SC 364 40.40 176.61 273.44
N SER SC 365 40.21 177.92 273.22
CA SER SC 365 41.16 178.96 273.63
C SER SC 365 40.56 179.94 274.62
N PRO SC 366 41.33 180.49 275.59
CA PRO SC 366 40.88 181.61 276.41
C PRO SC 366 40.82 182.97 275.70
N PHE SC 367 41.34 183.06 274.47
CA PHE SC 367 41.30 184.28 273.67
C PHE SC 367 39.94 184.44 272.97
N ASP SC 368 39.58 185.69 272.62
CA ASP SC 368 38.41 186.04 271.85
C ASP SC 368 38.66 185.71 270.36
N HIS SC 369 37.74 184.98 269.72
CA HIS SC 369 37.90 184.52 268.34
C HIS SC 369 37.59 185.62 267.33
N GLU SC 370 36.92 186.70 267.75
CA GLU SC 370 36.49 187.76 266.83
C GLU SC 370 37.60 188.79 266.56
N ALA SC 371 38.87 188.44 266.83
CA ALA SC 371 40.03 189.27 266.55
C ALA SC 371 40.26 189.38 265.03
N ASP SC 372 41.05 190.39 264.61
CA ASP SC 372 41.34 190.68 263.21
C ASP SC 372 42.44 189.77 262.68
N ILE SC 373 42.11 188.50 262.41
CA ILE SC 373 43.00 187.53 261.78
C ILE SC 373 43.35 188.02 260.38
N ARG SC 374 44.66 188.05 260.05
CA ARG SC 374 45.18 188.51 258.76
C ARG SC 374 46.22 187.55 258.19
N LEU SC 375 45.88 186.24 258.19
CA LEU SC 375 46.63 185.13 257.62
C LEU SC 375 47.05 185.42 256.18
N GLU SC 376 48.27 185.00 255.80
CA GLU SC 376 48.76 185.11 254.43
C GLU SC 376 49.35 183.78 253.93
N ILE SC 377 49.25 183.55 252.61
CA ILE SC 377 49.93 182.50 251.88
C ILE SC 377 50.94 183.17 250.95
N ASN SC 378 52.19 182.66 250.91
CA ASN SC 378 53.34 183.38 250.37
C ASN SC 378 53.29 183.46 248.83
N ASP SC 379 53.84 184.54 248.27
CA ASP SC 379 53.88 184.76 246.82
C ASP SC 379 54.98 183.91 246.19
N PRO SC 380 54.65 182.97 245.26
CA PRO SC 380 55.64 182.09 244.64
C PRO SC 380 56.45 182.67 243.47
N LEU SC 381 56.09 183.88 243.01
CA LEU SC 381 56.67 184.45 241.81
C LEU SC 381 57.35 185.81 242.06
N GLU SC 382 57.16 186.39 243.25
CA GLU SC 382 57.81 187.63 243.65
C GLU SC 382 59.32 187.40 243.80
N ASP SC 383 60.13 188.39 243.43
CA ASP SC 383 61.59 188.31 243.45
C ASP SC 383 62.14 189.22 244.54
N ILE SC 384 63.04 188.69 245.38
CA ILE SC 384 63.63 189.43 246.49
C ILE SC 384 64.51 190.56 245.95
N GLY SC 385 65.05 190.40 244.73
CA GLY SC 385 65.79 191.44 244.03
C GLY SC 385 64.93 192.68 243.71
N GLU SC 386 63.65 192.46 243.39
CA GLU SC 386 62.69 193.53 243.15
C GLU SC 386 62.42 194.29 244.45
N VAL SC 387 62.27 193.54 245.56
CA VAL SC 387 62.09 194.09 246.90
C VAL SC 387 63.31 194.92 247.31
N ALA SC 388 64.51 194.42 247.01
CA ALA SC 388 65.77 195.10 247.33
C ALA SC 388 65.90 196.42 246.57
N ASP SC 389 65.59 196.41 245.26
CA ASP SC 389 65.56 197.61 244.43
C ASP SC 389 64.54 198.61 244.95
N LEU SC 390 63.33 198.13 245.30
CA LEU SC 390 62.25 198.94 245.83
C LEU SC 390 62.66 199.65 247.11
N ILE SC 391 63.31 198.93 248.03
CA ILE SC 391 63.75 199.45 249.31
C ILE SC 391 64.78 200.57 249.12
N GLN SC 392 65.68 200.43 248.12
CA GLN SC 392 66.62 201.48 247.78
C GLN SC 392 65.90 202.68 247.16
N GLN SC 393 64.90 202.43 246.29
CA GLN SC 393 64.27 203.47 245.48
C GLN SC 393 63.34 204.37 246.31
N VAL SC 394 62.56 203.81 247.25
CA VAL SC 394 61.51 204.56 247.92
C VAL SC 394 61.48 204.38 249.45
N GLY SC 395 62.58 203.89 250.04
CA GLY SC 395 62.71 203.73 251.48
C GLY SC 395 62.48 205.02 252.28
N ASP SC 396 62.74 206.17 251.66
CA ASP SC 396 62.52 207.51 252.20
C ASP SC 396 61.04 207.80 252.45
N TYR SC 397 60.13 206.89 252.04
CA TYR SC 397 58.68 207.08 252.11
C TYR SC 397 57.94 205.85 252.64
N MET SC 398 58.67 204.90 253.26
CA MET SC 398 58.10 203.71 253.90
C MET SC 398 58.61 203.61 255.34
N THR SC 399 57.76 203.20 256.30
CA THR SC 399 58.18 203.00 257.68
C THR SC 399 59.09 201.78 257.78
N ASN SC 400 59.83 201.66 258.90
CA ASN SC 400 60.73 200.55 259.11
C ASN SC 400 59.95 199.24 259.26
N GLU SC 401 58.73 199.31 259.82
CA GLU SC 401 57.84 198.14 259.89
C GLU SC 401 57.29 197.77 258.50
N GLN SC 402 56.98 198.75 257.66
CA GLN SC 402 56.54 198.51 256.29
C GLN SC 402 57.65 197.84 255.48
N VAL SC 403 58.90 198.33 255.63
CA VAL SC 403 60.09 197.73 255.04
C VAL SC 403 60.28 196.30 255.52
N ALA SC 404 60.13 196.07 256.82
CA ALA SC 404 60.28 194.74 257.42
C ALA SC 404 59.26 193.75 256.88
N GLU SC 405 57.98 194.17 256.73
CA GLU SC 405 56.94 193.34 256.13
C GLU SC 405 57.26 192.99 254.68
N LYS SC 406 57.72 193.97 253.89
CA LYS SC 406 58.06 193.78 252.49
C LYS SC 406 59.27 192.85 252.34
N LEU SC 407 60.24 193.00 253.25
CA LEU SC 407 61.48 192.23 253.25
C LEU SC 407 61.29 190.85 253.89
N ASP SC 408 60.13 190.60 254.50
CA ASP SC 408 59.73 189.33 255.12
C ASP SC 408 60.60 189.02 256.34
N LEU SC 409 60.73 189.99 257.27
CA LEU SC 409 61.50 189.87 258.50
C LEU SC 409 60.78 190.55 259.66
N PRO SC 410 61.11 190.23 260.95
CA PRO SC 410 60.60 190.99 262.10
C PRO SC 410 61.01 192.46 262.07
N ALA SC 411 60.09 193.34 262.52
CA ALA SC 411 60.31 194.77 262.62
C ALA SC 411 61.21 195.10 263.82
N PRO SC 412 61.81 196.32 263.91
CA PRO SC 412 62.57 196.75 265.09
C PRO SC 412 61.82 196.63 266.42
N GLU SC 413 62.56 196.42 267.52
CA GLU SC 413 62.03 196.09 268.83
C GLU SC 413 61.53 197.31 269.61
N ASP SC 414 61.82 198.53 269.13
CA ASP SC 414 61.38 199.79 269.74
C ASP SC 414 60.37 200.46 268.81
N ASP SC 415 59.21 200.85 269.36
CA ASP SC 415 58.05 201.30 268.59
C ASP SC 415 58.38 202.47 267.66
N GLU SC 416 59.07 203.50 268.16
CA GLU SC 416 59.40 204.66 267.37
C GLU SC 416 60.42 204.35 266.28
N VAL SC 417 61.28 203.33 266.51
CA VAL SC 417 62.24 202.87 265.52
C VAL SC 417 61.51 202.13 264.40
N ALA SC 418 60.43 201.41 264.74
CA ALA SC 418 59.62 200.68 263.77
C ALA SC 418 58.72 201.63 262.98
N ASP SC 419 58.16 202.63 263.66
CA ASP SC 419 57.16 203.57 263.14
C ASP SC 419 57.81 204.62 262.24
N SER SC 420 59.06 204.99 262.53
CA SER SC 420 59.79 206.00 261.77
C SER SC 420 60.16 205.51 260.37
N TYR SC 421 60.52 206.46 259.51
CA TYR SC 421 60.73 206.28 258.08
C TYR SC 421 62.22 206.11 257.72
N ARG SC 422 63.12 206.86 258.39
CA ARG SC 422 64.56 206.75 258.14
C ARG SC 422 65.11 205.46 258.75
N SER SC 423 66.23 204.96 258.21
CA SER SC 423 66.80 203.66 258.57
C SER SC 423 67.20 203.60 260.04
N PRO SC 424 67.06 202.43 260.73
CA PRO SC 424 67.61 202.25 262.07
C PRO SC 424 69.14 202.33 262.11
N ALA SC 425 69.79 202.01 260.99
CA ALA SC 425 71.23 202.18 260.83
C ALA SC 425 71.64 203.64 260.85
N ASP SC 426 70.77 204.53 260.35
CA ASP SC 426 70.98 205.97 260.41
C ASP SC 426 70.81 206.48 261.85
N MET SC 427 69.90 205.88 262.61
CA MET SC 427 69.68 206.24 264.01
C MET SC 427 70.88 205.80 264.83
N GLU SC 428 71.47 204.65 264.50
CA GLU SC 428 72.60 204.06 265.20
C GLU SC 428 73.88 204.86 264.94
N LYS SC 429 74.13 205.26 263.68
CA LYS SC 429 75.34 205.99 263.32
C LYS SC 429 75.33 207.40 263.90
N ASP SC 430 74.14 208.03 263.97
CA ASP SC 430 73.99 209.35 264.58
C ASP SC 430 74.25 209.29 266.09
N GLU SC 431 73.70 208.27 266.77
CA GLU SC 431 73.79 208.14 268.22
C GLU SC 431 75.22 207.80 268.65
N ALA SC 432 75.92 206.95 267.88
CA ALA SC 432 77.32 206.64 268.11
C ALA SC 432 78.23 207.82 267.75
N GLY SC 433 77.80 208.67 266.80
CA GLY SC 433 78.48 209.90 266.45
C GLY SC 433 78.39 210.95 267.55
N VAL SC 434 77.23 211.04 268.21
CA VAL SC 434 77.00 211.85 269.40
C VAL SC 434 77.76 211.22 270.57
N ALA TC 31 11.29 221.01 232.43
CA ALA TC 31 11.22 219.76 231.63
C ALA TC 31 10.21 218.81 232.27
N SER TC 32 10.65 217.60 232.69
CA SER TC 32 9.78 216.60 233.31
C SER TC 32 10.53 215.77 234.35
N SER TC 33 9.78 215.09 235.23
CA SER TC 33 10.32 214.28 236.33
C SER TC 33 10.15 212.77 236.07
N THR TC 34 9.58 212.40 234.91
CA THR TC 34 9.34 211.03 234.49
C THR TC 34 9.60 210.89 232.99
N PRO TC 35 10.02 209.71 232.45
CA PRO TC 35 10.43 209.58 231.05
C PRO TC 35 9.30 209.71 230.03
N GLN TC 36 9.65 210.14 228.81
CA GLN TC 36 8.69 210.39 227.73
C GLN TC 36 9.05 209.67 226.43
N THR TC 37 10.32 209.26 226.28
CA THR TC 37 10.75 208.32 225.24
C THR TC 37 10.38 206.89 225.64
N ASN TC 38 9.99 206.05 224.65
CA ASN TC 38 9.66 204.63 224.82
C ASN TC 38 10.92 203.76 224.66
N VAL TC 39 10.86 202.45 225.01
CA VAL TC 39 12.06 201.63 225.22
C VAL TC 39 12.00 200.24 224.55
N ASP TC 40 11.26 200.07 223.45
CA ASP TC 40 11.49 199.06 222.41
C ASP TC 40 11.41 197.59 222.85
N SER TC 41 10.85 197.29 224.02
CA SER TC 41 10.69 195.91 224.50
C SER TC 41 9.65 195.80 225.62
N MET TC 42 8.66 194.91 225.45
CA MET TC 42 7.79 194.40 226.50
C MET TC 42 7.12 193.11 226.02
N GLY TC 43 6.81 192.19 226.95
CA GLY TC 43 6.16 190.93 226.63
C GLY TC 43 7.10 189.74 226.49
N GLY TC 44 8.41 189.96 226.74
CA GLY TC 44 9.41 188.90 226.73
C GLY TC 44 9.88 188.51 225.32
N GLY TC 45 10.64 187.41 225.25
CA GLY TC 45 11.27 186.94 224.02
C GLY TC 45 10.27 186.46 222.99
N ASP TC 54 13.09 188.55 227.72
CA ASP TC 54 13.75 188.65 226.40
C ASP TC 54 14.44 187.32 226.07
N LEU TC 55 14.82 186.56 227.12
CA LEU TC 55 15.45 185.25 227.00
C LEU TC 55 15.04 184.34 228.16
N THR TC 56 15.13 183.01 227.96
CA THR TC 56 14.50 182.00 228.81
C THR TC 56 15.49 181.34 229.76
N PHE TC 57 14.97 180.51 230.68
CA PHE TC 57 15.79 179.70 231.57
C PHE TC 57 16.68 178.73 230.78
N GLU TC 58 16.24 178.35 229.56
CA GLU TC 58 17.00 177.47 228.68
C GLU TC 58 18.23 178.19 228.13
N ASP TC 59 18.06 179.46 227.76
CA ASP TC 59 19.11 180.31 227.21
C ASP TC 59 20.14 180.65 228.28
N LEU TC 60 19.66 180.79 229.53
CA LEU TC 60 20.48 181.00 230.72
C LEU TC 60 21.30 179.74 231.04
N ARG TC 61 20.66 178.56 230.99
CA ARG TC 61 21.31 177.29 231.30
C ARG TC 61 22.31 176.90 230.23
N ASP TC 62 22.14 177.38 229.00
CA ASP TC 62 23.12 177.23 227.93
C ASP TC 62 24.46 177.83 228.34
N ILE TC 63 24.45 178.99 229.02
CA ILE TC 63 25.65 179.66 229.51
C ILE TC 63 26.30 178.81 230.61
N LYS TC 64 25.50 178.28 231.53
CA LYS TC 64 25.96 177.41 232.61
C LYS TC 64 26.65 176.17 232.03
N ASP TC 65 26.12 175.64 230.92
CA ASP TC 65 26.63 174.47 230.22
C ASP TC 65 27.91 174.79 229.45
N VAL TC 66 28.27 176.09 229.30
CA VAL TC 66 29.60 176.46 228.84
C VAL TC 66 30.55 176.56 230.05
N ARG TC 67 30.10 177.22 231.14
CA ARG TC 67 30.89 177.51 232.33
C ARG TC 67 31.49 176.27 232.96
N ASP TC 68 30.74 175.15 233.00
CA ASP TC 68 31.19 173.91 233.59
C ASP TC 68 31.95 173.01 232.61
N SER TC 69 32.00 173.37 231.32
CA SER TC 69 32.50 172.49 230.26
C SER TC 69 34.02 172.36 230.20
N GLY TC 70 34.76 173.28 230.83
CA GLY TC 70 36.22 173.24 230.89
C GLY TC 70 36.90 173.57 229.57
N GLY TC 71 38.18 173.20 229.44
CA GLY TC 71 38.96 173.42 228.23
C GLY TC 71 39.29 174.89 227.99
N GLN TC 72 39.68 175.22 226.76
CA GLN TC 72 40.24 176.52 226.39
C GLN TC 72 39.19 177.63 226.52
N VAL TC 73 37.94 177.38 226.12
CA VAL TC 73 36.87 178.38 226.10
C VAL TC 73 36.55 178.84 227.52
N ALA TC 74 36.46 177.89 228.46
CA ALA TC 74 36.24 178.20 229.87
C ALA TC 74 37.41 178.99 230.45
N GLN TC 75 38.66 178.57 230.15
CA GLN TC 75 39.86 179.22 230.65
C GLN TC 75 39.96 180.67 230.14
N LEU TC 76 39.56 180.93 228.89
CA LEU TC 76 39.56 182.27 228.33
C LEU TC 76 38.62 183.21 229.11
N MET TC 77 37.40 182.75 229.41
CA MET TC 77 36.44 183.56 230.16
C MET TC 77 36.87 183.69 231.64
N ASP TC 78 37.50 182.65 232.19
CA ASP TC 78 38.06 182.69 233.54
C ASP TC 78 39.20 183.72 233.62
N TYR TC 79 40.01 183.83 232.55
CA TYR TC 79 41.05 184.85 232.44
C TYR TC 79 40.40 186.24 232.29
N LYS TC 80 39.29 186.33 231.54
CA LYS TC 80 38.53 187.56 231.34
C LYS TC 80 38.03 188.09 232.69
N ALA TC 81 37.57 187.17 233.56
CA ALA TC 81 37.14 187.51 234.91
C ALA TC 81 38.32 187.94 235.79
N LEU TC 82 39.43 187.19 235.74
CA LEU TC 82 40.59 187.43 236.58
C LEU TC 82 41.30 188.74 236.22
N LEU TC 83 41.29 189.12 234.92
CA LEU TC 83 41.80 190.41 234.48
C LEU TC 83 41.01 191.55 235.10
N ASN TC 84 39.68 191.45 235.11
CA ASN TC 84 38.81 192.52 235.56
C ASN TC 84 38.77 192.66 237.09
N PHE TC 85 38.98 191.56 237.84
CA PHE TC 85 38.63 191.51 239.26
C PHE TC 85 39.69 190.85 240.18
N GLY TC 86 40.83 190.40 239.63
CA GLY TC 86 41.80 189.56 240.34
C GLY TC 86 42.58 190.26 241.46
N GLU TC 87 42.84 191.56 241.31
CA GLU TC 87 43.64 192.34 242.26
C GLU TC 87 42.81 192.90 243.42
N GLY TC 88 41.50 192.63 243.45
CA GLY TC 88 40.64 193.06 244.56
C GLY TC 88 40.31 194.54 244.55
N CYS TC 89 39.93 195.08 245.73
CA CYS TC 89 39.24 196.36 245.86
C CYS TC 89 39.51 197.05 247.21
N GLU TC 90 39.18 198.35 247.30
CA GLU TC 90 39.24 199.11 248.55
C GLU TC 90 38.06 200.07 248.69
N ILE TC 91 37.46 200.10 249.90
CA ILE TC 91 36.31 200.94 250.22
C ILE TC 91 36.80 202.28 250.79
N HIS TC 92 37.05 203.25 249.90
CA HIS TC 92 37.27 204.65 250.32
C HIS TC 92 35.93 205.34 250.47
N VAL TC 93 35.90 206.45 251.24
CA VAL TC 93 34.79 207.40 251.32
C VAL TC 93 35.40 208.81 251.30
N GLU TC 94 34.76 209.75 250.60
CA GLU TC 94 35.30 211.11 250.50
C GLU TC 94 35.13 211.87 251.81
N GLY TC 95 36.22 212.44 252.33
CA GLY TC 95 36.24 213.27 253.53
C GLY TC 95 35.71 212.58 254.79
N ASP TC 96 36.11 211.32 254.98
CA ASP TC 96 35.47 210.38 255.91
C ASP TC 96 35.56 210.82 257.38
N ASP TC 97 36.46 211.76 257.71
CA ASP TC 97 36.59 212.27 259.07
C ASP TC 97 35.32 213.00 259.50
N GLU TC 98 34.52 213.45 258.51
CA GLU TC 98 33.24 214.11 258.77
C GLU TC 98 32.16 213.11 259.19
N THR TC 99 32.35 211.81 258.94
CA THR TC 99 31.35 210.80 259.29
C THR TC 99 31.48 210.30 260.73
N LYS TC 100 32.62 210.56 261.38
CA LYS TC 100 33.02 210.00 262.67
C LYS TC 100 31.87 210.02 263.69
N GLN TC 101 31.44 208.82 264.11
CA GLN TC 101 30.24 208.61 264.93
C GLN TC 101 30.42 207.42 265.87
N LEU TC 102 29.81 207.48 267.06
CA LEU TC 102 29.76 206.35 267.99
C LEU TC 102 28.73 205.33 267.49
N VAL TC 103 29.19 204.13 267.09
CA VAL TC 103 28.33 203.09 266.52
C VAL TC 103 27.64 202.31 267.64
N ASP TC 104 28.39 201.95 268.68
CA ASP TC 104 27.87 201.40 269.92
C ASP TC 104 28.73 201.91 271.08
N GLY TC 105 28.75 203.24 271.26
CA GLY TC 105 29.50 203.88 272.33
C GLY TC 105 30.99 204.06 272.02
N GLU TC 106 31.43 203.62 270.82
CA GLU TC 106 32.81 203.70 270.38
C GLU TC 106 32.89 204.23 268.95
N PRO TC 107 33.83 205.17 268.61
CA PRO TC 107 33.89 205.78 267.28
C PRO TC 107 34.21 204.85 266.11
N MET TC 108 33.57 205.10 264.96
CA MET TC 108 33.95 204.55 263.66
C MET TC 108 33.69 205.59 262.56
N THR TC 109 34.36 205.39 261.41
CA THR TC 109 34.05 206.06 260.15
C THR TC 109 33.09 205.20 259.33
N LEU TC 110 32.55 205.77 258.24
CA LEU TC 110 31.70 205.02 257.32
C LEU TC 110 32.49 203.93 256.59
N SER TC 111 33.75 204.22 256.20
CA SER TC 111 34.59 203.20 255.58
C SER TC 111 34.84 202.02 256.51
N GLU TC 112 35.09 202.28 257.81
CA GLU TC 112 35.24 201.23 258.80
C GLU TC 112 33.95 200.42 258.96
N TRP TC 113 32.79 201.09 258.95
CA TRP TC 113 31.49 200.44 259.06
C TRP TC 113 31.22 199.53 257.86
N LEU TC 114 31.52 200.03 256.65
CA LEU TC 114 31.33 199.30 255.40
C LEU TC 114 32.26 198.10 255.33
N GLU TC 115 33.50 198.24 255.85
CA GLU TC 115 34.45 197.14 255.89
C GLU TC 115 34.02 196.06 256.89
N ASP TC 116 33.24 196.45 257.92
CA ASP TC 116 32.62 195.49 258.83
C ASP TC 116 31.43 194.81 258.17
N ALA TC 117 30.75 195.49 257.24
CA ALA TC 117 29.67 194.91 256.46
C ALA TC 117 30.18 193.99 255.36
N PHE TC 118 31.38 194.29 254.82
CA PHE TC 118 31.95 193.60 253.68
C PHE TC 118 33.43 193.24 253.92
N PRO TC 119 33.80 192.41 254.94
CA PRO TC 119 35.20 192.08 255.23
C PRO TC 119 35.99 191.39 254.13
N HIS TC 120 35.29 190.66 253.24
CA HIS TC 120 35.92 189.84 252.22
C HIS TC 120 35.51 190.27 250.81
N LEU TC 121 35.37 191.59 250.59
CA LEU TC 121 34.73 192.16 249.41
C LEU TC 121 35.39 191.75 248.09
N ASP TC 122 36.71 191.51 248.09
CA ASP TC 122 37.45 191.04 246.92
C ASP TC 122 36.80 189.81 246.29
N LEU TC 123 36.39 188.85 247.12
CA LEU TC 123 35.85 187.58 246.67
C LEU TC 123 34.42 187.76 246.15
N LEU TC 124 33.64 188.62 246.82
CA LEU TC 124 32.28 188.96 246.39
C LEU TC 124 32.31 189.69 245.05
N VAL TC 125 33.28 190.59 244.87
CA VAL TC 125 33.50 191.32 243.63
C VAL TC 125 33.96 190.38 242.52
N LEU TC 126 34.83 189.41 242.85
CA LEU TC 126 35.32 188.44 241.88
C LEU TC 126 34.19 187.52 241.39
N ASP TC 127 33.33 187.07 242.32
CA ASP TC 127 32.19 186.22 242.01
C ASP TC 127 31.17 186.98 241.16
N LEU TC 128 30.73 188.16 241.64
CA LEU TC 128 29.70 188.95 240.98
C LEU TC 128 30.20 189.45 239.64
N GLY TC 129 31.43 189.97 239.61
CA GLY TC 129 32.04 190.51 238.41
C GLY TC 129 32.26 189.46 237.33
N GLY TC 130 32.78 188.29 237.74
CA GLY TC 130 32.99 187.16 236.85
C GLY TC 130 31.70 186.63 236.26
N ASP TC 131 30.69 186.42 237.12
CA ASP TC 131 29.39 185.93 236.70
C ASP TC 131 28.65 186.95 235.83
N ALA TC 132 28.91 188.25 236.04
CA ALA TC 132 28.34 189.31 235.21
C ALA TC 132 29.03 189.43 233.84
N LEU TC 133 30.14 188.71 233.65
CA LEU TC 133 30.75 188.55 232.33
C LEU TC 133 30.21 187.32 231.62
N TRP TC 134 29.98 186.22 232.37
CA TRP TC 134 29.35 185.00 231.88
C TRP TC 134 27.90 185.27 231.46
N TYR TC 135 27.06 185.65 232.44
CA TYR TC 135 25.62 185.83 232.30
C TYR TC 135 25.29 187.30 231.97
N PRO TC 136 24.06 187.64 231.51
CA PRO TC 136 23.70 189.03 231.27
C PRO TC 136 23.78 189.95 232.50
N TYR TC 137 23.64 189.36 233.70
CA TYR TC 137 23.58 190.05 234.98
C TYR TC 137 24.18 189.20 236.10
N ALA TC 138 24.50 189.84 237.23
CA ALA TC 138 24.61 189.17 238.53
C ALA TC 138 23.56 189.74 239.48
N VAL TC 139 23.05 188.92 240.41
CA VAL TC 139 21.86 189.23 241.21
C VAL TC 139 21.99 188.60 242.60
N GLY TC 140 21.36 189.20 243.63
CA GLY TC 140 21.53 188.71 245.00
C GLY TC 140 20.54 189.25 246.05
N GLU TC 141 20.64 188.68 247.27
CA GLU TC 141 19.89 189.04 248.46
C GLU TC 141 20.79 189.79 249.45
N ILE TC 142 20.19 190.51 250.41
CA ILE TC 142 20.84 190.86 251.67
C ILE TC 142 20.24 189.99 252.76
N GLN TC 143 21.09 189.42 253.62
CA GLN TC 143 20.70 188.49 254.66
C GLN TC 143 21.00 189.06 256.05
N GLU TC 144 20.16 188.69 257.02
CA GLU TC 144 20.11 189.34 258.32
C GLU TC 144 20.37 188.34 259.44
N THR TC 145 20.83 188.86 260.59
CA THR TC 145 20.83 188.17 261.87
C THR TC 145 19.37 187.92 262.31
N ILE TC 146 19.18 187.13 263.38
CA ILE TC 146 17.85 186.81 263.88
C ILE TC 146 17.20 188.07 264.48
N THR TC 147 18.03 188.97 265.01
CA THR TC 147 17.61 190.26 265.55
C THR TC 147 17.21 191.25 264.46
N GLY TC 148 17.67 191.03 263.23
CA GLY TC 148 17.27 191.84 262.09
C GLY TC 148 18.36 192.78 261.54
N GLU TC 149 19.42 193.00 262.33
CA GLU TC 149 20.62 193.70 261.88
C GLU TC 149 21.31 192.90 260.78
N PHE TC 150 22.12 193.57 259.95
CA PHE TC 150 22.81 193.01 258.79
C PHE TC 150 23.71 191.84 259.21
N LYS TC 151 23.81 190.83 258.33
CA LYS TC 151 24.71 189.69 258.48
C LYS TC 151 25.67 189.59 257.29
N GLU TC 152 25.12 189.49 256.07
CA GLU TC 152 25.90 189.26 254.85
C GLU TC 152 25.12 189.63 253.59
N ALA TC 153 25.84 189.91 252.49
CA ALA TC 153 25.29 189.93 251.14
C ALA TC 153 25.44 188.53 250.53
N LEU TC 154 24.44 188.09 249.75
CA LEU TC 154 24.40 186.72 249.23
C LEU TC 154 23.90 186.69 247.78
N PRO TC 155 24.82 186.56 246.77
CA PRO TC 155 24.42 186.41 245.37
C PRO TC 155 23.59 185.15 245.12
N ALA TC 156 22.57 185.26 244.26
CA ALA TC 156 21.75 184.14 243.82
C ALA TC 156 22.37 183.53 242.56
N GLU TC 157 22.05 182.26 242.27
CA GLU TC 157 22.59 181.53 241.13
C GLU TC 157 21.95 182.06 239.85
N PRO TC 158 22.69 182.81 238.99
CA PRO TC 158 22.05 183.64 237.97
C PRO TC 158 21.29 182.93 236.86
N TRP TC 159 21.67 181.69 236.54
CA TRP TC 159 21.01 180.92 235.49
C TRP TC 159 19.61 180.48 235.93
N THR TC 160 19.34 180.50 237.25
CA THR TC 160 18.06 180.08 237.80
C THR TC 160 17.01 181.19 237.70
N LEU TC 161 17.45 182.44 237.48
CA LEU TC 161 16.64 183.64 237.59
C LEU TC 161 16.58 184.38 236.25
N MET TC 162 15.37 184.87 235.88
CA MET TC 162 15.21 185.77 234.75
C MET TC 162 14.38 186.99 235.16
N PRO TC 163 14.72 188.22 234.71
CA PRO TC 163 13.92 189.41 235.01
C PRO TC 163 12.71 189.53 234.10
N GLU TC 164 11.69 190.25 234.60
CA GLU TC 164 10.53 190.68 233.81
C GLU TC 164 10.38 192.19 233.96
N SER TC 165 10.03 192.89 232.86
CA SER TC 165 10.21 194.33 232.74
C SER TC 165 9.03 195.02 232.04
N ASP TC 166 8.96 196.36 232.15
CA ASP TC 166 7.88 197.18 231.60
C ASP TC 166 8.35 197.93 230.35
N ALA TC 167 7.39 198.51 229.61
CA ALA TC 167 7.66 199.31 228.42
C ALA TC 167 8.33 200.63 228.79
N GLN TC 168 8.29 200.99 230.08
CA GLN TC 168 9.00 202.13 230.65
C GLN TC 168 10.51 201.84 230.67
N GLY TC 169 10.88 200.55 230.57
CA GLY TC 169 12.25 200.11 230.39
C GLY TC 169 12.94 199.57 231.65
N LYS TC 170 12.17 199.22 232.69
CA LYS TC 170 12.72 198.85 233.99
C LYS TC 170 12.22 197.49 234.47
N VAL TC 171 13.04 196.78 235.27
CA VAL TC 171 12.70 195.49 235.85
C VAL TC 171 11.64 195.68 236.94
N GLN TC 172 10.61 194.81 236.91
CA GLN TC 172 9.46 194.86 237.80
C GLN TC 172 9.37 193.61 238.68
N ALA TC 173 9.89 192.47 238.19
CA ALA TC 173 9.89 191.21 238.93
C ALA TC 173 11.07 190.31 238.52
N TRP TC 174 11.41 189.37 239.41
CA TRP TC 174 12.38 188.31 239.17
C TRP TC 174 11.67 186.95 239.23
N HIS TC 175 11.78 186.16 238.16
CA HIS TC 175 11.12 184.87 237.98
C HIS TC 175 12.17 183.76 238.08
N GLN TC 176 11.95 182.73 238.92
CA GLN TC 176 12.93 181.69 239.19
C GLN TC 176 12.37 180.30 238.86
N ARG TC 177 13.20 179.43 238.26
CA ARG TC 177 12.93 178.00 238.10
C ARG TC 177 14.17 177.18 238.51
N THR TC 178 13.97 176.14 239.33
CA THR TC 178 15.06 175.38 239.95
C THR TC 178 14.77 173.87 240.01
N LYS TC 179 15.82 173.05 239.84
CA LYS TC 179 15.73 171.59 239.82
C LYS TC 179 15.61 171.03 241.24
N THR TC 180 14.64 170.12 241.46
CA THR TC 180 14.50 169.31 242.68
C THR TC 180 14.05 167.89 242.32
N HIS TC 181 14.74 166.88 242.87
CA HIS TC 181 14.43 165.47 242.68
C HIS TC 181 14.35 165.07 241.20
N GLY TC 182 15.08 165.79 240.33
CA GLY TC 182 15.07 165.53 238.90
C GLY TC 182 13.97 166.29 238.17
N GLY TC 183 12.97 166.78 238.91
CA GLY TC 183 11.93 167.65 238.39
C GLY TC 183 12.26 169.13 238.61
N TYR TC 184 11.24 170.00 238.57
CA TYR TC 184 11.40 171.44 238.73
C TYR TC 184 10.37 172.04 239.68
N GLN TC 185 10.75 173.14 240.36
CA GLN TC 185 9.87 174.03 241.11
C GLN TC 185 10.08 175.48 240.65
N THR TC 186 9.04 176.33 240.75
CA THR TC 186 8.99 177.68 240.16
C THR TC 186 8.47 178.69 241.19
N GLN TC 187 8.98 179.94 241.16
CA GLN TC 187 8.51 181.04 242.01
C GLN TC 187 8.78 182.41 241.36
N THR TC 188 8.12 183.47 241.87
CA THR TC 188 8.35 184.87 241.47
C THR TC 188 8.60 185.74 242.70
N LEU TC 189 9.57 186.68 242.58
CA LEU TC 189 9.96 187.60 243.64
C LEU TC 189 9.90 189.05 243.13
N PRO TC 190 9.58 190.05 243.98
CA PRO TC 190 9.53 191.46 243.54
C PRO TC 190 10.92 192.07 243.36
N ALA TC 191 11.02 193.10 242.51
CA ALA TC 191 12.26 193.82 242.26
C ALA TC 191 12.47 194.88 243.35
N ASP TC 192 12.51 194.45 244.62
CA ASP TC 192 12.45 195.35 245.78
C ASP TC 192 13.50 194.98 246.84
N ASP TC 193 13.50 193.72 247.31
CA ASP TC 193 14.44 193.23 248.32
C ASP TC 193 15.64 192.50 247.70
N LEU TC 194 15.55 192.12 246.41
CA LEU TC 194 16.69 191.67 245.61
C LEU TC 194 17.45 192.87 245.05
N TRP TC 195 18.72 192.65 244.66
CA TRP TC 195 19.59 193.64 243.99
C TRP TC 195 20.34 192.99 242.82
N ILE TC 197 23.20 193.70 239.07
CA ILE TC 197 24.27 194.45 238.39
C ILE TC 197 24.48 193.91 236.96
N VAL TC 198 24.74 194.81 235.99
CA VAL TC 198 24.93 194.49 234.57
C VAL TC 198 26.22 195.17 234.05
N ILE TC 199 27.12 194.39 233.42
CA ILE TC 199 28.37 194.92 232.87
C ILE TC 199 28.20 195.37 231.42
N ASN TC 200 27.64 194.51 230.56
CA ASN TC 200 27.49 194.78 229.13
C ASN TC 200 26.02 195.01 228.78
N LYS TC 201 25.74 196.04 227.95
CA LYS TC 201 24.40 196.58 227.75
C LYS TC 201 24.07 196.79 226.27
N ALA TC 202 22.78 196.65 225.94
CA ALA TC 202 22.21 197.00 224.64
C ALA TC 202 22.15 198.52 224.45
N SER TC 203 21.97 199.28 225.55
CA SER TC 203 21.94 200.73 225.59
C SER TC 203 22.20 201.24 227.01
N ALA TC 204 22.42 202.55 227.18
CA ALA TC 204 22.62 203.16 228.49
C ALA TC 204 21.40 203.01 229.39
N ARG TC 205 20.21 202.76 228.81
CA ARG TC 205 18.95 202.55 229.52
C ARG TC 205 18.75 201.12 230.01
N ASP TC 206 19.54 200.15 229.49
CA ASP TC 206 19.31 198.72 229.65
C ASP TC 206 19.49 198.26 231.10
N GLU TC 207 18.53 197.44 231.59
CA GLU TC 207 18.59 196.81 232.92
C GLU TC 207 18.68 195.29 232.82
N VAL TC 208 18.56 194.71 231.61
CA VAL TC 208 18.55 193.27 231.40
C VAL TC 208 19.93 192.78 230.94
N GLY TC 209 20.62 193.55 230.07
CA GLY TC 209 22.01 193.31 229.74
C GLY TC 209 22.21 192.28 228.63
N ILE TC 210 23.50 192.01 228.29
CA ILE TC 210 23.92 191.07 227.27
C ILE TC 210 25.05 190.18 227.82
N SER TC 211 24.95 188.87 227.58
CA SER TC 211 26.03 187.92 227.85
C SER TC 211 27.03 187.95 226.69
N GLU TC 212 28.33 188.11 226.99
CA GLU TC 212 29.39 188.07 225.99
C GLU TC 212 29.52 186.69 225.36
N VAL TC 213 29.03 185.64 226.04
CA VAL TC 213 28.95 184.29 225.51
C VAL TC 213 27.89 184.23 224.40
N LEU TC 214 26.66 184.68 224.69
CA LEU TC 214 25.57 184.67 223.72
C LEU TC 214 25.84 185.66 222.58
N ARG TC 215 26.63 186.72 222.85
CA ARG TC 215 27.07 187.71 221.87
C ARG TC 215 28.00 187.10 220.83
N ASN TC 216 28.69 186.00 221.17
CA ASN TC 216 29.72 185.37 220.34
C ASN TC 216 29.52 183.85 220.25
N LYS TC 217 28.25 183.40 220.30
CA LYS TC 217 27.86 181.99 220.35
C LYS TC 217 28.38 181.20 219.15
N ASP TC 218 28.28 181.80 217.96
CA ASP TC 218 28.70 181.18 216.71
C ASP TC 218 30.22 180.93 216.69
N GLU TC 219 31.01 181.93 217.10
CA GLU TC 219 32.47 181.82 217.17
C GLU TC 219 32.91 180.73 218.16
N ILE TC 220 32.18 180.60 219.28
CA ILE TC 220 32.45 179.60 220.31
C ILE TC 220 32.19 178.19 219.75
N GLN TC 221 31.07 178.01 219.04
CA GLN TC 221 30.76 176.72 218.42
C GLN TC 221 31.74 176.40 217.29
N ALA TC 222 32.14 177.42 216.51
CA ALA TC 222 33.13 177.27 215.46
C ALA TC 222 34.47 176.80 216.02
N PHE TC 223 34.88 177.38 217.15
CA PHE TC 223 36.11 177.00 217.83
C PHE TC 223 36.06 175.52 218.24
N LYS TC 224 34.96 175.09 218.86
CA LYS TC 224 34.79 173.72 219.34
C LYS TC 224 34.68 172.72 218.18
N GLN TC 225 34.08 173.13 217.06
CA GLN TC 225 33.97 172.28 215.88
C GLN TC 225 35.35 172.07 215.25
N ASN TC 226 36.14 173.15 215.12
CA ASN TC 226 37.47 173.08 214.56
C ASN TC 226 38.43 172.30 215.46
N GLU TC 227 38.27 172.43 216.79
CA GLU TC 227 38.98 171.62 217.78
C GLU TC 227 38.72 170.13 217.55
N ALA TC 228 37.43 169.76 217.41
CA ALA TC 228 37.03 168.38 217.17
C ALA TC 228 37.56 167.84 215.84
N ALA TC 229 37.56 168.68 214.80
CA ALA TC 229 38.10 168.35 213.49
C ALA TC 229 39.60 168.06 213.57
N ILE TC 230 40.39 168.94 214.20
CA ILE TC 230 41.82 168.71 214.40
C ILE TC 230 42.05 167.44 215.19
N ASN TC 231 41.32 167.25 216.30
CA ASN TC 231 41.47 166.11 217.19
C ASN TC 231 41.29 164.78 216.45
N GLN TC 232 40.31 164.72 215.54
CA GLN TC 232 40.02 163.51 214.78
C GLN TC 232 40.99 163.36 213.61
N ALA TC 233 41.30 164.48 212.93
CA ALA TC 233 42.18 164.48 211.77
C ALA TC 233 43.61 164.09 212.14
N ILE TC 234 44.05 164.44 213.36
CA ILE TC 234 45.36 164.05 213.86
C ILE TC 234 45.46 162.53 213.98
N GLU TC 235 44.40 161.86 214.46
CA GLU TC 235 44.39 160.40 214.53
C GLU TC 235 44.40 159.76 213.15
N LEU TC 236 43.59 160.29 212.21
CA LEU TC 236 43.39 159.66 210.92
C LEU TC 236 44.56 159.95 209.96
N HIS TC 237 45.19 161.13 210.09
CA HIS TC 237 46.13 161.66 209.09
C HIS TC 237 47.46 162.15 209.69
N GLY TC 238 47.51 162.38 211.01
CA GLY TC 238 48.72 162.83 211.68
C GLY TC 238 49.77 161.71 211.84
N PHE TC 239 49.30 160.46 211.89
CA PHE TC 239 50.14 159.28 212.05
C PHE TC 239 50.22 158.50 210.73
N PRO TC 240 51.42 158.03 210.31
CA PRO TC 240 51.54 157.16 209.13
C PRO TC 240 50.95 155.79 209.44
N GLN TC 241 50.53 155.07 208.39
CA GLN TC 241 49.86 153.78 208.52
C GLN TC 241 50.45 152.79 207.51
N ARG TC 242 50.32 151.49 207.80
CA ARG TC 242 50.96 150.43 207.02
C ARG TC 242 49.91 149.69 206.17
N VAL TC 244 49.80 146.47 203.75
CA VAL TC 244 50.37 145.26 203.15
C VAL TC 244 49.52 144.85 201.94
N LYS TC 245 50.19 144.73 200.78
CA LYS TC 245 49.60 144.28 199.51
C LYS TC 245 50.11 142.89 199.16
N VAL TC 246 49.19 141.98 198.76
CA VAL TC 246 49.49 140.57 198.54
C VAL TC 246 49.08 140.16 197.13
N GLY TC 247 49.90 139.33 196.47
CA GLY TC 247 49.65 138.87 195.12
C GLY TC 247 50.38 139.72 194.07
N LYS TC 248 50.43 139.25 192.82
CA LYS TC 248 51.08 139.94 191.72
C LYS TC 248 50.04 140.76 190.95
N GLU TC 249 50.50 141.80 190.23
CA GLU TC 249 49.66 142.50 189.26
C GLU TC 249 49.25 141.51 188.17
N ASP TC 250 47.94 141.42 187.90
CA ASP TC 250 47.32 140.41 187.04
C ASP TC 250 47.63 138.97 187.48
N GLY TC 251 47.92 138.76 188.78
CA GLY TC 251 48.30 137.45 189.33
C GLY TC 251 47.12 136.66 189.89
N ALA TC 252 47.42 135.70 190.77
CA ALA TC 252 46.41 134.84 191.40
C ALA TC 252 45.59 135.65 192.41
N PRO TC 253 44.30 135.29 192.65
CA PRO TC 253 43.45 136.02 193.60
C PRO TC 253 43.81 135.70 195.05
N VAL TC 254 43.52 136.67 195.95
CA VAL TC 254 43.75 136.55 197.39
C VAL TC 254 42.43 136.84 198.11
N ARG TC 255 41.98 135.91 198.97
CA ARG TC 255 40.69 135.97 199.66
C ARG TC 255 40.90 136.31 201.14
N ASP TC 256 39.82 136.54 201.90
CA ASP TC 256 39.87 136.98 203.29
C ASP TC 256 40.64 136.00 204.17
N ASN TC 257 40.39 134.69 204.01
CA ASN TC 257 41.04 133.64 204.79
C ASN TC 257 42.54 133.56 204.52
N ASP TC 258 42.98 134.14 203.39
CA ASP TC 258 44.38 134.28 203.02
C ASP TC 258 44.98 135.52 203.71
N LEU TC 259 44.25 136.65 203.61
CA LEU TC 259 44.68 137.90 204.21
C LEU TC 259 44.76 137.79 205.74
N ARG TC 260 43.89 136.95 206.35
CA ARG TC 260 43.88 136.70 207.79
C ARG TC 260 45.20 136.08 208.27
N ARG TC 261 45.80 135.21 207.44
CA ARG TC 261 47.08 134.58 207.71
C ARG TC 261 48.23 135.58 207.54
N VAL TC 262 48.14 136.47 206.55
CA VAL TC 262 49.13 137.52 206.33
C VAL TC 262 49.07 138.56 207.46
N ARG TC 263 47.86 138.96 207.88
CA ARG TC 263 47.61 139.89 208.97
C ARG TC 263 48.25 139.40 210.27
N THR TC 264 48.22 138.09 210.49
CA THR TC 264 48.81 137.42 211.65
C THR TC 264 50.34 137.54 211.67
N ILE TC 265 50.97 137.69 210.49
CA ILE TC 265 52.42 137.78 210.34
C ILE TC 265 52.93 139.20 210.58
N PHE TC 266 52.26 140.20 209.99
CA PHE TC 266 52.69 141.60 210.05
C PHE TC 266 51.90 142.41 211.10
N ASP TC 267 51.47 141.76 212.19
CA ASP TC 267 50.53 142.33 213.16
C ASP TC 267 51.17 143.47 213.95
N PRO TC 268 50.63 144.72 213.94
CA PRO TC 268 51.17 145.81 214.74
C PRO TC 268 51.00 145.66 216.26
N ARG TC 269 50.22 144.64 216.69
CA ARG TC 269 50.01 144.28 218.07
C ARG TC 269 51.25 143.57 218.64
N THR TC 270 52.02 142.86 217.80
CA THR TC 270 53.10 142.00 218.24
C THR TC 270 54.43 142.28 217.52
N THR TC 271 54.41 143.16 216.51
CA THR TC 271 55.61 143.69 215.86
C THR TC 271 56.37 144.54 216.87
N ASP TC 272 57.71 144.58 216.75
CA ASP TC 272 58.56 145.43 217.59
C ASP TC 272 59.49 146.27 216.70
N ALA TC 273 60.21 147.23 217.31
CA ALA TC 273 60.97 148.25 216.60
C ALA TC 273 61.92 147.65 215.55
N ASN TC 274 62.66 146.61 215.95
CA ASN TC 274 63.71 146.01 215.14
C ASN TC 274 63.26 144.71 214.46
N THR TC 275 61.94 144.51 214.30
CA THR TC 275 61.38 143.41 213.51
C THR TC 275 61.83 143.53 212.05
N ALA TC 276 62.15 142.39 211.42
CA ALA TC 276 62.47 142.31 210.00
C ALA TC 276 61.63 141.24 209.31
N TYR TC 277 61.54 141.35 207.97
CA TYR TC 277 60.62 140.54 207.16
C TYR TC 277 61.35 139.90 205.97
N PHE TC 278 60.93 138.68 205.61
CA PHE TC 278 61.47 137.91 204.50
C PHE TC 278 60.30 137.42 203.65
N THR TC 279 60.32 137.67 202.33
CA THR TC 279 59.18 137.32 201.48
C THR TC 279 59.62 136.83 200.09
N GLY TC 280 58.69 136.16 199.39
CA GLY TC 280 58.72 136.07 197.95
C GLY TC 280 58.43 137.44 197.32
N GLN TC 281 58.58 137.54 195.99
CA GLN TC 281 58.48 138.80 195.27
C GLN TC 281 57.07 139.40 195.22
N ASP TC 282 56.03 138.61 195.54
CA ASP TC 282 54.63 139.00 195.35
C ASP TC 282 53.97 139.42 196.66
N VAL TC 283 54.74 140.04 197.58
CA VAL TC 283 54.26 140.68 198.79
C VAL TC 283 54.97 142.04 198.93
N ASP TC 284 54.19 143.10 199.18
CA ASP TC 284 54.70 144.46 199.32
C ASP TC 284 54.14 145.10 200.60
N VAL TC 285 55.03 145.70 201.39
CA VAL TC 285 54.64 146.51 202.54
C VAL TC 285 54.68 147.99 202.13
N GLU TC 286 53.51 148.54 201.79
CA GLU TC 286 53.38 149.92 201.35
C GLU TC 286 53.09 150.84 202.54
N THR TC 287 53.36 152.14 202.33
CA THR TC 287 53.28 153.17 203.35
C THR TC 287 52.21 154.20 202.99
N LEU TC 288 51.23 154.37 203.90
CA LEU TC 288 50.45 155.59 203.97
C LEU TC 288 51.26 156.61 204.78
N GLU TC 289 51.91 157.56 204.10
CA GLU TC 289 52.64 158.63 204.75
C GLU TC 289 51.66 159.51 205.51
N ALA TC 290 52.10 160.14 206.61
CA ALA TC 290 51.31 161.15 207.30
C ALA TC 290 51.14 162.36 206.38
N ASN TC 292 50.74 165.62 205.62
CA ASN TC 292 50.96 166.80 206.45
C ASN TC 292 50.02 167.95 206.09
N PHE TC 293 49.49 168.61 207.14
CA PHE TC 293 48.62 169.79 207.06
C PHE TC 293 48.90 170.69 208.26
N ASP TC 294 48.67 172.01 208.12
CA ASP TC 294 49.11 172.97 209.12
C ASP TC 294 48.02 173.21 210.16
N TYR TC 295 47.77 172.20 211.02
CA TYR TC 295 46.81 172.28 212.11
C TYR TC 295 47.19 173.37 213.11
N SER TC 296 48.50 173.62 213.28
CA SER TC 296 49.01 174.70 214.12
C SER TC 296 48.46 176.05 213.66
N ALA TC 297 48.57 176.34 212.36
CA ALA TC 297 48.06 177.58 211.80
C ALA TC 297 46.53 177.68 211.89
N ILE TC 298 45.83 176.54 211.80
CA ILE TC 298 44.37 176.48 212.00
C ILE TC 298 44.03 176.83 213.45
N HIS TC 299 44.73 176.24 214.42
CA HIS TC 299 44.61 176.57 215.85
C HIS TC 299 44.86 178.07 216.08
N GLU TC 300 45.91 178.62 215.47
CA GLU TC 300 46.25 180.03 215.60
C GLU TC 300 45.14 180.92 215.02
N MET TC 301 44.54 180.52 213.88
CA MET TC 301 43.48 181.33 213.29
C MET TC 301 42.21 181.27 214.17
N ASP TC 302 41.85 180.07 214.65
CA ASP TC 302 40.72 179.88 215.56
C ASP TC 302 40.90 180.74 216.80
N MET TC 303 42.11 180.68 217.39
CA MET TC 303 42.42 181.37 218.64
C MET TC 303 42.43 182.88 218.43
N ARG TC 304 42.97 183.35 217.28
CA ARG TC 304 42.94 184.76 216.91
C ARG TC 304 41.50 185.25 216.81
N ASN TC 305 40.66 184.53 216.05
CA ASN TC 305 39.27 184.87 215.84
C ASN TC 305 38.50 184.91 217.16
N LEU TC 306 38.65 183.86 218.00
CA LEU TC 306 37.92 183.79 219.26
C LEU TC 306 38.39 184.86 220.25
N THR TC 307 39.70 185.03 220.44
CA THR TC 307 40.21 186.03 221.39
C THR TC 307 39.77 187.44 221.00
N THR TC 308 39.89 187.79 219.71
CA THR TC 308 39.47 189.09 219.20
C THR TC 308 37.95 189.28 219.36
N ALA TC 309 37.16 188.23 219.13
CA ALA TC 309 35.71 188.28 219.30
C ALA TC 309 35.32 188.50 220.77
N LEU TC 310 36.06 187.87 221.69
CA LEU TC 310 35.89 188.03 223.13
C LEU TC 310 36.55 189.31 223.65
N GLY TC 311 37.30 190.02 222.80
CA GLY TC 311 37.95 191.27 223.16
C GLY TC 311 39.23 191.08 223.98
N LEU TC 312 39.69 189.82 224.06
CA LEU TC 312 40.85 189.42 224.87
C LEU TC 312 42.15 189.67 224.13
N PRO TC 313 43.29 189.80 224.83
CA PRO TC 313 44.61 189.89 224.18
C PRO TC 313 44.98 188.53 223.60
N LEU TC 314 45.58 188.53 222.40
CA LEU TC 314 45.95 187.32 221.67
C LEU TC 314 46.87 186.43 222.49
N GLU TC 315 47.67 187.06 223.36
CA GLU TC 315 48.67 186.44 224.23
C GLU TC 315 48.03 185.45 225.22
N ALA TC 316 46.75 185.65 225.57
CA ALA TC 316 46.04 184.77 226.48
C ALA TC 316 45.76 183.42 225.84
N GLY TC 317 45.83 183.36 224.50
CA GLY TC 317 45.68 182.13 223.74
C GLY TC 317 47.00 181.41 223.47
N ASN TC 318 48.12 181.95 223.98
CA ASN TC 318 49.47 181.45 223.75
C ASN TC 318 49.84 181.44 222.26
N VAL TC 319 49.45 182.50 221.51
CA VAL TC 319 49.78 182.67 220.10
C VAL TC 319 50.80 183.79 219.95
N GLY TC 320 51.90 183.53 219.23
CA GLY TC 320 53.01 184.47 219.06
C GLY TC 320 53.07 185.11 217.68
N ALA TC 321 53.69 186.30 217.60
CA ALA TC 321 53.91 187.05 216.36
C ALA TC 321 55.15 187.93 216.46
N ASP TC 322 55.81 188.18 215.32
CA ASP TC 322 56.98 189.05 215.23
C ASP TC 322 56.55 190.51 215.17
N GLY TC 323 57.40 191.41 215.69
CA GLY TC 323 57.19 192.85 215.64
C GLY TC 323 56.19 193.36 216.69
N LEU TC 324 55.07 192.66 216.82
CA LEU TC 324 53.96 192.99 217.72
C LEU TC 324 54.35 192.88 219.20
N GLY TC 325 55.52 192.30 219.50
CA GLY TC 325 55.97 192.11 220.87
C GLY TC 325 56.62 193.32 221.53
N SER TC 326 56.85 194.41 220.77
CA SER TC 326 57.70 195.52 221.21
C SER TC 326 57.14 196.89 220.82
N GLY TC 327 57.57 197.94 221.54
CA GLY TC 327 57.31 199.33 221.18
C GLY TC 327 55.84 199.73 221.25
N LYS TC 328 55.48 200.82 220.54
CA LYS TC 328 54.13 201.34 220.45
C LYS TC 328 53.18 200.30 219.84
N PRO TC 329 53.59 199.47 218.84
CA PRO TC 329 52.79 198.33 218.41
C PRO TC 329 52.29 197.41 219.53
N ALA TC 330 53.10 197.22 220.58
CA ALA TC 330 52.69 196.47 221.76
C ALA TC 330 51.86 197.34 222.70
N GLU TC 331 52.35 198.55 223.02
CA GLU TC 331 51.78 199.42 224.05
C GLU TC 331 50.33 199.81 223.73
N LEU TC 332 49.98 199.92 222.45
CA LEU TC 332 48.60 200.18 222.03
C LEU TC 332 47.65 199.06 222.49
N ARG TC 333 48.06 197.78 222.34
CA ARG TC 333 47.23 196.65 222.73
C ARG TC 333 47.05 196.60 224.25
N PHE TC 334 48.10 196.97 224.99
CA PHE TC 334 48.08 197.06 226.44
C PHE TC 334 47.18 198.22 226.90
N ALA TC 335 47.19 199.33 226.13
CA ALA TC 335 46.29 200.44 226.37
C ALA TC 335 44.84 200.02 226.16
N LEU TC 336 44.53 199.41 225.00
CA LEU TC 336 43.20 198.91 224.67
C LEU TC 336 42.67 197.95 225.75
N LEU TC 337 43.56 197.11 226.29
CA LEU TC 337 43.24 196.13 227.33
C LEU TC 337 42.89 196.86 228.62
N LYS TC 338 43.73 197.81 229.05
CA LYS TC 338 43.53 198.54 230.29
C LYS TC 338 42.28 199.42 230.22
N LEU TC 339 42.01 200.01 229.05
CA LEU TC 339 40.82 200.84 228.83
C LEU TC 339 39.54 200.02 229.02
N ALA TC 340 39.49 198.84 228.38
CA ALA TC 340 38.34 197.93 228.50
C ALA TC 340 38.11 197.52 229.95
N ILE TC 341 39.19 197.20 230.67
CA ILE TC 341 39.13 196.77 232.06
C ILE TC 341 38.66 197.91 232.96
N LYS TC 342 39.25 199.11 232.83
CA LYS TC 342 38.88 200.27 233.64
C LYS TC 342 37.42 200.67 233.41
N ALA TC 343 36.95 200.59 232.16
CA ALA TC 343 35.54 200.83 231.82
C ALA TC 343 34.63 199.85 232.57
N ASN TC 344 34.97 198.56 232.57
CA ASN TC 344 34.20 197.52 233.24
C ASN TC 344 34.21 197.74 234.77
N GLN TC 345 35.39 198.01 235.34
CA GLN TC 345 35.59 198.22 236.77
C GLN TC 345 34.74 199.39 237.28
N ARG TC 346 34.78 200.53 236.57
CA ARG TC 346 34.00 201.71 236.91
C ARG TC 346 32.50 201.43 236.76
N SER TC 347 32.11 200.70 235.70
CA SER TC 347 30.74 200.29 235.46
C SER TC 347 30.19 199.44 236.61
N PHE TC 348 31.04 198.56 237.17
CA PHE TC 348 30.65 197.68 238.26
C PHE TC 348 30.54 198.48 239.56
N SER TC 349 31.56 199.28 239.89
CA SER TC 349 31.64 200.03 241.14
C SER TC 349 30.41 200.91 241.36
N VAL TC 350 30.00 201.63 240.32
CA VAL TC 350 28.86 202.54 240.40
C VAL TC 350 27.60 201.78 240.77
N GLN TC 351 27.35 200.65 240.10
CA GLN TC 351 26.14 199.86 240.32
C GLN TC 351 26.16 199.20 241.70
N PHE TC 352 27.34 198.74 242.13
CA PHE TC 352 27.50 198.13 243.45
C PHE TC 352 27.27 199.17 244.56
N VAL TC 353 27.82 200.38 244.40
CA VAL TC 353 27.62 201.47 245.35
C VAL TC 353 26.13 201.83 245.43
N GLU TC 354 25.49 202.06 244.27
CA GLU TC 354 24.15 202.62 244.19
C GLU TC 354 23.06 201.60 244.55
N ARG TC 355 23.25 200.31 244.23
CA ARG TC 355 22.21 199.31 244.40
C ARG TC 355 22.54 198.24 245.45
N VAL TC 356 23.75 198.26 246.03
CA VAL TC 356 24.11 197.37 247.12
C VAL TC 356 24.54 198.18 248.36
N MET TC 357 25.59 198.99 248.25
CA MET TC 357 26.21 199.61 249.42
C MET TC 357 25.31 200.65 250.07
N ARG TC 358 24.80 201.61 249.28
CA ARG TC 358 23.94 202.67 249.80
C ARG TC 358 22.68 202.10 250.46
N PRO TC 359 21.94 201.15 249.83
CA PRO TC 359 20.89 200.38 250.53
C PRO TC 359 21.30 199.74 251.86
N VAL TC 360 22.49 199.14 251.92
CA VAL TC 360 22.97 198.51 253.15
C VAL TC 360 23.20 199.55 254.25
N VAL TC 361 23.65 200.76 253.88
CA VAL TC 361 23.77 201.86 254.82
C VAL TC 361 22.37 202.31 255.26
N ARG TC 362 21.48 202.56 254.30
CA ARG TC 362 20.13 203.06 254.51
C ARG TC 362 19.35 202.21 255.51
N ASP TC 363 19.43 200.89 255.37
CA ASP TC 363 18.53 199.95 256.04
C ASP TC 363 19.11 199.42 257.36
N TYR TC 364 20.43 199.53 257.60
CA TYR TC 364 21.07 198.87 258.74
C TYR TC 364 22.09 199.72 259.50
N SER TC 365 22.33 200.97 259.10
CA SER TC 365 23.47 201.76 259.57
C SER TC 365 23.06 203.00 260.37
N PRO TC 366 23.87 203.46 261.36
CA PRO TC 366 23.71 204.81 261.90
C PRO TC 366 24.26 205.93 261.03
N PHE TC 367 25.02 205.60 259.98
CA PHE TC 367 25.66 206.57 259.08
C PHE TC 367 24.70 207.04 257.99
N ASP TC 368 25.04 208.16 257.33
CA ASP TC 368 24.29 208.75 256.23
C ASP TC 368 24.45 207.90 254.96
N HIS TC 369 23.32 207.50 254.35
CA HIS TC 369 23.29 206.63 253.19
C HIS TC 369 23.48 207.40 251.88
N GLU TC 370 23.43 208.74 251.92
CA GLU TC 370 23.62 209.56 250.72
C GLU TC 370 25.06 210.08 250.60
N ALA TC 371 25.99 209.50 251.38
CA ALA TC 371 27.40 209.87 251.43
C ALA TC 371 28.15 209.44 250.15
N ASP TC 372 29.34 210.03 249.95
CA ASP TC 372 30.19 209.82 248.78
C ASP TC 372 31.14 208.63 249.00
N ILE TC 373 30.61 207.41 248.85
CA ILE TC 373 31.39 206.18 248.84
C ILE TC 373 32.22 206.11 247.56
N ARG TC 374 33.48 205.64 247.67
CA ARG TC 374 34.47 205.60 246.60
C ARG TC 374 35.11 204.21 246.50
N LEU TC 375 34.30 203.17 246.22
CA LEU TC 375 34.78 201.81 246.02
C LEU TC 375 35.59 201.71 244.72
N GLU TC 376 36.89 201.42 244.83
CA GLU TC 376 37.78 201.22 243.70
C GLU TC 376 38.17 199.74 243.57
N ILE TC 377 38.31 199.27 242.31
CA ILE TC 377 38.82 197.95 241.97
C ILE TC 377 40.20 198.13 241.31
N ASN TC 378 41.19 197.34 241.73
CA ASN TC 378 42.60 197.59 241.45
C ASN TC 378 42.96 197.32 239.99
N ASP TC 379 44.00 198.01 239.49
CA ASP TC 379 44.51 197.86 238.13
C ASP TC 379 45.35 196.58 238.07
N PRO TC 380 45.06 195.63 237.14
CA PRO TC 380 45.78 194.36 237.05
C PRO TC 380 47.17 194.41 236.42
N LEU TC 381 47.52 195.54 235.77
CA LEU TC 381 48.70 195.61 234.91
C LEU TC 381 49.62 196.81 235.18
N GLU TC 382 49.30 197.63 236.19
CA GLU TC 382 50.23 198.62 236.74
C GLU TC 382 51.33 197.90 237.50
N ASP TC 383 52.55 198.48 237.52
CA ASP TC 383 53.74 197.83 238.05
C ASP TC 383 54.35 198.69 239.17
N ILE TC 384 54.64 198.07 240.31
CA ILE TC 384 55.27 198.69 241.48
C ILE TC 384 56.65 199.28 241.10
N GLY TC 385 57.32 198.67 240.11
CA GLY TC 385 58.58 199.15 239.57
C GLY TC 385 58.46 200.52 238.89
N GLU TC 386 57.39 200.70 238.12
CA GLU TC 386 57.06 201.96 237.46
C GLU TC 386 56.77 203.03 238.52
N VAL TC 387 56.04 202.64 239.57
CA VAL TC 387 55.69 203.53 240.67
C VAL TC 387 56.94 203.98 241.42
N ALA TC 388 57.87 203.05 241.66
CA ALA TC 388 59.11 203.35 242.38
C ALA TC 388 60.01 204.29 241.59
N ASP TC 389 60.05 204.12 240.25
CA ASP TC 389 60.75 205.02 239.34
C ASP TC 389 60.11 206.41 239.40
N LEU TC 390 58.78 206.46 239.32
CA LEU TC 390 58.01 207.69 239.32
C LEU TC 390 58.23 208.49 240.61
N ILE TC 391 58.21 207.82 241.76
CA ILE TC 391 58.39 208.45 243.06
C ILE TC 391 59.75 209.16 243.13
N GLN TC 392 60.80 208.53 242.59
CA GLN TC 392 62.13 209.13 242.51
C GLN TC 392 62.14 210.36 241.59
N GLN TC 393 61.38 210.32 240.49
CA GLN TC 393 61.37 211.40 239.49
C GLN TC 393 60.56 212.61 239.95
N VAL TC 394 59.40 212.43 240.60
CA VAL TC 394 58.44 213.51 240.81
C VAL TC 394 57.99 213.68 242.27
N GLY TC 395 58.62 212.97 243.22
CA GLY TC 395 58.29 213.08 244.64
C GLY TC 395 58.33 214.51 245.19
N ASP TC 396 59.20 215.34 244.64
CA ASP TC 396 59.35 216.76 244.99
C ASP TC 396 58.07 217.55 244.71
N TYR TC 397 57.14 216.99 243.93
CA TYR TC 397 55.90 217.64 243.51
C TYR TC 397 54.67 216.82 243.90
N MET TC 398 54.83 215.78 244.74
CA MET TC 398 53.73 214.98 245.28
C MET TC 398 53.81 214.93 246.81
N THR TC 399 52.65 215.01 247.49
CA THR TC 399 52.57 214.92 248.94
C THR TC 399 52.93 213.49 249.38
N ASN TC 400 53.31 213.33 250.66
CA ASN TC 400 53.63 212.03 251.23
C ASN TC 400 52.43 211.09 251.19
N GLU TC 401 51.22 211.63 251.38
CA GLU TC 401 50.00 210.85 251.20
C GLU TC 401 49.82 210.35 249.77
N GLN TC 402 50.11 211.22 248.77
CA GLN TC 402 50.01 210.85 247.37
C GLN TC 402 51.07 209.81 247.01
N VAL TC 403 52.28 209.94 247.58
CA VAL TC 403 53.35 208.96 247.42
C VAL TC 403 52.89 207.62 247.98
N ALA TC 404 52.35 207.62 249.20
CA ALA TC 404 51.88 206.42 249.88
C ALA TC 404 50.72 205.76 249.14
N GLU TC 405 49.78 206.56 248.63
CA GLU TC 405 48.63 206.07 247.87
C GLU TC 405 49.07 205.38 246.58
N LYS TC 406 50.02 205.98 245.85
CA LYS TC 406 50.55 205.40 244.61
C LYS TC 406 51.33 204.13 244.92
N LEU TC 407 52.01 204.10 246.07
CA LEU TC 407 52.84 203.00 246.52
C LEU TC 407 51.99 201.90 247.17
N ASP TC 408 50.68 202.15 247.34
CA ASP TC 408 49.70 201.24 247.93
C ASP TC 408 50.02 200.94 249.40
N LEU TC 409 50.20 202.01 250.20
CA LEU TC 409 50.50 201.95 251.63
C LEU TC 409 49.74 203.03 252.40
N PRO TC 410 49.54 202.86 253.74
CA PRO TC 410 49.00 203.92 254.59
C PRO TC 410 49.86 205.19 254.63
N ALA TC 411 49.19 206.35 254.67
CA ALA TC 411 49.84 207.65 254.84
C ALA TC 411 50.36 207.82 256.27
N PRO TC 412 51.32 208.75 256.52
CA PRO TC 412 51.79 209.06 257.88
C PRO TC 412 50.69 209.40 258.89
N GLU TC 413 50.94 209.11 260.17
CA GLU TC 413 49.97 209.25 261.26
C GLU TC 413 49.85 210.69 261.77
N ASP TC 414 50.71 211.60 261.30
CA ASP TC 414 50.69 213.02 261.64
C ASP TC 414 50.33 213.83 260.39
N ASP TC 415 49.33 214.71 260.51
CA ASP TC 415 48.67 215.37 259.38
C ASP TC 415 49.65 216.14 258.49
N GLU TC 416 50.55 216.95 259.09
CA GLU TC 416 51.48 217.75 258.33
C GLU TC 416 52.54 216.88 257.66
N VAL TC 417 52.84 215.71 258.26
CA VAL TC 417 53.80 214.76 257.71
C VAL TC 417 53.19 214.06 256.49
N ALA TC 418 51.86 213.84 256.50
CA ALA TC 418 51.14 213.29 255.36
C ALA TC 418 50.97 214.33 254.24
N ASP TC 419 50.61 215.57 254.60
CA ASP TC 419 50.23 216.62 253.68
C ASP TC 419 51.44 217.27 253.01
N SER TC 420 52.62 217.23 253.66
CA SER TC 420 53.85 217.79 253.12
C SER TC 420 54.38 216.98 251.94
N TYR TC 421 55.29 217.61 251.17
CA TYR TC 421 55.92 217.07 249.97
C TYR TC 421 57.35 216.64 250.29
N ARG TC 422 57.97 217.35 251.24
CA ARG TC 422 59.23 217.00 251.90
C ARG TC 422 59.08 215.63 252.57
N SER TC 423 60.07 214.75 252.41
CA SER TC 423 60.03 213.36 252.88
C SER TC 423 59.86 213.29 254.40
N PRO TC 424 59.18 212.24 254.95
CA PRO TC 424 59.17 211.99 256.39
C PRO TC 424 60.54 211.63 256.94
N ALA TC 425 61.36 210.90 256.16
CA ALA TC 425 62.73 210.60 256.51
C ALA TC 425 63.59 211.86 256.59
N ASP TC 426 63.32 212.85 255.71
CA ASP TC 426 63.99 214.14 255.74
C ASP TC 426 63.62 214.95 256.98
N MET TC 427 62.33 214.94 257.36
CA MET TC 427 61.87 215.57 258.59
C MET TC 427 62.52 214.92 259.82
N GLU TC 428 62.66 213.59 259.80
CA GLU TC 428 63.22 212.82 260.90
C GLU TC 428 64.71 213.08 261.08
N LYS TC 429 65.49 213.09 259.98
CA LYS TC 429 66.93 213.30 260.03
C LYS TC 429 67.28 214.72 260.47
N ASP TC 430 66.48 215.70 260.04
CA ASP TC 430 66.68 217.09 260.41
C ASP TC 430 66.36 217.30 261.90
N GLU TC 431 65.27 216.68 262.39
CA GLU TC 431 64.86 216.80 263.79
C GLU TC 431 65.89 216.13 264.70
N ALA TC 432 66.46 215.02 264.24
CA ALA TC 432 67.46 214.27 265.00
C ALA TC 432 68.79 215.03 265.03
N GLY TC 433 69.11 215.73 263.94
CA GLY TC 433 70.29 216.58 263.85
C GLY TC 433 70.17 217.83 264.71
N VAL TC 434 68.98 218.44 264.72
CA VAL TC 434 68.65 219.59 265.55
C VAL TC 434 68.28 219.09 266.95
N ALA UC 31 25.40 242.90 207.23
CA ALA UC 31 25.09 241.55 206.68
C ALA UC 31 23.66 241.16 207.05
N SER UC 32 23.47 240.03 207.74
CA SER UC 32 22.15 239.53 208.14
C SER UC 32 22.22 238.75 209.46
N SER UC 33 21.08 238.64 210.17
CA SER UC 33 20.98 238.00 211.47
C SER UC 33 20.43 236.57 211.41
N THR UC 34 20.09 236.10 210.19
CA THR UC 34 19.65 234.73 209.94
C THR UC 34 20.29 234.20 208.65
N PRO UC 35 20.56 232.87 208.51
CA PRO UC 35 21.19 232.31 207.31
C PRO UC 35 20.49 232.60 205.98
N GLN UC 36 21.26 232.66 204.88
CA GLN UC 36 20.75 232.98 203.55
C GLN UC 36 21.19 231.98 202.48
N THR UC 37 22.22 231.16 202.76
CA THR UC 37 22.63 230.06 201.88
C THR UC 37 21.71 228.86 202.10
N ASN UC 38 21.42 228.11 201.01
CA ASN UC 38 20.57 226.92 201.03
C ASN UC 38 21.36 225.71 201.54
N VAL UC 39 20.67 224.60 201.88
CA VAL UC 39 21.21 223.52 202.70
C VAL UC 39 20.94 222.12 202.11
N ASP UC 40 20.70 222.04 200.79
CA ASP UC 40 20.81 220.85 199.93
C ASP UC 40 19.90 219.66 200.29
N SER UC 41 18.91 219.83 201.19
CA SER UC 41 17.90 218.81 201.48
C SER UC 41 16.68 219.42 202.17
N MET UC 42 15.48 218.93 201.81
CA MET UC 42 14.22 219.26 202.47
C MET UC 42 13.15 218.26 202.06
N GLY UC 43 12.45 217.66 203.05
CA GLY UC 43 11.27 216.84 202.82
C GLY UC 43 11.53 215.46 202.23
N GLY UC 44 12.79 215.13 201.94
CA GLY UC 44 13.12 213.92 201.20
C GLY UC 44 12.81 214.08 199.71
N GLY UC 45 11.97 213.17 199.18
CA GLY UC 45 11.52 213.21 197.80
C GLY UC 45 10.26 214.06 197.63
N ASP UC 54 16.34 211.06 204.58
CA ASP UC 54 17.57 210.59 203.92
C ASP UC 54 18.02 209.27 204.54
N LEU UC 55 17.55 208.99 205.76
CA LEU UC 55 17.85 207.77 206.52
C LEU UC 55 16.69 207.42 207.46
N THR UC 56 16.61 206.15 207.88
CA THR UC 56 15.40 205.59 208.50
C THR UC 56 15.74 204.68 209.70
N PHE UC 57 14.69 204.29 210.43
CA PHE UC 57 14.80 203.33 211.53
C PHE UC 57 15.36 202.01 211.02
N GLU UC 58 15.00 201.64 209.77
CA GLU UC 58 15.42 200.39 209.15
C GLU UC 58 16.93 200.37 208.94
N ASP UC 59 17.53 201.53 208.67
CA ASP UC 59 18.97 201.67 208.51
C ASP UC 59 19.68 201.53 209.86
N LEU UC 60 19.16 202.17 210.91
CA LEU UC 60 19.77 202.14 212.23
C LEU UC 60 19.58 200.79 212.92
N ARG UC 61 18.57 200.01 212.51
CA ARG UC 61 18.40 198.63 212.96
C ARG UC 61 19.58 197.76 212.53
N ASP UC 62 20.14 197.99 211.33
CA ASP UC 62 21.35 197.30 210.90
C ASP UC 62 22.52 197.66 211.81
N ILE UC 63 22.61 198.94 212.24
CA ILE UC 63 23.69 199.40 213.12
C ILE UC 63 23.58 198.67 214.46
N LYS UC 64 22.36 198.56 214.99
CA LYS UC 64 22.08 197.84 216.22
C LYS UC 64 22.49 196.37 216.08
N ASP UC 65 22.20 195.76 214.91
CA ASP UC 65 22.54 194.38 214.62
C ASP UC 65 24.06 194.18 214.57
N VAL UC 66 24.80 195.11 213.95
CA VAL UC 66 26.25 195.01 213.84
C VAL UC 66 26.88 195.13 215.24
N ARG UC 67 26.27 195.91 216.14
CA ARG UC 67 26.74 196.10 217.51
C ARG UC 67 26.47 194.86 218.37
N ASP UC 68 25.27 194.28 218.28
CA ASP UC 68 24.84 193.24 219.21
C ASP UC 68 25.18 191.83 218.73
N SER UC 69 25.46 191.64 217.42
CA SER UC 69 25.85 190.35 216.87
C SER UC 69 27.32 189.99 217.15
N GLY UC 70 28.08 190.91 217.76
CA GLY UC 70 29.43 190.63 218.26
C GLY UC 70 30.46 190.42 217.14
N GLY UC 71 31.45 189.58 217.41
CA GLY UC 71 32.52 189.29 216.47
C GLY UC 71 33.55 190.41 216.37
N GLN UC 72 34.53 190.21 215.46
CA GLN UC 72 35.68 191.09 215.28
C GLN UC 72 35.24 192.49 214.86
N VAL UC 73 34.21 192.59 214.01
CA VAL UC 73 33.68 193.85 213.51
C VAL UC 73 33.22 194.74 214.66
N ALA UC 74 32.44 194.16 215.58
CA ALA UC 74 31.95 194.89 216.74
C ALA UC 74 33.10 195.29 217.66
N GLN UC 75 34.09 194.41 217.83
CA GLN UC 75 35.21 194.67 218.74
C GLN UC 75 36.04 195.85 218.24
N LEU UC 76 36.22 196.00 216.92
CA LEU UC 76 36.99 197.12 216.38
C LEU UC 76 36.30 198.44 216.67
N MET UC 77 34.97 198.51 216.50
CA MET UC 77 34.22 199.73 216.76
C MET UC 77 34.14 200.03 218.26
N ASP UC 78 34.05 198.99 219.10
CA ASP UC 78 34.06 199.14 220.56
C ASP UC 78 35.44 199.57 221.06
N TYR UC 79 36.52 199.04 220.47
CA TYR UC 79 37.88 199.50 220.73
C TYR UC 79 38.05 200.97 220.32
N LYS UC 80 37.49 201.37 219.16
CA LYS UC 80 37.50 202.74 218.68
C LYS UC 80 36.85 203.69 219.70
N ALA UC 81 35.72 203.27 220.28
CA ALA UC 81 35.03 204.02 221.32
C ALA UC 81 35.86 204.09 222.60
N LEU UC 82 36.48 202.97 222.98
CA LEU UC 82 37.26 202.89 224.21
C LEU UC 82 38.51 203.76 224.13
N LEU UC 83 39.09 203.95 222.94
CA LEU UC 83 40.20 204.87 222.75
C LEU UC 83 39.71 206.30 222.96
N ASN UC 84 38.59 206.66 222.33
CA ASN UC 84 38.13 208.03 222.29
C ASN UC 84 37.58 208.48 223.65
N PHE UC 85 37.06 207.55 224.47
CA PHE UC 85 36.24 207.92 225.62
C PHE UC 85 36.52 207.12 226.90
N GLY UC 86 37.24 206.00 226.82
CA GLY UC 86 37.31 205.02 227.89
C GLY UC 86 38.17 205.39 229.11
N GLU UC 87 38.96 206.47 229.01
CA GLU UC 87 39.91 206.88 230.05
C GLU UC 87 39.31 207.88 231.04
N GLY UC 88 38.05 208.30 230.83
CA GLY UC 88 37.35 209.21 231.74
C GLY UC 88 37.53 210.69 231.42
N CYS UC 89 37.10 211.59 232.33
CA CYS UC 89 37.00 213.03 232.08
C CYS UC 89 37.24 213.89 233.33
N GLU UC 90 37.40 215.22 233.14
CA GLU UC 90 37.53 216.22 234.21
C GLU UC 90 36.78 217.51 233.86
N ILE UC 91 36.23 218.18 234.90
CA ILE UC 91 35.47 219.43 234.80
C ILE UC 91 36.26 220.58 235.46
N HIS UC 92 36.26 221.76 234.80
CA HIS UC 92 36.65 223.04 235.39
C HIS UC 92 35.66 224.13 234.96
N VAL UC 93 35.70 225.31 235.60
CA VAL UC 93 35.00 226.51 235.12
C VAL UC 93 35.98 227.67 235.19
N GLU UC 94 35.96 228.56 234.18
CA GLU UC 94 36.97 229.61 234.04
C GLU UC 94 36.79 230.68 235.13
N GLY UC 95 37.70 230.67 236.12
CA GLY UC 95 37.69 231.57 237.25
C GLY UC 95 36.67 231.17 238.33
N ASP UC 96 36.40 229.86 238.47
CA ASP UC 96 35.33 229.30 239.27
C ASP UC 96 35.33 229.80 240.71
N ASP UC 97 36.52 229.90 241.33
CA ASP UC 97 36.69 230.23 242.74
C ASP UC 97 36.35 231.68 243.08
N GLU UC 98 36.05 232.51 242.07
CA GLU UC 98 35.43 233.81 242.29
C GLU UC 98 33.98 233.65 242.75
N THR UC 99 33.44 232.42 242.64
CA THR UC 99 32.12 232.06 243.18
C THR UC 99 32.30 231.17 244.41
N LYS UC 100 31.57 231.52 245.49
CA LYS UC 100 31.48 230.78 246.74
C LYS UC 100 30.05 230.89 247.27
N GLN UC 101 29.08 230.55 246.40
CA GLN UC 101 27.66 230.82 246.58
C GLN UC 101 27.05 229.89 247.64
N LEU UC 102 26.16 230.43 248.46
CA LEU UC 102 25.49 229.70 249.53
C LEU UC 102 24.29 228.93 248.97
N VAL UC 103 24.57 227.84 248.22
CA VAL UC 103 23.59 227.06 247.48
C VAL UC 103 22.61 226.39 248.45
N ASP UC 104 23.13 225.87 249.57
CA ASP UC 104 22.32 225.24 250.62
C ASP UC 104 22.91 225.57 251.99
N GLY UC 105 23.07 226.87 252.29
CA GLY UC 105 23.54 227.35 253.57
C GLY UC 105 25.06 227.29 253.77
N GLU UC 106 25.79 226.73 252.79
CA GLU UC 106 27.24 226.58 252.84
C GLU UC 106 27.83 226.84 251.44
N PRO UC 107 29.02 227.48 251.30
CA PRO UC 107 29.60 227.80 249.99
C PRO UC 107 29.83 226.64 249.01
N MET UC 108 29.60 226.93 247.72
CA MET UC 108 29.96 226.05 246.61
C MET UC 108 30.47 226.87 245.42
N THR UC 109 31.34 226.22 244.63
CA THR UC 109 31.73 226.62 243.28
C THR UC 109 30.75 225.99 242.28
N LEU UC 110 30.82 226.40 241.01
CA LEU UC 110 30.01 225.76 239.98
C LEU UC 110 30.51 224.35 239.67
N SER UC 111 31.84 224.12 239.71
CA SER UC 111 32.38 222.78 239.52
C SER UC 111 31.88 221.80 240.58
N GLU UC 112 31.75 222.25 241.84
CA GLU UC 112 31.18 221.43 242.90
C GLU UC 112 29.72 221.08 242.60
N TRP UC 113 28.95 222.06 242.11
CA TRP UC 113 27.55 221.85 241.74
C TRP UC 113 27.43 220.90 240.54
N LEU UC 114 28.37 220.98 239.59
CA LEU UC 114 28.37 220.15 238.40
C LEU UC 114 28.74 218.71 238.75
N GLU UC 115 29.61 218.53 239.76
CA GLU UC 115 29.97 217.20 240.24
C GLU UC 115 28.78 216.53 240.94
N ASP UC 116 27.95 217.31 241.63
CA ASP UC 116 26.69 216.83 242.18
C ASP UC 116 25.69 216.49 241.07
N ALA UC 117 25.68 217.29 240.00
CA ALA UC 117 24.78 217.11 238.87
C ALA UC 117 25.17 215.89 238.01
N PHE UC 118 26.47 215.61 237.88
CA PHE UC 118 26.99 214.55 237.03
C PHE UC 118 28.07 213.73 237.76
N PRO UC 119 27.72 212.96 238.83
CA PRO UC 119 28.72 212.22 239.62
C PRO UC 119 29.51 211.15 238.87
N HIS UC 120 28.86 210.53 237.86
CA HIS UC 120 29.40 209.37 237.17
C HIS UC 120 29.66 209.67 235.69
N LEU UC 121 30.08 210.90 235.38
CA LEU UC 121 30.15 211.43 234.02
C LEU UC 121 31.02 210.60 233.08
N ASP UC 122 32.04 209.91 233.61
CA ASP UC 122 32.91 209.04 232.82
C ASP UC 122 32.11 208.01 232.03
N LEU UC 123 31.12 207.38 232.68
CA LEU UC 123 30.33 206.32 232.09
C LEU UC 123 29.36 206.89 231.06
N LEU UC 124 28.81 208.08 231.34
CA LEU UC 124 27.87 208.75 230.46
C LEU UC 124 28.59 209.22 229.20
N VAL UC 125 29.82 209.74 229.34
CA VAL UC 125 30.65 210.18 228.21
C VAL UC 125 31.01 208.99 227.33
N LEU UC 126 31.35 207.85 227.94
CA LEU UC 126 31.69 206.63 227.19
C LEU UC 126 30.48 206.11 226.41
N ASP UC 127 29.29 206.10 227.02
CA ASP UC 127 28.06 205.64 226.39
C ASP UC 127 27.64 206.57 225.24
N LEU UC 128 27.60 207.88 225.49
CA LEU UC 128 27.21 208.86 224.48
C LEU UC 128 28.22 208.90 223.34
N GLY UC 129 29.51 208.92 223.67
CA GLY UC 129 30.58 208.92 222.69
C GLY UC 129 30.60 207.66 221.82
N GLY UC 130 30.40 206.50 222.46
CA GLY UC 130 30.24 205.23 221.78
C GLY UC 130 29.05 205.22 220.83
N ASP UC 131 27.88 205.68 221.30
CA ASP UC 131 26.68 205.80 220.51
C ASP UC 131 26.89 206.74 219.32
N ALA UC 132 27.59 207.86 219.53
CA ALA UC 132 27.87 208.84 218.49
C ALA UC 132 28.90 208.36 217.46
N LEU UC 133 29.66 207.29 217.78
CA LEU UC 133 30.52 206.62 216.81
C LEU UC 133 29.76 205.54 216.06
N TRP UC 134 28.92 204.77 216.76
CA TRP UC 134 28.13 203.68 216.20
C TRP UC 134 27.04 204.23 215.28
N TYR UC 135 26.16 205.08 215.84
CA TYR UC 135 25.02 205.67 215.17
C TYR UC 135 25.38 207.07 214.66
N PRO UC 136 24.58 207.70 213.75
CA PRO UC 136 24.84 209.07 213.31
C PRO UC 136 24.85 210.12 214.43
N TYR UC 137 24.13 209.83 215.52
CA TYR UC 137 23.94 210.74 216.66
C TYR UC 137 23.79 209.98 217.97
N ALA UC 138 24.19 210.63 219.08
CA ALA UC 138 23.69 210.33 220.41
C ALA UC 138 22.54 211.29 220.73
N VAL UC 139 21.56 210.87 221.54
CA VAL UC 139 20.32 211.61 221.76
C VAL UC 139 19.76 211.30 223.16
N GLY UC 140 19.03 212.26 223.77
CA GLY UC 140 18.46 212.10 225.10
C GLY UC 140 17.46 213.17 225.53
N GLU UC 141 16.94 213.02 226.76
CA GLU UC 141 16.04 213.92 227.47
C GLU UC 141 16.80 214.67 228.57
N ILE UC 142 16.22 215.75 229.12
CA ILE UC 142 16.64 216.34 230.39
C ILE UC 142 15.61 215.94 231.45
N GLN UC 143 16.07 215.41 232.60
CA GLN UC 143 15.19 214.81 233.60
C GLN UC 143 15.40 215.43 234.98
N GLU UC 144 14.31 215.50 235.77
CA GLU UC 144 14.23 216.19 237.05
C GLU UC 144 13.87 215.24 238.19
N THR UC 145 14.15 215.69 239.42
CA THR UC 145 13.66 215.12 240.67
C THR UC 145 12.16 215.37 240.79
N ILE UC 146 11.53 214.79 241.83
CA ILE UC 146 10.11 214.99 242.11
C ILE UC 146 9.88 216.43 242.58
N THR UC 147 10.87 217.02 243.26
CA THR UC 147 10.84 218.41 243.72
C THR UC 147 10.99 219.39 242.55
N GLY UC 148 11.74 219.00 241.51
CA GLY UC 148 11.82 219.77 240.29
C GLY UC 148 13.24 220.22 239.91
N GLU UC 149 14.17 220.09 240.86
CA GLU UC 149 15.60 220.30 240.63
C GLU UC 149 16.13 219.20 239.70
N PHE UC 150 17.28 219.44 239.05
CA PHE UC 150 17.87 218.55 238.06
C PHE UC 150 18.23 217.19 238.65
N LYS UC 151 18.14 216.13 237.81
CA LYS UC 151 18.48 214.77 238.18
C LYS UC 151 19.55 214.19 237.24
N GLU UC 152 19.26 214.15 235.93
CA GLU UC 152 20.12 213.53 234.93
C GLU UC 152 19.77 213.98 233.52
N ALA UC 153 20.74 213.85 232.59
CA ALA UC 153 20.51 213.98 231.16
C ALA UC 153 20.28 212.59 230.57
N LEU UC 154 19.06 212.05 230.75
CA LEU UC 154 18.70 210.67 230.44
C LEU UC 154 18.84 210.37 228.94
N PRO UC 155 19.76 209.48 228.51
CA PRO UC 155 19.88 209.12 227.09
C PRO UC 155 18.71 208.30 226.57
N ALA UC 156 18.50 208.32 225.24
CA ALA UC 156 17.45 207.59 224.55
C ALA UC 156 18.07 206.66 223.49
N GLU UC 157 17.42 205.52 223.23
CA GLU UC 157 17.96 204.45 222.39
C GLU UC 157 17.98 204.90 220.93
N PRO UC 158 19.18 205.15 220.33
CA PRO UC 158 19.24 205.91 219.07
C PRO UC 158 18.60 205.29 217.85
N TRP UC 159 18.56 203.95 217.78
CA TRP UC 159 17.95 203.23 216.66
C TRP UC 159 16.44 203.44 216.61
N THR UC 160 15.83 203.84 217.74
CA THR UC 160 14.41 204.08 217.85
C THR UC 160 14.01 205.47 217.34
N LEU UC 161 14.98 206.34 217.05
CA LEU UC 161 14.75 207.77 216.83
C LEU UC 161 15.28 208.25 215.47
N MET UC 162 14.53 209.15 214.83
CA MET UC 162 14.98 209.88 213.65
C MET UC 162 14.53 211.34 213.71
N PRO UC 163 15.37 212.32 213.28
CA PRO UC 163 15.00 213.74 213.35
C PRO UC 163 14.09 214.19 212.20
N GLU UC 164 13.32 215.26 212.47
CA GLU UC 164 12.55 215.98 211.46
C GLU UC 164 12.96 217.45 211.48
N SER UC 165 12.95 218.09 210.30
CA SER UC 165 13.78 219.28 210.04
C SER UC 165 13.06 220.34 209.20
N ASP UC 166 13.61 221.57 209.21
CA ASP UC 166 13.03 222.75 208.57
C ASP UC 166 13.70 223.06 207.22
N ALA UC 167 13.32 224.20 206.62
CA ALA UC 167 13.77 224.65 205.31
C ALA UC 167 15.24 225.11 205.30
N GLN UC 168 15.83 225.33 206.49
CA GLN UC 168 17.24 225.65 206.63
C GLN UC 168 18.03 224.44 207.18
N GLY UC 169 17.43 223.23 207.11
CA GLY UC 169 18.10 221.99 207.43
C GLY UC 169 18.35 221.73 208.91
N LYS UC 170 17.83 222.59 209.80
CA LYS UC 170 17.96 222.40 211.23
C LYS UC 170 16.92 221.41 211.74
N VAL UC 171 17.25 220.66 212.80
CA VAL UC 171 16.33 219.75 213.45
C VAL UC 171 15.35 220.56 214.31
N GLN UC 172 14.06 220.19 214.25
CA GLN UC 172 12.99 220.87 214.99
C GLN UC 172 12.13 219.91 215.80
N ALA UC 173 12.11 218.62 215.42
CA ALA UC 173 11.34 217.58 216.09
C ALA UC 173 12.04 216.22 215.96
N TRP UC 174 11.63 215.26 216.81
CA TRP UC 174 12.14 213.89 216.82
C TRP UC 174 10.97 212.90 216.72
N HIS UC 175 11.12 211.91 215.83
CA HIS UC 175 10.13 210.88 215.56
C HIS UC 175 10.64 209.56 216.12
N GLN UC 176 9.83 208.90 216.99
CA GLN UC 176 10.24 207.65 217.65
C GLN UC 176 9.31 206.50 217.26
N ARG UC 177 9.90 205.35 216.89
CA ARG UC 177 9.20 204.11 216.58
C ARG UC 177 9.80 202.95 217.39
N THR UC 178 8.95 202.14 218.04
CA THR UC 178 9.37 201.11 218.98
C THR UC 178 8.46 199.88 218.94
N LYS UC 179 8.98 198.70 219.33
CA LYS UC 179 8.26 197.44 219.36
C LYS UC 179 7.86 197.06 220.80
N THR UC 180 6.61 196.58 220.99
CA THR UC 180 6.11 196.03 222.24
C THR UC 180 5.06 194.95 221.97
N HIS UC 181 5.08 193.84 222.74
CA HIS UC 181 4.11 192.75 222.68
C HIS UC 181 3.91 192.16 221.28
N GLY UC 182 4.94 192.26 220.41
CA GLY UC 182 4.86 191.79 219.03
C GLY UC 182 4.26 192.82 218.07
N GLY UC 183 3.78 193.95 218.60
CA GLY UC 183 3.29 195.09 217.83
C GLY UC 183 4.23 196.29 217.92
N TYR UC 184 3.70 197.51 217.72
CA TYR UC 184 4.48 198.74 217.71
C TYR UC 184 3.79 199.88 218.48
N GLN UC 185 4.61 200.83 218.98
CA GLN UC 185 4.20 202.14 219.49
C GLN UC 185 5.06 203.22 218.82
N THR UC 186 4.42 204.30 218.35
CA THR UC 186 5.05 205.37 217.56
C THR UC 186 4.59 206.75 218.04
N GLN UC 187 5.50 207.75 218.05
CA GLN UC 187 5.24 209.10 218.53
C GLN UC 187 6.18 210.15 217.92
N THR UC 188 5.82 211.44 218.03
CA THR UC 188 6.64 212.58 217.65
C THR UC 188 6.73 213.59 218.79
N LEU UC 189 7.92 214.19 219.00
CA LEU UC 189 8.25 215.08 220.12
C LEU UC 189 9.05 216.30 219.65
N PRO UC 190 9.00 217.47 220.34
CA PRO UC 190 9.78 218.64 219.96
C PRO UC 190 11.26 218.54 220.32
N ALA UC 191 12.13 219.19 219.53
CA ALA UC 191 13.56 219.27 219.82
C ALA UC 191 13.83 220.40 220.82
N ASP UC 192 13.18 220.32 221.99
CA ASP UC 192 13.15 221.37 223.00
C ASP UC 192 13.69 220.85 224.33
N ASP UC 193 13.02 219.85 224.92
CA ASP UC 193 13.49 219.14 226.11
C ASP UC 193 14.25 217.86 225.72
N LEU UC 194 14.27 217.54 224.42
CA LEU UC 194 15.20 216.57 223.84
C LEU UC 194 16.46 217.29 223.37
N TRP UC 195 17.60 216.56 223.32
CA TRP UC 195 18.90 217.07 222.90
C TRP UC 195 19.70 215.97 222.20
N ILE UC 197 23.81 214.94 219.96
CA ILE UC 197 25.25 215.18 219.73
C ILE UC 197 25.75 214.35 218.54
N VAL UC 198 26.64 214.92 217.70
CA VAL UC 198 27.13 214.33 216.45
C VAL UC 198 28.66 214.45 216.37
N ILE UC 199 29.37 213.36 216.03
CA ILE UC 199 30.83 213.38 215.86
C ILE UC 199 31.21 213.62 214.39
N ASN UC 200 30.59 212.88 213.45
CA ASN UC 200 30.94 212.91 212.04
C ASN UC 200 29.83 213.60 211.24
N LYS UC 201 30.20 214.55 210.36
CA LYS UC 201 29.26 215.43 209.68
C LYS UC 201 29.46 215.41 208.15
N ALA UC 202 28.36 215.67 207.42
CA ALA UC 202 28.35 215.79 205.97
C ALA UC 202 28.97 217.12 205.49
N SER UC 203 28.94 218.15 206.35
CA SER UC 203 29.54 219.46 206.09
C SER UC 203 29.79 220.22 207.39
N ALA UC 204 30.47 221.36 207.32
CA ALA UC 204 30.82 222.19 208.47
C ALA UC 204 29.59 222.84 209.10
N ARG UC 205 28.43 222.80 208.40
CA ARG UC 205 27.18 223.40 208.85
C ARG UC 205 26.03 222.38 208.97
N ASP UC 206 26.36 221.07 208.91
CA ASP UC 206 25.42 219.96 209.11
C ASP UC 206 24.98 219.85 210.56
N GLU UC 207 23.85 219.17 210.80
CA GLU UC 207 23.23 218.97 212.11
C GLU UC 207 22.80 217.52 212.34
N VAL UC 208 22.78 216.67 211.28
CA VAL UC 208 22.24 215.32 211.33
C VAL UC 208 23.36 214.26 211.41
N GLY UC 209 24.40 214.38 210.58
CA GLY UC 209 25.58 213.53 210.70
C GLY UC 209 25.48 212.21 209.94
N ILE UC 210 26.56 211.41 209.97
CA ILE UC 210 26.71 210.14 209.26
C ILE UC 210 27.32 209.09 210.19
N SER UC 211 26.83 207.84 210.12
CA SER UC 211 27.45 206.71 210.79
C SER UC 211 28.51 206.08 209.89
N GLU UC 212 29.67 205.74 210.49
CA GLU UC 212 30.74 205.04 209.79
C GLU UC 212 30.33 203.62 209.38
N VAL UC 213 29.33 203.04 210.05
CA VAL UC 213 28.78 201.73 209.72
C VAL UC 213 28.03 201.81 208.38
N LEU UC 214 27.40 202.97 208.12
CA LEU UC 214 26.71 203.21 206.86
C LEU UC 214 27.69 203.70 205.79
N ARG UC 215 28.74 204.42 206.19
CA ARG UC 215 29.75 205.00 205.31
C ARG UC 215 30.64 203.91 204.70
N ASN UC 216 30.86 202.80 205.45
CA ASN UC 216 31.73 201.70 205.03
C ASN UC 216 30.96 200.37 205.04
N LYS UC 217 29.66 200.38 204.67
CA LYS UC 217 28.77 199.23 204.75
C LYS UC 217 29.28 198.05 203.93
N ASP UC 218 29.78 198.33 202.72
CA ASP UC 218 30.30 197.35 201.79
C ASP UC 218 31.51 196.61 202.37
N GLU UC 219 32.45 197.34 202.98
CA GLU UC 219 33.66 196.79 203.58
C GLU UC 219 33.32 195.87 204.75
N ILE UC 220 32.32 196.26 205.56
CA ILE UC 220 31.86 195.48 206.69
C ILE UC 220 31.28 194.15 206.22
N GLN UC 221 30.44 194.18 205.17
CA GLN UC 221 29.86 192.97 204.60
C GLN UC 221 30.93 192.11 203.94
N ALA UC 222 31.89 192.74 203.23
CA ALA UC 222 32.97 192.03 202.57
C ALA UC 222 33.87 191.29 203.57
N PHE UC 223 34.09 191.87 204.75
CA PHE UC 223 34.85 191.23 205.82
C PHE UC 223 34.14 189.96 206.28
N LYS UC 224 32.85 190.05 206.59
CA LYS UC 224 32.06 188.92 207.05
C LYS UC 224 31.97 187.83 205.98
N GLN UC 225 31.82 188.22 204.72
CA GLN UC 225 31.78 187.29 203.59
C GLN UC 225 33.10 186.53 203.46
N ASN UC 226 34.23 187.23 203.53
CA ASN UC 226 35.55 186.61 203.42
C ASN UC 226 35.82 185.65 204.57
N GLU UC 227 35.39 186.01 205.79
CA GLU UC 227 35.47 185.14 206.96
C GLU UC 227 34.68 183.85 206.74
N ALA UC 228 33.44 183.95 206.23
CA ALA UC 228 32.62 182.80 205.92
C ALA UC 228 33.25 181.94 204.84
N ALA UC 229 33.85 182.58 203.82
CA ALA UC 229 34.55 181.91 202.74
C ALA UC 229 35.75 181.11 203.26
N ILE UC 230 36.57 181.72 204.13
CA ILE UC 230 37.74 181.08 204.72
C ILE UC 230 37.30 179.89 205.59
N ASN UC 231 36.30 180.10 206.45
CA ASN UC 231 35.82 179.10 207.38
C ASN UC 231 35.42 177.82 206.63
N GLN UC 232 34.65 177.98 205.55
CA GLN UC 232 34.19 176.88 204.71
C GLN UC 232 35.36 176.27 203.95
N ALA UC 233 36.28 177.11 203.44
CA ALA UC 233 37.43 176.65 202.67
C ALA UC 233 38.40 175.82 203.54
N ILE UC 234 38.54 176.17 204.82
CA ILE UC 234 39.33 175.40 205.77
C ILE UC 234 38.67 174.03 205.99
N GLU UC 235 37.34 173.99 206.17
CA GLU UC 235 36.59 172.76 206.36
C GLU UC 235 36.78 171.79 205.18
N LEU UC 236 36.81 172.32 203.96
CA LEU UC 236 36.85 171.53 202.74
C LEU UC 236 38.27 171.22 202.26
N HIS UC 237 39.22 172.16 202.45
CA HIS UC 237 40.53 172.11 201.82
C HIS UC 237 41.70 172.20 202.81
N GLY UC 238 41.42 172.59 204.07
CA GLY UC 238 42.44 172.73 205.10
C GLY UC 238 42.85 171.39 205.74
N PHE UC 239 42.00 170.36 205.60
CA PHE UC 239 42.21 169.03 206.15
C PHE UC 239 42.33 168.01 205.02
N PRO UC 240 43.26 167.03 205.10
CA PRO UC 240 43.31 165.94 204.11
C PRO UC 240 42.13 164.99 204.29
N GLN UC 241 41.71 164.35 203.20
CA GLN UC 241 40.56 163.44 203.17
C GLN UC 241 40.95 162.16 202.43
N ARG UC 242 40.36 161.01 202.79
CA ARG UC 242 40.77 159.70 202.28
C ARG UC 242 39.85 159.25 201.14
N VAL UC 244 39.32 155.84 199.00
CA VAL UC 244 39.55 154.43 198.69
C VAL UC 244 39.00 154.12 197.29
N LYS UC 245 39.88 153.64 196.39
CA LYS UC 245 39.55 153.23 195.04
C LYS UC 245 39.58 151.70 194.95
N VAL UC 246 38.48 151.11 194.44
CA VAL UC 246 38.23 149.67 194.54
C VAL UC 246 38.16 149.06 193.14
N GLY UC 247 38.81 147.90 192.95
CA GLY UC 247 38.82 147.20 191.68
C GLY UC 247 40.03 147.59 190.82
N LYS UC 248 40.26 146.86 189.72
CA LYS UC 248 41.38 147.10 188.83
C LYS UC 248 40.96 148.03 187.69
N GLU UC 249 41.90 148.85 187.19
CA GLU UC 249 41.70 149.67 186.01
C GLU UC 249 41.48 148.76 184.79
N ASP UC 250 40.40 149.00 184.03
CA ASP UC 250 39.95 148.15 182.94
C ASP UC 250 39.57 146.74 183.41
N GLY UC 251 39.18 146.62 184.70
CA GLY UC 251 38.76 145.36 185.31
C GLY UC 251 37.25 145.28 185.51
N ALA UC 252 36.81 144.47 186.48
CA ALA UC 252 35.40 144.28 186.79
C ALA UC 252 34.83 145.53 187.46
N PRO UC 253 33.53 145.88 187.24
CA PRO UC 253 32.91 147.02 187.93
C PRO UC 253 32.56 146.70 189.38
N VAL UC 254 32.55 147.74 190.21
CA VAL UC 254 32.18 147.66 191.63
C VAL UC 254 30.90 148.46 191.83
N ARG UC 255 29.92 147.89 192.56
CA ARG UC 255 28.59 148.47 192.75
C ARG UC 255 28.45 148.97 194.19
N ASP UC 256 27.35 149.69 194.49
CA ASP UC 256 27.14 150.33 195.78
C ASP UC 256 27.12 149.33 196.94
N ASN UC 257 26.47 148.16 196.76
CA ASN UC 257 26.37 147.13 197.78
C ASN UC 257 27.74 146.52 198.14
N ASP UC 258 28.73 146.73 197.26
CA ASP UC 258 30.12 146.35 197.49
C ASP UC 258 30.85 147.48 198.23
N LEU UC 259 30.69 148.72 197.76
CA LEU UC 259 31.31 149.89 198.37
C LEU UC 259 30.85 150.09 199.81
N ARG UC 260 29.58 149.76 200.10
CA ARG UC 260 29.02 149.79 201.44
C ARG UC 260 29.82 148.91 202.40
N ARG UC 261 30.28 147.75 201.88
CA ARG UC 261 31.06 146.78 202.63
C ARG UC 261 32.50 147.26 202.83
N VAL UC 262 33.09 147.87 201.80
CA VAL UC 262 34.42 148.45 201.87
C VAL UC 262 34.44 149.60 202.87
N ARG UC 263 33.41 150.46 202.82
CA ARG UC 263 33.24 151.60 203.72
C ARG UC 263 33.14 151.15 205.17
N THR UC 264 32.51 149.99 205.40
CA THR UC 264 32.36 149.39 206.73
C THR UC 264 33.70 148.99 207.32
N ILE UC 265 34.69 148.63 206.47
CA ILE UC 265 36.02 148.21 206.91
C ILE UC 265 36.88 149.43 207.21
N PHE UC 266 37.05 150.34 206.23
CA PHE UC 266 37.94 151.49 206.33
C PHE UC 266 37.27 152.69 207.03
N ASP UC 267 36.30 152.44 207.92
CA ASP UC 267 35.45 153.46 208.51
C ASP UC 267 36.24 154.40 209.42
N PRO UC 268 36.31 155.74 209.14
CA PRO UC 268 37.00 156.66 210.04
C PRO UC 268 36.39 156.80 211.44
N ARG UC 269 35.15 156.30 211.61
CA ARG UC 269 34.44 156.23 212.88
C ARG UC 269 35.11 155.24 213.83
N THR UC 270 35.80 154.22 213.28
CA THR UC 270 36.33 153.10 214.08
C THR UC 270 37.82 152.81 213.80
N THR UC 271 38.44 153.57 212.88
CA THR UC 271 39.87 153.52 212.59
C THR UC 271 40.64 154.17 213.76
N ASP UC 272 41.88 153.73 214.00
CA ASP UC 272 42.74 154.27 215.05
C ASP UC 272 44.14 154.57 214.52
N ALA UC 273 44.96 155.30 215.30
CA ALA UC 273 46.24 155.86 214.89
C ALA UC 273 47.25 154.79 214.44
N ASN UC 274 47.08 153.54 214.89
CA ASN UC 274 48.01 152.45 214.63
C ASN UC 274 47.35 151.32 213.85
N THR UC 275 46.21 151.61 213.19
CA THR UC 275 45.52 150.67 212.32
C THR UC 275 46.41 150.30 211.13
N ALA UC 276 46.39 149.01 210.75
CA ALA UC 276 47.04 148.51 209.55
C ALA UC 276 46.03 147.83 208.61
N TYR UC 277 46.31 147.89 207.31
CA TYR UC 277 45.42 147.42 206.26
C TYR UC 277 46.10 146.33 205.43
N PHE UC 278 45.33 145.29 205.08
CA PHE UC 278 45.78 144.13 204.33
C PHE UC 278 44.87 143.95 203.12
N THR UC 279 45.42 143.94 201.90
CA THR UC 279 44.59 143.81 200.71
C THR UC 279 45.28 143.00 199.62
N GLY UC 280 44.48 142.48 198.67
CA GLY UC 280 44.98 142.15 197.35
C GLY UC 280 45.42 143.42 196.61
N GLN UC 281 46.05 143.25 195.44
CA GLN UC 281 46.61 144.36 194.67
C GLN UC 281 45.54 145.33 194.17
N ASP UC 282 44.27 144.90 194.09
CA ASP UC 282 43.22 145.64 193.38
C ASP UC 282 42.36 146.47 194.35
N VAL UC 283 42.97 146.97 195.44
CA VAL UC 283 42.40 147.99 196.31
C VAL UC 283 43.48 149.02 196.61
N ASP UC 284 43.16 150.31 196.38
CA ASP UC 284 44.07 151.42 196.61
C ASP UC 284 43.47 152.41 197.61
N VAL UC 285 44.26 152.79 198.63
CA VAL UC 285 43.91 153.85 199.56
C VAL UC 285 44.69 155.10 199.17
N GLU UC 286 44.01 156.06 198.53
CA GLU UC 286 44.61 157.35 198.20
C GLU UC 286 44.16 158.43 199.19
N THR UC 287 44.86 159.57 199.19
CA THR UC 287 44.49 160.73 199.98
C THR UC 287 44.38 161.97 199.09
N LEU UC 288 43.25 162.67 199.27
CA LEU UC 288 43.12 164.06 198.91
C LEU UC 288 43.92 164.88 199.92
N GLU UC 289 45.18 165.19 199.57
CA GLU UC 289 46.05 166.02 200.40
C GLU UC 289 45.44 167.41 200.51
N ALA UC 290 45.61 168.06 201.67
CA ALA UC 290 45.10 169.40 201.91
C ALA UC 290 45.70 170.36 200.87
N ASN UC 292 46.72 173.31 200.15
CA ASN UC 292 47.08 174.44 201.00
C ASN UC 292 47.13 175.76 200.22
N PHE UC 293 46.64 176.83 200.86
CA PHE UC 293 46.51 178.17 200.32
C PHE UC 293 46.82 179.20 201.41
N ASP UC 294 47.19 180.43 201.01
CA ASP UC 294 47.69 181.43 201.94
C ASP UC 294 46.54 182.20 202.59
N TYR UC 295 45.70 181.50 203.36
CA TYR UC 295 44.58 182.12 204.07
C TYR UC 295 45.05 183.13 205.11
N SER UC 296 46.28 182.97 205.61
CA SER UC 296 46.91 183.94 206.50
C SER UC 296 46.99 185.31 205.83
N ALA UC 297 47.52 185.36 204.60
CA ALA UC 297 47.62 186.59 203.84
C ALA UC 297 46.24 187.18 203.50
N ILE UC 298 45.25 186.32 203.21
CA ILE UC 298 43.88 186.76 202.96
C ILE UC 298 43.31 187.42 204.23
N HIS UC 299 43.48 186.75 205.38
CA HIS UC 299 42.98 187.21 206.67
C HIS UC 299 43.61 188.54 207.08
N GLU UC 300 44.93 188.67 206.88
CA GLU UC 300 45.67 189.90 207.11
C GLU UC 300 45.19 191.02 206.17
N MET UC 301 44.87 190.68 204.92
CA MET UC 301 44.35 191.65 203.97
C MET UC 301 42.96 192.13 204.39
N ASP UC 302 42.09 191.21 204.85
CA ASP UC 302 40.78 191.56 205.39
C ASP UC 302 40.92 192.52 206.56
N MET UC 303 41.87 192.24 207.46
CA MET UC 303 42.09 193.03 208.66
C MET UC 303 42.63 194.40 208.28
N ARG UC 304 43.58 194.45 207.32
CA ARG UC 304 44.13 195.67 206.76
C ARG UC 304 43.03 196.55 206.18
N ASN UC 305 42.14 195.93 205.38
CA ASN UC 305 41.04 196.64 204.72
C ASN UC 305 40.09 197.23 205.75
N LEU UC 306 39.62 196.41 206.71
CA LEU UC 306 38.62 196.85 207.67
C LEU UC 306 39.18 197.87 208.66
N THR UC 307 40.41 197.66 209.17
CA THR UC 307 41.00 198.58 210.13
C THR UC 307 41.22 199.95 209.51
N THR UC 308 41.81 200.01 208.30
CA THR UC 308 42.08 201.27 207.62
C THR UC 308 40.80 201.96 207.16
N ALA UC 309 39.76 201.20 206.79
CA ALA UC 309 38.45 201.78 206.49
C ALA UC 309 37.86 202.45 207.74
N LEU UC 310 38.02 201.81 208.91
CA LEU UC 310 37.59 202.35 210.19
C LEU UC 310 38.59 203.34 210.79
N GLY UC 311 39.72 203.59 210.12
CA GLY UC 311 40.68 204.61 210.54
C GLY UC 311 41.61 204.16 211.66
N LEU UC 312 41.51 202.89 212.07
CA LEU UC 312 42.37 202.32 213.10
C LEU UC 312 43.72 201.93 212.52
N PRO UC 313 44.79 201.82 213.34
CA PRO UC 313 46.03 201.17 212.91
C PRO UC 313 45.80 199.66 212.83
N LEU UC 314 46.52 198.97 211.94
CA LEU UC 314 46.38 197.54 211.74
C LEU UC 314 46.74 196.76 213.01
N GLU UC 315 47.65 197.33 213.81
CA GLU UC 315 48.08 196.82 215.11
C GLU UC 315 46.93 196.66 216.11
N ALA UC 316 45.80 197.35 215.89
CA ALA UC 316 44.63 197.24 216.77
C ALA UC 316 43.87 195.95 216.50
N GLY UC 317 44.07 195.35 215.32
CA GLY UC 317 43.32 194.19 214.87
C GLY UC 317 44.06 192.87 215.08
N ASN UC 318 45.05 192.85 215.98
CA ASN UC 318 45.87 191.68 216.31
C ASN UC 318 46.66 191.20 215.09
N VAL UC 319 47.08 192.13 214.21
CA VAL UC 319 47.86 191.85 212.99
C VAL UC 319 49.00 192.87 212.87
N GLY UC 320 50.18 192.42 212.38
CA GLY UC 320 51.37 193.25 212.31
C GLY UC 320 51.68 193.81 210.92
N ALA UC 321 52.83 194.51 210.82
CA ALA UC 321 53.42 194.97 209.58
C ALA UC 321 54.94 194.97 209.68
N ASP UC 322 55.65 194.68 208.58
CA ASP UC 322 57.10 194.54 208.55
C ASP UC 322 57.79 195.89 208.39
N GLY UC 323 58.93 196.08 209.07
CA GLY UC 323 59.72 197.30 209.01
C GLY UC 323 59.16 198.48 209.81
N LEU UC 324 57.83 198.58 209.89
CA LEU UC 324 57.11 199.68 210.53
C LEU UC 324 57.14 199.62 212.05
N GLY UC 325 57.90 198.70 212.64
CA GLY UC 325 57.94 198.52 214.09
C GLY UC 325 59.04 199.30 214.82
N SER UC 326 59.66 200.29 214.15
CA SER UC 326 60.81 201.01 214.69
C SER UC 326 60.85 202.48 214.25
N GLY UC 327 61.44 203.34 215.08
CA GLY UC 327 61.69 204.75 214.80
C GLY UC 327 60.40 205.58 214.65
N LYS UC 328 60.53 206.80 214.10
CA LYS UC 328 59.40 207.65 213.79
C LYS UC 328 58.53 207.04 212.67
N PRO UC 329 59.04 206.19 211.75
CA PRO UC 329 58.19 205.33 210.93
C PRO UC 329 57.16 204.48 211.69
N ALA UC 330 57.42 204.17 212.96
CA ALA UC 330 56.39 203.61 213.84
C ALA UC 330 55.48 204.71 214.36
N GLU UC 331 56.06 205.76 214.96
CA GLU UC 331 55.37 206.78 215.73
C GLU UC 331 54.27 207.50 214.93
N LEU UC 332 54.43 207.63 213.61
CA LEU UC 332 53.51 208.40 212.76
C LEU UC 332 52.07 207.87 212.81
N ARG UC 333 51.88 206.55 212.90
CA ARG UC 333 50.54 205.95 212.98
C ARG UC 333 49.85 206.29 214.31
N PHE UC 334 50.62 206.27 215.41
CA PHE UC 334 50.16 206.62 216.73
C PHE UC 334 49.88 208.12 216.83
N ALA UC 335 50.68 208.94 216.12
CA ALA UC 335 50.46 210.37 216.00
C ALA UC 335 49.15 210.67 215.26
N LEU UC 336 48.89 209.99 214.13
CA LEU UC 336 47.65 210.10 213.37
C LEU UC 336 46.45 209.69 214.22
N LEU UC 337 46.63 208.68 215.08
CA LEU UC 337 45.58 208.19 215.95
C LEU UC 337 45.28 209.23 217.04
N LYS UC 338 46.32 209.81 217.65
CA LYS UC 338 46.16 210.85 218.66
C LYS UC 338 45.50 212.11 218.07
N LEU UC 339 45.85 212.46 216.83
CA LEU UC 339 45.21 213.56 216.10
C LEU UC 339 43.70 213.35 216.03
N ALA UC 340 43.28 212.16 215.59
CA ALA UC 340 41.87 211.80 215.47
C ALA UC 340 41.16 211.84 216.83
N ILE UC 341 41.81 211.31 217.87
CA ILE UC 341 41.26 211.27 219.22
C ILE UC 341 41.04 212.68 219.76
N LYS UC 342 42.05 213.56 219.65
CA LYS UC 342 41.97 214.93 220.14
C LYS UC 342 40.89 215.72 219.40
N ALA UC 343 40.78 215.52 218.09
CA ALA UC 343 39.73 216.13 217.27
C ALA UC 343 38.34 215.69 217.72
N ASN UC 344 38.16 214.38 217.94
CA ASN UC 344 36.90 213.78 218.37
C ASN UC 344 36.50 214.27 219.76
N GLN UC 345 37.44 214.22 220.72
CA GLN UC 345 37.21 214.60 222.11
C GLN UC 345 36.78 216.07 222.21
N ARG UC 346 37.51 216.97 221.55
CA ARG UC 346 37.20 218.39 221.55
C ARG UC 346 35.85 218.65 220.87
N SER UC 347 35.56 217.92 219.78
CA SER UC 347 34.28 217.98 219.09
C SER UC 347 33.13 217.57 220.00
N PHE UC 348 33.35 216.59 220.87
CA PHE UC 348 32.32 216.08 221.77
C PHE UC 348 32.09 217.05 222.92
N SER UC 349 33.18 217.49 223.59
CA SER UC 349 33.13 218.34 224.77
C SER UC 349 32.34 219.62 224.52
N VAL UC 350 32.58 220.27 223.38
CA VAL UC 350 31.93 221.52 223.01
C VAL UC 350 30.41 221.31 222.96
N GLN UC 351 29.95 220.23 222.32
CA GLN UC 351 28.54 219.96 222.18
C GLN UC 351 27.88 219.61 223.52
N PHE UC 352 28.59 218.85 224.38
CA PHE UC 352 28.06 218.49 225.69
C PHE UC 352 27.94 219.72 226.59
N VAL UC 353 28.94 220.61 226.58
CA VAL UC 353 28.91 221.85 227.32
C VAL UC 353 27.76 222.73 226.83
N GLU UC 354 27.66 222.96 225.52
CA GLU UC 354 26.77 223.95 224.92
C GLU UC 354 25.31 223.49 224.86
N ARG UC 355 25.06 222.16 224.79
CA ARG UC 355 23.71 221.62 224.62
C ARG UC 355 23.23 220.74 225.77
N VAL UC 356 24.08 220.46 226.77
CA VAL UC 356 23.65 219.74 227.98
C VAL UC 356 23.95 220.57 229.23
N MET UC 357 25.23 220.88 229.49
CA MET UC 357 25.66 221.48 230.75
C MET UC 357 25.10 222.88 230.94
N ARG UC 358 25.22 223.76 229.92
CA ARG UC 358 24.77 225.14 230.01
C ARG UC 358 23.26 225.25 230.24
N PRO UC 359 22.38 224.59 229.43
CA PRO UC 359 20.96 224.51 229.74
C PRO UC 359 20.60 224.05 231.15
N VAL UC 360 21.32 223.05 231.69
CA VAL UC 360 21.09 222.53 233.02
C VAL UC 360 21.42 223.59 234.07
N VAL UC 361 22.54 224.30 233.92
CA VAL UC 361 22.94 225.35 234.84
C VAL UC 361 21.92 226.50 234.78
N ARG UC 362 21.48 226.86 233.57
CA ARG UC 362 20.51 227.92 233.34
C ARG UC 362 19.19 227.64 234.07
N ASP UC 363 18.68 226.42 233.93
CA ASP UC 363 17.31 226.09 234.33
C ASP UC 363 17.20 225.62 235.79
N TYR UC 364 18.30 225.17 236.42
CA TYR UC 364 18.23 224.49 237.71
C TYR UC 364 19.27 224.98 238.73
N SER UC 365 20.13 225.95 238.38
CA SER UC 365 21.27 226.33 239.22
C SER UC 365 21.23 227.81 239.57
N PRO UC 366 21.70 228.22 240.78
CA PRO UC 366 21.83 229.65 241.11
C PRO UC 366 23.03 230.38 240.51
N PHE UC 367 23.93 229.64 239.83
CA PHE UC 367 25.09 230.22 239.16
C PHE UC 367 24.73 230.70 237.76
N ASP UC 368 25.55 231.58 237.18
CA ASP UC 368 25.44 232.07 235.80
C ASP UC 368 25.99 231.02 234.83
N HIS UC 369 25.16 230.58 233.86
CA HIS UC 369 25.51 229.55 232.90
C HIS UC 369 26.42 230.07 231.78
N GLU UC 370 26.50 231.40 231.62
CA GLU UC 370 27.26 232.00 230.53
C GLU UC 370 28.76 232.13 230.86
N ALA UC 371 29.16 231.69 232.06
CA ALA UC 371 30.56 231.44 232.38
C ALA UC 371 31.07 230.27 231.54
N ASP UC 372 32.38 230.24 231.25
CA ASP UC 372 32.98 229.19 230.43
C ASP UC 372 33.26 227.93 231.26
N ILE UC 373 32.32 226.97 231.21
CA ILE UC 373 32.51 225.61 231.69
C ILE UC 373 33.49 224.90 230.75
N ARG UC 374 34.45 224.16 231.34
CA ARG UC 374 35.45 223.39 230.62
C ARG UC 374 35.28 221.89 230.95
N LEU UC 375 35.12 221.06 229.91
CA LEU UC 375 35.11 219.61 230.03
C LEU UC 375 36.20 219.01 229.14
N GLU UC 376 37.12 218.24 229.75
CA GLU UC 376 38.18 217.57 229.00
C GLU UC 376 38.14 216.06 229.25
N ILE UC 377 38.45 215.29 228.19
CA ILE UC 377 38.39 213.84 228.19
C ILE UC 377 39.82 213.30 228.09
N ASN UC 378 40.15 212.30 228.92
CA ASN UC 378 41.52 211.84 229.14
C ASN UC 378 42.07 211.15 227.89
N ASP UC 379 43.40 211.23 227.70
CA ASP UC 379 44.12 210.68 226.55
C ASP UC 379 44.44 209.20 226.79
N PRO UC 380 44.00 208.26 225.90
CA PRO UC 380 44.29 206.83 226.08
C PRO UC 380 45.75 206.44 225.90
N LEU UC 381 46.54 207.33 225.26
CA LEU UC 381 47.95 207.09 224.98
C LEU UC 381 48.85 208.10 225.71
N GLU UC 382 48.39 208.55 226.88
CA GLU UC 382 49.17 209.34 227.84
C GLU UC 382 50.36 208.51 228.31
N ASP UC 383 51.53 209.15 228.45
CA ASP UC 383 52.73 208.54 229.00
C ASP UC 383 53.17 209.31 230.24
N ILE UC 384 53.11 208.65 231.41
CA ILE UC 384 53.44 209.25 232.69
C ILE UC 384 54.94 209.54 232.75
N GLY UC 385 55.76 208.70 232.10
CA GLY UC 385 57.19 208.89 231.99
C GLY UC 385 57.59 210.17 231.25
N GLU UC 386 56.80 210.56 230.24
CA GLU UC 386 57.00 211.79 229.49
C GLU UC 386 56.80 212.99 230.41
N VAL UC 387 55.73 212.98 231.21
CA VAL UC 387 55.42 214.01 232.18
C VAL UC 387 56.49 214.05 233.27
N ALA UC 388 56.94 212.88 233.72
CA ALA UC 388 57.94 212.76 234.78
C ALA UC 388 59.29 213.32 234.32
N ASP UC 389 59.67 213.04 233.06
CA ASP UC 389 60.87 213.59 232.47
C ASP UC 389 60.73 215.11 232.31
N LEU UC 390 59.56 215.57 231.85
CA LEU UC 390 59.27 216.99 231.69
C LEU UC 390 59.41 217.72 233.03
N ILE UC 391 58.96 217.09 234.12
CA ILE UC 391 59.05 217.64 235.46
C ILE UC 391 60.52 217.74 235.89
N GLN UC 392 61.35 216.73 235.60
CA GLN UC 392 62.77 216.75 235.91
C GLN UC 392 63.52 217.79 235.07
N GLN UC 393 63.21 217.88 233.77
CA GLN UC 393 63.99 218.65 232.81
C GLN UC 393 63.60 220.14 232.81
N VAL UC 394 62.30 220.44 232.97
CA VAL UC 394 61.77 221.80 232.78
C VAL UC 394 60.74 222.19 233.85
N GLY UC 395 60.66 221.45 234.96
CA GLY UC 395 59.89 221.85 236.14
C GLY UC 395 60.30 223.20 236.72
N ASP UC 396 61.49 223.67 236.33
CA ASP UC 396 62.02 224.99 236.64
C ASP UC 396 61.21 226.11 235.97
N TYR UC 397 60.30 225.76 235.05
CA TYR UC 397 59.57 226.73 234.23
C TYR UC 397 58.05 226.50 234.28
N MET UC 398 57.59 225.45 235.00
CA MET UC 398 56.19 225.15 235.19
C MET UC 398 55.78 225.52 236.62
N THR UC 399 54.60 226.13 236.80
CA THR UC 399 54.07 226.40 238.13
C THR UC 399 53.68 225.06 238.80
N ASN UC 400 53.58 225.06 240.13
CA ASN UC 400 53.21 223.87 240.88
C ASN UC 400 51.82 223.38 240.49
N GLU UC 401 50.91 224.31 240.19
CA GLU UC 401 49.58 223.97 239.67
C GLU UC 401 49.66 223.36 238.27
N GLN UC 402 50.57 223.84 237.43
CA GLN UC 402 50.73 223.31 236.08
C GLN UC 402 51.32 221.90 236.13
N VAL UC 403 52.24 221.67 237.08
CA VAL UC 403 52.81 220.34 237.32
C VAL UC 403 51.70 219.40 237.79
N ALA UC 404 50.87 219.85 238.74
CA ALA UC 404 49.78 219.07 239.27
C ALA UC 404 48.77 218.69 238.18
N GLU UC 405 48.40 219.66 237.32
CA GLU UC 405 47.46 219.44 236.22
C GLU UC 405 47.99 218.41 235.22
N LYS UC 406 49.29 218.46 234.91
CA LYS UC 406 49.93 217.50 234.00
C LYS UC 406 50.07 216.12 234.65
N LEU UC 407 50.34 216.08 235.96
CA LEU UC 407 50.61 214.85 236.71
C LEU UC 407 49.32 214.15 237.18
N ASP UC 408 48.15 214.73 236.86
CA ASP UC 408 46.83 214.21 237.23
C ASP UC 408 46.63 214.24 238.75
N LEU UC 409 46.92 215.41 239.37
CA LEU UC 409 46.76 215.64 240.80
C LEU UC 409 46.09 216.99 241.05
N PRO UC 410 45.39 217.18 242.19
CA PRO UC 410 45.01 218.51 242.67
C PRO UC 410 46.22 219.39 242.93
N ALA UC 411 46.08 220.70 242.70
CA ALA UC 411 47.09 221.71 243.00
C ALA UC 411 47.28 221.87 244.50
N PRO UC 412 48.43 222.41 244.99
CA PRO UC 412 48.63 222.71 246.42
C PRO UC 412 47.53 223.56 247.07
N GLU UC 413 47.35 223.39 248.39
CA GLU UC 413 46.21 223.91 249.13
C GLU UC 413 46.40 225.35 249.61
N ASP UC 414 47.43 226.07 249.13
CA ASP UC 414 47.67 227.47 249.43
C ASP UC 414 48.14 228.19 248.17
N ASP UC 415 47.70 229.45 247.99
CA ASP UC 415 47.67 230.13 246.69
C ASP UC 415 49.06 230.31 246.08
N GLU UC 416 50.00 230.91 246.83
CA GLU UC 416 51.35 231.14 246.34
C GLU UC 416 52.13 229.83 246.20
N VAL UC 417 51.78 228.80 246.99
CA VAL UC 417 52.40 227.48 246.87
C VAL UC 417 52.02 226.84 245.54
N ALA UC 418 50.77 227.04 245.10
CA ALA UC 418 50.27 226.56 243.82
C ALA UC 418 50.82 227.39 242.66
N ASP UC 419 50.84 228.72 242.81
CA ASP UC 419 51.20 229.68 241.76
C ASP UC 419 52.71 229.70 241.48
N SER UC 420 53.54 229.46 242.50
CA SER UC 420 55.00 229.49 242.38
C SER UC 420 55.53 228.39 241.46
N TYR UC 421 56.78 228.58 240.99
CA TYR UC 421 57.42 227.71 240.02
C TYR UC 421 58.30 226.65 240.69
N ARG UC 422 59.00 226.99 241.78
CA ARG UC 422 59.88 226.05 242.46
C ARG UC 422 59.04 225.07 243.30
N SER UC 423 59.55 223.83 243.44
CA SER UC 423 58.85 222.71 244.05
C SER UC 423 58.35 223.02 245.46
N PRO UC 424 57.18 222.48 245.89
CA PRO UC 424 56.71 222.61 247.26
C PRO UC 424 57.63 221.93 248.27
N ALA UC 425 58.25 220.80 247.87
CA ALA UC 425 59.22 220.12 248.71
C ALA UC 425 60.47 220.99 248.88
N ASP UC 426 60.86 221.70 247.82
CA ASP UC 426 62.01 222.60 247.84
C ASP UC 426 61.74 223.81 248.74
N MET UC 427 60.50 224.32 248.73
CA MET UC 427 60.11 225.40 249.62
C MET UC 427 60.09 224.92 251.08
N GLU UC 428 59.58 223.70 251.33
CA GLU UC 428 59.48 223.10 252.66
C GLU UC 428 60.86 222.82 253.26
N LYS UC 429 61.80 222.25 252.49
CA LYS UC 429 63.13 221.88 252.97
C LYS UC 429 64.01 223.10 253.25
N ASP UC 430 63.71 224.23 252.60
CA ASP UC 430 64.36 225.52 252.85
C ASP UC 430 63.77 226.21 254.07
N GLU UC 431 62.42 226.26 254.16
CA GLU UC 431 61.69 226.93 255.22
C GLU UC 431 61.95 226.28 256.59
N ALA UC 432 62.32 225.00 256.58
CA ALA UC 432 62.72 224.26 257.78
C ALA UC 432 63.97 224.86 258.44
N GLY UC 433 64.67 225.77 257.74
CA GLY UC 433 65.84 226.45 258.28
C GLY UC 433 65.56 227.76 259.00
N VAL UC 434 64.29 228.19 259.03
CA VAL UC 434 63.88 229.46 259.61
C VAL UC 434 63.77 229.31 261.13
N ALA VC 31 53.21 253.52 188.19
CA ALA VC 31 52.51 252.25 187.86
C ALA VC 31 51.00 252.48 187.86
N SER VC 32 50.22 251.58 188.49
CA SER VC 32 48.75 251.62 188.40
C SER VC 32 48.07 251.11 189.67
N SER VC 33 46.82 251.55 189.90
CA SER VC 33 45.99 251.15 191.03
C SER VC 33 45.22 249.87 190.74
N THR VC 34 45.36 249.36 189.50
CA THR VC 34 44.63 248.20 188.98
C THR VC 34 45.58 247.33 188.13
N PRO VC 35 45.31 246.02 187.95
CA PRO VC 35 46.18 245.16 187.11
C PRO VC 35 46.11 245.45 185.61
N GLN VC 36 47.11 244.95 184.88
CA GLN VC 36 47.19 245.03 183.43
C GLN VC 36 47.38 243.64 182.80
N THR VC 37 47.93 242.68 183.56
CA THR VC 37 48.05 241.30 183.12
C THR VC 37 46.68 240.62 183.11
N ASN VC 38 46.40 239.82 182.07
CA ASN VC 38 45.18 239.03 181.97
C ASN VC 38 45.38 237.70 182.72
N VAL VC 39 44.28 237.00 183.06
CA VAL VC 39 44.31 235.83 183.95
C VAL VC 39 43.72 234.57 183.31
N ASP VC 40 43.71 234.51 181.96
CA ASP VC 40 43.58 233.29 181.17
C ASP VC 40 42.22 232.58 181.27
N SER VC 41 41.18 233.25 181.82
CA SER VC 41 39.79 232.80 181.73
C SER VC 41 38.82 233.94 182.04
N MET VC 42 37.61 233.88 181.46
CA MET VC 42 36.44 234.62 181.91
C MET VC 42 35.18 234.02 181.27
N GLY VC 43 34.12 233.82 182.08
CA GLY VC 43 32.76 233.60 181.60
C GLY VC 43 32.47 232.23 180.97
N GLY VC 44 33.49 231.37 180.83
CA GLY VC 44 33.34 230.12 180.12
C GLY VC 44 33.33 230.34 178.61
N GLY VC 45 32.19 230.05 177.97
CA GLY VC 45 31.99 230.24 176.54
C GLY VC 45 31.71 231.68 176.17
N ASP VC 54 36.21 226.68 185.08
CA ASP VC 54 36.47 225.50 184.22
C ASP VC 54 35.77 224.28 184.78
N LEU VC 55 34.84 224.48 185.74
CA LEU VC 55 34.16 223.40 186.47
C LEU VC 55 32.76 223.83 186.94
N THR VC 56 31.93 222.84 187.31
CA THR VC 56 30.49 222.99 187.53
C THR VC 56 30.02 222.24 188.78
N PHE VC 57 28.72 222.37 189.12
CA PHE VC 57 28.12 221.71 190.26
C PHE VC 57 28.20 220.19 190.12
N GLU VC 58 28.18 219.69 188.88
CA GLU VC 58 28.29 218.26 188.57
C GLU VC 58 29.68 217.73 188.94
N ASP VC 59 30.72 218.51 188.66
CA ASP VC 59 32.10 218.17 189.00
C ASP VC 59 32.29 218.23 190.51
N LEU VC 60 31.68 219.23 191.15
CA LEU VC 60 31.75 219.45 192.59
C LEU VC 60 31.07 218.31 193.36
N ARG VC 61 29.99 217.72 192.81
CA ARG VC 61 29.27 216.64 193.47
C ARG VC 61 30.01 215.31 193.38
N ASP VC 62 30.91 215.14 192.40
CA ASP VC 62 31.82 214.00 192.39
C ASP VC 62 32.75 214.05 193.60
N ILE VC 63 33.19 215.26 194.01
CA ILE VC 63 34.03 215.44 195.19
C ILE VC 63 33.27 214.96 196.43
N LYS VC 64 31.99 215.35 196.53
CA LYS VC 64 31.12 214.97 197.63
C LYS VC 64 30.95 213.45 197.68
N ASP VC 65 30.76 212.81 196.53
CA ASP VC 65 30.62 211.36 196.44
C ASP VC 65 31.90 210.65 196.90
N VAL VC 66 33.09 211.20 196.58
CA VAL VC 66 34.35 210.60 196.99
C VAL VC 66 34.53 210.74 198.51
N ARG VC 67 34.04 211.84 199.10
CA ARG VC 67 34.07 212.06 200.54
C ARG VC 67 33.12 211.13 201.28
N ASP VC 68 31.86 211.00 200.81
CA ASP VC 68 30.80 210.34 201.57
C ASP VC 68 30.71 208.83 201.31
N SER VC 69 31.37 208.32 200.25
CA SER VC 69 31.41 206.90 199.94
C SER VC 69 32.43 206.12 200.77
N GLY VC 70 33.25 206.81 201.58
CA GLY VC 70 34.12 206.17 202.57
C GLY VC 70 35.31 205.44 201.96
N GLY VC 71 35.84 204.44 202.69
CA GLY VC 71 36.95 203.62 202.24
C GLY VC 71 38.30 204.29 202.41
N GLN VC 72 39.38 203.60 201.98
CA GLN VC 72 40.77 203.94 202.23
C GLN VC 72 41.12 205.34 201.72
N VAL VC 73 40.66 205.70 200.51
CA VAL VC 73 40.93 206.98 199.86
C VAL VC 73 40.42 208.14 200.71
N ALA VC 74 39.17 208.04 201.16
CA ALA VC 74 38.54 209.07 201.98
C ALA VC 74 39.27 209.22 203.32
N GLN VC 75 39.65 208.09 203.94
CA GLN VC 75 40.39 208.10 205.19
C GLN VC 75 41.74 208.77 205.03
N LEU VC 76 42.41 208.56 203.89
CA LEU VC 76 43.70 209.16 203.61
C LEU VC 76 43.59 210.68 203.41
N MET VC 77 42.52 211.14 202.76
CA MET VC 77 42.27 212.56 202.60
C MET VC 77 41.89 213.21 203.93
N ASP VC 78 41.17 212.47 204.79
CA ASP VC 78 40.81 212.94 206.12
C ASP VC 78 42.04 212.95 207.04
N TYR VC 79 43.00 212.04 206.82
CA TYR VC 79 44.30 212.07 207.48
C TYR VC 79 45.10 213.29 207.01
N LYS VC 80 45.05 213.63 205.72
CA LYS VC 80 45.71 214.80 205.16
C LYS VC 80 45.19 216.08 205.84
N ALA VC 81 43.86 216.18 206.00
CA ALA VC 81 43.24 217.28 206.72
C ALA VC 81 43.71 217.36 208.17
N LEU VC 82 43.68 216.23 208.90
CA LEU VC 82 44.11 216.17 210.30
C LEU VC 82 45.57 216.60 210.46
N LEU VC 83 46.47 216.14 209.57
CA LEU VC 83 47.89 216.48 209.61
C LEU VC 83 48.13 217.97 209.44
N ASN VC 84 47.26 218.65 208.68
CA ASN VC 84 47.40 220.08 208.41
C ASN VC 84 46.71 220.95 209.47
N PHE VC 85 45.60 220.46 210.09
CA PHE VC 85 44.69 221.34 210.82
C PHE VC 85 44.13 220.78 212.14
N GLY VC 86 44.38 219.50 212.46
CA GLY VC 86 43.73 218.82 213.58
C GLY VC 86 44.32 219.09 214.96
N GLU VC 87 45.55 219.61 215.02
CA GLU VC 87 46.31 219.77 216.26
C GLU VC 87 45.91 221.02 217.05
N GLY VC 88 45.07 221.90 216.46
CA GLY VC 88 44.54 223.08 217.14
C GLY VC 88 45.23 224.38 216.75
N CYS VC 89 44.81 225.51 217.34
CA CYS VC 89 45.22 226.85 216.93
C CYS VC 89 45.36 227.81 218.11
N GLU VC 90 45.98 228.99 217.89
CA GLU VC 90 46.06 230.06 218.88
C GLU VC 90 45.93 231.44 218.23
N ILE VC 91 45.00 232.25 218.76
CA ILE VC 91 44.70 233.61 218.33
C ILE VC 91 45.73 234.57 218.90
N HIS VC 92 46.21 235.52 218.09
CA HIS VC 92 47.21 236.50 218.51
C HIS VC 92 46.99 237.87 217.85
N VAL VC 93 47.54 238.93 218.47
CA VAL VC 93 47.80 240.23 217.86
C VAL VC 93 49.16 240.69 218.38
N GLU VC 94 49.99 241.32 217.53
CA GLU VC 94 51.31 241.77 217.97
C GLU VC 94 51.18 242.94 218.94
N GLY VC 95 51.82 242.84 220.11
CA GLY VC 95 51.86 243.88 221.13
C GLY VC 95 50.50 244.16 221.77
N ASP VC 96 49.66 243.13 221.92
CA ASP VC 96 48.25 243.27 222.26
C ASP VC 96 48.01 243.89 223.64
N ASP VC 97 49.02 243.88 224.52
CA ASP VC 97 48.95 244.53 225.83
C ASP VC 97 48.79 246.05 225.70
N GLU VC 98 49.11 246.60 224.52
CA GLU VC 98 48.89 248.01 224.21
C GLU VC 98 47.42 248.32 223.90
N THR VC 99 46.61 247.31 223.54
CA THR VC 99 45.24 247.55 223.08
C THR VC 99 44.24 247.72 224.23
N LYS VC 100 44.63 247.37 225.46
CA LYS VC 100 43.77 247.26 226.64
C LYS VC 100 42.72 248.37 226.72
N GLN VC 101 41.45 247.99 226.54
CA GLN VC 101 40.31 248.89 226.37
C GLN VC 101 39.14 248.41 227.24
N LEU VC 102 38.47 249.36 227.93
CA LEU VC 102 37.23 249.08 228.64
C LEU VC 102 36.10 248.90 227.62
N VAL VC 103 35.66 247.65 227.40
CA VAL VC 103 34.64 247.33 226.41
C VAL VC 103 33.25 247.46 227.06
N ASP VC 104 32.84 246.48 227.89
CA ASP VC 104 31.55 246.51 228.59
C ASP VC 104 31.75 247.07 230.00
N GLY VC 105 32.47 248.19 230.10
CA GLY VC 105 32.88 248.77 231.36
C GLY VC 105 34.02 247.99 232.03
N GLU VC 106 34.54 246.97 231.34
CA GLU VC 106 35.55 246.04 231.85
C GLU VC 106 36.62 245.80 230.78
N PRO VC 107 37.93 245.64 231.12
CA PRO VC 107 38.99 245.48 230.12
C PRO VC 107 38.89 244.28 229.18
N MET VC 108 39.27 244.52 227.91
CA MET VC 108 39.61 243.49 226.95
C MET VC 108 40.85 243.91 226.16
N THR VC 109 41.59 242.91 225.66
CA THR VC 109 42.54 243.01 224.56
C THR VC 109 41.83 242.61 223.28
N LEU VC 110 42.46 242.80 222.12
CA LEU VC 110 41.83 242.40 220.86
C LEU VC 110 41.79 240.88 220.72
N SER VC 111 42.83 240.20 221.23
CA SER VC 111 42.81 238.73 221.32
C SER VC 111 41.64 238.23 222.17
N GLU VC 112 41.32 238.91 223.28
CA GLU VC 112 40.19 238.53 224.11
C GLU VC 112 38.87 238.75 223.37
N TRP VC 113 38.77 239.84 222.60
CA TRP VC 113 37.60 240.12 221.78
C TRP VC 113 37.41 239.06 220.71
N LEU VC 114 38.52 238.64 220.07
CA LEU VC 114 38.52 237.61 219.05
C LEU VC 114 38.21 236.23 219.63
N GLU VC 115 38.71 235.93 220.84
CA GLU VC 115 38.43 234.69 221.55
C GLU VC 115 36.94 234.57 221.90
N ASP VC 116 36.33 235.67 222.33
CA ASP VC 116 34.89 235.74 222.58
C ASP VC 116 34.08 235.59 221.28
N ALA VC 117 34.65 236.03 220.15
CA ALA VC 117 34.02 235.93 218.85
C ALA VC 117 34.15 234.52 218.24
N PHE VC 118 35.23 233.80 218.59
CA PHE VC 118 35.53 232.47 218.06
C PHE VC 118 36.02 231.53 219.17
N PRO VC 119 35.16 231.13 220.14
CA PRO VC 119 35.58 230.29 221.27
C PRO VC 119 36.12 228.89 220.94
N HIS VC 120 35.64 228.30 219.84
CA HIS VC 120 35.89 226.91 219.50
C HIS VC 120 36.69 226.77 218.20
N LEU VC 121 37.65 227.67 217.97
CA LEU VC 121 38.25 227.91 216.66
C LEU VC 121 39.02 226.71 216.11
N ASP VC 122 39.56 225.84 216.98
CA ASP VC 122 40.24 224.61 216.58
C ASP VC 122 39.40 223.80 215.61
N LEU VC 123 38.10 223.70 215.91
CA LEU VC 123 37.15 222.86 215.19
C LEU VC 123 36.82 223.47 213.84
N LEU VC 124 36.63 224.80 213.80
CA LEU VC 124 36.36 225.54 212.58
C LEU VC 124 37.59 225.51 211.66
N VAL VC 125 38.81 225.61 212.22
CA VAL VC 125 40.06 225.52 211.48
C VAL VC 125 40.19 224.14 210.84
N LEU VC 126 39.86 223.06 211.58
CA LEU VC 126 39.88 221.71 211.05
C LEU VC 126 38.85 221.51 209.93
N ASP VC 127 37.60 221.98 210.16
CA ASP VC 127 36.51 221.87 209.21
C ASP VC 127 36.82 222.62 207.92
N LEU VC 128 37.16 223.92 208.03
CA LEU VC 128 37.45 224.76 206.87
C LEU VC 128 38.71 224.30 206.14
N GLY VC 129 39.75 223.94 206.90
CA GLY VC 129 40.99 223.44 206.33
C GLY VC 129 40.80 222.13 205.56
N GLY VC 130 39.97 221.24 206.11
CA GLY VC 130 39.59 220.00 205.46
C GLY VC 130 38.82 220.23 204.17
N ASP VC 131 37.80 221.10 204.24
CA ASP VC 131 36.97 221.46 203.09
C ASP VC 131 37.81 222.12 202.00
N ALA VC 132 38.80 222.94 202.40
CA ALA VC 132 39.65 223.67 201.46
C ALA VC 132 40.70 222.76 200.82
N LEU VC 133 40.89 221.55 201.36
CA LEU VC 133 41.71 220.51 200.75
C LEU VC 133 40.86 219.61 199.84
N TRP VC 134 39.67 219.22 200.31
CA TRP VC 134 38.72 218.38 199.58
C TRP VC 134 38.21 219.10 198.33
N TYR VC 135 37.58 220.27 198.53
CA TYR VC 135 36.92 221.07 197.51
C TYR VC 135 37.87 222.18 197.03
N PRO VC 136 37.58 222.89 195.91
CA PRO VC 136 38.43 224.00 195.44
C PRO VC 136 38.60 225.13 196.45
N TYR VC 137 37.61 225.32 197.33
CA TYR VC 137 37.57 226.36 198.34
C TYR VC 137 36.75 225.92 199.55
N ALA VC 138 37.01 226.55 200.71
CA ALA VC 138 36.02 226.68 201.77
C ALA VC 138 35.33 228.03 201.60
N VAL VC 139 34.03 228.11 201.93
CA VAL VC 139 33.19 229.28 201.67
C VAL VC 139 32.13 229.44 202.75
N GLY VC 140 31.70 230.68 203.03
CA GLY VC 140 30.70 230.96 204.05
C GLY VC 140 30.17 232.40 204.07
N GLU VC 141 29.24 232.65 205.01
CA GLU VC 141 28.60 233.93 205.27
C GLU VC 141 29.22 234.61 206.49
N ILE VC 142 28.97 235.92 206.66
CA ILE VC 142 29.16 236.62 207.92
C ILE VC 142 27.78 236.78 208.57
N GLN VC 143 27.58 236.18 209.76
CA GLN VC 143 26.29 236.15 210.44
C GLN VC 143 26.32 237.00 211.70
N GLU VC 144 25.28 237.82 211.87
CA GLU VC 144 25.09 238.71 213.01
C GLU VC 144 24.14 238.08 214.02
N THR VC 145 24.18 238.61 215.25
CA THR VC 145 23.22 238.33 216.31
C THR VC 145 21.94 239.10 216.05
N ILE VC 146 20.92 238.90 216.89
CA ILE VC 146 19.68 239.66 216.85
C ILE VC 146 19.93 241.08 217.39
N THR VC 147 20.88 241.22 218.33
CA THR VC 147 21.27 242.50 218.90
C THR VC 147 22.03 243.37 217.89
N GLY VC 148 22.81 242.74 217.00
CA GLY VC 148 23.44 243.45 215.89
C GLY VC 148 24.94 243.21 215.77
N GLU VC 149 25.58 242.85 216.88
CA GLU VC 149 26.97 242.43 216.96
C GLU VC 149 27.16 241.13 216.19
N PHE VC 150 28.42 240.79 215.86
CA PHE VC 150 28.81 239.57 215.17
C PHE VC 150 28.42 238.31 215.97
N LYS VC 151 27.97 237.26 215.26
CA LYS VC 151 27.66 235.95 215.83
C LYS VC 151 28.70 234.91 215.40
N GLU VC 152 28.80 234.66 214.08
CA GLU VC 152 29.61 233.56 213.53
C GLU VC 152 29.95 233.78 212.05
N ALA VC 153 31.05 233.18 211.60
CA ALA VC 153 31.39 233.10 210.18
C ALA VC 153 30.84 231.79 209.61
N LEU VC 154 29.51 231.73 209.43
CA LEU VC 154 28.76 230.52 209.10
C LEU VC 154 29.24 229.91 207.78
N PRO VC 155 29.86 228.71 207.76
CA PRO VC 155 30.24 228.05 206.50
C PRO VC 155 29.04 227.58 205.71
N ALA VC 156 29.22 227.44 204.39
CA ALA VC 156 28.22 226.95 203.46
C ALA VC 156 28.75 225.72 202.73
N GLU VC 157 27.84 224.84 202.29
CA GLU VC 157 28.18 223.52 201.76
C GLU VC 157 28.88 223.68 200.41
N PRO VC 158 30.20 223.41 200.31
CA PRO VC 158 31.00 223.88 199.18
C PRO VC 158 30.63 223.33 197.81
N TRP VC 159 30.09 222.11 197.75
CA TRP VC 159 29.66 221.49 196.52
C TRP VC 159 28.43 222.19 195.91
N THR VC 160 27.74 223.02 196.72
CA THR VC 160 26.53 223.71 196.28
C THR VC 160 26.85 225.04 195.59
N LEU VC 161 28.11 225.50 195.65
CA LEU VC 161 28.49 226.87 195.32
C LEU VC 161 29.60 226.94 194.26
N MET VC 162 29.47 227.88 193.31
CA MET VC 162 30.53 228.19 192.34
C MET VC 162 30.68 229.71 192.18
N PRO VC 163 31.93 230.24 192.07
CA PRO VC 163 32.15 231.68 191.91
C PRO VC 163 31.93 232.18 190.49
N GLU VC 164 31.56 233.47 190.38
CA GLU VC 164 31.55 234.20 189.13
C GLU VC 164 32.57 235.33 189.22
N SER VC 165 33.40 235.47 188.16
CA SER VC 165 34.64 236.26 188.21
C SER VC 165 34.90 237.03 186.91
N ASP VC 166 35.80 238.03 186.98
CA ASP VC 166 36.15 238.93 185.87
C ASP VC 166 37.47 238.52 185.22
N ALA VC 167 37.83 239.18 184.10
CA ALA VC 167 39.07 238.94 183.36
C ALA VC 167 40.27 239.47 184.13
N GLN VC 168 40.03 240.32 185.13
CA GLN VC 168 40.99 240.78 186.11
C GLN VC 168 41.41 239.62 187.04
N GLY VC 169 40.60 238.55 187.07
CA GLY VC 169 40.89 237.32 187.77
C GLY VC 169 40.28 237.22 189.17
N LYS VC 170 39.32 238.10 189.49
CA LYS VC 170 38.81 238.23 190.85
C LYS VC 170 37.32 237.90 190.92
N VAL VC 171 36.90 237.30 192.05
CA VAL VC 171 35.52 236.86 192.27
C VAL VC 171 34.64 238.07 192.58
N GLN VC 172 33.49 238.16 191.90
CA GLN VC 172 32.54 239.26 192.01
C GLN VC 172 31.23 238.80 192.63
N ALA VC 173 30.86 237.53 192.41
CA ALA VC 173 29.60 236.94 192.87
C ALA VC 173 29.70 235.43 193.05
N TRP VC 174 28.67 234.83 193.66
CA TRP VC 174 28.54 233.41 193.94
C TRP VC 174 27.20 232.88 193.45
N HIS VC 175 27.23 231.68 192.84
CA HIS VC 175 26.06 231.02 192.27
C HIS VC 175 25.82 229.71 193.03
N GLN VC 176 24.62 229.53 193.60
CA GLN VC 176 24.30 228.37 194.43
C GLN VC 176 23.18 227.53 193.81
N ARG VC 177 23.38 226.19 193.75
CA ARG VC 177 22.39 225.22 193.31
C ARG VC 177 22.22 224.12 194.36
N THR VC 178 20.97 223.76 194.71
CA THR VC 178 20.67 222.84 195.81
C THR VC 178 19.43 221.97 195.54
N LYS VC 179 19.43 220.76 196.12
CA LYS VC 179 18.32 219.81 196.08
C LYS VC 179 17.25 220.16 197.12
N THR VC 180 15.97 219.97 196.78
CA THR VC 180 14.81 220.09 197.65
C THR VC 180 13.66 219.24 197.10
N HIS VC 181 13.01 218.43 197.96
CA HIS VC 181 11.85 217.59 197.60
C HIS VC 181 12.12 216.68 196.38
N GLY VC 182 13.38 216.25 196.20
CA GLY VC 182 13.76 215.41 195.07
C GLY VC 182 14.08 216.17 193.79
N GLY VC 183 13.75 217.48 193.75
CA GLY VC 183 14.07 218.36 192.63
C GLY VC 183 15.23 219.31 192.95
N TYR VC 184 15.39 220.38 192.15
CA TYR VC 184 16.45 221.37 192.31
C TYR VC 184 15.91 222.80 192.39
N GLN VC 185 16.64 223.66 193.13
CA GLN VC 185 16.43 225.11 193.23
C GLN VC 185 17.78 225.82 193.12
N THR VC 186 17.79 227.15 192.87
CA THR VC 186 18.99 227.93 192.57
C THR VC 186 18.84 229.38 193.04
N GLN VC 187 19.97 230.03 193.41
CA GLN VC 187 20.03 231.44 193.80
C GLN VC 187 21.42 232.04 193.55
N THR VC 188 21.50 233.39 193.55
CA THR VC 188 22.74 234.15 193.39
C THR VC 188 22.99 235.02 194.63
N LEU VC 189 24.26 235.13 195.03
CA LEU VC 189 24.70 235.96 196.17
C LEU VC 189 25.94 236.76 195.77
N PRO VC 190 26.14 238.01 196.28
CA PRO VC 190 27.33 238.80 195.95
C PRO VC 190 28.57 238.40 196.76
N ALA VC 191 29.74 238.89 196.35
CA ALA VC 191 30.96 238.78 197.13
C ALA VC 191 31.02 239.82 198.25
N ASP VC 192 29.89 240.51 198.51
CA ASP VC 192 29.79 241.63 199.45
C ASP VC 192 29.72 241.15 200.91
N ASP VC 193 29.06 240.00 201.16
CA ASP VC 193 28.83 239.48 202.50
C ASP VC 193 29.21 238.00 202.64
N LEU VC 194 29.55 237.32 201.52
CA LEU VC 194 30.19 236.01 201.57
C LEU VC 194 31.71 236.17 201.67
N TRP VC 195 32.41 235.10 202.08
CA TRP VC 195 33.87 235.00 202.13
C TRP VC 195 34.29 233.59 201.73
N ILE VC 197 38.13 230.83 201.08
CA ILE VC 197 39.55 230.53 201.26
C ILE VC 197 39.98 229.40 200.32
N VAL VC 198 41.16 229.54 199.68
CA VAL VC 198 41.73 228.56 198.76
C VAL VC 198 43.11 228.13 199.26
N ILE VC 199 43.30 226.83 199.53
CA ILE VC 199 44.62 226.26 199.78
C ILE VC 199 45.26 225.91 198.45
N ASN VC 200 44.50 225.23 197.59
CA ASN VC 200 44.95 224.66 196.33
C ASN VC 200 44.85 225.69 195.19
N LYS VC 201 45.64 226.78 195.25
CA LYS VC 201 45.70 227.79 194.19
C LYS VC 201 46.23 227.16 192.89
N ALA VC 202 45.61 227.49 191.75
CA ALA VC 202 46.08 227.05 190.43
C ALA VC 202 47.35 227.80 190.02
N SER VC 203 47.52 229.04 190.50
CA SER VC 203 48.61 229.95 190.18
C SER VC 203 48.73 231.01 191.27
N ALA VC 204 49.80 231.82 191.25
CA ALA VC 204 50.16 232.71 192.35
C ALA VC 204 49.07 233.74 192.67
N ARG VC 205 48.32 234.21 191.66
CA ARG VC 205 47.21 235.15 191.88
C ARG VC 205 45.85 234.60 191.45
N ASP VC 206 45.68 233.27 191.51
CA ASP VC 206 44.39 232.61 191.39
C ASP VC 206 43.48 232.96 192.56
N GLU VC 207 42.15 232.94 192.32
CA GLU VC 207 41.12 233.02 193.36
C GLU VC 207 40.13 231.83 193.29
N VAL VC 208 40.21 230.97 192.26
CA VAL VC 208 39.19 229.95 192.01
C VAL VC 208 39.54 228.63 192.71
N GLY VC 209 40.80 228.17 192.58
CA GLY VC 209 41.28 227.00 193.29
C GLY VC 209 40.99 225.69 192.55
N ILE VC 210 41.57 224.58 193.06
CA ILE VC 210 41.55 223.25 192.45
C ILE VC 210 41.16 222.23 193.53
N SER VC 211 40.43 221.16 193.15
CA SER VC 211 40.22 220.02 194.03
C SER VC 211 41.21 218.91 193.67
N GLU VC 212 41.87 218.34 194.69
CA GLU VC 212 42.81 217.23 194.48
C GLU VC 212 42.07 215.98 194.00
N VAL VC 213 40.77 215.87 194.27
CA VAL VC 213 39.92 214.80 193.77
C VAL VC 213 39.75 214.92 192.25
N LEU VC 214 39.56 216.14 191.75
CA LEU VC 214 39.43 216.41 190.32
C LEU VC 214 40.80 216.35 189.61
N ARG VC 215 41.87 216.77 190.31
CA ARG VC 215 43.23 216.82 189.80
C ARG VC 215 43.81 215.43 189.59
N ASN VC 216 43.52 214.50 190.51
CA ASN VC 216 44.08 213.15 190.54
C ASN VC 216 42.96 212.10 190.43
N LYS VC 217 41.95 212.37 189.60
CA LYS VC 217 40.75 211.55 189.43
C LYS VC 217 41.09 210.13 188.97
N ASP VC 218 42.05 210.02 188.04
CA ASP VC 218 42.50 208.76 187.48
C ASP VC 218 43.15 207.85 188.53
N GLU VC 219 44.00 208.43 189.40
CA GLU VC 219 44.69 207.70 190.46
C GLU VC 219 43.70 207.14 191.48
N ILE VC 220 42.64 207.91 191.77
CA ILE VC 220 41.56 207.52 192.67
C ILE VC 220 40.77 206.37 192.06
N GLN VC 221 40.35 206.52 190.80
CA GLN VC 221 39.58 205.50 190.09
C GLN VC 221 40.40 204.23 189.90
N ALA VC 222 41.70 204.36 189.58
CA ALA VC 222 42.61 203.23 189.42
C ALA VC 222 42.71 202.43 190.72
N PHE VC 223 42.81 203.12 191.85
CA PHE VC 223 42.84 202.48 193.17
C PHE VC 223 41.57 201.66 193.40
N LYS VC 224 40.39 202.26 193.14
CA LYS VC 224 39.11 201.60 193.33
C LYS VC 224 38.95 200.40 192.39
N GLN VC 225 39.42 200.53 191.14
CA GLN VC 225 39.36 199.45 190.16
C GLN VC 225 40.21 198.26 190.60
N ASN VC 226 41.44 198.54 191.07
CA ASN VC 226 42.37 197.51 191.50
C ASN VC 226 41.87 196.82 192.78
N GLU VC 227 41.23 197.58 193.68
CA GLU VC 227 40.56 197.03 194.86
C GLU VC 227 39.46 196.04 194.46
N ALA VC 228 38.60 196.44 193.51
CA ALA VC 228 37.52 195.60 193.00
C ALA VC 228 38.05 194.38 192.27
N ALA VC 229 39.17 194.53 191.55
CA ALA VC 229 39.86 193.45 190.85
C ALA VC 229 40.37 192.40 191.85
N ILE VC 230 41.13 192.84 192.87
CA ILE VC 230 41.65 191.96 193.91
C ILE VC 230 40.50 191.24 194.62
N ASN VC 231 39.43 191.98 194.95
CA ASN VC 231 38.28 191.44 195.68
C ASN VC 231 37.69 190.23 194.97
N GLN VC 232 37.41 190.34 193.66
CA GLN VC 232 36.84 189.24 192.89
C GLN VC 232 37.88 188.15 192.63
N ALA VC 233 39.14 188.54 192.37
CA ALA VC 233 40.21 187.60 192.09
C ALA VC 233 40.54 186.71 193.28
N ILE VC 234 40.41 187.23 194.51
CA ILE VC 234 40.55 186.45 195.73
C ILE VC 234 39.47 185.36 195.79
N GLU VC 235 38.22 185.71 195.47
CA GLU VC 235 37.12 184.77 195.47
C GLU VC 235 37.30 183.68 194.40
N LEU VC 236 37.82 184.05 193.22
CA LEU VC 236 37.96 183.13 192.10
C LEU VC 236 39.23 182.28 192.19
N HIS VC 237 40.32 182.85 192.73
CA HIS VC 237 41.66 182.28 192.60
C HIS VC 237 42.38 182.08 193.96
N GLY VC 238 41.95 182.79 195.00
CA GLY VC 238 42.56 182.69 196.32
C GLY VC 238 42.15 181.43 197.09
N PHE VC 239 41.00 180.84 196.73
CA PHE VC 239 40.46 179.64 197.35
C PHE VC 239 40.53 178.46 196.39
N PRO VC 240 40.96 177.25 196.83
CA PRO VC 240 40.85 176.04 196.01
C PRO VC 240 39.39 175.69 195.74
N GLN VC 241 39.12 175.04 194.59
CA GLN VC 241 37.79 174.57 194.20
C GLN VC 241 37.87 173.12 193.73
N ARG VC 242 36.92 172.27 194.16
CA ARG VC 242 36.92 170.84 193.88
C ARG VC 242 36.29 170.54 192.51
N VAL VC 244 35.08 167.18 190.55
CA VAL VC 244 34.77 165.77 190.40
C VAL VC 244 34.61 165.44 188.91
N LYS VC 245 35.40 164.49 188.42
CA LYS VC 245 35.33 163.94 187.07
C LYS VC 245 34.77 162.53 187.12
N VAL VC 246 33.80 162.23 186.24
CA VAL VC 246 32.99 161.00 186.29
C VAL VC 246 33.11 160.26 184.96
N GLY VC 247 33.22 158.92 185.04
CA GLY VC 247 33.42 158.08 183.86
C GLY VC 247 34.91 157.87 183.56
N LYS VC 248 35.19 157.14 182.47
CA LYS VC 248 36.55 156.73 182.11
C LYS VC 248 36.95 157.34 180.76
N GLU VC 249 38.25 157.60 180.59
CA GLU VC 249 38.83 158.05 179.32
C GLU VC 249 38.50 157.02 178.24
N ASP VC 250 37.94 157.48 177.12
CA ASP VC 250 37.47 156.67 176.00
C ASP VC 250 36.38 155.67 176.39
N GLY VC 251 35.68 155.91 177.52
CA GLY VC 251 34.64 155.02 178.04
C GLY VC 251 33.23 155.54 177.77
N ALA VC 252 32.26 155.12 178.59
CA ALA VC 252 30.85 155.46 178.42
C ALA VC 252 30.61 156.93 178.79
N PRO VC 253 29.67 157.65 178.12
CA PRO VC 253 29.36 159.04 178.48
C PRO VC 253 28.52 159.13 179.75
N VAL VC 254 28.58 160.28 180.40
CA VAL VC 254 27.84 160.59 181.63
C VAL VC 254 26.99 161.83 181.34
N ARG VC 255 25.71 161.82 181.79
CA ARG VC 255 24.72 162.85 181.44
C ARG VC 255 24.38 163.69 182.67
N ASP VC 256 23.66 164.79 182.42
CA ASP VC 256 23.22 165.78 183.41
C ASP VC 256 22.52 165.12 184.59
N ASN VC 257 21.55 164.22 184.31
CA ASN VC 257 20.74 163.53 185.31
C ASN VC 257 21.57 162.52 186.13
N ASP VC 258 22.76 162.16 185.62
CA ASP VC 258 23.72 161.32 186.32
C ASP VC 258 24.56 162.18 187.26
N LEU VC 259 25.09 163.30 186.74
CA LEU VC 259 25.91 164.22 187.51
C LEU VC 259 25.12 164.82 188.68
N ARG VC 260 23.81 165.03 188.51
CA ARG VC 260 22.89 165.49 189.55
C ARG VC 260 22.91 164.57 190.77
N ARG VC 261 23.03 163.25 190.52
CA ARG VC 261 23.14 162.25 191.56
C ARG VC 261 24.53 162.27 192.22
N VAL VC 262 25.60 162.33 191.41
CA VAL VC 262 26.97 162.38 191.91
C VAL VC 262 27.17 163.61 192.80
N ARG VC 263 26.66 164.78 192.36
CA ARG VC 263 26.72 166.05 193.07
C ARG VC 263 26.08 165.93 194.47
N THR VC 264 25.04 165.10 194.59
CA THR VC 264 24.28 164.91 195.82
C THR VC 264 25.12 164.18 196.87
N ILE VC 265 26.07 163.34 196.43
CA ILE VC 265 26.99 162.62 197.31
C ILE VC 265 28.12 163.57 197.75
N PHE VC 266 28.80 164.20 196.79
CA PHE VC 266 30.01 164.99 197.04
C PHE VC 266 29.69 166.45 197.40
N ASP VC 267 28.48 166.74 197.90
CA ASP VC 267 28.00 168.10 198.14
C ASP VC 267 28.85 168.81 199.20
N PRO VC 268 29.54 169.94 198.88
CA PRO VC 268 30.31 170.69 199.88
C PRO VC 268 29.47 171.31 201.00
N ARG VC 269 28.15 171.43 200.79
CA ARG VC 269 27.17 171.88 201.77
C ARG VC 269 27.05 170.90 202.95
N THR VC 270 27.29 169.59 202.71
CA THR VC 270 27.06 168.53 203.70
C THR VC 270 28.32 167.69 203.96
N THR VC 271 29.41 167.98 203.24
CA THR VC 271 30.74 167.42 203.46
C THR VC 271 31.32 168.01 204.75
N ASP VC 272 32.25 167.28 205.39
CA ASP VC 272 32.98 167.74 206.57
C ASP VC 272 34.45 167.34 206.48
N ALA VC 273 35.28 167.88 207.39
CA ALA VC 273 36.72 167.67 207.41
C ALA VC 273 37.13 166.20 207.50
N ASN VC 274 36.28 165.36 208.14
CA ASN VC 274 36.56 163.96 208.40
C ASN VC 274 35.98 163.05 207.32
N THR VC 275 35.30 163.61 206.31
CA THR VC 275 34.62 162.86 205.26
C THR VC 275 35.61 162.01 204.46
N ALA VC 276 35.26 160.74 204.24
CA ALA VC 276 36.01 159.82 203.40
C ALA VC 276 35.14 159.30 202.26
N TYR VC 277 35.78 159.00 201.11
CA TYR VC 277 35.11 158.68 199.87
C TYR VC 277 35.53 157.30 199.36
N PHE VC 278 34.56 156.57 198.81
CA PHE VC 278 34.71 155.19 198.35
C PHE VC 278 34.17 155.10 196.92
N THR VC 279 34.99 154.64 195.97
CA THR VC 279 34.57 154.59 194.58
C THR VC 279 35.14 153.36 193.86
N GLY VC 280 34.51 153.00 192.72
CA GLY VC 280 35.21 152.27 191.69
C GLY VC 280 36.30 153.13 191.06
N GLN VC 281 37.05 152.58 190.10
CA GLN VC 281 38.21 153.26 189.52
C GLN VC 281 37.82 154.45 188.65
N ASP VC 282 36.55 154.53 188.21
CA ASP VC 282 36.14 155.46 187.17
C ASP VC 282 35.39 156.68 187.71
N VAL VC 283 35.84 157.16 188.89
CA VAL VC 283 35.49 158.45 189.46
C VAL VC 283 36.75 159.10 190.05
N ASP VC 284 36.98 160.39 189.74
CA ASP VC 284 38.16 161.14 190.16
C ASP VC 284 37.73 162.43 190.86
N VAL VC 285 38.44 162.80 191.94
CA VAL VC 285 38.20 164.02 192.70
C VAL VC 285 39.44 164.90 192.61
N GLU VC 286 39.54 165.73 191.56
CA GLU VC 286 40.61 166.68 191.38
C GLU VC 286 40.28 167.99 192.10
N THR VC 287 41.29 168.87 192.24
CA THR VC 287 41.11 170.22 192.75
C THR VC 287 41.84 171.23 191.87
N LEU VC 288 41.12 172.31 191.52
CA LEU VC 288 41.72 173.56 191.10
C LEU VC 288 42.31 174.23 192.35
N GLU VC 289 43.64 174.19 192.49
CA GLU VC 289 44.33 174.77 193.64
C GLU VC 289 44.14 176.29 193.65
N ALA VC 290 44.46 176.93 194.79
CA ALA VC 290 44.58 178.38 194.83
C ALA VC 290 45.78 178.79 193.99
N ASN VC 292 48.23 180.93 193.07
CA ASN VC 292 48.79 182.04 193.83
C ASN VC 292 49.25 183.21 192.95
N PHE VC 293 48.92 184.43 193.40
CA PHE VC 293 49.30 185.69 192.77
C PHE VC 293 49.59 186.72 193.87
N ASP VC 294 50.42 187.74 193.57
CA ASP VC 294 50.96 188.60 194.60
C ASP VC 294 50.12 189.87 194.78
N TYR VC 295 48.88 189.69 195.25
CA TYR VC 295 47.95 190.79 195.54
C TYR VC 295 48.50 191.74 196.60
N SER VC 296 49.36 191.24 197.50
CA SER VC 296 50.05 192.06 198.49
C SER VC 296 50.93 193.10 197.79
N ALA VC 297 51.73 192.66 196.82
CA ALA VC 297 52.58 193.57 196.05
C ALA VC 297 51.76 194.52 195.18
N ILE VC 298 50.61 194.06 194.66
CA ILE VC 298 49.70 194.93 193.91
C ILE VC 298 49.15 196.02 194.85
N HIS VC 299 48.72 195.64 196.06
CA HIS VC 299 48.27 196.56 197.09
C HIS VC 299 49.37 197.56 197.47
N GLU VC 300 50.62 197.09 197.62
CA GLU VC 300 51.75 197.95 197.94
C GLU VC 300 52.00 198.97 196.82
N MET VC 301 51.92 198.53 195.55
CA MET VC 301 52.09 199.42 194.41
C MET VC 301 50.96 200.45 194.33
N ASP VC 302 49.71 199.99 194.51
CA ASP VC 302 48.53 200.85 194.55
C ASP VC 302 48.66 201.91 195.64
N MET VC 303 49.11 201.48 196.83
CA MET VC 303 49.18 202.34 198.00
C MET VC 303 50.38 203.30 197.90
N ARG VC 304 51.50 202.85 197.30
CA ARG VC 304 52.61 203.73 196.96
C ARG VC 304 52.13 204.83 196.01
N ASN VC 305 51.43 204.44 194.95
CA ASN VC 305 50.89 205.36 193.96
C ASN VC 305 49.93 206.36 194.62
N LEU VC 306 48.98 205.87 195.43
CA LEU VC 306 47.98 206.70 196.07
C LEU VC 306 48.59 207.68 197.08
N THR VC 307 49.48 207.19 197.97
CA THR VC 307 50.11 208.05 198.98
C THR VC 307 50.93 209.15 198.32
N THR VC 308 51.75 208.79 197.33
CA THR VC 308 52.57 209.77 196.61
C THR VC 308 51.70 210.76 195.84
N ALA VC 309 50.58 210.30 195.26
CA ALA VC 309 49.65 211.16 194.54
C ALA VC 309 48.97 212.16 195.46
N LEU VC 310 48.73 211.78 196.73
CA LEU VC 310 48.20 212.66 197.76
C LEU VC 310 49.30 213.46 198.48
N GLY VC 311 50.58 213.21 198.14
CA GLY VC 311 51.72 213.88 198.76
C GLY VC 311 52.05 213.38 200.16
N LEU VC 312 51.44 212.27 200.59
CA LEU VC 312 51.62 211.66 201.90
C LEU VC 312 52.89 210.80 201.92
N PRO VC 313 53.51 210.55 203.11
CA PRO VC 313 54.59 209.57 203.23
C PRO VC 313 54.01 208.15 203.13
N LEU VC 314 54.84 207.19 202.71
CA LEU VC 314 54.43 205.82 202.43
C LEU VC 314 53.78 205.15 203.65
N GLU VC 315 54.26 205.47 204.85
CA GLU VC 315 53.80 204.87 206.10
C GLU VC 315 52.35 205.22 206.42
N ALA VC 316 51.83 206.33 205.87
CA ALA VC 316 50.45 206.75 206.08
C ALA VC 316 49.48 205.76 205.46
N GLY VC 317 49.96 204.99 204.47
CA GLY VC 317 49.18 203.95 203.81
C GLY VC 317 49.39 202.55 204.39
N ASN VC 318 50.02 202.45 205.57
CA ASN VC 318 50.29 201.20 206.27
C ASN VC 318 51.31 200.31 205.53
N VAL VC 319 52.16 200.88 204.67
CA VAL VC 319 53.19 200.15 203.91
C VAL VC 319 54.58 200.50 204.45
N GLY VC 320 55.42 199.47 204.67
CA GLY VC 320 56.80 199.64 205.09
C GLY VC 320 57.81 199.23 204.02
N ALA VC 321 59.06 199.75 204.13
CA ALA VC 321 60.15 199.46 203.22
C ALA VC 321 61.50 199.64 203.90
N ASP VC 322 62.52 198.85 203.47
CA ASP VC 322 63.91 198.98 203.90
C ASP VC 322 64.61 200.07 203.10
N GLY VC 323 65.75 200.56 203.61
CA GLY VC 323 66.50 201.67 203.04
C GLY VC 323 65.85 203.02 203.35
N LEU VC 324 64.53 203.09 203.17
CA LEU VC 324 63.70 204.22 203.56
C LEU VC 324 63.49 204.30 205.07
N GLY VC 325 63.68 203.18 205.78
CA GLY VC 325 63.13 202.98 207.12
C GLY VC 325 63.96 203.49 208.30
N SER VC 326 65.05 204.25 208.05
CA SER VC 326 65.94 204.73 209.11
C SER VC 326 66.73 205.98 208.67
N GLY VC 327 67.29 206.70 209.65
CA GLY VC 327 68.28 207.75 209.42
C GLY VC 327 67.79 208.92 208.56
N LYS VC 328 68.71 209.52 207.79
CA LYS VC 328 68.42 210.68 206.96
C LYS VC 328 67.37 210.35 205.90
N PRO VC 329 67.37 209.15 205.26
CA PRO VC 329 66.23 208.70 204.46
C PRO VC 329 64.85 208.83 205.10
N ALA VC 330 64.74 208.51 206.39
CA ALA VC 330 63.50 208.64 207.15
C ALA VC 330 63.21 210.11 207.48
N GLU VC 331 64.23 210.84 207.95
CA GLU VC 331 64.14 212.25 208.32
C GLU VC 331 63.60 213.10 207.17
N LEU VC 332 63.98 212.77 205.93
CA LEU VC 332 63.56 213.50 204.74
C LEU VC 332 62.04 213.50 204.56
N ARG VC 333 61.37 212.36 204.83
CA ARG VC 333 59.92 212.27 204.70
C ARG VC 333 59.23 213.17 205.71
N PHE VC 334 59.77 213.25 206.93
CA PHE VC 334 59.29 214.16 207.96
C PHE VC 334 59.56 215.62 207.58
N ALA VC 335 60.71 215.89 206.95
CA ALA VC 335 61.04 217.22 206.47
C ALA VC 335 60.06 217.68 205.40
N LEU VC 336 59.74 216.79 204.44
CA LEU VC 336 58.83 217.08 203.34
C LEU VC 336 57.40 217.29 203.87
N LEU VC 337 57.02 216.52 204.91
CA LEU VC 337 55.70 216.63 205.50
C LEU VC 337 55.58 217.91 206.33
N LYS VC 338 56.63 218.27 207.09
CA LYS VC 338 56.69 219.53 207.82
C LYS VC 338 56.60 220.71 206.85
N LEU VC 339 57.37 220.65 205.75
CA LEU VC 339 57.36 221.67 204.71
C LEU VC 339 55.96 221.90 204.16
N ALA VC 340 55.26 220.81 203.81
CA ALA VC 340 53.90 220.87 203.28
C ALA VC 340 52.93 221.46 204.30
N ILE VC 341 52.98 220.96 205.55
CA ILE VC 341 52.12 221.41 206.64
C ILE VC 341 52.31 222.92 206.89
N LYS VC 342 53.58 223.36 207.05
CA LYS VC 342 53.91 224.75 207.34
C LYS VC 342 53.46 225.69 206.22
N ALA VC 343 53.73 225.31 204.97
CA ALA VC 343 53.30 226.08 203.80
C ALA VC 343 51.78 226.21 203.74
N ASN VC 344 51.05 225.10 203.95
CA ASN VC 344 49.59 225.07 203.89
C ASN VC 344 48.98 225.89 205.03
N GLN VC 345 49.50 225.73 206.26
CA GLN VC 345 49.04 226.45 207.43
C GLN VC 345 49.18 227.96 207.25
N ARG VC 346 50.37 228.42 206.81
CA ARG VC 346 50.63 229.83 206.58
C ARG VC 346 49.72 230.39 205.47
N SER VC 347 49.47 229.59 204.43
CA SER VC 347 48.61 229.94 203.31
C SER VC 347 47.16 230.13 203.78
N PHE VC 348 46.72 229.30 204.74
CA PHE VC 348 45.36 229.34 205.27
C PHE VC 348 45.21 230.50 206.25
N SER VC 349 46.15 230.65 207.19
CA SER VC 349 46.10 231.64 208.25
C SER VC 349 46.03 233.05 207.68
N VAL VC 350 46.84 233.34 206.66
CA VAL VC 350 46.87 234.65 206.03
C VAL VC 350 45.49 235.00 205.46
N GLN VC 351 44.85 234.06 204.76
CA GLN VC 351 43.55 234.29 204.15
C GLN VC 351 42.46 234.44 205.20
N PHE VC 352 42.52 233.66 206.29
CA PHE VC 352 41.54 233.74 207.37
C PHE VC 352 41.65 235.09 208.10
N VAL VC 353 42.88 235.56 208.35
CA VAL VC 353 43.11 236.87 208.93
C VAL VC 353 42.57 237.96 208.00
N GLU VC 354 42.96 237.94 206.73
CA GLU VC 354 42.72 239.03 205.78
C GLU VC 354 41.27 239.09 205.30
N ARG VC 355 40.55 237.95 205.26
CA ARG VC 355 39.23 237.86 204.66
C ARG VC 355 38.13 237.39 205.63
N VAL VC 356 38.47 237.03 206.87
CA VAL VC 356 37.48 236.74 207.91
C VAL VC 356 37.70 237.63 209.13
N MET VC 357 38.87 237.54 209.77
CA MET VC 357 39.12 238.20 211.06
C MET VC 357 39.08 239.73 210.91
N ARG VC 358 39.79 240.28 209.93
CA ARG VC 358 39.86 241.73 209.72
C ARG VC 358 38.49 242.31 209.38
N PRO VC 359 37.72 241.79 208.40
CA PRO VC 359 36.32 242.19 208.19
C PRO VC 359 35.42 242.16 209.42
N VAL VC 360 35.53 241.11 210.25
CA VAL VC 360 34.72 240.96 211.46
C VAL VC 360 35.08 242.05 212.46
N VAL VC 361 36.37 242.35 212.62
CA VAL VC 361 36.85 243.41 213.48
C VAL VC 361 36.36 244.77 212.96
N ARG VC 362 36.54 245.01 211.64
CA ARG VC 362 36.17 246.25 210.96
C ARG VC 362 34.70 246.61 211.17
N ASP VC 363 33.81 245.63 211.01
CA ASP VC 363 32.37 245.86 210.95
C ASP VC 363 31.70 245.80 212.33
N TYR VC 364 32.31 245.15 213.34
CA TYR VC 364 31.63 244.87 214.61
C TYR VC 364 32.44 245.16 215.89
N SER VC 365 33.76 245.39 215.80
CA SER VC 365 34.62 245.52 216.97
C SER VC 365 34.81 246.97 217.43
N PRO VC 366 35.00 247.24 218.74
CA PRO VC 366 35.49 248.54 219.21
C PRO VC 366 36.99 248.77 219.00
N PHE VC 367 37.71 247.75 218.50
CA PHE VC 367 39.14 247.83 218.19
C PHE VC 367 39.36 248.20 216.71
N ASP VC 368 40.56 248.69 216.37
CA ASP VC 368 40.96 249.03 215.01
C ASP VC 368 41.33 247.76 214.25
N HIS VC 369 40.81 247.60 213.02
CA HIS VC 369 40.99 246.40 212.20
C HIS VC 369 42.35 246.40 211.49
N GLU VC 370 43.04 247.55 211.44
CA GLU VC 370 44.34 247.65 210.80
C GLU VC 370 45.47 247.14 211.71
N ALA VC 371 45.12 246.56 212.87
CA ALA VC 371 46.07 245.97 213.80
C ALA VC 371 46.75 244.73 213.21
N ASP VC 372 47.89 244.34 213.82
CA ASP VC 372 48.73 243.22 213.40
C ASP VC 372 48.16 241.90 213.92
N ILE VC 373 46.95 241.55 213.46
CA ILE VC 373 46.19 240.36 213.83
C ILE VC 373 46.86 239.10 213.27
N ARG VC 374 46.82 237.99 214.03
CA ARG VC 374 47.49 236.74 213.73
C ARG VC 374 46.64 235.53 214.18
N LEU VC 375 46.89 234.37 213.55
CA LEU VC 375 46.34 233.08 213.94
C LEU VC 375 47.35 231.98 213.60
N GLU VC 376 47.99 231.40 214.63
CA GLU VC 376 48.91 230.29 214.43
C GLU VC 376 48.18 228.95 214.59
N ILE VC 377 48.72 227.90 213.97
CA ILE VC 377 48.16 226.56 213.97
C ILE VC 377 49.26 225.58 214.40
N ASN VC 378 48.92 224.61 215.26
CA ASN VC 378 49.88 223.71 215.89
C ASN VC 378 50.43 222.70 214.87
N ASP VC 379 51.63 222.16 215.15
CA ASP VC 379 52.30 221.19 214.29
C ASP VC 379 52.27 219.81 214.96
N PRO VC 380 51.62 218.77 214.37
CA PRO VC 380 51.58 217.44 214.97
C PRO VC 380 52.90 216.66 214.97
N LEU VC 381 53.92 217.20 214.28
CA LEU VC 381 55.24 216.58 214.26
C LEU VC 381 56.18 217.25 215.28
N GLU VC 382 55.66 218.17 216.10
CA GLU VC 382 56.42 218.78 217.19
C GLU VC 382 56.55 217.78 218.34
N ASP VC 383 57.75 217.68 218.93
CA ASP VC 383 58.10 216.63 219.88
C ASP VC 383 58.44 217.22 221.25
N ILE VC 384 57.79 216.73 222.30
CA ILE VC 384 57.88 217.24 223.67
C ILE VC 384 59.27 216.94 224.25
N GLY VC 385 59.82 215.77 223.93
CA GLY VC 385 61.16 215.37 224.36
C GLY VC 385 62.24 216.29 223.81
N GLU VC 386 62.10 216.67 222.54
CA GLU VC 386 63.00 217.60 221.85
C GLU VC 386 62.89 218.99 222.46
N VAL VC 387 61.65 219.44 222.75
CA VAL VC 387 61.38 220.72 223.40
C VAL VC 387 62.04 220.77 224.77
N ALA VC 388 61.89 219.71 225.57
CA ALA VC 388 62.46 219.63 226.90
C ALA VC 388 63.99 219.66 226.87
N ASP VC 389 64.60 218.89 225.96
CA ASP VC 389 66.05 218.88 225.75
C ASP VC 389 66.55 220.26 225.31
N LEU VC 390 65.83 220.93 224.39
CA LEU VC 390 66.20 222.25 223.90
C LEU VC 390 66.22 223.27 225.05
N ILE VC 391 65.20 223.23 225.91
CA ILE VC 391 65.09 224.13 227.05
C ILE VC 391 66.24 223.90 228.03
N GLN VC 392 66.67 222.64 228.21
CA GLN VC 392 67.83 222.32 229.03
C GLN VC 392 69.11 222.85 228.39
N GLN VC 393 69.27 222.68 227.07
CA GLN VC 393 70.54 222.93 226.38
C GLN VC 393 70.77 224.41 226.10
N VAL VC 394 69.70 225.18 225.82
CA VAL VC 394 69.82 226.57 225.36
C VAL VC 394 68.91 227.55 226.12
N GLY VC 395 68.29 227.11 227.23
CA GLY VC 395 67.51 227.98 228.10
C GLY VC 395 68.29 229.20 228.60
N ASP VC 396 69.62 229.08 228.67
CA ASP VC 396 70.57 230.13 228.98
C ASP VC 396 70.51 231.29 227.98
N TYR VC 397 69.81 231.13 226.85
CA TYR VC 397 69.76 232.12 225.76
C TYR VC 397 68.33 232.39 225.28
N MET VC 398 67.32 231.82 225.97
CA MET VC 398 65.90 232.03 225.68
C MET VC 398 65.24 232.75 226.86
N THR VC 399 64.43 233.79 226.60
CA THR VC 399 63.67 234.48 227.63
C THR VC 399 62.61 233.55 228.21
N ASN VC 400 62.08 233.86 229.40
CA ASN VC 400 61.09 233.04 230.06
C ASN VC 400 59.79 233.00 229.26
N GLU VC 401 59.47 234.10 228.55
CA GLU VC 401 58.33 234.13 227.65
C GLU VC 401 58.51 233.17 226.46
N GLN VC 402 59.73 233.10 225.90
CA GLN VC 402 60.05 232.20 224.82
C GLN VC 402 60.03 230.73 225.29
N VAL VC 403 60.51 230.47 226.51
CA VAL VC 403 60.44 229.16 227.12
C VAL VC 403 58.98 228.76 227.32
N ALA VC 404 58.17 229.67 227.86
CA ALA VC 404 56.74 229.45 228.09
C ALA VC 404 56.01 229.12 226.78
N GLU VC 405 56.28 229.88 225.72
CA GLU VC 405 55.70 229.65 224.40
C GLU VC 405 56.01 228.25 223.88
N LYS VC 406 57.29 227.83 223.96
CA LYS VC 406 57.75 226.54 223.48
C LYS VC 406 57.20 225.40 224.34
N LEU VC 407 57.01 225.66 225.64
CA LEU VC 407 56.56 224.68 226.63
C LEU VC 407 55.03 224.60 226.72
N ASP VC 408 54.31 225.37 225.89
CA ASP VC 408 52.85 225.40 225.80
C ASP VC 408 52.24 225.96 227.09
N LEU VC 409 52.79 227.08 227.58
CA LEU VC 409 52.34 227.77 228.79
C LEU VC 409 52.09 229.25 228.48
N PRO VC 410 51.16 229.93 229.21
CA PRO VC 410 51.14 231.39 229.28
C PRO VC 410 52.45 231.93 229.84
N ALA VC 411 52.87 233.12 229.38
CA ALA VC 411 54.06 233.80 229.88
C ALA VC 411 53.87 234.22 231.34
N PRO VC 412 54.96 234.38 232.14
CA PRO VC 412 54.86 234.79 233.55
C PRO VC 412 54.08 236.08 233.80
N GLU VC 413 53.53 236.22 235.02
CA GLU VC 413 52.57 237.25 235.40
C GLU VC 413 53.23 238.59 235.76
N ASP VC 414 54.52 238.81 235.41
CA ASP VC 414 55.22 240.06 235.63
C ASP VC 414 56.29 240.27 234.55
N ASP VC 415 56.59 241.55 234.22
CA ASP VC 415 57.35 241.94 233.04
C ASP VC 415 58.78 241.43 233.07
N GLU VC 416 59.52 241.71 234.15
CA GLU VC 416 60.91 241.29 234.28
C GLU VC 416 61.01 239.77 234.41
N VAL VC 417 59.98 239.12 234.95
CA VAL VC 417 59.95 237.68 235.12
C VAL VC 417 59.82 237.01 233.76
N ALA VC 418 59.02 237.61 232.85
CA ALA VC 418 58.82 237.11 231.50
C ALA VC 418 60.04 237.40 230.62
N ASP VC 419 60.60 238.61 230.74
CA ASP VC 419 61.62 239.14 229.84
C ASP VC 419 63.01 238.61 230.15
N SER VC 420 63.25 238.21 231.41
CA SER VC 420 64.52 237.64 231.86
C SER VC 420 64.79 236.28 231.21
N TYR VC 421 66.06 235.85 231.25
CA TYR VC 421 66.55 234.64 230.61
C TYR VC 421 66.57 233.44 231.56
N ARG VC 422 67.03 233.62 232.81
CA ARG VC 422 67.11 232.53 233.77
C ARG VC 422 65.73 232.21 234.35
N SER VC 423 65.57 230.97 234.85
CA SER VC 423 64.31 230.37 235.28
C SER VC 423 63.56 231.21 236.33
N PRO VC 424 62.20 231.19 236.34
CA PRO VC 424 61.43 231.79 237.43
C PRO VC 424 61.59 231.06 238.75
N ALA VC 425 61.75 229.73 238.71
CA ALA VC 425 62.09 228.94 239.89
C ALA VC 425 63.45 229.34 240.46
N ASP VC 426 64.40 229.69 239.59
CA ASP VC 426 65.72 230.16 239.98
C ASP VC 426 65.64 231.56 240.60
N MET VC 427 64.71 232.40 240.13
CA MET VC 427 64.53 233.74 240.66
C MET VC 427 63.81 233.67 242.01
N GLU VC 428 62.96 232.66 242.20
CA GLU VC 428 62.22 232.44 243.44
C GLU VC 428 63.16 231.95 244.53
N LYS VC 429 64.03 230.97 244.24
CA LYS VC 429 64.92 230.37 245.22
C LYS VC 429 65.95 231.37 245.72
N ASP VC 430 66.39 232.28 244.83
CA ASP VC 430 67.36 233.30 245.18
C ASP VC 430 66.73 234.45 245.96
N GLU VC 431 65.46 234.79 245.65
CA GLU VC 431 64.72 235.78 246.43
C GLU VC 431 64.50 235.27 247.86
N ALA VC 432 64.24 233.97 248.01
CA ALA VC 432 64.10 233.30 249.30
C ALA VC 432 65.43 233.18 250.04
N GLY VC 433 66.54 233.01 249.30
CA GLY VC 433 67.88 233.00 249.86
C GLY VC 433 68.34 234.37 250.36
N VAL VC 434 67.95 235.42 249.62
CA VAL VC 434 68.15 236.81 250.00
C VAL VC 434 67.03 237.22 250.95
N ALA WC 31 88.31 249.79 180.02
CA ALA WC 31 87.48 248.85 179.22
C ALA WC 31 86.37 249.62 178.51
N SER WC 32 85.09 249.31 178.79
CA SER WC 32 83.95 249.95 178.12
C SER WC 32 82.70 249.96 179.01
N SER WC 33 81.75 250.86 178.69
CA SER WC 33 80.53 251.07 179.47
C SER WC 33 79.32 250.34 178.87
N THR WC 34 79.54 249.59 177.78
CA THR WC 34 78.49 248.89 177.03
C THR WC 34 79.01 247.53 176.55
N PRO WC 35 78.14 246.50 176.32
CA PRO WC 35 78.62 245.16 175.94
C PRO WC 35 79.20 245.08 174.53
N GLN WC 36 80.19 244.17 174.35
CA GLN WC 36 80.94 244.06 173.09
C GLN WC 36 81.03 242.62 172.58
N THR WC 37 80.92 241.61 173.45
CA THR WC 37 80.69 240.23 173.03
C THR WC 37 79.22 240.04 172.65
N ASN WC 38 78.96 239.35 171.53
CA ASN WC 38 77.62 239.04 171.04
C ASN WC 38 77.03 237.86 171.84
N VAL WC 39 75.69 237.65 171.77
CA VAL WC 39 74.97 236.79 172.72
C VAL WC 39 74.04 235.79 172.03
N ASP WC 40 74.43 235.30 170.84
CA ASP WC 40 73.97 234.06 170.20
C ASP WC 40 72.46 233.99 169.89
N SER WC 41 71.74 235.13 169.94
CA SER WC 41 70.32 235.20 169.60
C SER WC 41 69.91 236.64 169.27
N MET WC 42 68.83 236.80 168.49
CA MET WC 42 67.99 238.00 168.45
C MET WC 42 66.63 237.63 167.88
N GLY WC 43 65.57 237.78 168.69
CA GLY WC 43 64.21 237.43 168.30
C GLY WC 43 63.98 235.93 168.08
N GLY WC 44 64.89 235.09 168.59
CA GLY WC 44 64.81 233.64 168.43
C GLY WC 44 65.14 233.19 167.00
N GLY WC 45 64.63 232.01 166.62
CA GLY WC 45 64.84 231.43 165.30
C GLY WC 45 64.15 232.24 164.22
N ASP WC 54 63.43 231.79 172.91
CA ASP WC 54 63.26 231.03 171.64
C ASP WC 54 62.25 229.90 171.85
N LEU WC 55 61.20 230.18 172.66
CA LEU WC 55 60.12 229.24 172.94
C LEU WC 55 58.77 229.96 173.03
N THR WC 56 57.67 229.21 172.84
CA THR WC 56 56.34 229.74 172.56
C THR WC 56 55.40 229.61 173.75
N PHE WC 57 54.20 230.21 173.62
CA PHE WC 57 53.10 230.04 174.56
C PHE WC 57 52.71 228.57 174.67
N GLU WC 58 52.89 227.79 173.59
CA GLU WC 58 52.57 226.37 173.56
C GLU WC 58 53.54 225.57 174.44
N ASP WC 59 54.83 225.92 174.37
CA ASP WC 59 55.88 225.29 175.19
C ASP WC 59 55.64 225.60 176.66
N LEU WC 60 55.20 226.83 176.95
CA LEU WC 60 54.84 227.28 178.29
C LEU WC 60 53.58 226.55 178.79
N ARG WC 61 52.60 226.32 177.91
CA ARG WC 61 51.35 225.66 178.26
C ARG WC 61 51.53 224.16 178.51
N ASP WC 62 52.54 223.54 177.89
CA ASP WC 62 52.94 222.19 178.23
C ASP WC 62 53.36 222.12 179.70
N ILE WC 63 54.13 223.11 180.18
CA ILE WC 63 54.59 223.15 181.57
C ILE WC 63 53.37 223.24 182.50
N LYS WC 64 52.41 224.10 182.15
CA LYS WC 64 51.16 224.28 182.88
C LYS WC 64 50.37 222.96 182.92
N ASP WC 65 50.34 222.22 181.80
CA ASP WC 65 49.61 220.97 181.70
C ASP WC 65 50.27 219.87 182.54
N VAL WC 66 51.61 219.87 182.64
CA VAL WC 66 52.32 218.93 183.51
C VAL WC 66 52.00 219.26 184.97
N ARG WC 67 51.83 220.55 185.30
CA ARG WC 67 51.49 220.97 186.66
C ARG WC 67 50.04 220.63 187.03
N ASP WC 68 49.08 220.95 186.16
CA ASP WC 68 47.67 220.85 186.54
C ASP WC 68 47.11 219.43 186.38
N SER WC 69 47.82 218.55 185.65
CA SER WC 69 47.47 217.14 185.54
C SER WC 69 47.85 216.33 186.78
N GLY WC 70 48.60 216.92 187.72
CA GLY WC 70 48.83 216.33 189.04
C GLY WC 70 49.68 215.07 189.04
N GLY WC 71 49.38 214.16 189.97
CA GLY WC 71 50.07 212.88 190.09
C GLY WC 71 51.49 213.01 190.65
N GLN WC 72 52.25 211.91 190.56
CA GLN WC 72 53.58 211.78 191.17
C GLN WC 72 54.58 212.76 190.55
N VAL WC 73 54.45 213.02 189.23
CA VAL WC 73 55.32 213.92 188.49
C VAL WC 73 55.21 215.35 189.03
N ALA WC 74 53.97 215.85 189.20
CA ALA WC 74 53.74 217.16 189.77
C ALA WC 74 54.21 217.23 191.23
N GLN WC 75 53.96 216.17 192.00
CA GLN WC 75 54.36 216.11 193.41
C GLN WC 75 55.88 216.17 193.57
N LEU WC 76 56.63 215.53 192.67
CA LEU WC 76 58.09 215.58 192.66
C LEU WC 76 58.61 217.01 192.45
N MET WC 77 58.07 217.72 191.46
CA MET WC 77 58.49 219.09 191.18
C MET WC 77 58.07 220.04 192.30
N ASP WC 78 56.92 219.80 192.93
CA ASP WC 78 56.47 220.59 194.07
C ASP WC 78 57.31 220.28 195.31
N TYR WC 79 57.78 219.03 195.46
CA TYR WC 79 58.72 218.67 196.51
C TYR WC 79 60.04 219.42 196.28
N LYS WC 80 60.47 219.57 195.02
CA LYS WC 80 61.66 220.33 194.66
C LYS WC 80 61.50 221.79 195.08
N ALA WC 81 60.32 222.37 194.83
CA ALA WC 81 60.00 223.73 195.22
C ALA WC 81 60.01 223.89 196.74
N LEU WC 82 59.39 222.94 197.45
CA LEU WC 82 59.30 222.98 198.91
C LEU WC 82 60.67 222.88 199.57
N LEU WC 83 61.55 221.98 199.09
CA LEU WC 83 62.88 221.79 199.65
C LEU WC 83 63.75 223.05 199.51
N ASN WC 84 63.47 223.90 198.51
CA ASN WC 84 64.23 225.11 198.23
C ASN WC 84 63.61 226.35 198.90
N PHE WC 85 62.26 226.43 199.00
CA PHE WC 85 61.58 227.68 199.29
C PHE WC 85 60.43 227.58 200.31
N GLY WC 86 60.09 226.37 200.78
CA GLY WC 86 58.89 226.13 201.58
C GLY WC 86 59.00 226.49 203.06
N GLU WC 87 60.23 226.59 203.58
CA GLU WC 87 60.51 226.77 205.00
C GLU WC 87 60.42 228.25 205.42
N GLY WC 88 60.17 229.15 204.46
CA GLY WC 88 59.98 230.56 204.74
C GLY WC 88 61.26 231.39 204.72
N CYS WC 89 61.17 232.67 205.12
CA CYS WC 89 62.21 233.66 204.95
C CYS WC 89 62.25 234.66 206.11
N GLU WC 90 63.34 235.44 206.21
CA GLU WC 90 63.45 236.58 207.11
C GLU WC 90 64.34 237.67 206.49
N ILE WC 91 64.04 238.93 206.84
CA ILE WC 91 64.81 240.10 206.44
C ILE WC 91 65.58 240.65 207.64
N HIS WC 92 66.89 240.88 207.47
CA HIS WC 92 67.69 241.71 208.35
C HIS WC 92 68.32 242.84 207.52
N VAL WC 93 68.66 243.97 208.15
CA VAL WC 93 69.36 245.08 207.50
C VAL WC 93 70.51 245.54 208.41
N GLU WC 94 71.71 245.77 207.84
CA GLU WC 94 72.88 246.17 208.61
C GLU WC 94 72.79 247.64 209.03
N GLY WC 95 72.98 247.91 210.32
CA GLY WC 95 73.05 249.24 210.90
C GLY WC 95 71.76 250.06 210.80
N ASP WC 96 70.60 249.38 210.85
CA ASP WC 96 69.31 249.95 210.50
C ASP WC 96 68.87 251.07 211.45
N ASP WC 97 69.49 251.16 212.65
CA ASP WC 97 69.23 252.22 213.60
C ASP WC 97 69.65 253.58 213.03
N GLU WC 98 70.51 253.58 212.01
CA GLU WC 98 70.94 254.79 211.32
C GLU WC 98 69.90 255.25 210.30
N THR WC 99 68.94 254.40 209.91
CA THR WC 99 67.92 254.78 208.94
C THR WC 99 66.73 255.49 209.60
N LYS WC 100 66.62 255.44 210.94
CA LYS WC 100 65.48 255.87 211.72
C LYS WC 100 64.95 257.24 211.28
N GLN WC 101 63.70 257.27 210.80
CA GLN WC 101 63.08 258.43 210.17
C GLN WC 101 61.57 258.43 210.44
N LEU WC 102 60.96 259.62 210.51
CA LEU WC 102 59.52 259.78 210.70
C LEU WC 102 58.80 259.50 209.37
N VAL WC 103 57.90 258.50 209.35
CA VAL WC 103 57.16 258.11 208.16
C VAL WC 103 55.81 258.85 208.11
N ASP WC 104 55.07 258.82 209.23
CA ASP WC 104 53.81 259.55 209.39
C ASP WC 104 53.74 260.12 210.82
N GLY WC 105 54.71 260.98 211.15
CA GLY WC 105 54.77 261.64 212.45
C GLY WC 105 55.39 260.75 213.53
N GLU WC 106 55.79 259.52 213.18
CA GLU WC 106 56.33 258.54 214.11
C GLU WC 106 57.52 257.80 213.47
N PRO WC 107 58.61 257.49 214.22
CA PRO WC 107 59.78 256.79 213.66
C PRO WC 107 59.54 255.37 213.15
N MET WC 108 60.23 255.03 212.05
CA MET WC 108 60.38 253.67 211.55
C MET WC 108 61.79 253.46 211.00
N THR WC 109 62.18 252.18 210.84
CA THR WC 109 63.40 251.74 210.16
C THR WC 109 63.08 251.27 208.73
N LEU WC 110 64.12 251.03 207.92
CA LEU WC 110 63.93 250.43 206.60
C LEU WC 110 63.34 249.02 206.72
N SER WC 111 63.83 248.22 207.68
CA SER WC 111 63.30 246.88 207.89
C SER WC 111 61.80 246.90 208.24
N GLU WC 112 61.36 247.85 209.08
CA GLU WC 112 59.95 248.02 209.36
C GLU WC 112 59.15 248.40 208.11
N TRP WC 113 59.70 249.29 207.27
CA TRP WC 113 59.07 249.70 206.02
C TRP WC 113 58.93 248.53 205.05
N LEU WC 114 59.97 247.67 204.99
CA LEU WC 114 59.98 246.49 204.14
C LEU WC 114 58.99 245.44 204.64
N GLU WC 115 58.84 245.34 205.97
CA GLU WC 115 57.89 244.41 206.59
C GLU WC 115 56.45 244.85 206.30
N ASP WC 116 56.21 246.18 206.24
CA ASP WC 116 54.94 246.73 205.83
C ASP WC 116 54.71 246.53 204.32
N ALA WC 117 55.79 246.58 203.52
CA ALA WC 117 55.71 246.38 202.08
C ALA WC 117 55.42 244.92 201.72
N PHE WC 118 55.98 243.97 202.50
CA PHE WC 118 55.87 242.54 202.22
C PHE WC 118 55.58 241.77 203.52
N PRO WC 119 54.37 241.87 204.14
CA PRO WC 119 54.05 241.14 205.36
C PRO WC 119 54.04 239.61 205.21
N HIS WC 120 53.58 239.12 204.06
CA HIS WC 120 53.36 237.70 203.83
C HIS WC 120 54.42 237.10 202.91
N LEU WC 121 55.68 237.55 203.03
CA LEU WC 121 56.74 237.32 202.06
C LEU WC 121 57.05 235.83 201.84
N ASP WC 122 56.86 234.98 202.86
CA ASP WC 122 57.04 233.54 202.76
C ASP WC 122 56.27 232.95 201.58
N LEU WC 123 55.02 233.37 201.41
CA LEU WC 123 54.11 232.86 200.39
C LEU WC 123 54.57 233.32 199.00
N LEU WC 124 55.04 234.58 198.91
CA LEU WC 124 55.54 235.14 197.67
C LEU WC 124 56.85 234.48 197.25
N VAL WC 125 57.74 234.21 198.22
CA VAL WC 125 59.01 233.51 197.99
C VAL WC 125 58.74 232.09 197.49
N LEU WC 126 57.79 231.39 198.13
CA LEU WC 126 57.44 230.02 197.74
C LEU WC 126 56.84 229.98 196.33
N ASP WC 127 55.95 230.93 196.02
CA ASP WC 127 55.29 231.02 194.73
C ASP WC 127 56.30 231.33 193.63
N LEU WC 128 57.13 232.37 193.81
CA LEU WC 128 58.12 232.78 192.82
C LEU WC 128 59.17 231.70 192.63
N GLY WC 129 59.65 231.12 193.74
CA GLY WC 129 60.63 230.06 193.71
C GLY WC 129 60.12 228.81 192.99
N GLY WC 130 58.89 228.40 193.31
CA GLY WC 130 58.21 227.29 192.67
C GLY WC 130 58.02 227.51 191.18
N ASP WC 131 57.53 228.70 190.81
CA ASP WC 131 57.30 229.08 189.43
C ASP WC 131 58.62 229.11 188.64
N ALA WC 132 59.70 229.63 189.25
CA ALA WC 132 61.00 229.72 188.59
C ALA WC 132 61.72 228.38 188.50
N LEU WC 133 61.17 227.31 189.12
CA LEU WC 133 61.62 225.95 188.93
C LEU WC 133 60.79 225.22 187.88
N TRP WC 134 59.45 225.41 187.91
CA TRP WC 134 58.52 224.88 186.94
C TRP WC 134 58.79 225.49 185.55
N TYR WC 135 58.65 226.83 185.46
CA TYR WC 135 58.80 227.63 184.25
C TYR WC 135 60.22 228.18 184.17
N PRO WC 136 60.71 228.72 183.01
CA PRO WC 136 62.05 229.30 182.93
C PRO WC 136 62.29 230.49 183.85
N TYR WC 137 61.22 231.19 184.28
CA TYR WC 137 61.27 232.41 185.07
C TYR WC 137 60.01 232.54 185.95
N ALA WC 138 60.08 233.43 186.94
CA ALA WC 138 58.90 234.00 187.60
C ALA WC 138 58.86 235.50 187.34
N VAL WC 139 57.64 236.08 187.28
CA VAL WC 139 57.43 237.45 186.78
C VAL WC 139 56.23 238.10 187.47
N GLY WC 140 56.23 239.44 187.62
CA GLY WC 140 55.15 240.16 188.28
C GLY WC 140 55.05 241.65 187.96
N GLU WC 141 53.93 242.27 188.42
CA GLU WC 141 53.61 243.69 188.33
C GLU WC 141 54.03 244.43 189.60
N ILE WC 142 54.15 245.76 189.53
CA ILE WC 142 54.10 246.65 190.68
C ILE WC 142 52.73 247.33 190.71
N GLN WC 143 52.09 247.39 191.89
CA GLN WC 143 50.79 248.02 192.05
C GLN WC 143 50.81 249.12 193.12
N GLU WC 144 49.88 250.07 192.99
CA GLU WC 144 49.72 251.23 193.85
C GLU WC 144 48.33 251.23 194.49
N THR WC 145 48.18 252.04 195.55
CA THR WC 145 46.92 252.36 196.21
C THR WC 145 46.07 253.27 195.32
N ILE WC 146 44.88 253.67 195.79
CA ILE WC 146 44.02 254.64 195.11
C ILE WC 146 44.70 256.01 195.17
N THR WC 147 45.40 256.30 196.28
CA THR WC 147 46.12 257.56 196.50
C THR WC 147 47.40 257.64 195.65
N GLY WC 148 48.04 256.50 195.37
CA GLY WC 148 49.18 256.45 194.46
C GLY WC 148 50.48 255.95 195.09
N GLU WC 149 50.52 255.89 196.43
CA GLU WC 149 51.58 255.24 197.19
C GLU WC 149 51.53 253.73 196.95
N PHE WC 150 52.64 253.01 197.24
CA PHE WC 150 52.81 251.59 196.95
C PHE WC 150 51.76 250.73 197.65
N LYS WC 151 51.30 249.67 196.97
CA LYS WC 151 50.36 248.69 197.47
C LYS WC 151 51.06 247.36 197.66
N GLU WC 152 51.50 246.72 196.55
CA GLU WC 152 52.22 245.44 196.56
C GLU WC 152 52.93 245.19 195.24
N ALA WC 153 53.89 244.25 195.24
CA ALA WC 153 54.39 243.61 194.04
C ALA WC 153 53.65 242.29 193.84
N LEU WC 154 53.05 242.09 192.66
CA LEU WC 154 52.06 241.03 192.43
C LEU WC 154 52.49 240.10 191.30
N PRO WC 155 52.70 238.78 191.54
CA PRO WC 155 53.12 237.84 190.49
C PRO WC 155 52.02 237.53 189.45
N ALA WC 156 52.44 237.36 188.19
CA ALA WC 156 51.56 237.14 187.04
C ALA WC 156 51.51 235.66 186.66
N GLU WC 157 50.57 235.29 185.78
CA GLU WC 157 50.35 233.92 185.33
C GLU WC 157 51.53 233.48 184.44
N PRO WC 158 52.45 232.62 184.92
CA PRO WC 158 53.76 232.45 184.27
C PRO WC 158 53.77 231.83 182.87
N TRP WC 159 52.74 231.05 182.53
CA TRP WC 159 52.63 230.41 181.22
C TRP WC 159 52.09 231.38 180.18
N THR WC 160 51.55 232.53 180.61
CA THR WC 160 50.84 233.46 179.72
C THR WC 160 51.79 234.50 179.12
N LEU WC 161 52.95 234.72 179.74
CA LEU WC 161 53.91 235.75 179.37
C LEU WC 161 55.15 235.10 178.74
N MET WC 162 55.61 235.64 177.60
CA MET WC 162 56.88 235.24 176.99
C MET WC 162 57.73 236.47 176.66
N PRO WC 163 59.07 236.42 176.86
CA PRO WC 163 59.95 237.56 176.56
C PRO WC 163 60.36 237.63 175.09
N GLU WC 164 60.71 238.84 174.63
CA GLU WC 164 61.33 239.07 173.34
C GLU WC 164 62.58 239.93 173.52
N SER WC 165 63.69 239.60 172.80
CA SER WC 165 65.02 240.05 173.16
C SER WC 165 65.91 240.43 171.96
N ASP WC 166 66.99 241.18 172.23
CA ASP WC 166 67.85 241.84 171.25
C ASP WC 166 69.19 241.09 171.08
N ALA WC 167 70.09 241.68 170.29
CA ALA WC 167 71.37 241.08 169.90
C ALA WC 167 72.37 241.07 171.06
N GLN WC 168 72.13 241.87 172.12
CA GLN WC 168 72.96 241.86 173.32
C GLN WC 168 72.36 240.94 174.37
N GLY WC 169 71.31 240.18 173.99
CA GLY WC 169 70.73 239.14 174.81
C GLY WC 169 69.70 239.63 175.84
N LYS WC 170 69.26 240.90 175.72
CA LYS WC 170 68.43 241.54 176.74
C LYS WC 170 66.97 241.58 176.32
N VAL WC 171 66.06 241.29 177.27
CA VAL WC 171 64.62 241.36 177.05
C VAL WC 171 64.22 242.83 176.90
N GLN WC 172 63.46 243.12 175.83
CA GLN WC 172 63.02 244.47 175.51
C GLN WC 172 61.49 244.58 175.58
N ALA WC 173 60.78 243.46 175.42
CA ALA WC 173 59.32 243.42 175.54
C ALA WC 173 58.83 242.11 176.14
N TRP WC 174 57.68 242.17 176.82
CA TRP WC 174 56.92 241.02 177.33
C TRP WC 174 55.62 240.89 176.55
N HIS WC 175 55.38 239.70 175.99
CA HIS WC 175 54.25 239.40 175.12
C HIS WC 175 53.29 238.47 175.86
N GLN WC 176 52.00 238.83 175.99
CA GLN WC 176 51.02 238.03 176.71
C GLN WC 176 49.89 237.56 175.78
N ARG WC 177 49.54 236.26 175.85
CA ARG WC 177 48.40 235.67 175.16
C ARG WC 177 47.53 234.89 176.14
N THR WC 178 46.20 235.16 176.17
CA THR WC 178 45.29 234.62 177.18
C THR WC 178 43.88 234.37 176.67
N LYS WC 179 43.22 233.31 177.19
CA LYS WC 179 41.85 232.93 176.85
C LYS WC 179 40.82 233.76 177.62
N THR WC 180 39.73 234.17 176.95
CA THR WC 180 38.52 234.72 177.57
C THR WC 180 37.29 234.39 176.70
N HIS WC 181 36.16 234.03 177.33
CA HIS WC 181 34.88 233.79 176.66
C HIS WC 181 34.97 232.79 175.50
N GLY WC 182 35.93 231.85 175.55
CA GLY WC 182 36.09 230.85 174.49
C GLY WC 182 36.97 231.32 173.34
N GLY WC 183 37.36 232.61 173.36
CA GLY WC 183 38.29 233.20 172.41
C GLY WC 183 39.62 233.57 173.05
N TYR WC 184 40.43 234.39 172.34
CA TYR WC 184 41.76 234.78 172.78
C TYR WC 184 41.96 236.30 172.74
N GLN WC 185 42.75 236.82 173.69
CA GLN WC 185 43.24 238.19 173.73
C GLN WC 185 44.78 238.18 173.71
N THR WC 186 45.39 239.18 173.07
CA THR WC 186 46.83 239.33 172.92
C THR WC 186 47.25 240.78 173.21
N GLN WC 187 48.37 240.97 173.94
CA GLN WC 187 48.93 242.28 174.24
C GLN WC 187 50.46 242.22 174.41
N THR WC 188 51.14 243.36 174.28
CA THR WC 188 52.60 243.48 174.48
C THR WC 188 52.93 244.67 175.38
N LEU WC 189 53.90 244.48 176.29
CA LEU WC 189 54.30 245.44 177.31
C LEU WC 189 55.82 245.66 177.28
N PRO WC 190 56.34 246.86 177.65
CA PRO WC 190 57.79 247.09 177.70
C PRO WC 190 58.45 246.37 178.86
N ALA WC 191 59.74 246.03 178.72
CA ALA WC 191 60.51 245.38 179.77
C ALA WC 191 60.99 246.39 180.80
N ASP WC 192 60.04 247.01 181.53
CA ASP WC 192 60.29 248.19 182.36
C ASP WC 192 59.50 248.16 183.67
N ASP WC 193 58.16 248.06 183.60
CA ASP WC 193 57.26 248.12 184.75
C ASP WC 193 57.00 246.73 185.36
N LEU WC 194 57.22 245.66 184.57
CA LEU WC 194 57.25 244.30 185.08
C LEU WC 194 58.65 243.99 185.66
N TRP WC 195 58.71 242.99 186.56
CA TRP WC 195 59.95 242.48 187.15
C TRP WC 195 59.98 240.95 187.04
N ILE WC 197 62.55 237.05 187.52
CA ILE WC 197 63.60 236.32 188.24
C ILE WC 197 63.84 234.95 187.58
N VAL WC 198 65.12 234.56 187.44
CA VAL WC 198 65.55 233.32 186.78
C VAL WC 198 66.49 232.53 187.69
N ILE WC 199 66.15 231.27 188.01
CA ILE WC 199 66.96 230.41 188.86
C ILE WC 199 68.00 229.62 188.04
N ASN WC 200 67.58 229.03 186.92
CA ASN WC 200 68.42 228.15 186.11
C ASN WC 200 68.78 228.85 184.79
N LYS WC 201 70.07 228.81 184.39
CA LYS WC 201 70.60 229.62 183.29
C LYS WC 201 71.51 228.82 182.36
N ALA WC 202 71.52 229.22 181.07
CA ALA WC 202 72.44 228.74 180.06
C ALA WC 202 73.83 229.37 180.20
N SER WC 203 73.90 230.62 180.71
CA SER WC 203 75.13 231.40 180.91
C SER WC 203 74.88 232.50 181.94
N ALA WC 204 75.93 233.18 182.41
CA ALA WC 204 75.80 234.30 183.33
C ALA WC 204 74.97 235.44 182.75
N ARG WC 205 74.94 235.54 181.41
CA ARG WC 205 74.24 236.57 180.65
C ARG WC 205 72.74 236.26 180.48
N ASP WC 206 72.30 235.03 180.75
CA ASP WC 206 70.99 234.51 180.36
C ASP WC 206 69.85 235.21 181.10
N GLU WC 207 68.96 235.89 180.34
CA GLU WC 207 67.78 236.55 180.88
C GLU WC 207 66.51 235.72 180.68
N VAL WC 208 66.57 234.62 179.89
CA VAL WC 208 65.40 233.84 179.51
C VAL WC 208 65.31 232.57 180.38
N GLY WC 209 66.44 231.92 180.64
CA GLY WC 209 66.52 230.85 181.62
C GLY WC 209 66.14 229.47 181.06
N ILE WC 210 66.12 228.47 181.96
CA ILE WC 210 65.84 227.06 181.64
C ILE WC 210 64.72 226.55 182.54
N SER WC 211 63.75 225.84 181.96
CA SER WC 211 62.74 225.08 182.71
C SER WC 211 63.22 223.64 182.86
N GLU WC 212 63.21 223.12 184.10
CA GLU WC 212 63.56 221.74 184.37
C GLU WC 212 62.51 220.76 183.82
N VAL WC 213 61.29 221.23 183.56
CA VAL WC 213 60.27 220.43 182.88
C VAL WC 213 60.66 220.22 181.41
N LEU WC 214 61.08 221.29 180.74
CA LEU WC 214 61.49 221.22 179.34
C LEU WC 214 62.84 220.54 179.18
N ARG WC 215 63.74 220.73 180.17
CA ARG WC 215 65.09 220.13 180.18
C ARG WC 215 65.03 218.61 180.26
N ASN WC 216 63.97 218.06 180.86
CA ASN WC 216 63.81 216.63 181.12
C ASN WC 216 62.50 216.09 180.55
N LYS WC 217 62.01 216.68 179.44
CA LYS WC 217 60.72 216.40 178.82
C LYS WC 217 60.57 214.93 178.44
N ASP WC 218 61.63 214.35 177.86
CA ASP WC 218 61.65 212.96 177.40
C ASP WC 218 61.58 211.99 178.59
N GLU WC 219 62.34 212.26 179.66
CA GLU WC 219 62.35 211.45 180.88
C GLU WC 219 60.97 211.45 181.53
N ILE WC 220 60.29 212.60 181.53
CA ILE WC 220 58.96 212.78 182.08
C ILE WC 220 57.94 211.97 181.28
N GLN WC 221 57.99 212.05 179.94
CA GLN WC 221 57.08 211.30 179.08
C GLN WC 221 57.34 209.80 179.19
N ALA WC 222 58.62 209.39 179.25
CA ALA WC 222 59.00 207.99 179.41
C ALA WC 222 58.47 207.42 180.72
N PHE WC 223 58.51 208.22 181.81
CA PHE WC 223 57.97 207.82 183.10
C PHE WC 223 56.47 207.54 183.00
N LYS WC 224 55.71 208.48 182.42
CA LYS WC 224 54.27 208.38 182.27
C LYS WC 224 53.88 207.20 181.38
N GLN WC 225 54.68 206.93 180.34
CA GLN WC 225 54.43 205.82 179.42
C GLN WC 225 54.67 204.48 180.13
N ASN WC 226 55.75 204.38 180.92
CA ASN WC 226 56.08 203.18 181.67
C ASN WC 226 55.00 202.88 182.72
N GLU WC 227 54.46 203.91 183.38
CA GLU WC 227 53.37 203.79 184.33
C GLU WC 227 52.10 203.28 183.64
N ALA WC 228 51.78 203.81 182.46
CA ALA WC 228 50.63 203.37 181.67
C ALA WC 228 50.81 201.92 181.22
N ALA WC 229 52.03 201.55 180.83
CA ALA WC 229 52.37 200.18 180.45
C ALA WC 229 52.19 199.20 181.62
N ILE WC 230 52.69 199.56 182.81
CA ILE WC 230 52.53 198.75 184.02
C ILE WC 230 51.05 198.60 184.38
N ASN WC 231 50.29 199.70 184.33
CA ASN WC 231 48.88 199.71 184.67
C ASN WC 231 48.10 198.67 183.84
N GLN WC 232 48.37 198.62 182.52
CA GLN WC 232 47.72 197.68 181.63
C GLN WC 232 48.26 196.27 181.87
N ALA WC 233 49.58 196.13 182.05
CA ALA WC 233 50.24 194.84 182.22
C ALA WC 233 49.79 194.15 183.52
N ILE WC 234 49.58 194.92 184.59
CA ILE WC 234 49.07 194.40 185.86
C ILE WC 234 47.69 193.77 185.67
N GLU WC 235 46.81 194.42 184.89
CA GLU WC 235 45.48 193.89 184.61
C GLU WC 235 45.56 192.60 183.78
N LEU WC 236 46.43 192.56 182.76
CA LEU WC 236 46.49 191.45 181.83
C LEU WC 236 47.27 190.26 182.40
N HIS WC 237 48.29 190.52 183.25
CA HIS WC 237 49.29 189.52 183.61
C HIS WC 237 49.45 189.34 185.13
N GLY WC 238 49.03 190.33 185.92
CA GLY WC 238 49.14 190.29 187.37
C GLY WC 238 48.08 189.42 188.05
N PHE WC 239 46.95 189.20 187.37
CA PHE WC 239 45.83 188.40 187.88
C PHE WC 239 45.70 187.12 187.07
N PRO WC 240 45.54 185.93 187.72
CA PRO WC 240 45.23 184.69 186.99
C PRO WC 240 43.89 184.80 186.25
N GLN WC 241 43.75 184.05 185.15
CA GLN WC 241 42.54 184.00 184.33
C GLN WC 241 42.18 182.53 184.05
N ARG WC 242 40.88 182.25 183.88
CA ARG WC 242 40.36 180.88 183.77
C ARG WC 242 40.05 180.53 182.31
N VAL WC 244 38.29 177.43 180.26
CA VAL WC 244 37.54 176.18 180.14
C VAL WC 244 37.75 175.60 178.75
N LYS WC 245 38.20 174.33 178.69
CA LYS WC 245 38.39 173.59 177.45
C LYS WC 245 37.36 172.46 177.35
N VAL WC 246 36.60 172.45 176.23
CA VAL WC 246 35.42 171.60 176.06
C VAL WC 246 35.67 170.59 174.94
N GLY WC 247 35.33 169.32 175.17
CA GLY WC 247 35.49 168.25 174.21
C GLY WC 247 36.79 167.48 174.39
N LYS WC 248 36.89 166.31 173.75
CA LYS WC 248 38.05 165.45 173.82
C LYS WC 248 39.03 165.80 172.69
N GLU WC 249 40.33 165.58 172.94
CA GLU WC 249 41.36 165.72 171.93
C GLU WC 249 41.12 164.69 170.82
N ASP WC 250 41.21 165.13 169.56
CA ASP WC 250 40.86 164.36 168.36
C ASP WC 250 39.39 163.92 168.34
N GLY WC 251 38.53 164.53 169.18
CA GLY WC 251 37.13 164.16 169.32
C GLY WC 251 36.19 165.04 168.50
N ALA WC 252 34.93 165.17 168.94
CA ALA WC 252 33.89 165.90 168.25
C ALA WC 252 34.12 167.41 168.33
N PRO WC 253 33.69 168.21 167.32
CA PRO WC 253 33.76 169.67 167.39
C PRO WC 253 32.74 170.28 168.34
N VAL WC 254 32.95 171.55 168.72
CA VAL WC 254 32.11 172.32 169.62
C VAL WC 254 31.85 173.68 168.96
N ARG WC 255 30.60 174.18 169.01
CA ARG WC 255 30.18 175.41 168.35
C ARG WC 255 29.93 176.52 169.37
N ASP WC 256 29.71 177.76 168.90
CA ASP WC 256 29.51 178.91 169.78
C ASP WC 256 28.28 178.72 170.67
N ASN WC 257 27.17 178.21 170.10
CA ASN WC 257 25.93 177.92 170.80
C ASN WC 257 26.11 176.91 171.94
N ASP WC 258 27.20 176.12 171.87
CA ASP WC 258 27.55 175.16 172.92
C ASP WC 258 28.37 175.87 174.00
N LEU WC 259 29.33 176.69 173.57
CA LEU WC 259 30.18 177.45 174.49
C LEU WC 259 29.35 178.48 175.27
N ARG WC 260 28.30 179.03 174.66
CA ARG WC 260 27.38 179.97 175.30
C ARG WC 260 26.70 179.33 176.52
N ARG WC 261 26.40 178.03 176.43
CA ARG WC 261 25.83 177.24 177.52
C ARG WC 261 26.88 176.96 178.59
N VAL WC 262 28.09 176.54 178.19
CA VAL WC 262 29.19 176.27 179.11
C VAL WC 262 29.52 177.53 179.91
N ARG WC 263 29.65 178.68 179.22
CA ARG WC 263 29.86 179.99 179.82
C ARG WC 263 28.77 180.32 180.85
N THR WC 264 27.51 179.96 180.56
CA THR WC 264 26.37 180.23 181.44
C THR WC 264 26.49 179.45 182.76
N ILE WC 265 27.19 178.30 182.74
CA ILE WC 265 27.40 177.44 183.90
C ILE WC 265 28.64 177.89 184.68
N PHE WC 266 29.74 178.22 183.98
CA PHE WC 266 31.04 178.53 184.58
C PHE WC 266 31.29 180.04 184.71
N ASP WC 267 30.23 180.87 184.75
CA ASP WC 267 30.32 182.33 184.78
C ASP WC 267 31.02 182.81 186.06
N PRO WC 268 32.20 183.49 185.99
CA PRO WC 268 32.86 184.00 187.19
C PRO WC 268 32.11 185.13 187.91
N ARG WC 269 31.13 185.74 187.22
CA ARG WC 269 30.26 186.79 187.74
C ARG WC 269 29.34 186.23 188.84
N THR WC 270 29.01 184.93 188.78
CA THR WC 270 28.03 184.30 189.65
C THR WC 270 28.61 183.07 190.35
N THR WC 271 29.95 183.06 190.54
CA THR WC 271 30.69 181.98 191.17
C THR WC 271 31.19 182.45 192.54
N ASP WC 272 30.89 181.68 193.61
CA ASP WC 272 31.36 181.96 194.95
C ASP WC 272 32.66 181.18 195.24
N ALA WC 273 33.27 181.46 196.40
CA ALA WC 273 34.57 180.93 196.80
C ALA WC 273 34.58 179.40 196.97
N ASN WC 274 33.42 178.79 197.20
CA ASN WC 274 33.33 177.39 197.63
C ASN WC 274 32.41 176.56 196.74
N THR WC 275 32.40 176.86 195.42
CA THR WC 275 31.75 176.02 194.43
C THR WC 275 32.47 174.68 194.31
N ALA WC 276 31.73 173.65 193.85
CA ALA WC 276 32.31 172.42 193.34
C ALA WC 276 31.76 172.14 191.95
N TYR WC 277 32.64 171.61 191.08
CA TYR WC 277 32.35 171.36 189.68
C TYR WC 277 32.28 169.86 189.42
N PHE WC 278 31.28 169.45 188.63
CA PHE WC 278 31.02 168.07 188.29
C PHE WC 278 31.01 167.93 186.77
N THR WC 279 31.86 167.08 186.20
CA THR WC 279 31.89 166.91 184.74
C THR WC 279 32.13 165.45 184.35
N GLY WC 280 31.82 165.13 183.09
CA GLY WC 280 32.44 163.99 182.42
C GLY WC 280 33.93 164.27 182.20
N GLN WC 281 34.66 163.24 181.75
CA GLN WC 281 36.11 163.31 181.54
C GLN WC 281 36.51 164.29 180.44
N ASP WC 282 35.57 164.67 179.55
CA ASP WC 282 35.86 165.44 178.34
C ASP WC 282 35.54 166.94 178.51
N VAL WC 283 35.66 167.44 179.75
CA VAL WC 283 35.65 168.87 180.06
C VAL WC 283 36.81 169.16 181.01
N ASP WC 284 37.59 170.21 180.71
CA ASP WC 284 38.73 170.62 181.51
C ASP WC 284 38.61 172.10 181.90
N VAL WC 285 38.99 172.42 183.14
CA VAL WC 285 39.18 173.79 183.58
C VAL WC 285 40.69 174.00 183.76
N GLU WC 286 41.22 175.06 183.12
CA GLU WC 286 42.65 175.30 183.05
C GLU WC 286 42.99 176.74 183.42
N THR WC 287 44.28 176.97 183.75
CA THR WC 287 44.74 178.17 184.42
C THR WC 287 45.73 178.93 183.54
N LEU WC 288 45.39 180.19 183.24
CA LEU WC 288 46.39 181.20 182.94
C LEU WC 288 46.86 181.77 184.28
N GLU WC 289 48.09 181.45 184.68
CA GLU WC 289 48.66 181.91 185.93
C GLU WC 289 48.89 183.41 185.88
N ALA WC 290 49.13 184.03 187.04
CA ALA WC 290 49.76 185.34 187.07
C ALA WC 290 51.21 185.18 186.63
N ASN WC 292 54.44 186.05 186.30
CA ASN WC 292 55.15 187.02 187.13
C ASN WC 292 56.28 187.73 186.37
N PHE WC 293 56.38 189.04 186.60
CA PHE WC 293 57.45 189.92 186.15
C PHE WC 293 57.69 191.00 187.22
N ASP WC 294 58.91 191.54 187.28
CA ASP WC 294 59.30 192.41 188.38
C ASP WC 294 59.02 193.88 188.06
N TYR WC 295 57.74 194.27 188.12
CA TYR WC 295 57.29 195.64 187.95
C TYR WC 295 57.85 196.56 189.04
N SER WC 296 58.12 196.02 190.24
CA SER WC 296 58.74 196.77 191.33
C SER WC 296 60.13 197.26 190.93
N ALA WC 297 60.94 196.39 190.32
CA ALA WC 297 62.26 196.76 189.82
C ALA WC 297 62.16 197.80 188.69
N ILE WC 298 61.12 197.71 187.86
CA ILE WC 298 60.86 198.72 186.82
C ILE WC 298 60.53 200.07 187.47
N HIS WC 299 59.69 200.06 188.52
CA HIS WC 299 59.38 201.24 189.32
C HIS WC 299 60.62 201.87 189.94
N GLU WC 300 61.54 201.04 190.45
CA GLU WC 300 62.80 201.50 191.02
C GLU WC 300 63.64 202.22 189.96
N MET WC 301 63.73 201.65 188.75
CA MET WC 301 64.52 202.25 187.68
C MET WC 301 63.86 203.52 187.16
N ASP WC 302 62.54 203.51 187.00
CA ASP WC 302 61.76 204.67 186.60
C ASP WC 302 61.98 205.82 187.57
N MET WC 303 61.85 205.54 188.87
CA MET WC 303 61.96 206.55 189.90
C MET WC 303 63.40 207.04 190.04
N ARG WC 304 64.38 206.12 189.89
CA ARG WC 304 65.79 206.47 189.80
C ARG WC 304 66.04 207.47 188.68
N ASN WC 305 65.61 207.13 187.45
CA ASN WC 305 65.81 207.96 186.28
C ASN WC 305 65.17 209.33 186.45
N LEU WC 306 63.91 209.38 186.89
CA LEU WC 306 63.19 210.64 187.03
C LEU WC 306 63.74 211.50 188.19
N THR WC 307 63.98 210.91 189.37
CA THR WC 307 64.51 211.68 190.50
C THR WC 307 65.90 212.25 190.20
N THR WC 308 66.81 211.43 189.66
CA THR WC 308 68.15 211.88 189.31
C THR WC 308 68.13 212.92 188.20
N ALA WC 309 67.20 212.80 187.24
CA ALA WC 309 66.99 213.81 186.20
C ALA WC 309 66.57 215.15 186.82
N LEU WC 310 65.70 215.11 187.84
CA LEU WC 310 65.23 216.28 188.58
C LEU WC 310 66.25 216.74 189.62
N GLY WC 311 67.32 215.98 189.83
CA GLY WC 311 68.35 216.32 190.81
C GLY WC 311 67.95 215.97 192.25
N LEU WC 312 66.80 215.31 192.41
CA LEU WC 312 66.23 214.95 193.69
C LEU WC 312 66.88 213.67 194.23
N PRO WC 313 66.83 213.41 195.55
CA PRO WC 313 67.22 212.11 196.10
C PRO WC 313 66.16 211.06 195.75
N LEU WC 314 66.57 209.80 195.64
CA LEU WC 314 65.68 208.68 195.34
C LEU WC 314 64.54 208.58 196.34
N GLU WC 315 64.85 208.93 197.60
CA GLU WC 315 63.97 208.89 198.76
C GLU WC 315 62.78 209.85 198.60
N ALA WC 316 62.95 210.95 197.85
CA ALA WC 316 61.88 211.92 197.61
C ALA WC 316 60.84 211.35 196.66
N GLY WC 317 61.21 210.30 195.92
CA GLY WC 317 60.30 209.51 195.10
C GLY WC 317 59.66 208.35 195.86
N ASN WC 318 59.91 208.26 197.17
CA ASN WC 318 59.42 207.19 198.05
C ASN WC 318 59.95 205.81 197.61
N VAL WC 319 61.25 205.75 197.26
CA VAL WC 319 61.99 204.54 196.90
C VAL WC 319 63.34 204.53 197.65
N GLY WC 320 63.83 203.34 198.06
CA GLY WC 320 65.08 203.21 198.81
C GLY WC 320 66.08 202.26 198.16
N ALA WC 321 67.26 202.09 198.81
CA ALA WC 321 68.32 201.20 198.37
C ALA WC 321 69.18 200.70 199.54
N ASP WC 322 69.86 199.56 199.35
CA ASP WC 322 70.72 198.94 200.36
C ASP WC 322 72.12 199.54 200.32
N GLY WC 323 72.82 199.51 201.47
CA GLY WC 323 74.15 200.07 201.64
C GLY WC 323 74.13 201.59 201.79
N LEU WC 324 73.45 202.25 200.84
CA LEU WC 324 73.32 203.69 200.75
C LEU WC 324 72.57 204.28 201.96
N GLY WC 325 71.83 203.46 202.70
CA GLY WC 325 71.08 203.90 203.86
C GLY WC 325 71.91 204.07 205.14
N SER WC 326 73.21 203.77 205.07
CA SER WC 326 74.09 203.71 206.23
C SER WC 326 75.48 204.29 205.90
N GLY WC 327 76.21 204.75 206.93
CA GLY WC 327 77.58 205.21 206.78
C GLY WC 327 77.71 206.52 206.02
N LYS WC 328 78.93 206.81 205.52
CA LYS WC 328 79.28 208.08 204.91
C LYS WC 328 78.54 208.36 203.60
N PRO WC 329 78.16 207.36 202.76
CA PRO WC 329 77.27 207.60 201.63
C PRO WC 329 75.96 208.33 201.92
N ALA WC 330 75.42 208.19 203.14
CA ALA WC 330 74.24 208.93 203.57
C ALA WC 330 74.56 210.41 203.76
N GLU WC 331 75.74 210.71 204.35
CA GLU WC 331 76.22 212.06 204.58
C GLU WC 331 76.37 212.81 203.26
N LEU WC 332 76.97 212.15 202.25
CA LEU WC 332 77.28 212.76 200.96
C LEU WC 332 76.03 213.06 200.13
N ARG WC 333 75.02 212.16 200.11
CA ARG WC 333 73.79 212.42 199.36
C ARG WC 333 73.05 213.64 199.90
N PHE WC 334 73.01 213.79 201.23
CA PHE WC 334 72.39 214.93 201.88
C PHE WC 334 73.23 216.20 201.72
N ALA WC 335 74.56 216.06 201.65
CA ALA WC 335 75.45 217.18 201.34
C ALA WC 335 75.16 217.74 199.94
N LEU WC 336 75.08 216.86 198.93
CA LEU WC 336 74.78 217.23 197.56
C LEU WC 336 73.44 217.95 197.45
N LEU WC 337 72.46 217.56 198.28
CA LEU WC 337 71.14 218.18 198.30
C LEU WC 337 71.23 219.56 198.94
N LYS WC 338 71.97 219.70 200.05
CA LYS WC 338 72.13 220.97 200.76
C LYS WC 338 72.89 221.98 199.92
N LEU WC 339 73.92 221.52 199.18
CA LEU WC 339 74.70 222.36 198.28
C LEU WC 339 73.81 222.95 197.19
N ALA WC 340 72.93 222.14 196.60
CA ALA WC 340 71.96 222.60 195.60
C ALA WC 340 71.02 223.63 196.20
N ILE WC 341 70.47 223.35 197.39
CA ILE WC 341 69.53 224.24 198.07
C ILE WC 341 70.17 225.58 198.39
N LYS WC 342 71.37 225.58 198.98
CA LYS WC 342 72.07 226.80 199.39
C LYS WC 342 72.41 227.68 198.19
N ALA WC 343 72.87 227.06 197.08
CA ALA WC 343 73.13 227.76 195.84
C ALA WC 343 71.87 228.40 195.27
N ASN WC 344 70.75 227.66 195.26
CA ASN WC 344 69.47 228.15 194.77
C ASN WC 344 68.95 229.30 195.61
N GLN WC 345 69.02 229.17 196.95
CA GLN WC 345 68.54 230.16 197.90
C GLN WC 345 69.29 231.49 197.74
N ARG WC 346 70.62 231.45 197.66
CA ARG WC 346 71.43 232.65 197.44
C ARG WC 346 71.17 233.26 196.06
N SER WC 347 71.00 232.41 195.04
CA SER WC 347 70.64 232.83 193.69
C SER WC 347 69.30 233.59 193.67
N PHE WC 348 68.36 233.20 194.55
CA PHE WC 348 67.06 233.85 194.62
C PHE WC 348 67.14 235.15 195.43
N SER WC 349 67.75 235.11 196.63
CA SER WC 349 67.84 236.25 197.53
C SER WC 349 68.44 237.47 196.82
N VAL WC 350 69.55 237.25 196.10
CA VAL WC 350 70.25 238.29 195.37
C VAL WC 350 69.31 238.92 194.34
N GLN WC 351 68.55 238.09 193.62
CA GLN WC 351 67.64 238.59 192.60
C GLN WC 351 66.47 239.36 193.21
N PHE WC 352 65.83 238.82 194.25
CA PHE WC 352 64.66 239.47 194.83
C PHE WC 352 65.01 240.84 195.44
N VAL WC 353 66.19 240.95 196.08
CA VAL WC 353 66.68 242.20 196.64
C VAL WC 353 66.91 243.23 195.53
N GLU WC 354 67.63 242.85 194.47
CA GLU WC 354 68.09 243.76 193.42
C GLU WC 354 66.99 244.08 192.41
N ARG WC 355 66.10 243.12 192.12
CA ARG WC 355 65.10 243.21 191.06
C ARG WC 355 63.76 243.74 191.57
N VAL WC 356 63.47 243.60 192.87
CA VAL WC 356 62.19 243.99 193.44
C VAL WC 356 62.38 244.97 194.60
N MET WC 357 63.04 244.55 195.69
CA MET WC 357 63.03 245.28 196.95
C MET WC 357 63.65 246.67 196.81
N ARG WC 358 64.89 246.75 196.31
CA ARG WC 358 65.61 248.00 196.15
C ARG WC 358 64.88 248.97 195.21
N PRO WC 359 64.45 248.56 193.98
CA PRO WC 359 63.56 249.38 193.16
C PRO WC 359 62.31 249.93 193.83
N VAL WC 360 61.63 249.12 194.66
CA VAL WC 360 60.44 249.55 195.37
C VAL WC 360 60.79 250.64 196.38
N VAL WC 361 61.91 250.47 197.11
CA VAL WC 361 62.37 251.45 198.08
C VAL WC 361 62.72 252.75 197.36
N ARG WC 362 63.48 252.63 196.25
CA ARG WC 362 63.94 253.74 195.43
C ARG WC 362 62.78 254.61 194.95
N ASP WC 363 61.68 253.98 194.51
CA ASP WC 363 60.61 254.65 193.79
C ASP WC 363 59.46 255.08 194.72
N TYR WC 364 59.32 254.47 195.91
CA TYR WC 364 58.13 254.66 196.74
C TYR WC 364 58.41 254.92 198.23
N SER WC 365 59.69 254.89 198.68
CA SER WC 365 60.01 254.94 200.10
C SER WC 365 60.72 256.24 200.49
N PRO WC 366 60.56 256.75 201.75
CA PRO WC 366 61.43 257.80 202.27
C PRO WC 366 62.85 257.34 202.66
N PHE WC 367 63.07 256.01 202.71
CA PHE WC 367 64.34 255.42 203.11
C PHE WC 367 65.29 255.28 201.92
N ASP WC 368 66.61 255.13 202.19
CA ASP WC 368 67.66 254.91 201.20
C ASP WC 368 67.59 253.49 200.65
N HIS WC 369 67.67 253.34 199.32
CA HIS WC 369 67.58 252.05 198.65
C HIS WC 369 68.90 251.29 198.59
N GLU WC 370 70.05 251.97 198.81
CA GLU WC 370 71.35 251.34 198.67
C GLU WC 370 71.81 250.59 199.93
N ALA WC 371 70.90 250.41 200.91
CA ALA WC 371 71.20 249.74 202.18
C ALA WC 371 71.45 248.25 201.98
N ASP WC 372 72.15 247.64 202.96
CA ASP WC 372 72.54 246.23 202.95
C ASP WC 372 71.39 245.36 203.48
N ILE WC 373 70.45 245.00 202.58
CA ILE WC 373 69.36 244.09 202.86
C ILE WC 373 69.89 242.66 202.86
N ARG WC 374 69.87 242.01 204.05
CA ARG WC 374 70.18 240.60 204.24
C ARG WC 374 68.89 239.77 204.21
N LEU WC 375 68.37 239.49 203.01
CA LEU WC 375 67.25 238.57 202.84
C LEU WC 375 67.76 237.12 202.90
N GLU WC 376 67.26 236.35 203.87
CA GLU WC 376 67.63 234.94 204.04
C GLU WC 376 66.41 234.03 203.93
N ILE WC 377 66.65 232.80 203.46
CA ILE WC 377 65.63 231.77 203.28
C ILE WC 377 66.04 230.56 204.12
N ASN WC 378 65.08 229.97 204.85
CA ASN WC 378 65.35 228.96 205.87
C ASN WC 378 65.73 227.63 205.23
N ASP WC 379 66.55 226.82 205.94
CA ASP WC 379 67.01 225.52 205.46
C ASP WC 379 66.23 224.40 206.15
N PRO WC 380 65.35 223.65 205.43
CA PRO WC 380 64.58 222.56 206.05
C PRO WC 380 65.38 221.30 206.41
N LEU WC 381 66.65 221.22 205.97
CA LEU WC 381 67.47 220.04 206.22
C LEU WC 381 68.42 220.27 207.42
N GLU WC 382 68.33 221.44 208.05
CA GLU WC 382 69.07 221.75 209.28
C GLU WC 382 68.29 221.20 210.47
N ASP WC 383 69.00 220.81 211.54
CA ASP WC 383 68.39 220.25 212.74
C ASP WC 383 68.69 221.12 213.96
N ILE WC 384 67.64 221.54 214.68
CA ILE WC 384 67.74 222.38 215.87
C ILE WC 384 68.52 221.66 216.97
N GLY WC 385 68.53 220.32 216.95
CA GLY WC 385 69.32 219.50 217.86
C GLY WC 385 70.83 219.73 217.71
N GLU WC 386 71.29 219.91 216.47
CA GLU WC 386 72.68 220.24 216.18
C GLU WC 386 73.02 221.63 216.73
N VAL WC 387 72.08 222.57 216.59
CA VAL WC 387 72.24 223.93 217.06
C VAL WC 387 72.29 223.96 218.59
N ALA WC 388 71.48 223.10 219.24
CA ALA WC 388 71.43 222.99 220.69
C ALA WC 388 72.75 222.43 221.24
N ASP WC 389 73.31 221.41 220.58
CA ASP WC 389 74.61 220.86 220.92
C ASP WC 389 75.70 221.91 220.73
N LEU WC 390 75.69 222.60 219.58
CA LEU WC 390 76.68 223.61 219.23
C LEU WC 390 76.73 224.73 220.28
N ILE WC 391 75.56 225.21 220.71
CA ILE WC 391 75.44 226.27 221.70
C ILE WC 391 76.04 225.83 223.04
N GLN WC 392 75.87 224.56 223.43
CA GLN WC 392 76.53 224.01 224.61
C GLN WC 392 78.04 223.92 224.43
N GLN WC 393 78.48 223.45 223.25
CA GLN WC 393 79.87 223.11 223.00
C GLN WC 393 80.79 224.33 222.86
N VAL WC 394 80.33 225.40 222.18
CA VAL WC 394 81.20 226.52 221.84
C VAL WC 394 80.58 227.90 222.13
N GLY WC 395 79.48 227.96 222.88
CA GLY WC 395 78.84 229.21 223.28
C GLY WC 395 79.77 230.20 223.99
N ASP WC 396 80.78 229.68 224.71
CA ASP WC 396 81.80 230.45 225.41
C ASP WC 396 82.63 231.31 224.46
N TYR WC 397 82.53 231.04 223.14
CA TYR WC 397 83.32 231.69 222.09
C TYR WC 397 82.41 232.40 221.07
N MET WC 398 81.10 232.52 221.35
CA MET WC 398 80.14 233.19 220.47
C MET WC 398 79.43 234.31 221.23
N THR WC 399 79.16 235.45 220.56
CA THR WC 399 78.41 236.54 221.17
C THR WC 399 76.95 236.13 221.32
N ASN WC 400 76.22 236.81 222.23
CA ASN WC 400 74.80 236.56 222.45
C ASN WC 400 73.97 236.87 221.20
N GLU WC 401 74.37 237.89 220.42
CA GLU WC 401 73.72 238.17 219.14
C GLU WC 401 73.95 237.05 218.13
N GLN WC 402 75.16 236.47 218.09
CA GLN WC 402 75.48 235.36 217.20
C GLN WC 402 74.69 234.11 217.60
N VAL WC 403 74.53 233.89 218.91
CA VAL WC 403 73.72 232.80 219.43
C VAL WC 403 72.26 233.03 219.05
N ALA WC 404 71.78 234.28 219.18
CA ALA WC 404 70.41 234.64 218.83
C ALA WC 404 70.13 234.40 217.34
N GLU WC 405 71.09 234.74 216.47
CA GLU WC 405 70.98 234.48 215.04
C GLU WC 405 70.89 232.98 214.76
N LYS WC 406 71.75 232.18 215.40
CA LYS WC 406 71.82 230.74 215.17
C LYS WC 406 70.58 230.03 215.73
N LEU WC 407 70.05 230.54 216.85
CA LEU WC 407 68.92 229.96 217.56
C LEU WC 407 67.59 230.45 216.96
N ASP WC 408 67.65 231.38 215.99
CA ASP WC 408 66.50 231.90 215.26
C ASP WC 408 65.58 232.71 216.18
N LEU WC 409 66.16 233.66 216.94
CA LEU WC 409 65.44 234.52 217.88
C LEU WC 409 65.98 235.96 217.83
N PRO WC 410 65.21 236.99 218.28
CA PRO WC 410 65.73 238.34 218.50
C PRO WC 410 66.89 238.40 219.49
N ALA WC 411 67.82 239.33 219.27
CA ALA WC 411 68.95 239.58 220.14
C ALA WC 411 68.50 240.32 221.40
N PRO WC 412 69.27 240.28 222.52
CA PRO WC 412 68.95 241.03 223.75
C PRO WC 412 68.71 242.53 223.54
N GLU WC 413 67.86 243.12 224.40
CA GLU WC 413 67.41 244.51 224.28
C GLU WC 413 68.43 245.51 224.82
N ASP WC 414 69.53 245.03 225.42
CA ASP WC 414 70.63 245.86 225.91
C ASP WC 414 71.90 245.51 225.13
N ASP WC 415 72.57 246.53 224.56
CA ASP WC 415 73.65 246.36 223.60
C ASP WC 415 74.81 245.52 224.15
N GLU WC 416 75.24 245.78 225.40
CA GLU WC 416 76.37 245.06 225.98
C GLU WC 416 76.00 243.61 226.27
N VAL WC 417 74.72 243.36 226.54
CA VAL WC 417 74.20 242.01 226.78
C VAL WC 417 74.20 241.22 225.47
N ALA WC 418 73.89 241.90 224.34
CA ALA WC 418 73.91 241.30 223.02
C ALA WC 418 75.34 241.07 222.53
N ASP WC 419 76.24 242.03 222.78
CA ASP WC 419 77.61 242.06 222.30
C ASP WC 419 78.51 241.09 223.04
N SER WC 420 78.25 240.86 224.33
CA SER WC 420 79.05 239.99 225.20
C SER WC 420 78.90 238.53 224.82
N TYR WC 421 79.79 237.68 225.37
CA TYR WC 421 79.98 236.29 225.00
C TYR WC 421 79.35 235.33 226.02
N ARG WC 422 79.44 235.63 227.32
CA ARG WC 422 78.84 234.79 228.35
C ARG WC 422 77.32 234.98 228.36
N SER WC 423 76.58 233.98 228.86
CA SER WC 423 75.12 233.94 228.82
C SER WC 423 74.52 235.13 229.59
N PRO WC 424 73.36 235.70 229.14
CA PRO WC 424 72.63 236.69 229.91
C PRO WC 424 72.10 236.14 231.24
N ALA WC 425 71.86 234.83 231.32
CA ALA WC 425 71.46 234.16 232.55
C ALA WC 425 72.57 234.22 233.60
N ASP WC 426 73.85 234.19 233.16
CA ASP WC 426 74.99 234.36 234.04
C ASP WC 426 75.06 235.79 234.59
N MET WC 427 74.71 236.77 233.77
CA MET WC 427 74.64 238.17 234.17
C MET WC 427 73.54 238.38 235.21
N GLU WC 428 72.38 237.74 234.98
CA GLU WC 428 71.20 237.83 235.84
C GLU WC 428 71.44 237.21 237.21
N LYS WC 429 72.07 236.02 237.26
CA LYS WC 429 72.35 235.32 238.51
C LYS WC 429 73.43 236.05 239.32
N ASP WC 430 74.40 236.68 238.64
CA ASP WC 430 75.43 237.46 239.29
C ASP WC 430 74.84 238.73 239.92
N GLU WC 431 73.87 239.35 239.23
CA GLU WC 431 73.22 240.58 239.69
C GLU WC 431 72.38 240.29 240.93
N ALA WC 432 71.70 239.14 240.96
CA ALA WC 432 70.92 238.71 242.10
C ALA WC 432 71.83 238.35 243.27
N GLY WC 433 73.03 237.83 242.97
CA GLY WC 433 74.07 237.56 243.95
C GLY WC 433 74.61 238.85 244.59
N VAL WC 434 74.77 239.89 243.77
CA VAL WC 434 75.11 241.23 244.22
C VAL WC 434 73.84 241.90 244.77
N ALA XC 31 120.00 233.90 184.16
CA ALA XC 31 119.22 233.04 183.25
C ALA XC 31 118.65 233.90 182.11
N SER XC 32 117.32 233.97 181.97
CA SER XC 32 116.68 234.71 180.89
C SER XC 32 115.33 235.30 181.31
N SER XC 33 114.84 236.31 180.56
CA SER XC 33 113.60 237.03 180.82
C SER XC 33 112.48 236.66 179.84
N THR XC 34 112.73 235.68 178.95
CA THR XC 34 111.79 235.22 177.93
C THR XC 34 111.91 233.70 177.74
N PRO XC 35 110.86 232.98 177.28
CA PRO XC 35 110.93 231.53 177.06
C PRO XC 35 111.97 231.07 176.04
N GLN XC 36 112.45 229.82 176.18
CA GLN XC 36 113.41 229.22 175.26
C GLN XC 36 113.00 227.80 174.81
N THR XC 37 112.00 227.20 175.46
CA THR XC 37 111.41 225.93 175.06
C THR XC 37 110.03 226.17 174.40
N ASN XC 38 109.67 225.36 173.39
CA ASN XC 38 108.46 225.49 172.58
C ASN XC 38 107.27 224.77 173.24
N VAL XC 39 106.03 224.95 172.73
CA VAL XC 39 104.78 224.52 173.35
C VAL XC 39 103.86 223.73 172.41
N ASP XC 40 104.42 223.05 171.40
CA ASP XC 40 103.82 221.97 170.63
C ASP XC 40 102.56 222.33 169.84
N SER XC 41 102.30 223.63 169.61
CA SER XC 41 101.14 224.12 168.86
C SER XC 41 101.32 225.57 168.42
N MET XC 42 100.89 225.88 167.18
CA MET XC 42 100.53 227.23 166.75
C MET XC 42 99.59 227.16 165.54
N GLY XC 43 98.58 228.04 165.49
CA GLY XC 43 97.67 228.12 164.37
C GLY XC 43 96.55 227.09 164.42
N GLY XC 44 96.29 226.54 165.62
CA GLY XC 44 95.26 225.52 165.80
C GLY XC 44 95.72 224.14 165.35
N GLY XC 45 94.76 223.30 164.92
CA GLY XC 45 94.98 221.92 164.57
C GLY XC 45 95.94 221.74 163.41
N ASP XC 54 92.94 223.72 169.45
CA ASP XC 54 92.68 222.61 168.49
C ASP XC 54 91.19 222.53 168.19
N LEU XC 55 90.36 222.63 169.23
CA LEU XC 55 88.91 222.43 169.13
C LEU XC 55 88.19 223.63 168.52
N THR XC 56 87.01 223.38 167.93
CA THR XC 56 86.25 224.31 167.11
C THR XC 56 84.97 224.79 167.81
N PHE XC 57 84.28 225.74 167.16
CA PHE XC 57 82.95 226.20 167.60
C PHE XC 57 81.97 225.04 167.63
N GLU XC 58 82.18 224.02 166.78
CA GLU XC 58 81.31 222.85 166.72
C GLU XC 58 81.47 221.98 167.96
N ASP XC 59 82.71 221.86 168.44
CA ASP XC 59 83.05 221.08 169.63
C ASP XC 59 82.54 221.77 170.89
N LEU XC 60 82.65 223.10 170.91
CA LEU XC 60 82.07 223.97 171.93
C LEU XC 60 80.56 223.77 172.00
N ARG XC 61 79.89 223.71 170.83
CA ARG XC 61 78.45 223.54 170.75
C ARG XC 61 78.00 222.11 171.10
N ASP XC 62 78.88 221.12 170.91
CA ASP XC 62 78.65 219.77 171.43
C ASP XC 62 78.56 219.78 172.95
N ILE XC 63 79.48 220.49 173.63
CA ILE XC 63 79.49 220.61 175.09
C ILE XC 63 78.19 221.28 175.56
N LYS XC 64 77.77 222.35 174.85
CA LYS XC 64 76.55 223.08 175.13
C LYS XC 64 75.34 222.16 174.97
N ASP XC 65 75.33 221.33 173.92
CA ASP XC 65 74.25 220.41 173.65
C ASP XC 65 74.17 219.30 174.71
N VAL XC 66 75.32 218.93 175.31
CA VAL XC 66 75.29 218.02 176.45
C VAL XC 66 74.65 218.73 177.65
N ARG XC 67 75.04 219.99 177.92
CA ARG XC 67 74.64 220.76 179.10
C ARG XC 67 73.12 220.95 179.16
N ASP XC 68 72.47 221.25 178.03
CA ASP XC 68 71.03 221.52 178.00
C ASP XC 68 70.20 220.26 177.80
N SER XC 69 70.83 219.10 177.53
CA SER XC 69 70.13 217.84 177.27
C SER XC 69 69.47 217.23 178.52
N GLY XC 70 69.88 217.66 179.72
CA GLY XC 70 69.28 217.23 180.97
C GLY XC 70 69.63 215.79 181.33
N GLY XC 71 68.80 215.17 182.18
CA GLY XC 71 68.98 213.79 182.59
C GLY XC 71 70.20 213.59 183.49
N GLN XC 72 70.65 212.34 183.60
CA GLN XC 72 71.66 211.91 184.56
C GLN XC 72 73.02 212.51 184.24
N VAL XC 73 73.39 212.57 182.95
CA VAL XC 73 74.69 213.08 182.50
C VAL XC 73 74.85 214.54 182.90
N ALA XC 74 73.81 215.36 182.65
CA ALA XC 74 73.83 216.76 183.02
C ALA XC 74 73.88 216.93 184.54
N GLN XC 75 73.12 216.09 185.28
CA GLN XC 75 73.07 216.18 186.73
C GLN XC 75 74.42 215.84 187.36
N LEU XC 76 75.17 214.89 186.77
CA LEU XC 76 76.48 214.52 187.28
C LEU XC 76 77.47 215.69 187.19
N MET XC 77 77.46 216.41 186.06
CA MET XC 77 78.33 217.57 185.89
C MET XC 77 77.85 218.76 186.73
N ASP XC 78 76.52 218.90 186.92
CA ASP XC 78 75.96 219.90 187.82
C ASP XC 78 76.33 219.62 189.29
N TYR XC 79 76.39 218.33 189.67
CA TYR XC 79 76.92 217.91 190.97
C TYR XC 79 78.42 218.25 191.07
N LYS XC 80 79.18 218.01 189.99
CA LYS XC 80 80.61 218.31 189.90
C LYS XC 80 80.85 219.80 190.14
N ALA XC 81 79.98 220.65 189.58
CA ALA XC 81 80.02 222.09 189.79
C ALA XC 81 79.64 222.47 191.22
N LEU XC 82 78.58 221.86 191.77
CA LEU XC 82 78.04 222.21 193.07
C LEU XC 82 79.01 221.83 194.20
N LEU XC 83 79.78 220.75 194.00
CA LEU XC 83 80.82 220.36 194.94
C LEU XC 83 81.94 221.41 194.95
N ASN XC 84 82.44 221.76 193.76
CA ASN XC 84 83.62 222.62 193.64
C ASN XC 84 83.32 224.06 194.03
N PHE XC 85 82.08 224.54 193.77
CA PHE XC 85 81.79 225.97 193.78
C PHE XC 85 80.49 226.36 194.49
N GLY XC 86 79.65 225.38 194.85
CA GLY XC 86 78.33 225.64 195.41
C GLY XC 86 78.33 226.13 196.86
N GLU XC 87 79.42 225.88 197.61
CA GLU XC 87 79.52 226.21 199.02
C GLU XC 87 79.99 227.65 199.27
N GLY XC 88 80.32 228.40 198.21
CA GLY XC 88 80.65 229.82 198.32
C GLY XC 88 82.10 230.11 198.71
N CYS XC 89 82.39 231.39 199.01
CA CYS XC 89 83.75 231.91 199.12
C CYS XC 89 83.85 233.09 200.09
N GLU XC 90 85.09 233.49 200.44
CA GLU XC 90 85.35 234.75 201.14
C GLU XC 90 86.64 235.43 200.65
N ILE XC 91 86.57 236.76 200.45
CA ILE XC 91 87.69 237.60 200.07
C ILE XC 91 88.47 237.99 201.32
N HIS XC 92 89.81 237.91 201.26
CA HIS XC 92 90.70 238.39 202.30
C HIS XC 92 91.89 239.15 201.70
N VAL XC 93 92.57 239.96 202.52
CA VAL XC 93 93.85 240.58 202.18
C VAL XC 93 94.75 240.46 203.41
N GLU XC 94 96.02 240.11 203.23
CA GLU XC 94 96.94 239.95 204.36
C GLU XC 94 97.29 241.32 204.94
N GLY XC 95 97.15 241.46 206.28
CA GLY XC 95 97.47 242.66 207.04
C GLY XC 95 96.68 243.90 206.59
N ASP XC 96 95.37 243.74 206.33
CA ASP XC 96 94.54 244.70 205.62
C ASP XC 96 94.40 246.04 206.34
N ASP XC 97 94.64 246.08 207.66
CA ASP XC 97 94.61 247.32 208.44
C ASP XC 97 95.66 248.31 207.95
N GLU XC 98 96.70 247.82 207.26
CA GLU XC 98 97.73 248.66 206.67
C GLU XC 98 97.27 249.35 205.39
N THR XC 99 96.20 248.84 204.74
CA THR XC 99 95.71 249.42 203.49
C THR XC 99 94.81 250.64 203.72
N LYS XC 100 94.28 250.79 204.94
CA LYS XC 100 93.24 251.76 205.33
C LYS XC 100 93.44 253.14 204.69
N GLN XC 101 92.51 253.52 203.80
CA GLN XC 101 92.61 254.73 202.98
C GLN XC 101 91.22 255.34 202.78
N LEU XC 102 91.15 256.68 202.69
CA LEU XC 102 89.92 257.40 202.35
C LEU XC 102 89.60 257.18 200.86
N VAL XC 103 88.49 256.48 200.56
CA VAL XC 103 88.11 256.16 199.18
C VAL XC 103 87.37 257.33 198.55
N ASP XC 104 86.44 257.94 199.31
CA ASP XC 104 85.78 259.19 198.93
C ASP XC 104 85.44 259.99 200.20
N GLY XC 105 86.48 260.37 200.95
CA GLY XC 105 86.35 261.15 202.17
C GLY XC 105 86.07 260.32 203.42
N GLU XC 106 85.92 258.99 203.28
CA GLU XC 106 85.68 258.06 204.39
C GLU XC 106 86.55 256.82 204.23
N PRO XC 107 87.13 256.23 205.31
CA PRO XC 107 88.02 255.07 205.20
C PRO XC 107 87.39 253.78 204.68
N MET XC 108 88.19 253.00 203.94
CA MET XC 108 87.92 251.60 203.64
C MET XC 108 89.22 250.80 203.71
N THR XC 109 89.09 249.48 203.88
CA THR XC 109 90.14 248.49 203.63
C THR XC 109 90.04 248.01 202.18
N LEU XC 110 91.08 247.33 201.70
CA LEU XC 110 91.05 246.74 200.35
C LEU XC 110 90.02 245.62 200.26
N SER XC 111 89.84 244.83 201.34
CA SER XC 111 88.79 243.80 201.36
C SER XC 111 87.40 244.40 201.24
N GLU XC 112 87.14 245.54 201.92
CA GLU XC 112 85.87 246.23 201.81
C GLU XC 112 85.67 246.75 200.38
N TRP XC 113 86.73 247.30 199.77
CA TRP XC 113 86.70 247.80 198.41
C TRP XC 113 86.43 246.67 197.42
N LEU XC 114 87.03 245.49 197.65
CA LEU XC 114 86.87 244.34 196.78
C LEU XC 114 85.45 243.78 196.90
N GLU XC 115 84.89 243.80 198.12
CA GLU XC 115 83.51 243.37 198.34
C GLU XC 115 82.52 244.32 197.67
N ASP XC 116 82.87 245.61 197.51
CA ASP XC 116 82.07 246.55 196.75
C ASP XC 116 82.19 246.29 195.25
N ALA XC 117 83.33 245.76 194.80
CA ALA XC 117 83.54 245.37 193.40
C ALA XC 117 82.87 244.02 193.10
N PHE XC 118 82.79 243.12 194.09
CA PHE XC 118 82.26 241.77 193.94
C PHE XC 118 81.25 241.44 195.04
N PRO XC 119 80.08 242.13 195.16
CA PRO XC 119 79.13 241.90 196.24
C PRO XC 119 78.53 240.49 196.35
N HIS XC 120 78.37 239.81 195.22
CA HIS XC 120 77.68 238.53 195.12
C HIS XC 120 78.61 237.44 194.59
N LEU XC 121 79.88 237.44 195.04
CA LEU XC 121 80.97 236.69 194.43
C LEU XC 121 80.72 235.19 194.33
N ASP XC 122 79.99 234.59 195.28
CA ASP XC 122 79.66 233.17 195.27
C ASP XC 122 79.03 232.74 193.95
N LEU XC 123 78.16 233.59 193.40
CA LEU XC 123 77.38 233.29 192.22
C LEU XC 123 78.23 233.46 190.96
N LEU XC 124 79.16 234.44 190.98
CA LEU XC 124 80.11 234.66 189.89
C LEU XC 124 81.11 233.52 189.85
N VAL XC 125 81.51 233.02 191.03
CA VAL XC 125 82.39 231.87 191.18
C VAL XC 125 81.70 230.59 190.70
N LEU XC 126 80.40 230.44 191.03
CA LEU XC 126 79.63 229.27 190.61
C LEU XC 126 79.47 229.23 189.08
N ASP XC 127 79.17 230.39 188.47
CA ASP XC 127 79.01 230.51 187.02
C ASP XC 127 80.33 230.24 186.29
N LEU XC 128 81.41 230.94 186.67
CA LEU XC 128 82.71 230.80 186.02
C LEU XC 128 83.31 229.42 186.26
N GLY XC 129 83.24 228.93 187.51
CA GLY XC 129 83.74 227.63 187.88
C GLY XC 129 83.00 226.49 187.18
N GLY XC 130 81.67 226.59 187.13
CA GLY XC 130 80.82 225.68 186.38
C GLY XC 130 81.18 225.63 184.90
N ASP XC 131 81.32 226.82 184.28
CA ASP XC 131 81.70 226.94 182.88
C ASP XC 131 83.08 226.35 182.63
N ALA XC 132 84.01 226.56 183.56
CA ALA XC 132 85.38 226.05 183.46
C ALA XC 132 85.48 224.54 183.70
N LEU XC 133 84.39 223.91 184.19
CA LEU XC 133 84.30 222.45 184.29
C LEU XC 133 83.63 221.87 183.04
N TRP XC 134 82.64 222.57 182.48
CA TRP XC 134 81.94 222.17 181.27
C TRP XC 134 82.88 222.32 180.06
N TYR XC 135 83.32 223.56 179.82
CA TYR XC 135 84.19 223.95 178.71
C TYR XC 135 85.65 223.90 179.17
N PRO XC 136 86.66 223.97 178.26
CA PRO XC 136 88.06 224.00 178.67
C PRO XC 136 88.44 225.23 179.50
N TYR XC 137 87.69 226.34 179.32
CA TYR XC 137 87.98 227.65 179.87
C TYR XC 137 86.70 228.40 180.20
N ALA XC 138 86.83 229.46 181.03
CA ALA XC 138 85.81 230.50 181.19
C ALA XC 138 86.41 231.84 180.80
N VAL XC 139 85.58 232.77 180.29
CA VAL XC 139 86.04 234.03 179.69
C VAL XC 139 85.01 235.13 179.95
N GLY XC 140 85.47 236.40 180.07
CA GLY XC 140 84.57 237.51 180.38
C GLY XC 140 85.14 238.91 180.13
N GLU XC 141 84.26 239.93 180.28
CA GLU XC 141 84.54 241.35 180.15
C GLU XC 141 84.57 242.01 181.54
N ILE XC 142 85.13 243.23 181.65
CA ILE XC 142 84.83 244.15 182.73
C ILE XC 142 83.95 245.26 182.15
N GLN XC 143 82.90 245.63 182.90
CA GLN XC 143 81.90 246.61 182.46
C GLN XC 143 81.91 247.82 183.38
N GLU XC 144 81.58 249.00 182.82
CA GLU XC 144 81.75 250.28 183.47
C GLU XC 144 80.44 251.08 183.49
N THR XC 145 80.35 252.00 184.45
CA THR XC 145 79.36 253.07 184.50
C THR XC 145 79.58 254.00 183.31
N ILE XC 146 78.64 254.94 183.07
CA ILE XC 146 78.74 255.89 181.97
C ILE XC 146 79.94 256.82 182.19
N THR XC 147 80.29 257.08 183.45
CA THR XC 147 81.44 257.90 183.84
C THR XC 147 82.77 257.17 183.62
N GLY XC 148 82.75 255.84 183.62
CA GLY XC 148 83.95 255.04 183.37
C GLY XC 148 84.45 254.24 184.57
N GLU XC 149 83.96 254.58 185.76
CA GLU XC 149 84.20 253.83 186.99
C GLU XC 149 83.55 252.45 186.90
N PHE XC 150 84.09 251.47 187.64
CA PHE XC 150 83.69 250.06 187.60
C PHE XC 150 82.21 249.85 187.89
N LYS XC 151 81.56 248.98 187.10
CA LYS XC 151 80.18 248.55 187.32
C LYS XC 151 80.13 247.09 187.78
N GLU XC 152 80.69 246.18 186.98
CA GLU XC 152 80.63 244.73 187.23
C GLU XC 152 81.67 243.97 186.39
N ALA XC 153 81.99 242.74 186.82
CA ALA XC 153 82.61 241.74 185.97
C ALA XC 153 81.51 240.92 185.27
N LEU XC 154 81.71 240.56 183.99
CA LEU XC 154 80.67 239.96 183.17
C LEU XC 154 81.20 238.80 182.33
N PRO XC 155 80.96 237.53 182.74
CA PRO XC 155 81.30 236.37 181.91
C PRO XC 155 80.58 236.37 180.56
N ALA XC 156 81.32 235.97 179.51
CA ALA XC 156 80.77 235.83 178.16
C ALA XC 156 80.34 234.38 177.91
N GLU XC 157 79.53 234.15 176.86
CA GLU XC 157 78.96 232.84 176.57
C GLU XC 157 80.03 231.93 175.98
N PRO XC 158 80.52 230.92 176.73
CA PRO XC 158 81.77 230.23 176.40
C PRO XC 158 81.78 229.42 175.10
N TRP XC 159 80.63 228.90 174.69
CA TRP XC 159 80.51 228.12 173.47
C TRP XC 159 80.62 228.98 172.21
N THR XC 160 80.50 230.31 172.36
CA THR XC 160 80.54 231.25 171.25
C THR XC 160 81.96 231.73 170.94
N LEU XC 161 82.89 231.54 171.90
CA LEU XC 161 84.22 232.12 171.89
C LEU XC 161 85.30 231.04 171.87
N MET XC 162 86.32 231.24 171.03
CA MET XC 162 87.52 230.39 171.04
C MET XC 162 88.79 231.24 171.01
N PRO XC 163 89.85 230.87 171.76
CA PRO XC 163 91.12 231.61 171.73
C PRO XC 163 91.98 231.22 170.54
N GLU XC 164 92.83 232.15 170.10
CA GLU XC 164 93.90 231.91 169.14
C GLU XC 164 95.23 232.31 169.78
N SER XC 165 96.29 231.50 169.54
CA SER XC 165 97.48 231.50 170.37
C SER XC 165 98.78 231.27 169.56
N ASP XC 166 99.94 231.61 170.17
CA ASP XC 166 101.25 231.60 169.53
C ASP XC 166 102.11 230.41 169.99
N ALA XC 167 103.24 230.19 169.32
CA ALA XC 167 104.18 229.11 169.58
C ALA XC 167 104.92 229.31 170.90
N GLN XC 168 104.92 230.54 171.41
CA GLN XC 168 105.40 230.92 172.72
C GLN XC 168 104.51 230.30 173.81
N GLY XC 169 103.24 230.07 173.48
CA GLY XC 169 102.29 229.37 174.33
C GLY XC 169 101.16 230.24 174.89
N LYS XC 170 100.96 231.44 174.33
CA LYS XC 170 100.06 232.43 174.92
C LYS XC 170 98.94 232.84 173.95
N VAL XC 171 97.77 233.19 174.52
CA VAL XC 171 96.61 233.66 173.76
C VAL XC 171 96.85 235.08 173.26
N GLN XC 172 96.58 235.30 171.96
CA GLN XC 172 96.81 236.57 171.26
C GLN XC 172 95.49 237.26 170.91
N ALA XC 173 94.43 236.48 170.68
CA ALA XC 173 93.11 237.00 170.33
C ALA XC 173 91.99 236.02 170.72
N TRP XC 174 90.76 236.55 170.82
CA TRP XC 174 89.53 235.79 171.03
C TRP XC 174 88.64 235.94 169.80
N HIS XC 175 88.23 234.80 169.21
CA HIS XC 175 87.45 234.72 167.98
C HIS XC 175 86.03 234.26 168.32
N GLN XC 176 85.00 235.04 167.93
CA GLN XC 176 83.62 234.78 168.31
C GLN XC 176 82.74 234.51 167.08
N ARG XC 177 81.92 233.45 167.14
CA ARG XC 177 80.87 233.18 166.16
C ARG XC 177 79.52 233.00 166.87
N THR XC 178 78.50 233.76 166.44
CA THR XC 178 77.20 233.82 167.10
C THR XC 178 76.04 233.89 166.12
N LYS XC 179 74.92 233.21 166.45
CA LYS XC 179 73.68 233.29 165.68
C LYS XC 179 72.92 234.57 166.03
N THR XC 180 72.23 235.16 165.04
CA THR XC 180 71.31 236.28 165.18
C THR XC 180 70.22 236.16 164.10
N HIS XC 181 68.96 236.46 164.43
CA HIS XC 181 67.81 236.39 163.51
C HIS XC 181 67.70 235.03 162.80
N GLY XC 182 68.24 233.97 163.41
CA GLY XC 182 68.27 232.63 162.82
C GLY XC 182 69.49 232.39 161.92
N GLY XC 183 70.20 233.46 161.54
CA GLY XC 183 71.41 233.42 160.73
C GLY XC 183 72.69 233.30 161.57
N TYR XC 184 73.78 233.97 161.13
CA TYR XC 184 75.08 233.99 161.80
C TYR XC 184 75.83 235.31 161.58
N GLN XC 185 76.66 235.70 162.57
CA GLN XC 185 77.60 236.81 162.53
C GLN XC 185 78.91 236.40 163.21
N THR XC 186 80.05 237.04 162.85
CA THR XC 186 81.39 236.68 163.31
C THR XC 186 82.21 237.94 163.66
N GLN XC 187 83.06 237.86 164.70
CA GLN XC 187 83.97 238.95 165.09
C GLN XC 187 85.23 238.42 165.81
N THR XC 188 86.26 239.27 165.95
CA THR XC 188 87.47 239.01 166.72
C THR XC 188 87.75 240.15 167.71
N LEU XC 189 88.21 239.80 168.92
CA LEU XC 189 88.55 240.71 169.99
C LEU XC 189 89.97 240.45 170.50
N PRO XC 190 90.72 241.48 170.99
CA PRO XC 190 92.08 241.28 171.48
C PRO XC 190 92.13 240.63 172.86
N ALA XC 191 93.25 239.95 173.16
CA ALA XC 191 93.49 239.37 174.46
C ALA XC 191 94.04 240.43 175.42
N ASP XC 192 93.24 241.50 175.64
CA ASP XC 192 93.68 242.71 176.31
C ASP XC 192 92.65 243.22 177.32
N ASP XC 193 91.41 243.50 176.87
CA ASP XC 193 90.32 243.96 177.73
C ASP XC 193 89.44 242.80 178.23
N LEU XC 194 89.49 241.65 177.55
CA LEU XC 194 88.88 240.41 178.02
C LEU XC 194 89.80 239.78 179.08
N TRP XC 195 89.23 238.86 179.90
CA TRP XC 195 89.96 238.04 180.85
C TRP XC 195 89.45 236.61 180.84
N ILE XC 197 90.04 232.17 182.39
CA ILE XC 197 90.46 231.24 183.46
C ILE XC 197 90.42 229.79 182.94
N VAL XC 198 91.40 228.96 183.35
CA VAL XC 198 91.60 227.60 182.86
C VAL XC 198 91.93 226.66 184.02
N ILE XC 199 90.97 225.83 184.45
CA ILE XC 199 91.16 224.87 185.52
C ILE XC 199 91.93 223.65 185.01
N ASN XC 200 91.50 223.13 183.85
CA ASN XC 200 91.88 221.81 183.34
C ASN XC 200 92.97 221.98 182.28
N LYS XC 201 94.14 222.51 182.67
CA LYS XC 201 95.27 222.75 181.79
C LYS XC 201 95.86 221.43 181.29
N ALA XC 202 96.39 221.42 180.06
CA ALA XC 202 97.16 220.31 179.52
C ALA XC 202 98.52 220.21 180.20
N SER XC 203 99.15 221.36 180.50
CA SER XC 203 100.42 221.49 181.20
C SER XC 203 100.39 222.78 182.03
N ALA XC 204 101.34 222.97 182.97
CA ALA XC 204 101.34 224.11 183.87
C ALA XC 204 101.41 225.43 183.12
N ARG XC 205 102.06 225.41 181.94
CA ARG XC 205 102.36 226.56 181.10
C ARG XC 205 101.20 226.91 180.14
N ASP XC 206 100.23 226.01 179.99
CA ASP XC 206 99.10 226.11 179.06
C ASP XC 206 98.19 227.31 179.36
N GLU XC 207 97.42 227.75 178.34
CA GLU XC 207 96.45 228.83 178.43
C GLU XC 207 95.10 228.48 177.77
N VAL XC 208 94.90 227.23 177.32
CA VAL XC 208 93.67 226.81 176.66
C VAL XC 208 92.97 225.68 177.41
N GLY XC 209 93.70 224.60 177.76
CA GLY XC 209 93.16 223.51 178.56
C GLY XC 209 92.33 222.51 177.74
N ILE XC 210 91.71 221.54 178.45
CA ILE XC 210 90.89 220.48 177.89
C ILE XC 210 89.59 220.38 178.69
N SER XC 211 88.45 220.20 178.01
CA SER XC 211 87.17 219.95 178.65
C SER XC 211 87.10 218.51 179.15
N GLU XC 212 86.68 218.31 180.41
CA GLU XC 212 86.50 216.98 181.00
C GLU XC 212 85.39 216.20 180.29
N VAL XC 213 84.47 216.90 179.59
CA VAL XC 213 83.47 216.27 178.74
C VAL XC 213 84.15 215.66 177.52
N LEU XC 214 84.98 216.45 176.81
CA LEU XC 214 85.68 215.99 175.62
C LEU XC 214 86.75 214.96 175.97
N ARG XC 215 87.26 215.00 177.20
CA ARG XC 215 88.24 214.05 177.74
C ARG XC 215 87.61 212.67 177.89
N ASN XC 216 86.27 212.61 178.00
CA ASN XC 216 85.51 211.39 178.29
C ASN XC 216 84.30 211.24 177.37
N LYS XC 217 84.42 211.70 176.11
CA LYS XC 217 83.33 211.77 175.14
C LYS XC 217 82.70 210.40 174.87
N ASP XC 218 83.55 209.36 174.71
CA ASP XC 218 83.13 208.00 174.42
C ASP XC 218 82.29 207.40 175.55
N GLU XC 219 82.73 207.60 176.81
CA GLU XC 219 82.05 207.10 178.00
C GLU XC 219 80.66 207.74 178.14
N ILE XC 220 80.57 209.03 177.81
CA ILE XC 220 79.31 209.79 177.86
C ILE XC 220 78.33 209.24 176.83
N GLN XC 221 78.80 209.04 175.59
CA GLN XC 221 77.97 208.48 174.53
C GLN XC 221 77.56 207.05 174.84
N ALA XC 222 78.49 206.24 175.39
CA ALA XC 222 78.22 204.86 175.76
C ALA XC 222 77.16 204.75 176.84
N PHE XC 223 77.17 205.67 177.83
CA PHE XC 223 76.16 205.72 178.88
C PHE XC 223 74.78 205.96 178.27
N LYS XC 224 74.67 206.96 177.38
CA LYS XC 224 73.42 207.34 176.74
C LYS XC 224 72.90 206.23 175.84
N GLN XC 225 73.80 205.55 175.11
CA GLN XC 225 73.45 204.45 174.24
C GLN XC 225 72.91 203.25 175.05
N ASN XC 226 73.57 202.94 176.17
CA ASN XC 226 73.16 201.84 177.03
C ASN XC 226 71.83 202.15 177.74
N GLU XC 227 71.59 203.42 178.09
CA GLU XC 227 70.30 203.90 178.57
C GLU XC 227 69.21 203.65 177.53
N ALA XC 228 69.44 204.08 176.29
CA ALA XC 228 68.50 203.87 175.18
C ALA XC 228 68.25 202.38 174.94
N ALA XC 229 69.30 201.55 175.06
CA ALA XC 229 69.22 200.11 174.94
C ALA XC 229 68.30 199.52 176.02
N ILE XC 230 68.53 199.86 177.30
CA ILE XC 230 67.74 199.35 178.42
C ILE XC 230 66.27 199.80 178.28
N ASN XC 231 66.06 201.06 177.90
CA ASN XC 231 64.74 201.63 177.72
C ASN XC 231 63.91 200.82 176.72
N GLN XC 232 64.49 200.50 175.55
CA GLN XC 232 63.82 199.74 174.52
C GLN XC 232 63.70 198.26 174.92
N ALA XC 233 64.73 197.72 175.58
CA ALA XC 233 64.74 196.34 176.02
C ALA XC 233 63.68 196.05 177.07
N ILE XC 234 63.38 197.04 177.94
CA ILE XC 234 62.30 196.93 178.90
C ILE XC 234 60.95 196.91 178.17
N GLU XC 235 60.78 197.73 177.12
CA GLU XC 235 59.56 197.77 176.33
C GLU XC 235 59.29 196.40 175.67
N LEU XC 236 60.34 195.74 175.17
CA LEU XC 236 60.22 194.50 174.41
C LEU XC 236 60.22 193.26 175.31
N HIS XC 237 61.06 193.24 176.36
CA HIS XC 237 61.39 192.05 177.13
C HIS XC 237 61.05 192.16 178.63
N GLY XC 238 60.74 193.38 179.10
CA GLY XC 238 60.45 193.62 180.51
C GLY XC 238 59.05 193.18 180.96
N PHE XC 239 58.15 192.95 180.00
CA PHE XC 239 56.75 192.66 180.25
C PHE XC 239 56.33 191.36 179.56
N PRO XC 240 55.50 190.50 180.19
CA PRO XC 240 54.93 189.32 179.52
C PRO XC 240 54.01 189.75 178.37
N GLN XC 241 53.87 188.90 177.35
CA GLN XC 241 53.04 189.14 176.18
C GLN XC 241 52.24 187.88 175.84
N ARG XC 242 51.09 188.04 175.15
CA ARG XC 242 50.14 186.95 174.92
C ARG XC 242 50.23 186.46 173.47
N VAL XC 244 48.20 183.89 171.22
CA VAL XC 244 47.10 182.97 170.94
C VAL XC 244 47.42 182.16 169.69
N LYS XC 245 47.46 180.82 169.85
CA LYS XC 245 47.65 179.86 168.78
C LYS XC 245 46.33 179.16 168.45
N VAL XC 246 46.00 179.09 167.15
CA VAL XC 246 44.71 178.62 166.65
C VAL XC 246 44.92 177.42 165.74
N GLY XC 247 44.04 176.41 165.85
CA GLY XC 247 44.09 175.18 165.06
C GLY XC 247 44.84 174.06 165.78
N LYS XC 248 44.81 172.85 165.21
CA LYS XC 248 45.47 171.68 165.77
C LYS XC 248 46.82 171.46 165.08
N GLU XC 249 47.75 170.77 165.75
CA GLU XC 249 49.00 170.29 165.16
C GLU XC 249 48.66 169.32 164.03
N ASP XC 250 49.16 169.61 162.81
CA ASP XC 250 48.85 168.90 161.57
C ASP XC 250 47.35 168.98 161.22
N GLY XC 251 46.63 170.00 161.73
CA GLY XC 251 45.19 170.15 161.55
C GLY XC 251 44.81 171.04 160.36
N ALA XC 252 43.61 171.63 160.42
CA ALA XC 252 43.04 172.47 159.37
C ALA XC 252 43.80 173.79 159.27
N PRO XC 253 43.86 174.44 158.07
CA PRO XC 253 44.56 175.73 157.91
C PRO XC 253 43.80 176.91 158.52
N VAL XC 254 44.55 177.92 158.99
CA VAL XC 254 43.99 179.16 159.54
C VAL XC 254 44.59 180.36 158.79
N ARG XC 255 43.74 181.31 158.36
CA ARG XC 255 44.10 182.46 157.51
C ARG XC 255 43.80 183.77 158.25
N ASP XC 256 44.19 184.92 157.67
CA ASP XC 256 44.12 186.22 158.33
C ASP XC 256 42.70 186.63 158.73
N ASN XC 257 41.71 186.45 157.85
CA ASN XC 257 40.33 186.79 158.11
C ASN XC 257 39.73 185.94 159.24
N ASP XC 258 40.38 184.82 159.56
CA ASP XC 258 40.04 183.97 160.70
C ASP XC 258 40.66 184.54 161.97
N LEU XC 259 41.97 184.87 161.90
CA LEU XC 259 42.71 185.42 163.02
C LEU XC 259 42.16 186.78 163.45
N ARG XC 260 41.63 187.58 162.50
CA ARG XC 260 41.03 188.89 162.78
C ARG XC 260 39.85 188.77 163.74
N ARG XC 261 39.06 187.71 163.59
CA ARG XC 261 37.91 187.43 164.43
C ARG XC 261 38.36 186.95 165.81
N VAL XC 262 39.40 186.12 165.87
CA VAL XC 262 39.98 185.64 167.12
C VAL XC 262 40.61 186.79 167.92
N ARG XC 263 41.33 187.69 167.22
CA ARG XC 263 41.97 188.87 167.79
C ARG XC 263 40.95 189.77 168.48
N THR XC 264 39.74 189.84 167.92
CA THR XC 264 38.63 190.63 168.43
C THR XC 264 38.09 190.06 169.74
N ILE XC 265 38.22 188.74 169.94
CA ILE XC 265 37.73 188.03 171.13
C ILE XC 265 38.72 188.17 172.29
N PHE XC 266 40.01 187.87 172.07
CA PHE XC 266 41.03 187.90 173.11
C PHE XC 266 41.75 189.26 173.16
N ASP XC 267 41.05 190.36 172.87
CA ASP XC 267 41.65 191.67 172.68
C ASP XC 267 42.19 192.23 174.00
N PRO XC 268 43.52 192.54 174.12
CA PRO XC 268 44.05 193.16 175.34
C PRO XC 268 43.56 194.58 175.62
N ARG XC 269 42.91 195.20 174.61
CA ARG XC 269 42.31 196.52 174.69
C ARG XC 269 41.04 196.49 175.56
N THR XC 270 40.34 195.35 175.59
CA THR XC 270 39.02 195.25 176.25
C THR XC 270 38.92 194.05 177.21
N THR XC 271 40.00 193.28 177.39
CA THR XC 271 40.14 192.26 178.41
C THR XC 271 40.25 192.95 179.78
N ASP XC 272 39.77 192.28 180.85
CA ASP XC 272 39.84 192.80 182.21
C ASP XC 272 40.40 191.73 183.15
N ALA XC 273 40.68 192.12 184.41
CA ALA XC 273 41.39 191.30 185.40
C ALA XC 273 40.68 189.98 185.69
N ASN XC 274 39.34 189.94 185.53
CA ASN XC 274 38.51 188.78 185.87
C ASN XC 274 38.00 188.05 184.62
N THR XC 275 38.45 188.44 183.42
CA THR XC 275 38.01 187.84 182.16
C THR XC 275 38.30 186.34 182.14
N ALA XC 276 37.31 185.54 181.70
CA ALA XC 276 37.46 184.11 181.51
C ALA XC 276 37.13 183.71 180.07
N TYR XC 277 37.71 182.58 179.63
CA TYR XC 277 37.68 182.13 178.25
C TYR XC 277 37.19 180.69 178.17
N PHE XC 278 36.43 180.38 177.11
CA PHE XC 278 35.80 179.08 176.88
C PHE XC 278 36.11 178.66 175.43
N THR XC 279 36.66 177.45 175.22
CA THR XC 279 37.10 177.05 173.89
C THR XC 279 36.92 175.56 173.64
N GLY XC 280 37.00 175.14 172.38
CA GLY XC 280 37.36 173.78 172.02
C GLY XC 280 38.82 173.50 172.37
N GLN XC 281 39.28 172.27 172.12
CA GLN XC 281 40.64 171.84 172.46
C GLN XC 281 41.68 172.49 171.52
N ASP XC 282 41.27 172.90 170.31
CA ASP XC 282 42.18 173.32 169.25
C ASP XC 282 42.41 174.85 169.26
N VAL XC 283 42.42 175.46 170.45
CA VAL XC 283 42.80 176.84 170.71
C VAL XC 283 43.66 176.87 171.97
N ASP XC 284 44.81 177.56 171.91
CA ASP XC 284 45.74 177.69 173.03
C ASP XC 284 46.14 179.15 173.24
N VAL XC 285 46.10 179.62 174.50
CA VAL XC 285 46.59 180.93 174.89
C VAL XC 285 47.99 180.76 175.49
N GLU XC 286 49.03 180.90 174.66
CA GLU XC 286 50.41 180.74 175.10
C GLU XC 286 50.97 182.05 175.65
N THR XC 287 52.02 181.92 176.48
CA THR XC 287 52.65 183.02 177.21
C THR XC 287 54.07 183.24 176.71
N LEU XC 288 54.34 184.46 176.24
CA LEU XC 288 55.68 185.00 176.21
C LEU XC 288 56.00 185.51 177.61
N GLU XC 289 56.78 184.73 178.38
CA GLU XC 289 57.22 185.15 179.71
C GLU XC 289 58.16 186.34 179.56
N ALA XC 290 58.25 187.20 180.58
CA ALA XC 290 59.25 188.25 180.62
C ALA XC 290 60.62 187.60 180.75
N ASN XC 292 63.81 187.45 181.72
CA ASN XC 292 64.52 188.22 182.74
C ASN XC 292 66.01 188.41 182.40
N PHE XC 293 66.50 189.64 182.60
CA PHE XC 293 67.88 190.05 182.44
C PHE XC 293 68.22 191.10 183.51
N ASP XC 294 69.49 191.18 183.95
CA ASP XC 294 69.86 192.03 185.06
C ASP XC 294 70.22 193.43 184.57
N TYR XC 295 69.21 194.17 184.10
CA TYR XC 295 69.36 195.54 183.63
C TYR XC 295 69.84 196.47 184.76
N SER XC 296 69.50 196.14 186.01
CA SER XC 296 69.95 196.86 187.19
C SER XC 296 71.48 196.83 187.27
N ALA XC 297 72.08 195.63 187.16
CA ALA XC 297 73.53 195.48 187.21
C ALA XC 297 74.22 196.16 186.02
N ILE XC 298 73.58 196.17 184.84
CA ILE XC 298 74.10 196.87 183.67
C ILE XC 298 74.10 198.38 183.94
N HIS XC 299 73.00 198.90 184.48
CA HIS XC 299 72.83 200.31 184.83
C HIS XC 299 73.88 200.75 185.86
N GLU XC 300 74.11 199.90 186.87
CA GLU XC 300 75.14 200.12 187.88
C GLU XC 300 76.54 200.11 187.25
N MET XC 301 76.81 199.18 186.31
CA MET XC 301 78.09 199.10 185.61
C MET XC 301 78.34 200.38 184.80
N ASP XC 302 77.32 200.82 184.04
CA ASP XC 302 77.38 202.05 183.27
C ASP XC 302 77.70 203.25 184.17
N MET XC 303 76.97 203.35 185.29
CA MET XC 303 77.10 204.47 186.21
C MET XC 303 78.47 204.46 186.88
N ARG XC 304 78.98 203.27 187.25
CA ARG XC 304 80.31 203.11 187.81
C ARG XC 304 81.38 203.57 186.81
N ASN XC 305 81.26 203.12 185.56
CA ASN XC 305 82.20 203.46 184.51
C ASN XC 305 82.20 204.97 184.26
N LEU XC 306 81.01 205.57 184.14
CA LEU XC 306 80.89 207.00 183.87
C LEU XC 306 81.41 207.84 185.04
N THR XC 307 81.01 207.52 186.28
CA THR XC 307 81.39 208.32 187.44
C THR XC 307 82.90 208.26 187.67
N THR XC 308 83.49 207.06 187.66
CA THR XC 308 84.92 206.89 187.84
C THR XC 308 85.72 207.58 186.72
N ALA XC 309 85.20 207.57 185.48
CA ALA XC 309 85.83 208.27 184.37
C ALA XC 309 85.79 209.80 184.57
N LEU XC 310 84.66 210.32 185.08
CA LEU XC 310 84.50 211.74 185.38
C LEU XC 310 85.13 212.13 186.72
N GLY XC 311 85.71 211.17 187.45
CA GLY XC 311 86.41 211.43 188.70
C GLY XC 311 85.46 211.67 189.89
N LEU XC 312 84.17 211.42 189.68
CA LEU XC 312 83.11 211.67 190.65
C LEU XC 312 82.98 210.50 191.63
N PRO XC 313 82.44 210.74 192.86
CA PRO XC 313 82.15 209.64 193.80
C PRO XC 313 80.97 208.84 193.28
N LEU XC 314 81.02 207.52 193.45
CA LEU XC 314 80.00 206.59 192.95
C LEU XC 314 78.62 206.91 193.52
N GLU XC 315 78.61 207.48 194.74
CA GLU XC 315 77.44 207.92 195.47
C GLU XC 315 76.65 209.01 194.74
N ALA XC 316 77.32 209.81 193.89
CA ALA XC 316 76.67 210.86 193.11
C ALA XC 316 75.84 210.26 191.98
N GLY XC 317 76.18 209.03 191.57
CA GLY XC 317 75.36 208.25 190.67
C GLY XC 317 74.27 207.45 191.40
N ASN XC 318 74.26 207.56 192.74
CA ASN XC 318 73.31 206.90 193.63
C ASN XC 318 73.40 205.37 193.51
N VAL XC 319 74.63 204.84 193.42
CA VAL XC 319 74.91 203.40 193.35
C VAL XC 319 75.59 202.95 194.65
N GLY XC 320 75.10 201.87 195.27
CA GLY XC 320 75.58 201.40 196.55
C GLY XC 320 76.59 200.24 196.47
N ALA XC 321 77.31 200.02 197.58
CA ALA XC 321 78.22 198.89 197.77
C ALA XC 321 78.36 198.56 199.26
N ASP XC 322 78.52 197.27 199.58
CA ASP XC 322 78.72 196.79 200.94
C ASP XC 322 80.15 197.04 201.41
N GLY XC 323 80.32 197.26 202.73
CA GLY XC 323 81.61 197.48 203.36
C GLY XC 323 82.20 198.88 203.12
N LEU XC 324 82.14 199.34 201.86
CA LEU XC 324 82.71 200.59 201.38
C LEU XC 324 82.04 201.83 201.99
N GLY XC 325 80.94 201.67 202.73
CA GLY XC 325 80.24 202.79 203.36
C GLY XC 325 80.83 203.25 204.69
N SER XC 326 81.82 202.53 205.24
CA SER XC 326 82.29 202.73 206.60
C SER XC 326 83.81 202.64 206.72
N GLY XC 327 84.37 203.19 207.80
CA GLY XC 327 85.78 203.08 208.16
C GLY XC 327 86.73 203.76 207.18
N LYS XC 328 88.00 203.31 207.18
CA LYS XC 328 89.05 203.83 206.32
C LYS XC 328 88.73 203.58 204.84
N PRO XC 329 88.08 202.46 204.43
CA PRO XC 329 87.55 202.32 203.07
C PRO XC 329 86.67 203.46 202.57
N ALA XC 330 85.84 204.04 203.45
CA ALA XC 330 85.05 205.22 203.14
C ALA XC 330 85.91 206.48 203.18
N GLU XC 331 86.63 206.69 204.29
CA GLU XC 331 87.38 207.91 204.57
C GLU XC 331 88.40 208.23 203.47
N LEU XC 332 89.00 207.20 202.85
CA LEU XC 332 89.92 207.36 201.74
C LEU XC 332 89.24 207.99 200.52
N ARG XC 333 88.02 207.56 200.16
CA ARG XC 333 87.30 208.09 199.01
C ARG XC 333 86.90 209.54 199.26
N PHE XC 334 86.54 209.86 200.50
CA PHE XC 334 86.23 211.22 200.94
C PHE XC 334 87.47 212.10 200.92
N ALA XC 335 88.64 211.53 201.27
CA ALA XC 335 89.91 212.23 201.15
C ALA XC 335 90.24 212.54 199.69
N LEU XC 336 90.14 211.54 198.80
CA LEU XC 336 90.39 211.68 197.37
C LEU XC 336 89.48 212.75 196.76
N LEU XC 337 88.22 212.79 197.21
CA LEU XC 337 87.22 213.75 196.75
C LEU XC 337 87.60 215.15 197.18
N LYS XC 338 87.94 215.33 198.47
CA LYS XC 338 88.33 216.62 199.03
C LYS XC 338 89.62 217.15 198.40
N LEU XC 339 90.58 216.26 198.11
CA LEU XC 339 91.83 216.63 197.47
C LEU XC 339 91.59 217.22 196.08
N ALA XC 340 90.75 216.54 195.27
CA ALA XC 340 90.41 217.00 193.93
C ALA XC 340 89.73 218.37 193.98
N ILE XC 341 88.80 218.55 194.92
CA ILE XC 341 88.05 219.78 195.12
C ILE XC 341 89.00 220.93 195.51
N LYS XC 342 89.86 220.70 196.52
CA LYS XC 342 90.82 221.72 196.97
C LYS XC 342 91.80 222.11 195.86
N ALA XC 343 92.26 221.14 195.08
CA ALA XC 343 93.14 221.39 193.94
C ALA XC 343 92.47 222.30 192.91
N ASN XC 344 91.20 222.02 192.57
CA ASN XC 344 90.42 222.82 191.64
C ASN XC 344 90.17 224.23 192.18
N GLN XC 345 89.75 224.32 193.46
CA GLN XC 345 89.43 225.58 194.13
C GLN XC 345 90.63 226.52 194.15
N ARG XC 346 91.80 226.01 194.57
CA ARG XC 346 93.03 226.79 194.61
C ARG XC 346 93.48 227.18 193.20
N SER XC 347 93.30 226.28 192.22
CA SER XC 347 93.60 226.55 190.82
C SER XC 347 92.77 227.71 190.29
N PHE XC 348 91.48 227.74 190.64
CA PHE XC 348 90.57 228.80 190.21
C PHE XC 348 90.93 230.11 190.88
N SER XC 349 91.06 230.09 192.21
CA SER XC 349 91.28 231.28 193.03
C SER XC 349 92.51 232.07 192.58
N VAL XC 350 93.63 231.37 192.35
CA VAL XC 350 94.87 232.01 191.92
C VAL XC 350 94.65 232.76 190.60
N GLN XC 351 94.01 232.12 189.63
CA GLN XC 351 93.79 232.73 188.31
C GLN XC 351 92.79 233.89 188.39
N PHE XC 352 91.75 233.77 189.23
CA PHE XC 352 90.77 234.83 189.43
C PHE XC 352 91.42 236.05 190.10
N VAL XC 353 92.26 235.82 191.12
CA VAL XC 353 93.01 236.89 191.78
C VAL XC 353 93.94 237.58 190.77
N GLU XC 354 94.70 236.79 190.00
CA GLU XC 354 95.78 237.29 189.16
C GLU XC 354 95.28 237.95 187.87
N ARG XC 355 94.15 237.51 187.32
CA ARG XC 355 93.64 237.99 186.03
C ARG XC 355 92.27 238.66 186.11
N VAL XC 356 91.63 238.73 187.29
CA VAL XC 356 90.39 239.48 187.46
C VAL XC 356 90.53 240.52 188.58
N MET XC 357 90.81 240.07 189.82
CA MET XC 357 90.81 240.95 190.98
C MET XC 357 91.92 242.00 190.90
N ARG XC 358 93.16 241.58 190.67
CA ARG XC 358 94.30 242.49 190.58
C ARG XC 358 94.11 243.51 189.44
N PRO XC 359 93.76 243.12 188.19
CA PRO XC 359 93.33 244.07 187.16
C PRO XC 359 92.23 245.06 187.56
N VAL XC 360 91.21 244.60 188.28
CA VAL XC 360 90.13 245.48 188.73
C VAL XC 360 90.66 246.51 189.73
N VAL XC 361 91.61 246.13 190.58
CA VAL XC 361 92.26 247.06 191.50
C VAL XC 361 93.12 248.05 190.69
N ARG XC 362 93.93 247.53 189.77
CA ARG XC 362 94.87 248.28 188.94
C ARG XC 362 94.16 249.40 188.17
N ASP XC 363 92.98 249.10 187.64
CA ASP XC 363 92.29 249.94 186.66
C ASP XC 363 91.27 250.90 187.30
N TYR XC 364 90.79 250.63 188.53
CA TYR XC 364 89.65 251.36 189.08
C TYR XC 364 89.77 251.76 190.56
N SER XC 365 90.90 251.47 191.22
CA SER XC 365 91.00 251.55 192.67
C SER XC 365 92.02 252.58 193.15
N PRO XC 366 91.83 253.23 194.34
CA PRO XC 366 92.90 254.00 194.97
C PRO XC 366 93.95 253.16 195.70
N PHE XC 367 93.69 251.86 195.85
CA PHE XC 367 94.56 250.92 196.56
C PHE XC 367 95.65 250.36 195.63
N ASP XC 368 96.68 249.74 196.23
CA ASP XC 368 97.76 249.05 195.54
C ASP XC 368 97.26 247.75 194.91
N HIS XC 369 97.57 247.53 193.62
CA HIS XC 369 97.12 246.38 192.86
C HIS XC 369 98.07 245.20 193.02
N GLU XC 370 99.26 245.42 193.59
CA GLU XC 370 100.25 244.36 193.79
C GLU XC 370 100.18 243.83 195.23
N ALA XC 371 99.07 244.10 195.93
CA ALA XC 371 98.82 243.72 197.31
C ALA XC 371 98.58 242.22 197.46
N ASP XC 372 98.66 241.73 198.71
CA ASP XC 372 98.51 240.34 199.10
C ASP XC 372 97.03 239.94 199.21
N ILE XC 373 96.31 240.00 198.07
CA ILE XC 373 94.92 239.61 197.93
C ILE XC 373 94.80 238.08 198.01
N ARG XC 374 93.71 237.62 198.66
CA ARG XC 374 93.38 236.21 198.85
C ARG XC 374 91.90 235.97 198.54
N LEU XC 375 91.56 234.74 198.10
CA LEU XC 375 90.19 234.30 197.90
C LEU XC 375 90.08 232.81 198.22
N GLU XC 376 89.45 232.47 199.35
CA GLU XC 376 89.18 231.09 199.71
C GLU XC 376 87.80 230.67 199.22
N ILE XC 377 87.68 229.41 198.79
CA ILE XC 377 86.41 228.79 198.43
C ILE XC 377 86.16 227.64 199.39
N ASN XC 378 84.94 227.53 199.93
CA ASN XC 378 84.62 226.72 201.10
C ASN XC 378 84.69 225.22 200.79
N ASP XC 379 85.00 224.40 201.80
CA ASP XC 379 84.98 222.95 201.73
C ASP XC 379 83.52 222.47 201.77
N PRO XC 380 83.02 221.79 200.71
CA PRO XC 380 81.61 221.33 200.67
C PRO XC 380 81.26 220.20 201.62
N LEU XC 381 82.28 219.58 202.25
CA LEU XC 381 82.09 218.40 203.09
C LEU XC 381 82.62 218.64 204.52
N GLU XC 382 82.75 219.91 204.93
CA GLU XC 382 83.10 220.31 206.28
C GLU XC 382 81.93 220.05 207.23
N ASP XC 383 82.24 219.67 208.47
CA ASP XC 383 81.27 219.39 209.52
C ASP XC 383 81.50 220.33 210.70
N ILE XC 384 80.45 221.07 211.10
CA ILE XC 384 80.50 222.01 212.21
C ILE XC 384 80.73 221.27 213.52
N GLY XC 385 80.22 220.03 213.64
CA GLY XC 385 80.40 219.19 214.81
C GLY XC 385 81.87 218.81 215.08
N GLU XC 386 82.60 218.51 214.01
CA GLU XC 386 84.04 218.22 214.05
C GLU XC 386 84.80 219.43 214.60
N VAL XC 387 84.45 220.63 214.10
CA VAL XC 387 85.05 221.89 214.52
C VAL XC 387 84.71 222.18 215.99
N ALA XC 388 83.45 221.96 216.37
CA ALA XC 388 82.98 222.24 217.72
C ALA XC 388 83.66 221.32 218.74
N ASP XC 389 83.90 220.06 218.37
CA ASP XC 389 84.65 219.11 219.19
C ASP XC 389 86.10 219.57 219.33
N LEU XC 390 86.72 219.99 218.21
CA LEU XC 390 88.09 220.47 218.18
C LEU XC 390 88.27 221.68 219.11
N ILE XC 391 87.30 222.60 219.11
CA ILE XC 391 87.35 223.81 219.93
C ILE XC 391 87.34 223.44 221.41
N GLN XC 392 86.55 222.43 221.80
CA GLN XC 392 86.53 221.93 223.17
C GLN XC 392 87.84 221.21 223.52
N GLN XC 393 88.42 220.46 222.59
CA GLN XC 393 89.57 219.61 222.85
C GLN XC 393 90.88 220.40 222.94
N VAL XC 394 91.06 221.43 222.08
CA VAL XC 394 92.36 222.10 221.94
C VAL XC 394 92.26 223.63 221.95
N GLY XC 395 91.11 224.21 222.31
CA GLY XC 395 90.93 225.65 222.46
C GLY XC 395 91.96 226.32 223.36
N ASP XC 396 92.50 225.56 224.34
CA ASP XC 396 93.56 225.97 225.25
C ASP XC 396 94.86 226.33 224.51
N TYR XC 397 94.95 226.02 223.19
CA TYR XC 397 96.14 226.22 222.39
C TYR XC 397 95.82 227.00 221.09
N MET XC 398 94.59 227.51 220.96
CA MET XC 398 94.16 228.32 219.82
C MET XC 398 93.62 229.66 220.33
N THR XC 399 93.96 230.77 219.65
CA THR XC 399 93.46 232.09 220.02
C THR XC 399 91.97 232.19 219.74
N ASN XC 400 91.30 233.18 220.35
CA ASN XC 400 89.88 233.40 220.13
C ASN XC 400 89.58 233.74 218.67
N GLU XC 401 90.50 234.44 218.01
CA GLU XC 401 90.38 234.70 216.57
C GLU XC 401 90.52 233.41 215.77
N GLN XC 402 91.44 232.52 216.16
CA GLN XC 402 91.66 231.25 215.48
C GLN XC 402 90.44 230.34 215.66
N VAL XC 403 89.81 230.41 216.84
CA VAL XC 403 88.59 229.70 217.16
C VAL XC 403 87.46 230.24 216.27
N ALA XC 404 87.30 231.56 216.23
CA ALA XC 404 86.24 232.22 215.47
C ALA XC 404 86.37 231.92 213.97
N GLU XC 405 87.61 231.97 213.45
CA GLU XC 405 87.90 231.69 212.06
C GLU XC 405 87.51 230.26 211.67
N LYS XC 406 87.89 229.28 212.51
CA LYS XC 406 87.53 227.89 212.30
C LYS XC 406 86.02 227.67 212.40
N LEU XC 407 85.36 228.42 213.31
CA LEU XC 407 83.93 228.37 213.56
C LEU XC 407 83.11 229.15 212.52
N ASP XC 408 83.77 229.83 211.57
CA ASP XC 408 83.16 230.63 210.51
C ASP XC 408 82.39 231.83 211.07
N LEU XC 409 83.03 232.56 212.00
CA LEU XC 409 82.51 233.79 212.58
C LEU XC 409 83.58 234.89 212.58
N PRO XC 410 83.21 236.19 212.51
CA PRO XC 410 84.16 237.29 212.71
C PRO XC 410 84.82 237.26 214.09
N ALA XC 411 86.09 237.69 214.14
CA ALA XC 411 86.87 237.78 215.36
C ALA XC 411 86.35 238.89 216.28
N PRO XC 412 86.66 238.86 217.60
CA PRO XC 412 86.29 239.95 218.52
C PRO XC 412 86.78 241.34 218.13
N GLU XC 413 86.08 242.38 218.65
CA GLU XC 413 86.30 243.79 218.31
C GLU XC 413 87.42 244.44 219.13
N ASP XC 414 88.08 243.69 220.02
CA ASP XC 414 89.14 244.20 220.89
C ASP XC 414 90.37 243.28 220.81
N ASP XC 415 91.58 243.87 220.74
CA ASP XC 415 92.80 243.19 220.30
C ASP XC 415 93.18 242.01 221.19
N GLU XC 416 93.24 242.22 222.52
CA GLU XC 416 93.57 241.14 223.44
C GLU XC 416 92.44 240.12 223.53
N VAL XC 417 91.18 240.54 223.31
CA VAL XC 417 90.04 239.64 223.33
C VAL XC 417 90.13 238.66 222.15
N ALA XC 418 90.62 239.13 221.00
CA ALA XC 418 90.82 238.34 219.80
C ALA XC 418 92.08 237.46 219.90
N ASP XC 419 93.20 238.05 220.33
CA ASP XC 419 94.54 237.45 220.26
C ASP XC 419 94.82 236.47 221.41
N SER XC 420 94.08 236.58 222.53
CA SER XC 420 94.26 235.70 223.68
C SER XC 420 93.68 234.31 223.43
N TYR XC 421 94.05 233.36 224.32
CA TYR XC 421 93.69 231.95 224.26
C TYR XC 421 92.64 231.60 225.33
N ARG XC 422 92.61 232.36 226.43
CA ARG XC 422 91.52 232.33 227.41
C ARG XC 422 90.24 232.76 226.69
N SER XC 423 89.11 232.07 226.93
CA SER XC 423 87.86 232.33 226.22
C SER XC 423 87.30 233.72 226.56
N PRO XC 424 86.51 234.38 225.66
CA PRO XC 424 85.92 235.67 225.99
C PRO XC 424 84.88 235.60 227.12
N ALA XC 425 84.23 234.44 227.29
CA ALA XC 425 83.34 234.22 228.42
C ALA XC 425 84.13 234.19 229.73
N ASP XC 426 85.35 233.63 229.70
CA ASP XC 426 86.23 233.58 230.86
C ASP XC 426 86.77 234.97 231.21
N MET XC 427 87.05 235.80 230.19
CA MET XC 427 87.47 237.17 230.42
C MET XC 427 86.35 238.00 231.04
N GLU XC 428 85.11 237.81 230.56
CA GLU XC 428 83.94 238.54 231.04
C GLU XC 428 83.57 238.17 232.48
N LYS XC 429 83.59 236.88 232.84
CA LYS XC 429 83.23 236.43 234.19
C LYS XC 429 84.24 236.88 235.24
N ASP XC 430 85.52 236.99 234.85
CA ASP XC 430 86.58 237.50 235.72
C ASP XC 430 86.47 239.03 235.87
N GLU XC 431 86.24 239.75 234.77
CA GLU XC 431 86.05 241.19 234.76
C GLU XC 431 84.90 241.61 235.67
N ALA XC 432 83.89 240.73 235.80
CA ALA XC 432 82.71 240.95 236.64
C ALA XC 432 82.98 240.70 238.13
N GLY XC 433 84.19 240.23 238.50
CA GLY XC 433 84.44 239.76 239.86
C GLY XC 433 85.80 240.13 240.48
N VAL XC 434 86.80 240.49 239.65
CA VAL XC 434 88.14 240.85 240.11
C VAL XC 434 88.14 242.30 240.60
N ALA YC 31 140.73 207.93 198.53
CA ALA YC 31 139.81 207.41 197.48
C ALA YC 31 139.89 208.31 196.25
N SER YC 32 138.77 208.92 195.83
CA SER YC 32 138.70 209.79 194.66
C SER YC 32 137.59 210.84 194.80
N SER YC 33 137.65 211.91 194.00
CA SER YC 33 136.69 213.02 194.04
C SER YC 33 135.70 212.97 192.87
N THR YC 34 135.79 211.94 192.01
CA THR YC 34 134.87 211.67 190.90
C THR YC 34 134.59 210.17 190.80
N PRO YC 35 133.39 209.73 190.33
CA PRO YC 35 133.02 208.31 190.33
C PRO YC 35 133.87 207.41 189.45
N GLN YC 36 134.17 206.19 189.93
CA GLN YC 36 135.07 205.26 189.27
C GLN YC 36 134.38 203.98 188.77
N THR YC 37 133.18 203.65 189.28
CA THR YC 37 132.38 202.55 188.72
C THR YC 37 131.47 203.08 187.61
N ASN YC 38 131.21 202.26 186.59
CA ASN YC 38 130.46 202.60 185.38
C ASN YC 38 128.94 202.50 185.63
N VAL YC 39 128.11 202.95 184.65
CA VAL YC 39 126.67 203.12 184.82
C VAL YC 39 125.82 202.53 183.68
N ASP YC 40 126.34 201.52 182.97
CA ASP YC 40 125.60 200.52 182.20
C ASP YC 40 124.85 201.03 180.95
N SER YC 41 124.97 202.30 180.56
CA SER YC 41 124.44 202.81 179.29
C SER YC 41 125.20 204.05 178.82
N MET YC 42 125.37 204.19 177.50
CA MET YC 42 125.93 205.35 176.83
C MET YC 42 125.66 205.26 175.33
N GLY YC 43 125.07 206.30 174.73
CA GLY YC 43 124.88 206.39 173.29
C GLY YC 43 123.84 205.43 172.71
N GLY YC 44 123.09 204.72 173.57
CA GLY YC 44 122.05 203.81 173.13
C GLY YC 44 122.62 202.51 172.54
N GLY YC 45 121.80 201.83 171.71
CA GLY YC 45 122.16 200.55 171.12
C GLY YC 45 123.18 200.69 170.02
N ASP YC 54 117.66 205.30 175.27
CA ASP YC 54 116.93 204.19 175.94
C ASP YC 54 115.42 204.45 175.85
N LEU YC 55 115.04 205.69 175.47
CA LEU YC 55 113.65 206.12 175.29
C LEU YC 55 113.58 207.27 174.28
N THR YC 56 112.38 207.53 173.73
CA THR YC 56 112.19 208.41 172.58
C THR YC 56 110.98 209.33 172.77
N PHE YC 57 110.85 210.32 171.87
CA PHE YC 57 109.69 211.21 171.81
C PHE YC 57 108.42 210.39 171.56
N GLU YC 58 108.56 209.22 170.92
CA GLU YC 58 107.43 208.34 170.61
C GLU YC 58 106.86 207.71 171.88
N ASP YC 59 107.75 207.24 172.77
CA ASP YC 59 107.38 206.66 174.05
C ASP YC 59 106.74 207.71 174.96
N LEU YC 60 107.31 208.93 174.91
CA LEU YC 60 106.85 210.10 175.64
C LEU YC 60 105.43 210.51 175.20
N ARG YC 61 105.16 210.48 173.88
CA ARG YC 61 103.86 210.86 173.34
C ARG YC 61 102.79 209.80 173.61
N ASP YC 62 103.18 208.54 173.79
CA ASP YC 62 102.28 207.51 174.28
C ASP YC 62 101.76 207.87 175.68
N ILE YC 63 102.64 208.35 176.56
CA ILE YC 63 102.27 208.74 177.93
C ILE YC 63 101.27 209.89 177.86
N LYS YC 64 101.52 210.88 176.99
CA LYS YC 64 100.63 212.02 176.79
C LYS YC 64 99.24 211.53 176.35
N ASP YC 65 99.20 210.56 175.43
CA ASP YC 65 97.96 209.97 174.95
C ASP YC 65 97.19 209.25 176.07
N VAL YC 66 97.88 208.55 176.97
CA VAL YC 66 97.22 207.88 178.09
C VAL YC 66 96.65 208.94 179.04
N ARG YC 67 97.36 210.06 179.21
CA ARG YC 67 96.97 211.14 180.11
C ARG YC 67 95.76 211.92 179.59
N ASP YC 68 95.72 212.24 178.28
CA ASP YC 68 94.71 213.12 177.71
C ASP YC 68 93.47 212.36 177.22
N SER YC 69 93.56 211.04 177.03
CA SER YC 69 92.44 210.21 176.60
C SER YC 69 91.47 209.87 177.72
N GLY YC 70 91.77 210.26 178.97
CA GLY YC 70 90.83 210.17 180.09
C GLY YC 70 90.54 208.72 180.51
N GLY YC 71 89.30 208.48 180.94
CA GLY YC 71 88.86 207.17 181.39
C GLY YC 71 89.39 206.82 182.78
N GLN YC 72 89.04 205.62 183.26
CA GLN YC 72 89.35 205.15 184.60
C GLN YC 72 90.85 205.02 184.84
N VAL YC 73 91.62 204.67 183.78
CA VAL YC 73 93.08 204.58 183.81
C VAL YC 73 93.69 205.91 184.23
N ALA YC 74 93.32 206.99 183.54
CA ALA YC 74 93.84 208.32 183.84
C ALA YC 74 93.42 208.78 185.23
N GLN YC 75 92.18 208.48 185.63
CA GLN YC 75 91.67 208.91 186.92
C GLN YC 75 92.46 208.26 188.07
N LEU YC 76 92.88 207.00 187.91
CA LEU YC 76 93.67 206.33 188.94
C LEU YC 76 95.02 207.02 189.11
N MET YC 77 95.69 207.36 188.00
CA MET YC 77 96.99 208.01 188.04
C MET YC 77 96.86 209.45 188.56
N ASP YC 78 95.74 210.11 188.27
CA ASP YC 78 95.48 211.47 188.75
C ASP YC 78 95.13 211.45 190.25
N TYR YC 79 94.42 210.42 190.73
CA TYR YC 79 94.18 210.20 192.14
C TYR YC 79 95.50 209.94 192.88
N LYS YC 80 96.42 209.19 192.25
CA LYS YC 80 97.75 208.92 192.78
C LYS YC 80 98.53 210.23 192.97
N ALA YC 81 98.49 211.12 191.97
CA ALA YC 81 99.12 212.43 192.04
C ALA YC 81 98.50 213.30 193.14
N LEU YC 82 97.16 213.30 193.24
CA LEU YC 82 96.43 214.08 194.24
C LEU YC 82 96.77 213.65 195.66
N LEU YC 83 96.94 212.34 195.90
CA LEU YC 83 97.37 211.84 197.20
C LEU YC 83 98.78 212.34 197.55
N ASN YC 84 99.70 212.29 196.58
CA ASN YC 84 101.10 212.58 196.82
C ASN YC 84 101.34 214.09 196.97
N PHE YC 85 100.55 214.94 196.28
CA PHE YC 85 100.92 216.34 196.08
C PHE YC 85 99.75 217.34 196.21
N GLY YC 86 98.50 216.88 196.37
CA GLY YC 86 97.31 217.73 196.27
C GLY YC 86 96.94 218.49 197.55
N GLU YC 87 97.55 218.15 198.70
CA GLU YC 87 97.19 218.70 200.01
C GLU YC 87 97.98 219.97 200.34
N GLY YC 88 98.92 220.39 199.48
CA GLY YC 88 99.66 221.63 199.64
C GLY YC 88 100.98 221.46 200.37
N CYS YC 89 101.69 222.57 200.63
CA CYS YC 89 103.08 222.56 201.12
C CYS YC 89 103.39 223.72 202.07
N GLU YC 90 104.55 223.65 202.77
CA GLU YC 90 105.03 224.68 203.68
C GLU YC 90 106.56 224.79 203.64
N ILE YC 91 107.08 226.03 203.79
CA ILE YC 91 108.51 226.36 203.74
C ILE YC 91 109.00 226.78 205.12
N HIS YC 92 110.20 226.31 205.51
CA HIS YC 92 110.95 226.80 206.66
C HIS YC 92 112.42 226.98 206.27
N VAL YC 93 113.21 227.72 207.07
CA VAL YC 93 114.66 227.78 206.94
C VAL YC 93 115.27 227.55 208.33
N GLU YC 94 116.30 226.71 208.41
CA GLU YC 94 116.88 226.30 209.68
C GLU YC 94 117.69 227.44 210.30
N GLY YC 95 117.12 228.10 211.31
CA GLY YC 95 117.75 229.22 211.98
C GLY YC 95 117.59 230.55 211.23
N ASP YC 96 116.44 230.75 210.60
CA ASP YC 96 116.13 231.89 209.75
C ASP YC 96 116.40 233.23 210.48
N ASP YC 97 116.02 233.29 211.76
CA ASP YC 97 116.10 234.50 212.57
C ASP YC 97 117.55 234.92 212.86
N GLU YC 98 118.52 234.02 212.62
CA GLU YC 98 119.93 234.33 212.73
C GLU YC 98 120.43 235.10 211.49
N THR YC 99 119.61 235.19 210.44
CA THR YC 99 120.03 235.66 209.11
C THR YC 99 119.23 236.86 208.61
N LYS YC 100 118.40 237.49 209.47
CA LYS YC 100 117.48 238.57 209.12
C LYS YC 100 118.22 239.72 208.41
N GLN YC 101 117.65 240.22 207.29
CA GLN YC 101 118.35 241.12 206.38
C GLN YC 101 117.45 242.28 205.93
N LEU YC 102 118.04 243.48 205.80
CA LEU YC 102 117.39 244.67 205.28
C LEU YC 102 117.35 244.60 203.75
N VAL YC 103 116.46 243.76 203.20
CA VAL YC 103 116.35 243.45 201.77
C VAL YC 103 115.91 244.70 201.00
N ASP YC 104 114.94 245.45 201.54
CA ASP YC 104 114.37 246.63 200.90
C ASP YC 104 113.88 247.62 201.96
N GLY YC 105 114.78 248.05 202.84
CA GLY YC 105 114.51 249.06 203.86
C GLY YC 105 113.81 248.54 205.11
N GLU YC 106 113.47 247.23 205.15
CA GLU YC 106 112.81 246.60 206.29
C GLU YC 106 113.35 245.18 206.46
N PRO YC 107 113.55 244.66 207.71
CA PRO YC 107 114.00 243.28 207.91
C PRO YC 107 113.08 242.22 207.32
N MET YC 108 113.70 241.25 206.62
CA MET YC 108 113.02 240.09 206.09
C MET YC 108 113.73 238.80 206.51
N THR YC 109 112.97 237.71 206.59
CA THR YC 109 113.46 236.34 206.66
C THR YC 109 113.72 235.82 205.25
N LEU YC 110 114.53 234.75 205.13
CA LEU YC 110 114.66 234.05 203.86
C LEU YC 110 113.36 233.35 203.50
N SER YC 111 112.61 232.87 204.51
CA SER YC 111 111.31 232.27 204.29
C SER YC 111 110.32 233.26 203.67
N GLU YC 112 110.33 234.54 204.09
CA GLU YC 112 109.50 235.57 203.48
C GLU YC 112 109.95 235.80 202.04
N TRP YC 113 111.27 235.83 201.79
CA TRP YC 113 111.84 235.99 200.47
C TRP YC 113 111.42 234.84 199.55
N LEU YC 114 111.38 233.61 200.08
CA LEU YC 114 110.98 232.43 199.33
C LEU YC 114 109.47 232.42 199.05
N GLU YC 115 108.67 232.96 199.98
CA GLU YC 115 107.23 233.09 199.78
C GLU YC 115 106.89 234.13 198.71
N ASP YC 116 107.71 235.20 198.61
CA ASP YC 116 107.64 236.15 197.52
C ASP YC 116 108.07 235.50 196.20
N ALA YC 117 109.06 234.60 196.25
CA ALA YC 117 109.58 233.91 195.08
C ALA YC 117 108.57 232.88 194.54
N PHE YC 118 107.85 232.20 195.44
CA PHE YC 118 106.91 231.14 195.08
C PHE YC 118 105.57 231.31 195.82
N PRO YC 119 104.74 232.33 195.48
CA PRO YC 119 103.45 232.56 196.15
C PRO YC 119 102.42 231.44 196.07
N HIS YC 120 102.49 230.64 195.00
CA HIS YC 120 101.48 229.63 194.67
C HIS YC 120 102.10 228.25 194.56
N LEU YC 121 102.99 227.89 195.49
CA LEU YC 121 103.86 226.72 195.37
C LEU YC 121 103.06 225.40 195.38
N ASP YC 122 101.89 225.39 196.04
CA ASP YC 122 101.01 224.21 196.09
C ASP YC 122 100.67 223.70 194.69
N LEU YC 123 100.35 224.62 193.77
CA LEU YC 123 99.94 224.29 192.41
C LEU YC 123 101.14 223.80 191.59
N LEU YC 124 102.31 224.43 191.79
CA LEU YC 124 103.53 224.03 191.12
C LEU YC 124 103.99 222.64 191.59
N VAL YC 125 103.91 222.37 192.90
CA VAL YC 125 104.24 221.07 193.48
C VAL YC 125 103.31 219.99 192.95
N LEU YC 126 102.01 220.29 192.83
CA LEU YC 126 101.04 219.34 192.29
C LEU YC 126 101.34 219.04 190.81
N ASP YC 127 101.62 220.06 190.01
CA ASP YC 127 101.93 219.89 188.59
C ASP YC 127 103.24 219.13 188.38
N LEU YC 128 104.32 219.51 189.09
CA LEU YC 128 105.62 218.88 188.94
C LEU YC 128 105.60 217.45 189.47
N GLY YC 129 104.96 217.24 190.63
CA GLY YC 129 104.81 215.92 191.21
C GLY YC 129 103.96 214.99 190.33
N GLY YC 130 102.91 215.56 189.73
CA GLY YC 130 102.07 214.85 188.78
C GLY YC 130 102.85 214.43 187.53
N ASP YC 131 103.59 215.39 186.96
CA ASP YC 131 104.44 215.15 185.79
C ASP YC 131 105.48 214.07 186.09
N ALA YC 132 106.05 214.09 187.31
CA ALA YC 132 107.12 213.17 187.69
C ALA YC 132 106.58 211.78 188.04
N LEU YC 133 105.24 211.64 188.16
CA LEU YC 133 104.58 210.35 188.28
C LEU YC 133 104.14 209.83 186.91
N TRP YC 134 103.57 210.71 186.07
CA TRP YC 134 103.10 210.37 184.74
C TRP YC 134 104.28 210.04 183.82
N TYR YC 135 105.21 210.98 183.68
CA TYR YC 135 106.38 210.87 182.82
C TYR YC 135 107.59 210.41 183.64
N PRO YC 136 108.73 210.00 183.03
CA PRO YC 136 109.93 209.63 183.78
C PRO YC 136 110.49 210.78 184.63
N TYR YC 137 110.32 212.02 184.16
CA TYR YC 137 110.86 213.23 184.78
C TYR YC 137 109.91 214.41 184.63
N ALA YC 138 110.04 215.39 185.55
CA ALA YC 138 109.61 216.76 185.35
C ALA YC 138 110.85 217.59 184.98
N VAL YC 139 110.68 218.65 184.16
CA VAL YC 139 111.79 219.43 183.62
C VAL YC 139 111.37 220.89 183.41
N GLY YC 140 112.31 221.84 183.54
CA GLY YC 140 111.97 223.26 183.44
C GLY YC 140 113.13 224.25 183.28
N GLU YC 141 112.75 225.51 183.07
CA GLU YC 141 113.59 226.70 182.95
C GLU YC 141 113.58 227.49 184.27
N ILE YC 142 114.53 228.41 184.44
CA ILE YC 142 114.49 229.46 185.44
C ILE YC 142 114.17 230.77 184.72
N GLN YC 143 113.14 231.51 185.19
CA GLN YC 143 112.63 232.68 184.49
C GLN YC 143 112.74 233.95 185.34
N GLU YC 144 112.98 235.08 184.66
CA GLU YC 144 113.22 236.38 185.27
C GLU YC 144 112.23 237.42 184.76
N THR YC 145 112.05 238.47 185.57
CA THR YC 145 111.49 239.76 185.17
C THR YC 145 112.40 240.42 184.14
N ILE YC 146 111.96 241.55 183.56
CA ILE YC 146 112.75 242.29 182.59
C ILE YC 146 113.93 242.99 183.28
N THR YC 147 113.74 243.38 184.55
CA THR YC 147 114.78 243.96 185.39
C THR YC 147 115.86 242.94 185.72
N GLY YC 148 115.50 241.66 185.78
CA GLY YC 148 116.47 240.58 185.99
C GLY YC 148 116.25 239.78 187.28
N GLU YC 149 115.44 240.34 188.19
CA GLU YC 149 115.00 239.67 189.41
C GLU YC 149 114.11 238.49 189.06
N PHE YC 150 114.01 237.50 189.97
CA PHE YC 150 113.33 236.23 189.76
C PHE YC 150 111.84 236.40 189.49
N LYS YC 151 111.29 235.55 188.61
CA LYS YC 151 109.85 235.46 188.35
C LYS YC 151 109.31 234.10 188.80
N GLU YC 152 109.79 233.00 188.20
CA GLU YC 152 109.30 231.65 188.45
C GLU YC 152 110.25 230.58 187.90
N ALA YC 153 110.15 229.35 188.43
CA ALA YC 153 110.79 228.18 187.84
C ALA YC 153 109.81 227.51 186.88
N LEU YC 154 109.77 228.00 185.64
CA LEU YC 154 108.78 227.63 184.62
C LEU YC 154 109.04 226.24 184.06
N PRO YC 155 108.16 225.23 184.25
CA PRO YC 155 108.33 223.92 183.61
C PRO YC 155 108.07 223.94 182.11
N ALA YC 156 108.59 222.91 181.41
CA ALA YC 156 108.41 222.73 179.99
C ALA YC 156 107.78 221.36 179.71
N GLU YC 157 106.97 221.27 178.64
CA GLU YC 157 106.06 220.16 178.38
C GLU YC 157 106.83 218.86 178.20
N PRO YC 158 106.77 217.91 179.18
CA PRO YC 158 107.76 216.82 179.26
C PRO YC 158 107.81 215.82 178.11
N TRP YC 159 106.68 215.63 177.41
CA TRP YC 159 106.61 214.73 176.27
C TRP YC 159 107.40 215.27 175.08
N THR YC 160 107.70 216.58 175.08
CA THR YC 160 108.41 217.25 174.00
C THR YC 160 109.93 217.19 174.17
N LEU YC 161 110.41 216.83 175.38
CA LEU YC 161 111.81 216.94 175.77
C LEU YC 161 112.42 215.58 176.11
N MET YC 162 113.62 215.30 175.61
CA MET YC 162 114.39 214.10 175.96
C MET YC 162 115.83 214.46 176.31
N PRO YC 163 116.46 213.81 177.33
CA PRO YC 163 117.82 214.14 177.77
C PRO YC 163 118.92 213.52 176.91
N GLU YC 164 120.10 214.17 176.93
CA GLU YC 164 121.34 213.64 176.39
C GLU YC 164 122.44 213.75 177.46
N SER YC 165 123.32 212.73 177.55
CA SER YC 165 124.12 212.49 178.75
C SER YC 165 125.58 212.13 178.43
N ASP YC 166 126.46 212.25 179.46
CA ASP YC 166 127.89 211.95 179.38
C ASP YC 166 128.18 210.50 179.75
N ALA YC 167 129.48 210.13 179.78
CA ALA YC 167 129.95 208.77 180.06
C ALA YC 167 129.70 208.36 181.51
N GLN YC 168 129.49 209.35 182.39
CA GLN YC 168 129.15 209.12 183.79
C GLN YC 168 127.63 209.13 183.98
N GLY YC 169 126.88 209.21 182.88
CA GLY YC 169 125.43 209.10 182.86
C GLY YC 169 124.67 210.39 183.23
N LYS YC 170 125.39 211.47 183.54
CA LYS YC 170 124.77 212.74 183.93
C LYS YC 170 124.26 213.48 182.69
N VAL YC 171 123.05 214.04 182.77
CA VAL YC 171 122.40 214.75 181.66
C VAL YC 171 123.10 216.10 181.45
N GLN YC 172 123.65 216.32 180.24
CA GLN YC 172 124.40 217.53 179.92
C GLN YC 172 123.64 218.43 178.94
N ALA YC 173 122.63 217.90 178.25
CA ALA YC 173 121.82 218.64 177.29
C ALA YC 173 120.39 218.09 177.20
N TRP YC 174 119.46 218.92 176.72
CA TRP YC 174 118.05 218.58 176.52
C TRP YC 174 117.65 218.85 175.06
N HIS YC 175 117.00 217.84 174.43
CA HIS YC 175 116.63 217.84 173.02
C HIS YC 175 115.10 217.94 172.91
N GLN YC 176 114.59 218.91 172.13
CA GLN YC 176 113.15 219.18 172.04
C GLN YC 176 112.64 218.97 170.60
N ARG YC 177 111.49 218.29 170.44
CA ARG YC 177 110.80 218.14 169.16
C ARG YC 177 109.32 218.52 169.34
N THR YC 178 108.81 219.43 168.49
CA THR YC 178 107.47 220.01 168.64
C THR YC 178 106.80 220.33 167.30
N LYS YC 179 105.45 220.28 167.28
CA LYS YC 179 104.62 220.73 166.17
C LYS YC 179 104.41 222.24 166.22
N THR YC 180 104.39 222.91 165.05
CA THR YC 180 103.95 224.29 164.85
C THR YC 180 103.40 224.45 163.44
N HIS YC 181 102.28 225.17 163.28
CA HIS YC 181 101.64 225.48 161.99
C HIS YC 181 101.33 224.23 161.16
N GLY YC 182 101.11 223.08 161.83
CA GLY YC 182 100.88 221.82 161.15
C GLY YC 182 102.17 221.10 160.74
N GLY YC 183 103.30 221.82 160.73
CA GLY YC 183 104.63 221.26 160.53
C GLY YC 183 105.35 221.00 161.86
N TYR YC 184 106.69 220.99 161.85
CA TYR YC 184 107.51 220.67 163.01
C TYR YC 184 108.75 221.57 163.13
N GLN YC 185 109.26 221.70 164.37
CA GLN YC 185 110.53 222.32 164.71
C GLN YC 185 111.27 221.43 165.73
N THR YC 186 112.60 221.36 165.63
CA THR YC 186 113.48 220.59 166.51
C THR YC 186 114.65 221.46 166.98
N GLN YC 187 115.09 221.29 168.24
CA GLN YC 187 116.22 222.03 168.81
C GLN YC 187 116.92 221.25 169.93
N THR YC 188 118.15 221.65 170.29
CA THR YC 188 118.89 221.16 171.45
C THR YC 188 119.40 222.33 172.30
N LEU YC 189 119.28 222.20 173.64
CA LEU YC 189 119.70 223.20 174.61
C LEU YC 189 120.67 222.57 175.62
N PRO YC 190 121.65 223.32 176.19
CA PRO YC 190 122.47 222.81 177.29
C PRO YC 190 121.67 222.71 178.58
N ALA YC 191 122.06 221.82 179.49
CA ALA YC 191 121.39 221.63 180.77
C ALA YC 191 121.79 222.69 181.79
N ASP YC 192 122.69 223.61 181.43
CA ASP YC 192 123.39 224.51 182.34
C ASP YC 192 122.44 225.51 183.02
N ASP YC 193 121.40 225.96 182.30
CA ASP YC 193 120.39 226.89 182.80
C ASP YC 193 119.01 226.23 182.92
N LEU YC 194 118.96 224.90 182.85
CA LEU YC 194 117.74 224.10 183.03
C LEU YC 194 117.82 223.29 184.32
N TRP YC 195 116.70 222.65 184.72
CA TRP YC 195 116.62 221.76 185.88
C TRP YC 195 115.59 220.66 185.64
N ILE YC 197 113.64 216.81 187.67
CA ILE YC 197 113.30 216.07 188.89
C ILE YC 197 112.71 214.69 188.54
N VAL YC 198 113.08 213.64 189.30
CA VAL YC 198 112.65 212.25 189.07
C VAL YC 198 112.14 211.63 190.37
N ILE YC 199 110.94 211.01 190.35
CA ILE YC 199 110.42 210.25 191.47
C ILE YC 199 110.82 208.78 191.33
N ASN YC 200 110.65 208.21 190.13
CA ASN YC 200 110.84 206.79 189.87
C ASN YC 200 112.16 206.54 189.13
N LYS YC 201 113.29 206.56 189.85
CA LYS YC 201 114.59 206.18 189.31
C LYS YC 201 114.68 204.67 189.10
N ALA YC 202 115.50 204.22 188.14
CA ALA YC 202 115.82 202.82 187.93
C ALA YC 202 116.85 202.32 188.96
N SER YC 203 117.75 203.21 189.41
CA SER YC 203 118.83 202.91 190.36
C SER YC 203 119.29 204.19 191.06
N ALA YC 204 120.12 204.06 192.10
CA ALA YC 204 120.67 205.21 192.81
C ALA YC 204 121.66 206.01 191.97
N ARG YC 205 122.13 205.42 190.85
CA ARG YC 205 123.06 206.05 189.91
C ARG YC 205 122.32 206.74 188.76
N ASP YC 206 121.08 206.32 188.49
CA ASP YC 206 120.24 206.83 187.42
C ASP YC 206 119.93 208.31 187.61
N GLU YC 207 119.59 208.99 186.50
CA GLU YC 207 119.17 210.39 186.50
C GLU YC 207 117.93 210.63 185.62
N VAL YC 208 117.40 209.59 184.95
CA VAL YC 208 116.34 209.76 183.95
C VAL YC 208 115.04 209.09 184.39
N GLY YC 209 115.12 207.91 185.03
CA GLY YC 209 113.95 207.27 185.60
C GLY YC 209 113.12 206.50 184.58
N ILE YC 210 111.99 205.95 185.05
CA ILE YC 210 111.05 205.15 184.28
C ILE YC 210 109.63 205.65 184.59
N SER YC 211 108.78 205.77 183.56
CA SER YC 211 107.36 206.00 183.75
C SER YC 211 106.65 204.68 184.06
N GLU YC 212 105.75 204.72 185.05
CA GLU YC 212 104.95 203.54 185.41
C GLU YC 212 103.97 203.18 184.29
N VAL YC 213 103.64 204.14 183.42
CA VAL YC 213 102.81 203.92 182.24
C VAL YC 213 103.52 203.00 181.24
N LEU YC 214 104.85 203.17 181.11
CA LEU YC 214 105.67 202.31 180.25
C LEU YC 214 106.02 201.01 180.95
N ARG YC 215 106.19 201.04 182.28
CA ARG YC 215 106.54 199.88 183.11
C ARG YC 215 105.40 198.85 183.15
N ASN YC 216 104.15 199.33 183.19
CA ASN YC 216 102.95 198.49 183.28
C ASN YC 216 102.09 198.64 182.02
N LYS YC 217 102.73 198.83 180.85
CA LYS YC 217 102.08 199.13 179.57
C LYS YC 217 101.09 198.04 179.17
N ASP YC 218 101.49 196.77 179.34
CA ASP YC 218 100.69 195.60 179.00
C ASP YC 218 99.43 195.52 179.86
N GLU YC 219 99.55 195.81 181.17
CA GLU YC 219 98.44 195.79 182.12
C GLU YC 219 97.41 196.87 181.76
N ILE YC 220 97.89 198.06 181.36
CA ILE YC 220 97.05 199.17 180.95
C ILE YC 220 96.29 198.81 179.67
N GLN YC 221 96.98 198.24 178.68
CA GLN YC 221 96.36 197.79 177.45
C GLN YC 221 95.35 196.67 177.71
N ALA YC 222 95.69 195.73 178.60
CA ALA YC 222 94.80 194.64 178.98
C ALA YC 222 93.53 195.16 179.64
N PHE YC 223 93.64 196.17 180.52
CA PHE YC 223 92.50 196.81 181.14
C PHE YC 223 91.56 197.42 180.09
N LYS YC 224 92.11 198.21 179.16
CA LYS YC 224 91.33 198.85 178.10
C LYS YC 224 90.66 197.81 177.21
N GLN YC 225 91.39 196.74 176.86
CA GLN YC 225 90.87 195.66 176.04
C GLN YC 225 89.69 194.97 176.74
N ASN YC 226 89.81 194.72 178.05
CA ASN YC 226 88.78 194.03 178.82
C ASN YC 226 87.52 194.88 178.95
N GLU YC 227 87.68 196.20 179.16
CA GLU YC 227 86.54 197.12 179.20
C GLU YC 227 85.80 197.13 177.86
N ALA YC 228 86.54 197.16 176.74
CA ALA YC 228 85.96 197.07 175.40
C ALA YC 228 85.27 195.73 175.19
N ALA YC 229 85.89 194.64 175.65
CA ALA YC 229 85.37 193.28 175.52
C ALA YC 229 84.03 193.13 176.25
N ILE YC 230 83.93 193.63 177.49
CA ILE YC 230 82.70 193.62 178.28
C ILE YC 230 81.64 194.50 177.60
N ASN YC 231 82.02 195.71 177.19
CA ASN YC 231 81.12 196.68 176.56
C ASN YC 231 80.39 196.05 175.37
N GLN YC 232 81.15 195.32 174.53
CA GLN YC 232 80.62 194.58 173.39
C GLN YC 232 79.79 193.37 173.85
N ALA YC 233 80.31 192.59 174.81
CA ALA YC 233 79.68 191.37 175.27
C ALA YC 233 78.34 191.62 175.97
N ILE YC 234 78.21 192.77 176.65
CA ILE YC 234 76.96 193.19 177.27
C ILE YC 234 75.90 193.47 176.20
N GLU YC 235 76.27 194.12 175.10
CA GLU YC 235 75.33 194.37 174.01
C GLU YC 235 74.85 193.05 173.38
N LEU YC 236 75.78 192.10 173.17
CA LEU YC 236 75.49 190.86 172.46
C LEU YC 236 74.77 189.85 173.35
N HIS YC 237 75.13 189.78 174.65
CA HIS YC 237 74.72 188.69 175.53
C HIS YC 237 73.96 189.17 176.79
N GLY YC 238 74.01 190.47 177.10
CA GLY YC 238 73.34 191.02 178.27
C GLY YC 238 71.87 191.31 178.08
N PHE YC 239 71.44 191.44 176.82
CA PHE YC 239 70.06 191.74 176.44
C PHE YC 239 69.42 190.54 175.74
N PRO YC 240 68.19 190.10 176.10
CA PRO YC 240 67.48 189.07 175.34
C PRO YC 240 67.16 189.56 173.93
N GLN YC 241 67.10 188.63 172.95
CA GLN YC 241 66.82 188.96 171.55
C GLN YC 241 65.77 187.99 171.00
N ARG YC 242 64.77 188.49 170.27
CA ARG YC 242 63.65 187.67 169.78
C ARG YC 242 64.02 186.93 168.50
N VAL YC 244 61.88 184.79 165.80
CA VAL YC 244 60.67 184.23 165.20
C VAL YC 244 61.05 183.16 164.19
N LYS YC 245 60.51 181.94 164.40
CA LYS YC 245 60.66 180.81 163.49
C LYS YC 245 59.34 180.56 162.77
N VAL YC 246 59.41 180.48 161.43
CA VAL YC 246 58.26 180.47 160.54
C VAL YC 246 58.20 179.13 159.82
N GLY YC 247 56.98 178.57 159.68
CA GLY YC 247 56.77 177.28 159.03
C GLY YC 247 56.83 176.12 160.00
N LYS YC 248 56.63 174.89 159.49
CA LYS YC 248 56.58 173.68 160.28
C LYS YC 248 57.81 172.82 160.00
N GLU YC 249 58.31 172.11 161.02
CA GLU YC 249 59.42 171.17 160.90
C GLU YC 249 59.00 170.05 159.94
N ASP YC 250 59.86 169.74 158.95
CA ASP YC 250 59.60 168.80 157.87
C ASP YC 250 58.41 169.23 157.00
N GLY YC 251 58.04 170.53 157.02
CA GLY YC 251 56.91 171.07 156.28
C GLY YC 251 57.33 171.89 155.07
N ALA YC 252 56.49 172.87 154.67
CA ALA YC 252 56.70 173.71 153.50
C ALA YC 252 57.88 174.67 153.72
N PRO YC 253 58.60 175.09 152.65
CA PRO YC 253 59.71 176.04 152.79
C PRO YC 253 59.23 177.47 153.03
N VAL YC 254 60.16 178.34 153.47
CA VAL YC 254 59.93 179.76 153.68
C VAL YC 254 61.10 180.54 153.08
N ARG YC 255 60.82 181.62 152.33
CA ARG YC 255 61.80 182.39 151.56
C ARG YC 255 61.86 183.83 152.06
N ASP YC 256 62.83 184.64 151.58
CA ASP YC 256 63.09 185.97 152.10
C ASP YC 256 61.88 186.90 151.96
N ASN YC 257 61.19 186.85 150.82
CA ASN YC 257 60.03 187.69 150.54
C ASN YC 257 58.85 187.34 151.46
N ASP YC 258 58.90 186.15 152.09
CA ASP YC 258 57.97 185.73 153.11
C ASP YC 258 58.38 186.31 154.47
N LEU YC 259 59.67 186.13 154.82
CA LEU YC 259 60.21 186.63 156.07
C LEU YC 259 60.10 188.15 156.17
N ARG YC 260 60.22 188.87 155.04
CA ARG YC 260 60.03 190.32 154.95
C ARG YC 260 58.64 190.73 155.42
N ARG YC 261 57.62 189.95 155.05
CA ARG YC 261 56.23 190.18 155.43
C ARG YC 261 55.97 189.86 156.90
N VAL YC 262 56.63 188.81 157.43
CA VAL YC 262 56.56 188.46 158.84
C VAL YC 262 57.22 189.56 159.69
N ARG YC 263 58.45 189.95 159.32
CA ARG YC 263 59.22 191.00 159.98
C ARG YC 263 58.44 192.31 160.05
N THR YC 264 57.66 192.62 159.01
CA THR YC 264 56.86 193.84 158.91
C THR YC 264 55.79 193.88 160.01
N ILE YC 265 55.28 192.71 160.42
CA ILE YC 265 54.27 192.59 161.46
C ILE YC 265 54.93 192.64 162.84
N PHE YC 266 56.00 191.84 163.02
CA PHE YC 266 56.65 191.62 164.31
C PHE YC 266 57.72 192.68 164.61
N ASP YC 267 57.71 193.82 163.89
CA ASP YC 267 58.76 194.83 163.93
C ASP YC 267 58.91 195.39 165.35
N PRO YC 268 60.09 195.23 166.02
CA PRO YC 268 60.29 195.80 167.36
C PRO YC 268 60.19 197.33 167.40
N ARG YC 269 60.44 197.99 166.26
CA ARG YC 269 60.33 199.43 166.05
C ARG YC 269 58.91 199.94 166.33
N THR YC 270 57.88 199.09 166.18
CA THR YC 270 56.48 199.48 166.35
C THR YC 270 55.72 198.60 167.36
N THR YC 271 56.44 197.76 168.12
CA THR YC 271 55.89 196.88 169.14
C THR YC 271 55.82 197.62 170.47
N ASP YC 272 54.94 197.20 171.39
CA ASP YC 272 54.81 197.78 172.72
C ASP YC 272 54.65 196.70 173.79
N ALA YC 273 54.77 197.10 175.07
CA ALA YC 273 54.76 196.24 176.24
C ALA YC 273 53.47 195.41 176.40
N ASN YC 274 52.37 195.81 175.75
CA ASN YC 274 51.07 195.18 175.91
C ASN YC 274 50.55 194.60 174.59
N THR YC 275 51.43 194.51 173.59
CA THR YC 275 51.14 193.92 172.28
C THR YC 275 50.80 192.44 172.42
N ALA YC 276 49.82 191.96 171.65
CA ALA YC 276 49.47 190.54 171.59
C ALA YC 276 49.56 190.03 170.15
N TYR YC 277 49.84 188.71 170.04
CA TYR YC 277 50.10 188.04 168.77
C TYR YC 277 49.12 186.88 168.58
N PHE YC 278 48.59 186.76 167.35
CA PHE YC 278 47.62 185.76 166.95
C PHE YC 278 48.19 184.98 165.77
N THR YC 279 48.30 183.65 165.89
CA THR YC 279 48.89 182.86 164.81
C THR YC 279 48.18 181.52 164.65
N GLY YC 280 48.37 180.91 163.47
CA GLY YC 280 48.23 179.46 163.33
C GLY YC 280 49.37 178.75 164.08
N GLN YC 281 49.32 177.42 164.12
CA GLN YC 281 50.25 176.61 164.90
C GLN YC 281 51.68 176.66 164.34
N ASP YC 282 51.88 177.14 163.10
CA ASP YC 282 53.14 177.01 162.38
C ASP YC 282 53.97 178.29 162.37
N VAL YC 283 53.89 179.08 163.46
CA VAL YC 283 54.79 180.18 163.78
C VAL YC 283 55.14 180.11 165.27
N ASP YC 284 56.44 180.16 165.59
CA ASP YC 284 56.95 180.17 166.96
C ASP YC 284 57.70 181.49 167.22
N VAL YC 285 57.41 182.12 168.36
CA VAL YC 285 57.99 183.41 168.76
C VAL YC 285 58.96 183.16 169.93
N GLU YC 286 60.09 182.51 169.63
CA GLU YC 286 61.09 182.19 170.64
C GLU YC 286 61.96 183.40 170.98
N THR YC 287 62.66 183.33 172.12
CA THR YC 287 63.65 184.34 172.52
C THR YC 287 64.99 183.67 172.86
N LEU YC 288 66.06 184.28 172.35
CA LEU YC 288 67.41 184.09 172.87
C LEU YC 288 67.50 184.81 174.22
N GLU YC 289 67.37 184.03 175.31
CA GLU YC 289 67.51 184.57 176.66
C GLU YC 289 68.94 185.06 176.85
N ALA YC 290 69.11 186.15 177.59
CA ALA YC 290 70.41 186.73 177.88
C ALA YC 290 71.31 185.70 178.56
N ASN YC 292 73.71 184.96 180.64
CA ASN YC 292 74.31 185.67 181.77
C ASN YC 292 75.68 185.11 182.12
N PHE YC 293 76.61 186.02 182.42
CA PHE YC 293 78.00 185.73 182.82
C PHE YC 293 78.44 186.75 183.88
N ASP YC 294 79.49 186.43 184.64
CA ASP YC 294 79.87 187.19 185.82
C ASP YC 294 80.82 188.33 185.45
N TYR YC 295 80.35 189.28 184.64
CA TYR YC 295 81.11 190.46 184.25
C TYR YC 295 81.49 191.32 185.47
N SER YC 296 80.67 191.28 186.53
CA SER YC 296 80.94 191.97 187.78
C SER YC 296 82.28 191.51 188.37
N ALA YC 297 82.50 190.19 188.43
CA ALA YC 297 83.76 189.63 188.91
C ALA YC 297 84.91 189.96 187.95
N ILE YC 298 84.65 190.07 186.64
CA ILE YC 298 85.66 190.50 185.68
C ILE YC 298 86.07 191.95 185.97
N HIS YC 299 85.10 192.83 186.22
CA HIS YC 299 85.34 194.21 186.62
C HIS YC 299 86.20 194.30 187.88
N GLU YC 300 85.86 193.50 188.89
CA GLU YC 300 86.62 193.47 190.14
C GLU YC 300 88.05 192.99 189.90
N MET YC 301 88.24 191.97 189.04
CA MET YC 301 89.56 191.47 188.70
C MET YC 301 90.39 192.50 187.93
N ASP YC 302 89.77 193.18 186.95
CA ASP YC 302 90.40 194.24 186.18
C ASP YC 302 90.89 195.35 187.12
N MET YC 303 90.02 195.77 188.05
CA MET YC 303 90.32 196.86 188.97
C MET YC 303 91.41 196.44 189.95
N ARG YC 304 91.35 195.19 190.43
CA ARG YC 304 92.38 194.59 191.29
C ARG YC 304 93.74 194.61 190.59
N ASN YC 305 93.77 194.16 189.32
CA ASN YC 305 94.98 194.10 188.52
C ASN YC 305 95.59 195.49 188.34
N LEU YC 306 94.79 196.46 187.89
CA LEU YC 306 95.29 197.79 187.57
C LEU YC 306 95.68 198.57 188.82
N THR YC 307 94.89 198.52 189.90
CA THR YC 307 95.19 199.26 191.12
C THR YC 307 96.49 198.76 191.76
N THR YC 308 96.62 197.43 191.91
CA THR YC 308 97.81 196.83 192.52
C THR YC 308 99.05 197.02 191.65
N ALA YC 309 98.89 197.04 190.31
CA ALA YC 309 99.98 197.38 189.40
C ALA YC 309 100.45 198.81 189.63
N LEU YC 310 99.51 199.74 189.84
CA LEU YC 310 99.79 201.15 190.12
C LEU YC 310 100.06 201.40 191.61
N GLY YC 311 100.07 200.36 192.44
CA GLY YC 311 100.40 200.45 193.86
C GLY YC 311 99.32 201.04 194.76
N LEU YC 312 98.13 201.31 194.20
CA LEU YC 312 97.00 201.85 194.94
C LEU YC 312 96.26 200.74 195.70
N PRO YC 313 95.55 201.06 196.82
CA PRO YC 313 94.62 200.11 197.42
C PRO YC 313 93.39 199.98 196.53
N LEU YC 314 92.78 198.78 196.50
CA LEU YC 314 91.65 198.47 195.63
C LEU YC 314 90.45 199.37 195.91
N GLU YC 315 90.30 199.80 197.17
CA GLU YC 315 89.25 200.70 197.63
C GLU YC 315 89.25 202.04 196.85
N ALA YC 316 90.39 202.41 196.27
CA ALA YC 316 90.52 203.66 195.51
C ALA YC 316 89.85 203.55 194.14
N GLY YC 317 89.63 202.31 193.68
CA GLY YC 317 89.09 202.05 192.35
C GLY YC 317 87.57 201.85 192.33
N ASN YC 318 86.87 202.26 193.39
CA ASN YC 318 85.43 202.10 193.56
C ASN YC 318 85.02 200.61 193.53
N VAL YC 319 85.86 199.73 194.12
CA VAL YC 319 85.63 198.29 194.22
C VAL YC 319 85.94 197.83 195.65
N GLY YC 320 85.15 196.87 196.17
CA GLY YC 320 85.25 196.44 197.56
C GLY YC 320 86.18 195.24 197.78
N ALA YC 321 86.36 194.88 199.07
CA ALA YC 321 87.00 193.64 199.50
C ALA YC 321 86.35 193.14 200.79
N ASP YC 322 86.14 191.81 200.90
CA ASP YC 322 85.44 191.20 202.02
C ASP YC 322 86.41 190.94 203.19
N GLY YC 323 85.91 191.11 204.43
CA GLY YC 323 86.67 190.86 205.65
C GLY YC 323 87.69 191.93 206.01
N LEU YC 324 88.27 192.57 204.98
CA LEU YC 324 89.41 193.47 205.11
C LEU YC 324 88.99 194.87 205.57
N GLY YC 325 87.71 195.08 205.89
CA GLY YC 325 87.19 196.40 206.24
C GLY YC 325 87.26 196.76 207.73
N SER YC 326 87.99 196.00 208.56
CA SER YC 326 88.03 196.20 210.00
C SER YC 326 89.40 195.89 210.62
N GLY YC 327 89.73 196.54 211.75
CA GLY YC 327 90.91 196.28 212.55
C GLY YC 327 92.21 196.65 211.83
N LYS YC 328 93.35 196.17 212.37
CA LYS YC 328 94.65 196.36 211.74
C LYS YC 328 94.76 195.61 210.41
N PRO YC 329 94.01 194.50 210.17
CA PRO YC 329 93.80 193.99 208.80
C PRO YC 329 93.28 194.99 207.77
N ALA YC 330 92.59 196.05 208.21
CA ALA YC 330 92.31 197.20 207.36
C ALA YC 330 93.53 198.12 207.27
N GLU YC 331 94.07 198.53 208.43
CA GLU YC 331 95.03 199.62 208.55
C GLU YC 331 96.30 199.39 207.74
N LEU YC 332 96.72 198.13 207.51
CA LEU YC 332 97.96 197.81 206.81
C LEU YC 332 98.03 198.42 205.41
N ARG YC 333 96.91 198.43 204.65
CA ARG YC 333 96.90 198.99 203.31
C ARG YC 333 97.09 200.50 203.33
N PHE YC 334 96.44 201.18 204.28
CA PHE YC 334 96.55 202.62 204.49
C PHE YC 334 97.95 202.99 204.98
N ALA YC 335 98.56 202.12 205.80
CA ALA YC 335 99.93 202.27 206.25
C ALA YC 335 100.92 202.16 205.11
N LEU YC 336 100.73 201.18 204.21
CA LEU YC 336 101.57 200.99 203.03
C LEU YC 336 101.45 202.19 202.09
N LEU YC 337 100.25 202.78 202.02
CA LEU YC 337 100.00 203.96 201.21
C LEU YC 337 100.71 205.17 201.79
N LYS YC 338 100.66 205.35 203.13
CA LYS YC 338 101.33 206.45 203.80
C LYS YC 338 102.85 206.33 203.65
N LEU YC 339 103.38 205.10 203.73
CA LEU YC 339 104.79 204.82 203.50
C LEU YC 339 105.23 205.31 202.12
N ALA YC 340 104.48 204.92 201.07
CA ALA YC 340 104.77 205.31 199.69
C ALA YC 340 104.70 206.83 199.52
N ILE YC 341 103.68 207.48 200.10
CA ILE YC 341 103.49 208.91 200.03
C ILE YC 341 104.65 209.66 200.69
N LYS YC 342 105.02 209.28 201.93
CA LYS YC 342 106.10 209.91 202.66
C LYS YC 342 107.43 209.78 201.92
N ALA YC 343 107.71 208.59 201.36
CA ALA YC 343 108.90 208.35 200.56
C ALA YC 343 108.94 209.24 199.33
N ASN YC 344 107.82 209.34 198.60
CA ASN YC 344 107.70 210.14 197.38
C ASN YC 344 107.87 211.63 197.69
N GLN YC 345 107.18 212.12 198.74
CA GLN YC 345 107.21 213.52 199.16
C GLN YC 345 108.63 213.94 199.55
N ARG YC 346 109.30 213.16 200.40
CA ARG YC 346 110.67 213.45 200.82
C ARG YC 346 111.63 213.40 199.64
N SER YC 347 111.39 212.49 198.68
CA SER YC 347 112.20 212.38 197.47
C SER YC 347 112.06 213.63 196.61
N PHE YC 348 110.85 214.21 196.56
CA PHE YC 348 110.58 215.39 195.76
C PHE YC 348 111.19 216.63 196.42
N SER YC 349 111.00 216.79 197.73
CA SER YC 349 111.45 217.95 198.49
C SER YC 349 112.95 218.17 198.36
N VAL YC 350 113.73 217.09 198.50
CA VAL YC 350 115.18 217.15 198.43
C VAL YC 350 115.62 217.68 197.07
N GLN YC 351 114.99 217.19 195.99
CA GLN YC 351 115.36 217.56 194.63
C GLN YC 351 114.96 219.00 194.32
N PHE YC 352 113.76 219.43 194.76
CA PHE YC 352 113.29 220.79 194.52
C PHE YC 352 114.15 221.81 195.27
N VAL YC 353 114.56 221.49 196.52
CA VAL YC 353 115.45 222.34 197.29
C VAL YC 353 116.82 222.45 196.61
N GLU YC 354 117.44 221.30 196.30
CA GLU YC 354 118.82 221.23 195.84
C GLU YC 354 119.01 221.70 194.40
N ARG YC 355 117.97 221.57 193.55
CA ARG YC 355 118.08 221.86 192.12
C ARG YC 355 117.18 223.01 191.65
N VAL YC 356 116.32 223.58 192.53
CA VAL YC 356 115.53 224.76 192.19
C VAL YC 356 115.72 225.87 193.22
N MET YC 357 115.37 225.62 194.50
CA MET YC 357 115.32 226.68 195.50
C MET YC 357 116.71 227.27 195.77
N ARG YC 358 117.74 226.42 195.90
CA ARG YC 358 119.10 226.87 196.18
C ARG YC 358 119.67 227.72 195.05
N PRO YC 359 119.68 227.27 193.76
CA PRO YC 359 120.02 228.15 192.63
C PRO YC 359 119.29 229.48 192.56
N VAL YC 360 118.00 229.51 192.91
CA VAL YC 360 117.19 230.72 192.90
C VAL YC 360 117.67 231.68 193.98
N VAL YC 361 117.94 231.19 195.19
CA VAL YC 361 118.48 232.01 196.28
C VAL YC 361 119.88 232.53 195.91
N ARG YC 362 120.72 231.67 195.30
CA ARG YC 362 122.08 232.00 194.89
C ARG YC 362 122.11 233.21 193.96
N ASP YC 363 121.25 233.22 192.93
CA ASP YC 363 121.32 234.16 191.83
C ASP YC 363 120.48 235.43 192.04
N TYR YC 364 119.46 235.40 192.92
CA TYR YC 364 118.49 236.48 193.01
C TYR YC 364 118.28 237.02 194.43
N SER YC 365 118.83 236.35 195.46
CA SER YC 365 118.59 236.71 196.86
C SER YC 365 119.86 237.27 197.50
N PRO YC 366 119.77 238.25 198.44
CA PRO YC 366 120.93 238.69 199.20
C PRO YC 366 121.39 237.75 200.32
N PHE YC 367 120.68 236.63 200.52
CA PHE YC 367 121.00 235.62 201.53
C PHE YC 367 121.98 234.57 200.98
N ASP YC 368 122.62 233.82 201.87
CA ASP YC 368 123.48 232.68 201.54
C ASP YC 368 122.60 231.48 201.20
N HIS YC 369 122.86 230.84 200.05
CA HIS YC 369 122.05 229.73 199.55
C HIS YC 369 122.47 228.41 200.18
N GLU YC 370 123.64 228.37 200.82
CA GLU YC 370 124.18 227.15 201.41
C GLU YC 370 123.61 226.89 202.79
N ALA YC 371 122.76 227.79 203.30
CA ALA YC 371 121.93 227.56 204.48
C ALA YC 371 120.85 226.52 204.17
N ASP YC 372 120.33 225.83 205.20
CA ASP YC 372 119.40 224.73 205.02
C ASP YC 372 117.95 225.22 204.90
N ILE YC 373 117.48 225.36 203.65
CA ILE YC 373 116.08 225.52 203.30
C ILE YC 373 115.37 224.19 203.52
N ARG YC 374 114.14 224.25 204.07
CA ARG YC 374 113.28 223.10 204.35
C ARG YC 374 111.96 223.27 203.61
N LEU YC 375 111.54 222.24 202.85
CA LEU YC 375 110.24 222.19 202.18
C LEU YC 375 109.52 220.90 202.56
N GLU YC 376 108.30 221.03 203.11
CA GLU YC 376 107.47 219.88 203.45
C GLU YC 376 106.14 219.94 202.71
N ILE YC 377 105.58 218.75 202.40
CA ILE YC 377 104.32 218.58 201.67
C ILE YC 377 103.34 217.86 202.60
N ASN YC 378 102.07 218.33 202.62
CA ASN YC 378 101.08 217.90 203.59
C ASN YC 378 100.63 216.46 203.33
N ASP YC 379 100.13 215.78 204.37
CA ASP YC 379 99.76 214.36 204.33
C ASP YC 379 98.24 214.23 204.16
N PRO YC 380 97.73 213.54 203.11
CA PRO YC 380 96.29 213.40 202.90
C PRO YC 380 95.58 212.50 203.91
N LEU YC 381 96.36 211.71 204.65
CA LEU YC 381 95.84 210.76 205.63
C LEU YC 381 96.21 211.17 207.06
N GLU YC 382 96.50 212.46 207.26
CA GLU YC 382 96.57 213.11 208.57
C GLU YC 382 95.16 213.14 209.17
N ASP YC 383 95.06 212.92 210.49
CA ASP YC 383 93.79 212.91 211.21
C ASP YC 383 93.81 214.01 212.27
N ILE YC 384 92.85 214.95 212.20
CA ILE YC 384 92.74 216.09 213.10
C ILE YC 384 92.35 215.59 214.50
N GLY YC 385 91.51 214.56 214.57
CA GLY YC 385 91.09 213.93 215.81
C GLY YC 385 92.25 213.25 216.55
N GLU YC 386 93.17 212.63 215.79
CA GLU YC 386 94.37 212.02 216.33
C GLU YC 386 95.26 213.08 216.96
N VAL YC 387 95.45 214.21 216.26
CA VAL YC 387 96.23 215.35 216.73
C VAL YC 387 95.59 215.95 217.98
N ALA YC 388 94.27 216.12 217.98
CA ALA YC 388 93.53 216.70 219.10
C ALA YC 388 93.61 215.81 220.35
N ASP YC 389 93.44 214.49 220.17
CA ASP YC 389 93.59 213.53 221.25
C ASP YC 389 95.02 213.54 221.79
N LEU YC 390 96.02 213.56 220.90
CA LEU YC 390 97.43 213.60 221.28
C LEU YC 390 97.73 214.86 222.11
N ILE YC 391 97.14 215.99 221.74
CA ILE YC 391 97.29 217.25 222.46
C ILE YC 391 96.69 217.13 223.87
N GLN YC 392 95.53 216.47 224.00
CA GLN YC 392 94.89 216.26 225.29
C GLN YC 392 95.69 215.28 226.15
N GLN YC 393 96.23 214.22 225.54
CA GLN YC 393 96.85 213.12 226.26
C GLN YC 393 98.30 213.42 226.67
N VAL YC 394 99.06 214.14 225.82
CA VAL YC 394 100.50 214.31 226.00
C VAL YC 394 100.99 215.74 225.74
N GLY YC 395 100.08 216.72 225.60
CA GLY YC 395 100.44 218.12 225.43
C GLY YC 395 101.34 218.66 226.54
N ASP YC 396 101.27 218.03 227.72
CA ASP YC 396 102.11 218.29 228.89
C ASP YC 396 103.61 218.09 228.60
N TYR YC 397 103.95 217.50 227.44
CA TYR YC 397 105.32 217.17 227.06
C TYR YC 397 105.73 217.82 225.72
N MET YC 398 104.86 218.66 225.13
CA MET YC 398 105.13 219.38 223.90
C MET YC 398 105.19 220.89 224.17
N THR YC 399 106.12 221.61 223.52
CA THR YC 399 106.13 223.07 223.59
C THR YC 399 104.92 223.63 222.85
N ASN YC 400 104.59 224.89 223.11
CA ASN YC 400 103.46 225.55 222.47
C ASN YC 400 103.71 225.67 220.97
N GLU YC 401 104.98 225.86 220.57
CA GLU YC 401 105.36 225.86 219.16
C GLU YC 401 105.20 224.48 218.52
N GLN YC 402 105.52 223.40 219.27
CA GLN YC 402 105.38 222.04 218.78
C GLN YC 402 103.90 221.68 218.60
N VAL YC 403 103.05 222.13 219.52
CA VAL YC 403 101.60 222.02 219.42
C VAL YC 403 101.12 222.75 218.16
N ALA YC 404 101.54 224.01 217.98
CA ALA YC 404 101.14 224.84 216.84
C ALA YC 404 101.55 224.21 215.51
N GLU YC 405 102.78 223.71 215.41
CA GLU YC 405 103.30 223.06 214.20
C GLU YC 405 102.50 221.82 213.82
N LYS YC 406 102.05 221.04 214.82
CA LYS YC 406 101.28 219.82 214.61
C LYS YC 406 99.81 220.13 214.33
N LEU YC 407 99.30 221.21 214.93
CA LEU YC 407 97.90 221.62 214.83
C LEU YC 407 97.63 222.50 213.60
N ASP YC 408 98.67 222.80 212.81
CA ASP YC 408 98.60 223.64 211.60
C ASP YC 408 98.26 225.09 211.97
N LEU YC 409 99.11 225.72 212.81
CA LEU YC 409 98.94 227.09 213.28
C LEU YC 409 100.28 227.80 213.41
N PRO YC 410 100.32 229.16 213.33
CA PRO YC 410 101.47 229.94 213.78
C PRO YC 410 101.74 229.73 215.27
N ALA YC 411 103.03 229.72 215.64
CA ALA YC 411 103.46 229.69 217.04
C ALA YC 411 103.15 231.02 217.72
N PRO YC 412 103.05 231.08 219.08
CA PRO YC 412 102.89 232.36 219.80
C PRO YC 412 103.95 233.41 219.47
N GLU YC 413 103.56 234.70 219.59
CA GLU YC 413 104.36 235.82 219.11
C GLU YC 413 105.45 236.26 220.10
N ASP YC 414 105.51 235.64 221.29
CA ASP YC 414 106.50 235.94 222.33
C ASP YC 414 107.30 234.67 222.65
N ASP YC 415 108.64 234.78 222.71
CA ASP YC 415 109.56 233.66 222.62
C ASP YC 415 109.31 232.59 223.69
N GLU YC 416 109.18 233.00 224.96
CA GLU YC 416 108.97 232.07 226.06
C GLU YC 416 107.56 231.47 226.05
N VAL YC 417 106.58 232.20 225.48
CA VAL YC 417 105.23 231.68 225.33
C VAL YC 417 105.21 230.55 224.29
N ALA YC 418 106.05 230.68 223.25
CA ALA YC 418 106.19 229.67 222.22
C ALA YC 418 106.99 228.46 222.74
N ASP YC 419 108.08 228.74 223.48
CA ASP YC 419 109.07 227.75 223.90
C ASP YC 419 108.57 226.92 225.09
N SER YC 420 107.70 227.49 225.93
CA SER YC 420 107.17 226.83 227.12
C SER YC 420 106.27 225.65 226.76
N TYR YC 421 106.10 224.73 227.72
CA TYR YC 421 105.36 223.49 227.56
C TYR YC 421 103.89 223.62 227.99
N ARG YC 422 103.58 224.40 229.03
CA ARG YC 422 102.21 224.56 229.50
C ARG YC 422 101.44 225.52 228.59
N SER YC 423 100.12 225.32 228.50
CA SER YC 423 99.20 226.00 227.59
C SER YC 423 99.29 227.52 227.71
N PRO YC 424 99.15 228.28 226.59
CA PRO YC 424 99.07 229.74 226.65
C PRO YC 424 97.82 230.23 227.39
N ALA YC 425 96.70 229.54 227.21
CA ALA YC 425 95.47 229.83 227.95
C ALA YC 425 95.69 229.65 229.45
N ASP YC 426 96.44 228.61 229.84
CA ASP YC 426 96.76 228.32 231.23
C ASP YC 426 97.67 229.41 231.82
N MET YC 427 98.60 229.93 231.03
CA MET YC 427 99.49 231.00 231.48
C MET YC 427 98.71 232.30 231.62
N GLU YC 428 97.68 232.50 230.77
CA GLU YC 428 96.87 233.70 230.76
C GLU YC 428 95.91 233.71 231.95
N LYS YC 429 95.24 232.57 232.23
CA LYS YC 429 94.24 232.49 233.28
C LYS YC 429 94.88 232.56 234.68
N ASP YC 430 96.17 232.20 234.77
CA ASP YC 430 96.95 232.39 235.99
C ASP YC 430 97.37 233.86 236.14
N GLU YC 431 97.87 234.48 235.06
CA GLU YC 431 98.41 235.84 235.07
C GLU YC 431 97.31 236.86 235.38
N ALA YC 432 96.05 236.54 235.06
CA ALA YC 432 94.89 237.35 235.39
C ALA YC 432 94.69 237.53 236.89
N GLY YC 433 95.37 236.72 237.72
CA GLY YC 433 95.28 236.81 239.17
C GLY YC 433 96.38 237.64 239.84
N VAL YC 434 97.32 238.17 239.05
CA VAL YC 434 98.48 238.92 239.54
C VAL YC 434 98.09 240.38 239.79
N ALA ZC 31 143.85 180.68 221.74
CA ALA ZC 31 143.15 180.32 220.47
C ALA ZC 31 143.93 180.88 219.28
N SER ZC 32 143.28 181.62 218.37
CA SER ZC 32 143.91 182.13 217.16
C SER ZC 32 143.32 183.48 216.71
N SER ZC 33 144.08 184.23 215.88
CA SER ZC 33 143.70 185.56 215.42
C SER ZC 33 143.18 185.55 213.98
N THR ZC 34 143.07 184.36 213.38
CA THR ZC 34 142.63 184.15 212.00
C THR ZC 34 141.73 182.90 211.95
N PRO ZC 35 140.82 182.75 210.95
CA PRO ZC 35 139.90 181.60 210.93
C PRO ZC 35 140.58 180.27 210.64
N GLN ZC 36 140.02 179.18 211.20
CA GLN ZC 36 140.57 177.83 211.09
C GLN ZC 36 139.55 176.83 210.55
N THR ZC 37 138.26 177.08 210.79
CA THR ZC 37 137.19 176.40 210.08
C THR ZC 37 137.09 176.95 208.65
N ASN ZC 38 136.97 176.05 207.66
CA ASN ZC 38 136.82 176.39 206.25
C ASN ZC 38 135.39 176.88 205.96
N VAL ZC 39 135.17 177.50 204.78
CA VAL ZC 39 133.98 178.30 204.49
C VAL ZC 39 133.32 177.90 203.16
N ASP ZC 40 133.46 176.63 202.75
CA ASP ZC 40 132.62 175.86 201.81
C ASP ZC 40 132.54 176.38 200.37
N SER ZC 41 133.32 177.41 200.00
CA SER ZC 41 133.49 177.84 198.62
C SER ZC 41 134.81 178.61 198.45
N MET ZC 42 135.42 178.51 197.26
CA MET ZC 42 136.59 179.30 196.85
C MET ZC 42 136.79 179.19 195.34
N GLY ZC 43 137.03 180.33 194.67
CA GLY ZC 43 137.55 180.36 193.30
C GLY ZC 43 136.58 179.99 192.18
N GLY ZC 44 135.43 179.40 192.51
CA GLY ZC 44 134.51 178.90 191.49
C GLY ZC 44 134.94 177.52 190.98
N GLY ZC 45 135.33 177.46 189.70
CA GLY ZC 45 135.76 176.23 189.07
C GLY ZC 45 137.15 175.79 189.51
N ASP ZC 54 128.41 182.53 193.90
CA ASP ZC 54 127.76 181.32 193.35
C ASP ZC 54 126.92 181.68 192.13
N LEU ZC 55 127.08 182.93 191.64
CA LEU ZC 55 126.26 183.49 190.56
C LEU ZC 55 127.05 184.54 189.75
N THR ZC 56 126.50 184.96 188.60
CA THR ZC 56 127.21 185.70 187.55
C THR ZC 56 126.46 186.96 187.14
N PHE ZC 57 127.05 187.75 186.23
CA PHE ZC 57 126.47 188.96 185.70
C PHE ZC 57 125.16 188.67 184.97
N GLU ZC 58 125.01 187.46 184.42
CA GLU ZC 58 123.80 187.03 183.72
C GLU ZC 58 122.65 186.84 184.71
N ASP ZC 59 122.93 186.23 185.87
CA ASP ZC 59 121.96 186.01 186.93
C ASP ZC 59 121.55 187.34 187.55
N LEU ZC 60 122.53 188.24 187.73
CA LEU ZC 60 122.35 189.60 188.22
C LEU ZC 60 121.42 190.39 187.29
N ARG ZC 61 121.56 190.20 185.97
CA ARG ZC 61 120.72 190.87 184.97
C ARG ZC 61 119.32 190.26 184.91
N ASP ZC 62 119.20 188.96 185.24
CA ASP ZC 62 117.91 188.31 185.39
C ASP ZC 62 117.14 188.92 186.56
N ILE ZC 63 117.83 189.19 187.68
CA ILE ZC 63 117.25 189.89 188.83
C ILE ZC 63 116.79 191.28 188.41
N LYS ZC 64 117.61 191.99 187.63
CA LYS ZC 64 117.30 193.33 187.13
C LYS ZC 64 116.02 193.31 186.30
N ASP ZC 65 115.84 192.29 185.44
CA ASP ZC 65 114.66 192.15 184.60
C ASP ZC 65 113.40 191.90 185.44
N VAL ZC 66 113.49 191.08 186.49
CA VAL ZC 66 112.35 190.79 187.36
C VAL ZC 66 111.99 192.05 188.14
N ARG ZC 67 112.99 192.84 188.54
CA ARG ZC 67 112.84 194.07 189.29
C ARG ZC 67 112.24 195.18 188.43
N ASP ZC 68 112.74 195.39 187.20
CA ASP ZC 68 112.36 196.53 186.40
C ASP ZC 68 111.02 196.34 185.68
N SER ZC 69 110.63 195.09 185.39
CA SER ZC 69 109.47 194.77 184.56
C SER ZC 69 108.12 194.99 185.25
N GLY ZC 70 108.11 195.34 186.55
CA GLY ZC 70 106.90 195.80 187.23
C GLY ZC 70 105.91 194.69 187.57
N GLY ZC 71 104.62 195.04 187.65
CA GLY ZC 71 103.56 194.10 188.00
C GLY ZC 71 103.50 193.80 189.49
N GLN ZC 72 102.59 192.89 189.89
CA GLN ZC 72 102.20 192.67 191.28
C GLN ZC 72 103.39 192.22 192.14
N VAL ZC 73 104.27 191.37 191.59
CA VAL ZC 73 105.45 190.84 192.27
C VAL ZC 73 106.38 191.98 192.69
N ALA ZC 74 106.65 192.91 191.76
CA ALA ZC 74 107.52 194.04 192.02
C ALA ZC 74 106.92 194.98 193.06
N GLN ZC 75 105.61 195.24 192.97
CA GLN ZC 75 104.91 196.08 193.93
C GLN ZC 75 104.96 195.47 195.33
N LEU ZC 76 104.82 194.15 195.44
CA LEU ZC 76 104.92 193.44 196.71
C LEU ZC 76 106.33 193.53 197.30
N MET ZC 77 107.37 193.42 196.46
CA MET ZC 77 108.74 193.58 196.93
C MET ZC 77 109.03 195.02 197.35
N ASP ZC 78 108.42 196.00 196.66
CA ASP ZC 78 108.51 197.41 197.04
C ASP ZC 78 107.80 197.67 198.37
N TYR ZC 79 106.66 196.99 198.61
CA TYR ZC 79 105.96 197.04 199.88
C TYR ZC 79 106.85 196.44 200.98
N LYS ZC 80 107.56 195.35 200.67
CA LYS ZC 80 108.48 194.70 201.59
C LYS ZC 80 109.61 195.67 201.97
N ALA ZC 81 110.20 196.34 200.97
CA ALA ZC 81 111.26 197.31 201.19
C ALA ZC 81 110.78 198.49 202.03
N LEU ZC 82 109.57 199.01 201.72
CA LEU ZC 82 108.99 200.14 202.43
C LEU ZC 82 108.71 199.80 203.89
N LEU ZC 83 108.22 198.58 204.17
CA LEU ZC 83 107.92 198.13 205.52
C LEU ZC 83 109.18 198.06 206.39
N ASN ZC 84 110.35 197.83 205.77
CA ASN ZC 84 111.62 197.71 206.47
C ASN ZC 84 112.36 199.04 206.57
N PHE ZC 85 112.26 199.91 205.54
CA PHE ZC 85 113.20 201.02 205.38
C PHE ZC 85 112.55 202.37 204.98
N GLY ZC 86 111.22 202.42 204.82
CA GLY ZC 86 110.53 203.58 204.27
C GLY ZC 86 110.17 204.67 205.28
N GLU ZC 87 110.11 204.31 206.58
CA GLU ZC 87 109.58 205.18 207.63
C GLU ZC 87 110.61 206.20 208.14
N GLY ZC 88 111.87 206.14 207.66
CA GLY ZC 88 112.88 207.15 207.96
C GLY ZC 88 113.84 206.75 209.08
N CYS ZC 89 114.91 207.56 209.29
CA CYS ZC 89 116.06 207.19 210.09
C CYS ZC 89 116.64 208.35 210.90
N GLU ZC 90 117.52 208.04 211.87
CA GLU ZC 90 118.15 208.99 212.80
C GLU ZC 90 119.52 208.48 213.23
N ILE ZC 91 120.49 209.40 213.45
CA ILE ZC 91 121.84 209.07 213.89
C ILE ZC 91 122.05 209.47 215.34
N HIS ZC 92 122.73 208.61 216.12
CA HIS ZC 92 123.08 208.85 217.52
C HIS ZC 92 124.50 208.35 217.81
N VAL ZC 93 125.10 208.82 218.92
CA VAL ZC 93 126.30 208.26 219.52
C VAL ZC 93 126.09 208.24 221.03
N GLU ZC 94 126.51 207.17 221.73
CA GLU ZC 94 126.41 207.16 223.19
C GLU ZC 94 127.40 208.16 223.77
N GLY ZC 95 126.90 209.06 224.65
CA GLY ZC 95 127.68 210.14 225.22
C GLY ZC 95 128.10 211.22 224.22
N ASP ZC 96 127.26 211.49 223.21
CA ASP ZC 96 127.54 212.40 222.12
C ASP ZC 96 127.89 213.81 222.60
N ASP ZC 97 127.31 214.24 223.72
CA ASP ZC 97 127.54 215.57 224.29
C ASP ZC 97 128.98 215.74 224.78
N GLU ZC 98 129.70 214.64 225.00
CA GLU ZC 98 131.12 214.67 225.36
C GLU ZC 98 132.00 215.06 224.17
N THR ZC 99 131.45 214.99 222.95
CA THR ZC 99 132.23 215.20 221.73
C THR ZC 99 132.36 216.68 221.34
N LYS ZC 100 131.56 217.57 221.95
CA LYS ZC 100 131.41 218.97 221.59
C LYS ZC 100 132.75 219.65 221.29
N GLN ZC 101 132.98 220.05 220.03
CA GLN ZC 101 134.27 220.50 219.51
C GLN ZC 101 134.07 221.67 218.55
N LEU ZC 102 134.97 222.68 218.60
CA LEU ZC 102 134.95 223.84 217.71
C LEU ZC 102 135.58 223.49 216.37
N VAL ZC 103 134.88 222.65 215.57
CA VAL ZC 103 135.40 222.03 214.36
C VAL ZC 103 135.81 223.08 213.32
N ASP ZC 104 134.96 224.10 213.11
CA ASP ZC 104 135.23 225.19 212.20
C ASP ZC 104 135.14 226.53 212.96
N GLY ZC 105 135.68 226.54 214.19
CA GLY ZC 105 135.62 227.71 215.06
C GLY ZC 105 134.28 227.89 215.75
N GLU ZC 106 133.35 226.93 215.54
CA GLU ZC 106 132.00 226.93 216.08
C GLU ZC 106 131.60 225.48 216.42
N PRO ZC 107 130.83 225.20 217.49
CA PRO ZC 107 130.56 223.83 217.96
C PRO ZC 107 129.92 222.85 216.99
N MET ZC 108 130.42 221.60 217.02
CA MET ZC 108 129.74 220.42 216.48
C MET ZC 108 129.90 219.26 217.47
N THR ZC 109 128.85 218.41 217.54
CA THR ZC 109 128.96 217.05 218.06
C THR ZC 109 129.32 216.11 216.91
N LEU ZC 110 129.71 214.87 217.24
CA LEU ZC 110 129.93 213.85 216.23
C LEU ZC 110 128.62 213.51 215.50
N SER ZC 111 127.48 213.46 216.20
CA SER ZC 111 126.21 213.25 215.56
C SER ZC 111 125.87 214.36 214.55
N GLU ZC 112 126.17 215.63 214.91
CA GLU ZC 112 125.98 216.75 214.00
C GLU ZC 112 126.90 216.64 212.78
N TRP ZC 113 128.18 216.29 212.99
CA TRP ZC 113 129.15 216.10 211.90
C TRP ZC 113 128.67 215.03 210.93
N LEU ZC 114 128.11 213.94 211.47
CA LEU ZC 114 127.59 212.83 210.69
C LEU ZC 114 126.33 213.24 209.93
N GLU ZC 115 125.35 213.87 210.60
CA GLU ZC 115 124.10 214.25 209.97
C GLU ZC 115 124.30 215.36 208.94
N ASP ZC 116 125.33 216.21 209.12
CA ASP ZC 116 125.73 217.21 208.13
C ASP ZC 116 126.37 216.56 206.91
N ALA ZC 117 127.00 215.38 207.08
CA ALA ZC 117 127.57 214.60 205.99
C ALA ZC 117 126.51 213.74 205.29
N PHE ZC 118 125.46 213.35 206.05
CA PHE ZC 118 124.40 212.47 205.58
C PHE ZC 118 123.02 213.10 205.86
N PRO ZC 119 122.65 214.24 205.23
CA PRO ZC 119 121.41 214.94 205.55
C PRO ZC 119 120.13 214.31 204.98
N HIS ZC 120 120.24 213.70 203.79
CA HIS ZC 120 119.10 213.14 203.08
C HIS ZC 120 119.04 211.62 203.23
N LEU ZC 121 119.50 211.10 204.38
CA LEU ZC 121 119.85 209.70 204.58
C LEU ZC 121 118.66 208.75 204.43
N ASP ZC 122 117.43 209.21 204.71
CA ASP ZC 122 116.20 208.43 204.53
C ASP ZC 122 116.12 207.79 203.14
N LEU ZC 123 116.49 208.57 202.11
CA LEU ZC 123 116.37 208.15 200.72
C LEU ZC 123 117.40 207.08 200.40
N LEU ZC 124 118.65 207.28 200.86
CA LEU ZC 124 119.74 206.34 200.65
C LEU ZC 124 119.50 205.04 201.44
N VAL ZC 125 118.91 205.14 202.64
CA VAL ZC 125 118.55 203.99 203.46
C VAL ZC 125 117.47 203.16 202.77
N LEU ZC 126 116.48 203.82 202.17
CA LEU ZC 126 115.42 203.12 201.44
C LEU ZC 126 115.97 202.46 200.17
N ASP ZC 127 116.87 203.16 199.45
CA ASP ZC 127 117.50 202.65 198.24
C ASP ZC 127 118.36 201.42 198.57
N LEU ZC 128 119.29 201.56 199.52
CA LEU ZC 128 120.23 200.50 199.89
C LEU ZC 128 119.49 199.32 200.51
N GLY ZC 129 118.55 199.60 201.42
CA GLY ZC 129 117.76 198.58 202.09
C GLY ZC 129 116.90 197.77 201.13
N GLY ZC 130 116.29 198.45 200.16
CA GLY ZC 130 115.53 197.81 199.10
C GLY ZC 130 116.41 196.95 198.20
N ASP ZC 131 117.51 197.53 197.70
CA ASP ZC 131 118.41 196.83 196.79
C ASP ZC 131 119.08 195.63 197.46
N ALA ZC 132 119.34 195.71 198.77
CA ALA ZC 132 119.92 194.60 199.54
C ALA ZC 132 118.90 193.49 199.82
N LEU ZC 133 117.61 193.74 199.57
CA LEU ZC 133 116.58 192.70 199.57
C LEU ZC 133 116.43 192.08 198.19
N TRP ZC 134 116.45 192.91 197.13
CA TRP ZC 134 116.34 192.49 195.75
C TRP ZC 134 117.56 191.66 195.32
N TYR ZC 135 118.75 192.25 195.44
CA TYR ZC 135 120.02 191.68 195.01
C TYR ZC 135 120.73 191.02 196.20
N PRO ZC 136 121.79 190.20 195.98
CA PRO ZC 136 122.59 189.66 197.08
C PRO ZC 136 123.19 190.73 198.00
N TYR ZC 137 123.46 191.93 197.44
CA TYR ZC 137 124.10 193.04 198.14
C TYR ZC 137 123.63 194.39 197.58
N ALA ZC 138 123.73 195.43 198.40
CA ALA ZC 138 123.89 196.80 197.94
C ALA ZC 138 125.37 197.19 198.07
N VAL ZC 139 125.88 198.02 197.15
CA VAL ZC 139 127.31 198.26 197.00
C VAL ZC 139 127.57 199.69 196.53
N GLY ZC 140 128.74 200.27 196.90
CA GLY ZC 140 129.09 201.64 196.54
C GLY ZC 140 130.56 202.00 196.77
N GLU ZC 141 130.90 203.29 196.54
CA GLU ZC 141 132.23 203.87 196.66
C GLU ZC 141 132.26 204.91 197.79
N ILE ZC 142 133.45 205.16 198.36
CA ILE ZC 142 133.68 206.36 199.16
C ILE ZC 142 134.10 207.49 198.19
N GLN ZC 143 133.43 208.65 198.28
CA GLN ZC 143 133.66 209.76 197.37
C GLN ZC 143 134.02 211.04 198.14
N GLU ZC 144 134.91 211.86 197.55
CA GLU ZC 144 135.55 212.99 198.23
C GLU ZC 144 135.20 214.31 197.55
N THR ZC 145 135.33 215.41 198.31
CA THR ZC 145 135.25 216.78 197.83
C THR ZC 145 136.53 217.12 197.05
N ILE ZC 146 136.59 218.32 196.46
CA ILE ZC 146 137.78 218.83 195.78
C ILE ZC 146 138.84 219.17 196.82
N THR ZC 147 138.41 219.62 198.02
CA THR ZC 147 139.28 219.94 199.15
C THR ZC 147 139.87 218.69 199.79
N GLY ZC 148 139.21 217.54 199.65
CA GLY ZC 148 139.77 216.26 200.12
C GLY ZC 148 138.99 215.60 201.24
N GLU ZC 149 138.19 216.39 201.98
CA GLU ZC 149 137.25 215.90 202.95
C GLU ZC 149 136.18 215.05 202.25
N PHE ZC 150 135.48 214.20 203.02
CA PHE ZC 150 134.44 213.30 202.54
C PHE ZC 150 133.28 214.10 201.95
N LYS ZC 151 132.75 213.63 200.80
CA LYS ZC 151 131.59 214.20 200.14
C LYS ZC 151 130.36 213.32 200.38
N GLU ZC 152 130.44 212.04 200.02
CA GLU ZC 152 129.32 211.11 200.04
C GLU ZC 152 129.79 209.66 199.93
N ALA ZC 153 128.95 208.73 200.41
CA ALA ZC 153 129.12 207.31 200.16
C ALA ZC 153 128.26 206.93 198.95
N LEU ZC 154 128.83 207.10 197.74
CA LEU ZC 154 128.09 207.01 196.49
C LEU ZC 154 127.78 205.56 196.14
N PRO ZC 155 126.49 205.12 196.10
CA PRO ZC 155 126.14 203.76 195.68
C PRO ZC 155 126.46 203.48 194.21
N ALA ZC 156 126.39 202.20 193.81
CA ALA ZC 156 126.66 201.73 192.46
C ALA ZC 156 125.62 200.70 192.04
N GLU ZC 157 125.50 200.43 190.72
CA GLU ZC 157 124.44 199.59 190.17
C GLU ZC 157 124.76 198.11 190.42
N PRO ZC 158 124.04 197.41 191.32
CA PRO ZC 158 124.49 196.12 191.82
C PRO ZC 158 124.53 194.97 190.82
N TRP ZC 159 123.73 195.06 189.74
CA TRP ZC 159 123.69 194.03 188.72
C TRP ZC 159 124.95 194.07 187.86
N THR ZC 160 125.71 195.17 187.94
CA THR ZC 160 126.91 195.37 187.14
C THR ZC 160 128.15 194.83 187.86
N LEU ZC 161 128.04 194.51 189.16
CA LEU ZC 161 129.17 194.23 190.04
C LEU ZC 161 129.07 192.84 190.67
N MET ZC 162 130.19 192.11 190.72
CA MET ZC 162 130.28 190.83 191.42
C MET ZC 162 131.54 190.74 192.28
N PRO ZC 163 131.48 190.15 193.50
CA PRO ZC 163 132.67 190.01 194.35
C PRO ZC 163 133.57 188.86 193.92
N GLU ZC 164 134.87 189.03 194.18
CA GLU ZC 164 135.88 187.97 194.10
C GLU ZC 164 136.50 187.80 195.49
N SER ZC 165 136.68 186.53 195.91
CA SER ZC 165 136.80 186.19 197.33
C SER ZC 165 137.85 185.10 197.60
N ASP ZC 166 138.24 184.93 198.88
CA ASP ZC 166 139.40 184.16 199.31
C ASP ZC 166 139.02 182.83 199.95
N ALA ZC 167 140.00 182.17 200.59
CA ALA ZC 167 139.88 180.86 201.20
C ALA ZC 167 138.92 180.81 202.40
N GLN ZC 168 138.59 181.99 202.97
CA GLN ZC 168 137.61 182.10 204.03
C GLN ZC 168 136.35 182.84 203.57
N GLY ZC 169 136.16 182.93 202.25
CA GLY ZC 169 134.95 183.49 201.64
C GLY ZC 169 134.83 185.01 201.73
N LYS ZC 170 135.88 185.69 202.25
CA LYS ZC 170 135.85 187.14 202.41
C LYS ZC 170 136.15 187.82 201.07
N VAL ZC 171 135.50 188.95 200.81
CA VAL ZC 171 135.66 189.67 199.54
C VAL ZC 171 137.01 190.39 199.52
N GLN ZC 172 137.74 190.25 198.41
CA GLN ZC 172 139.07 190.83 198.20
C GLN ZC 172 139.06 191.84 197.05
N ALA ZC 173 138.19 191.64 196.05
CA ALA ZC 173 138.05 192.52 194.91
C ALA ZC 173 136.60 192.51 194.38
N TRP ZC 174 136.25 193.57 193.62
CA TRP ZC 174 134.97 193.71 192.93
C TRP ZC 174 135.22 193.78 191.43
N HIS ZC 175 134.51 192.94 190.66
CA HIS ZC 175 134.63 192.82 189.21
C HIS ZC 175 133.38 193.43 188.58
N GLN ZC 176 133.54 194.43 187.70
CA GLN ZC 176 132.43 195.15 187.08
C GLN ZC 176 132.35 194.90 185.57
N ARG ZC 177 131.15 194.65 185.06
CA ARG ZC 177 130.85 194.52 183.64
C ARG ZC 177 129.63 195.38 183.28
N THR ZC 178 129.74 196.18 182.21
CA THR ZC 178 128.72 197.15 181.81
C THR ZC 178 128.60 197.29 180.29
N LYS ZC 179 127.40 197.65 179.81
CA LYS ZC 179 127.14 197.94 178.40
C LYS ZC 179 127.41 199.41 178.08
N THR ZC 180 127.95 199.67 176.89
CA THR ZC 180 128.10 200.97 176.25
C THR ZC 180 127.96 200.81 174.74
N HIS ZC 181 127.26 201.73 174.06
CA HIS ZC 181 127.09 201.71 172.60
C HIS ZC 181 126.55 200.36 172.09
N GLY ZC 182 125.79 199.64 172.92
CA GLY ZC 182 125.22 198.35 172.54
C GLY ZC 182 126.16 197.18 172.79
N GLY ZC 183 127.45 197.45 173.03
CA GLY ZC 183 128.48 196.44 173.28
C GLY ZC 183 128.65 196.12 174.76
N TYR ZC 184 129.89 195.79 175.18
CA TYR ZC 184 130.26 195.53 176.57
C TYR ZC 184 131.68 196.01 176.88
N GLN ZC 185 131.90 196.43 178.14
CA GLN ZC 185 133.18 196.82 178.72
C GLN ZC 185 133.30 196.23 180.14
N THR ZC 186 134.52 196.20 180.73
CA THR ZC 186 134.80 195.50 181.98
C THR ZC 186 135.97 196.15 182.74
N GLN ZC 187 135.97 196.04 184.09
CA GLN ZC 187 137.08 196.49 184.95
C GLN ZC 187 137.06 195.76 186.30
N THR ZC 188 138.17 195.85 187.07
CA THR ZC 188 138.28 195.32 188.43
C THR ZC 188 138.73 196.41 189.40
N LEU ZC 189 138.21 196.37 190.65
CA LEU ZC 189 138.53 197.32 191.71
C LEU ZC 189 138.78 196.56 193.03
N PRO ZC 190 139.63 197.08 193.95
CA PRO ZC 190 139.89 196.42 195.23
C PRO ZC 190 138.75 196.59 196.24
N ALA ZC 191 138.64 195.65 197.19
CA ALA ZC 191 137.70 195.76 198.30
C ALA ZC 191 138.29 196.66 199.38
N ASP ZC 192 138.54 197.93 199.03
CA ASP ZC 192 139.30 198.87 199.83
C ASP ZC 192 138.58 200.21 199.94
N ASP ZC 193 138.32 200.88 198.80
CA ASP ZC 193 137.56 202.12 198.72
C ASP ZC 193 136.11 201.89 198.28
N LEU ZC 194 135.77 200.64 197.94
CA LEU ZC 194 134.40 200.17 197.79
C LEU ZC 194 133.88 199.64 199.13
N TRP ZC 195 132.54 199.62 199.30
CA TRP ZC 195 131.85 199.11 200.49
C TRP ZC 195 130.53 198.47 200.08
N ILE ZC 197 126.75 195.98 201.65
CA ILE ZC 197 125.85 195.51 202.70
C ILE ZC 197 125.00 194.33 202.20
N VAL ZC 198 124.86 193.29 203.04
CA VAL ZC 198 124.07 192.10 202.76
C VAL ZC 198 122.96 191.95 203.81
N ILE ZC 199 121.68 191.92 203.38
CA ILE ZC 199 120.58 191.56 204.27
C ILE ZC 199 120.35 190.04 204.21
N ASN ZC 200 120.33 189.49 203.00
CA ASN ZC 200 119.99 188.10 202.73
C ASN ZC 200 121.20 187.19 202.89
N LYS ZC 201 121.71 187.02 204.12
CA LYS ZC 201 122.81 186.11 204.41
C LYS ZC 201 122.34 184.64 204.29
N ALA ZC 202 123.14 183.80 203.62
CA ALA ZC 202 122.93 182.36 203.58
C ALA ZC 202 123.37 181.68 204.87
N SER ZC 203 124.38 182.27 205.54
CA SER ZC 203 124.98 181.77 206.78
C SER ZC 203 125.57 182.96 207.56
N ALA ZC 204 125.93 182.74 208.83
CA ALA ZC 204 126.47 183.81 209.67
C ALA ZC 204 127.76 184.40 209.10
N ARG ZC 205 128.56 183.60 208.38
CA ARG ZC 205 129.84 183.99 207.79
C ARG ZC 205 129.69 184.75 206.47
N ASP ZC 206 128.51 184.72 205.84
CA ASP ZC 206 128.30 185.05 204.43
C ASP ZC 206 128.57 186.53 204.12
N GLU ZC 207 129.47 186.80 203.15
CA GLU ZC 207 129.72 188.14 202.63
C GLU ZC 207 129.18 188.31 201.20
N VAL ZC 208 128.70 187.24 200.57
CA VAL ZC 208 128.24 187.27 199.17
C VAL ZC 208 126.73 187.51 199.10
N GLY ZC 209 125.94 186.80 199.93
CA GLY ZC 209 124.50 187.03 200.04
C GLY ZC 209 123.70 186.26 199.00
N ILE ZC 210 122.36 186.36 199.08
CA ILE ZC 210 121.39 185.66 198.24
C ILE ZC 210 120.37 186.66 197.68
N SER ZC 211 119.82 186.39 196.49
CA SER ZC 211 118.69 187.15 195.97
C SER ZC 211 117.40 186.36 196.17
N GLU ZC 212 116.39 186.99 196.78
CA GLU ZC 212 115.08 186.38 196.98
C GLU ZC 212 114.38 186.08 195.66
N VAL ZC 213 114.75 186.79 194.58
CA VAL ZC 213 114.26 186.52 193.23
C VAL ZC 213 114.74 185.16 192.75
N LEU ZC 214 116.02 184.83 192.99
CA LEU ZC 214 116.59 183.55 192.60
C LEU ZC 214 116.18 182.44 193.56
N ARG ZC 215 116.04 182.79 194.85
CA ARG ZC 215 115.69 181.86 195.92
C ARG ZC 215 114.27 181.30 195.76
N ASN ZC 216 113.34 182.14 195.27
CA ASN ZC 216 111.93 181.82 195.16
C ASN ZC 216 111.46 181.94 193.71
N LYS ZC 217 112.32 181.56 192.75
CA LYS ZC 217 112.13 181.75 191.32
C LYS ZC 217 110.90 180.99 190.81
N ASP ZC 218 110.70 179.76 191.30
CA ASP ZC 218 109.60 178.89 190.91
C ASP ZC 218 108.25 179.54 191.24
N GLU ZC 219 108.09 180.09 192.45
CA GLU ZC 219 106.87 180.77 192.89
C GLU ZC 219 106.58 182.00 192.02
N ILE ZC 220 107.62 182.76 191.66
CA ILE ZC 220 107.51 183.95 190.84
C ILE ZC 220 107.03 183.58 189.43
N GLN ZC 221 107.65 182.55 188.82
CA GLN ZC 221 107.28 182.10 187.49
C GLN ZC 221 105.88 181.47 187.49
N ALA ZC 222 105.56 180.70 188.54
CA ALA ZC 222 104.24 180.10 188.70
C ALA ZC 222 103.15 181.17 188.76
N PHE ZC 223 103.42 182.28 189.46
CA PHE ZC 223 102.49 183.40 189.55
C PHE ZC 223 102.24 184.00 188.17
N LYS ZC 224 103.31 184.27 187.41
CA LYS ZC 224 103.22 184.85 186.08
C LYS ZC 224 102.53 183.92 185.08
N GLN ZC 225 102.76 182.60 185.21
CA GLN ZC 225 102.12 181.61 184.34
C GLN ZC 225 100.62 181.56 184.62
N ASN ZC 226 100.23 181.58 185.90
CA ASN ZC 226 98.82 181.55 186.30
C ASN ZC 226 98.10 182.83 185.89
N GLU ZC 227 98.79 183.98 185.96
CA GLU ZC 227 98.29 185.26 185.46
C GLU ZC 227 98.03 185.19 183.96
N ALA ZC 228 98.99 184.65 183.19
CA ALA ZC 228 98.86 184.49 181.75
C ALA ZC 228 97.74 183.51 181.38
N ALA ZC 229 97.60 182.44 182.15
CA ALA ZC 229 96.53 181.46 181.98
C ALA ZC 229 95.16 182.09 182.21
N ILE ZC 230 94.99 182.82 183.33
CA ILE ZC 230 93.73 183.51 183.63
C ILE ZC 230 93.41 184.53 182.52
N ASN ZC 231 94.42 185.28 182.05
CA ASN ZC 231 94.26 186.29 181.04
C ASN ZC 231 93.64 185.73 179.75
N GLN ZC 232 94.16 184.59 179.28
CA GLN ZC 232 93.65 183.97 178.05
C GLN ZC 232 92.33 183.23 178.33
N ALA ZC 233 92.24 182.56 179.49
CA ALA ZC 233 91.05 181.77 179.84
C ALA ZC 233 89.81 182.65 180.01
N ILE ZC 234 89.99 183.88 180.52
CA ILE ZC 234 88.90 184.85 180.60
C ILE ZC 234 88.40 185.21 179.20
N GLU ZC 235 89.31 185.41 178.25
CA GLU ZC 235 88.95 185.71 176.87
C GLU ZC 235 88.22 184.54 176.21
N LEU ZC 236 88.65 183.31 176.47
CA LEU ZC 236 88.15 182.12 175.79
C LEU ZC 236 86.87 181.58 176.44
N HIS ZC 237 86.75 181.69 177.79
CA HIS ZC 237 85.74 181.01 178.57
C HIS ZC 237 84.94 181.95 179.49
N GLY ZC 238 85.45 183.15 179.76
CA GLY ZC 238 84.77 184.13 180.60
C GLY ZC 238 83.58 184.78 179.91
N PHE ZC 239 83.62 184.89 178.58
CA PHE ZC 239 82.60 185.53 177.76
C PHE ZC 239 81.81 184.47 176.98
N PRO ZC 240 80.46 184.52 176.94
CA PRO ZC 240 79.66 183.64 176.08
C PRO ZC 240 79.97 183.91 174.60
N GLN ZC 241 79.84 182.88 173.74
CA GLN ZC 241 80.12 183.00 172.31
C GLN ZC 241 79.00 182.37 171.48
N ARG ZC 242 78.56 183.09 170.43
CA ARG ZC 242 77.41 182.71 169.61
C ARG ZC 242 77.82 181.72 168.52
N VAL ZC 244 75.92 180.06 165.25
CA VAL ZC 244 74.85 179.87 164.27
C VAL ZC 244 75.03 178.52 163.58
N LYS ZC 245 73.96 177.69 163.61
CA LYS ZC 245 73.90 176.41 162.90
C LYS ZC 245 72.89 176.49 161.76
N VAL ZC 246 73.30 176.02 160.57
CA VAL ZC 246 72.56 176.22 159.33
C VAL ZC 246 72.23 174.86 158.70
N GLY ZC 247 71.00 174.73 158.18
CA GLY ZC 247 70.53 173.49 157.58
C GLY ZC 247 69.81 172.61 158.60
N LYS ZC 248 69.23 171.50 158.12
CA LYS ZC 248 68.47 170.57 158.94
C LYS ZC 248 69.29 169.31 159.19
N GLU ZC 249 69.13 168.71 160.38
CA GLU ZC 249 69.69 167.40 160.72
C GLU ZC 249 69.19 166.37 159.71
N ASP ZC 250 70.11 165.60 159.11
CA ASP ZC 250 69.85 164.64 158.04
C ASP ZC 250 69.22 165.30 156.80
N GLY ZC 251 69.47 166.61 156.58
CA GLY ZC 251 69.00 167.36 155.42
C GLY ZC 251 70.13 167.71 154.45
N ALA ZC 252 69.93 168.78 153.66
CA ALA ZC 252 70.87 169.22 152.63
C ALA ZC 252 72.12 169.83 153.28
N PRO ZC 253 73.34 169.67 152.68
CA PRO ZC 253 74.54 170.30 153.21
C PRO ZC 253 74.61 171.80 152.90
N VAL ZC 254 75.49 172.50 153.64
CA VAL ZC 254 75.72 173.93 153.50
C VAL ZC 254 77.24 174.15 153.40
N ARG ZC 255 77.69 174.96 152.42
CA ARG ZC 255 79.10 175.14 152.08
C ARG ZC 255 79.59 176.51 152.55
N ASP ZC 256 80.91 176.76 152.46
CA ASP ZC 256 81.54 178.00 152.93
C ASP ZC 256 80.94 179.23 152.25
N ASN ZC 257 80.73 179.17 150.92
CA ASN ZC 257 80.17 180.27 150.15
C ASN ZC 257 78.73 180.59 150.54
N ASP ZC 258 78.06 179.63 151.20
CA ASP ZC 258 76.74 179.82 151.78
C ASP ZC 258 76.86 180.45 153.16
N LEU ZC 259 77.79 179.94 153.98
CA LEU ZC 259 78.02 180.44 155.33
C LEU ZC 259 78.51 181.88 155.32
N ARG ZC 260 79.25 182.29 154.28
CA ARG ZC 260 79.70 183.66 154.07
C ARG ZC 260 78.53 184.63 153.96
N ARG ZC 261 77.43 184.19 153.34
CA ARG ZC 261 76.19 184.95 153.22
C ARG ZC 261 75.44 184.99 154.55
N VAL ZC 262 75.43 183.88 155.31
CA VAL ZC 262 74.82 183.81 156.63
C VAL ZC 262 75.56 184.73 157.62
N ARG ZC 263 76.89 184.62 157.67
CA ARG ZC 263 77.76 185.45 158.52
C ARG ZC 263 77.47 186.94 158.32
N THR ZC 264 77.25 187.36 157.06
CA THR ZC 264 77.00 188.74 156.68
C THR ZC 264 75.74 189.29 157.36
N ILE ZC 265 74.75 188.42 157.66
CA ILE ZC 265 73.51 188.80 158.33
C ILE ZC 265 73.72 188.81 159.86
N PHE ZC 266 74.24 187.72 160.41
CA PHE ZC 266 74.36 187.48 161.85
C PHE ZC 266 75.64 188.08 162.44
N ASP ZC 267 76.24 189.09 161.79
CA ASP ZC 267 77.52 189.66 162.18
C ASP ZC 267 77.40 190.40 163.51
N PRO ZC 268 78.13 190.01 164.59
CA PRO ZC 268 78.07 190.75 165.85
C PRO ZC 268 78.61 192.18 165.78
N ARG ZC 269 79.43 192.47 164.77
CA ARG ZC 269 79.98 193.78 164.47
C ARG ZC 269 78.87 194.80 164.16
N THR ZC 270 77.77 194.34 163.54
CA THR ZC 270 76.70 195.21 163.06
C THR ZC 270 75.36 194.92 163.76
N THR ZC 271 75.38 194.06 164.79
CA THR ZC 271 74.24 193.72 165.63
C THR ZC 271 74.12 194.76 166.74
N ASP ZC 272 72.90 194.91 167.32
CA ASP ZC 272 72.67 195.78 168.47
C ASP ZC 272 71.80 195.06 169.52
N ALA ZC 273 71.61 195.71 170.67
CA ALA ZC 273 70.96 195.16 171.86
C ALA ZC 273 69.49 194.79 171.60
N ASN ZC 274 68.87 195.38 170.57
CA ASN ZC 274 67.45 195.25 170.30
C ASN ZC 274 67.18 194.57 168.96
N THR ZC 275 68.22 194.03 168.32
CA THR ZC 275 68.14 193.31 167.05
C THR ZC 275 67.28 192.06 167.21
N ALA ZC 276 66.36 191.83 166.26
CA ALA ZC 276 65.51 190.65 166.22
C ALA ZC 276 65.74 189.86 164.93
N TYR ZC 277 65.54 188.53 165.01
CA TYR ZC 277 65.90 187.60 163.95
C TYR ZC 277 64.66 186.81 163.50
N PHE ZC 278 64.58 186.57 162.18
CA PHE ZC 278 63.46 185.91 161.52
C PHE ZC 278 64.02 184.81 160.62
N THR ZC 279 63.55 183.56 160.78
CA THR ZC 279 64.06 182.46 159.98
C THR ZC 279 62.96 181.44 159.66
N GLY ZC 280 63.21 180.62 158.63
CA GLY ZC 280 62.56 179.33 158.53
C GLY ZC 280 63.05 178.40 159.63
N GLN ZC 281 62.47 177.19 159.72
CA GLN ZC 281 62.74 176.25 160.80
C GLN ZC 281 64.16 175.69 160.80
N ASP ZC 282 64.92 175.85 159.69
CA ASP ZC 282 66.19 175.15 159.49
C ASP ZC 282 67.40 176.09 159.63
N VAL ZC 283 67.29 177.06 160.57
CA VAL ZC 283 68.38 177.89 161.04
C VAL ZC 283 68.29 178.02 162.56
N ASP ZC 284 69.42 177.84 163.27
CA ASP ZC 284 69.50 177.86 164.72
C ASP ZC 284 70.60 178.81 165.19
N VAL ZC 285 70.35 179.52 166.31
CA VAL ZC 285 71.34 180.38 166.95
C VAL ZC 285 71.59 179.87 168.38
N GLU ZC 286 72.58 178.98 168.52
CA GLU ZC 286 73.01 178.49 169.83
C GLU ZC 286 74.06 179.44 170.40
N THR ZC 287 74.31 179.33 171.72
CA THR ZC 287 75.40 180.04 172.37
C THR ZC 287 76.17 179.07 173.27
N LEU ZC 288 77.50 179.15 173.19
CA LEU ZC 288 78.41 178.63 174.20
C LEU ZC 288 78.28 179.53 175.43
N GLU ZC 289 77.58 179.06 176.47
CA GLU ZC 289 77.46 179.79 177.73
C GLU ZC 289 78.83 179.86 178.38
N ALA ZC 290 79.13 180.95 179.11
CA ALA ZC 290 80.40 181.12 179.80
C ALA ZC 290 80.57 180.02 180.84
N ASN ZC 292 81.72 178.80 183.73
CA ASN ZC 292 82.20 179.41 184.97
C ASN ZC 292 83.24 178.54 185.67
N PHE ZC 293 84.39 179.15 186.01
CA PHE ZC 293 85.50 178.58 186.75
C PHE ZC 293 85.99 179.62 187.76
N ASP ZC 294 86.48 179.16 188.93
CA ASP ZC 294 86.71 180.06 190.06
C ASP ZC 294 88.10 180.69 190.00
N TYR ZC 295 88.30 181.59 189.02
CA TYR ZC 295 89.55 182.31 188.83
C TYR ZC 295 89.88 183.20 190.03
N SER ZC 296 88.85 183.67 190.75
CA SER ZC 296 89.02 184.39 192.01
C SER ZC 296 89.75 183.54 193.04
N ALA ZC 297 89.32 182.28 193.22
CA ALA ZC 297 89.97 181.36 194.15
C ALA ZC 297 91.37 180.97 193.68
N ILE ZC 298 91.59 180.87 192.36
CA ILE ZC 298 92.92 180.64 191.81
C ILE ZC 298 93.84 181.81 192.15
N HIS ZC 299 93.35 183.06 191.96
CA HIS ZC 299 94.06 184.27 192.36
C HIS ZC 299 94.38 184.28 193.86
N GLU ZC 300 93.42 183.89 194.70
CA GLU ZC 300 93.63 183.82 196.14
C GLU ZC 300 94.74 182.82 196.49
N MET ZC 301 94.79 181.66 195.82
CA MET ZC 301 95.83 180.68 196.08
C MET ZC 301 97.19 181.18 195.60
N ASP ZC 302 97.24 181.77 194.39
CA ASP ZC 302 98.44 182.38 193.85
C ASP ZC 302 98.99 183.43 194.82
N MET ZC 303 98.08 184.25 195.36
CA MET ZC 303 98.44 185.37 196.23
C MET ZC 303 98.89 184.88 197.60
N ARG ZC 304 98.23 183.86 198.14
CA ARG ZC 304 98.63 183.21 199.39
C ARG ZC 304 100.05 182.66 199.24
N ASN ZC 305 100.31 181.96 198.13
CA ASN ZC 305 101.63 181.40 197.81
C ASN ZC 305 102.68 182.51 197.70
N LEU ZC 306 102.41 183.56 196.91
CA LEU ZC 306 103.35 184.64 196.68
C LEU ZC 306 103.66 185.43 197.96
N THR ZC 307 102.63 185.82 198.73
CA THR ZC 307 102.81 186.58 199.96
C THR ZC 307 103.64 185.78 200.96
N THR ZC 308 103.30 184.50 201.17
CA THR ZC 308 104.04 183.63 202.09
C THR ZC 308 105.47 183.40 201.60
N ALA ZC 309 105.68 183.28 200.29
CA ALA ZC 309 107.01 183.13 199.69
C ALA ZC 309 107.88 184.36 199.96
N LEU ZC 310 107.27 185.55 199.95
CA LEU ZC 310 107.95 186.81 200.29
C LEU ZC 310 108.00 187.04 201.80
N GLY ZC 311 107.32 186.20 202.58
CA GLY ZC 311 107.28 186.32 204.03
C GLY ZC 311 106.31 187.40 204.54
N LEU ZC 312 105.50 187.95 203.62
CA LEU ZC 312 104.53 189.00 203.91
C LEU ZC 312 103.26 188.39 204.49
N PRO ZC 313 102.45 189.16 205.27
CA PRO ZC 313 101.12 188.70 205.70
C PRO ZC 313 100.14 188.74 204.51
N LEU ZC 314 99.09 187.92 204.56
CA LEU ZC 314 98.13 187.74 203.47
C LEU ZC 314 97.47 189.06 203.06
N GLU ZC 315 97.23 189.97 204.02
CA GLU ZC 315 96.59 191.25 203.81
C GLU ZC 315 97.38 192.17 202.87
N ALA ZC 316 98.70 191.96 202.76
CA ALA ZC 316 99.55 192.75 201.88
C ALA ZC 316 99.23 192.46 200.41
N GLY ZC 317 98.64 191.28 200.15
CA GLY ZC 317 98.29 190.84 198.80
C GLY ZC 317 96.86 191.15 198.38
N ASN ZC 318 96.15 192.01 199.13
CA ASN ZC 318 94.77 192.39 198.87
C ASN ZC 318 93.79 191.22 199.07
N VAL ZC 319 94.11 190.28 199.99
CA VAL ZC 319 93.29 189.11 200.31
C VAL ZC 319 93.10 189.01 201.83
N GLY ZC 320 91.94 188.52 202.28
CA GLY ZC 320 91.63 188.31 203.70
C GLY ZC 320 90.74 187.09 203.96
N ALA ZC 321 90.59 186.72 205.24
CA ALA ZC 321 89.83 185.54 205.66
C ALA ZC 321 89.26 185.70 207.07
N ASP ZC 322 88.16 184.97 207.35
CA ASP ZC 322 87.58 184.84 208.68
C ASP ZC 322 88.46 183.96 209.56
N GLY ZC 323 88.27 184.04 210.88
CA GLY ZC 323 89.11 183.34 211.85
C GLY ZC 323 90.42 184.07 212.10
N LEU ZC 324 91.09 184.50 211.00
CA LEU ZC 324 92.33 185.24 211.05
C LEU ZC 324 92.11 186.74 211.29
N GLY ZC 325 90.87 187.22 211.15
CA GLY ZC 325 90.59 188.64 211.00
C GLY ZC 325 90.41 189.43 212.31
N SER ZC 326 90.72 188.82 213.47
CA SER ZC 326 90.51 189.45 214.78
C SER ZC 326 91.41 188.84 215.85
N GLY ZC 327 91.60 189.55 216.97
CA GLY ZC 327 92.20 189.01 218.19
C GLY ZC 327 93.64 188.54 218.02
N LYS ZC 328 94.02 187.52 218.81
CA LYS ZC 328 95.38 186.98 218.83
C LYS ZC 328 95.76 186.39 217.46
N PRO ZC 329 94.86 185.70 216.71
CA PRO ZC 329 95.11 185.36 215.32
C PRO ZC 329 95.57 186.50 214.42
N ALA ZC 330 95.03 187.71 214.61
CA ALA ZC 330 95.45 188.89 213.86
C ALA ZC 330 96.79 189.41 214.39
N GLU ZC 331 96.95 189.48 215.72
CA GLU ZC 331 98.13 189.99 216.40
C GLU ZC 331 99.40 189.24 215.97
N LEU ZC 332 99.30 187.93 215.74
CA LEU ZC 332 100.44 187.08 215.38
C LEU ZC 332 101.10 187.52 214.07
N ARG ZC 333 100.31 187.90 213.05
CA ARG ZC 333 100.86 188.35 211.78
C ARG ZC 333 101.66 189.64 211.95
N PHE ZC 334 101.13 190.58 212.75
CA PHE ZC 334 101.81 191.82 213.07
C PHE ZC 334 103.07 191.57 213.90
N ALA ZC 335 103.02 190.60 214.83
CA ALA ZC 335 104.17 190.20 215.62
C ALA ZC 335 105.29 189.64 214.74
N LEU ZC 336 104.94 188.71 213.83
CA LEU ZC 336 105.89 188.11 212.89
C LEU ZC 336 106.50 189.16 211.97
N LEU ZC 337 105.71 190.14 211.54
CA LEU ZC 337 106.17 191.18 210.64
C LEU ZC 337 107.09 192.15 211.39
N LYS ZC 338 106.76 192.48 212.65
CA LYS ZC 338 107.60 193.34 213.49
C LYS ZC 338 108.95 192.66 213.77
N LEU ZC 339 108.93 191.35 214.05
CA LEU ZC 339 110.14 190.56 214.26
C LEU ZC 339 111.06 190.63 213.05
N ALA ZC 340 110.50 190.43 211.85
CA ALA ZC 340 111.25 190.51 210.60
C ALA ZC 340 111.83 191.90 210.39
N ILE ZC 341 111.02 192.95 210.59
CA ILE ZC 341 111.43 194.35 210.45
C ILE ZC 341 112.60 194.66 211.38
N LYS ZC 342 112.49 194.32 212.67
CA LYS ZC 342 113.53 194.59 213.65
C LYS ZC 342 114.82 193.85 213.33
N ALA ZC 343 114.74 192.56 212.97
CA ALA ZC 343 115.89 191.76 212.59
C ALA ZC 343 116.61 192.34 211.38
N ASN ZC 344 115.85 192.75 210.35
CA ASN ZC 344 116.38 193.32 209.13
C ASN ZC 344 117.03 194.68 209.39
N GLN ZC 345 116.33 195.55 210.12
CA GLN ZC 345 116.81 196.90 210.47
C GLN ZC 345 118.12 196.82 211.25
N ARG ZC 346 118.18 195.96 212.28
CA ARG ZC 346 119.38 195.80 213.10
C ARG ZC 346 120.54 195.25 212.27
N SER ZC 347 120.27 194.28 211.39
CA SER ZC 347 121.27 193.71 210.49
C SER ZC 347 121.83 194.75 209.53
N PHE ZC 348 120.99 195.71 209.10
CA PHE ZC 348 121.38 196.77 208.19
C PHE ZC 348 122.20 197.83 208.93
N SER ZC 349 121.71 198.25 210.11
CA SER ZC 349 122.32 199.27 210.96
C SER ZC 349 123.77 198.94 211.26
N VAL ZC 350 124.03 197.70 211.70
CA VAL ZC 350 125.35 197.24 212.11
C VAL ZC 350 126.33 197.36 210.93
N GLN ZC 351 125.91 196.90 209.74
CA GLN ZC 351 126.78 196.91 208.57
C GLN ZC 351 127.05 198.35 208.09
N PHE ZC 352 126.04 199.23 208.18
CA PHE ZC 352 126.22 200.62 207.78
C PHE ZC 352 127.18 201.35 208.73
N VAL ZC 353 127.07 201.11 210.05
CA VAL ZC 353 127.98 201.67 211.04
C VAL ZC 353 129.40 201.15 210.79
N GLU ZC 354 129.56 199.82 210.71
CA GLU ZC 354 130.86 199.15 210.72
C GLU ZC 354 131.61 199.31 209.41
N ARG ZC 355 130.91 199.44 208.26
CA ARG ZC 355 131.54 199.43 206.95
C ARG ZC 355 131.29 200.72 206.13
N VAL ZC 356 130.51 201.68 206.66
CA VAL ZC 356 130.37 202.99 206.04
C VAL ZC 356 130.76 204.08 207.04
N MET ZC 357 130.05 204.20 208.16
CA MET ZC 357 130.18 205.34 209.07
C MET ZC 357 131.56 205.37 209.73
N ARG ZC 358 131.99 204.26 210.32
CA ARG ZC 358 133.27 204.17 211.02
C ARG ZC 358 134.44 204.47 210.08
N PRO ZC 359 134.56 203.84 208.88
CA PRO ZC 359 135.52 204.27 207.87
C PRO ZC 359 135.53 205.75 207.52
N VAL ZC 360 134.34 206.36 207.36
CA VAL ZC 360 134.22 207.78 207.02
C VAL ZC 360 134.76 208.63 208.15
N VAL ZC 361 134.48 208.27 209.41
CA VAL ZC 361 134.99 208.99 210.57
C VAL ZC 361 136.51 208.83 210.65
N ARG ZC 362 137.00 207.59 210.49
CA ARG ZC 362 138.40 207.21 210.55
C ARG ZC 362 139.25 208.02 209.57
N ASP ZC 363 138.75 208.18 208.33
CA ASP ZC 363 139.54 208.66 207.22
C ASP ZC 363 139.40 210.18 206.99
N TYR ZC 364 138.32 210.83 207.48
CA TYR ZC 364 138.02 212.21 207.10
C TYR ZC 364 137.48 213.11 208.22
N SER ZC 365 137.40 212.62 209.48
CA SER ZC 365 136.68 213.32 210.54
C SER ZC 365 137.61 213.72 211.70
N PRO ZC 366 137.40 214.88 212.37
CA PRO ZC 366 138.16 215.24 213.57
C PRO ZC 366 137.70 214.61 214.89
N PHE ZC 367 137.14 213.39 214.81
CA PHE ZC 367 136.60 212.65 215.94
C PHE ZC 367 137.07 211.19 215.88
N ASP ZC 368 137.02 210.47 217.01
CA ASP ZC 368 137.42 209.07 217.12
C ASP ZC 368 136.35 208.15 216.52
N HIS ZC 369 136.76 207.24 215.62
CA HIS ZC 369 135.88 206.31 214.94
C HIS ZC 369 135.46 205.13 215.82
N GLU ZC 370 136.21 204.86 216.91
CA GLU ZC 370 135.93 203.72 217.77
C GLU ZC 370 134.87 204.05 218.83
N ALA ZC 371 134.20 205.19 218.68
CA ALA ZC 371 133.05 205.61 219.50
C ALA ZC 371 131.83 204.73 219.25
N ASP ZC 372 130.82 204.84 220.14
CA ASP ZC 372 129.61 204.05 220.15
C ASP ZC 372 128.56 204.62 219.20
N ILE ZC 373 128.87 204.64 217.90
CA ILE ZC 373 128.07 205.21 216.82
C ILE ZC 373 126.85 204.34 216.54
N ARG ZC 374 125.70 204.98 216.25
CA ARG ZC 374 124.41 204.34 215.95
C ARG ZC 374 123.75 204.99 214.73
N LEU ZC 375 123.20 204.16 213.83
CA LEU ZC 375 122.15 204.55 212.88
C LEU ZC 375 120.93 203.67 213.15
N GLU ZC 376 119.76 204.30 213.32
CA GLU ZC 376 118.54 203.57 213.64
C GLU ZC 376 117.33 204.10 212.85
N ILE ZC 377 116.30 203.26 212.71
CA ILE ZC 377 115.26 203.40 211.71
C ILE ZC 377 113.88 203.22 212.38
N ASN ZC 378 112.88 203.98 211.92
CA ASN ZC 378 111.54 204.00 212.49
C ASN ZC 378 110.79 202.73 212.12
N ASP ZC 379 109.73 202.41 212.88
CA ASP ZC 379 108.90 201.23 212.68
C ASP ZC 379 107.52 201.66 212.18
N PRO ZC 380 107.09 201.30 210.95
CA PRO ZC 380 105.77 201.69 210.45
C PRO ZC 380 104.58 201.01 211.13
N LEU ZC 381 104.85 200.02 211.99
CA LEU ZC 381 103.81 199.32 212.73
C LEU ZC 381 103.69 199.87 214.16
N GLU ZC 382 104.39 200.97 214.46
CA GLU ZC 382 104.26 201.69 215.73
C GLU ZC 382 102.97 202.50 215.69
N ASP ZC 383 102.29 202.65 216.85
CA ASP ZC 383 100.97 203.28 216.92
C ASP ZC 383 100.99 204.48 217.86
N ILE ZC 384 100.61 205.66 217.34
CA ILE ZC 384 100.61 206.93 218.06
C ILE ZC 384 99.62 206.89 219.23
N GLY ZC 385 98.48 206.23 219.04
CA GLY ZC 385 97.46 206.07 220.07
C GLY ZC 385 97.95 205.25 221.26
N GLU ZC 386 98.70 204.18 220.96
CA GLU ZC 386 99.33 203.33 221.95
C GLU ZC 386 100.39 204.12 222.72
N VAL ZC 387 101.17 204.95 222.01
CA VAL ZC 387 102.20 205.78 222.62
C VAL ZC 387 101.58 206.82 223.54
N ALA ZC 388 100.47 207.44 223.11
CA ALA ZC 388 99.79 208.46 223.89
C ALA ZC 388 99.17 207.87 225.16
N ASP ZC 389 98.56 206.67 225.04
CA ASP ZC 389 98.03 205.93 226.18
C ASP ZC 389 99.15 205.58 227.16
N LEU ZC 390 100.29 205.09 226.62
CA LEU ZC 390 101.44 204.72 227.42
C LEU ZC 390 101.99 205.90 228.23
N ILE ZC 391 102.13 207.07 227.59
CA ILE ZC 391 102.63 208.28 228.24
C ILE ZC 391 101.69 208.71 229.37
N GLN ZC 392 100.37 208.55 229.21
CA GLN ZC 392 99.42 208.80 230.28
C GLN ZC 392 99.57 207.77 231.40
N GLN ZC 393 99.65 206.48 231.05
CA GLN ZC 393 99.57 205.36 232.01
C GLN ZC 393 100.85 205.20 232.83
N VAL ZC 394 102.03 205.47 232.24
CA VAL ZC 394 103.31 205.18 232.89
C VAL ZC 394 104.29 206.36 232.88
N GLY ZC 395 103.84 207.56 232.46
CA GLY ZC 395 104.67 208.76 232.49
C GLY ZC 395 105.28 209.07 233.84
N ASP ZC 396 104.62 208.62 234.92
CA ASP ZC 396 105.07 208.72 236.30
C ASP ZC 396 106.38 207.94 236.53
N TYR ZC 397 106.85 207.17 235.54
CA TYR ZC 397 107.99 206.26 235.66
C TYR ZC 397 108.94 206.36 234.46
N MET ZC 398 108.76 207.37 233.60
CA MET ZC 398 109.64 207.64 232.44
C MET ZC 398 110.18 209.07 232.54
N THR ZC 399 111.47 209.28 232.20
CA THR ZC 399 112.07 210.61 232.23
C THR ZC 399 111.54 211.46 231.07
N ASN ZC 400 111.67 212.79 231.17
CA ASN ZC 400 111.22 213.71 230.13
C ASN ZC 400 111.96 213.48 228.82
N GLU ZC 401 113.25 213.10 228.88
CA GLU ZC 401 113.99 212.70 227.68
C GLU ZC 401 113.42 211.42 227.06
N GLN ZC 402 113.02 210.45 227.89
CA GLN ZC 402 112.41 209.20 227.42
C GLN ZC 402 111.07 209.47 226.76
N VAL ZC 403 110.27 210.38 227.35
CA VAL ZC 403 108.99 210.77 226.78
C VAL ZC 403 109.21 211.51 225.46
N ALA ZC 404 110.21 212.40 225.42
CA ALA ZC 404 110.56 213.13 224.20
C ALA ZC 404 110.99 212.17 223.08
N GLU ZC 405 111.78 211.15 223.42
CA GLU ZC 405 112.24 210.14 222.47
C GLU ZC 405 111.06 209.36 221.88
N LYS ZC 406 110.10 208.98 222.74
CA LYS ZC 406 108.93 208.19 222.34
C LYS ZC 406 107.95 209.04 221.54
N LEU ZC 407 107.91 210.35 221.83
CA LEU ZC 407 106.96 211.28 221.24
C LEU ZC 407 107.55 211.95 219.98
N ASP ZC 408 108.78 211.57 219.58
CA ASP ZC 408 109.46 212.06 218.39
C ASP ZC 408 109.77 213.55 218.51
N LEU ZC 409 110.43 213.94 219.62
CA LEU ZC 409 110.83 215.31 219.93
C LEU ZC 409 112.30 215.35 220.36
N PRO ZC 410 113.04 216.46 220.12
CA PRO ZC 410 114.30 216.72 220.83
C PRO ZC 410 114.08 216.81 222.34
N ALA ZC 411 115.07 216.36 223.13
CA ALA ZC 411 115.02 216.36 224.58
C ALA ZC 411 115.08 217.79 225.13
N PRO ZC 412 114.52 218.08 226.33
CA PRO ZC 412 114.52 219.43 226.92
C PRO ZC 412 115.88 220.11 227.05
N GLU ZC 413 115.87 221.46 227.09
CA GLU ZC 413 117.04 222.31 226.93
C GLU ZC 413 117.84 222.52 228.22
N ASP ZC 414 117.57 221.74 229.29
CA ASP ZC 414 118.37 221.75 230.51
C ASP ZC 414 118.36 220.36 231.16
N ASP ZC 415 119.44 220.02 231.88
CA ASP ZC 415 119.74 218.66 232.33
C ASP ZC 415 118.66 218.11 233.27
N GLU ZC 416 118.29 218.88 234.30
CA GLU ZC 416 117.29 218.43 235.26
C GLU ZC 416 115.91 218.37 234.62
N VAL ZC 417 115.66 219.22 233.61
CA VAL ZC 417 114.39 219.25 232.91
C VAL ZC 417 114.23 217.98 232.07
N ALA ZC 418 115.34 217.47 231.50
CA ALA ZC 418 115.39 216.25 230.72
C ALA ZC 418 115.37 215.00 231.61
N ASP ZC 419 116.19 214.98 232.67
CA ASP ZC 419 116.45 213.81 233.51
C ASP ZC 419 115.32 213.54 234.51
N SER ZC 420 114.54 214.58 234.85
CA SER ZC 420 113.39 214.44 235.75
C SER ZC 420 112.30 213.57 235.12
N TYR ZC 421 111.42 213.04 235.99
CA TYR ZC 421 110.37 212.11 235.62
C TYR ZC 421 109.06 212.84 235.29
N ARG ZC 422 108.65 213.80 236.13
CA ARG ZC 422 107.39 214.50 235.93
C ARG ZC 422 107.52 215.55 234.81
N SER ZC 423 106.39 215.86 234.16
CA SER ZC 423 106.26 216.68 232.96
C SER ZC 423 106.97 218.03 233.06
N PRO ZC 424 107.49 218.60 231.93
CA PRO ZC 424 108.00 219.96 231.92
C PRO ZC 424 106.92 221.03 232.13
N ALA ZC 425 105.70 220.78 231.62
CA ALA ZC 425 104.55 221.63 231.89
C ALA ZC 425 104.18 221.61 233.37
N ASP ZC 426 104.33 220.46 234.04
CA ASP ZC 426 104.09 220.32 235.47
C ASP ZC 426 105.13 221.07 236.29
N MET ZC 427 106.40 221.05 235.85
CA MET ZC 427 107.46 221.81 236.50
C MET ZC 427 107.26 223.31 236.29
N GLU ZC 428 106.79 223.72 235.10
CA GLU ZC 428 106.51 225.11 234.77
C GLU ZC 428 105.36 225.68 235.62
N LYS ZC 429 104.23 224.96 235.72
CA LYS ZC 429 103.05 225.44 236.42
C LYS ZC 429 103.32 225.61 237.92
N ASP ZC 430 104.14 224.71 238.48
CA ASP ZC 430 104.50 224.75 239.90
C ASP ZC 430 105.54 225.85 240.16
N GLU ZC 431 106.45 226.08 239.21
CA GLU ZC 431 107.43 227.16 239.35
C GLU ZC 431 106.71 228.51 239.34
N ALA ZC 432 105.64 228.61 238.54
CA ALA ZC 432 104.84 229.81 238.41
C ALA ZC 432 103.94 230.00 239.63
N GLY ZC 433 103.50 228.89 240.23
CA GLY ZC 433 102.75 228.89 241.48
C GLY ZC 433 103.61 229.27 242.67
N VAL ZC 434 104.86 228.80 242.66
CA VAL ZC 434 105.89 229.20 243.62
C VAL ZC 434 106.52 230.51 243.15
N ALA AD 31 128.91 158.97 246.20
CA ALA AD 31 128.66 158.54 244.80
C ALA AD 31 129.99 158.45 244.05
N SER AD 32 130.14 159.18 242.92
CA SER AD 32 131.33 159.08 242.08
C SER AD 32 131.67 160.39 241.36
N SER AD 33 132.94 160.54 240.94
CA SER AD 33 133.48 161.73 240.31
C SER AD 33 133.51 161.63 238.78
N THR AD 34 133.05 160.49 238.24
CA THR AD 34 132.96 160.23 236.81
C THR AD 34 131.70 159.40 236.52
N PRO AD 35 131.07 159.50 235.31
CA PRO AD 35 129.81 158.80 235.04
C PRO AD 35 129.92 157.28 234.95
N GLN AD 36 128.85 156.58 235.33
CA GLN AD 36 128.83 155.13 235.46
C GLN AD 36 127.77 154.46 234.57
N THR AD 37 126.75 155.21 234.13
CA THR AD 37 125.81 154.76 233.12
C THR AD 37 126.40 155.00 231.72
N ASN AD 38 126.17 154.08 230.77
CA ASN AD 38 126.64 154.17 229.39
C ASN AD 38 125.63 154.93 228.54
N VAL AD 39 126.03 155.39 227.33
CA VAL AD 39 125.24 156.35 226.54
C VAL AD 39 125.00 155.87 225.09
N ASP AD 40 124.76 154.57 224.91
CA ASP AD 40 123.97 153.96 223.83
C ASP AD 40 124.48 154.12 222.40
N SER AD 41 125.73 154.59 222.19
CA SER AD 41 126.32 154.63 220.84
C SER AD 41 127.85 154.75 220.89
N MET AD 42 128.54 154.01 220.01
CA MET AD 42 129.95 154.18 219.68
C MET AD 42 130.24 153.50 218.33
N GLY AD 43 131.21 154.01 217.58
CA GLY AD 43 131.65 153.39 216.34
C GLY AD 43 131.06 154.05 215.09
N GLY AD 44 130.26 155.11 215.29
CA GLY AD 44 129.70 155.92 214.21
C GLY AD 44 128.44 155.31 213.59
N GLY AD 45 127.86 156.02 212.62
CA GLY AD 45 126.65 155.61 211.93
C GLY AD 45 126.88 154.43 210.99
N ASP AD 54 125.24 159.39 214.40
CA ASP AD 54 124.35 158.54 213.57
C ASP AD 54 123.80 159.38 212.42
N LEU AD 55 124.56 160.40 212.01
CA LEU AD 55 124.22 161.35 210.95
C LEU AD 55 125.48 161.85 210.23
N THR AD 56 125.31 162.46 209.04
CA THR AD 56 126.37 162.68 208.07
C THR AD 56 126.35 164.09 207.50
N PHE AD 57 127.43 164.48 206.80
CA PHE AD 57 127.52 165.72 206.06
C PHE AD 57 126.43 165.78 204.99
N GLU AD 58 125.99 164.62 204.48
CA GLU AD 58 124.97 164.53 203.45
C GLU AD 58 123.61 164.95 204.00
N ASP AD 59 123.28 164.50 205.22
CA ASP AD 59 122.06 164.87 205.92
C ASP AD 59 122.06 166.37 206.22
N LEU AD 60 123.20 166.87 206.68
CA LEU AD 60 123.41 168.28 207.01
C LEU AD 60 123.28 169.17 205.77
N ARG AD 61 123.78 168.71 204.62
CA ARG AD 61 123.68 169.42 203.35
C ARG AD 61 122.25 169.38 202.79
N ASP AD 62 121.50 168.31 203.09
CA ASP AD 62 120.08 168.23 202.79
C ASP AD 62 119.32 169.32 203.55
N ILE AD 63 119.67 169.54 204.84
CA ILE AD 63 119.09 170.61 205.64
C ILE AD 63 119.41 171.97 205.01
N LYS AD 64 120.66 172.16 204.59
CA LYS AD 64 121.11 173.39 203.93
C LYS AD 64 120.32 173.62 202.63
N ASP AD 65 120.08 172.54 201.87
CA ASP AD 65 119.32 172.61 200.63
C ASP AD 65 117.86 173.01 200.90
N VAL AD 66 117.28 172.56 202.02
CA VAL AD 66 115.93 172.96 202.42
C VAL AD 66 115.94 174.45 202.78
N ARG AD 67 117.06 174.96 203.31
CA ARG AD 67 117.20 176.38 203.69
C ARG AD 67 117.34 177.29 202.47
N ASP AD 68 118.20 176.91 201.50
CA ASP AD 68 118.52 177.79 200.38
C ASP AD 68 117.53 177.66 199.22
N SER AD 69 116.72 176.59 199.17
CA SER AD 69 115.69 176.41 198.16
C SER AD 69 114.44 177.27 198.42
N GLY AD 70 114.35 177.94 199.57
CA GLY AD 70 113.38 178.99 199.82
C GLY AD 70 111.94 178.49 199.98
N GLY AD 71 110.97 179.36 199.65
CA GLY AD 71 109.56 179.03 199.67
C GLY AD 71 108.97 178.96 201.08
N GLN AD 72 107.73 178.46 201.17
CA GLN AD 72 106.90 178.47 202.36
C GLN AD 72 107.52 177.62 203.48
N VAL AD 73 108.16 176.49 203.12
CA VAL AD 73 108.78 175.56 204.05
C VAL AD 73 109.92 176.27 204.80
N ALA AD 74 110.79 176.97 204.06
CA ALA AD 74 111.90 177.72 204.65
C ALA AD 74 111.39 178.88 205.50
N GLN AD 75 110.33 179.55 205.03
CA GLN AD 75 109.76 180.71 205.71
C GLN AD 75 109.17 180.32 207.06
N LEU AD 76 108.58 179.12 207.15
CA LEU AD 76 107.99 178.62 208.39
C LEU AD 76 109.07 178.37 209.44
N MET AD 77 110.20 177.74 209.03
CA MET AD 77 111.29 177.48 209.96
C MET AD 77 111.98 178.77 210.39
N ASP AD 78 112.08 179.76 209.49
CA ASP AD 78 112.59 181.09 209.83
C ASP AD 78 111.64 181.85 210.76
N TYR AD 79 110.31 181.69 210.58
CA TYR AD 79 109.33 182.22 211.52
C TYR AD 79 109.51 181.59 212.91
N LYS AD 80 109.76 180.27 212.97
CA LYS AD 80 110.04 179.55 214.21
C LYS AD 80 111.26 180.15 214.91
N ALA AD 81 112.32 180.44 214.15
CA ALA AD 81 113.52 181.09 214.66
C ALA AD 81 113.22 182.48 215.19
N LEU AD 82 112.46 183.28 214.43
CA LEU AD 82 112.15 184.66 214.78
C LEU AD 82 111.31 184.73 216.06
N LEU AD 83 110.37 183.81 216.25
CA LEU AD 83 109.50 183.80 217.41
C LEU AD 83 110.28 183.51 218.69
N ASN AD 84 111.39 182.77 218.55
CA ASN AD 84 112.20 182.35 219.69
C ASN AD 84 113.36 183.34 219.95
N PHE AD 85 113.90 183.98 218.90
CA PHE AD 85 115.21 184.62 218.99
C PHE AD 85 115.29 186.01 218.31
N GLY AD 86 114.26 186.43 217.58
CA GLY AD 86 114.31 187.64 216.78
C GLY AD 86 114.08 188.95 217.55
N GLU AD 87 113.61 188.85 218.80
CA GLU AD 87 113.19 190.00 219.59
C GLU AD 87 114.36 190.63 220.37
N GLY AD 88 115.56 190.02 220.32
CA GLY AD 88 116.76 190.56 220.92
C GLY AD 88 116.99 190.13 222.38
N CYS AD 89 118.02 190.71 223.03
CA CYS AD 89 118.54 190.25 224.31
C CYS AD 89 119.07 191.39 225.18
N GLU AD 90 119.38 191.11 226.46
CA GLU AD 90 120.19 192.00 227.30
C GLU AD 90 121.14 191.22 228.20
N ILE AD 91 122.40 191.71 228.29
CA ILE AD 91 123.45 191.16 229.14
C ILE AD 91 123.33 191.76 230.54
N HIS AD 92 122.31 191.32 231.30
CA HIS AD 92 122.20 191.65 232.72
C HIS AD 92 123.21 190.80 233.51
N VAL AD 93 123.75 191.36 234.59
CA VAL AD 93 124.66 190.65 235.50
C VAL AD 93 124.23 190.94 236.95
N GLU AD 94 124.20 189.90 237.80
CA GLU AD 94 123.78 189.99 239.19
C GLU AD 94 124.82 190.72 240.04
N GLY AD 95 124.41 191.81 240.70
CA GLY AD 95 125.19 192.56 241.68
C GLY AD 95 126.45 193.22 241.13
N ASP AD 96 126.39 193.71 239.89
CA ASP AD 96 127.55 194.06 239.08
C ASP AD 96 128.36 195.24 239.63
N ASP AD 97 127.78 196.05 240.53
CA ASP AD 97 128.49 197.13 241.21
C ASP AD 97 129.64 196.59 242.06
N GLU AD 98 129.58 195.31 242.43
CA GLU AD 98 130.61 194.63 243.20
C GLU AD 98 131.84 194.28 242.33
N THR AD 99 131.69 194.29 240.99
CA THR AD 99 132.77 193.90 240.10
C THR AD 99 133.74 195.05 239.76
N LYS AD 100 133.38 196.29 240.12
CA LYS AD 100 134.04 197.52 239.69
C LYS AD 100 135.56 197.46 239.81
N GLN AD 101 136.26 197.56 238.66
CA GLN AD 101 137.70 197.39 238.56
C GLN AD 101 138.27 198.27 237.43
N LEU AD 102 139.53 198.70 237.55
CA LEU AD 102 140.21 199.50 236.53
C LEU AD 102 140.54 198.63 235.32
N VAL AD 103 140.23 199.13 234.11
CA VAL AD 103 140.46 198.42 232.85
C VAL AD 103 141.54 199.13 232.01
N ASP AD 104 141.42 200.45 231.82
CA ASP AD 104 142.41 201.24 231.10
C ASP AD 104 142.55 202.61 231.76
N GLY AD 105 142.93 202.61 233.05
CA GLY AD 105 143.08 203.83 233.84
C GLY AD 105 141.75 204.37 234.38
N GLU AD 106 140.63 203.66 234.10
CA GLU AD 106 139.29 204.07 234.52
C GLU AD 106 138.48 202.84 234.95
N PRO AD 107 137.61 202.91 235.99
CA PRO AD 107 136.76 201.79 236.39
C PRO AD 107 135.71 201.36 235.37
N MET AD 108 135.46 200.04 235.30
CA MET AD 108 134.38 199.45 234.53
C MET AD 108 133.77 198.28 235.32
N THR AD 109 132.57 197.84 234.89
CA THR AD 109 131.87 196.66 235.39
C THR AD 109 132.04 195.49 234.41
N LEU AD 110 131.66 194.28 234.84
CA LEU AD 110 131.70 193.11 233.97
C LEU AD 110 130.71 193.25 232.81
N SER AD 111 129.51 193.78 233.07
CA SER AD 111 128.52 193.97 232.00
C SER AD 111 129.02 194.93 230.91
N GLU AD 112 129.75 195.99 231.31
CA GLU AD 112 130.36 196.90 230.36
C GLU AD 112 131.41 196.18 229.52
N TRP AD 113 132.23 195.34 230.17
CA TRP AD 113 133.27 194.56 229.50
C TRP AD 113 132.65 193.54 228.53
N LEU AD 114 131.51 192.96 228.91
CA LEU AD 114 130.81 191.99 228.08
C LEU AD 114 130.16 192.70 226.89
N GLU AD 115 129.74 193.96 227.06
CA GLU AD 115 129.17 194.74 225.98
C GLU AD 115 130.23 195.12 224.95
N ASP AD 116 131.48 195.34 225.40
CA ASP AD 116 132.62 195.52 224.51
C ASP AD 116 132.96 194.20 223.80
N ALA AD 117 132.78 193.07 224.49
CA ALA AD 117 133.05 191.75 223.94
C ALA AD 117 131.97 191.28 222.95
N PHE AD 118 130.71 191.69 223.19
CA PHE AD 118 129.54 191.19 222.47
C PHE AD 118 128.57 192.34 222.15
N PRO AD 119 128.96 193.36 221.34
CA PRO AD 119 128.11 194.53 221.09
C PRO AD 119 126.88 194.28 220.21
N HIS AD 120 126.94 193.28 219.33
CA HIS AD 120 125.89 192.99 218.37
C HIS AD 120 125.15 191.69 218.70
N LEU AD 121 124.98 191.39 220.00
CA LEU AD 121 124.57 190.07 220.47
C LEU AD 121 123.21 189.63 219.94
N ASP AD 122 122.29 190.57 219.65
CA ASP AD 122 120.97 190.27 219.10
C ASP AD 122 121.07 189.44 217.82
N LEU AD 123 122.04 189.81 216.96
CA LEU AD 123 122.22 189.19 215.65
C LEU AD 123 122.85 187.80 215.82
N LEU AD 124 123.78 187.67 216.78
CA LEU AD 124 124.44 186.40 217.06
C LEU AD 124 123.44 185.43 217.66
N VAL AD 125 122.56 185.89 218.55
CA VAL AD 125 121.52 185.08 219.17
C VAL AD 125 120.53 184.58 218.12
N LEU AD 126 120.14 185.44 217.17
CA LEU AD 126 119.23 185.04 216.10
C LEU AD 126 119.87 184.03 215.16
N ASP AD 127 121.14 184.25 214.77
CA ASP AD 127 121.87 183.34 213.90
C ASP AD 127 122.06 181.97 214.55
N LEU AD 128 122.57 181.94 215.79
CA LEU AD 128 122.80 180.70 216.53
C LEU AD 128 121.48 179.99 216.83
N GLY AD 129 120.46 180.75 217.25
CA GLY AD 129 119.15 180.19 217.56
C GLY AD 129 118.47 179.57 216.34
N GLY AD 130 118.51 180.29 215.22
CA GLY AD 130 118.04 179.80 213.93
C GLY AD 130 118.76 178.53 213.49
N ASP AD 131 120.10 178.56 213.53
CA ASP AD 131 120.94 177.45 213.15
C ASP AD 131 120.66 176.22 214.03
N ALA AD 132 120.47 176.42 215.33
CA ALA AD 132 120.22 175.33 216.28
C ALA AD 132 118.79 174.78 216.20
N LEU AD 133 117.91 175.43 215.42
CA LEU AD 133 116.58 174.89 215.09
C LEU AD 133 116.62 174.18 213.74
N TRP AD 134 117.26 174.79 212.74
CA TRP AD 134 117.44 174.26 211.40
C TRP AD 134 118.27 172.97 211.46
N TYR AD 135 119.53 173.09 211.91
CA TYR AD 135 120.47 172.00 212.08
C TYR AD 135 120.36 171.46 213.51
N PRO AD 136 120.94 170.27 213.84
CA PRO AD 136 120.92 169.76 215.20
C PRO AD 136 121.58 170.65 216.26
N TYR AD 137 122.47 171.56 215.82
CA TYR AD 137 123.27 172.44 216.67
C TYR AD 137 123.70 173.70 215.94
N ALA AD 138 124.15 174.71 216.70
CA ALA AD 138 124.95 175.82 216.21
C ALA AD 138 126.35 175.74 216.82
N VAL AD 139 127.38 176.25 216.11
CA VAL AD 139 128.78 176.01 216.47
C VAL AD 139 129.67 177.20 216.05
N GLY AD 140 130.76 177.44 216.78
CA GLY AD 140 131.67 178.54 216.48
C GLY AD 140 133.06 178.45 217.14
N GLU AD 141 133.96 179.38 216.76
CA GLU AD 141 135.33 179.52 217.25
C GLU AD 141 135.41 180.65 218.28
N ILE AD 142 136.51 180.70 219.06
CA ILE AD 142 136.92 181.90 219.77
C ILE AD 142 138.05 182.55 218.98
N GLN AD 143 137.96 183.88 218.77
CA GLN AD 143 138.85 184.63 217.90
C GLN AD 143 139.56 185.76 218.66
N GLU AD 144 140.79 186.08 218.23
CA GLU AD 144 141.69 186.98 218.93
C GLU AD 144 142.12 188.14 218.03
N THR AD 145 142.51 189.25 218.66
CA THR AD 145 143.07 190.44 218.03
C THR AD 145 144.48 190.15 217.51
N ILE AD 146 145.10 191.13 216.83
CA ILE AD 146 146.48 191.04 216.38
C ILE AD 146 147.40 190.99 217.61
N THR AD 147 147.04 191.75 218.66
CA THR AD 147 147.77 191.80 219.92
C THR AD 147 147.63 190.51 220.73
N GLY AD 148 146.55 189.74 220.50
CA GLY AD 148 146.38 188.42 221.10
C GLY AD 148 145.27 188.33 222.15
N GLU AD 149 144.81 189.49 222.65
CA GLU AD 149 143.64 189.60 223.49
C GLU AD 149 142.39 189.19 222.70
N PHE AD 150 141.30 188.82 223.38
CA PHE AD 150 140.05 188.38 222.77
C PHE AD 150 139.46 189.45 221.85
N LYS AD 151 138.87 189.00 220.73
CA LYS AD 151 138.20 189.86 219.76
C LYS AD 151 136.69 189.56 219.72
N GLU AD 152 136.33 188.31 219.45
CA GLU AD 152 134.95 187.89 219.22
C GLU AD 152 134.80 186.37 219.36
N ALA AD 153 133.55 185.91 219.56
CA ALA AD 153 133.16 184.53 219.32
C ALA AD 153 132.50 184.44 217.95
N LEU AD 154 133.03 183.58 217.05
CA LEU AD 154 132.71 183.62 215.63
C LEU AD 154 132.01 182.33 215.19
N PRO AD 155 130.71 182.37 214.79
CA PRO AD 155 130.00 181.18 214.32
C PRO AD 155 130.52 180.62 212.99
N ALA AD 156 130.55 179.28 212.90
CA ALA AD 156 130.95 178.54 211.70
C ALA AD 156 129.71 178.02 210.96
N GLU AD 157 129.88 177.62 209.70
CA GLU AD 157 128.79 177.12 208.86
C GLU AD 157 128.41 175.72 209.32
N PRO AD 158 127.25 175.53 209.98
CA PRO AD 158 126.99 174.32 210.77
C PRO AD 158 126.88 173.00 209.98
N TRP AD 159 126.46 173.09 208.71
CA TRP AD 159 126.34 171.92 207.84
C TRP AD 159 127.71 171.33 207.49
N THR AD 160 128.78 172.11 207.68
CA THR AD 160 130.13 171.70 207.31
C THR AD 160 130.80 170.84 208.39
N LEU AD 161 130.24 170.81 209.61
CA LEU AD 161 130.86 170.20 210.78
C LEU AD 161 129.98 169.08 211.36
N MET AD 162 130.61 167.94 211.70
CA MET AD 162 129.96 166.85 212.41
C MET AD 162 130.77 166.42 213.63
N PRO AD 163 130.12 166.04 214.77
CA PRO AD 163 130.85 165.63 215.97
C PRO AD 163 131.29 164.16 215.93
N GLU AD 164 132.35 163.85 216.71
CA GLU AD 164 132.81 162.48 216.92
C GLU AD 164 132.93 162.22 218.42
N SER AD 165 132.44 161.05 218.88
CA SER AD 165 132.12 160.81 220.28
C SER AD 165 132.35 159.36 220.73
N ASP AD 166 132.33 159.13 222.05
CA ASP AD 166 132.66 157.87 222.73
C ASP AD 166 131.45 157.25 223.42
N ALA AD 167 131.63 156.07 224.05
CA ALA AD 167 130.58 155.31 224.73
C ALA AD 167 130.13 155.99 226.01
N GLN AD 168 130.96 156.91 226.53
CA GLN AD 168 130.68 157.81 227.65
C GLN AD 168 129.75 158.94 227.21
N GLY AD 169 129.57 159.11 225.89
CA GLY AD 169 128.55 159.99 225.32
C GLY AD 169 129.02 161.41 225.04
N LYS AD 170 130.34 161.66 225.01
CA LYS AD 170 130.86 163.01 224.90
C LYS AD 170 131.61 163.23 223.58
N VAL AD 171 131.41 164.43 222.99
CA VAL AD 171 132.09 164.84 221.77
C VAL AD 171 133.55 165.15 222.08
N GLN AD 172 134.47 164.41 221.45
CA GLN AD 172 135.90 164.57 221.64
C GLN AD 172 136.51 165.43 220.54
N ALA AD 173 135.91 165.41 219.34
CA ALA AD 173 136.42 166.13 218.17
C ALA AD 173 135.29 166.58 217.24
N TRP AD 174 135.58 167.63 216.47
CA TRP AD 174 134.73 168.15 215.40
C TRP AD 174 135.40 167.90 214.04
N HIS AD 175 134.69 167.24 213.12
CA HIS AD 175 135.18 166.81 211.82
C HIS AD 175 134.53 167.69 210.74
N GLN AD 176 135.34 168.32 209.86
CA GLN AD 176 134.84 169.27 208.86
C GLN AD 176 135.10 168.78 207.43
N ARG AD 177 134.09 168.92 206.54
CA ARG AD 177 134.23 168.70 205.10
C ARG AD 177 133.65 169.87 204.31
N THR AD 178 134.44 170.45 203.37
CA THR AD 178 134.09 171.68 202.67
C THR AD 178 134.58 171.72 201.21
N LYS AD 179 133.81 172.35 200.32
CA LYS AD 179 134.14 172.48 198.90
C LYS AD 179 135.06 173.68 198.65
N THR AD 180 136.01 173.52 197.71
CA THR AD 180 136.85 174.58 197.15
C THR AD 180 137.22 174.23 195.70
N HIS AD 181 137.19 175.23 194.79
CA HIS AD 181 137.49 175.09 193.37
C HIS AD 181 136.71 173.96 192.69
N GLY AD 182 135.51 173.65 193.20
CA GLY AD 182 134.67 172.57 192.71
C GLY AD 182 134.99 171.22 193.34
N GLY AD 183 136.19 171.07 193.91
CA GLY AD 183 136.63 169.89 194.64
C GLY AD 183 136.31 169.97 196.14
N TYR AD 184 137.04 169.21 196.97
CA TYR AD 184 136.77 169.10 198.41
C TYR AD 184 138.07 169.13 199.25
N GLN AD 185 137.93 169.61 200.50
CA GLN AD 185 138.95 169.53 201.56
C GLN AD 185 138.32 168.95 202.83
N THR AD 186 139.12 168.25 203.66
CA THR AD 186 138.69 167.57 204.87
C THR AD 186 139.68 167.83 206.01
N GLN AD 187 139.19 168.07 207.25
CA GLN AD 187 140.02 168.29 208.43
C GLN AD 187 139.31 167.89 209.72
N THR AD 188 140.06 167.71 210.82
CA THR AD 188 139.54 167.42 212.16
C THR AD 188 140.13 168.39 213.18
N LEU AD 189 139.28 168.87 214.12
CA LEU AD 189 139.62 169.85 215.14
C LEU AD 189 139.21 169.34 216.53
N PRO AD 190 139.91 169.70 217.63
CA PRO AD 190 139.55 169.24 218.97
C PRO AD 190 138.32 169.96 219.53
N ALA AD 191 137.61 169.31 220.47
CA ALA AD 191 136.49 169.91 221.18
C ALA AD 191 137.01 170.80 222.31
N ASP AD 192 137.81 171.82 221.95
CA ASP AD 192 138.58 172.63 222.89
C ASP AD 192 138.34 174.13 222.66
N ASP AD 193 138.77 174.65 221.49
CA ASP AD 193 138.65 176.06 221.12
C ASP AD 193 137.37 176.34 220.33
N LEU AD 194 136.65 175.28 219.92
CA LEU AD 194 135.30 175.36 219.37
C LEU AD 194 134.29 175.28 220.51
N TRP AD 195 133.09 175.86 220.28
CA TRP AD 195 131.94 175.83 221.19
C TRP AD 195 130.66 175.62 220.40
N ILE AD 197 125.97 174.78 220.66
CA ILE AD 197 124.69 174.88 221.38
C ILE AD 197 123.64 173.96 220.73
N VAL AD 198 122.85 173.25 221.55
CA VAL AD 198 121.79 172.34 221.15
C VAL AD 198 120.48 172.74 221.82
N ILE AD 199 119.40 172.97 221.03
CA ILE AD 199 118.09 173.33 221.57
C ILE AD 199 117.25 172.09 221.86
N ASN AD 200 117.17 171.15 220.90
CA ASN AD 200 116.29 169.98 220.96
C ASN AD 200 117.12 168.71 221.17
N LYS AD 201 116.66 167.80 222.04
CA LYS AD 201 117.48 166.70 222.56
C LYS AD 201 116.70 165.38 222.69
N ALA AD 202 117.42 164.26 222.54
CA ALA AD 202 116.92 162.92 222.79
C ALA AD 202 116.90 162.58 224.29
N SER AD 203 117.75 163.25 225.09
CA SER AD 203 117.88 163.06 226.54
C SER AD 203 118.59 164.25 227.17
N ALA AD 204 118.64 164.31 228.52
CA ALA AD 204 119.38 165.35 229.24
C ALA AD 204 120.87 165.27 228.97
N ARG AD 205 121.36 164.07 228.61
CA ARG AD 205 122.77 163.79 228.32
C ARG AD 205 123.20 164.20 226.90
N ASP AD 206 122.24 164.44 226.00
CA ASP AD 206 122.48 164.54 224.56
C ASP AD 206 123.33 165.76 224.19
N GLU AD 207 124.47 165.51 223.51
CA GLU AD 207 125.38 166.54 223.02
C GLU AD 207 125.26 166.75 221.50
N VAL AD 208 124.53 165.86 220.80
CA VAL AD 208 124.44 165.84 219.33
C VAL AD 208 123.15 166.51 218.87
N GLY AD 209 122.04 166.26 219.57
CA GLY AD 209 120.81 167.02 219.37
C GLY AD 209 119.93 166.49 218.25
N ILE AD 210 118.77 167.14 218.07
CA ILE AD 210 117.75 166.81 217.07
C ILE AD 210 117.50 168.04 216.18
N SER AD 211 117.65 167.87 214.86
CA SER AD 211 117.12 168.83 213.90
C SER AD 211 115.63 168.59 213.70
N GLU AD 212 114.82 169.64 213.80
CA GLU AD 212 113.40 169.55 213.52
C GLU AD 212 113.14 169.35 212.02
N VAL AD 213 114.13 169.68 211.17
CA VAL AD 213 114.04 169.43 209.73
C VAL AD 213 114.15 167.93 209.46
N LEU AD 214 115.02 167.23 210.21
CA LEU AD 214 115.16 165.79 210.10
C LEU AD 214 114.02 165.07 210.82
N ARG AD 215 113.54 165.64 211.94
CA ARG AD 215 112.51 165.04 212.79
C ARG AD 215 111.18 164.92 212.04
N ASN AD 216 110.92 165.86 211.11
CA ASN AD 216 109.66 165.96 210.41
C ASN AD 216 109.85 165.84 208.89
N LYS AD 217 110.84 165.05 208.45
CA LYS AD 217 111.27 164.95 207.06
C LYS AD 217 110.15 164.47 206.13
N ASP AD 218 109.41 163.43 206.56
CA ASP AD 218 108.34 162.83 205.77
C ASP AD 218 107.21 163.83 205.53
N GLU AD 219 106.83 164.59 206.58
CA GLU AD 219 105.80 165.62 206.52
C GLU AD 219 106.22 166.74 205.57
N ILE AD 220 107.50 167.12 205.59
CA ILE AD 220 108.08 168.13 204.72
C ILE AD 220 108.03 167.68 203.26
N GLN AD 221 108.40 166.42 203.00
CA GLN AD 221 108.33 165.85 201.65
C GLN AD 221 106.87 165.76 201.18
N ALA AD 222 105.96 165.34 202.07
CA ALA AD 222 104.54 165.23 201.75
C ALA AD 222 103.94 166.59 201.38
N PHE AD 223 104.35 167.66 202.08
CA PHE AD 223 103.92 169.02 201.81
C PHE AD 223 104.36 169.44 200.40
N LYS AD 224 105.65 169.24 200.07
CA LYS AD 224 106.23 169.59 198.79
C LYS AD 224 105.57 168.80 197.65
N GLN AD 225 105.28 167.51 197.89
CA GLN AD 225 104.64 166.64 196.91
C GLN AD 225 103.21 167.08 196.63
N ASN AD 226 102.45 167.42 197.69
CA ASN AD 226 101.07 167.88 197.55
C ASN AD 226 101.00 169.22 196.80
N GLU AD 227 101.98 170.11 197.05
CA GLU AD 227 102.15 171.34 196.30
C GLU AD 227 102.38 171.06 194.80
N ALA AD 228 103.28 170.13 194.49
CA ALA AD 228 103.58 169.74 193.11
C ALA AD 228 102.35 169.15 192.43
N ALA AD 229 101.54 168.39 193.18
CA ALA AD 229 100.28 167.83 192.70
C ALA AD 229 99.26 168.92 192.39
N ILE AD 230 99.04 169.87 193.32
CA ILE AD 230 98.06 170.94 193.19
C ILE AD 230 98.40 171.82 191.98
N ASN AD 231 99.68 172.16 191.82
CA ASN AD 231 100.19 173.03 190.77
C ASN AD 231 99.71 172.56 189.40
N GLN AD 232 99.89 171.27 189.10
CA GLN AD 232 99.53 170.70 187.81
C GLN AD 232 98.04 170.37 187.74
N ALA AD 233 97.42 170.03 188.88
CA ALA AD 233 95.99 169.76 188.93
C ALA AD 233 95.17 171.00 188.57
N ILE AD 234 95.65 172.19 188.97
CA ILE AD 234 95.05 173.46 188.58
C ILE AD 234 95.22 173.66 187.06
N GLU AD 235 96.42 173.41 186.53
CA GLU AD 235 96.72 173.52 185.10
C GLU AD 235 95.81 172.63 184.26
N LEU AD 236 95.54 171.40 184.74
CA LEU AD 236 94.79 170.39 183.98
C LEU AD 236 93.28 170.48 184.21
N HIS AD 237 92.84 170.90 185.41
CA HIS AD 237 91.44 170.75 185.84
C HIS AD 237 90.80 172.05 186.33
N GLY AD 238 91.60 173.05 186.70
CA GLY AD 238 91.11 174.32 187.20
C GLY AD 238 90.59 175.26 186.12
N PHE AD 239 91.09 175.07 184.89
CA PHE AD 239 90.71 175.85 183.71
C PHE AD 239 89.88 174.99 182.75
N PRO AD 240 88.74 175.50 182.21
CA PRO AD 240 88.03 174.80 181.15
C PRO AD 240 88.87 174.69 179.88
N GLN AD 241 88.59 173.68 179.05
CA GLN AD 241 89.28 173.44 177.78
C GLN AD 241 88.26 173.11 176.68
N ARG AD 242 88.48 173.58 175.45
CA ARG AD 242 87.50 173.47 174.36
C ARG AD 242 87.76 172.24 173.49
N VAL AD 244 86.41 170.65 169.89
CA VAL AD 244 85.67 170.69 168.64
C VAL AD 244 85.53 169.26 168.09
N LYS AD 245 84.28 168.85 167.81
CA LYS AD 245 83.95 167.55 167.22
C LYS AD 245 83.42 167.75 165.81
N VAL AD 246 84.05 167.06 164.84
CA VAL AD 246 83.79 167.25 163.42
C VAL AD 246 83.15 165.98 162.84
N GLY AD 247 82.12 166.16 162.01
CA GLY AD 247 81.41 165.07 161.36
C GLY AD 247 80.14 164.68 162.11
N LYS AD 248 79.21 164.02 161.42
CA LYS AD 248 77.95 163.55 161.99
C LYS AD 248 78.17 162.20 162.68
N GLU AD 249 77.36 161.91 163.71
CA GLU AD 249 77.33 160.61 164.37
C GLU AD 249 76.96 159.54 163.35
N ASP AD 250 77.78 158.47 163.27
CA ASP AD 250 77.66 157.38 162.29
C ASP AD 250 77.83 157.87 160.85
N GLY AD 251 78.41 159.07 160.66
CA GLY AD 251 78.59 159.68 159.34
C GLY AD 251 79.93 159.35 158.70
N ALA AD 252 80.38 160.21 157.77
CA ALA AD 252 81.63 160.05 157.03
C ALA AD 252 82.82 160.27 157.96
N PRO AD 253 83.98 159.57 157.75
CA PRO AD 253 85.18 159.78 158.56
C PRO AD 253 85.86 161.11 158.24
N VAL AD 254 86.61 161.64 159.23
CA VAL AD 254 87.39 162.86 159.12
C VAL AD 254 88.84 162.52 159.49
N ARG AD 255 89.81 162.97 158.67
CA ARG AD 255 91.22 162.60 158.80
C ARG AD 255 92.02 163.78 159.37
N ASP AD 256 93.30 163.55 159.73
CA ASP AD 256 94.13 164.54 160.40
C ASP AD 256 94.35 165.79 159.54
N ASN AD 257 94.56 165.61 158.22
CA ASN AD 257 94.74 166.70 157.28
C ASN AD 257 93.49 167.57 157.14
N ASP AD 258 92.33 167.04 157.58
CA ASP AD 258 91.07 167.77 157.64
C ASP AD 258 91.00 168.55 158.96
N LEU AD 259 91.32 167.87 160.08
CA LEU AD 259 91.32 168.48 161.40
C LEU AD 259 92.33 169.63 161.49
N ARG AD 260 93.45 169.53 160.77
CA ARG AD 260 94.48 170.58 160.69
C ARG AD 260 93.89 171.88 160.13
N ARG AD 261 92.93 171.75 159.21
CA ARG AD 261 92.23 172.88 158.60
C ARG AD 261 91.18 173.45 159.56
N VAL AD 262 90.45 172.59 160.27
CA VAL AD 262 89.46 173.00 161.26
C VAL AD 262 90.14 173.71 162.42
N ARG AD 263 91.28 173.18 162.89
CA ARG AD 263 92.07 173.75 163.98
C ARG AD 263 92.52 175.17 163.63
N THR AD 264 92.80 175.42 162.34
CA THR AD 264 93.23 176.72 161.84
C THR AD 264 92.13 177.77 161.95
N ILE AD 265 90.85 177.36 162.05
CA ILE AD 265 89.72 178.26 162.19
C ILE AD 265 89.47 178.58 163.67
N PHE AD 266 89.27 177.55 164.51
CA PHE AD 266 88.87 177.71 165.90
C PHE AD 266 90.08 177.86 166.85
N ASP AD 267 91.22 178.36 166.33
CA ASP AD 267 92.47 178.43 167.07
C ASP AD 267 92.37 179.38 168.27
N PRO AD 268 92.54 178.92 169.54
CA PRO AD 268 92.48 179.82 170.70
C PRO AD 268 93.57 180.89 170.76
N ARG AD 269 94.62 180.74 169.93
CA ARG AD 269 95.71 181.69 169.75
C ARG AD 269 95.22 182.96 169.03
N THR AD 270 94.18 182.83 168.19
CA THR AD 270 93.70 183.91 167.33
C THR AD 270 92.22 184.23 167.54
N THR AD 271 91.53 183.44 168.39
CA THR AD 271 90.16 183.69 168.85
C THR AD 271 90.17 184.88 169.82
N ASP AD 272 89.05 185.61 169.89
CA ASP AD 272 88.91 186.77 170.77
C ASP AD 272 87.56 186.71 171.50
N ALA AD 273 87.38 187.60 172.49
CA ALA AD 273 86.28 187.56 173.45
C ALA AD 273 84.91 187.55 172.79
N ASN AD 274 84.75 188.28 171.68
CA ASN AD 274 83.48 188.48 171.00
C ASN AD 274 83.44 187.75 169.64
N THR AD 275 84.27 186.72 169.47
CA THR AD 275 84.26 185.84 168.31
C THR AD 275 82.92 185.11 168.23
N ALA AD 276 82.42 184.90 167.00
CA ALA AD 276 81.23 184.09 166.74
C ALA AD 276 81.50 183.10 165.60
N TYR AD 277 80.72 182.00 165.59
CA TYR AD 277 80.92 180.85 164.72
C TYR AD 277 79.66 180.55 163.91
N PHE AD 278 79.84 180.10 162.66
CA PHE AD 278 78.78 179.75 161.72
C PHE AD 278 79.13 178.40 161.11
N THR AD 279 78.23 177.40 161.22
CA THR AD 279 78.54 176.06 160.74
C THR AD 279 77.32 175.37 160.14
N GLY AD 280 77.56 174.30 159.36
CA GLY AD 280 76.54 173.28 159.12
C GLY AD 280 76.23 172.53 160.41
N GLN AD 281 75.19 171.69 160.40
CA GLN AD 281 74.73 170.97 161.59
C GLN AD 281 75.74 169.93 162.08
N ASP AD 282 76.69 169.53 161.23
CA ASP AD 282 77.58 168.39 161.49
C ASP AD 282 78.96 168.84 161.99
N VAL AD 283 79.00 169.98 162.68
CA VAL AD 283 80.15 170.45 163.46
C VAL AD 283 79.64 170.89 164.84
N ASP AD 284 80.33 170.43 165.89
CA ASP AD 284 79.97 170.72 167.27
C ASP AD 284 81.16 171.28 168.05
N VAL AD 285 80.89 172.26 168.92
CA VAL AD 285 81.85 172.78 169.90
C VAL AD 285 81.36 172.40 171.29
N GLU AD 286 82.26 171.83 172.11
CA GLU AD 286 81.98 171.42 173.47
C GLU AD 286 83.10 171.87 174.41
N THR AD 287 82.83 171.85 175.73
CA THR AD 287 83.82 172.24 176.73
C THR AD 287 84.00 171.13 177.77
N LEU AD 288 85.26 170.76 178.00
CA LEU AD 288 85.70 170.14 179.24
C LEU AD 288 85.74 171.22 180.31
N GLU AD 289 84.75 171.21 181.21
CA GLU AD 289 84.58 172.25 182.22
C GLU AD 289 85.71 172.18 183.25
N ALA AD 290 85.82 173.22 184.09
CA ALA AD 290 86.68 173.16 185.26
C ALA AD 290 86.09 172.14 186.23
N ASN AD 292 85.70 170.69 189.18
CA ASN AD 292 86.04 171.32 190.45
C ASN AD 292 86.41 170.30 191.53
N PHE AD 293 87.45 170.64 192.29
CA PHE AD 293 87.96 169.89 193.44
C PHE AD 293 88.40 170.90 194.51
N ASP AD 294 88.31 170.52 195.79
CA ASP AD 294 88.56 171.49 196.87
C ASP AD 294 90.05 171.53 197.20
N TYR AD 295 90.83 172.20 196.33
CA TYR AD 295 92.25 172.43 196.54
C TYR AD 295 92.52 173.26 197.79
N SER AD 296 91.58 174.15 198.15
CA SER AD 296 91.67 174.94 199.38
C SER AD 296 91.68 174.02 200.60
N ALA AD 297 90.73 173.06 200.68
CA ALA AD 297 90.66 172.11 201.77
C ALA AD 297 91.92 171.24 201.85
N ILE AD 298 92.45 170.80 200.70
CA ILE AD 298 93.68 170.04 200.64
C ILE AD 298 94.84 170.88 201.16
N HIS AD 299 94.98 172.12 200.66
CA HIS AD 299 96.05 173.03 201.00
C HIS AD 299 96.04 173.40 202.48
N GLU AD 300 94.85 173.57 203.05
CA GLU AD 300 94.65 173.80 204.47
C GLU AD 300 95.07 172.57 205.28
N MET AD 301 94.77 171.35 204.77
CA MET AD 301 95.21 170.12 205.42
C MET AD 301 96.73 170.00 205.40
N ASP AD 302 97.36 170.35 204.27
CA ASP AD 302 98.81 170.39 204.14
C ASP AD 302 99.40 171.33 205.18
N MET AD 303 98.79 172.52 205.35
CA MET AD 303 99.30 173.54 206.25
C MET AD 303 99.10 173.12 207.71
N ARG AD 304 97.95 172.48 208.00
CA ARG AD 304 97.67 171.87 209.29
C ARG AD 304 98.74 170.83 209.65
N ASN AD 305 99.03 169.93 208.71
CA ASN AD 305 99.99 168.87 208.89
C ASN AD 305 101.38 169.45 209.19
N LEU AD 306 101.85 170.38 208.35
CA LEU AD 306 103.19 170.93 208.47
C LEU AD 306 103.35 171.81 209.72
N THR AD 307 102.39 172.71 209.99
CA THR AD 307 102.51 173.64 211.11
C THR AD 307 102.52 172.90 212.45
N THR AD 308 101.55 172.00 212.67
CA THR AD 308 101.46 171.23 213.92
C THR AD 308 102.66 170.30 214.10
N ALA AD 309 103.20 169.75 213.00
CA ALA AD 309 104.43 168.96 213.05
C ALA AD 309 105.61 169.81 213.54
N LEU AD 310 105.69 171.07 213.07
CA LEU AD 310 106.71 172.02 213.50
C LEU AD 310 106.38 172.67 214.85
N GLY AD 311 105.19 172.38 215.42
CA GLY AD 311 104.77 172.94 216.70
C GLY AD 311 104.27 174.38 216.61
N LEU AD 312 104.19 174.91 215.38
CA LEU AD 312 103.72 176.27 215.10
C LEU AD 312 102.19 176.32 215.18
N PRO AD 313 101.58 177.50 215.45
CA PRO AD 313 100.14 177.68 215.27
C PRO AD 313 99.82 177.73 213.78
N LEU AD 314 98.63 177.25 213.40
CA LEU AD 314 98.20 177.19 212.00
C LEU AD 314 98.14 178.59 211.38
N GLU AD 315 97.89 179.60 212.23
CA GLU AD 315 97.89 181.02 211.90
C GLU AD 315 99.23 181.48 211.31
N ALA AD 316 100.34 180.87 211.73
CA ALA AD 316 101.67 181.19 211.24
C ALA AD 316 101.87 180.63 209.82
N GLY AD 317 100.99 179.73 209.40
CA GLY AD 317 100.94 179.22 208.05
C GLY AD 317 99.96 180.00 207.16
N ASN AD 318 99.42 181.11 207.69
CA ASN AD 318 98.49 181.99 207.00
C ASN AD 318 97.19 181.27 206.63
N VAL AD 319 96.70 180.41 207.55
CA VAL AD 319 95.44 179.67 207.45
C VAL AD 319 94.67 179.81 208.77
N GLY AD 320 93.34 179.99 208.69
CA GLY AD 320 92.49 180.15 209.86
C GLY AD 320 91.59 178.95 210.14
N ALA AD 321 90.73 179.08 211.16
CA ALA AD 321 89.73 178.08 211.54
C ALA AD 321 88.57 178.75 212.28
N ASP AD 322 87.38 178.14 212.21
CA ASP AD 322 86.17 178.58 212.92
C ASP AD 322 86.20 178.09 214.38
N GLY AD 323 85.53 178.83 215.27
CA GLY AD 323 85.44 178.52 216.69
C GLY AD 323 86.69 178.90 217.49
N LEU AD 324 87.85 178.51 216.96
CA LEU AD 324 89.17 178.70 217.57
C LEU AD 324 89.56 180.18 217.66
N GLY AD 325 88.92 181.05 216.86
CA GLY AD 325 89.24 182.48 216.84
C GLY AD 325 88.59 183.30 217.95
N SER AD 326 88.04 182.65 218.99
CA SER AD 326 87.30 183.29 220.06
C SER AD 326 87.49 182.58 221.40
N GLY AD 327 87.40 183.31 222.52
CA GLY AD 327 87.34 182.75 223.86
C GLY AD 327 88.62 182.04 224.32
N LYS AD 328 88.47 181.13 225.28
CA LYS AD 328 89.58 180.46 225.97
C LYS AD 328 90.42 179.59 225.03
N PRO AD 329 89.88 178.98 223.95
CA PRO AD 329 90.71 178.37 222.92
C PRO AD 329 91.87 179.21 222.39
N ALA AD 330 91.67 180.53 222.26
CA ALA AD 330 92.72 181.45 221.85
C ALA AD 330 93.78 181.58 222.94
N GLU AD 331 93.35 181.69 224.21
CA GLU AD 331 94.21 181.77 225.37
C GLU AD 331 95.15 180.56 225.45
N LEU AD 332 94.62 179.35 225.20
CA LEU AD 332 95.40 178.11 225.24
C LEU AD 332 96.46 178.07 224.14
N ARG AD 333 96.09 178.37 222.88
CA ARG AD 333 97.01 178.28 221.75
C ARG AD 333 98.22 179.20 221.94
N PHE AD 334 97.97 180.42 222.44
CA PHE AD 334 99.01 181.41 222.70
C PHE AD 334 99.81 181.08 223.96
N ALA AD 335 99.16 180.47 224.96
CA ALA AD 335 99.87 179.95 226.13
C ALA AD 335 100.87 178.86 225.74
N LEU AD 336 100.44 177.90 224.89
CA LEU AD 336 101.29 176.83 224.41
C LEU AD 336 102.49 177.36 223.64
N LEU AD 337 102.32 178.47 222.90
CA LEU AD 337 103.41 179.08 222.15
C LEU AD 337 104.36 179.81 223.12
N LYS AD 338 103.82 180.50 224.14
CA LYS AD 338 104.62 181.15 225.16
C LYS AD 338 105.48 180.13 225.92
N LEU AD 339 104.89 178.98 226.29
CA LEU AD 339 105.58 177.93 227.03
C LEU AD 339 106.76 177.40 226.22
N ALA AD 340 106.54 177.13 224.93
CA ALA AD 340 107.58 176.67 224.02
C ALA AD 340 108.71 177.69 223.90
N ILE AD 341 108.37 178.97 223.71
CA ILE AD 341 109.33 180.06 223.57
C ILE AD 341 110.19 180.19 224.84
N LYS AD 342 109.55 180.28 226.01
CA LYS AD 342 110.23 180.46 227.28
C LYS AD 342 111.21 179.32 227.59
N ALA AD 343 110.78 178.08 227.33
CA ALA AD 343 111.60 176.90 227.51
C ALA AD 343 112.81 176.90 226.57
N ASN AD 344 112.60 177.24 225.30
CA ASN AD 344 113.67 177.32 224.30
C ASN AD 344 114.68 178.41 224.66
N GLN AD 345 114.18 179.59 225.04
CA GLN AD 345 115.01 180.74 225.38
C GLN AD 345 115.92 180.44 226.58
N ARG AD 346 115.36 179.88 227.66
CA ARG AD 346 116.14 179.53 228.84
C ARG AD 346 117.17 178.45 228.54
N SER AD 347 116.80 177.46 227.71
CA SER AD 347 117.69 176.42 227.24
C SER AD 347 118.89 176.98 226.48
N PHE AD 348 118.68 178.11 225.78
CA PHE AD 348 119.72 178.76 225.00
C PHE AD 348 120.64 179.58 225.90
N SER AD 349 120.06 180.44 226.75
CA SER AD 349 120.80 181.34 227.63
C SER AD 349 121.85 180.61 228.45
N VAL AD 350 121.47 179.46 229.02
CA VAL AD 350 122.34 178.66 229.86
C VAL AD 350 123.59 178.22 229.10
N GLN AD 351 123.42 177.62 227.92
CA GLN AD 351 124.53 177.12 227.14
C GLN AD 351 125.46 178.24 226.67
N PHE AD 352 124.90 179.39 226.28
CA PHE AD 352 125.69 180.52 225.82
C PHE AD 352 126.53 181.10 226.96
N VAL AD 353 125.94 181.27 228.14
CA VAL AD 353 126.65 181.75 229.32
C VAL AD 353 127.75 180.75 229.71
N GLU AD 354 127.41 179.46 229.81
CA GLU AD 354 128.25 178.44 230.42
C GLU AD 354 129.37 177.96 229.50
N ARG AD 355 129.20 178.02 228.16
CA ARG AD 355 130.20 177.55 227.20
C ARG AD 355 130.77 178.64 226.28
N VAL AD 356 130.22 179.87 226.29
CA VAL AD 356 130.80 180.97 225.52
C VAL AD 356 131.29 182.07 226.46
N MET AD 357 130.38 182.70 227.23
CA MET AD 357 130.67 183.91 227.97
C MET AD 357 131.66 183.66 229.10
N ARG AD 358 131.38 182.68 229.98
CA ARG AD 358 132.21 182.39 231.14
C ARG AD 358 133.63 181.97 230.74
N PRO AD 359 133.85 181.02 229.80
CA PRO AD 359 135.18 180.75 229.26
C PRO AD 359 135.95 181.98 228.75
N VAL AD 360 135.28 182.90 228.05
CA VAL AD 360 135.91 184.12 227.54
C VAL AD 360 136.37 184.99 228.71
N VAL AD 361 135.52 185.18 229.73
CA VAL AD 361 135.86 185.98 230.90
C VAL AD 361 137.03 185.34 231.65
N ARG AD 362 136.98 184.01 231.83
CA ARG AD 362 137.98 183.22 232.53
C ARG AD 362 139.37 183.37 231.90
N ASP AD 363 139.43 183.32 230.56
CA ASP AD 363 140.68 183.20 229.82
C ASP AD 363 141.25 184.55 229.36
N TYR AD 364 140.44 185.62 229.32
CA TYR AD 364 140.85 186.87 228.67
C TYR AD 364 140.49 188.15 229.43
N SER AD 365 139.93 188.06 230.65
CA SER AD 365 139.36 189.23 231.33
C SER AD 365 140.00 189.49 232.70
N PRO AD 366 140.08 190.75 233.20
CA PRO AD 366 140.45 191.01 234.59
C PRO AD 366 139.34 190.68 235.61
N PHE AD 367 138.10 190.47 235.12
CA PHE AD 367 136.92 190.22 235.94
C PHE AD 367 136.77 188.73 236.27
N ASP AD 368 136.08 188.41 237.38
CA ASP AD 368 135.75 187.05 237.83
C ASP AD 368 134.62 186.48 236.96
N HIS AD 369 134.78 185.25 236.45
CA HIS AD 369 133.80 184.63 235.55
C HIS AD 369 132.62 184.02 236.31
N GLU AD 370 132.73 183.82 237.63
CA GLU AD 370 131.72 183.09 238.39
C GLU AD 370 130.54 183.96 238.82
N ALA AD 371 130.49 185.23 238.40
CA ALA AD 371 129.32 186.09 238.57
C ALA AD 371 128.18 185.59 237.68
N ASP AD 372 126.92 185.71 238.14
CA ASP AD 372 125.76 185.23 237.40
C ASP AD 372 125.32 186.25 236.35
N ILE AD 373 125.53 185.91 235.06
CA ILE AD 373 124.96 186.62 233.94
C ILE AD 373 123.49 186.24 233.81
N ARG AD 374 122.59 187.20 234.10
CA ARG AD 374 121.15 187.05 234.06
C ARG AD 374 120.61 187.16 232.63
N LEU AD 375 121.30 186.56 231.65
CA LEU AD 375 121.08 186.76 230.21
C LEU AD 375 119.65 186.41 229.80
N GLU AD 376 118.91 187.42 229.32
CA GLU AD 376 117.52 187.26 228.92
C GLU AD 376 117.36 187.49 227.41
N ILE AD 377 116.41 186.76 226.81
CA ILE AD 377 115.96 186.94 225.44
C ILE AD 377 114.50 187.40 225.49
N ASN AD 378 114.16 188.45 224.74
CA ASN AD 378 112.88 189.14 224.83
C ASN AD 378 111.74 188.26 224.30
N ASP AD 379 110.50 188.50 224.77
CA ASP AD 379 109.32 187.71 224.42
C ASP AD 379 108.41 188.51 223.48
N PRO AD 380 108.20 188.08 222.21
CA PRO AD 380 107.31 188.79 221.29
C PRO AD 380 105.82 188.69 221.57
N LEU AD 381 105.41 187.85 222.54
CA LEU AD 381 104.01 187.71 222.92
C LEU AD 381 103.69 188.52 224.18
N GLU AD 382 104.69 189.23 224.73
CA GLU AD 382 104.48 190.21 225.80
C GLU AD 382 103.92 191.50 225.18
N ASP AD 383 102.98 192.16 225.88
CA ASP AD 383 102.32 193.36 225.40
C ASP AD 383 102.62 194.54 226.32
N ILE AD 384 103.11 195.65 225.75
CA ILE AD 384 103.43 196.88 226.48
C ILE AD 384 102.15 197.48 227.07
N GLY AD 385 101.00 197.26 226.42
CA GLY AD 385 99.69 197.67 226.93
C GLY AD 385 99.31 196.98 228.24
N GLU AD 386 99.62 195.69 228.36
CA GLU AD 386 99.41 194.91 229.58
C GLU AD 386 100.34 195.42 230.69
N VAL AD 387 101.59 195.73 230.34
CA VAL AD 387 102.56 196.28 231.26
C VAL AD 387 102.10 197.65 231.77
N ALA AD 388 101.51 198.46 230.88
CA ALA AD 388 100.99 199.78 231.23
C ALA AD 388 99.82 199.67 232.21
N ASP AD 389 98.89 198.73 231.95
CA ASP AD 389 97.76 198.47 232.83
C ASP AD 389 98.28 197.97 234.19
N LEU AD 390 99.28 197.07 234.18
CA LEU AD 390 99.87 196.51 235.39
C LEU AD 390 100.48 197.60 236.26
N ILE AD 391 101.19 198.55 235.63
CA ILE AD 391 101.88 199.62 236.34
C ILE AD 391 100.86 200.56 237.00
N GLN AD 392 99.71 200.78 236.36
CA GLN AD 392 98.60 201.50 236.98
C GLN AD 392 97.98 200.71 238.13
N GLN AD 393 97.75 199.41 237.93
CA GLN AD 393 96.96 198.58 238.84
C GLN AD 393 97.71 198.25 240.14
N VAL AD 394 99.00 197.91 240.06
CA VAL AD 394 99.74 197.37 241.21
C VAL AD 394 101.08 198.05 241.46
N GLY AD 395 101.32 199.21 240.83
CA GLY AD 395 102.52 200.01 241.03
C GLY AD 395 102.82 200.34 242.50
N ASP AD 396 101.76 200.51 243.31
CA ASP AD 396 101.82 200.77 244.74
C ASP AD 396 102.49 199.62 245.52
N TYR AD 397 102.80 198.50 244.84
CA TYR AD 397 103.36 197.30 245.46
C TYR AD 397 104.58 196.78 244.68
N MET AD 398 105.15 197.59 243.77
CA MET AD 398 106.37 197.29 243.04
C MET AD 398 107.38 198.43 243.25
N THR AD 399 108.68 198.12 243.39
CA THR AD 399 109.72 199.16 243.49
C THR AD 399 109.87 199.86 242.14
N ASN AD 400 110.48 201.05 242.14
CA ASN AD 400 110.72 201.79 240.92
C ASN AD 400 111.67 201.03 239.99
N GLU AD 401 112.62 200.28 240.55
CA GLU AD 401 113.50 199.42 239.75
C GLU AD 401 112.75 198.22 239.17
N GLN AD 402 111.75 197.69 239.90
CA GLN AD 402 110.93 196.58 239.42
C GLN AD 402 110.03 197.06 238.28
N VAL AD 403 109.53 198.30 238.39
CA VAL AD 403 108.75 198.96 237.36
C VAL AD 403 109.63 199.19 236.13
N ALA AD 404 110.87 199.65 236.34
CA ALA AD 404 111.81 199.93 235.25
C ALA AD 404 112.20 198.66 234.49
N GLU AD 405 112.42 197.54 235.20
CA GLU AD 405 112.71 196.25 234.57
C GLU AD 405 111.54 195.80 233.69
N LYS AD 406 110.31 195.87 234.20
CA LYS AD 406 109.10 195.44 233.49
C LYS AD 406 108.80 196.36 232.30
N LEU AD 407 109.07 197.67 232.46
CA LEU AD 407 108.87 198.67 231.42
C LEU AD 407 110.01 198.69 230.40
N ASP AD 408 111.07 197.91 230.61
CA ASP AD 408 112.22 197.76 229.71
C ASP AD 408 113.01 199.08 229.58
N LEU AD 409 113.39 199.66 230.73
CA LEU AD 409 114.12 200.92 230.82
C LEU AD 409 115.13 200.90 231.97
N PRO AD 410 116.18 201.77 231.95
CA PRO AD 410 117.04 202.01 233.12
C PRO AD 410 116.25 202.51 234.34
N ALA AD 411 116.68 202.07 235.53
CA ALA AD 411 116.14 202.50 236.82
C ALA AD 411 116.65 203.89 237.20
N PRO AD 412 116.00 204.61 238.16
CA PRO AD 412 116.50 205.91 238.65
C PRO AD 412 117.96 205.89 239.12
N GLU AD 413 118.64 207.03 238.95
CA GLU AD 413 120.07 207.17 239.21
C GLU AD 413 120.40 207.30 240.70
N ASP AD 414 119.39 207.55 241.56
CA ASP AD 414 119.55 207.64 243.00
C ASP AD 414 118.95 206.41 243.66
N ASP AD 415 119.73 205.74 244.53
CA ASP AD 415 119.41 204.41 245.05
C ASP AD 415 118.05 204.36 245.75
N GLU AD 416 117.75 205.31 246.65
CA GLU AD 416 116.50 205.31 247.38
C GLU AD 416 115.31 205.60 246.47
N VAL AD 417 115.53 206.34 245.37
CA VAL AD 417 114.50 206.62 244.39
C VAL AD 417 114.20 205.37 243.57
N ALA AD 418 115.21 204.53 243.32
CA ALA AD 418 115.06 203.27 242.60
C ALA AD 418 114.43 202.19 243.49
N ASP AD 419 114.85 202.14 244.76
CA ASP AD 419 114.48 201.12 245.74
C ASP AD 419 113.08 201.32 246.29
N SER AD 420 112.63 202.58 246.38
CA SER AD 420 111.31 202.94 246.89
C SER AD 420 110.19 202.47 245.97
N TYR AD 421 108.95 202.48 246.50
CA TYR AD 421 107.76 201.94 245.86
C TYR AD 421 106.91 203.05 245.21
N ARG AD 422 106.83 204.24 245.82
CA ARG AD 422 106.08 205.36 245.28
C ARG AD 422 106.87 205.99 244.13
N SER AD 423 106.17 206.66 243.19
CA SER AD 423 106.71 207.14 241.93
C SER AD 423 107.85 208.16 242.11
N PRO AD 424 108.85 208.23 241.19
CA PRO AD 424 109.82 209.32 241.19
C PRO AD 424 109.17 210.67 240.91
N ALA AD 425 108.07 210.67 240.14
CA ALA AD 425 107.27 211.86 239.89
C ALA AD 425 106.58 212.34 241.16
N ASP AD 426 106.20 211.41 242.05
CA ASP AD 426 105.62 211.73 243.35
C ASP AD 426 106.66 212.36 244.27
N MET AD 427 107.91 211.85 244.23
CA MET AD 427 109.00 212.44 245.00
C MET AD 427 109.34 213.84 244.49
N GLU AD 428 109.34 214.03 243.16
CA GLU AD 428 109.64 215.30 242.52
C GLU AD 428 108.59 216.38 242.81
N LYS AD 429 107.29 216.03 242.78
CA LYS AD 429 106.22 217.00 243.02
C LYS AD 429 106.20 217.45 244.49
N ASP AD 430 106.57 216.56 245.42
CA ASP AD 430 106.71 216.90 246.83
C ASP AD 430 107.89 217.85 247.05
N GLU AD 431 109.02 217.59 246.39
CA GLU AD 431 110.21 218.42 246.49
C GLU AD 431 109.95 219.83 245.93
N ALA AD 432 109.23 219.90 244.82
CA ALA AD 432 108.83 221.17 244.21
C ALA AD 432 107.79 221.90 245.06
N GLY AD 433 106.96 221.14 245.79
CA GLY AD 433 106.06 221.68 246.79
C GLY AD 433 106.82 222.30 247.97
N VAL AD 434 107.94 221.66 248.35
CA VAL AD 434 108.87 222.17 249.34
C VAL AD 434 109.76 223.22 248.65
N ALA BD 31 100.77 148.52 265.84
CA ALA BD 31 100.74 147.95 264.47
C ALA BD 31 102.07 147.26 264.18
N SER BD 32 102.73 147.58 263.04
CA SER BD 32 103.99 146.96 262.65
C SER BD 32 104.91 147.92 261.91
N SER BD 33 106.21 147.57 261.79
CA SER BD 33 107.25 148.41 261.21
C SER BD 33 107.60 148.00 259.77
N THR BD 34 107.00 146.90 259.26
CA THR BD 34 107.23 146.37 257.92
C THR BD 34 105.93 145.88 257.30
N PRO BD 35 105.77 145.87 255.95
CA PRO BD 35 104.49 145.53 255.31
C PRO BD 35 104.08 144.06 255.43
N GLN BD 36 102.76 143.80 255.35
CA GLN BD 36 102.19 142.47 255.55
C GLN BD 36 101.18 142.10 254.46
N THR BD 37 100.66 143.08 253.70
CA THR BD 37 99.92 142.84 252.48
C THR BD 37 100.91 142.64 251.31
N ASN BD 38 100.55 141.77 250.35
CA ASN BD 38 101.36 141.42 249.19
C ASN BD 38 101.15 142.43 248.05
N VAL BD 39 101.95 142.37 246.97
CA VAL BD 39 102.09 143.44 245.98
C VAL BD 39 102.02 142.93 244.52
N ASP BD 40 101.35 141.79 244.27
CA ASP BD 40 100.83 141.32 242.98
C ASP BD 40 101.87 141.14 241.85
N SER BD 41 103.17 141.12 242.15
CA SER BD 41 104.21 140.90 241.14
C SER BD 41 105.52 140.40 241.78
N MET BD 42 106.19 139.45 241.11
CA MET BD 42 107.55 139.02 241.42
C MET BD 42 108.14 138.30 240.21
N GLY BD 43 109.43 138.55 239.91
CA GLY BD 43 110.15 137.91 238.83
C GLY BD 43 110.03 138.63 237.48
N GLY BD 44 109.43 139.82 237.46
CA GLY BD 44 109.29 140.64 236.27
C GLY BD 44 108.24 140.11 235.27
N GLY BD 45 108.28 140.61 234.04
CA GLY BD 45 107.33 140.28 233.00
C GLY BD 45 107.43 138.83 232.56
N ASP BD 54 108.47 144.16 234.44
CA ASP BD 54 107.08 144.03 233.93
C ASP BD 54 107.04 144.45 232.45
N LEU BD 55 108.11 145.09 231.97
CA LEU BD 55 108.33 145.42 230.56
C LEU BD 55 109.83 145.42 230.24
N THR BD 56 110.17 145.29 228.93
CA THR BD 56 111.50 144.94 228.45
C THR BD 56 112.25 146.15 227.90
N PHE BD 57 113.55 145.97 227.61
CA PHE BD 57 114.37 146.94 226.88
C PHE BD 57 113.78 147.20 225.50
N GLU BD 58 113.05 146.22 224.94
CA GLU BD 58 112.45 146.34 223.62
C GLU BD 58 111.25 147.28 223.65
N ASP BD 59 110.45 147.22 224.74
CA ASP BD 59 109.30 148.07 224.96
C ASP BD 59 109.75 149.52 225.22
N LEU BD 60 110.84 149.65 226.00
CA LEU BD 60 111.50 150.91 226.28
C LEU BD 60 112.00 151.57 224.99
N ARG BD 61 112.63 150.79 224.10
CA ARG BD 61 113.14 151.27 222.83
C ARG BD 61 112.01 151.58 221.85
N ASP BD 62 110.86 150.89 221.98
CA ASP BD 62 109.67 151.19 221.20
C ASP BD 62 109.13 152.58 221.53
N ILE BD 63 109.16 152.98 222.81
CA ILE BD 63 108.77 154.32 223.24
C ILE BD 63 109.73 155.36 222.65
N LYS BD 64 111.04 155.05 222.65
CA LYS BD 64 112.07 155.91 222.08
C LYS BD 64 111.80 156.16 220.59
N ASP BD 65 111.38 155.10 219.88
CA ASP BD 65 111.05 155.14 218.47
C ASP BD 65 109.76 155.94 218.19
N VAL BD 66 108.94 156.22 219.23
CA VAL BD 66 107.85 157.18 219.09
C VAL BD 66 108.40 158.61 219.27
N ARG BD 67 109.20 158.82 220.33
CA ARG BD 67 109.70 160.12 220.77
C ARG BD 67 110.45 160.88 219.67
N ASP BD 68 111.23 160.17 218.85
CA ASP BD 68 112.05 160.78 217.81
C ASP BD 68 111.33 160.88 216.45
N SER BD 69 110.12 160.30 216.32
CA SER BD 69 109.43 160.15 215.04
C SER BD 69 108.76 161.43 214.54
N GLY BD 70 108.62 162.45 215.40
CA GLY BD 70 108.11 163.76 215.01
C GLY BD 70 106.60 163.77 214.76
N GLY BD 71 106.14 164.77 214.00
CA GLY BD 71 104.75 164.92 213.62
C GLY BD 71 103.84 165.26 214.79
N GLN BD 72 102.52 165.12 214.58
CA GLN BD 72 101.49 165.50 215.54
C GLN BD 72 101.59 164.70 216.83
N VAL BD 73 101.86 163.38 216.73
CA VAL BD 73 101.93 162.47 217.87
C VAL BD 73 103.02 162.92 218.85
N ALA BD 74 104.21 163.23 218.34
CA ALA BD 74 105.30 163.71 219.17
C ALA BD 74 104.99 165.10 219.73
N GLN BD 75 104.45 166.00 218.91
CA GLN BD 75 104.18 167.38 219.31
C GLN BD 75 103.14 167.43 220.44
N LEU BD 76 102.14 166.54 220.41
CA LEU BD 76 101.11 166.50 221.44
C LEU BD 76 101.71 166.14 222.79
N MET BD 77 102.64 165.17 222.81
CA MET BD 77 103.32 164.79 224.04
C MET BD 77 104.30 165.88 224.48
N ASP BD 78 104.91 166.60 223.52
CA ASP BD 78 105.79 167.72 223.83
C ASP BD 78 104.99 168.88 224.43
N TYR BD 79 103.76 169.11 223.95
CA TYR BD 79 102.84 170.08 224.55
C TYR BD 79 102.43 169.63 225.97
N LYS BD 80 102.17 168.33 226.16
CA LYS BD 80 101.83 167.72 227.44
C LYS BD 80 102.95 167.95 228.45
N ALA BD 81 104.21 167.80 228.03
CA ALA BD 81 105.38 168.12 228.84
C ALA BD 81 105.48 169.61 229.15
N LEU BD 82 105.31 170.47 228.14
CA LEU BD 82 105.44 171.91 228.29
C LEU BD 82 104.37 172.50 229.22
N LEU BD 83 103.16 171.92 229.23
CA LEU BD 83 102.12 172.30 230.17
C LEU BD 83 102.56 171.95 231.60
N ASN BD 84 102.99 170.70 231.82
CA ASN BD 84 103.29 170.21 233.16
C ASN BD 84 104.56 170.85 233.74
N PHE BD 85 105.55 171.19 232.90
CA PHE BD 85 106.90 171.51 233.37
C PHE BD 85 107.57 172.73 232.70
N GLY BD 86 106.95 173.30 231.65
CA GLY BD 86 107.56 174.35 230.84
C GLY BD 86 107.58 175.74 231.47
N GLU BD 87 106.65 176.05 232.39
CA GLU BD 87 106.51 177.36 232.99
C GLU BD 87 107.51 177.58 234.14
N GLY BD 88 108.30 176.55 234.48
CA GLY BD 88 109.40 176.71 235.43
C GLY BD 88 108.99 176.41 236.88
N CYS BD 89 109.92 176.67 237.82
CA CYS BD 89 109.83 176.15 239.18
C CYS BD 89 110.62 177.01 240.17
N GLU BD 90 110.42 176.79 241.49
CA GLU BD 90 111.15 177.48 242.54
C GLU BD 90 111.30 176.62 243.80
N ILE BD 91 112.44 176.80 244.50
CA ILE BD 91 112.77 176.14 245.77
C ILE BD 91 112.56 177.13 246.92
N HIS BD 92 111.91 176.66 248.00
CA HIS BD 92 111.80 177.37 249.27
C HIS BD 92 112.10 176.41 250.42
N VAL BD 93 112.32 176.96 251.62
CA VAL BD 93 112.35 176.20 252.87
C VAL BD 93 111.47 176.95 253.88
N GLU BD 94 110.62 176.22 254.62
CA GLU BD 94 109.70 176.86 255.55
C GLU BD 94 110.46 177.35 256.79
N GLY BD 95 110.47 178.67 257.00
CA GLY BD 95 111.17 179.31 258.11
C GLY BD 95 112.69 179.30 257.93
N ASP BD 96 113.16 179.56 256.70
CA ASP BD 96 114.55 179.39 256.28
C ASP BD 96 115.53 180.24 257.09
N ASP BD 97 115.04 181.30 257.77
CA ASP BD 97 115.87 182.13 258.64
C ASP BD 97 116.50 181.33 259.77
N GLU BD 98 115.89 180.18 260.11
CA GLU BD 98 116.40 179.27 261.13
C GLU BD 98 117.60 178.45 260.64
N THR BD 99 117.82 178.36 259.32
CA THR BD 99 118.92 177.58 258.75
C THR BD 99 120.25 178.36 258.72
N LYS BD 100 120.18 179.70 258.79
CA LYS BD 100 121.28 180.64 258.56
C LYS BD 100 122.59 180.17 259.20
N GLN BD 101 123.58 179.85 258.34
CA GLN BD 101 124.84 179.22 258.72
C GLN BD 101 126.01 179.91 258.01
N LEU BD 102 127.14 180.05 258.73
CA LEU BD 102 128.36 180.63 258.19
C LEU BD 102 129.12 179.57 257.38
N VAL BD 103 128.59 179.21 256.19
CA VAL BD 103 128.98 178.06 255.38
C VAL BD 103 130.48 178.07 255.07
N ASP BD 104 131.02 179.25 254.73
CA ASP BD 104 132.44 179.44 254.48
C ASP BD 104 132.94 180.66 255.25
N GLY BD 105 132.39 180.86 256.46
CA GLY BD 105 132.62 182.08 257.22
C GLY BD 105 131.63 183.18 256.86
N GLU BD 106 130.92 183.01 255.74
CA GLU BD 106 129.92 183.96 255.23
C GLU BD 106 128.52 183.35 255.37
N PRO BD 107 127.50 184.10 255.84
CA PRO BD 107 126.14 183.56 255.99
C PRO BD 107 125.49 183.08 254.68
N MET BD 108 124.83 181.91 254.77
CA MET BD 108 123.95 181.38 253.72
C MET BD 108 122.75 180.67 254.37
N THR BD 109 121.66 180.58 253.61
CA THR BD 109 120.48 179.77 253.92
C THR BD 109 120.53 178.44 253.18
N LEU BD 110 119.67 177.49 253.57
CA LEU BD 110 119.55 176.23 252.85
C LEU BD 110 119.02 176.45 251.44
N SER BD 111 118.10 177.41 251.24
CA SER BD 111 117.61 177.71 249.91
C SER BD 111 118.71 178.26 249.00
N GLU BD 112 119.62 179.08 249.55
CA GLU BD 112 120.75 179.60 248.80
C GLU BD 112 121.73 178.47 248.46
N TRP BD 113 121.92 177.53 249.40
CA TRP BD 113 122.76 176.35 249.19
C TRP BD 113 122.19 175.45 248.10
N LEU BD 114 120.87 175.23 248.12
CA LEU BD 114 120.17 174.43 247.12
C LEU BD 114 120.23 175.12 245.74
N GLU BD 115 120.12 176.45 245.70
CA GLU BD 115 120.22 177.21 244.46
C GLU BD 115 121.61 177.12 243.84
N ASP BD 116 122.66 177.04 244.66
CA ASP BD 116 124.03 176.82 244.18
C ASP BD 116 124.19 175.42 243.59
N ALA BD 117 123.41 174.45 244.08
CA ALA BD 117 123.42 173.08 243.57
C ALA BD 117 122.54 172.92 242.32
N PHE BD 118 121.44 173.68 242.26
CA PHE BD 118 120.42 173.57 241.21
C PHE BD 118 120.10 174.95 240.61
N PRO BD 119 121.07 175.64 239.95
CA PRO BD 119 120.84 176.99 239.43
C PRO BD 119 119.95 177.09 238.19
N HIS BD 120 119.87 175.99 237.42
CA HIS BD 120 119.15 175.95 236.16
C HIS BD 120 117.99 174.94 236.24
N LEU BD 121 117.28 174.91 237.37
CA LEU BD 121 116.39 173.81 237.75
C LEU BD 121 115.23 173.60 236.78
N ASP BD 122 114.75 174.67 236.14
CA ASP BD 122 113.65 174.60 235.17
C ASP BD 122 113.94 173.57 234.08
N LEU BD 123 115.19 173.51 233.62
CA LEU BD 123 115.60 172.66 232.51
C LEU BD 123 115.72 171.20 232.96
N LEU BD 124 116.23 170.98 234.18
CA LEU BD 124 116.32 169.65 234.78
C LEU BD 124 114.93 169.08 235.05
N VAL BD 125 114.01 169.92 235.57
CA VAL BD 125 112.62 169.56 235.81
C VAL BD 125 111.91 169.25 234.49
N LEU BD 126 112.13 170.08 233.45
CA LEU BD 126 111.53 169.88 232.15
C LEU BD 126 111.98 168.56 231.51
N ASP BD 127 113.28 168.26 231.54
CA ASP BD 127 113.84 167.04 230.98
C ASP BD 127 113.34 165.80 231.74
N LEU BD 128 113.43 165.81 233.07
CA LEU BD 128 113.00 164.69 233.91
C LEU BD 128 111.49 164.49 233.80
N GLY BD 129 110.73 165.57 233.93
CA GLY BD 129 109.27 165.52 233.88
C GLY BD 129 108.76 165.09 232.51
N GLY BD 130 109.36 165.62 231.45
CA GLY BD 130 109.04 165.26 230.07
C GLY BD 130 109.27 163.78 229.80
N ASP BD 131 110.47 163.29 230.14
CA ASP BD 131 110.82 161.89 229.96
C ASP BD 131 109.94 160.99 230.84
N ALA BD 132 109.51 161.48 232.01
CA ALA BD 132 108.66 160.70 232.92
C ALA BD 132 107.21 160.67 232.45
N LEU BD 133 106.85 161.49 231.43
CA LEU BD 133 105.58 161.39 230.73
C LEU BD 133 105.69 160.42 229.55
N TRP BD 134 106.82 160.43 228.84
CA TRP BD 134 107.11 159.53 227.74
C TRP BD 134 107.24 158.08 228.24
N TYR BD 135 108.25 157.85 229.09
CA TYR BD 135 108.62 156.54 229.62
C TYR BD 135 107.92 156.31 230.97
N PRO BD 136 107.88 155.07 231.53
CA PRO BD 136 107.28 154.84 232.85
C PRO BD 136 107.94 155.58 234.02
N TYR BD 137 109.20 156.03 233.82
CA TYR BD 137 110.01 156.66 234.85
C TYR BD 137 111.06 157.58 234.23
N ALA BD 138 111.67 158.42 235.09
CA ALA BD 138 112.96 159.05 234.82
C ALA BD 138 113.92 158.61 235.93
N VAL BD 139 115.22 158.48 235.60
CA VAL BD 139 116.24 157.89 236.46
C VAL BD 139 117.57 158.61 236.25
N GLY BD 140 118.42 158.68 237.29
CA GLY BD 140 119.67 159.41 237.20
C GLY BD 140 120.69 159.12 238.30
N GLU BD 141 121.89 159.69 238.11
CA GLU BD 141 123.02 159.66 239.04
C GLU BD 141 123.13 161.01 239.77
N ILE BD 142 123.84 161.04 240.90
CA ILE BD 142 124.46 162.26 241.40
C ILE BD 142 125.96 162.18 241.08
N GLN BD 143 126.53 163.30 240.60
CA GLN BD 143 127.91 163.37 240.17
C GLN BD 143 128.70 164.37 241.03
N GLU BD 144 130.00 164.08 241.20
CA GLU BD 144 130.86 164.79 242.14
C GLU BD 144 132.06 165.40 241.42
N THR BD 145 132.68 166.40 242.06
CA THR BD 145 133.98 166.94 241.71
C THR BD 145 135.04 165.90 242.05
N ILE BD 146 136.32 166.17 241.70
CA ILE BD 146 137.43 165.26 241.97
C ILE BD 146 137.65 165.16 243.49
N THR BD 147 137.36 166.25 244.22
CA THR BD 147 137.45 166.33 245.67
C THR BD 147 136.31 165.58 246.38
N GLY BD 148 135.19 165.35 245.68
CA GLY BD 148 134.09 164.57 246.23
C GLY BD 148 132.85 165.40 246.58
N GLU BD 149 133.02 166.72 246.68
CA GLU BD 149 131.92 167.67 246.81
C GLU BD 149 131.04 167.63 245.56
N PHE BD 150 129.76 168.01 245.70
CA PHE BD 150 128.73 167.92 244.66
C PHE BD 150 129.11 168.70 243.40
N LYS BD 151 128.86 168.09 242.22
CA LYS BD 151 128.99 168.73 240.92
C LYS BD 151 127.61 169.02 240.33
N GLU BD 152 126.81 167.95 240.11
CA GLU BD 152 125.50 168.04 239.47
C GLU BD 152 124.67 166.77 239.71
N ALA BD 153 123.35 166.87 239.53
CA ALA BD 153 122.51 165.71 239.27
C ALA BD 153 122.55 165.41 237.76
N LEU BD 154 122.55 164.12 237.38
CA LEU BD 154 122.71 163.72 235.98
C LEU BD 154 121.72 162.61 235.60
N PRO BD 155 120.60 162.95 234.92
CA PRO BD 155 119.65 161.95 234.40
C PRO BD 155 120.31 161.01 233.39
N ALA BD 156 119.94 159.72 233.45
CA ALA BD 156 120.40 158.71 232.51
C ALA BD 156 119.35 158.51 231.40
N GLU BD 157 119.75 157.88 230.29
CA GLU BD 157 118.88 157.69 229.14
C GLU BD 157 117.89 156.56 229.43
N PRO BD 158 116.58 156.87 229.66
CA PRO BD 158 115.68 155.91 230.30
C PRO BD 158 115.39 154.63 229.54
N TRP BD 159 115.41 154.69 228.20
CA TRP BD 159 115.15 153.53 227.36
C TRP BD 159 116.24 152.46 227.51
N THR BD 160 117.42 152.86 228.00
CA THR BD 160 118.56 151.94 228.16
C THR BD 160 118.46 151.13 229.45
N LEU BD 161 117.57 151.54 230.37
CA LEU BD 161 117.57 151.08 231.76
C LEU BD 161 116.21 150.49 232.15
N MET BD 162 116.22 149.33 232.83
CA MET BD 162 115.02 148.75 233.41
C MET BD 162 115.24 148.40 234.89
N PRO BD 163 114.24 148.59 235.77
CA PRO BD 163 114.37 148.24 237.18
C PRO BD 163 114.22 146.74 237.42
N GLU BD 164 114.89 146.24 238.47
CA GLU BD 164 114.72 144.89 238.97
C GLU BD 164 114.35 144.95 240.45
N SER BD 165 113.40 144.09 240.88
CA SER BD 165 112.61 144.31 242.08
C SER BD 165 112.39 143.03 242.89
N ASP BD 166 112.00 143.20 244.17
CA ASP BD 166 111.93 142.15 245.18
C ASP BD 166 110.49 141.64 245.36
N ALA BD 167 110.29 140.80 246.40
CA ALA BD 167 109.04 140.13 246.73
C ALA BD 167 107.96 141.10 247.22
N GLN BD 168 108.34 142.35 247.55
CA GLN BD 168 107.39 143.40 247.90
C GLN BD 168 107.41 144.53 246.88
N GLY BD 169 107.94 144.26 245.68
CA GLY BD 169 107.84 145.14 244.52
C GLY BD 169 108.78 146.35 244.50
N LYS BD 170 109.65 146.49 245.52
CA LYS BD 170 110.57 147.62 245.60
C LYS BD 170 111.78 147.38 244.71
N VAL BD 171 112.30 148.43 244.07
CA VAL BD 171 113.45 148.35 243.18
C VAL BD 171 114.72 148.16 244.01
N GLN BD 172 115.52 147.14 243.65
CA GLN BD 172 116.75 146.80 244.34
C GLN BD 172 117.97 147.03 243.44
N ALA BD 173 117.78 146.97 242.11
CA ALA BD 173 118.83 147.22 241.15
C ALA BD 173 118.29 147.79 239.84
N TRP BD 174 119.15 148.48 239.09
CA TRP BD 174 118.89 148.96 237.74
C TRP BD 174 119.77 148.20 236.75
N HIS BD 175 119.15 147.64 235.71
CA HIS BD 175 119.80 146.82 234.68
C HIS BD 175 119.85 147.62 233.37
N GLN BD 176 121.05 147.83 232.80
CA GLN BD 176 121.25 148.64 231.61
C GLN BD 176 121.75 147.81 230.43
N ARG BD 177 121.13 147.97 229.24
CA ARG BD 177 121.63 147.44 227.98
C ARG BD 177 121.80 148.59 226.97
N THR BD 178 123.01 148.72 226.39
CA THR BD 178 123.38 149.83 225.52
C THR BD 178 124.12 149.35 224.26
N LYS BD 179 123.89 150.04 223.12
CA LYS BD 179 124.45 149.70 221.81
C LYS BD 179 125.86 150.27 221.63
N THR BD 180 126.77 149.49 221.02
CA THR BD 180 128.10 149.92 220.57
C THR BD 180 128.56 149.07 219.37
N HIS BD 181 129.10 149.71 218.32
CA HIS BD 181 129.67 149.06 217.15
C HIS BD 181 128.69 148.10 216.47
N GLY BD 182 127.38 148.38 216.56
CA GLY BD 182 126.33 147.53 216.03
C GLY BD 182 125.86 146.42 216.97
N GLY BD 183 126.66 146.12 218.00
CA GLY BD 183 126.32 145.13 219.03
C GLY BD 183 125.79 145.76 220.31
N TYR BD 184 125.78 145.00 221.42
CA TYR BD 184 125.32 145.45 222.73
C TYR BD 184 126.37 145.20 223.81
N GLN BD 185 126.39 146.06 224.84
CA GLN BD 185 127.07 145.86 226.12
C GLN BD 185 126.02 145.99 227.24
N THR BD 186 126.19 145.23 228.34
CA THR BD 186 125.19 145.09 229.40
C THR BD 186 125.84 145.24 230.78
N GLN BD 187 125.13 145.86 231.75
CA GLN BD 187 125.59 146.03 233.13
C GLN BD 187 124.42 146.16 234.11
N THR BD 188 124.69 145.97 235.42
CA THR BD 188 123.74 146.15 236.51
C THR BD 188 124.34 147.03 237.61
N LEU BD 189 123.53 147.95 238.16
CA LEU BD 189 123.92 148.90 239.20
C LEU BD 189 122.95 148.83 240.38
N PRO BD 190 123.40 148.95 241.66
CA PRO BD 190 122.50 148.90 242.81
C PRO BD 190 121.65 150.17 242.94
N ALA BD 191 120.42 150.01 243.46
CA ALA BD 191 119.50 151.12 243.67
C ALA BD 191 119.87 151.87 244.96
N ASP BD 192 121.10 152.41 245.02
CA ASP BD 192 121.70 152.96 246.23
C ASP BD 192 122.24 154.38 245.96
N ASP BD 193 123.06 154.55 244.92
CA ASP BD 193 123.58 155.83 244.49
C ASP BD 193 122.82 156.39 243.29
N LEU BD 194 121.96 155.57 242.66
CA LEU BD 194 121.00 156.02 241.65
C LEU BD 194 119.71 156.50 242.32
N TRP BD 195 118.92 157.31 241.60
CA TRP BD 195 117.61 157.81 242.01
C TRP BD 195 116.64 157.82 240.84
N ILE BD 197 112.13 158.66 239.49
CA ILE BD 197 110.85 159.36 239.67
C ILE BD 197 109.79 158.75 238.75
N VAL BD 198 108.54 158.63 239.23
CA VAL BD 198 107.40 158.07 238.49
C VAL BD 198 106.19 159.00 238.60
N ILE BD 199 105.61 159.43 237.46
CA ILE BD 199 104.46 160.33 237.45
C ILE BD 199 103.14 159.54 237.53
N ASN BD 200 103.01 158.44 236.78
CA ASN BD 200 101.78 157.66 236.68
C ASN BD 200 101.98 156.22 237.15
N LYS BD 201 100.97 155.64 237.83
CA LYS BD 201 101.13 154.43 238.64
C LYS BD 201 99.92 153.49 238.59
N ALA BD 202 100.17 152.20 238.82
CA ALA BD 202 99.15 151.18 239.02
C ALA BD 202 98.51 151.28 240.41
N SER BD 203 99.29 151.71 241.41
CA SER BD 203 98.86 151.93 242.80
C SER BD 203 99.86 152.87 243.48
N ALA BD 204 99.55 153.37 244.69
CA ALA BD 204 100.43 154.27 245.42
C ALA BD 204 101.76 153.59 245.78
N ARG BD 205 101.79 152.25 245.80
CA ARG BD 205 102.94 151.43 246.11
C ARG BD 205 103.90 151.26 244.93
N ASP BD 206 103.43 151.54 243.70
CA ASP BD 206 104.10 151.21 242.46
C ASP BD 206 105.38 152.01 242.26
N GLU BD 207 106.53 151.32 242.09
CA GLU BD 207 107.82 151.93 241.82
C GLU BD 207 108.25 151.75 240.36
N VAL BD 208 107.51 150.95 239.57
CA VAL BD 208 107.86 150.64 238.18
C VAL BD 208 107.13 151.62 237.25
N GLY BD 209 105.86 151.94 237.56
CA GLY BD 209 105.15 153.03 236.91
C GLY BD 209 104.51 152.64 235.57
N ILE BD 210 103.86 153.62 234.91
CA ILE BD 210 103.12 153.45 233.66
C ILE BD 210 103.52 154.55 232.68
N SER BD 211 103.80 154.17 231.42
CA SER BD 211 103.92 155.09 230.31
C SER BD 211 102.53 155.36 229.70
N GLU BD 212 102.17 156.63 229.52
CA GLU BD 212 100.89 156.98 228.92
C GLU BD 212 100.88 156.74 227.42
N VAL BD 213 102.06 156.51 226.82
CA VAL BD 213 102.18 156.02 225.45
C VAL BD 213 101.70 154.57 225.40
N LEU BD 214 102.22 153.70 226.28
CA LEU BD 214 101.81 152.31 226.35
C LEU BD 214 100.36 152.15 226.83
N ARG BD 215 99.87 153.10 227.64
CA ARG BD 215 98.49 153.14 228.12
C ARG BD 215 97.51 153.36 226.96
N ASN BD 216 97.95 154.02 225.88
CA ASN BD 216 97.11 154.45 224.77
C ASN BD 216 97.70 154.03 223.41
N LYS BD 217 98.33 152.85 223.36
CA LYS BD 217 99.14 152.39 222.24
C LYS BD 217 98.31 152.18 220.99
N ASP BD 218 97.13 151.57 221.14
CA ASP BD 218 96.22 151.26 220.05
C ASP BD 218 95.68 152.54 219.39
N GLU BD 219 95.32 153.54 220.21
CA GLU BD 219 94.82 154.83 219.74
C GLU BD 219 95.89 155.56 218.92
N ILE BD 220 97.15 155.50 219.37
CA ILE BD 220 98.28 156.14 218.70
C ILE BD 220 98.52 155.48 217.33
N GLN BD 221 98.49 154.15 217.27
CA GLN BD 221 98.66 153.42 216.01
C GLN BD 221 97.48 153.65 215.06
N ALA BD 222 96.25 153.68 215.61
CA ALA BD 222 95.05 153.98 214.84
C ALA BD 222 95.13 155.37 214.21
N PHE BD 223 95.64 156.36 214.97
CA PHE BD 223 95.86 157.71 214.46
C PHE BD 223 96.81 157.69 213.25
N LYS BD 224 97.98 157.05 213.38
CA LYS BD 224 98.96 156.97 212.32
C LYS BD 224 98.42 156.22 211.10
N GLN BD 225 97.64 155.16 211.31
CA GLN BD 225 97.07 154.37 210.24
C GLN BD 225 96.03 155.16 209.46
N ASN BD 226 95.16 155.90 210.17
CA ASN BD 226 94.14 156.73 209.55
C ASN BD 226 94.77 157.90 208.79
N GLU BD 227 95.84 158.48 209.34
CA GLU BD 227 96.62 159.51 208.66
C GLU BD 227 97.22 158.98 207.36
N ALA BD 228 97.83 157.79 207.41
CA ALA BD 228 98.39 157.13 206.24
C ALA BD 228 97.32 156.84 205.19
N ALA BD 229 96.13 156.44 205.65
CA ALA BD 229 94.97 156.20 204.79
C ALA BD 229 94.57 157.47 204.03
N ILE BD 230 94.43 158.61 204.73
CA ILE BD 230 94.07 159.90 204.14
C ILE BD 230 95.16 160.36 203.17
N ASN BD 231 96.43 160.26 203.59
CA ASN BD 231 97.59 160.68 202.82
C ASN BD 231 97.61 160.03 201.44
N GLN BD 232 97.28 158.73 201.37
CA GLN BD 232 97.18 157.98 200.13
C GLN BD 232 95.89 158.34 199.40
N ALA BD 233 94.76 158.41 200.12
CA ALA BD 233 93.44 158.63 199.54
C ALA BD 233 93.31 159.98 198.83
N ILE BD 234 93.99 161.01 199.35
CA ILE BD 234 93.98 162.35 198.76
C ILE BD 234 94.60 162.32 197.36
N GLU BD 235 95.71 161.58 197.17
CA GLU BD 235 96.35 161.48 195.86
C GLU BD 235 95.44 160.82 194.83
N LEU BD 236 94.67 159.81 195.26
CA LEU BD 236 93.78 159.06 194.37
C LEU BD 236 92.48 159.83 194.12
N HIS BD 237 91.86 160.37 195.19
CA HIS BD 237 90.47 160.79 195.22
C HIS BD 237 90.27 162.29 195.46
N GLY BD 238 91.28 162.97 196.04
CA GLY BD 238 91.22 164.40 196.28
C GLY BD 238 91.35 165.23 195.01
N PHE BD 239 91.97 164.63 193.98
CA PHE BD 239 92.18 165.24 192.67
C PHE BD 239 91.37 164.50 191.61
N PRO BD 240 90.89 165.19 190.54
CA PRO BD 240 90.34 164.51 189.37
C PRO BD 240 91.38 163.65 188.65
N GLN BD 241 90.94 162.87 187.65
CA GLN BD 241 91.79 162.24 186.65
C GLN BD 241 91.08 162.26 185.30
N ARG BD 242 91.85 162.18 184.21
CA ARG BD 242 91.32 162.23 182.84
C ARG BD 242 91.28 160.83 182.23
N VAL BD 244 90.54 159.21 178.64
CA VAL BD 244 90.30 159.31 177.21
C VAL BD 244 89.81 157.95 176.68
N LYS BD 245 88.64 157.97 176.02
CA LYS BD 245 88.01 156.80 175.42
C LYS BD 245 88.07 156.89 173.90
N VAL BD 246 88.46 155.78 173.25
CA VAL BD 246 88.78 155.73 171.82
C VAL BD 246 87.92 154.65 171.15
N GLY BD 247 87.44 154.94 169.94
CA GLY BD 247 86.57 154.05 169.18
C GLY BD 247 85.09 154.34 169.44
N LYS BD 248 84.21 153.42 169.00
CA LYS BD 248 82.77 153.59 169.08
C LYS BD 248 82.11 152.39 169.76
N GLU BD 249 80.94 152.62 170.38
CA GLU BD 249 80.09 151.57 170.94
C GLU BD 249 79.71 150.61 169.80
N ASP BD 250 80.02 149.32 169.98
CA ASP BD 250 79.87 148.26 168.98
C ASP BD 250 80.66 148.54 167.69
N GLY BD 251 81.75 149.32 167.79
CA GLY BD 251 82.54 149.77 166.63
C GLY BD 251 83.82 148.96 166.42
N ALA BD 252 84.81 149.58 165.76
CA ALA BD 252 86.08 148.96 165.40
C ALA BD 252 86.94 148.70 166.62
N PRO BD 253 87.88 147.71 166.59
CA PRO BD 253 88.76 147.42 167.72
C PRO BD 253 89.88 148.45 167.86
N VAL BD 254 90.34 148.67 169.11
CA VAL BD 254 91.47 149.54 169.43
C VAL BD 254 92.49 148.73 170.23
N ARG BD 255 93.79 148.90 169.92
CA ARG BD 255 94.90 148.12 170.49
C ARG BD 255 95.93 149.07 171.12
N ASP BD 256 96.93 148.52 171.83
CA ASP BD 256 97.89 149.27 172.62
C ASP BD 256 98.70 150.27 171.80
N ASN BD 257 99.18 149.85 170.61
CA ASN BD 257 99.98 150.69 169.72
C ASN BD 257 99.14 151.84 169.14
N ASP BD 258 97.81 151.70 169.16
CA ASP BD 258 96.88 152.74 168.78
C ASP BD 258 96.76 153.77 169.91
N LEU BD 259 96.54 153.27 171.14
CA LEU BD 259 96.40 154.10 172.33
C LEU BD 259 97.69 154.88 172.64
N ARG BD 260 98.86 154.31 172.31
CA ARG BD 260 100.16 154.95 172.50
C ARG BD 260 100.26 156.30 171.78
N ARG BD 261 99.67 156.37 170.57
CA ARG BD 261 99.59 157.60 169.78
C ARG BD 261 98.61 158.60 170.40
N VAL BD 262 97.43 158.13 170.82
CA VAL BD 262 96.42 158.97 171.47
C VAL BD 262 96.98 159.56 172.77
N ARG BD 263 97.68 158.73 173.57
CA ARG BD 263 98.32 159.13 174.81
C ARG BD 263 99.35 160.24 174.57
N THR BD 264 100.08 160.15 173.45
CA THR BD 264 101.12 161.10 173.08
C THR BD 264 100.50 162.48 172.78
N ILE BD 265 99.29 162.51 172.23
CA ILE BD 265 98.58 163.74 171.90
C ILE BD 265 98.06 164.39 173.18
N PHE BD 266 97.26 163.66 173.98
CA PHE BD 266 96.58 164.21 175.16
C PHE BD 266 97.45 164.09 176.42
N ASP BD 267 98.79 164.11 176.29
CA ASP BD 267 99.71 163.86 177.40
C ASP BD 267 99.67 165.01 178.41
N PRO BD 268 99.33 164.78 179.70
CA PRO BD 268 99.36 165.84 180.71
C PRO BD 268 100.74 166.48 180.91
N ARG BD 269 101.81 165.72 180.62
CA ARG BD 269 103.21 166.13 180.70
C ARG BD 269 103.54 167.32 179.76
N THR BD 270 102.78 167.46 178.66
CA THR BD 270 103.02 168.50 177.66
C THR BD 270 101.77 169.36 177.38
N THR BD 271 100.72 169.19 178.20
CA THR BD 271 99.46 169.94 178.10
C THR BD 271 99.61 171.29 178.79
N ASP BD 272 98.98 172.33 178.23
CA ASP BD 272 98.89 173.66 178.82
C ASP BD 272 97.42 174.06 179.02
N ALA BD 273 97.15 174.92 180.01
CA ALA BD 273 95.80 175.29 180.43
C ALA BD 273 94.94 175.89 179.31
N ASN BD 274 95.59 176.52 178.32
CA ASN BD 274 94.93 177.26 177.24
C ASN BD 274 94.59 176.37 176.04
N THR BD 275 94.79 175.04 176.14
CA THR BD 275 94.71 174.13 175.00
C THR BD 275 93.28 173.95 174.48
N ALA BD 276 93.19 173.55 173.20
CA ALA BD 276 91.96 173.08 172.57
C ALA BD 276 92.20 171.76 171.83
N TYR BD 277 91.17 170.91 171.80
CA TYR BD 277 91.22 169.58 171.21
C TYR BD 277 90.27 169.50 170.00
N PHE BD 278 90.70 168.75 168.97
CA PHE BD 278 89.97 168.60 167.72
C PHE BD 278 89.88 167.11 167.40
N THR BD 279 88.67 166.57 167.20
CA THR BD 279 88.51 165.14 166.95
C THR BD 279 87.37 164.84 165.96
N GLY BD 280 87.36 163.61 165.43
CA GLY BD 280 86.15 163.00 164.92
C GLY BD 280 85.23 162.59 166.06
N GLN BD 281 84.07 162.01 165.73
CA GLN BD 281 83.02 161.68 166.69
C GLN BD 281 83.36 160.45 167.54
N ASP BD 282 84.42 159.70 167.19
CA ASP BD 282 84.75 158.43 167.84
C ASP BD 282 85.98 158.56 168.74
N VAL BD 283 86.19 159.74 169.33
CA VAL BD 283 87.12 160.00 170.42
C VAL BD 283 86.41 160.84 171.48
N ASP BD 284 86.51 160.43 172.75
CA ASP BD 284 85.86 161.08 173.88
C ASP BD 284 86.86 161.34 175.00
N VAL BD 285 86.72 162.50 175.67
CA VAL BD 285 87.45 162.79 176.89
C VAL BD 285 86.45 162.79 178.04
N GLU BD 286 86.73 162.00 179.09
CA GLU BD 286 85.84 161.81 180.22
C GLU BD 286 86.56 162.08 181.54
N THR BD 287 85.77 162.36 182.58
CA THR BD 287 86.25 162.86 183.86
C THR BD 287 86.02 161.84 184.96
N LEU BD 288 87.11 161.39 185.59
CA LEU BD 288 87.05 160.91 186.96
C LEU BD 288 87.10 162.14 187.86
N GLU BD 289 85.95 162.47 188.47
CA GLU BD 289 85.84 163.63 189.37
C GLU BD 289 86.65 163.38 190.63
N ALA BD 290 86.97 164.46 191.37
CA ALA BD 290 87.41 164.30 192.75
C ALA BD 290 86.22 163.81 193.57
N ASN BD 292 84.33 163.21 196.34
CA ASN BD 292 84.46 163.88 197.63
C ASN BD 292 84.14 162.97 198.81
N PHE BD 293 84.92 163.13 199.89
CA PHE BD 293 84.75 162.50 201.19
C PHE BD 293 85.23 163.47 202.28
N ASP BD 294 84.68 163.37 203.50
CA ASP BD 294 84.94 164.36 204.53
C ASP BD 294 86.14 163.94 205.39
N TYR BD 295 87.34 163.99 204.80
CA TYR BD 295 88.59 163.70 205.49
C TYR BD 295 88.85 164.67 206.65
N SER BD 296 88.31 165.89 206.56
CA SER BD 296 88.40 166.88 207.63
C SER BD 296 87.72 166.36 208.90
N ALA BD 297 86.50 165.82 208.75
CA ALA BD 297 85.78 165.26 209.89
C ALA BD 297 86.44 163.99 210.41
N ILE BD 298 87.09 163.21 209.54
CA ILE BD 298 87.87 162.04 209.97
C ILE BD 298 89.07 162.50 210.80
N HIS BD 299 89.79 163.54 210.34
CA HIS BD 299 90.85 164.21 211.08
C HIS BD 299 90.38 164.65 212.46
N GLU BD 300 89.21 165.30 212.52
CA GLU BD 300 88.64 165.79 213.77
C GLU BD 300 88.31 164.63 214.72
N MET BD 301 87.77 163.52 214.20
CA MET BD 301 87.46 162.37 215.04
C MET BD 301 88.74 161.68 215.55
N ASP BD 302 89.75 161.52 214.68
CA ASP BD 302 91.05 160.97 215.04
C ASP BD 302 91.69 161.81 216.15
N MET BD 303 91.66 163.13 215.98
CA MET BD 303 92.28 164.07 216.89
C MET BD 303 91.50 164.12 218.21
N ARG BD 304 90.16 164.04 218.15
CA ARG BD 304 89.28 163.95 219.32
C ARG BD 304 89.64 162.72 220.15
N ASN BD 305 89.84 161.57 219.49
CA ASN BD 305 90.27 160.35 220.13
C ASN BD 305 91.65 160.51 220.77
N LEU BD 306 92.65 160.96 220.00
CA LEU BD 306 94.03 161.00 220.47
C LEU BD 306 94.22 162.03 221.60
N THR BD 307 93.63 163.23 221.48
CA THR BD 307 93.76 164.27 222.50
C THR BD 307 93.18 163.79 223.83
N THR BD 308 91.93 163.32 223.82
CA THR BD 308 91.24 162.89 225.03
C THR BD 308 91.84 161.61 225.60
N ALA BD 309 92.45 160.76 224.76
CA ALA BD 309 93.20 159.60 225.23
C ALA BD 309 94.45 160.03 225.99
N LEU BD 310 95.14 161.08 225.50
CA LEU BD 310 96.29 161.69 226.15
C LEU BD 310 95.89 162.60 227.31
N GLY BD 311 94.58 162.80 227.52
CA GLY BD 311 94.06 163.66 228.58
C GLY BD 311 94.10 165.15 228.25
N LEU BD 312 94.57 165.51 227.05
CA LEU BD 312 94.65 166.88 226.57
C LEU BD 312 93.28 167.39 226.15
N PRO BD 313 93.02 168.72 226.15
CA PRO BD 313 91.77 169.26 225.62
C PRO BD 313 91.76 169.19 224.10
N LEU BD 314 90.58 169.17 223.49
CA LEU BD 314 90.39 169.06 222.05
C LEU BD 314 91.11 170.19 221.32
N GLU BD 315 91.16 171.38 221.92
CA GLU BD 315 91.81 172.57 221.39
C GLU BD 315 93.30 172.36 221.15
N ALA BD 316 93.95 171.47 221.91
CA ALA BD 316 95.39 171.22 221.80
C ALA BD 316 95.72 170.53 220.48
N GLY BD 317 94.72 169.92 219.85
CA GLY BD 317 94.88 169.27 218.55
C GLY BD 317 94.59 170.19 217.37
N ASN BD 318 94.43 171.50 217.63
CA ASN BD 318 94.05 172.50 216.65
C ASN BD 318 92.65 172.22 216.06
N VAL BD 319 91.73 171.68 216.87
CA VAL BD 319 90.35 171.40 216.48
C VAL BD 319 89.39 172.31 217.24
N GLY BD 320 88.47 172.98 216.53
CA GLY BD 320 87.48 173.87 217.12
C GLY BD 320 86.09 173.23 217.27
N ALA BD 321 85.25 173.84 218.12
CA ALA BD 321 83.85 173.46 218.30
C ALA BD 321 83.02 174.67 218.70
N ASP BD 322 81.75 174.72 218.30
CA ASP BD 322 80.82 175.81 218.61
C ASP BD 322 80.36 175.71 220.07
N GLY BD 323 80.23 176.88 220.72
CA GLY BD 323 79.78 176.99 222.10
C GLY BD 323 80.85 176.65 223.13
N LEU BD 324 81.63 175.59 222.86
CA LEU BD 324 82.57 174.98 223.80
C LEU BD 324 83.80 175.85 224.03
N GLY BD 325 83.90 176.99 223.32
CA GLY BD 325 84.96 177.97 223.54
C GLY BD 325 84.61 179.08 224.54
N SER BD 326 83.38 179.08 225.08
CA SER BD 326 82.85 180.18 225.89
C SER BD 326 82.25 179.69 227.21
N GLY BD 327 82.33 180.52 228.25
CA GLY BD 327 81.61 180.31 229.52
C GLY BD 327 82.07 179.07 230.29
N LYS BD 328 81.19 178.59 231.18
CA LYS BD 328 81.45 177.44 232.05
C LYS BD 328 81.67 176.16 231.23
N PRO BD 329 80.99 175.92 230.08
CA PRO BD 329 81.38 174.85 229.16
C PRO BD 329 82.85 174.80 228.77
N ALA BD 330 83.48 175.97 228.63
CA ALA BD 330 84.92 176.06 228.42
C ALA BD 330 85.68 175.93 229.74
N GLU BD 331 85.31 176.73 230.75
CA GLU BD 331 86.07 176.90 231.98
C GLU BD 331 86.21 175.59 232.77
N LEU BD 332 85.23 174.69 232.65
CA LEU BD 332 85.30 173.36 233.25
C LEU BD 332 86.48 172.55 232.70
N ARG BD 333 86.72 172.61 231.38
CA ARG BD 333 87.79 171.86 230.75
C ARG BD 333 89.16 172.43 231.13
N PHE BD 334 89.24 173.76 231.29
CA PHE BD 334 90.41 174.45 231.80
C PHE BD 334 90.67 174.08 233.26
N ALA BD 335 89.59 173.91 234.06
CA ALA BD 335 89.69 173.42 235.42
C ALA BD 335 90.25 172.00 235.45
N LEU BD 336 89.71 171.10 234.61
CA LEU BD 336 90.16 169.71 234.51
C LEU BD 336 91.64 169.64 234.15
N LEU BD 337 92.07 170.52 233.24
CA LEU BD 337 93.46 170.57 232.79
C LEU BD 337 94.35 171.05 233.92
N LYS BD 338 93.94 172.08 234.65
CA LYS BD 338 94.70 172.63 235.77
C LYS BD 338 94.82 171.60 236.91
N LEU BD 339 93.75 170.85 237.18
CA LEU BD 339 93.75 169.82 238.20
C LEU BD 339 94.77 168.74 237.87
N ALA BD 340 94.78 168.25 236.62
CA ALA BD 340 95.72 167.25 236.15
C ALA BD 340 97.16 167.75 236.28
N ILE BD 341 97.41 168.99 235.85
CA ILE BD 341 98.72 169.63 235.91
C ILE BD 341 99.20 169.73 237.36
N LYS BD 342 98.36 170.27 238.27
CA LYS BD 342 98.73 170.45 239.66
C LYS BD 342 99.00 169.11 240.35
N ALA BD 343 98.17 168.10 240.09
CA ALA BD 343 98.34 166.75 240.60
C ALA BD 343 99.68 166.15 240.16
N ASN BD 344 100.01 166.27 238.87
CA ASN BD 344 101.26 165.79 238.30
C ASN BD 344 102.46 166.53 238.90
N GLN BD 345 102.36 167.87 239.01
CA GLN BD 345 103.41 168.72 239.54
C GLN BD 345 103.73 168.35 240.99
N ARG BD 346 102.71 168.26 241.85
CA ARG BD 346 102.90 167.89 243.25
C ARG BD 346 103.44 166.47 243.39
N SER BD 347 103.03 165.56 242.48
CA SER BD 347 103.52 164.19 242.44
C SER BD 347 105.01 164.15 242.11
N PHE BD 348 105.46 165.05 241.24
CA PHE BD 348 106.87 165.16 240.85
C PHE BD 348 107.67 165.80 241.99
N SER BD 349 107.16 166.92 242.53
CA SER BD 349 107.84 167.71 243.56
C SER BD 349 108.22 166.84 244.76
N VAL BD 350 107.25 166.05 245.26
CA VAL BD 350 107.45 165.22 246.43
C VAL BD 350 108.58 164.22 246.19
N GLN BD 351 108.60 163.57 245.03
CA GLN BD 351 109.60 162.56 244.71
C GLN BD 351 110.98 163.19 244.52
N PHE BD 352 111.05 164.36 243.86
CA PHE BD 352 112.32 165.06 243.65
C PHE BD 352 112.90 165.51 245.00
N VAL BD 353 112.07 166.05 245.89
CA VAL BD 353 112.49 166.44 247.24
C VAL BD 353 113.01 165.21 247.99
N GLU BD 354 112.21 164.14 248.05
CA GLU BD 354 112.47 163.00 248.94
C GLU BD 354 113.58 162.08 248.44
N ARG BD 355 113.76 161.95 247.12
CA ARG BD 355 114.71 161.01 246.53
C ARG BD 355 115.87 161.69 245.79
N VAL BD 356 115.84 163.01 245.58
CA VAL BD 356 116.95 163.73 244.97
C VAL BD 356 117.52 164.78 245.94
N MET BD 357 116.69 165.74 246.36
CA MET BD 357 117.16 166.90 247.13
C MET BD 357 117.68 166.49 248.52
N ARG BD 358 116.88 165.74 249.28
CA ARG BD 358 117.24 165.34 250.63
C ARG BD 358 118.54 164.51 250.66
N PRO BD 359 118.72 163.46 249.82
CA PRO BD 359 120.03 162.84 249.63
C PRO BD 359 121.19 163.79 249.30
N VAL BD 360 120.96 164.77 248.41
CA VAL BD 360 121.97 165.74 248.02
C VAL BD 360 122.38 166.61 249.22
N VAL BD 361 121.41 167.02 250.06
CA VAL BD 361 121.70 167.74 251.29
C VAL BD 361 122.48 166.84 252.25
N ARG BD 362 121.99 165.61 252.48
CA ARG BD 362 122.54 164.64 253.43
C ARG BD 362 124.03 164.41 253.19
N ASP BD 363 124.42 164.20 251.92
CA ASP BD 363 125.74 163.72 251.56
C ASP BD 363 126.74 164.86 251.27
N TYR BD 364 126.28 166.09 250.98
CA TYR BD 364 127.16 167.15 250.49
C TYR BD 364 127.01 168.50 251.21
N SER BD 365 126.07 168.64 252.15
CA SER BD 365 125.70 169.93 252.72
C SER BD 365 126.06 170.06 254.20
N PRO BD 366 126.43 171.27 254.69
CA PRO BD 366 126.52 171.52 256.13
C PRO BD 366 125.17 171.77 256.82
N PHE BD 367 124.07 171.82 256.03
CA PHE BD 367 122.72 172.06 256.53
C PHE BD 367 122.02 170.73 256.87
N ASP BD 368 120.90 170.81 257.60
CA ASP BD 368 120.08 169.67 258.00
C ASP BD 368 119.31 169.12 256.79
N HIS BD 369 119.39 167.80 256.57
CA HIS BD 369 118.75 167.14 255.43
C HIS BD 369 117.29 166.78 255.72
N GLU BD 370 116.88 166.84 256.99
CA GLU BD 370 115.50 166.54 257.38
C GLU BD 370 114.67 167.84 257.50
N ALA BD 371 115.19 168.94 256.95
CA ALA BD 371 114.54 170.26 256.96
C ALA BD 371 113.28 170.28 256.07
N ASP BD 372 112.46 171.33 256.25
CA ASP BD 372 111.17 171.51 255.61
C ASP BD 372 111.32 172.14 254.22
N ILE BD 373 111.95 171.39 253.31
CA ILE BD 373 112.15 171.76 251.91
C ILE BD 373 110.82 171.77 251.16
N ARG BD 374 110.60 172.83 250.35
CA ARG BD 374 109.46 172.99 249.46
C ARG BD 374 109.96 173.14 248.02
N LEU BD 375 109.39 172.38 247.07
CA LEU BD 375 109.61 172.57 245.64
C LEU BD 375 108.25 172.81 244.96
N GLU BD 376 108.10 173.96 244.29
CA GLU BD 376 106.88 174.29 243.55
C GLU BD 376 107.17 174.45 242.06
N ILE BD 377 106.19 174.11 241.22
CA ILE BD 377 106.26 174.22 239.78
C ILE BD 377 105.05 175.04 239.31
N ASN BD 378 105.26 175.97 238.36
CA ASN BD 378 104.31 177.05 238.08
C ASN BD 378 103.11 176.57 237.27
N ASP BD 379 101.96 177.24 237.46
CA ASP BD 379 100.74 177.01 236.68
C ASP BD 379 100.91 177.64 235.29
N PRO BD 380 100.85 176.86 234.18
CA PRO BD 380 101.02 177.40 232.84
C PRO BD 380 99.88 178.28 232.33
N LEU BD 381 98.73 178.25 233.01
CA LEU BD 381 97.51 178.94 232.58
C LEU BD 381 97.16 180.10 233.50
N GLU BD 382 98.13 180.55 234.31
CA GLU BD 382 98.01 181.73 235.17
C GLU BD 382 98.06 182.99 234.32
N ASP BD 383 97.22 183.99 234.66
CA ASP BD 383 97.20 185.30 234.00
C ASP BD 383 97.51 186.38 235.03
N ILE BD 384 98.48 187.25 234.71
CA ILE BD 384 98.94 188.33 235.59
C ILE BD 384 97.81 189.34 235.80
N GLY BD 385 96.96 189.54 234.78
CA GLY BD 385 95.83 190.44 234.83
C GLY BD 385 94.78 190.05 235.86
N GLU BD 386 94.53 188.75 236.00
CA GLU BD 386 93.62 188.19 236.99
C GLU BD 386 94.12 188.49 238.39
N VAL BD 387 95.44 188.34 238.60
CA VAL BD 387 96.11 188.60 239.87
C VAL BD 387 96.13 190.09 240.16
N ALA BD 388 96.36 190.93 239.14
CA ALA BD 388 96.41 192.38 239.29
C ALA BD 388 95.05 192.96 239.68
N ASP BD 389 93.97 192.44 239.09
CA ASP BD 389 92.60 192.76 239.48
C ASP BD 389 92.36 192.36 240.95
N LEU BD 390 92.77 191.14 241.32
CA LEU BD 390 92.61 190.63 242.68
C LEU BD 390 93.35 191.51 243.69
N ILE BD 391 94.58 191.92 243.38
CA ILE BD 391 95.40 192.76 244.25
C ILE BD 391 94.68 194.08 244.56
N GLN BD 392 94.01 194.66 243.56
CA GLN BD 392 93.22 195.87 243.74
C GLN BD 392 91.97 195.59 244.58
N GLN BD 393 91.32 194.42 244.37
CA GLN BD 393 90.04 194.12 245.00
C GLN BD 393 90.19 193.72 246.48
N VAL BD 394 91.28 193.03 246.86
CA VAL BD 394 91.40 192.43 248.19
C VAL BD 394 92.73 192.73 248.88
N GLY BD 395 93.57 193.59 248.30
CA GLY BD 395 94.86 193.96 248.88
C GLY BD 395 94.78 194.49 250.32
N ASP BD 396 93.64 195.08 250.68
CA ASP BD 396 93.34 195.57 252.03
C ASP BD 396 93.30 194.45 253.07
N TYR BD 397 93.31 193.17 252.64
CA TYR BD 397 93.22 192.01 253.50
C TYR BD 397 94.38 191.02 253.25
N MET BD 398 95.40 191.43 252.48
CA MET BD 398 96.59 190.63 252.21
C MET BD 398 97.84 191.42 252.60
N THR BD 399 98.85 190.74 253.17
CA THR BD 399 100.12 191.38 253.54
C THR BD 399 100.90 191.77 252.28
N ASN BD 400 101.88 192.66 252.44
CA ASN BD 400 102.72 193.10 251.33
C ASN BD 400 103.54 191.95 250.79
N GLU BD 401 103.95 191.01 251.66
CA GLU BD 401 104.62 189.80 251.24
C GLU BD 401 103.70 188.91 250.40
N GLN BD 402 102.44 188.74 250.81
CA GLN BD 402 101.47 187.94 250.07
C GLN BD 402 101.15 188.57 248.71
N VAL BD 403 101.05 189.91 248.67
CA VAL BD 403 100.86 190.66 247.43
C VAL BD 403 102.05 190.41 246.48
N ALA BD 404 103.29 190.54 246.99
CA ALA BD 404 104.50 190.34 246.22
C ALA BD 404 104.64 188.90 245.72
N GLU BD 405 104.34 187.93 246.59
CA GLU BD 405 104.40 186.51 246.25
C GLU BD 405 103.41 186.15 245.13
N LYS BD 406 102.18 186.66 245.22
CA LYS BD 406 101.16 186.46 244.19
C LYS BD 406 101.57 187.13 242.89
N LEU BD 407 102.22 188.30 243.00
CA LEU BD 407 102.70 189.09 241.88
C LEU BD 407 104.01 188.54 241.30
N ASP BD 408 104.58 187.50 241.92
CA ASP BD 408 105.83 186.84 241.53
C ASP BD 408 107.01 187.82 241.59
N LEU BD 409 107.18 188.49 242.74
CA LEU BD 409 108.25 189.45 243.01
C LEU BD 409 108.75 189.31 244.44
N PRO BD 410 109.99 189.77 244.77
CA PRO BD 410 110.47 189.84 246.15
C PRO BD 410 109.62 190.72 247.06
N ALA BD 411 109.44 190.27 248.31
CA ALA BD 411 108.83 191.05 249.37
C ALA BD 411 109.74 192.21 249.79
N PRO BD 412 109.21 193.29 250.44
CA PRO BD 412 110.04 194.39 250.96
C PRO BD 412 111.18 193.94 251.87
N GLU BD 413 112.26 194.73 251.91
CA GLU BD 413 113.50 194.39 252.60
C GLU BD 413 113.42 194.64 254.11
N ASP BD 414 112.32 195.24 254.60
CA ASP BD 414 112.08 195.49 256.02
C ASP BD 414 110.87 194.69 256.48
N ASP BD 415 111.02 193.91 257.57
CA ASP BD 415 110.09 192.87 257.98
C ASP BD 415 108.68 193.39 258.22
N GLU BD 416 108.53 194.53 258.90
CA GLU BD 416 107.22 195.10 259.19
C GLU BD 416 106.59 195.75 257.97
N VAL BD 417 107.42 196.20 257.00
CA VAL BD 417 106.94 196.69 255.72
C VAL BD 417 106.39 195.52 254.89
N ALA BD 418 107.00 194.33 255.03
CA ALA BD 418 106.58 193.13 254.33
C ALA BD 418 105.34 192.51 254.97
N ASP BD 419 105.30 192.47 256.32
CA ASP BD 419 104.30 191.75 257.10
C ASP BD 419 103.00 192.56 257.23
N SER BD 420 103.07 193.89 257.12
CA SER BD 420 101.90 194.75 257.19
C SER BD 420 101.06 194.65 255.91
N TYR BD 421 99.84 195.19 255.97
CA TYR BD 421 98.80 195.05 254.96
C TYR BD 421 98.67 196.31 254.09
N ARG BD 422 98.85 197.51 254.66
CA ARG BD 422 98.81 198.75 253.89
C ARG BD 422 100.06 198.85 253.00
N SER BD 423 99.94 199.49 251.84
CA SER BD 423 100.96 199.54 250.79
C SER BD 423 102.27 200.13 251.27
N PRO BD 424 103.44 199.69 250.73
CA PRO BD 424 104.72 200.35 250.99
C PRO BD 424 104.81 201.76 250.42
N ALA BD 425 104.12 202.01 249.29
CA ALA BD 425 103.98 203.35 248.74
C ALA BD 425 103.17 204.26 249.67
N ASP BD 426 102.17 203.69 250.35
CA ASP BD 426 101.37 204.40 251.34
C ASP BD 426 102.21 204.74 252.57
N MET BD 427 103.14 203.86 252.95
CA MET BD 427 104.04 204.09 254.08
C MET BD 427 105.01 205.21 253.72
N GLU BD 428 105.47 205.24 252.46
CA GLU BD 428 106.47 206.18 251.98
C GLU BD 428 105.88 207.59 251.89
N LYS BD 429 104.65 207.72 251.37
CA LYS BD 429 104.00 209.02 251.22
C LYS BD 429 103.64 209.62 252.58
N ASP BD 430 103.20 208.76 253.52
CA ASP BD 430 102.85 209.18 254.86
C ASP BD 430 104.10 209.63 255.62
N GLU BD 431 105.19 208.86 255.57
CA GLU BD 431 106.44 209.19 256.22
C GLU BD 431 107.02 210.50 255.68
N ALA BD 432 106.94 210.70 254.36
CA ALA BD 432 107.41 211.92 253.71
C ALA BD 432 106.59 213.14 254.12
N GLY BD 433 105.28 212.97 254.32
CA GLY BD 433 104.38 214.02 254.78
C GLY BD 433 104.55 214.37 256.26
N VAL BD 434 104.69 213.36 257.13
CA VAL BD 434 104.68 213.53 258.59
C VAL BD 434 105.94 214.26 259.07
N ALA CD 31 65.85 150.20 274.80
CA ALA CD 31 66.14 149.68 273.44
C ALA CD 31 67.30 148.69 273.50
N SER CD 32 68.34 148.86 272.65
CA SER CD 32 69.43 147.90 272.52
C SER CD 32 70.74 148.55 272.07
N SER CD 33 71.87 147.83 272.22
CA SER CD 33 73.21 148.36 271.93
C SER CD 33 73.83 147.75 270.67
N THR CD 34 73.16 146.76 270.05
CA THR CD 34 73.65 146.06 268.86
C THR CD 34 72.51 145.85 267.85
N PRO CD 35 72.79 145.77 266.53
CA PRO CD 35 71.74 145.61 265.51
C PRO CD 35 70.81 144.41 265.73
N GLN CD 36 69.50 144.63 265.57
CA GLN CD 36 68.48 143.60 265.72
C GLN CD 36 67.74 143.36 264.40
N THR CD 37 67.73 144.37 263.51
CA THR CD 37 67.30 144.22 262.12
C THR CD 37 68.40 143.54 261.30
N ASN CD 38 68.03 142.59 260.43
CA ASN CD 38 68.93 141.79 259.62
C ASN CD 38 69.51 142.58 258.44
N VAL CD 39 70.49 142.01 257.70
CA VAL CD 39 71.35 142.75 256.78
C VAL CD 39 71.44 142.18 255.36
N ASP CD 40 70.58 141.22 255.00
CA ASP CD 40 70.28 140.82 253.62
C ASP CD 40 71.45 140.18 252.84
N SER CD 41 72.56 139.83 253.52
CA SER CD 41 73.70 139.18 252.87
C SER CD 41 74.60 138.48 253.90
N MET CD 42 74.80 137.17 253.72
CA MET CD 42 75.76 136.36 254.46
C MET CD 42 76.03 135.06 253.70
N GLY CD 43 77.31 134.68 253.56
CA GLY CD 43 77.71 133.40 252.99
C GLY CD 43 77.60 133.29 251.47
N GLY CD 44 77.15 134.34 250.79
CA GLY CD 44 76.95 134.34 249.34
C GLY CD 44 75.72 133.55 248.90
N GLY CD 45 75.62 133.28 247.60
CA GLY CD 45 74.49 132.58 247.00
C GLY CD 45 74.52 131.09 247.29
N ASP CD 54 79.78 138.76 247.56
CA ASP CD 54 78.92 138.69 246.35
C ASP CD 54 79.71 139.19 245.14
N LEU CD 55 81.04 139.34 245.30
CA LEU CD 55 81.96 139.78 244.26
C LEU CD 55 83.36 139.17 244.48
N THR CD 56 84.22 139.17 243.44
CA THR CD 56 85.44 138.37 243.42
C THR CD 56 86.64 139.16 242.88
N PHE CD 57 87.83 138.55 243.02
CA PHE CD 57 89.08 139.10 242.50
C PHE CD 57 89.01 139.29 240.98
N GLU CD 58 88.19 138.47 240.30
CA GLU CD 58 87.99 138.54 238.86
C GLU CD 58 87.25 139.83 238.46
N ASP CD 59 86.20 140.19 239.21
CA ASP CD 59 85.43 141.41 238.98
C ASP CD 59 86.31 142.63 239.23
N LEU CD 60 87.14 142.56 240.27
CA LEU CD 60 88.07 143.59 240.67
C LEU CD 60 89.19 143.76 239.62
N ARG CD 61 89.61 142.66 238.99
CA ARG CD 61 90.61 142.70 237.92
C ARG CD 61 90.04 143.24 236.61
N ASP CD 62 88.72 143.08 236.40
CA ASP CD 62 88.05 143.81 235.31
C ASP CD 62 88.15 145.32 235.54
N ILE CD 63 87.95 145.78 236.78
CA ILE CD 63 88.05 147.20 237.12
C ILE CD 63 89.48 147.69 236.85
N LYS CD 64 90.48 146.89 237.23
CA LYS CD 64 91.89 147.18 236.99
C LYS CD 64 92.15 147.33 235.48
N ASP CD 65 91.56 146.45 234.66
CA ASP CD 65 91.70 146.49 233.22
C ASP CD 65 91.06 147.75 232.62
N VAL CD 66 89.91 148.18 233.15
CA VAL CD 66 89.24 149.40 232.67
C VAL CD 66 90.11 150.62 232.99
N ARG CD 67 90.79 150.60 234.15
CA ARG CD 67 91.69 151.67 234.57
C ARG CD 67 92.97 151.72 233.72
N ASP CD 68 93.60 150.58 233.44
CA ASP CD 68 94.94 150.54 232.85
C ASP CD 68 94.93 150.51 231.32
N SER CD 69 93.80 150.18 230.68
CA SER CD 69 93.70 150.06 229.23
C SER CD 69 93.50 151.40 228.51
N GLY CD 70 93.34 152.51 229.23
CA GLY CD 70 93.38 153.85 228.67
C GLY CD 70 92.15 154.24 227.84
N GLY CD 71 92.34 155.20 226.92
CA GLY CD 71 91.28 155.72 226.06
C GLY CD 71 90.34 156.67 226.80
N GLN CD 72 89.29 157.14 226.10
CA GLN CD 72 88.35 158.12 226.61
C GLN CD 72 87.63 157.60 227.86
N VAL CD 73 87.34 156.29 227.90
CA VAL CD 73 86.66 155.60 229.00
C VAL CD 73 87.44 155.80 230.31
N ALA CD 74 88.75 155.55 230.29
CA ALA CD 74 89.61 155.73 231.45
C ALA CD 74 89.74 157.20 231.83
N GLN CD 75 89.86 158.08 230.83
CA GLN CD 75 90.06 159.51 231.06
C GLN CD 75 88.87 160.14 231.79
N LEU CD 76 87.63 159.73 231.47
CA LEU CD 76 86.45 160.27 232.12
C LEU CD 76 86.44 159.96 233.63
N MET CD 77 86.77 158.73 234.03
CA MET CD 77 86.82 158.35 235.43
C MET CD 77 88.00 159.03 236.15
N ASP CD 78 89.11 159.26 235.44
CA ASP CD 78 90.25 159.99 235.99
C ASP CD 78 89.92 161.47 236.17
N TYR CD 79 89.17 162.07 235.23
CA TYR CD 79 88.66 163.43 235.35
C TYR CD 79 87.70 163.52 236.54
N LYS CD 80 86.86 162.49 236.73
CA LYS CD 80 85.92 162.41 237.84
C LYS CD 80 86.67 162.42 239.17
N ALA CD 81 87.78 161.66 239.24
CA ALA CD 81 88.63 161.61 240.43
C ALA CD 81 89.31 162.96 240.68
N LEU CD 82 89.79 163.62 239.61
CA LEU CD 82 90.49 164.89 239.72
C LEU CD 82 89.55 166.01 240.20
N LEU CD 83 88.27 165.98 239.78
CA LEU CD 83 87.28 166.94 240.26
C LEU CD 83 87.03 166.77 241.75
N ASN CD 84 86.92 165.52 242.21
CA ASN CD 84 86.58 165.22 243.59
C ASN CD 84 87.76 165.44 244.55
N PHE CD 85 89.02 165.25 244.08
CA PHE CD 85 90.17 165.13 244.98
C PHE CD 85 91.44 165.84 244.52
N GLY CD 86 91.48 166.42 243.32
CA GLY CD 86 92.71 166.91 242.70
C GLY CD 86 93.20 168.28 243.16
N GLU CD 87 92.33 169.06 243.82
CA GLU CD 87 92.59 170.44 244.22
C GLU CD 87 93.30 170.52 245.59
N GLY CD 88 93.47 169.38 246.28
CA GLY CD 88 94.17 169.32 247.56
C GLY CD 88 93.24 169.38 248.78
N CYS CD 89 93.83 169.51 249.97
CA CYS CD 89 93.12 169.41 251.26
C CYS CD 89 93.68 170.36 252.32
N GLU CD 90 92.94 170.55 253.42
CA GLU CD 90 93.36 171.32 254.60
C GLU CD 90 92.87 170.67 255.90
N ILE CD 91 93.69 170.76 256.96
CA ILE CD 91 93.41 170.24 258.30
C ILE CD 91 93.15 171.40 259.27
N HIS CD 92 92.13 171.24 260.13
CA HIS CD 92 91.94 172.03 261.33
C HIS CD 92 91.63 171.10 262.51
N VAL CD 93 91.77 171.57 263.75
CA VAL CD 93 91.31 170.86 264.94
C VAL CD 93 90.51 171.83 265.81
N GLU CD 94 89.36 171.39 266.33
CA GLU CD 94 88.41 172.25 267.02
C GLU CD 94 88.95 172.66 268.39
N GLY CD 95 89.36 173.93 268.52
CA GLY CD 95 89.91 174.48 269.76
C GLY CD 95 91.34 174.03 270.04
N ASP CD 96 92.14 173.80 269.00
CA ASP CD 96 93.47 173.21 269.05
C ASP CD 96 94.41 173.98 269.99
N ASP CD 97 94.34 175.31 269.95
CA ASP CD 97 95.22 176.22 270.67
C ASP CD 97 94.96 176.26 272.18
N GLU CD 98 93.96 175.52 272.65
CA GLU CD 98 93.81 175.23 274.08
C GLU CD 98 94.91 174.26 274.51
N THR CD 99 95.62 173.66 273.54
CA THR CD 99 96.82 172.86 273.75
C THR CD 99 98.03 173.58 273.16
N LYS CD 100 99.13 173.62 273.93
CA LYS CD 100 100.45 174.05 273.50
C LYS CD 100 101.49 173.12 274.14
N GLN CD 101 101.37 171.83 273.84
CA GLN CD 101 102.03 170.73 274.55
C GLN CD 101 103.51 170.67 274.17
N LEU CD 102 104.38 170.39 275.16
CA LEU CD 102 105.82 170.24 274.97
C LEU CD 102 106.13 168.85 274.43
N VAL CD 103 105.82 168.63 273.14
CA VAL CD 103 105.90 167.34 272.46
C VAL CD 103 107.35 166.86 272.37
N ASP CD 104 108.28 167.78 272.09
CA ASP CD 104 109.71 167.51 272.09
C ASP CD 104 110.47 168.71 272.66
N GLY CD 105 110.07 169.15 273.86
CA GLY CD 105 110.76 170.20 274.60
C GLY CD 105 110.33 171.62 274.21
N GLU CD 106 109.43 171.73 273.22
CA GLU CD 106 108.94 173.00 272.69
C GLU CD 106 107.46 172.87 272.33
N PRO CD 107 106.60 173.92 272.51
CA PRO CD 107 105.17 173.82 272.23
C PRO CD 107 104.77 173.42 270.81
N MET CD 108 103.76 172.52 270.73
CA MET CD 108 103.11 172.11 269.50
C MET CD 108 101.60 171.99 269.71
N THR CD 109 100.86 172.03 268.59
CA THR CD 109 99.42 171.79 268.49
C THR CD 109 99.17 170.43 267.84
N LEU CD 110 97.93 169.92 267.88
CA LEU CD 110 97.59 168.67 267.23
C LEU CD 110 97.64 168.81 265.70
N SER CD 111 97.20 169.97 265.18
CA SER CD 111 97.29 170.24 263.74
C SER CD 111 98.74 170.19 263.24
N GLU CD 112 99.69 170.75 264.01
CA GLU CD 112 101.10 170.65 263.70
C GLU CD 112 101.58 169.19 263.72
N TRP CD 113 101.15 168.42 264.74
CA TRP CD 113 101.49 167.01 264.88
C TRP CD 113 100.97 166.21 263.69
N LEU CD 114 99.74 166.51 263.23
CA LEU CD 114 99.10 165.85 262.10
C LEU CD 114 99.82 166.19 260.79
N GLU CD 115 100.34 167.42 260.67
CA GLU CD 115 101.06 167.85 259.48
C GLU CD 115 102.41 167.16 259.38
N ASP CD 116 103.03 166.84 260.52
CA ASP CD 116 104.22 166.00 260.58
C ASP CD 116 103.88 164.55 260.29
N ALA CD 117 102.68 164.10 260.70
CA ALA CD 117 102.22 162.73 260.48
C ALA CD 117 101.85 162.48 259.00
N PHE CD 118 101.31 163.50 258.33
CA PHE CD 118 100.81 163.39 256.96
C PHE CD 118 101.31 164.57 256.11
N PRO CD 119 102.62 164.71 255.81
CA PRO CD 119 103.16 165.85 255.09
C PRO CD 119 102.64 166.09 253.67
N HIS CD 120 102.22 165.01 252.99
CA HIS CD 120 101.89 165.04 251.57
C HIS CD 120 100.45 164.57 251.32
N LEU CD 121 99.52 164.96 252.21
CA LEU CD 121 98.17 164.41 252.29
C LEU CD 121 97.35 164.62 251.02
N ASP CD 122 97.61 165.68 250.25
CA ASP CD 122 96.95 165.97 248.98
C ASP CD 122 97.02 164.78 248.02
N LEU CD 123 98.21 164.17 247.92
CA LEU CD 123 98.49 163.06 247.02
C LEU CD 123 97.82 161.79 247.52
N LEU CD 124 97.82 161.58 248.84
CA LEU CD 124 97.20 160.42 249.46
C LEU CD 124 95.67 160.48 249.32
N VAL CD 125 95.09 161.68 249.49
CA VAL CD 125 93.66 161.91 249.30
C VAL CD 125 93.27 161.66 247.85
N LEU CD 126 94.11 162.07 246.89
CA LEU CD 126 93.83 161.85 245.47
C LEU CD 126 93.90 160.36 245.13
N ASP CD 127 94.90 159.64 245.66
CA ASP CD 127 95.06 158.22 245.40
C ASP CD 127 93.91 157.41 246.02
N LEU CD 128 93.59 157.66 247.30
CA LEU CD 128 92.56 156.92 248.00
C LEU CD 128 91.18 157.27 247.43
N GLY CD 129 90.96 158.55 247.14
CA GLY CD 129 89.71 159.00 246.54
C GLY CD 129 89.49 158.45 245.14
N GLY CD 130 90.56 158.43 244.34
CA GLY CD 130 90.55 157.81 243.01
C GLY CD 130 90.26 156.32 243.08
N ASP CD 131 90.96 155.61 243.97
CA ASP CD 131 90.76 154.18 244.18
C ASP CD 131 89.32 153.89 244.64
N ALA CD 132 88.75 154.74 245.50
CA ALA CD 132 87.42 154.56 246.04
C ALA CD 132 86.32 154.91 245.04
N LEU CD 133 86.66 155.61 243.94
CA LEU CD 133 85.76 155.81 242.80
C LEU CD 133 85.90 154.68 241.79
N TRP CD 134 87.13 154.24 241.52
CA TRP CD 134 87.44 153.16 240.60
C TRP CD 134 86.92 151.82 241.13
N TYR CD 135 87.44 151.39 242.29
CA TYR CD 135 87.12 150.14 242.96
C TYR CD 135 85.97 150.35 243.95
N PRO CD 136 85.32 149.29 244.51
CA PRO CD 136 84.31 149.47 245.55
C PRO CD 136 84.82 150.18 246.80
N TYR CD 137 86.12 150.00 247.11
CA TYR CD 137 86.75 150.53 248.31
C TYR CD 137 88.22 150.89 248.07
N ALA CD 138 88.74 151.82 248.87
CA ALA CD 138 90.17 151.93 249.15
C ALA CD 138 90.47 151.21 250.46
N VAL CD 139 91.71 150.70 250.64
CA VAL CD 139 92.08 149.83 251.77
C VAL CD 139 93.57 149.98 252.08
N GLY CD 140 93.97 149.78 253.36
CA GLY CD 140 95.36 149.93 253.78
C GLY CD 140 95.71 149.40 255.17
N GLU CD 141 97.02 149.45 255.49
CA GLU CD 141 97.63 149.14 256.78
C GLU CD 141 97.96 150.42 257.53
N ILE CD 142 98.28 150.32 258.84
CA ILE CD 142 98.96 151.37 259.59
C ILE CD 142 100.41 150.93 259.80
N GLN CD 143 101.38 151.82 259.52
CA GLN CD 143 102.80 151.48 259.50
C GLN CD 143 103.61 152.38 260.44
N GLU CD 144 104.75 151.84 260.92
CA GLU CD 144 105.56 152.44 261.98
C GLU CD 144 107.04 152.51 261.56
N THR CD 145 107.77 153.42 262.22
CA THR CD 145 109.22 153.47 262.26
C THR CD 145 109.78 152.25 262.99
N ILE CD 146 111.11 152.11 263.02
CA ILE CD 146 111.80 151.03 263.72
C ILE CD 146 111.64 151.22 265.23
N THR CD 147 111.61 152.47 265.69
CA THR CD 147 111.38 152.83 267.09
C THR CD 147 109.94 152.52 267.52
N GLY CD 148 108.98 152.60 266.59
CA GLY CD 148 107.60 152.23 266.86
C GLY CD 148 106.61 153.38 266.68
N GLU CD 149 107.12 154.61 266.62
CA GLU CD 149 106.34 155.82 266.33
C GLU CD 149 105.84 155.76 264.88
N PHE CD 150 104.81 156.55 264.55
CA PHE CD 150 104.06 156.48 263.29
C PHE CD 150 104.97 156.77 262.09
N LYS CD 151 104.68 156.08 260.97
CA LYS CD 151 105.33 156.29 259.69
C LYS CD 151 104.32 156.78 258.65
N GLU CD 152 103.31 155.94 258.33
CA GLU CD 152 102.35 156.21 257.27
C GLU CD 152 101.13 155.30 257.37
N ALA CD 153 100.02 155.69 256.73
CA ALA CD 153 98.88 154.83 256.50
C ALA CD 153 99.01 154.18 255.13
N LEU CD 154 99.82 153.12 255.03
CA LEU CD 154 100.22 152.48 253.78
C LEU CD 154 99.04 151.80 253.10
N PRO CD 155 98.56 152.24 251.91
CA PRO CD 155 97.49 151.54 251.19
C PRO CD 155 97.93 150.19 250.63
N ALA CD 156 96.95 149.34 250.30
CA ALA CD 156 97.16 148.04 249.68
C ALA CD 156 96.39 147.96 248.36
N GLU CD 157 96.92 147.22 247.39
CA GLU CD 157 96.42 147.23 246.01
C GLU CD 157 95.01 146.65 245.97
N PRO CD 158 93.97 147.47 245.74
CA PRO CD 158 92.59 147.08 246.07
C PRO CD 158 92.01 145.89 245.31
N TRP CD 159 92.52 145.61 244.11
CA TRP CD 159 92.03 144.53 243.28
C TRP CD 159 92.50 143.18 243.82
N THR CD 160 93.51 143.18 244.70
CA THR CD 160 94.10 141.97 245.26
C THR CD 160 93.35 141.51 246.52
N LEU CD 161 92.41 142.33 247.03
CA LEU CD 161 91.83 142.18 248.36
C LEU CD 161 90.31 142.09 248.32
N MET CD 162 89.74 141.23 249.19
CA MET CD 162 88.29 141.17 249.43
C MET CD 162 88.02 140.98 250.93
N PRO CD 163 86.97 141.63 251.50
CA PRO CD 163 86.65 141.49 252.92
C PRO CD 163 85.90 140.21 253.27
N GLU CD 164 86.03 139.79 254.55
CA GLU CD 164 85.20 138.76 255.16
C GLU CD 164 84.50 139.36 256.39
N SER CD 165 83.23 138.96 256.62
CA SER CD 165 82.30 139.71 257.45
C SER CD 165 81.44 138.84 258.37
N ASP CD 166 80.83 139.46 259.40
CA ASP CD 166 80.06 138.81 260.46
C ASP CD 166 78.57 138.76 260.12
N ALA CD 167 77.75 138.24 261.06
CA ALA CD 167 76.32 138.08 260.90
C ALA CD 167 75.57 139.42 260.89
N GLN CD 168 76.21 140.49 261.38
CA GLN CD 168 75.69 141.85 261.32
C GLN CD 168 76.27 142.58 260.10
N GLY CD 169 76.99 141.85 259.23
CA GLY CD 169 77.46 142.36 257.95
C GLY CD 169 78.73 143.21 258.00
N LYS CD 170 79.34 143.34 259.19
CA LYS CD 170 80.53 144.17 259.37
C LYS CD 170 81.80 143.38 259.09
N VAL CD 171 82.83 144.04 258.53
CA VAL CD 171 84.08 143.42 258.13
C VAL CD 171 84.91 143.08 259.37
N GLN CD 172 85.50 141.87 259.38
CA GLN CD 172 86.30 141.38 260.50
C GLN CD 172 87.67 140.86 260.05
N ALA CD 173 87.82 140.54 258.75
CA ALA CD 173 89.07 140.06 258.17
C ALA CD 173 89.16 140.41 256.68
N TRP CD 174 90.37 140.30 256.10
CA TRP CD 174 90.64 140.59 254.69
C TRP CD 174 91.39 139.42 254.05
N HIS CD 175 90.94 139.01 252.85
CA HIS CD 175 91.47 137.88 252.09
C HIS CD 175 92.21 138.42 250.87
N GLN CD 176 93.45 137.97 250.63
CA GLN CD 176 94.29 138.51 249.57
C GLN CD 176 94.80 137.41 248.62
N ARG CD 177 94.70 137.66 247.30
CA ARG CD 177 95.20 136.81 246.23
C ARG CD 177 96.12 137.63 245.32
N THR CD 178 97.35 137.16 245.07
CA THR CD 178 98.38 137.92 244.36
C THR CD 178 99.26 137.04 243.46
N LYS CD 179 99.65 137.57 242.29
CA LYS CD 179 100.46 136.87 241.29
C LYS CD 179 101.96 136.98 241.60
N THR CD 180 102.71 135.87 241.48
CA THR CD 180 104.17 135.82 241.59
C THR CD 180 104.72 134.71 240.69
N HIS CD 181 105.81 134.99 239.93
CA HIS CD 181 106.50 134.03 239.07
C HIS CD 181 105.57 133.30 238.09
N GLY CD 182 104.47 133.95 237.66
CA GLY CD 182 103.53 133.34 236.74
C GLY CD 182 102.44 132.51 237.43
N GLY CD 183 102.62 132.24 238.72
CA GLY CD 183 101.64 131.58 239.58
C GLY CD 183 101.05 132.56 240.60
N TYR CD 184 100.65 132.05 241.78
CA TYR CD 184 99.99 132.85 242.81
C TYR CD 184 100.50 132.52 244.22
N GLN CD 185 100.40 133.51 245.12
CA GLN CD 185 100.45 133.38 246.57
C GLN CD 185 99.18 133.98 247.16
N THR CD 186 98.62 133.35 248.22
CA THR CD 186 97.32 133.69 248.81
C THR CD 186 97.40 133.70 250.34
N GLN CD 187 96.65 134.61 251.01
CA GLN CD 187 96.68 134.79 252.47
C GLN CD 187 95.39 135.43 253.01
N THR CD 188 95.22 135.41 254.35
CA THR CD 188 94.18 136.13 255.08
C THR CD 188 94.78 136.88 256.28
N LEU CD 189 94.28 138.11 256.53
CA LEU CD 189 94.71 138.96 257.63
C LEU CD 189 93.49 139.45 258.43
N PRO CD 190 93.59 139.62 259.77
CA PRO CD 190 92.49 140.19 260.56
C PRO CD 190 92.39 141.71 260.35
N ALA CD 191 91.23 142.29 260.67
CA ALA CD 191 90.98 143.72 260.51
C ALA CD 191 91.66 144.56 261.60
N ASP CD 192 92.34 143.92 262.56
CA ASP CD 192 92.83 144.51 263.81
C ASP CD 192 93.86 145.63 263.59
N ASP CD 193 94.52 145.64 262.42
CA ASP CD 193 95.50 146.65 262.04
C ASP CD 193 95.34 147.08 260.58
N LEU CD 194 94.13 146.90 260.01
CA LEU CD 194 93.76 147.32 258.66
C LEU CD 194 92.60 148.32 258.71
N TRP CD 195 92.46 149.14 257.65
CA TRP CD 195 91.44 150.16 257.51
C TRP CD 195 91.00 150.30 256.05
N ILE CD 197 87.93 152.55 253.10
CA ILE CD 197 87.03 153.67 252.79
C ILE CD 197 86.13 153.31 251.60
N VAL CD 198 84.82 153.64 251.69
CA VAL CD 198 83.83 153.43 250.64
C VAL CD 198 83.12 154.76 250.30
N ILE CD 199 83.15 155.18 249.02
CA ILE CD 199 82.38 156.32 248.56
C ILE CD 199 80.99 155.85 248.09
N ASN CD 200 80.95 154.78 247.28
CA ASN CD 200 79.75 154.30 246.62
C ASN CD 200 79.12 153.14 247.40
N LYS CD 201 78.49 153.43 248.55
CA LYS CD 201 77.76 152.45 249.35
C LYS CD 201 76.49 152.00 248.60
N ALA CD 202 76.05 150.76 248.85
CA ALA CD 202 74.80 150.24 248.33
C ALA CD 202 73.60 150.71 249.15
N SER CD 203 73.80 151.04 250.44
CA SER CD 203 72.75 151.45 251.37
C SER CD 203 73.33 152.28 252.52
N ALA CD 204 72.45 152.85 253.35
CA ALA CD 204 72.82 153.65 254.51
C ALA CD 204 73.54 152.84 255.59
N ARG CD 205 73.41 151.50 255.57
CA ARG CD 205 74.04 150.60 256.53
C ARG CD 205 75.28 149.91 255.96
N ASP CD 206 75.37 149.79 254.63
CA ASP CD 206 76.42 149.05 253.92
C ASP CD 206 77.82 149.52 254.29
N GLU CD 207 78.79 148.58 254.24
CA GLU CD 207 80.17 148.79 254.65
C GLU CD 207 81.16 148.48 253.52
N VAL CD 208 80.70 147.92 252.38
CA VAL CD 208 81.61 147.40 251.35
C VAL CD 208 81.40 148.10 249.99
N GLY CD 209 80.16 148.43 249.60
CA GLY CD 209 79.90 149.25 248.43
C GLY CD 209 79.92 148.50 247.10
N ILE CD 210 79.61 149.22 246.01
CA ILE CD 210 79.65 148.74 244.63
C ILE CD 210 80.30 149.81 243.75
N SER CD 211 81.22 149.42 242.86
CA SER CD 211 81.85 150.33 241.93
C SER CD 211 80.87 150.71 240.81
N GLU CD 212 80.92 151.99 240.38
CA GLU CD 212 80.18 152.48 239.22
C GLU CD 212 80.59 151.74 237.94
N VAL CD 213 81.81 151.18 237.90
CA VAL CD 213 82.29 150.38 236.78
C VAL CD 213 81.48 149.09 236.66
N LEU CD 214 81.04 148.54 237.79
CA LEU CD 214 80.18 147.36 237.83
C LEU CD 214 78.71 147.76 237.66
N ARG CD 215 78.33 148.93 238.21
CA ARG CD 215 76.97 149.48 238.15
C ARG CD 215 76.55 149.78 236.70
N ASN CD 216 77.52 150.15 235.85
CA ASN CD 216 77.28 150.57 234.46
C ASN CD 216 78.12 149.76 233.48
N LYS CD 217 78.37 148.46 233.77
CA LYS CD 217 79.28 147.59 233.03
C LYS CD 217 78.89 147.47 231.56
N ASP CD 218 77.59 147.30 231.28
CA ASP CD 218 77.05 147.14 229.94
C ASP CD 218 77.26 148.40 229.09
N GLU CD 219 77.05 149.58 229.67
CA GLU CD 219 77.21 150.86 228.98
C GLU CD 219 78.67 151.09 228.60
N ILE CD 220 79.60 150.72 229.49
CA ILE CD 220 81.03 150.84 229.27
C ILE CD 220 81.46 149.92 228.13
N GLN CD 221 80.95 148.68 228.10
CA GLN CD 221 81.23 147.74 227.03
C GLN CD 221 80.62 148.22 225.71
N ALA CD 222 79.38 148.74 225.76
CA ALA CD 222 78.67 149.24 224.59
C ALA CD 222 79.42 150.42 223.96
N PHE CD 223 80.02 151.28 224.78
CA PHE CD 223 80.81 152.41 224.30
C PHE CD 223 81.99 151.91 223.47
N LYS CD 224 82.77 150.97 224.02
CA LYS CD 224 83.95 150.42 223.35
C LYS CD 224 83.57 149.67 222.08
N GLN CD 225 82.41 148.97 222.10
CA GLN CD 225 81.89 148.26 220.95
C GLN CD 225 81.55 149.24 219.82
N ASN CD 226 80.87 150.34 220.17
CA ASN CD 226 80.48 151.37 219.22
C ASN CD 226 81.71 152.06 218.61
N GLU CD 227 82.73 152.35 219.42
CA GLU CD 227 83.98 152.93 218.95
C GLU CD 227 84.68 152.01 217.95
N ALA CD 228 84.73 150.71 218.25
CA ALA CD 228 85.28 149.71 217.35
C ALA CD 228 84.49 149.61 216.05
N ALA CD 229 83.15 149.66 216.14
CA ALA CD 229 82.25 149.61 214.99
C ALA CD 229 82.47 150.80 214.06
N ILE CD 230 82.57 152.02 214.63
CA ILE CD 230 82.85 153.23 213.88
C ILE CD 230 84.23 153.14 213.21
N ASN CD 231 85.26 152.75 213.97
CA ASN CD 231 86.63 152.67 213.50
C ASN CD 231 86.73 151.77 212.26
N GLN CD 232 86.02 150.64 212.28
CA GLN CD 232 85.98 149.69 211.17
C GLN CD 232 85.17 150.28 210.01
N ALA CD 233 84.02 150.89 210.31
CA ALA CD 233 83.10 151.44 209.32
C ALA CD 233 83.71 152.61 208.55
N ILE CD 234 84.55 153.42 209.21
CA ILE CD 234 85.27 154.51 208.56
C ILE CD 234 86.22 153.96 207.51
N GLU CD 235 86.95 152.87 207.81
CA GLU CD 235 87.87 152.27 206.85
C GLU CD 235 87.12 151.70 205.64
N LEU CD 236 85.96 151.06 205.87
CA LEU CD 236 85.23 150.37 204.83
C LEU CD 236 84.42 151.35 203.97
N HIS CD 237 83.89 152.43 204.57
CA HIS CD 237 82.86 153.25 203.94
C HIS CD 237 83.18 154.75 203.96
N GLY CD 238 84.10 155.19 204.81
CA GLY CD 238 84.49 156.59 204.92
C GLY CD 238 85.42 157.06 203.80
N PHE CD 239 86.10 156.10 203.14
CA PHE CD 239 87.01 156.34 202.04
C PHE CD 239 86.40 155.86 200.73
N PRO CD 240 86.42 156.66 199.63
CA PRO CD 240 86.03 156.18 198.31
C PRO CD 240 86.97 155.07 197.85
N GLN CD 241 86.45 154.14 197.03
CA GLN CD 241 87.22 153.02 196.49
C GLN CD 241 86.96 152.88 194.99
N ARG CD 242 87.92 152.30 194.25
CA ARG CD 242 87.89 152.24 192.79
C ARG CD 242 87.53 150.84 192.31
N VAL CD 244 87.36 148.91 188.70
CA VAL CD 244 87.55 148.79 187.27
C VAL CD 244 86.72 147.62 186.73
N LYS CD 245 85.80 147.91 185.80
CA LYS CD 245 84.99 146.94 185.09
C LYS CD 245 85.50 146.77 183.66
N VAL CD 246 85.86 145.53 183.29
CA VAL CD 246 86.58 145.22 182.06
C VAL CD 246 85.68 144.44 181.10
N GLY CD 247 85.68 144.83 179.82
CA GLY CD 247 84.91 144.15 178.79
C GLY CD 247 83.53 144.75 178.60
N LYS CD 248 82.88 144.43 177.47
CA LYS CD 248 81.57 144.98 177.11
C LYS CD 248 80.47 144.16 177.77
N GLU CD 249 79.33 144.80 178.07
CA GLU CD 249 78.12 144.12 178.53
C GLU CD 249 77.63 143.20 177.41
N ASP CD 250 77.36 141.92 177.75
CA ASP CD 250 77.09 140.84 176.80
C ASP CD 250 78.25 140.59 175.83
N GLY CD 251 79.48 140.99 176.19
CA GLY CD 251 80.67 140.81 175.36
C GLY CD 251 81.42 139.52 175.67
N ALA CD 252 82.68 139.43 175.20
CA ALA CD 252 83.56 138.29 175.48
C ALA CD 252 83.94 138.28 176.95
N PRO CD 253 83.92 137.12 177.66
CA PRO CD 253 84.24 137.08 179.08
C PRO CD 253 85.72 137.22 179.40
N VAL CD 254 86.03 138.13 180.33
CA VAL CD 254 87.36 138.33 180.88
C VAL CD 254 87.60 137.26 181.96
N ARG CD 255 88.84 136.71 182.03
CA ARG CD 255 89.25 135.73 183.03
C ARG CD 255 90.25 136.38 184.00
N ASP CD 256 90.52 135.75 185.15
CA ASP CD 256 91.30 136.41 186.21
C ASP CD 256 92.78 136.57 185.85
N ASN CD 257 93.32 135.69 184.99
CA ASN CD 257 94.67 135.86 184.44
C ASN CD 257 94.78 137.11 183.55
N ASP CD 258 93.64 137.59 183.04
CA ASP CD 258 93.56 138.85 182.29
C ASP CD 258 93.50 140.02 183.27
N LEU CD 259 92.69 139.88 184.34
CA LEU CD 259 92.51 140.92 185.34
C LEU CD 259 93.82 141.20 186.07
N ARG CD 260 94.71 140.20 186.18
CA ARG CD 260 96.06 140.38 186.73
C ARG CD 260 96.83 141.47 185.98
N ARG CD 261 96.72 141.48 184.65
CA ARG CD 261 97.40 142.41 183.77
C ARG CD 261 96.76 143.80 183.83
N VAL CD 262 95.42 143.85 183.96
CA VAL CD 262 94.68 145.11 184.11
C VAL CD 262 95.03 145.76 185.46
N ARG CD 263 95.01 144.98 186.54
CA ARG CD 263 95.36 145.42 187.90
C ARG CD 263 96.76 146.03 187.94
N THR CD 264 97.69 145.45 187.17
CA THR CD 264 99.09 145.88 187.07
C THR CD 264 99.20 147.29 186.46
N ILE CD 265 98.23 147.70 185.62
CA ILE CD 265 98.21 149.01 184.98
C ILE CD 265 97.63 150.06 185.94
N PHE CD 266 96.38 149.86 186.38
CA PHE CD 266 95.63 150.80 187.20
C PHE CD 266 95.99 150.71 188.70
N ASP CD 267 97.20 150.26 189.04
CA ASP CD 267 97.61 149.97 190.41
C ASP CD 267 97.66 151.25 191.25
N PRO CD 268 96.87 151.39 192.35
CA PRO CD 268 96.97 152.58 193.20
C PRO CD 268 98.32 152.77 193.88
N ARG CD 269 99.09 151.67 194.02
CA ARG CD 269 100.43 151.64 194.57
C ARG CD 269 101.40 152.49 193.74
N THR CD 270 101.12 152.65 192.42
CA THR CD 270 102.03 153.34 191.49
C THR CD 270 101.33 154.48 190.71
N THR CD 271 100.06 154.78 191.03
CA THR CD 271 99.28 155.86 190.45
C THR CD 271 99.70 157.19 191.11
N ASP CD 272 99.50 158.31 190.41
CA ASP CD 272 99.81 159.64 190.94
C ASP CD 272 98.66 160.63 190.67
N ALA CD 273 98.74 161.82 191.30
CA ALA CD 273 97.65 162.79 191.35
C ALA CD 273 97.22 163.32 189.97
N ASN CD 274 98.14 163.30 188.99
CA ASN CD 274 97.91 163.85 187.66
C ASN CD 274 97.99 162.76 186.57
N THR CD 275 97.84 161.49 186.96
CA THR CD 275 97.78 160.34 186.07
C THR CD 275 96.60 160.48 185.09
N ALA CD 276 96.78 160.03 183.84
CA ALA CD 276 95.71 159.93 182.86
C ALA CD 276 95.60 158.52 182.30
N TYR CD 277 94.37 158.10 181.98
CA TYR CD 277 94.03 156.77 181.53
C TYR CD 277 93.47 156.82 180.11
N PHE CD 278 93.95 155.89 179.27
CA PHE CD 278 93.60 155.79 177.85
C PHE CD 278 93.02 154.40 177.58
N THR CD 279 91.79 154.32 177.05
CA THR CD 279 91.16 153.01 176.83
C THR CD 279 90.32 152.99 175.55
N GLY CD 280 89.99 151.77 175.08
CA GLY CD 280 88.85 151.58 174.21
C GLY CD 280 87.54 151.85 174.96
N GLN CD 281 86.41 151.87 174.24
CA GLN CD 281 85.09 152.13 174.81
C GLN CD 281 84.63 151.05 175.78
N ASP CD 282 85.28 149.87 175.78
CA ASP CD 282 84.82 148.67 176.49
C ASP CD 282 85.57 148.46 177.83
N VAL CD 283 86.01 149.55 178.47
CA VAL CD 283 86.58 149.54 179.82
C VAL CD 283 86.04 150.74 180.61
N ASP CD 284 85.59 150.49 181.85
CA ASP CD 284 85.01 151.51 182.71
C ASP CD 284 85.71 151.54 184.08
N VAL CD 285 86.02 152.73 184.59
CA VAL CD 285 86.56 152.95 185.92
C VAL CD 285 85.44 153.51 186.80
N GLU CD 286 84.72 152.61 187.49
CA GLU CD 286 83.61 152.98 188.36
C GLU CD 286 84.11 153.30 189.76
N THR CD 287 83.30 154.06 190.52
CA THR CD 287 83.64 154.53 191.85
C THR CD 287 82.62 154.01 192.87
N LEU CD 288 83.14 153.34 193.91
CA LEU CD 288 82.46 153.19 195.18
C LEU CD 288 82.59 154.51 195.94
N GLU CD 289 81.60 155.40 195.77
CA GLU CD 289 81.56 156.67 196.48
C GLU CD 289 81.41 156.41 197.97
N ALA CD 290 82.05 157.21 198.82
CA ALA CD 290 82.00 157.04 200.27
C ALA CD 290 80.56 157.18 200.74
N ASN CD 292 78.32 158.01 202.99
CA ASN CD 292 78.39 158.86 204.18
C ASN CD 292 77.29 158.55 205.19
N PHE CD 293 77.67 158.56 206.49
CA PHE CD 293 76.82 158.29 207.64
C PHE CD 293 77.21 159.21 208.79
N ASP CD 294 76.27 159.51 209.70
CA ASP CD 294 76.46 160.54 210.72
C ASP CD 294 77.14 159.97 211.96
N TYR CD 295 78.41 159.55 211.83
CA TYR CD 295 79.21 159.02 212.94
C TYR CD 295 79.42 160.06 214.03
N SER CD 296 79.41 161.36 213.66
CA SER CD 296 79.47 162.46 214.61
C SER CD 296 78.32 162.38 215.62
N ALA CD 297 77.09 162.17 215.13
CA ALA CD 297 75.93 162.01 215.99
C ALA CD 297 76.01 160.73 216.82
N ILE CD 298 76.60 159.64 216.27
CA ILE CD 298 76.84 158.43 217.03
C ILE CD 298 77.81 158.71 218.18
N HIS CD 299 78.88 159.47 217.91
CA HIS CD 299 79.82 159.93 218.93
C HIS CD 299 79.13 160.74 220.03
N GLU CD 300 78.25 161.66 219.64
CA GLU CD 300 77.52 162.49 220.59
C GLU CD 300 76.58 161.63 221.45
N MET CD 301 75.99 160.58 220.86
CA MET CD 301 75.09 159.68 221.58
C MET CD 301 75.89 158.81 222.56
N ASP CD 302 77.02 158.26 222.10
CA ASP CD 302 77.92 157.46 222.91
C ASP CD 302 78.41 158.26 224.11
N MET CD 303 78.79 159.52 223.87
CA MET CD 303 79.31 160.40 224.91
C MET CD 303 78.20 160.81 225.87
N ARG CD 304 76.98 161.07 225.34
CA ARG CD 304 75.79 161.36 226.14
C ARG CD 304 75.49 160.22 227.11
N ASN CD 305 75.43 158.98 226.59
CA ASN CD 305 75.17 157.80 227.40
C ASN CD 305 76.27 157.60 228.44
N LEU CD 306 77.55 157.61 228.04
CA LEU CD 306 78.65 157.33 228.94
C LEU CD 306 78.79 158.39 230.04
N THR CD 307 78.79 159.68 229.67
CA THR CD 307 78.95 160.75 230.66
C THR CD 307 77.79 160.77 231.65
N THR CD 308 76.54 160.66 231.17
CA THR CD 308 75.36 160.70 232.03
C THR CD 308 75.22 159.43 232.88
N ALA CD 309 75.74 158.30 232.41
CA ALA CD 309 75.87 157.10 233.23
C ALA CD 309 76.89 157.33 234.36
N LEU CD 310 78.02 157.97 234.04
CA LEU CD 310 79.07 158.29 235.00
C LEU CD 310 78.74 159.53 235.84
N GLY CD 311 77.64 160.23 235.52
CA GLY CD 311 77.17 161.36 236.31
C GLY CD 311 77.91 162.67 236.01
N LEU CD 312 78.75 162.67 234.96
CA LEU CD 312 79.50 163.84 234.54
C LEU CD 312 78.63 164.73 233.63
N PRO CD 313 78.92 166.04 233.49
CA PRO CD 313 78.29 166.86 232.46
C PRO CD 313 78.86 166.51 231.09
N LEU CD 314 78.02 166.55 230.05
CA LEU CD 314 78.37 166.16 228.69
C LEU CD 314 79.52 167.00 228.13
N GLU CD 315 79.66 168.24 228.60
CA GLU CD 315 80.72 169.18 228.25
C GLU CD 315 82.10 168.63 228.59
N ALA CD 316 82.22 167.78 229.62
CA ALA CD 316 83.47 167.15 230.01
C ALA CD 316 83.90 166.10 228.99
N GLY CD 317 82.94 165.63 228.18
CA GLY CD 317 83.18 164.69 227.10
C GLY CD 317 83.43 165.36 225.75
N ASN CD 318 83.74 166.66 225.75
CA ASN CD 318 84.08 167.44 224.56
C ASN CD 318 82.91 167.60 223.59
N VAL CD 319 81.65 167.49 224.09
CA VAL CD 319 80.44 167.57 223.28
C VAL CD 319 79.57 168.74 223.75
N GLY CD 320 79.12 169.59 222.80
CA GLY CD 320 78.31 170.76 223.09
C GLY CD 320 76.80 170.51 223.01
N ALA CD 321 76.00 171.55 223.25
CA ALA CD 321 74.56 171.55 223.09
C ALA CD 321 74.02 172.96 222.80
N ASP CD 322 72.90 173.06 222.06
CA ASP CD 322 72.25 174.33 221.74
C ASP CD 322 71.42 174.82 222.93
N GLY CD 323 71.40 176.14 223.14
CA GLY CD 323 70.56 176.80 224.14
C GLY CD 323 71.06 176.68 225.58
N LEU CD 324 71.66 175.53 225.91
CA LEU CD 324 72.09 175.17 227.26
C LEU CD 324 73.41 175.84 227.67
N GLY CD 325 73.99 176.68 226.80
CA GLY CD 325 75.29 177.29 227.05
C GLY CD 325 75.25 178.65 227.72
N SER CD 326 74.07 179.09 228.19
CA SER CD 326 73.89 180.43 228.75
C SER CD 326 72.86 180.46 229.88
N GLY CD 327 73.03 181.39 230.83
CA GLY CD 327 72.09 181.62 231.92
C GLY CD 327 72.05 180.47 232.93
N LYS CD 328 71.02 180.44 233.78
CA LYS CD 328 70.82 179.39 234.78
C LYS CD 328 70.55 178.04 234.12
N PRO CD 329 69.95 177.93 232.91
CA PRO CD 329 69.99 176.70 232.12
C PRO CD 329 71.36 176.07 231.91
N ALA CD 330 72.43 176.87 231.99
CA ALA CD 330 73.79 176.34 232.08
C ALA CD 330 74.13 175.96 233.52
N GLU CD 331 73.92 176.89 234.47
CA GLU CD 331 74.41 176.80 235.84
C GLU CD 331 73.93 175.53 236.57
N LEU CD 332 72.74 175.01 236.22
CA LEU CD 332 72.16 173.85 236.89
C LEU CD 332 73.06 172.60 236.81
N ARG CD 333 73.74 172.38 235.68
CA ARG CD 333 74.63 171.23 235.52
C ARG CD 333 75.87 171.36 236.43
N PHE CD 334 76.39 172.59 236.55
CA PHE CD 334 77.52 172.91 237.41
C PHE CD 334 77.12 172.83 238.89
N ALA CD 335 75.87 173.19 239.20
CA ALA CD 335 75.29 173.03 240.53
C ALA CD 335 75.16 171.55 240.90
N LEU CD 336 74.63 170.73 239.98
CA LEU CD 336 74.53 169.28 240.14
C LEU CD 336 75.91 168.66 240.39
N LEU CD 337 76.94 169.17 239.70
CA LEU CD 337 78.30 168.68 239.83
C LEU CD 337 78.87 169.07 241.19
N LYS CD 338 78.62 170.31 241.64
CA LYS CD 338 79.06 170.78 242.95
C LYS CD 338 78.43 169.94 244.07
N LEU CD 339 77.12 169.64 243.94
CA LEU CD 339 76.41 168.84 244.93
C LEU CD 339 77.02 167.45 245.05
N ALA CD 340 77.32 166.81 243.91
CA ALA CD 340 77.96 165.50 243.88
C ALA CD 340 79.34 165.55 244.53
N ILE CD 341 80.15 166.56 244.18
CA ILE CD 341 81.49 166.77 244.71
C ILE CD 341 81.45 166.95 246.23
N LYS CD 342 80.59 167.85 246.73
CA LYS CD 342 80.49 168.15 248.16
C LYS CD 342 80.04 166.92 248.96
N ALA CD 343 79.07 166.17 248.44
CA ALA CD 343 78.62 164.92 249.05
C ALA CD 343 79.76 163.90 249.15
N ASN CD 344 80.51 163.71 248.06
CA ASN CD 344 81.61 162.75 247.99
C ASN CD 344 82.74 163.14 248.94
N GLN CD 345 83.14 164.42 248.92
CA GLN CD 345 84.21 164.96 249.74
C GLN CD 345 83.90 164.79 251.23
N ARG CD 346 82.69 165.19 251.65
CA ARG CD 346 82.25 165.09 253.04
C ARG CD 346 82.18 163.62 253.48
N SER CD 347 81.73 162.74 252.59
CA SER CD 347 81.69 161.30 252.81
C SER CD 347 83.09 160.71 253.01
N PHE CD 348 84.10 161.26 252.30
CA PHE CD 348 85.47 160.80 252.40
C PHE CD 348 86.09 161.27 253.72
N SER CD 349 85.96 162.58 254.03
CA SER CD 349 86.58 163.22 255.18
C SER CD 349 86.25 162.48 256.47
N VAL CD 350 84.96 162.15 256.66
CA VAL CD 350 84.47 161.47 257.84
C VAL CD 350 85.21 160.14 258.04
N GLN CD 351 85.34 159.35 256.96
CA GLN CD 351 85.92 158.01 257.06
C GLN CD 351 87.43 158.08 257.34
N PHE CD 352 88.14 159.03 256.71
CA PHE CD 352 89.56 159.18 256.92
C PHE CD 352 89.86 159.69 258.33
N VAL CD 353 89.05 160.63 258.85
CA VAL CD 353 89.19 161.12 260.21
C VAL CD 353 88.92 160.01 261.21
N GLU CD 354 87.78 159.34 261.09
CA GLU CD 354 87.25 158.42 262.11
C GLU CD 354 87.99 157.07 262.10
N ARG CD 355 88.50 156.63 260.94
CA ARG CD 355 89.08 155.30 260.81
C ARG CD 355 90.57 155.31 260.43
N VAL CD 356 91.18 156.50 260.24
CA VAL CD 356 92.62 156.60 260.01
C VAL CD 356 93.26 157.58 261.00
N MET CD 357 92.85 158.86 260.99
CA MET CD 357 93.53 159.91 261.74
C MET CD 357 93.39 159.70 263.24
N ARG CD 358 92.16 159.42 263.73
CA ARG CD 358 91.91 159.22 265.14
C ARG CD 358 92.71 158.05 265.72
N PRO CD 359 92.68 156.83 265.12
CA PRO CD 359 93.61 155.75 265.51
C PRO CD 359 95.09 156.14 265.57
N VAL CD 360 95.56 156.92 264.59
CA VAL CD 360 96.96 157.35 264.53
C VAL CD 360 97.28 158.27 265.70
N VAL CD 361 96.36 159.18 266.06
CA VAL CD 361 96.53 160.07 267.20
C VAL CD 361 96.51 159.25 268.50
N ARG CD 362 95.53 158.34 268.63
CA ARG CD 362 95.32 157.50 269.80
C ARG CD 362 96.59 156.73 270.19
N ASP CD 363 97.27 156.15 269.18
CA ASP CD 363 98.32 155.17 269.41
C ASP CD 363 99.72 155.80 269.38
N TYR CD 364 99.90 156.98 268.76
CA TYR CD 364 101.23 157.54 268.52
C TYR CD 364 101.39 158.99 269.00
N SER CD 365 100.32 159.65 269.47
CA SER CD 365 100.35 161.06 269.82
C SER CD 365 100.20 161.28 271.33
N PRO CD 366 100.84 162.33 271.91
CA PRO CD 366 100.53 162.78 273.27
C PRO CD 366 99.25 163.59 273.42
N PHE CD 367 98.57 163.89 272.30
CA PHE CD 367 97.27 164.57 272.28
C PHE CD 367 96.13 163.56 272.39
N ASP CD 368 94.94 164.02 272.80
CA ASP CD 368 93.72 163.23 272.91
C ASP CD 368 93.05 163.11 271.54
N HIS CD 369 92.78 161.87 271.10
CA HIS CD 369 92.17 161.57 269.81
C HIS CD 369 90.68 161.92 269.77
N GLU CD 370 90.04 162.09 270.94
CA GLU CD 370 88.61 162.34 271.02
C GLU CD 370 88.27 163.84 270.86
N ALA CD 371 89.28 164.69 270.68
CA ALA CD 371 89.08 166.03 270.16
C ALA CD 371 88.65 165.95 268.70
N ASP CD 372 87.90 166.94 268.20
CA ASP CD 372 87.36 166.90 266.84
C ASP CD 372 88.39 167.41 265.82
N ILE CD 373 89.00 166.48 265.06
CA ILE CD 373 89.78 166.77 263.87
C ILE CD 373 88.79 167.12 262.73
N ARG CD 374 89.12 168.18 261.98
CA ARG CD 374 88.39 168.62 260.80
C ARG CD 374 89.28 168.50 259.56
N LEU CD 375 88.83 167.75 258.55
CA LEU CD 375 89.52 167.62 257.27
C LEU CD 375 88.60 168.08 256.14
N GLU CD 376 89.06 169.05 255.34
CA GLU CD 376 88.31 169.54 254.18
C GLU CD 376 89.12 169.39 252.90
N ILE CD 377 88.41 169.18 251.78
CA ILE CD 377 88.98 168.94 250.47
C ILE CD 377 88.53 170.07 249.53
N ASN CD 378 89.47 170.62 248.76
CA ASN CD 378 89.30 171.86 248.03
C ASN CD 378 88.32 171.68 246.86
N ASP CD 379 87.72 172.78 246.40
CA ASP CD 379 86.62 172.78 245.43
C ASP CD 379 87.13 173.26 244.07
N PRO CD 380 87.01 172.46 242.97
CA PRO CD 380 87.50 172.87 241.65
C PRO CD 380 86.68 173.98 240.98
N LEU CD 381 85.47 174.25 241.51
CA LEU CD 381 84.59 175.27 240.97
C LEU CD 381 84.54 176.49 241.89
N GLU CD 382 85.61 176.69 242.67
CA GLU CD 382 85.87 177.92 243.41
C GLU CD 382 86.09 179.06 242.41
N ASP CD 383 85.50 180.23 242.67
CA ASP CD 383 85.62 181.40 241.81
C ASP CD 383 86.28 182.54 242.58
N ILE CD 384 87.48 182.94 242.14
CA ILE CD 384 88.31 183.95 242.78
C ILE CD 384 87.63 185.33 242.66
N GLY CD 385 86.98 185.58 241.53
CA GLY CD 385 86.22 186.79 241.28
C GLY CD 385 85.00 186.92 242.20
N GLU CD 386 84.32 185.79 242.44
CA GLU CD 386 83.18 185.73 243.35
C GLU CD 386 83.62 186.05 244.77
N VAL CD 387 84.75 185.48 245.21
CA VAL CD 387 85.31 185.70 246.53
C VAL CD 387 85.76 187.16 246.67
N ALA CD 388 86.41 187.71 245.65
CA ALA CD 388 86.90 189.08 245.66
C ALA CD 388 85.75 190.08 245.72
N ASP CD 389 84.69 189.83 244.94
CA ASP CD 389 83.49 190.65 244.94
C ASP CD 389 82.80 190.58 246.31
N LEU CD 390 82.71 189.37 246.90
CA LEU CD 390 82.15 189.19 248.23
C LEU CD 390 82.94 189.99 249.28
N ILE CD 391 84.28 189.94 249.21
CA ILE CD 391 85.15 190.69 250.11
C ILE CD 391 84.93 192.20 249.98
N GLN CD 392 84.72 192.69 248.75
CA GLN CD 392 84.43 194.10 248.51
C GLN CD 392 83.03 194.49 249.01
N GLN CD 393 82.01 193.65 248.72
CA GLN CD 393 80.61 193.98 248.92
C GLN CD 393 80.16 193.79 250.38
N VAL CD 394 80.69 192.77 251.08
CA VAL CD 394 80.19 192.40 252.41
C VAL CD 394 81.32 192.10 253.41
N GLY CD 395 82.58 192.45 253.10
CA GLY CD 395 83.69 192.32 254.03
C GLY CD 395 83.46 193.04 255.36
N ASP CD 396 82.59 194.06 255.35
CA ASP CD 396 82.14 194.83 256.50
C ASP CD 396 81.40 193.95 257.52
N TYR CD 397 81.08 192.70 257.18
CA TYR CD 397 80.34 191.78 258.05
C TYR CD 397 81.10 190.46 258.26
N MET CD 398 82.34 190.36 257.75
CA MET CD 398 83.18 189.18 257.90
C MET CD 398 84.42 189.55 258.76
N THR CD 399 84.78 188.70 259.74
CA THR CD 399 86.00 188.88 260.51
C THR CD 399 87.20 188.68 259.60
N ASN CD 400 88.37 189.24 259.99
CA ASN CD 400 89.59 189.13 259.21
C ASN CD 400 90.03 187.68 259.04
N GLU CD 401 89.81 186.84 260.06
CA GLU CD 401 90.03 185.40 259.96
C GLU CD 401 89.11 184.74 258.95
N GLN CD 402 87.83 185.16 258.89
CA GLN CD 402 86.86 184.62 257.95
C GLN CD 402 87.19 185.05 256.52
N VAL CD 403 87.71 186.27 256.35
CA VAL CD 403 88.21 186.73 255.06
C VAL CD 403 89.39 185.84 254.64
N ALA CD 404 90.33 185.59 255.55
CA ALA CD 404 91.49 184.76 255.28
C ALA CD 404 91.10 183.33 254.90
N GLU CD 405 90.10 182.77 255.60
CA GLU CD 405 89.59 181.43 255.33
C GLU CD 405 88.99 181.33 253.92
N LYS CD 406 88.26 182.36 253.49
CA LYS CD 406 87.61 182.40 252.19
C LYS CD 406 88.65 182.68 251.09
N LEU CD 407 89.69 183.44 251.40
CA LEU CD 407 90.68 183.92 250.45
C LEU CD 407 91.85 182.94 250.33
N ASP CD 408 91.82 181.82 251.08
CA ASP CD 408 92.84 180.78 251.09
C ASP CD 408 94.17 181.32 251.63
N LEU CD 409 94.13 181.91 252.84
CA LEU CD 409 95.30 182.47 253.51
C LEU CD 409 95.27 182.13 255.01
N PRO CD 410 96.44 182.13 255.71
CA PRO CD 410 96.47 182.18 257.17
C PRO CD 410 95.84 183.45 257.72
N ALA CD 411 95.22 183.34 258.90
CA ALA CD 411 94.65 184.48 259.62
C ALA CD 411 95.76 185.39 260.16
N PRO CD 412 95.49 186.68 260.46
CA PRO CD 412 96.48 187.59 261.07
C PRO CD 412 97.16 187.07 262.33
N GLU CD 413 98.38 187.55 262.60
CA GLU CD 413 99.29 187.01 263.61
C GLU CD 413 99.05 187.57 265.01
N ASP CD 414 97.97 188.37 265.19
CA ASP CD 414 97.58 188.92 266.50
C ASP CD 414 96.06 188.78 266.66
N ASP CD 415 95.60 188.38 267.85
CA ASP CD 415 94.27 187.82 268.08
C ASP CD 415 93.15 188.80 267.71
N GLU CD 416 93.25 190.06 268.18
CA GLU CD 416 92.20 191.04 267.94
C GLU CD 416 92.21 191.50 266.48
N VAL CD 417 93.38 191.46 265.83
CA VAL CD 417 93.51 191.78 264.41
C VAL CD 417 92.78 190.72 263.58
N ALA CD 418 92.86 189.45 264.01
CA ALA CD 418 92.18 188.33 263.35
C ALA CD 418 90.68 188.35 263.60
N ASP CD 419 90.27 188.62 264.85
CA ASP CD 419 88.90 188.55 265.33
C ASP CD 419 88.05 189.73 264.86
N SER CD 420 88.66 190.90 264.68
CA SER CD 420 87.96 192.13 264.27
C SER CD 420 87.40 192.02 262.87
N TYR CD 421 86.43 192.91 262.55
CA TYR CD 421 85.68 192.89 261.31
C TYR CD 421 86.28 193.83 260.27
N ARG CD 422 86.77 195.01 260.67
CA ARG CD 422 87.35 195.96 259.72
C ARG CD 422 88.74 195.52 259.28
N SER CD 423 89.14 195.90 258.06
CA SER CD 423 90.37 195.50 257.38
C SER CD 423 91.61 195.74 258.25
N PRO CD 424 92.66 194.87 258.16
CA PRO CD 424 93.93 195.13 258.82
C PRO CD 424 94.64 196.37 258.28
N ALA CD 425 94.55 196.62 256.96
CA ALA CD 425 95.07 197.84 256.36
C ALA CD 425 94.32 199.07 256.88
N ASP CD 426 93.01 198.94 257.11
CA ASP CD 426 92.18 200.00 257.68
C ASP CD 426 92.52 200.28 259.15
N MET CD 427 93.11 199.30 259.85
CA MET CD 427 93.56 199.49 261.23
C MET CD 427 94.97 200.09 261.23
N GLU CD 428 95.82 199.68 260.29
CA GLU CD 428 97.18 200.15 260.18
C GLU CD 428 97.25 201.64 259.81
N LYS CD 429 96.29 202.13 259.00
CA LYS CD 429 96.24 203.54 258.63
C LYS CD 429 95.80 204.43 259.79
N ASP CD 430 95.32 203.84 260.89
CA ASP CD 430 95.10 204.56 262.15
C ASP CD 430 96.39 204.58 262.96
N GLU CD 431 97.12 203.45 262.99
CA GLU CD 431 98.40 203.34 263.67
C GLU CD 431 99.42 204.30 263.05
N ALA CD 432 99.23 204.64 261.77
CA ALA CD 432 100.05 205.60 261.04
C ALA CD 432 99.70 207.06 261.37
N GLY CD 433 98.63 207.31 262.15
CA GLY CD 433 98.10 208.65 262.37
C GLY CD 433 97.86 209.05 263.84
N VAL CD 434 97.62 208.08 264.72
CA VAL CD 434 97.29 208.33 266.12
C VAL CD 434 98.60 208.45 266.94
N ALA DD 31 34.56 167.53 270.62
CA ALA DD 31 34.90 166.55 269.56
C ALA DD 31 35.36 165.24 270.22
N SER DD 32 36.52 164.69 269.80
CA SER DD 32 36.98 163.37 270.24
C SER DD 32 38.50 163.29 270.34
N SER DD 33 39.00 162.33 271.14
CA SER DD 33 40.44 162.14 271.42
C SER DD 33 41.08 161.09 270.52
N THR DD 34 40.28 160.44 269.66
CA THR DD 34 40.71 159.39 268.73
C THR DD 34 39.98 159.55 267.40
N PRO DD 35 40.55 159.13 266.25
CA PRO DD 35 39.94 159.39 264.93
C PRO DD 35 38.65 158.62 264.68
N GLN DD 36 37.73 159.23 263.91
CA GLN DD 36 36.43 158.64 263.60
C GLN DD 36 36.29 158.37 262.09
N THR DD 37 37.07 159.07 261.25
CA THR DD 37 37.19 158.74 259.83
C THR DD 37 38.12 157.54 259.67
N ASN DD 38 37.76 156.60 258.78
CA ASN DD 38 38.55 155.43 258.42
C ASN DD 38 39.56 155.80 257.33
N VAL DD 39 40.56 154.94 257.06
CA VAL DD 39 41.70 155.25 256.18
C VAL DD 39 41.90 154.17 255.10
N ASP DD 40 40.79 153.62 254.56
CA ASP DD 40 40.66 152.98 253.25
C ASP DD 40 41.48 151.69 253.03
N SER DD 41 42.16 151.15 254.06
CA SER DD 41 42.79 149.84 254.03
C SER DD 41 43.09 149.33 255.45
N MET DD 42 43.13 148.00 255.62
CA MET DD 42 43.65 147.31 256.81
C MET DD 42 43.87 145.83 256.49
N GLY DD 43 45.03 145.28 256.86
CA GLY DD 43 45.26 143.84 256.92
C GLY DD 43 45.42 143.12 255.57
N GLY DD 44 45.35 143.86 254.45
CA GLY DD 44 45.41 143.24 253.13
C GLY DD 44 44.10 142.57 252.75
N GLY DD 45 44.13 141.24 252.58
CA GLY DD 45 42.97 140.44 252.24
C GLY DD 45 42.11 140.12 253.45
N ASP DD 54 49.87 147.75 250.43
CA ASP DD 54 49.44 147.50 249.03
C ASP DD 54 50.58 146.85 248.25
N LEU DD 55 51.71 146.56 248.92
CA LEU DD 55 52.94 146.08 248.30
C LEU DD 55 53.75 145.19 249.25
N THR DD 56 54.73 144.45 248.68
CA THR DD 56 55.41 143.32 249.31
C THR DD 56 56.92 143.40 249.12
N PHE DD 57 57.67 142.47 249.75
CA PHE DD 57 59.13 142.41 249.69
C PHE DD 57 59.62 142.27 248.26
N GLU DD 58 58.83 141.61 247.39
CA GLU DD 58 59.18 141.39 245.99
C GLU DD 58 59.13 142.70 245.21
N ASP DD 59 58.13 143.53 245.50
CA ASP DD 59 57.94 144.84 244.88
C ASP DD 59 59.03 145.80 245.34
N LEU DD 60 59.38 145.72 246.63
CA LEU DD 60 60.45 146.50 247.25
C LEU DD 60 61.80 146.17 246.62
N ARG DD 61 62.04 144.89 246.30
CA ARG DD 61 63.27 144.45 245.67
C ARG DD 61 63.35 144.86 244.20
N ASP DD 62 62.20 145.04 243.54
CA ASP DD 62 62.14 145.58 242.19
C ASP DD 62 62.68 147.01 242.16
N ILE DD 63 62.38 147.81 243.21
CA ILE DD 63 62.92 149.14 243.39
C ILE DD 63 64.45 149.06 243.50
N LYS DD 64 64.94 148.14 244.33
CA LYS DD 64 66.36 147.93 244.57
C LYS DD 64 67.08 147.58 243.26
N ASP DD 65 66.43 146.75 242.42
CA ASP DD 65 66.97 146.36 241.12
C ASP DD 65 67.06 147.56 240.17
N VAL DD 66 66.05 148.45 240.18
CA VAL DD 66 66.07 149.65 239.35
C VAL DD 66 67.18 150.59 239.82
N ARG DD 67 67.40 150.66 241.13
CA ARG DD 67 68.36 151.55 241.77
C ARG DD 67 69.80 151.09 241.52
N ASP DD 68 70.06 149.78 241.63
CA ASP DD 68 71.41 149.23 241.59
C ASP DD 68 71.87 148.85 240.18
N SER DD 69 70.94 148.77 239.21
CA SER DD 69 71.27 148.46 237.82
C SER DD 69 71.80 149.66 237.02
N GLY DD 70 71.87 150.85 237.63
CA GLY DD 70 72.58 152.00 237.07
C GLY DD 70 71.90 152.65 235.87
N GLY DD 71 72.70 153.30 235.02
CA GLY DD 71 72.21 153.96 233.81
C GLY DD 71 71.55 155.31 234.09
N GLN DD 72 71.02 155.94 233.03
CA GLN DD 72 70.52 157.32 233.03
C GLN DD 72 69.43 157.53 234.07
N VAL DD 73 68.49 156.57 234.20
CA VAL DD 73 67.34 156.66 235.09
C VAL DD 73 67.80 156.74 236.55
N ALA DD 74 68.75 155.89 236.93
CA ALA DD 74 69.26 155.84 238.30
C ALA DD 74 70.03 157.11 238.65
N GLN DD 75 70.78 157.66 237.69
CA GLN DD 75 71.55 158.87 237.91
C GLN DD 75 70.60 160.07 238.06
N LEU DD 76 69.48 160.07 237.34
CA LEU DD 76 68.50 161.15 237.44
C LEU DD 76 67.80 161.12 238.81
N MET DD 77 67.47 159.93 239.32
CA MET DD 77 66.85 159.80 240.63
C MET DD 77 67.84 160.12 241.75
N ASP DD 78 69.12 159.78 241.58
CA ASP DD 78 70.18 160.15 242.51
C ASP DD 78 70.45 161.66 242.46
N TYR DD 79 70.33 162.28 241.29
CA TYR DD 79 70.33 163.73 241.14
C TYR DD 79 69.15 164.36 241.89
N LYS DD 80 67.96 163.73 241.83
CA LYS DD 80 66.77 164.18 242.54
C LYS DD 80 67.02 164.25 244.05
N ALA DD 81 67.75 163.26 244.59
CA ALA DD 81 68.15 163.26 245.99
C ALA DD 81 69.07 164.43 246.31
N LEU DD 82 70.10 164.64 245.47
CA LEU DD 82 71.10 165.68 245.68
C LEU DD 82 70.47 167.08 245.60
N LEU DD 83 69.47 167.24 244.72
CA LEU DD 83 68.77 168.51 244.51
C LEU DD 83 67.88 168.86 245.70
N ASN DD 84 67.66 167.90 246.62
CA ASN DD 84 66.84 168.11 247.80
C ASN DD 84 67.67 168.16 249.08
N PHE DD 85 68.79 167.42 249.14
CA PHE DD 85 69.47 167.13 250.40
C PHE DD 85 71.00 167.27 250.35
N GLY DD 86 71.57 167.60 249.18
CA GLY DD 86 73.01 167.57 248.97
C GLY DD 86 73.80 168.71 249.60
N GLU DD 87 73.14 169.85 249.88
CA GLU DD 87 73.80 171.07 250.35
C GLU DD 87 73.97 171.11 251.86
N GLY DD 88 73.48 170.10 252.58
CA GLY DD 88 73.69 169.96 254.02
C GLY DD 88 72.66 170.70 254.89
N CYS DD 89 72.87 170.67 256.22
CA CYS DD 89 71.86 171.05 257.20
C CYS DD 89 72.46 171.80 258.40
N GLU DD 90 71.58 172.44 259.22
CA GLU DD 90 71.97 173.15 260.43
C GLU DD 90 70.98 172.85 261.56
N ILE DD 91 71.50 172.74 262.80
CA ILE DD 91 70.76 172.38 264.00
C ILE DD 91 70.52 173.65 264.84
N HIS DD 92 69.25 173.85 265.26
CA HIS DD 92 68.82 175.00 266.05
C HIS DD 92 67.75 174.59 267.07
N VAL DD 93 67.51 175.46 268.06
CA VAL DD 93 66.32 175.42 268.92
C VAL DD 93 65.84 176.87 269.06
N GLU DD 94 64.51 177.10 269.05
CA GLU DD 94 63.98 178.45 269.21
C GLU DD 94 64.26 178.92 270.63
N GLY DD 95 65.15 179.90 270.78
CA GLY DD 95 65.60 180.40 272.07
C GLY DD 95 66.58 179.45 272.76
N ASP DD 96 67.49 178.84 271.98
CA ASP DD 96 68.45 177.83 272.40
C ASP DD 96 69.31 178.26 273.58
N ASP DD 97 69.64 179.56 273.68
CA ASP DD 97 70.47 180.13 274.73
C ASP DD 97 69.85 179.93 276.12
N GLU DD 98 68.52 179.80 276.19
CA GLU DD 98 67.78 179.58 277.44
C GLU DD 98 68.03 178.17 277.98
N THR DD 99 68.52 177.25 277.14
CA THR DD 99 68.71 175.86 277.53
C THR DD 99 70.00 175.64 278.35
N LYS DD 100 70.92 176.61 278.36
CA LYS DD 100 72.29 176.47 278.88
C LYS DD 100 72.35 175.76 280.23
N GLN DD 101 72.99 174.58 280.26
CA GLN DD 101 73.03 173.67 281.40
C GLN DD 101 74.43 173.06 281.56
N LEU DD 102 74.88 172.85 282.80
CA LEU DD 102 76.19 172.27 283.10
C LEU DD 102 76.14 170.74 282.99
N VAL DD 103 75.92 170.24 281.76
CA VAL DD 103 75.64 168.84 281.46
C VAL DD 103 76.79 167.93 281.89
N ASP DD 104 78.02 168.28 281.52
CA ASP DD 104 79.21 167.48 281.81
C ASP DD 104 80.02 168.15 282.91
N GLY DD 105 79.34 168.88 283.81
CA GLY DD 105 79.99 169.78 284.75
C GLY DD 105 80.48 171.07 284.10
N GLU DD 106 80.19 171.24 282.80
CA GLU DD 106 80.61 172.35 281.95
C GLU DD 106 79.47 172.66 280.98
N PRO DD 107 79.24 173.93 280.54
CA PRO DD 107 78.05 174.28 279.75
C PRO DD 107 77.83 173.58 278.43
N MET DD 108 76.56 173.22 278.17
CA MET DD 108 76.03 172.86 276.86
C MET DD 108 74.68 173.52 276.64
N THR DD 109 74.41 173.96 275.40
CA THR DD 109 73.08 174.20 274.90
C THR DD 109 72.50 172.88 274.39
N LEU DD 110 71.17 172.83 274.20
CA LEU DD 110 70.55 171.69 273.55
C LEU DD 110 71.04 171.55 272.11
N SER DD 111 71.26 172.65 271.38
CA SER DD 111 71.81 172.57 270.03
C SER DD 111 73.20 171.93 270.02
N GLU DD 112 74.05 172.27 271.00
CA GLU DD 112 75.38 171.67 271.12
C GLU DD 112 75.27 170.18 271.45
N TRP DD 113 74.32 169.80 272.30
CA TRP DD 113 74.07 168.41 272.65
C TRP DD 113 73.58 167.63 271.43
N LEU DD 114 72.74 168.26 270.60
CA LEU DD 114 72.21 167.63 269.40
C LEU DD 114 73.30 167.50 268.34
N GLU DD 115 74.21 168.47 268.26
CA GLU DD 115 75.37 168.41 267.38
C GLU DD 115 76.30 167.27 267.81
N ASP DD 116 76.47 167.06 269.12
CA ASP DD 116 77.27 165.95 269.65
C ASP DD 116 76.57 164.61 269.43
N ALA DD 117 75.23 164.59 269.45
CA ALA DD 117 74.43 163.40 269.17
C ALA DD 117 74.45 163.01 267.69
N PHE DD 118 74.56 164.01 266.79
CA PHE DD 118 74.55 163.80 265.36
C PHE DD 118 75.65 164.63 264.67
N PRO DD 119 76.95 164.32 264.85
CA PRO DD 119 78.04 165.12 264.28
C PRO DD 119 78.06 165.25 262.76
N HIS DD 120 77.67 164.17 262.06
CA HIS DD 120 77.82 164.05 260.61
C HIS DD 120 76.47 164.08 259.89
N LEU DD 121 75.51 164.86 260.41
CA LEU DD 121 74.10 164.79 260.07
C LEU DD 121 73.81 165.01 258.58
N ASP DD 122 74.62 165.80 257.88
CA ASP DD 122 74.49 166.04 256.45
C ASP DD 122 74.39 164.73 255.66
N LEU DD 123 75.24 163.76 256.01
CA LEU DD 123 75.38 162.50 255.29
C LEU DD 123 74.18 161.60 255.57
N LEU DD 124 73.70 161.62 256.82
CA LEU DD 124 72.54 160.84 257.24
C LEU DD 124 71.27 161.41 256.60
N VAL DD 125 71.16 162.74 256.53
CA VAL DD 125 70.01 163.41 255.92
C VAL DD 125 69.96 163.10 254.42
N LEU DD 126 71.12 163.09 253.76
CA LEU DD 126 71.20 162.77 252.34
C LEU DD 126 70.84 161.30 252.07
N ASP DD 127 71.36 160.38 252.90
CA ASP DD 127 71.05 158.95 252.81
C ASP DD 127 69.56 158.69 253.01
N LEU DD 128 68.99 159.22 254.10
CA LEU DD 128 67.58 159.06 254.43
C LEU DD 128 66.69 159.71 253.39
N GLY DD 129 67.06 160.93 252.95
CA GLY DD 129 66.33 161.66 251.93
C GLY DD 129 66.28 160.93 250.59
N GLY DD 130 67.41 160.34 250.20
CA GLY DD 130 67.51 159.48 249.02
C GLY DD 130 66.61 158.25 249.13
N ASP DD 131 66.73 157.51 250.24
CA ASP DD 131 65.95 156.32 250.48
C ASP DD 131 64.45 156.60 250.52
N ALA DD 132 64.07 157.73 251.14
CA ALA DD 132 62.67 158.14 251.26
C ALA DD 132 62.10 158.70 249.95
N LEU DD 133 62.96 158.98 248.96
CA LEU DD 133 62.53 159.31 247.60
C LEU DD 133 62.39 158.05 246.76
N TRP DD 134 63.38 157.15 246.84
CA TRP DD 134 63.44 155.90 246.09
C TRP DD 134 62.33 154.95 246.52
N TYR DD 135 62.29 154.64 247.83
CA TYR DD 135 61.37 153.69 248.44
C TYR DD 135 60.20 154.46 249.07
N PRO DD 136 59.10 153.81 249.52
CA PRO DD 136 58.01 154.51 250.20
C PRO DD 136 58.43 155.23 251.49
N TYR DD 137 59.48 154.73 252.16
CA TYR DD 137 59.98 155.26 253.43
C TYR DD 137 61.49 155.01 253.57
N ALA DD 138 62.13 155.85 254.39
CA ALA DD 138 63.36 155.49 255.09
C ALA DD 138 62.99 154.99 256.48
N VAL DD 139 63.77 154.05 257.05
CA VAL DD 139 63.42 153.37 258.30
C VAL DD 139 64.71 153.02 259.08
N GLY DD 140 64.62 152.94 260.42
CA GLY DD 140 65.79 152.66 261.26
C GLY DD 140 65.48 152.31 262.72
N GLU DD 141 66.53 151.97 263.48
CA GLU DD 141 66.50 151.67 264.91
C GLU DD 141 66.94 152.88 265.73
N ILE DD 142 66.63 152.90 267.03
CA ILE DD 142 67.28 153.75 268.02
C ILE DD 142 68.20 152.86 268.87
N GLN DD 143 69.47 153.26 269.07
CA GLN DD 143 70.45 152.45 269.80
C GLN DD 143 71.04 153.19 271.00
N GLU DD 144 71.46 152.42 272.01
CA GLU DD 144 72.00 152.91 273.28
C GLU DD 144 73.47 152.51 273.45
N THR DD 145 74.28 153.42 274.01
CA THR DD 145 75.68 153.16 274.38
C THR DD 145 75.74 152.21 275.57
N ILE DD 146 76.95 151.69 275.88
CA ILE DD 146 77.19 150.80 277.00
C ILE DD 146 77.01 151.57 278.32
N THR DD 147 77.36 152.87 278.32
CA THR DD 147 77.17 153.76 279.45
C THR DD 147 75.68 154.04 279.69
N GLY DD 148 74.87 154.09 278.62
CA GLY DD 148 73.43 154.17 278.75
C GLY DD 148 72.77 155.27 277.92
N GLU DD 149 73.55 156.30 277.58
CA GLU DD 149 73.15 157.44 276.75
C GLU DD 149 72.91 156.98 275.31
N PHE DD 150 72.28 157.84 274.48
CA PHE DD 150 71.98 157.56 273.08
C PHE DD 150 73.27 157.36 272.27
N LYS DD 151 73.29 156.30 271.45
CA LYS DD 151 74.42 155.96 270.58
C LYS DD 151 74.23 156.59 269.20
N GLU DD 152 73.20 156.12 268.46
CA GLU DD 152 72.85 156.59 267.13
C GLU DD 152 71.45 156.12 266.75
N ALA DD 153 70.85 156.78 265.73
CA ALA DD 153 69.62 156.35 265.10
C ALA DD 153 69.96 155.56 263.84
N LEU DD 154 70.38 154.29 264.01
CA LEU DD 154 70.94 153.47 262.94
C LEU DD 154 69.90 153.18 261.86
N PRO DD 155 70.09 153.62 260.59
CA PRO DD 155 69.15 153.28 259.51
C PRO DD 155 69.20 151.79 259.14
N ALA DD 156 68.11 151.33 258.50
CA ALA DD 156 67.93 149.95 258.07
C ALA DD 156 67.61 149.90 256.57
N GLU DD 157 67.96 148.78 255.92
CA GLU DD 157 67.85 148.64 254.47
C GLU DD 157 66.39 148.54 254.07
N PRO DD 158 65.81 149.56 253.39
CA PRO DD 158 64.36 149.72 253.31
C PRO DD 158 63.60 148.64 252.55
N TRP DD 159 64.25 148.01 251.57
CA TRP DD 159 63.65 146.94 250.77
C TRP DD 159 63.44 145.68 251.60
N THR DD 160 64.09 145.57 252.77
CA THR DD 160 63.97 144.42 253.64
C THR DD 160 62.75 144.50 254.56
N LEU DD 161 62.12 145.68 254.69
CA LEU DD 161 61.13 145.97 255.73
C LEU DD 161 59.80 146.44 255.13
N MET DD 162 58.68 145.93 255.67
CA MET DD 162 57.34 146.40 255.31
C MET DD 162 56.48 146.59 256.56
N PRO DD 163 55.64 147.67 256.64
CA PRO DD 163 54.81 147.90 257.83
C PRO DD 163 53.53 147.08 257.85
N GLU DD 164 53.05 146.80 259.07
CA GLU DD 164 51.72 146.27 259.33
C GLU DD 164 50.93 147.37 260.07
N SER DD 165 49.68 147.62 259.65
CA SER DD 165 48.96 148.85 259.99
C SER DD 165 47.46 148.63 260.21
N ASP DD 166 46.78 149.59 260.85
CA ASP DD 166 45.39 149.53 261.27
C ASP DD 166 44.46 150.37 260.38
N ALA DD 167 43.14 150.27 260.59
CA ALA DD 167 42.11 150.98 259.85
C ALA DD 167 42.10 152.47 260.20
N GLN DD 168 42.72 152.80 261.34
CA GLN DD 168 43.03 154.16 261.80
C GLN DD 168 44.13 154.78 260.93
N GLY DD 169 44.82 153.95 260.12
CA GLY DD 169 45.78 154.39 259.12
C GLY DD 169 47.23 154.39 259.60
N LYS DD 170 47.49 153.79 260.76
CA LYS DD 170 48.77 153.95 261.45
C LYS DD 170 49.50 152.62 261.63
N VAL DD 171 50.84 152.67 261.65
CA VAL DD 171 51.70 151.49 261.74
C VAL DD 171 51.68 150.93 263.16
N GLN DD 172 51.60 149.60 263.27
CA GLN DD 172 51.56 148.86 264.52
C GLN DD 172 52.78 147.96 264.70
N ALA DD 173 53.33 147.44 263.58
CA ALA DD 173 54.50 146.58 263.59
C ALA DD 173 55.27 146.67 262.27
N TRP DD 174 56.54 146.22 262.29
CA TRP DD 174 57.40 146.10 261.13
C TRP DD 174 57.75 144.63 260.86
N HIS DD 175 57.58 144.19 259.60
CA HIS DD 175 57.86 142.83 259.17
C HIS DD 175 59.10 142.85 258.28
N GLN DD 176 60.10 141.98 258.56
CA GLN DD 176 61.37 141.98 257.85
C GLN DD 176 61.67 140.61 257.21
N ARG DD 177 62.14 140.62 255.94
CA ARG DD 177 62.58 139.42 255.23
C ARG DD 177 63.94 139.68 254.55
N THR DD 178 64.90 138.75 254.73
CA THR DD 178 66.29 138.94 254.30
C THR DD 178 66.94 137.66 253.77
N LYS DD 179 67.83 137.81 252.77
CA LYS DD 179 68.60 136.72 252.15
C LYS DD 179 69.77 136.31 253.03
N THR DD 180 70.04 134.99 253.15
CA THR DD 180 71.22 134.40 253.76
C THR DD 180 71.51 133.04 253.11
N HIS DD 181 72.79 132.79 252.75
CA HIS DD 181 73.27 131.53 252.18
C HIS DD 181 72.43 131.04 250.98
N GLY DD 182 71.86 131.97 250.21
CA GLY DD 182 71.03 131.67 249.05
C GLY DD 182 69.55 131.44 249.38
N GLY DD 183 69.22 131.31 250.67
CA GLY DD 183 67.84 131.19 251.15
C GLY DD 183 67.34 132.48 251.80
N TYR DD 184 66.24 132.39 252.57
CA TYR DD 184 65.62 133.52 253.25
C TYR DD 184 65.37 133.24 254.74
N GLN DD 185 65.45 134.32 255.55
CA GLN DD 185 65.06 134.37 256.96
C GLN DD 185 64.09 135.53 257.16
N THR DD 186 63.19 135.43 258.16
CA THR DD 186 62.08 136.37 258.39
C THR DD 186 61.89 136.64 259.89
N GLN DD 187 61.48 137.87 260.25
CA GLN DD 187 61.17 138.26 261.62
C GLN DD 187 60.16 139.43 261.67
N THR DD 188 59.57 139.68 262.84
CA THR DD 188 58.66 140.80 263.10
C THR DD 188 59.13 141.59 264.32
N LEU DD 189 58.98 142.93 264.26
CA LEU DD 189 59.45 143.87 265.27
C LEU DD 189 58.37 144.91 265.58
N PRO DD 190 58.28 145.45 266.83
CA PRO DD 190 57.24 146.43 267.18
C PRO DD 190 57.52 147.83 266.68
N ALA DD 191 56.45 148.61 266.45
CA ALA DD 191 56.54 150.03 266.13
C ALA DD 191 56.81 150.83 267.40
N ASP DD 192 57.95 150.56 268.05
CA ASP DD 192 58.28 151.04 269.38
C ASP DD 192 59.71 151.59 269.44
N ASP DD 193 60.72 150.75 269.11
CA ASP DD 193 62.12 151.16 269.04
C ASP DD 193 62.59 151.39 267.60
N LEU DD 194 61.77 151.02 266.60
CA LEU DD 194 61.96 151.41 265.21
C LEU DD 194 61.30 152.76 264.96
N TRP DD 195 61.78 153.47 263.90
CA TRP DD 195 61.24 154.74 263.45
C TRP DD 195 61.35 154.84 261.93
N ILE DD 197 60.36 157.55 258.12
CA ILE DD 197 60.06 158.83 257.50
C ILE DD 197 59.59 158.62 256.04
N VAL DD 198 58.54 159.34 255.63
CA VAL DD 198 57.94 159.28 254.29
C VAL DD 198 58.02 160.65 253.63
N ILE DD 199 58.68 160.75 252.46
CA ILE DD 199 58.58 161.96 251.63
C ILE DD 199 57.37 161.85 250.71
N ASN DD 200 57.20 160.67 250.10
CA ASN DD 200 56.25 160.41 249.02
C ASN DD 200 54.88 160.04 249.60
N LYS DD 201 54.19 160.97 250.27
CA LYS DD 201 52.84 160.78 250.78
C LYS DD 201 51.82 160.76 249.62
N ALA DD 202 50.87 159.81 249.66
CA ALA DD 202 49.77 159.72 248.70
C ALA DD 202 48.62 160.66 249.06
N SER DD 203 48.45 160.95 250.37
CA SER DD 203 47.45 161.84 250.92
C SER DD 203 48.02 162.56 252.14
N ALA DD 204 47.31 163.57 252.67
CA ALA DD 204 47.73 164.31 253.86
C ALA DD 204 47.86 163.37 255.06
N ARG DD 205 46.96 162.38 255.12
CA ARG DD 205 46.75 161.46 256.24
C ARG DD 205 47.65 160.22 256.16
N ASP DD 206 48.36 160.03 255.05
CA ASP DD 206 49.15 158.84 254.74
C ASP DD 206 50.35 158.70 255.69
N GLU DD 207 50.62 157.46 256.13
CA GLU DD 207 51.75 157.12 257.01
C GLU DD 207 52.66 156.08 256.37
N VAL DD 208 52.30 155.54 255.18
CA VAL DD 208 53.01 154.45 254.53
C VAL DD 208 53.76 154.92 253.28
N GLY DD 209 53.12 155.74 252.44
CA GLY DD 209 53.80 156.34 251.30
C GLY DD 209 53.81 155.46 250.05
N ILE DD 210 54.44 155.95 248.97
CA ILE DD 210 54.52 155.33 247.65
C ILE DD 210 55.95 155.44 247.12
N SER DD 211 56.41 154.46 246.34
CA SER DD 211 57.67 154.59 245.61
C SER DD 211 57.41 155.22 244.24
N GLU DD 212 58.17 156.26 243.89
CA GLU DD 212 58.08 156.90 242.58
C GLU DD 212 58.47 155.94 241.45
N VAL DD 213 59.27 154.91 241.77
CA VAL DD 213 59.66 153.87 240.82
C VAL DD 213 58.45 153.00 240.45
N LEU DD 214 57.64 152.64 241.46
CA LEU DD 214 56.46 151.81 241.25
C LEU DD 214 55.30 152.65 240.73
N ARG DD 215 55.31 153.96 241.01
CA ARG DD 215 54.28 154.90 240.59
C ARG DD 215 54.40 155.18 239.09
N ASN DD 216 55.64 155.40 238.62
CA ASN DD 216 55.94 155.80 237.26
C ASN DD 216 56.67 154.67 236.52
N LYS DD 217 56.24 153.42 236.75
CA LYS DD 217 56.89 152.21 236.26
C LYS DD 217 56.92 152.17 234.73
N ASP DD 218 55.81 152.57 234.10
CA ASP DD 218 55.64 152.55 232.66
C ASP DD 218 56.63 153.49 231.96
N GLU DD 219 56.86 154.68 232.51
CA GLU DD 219 57.77 155.66 231.95
C GLU DD 219 59.22 155.14 232.01
N ILE DD 220 59.57 154.45 233.11
CA ILE DD 220 60.88 153.84 233.29
C ILE DD 220 61.07 152.71 232.27
N GLN DD 221 60.06 151.85 232.14
CA GLN DD 221 60.10 150.72 231.21
C GLN DD 221 60.17 151.21 229.78
N ALA DD 222 59.37 152.23 229.43
CA ALA DD 222 59.38 152.82 228.10
C ALA DD 222 60.74 153.40 227.74
N PHE DD 223 61.42 154.05 228.70
CA PHE DD 223 62.74 154.61 228.50
C PHE DD 223 63.76 153.51 228.22
N LYS DD 224 63.74 152.43 229.01
CA LYS DD 224 64.66 151.31 228.84
C LYS DD 224 64.41 150.58 227.52
N GLN DD 225 63.13 150.42 227.12
CA GLN DD 225 62.77 149.79 225.86
C GLN DD 225 63.26 150.63 224.68
N ASN DD 226 63.07 151.96 224.73
CA ASN DD 226 63.49 152.85 223.66
C ASN DD 226 65.01 152.93 223.54
N GLU DD 227 65.72 152.91 224.68
CA GLU DD 227 67.18 152.82 224.73
C GLU DD 227 67.67 151.54 224.05
N ALA DD 228 67.09 150.39 224.40
CA ALA DD 228 67.43 149.09 223.82
C ALA DD 228 67.11 149.05 222.33
N ALA DD 229 65.97 149.64 221.93
CA ALA DD 229 65.55 149.74 220.54
C ALA DD 229 66.55 150.55 219.71
N ILE DD 230 66.98 151.71 220.22
CA ILE DD 230 67.93 152.58 219.55
C ILE DD 230 69.28 151.88 219.40
N ASN DD 231 69.74 151.21 220.46
CA ASN DD 231 71.02 150.52 220.47
C ASN DD 231 71.11 149.52 219.31
N GLN DD 232 70.06 148.69 219.16
CA GLN DD 232 69.98 147.69 218.11
C GLN DD 232 69.75 148.35 216.75
N ALA DD 233 68.96 149.43 216.71
CA ALA DD 233 68.69 150.15 215.46
C ALA DD 233 69.95 150.80 214.90
N ILE DD 234 70.83 151.31 215.77
CA ILE DD 234 72.13 151.85 215.37
C ILE DD 234 72.99 150.73 214.78
N GLU DD 235 73.02 149.56 215.44
CA GLU DD 235 73.76 148.39 214.98
C GLU DD 235 73.35 147.99 213.55
N LEU DD 236 72.04 148.10 213.24
CA LEU DD 236 71.47 147.64 211.98
C LEU DD 236 71.43 148.73 210.91
N HIS DD 237 71.30 150.01 211.31
CA HIS DD 237 70.93 151.10 210.41
C HIS DD 237 71.84 152.33 210.50
N GLY DD 238 72.64 152.45 211.57
CA GLY DD 238 73.54 153.57 211.74
C GLY DD 238 74.77 153.52 210.84
N PHE DD 239 75.04 152.34 210.26
CA PHE DD 239 76.25 152.06 209.50
C PHE DD 239 75.89 151.46 208.14
N PRO DD 240 76.57 151.85 207.04
CA PRO DD 240 76.39 151.19 205.74
C PRO DD 240 76.83 149.72 205.80
N GLN DD 241 76.23 148.89 204.96
CA GLN DD 241 76.58 147.46 204.84
C GLN DD 241 76.71 147.11 203.36
N ARG DD 242 77.79 146.39 203.00
CA ARG DD 242 78.13 146.10 201.62
C ARG DD 242 77.39 144.85 201.11
N VAL DD 244 77.55 142.46 197.84
CA VAL DD 244 78.10 141.95 196.59
C VAL DD 244 77.08 141.07 195.89
N LYS DD 245 76.75 141.40 194.63
CA LYS DD 245 75.90 140.62 193.75
C LYS DD 245 76.72 139.98 192.63
N VAL DD 246 76.48 138.70 192.34
CA VAL DD 246 77.32 137.87 191.48
C VAL DD 246 76.48 137.25 190.36
N GLY DD 247 77.08 137.14 189.17
CA GLY DD 247 76.42 136.62 187.97
C GLY DD 247 75.65 137.72 187.24
N LYS DD 248 75.19 137.42 186.02
CA LYS DD 248 74.45 138.38 185.20
C LYS DD 248 72.95 138.22 185.44
N GLU DD 249 72.19 139.31 185.28
CA GLU DD 249 70.73 139.28 185.29
C GLU DD 249 70.26 138.44 184.10
N ASP DD 250 69.40 137.43 184.37
CA ASP DD 250 68.92 136.44 183.41
C ASP DD 250 70.06 135.56 182.86
N GLY DD 251 71.22 135.54 183.55
CA GLY DD 251 72.39 134.74 183.19
C GLY DD 251 72.46 133.43 183.98
N ALA DD 252 73.69 132.91 184.14
CA ALA DD 252 73.92 131.65 184.84
C ALA DD 252 73.68 131.81 186.35
N PRO DD 253 73.17 130.78 187.06
CA PRO DD 253 73.03 130.84 188.52
C PRO DD 253 74.37 130.68 189.23
N VAL DD 254 74.41 131.12 190.49
CA VAL DD 254 75.61 131.10 191.33
C VAL DD 254 75.26 130.38 192.64
N ARG DD 255 76.13 129.46 193.10
CA ARG DD 255 75.89 128.58 194.24
C ARG DD 255 76.74 129.00 195.43
N ASP DD 256 76.49 128.42 196.61
CA ASP DD 256 77.17 128.80 197.86
C ASP DD 256 78.69 128.60 197.76
N ASN DD 257 79.14 127.49 197.17
CA ASN DD 257 80.55 127.18 196.98
C ASN DD 257 81.24 128.19 196.04
N ASP DD 258 80.44 128.94 195.27
CA ASP DD 258 80.92 130.02 194.41
C ASP DD 258 81.01 131.31 195.21
N LEU DD 259 79.95 131.62 195.96
CA LEU DD 259 79.89 132.80 196.82
C LEU DD 259 80.97 132.76 197.90
N ARG DD 260 81.35 131.56 198.36
CA ARG DD 260 82.42 131.35 199.33
C ARG DD 260 83.76 131.89 198.81
N ARG DD 261 84.01 131.70 197.50
CA ARG DD 261 85.22 132.19 196.85
C ARG DD 261 85.17 133.72 196.71
N VAL DD 262 84.00 134.26 196.33
CA VAL DD 262 83.80 135.70 196.18
C VAL DD 262 83.95 136.40 197.54
N ARG DD 263 83.38 135.80 198.61
CA ARG DD 263 83.45 136.31 199.97
C ARG DD 263 84.90 136.41 200.44
N THR DD 264 85.74 135.46 200.00
CA THR DD 264 87.16 135.40 200.31
C THR DD 264 87.94 136.57 199.68
N ILE DD 265 87.42 137.15 198.58
CA ILE DD 265 88.04 138.28 197.89
C ILE DD 265 87.66 139.60 198.58
N PHE DD 266 86.35 139.89 198.66
CA PHE DD 266 85.83 141.17 199.15
C PHE DD 266 85.67 141.18 200.68
N ASP DD 267 86.49 140.41 201.42
CA ASP DD 267 86.36 140.21 202.85
C ASP DD 267 86.64 141.50 203.62
N PRO DD 268 85.64 142.08 204.35
CA PRO DD 268 85.85 143.32 205.10
C PRO DD 268 86.90 143.25 206.20
N ARG DD 269 87.18 142.03 206.70
CA ARG DD 269 88.20 141.72 207.69
C ARG DD 269 89.60 142.06 207.19
N THR DD 270 89.84 141.92 205.87
CA THR DD 270 91.18 142.06 205.28
C THR DD 270 91.25 143.17 204.22
N THR DD 271 90.12 143.86 203.98
CA THR DD 271 90.03 145.05 203.13
C THR DD 271 90.67 146.23 203.88
N ASP DD 272 91.19 147.22 203.14
CA ASP DD 272 91.75 148.43 203.73
C ASP DD 272 91.23 149.68 203.01
N ALA DD 273 91.52 150.87 203.56
CA ALA DD 273 90.96 152.15 203.13
C ALA DD 273 91.21 152.44 201.64
N ASN DD 274 92.33 151.93 201.09
CA ASN DD 274 92.77 152.25 199.74
C ASN DD 274 92.71 151.03 198.81
N THR DD 275 91.93 150.00 199.20
CA THR DD 275 91.71 148.79 198.40
C THR DD 275 90.98 149.14 197.10
N ALA DD 276 91.43 148.56 195.97
CA ALA DD 276 90.77 148.69 194.68
C ALA DD 276 90.40 147.33 194.11
N TYR DD 277 89.33 147.30 193.30
CA TYR DD 277 88.71 146.06 192.81
C TYR DD 277 88.67 146.04 191.29
N PHE DD 278 88.86 144.85 190.71
CA PHE DD 278 88.92 144.60 189.28
C PHE DD 278 87.97 143.46 188.94
N THR DD 279 87.04 143.65 187.98
CA THR DD 279 86.08 142.59 187.66
C THR DD 279 85.71 142.58 186.17
N GLY DD 280 85.12 141.46 185.73
CA GLY DD 280 84.25 141.45 184.56
C GLY DD 280 82.96 142.21 184.86
N GLN DD 281 82.06 142.30 183.86
CA GLN DD 281 80.83 143.08 183.97
C GLN DD 281 79.80 142.42 184.91
N ASP DD 282 79.93 141.10 185.15
CA ASP DD 282 78.90 140.32 185.81
C ASP DD 282 79.17 140.14 187.32
N VAL DD 283 79.76 141.18 187.94
CA VAL DD 283 79.96 141.30 189.39
C VAL DD 283 79.67 142.75 189.79
N ASP DD 284 78.86 142.93 190.85
CA ASP DD 284 78.45 144.25 191.33
C ASP DD 284 78.67 144.36 192.85
N VAL DD 285 79.19 145.52 193.28
CA VAL DD 285 79.38 145.85 194.70
C VAL DD 285 78.42 146.99 195.08
N GLU DD 286 77.20 146.63 195.51
CA GLU DD 286 76.23 147.58 196.01
C GLU DD 286 76.44 147.82 197.51
N THR DD 287 75.82 148.88 198.05
CA THR DD 287 75.80 149.15 199.48
C THR DD 287 74.38 149.47 199.94
N LEU DD 288 73.98 148.85 201.06
CA LEU DD 288 72.89 149.31 201.90
C LEU DD 288 73.39 150.51 202.70
N GLU DD 289 72.89 151.71 202.38
CA GLU DD 289 73.32 152.94 203.03
C GLU DD 289 72.88 152.95 204.49
N ALA DD 290 73.46 153.85 205.30
CA ALA DD 290 72.93 154.12 206.63
C ALA DD 290 71.61 154.84 206.48
N ASN DD 292 69.01 156.79 207.36
CA ASN DD 292 68.96 157.79 208.43
C ASN DD 292 67.57 157.89 209.07
N PHE DD 293 67.57 157.95 210.42
CA PHE DD 293 66.40 158.14 211.27
C PHE DD 293 66.81 158.99 212.47
N ASP DD 294 65.87 159.75 213.05
CA ASP DD 294 66.21 160.79 214.01
C ASP DD 294 66.18 160.25 215.45
N TYR DD 295 67.16 159.41 215.79
CA TYR DD 295 67.31 158.86 217.13
C TYR DD 295 67.59 159.95 218.17
N SER DD 296 68.17 161.08 217.75
CA SER DD 296 68.37 162.24 218.60
C SER DD 296 67.02 162.80 219.06
N ALA DD 297 66.07 162.96 218.13
CA ALA DD 297 64.74 163.43 218.46
C ALA DD 297 63.97 162.42 219.31
N ILE DD 298 64.19 161.11 219.10
CA ILE DD 298 63.59 160.07 219.93
C ILE DD 298 64.13 160.20 221.36
N HIS DD 299 65.45 160.34 221.52
CA HIS DD 299 66.10 160.61 222.79
C HIS DD 299 65.52 161.85 223.48
N GLU DD 300 65.31 162.94 222.73
CA GLU DD 300 64.75 164.18 223.26
C GLU DD 300 63.32 163.97 223.77
N MET DD 301 62.50 163.20 223.03
CA MET DD 301 61.14 162.90 223.48
C MET DD 301 61.15 162.00 224.71
N ASP DD 302 61.98 160.95 224.70
CA ASP DD 302 62.17 160.05 225.83
C ASP DD 302 62.57 160.83 227.07
N MET DD 303 63.53 161.75 226.92
CA MET DD 303 64.13 162.46 228.03
C MET DD 303 63.17 163.54 228.56
N ARG DD 304 62.40 164.18 227.66
CA ARG DD 304 61.35 165.10 228.05
C ARG DD 304 60.31 164.39 228.91
N ASN DD 305 59.89 163.18 228.48
CA ASN DD 305 58.92 162.39 229.21
C ASN DD 305 59.48 161.94 230.55
N LEU DD 306 60.75 161.47 230.58
CA LEU DD 306 61.38 160.98 231.79
C LEU DD 306 61.60 162.11 232.82
N THR DD 307 62.13 163.27 232.39
CA THR DD 307 62.37 164.38 233.29
C THR DD 307 61.06 164.88 233.90
N THR DD 308 60.02 165.07 233.07
CA THR DD 308 58.71 165.46 233.55
C THR DD 308 58.12 164.42 234.50
N ALA DD 309 58.29 163.11 234.21
CA ALA DD 309 57.78 162.04 235.04
C ALA DD 309 58.45 162.00 236.41
N LEU DD 310 59.74 162.34 236.47
CA LEU DD 310 60.49 162.47 237.71
C LEU DD 310 60.29 163.84 238.37
N GLY DD 311 59.64 164.78 237.66
CA GLY DD 311 59.35 166.11 238.19
C GLY DD 311 60.55 167.06 238.07
N LEU DD 312 61.57 166.66 237.32
CA LEU DD 312 62.80 167.42 237.10
C LEU DD 312 62.61 168.41 235.95
N PRO DD 313 63.38 169.52 235.89
CA PRO DD 313 63.38 170.38 234.70
C PRO DD 313 64.10 169.68 233.55
N LEU DD 314 63.79 170.08 232.31
CA LEU DD 314 64.27 169.44 231.09
C LEU DD 314 65.80 169.42 231.01
N GLU DD 315 66.45 170.47 231.51
CA GLU DD 315 67.90 170.64 231.50
C GLU DD 315 68.63 169.55 232.31
N ALA DD 316 67.96 168.93 233.29
CA ALA DD 316 68.55 167.90 234.13
C ALA DD 316 68.86 166.66 233.30
N GLY DD 317 68.20 166.52 232.14
CA GLY DD 317 68.38 165.39 231.25
C GLY DD 317 69.27 165.69 230.05
N ASN DD 318 70.00 166.81 230.09
CA ASN DD 318 70.93 167.22 229.03
C ASN DD 318 70.17 167.61 227.74
N VAL DD 319 68.94 168.14 227.86
CA VAL DD 319 68.09 168.57 226.75
C VAL DD 319 67.60 170.01 226.98
N GLY DD 320 67.41 170.79 225.91
CA GLY DD 320 66.94 172.17 225.97
C GLY DD 320 66.41 172.71 224.64
N ALA DD 321 65.84 173.93 224.63
CA ALA DD 321 65.21 174.54 223.46
C ALA DD 321 65.12 176.07 223.57
N ASP DD 322 64.92 176.74 222.43
CA ASP DD 322 64.60 178.17 222.34
C ASP DD 322 63.20 178.44 222.89
N GLY DD 323 62.94 179.70 223.27
CA GLY DD 323 61.70 180.10 223.93
C GLY DD 323 61.68 179.75 225.41
N LEU DD 324 62.06 178.49 225.73
CA LEU DD 324 62.21 178.00 227.09
C LEU DD 324 63.50 178.50 227.74
N GLY DD 325 64.56 178.72 226.94
CA GLY DD 325 65.91 178.90 227.45
C GLY DD 325 66.30 180.32 227.90
N SER DD 326 65.32 181.19 228.19
CA SER DD 326 65.58 182.57 228.58
C SER DD 326 64.45 183.16 229.42
N GLY DD 327 64.74 184.24 230.18
CA GLY DD 327 63.76 185.12 230.79
C GLY DD 327 62.82 184.45 231.79
N LYS DD 328 61.59 184.98 231.90
CA LYS DD 328 60.57 184.49 232.81
C LYS DD 328 60.21 183.04 232.49
N PRO DD 329 60.14 182.59 231.20
CA PRO DD 329 60.07 181.16 230.89
C PRO DD 329 61.11 180.26 231.55
N ALA DD 330 62.38 180.70 231.60
CA ALA DD 330 63.44 179.96 232.28
C ALA DD 330 63.26 180.03 233.79
N GLU DD 331 63.04 181.23 234.33
CA GLU DD 331 62.90 181.48 235.76
C GLU DD 331 61.75 180.68 236.37
N LEU DD 332 60.68 180.42 235.59
CA LEU DD 332 59.55 179.62 236.05
C LEU DD 332 59.96 178.18 236.38
N ARG DD 333 60.87 177.58 235.60
CA ARG DD 333 61.35 176.23 235.88
C ARG DD 333 62.12 176.19 237.20
N PHE DD 334 62.95 177.22 237.45
CA PHE DD 334 63.66 177.37 238.71
C PHE DD 334 62.68 177.63 239.87
N ALA DD 335 61.60 178.37 239.62
CA ALA DD 335 60.56 178.58 240.61
C ALA DD 335 59.86 177.27 240.98
N LEU DD 336 59.46 176.48 239.97
CA LEU DD 336 58.82 175.18 240.16
C LEU DD 336 59.74 174.22 240.90
N LEU DD 337 61.04 174.26 240.59
CA LEU DD 337 62.04 173.42 241.23
C LEU DD 337 62.20 173.82 242.70
N LYS DD 338 62.32 175.12 242.98
CA LYS DD 338 62.45 175.64 244.34
C LYS DD 338 61.20 175.34 245.17
N LEU DD 339 60.01 175.50 244.59
CA LEU DD 339 58.75 175.20 245.27
C LEU DD 339 58.72 173.74 245.71
N ALA DD 340 59.11 172.82 244.82
CA ALA DD 340 59.21 171.40 245.15
C ALA DD 340 60.25 171.14 246.25
N ILE DD 341 61.46 171.72 246.12
CA ILE DD 341 62.56 171.55 247.06
C ILE DD 341 62.14 171.99 248.47
N LYS DD 342 61.60 173.21 248.61
CA LYS DD 342 61.20 173.76 249.90
C LYS DD 342 60.11 172.92 250.55
N ALA DD 343 59.13 172.46 249.75
CA ALA DD 343 58.06 171.58 250.22
C ALA DD 343 58.63 170.26 250.73
N ASN DD 344 59.53 169.63 249.96
CA ASN DD 344 60.15 168.35 250.30
C ASN DD 344 60.98 168.46 251.57
N GLN DD 345 61.84 169.48 251.65
CA GLN DD 345 62.72 169.72 252.80
C GLN DD 345 61.92 169.90 254.08
N ARG DD 346 60.88 170.74 254.06
CA ARG DD 346 60.04 170.99 255.23
C ARG DD 346 59.31 169.71 255.67
N SER DD 347 58.82 168.93 254.70
CA SER DD 347 58.15 167.66 254.92
C SER DD 347 59.06 166.65 255.61
N PHE DD 348 60.36 166.67 255.28
CA PHE DD 348 61.35 165.78 255.87
C PHE DD 348 61.71 166.26 257.28
N SER DD 349 62.02 167.56 257.41
CA SER DD 349 62.44 168.19 258.66
C SER DD 349 61.45 167.93 259.79
N VAL DD 350 60.16 168.14 259.53
CA VAL DD 350 59.12 167.98 260.53
C VAL DD 350 59.10 166.55 261.07
N GLN DD 351 59.20 165.55 260.17
CA GLN DD 351 59.18 164.15 260.56
C GLN DD 351 60.43 163.77 261.37
N PHE DD 352 61.61 164.27 260.98
CA PHE DD 352 62.85 164.00 261.69
C PHE DD 352 62.81 164.59 263.10
N VAL DD 353 62.29 165.82 263.25
CA VAL DD 353 62.12 166.46 264.54
C VAL DD 353 61.16 165.63 265.41
N GLU DD 354 59.98 165.31 264.88
CA GLU DD 354 58.88 164.73 265.65
C GLU DD 354 59.10 163.24 265.97
N ARG DD 355 59.79 162.50 265.11
CA ARG DD 355 59.93 161.04 265.23
C ARG DD 355 61.37 160.56 265.40
N VAL DD 356 62.37 161.46 265.36
CA VAL DD 356 63.75 161.11 265.71
C VAL DD 356 64.24 161.98 266.86
N MET DD 357 64.34 163.31 266.65
CA MET DD 357 65.00 164.22 267.57
C MET DD 357 64.28 164.31 268.93
N ARG DD 358 62.98 164.62 268.92
CA ARG DD 358 62.20 164.78 270.14
C ARG DD 358 62.20 163.51 270.99
N PRO DD 359 61.92 162.29 270.44
CA PRO DD 359 62.14 161.03 271.16
C PRO DD 359 63.52 160.83 271.79
N VAL DD 360 64.59 161.17 271.05
CA VAL DD 360 65.96 161.02 271.54
C VAL DD 360 66.18 161.94 272.75
N VAL DD 361 65.66 163.18 272.69
CA VAL DD 361 65.76 164.12 273.79
C VAL DD 361 64.96 163.61 274.98
N ARG DD 362 63.74 163.11 274.74
CA ARG DD 362 62.80 162.62 275.75
C ARG DD 362 63.42 161.48 276.57
N ASP DD 363 64.06 160.53 275.89
CA ASP DD 363 64.47 159.26 276.48
C ASP DD 363 65.92 159.27 276.99
N TYR DD 364 66.78 160.18 276.50
CA TYR DD 364 68.22 160.08 276.71
C TYR DD 364 68.95 161.41 276.98
N SER DD 365 68.22 162.52 277.20
CA SER DD 365 68.83 163.85 277.27
C SER DD 365 68.46 164.60 278.55
N PRO DD 366 69.36 165.45 279.13
CA PRO DD 366 69.02 166.27 280.30
C PRO DD 366 68.21 167.53 280.04
N PHE DD 367 67.86 167.78 278.76
CA PHE DD 367 67.10 168.96 278.34
C PHE DD 367 65.61 168.64 278.19
N ASP DD 368 64.78 169.66 277.98
CA ASP DD 368 63.34 169.57 277.77
C ASP DD 368 63.05 169.08 276.34
N HIS DD 369 62.26 168.01 276.21
CA HIS DD 369 61.93 167.38 274.93
C HIS DD 369 60.76 168.07 274.24
N GLU DD 370 60.04 168.96 274.94
CA GLU DD 370 58.92 169.70 274.38
C GLU DD 370 59.38 171.03 273.79
N ALA DD 371 60.69 171.24 273.69
CA ALA DD 371 61.30 172.44 273.12
C ALA DD 371 61.01 172.55 271.62
N ASP DD 372 61.12 173.77 271.08
CA ASP DD 372 60.97 174.09 269.67
C ASP DD 372 62.27 173.77 268.92
N ILE DD 373 62.60 172.48 268.83
CA ILE DD 373 63.77 171.96 268.12
C ILE DD 373 63.60 172.18 266.62
N ARG DD 374 64.67 172.68 265.97
CA ARG DD 374 64.72 172.96 264.55
C ARG DD 374 65.86 172.19 263.88
N LEU DD 375 65.53 171.39 262.84
CA LEU DD 375 66.50 170.94 261.85
C LEU DD 375 66.10 171.51 260.49
N GLU DD 376 67.01 172.24 259.83
CA GLU DD 376 66.71 172.89 258.57
C GLU DD 376 67.86 172.67 257.57
N ILE DD 377 67.49 172.61 256.27
CA ILE DD 377 68.36 172.14 255.20
C ILE DD 377 68.62 173.31 254.24
N ASN DD 378 69.85 173.40 253.72
CA ASN DD 378 70.30 174.51 252.89
C ASN DD 378 69.61 174.47 251.52
N ASP DD 379 69.51 175.63 250.86
CA ASP DD 379 69.00 175.75 249.50
C ASP DD 379 70.14 175.50 248.50
N PRO DD 380 70.11 174.42 247.69
CA PRO DD 380 71.18 174.14 246.73
C PRO DD 380 71.27 175.10 245.55
N LEU DD 381 70.24 175.95 245.39
CA LEU DD 381 70.15 176.88 244.27
C LEU DD 381 70.43 178.32 244.70
N GLU DD 382 70.92 178.53 245.93
CA GLU DD 382 71.19 179.86 246.49
C GLU DD 382 72.36 180.53 245.76
N ASP DD 383 72.29 181.84 245.57
CA ASP DD 383 73.19 182.61 244.72
C ASP DD 383 73.98 183.62 245.55
N ILE DD 384 75.33 183.52 245.51
CA ILE DD 384 76.26 184.32 246.32
C ILE DD 384 76.20 185.78 245.90
N GLY DD 385 76.02 186.05 244.60
CA GLY DD 385 75.87 187.40 244.06
C GLY DD 385 74.61 188.09 244.56
N GLU DD 386 73.51 187.32 244.62
CA GLU DD 386 72.23 187.77 245.15
C GLU DD 386 72.37 188.11 246.64
N VAL DD 387 73.05 187.24 247.41
CA VAL DD 387 73.31 187.44 248.82
C VAL DD 387 74.11 188.73 249.03
N ALA DD 388 75.19 188.91 248.25
CA ALA DD 388 76.08 190.05 248.39
C ALA DD 388 75.37 191.36 248.03
N ASP DD 389 74.62 191.36 246.92
CA ASP DD 389 73.87 192.53 246.48
C ASP DD 389 72.80 192.89 247.51
N LEU DD 390 72.08 191.88 248.02
CA LEU DD 390 71.02 192.08 249.00
C LEU DD 390 71.57 192.73 250.28
N ILE DD 391 72.75 192.27 250.74
CA ILE DD 391 73.36 192.79 251.96
C ILE DD 391 73.80 194.24 251.75
N GLN DD 392 74.23 194.61 250.53
CA GLN DD 392 74.53 195.99 250.18
C GLN DD 392 73.25 196.85 250.12
N GLN DD 393 72.17 196.31 249.51
CA GLN DD 393 70.98 197.08 249.16
C GLN DD 393 70.06 197.30 250.37
N VAL DD 394 69.96 196.32 251.28
CA VAL DD 394 68.99 196.36 252.38
C VAL DD 394 69.62 196.09 253.75
N GLY DD 395 70.96 196.05 253.83
CA GLY DD 395 71.68 195.94 255.10
C GLY DD 395 71.29 197.02 256.12
N ASP DD 396 70.86 198.18 255.62
CA ASP DD 396 70.33 199.29 256.41
C ASP DD 396 69.05 198.92 257.17
N TYR DD 397 68.48 197.73 256.90
CA TYR DD 397 67.18 197.34 257.44
C TYR DD 397 67.20 195.88 257.95
N MET DD 398 68.38 195.28 258.12
CA MET DD 398 68.56 193.94 258.66
C MET DD 398 69.58 193.99 259.81
N THR DD 399 69.37 193.22 260.88
CA THR DD 399 70.30 193.17 262.02
C THR DD 399 71.57 192.42 261.63
N ASN DD 400 72.65 192.61 262.41
CA ASN DD 400 73.93 191.97 262.13
C ASN DD 400 73.83 190.45 262.20
N GLU DD 401 72.95 189.93 263.06
CA GLU DD 401 72.67 188.50 263.10
C GLU DD 401 71.94 188.04 261.82
N GLN DD 402 71.01 188.86 261.30
CA GLN DD 402 70.27 188.54 260.09
C GLN DD 402 71.23 188.56 258.89
N VAL DD 403 72.18 189.50 258.88
CA VAL DD 403 73.20 189.59 257.84
C VAL DD 403 74.13 188.38 257.93
N ALA DD 404 74.55 188.01 259.15
CA ALA DD 404 75.44 186.88 259.38
C ALA DD 404 74.81 185.57 258.91
N GLU DD 405 73.53 185.36 259.22
CA GLU DD 405 72.79 184.18 258.83
C GLU DD 405 72.69 184.06 257.30
N LYS DD 406 72.39 185.17 256.62
CA LYS DD 406 72.32 185.22 255.16
C LYS DD 406 73.70 185.02 254.52
N LEU DD 407 74.76 185.47 255.22
CA LEU DD 407 76.14 185.35 254.78
C LEU DD 407 76.75 183.99 255.16
N ASP DD 408 75.98 183.11 255.81
CA ASP DD 408 76.39 181.76 256.22
C ASP DD 408 77.52 181.79 257.26
N LEU DD 409 77.38 182.68 258.27
CA LEU DD 409 78.33 182.84 259.36
C LEU DD 409 77.59 182.88 260.70
N PRO DD 410 78.22 182.44 261.83
CA PRO DD 410 77.68 182.68 263.17
C PRO DD 410 77.49 184.16 263.47
N ALA DD 411 76.48 184.49 264.28
CA ALA DD 411 76.17 185.84 264.72
C ALA DD 411 77.29 186.42 265.59
N PRO DD 412 77.46 187.77 265.66
CA PRO DD 412 78.47 188.39 266.52
C PRO DD 412 78.45 187.99 267.99
N GLU DD 413 79.61 188.14 268.67
CA GLU DD 413 79.89 187.58 269.98
C GLU DD 413 79.37 188.41 271.15
N ASP DD 414 78.54 189.45 270.89
CA ASP DD 414 77.89 190.23 271.94
C ASP DD 414 76.51 190.71 271.46
N ASP DD 415 75.58 190.91 272.40
CA ASP DD 415 74.15 191.08 272.13
C ASP DD 415 73.85 192.32 271.28
N GLU DD 416 74.35 193.49 271.69
CA GLU DD 416 74.11 194.73 270.95
C GLU DD 416 74.83 194.72 269.60
N VAL DD 417 75.97 194.02 269.50
CA VAL DD 417 76.71 193.90 268.25
C VAL DD 417 75.91 193.07 267.24
N ALA DD 418 75.22 192.03 267.71
CA ALA DD 418 74.38 191.16 266.91
C ALA DD 418 73.04 191.82 266.55
N ASP DD 419 72.41 192.48 267.52
CA ASP DD 419 71.05 192.99 267.43
C ASP DD 419 70.96 194.33 266.70
N SER DD 420 72.06 195.09 266.66
CA SER DD 420 72.13 196.36 265.92
C SER DD 420 72.02 196.12 264.42
N TYR DD 421 71.65 197.19 263.69
CA TYR DD 421 71.41 197.15 262.25
C TYR DD 421 72.68 197.41 261.45
N ARG DD 422 73.51 198.37 261.86
CA ARG DD 422 74.68 198.78 261.08
C ARG DD 422 75.87 197.85 261.35
N SER DD 423 76.78 197.76 260.37
CA SER DD 423 77.90 196.83 260.31
C SER DD 423 78.75 196.79 261.58
N PRO DD 424 79.31 195.61 261.97
CA PRO DD 424 80.30 195.55 263.05
C PRO DD 424 81.61 196.25 262.71
N ALA DD 425 81.99 196.25 261.42
CA ALA DD 425 83.16 196.99 260.96
C ALA DD 425 82.92 198.50 261.08
N ASP DD 426 81.67 198.92 260.85
CA ASP DD 426 81.27 200.31 261.00
C ASP DD 426 81.28 200.74 262.47
N MET DD 427 80.88 199.83 263.38
CA MET DD 427 80.91 200.11 264.81
C MET DD 427 82.36 200.15 265.31
N GLU DD 428 83.24 199.31 264.77
CA GLU DD 428 84.66 199.27 265.10
C GLU DD 428 85.37 200.56 264.68
N LYS DD 429 85.16 201.03 263.43
CA LYS DD 429 85.86 202.19 262.90
C LYS DD 429 85.44 203.48 263.61
N ASP DD 430 84.16 203.56 264.03
CA ASP DD 430 83.65 204.69 264.78
C ASP DD 430 84.13 204.68 266.23
N GLU DD 431 84.25 203.49 266.84
CA GLU DD 431 84.81 203.36 268.18
C GLU DD 431 86.28 203.81 268.19
N ALA DD 432 87.01 203.50 267.12
CA ALA DD 432 88.39 203.91 266.93
C ALA DD 432 88.50 205.42 266.66
N GLY DD 433 87.49 206.00 266.00
CA GLY DD 433 87.41 207.43 265.77
C GLY DD 433 87.09 208.20 267.04
N VAL DD 434 86.22 207.62 267.89
CA VAL DD 434 85.87 208.14 269.20
C VAL DD 434 86.99 207.75 270.18
#